data_7VOP
#
_entry.id   7VOP
#
loop_
_entity.id
_entity.type
_entity.pdbx_description
1 polymer 'Nuclear pore complex protein Nup85'
2 polymer 'MGC154553 protein'
3 polymer 'Nucleoporin SEH1-A'
4 polymer 'Nucleoporin 160kDa'
5 polymer 'MGC83926 protein'
6 polymer 'Nuclear pore complex protein Nup96'
7 polymer 'GATOR complex protein SEC13'
8 polymer 'Nuclear pore complex protein'
9 polymer 'outer Nup133'
10 polymer 'MGC83295 protein'
11 polymer 'Nuclear pore complex protein Nup93'
12 polymer Nup358
13 polymer 'Nucleoporin CAN'
14 polymer 'Nup88A protein'
15 polymer 'IL4I1 protein'
#
loop_
_entity_poly.entity_id
_entity_poly.type
_entity_poly.pdbx_seq_one_letter_code
_entity_poly.pdbx_strand_id
1 'polypeptide(L)'
;MEELDVDPAETPIPGLGQQNRHIGFSWGPGDLLLYETLYQKQGNSETAARCPFMYLVRSDEDIYSPVLRKLFNESHSIFV
GLQKSAEEASGKSRKAQLVQVSRNYRSVLRACMEEMHTLSESTRETAQKYISQISILSAMELSWNLCEILFIESAPAGPL
LILLLEWVRLHVCEVDNIVQDVLRSEKPTEHEKFWDGVTGYVLQGRMNEARQLLAKEASTSASARSMCRVLDDLLKKMPM
LHTGGTQTLTEFELKWQHWREECERHLQNGTFSSNVHMEAVCRVLLGDEEVLLEKRDLMTTWYHFLVSRLLFKHPTVKPT
ELHFYAQSSLDMFLAGDSCPEPLDNILLAAFEFDIHQVIKEFSIVSSNWWFVAHLTDLLDHCQLFQAHNLYFGANMREFL
LLDYASGLFSHHSLWQLGVDYFDYCPNLGREYLKLHMERIPLSTEKKALKALRICEQRQMTEQVRSICKTMAMQSLCNRR
LGSALSWSIRAKDAAFATLISDRFLKEYCERGNFTDLDLIDNLGSAMLLSDRLTFLGKYREFHRMYSQEQFSEAASLLLS
LMTARIAPCSFWLTLLLDALPLLEQKQVIFSAEQTYELMRCLEDRMAAKLESTSPDEIQKQDSSIDNTKVEMLRLALARN
LARAIVTEGALQE
;
A,J
2 'polypeptide(L)'
;MADKFAAKFVSHKISRTRWRPVSASSLQQPDVFATGSWDNEENKVCVWATSDFGATSLDEEYQGDPKQLCDIKHPGDVMD
MQFLDKERIVTGSSTGTVTIFRHHENNQTLSVNQRWEQAHYHVGSNMRAPCTAIVCSSPEIVSVGEDGRINCFRAESRDV
LRTIDDADSSTMHGVTFLRTTEILTVNSVGQLKLWDLRKQGNDPTQIFSVTGERVPLHCVDRHPNQQHVVATGGQDGMLC
IWDVRHGKMPMSLLNAHEAEMWEVHFHPSNPDHLFTCSEDGSLWHWDASADSEKPTFLLGGRSTFNISRSSIAPPNANQS
LACAWLSTDPTKGQLEITNLLPSSTLSVNSLDVLGQNLVCGTDAEAIYVTRRLFS
;
B,K
3 'polypeptide(L)'
;MFVARSIAADHKDLIHDVSFDFHGRRMATCSSDQSVKVWDKSENGNWHCTASWKTHSGSVWRVTWAHPEFGQVLASCSFD
RTAAVWEEIVGESNDKLRGQSHWVKRTTLVDSRTSVTDVKFAPKHMGLMLATCSADGVVRIYEAPDVMNLSQWSLQHEIS
CKLSCSCISWNPSSSRAHSPMIAVGSDDSSPNIMGKVQIYEYNENTRKYAKAETLMSVSDPVHDIAFAPNLGRSFHILAV
ATKDVRIFTMKPLRKELSSSGGVTKFEIHTVAQFDNHNSQVWRVSWNITGTVLASSGDDGTVRLWKANYMDNWKCIGVLK
GDGNPVGNSYQGFFGSSVGSAGQSLQNSVNGTPSSGRKHS
;
C,L
4 'polypeptide(L)'
;MVQRAGGSTRGIMAASVNLERSYMELIGAERETSRRNFRDLSLRPDVSLVIGGPKYSDCAGGYCYNESGSLLSATRNRFI
HWTSYADTLELVELSLDINLLNNAVRLKILNCSILPGGVHICETQNNIIVLILTNQTVHRLILPHPSRMYRSEIISDSHI
QSIFTDIGKTNFHDPNNTYVIPAIPGRAPNSTASTAWLSSDGEALFALPSVSGGILVIKMPPRDMEGLVTIAELKQSSVM
QRLLTGWMPSSIRGDPGPAHLPVSLAVHTLDHDSYLFALCQDHKLRMWSYKDQMCLMVADMLEYVPVSKDIRQTAGTGHK
LRLAYSDTLEILYLGVYLHTPRQGQFCVFQLVCTESNRYSLEHTSSIFTNQETLIDFTFTLSSMNIWALWLDDDNQTVMK
HINFERNQAGHWNPVFVNPLPDDDLAIGDEQEPQEAYLECLFAPGRFTIAALQKAIQILRKGSGRVLDLSWEELKKEVTL
TVEKEIQNAVVDYDVSQEEFRQINIENWCKFYTCCLQYQETLSRPLALVVHPNTNMVCLLRKGFLSFLAPCSSVEHLYLV
PGEHLLTVDESVICDDVDGASDIVSLIQCLHMIADYITEDMAYQMESACCHPQSPERVAEQILEDLIANDIDNIMENIQN
KLQDIRNPIQAISFLLQNMDYETNMDMEQSQHNVRLNLSTLYGSVTASSVVCQAIYKISATRFLICRDLLILQHLLLRLG
DMALVGAGQLLHSQQELIPRAAQLLLSYYMIRWGSQCLACAVPVDLLESNLQHLSVLELSDSQVEKRRYTSGIQTIVELF
FEDVGRKHFPQVFAHLFIQSGSSQVHRSLNWADLIHRITSYLLQLLWPSNPNFQFAECLMRNCQYTQLQEYVRLLLPWCQ
VNVGSCHFMLAQCYLVAGEGHKALDCFSQAASEVEREDFLEKLIRVEEGESVSPRLQYYNRVLRLLEDVGLPELVIQLAT
IAISEASDDWRSQAALRTRIFKHHLDMGHNSQAYDALTQIPDTSRQLDCLRQLVVVLCERSQLQDLVEFPYVNLHNEVVG
IIESRARAVDLMTHNYYELLYAFHIYRHNYRKAGTVMFEYGMRLGREVRTLRGLQKQVNSYLACLNCLRLIRPEYAWIVQ
PVSGAVYERPGASPKRNYDGESSAVPSSSQIEILELRDLEKEYVLAQTRLTLAKHNPSTAAIAGSSAAEEMVALLVQAGL
FDTAISLCQTFKLGLTSIFEGLACKCIRLQQGGEAAQAEAWEWLAANQLATVITTKESSATDEAWRLMISYLDKYESKNT
LYHHCIINKLLSHGVPLPNWLINRYKAMDAAELLRLYLKYDLLEEAAELVLEYVDALLGKGHQYFGIQAPLSATSQLVWF
PYSAIDHLRLALGENENNQHNQAILGKLQRKMDEYFQKLKKATDDYKKIVQKPV
;
D,M
5 'polypeptide(L)'
;MKQDSASNATYTVDCEDYVHVVEFNPFDSGEAGSLLAYGGISYVVIASCRFQEEDSTVEGIEFKTLKTFHHGERVVAIAW
SPETRCDALLPLLRFATAAGDKKIRIFTSDFQDKNEYKVIEGHSGYINDLVFCSPEGTDIASVGDDHTCRIWDLDGKQIA
MFILRSPGMSVAWHPEGAFKLMVAEKTGTIRFYDLTTHQAILSLESVQVPLMSADWCVRNTLRIGAVAGNDWIIWEMPRS
SYPQDNKPAHADRARMFRWSKCNENVFATTGYPGKMKSQIAIHHLAHPQPILIGTAPVGSGLSWHRRLPLCVVGGYRKLF
FWLTEM
;
E,N
6 'polypeptide(L)'
;SKYGLQDSDEEDDQLNSAEAKKLKTAPVPPQGKQPPLQQATLPGKVTPPPQSPAVDQLDRVMELDSDMADITQDQDLDSV
AEEQDISEEQEPLSASSHIASSLGINPHALQVMKASLLLEEEDGEIMSRFSSFPSSMDPYPDVRSPRLFPSSHAKRPSSI
GLLQSKFSAPSMSRLSETVQGSHSPKIHPAAPWSVPAPLAPSFIMPGPAPDTHLRTVGTRRQQELVPLEKSVTHGRGTLM
IDMGLFMGRSFRVGWGPNWTLVHNGDKLSERLNAEEDRDMDTIDYGFLPKPTSAKSLTESPFKVHVEKLSLEQKTKDLQS
YLLPLEIELKNSTVDKSGPCPHFRPNPGVTAIHDYAGWVRNFSSEAAEVEAVVKQWGLTWTLCESLWGQLKELEASLDEP
NEYVKNLERRKAFSHWLAQTAQERIEEEVSLYGPERHIEAVFSYLTGGRISDACRLAQKSGDHRLSLLLSQMVGSQEVRD
LITLQLVDWNKLQVDHYIQEERLRVFCLLSGTPVWRSSDNRSINVCSQLDWKRTLGIHLWYMLPPTATVAQALHMYEQAF
QEQEGGEPYACYPLPPYLEDCGFSFGDDPSAKFISLQRDVCVHLLKLYSERQYDLCQLLDPSSATPDPLDYRLSWHMWMV
LQALNYTHLSGHRQGMLHASYAAQLENVGLWEWAIFVLLHIQDPHVREAAVRELLNRHCVVHDSPESLAKENFLIQRLCL
PAQWIHKAKAVRSRRDGDKHKEALYLLKSHQWNQCHKLVTRHLAADAVINENYRYLRGFLGELARPEHCKHIQDWETAGK
VYLDYISVIEMLNQIRQDECSGGELEKLHTKVMSLCKWVELIQCYSAKGRLAQSEMAKRVANILRVVLSLQQPPESMSDS
SSEPRVPLRLLAPHIGRLPMPEDYALEELRGLTQSYLRELICGS
;
F,O
7 'polypeptide(L)'
;MVSVINTVDTSHEDMIHDAQMDYYGIRLATCSSDRSVKIFDVKNGGQILIADLRGHDGPVWQVAWAHPMYGNILASCSYD
RKVIIWKEENGTWEKTYEYTGHDSSVNSVCWAPHDFGLVLACGSSDGAISILTFTGDGPWEVKKISNAHTIGCNAVSWAP
SVIPGSLVDQPSSQKPNYIKRFVSGGCDNLVKIWREEDGQWKEDQKLEAHSDWVRDVAWAPSIGLPTSTIASCSQDGRVY
IWTSDDAATNCWTPKLLHKFNDVVWHVSWSITANILAVSGGDNKVTLWKESVDGQWACISDVNKGQGAVSTVTEGQLNDQ
;
G,P
8 'polypeptide(L)'
;MDMLSPVVREAEVSRAARRQSSNRKNPADESWSNATPTRGPSSRTTGQTLFRQHMTPQTWNSSRPPDVSAILGTVGRSPR
LLQTPGRLANLSMMSNPDDSVWTTTFSPGRTGMYTTLDSPSFTEDITLSAVMLQEEDPGEAATMSMYPDFLKSFLEHPSS
AVFELIEQYEATCNTQITLLKKIVKRVTPGQQKFSKTASILWLLQQEMVTWRLIAALYRDRIQSALEEENMFEIAAPNAS
EKTIVDKLFQRDTLVRQSQLVVDWLESIAKDEVGDFSDNIEYYAKSVYWENTLHTLKQRSMLSLGSSRPLVSELDPDAPI
RQKLPLDDLDREDDIRLLKYLFTLIRAGMTDEAQRLCKRCGQAWRAATLEGWKLYHDANINGGTELQAVEGNPYRCVWKT
CCWRMAEDEQFNKYERAIYATLSGNLKQLLPVCESWEDTVWAHFKVMVDSLVEQEIRASIISFNEANELPREYLEANWTL
DSVFEELQATDKKRVLEENREHYHIIQKFVILADVDGLMDEFSEWLSNGKNLLLGHLLRFMTHLLLFFRTLGLQAKEEVS
VEVLKTYIQRLINEKQIELIAFYVSHLPQELAISQYAVFLENITDPDQRQRCLELAKEAGLDVASITKTVVENTRKKDAG
EFAHHDFAPALDSGTSEEDRAKIDVIDWLVFDPAQRAEALKQSNAIMRKFLASKKHEAAKEVFAKIPQDSIAEIYSQWEE
QAMDSALPAEDDNAIREHLCIRAYLESHEAFNEWFKHINSPPQKPTLVGQASFTEKVAHEHKEKKYEMDFGIWKGHLDAL
TSDVKEKIYNVLLFVDGGWMVDVREDTEEDPERSHQMVLLRRLCLPMMCFLLHTVLHNTKQYKDCLRLADIVSSENQKLY
TVFSKTEMRNLLQKLRESSLMLLDLQLDPLGYEIQS
;
H,Q
9 'polypeptide(L)'
;MFPSPRAQGMGSARRPFNSRLTGGRKALGPGVTASSSPSALYSPVGRRVSASGARSTPSRVYLHPAASETVNYNVQLFGS
SLPVKVMEALSNASADEPMAACIHEGGWAWLACNDRLIIWKISHSSSAKLMVCKELPLPLSDSEWSADLVDICAQTGDPA
AAQSVALMAATPEGSSRYWPNILHEGTYIESYTEFGSSLCAFVTAVKGNSFILSSEKNQLVRLTPDASGKMNQRVLPQGQ
GMLSGIGRRVSTLFGILSPAVESTLCSVLWDKGDCFYTLTDSSINKWDLDDTSESQVLNWDMSRVLREYISDAIWGSESD
YDDIKAGININYLSLNQNCDGLVILSAAWHPGDNPCQIYYTLVTVKDEGYNISDEITVEVTQFNPVFQARGMQLCQLVVP
NFSSQACYLYTQEMIFACSTGTGRSTLPQEKIPFEAQGDNIVGAGSCEGWPVFFIRKSGMLTVVARETASVLPEHMEESL
SSVSKSSRQAVVKDSRPDQIAHDDKTKHLKAAFLRYCRKDILGAQSMVDSLFSDSDMEPDDELDLAVNQISVDLIDDYPA
SDPRWAESVPEEAAGFSNTSLILLHQLEDKMKAHSFFVDFLHQVGLFSRLSTCQTKGMLVATRLLLSEHAEKLSAAIVLK
NHHAKLPVLVNSAIQLALDKRMCTVPQNLTAADVYFREVSQMEIIFECLVDKEEADLESTSIDSVEWANIVVNVNTILKD
MLHVACQYRQSKNSLYKNESGIQEPEHVPWTASSGTAGIRSVVTRQHGIILKVYPQADSGLRTILIEQLAALLNYLLDDY
VTQLKSIDKLANEERYNILEMEYAQKRSELLSPLLILGQYAWASNLAEKYCDFDILVQICEMTDNQSRLQRYMTLFAEQN
FSDFLFRWYLEKGKRGKLLSQPASQHGQLAAFLQAHDHLSWLHELNSQEFEKAHRTLQTLANMETRYFCKKKTLLGLSKL
AALASDFQEDVLQEKVEEIAEQEHFLLHQETLPKKLLEEKQLDLNAMPVLAPFQLIQLYVCEENKRANENDFMKALDLLE
YIGDDSEVDVEELKLEILCKAIKRDEWSATDGKDDPIEATKDSIFVKVLQNLLNKGIELKGYLPKAETLLQSEELNSLKT
NSYFEFSLKANYECYMKMQS
;
I,R
10 'polypeptide(L)'
;MAAQLALNSEASLWGPYREIWQTVLSALIKRQPEAVHSLDIVLKKYKPDFISLFKNPPKSAQQHERVQKASTEGIPIKGT
QRTRILEEQLIKEAFILSDLYNIGEIAAVELLLIGEQQQPTFHGLTRGLVAILLYWDGKSCMAESLLHLIQARKGKTFTL
DHSPEVVSMVTRFTDDLMEQGLTNKILTLISQIDVNNEFDKLKKERGLGNKKHRKEVSDLIKECQQSLAHSLYSWSCQTP
LNREDTLLLIGYLEKVTVEGDGSLDKVNLTLLMSLLYCLDVGFLEQGTDDREELMKQASMFMDRQYIAAIHNRLQNTQPW
KSPGMQATVRLAWALALRGISQFSEVLEFSEADEPMAEIAIGGNVFLFLTEAVVGSESFCTDEFFIRRIHKLVTDFPTLM
PMKVKQLRNRAEEDARLIQMSMQMGNEPPASLRRDLEHLLLLIGELYRKDPFHLELALEYWCPTEPLQSTSLMGSFLGVA
HQRPPQRQVLLSKFVRQMSDLLPATLYLPYLKMLRGLASGPQCAHYCFSLLKANGGSSAENLQAAGGSPVSWDHFFHSLM
LYHEHLRRDLPNTDNIHQRHPPLRGITQRELDGLIACLQLTCTIIDWSESARLALCEHAQWMPVVVILGLLQCSIPPLLK
AELLKTLAAFGKSPEIAASLWQSLEYTQILQTVRATGLRQGVGIEVELNEIESRCEEYPLTRAFCQLISTLVESSFPTNL
GAGLRAPGFEPYLQFLRDTVFLRYRTRAYRRAAEKWEVAEAVLDVFYKLLKDYEPQPEDFVDQYVELQGEERVAFKPPGF
SLMHHLLNESPMLELCLSLMEEGVTQLDTYAPFPGKKHLEKAVAYCFMLLNLTLQKENRFMDLLRESHLSMIVTPLEQLL
QGINPRSKKADNVVNIARYLCHGNSNAELAFESAKILCSISCNSKIQEKIVGDFTQDQNVSQKLMVGFVSCLDSEEAEEL
LDSEKEAEDQVKQTNIRYMTKIHILNLLITSLEMKAPNLAMFLLGYELKKPVSTTNLQDSGVLGCPRTCLHSILDILRKG
TDVRAGPVAVWDTPHLAELCYQVIYQLCACADTSGPTMRYLRTSQDFLFSQLQHLPFSVEESEISAMNQMSWLMKTATIE
LRITSLNRQRSHTQRLLHLLLDDMPTRPYSADGEGGMEDESRSLSGFLHFDTTSKVRRKILRILDSIQFSNEIPEPLQLD
FFDRSQIEQVIANCEHKNRRGQTVCNVKLLHRVLVAEVNALQGMAAIGQRPLLMEEINTILQYVVERNKLLQCLHAKRHA
LESWRQLVEIILTACPQDLIPTEHRQLIIRDLLQDLHVKILDDDAAQELMPIVAGAVFTLTAHLSQSVRTELKQPMTASG
LGQSQYVQMLDGSFAAPPGTENISAGFASIGDSSLHMILRNLLEFILKTGGGFQRVRAHLYGSLLYYLQIAQRPDEPDTL
ESAHKSMWERLTAPEDVFSKLQRDNLSIFESYGTALMEVVCRDACDGHDIGRMLALALLDRIVSVDRQQQWLLYLSNSGY
LKVLVDSLAEDDVVLRNLLTPQPPLLKALYIYESKMAFLTRVAKSSQGAIELLRSGVIVRLAQCQVYDMRPETDPHGVFG
MRETPVFIPAPVERYRQILLPALQICQLILTSSTAQHLQAAGQVLQFLVAHSDTIQAILRSQEGSLGSLQELALLTGIIS
KAALPGVLNELDIGLNDGSMMELQGHIGRFQRQCLALLNRFGGSDRLRQLSLQDDSSRLDGVSKKDDMELAMQQICSNVM
EYCQALMIQNSPSFQQTVCLFTPSLKESASRDGTRQDSQVSILPSWRLPSLGVVIHLLKQSANNFFTYYDIHRQSVGKLQ
NVEQLPPDEIKELCQSEMPVGADKISTTQKYGLARRRLVKLINSRAKLLSLCSYIIETCLYILWRHLEYYLLHCTTSDSQ
DPVFSNMTFGNRRFQDTFNTDPNMDPRNLRQNKVSQQDVDTLLREGANSFGESLQKRLLDIESLYCKVRSRHSFIQALVR
RIRGLLRVSRV
;
S,T
11 'polypeptide(L)'
;MDGEGFGELLQQAEQLAAETEGVTELPHVERNLQEIQQAGERLRSKTMTRTSQESANVKASVLLGSRGLDISHISQRLES
LSAATTFEPLEPVKDTDIQGFLKNEKDNALLSAIEESRKRTFVMAEEYHRESMLVEWEQVKQRVLHTLLASGEDALDFTQ
ESETSYISESGAPGRSSLDNVEMAYARQMYMYNEKVVSGHLQPSLVDLCTEAAERLDDKNVSDLWVMVKQMTDVPLIPAS
DTLKSRCSGQMQMAFVRQALNYLEQSYKNYTLISVFANLQQAQLGGVPGTYNLVRSFLNIRLPTPIPGLQDGEIEGYPVW
ALIYYCMRCGDLMAAQQVVNRAQHQLGDFKNCFQEYIHNKDRRLSPTTENKLRLHYRRAVRASTDPYKRAVYCIIGRCDV
SDNHSEVADKTEDYLWLKLSQVCFEDEANSSPQDRLTLPQFQKQLFEDYGESHFAVNQQPYLYFQVLFLTAQFEAAIAFL
FRLERTRCHAVHVALALFELKLLLKSTGQSAQLLSQEPGEPQGVRRLNFIRLLMLYTRKFEPTDPREALQYFYFLRNEKD
NQGESMFLRCVSELVIESREFDMLLGKLEKDGSRKPGAIDKFTRDTKTIINKVASVAENKGLFEEAAKLYDLAKNPDKVL
ELTNKLLSPVVSQISAPQSNRERLKNMALAIAERYKSQGVSAEKSINSTFYLLLDLITFFDEYHAGHIDLSFDVIERLKL
VPLSQDSVEERVAAFRNFSDEIRHNLSEILLATMNILFTQYKRLKGSGPTTLGRPQRVQEDKDSVLRSQARALITFAGMI
PYRMSGDTNARLVQMEVLMN
;
U
12 'polypeptide(L)'
;MRRSKAEIQRYVENAQNSASSPREKSMKGFLFARLYYEAKEYELAKRSVSSYISVQERDPKAHRFLGQLFEIEGNVEKAV
GCYKRSLELNPTQKDLTLRIAELICTLNIKDGRAEYWVERASKLFPGSPEIYRLKEQLLSSQGEAGWNQLFDLIQAELFA
RPNDVYVNLKLVDLFLSNQRLEEAVLHCLKPERRALRTDIEWCSCVVRVFKEYLASKQGQKNTNMRMITKELLLAQCDVV
FLTLSKKDVQKSKEALERFDQALLSVKQSVSGTDASDLSVTFYEMRGHYYMHAGTLLLKMAQSCEVQWKALIEPAALCYL
LAYQVPKPKSKPVKGDDNGQGFLEELAFDRQSKSGHLLLTLSHGKQNFISEIIETFANQCGQSILLKFLFEDNLSMQDSF
MGSDDISYVENRVPDLSELSQHDNGSLRIHNGDLQHLTWLGLQWHFLSTLPPLRKWLKQIFPRVPQETSRLESNIPESIC
LLDLEVFLLAVVQTSYLQLQDNNTTADPNRPRCLPLPICKQLFTDRQRSWWDAVYSLITKKALPGTSAKLRSVIQHDLTT
LRAQEKHGLQPAVLVNWARGLHKTGYSLNSFYDQKEYMGRCVHYWKKLLPLLDLVKQKKSIPEPVDPLFKHFHNKDIKVS
EVKDLEDEACIAFATLDLVDGKTEDAIIAFESVKNVVAYWNLALIYQRKAEEIENDCLPAEEQEEFQECLLKCKGFLKMI
CDEYSAYPSIATSLPVPVETVFEMLDSVKQSLGEAMDDHSPAFMENHSVLTTSAIKHSTPSPTKLTISPSKSARFSPKTP
PRWAEDQKSLLEVLCNKVEALKKEVQELKHNNSNANVSPHRWPNEGFESDTVADSYQGTQNFYTVPLTVSTSGPAAYYGQ
SPAYNSQHLLRPAANITPTKTSVYAMNRLPPQQHMYTYPQQMHTPPTQQSSAGCVFPQEIYGPPLRFESPAAAILSPHNE
EFYNYNVPPASTNPPLPEPGYFTKPSTAMQHSKQEVPKVSDFGKGCLGQSTSEGQKPSPFTVPMQSTPASSTFKFNSNFK
SNDGDFTFSSSHAGASSAYTGSESLLGLLTSDRPTQEQGKKSDFENIASDEKNMFRFGEKSFSPGFTVTGTQSQDKNPLV
FGQSENIFTFKTPGKSTFKPPTFGTQTKDAHNHSVESDAGSEHVADDDGPHFEPIIPLPEKVEVKTGEEDEEEMFCNRAK
LFRFDAETKEWKERGIGNVKILRHRLSGKIRLLMRREQVLKICANHYINADMKLKPNATSDKSYVWHAYDYADEMPKPEQ
LAIRFKTVDEAAHFKAKFEEAQRLLAMAEAPAISAQHKNAKDNLKLDASKVKEAPLPFGSQFILKRGEWQCDCCLATNAP
TSTSCVCCQTPNKNKSSSISSVCISAPSFTFVKESATNKLAFGQQLLKDKDQWTCSKCSQKNDAGVSHCSSCQTQSQAKA
GISQPNIASSGFTNNTSAQGDNLAAVFGKKAGQWDCDVCYVRNEPSANKCISCQNTKPLSKVSGTQAASFSFAAGADNSQ
KNFGAQFAKKEGQWDCDACYVRNEPLATKCISCQNTKLLSKTTGTQAASFSFAAAADNSQKNFGGQFAKKEGQWDCSSCL
VRNEASAPNCVACHSANPQITNKDVVPPALTPSGFKFGHNAEVGKTQQSLSAMFSCKQGQWECSTCLVINDAAKDTCAAC
QAAKPGSSASQSKEVPSTFGIKANSSQNFGQPAAGFNCGFSAKGFKFGISDEKASASNFTFKAPATNEETKMVKDGFNFP
VSAGSLSFKFGISEPDKTKEMSTGFMKGTSTNNKGSETAETTAQAEKIQQSPDKVLGQSVQSFSFADIAKSTEGIEFGKA
DPNFKGFSGAGQKLFTSSNQVNASNAQEAADDLYKTEERDDIHFEPIVQLPDKVDLITGEEDEKTLYSQRVKLYRFDATS
GQWKERGVGNLKILKNEVNGKLRVLMRREQVLKVCANHWITTTMNLKPLTGSDRAWMWLANDFSEGDAKLEQLAVKFKTP
EQAEEFKIKFDQCQCLLLDIPLQTPHKLVDTGRTAHLIQKAEEMKTGLKDLKTFLTDKAKPLDDSNAINTTDLEKQALAD
GTEPTYEWDTYDMRGDAHEETLDDSVYASPLASSPEKKNLFRFGDLSTSGFNFSFQPEPSPSKSPTKLNHSRVSVGTDEE
SDVTQEEERDGQYFEPVVPLPDLVEVTSGEENEQAIFCHRAKLYRFDKDSNQWKERGIGDLKILQRLDNKSARVVMRRDQ
VLKLCANHRITTDINLQPMKGAERAWVWTAHDFSEGEGKVECFAVRFKLQEAADLFKEVFEEAKEAQAKDCLLTPVSSRG
TTPRAASCGKAAIAILEETTKERTDQQPEEDTSLTEASTPSPTDQPAKALVSPANFTFGSDVVKNIFGSEKQVPFAFGNT
SSTGSLFGFSFNASQSQGQQVQKQPPKVTLDFNATFKDAETTNALQKPSQSSGQSPIVSSLSSSSSSSSSTLMQPMPARG
FNFSLFKSNPRAFWTCTSSSKPEVEDKAADVPDADSSSDVLIVYVATPTPEQKALAETLLLPLTFFCYKNKPGYVSDESD
IDDEDFETAVKNLNGILYTEDKKDKASSRLSGCSKEPTAESDQDCIIVWEKKPTPEEKAKADSLKLPPTFFCGLGSDTDE
DKDNLEDFDTEVRKVKEAKGVPEADVTSSPEAAIVSAAETSVSLPPKQEPDSTTSISQEPVDLSSKQELPKTDSKGFSTP
SFSFGLGEVSGVSFADLASTNSGDFAFGSKDTNFQWANTGAAVFGTLSQNKKGEDADGSDEEVVHSDDVHFEPIVSLPEV
EVKSGEEDEEILFKERAKLYRWDRAVGQWKERGVGDIKILFHKEKGYYRVLMRRDQVLKVCANHVISTEIKISTLSTSNN
SLVWTATDYSDGEGKVEQLAVRFKTKELTDSFQNKFEECQHNLQEESNPQH
;
V,W,X,Y,Z
13 'polypeptide(L)'
;MEDDTDLPPERETKDFQFRQLKKVRLFDYPADLPKQRSNLLVISNKYGLLFVGGFMGLKVFHTKDILVTVKPKENANKTV
VGPQGIHVPMNSPIHHLALSSDNLTLSVCMTSAEQGSSVSFYDVRTLLNESKQNKMPFASCKLLRDPSSSVTDLQWNPTL
PSMVAVCLSDGSISVLQVTDTVSVFANLPATLGVTSVCWSPKGKQLAVGKQNGTVVQYLPSLQEKKVIPCPSFYDSDNPV
KVLDVLWLSTYVFTVVYAAADGSLEASPQLVIVTLPKKEDKRAERFLNFTETCYSICSERQHHFFLNYIEDWEILLAASA
ASVDVGVIARPPDQVGWEQWLLEDSSRAEMPMTENNDDTLPMGVALDYTCQLEVFISESQILPPVPVLLLLSTDGVLCPF
HVVNLNQGVKPLTTSPEQLSLDGEREMKVVGGTAVSTPPAPLTSVSAPAPPASAAPRSAAPPPYPFGLSTASSGAPTPVL
NPPASLAPAATPTKTTSQPAAAATSIFQPAGPAAGSLQPPSLPAFSFSSANNAANASAPSSFPFGAAMVSSNTAKVSAPP
AMSFQPAMGTRPFSLATPVTVQAATAPGFTPTPSTVKVNLKDKFNASDTPPPATISSAAALSFTPTSKPNATVPVKSQPT
VIPSQASVQPNRPFAVEAPQAPSSVSIASVQKTVRVNPPATKITPQPQRSVALENQAKVTKESDSILNGIREEIAHFQKE
LDDLKARTSRACFQVGSEEEKRQLRTESDGLHSFFLEIKETTESLRGEFSAMKIKNLEGFASIEDVQQRNKLKQDPKYLQ
LLYKKPLDPKSETQMQEIRRLNQYVKNAVQDVNDVLDLEWDQYLEEKQKKKGIIIPERETLFNSLANHQEIINQQRPKLE
QLVENLQKLRLYNQISQWNVPDSSTKSFDVELENMQKTLSQTAIDTQTKPQAKLPAKISPVKQSQLRNFLSKRKTPPVRS
LAPANLSRSAFLAPSFFEDLDDVSSTSSLSDMADNDNRNPPPKEIERQETPPPESTPVRVPKHAPVARTTSVQPGLGTAS
LPFQSGLHPATSTPVAPSQSIRVIPQGADSTMLATKTVKHGAPNITAAQKAAVAAMRRQTASQIPAASLTESTLQTVPQV
VNVKELKNNGPGPTIPTVIGPTVPQSAAQVIHQVLATVGSVSARQAAPAAPLKNPPASASSIAPQTWQGSAPNKPAAQAI
PKSDPSASQAPAPSVSQVNKPVSFSPAAGGFSFSNVTSAPVTSALGSSSAGCAATARDSNQASSYMFGGTGKSLGSEGSF
SFASLKPASSSSSSSVVEPTMSKPSVVTAASTTATVTSTTAASSKPGEGLFQGFSGGETLGSFSGLRVGQADEASKVEVA
KTPTAAQPVKLPSNPVLFSFAGAPQPAKVGEAPSTTSSTSASLFGNVQLASAGSTASAFTQSGSKPAFTFGIPQSTSTTA
GASSAIPASFQSLLVSAAPATTTPSAPINSGLDVKQPIKPLSEPADSSSSQQQTLTTQSAAEQVPTVTPAATTATALPPP
VPTIPSTAEAKIEGAAAPAIPASVISSQTVPFTSTVLASQTPLASTPAGGPTSQVPVLVTTAPPVTTESAQTVSLTGQPV
AGSSAFAQSTVTAASTPVFGQALASGAAPSPFAQPTSSSVSTSANSSTGFGTSAFGATGGNGGFGQPSFGQAPLWKGPAT
SQSTLPFSQPTFGTQPAFGQPAASTATSSAGSLFGCTSSASSFSFGQASNTSGTSTSGVLFGQSSAPVFGQSAAFPQAAP
AFGSASVSTTTTASFGFGQPAGFASGTSGSLFNPSQSGSTSVFGQQPASSSGGLFGAGSGGASTVGLFSGLGAKPSQEAA
NKNPFGSPGSSGFGSAGASNSSNLFGNSGAKAFGFGGTSFGDKPSATFSAGGSVASQGFSFNSPTKTGGFGAAPVFGSPP
TFGGSPGFGGSPAFGTAAAFSNTLGSTGGKVFGEGTSAATTGGFGFGSNSSTAAFGSLATQNTPTFGSISQQSPGFGGQS
SGFSGFGAGPGAAAGNTGGFGFGVSNPTSPGFGCWRS
;
a,e
14 'polypeptide(L)'
;MAAGEHWQSALSEHALFSSLKERLRDVEELREEGERRASKDKQLRNLLCVLDGDLLVWDAEECAFHTVTLRSLSVESTGS
SSSGEQKLLCTNPPLFDVNEVLLSPTQHHVALVGSKGVMVLEIPKRWGKKSEFEGGEKTVNCRTIPIAERIFTSSTSLLL
KQAIWYPSETQEPHLILLTSDNILRLYNLQDLFTPVKVISLSSAEEETTLPHNGRSYKASLGETAVACDFGPLAVLPKGF
GQHSKEDTVAYPLYILYETGETYLMYIDLQKSNITVGKLLGPLPMYPAAEDNYGYDACALLCLPCVPNIIVIATESGLLY
HCVVLEGEEDDEQTSNKSWNSSCDLIPSLYVFECVELELALKFATEEEESLELDFACPIKLHRDPICPSRYHCTHVAGVH
SVGLTWFNKLEKFLSSGEEDKDSLQELAAEQKCLVEHILCTKPLRCRLPSPIQGFWIISDLFLGTSMICITCDFECIVRP
LLTTIRPPSPPLLCSQSDKSSTEILPHVLADVKGPFEEHIRGILRRNSANPLLLNSSSKDSSPPPEECLQLLSRATQVFR
EEYLLKQDLANEEIQRRVKLLIAQKEKQLEDLRYCREERKSLTETAERLAEKFEEAKEKQEDLINRLKRILRSFHTQLPV
LSESERDMKKELQATNQQLQQLGNSINQVNRKMSYQEKQMEKGKSPRKSSLTLSDYQKKNIKAVLKEHGEHIQEMVKQIN
NIRNHVNF
;
b,d
15 'polypeptide(L)'
;MSGFNFGAASAGGFSFGNPKSTTTTAPTGFSFGAATAAPSGGFSFGTATPTPASTTGQTSGLFSFSNPAPSLAPTSGFSF
GAQVTSTPAPSSGGLAFGANTSKLNSGVGNQPAGGTTQTSQPMGGFSFGAATTQTQPSATSVGGFSFAGGVGSTSTNVFA
QPAASTGITLQSAVSTAAAPTATTSQPTSTFSFGTQPQAAPALNFGLLSSSSVLSTASTPAAAQPVAPTTGLSLNFGKPA
DTSAAVTSTGSTTTNTPSLSSLLGTSGPSLFSSVATSTVPSVVSTVASGLSLTSTATSTGFGMKTLASSAVPTGTLATST
ASLGVKAPLAGTIVQANAVGSAAATGISTATAMTYAQLENLINKWSLELEDQEKHFLQQATQVNAWDRTLMQNGERITTL
HREMEKVKLDQKRLDQELDFILSQQKELEDLLTPLEESVKEQSGTIYLQHADEEREKTYKLAENIDAQLKRMAQDLKEVI
EHLNTSAGPGDASNPLQQICKILNAHMDSLQWIDQNSALLQRKVEQVTKECESRRKEQERGFSIAFD
;
c,f
#
# COMPACT_ATOMS: atom_id res chain seq x y z
N MET A 1 -30.60 27.50 -66.30
CA MET A 1 -30.84 28.47 -65.24
C MET A 1 -31.33 29.79 -65.82
N GLU A 2 -32.65 29.99 -65.78
CA GLU A 2 -33.28 31.20 -66.28
C GLU A 2 -33.64 32.12 -65.12
N GLU A 3 -34.22 33.28 -65.45
CA GLU A 3 -34.65 34.21 -64.42
C GLU A 3 -35.85 33.68 -63.65
N LEU A 4 -36.82 33.09 -64.34
CA LEU A 4 -37.97 32.49 -63.69
C LEU A 4 -37.59 31.16 -63.06
N ASP A 5 -38.27 30.83 -61.96
CA ASP A 5 -37.96 29.60 -61.24
C ASP A 5 -38.84 28.44 -61.71
N VAL A 6 -39.66 27.90 -60.81
CA VAL A 6 -40.51 26.76 -61.14
C VAL A 6 -41.94 27.05 -60.72
N ASP A 7 -42.82 26.05 -60.85
CA ASP A 7 -44.22 26.15 -60.50
C ASP A 7 -44.40 26.04 -58.99
N PRO A 8 -45.52 26.56 -58.46
CA PRO A 8 -45.78 26.41 -57.02
C PRO A 8 -45.90 24.95 -56.62
N ALA A 9 -45.51 24.67 -55.37
CA ALA A 9 -45.53 23.30 -54.85
C ALA A 9 -46.60 23.15 -53.79
N GLU A 10 -46.24 22.52 -52.66
CA GLU A 10 -47.13 22.27 -51.54
C GLU A 10 -48.29 21.35 -51.93
N THR A 11 -48.23 20.09 -51.48
CA THR A 11 -49.27 19.13 -51.81
C THR A 11 -50.59 19.54 -51.17
N PRO A 12 -51.71 19.22 -51.81
CA PRO A 12 -53.02 19.59 -51.25
C PRO A 12 -53.26 18.87 -49.92
N ILE A 13 -53.99 19.54 -49.03
CA ILE A 13 -54.29 19.00 -47.71
C ILE A 13 -55.65 18.31 -47.77
N PRO A 14 -55.74 17.04 -47.35
CA PRO A 14 -57.04 16.35 -47.36
C PRO A 14 -58.02 16.94 -46.36
N GLY A 15 -58.66 18.02 -46.73
CA GLY A 15 -59.62 18.68 -45.86
C GLY A 15 -59.64 20.17 -46.15
N LEU A 16 -59.85 20.95 -45.10
CA LEU A 16 -59.91 22.42 -45.16
C LEU A 16 -61.04 22.81 -46.12
N GLY A 17 -60.88 23.92 -46.84
CA GLY A 17 -61.88 24.37 -47.78
C GLY A 17 -63.06 25.06 -47.12
N GLN A 18 -63.86 24.30 -46.36
CA GLN A 18 -65.02 24.87 -45.70
C GLN A 18 -64.63 25.75 -44.53
N GLN A 19 -63.52 25.43 -43.86
CA GLN A 19 -63.06 26.19 -42.71
C GLN A 19 -62.04 27.25 -43.15
N ASN A 20 -61.85 28.23 -42.28
CA ASN A 20 -60.92 29.34 -42.52
C ASN A 20 -59.74 29.20 -41.55
N ARG A 21 -58.59 28.78 -42.08
CA ARG A 21 -57.39 28.63 -41.27
C ARG A 21 -56.20 29.30 -41.94
N HIS A 22 -55.01 29.09 -41.40
CA HIS A 22 -53.78 29.59 -42.01
C HIS A 22 -52.64 28.67 -41.60
N ILE A 23 -51.54 28.75 -42.34
CA ILE A 23 -50.37 27.92 -42.08
C ILE A 23 -49.16 28.83 -41.90
N GLY A 24 -48.55 28.77 -40.72
CA GLY A 24 -47.34 29.52 -40.44
C GLY A 24 -46.12 28.64 -40.51
N PHE A 25 -44.97 29.27 -40.73
CA PHE A 25 -43.71 28.59 -40.98
C PHE A 25 -42.74 28.80 -39.83
N SER A 26 -41.88 27.81 -39.63
CA SER A 26 -40.77 27.89 -38.68
C SER A 26 -39.53 27.30 -39.34
N TRP A 27 -38.41 27.98 -39.19
CA TRP A 27 -37.17 27.57 -39.85
C TRP A 27 -36.58 26.34 -39.18
N GLY A 28 -35.42 25.93 -39.68
CA GLY A 28 -34.72 24.77 -39.16
C GLY A 28 -33.65 24.30 -40.11
N PRO A 29 -32.98 23.19 -39.76
CA PRO A 29 -31.93 22.66 -40.65
C PRO A 29 -32.50 22.14 -41.96
N GLY A 30 -32.87 23.05 -42.86
CA GLY A 30 -33.42 22.66 -44.15
C GLY A 30 -34.79 22.01 -44.09
N ASP A 31 -35.40 21.92 -42.92
CA ASP A 31 -36.72 21.31 -42.74
C ASP A 31 -37.66 22.35 -42.17
N LEU A 32 -38.62 22.79 -42.99
CA LEU A 32 -39.58 23.78 -42.55
C LEU A 32 -40.67 23.12 -41.70
N LEU A 33 -41.01 23.74 -40.58
CA LEU A 33 -42.05 23.26 -39.69
C LEU A 33 -43.30 24.11 -39.92
N LEU A 34 -44.35 23.51 -40.45
CA LEU A 34 -45.59 24.20 -40.74
C LEU A 34 -46.60 23.92 -39.62
N TYR A 35 -47.26 24.98 -39.16
CA TYR A 35 -48.22 24.86 -38.07
C TYR A 35 -49.53 25.54 -38.46
N GLU A 36 -50.65 24.90 -38.13
CA GLU A 36 -51.96 25.45 -38.42
C GLU A 36 -52.36 26.45 -37.34
N THR A 37 -52.80 27.64 -37.77
CA THR A 37 -53.16 28.72 -36.87
C THR A 37 -54.38 29.44 -37.43
N LEU A 38 -54.83 30.45 -36.69
CA LEU A 38 -55.99 31.26 -37.10
C LEU A 38 -55.61 32.73 -37.20
N TYR A 39 -54.67 33.05 -38.08
CA TYR A 39 -54.21 34.42 -38.24
C TYR A 39 -55.12 35.18 -39.22
N GLN A 40 -54.57 36.19 -39.89
CA GLN A 40 -55.35 36.96 -40.85
C GLN A 40 -55.64 36.11 -42.08
N LYS A 41 -56.91 36.05 -42.46
CA LYS A 41 -57.34 35.23 -43.59
C LYS A 41 -58.63 35.82 -44.14
N GLN A 42 -59.38 35.00 -44.89
CA GLN A 42 -60.66 35.42 -45.46
C GLN A 42 -61.77 34.66 -44.73
N GLY A 43 -62.09 35.15 -43.52
CA GLY A 43 -63.10 34.55 -42.68
C GLY A 43 -62.59 34.40 -41.27
N ASN A 44 -63.24 33.53 -40.51
CA ASN A 44 -62.86 33.28 -39.13
C ASN A 44 -63.37 31.90 -38.71
N SER A 45 -62.53 31.15 -38.00
CA SER A 45 -62.89 29.82 -37.54
C SER A 45 -62.07 29.49 -36.31
N GLU A 46 -62.66 28.70 -35.42
CA GLU A 46 -62.02 28.31 -34.18
C GLU A 46 -62.34 26.83 -33.93
N THR A 47 -62.25 26.41 -32.67
CA THR A 47 -62.56 25.05 -32.24
C THR A 47 -61.71 24.02 -32.97
N ALA A 48 -60.52 23.75 -32.46
CA ALA A 48 -59.61 22.78 -33.06
C ALA A 48 -59.19 21.75 -32.00
N ALA A 49 -58.88 20.55 -32.47
CA ALA A 49 -58.44 19.46 -31.61
C ALA A 49 -56.93 19.30 -31.68
N ARG A 50 -56.38 18.61 -30.70
CA ARG A 50 -54.95 18.40 -30.58
C ARG A 50 -54.59 16.98 -30.99
N CYS A 51 -53.49 16.85 -31.74
CA CYS A 51 -53.00 15.55 -32.19
C CYS A 51 -51.54 15.67 -32.59
N PRO A 52 -50.64 14.87 -32.02
CA PRO A 52 -49.22 14.98 -32.37
C PRO A 52 -48.91 14.53 -33.79
N PHE A 53 -49.00 15.46 -34.74
CA PHE A 53 -48.72 15.19 -36.15
C PHE A 53 -48.17 16.47 -36.78
N MET A 54 -46.89 16.71 -36.56
CA MET A 54 -46.26 17.93 -37.06
C MET A 54 -46.06 17.85 -38.58
N TYR A 55 -46.01 19.02 -39.21
CA TYR A 55 -45.83 19.13 -40.66
C TYR A 55 -44.37 19.49 -40.94
N LEU A 56 -43.60 18.53 -41.41
CA LEU A 56 -42.18 18.72 -41.72
C LEU A 56 -42.02 18.66 -43.23
N VAL A 57 -41.75 19.82 -43.84
CA VAL A 57 -41.59 19.93 -45.28
C VAL A 57 -40.10 20.05 -45.60
N ARG A 58 -39.61 19.20 -46.51
CA ARG A 58 -38.22 19.23 -46.89
C ARG A 58 -38.08 18.61 -48.28
N SER A 59 -37.02 19.04 -48.98
CA SER A 59 -36.71 18.51 -50.30
C SER A 59 -35.82 17.29 -50.25
N ASP A 60 -35.38 16.87 -49.06
CA ASP A 60 -34.51 15.70 -48.89
C ASP A 60 -35.30 14.48 -48.44
N GLU A 61 -36.52 14.31 -48.96
CA GLU A 61 -37.35 13.17 -48.57
C GLU A 61 -36.87 11.86 -49.18
N ASP A 62 -35.97 11.91 -50.15
CA ASP A 62 -35.44 10.69 -50.77
C ASP A 62 -34.38 10.01 -49.92
N ILE A 63 -33.91 10.66 -48.84
CA ILE A 63 -32.89 10.07 -47.99
C ILE A 63 -33.41 8.92 -47.15
N TYR A 64 -34.74 8.75 -47.07
CA TYR A 64 -35.32 7.67 -46.28
C TYR A 64 -35.08 6.30 -46.90
N SER A 65 -34.64 6.23 -48.15
CA SER A 65 -34.37 4.94 -48.77
C SER A 65 -32.98 4.44 -48.36
N PRO A 66 -32.84 3.14 -48.07
CA PRO A 66 -31.54 2.60 -47.67
C PRO A 66 -30.50 2.64 -48.78
N VAL A 67 -30.90 2.78 -50.03
CA VAL A 67 -29.93 2.81 -51.13
C VAL A 67 -29.22 4.16 -51.20
N LEU A 68 -29.95 5.25 -50.92
CA LEU A 68 -29.37 6.57 -51.05
C LEU A 68 -28.28 6.82 -50.02
N ARG A 69 -28.42 6.26 -48.82
CA ARG A 69 -27.38 6.43 -47.81
C ARG A 69 -26.08 5.75 -48.23
N LYS A 70 -26.17 4.52 -48.72
CA LYS A 70 -24.98 3.84 -49.26
C LYS A 70 -24.40 4.61 -50.44
N LEU A 71 -25.27 5.12 -51.32
CA LEU A 71 -24.81 5.89 -52.47
C LEU A 71 -24.01 7.10 -52.02
N PHE A 72 -24.52 7.82 -51.02
CA PHE A 72 -23.80 8.97 -50.49
C PHE A 72 -22.48 8.55 -49.86
N ASN A 73 -22.47 7.40 -49.17
CA ASN A 73 -21.23 6.92 -48.55
C ASN A 73 -20.16 6.66 -49.60
N GLU A 74 -20.48 5.88 -50.62
CA GLU A 74 -19.48 5.57 -51.64
C GLU A 74 -19.14 6.81 -52.47
N SER A 75 -20.09 7.73 -52.65
CA SER A 75 -19.79 8.98 -53.35
C SER A 75 -18.79 9.81 -52.57
N HIS A 76 -18.96 9.89 -51.24
CA HIS A 76 -18.00 10.60 -50.41
C HIS A 76 -16.64 9.93 -50.45
N SER A 77 -16.62 8.60 -50.42
CA SER A 77 -15.35 7.87 -50.49
C SER A 77 -14.61 8.17 -51.79
N ILE A 78 -15.32 8.07 -52.92
CA ILE A 78 -14.70 8.33 -54.22
C ILE A 78 -14.29 9.79 -54.35
N PHE A 79 -15.08 10.71 -53.78
CA PHE A 79 -14.73 12.12 -53.83
C PHE A 79 -13.45 12.41 -53.05
N VAL A 80 -13.33 11.83 -51.85
CA VAL A 80 -12.13 12.02 -51.06
C VAL A 80 -10.93 11.42 -51.78
N GLY A 81 -11.10 10.23 -52.37
CA GLY A 81 -10.02 9.62 -53.11
C GLY A 81 -9.56 10.46 -54.28
N LEU A 82 -10.51 10.98 -55.06
CA LEU A 82 -10.17 11.81 -56.21
C LEU A 82 -9.51 13.12 -55.77
N GLN A 83 -10.00 13.74 -54.70
CA GLN A 83 -9.42 14.99 -54.23
C GLN A 83 -8.03 14.79 -53.66
N LYS A 84 -7.75 13.61 -53.08
CA LYS A 84 -6.40 13.35 -52.58
C LYS A 84 -5.47 12.82 -53.65
N SER A 85 -5.99 12.32 -54.77
CA SER A 85 -5.15 11.82 -55.85
C SER A 85 -4.86 12.86 -56.91
N ALA A 86 -5.74 13.86 -57.08
CA ALA A 86 -5.56 14.88 -58.12
C ALA A 86 -4.73 16.04 -57.57
N GLU A 87 -3.43 15.79 -57.47
CA GLU A 87 -2.48 16.81 -57.05
C GLU A 87 -1.26 16.90 -57.96
N GLU A 88 -1.19 16.08 -59.01
CA GLU A 88 -0.07 16.13 -59.95
C GLU A 88 -0.54 15.54 -61.27
N ALA A 89 -0.61 16.37 -62.31
CA ALA A 89 -1.08 15.94 -63.60
C ALA A 89 -0.01 15.11 -64.31
N SER A 90 -0.48 14.24 -65.22
CA SER A 90 0.42 13.39 -66.00
C SER A 90 -0.18 13.09 -67.36
N GLY A 91 -1.46 12.70 -67.39
CA GLY A 91 -2.13 12.42 -68.64
C GLY A 91 -2.60 10.98 -68.77
N LYS A 92 -1.67 10.09 -69.10
CA LYS A 92 -2.03 8.68 -69.29
C LYS A 92 -2.47 8.05 -67.98
N SER A 93 -1.70 8.22 -66.91
CA SER A 93 -2.07 7.69 -65.61
C SER A 93 -3.34 8.35 -65.09
N ARG A 94 -3.51 9.64 -65.36
CA ARG A 94 -4.73 10.34 -64.95
C ARG A 94 -5.95 9.71 -65.62
N LYS A 95 -5.90 9.52 -66.93
CA LYS A 95 -7.01 8.87 -67.63
C LYS A 95 -7.20 7.43 -67.17
N ALA A 96 -6.11 6.75 -66.80
CA ALA A 96 -6.23 5.38 -66.31
C ALA A 96 -7.01 5.33 -65.00
N GLN A 97 -6.64 6.17 -64.04
CA GLN A 97 -7.37 6.17 -62.77
C GLN A 97 -8.78 6.72 -62.94
N LEU A 98 -8.99 7.61 -63.93
CA LEU A 98 -10.35 8.08 -64.21
C LEU A 98 -11.22 6.94 -64.74
N VAL A 99 -10.68 6.12 -65.64
CA VAL A 99 -11.42 4.97 -66.15
C VAL A 99 -11.67 3.97 -65.02
N GLN A 100 -10.69 3.79 -64.13
CA GLN A 100 -10.89 2.90 -62.99
C GLN A 100 -12.00 3.40 -62.08
N VAL A 101 -12.03 4.70 -61.82
CA VAL A 101 -13.09 5.27 -60.99
C VAL A 101 -14.44 5.14 -61.69
N SER A 102 -14.46 5.30 -63.01
CA SER A 102 -15.71 5.13 -63.75
C SER A 102 -16.21 3.69 -63.67
N ARG A 103 -15.31 2.71 -63.77
CA ARG A 103 -15.72 1.32 -63.65
C ARG A 103 -16.20 1.00 -62.24
N ASN A 104 -15.53 1.57 -61.22
CA ASN A 104 -16.00 1.40 -59.86
C ASN A 104 -17.40 1.98 -59.68
N TYR A 105 -17.64 3.16 -60.25
CA TYR A 105 -18.97 3.76 -60.18
C TYR A 105 -20.00 2.92 -60.91
N ARG A 106 -19.61 2.33 -62.04
CA ARG A 106 -20.52 1.46 -62.77
C ARG A 106 -20.92 0.24 -61.94
N SER A 107 -19.94 -0.40 -61.30
CA SER A 107 -20.24 -1.56 -60.45
C SER A 107 -21.09 -1.15 -59.26
N VAL A 108 -20.79 0.02 -58.67
CA VAL A 108 -21.57 0.52 -57.54
C VAL A 108 -23.02 0.76 -57.95
N LEU A 109 -23.23 1.36 -59.12
CA LEU A 109 -24.58 1.64 -59.58
C LEU A 109 -25.31 0.35 -59.95
N ARG A 110 -24.60 -0.65 -60.47
CA ARG A 110 -25.24 -1.94 -60.74
C ARG A 110 -25.69 -2.60 -59.44
N ALA A 111 -24.84 -2.57 -58.41
CA ALA A 111 -25.23 -3.13 -57.12
C ALA A 111 -26.41 -2.36 -56.52
N CYS A 112 -26.40 -1.04 -56.64
CA CYS A 112 -27.53 -0.24 -56.15
C CYS A 112 -28.81 -0.58 -56.90
N MET A 113 -28.71 -0.78 -58.21
CA MET A 113 -29.89 -1.13 -59.00
C MET A 113 -30.43 -2.50 -58.58
N GLU A 114 -29.55 -3.47 -58.38
CA GLU A 114 -30.02 -4.80 -58.01
C GLU A 114 -30.64 -4.81 -56.61
N GLU A 115 -30.05 -4.06 -55.66
CA GLU A 115 -30.62 -4.03 -54.32
C GLU A 115 -31.92 -3.25 -54.29
N MET A 116 -32.05 -2.18 -55.08
CA MET A 116 -33.31 -1.46 -55.12
C MET A 116 -34.38 -2.25 -55.86
N HIS A 117 -34.00 -3.09 -56.83
CA HIS A 117 -34.98 -3.97 -57.45
C HIS A 117 -35.44 -5.04 -56.47
N THR A 118 -34.52 -5.56 -55.65
CA THR A 118 -34.91 -6.48 -54.58
C THR A 118 -35.90 -5.82 -53.63
N LEU A 119 -35.59 -4.60 -53.19
CA LEU A 119 -36.51 -3.88 -52.31
C LEU A 119 -37.84 -3.59 -53.00
N SER A 120 -37.83 -3.36 -54.30
CA SER A 120 -39.06 -3.08 -55.03
C SER A 120 -39.96 -4.32 -55.09
N GLU A 121 -39.39 -5.46 -55.46
CA GLU A 121 -40.19 -6.68 -55.47
C GLU A 121 -40.54 -7.14 -54.06
N SER A 122 -39.84 -6.65 -53.04
CA SER A 122 -40.25 -6.92 -51.67
C SER A 122 -41.43 -6.03 -51.26
N THR A 123 -41.45 -4.79 -51.72
CA THR A 123 -42.54 -3.86 -51.42
C THR A 123 -43.67 -4.05 -52.42
N ARG A 124 -44.75 -3.29 -52.22
CA ARG A 124 -45.93 -3.41 -53.08
C ARG A 124 -46.49 -2.03 -53.46
N GLU A 125 -46.66 -1.16 -52.48
CA GLU A 125 -47.35 0.11 -52.73
C GLU A 125 -46.46 1.09 -53.48
N THR A 126 -45.20 1.24 -53.07
CA THR A 126 -44.30 2.21 -53.67
C THR A 126 -43.72 1.74 -55.01
N ALA A 127 -44.40 0.85 -55.72
CA ALA A 127 -43.87 0.33 -56.97
C ALA A 127 -43.80 1.42 -58.04
N GLN A 128 -44.77 2.34 -58.05
CA GLN A 128 -44.76 3.41 -59.03
C GLN A 128 -43.55 4.33 -58.83
N LYS A 129 -43.32 4.76 -57.58
CA LYS A 129 -42.17 5.59 -57.29
C LYS A 129 -40.87 4.83 -57.57
N TYR A 130 -40.85 3.53 -57.29
CA TYR A 130 -39.65 2.73 -57.53
C TYR A 130 -39.32 2.67 -59.01
N ILE A 131 -40.33 2.39 -59.86
CA ILE A 131 -40.06 2.31 -61.28
C ILE A 131 -39.75 3.68 -61.86
N SER A 132 -40.35 4.74 -61.31
CA SER A 132 -40.03 6.09 -61.79
C SER A 132 -38.58 6.46 -61.49
N GLN A 133 -38.13 6.22 -60.25
CA GLN A 133 -36.74 6.49 -59.92
C GLN A 133 -35.79 5.57 -60.67
N ILE A 134 -36.21 4.33 -60.95
CA ILE A 134 -35.39 3.44 -61.76
C ILE A 134 -35.21 3.99 -63.16
N SER A 135 -36.30 4.51 -63.75
CA SER A 135 -36.20 5.08 -65.10
C SER A 135 -35.32 6.32 -65.11
N ILE A 136 -35.48 7.21 -64.12
CA ILE A 136 -34.69 8.43 -64.14
C ILE A 136 -33.21 8.13 -63.89
N LEU A 137 -32.92 7.14 -63.03
CA LEU A 137 -31.52 6.79 -62.82
C LEU A 137 -30.95 6.01 -63.99
N SER A 138 -31.80 5.31 -64.76
CA SER A 138 -31.31 4.68 -65.98
C SER A 138 -30.96 5.72 -67.02
N ALA A 139 -31.78 6.78 -67.14
CA ALA A 139 -31.41 7.90 -67.99
C ALA A 139 -30.12 8.56 -67.52
N MET A 140 -29.95 8.69 -66.19
CA MET A 140 -28.71 9.23 -65.65
C MET A 140 -27.52 8.35 -66.00
N GLU A 141 -27.69 7.03 -65.92
CA GLU A 141 -26.60 6.12 -66.29
C GLU A 141 -26.27 6.22 -67.77
N LEU A 142 -27.30 6.38 -68.61
CA LEU A 142 -27.08 6.56 -70.04
C LEU A 142 -26.26 7.83 -70.30
N SER A 143 -26.65 8.93 -69.65
CA SER A 143 -25.92 10.18 -69.82
C SER A 143 -24.49 10.07 -69.32
N TRP A 144 -24.30 9.36 -68.20
CA TRP A 144 -22.96 9.19 -67.64
C TRP A 144 -22.08 8.36 -68.58
N ASN A 145 -22.61 7.27 -69.11
CA ASN A 145 -21.85 6.46 -70.07
C ASN A 145 -21.52 7.26 -71.31
N LEU A 146 -22.47 8.07 -71.79
CA LEU A 146 -22.21 8.89 -72.97
C LEU A 146 -21.10 9.90 -72.72
N CYS A 147 -21.17 10.62 -71.60
CA CYS A 147 -20.14 11.62 -71.31
C CYS A 147 -18.79 10.95 -71.05
N GLU A 148 -18.80 9.74 -70.49
CA GLU A 148 -17.55 9.03 -70.26
C GLU A 148 -16.90 8.59 -71.56
N ILE A 149 -17.70 8.05 -72.50
CA ILE A 149 -17.15 7.62 -73.78
C ILE A 149 -16.87 8.78 -74.71
N LEU A 150 -17.41 9.98 -74.43
CA LEU A 150 -17.15 11.13 -75.27
C LEU A 150 -16.06 12.03 -74.72
N PHE A 151 -16.34 12.72 -73.61
CA PHE A 151 -15.43 13.73 -73.09
C PHE A 151 -14.30 13.15 -72.24
N ILE A 152 -14.58 12.11 -71.45
CA ILE A 152 -13.56 11.56 -70.57
C ILE A 152 -12.46 10.88 -71.38
N GLU A 153 -12.83 9.98 -72.29
CA GLU A 153 -11.88 9.27 -73.13
C GLU A 153 -12.34 9.40 -74.58
N SER A 154 -11.76 10.37 -75.30
CA SER A 154 -12.09 10.60 -76.70
C SER A 154 -11.43 9.51 -77.55
N ALA A 155 -12.22 8.53 -77.96
CA ALA A 155 -11.67 7.44 -78.75
C ALA A 155 -12.05 7.59 -80.21
N PRO A 156 -11.12 7.32 -81.14
CA PRO A 156 -11.44 7.45 -82.57
C PRO A 156 -12.25 6.26 -83.08
N ALA A 157 -12.09 5.95 -84.37
CA ALA A 157 -12.81 4.83 -84.96
C ALA A 157 -12.19 3.52 -84.51
N GLY A 158 -13.01 2.67 -83.89
CA GLY A 158 -12.53 1.39 -83.40
C GLY A 158 -12.80 1.21 -81.92
N PRO A 159 -12.02 1.89 -81.08
CA PRO A 159 -12.27 1.81 -79.63
C PRO A 159 -13.64 2.34 -79.24
N LEU A 160 -14.01 3.53 -79.73
CA LEU A 160 -15.33 4.07 -79.44
C LEU A 160 -16.43 3.20 -80.04
N LEU A 161 -16.16 2.60 -81.21
CA LEU A 161 -17.15 1.71 -81.82
C LEU A 161 -17.39 0.48 -80.95
N ILE A 162 -16.33 -0.10 -80.40
CA ILE A 162 -16.49 -1.26 -79.51
C ILE A 162 -17.19 -0.84 -78.23
N LEU A 163 -16.86 0.35 -77.71
CA LEU A 163 -17.55 0.86 -76.53
C LEU A 163 -19.06 0.96 -76.77
N LEU A 164 -19.45 1.56 -77.90
CA LEU A 164 -20.86 1.67 -78.22
C LEU A 164 -21.49 0.31 -78.47
N LEU A 165 -20.74 -0.63 -79.03
CA LEU A 165 -21.24 -1.98 -79.25
C LEU A 165 -21.58 -2.66 -77.92
N GLU A 166 -20.67 -2.60 -76.96
CA GLU A 166 -20.97 -3.22 -75.67
C GLU A 166 -22.03 -2.44 -74.91
N TRP A 167 -22.12 -1.13 -75.11
CA TRP A 167 -23.19 -0.36 -74.50
C TRP A 167 -24.55 -0.81 -75.01
N VAL A 168 -24.66 -1.04 -76.31
CA VAL A 168 -25.92 -1.50 -76.89
C VAL A 168 -26.22 -2.93 -76.45
N ARG A 169 -25.17 -3.76 -76.33
CA ARG A 169 -25.39 -5.13 -75.86
C ARG A 169 -25.88 -5.16 -74.42
N LEU A 170 -25.36 -4.25 -73.59
CA LEU A 170 -25.80 -4.21 -72.19
C LEU A 170 -27.17 -3.55 -72.06
N HIS A 171 -27.52 -2.63 -72.95
CA HIS A 171 -28.80 -1.95 -72.87
C HIS A 171 -29.94 -2.75 -73.49
N VAL A 172 -29.67 -3.60 -74.47
CA VAL A 172 -30.69 -4.41 -75.12
C VAL A 172 -30.70 -5.78 -74.48
N CYS A 173 -31.86 -6.17 -73.94
CA CYS A 173 -32.04 -7.47 -73.31
C CYS A 173 -33.39 -8.07 -73.70
N GLU A 174 -33.82 -7.84 -74.95
CA GLU A 174 -35.09 -8.34 -75.43
C GLU A 174 -34.95 -9.54 -76.35
N VAL A 175 -33.81 -9.69 -77.02
CA VAL A 175 -33.62 -10.82 -77.93
C VAL A 175 -33.58 -12.13 -77.15
N ASP A 176 -33.02 -12.12 -75.93
CA ASP A 176 -33.02 -13.32 -75.10
C ASP A 176 -34.43 -13.72 -74.72
N ASN A 177 -35.27 -12.75 -74.34
CA ASN A 177 -36.66 -13.05 -74.01
C ASN A 177 -37.43 -13.54 -75.23
N ILE A 178 -37.14 -12.96 -76.41
CA ILE A 178 -37.78 -13.42 -77.63
C ILE A 178 -37.41 -14.87 -77.93
N VAL A 179 -36.12 -15.20 -77.78
CA VAL A 179 -35.67 -16.57 -78.02
C VAL A 179 -36.30 -17.52 -77.02
N GLN A 180 -36.41 -17.10 -75.75
CA GLN A 180 -37.03 -17.95 -74.75
C GLN A 180 -38.50 -18.19 -75.06
N ASP A 181 -39.22 -17.15 -75.49
CA ASP A 181 -40.62 -17.31 -75.85
C ASP A 181 -40.77 -18.22 -77.07
N VAL A 182 -39.84 -18.11 -78.03
CA VAL A 182 -39.89 -18.98 -79.19
C VAL A 182 -39.66 -20.43 -78.79
N LEU A 183 -38.72 -20.66 -77.88
CA LEU A 183 -38.44 -22.02 -77.42
C LEU A 183 -39.60 -22.58 -76.61
N ARG A 184 -40.30 -21.72 -75.87
CA ARG A 184 -41.42 -22.19 -75.05
C ARG A 184 -42.66 -22.46 -75.89
N SER A 185 -43.21 -21.42 -76.53
CA SER A 185 -44.44 -21.58 -77.30
C SER A 185 -44.18 -22.42 -78.55
N GLU A 186 -45.13 -23.29 -78.87
CA GLU A 186 -45.05 -24.18 -80.03
C GLU A 186 -43.78 -25.03 -79.99
N LYS A 187 -43.28 -25.40 -81.17
CA LYS A 187 -42.06 -26.18 -81.22
C LYS A 187 -40.84 -25.29 -81.01
N PRO A 188 -39.83 -25.78 -80.30
CA PRO A 188 -38.64 -24.96 -80.02
C PRO A 188 -37.71 -24.78 -81.23
N THR A 189 -38.05 -25.37 -82.38
CA THR A 189 -37.22 -25.26 -83.57
C THR A 189 -37.90 -24.48 -84.70
N GLU A 190 -39.13 -24.03 -84.50
CA GLU A 190 -39.84 -23.28 -85.52
C GLU A 190 -40.92 -22.42 -84.86
N HIS A 191 -40.99 -21.15 -85.24
CA HIS A 191 -41.97 -20.24 -84.68
C HIS A 191 -42.17 -19.10 -85.67
N GLU A 192 -43.04 -18.15 -85.30
CA GLU A 192 -43.32 -17.00 -86.16
C GLU A 192 -42.34 -15.86 -85.94
N LYS A 193 -41.64 -15.84 -84.81
CA LYS A 193 -40.65 -14.79 -84.51
C LYS A 193 -39.23 -15.33 -84.45
N PHE A 194 -38.99 -16.56 -84.93
CA PHE A 194 -37.65 -17.10 -84.93
C PHE A 194 -36.74 -16.31 -85.87
N TRP A 195 -37.27 -15.90 -87.03
CA TRP A 195 -36.48 -15.09 -87.95
C TRP A 195 -36.18 -13.72 -87.33
N ASP A 196 -37.14 -13.16 -86.59
CA ASP A 196 -36.89 -11.89 -85.90
C ASP A 196 -35.81 -12.05 -84.83
N GLY A 197 -35.83 -13.17 -84.10
CA GLY A 197 -34.78 -13.41 -83.12
C GLY A 197 -33.42 -13.59 -83.77
N VAL A 198 -33.37 -14.28 -84.91
CA VAL A 198 -32.12 -14.43 -85.63
C VAL A 198 -31.60 -13.09 -86.11
N THR A 199 -32.50 -12.25 -86.63
CA THR A 199 -32.10 -10.91 -87.07
C THR A 199 -31.58 -10.08 -85.92
N GLY A 200 -32.22 -10.17 -84.76
CA GLY A 200 -31.74 -9.45 -83.59
C GLY A 200 -30.38 -9.94 -83.12
N TYR A 201 -30.18 -11.25 -83.13
CA TYR A 201 -28.89 -11.81 -82.74
C TYR A 201 -27.79 -11.40 -83.71
N VAL A 202 -28.12 -11.30 -85.01
CA VAL A 202 -27.13 -10.85 -85.99
C VAL A 202 -26.83 -9.38 -85.80
N LEU A 203 -27.85 -8.57 -85.52
CA LEU A 203 -27.64 -7.14 -85.33
C LEU A 203 -26.83 -6.85 -84.07
N GLN A 204 -27.05 -7.62 -83.01
CA GLN A 204 -26.32 -7.45 -81.76
C GLN A 204 -24.88 -7.96 -81.84
N GLY A 205 -24.49 -8.58 -82.93
CA GLY A 205 -23.13 -9.09 -83.06
C GLY A 205 -22.85 -10.36 -82.31
N ARG A 206 -23.88 -11.19 -82.09
CA ARG A 206 -23.71 -12.46 -81.39
C ARG A 206 -23.65 -13.60 -82.40
N MET A 207 -22.53 -13.68 -83.10
CA MET A 207 -22.36 -14.68 -84.15
C MET A 207 -22.31 -16.09 -83.58
N ASN A 208 -21.80 -16.25 -82.35
CA ASN A 208 -21.70 -17.57 -81.74
C ASN A 208 -23.08 -18.21 -81.60
N GLU A 209 -24.11 -17.42 -81.33
CA GLU A 209 -25.47 -17.92 -81.26
C GLU A 209 -26.19 -17.84 -82.60
N ALA A 210 -25.81 -16.88 -83.45
CA ALA A 210 -26.44 -16.77 -84.76
C ALA A 210 -26.12 -17.99 -85.61
N ARG A 211 -24.89 -18.49 -85.53
CA ARG A 211 -24.53 -19.68 -86.29
C ARG A 211 -25.33 -20.89 -85.82
N GLN A 212 -25.50 -21.05 -84.51
CA GLN A 212 -26.29 -22.16 -83.99
C GLN A 212 -27.76 -22.03 -84.41
N LEU A 213 -28.30 -20.82 -84.38
CA LEU A 213 -29.68 -20.62 -84.81
C LEU A 213 -29.85 -20.92 -86.29
N LEU A 214 -28.88 -20.52 -87.12
CA LEU A 214 -28.94 -20.82 -88.54
C LEU A 214 -28.83 -22.32 -88.79
N ALA A 215 -27.98 -23.01 -88.04
CA ALA A 215 -27.87 -24.46 -88.18
C ALA A 215 -29.17 -25.15 -87.77
N LYS A 216 -29.80 -24.67 -86.70
CA LYS A 216 -31.08 -25.23 -86.29
C LYS A 216 -32.17 -24.99 -87.33
N GLU A 217 -32.19 -23.79 -87.92
CA GLU A 217 -33.17 -23.50 -88.97
C GLU A 217 -32.93 -24.38 -90.19
N ALA A 218 -31.66 -24.60 -90.56
CA ALA A 218 -31.37 -25.44 -91.71
C ALA A 218 -31.74 -26.89 -91.44
N SER A 219 -31.53 -27.36 -90.21
CA SER A 219 -31.92 -28.73 -89.87
C SER A 219 -33.43 -28.87 -89.82
N THR A 220 -34.15 -27.82 -89.43
CA THR A 220 -35.60 -27.88 -89.41
C THR A 220 -36.18 -27.87 -90.83
N SER A 221 -35.64 -27.00 -91.69
CA SER A 221 -36.11 -26.91 -93.07
C SER A 221 -35.47 -27.99 -93.92
N ALA A 222 -35.75 -27.96 -95.22
CA ALA A 222 -35.22 -28.92 -96.16
C ALA A 222 -34.56 -28.27 -97.38
N SER A 223 -34.51 -26.94 -97.44
CA SER A 223 -33.90 -26.26 -98.58
C SER A 223 -33.34 -24.91 -98.14
N ALA A 224 -32.67 -24.88 -96.99
CA ALA A 224 -32.08 -23.66 -96.46
C ALA A 224 -30.61 -23.83 -96.08
N ARG A 225 -30.02 -25.00 -96.36
CA ARG A 225 -28.62 -25.22 -96.02
C ARG A 225 -27.70 -24.33 -96.86
N SER A 226 -27.99 -24.19 -98.15
CA SER A 226 -27.19 -23.32 -99.00
C SER A 226 -27.32 -21.87 -98.57
N MET A 227 -28.53 -21.44 -98.19
CA MET A 227 -28.72 -20.08 -97.71
C MET A 227 -27.96 -19.83 -96.42
N CYS A 228 -27.99 -20.81 -95.50
CA CYS A 228 -27.25 -20.66 -94.25
C CYS A 228 -25.74 -20.62 -94.50
N ARG A 229 -25.25 -21.42 -95.45
CA ARG A 229 -23.83 -21.39 -95.78
C ARG A 229 -23.45 -20.05 -96.41
N VAL A 230 -24.33 -19.49 -97.25
CA VAL A 230 -24.06 -18.18 -97.84
C VAL A 230 -24.04 -17.10 -96.76
N LEU A 231 -24.96 -17.18 -95.80
CA LEU A 231 -24.98 -16.23 -94.71
C LEU A 231 -23.72 -16.34 -93.85
N ASP A 232 -23.26 -17.57 -93.60
CA ASP A 232 -22.04 -17.76 -92.82
C ASP A 232 -20.83 -17.22 -93.57
N ASP A 233 -20.78 -17.42 -94.89
CA ASP A 233 -19.68 -16.88 -95.68
C ASP A 233 -19.69 -15.36 -95.67
N LEU A 234 -20.88 -14.76 -95.74
CA LEU A 234 -20.98 -13.31 -95.67
C LEU A 234 -20.54 -12.79 -94.30
N LEU A 235 -20.92 -13.49 -93.23
CA LEU A 235 -20.51 -13.08 -91.90
C LEU A 235 -19.00 -13.21 -91.73
N LYS A 236 -18.40 -14.24 -92.34
CA LYS A 236 -16.95 -14.38 -92.28
C LYS A 236 -16.25 -13.29 -93.08
N LYS A 237 -16.81 -12.93 -94.24
CA LYS A 237 -16.25 -11.83 -95.03
C LYS A 237 -16.43 -10.48 -94.36
N MET A 238 -17.42 -10.34 -93.49
CA MET A 238 -17.62 -9.10 -92.76
C MET A 238 -16.44 -8.85 -91.83
N PRO A 239 -15.74 -7.72 -91.96
CA PRO A 239 -14.57 -7.47 -91.11
C PRO A 239 -14.99 -7.15 -89.67
N MET A 240 -14.03 -7.33 -88.77
CA MET A 240 -14.27 -7.07 -87.35
C MET A 240 -13.35 -5.96 -86.84
N LEU A 241 -12.72 -6.20 -85.69
CA LEU A 241 -11.81 -5.21 -85.11
C LEU A 241 -10.37 -5.37 -85.58
N HIS A 242 -9.99 -6.56 -86.06
CA HIS A 242 -8.62 -6.79 -86.52
C HIS A 242 -8.33 -6.11 -87.85
N THR A 243 -9.33 -5.50 -88.49
CA THR A 243 -9.12 -4.82 -89.76
C THR A 243 -8.87 -3.32 -89.57
N GLY A 244 -9.52 -2.70 -88.60
CA GLY A 244 -9.34 -1.29 -88.35
C GLY A 244 -8.94 -0.98 -86.92
N GLY A 245 -9.16 0.26 -86.49
CA GLY A 245 -8.80 0.67 -85.14
C GLY A 245 -7.31 0.78 -84.94
N THR A 246 -6.66 -0.36 -84.71
CA THR A 246 -5.22 -0.41 -84.51
C THR A 246 -4.46 -0.77 -85.78
N GLN A 247 -5.15 -0.80 -86.93
CA GLN A 247 -4.50 -1.14 -88.20
C GLN A 247 -4.59 0.07 -89.10
N THR A 248 -5.55 0.12 -90.03
CA THR A 248 -5.69 1.24 -90.95
C THR A 248 -7.17 1.55 -91.13
N LEU A 249 -7.54 2.80 -90.88
CA LEU A 249 -8.94 3.20 -91.07
C LEU A 249 -9.33 3.13 -92.54
N THR A 250 -8.40 3.45 -93.44
CA THR A 250 -8.69 3.35 -94.87
C THR A 250 -8.93 1.90 -95.27
N GLU A 251 -8.12 0.97 -94.76
CA GLU A 251 -8.32 -0.44 -95.05
C GLU A 251 -9.63 -0.95 -94.47
N PHE A 252 -9.98 -0.47 -93.26
CA PHE A 252 -11.25 -0.87 -92.67
C PHE A 252 -12.44 -0.37 -93.50
N GLU A 253 -12.37 0.88 -93.96
CA GLU A 253 -13.44 1.40 -94.80
C GLU A 253 -13.52 0.66 -96.13
N LEU A 254 -12.36 0.30 -96.69
CA LEU A 254 -12.36 -0.46 -97.94
C LEU A 254 -12.99 -1.84 -97.75
N LYS A 255 -12.65 -2.50 -96.64
CA LYS A 255 -13.24 -3.81 -96.36
C LYS A 255 -14.75 -3.70 -96.13
N TRP A 256 -15.18 -2.64 -95.43
CA TRP A 256 -16.62 -2.43 -95.22
C TRP A 256 -17.34 -2.19 -96.54
N GLN A 257 -16.75 -1.38 -97.42
CA GLN A 257 -17.37 -1.14 -98.73
C GLN A 257 -17.41 -2.40 -99.56
N HIS A 258 -16.35 -3.21 -99.49
CA HIS A 258 -16.34 -4.48 -100.23
C HIS A 258 -17.43 -5.43 -99.72
N TRP A 259 -17.58 -5.52 -98.40
CA TRP A 259 -18.63 -6.36 -97.83
C TRP A 259 -20.02 -5.86 -98.23
N ARG A 260 -20.21 -4.53 -98.21
CA ARG A 260 -21.50 -3.96 -98.58
C ARG A 260 -21.83 -4.24 -100.05
N GLU A 261 -20.85 -4.04 -100.93
CA GLU A 261 -21.10 -4.30 -102.36
C GLU A 261 -21.29 -5.78 -102.64
N GLU A 262 -20.61 -6.65 -101.89
CA GLU A 262 -20.84 -8.08 -102.03
C GLU A 262 -22.25 -8.45 -101.58
N CYS A 263 -22.73 -7.83 -100.51
CA CYS A 263 -24.10 -8.08 -100.06
C CYS A 263 -25.11 -7.60 -101.10
N GLU A 264 -24.88 -6.40 -101.67
CA GLU A 264 -25.77 -5.91 -102.71
C GLU A 264 -25.77 -6.82 -103.93
N ARG A 265 -24.59 -7.32 -104.32
CA ARG A 265 -24.52 -8.22 -105.46
C ARG A 265 -25.24 -9.53 -105.18
N HIS A 266 -25.07 -10.08 -103.97
CA HIS A 266 -25.77 -11.31 -103.62
C HIS A 266 -27.28 -11.10 -103.55
N LEU A 267 -27.72 -9.90 -103.18
CA LEU A 267 -29.16 -9.62 -103.14
C LEU A 267 -29.73 -9.44 -104.54
N GLN A 268 -28.96 -8.81 -105.44
CA GLN A 268 -29.44 -8.52 -106.78
C GLN A 268 -29.23 -9.67 -107.75
N ASN A 269 -28.45 -10.69 -107.38
CA ASN A 269 -28.27 -11.84 -108.26
C ASN A 269 -29.60 -12.55 -108.51
N GLY A 270 -30.44 -12.65 -107.49
CA GLY A 270 -31.74 -13.30 -107.61
C GLY A 270 -31.95 -14.48 -106.69
N THR A 271 -30.93 -14.90 -105.93
CA THR A 271 -31.10 -16.03 -105.02
C THR A 271 -31.93 -15.68 -103.80
N PHE A 272 -32.13 -14.39 -103.52
CA PHE A 272 -32.92 -13.94 -102.38
C PHE A 272 -34.37 -13.68 -102.74
N SER A 273 -34.86 -14.24 -103.85
CA SER A 273 -36.26 -14.05 -104.23
C SER A 273 -37.18 -14.78 -103.27
N SER A 274 -36.89 -16.04 -102.99
CA SER A 274 -37.68 -16.82 -102.05
C SER A 274 -37.28 -16.46 -100.62
N ASN A 275 -38.04 -17.02 -99.66
CA ASN A 275 -37.83 -16.79 -98.23
C ASN A 275 -37.93 -15.30 -97.89
N VAL A 276 -39.14 -14.85 -97.54
CA VAL A 276 -39.35 -13.44 -97.24
C VAL A 276 -38.59 -13.03 -95.98
N HIS A 277 -38.29 -13.99 -95.11
CA HIS A 277 -37.55 -13.69 -93.89
C HIS A 277 -36.10 -13.31 -94.20
N MET A 278 -35.38 -14.21 -94.87
CA MET A 278 -34.00 -13.92 -95.22
C MET A 278 -33.88 -12.77 -96.21
N GLU A 279 -34.87 -12.61 -97.09
CA GLU A 279 -34.86 -11.47 -98.00
C GLU A 279 -34.96 -10.16 -97.24
N ALA A 280 -35.86 -10.09 -96.26
CA ALA A 280 -35.98 -8.89 -95.45
C ALA A 280 -34.72 -8.66 -94.62
N VAL A 281 -34.11 -9.75 -94.12
CA VAL A 281 -32.88 -9.62 -93.34
C VAL A 281 -31.78 -9.02 -94.21
N CYS A 282 -31.63 -9.53 -95.43
CA CYS A 282 -30.60 -9.02 -96.33
C CYS A 282 -30.90 -7.58 -96.75
N ARG A 283 -32.17 -7.24 -96.92
CA ARG A 283 -32.53 -5.87 -97.27
C ARG A 283 -32.23 -4.90 -96.13
N VAL A 284 -32.45 -5.33 -94.89
CA VAL A 284 -32.12 -4.51 -93.74
C VAL A 284 -30.60 -4.38 -93.60
N LEU A 285 -29.87 -5.46 -93.89
CA LEU A 285 -28.42 -5.42 -93.81
C LEU A 285 -27.81 -4.45 -94.81
N LEU A 286 -28.49 -4.21 -95.94
CA LEU A 286 -27.99 -3.25 -96.92
C LEU A 286 -28.10 -1.83 -96.40
N GLY A 287 -29.31 -1.38 -96.10
CA GLY A 287 -29.53 -0.04 -95.60
C GLY A 287 -30.98 0.37 -95.59
N ASP A 288 -31.81 -0.37 -96.33
CA ASP A 288 -33.23 -0.06 -96.38
C ASP A 288 -33.89 -0.42 -95.05
N GLU A 289 -34.60 0.54 -94.46
CA GLU A 289 -35.26 0.36 -93.17
C GLU A 289 -36.78 0.33 -93.30
N GLU A 290 -37.28 -0.23 -94.39
CA GLU A 290 -38.74 -0.35 -94.56
C GLU A 290 -39.33 -1.31 -93.54
N VAL A 291 -38.67 -2.44 -93.30
CA VAL A 291 -39.14 -3.39 -92.29
C VAL A 291 -39.10 -2.74 -90.91
N LEU A 292 -38.07 -1.93 -90.65
CA LEU A 292 -37.97 -1.25 -89.36
C LEU A 292 -39.10 -0.22 -89.19
N LEU A 293 -39.39 0.54 -90.25
CA LEU A 293 -40.48 1.51 -90.18
C LEU A 293 -41.83 0.81 -90.05
N GLU A 294 -41.96 -0.40 -90.59
CA GLU A 294 -43.22 -1.13 -90.47
C GLU A 294 -43.38 -1.73 -89.08
N LYS A 295 -42.30 -2.26 -88.50
CA LYS A 295 -42.34 -2.89 -87.18
C LYS A 295 -41.63 -2.04 -86.14
N ARG A 296 -41.80 -0.72 -86.22
CA ARG A 296 -41.22 0.18 -85.21
C ARG A 296 -41.72 -0.11 -83.80
N ASP A 297 -42.86 -0.80 -83.67
CA ASP A 297 -43.33 -1.18 -82.34
C ASP A 297 -42.38 -2.17 -81.68
N LEU A 298 -41.63 -2.95 -82.46
CA LEU A 298 -40.64 -3.86 -81.94
C LEU A 298 -39.23 -3.32 -82.01
N MET A 299 -39.02 -2.16 -82.63
CA MET A 299 -37.71 -1.55 -82.73
C MET A 299 -37.37 -0.66 -81.53
N THR A 300 -38.00 -0.93 -80.37
CA THR A 300 -37.76 -0.19 -79.14
C THR A 300 -37.96 1.32 -79.32
N THR A 301 -36.87 2.07 -79.45
CA THR A 301 -36.94 3.53 -79.47
C THR A 301 -35.97 4.08 -80.50
N TRP A 302 -36.01 5.40 -80.66
CA TRP A 302 -35.18 6.06 -81.65
C TRP A 302 -33.70 6.04 -81.29
N TYR A 303 -33.36 5.87 -80.01
CA TYR A 303 -31.95 5.67 -79.65
C TYR A 303 -31.40 4.41 -80.30
N HIS A 304 -32.09 3.29 -80.14
CA HIS A 304 -31.66 2.05 -80.79
C HIS A 304 -31.80 2.15 -82.29
N PHE A 305 -32.79 2.88 -82.79
CA PHE A 305 -32.88 3.13 -84.24
C PHE A 305 -31.62 3.81 -84.75
N LEU A 306 -31.14 4.83 -84.03
CA LEU A 306 -29.96 5.57 -84.46
C LEU A 306 -28.70 4.71 -84.36
N VAL A 307 -28.58 3.92 -83.28
CA VAL A 307 -27.39 3.08 -83.17
C VAL A 307 -27.41 1.98 -84.24
N SER A 308 -28.60 1.52 -84.64
CA SER A 308 -28.69 0.55 -85.72
C SER A 308 -28.31 1.18 -87.05
N ARG A 309 -28.76 2.41 -87.29
CA ARG A 309 -28.34 3.12 -88.50
C ARG A 309 -26.83 3.33 -88.52
N LEU A 310 -26.24 3.61 -87.36
CA LEU A 310 -24.80 3.78 -87.28
C LEU A 310 -24.06 2.47 -87.55
N LEU A 311 -24.57 1.36 -87.00
CA LEU A 311 -23.96 0.06 -87.28
C LEU A 311 -24.14 -0.34 -88.75
N PHE A 312 -25.19 0.16 -89.39
CA PHE A 312 -25.46 -0.21 -90.78
C PHE A 312 -24.65 0.64 -91.77
N LYS A 313 -25.00 1.91 -91.90
CA LYS A 313 -24.45 2.77 -92.95
C LYS A 313 -23.59 3.89 -92.38
N HIS A 314 -22.77 3.59 -91.38
CA HIS A 314 -21.87 4.60 -90.79
C HIS A 314 -20.59 3.90 -90.33
N PRO A 315 -19.63 3.71 -91.23
CA PRO A 315 -18.34 3.14 -90.82
C PRO A 315 -17.49 4.14 -90.06
N THR A 316 -17.57 5.41 -90.45
CA THR A 316 -16.86 6.50 -89.79
C THR A 316 -17.84 7.61 -89.49
N VAL A 317 -17.91 8.03 -88.24
CA VAL A 317 -18.88 9.01 -87.77
C VAL A 317 -18.17 10.33 -87.50
N LYS A 318 -18.77 11.42 -87.98
CA LYS A 318 -18.30 12.78 -87.75
C LYS A 318 -19.25 13.48 -86.77
N PRO A 319 -18.71 14.31 -85.86
CA PRO A 319 -19.58 14.94 -84.85
C PRO A 319 -20.75 15.73 -85.44
N THR A 320 -20.47 16.63 -86.39
CA THR A 320 -21.55 17.37 -87.04
C THR A 320 -22.47 16.42 -87.80
N GLU A 321 -21.89 15.45 -88.51
CA GLU A 321 -22.71 14.45 -89.20
C GLU A 321 -23.48 13.60 -88.20
N LEU A 322 -22.88 13.31 -87.05
CA LEU A 322 -23.58 12.55 -86.03
C LEU A 322 -24.82 13.30 -85.53
N HIS A 323 -24.66 14.60 -85.24
CA HIS A 323 -25.80 15.40 -84.80
C HIS A 323 -26.85 15.51 -85.89
N PHE A 324 -26.41 15.66 -87.15
CA PHE A 324 -27.35 15.75 -88.26
C PHE A 324 -28.19 14.48 -88.38
N TYR A 325 -27.52 13.32 -88.37
CA TYR A 325 -28.24 12.06 -88.43
C TYR A 325 -29.12 11.84 -87.21
N ALA A 326 -28.68 12.34 -86.04
CA ALA A 326 -29.49 12.22 -84.84
C ALA A 326 -30.80 12.99 -84.97
N GLN A 327 -30.72 14.25 -85.42
CA GLN A 327 -31.95 15.01 -85.58
C GLN A 327 -32.80 14.47 -86.73
N SER A 328 -32.17 13.89 -87.76
CA SER A 328 -32.94 13.28 -88.83
C SER A 328 -33.71 12.06 -88.33
N SER A 329 -33.06 11.22 -87.52
CA SER A 329 -33.76 10.07 -86.94
C SER A 329 -34.86 10.52 -85.98
N LEU A 330 -34.60 11.59 -85.21
CA LEU A 330 -35.64 12.11 -84.32
C LEU A 330 -36.84 12.60 -85.11
N ASP A 331 -36.61 13.30 -86.22
CA ASP A 331 -37.71 13.79 -87.04
C ASP A 331 -38.48 12.63 -87.68
N MET A 332 -37.75 11.63 -88.20
CA MET A 332 -38.42 10.50 -88.84
C MET A 332 -39.15 9.62 -87.83
N PHE A 333 -38.75 9.67 -86.56
CA PHE A 333 -39.50 8.94 -85.53
C PHE A 333 -40.71 9.72 -85.05
N LEU A 334 -40.58 11.05 -84.95
CA LEU A 334 -41.73 11.87 -84.55
C LEU A 334 -42.78 11.93 -85.65
N ALA A 335 -42.37 11.78 -86.92
CA ALA A 335 -43.34 11.76 -88.00
C ALA A 335 -44.21 10.50 -87.98
N GLY A 336 -43.76 9.44 -87.31
CA GLY A 336 -44.54 8.23 -87.20
C GLY A 336 -45.24 8.10 -85.87
N ASP A 337 -44.63 8.62 -84.81
CA ASP A 337 -45.21 8.56 -83.48
C ASP A 337 -44.62 9.68 -82.64
N SER A 338 -45.50 10.51 -82.07
CA SER A 338 -45.04 11.63 -81.24
C SER A 338 -44.49 11.12 -79.91
N CYS A 339 -43.71 11.98 -79.26
CA CYS A 339 -43.11 11.65 -77.96
C CYS A 339 -42.93 12.92 -77.17
N PRO A 340 -43.88 13.24 -76.29
CA PRO A 340 -43.77 14.46 -75.46
C PRO A 340 -42.90 14.25 -74.22
N GLU A 341 -41.60 14.07 -74.47
CA GLU A 341 -40.62 13.85 -73.42
C GLU A 341 -39.39 14.69 -73.67
N PRO A 342 -38.72 15.14 -72.62
CA PRO A 342 -37.49 15.94 -72.78
C PRO A 342 -36.21 15.13 -72.85
N LEU A 343 -36.28 13.80 -72.76
CA LEU A 343 -35.07 12.98 -72.79
C LEU A 343 -34.40 13.05 -74.15
N ASP A 344 -35.18 13.05 -75.24
CA ASP A 344 -34.60 13.14 -76.57
C ASP A 344 -33.91 14.49 -76.77
N ASN A 345 -34.52 15.58 -76.27
CA ASN A 345 -33.88 16.89 -76.37
C ASN A 345 -32.61 16.96 -75.53
N ILE A 346 -32.62 16.34 -74.34
CA ILE A 346 -31.43 16.31 -73.51
C ILE A 346 -30.31 15.55 -74.20
N LEU A 347 -30.65 14.42 -74.84
CA LEU A 347 -29.63 13.65 -75.55
C LEU A 347 -29.12 14.39 -76.77
N LEU A 348 -30.00 15.12 -77.46
CA LEU A 348 -29.57 15.92 -78.60
C LEU A 348 -28.63 17.03 -78.16
N ALA A 349 -28.92 17.66 -77.02
CA ALA A 349 -28.02 18.67 -76.48
C ALA A 349 -26.67 18.07 -76.09
N ALA A 350 -26.70 16.90 -75.44
CA ALA A 350 -25.44 16.23 -75.08
C ALA A 350 -24.64 15.87 -76.32
N PHE A 351 -25.31 15.52 -77.41
CA PHE A 351 -24.61 15.27 -78.67
C PHE A 351 -24.00 16.55 -79.22
N GLU A 352 -24.78 17.64 -79.22
CA GLU A 352 -24.32 18.95 -79.67
C GLU A 352 -23.44 19.65 -78.64
N PHE A 353 -22.99 18.93 -77.60
CA PHE A 353 -22.03 19.42 -76.62
C PHE A 353 -22.64 20.49 -75.74
N ASP A 354 -21.89 21.57 -75.48
CA ASP A 354 -22.30 22.61 -74.54
C ASP A 354 -22.60 21.99 -73.19
N ILE A 355 -21.56 21.64 -72.44
CA ILE A 355 -21.75 20.96 -71.15
C ILE A 355 -22.49 21.86 -70.18
N HIS A 356 -22.17 23.16 -70.17
CA HIS A 356 -22.85 24.08 -69.28
C HIS A 356 -24.34 24.19 -69.64
N GLN A 357 -24.66 24.24 -70.92
CA GLN A 357 -26.06 24.30 -71.33
C GLN A 357 -26.80 23.02 -70.98
N VAL A 358 -26.14 21.87 -71.13
CA VAL A 358 -26.77 20.61 -70.76
C VAL A 358 -27.01 20.56 -69.26
N ILE A 359 -26.05 21.05 -68.47
CA ILE A 359 -26.21 21.09 -67.02
C ILE A 359 -27.37 21.99 -66.64
N LYS A 360 -27.48 23.16 -67.28
CA LYS A 360 -28.57 24.07 -66.99
C LYS A 360 -29.91 23.46 -67.34
N GLU A 361 -29.99 22.77 -68.49
CA GLU A 361 -31.24 22.13 -68.89
C GLU A 361 -31.62 21.03 -67.91
N PHE A 362 -30.65 20.21 -67.50
CA PHE A 362 -30.95 19.16 -66.53
C PHE A 362 -31.35 19.74 -65.18
N SER A 363 -30.78 20.88 -64.81
CA SER A 363 -31.14 21.50 -63.53
C SER A 363 -32.55 22.08 -63.57
N ILE A 364 -32.92 22.71 -64.69
CA ILE A 364 -34.27 23.26 -64.79
C ILE A 364 -35.32 22.19 -65.04
N VAL A 365 -34.90 21.00 -65.49
CA VAL A 365 -35.85 19.89 -65.64
C VAL A 365 -36.02 19.14 -64.31
N SER A 366 -34.93 18.58 -63.80
CA SER A 366 -34.95 17.87 -62.52
C SER A 366 -33.59 18.08 -61.86
N SER A 367 -33.56 18.90 -60.81
CA SER A 367 -32.30 19.28 -60.19
C SER A 367 -31.60 18.07 -59.56
N ASN A 368 -30.28 18.01 -59.76
CA ASN A 368 -29.46 16.95 -59.17
C ASN A 368 -28.04 17.50 -59.08
N TRP A 369 -27.68 18.01 -57.89
CA TRP A 369 -26.39 18.67 -57.72
C TRP A 369 -25.22 17.68 -57.64
N TRP A 370 -25.48 16.47 -57.14
CA TRP A 370 -24.39 15.52 -56.91
C TRP A 370 -23.68 15.15 -58.22
N PHE A 371 -24.46 14.71 -59.22
CA PHE A 371 -23.86 14.26 -60.48
C PHE A 371 -23.20 15.42 -61.22
N VAL A 372 -23.83 16.59 -61.22
CA VAL A 372 -23.26 17.71 -61.97
C VAL A 372 -21.98 18.20 -61.29
N ALA A 373 -21.92 18.18 -59.96
CA ALA A 373 -20.69 18.55 -59.28
C ALA A 373 -19.59 17.54 -59.54
N HIS A 374 -19.93 16.25 -59.54
CA HIS A 374 -18.93 15.23 -59.82
C HIS A 374 -18.39 15.36 -61.25
N LEU A 375 -19.26 15.58 -62.23
CA LEU A 375 -18.79 15.71 -63.60
C LEU A 375 -17.99 17.00 -63.79
N THR A 376 -18.38 18.08 -63.09
CA THR A 376 -17.61 19.32 -63.18
C THR A 376 -16.21 19.11 -62.61
N ASP A 377 -16.10 18.45 -61.45
CA ASP A 377 -14.79 18.17 -60.87
C ASP A 377 -13.98 17.26 -61.78
N LEU A 378 -14.63 16.28 -62.42
CA LEU A 378 -13.93 15.38 -63.32
C LEU A 378 -13.38 16.12 -64.53
N LEU A 379 -14.18 16.98 -65.14
CA LEU A 379 -13.70 17.73 -66.30
C LEU A 379 -12.71 18.82 -65.92
N ASP A 380 -12.72 19.28 -64.66
CA ASP A 380 -11.75 20.28 -64.24
C ASP A 380 -10.41 19.67 -63.83
N HIS A 381 -10.42 18.43 -63.32
CA HIS A 381 -9.19 17.78 -62.92
C HIS A 381 -8.33 17.34 -64.09
N CYS A 382 -8.87 17.33 -65.32
CA CYS A 382 -8.11 16.92 -66.49
C CYS A 382 -7.16 18.00 -66.99
N GLN A 383 -7.09 19.15 -66.32
CA GLN A 383 -6.21 20.26 -66.71
C GLN A 383 -6.47 20.73 -68.13
N LEU A 384 -7.74 20.68 -68.56
CA LEU A 384 -8.14 21.12 -69.89
C LEU A 384 -9.34 22.05 -69.76
N PHE A 385 -9.22 23.24 -70.34
CA PHE A 385 -10.27 24.25 -70.29
C PHE A 385 -10.51 24.80 -71.69
N GLN A 386 -11.79 24.88 -72.07
CA GLN A 386 -12.18 25.40 -73.37
C GLN A 386 -13.15 26.56 -73.19
N ALA A 387 -13.28 27.37 -74.24
CA ALA A 387 -14.12 28.56 -74.20
C ALA A 387 -15.57 28.24 -74.55
N HIS A 388 -16.12 27.19 -73.94
CA HIS A 388 -17.51 26.81 -74.17
C HIS A 388 -18.04 25.98 -73.01
N ASN A 389 -17.21 25.79 -71.98
CA ASN A 389 -17.60 25.03 -70.80
C ASN A 389 -17.38 25.80 -69.50
N LEU A 390 -17.15 27.10 -69.57
CA LEU A 390 -16.93 27.88 -68.37
C LEU A 390 -18.25 28.09 -67.62
N TYR A 391 -18.17 28.04 -66.30
CA TYR A 391 -19.36 28.22 -65.48
C TYR A 391 -19.83 29.68 -65.51
N PHE A 392 -21.14 29.86 -65.54
CA PHE A 392 -21.75 31.18 -65.59
C PHE A 392 -22.74 31.32 -64.44
N GLY A 393 -22.94 32.57 -64.01
CA GLY A 393 -23.85 32.85 -62.92
C GLY A 393 -23.26 32.55 -61.55
N ALA A 394 -22.65 33.56 -60.94
CA ALA A 394 -22.03 33.44 -59.61
C ALA A 394 -20.96 32.35 -59.69
N ASN A 395 -20.78 31.54 -58.65
CA ASN A 395 -19.80 30.46 -58.64
C ASN A 395 -20.55 29.13 -58.57
N MET A 396 -20.59 28.42 -59.70
CA MET A 396 -21.31 27.15 -59.75
C MET A 396 -20.68 26.11 -58.83
N ARG A 397 -19.35 26.09 -58.75
CA ARG A 397 -18.67 25.14 -57.87
C ARG A 397 -19.03 25.39 -56.41
N GLU A 398 -18.98 26.65 -55.98
CA GLU A 398 -19.32 26.98 -54.60
C GLU A 398 -20.80 26.71 -54.33
N PHE A 399 -21.66 26.98 -55.30
CA PHE A 399 -23.09 26.71 -55.11
C PHE A 399 -23.35 25.22 -54.94
N LEU A 400 -22.72 24.40 -55.77
CA LEU A 400 -22.90 22.95 -55.65
C LEU A 400 -22.29 22.43 -54.36
N LEU A 401 -21.16 23.00 -53.92
CA LEU A 401 -20.58 22.60 -52.65
C LEU A 401 -21.50 22.95 -51.48
N LEU A 402 -22.10 24.13 -51.51
CA LEU A 402 -23.03 24.52 -50.46
C LEU A 402 -24.26 23.63 -50.46
N ASP A 403 -24.76 23.28 -51.65
CA ASP A 403 -25.91 22.39 -51.73
C ASP A 403 -25.58 21.00 -51.18
N TYR A 404 -24.41 20.47 -51.53
CA TYR A 404 -24.00 19.16 -51.02
C TYR A 404 -23.78 19.20 -49.51
N ALA A 405 -23.32 20.34 -48.98
CA ALA A 405 -23.14 20.46 -47.53
C ALA A 405 -24.49 20.53 -46.82
N SER A 406 -25.43 21.29 -47.38
CA SER A 406 -26.76 21.40 -46.77
C SER A 406 -27.51 20.08 -46.84
N GLY A 407 -27.31 19.30 -47.91
CA GLY A 407 -27.98 18.01 -48.02
C GLY A 407 -27.60 17.06 -46.90
N LEU A 408 -26.41 17.22 -46.34
CA LEU A 408 -25.98 16.42 -45.20
C LEU A 408 -26.31 17.10 -43.87
N PHE A 409 -26.22 18.42 -43.82
CA PHE A 409 -26.52 19.15 -42.58
C PHE A 409 -28.00 19.11 -42.24
N SER A 410 -28.87 18.84 -43.21
CA SER A 410 -30.30 18.78 -42.95
C SER A 410 -30.72 17.57 -42.13
N HIS A 411 -29.79 16.69 -41.76
CA HIS A 411 -30.12 15.50 -40.98
C HIS A 411 -29.11 15.33 -39.86
N HIS A 412 -29.43 14.44 -38.93
CA HIS A 412 -28.57 14.16 -37.79
C HIS A 412 -27.64 12.98 -38.11
N SER A 413 -26.44 13.04 -37.54
CA SER A 413 -25.42 12.00 -37.67
C SER A 413 -24.87 11.90 -39.09
N LEU A 414 -25.73 12.02 -40.10
CA LEU A 414 -25.30 11.97 -41.48
C LEU A 414 -24.54 13.22 -41.91
N TRP A 415 -24.41 14.23 -41.04
CA TRP A 415 -23.67 15.43 -41.37
C TRP A 415 -22.21 15.30 -40.98
N GLN A 416 -21.69 14.07 -40.96
CA GLN A 416 -20.29 13.85 -40.63
C GLN A 416 -19.38 14.09 -41.82
N LEU A 417 -19.79 13.62 -43.01
CA LEU A 417 -19.01 13.79 -44.23
C LEU A 417 -19.23 15.14 -44.89
N GLY A 418 -19.54 16.18 -44.11
CA GLY A 418 -19.74 17.51 -44.67
C GLY A 418 -18.66 18.48 -44.27
N VAL A 419 -17.80 18.08 -43.33
CA VAL A 419 -16.73 18.95 -42.89
C VAL A 419 -15.61 19.01 -43.91
N ASP A 420 -15.39 17.93 -44.66
CA ASP A 420 -14.33 17.90 -45.66
C ASP A 420 -14.67 18.70 -46.90
N TYR A 421 -15.89 19.21 -47.03
CA TYR A 421 -16.25 20.03 -48.18
C TYR A 421 -15.51 21.36 -48.16
N PHE A 422 -15.36 21.95 -46.97
CA PHE A 422 -14.79 23.28 -46.82
C PHE A 422 -13.28 23.28 -46.66
N ASP A 423 -12.60 22.30 -47.24
CA ASP A 423 -11.14 22.25 -47.18
C ASP A 423 -10.48 23.06 -48.29
N TYR A 424 -11.25 23.56 -49.25
CA TYR A 424 -10.71 24.32 -50.37
C TYR A 424 -11.45 25.64 -50.61
N CYS A 425 -12.21 26.11 -49.62
CA CYS A 425 -12.98 27.35 -49.77
C CYS A 425 -12.12 28.55 -49.36
N PRO A 426 -12.26 29.68 -50.05
CA PRO A 426 -11.46 30.88 -49.72
C PRO A 426 -11.99 31.62 -48.49
N ASN A 427 -11.80 30.97 -47.32
CA ASN A 427 -12.20 31.55 -46.03
C ASN A 427 -13.69 31.89 -46.00
N LEU A 428 -14.51 30.94 -46.45
CA LEU A 428 -15.96 31.11 -46.43
C LEU A 428 -16.62 29.85 -45.90
N GLY A 429 -16.01 28.69 -46.18
CA GLY A 429 -16.56 27.44 -45.69
C GLY A 429 -16.55 27.33 -44.18
N ARG A 430 -15.55 27.94 -43.53
CA ARG A 430 -15.51 27.94 -42.07
C ARG A 430 -16.73 28.67 -41.49
N GLU A 431 -17.04 29.85 -42.02
CA GLU A 431 -18.22 30.58 -41.56
C GLU A 431 -19.51 29.85 -41.94
N TYR A 432 -19.53 29.20 -43.10
CA TYR A 432 -20.72 28.45 -43.50
C TYR A 432 -20.98 27.28 -42.55
N LEU A 433 -19.91 26.61 -42.10
CA LEU A 433 -20.07 25.52 -41.15
C LEU A 433 -20.40 26.05 -39.76
N LYS A 434 -19.87 27.22 -39.39
CA LYS A 434 -20.20 27.82 -38.10
C LYS A 434 -21.67 28.19 -38.04
N LEU A 435 -22.20 28.78 -39.11
CA LEU A 435 -23.61 29.18 -39.14
C LEU A 435 -24.54 27.98 -39.00
N HIS A 436 -24.06 26.77 -39.26
CA HIS A 436 -24.85 25.56 -39.09
C HIS A 436 -24.62 24.85 -37.77
N MET A 437 -23.41 24.92 -37.23
CA MET A 437 -23.06 24.19 -36.02
C MET A 437 -23.12 25.04 -34.75
N GLU A 438 -23.41 26.34 -34.87
CA GLU A 438 -23.55 27.19 -33.70
C GLU A 438 -24.97 27.20 -33.14
N ARG A 439 -25.89 26.43 -33.72
CA ARG A 439 -27.26 26.37 -33.25
C ARG A 439 -27.67 25.00 -32.75
N ILE A 440 -27.03 23.93 -33.21
CA ILE A 440 -27.36 22.58 -32.78
C ILE A 440 -26.38 22.16 -31.69
N PRO A 441 -26.79 21.35 -30.72
CA PRO A 441 -25.86 20.92 -29.67
C PRO A 441 -24.87 19.89 -30.18
N LEU A 442 -23.83 19.66 -29.38
CA LEU A 442 -22.77 18.71 -29.71
C LEU A 442 -22.55 17.81 -28.50
N SER A 443 -23.13 16.61 -28.54
CA SER A 443 -23.00 15.65 -27.45
C SER A 443 -22.23 14.40 -27.86
N THR A 444 -21.53 14.44 -29.00
CA THR A 444 -20.77 13.30 -29.48
C THR A 444 -19.34 13.40 -28.96
N GLU A 445 -18.41 12.65 -29.56
CA GLU A 445 -17.03 12.67 -29.12
C GLU A 445 -16.08 12.88 -30.30
N LYS A 446 -16.06 11.91 -31.22
CA LYS A 446 -15.17 12.01 -32.38
C LYS A 446 -15.55 13.17 -33.29
N LYS A 447 -16.85 13.45 -33.42
CA LYS A 447 -17.30 14.56 -34.25
C LYS A 447 -16.77 15.88 -33.72
N ALA A 448 -16.97 16.13 -32.41
CA ALA A 448 -16.45 17.36 -31.81
C ALA A 448 -14.93 17.40 -31.81
N LEU A 449 -14.28 16.25 -31.67
CA LEU A 449 -12.82 16.21 -31.74
C LEU A 449 -12.32 16.64 -33.11
N LYS A 450 -12.92 16.09 -34.17
CA LYS A 450 -12.52 16.48 -35.52
C LYS A 450 -12.86 17.94 -35.79
N ALA A 451 -13.98 18.43 -35.25
CA ALA A 451 -14.34 19.83 -35.41
C ALA A 451 -13.30 20.74 -34.77
N LEU A 452 -12.91 20.44 -33.52
CA LEU A 452 -11.89 21.23 -32.86
C LEU A 452 -10.55 21.12 -33.57
N ARG A 453 -10.22 19.96 -34.12
CA ARG A 453 -8.97 19.81 -34.85
C ARG A 453 -8.95 20.67 -36.10
N ILE A 454 -10.03 20.64 -36.89
CA ILE A 454 -10.06 21.45 -38.10
C ILE A 454 -10.12 22.93 -37.73
N CYS A 455 -10.71 23.28 -36.59
CA CYS A 455 -10.74 24.68 -36.16
C CYS A 455 -9.36 25.18 -35.78
N GLU A 456 -8.63 24.40 -34.98
CA GLU A 456 -7.26 24.77 -34.61
C GLU A 456 -6.31 24.70 -35.81
N GLN A 457 -6.67 23.94 -36.84
CA GLN A 457 -5.87 23.95 -38.06
C GLN A 457 -6.13 25.20 -38.90
N ARG A 458 -7.40 25.61 -39.00
CA ARG A 458 -7.76 26.82 -39.74
C ARG A 458 -7.48 28.09 -38.95
N GLN A 459 -7.12 27.98 -37.67
CA GLN A 459 -6.76 29.11 -36.81
C GLN A 459 -7.95 30.07 -36.65
N MET A 460 -8.94 29.57 -35.93
CA MET A 460 -10.14 30.34 -35.62
C MET A 460 -10.73 29.79 -34.33
N THR A 461 -10.75 30.59 -33.28
CA THR A 461 -11.16 30.13 -31.96
C THR A 461 -12.37 30.85 -31.39
N GLU A 462 -13.09 31.63 -32.22
CA GLU A 462 -14.27 32.33 -31.72
C GLU A 462 -15.35 31.34 -31.28
N GLN A 463 -15.87 30.53 -32.22
CA GLN A 463 -16.85 29.54 -31.87
C GLN A 463 -16.26 28.46 -30.97
N VAL A 464 -14.94 28.24 -31.04
CA VAL A 464 -14.29 27.30 -30.13
C VAL A 464 -14.47 27.74 -28.69
N ARG A 465 -14.16 29.01 -28.40
CA ARG A 465 -14.37 29.53 -27.06
C ARG A 465 -15.84 29.65 -26.72
N SER A 466 -16.69 29.91 -27.72
CA SER A 466 -18.13 29.98 -27.47
C SER A 466 -18.68 28.63 -26.99
N ILE A 467 -18.16 27.53 -27.54
CA ILE A 467 -18.58 26.21 -27.09
C ILE A 467 -17.86 25.82 -25.80
N CYS A 468 -16.62 26.27 -25.61
CA CYS A 468 -15.88 25.95 -24.41
C CYS A 468 -16.51 26.59 -23.18
N LYS A 469 -16.99 27.83 -23.31
CA LYS A 469 -17.66 28.47 -22.18
C LYS A 469 -18.97 27.79 -21.84
N THR A 470 -19.70 27.29 -22.86
CA THR A 470 -20.92 26.53 -22.59
C THR A 470 -20.60 25.23 -21.88
N MET A 471 -19.54 24.53 -22.31
CA MET A 471 -19.14 23.32 -21.61
C MET A 471 -18.71 23.61 -20.18
N ALA A 472 -18.03 24.74 -19.97
CA ALA A 472 -17.59 25.12 -18.63
C ALA A 472 -18.78 25.42 -17.73
N MET A 473 -19.79 26.14 -18.24
CA MET A 473 -20.96 26.42 -17.43
C MET A 473 -21.79 25.16 -17.18
N GLN A 474 -21.82 24.23 -18.14
CA GLN A 474 -22.51 22.96 -17.91
C GLN A 474 -21.79 22.13 -16.85
N SER A 475 -20.46 22.19 -16.83
CA SER A 475 -19.71 21.50 -15.78
C SER A 475 -19.90 22.17 -14.43
N LEU A 476 -19.97 23.50 -14.40
CA LEU A 476 -20.18 24.21 -13.15
C LEU A 476 -21.58 23.97 -12.61
N CYS A 477 -22.56 23.72 -13.50
CA CYS A 477 -23.90 23.37 -13.03
C CYS A 477 -23.90 22.10 -12.19
N ASN A 478 -23.00 21.17 -12.48
CA ASN A 478 -22.82 19.96 -11.69
C ASN A 478 -21.65 20.06 -10.71
N ARG A 479 -20.95 21.21 -10.69
CA ARG A 479 -19.84 21.45 -9.78
C ARG A 479 -18.68 20.49 -10.05
N ARG A 480 -18.18 20.53 -11.28
CA ARG A 480 -17.05 19.71 -11.68
C ARG A 480 -15.74 20.34 -11.22
N LEU A 481 -14.63 19.68 -11.54
CA LEU A 481 -13.31 20.18 -11.14
C LEU A 481 -12.31 20.02 -12.27
N GLY A 482 -11.92 18.79 -12.56
CA GLY A 482 -10.92 18.55 -13.60
C GLY A 482 -11.39 18.95 -14.98
N SER A 483 -12.64 18.59 -15.32
CA SER A 483 -13.18 18.97 -16.62
C SER A 483 -13.31 20.48 -16.74
N ALA A 484 -13.75 21.15 -15.67
CA ALA A 484 -13.85 22.61 -15.69
C ALA A 484 -12.48 23.26 -15.86
N LEU A 485 -11.46 22.72 -15.17
CA LEU A 485 -10.12 23.26 -15.33
C LEU A 485 -9.58 23.05 -16.73
N SER A 486 -9.84 21.88 -17.31
CA SER A 486 -9.40 21.62 -18.68
C SER A 486 -10.09 22.55 -19.68
N TRP A 487 -11.39 22.76 -19.49
CA TRP A 487 -12.12 23.67 -20.39
C TRP A 487 -11.63 25.11 -20.23
N SER A 488 -11.34 25.53 -19.00
CA SER A 488 -10.80 26.88 -18.79
C SER A 488 -9.43 27.03 -19.43
N ILE A 489 -8.60 25.98 -19.35
CA ILE A 489 -7.28 26.01 -19.98
C ILE A 489 -7.43 26.11 -21.49
N ARG A 490 -8.35 25.34 -22.06
CA ARG A 490 -8.52 25.35 -23.51
C ARG A 490 -9.15 26.64 -24.02
N ALA A 491 -9.94 27.31 -23.17
CA ALA A 491 -10.65 28.51 -23.60
C ALA A 491 -9.89 29.80 -23.33
N LYS A 492 -9.02 29.83 -22.32
CA LYS A 492 -8.30 31.03 -21.93
C LYS A 492 -9.27 32.18 -21.61
N ASP A 493 -10.31 31.86 -20.84
CA ASP A 493 -11.34 32.82 -20.50
C ASP A 493 -10.90 33.64 -19.28
N ALA A 494 -11.85 34.37 -18.69
CA ALA A 494 -11.55 35.20 -17.53
C ALA A 494 -12.76 35.31 -16.61
N ALA A 495 -13.92 35.65 -17.18
CA ALA A 495 -15.13 35.79 -16.38
C ALA A 495 -15.55 34.44 -15.77
N PHE A 496 -15.54 33.39 -16.57
CA PHE A 496 -15.88 32.06 -16.06
C PHE A 496 -14.84 31.57 -15.06
N ALA A 497 -13.57 31.91 -15.27
CA ALA A 497 -12.54 31.54 -14.30
C ALA A 497 -12.78 32.24 -12.97
N THR A 498 -13.11 33.54 -12.99
CA THR A 498 -13.44 34.24 -11.76
C THR A 498 -14.67 33.65 -11.10
N LEU A 499 -15.67 33.25 -11.91
CA LEU A 499 -16.88 32.68 -11.35
C LEU A 499 -16.60 31.35 -10.65
N ILE A 500 -15.82 30.48 -11.29
CA ILE A 500 -15.53 29.20 -10.67
C ILE A 500 -14.60 29.37 -9.46
N SER A 501 -13.73 30.38 -9.49
CA SER A 501 -12.90 30.66 -8.32
C SER A 501 -13.75 31.13 -7.14
N ASP A 502 -14.71 32.02 -7.41
CA ASP A 502 -15.60 32.47 -6.34
C ASP A 502 -16.45 31.32 -5.82
N ARG A 503 -16.88 30.42 -6.72
CA ARG A 503 -17.65 29.26 -6.28
C ARG A 503 -16.82 28.34 -5.39
N PHE A 504 -15.56 28.11 -5.77
CA PHE A 504 -14.68 27.29 -4.94
C PHE A 504 -14.42 27.94 -3.59
N LEU A 505 -14.25 29.27 -3.58
CA LEU A 505 -14.05 29.97 -2.31
C LEU A 505 -15.27 29.88 -1.42
N LYS A 506 -16.47 30.01 -2.01
CA LYS A 506 -17.69 29.89 -1.22
C LYS A 506 -17.86 28.48 -0.68
N GLU A 507 -17.53 27.47 -1.49
CA GLU A 507 -17.60 26.09 -1.02
C GLU A 507 -16.62 25.84 0.11
N TYR A 508 -15.41 26.39 0.01
CA TYR A 508 -14.43 26.24 1.08
C TYR A 508 -14.90 26.94 2.35
N CYS A 509 -15.49 28.13 2.22
CA CYS A 509 -16.01 28.83 3.39
C CYS A 509 -17.17 28.08 4.03
N GLU A 510 -18.00 27.41 3.21
CA GLU A 510 -19.13 26.67 3.76
C GLU A 510 -18.68 25.38 4.44
N ARG A 511 -17.66 24.73 3.88
CA ARG A 511 -17.17 23.46 4.43
C ARG A 511 -16.13 23.64 5.53
N GLY A 512 -15.63 24.85 5.73
CA GLY A 512 -14.60 25.09 6.74
C GLY A 512 -13.18 24.89 6.25
N ASN A 513 -12.93 23.77 5.57
CA ASN A 513 -11.62 23.50 5.00
C ASN A 513 -11.76 23.01 3.57
N PHE A 514 -10.64 22.68 2.93
CA PHE A 514 -10.63 22.20 1.56
C PHE A 514 -9.97 20.83 1.50
N THR A 515 -10.62 19.89 0.81
CA THR A 515 -10.10 18.55 0.67
C THR A 515 -9.82 18.14 -0.77
N ASP A 516 -10.33 18.87 -1.75
CA ASP A 516 -10.10 18.56 -3.16
C ASP A 516 -8.97 19.40 -3.74
N LEU A 517 -7.87 19.51 -2.98
CA LEU A 517 -6.72 20.29 -3.41
C LEU A 517 -5.90 19.61 -4.50
N ASP A 518 -6.07 18.30 -4.68
CA ASP A 518 -5.34 17.55 -5.69
C ASP A 518 -6.14 17.34 -6.97
N LEU A 519 -7.43 17.64 -6.98
CA LEU A 519 -8.24 17.46 -8.17
C LEU A 519 -8.04 18.57 -9.19
N ILE A 520 -7.60 19.75 -8.77
CA ILE A 520 -7.37 20.88 -9.66
C ILE A 520 -5.89 21.21 -9.77
N ASP A 521 -5.02 20.34 -9.29
CA ASP A 521 -3.58 20.54 -9.35
C ASP A 521 -2.92 19.72 -10.45
N ASN A 522 -3.68 19.30 -11.46
CA ASN A 522 -3.14 18.50 -12.56
C ASN A 522 -2.75 19.35 -13.76
N LEU A 523 -3.33 20.54 -13.91
CA LEU A 523 -3.04 21.44 -15.04
C LEU A 523 -2.75 22.83 -14.46
N GLY A 524 -1.51 23.02 -14.00
CA GLY A 524 -1.13 24.30 -13.43
C GLY A 524 0.24 24.23 -12.78
N SER A 525 0.39 24.99 -11.69
CA SER A 525 1.62 25.07 -10.91
C SER A 525 2.81 25.57 -11.73
N ALA A 526 2.54 26.22 -12.86
CA ALA A 526 3.59 26.75 -13.72
C ALA A 526 3.04 27.79 -14.67
N MET A 527 2.04 27.41 -15.47
CA MET A 527 1.41 28.32 -16.41
C MET A 527 0.53 29.30 -15.64
N LEU A 528 1.00 30.54 -15.53
CA LEU A 528 0.28 31.58 -14.80
C LEU A 528 -0.91 32.03 -15.65
N LEU A 529 -2.09 31.48 -15.35
CA LEU A 529 -3.30 31.86 -16.08
C LEU A 529 -3.73 33.28 -15.71
N SER A 530 -3.96 33.52 -14.43
CA SER A 530 -4.38 34.83 -13.95
C SER A 530 -3.95 34.99 -12.51
N ASP A 531 -4.12 36.22 -12.00
CA ASP A 531 -3.69 36.52 -10.64
C ASP A 531 -4.48 35.72 -9.61
N ARG A 532 -5.81 35.74 -9.73
CA ARG A 532 -6.64 35.04 -8.75
C ARG A 532 -6.45 33.53 -8.83
N LEU A 533 -6.25 33.00 -10.04
CA LEU A 533 -6.00 31.57 -10.18
C LEU A 533 -4.66 31.18 -9.57
N THR A 534 -3.64 32.01 -9.80
CA THR A 534 -2.34 31.76 -9.18
C THR A 534 -2.43 31.82 -7.66
N PHE A 535 -3.23 32.76 -7.13
CA PHE A 535 -3.40 32.85 -5.68
C PHE A 535 -4.13 31.64 -5.13
N LEU A 536 -5.16 31.17 -5.84
CA LEU A 536 -5.86 29.96 -5.41
C LEU A 536 -4.94 28.76 -5.41
N GLY A 537 -4.10 28.62 -6.45
CA GLY A 537 -3.16 27.51 -6.50
C GLY A 537 -2.11 27.61 -5.40
N LYS A 538 -1.62 28.81 -5.12
CA LYS A 538 -0.62 28.97 -4.08
C LYS A 538 -1.22 28.73 -2.69
N TYR A 539 -2.51 29.02 -2.50
CA TYR A 539 -3.16 28.67 -1.24
C TYR A 539 -3.36 27.16 -1.13
N ARG A 540 -3.76 26.52 -2.24
CA ARG A 540 -3.94 25.08 -2.23
C ARG A 540 -2.63 24.35 -1.92
N GLU A 541 -1.50 24.90 -2.39
CA GLU A 541 -0.22 24.28 -2.06
C GLU A 541 0.26 24.70 -0.67
N PHE A 542 -0.10 25.91 -0.22
CA PHE A 542 0.23 26.33 1.14
C PHE A 542 -0.46 25.45 2.17
N HIS A 543 -1.61 24.88 1.82
CA HIS A 543 -2.26 23.89 2.67
C HIS A 543 -1.27 22.79 3.05
N ARG A 544 -0.74 22.09 2.05
CA ARG A 544 0.22 21.02 2.32
C ARG A 544 1.52 21.58 2.91
N MET A 545 1.88 22.81 2.53
CA MET A 545 3.11 23.40 3.04
C MET A 545 3.06 23.56 4.56
N TYR A 546 2.00 24.18 5.08
CA TYR A 546 1.87 24.29 6.53
C TYR A 546 1.43 22.99 7.17
N SER A 547 0.95 22.03 6.38
CA SER A 547 0.72 20.69 6.91
C SER A 547 2.04 20.01 7.26
N GLN A 548 3.03 20.09 6.37
CA GLN A 548 4.34 19.53 6.66
C GLN A 548 5.19 20.43 7.55
N GLU A 549 4.83 21.72 7.66
CA GLU A 549 5.47 22.67 8.57
C GLU A 549 6.92 22.93 8.22
N GLN A 550 7.18 24.06 7.58
CA GLN A 550 8.55 24.52 7.31
C GLN A 550 8.57 26.03 7.41
N PHE A 551 9.40 26.54 8.34
CA PHE A 551 9.30 27.95 8.73
C PHE A 551 9.66 28.89 7.58
N SER A 552 10.76 28.61 6.89
CA SER A 552 11.23 29.54 5.86
C SER A 552 10.24 29.66 4.71
N GLU A 553 9.86 28.53 4.11
CA GLU A 553 8.93 28.57 2.99
C GLU A 553 7.54 29.01 3.42
N ALA A 554 7.13 28.69 4.65
CA ALA A 554 5.85 29.17 5.14
C ALA A 554 5.84 30.68 5.26
N ALA A 555 6.92 31.26 5.81
CA ALA A 555 7.02 32.71 5.90
C ALA A 555 7.04 33.36 4.53
N SER A 556 7.79 32.78 3.59
CA SER A 556 7.84 33.33 2.25
C SER A 556 6.47 33.29 1.58
N LEU A 557 5.74 32.19 1.75
CA LEU A 557 4.45 32.05 1.07
C LEU A 557 3.39 32.94 1.73
N LEU A 558 3.45 33.11 3.05
CA LEU A 558 2.52 34.05 3.68
C LEU A 558 2.86 35.49 3.33
N LEU A 559 4.14 35.80 3.13
CA LEU A 559 4.50 37.13 2.63
C LEU A 559 3.94 37.35 1.23
N SER A 560 4.03 36.33 0.37
CA SER A 560 3.45 36.44 -0.96
C SER A 560 1.93 36.62 -0.88
N LEU A 561 1.27 35.89 0.04
CA LEU A 561 -0.16 36.03 0.21
C LEU A 561 -0.54 37.43 0.65
N MET A 562 0.23 38.00 1.59
CA MET A 562 -0.05 39.36 2.04
C MET A 562 0.22 40.39 0.95
N THR A 563 1.26 40.17 0.13
CA THR A 563 1.56 41.10 -0.95
C THR A 563 0.56 40.99 -2.09
N ALA A 564 -0.11 39.85 -2.21
CA ALA A 564 -1.13 39.67 -3.25
C ALA A 564 -2.23 40.73 -3.13
N ARG A 565 -2.81 40.87 -1.94
CA ARG A 565 -3.84 41.86 -1.64
C ARG A 565 -5.11 41.67 -2.49
N ILE A 566 -5.32 40.47 -3.02
CA ILE A 566 -6.54 40.16 -3.77
C ILE A 566 -7.26 38.99 -3.10
N ALA A 567 -7.78 39.23 -1.90
CA ALA A 567 -8.47 38.20 -1.14
C ALA A 567 -9.27 38.87 -0.03
N PRO A 568 -10.37 38.27 0.41
CA PRO A 568 -11.11 38.83 1.54
C PRO A 568 -10.30 38.78 2.83
N CYS A 569 -10.70 39.60 3.79
CA CYS A 569 -10.00 39.66 5.07
C CYS A 569 -10.27 38.43 5.93
N SER A 570 -11.31 37.66 5.63
CA SER A 570 -11.60 36.47 6.41
C SER A 570 -10.50 35.43 6.29
N PHE A 571 -9.88 35.33 5.11
CA PHE A 571 -8.77 34.39 4.95
C PHE A 571 -7.51 34.91 5.63
N TRP A 572 -7.24 36.20 5.53
CA TRP A 572 -6.05 36.78 6.16
C TRP A 572 -6.15 36.71 7.68
N LEU A 573 -7.35 36.81 8.24
CA LEU A 573 -7.51 36.66 9.68
C LEU A 573 -7.08 35.27 10.14
N THR A 574 -7.58 34.23 9.47
CA THR A 574 -7.18 32.87 9.83
C THR A 574 -5.70 32.64 9.55
N LEU A 575 -5.16 33.27 8.51
CA LEU A 575 -3.73 33.12 8.22
C LEU A 575 -2.88 33.71 9.35
N LEU A 576 -3.19 34.93 9.76
CA LEU A 576 -2.48 35.54 10.88
C LEU A 576 -2.74 34.80 12.19
N LEU A 577 -3.87 34.10 12.31
CA LEU A 577 -4.15 33.35 13.52
C LEU A 577 -3.30 32.08 13.59
N ASP A 578 -3.22 31.33 12.49
CA ASP A 578 -2.52 30.05 12.49
C ASP A 578 -1.06 30.15 12.09
N ALA A 579 -0.57 31.34 11.74
CA ALA A 579 0.85 31.53 11.47
C ALA A 579 1.65 31.95 12.70
N LEU A 580 1.03 31.94 13.88
CA LEU A 580 1.71 32.32 15.11
C LEU A 580 2.43 31.15 15.77
N PRO A 581 1.83 29.95 15.83
CA PRO A 581 2.60 28.80 16.36
C PRO A 581 3.84 28.48 15.53
N LEU A 582 3.81 28.76 14.23
CA LEU A 582 4.98 28.51 13.39
C LEU A 582 6.09 29.54 13.60
N LEU A 583 5.75 30.70 14.14
CA LEU A 583 6.73 31.76 14.39
C LEU A 583 7.10 31.88 15.86
N GLU A 584 6.41 31.16 16.75
CA GLU A 584 6.71 31.23 18.17
C GLU A 584 8.15 30.85 18.46
N GLN A 585 8.74 29.95 17.67
CA GLN A 585 10.12 29.57 17.86
C GLN A 585 11.05 30.72 17.47
N LYS A 586 12.21 30.77 18.12
CA LYS A 586 13.18 31.83 17.86
C LYS A 586 13.84 31.65 16.50
N GLN A 587 13.29 32.30 15.49
CA GLN A 587 13.81 32.22 14.13
C GLN A 587 14.30 33.60 13.68
N VAL A 588 14.92 33.61 12.49
CA VAL A 588 15.45 34.85 11.93
C VAL A 588 14.90 35.04 10.52
N ILE A 589 13.94 34.20 10.14
CA ILE A 589 13.34 34.29 8.81
C ILE A 589 12.44 35.52 8.77
N PHE A 590 12.79 36.48 7.90
CA PHE A 590 12.08 37.75 7.75
C PHE A 590 12.14 38.57 9.04
N SER A 591 12.88 39.68 9.00
CA SER A 591 13.13 40.46 10.19
C SER A 591 11.86 41.13 10.70
N ALA A 592 11.98 41.76 11.88
CA ALA A 592 10.87 42.46 12.48
C ALA A 592 10.35 43.57 11.58
N GLU A 593 11.24 44.20 10.81
CA GLU A 593 10.82 45.26 9.90
C GLU A 593 9.78 44.75 8.90
N GLN A 594 10.12 43.69 8.18
CA GLN A 594 9.20 43.14 7.18
C GLN A 594 7.98 42.51 7.84
N THR A 595 8.16 41.86 8.99
CA THR A 595 7.03 41.27 9.70
C THR A 595 6.01 42.33 10.07
N TYR A 596 6.46 43.44 10.66
CA TYR A 596 5.52 44.48 11.04
C TYR A 596 5.05 45.29 9.84
N GLU A 597 5.79 45.26 8.72
CA GLU A 597 5.26 45.83 7.48
C GLU A 597 4.04 45.05 7.01
N LEU A 598 4.14 43.72 7.02
CA LEU A 598 2.99 42.89 6.69
C LEU A 598 1.85 43.12 7.68
N MET A 599 2.18 43.26 8.97
CA MET A 599 1.16 43.50 9.98
C MET A 599 0.46 44.84 9.76
N ARG A 600 1.22 45.87 9.39
CA ARG A 600 0.63 47.19 9.14
C ARG A 600 -0.20 47.19 7.88
N CYS A 601 0.20 46.41 6.86
CA CYS A 601 -0.64 46.27 5.68
C CYS A 601 -1.95 45.58 6.03
N LEU A 602 -1.89 44.54 6.87
CA LEU A 602 -3.10 43.84 7.30
C LEU A 602 -4.02 44.77 8.07
N GLU A 603 -3.47 45.55 9.01
CA GLU A 603 -4.31 46.43 9.81
C GLU A 603 -4.85 47.59 8.99
N ASP A 604 -4.10 48.05 7.98
CA ASP A 604 -4.62 49.07 7.08
C ASP A 604 -5.77 48.54 6.24
N ARG A 605 -5.66 47.31 5.74
CA ARG A 605 -6.76 46.70 5.01
C ARG A 605 -7.97 46.51 5.93
N MET A 606 -7.74 46.14 7.19
CA MET A 606 -8.83 45.98 8.13
C MET A 606 -9.53 47.31 8.41
N ALA A 607 -8.76 48.39 8.57
CA ALA A 607 -9.35 49.71 8.78
C ALA A 607 -10.10 50.17 7.54
N ALA A 608 -9.60 49.85 6.35
CA ALA A 608 -10.31 50.18 5.13
C ALA A 608 -11.64 49.45 5.05
N LYS A 609 -11.65 48.16 5.41
CA LYS A 609 -12.90 47.41 5.43
C LYS A 609 -13.85 47.97 6.47
N LEU A 610 -13.33 48.40 7.62
CA LEU A 610 -14.17 49.03 8.64
C LEU A 610 -14.81 50.30 8.10
N GLU A 611 -14.03 51.16 7.44
CA GLU A 611 -14.56 52.40 6.92
C GLU A 611 -15.54 52.16 5.77
N SER A 612 -15.34 51.09 5.01
CA SER A 612 -16.23 50.77 3.90
C SER A 612 -17.54 50.19 4.42
N THR A 613 -17.49 48.96 4.94
CA THR A 613 -18.70 48.31 5.43
C THR A 613 -18.49 47.78 6.84
N SER A 614 -18.47 46.45 7.00
CA SER A 614 -18.31 45.83 8.30
C SER A 614 -17.54 44.53 8.13
N PRO A 615 -16.66 44.18 9.07
CA PRO A 615 -15.89 42.93 8.96
C PRO A 615 -16.71 41.70 9.36
N ASP A 616 -17.64 41.33 8.47
CA ASP A 616 -18.53 40.20 8.68
C ASP A 616 -19.34 40.35 9.97
N GLU A 617 -19.73 41.59 10.27
CA GLU A 617 -20.53 41.85 11.47
C GLU A 617 -21.96 41.37 11.31
N ILE A 618 -22.53 41.52 10.10
CA ILE A 618 -23.90 41.05 9.85
C ILE A 618 -23.98 39.56 9.64
N GLN A 619 -22.84 38.88 9.46
CA GLN A 619 -22.84 37.43 9.26
C GLN A 619 -22.63 36.67 10.56
N LYS A 620 -21.71 37.14 11.41
CA LYS A 620 -21.43 36.49 12.68
C LYS A 620 -21.20 37.56 13.74
N GLN A 621 -21.38 37.16 15.00
CA GLN A 621 -21.22 38.04 16.15
C GLN A 621 -19.94 37.73 16.92
N ASP A 622 -18.85 37.45 16.21
CA ASP A 622 -17.56 37.15 16.82
C ASP A 622 -16.53 38.23 16.53
N SER A 623 -16.96 39.45 16.24
CA SER A 623 -16.03 40.53 15.91
C SER A 623 -15.16 40.90 17.11
N SER A 624 -15.78 40.99 18.30
CA SER A 624 -15.01 41.32 19.50
C SER A 624 -14.02 40.22 19.84
N ILE A 625 -14.42 38.95 19.68
CA ILE A 625 -13.51 37.84 19.94
C ILE A 625 -12.35 37.86 18.96
N ASP A 626 -12.63 38.14 17.68
CA ASP A 626 -11.56 38.21 16.69
C ASP A 626 -10.62 39.37 16.97
N ASN A 627 -11.16 40.51 17.41
CA ASN A 627 -10.32 41.65 17.74
C ASN A 627 -9.43 41.35 18.94
N THR A 628 -9.98 40.71 19.98
CA THR A 628 -9.18 40.35 21.14
C THR A 628 -8.10 39.34 20.77
N LYS A 629 -8.43 38.38 19.91
CA LYS A 629 -7.43 37.41 19.46
C LYS A 629 -6.32 38.08 18.68
N VAL A 630 -6.68 39.01 17.78
CA VAL A 630 -5.68 39.73 17.01
C VAL A 630 -4.79 40.56 17.93
N GLU A 631 -5.39 41.18 18.95
CA GLU A 631 -4.63 41.99 19.89
C GLU A 631 -3.62 41.13 20.67
N MET A 632 -4.08 40.00 21.20
CA MET A 632 -3.17 39.16 21.97
C MET A 632 -2.09 38.54 21.08
N LEU A 633 -2.45 38.20 19.84
CA LEU A 633 -1.45 37.65 18.93
C LEU A 633 -0.41 38.68 18.54
N ARG A 634 -0.82 39.92 18.30
CA ARG A 634 0.14 40.97 17.98
C ARG A 634 0.98 41.33 19.19
N LEU A 635 0.43 41.21 20.40
CA LEU A 635 1.23 41.42 21.60
C LEU A 635 2.30 40.34 21.73
N ALA A 636 1.92 39.07 21.53
CA ALA A 636 2.89 38.00 21.57
C ALA A 636 3.94 38.16 20.47
N LEU A 637 3.53 38.62 19.29
CA LEU A 637 4.47 38.85 18.21
C LEU A 637 5.45 39.98 18.55
N ALA A 638 4.96 41.05 19.18
CA ALA A 638 5.84 42.12 19.60
C ALA A 638 6.83 41.64 20.66
N ARG A 639 6.36 40.82 21.60
CA ARG A 639 7.27 40.25 22.60
C ARG A 639 8.35 39.40 21.95
N ASN A 640 7.96 38.54 21.01
CA ASN A 640 8.92 37.68 20.33
C ASN A 640 9.92 38.50 19.52
N LEU A 641 9.43 39.55 18.85
CA LEU A 641 10.33 40.39 18.07
C LEU A 641 11.30 41.16 18.96
N ALA A 642 10.83 41.63 20.11
CA ALA A 642 11.73 42.30 21.05
C ALA A 642 12.79 41.34 21.57
N ARG A 643 12.39 40.11 21.90
CA ARG A 643 13.37 39.11 22.34
C ARG A 643 14.38 38.80 21.24
N ALA A 644 13.91 38.69 19.99
CA ALA A 644 14.81 38.41 18.88
C ALA A 644 15.78 39.56 18.65
N ILE A 645 15.30 40.80 18.78
CA ILE A 645 16.18 41.96 18.64
C ILE A 645 17.21 41.99 19.75
N VAL A 646 16.79 41.64 20.98
CA VAL A 646 17.74 41.61 22.09
C VAL A 646 18.82 40.56 21.84
N THR A 647 18.41 39.37 21.38
CA THR A 647 19.39 38.32 21.10
C THR A 647 20.32 38.72 19.96
N GLU A 648 19.79 39.36 18.91
CA GLU A 648 20.63 39.79 17.81
C GLU A 648 21.63 40.85 18.26
N GLY A 649 21.19 41.80 19.09
CA GLY A 649 22.11 42.80 19.61
C GLY A 649 23.18 42.20 20.49
N ALA A 650 22.80 41.23 21.34
CA ALA A 650 23.79 40.58 22.20
C ALA A 650 24.78 39.75 21.38
N LEU A 651 24.34 39.18 20.26
CA LEU A 651 25.25 38.41 19.42
C LEU A 651 26.16 39.31 18.60
N GLN A 652 25.66 40.47 18.18
CA GLN A 652 26.47 41.39 17.38
C GLN A 652 27.44 42.20 18.23
N GLU A 653 27.09 42.47 19.48
CA GLU A 653 27.95 43.24 20.36
C GLU A 653 29.16 42.42 20.80
N MET B 1 6.62 9.19 -30.61
CA MET B 1 6.49 8.59 -29.30
C MET B 1 7.30 9.35 -28.26
N ALA B 2 7.29 8.86 -27.02
CA ALA B 2 8.03 9.49 -25.93
C ALA B 2 8.32 8.49 -24.82
N ASP B 3 8.81 7.31 -25.18
CA ASP B 3 9.12 6.27 -24.21
C ASP B 3 10.53 6.49 -23.67
N LYS B 4 10.64 6.59 -22.35
CA LYS B 4 11.91 6.79 -21.67
C LYS B 4 12.38 5.48 -21.05
N PHE B 5 13.30 5.56 -20.09
CA PHE B 5 13.85 4.39 -19.42
C PHE B 5 13.39 4.25 -17.97
N ALA B 6 12.74 5.27 -17.42
CA ALA B 6 12.27 5.21 -16.03
C ALA B 6 11.02 4.34 -15.93
N ALA B 7 10.96 3.53 -14.88
CA ALA B 7 9.83 2.64 -14.66
C ALA B 7 9.70 2.39 -13.16
N LYS B 8 8.56 2.77 -12.59
CA LYS B 8 8.32 2.57 -11.17
C LYS B 8 7.93 1.12 -10.88
N PHE B 9 7.99 0.76 -9.61
CA PHE B 9 7.65 -0.58 -9.15
C PHE B 9 6.39 -0.48 -8.27
N VAL B 10 5.23 -0.57 -8.90
CA VAL B 10 3.94 -0.50 -8.22
C VAL B 10 3.27 -1.85 -8.38
N SER B 11 3.21 -2.62 -7.30
CA SER B 11 2.60 -3.94 -7.32
C SER B 11 1.08 -3.79 -7.26
N HIS B 12 0.48 -3.57 -8.43
CA HIS B 12 -0.96 -3.38 -8.52
C HIS B 12 -1.41 -3.82 -9.91
N LYS B 13 -2.11 -4.95 -9.98
CA LYS B 13 -2.65 -5.42 -11.24
C LYS B 13 -3.90 -4.63 -11.61
N ILE B 14 -4.20 -4.61 -12.91
CA ILE B 14 -5.34 -3.87 -13.44
C ILE B 14 -5.99 -4.72 -14.53
N SER B 15 -7.30 -4.92 -14.43
CA SER B 15 -8.06 -5.65 -15.44
C SER B 15 -8.76 -4.72 -16.42
N ARG B 16 -9.43 -3.68 -15.93
CA ARG B 16 -10.07 -2.69 -16.79
C ARG B 16 -10.16 -1.38 -16.04
N THR B 17 -10.43 -0.31 -16.78
CA THR B 17 -10.48 1.03 -16.19
C THR B 17 -11.49 1.87 -16.95
N ARG B 18 -12.43 2.47 -16.22
CA ARG B 18 -13.42 3.37 -16.78
C ARG B 18 -13.16 4.79 -16.27
N TRP B 19 -13.60 5.77 -17.05
CA TRP B 19 -13.38 7.18 -16.76
C TRP B 19 -14.72 7.90 -16.70
N ARG B 20 -14.67 9.19 -16.37
CA ARG B 20 -15.88 9.99 -16.32
C ARG B 20 -16.39 10.26 -17.73
N PRO B 21 -17.72 10.36 -17.91
CA PRO B 21 -18.27 10.58 -19.25
C PRO B 21 -17.92 11.95 -19.81
N VAL B 22 -16.79 12.04 -20.50
CA VAL B 22 -16.39 13.31 -21.12
C VAL B 22 -17.27 13.59 -22.33
N SER B 23 -17.71 14.84 -22.44
CA SER B 23 -18.58 15.26 -23.52
C SER B 23 -17.85 16.22 -24.45
N ALA B 24 -18.21 16.16 -25.74
CA ALA B 24 -17.64 17.00 -26.78
C ALA B 24 -16.14 16.89 -26.90
N SER B 25 -15.57 15.76 -26.44
CA SER B 25 -14.12 15.54 -26.50
C SER B 25 -13.85 14.07 -26.27
N SER B 26 -12.94 13.52 -27.07
CA SER B 26 -12.52 12.13 -26.93
C SER B 26 -11.05 11.96 -26.56
N LEU B 27 -10.21 12.95 -26.84
CA LEU B 27 -8.80 12.86 -26.48
C LEU B 27 -8.58 13.23 -25.01
N GLN B 28 -9.27 14.26 -24.53
CA GLN B 28 -9.12 14.68 -23.14
C GLN B 28 -9.75 13.66 -22.20
N GLN B 29 -9.05 13.35 -21.12
CA GLN B 29 -9.51 12.40 -20.13
C GLN B 29 -9.36 12.98 -18.73
N PRO B 30 -10.27 12.63 -17.82
CA PRO B 30 -10.17 13.14 -16.44
C PRO B 30 -8.99 12.53 -15.71
N ASP B 31 -8.75 13.06 -14.51
CA ASP B 31 -7.65 12.59 -13.67
C ASP B 31 -8.06 11.49 -12.70
N VAL B 32 -9.35 11.33 -12.44
CA VAL B 32 -9.87 10.31 -11.54
C VAL B 32 -10.56 9.25 -12.37
N PHE B 33 -10.23 7.98 -12.10
CA PHE B 33 -10.79 6.88 -12.87
C PHE B 33 -11.10 5.70 -11.96
N ALA B 34 -12.15 4.98 -12.31
CA ALA B 34 -12.57 3.79 -11.57
C ALA B 34 -11.93 2.57 -12.21
N THR B 35 -11.00 1.94 -11.50
CA THR B 35 -10.27 0.80 -12.01
C THR B 35 -10.84 -0.49 -11.43
N GLY B 36 -11.40 -1.32 -12.29
CA GLY B 36 -11.80 -2.66 -11.89
C GLY B 36 -10.63 -3.60 -12.08
N SER B 37 -9.89 -3.84 -11.01
CA SER B 37 -8.66 -4.63 -11.09
C SER B 37 -8.97 -6.11 -10.97
N TRP B 38 -8.09 -6.93 -11.57
CA TRP B 38 -8.21 -8.37 -11.44
C TRP B 38 -7.92 -8.82 -10.00
N ASP B 39 -6.80 -8.36 -9.44
CA ASP B 39 -6.43 -8.69 -8.08
C ASP B 39 -5.33 -7.78 -7.55
N ASN B 40 -5.69 -6.56 -7.16
CA ASN B 40 -4.76 -5.70 -6.44
C ASN B 40 -4.43 -6.34 -5.10
N GLU B 41 -5.40 -6.34 -4.19
CA GLU B 41 -5.39 -7.20 -3.02
C GLU B 41 -6.40 -8.33 -3.12
N GLU B 42 -7.51 -8.09 -3.80
CA GLU B 42 -8.50 -9.12 -4.13
C GLU B 42 -9.36 -8.58 -5.27
N ASN B 43 -10.33 -9.39 -5.68
CA ASN B 43 -11.23 -8.98 -6.77
C ASN B 43 -12.15 -7.87 -6.29
N LYS B 44 -11.87 -6.65 -6.73
CA LYS B 44 -12.66 -5.49 -6.31
C LYS B 44 -12.49 -4.38 -7.34
N VAL B 45 -13.18 -3.28 -7.12
CA VAL B 45 -13.10 -2.09 -7.96
C VAL B 45 -12.71 -0.91 -7.08
N CYS B 46 -11.64 -0.22 -7.46
CA CYS B 46 -11.11 0.90 -6.70
C CYS B 46 -11.21 2.18 -7.51
N VAL B 47 -10.88 3.29 -6.86
CA VAL B 47 -10.87 4.61 -7.48
C VAL B 47 -9.47 5.19 -7.35
N TRP B 48 -8.88 5.59 -8.48
CA TRP B 48 -7.51 6.07 -8.49
C TRP B 48 -7.44 7.44 -9.15
N ALA B 49 -6.73 8.36 -8.52
CA ALA B 49 -6.53 9.71 -9.04
C ALA B 49 -5.06 9.91 -9.39
N THR B 50 -4.80 10.49 -10.55
CA THR B 50 -3.44 10.73 -10.99
C THR B 50 -3.33 12.11 -11.65
N SER B 51 -3.06 12.14 -12.95
CA SER B 51 -2.93 13.39 -13.68
C SER B 51 -3.12 13.16 -15.18
N ASP B 52 -3.86 12.12 -15.53
CA ASP B 52 -4.08 11.80 -16.93
C ASP B 52 -4.99 12.84 -17.57
N PHE B 53 -4.55 13.38 -18.70
CA PHE B 53 -5.31 14.38 -19.42
C PHE B 53 -5.00 14.27 -20.91
N GLY B 54 -5.63 15.13 -21.71
CA GLY B 54 -5.42 15.10 -23.13
C GLY B 54 -4.20 15.91 -23.55
N ALA B 55 -3.51 15.39 -24.57
CA ALA B 55 -2.31 16.03 -25.13
C ALA B 55 -1.24 16.26 -24.07
N THR B 56 -1.12 15.28 -23.16
CA THR B 56 -0.12 15.30 -22.08
C THR B 56 -0.32 16.46 -21.12
N SER B 57 -0.73 16.15 -19.89
CA SER B 57 -0.92 17.18 -18.89
C SER B 57 0.41 17.83 -18.51
N LEU B 58 0.32 19.03 -17.95
CA LEU B 58 1.53 19.77 -17.58
C LEU B 58 2.15 19.20 -16.31
N ASP B 59 1.37 19.11 -15.23
CA ASP B 59 1.88 18.58 -13.99
C ASP B 59 2.12 17.09 -14.08
N GLU B 60 3.02 16.59 -13.22
CA GLU B 60 3.41 15.18 -13.18
C GLU B 60 4.02 14.72 -14.49
N GLU B 61 5.35 14.64 -14.54
CA GLU B 61 6.05 14.24 -15.76
C GLU B 61 5.96 12.74 -15.98
N TYR B 62 7.08 12.11 -16.32
CA TYR B 62 7.10 10.68 -16.57
C TYR B 62 6.98 9.89 -15.27
N GLN B 63 6.40 8.69 -15.39
CA GLN B 63 6.21 7.79 -14.25
C GLN B 63 5.43 8.44 -13.14
N GLY B 64 4.10 8.49 -13.28
CA GLY B 64 3.22 9.07 -12.27
C GLY B 64 2.55 7.99 -11.46
N ASP B 65 2.69 8.09 -10.14
CA ASP B 65 2.11 7.11 -9.22
C ASP B 65 0.71 7.55 -8.83
N PRO B 66 -0.32 6.75 -9.13
CA PRO B 66 -1.68 7.14 -8.74
C PRO B 66 -1.88 7.07 -7.24
N LYS B 67 -3.01 7.60 -6.79
CA LYS B 67 -3.38 7.62 -5.38
C LYS B 67 -4.77 7.04 -5.22
N GLN B 68 -4.94 6.18 -4.22
CA GLN B 68 -6.23 5.54 -3.97
C GLN B 68 -7.16 6.50 -3.24
N LEU B 69 -8.42 6.55 -3.67
CA LEU B 69 -9.42 7.39 -3.05
C LEU B 69 -10.41 6.57 -2.22
N CYS B 70 -11.11 5.63 -2.84
CA CYS B 70 -12.05 4.78 -2.13
C CYS B 70 -12.06 3.40 -2.77
N ASP B 71 -12.13 2.37 -1.93
CA ASP B 71 -12.13 0.98 -2.37
C ASP B 71 -13.44 0.32 -1.98
N ILE B 72 -14.10 -0.33 -2.94
CA ILE B 72 -15.35 -1.03 -2.71
C ILE B 72 -15.23 -2.41 -3.33
N LYS B 73 -15.45 -3.45 -2.53
CA LYS B 73 -15.32 -4.81 -3.02
C LYS B 73 -16.46 -5.15 -3.98
N HIS B 74 -16.14 -5.87 -5.04
CA HIS B 74 -17.11 -6.27 -6.05
C HIS B 74 -17.24 -7.78 -6.06
N PRO B 75 -18.44 -8.33 -5.85
CA PRO B 75 -18.60 -9.79 -5.87
C PRO B 75 -18.49 -10.33 -7.28
N GLY B 76 -17.62 -11.32 -7.47
CA GLY B 76 -17.43 -11.92 -8.78
C GLY B 76 -16.20 -11.38 -9.49
N ASP B 77 -16.27 -11.34 -10.82
CA ASP B 77 -15.17 -10.84 -11.65
C ASP B 77 -15.68 -9.71 -12.54
N VAL B 78 -14.85 -8.70 -12.73
CA VAL B 78 -15.21 -7.54 -13.54
C VAL B 78 -14.79 -7.81 -14.98
N MET B 79 -15.73 -7.60 -15.91
CA MET B 79 -15.46 -7.79 -17.33
C MET B 79 -16.00 -6.68 -18.22
N ASP B 80 -16.88 -5.83 -17.72
CA ASP B 80 -17.44 -4.74 -18.53
C ASP B 80 -17.95 -3.66 -17.61
N MET B 81 -17.47 -2.43 -17.82
CA MET B 81 -17.90 -1.28 -17.04
C MET B 81 -18.11 -0.10 -17.99
N GLN B 82 -19.33 0.41 -18.05
CA GLN B 82 -19.68 1.53 -18.92
C GLN B 82 -20.50 2.54 -18.14
N PHE B 83 -20.24 3.82 -18.41
CA PHE B 83 -20.97 4.90 -17.75
C PHE B 83 -22.23 5.22 -18.53
N LEU B 84 -23.38 5.11 -17.87
CA LEU B 84 -24.65 5.39 -18.54
C LEU B 84 -24.85 6.88 -18.72
N ASP B 85 -25.17 7.60 -17.65
CA ASP B 85 -25.39 9.04 -17.72
C ASP B 85 -24.16 9.80 -17.23
N LYS B 86 -24.25 10.36 -16.02
CA LYS B 86 -23.16 11.12 -15.43
C LYS B 86 -22.64 10.51 -14.14
N GLU B 87 -23.53 10.08 -13.25
CA GLU B 87 -23.13 9.48 -11.98
C GLU B 87 -23.69 8.07 -11.85
N ARG B 88 -23.33 7.19 -12.77
CA ARG B 88 -23.81 5.81 -12.78
C ARG B 88 -22.65 4.88 -13.13
N ILE B 89 -22.42 3.89 -12.28
CA ILE B 89 -21.35 2.91 -12.48
C ILE B 89 -22.00 1.53 -12.53
N VAL B 90 -22.01 0.93 -13.72
CA VAL B 90 -22.57 -0.40 -13.93
C VAL B 90 -21.43 -1.36 -14.20
N THR B 91 -21.29 -2.38 -13.34
CA THR B 91 -20.22 -3.36 -13.46
C THR B 91 -20.83 -4.76 -13.55
N GLY B 92 -20.33 -5.55 -14.49
CA GLY B 92 -20.82 -6.91 -14.65
C GLY B 92 -20.01 -7.88 -13.80
N SER B 93 -20.70 -8.91 -13.30
CA SER B 93 -20.09 -9.92 -12.44
C SER B 93 -20.24 -11.30 -13.07
N SER B 94 -19.25 -12.16 -12.82
CA SER B 94 -19.30 -13.52 -13.33
C SER B 94 -20.29 -14.40 -12.57
N THR B 95 -20.66 -14.01 -11.36
CA THR B 95 -21.63 -14.79 -10.58
C THR B 95 -23.06 -14.57 -11.07
N GLY B 96 -23.30 -13.53 -11.85
CA GLY B 96 -24.63 -13.23 -12.36
C GLY B 96 -25.34 -12.06 -11.71
N THR B 97 -24.66 -11.30 -10.86
CA THR B 97 -25.24 -10.15 -10.17
C THR B 97 -24.56 -8.89 -10.69
N VAL B 98 -25.16 -8.27 -11.70
CA VAL B 98 -24.63 -7.03 -12.26
C VAL B 98 -24.91 -5.89 -11.30
N THR B 99 -23.85 -5.27 -10.80
CA THR B 99 -24.00 -4.25 -9.76
C THR B 99 -24.08 -2.87 -10.39
N ILE B 100 -24.84 -1.98 -9.75
CA ILE B 100 -25.03 -0.61 -10.20
C ILE B 100 -24.90 0.30 -8.99
N PHE B 101 -24.02 1.29 -9.09
CA PHE B 101 -23.80 2.29 -8.06
C PHE B 101 -24.15 3.67 -8.59
N ARG B 102 -24.75 4.49 -7.74
CA ARG B 102 -24.98 5.90 -8.04
C ARG B 102 -23.99 6.77 -7.27
N HIS B 103 -22.71 6.52 -7.52
CA HIS B 103 -21.64 7.16 -6.77
C HIS B 103 -21.61 8.66 -7.04
N HIS B 104 -21.02 9.40 -6.10
CA HIS B 104 -20.88 10.84 -6.23
C HIS B 104 -19.65 11.16 -7.08
N GLU B 105 -19.85 12.00 -8.10
CA GLU B 105 -18.77 12.34 -9.01
C GLU B 105 -17.75 13.28 -8.37
N ASN B 106 -18.15 14.03 -7.35
CA ASN B 106 -17.28 15.00 -6.71
C ASN B 106 -16.79 14.59 -5.32
N ASN B 107 -17.59 13.81 -4.59
CA ASN B 107 -17.20 13.37 -3.25
C ASN B 107 -16.15 12.27 -3.27
N GLN B 108 -15.87 11.68 -4.44
CA GLN B 108 -14.87 10.62 -4.58
C GLN B 108 -15.18 9.44 -3.65
N THR B 109 -16.45 9.04 -3.63
CA THR B 109 -16.90 7.94 -2.78
C THR B 109 -17.96 7.15 -3.52
N LEU B 110 -17.81 5.82 -3.52
CA LEU B 110 -18.77 4.94 -4.17
C LEU B 110 -19.88 4.57 -3.20
N SER B 111 -21.12 4.58 -3.68
CA SER B 111 -22.29 4.29 -2.88
C SER B 111 -22.94 3.01 -3.40
N VAL B 112 -23.09 2.03 -2.50
CA VAL B 112 -23.73 0.77 -2.87
C VAL B 112 -25.20 1.01 -3.15
N ASN B 113 -25.66 0.57 -4.32
CA ASN B 113 -27.04 0.81 -4.71
C ASN B 113 -27.76 -0.48 -5.07
N GLN B 114 -27.89 -0.80 -6.35
CA GLN B 114 -28.77 -1.88 -6.78
C GLN B 114 -28.00 -2.98 -7.49
N ARG B 115 -28.69 -4.10 -7.70
CA ARG B 115 -28.09 -5.27 -8.34
C ARG B 115 -29.15 -5.98 -9.18
N TRP B 116 -28.82 -6.24 -10.44
CA TRP B 116 -29.63 -7.07 -11.31
C TRP B 116 -29.14 -8.51 -11.16
N GLU B 117 -30.00 -9.38 -10.62
CA GLU B 117 -29.64 -10.76 -10.35
C GLU B 117 -30.30 -11.68 -11.39
N GLN B 118 -30.14 -12.99 -11.15
CA GLN B 118 -30.71 -14.03 -12.01
C GLN B 118 -30.23 -13.90 -13.45
N ALA B 119 -29.03 -14.42 -13.74
CA ALA B 119 -28.47 -14.38 -15.08
C ALA B 119 -28.27 -15.77 -15.69
N HIS B 120 -28.33 -16.82 -14.88
CA HIS B 120 -28.16 -18.19 -15.36
C HIS B 120 -29.50 -18.92 -15.21
N TYR B 121 -30.10 -19.28 -16.34
CA TYR B 121 -31.39 -19.96 -16.36
C TYR B 121 -31.24 -21.29 -17.09
N HIS B 122 -31.66 -22.37 -16.43
CA HIS B 122 -31.59 -23.70 -17.01
C HIS B 122 -32.59 -24.59 -16.31
N VAL B 123 -33.24 -25.46 -17.08
CA VAL B 123 -34.23 -26.41 -16.56
C VAL B 123 -33.56 -27.77 -16.43
N GLY B 124 -33.64 -28.36 -15.24
CA GLY B 124 -33.01 -29.64 -14.99
C GLY B 124 -31.84 -29.53 -14.03
N SER B 125 -30.84 -28.73 -14.40
CA SER B 125 -29.68 -28.52 -13.56
C SER B 125 -29.35 -27.02 -13.47
N ASN B 126 -28.09 -26.67 -13.71
CA ASN B 126 -27.66 -25.28 -13.66
C ASN B 126 -26.35 -25.14 -14.43
N MET B 127 -26.33 -24.20 -15.38
CA MET B 127 -25.13 -23.91 -16.16
C MET B 127 -24.81 -22.43 -16.03
N ARG B 128 -23.57 -22.11 -15.70
CA ARG B 128 -23.14 -20.73 -15.51
C ARG B 128 -22.77 -20.13 -16.86
N ALA B 129 -23.72 -19.48 -17.51
CA ALA B 129 -23.48 -18.79 -18.78
C ALA B 129 -24.09 -17.40 -18.70
N PRO B 130 -23.43 -16.47 -18.01
CA PRO B 130 -23.99 -15.11 -17.87
C PRO B 130 -23.68 -14.24 -19.08
N CYS B 131 -23.97 -12.94 -18.96
CA CYS B 131 -23.70 -11.99 -20.02
C CYS B 131 -22.32 -11.38 -19.84
N THR B 132 -21.62 -11.18 -20.97
CA THR B 132 -20.26 -10.66 -20.96
C THR B 132 -20.17 -9.21 -21.40
N ALA B 133 -20.79 -8.87 -22.53
CA ALA B 133 -20.73 -7.52 -23.07
C ALA B 133 -21.87 -6.67 -22.52
N ILE B 134 -21.55 -5.44 -22.15
CA ILE B 134 -22.52 -4.49 -21.61
C ILE B 134 -22.36 -3.17 -22.34
N VAL B 135 -23.46 -2.68 -22.91
CA VAL B 135 -23.46 -1.41 -23.64
C VAL B 135 -24.50 -0.49 -23.01
N CYS B 136 -24.28 0.82 -23.15
CA CYS B 136 -25.16 1.83 -22.59
C CYS B 136 -25.56 2.81 -23.68
N SER B 137 -26.88 3.02 -23.82
CA SER B 137 -27.40 3.95 -24.81
C SER B 137 -27.88 5.26 -24.21
N SER B 138 -27.98 5.36 -22.88
CA SER B 138 -28.39 6.56 -22.15
C SER B 138 -29.81 6.96 -22.52
N PRO B 139 -30.79 6.67 -21.66
CA PRO B 139 -30.61 5.95 -20.39
C PRO B 139 -31.02 4.49 -20.49
N GLU B 140 -30.35 3.71 -21.35
CA GLU B 140 -30.66 2.30 -21.53
C GLU B 140 -29.39 1.47 -21.43
N ILE B 141 -29.52 0.28 -20.86
CA ILE B 141 -28.41 -0.65 -20.69
C ILE B 141 -28.80 -1.98 -21.32
N VAL B 142 -27.91 -2.51 -22.16
CA VAL B 142 -28.15 -3.77 -22.87
C VAL B 142 -26.98 -4.70 -22.58
N SER B 143 -27.27 -5.87 -22.04
CA SER B 143 -26.26 -6.86 -21.71
C SER B 143 -26.48 -8.11 -22.54
N VAL B 144 -25.39 -8.66 -23.09
CA VAL B 144 -25.43 -9.86 -23.91
C VAL B 144 -24.23 -10.73 -23.56
N GLY B 145 -24.27 -11.97 -24.02
CA GLY B 145 -23.19 -12.89 -23.75
C GLY B 145 -23.33 -14.16 -24.58
N GLU B 146 -22.58 -15.18 -24.15
CA GLU B 146 -22.60 -16.48 -24.81
C GLU B 146 -23.72 -17.34 -24.23
N ASP B 147 -24.95 -16.90 -24.49
CA ASP B 147 -26.13 -17.60 -23.98
C ASP B 147 -27.36 -17.29 -24.85
N GLY B 148 -27.29 -16.21 -25.63
CA GLY B 148 -28.40 -15.78 -26.43
C GLY B 148 -29.37 -14.85 -25.74
N ARG B 149 -29.27 -14.70 -24.42
CA ARG B 149 -30.15 -13.81 -23.68
C ARG B 149 -29.73 -12.36 -23.89
N ILE B 150 -30.72 -11.49 -24.01
CA ILE B 150 -30.50 -10.05 -24.13
C ILE B 150 -31.23 -9.39 -22.97
N ASN B 151 -30.46 -8.78 -22.07
CA ASN B 151 -31.02 -8.14 -20.87
C ASN B 151 -31.06 -6.63 -21.10
N CYS B 152 -32.26 -6.08 -21.20
CA CYS B 152 -32.46 -4.66 -21.44
C CYS B 152 -33.08 -4.01 -20.20
N PHE B 153 -32.47 -2.91 -19.75
CA PHE B 153 -32.96 -2.16 -18.61
C PHE B 153 -32.88 -0.67 -18.91
N ARG B 154 -33.61 0.11 -18.13
CA ARG B 154 -33.62 1.56 -18.23
C ARG B 154 -33.00 2.16 -16.97
N ALA B 155 -33.04 3.49 -16.87
CA ALA B 155 -32.49 4.18 -15.72
C ALA B 155 -33.32 3.89 -14.48
N GLU B 156 -32.64 3.79 -13.33
CA GLU B 156 -33.28 3.52 -12.04
C GLU B 156 -34.08 2.22 -12.09
N SER B 157 -33.40 1.08 -12.07
CA SER B 157 -34.06 -0.22 -12.10
C SER B 157 -33.28 -1.19 -11.23
N ARG B 158 -34.01 -2.03 -10.49
CA ARG B 158 -33.39 -3.00 -9.61
C ARG B 158 -33.60 -4.44 -10.06
N ASP B 159 -34.72 -4.74 -10.71
CA ASP B 159 -35.03 -6.07 -11.18
C ASP B 159 -34.88 -6.14 -12.69
N VAL B 160 -35.27 -7.27 -13.28
CA VAL B 160 -35.18 -7.44 -14.73
C VAL B 160 -36.30 -6.65 -15.40
N LEU B 161 -36.00 -6.12 -16.59
CA LEU B 161 -36.96 -5.33 -17.35
C LEU B 161 -37.34 -6.01 -18.66
N ARG B 162 -36.37 -6.33 -19.52
CA ARG B 162 -36.64 -7.04 -20.76
C ARG B 162 -35.64 -8.18 -20.91
N THR B 163 -36.15 -9.39 -21.10
CA THR B 163 -35.33 -10.59 -21.28
C THR B 163 -35.64 -11.17 -22.65
N ILE B 164 -34.95 -10.67 -23.67
CA ILE B 164 -35.16 -11.15 -25.03
C ILE B 164 -34.46 -12.50 -25.20
N ASP B 165 -35.22 -13.50 -25.66
CA ASP B 165 -34.71 -14.86 -25.89
C ASP B 165 -35.36 -15.37 -27.19
N ASP B 166 -34.84 -14.91 -28.32
CA ASP B 166 -35.36 -15.29 -29.62
C ASP B 166 -34.95 -16.72 -29.96
N ALA B 167 -35.46 -17.21 -31.09
CA ALA B 167 -35.13 -18.57 -31.52
C ALA B 167 -33.69 -18.69 -31.98
N ASP B 168 -33.10 -17.59 -32.46
CA ASP B 168 -31.71 -17.59 -32.91
C ASP B 168 -30.78 -17.29 -31.73
N SER B 169 -30.75 -18.20 -30.77
CA SER B 169 -29.93 -18.05 -29.57
C SER B 169 -28.46 -18.24 -29.92
N SER B 170 -27.78 -17.16 -30.34
CA SER B 170 -26.37 -17.22 -30.67
C SER B 170 -25.53 -17.04 -29.42
N THR B 171 -24.24 -16.79 -29.60
CA THR B 171 -23.29 -16.60 -28.49
C THR B 171 -22.58 -15.27 -28.72
N MET B 172 -23.17 -14.17 -28.26
CA MET B 172 -22.61 -12.85 -28.44
C MET B 172 -21.29 -12.73 -27.68
N HIS B 173 -20.42 -11.84 -28.17
CA HIS B 173 -19.11 -11.64 -27.56
C HIS B 173 -18.85 -10.17 -27.29
N GLY B 174 -18.76 -9.37 -28.36
CA GLY B 174 -18.44 -7.96 -28.20
C GLY B 174 -19.52 -7.04 -28.72
N VAL B 175 -19.56 -5.80 -28.23
CA VAL B 175 -20.54 -4.81 -28.64
C VAL B 175 -19.82 -3.55 -29.10
N THR B 176 -20.51 -2.79 -29.95
CA THR B 176 -19.97 -1.53 -30.47
C THR B 176 -21.13 -0.62 -30.83
N PHE B 177 -20.85 0.68 -30.89
CA PHE B 177 -21.82 1.69 -31.24
C PHE B 177 -21.84 1.91 -32.75
N LEU B 178 -22.83 2.68 -33.20
CA LEU B 178 -22.87 3.10 -34.59
C LEU B 178 -23.11 4.60 -34.69
N ARG B 179 -24.05 5.10 -33.89
CA ARG B 179 -24.34 6.54 -33.83
C ARG B 179 -24.86 6.93 -32.46
N THR B 180 -26.17 7.17 -32.36
CA THR B 180 -26.81 7.50 -31.10
C THR B 180 -27.86 6.48 -30.65
N THR B 181 -28.17 5.48 -31.46
CA THR B 181 -29.17 4.49 -31.09
C THR B 181 -28.97 3.14 -31.74
N GLU B 182 -27.98 2.98 -32.63
CA GLU B 182 -27.72 1.71 -33.30
C GLU B 182 -26.50 1.04 -32.67
N ILE B 183 -26.61 -0.25 -32.42
CA ILE B 183 -25.56 -1.02 -31.76
C ILE B 183 -25.33 -2.31 -32.53
N LEU B 184 -24.07 -2.61 -32.80
CA LEU B 184 -23.67 -3.85 -33.46
C LEU B 184 -23.05 -4.80 -32.44
N THR B 185 -23.25 -6.10 -32.65
CA THR B 185 -22.74 -7.13 -31.77
C THR B 185 -22.03 -8.20 -32.59
N VAL B 186 -20.80 -8.52 -32.21
CA VAL B 186 -20.03 -9.59 -32.81
C VAL B 186 -20.13 -10.82 -31.90
N ASN B 187 -20.58 -11.93 -32.47
CA ASN B 187 -20.80 -13.15 -31.70
C ASN B 187 -19.56 -14.03 -31.70
N SER B 188 -19.62 -15.10 -30.90
CA SER B 188 -18.54 -16.07 -30.79
C SER B 188 -18.69 -17.23 -31.77
N VAL B 189 -19.16 -16.94 -32.99
CA VAL B 189 -19.33 -17.97 -34.01
C VAL B 189 -18.90 -17.41 -35.35
N GLY B 190 -18.69 -16.10 -35.41
CA GLY B 190 -18.27 -15.45 -36.63
C GLY B 190 -19.34 -14.66 -37.36
N GLN B 191 -20.40 -14.24 -36.67
CA GLN B 191 -21.49 -13.49 -37.28
C GLN B 191 -21.62 -12.13 -36.61
N LEU B 192 -22.30 -11.22 -37.30
CA LEU B 192 -22.54 -9.87 -36.81
C LEU B 192 -24.04 -9.59 -36.80
N LYS B 193 -24.50 -8.90 -35.76
CA LYS B 193 -25.91 -8.57 -35.61
C LYS B 193 -26.03 -7.10 -35.23
N LEU B 194 -26.60 -6.30 -36.13
CA LEU B 194 -26.78 -4.87 -35.90
C LEU B 194 -28.25 -4.59 -35.63
N TRP B 195 -28.52 -3.88 -34.54
CA TRP B 195 -29.89 -3.55 -34.16
C TRP B 195 -29.97 -2.07 -33.81
N ASP B 196 -31.19 -1.59 -33.63
CA ASP B 196 -31.45 -0.20 -33.29
C ASP B 196 -32.46 -0.16 -32.14
N LEU B 197 -32.19 0.68 -31.14
CA LEU B 197 -33.01 0.73 -29.94
C LEU B 197 -34.49 0.94 -30.24
N ARG B 198 -34.83 1.45 -31.43
CA ARG B 198 -36.24 1.64 -31.77
C ARG B 198 -36.94 0.31 -32.01
N LYS B 199 -36.30 -0.60 -32.75
CA LYS B 199 -36.91 -1.88 -33.08
C LYS B 199 -35.80 -2.91 -33.26
N GLN B 200 -35.90 -4.03 -32.57
CA GLN B 200 -34.89 -5.07 -32.64
C GLN B 200 -34.97 -5.78 -33.99
N GLY B 201 -33.88 -5.74 -34.74
CA GLY B 201 -33.83 -6.41 -36.03
C GLY B 201 -32.58 -7.24 -36.22
N ASN B 202 -32.63 -8.50 -35.77
CA ASN B 202 -31.47 -9.38 -35.86
C ASN B 202 -31.36 -9.96 -37.27
N ASP B 203 -30.11 -10.04 -37.76
CA ASP B 203 -29.84 -10.60 -39.08
C ASP B 203 -28.42 -11.12 -39.15
N PRO B 204 -28.14 -12.28 -38.55
CA PRO B 204 -26.77 -12.84 -38.57
C PRO B 204 -26.54 -13.76 -39.77
N THR B 205 -26.76 -13.23 -40.98
CA THR B 205 -26.58 -14.00 -42.19
C THR B 205 -25.55 -13.36 -43.11
N GLN B 206 -24.31 -13.26 -42.63
CA GLN B 206 -23.19 -12.66 -43.38
C GLN B 206 -21.98 -13.58 -43.23
N ILE B 207 -21.97 -14.67 -44.00
CA ILE B 207 -20.88 -15.63 -43.97
C ILE B 207 -19.93 -15.34 -45.12
N PHE B 208 -18.63 -15.26 -44.81
CA PHE B 208 -17.59 -14.99 -45.79
C PHE B 208 -16.63 -16.16 -45.85
N SER B 209 -16.53 -16.80 -47.01
CA SER B 209 -15.63 -17.93 -47.21
C SER B 209 -14.43 -17.60 -48.08
N VAL B 210 -14.56 -16.68 -49.01
CA VAL B 210 -13.47 -16.26 -49.89
C VAL B 210 -12.99 -14.89 -49.45
N THR B 211 -11.67 -14.74 -49.32
CA THR B 211 -11.03 -13.49 -48.90
C THR B 211 -11.57 -13.03 -47.53
N GLY B 212 -11.17 -13.79 -46.51
CA GLY B 212 -11.57 -13.50 -45.16
C GLY B 212 -12.45 -14.58 -44.55
N GLU B 213 -11.94 -15.27 -43.54
CA GLU B 213 -12.67 -16.33 -42.88
C GLU B 213 -13.62 -15.74 -41.83
N ARG B 214 -14.44 -16.63 -41.24
CA ARG B 214 -15.40 -16.20 -40.23
C ARG B 214 -15.15 -16.91 -38.91
N VAL B 215 -13.90 -16.92 -38.46
CA VAL B 215 -13.57 -17.50 -37.16
C VAL B 215 -14.18 -16.63 -36.06
N PRO B 216 -14.68 -17.23 -34.95
CA PRO B 216 -15.22 -16.42 -33.85
C PRO B 216 -14.32 -15.26 -33.42
N LEU B 217 -14.84 -14.04 -33.53
CA LEU B 217 -14.08 -12.85 -33.21
C LEU B 217 -14.07 -12.61 -31.71
N HIS B 218 -13.49 -11.47 -31.31
CA HIS B 218 -13.39 -11.13 -29.90
C HIS B 218 -13.79 -9.68 -29.64
N CYS B 219 -12.84 -8.76 -29.77
CA CYS B 219 -13.08 -7.37 -29.44
C CYS B 219 -13.47 -6.57 -30.69
N VAL B 220 -14.09 -5.42 -30.46
CA VAL B 220 -14.54 -4.56 -31.55
C VAL B 220 -14.58 -3.13 -31.02
N ASP B 221 -14.21 -2.18 -31.87
CA ASP B 221 -14.24 -0.76 -31.51
C ASP B 221 -14.51 0.05 -32.77
N ARG B 222 -14.51 1.37 -32.62
CA ARG B 222 -14.81 2.29 -33.71
C ARG B 222 -13.58 3.12 -34.05
N HIS B 223 -13.53 3.61 -35.29
CA HIS B 223 -12.42 4.42 -35.77
C HIS B 223 -12.62 5.88 -35.34
N PRO B 224 -11.53 6.58 -35.01
CA PRO B 224 -11.66 8.01 -34.69
C PRO B 224 -12.23 8.81 -35.85
N ASN B 225 -11.78 8.54 -37.07
CA ASN B 225 -12.34 9.15 -38.26
C ASN B 225 -13.56 8.36 -38.71
N GLN B 226 -14.69 9.04 -38.86
CA GLN B 226 -15.98 8.43 -39.21
C GLN B 226 -16.42 7.44 -38.14
N GLN B 227 -17.44 7.82 -37.35
CA GLN B 227 -17.89 6.98 -36.25
C GLN B 227 -18.46 5.65 -36.75
N HIS B 228 -18.99 5.63 -37.98
CA HIS B 228 -19.59 4.40 -38.50
C HIS B 228 -18.54 3.34 -38.82
N VAL B 229 -17.31 3.75 -39.11
CA VAL B 229 -16.26 2.79 -39.42
C VAL B 229 -15.87 2.05 -38.15
N VAL B 230 -15.87 0.72 -38.21
CA VAL B 230 -15.58 -0.12 -37.07
C VAL B 230 -14.40 -1.03 -37.40
N ALA B 231 -13.85 -1.63 -36.36
CA ALA B 231 -12.73 -2.57 -36.48
C ALA B 231 -12.91 -3.69 -35.47
N THR B 232 -12.83 -4.93 -35.95
CA THR B 232 -13.06 -6.11 -35.12
C THR B 232 -11.84 -7.01 -35.18
N GLY B 233 -11.38 -7.46 -34.02
CA GLY B 233 -10.26 -8.37 -33.93
C GLY B 233 -10.53 -9.56 -33.04
N GLY B 234 -10.28 -10.77 -33.56
CA GLY B 234 -10.52 -11.98 -32.80
C GLY B 234 -9.55 -13.10 -33.09
N GLN B 235 -10.00 -14.33 -32.94
CA GLN B 235 -9.15 -15.50 -33.16
C GLN B 235 -8.86 -15.76 -34.64
N ASP B 236 -9.48 -15.00 -35.55
CA ASP B 236 -9.24 -15.20 -36.97
C ASP B 236 -7.86 -14.73 -37.40
N GLY B 237 -7.18 -13.92 -36.57
CA GLY B 237 -5.89 -13.39 -36.95
C GLY B 237 -5.96 -12.28 -37.98
N MET B 238 -7.10 -11.60 -38.10
CA MET B 238 -7.27 -10.52 -39.08
C MET B 238 -8.05 -9.41 -38.43
N LEU B 239 -7.42 -8.24 -38.26
CA LEU B 239 -8.09 -7.05 -37.74
C LEU B 239 -8.97 -6.50 -38.86
N CYS B 240 -10.20 -6.99 -38.92
CA CYS B 240 -11.09 -6.67 -40.03
C CYS B 240 -11.69 -5.28 -39.82
N ILE B 241 -11.47 -4.40 -40.79
CA ILE B 241 -12.05 -3.06 -40.78
C ILE B 241 -13.29 -3.05 -41.65
N TRP B 242 -14.35 -2.43 -41.15
CA TRP B 242 -15.64 -2.39 -41.83
C TRP B 242 -16.13 -0.96 -41.91
N ASP B 243 -16.75 -0.61 -43.03
CA ASP B 243 -17.44 0.67 -43.17
C ASP B 243 -18.95 0.48 -43.08
N VAL B 244 -19.41 0.00 -41.93
CA VAL B 244 -20.80 -0.35 -41.72
C VAL B 244 -21.56 0.91 -41.31
N ARG B 245 -22.62 1.23 -42.06
CA ARG B 245 -23.56 2.27 -41.67
C ARG B 245 -24.94 1.73 -41.33
N HIS B 246 -25.37 0.65 -41.97
CA HIS B 246 -26.59 -0.08 -41.62
C HIS B 246 -26.47 -1.51 -42.11
N GLY B 247 -25.46 -1.77 -42.94
CA GLY B 247 -25.22 -3.10 -43.45
C GLY B 247 -23.75 -3.47 -43.35
N LYS B 248 -23.51 -4.77 -43.25
CA LYS B 248 -22.15 -5.28 -43.06
C LYS B 248 -21.35 -5.14 -44.35
N MET B 249 -20.31 -4.32 -44.31
CA MET B 249 -19.44 -4.10 -45.47
C MET B 249 -17.99 -3.98 -44.98
N PRO B 250 -17.09 -4.82 -45.47
CA PRO B 250 -15.69 -4.72 -45.07
C PRO B 250 -14.97 -3.65 -45.89
N MET B 251 -13.67 -3.53 -45.62
CA MET B 251 -12.84 -2.57 -46.34
C MET B 251 -11.37 -3.00 -46.33
N SER B 252 -10.85 -3.34 -45.16
CA SER B 252 -9.45 -3.72 -45.01
C SER B 252 -9.35 -4.96 -44.14
N LEU B 253 -8.50 -5.90 -44.54
CA LEU B 253 -8.26 -7.13 -43.79
C LEU B 253 -6.76 -7.35 -43.71
N LEU B 254 -6.17 -7.10 -42.54
CA LEU B 254 -4.74 -7.25 -42.32
C LEU B 254 -4.49 -8.59 -41.62
N ASN B 255 -3.79 -9.50 -42.31
CA ASN B 255 -3.50 -10.81 -41.76
C ASN B 255 -2.46 -10.72 -40.65
N ALA B 256 -2.91 -10.69 -39.40
CA ALA B 256 -2.01 -10.60 -38.27
C ALA B 256 -1.50 -11.99 -37.88
N HIS B 257 -0.23 -12.07 -37.54
CA HIS B 257 0.42 -13.32 -37.15
C HIS B 257 1.02 -13.18 -35.76
N GLU B 258 1.10 -14.31 -35.05
CA GLU B 258 1.66 -14.36 -33.70
C GLU B 258 0.92 -13.41 -32.77
N ALA B 259 -0.41 -13.51 -32.76
CA ALA B 259 -1.24 -12.66 -31.93
C ALA B 259 -2.55 -13.38 -31.63
N GLU B 260 -3.32 -12.80 -30.72
CA GLU B 260 -4.61 -13.36 -30.32
C GLU B 260 -5.78 -12.39 -30.47
N MET B 261 -5.53 -11.08 -30.52
CA MET B 261 -6.57 -10.05 -30.65
C MET B 261 -7.61 -10.17 -29.53
N TRP B 262 -7.18 -9.71 -28.35
CA TRP B 262 -8.02 -9.74 -27.16
C TRP B 262 -8.70 -8.41 -26.88
N GLU B 263 -7.97 -7.29 -26.97
CA GLU B 263 -8.54 -5.97 -26.74
C GLU B 263 -7.93 -4.99 -27.71
N VAL B 264 -8.78 -4.39 -28.56
CA VAL B 264 -8.34 -3.43 -29.55
C VAL B 264 -8.58 -2.02 -29.01
N HIS B 265 -7.73 -1.08 -29.42
CA HIS B 265 -7.84 0.31 -29.00
C HIS B 265 -7.37 1.21 -30.13
N PHE B 266 -7.96 2.40 -30.20
CA PHE B 266 -7.60 3.40 -31.19
C PHE B 266 -7.06 4.64 -30.50
N HIS B 267 -6.32 5.45 -31.25
CA HIS B 267 -5.83 6.72 -30.74
C HIS B 267 -6.51 7.87 -31.45
N PRO B 268 -7.09 8.83 -30.72
CA PRO B 268 -7.73 9.97 -31.38
C PRO B 268 -6.72 10.92 -32.03
N SER B 269 -7.16 12.13 -32.35
CA SER B 269 -6.33 13.12 -33.05
C SER B 269 -5.81 12.55 -34.36
N ASN B 270 -4.82 11.66 -34.28
CA ASN B 270 -4.32 10.94 -35.44
C ASN B 270 -4.98 9.57 -35.48
N PRO B 271 -5.97 9.35 -36.32
CA PRO B 271 -6.69 8.05 -36.32
C PRO B 271 -5.86 6.89 -36.85
N ASP B 272 -4.65 7.12 -37.35
CA ASP B 272 -3.85 6.06 -37.94
C ASP B 272 -3.00 5.37 -36.88
N HIS B 273 -3.49 5.30 -35.64
CA HIS B 273 -2.77 4.66 -34.55
C HIS B 273 -3.71 3.66 -33.87
N LEU B 274 -3.37 2.38 -33.96
CA LEU B 274 -4.16 1.29 -33.41
C LEU B 274 -3.27 0.37 -32.58
N PHE B 275 -3.78 -0.05 -31.43
CA PHE B 275 -3.09 -0.99 -30.57
C PHE B 275 -3.97 -2.22 -30.35
N THR B 276 -3.33 -3.37 -30.14
CA THR B 276 -4.04 -4.63 -29.94
C THR B 276 -3.32 -5.41 -28.84
N CYS B 277 -3.91 -5.45 -27.65
CA CYS B 277 -3.37 -6.24 -26.55
C CYS B 277 -3.92 -7.65 -26.63
N SER B 278 -3.03 -8.63 -26.46
CA SER B 278 -3.40 -10.04 -26.55
C SER B 278 -2.59 -10.82 -25.52
N GLU B 279 -2.68 -12.14 -25.60
CA GLU B 279 -1.97 -13.04 -24.70
C GLU B 279 -0.92 -13.88 -25.40
N ASP B 280 -0.89 -13.89 -26.73
CA ASP B 280 0.07 -14.67 -27.51
C ASP B 280 1.09 -13.68 -28.10
N GLY B 281 2.13 -13.40 -27.32
CA GLY B 281 3.17 -12.49 -27.73
C GLY B 281 3.55 -11.55 -26.61
N SER B 282 4.46 -10.62 -26.95
CA SER B 282 4.94 -9.64 -25.97
C SER B 282 4.18 -8.32 -26.13
N LEU B 283 4.90 -7.26 -26.47
CA LEU B 283 4.32 -5.93 -26.64
C LEU B 283 4.66 -5.40 -28.02
N TRP B 284 3.64 -4.95 -28.75
CA TRP B 284 3.84 -4.41 -30.08
C TRP B 284 2.65 -3.50 -30.42
N HIS B 285 2.96 -2.37 -31.06
CA HIS B 285 1.94 -1.39 -31.43
C HIS B 285 1.92 -1.27 -32.95
N TRP B 286 0.76 -1.56 -33.55
CA TRP B 286 0.62 -1.50 -34.99
C TRP B 286 0.54 -0.05 -35.46
N ASP B 287 1.00 0.18 -36.69
CA ASP B 287 0.96 1.52 -37.28
C ASP B 287 0.46 1.53 -38.71
N ALA B 288 0.15 0.39 -39.31
CA ALA B 288 -0.34 0.34 -40.68
C ALA B 288 -1.47 -0.68 -40.83
N SER B 289 -2.33 -0.79 -39.82
CA SER B 289 -3.44 -1.74 -39.87
C SER B 289 -4.58 -1.20 -40.74
N ALA B 290 -5.27 -0.18 -40.25
CA ALA B 290 -6.38 0.39 -41.01
C ALA B 290 -5.88 1.30 -42.13
N ASP B 291 -4.82 2.06 -41.88
CA ASP B 291 -4.30 2.97 -42.89
C ASP B 291 -3.45 2.22 -43.91
N SER B 292 -2.84 2.97 -44.82
CA SER B 292 -2.01 2.36 -45.86
C SER B 292 -0.67 1.92 -45.32
N GLU B 293 0.36 2.75 -45.48
CA GLU B 293 1.70 2.42 -45.04
C GLU B 293 2.40 3.68 -44.57
N LYS B 294 2.99 3.62 -43.38
CA LYS B 294 3.73 4.74 -42.81
C LYS B 294 5.19 4.35 -42.68
N PRO B 295 6.11 5.03 -43.36
CA PRO B 295 7.53 4.65 -43.29
C PRO B 295 8.13 5.01 -41.94
N THR B 296 9.38 4.55 -41.74
CA THR B 296 10.16 4.79 -40.53
C THR B 296 9.41 4.30 -39.29
N PHE B 297 9.25 2.98 -39.24
CA PHE B 297 8.58 2.34 -38.12
C PHE B 297 9.04 0.91 -37.86
N LEU B 298 9.91 0.34 -38.69
CA LEU B 298 10.39 -1.02 -38.48
C LEU B 298 11.59 -1.04 -37.55
N LEU B 299 12.51 -1.98 -37.78
CA LEU B 299 13.72 -2.13 -36.97
C LEU B 299 13.38 -2.32 -35.49
N GLY B 300 12.33 -3.10 -35.23
CA GLY B 300 11.91 -3.37 -33.88
C GLY B 300 10.88 -4.48 -33.78
N GLY B 301 9.78 -4.22 -33.08
CA GLY B 301 8.73 -5.21 -32.92
C GLY B 301 9.09 -6.27 -31.90
N ARG B 302 8.16 -7.22 -31.76
CA ARG B 302 8.20 -8.31 -30.78
C ARG B 302 8.90 -7.90 -29.48
N SER B 303 10.19 -8.21 -29.36
CA SER B 303 10.94 -7.88 -28.16
C SER B 303 12.36 -7.42 -28.46
N THR B 304 12.69 -7.12 -29.70
CA THR B 304 14.02 -6.69 -30.10
C THR B 304 14.02 -5.20 -30.41
N PHE B 305 15.01 -4.49 -29.89
CA PHE B 305 15.18 -3.05 -30.12
C PHE B 305 13.96 -2.25 -29.66
N ASN B 306 13.92 -0.97 -30.03
CA ASN B 306 12.81 -0.10 -29.66
C ASN B 306 12.87 1.16 -30.53
N ILE B 307 11.70 1.64 -30.93
CA ILE B 307 11.58 2.85 -31.74
C ILE B 307 10.68 3.82 -31.00
N SER B 308 11.27 4.86 -30.43
CA SER B 308 10.52 5.85 -29.67
C SER B 308 11.13 7.22 -29.93
N ARG B 309 10.64 8.23 -29.21
CA ARG B 309 11.09 9.62 -29.28
C ARG B 309 10.88 10.24 -30.66
N SER B 310 10.19 9.56 -31.57
CA SER B 310 9.96 10.08 -32.91
C SER B 310 8.83 9.34 -33.61
N SER B 311 7.84 10.07 -34.12
CA SER B 311 6.73 9.50 -34.87
C SER B 311 6.75 10.11 -36.27
N ILE B 312 7.59 9.54 -37.14
CA ILE B 312 7.75 10.07 -38.49
C ILE B 312 6.51 9.79 -39.30
N ALA B 313 5.95 10.83 -39.93
CA ALA B 313 4.77 10.76 -40.77
C ALA B 313 5.18 10.60 -42.24
N PRO B 314 4.33 10.00 -43.06
CA PRO B 314 4.65 9.87 -44.48
C PRO B 314 4.79 11.24 -45.12
N PRO B 315 5.68 11.37 -46.09
CA PRO B 315 5.88 12.69 -46.72
C PRO B 315 4.69 13.08 -47.58
N ASN B 316 4.28 14.35 -47.44
CA ASN B 316 3.16 14.91 -48.18
C ASN B 316 3.69 15.86 -49.24
N ALA B 317 3.57 15.48 -50.51
CA ALA B 317 4.05 16.31 -51.60
C ALA B 317 3.02 16.35 -52.73
N ASN B 318 3.49 16.29 -53.97
CA ASN B 318 2.63 16.31 -55.15
C ASN B 318 2.51 14.88 -55.67
N GLN B 319 1.49 14.18 -55.20
CA GLN B 319 1.23 12.81 -55.60
C GLN B 319 0.16 12.76 -56.69
N SER B 320 0.05 11.59 -57.33
CA SER B 320 -0.91 11.38 -58.39
C SER B 320 -1.88 10.23 -58.13
N LEU B 321 -1.65 9.43 -57.10
CA LEU B 321 -2.51 8.31 -56.76
C LEU B 321 -3.12 8.50 -55.39
N ALA B 322 -4.25 7.85 -55.16
CA ALA B 322 -4.94 7.93 -53.88
C ALA B 322 -4.25 7.05 -52.84
N CYS B 323 -4.06 7.60 -51.64
CA CYS B 323 -3.42 6.88 -50.54
C CYS B 323 -4.23 7.13 -49.28
N ALA B 324 -4.99 6.11 -48.85
CA ALA B 324 -5.81 6.23 -47.66
C ALA B 324 -5.96 4.88 -46.96
N TRP B 325 -7.08 4.67 -46.29
CA TRP B 325 -7.36 3.41 -45.60
C TRP B 325 -7.69 2.35 -46.64
N LEU B 326 -6.74 1.44 -46.87
CA LEU B 326 -6.94 0.37 -47.84
C LEU B 326 -5.91 -0.72 -47.55
N SER B 327 -6.37 -1.87 -47.04
CA SER B 327 -5.50 -2.99 -46.75
C SER B 327 -6.28 -4.29 -46.69
N THR B 328 -6.87 -4.69 -47.81
CA THR B 328 -7.66 -5.91 -47.89
C THR B 328 -6.72 -7.09 -48.16
N ASP B 329 -7.28 -8.24 -48.57
CA ASP B 329 -6.56 -9.47 -48.89
C ASP B 329 -5.78 -9.96 -47.67
N PRO B 330 -6.34 -10.92 -46.92
CA PRO B 330 -5.64 -11.42 -45.72
C PRO B 330 -4.43 -12.27 -46.08
N THR B 331 -3.39 -11.65 -46.64
CA THR B 331 -2.16 -12.34 -47.00
C THR B 331 -0.91 -11.57 -46.55
N LYS B 332 -1.07 -10.51 -45.78
CA LYS B 332 0.06 -9.71 -45.34
C LYS B 332 0.55 -10.24 -44.00
N GLY B 333 1.23 -9.41 -43.21
CA GLY B 333 1.74 -9.81 -41.92
C GLY B 333 1.59 -8.74 -40.86
N GLN B 334 2.72 -8.23 -40.35
CA GLN B 334 2.74 -7.19 -39.34
C GLN B 334 3.50 -6.00 -39.91
N LEU B 335 2.79 -5.13 -40.62
CA LEU B 335 3.39 -3.96 -41.26
C LEU B 335 3.50 -2.81 -40.26
N GLU B 336 4.71 -2.29 -40.10
CA GLU B 336 4.99 -1.16 -39.22
C GLU B 336 4.53 -1.44 -37.79
N ILE B 337 5.33 -2.15 -37.02
CA ILE B 337 5.04 -2.49 -35.64
C ILE B 337 5.99 -1.74 -34.73
N THR B 338 5.47 -1.12 -33.67
CA THR B 338 6.25 -0.37 -32.72
C THR B 338 6.40 -1.20 -31.44
N ASN B 339 7.65 -1.50 -31.07
CA ASN B 339 7.92 -2.31 -29.89
C ASN B 339 7.78 -1.45 -28.64
N LEU B 340 6.89 -1.85 -27.75
CA LEU B 340 6.68 -1.17 -26.48
C LEU B 340 7.25 -1.93 -25.29
N LEU B 341 7.94 -3.04 -25.53
CA LEU B 341 8.52 -3.84 -24.46
C LEU B 341 9.97 -3.42 -24.24
N PRO B 342 10.40 -3.20 -23.00
CA PRO B 342 11.79 -2.79 -22.76
C PRO B 342 12.75 -3.96 -22.71
N SER B 343 12.58 -4.93 -23.61
CA SER B 343 13.44 -6.11 -23.70
C SER B 343 13.47 -6.87 -22.38
N SER B 344 12.29 -7.13 -21.83
CA SER B 344 12.16 -7.85 -20.58
C SER B 344 10.91 -8.72 -20.62
N THR B 345 11.04 -9.97 -20.16
CA THR B 345 9.93 -10.90 -20.16
C THR B 345 8.86 -10.43 -19.18
N LEU B 346 7.75 -9.94 -19.70
CA LEU B 346 6.65 -9.44 -18.88
C LEU B 346 5.34 -10.06 -19.36
N SER B 347 4.36 -10.09 -18.47
CA SER B 347 3.03 -10.64 -18.75
C SER B 347 2.01 -9.54 -18.47
N VAL B 348 1.55 -8.87 -19.52
CA VAL B 348 0.59 -7.79 -19.38
C VAL B 348 -0.83 -8.34 -19.51
N ASN B 349 -1.78 -7.60 -18.96
CA ASN B 349 -3.19 -7.99 -19.06
C ASN B 349 -4.14 -6.85 -19.38
N SER B 350 -3.71 -5.59 -19.31
CA SER B 350 -4.58 -4.48 -19.67
C SER B 350 -3.73 -3.32 -20.18
N LEU B 351 -4.19 -2.68 -21.26
CA LEU B 351 -3.50 -1.52 -21.82
C LEU B 351 -4.55 -0.57 -22.38
N ASP B 352 -4.74 0.57 -21.72
CA ASP B 352 -5.70 1.58 -22.14
C ASP B 352 -4.95 2.71 -22.83
N VAL B 353 -5.31 2.97 -24.09
CA VAL B 353 -4.67 3.99 -24.90
C VAL B 353 -5.66 5.10 -25.21
N LEU B 354 -6.32 5.62 -24.18
CA LEU B 354 -7.28 6.70 -24.34
C LEU B 354 -6.51 8.01 -24.55
N GLY B 355 -6.25 8.31 -25.81
CA GLY B 355 -5.49 9.48 -26.17
C GLY B 355 -4.00 9.21 -26.24
N GLN B 356 -3.22 10.28 -26.05
CA GLN B 356 -1.77 10.16 -26.04
C GLN B 356 -1.26 9.57 -24.73
N ASN B 357 -2.12 9.45 -23.71
CA ASN B 357 -1.72 8.92 -22.41
C ASN B 357 -2.05 7.43 -22.36
N LEU B 358 -1.01 6.60 -22.44
CA LEU B 358 -1.15 5.15 -22.36
C LEU B 358 -0.93 4.69 -20.93
N VAL B 359 -1.77 3.78 -20.46
CA VAL B 359 -1.64 3.20 -19.13
C VAL B 359 -1.67 1.68 -19.28
N CYS B 360 -0.62 1.02 -18.80
CA CYS B 360 -0.45 -0.43 -18.97
C CYS B 360 -0.43 -1.09 -17.60
N GLY B 361 -1.51 -1.81 -17.29
CA GLY B 361 -1.56 -2.63 -16.09
C GLY B 361 -1.16 -4.06 -16.42
N THR B 362 -0.07 -4.52 -15.83
CA THR B 362 0.50 -5.83 -16.11
C THR B 362 0.42 -6.71 -14.87
N ASP B 363 0.68 -8.00 -15.08
CA ASP B 363 0.71 -8.98 -14.00
C ASP B 363 2.08 -9.12 -13.36
N ALA B 364 3.08 -8.39 -13.86
CA ALA B 364 4.43 -8.43 -13.32
C ALA B 364 4.63 -7.48 -12.16
N GLU B 365 3.54 -6.99 -11.56
CA GLU B 365 3.59 -6.06 -10.43
C GLU B 365 4.40 -4.81 -10.77
N ALA B 366 3.95 -4.12 -11.83
CA ALA B 366 4.60 -2.90 -12.29
C ALA B 366 3.58 -2.06 -13.02
N ILE B 367 3.97 -0.83 -13.34
CA ILE B 367 3.13 0.12 -14.07
C ILE B 367 3.91 0.71 -15.22
N TYR B 368 3.19 1.15 -16.25
CA TYR B 368 3.80 1.75 -17.42
C TYR B 368 2.89 2.87 -17.93
N VAL B 369 3.46 4.05 -18.10
CA VAL B 369 2.71 5.22 -18.57
C VAL B 369 3.53 5.93 -19.63
N THR B 370 2.92 6.21 -20.78
CA THR B 370 3.53 6.99 -21.84
C THR B 370 2.67 8.22 -22.08
N ARG B 371 3.31 9.40 -22.02
CA ARG B 371 2.57 10.65 -22.13
C ARG B 371 2.30 11.02 -23.58
N ARG B 372 3.20 10.67 -24.49
CA ARG B 372 3.06 11.00 -25.90
C ARG B 372 3.39 9.78 -26.75
N LEU B 373 2.57 9.53 -27.77
CA LEU B 373 2.79 8.45 -28.71
C LEU B 373 2.74 8.91 -30.16
N PHE B 374 2.65 10.22 -30.39
CA PHE B 374 2.61 10.75 -31.75
C PHE B 374 3.13 12.18 -31.72
N SER B 375 4.23 12.43 -32.42
CA SER B 375 4.83 13.76 -32.46
C SER B 375 5.62 13.98 -33.74
N MET C 1 -47.29 13.23 -49.58
CA MET C 1 -46.64 12.27 -48.69
C MET C 1 -46.59 12.80 -47.26
N PHE C 2 -46.97 14.06 -47.09
CA PHE C 2 -46.97 14.69 -45.77
C PHE C 2 -48.31 14.47 -45.09
N VAL C 3 -48.25 14.05 -43.82
CA VAL C 3 -49.45 13.81 -43.03
C VAL C 3 -50.06 15.14 -42.61
N ALA C 4 -50.84 15.74 -43.51
CA ALA C 4 -51.48 17.03 -43.26
C ALA C 4 -52.92 16.83 -42.81
N ARG C 5 -53.34 17.60 -41.81
CA ARG C 5 -54.69 17.56 -41.27
C ARG C 5 -55.35 18.92 -41.41
N SER C 6 -56.55 19.04 -40.82
CA SER C 6 -57.30 20.28 -40.85
C SER C 6 -57.37 20.98 -39.50
N ILE C 7 -56.85 20.36 -38.44
CA ILE C 7 -56.87 20.95 -37.10
C ILE C 7 -55.55 20.66 -36.42
N ALA C 8 -55.11 21.60 -35.57
CA ALA C 8 -53.86 21.47 -34.86
C ALA C 8 -53.94 22.26 -33.56
N ALA C 9 -52.95 22.02 -32.69
CA ALA C 9 -52.84 22.71 -31.40
C ALA C 9 -54.06 22.48 -30.53
N ASP C 10 -54.17 23.21 -29.42
CA ASP C 10 -55.29 23.08 -28.50
C ASP C 10 -55.87 24.42 -28.09
N HIS C 11 -55.42 25.52 -28.69
CA HIS C 11 -55.91 26.85 -28.35
C HIS C 11 -57.29 27.05 -28.98
N LYS C 12 -58.30 27.28 -28.14
CA LYS C 12 -59.66 27.46 -28.65
C LYS C 12 -59.87 28.84 -29.26
N ASP C 13 -59.26 29.87 -28.71
CA ASP C 13 -59.40 31.22 -29.22
C ASP C 13 -58.43 31.44 -30.38
N LEU C 14 -58.17 32.71 -30.71
CA LEU C 14 -57.30 33.04 -31.83
C LEU C 14 -55.84 32.88 -31.42
N ILE C 15 -55.18 31.85 -31.96
CA ILE C 15 -53.75 31.65 -31.72
C ILE C 15 -52.96 32.72 -32.44
N HIS C 16 -52.07 33.39 -31.70
CA HIS C 16 -51.30 34.49 -32.27
C HIS C 16 -50.04 33.99 -32.95
N ASP C 17 -49.04 33.57 -32.17
CA ASP C 17 -47.75 33.20 -32.73
C ASP C 17 -47.19 31.98 -32.01
N VAL C 18 -46.10 31.44 -32.56
CA VAL C 18 -45.35 30.36 -31.95
C VAL C 18 -43.87 30.67 -32.06
N SER C 19 -43.06 29.83 -31.41
CA SER C 19 -41.61 29.98 -31.46
C SER C 19 -40.98 28.63 -31.12
N PHE C 20 -39.73 28.46 -31.56
CA PHE C 20 -38.98 27.24 -31.34
C PHE C 20 -37.58 27.57 -30.89
N ASP C 21 -36.98 26.69 -30.12
CA ASP C 21 -35.61 26.90 -29.65
C ASP C 21 -34.61 26.72 -30.79
N PHE C 22 -33.49 27.43 -30.68
CA PHE C 22 -32.45 27.31 -31.69
C PHE C 22 -31.86 25.90 -31.71
N HIS C 23 -31.86 25.21 -30.58
CA HIS C 23 -31.41 23.83 -30.51
C HIS C 23 -32.52 22.83 -30.87
N GLY C 24 -33.72 23.31 -31.20
CA GLY C 24 -34.81 22.43 -31.54
C GLY C 24 -35.51 21.88 -30.31
N ARG C 25 -36.26 20.79 -30.53
CA ARG C 25 -36.94 20.05 -29.49
C ARG C 25 -37.98 20.88 -28.75
N ARG C 26 -37.56 22.01 -28.16
CA ARG C 26 -38.44 22.83 -27.35
C ARG C 26 -39.16 23.86 -28.20
N MET C 27 -40.45 24.05 -27.91
CA MET C 27 -41.27 25.03 -28.60
C MET C 27 -42.13 25.77 -27.59
N ALA C 28 -42.82 26.80 -28.07
CA ALA C 28 -43.70 27.59 -27.23
C ALA C 28 -44.75 28.26 -28.12
N THR C 29 -45.91 28.57 -27.53
CA THR C 29 -47.01 29.19 -28.25
C THR C 29 -47.52 30.38 -27.45
N CYS C 30 -48.21 31.28 -28.17
CA CYS C 30 -48.83 32.45 -27.57
C CYS C 30 -50.13 32.71 -28.31
N SER C 31 -51.24 32.67 -27.57
CA SER C 31 -52.57 32.78 -28.18
C SER C 31 -53.36 33.85 -27.44
N SER C 32 -54.69 33.79 -27.57
CA SER C 32 -55.59 34.71 -26.89
C SER C 32 -56.21 34.13 -25.64
N ASP C 33 -55.86 32.89 -25.29
CA ASP C 33 -56.38 32.25 -24.08
C ASP C 33 -55.66 32.69 -22.81
N GLN C 34 -54.77 33.68 -22.92
CA GLN C 34 -53.99 34.20 -21.79
C GLN C 34 -53.17 33.11 -21.11
N SER C 35 -52.79 32.08 -21.85
CA SER C 35 -52.00 30.97 -21.30
C SER C 35 -51.07 30.46 -22.38
N VAL C 36 -49.77 30.48 -22.10
CA VAL C 36 -48.77 30.02 -23.05
C VAL C 36 -48.47 28.55 -22.77
N LYS C 37 -48.24 27.80 -23.85
CA LYS C 37 -47.98 26.37 -23.78
C LYS C 37 -46.62 26.06 -24.40
N VAL C 38 -45.79 25.32 -23.67
CA VAL C 38 -44.48 24.90 -24.13
C VAL C 38 -44.54 23.40 -24.42
N TRP C 39 -44.10 23.01 -25.62
CA TRP C 39 -44.11 21.63 -26.08
C TRP C 39 -42.70 21.12 -26.26
N ASP C 40 -42.54 19.80 -26.20
CA ASP C 40 -41.25 19.15 -26.38
C ASP C 40 -41.43 18.02 -27.40
N LYS C 41 -40.99 18.27 -28.63
CA LYS C 41 -41.06 17.27 -29.69
C LYS C 41 -39.97 16.23 -29.46
N SER C 42 -40.37 15.01 -29.13
CA SER C 42 -39.42 13.94 -28.86
C SER C 42 -38.92 13.33 -30.17
N GLU C 43 -38.00 12.39 -30.05
CA GLU C 43 -37.43 11.72 -31.21
C GLU C 43 -38.33 10.64 -31.79
N ASN C 44 -39.38 10.24 -31.06
CA ASN C 44 -40.29 9.21 -31.54
C ASN C 44 -41.26 9.71 -32.61
N GLY C 45 -41.35 11.02 -32.80
CA GLY C 45 -42.24 11.59 -33.78
C GLY C 45 -43.51 12.24 -33.23
N ASN C 46 -43.61 12.42 -31.92
CA ASN C 46 -44.77 13.03 -31.30
C ASN C 46 -44.34 14.22 -30.45
N TRP C 47 -45.18 15.23 -30.39
CA TRP C 47 -44.93 16.44 -29.61
C TRP C 47 -46.07 16.61 -28.62
N HIS C 48 -45.84 16.16 -27.38
CA HIS C 48 -46.86 16.24 -26.34
C HIS C 48 -46.79 17.57 -25.60
N CYS C 49 -47.87 17.89 -24.90
CA CYS C 49 -47.94 19.13 -24.13
C CYS C 49 -47.06 19.02 -22.90
N THR C 50 -45.91 19.69 -22.92
CA THR C 50 -44.99 19.63 -21.78
C THR C 50 -45.47 20.49 -20.63
N ALA C 51 -45.84 21.74 -20.91
CA ALA C 51 -46.31 22.63 -19.86
C ALA C 51 -47.28 23.64 -20.44
N SER C 52 -48.14 24.19 -19.57
CA SER C 52 -49.09 25.22 -19.96
C SER C 52 -49.37 26.09 -18.74
N TRP C 53 -49.16 27.39 -18.87
CA TRP C 53 -49.30 28.27 -17.71
C TRP C 53 -49.60 29.69 -18.17
N LYS C 54 -50.23 30.45 -17.29
CA LYS C 54 -50.61 31.82 -17.60
C LYS C 54 -49.39 32.73 -17.56
N THR C 55 -49.45 33.82 -18.34
CA THR C 55 -48.35 34.77 -18.40
C THR C 55 -48.85 36.21 -18.40
N HIS C 56 -49.70 36.55 -19.38
CA HIS C 56 -50.21 37.90 -19.52
C HIS C 56 -51.74 37.89 -19.47
N SER C 57 -52.31 39.07 -19.21
CA SER C 57 -53.74 39.26 -19.14
C SER C 57 -54.24 40.23 -20.20
N GLY C 58 -53.49 40.42 -21.27
CA GLY C 58 -53.89 41.34 -22.32
C GLY C 58 -53.49 40.88 -23.71
N SER C 59 -53.81 39.63 -24.04
CA SER C 59 -53.55 39.04 -25.35
C SER C 59 -52.06 39.06 -25.69
N VAL C 60 -51.35 37.99 -25.32
CA VAL C 60 -49.93 37.89 -25.64
C VAL C 60 -49.75 37.73 -27.14
N TRP C 61 -48.75 38.42 -27.70
CA TRP C 61 -48.57 38.46 -29.14
C TRP C 61 -47.27 37.75 -29.48
N ARG C 62 -46.13 38.45 -29.54
CA ARG C 62 -44.90 37.85 -30.00
C ARG C 62 -44.29 36.95 -28.92
N VAL C 63 -43.22 36.25 -29.30
CA VAL C 63 -42.50 35.36 -28.40
C VAL C 63 -41.10 35.12 -28.96
N THR C 64 -40.08 35.31 -28.14
CA THR C 64 -38.70 35.16 -28.56
C THR C 64 -38.01 34.12 -27.69
N TRP C 65 -36.94 33.54 -28.24
CA TRP C 65 -36.15 32.53 -27.55
C TRP C 65 -34.67 32.91 -27.66
N ALA C 66 -33.86 32.30 -26.80
CA ALA C 66 -32.43 32.57 -26.76
C ALA C 66 -31.67 31.24 -26.73
N HIS C 67 -30.37 31.33 -26.97
CA HIS C 67 -29.54 30.14 -26.96
C HIS C 67 -29.27 29.71 -25.52
N PRO C 68 -29.17 28.40 -25.25
CA PRO C 68 -28.86 27.94 -23.89
C PRO C 68 -27.46 28.30 -23.42
N GLU C 69 -26.58 28.76 -24.32
CA GLU C 69 -25.22 29.11 -23.91
C GLU C 69 -25.18 30.39 -23.10
N PHE C 70 -26.18 31.25 -23.21
CA PHE C 70 -26.22 32.51 -22.49
C PHE C 70 -27.39 32.62 -21.51
N GLY C 71 -28.20 31.57 -21.39
CA GLY C 71 -29.34 31.59 -20.49
C GLY C 71 -30.65 31.35 -21.20
N GLN C 72 -31.37 30.30 -20.79
CA GLN C 72 -32.65 29.96 -21.41
C GLN C 72 -33.76 30.86 -20.88
N VAL C 73 -33.95 32.01 -21.50
CA VAL C 73 -34.99 32.96 -21.13
C VAL C 73 -35.96 33.11 -22.28
N LEU C 74 -37.17 33.57 -21.95
CA LEU C 74 -38.23 33.77 -22.94
C LEU C 74 -38.84 35.14 -22.74
N ALA C 75 -38.75 35.98 -23.77
CA ALA C 75 -39.31 37.33 -23.74
C ALA C 75 -40.45 37.39 -24.75
N SER C 76 -41.66 37.65 -24.27
CA SER C 76 -42.86 37.69 -25.10
C SER C 76 -43.47 39.08 -25.08
N CYS C 77 -44.17 39.42 -26.15
CA CYS C 77 -44.85 40.70 -26.29
C CYS C 77 -46.36 40.51 -26.11
N SER C 78 -47.00 41.54 -25.56
CA SER C 78 -48.44 41.50 -25.33
C SER C 78 -49.00 42.90 -25.52
N PHE C 79 -50.33 42.98 -25.53
CA PHE C 79 -51.04 44.25 -25.72
C PHE C 79 -51.52 44.85 -24.41
N ASP C 80 -51.02 44.37 -23.27
CA ASP C 80 -51.40 44.88 -21.96
C ASP C 80 -50.48 46.01 -21.49
N ARG C 81 -49.81 46.69 -22.41
CA ARG C 81 -48.93 47.82 -22.11
C ARG C 81 -47.81 47.44 -21.13
N THR C 82 -47.39 46.19 -21.16
CA THR C 82 -46.31 45.72 -20.31
C THR C 82 -45.74 44.44 -20.89
N ALA C 83 -44.58 44.04 -20.37
CA ALA C 83 -43.91 42.83 -20.83
C ALA C 83 -43.01 42.31 -19.72
N ALA C 84 -42.82 41.01 -19.70
CA ALA C 84 -41.97 40.35 -18.71
C ALA C 84 -41.19 39.23 -19.37
N VAL C 85 -40.21 38.70 -18.64
CA VAL C 85 -39.35 37.63 -19.12
C VAL C 85 -39.50 36.43 -18.20
N TRP C 86 -39.67 35.25 -18.79
CA TRP C 86 -39.80 34.01 -18.05
C TRP C 86 -38.51 33.21 -18.14
N GLU C 87 -38.25 32.40 -17.12
CA GLU C 87 -37.05 31.58 -17.06
C GLU C 87 -37.43 30.16 -16.66
N GLU C 88 -36.56 29.21 -17.01
CA GLU C 88 -36.75 27.80 -16.70
C GLU C 88 -35.65 27.38 -15.73
N ILE C 89 -36.02 27.15 -14.48
CA ILE C 89 -35.08 26.81 -13.42
C ILE C 89 -35.25 25.33 -13.07
N VAL C 90 -34.15 24.60 -13.08
CA VAL C 90 -34.16 23.18 -12.73
C VAL C 90 -33.45 23.01 -11.39
N GLY C 91 -33.79 21.93 -10.70
CA GLY C 91 -33.23 21.61 -9.40
C GLY C 91 -32.30 20.41 -9.45
N GLU C 92 -31.93 19.96 -8.26
CA GLU C 92 -31.04 18.80 -8.07
C GLU C 92 -29.70 19.09 -8.75
N SER C 93 -29.03 18.05 -9.25
CA SER C 93 -27.75 18.21 -9.92
C SER C 93 -27.87 17.53 -11.28
N ASN C 94 -27.10 16.48 -11.54
CA ASN C 94 -27.13 15.77 -12.82
C ASN C 94 -26.91 14.28 -12.58
N ASP C 95 -27.82 13.67 -11.82
CA ASP C 95 -27.76 12.24 -11.55
C ASP C 95 -28.57 11.43 -12.57
N LYS C 96 -29.84 11.81 -12.77
CA LYS C 96 -30.72 11.17 -13.73
C LYS C 96 -31.22 12.25 -14.69
N LEU C 97 -30.36 12.64 -15.63
CA LEU C 97 -30.63 13.71 -16.59
C LEU C 97 -30.92 14.98 -15.78
N ARG C 98 -32.01 15.70 -16.05
CA ARG C 98 -32.36 16.90 -15.31
C ARG C 98 -33.51 16.58 -14.35
N GLY C 99 -33.45 17.16 -13.15
CA GLY C 99 -34.47 16.92 -12.15
C GLY C 99 -35.74 17.71 -12.39
N GLN C 100 -36.34 18.21 -11.31
CA GLN C 100 -37.59 18.97 -11.44
C GLN C 100 -37.29 20.36 -11.99
N SER C 101 -37.96 20.71 -13.09
CA SER C 101 -37.81 22.01 -13.73
C SER C 101 -39.13 22.75 -13.69
N HIS C 102 -39.05 24.08 -13.55
CA HIS C 102 -40.26 24.89 -13.42
C HIS C 102 -40.02 26.26 -14.03
N TRP C 103 -41.12 26.89 -14.45
CA TRP C 103 -41.10 28.24 -14.99
C TRP C 103 -41.22 29.25 -13.86
N VAL C 104 -40.39 30.29 -13.93
CA VAL C 104 -40.35 31.33 -12.91
C VAL C 104 -40.23 32.70 -13.58
N LYS C 105 -40.49 33.74 -12.79
CA LYS C 105 -40.39 35.13 -13.24
C LYS C 105 -39.26 35.78 -12.45
N ARG C 106 -38.06 35.73 -13.01
CA ARG C 106 -36.90 36.30 -12.34
C ARG C 106 -36.96 37.83 -12.34
N THR C 107 -37.41 38.43 -13.43
CA THR C 107 -37.49 39.88 -13.53
C THR C 107 -38.57 40.24 -14.54
N THR C 108 -39.00 41.49 -14.49
CA THR C 108 -40.02 42.03 -15.39
C THR C 108 -39.46 43.24 -16.10
N LEU C 109 -39.57 43.24 -17.44
CA LEU C 109 -39.07 44.34 -18.25
C LEU C 109 -39.83 45.63 -17.95
N VAL C 110 -39.14 46.60 -17.35
CA VAL C 110 -39.76 47.88 -17.01
C VAL C 110 -39.72 48.81 -18.21
N ASP C 111 -40.04 50.09 -17.97
CA ASP C 111 -40.06 51.11 -19.02
C ASP C 111 -40.98 50.72 -20.17
N SER C 112 -42.16 50.19 -19.83
CA SER C 112 -43.16 49.77 -20.80
C SER C 112 -44.50 50.37 -20.40
N ARG C 113 -44.95 51.38 -21.14
CA ARG C 113 -46.22 52.04 -20.86
C ARG C 113 -47.19 52.02 -22.03
N THR C 114 -46.71 51.95 -23.26
CA THR C 114 -47.56 51.93 -24.45
C THR C 114 -47.47 50.55 -25.10
N SER C 115 -47.79 50.49 -26.39
CA SER C 115 -47.76 49.23 -27.13
C SER C 115 -46.32 48.83 -27.40
N VAL C 116 -45.91 47.68 -26.88
CA VAL C 116 -44.55 47.18 -27.08
C VAL C 116 -44.45 46.58 -28.47
N THR C 117 -43.47 47.05 -29.25
CA THR C 117 -43.28 46.53 -30.60
C THR C 117 -42.48 45.25 -30.60
N ASP C 118 -41.16 45.35 -30.40
CA ASP C 118 -40.28 44.19 -30.39
C ASP C 118 -39.24 44.37 -29.29
N VAL C 119 -38.96 43.29 -28.58
CA VAL C 119 -37.96 43.30 -27.50
C VAL C 119 -37.11 42.05 -27.59
N LYS C 120 -36.64 41.73 -28.79
CA LYS C 120 -35.80 40.55 -29.00
C LYS C 120 -34.38 40.86 -28.53
N PHE C 121 -33.46 39.92 -28.76
CA PHE C 121 -32.10 40.04 -28.29
C PHE C 121 -31.25 40.75 -29.34
N ALA C 122 -29.94 40.83 -29.08
CA ALA C 122 -28.99 41.50 -29.95
C ALA C 122 -27.76 40.62 -30.10
N PRO C 123 -27.02 40.76 -31.21
CA PRO C 123 -25.80 39.98 -31.37
C PRO C 123 -24.77 40.30 -30.30
N LYS C 124 -23.90 39.33 -30.02
CA LYS C 124 -22.90 39.47 -28.97
C LYS C 124 -21.78 40.42 -29.38
N HIS C 125 -20.70 39.88 -29.93
CA HIS C 125 -19.53 40.66 -30.31
C HIS C 125 -18.99 41.46 -29.14
N MET C 126 -19.59 42.62 -28.88
CA MET C 126 -19.21 43.47 -27.74
C MET C 126 -20.10 43.26 -26.53
N GLY C 127 -20.76 42.11 -26.42
CA GLY C 127 -21.64 41.84 -25.30
C GLY C 127 -23.07 41.60 -25.73
N LEU C 128 -23.76 40.71 -25.02
CA LEU C 128 -25.16 40.39 -25.32
C LEU C 128 -26.06 41.46 -24.71
N MET C 129 -26.60 42.32 -25.56
CA MET C 129 -27.47 43.41 -25.13
C MET C 129 -28.93 43.07 -25.41
N LEU C 130 -29.82 43.79 -24.75
CA LEU C 130 -31.25 43.64 -24.94
C LEU C 130 -31.84 44.98 -25.39
N ALA C 131 -32.54 44.96 -26.52
CA ALA C 131 -33.11 46.17 -27.10
C ALA C 131 -34.60 46.23 -26.76
N THR C 132 -34.99 47.25 -26.00
CA THR C 132 -36.37 47.49 -25.63
C THR C 132 -36.92 48.65 -26.45
N CYS C 133 -38.02 48.40 -27.16
CA CYS C 133 -38.65 49.40 -28.00
C CYS C 133 -40.14 49.44 -27.74
N SER C 134 -40.77 50.52 -28.18
CA SER C 134 -42.21 50.70 -28.00
C SER C 134 -42.75 51.44 -29.22
N ALA C 135 -43.93 52.05 -29.08
CA ALA C 135 -44.55 52.80 -30.16
C ALA C 135 -44.49 54.30 -29.89
N ASP C 136 -43.27 54.80 -29.77
CA ASP C 136 -43.05 56.22 -29.49
C ASP C 136 -41.77 56.71 -30.16
N GLY C 137 -40.88 55.77 -30.48
CA GLY C 137 -39.61 56.11 -31.12
C GLY C 137 -38.42 56.17 -30.21
N VAL C 138 -38.45 55.48 -29.07
CA VAL C 138 -37.34 55.46 -28.13
C VAL C 138 -36.87 54.02 -27.98
N VAL C 139 -35.58 53.79 -28.18
CA VAL C 139 -34.98 52.46 -28.10
C VAL C 139 -33.96 52.47 -26.98
N ARG C 140 -34.14 51.59 -26.00
CA ARG C 140 -33.23 51.45 -24.88
C ARG C 140 -32.40 50.18 -25.03
N ILE C 141 -31.18 50.22 -24.53
CA ILE C 141 -30.25 49.10 -24.59
C ILE C 141 -29.86 48.75 -23.17
N TYR C 142 -30.16 47.52 -22.75
CA TYR C 142 -29.85 47.04 -21.41
C TYR C 142 -28.79 45.94 -21.48
N GLU C 143 -27.99 45.86 -20.43
CA GLU C 143 -26.93 44.86 -20.33
C GLU C 143 -27.01 44.17 -18.98
N ALA C 144 -26.46 42.94 -18.94
CA ALA C 144 -26.45 42.12 -17.73
C ALA C 144 -25.01 41.94 -17.27
N PRO C 145 -24.49 42.81 -16.41
CA PRO C 145 -23.11 42.62 -15.96
C PRO C 145 -22.94 41.50 -14.95
N ASP C 146 -23.94 41.26 -14.11
CA ASP C 146 -23.89 40.21 -13.11
C ASP C 146 -24.42 38.92 -13.73
N VAL C 147 -23.55 37.92 -13.87
CA VAL C 147 -23.95 36.65 -14.44
C VAL C 147 -24.81 35.83 -13.48
N MET C 148 -24.70 36.09 -12.18
CA MET C 148 -25.48 35.37 -11.19
C MET C 148 -26.80 36.06 -10.85
N ASN C 149 -27.01 37.28 -11.32
CA ASN C 149 -28.23 38.05 -11.07
C ASN C 149 -28.86 38.40 -12.41
N LEU C 150 -29.92 37.70 -12.78
CA LEU C 150 -30.61 37.94 -14.05
C LEU C 150 -31.59 39.10 -13.97
N SER C 151 -31.76 39.72 -12.80
CA SER C 151 -32.67 40.84 -12.65
C SER C 151 -32.01 42.20 -12.86
N GLN C 152 -30.69 42.24 -13.03
CA GLN C 152 -29.99 43.49 -13.23
C GLN C 152 -30.03 43.88 -14.71
N TRP C 153 -30.55 45.09 -14.98
CA TRP C 153 -30.67 45.61 -16.33
C TRP C 153 -30.14 47.05 -16.31
N SER C 154 -28.84 47.21 -16.49
CA SER C 154 -28.22 48.52 -16.50
C SER C 154 -28.50 49.23 -17.82
N LEU C 155 -29.01 50.46 -17.73
CA LEU C 155 -29.32 51.27 -18.90
C LEU C 155 -28.08 52.06 -19.30
N GLN C 156 -27.52 51.75 -20.46
CA GLN C 156 -26.32 52.43 -20.95
C GLN C 156 -26.51 53.13 -22.29
N HIS C 157 -27.68 52.99 -22.91
CA HIS C 157 -27.94 53.63 -24.19
C HIS C 157 -29.44 53.86 -24.35
N GLU C 158 -29.81 55.07 -24.74
CA GLU C 158 -31.21 55.43 -24.96
C GLU C 158 -31.26 56.36 -26.17
N ILE C 159 -31.65 55.81 -27.32
CA ILE C 159 -31.69 56.56 -28.57
C ILE C 159 -33.13 56.97 -28.86
N SER C 160 -33.29 58.14 -29.47
CA SER C 160 -34.61 58.68 -29.84
C SER C 160 -34.64 58.81 -31.35
N CYS C 161 -35.18 57.79 -32.03
CA CYS C 161 -35.29 57.79 -33.48
C CYS C 161 -36.52 58.54 -33.98
N LYS C 162 -37.31 59.13 -33.08
CA LYS C 162 -38.50 59.90 -33.44
C LYS C 162 -39.52 59.04 -34.19
N LEU C 163 -40.56 59.68 -34.70
CA LEU C 163 -41.64 59.01 -35.45
C LEU C 163 -42.25 57.94 -34.54
N SER C 164 -42.54 56.74 -35.06
CA SER C 164 -43.10 55.64 -34.27
C SER C 164 -42.48 54.35 -34.80
N CYS C 165 -41.40 53.91 -34.17
CA CYS C 165 -40.69 52.72 -34.63
C CYS C 165 -41.56 51.49 -34.47
N SER C 166 -41.49 50.60 -35.47
CA SER C 166 -42.26 49.35 -35.47
C SER C 166 -41.36 48.12 -35.50
N CYS C 167 -40.48 48.02 -36.49
CA CYS C 167 -39.58 46.88 -36.62
C CYS C 167 -38.13 47.34 -36.48
N ILE C 168 -37.31 46.48 -35.87
CA ILE C 168 -35.90 46.78 -35.63
C ILE C 168 -35.08 45.55 -35.97
N SER C 169 -34.12 45.71 -36.89
CA SER C 169 -33.25 44.62 -37.29
C SER C 169 -31.80 45.00 -37.00
N TRP C 170 -30.97 43.98 -36.74
CA TRP C 170 -29.58 44.18 -36.40
C TRP C 170 -28.68 43.54 -37.45
N ASN C 171 -27.45 44.05 -37.54
CA ASN C 171 -26.42 43.51 -38.41
C ASN C 171 -25.10 43.50 -37.67
N PRO C 172 -24.57 42.33 -37.31
CA PRO C 172 -23.33 42.28 -36.51
C PRO C 172 -22.10 42.68 -37.31
N SER C 173 -20.95 42.67 -36.65
CA SER C 173 -19.69 43.04 -37.28
C SER C 173 -19.06 41.82 -37.97
N SER C 174 -18.30 42.09 -39.02
CA SER C 174 -17.64 41.03 -39.77
C SER C 174 -16.19 40.82 -39.34
N SER C 175 -15.60 41.77 -38.62
CA SER C 175 -14.22 41.65 -38.16
C SER C 175 -14.09 42.41 -36.86
N ARG C 176 -12.86 42.76 -36.48
CA ARG C 176 -12.60 43.48 -35.24
C ARG C 176 -12.66 44.99 -35.43
N ALA C 177 -12.71 45.49 -36.66
CA ALA C 177 -12.76 46.92 -36.93
C ALA C 177 -14.12 47.35 -37.47
N HIS C 178 -15.12 46.48 -37.44
CA HIS C 178 -16.46 46.79 -37.93
C HIS C 178 -17.39 47.08 -36.78
N SER C 179 -18.39 47.92 -37.04
CA SER C 179 -19.37 48.30 -36.04
C SER C 179 -20.74 47.71 -36.37
N PRO C 180 -21.55 47.38 -35.37
CA PRO C 180 -22.89 46.84 -35.64
C PRO C 180 -23.81 47.90 -36.22
N MET C 181 -24.69 47.47 -37.12
CA MET C 181 -25.66 48.34 -37.76
C MET C 181 -27.06 48.01 -37.23
N ILE C 182 -27.92 49.03 -37.19
CA ILE C 182 -29.29 48.87 -36.72
C ILE C 182 -30.22 49.54 -37.73
N ALA C 183 -31.16 48.77 -38.26
CA ALA C 183 -32.19 49.30 -39.15
C ALA C 183 -33.52 49.41 -38.41
N VAL C 184 -34.19 50.54 -38.58
CA VAL C 184 -35.44 50.83 -37.89
C VAL C 184 -36.49 51.19 -38.93
N GLY C 185 -37.55 50.39 -39.00
CA GLY C 185 -38.68 50.68 -39.87
C GLY C 185 -39.88 51.13 -39.06
N SER C 186 -40.34 52.36 -39.30
CA SER C 186 -41.42 52.94 -38.53
C SER C 186 -42.78 52.61 -39.15
N ASP C 187 -43.85 52.92 -38.39
CA ASP C 187 -45.22 52.67 -38.83
C ASP C 187 -46.09 53.74 -38.17
N ASP C 188 -46.12 54.93 -38.77
CA ASP C 188 -46.89 56.05 -38.26
C ASP C 188 -48.35 56.02 -38.70
N SER C 189 -48.81 54.92 -39.29
CA SER C 189 -50.18 54.77 -39.75
C SER C 189 -50.58 55.86 -40.74
N SER C 190 -49.62 56.29 -41.58
CA SER C 190 -49.88 57.33 -42.56
C SER C 190 -48.89 57.21 -43.71
N PRO C 191 -49.34 56.79 -44.90
CA PRO C 191 -48.42 56.67 -46.04
C PRO C 191 -47.93 58.00 -46.57
N ASN C 192 -48.54 59.11 -46.17
CA ASN C 192 -48.13 60.43 -46.65
C ASN C 192 -46.92 60.99 -45.91
N ILE C 193 -46.36 60.24 -44.96
CA ILE C 193 -45.19 60.68 -44.20
C ILE C 193 -43.95 60.18 -44.93
N MET C 194 -43.16 61.10 -45.47
CA MET C 194 -41.95 60.75 -46.19
C MET C 194 -40.84 60.40 -45.21
N GLY C 195 -40.26 59.21 -45.37
CA GLY C 195 -39.19 58.77 -44.51
C GLY C 195 -39.63 57.83 -43.41
N LYS C 196 -39.35 56.54 -43.58
CA LYS C 196 -39.73 55.53 -42.59
C LYS C 196 -38.62 54.55 -42.24
N VAL C 197 -37.48 54.61 -42.93
CA VAL C 197 -36.36 53.71 -42.68
C VAL C 197 -35.19 54.52 -42.15
N GLN C 198 -34.66 54.12 -40.99
CA GLN C 198 -33.54 54.79 -40.36
C GLN C 198 -32.40 53.80 -40.15
N ILE C 199 -31.17 54.29 -40.30
CA ILE C 199 -29.97 53.49 -40.14
C ILE C 199 -29.12 54.09 -39.04
N TYR C 200 -28.69 53.26 -38.10
CA TYR C 200 -27.87 53.71 -36.97
C TYR C 200 -26.60 52.87 -36.91
N GLU C 201 -25.49 53.53 -36.63
CA GLU C 201 -24.19 52.88 -36.55
C GLU C 201 -23.56 53.12 -35.18
N TYR C 202 -22.54 52.33 -34.87
CA TYR C 202 -21.80 52.44 -33.61
C TYR C 202 -20.53 53.24 -33.90
N ASN C 203 -20.64 54.56 -33.77
CA ASN C 203 -19.49 55.43 -34.04
C ASN C 203 -18.44 55.28 -32.94
N GLU C 204 -17.20 55.01 -33.35
CA GLU C 204 -16.11 54.87 -32.38
C GLU C 204 -15.61 56.21 -31.87
N ASN C 205 -15.90 57.31 -32.57
CA ASN C 205 -15.48 58.62 -32.12
C ASN C 205 -16.42 59.23 -31.09
N THR C 206 -17.68 58.81 -31.08
CA THR C 206 -18.65 59.31 -30.11
C THR C 206 -19.11 58.26 -29.10
N ARG C 207 -18.86 56.98 -29.37
CA ARG C 207 -19.25 55.88 -28.48
C ARG C 207 -20.75 55.88 -28.19
N LYS C 208 -21.55 56.21 -29.19
CA LYS C 208 -23.00 56.20 -29.05
C LYS C 208 -23.66 55.54 -30.26
N TYR C 209 -24.80 56.06 -30.69
CA TYR C 209 -25.50 55.52 -31.86
C TYR C 209 -26.17 56.70 -32.57
N ALA C 210 -25.43 57.31 -33.49
CA ALA C 210 -25.94 58.44 -34.25
C ALA C 210 -26.55 57.96 -35.56
N LYS C 211 -27.31 58.84 -36.20
CA LYS C 211 -27.97 58.53 -37.46
C LYS C 211 -26.93 58.46 -38.57
N ALA C 212 -26.68 57.26 -39.09
CA ALA C 212 -25.70 57.09 -40.15
C ALA C 212 -26.25 57.61 -41.48
N GLU C 213 -27.36 57.05 -41.95
CA GLU C 213 -27.98 57.47 -43.19
C GLU C 213 -29.48 57.29 -43.08
N THR C 214 -30.20 57.97 -43.98
CA THR C 214 -31.65 57.91 -44.03
C THR C 214 -32.10 57.54 -45.44
N LEU C 215 -33.39 57.24 -45.58
CA LEU C 215 -33.97 56.86 -46.87
C LEU C 215 -35.35 57.49 -46.97
N MET C 216 -35.53 58.37 -47.95
CA MET C 216 -36.80 59.05 -48.18
C MET C 216 -37.65 58.38 -49.25
N SER C 217 -37.20 57.22 -49.77
CA SER C 217 -37.96 56.54 -50.81
C SER C 217 -39.17 55.82 -50.25
N VAL C 218 -38.95 54.94 -49.28
CA VAL C 218 -40.03 54.16 -48.68
C VAL C 218 -40.80 55.08 -47.74
N SER C 219 -42.03 55.42 -48.12
CA SER C 219 -42.90 56.27 -47.31
C SER C 219 -44.09 55.52 -46.73
N ASP C 220 -44.40 54.33 -47.24
CA ASP C 220 -45.51 53.55 -46.71
C ASP C 220 -45.17 53.02 -45.31
N PRO C 221 -46.19 52.77 -44.49
CA PRO C 221 -45.93 52.20 -43.14
C PRO C 221 -45.22 50.87 -43.22
N VAL C 222 -43.97 50.83 -42.71
CA VAL C 222 -43.18 49.61 -42.77
C VAL C 222 -43.73 48.60 -41.77
N HIS C 223 -43.88 47.35 -42.22
CA HIS C 223 -44.39 46.27 -41.37
C HIS C 223 -43.28 45.36 -40.85
N ASP C 224 -42.27 45.07 -41.67
CA ASP C 224 -41.17 44.21 -41.22
C ASP C 224 -39.93 44.50 -42.06
N ILE C 225 -38.77 44.36 -41.42
CA ILE C 225 -37.49 44.51 -42.08
C ILE C 225 -36.57 43.37 -41.64
N ALA C 226 -35.75 42.88 -42.56
CA ALA C 226 -34.86 41.76 -42.25
C ALA C 226 -33.56 41.93 -43.03
N PHE C 227 -32.43 41.93 -42.31
CA PHE C 227 -31.12 41.99 -42.93
C PHE C 227 -30.63 40.59 -43.30
N ALA C 228 -29.68 40.55 -44.25
CA ALA C 228 -29.10 39.27 -44.65
C ALA C 228 -27.97 38.88 -43.70
N PRO C 229 -27.75 37.58 -43.50
CA PRO C 229 -26.67 37.15 -42.62
C PRO C 229 -25.31 37.57 -43.16
N ASN C 230 -24.43 37.99 -42.26
CA ASN C 230 -23.10 38.45 -42.64
C ASN C 230 -22.24 37.26 -43.07
N LEU C 231 -21.66 37.35 -44.27
CA LEU C 231 -20.81 36.31 -44.81
C LEU C 231 -19.39 36.81 -45.05
N GLY C 232 -18.96 37.79 -44.28
CA GLY C 232 -17.63 38.34 -44.44
C GLY C 232 -17.49 39.33 -45.59
N ARG C 233 -18.57 39.97 -45.99
CA ARG C 233 -18.56 40.93 -47.09
C ARG C 233 -18.82 42.33 -46.56
N SER C 234 -18.66 43.31 -47.45
CA SER C 234 -18.87 44.71 -47.11
C SER C 234 -20.30 45.16 -47.38
N PHE C 235 -20.87 44.77 -48.50
CA PHE C 235 -22.24 45.13 -48.84
C PHE C 235 -23.23 44.30 -48.01
N HIS C 236 -24.49 44.72 -48.06
CA HIS C 236 -25.54 44.04 -47.31
C HIS C 236 -26.83 44.01 -48.13
N ILE C 237 -27.70 43.08 -47.77
CA ILE C 237 -29.00 42.93 -48.42
C ILE C 237 -30.09 43.11 -47.36
N LEU C 238 -31.19 43.75 -47.75
CA LEU C 238 -32.30 44.02 -46.84
C LEU C 238 -33.60 43.68 -47.52
N ALA C 239 -34.53 43.09 -46.77
CA ALA C 239 -35.87 42.77 -47.25
C ALA C 239 -36.86 43.57 -46.41
N VAL C 240 -37.66 44.40 -47.08
CA VAL C 240 -38.64 45.27 -46.42
C VAL C 240 -40.02 44.82 -46.86
N ALA C 241 -40.74 44.17 -45.95
CA ALA C 241 -42.11 43.71 -46.20
C ALA C 241 -43.07 44.74 -45.64
N THR C 242 -43.71 45.50 -46.54
CA THR C 242 -44.71 46.49 -46.14
C THR C 242 -46.03 46.18 -46.83
N LYS C 243 -46.14 46.53 -48.10
CA LYS C 243 -47.32 46.23 -48.90
C LYS C 243 -47.00 45.43 -50.16
N ASP C 244 -45.73 45.14 -50.41
CA ASP C 244 -45.32 44.38 -51.60
C ASP C 244 -44.01 43.67 -51.28
N VAL C 245 -43.32 43.21 -52.31
CA VAL C 245 -42.06 42.50 -52.17
C VAL C 245 -40.94 43.47 -52.54
N ARG C 246 -40.21 43.93 -51.53
CA ARG C 246 -39.12 44.89 -51.70
C ARG C 246 -37.85 44.32 -51.13
N ILE C 247 -36.81 44.24 -51.96
CA ILE C 247 -35.49 43.79 -51.55
C ILE C 247 -34.46 44.78 -52.10
N PHE C 248 -33.70 45.39 -51.20
CA PHE C 248 -32.71 46.39 -51.56
C PHE C 248 -31.31 45.89 -51.20
N THR C 249 -30.31 46.52 -51.80
CA THR C 249 -28.91 46.20 -51.55
C THR C 249 -28.17 47.48 -51.20
N MET C 250 -27.49 47.46 -50.05
CA MET C 250 -26.69 48.60 -49.60
C MET C 250 -25.23 48.30 -49.85
N LYS C 251 -24.59 49.13 -50.70
CA LYS C 251 -23.19 48.99 -51.06
C LYS C 251 -22.37 50.13 -50.46
N PRO C 252 -21.20 49.84 -49.92
CA PRO C 252 -20.35 50.90 -49.36
C PRO C 252 -19.56 51.62 -50.42
N LEU C 253 -19.22 52.87 -50.11
CA LEU C 253 -18.44 53.70 -51.03
C LEU C 253 -17.26 54.33 -50.30
N ARG C 254 -17.52 54.99 -49.18
CA ARG C 254 -16.50 55.64 -48.37
C ARG C 254 -16.75 55.25 -46.91
N LYS C 255 -15.99 54.27 -46.42
CA LYS C 255 -16.12 53.79 -45.05
C LYS C 255 -14.82 53.98 -44.29
N GLU C 256 -14.12 55.09 -44.55
CA GLU C 256 -12.87 55.42 -43.89
C GLU C 256 -13.01 56.75 -43.16
N LEU C 257 -11.88 57.33 -42.78
CA LEU C 257 -11.87 58.60 -42.07
C LEU C 257 -11.89 59.75 -43.08
N SER C 258 -11.83 60.98 -42.56
CA SER C 258 -11.82 62.20 -43.36
C SER C 258 -13.04 62.30 -44.26
N SER C 259 -13.09 61.47 -45.30
CA SER C 259 -14.20 61.51 -46.24
C SER C 259 -15.53 61.08 -45.60
N SER C 260 -15.48 60.29 -44.53
CA SER C 260 -16.68 59.82 -43.85
C SER C 260 -16.47 60.03 -42.35
N GLY C 261 -17.00 61.15 -41.85
CA GLY C 261 -16.88 61.47 -40.44
C GLY C 261 -17.92 60.78 -39.58
N GLY C 262 -19.07 61.43 -39.41
CA GLY C 262 -20.13 60.85 -38.61
C GLY C 262 -21.12 60.04 -39.43
N VAL C 263 -21.09 60.23 -40.75
CA VAL C 263 -21.97 59.51 -41.66
C VAL C 263 -21.12 58.68 -42.61
N THR C 264 -21.77 57.68 -43.21
CA THR C 264 -21.12 56.79 -44.16
C THR C 264 -21.84 56.88 -45.50
N LYS C 265 -21.06 56.95 -46.58
CA LYS C 265 -21.61 57.05 -47.93
C LYS C 265 -21.98 55.65 -48.40
N PHE C 266 -23.26 55.30 -48.29
CA PHE C 266 -23.76 54.00 -48.71
C PHE C 266 -24.83 54.21 -49.78
N GLU C 267 -24.74 53.44 -50.85
CA GLU C 267 -25.68 53.52 -51.96
C GLU C 267 -26.70 52.39 -51.85
N ILE C 268 -27.98 52.73 -51.88
CA ILE C 268 -29.06 51.78 -51.78
C ILE C 268 -29.65 51.57 -53.16
N HIS C 269 -29.63 50.35 -53.66
CA HIS C 269 -30.15 50.01 -54.97
C HIS C 269 -31.28 49.01 -54.83
N THR C 270 -32.42 49.31 -55.46
CA THR C 270 -33.58 48.41 -55.43
C THR C 270 -33.31 47.24 -56.38
N VAL C 271 -32.94 46.10 -55.82
CA VAL C 271 -32.62 44.92 -56.62
C VAL C 271 -33.83 44.01 -56.83
N ALA C 272 -34.92 44.21 -56.10
CA ALA C 272 -36.13 43.43 -56.33
C ALA C 272 -37.34 44.26 -55.91
N GLN C 273 -38.24 44.52 -56.86
CA GLN C 273 -39.47 45.27 -56.61
C GLN C 273 -40.62 44.51 -57.28
N PHE C 274 -41.15 43.52 -56.58
CA PHE C 274 -42.22 42.68 -57.09
C PHE C 274 -43.51 42.92 -56.31
N ASP C 275 -44.63 42.53 -56.93
CA ASP C 275 -45.94 42.68 -56.30
C ASP C 275 -46.92 41.67 -56.88
N ASN C 276 -46.54 40.40 -56.88
CA ASN C 276 -47.40 39.33 -57.40
C ASN C 276 -48.45 38.87 -56.40
N HIS C 277 -48.45 39.41 -55.18
CA HIS C 277 -49.42 39.02 -54.18
C HIS C 277 -50.77 39.72 -54.36
N ASN C 278 -50.79 40.86 -55.05
CA ASN C 278 -52.02 41.63 -55.29
C ASN C 278 -52.70 42.03 -53.98
N SER C 279 -51.91 42.24 -52.94
CA SER C 279 -52.45 42.63 -51.64
C SER C 279 -51.37 43.29 -50.78
N GLN C 280 -51.14 42.76 -49.59
CA GLN C 280 -50.13 43.26 -48.68
C GLN C 280 -49.49 42.11 -47.93
N VAL C 281 -48.30 42.37 -47.38
CA VAL C 281 -47.54 41.37 -46.64
C VAL C 281 -47.49 41.78 -45.18
N TRP C 282 -47.30 40.78 -44.31
CA TRP C 282 -47.23 41.02 -42.88
C TRP C 282 -45.78 40.97 -42.39
N ARG C 283 -45.27 39.78 -42.15
CA ARG C 283 -43.92 39.57 -41.66
C ARG C 283 -43.07 38.88 -42.72
N VAL C 284 -41.77 39.09 -42.63
CA VAL C 284 -40.80 38.49 -43.54
C VAL C 284 -39.72 37.82 -42.72
N SER C 285 -39.30 36.63 -43.15
CA SER C 285 -38.30 35.86 -42.42
C SER C 285 -37.27 35.28 -43.39
N TRP C 286 -36.02 35.27 -42.95
CA TRP C 286 -34.91 34.72 -43.72
C TRP C 286 -34.54 33.33 -43.21
N ASN C 287 -33.93 32.54 -44.10
CA ASN C 287 -33.44 31.23 -43.70
C ASN C 287 -32.23 31.37 -42.78
N ILE C 288 -31.88 30.24 -42.14
CA ILE C 288 -30.73 30.23 -41.24
C ILE C 288 -29.42 30.42 -42.00
N THR C 289 -29.41 30.16 -43.31
CA THR C 289 -28.22 30.34 -44.13
C THR C 289 -28.26 31.58 -45.00
N GLY C 290 -29.45 32.04 -45.40
CA GLY C 290 -29.56 33.21 -46.24
C GLY C 290 -29.89 32.89 -47.68
N THR C 291 -30.79 31.92 -47.89
CA THR C 291 -31.19 31.51 -49.22
C THR C 291 -32.69 31.37 -49.42
N VAL C 292 -33.49 31.30 -48.34
CA VAL C 292 -34.93 31.15 -48.43
C VAL C 292 -35.59 32.34 -47.77
N LEU C 293 -36.66 32.84 -48.38
CA LEU C 293 -37.43 33.95 -47.86
C LEU C 293 -38.88 33.50 -47.66
N ALA C 294 -39.44 33.77 -46.49
CA ALA C 294 -40.79 33.34 -46.16
C ALA C 294 -41.63 34.55 -45.74
N SER C 295 -42.88 34.57 -46.22
CA SER C 295 -43.80 35.65 -45.90
C SER C 295 -45.22 35.16 -46.13
N SER C 296 -46.17 35.87 -45.52
CA SER C 296 -47.58 35.54 -45.64
C SER C 296 -48.34 36.81 -46.03
N GLY C 297 -49.64 36.83 -45.75
CA GLY C 297 -50.47 37.98 -46.07
C GLY C 297 -51.76 37.94 -45.28
N ASP C 298 -52.57 38.98 -45.49
CA ASP C 298 -53.85 39.09 -44.81
C ASP C 298 -54.97 38.32 -45.50
N ASP C 299 -54.81 38.01 -46.79
CA ASP C 299 -55.82 37.27 -47.54
C ASP C 299 -55.72 35.75 -47.35
N GLY C 300 -54.78 35.28 -46.54
CA GLY C 300 -54.62 33.86 -46.32
C GLY C 300 -53.78 33.18 -47.39
N THR C 301 -52.65 33.79 -47.73
CA THR C 301 -51.76 33.25 -48.75
C THR C 301 -50.32 33.36 -48.25
N VAL C 302 -49.59 32.24 -48.32
CA VAL C 302 -48.20 32.17 -47.89
C VAL C 302 -47.33 31.98 -49.12
N ARG C 303 -46.33 32.83 -49.27
CA ARG C 303 -45.42 32.80 -50.42
C ARG C 303 -43.99 32.63 -49.93
N LEU C 304 -43.30 31.63 -50.47
CA LEU C 304 -41.93 31.31 -50.10
C LEU C 304 -41.06 31.33 -51.35
N TRP C 305 -40.04 32.17 -51.33
CA TRP C 305 -39.09 32.30 -52.43
C TRP C 305 -37.74 31.68 -52.04
N LYS C 306 -36.99 31.30 -53.06
CA LYS C 306 -35.65 30.75 -52.89
C LYS C 306 -34.67 31.49 -53.78
N ALA C 307 -33.39 31.33 -53.48
CA ALA C 307 -32.34 32.00 -54.23
C ALA C 307 -32.09 31.27 -55.56
N ASN C 308 -31.46 31.99 -56.49
CA ASN C 308 -31.14 31.43 -57.80
C ASN C 308 -29.65 31.57 -58.10
N TYR C 309 -29.30 32.60 -58.86
CA TYR C 309 -27.90 32.82 -59.23
C TYR C 309 -27.65 34.29 -59.54
N MET C 310 -28.73 35.07 -59.71
CA MET C 310 -28.63 36.48 -60.02
C MET C 310 -29.20 37.35 -58.90
N ASP C 311 -29.17 36.85 -57.67
CA ASP C 311 -29.67 37.56 -56.49
C ASP C 311 -31.13 37.95 -56.66
N ASN C 312 -31.91 37.07 -57.29
CA ASN C 312 -33.33 37.28 -57.52
C ASN C 312 -34.14 36.26 -56.74
N TRP C 313 -35.37 36.63 -56.38
CA TRP C 313 -36.27 35.79 -55.61
C TRP C 313 -37.55 35.57 -56.40
N LYS C 314 -37.88 34.31 -56.66
CA LYS C 314 -39.08 33.93 -57.38
C LYS C 314 -39.93 33.01 -56.52
N CYS C 315 -41.24 33.12 -56.67
CA CYS C 315 -42.19 32.36 -55.86
C CYS C 315 -42.06 30.87 -56.16
N ILE C 316 -41.56 30.11 -55.20
CA ILE C 316 -41.46 28.66 -55.31
C ILE C 316 -42.61 27.95 -54.60
N GLY C 317 -42.93 28.39 -53.38
CA GLY C 317 -44.01 27.80 -52.62
C GLY C 317 -45.16 28.75 -52.45
N VAL C 318 -46.35 28.30 -52.88
CA VAL C 318 -47.58 29.08 -52.77
C VAL C 318 -48.60 28.23 -52.03
N LEU C 319 -49.00 28.68 -50.84
CA LEU C 319 -49.94 27.96 -50.01
C LEU C 319 -51.16 28.83 -49.74
N LYS C 320 -52.34 28.22 -49.74
CA LYS C 320 -53.60 28.89 -49.46
C LYS C 320 -54.08 28.46 -48.07
N GLY C 321 -54.36 29.44 -47.21
CA GLY C 321 -54.80 29.12 -45.87
C GLY C 321 -56.24 28.66 -45.83
N ASP C 322 -57.15 29.44 -46.42
CA ASP C 322 -58.56 29.07 -46.43
C ASP C 322 -58.85 27.94 -47.41
N GLY C 323 -58.14 27.90 -48.52
CA GLY C 323 -58.31 26.88 -49.54
C GLY C 323 -57.32 25.75 -49.40
N ASN C 324 -57.04 25.09 -50.52
CA ASN C 324 -56.11 23.98 -50.55
C ASN C 324 -54.87 24.34 -51.36
N PRO C 325 -53.69 23.91 -50.94
CA PRO C 325 -52.46 24.21 -51.69
C PRO C 325 -52.46 23.50 -53.03
N VAL C 326 -52.33 24.27 -54.11
CA VAL C 326 -52.32 23.74 -55.46
C VAL C 326 -50.89 23.74 -55.99
N GLY C 327 -50.63 22.83 -56.93
CA GLY C 327 -49.32 22.73 -57.53
C GLY C 327 -48.42 21.73 -56.83
N ASN C 328 -47.42 21.24 -57.57
CA ASN C 328 -46.47 20.28 -57.04
C ASN C 328 -45.17 20.42 -57.81
N SER C 329 -44.10 20.79 -57.10
CA SER C 329 -42.79 20.97 -57.74
C SER C 329 -41.72 20.82 -56.67
N TYR C 330 -41.07 19.65 -56.64
CA TYR C 330 -40.01 19.37 -55.68
C TYR C 330 -38.76 19.00 -56.46
N GLN C 331 -37.76 19.89 -56.44
CA GLN C 331 -36.52 19.64 -57.17
C GLN C 331 -35.68 18.56 -56.47
N GLY C 332 -35.38 18.77 -55.19
CA GLY C 332 -34.59 17.82 -54.45
C GLY C 332 -33.11 18.14 -54.49
N PHE C 333 -32.33 17.20 -53.96
CA PHE C 333 -30.88 17.34 -53.92
C PHE C 333 -30.19 16.15 -54.56
N SER D 16 90.36 24.35 101.09
CA SER D 16 90.10 23.47 99.96
C SER D 16 89.23 24.17 98.92
N VAL D 17 89.71 24.21 97.68
CA VAL D 17 88.99 24.84 96.58
C VAL D 17 88.59 23.75 95.60
N ASN D 18 87.28 23.60 95.35
CA ASN D 18 86.74 22.60 94.45
C ASN D 18 85.99 23.32 93.34
N LEU D 19 86.58 23.36 92.15
CA LEU D 19 85.96 24.02 91.00
C LEU D 19 86.51 23.39 89.72
N GLU D 20 85.61 22.93 88.87
CA GLU D 20 85.96 22.32 87.59
C GLU D 20 85.67 23.30 86.46
N ARG D 21 86.62 23.45 85.55
CA ARG D 21 86.49 24.37 84.41
C ARG D 21 86.63 23.55 83.13
N SER D 22 85.54 22.93 82.71
CA SER D 22 85.53 22.16 81.47
C SER D 22 85.32 23.08 80.28
N TYR D 23 85.83 22.66 79.12
CA TYR D 23 85.75 23.43 77.90
C TYR D 23 85.26 22.54 76.77
N MET D 24 84.39 23.08 75.91
CA MET D 24 83.90 22.37 74.75
C MET D 24 84.67 22.79 73.51
N GLU D 25 85.01 21.82 72.68
CA GLU D 25 85.79 22.10 71.48
C GLU D 25 84.92 22.75 70.41
N LEU D 26 85.51 23.69 69.68
CA LEU D 26 84.82 24.41 68.62
C LEU D 26 85.74 24.47 67.40
N ILE D 27 85.32 23.84 66.31
CA ILE D 27 86.12 23.84 65.09
C ILE D 27 86.02 25.21 64.42
N GLY D 28 87.18 25.79 64.10
CA GLY D 28 87.22 27.08 63.45
C GLY D 28 87.74 27.01 62.03
N ALA D 29 88.78 27.81 61.73
CA ALA D 29 89.39 27.87 60.41
C ALA D 29 88.35 28.17 59.34
N GLU D 30 87.83 27.12 58.69
CA GLU D 30 86.80 27.32 57.67
C GLU D 30 85.45 27.64 58.29
N ARG D 31 85.15 27.08 59.47
CA ARG D 31 83.90 27.40 60.14
C ARG D 31 83.90 28.78 60.77
N GLU D 32 85.07 29.34 61.05
CA GLU D 32 85.21 30.69 61.61
C GLU D 32 86.03 31.51 60.62
N THR D 33 85.37 32.01 59.58
CA THR D 33 86.05 32.77 58.54
C THR D 33 86.49 34.13 59.07
N SER D 34 87.39 34.76 58.31
CA SER D 34 87.92 36.06 58.66
C SER D 34 88.49 36.72 57.41
N ARG D 35 88.40 38.05 57.38
CA ARG D 35 88.94 38.83 56.25
C ARG D 35 90.46 38.76 56.30
N ARG D 36 91.03 37.86 55.52
CA ARG D 36 92.47 37.60 55.51
C ARG D 36 93.10 38.13 54.24
N ASN D 37 94.37 38.56 54.35
CA ASN D 37 95.12 39.07 53.21
C ASN D 37 96.59 39.09 53.60
N PHE D 38 97.35 38.13 53.06
CA PHE D 38 98.78 38.09 53.29
C PHE D 38 99.51 39.10 52.41
N ARG D 39 100.78 39.32 52.74
CA ARG D 39 101.67 40.19 51.95
C ARG D 39 102.95 39.40 51.69
N ASP D 40 103.01 38.77 50.51
CA ASP D 40 104.15 37.92 50.14
C ASP D 40 105.40 38.79 49.98
N LEU D 41 106.08 39.01 51.10
CA LEU D 41 107.31 39.79 51.14
C LEU D 41 108.36 38.97 51.89
N SER D 42 109.26 38.34 51.15
CA SER D 42 110.30 37.51 51.74
C SER D 42 111.42 38.40 52.28
N LEU D 43 111.80 38.18 53.54
CA LEU D 43 112.86 38.94 54.17
C LEU D 43 114.21 38.30 53.90
N ARG D 44 115.21 39.13 53.66
CA ARG D 44 116.56 38.66 53.35
C ARG D 44 117.49 39.03 54.49
N PRO D 45 118.16 38.07 55.11
CA PRO D 45 119.10 38.40 56.20
C PRO D 45 120.32 39.14 55.68
N ASP D 46 120.81 40.07 56.51
CA ASP D 46 121.96 40.89 56.16
C ASP D 46 123.17 40.62 57.04
N VAL D 47 123.04 39.77 58.05
CA VAL D 47 124.15 39.46 58.95
C VAL D 47 124.71 38.07 58.61
N SER D 48 125.38 37.45 59.58
CA SER D 48 125.95 36.13 59.35
C SER D 48 124.87 35.07 59.34
N LEU D 49 125.01 34.10 58.46
CA LEU D 49 124.07 33.00 58.31
C LEU D 49 124.71 31.69 58.73
N VAL D 50 123.88 30.65 58.80
CA VAL D 50 124.35 29.32 59.18
C VAL D 50 124.19 28.29 58.06
N ILE D 51 123.36 28.57 57.05
CA ILE D 51 123.13 27.66 55.93
C ILE D 51 122.65 26.31 56.45
N GLY D 52 121.36 26.20 56.72
CA GLY D 52 120.78 24.96 57.22
C GLY D 52 120.11 25.11 58.57
N GLY D 53 120.54 24.30 59.53
CA GLY D 53 119.97 24.34 60.86
C GLY D 53 118.71 23.51 60.97
N PRO D 54 118.37 23.08 62.19
CA PRO D 54 117.16 22.29 62.38
C PRO D 54 115.91 23.10 62.06
N LYS D 55 115.04 22.53 61.25
CA LYS D 55 113.80 23.19 60.84
C LYS D 55 112.79 23.07 61.97
N TYR D 56 112.61 24.16 62.73
CA TYR D 56 111.68 24.19 63.85
C TYR D 56 110.26 24.25 63.29
N SER D 57 109.73 23.08 62.96
CA SER D 57 108.40 22.97 62.39
C SER D 57 107.36 22.77 63.49
N ASP D 58 106.12 23.13 63.16
CA ASP D 58 104.98 22.97 64.08
C ASP D 58 105.20 23.74 65.39
N CYS D 59 105.73 24.95 65.27
CA CYS D 59 105.95 25.81 66.42
C CYS D 59 104.85 26.86 66.49
N ALA D 60 104.38 27.16 67.70
CA ALA D 60 103.30 28.11 67.91
C ALA D 60 103.64 29.01 69.09
N GLY D 61 103.53 30.32 68.88
CA GLY D 61 103.76 31.28 69.94
C GLY D 61 102.67 32.33 69.98
N GLY D 62 102.49 32.93 71.14
CA GLY D 62 101.46 33.94 71.32
C GLY D 62 101.91 35.04 72.24
N TYR D 63 101.35 36.22 72.03
CA TYR D 63 101.67 37.39 72.86
C TYR D 63 100.44 38.28 72.92
N CYS D 64 99.97 38.58 74.14
CA CYS D 64 98.79 39.39 74.33
C CYS D 64 99.18 40.85 74.58
N TYR D 65 98.33 41.76 74.11
CA TYR D 65 98.56 43.19 74.28
C TYR D 65 97.82 43.68 75.51
N ASN D 66 98.51 44.49 76.33
CA ASN D 66 97.95 45.05 77.56
C ASN D 66 98.51 46.45 77.74
N GLU D 67 97.87 47.43 77.09
CA GLU D 67 98.30 48.81 77.18
C GLU D 67 97.42 49.67 78.07
N SER D 68 96.21 49.20 78.41
CA SER D 68 95.31 49.94 79.27
C SER D 68 94.43 48.97 80.03
N GLY D 69 94.11 49.30 81.29
CA GLY D 69 93.28 48.45 82.11
C GLY D 69 91.80 48.49 81.78
N SER D 70 91.37 49.45 80.96
CA SER D 70 89.96 49.56 80.60
C SER D 70 89.58 48.50 79.57
N LEU D 71 88.36 47.99 79.70
CA LEU D 71 87.84 46.96 78.79
C LEU D 71 86.81 47.54 77.84
N LEU D 72 87.03 48.79 77.40
CA LEU D 72 86.11 49.46 76.48
C LEU D 72 86.85 50.11 75.31
N SER D 73 88.08 49.68 75.04
CA SER D 73 88.88 50.23 73.97
C SER D 73 88.89 49.26 72.78
N ALA D 74 89.88 49.39 71.90
CA ALA D 74 90.01 48.52 70.74
C ALA D 74 91.04 47.42 70.90
N THR D 75 92.01 47.61 71.80
CA THR D 75 93.05 46.61 72.05
C THR D 75 92.66 45.62 73.13
N ARG D 76 91.39 45.61 73.55
CA ARG D 76 90.96 44.69 74.58
C ARG D 76 90.87 43.27 74.03
N ASN D 77 91.36 42.31 74.83
CA ASN D 77 91.38 40.90 74.47
C ASN D 77 92.10 40.67 73.14
N ARG D 78 93.16 41.42 72.89
CA ARG D 78 93.92 41.33 71.66
C ARG D 78 95.19 40.50 71.89
N PHE D 79 95.41 39.52 71.01
CA PHE D 79 96.58 38.67 71.10
C PHE D 79 97.04 38.31 69.70
N ILE D 80 98.35 38.40 69.47
CA ILE D 80 98.96 38.08 68.18
C ILE D 80 99.69 36.75 68.34
N HIS D 81 99.43 35.82 67.42
CA HIS D 81 100.04 34.50 67.44
C HIS D 81 100.81 34.26 66.15
N TRP D 82 101.95 33.61 66.28
CA TRP D 82 102.82 33.30 65.15
C TRP D 82 103.00 31.79 65.05
N THR D 83 102.89 31.27 63.82
CA THR D 83 103.04 29.86 63.52
C THR D 83 104.29 29.68 62.68
N SER D 84 105.28 28.99 63.23
CA SER D 84 106.55 28.75 62.56
C SER D 84 106.58 27.32 62.05
N TYR D 85 106.72 27.17 60.72
CA TYR D 85 106.82 25.87 60.07
C TYR D 85 108.07 25.86 59.22
N ALA D 86 108.86 24.79 59.32
CA ALA D 86 110.10 24.64 58.57
C ALA D 86 111.04 25.80 58.79
N ASP D 87 110.84 26.89 58.04
CA ASP D 87 111.70 28.06 58.17
C ASP D 87 110.99 29.38 57.94
N THR D 88 109.68 29.39 57.67
CA THR D 88 108.93 30.61 57.43
C THR D 88 107.97 30.88 58.57
N LEU D 89 107.35 32.05 58.53
CA LEU D 89 106.40 32.46 59.55
C LEU D 89 105.18 33.10 58.88
N GLU D 90 104.01 32.83 59.44
CA GLU D 90 102.75 33.40 58.96
C GLU D 90 102.15 34.19 60.11
N LEU D 91 102.65 35.40 60.32
CA LEU D 91 102.19 36.25 61.41
C LEU D 91 100.75 36.68 61.14
N VAL D 92 99.81 36.13 61.91
CA VAL D 92 98.40 36.40 61.76
C VAL D 92 97.84 36.89 63.09
N GLU D 93 96.96 37.88 63.03
CA GLU D 93 96.35 38.47 64.22
C GLU D 93 94.86 38.14 64.20
N LEU D 94 94.42 37.34 65.17
CA LEU D 94 93.03 36.92 65.28
C LEU D 94 92.44 37.47 66.57
N SER D 95 91.23 38.02 66.48
CA SER D 95 90.51 38.56 67.63
C SER D 95 89.08 38.06 67.59
N LEU D 96 88.60 37.55 68.73
CA LEU D 96 87.26 37.00 68.85
C LEU D 96 86.22 38.04 69.25
N ASP D 97 86.50 39.32 69.02
CA ASP D 97 85.57 40.38 69.37
C ASP D 97 85.51 41.45 68.29
N ILE D 98 86.65 42.05 67.97
CA ILE D 98 86.75 43.12 66.99
C ILE D 98 87.47 42.57 65.76
N ASN D 99 86.87 42.74 64.59
CA ASN D 99 87.49 42.27 63.35
C ASN D 99 88.69 43.15 63.00
N LEU D 100 89.71 42.52 62.44
CA LEU D 100 90.95 43.20 62.07
C LEU D 100 91.16 43.08 60.57
N LEU D 101 91.53 44.18 59.93
CA LEU D 101 91.79 44.21 58.50
C LEU D 101 93.29 44.22 58.24
N ASN D 102 93.72 43.43 57.24
CA ASN D 102 95.13 43.30 56.87
C ASN D 102 95.96 42.86 58.07
N ASN D 103 95.55 41.74 58.66
CA ASN D 103 96.19 41.18 59.86
C ASN D 103 96.91 39.87 59.55
N ALA D 104 97.58 39.80 58.40
CA ALA D 104 98.28 38.59 57.99
C ALA D 104 99.49 38.99 57.15
N VAL D 105 100.65 38.43 57.49
CA VAL D 105 101.89 38.74 56.78
C VAL D 105 102.81 37.53 56.81
N ARG D 106 103.35 37.16 55.66
CA ARG D 106 104.28 36.05 55.54
C ARG D 106 105.71 36.57 55.54
N LEU D 107 106.56 35.92 56.32
CA LEU D 107 107.98 36.27 56.42
C LEU D 107 108.81 35.01 56.20
N LYS D 108 109.58 35.00 55.12
CA LYS D 108 110.41 33.85 54.75
C LYS D 108 111.84 34.14 55.16
N ILE D 109 112.25 33.63 56.32
CA ILE D 109 113.61 33.79 56.80
C ILE D 109 114.49 32.71 56.17
N LEU D 110 115.60 33.13 55.57
CA LEU D 110 116.46 32.20 54.83
C LEU D 110 117.43 31.51 55.77
N ASN D 111 117.53 30.19 55.64
CA ASN D 111 118.50 29.35 56.35
C ASN D 111 118.35 29.44 57.87
N CYS D 112 117.18 29.87 58.35
CA CYS D 112 116.95 29.96 59.79
C CYS D 112 115.49 29.67 60.08
N SER D 113 115.24 29.11 61.26
CA SER D 113 113.89 28.77 61.69
C SER D 113 113.54 29.58 62.94
N ILE D 114 112.26 29.94 63.05
CA ILE D 114 111.80 30.76 64.17
C ILE D 114 111.70 29.90 65.41
N LEU D 115 112.31 30.36 66.51
CA LEU D 115 112.26 29.62 67.76
C LEU D 115 110.87 29.71 68.37
N PRO D 116 110.45 28.66 69.08
CA PRO D 116 109.12 28.69 69.72
C PRO D 116 109.06 29.75 70.82
N GLY D 117 108.24 30.76 70.61
CA GLY D 117 108.10 31.83 71.58
C GLY D 117 109.26 32.81 71.56
N GLY D 118 109.64 33.27 70.37
CA GLY D 118 110.74 34.20 70.25
C GLY D 118 110.39 35.43 69.44
N VAL D 119 109.12 35.85 69.50
CA VAL D 119 108.64 37.02 68.79
C VAL D 119 108.14 38.03 69.81
N HIS D 120 108.66 39.26 69.74
CA HIS D 120 108.28 40.33 70.65
C HIS D 120 107.89 41.56 69.85
N ILE D 121 106.95 42.33 70.41
CA ILE D 121 106.42 43.54 69.78
C ILE D 121 106.55 44.69 70.77
N CYS D 122 107.20 45.77 70.33
CA CYS D 122 107.35 46.98 71.14
C CYS D 122 106.57 48.10 70.48
N GLU D 123 105.54 48.60 71.18
CA GLU D 123 104.69 49.66 70.66
C GLU D 123 105.12 50.98 71.31
N THR D 124 105.85 51.79 70.54
CA THR D 124 106.31 53.08 71.04
C THR D 124 105.37 54.20 70.60
N GLN D 125 105.91 55.39 70.36
CA GLN D 125 105.13 56.54 69.92
C GLN D 125 105.49 56.97 68.51
N ASN D 126 106.08 56.08 67.71
CA ASN D 126 106.46 56.42 66.35
C ASN D 126 106.19 55.23 65.41
N ASN D 127 106.75 54.07 65.74
CA ASN D 127 106.57 52.87 64.93
C ASN D 127 106.66 51.65 65.82
N ILE D 128 105.92 50.61 65.45
CA ILE D 128 105.95 49.35 66.17
C ILE D 128 107.18 48.55 65.73
N ILE D 129 107.99 48.13 66.69
CA ILE D 129 109.23 47.41 66.41
C ILE D 129 108.99 45.92 66.69
N VAL D 130 109.28 45.09 65.69
CA VAL D 130 109.18 43.64 65.83
C VAL D 130 110.57 43.09 66.14
N LEU D 131 110.62 41.98 66.88
CA LEU D 131 111.87 41.32 67.20
C LEU D 131 111.63 39.81 67.15
N ILE D 132 112.14 39.16 66.11
CA ILE D 132 111.97 37.73 65.92
C ILE D 132 113.35 37.08 66.00
N LEU D 133 113.51 36.15 66.94
CA LEU D 133 114.76 35.44 67.13
C LEU D 133 114.69 34.11 66.39
N THR D 134 115.57 33.92 65.41
CA THR D 134 115.63 32.72 64.59
C THR D 134 116.83 31.88 65.02
N ASN D 135 117.50 31.25 64.06
CA ASN D 135 118.64 30.39 64.38
C ASN D 135 119.96 31.15 64.41
N GLN D 136 120.10 32.18 63.59
CA GLN D 136 121.36 32.91 63.51
C GLN D 136 121.15 34.38 63.16
N THR D 137 119.95 34.72 62.70
CA THR D 137 119.63 36.07 62.26
C THR D 137 118.40 36.58 63.00
N VAL D 138 118.55 37.69 63.71
CA VAL D 138 117.44 38.35 64.38
C VAL D 138 116.77 39.29 63.39
N HIS D 139 115.46 39.15 63.22
CA HIS D 139 114.71 39.96 62.28
C HIS D 139 113.94 41.05 63.02
N ARG D 140 113.93 42.24 62.43
CA ARG D 140 113.24 43.39 63.01
C ARG D 140 112.49 44.13 61.92
N LEU D 141 111.21 44.40 62.15
CA LEU D 141 110.37 45.12 61.21
C LEU D 141 109.77 46.34 61.88
N ILE D 142 109.49 47.36 61.07
CA ILE D 142 108.92 48.62 61.55
C ILE D 142 107.52 48.75 60.95
N LEU D 143 106.50 48.59 61.79
CA LEU D 143 105.10 48.70 61.43
C LEU D 143 104.58 50.10 61.74
N PRO D 144 103.63 50.59 60.94
CA PRO D 144 103.12 51.95 61.15
C PRO D 144 102.49 52.14 62.51
N HIS D 145 102.33 53.41 62.89
CA HIS D 145 101.83 53.80 64.19
C HIS D 145 101.42 55.26 64.13
N PRO D 146 100.61 55.74 65.09
CA PRO D 146 100.30 57.18 65.14
C PRO D 146 101.54 58.06 65.12
N SER D 147 101.35 59.34 64.76
CA SER D 147 102.45 60.28 64.53
C SER D 147 103.39 59.80 63.43
N ARG D 148 102.84 59.01 62.50
CA ARG D 148 103.60 58.48 61.37
C ARG D 148 102.65 58.03 60.27
N MET D 149 101.61 57.28 60.64
CA MET D 149 100.61 56.86 59.68
C MET D 149 99.20 56.79 60.26
N TYR D 150 99.00 57.19 61.53
CA TYR D 150 97.69 57.24 62.16
C TYR D 150 97.01 55.88 62.21
N ARG D 151 97.22 55.15 63.31
CA ARG D 151 96.56 53.87 63.55
C ARG D 151 95.51 54.08 64.64
N SER D 152 94.26 53.72 64.32
CA SER D 152 93.13 53.96 65.22
C SER D 152 93.00 52.79 66.19
N GLU D 153 93.12 53.09 67.49
CA GLU D 153 92.94 52.10 68.54
C GLU D 153 91.99 52.59 69.63
N ILE D 154 91.20 53.62 69.34
CA ILE D 154 90.31 54.20 70.32
C ILE D 154 88.91 53.65 70.12
N ILE D 155 88.11 53.69 71.20
CA ILE D 155 86.71 53.27 71.27
C ILE D 155 86.54 51.81 70.80
N SER D 156 85.32 51.31 70.90
CA SER D 156 84.99 49.95 70.51
C SER D 156 84.11 49.98 69.27
N ASP D 157 84.61 49.39 68.18
CA ASP D 157 83.88 49.32 66.92
C ASP D 157 83.85 47.87 66.43
N SER D 158 83.14 47.65 65.32
CA SER D 158 83.06 46.32 64.73
C SER D 158 84.39 45.93 64.10
N HIS D 159 84.78 46.63 63.05
CA HIS D 159 86.05 46.38 62.36
C HIS D 159 87.01 47.52 62.63
N ILE D 160 88.31 47.18 62.69
CA ILE D 160 89.35 48.16 62.93
C ILE D 160 90.62 47.70 62.22
N GLN D 161 91.54 48.65 62.00
CA GLN D 161 92.79 48.34 61.35
C GLN D 161 93.73 47.59 62.30
N SER D 162 94.69 46.88 61.70
CA SER D 162 95.61 46.05 62.48
C SER D 162 97.03 46.51 62.12
N ILE D 163 97.85 45.63 61.54
CA ILE D 163 99.24 45.94 61.21
C ILE D 163 99.32 46.38 59.75
N PHE D 164 100.29 47.26 59.48
CA PHE D 164 100.55 47.88 58.18
C PHE D 164 99.29 48.33 57.45
N THR D 165 99.41 48.57 56.14
CA THR D 165 98.29 49.04 55.34
C THR D 165 98.39 48.49 53.92
N ASP D 166 99.39 48.93 53.17
CA ASP D 166 99.56 48.51 51.78
C ASP D 166 100.55 47.36 51.68
N ILE D 167 101.32 47.32 50.59
CA ILE D 167 102.30 46.26 50.36
C ILE D 167 103.73 46.73 50.53
N GLY D 168 103.98 48.04 50.57
CA GLY D 168 105.34 48.53 50.71
C GLY D 168 105.86 48.57 52.12
N LYS D 169 104.97 48.49 53.12
CA LYS D 169 105.36 48.53 54.53
C LYS D 169 105.43 47.13 55.13
N THR D 170 105.89 46.15 54.36
CA THR D 170 106.01 44.78 54.83
C THR D 170 107.35 44.15 54.50
N ASN D 171 108.33 44.95 54.07
CA ASN D 171 109.65 44.44 53.72
C ASN D 171 110.69 45.38 54.30
N PHE D 172 111.39 44.92 55.36
CA PHE D 172 112.40 45.74 56.01
C PHE D 172 113.52 44.82 56.48
N HIS D 173 114.72 44.99 55.91
CA HIS D 173 115.89 44.22 56.27
C HIS D 173 117.08 45.20 56.40
N ASP D 174 117.01 46.06 57.40
CA ASP D 174 118.02 47.07 57.62
C ASP D 174 119.23 46.48 58.34
N PRO D 175 120.40 47.12 58.21
CA PRO D 175 121.58 46.63 58.93
C PRO D 175 121.40 46.64 60.45
N ASN D 176 120.88 47.73 61.00
CA ASN D 176 120.62 47.79 62.43
C ASN D 176 119.44 46.92 62.83
N ASN D 177 118.58 46.55 61.87
CA ASN D 177 117.48 45.63 62.17
C ASN D 177 117.96 44.19 62.23
N THR D 178 118.93 43.82 61.40
CA THR D 178 119.48 42.47 61.43
C THR D 178 120.53 42.35 62.52
N TYR D 179 120.66 41.15 63.07
CA TYR D 179 121.60 40.89 64.15
C TYR D 179 121.99 39.42 64.15
N VAL D 180 123.28 39.15 64.33
CA VAL D 180 123.77 37.77 64.35
C VAL D 180 123.61 37.21 65.76
N ILE D 181 122.99 36.04 65.86
CA ILE D 181 122.72 35.39 67.14
C ILE D 181 123.90 34.48 67.47
N PRO D 182 124.58 34.68 68.58
CA PRO D 182 125.68 33.78 68.96
C PRO D 182 125.16 32.57 69.74
N ALA D 183 126.07 31.62 69.97
CA ALA D 183 125.73 30.40 70.70
C ALA D 183 127.03 29.85 71.30
N ILE D 184 127.27 30.16 72.57
CA ILE D 184 128.47 29.69 73.26
C ILE D 184 128.07 28.95 74.52
N PRO D 185 128.17 27.62 74.55
CA PRO D 185 128.60 26.80 73.42
C PRO D 185 127.45 26.42 72.49
N GLY D 186 126.24 26.77 72.88
CA GLY D 186 125.07 26.45 72.08
C GLY D 186 123.81 26.79 72.82
N ARG D 187 122.68 26.48 72.18
CA ARG D 187 121.37 26.74 72.74
C ARG D 187 120.46 25.55 72.46
N ALA D 188 119.39 25.45 73.23
CA ALA D 188 118.41 24.36 73.10
C ALA D 188 117.00 24.92 73.31
N PRO D 189 116.45 25.59 72.30
CA PRO D 189 115.06 26.09 72.41
C PRO D 189 114.04 25.00 72.13
N ASN D 190 113.91 24.07 73.07
CA ASN D 190 112.98 22.96 72.90
C ASN D 190 111.52 23.39 73.04
N SER D 191 111.26 24.48 73.75
CA SER D 191 109.90 24.97 73.93
C SER D 191 109.86 26.48 74.02
N THR D 192 108.90 27.02 74.77
CA THR D 192 108.77 28.46 74.95
C THR D 192 109.65 28.89 76.12
N ALA D 193 110.89 29.24 75.81
CA ALA D 193 111.85 29.68 76.83
C ALA D 193 112.59 30.96 76.48
N SER D 194 112.50 31.45 75.24
CA SER D 194 113.17 32.69 74.86
C SER D 194 112.44 33.87 75.49
N THR D 195 113.17 34.63 76.30
CA THR D 195 112.61 35.79 76.99
C THR D 195 113.38 37.04 76.63
N ALA D 196 112.70 38.18 76.63
CA ALA D 196 113.31 39.47 76.32
C ALA D 196 112.70 40.52 77.24
N TRP D 197 113.55 41.20 78.02
CA TRP D 197 113.03 42.17 78.96
C TRP D 197 114.09 43.22 79.27
N LEU D 198 113.62 44.42 79.60
CA LEU D 198 114.52 45.52 79.97
C LEU D 198 114.82 45.48 81.47
N SER D 199 116.01 45.96 81.82
CA SER D 199 116.45 45.97 83.21
C SER D 199 116.20 47.35 83.81
N SER D 200 116.76 47.58 85.01
CA SER D 200 116.58 48.85 85.69
C SER D 200 117.42 49.96 85.05
N ASP D 201 118.52 49.60 84.40
CA ASP D 201 119.39 50.57 83.76
C ASP D 201 118.98 50.88 82.33
N GLY D 202 117.84 50.36 81.88
CA GLY D 202 117.37 50.59 80.53
C GLY D 202 117.91 49.65 79.48
N GLU D 203 118.86 48.80 79.82
CA GLU D 203 119.45 47.87 78.86
C GLU D 203 118.55 46.65 78.71
N ALA D 204 118.48 46.13 77.48
CA ALA D 204 117.67 44.96 77.19
C ALA D 204 118.47 43.69 77.43
N LEU D 205 117.76 42.63 77.83
CA LEU D 205 118.36 41.33 78.11
C LEU D 205 117.54 40.27 77.41
N PHE D 206 118.22 39.42 76.65
CA PHE D 206 117.61 38.29 75.94
C PHE D 206 118.12 37.02 76.60
N ALA D 207 117.21 36.27 77.22
CA ALA D 207 117.54 35.02 77.88
C ALA D 207 117.11 33.85 76.99
N LEU D 208 118.06 32.97 76.68
CA LEU D 208 117.81 31.82 75.83
C LEU D 208 118.30 30.55 76.51
N PRO D 209 117.59 29.43 76.34
CA PRO D 209 118.04 28.17 76.96
C PRO D 209 119.32 27.63 76.33
N SER D 210 120.45 27.88 76.97
CA SER D 210 121.73 27.45 76.47
C SER D 210 122.05 26.04 76.94
N VAL D 211 122.80 25.31 76.11
CA VAL D 211 123.19 23.94 76.42
C VAL D 211 124.36 23.96 77.40
N SER D 212 124.80 22.78 77.83
CA SER D 212 125.91 22.61 78.77
C SER D 212 125.66 23.37 80.08
N GLY D 213 124.39 23.47 80.47
CA GLY D 213 124.04 24.15 81.70
C GLY D 213 124.07 25.66 81.58
N GLY D 214 123.14 26.33 82.26
CA GLY D 214 123.09 27.78 82.25
C GLY D 214 122.15 28.34 81.21
N ILE D 215 122.04 29.67 81.22
CA ILE D 215 121.18 30.41 80.31
C ILE D 215 122.04 31.42 79.57
N LEU D 216 121.87 31.50 78.25
CA LEU D 216 122.60 32.47 77.45
C LEU D 216 121.91 33.82 77.56
N VAL D 217 122.62 34.80 78.11
CA VAL D 217 122.08 36.14 78.33
C VAL D 217 122.79 37.10 77.37
N ILE D 218 122.03 37.71 76.47
CA ILE D 218 122.55 38.70 75.55
C ILE D 218 122.13 40.07 76.06
N LYS D 219 123.10 40.90 76.42
CA LYS D 219 122.86 42.25 76.88
C LYS D 219 122.98 43.22 75.71
N MET D 220 121.98 44.09 75.56
CA MET D 220 121.87 45.00 74.43
C MET D 220 121.59 46.41 74.93
N PRO D 221 122.11 47.42 74.25
CA PRO D 221 121.76 48.81 74.60
C PRO D 221 120.26 49.03 74.55
N PRO D 222 119.77 50.15 75.13
CA PRO D 222 118.31 50.39 75.16
C PRO D 222 117.64 50.31 73.81
N ARG D 223 116.31 50.13 73.82
CA ARG D 223 115.52 49.90 72.62
C ARG D 223 115.99 48.66 71.87
N ASP D 224 115.66 48.57 70.58
CA ASP D 224 116.01 47.42 69.77
C ASP D 224 116.99 47.75 68.66
N MET D 225 117.68 48.89 68.75
CA MET D 225 118.67 49.26 67.76
C MET D 225 119.97 48.50 68.01
N GLU D 226 120.54 47.93 66.95
CA GLU D 226 121.75 47.14 67.08
C GLU D 226 122.94 48.03 67.38
N GLY D 227 123.76 47.63 68.35
CA GLY D 227 124.94 48.40 68.73
C GLY D 227 125.99 47.49 69.33
N LEU D 228 126.59 47.93 70.44
CA LEU D 228 127.60 47.15 71.12
C LEU D 228 126.91 46.20 72.10
N VAL D 229 126.73 44.95 71.68
CA VAL D 229 126.06 43.95 72.50
C VAL D 229 127.11 43.09 73.18
N THR D 230 126.68 42.38 74.22
CA THR D 230 127.56 41.49 74.97
C THR D 230 126.84 40.17 75.22
N ILE D 231 127.63 39.11 75.41
CA ILE D 231 127.10 37.76 75.62
C ILE D 231 127.66 37.23 76.94
N ALA D 232 126.82 36.49 77.66
CA ALA D 232 127.24 35.86 78.90
C ALA D 232 126.46 34.57 79.08
N GLU D 233 126.95 33.73 79.99
CA GLU D 233 126.33 32.43 80.27
C GLU D 233 126.15 32.31 81.78
N LEU D 234 124.89 32.37 82.24
CA LEU D 234 124.57 32.22 83.64
C LEU D 234 124.51 30.74 83.98
N LYS D 235 125.58 30.22 84.59
CA LYS D 235 125.67 28.82 84.98
C LYS D 235 125.82 28.64 86.49
N GLN D 236 126.75 29.37 87.11
CA GLN D 236 126.96 29.30 88.55
C GLN D 236 127.45 30.63 89.09
N SER D 237 128.74 30.89 88.91
CA SER D 237 129.35 32.15 89.35
C SER D 237 130.35 32.61 88.30
N SER D 238 130.50 33.94 88.20
CA SER D 238 131.38 34.58 87.22
C SER D 238 130.95 34.25 85.79
N VAL D 239 130.32 35.20 85.12
CA VAL D 239 129.80 34.96 83.77
C VAL D 239 130.94 34.67 82.81
N MET D 240 132.07 35.38 82.96
CA MET D 240 133.20 35.15 82.08
C MET D 240 133.78 33.75 82.27
N GLN D 241 133.95 33.33 83.53
CA GLN D 241 134.47 32.00 83.80
C GLN D 241 133.51 30.93 83.29
N ARG D 242 132.21 31.15 83.43
CA ARG D 242 131.23 30.19 82.94
C ARG D 242 131.26 30.10 81.41
N LEU D 243 131.34 31.24 80.73
CA LEU D 243 131.43 31.22 79.27
C LEU D 243 132.74 30.58 78.80
N LEU D 244 133.81 30.70 79.59
CA LEU D 244 135.06 30.06 79.22
C LEU D 244 135.03 28.56 79.45
N THR D 245 134.39 28.11 80.53
CA THR D 245 134.33 26.70 80.87
C THR D 245 133.19 25.96 80.18
N GLY D 246 132.29 26.67 79.49
CA GLY D 246 131.23 26.00 78.75
C GLY D 246 131.75 25.03 77.71
N TRP D 247 132.89 25.32 77.11
CA TRP D 247 133.50 24.41 76.15
C TRP D 247 134.18 23.23 76.82
N MET D 248 134.46 23.31 78.13
CA MET D 248 135.10 22.22 78.84
C MET D 248 134.06 21.20 79.27
N PRO D 249 134.30 19.90 79.05
CA PRO D 249 133.32 18.88 79.45
C PRO D 249 133.22 18.77 80.97
N SER D 250 132.04 19.08 81.50
CA SER D 250 131.79 19.01 82.93
C SER D 250 130.34 18.64 83.16
N SER D 251 130.10 17.91 84.26
CA SER D 251 128.75 17.48 84.60
C SER D 251 128.61 17.27 86.11
N ILE D 252 128.91 18.30 86.90
CA ILE D 252 128.80 18.21 88.35
C ILE D 252 127.91 19.33 88.86
N ARG D 253 127.90 19.55 90.18
CA ARG D 253 127.08 20.59 90.76
C ARG D 253 127.75 21.96 90.64
N GLY D 254 129.06 22.03 90.88
CA GLY D 254 129.76 23.30 90.76
C GLY D 254 129.92 23.76 89.33
N ASP D 255 129.93 22.82 88.38
CA ASP D 255 130.05 23.14 86.96
C ASP D 255 128.87 22.50 86.22
N PRO D 256 127.88 23.29 85.83
CA PRO D 256 126.72 22.73 85.12
C PRO D 256 127.09 22.18 83.76
N GLY D 257 126.32 21.19 83.33
CA GLY D 257 126.54 20.56 82.04
C GLY D 257 125.25 20.18 81.35
N PRO D 258 125.23 19.00 80.73
CA PRO D 258 124.01 18.56 80.03
C PRO D 258 122.84 18.26 80.96
N ALA D 259 123.11 17.94 82.22
CA ALA D 259 122.06 17.65 83.20
C ALA D 259 121.64 18.90 83.98
N HIS D 260 121.80 20.09 83.40
CA HIS D 260 121.43 21.34 84.05
C HIS D 260 120.81 22.29 83.04
N LEU D 261 120.00 21.75 82.13
CA LEU D 261 119.35 22.55 81.09
C LEU D 261 117.84 22.46 81.27
N PRO D 262 117.13 23.57 81.46
CA PRO D 262 115.68 23.53 81.59
C PRO D 262 114.98 23.58 80.23
N VAL D 263 113.79 22.96 80.19
CA VAL D 263 113.00 22.98 78.96
C VAL D 263 112.32 24.31 78.78
N SER D 264 111.78 24.89 79.86
CA SER D 264 111.13 26.18 79.83
C SER D 264 111.90 27.17 80.68
N LEU D 265 111.50 28.45 80.57
CA LEU D 265 112.15 29.53 81.30
C LEU D 265 111.10 30.50 81.81
N ALA D 266 111.37 31.09 82.97
CA ALA D 266 110.46 32.05 83.57
C ALA D 266 111.27 33.00 84.46
N VAL D 267 111.28 34.28 84.10
CA VAL D 267 112.01 35.29 84.84
C VAL D 267 111.03 36.27 85.45
N HIS D 268 111.37 36.80 86.62
CA HIS D 268 110.54 37.77 87.32
C HIS D 268 111.39 38.96 87.72
N THR D 269 110.85 40.17 87.50
CA THR D 269 111.55 41.40 87.83
C THR D 269 111.51 41.61 89.34
N LEU D 270 112.68 41.55 89.99
CA LEU D 270 112.79 41.74 91.42
C LEU D 270 113.94 42.67 91.71
N ASP D 271 113.68 43.69 92.55
CA ASP D 271 114.63 44.72 92.95
C ASP D 271 115.55 45.16 91.81
N HIS D 272 116.83 45.36 92.09
CA HIS D 272 117.80 45.79 91.10
C HIS D 272 118.59 44.63 90.50
N ASP D 273 118.28 43.39 90.89
CA ASP D 273 118.96 42.20 90.38
C ASP D 273 117.92 41.28 89.75
N SER D 274 117.91 41.20 88.42
CA SER D 274 116.97 40.35 87.71
C SER D 274 117.31 38.90 87.96
N TYR D 275 116.54 38.24 88.83
CA TYR D 275 116.78 36.85 89.18
C TYR D 275 116.16 35.95 88.13
N LEU D 276 117.01 35.18 87.44
CA LEU D 276 116.56 34.25 86.40
C LEU D 276 116.38 32.87 87.02
N PHE D 277 115.13 32.44 87.13
CA PHE D 277 114.84 31.12 87.70
C PHE D 277 115.24 30.03 86.72
N ALA D 278 116.06 29.08 87.19
CA ALA D 278 116.53 27.98 86.37
C ALA D 278 116.35 26.67 87.13
N LEU D 279 115.67 25.72 86.51
CA LEU D 279 115.42 24.41 87.09
C LEU D 279 116.25 23.38 86.33
N CYS D 280 117.26 22.82 86.99
CA CYS D 280 118.14 21.83 86.38
C CYS D 280 117.45 20.48 86.36
N GLN D 281 118.14 19.48 85.80
CA GLN D 281 117.60 18.13 85.69
C GLN D 281 117.74 17.32 86.97
N ASP D 282 118.59 17.77 87.91
CA ASP D 282 118.79 17.07 89.18
C ASP D 282 117.93 17.65 90.30
N HIS D 283 116.77 18.20 89.95
CA HIS D 283 115.82 18.75 90.92
C HIS D 283 116.46 19.87 91.74
N LYS D 284 116.96 20.88 91.03
CA LYS D 284 117.64 22.02 91.65
C LYS D 284 117.13 23.31 91.02
N LEU D 285 116.54 24.18 91.83
CA LEU D 285 116.04 25.47 91.38
C LEU D 285 116.97 26.56 91.89
N ARG D 286 117.57 27.31 90.97
CA ARG D 286 118.53 28.35 91.31
C ARG D 286 118.15 29.66 90.62
N MET D 287 118.80 30.73 91.04
CA MET D 287 118.55 32.07 90.50
C MET D 287 119.86 32.84 90.45
N TRP D 288 120.06 33.58 89.35
CA TRP D 288 121.26 34.39 89.17
C TRP D 288 120.86 35.70 88.51
N SER D 289 121.78 36.67 88.56
CA SER D 289 121.61 37.96 87.94
C SER D 289 122.67 38.15 86.86
N TYR D 290 122.25 38.68 85.71
CA TYR D 290 123.13 38.77 84.54
C TYR D 290 124.45 39.47 84.86
N LYS D 291 124.42 40.44 85.78
CA LYS D 291 125.62 41.15 86.18
C LYS D 291 125.92 41.03 87.67
N ASP D 292 125.11 40.26 88.42
CA ASP D 292 125.31 40.12 89.85
C ASP D 292 125.06 38.68 90.28
N GLN D 293 125.50 37.72 89.47
CA GLN D 293 125.41 36.32 89.86
C GLN D 293 126.19 36.07 91.14
N MET D 294 125.62 35.22 92.01
CA MET D 294 126.24 34.90 93.29
C MET D 294 125.58 33.64 93.83
N CYS D 295 126.16 33.12 94.91
CA CYS D 295 125.64 31.92 95.55
C CYS D 295 124.42 32.22 96.39
N LEU D 296 123.24 32.14 95.79
CA LEU D 296 121.99 32.40 96.51
C LEU D 296 121.66 31.24 97.45
N MET D 297 120.81 30.33 97.00
CA MET D 297 120.43 29.17 97.82
C MET D 297 120.02 28.06 96.88
N VAL D 298 120.83 27.00 96.81
CA VAL D 298 120.54 25.85 95.95
C VAL D 298 119.35 25.09 96.53
N ALA D 299 118.15 25.48 96.13
CA ALA D 299 116.94 24.84 96.64
C ALA D 299 116.76 23.47 95.99
N ASP D 300 116.70 22.44 96.83
CA ASP D 300 116.52 21.07 96.37
C ASP D 300 115.04 20.70 96.45
N MET D 301 114.51 20.10 95.38
CA MET D 301 113.11 19.71 95.38
C MET D 301 112.87 18.53 96.31
N LEU D 302 113.85 17.62 96.42
CA LEU D 302 113.69 16.45 97.26
C LEU D 302 113.63 16.78 98.74
N GLU D 303 113.93 18.02 99.13
CA GLU D 303 113.75 18.43 100.52
C GLU D 303 112.28 18.45 100.93
N TYR D 304 111.38 18.61 99.96
CA TYR D 304 109.94 18.56 100.20
C TYR D 304 109.27 17.37 99.54
N VAL D 305 109.68 17.03 98.32
CA VAL D 305 109.17 15.82 97.66
C VAL D 305 109.69 14.59 98.41
N PRO D 306 108.90 13.51 98.55
CA PRO D 306 109.40 12.29 99.20
C PRO D 306 110.74 11.83 98.65
N VAL D 307 111.47 11.05 99.45
CA VAL D 307 112.84 10.69 99.10
C VAL D 307 112.86 9.86 97.83
N SER D 308 113.72 10.24 96.89
CA SER D 308 113.88 9.55 95.62
C SER D 308 115.15 10.02 94.92
N LYS D 309 116.30 9.82 95.57
CA LYS D 309 117.56 10.31 95.02
C LYS D 309 117.96 9.57 93.75
N ASP D 310 117.51 8.33 93.56
CA ASP D 310 117.84 7.60 92.34
C ASP D 310 117.27 8.29 91.11
N ILE D 311 116.08 8.89 91.25
CA ILE D 311 115.46 9.58 90.12
C ILE D 311 116.29 10.78 89.70
N ARG D 312 116.70 11.61 90.67
CA ARG D 312 117.50 12.78 90.34
C ARG D 312 118.93 12.41 89.94
N GLN D 313 119.41 11.23 90.34
CA GLN D 313 120.72 10.78 89.89
C GLN D 313 120.68 10.27 88.46
N THR D 314 119.60 9.59 88.08
CA THR D 314 119.46 9.10 86.71
C THR D 314 118.99 10.19 85.75
N ALA D 315 118.41 11.28 86.27
CA ALA D 315 117.96 12.41 85.47
C ALA D 315 116.95 12.00 84.41
N GLY D 316 116.81 12.80 83.36
CA GLY D 316 115.87 12.52 82.29
C GLY D 316 115.58 13.71 81.43
N THR D 317 114.31 13.91 81.08
CA THR D 317 113.91 15.05 80.25
C THR D 317 112.44 15.35 80.51
N GLY D 318 112.10 16.64 80.50
CA GLY D 318 110.74 17.06 80.72
C GLY D 318 110.56 17.92 81.96
N HIS D 319 111.68 18.38 82.53
CA HIS D 319 111.64 19.22 83.72
C HIS D 319 111.24 20.63 83.33
N LYS D 320 110.05 21.06 83.77
CA LYS D 320 109.52 22.37 83.45
C LYS D 320 109.28 23.16 84.72
N LEU D 321 109.31 24.49 84.60
CA LEU D 321 109.13 25.38 85.74
C LEU D 321 108.26 26.56 85.33
N ARG D 322 107.31 26.92 86.20
CA ARG D 322 106.42 28.03 85.97
C ARG D 322 106.25 28.83 87.26
N LEU D 323 106.05 30.13 87.12
CA LEU D 323 105.86 31.03 88.25
C LEU D 323 104.57 31.83 88.06
N ALA D 324 103.96 32.19 89.18
CA ALA D 324 102.73 33.00 89.14
C ALA D 324 102.65 33.83 90.41
N TYR D 325 102.69 35.15 90.24
CA TYR D 325 102.59 36.08 91.37
C TYR D 325 101.16 36.62 91.41
N SER D 326 100.30 35.90 92.13
CA SER D 326 98.89 36.29 92.24
C SER D 326 98.78 37.48 93.18
N ASP D 327 98.33 38.62 92.64
CA ASP D 327 98.19 39.84 93.42
C ASP D 327 96.88 39.92 94.19
N THR D 328 95.94 39.01 93.93
CA THR D 328 94.69 39.00 94.70
C THR D 328 94.96 38.73 96.18
N LEU D 329 95.95 37.91 96.48
CA LEU D 329 96.39 37.66 97.84
C LEU D 329 97.85 37.97 98.07
N GLU D 330 98.55 38.50 97.06
CA GLU D 330 99.98 38.82 97.14
C GLU D 330 100.80 37.59 97.50
N ILE D 331 100.61 36.52 96.73
CA ILE D 331 101.27 35.24 96.97
C ILE D 331 101.95 34.78 95.69
N LEU D 332 103.18 34.30 95.81
CA LEU D 332 103.94 33.76 94.70
C LEU D 332 103.91 32.24 94.75
N TYR D 333 103.53 31.62 93.63
CA TYR D 333 103.46 30.17 93.51
C TYR D 333 104.43 29.71 92.43
N LEU D 334 105.09 28.59 92.69
CA LEU D 334 106.07 28.00 91.78
C LEU D 334 105.66 26.57 91.49
N GLY D 335 105.38 26.27 90.22
CA GLY D 335 105.01 24.94 89.81
C GLY D 335 106.14 24.28 89.05
N VAL D 336 106.65 23.18 89.59
CA VAL D 336 107.75 22.44 89.00
C VAL D 336 107.19 21.11 88.52
N TYR D 337 107.21 20.89 87.21
CA TYR D 337 106.78 19.63 86.62
C TYR D 337 108.03 18.77 86.41
N LEU D 338 108.18 17.74 87.22
CA LEU D 338 109.29 16.79 87.10
C LEU D 338 108.82 15.62 86.24
N HIS D 339 109.50 15.41 85.12
CA HIS D 339 109.17 14.33 84.19
C HIS D 339 110.41 13.47 84.00
N THR D 340 110.31 12.20 84.38
CA THR D 340 111.38 11.23 84.27
C THR D 340 110.81 9.92 83.76
N PRO D 341 111.63 9.06 83.15
CA PRO D 341 111.12 7.76 82.69
C PRO D 341 110.64 6.85 83.81
N ARG D 342 110.82 7.24 85.08
CA ARG D 342 110.35 6.48 86.21
C ARG D 342 109.36 7.22 87.10
N GLN D 343 109.30 8.54 87.02
CA GLN D 343 108.39 9.33 87.86
C GLN D 343 107.95 10.57 87.09
N GLY D 344 106.76 11.05 87.41
CA GLY D 344 106.22 12.24 86.79
C GLY D 344 105.17 12.93 87.65
N GLN D 345 105.44 14.16 88.06
CA GLN D 345 104.52 14.84 88.97
C GLN D 345 104.71 16.34 88.89
N PHE D 346 103.62 17.07 89.13
CA PHE D 346 103.62 18.52 89.26
C PHE D 346 103.62 18.86 90.75
N CYS D 347 104.68 19.54 91.20
CA CYS D 347 104.80 19.95 92.60
C CYS D 347 104.64 21.46 92.67
N VAL D 348 103.68 21.92 93.46
CA VAL D 348 103.39 23.33 93.64
C VAL D 348 103.92 23.77 95.00
N PHE D 349 104.68 24.86 95.01
CA PHE D 349 105.23 25.43 96.22
C PHE D 349 104.81 26.89 96.34
N GLN D 350 104.78 27.38 97.57
CA GLN D 350 104.53 28.79 97.84
C GLN D 350 105.83 29.46 98.29
N LEU D 351 106.02 30.71 97.87
CA LEU D 351 107.26 31.42 98.17
C LEU D 351 107.18 32.06 99.56
N VAL D 352 108.22 31.85 100.36
CA VAL D 352 108.32 32.44 101.69
C VAL D 352 109.62 33.24 101.69
N CYS D 353 109.54 34.52 101.32
CA CYS D 353 110.71 35.37 101.23
C CYS D 353 111.19 35.77 102.62
N THR D 354 112.47 36.12 102.71
CA THR D 354 113.09 36.54 103.96
C THR D 354 113.59 37.97 103.92
N GLU D 355 113.37 38.70 102.83
CA GLU D 355 113.80 40.09 102.69
C GLU D 355 115.31 40.22 102.87
N SER D 356 116.05 39.24 102.35
CA SER D 356 117.51 39.26 102.43
C SER D 356 118.11 38.47 101.28
N ASN D 357 117.52 38.60 100.08
CA ASN D 357 117.96 37.91 98.88
C ASN D 357 117.95 36.39 99.04
N ARG D 358 117.14 35.87 99.97
CA ARG D 358 117.04 34.44 100.21
C ARG D 358 115.56 34.08 100.26
N TYR D 359 115.14 33.16 99.39
CA TYR D 359 113.76 32.74 99.30
C TYR D 359 113.64 31.25 99.64
N SER D 360 112.64 30.91 100.42
CA SER D 360 112.37 29.53 100.82
C SER D 360 111.00 29.11 100.29
N LEU D 361 110.92 27.87 99.82
CA LEU D 361 109.69 27.33 99.25
C LEU D 361 109.02 26.40 100.25
N GLU D 362 107.69 26.47 100.31
CA GLU D 362 106.89 25.59 101.16
C GLU D 362 106.01 24.72 100.27
N HIS D 363 106.11 23.41 100.46
CA HIS D 363 105.40 22.44 99.63
C HIS D 363 103.89 22.57 99.76
N THR D 364 103.25 23.34 98.87
CA THR D 364 101.80 23.49 98.94
C THR D 364 101.09 22.21 98.53
N SER D 365 101.46 21.63 97.38
CA SER D 365 100.78 20.44 96.92
C SER D 365 101.67 19.66 95.96
N SER D 366 101.23 18.46 95.62
CA SER D 366 101.94 17.61 94.66
C SER D 366 100.95 16.63 94.05
N ILE D 367 100.88 16.60 92.72
CA ILE D 367 99.96 15.73 92.00
C ILE D 367 100.75 14.91 90.99
N PHE D 368 100.66 13.59 91.09
CA PHE D 368 101.33 12.70 90.15
C PHE D 368 100.57 12.66 88.83
N THR D 369 101.22 12.14 87.81
CA THR D 369 100.61 12.03 86.48
C THR D 369 101.28 10.90 85.73
N ASN D 370 100.75 10.61 84.54
CA ASN D 370 101.29 9.55 83.70
C ASN D 370 102.56 10.03 83.00
N GLN D 371 103.22 9.11 82.32
CA GLN D 371 104.46 9.39 81.60
C GLN D 371 104.12 9.69 80.15
N GLU D 372 103.87 10.96 79.85
CA GLU D 372 103.53 11.40 78.51
C GLU D 372 104.30 12.66 78.18
N THR D 373 104.45 12.93 76.89
CA THR D 373 105.18 14.11 76.43
C THR D 373 104.31 15.35 76.59
N LEU D 374 104.74 16.27 77.45
CA LEU D 374 104.01 17.50 77.70
C LEU D 374 104.54 18.62 76.81
N ILE D 375 103.64 19.31 76.13
CA ILE D 375 104.01 20.41 75.23
C ILE D 375 103.70 21.73 75.92
N ASP D 376 102.43 22.01 76.16
CA ASP D 376 101.99 23.23 76.81
C ASP D 376 101.11 22.89 78.00
N PHE D 377 101.33 23.60 79.11
CA PHE D 377 100.61 23.35 80.35
C PHE D 377 100.78 24.56 81.26
N THR D 378 99.80 24.79 82.12
CA THR D 378 99.87 25.92 83.04
C THR D 378 98.90 25.67 84.20
N PHE D 379 98.71 26.69 85.03
CA PHE D 379 97.84 26.58 86.18
C PHE D 379 97.30 27.95 86.54
N THR D 380 96.05 27.99 86.98
CA THR D 380 95.39 29.22 87.39
C THR D 380 95.13 29.19 88.89
N LEU D 381 95.52 30.27 89.57
CA LEU D 381 95.34 30.39 91.01
C LEU D 381 94.00 31.01 91.40
N SER D 382 93.31 31.65 90.45
CA SER D 382 91.98 32.19 90.75
C SER D 382 90.99 31.07 91.07
N SER D 383 91.18 29.90 90.48
CA SER D 383 90.38 28.73 90.78
C SER D 383 91.19 27.58 91.36
N MET D 384 92.52 27.74 91.46
CA MET D 384 93.42 26.73 92.01
C MET D 384 93.29 25.42 91.23
N ASN D 385 93.75 25.47 89.98
CA ASN D 385 93.63 24.31 89.10
C ASN D 385 94.76 24.32 88.07
N ILE D 386 95.45 23.21 87.95
CA ILE D 386 96.51 23.01 86.96
C ILE D 386 95.93 22.24 85.79
N TRP D 387 96.11 22.77 84.58
CA TRP D 387 95.62 22.12 83.37
C TRP D 387 96.77 21.94 82.39
N ALA D 388 96.88 20.73 81.85
CA ALA D 388 97.96 20.35 80.95
C ALA D 388 97.39 19.72 79.69
N LEU D 389 98.19 19.75 78.63
CA LEU D 389 97.83 19.17 77.33
C LEU D 389 98.99 18.31 76.87
N TRP D 390 98.83 16.99 76.99
CA TRP D 390 99.85 16.05 76.55
C TRP D 390 99.58 15.69 75.09
N LEU D 391 100.51 16.07 74.21
CA LEU D 391 100.43 15.75 72.78
C LEU D 391 101.31 14.53 72.54
N ASP D 392 100.68 13.35 72.51
CA ASP D 392 101.42 12.12 72.30
C ASP D 392 101.81 11.96 70.84
N ASP D 393 102.85 11.16 70.61
CA ASP D 393 103.35 10.89 69.27
C ASP D 393 102.55 9.81 68.55
N ASP D 394 101.47 9.31 69.16
CA ASP D 394 100.64 8.28 68.56
C ASP D 394 99.45 8.85 67.80
N ASN D 395 99.62 10.01 67.16
CA ASN D 395 98.57 10.66 66.37
C ASN D 395 97.34 10.94 67.23
N GLN D 396 97.57 11.32 68.48
CA GLN D 396 96.47 11.63 69.39
C GLN D 396 97.01 12.51 70.52
N THR D 397 96.10 13.28 71.12
CA THR D 397 96.47 14.18 72.21
C THR D 397 95.34 14.23 73.22
N VAL D 398 95.69 14.47 74.48
CA VAL D 398 94.74 14.55 75.57
C VAL D 398 95.03 15.82 76.35
N MET D 399 94.00 16.34 77.02
CA MET D 399 94.17 17.46 77.92
C MET D 399 93.38 17.20 79.20
N LYS D 400 94.02 17.46 80.35
CA LYS D 400 93.44 17.15 81.64
C LYS D 400 93.73 18.26 82.64
N HIS D 401 92.76 18.53 83.51
CA HIS D 401 92.89 19.53 84.55
C HIS D 401 92.58 18.91 85.91
N ILE D 402 93.23 19.43 86.95
CA ILE D 402 93.04 18.91 88.30
C ILE D 402 93.34 20.01 89.30
N ASN D 403 92.60 20.01 90.41
CA ASN D 403 92.82 20.98 91.48
C ASN D 403 93.82 20.42 92.47
N PHE D 404 94.93 21.11 92.67
CA PHE D 404 95.97 20.63 93.56
C PHE D 404 95.57 20.78 95.02
N GLU D 405 94.75 21.78 95.35
CA GLU D 405 94.30 22.03 96.71
C GLU D 405 92.95 21.36 97.01
N ARG D 406 92.63 20.27 96.31
CA ARG D 406 91.39 19.54 96.54
C ARG D 406 91.62 18.09 96.92
N ASN D 407 92.45 17.38 96.18
CA ASN D 407 92.76 15.98 96.47
C ASN D 407 94.27 15.81 96.60
N GLN D 408 94.69 14.97 97.54
CA GLN D 408 96.12 14.75 97.75
C GLN D 408 96.74 13.90 96.65
N ALA D 409 95.93 13.13 95.92
CA ALA D 409 96.42 12.28 94.83
C ALA D 409 96.09 12.85 93.46
N GLY D 410 94.85 13.30 93.26
CA GLY D 410 94.45 13.87 91.99
C GLY D 410 94.05 12.83 90.96
N HIS D 411 92.87 12.98 90.37
CA HIS D 411 92.36 12.05 89.37
C HIS D 411 92.42 12.61 87.95
N TRP D 412 92.67 13.90 87.79
CA TRP D 412 92.83 14.53 86.48
C TRP D 412 91.57 14.39 85.63
N ASN D 413 90.66 15.34 85.72
CA ASN D 413 89.47 15.31 84.88
C ASN D 413 89.85 15.68 83.45
N PRO D 414 89.49 14.86 82.47
CA PRO D 414 89.85 15.17 81.08
C PRO D 414 88.90 16.21 80.49
N VAL D 415 89.34 16.79 79.38
CA VAL D 415 88.57 17.78 78.64
C VAL D 415 88.16 17.16 77.31
N PHE D 416 87.05 17.64 76.75
CA PHE D 416 86.50 17.13 75.50
C PHE D 416 87.52 17.16 74.37
N VAL D 417 87.96 15.99 73.93
CA VAL D 417 88.93 15.86 72.84
C VAL D 417 88.36 14.89 71.81
N ASN D 418 88.64 15.16 70.54
CA ASN D 418 88.20 14.29 69.45
C ASN D 418 89.06 14.52 68.21
N PRO D 419 90.32 14.07 68.21
CA PRO D 419 91.16 14.26 67.02
C PRO D 419 90.91 13.24 65.92
N LEU D 420 90.44 12.04 66.27
CA LEU D 420 90.15 10.98 65.31
C LEU D 420 88.70 10.56 65.47
N PRO D 421 87.77 11.25 64.81
CA PRO D 421 86.36 10.88 64.93
C PRO D 421 86.06 9.57 64.21
N ASP D 422 85.23 8.75 64.84
CA ASP D 422 84.84 7.45 64.29
C ASP D 422 83.32 7.37 64.21
N ASP D 423 82.82 6.84 63.10
CA ASP D 423 81.40 6.68 62.89
C ASP D 423 80.94 5.31 63.39
N ASP D 424 79.71 4.93 63.07
CA ASP D 424 79.16 3.65 63.49
C ASP D 424 78.34 3.06 62.36
N LEU D 425 78.29 1.73 62.32
CA LEU D 425 77.56 1.01 61.28
C LEU D 425 76.14 0.74 61.73
N ALA D 426 75.22 0.68 60.76
CA ALA D 426 73.82 0.43 61.03
C ALA D 426 73.18 -0.15 59.78
N ILE D 427 72.63 -1.37 59.89
CA ILE D 427 71.99 -2.00 58.74
C ILE D 427 70.55 -1.54 58.57
N GLY D 428 69.95 -0.97 59.60
CA GLY D 428 68.58 -0.49 59.50
C GLY D 428 67.58 -1.64 59.33
N ASP D 429 66.41 -1.28 58.82
CA ASP D 429 65.35 -2.25 58.57
C ASP D 429 64.62 -1.94 57.28
N GLU D 430 63.97 -0.77 57.23
CA GLU D 430 63.26 -0.33 56.03
C GLU D 430 63.74 1.02 55.51
N GLN D 431 64.67 1.67 56.20
CA GLN D 431 65.20 2.96 55.78
C GLN D 431 66.48 2.77 54.98
N GLU D 432 67.12 3.89 54.68
CA GLU D 432 68.38 3.90 53.93
C GLU D 432 69.42 4.69 54.69
N PRO D 433 70.51 4.06 55.17
CA PRO D 433 71.53 4.80 55.92
C PRO D 433 72.36 5.76 55.07
N GLN D 434 72.15 5.79 53.75
CA GLN D 434 72.95 6.68 52.90
C GLN D 434 72.67 8.14 53.22
N GLU D 435 71.40 8.51 53.35
CA GLU D 435 71.05 9.89 53.69
C GLU D 435 71.54 10.25 55.09
N ALA D 436 71.48 9.29 56.02
CA ALA D 436 71.99 9.54 57.37
C ALA D 436 73.49 9.81 57.34
N TYR D 437 74.25 9.00 56.59
CA TYR D 437 75.69 9.23 56.48
C TYR D 437 75.99 10.55 55.79
N LEU D 438 75.22 10.89 54.76
CA LEU D 438 75.42 12.17 54.09
C LEU D 438 75.18 13.34 55.04
N GLU D 439 74.12 13.27 55.83
CA GLU D 439 73.85 14.35 56.78
C GLU D 439 74.90 14.41 57.88
N CYS D 440 75.38 13.25 58.34
CA CYS D 440 76.42 13.24 59.36
C CYS D 440 77.73 13.81 58.82
N LEU D 441 78.02 13.59 57.54
CA LEU D 441 79.22 14.15 56.94
C LEU D 441 79.08 15.64 56.65
N PHE D 442 77.88 16.08 56.28
CA PHE D 442 77.65 17.50 56.02
C PHE D 442 77.41 18.31 57.28
N ALA D 443 77.25 17.66 58.43
CA ALA D 443 77.06 18.39 59.67
C ALA D 443 78.32 19.18 60.02
N PRO D 444 78.19 20.42 60.46
CA PRO D 444 79.36 21.24 60.78
C PRO D 444 80.00 20.92 62.13
N GLY D 445 79.45 19.97 62.89
CA GLY D 445 80.02 19.61 64.18
C GLY D 445 81.32 18.84 64.10
N ARG D 446 81.71 18.39 62.91
CA ARG D 446 82.95 17.64 62.75
C ARG D 446 83.44 17.82 61.32
N PHE D 447 84.71 17.47 61.11
CA PHE D 447 85.36 17.55 59.80
C PHE D 447 85.28 18.96 59.24
N THR D 448 85.34 19.08 57.91
CA THR D 448 85.28 20.37 57.24
C THR D 448 84.78 20.16 55.82
N ILE D 449 84.51 21.28 55.14
CA ILE D 449 84.03 21.21 53.76
C ILE D 449 85.16 20.93 52.80
N ALA D 450 86.39 21.31 53.15
CA ALA D 450 87.53 21.07 52.26
C ALA D 450 87.80 19.58 52.10
N ALA D 451 87.70 18.82 53.19
CA ALA D 451 87.90 17.38 53.10
C ALA D 451 86.84 16.72 52.23
N LEU D 452 85.57 17.16 52.37
CA LEU D 452 84.51 16.60 51.54
C LEU D 452 84.71 16.96 50.08
N GLN D 453 85.14 18.19 49.79
CA GLN D 453 85.40 18.58 48.42
C GLN D 453 86.54 17.78 47.81
N LYS D 454 87.61 17.57 48.58
CA LYS D 454 88.72 16.76 48.09
C LYS D 454 88.31 15.32 47.86
N ALA D 455 87.47 14.77 48.75
CA ALA D 455 87.00 13.41 48.56
C ALA D 455 86.12 13.28 47.32
N ILE D 456 85.27 14.28 47.07
CA ILE D 456 84.43 14.24 45.88
C ILE D 456 85.30 14.38 44.62
N GLN D 457 86.33 15.22 44.67
CA GLN D 457 87.22 15.37 43.53
C GLN D 457 88.03 14.10 43.27
N ILE D 458 88.37 13.36 44.33
CA ILE D 458 89.21 12.18 44.16
C ILE D 458 88.38 10.99 43.71
N LEU D 459 87.30 10.67 44.44
CA LEU D 459 86.53 9.47 44.17
C LEU D 459 85.81 9.50 42.82
N ARG D 460 85.74 10.66 42.16
CA ARG D 460 85.10 10.78 40.86
C ARG D 460 86.08 10.54 39.71
N LYS D 461 87.07 9.67 39.90
CA LYS D 461 88.06 9.34 38.88
C LYS D 461 88.79 10.60 38.37
N GLY D 462 89.08 11.50 39.30
CA GLY D 462 89.76 12.74 38.95
C GLY D 462 88.90 13.68 38.13
N SER D 463 87.93 14.33 38.79
CA SER D 463 87.03 15.25 38.12
C SER D 463 87.60 16.67 38.21
N GLY D 464 86.76 17.67 37.99
CA GLY D 464 87.18 19.06 38.03
C GLY D 464 87.09 19.64 39.43
N ARG D 465 87.02 20.97 39.48
CA ARG D 465 86.95 21.69 40.75
C ARG D 465 85.54 21.59 41.32
N VAL D 466 85.46 21.18 42.59
CA VAL D 466 84.18 21.05 43.29
C VAL D 466 83.95 22.30 44.12
N LEU D 467 82.82 22.96 43.88
CA LEU D 467 82.47 24.18 44.62
C LEU D 467 81.69 23.82 45.88
N ASP D 468 81.31 24.85 46.64
CA ASP D 468 80.56 24.64 47.88
C ASP D 468 79.52 25.73 48.11
N LEU D 469 79.12 26.45 47.07
CA LEU D 469 78.15 27.52 47.18
C LEU D 469 76.78 27.15 46.61
N SER D 470 76.76 26.39 45.52
CA SER D 470 75.50 25.99 44.88
C SER D 470 75.07 24.64 45.46
N TRP D 471 73.94 24.63 46.16
CA TRP D 471 73.45 23.39 46.74
C TRP D 471 73.06 22.39 45.65
N GLU D 472 72.47 22.88 44.55
CA GLU D 472 72.11 22.01 43.45
C GLU D 472 73.33 21.36 42.83
N GLU D 473 74.39 22.15 42.60
CA GLU D 473 75.62 21.60 42.04
C GLU D 473 76.29 20.63 42.99
N LEU D 474 76.27 20.93 44.29
CA LEU D 474 76.85 20.02 45.27
C LEU D 474 76.10 18.69 45.30
N LYS D 475 74.76 18.75 45.25
CA LYS D 475 73.97 17.52 45.22
C LYS D 475 74.22 16.74 43.94
N LYS D 476 74.35 17.44 42.81
CA LYS D 476 74.64 16.75 41.55
C LYS D 476 75.98 16.05 41.60
N GLU D 477 77.00 16.71 42.15
CA GLU D 477 78.33 16.11 42.23
C GLU D 477 78.35 14.93 43.19
N VAL D 478 77.64 15.05 44.32
CA VAL D 478 77.61 13.94 45.27
C VAL D 478 76.83 12.76 44.69
N THR D 479 75.81 13.03 43.88
CA THR D 479 75.08 11.95 43.23
C THR D 479 75.94 11.28 42.17
N LEU D 480 76.71 12.08 41.41
CA LEU D 480 77.68 11.51 40.48
C LEU D 480 78.66 10.59 41.20
N THR D 481 79.20 11.05 42.34
CA THR D 481 80.16 10.25 43.08
C THR D 481 79.53 8.97 43.60
N VAL D 482 78.31 9.06 44.14
CA VAL D 482 77.62 7.88 44.68
C VAL D 482 77.36 6.87 43.57
N GLU D 483 76.89 7.34 42.41
CA GLU D 483 76.61 6.43 41.31
C GLU D 483 77.89 5.81 40.76
N LYS D 484 78.98 6.59 40.70
CA LYS D 484 80.25 6.04 40.25
C LYS D 484 80.73 4.95 41.20
N GLU D 485 80.65 5.20 42.51
CA GLU D 485 81.04 4.18 43.47
C GLU D 485 80.15 2.95 43.36
N ILE D 486 78.86 3.14 43.10
CA ILE D 486 77.94 2.01 43.00
C ILE D 486 78.28 1.15 41.80
N GLN D 487 78.46 1.76 40.63
CA GLN D 487 78.78 0.97 39.43
C GLN D 487 80.20 0.44 39.44
N ASN D 488 81.09 1.00 40.28
CA ASN D 488 82.42 0.43 40.42
C ASN D 488 82.41 -0.73 41.39
N ALA D 489 81.53 -0.72 42.39
CA ALA D 489 81.44 -1.83 43.34
C ALA D 489 80.69 -3.00 42.73
N VAL D 490 79.42 -2.78 42.34
CA VAL D 490 78.60 -3.84 41.77
C VAL D 490 77.90 -3.35 40.52
N VAL D 491 77.00 -4.16 39.98
CA VAL D 491 76.22 -3.80 38.80
C VAL D 491 74.76 -4.18 39.04
N ASP D 492 74.54 -5.14 39.93
CA ASP D 492 73.19 -5.60 40.27
C ASP D 492 72.85 -5.04 41.64
N TYR D 493 72.03 -3.98 41.64
CA TYR D 493 71.62 -3.31 42.87
C TYR D 493 70.14 -2.92 42.83
N ASP D 494 69.34 -3.66 42.07
CA ASP D 494 67.91 -3.38 41.96
C ASP D 494 67.06 -4.63 42.13
N VAL D 495 67.65 -5.74 42.58
CA VAL D 495 66.90 -6.98 42.78
C VAL D 495 66.73 -7.33 44.25
N SER D 496 67.40 -6.64 45.16
CA SER D 496 67.29 -6.91 46.59
C SER D 496 67.33 -5.60 47.36
N GLN D 497 66.91 -5.66 48.62
CA GLN D 497 66.90 -4.49 49.48
C GLN D 497 68.09 -4.41 50.42
N GLU D 498 68.72 -5.54 50.73
CA GLU D 498 69.87 -5.56 51.61
C GLU D 498 71.19 -5.34 50.89
N GLU D 499 71.30 -5.81 49.65
CA GLU D 499 72.54 -5.63 48.89
C GLU D 499 72.79 -4.16 48.59
N PHE D 500 71.75 -3.42 48.21
CA PHE D 500 71.91 -1.99 47.94
C PHE D 500 72.30 -1.24 49.21
N ARG D 501 71.70 -1.61 50.34
CA ARG D 501 72.06 -0.95 51.60
C ARG D 501 73.51 -1.25 51.98
N GLN D 502 73.94 -2.50 51.78
CA GLN D 502 75.32 -2.85 52.09
C GLN D 502 76.30 -2.12 51.18
N ILE D 503 75.96 -1.99 49.89
CA ILE D 503 76.82 -1.27 48.96
C ILE D 503 76.89 0.21 49.34
N ASN D 504 75.76 0.80 49.72
CA ASN D 504 75.77 2.20 50.15
C ASN D 504 76.58 2.38 51.42
N ILE D 505 76.48 1.44 52.36
CA ILE D 505 77.26 1.51 53.59
C ILE D 505 78.75 1.41 53.29
N GLU D 506 79.13 0.52 52.39
CA GLU D 506 80.54 0.39 52.02
C GLU D 506 81.05 1.64 51.33
N ASN D 507 80.26 2.22 50.42
CA ASN D 507 80.66 3.45 49.74
C ASN D 507 80.81 4.61 50.72
N TRP D 508 79.88 4.72 51.69
CA TRP D 508 79.98 5.80 52.66
C TRP D 508 81.13 5.57 53.63
N CYS D 509 81.46 4.31 53.93
CA CYS D 509 82.64 4.05 54.74
C CYS D 509 83.92 4.43 53.99
N LYS D 510 83.97 4.14 52.68
CA LYS D 510 85.10 4.57 51.87
C LYS D 510 85.21 6.10 51.85
N PHE D 511 84.07 6.77 51.72
CA PHE D 511 84.07 8.24 51.74
C PHE D 511 84.55 8.76 53.09
N TYR D 512 84.11 8.14 54.19
CA TYR D 512 84.54 8.55 55.52
C TYR D 512 86.04 8.35 55.69
N THR D 513 86.58 7.24 55.18
CA THR D 513 88.02 7.01 55.26
C THR D 513 88.79 8.04 54.44
N CYS D 514 88.28 8.35 53.24
CA CYS D 514 88.95 9.35 52.40
C CYS D 514 88.92 10.73 53.05
N CYS D 515 87.83 11.04 53.75
CA CYS D 515 87.76 12.33 54.44
C CYS D 515 88.66 12.36 55.66
N LEU D 516 88.74 11.24 56.40
CA LEU D 516 89.58 11.18 57.59
C LEU D 516 91.06 11.22 57.23
N GLN D 517 91.43 10.67 56.06
CA GLN D 517 92.83 10.71 55.64
C GLN D 517 93.32 12.15 55.48
N TYR D 518 92.43 13.08 55.13
CA TYR D 518 92.80 14.48 55.02
C TYR D 518 92.52 15.25 56.30
N GLN D 519 91.54 14.80 57.10
CA GLN D 519 91.24 15.48 58.36
C GLN D 519 92.35 15.25 59.39
N GLU D 520 92.86 14.02 59.49
CA GLU D 520 93.92 13.74 60.45
C GLU D 520 95.19 14.52 60.13
N THR D 521 95.41 14.82 58.85
CA THR D 521 96.58 15.62 58.47
C THR D 521 96.55 17.01 59.08
N LEU D 522 95.38 17.66 59.14
CA LEU D 522 95.26 19.00 59.70
C LEU D 522 94.73 18.99 61.13
N SER D 523 94.64 17.82 61.77
CA SER D 523 94.15 17.74 63.13
C SER D 523 95.27 17.42 64.10
N ARG D 524 96.38 18.14 64.00
CA ARG D 524 97.53 17.95 64.88
C ARG D 524 97.70 19.20 65.74
N PRO D 525 97.16 19.22 66.97
CA PRO D 525 97.27 20.43 67.79
C PRO D 525 98.71 20.74 68.16
N LEU D 526 99.09 22.01 67.97
CA LEU D 526 100.44 22.48 68.28
C LEU D 526 100.53 23.06 69.68
N ALA D 527 99.69 24.05 70.00
CA ALA D 527 99.80 24.71 71.29
C ALA D 527 98.45 25.34 71.64
N LEU D 528 98.39 25.96 72.82
CA LEU D 528 97.22 26.67 73.31
C LEU D 528 97.59 28.11 73.61
N VAL D 529 96.57 28.97 73.62
CA VAL D 529 96.73 30.40 73.86
C VAL D 529 95.63 30.86 74.80
N VAL D 530 96.01 31.49 75.90
CA VAL D 530 95.07 32.04 76.87
C VAL D 530 95.33 33.54 76.97
N HIS D 531 94.29 34.30 77.32
CA HIS D 531 94.45 35.75 77.41
C HIS D 531 94.13 36.23 78.82
N PRO D 532 94.94 37.13 79.37
CA PRO D 532 94.62 37.71 80.68
C PRO D 532 93.32 38.51 80.62
N ASN D 533 92.44 38.25 81.59
CA ASN D 533 91.11 38.85 81.67
C ASN D 533 90.23 38.36 80.52
N THR D 534 88.95 38.10 80.83
CA THR D 534 87.99 37.53 79.88
C THR D 534 88.47 36.17 79.38
N ASN D 535 87.96 35.11 79.97
CA ASN D 535 88.43 33.77 79.66
C ASN D 535 88.10 33.38 78.22
N MET D 536 89.14 33.15 77.42
CA MET D 536 88.99 32.68 76.05
C MET D 536 90.23 31.89 75.68
N VAL D 537 90.05 30.61 75.37
CA VAL D 537 91.16 29.69 75.09
C VAL D 537 91.13 29.33 73.62
N CYS D 538 92.24 29.56 72.93
CA CYS D 538 92.41 29.18 71.54
C CYS D 538 93.37 28.02 71.43
N LEU D 539 93.16 27.18 70.41
CA LEU D 539 93.98 26.00 70.17
C LEU D 539 94.53 26.07 68.76
N LEU D 540 95.86 26.16 68.65
CA LEU D 540 96.54 26.29 67.38
C LEU D 540 97.07 24.91 66.96
N ARG D 541 96.57 24.40 65.84
CA ARG D 541 96.99 23.15 65.23
C ARG D 541 97.70 23.44 63.92
N LYS D 542 98.21 22.37 63.29
CA LYS D 542 98.89 22.46 62.01
C LYS D 542 98.04 23.23 61.00
N GLY D 543 98.19 24.55 60.97
CA GLY D 543 97.38 25.38 60.09
C GLY D 543 95.91 25.37 60.42
N PHE D 544 95.55 25.26 61.69
CA PHE D 544 94.15 25.19 62.10
C PHE D 544 93.94 25.97 63.39
N LEU D 545 92.75 26.55 63.52
CA LEU D 545 92.37 27.30 64.70
C LEU D 545 91.11 26.69 65.32
N SER D 546 91.13 26.52 66.63
CA SER D 546 89.98 25.98 67.35
C SER D 546 89.75 26.80 68.61
N PHE D 547 88.54 26.70 69.15
CA PHE D 547 88.16 27.42 70.36
C PHE D 547 87.80 26.45 71.47
N LEU D 548 88.00 26.88 72.71
CA LEU D 548 87.59 26.11 73.89
C LEU D 548 86.52 26.94 74.62
N ALA D 549 85.27 26.72 74.26
CA ALA D 549 84.19 27.50 74.82
C ALA D 549 83.89 27.04 76.25
N PRO D 550 83.81 27.96 77.21
CA PRO D 550 83.45 27.56 78.58
C PRO D 550 81.98 27.20 78.68
N CYS D 551 81.71 26.02 79.24
CA CYS D 551 80.35 25.52 79.40
C CYS D 551 79.83 25.82 80.80
N SER D 552 78.52 25.77 80.93
CA SER D 552 77.87 26.06 82.21
C SER D 552 78.13 24.93 83.20
N SER D 553 77.52 25.03 84.38
CA SER D 553 77.73 24.04 85.42
C SER D 553 77.18 22.68 85.02
N VAL D 554 75.91 22.63 84.60
CA VAL D 554 75.30 21.36 84.20
C VAL D 554 75.98 20.81 82.96
N GLU D 555 76.36 21.69 82.02
CA GLU D 555 77.02 21.23 80.80
C GLU D 555 78.39 20.63 81.11
N HIS D 556 79.16 21.27 81.99
CA HIS D 556 80.46 20.73 82.36
C HIS D 556 80.31 19.43 83.16
N LEU D 557 79.28 19.34 83.99
CA LEU D 557 79.03 18.09 84.70
C LEU D 557 78.70 16.96 83.72
N TYR D 558 77.90 17.26 82.70
CA TYR D 558 77.57 16.25 81.69
C TYR D 558 78.79 15.88 80.86
N LEU D 559 79.67 16.85 80.59
CA LEU D 559 80.86 16.56 79.80
C LEU D 559 81.85 15.70 80.58
N VAL D 560 82.04 16.00 81.86
CA VAL D 560 82.96 15.21 82.68
C VAL D 560 82.32 13.86 82.99
N PRO D 561 83.02 12.74 82.78
CA PRO D 561 82.43 11.43 83.07
C PRO D 561 82.14 11.26 84.56
N GLY D 562 81.30 10.28 84.87
CA GLY D 562 80.90 10.03 86.24
C GLY D 562 82.02 9.46 87.09
N GLU D 563 82.99 8.80 86.46
CA GLU D 563 84.11 8.22 87.21
C GLU D 563 84.95 9.30 87.88
N HIS D 564 85.06 10.47 87.24
CA HIS D 564 85.79 11.58 87.86
C HIS D 564 84.90 12.39 88.79
N LEU D 565 83.60 12.50 88.47
CA LEU D 565 82.69 13.21 89.36
C LEU D 565 82.50 12.47 90.68
N LEU D 566 82.68 11.15 90.69
CA LEU D 566 82.62 10.41 91.94
C LEU D 566 83.79 10.76 92.86
N THR D 567 84.99 10.90 92.29
CA THR D 567 86.13 11.33 93.08
C THR D 567 86.00 12.79 93.48
N VAL D 568 85.41 13.62 92.63
CA VAL D 568 85.14 15.01 92.99
C VAL D 568 84.17 15.04 94.16
N ASP D 569 84.43 15.95 95.11
CA ASP D 569 83.60 16.05 96.30
C ASP D 569 82.14 16.33 95.94
N GLU D 570 81.23 15.62 96.63
CA GLU D 570 79.81 15.72 96.35
C GLU D 570 79.15 16.92 97.03
N SER D 571 79.86 17.60 97.94
CA SER D 571 79.27 18.74 98.64
C SER D 571 79.18 19.99 97.77
N VAL D 572 79.78 19.99 96.59
CA VAL D 572 79.73 21.16 95.71
C VAL D 572 78.63 21.02 94.67
N ILE D 573 78.39 19.81 94.18
CA ILE D 573 77.36 19.57 93.17
C ILE D 573 75.98 19.73 93.80
N CYS D 574 75.60 18.77 94.64
CA CYS D 574 74.31 18.77 95.31
C CYS D 574 74.50 18.92 96.81
N ASP D 575 73.37 19.03 97.52
CA ASP D 575 73.42 19.17 98.97
C ASP D 575 73.59 17.82 99.67
N ASP D 576 72.86 16.80 99.20
CA ASP D 576 72.93 15.47 99.77
C ASP D 576 73.88 14.60 98.96
N VAL D 577 74.68 13.80 99.65
CA VAL D 577 75.65 12.93 98.98
C VAL D 577 74.94 11.88 98.15
N ASP D 578 73.80 11.37 98.64
CA ASP D 578 73.05 10.37 97.90
C ASP D 578 72.50 10.95 96.59
N GLY D 579 71.89 12.13 96.66
CA GLY D 579 71.39 12.77 95.46
C GLY D 579 72.50 13.14 94.50
N ALA D 580 73.65 13.57 95.04
CA ALA D 580 74.78 13.89 94.18
C ALA D 580 75.29 12.65 93.45
N SER D 581 75.42 11.53 94.16
CA SER D 581 75.85 10.29 93.52
C SER D 581 74.82 9.83 92.48
N ASP D 582 73.53 10.00 92.78
CA ASP D 582 72.50 9.60 91.83
C ASP D 582 72.57 10.43 90.55
N ILE D 583 72.70 11.76 90.70
CA ILE D 583 72.77 12.60 89.50
C ILE D 583 74.08 12.37 88.75
N VAL D 584 75.15 12.01 89.46
CA VAL D 584 76.40 11.70 88.78
C VAL D 584 76.26 10.41 87.97
N SER D 585 75.61 9.40 88.54
CA SER D 585 75.36 8.16 87.80
C SER D 585 74.47 8.41 86.59
N LEU D 586 73.44 9.26 86.76
CA LEU D 586 72.58 9.58 85.63
C LEU D 586 73.35 10.30 84.53
N ILE D 587 74.22 11.25 84.91
CA ILE D 587 75.02 11.98 83.94
C ILE D 587 75.96 11.03 83.21
N GLN D 588 76.57 10.09 83.94
CA GLN D 588 77.45 9.12 83.31
C GLN D 588 76.69 8.23 82.35
N CYS D 589 75.46 7.85 82.71
CA CYS D 589 74.62 7.05 81.82
C CYS D 589 74.32 7.81 80.54
N LEU D 590 73.94 9.09 80.66
CA LEU D 590 73.65 9.88 79.48
C LEU D 590 74.89 10.05 78.61
N HIS D 591 76.05 10.27 79.23
CA HIS D 591 77.28 10.46 78.47
C HIS D 591 77.68 9.18 77.74
N MET D 592 77.53 8.02 78.38
CA MET D 592 77.86 6.76 77.74
C MET D 592 76.83 6.35 76.70
N ILE D 593 75.60 6.85 76.79
CA ILE D 593 74.61 6.59 75.76
C ILE D 593 74.87 7.47 74.54
N ALA D 594 75.30 8.72 74.77
CA ALA D 594 75.57 9.66 73.69
C ALA D 594 76.77 9.26 72.81
N ASP D 595 77.37 8.08 72.98
CA ASP D 595 78.51 7.69 72.15
C ASP D 595 78.10 7.30 70.73
N TYR D 596 76.80 7.19 70.46
CA TYR D 596 76.31 6.82 69.14
C TYR D 596 75.38 7.91 68.64
N ILE D 597 75.76 8.56 67.53
CA ILE D 597 75.00 9.65 66.94
C ILE D 597 74.77 9.33 65.48
N THR D 598 73.50 9.28 65.07
CA THR D 598 73.13 9.01 63.68
C THR D 598 71.98 9.96 63.32
N GLU D 599 71.34 9.67 62.19
CA GLU D 599 70.22 10.48 61.71
C GLU D 599 68.93 9.70 61.53
N ASP D 600 68.98 8.37 61.42
CA ASP D 600 67.76 7.59 61.30
C ASP D 600 66.90 7.70 62.55
N MET D 601 67.53 7.79 63.73
CA MET D 601 66.79 7.97 64.97
C MET D 601 66.02 9.28 64.95
N ALA D 602 66.68 10.37 64.54
CA ALA D 602 66.01 11.67 64.46
C ALA D 602 64.92 11.66 63.40
N TYR D 603 65.14 10.94 62.29
CA TYR D 603 64.13 10.84 61.24
C TYR D 603 62.88 10.14 61.75
N GLN D 604 63.06 9.00 62.43
CA GLN D 604 61.92 8.28 62.99
C GLN D 604 61.24 9.09 64.08
N MET D 605 62.00 9.85 64.88
CA MET D 605 61.40 10.70 65.89
C MET D 605 60.53 11.78 65.26
N GLU D 606 61.05 12.43 64.22
CA GLU D 606 60.27 13.47 63.53
C GLU D 606 59.03 12.87 62.89
N SER D 607 59.14 11.66 62.32
CA SER D 607 57.99 11.02 61.70
C SER D 607 56.92 10.68 62.74
N ALA D 608 57.34 10.13 63.88
CA ALA D 608 56.39 9.76 64.92
C ALA D 608 55.80 11.00 65.60
N CYS D 609 56.51 12.13 65.57
CA CYS D 609 55.95 13.36 66.11
C CYS D 609 54.99 14.03 65.13
N CYS D 610 55.25 13.90 63.82
CA CYS D 610 54.34 14.47 62.83
C CYS D 610 53.07 13.63 62.71
N HIS D 611 53.19 12.32 62.82
CA HIS D 611 51.96 11.54 62.75
C HIS D 611 51.37 11.33 64.15
N PRO D 612 50.05 11.38 64.27
CA PRO D 612 49.43 11.29 65.60
C PRO D 612 49.64 9.91 66.22
N GLN D 613 50.22 9.90 67.43
CA GLN D 613 50.43 8.67 68.17
C GLN D 613 50.61 8.95 69.65
N SER D 614 51.82 8.73 70.18
CA SER D 614 52.09 8.90 71.59
C SER D 614 53.59 9.03 71.83
N PRO D 615 54.02 9.69 72.91
CA PRO D 615 55.46 9.82 73.17
C PRO D 615 56.16 8.49 73.42
N GLU D 616 55.47 7.50 73.97
CA GLU D 616 56.10 6.19 74.17
C GLU D 616 56.42 5.51 72.85
N ARG D 617 55.62 5.77 71.81
CA ARG D 617 55.95 5.24 70.48
C ARG D 617 57.23 5.86 69.94
N VAL D 618 57.39 7.17 70.12
CA VAL D 618 58.61 7.84 69.69
C VAL D 618 59.81 7.31 70.48
N ALA D 619 59.62 7.09 71.78
CA ALA D 619 60.69 6.54 72.62
C ALA D 619 61.08 5.14 72.16
N GLU D 620 60.09 4.31 71.83
CA GLU D 620 60.38 2.96 71.35
C GLU D 620 61.10 2.99 70.01
N GLN D 621 60.69 3.90 69.12
CA GLN D 621 61.37 4.03 67.83
C GLN D 621 62.82 4.46 68.01
N ILE D 622 63.06 5.44 68.89
CA ILE D 622 64.42 5.90 69.15
C ILE D 622 65.25 4.78 69.77
N LEU D 623 64.65 4.00 70.67
CA LEU D 623 65.37 2.90 71.29
C LEU D 623 65.73 1.82 70.27
N GLU D 624 64.80 1.49 69.37
CA GLU D 624 65.09 0.49 68.35
C GLU D 624 66.14 1.00 67.36
N ASP D 625 66.14 2.31 67.07
CA ASP D 625 67.17 2.87 66.21
C ASP D 625 68.54 2.80 66.88
N LEU D 626 68.60 3.14 68.17
CA LEU D 626 69.86 3.06 68.90
C LEU D 626 70.35 1.61 68.99
N ILE D 627 69.42 0.66 69.13
CA ILE D 627 69.80 -0.74 69.19
C ILE D 627 70.35 -1.20 67.84
N ALA D 628 69.68 -0.82 66.74
CA ALA D 628 70.16 -1.20 65.42
C ALA D 628 71.50 -0.55 65.09
N ASN D 629 71.75 0.66 65.61
CA ASN D 629 73.02 1.34 65.34
C ASN D 629 74.13 0.90 66.29
N ASP D 630 73.79 0.32 67.44
CA ASP D 630 74.79 -0.05 68.42
C ASP D 630 75.62 -1.24 67.94
N ILE D 631 76.92 -1.19 68.23
CA ILE D 631 77.82 -2.28 67.89
C ILE D 631 78.32 -3.03 69.13
N ASP D 632 78.42 -2.36 70.28
CA ASP D 632 78.88 -2.97 71.52
C ASP D 632 77.75 -2.93 72.55
N ASN D 633 78.00 -3.57 73.69
CA ASN D 633 77.02 -3.62 74.76
C ASN D 633 77.21 -2.44 75.71
N ILE D 634 76.09 -1.80 76.05
CA ILE D 634 76.11 -0.63 76.94
C ILE D 634 75.00 -0.74 77.96
N MET D 635 73.99 -1.58 77.66
CA MET D 635 72.86 -1.72 78.56
C MET D 635 73.27 -2.29 79.91
N GLU D 636 74.27 -3.16 79.94
CA GLU D 636 74.76 -3.72 81.20
C GLU D 636 75.29 -2.62 82.11
N ASN D 637 76.17 -1.77 81.57
CA ASN D 637 76.69 -0.66 82.36
C ASN D 637 75.60 0.34 82.72
N ILE D 638 74.64 0.55 81.82
CA ILE D 638 73.52 1.44 82.12
C ILE D 638 72.75 0.94 83.34
N GLN D 639 72.42 -0.35 83.36
CA GLN D 639 71.70 -0.91 84.50
C GLN D 639 72.56 -0.91 85.75
N ASN D 640 73.86 -1.18 85.62
CA ASN D 640 74.73 -1.20 86.78
C ASN D 640 74.84 0.19 87.42
N LYS D 641 74.84 1.24 86.59
CA LYS D 641 74.92 2.59 87.12
C LYS D 641 73.56 3.10 87.60
N LEU D 642 72.47 2.57 87.04
CA LEU D 642 71.14 2.97 87.48
C LEU D 642 70.71 2.28 88.76
N GLN D 643 71.26 1.09 89.05
CA GLN D 643 70.92 0.38 90.27
C GLN D 643 71.45 1.07 91.52
N ASP D 644 72.37 2.02 91.37
CA ASP D 644 72.94 2.74 92.53
C ASP D 644 72.20 4.06 92.75
N ILE D 645 70.90 3.94 93.00
CA ILE D 645 70.04 5.10 93.25
C ILE D 645 69.26 4.84 94.53
N ARG D 646 69.40 5.75 95.50
CA ARG D 646 68.70 5.64 96.78
C ARG D 646 67.90 6.87 97.15
N ASN D 647 68.25 8.06 96.67
CA ASN D 647 67.52 9.28 96.98
C ASN D 647 67.71 10.28 95.85
N PRO D 648 66.90 10.21 94.79
CA PRO D 648 67.09 11.11 93.64
C PRO D 648 66.37 12.44 93.80
N ILE D 649 66.13 12.86 95.03
CA ILE D 649 65.46 14.14 95.28
C ILE D 649 66.33 15.29 94.77
N GLN D 650 67.59 15.32 95.20
CA GLN D 650 68.50 16.36 94.72
C GLN D 650 68.74 16.23 93.23
N ALA D 651 68.73 15.01 92.70
CA ALA D 651 68.92 14.80 91.27
C ALA D 651 67.79 15.44 90.47
N ILE D 652 66.53 15.17 90.84
CA ILE D 652 65.42 15.75 90.11
C ILE D 652 65.32 17.25 90.35
N SER D 653 65.76 17.71 91.54
CA SER D 653 65.77 19.15 91.79
C SER D 653 66.77 19.86 90.86
N PHE D 654 67.98 19.31 90.74
CA PHE D 654 68.97 19.89 89.85
C PHE D 654 68.56 19.76 88.39
N LEU D 655 67.81 18.70 88.04
CA LEU D 655 67.32 18.58 86.67
C LEU D 655 66.23 19.60 86.37
N LEU D 656 65.37 19.89 87.35
CA LEU D 656 64.31 20.87 87.13
C LEU D 656 64.87 22.28 87.11
N GLN D 657 65.85 22.58 87.96
CA GLN D 657 66.44 23.91 88.04
C GLN D 657 67.59 24.10 87.06
N ASN D 658 67.44 23.62 85.82
CA ASN D 658 68.50 23.76 84.83
C ASN D 658 67.92 23.73 83.42
N MET D 659 66.90 22.91 83.19
CA MET D 659 66.29 22.78 81.88
C MET D 659 65.22 23.83 81.61
N ASP D 660 65.07 24.81 82.49
CA ASP D 660 64.08 25.87 82.29
C ASP D 660 64.52 26.79 81.15
N TYR D 661 64.18 26.42 79.92
CA TYR D 661 64.56 27.17 78.73
C TYR D 661 63.38 27.76 77.99
N GLU D 662 62.32 26.99 77.78
CA GLU D 662 61.18 27.45 77.00
C GLU D 662 60.15 28.20 77.83
N THR D 663 60.19 28.07 79.15
CA THR D 663 59.23 28.75 80.01
C THR D 663 59.55 30.24 80.07
N ASN D 664 58.62 31.07 79.63
CA ASN D 664 58.79 32.52 79.63
C ASN D 664 58.56 33.03 81.05
N MET D 665 59.63 33.12 81.82
CA MET D 665 59.56 33.60 83.20
C MET D 665 59.86 35.08 83.34
N ASP D 666 60.34 35.73 82.28
CA ASP D 666 60.65 37.16 82.32
C ASP D 666 59.97 37.90 81.18
N MET D 667 60.65 38.91 80.64
CA MET D 667 60.18 39.73 79.52
C MET D 667 58.95 40.55 79.87
N GLU D 668 58.75 41.66 79.16
CA GLU D 668 57.61 42.53 79.38
C GLU D 668 56.93 42.96 78.08
N GLN D 669 57.26 42.31 76.96
CA GLN D 669 56.68 42.62 75.65
C GLN D 669 56.94 44.08 75.27
N SER D 670 58.13 44.58 75.63
CA SER D 670 58.50 45.95 75.33
C SER D 670 60.01 46.06 75.37
N GLN D 671 60.51 47.18 74.84
CA GLN D 671 61.95 47.45 74.82
C GLN D 671 62.38 48.16 76.10
N HIS D 672 63.50 47.72 76.66
CA HIS D 672 64.04 48.27 77.89
C HIS D 672 65.25 49.15 77.57
N ASN D 673 66.05 49.45 78.59
CA ASN D 673 67.23 50.28 78.44
C ASN D 673 68.45 49.42 78.09
N VAL D 674 69.59 50.08 77.95
CA VAL D 674 70.85 49.40 77.63
C VAL D 674 71.88 49.74 78.70
N ARG D 675 72.86 48.86 78.83
CA ARG D 675 73.95 49.07 79.78
C ARG D 675 75.33 48.66 79.27
N LEU D 676 75.43 47.77 78.29
CA LEU D 676 76.72 47.36 77.76
C LEU D 676 77.18 48.36 76.72
N ASN D 677 78.39 48.89 76.89
CA ASN D 677 78.95 49.83 75.93
C ASN D 677 79.48 49.16 74.67
N LEU D 678 79.48 47.83 74.62
CA LEU D 678 79.95 47.10 73.44
C LEU D 678 78.81 46.80 72.47
N SER D 679 78.06 47.86 72.12
CA SER D 679 76.95 47.70 71.19
C SER D 679 77.41 47.38 69.78
N THR D 680 78.64 47.78 69.42
CA THR D 680 79.19 47.50 68.10
C THR D 680 79.64 46.05 67.96
N LEU D 681 79.73 45.30 69.04
CA LEU D 681 80.14 43.90 68.97
C LEU D 681 78.98 43.04 68.47
N TYR D 682 79.21 41.73 68.43
CA TYR D 682 78.25 40.75 67.92
C TYR D 682 77.85 41.03 66.47
N GLY D 683 78.70 41.76 65.74
CA GLY D 683 78.44 42.07 64.34
C GLY D 683 79.63 41.76 63.48
N SER D 684 80.82 41.72 64.08
CA SER D 684 82.03 41.36 63.35
C SER D 684 81.95 39.89 62.93
N VAL D 685 82.65 39.57 61.84
CA VAL D 685 82.58 38.23 61.26
C VAL D 685 83.10 37.20 62.24
N THR D 686 84.30 37.42 62.79
CA THR D 686 84.93 36.44 63.66
C THR D 686 84.14 36.27 64.96
N ALA D 687 83.76 37.39 65.58
CA ALA D 687 83.01 37.30 66.84
C ALA D 687 81.67 36.63 66.64
N SER D 688 80.96 37.00 65.57
CA SER D 688 79.66 36.37 65.29
C SER D 688 79.83 34.88 65.03
N SER D 689 80.85 34.50 64.26
CA SER D 689 81.07 33.08 63.98
C SER D 689 81.37 32.31 65.26
N VAL D 690 82.20 32.88 66.15
CA VAL D 690 82.53 32.20 67.39
C VAL D 690 81.31 32.05 68.27
N VAL D 691 80.52 33.13 68.40
CA VAL D 691 79.33 33.09 69.25
C VAL D 691 78.33 32.07 68.72
N CYS D 692 78.11 32.07 67.40
CA CYS D 692 77.15 31.13 66.82
C CYS D 692 77.65 29.69 66.90
N GLN D 693 78.97 29.48 66.77
CA GLN D 693 79.50 28.14 66.93
C GLN D 693 79.30 27.63 68.35
N ALA D 694 79.56 28.48 69.35
CA ALA D 694 79.34 28.09 70.73
C ALA D 694 77.86 27.81 70.99
N ILE D 695 76.97 28.64 70.43
CA ILE D 695 75.54 28.44 70.61
C ILE D 695 75.12 27.10 70.01
N TYR D 696 75.57 26.81 68.79
CA TYR D 696 75.22 25.55 68.14
C TYR D 696 75.80 24.36 68.89
N LYS D 697 77.01 24.51 69.44
CA LYS D 697 77.63 23.41 70.18
C LYS D 697 76.84 23.10 71.44
N ILE D 698 76.48 24.13 72.22
CA ILE D 698 75.72 23.87 73.44
C ILE D 698 74.31 23.41 73.12
N SER D 699 73.77 23.85 71.97
CA SER D 699 72.45 23.36 71.58
C SER D 699 72.48 21.88 71.22
N ALA D 700 73.51 21.45 70.49
CA ALA D 700 73.66 20.04 70.19
C ALA D 700 73.91 19.23 71.45
N THR D 701 74.67 19.79 72.39
CA THR D 701 74.90 19.11 73.67
C THR D 701 73.60 18.91 74.43
N ARG D 702 72.78 19.97 74.50
CA ARG D 702 71.49 19.84 75.18
C ARG D 702 70.54 18.91 74.45
N PHE D 703 70.60 18.88 73.11
CA PHE D 703 69.80 17.93 72.34
C PHE D 703 70.19 16.50 72.67
N LEU D 704 71.49 16.23 72.71
CA LEU D 704 71.96 14.90 73.08
C LEU D 704 71.57 14.56 74.52
N ILE D 705 71.63 15.55 75.42
CA ILE D 705 71.23 15.32 76.81
C ILE D 705 69.76 14.92 76.88
N CYS D 706 68.91 15.64 76.17
CA CYS D 706 67.48 15.34 76.19
C CYS D 706 67.18 13.99 75.56
N ARG D 707 67.90 13.65 74.47
CA ARG D 707 67.71 12.36 73.83
C ARG D 707 68.10 11.22 74.77
N ASP D 708 69.24 11.36 75.43
CA ASP D 708 69.67 10.33 76.38
C ASP D 708 68.74 10.24 77.57
N LEU D 709 68.19 11.37 78.02
CA LEU D 709 67.23 11.35 79.12
C LEU D 709 65.95 10.62 78.72
N LEU D 710 65.47 10.86 77.50
CA LEU D 710 64.29 10.14 77.03
C LEU D 710 64.58 8.65 76.88
N ILE D 711 65.78 8.31 76.41
CA ILE D 711 66.16 6.90 76.28
C ILE D 711 66.20 6.24 77.65
N LEU D 712 66.77 6.92 78.65
CA LEU D 712 66.83 6.36 79.99
C LEU D 712 65.44 6.22 80.60
N GLN D 713 64.57 7.20 80.34
CA GLN D 713 63.19 7.11 80.84
C GLN D 713 62.47 5.92 80.22
N HIS D 714 62.63 5.72 78.92
CA HIS D 714 62.00 4.57 78.27
C HIS D 714 62.56 3.26 78.80
N LEU D 715 63.87 3.20 79.00
CA LEU D 715 64.48 1.98 79.55
C LEU D 715 63.98 1.69 80.95
N LEU D 716 63.85 2.72 81.78
CA LEU D 716 63.33 2.52 83.13
C LEU D 716 61.88 2.07 83.10
N LEU D 717 61.06 2.67 82.23
CA LEU D 717 59.66 2.26 82.12
C LEU D 717 59.53 0.84 81.59
N ARG D 718 60.45 0.40 80.74
CA ARG D 718 60.40 -0.95 80.23
C ARG D 718 60.90 -1.98 81.23
N LEU D 719 61.90 -1.62 82.05
CA LEU D 719 62.46 -2.55 83.03
C LEU D 719 61.64 -2.52 84.33
N GLY D 720 61.77 -1.44 85.09
CA GLY D 720 61.09 -1.33 86.36
C GLY D 720 62.00 -0.87 87.48
N ASP D 721 61.95 -1.56 88.61
CA ASP D 721 62.77 -1.24 89.79
C ASP D 721 63.35 -2.54 90.31
N MET D 722 64.58 -2.87 89.88
CA MET D 722 65.24 -4.08 90.31
C MET D 722 66.09 -3.89 91.56
N ALA D 723 66.56 -2.65 91.81
CA ALA D 723 67.37 -2.40 93.00
C ALA D 723 67.25 -0.96 93.49
N LEU D 724 66.22 -0.22 93.08
CA LEU D 724 66.06 1.17 93.49
C LEU D 724 65.18 1.25 94.73
N VAL D 725 65.55 2.13 95.65
CA VAL D 725 64.83 2.33 96.90
C VAL D 725 64.20 3.72 96.84
N GLY D 726 62.87 3.76 96.73
CA GLY D 726 62.16 5.02 96.65
C GLY D 726 62.29 5.70 95.30
N ALA D 727 61.82 5.02 94.25
CA ALA D 727 61.88 5.55 92.89
C ALA D 727 60.57 6.15 92.43
N GLY D 728 59.58 6.25 93.32
CA GLY D 728 58.30 6.82 92.92
C GLY D 728 58.39 8.29 92.58
N GLN D 729 59.14 9.06 93.37
CA GLN D 729 59.31 10.47 93.07
C GLN D 729 60.07 10.67 91.77
N LEU D 730 61.09 9.84 91.51
CA LEU D 730 61.83 9.93 90.27
C LEU D 730 60.94 9.59 89.08
N LEU D 731 60.11 8.56 89.21
CA LEU D 731 59.20 8.19 88.12
C LEU D 731 58.18 9.30 87.87
N HIS D 732 57.66 9.91 88.93
CA HIS D 732 56.72 11.01 88.76
C HIS D 732 57.38 12.21 88.09
N SER D 733 58.61 12.53 88.49
CA SER D 733 59.33 13.64 87.85
C SER D 733 59.59 13.35 86.38
N GLN D 734 59.96 12.11 86.05
CA GLN D 734 60.20 11.77 84.65
C GLN D 734 58.90 11.84 83.84
N GLN D 735 57.80 11.38 84.42
CA GLN D 735 56.51 11.43 83.71
C GLN D 735 56.06 12.88 83.51
N GLU D 736 56.34 13.75 84.48
CA GLU D 736 55.98 15.16 84.33
C GLU D 736 56.89 15.88 83.35
N LEU D 737 58.15 15.45 83.25
CA LEU D 737 59.10 16.09 82.35
C LEU D 737 59.04 15.56 80.92
N ILE D 738 58.45 14.38 80.70
CA ILE D 738 58.38 13.81 79.36
C ILE D 738 57.81 14.79 78.33
N PRO D 739 56.70 15.51 78.59
CA PRO D 739 56.28 16.53 77.62
C PRO D 739 57.30 17.65 77.46
N ARG D 740 57.83 18.17 78.57
CA ARG D 740 58.85 19.20 78.49
C ARG D 740 60.13 18.67 77.85
N ALA D 741 60.48 17.40 78.14
CA ALA D 741 61.65 16.80 77.52
C ALA D 741 61.50 16.71 76.00
N ALA D 742 60.32 16.27 75.54
CA ALA D 742 60.07 16.20 74.10
C ALA D 742 60.06 17.58 73.46
N GLN D 743 59.49 18.57 74.15
CA GLN D 743 59.47 19.93 73.63
C GLN D 743 60.88 20.47 73.47
N LEU D 744 61.73 20.28 74.49
CA LEU D 744 63.11 20.73 74.40
C LEU D 744 63.88 19.97 73.34
N LEU D 745 63.62 18.66 73.22
CA LEU D 745 64.26 17.85 72.18
C LEU D 745 63.94 18.40 70.80
N LEU D 746 62.66 18.71 70.55
CA LEU D 746 62.28 19.27 69.25
C LEU D 746 62.89 20.65 69.05
N SER D 747 62.86 21.50 70.08
CA SER D 747 63.38 22.85 69.94
C SER D 747 64.87 22.86 69.64
N TYR D 748 65.63 21.92 70.22
CA TYR D 748 67.04 21.82 69.91
C TYR D 748 67.30 21.13 68.58
N TYR D 749 66.47 20.15 68.22
CA TYR D 749 66.59 19.51 66.91
C TYR D 749 66.35 20.50 65.79
N MET D 750 65.54 21.54 66.04
CA MET D 750 65.40 22.63 65.07
C MET D 750 66.77 23.08 64.56
N ILE D 751 67.59 23.60 65.47
CA ILE D 751 68.91 24.09 65.08
C ILE D 751 69.82 22.95 64.66
N ARG D 752 69.73 21.81 65.36
CA ARG D 752 70.62 20.68 65.07
C ARG D 752 70.47 20.21 63.62
N TRP D 753 69.25 20.31 63.06
CA TRP D 753 69.02 19.87 61.70
C TRP D 753 69.08 21.01 60.69
N GLY D 754 68.80 22.25 61.13
CA GLY D 754 68.92 23.38 60.23
C GLY D 754 70.36 23.77 59.95
N SER D 755 71.26 23.52 60.89
CA SER D 755 72.67 23.82 60.68
C SER D 755 73.37 22.78 59.82
N GLN D 756 72.70 21.66 59.54
CA GLN D 756 73.29 20.59 58.73
C GLN D 756 72.54 20.28 57.46
N CYS D 757 71.29 20.74 57.32
CA CYS D 757 70.51 20.49 56.11
C CYS D 757 70.59 21.70 55.18
N LEU D 758 70.73 21.41 53.88
CA LEU D 758 70.78 22.41 52.82
C LEU D 758 72.01 23.30 52.92
N ALA D 759 72.30 24.02 51.84
CA ALA D 759 73.44 24.93 51.79
C ALA D 759 73.28 25.93 50.64
N CYS D 760 72.09 26.52 50.53
CA CYS D 760 71.81 27.47 49.46
C CYS D 760 72.28 28.88 49.75
N ALA D 761 73.21 29.05 50.70
CA ALA D 761 73.71 30.37 51.02
C ALA D 761 74.71 30.86 49.97
N VAL D 762 74.95 32.16 49.98
CA VAL D 762 75.82 32.80 48.99
C VAL D 762 76.60 33.91 49.68
N PRO D 763 77.67 34.44 49.07
CA PRO D 763 78.40 35.56 49.67
C PRO D 763 77.58 36.83 49.82
N VAL D 764 78.22 37.92 50.22
CA VAL D 764 77.49 39.16 50.53
C VAL D 764 76.88 39.75 49.28
N ASP D 765 77.62 39.76 48.16
CA ASP D 765 77.11 40.37 46.94
C ASP D 765 75.89 39.62 46.42
N LEU D 766 76.00 38.30 46.29
CA LEU D 766 74.86 37.50 45.82
C LEU D 766 73.71 37.53 46.81
N LEU D 767 74.00 37.63 48.11
CA LEU D 767 72.93 37.74 49.10
C LEU D 767 72.17 39.05 48.94
N GLU D 768 72.88 40.16 48.74
CA GLU D 768 72.20 41.43 48.50
C GLU D 768 71.43 41.40 47.19
N SER D 769 71.97 40.71 46.18
CA SER D 769 71.27 40.58 44.91
C SER D 769 69.95 39.82 45.09
N ASN D 770 70.00 38.71 45.84
CA ASN D 770 68.78 37.94 46.09
C ASN D 770 67.80 38.74 46.95
N LEU D 771 68.31 39.54 47.88
CA LEU D 771 67.44 40.38 48.69
C LEU D 771 66.71 41.41 47.81
N GLN D 772 67.45 42.04 46.90
CA GLN D 772 66.82 43.00 45.98
C GLN D 772 65.82 42.30 45.06
N HIS D 773 66.14 41.08 44.63
CA HIS D 773 65.22 40.34 43.77
C HIS D 773 63.91 40.03 44.50
N LEU D 774 64.01 39.55 45.74
CA LEU D 774 62.80 39.29 46.51
C LEU D 774 62.05 40.57 46.84
N SER D 775 62.77 41.68 47.04
CA SER D 775 62.10 42.94 47.32
C SER D 775 61.31 43.44 46.10
N VAL D 776 61.89 43.31 44.90
CA VAL D 776 61.18 43.74 43.70
C VAL D 776 60.13 42.72 43.26
N LEU D 777 60.22 41.47 43.74
CA LEU D 777 59.21 40.47 43.47
C LEU D 777 58.17 40.37 44.57
N GLU D 778 58.27 41.20 45.62
CA GLU D 778 57.30 41.26 46.70
C GLU D 778 57.24 39.95 47.47
N LEU D 779 58.16 39.77 48.41
CA LEU D 779 58.19 38.60 49.27
C LEU D 779 58.65 39.02 50.66
N SER D 780 58.56 38.09 51.61
CA SER D 780 58.96 38.35 52.98
C SER D 780 60.48 38.43 53.06
N ASP D 781 61.00 39.62 53.36
CA ASP D 781 62.43 39.86 53.45
C ASP D 781 62.80 40.31 54.85
N SER D 782 64.10 40.42 55.11
CA SER D 782 64.62 40.83 56.40
C SER D 782 65.70 41.87 56.18
N GLN D 783 65.51 43.07 56.73
CA GLN D 783 66.47 44.16 56.60
C GLN D 783 67.46 44.05 57.75
N VAL D 784 68.54 43.29 57.55
CA VAL D 784 69.55 43.08 58.57
C VAL D 784 70.51 44.26 58.57
N GLU D 785 71.36 44.33 59.61
CA GLU D 785 72.34 45.39 59.73
C GLU D 785 73.70 44.97 59.18
N LYS D 786 74.24 43.86 59.68
CA LYS D 786 75.50 43.31 59.23
C LYS D 786 75.25 42.05 58.41
N ARG D 787 76.13 41.82 57.42
CA ARG D 787 76.02 40.68 56.52
C ARG D 787 77.28 39.83 56.67
N ARG D 788 77.15 38.68 57.31
CA ARG D 788 78.25 37.75 57.50
C ARG D 788 77.93 36.42 56.84
N TYR D 789 78.98 35.70 56.45
CA TYR D 789 78.83 34.42 55.77
C TYR D 789 79.99 33.51 56.13
N THR D 790 79.70 32.23 56.31
CA THR D 790 80.70 31.23 56.61
C THR D 790 80.96 30.37 55.37
N SER D 791 82.24 30.25 55.00
CA SER D 791 82.59 29.48 53.82
C SER D 791 82.31 28.00 54.03
N GLY D 792 81.69 27.38 53.03
CA GLY D 792 81.34 25.98 53.11
C GLY D 792 79.94 25.74 53.60
N ILE D 793 79.72 24.64 54.33
CA ILE D 793 78.41 24.32 54.88
C ILE D 793 78.10 25.29 56.02
N GLN D 794 77.40 26.37 55.70
CA GLN D 794 77.07 27.37 56.71
C GLN D 794 75.95 26.86 57.61
N THR D 795 75.72 27.60 58.70
CA THR D 795 74.70 27.28 59.67
C THR D 795 73.68 28.40 59.76
N ILE D 796 72.44 28.06 60.09
CA ILE D 796 71.40 29.05 60.28
C ILE D 796 71.54 29.81 61.59
N VAL D 797 72.49 29.41 62.44
CA VAL D 797 72.69 30.10 63.71
C VAL D 797 73.17 31.52 63.48
N GLU D 798 73.98 31.73 62.43
CA GLU D 798 74.45 33.08 62.11
C GLU D 798 73.27 33.99 61.76
N LEU D 799 72.37 33.50 60.89
CA LEU D 799 71.20 34.29 60.52
C LEU D 799 70.31 34.53 61.74
N PHE D 800 70.11 33.50 62.57
CA PHE D 800 69.27 33.65 63.76
C PHE D 800 69.83 34.71 64.69
N PHE D 801 71.14 34.67 64.95
CA PHE D 801 71.75 35.66 65.82
C PHE D 801 71.66 37.06 65.21
N GLU D 802 72.03 37.20 63.94
CA GLU D 802 72.00 38.51 63.30
C GLU D 802 70.59 39.09 63.26
N ASP D 803 69.56 38.25 63.21
CA ASP D 803 68.20 38.75 63.14
C ASP D 803 67.53 38.89 64.50
N VAL D 804 68.07 38.27 65.56
CA VAL D 804 67.46 38.36 66.87
C VAL D 804 68.21 39.36 67.75
N GLY D 805 69.51 39.16 67.91
CA GLY D 805 70.26 40.00 68.83
C GLY D 805 70.38 41.43 68.35
N ARG D 806 70.80 41.62 67.10
CA ARG D 806 70.99 42.95 66.55
C ARG D 806 69.70 43.76 66.49
N LYS D 807 68.55 43.14 66.79
CA LYS D 807 67.27 43.84 66.84
C LYS D 807 66.69 43.93 68.24
N HIS D 808 67.04 43.02 69.15
CA HIS D 808 66.50 43.01 70.50
C HIS D 808 67.59 43.13 71.55
N PHE D 809 68.70 43.80 71.21
CA PHE D 809 69.77 44.03 72.18
C PHE D 809 69.31 44.70 73.47
N PRO D 810 68.47 45.76 73.46
CA PRO D 810 68.08 46.39 74.74
C PRO D 810 67.43 45.44 75.73
N GLN D 811 66.35 44.78 75.32
CA GLN D 811 65.64 43.90 76.24
C GLN D 811 66.47 42.68 76.61
N VAL D 812 67.24 42.14 75.67
CA VAL D 812 68.09 40.98 75.95
C VAL D 812 69.15 41.35 76.98
N PHE D 813 69.80 42.50 76.78
CA PHE D 813 70.83 42.94 77.72
C PHE D 813 70.23 43.24 79.09
N ALA D 814 69.03 43.82 79.11
CA ALA D 814 68.36 44.10 80.38
C ALA D 814 68.06 42.81 81.13
N HIS D 815 67.53 41.81 80.42
CA HIS D 815 67.23 40.53 81.06
C HIS D 815 68.50 39.85 81.53
N LEU D 816 69.59 39.96 80.76
CA LEU D 816 70.85 39.37 81.17
C LEU D 816 71.40 40.04 82.43
N PHE D 817 71.31 41.38 82.50
CA PHE D 817 71.76 42.09 83.69
C PHE D 817 70.87 41.78 84.89
N ILE D 818 69.58 41.53 84.66
CA ILE D 818 68.68 41.18 85.76
C ILE D 818 69.02 39.78 86.29
N GLN D 819 69.20 38.82 85.38
CA GLN D 819 69.51 37.45 85.77
C GLN D 819 70.92 37.33 86.33
N SER D 820 71.92 37.38 85.45
CA SER D 820 73.32 37.24 85.87
C SER D 820 74.17 38.10 84.95
N GLY D 821 74.73 39.18 85.48
CA GLY D 821 75.56 40.08 84.70
C GLY D 821 76.91 39.49 84.34
N SER D 822 76.95 38.65 83.32
CA SER D 822 78.18 38.02 82.86
C SER D 822 78.93 38.86 81.84
N SER D 823 78.40 40.03 81.48
CA SER D 823 79.04 40.91 80.50
C SER D 823 78.78 42.34 80.91
N GLN D 824 79.83 43.03 81.36
CA GLN D 824 79.70 44.41 81.81
C GLN D 824 80.72 45.30 81.09
N VAL D 825 80.97 46.50 81.60
CA VAL D 825 81.96 47.38 80.97
C VAL D 825 83.36 46.81 81.15
N HIS D 826 83.60 46.09 82.25
CA HIS D 826 84.87 45.44 82.53
C HIS D 826 84.61 43.95 82.72
N ARG D 827 84.34 43.25 81.63
CA ARG D 827 83.98 41.84 81.71
C ARG D 827 85.19 41.00 82.14
N SER D 828 84.99 40.15 83.15
CA SER D 828 86.05 39.30 83.65
C SER D 828 85.56 37.89 84.00
N LEU D 829 84.30 37.57 83.72
CA LEU D 829 83.76 36.25 84.05
C LEU D 829 84.03 35.27 82.93
N ASN D 830 83.11 34.31 82.73
CA ASN D 830 83.24 33.30 81.70
C ASN D 830 82.07 33.41 80.71
N TRP D 831 82.25 32.76 79.56
CA TRP D 831 81.19 32.72 78.55
C TRP D 831 80.07 31.77 78.91
N ALA D 832 80.24 30.96 79.96
CA ALA D 832 79.27 29.93 80.34
C ALA D 832 77.88 30.52 80.55
N ASP D 833 77.71 31.28 81.63
CA ASP D 833 76.40 31.84 81.94
C ASP D 833 75.91 32.80 80.87
N LEU D 834 76.84 33.49 80.19
CA LEU D 834 76.46 34.40 79.12
C LEU D 834 75.73 33.66 78.00
N ILE D 835 76.37 32.65 77.43
CA ILE D 835 75.74 31.89 76.35
C ILE D 835 74.55 31.11 76.87
N HIS D 836 74.57 30.70 78.14
CA HIS D 836 73.43 30.01 78.72
C HIS D 836 72.19 30.89 78.71
N ARG D 837 72.31 32.12 79.22
CA ARG D 837 71.19 33.04 79.22
C ARG D 837 70.82 33.46 77.80
N ILE D 838 71.79 33.57 76.90
CA ILE D 838 71.49 33.92 75.51
C ILE D 838 70.60 32.85 74.88
N THR D 839 70.97 31.57 75.05
CA THR D 839 70.18 30.49 74.49
C THR D 839 68.83 30.37 75.19
N SER D 840 68.78 30.64 76.50
CA SER D 840 67.51 30.62 77.21
C SER D 840 66.56 31.67 76.65
N TYR D 841 67.06 32.89 76.42
CA TYR D 841 66.22 33.94 75.85
C TYR D 841 65.85 33.62 74.41
N LEU D 842 66.76 32.99 73.66
CA LEU D 842 66.43 32.58 72.29
C LEU D 842 65.28 31.59 72.28
N LEU D 843 65.32 30.59 73.15
CA LEU D 843 64.23 29.62 73.22
C LEU D 843 62.95 30.26 73.76
N GLN D 844 63.07 31.22 74.69
CA GLN D 844 61.88 31.92 75.17
C GLN D 844 61.22 32.73 74.05
N LEU D 845 62.04 33.32 73.17
CA LEU D 845 61.49 34.05 72.03
C LEU D 845 60.89 33.09 71.00
N LEU D 846 61.52 31.93 70.81
CA LEU D 846 60.97 30.93 69.89
C LEU D 846 59.65 30.37 70.43
N TRP D 847 59.48 30.34 71.74
CA TRP D 847 58.22 29.92 72.34
C TRP D 847 57.08 30.81 71.85
N PRO D 848 55.88 30.26 71.68
CA PRO D 848 54.75 31.06 71.21
C PRO D 848 54.40 32.23 72.11
N SER D 849 53.44 33.05 71.67
CA SER D 849 53.04 34.27 72.38
C SER D 849 54.22 35.24 72.55
N ASN D 850 55.03 35.34 71.50
CA ASN D 850 56.18 36.23 71.50
C ASN D 850 56.37 36.76 70.07
N PRO D 851 56.52 38.07 69.90
CA PRO D 851 56.72 38.61 68.55
C PRO D 851 58.08 38.27 67.98
N ASN D 852 58.11 37.36 67.00
CA ASN D 852 59.37 36.94 66.39
C ASN D 852 59.09 36.35 65.02
N PHE D 853 59.64 36.97 63.98
CA PHE D 853 59.51 36.44 62.63
C PHE D 853 60.72 36.73 61.75
N GLN D 854 61.75 37.40 62.27
CA GLN D 854 62.93 37.71 61.46
C GLN D 854 63.67 36.44 61.05
N PHE D 855 63.59 35.38 61.85
CA PHE D 855 64.22 34.12 61.47
C PHE D 855 63.57 33.55 60.21
N ALA D 856 62.24 33.56 60.17
CA ALA D 856 61.54 33.08 58.97
C ALA D 856 61.76 34.02 57.80
N GLU D 857 61.84 35.33 58.06
CA GLU D 857 62.13 36.28 56.99
C GLU D 857 63.49 36.01 56.37
N CYS D 858 64.50 35.75 57.21
CA CYS D 858 65.83 35.46 56.69
C CYS D 858 65.88 34.11 55.99
N LEU D 859 65.15 33.12 56.50
CA LEU D 859 65.10 31.82 55.85
C LEU D 859 64.46 31.91 54.48
N MET D 860 63.46 32.79 54.32
CA MET D 860 62.86 33.01 53.00
C MET D 860 63.77 33.83 52.10
N ARG D 861 64.52 34.78 52.67
CA ARG D 861 65.39 35.63 51.85
C ARG D 861 66.58 34.84 51.32
N ASN D 862 67.15 33.96 52.13
CA ASN D 862 68.34 33.20 51.75
C ASN D 862 68.04 32.05 50.78
N CYS D 863 66.85 32.05 50.15
CA CYS D 863 66.47 31.03 49.17
C CYS D 863 66.51 29.62 49.77
N GLN D 864 66.28 29.52 51.08
CA GLN D 864 66.26 28.23 51.76
C GLN D 864 64.80 27.80 51.99
N TYR D 865 64.12 27.58 50.87
CA TYR D 865 62.70 27.22 50.93
C TYR D 865 62.50 25.86 51.60
N THR D 866 63.32 24.86 51.23
CA THR D 866 63.17 23.54 51.82
C THR D 866 63.50 23.56 53.31
N GLN D 867 64.56 24.28 53.70
CA GLN D 867 64.92 24.37 55.11
C GLN D 867 63.83 25.09 55.90
N LEU D 868 63.27 26.16 55.34
CA LEU D 868 62.18 26.87 56.02
C LEU D 868 60.95 25.98 56.16
N GLN D 869 60.64 25.19 55.13
CA GLN D 869 59.51 24.28 55.21
C GLN D 869 59.73 23.22 56.28
N GLU D 870 60.94 22.66 56.34
CA GLU D 870 61.26 21.69 57.38
C GLU D 870 61.13 22.30 58.77
N TYR D 871 61.66 23.51 58.95
CA TYR D 871 61.60 24.17 60.25
C TYR D 871 60.16 24.45 60.66
N VAL D 872 59.33 24.92 59.73
CA VAL D 872 57.95 25.23 60.05
C VAL D 872 57.17 23.95 60.36
N ARG D 873 57.42 22.89 59.59
CA ARG D 873 56.73 21.62 59.84
C ARG D 873 57.14 21.03 61.19
N LEU D 874 58.38 21.24 61.61
CA LEU D 874 58.80 20.76 62.93
C LEU D 874 58.29 21.65 64.05
N LEU D 875 58.12 22.96 63.79
CA LEU D 875 57.69 23.89 64.82
C LEU D 875 56.18 23.91 65.01
N LEU D 876 55.41 23.49 64.00
CA LEU D 876 53.96 23.51 64.09
C LEU D 876 53.39 22.68 65.24
N PRO D 877 53.83 21.45 65.49
CA PRO D 877 53.16 20.65 66.54
C PRO D 877 53.25 21.25 67.94
N TRP D 878 54.47 21.50 68.44
CA TRP D 878 54.66 21.94 69.81
C TRP D 878 54.43 23.44 69.99
N CYS D 879 53.70 24.09 69.09
CA CYS D 879 53.40 25.51 69.20
C CYS D 879 51.90 25.71 69.33
N GLN D 880 51.49 26.51 70.32
CA GLN D 880 50.09 26.83 70.53
C GLN D 880 49.68 28.09 69.78
N VAL D 881 50.49 29.15 69.89
CA VAL D 881 50.24 30.39 69.17
C VAL D 881 51.13 30.39 67.93
N ASN D 882 51.00 31.42 67.09
CA ASN D 882 51.73 31.57 65.84
C ASN D 882 51.42 30.47 64.83
N VAL D 883 50.35 29.70 65.06
CA VAL D 883 49.95 28.69 64.08
C VAL D 883 49.51 29.35 62.79
N GLY D 884 48.83 30.49 62.88
CA GLY D 884 48.47 31.22 61.69
C GLY D 884 49.68 31.71 60.91
N SER D 885 50.69 32.20 61.62
CA SER D 885 51.91 32.63 60.96
C SER D 885 52.64 31.47 60.31
N CYS D 886 52.66 30.31 60.98
CA CYS D 886 53.27 29.13 60.39
C CYS D 886 52.53 28.69 59.13
N HIS D 887 51.20 28.73 59.16
CA HIS D 887 50.43 28.37 57.98
C HIS D 887 50.64 29.37 56.86
N PHE D 888 50.77 30.66 57.19
CA PHE D 888 51.05 31.67 56.18
C PHE D 888 52.41 31.45 55.55
N MET D 889 53.42 31.09 56.36
CA MET D 889 54.73 30.79 55.82
C MET D 889 54.70 29.55 54.94
N LEU D 890 53.93 28.54 55.33
CA LEU D 890 53.77 27.35 54.49
C LEU D 890 53.13 27.71 53.16
N ALA D 891 52.09 28.54 53.18
CA ALA D 891 51.43 28.96 51.95
C ALA D 891 52.38 29.76 51.06
N GLN D 892 53.19 30.64 51.66
CA GLN D 892 54.14 31.42 50.89
C GLN D 892 55.20 30.51 50.25
N CYS D 893 55.69 29.52 51.00
CA CYS D 893 56.66 28.59 50.45
C CYS D 893 56.05 27.77 49.31
N TYR D 894 54.80 27.34 49.47
CA TYR D 894 54.14 26.58 48.41
C TYR D 894 53.92 27.43 47.17
N LEU D 895 53.60 28.72 47.36
CA LEU D 895 53.44 29.62 46.23
C LEU D 895 54.77 29.87 45.53
N VAL D 896 55.85 29.98 46.29
CA VAL D 896 57.17 30.15 45.69
C VAL D 896 57.56 28.89 44.91
N ALA D 897 57.24 27.72 45.45
CA ALA D 897 57.54 26.47 44.75
C ALA D 897 56.75 26.37 43.45
N GLY D 898 55.42 26.39 43.56
CA GLY D 898 54.58 26.33 42.37
C GLY D 898 53.43 25.36 42.46
N GLU D 899 52.62 25.48 43.51
CA GLU D 899 51.45 24.62 43.66
C GLU D 899 50.30 25.50 44.20
N GLY D 900 49.46 25.98 43.28
CA GLY D 900 48.37 26.86 43.66
C GLY D 900 47.33 26.15 44.52
N HIS D 901 47.09 24.86 44.25
CA HIS D 901 46.13 24.11 45.05
C HIS D 901 46.56 24.03 46.50
N LYS D 902 47.80 23.60 46.74
CA LYS D 902 48.31 23.54 48.11
C LYS D 902 48.43 24.93 48.72
N ALA D 903 48.75 25.94 47.91
CA ALA D 903 48.83 27.31 48.43
C ALA D 903 47.48 27.77 48.97
N LEU D 904 46.41 27.57 48.18
CA LEU D 904 45.09 27.97 48.65
C LEU D 904 44.60 27.09 49.80
N ASP D 905 44.99 25.81 49.81
CA ASP D 905 44.60 24.94 50.92
C ASP D 905 45.27 25.39 52.22
N CYS D 906 46.50 25.89 52.14
CA CYS D 906 47.16 26.41 53.33
C CYS D 906 46.60 27.77 53.72
N PHE D 907 46.25 28.60 52.73
CA PHE D 907 45.69 29.91 53.03
C PHE D 907 44.33 29.79 53.68
N SER D 908 43.54 28.77 53.31
CA SER D 908 42.22 28.60 53.91
C SER D 908 42.31 28.37 55.41
N GLN D 909 43.31 27.61 55.85
CA GLN D 909 43.51 27.38 57.28
C GLN D 909 44.34 28.48 57.94
N ALA D 910 45.10 29.26 57.17
CA ALA D 910 45.82 30.38 57.74
C ALA D 910 44.88 31.54 58.06
N ALA D 911 43.89 31.77 57.20
CA ALA D 911 42.93 32.85 57.40
C ALA D 911 41.88 32.52 58.47
N SER D 912 41.93 31.33 59.06
CA SER D 912 40.96 30.94 60.08
C SER D 912 41.37 31.36 61.49
N GLU D 913 42.58 31.87 61.66
CA GLU D 913 43.08 32.30 62.96
C GLU D 913 43.51 33.77 62.89
N VAL D 914 43.23 34.50 63.96
CA VAL D 914 43.58 35.92 64.01
C VAL D 914 44.33 36.31 65.27
N GLU D 915 44.31 35.50 66.34
CA GLU D 915 45.01 35.80 67.58
C GLU D 915 46.41 35.19 67.63
N ARG D 916 47.07 35.06 66.49
CA ARG D 916 48.40 34.48 66.42
C ARG D 916 49.39 35.52 65.88
N GLU D 917 50.66 35.34 66.24
CA GLU D 917 51.76 36.20 65.81
C GLU D 917 51.59 37.64 66.28
N ASP D 918 52.33 38.02 67.32
CA ASP D 918 52.26 39.39 67.82
C ASP D 918 52.78 40.39 66.80
N PHE D 919 53.67 39.95 65.90
CA PHE D 919 54.14 40.84 64.84
C PHE D 919 53.00 41.28 63.93
N LEU D 920 52.05 40.39 63.67
CA LEU D 920 50.87 40.75 62.90
C LEU D 920 49.80 41.40 63.78
N GLU D 921 49.75 41.03 65.06
CA GLU D 921 48.80 41.67 65.97
C GLU D 921 49.09 43.16 66.11
N LYS D 922 50.37 43.53 66.15
CA LYS D 922 50.72 44.95 66.23
C LYS D 922 50.34 45.70 64.96
N LEU D 923 50.54 45.07 63.79
CA LEU D 923 50.14 45.70 62.54
C LEU D 923 48.63 45.82 62.44
N ILE D 924 47.89 44.90 63.05
CA ILE D 924 46.43 45.03 63.08
C ILE D 924 46.01 46.14 64.04
N ARG D 925 46.70 46.24 65.18
CA ARG D 925 46.33 47.24 66.18
C ARG D 925 46.62 48.66 65.70
N VAL D 926 47.75 48.85 65.00
CA VAL D 926 48.08 50.19 64.53
C VAL D 926 47.12 50.64 63.43
N GLU D 927 46.43 49.72 62.78
CA GLU D 927 45.41 50.09 61.79
C GLU D 927 44.02 50.17 62.40
N GLU D 928 43.77 49.48 63.50
CA GLU D 928 42.48 49.56 64.16
C GLU D 928 42.24 50.98 64.69
N GLY D 929 40.95 51.33 64.81
CA GLY D 929 40.58 52.64 65.29
C GLY D 929 39.33 53.18 64.64
N GLU D 930 38.93 52.59 63.51
CA GLU D 930 37.75 53.00 62.78
C GLU D 930 36.77 51.88 62.49
N SER D 931 37.08 50.65 62.92
CA SER D 931 36.21 49.50 62.68
C SER D 931 35.98 48.76 63.99
N VAL D 932 34.79 48.15 64.11
CA VAL D 932 34.44 47.41 65.31
C VAL D 932 34.93 45.96 65.27
N SER D 933 35.45 45.50 64.14
CA SER D 933 35.96 44.14 64.00
C SER D 933 37.28 44.19 63.25
N PRO D 934 38.40 43.84 63.88
CA PRO D 934 39.69 43.86 63.18
C PRO D 934 39.82 42.79 62.11
N ARG D 935 38.88 41.84 62.03
CA ARG D 935 38.97 40.80 61.02
C ARG D 935 38.87 41.38 59.61
N LEU D 936 38.00 42.39 59.43
CA LEU D 936 37.87 43.01 58.12
C LEU D 936 39.15 43.71 57.69
N GLN D 937 39.77 44.45 58.62
CA GLN D 937 41.02 45.13 58.30
C GLN D 937 42.15 44.13 58.03
N TYR D 938 42.20 43.05 58.79
CA TYR D 938 43.22 42.02 58.55
C TYR D 938 43.02 41.38 57.19
N TYR D 939 41.77 41.06 56.84
CA TYR D 939 41.49 40.47 55.53
C TYR D 939 41.84 41.44 54.41
N ASN D 940 41.56 42.74 54.61
CA ASN D 940 41.91 43.73 53.59
C ASN D 940 43.42 43.84 53.42
N ARG D 941 44.17 43.80 54.52
CA ARG D 941 45.63 43.87 54.44
C ARG D 941 46.20 42.63 53.73
N VAL D 942 45.69 41.45 54.07
CA VAL D 942 46.18 40.24 53.41
C VAL D 942 45.79 40.23 51.94
N LEU D 943 44.62 40.77 51.59
CA LEU D 943 44.23 40.85 50.20
C LEU D 943 45.11 41.83 49.43
N ARG D 944 45.47 42.96 50.05
CA ARG D 944 46.39 43.89 49.42
C ARG D 944 47.77 43.25 49.21
N LEU D 945 48.24 42.49 50.21
CA LEU D 945 49.51 41.79 50.06
C LEU D 945 49.46 40.77 48.92
N LEU D 946 48.36 40.01 48.84
CA LEU D 946 48.22 39.02 47.77
C LEU D 946 48.11 39.69 46.40
N GLU D 947 47.47 40.85 46.33
CA GLU D 947 47.40 41.58 45.07
C GLU D 947 48.76 42.12 44.66
N ASP D 948 49.55 42.56 45.63
CA ASP D 948 50.91 43.00 45.34
C ASP D 948 51.80 41.83 44.90
N VAL D 949 51.57 40.64 45.46
CA VAL D 949 52.34 39.46 45.08
C VAL D 949 51.95 39.01 43.69
N GLY D 950 50.71 38.59 43.52
CA GLY D 950 50.21 38.14 42.23
C GLY D 950 49.09 37.12 42.42
N LEU D 951 48.97 36.24 41.42
CA LEU D 951 47.99 35.16 41.38
C LEU D 951 46.57 35.72 41.42
N PRO D 952 45.96 35.98 40.26
CA PRO D 952 44.59 36.51 40.26
C PRO D 952 43.56 35.54 40.82
N GLU D 953 43.75 34.23 40.60
CA GLU D 953 42.81 33.25 41.16
C GLU D 953 42.84 33.28 42.68
N LEU D 954 44.04 33.32 43.26
CA LEU D 954 44.15 33.41 44.71
C LEU D 954 43.64 34.74 45.22
N VAL D 955 43.84 35.82 44.46
CA VAL D 955 43.30 37.12 44.86
C VAL D 955 41.78 37.08 44.92
N ILE D 956 41.15 36.48 43.90
CA ILE D 956 39.70 36.38 43.87
C ILE D 956 39.21 35.49 45.01
N GLN D 957 39.91 34.39 45.28
CA GLN D 957 39.52 33.51 46.37
C GLN D 957 39.60 34.23 47.71
N LEU D 958 40.67 35.00 47.92
CA LEU D 958 40.80 35.74 49.17
C LEU D 958 39.74 36.83 49.29
N ALA D 959 39.40 37.49 48.17
CA ALA D 959 38.35 38.49 48.21
C ALA D 959 36.99 37.87 48.52
N THR D 960 36.75 36.64 48.04
CA THR D 960 35.50 35.97 48.37
C THR D 960 35.48 35.51 49.83
N ILE D 961 36.63 35.09 50.35
CA ILE D 961 36.69 34.61 51.73
C ILE D 961 36.61 35.77 52.72
N ALA D 962 37.10 36.95 52.33
CA ALA D 962 37.15 38.07 53.27
C ALA D 962 35.77 38.49 53.75
N ILE D 963 34.73 38.31 52.93
CA ILE D 963 33.37 38.67 53.32
C ILE D 963 32.87 37.66 54.34
N SER D 964 33.07 37.95 55.63
CA SER D 964 32.64 37.06 56.69
C SER D 964 32.31 37.86 57.96
N GLU D 965 33.10 38.90 58.23
CA GLU D 965 32.90 39.75 59.39
C GLU D 965 32.71 41.18 58.93
N ALA D 966 31.61 41.80 59.36
CA ALA D 966 31.29 43.16 58.99
C ALA D 966 31.86 44.15 60.02
N SER D 967 31.85 45.43 59.67
CA SER D 967 32.36 46.47 60.53
C SER D 967 31.62 47.77 60.20
N ASP D 968 31.98 48.83 60.92
CA ASP D 968 31.36 50.13 60.67
C ASP D 968 31.90 50.79 59.41
N ASP D 969 33.13 50.46 59.02
CA ASP D 969 33.74 51.00 57.81
C ASP D 969 33.04 50.39 56.60
N TRP D 970 32.09 51.12 56.02
CA TRP D 970 31.33 50.64 54.88
C TRP D 970 32.12 50.69 53.58
N ARG D 971 33.25 51.38 53.54
CA ARG D 971 34.03 51.46 52.30
C ARG D 971 34.60 50.11 51.91
N SER D 972 35.14 49.36 52.88
CA SER D 972 35.67 48.03 52.58
C SER D 972 34.56 47.09 52.14
N GLN D 973 33.40 47.18 52.78
CA GLN D 973 32.28 46.33 52.38
C GLN D 973 31.81 46.65 50.97
N ALA D 974 31.76 47.95 50.63
CA ALA D 974 31.36 48.34 49.28
C ALA D 974 32.38 47.88 48.25
N ALA D 975 33.68 47.96 48.58
CA ALA D 975 34.70 47.48 47.67
C ALA D 975 34.61 45.98 47.47
N LEU D 976 34.36 45.22 48.55
CA LEU D 976 34.20 43.79 48.43
C LEU D 976 32.97 43.43 47.61
N ARG D 977 31.87 44.16 47.79
CA ARG D 977 30.67 43.91 47.01
C ARG D 977 30.90 44.23 45.53
N THR D 978 31.63 45.30 45.25
CA THR D 978 31.94 45.63 43.86
C THR D 978 32.83 44.57 43.22
N ARG D 979 33.81 44.06 43.97
CA ARG D 979 34.65 42.99 43.44
C ARG D 979 33.85 41.72 43.20
N ILE D 980 32.92 41.41 44.10
CA ILE D 980 32.07 40.23 43.93
C ILE D 980 31.19 40.40 42.69
N PHE D 981 30.62 41.58 42.50
CA PHE D 981 29.80 41.85 41.33
C PHE D 981 30.62 41.73 40.04
N LYS D 982 31.86 42.24 40.06
CA LYS D 982 32.72 42.14 38.89
C LYS D 982 33.02 40.68 38.57
N HIS D 983 33.38 39.89 39.59
CA HIS D 983 33.66 38.48 39.37
C HIS D 983 32.43 37.74 38.86
N HIS D 984 31.25 38.09 39.38
CA HIS D 984 30.02 37.43 38.94
C HIS D 984 29.70 37.76 37.49
N LEU D 985 29.82 39.03 37.10
CA LEU D 985 29.55 39.40 35.71
C LEU D 985 30.63 38.89 34.77
N ASP D 986 31.84 38.63 35.27
CA ASP D 986 32.87 38.06 34.42
C ASP D 986 32.70 36.56 34.25
N MET D 987 32.21 35.86 35.29
CA MET D 987 32.01 34.43 35.20
C MET D 987 30.72 34.06 34.46
N GLY D 988 29.62 34.75 34.76
CA GLY D 988 28.36 34.46 34.11
C GLY D 988 27.30 33.97 35.07
N HIS D 989 27.01 34.76 36.10
CA HIS D 989 26.01 34.42 37.12
C HIS D 989 25.12 35.64 37.32
N ASN D 990 24.06 35.74 36.51
CA ASN D 990 23.17 36.90 36.60
C ASN D 990 22.43 36.93 37.93
N SER D 991 21.95 35.77 38.40
CA SER D 991 21.24 35.73 39.67
C SER D 991 22.15 36.09 40.83
N GLN D 992 23.38 35.57 40.84
CA GLN D 992 24.31 35.89 41.91
C GLN D 992 24.70 37.36 41.86
N ALA D 993 24.87 37.93 40.66
CA ALA D 993 25.17 39.35 40.55
C ALA D 993 24.01 40.20 41.06
N TYR D 994 22.78 39.83 40.72
CA TYR D 994 21.62 40.56 41.21
C TYR D 994 21.50 40.48 42.72
N ASP D 995 21.80 39.31 43.30
CA ASP D 995 21.77 39.17 44.75
C ASP D 995 22.84 40.03 45.41
N ALA D 996 24.06 40.02 44.87
CA ALA D 996 25.13 40.84 45.44
C ALA D 996 24.84 42.32 45.29
N LEU D 997 24.12 42.71 44.24
CA LEU D 997 23.76 44.12 44.06
C LEU D 997 22.64 44.53 45.00
N THR D 998 21.64 43.67 45.19
CA THR D 998 20.58 43.96 46.14
C THR D 998 21.05 43.94 47.58
N GLN D 999 22.14 43.21 47.88
CA GLN D 999 22.71 43.24 49.21
C GLN D 999 23.26 44.61 49.58
N ILE D 1000 23.54 45.45 48.59
CA ILE D 1000 24.04 46.80 48.83
C ILE D 1000 22.91 47.68 49.35
N PRO D 1001 23.02 48.23 50.56
CA PRO D 1001 21.91 48.99 51.12
C PRO D 1001 21.90 50.46 50.74
N ASP D 1002 23.06 51.12 50.75
CA ASP D 1002 23.12 52.55 50.52
C ASP D 1002 22.85 52.88 49.06
N THR D 1003 21.95 53.84 48.84
CA THR D 1003 21.55 54.21 47.48
C THR D 1003 22.70 54.83 46.71
N SER D 1004 23.62 55.51 47.38
CA SER D 1004 24.78 56.09 46.69
C SER D 1004 25.63 55.01 46.05
N ARG D 1005 26.02 53.99 46.84
CA ARG D 1005 26.80 52.89 46.29
C ARG D 1005 25.98 52.07 45.30
N GLN D 1006 24.67 51.98 45.50
CA GLN D 1006 23.83 51.28 44.53
C GLN D 1006 23.87 51.97 43.17
N LEU D 1007 23.73 53.30 43.16
CA LEU D 1007 23.80 54.05 41.91
C LEU D 1007 25.19 53.99 41.31
N ASP D 1008 26.23 54.00 42.15
CA ASP D 1008 27.59 53.86 41.64
C ASP D 1008 27.79 52.52 40.96
N CYS D 1009 27.29 51.45 41.56
CA CYS D 1009 27.40 50.12 40.95
C CYS D 1009 26.56 50.04 39.67
N LEU D 1010 25.41 50.70 39.64
CA LEU D 1010 24.61 50.73 38.42
C LEU D 1010 25.34 51.44 37.30
N ARG D 1011 26.00 52.56 37.61
CA ARG D 1011 26.79 53.27 36.61
C ARG D 1011 27.96 52.43 36.14
N GLN D 1012 28.63 51.74 37.07
CA GLN D 1012 29.73 50.85 36.68
C GLN D 1012 29.23 49.74 35.76
N LEU D 1013 28.05 49.19 36.04
CA LEU D 1013 27.47 48.16 35.18
C LEU D 1013 27.17 48.72 33.80
N VAL D 1014 26.52 49.88 33.74
CA VAL D 1014 26.17 50.46 32.44
C VAL D 1014 27.41 50.90 31.67
N VAL D 1015 28.54 51.07 32.36
CA VAL D 1015 29.78 51.41 31.67
C VAL D 1015 30.47 50.16 31.14
N VAL D 1016 30.55 49.11 31.96
CA VAL D 1016 31.30 47.93 31.57
C VAL D 1016 30.51 46.98 30.69
N LEU D 1017 29.18 47.11 30.62
CA LEU D 1017 28.41 46.20 29.79
C LEU D 1017 28.60 46.48 28.31
N CYS D 1018 28.91 47.74 27.95
CA CYS D 1018 29.18 48.06 26.56
C CYS D 1018 30.39 47.30 26.02
N GLU D 1019 31.32 46.95 26.90
CA GLU D 1019 32.49 46.14 26.52
C GLU D 1019 32.29 44.66 26.78
N ARG D 1020 31.50 44.30 27.80
CA ARG D 1020 31.26 42.90 28.11
C ARG D 1020 30.27 42.24 27.15
N SER D 1021 29.45 43.03 26.45
CA SER D 1021 28.48 42.52 25.49
C SER D 1021 27.51 41.54 26.15
N GLN D 1022 26.95 41.96 27.27
CA GLN D 1022 25.99 41.15 28.02
C GLN D 1022 24.86 42.03 28.55
N LEU D 1023 24.24 42.79 27.65
CA LEU D 1023 23.16 43.70 28.00
C LEU D 1023 21.79 43.03 27.94
N GLN D 1024 21.74 41.70 27.99
CA GLN D 1024 20.48 40.97 27.93
C GLN D 1024 20.01 40.47 29.28
N ASP D 1025 20.73 40.80 30.36
CA ASP D 1025 20.32 40.33 31.69
C ASP D 1025 19.04 41.04 32.14
N LEU D 1026 18.89 42.32 31.83
CA LEU D 1026 17.68 43.04 32.21
C LEU D 1026 16.45 42.49 31.52
N VAL D 1027 16.61 41.89 30.34
CA VAL D 1027 15.49 41.28 29.64
C VAL D 1027 15.31 39.82 30.06
N GLU D 1028 16.39 39.14 30.45
CA GLU D 1028 16.29 37.75 30.88
C GLU D 1028 15.66 37.66 32.27
N PHE D 1029 16.35 38.20 33.30
CA PHE D 1029 15.69 38.12 34.59
C PHE D 1029 15.05 39.46 34.95
N PRO D 1030 13.90 39.43 35.62
CA PRO D 1030 13.19 40.68 35.94
C PRO D 1030 13.99 41.52 36.94
N TYR D 1031 13.86 42.84 36.78
CA TYR D 1031 14.55 43.80 37.64
C TYR D 1031 13.55 44.35 38.64
N VAL D 1032 13.70 43.96 39.90
CA VAL D 1032 12.78 44.35 40.97
C VAL D 1032 13.49 45.32 41.90
N ASN D 1033 12.74 46.29 42.40
CA ASN D 1033 13.17 47.32 43.35
C ASN D 1033 14.24 48.25 42.78
N LEU D 1034 14.60 48.13 41.50
CA LEU D 1034 15.59 49.01 40.91
C LEU D 1034 15.25 49.38 39.47
N HIS D 1035 14.00 49.14 39.04
CA HIS D 1035 13.62 49.43 37.66
C HIS D 1035 13.68 50.93 37.37
N ASN D 1036 13.07 51.75 38.25
CA ASN D 1036 13.12 53.19 38.05
C ASN D 1036 14.55 53.72 38.14
N GLU D 1037 15.35 53.16 39.05
CA GLU D 1037 16.73 53.59 39.20
C GLU D 1037 17.54 53.31 37.93
N VAL D 1038 17.42 52.10 37.39
CA VAL D 1038 18.18 51.76 36.19
C VAL D 1038 17.65 52.53 34.99
N VAL D 1039 16.34 52.82 34.95
CA VAL D 1039 15.80 53.62 33.86
C VAL D 1039 16.36 55.03 33.90
N GLY D 1040 16.38 55.64 35.09
CA GLY D 1040 16.97 56.97 35.21
C GLY D 1040 18.44 56.98 34.88
N ILE D 1041 19.16 55.93 35.28
CA ILE D 1041 20.59 55.85 34.99
C ILE D 1041 20.82 55.77 33.48
N ILE D 1042 20.06 54.92 32.78
CA ILE D 1042 20.20 54.80 31.34
C ILE D 1042 19.82 56.09 30.65
N GLU D 1043 18.78 56.77 31.14
CA GLU D 1043 18.38 58.04 30.54
C GLU D 1043 19.46 59.10 30.71
N SER D 1044 20.05 59.18 31.91
CA SER D 1044 21.11 60.15 32.15
C SER D 1044 22.33 59.84 31.29
N ARG D 1045 22.66 58.55 31.13
CA ARG D 1045 23.81 58.19 30.30
C ARG D 1045 23.54 58.52 28.84
N ALA D 1046 22.32 58.31 28.37
CA ALA D 1046 21.99 58.63 26.97
C ALA D 1046 21.98 60.15 26.75
N ARG D 1047 21.57 60.92 27.76
CA ARG D 1047 21.58 62.37 27.62
C ARG D 1047 23.00 62.92 27.69
N ALA D 1048 23.88 62.26 28.44
CA ALA D 1048 25.25 62.74 28.57
C ALA D 1048 26.10 62.35 27.36
N VAL D 1049 26.18 61.06 27.06
CA VAL D 1049 27.03 60.55 26.00
C VAL D 1049 26.19 59.69 25.06
N ASP D 1050 26.82 59.32 23.93
CA ASP D 1050 26.24 58.42 22.93
C ASP D 1050 25.04 59.04 22.20
N LEU D 1051 24.75 58.53 21.00
CA LEU D 1051 23.62 59.01 20.22
C LEU D 1051 22.91 57.84 19.54
N MET D 1052 23.35 57.51 18.31
CA MET D 1052 22.78 56.40 17.56
C MET D 1052 23.71 55.21 17.44
N THR D 1053 24.97 55.34 17.86
CA THR D 1053 25.90 54.22 17.77
C THR D 1053 25.53 53.11 18.75
N HIS D 1054 25.25 53.47 20.01
CA HIS D 1054 24.84 52.50 21.00
C HIS D 1054 23.36 52.19 20.86
N ASN D 1055 22.92 51.13 21.54
CA ASN D 1055 21.54 50.67 21.51
C ASN D 1055 20.83 50.94 22.83
N TYR D 1056 21.07 52.12 23.41
CA TYR D 1056 20.42 52.47 24.67
C TYR D 1056 18.91 52.58 24.50
N TYR D 1057 18.46 53.23 23.42
CA TYR D 1057 17.03 53.36 23.18
C TYR D 1057 16.39 52.02 22.87
N GLU D 1058 17.10 51.14 22.15
CA GLU D 1058 16.58 49.81 21.88
C GLU D 1058 16.46 49.00 23.16
N LEU D 1059 17.45 49.10 24.05
CA LEU D 1059 17.37 48.41 25.32
C LEU D 1059 16.23 48.95 26.18
N LEU D 1060 16.03 50.27 26.16
CA LEU D 1060 14.93 50.86 26.91
C LEU D 1060 13.58 50.37 26.37
N TYR D 1061 13.43 50.33 25.04
CA TYR D 1061 12.20 49.82 24.45
C TYR D 1061 11.96 48.36 24.80
N ALA D 1062 13.02 47.55 24.76
CA ALA D 1062 12.87 46.14 25.10
C ALA D 1062 12.49 45.97 26.56
N PHE D 1063 13.11 46.74 27.46
CA PHE D 1063 12.77 46.66 28.87
C PHE D 1063 11.33 47.11 29.13
N HIS D 1064 10.88 48.15 28.44
CA HIS D 1064 9.50 48.60 28.59
C HIS D 1064 8.52 47.56 28.08
N ILE D 1065 8.83 46.92 26.95
CA ILE D 1065 7.96 45.88 26.42
C ILE D 1065 7.92 44.68 27.38
N TYR D 1066 9.05 44.36 28.01
CA TYR D 1066 9.10 43.23 28.93
C TYR D 1066 8.35 43.53 30.22
N ARG D 1067 8.46 44.76 30.73
CA ARG D 1067 7.83 45.14 31.98
C ARG D 1067 6.47 45.82 31.79
N HIS D 1068 5.91 45.74 30.58
CA HIS D 1068 4.57 46.27 30.28
C HIS D 1068 4.52 47.78 30.49
N ASN D 1069 5.20 48.48 29.58
CA ASN D 1069 5.23 49.94 29.57
C ASN D 1069 5.10 50.40 28.13
N TYR D 1070 3.98 51.05 27.82
CA TYR D 1070 3.69 51.49 26.46
C TYR D 1070 4.04 52.95 26.20
N ARG D 1071 3.69 53.86 27.11
CA ARG D 1071 3.99 55.27 26.90
C ARG D 1071 5.49 55.53 26.95
N LYS D 1072 6.20 54.88 27.87
CA LYS D 1072 7.64 55.04 27.94
C LYS D 1072 8.32 54.50 26.69
N ALA D 1073 7.87 53.34 26.20
CA ALA D 1073 8.41 52.79 24.96
C ALA D 1073 8.13 53.73 23.79
N GLY D 1074 6.94 54.31 23.75
CA GLY D 1074 6.60 55.23 22.67
C GLY D 1074 7.47 56.48 22.68
N THR D 1075 7.67 57.08 23.85
CA THR D 1075 8.51 58.27 23.91
C THR D 1075 9.98 57.94 23.67
N VAL D 1076 10.42 56.73 24.05
CA VAL D 1076 11.78 56.31 23.76
C VAL D 1076 11.98 56.14 22.26
N MET D 1077 11.00 55.54 21.58
CA MET D 1077 11.08 55.42 20.13
C MET D 1077 11.00 56.77 19.44
N PHE D 1078 10.22 57.71 20.00
CA PHE D 1078 10.17 59.06 19.45
C PHE D 1078 11.54 59.74 19.56
N GLU D 1079 12.19 59.61 20.73
CA GLU D 1079 13.52 60.18 20.89
C GLU D 1079 14.53 59.53 19.96
N TYR D 1080 14.43 58.20 19.78
CA TYR D 1080 15.32 57.50 18.87
C TYR D 1080 15.13 57.97 17.43
N GLY D 1081 13.88 58.15 17.02
CA GLY D 1081 13.63 58.67 15.68
C GLY D 1081 14.13 60.08 15.50
N MET D 1082 14.00 60.90 16.55
CA MET D 1082 14.55 62.26 16.50
C MET D 1082 16.06 62.23 16.34
N ARG D 1083 16.74 61.34 17.09
CA ARG D 1083 18.19 61.23 16.96
C ARG D 1083 18.59 60.75 15.56
N LEU D 1084 17.84 59.77 15.02
CA LEU D 1084 18.14 59.29 13.67
C LEU D 1084 17.94 60.38 12.62
N GLY D 1085 16.88 61.18 12.77
CA GLY D 1085 16.67 62.29 11.86
C GLY D 1085 17.72 63.37 11.97
N ARG D 1086 18.21 63.60 13.19
CA ARG D 1086 19.29 64.56 13.36
C ARG D 1086 20.59 64.04 12.78
N GLU D 1087 20.82 62.73 12.83
CA GLU D 1087 22.05 62.15 12.28
C GLU D 1087 21.97 62.02 10.76
N VAL D 1088 21.19 61.07 10.28
CA VAL D 1088 21.08 60.82 8.84
C VAL D 1088 19.83 61.51 8.31
N ARG D 1089 19.92 61.95 7.05
CA ARG D 1089 18.85 62.70 6.43
C ARG D 1089 18.42 62.17 5.07
N THR D 1090 19.17 61.24 4.48
CA THR D 1090 18.88 60.75 3.14
C THR D 1090 17.82 59.65 3.16
N LEU D 1091 17.96 58.66 2.29
CA LEU D 1091 16.98 57.59 2.21
C LEU D 1091 16.99 56.74 3.47
N ARG D 1092 18.17 56.45 4.02
CA ARG D 1092 18.24 55.71 5.27
C ARG D 1092 17.56 56.48 6.40
N GLY D 1093 17.77 57.80 6.45
CA GLY D 1093 17.09 58.61 7.45
C GLY D 1093 15.59 58.61 7.27
N LEU D 1094 15.11 58.64 6.03
CA LEU D 1094 13.67 58.59 5.78
C LEU D 1094 13.09 57.25 6.22
N GLN D 1095 13.78 56.15 5.90
CA GLN D 1095 13.32 54.84 6.34
C GLN D 1095 13.29 54.73 7.86
N LYS D 1096 14.32 55.28 8.53
CA LYS D 1096 14.35 55.25 9.99
C LYS D 1096 13.23 56.08 10.58
N GLN D 1097 12.94 57.25 9.99
CA GLN D 1097 11.84 58.08 10.46
C GLN D 1097 10.50 57.36 10.28
N VAL D 1098 10.32 56.69 9.14
CA VAL D 1098 9.08 55.96 8.90
C VAL D 1098 8.92 54.82 9.92
N ASN D 1099 10.00 54.08 10.17
CA ASN D 1099 9.94 53.00 11.14
C ASN D 1099 9.66 53.51 12.54
N SER D 1100 10.27 54.65 12.90
CA SER D 1100 10.02 55.23 14.22
C SER D 1100 8.58 55.69 14.36
N TYR D 1101 8.03 56.33 13.32
CA TYR D 1101 6.63 56.73 13.36
C TYR D 1101 5.71 55.52 13.48
N LEU D 1102 6.02 54.44 12.75
CA LEU D 1102 5.22 53.23 12.83
C LEU D 1102 5.25 52.65 14.24
N ALA D 1103 6.45 52.54 14.82
CA ALA D 1103 6.57 51.95 16.16
C ALA D 1103 5.89 52.83 17.21
N CYS D 1104 5.96 54.15 17.04
CA CYS D 1104 5.29 55.04 17.99
C CYS D 1104 3.78 54.93 17.87
N LEU D 1105 3.25 54.83 16.65
CA LEU D 1105 1.82 54.62 16.47
C LEU D 1105 1.38 53.29 17.08
N ASN D 1106 2.22 52.26 16.95
CA ASN D 1106 1.90 50.96 17.54
C ASN D 1106 1.88 51.04 19.06
N CYS D 1107 2.87 51.71 19.64
CA CYS D 1107 2.91 51.87 21.10
C CYS D 1107 1.74 52.71 21.60
N LEU D 1108 1.28 53.67 20.80
CA LEU D 1108 0.12 54.47 21.20
C LEU D 1108 -1.17 53.66 21.08
N ARG D 1109 -1.27 52.79 20.07
CA ARG D 1109 -2.48 51.99 19.89
C ARG D 1109 -2.55 50.81 20.86
N LEU D 1110 -1.40 50.33 21.33
CA LEU D 1110 -1.37 49.17 22.22
C LEU D 1110 -1.64 49.53 23.68
N ILE D 1111 -2.09 50.75 23.96
CA ILE D 1111 -2.39 51.16 25.33
C ILE D 1111 -3.75 50.62 25.73
N ARG D 1112 -4.15 50.85 26.98
CA ARG D 1112 -5.44 50.39 27.44
C ARG D 1112 -6.57 51.18 26.77
N PRO D 1113 -7.74 50.55 26.58
CA PRO D 1113 -8.85 51.27 25.94
C PRO D 1113 -9.39 52.42 26.77
N GLU D 1114 -9.08 52.48 28.07
CA GLU D 1114 -9.54 53.58 28.90
C GLU D 1114 -8.79 54.88 28.61
N TYR D 1115 -7.61 54.79 28.00
CA TYR D 1115 -6.82 55.98 27.66
C TYR D 1115 -6.96 56.30 26.19
N ALA D 1116 -6.75 57.59 25.86
CA ALA D 1116 -6.84 58.05 24.48
C ALA D 1116 -5.98 59.29 24.24
N TRP D 1117 -4.85 59.39 24.91
CA TRP D 1117 -3.97 60.55 24.77
C TRP D 1117 -2.54 60.14 25.11
N ILE D 1118 -1.60 61.04 24.84
CA ILE D 1118 -0.19 60.80 25.11
C ILE D 1118 0.49 62.15 25.25
N VAL D 1119 1.59 62.18 26.00
CA VAL D 1119 2.37 63.39 26.22
C VAL D 1119 3.71 63.25 25.54
N GLN D 1120 4.25 64.37 25.07
CA GLN D 1120 5.53 64.36 24.38
C GLN D 1120 6.33 65.62 24.72
N PRO D 1121 7.49 65.48 25.38
CA PRO D 1121 8.32 66.66 25.66
C PRO D 1121 9.38 66.89 24.59
N VAL D 1122 10.47 67.53 24.97
CA VAL D 1122 11.60 67.76 24.07
C VAL D 1122 12.87 67.29 24.76
N SER D 1123 13.85 66.87 23.96
CA SER D 1123 15.10 66.34 24.49
C SER D 1123 16.18 66.49 23.44
N GLY D 1124 17.41 66.17 23.84
CA GLY D 1124 18.55 66.24 22.94
C GLY D 1124 19.63 65.28 23.37
N ALA D 1125 20.63 65.13 22.51
CA ALA D 1125 21.75 64.23 22.75
C ALA D 1125 23.03 64.85 22.20
N VAL D 1126 24.16 64.49 22.81
CA VAL D 1126 25.46 65.03 22.43
C VAL D 1126 26.53 64.08 22.94
N TYR D 1127 27.75 64.23 22.43
CA TYR D 1127 28.93 63.49 22.86
C TYR D 1127 28.81 62.00 22.55
N GLU D 1128 29.89 61.25 22.81
CA GLU D 1128 29.93 59.82 22.53
C GLU D 1128 30.47 59.02 23.70
N ARG D 1129 31.69 59.31 24.16
CA ARG D 1129 32.32 58.57 25.24
C ARG D 1129 33.04 59.55 26.16
N PRO D 1130 32.84 59.44 27.46
CA PRO D 1130 33.46 60.40 28.40
C PRO D 1130 34.94 60.16 28.64
N GLY D 1131 35.57 59.23 27.92
CA GLY D 1131 36.98 58.97 28.11
C GLY D 1131 37.85 59.59 27.03
N ALA D 1132 37.49 60.79 26.58
CA ALA D 1132 38.24 61.48 25.54
C ALA D 1132 38.01 62.98 25.71
N SER D 1133 38.31 63.75 24.66
CA SER D 1133 38.12 65.19 24.73
C SER D 1133 36.64 65.53 24.61
N PRO D 1134 36.16 66.51 25.37
CA PRO D 1134 34.73 66.85 25.32
C PRO D 1134 34.31 67.50 24.00
N LYS D 1135 33.02 67.77 23.86
CA LYS D 1135 32.44 68.40 22.68
C LYS D 1135 32.70 67.58 21.42
N ARG D 1136 31.81 66.65 21.11
CA ARG D 1136 31.95 65.85 19.90
C ARG D 1136 31.62 66.64 18.65
N ASN D 1137 30.47 67.33 18.65
CA ASN D 1137 30.03 68.11 17.51
C ASN D 1137 29.45 69.42 18.01
N TYR D 1138 29.16 70.32 17.06
CA TYR D 1138 28.60 71.63 17.38
C TYR D 1138 27.08 71.52 17.34
N ASP D 1139 26.52 71.10 18.47
CA ASP D 1139 25.08 70.95 18.61
C ASP D 1139 24.71 71.03 20.08
N GLY D 1140 23.45 71.36 20.34
CA GLY D 1140 22.93 71.48 21.68
C GLY D 1140 21.74 70.57 21.92
N GLU D 1141 21.20 70.67 23.14
CA GLU D 1141 20.06 69.88 23.55
C GLU D 1141 18.85 70.79 23.75
N SER D 1142 17.72 70.17 24.08
CA SER D 1142 16.46 70.87 24.30
C SER D 1142 15.93 70.51 25.68
N SER D 1143 15.47 71.52 26.41
CA SER D 1143 14.94 71.34 27.76
C SER D 1143 13.42 71.52 27.73
N ALA D 1144 12.73 70.67 28.49
CA ALA D 1144 11.27 70.71 28.58
C ALA D 1144 10.85 71.86 29.48
N VAL D 1145 10.25 72.89 28.91
CA VAL D 1145 9.78 74.06 29.64
C VAL D 1145 8.26 74.13 29.51
N PRO D 1146 7.50 74.02 30.60
CA PRO D 1146 6.04 74.09 30.48
C PRO D 1146 5.52 75.48 30.17
N SER D 1147 6.28 76.53 30.43
CA SER D 1147 5.83 77.88 30.14
C SER D 1147 5.93 78.21 28.66
N SER D 1148 6.86 77.59 27.94
CA SER D 1148 7.04 77.83 26.52
C SER D 1148 6.24 76.86 25.65
N SER D 1149 5.29 76.12 26.24
CA SER D 1149 4.46 75.16 25.52
C SER D 1149 5.31 74.11 24.81
N GLN D 1150 6.36 73.64 25.49
CA GLN D 1150 7.23 72.63 24.90
C GLN D 1150 6.58 71.25 24.95
N ILE D 1151 5.89 70.93 26.04
CA ILE D 1151 5.21 69.65 26.18
C ILE D 1151 3.93 69.68 25.37
N GLU D 1152 3.76 68.69 24.49
CA GLU D 1152 2.59 68.59 23.63
C GLU D 1152 1.73 67.41 24.05
N ILE D 1153 0.43 67.53 23.81
CA ILE D 1153 -0.55 66.48 24.11
C ILE D 1153 -1.10 65.99 22.78
N LEU D 1154 -0.74 64.76 22.41
CA LEU D 1154 -1.16 64.18 21.14
C LEU D 1154 -2.25 63.14 21.38
N GLU D 1155 -3.26 63.16 20.50
CA GLU D 1155 -4.36 62.20 20.60
C GLU D 1155 -4.08 60.95 19.78
N LEU D 1156 -4.79 60.78 18.67
CA LEU D 1156 -4.60 59.63 17.81
C LEU D 1156 -4.77 60.02 16.34
N ARG D 1157 -5.70 60.94 16.08
CA ARG D 1157 -5.93 61.39 14.71
C ARG D 1157 -4.71 62.13 14.16
N ASP D 1158 -4.04 62.91 15.02
CA ASP D 1158 -2.84 63.62 14.57
C ASP D 1158 -1.72 62.64 14.22
N LEU D 1159 -1.54 61.60 15.04
CA LEU D 1159 -0.54 60.59 14.73
C LEU D 1159 -0.89 59.83 13.46
N GLU D 1160 -2.18 59.54 13.25
CA GLU D 1160 -2.60 58.86 12.03
C GLU D 1160 -2.33 59.73 10.81
N LYS D 1161 -2.62 61.03 10.90
CA LYS D 1161 -2.34 61.92 9.79
C LYS D 1161 -0.84 62.05 9.53
N GLU D 1162 -0.04 62.08 10.59
CA GLU D 1162 1.41 62.13 10.43
C GLU D 1162 1.94 60.88 9.74
N TYR D 1163 1.43 59.71 10.14
CA TYR D 1163 1.86 58.47 9.49
C TYR D 1163 1.38 58.40 8.04
N VAL D 1164 0.19 58.93 7.76
CA VAL D 1164 -0.29 58.97 6.38
C VAL D 1164 0.60 59.88 5.53
N LEU D 1165 0.99 61.03 6.07
CA LEU D 1165 1.91 61.90 5.35
C LEU D 1165 3.27 61.23 5.15
N ALA D 1166 3.72 60.46 6.15
CA ALA D 1166 4.99 59.76 6.04
C ALA D 1166 4.94 58.71 4.94
N GLN D 1167 3.84 57.93 4.88
CA GLN D 1167 3.73 56.91 3.84
C GLN D 1167 3.54 57.54 2.47
N THR D 1168 2.90 58.72 2.40
CA THR D 1168 2.79 59.42 1.12
C THR D 1168 4.15 59.91 0.65
N ARG D 1169 4.96 60.44 1.57
CA ARG D 1169 6.32 60.84 1.22
C ARG D 1169 7.16 59.64 0.80
N LEU D 1170 6.94 58.49 1.45
CA LEU D 1170 7.64 57.27 1.07
C LEU D 1170 7.27 56.84 -0.34
N THR D 1171 5.98 56.90 -0.68
CA THR D 1171 5.54 56.56 -2.03
C THR D 1171 6.11 57.54 -3.05
N LEU D 1172 6.16 58.82 -2.70
CA LEU D 1172 6.72 59.82 -3.61
C LEU D 1172 8.21 59.58 -3.84
N ALA D 1173 8.93 59.20 -2.77
CA ALA D 1173 10.35 58.92 -2.91
C ALA D 1173 10.59 57.65 -3.72
N LYS D 1174 9.71 56.65 -3.56
CA LYS D 1174 9.82 55.43 -4.38
C LYS D 1174 9.54 55.74 -5.84
N HIS D 1175 8.61 56.66 -6.12
CA HIS D 1175 8.35 57.06 -7.50
C HIS D 1175 9.53 57.84 -8.06
N ASN D 1176 10.13 58.73 -7.26
CA ASN D 1176 11.28 59.52 -7.68
C ASN D 1176 12.07 59.96 -6.45
N PRO D 1177 13.23 59.35 -6.18
CA PRO D 1177 14.02 59.69 -4.99
C PRO D 1177 14.92 60.90 -5.20
N SER D 1178 14.31 62.08 -5.18
CA SER D 1178 15.05 63.33 -5.36
C SER D 1178 14.27 64.50 -4.79
N THR D 1179 13.01 64.28 -4.44
CA THR D 1179 12.13 65.31 -3.91
C THR D 1179 11.67 64.98 -2.51
N ALA D 1180 12.58 64.45 -1.68
CA ALA D 1180 12.23 64.10 -0.31
C ALA D 1180 11.89 65.34 0.51
N ALA D 1181 12.75 66.35 0.45
CA ALA D 1181 12.49 67.59 1.19
C ALA D 1181 11.24 68.28 0.66
N ILE D 1182 11.01 68.22 -0.64
CA ILE D 1182 9.81 68.84 -1.22
C ILE D 1182 8.56 68.13 -0.72
N ALA D 1183 8.58 66.80 -0.69
CA ALA D 1183 7.43 66.06 -0.19
C ALA D 1183 7.23 66.27 1.30
N GLY D 1184 8.31 66.48 2.05
CA GLY D 1184 8.19 66.73 3.47
C GLY D 1184 7.67 68.12 3.79
N SER D 1185 8.04 69.12 2.98
CA SER D 1185 7.61 70.49 3.20
C SER D 1185 6.28 70.83 2.52
N SER D 1186 5.81 69.99 1.61
CA SER D 1186 4.56 70.27 0.93
C SER D 1186 3.38 70.02 1.86
N ALA D 1187 2.18 70.37 1.37
CA ALA D 1187 0.95 70.26 2.13
C ALA D 1187 0.12 69.09 1.61
N ALA D 1188 -1.03 68.88 2.26
CA ALA D 1188 -1.91 67.78 1.87
C ALA D 1188 -2.48 67.98 0.47
N GLU D 1189 -2.85 69.23 0.14
CA GLU D 1189 -3.37 69.50 -1.19
C GLU D 1189 -2.30 69.28 -2.25
N GLU D 1190 -1.06 69.70 -1.98
CA GLU D 1190 0.02 69.46 -2.93
C GLU D 1190 0.30 67.98 -3.09
N MET D 1191 0.25 67.22 -1.98
CA MET D 1191 0.46 65.78 -2.07
C MET D 1191 -0.64 65.11 -2.89
N VAL D 1192 -1.90 65.54 -2.69
CA VAL D 1192 -3.00 64.98 -3.44
C VAL D 1192 -2.86 65.30 -4.93
N ALA D 1193 -2.45 66.53 -5.25
CA ALA D 1193 -2.25 66.91 -6.64
C ALA D 1193 -1.12 66.09 -7.27
N LEU D 1194 -0.04 65.87 -6.52
CA LEU D 1194 1.06 65.06 -7.05
C LEU D 1194 0.64 63.63 -7.27
N LEU D 1195 -0.15 63.06 -6.34
CA LEU D 1195 -0.63 61.70 -6.51
C LEU D 1195 -1.56 61.59 -7.72
N VAL D 1196 -2.39 62.61 -7.93
CA VAL D 1196 -3.29 62.60 -9.08
C VAL D 1196 -2.50 62.70 -10.38
N GLN D 1197 -1.49 63.58 -10.42
CA GLN D 1197 -0.67 63.70 -11.62
C GLN D 1197 0.14 62.44 -11.89
N ALA D 1198 0.53 61.72 -10.83
CA ALA D 1198 1.29 60.48 -11.03
C ALA D 1198 0.38 59.36 -11.51
N GLY D 1199 -0.79 59.20 -10.88
CA GLY D 1199 -1.71 58.15 -11.28
C GLY D 1199 -2.11 57.25 -10.13
N LEU D 1200 -2.34 57.83 -8.97
CA LEU D 1200 -2.72 57.09 -7.76
C LEU D 1200 -4.02 57.70 -7.22
N PHE D 1201 -5.11 57.49 -7.94
CA PHE D 1201 -6.40 58.07 -7.55
C PHE D 1201 -6.89 57.50 -6.22
N ASP D 1202 -6.68 56.20 -6.00
CA ASP D 1202 -7.11 55.59 -4.75
C ASP D 1202 -6.36 56.18 -3.56
N THR D 1203 -5.04 56.31 -3.70
CA THR D 1203 -4.25 56.89 -2.61
C THR D 1203 -4.59 58.35 -2.40
N ALA D 1204 -4.89 59.09 -3.48
CA ALA D 1204 -5.28 60.48 -3.33
C ALA D 1204 -6.63 60.61 -2.62
N ILE D 1205 -7.58 59.74 -2.95
CA ILE D 1205 -8.87 59.74 -2.26
C ILE D 1205 -8.70 59.40 -0.79
N SER D 1206 -7.82 58.43 -0.49
CA SER D 1206 -7.55 58.08 0.89
C SER D 1206 -6.94 59.25 1.64
N LEU D 1207 -5.99 59.95 1.00
CA LEU D 1207 -5.37 61.12 1.62
C LEU D 1207 -6.42 62.20 1.91
N CYS D 1208 -7.31 62.46 0.94
CA CYS D 1208 -8.32 63.49 1.15
C CYS D 1208 -9.30 63.10 2.25
N GLN D 1209 -9.70 61.82 2.30
CA GLN D 1209 -10.62 61.39 3.34
C GLN D 1209 -9.96 61.38 4.70
N THR D 1210 -8.65 61.17 4.75
CA THR D 1210 -7.95 61.24 6.03
C THR D 1210 -7.81 62.69 6.50
N PHE D 1211 -7.50 63.60 5.58
CA PHE D 1211 -7.34 65.02 5.91
C PHE D 1211 -8.68 65.75 5.99
N LYS D 1212 -9.80 65.07 5.72
CA LYS D 1212 -11.13 65.66 5.81
C LYS D 1212 -11.27 66.85 4.86
N LEU D 1213 -11.06 66.56 3.57
CA LEU D 1213 -11.16 67.59 2.53
C LEU D 1213 -12.21 67.20 1.50
N GLY D 1214 -11.97 67.56 0.24
CA GLY D 1214 -12.88 67.24 -0.84
C GLY D 1214 -12.16 66.55 -1.98
N LEU D 1215 -12.86 65.60 -2.61
CA LEU D 1215 -12.31 64.83 -3.72
C LEU D 1215 -12.48 65.52 -5.06
N THR D 1216 -12.59 66.85 -5.06
CA THR D 1216 -12.84 67.57 -6.30
C THR D 1216 -11.64 67.50 -7.25
N SER D 1217 -10.42 67.60 -6.71
CA SER D 1217 -9.23 67.53 -7.55
C SER D 1217 -9.06 66.13 -8.14
N ILE D 1218 -9.28 65.10 -7.33
CA ILE D 1218 -9.16 63.73 -7.83
C ILE D 1218 -10.22 63.45 -8.88
N PHE D 1219 -11.44 63.97 -8.67
CA PHE D 1219 -12.50 63.76 -9.64
C PHE D 1219 -12.22 64.51 -10.94
N GLU D 1220 -11.65 65.71 -10.85
CA GLU D 1220 -11.27 66.44 -12.05
C GLU D 1220 -10.16 65.71 -12.82
N GLY D 1221 -9.18 65.16 -12.10
CA GLY D 1221 -8.15 64.39 -12.74
C GLY D 1221 -8.69 63.13 -13.41
N LEU D 1222 -9.62 62.45 -12.74
CA LEU D 1222 -10.24 61.26 -13.33
C LEU D 1222 -11.06 61.62 -14.56
N ALA D 1223 -11.76 62.76 -14.53
CA ALA D 1223 -12.51 63.20 -15.69
C ALA D 1223 -11.58 63.55 -16.85
N CYS D 1224 -10.43 64.17 -16.55
CA CYS D 1224 -9.47 64.47 -17.59
C CYS D 1224 -8.91 63.19 -18.21
N LYS D 1225 -8.61 62.19 -17.36
CA LYS D 1225 -8.13 60.91 -17.87
C LYS D 1225 -9.19 60.23 -18.73
N CYS D 1226 -10.45 60.31 -18.31
CA CYS D 1226 -11.53 59.71 -19.10
C CYS D 1226 -11.68 60.43 -20.44
N ILE D 1227 -11.56 61.76 -20.45
CA ILE D 1227 -11.63 62.50 -21.70
C ILE D 1227 -10.48 62.11 -22.62
N ARG D 1228 -9.29 61.95 -22.05
CA ARG D 1228 -8.14 61.51 -22.85
C ARG D 1228 -8.38 60.12 -23.43
N LEU D 1229 -8.97 59.23 -22.63
CA LEU D 1229 -9.26 57.89 -23.13
C LEU D 1229 -10.29 57.91 -24.24
N GLN D 1230 -11.32 58.76 -24.11
CA GLN D 1230 -12.35 58.84 -25.14
C GLN D 1230 -11.83 59.47 -26.42
N GLN D 1231 -10.92 60.44 -26.31
CA GLN D 1231 -10.42 61.14 -27.48
C GLN D 1231 -9.24 60.45 -28.15
N GLY D 1232 -8.53 59.58 -27.43
CA GLY D 1232 -7.38 58.91 -28.00
C GLY D 1232 -7.72 57.54 -28.58
N GLY D 1233 -6.83 57.06 -29.45
CA GLY D 1233 -6.98 55.77 -30.06
C GLY D 1233 -6.53 54.64 -29.15
N GLU D 1234 -6.15 53.53 -29.78
CA GLU D 1234 -5.70 52.36 -29.01
C GLU D 1234 -4.39 52.63 -28.29
N ALA D 1235 -3.58 53.56 -28.81
CA ALA D 1235 -2.33 53.91 -28.14
C ALA D 1235 -2.58 54.52 -26.78
N ALA D 1236 -3.58 55.41 -26.69
CA ALA D 1236 -3.92 56.01 -25.41
C ALA D 1236 -4.44 54.96 -24.43
N GLN D 1237 -5.24 54.02 -24.91
CA GLN D 1237 -5.73 52.95 -24.05
C GLN D 1237 -4.57 52.10 -23.52
N ALA D 1238 -3.64 51.73 -24.40
CA ALA D 1238 -2.51 50.92 -23.98
C ALA D 1238 -1.58 51.67 -23.05
N GLU D 1239 -1.50 53.00 -23.19
CA GLU D 1239 -0.63 53.78 -22.31
C GLU D 1239 -1.28 54.03 -20.96
N ALA D 1240 -2.60 54.14 -20.90
CA ALA D 1240 -3.30 54.41 -19.65
C ALA D 1240 -3.76 53.15 -18.93
N TRP D 1241 -3.65 51.97 -19.56
CA TRP D 1241 -4.02 50.74 -18.88
C TRP D 1241 -3.13 50.49 -17.66
N GLU D 1242 -1.84 50.83 -17.77
CA GLU D 1242 -0.93 50.60 -16.65
C GLU D 1242 -1.31 51.42 -15.43
N TRP D 1243 -1.88 52.61 -15.63
CA TRP D 1243 -2.33 53.43 -14.52
C TRP D 1243 -3.76 53.14 -14.10
N LEU D 1244 -4.58 52.61 -14.99
CA LEU D 1244 -5.96 52.28 -14.65
C LEU D 1244 -6.11 50.95 -13.96
N ALA D 1245 -5.19 50.00 -14.20
CA ALA D 1245 -5.28 48.70 -13.55
C ALA D 1245 -4.92 48.75 -12.08
N ALA D 1246 -4.24 49.80 -11.63
CA ALA D 1246 -3.85 49.94 -10.23
C ALA D 1246 -4.95 50.53 -9.37
N ASN D 1247 -6.16 50.73 -9.91
CA ASN D 1247 -7.28 51.29 -9.18
C ASN D 1247 -8.30 50.23 -8.78
N GLN D 1248 -7.86 48.97 -8.66
CA GLN D 1248 -8.72 47.85 -8.27
C GLN D 1248 -9.90 47.71 -9.23
N LEU D 1249 -9.67 47.08 -10.38
CA LEU D 1249 -10.72 46.86 -11.36
C LEU D 1249 -11.22 45.41 -11.28
N ALA D 1250 -11.91 45.12 -10.17
CA ALA D 1250 -12.46 43.81 -9.90
C ALA D 1250 -13.98 43.82 -9.89
N THR D 1251 -14.57 44.48 -10.89
CA THR D 1251 -16.02 44.55 -10.98
C THR D 1251 -16.60 43.28 -11.59
N VAL D 1252 -17.91 43.10 -11.41
CA VAL D 1252 -18.62 41.93 -11.91
C VAL D 1252 -19.27 42.32 -13.23
N ILE D 1253 -18.56 42.08 -14.32
CA ILE D 1253 -19.07 42.40 -15.66
C ILE D 1253 -18.96 41.18 -16.56
N THR D 1254 -19.23 41.36 -17.84
CA THR D 1254 -19.17 40.26 -18.80
C THR D 1254 -17.72 39.96 -19.18
N THR D 1255 -17.54 38.97 -20.05
CA THR D 1255 -16.22 38.56 -20.48
C THR D 1255 -15.72 39.44 -21.62
N LYS D 1256 -14.48 39.15 -22.06
CA LYS D 1256 -13.77 39.90 -23.11
C LYS D 1256 -14.06 41.39 -23.06
N GLU D 1257 -13.81 41.98 -21.89
CA GLU D 1257 -14.01 43.40 -21.66
C GLU D 1257 -12.66 44.07 -21.47
N SER D 1258 -11.90 44.15 -22.57
CA SER D 1258 -10.59 44.79 -22.56
C SER D 1258 -10.64 46.16 -23.23
N SER D 1259 -11.43 47.04 -22.63
CA SER D 1259 -11.62 48.40 -23.12
C SER D 1259 -11.37 49.37 -21.97
N ALA D 1260 -10.43 50.30 -22.18
CA ALA D 1260 -10.14 51.29 -21.14
C ALA D 1260 -11.33 52.20 -20.87
N THR D 1261 -12.14 52.48 -21.90
CA THR D 1261 -13.34 53.30 -21.69
C THR D 1261 -14.31 52.60 -20.73
N ASP D 1262 -14.62 51.33 -20.99
CA ASP D 1262 -15.50 50.59 -20.11
C ASP D 1262 -14.89 50.41 -18.72
N GLU D 1263 -13.56 50.23 -18.65
CA GLU D 1263 -12.91 50.10 -17.36
C GLU D 1263 -13.05 51.38 -16.53
N ALA D 1264 -12.84 52.54 -17.16
CA ALA D 1264 -13.00 53.80 -16.47
C ALA D 1264 -14.46 54.04 -16.08
N TRP D 1265 -15.39 53.63 -16.94
CA TRP D 1265 -16.81 53.77 -16.61
C TRP D 1265 -17.17 52.94 -15.38
N ARG D 1266 -16.71 51.68 -15.34
CA ARG D 1266 -16.96 50.84 -14.19
C ARG D 1266 -16.26 51.36 -12.94
N LEU D 1267 -15.06 51.94 -13.09
CA LEU D 1267 -14.38 52.53 -11.95
C LEU D 1267 -15.15 53.70 -11.39
N MET D 1268 -15.66 54.57 -12.26
CA MET D 1268 -16.46 55.71 -11.80
C MET D 1268 -17.76 55.23 -11.14
N ILE D 1269 -18.38 54.19 -11.69
CA ILE D 1269 -19.61 53.66 -11.11
C ILE D 1269 -19.33 53.10 -9.71
N SER D 1270 -18.24 52.34 -9.57
CA SER D 1270 -17.89 51.79 -8.27
C SER D 1270 -17.55 52.88 -7.27
N TYR D 1271 -16.86 53.94 -7.72
CA TYR D 1271 -16.54 55.05 -6.84
C TYR D 1271 -17.80 55.75 -6.36
N LEU D 1272 -18.74 56.00 -7.28
CA LEU D 1272 -20.00 56.66 -6.90
C LEU D 1272 -20.83 55.76 -5.98
N ASP D 1273 -20.76 54.45 -6.16
CA ASP D 1273 -21.54 53.54 -5.32
C ASP D 1273 -20.92 53.35 -3.94
N LYS D 1274 -19.60 53.45 -3.83
CA LYS D 1274 -18.92 53.25 -2.55
C LYS D 1274 -18.71 54.54 -1.78
N TYR D 1275 -18.83 55.70 -2.44
CA TYR D 1275 -18.68 56.98 -1.74
C TYR D 1275 -19.60 57.98 -2.43
N GLU D 1276 -20.74 58.25 -1.81
CA GLU D 1276 -21.69 59.20 -2.37
C GLU D 1276 -21.17 60.63 -2.21
N SER D 1277 -21.65 61.50 -3.09
CA SER D 1277 -21.25 62.90 -3.06
C SER D 1277 -21.94 63.61 -1.90
N LYS D 1278 -21.41 64.80 -1.56
CA LYS D 1278 -21.99 65.59 -0.49
C LYS D 1278 -23.35 66.13 -0.89
N ASN D 1279 -23.40 66.95 -1.94
CA ASN D 1279 -24.63 67.51 -2.46
C ASN D 1279 -24.57 67.60 -3.99
N THR D 1280 -24.09 66.52 -4.60
CA THR D 1280 -23.95 66.40 -6.06
C THR D 1280 -23.07 67.48 -6.65
N LEU D 1281 -22.20 68.10 -5.84
CA LEU D 1281 -21.28 69.11 -6.37
C LEU D 1281 -20.24 68.48 -7.31
N TYR D 1282 -19.82 67.26 -7.01
CA TYR D 1282 -18.89 66.56 -7.90
C TYR D 1282 -19.53 66.30 -9.26
N HIS D 1283 -20.85 66.09 -9.30
CA HIS D 1283 -21.52 65.91 -10.58
C HIS D 1283 -21.44 67.17 -11.43
N HIS D 1284 -21.70 68.34 -10.82
CA HIS D 1284 -21.57 69.59 -11.54
C HIS D 1284 -20.13 69.84 -11.96
N CYS D 1285 -19.18 69.45 -11.11
CA CYS D 1285 -17.76 69.60 -11.46
C CYS D 1285 -17.41 68.77 -12.69
N ILE D 1286 -17.87 67.52 -12.73
CA ILE D 1286 -17.59 66.66 -13.88
C ILE D 1286 -18.29 67.19 -15.12
N ILE D 1287 -19.51 67.71 -14.96
CA ILE D 1287 -20.23 68.28 -16.10
C ILE D 1287 -19.49 69.47 -16.67
N ASN D 1288 -18.98 70.36 -15.80
CA ASN D 1288 -18.22 71.50 -16.26
C ASN D 1288 -16.91 71.07 -16.92
N LYS D 1289 -16.26 70.06 -16.35
CA LYS D 1289 -15.01 69.56 -16.94
C LYS D 1289 -15.25 68.99 -18.33
N LEU D 1290 -16.37 68.31 -18.53
CA LEU D 1290 -16.67 67.75 -19.83
C LEU D 1290 -17.09 68.83 -20.82
N LEU D 1291 -17.82 69.85 -20.34
CA LEU D 1291 -18.22 70.93 -21.22
C LEU D 1291 -17.05 71.81 -21.62
N SER D 1292 -16.02 71.88 -20.78
CA SER D 1292 -14.82 72.63 -21.14
C SER D 1292 -14.11 72.01 -22.34
N HIS D 1293 -14.19 70.69 -22.49
CA HIS D 1293 -13.61 70.01 -23.64
C HIS D 1293 -14.56 69.98 -24.83
N GLY D 1294 -15.86 69.82 -24.57
CA GLY D 1294 -16.84 69.84 -25.64
C GLY D 1294 -17.21 68.45 -26.15
N VAL D 1295 -17.33 67.51 -25.23
CA VAL D 1295 -17.71 66.13 -25.54
C VAL D 1295 -19.08 65.88 -24.94
N PRO D 1296 -20.02 65.30 -25.69
CA PRO D 1296 -21.34 65.02 -25.12
C PRO D 1296 -21.27 64.03 -23.98
N LEU D 1297 -22.21 64.16 -23.04
CA LEU D 1297 -22.25 63.28 -21.89
C LEU D 1297 -22.61 61.86 -22.33
N PRO D 1298 -22.09 60.85 -21.64
CA PRO D 1298 -22.45 59.47 -21.97
C PRO D 1298 -23.93 59.20 -21.73
N ASN D 1299 -24.44 58.18 -22.40
CA ASN D 1299 -25.87 57.90 -22.36
C ASN D 1299 -26.30 57.39 -20.98
N TRP D 1300 -25.48 56.53 -20.37
CA TRP D 1300 -25.83 56.00 -19.05
C TRP D 1300 -25.86 57.10 -18.01
N LEU D 1301 -24.86 57.98 -18.02
CA LEU D 1301 -24.84 59.10 -17.08
C LEU D 1301 -25.97 60.08 -17.37
N ILE D 1302 -26.31 60.28 -18.65
CA ILE D 1302 -27.41 61.16 -19.01
C ILE D 1302 -28.73 60.61 -18.43
N ASN D 1303 -28.94 59.30 -18.58
CA ASN D 1303 -30.16 58.69 -18.06
C ASN D 1303 -30.19 58.74 -16.54
N ARG D 1304 -29.06 58.48 -15.88
CA ARG D 1304 -29.01 58.53 -14.43
C ARG D 1304 -29.30 59.94 -13.92
N TYR D 1305 -28.73 60.95 -14.58
CA TYR D 1305 -28.98 62.33 -14.15
C TYR D 1305 -30.40 62.77 -14.45
N LYS D 1306 -30.98 62.30 -15.55
CA LYS D 1306 -32.37 62.60 -15.85
C LYS D 1306 -33.30 61.96 -14.81
N ALA D 1307 -32.94 60.78 -14.32
CA ALA D 1307 -33.73 60.13 -13.30
C ALA D 1307 -33.54 60.74 -11.91
N MET D 1308 -32.35 61.28 -11.63
CA MET D 1308 -32.05 61.80 -10.29
C MET D 1308 -32.31 63.29 -10.14
N ASP D 1309 -32.39 64.04 -11.23
CA ASP D 1309 -32.60 65.49 -11.18
C ASP D 1309 -33.14 65.95 -12.52
N ALA D 1310 -33.30 67.26 -12.69
CA ALA D 1310 -33.85 67.81 -13.92
C ALA D 1310 -33.56 69.30 -14.07
N ALA D 1311 -33.51 70.02 -12.95
CA ALA D 1311 -33.42 71.48 -13.03
C ALA D 1311 -31.98 71.95 -13.18
N GLU D 1312 -31.05 71.33 -12.45
CA GLU D 1312 -29.66 71.81 -12.47
C GLU D 1312 -29.04 71.63 -13.85
N LEU D 1313 -29.50 70.64 -14.62
CA LEU D 1313 -29.01 70.48 -15.98
C LEU D 1313 -29.42 71.67 -16.85
N LEU D 1314 -30.68 72.11 -16.72
CA LEU D 1314 -31.12 73.29 -17.47
C LEU D 1314 -30.39 74.54 -16.99
N ARG D 1315 -30.09 74.61 -15.69
CA ARG D 1315 -29.37 75.77 -15.18
C ARG D 1315 -27.91 75.80 -15.64
N LEU D 1316 -27.31 74.63 -15.84
CA LEU D 1316 -25.91 74.57 -16.27
C LEU D 1316 -25.78 74.63 -17.78
N TYR D 1317 -26.84 74.32 -18.52
CA TYR D 1317 -26.77 74.39 -19.98
C TYR D 1317 -26.53 75.80 -20.49
N LEU D 1318 -26.87 76.82 -19.68
CA LEU D 1318 -26.65 78.20 -20.10
C LEU D 1318 -25.16 78.54 -20.21
N LYS D 1319 -24.29 77.75 -19.59
CA LYS D 1319 -22.86 78.03 -19.69
C LYS D 1319 -22.33 77.66 -21.07
N TYR D 1320 -22.81 76.56 -21.65
CA TYR D 1320 -22.40 76.13 -22.96
C TYR D 1320 -23.34 76.58 -24.07
N ASP D 1321 -24.46 77.21 -23.71
CA ASP D 1321 -25.43 77.74 -24.67
C ASP D 1321 -25.98 76.63 -25.57
N LEU D 1322 -26.67 75.69 -24.93
CA LEU D 1322 -27.32 74.59 -25.63
C LEU D 1322 -28.82 74.89 -25.69
N LEU D 1323 -29.32 75.20 -26.88
CA LEU D 1323 -30.70 75.62 -27.06
C LEU D 1323 -31.65 74.44 -27.28
N GLU D 1324 -31.37 73.61 -28.29
CA GLU D 1324 -32.29 72.52 -28.62
C GLU D 1324 -32.35 71.48 -27.51
N GLU D 1325 -31.22 71.21 -26.86
CA GLU D 1325 -31.21 70.25 -25.76
C GLU D 1325 -32.13 70.69 -24.63
N ALA D 1326 -31.97 71.94 -24.17
CA ALA D 1326 -32.85 72.48 -23.14
C ALA D 1326 -34.30 72.54 -23.62
N ALA D 1327 -34.50 72.79 -24.91
CA ALA D 1327 -35.86 72.85 -25.45
C ALA D 1327 -36.55 71.50 -25.31
N GLU D 1328 -35.91 70.43 -25.81
CA GLU D 1328 -36.53 69.11 -25.68
C GLU D 1328 -36.61 68.67 -24.23
N LEU D 1329 -35.67 69.11 -23.38
CA LEU D 1329 -35.73 68.76 -21.96
C LEU D 1329 -36.96 69.37 -21.30
N VAL D 1330 -37.17 70.68 -21.50
CA VAL D 1330 -38.33 71.32 -20.89
C VAL D 1330 -39.63 70.83 -21.53
N LEU D 1331 -39.58 70.42 -22.80
CA LEU D 1331 -40.77 69.84 -23.43
C LEU D 1331 -41.14 68.53 -22.77
N GLU D 1332 -40.14 67.64 -22.57
CA GLU D 1332 -40.41 66.38 -21.89
C GLU D 1332 -40.86 66.61 -20.45
N TYR D 1333 -40.30 67.61 -19.78
CA TYR D 1333 -40.71 67.90 -18.41
C TYR D 1333 -42.15 68.39 -18.36
N VAL D 1334 -42.55 69.26 -19.28
CA VAL D 1334 -43.93 69.74 -19.33
C VAL D 1334 -44.88 68.59 -19.65
N ASP D 1335 -44.48 67.71 -20.57
CA ASP D 1335 -45.31 66.56 -20.90
C ASP D 1335 -45.49 65.64 -19.70
N ALA D 1336 -44.40 65.38 -18.95
CA ALA D 1336 -44.49 64.51 -17.79
C ALA D 1336 -45.33 65.15 -16.69
N LEU D 1337 -45.21 66.46 -16.49
CA LEU D 1337 -46.02 67.15 -15.50
C LEU D 1337 -47.49 67.15 -15.88
N LEU D 1338 -47.79 67.28 -17.18
CA LEU D 1338 -49.19 67.21 -17.61
C LEU D 1338 -49.75 65.81 -17.47
N GLY D 1339 -48.91 64.79 -17.69
CA GLY D 1339 -49.33 63.42 -17.53
C GLY D 1339 -49.21 62.93 -16.10
N LYS D 1340 -48.07 62.32 -15.78
CA LYS D 1340 -47.85 61.72 -14.46
C LYS D 1340 -46.42 61.20 -14.35
N GLY D 1341 -45.67 61.25 -15.45
CA GLY D 1341 -44.35 60.68 -15.48
C GLY D 1341 -43.27 61.49 -14.78
N HIS D 1342 -43.56 61.92 -13.55
CA HIS D 1342 -42.58 62.67 -12.76
C HIS D 1342 -41.68 61.76 -11.93
N GLN D 1343 -42.12 60.53 -11.66
CA GLN D 1343 -41.27 59.60 -10.90
C GLN D 1343 -40.04 59.18 -11.70
N TYR D 1344 -40.17 59.09 -13.03
CA TYR D 1344 -39.03 58.74 -13.86
C TYR D 1344 -38.02 59.88 -13.95
N PHE D 1345 -38.43 61.11 -13.65
CA PHE D 1345 -37.53 62.25 -13.67
C PHE D 1345 -36.99 62.62 -12.28
N GLY D 1346 -37.70 62.28 -11.22
CA GLY D 1346 -37.26 62.53 -9.86
C GLY D 1346 -38.26 63.29 -9.01
N ILE D 1347 -39.17 64.05 -9.61
CA ILE D 1347 -40.16 64.79 -8.84
C ILE D 1347 -41.19 63.81 -8.28
N GLN D 1348 -41.40 63.87 -6.96
CA GLN D 1348 -42.35 62.98 -6.30
C GLN D 1348 -43.77 63.52 -6.42
N ALA D 1349 -44.51 63.52 -5.33
CA ALA D 1349 -45.87 64.02 -5.35
C ALA D 1349 -45.86 65.55 -5.44
N PRO D 1350 -46.83 66.13 -6.15
CA PRO D 1350 -46.89 67.59 -6.27
C PRO D 1350 -47.27 68.24 -4.94
N LEU D 1351 -47.15 69.56 -4.92
CA LEU D 1351 -47.45 70.35 -3.72
C LEU D 1351 -48.95 70.28 -3.45
N SER D 1352 -49.33 69.47 -2.46
CA SER D 1352 -50.75 69.30 -2.12
C SER D 1352 -51.28 70.56 -1.42
N ALA D 1353 -51.63 71.58 -2.20
CA ALA D 1353 -52.14 72.82 -1.67
C ALA D 1353 -53.63 72.94 -1.99
N THR D 1354 -54.27 73.93 -1.37
CA THR D 1354 -55.69 74.15 -1.59
C THR D 1354 -55.95 74.81 -2.94
N SER D 1355 -55.14 75.81 -3.29
CA SER D 1355 -55.27 76.53 -4.55
C SER D 1355 -54.18 76.05 -5.50
N GLN D 1356 -54.56 75.30 -6.53
CA GLN D 1356 -53.61 74.80 -7.51
C GLN D 1356 -53.17 75.95 -8.41
N LEU D 1357 -51.94 76.43 -8.19
CA LEU D 1357 -51.39 77.54 -8.97
C LEU D 1357 -49.93 77.24 -9.28
N VAL D 1358 -49.29 78.16 -10.00
CA VAL D 1358 -47.90 78.00 -10.39
C VAL D 1358 -47.02 78.34 -9.19
N TRP D 1359 -46.23 77.35 -8.73
CA TRP D 1359 -45.34 77.53 -7.60
C TRP D 1359 -43.87 77.44 -7.96
N PHE D 1360 -43.52 76.83 -9.09
CA PHE D 1360 -42.13 76.73 -9.48
C PHE D 1360 -41.61 78.09 -9.94
N PRO D 1361 -40.32 78.36 -9.73
CA PRO D 1361 -39.76 79.67 -10.15
C PRO D 1361 -39.83 79.84 -11.66
N TYR D 1362 -40.44 80.94 -12.09
CA TYR D 1362 -40.56 81.27 -13.50
C TYR D 1362 -39.28 81.85 -14.08
N SER D 1363 -38.24 82.04 -13.27
CA SER D 1363 -36.98 82.59 -13.78
C SER D 1363 -36.33 81.64 -14.77
N ALA D 1364 -36.43 80.34 -14.53
CA ALA D 1364 -35.87 79.37 -15.47
C ALA D 1364 -36.58 79.42 -16.81
N ILE D 1365 -37.91 79.51 -16.79
CA ILE D 1365 -38.68 79.59 -18.03
C ILE D 1365 -38.37 80.91 -18.76
N ASP D 1366 -38.21 81.99 -18.01
CA ASP D 1366 -37.86 83.27 -18.63
C ASP D 1366 -36.49 83.22 -19.28
N HIS D 1367 -35.51 82.60 -18.60
CA HIS D 1367 -34.18 82.47 -19.18
C HIS D 1367 -34.20 81.57 -20.40
N LEU D 1368 -35.00 80.50 -20.38
CA LEU D 1368 -35.13 79.65 -21.55
C LEU D 1368 -35.75 80.39 -22.73
N ARG D 1369 -36.78 81.19 -22.47
CA ARG D 1369 -37.40 81.98 -23.54
C ARG D 1369 -36.41 83.00 -24.09
N LEU D 1370 -35.62 83.63 -23.22
CA LEU D 1370 -34.62 84.59 -23.68
C LEU D 1370 -33.55 83.91 -24.53
N ALA D 1371 -33.08 82.73 -24.10
CA ALA D 1371 -32.09 82.01 -24.89
C ALA D 1371 -32.65 81.54 -26.23
N LEU D 1372 -33.96 81.23 -26.27
CA LEU D 1372 -34.56 80.83 -27.54
C LEU D 1372 -34.74 82.03 -28.45
N GLY D 1373 -35.09 83.19 -27.90
CA GLY D 1373 -35.24 84.39 -28.70
C GLY D 1373 -33.95 85.06 -29.10
N GLU D 1374 -32.84 84.71 -28.44
CA GLU D 1374 -31.54 85.26 -28.81
C GLU D 1374 -31.21 84.96 -30.27
N ASN D 1375 -31.39 83.69 -30.68
CA ASN D 1375 -31.09 83.26 -32.04
C ASN D 1375 -32.40 82.90 -32.73
N GLU D 1376 -32.87 83.79 -33.61
CA GLU D 1376 -34.10 83.55 -34.35
C GLU D 1376 -33.86 83.66 -35.86
N ASN D 1377 -32.86 82.93 -36.35
CA ASN D 1377 -32.53 82.95 -37.77
C ASN D 1377 -33.10 81.77 -38.55
N ASN D 1378 -33.63 80.76 -37.87
CA ASN D 1378 -34.19 79.58 -38.49
C ASN D 1378 -35.65 79.43 -38.10
N GLN D 1379 -36.34 78.51 -38.78
CA GLN D 1379 -37.75 78.25 -38.51
C GLN D 1379 -37.96 77.24 -37.39
N HIS D 1380 -36.96 76.42 -37.08
CA HIS D 1380 -37.11 75.47 -35.98
C HIS D 1380 -37.26 76.17 -34.64
N ASN D 1381 -36.59 77.32 -34.46
CA ASN D 1381 -36.76 78.08 -33.23
C ASN D 1381 -38.18 78.61 -33.09
N GLN D 1382 -38.74 79.14 -34.17
CA GLN D 1382 -40.12 79.62 -34.12
C GLN D 1382 -41.10 78.47 -33.90
N ALA D 1383 -40.84 77.31 -34.49
CA ALA D 1383 -41.71 76.15 -34.26
C ALA D 1383 -41.64 75.71 -32.81
N ILE D 1384 -40.44 75.68 -32.23
CA ILE D 1384 -40.30 75.30 -30.83
C ILE D 1384 -41.00 76.32 -29.92
N LEU D 1385 -40.88 77.61 -30.26
CA LEU D 1385 -41.55 78.63 -29.47
C LEU D 1385 -43.08 78.48 -29.54
N GLY D 1386 -43.60 78.19 -30.73
CA GLY D 1386 -45.04 77.99 -30.85
C GLY D 1386 -45.52 76.77 -30.11
N LYS D 1387 -44.77 75.67 -30.19
CA LYS D 1387 -45.14 74.47 -29.45
C LYS D 1387 -45.08 74.71 -27.94
N LEU D 1388 -44.08 75.47 -27.48
CA LEU D 1388 -43.98 75.78 -26.06
C LEU D 1388 -45.14 76.67 -25.62
N GLN D 1389 -45.54 77.63 -26.46
CA GLN D 1389 -46.69 78.47 -26.13
C GLN D 1389 -47.97 77.66 -26.06
N ARG D 1390 -48.17 76.73 -27.00
CA ARG D 1390 -49.35 75.88 -26.96
C ARG D 1390 -49.36 74.99 -25.73
N LYS D 1391 -48.21 74.42 -25.38
CA LYS D 1391 -48.12 73.59 -24.19
C LYS D 1391 -48.37 74.40 -22.92
N MET D 1392 -47.89 75.65 -22.89
CA MET D 1392 -48.12 76.51 -21.74
C MET D 1392 -49.59 76.88 -21.61
N ASP D 1393 -50.26 77.13 -22.75
CA ASP D 1393 -51.69 77.41 -22.70
C ASP D 1393 -52.47 76.19 -22.21
N GLU D 1394 -52.12 75.00 -22.69
CA GLU D 1394 -52.79 73.79 -22.23
C GLU D 1394 -52.54 73.56 -20.74
N TYR D 1395 -51.31 73.81 -20.27
CA TYR D 1395 -51.01 73.65 -18.85
C TYR D 1395 -51.77 74.66 -18.02
N PHE D 1396 -51.92 75.90 -18.51
CA PHE D 1396 -52.69 76.90 -17.78
C PHE D 1396 -54.15 76.51 -17.70
N GLN D 1397 -54.71 75.98 -18.79
CA GLN D 1397 -56.09 75.53 -18.76
C GLN D 1397 -56.27 74.37 -17.78
N LYS D 1398 -55.35 73.41 -17.78
CA LYS D 1398 -55.44 72.29 -16.85
C LYS D 1398 -55.29 72.75 -15.41
N LEU D 1399 -54.41 73.73 -15.18
CA LEU D 1399 -54.22 74.25 -13.83
C LEU D 1399 -55.46 75.00 -13.35
N LYS D 1400 -56.11 75.75 -14.25
CA LYS D 1400 -57.36 76.42 -13.88
C LYS D 1400 -58.45 75.41 -13.56
N LYS D 1401 -58.53 74.34 -14.36
CA LYS D 1401 -59.52 73.30 -14.08
C LYS D 1401 -59.25 72.62 -12.74
N ALA D 1402 -57.98 72.34 -12.44
CA ALA D 1402 -57.65 71.71 -11.17
C ALA D 1402 -57.93 72.64 -9.99
N THR D 1403 -57.66 73.94 -10.17
CA THR D 1403 -57.96 74.89 -9.10
C THR D 1403 -59.46 75.01 -8.87
N ASP D 1404 -60.25 74.98 -9.94
CA ASP D 1404 -61.70 75.00 -9.78
C ASP D 1404 -62.20 73.74 -9.08
N ASP D 1405 -61.66 72.58 -9.46
CA ASP D 1405 -62.06 71.33 -8.81
C ASP D 1405 -61.66 71.31 -7.34
N TYR D 1406 -60.52 71.94 -7.00
CA TYR D 1406 -60.10 71.98 -5.61
C TYR D 1406 -60.95 72.96 -4.80
N LYS D 1407 -61.29 74.11 -5.39
CA LYS D 1407 -62.13 75.08 -4.69
C LYS D 1407 -63.57 74.61 -4.58
N LYS D 1408 -64.01 73.69 -5.44
CA LYS D 1408 -65.35 73.14 -5.33
C LYS D 1408 -65.56 72.37 -4.04
N ILE D 1409 -64.50 71.91 -3.40
CA ILE D 1409 -64.60 71.17 -2.15
C ILE D 1409 -65.03 72.11 -1.02
N MET E 1 56.77 32.92 30.89
CA MET E 1 56.40 31.62 30.33
C MET E 1 56.98 31.43 28.93
N LYS E 2 56.26 30.70 28.10
CA LYS E 2 56.66 30.44 26.72
C LYS E 2 55.50 30.70 25.78
N GLN E 3 55.84 31.04 24.53
CA GLN E 3 54.82 31.32 23.52
C GLN E 3 55.16 30.73 22.16
N ASP E 4 55.91 29.63 22.12
CA ASP E 4 56.28 29.00 20.85
C ASP E 4 55.12 28.16 20.35
N SER E 5 54.58 28.51 19.18
CA SER E 5 53.44 27.83 18.58
C SER E 5 52.26 27.80 19.54
N ALA E 6 51.58 28.93 19.70
CA ALA E 6 50.51 29.07 20.67
C ALA E 6 49.14 28.96 20.00
N SER E 7 48.16 28.50 20.76
CA SER E 7 46.80 28.36 20.27
C SER E 7 45.85 28.40 21.47
N ASN E 8 44.60 28.79 21.19
CA ASN E 8 43.58 28.87 22.24
C ASN E 8 42.95 27.51 22.50
N ALA E 9 41.75 27.50 23.04
CA ALA E 9 41.05 26.26 23.36
C ALA E 9 40.36 25.72 22.11
N THR E 10 40.60 24.45 21.80
CA THR E 10 39.94 23.82 20.65
C THR E 10 38.56 23.29 21.04
N TYR E 11 38.49 22.57 22.16
CA TYR E 11 37.23 22.03 22.66
C TYR E 11 37.01 22.58 24.07
N THR E 12 35.95 23.36 24.23
CA THR E 12 35.61 23.98 25.52
C THR E 12 34.32 23.36 26.03
N VAL E 13 34.37 22.82 27.25
CA VAL E 13 33.22 22.18 27.88
C VAL E 13 32.93 22.92 29.19
N ASP E 14 31.72 23.45 29.30
CA ASP E 14 31.31 24.17 30.51
C ASP E 14 30.73 23.20 31.52
N CYS E 15 30.92 23.50 32.80
CA CYS E 15 30.42 22.64 33.86
C CYS E 15 29.58 23.43 34.86
N GLU E 16 29.60 23.03 36.14
CA GLU E 16 28.82 23.70 37.17
C GLU E 16 29.72 24.24 38.27
N ASP E 17 30.36 23.37 39.06
CA ASP E 17 31.24 23.81 40.13
C ASP E 17 32.65 24.05 39.60
N TYR E 18 33.53 24.50 40.48
CA TYR E 18 34.91 24.77 40.10
C TYR E 18 35.66 23.47 39.87
N VAL E 19 36.32 23.35 38.72
CA VAL E 19 37.08 22.17 38.37
C VAL E 19 38.51 22.34 38.84
N HIS E 20 38.98 21.43 39.68
CA HIS E 20 40.34 21.48 40.21
C HIS E 20 41.12 20.19 40.03
N VAL E 21 40.47 19.05 39.77
CA VAL E 21 41.14 17.78 39.58
C VAL E 21 40.50 17.08 38.39
N VAL E 22 41.33 16.54 37.50
CA VAL E 22 40.84 15.82 36.32
C VAL E 22 41.91 14.85 35.84
N GLU E 23 41.51 13.60 35.58
CA GLU E 23 42.42 12.57 35.12
C GLU E 23 41.69 11.65 34.16
N PHE E 24 42.48 10.89 33.39
CA PHE E 24 41.92 9.93 32.44
C PHE E 24 42.07 8.51 32.96
N ASN E 25 42.15 7.54 32.05
CA ASN E 25 42.32 6.15 32.45
C ASN E 25 43.80 5.84 32.65
N PRO E 26 44.18 5.20 33.75
CA PRO E 26 45.62 4.92 33.96
C PRO E 26 46.16 3.85 33.03
N PHE E 27 45.38 2.81 32.76
CA PHE E 27 45.83 1.73 31.89
C PHE E 27 44.64 1.04 31.22
N ASP E 28 44.12 0.01 31.86
CA ASP E 28 42.98 -0.75 31.35
C ASP E 28 41.74 -0.46 32.20
N SER E 29 41.28 0.79 32.11
CA SER E 29 40.11 1.24 32.86
C SER E 29 38.92 1.53 31.94
N GLY E 30 38.90 0.90 30.76
CA GLY E 30 37.83 1.12 29.81
C GLY E 30 38.31 1.34 28.40
N GLU E 31 37.87 0.49 27.47
CA GLU E 31 38.27 0.61 26.08
C GLU E 31 37.09 1.01 25.21
N ALA E 32 36.28 1.95 25.68
CA ALA E 32 35.13 2.42 24.93
C ALA E 32 34.83 3.88 25.27
N GLY E 33 35.60 4.80 24.70
CA GLY E 33 35.44 6.21 24.96
C GLY E 33 36.29 6.69 26.13
N SER E 34 36.52 7.99 26.16
CA SER E 34 37.34 8.60 27.20
C SER E 34 36.52 8.68 28.49
N LEU E 35 36.89 7.86 29.47
CA LEU E 35 36.19 7.83 30.75
C LEU E 35 36.86 8.80 31.72
N LEU E 36 36.07 9.71 32.29
CA LEU E 36 36.57 10.70 33.22
C LEU E 36 35.64 10.77 34.43
N ALA E 37 36.19 11.29 35.53
CA ALA E 37 35.43 11.46 36.77
C ALA E 37 35.92 12.74 37.45
N TYR E 38 35.04 13.73 37.53
CA TYR E 38 35.43 15.03 38.07
C TYR E 38 34.45 15.46 39.16
N GLY E 39 35.00 16.02 40.24
CA GLY E 39 34.18 16.48 41.35
C GLY E 39 34.51 17.89 41.78
N GLY E 40 33.52 18.79 41.71
CA GLY E 40 33.73 20.17 42.09
C GLY E 40 33.81 20.38 43.58
N ILE E 41 32.70 20.78 44.19
CA ILE E 41 32.63 21.03 45.62
C ILE E 41 31.69 20.05 46.31
N SER E 42 30.48 19.89 45.77
CA SER E 42 29.49 18.99 46.35
C SER E 42 28.81 18.14 45.29
N TYR E 43 29.49 17.86 44.19
CA TYR E 43 28.93 17.06 43.11
C TYR E 43 30.06 16.40 42.35
N VAL E 44 29.98 15.07 42.21
CA VAL E 44 30.94 14.29 41.46
C VAL E 44 30.21 13.65 40.29
N VAL E 45 30.75 13.83 39.08
CA VAL E 45 30.14 13.39 37.84
C VAL E 45 31.11 12.48 37.11
N ILE E 46 30.60 11.33 36.64
CA ILE E 46 31.34 10.43 35.76
C ILE E 46 30.86 10.70 34.34
N ALA E 47 31.79 10.84 33.41
CA ALA E 47 31.48 11.20 32.04
C ALA E 47 32.22 10.30 31.06
N SER E 48 31.58 10.09 29.91
CA SER E 48 32.20 9.40 28.77
C SER E 48 32.23 10.37 27.61
N CYS E 49 33.42 10.71 27.15
CA CYS E 49 33.62 11.72 26.11
C CYS E 49 34.21 11.09 24.86
N ARG E 50 33.71 11.52 23.71
CA ARG E 50 34.22 11.12 22.41
C ARG E 50 34.50 12.37 21.59
N PHE E 51 35.64 12.38 20.91
CA PHE E 51 36.08 13.53 20.14
C PHE E 51 36.02 13.24 18.65
N GLN E 52 36.00 14.30 17.86
CA GLN E 52 35.94 14.16 16.41
C GLN E 52 37.25 13.64 15.82
N GLU E 53 38.37 13.84 16.51
CA GLU E 53 39.65 13.36 16.03
C GLU E 53 39.85 11.88 16.28
N GLU E 54 38.99 11.24 17.06
CA GLU E 54 39.04 9.80 17.32
C GLU E 54 38.07 9.01 16.46
N ASP E 55 36.84 9.49 16.31
CA ASP E 55 35.83 8.84 15.49
C ASP E 55 35.57 9.71 14.26
N SER E 56 34.32 10.00 13.89
CA SER E 56 34.04 10.82 12.73
C SER E 56 32.65 11.46 12.83
N THR E 57 31.75 10.80 13.56
CA THR E 57 30.37 11.29 13.69
C THR E 57 30.18 12.08 14.98
N VAL E 58 31.25 12.77 15.38
CA VAL E 58 31.27 13.58 16.59
C VAL E 58 31.37 15.04 16.18
N GLU E 59 30.43 15.86 16.65
CA GLU E 59 30.42 17.29 16.36
C GLU E 59 31.32 17.98 17.38
N GLY E 60 32.63 17.96 17.12
CA GLY E 60 33.59 18.56 18.02
C GLY E 60 33.88 17.69 19.23
N ILE E 61 32.91 17.61 20.14
CA ILE E 61 33.05 16.79 21.34
C ILE E 61 31.65 16.38 21.79
N GLU E 62 31.52 15.13 22.23
CA GLU E 62 30.25 14.58 22.70
C GLU E 62 30.49 13.92 24.05
N PHE E 63 29.88 14.48 25.10
CA PHE E 63 30.04 13.98 26.46
C PHE E 63 28.71 13.47 26.97
N LYS E 64 28.72 12.30 27.62
CA LYS E 64 27.53 11.70 28.19
C LYS E 64 27.78 11.43 29.67
N THR E 65 26.88 11.92 30.52
CA THR E 65 26.98 11.74 31.95
C THR E 65 26.41 10.39 32.35
N LEU E 66 27.20 9.59 33.07
CA LEU E 66 26.78 8.26 33.49
C LEU E 66 26.24 8.25 34.92
N LYS E 67 26.87 8.98 35.83
CA LYS E 67 26.44 8.99 37.22
C LYS E 67 26.88 10.30 37.86
N THR E 68 25.92 11.03 38.43
CA THR E 68 26.18 12.28 39.14
C THR E 68 25.66 12.14 40.55
N PHE E 69 26.54 12.25 41.54
CA PHE E 69 26.17 12.08 42.94
C PHE E 69 26.72 13.21 43.78
N HIS E 70 25.92 13.66 44.75
CA HIS E 70 26.30 14.75 45.63
C HIS E 70 27.03 14.18 46.85
N HIS E 71 28.26 14.65 47.07
CA HIS E 71 29.07 14.24 48.20
C HIS E 71 29.25 15.39 49.18
N GLY E 72 29.75 15.07 50.36
CA GLY E 72 29.93 16.04 51.41
C GLY E 72 31.04 17.03 51.15
N GLU E 73 32.14 16.90 51.88
CA GLU E 73 33.28 17.80 51.69
C GLU E 73 33.95 17.53 50.35
N ARG E 74 34.54 18.59 49.78
CA ARG E 74 35.17 18.49 48.48
C ARG E 74 36.38 17.57 48.53
N VAL E 75 36.72 17.00 47.38
CA VAL E 75 37.85 16.10 47.27
C VAL E 75 39.02 16.85 46.63
N VAL E 76 40.21 16.26 46.74
CA VAL E 76 41.42 16.87 46.20
C VAL E 76 42.23 15.81 45.46
N ALA E 77 41.82 14.55 45.59
CA ALA E 77 42.55 13.46 44.96
C ALA E 77 41.62 12.25 44.82
N ILE E 78 41.81 11.51 43.72
CA ILE E 78 41.02 10.32 43.44
C ILE E 78 41.97 9.22 42.96
N ALA E 79 41.73 8.00 43.42
CA ALA E 79 42.53 6.84 43.04
C ALA E 79 41.87 6.13 41.86
N TRP E 80 42.71 5.66 40.93
CA TRP E 80 42.25 4.97 39.73
C TRP E 80 42.90 3.59 39.66
N SER E 81 42.11 2.59 39.30
CA SER E 81 42.65 1.23 39.19
C SER E 81 43.17 0.97 37.78
N PRO E 82 44.32 0.30 37.65
CA PRO E 82 44.89 0.07 36.32
C PRO E 82 44.23 -1.07 35.55
N GLU E 83 43.42 -1.91 36.20
CA GLU E 83 42.78 -3.06 35.54
C GLU E 83 41.36 -3.19 36.11
N THR E 84 40.42 -2.46 35.52
CA THR E 84 39.02 -2.50 35.91
C THR E 84 38.15 -2.33 34.67
N ARG E 85 37.16 -3.20 34.52
CA ARG E 85 36.24 -3.14 33.38
C ARG E 85 35.05 -2.25 33.75
N CYS E 86 34.86 -1.17 32.99
CA CYS E 86 33.78 -0.23 33.22
C CYS E 86 32.73 -0.22 32.13
N ASP E 87 33.13 -0.33 30.86
CA ASP E 87 32.18 -0.32 29.76
C ASP E 87 32.45 -1.39 28.71
N ALA E 88 33.54 -2.14 28.78
CA ALA E 88 33.82 -3.18 27.80
C ALA E 88 32.93 -4.39 28.02
N LEU E 89 33.23 -5.18 29.05
CA LEU E 89 32.44 -6.35 29.37
C LEU E 89 31.46 -6.05 30.50
N LEU E 90 31.80 -6.49 31.72
CA LEU E 90 30.94 -6.24 32.87
C LEU E 90 31.36 -4.96 33.57
N PRO E 91 30.44 -4.03 33.81
CA PRO E 91 30.81 -2.77 34.49
C PRO E 91 31.22 -3.03 35.93
N LEU E 92 32.29 -2.34 36.35
CA LEU E 92 32.79 -2.47 37.72
C LEU E 92 33.67 -1.26 38.00
N LEU E 93 33.11 -0.25 38.66
CA LEU E 93 33.82 0.98 39.00
C LEU E 93 33.99 1.04 40.52
N ARG E 94 35.21 0.83 40.99
CA ARG E 94 35.54 0.88 42.41
C ARG E 94 36.66 1.90 42.57
N PHE E 95 36.33 3.08 43.10
CA PHE E 95 37.30 4.17 43.18
C PHE E 95 37.17 4.88 44.53
N ALA E 96 38.31 5.33 45.05
CA ALA E 96 38.37 6.04 46.31
C ALA E 96 38.71 7.50 46.09
N THR E 97 38.27 8.36 47.00
CA THR E 97 38.52 9.79 46.95
C THR E 97 38.94 10.28 48.32
N ALA E 98 39.83 11.27 48.33
CA ALA E 98 40.34 11.87 49.56
C ALA E 98 39.60 13.19 49.76
N ALA E 99 38.52 13.14 50.56
CA ALA E 99 37.72 14.32 50.83
C ALA E 99 38.34 15.15 51.96
N GLY E 100 37.61 16.17 52.39
CA GLY E 100 38.08 17.05 53.44
C GLY E 100 37.81 16.56 54.85
N ASP E 101 37.15 15.42 55.02
CA ASP E 101 36.85 14.88 56.33
C ASP E 101 37.98 14.01 56.88
N LYS E 102 39.18 14.10 56.30
CA LYS E 102 40.37 13.37 56.72
C LYS E 102 40.22 11.86 56.57
N LYS E 103 39.12 11.39 56.00
CA LYS E 103 38.87 9.97 55.80
C LYS E 103 38.62 9.70 54.32
N ILE E 104 39.09 8.56 53.83
CA ILE E 104 38.91 8.21 52.43
C ILE E 104 37.51 7.67 52.22
N ARG E 105 36.88 8.06 51.10
CA ARG E 105 35.54 7.60 50.76
C ARG E 105 35.63 6.81 49.46
N ILE E 106 35.36 5.51 49.53
CA ILE E 106 35.48 4.62 48.39
C ILE E 106 34.09 4.17 47.95
N PHE E 107 33.77 4.41 46.69
CA PHE E 107 32.50 4.00 46.11
C PHE E 107 32.73 2.86 45.13
N THR E 108 31.89 1.83 45.22
CA THR E 108 31.98 0.66 44.37
C THR E 108 30.61 0.40 43.76
N SER E 109 30.54 0.36 42.43
CA SER E 109 29.30 0.13 41.72
C SER E 109 29.56 -0.76 40.51
N ASP E 110 28.46 -1.28 39.94
CA ASP E 110 28.56 -2.12 38.76
C ASP E 110 27.45 -1.83 37.75
N PHE E 111 26.84 -0.64 37.83
CA PHE E 111 25.73 -0.25 36.95
C PHE E 111 24.58 -1.25 37.02
N GLN E 112 24.34 -1.82 38.20
CA GLN E 112 23.26 -2.77 38.43
C GLN E 112 22.33 -2.28 39.53
N ASP E 113 22.01 -0.99 39.49
CA ASP E 113 21.11 -0.35 40.46
C ASP E 113 21.64 -0.51 41.89
N LYS E 114 22.94 -0.32 42.07
CA LYS E 114 23.55 -0.43 43.39
C LYS E 114 24.84 0.38 43.41
N ASN E 115 25.21 0.84 44.60
CA ASN E 115 26.42 1.62 44.79
C ASN E 115 26.79 1.68 46.27
N GLU E 116 27.83 0.94 46.66
CA GLU E 116 28.22 0.86 48.06
C GLU E 116 29.30 1.90 48.37
N TYR E 117 29.07 2.66 49.43
CA TYR E 117 30.02 3.66 49.91
C TYR E 117 30.65 3.18 51.21
N LYS E 118 31.98 3.27 51.30
CA LYS E 118 32.70 2.85 52.48
C LYS E 118 33.67 3.94 52.91
N VAL E 119 33.90 4.02 54.22
CA VAL E 119 34.78 5.01 54.81
C VAL E 119 36.02 4.29 55.33
N ILE E 120 37.20 4.82 54.99
CA ILE E 120 38.48 4.25 55.39
C ILE E 120 39.22 5.28 56.22
N GLU E 121 39.69 4.85 57.39
CA GLU E 121 40.46 5.72 58.29
C GLU E 121 41.88 5.84 57.75
N GLY E 122 42.14 6.91 57.01
CA GLY E 122 43.45 7.14 56.44
C GLY E 122 44.39 7.85 57.39
N HIS E 123 44.63 9.14 57.15
CA HIS E 123 45.50 9.94 57.98
C HIS E 123 44.69 11.03 58.67
N SER E 124 45.05 11.35 59.91
CA SER E 124 44.34 12.39 60.65
C SER E 124 44.59 13.77 60.04
N GLY E 125 45.74 13.97 59.42
CA GLY E 125 46.06 15.22 58.78
C GLY E 125 45.40 15.35 57.43
N TYR E 126 45.71 16.46 56.74
CA TYR E 126 45.16 16.73 55.43
C TYR E 126 45.73 15.74 54.42
N ILE E 127 44.89 14.83 53.93
CA ILE E 127 45.33 13.85 52.95
C ILE E 127 45.57 14.56 51.62
N ASN E 128 46.77 14.41 51.07
CA ASN E 128 47.13 15.10 49.83
C ASN E 128 46.70 14.30 48.61
N ASP E 129 47.30 13.13 48.41
CA ASP E 129 47.04 12.32 47.23
C ASP E 129 46.89 10.86 47.62
N LEU E 130 46.40 10.06 46.68
CA LEU E 130 46.25 8.62 46.88
C LEU E 130 46.12 7.97 45.51
N VAL E 131 46.53 6.70 45.42
CA VAL E 131 46.48 5.96 44.17
C VAL E 131 46.58 4.47 44.48
N PHE E 132 46.04 3.65 43.58
CA PHE E 132 46.14 2.21 43.74
C PHE E 132 47.57 1.75 43.54
N CYS E 133 48.02 0.84 44.39
CA CYS E 133 49.38 0.31 44.36
C CYS E 133 49.37 -1.19 44.10
N SER E 134 48.53 -1.63 43.15
CA SER E 134 48.43 -3.04 42.80
C SER E 134 47.92 -3.15 41.37
N PRO E 135 48.47 -4.05 40.56
CA PRO E 135 47.96 -4.19 39.19
C PRO E 135 46.57 -4.79 39.12
N GLU E 136 46.17 -5.58 40.12
CA GLU E 136 44.84 -6.17 40.16
C GLU E 136 43.85 -5.37 41.00
N GLY E 137 44.33 -4.45 41.83
CA GLY E 137 43.45 -3.64 42.65
C GLY E 137 43.10 -4.30 43.97
N THR E 138 43.90 -4.05 45.00
CA THR E 138 43.65 -4.62 46.32
C THR E 138 44.26 -3.75 47.42
N ASP E 139 45.12 -2.82 47.03
CA ASP E 139 45.77 -1.92 47.98
C ASP E 139 45.81 -0.52 47.41
N ILE E 140 45.60 0.48 48.28
CA ILE E 140 45.61 1.88 47.90
C ILE E 140 46.58 2.61 48.82
N ALA E 141 47.60 3.23 48.23
CA ALA E 141 48.59 4.00 48.99
C ALA E 141 48.23 5.48 48.95
N SER E 142 48.23 6.10 50.12
CA SER E 142 47.88 7.51 50.26
C SER E 142 49.00 8.25 50.99
N VAL E 143 49.13 9.54 50.70
CA VAL E 143 50.12 10.40 51.32
C VAL E 143 49.47 11.75 51.63
N GLY E 144 49.78 12.29 52.80
CA GLY E 144 49.22 13.57 53.21
C GLY E 144 50.20 14.46 53.94
N ASP E 145 49.92 14.75 55.21
CA ASP E 145 50.75 15.61 56.04
C ASP E 145 50.95 14.94 57.41
N ASP E 146 51.79 13.91 57.43
CA ASP E 146 52.07 13.19 58.67
C ASP E 146 53.40 12.44 58.56
N HIS E 147 54.07 12.56 57.42
CA HIS E 147 55.36 11.94 57.13
C HIS E 147 55.31 10.41 57.16
N THR E 148 54.12 9.83 57.30
CA THR E 148 53.95 8.38 57.35
C THR E 148 52.96 7.96 56.28
N CYS E 149 53.45 7.22 55.29
CA CYS E 149 52.63 6.67 54.22
C CYS E 149 52.18 5.27 54.62
N ARG E 150 50.88 5.09 54.83
CA ARG E 150 50.31 3.83 55.25
C ARG E 150 49.59 3.17 54.09
N ILE E 151 49.93 1.92 53.80
CA ILE E 151 49.31 1.18 52.71
C ILE E 151 47.95 0.68 53.18
N TRP E 152 46.89 1.22 52.59
CA TRP E 152 45.53 0.84 52.92
C TRP E 152 44.97 -0.12 51.88
N ASP E 153 44.07 -1.01 52.33
CA ASP E 153 43.43 -1.99 51.48
C ASP E 153 41.96 -1.62 51.28
N LEU E 154 41.16 -2.58 50.83
CA LEU E 154 39.75 -2.35 50.60
C LEU E 154 38.94 -2.36 51.90
N ASP E 155 39.49 -2.92 52.98
CA ASP E 155 38.79 -2.97 54.26
C ASP E 155 39.13 -1.79 55.15
N GLY E 156 40.41 -1.41 55.24
CA GLY E 156 40.82 -0.30 56.05
C GLY E 156 41.86 -0.66 57.08
N LYS E 157 42.74 -1.59 56.75
CA LYS E 157 43.80 -2.04 57.64
C LYS E 157 45.15 -1.54 57.13
N GLN E 158 46.11 -1.48 58.05
CA GLN E 158 47.45 -1.02 57.74
C GLN E 158 48.30 -2.20 57.27
N ILE E 159 48.86 -2.08 56.07
CA ILE E 159 49.69 -3.13 55.49
C ILE E 159 51.17 -2.83 55.70
N ALA E 160 51.61 -1.63 55.33
CA ALA E 160 53.00 -1.24 55.49
C ALA E 160 53.07 0.25 55.79
N MET E 161 54.14 0.65 56.47
CA MET E 161 54.36 2.04 56.86
C MET E 161 55.71 2.51 56.30
N PHE E 162 55.69 3.62 55.58
CA PHE E 162 56.88 4.20 55.00
C PHE E 162 57.13 5.58 55.61
N ILE E 163 58.38 5.85 55.93
CA ILE E 163 58.78 7.11 56.54
C ILE E 163 59.23 8.08 55.45
N LEU E 164 58.83 9.34 55.58
CA LEU E 164 59.20 10.37 54.63
C LEU E 164 59.83 11.55 55.38
N ARG E 165 60.59 12.35 54.63
CA ARG E 165 61.26 13.52 55.17
C ARG E 165 60.46 14.80 54.95
N SER E 166 59.23 14.70 54.46
CA SER E 166 58.41 15.85 54.17
C SER E 166 56.97 15.38 54.01
N PRO E 167 56.00 16.28 54.11
CA PRO E 167 54.61 15.90 53.84
C PRO E 167 54.46 15.39 52.41
N GLY E 168 53.87 14.20 52.28
CA GLY E 168 53.71 13.56 50.99
C GLY E 168 52.94 14.39 49.99
N MET E 169 53.65 14.97 49.02
CA MET E 169 53.03 15.83 48.01
C MET E 169 52.19 15.00 47.04
N SER E 170 52.83 14.14 46.26
CA SER E 170 52.15 13.35 45.26
C SER E 170 52.65 11.91 45.31
N VAL E 171 51.83 11.00 44.79
CA VAL E 171 52.15 9.58 44.71
C VAL E 171 51.95 9.13 43.27
N ALA E 172 52.84 8.27 42.79
CA ALA E 172 52.79 7.75 41.43
C ALA E 172 52.86 6.24 41.45
N TRP E 173 52.09 5.61 40.57
CA TRP E 173 52.01 4.16 40.47
C TRP E 173 52.33 3.71 39.06
N HIS E 174 53.15 2.66 38.94
CA HIS E 174 53.51 2.15 37.63
C HIS E 174 52.59 0.99 37.27
N PRO E 175 51.70 1.14 36.28
CA PRO E 175 50.82 0.02 35.94
C PRO E 175 51.50 -1.09 35.16
N GLU E 176 52.50 -0.76 34.34
CA GLU E 176 53.22 -1.74 33.53
C GLU E 176 54.46 -2.29 34.25
N GLY E 177 54.39 -2.43 35.57
CA GLY E 177 55.50 -2.94 36.35
C GLY E 177 55.05 -4.03 37.30
N ALA E 178 55.70 -4.07 38.47
CA ALA E 178 55.42 -5.07 39.50
C ALA E 178 55.39 -4.35 40.86
N PHE E 179 54.25 -3.75 41.19
CA PHE E 179 54.05 -3.05 42.46
C PHE E 179 55.07 -1.94 42.65
N LYS E 180 55.22 -1.11 41.63
CA LYS E 180 56.20 -0.01 41.62
C LYS E 180 55.50 1.29 42.00
N LEU E 181 56.00 1.94 43.05
CA LEU E 181 55.41 3.18 43.54
C LEU E 181 56.49 4.22 43.79
N MET E 182 56.11 5.49 43.67
CA MET E 182 56.98 6.63 43.95
C MET E 182 56.22 7.63 44.81
N VAL E 183 56.93 8.26 45.75
CA VAL E 183 56.37 9.28 46.62
C VAL E 183 57.23 10.53 46.48
N ALA E 184 56.66 11.59 45.94
CA ALA E 184 57.40 12.83 45.76
C ALA E 184 57.65 13.49 47.12
N GLU E 185 58.89 13.92 47.34
CA GLU E 185 59.28 14.52 48.60
C GLU E 185 59.90 15.89 48.35
N LYS E 186 59.77 16.77 49.35
CA LYS E 186 60.36 18.09 49.25
C LYS E 186 61.88 18.04 49.34
N THR E 187 62.40 17.11 50.14
CA THR E 187 63.85 16.95 50.24
C THR E 187 64.44 16.36 48.96
N GLY E 188 63.70 15.49 48.28
CA GLY E 188 64.14 14.92 47.03
C GLY E 188 64.59 13.48 47.09
N THR E 189 64.20 12.73 48.11
CA THR E 189 64.57 11.32 48.26
C THR E 189 63.39 10.47 47.77
N ILE E 190 63.48 10.02 46.53
CA ILE E 190 62.42 9.22 45.92
C ILE E 190 62.78 7.74 46.08
N ARG E 191 61.93 7.00 46.77
CA ARG E 191 62.16 5.58 47.04
C ARG E 191 61.32 4.76 46.08
N PHE E 192 61.98 3.99 45.21
CA PHE E 192 61.29 3.12 44.26
C PHE E 192 60.66 1.98 45.05
N TYR E 193 59.50 2.26 45.63
CA TYR E 193 58.84 1.31 46.53
C TYR E 193 58.35 0.11 45.74
N ASP E 194 58.88 -1.07 46.08
CA ASP E 194 58.45 -2.34 45.49
C ASP E 194 57.55 -3.03 46.51
N LEU E 195 56.24 -2.89 46.34
CA LEU E 195 55.27 -3.43 47.29
C LEU E 195 55.13 -4.95 47.20
N THR E 196 55.94 -5.65 46.43
CA THR E 196 55.88 -7.11 46.44
C THR E 196 56.33 -7.67 47.78
N THR E 197 57.29 -7.00 48.42
CA THR E 197 57.75 -7.38 49.76
C THR E 197 57.75 -6.22 50.73
N HIS E 198 57.35 -5.03 50.30
CA HIS E 198 57.30 -3.83 51.15
C HIS E 198 58.67 -3.53 51.76
N GLN E 199 59.63 -3.28 50.89
CA GLN E 199 61.00 -2.97 51.30
C GLN E 199 61.57 -1.93 50.35
N ALA E 200 62.51 -1.14 50.86
CA ALA E 200 63.18 -0.11 50.07
C ALA E 200 64.26 -0.77 49.21
N ILE E 201 64.02 -0.83 47.90
CA ILE E 201 64.96 -1.48 46.98
C ILE E 201 65.97 -0.49 46.44
N LEU E 202 65.50 0.67 45.98
CA LEU E 202 66.37 1.68 45.39
C LEU E 202 65.88 3.07 45.79
N SER E 203 66.83 4.00 45.88
CA SER E 203 66.53 5.38 46.24
C SER E 203 67.28 6.32 45.32
N LEU E 204 66.60 7.38 44.88
CA LEU E 204 67.17 8.39 44.00
C LEU E 204 67.12 9.75 44.69
N GLU E 205 68.16 10.55 44.46
CA GLU E 205 68.30 11.87 45.07
C GLU E 205 68.17 12.92 43.97
N SER E 206 67.01 13.57 43.91
CA SER E 206 66.80 14.67 42.97
C SER E 206 67.67 15.85 43.36
N VAL E 207 68.67 16.17 42.53
CA VAL E 207 69.62 17.21 42.86
C VAL E 207 69.10 18.62 42.60
N GLN E 208 67.95 18.75 41.95
CA GLN E 208 67.36 20.06 41.66
C GLN E 208 66.40 20.41 42.79
N VAL E 209 66.82 21.32 43.65
CA VAL E 209 66.02 21.76 44.79
C VAL E 209 65.36 23.08 44.43
N PRO E 210 64.04 23.24 44.63
CA PRO E 210 63.16 22.19 45.20
C PRO E 210 62.57 21.27 44.13
N LEU E 211 62.16 20.08 44.55
CA LEU E 211 61.57 19.10 43.65
C LEU E 211 60.04 19.13 43.79
N MET E 212 59.34 19.14 42.66
CA MET E 212 57.89 19.20 42.67
C MET E 212 57.28 17.81 42.49
N SER E 213 56.93 17.45 41.26
CA SER E 213 56.29 16.19 40.95
C SER E 213 57.22 15.30 40.13
N ALA E 214 56.88 14.01 40.08
CA ALA E 214 57.66 13.03 39.35
C ALA E 214 56.75 11.87 38.99
N ASP E 215 57.06 11.22 37.87
CA ASP E 215 56.26 10.08 37.40
C ASP E 215 57.11 9.26 36.43
N TRP E 216 56.59 8.10 36.07
CA TRP E 216 57.25 7.21 35.13
C TRP E 216 56.85 7.58 33.70
N CYS E 217 57.45 6.89 32.73
CA CYS E 217 56.97 6.89 31.36
C CYS E 217 56.11 5.65 31.15
N VAL E 218 54.89 5.84 30.63
CA VAL E 218 53.95 4.73 30.49
C VAL E 218 54.39 3.70 29.46
N ARG E 219 55.38 4.02 28.63
CA ARG E 219 55.88 3.09 27.63
C ARG E 219 57.32 2.65 27.90
N ASN E 220 57.94 3.14 28.97
CA ASN E 220 59.32 2.76 29.29
C ASN E 220 59.53 2.95 30.79
N THR E 221 59.84 1.86 31.49
CA THR E 221 60.07 1.93 32.93
C THR E 221 61.35 2.68 33.27
N LEU E 222 62.30 2.76 32.33
CA LEU E 222 63.57 3.42 32.63
C LEU E 222 63.43 4.94 32.64
N ARG E 223 62.49 5.48 31.86
CA ARG E 223 62.34 6.93 31.75
C ARG E 223 61.49 7.46 32.91
N ILE E 224 62.06 8.38 33.69
CA ILE E 224 61.37 9.01 34.80
C ILE E 224 61.36 10.51 34.55
N GLY E 225 60.16 11.08 34.41
CA GLY E 225 60.01 12.50 34.15
C GLY E 225 59.60 13.23 35.41
N ALA E 226 60.37 14.27 35.76
CA ALA E 226 60.11 15.04 36.97
C ALA E 226 60.24 16.52 36.68
N VAL E 227 59.64 17.32 37.56
CA VAL E 227 59.69 18.78 37.49
C VAL E 227 60.32 19.29 38.77
N ALA E 228 61.26 20.22 38.64
CA ALA E 228 61.95 20.79 39.79
C ALA E 228 62.53 22.14 39.41
N GLY E 229 62.28 23.15 40.24
CA GLY E 229 62.76 24.49 39.97
C GLY E 229 62.09 25.12 38.76
N ASN E 230 62.82 25.19 37.65
CA ASN E 230 62.29 25.77 36.42
C ASN E 230 62.39 24.84 35.22
N ASP E 231 63.22 23.81 35.25
CA ASP E 231 63.43 22.90 34.14
C ASP E 231 62.89 21.52 34.48
N TRP E 232 62.57 20.75 33.44
CA TRP E 232 62.12 19.39 33.58
C TRP E 232 63.30 18.43 33.39
N ILE E 233 63.29 17.35 34.17
CA ILE E 233 64.39 16.41 34.25
C ILE E 233 63.90 15.03 33.82
N ILE E 234 64.73 14.33 33.05
CA ILE E 234 64.49 12.96 32.62
C ILE E 234 65.61 12.09 33.16
N TRP E 235 65.25 11.11 33.98
CA TRP E 235 66.18 10.18 34.59
C TRP E 235 66.07 8.81 33.91
N GLU E 236 67.20 8.13 33.79
CA GLU E 236 67.26 6.79 33.20
C GLU E 236 67.67 5.81 34.30
N MET E 237 66.68 5.09 34.85
CA MET E 237 66.90 4.13 35.93
C MET E 237 67.02 2.72 35.38
N PRO E 238 67.86 1.86 35.98
CA PRO E 238 68.73 2.21 37.12
C PRO E 238 70.16 2.50 36.67
N ARG E 239 70.31 3.03 35.45
CA ARG E 239 71.63 3.29 34.92
C ARG E 239 72.29 4.47 35.63
N SER E 240 71.56 5.56 35.79
CA SER E 240 72.11 6.76 36.41
C SER E 240 71.05 7.45 37.26
N SER E 241 71.43 7.83 38.47
CA SER E 241 70.55 8.60 39.35
C SER E 241 70.69 10.09 39.17
N TYR E 242 71.81 10.55 38.60
CA TYR E 242 72.00 11.96 38.33
C TYR E 242 71.17 12.36 37.10
N PRO E 243 70.79 13.65 37.00
CA PRO E 243 69.95 14.09 35.87
C PRO E 243 70.52 13.73 34.51
N GLN E 244 69.93 12.71 33.88
CA GLN E 244 70.37 12.32 32.53
C GLN E 244 70.06 13.41 31.53
N ASP E 245 68.86 13.98 31.57
CA ASP E 245 68.49 15.10 30.73
C ASP E 245 67.84 16.18 31.59
N ASN E 246 68.14 17.44 31.29
CA ASN E 246 67.57 18.56 32.04
C ASN E 246 67.37 19.71 31.08
N LYS E 247 66.11 20.04 30.78
CA LYS E 247 65.84 21.09 29.81
C LYS E 247 64.78 22.05 30.34
N PRO E 248 64.93 23.35 30.06
CA PRO E 248 63.96 24.33 30.59
C PRO E 248 62.57 24.11 30.02
N ALA E 249 61.58 24.58 30.77
CA ALA E 249 60.17 24.48 30.36
C ALA E 249 59.49 25.83 30.28
N HIS E 250 59.62 26.66 31.32
CA HIS E 250 59.00 27.97 31.35
C HIS E 250 60.01 28.99 31.87
N ALA E 251 59.65 30.27 31.77
CA ALA E 251 60.48 31.34 32.30
C ALA E 251 60.42 31.44 33.82
N ASP E 252 59.45 30.80 34.45
CA ASP E 252 59.32 30.82 35.90
C ASP E 252 59.38 29.40 36.47
N ARG E 253 58.67 29.16 37.56
CA ARG E 253 58.66 27.84 38.20
C ARG E 253 57.48 27.03 37.68
N ALA E 254 57.72 25.74 37.48
CA ALA E 254 56.69 24.83 36.97
C ALA E 254 55.76 24.40 38.10
N ARG E 255 54.85 23.47 37.79
CA ARG E 255 53.90 22.97 38.78
C ARG E 255 54.04 21.47 38.95
N MET E 256 53.56 20.71 37.97
CA MET E 256 53.60 19.25 38.05
C MET E 256 53.98 18.68 36.68
N PHE E 257 54.33 17.40 36.68
CA PHE E 257 54.73 16.69 35.48
C PHE E 257 53.75 15.55 35.21
N ARG E 258 53.50 15.30 33.93
CA ARG E 258 52.59 14.22 33.53
C ARG E 258 53.03 13.70 32.17
N TRP E 259 53.48 12.44 32.14
CA TRP E 259 53.91 11.83 30.89
C TRP E 259 52.71 11.48 30.02
N SER E 260 52.95 11.42 28.71
CA SER E 260 51.89 11.08 27.77
C SER E 260 51.53 9.61 27.90
N LYS E 261 50.23 9.33 27.94
CA LYS E 261 49.71 7.97 28.07
C LYS E 261 49.58 7.26 26.73
N CYS E 262 50.22 7.76 25.69
CA CYS E 262 50.16 7.16 24.36
C CYS E 262 51.54 6.97 23.73
N ASN E 263 52.44 7.93 23.89
CA ASN E 263 53.78 7.86 23.32
C ASN E 263 54.80 7.81 24.46
N GLU E 264 56.08 7.86 24.08
CA GLU E 264 57.18 7.81 25.03
C GLU E 264 58.19 8.92 24.75
N ASN E 265 57.75 10.01 24.12
CA ASN E 265 58.63 11.12 23.79
C ASN E 265 58.01 12.49 24.00
N VAL E 266 56.69 12.64 23.98
CA VAL E 266 56.03 13.92 24.17
C VAL E 266 55.46 13.98 25.59
N PHE E 267 55.35 15.19 26.12
CA PHE E 267 54.76 15.39 27.43
C PHE E 267 54.26 16.83 27.52
N ALA E 268 53.63 17.16 28.65
CA ALA E 268 53.06 18.48 28.84
C ALA E 268 53.33 18.94 30.28
N THR E 269 53.55 20.26 30.43
CA THR E 269 53.79 20.85 31.73
C THR E 269 53.10 22.21 31.78
N THR E 270 53.11 22.82 32.97
CA THR E 270 52.51 24.14 33.16
C THR E 270 53.26 24.86 34.26
N GLY E 271 53.62 26.11 34.00
CA GLY E 271 54.34 26.91 34.99
C GLY E 271 53.46 27.41 36.11
N TYR E 272 53.33 28.73 36.23
CA TYR E 272 52.51 29.30 37.29
C TYR E 272 51.02 29.18 36.91
N PRO E 273 50.15 28.88 37.88
CA PRO E 273 48.71 28.72 37.59
C PRO E 273 47.99 30.04 37.39
N GLY E 274 48.22 30.66 36.23
CA GLY E 274 47.56 31.91 35.90
C GLY E 274 48.52 33.07 35.73
N LYS E 275 48.40 34.08 36.60
CA LYS E 275 49.22 35.28 36.56
C LYS E 275 49.14 35.96 35.20
N MET E 276 49.98 35.54 34.26
CA MET E 276 49.98 36.11 32.92
C MET E 276 49.42 35.12 31.91
N LYS E 277 48.19 34.65 32.15
CA LYS E 277 47.49 33.68 31.30
C LYS E 277 48.20 32.34 31.31
N SER E 278 47.50 31.28 31.72
CA SER E 278 48.11 29.96 31.84
C SER E 278 48.44 29.43 30.44
N GLN E 279 49.73 29.24 30.18
CA GLN E 279 50.20 28.71 28.91
C GLN E 279 50.77 27.32 29.16
N ILE E 280 49.93 26.30 28.95
CA ILE E 280 50.38 24.92 29.09
C ILE E 280 51.32 24.60 27.94
N ALA E 281 52.52 24.13 28.26
CA ALA E 281 53.57 23.90 27.28
C ALA E 281 53.70 22.40 27.02
N ILE E 282 53.44 22.00 25.78
CA ILE E 282 53.65 20.63 25.34
C ILE E 282 55.05 20.55 24.74
N HIS E 283 55.92 19.76 25.37
CA HIS E 283 57.31 19.61 24.98
C HIS E 283 57.57 18.22 24.44
N HIS E 284 58.71 18.08 23.77
CA HIS E 284 59.18 16.81 23.23
C HIS E 284 60.56 16.51 23.79
N LEU E 285 60.98 15.25 23.65
CA LEU E 285 62.29 14.84 24.11
C LEU E 285 63.38 15.56 23.35
N ALA E 286 64.41 16.00 24.08
CA ALA E 286 65.55 16.72 23.50
C ALA E 286 65.10 17.97 22.76
N HIS E 287 64.13 18.67 23.33
CA HIS E 287 63.59 19.90 22.74
C HIS E 287 63.45 20.95 23.84
N PRO E 288 64.32 21.98 23.86
CA PRO E 288 64.19 23.01 24.89
C PRO E 288 62.97 23.90 24.71
N GLN E 289 62.54 24.12 23.46
CA GLN E 289 61.37 24.95 23.21
C GLN E 289 60.11 24.10 23.17
N PRO E 290 58.99 24.63 23.65
CA PRO E 290 57.73 23.85 23.65
C PRO E 290 57.22 23.66 22.22
N ILE E 291 56.88 22.42 21.89
CA ILE E 291 56.32 22.13 20.57
C ILE E 291 54.87 22.57 20.45
N LEU E 292 54.22 22.90 21.57
CA LEU E 292 52.86 23.43 21.52
C LEU E 292 52.62 24.29 22.76
N ILE E 293 51.72 25.27 22.62
CA ILE E 293 51.33 26.13 23.73
C ILE E 293 49.82 26.28 23.71
N GLY E 294 49.17 25.99 24.84
CA GLY E 294 47.74 26.14 24.98
C GLY E 294 47.42 27.27 25.95
N THR E 295 46.59 28.21 25.49
CA THR E 295 46.24 29.38 26.27
C THR E 295 44.96 29.13 27.07
N ALA E 296 44.98 29.55 28.34
CA ALA E 296 43.82 29.42 29.21
C ALA E 296 43.82 30.58 30.18
N PRO E 297 42.64 30.97 30.71
CA PRO E 297 42.62 32.05 31.69
C PRO E 297 43.31 31.69 33.00
N VAL E 298 43.28 30.43 33.40
CA VAL E 298 43.94 29.98 34.62
C VAL E 298 44.22 28.50 34.48
N GLY E 299 45.16 28.00 35.27
CA GLY E 299 45.55 26.60 35.22
C GLY E 299 45.21 25.83 36.48
N SER E 300 44.41 24.78 36.34
CA SER E 300 44.01 23.95 37.49
C SER E 300 43.63 22.56 37.03
N GLY E 301 44.63 21.73 36.73
CA GLY E 301 44.36 20.37 36.28
C GLY E 301 45.13 20.06 35.01
N LEU E 302 45.69 18.84 34.97
CA LEU E 302 46.47 18.40 33.83
C LEU E 302 46.43 16.88 33.77
N SER E 303 46.25 16.35 32.56
CA SER E 303 46.20 14.91 32.35
C SER E 303 46.53 14.62 30.89
N TRP E 304 46.73 13.33 30.59
CA TRP E 304 47.07 12.87 29.26
C TRP E 304 46.15 11.72 28.87
N HIS E 305 45.67 11.75 27.63
CA HIS E 305 44.80 10.70 27.14
C HIS E 305 45.63 9.49 26.70
N ARG E 306 44.97 8.32 26.72
CA ARG E 306 45.65 7.07 26.38
C ARG E 306 45.50 6.68 24.92
N ARG E 307 44.51 7.23 24.22
CA ARG E 307 44.30 6.90 22.81
C ARG E 307 45.04 7.89 21.90
N LEU E 308 44.71 9.17 22.01
CA LEU E 308 45.34 10.21 21.22
C LEU E 308 46.09 11.17 22.13
N PRO E 309 47.16 11.81 21.64
CA PRO E 309 47.89 12.77 22.48
C PRO E 309 47.06 13.99 22.83
N LEU E 310 46.13 13.80 23.77
CA LEU E 310 45.19 14.84 24.17
C LEU E 310 45.43 15.26 25.61
N CYS E 311 45.32 16.56 25.86
CA CYS E 311 45.48 17.13 27.20
C CYS E 311 44.25 17.96 27.53
N VAL E 312 43.94 18.04 28.83
CA VAL E 312 42.79 18.78 29.33
C VAL E 312 43.23 19.68 30.46
N VAL E 313 42.68 20.89 30.51
CA VAL E 313 43.02 21.87 31.53
C VAL E 313 41.73 22.49 32.06
N GLY E 314 41.56 22.48 33.38
CA GLY E 314 40.39 23.07 34.00
C GLY E 314 40.64 24.51 34.43
N GLY E 315 39.56 25.29 34.44
CA GLY E 315 39.66 26.68 34.83
C GLY E 315 38.40 27.20 35.51
N TYR E 316 37.90 28.35 35.06
CA TYR E 316 36.71 28.96 35.64
C TYR E 316 35.48 28.27 35.07
N ARG E 317 35.08 27.18 35.74
CA ARG E 317 33.91 26.37 35.38
C ARG E 317 34.00 25.84 33.95
N LYS E 318 35.20 25.77 33.38
CA LYS E 318 35.39 25.33 32.01
C LYS E 318 36.53 24.32 31.93
N LEU E 319 36.51 23.54 30.86
CA LEU E 319 37.55 22.55 30.58
C LEU E 319 37.96 22.72 29.12
N PHE E 320 39.24 22.97 28.90
CA PHE E 320 39.79 23.18 27.57
C PHE E 320 40.63 21.98 27.16
N PHE E 321 40.40 21.49 25.95
CA PHE E 321 41.11 20.32 25.43
C PHE E 321 42.05 20.75 24.31
N TRP E 322 43.18 20.05 24.21
CA TRP E 322 44.17 20.29 23.18
C TRP E 322 44.72 18.97 22.69
N LEU E 323 45.19 18.96 21.45
CA LEU E 323 45.77 17.77 20.84
C LEU E 323 47.15 18.10 20.30
N THR E 324 48.06 17.13 20.41
CA THR E 324 49.43 17.30 19.94
C THR E 324 49.54 16.92 18.47
N GLU E 325 50.40 17.64 17.74
CA GLU E 325 50.58 17.36 16.32
C GLU E 325 51.31 16.04 16.10
N MET E 326 52.17 15.64 17.03
CA MET E 326 52.91 14.39 16.91
C MET E 326 52.02 13.19 17.14
N THR F 238 -32.31 91.03 -18.08
CA THR F 238 -33.31 91.88 -17.46
C THR F 238 -34.72 91.45 -17.86
N LEU F 239 -35.55 91.14 -16.87
CA LEU F 239 -36.92 90.71 -17.12
C LEU F 239 -37.86 91.90 -17.01
N MET F 240 -38.67 92.11 -18.05
CA MET F 240 -39.61 93.22 -18.05
C MET F 240 -40.92 92.92 -18.75
N ILE F 241 -41.13 91.70 -19.26
CA ILE F 241 -42.37 91.38 -19.94
C ILE F 241 -43.49 91.19 -18.92
N ASP F 242 -44.73 91.20 -19.42
CA ASP F 242 -45.89 91.04 -18.56
C ASP F 242 -46.07 89.58 -18.16
N MET F 243 -46.50 89.38 -16.92
CA MET F 243 -46.73 88.05 -16.37
C MET F 243 -48.22 87.85 -16.07
N GLY F 244 -48.58 86.60 -15.81
CA GLY F 244 -49.96 86.28 -15.48
C GLY F 244 -50.16 85.93 -14.03
N LEU F 245 -49.51 84.86 -13.57
CA LEU F 245 -49.62 84.42 -12.19
C LEU F 245 -48.33 83.71 -11.79
N PHE F 246 -47.71 84.17 -10.70
CA PHE F 246 -46.46 83.57 -10.23
C PHE F 246 -46.29 83.91 -8.76
N MET F 247 -46.14 82.89 -7.93
CA MET F 247 -45.93 83.06 -6.50
C MET F 247 -44.44 83.25 -6.24
N GLY F 248 -44.01 83.03 -4.99
CA GLY F 248 -42.61 83.19 -4.66
C GLY F 248 -42.18 84.65 -4.70
N ARG F 249 -40.91 84.87 -5.01
CA ARG F 249 -40.36 86.21 -5.07
C ARG F 249 -39.07 86.17 -5.88
N SER F 250 -38.58 87.36 -6.24
CA SER F 250 -37.34 87.51 -6.99
C SER F 250 -36.29 88.34 -6.27
N PHE F 251 -36.68 89.16 -5.29
CA PHE F 251 -35.73 90.01 -4.58
C PHE F 251 -36.37 90.43 -3.26
N ARG F 252 -35.59 90.36 -2.18
CA ARG F 252 -36.07 90.68 -0.84
C ARG F 252 -35.16 91.69 -0.17
N VAL F 253 -35.75 92.66 0.52
CA VAL F 253 -35.03 93.65 1.28
C VAL F 253 -35.38 93.50 2.76
N GLY F 254 -34.61 94.16 3.60
CA GLY F 254 -34.86 94.09 5.03
C GLY F 254 -33.90 94.97 5.81
N TRP F 255 -34.02 94.87 7.13
CA TRP F 255 -33.19 95.61 8.06
C TRP F 255 -32.21 94.67 8.75
N GLY F 256 -31.27 95.26 9.48
CA GLY F 256 -30.25 94.51 10.18
C GLY F 256 -29.65 95.29 11.33
N PRO F 257 -29.00 94.57 12.25
CA PRO F 257 -28.47 95.20 13.46
C PRO F 257 -27.46 96.29 13.14
N ASN F 258 -27.12 97.07 14.17
CA ASN F 258 -26.34 98.30 14.05
C ASN F 258 -27.04 99.31 13.15
N TRP F 259 -28.36 99.20 13.02
CA TRP F 259 -29.18 100.11 12.22
C TRP F 259 -28.71 100.13 10.77
N THR F 260 -28.84 98.99 10.10
CA THR F 260 -28.41 98.84 8.72
C THR F 260 -29.58 98.40 7.85
N LEU F 261 -29.48 98.71 6.56
CA LEU F 261 -30.50 98.36 5.57
C LEU F 261 -29.87 97.53 4.46
N VAL F 262 -30.46 96.36 4.18
CA VAL F 262 -30.00 95.48 3.13
C VAL F 262 -31.08 95.48 2.05
N HIS F 263 -30.83 96.15 0.93
CA HIS F 263 -31.85 96.35 -0.09
C HIS F 263 -31.33 95.90 -1.45
N ASN F 264 -32.28 95.52 -2.32
CA ASN F 264 -31.94 95.17 -3.68
C ASN F 264 -31.85 96.41 -4.56
N GLY F 265 -31.23 96.26 -5.72
CA GLY F 265 -31.08 97.35 -6.66
C GLY F 265 -30.05 98.36 -6.21
N ASP F 266 -29.92 99.43 -7.00
CA ASP F 266 -28.97 100.49 -6.72
C ASP F 266 -29.62 101.56 -5.85
N LYS F 267 -28.97 102.71 -5.73
CA LYS F 267 -29.50 103.81 -4.93
C LYS F 267 -29.68 105.07 -5.78
N LEU F 268 -30.57 105.01 -6.77
CA LEU F 268 -30.81 106.15 -7.63
C LEU F 268 -31.74 107.18 -7.00
N SER F 269 -32.53 106.79 -6.01
CA SER F 269 -33.44 107.72 -5.36
C SER F 269 -32.75 108.68 -4.39
N GLU F 270 -31.55 108.32 -3.92
CA GLU F 270 -30.79 109.15 -3.00
C GLU F 270 -29.59 109.81 -3.64
N ARG F 271 -28.81 109.04 -4.42
CA ARG F 271 -27.62 109.55 -5.08
C ARG F 271 -27.86 109.70 -6.57
N LEU F 272 -27.28 110.75 -7.15
CA LEU F 272 -27.42 111.04 -8.57
C LEU F 272 -26.10 111.11 -9.32
N ASN F 273 -24.99 111.40 -8.67
CA ASN F 273 -23.70 111.47 -9.34
C ASN F 273 -23.25 110.08 -9.80
N ALA F 274 -22.32 110.07 -10.74
CA ALA F 274 -21.80 108.81 -11.27
C ALA F 274 -20.86 108.11 -10.31
N GLU F 275 -20.34 108.80 -9.30
CA GLU F 275 -19.42 108.21 -8.32
C GLU F 275 -20.25 107.52 -7.24
N GLU F 276 -20.78 106.35 -7.59
CA GLU F 276 -21.58 105.54 -6.69
C GLU F 276 -20.93 104.16 -6.52
N ASP F 277 -20.78 103.74 -5.27
CA ASP F 277 -20.19 102.45 -4.96
C ASP F 277 -21.21 101.35 -5.22
N ARG F 278 -20.89 100.44 -6.13
CA ARG F 278 -21.76 99.32 -6.46
C ARG F 278 -21.35 98.08 -5.67
N ASP F 279 -22.34 97.28 -5.31
CA ASP F 279 -22.13 96.04 -4.55
C ASP F 279 -21.40 96.32 -3.23
N MET F 280 -21.95 97.27 -2.48
CA MET F 280 -21.36 97.71 -1.23
C MET F 280 -21.97 96.96 -0.05
N ASP F 281 -21.12 96.50 0.86
CA ASP F 281 -21.56 95.86 2.09
C ASP F 281 -21.63 96.83 3.26
N THR F 282 -21.08 98.04 3.11
CA THR F 282 -21.12 99.03 4.16
C THR F 282 -20.91 100.40 3.52
N ILE F 283 -20.95 101.44 4.36
CA ILE F 283 -20.75 102.80 3.86
C ILE F 283 -19.27 103.00 3.52
N ASP F 284 -19.01 103.74 2.45
CA ASP F 284 -17.67 104.07 1.99
C ASP F 284 -16.88 102.81 1.62
N TYR F 285 -16.85 102.48 0.32
CA TYR F 285 -16.07 101.38 -0.24
C TYR F 285 -16.55 100.02 0.28
N GLY F 286 -17.27 99.28 -0.55
CA GLY F 286 -17.72 97.95 -0.20
C GLY F 286 -17.20 96.89 -1.15
N PHE F 287 -17.67 96.95 -2.41
CA PHE F 287 -17.22 96.07 -3.48
C PHE F 287 -17.46 94.60 -3.18
N LEU F 288 -18.61 94.07 -3.61
CA LEU F 288 -18.94 92.66 -3.48
C LEU F 288 -18.76 91.95 -4.82
N PRO F 289 -18.15 90.76 -4.83
CA PRO F 289 -17.95 90.04 -6.09
C PRO F 289 -19.26 89.62 -6.73
N LYS F 290 -19.64 90.30 -7.81
CA LYS F 290 -20.86 90.01 -8.56
C LYS F 290 -20.50 89.91 -10.04
N PRO F 291 -20.03 88.73 -10.48
CA PRO F 291 -19.67 88.58 -11.90
C PRO F 291 -20.87 88.51 -12.83
N THR F 292 -22.09 88.56 -12.32
CA THR F 292 -23.28 88.50 -13.16
C THR F 292 -23.63 89.82 -13.81
N SER F 293 -22.80 90.85 -13.66
CA SER F 293 -23.08 92.14 -14.28
C SER F 293 -22.86 92.08 -15.78
N ALA F 294 -21.75 91.48 -16.21
CA ALA F 294 -21.47 91.37 -17.64
C ALA F 294 -22.30 90.29 -18.32
N LYS F 295 -22.74 89.29 -17.58
CA LYS F 295 -23.56 88.20 -18.13
C LYS F 295 -25.01 88.64 -18.12
N SER F 296 -25.47 89.17 -19.25
CA SER F 296 -26.84 89.66 -19.35
C SER F 296 -27.57 89.00 -20.52
N LEU F 297 -28.28 89.80 -21.31
CA LEU F 297 -29.04 89.32 -22.46
C LEU F 297 -30.03 88.23 -22.07
N THR F 298 -29.55 87.00 -21.95
CA THR F 298 -30.39 85.86 -21.56
C THR F 298 -30.40 85.64 -20.05
N GLU F 299 -29.97 86.62 -19.26
CA GLU F 299 -29.96 86.49 -17.82
C GLU F 299 -30.15 87.87 -17.19
N SER F 300 -30.89 87.90 -16.08
CA SER F 300 -31.15 89.16 -15.39
C SER F 300 -30.12 89.37 -14.30
N PRO F 301 -29.49 90.55 -14.23
CA PRO F 301 -28.51 90.80 -13.17
C PRO F 301 -29.17 90.89 -11.81
N PHE F 302 -28.37 90.61 -10.77
CA PHE F 302 -28.84 90.65 -9.39
C PHE F 302 -27.75 91.26 -8.53
N LYS F 303 -28.14 92.23 -7.69
CA LYS F 303 -27.18 92.91 -6.83
C LYS F 303 -27.90 93.39 -5.58
N VAL F 304 -27.28 93.17 -4.43
CA VAL F 304 -27.82 93.58 -3.13
C VAL F 304 -26.80 94.48 -2.45
N HIS F 305 -27.28 95.54 -1.82
CA HIS F 305 -26.44 96.52 -1.16
C HIS F 305 -26.82 96.67 0.31
N VAL F 306 -25.81 96.60 1.17
CA VAL F 306 -25.96 96.83 2.60
C VAL F 306 -25.38 98.19 2.92
N GLU F 307 -26.20 99.05 3.53
CA GLU F 307 -25.79 100.41 3.83
C GLU F 307 -26.29 100.81 5.22
N LYS F 308 -25.86 102.00 5.65
CA LYS F 308 -26.26 102.57 6.93
C LYS F 308 -26.67 104.02 6.70
N LEU F 309 -27.79 104.42 7.30
CA LEU F 309 -28.32 105.77 7.12
C LEU F 309 -27.37 106.78 7.75
N SER F 310 -26.73 107.61 6.91
CA SER F 310 -25.80 108.64 7.39
C SER F 310 -25.74 109.72 6.32
N LEU F 311 -26.70 110.65 6.37
CA LEU F 311 -26.79 111.71 5.37
C LEU F 311 -25.90 112.89 5.76
N GLU F 312 -25.81 113.85 4.83
CA GLU F 312 -25.04 115.07 5.02
C GLU F 312 -23.57 114.76 5.30
N GLN F 313 -22.86 115.73 5.90
CA GLN F 313 -21.46 115.57 6.22
C GLN F 313 -21.11 116.50 7.36
N LYS F 314 -20.44 115.96 8.38
CA LYS F 314 -20.05 116.71 9.57
C LYS F 314 -18.54 116.87 9.59
N THR F 315 -18.08 118.11 9.45
CA THR F 315 -16.65 118.41 9.49
C THR F 315 -16.32 119.33 10.66
N LYS F 316 -16.63 120.62 10.56
CA LYS F 316 -16.41 121.56 11.66
C LYS F 316 -17.61 121.72 12.57
N ASP F 317 -18.71 121.02 12.28
CA ASP F 317 -19.90 121.10 13.12
C ASP F 317 -19.76 120.34 14.43
N LEU F 318 -18.64 119.61 14.62
CA LEU F 318 -18.47 118.81 15.82
C LEU F 318 -18.46 119.69 17.07
N GLN F 319 -17.62 120.74 17.07
CA GLN F 319 -17.56 121.61 18.24
C GLN F 319 -18.85 122.41 18.41
N SER F 320 -19.48 122.81 17.30
CA SER F 320 -20.72 123.56 17.39
C SER F 320 -21.86 122.73 17.96
N TYR F 321 -21.83 121.42 17.74
CA TYR F 321 -22.80 120.52 18.37
C TYR F 321 -22.37 120.07 19.76
N LEU F 322 -21.08 120.15 20.07
CA LEU F 322 -20.58 119.68 21.36
C LEU F 322 -20.76 120.74 22.45
N LEU F 323 -20.54 122.01 22.11
CA LEU F 323 -20.60 123.06 23.13
C LEU F 323 -21.96 123.14 23.83
N PRO F 324 -23.09 123.24 23.14
CA PRO F 324 -24.37 123.24 23.89
C PRO F 324 -24.64 121.93 24.60
N LEU F 325 -24.24 120.81 24.01
CA LEU F 325 -24.40 119.52 24.68
C LEU F 325 -23.53 119.43 25.93
N GLU F 326 -22.28 119.89 25.83
CA GLU F 326 -21.40 119.87 26.99
C GLU F 326 -21.83 120.87 28.06
N ILE F 327 -22.57 121.92 27.69
CA ILE F 327 -23.12 122.82 28.70
C ILE F 327 -24.34 122.19 29.37
N GLU F 328 -25.22 121.58 28.58
CA GLU F 328 -26.40 120.95 29.14
C GLU F 328 -26.05 119.75 30.02
N LEU F 329 -24.95 119.05 29.71
CA LEU F 329 -24.54 117.92 30.52
C LEU F 329 -24.21 118.36 31.95
N LYS F 330 -23.57 119.52 32.09
CA LYS F 330 -23.28 120.03 33.43
C LYS F 330 -24.47 120.76 34.03
N ASN F 331 -25.37 121.28 33.20
CA ASN F 331 -26.54 121.98 33.72
C ASN F 331 -27.54 121.00 34.33
N SER F 332 -27.74 119.85 33.68
CA SER F 332 -28.70 118.86 34.16
C SER F 332 -28.07 117.96 35.21
N THR F 333 -28.92 117.21 35.90
CA THR F 333 -28.46 116.29 36.93
C THR F 333 -27.93 115.00 36.30
N VAL F 334 -26.82 114.51 36.84
CA VAL F 334 -26.19 113.30 36.34
C VAL F 334 -25.97 112.33 37.50
N ASP F 335 -27.01 112.08 38.29
CA ASP F 335 -26.95 111.19 39.43
C ASP F 335 -27.98 110.08 39.28
N LYS F 336 -27.81 109.02 40.07
CA LYS F 336 -28.72 107.89 40.03
C LYS F 336 -29.94 108.15 40.90
N SER F 337 -31.01 107.38 40.63
CA SER F 337 -32.26 107.50 41.37
C SER F 337 -32.89 106.11 41.44
N GLY F 338 -32.45 105.33 42.43
CA GLY F 338 -32.94 103.98 42.62
C GLY F 338 -32.07 102.95 41.94
N PRO F 339 -32.69 101.84 41.51
CA PRO F 339 -31.92 100.80 40.82
C PRO F 339 -31.41 101.24 39.45
N CYS F 340 -32.33 101.68 38.59
CA CYS F 340 -31.93 102.14 37.27
C CYS F 340 -31.54 103.62 37.33
N PRO F 341 -30.44 104.01 36.70
CA PRO F 341 -30.02 105.41 36.74
C PRO F 341 -31.02 106.34 36.07
N HIS F 342 -31.78 107.08 36.87
CA HIS F 342 -32.76 108.03 36.39
C HIS F 342 -32.20 109.44 36.53
N PHE F 343 -32.21 110.20 35.44
CA PHE F 343 -31.72 111.57 35.43
C PHE F 343 -32.90 112.53 35.56
N ARG F 344 -32.73 113.56 36.38
CA ARG F 344 -33.81 114.52 36.59
C ARG F 344 -33.48 115.85 35.90
N PRO F 345 -34.46 116.45 35.23
CA PRO F 345 -34.21 117.73 34.57
C PRO F 345 -34.14 118.88 35.55
N ASN F 346 -33.29 119.85 35.24
CA ASN F 346 -33.10 121.03 36.06
C ASN F 346 -33.48 122.28 35.27
N PRO F 347 -34.27 123.18 35.85
CA PRO F 347 -34.65 124.42 35.12
C PRO F 347 -33.45 125.35 35.01
N GLY F 348 -33.05 125.62 33.77
CA GLY F 348 -31.90 126.48 33.53
C GLY F 348 -32.18 127.56 32.51
N VAL F 349 -32.86 128.64 32.93
CA VAL F 349 -33.15 129.76 32.03
C VAL F 349 -31.98 130.71 31.89
N THR F 350 -30.90 130.50 32.64
CA THR F 350 -29.72 131.35 32.57
C THR F 350 -28.73 130.91 31.51
N ALA F 351 -29.07 129.90 30.71
CA ALA F 351 -28.19 129.42 29.66
C ALA F 351 -28.55 129.98 28.29
N ILE F 352 -29.72 130.60 28.15
CA ILE F 352 -30.13 131.13 26.85
C ILE F 352 -29.23 132.28 26.43
N HIS F 353 -28.96 133.21 27.35
CA HIS F 353 -28.07 134.32 27.03
C HIS F 353 -26.65 133.84 26.80
N ASP F 354 -26.20 132.80 27.51
CA ASP F 354 -24.88 132.25 27.26
C ASP F 354 -24.78 131.63 25.88
N TYR F 355 -25.81 130.90 25.47
CA TYR F 355 -25.83 130.33 24.11
C TYR F 355 -25.86 131.43 23.06
N ALA F 356 -26.62 132.49 23.30
CA ALA F 356 -26.66 133.61 22.36
C ALA F 356 -25.30 134.28 22.24
N GLY F 357 -24.63 134.51 23.37
CA GLY F 357 -23.29 135.09 23.33
C GLY F 357 -22.28 134.20 22.64
N TRP F 358 -22.38 132.89 22.86
CA TRP F 358 -21.50 131.96 22.18
C TRP F 358 -21.72 131.96 20.68
N VAL F 359 -22.98 132.01 20.26
CA VAL F 359 -23.29 132.08 18.83
C VAL F 359 -22.76 133.38 18.24
N ARG F 360 -22.91 134.49 18.95
CA ARG F 360 -22.40 135.77 18.47
C ARG F 360 -20.88 135.75 18.34
N ASN F 361 -20.20 135.18 19.34
CA ASN F 361 -18.73 135.10 19.28
C ASN F 361 -18.28 134.20 18.14
N PHE F 362 -18.99 133.09 17.92
CA PHE F 362 -18.64 132.19 16.82
C PHE F 362 -18.82 132.88 15.47
N SER F 363 -19.94 133.60 15.30
CA SER F 363 -20.15 134.34 14.06
C SER F 363 -19.15 135.47 13.91
N SER F 364 -18.62 136.00 15.02
CA SER F 364 -17.62 137.05 14.95
C SER F 364 -16.27 136.51 14.49
N GLU F 365 -15.77 135.47 15.17
CA GLU F 365 -14.47 134.92 14.83
C GLU F 365 -14.52 133.89 13.70
N ALA F 366 -15.67 133.68 13.08
CA ALA F 366 -15.81 132.76 11.96
C ALA F 366 -16.52 133.46 10.83
N ALA F 367 -15.85 133.58 9.67
CA ALA F 367 -16.44 134.21 8.50
C ALA F 367 -17.34 133.28 7.71
N GLU F 368 -17.26 131.97 7.94
CA GLU F 368 -18.10 130.99 7.24
C GLU F 368 -19.41 130.72 7.96
N VAL F 369 -19.98 131.72 8.61
CA VAL F 369 -21.25 131.54 9.31
C VAL F 369 -22.39 131.40 8.32
N GLU F 370 -23.15 130.31 8.43
CA GLU F 370 -24.27 130.07 7.53
C GLU F 370 -25.53 130.72 8.08
N ALA F 371 -26.65 130.51 7.39
CA ALA F 371 -27.92 131.07 7.82
C ALA F 371 -28.48 130.32 9.03
N VAL F 372 -28.11 129.05 9.19
CA VAL F 372 -28.61 128.26 10.31
C VAL F 372 -28.08 128.84 11.63
N VAL F 373 -26.83 129.30 11.64
CA VAL F 373 -26.26 129.88 12.85
C VAL F 373 -26.99 131.17 13.20
N LYS F 374 -27.29 132.00 12.21
CA LYS F 374 -28.02 133.23 12.47
C LYS F 374 -29.44 132.94 12.97
N GLN F 375 -30.08 131.91 12.40
CA GLN F 375 -31.41 131.53 12.86
C GLN F 375 -31.37 131.06 14.31
N TRP F 376 -30.38 130.22 14.65
CA TRP F 376 -30.23 129.78 16.03
C TRP F 376 -29.98 130.96 16.97
N GLY F 377 -29.14 131.90 16.54
CA GLY F 377 -28.86 133.05 17.38
C GLY F 377 -30.08 133.92 17.62
N LEU F 378 -30.86 134.18 16.57
CA LEU F 378 -32.05 135.01 16.75
C LEU F 378 -33.13 134.28 17.56
N THR F 379 -33.24 132.96 17.39
CA THR F 379 -34.20 132.22 18.22
C THR F 379 -33.77 132.22 19.69
N TRP F 380 -32.47 132.10 19.95
CA TRP F 380 -32.00 132.17 21.33
C TRP F 380 -32.20 133.57 21.91
N THR F 381 -32.00 134.61 21.11
CA THR F 381 -32.26 135.95 21.58
C THR F 381 -33.75 136.15 21.90
N LEU F 382 -34.62 135.60 21.05
CA LEU F 382 -36.05 135.69 21.32
C LEU F 382 -36.43 134.94 22.59
N CYS F 383 -35.86 133.75 22.80
CA CYS F 383 -36.14 132.99 24.01
C CYS F 383 -35.61 133.71 25.25
N GLU F 384 -34.48 134.40 25.13
CA GLU F 384 -33.96 135.16 26.27
C GLU F 384 -34.84 136.37 26.57
N SER F 385 -35.33 137.04 25.52
CA SER F 385 -36.25 138.16 25.73
C SER F 385 -37.58 137.67 26.30
N LEU F 386 -37.94 136.43 26.02
CA LEU F 386 -39.20 135.88 26.53
C LEU F 386 -39.06 135.40 27.98
N TRP F 387 -38.37 134.28 28.18
CA TRP F 387 -38.27 133.66 29.49
C TRP F 387 -36.95 133.94 30.21
N GLY F 388 -35.95 134.44 29.50
CA GLY F 388 -34.66 134.69 30.11
C GLY F 388 -34.69 135.90 31.04
N GLN F 389 -33.49 136.29 31.47
CA GLN F 389 -33.35 137.42 32.39
C GLN F 389 -33.64 138.72 31.65
N LEU F 390 -34.59 139.50 32.19
CA LEU F 390 -34.98 140.78 31.60
C LEU F 390 -34.34 141.96 32.33
N LYS F 391 -33.10 141.79 32.80
CA LYS F 391 -32.36 142.83 33.52
C LYS F 391 -33.15 143.30 34.75
N GLU F 392 -33.44 142.36 35.63
CA GLU F 392 -34.19 142.61 36.85
C GLU F 392 -33.24 142.74 38.04
N LEU F 393 -33.70 143.45 39.07
CA LEU F 393 -32.94 143.67 40.30
C LEU F 393 -31.60 144.33 40.01
N GLU F 394 -31.59 145.29 39.10
CA GLU F 394 -30.39 146.02 38.74
C GLU F 394 -30.27 147.29 39.56
N ALA F 395 -29.03 147.74 39.75
CA ALA F 395 -28.71 148.94 40.52
C ALA F 395 -29.26 148.85 41.93
N SER F 396 -28.51 148.21 42.82
CA SER F 396 -28.89 148.02 44.23
C SER F 396 -30.20 147.24 44.27
N LEU F 397 -31.06 147.53 45.24
CA LEU F 397 -32.34 146.85 45.39
C LEU F 397 -33.46 147.73 44.85
N ASP F 398 -33.49 147.85 43.52
CA ASP F 398 -34.48 148.65 42.82
C ASP F 398 -34.98 147.87 41.61
N GLU F 399 -36.25 147.49 41.63
CA GLU F 399 -36.85 146.73 40.55
C GLU F 399 -37.95 147.55 39.86
N PRO F 400 -38.13 147.36 38.56
CA PRO F 400 -39.18 148.11 37.85
C PRO F 400 -40.57 147.58 38.19
N ASN F 401 -41.57 148.37 37.81
CA ASN F 401 -42.96 148.01 38.04
C ASN F 401 -43.46 147.11 36.91
N GLU F 402 -44.76 146.79 36.96
CA GLU F 402 -45.34 145.91 35.94
C GLU F 402 -45.37 146.60 34.57
N TYR F 403 -45.79 147.87 34.53
CA TYR F 403 -45.82 148.59 33.27
C TYR F 403 -44.41 148.81 32.73
N VAL F 404 -43.44 149.07 33.62
CA VAL F 404 -42.06 149.24 33.17
C VAL F 404 -41.51 147.94 32.62
N LYS F 405 -41.84 146.81 33.26
CA LYS F 405 -41.40 145.52 32.75
C LYS F 405 -42.04 145.20 31.41
N ASN F 406 -43.32 145.56 31.24
CA ASN F 406 -43.98 145.36 29.95
C ASN F 406 -43.34 146.21 28.86
N LEU F 407 -43.00 147.46 29.18
CA LEU F 407 -42.32 148.32 28.22
C LEU F 407 -40.93 147.78 27.88
N GLU F 408 -40.23 147.23 28.87
CA GLU F 408 -38.92 146.64 28.61
C GLU F 408 -39.04 145.41 27.71
N ARG F 409 -40.07 144.58 27.95
CA ARG F 409 -40.30 143.43 27.07
C ARG F 409 -40.62 143.88 25.66
N ARG F 410 -41.43 144.94 25.51
CA ARG F 410 -41.78 145.44 24.19
C ARG F 410 -40.54 145.97 23.47
N LYS F 411 -39.69 146.73 24.18
CA LYS F 411 -38.49 147.26 23.54
C LYS F 411 -37.48 146.16 23.23
N ALA F 412 -37.46 145.10 24.03
CA ALA F 412 -36.58 143.96 23.72
C ALA F 412 -37.06 143.24 22.47
N PHE F 413 -38.37 143.03 22.35
CA PHE F 413 -38.92 142.43 21.13
C PHE F 413 -38.66 143.31 19.92
N SER F 414 -38.75 144.64 20.10
CA SER F 414 -38.46 145.57 19.01
C SER F 414 -37.00 145.48 18.59
N HIS F 415 -36.09 145.41 19.56
CA HIS F 415 -34.67 145.28 19.25
C HIS F 415 -34.37 143.95 18.55
N TRP F 416 -35.06 142.88 18.97
CA TRP F 416 -34.88 141.60 18.30
C TRP F 416 -35.36 141.65 16.85
N LEU F 417 -36.53 142.26 16.63
CA LEU F 417 -37.03 142.40 15.26
C LEU F 417 -36.10 143.25 14.41
N ALA F 418 -35.55 144.32 14.99
CA ALA F 418 -34.61 145.16 14.25
C ALA F 418 -33.34 144.40 13.91
N GLN F 419 -32.83 143.60 14.86
CA GLN F 419 -31.63 142.81 14.59
C GLN F 419 -31.88 141.74 13.55
N THR F 420 -33.10 141.20 13.50
CA THR F 420 -33.42 140.20 12.48
C THR F 420 -33.64 140.82 11.10
N ALA F 421 -34.14 142.05 11.05
CA ALA F 421 -34.41 142.71 9.78
C ALA F 421 -33.24 143.54 9.26
N GLN F 422 -32.22 143.78 10.08
CA GLN F 422 -31.09 144.59 9.64
C GLN F 422 -30.33 143.93 8.48
N GLU F 423 -30.34 142.60 8.42
CA GLU F 423 -29.69 141.93 7.30
C GLU F 423 -30.38 142.26 5.99
N ARG F 424 -31.71 142.13 5.95
CA ARG F 424 -32.45 142.47 4.75
C ARG F 424 -32.33 143.94 4.42
N ILE F 425 -32.31 144.80 5.44
CA ILE F 425 -32.16 146.23 5.20
C ILE F 425 -30.81 146.53 4.57
N GLU F 426 -29.75 145.87 5.05
CA GLU F 426 -28.43 146.06 4.48
C GLU F 426 -28.37 145.54 3.05
N GLU F 427 -29.01 144.40 2.77
CA GLU F 427 -29.03 143.89 1.40
C GLU F 427 -29.75 144.86 0.47
N GLU F 428 -30.89 145.40 0.91
CA GLU F 428 -31.61 146.36 0.07
C GLU F 428 -30.82 147.64 -0.14
N VAL F 429 -30.09 148.09 0.89
CA VAL F 429 -29.28 149.29 0.76
C VAL F 429 -28.14 149.05 -0.23
N SER F 430 -27.48 147.89 -0.13
CA SER F 430 -26.41 147.57 -1.07
C SER F 430 -26.96 147.39 -2.49
N LEU F 431 -28.22 146.96 -2.61
CA LEU F 431 -28.81 146.79 -3.93
C LEU F 431 -29.11 148.15 -4.56
N TYR F 432 -29.86 149.00 -3.87
CA TYR F 432 -30.22 150.31 -4.40
C TYR F 432 -30.13 151.34 -3.28
N GLY F 433 -29.89 152.59 -3.68
CA GLY F 433 -29.80 153.69 -2.76
C GLY F 433 -30.28 154.99 -3.36
N PRO F 434 -29.34 155.81 -3.86
CA PRO F 434 -29.71 157.09 -4.49
C PRO F 434 -30.12 156.93 -5.95
N GLU F 435 -31.36 156.48 -6.14
CA GLU F 435 -31.89 156.28 -7.49
C GLU F 435 -33.35 156.72 -7.56
N ARG F 436 -34.27 155.78 -7.36
CA ARG F 436 -35.69 156.08 -7.43
C ARG F 436 -36.12 156.90 -6.21
N HIS F 437 -37.30 157.51 -6.32
CA HIS F 437 -37.82 158.37 -5.27
C HIS F 437 -38.84 157.64 -4.40
N ILE F 438 -40.12 157.74 -4.75
CA ILE F 438 -41.17 157.12 -3.95
C ILE F 438 -41.07 155.60 -3.99
N GLU F 439 -40.62 155.05 -5.12
CA GLU F 439 -40.46 153.60 -5.22
C GLU F 439 -39.43 153.08 -4.23
N ALA F 440 -38.46 153.92 -3.85
CA ALA F 440 -37.50 153.57 -2.82
C ALA F 440 -37.97 153.93 -1.42
N VAL F 441 -38.73 155.03 -1.29
CA VAL F 441 -39.28 155.40 0.01
C VAL F 441 -40.26 154.35 0.50
N PHE F 442 -40.93 153.66 -0.43
CA PHE F 442 -41.88 152.61 -0.05
C PHE F 442 -41.23 151.55 0.83
N SER F 443 -39.97 151.22 0.56
CA SER F 443 -39.22 150.29 1.41
C SER F 443 -38.40 150.99 2.47
N TYR F 444 -38.02 152.26 2.24
CA TYR F 444 -37.28 153.01 3.25
C TYR F 444 -38.12 153.21 4.50
N LEU F 445 -39.44 153.37 4.34
CA LEU F 445 -40.33 153.52 5.49
C LEU F 445 -40.38 152.24 6.31
N THR F 446 -40.40 151.08 5.65
CA THR F 446 -40.32 149.82 6.38
C THR F 446 -38.97 149.67 7.06
N GLY F 447 -37.90 150.11 6.41
CA GLY F 447 -36.58 150.10 7.01
C GLY F 447 -36.44 151.13 8.10
N GLY F 448 -35.86 152.27 7.77
CA GLY F 448 -35.66 153.37 8.70
C GLY F 448 -35.00 153.01 10.02
N ARG F 449 -33.68 152.97 10.04
CA ARG F 449 -32.96 152.70 11.29
C ARG F 449 -31.89 153.76 11.55
N ILE F 450 -30.63 153.44 11.29
CA ILE F 450 -29.53 154.39 11.45
C ILE F 450 -28.64 154.34 10.21
N SER F 451 -28.14 153.14 9.87
CA SER F 451 -27.37 152.99 8.66
C SER F 451 -28.21 153.30 7.42
N ASP F 452 -29.49 152.94 7.46
CA ASP F 452 -30.41 153.35 6.40
C ASP F 452 -30.89 154.78 6.60
N ALA F 453 -30.93 155.26 7.85
CA ALA F 453 -31.34 156.63 8.11
C ALA F 453 -30.35 157.63 7.53
N CYS F 454 -29.08 157.25 7.42
CA CYS F 454 -28.10 158.11 6.75
C CYS F 454 -28.51 158.35 5.30
N ARG F 455 -28.83 157.28 4.58
CA ARG F 455 -29.30 157.42 3.20
C ARG F 455 -30.64 158.15 3.14
N LEU F 456 -31.51 157.94 4.13
CA LEU F 456 -32.78 158.66 4.18
C LEU F 456 -32.54 160.17 4.25
N ALA F 457 -31.63 160.59 5.15
CA ALA F 457 -31.30 162.01 5.26
C ALA F 457 -30.64 162.53 4.00
N GLN F 458 -29.75 161.74 3.41
CA GLN F 458 -29.08 162.17 2.17
C GLN F 458 -30.07 162.34 1.03
N LYS F 459 -31.13 161.53 0.99
CA LYS F 459 -32.11 161.63 -0.07
C LYS F 459 -33.14 162.73 0.22
N SER F 460 -33.44 162.99 1.48
CA SER F 460 -34.42 164.02 1.83
C SER F 460 -33.79 165.40 1.89
N GLY F 461 -32.93 165.63 2.89
CA GLY F 461 -32.31 166.92 3.05
C GLY F 461 -31.49 167.03 4.33
N ASP F 462 -32.18 166.99 5.47
CA ASP F 462 -31.54 167.08 6.78
C ASP F 462 -31.65 165.75 7.51
N HIS F 463 -30.87 165.63 8.59
CA HIS F 463 -30.85 164.42 9.40
C HIS F 463 -31.54 164.57 10.74
N ARG F 464 -31.90 165.80 11.14
CA ARG F 464 -32.58 165.99 12.42
C ARG F 464 -33.96 165.35 12.43
N LEU F 465 -34.66 165.36 11.29
CA LEU F 465 -35.95 164.71 11.21
C LEU F 465 -35.82 163.20 11.19
N SER F 466 -34.79 162.69 10.50
CA SER F 466 -34.59 161.23 10.45
C SER F 466 -34.18 160.69 11.81
N LEU F 467 -33.36 161.43 12.56
CA LEU F 467 -32.96 160.97 13.88
C LEU F 467 -34.14 160.93 14.84
N LEU F 468 -35.13 161.81 14.64
CA LEU F 468 -36.32 161.79 15.49
C LEU F 468 -37.29 160.70 15.05
N LEU F 469 -37.39 160.46 13.73
CA LEU F 469 -38.27 159.41 13.24
C LEU F 469 -37.73 158.02 13.51
N SER F 470 -36.42 157.87 13.68
CA SER F 470 -35.85 156.55 13.98
C SER F 470 -36.31 156.06 15.35
N GLN F 471 -36.42 156.95 16.32
CA GLN F 471 -36.88 156.56 17.65
C GLN F 471 -38.38 156.32 17.65
N MET F 472 -38.80 155.33 18.43
CA MET F 472 -40.20 154.97 18.55
C MET F 472 -40.72 155.29 19.94
N VAL F 473 -41.96 154.89 20.22
CA VAL F 473 -42.64 155.11 21.50
C VAL F 473 -42.67 156.60 21.82
N GLY F 474 -43.66 157.29 21.27
CA GLY F 474 -43.86 158.71 21.51
C GLY F 474 -43.32 159.64 20.44
N SER F 475 -42.07 159.42 20.02
CA SER F 475 -41.44 160.26 19.00
C SER F 475 -42.09 159.99 17.65
N GLN F 476 -42.96 160.90 17.22
CA GLN F 476 -43.66 160.76 15.95
C GLN F 476 -44.02 162.14 15.42
N GLU F 477 -43.46 162.49 14.27
CA GLU F 477 -43.77 163.78 13.64
C GLU F 477 -44.44 163.54 12.28
N VAL F 478 -43.63 163.39 11.23
CA VAL F 478 -44.18 163.02 9.93
C VAL F 478 -44.83 161.65 9.99
N ARG F 479 -44.31 160.77 10.85
CA ARG F 479 -44.94 159.47 11.06
C ARG F 479 -46.37 159.63 11.55
N ASP F 480 -46.57 160.45 12.57
CA ASP F 480 -47.93 160.69 13.07
C ASP F 480 -48.78 161.43 12.04
N LEU F 481 -48.17 162.33 11.26
CA LEU F 481 -48.93 163.04 10.23
C LEU F 481 -49.45 162.08 9.17
N ILE F 482 -48.63 161.12 8.76
CA ILE F 482 -49.09 160.14 7.78
C ILE F 482 -50.04 159.13 8.40
N THR F 483 -49.87 158.84 9.70
CA THR F 483 -50.82 157.97 10.40
C THR F 483 -52.20 158.59 10.45
N LEU F 484 -52.27 159.91 10.67
CA LEU F 484 -53.56 160.59 10.71
C LEU F 484 -54.29 160.48 9.38
N GLN F 485 -53.56 160.43 8.27
CA GLN F 485 -54.20 160.27 6.96
C GLN F 485 -54.55 158.82 6.68
N LEU F 486 -53.68 157.88 7.07
CA LEU F 486 -53.96 156.48 6.84
C LEU F 486 -55.13 155.99 7.68
N VAL F 487 -55.39 156.64 8.82
CA VAL F 487 -56.54 156.27 9.65
C VAL F 487 -57.83 156.53 8.87
N ASP F 488 -57.94 157.68 8.23
CA ASP F 488 -59.12 157.98 7.44
C ASP F 488 -59.13 157.23 6.11
N TRP F 489 -57.95 156.89 5.59
CA TRP F 489 -57.89 156.13 4.34
C TRP F 489 -58.56 154.78 4.47
N ASN F 490 -58.30 154.07 5.57
CA ASN F 490 -58.92 152.77 5.78
C ASN F 490 -60.39 152.90 6.17
N LYS F 491 -60.75 153.98 6.86
CA LYS F 491 -62.16 154.20 7.20
C LYS F 491 -63.00 154.47 5.95
N LEU F 492 -62.44 155.17 4.98
CA LEU F 492 -63.14 155.43 3.73
C LEU F 492 -63.04 154.20 2.82
N GLN F 493 -63.81 154.24 1.73
CA GLN F 493 -63.84 153.15 0.75
C GLN F 493 -63.04 153.57 -0.47
N VAL F 494 -61.72 153.50 -0.35
CA VAL F 494 -60.79 153.86 -1.42
C VAL F 494 -60.02 152.61 -1.83
N ASP F 495 -59.75 152.50 -3.13
CA ASP F 495 -59.02 151.35 -3.65
C ASP F 495 -57.69 151.79 -4.29
N HIS F 496 -57.14 150.96 -5.16
CA HIS F 496 -55.88 151.25 -5.83
C HIS F 496 -56.14 151.55 -7.30
N TYR F 497 -55.16 152.24 -7.92
CA TYR F 497 -55.26 152.61 -9.32
C TYR F 497 -54.17 151.88 -10.07
N ILE F 498 -53.05 152.54 -10.39
CA ILE F 498 -51.95 151.93 -11.10
C ILE F 498 -50.67 152.16 -10.32
N GLN F 499 -49.73 151.22 -10.43
CA GLN F 499 -48.44 151.27 -9.75
C GLN F 499 -48.61 151.40 -8.24
N GLU F 500 -48.75 150.26 -7.56
CA GLU F 500 -48.98 150.25 -6.12
C GLU F 500 -47.72 150.50 -5.30
N GLU F 501 -46.85 151.39 -5.77
CA GLU F 501 -45.62 151.71 -5.04
C GLU F 501 -45.07 153.07 -5.45
N ARG F 502 -45.97 154.03 -5.68
CA ARG F 502 -45.56 155.38 -6.04
C ARG F 502 -46.58 156.41 -5.54
N LEU F 503 -47.81 155.96 -5.30
CA LEU F 503 -48.86 156.83 -4.77
C LEU F 503 -49.45 156.34 -3.46
N ARG F 504 -49.24 155.08 -3.09
CA ARG F 504 -49.76 154.54 -1.83
C ARG F 504 -48.68 154.64 -0.76
N VAL F 505 -48.32 155.89 -0.45
CA VAL F 505 -47.25 156.15 0.50
C VAL F 505 -47.74 155.99 1.94
N PHE F 506 -49.04 156.22 2.18
CA PHE F 506 -49.56 156.15 3.54
C PHE F 506 -49.55 154.73 4.07
N CYS F 507 -49.73 153.74 3.18
CA CYS F 507 -49.79 152.34 3.59
C CYS F 507 -48.47 151.87 4.19
N LEU F 508 -48.33 151.99 5.51
CA LEU F 508 -47.14 151.52 6.23
C LEU F 508 -47.30 151.69 7.73
N LEU F 509 -48.02 152.73 8.16
CA LEU F 509 -48.00 153.13 9.56
C LEU F 509 -49.23 152.72 10.33
N SER F 510 -50.27 153.56 10.32
CA SER F 510 -51.44 153.41 11.19
C SER F 510 -52.04 152.01 11.10
N GLY F 511 -52.68 151.69 9.97
CA GLY F 511 -53.23 150.37 9.75
C GLY F 511 -54.32 149.97 10.72
N THR F 512 -55.56 150.31 10.39
CA THR F 512 -56.72 149.88 11.17
C THR F 512 -56.94 148.39 10.94
N PRO F 513 -57.79 147.75 11.75
CA PRO F 513 -58.15 146.34 11.50
C PRO F 513 -58.56 146.11 10.05
N VAL F 514 -58.03 145.05 9.46
CA VAL F 514 -58.22 144.78 8.04
C VAL F 514 -59.66 144.36 7.78
N TRP F 515 -60.29 144.98 6.78
CA TRP F 515 -61.66 144.66 6.38
C TRP F 515 -61.73 144.73 4.86
N ARG F 516 -61.99 143.60 4.22
CA ARG F 516 -62.06 143.51 2.77
C ARG F 516 -63.40 142.94 2.35
N SER F 517 -63.85 143.35 1.15
CA SER F 517 -65.10 142.88 0.60
C SER F 517 -64.78 141.91 -0.52
N SER F 518 -64.69 142.36 -1.77
CA SER F 518 -64.38 141.48 -2.89
C SER F 518 -63.72 142.26 -4.03
N ASP F 519 -63.30 143.49 -3.75
CA ASP F 519 -62.65 144.32 -4.78
C ASP F 519 -61.15 144.12 -4.74
N ASN F 520 -60.40 145.21 -4.96
CA ASN F 520 -58.94 145.18 -4.96
C ASN F 520 -58.45 146.09 -3.84
N ARG F 521 -58.10 145.49 -2.70
CA ARG F 521 -57.63 146.23 -1.54
C ARG F 521 -56.25 145.72 -1.14
N SER F 522 -55.34 146.64 -0.83
CA SER F 522 -53.99 146.29 -0.42
C SER F 522 -53.48 147.42 0.47
N ILE F 523 -53.52 147.21 1.78
CA ILE F 523 -53.09 148.23 2.74
C ILE F 523 -52.27 147.59 3.84
N ASN F 524 -52.68 147.82 5.09
CA ASN F 524 -51.98 147.38 6.30
C ASN F 524 -50.47 147.57 6.21
N VAL F 525 -49.70 146.67 6.82
CA VAL F 525 -48.26 146.84 6.93
C VAL F 525 -47.56 146.32 5.70
N CYS F 526 -46.40 146.91 5.38
CA CYS F 526 -45.45 146.45 4.37
C CYS F 526 -46.04 146.21 2.99
N SER F 527 -47.20 145.54 2.92
CA SER F 527 -47.84 145.16 1.66
C SER F 527 -46.93 144.24 0.86
N GLN F 528 -46.88 142.97 1.29
CA GLN F 528 -46.12 141.91 0.60
C GLN F 528 -44.63 142.24 0.56
N LEU F 529 -43.98 142.04 1.71
CA LEU F 529 -42.55 142.24 1.84
C LEU F 529 -41.94 141.10 2.66
N ASP F 530 -41.13 141.44 3.67
CA ASP F 530 -40.53 140.46 4.55
C ASP F 530 -41.28 140.45 5.88
N TRP F 531 -41.59 139.25 6.37
CA TRP F 531 -42.41 139.13 7.59
C TRP F 531 -41.69 139.68 8.81
N LYS F 532 -40.35 139.61 8.84
CA LYS F 532 -39.61 140.12 9.99
C LYS F 532 -39.82 141.62 10.16
N ARG F 533 -39.47 142.40 9.13
CA ARG F 533 -39.69 143.84 9.19
C ARG F 533 -41.18 144.18 9.23
N THR F 534 -42.02 143.30 8.70
CA THR F 534 -43.47 143.51 8.79
C THR F 534 -43.91 143.52 10.25
N LEU F 535 -43.57 142.47 10.99
CA LEU F 535 -43.90 142.41 12.41
C LEU F 535 -43.18 143.50 13.19
N GLY F 536 -41.98 143.89 12.76
CA GLY F 536 -41.28 144.99 13.40
C GLY F 536 -42.06 146.29 13.31
N ILE F 537 -42.50 146.64 12.10
CA ILE F 537 -43.30 147.86 11.91
C ILE F 537 -44.62 147.73 12.65
N HIS F 538 -45.20 146.53 12.67
CA HIS F 538 -46.46 146.31 13.39
C HIS F 538 -46.29 146.61 14.87
N LEU F 539 -45.20 146.15 15.47
CA LEU F 539 -44.93 146.43 16.87
C LEU F 539 -44.50 147.88 17.12
N TRP F 540 -43.92 148.53 16.11
CA TRP F 540 -43.46 149.90 16.27
C TRP F 540 -44.59 150.91 16.10
N TYR F 541 -45.02 151.11 14.85
CA TYR F 541 -45.89 152.24 14.51
C TYR F 541 -47.28 151.83 14.07
N MET F 542 -47.83 150.74 14.60
CA MET F 542 -49.21 150.37 14.30
C MET F 542 -50.09 150.58 15.51
N LEU F 543 -50.18 149.58 16.39
CA LEU F 543 -50.95 149.72 17.61
C LEU F 543 -50.21 150.63 18.59
N PRO F 544 -50.95 151.35 19.43
CA PRO F 544 -50.31 152.23 20.43
C PRO F 544 -49.47 151.42 21.40
N PRO F 545 -48.50 152.04 22.06
CA PRO F 545 -47.66 151.30 23.02
C PRO F 545 -48.41 150.75 24.21
N THR F 546 -49.66 151.18 24.44
CA THR F 546 -50.44 150.65 25.54
C THR F 546 -50.90 149.22 25.28
N ALA F 547 -50.91 148.78 24.02
CA ALA F 547 -51.30 147.42 23.71
C ALA F 547 -50.22 146.44 24.14
N THR F 548 -50.59 145.16 24.21
CA THR F 548 -49.71 144.10 24.65
C THR F 548 -49.36 143.18 23.47
N VAL F 549 -48.45 142.24 23.75
CA VAL F 549 -48.03 141.30 22.72
C VAL F 549 -49.17 140.39 22.30
N ALA F 550 -50.03 140.00 23.25
CA ALA F 550 -51.18 139.19 22.92
C ALA F 550 -52.16 139.95 22.04
N GLN F 551 -52.39 141.23 22.34
CA GLN F 551 -53.27 142.04 21.49
C GLN F 551 -52.67 142.22 20.10
N ALA F 552 -51.35 142.42 20.00
CA ALA F 552 -50.72 142.54 18.70
C ALA F 552 -50.84 141.25 17.90
N LEU F 553 -50.65 140.11 18.56
CA LEU F 553 -50.79 138.82 17.88
C LEU F 553 -52.22 138.60 17.41
N HIS F 554 -53.20 138.96 18.23
CA HIS F 554 -54.59 138.82 17.83
C HIS F 554 -54.92 139.74 16.65
N MET F 555 -54.38 140.96 16.66
CA MET F 555 -54.61 141.87 15.55
C MET F 555 -53.98 141.33 14.26
N TYR F 556 -52.76 140.80 14.35
CA TYR F 556 -52.12 140.22 13.17
C TYR F 556 -52.88 139.00 12.67
N GLU F 557 -53.43 138.20 13.59
CA GLU F 557 -54.22 137.04 13.19
C GLU F 557 -55.49 137.47 12.47
N GLN F 558 -56.20 138.46 13.01
CA GLN F 558 -57.37 138.99 12.33
C GLN F 558 -57.01 139.65 11.01
N ALA F 559 -55.77 140.12 10.88
CA ALA F 559 -55.33 140.73 9.64
C ALA F 559 -55.11 139.70 8.55
N PHE F 560 -54.28 138.68 8.82
CA PHE F 560 -53.98 137.69 7.81
C PHE F 560 -54.93 136.48 7.84
N GLN F 561 -56.05 136.59 8.54
CA GLN F 561 -57.05 135.53 8.56
C GLN F 561 -58.16 135.81 7.56
N GLU F 562 -58.76 134.74 7.05
CA GLU F 562 -59.84 134.85 6.09
C GLU F 562 -61.20 135.09 6.74
N GLN F 563 -61.27 135.10 8.07
CA GLN F 563 -62.52 135.33 8.79
C GLN F 563 -62.83 136.82 8.96
N GLU F 564 -62.10 137.70 8.29
CA GLU F 564 -62.36 139.13 8.39
C GLU F 564 -63.61 139.55 7.64
N GLY F 565 -64.02 138.78 6.64
CA GLY F 565 -65.20 139.10 5.86
C GLY F 565 -65.00 139.06 4.35
N GLY F 566 -63.78 138.80 3.86
CA GLY F 566 -63.53 138.77 2.44
C GLY F 566 -62.31 137.97 2.07
N GLU F 567 -61.29 138.64 1.55
CA GLU F 567 -60.04 137.99 1.16
C GLU F 567 -58.86 138.75 1.75
N PRO F 568 -57.97 138.09 2.49
CA PRO F 568 -56.82 138.78 3.06
C PRO F 568 -55.82 139.19 1.98
N TYR F 569 -54.91 140.08 2.37
CA TYR F 569 -53.89 140.57 1.45
C TYR F 569 -52.63 140.97 2.22
N ALA F 570 -52.35 140.26 3.32
CA ALA F 570 -51.17 140.54 4.12
C ALA F 570 -50.16 139.41 4.03
N CYS F 571 -49.41 139.17 5.11
CA CYS F 571 -48.40 138.11 5.12
C CYS F 571 -48.45 137.42 6.47
N TYR F 572 -48.05 136.15 6.46
CA TYR F 572 -48.02 135.32 7.65
C TYR F 572 -46.58 135.07 8.10
N PRO F 573 -46.29 135.18 9.39
CA PRO F 573 -44.92 134.91 9.87
C PRO F 573 -44.54 133.45 9.68
N LEU F 574 -43.65 133.19 8.71
CA LEU F 574 -43.24 131.83 8.40
C LEU F 574 -42.04 131.42 9.26
N PRO F 575 -41.93 130.14 9.58
CA PRO F 575 -40.78 129.67 10.37
C PRO F 575 -39.48 129.85 9.60
N PRO F 576 -38.57 130.66 10.12
CA PRO F 576 -37.33 130.94 9.37
C PRO F 576 -36.25 129.90 9.59
N TYR F 577 -36.04 129.03 8.60
CA TYR F 577 -34.96 128.06 8.67
C TYR F 577 -33.67 128.61 8.09
N LEU F 578 -33.75 129.39 7.01
CA LEU F 578 -32.59 130.05 6.44
C LEU F 578 -32.95 131.50 6.09
N GLU F 579 -33.64 131.70 4.97
CA GLU F 579 -34.13 133.01 4.55
C GLU F 579 -35.59 132.83 4.13
N ASP F 580 -36.50 132.97 5.09
CA ASP F 580 -37.93 132.79 4.87
C ASP F 580 -38.22 131.41 4.29
N CYS F 581 -38.27 130.40 5.13
CA CYS F 581 -38.45 129.02 4.71
C CYS F 581 -39.75 128.48 5.30
N GLY F 582 -40.87 128.95 4.75
CA GLY F 582 -42.19 128.50 5.15
C GLY F 582 -43.02 128.09 3.96
N PHE F 583 -44.31 128.46 3.99
CA PHE F 583 -45.23 128.12 2.92
C PHE F 583 -46.24 129.25 2.78
N SER F 584 -46.03 130.11 1.78
CA SER F 584 -46.96 131.17 1.39
C SER F 584 -47.11 132.23 2.47
N PHE F 585 -47.76 133.34 2.12
CA PHE F 585 -48.01 134.46 3.03
C PHE F 585 -49.51 134.71 3.14
N GLY F 586 -49.94 135.13 4.32
CA GLY F 586 -51.33 135.47 4.54
C GLY F 586 -52.27 134.30 4.42
N ASP F 587 -52.17 133.34 5.33
CA ASP F 587 -53.01 132.15 5.32
C ASP F 587 -53.58 131.93 6.71
N ASP F 588 -54.89 131.75 6.79
CA ASP F 588 -55.54 131.49 8.07
C ASP F 588 -55.18 130.09 8.56
N PRO F 589 -55.29 129.84 9.88
CA PRO F 589 -54.98 128.50 10.39
C PRO F 589 -55.81 127.39 9.76
N SER F 590 -57.05 127.70 9.34
CA SER F 590 -57.88 126.69 8.70
C SER F 590 -57.25 126.21 7.39
N ALA F 591 -56.57 127.11 6.68
CA ALA F 591 -55.86 126.74 5.45
C ALA F 591 -54.40 126.38 5.68
N LYS F 592 -53.90 126.59 6.90
CA LYS F 592 -52.52 126.21 7.22
C LYS F 592 -52.43 124.81 7.81
N PHE F 593 -53.44 124.36 8.53
CA PHE F 593 -53.41 123.08 9.22
C PHE F 593 -53.35 121.89 8.27
N ILE F 594 -53.52 122.09 6.96
CA ILE F 594 -53.48 120.97 6.03
C ILE F 594 -52.07 120.42 5.93
N SER F 595 -51.07 121.29 5.76
CA SER F 595 -49.68 120.86 5.64
C SER F 595 -48.72 122.02 5.84
N LEU F 596 -49.23 123.25 5.88
CA LEU F 596 -48.37 124.41 5.98
C LEU F 596 -47.81 124.53 7.39
N GLN F 597 -46.50 124.75 7.50
CA GLN F 597 -45.86 124.86 8.80
C GLN F 597 -46.19 126.20 9.44
N ARG F 598 -46.45 126.16 10.76
CA ARG F 598 -46.80 127.35 11.51
C ARG F 598 -45.54 128.06 11.99
N ASP F 599 -45.74 129.21 12.63
CA ASP F 599 -44.62 130.01 13.14
C ASP F 599 -44.08 129.41 14.44
N VAL F 600 -42.87 129.82 14.79
CA VAL F 600 -42.24 129.42 16.04
C VAL F 600 -42.31 130.51 17.09
N CYS F 601 -42.21 131.78 16.66
CA CYS F 601 -42.32 132.89 17.61
C CYS F 601 -43.73 132.97 18.18
N VAL F 602 -44.75 132.76 17.34
CA VAL F 602 -46.13 132.76 17.82
C VAL F 602 -46.34 131.64 18.83
N HIS F 603 -45.78 130.46 18.54
CA HIS F 603 -45.91 129.34 19.46
C HIS F 603 -45.21 129.61 20.78
N LEU F 604 -44.02 130.23 20.74
CA LEU F 604 -43.31 130.57 21.96
C LEU F 604 -44.07 131.59 22.78
N LEU F 605 -44.63 132.61 22.13
CA LEU F 605 -45.42 133.60 22.84
C LEU F 605 -46.67 132.98 23.46
N LYS F 606 -47.33 132.08 22.72
CA LYS F 606 -48.51 131.42 23.25
C LYS F 606 -48.18 130.52 24.43
N LEU F 607 -47.02 129.85 24.38
CA LEU F 607 -46.60 129.01 25.50
C LEU F 607 -46.26 129.86 26.71
N TYR F 608 -45.64 131.02 26.50
CA TYR F 608 -45.37 131.94 27.60
C TYR F 608 -46.68 132.46 28.20
N SER F 609 -47.68 132.71 27.35
CA SER F 609 -48.97 133.18 27.82
C SER F 609 -49.68 132.11 28.64
N GLU F 610 -50.14 131.05 27.98
CA GLU F 610 -50.86 129.98 28.67
C GLU F 610 -50.56 128.66 28.00
N ARG F 611 -50.43 127.61 28.84
CA ARG F 611 -50.16 126.27 28.37
C ARG F 611 -51.42 125.45 28.15
N GLN F 612 -52.59 126.10 28.09
CA GLN F 612 -53.86 125.42 27.91
C GLN F 612 -54.25 125.27 26.45
N TYR F 613 -53.34 125.52 25.52
CA TYR F 613 -53.62 125.39 24.10
C TYR F 613 -53.08 124.08 23.55
N ASP F 614 -53.58 123.70 22.38
CA ASP F 614 -53.22 122.43 21.78
C ASP F 614 -51.74 122.40 21.41
N LEU F 615 -51.07 121.31 21.80
CA LEU F 615 -49.66 121.13 21.50
C LEU F 615 -49.35 119.79 20.85
N CYS F 616 -50.37 118.94 20.64
CA CYS F 616 -50.12 117.63 20.04
C CYS F 616 -49.78 117.73 18.56
N GLN F 617 -50.51 118.55 17.82
CA GLN F 617 -50.29 118.73 16.39
C GLN F 617 -49.37 119.90 16.06
N LEU F 618 -48.97 120.68 17.06
CA LEU F 618 -48.11 121.83 16.84
C LEU F 618 -46.65 121.41 17.00
N LEU F 619 -45.75 122.38 17.19
CA LEU F 619 -44.32 122.13 17.38
C LEU F 619 -43.72 121.40 16.18
N ASP F 620 -43.24 122.15 15.20
CA ASP F 620 -42.66 121.55 14.00
C ASP F 620 -41.36 120.81 14.36
N PRO F 621 -41.09 119.69 13.69
CA PRO F 621 -39.86 118.94 14.00
C PRO F 621 -38.59 119.62 13.53
N SER F 622 -38.68 120.60 12.63
CA SER F 622 -37.49 121.29 12.15
C SER F 622 -36.96 122.23 13.22
N SER F 623 -35.69 122.06 13.58
CA SER F 623 -35.05 122.89 14.60
C SER F 623 -34.37 124.08 13.94
N ALA F 624 -35.22 124.95 13.36
CA ALA F 624 -34.77 126.15 12.63
C ALA F 624 -33.79 125.80 11.51
N THR F 625 -33.97 124.63 10.91
CA THR F 625 -33.11 124.14 9.84
C THR F 625 -33.96 123.60 8.71
N PRO F 626 -33.48 123.70 7.46
CA PRO F 626 -34.23 123.11 6.34
C PRO F 626 -34.36 121.61 6.42
N ASP F 627 -33.44 120.93 7.11
CA ASP F 627 -33.49 119.49 7.32
C ASP F 627 -34.05 119.17 8.69
N PRO F 628 -34.86 118.11 8.83
CA PRO F 628 -35.46 117.80 10.13
C PRO F 628 -34.48 117.21 11.13
N LEU F 629 -33.22 116.98 10.75
CA LEU F 629 -32.26 116.38 11.66
C LEU F 629 -31.77 117.42 12.67
N ASP F 630 -30.87 116.98 13.55
CA ASP F 630 -30.25 117.82 14.58
C ASP F 630 -31.29 118.42 15.51
N TYR F 631 -31.60 117.71 16.60
CA TYR F 631 -32.53 118.21 17.61
C TYR F 631 -31.76 118.70 18.84
N ARG F 632 -31.04 119.81 18.65
CA ARG F 632 -30.23 120.37 19.73
C ARG F 632 -31.01 121.41 20.52
N LEU F 633 -31.25 122.58 19.91
CA LEU F 633 -31.97 123.64 20.61
C LEU F 633 -33.41 123.24 20.90
N SER F 634 -34.01 122.42 20.04
CA SER F 634 -35.37 121.95 20.30
C SER F 634 -35.41 121.08 21.55
N TRP F 635 -34.48 120.12 21.66
CA TRP F 635 -34.43 119.29 22.85
C TRP F 635 -34.09 120.10 24.08
N HIS F 636 -33.22 121.10 23.94
CA HIS F 636 -32.89 121.98 25.06
C HIS F 636 -34.12 122.71 25.58
N MET F 637 -34.89 123.31 24.66
CA MET F 637 -36.09 124.04 25.06
C MET F 637 -37.13 123.10 25.64
N TRP F 638 -37.27 121.90 25.08
CA TRP F 638 -38.24 120.95 25.60
C TRP F 638 -37.86 120.48 27.00
N MET F 639 -36.57 120.25 27.25
CA MET F 639 -36.13 119.85 28.58
C MET F 639 -36.31 121.00 29.58
N VAL F 640 -36.05 122.24 29.14
CA VAL F 640 -36.26 123.39 30.01
C VAL F 640 -37.74 123.51 30.37
N LEU F 641 -38.62 123.32 29.39
CA LEU F 641 -40.05 123.40 29.65
C LEU F 641 -40.52 122.27 30.57
N GLN F 642 -39.98 121.06 30.37
CA GLN F 642 -40.35 119.94 31.24
C GLN F 642 -39.85 120.16 32.66
N ALA F 643 -38.68 120.79 32.83
CA ALA F 643 -38.18 121.08 34.17
C ALA F 643 -39.00 122.18 34.83
N LEU F 644 -39.41 123.19 34.06
CA LEU F 644 -40.26 124.25 34.57
C LEU F 644 -41.72 123.84 34.69
N ASN F 645 -42.06 122.61 34.27
CA ASN F 645 -43.41 122.06 34.38
C ASN F 645 -44.41 122.89 33.58
N TYR F 646 -44.39 122.73 32.26
CA TYR F 646 -45.33 123.45 31.40
C TYR F 646 -45.79 122.63 30.20
N THR F 647 -45.33 121.39 30.02
CA THR F 647 -45.74 120.58 28.89
C THR F 647 -47.03 119.83 29.19
N HIS F 648 -47.14 118.59 28.73
CA HIS F 648 -48.34 117.80 28.94
C HIS F 648 -47.95 116.32 29.03
N LEU F 649 -48.89 115.51 29.51
CA LEU F 649 -48.66 114.08 29.66
C LEU F 649 -48.65 113.39 28.29
N SER F 650 -47.48 113.30 27.67
CA SER F 650 -47.35 112.64 26.36
C SER F 650 -45.91 112.14 26.25
N GLY F 651 -45.67 110.94 26.77
CA GLY F 651 -44.33 110.36 26.77
C GLY F 651 -43.88 109.86 25.41
N HIS F 652 -44.79 109.66 24.47
CA HIS F 652 -44.41 109.16 23.15
C HIS F 652 -43.50 110.14 22.42
N ARG F 653 -43.80 111.44 22.53
CA ARG F 653 -42.97 112.45 21.87
C ARG F 653 -41.57 112.47 22.46
N GLN F 654 -41.46 112.44 23.78
CA GLN F 654 -40.15 112.39 24.42
C GLN F 654 -39.40 111.12 24.03
N GLY F 655 -40.10 110.00 23.94
CA GLY F 655 -39.45 108.75 23.57
C GLY F 655 -38.90 108.78 22.16
N MET F 656 -39.72 109.24 21.20
CA MET F 656 -39.25 109.30 19.81
C MET F 656 -38.14 110.33 19.65
N LEU F 657 -38.21 111.44 20.38
CA LEU F 657 -37.15 112.44 20.30
C LEU F 657 -35.85 111.89 20.86
N HIS F 658 -35.90 111.18 21.99
CA HIS F 658 -34.70 110.57 22.55
C HIS F 658 -34.13 109.52 21.61
N ALA F 659 -35.01 108.73 20.97
CA ALA F 659 -34.54 107.72 20.03
C ALA F 659 -33.84 108.36 18.84
N SER F 660 -34.44 109.42 18.28
CA SER F 660 -33.81 110.11 17.15
C SER F 660 -32.48 110.75 17.55
N TYR F 661 -32.42 111.34 18.75
CA TYR F 661 -31.18 111.94 19.20
C TYR F 661 -30.10 110.88 19.42
N ALA F 662 -30.47 109.72 19.98
CA ALA F 662 -29.50 108.65 20.15
C ALA F 662 -29.01 108.13 18.80
N ALA F 663 -29.92 108.02 17.83
CA ALA F 663 -29.51 107.59 16.49
C ALA F 663 -28.54 108.58 15.86
N GLN F 664 -28.85 109.88 15.96
CA GLN F 664 -27.96 110.89 15.41
C GLN F 664 -26.60 110.89 16.10
N LEU F 665 -26.60 110.70 17.43
CA LEU F 665 -25.34 110.71 18.17
C LEU F 665 -24.50 109.49 17.86
N GLU F 666 -25.12 108.32 17.73
CA GLU F 666 -24.38 107.13 17.35
C GLU F 666 -23.95 107.15 15.89
N ASN F 667 -24.62 107.95 15.06
CA ASN F 667 -24.18 108.11 13.68
C ASN F 667 -22.98 109.06 13.60
N VAL F 668 -23.00 110.14 14.37
CA VAL F 668 -21.89 111.10 14.33
C VAL F 668 -20.70 110.62 15.15
N GLY F 669 -20.89 109.69 16.09
CA GLY F 669 -19.79 109.14 16.85
C GLY F 669 -19.72 109.63 18.29
N LEU F 670 -20.81 109.48 19.03
CA LEU F 670 -20.86 109.86 20.43
C LEU F 670 -21.59 108.78 21.23
N TRP F 671 -21.14 108.57 22.46
CA TRP F 671 -21.69 107.52 23.32
C TRP F 671 -22.23 108.09 24.63
N GLU F 672 -21.41 108.81 25.40
CA GLU F 672 -21.86 109.34 26.68
C GLU F 672 -23.00 110.33 26.51
N TRP F 673 -23.02 111.08 25.41
CA TRP F 673 -24.08 112.06 25.19
C TRP F 673 -25.41 111.37 24.92
N ALA F 674 -25.40 110.34 24.08
CA ALA F 674 -26.60 109.54 23.89
C ALA F 674 -27.04 108.90 25.19
N ILE F 675 -26.07 108.43 26.00
CA ILE F 675 -26.40 107.79 27.27
C ILE F 675 -27.12 108.77 28.19
N PHE F 676 -26.59 109.98 28.33
CA PHE F 676 -27.17 110.93 29.28
C PHE F 676 -28.43 111.59 28.76
N VAL F 677 -28.64 111.62 27.43
CA VAL F 677 -29.93 112.09 26.93
C VAL F 677 -30.98 110.99 26.93
N LEU F 678 -30.57 109.72 27.01
CA LEU F 678 -31.53 108.63 27.14
C LEU F 678 -31.89 108.34 28.60
N LEU F 679 -30.96 108.60 29.53
CA LEU F 679 -31.23 108.35 30.94
C LEU F 679 -32.23 109.33 31.56
N HIS F 680 -32.79 110.25 30.77
CA HIS F 680 -33.75 111.21 31.32
C HIS F 680 -35.12 110.58 31.50
N ILE F 681 -35.55 109.72 30.56
CA ILE F 681 -36.87 109.13 30.66
C ILE F 681 -36.91 108.07 31.75
N GLN F 682 -38.12 107.74 32.19
CA GLN F 682 -38.33 106.75 33.24
C GLN F 682 -38.56 105.39 32.58
N ASP F 683 -37.60 104.49 32.73
CA ASP F 683 -37.69 103.15 32.15
C ASP F 683 -36.71 102.21 32.87
N PRO F 684 -37.22 101.23 33.63
CA PRO F 684 -36.32 100.36 34.39
C PRO F 684 -35.59 99.34 33.53
N HIS F 685 -36.15 98.13 33.43
CA HIS F 685 -35.43 97.02 32.79
C HIS F 685 -35.24 97.23 31.30
N VAL F 686 -36.19 97.88 30.63
CA VAL F 686 -36.08 98.09 29.19
C VAL F 686 -34.88 98.99 28.88
N ARG F 687 -34.81 100.15 29.52
CA ARG F 687 -33.68 101.04 29.31
C ARG F 687 -32.39 100.46 29.86
N GLU F 688 -32.48 99.62 30.89
CA GLU F 688 -31.29 98.94 31.41
C GLU F 688 -30.70 98.03 30.34
N ALA F 689 -31.53 97.19 29.72
CA ALA F 689 -31.05 96.34 28.64
C ALA F 689 -30.58 97.16 27.45
N ALA F 690 -31.25 98.29 27.18
CA ALA F 690 -30.83 99.14 26.06
C ALA F 690 -29.43 99.69 26.28
N VAL F 691 -29.16 100.24 27.47
CA VAL F 691 -27.84 100.79 27.75
C VAL F 691 -26.81 99.67 27.87
N ARG F 692 -27.23 98.47 28.30
CA ARG F 692 -26.31 97.33 28.31
C ARG F 692 -25.86 96.99 26.88
N GLU F 693 -26.83 96.90 25.96
CA GLU F 693 -26.49 96.62 24.57
C GLU F 693 -25.64 97.74 23.97
N LEU F 694 -25.95 98.99 24.33
CA LEU F 694 -25.16 100.12 23.82
C LEU F 694 -23.73 100.03 24.31
N LEU F 695 -23.52 99.74 25.59
CA LEU F 695 -22.17 99.61 26.12
C LEU F 695 -21.43 98.43 25.50
N ASN F 696 -22.14 97.31 25.28
CA ASN F 696 -21.51 96.15 24.66
C ASN F 696 -21.12 96.44 23.21
N ARG F 697 -21.89 97.26 22.51
CA ARG F 697 -21.56 97.61 21.13
C ARG F 697 -20.46 98.66 21.06
N HIS F 698 -20.39 99.57 22.03
CA HIS F 698 -19.40 100.65 22.01
C HIS F 698 -18.09 100.17 22.65
N CYS F 699 -18.08 100.01 23.97
CA CYS F 699 -16.87 99.64 24.68
C CYS F 699 -16.56 98.16 24.45
N VAL F 700 -15.40 97.89 23.85
CA VAL F 700 -14.97 96.52 23.59
C VAL F 700 -13.63 96.29 24.27
N VAL F 701 -12.95 95.19 23.91
CA VAL F 701 -11.65 94.90 24.49
C VAL F 701 -10.51 95.60 23.77
N HIS F 702 -10.69 95.98 22.50
CA HIS F 702 -9.69 96.73 21.75
C HIS F 702 -9.86 98.23 21.92
N ASP F 703 -10.12 98.69 23.13
CA ASP F 703 -10.36 100.10 23.38
C ASP F 703 -9.05 100.90 23.33
N SER F 704 -9.19 102.18 23.03
CA SER F 704 -8.08 103.11 22.94
C SER F 704 -7.92 103.86 24.26
N PRO F 705 -6.80 104.58 24.45
CA PRO F 705 -6.69 105.45 25.62
C PRO F 705 -7.81 106.47 25.72
N GLU F 706 -8.32 106.95 24.58
CA GLU F 706 -9.47 107.85 24.61
C GLU F 706 -10.70 107.16 25.18
N SER F 707 -10.94 105.91 24.78
CA SER F 707 -12.08 105.17 25.33
C SER F 707 -11.88 104.88 26.80
N LEU F 708 -10.64 104.62 27.22
CA LEU F 708 -10.36 104.39 28.63
C LEU F 708 -10.62 105.65 29.45
N ALA F 709 -10.19 106.81 28.95
CA ALA F 709 -10.49 108.07 29.63
C ALA F 709 -11.98 108.36 29.66
N LYS F 710 -12.69 108.01 28.58
CA LYS F 710 -14.14 108.19 28.56
C LYS F 710 -14.82 107.32 29.61
N GLU F 711 -14.38 106.06 29.74
CA GLU F 711 -14.95 105.18 30.76
C GLU F 711 -14.61 105.68 32.16
N ASN F 712 -13.40 106.19 32.36
CA ASN F 712 -13.03 106.75 33.66
C ASN F 712 -13.90 107.96 34.00
N PHE F 713 -14.18 108.82 33.02
CA PHE F 713 -15.05 109.96 33.26
C PHE F 713 -16.47 109.50 33.55
N LEU F 714 -16.96 108.49 32.83
CA LEU F 714 -18.29 107.96 33.09
C LEU F 714 -18.40 107.41 34.51
N ILE F 715 -17.33 106.77 34.99
CA ILE F 715 -17.35 106.22 36.34
C ILE F 715 -17.26 107.33 37.38
N GLN F 716 -16.42 108.34 37.14
CA GLN F 716 -16.17 109.39 38.13
C GLN F 716 -17.26 110.47 38.10
N ARG F 717 -17.25 111.31 37.07
CA ARG F 717 -18.13 112.47 37.05
C ARG F 717 -19.59 112.11 36.80
N LEU F 718 -19.86 110.91 36.30
CA LEU F 718 -21.22 110.46 36.06
C LEU F 718 -21.52 109.24 36.91
N CYS F 719 -22.79 108.85 36.94
CA CYS F 719 -23.27 107.72 37.73
C CYS F 719 -23.58 106.57 36.77
N LEU F 720 -22.79 105.51 36.85
CA LEU F 720 -23.00 104.33 36.00
C LEU F 720 -22.40 103.11 36.68
N PRO F 721 -23.18 102.04 36.85
CA PRO F 721 -22.63 100.83 37.49
C PRO F 721 -21.56 100.18 36.63
N ALA F 722 -20.52 99.67 37.30
CA ALA F 722 -19.42 99.03 36.60
C ALA F 722 -19.68 97.57 36.26
N GLN F 723 -20.68 96.95 36.91
CA GLN F 723 -20.97 95.55 36.64
C GLN F 723 -21.50 95.35 35.22
N TRP F 724 -22.28 96.31 34.71
CA TRP F 724 -22.75 96.21 33.32
C TRP F 724 -21.58 96.26 32.34
N ILE F 725 -20.64 97.18 32.56
CA ILE F 725 -19.48 97.28 31.70
C ILE F 725 -18.62 96.02 31.81
N HIS F 726 -18.51 95.46 33.01
CA HIS F 726 -17.75 94.22 33.18
C HIS F 726 -18.41 93.07 32.44
N LYS F 727 -19.74 92.96 32.50
CA LYS F 727 -20.43 91.90 31.78
C LYS F 727 -20.30 92.09 30.27
N ALA F 728 -20.37 93.34 29.79
CA ALA F 728 -20.19 93.59 28.37
C ALA F 728 -18.79 93.22 27.91
N LYS F 729 -17.77 93.55 28.73
CA LYS F 729 -16.40 93.17 28.39
C LYS F 729 -16.22 91.66 28.41
N ALA F 730 -16.88 90.98 29.35
CA ALA F 730 -16.81 89.53 29.39
C ALA F 730 -17.43 88.90 28.16
N VAL F 731 -18.58 89.45 27.72
CA VAL F 731 -19.23 88.94 26.50
C VAL F 731 -18.33 89.18 25.30
N ARG F 732 -17.73 90.36 25.21
CA ARG F 732 -16.85 90.67 24.08
C ARG F 732 -15.62 89.77 24.08
N SER F 733 -15.10 89.44 25.26
CA SER F 733 -13.92 88.58 25.35
C SER F 733 -14.28 87.14 25.02
N ARG F 734 -15.46 86.69 25.42
CA ARG F 734 -15.91 85.35 25.05
C ARG F 734 -16.18 85.25 23.56
N ARG F 735 -16.62 86.34 22.94
CA ARG F 735 -16.80 86.34 21.49
C ARG F 735 -15.48 86.38 20.74
N ASP F 736 -14.37 86.70 21.42
CA ASP F 736 -13.06 86.74 20.79
C ASP F 736 -12.28 85.47 21.08
N GLY F 737 -11.77 85.33 22.30
CA GLY F 737 -11.04 84.14 22.67
C GLY F 737 -9.92 84.36 23.68
N ASP F 738 -9.71 85.61 24.10
CA ASP F 738 -8.70 85.91 25.11
C ASP F 738 -9.10 85.28 26.43
N LYS F 739 -8.42 84.18 26.79
CA LYS F 739 -8.83 83.39 27.94
C LYS F 739 -8.62 84.14 29.24
N HIS F 740 -7.43 84.72 29.44
CA HIS F 740 -7.15 85.42 30.69
C HIS F 740 -8.07 86.64 30.84
N LYS F 741 -8.27 87.39 29.76
CA LYS F 741 -9.13 88.57 29.83
C LYS F 741 -10.57 88.18 30.11
N GLU F 742 -11.08 87.13 29.46
CA GLU F 742 -12.46 86.71 29.70
C GLU F 742 -12.63 86.18 31.11
N ALA F 743 -11.62 85.48 31.64
CA ALA F 743 -11.71 84.99 33.01
C ALA F 743 -11.71 86.15 34.01
N LEU F 744 -10.83 87.13 33.80
CA LEU F 744 -10.79 88.30 34.68
C LEU F 744 -12.11 89.06 34.63
N TYR F 745 -12.67 89.24 33.44
CA TYR F 745 -13.93 89.97 33.31
C TYR F 745 -15.08 89.21 33.96
N LEU F 746 -15.12 87.89 33.78
CA LEU F 746 -16.18 87.08 34.40
C LEU F 746 -16.07 87.11 35.92
N LEU F 747 -14.84 87.04 36.44
CA LEU F 747 -14.67 87.09 37.89
C LEU F 747 -14.96 88.47 38.46
N LYS F 748 -14.74 89.52 37.67
CA LYS F 748 -15.10 90.86 38.12
C LYS F 748 -16.61 91.05 38.10
N SER F 749 -17.29 90.47 37.10
CA SER F 749 -18.75 90.52 37.07
C SER F 749 -19.36 89.70 38.19
N HIS F 750 -18.72 88.59 38.56
CA HIS F 750 -19.13 87.75 39.69
C HIS F 750 -20.55 87.24 39.53
N GLN F 751 -20.72 86.17 38.76
CA GLN F 751 -22.00 85.50 38.58
C GLN F 751 -22.06 84.25 39.45
N TRP F 752 -22.91 83.30 39.04
CA TRP F 752 -23.08 82.08 39.79
C TRP F 752 -22.82 80.84 38.94
N ASN F 753 -23.84 80.40 38.20
CA ASN F 753 -23.72 79.17 37.42
C ASN F 753 -22.64 79.28 36.35
N GLN F 754 -22.68 80.38 35.58
CA GLN F 754 -21.73 80.54 34.47
C GLN F 754 -20.30 80.63 35.00
N CYS F 755 -20.06 81.48 36.00
CA CYS F 755 -18.72 81.61 36.56
C CYS F 755 -18.23 80.30 37.14
N HIS F 756 -19.10 79.59 37.87
CA HIS F 756 -18.71 78.34 38.51
C HIS F 756 -18.34 77.29 37.47
N LYS F 757 -19.19 77.10 36.46
CA LYS F 757 -18.89 76.11 35.44
C LYS F 757 -17.63 76.48 34.67
N LEU F 758 -17.45 77.77 34.36
CA LEU F 758 -16.27 78.20 33.62
C LEU F 758 -15.00 77.92 34.41
N VAL F 759 -14.97 78.31 35.69
CA VAL F 759 -13.77 78.10 36.48
C VAL F 759 -13.49 76.61 36.64
N THR F 760 -14.50 75.84 37.08
CA THR F 760 -14.30 74.42 37.32
C THR F 760 -14.05 73.62 36.06
N ARG F 761 -14.32 74.18 34.87
CA ARG F 761 -14.05 73.48 33.63
C ARG F 761 -12.74 73.91 32.98
N HIS F 762 -12.25 75.11 33.24
CA HIS F 762 -11.04 75.51 32.52
C HIS F 762 -9.93 76.05 33.39
N LEU F 763 -10.26 76.78 34.46
CA LEU F 763 -9.25 77.59 35.14
C LEU F 763 -8.25 76.72 35.90
N ALA F 764 -8.73 75.72 36.63
CA ALA F 764 -7.83 74.86 37.38
C ALA F 764 -6.89 74.09 36.45
N ALA F 765 -7.43 73.56 35.35
CA ALA F 765 -6.60 72.83 34.40
C ALA F 765 -5.57 73.75 33.75
N ASP F 766 -5.99 74.95 33.36
CA ASP F 766 -5.05 75.87 32.72
C ASP F 766 -3.97 76.32 33.68
N ALA F 767 -4.32 76.54 34.96
CA ALA F 767 -3.31 76.91 35.95
C ALA F 767 -2.34 75.77 36.20
N VAL F 768 -2.84 74.54 36.30
CA VAL F 768 -1.96 73.39 36.50
C VAL F 768 -1.03 73.22 35.30
N ILE F 769 -1.53 73.50 34.10
CA ILE F 769 -0.72 73.32 32.90
C ILE F 769 0.35 74.40 32.80
N ASN F 770 -0.04 75.67 32.90
CA ASN F 770 0.86 76.78 32.66
C ASN F 770 1.51 77.32 33.93
N GLU F 771 1.41 76.61 35.04
CA GLU F 771 2.05 77.01 36.30
C GLU F 771 1.58 78.40 36.75
N ASN F 772 0.29 78.67 36.57
CA ASN F 772 -0.30 79.95 36.98
C ASN F 772 -0.71 79.90 38.45
N TYR F 773 0.28 79.65 39.30
CA TYR F 773 0.01 79.49 40.73
C TYR F 773 -0.47 80.79 41.35
N ARG F 774 0.11 81.92 40.94
CA ARG F 774 -0.29 83.22 41.50
C ARG F 774 -1.74 83.53 41.16
N TYR F 775 -2.11 83.39 39.88
CA TYR F 775 -3.48 83.65 39.48
C TYR F 775 -4.45 82.67 40.12
N LEU F 776 -4.04 81.40 40.24
CA LEU F 776 -4.90 80.40 40.88
C LEU F 776 -5.15 80.76 42.34
N ARG F 777 -4.10 81.13 43.07
CA ARG F 777 -4.25 81.51 44.47
C ARG F 777 -5.10 82.76 44.61
N GLY F 778 -4.91 83.74 43.72
CA GLY F 778 -5.73 84.94 43.77
C GLY F 778 -7.20 84.65 43.54
N PHE F 779 -7.51 83.84 42.52
CA PHE F 779 -8.90 83.49 42.25
C PHE F 779 -9.50 82.67 43.38
N LEU F 780 -8.72 81.78 43.98
CA LEU F 780 -9.21 81.00 45.10
C LEU F 780 -9.50 81.88 46.31
N GLY F 781 -8.61 82.83 46.60
CA GLY F 781 -8.85 83.75 47.70
C GLY F 781 -10.03 84.68 47.44
N GLU F 782 -10.27 85.01 46.17
CA GLU F 782 -11.42 85.86 45.85
C GLU F 782 -12.74 85.09 45.89
N LEU F 783 -12.72 83.79 45.56
CA LEU F 783 -13.94 82.99 45.52
C LEU F 783 -14.21 82.22 46.81
N ALA F 784 -13.28 82.20 47.75
CA ALA F 784 -13.47 81.48 49.00
C ALA F 784 -14.37 82.19 50.00
N ARG F 785 -15.20 83.14 49.55
CA ARG F 785 -16.12 83.78 50.47
C ARG F 785 -17.26 82.83 50.83
N PRO F 786 -17.76 82.89 52.06
CA PRO F 786 -18.80 81.93 52.46
C PRO F 786 -20.12 82.12 51.73
N GLU F 787 -20.44 83.34 51.30
CA GLU F 787 -21.71 83.58 50.62
C GLU F 787 -21.77 82.85 49.29
N HIS F 788 -20.68 82.89 48.51
CA HIS F 788 -20.67 82.21 47.21
C HIS F 788 -20.80 80.70 47.38
N CYS F 789 -20.05 80.14 48.34
CA CYS F 789 -20.13 78.70 48.56
C CYS F 789 -21.50 78.28 49.10
N LYS F 790 -22.14 79.13 49.89
CA LYS F 790 -23.47 78.82 50.40
C LYS F 790 -24.56 79.03 49.37
N HIS F 791 -24.31 79.85 48.34
CA HIS F 791 -25.32 80.09 47.32
C HIS F 791 -25.22 79.15 46.13
N ILE F 792 -24.02 78.76 45.73
CA ILE F 792 -23.83 77.91 44.56
C ILE F 792 -23.65 76.47 45.01
N GLN F 793 -23.97 75.54 44.12
CA GLN F 793 -23.85 74.11 44.38
C GLN F 793 -22.60 73.54 43.72
N ASP F 794 -22.26 72.31 44.11
CA ASP F 794 -21.15 71.55 43.55
C ASP F 794 -19.80 72.20 43.80
N TRP F 795 -19.79 73.39 44.41
CA TRP F 795 -18.53 74.06 44.68
C TRP F 795 -17.73 73.32 45.77
N GLU F 796 -18.39 72.97 46.87
CA GLU F 796 -17.74 72.24 47.95
C GLU F 796 -17.25 70.86 47.52
N THR F 797 -17.64 70.39 46.35
CA THR F 797 -17.15 69.12 45.82
C THR F 797 -16.20 69.27 44.64
N ALA F 798 -16.15 70.44 44.01
CA ALA F 798 -15.29 70.68 42.86
C ALA F 798 -14.08 71.56 43.20
N GLY F 799 -14.32 72.74 43.77
CA GLY F 799 -13.24 73.68 44.03
C GLY F 799 -12.61 73.53 45.40
N LYS F 800 -13.30 72.82 46.30
CA LYS F 800 -12.74 72.59 47.62
C LYS F 800 -11.49 71.71 47.55
N VAL F 801 -11.46 70.76 46.61
CA VAL F 801 -10.26 69.95 46.43
C VAL F 801 -9.07 70.82 46.03
N TYR F 802 -9.28 71.72 45.08
CA TYR F 802 -8.20 72.62 44.65
C TYR F 802 -7.79 73.56 45.77
N LEU F 803 -8.75 74.05 46.54
CA LEU F 803 -8.43 74.92 47.68
C LEU F 803 -7.57 74.17 48.70
N ASP F 804 -7.96 72.94 49.04
CA ASP F 804 -7.19 72.16 50.01
C ASP F 804 -5.81 71.82 49.47
N TYR F 805 -5.71 71.52 48.18
CA TYR F 805 -4.41 71.22 47.60
C TYR F 805 -3.49 72.44 47.62
N ILE F 806 -4.04 73.61 47.31
CA ILE F 806 -3.24 74.84 47.33
C ILE F 806 -2.80 75.14 48.76
N SER F 807 -3.70 74.99 49.73
CA SER F 807 -3.32 75.22 51.12
C SER F 807 -2.25 74.24 51.58
N VAL F 808 -2.36 72.97 51.17
CA VAL F 808 -1.38 71.97 51.55
C VAL F 808 -0.02 72.31 50.94
N ILE F 809 0.00 72.71 49.67
CA ILE F 809 1.25 73.07 49.02
C ILE F 809 1.88 74.27 49.70
N GLU F 810 1.08 75.28 50.03
CA GLU F 810 1.61 76.47 50.70
C GLU F 810 2.17 76.13 52.08
N MET F 811 1.46 75.31 52.84
CA MET F 811 1.96 74.95 54.17
C MET F 811 3.19 74.07 54.08
N LEU F 812 3.27 73.19 53.08
CA LEU F 812 4.48 72.39 52.90
C LEU F 812 5.67 73.25 52.53
N ASN F 813 5.45 74.25 51.67
CA ASN F 813 6.54 75.17 51.33
C ASN F 813 6.97 75.97 52.56
N GLN F 814 6.02 76.43 53.36
CA GLN F 814 6.37 77.16 54.58
C GLN F 814 7.13 76.27 55.56
N ILE F 815 6.76 75.00 55.66
CA ILE F 815 7.47 74.09 56.55
C ILE F 815 8.87 73.83 56.04
N ARG F 816 9.03 73.63 54.73
CA ARG F 816 10.37 73.43 54.17
C ARG F 816 11.24 74.67 54.32
N GLN F 817 10.63 75.85 54.34
CA GLN F 817 11.39 77.08 54.54
C GLN F 817 11.78 77.28 56.01
N ASP F 818 10.87 76.93 56.93
CA ASP F 818 11.11 77.12 58.36
C ASP F 818 11.59 75.84 59.04
N GLU F 819 12.10 74.88 58.28
CA GLU F 819 12.66 73.64 58.81
C GLU F 819 11.62 72.83 59.56
N CYS F 820 11.67 72.87 60.89
CA CYS F 820 10.77 72.09 61.74
C CYS F 820 9.57 72.94 62.14
N SER F 821 8.37 72.34 62.04
CA SER F 821 7.14 73.03 62.41
C SER F 821 6.07 71.95 62.61
N GLY F 822 6.04 71.37 63.82
CA GLY F 822 5.06 70.33 64.11
C GLY F 822 3.64 70.85 64.14
N GLY F 823 3.44 72.08 64.64
CA GLY F 823 2.11 72.65 64.67
C GLY F 823 1.50 72.82 63.29
N GLU F 824 2.34 73.06 62.27
CA GLU F 824 1.85 73.14 60.91
C GLU F 824 1.79 71.78 60.24
N LEU F 825 2.72 70.88 60.58
CA LEU F 825 2.71 69.54 60.00
C LEU F 825 1.49 68.75 60.44
N GLU F 826 1.00 68.98 61.67
CA GLU F 826 -0.20 68.31 62.13
C GLU F 826 -1.41 68.69 61.28
N LYS F 827 -1.62 69.99 61.06
CA LYS F 827 -2.71 70.44 60.21
C LYS F 827 -2.51 70.00 58.76
N LEU F 828 -1.25 69.93 58.31
CA LEU F 828 -0.97 69.43 56.96
C LEU F 828 -1.44 67.99 56.81
N HIS F 829 -1.04 67.13 57.73
CA HIS F 829 -1.47 65.73 57.68
C HIS F 829 -2.98 65.61 57.82
N THR F 830 -3.59 66.44 58.66
CA THR F 830 -5.04 66.42 58.83
C THR F 830 -5.74 66.73 57.52
N LYS F 831 -5.36 67.84 56.87
CA LYS F 831 -5.98 68.22 55.61
C LYS F 831 -5.69 67.21 54.52
N VAL F 832 -4.50 66.59 54.53
CA VAL F 832 -4.17 65.60 53.51
C VAL F 832 -5.05 64.36 53.65
N MET F 833 -5.17 63.84 54.87
CA MET F 833 -6.01 62.67 55.08
C MET F 833 -7.50 63.00 54.97
N SER F 834 -7.87 64.27 55.09
CA SER F 834 -9.25 64.65 54.81
C SER F 834 -9.53 64.72 53.32
N LEU F 835 -8.57 65.23 52.54
CA LEU F 835 -8.73 65.24 51.09
C LEU F 835 -8.68 63.84 50.51
N CYS F 836 -7.90 62.95 51.10
CA CYS F 836 -7.80 61.57 50.62
C CYS F 836 -9.11 60.82 50.83
N LYS F 837 -10.16 61.24 50.12
CA LYS F 837 -11.48 60.63 50.25
C LYS F 837 -12.37 61.02 49.09
N TRP F 838 -12.19 62.23 48.57
CA TRP F 838 -13.01 62.73 47.47
C TRP F 838 -12.49 62.32 46.10
N VAL F 839 -11.60 61.34 46.04
CA VAL F 839 -11.15 60.83 44.75
C VAL F 839 -12.29 60.10 44.04
N GLU F 840 -13.24 59.56 44.80
CA GLU F 840 -14.41 58.94 44.19
C GLU F 840 -15.37 59.98 43.64
N LEU F 841 -15.43 61.16 44.27
CA LEU F 841 -16.28 62.24 43.75
C LEU F 841 -15.66 62.87 42.51
N ILE F 842 -14.36 63.16 42.56
CA ILE F 842 -13.68 63.76 41.42
C ILE F 842 -13.48 62.69 40.35
N GLN F 843 -14.10 62.90 39.18
CA GLN F 843 -14.04 61.94 38.10
C GLN F 843 -13.42 62.62 36.87
N CYS F 844 -13.53 61.97 35.72
CA CYS F 844 -12.99 62.46 34.46
C CYS F 844 -14.12 62.97 33.57
N TYR F 845 -13.76 63.40 32.36
CA TYR F 845 -14.74 63.86 31.38
C TYR F 845 -14.18 63.77 29.97
N SER F 846 -12.87 63.91 29.82
CA SER F 846 -12.24 63.87 28.51
C SER F 846 -10.76 63.50 28.70
N ALA F 847 -9.95 63.72 27.66
CA ALA F 847 -8.53 63.42 27.77
C ALA F 847 -7.83 64.36 28.74
N LYS F 848 -8.16 65.66 28.69
CA LYS F 848 -7.61 66.60 29.65
C LYS F 848 -8.05 66.25 31.08
N GLY F 849 -9.30 65.81 31.22
CA GLY F 849 -9.76 65.38 32.53
C GLY F 849 -9.01 64.17 33.06
N ARG F 850 -8.75 63.19 32.17
CA ARG F 850 -8.00 62.02 32.57
C ARG F 850 -6.57 62.38 32.94
N LEU F 851 -5.95 63.30 32.19
CA LEU F 851 -4.60 63.74 32.52
C LEU F 851 -4.56 64.44 33.86
N ALA F 852 -5.52 65.34 34.12
CA ALA F 852 -5.58 66.03 35.40
C ALA F 852 -5.83 65.05 36.54
N GLN F 853 -6.66 64.03 36.29
CA GLN F 853 -6.92 63.04 37.32
C GLN F 853 -5.69 62.20 37.63
N SER F 854 -4.93 61.83 36.59
CA SER F 854 -3.68 61.10 36.82
C SER F 854 -2.67 61.94 37.59
N GLU F 855 -2.57 63.22 37.24
CA GLU F 855 -1.67 64.12 37.96
C GLU F 855 -2.08 64.26 39.42
N MET F 856 -3.37 64.45 39.67
CA MET F 856 -3.85 64.57 41.04
C MET F 856 -3.62 63.28 41.81
N ALA F 857 -3.80 62.13 41.16
CA ALA F 857 -3.61 60.86 41.83
C ALA F 857 -2.15 60.64 42.20
N LYS F 858 -1.23 60.92 41.27
CA LYS F 858 0.18 60.74 41.59
C LYS F 858 0.65 61.73 42.66
N ARG F 859 0.14 62.97 42.61
CA ARG F 859 0.49 63.94 43.65
C ARG F 859 -0.04 63.50 45.01
N VAL F 860 -1.28 62.98 45.05
CA VAL F 860 -1.87 62.52 46.30
C VAL F 860 -1.08 61.33 46.84
N ALA F 861 -0.65 60.42 45.95
CA ALA F 861 0.14 59.28 46.40
C ALA F 861 1.49 59.73 46.96
N ASN F 862 2.14 60.68 46.29
CA ASN F 862 3.43 61.17 46.78
C ASN F 862 3.28 61.85 48.14
N ILE F 863 2.26 62.70 48.28
CA ILE F 863 2.05 63.40 49.55
C ILE F 863 1.67 62.41 50.65
N LEU F 864 0.90 61.37 50.32
CA LEU F 864 0.54 60.37 51.30
C LEU F 864 1.75 59.58 51.76
N ARG F 865 2.64 59.21 50.83
CA ARG F 865 3.88 58.54 51.22
C ARG F 865 4.73 59.45 52.09
N VAL F 866 4.79 60.75 51.76
CA VAL F 866 5.59 61.68 52.54
C VAL F 866 5.06 61.79 53.96
N VAL F 867 3.74 61.96 54.11
CA VAL F 867 3.17 62.12 55.45
C VAL F 867 3.23 60.81 56.23
N LEU F 868 3.17 59.66 55.53
CA LEU F 868 3.30 58.38 56.23
C LEU F 868 4.72 58.18 56.73
N SER F 869 5.71 58.64 55.96
CA SER F 869 7.09 58.56 56.42
C SER F 869 7.36 59.57 57.54
N LEU F 870 6.65 60.70 57.54
CA LEU F 870 6.88 61.72 58.56
C LEU F 870 6.12 61.44 59.85
N GLN F 871 5.02 60.68 59.80
CA GLN F 871 4.26 60.42 61.02
C GLN F 871 5.05 59.57 62.01
N GLN F 872 5.88 58.66 61.52
CA GLN F 872 6.66 57.82 62.42
C GLN F 872 7.74 58.66 63.10
N PRO F 873 7.88 58.55 64.42
CA PRO F 873 8.90 59.35 65.13
C PRO F 873 10.29 58.85 64.81
N PRO F 874 11.25 59.77 64.66
CA PRO F 874 12.63 59.35 64.35
C PRO F 874 13.44 59.06 65.59
N GLU F 875 12.78 58.98 66.75
CA GLU F 875 13.45 58.69 68.01
C GLU F 875 12.97 57.37 68.59
N SER G 11 -19.83 85.61 -4.58
CA SER G 11 -20.23 85.33 -5.96
C SER G 11 -21.72 85.59 -6.16
N HIS G 12 -22.54 84.56 -5.94
CA HIS G 12 -23.98 84.64 -6.08
C HIS G 12 -24.38 85.10 -7.48
N GLU G 13 -24.37 84.19 -8.45
CA GLU G 13 -24.74 84.54 -9.81
C GLU G 13 -26.24 84.58 -10.01
N ASP G 14 -26.99 83.78 -9.25
CA ASP G 14 -28.44 83.75 -9.38
C ASP G 14 -29.06 84.83 -8.51
N MET G 15 -30.38 84.75 -8.30
CA MET G 15 -31.07 85.73 -7.49
C MET G 15 -30.76 85.53 -6.00
N ILE G 16 -30.78 86.63 -5.26
CA ILE G 16 -30.47 86.63 -3.84
C ILE G 16 -31.74 86.99 -3.07
N HIS G 17 -32.12 86.13 -2.13
CA HIS G 17 -33.31 86.36 -1.32
C HIS G 17 -33.00 87.29 -0.15
N ASP G 18 -32.72 86.72 1.01
CA ASP G 18 -32.41 87.50 2.21
C ASP G 18 -30.90 87.54 2.44
N ALA G 19 -30.46 88.60 3.13
CA ALA G 19 -29.05 88.79 3.45
C ALA G 19 -28.97 89.52 4.79
N GLN G 20 -28.72 88.77 5.85
CA GLN G 20 -28.64 89.32 7.19
C GLN G 20 -27.18 89.46 7.63
N MET G 21 -26.98 90.26 8.68
CA MET G 21 -25.65 90.51 9.22
C MET G 21 -25.62 90.17 10.70
N ASP G 22 -24.41 89.95 11.20
CA ASP G 22 -24.22 89.66 12.62
C ASP G 22 -24.51 90.90 13.46
N TYR G 23 -24.75 90.66 14.75
CA TYR G 23 -25.06 91.75 15.67
C TYR G 23 -23.89 92.72 15.85
N TYR G 24 -22.66 92.25 15.64
CA TYR G 24 -21.50 93.12 15.75
C TYR G 24 -21.07 93.72 14.41
N GLY G 25 -21.37 93.07 13.29
CA GLY G 25 -21.02 93.59 11.99
C GLY G 25 -19.78 92.93 11.40
N ILE G 26 -19.69 91.61 11.51
CA ILE G 26 -18.56 90.84 11.00
C ILE G 26 -19.01 89.80 9.98
N ARG G 27 -19.97 88.96 10.35
CA ARG G 27 -20.45 87.91 9.47
C ARG G 27 -21.66 88.39 8.68
N LEU G 28 -21.75 87.93 7.43
CA LEU G 28 -22.86 88.27 6.53
C LEU G 28 -23.43 86.97 5.96
N ALA G 29 -24.62 86.60 6.41
CA ALA G 29 -25.29 85.38 5.94
C ALA G 29 -26.28 85.75 4.85
N THR G 30 -25.96 85.37 3.62
CA THR G 30 -26.81 85.64 2.46
C THR G 30 -27.37 84.32 1.95
N CYS G 31 -28.68 84.14 2.10
CA CYS G 31 -29.35 82.92 1.66
C CYS G 31 -29.99 83.19 0.31
N SER G 32 -29.49 82.51 -0.72
CA SER G 32 -29.94 82.69 -2.10
C SER G 32 -30.30 81.33 -2.69
N SER G 33 -30.79 81.35 -3.92
CA SER G 33 -31.15 80.14 -4.65
C SER G 33 -30.02 79.61 -5.52
N ASP G 34 -28.80 80.08 -5.31
CA ASP G 34 -27.64 79.64 -6.08
C ASP G 34 -27.02 78.36 -5.57
N ARG G 35 -27.72 77.64 -4.68
CA ARG G 35 -27.23 76.39 -4.09
C ARG G 35 -25.90 76.58 -3.37
N SER G 36 -25.70 77.74 -2.76
CA SER G 36 -24.47 78.03 -2.03
C SER G 36 -24.72 79.18 -1.07
N VAL G 37 -24.37 78.98 0.20
CA VAL G 37 -24.50 80.01 1.22
C VAL G 37 -23.09 80.41 1.65
N LYS G 38 -22.66 81.59 1.20
CA LYS G 38 -21.32 82.09 1.47
C LYS G 38 -21.38 83.21 2.51
N ILE G 39 -20.52 83.11 3.52
CA ILE G 39 -20.41 84.11 4.57
C ILE G 39 -18.99 84.65 4.55
N PHE G 40 -18.85 85.93 4.28
CA PHE G 40 -17.56 86.59 4.15
C PHE G 40 -17.21 87.28 5.47
N ASP G 41 -16.31 88.26 5.41
CA ASP G 41 -15.89 89.03 6.58
C ASP G 41 -16.02 90.51 6.27
N VAL G 42 -16.05 91.31 7.34
CA VAL G 42 -16.18 92.76 7.24
C VAL G 42 -14.99 93.37 7.97
N LYS G 43 -14.00 93.85 7.23
CA LYS G 43 -12.83 94.48 7.80
C LYS G 43 -12.15 95.34 6.74
N ASN G 44 -11.82 96.57 7.11
CA ASN G 44 -11.14 97.53 6.22
C ASN G 44 -11.94 97.76 4.94
N GLY G 45 -13.28 97.66 5.02
CA GLY G 45 -14.13 97.86 3.87
C GLY G 45 -14.06 96.78 2.82
N GLY G 46 -13.35 95.68 3.06
CA GLY G 46 -13.22 94.61 2.12
C GLY G 46 -14.09 93.42 2.48
N GLN G 47 -13.77 92.28 1.86
CA GLN G 47 -14.52 91.05 2.10
C GLN G 47 -13.63 89.86 1.81
N ILE G 48 -13.66 88.87 2.69
CA ILE G 48 -12.89 87.63 2.55
C ILE G 48 -13.78 86.47 2.94
N LEU G 49 -13.92 85.50 2.04
CA LEU G 49 -14.77 84.35 2.30
C LEU G 49 -14.27 83.56 3.50
N ILE G 50 -15.16 83.30 4.46
CA ILE G 50 -14.80 82.58 5.67
C ILE G 50 -15.69 81.38 5.94
N ALA G 51 -16.87 81.28 5.35
CA ALA G 51 -17.73 80.12 5.59
C ALA G 51 -18.50 79.79 4.31
N ASP G 52 -18.65 78.50 4.04
CA ASP G 52 -19.38 78.02 2.86
C ASP G 52 -20.28 76.87 3.31
N LEU G 53 -21.54 77.18 3.58
CA LEU G 53 -22.51 76.19 4.03
C LEU G 53 -23.45 75.83 2.88
N ARG G 54 -23.85 74.56 2.84
CA ARG G 54 -24.75 74.07 1.79
C ARG G 54 -25.30 72.73 2.22
N GLY G 55 -26.63 72.64 2.34
CA GLY G 55 -27.27 71.40 2.74
C GLY G 55 -28.75 71.39 2.48
N HIS G 56 -29.23 72.32 1.66
CA HIS G 56 -30.64 72.42 1.32
C HIS G 56 -30.93 71.64 0.04
N ASP G 57 -32.22 71.42 -0.22
CA ASP G 57 -32.67 70.72 -1.41
C ASP G 57 -33.34 71.63 -2.43
N GLY G 58 -33.73 72.84 -2.04
CA GLY G 58 -34.36 73.76 -2.95
C GLY G 58 -33.89 75.19 -2.73
N PRO G 59 -34.63 76.16 -3.28
CA PRO G 59 -34.27 77.57 -3.09
C PRO G 59 -34.46 77.99 -1.64
N VAL G 60 -33.37 78.47 -1.03
CA VAL G 60 -33.42 78.93 0.35
C VAL G 60 -34.15 80.25 0.41
N TRP G 61 -34.98 80.43 1.43
CA TRP G 61 -35.79 81.65 1.54
C TRP G 61 -35.32 82.53 2.69
N GLN G 62 -36.10 82.57 3.77
CA GLN G 62 -35.83 83.47 4.88
C GLN G 62 -34.74 82.92 5.79
N VAL G 63 -34.30 83.76 6.73
CA VAL G 63 -33.27 83.38 7.69
C VAL G 63 -33.45 84.26 8.92
N ALA G 64 -32.87 83.83 10.05
CA ALA G 64 -32.95 84.57 11.29
C ALA G 64 -31.74 84.26 12.15
N TRP G 65 -31.22 85.28 12.82
CA TRP G 65 -30.07 85.14 13.67
C TRP G 65 -30.51 84.98 15.13
N ALA G 66 -29.55 84.95 16.05
CA ALA G 66 -29.83 84.80 17.46
C ALA G 66 -28.76 85.51 18.26
N HIS G 67 -28.88 85.44 19.59
CA HIS G 67 -27.91 86.10 20.46
C HIS G 67 -26.85 85.11 20.93
N PRO G 68 -25.58 85.53 20.98
CA PRO G 68 -24.53 84.59 21.44
C PRO G 68 -24.61 84.25 22.92
N MET G 69 -25.30 85.07 23.72
CA MET G 69 -25.43 84.76 25.14
C MET G 69 -26.32 83.54 25.38
N TYR G 70 -27.25 83.27 24.47
CA TYR G 70 -28.14 82.12 24.57
C TYR G 70 -27.73 80.96 23.67
N GLY G 71 -26.74 81.16 22.80
CA GLY G 71 -26.30 80.12 21.91
C GLY G 71 -26.31 80.52 20.45
N ASN G 72 -25.14 80.47 19.80
CA ASN G 72 -25.03 80.83 18.39
C ASN G 72 -25.69 79.76 17.53
N ILE G 73 -26.96 79.96 17.19
CA ILE G 73 -27.75 79.01 16.44
C ILE G 73 -28.39 79.73 15.26
N LEU G 74 -28.31 79.12 14.07
CA LEU G 74 -28.92 79.66 12.87
C LEU G 74 -29.94 78.66 12.32
N ALA G 75 -30.98 79.18 11.67
CA ALA G 75 -32.01 78.36 11.06
C ALA G 75 -32.23 78.81 9.63
N SER G 76 -32.43 77.85 8.73
CA SER G 76 -32.65 78.14 7.32
C SER G 76 -33.80 77.30 6.79
N CYS G 77 -34.71 77.96 6.09
CA CYS G 77 -35.86 77.30 5.47
C CYS G 77 -35.70 77.28 3.95
N SER G 78 -36.23 76.24 3.33
CA SER G 78 -36.09 76.06 1.89
C SER G 78 -37.37 75.46 1.32
N TYR G 79 -37.43 75.39 0.00
CA TYR G 79 -38.58 74.82 -0.72
C TYR G 79 -38.39 73.31 -0.84
N ASP G 80 -38.56 72.62 0.28
CA ASP G 80 -38.39 71.18 0.33
C ASP G 80 -39.06 70.58 1.56
N ARG G 81 -39.88 71.38 2.24
CA ARG G 81 -40.56 70.95 3.47
C ARG G 81 -39.56 70.46 4.52
N LYS G 82 -38.40 71.10 4.56
CA LYS G 82 -37.31 70.71 5.45
C LYS G 82 -36.83 71.92 6.23
N VAL G 83 -36.68 71.75 7.54
CA VAL G 83 -36.16 72.77 8.44
C VAL G 83 -34.74 72.36 8.83
N ILE G 84 -33.79 73.25 8.57
CA ILE G 84 -32.38 73.00 8.81
C ILE G 84 -31.88 73.98 9.87
N ILE G 85 -31.11 73.46 10.83
CA ILE G 85 -30.60 74.25 11.94
C ILE G 85 -29.12 73.93 12.14
N TRP G 86 -28.30 74.97 12.28
CA TRP G 86 -26.88 74.83 12.52
C TRP G 86 -26.50 75.53 13.83
N LYS G 87 -25.40 75.08 14.42
CA LYS G 87 -24.84 75.70 15.61
C LYS G 87 -23.39 76.05 15.36
N GLU G 88 -22.95 77.17 15.93
CA GLU G 88 -21.61 77.69 15.70
C GLU G 88 -20.70 77.29 16.85
N GLU G 89 -19.58 76.65 16.51
CA GLU G 89 -18.55 76.28 17.48
C GLU G 89 -17.19 76.43 16.83
N ASN G 90 -16.34 77.27 17.44
CA ASN G 90 -14.99 77.54 16.94
C ASN G 90 -15.01 78.08 15.50
N GLY G 91 -16.03 78.86 15.18
CA GLY G 91 -16.16 79.45 13.86
C GLY G 91 -16.65 78.52 12.78
N THR G 92 -17.07 77.30 13.12
CA THR G 92 -17.55 76.32 12.16
C THR G 92 -18.96 75.90 12.53
N TRP G 93 -19.86 75.92 11.54
CA TRP G 93 -21.24 75.54 11.75
C TRP G 93 -21.42 74.06 11.37
N GLU G 94 -22.01 73.29 12.28
CA GLU G 94 -22.22 71.86 12.06
C GLU G 94 -23.72 71.54 12.20
N LYS G 95 -24.04 70.26 12.14
CA LYS G 95 -25.42 69.82 12.19
C LYS G 95 -25.99 69.97 13.60
N THR G 96 -27.28 70.29 13.68
CA THR G 96 -27.96 70.44 14.96
C THR G 96 -29.29 69.70 14.94
N TYR G 97 -30.32 70.32 14.37
CA TYR G 97 -31.65 69.73 14.27
C TYR G 97 -32.10 69.79 12.82
N GLU G 98 -32.46 68.64 12.26
CA GLU G 98 -32.88 68.53 10.87
C GLU G 98 -34.26 67.87 10.85
N TYR G 99 -35.28 68.65 10.49
CA TYR G 99 -36.64 68.15 10.39
C TYR G 99 -37.08 68.12 8.93
N THR G 100 -37.94 67.16 8.60
CA THR G 100 -38.42 67.04 7.23
C THR G 100 -39.83 66.48 7.24
N GLY G 101 -40.63 66.89 6.24
CA GLY G 101 -41.97 66.38 6.10
C GLY G 101 -43.05 67.32 6.57
N HIS G 102 -43.79 67.91 5.63
CA HIS G 102 -44.88 68.82 5.95
C HIS G 102 -45.91 68.75 4.83
N ASP G 103 -47.00 69.50 4.99
CA ASP G 103 -48.01 69.59 3.95
C ASP G 103 -47.52 70.42 2.78
N SER G 104 -46.77 71.49 3.06
CA SER G 104 -46.18 72.33 2.04
C SER G 104 -44.79 72.76 2.51
N SER G 105 -44.12 73.55 1.68
CA SER G 105 -42.78 74.01 2.02
C SER G 105 -42.83 75.07 3.11
N VAL G 106 -41.79 75.07 3.95
CA VAL G 106 -41.70 76.05 5.03
C VAL G 106 -41.42 77.43 4.47
N ASN G 107 -42.00 78.46 5.10
CA ASN G 107 -41.83 79.82 4.62
C ASN G 107 -41.09 80.68 5.64
N SER G 108 -41.80 81.17 6.66
CA SER G 108 -41.21 82.08 7.63
C SER G 108 -40.51 81.30 8.75
N VAL G 109 -39.51 81.97 9.34
CA VAL G 109 -38.72 81.38 10.42
C VAL G 109 -38.04 82.49 11.21
N CYS G 110 -38.25 82.50 12.53
CA CYS G 110 -37.66 83.52 13.38
C CYS G 110 -37.71 83.07 14.83
N TRP G 111 -36.74 83.54 15.60
CA TRP G 111 -36.67 83.26 17.03
C TRP G 111 -37.36 84.34 17.84
N ALA G 112 -37.76 83.97 19.05
CA ALA G 112 -38.31 84.94 19.98
C ALA G 112 -37.22 85.90 20.44
N PRO G 113 -37.60 87.11 20.89
CA PRO G 113 -36.59 88.06 21.37
C PRO G 113 -35.85 87.54 22.60
N HIS G 114 -34.79 88.25 22.96
CA HIS G 114 -33.95 87.84 24.08
C HIS G 114 -34.67 87.92 25.42
N ASP G 115 -35.78 88.65 25.50
CA ASP G 115 -36.51 88.76 26.76
C ASP G 115 -37.21 87.44 27.10
N PHE G 116 -37.51 86.62 26.10
CA PHE G 116 -38.18 85.34 26.33
C PHE G 116 -37.17 84.20 26.37
N GLY G 117 -36.60 83.85 25.22
CA GLY G 117 -35.64 82.79 25.14
C GLY G 117 -35.15 82.51 23.74
N LEU G 118 -35.17 81.25 23.33
CA LEU G 118 -34.73 80.85 22.00
C LEU G 118 -35.77 79.92 21.37
N VAL G 119 -37.02 80.36 21.35
CA VAL G 119 -38.11 79.59 20.78
C VAL G 119 -38.27 80.00 19.32
N LEU G 120 -38.19 79.01 18.43
CA LEU G 120 -38.32 79.25 17.00
C LEU G 120 -39.77 79.10 16.57
N ALA G 121 -40.16 79.88 15.57
CA ALA G 121 -41.51 79.85 15.02
C ALA G 121 -41.45 79.41 13.56
N CYS G 122 -42.30 78.45 13.20
CA CYS G 122 -42.37 77.92 11.85
C CYS G 122 -43.72 78.27 11.24
N GLY G 123 -43.71 79.13 10.22
CA GLY G 123 -44.93 79.53 9.55
C GLY G 123 -44.96 79.11 8.10
N SER G 124 -45.95 78.29 7.73
CA SER G 124 -46.08 77.82 6.36
C SER G 124 -47.54 77.46 6.10
N SER G 125 -47.88 77.39 4.81
CA SER G 125 -49.25 77.07 4.39
C SER G 125 -49.50 75.57 4.45
N ASP G 126 -49.46 75.04 5.68
CA ASP G 126 -49.67 73.62 5.93
C ASP G 126 -51.00 73.32 6.62
N GLY G 127 -51.73 74.35 7.04
CA GLY G 127 -52.98 74.16 7.76
C GLY G 127 -52.84 74.03 9.26
N ALA G 128 -51.62 73.85 9.76
CA ALA G 128 -51.36 73.71 11.19
C ALA G 128 -50.18 74.59 11.57
N ILE G 129 -49.88 74.63 12.85
CA ILE G 129 -48.79 75.43 13.40
C ILE G 129 -47.89 74.51 14.22
N SER G 130 -46.61 74.48 13.88
CA SER G 130 -45.61 73.68 14.58
C SER G 130 -44.57 74.61 15.17
N ILE G 131 -44.58 74.74 16.50
CA ILE G 131 -43.67 75.62 17.21
C ILE G 131 -42.56 74.78 17.84
N LEU G 132 -41.31 75.18 17.60
CA LEU G 132 -40.15 74.50 18.15
C LEU G 132 -39.62 75.28 19.35
N THR G 133 -39.38 74.58 20.45
CA THR G 133 -38.89 75.19 21.69
C THR G 133 -37.57 74.53 22.06
N PHE G 134 -36.54 75.35 22.28
CA PHE G 134 -35.22 74.86 22.64
C PHE G 134 -35.04 74.98 24.16
N THR G 135 -35.02 73.84 24.84
CA THR G 135 -34.83 73.79 26.28
C THR G 135 -33.65 72.89 26.61
N GLY G 136 -32.90 73.28 27.65
CA GLY G 136 -31.76 72.50 28.05
C GLY G 136 -30.61 72.62 27.05
N ASP G 137 -29.82 71.55 26.95
CA ASP G 137 -28.68 71.49 26.05
C ASP G 137 -28.68 70.15 25.32
N GLY G 138 -29.71 69.94 24.50
CA GLY G 138 -29.83 68.72 23.73
C GLY G 138 -31.13 68.63 22.97
N PRO G 139 -32.12 67.95 23.56
CA PRO G 139 -33.41 67.76 22.87
C PRO G 139 -34.21 69.06 22.85
N TRP G 140 -35.30 69.00 22.08
CA TRP G 140 -36.21 70.13 21.92
C TRP G 140 -37.63 69.66 22.14
N GLU G 141 -38.57 70.60 22.09
CA GLU G 141 -39.99 70.31 22.24
C GLU G 141 -40.76 70.84 21.05
N VAL G 142 -41.84 70.15 20.70
CA VAL G 142 -42.69 70.51 19.56
C VAL G 142 -44.11 70.75 20.07
N LYS G 143 -44.69 71.87 19.65
CA LYS G 143 -46.06 72.22 19.98
C LYS G 143 -46.86 72.25 18.68
N LYS G 144 -47.88 71.39 18.60
CA LYS G 144 -48.71 71.26 17.40
C LYS G 144 -50.08 71.85 17.65
N ILE G 145 -50.50 72.76 16.78
CA ILE G 145 -51.82 73.37 16.85
C ILE G 145 -52.51 73.12 15.51
N SER G 146 -53.57 72.34 15.54
CA SER G 146 -54.31 71.97 14.35
C SER G 146 -55.67 72.66 14.33
N ASN G 147 -56.32 72.60 13.16
CA ASN G 147 -57.64 73.21 12.95
C ASN G 147 -57.62 74.71 13.25
N ALA G 148 -56.54 75.37 12.85
CA ALA G 148 -56.38 76.80 13.06
C ALA G 148 -56.32 77.60 11.76
N HIS G 149 -56.14 76.94 10.62
CA HIS G 149 -56.07 77.62 9.33
C HIS G 149 -56.70 76.73 8.27
N THR G 150 -57.70 77.26 7.58
CA THR G 150 -58.38 76.50 6.53
C THR G 150 -57.45 76.29 5.33
N ILE G 151 -56.84 77.36 4.84
CA ILE G 151 -55.94 77.23 3.70
C ILE G 151 -54.48 77.07 4.16
N GLY G 152 -54.10 77.68 5.27
CA GLY G 152 -52.75 77.57 5.77
C GLY G 152 -52.20 78.88 6.29
N CYS G 153 -51.07 78.83 6.99
CA CYS G 153 -50.44 80.03 7.52
C CYS G 153 -49.62 80.71 6.43
N ASN G 154 -48.98 81.82 6.80
CA ASN G 154 -48.16 82.57 5.85
C ASN G 154 -46.93 83.16 6.52
N ALA G 155 -47.14 83.96 7.57
CA ALA G 155 -46.04 84.60 8.28
C ALA G 155 -46.36 84.66 9.77
N VAL G 156 -45.31 84.68 10.57
CA VAL G 156 -45.42 84.75 12.03
C VAL G 156 -44.42 85.80 12.52
N SER G 157 -44.92 86.83 13.19
CA SER G 157 -44.08 87.89 13.73
C SER G 157 -44.15 87.86 15.25
N TRP G 158 -43.00 87.73 15.89
CA TRP G 158 -42.95 87.65 17.35
C TRP G 158 -43.28 89.01 17.97
N ALA G 159 -43.58 88.98 19.26
CA ALA G 159 -43.93 90.20 19.99
C ALA G 159 -43.34 90.16 21.40
N PRO G 160 -42.35 90.99 21.69
CA PRO G 160 -41.75 90.99 23.03
C PRO G 160 -42.71 91.59 24.06
N SER G 161 -42.41 91.30 25.33
CA SER G 161 -43.19 91.80 26.44
C SER G 161 -42.62 93.10 27.02
N VAL G 162 -41.54 93.62 26.44
CA VAL G 162 -40.92 94.85 26.92
C VAL G 162 -41.53 96.08 26.26
N ILE G 163 -42.64 95.92 25.56
CA ILE G 163 -43.30 97.03 24.88
C ILE G 163 -44.32 97.63 25.86
N PRO G 164 -44.18 98.90 26.26
CA PRO G 164 -45.15 99.49 27.19
C PRO G 164 -46.53 99.72 26.60
N GLY G 165 -46.67 99.63 25.26
CA GLY G 165 -47.97 99.84 24.64
C GLY G 165 -48.96 98.73 24.88
N SER G 166 -48.49 97.54 25.25
CA SER G 166 -49.38 96.42 25.51
C SER G 166 -49.88 96.39 26.95
N LEU G 167 -49.00 96.66 27.92
CA LEU G 167 -49.35 96.68 29.33
C LEU G 167 -48.86 97.97 29.95
N VAL G 168 -49.78 98.76 30.51
CA VAL G 168 -49.43 100.02 31.15
C VAL G 168 -49.02 99.76 32.59
N ASP G 169 -47.84 99.16 32.78
CA ASP G 169 -47.33 98.89 34.12
C ASP G 169 -45.81 98.73 34.06
N GLN G 170 -45.24 98.89 32.87
CA GLN G 170 -43.79 98.74 32.73
C GLN G 170 -43.03 99.91 33.34
N PRO G 171 -43.34 101.22 33.02
CA PRO G 171 -42.61 102.34 33.62
C PRO G 171 -43.07 102.68 35.03
N SER G 172 -43.04 101.68 35.92
CA SER G 172 -43.45 101.88 37.30
C SER G 172 -42.76 100.91 38.25
N SER G 173 -41.52 100.52 37.93
CA SER G 173 -40.74 99.59 38.75
C SER G 173 -41.48 98.27 38.96
N GLN G 174 -42.12 97.78 37.88
CA GLN G 174 -42.85 96.54 37.91
C GLN G 174 -42.42 95.67 36.74
N LYS G 175 -42.03 94.43 37.03
CA LYS G 175 -41.59 93.51 35.98
C LYS G 175 -42.80 92.82 35.37
N PRO G 176 -43.04 92.95 34.07
CA PRO G 176 -44.19 92.30 33.44
C PRO G 176 -43.92 90.81 33.25
N ASN G 177 -44.96 90.10 32.78
CA ASN G 177 -44.86 88.67 32.54
C ASN G 177 -44.05 88.39 31.28
N TYR G 178 -43.29 87.30 31.31
CA TYR G 178 -42.48 86.91 30.17
C TYR G 178 -43.07 85.69 29.49
N ILE G 179 -44.24 85.84 28.89
CA ILE G 179 -44.93 84.74 28.22
C ILE G 179 -44.93 84.98 26.72
N LYS G 180 -45.16 83.91 25.97
CA LYS G 180 -45.10 83.96 24.52
C LYS G 180 -46.36 84.59 23.95
N ARG G 181 -46.18 85.57 23.06
CA ARG G 181 -47.28 86.25 22.40
C ARG G 181 -46.84 86.64 20.99
N PHE G 182 -47.68 86.36 20.01
CA PHE G 182 -47.39 86.74 18.63
C PHE G 182 -48.69 86.79 17.84
N VAL G 183 -48.56 87.10 16.55
CA VAL G 183 -49.70 87.23 15.65
C VAL G 183 -49.48 86.29 14.46
N SER G 184 -50.54 86.13 13.67
CA SER G 184 -50.48 85.29 12.48
C SER G 184 -51.54 85.75 11.49
N GLY G 185 -51.17 85.75 10.21
CA GLY G 185 -52.08 86.14 9.15
C GLY G 185 -51.96 85.27 7.93
N GLY G 186 -52.48 84.05 8.02
CA GLY G 186 -52.40 83.11 6.92
C GLY G 186 -53.38 83.45 5.80
N CYS G 187 -53.43 82.54 4.83
CA CYS G 187 -54.30 82.68 3.67
C CYS G 187 -55.71 82.15 3.91
N ASP G 188 -56.09 81.94 5.17
CA ASP G 188 -57.43 81.46 5.52
C ASP G 188 -58.43 82.59 5.69
N ASN G 189 -58.18 83.76 5.12
CA ASN G 189 -59.06 84.93 5.18
C ASN G 189 -59.31 85.37 6.62
N LEU G 190 -58.39 85.07 7.54
CA LEU G 190 -58.57 85.42 8.94
C LEU G 190 -57.22 85.74 9.56
N VAL G 191 -57.17 86.78 10.38
CA VAL G 191 -56.00 87.11 11.16
C VAL G 191 -56.25 86.65 12.59
N LYS G 192 -55.18 86.33 13.32
CA LYS G 192 -55.34 85.78 14.65
C LYS G 192 -54.16 86.17 15.53
N ILE G 193 -54.38 86.13 16.84
CA ILE G 193 -53.35 86.38 17.83
C ILE G 193 -53.18 85.12 18.67
N TRP G 194 -51.93 84.79 19.00
CA TRP G 194 -51.61 83.61 19.81
C TRP G 194 -50.93 84.06 21.09
N ARG G 195 -51.41 83.53 22.22
CA ARG G 195 -50.89 83.84 23.53
C ARG G 195 -50.77 82.54 24.32
N GLU G 196 -49.62 82.33 24.95
CA GLU G 196 -49.37 81.10 25.71
C GLU G 196 -50.11 81.20 27.04
N GLU G 197 -51.37 80.77 27.05
CA GLU G 197 -52.18 80.75 28.25
C GLU G 197 -52.71 79.35 28.50
N ASP G 198 -53.04 79.09 29.77
CA ASP G 198 -53.57 77.79 30.21
C ASP G 198 -52.59 76.65 29.90
N GLY G 199 -51.29 76.96 29.89
CA GLY G 199 -50.27 75.96 29.65
C GLY G 199 -50.17 75.46 28.23
N GLN G 200 -50.95 76.00 27.29
CA GLN G 200 -50.90 75.54 25.91
C GLN G 200 -51.31 76.70 25.00
N TRP G 201 -51.91 76.37 23.85
CA TRP G 201 -52.37 77.36 22.89
C TRP G 201 -53.80 77.06 22.48
N LYS G 202 -54.61 78.11 22.37
CA LYS G 202 -56.01 77.93 21.98
C LYS G 202 -56.47 79.20 21.27
N GLU G 203 -57.78 79.48 21.33
CA GLU G 203 -58.34 80.65 20.68
C GLU G 203 -58.16 81.87 21.57
N ASP G 204 -57.47 82.89 21.06
CA ASP G 204 -57.23 84.13 21.80
C ASP G 204 -58.04 85.27 21.21
N GLN G 205 -57.70 85.72 20.00
CA GLN G 205 -58.42 86.81 19.35
C GLN G 205 -58.29 86.67 17.85
N LYS G 206 -59.40 86.45 17.17
CA LYS G 206 -59.44 86.34 15.72
C LYS G 206 -60.19 87.52 15.11
N LEU G 207 -59.92 87.76 13.83
CA LEU G 207 -60.55 88.87 13.13
C LEU G 207 -60.63 88.55 11.64
N GLU G 208 -61.65 89.10 10.99
CA GLU G 208 -61.89 88.92 9.56
C GLU G 208 -61.79 90.27 8.88
N ALA G 209 -60.78 90.43 8.01
CA ALA G 209 -60.60 91.67 7.29
C ALA G 209 -60.24 91.46 5.83
N HIS G 210 -60.27 90.23 5.34
CA HIS G 210 -59.91 89.94 3.96
C HIS G 210 -60.55 88.62 3.54
N SER G 211 -60.51 88.34 2.25
CA SER G 211 -61.08 87.12 1.67
C SER G 211 -60.14 86.52 0.64
N ASP G 212 -58.84 86.59 0.91
CA ASP G 212 -57.83 86.06 -0.01
C ASP G 212 -56.55 85.71 0.72
N TRP G 213 -55.42 86.25 0.26
CA TRP G 213 -54.11 85.95 0.83
C TRP G 213 -53.55 87.17 1.53
N VAL G 214 -52.71 86.92 2.54
CA VAL G 214 -52.01 87.96 3.27
C VAL G 214 -50.54 87.58 3.33
N ARG G 215 -49.67 88.49 2.89
CA ARG G 215 -48.25 88.19 2.79
C ARG G 215 -47.59 88.09 4.17
N ASP G 216 -47.24 89.22 4.77
CA ASP G 216 -46.44 89.22 5.98
C ASP G 216 -46.95 90.28 6.95
N VAL G 217 -46.30 90.34 8.12
CA VAL G 217 -46.62 91.30 9.16
C VAL G 217 -45.33 91.77 9.82
N ALA G 218 -45.41 92.90 10.52
CA ALA G 218 -44.25 93.47 11.20
C ALA G 218 -44.71 94.12 12.50
N TRP G 219 -44.20 93.62 13.62
CA TRP G 219 -44.43 94.20 14.93
C TRP G 219 -43.39 95.28 15.22
N ALA G 220 -43.81 96.31 15.96
CA ALA G 220 -42.91 97.40 16.29
C ALA G 220 -42.13 97.07 17.57
N PRO G 221 -40.81 96.85 17.49
CA PRO G 221 -40.02 96.61 18.71
C PRO G 221 -39.59 97.91 19.37
N SER G 222 -40.55 98.57 20.02
CA SER G 222 -40.31 99.88 20.61
C SER G 222 -39.41 99.75 21.84
N ILE G 223 -38.33 100.54 21.85
CA ILE G 223 -37.42 100.55 22.99
C ILE G 223 -37.79 101.61 24.02
N GLY G 224 -38.70 102.52 23.69
CA GLY G 224 -39.10 103.56 24.61
C GLY G 224 -40.41 104.21 24.22
N LEU G 225 -41.07 103.66 23.19
CA LEU G 225 -42.34 104.19 22.72
C LEU G 225 -43.48 103.38 23.31
N PRO G 226 -44.30 103.95 24.20
CA PRO G 226 -45.41 103.18 24.79
C PRO G 226 -46.61 103.08 23.85
N THR G 227 -46.40 102.38 22.74
CA THR G 227 -47.47 102.16 21.76
C THR G 227 -47.07 100.98 20.89
N SER G 228 -47.89 99.94 20.87
CA SER G 228 -47.59 98.72 20.13
C SER G 228 -48.32 98.76 18.79
N THR G 229 -47.57 98.71 17.70
CA THR G 229 -48.17 98.75 16.38
C THR G 229 -47.72 97.53 15.57
N ILE G 230 -48.58 97.15 14.63
CA ILE G 230 -48.33 96.04 13.71
C ILE G 230 -48.75 96.48 12.32
N ALA G 231 -47.81 96.46 11.38
CA ALA G 231 -48.07 96.81 9.99
C ALA G 231 -48.09 95.53 9.16
N SER G 232 -49.19 95.30 8.47
CA SER G 232 -49.36 94.09 7.68
C SER G 232 -49.18 94.39 6.19
N CYS G 233 -49.11 93.32 5.41
CA CYS G 233 -49.02 93.44 3.95
C CYS G 233 -49.61 92.18 3.35
N SER G 234 -50.50 92.36 2.37
CA SER G 234 -51.19 91.26 1.71
C SER G 234 -50.68 91.11 0.28
N GLN G 235 -51.36 90.25 -0.49
CA GLN G 235 -50.94 90.00 -1.87
C GLN G 235 -51.44 91.08 -2.82
N ASP G 236 -52.62 91.63 -2.56
CA ASP G 236 -53.23 92.64 -3.43
C ASP G 236 -52.92 94.06 -2.97
N GLY G 237 -51.77 94.28 -2.35
CA GLY G 237 -51.40 95.62 -1.93
C GLY G 237 -52.18 96.14 -0.74
N ARG G 238 -52.80 95.27 0.04
CA ARG G 238 -53.57 95.68 1.21
C ARG G 238 -52.65 95.80 2.42
N VAL G 239 -52.87 96.85 3.20
CA VAL G 239 -52.05 97.13 4.37
C VAL G 239 -52.98 97.47 5.53
N TYR G 240 -52.67 96.94 6.72
CA TYR G 240 -53.42 97.22 7.93
C TYR G 240 -52.47 97.62 9.04
N ILE G 241 -52.81 98.70 9.74
CA ILE G 241 -51.98 99.23 10.83
C ILE G 241 -52.78 99.05 12.11
N TRP G 242 -52.48 97.99 12.87
CA TRP G 242 -53.14 97.72 14.14
C TRP G 242 -52.35 98.40 15.26
N THR G 243 -52.99 99.33 15.95
CA THR G 243 -52.34 100.08 17.02
C THR G 243 -52.99 99.76 18.37
N SER G 244 -52.18 99.82 19.42
CA SER G 244 -52.66 99.54 20.76
C SER G 244 -51.88 100.39 21.76
N ASP G 245 -52.58 100.88 22.78
CA ASP G 245 -51.97 101.69 23.83
C ASP G 245 -52.81 101.60 25.10
N ASP G 246 -53.28 100.40 25.42
CA ASP G 246 -54.12 100.16 26.60
C ASP G 246 -53.41 99.20 27.53
N ALA G 247 -54.09 98.84 28.62
CA ALA G 247 -53.56 97.94 29.63
C ALA G 247 -54.25 96.59 29.53
N ALA G 248 -53.55 95.56 30.01
CA ALA G 248 -54.05 94.18 30.01
C ALA G 248 -54.46 93.74 28.61
N THR G 249 -55.72 93.99 28.25
CA THR G 249 -56.23 93.61 26.94
C THR G 249 -56.07 94.77 25.97
N ASN G 250 -55.60 94.46 24.76
CA ASN G 250 -55.39 95.44 23.72
C ASN G 250 -56.59 95.51 22.78
N CYS G 251 -56.64 96.57 22.00
CA CYS G 251 -57.72 96.80 21.04
C CYS G 251 -57.08 97.08 19.68
N TRP G 252 -56.97 96.05 18.85
CA TRP G 252 -56.39 96.18 17.52
C TRP G 252 -57.38 96.86 16.59
N THR G 253 -56.97 98.00 16.03
CA THR G 253 -57.83 98.76 15.12
C THR G 253 -57.43 98.46 13.68
N PRO G 254 -58.31 97.85 12.88
CA PRO G 254 -57.97 97.55 11.47
C PRO G 254 -58.06 98.79 10.58
N LYS G 255 -57.14 99.72 10.80
CA LYS G 255 -57.10 100.96 10.04
C LYS G 255 -56.21 100.79 8.79
N LEU G 256 -56.34 101.74 7.88
CA LEU G 256 -55.59 101.73 6.63
C LEU G 256 -54.68 102.95 6.56
N LEU G 257 -53.70 102.89 5.66
CA LEU G 257 -52.76 103.98 5.49
C LEU G 257 -52.53 104.26 4.00
N HIS G 258 -51.44 103.71 3.45
CA HIS G 258 -51.10 103.87 2.04
C HIS G 258 -51.32 102.52 1.35
N LYS G 259 -52.46 102.39 0.67
CA LYS G 259 -52.79 101.15 -0.01
C LYS G 259 -52.04 101.04 -1.34
N PHE G 260 -52.07 99.84 -1.92
CA PHE G 260 -51.42 99.57 -3.19
C PHE G 260 -52.29 98.62 -4.00
N ASN G 261 -51.94 98.47 -5.28
CA ASN G 261 -52.64 97.58 -6.17
C ASN G 261 -51.77 96.46 -6.74
N ASP G 262 -50.44 96.56 -6.59
CA ASP G 262 -49.55 95.53 -7.12
C ASP G 262 -49.44 94.35 -6.15
N VAL G 263 -48.25 93.82 -5.98
CA VAL G 263 -48.00 92.68 -5.11
C VAL G 263 -46.99 93.15 -4.05
N VAL G 264 -47.51 93.71 -2.95
CA VAL G 264 -46.65 94.12 -1.85
C VAL G 264 -46.15 92.87 -1.13
N TRP G 265 -44.83 92.80 -0.95
CA TRP G 265 -44.22 91.60 -0.39
C TRP G 265 -43.87 91.75 1.08
N HIS G 266 -42.73 92.39 1.36
CA HIS G 266 -42.23 92.47 2.73
C HIS G 266 -42.52 93.83 3.37
N VAL G 267 -42.72 93.80 4.69
CA VAL G 267 -42.80 95.00 5.52
C VAL G 267 -41.96 94.74 6.76
N SER G 268 -40.96 95.58 6.99
CA SER G 268 -39.99 95.34 8.04
C SER G 268 -39.81 96.59 8.89
N TRP G 269 -39.85 96.43 10.21
CA TRP G 269 -39.59 97.51 11.14
C TRP G 269 -38.10 97.59 11.45
N SER G 270 -37.67 98.77 11.87
CA SER G 270 -36.29 98.93 12.31
C SER G 270 -36.03 98.14 13.59
N ILE G 271 -34.75 98.05 13.97
CA ILE G 271 -34.37 97.30 15.16
C ILE G 271 -34.88 97.96 16.43
N THR G 272 -35.14 99.27 16.41
CA THR G 272 -35.65 99.99 17.57
C THR G 272 -37.00 100.65 17.28
N ALA G 273 -37.73 100.14 16.28
CA ALA G 273 -39.04 100.68 15.88
C ALA G 273 -38.93 102.17 15.55
N ASN G 274 -38.19 102.43 14.46
CA ASN G 274 -37.94 103.79 14.00
C ASN G 274 -38.35 104.02 12.55
N ILE G 275 -38.05 103.09 11.65
CA ILE G 275 -38.34 103.25 10.24
C ILE G 275 -38.99 101.96 9.72
N LEU G 276 -40.03 102.13 8.89
CA LEU G 276 -40.70 101.01 8.24
C LEU G 276 -40.26 100.93 6.79
N ALA G 277 -39.91 99.73 6.34
CA ALA G 277 -39.48 99.49 4.97
C ALA G 277 -40.48 98.56 4.31
N VAL G 278 -41.10 99.03 3.23
CA VAL G 278 -42.09 98.26 2.48
C VAL G 278 -41.54 97.97 1.10
N SER G 279 -41.52 96.70 0.73
CA SER G 279 -41.01 96.25 -0.57
C SER G 279 -42.06 95.41 -1.27
N GLY G 280 -42.38 95.79 -2.51
CA GLY G 280 -43.37 95.07 -3.30
C GLY G 280 -43.00 95.01 -4.77
N GLY G 281 -43.89 95.53 -5.62
CA GLY G 281 -43.66 95.51 -7.04
C GLY G 281 -43.59 96.89 -7.67
N ASP G 282 -43.20 97.88 -6.89
CA ASP G 282 -43.07 99.26 -7.36
C ASP G 282 -41.62 99.72 -7.45
N ASN G 283 -40.66 98.87 -7.11
CA ASN G 283 -39.24 99.21 -7.16
C ASN G 283 -38.91 100.42 -6.29
N LYS G 284 -39.69 100.63 -5.22
CA LYS G 284 -39.49 101.75 -4.31
C LYS G 284 -39.79 101.29 -2.89
N VAL G 285 -38.87 101.55 -1.98
CA VAL G 285 -39.02 101.17 -0.58
C VAL G 285 -39.28 102.45 0.22
N THR G 286 -40.55 102.71 0.49
CA THR G 286 -40.93 103.90 1.25
C THR G 286 -40.50 103.74 2.72
N LEU G 287 -39.59 104.59 3.15
CA LEU G 287 -39.05 104.53 4.52
C LEU G 287 -39.81 105.54 5.37
N TRP G 288 -40.87 105.07 6.03
CA TRP G 288 -41.67 105.93 6.90
C TRP G 288 -40.99 106.10 8.25
N LYS G 289 -41.47 107.08 9.02
CA LYS G 289 -40.93 107.37 10.33
C LYS G 289 -41.95 108.20 11.10
N GLU G 290 -42.07 107.92 12.40
CA GLU G 290 -42.95 108.70 13.26
C GLU G 290 -42.33 110.07 13.52
N SER G 291 -43.09 111.12 13.23
CA SER G 291 -42.62 112.48 13.45
C SER G 291 -42.92 112.92 14.88
N VAL G 292 -42.53 114.15 15.21
CA VAL G 292 -42.77 114.68 16.55
C VAL G 292 -44.22 115.09 16.76
N ASP G 293 -45.04 115.10 15.70
CA ASP G 293 -46.45 115.44 15.80
C ASP G 293 -47.34 114.21 15.95
N GLY G 294 -46.76 113.05 16.24
CA GLY G 294 -47.54 111.84 16.39
C GLY G 294 -48.08 111.25 15.11
N GLN G 295 -47.58 111.69 13.95
CA GLN G 295 -48.04 111.21 12.66
C GLN G 295 -46.88 110.53 11.93
N TRP G 296 -47.13 110.12 10.70
CA TRP G 296 -46.15 109.44 9.87
C TRP G 296 -45.60 110.40 8.82
N ALA G 297 -44.34 110.17 8.44
CA ALA G 297 -43.72 110.97 7.39
C ALA G 297 -42.62 110.15 6.75
N CYS G 298 -42.51 110.22 5.43
CA CYS G 298 -41.47 109.51 4.68
C CYS G 298 -40.34 110.48 4.37
N ILE G 299 -39.11 110.06 4.62
CA ILE G 299 -37.94 110.92 4.50
C ILE G 299 -37.03 110.48 3.35
N SER G 300 -36.73 109.19 3.27
CA SER G 300 -35.80 108.68 2.27
C SER G 300 -36.44 107.54 1.50
N ASP G 301 -35.92 107.31 0.29
CA ASP G 301 -36.37 106.23 -0.59
C ASP G 301 -35.15 105.48 -1.10
N VAL G 302 -35.41 104.50 -1.96
CA VAL G 302 -34.34 103.71 -2.58
C VAL G 302 -34.92 103.02 -3.81
N ASN G 303 -34.03 102.60 -4.70
CA ASN G 303 -34.43 101.94 -5.94
C ASN G 303 -34.16 100.44 -5.85
N LYS G 304 -35.01 99.66 -6.52
CA LYS G 304 -34.86 98.21 -6.54
C LYS G 304 -34.63 97.71 -7.95
N SER H 119 9.35 -114.34 -87.57
CA SER H 119 9.88 -115.68 -87.71
C SER H 119 10.75 -116.05 -86.50
N PRO H 120 10.86 -117.36 -86.21
CA PRO H 120 11.76 -117.78 -85.12
C PRO H 120 13.20 -117.36 -85.34
N SER H 121 13.71 -117.48 -86.58
CA SER H 121 15.06 -117.02 -86.87
C SER H 121 15.17 -115.51 -86.67
N PHE H 122 14.13 -114.76 -87.05
CA PHE H 122 14.16 -113.32 -86.89
C PHE H 122 14.22 -112.92 -85.42
N THR H 123 13.38 -113.54 -84.59
CA THR H 123 13.39 -113.21 -83.17
C THR H 123 14.66 -113.70 -82.49
N GLU H 124 15.25 -114.80 -82.95
CA GLU H 124 16.53 -115.24 -82.41
C GLU H 124 17.63 -114.25 -82.76
N ASP H 125 17.63 -113.74 -84.00
CA ASP H 125 18.60 -112.72 -84.38
C ASP H 125 18.41 -111.44 -83.57
N ILE H 126 17.16 -111.07 -83.32
CA ILE H 126 16.88 -109.86 -82.53
C ILE H 126 17.39 -110.04 -81.11
N THR H 127 17.15 -111.21 -80.50
CA THR H 127 17.64 -111.47 -79.16
C THR H 127 19.16 -111.48 -79.11
N LEU H 128 19.79 -112.08 -80.12
CA LEU H 128 21.25 -112.11 -80.17
C LEU H 128 21.83 -110.70 -80.30
N SER H 129 21.19 -109.86 -81.12
CA SER H 129 21.65 -108.47 -81.26
C SER H 129 21.47 -107.70 -79.96
N ALA H 130 20.33 -107.88 -79.29
CA ALA H 130 20.10 -107.21 -78.02
C ALA H 130 21.08 -107.68 -76.95
N VAL H 131 21.52 -108.94 -77.02
CA VAL H 131 22.50 -109.42 -76.06
C VAL H 131 23.89 -108.88 -76.37
N MET H 132 24.30 -108.92 -77.63
CA MET H 132 25.62 -108.48 -78.04
C MET H 132 25.72 -106.98 -78.27
N LEU H 133 24.67 -106.22 -77.95
CA LEU H 133 24.72 -104.77 -78.10
C LEU H 133 25.74 -104.13 -77.18
N GLN H 134 26.12 -104.81 -76.09
CA GLN H 134 27.08 -104.22 -75.15
C GLN H 134 28.49 -104.21 -75.75
N GLU H 135 28.90 -105.30 -76.36
CA GLU H 135 30.24 -105.41 -76.93
C GLU H 135 30.27 -104.74 -78.30
N GLU H 136 31.38 -104.91 -79.02
CA GLU H 136 31.60 -104.21 -80.28
C GLU H 136 30.87 -104.89 -81.44
N ASP H 137 31.65 -105.45 -82.37
CA ASP H 137 31.05 -106.01 -83.58
C ASP H 137 30.34 -107.32 -83.28
N PRO H 138 29.19 -107.57 -83.91
CA PRO H 138 28.49 -108.84 -83.66
C PRO H 138 29.26 -110.05 -84.14
N GLY H 139 30.04 -109.93 -85.22
CA GLY H 139 30.85 -111.05 -85.67
C GLY H 139 31.89 -111.46 -84.65
N GLU H 140 32.65 -110.47 -84.14
CA GLU H 140 33.64 -110.76 -83.11
C GLU H 140 32.96 -111.26 -81.83
N ALA H 141 31.79 -110.71 -81.51
CA ALA H 141 31.06 -111.16 -80.33
C ALA H 141 30.68 -112.63 -80.44
N ALA H 142 30.12 -113.02 -81.59
CA ALA H 142 29.74 -114.42 -81.78
C ALA H 142 30.95 -115.33 -81.88
N THR H 143 32.07 -114.83 -82.39
CA THR H 143 33.28 -115.64 -82.44
C THR H 143 33.86 -115.87 -81.05
N MET H 144 33.78 -114.86 -80.18
CA MET H 144 34.33 -114.98 -78.84
C MET H 144 33.38 -115.68 -77.87
N SER H 145 32.07 -115.67 -78.14
CA SER H 145 31.11 -116.31 -77.25
C SER H 145 31.00 -117.81 -77.47
N MET H 146 31.63 -118.35 -78.50
CA MET H 146 31.57 -119.79 -78.79
C MET H 146 32.75 -120.54 -78.15
N TYR H 147 33.01 -120.24 -76.89
CA TYR H 147 34.10 -120.87 -76.15
C TYR H 147 33.60 -121.72 -74.99
N PRO H 148 32.66 -121.24 -74.16
CA PRO H 148 32.14 -122.12 -73.09
C PRO H 148 31.43 -123.35 -73.62
N ASP H 149 30.65 -123.21 -74.70
CA ASP H 149 29.98 -124.37 -75.28
C ASP H 149 30.99 -125.36 -75.84
N PHE H 150 32.04 -124.86 -76.50
CA PHE H 150 33.08 -125.74 -77.01
C PHE H 150 33.81 -126.45 -75.88
N LEU H 151 34.08 -125.75 -74.79
CA LEU H 151 34.73 -126.38 -73.65
C LEU H 151 33.84 -127.45 -73.02
N LYS H 152 32.54 -127.17 -72.90
CA LYS H 152 31.62 -128.17 -72.36
C LYS H 152 31.55 -129.39 -73.26
N SER H 153 31.51 -129.18 -74.58
CA SER H 153 31.47 -130.31 -75.50
C SER H 153 32.76 -131.12 -75.45
N PHE H 154 33.91 -130.45 -75.32
CA PHE H 154 35.18 -131.16 -75.20
C PHE H 154 35.27 -131.93 -73.89
N LEU H 155 34.69 -131.41 -72.82
CA LEU H 155 34.66 -132.14 -71.55
C LEU H 155 33.73 -133.34 -71.64
N GLU H 156 32.61 -133.20 -72.35
CA GLU H 156 31.67 -134.31 -72.48
C GLU H 156 32.23 -135.42 -73.36
N HIS H 157 32.91 -135.05 -74.45
CA HIS H 157 33.46 -136.04 -75.36
C HIS H 157 34.80 -136.56 -74.84
N PRO H 158 35.12 -137.82 -75.11
CA PRO H 158 36.42 -138.35 -74.69
C PRO H 158 37.57 -137.70 -75.42
N SER H 159 38.74 -137.73 -74.77
CA SER H 159 39.95 -137.13 -75.32
C SER H 159 40.77 -138.10 -76.16
N SER H 160 40.26 -139.31 -76.41
CA SER H 160 40.98 -140.28 -77.21
C SER H 160 40.63 -140.18 -78.69
N ALA H 161 39.34 -140.11 -79.02
CA ALA H 161 38.87 -139.97 -80.40
C ALA H 161 38.07 -138.68 -80.49
N VAL H 162 38.74 -137.59 -80.89
CA VAL H 162 38.12 -136.28 -80.96
C VAL H 162 37.64 -135.95 -82.38
N PHE H 163 37.57 -136.95 -83.26
CA PHE H 163 37.15 -136.70 -84.63
C PHE H 163 35.67 -136.30 -84.69
N GLU H 164 34.82 -137.03 -83.98
CA GLU H 164 33.41 -136.68 -83.93
C GLU H 164 33.21 -135.33 -83.25
N LEU H 165 34.03 -135.02 -82.24
CA LEU H 165 33.95 -133.72 -81.59
C LEU H 165 34.32 -132.60 -82.55
N ILE H 166 35.35 -132.80 -83.36
CA ILE H 166 35.75 -131.79 -84.34
C ILE H 166 34.68 -131.64 -85.41
N GLU H 167 34.05 -132.75 -85.81
CA GLU H 167 32.96 -132.67 -86.79
C GLU H 167 31.78 -131.88 -86.23
N GLN H 168 31.41 -132.14 -84.98
CA GLN H 168 30.33 -131.38 -84.35
C GLN H 168 30.70 -129.91 -84.19
N TYR H 169 31.97 -129.63 -83.88
CA TYR H 169 32.42 -128.25 -83.79
C TYR H 169 32.29 -127.55 -85.14
N GLU H 170 32.68 -128.23 -86.22
CA GLU H 170 32.58 -127.64 -87.55
C GLU H 170 31.11 -127.40 -87.93
N ALA H 171 30.24 -128.35 -87.58
CA ALA H 171 28.82 -128.18 -87.89
C ALA H 171 28.24 -127.00 -87.13
N THR H 172 28.53 -126.89 -85.84
CA THR H 172 28.04 -125.77 -85.05
C THR H 172 28.61 -124.45 -85.53
N CYS H 173 29.87 -124.45 -85.96
CA CYS H 173 30.48 -123.23 -86.47
C CYS H 173 29.86 -122.82 -87.80
N ASN H 174 29.53 -123.78 -88.65
CA ASN H 174 28.83 -123.46 -89.89
C ASN H 174 27.44 -122.90 -89.62
N THR H 175 26.73 -123.49 -88.65
CA THR H 175 25.43 -122.95 -88.27
C THR H 175 25.54 -121.53 -87.74
N GLN H 176 26.53 -121.28 -86.88
CA GLN H 176 26.73 -119.93 -86.35
C GLN H 176 27.13 -118.94 -87.44
N ILE H 177 27.91 -119.39 -88.42
CA ILE H 177 28.29 -118.53 -89.54
C ILE H 177 27.07 -118.18 -90.39
N THR H 178 26.20 -119.16 -90.63
CA THR H 178 24.97 -118.88 -91.35
C THR H 178 24.08 -117.90 -90.59
N LEU H 179 23.99 -118.07 -89.26
CA LEU H 179 23.21 -117.15 -88.46
C LEU H 179 23.79 -115.74 -88.49
N LEU H 180 25.12 -115.63 -88.40
CA LEU H 180 25.76 -114.32 -88.45
C LEU H 180 25.58 -113.67 -89.82
N LYS H 181 25.60 -114.47 -90.89
CA LYS H 181 25.34 -113.93 -92.21
C LYS H 181 23.92 -113.41 -92.33
N LYS H 182 22.95 -114.18 -91.80
CA LYS H 182 21.57 -113.71 -91.81
C LYS H 182 21.38 -112.47 -90.94
N ILE H 183 22.22 -112.31 -89.92
CA ILE H 183 22.10 -111.13 -89.05
C ILE H 183 22.67 -109.90 -89.74
N VAL H 184 23.91 -109.99 -90.22
CA VAL H 184 24.63 -108.83 -90.73
C VAL H 184 24.28 -108.61 -92.20
N LYS H 185 23.39 -109.44 -92.74
CA LYS H 185 22.98 -109.27 -94.14
C LYS H 185 22.17 -107.99 -94.36
N ARG H 186 21.66 -107.37 -93.30
CA ARG H 186 20.86 -106.16 -93.44
C ARG H 186 21.69 -104.88 -93.37
N VAL H 187 23.01 -104.99 -93.17
CA VAL H 187 23.88 -103.82 -93.07
C VAL H 187 25.14 -104.04 -93.89
N THR H 188 25.01 -104.74 -95.02
CA THR H 188 26.10 -105.05 -95.95
C THR H 188 27.24 -105.78 -95.26
N PRO H 189 27.26 -107.12 -95.32
CA PRO H 189 28.33 -107.87 -94.66
C PRO H 189 29.65 -107.86 -95.42
N GLY H 190 29.79 -106.92 -96.35
CA GLY H 190 31.01 -106.80 -97.13
C GLY H 190 31.37 -105.38 -97.48
N GLN H 191 31.57 -105.12 -98.77
CA GLN H 191 31.91 -103.78 -99.30
C GLN H 191 33.21 -103.34 -98.64
N GLN H 192 33.34 -102.06 -98.27
CA GLN H 192 34.56 -101.55 -97.66
C GLN H 192 34.46 -101.36 -96.15
N LYS H 193 33.26 -101.11 -95.62
CA LYS H 193 33.07 -100.94 -94.18
C LYS H 193 32.94 -102.29 -93.49
N PHE H 194 34.02 -103.08 -93.60
CA PHE H 194 34.05 -104.43 -93.04
C PHE H 194 35.49 -104.90 -92.93
N SER H 195 36.23 -104.35 -91.97
CA SER H 195 37.66 -104.65 -91.84
C SER H 195 37.92 -105.64 -90.71
N LYS H 196 37.73 -105.21 -89.46
CA LYS H 196 38.02 -106.08 -88.34
C LYS H 196 37.07 -107.28 -88.28
N THR H 197 35.81 -107.09 -88.68
CA THR H 197 34.88 -108.22 -88.72
C THR H 197 35.31 -109.24 -89.76
N ALA H 198 35.72 -108.78 -90.93
CA ALA H 198 36.21 -109.70 -91.96
C ALA H 198 37.50 -110.39 -91.51
N SER H 199 38.34 -109.68 -90.76
CA SER H 199 39.56 -110.29 -90.23
C SER H 199 39.23 -111.40 -89.25
N ILE H 200 38.27 -111.15 -88.34
CA ILE H 200 37.86 -112.17 -87.38
C ILE H 200 37.23 -113.35 -88.11
N LEU H 201 36.46 -113.07 -89.17
CA LEU H 201 35.83 -114.14 -89.93
C LEU H 201 36.87 -115.02 -90.63
N TRP H 202 37.88 -114.39 -91.24
CA TRP H 202 38.92 -115.17 -91.91
C TRP H 202 39.78 -115.92 -90.91
N LEU H 203 40.00 -115.35 -89.72
CA LEU H 203 40.72 -116.07 -88.68
C LEU H 203 39.94 -117.29 -88.21
N LEU H 204 38.62 -117.16 -88.06
CA LEU H 204 37.81 -118.31 -87.67
C LEU H 204 37.79 -119.36 -88.78
N GLN H 205 37.75 -118.93 -90.04
CA GLN H 205 37.80 -119.88 -91.16
C GLN H 205 39.13 -120.63 -91.17
N GLN H 206 40.23 -119.91 -90.94
CA GLN H 206 41.53 -120.58 -90.87
C GLN H 206 41.62 -121.52 -89.68
N GLU H 207 41.00 -121.16 -88.56
CA GLU H 207 40.98 -122.05 -87.41
C GLU H 207 40.20 -123.33 -87.72
N MET H 208 39.06 -123.21 -88.41
CA MET H 208 38.31 -124.39 -88.80
C MET H 208 39.11 -125.25 -89.79
N VAL H 209 39.80 -124.60 -90.72
CA VAL H 209 40.63 -125.34 -91.67
C VAL H 209 41.73 -126.09 -90.96
N THR H 210 42.38 -125.44 -89.98
CA THR H 210 43.44 -126.10 -89.21
C THR H 210 42.88 -127.26 -88.40
N TRP H 211 41.69 -127.10 -87.83
CA TRP H 211 41.07 -128.17 -87.07
C TRP H 211 40.78 -129.38 -87.96
N ARG H 212 40.22 -129.13 -89.14
CA ARG H 212 39.93 -130.22 -90.07
C ARG H 212 41.22 -130.91 -90.53
N LEU H 213 42.26 -130.13 -90.82
CA LEU H 213 43.53 -130.71 -91.23
C LEU H 213 44.13 -131.55 -90.11
N ILE H 214 44.06 -131.06 -88.87
CA ILE H 214 44.56 -131.83 -87.72
C ILE H 214 43.80 -133.15 -87.61
N ALA H 215 42.47 -133.08 -87.68
CA ALA H 215 41.66 -134.29 -87.56
C ALA H 215 42.04 -135.31 -88.64
N ALA H 216 42.12 -134.86 -89.90
CA ALA H 216 42.43 -135.78 -90.99
C ALA H 216 43.82 -136.36 -90.85
N LEU H 217 44.81 -135.50 -90.55
CA LEU H 217 46.19 -135.96 -90.46
C LEU H 217 46.38 -136.95 -89.31
N TYR H 218 45.73 -136.69 -88.17
CA TYR H 218 45.89 -137.62 -87.05
C TYR H 218 45.09 -138.90 -87.25
N ARG H 219 43.97 -138.84 -87.96
CA ARG H 219 43.29 -140.07 -88.37
C ARG H 219 44.19 -140.92 -89.25
N ASP H 220 44.85 -140.28 -90.23
CA ASP H 220 45.77 -141.02 -91.10
C ASP H 220 46.95 -141.55 -90.31
N ARG H 221 47.45 -140.79 -89.34
CA ARG H 221 48.56 -141.26 -88.52
C ARG H 221 48.16 -142.46 -87.67
N ILE H 222 46.96 -142.45 -87.10
CA ILE H 222 46.49 -143.60 -86.34
C ILE H 222 46.31 -144.81 -87.25
N GLN H 223 45.78 -144.59 -88.45
CA GLN H 223 45.64 -145.70 -89.40
C GLN H 223 46.99 -146.28 -89.78
N SER H 224 47.99 -145.43 -89.99
CA SER H 224 49.33 -145.91 -90.34
C SER H 224 49.97 -146.65 -89.18
N ALA H 225 49.79 -146.14 -87.95
CA ALA H 225 50.33 -146.84 -86.78
C ALA H 225 49.64 -148.18 -86.56
N LEU H 226 48.37 -148.30 -86.96
CA LEU H 226 47.67 -149.57 -86.83
C LEU H 226 48.09 -150.56 -87.93
N GLU H 227 48.31 -150.07 -89.14
CA GLU H 227 48.70 -150.90 -90.27
C GLU H 227 50.20 -150.91 -90.51
N GLU H 228 51.00 -150.53 -89.50
CA GLU H 228 52.45 -150.53 -89.66
C GLU H 228 53.02 -151.94 -89.86
N GLU H 229 52.24 -152.98 -89.55
CA GLU H 229 52.73 -154.34 -89.74
C GLU H 229 52.86 -154.71 -91.21
N ASN H 230 52.22 -153.95 -92.11
CA ASN H 230 52.29 -154.21 -93.55
C ASN H 230 53.18 -153.13 -94.16
N MET H 231 54.44 -153.49 -94.40
CA MET H 231 55.41 -152.57 -94.97
C MET H 231 56.42 -153.37 -95.79
N PHE H 232 57.35 -152.64 -96.41
CA PHE H 232 58.40 -153.24 -97.24
C PHE H 232 57.82 -154.07 -98.37
N GLU H 233 57.40 -153.42 -99.45
CA GLU H 233 56.84 -154.09 -100.61
C GLU H 233 57.77 -153.89 -101.81
N ILE H 234 57.30 -154.32 -102.98
CA ILE H 234 58.06 -154.22 -104.22
C ILE H 234 57.09 -154.18 -105.39
N ALA H 235 57.57 -153.70 -106.53
CA ALA H 235 56.75 -153.63 -107.73
C ALA H 235 56.69 -154.98 -108.42
N ALA H 236 55.48 -155.43 -108.73
CA ALA H 236 55.26 -156.71 -109.39
C ALA H 236 54.60 -156.50 -110.74
N PRO H 237 55.15 -157.04 -111.82
CA PRO H 237 54.56 -156.87 -113.15
C PRO H 237 53.34 -157.77 -113.30
N ASN H 238 52.64 -157.59 -114.43
CA ASN H 238 51.44 -158.36 -114.76
C ASN H 238 50.38 -158.23 -113.67
N ALA H 239 50.03 -156.98 -113.35
CA ALA H 239 49.04 -156.68 -112.33
C ALA H 239 48.14 -155.56 -112.82
N SER H 240 47.20 -155.15 -111.97
CA SER H 240 46.25 -154.10 -112.30
C SER H 240 46.65 -152.79 -111.63
N GLU H 241 46.01 -151.71 -112.07
CA GLU H 241 46.31 -150.39 -111.51
C GLU H 241 45.91 -150.30 -110.04
N LYS H 242 44.85 -151.01 -109.64
CA LYS H 242 44.46 -151.02 -108.24
C LYS H 242 45.56 -151.62 -107.37
N THR H 243 46.06 -152.79 -107.75
CA THR H 243 47.16 -153.39 -107.00
C THR H 243 48.43 -152.55 -107.08
N ILE H 244 48.65 -151.86 -108.21
CA ILE H 244 49.82 -151.01 -108.35
C ILE H 244 49.77 -149.85 -107.35
N VAL H 245 48.63 -149.15 -107.30
CA VAL H 245 48.53 -148.04 -106.37
C VAL H 245 48.49 -148.54 -104.92
N ASP H 246 47.97 -149.76 -104.69
CA ASP H 246 48.00 -150.31 -103.34
C ASP H 246 49.42 -150.59 -102.88
N LYS H 247 50.23 -151.22 -103.73
CA LYS H 247 51.62 -151.48 -103.35
C LYS H 247 52.42 -150.20 -103.25
N LEU H 248 52.09 -149.19 -104.08
CA LEU H 248 52.77 -147.90 -103.94
C LEU H 248 52.42 -147.23 -102.62
N PHE H 249 51.16 -147.31 -102.21
CA PHE H 249 50.74 -146.77 -100.92
C PHE H 249 51.41 -147.52 -99.77
N GLN H 250 51.56 -148.82 -99.91
CA GLN H 250 52.20 -149.61 -98.85
C GLN H 250 53.70 -149.36 -98.78
N ARG H 251 54.33 -149.06 -99.91
CA ARG H 251 55.78 -148.82 -99.93
C ARG H 251 56.11 -147.39 -99.50
N ASP H 252 55.66 -146.41 -100.27
CA ASP H 252 56.01 -145.03 -99.99
C ASP H 252 55.24 -144.52 -98.77
N THR H 253 55.86 -143.58 -98.06
CA THR H 253 55.28 -143.00 -96.85
C THR H 253 54.83 -141.56 -97.01
N LEU H 254 55.36 -140.83 -98.01
CA LEU H 254 54.91 -139.47 -98.24
C LEU H 254 53.65 -139.40 -99.08
N VAL H 255 53.38 -140.44 -99.88
CA VAL H 255 52.16 -140.49 -100.67
C VAL H 255 50.94 -140.48 -99.77
N ARG H 256 51.06 -141.04 -98.57
CA ARG H 256 49.97 -141.00 -97.59
C ARG H 256 49.53 -139.55 -97.35
N GLN H 257 50.45 -138.73 -96.84
CA GLN H 257 50.12 -137.34 -96.55
C GLN H 257 49.77 -136.56 -97.81
N SER H 258 50.41 -136.89 -98.94
CA SER H 258 50.11 -136.20 -100.19
C SER H 258 48.66 -136.40 -100.59
N GLN H 259 48.22 -137.65 -100.69
CA GLN H 259 46.84 -137.94 -101.05
C GLN H 259 45.88 -137.46 -99.97
N LEU H 260 46.31 -137.44 -98.70
CA LEU H 260 45.46 -136.91 -97.65
C LEU H 260 45.16 -135.43 -97.88
N VAL H 261 46.21 -134.63 -98.11
CA VAL H 261 46.02 -133.22 -98.37
C VAL H 261 45.23 -133.01 -99.65
N VAL H 262 45.47 -133.85 -100.67
CA VAL H 262 44.74 -133.73 -101.92
C VAL H 262 43.25 -133.93 -101.70
N ASP H 263 42.88 -135.03 -101.04
CA ASP H 263 41.46 -135.30 -100.80
C ASP H 263 40.84 -134.27 -99.87
N TRP H 264 41.58 -133.79 -98.88
CA TRP H 264 41.05 -132.79 -97.96
C TRP H 264 40.74 -131.48 -98.69
N LEU H 265 41.68 -131.01 -99.53
CA LEU H 265 41.44 -129.79 -100.28
C LEU H 265 40.36 -129.98 -101.34
N GLU H 266 40.27 -131.18 -101.93
CA GLU H 266 39.20 -131.44 -102.88
C GLU H 266 37.83 -131.40 -102.20
N SER H 267 37.73 -131.97 -101.00
CA SER H 267 36.48 -131.91 -100.25
C SER H 267 36.14 -130.49 -99.84
N ILE H 268 37.16 -129.70 -99.47
CA ILE H 268 36.93 -128.30 -99.12
C ILE H 268 36.39 -127.54 -100.32
N ALA H 269 36.99 -127.75 -101.50
CA ALA H 269 36.54 -127.08 -102.70
C ALA H 269 35.13 -127.51 -103.09
N LYS H 270 34.82 -128.80 -102.93
CA LYS H 270 33.49 -129.29 -103.23
C LYS H 270 32.45 -128.67 -102.31
N ASP H 271 32.77 -128.57 -101.01
CA ASP H 271 31.84 -127.96 -100.07
C ASP H 271 31.69 -126.47 -100.33
N GLU H 272 32.75 -125.80 -100.76
CA GLU H 272 32.64 -124.38 -101.09
C GLU H 272 31.83 -124.16 -102.37
N VAL H 273 31.92 -125.08 -103.32
CA VAL H 273 31.14 -124.96 -104.55
C VAL H 273 29.67 -125.23 -104.28
N GLY H 274 29.37 -126.35 -103.60
CA GLY H 274 28.01 -126.70 -103.30
C GLY H 274 27.28 -127.36 -104.45
N ASP H 275 26.23 -126.70 -104.96
CA ASP H 275 25.43 -127.20 -106.07
C ASP H 275 25.58 -126.22 -107.22
N PHE H 276 26.54 -126.48 -108.10
CA PHE H 276 26.79 -125.62 -109.26
C PHE H 276 25.93 -125.99 -110.46
N SER H 277 25.29 -127.16 -110.45
CA SER H 277 24.46 -127.56 -111.59
C SER H 277 23.26 -126.63 -111.74
N ASP H 278 22.61 -126.29 -110.62
CA ASP H 278 21.47 -125.36 -110.68
C ASP H 278 21.93 -123.97 -111.11
N ASN H 279 23.10 -123.53 -110.66
CA ASN H 279 23.62 -122.23 -111.07
C ASN H 279 23.89 -122.21 -112.56
N ILE H 280 24.46 -123.29 -113.11
CA ILE H 280 24.73 -123.36 -114.54
C ILE H 280 23.42 -123.40 -115.32
N GLU H 281 22.43 -124.14 -114.82
CA GLU H 281 21.14 -124.21 -115.51
C GLU H 281 20.45 -122.85 -115.52
N TYR H 282 20.60 -122.07 -114.44
CA TYR H 282 20.02 -120.74 -114.41
C TYR H 282 20.80 -119.77 -115.29
N TYR H 283 22.12 -119.94 -115.38
CA TYR H 283 22.92 -119.10 -116.26
C TYR H 283 22.69 -119.43 -117.73
N ALA H 284 22.20 -120.63 -118.03
CA ALA H 284 21.88 -121.06 -119.39
C ALA H 284 23.12 -121.02 -120.29
N LYS H 285 23.94 -122.06 -120.22
CA LYS H 285 25.14 -122.18 -121.03
C LYS H 285 25.07 -123.45 -121.87
N SER H 286 25.34 -123.32 -123.16
CA SER H 286 25.30 -124.47 -124.08
C SER H 286 26.41 -124.28 -125.10
N VAL H 287 26.34 -125.04 -126.19
CA VAL H 287 27.35 -124.97 -127.25
C VAL H 287 26.95 -123.88 -128.24
N TYR H 288 25.80 -124.05 -128.88
CA TYR H 288 25.32 -123.05 -129.82
C TYR H 288 24.84 -121.80 -129.09
N TRP H 289 25.02 -120.65 -129.73
CA TRP H 289 24.68 -119.36 -129.14
C TRP H 289 23.78 -118.59 -130.09
N GLU H 290 23.29 -117.45 -129.59
CA GLU H 290 22.34 -116.66 -130.36
C GLU H 290 22.98 -116.07 -131.61
N ASN H 291 24.24 -115.63 -131.50
CA ASN H 291 24.91 -115.05 -132.66
C ASN H 291 25.11 -116.09 -133.75
N THR H 292 25.55 -117.30 -133.37
CA THR H 292 25.73 -118.36 -134.34
C THR H 292 24.39 -118.78 -134.95
N LEU H 293 23.34 -118.84 -134.13
CA LEU H 293 22.02 -119.19 -134.66
C LEU H 293 21.52 -118.16 -135.65
N HIS H 294 21.71 -116.87 -135.35
CA HIS H 294 21.29 -115.82 -136.26
C HIS H 294 22.10 -115.84 -137.55
N THR H 295 23.41 -116.10 -137.44
CA THR H 295 24.23 -116.20 -138.64
C THR H 295 23.79 -117.37 -139.52
N LEU H 296 23.50 -118.52 -138.91
CA LEU H 296 23.04 -119.67 -139.67
C LEU H 296 21.69 -119.40 -140.32
N LYS H 297 20.78 -118.74 -139.59
CA LYS H 297 19.47 -118.41 -140.16
C LYS H 297 19.61 -117.45 -141.33
N GLN H 298 20.48 -116.45 -141.20
CA GLN H 298 20.69 -115.50 -142.30
C GLN H 298 21.31 -116.17 -143.51
N ARG H 299 22.26 -117.09 -143.28
CA ARG H 299 22.90 -117.78 -144.40
C ARG H 299 21.94 -118.76 -145.06
N SER H 300 20.99 -119.31 -144.30
CA SER H 300 20.00 -120.21 -144.88
C SER H 300 18.91 -119.44 -145.63
N MET H 301 18.56 -118.25 -145.16
CA MET H 301 17.55 -117.44 -145.85
C MET H 301 18.14 -116.76 -147.08
N LEU H 302 19.07 -115.84 -146.88
CA LEU H 302 19.68 -115.12 -147.99
C LEU H 302 21.12 -115.58 -148.19
N SER H 303 22.05 -114.63 -148.30
CA SER H 303 23.45 -114.94 -148.50
C SER H 303 24.31 -113.80 -147.96
N LEU H 304 24.13 -113.46 -146.69
CA LEU H 304 24.85 -112.38 -146.04
C LEU H 304 25.79 -112.99 -145.00
N GLY H 305 27.09 -112.97 -145.28
CA GLY H 305 28.08 -113.51 -144.36
C GLY H 305 28.56 -112.48 -143.36
N SER H 306 27.71 -112.15 -142.38
CA SER H 306 28.06 -111.16 -141.38
C SER H 306 29.00 -111.75 -140.33
N SER H 307 29.76 -110.86 -139.69
CA SER H 307 30.72 -111.23 -138.63
C SER H 307 31.75 -112.19 -139.23
N ARG H 308 32.18 -113.21 -138.49
CA ARG H 308 33.17 -114.14 -139.01
C ARG H 308 32.51 -115.11 -139.99
N PRO H 309 33.28 -115.61 -140.97
CA PRO H 309 32.72 -116.57 -141.91
C PRO H 309 32.31 -117.86 -141.21
N LEU H 310 31.11 -118.35 -141.56
CA LEU H 310 30.53 -119.54 -140.95
C LEU H 310 30.05 -120.46 -142.07
N VAL H 311 30.99 -121.19 -142.69
CA VAL H 311 30.64 -122.15 -143.73
C VAL H 311 29.94 -123.34 -143.09
N SER H 312 29.02 -123.95 -143.83
CA SER H 312 28.21 -125.07 -143.32
C SER H 312 28.19 -126.17 -144.37
N GLU H 313 28.88 -127.28 -144.09
CA GLU H 313 28.85 -128.46 -144.94
C GLU H 313 27.79 -129.43 -144.41
N LEU H 314 26.53 -129.04 -144.63
CA LEU H 314 25.34 -129.74 -144.15
C LEU H 314 25.25 -129.79 -142.63
N ASP H 315 26.15 -129.09 -141.93
CA ASP H 315 26.16 -129.05 -140.47
C ASP H 315 27.09 -127.93 -140.01
N PRO H 316 26.66 -127.11 -139.05
CA PRO H 316 27.52 -126.01 -138.58
C PRO H 316 28.68 -126.51 -137.73
N ASP H 317 29.63 -127.22 -138.36
CA ASP H 317 30.80 -127.73 -137.67
C ASP H 317 32.09 -127.56 -138.45
N ALA H 318 32.03 -127.00 -139.67
CA ALA H 318 33.26 -126.83 -140.45
C ALA H 318 34.21 -125.83 -139.83
N PRO H 319 33.78 -124.65 -139.36
CA PRO H 319 34.74 -123.76 -138.68
C PRO H 319 35.28 -124.34 -137.39
N ILE H 320 34.45 -125.05 -136.63
CA ILE H 320 34.93 -125.67 -135.39
C ILE H 320 35.95 -126.76 -135.70
N ARG H 321 35.81 -127.45 -136.83
CA ARG H 321 36.76 -128.47 -137.21
C ARG H 321 38.06 -127.87 -137.75
N GLN H 322 37.95 -126.78 -138.51
CA GLN H 322 39.10 -126.13 -139.10
C GLN H 322 39.76 -125.10 -138.18
N LYS H 323 39.25 -124.93 -136.96
CA LYS H 323 39.81 -124.00 -135.98
C LYS H 323 39.79 -122.56 -136.51
N LEU H 324 38.61 -122.12 -136.97
CA LEU H 324 38.43 -120.78 -137.49
C LEU H 324 37.94 -119.83 -136.41
N PRO H 325 38.32 -118.55 -136.48
CA PRO H 325 37.87 -117.59 -135.46
C PRO H 325 36.37 -117.38 -135.53
N LEU H 326 35.82 -116.91 -134.41
CA LEU H 326 34.38 -116.67 -134.30
C LEU H 326 34.10 -115.22 -133.97
N ASP H 327 32.91 -114.95 -133.42
CA ASP H 327 32.51 -113.60 -133.06
C ASP H 327 32.91 -113.31 -131.61
N ASP H 328 32.82 -112.01 -131.25
CA ASP H 328 33.20 -111.60 -129.91
C ASP H 328 32.23 -112.14 -128.86
N LEU H 329 30.93 -112.14 -129.18
CA LEU H 329 29.94 -112.67 -128.24
C LEU H 329 30.15 -114.16 -128.01
N ASP H 330 30.36 -114.92 -129.09
CA ASP H 330 30.64 -116.35 -128.95
C ASP H 330 31.92 -116.58 -128.18
N ARG H 331 32.93 -115.75 -128.42
CA ARG H 331 34.21 -115.91 -127.72
C ARG H 331 34.06 -115.67 -126.22
N GLU H 332 33.34 -114.61 -125.84
CA GLU H 332 33.17 -114.33 -124.42
C GLU H 332 32.25 -115.36 -123.76
N ASP H 333 31.26 -115.88 -124.49
CA ASP H 333 30.43 -116.93 -123.93
C ASP H 333 31.22 -118.21 -123.71
N ASP H 334 32.09 -118.57 -124.67
CA ASP H 334 32.95 -119.73 -124.49
C ASP H 334 33.93 -119.50 -123.34
N ILE H 335 34.41 -118.26 -123.17
CA ILE H 335 35.30 -117.95 -122.07
C ILE H 335 34.60 -118.16 -120.74
N ARG H 336 33.36 -117.69 -120.63
CA ARG H 336 32.60 -117.89 -119.40
C ARG H 336 32.33 -119.36 -119.14
N LEU H 337 32.02 -120.12 -120.21
CA LEU H 337 31.78 -121.55 -120.06
C LEU H 337 33.03 -122.28 -119.58
N LEU H 338 34.19 -121.91 -120.14
CA LEU H 338 35.44 -122.54 -119.72
C LEU H 338 35.83 -122.11 -118.30
N LYS H 339 35.48 -120.89 -117.90
CA LYS H 339 35.70 -120.48 -116.52
C LYS H 339 34.85 -121.30 -115.56
N TYR H 340 33.58 -121.54 -115.92
CA TYR H 340 32.73 -122.40 -115.09
C TYR H 340 33.28 -123.83 -115.06
N LEU H 341 33.79 -124.32 -116.18
CA LEU H 341 34.37 -125.66 -116.23
C LEU H 341 35.61 -125.74 -115.34
N PHE H 342 36.43 -124.69 -115.34
CA PHE H 342 37.60 -124.66 -114.46
C PHE H 342 37.19 -124.61 -112.99
N THR H 343 36.14 -123.85 -112.68
CA THR H 343 35.64 -123.81 -111.30
C THR H 343 35.13 -125.18 -110.87
N LEU H 344 34.50 -125.92 -111.79
CA LEU H 344 34.02 -127.26 -111.47
C LEU H 344 35.20 -128.22 -111.30
N ILE H 345 36.22 -128.09 -112.13
CA ILE H 345 37.38 -128.97 -112.04
C ILE H 345 38.14 -128.73 -110.74
N ARG H 346 38.21 -127.47 -110.30
CA ARG H 346 38.86 -127.15 -109.04
C ARG H 346 38.20 -127.89 -107.87
N ALA H 347 36.88 -128.05 -107.94
CA ALA H 347 36.19 -128.84 -106.91
C ALA H 347 36.43 -130.34 -107.13
N GLY H 348 36.35 -130.80 -108.37
CA GLY H 348 36.60 -132.18 -108.69
C GLY H 348 35.37 -133.07 -108.74
N MET H 349 34.18 -132.51 -108.54
CA MET H 349 32.94 -133.29 -108.56
C MET H 349 32.57 -133.56 -110.01
N THR H 350 33.14 -134.63 -110.55
CA THR H 350 32.87 -135.01 -111.94
C THR H 350 31.49 -135.62 -112.10
N ASP H 351 30.90 -136.15 -111.03
CA ASP H 351 29.57 -136.74 -111.14
C ASP H 351 28.52 -135.69 -111.47
N GLU H 352 28.64 -134.50 -110.87
CA GLU H 352 27.70 -133.42 -111.17
C GLU H 352 27.82 -132.98 -112.62
N ALA H 353 29.05 -132.88 -113.13
CA ALA H 353 29.24 -132.51 -114.53
C ALA H 353 28.69 -133.58 -115.46
N GLN H 354 28.90 -134.85 -115.13
CA GLN H 354 28.36 -135.92 -115.96
C GLN H 354 26.83 -135.90 -115.97
N ARG H 355 26.22 -135.66 -114.80
CA ARG H 355 24.76 -135.59 -114.74
C ARG H 355 24.24 -134.40 -115.53
N LEU H 356 24.91 -133.25 -115.42
CA LEU H 356 24.49 -132.07 -116.19
C LEU H 356 24.61 -132.32 -117.68
N CYS H 357 25.69 -132.97 -118.12
CA CYS H 357 25.86 -133.27 -119.53
C CYS H 357 24.80 -134.24 -120.02
N LYS H 358 24.51 -135.29 -119.24
CA LYS H 358 23.50 -136.25 -119.64
C LYS H 358 22.09 -135.64 -119.64
N ARG H 359 21.87 -134.61 -118.82
CA ARG H 359 20.55 -133.99 -118.76
C ARG H 359 20.38 -132.93 -119.85
N CYS H 360 21.45 -132.25 -120.25
CA CYS H 360 21.37 -131.17 -121.23
C CYS H 360 21.79 -131.58 -122.62
N GLY H 361 22.25 -132.82 -122.82
CA GLY H 361 22.65 -133.27 -124.14
C GLY H 361 24.04 -132.82 -124.54
N GLN H 362 24.13 -132.09 -125.64
CA GLN H 362 25.38 -131.57 -126.18
C GLN H 362 26.37 -132.68 -126.51
N ALA H 363 26.42 -133.08 -127.78
CA ALA H 363 27.33 -134.15 -128.19
C ALA H 363 28.79 -133.73 -128.08
N TRP H 364 29.08 -132.43 -128.22
CA TRP H 364 30.46 -131.98 -128.11
C TRP H 364 31.01 -132.18 -126.71
N ARG H 365 30.21 -131.85 -125.69
CA ARG H 365 30.65 -132.06 -124.32
C ARG H 365 30.83 -133.54 -124.02
N ALA H 366 29.92 -134.39 -124.54
CA ALA H 366 30.06 -135.83 -124.36
C ALA H 366 31.32 -136.35 -125.01
N ALA H 367 31.66 -135.85 -126.20
CA ALA H 367 32.88 -136.30 -126.87
C ALA H 367 34.12 -135.83 -126.12
N THR H 368 34.11 -134.58 -125.64
CA THR H 368 35.26 -134.09 -124.88
C THR H 368 35.41 -134.83 -123.55
N LEU H 369 34.31 -135.30 -122.96
CA LEU H 369 34.39 -136.08 -121.73
C LEU H 369 34.86 -137.50 -122.01
N GLU H 370 34.44 -138.08 -123.14
CA GLU H 370 34.90 -139.41 -123.50
C GLU H 370 36.38 -139.42 -123.86
N GLY H 371 36.87 -138.33 -124.47
CA GLY H 371 38.28 -138.22 -124.76
C GLY H 371 39.17 -138.11 -123.53
N TRP H 372 38.58 -137.90 -122.35
CA TRP H 372 39.33 -137.80 -121.11
C TRP H 372 39.02 -138.91 -120.11
N LYS H 373 37.88 -139.59 -120.25
CA LYS H 373 37.48 -140.61 -119.28
C LYS H 373 38.51 -141.72 -119.18
N LEU H 374 38.49 -142.41 -118.04
CA LEU H 374 39.45 -143.47 -117.78
C LEU H 374 39.17 -144.68 -118.66
N TYR H 375 40.25 -145.33 -119.11
CA TYR H 375 40.14 -146.51 -119.97
C TYR H 375 41.09 -147.60 -119.51
N HIS H 376 40.83 -148.18 -118.34
CA HIS H 376 41.66 -149.24 -117.79
C HIS H 376 40.98 -150.59 -118.03
N ASP H 377 41.70 -151.51 -118.66
CA ASP H 377 41.17 -152.84 -118.96
C ASP H 377 41.38 -153.72 -117.73
N ALA H 378 40.32 -153.89 -116.94
CA ALA H 378 40.37 -154.70 -115.73
C ALA H 378 40.14 -156.18 -116.01
N ASN H 379 40.00 -156.57 -117.28
CA ASN H 379 39.77 -157.96 -117.65
C ASN H 379 41.06 -158.76 -117.80
N ILE H 380 42.21 -158.15 -117.53
CA ILE H 380 43.49 -158.84 -117.67
C ILE H 380 43.61 -160.01 -116.71
N ASN H 381 42.83 -160.00 -115.62
CA ASN H 381 42.83 -161.13 -114.69
C ASN H 381 42.08 -162.34 -115.25
N GLY H 382 41.34 -162.18 -116.34
CA GLY H 382 40.61 -163.29 -116.93
C GLY H 382 39.23 -163.47 -116.33
N GLY H 383 38.28 -163.86 -117.16
CA GLY H 383 36.90 -164.08 -116.74
C GLY H 383 35.94 -163.14 -117.44
N THR H 384 34.68 -163.19 -117.02
CA THR H 384 33.64 -162.35 -117.59
C THR H 384 33.61 -161.03 -116.83
N GLU H 385 34.59 -160.17 -117.15
CA GLU H 385 34.72 -158.87 -116.55
C GLU H 385 34.52 -157.78 -117.59
N LEU H 386 33.97 -156.65 -117.15
CA LEU H 386 33.71 -155.52 -118.03
C LEU H 386 34.32 -154.26 -117.43
N GLN H 387 34.61 -153.29 -118.30
CA GLN H 387 35.19 -152.02 -117.89
C GLN H 387 34.52 -150.90 -118.68
N ALA H 388 34.99 -149.68 -118.46
CA ALA H 388 34.44 -148.49 -119.13
C ALA H 388 34.91 -148.50 -120.58
N VAL H 389 34.15 -149.22 -121.41
CA VAL H 389 34.48 -149.31 -122.83
C VAL H 389 34.08 -148.07 -123.60
N GLU H 390 33.13 -147.28 -123.08
CA GLU H 390 32.69 -146.07 -123.76
C GLU H 390 33.71 -144.96 -123.54
N GLY H 391 34.33 -144.51 -124.62
CA GLY H 391 35.33 -143.46 -124.55
C GLY H 391 36.33 -143.61 -125.66
N ASN H 392 37.49 -142.98 -125.47
CA ASN H 392 38.57 -143.01 -126.44
C ASN H 392 39.76 -143.79 -125.88
N PRO H 393 40.36 -144.69 -126.67
CA PRO H 393 41.49 -145.47 -126.19
C PRO H 393 42.83 -144.74 -126.23
N TYR H 394 42.84 -143.41 -126.35
CA TYR H 394 44.07 -142.63 -126.40
C TYR H 394 43.98 -141.47 -125.40
N ARG H 395 43.78 -141.83 -124.13
CA ARG H 395 43.68 -140.81 -123.09
C ARG H 395 45.01 -140.06 -122.90
N CYS H 396 46.12 -140.79 -122.93
CA CYS H 396 47.42 -140.14 -122.78
C CYS H 396 47.74 -139.27 -124.00
N VAL H 397 47.33 -139.71 -125.19
CA VAL H 397 47.52 -138.90 -126.39
C VAL H 397 46.68 -137.63 -126.30
N TRP H 398 45.46 -137.74 -125.76
CA TRP H 398 44.63 -136.56 -125.57
C TRP H 398 45.26 -135.61 -124.55
N LYS H 399 45.85 -136.17 -123.48
CA LYS H 399 46.52 -135.32 -122.51
C LYS H 399 47.72 -134.62 -123.12
N THR H 400 48.47 -135.31 -123.97
CA THR H 400 49.60 -134.68 -124.66
C THR H 400 49.12 -133.58 -125.61
N CYS H 401 48.03 -133.83 -126.32
CA CYS H 401 47.48 -132.81 -127.20
C CYS H 401 47.01 -131.59 -126.42
N CYS H 402 46.43 -131.81 -125.24
CA CYS H 402 46.02 -130.70 -124.40
C CYS H 402 47.23 -129.92 -123.88
N TRP H 403 48.30 -130.64 -123.52
CA TRP H 403 49.52 -129.97 -123.08
C TRP H 403 50.12 -129.15 -124.19
N ARG H 404 50.04 -129.63 -125.43
CA ARG H 404 50.54 -128.86 -126.57
C ARG H 404 49.66 -127.64 -126.84
N MET H 405 48.34 -127.80 -126.74
CA MET H 405 47.44 -126.67 -126.92
C MET H 405 47.60 -125.64 -125.82
N ALA H 406 48.07 -126.06 -124.65
CA ALA H 406 48.37 -125.10 -123.57
C ALA H 406 49.45 -124.13 -124.01
N GLU H 407 50.55 -124.64 -124.56
CA GLU H 407 51.58 -123.76 -125.10
C GLU H 407 51.09 -123.02 -126.34
N ASP H 408 50.20 -123.62 -127.10
CA ASP H 408 49.61 -122.94 -128.25
C ASP H 408 48.79 -121.74 -127.78
N GLU H 409 48.74 -120.71 -128.63
CA GLU H 409 48.06 -119.46 -128.30
C GLU H 409 46.64 -119.38 -128.83
N GLN H 410 46.15 -120.43 -129.50
CA GLN H 410 44.81 -120.42 -130.08
C GLN H 410 43.75 -120.88 -129.09
N PHE H 411 43.83 -120.46 -127.83
CA PHE H 411 42.85 -120.84 -126.83
C PHE H 411 42.69 -119.68 -125.85
N ASN H 412 41.86 -119.90 -124.83
CA ASN H 412 41.56 -118.90 -123.83
C ASN H 412 42.38 -119.11 -122.57
N LYS H 413 42.33 -118.12 -121.68
CA LYS H 413 43.10 -118.19 -120.44
C LYS H 413 42.59 -119.30 -119.53
N TYR H 414 41.27 -119.46 -119.42
CA TYR H 414 40.73 -120.51 -118.59
C TYR H 414 41.05 -121.89 -119.14
N GLU H 415 41.00 -122.04 -120.48
CA GLU H 415 41.37 -123.33 -121.08
C GLU H 415 42.85 -123.62 -120.88
N ARG H 416 43.71 -122.59 -120.97
CA ARG H 416 45.13 -122.78 -120.71
C ARG H 416 45.36 -123.18 -119.26
N ALA H 417 44.61 -122.58 -118.33
CA ALA H 417 44.74 -122.95 -116.92
C ALA H 417 44.29 -124.39 -116.68
N ILE H 418 43.19 -124.80 -117.32
CA ILE H 418 42.73 -126.18 -117.19
C ILE H 418 43.77 -127.14 -117.74
N TYR H 419 44.35 -126.81 -118.90
CA TYR H 419 45.37 -127.66 -119.51
C TYR H 419 46.60 -127.76 -118.60
N ALA H 420 47.01 -126.64 -118.01
CA ALA H 420 48.15 -126.67 -117.09
C ALA H 420 47.83 -127.52 -115.86
N THR H 421 46.60 -127.41 -115.34
CA THR H 421 46.23 -128.20 -114.18
C THR H 421 46.20 -129.69 -114.49
N LEU H 422 45.78 -130.06 -115.70
CA LEU H 422 45.70 -131.48 -116.04
C LEU H 422 47.02 -132.05 -116.54
N SER H 423 47.96 -131.21 -116.98
CA SER H 423 49.23 -131.68 -117.50
C SER H 423 50.42 -131.36 -116.61
N GLY H 424 50.19 -130.74 -115.45
CA GLY H 424 51.29 -130.44 -114.55
C GLY H 424 52.16 -129.29 -114.98
N ASN H 425 51.64 -128.36 -115.78
CA ASN H 425 52.43 -127.22 -116.24
C ASN H 425 52.54 -126.17 -115.14
N LEU H 426 53.56 -125.32 -115.27
CA LEU H 426 53.83 -124.28 -114.29
C LEU H 426 53.69 -122.87 -114.84
N LYS H 427 53.88 -122.67 -116.15
CA LYS H 427 53.79 -121.33 -116.73
C LYS H 427 52.34 -120.88 -116.92
N GLN H 428 51.36 -121.76 -116.72
CA GLN H 428 49.96 -121.41 -116.86
C GLN H 428 49.14 -121.87 -115.67
N LEU H 429 49.78 -122.17 -114.54
CA LEU H 429 49.07 -122.63 -113.35
C LEU H 429 49.51 -121.85 -112.12
N LEU H 430 50.78 -121.46 -112.08
CA LEU H 430 51.27 -120.69 -110.93
C LEU H 430 50.69 -119.28 -110.89
N PRO H 431 50.69 -118.49 -111.97
CA PRO H 431 50.06 -117.17 -111.89
C PRO H 431 48.56 -117.21 -111.68
N VAL H 432 47.89 -118.31 -112.05
CA VAL H 432 46.45 -118.41 -111.86
C VAL H 432 46.11 -118.62 -110.39
N CYS H 433 46.74 -119.61 -109.77
CA CYS H 433 46.51 -119.90 -108.34
C CYS H 433 47.33 -118.94 -107.50
N GLU H 434 46.68 -117.95 -106.91
CA GLU H 434 47.33 -116.97 -106.06
C GLU H 434 47.10 -117.21 -104.58
N SER H 435 46.30 -118.22 -104.23
CA SER H 435 46.02 -118.54 -102.84
C SER H 435 46.92 -119.69 -102.37
N TRP H 436 47.21 -119.70 -101.06
CA TRP H 436 48.06 -120.74 -100.50
C TRP H 436 47.42 -122.11 -100.66
N GLU H 437 46.11 -122.21 -100.37
CA GLU H 437 45.43 -123.50 -100.51
C GLU H 437 45.45 -124.00 -101.94
N ASP H 438 45.18 -123.10 -102.90
CA ASP H 438 45.17 -123.50 -104.30
C ASP H 438 46.56 -123.91 -104.77
N THR H 439 47.59 -123.18 -104.36
CA THR H 439 48.95 -123.55 -104.74
C THR H 439 49.36 -124.89 -104.15
N VAL H 440 49.01 -125.13 -102.88
CA VAL H 440 49.33 -126.40 -102.24
C VAL H 440 48.60 -127.55 -102.94
N TRP H 441 47.32 -127.33 -103.28
CA TRP H 441 46.55 -128.37 -103.97
C TRP H 441 47.16 -128.68 -105.33
N ALA H 442 47.52 -127.64 -106.10
CA ALA H 442 48.11 -127.86 -107.41
C ALA H 442 49.45 -128.58 -107.30
N HIS H 443 50.28 -128.17 -106.35
CA HIS H 443 51.59 -128.80 -106.18
C HIS H 443 51.44 -130.27 -105.80
N PHE H 444 50.55 -130.56 -104.84
CA PHE H 444 50.37 -131.95 -104.42
C PHE H 444 49.77 -132.80 -105.54
N LYS H 445 48.85 -132.23 -106.32
CA LYS H 445 48.27 -132.98 -107.43
C LYS H 445 49.31 -133.29 -108.48
N VAL H 446 50.15 -132.30 -108.83
CA VAL H 446 51.21 -132.53 -109.80
C VAL H 446 52.18 -133.58 -109.28
N MET H 447 52.51 -133.51 -107.98
CA MET H 447 53.45 -134.46 -107.40
C MET H 447 52.91 -135.88 -107.46
N VAL H 448 51.66 -136.08 -107.03
CA VAL H 448 51.11 -137.43 -107.02
C VAL H 448 50.90 -137.94 -108.44
N ASP H 449 50.55 -137.06 -109.38
CA ASP H 449 50.38 -137.49 -110.77
C ASP H 449 51.72 -137.94 -111.36
N SER H 450 52.77 -137.14 -111.16
CA SER H 450 54.09 -137.54 -111.65
C SER H 450 54.55 -138.83 -111.00
N LEU H 451 54.30 -138.98 -109.70
CA LEU H 451 54.74 -140.18 -108.99
C LEU H 451 54.03 -141.42 -109.52
N VAL H 452 52.70 -141.35 -109.67
CA VAL H 452 51.97 -142.52 -110.14
C VAL H 452 52.30 -142.82 -111.60
N GLU H 453 52.55 -141.79 -112.41
CA GLU H 453 52.91 -142.03 -113.81
C GLU H 453 54.27 -142.70 -113.91
N GLN H 454 55.26 -142.21 -113.14
CA GLN H 454 56.57 -142.84 -113.14
C GLN H 454 56.51 -144.27 -112.62
N GLU H 455 55.69 -144.51 -111.59
CA GLU H 455 55.56 -145.87 -111.06
C GLU H 455 54.94 -146.80 -112.08
N ILE H 456 53.87 -146.37 -112.76
CA ILE H 456 53.23 -147.22 -113.75
C ILE H 456 54.16 -147.48 -114.92
N ARG H 457 54.91 -146.46 -115.35
CA ARG H 457 55.84 -146.64 -116.46
C ARG H 457 56.98 -147.58 -116.10
N ALA H 458 57.48 -147.49 -114.87
CA ALA H 458 58.51 -148.42 -114.43
C ALA H 458 57.95 -149.84 -114.25
N SER H 459 56.67 -149.95 -113.92
CA SER H 459 56.03 -151.26 -113.79
C SER H 459 55.66 -151.82 -115.15
N ILE H 460 54.44 -151.52 -115.60
CA ILE H 460 53.91 -152.10 -116.84
C ILE H 460 52.98 -151.10 -117.50
N ILE H 461 52.76 -151.29 -118.80
CA ILE H 461 51.85 -150.46 -119.59
C ILE H 461 50.94 -151.40 -120.38
N SER H 462 49.65 -151.39 -120.06
CA SER H 462 48.69 -152.26 -120.73
C SER H 462 47.29 -151.69 -120.65
N PHE H 463 47.16 -150.37 -120.65
CA PHE H 463 45.88 -149.69 -120.58
C PHE H 463 45.70 -148.70 -121.72
N ASN H 464 46.37 -148.95 -122.85
CA ASN H 464 46.30 -148.11 -124.04
C ASN H 464 46.70 -146.67 -123.71
N GLU H 465 48.02 -146.49 -123.56
CA GLU H 465 48.60 -145.20 -123.25
C GLU H 465 49.95 -145.09 -123.96
N ALA H 466 50.08 -144.12 -124.85
CA ALA H 466 51.30 -143.93 -125.61
C ALA H 466 51.64 -142.44 -125.61
N ASN H 467 52.43 -142.02 -126.60
CA ASN H 467 52.84 -140.62 -126.79
C ASN H 467 53.63 -140.08 -125.60
N GLU H 468 54.17 -140.96 -124.76
CA GLU H 468 54.99 -140.60 -123.61
C GLU H 468 54.25 -139.66 -122.66
N LEU H 469 54.98 -139.02 -121.76
CA LEU H 469 54.45 -138.09 -120.78
C LEU H 469 54.83 -136.66 -121.15
N PRO H 470 54.07 -135.67 -120.67
CA PRO H 470 54.44 -134.28 -120.92
C PRO H 470 55.80 -133.95 -120.33
N ARG H 471 56.46 -132.96 -120.95
CA ARG H 471 57.81 -132.59 -120.54
C ARG H 471 57.85 -131.95 -119.16
N GLU H 472 56.72 -131.46 -118.66
CA GLU H 472 56.70 -130.84 -117.34
C GLU H 472 56.86 -131.88 -116.24
N TYR H 473 56.36 -133.10 -116.45
CA TYR H 473 56.52 -134.18 -115.49
C TYR H 473 57.89 -134.84 -115.56
N LEU H 474 58.72 -134.47 -116.53
CA LEU H 474 60.04 -135.08 -116.71
C LEU H 474 61.19 -134.13 -116.48
N GLU H 475 61.02 -132.83 -116.77
CA GLU H 475 62.10 -131.86 -116.60
C GLU H 475 62.03 -131.13 -115.27
N ALA H 476 61.49 -131.77 -114.23
CA ALA H 476 61.39 -131.14 -112.93
C ALA H 476 61.25 -132.22 -111.86
N ASN H 477 62.14 -132.18 -110.87
CA ASN H 477 62.09 -133.12 -109.76
C ASN H 477 61.09 -132.64 -108.72
N TRP H 478 60.26 -133.55 -108.23
CA TRP H 478 59.20 -133.23 -107.28
C TRP H 478 59.49 -133.91 -105.96
N THR H 479 59.76 -133.11 -104.92
CA THR H 479 60.02 -133.60 -103.58
C THR H 479 59.36 -132.67 -102.58
N LEU H 480 59.05 -133.21 -101.39
CA LEU H 480 58.39 -132.41 -100.36
C LEU H 480 59.30 -131.28 -99.89
N ASP H 481 60.59 -131.58 -99.66
CA ASP H 481 61.52 -130.55 -99.21
C ASP H 481 61.70 -129.47 -100.28
N SER H 482 61.79 -129.89 -101.55
CA SER H 482 61.94 -128.92 -102.63
C SER H 482 60.69 -128.05 -102.77
N VAL H 483 59.51 -128.63 -102.62
CA VAL H 483 58.28 -127.87 -102.70
C VAL H 483 58.20 -126.87 -101.54
N PHE H 484 58.60 -127.29 -100.33
CA PHE H 484 58.58 -126.38 -99.20
C PHE H 484 59.59 -125.25 -99.39
N GLU H 485 60.77 -125.55 -99.93
CA GLU H 485 61.76 -124.51 -100.18
C GLU H 485 61.26 -123.52 -101.23
N GLU H 486 60.62 -124.03 -102.29
CA GLU H 486 60.07 -123.14 -103.30
C GLU H 486 58.97 -122.26 -102.73
N LEU H 487 58.10 -122.83 -101.88
CA LEU H 487 57.04 -122.04 -101.27
C LEU H 487 57.59 -120.98 -100.33
N GLN H 488 58.66 -121.29 -99.61
CA GLN H 488 59.26 -120.32 -98.71
C GLN H 488 60.12 -119.29 -99.44
N ALA H 489 60.57 -119.59 -100.66
CA ALA H 489 61.37 -118.65 -101.44
C ALA H 489 60.57 -117.88 -102.47
N THR H 490 59.29 -118.20 -102.66
CA THR H 490 58.46 -117.46 -103.60
C THR H 490 58.30 -116.01 -103.15
N ASP H 491 58.27 -115.11 -104.13
CA ASP H 491 58.14 -113.67 -103.87
C ASP H 491 56.71 -113.18 -103.94
N LYS H 492 55.73 -114.09 -103.91
CA LYS H 492 54.33 -113.70 -103.94
C LYS H 492 53.94 -113.05 -102.63
N LYS H 493 53.46 -111.80 -102.70
CA LYS H 493 53.13 -111.05 -101.49
C LYS H 493 51.96 -111.69 -100.74
N ARG H 494 50.91 -112.10 -101.46
CA ARG H 494 49.76 -112.70 -100.80
C ARG H 494 50.13 -114.03 -100.15
N VAL H 495 50.90 -114.86 -100.86
CA VAL H 495 51.31 -116.15 -100.31
C VAL H 495 52.20 -115.95 -99.09
N LEU H 496 53.09 -114.95 -99.14
CA LEU H 496 53.97 -114.70 -98.00
C LEU H 496 53.19 -114.21 -96.79
N GLU H 497 52.23 -113.30 -97.02
CA GLU H 497 51.42 -112.80 -95.91
C GLU H 497 50.52 -113.91 -95.35
N GLU H 498 50.11 -114.86 -96.18
CA GLU H 498 49.31 -115.98 -95.67
C GLU H 498 50.17 -116.94 -94.86
N ASN H 499 51.39 -117.24 -95.34
CA ASN H 499 52.26 -118.17 -94.65
C ASN H 499 52.86 -117.57 -93.38
N ARG H 500 52.94 -116.24 -93.29
CA ARG H 500 53.48 -115.61 -92.08
C ARG H 500 52.58 -115.81 -90.87
N GLU H 501 51.32 -116.17 -91.08
CA GLU H 501 50.41 -116.42 -89.97
C GLU H 501 50.82 -117.69 -89.23
N HIS H 502 50.54 -117.71 -87.92
CA HIS H 502 50.89 -118.86 -87.11
C HIS H 502 50.09 -120.10 -87.49
N TYR H 503 48.88 -119.91 -88.02
CA TYR H 503 48.07 -121.05 -88.44
C TYR H 503 48.73 -121.83 -89.57
N HIS H 504 49.20 -121.12 -90.60
CA HIS H 504 49.90 -121.79 -91.69
C HIS H 504 51.20 -122.43 -91.20
N ILE H 505 51.89 -121.79 -90.26
CA ILE H 505 53.14 -122.33 -89.74
C ILE H 505 52.89 -123.66 -89.03
N ILE H 506 51.89 -123.68 -88.13
CA ILE H 506 51.61 -124.92 -87.41
C ILE H 506 51.02 -125.98 -88.35
N GLN H 507 50.30 -125.56 -89.39
CA GLN H 507 49.81 -126.52 -90.36
C GLN H 507 50.96 -127.17 -91.13
N LYS H 508 51.93 -126.38 -91.56
CA LYS H 508 53.10 -126.94 -92.24
C LYS H 508 53.90 -127.83 -91.31
N PHE H 509 53.99 -127.45 -90.03
CA PHE H 509 54.72 -128.28 -89.07
C PHE H 509 54.03 -129.61 -88.86
N VAL H 510 52.69 -129.61 -88.77
CA VAL H 510 51.95 -130.86 -88.60
C VAL H 510 52.06 -131.71 -89.86
N ILE H 511 52.05 -131.08 -91.03
CA ILE H 511 52.22 -131.82 -92.28
C ILE H 511 53.59 -132.49 -92.31
N LEU H 512 54.64 -131.75 -91.90
CA LEU H 512 55.97 -132.34 -91.81
C LEU H 512 56.08 -133.36 -90.70
N ALA H 513 55.14 -133.36 -89.75
CA ALA H 513 55.11 -134.31 -88.64
C ALA H 513 56.36 -134.21 -87.78
N ASP H 514 56.58 -133.00 -87.25
CA ASP H 514 57.73 -132.70 -86.39
C ASP H 514 57.19 -132.07 -85.11
N VAL H 515 57.02 -132.89 -84.08
CA VAL H 515 56.55 -132.37 -82.80
C VAL H 515 57.61 -131.50 -82.14
N ASP H 516 58.88 -131.81 -82.37
CA ASP H 516 59.96 -130.99 -81.82
C ASP H 516 59.92 -129.58 -82.41
N GLY H 517 59.61 -129.47 -83.71
CA GLY H 517 59.50 -128.17 -84.32
C GLY H 517 58.35 -127.35 -83.73
N LEU H 518 57.21 -127.98 -83.49
CA LEU H 518 56.09 -127.29 -82.87
C LEU H 518 56.43 -126.86 -81.45
N MET H 519 57.12 -127.72 -80.70
CA MET H 519 57.53 -127.35 -79.34
C MET H 519 58.50 -126.18 -79.36
N ASP H 520 59.45 -126.19 -80.30
CA ASP H 520 60.40 -125.08 -80.40
C ASP H 520 59.69 -123.78 -80.80
N GLU H 521 58.72 -123.87 -81.70
CA GLU H 521 57.97 -122.68 -82.09
C GLU H 521 57.15 -122.13 -80.92
N PHE H 522 56.53 -123.02 -80.14
CA PHE H 522 55.77 -122.57 -78.97
C PHE H 522 56.69 -121.94 -77.93
N SER H 523 57.87 -122.53 -77.72
CA SER H 523 58.82 -121.95 -76.77
C SER H 523 59.31 -120.59 -77.23
N GLU H 524 59.58 -120.45 -78.54
CA GLU H 524 60.01 -119.15 -79.06
C GLU H 524 58.91 -118.11 -78.93
N TRP H 525 57.66 -118.49 -79.19
CA TRP H 525 56.55 -117.55 -79.04
C TRP H 525 56.38 -117.14 -77.58
N LEU H 526 56.50 -118.09 -76.65
CA LEU H 526 56.38 -117.76 -75.23
C LEU H 526 57.53 -116.89 -74.75
N SER H 527 58.73 -117.08 -75.30
CA SER H 527 59.85 -116.24 -74.92
C SER H 527 59.75 -114.85 -75.52
N ASN H 528 59.18 -114.73 -76.72
CA ASN H 528 59.04 -113.43 -77.35
C ASN H 528 57.91 -112.63 -76.73
N GLY H 529 56.82 -113.28 -76.34
CA GLY H 529 55.71 -112.59 -75.73
C GLY H 529 54.67 -113.52 -75.12
N LYS H 530 54.40 -113.35 -73.83
CA LYS H 530 53.39 -114.16 -73.16
C LYS H 530 51.97 -113.65 -73.42
N ASN H 531 51.82 -112.39 -73.83
CA ASN H 531 50.50 -111.82 -74.10
C ASN H 531 50.14 -111.87 -75.57
N LEU H 532 51.07 -112.24 -76.45
CA LEU H 532 50.76 -112.30 -77.88
C LEU H 532 49.84 -113.48 -78.19
N LEU H 533 49.92 -114.55 -77.41
CA LEU H 533 49.07 -115.71 -77.62
C LEU H 533 47.65 -115.40 -77.15
N LEU H 534 46.68 -115.51 -78.07
CA LEU H 534 45.31 -115.16 -77.77
C LEU H 534 44.59 -116.34 -77.10
N GLY H 535 43.34 -116.10 -76.69
CA GLY H 535 42.60 -117.12 -75.98
C GLY H 535 42.31 -118.35 -76.82
N HIS H 536 41.90 -118.16 -78.07
CA HIS H 536 41.62 -119.31 -78.93
C HIS H 536 42.89 -120.08 -79.23
N LEU H 537 44.00 -119.38 -79.45
CA LEU H 537 45.27 -120.06 -79.69
C LEU H 537 45.70 -120.88 -78.48
N LEU H 538 45.58 -120.29 -77.28
CA LEU H 538 45.93 -121.01 -76.07
C LEU H 538 45.03 -122.22 -75.86
N ARG H 539 43.73 -122.07 -76.15
CA ARG H 539 42.81 -123.20 -76.01
C ARG H 539 43.15 -124.31 -76.98
N PHE H 540 43.45 -123.97 -78.23
CA PHE H 540 43.82 -124.98 -79.21
C PHE H 540 45.12 -125.68 -78.82
N MET H 541 46.10 -124.93 -78.32
CA MET H 541 47.35 -125.54 -77.89
C MET H 541 47.14 -126.47 -76.72
N THR H 542 46.31 -126.06 -75.74
CA THR H 542 46.05 -126.92 -74.59
C THR H 542 45.29 -128.17 -75.01
N HIS H 543 44.35 -128.04 -75.95
CA HIS H 543 43.63 -129.21 -76.43
C HIS H 543 44.57 -130.17 -77.16
N LEU H 544 45.49 -129.63 -77.96
CA LEU H 544 46.46 -130.48 -78.64
C LEU H 544 47.38 -131.17 -77.65
N LEU H 545 47.80 -130.46 -76.59
CA LEU H 545 48.65 -131.08 -75.57
C LEU H 545 47.90 -132.18 -74.82
N LEU H 546 46.62 -131.94 -74.52
CA LEU H 546 45.83 -132.98 -73.86
C LEU H 546 45.65 -134.20 -74.75
N PHE H 547 45.42 -133.97 -76.05
CA PHE H 547 45.32 -135.08 -76.99
C PHE H 547 46.63 -135.87 -77.06
N PHE H 548 47.76 -135.15 -77.05
CA PHE H 548 49.06 -135.82 -77.04
C PHE H 548 49.24 -136.66 -75.79
N ARG H 549 48.89 -136.10 -74.63
CA ARG H 549 49.04 -136.82 -73.37
C ARG H 549 48.12 -138.02 -73.29
N THR H 550 46.92 -137.94 -73.89
CA THR H 550 46.00 -139.06 -73.87
C THR H 550 46.38 -140.14 -74.89
N LEU H 551 47.01 -139.75 -76.00
CA LEU H 551 47.40 -140.73 -77.00
C LEU H 551 48.74 -141.40 -76.67
N GLY H 552 49.61 -140.70 -75.93
CA GLY H 552 50.89 -141.24 -75.57
C GLY H 552 52.06 -140.73 -76.38
N LEU H 553 51.98 -139.53 -76.92
CA LEU H 553 53.06 -138.97 -77.73
C LEU H 553 54.08 -138.27 -76.83
N GLN H 554 55.18 -137.84 -77.46
CA GLN H 554 56.24 -137.16 -76.73
C GLN H 554 55.95 -135.67 -76.63
N ALA H 555 56.22 -135.10 -75.47
CA ALA H 555 55.98 -133.68 -75.23
C ALA H 555 56.86 -133.21 -74.09
N LYS H 556 57.32 -131.96 -74.19
CA LYS H 556 58.15 -131.36 -73.16
C LYS H 556 57.31 -131.05 -71.93
N GLU H 557 57.74 -131.56 -70.77
CA GLU H 557 56.98 -131.38 -69.54
C GLU H 557 56.92 -129.91 -69.13
N GLU H 558 58.03 -129.20 -69.26
CA GLU H 558 58.07 -127.79 -68.87
C GLU H 558 57.13 -126.95 -69.72
N VAL H 559 57.21 -127.11 -71.05
CA VAL H 559 56.33 -126.36 -71.94
C VAL H 559 54.88 -126.77 -71.71
N SER H 560 54.64 -128.05 -71.43
CA SER H 560 53.28 -128.52 -71.19
C SER H 560 52.68 -127.87 -69.95
N VAL H 561 53.42 -127.87 -68.84
CA VAL H 561 52.90 -127.29 -67.62
C VAL H 561 52.80 -125.77 -67.73
N GLU H 562 53.68 -125.14 -68.51
CA GLU H 562 53.57 -123.70 -68.73
C GLU H 562 52.31 -123.35 -69.51
N VAL H 563 52.03 -124.09 -70.58
CA VAL H 563 50.81 -123.87 -71.35
C VAL H 563 49.58 -124.15 -70.49
N LEU H 564 49.65 -125.19 -69.65
CA LEU H 564 48.52 -125.52 -68.79
C LEU H 564 48.26 -124.40 -67.78
N LYS H 565 49.33 -123.85 -67.20
CA LYS H 565 49.16 -122.76 -66.24
C LYS H 565 48.61 -121.50 -66.92
N THR H 566 49.10 -121.19 -68.12
CA THR H 566 48.60 -120.03 -68.83
C THR H 566 47.13 -120.19 -69.18
N TYR H 567 46.74 -121.39 -69.64
CA TYR H 567 45.33 -121.61 -69.97
C TYR H 567 44.46 -121.64 -68.73
N ILE H 568 45.00 -122.10 -67.59
CA ILE H 568 44.23 -122.06 -66.34
C ILE H 568 44.00 -120.62 -65.91
N GLN H 569 45.03 -119.78 -66.04
CA GLN H 569 44.86 -118.36 -65.74
C GLN H 569 43.83 -117.72 -66.65
N ARG H 570 43.90 -118.01 -67.95
CA ARG H 570 42.92 -117.46 -68.88
C ARG H 570 41.51 -117.95 -68.57
N LEU H 571 41.38 -119.21 -68.15
CA LEU H 571 40.07 -119.77 -67.83
C LEU H 571 39.51 -119.13 -66.56
N ILE H 572 40.37 -118.89 -65.56
CA ILE H 572 39.92 -118.19 -64.36
C ILE H 572 39.50 -116.76 -64.70
N ASN H 573 40.22 -116.13 -65.63
CA ASN H 573 39.85 -114.77 -66.03
C ASN H 573 38.51 -114.76 -66.76
N GLU H 574 38.27 -115.74 -67.62
CA GLU H 574 37.03 -115.82 -68.38
C GLU H 574 35.90 -116.49 -67.61
N LYS H 575 36.15 -116.93 -66.37
CA LYS H 575 35.15 -117.51 -65.49
C LYS H 575 34.58 -118.80 -66.05
N GLN H 576 35.21 -119.93 -65.73
CA GLN H 576 34.70 -121.23 -66.14
C GLN H 576 35.12 -122.26 -65.11
N ILE H 577 34.25 -123.23 -64.86
CA ILE H 577 34.45 -124.22 -63.79
C ILE H 577 34.56 -125.64 -64.32
N GLU H 578 33.93 -125.97 -65.44
CA GLU H 578 33.82 -127.34 -65.91
C GLU H 578 35.15 -127.97 -66.31
N LEU H 579 36.21 -127.18 -66.48
CA LEU H 579 37.47 -127.71 -66.96
C LEU H 579 38.65 -127.48 -66.01
N ILE H 580 38.45 -126.75 -64.91
CA ILE H 580 39.56 -126.47 -64.01
C ILE H 580 40.06 -127.75 -63.35
N ALA H 581 39.14 -128.65 -63.00
CA ALA H 581 39.55 -129.90 -62.38
C ALA H 581 40.35 -130.76 -63.36
N PHE H 582 39.89 -130.85 -64.62
CA PHE H 582 40.61 -131.62 -65.62
C PHE H 582 41.96 -131.01 -65.94
N TYR H 583 42.09 -129.68 -65.87
CA TYR H 583 43.38 -129.04 -66.13
C TYR H 583 44.32 -129.16 -64.94
N VAL H 584 43.77 -129.25 -63.72
CA VAL H 584 44.60 -129.40 -62.53
C VAL H 584 45.09 -130.85 -62.39
N SER H 585 44.26 -131.81 -62.81
CA SER H 585 44.63 -133.22 -62.68
C SER H 585 45.88 -133.59 -63.47
N HIS H 586 46.30 -132.74 -64.41
CA HIS H 586 47.50 -132.98 -65.21
C HIS H 586 48.61 -131.97 -64.90
N LEU H 587 48.77 -131.61 -63.63
CA LEU H 587 49.76 -130.64 -63.20
C LEU H 587 50.57 -131.20 -62.04
N PRO H 588 51.79 -130.67 -61.80
CA PRO H 588 52.57 -131.12 -60.64
C PRO H 588 51.90 -130.77 -59.33
N GLN H 589 52.53 -131.16 -58.21
CA GLN H 589 51.91 -130.96 -56.91
C GLN H 589 51.82 -129.49 -56.54
N GLU H 590 52.97 -128.80 -56.53
CA GLU H 590 52.99 -127.41 -56.06
C GLU H 590 52.19 -126.49 -56.98
N LEU H 591 52.33 -126.66 -58.29
CA LEU H 591 51.64 -125.79 -59.23
C LEU H 591 50.13 -125.96 -59.13
N ALA H 592 49.66 -127.22 -59.10
CA ALA H 592 48.22 -127.46 -58.98
C ALA H 592 47.70 -127.00 -57.64
N ILE H 593 48.48 -127.15 -56.58
CA ILE H 593 48.06 -126.69 -55.26
C ILE H 593 47.91 -125.17 -55.26
N SER H 594 48.87 -124.46 -55.86
CA SER H 594 48.78 -123.00 -55.92
C SER H 594 47.60 -122.56 -56.78
N GLN H 595 47.34 -123.27 -57.88
CA GLN H 595 46.21 -122.92 -58.73
C GLN H 595 44.89 -123.12 -58.01
N TYR H 596 44.76 -124.24 -57.27
CA TYR H 596 43.55 -124.47 -56.50
C TYR H 596 43.39 -123.46 -55.37
N ALA H 597 44.51 -123.03 -54.76
CA ALA H 597 44.45 -122.00 -53.73
C ALA H 597 43.96 -120.69 -54.31
N VAL H 598 44.48 -120.31 -55.48
CA VAL H 598 44.03 -119.07 -56.13
C VAL H 598 42.56 -119.17 -56.50
N PHE H 599 42.13 -120.33 -57.00
CA PHE H 599 40.73 -120.52 -57.36
C PHE H 599 39.82 -120.40 -56.14
N LEU H 600 40.22 -121.00 -55.02
CA LEU H 600 39.43 -120.92 -53.80
C LEU H 600 39.40 -119.50 -53.24
N GLU H 601 40.51 -118.77 -53.36
CA GLU H 601 40.52 -117.38 -52.91
C GLU H 601 39.65 -116.49 -53.79
N ASN H 602 39.57 -116.80 -55.09
CA ASN H 602 38.76 -115.99 -55.99
C ASN H 602 37.28 -116.34 -55.92
N ILE H 603 36.95 -117.59 -55.60
CA ILE H 603 35.56 -118.05 -55.56
C ILE H 603 35.02 -117.86 -54.15
N THR H 604 33.86 -117.20 -54.05
CA THR H 604 33.16 -116.99 -52.80
C THR H 604 31.91 -117.87 -52.76
N ASP H 605 30.96 -117.52 -51.88
CA ASP H 605 29.68 -118.19 -51.70
C ASP H 605 29.85 -119.59 -51.11
N PRO H 606 29.02 -119.98 -50.15
CA PRO H 606 29.19 -121.31 -49.54
C PRO H 606 28.96 -122.45 -50.50
N ASP H 607 27.94 -122.37 -51.35
CA ASP H 607 27.66 -123.45 -52.31
C ASP H 607 28.80 -123.57 -53.32
N GLN H 608 29.30 -122.45 -53.84
CA GLN H 608 30.40 -122.50 -54.78
C GLN H 608 31.68 -123.00 -54.12
N ARG H 609 31.90 -122.63 -52.86
CA ARG H 609 33.06 -123.15 -52.13
C ARG H 609 32.97 -124.66 -51.94
N GLN H 610 31.78 -125.15 -51.60
CA GLN H 610 31.59 -126.59 -51.45
C GLN H 610 31.78 -127.31 -52.78
N ARG H 611 31.30 -126.72 -53.87
CA ARG H 611 31.50 -127.32 -55.19
C ARG H 611 32.98 -127.36 -55.55
N CYS H 612 33.72 -126.29 -55.25
CA CYS H 612 35.15 -126.28 -55.52
C CYS H 612 35.89 -127.30 -54.69
N LEU H 613 35.51 -127.46 -53.43
CA LEU H 613 36.14 -128.46 -52.58
C LEU H 613 35.83 -129.87 -53.08
N GLU H 614 34.61 -130.11 -53.55
CA GLU H 614 34.27 -131.41 -54.11
C GLU H 614 35.06 -131.69 -55.38
N LEU H 615 35.21 -130.67 -56.24
CA LEU H 615 36.01 -130.84 -57.44
C LEU H 615 37.47 -131.13 -57.10
N ALA H 616 38.00 -130.46 -56.07
CA ALA H 616 39.38 -130.70 -55.66
C ALA H 616 39.55 -132.12 -55.11
N LYS H 617 38.63 -132.57 -54.25
CA LYS H 617 38.73 -133.91 -53.70
C LYS H 617 38.47 -134.99 -54.75
N GLU H 618 37.77 -134.66 -55.83
CA GLU H 618 37.60 -135.60 -56.93
C GLU H 618 38.84 -135.64 -57.82
N ALA H 619 39.49 -134.50 -58.03
CA ALA H 619 40.73 -134.47 -58.81
C ALA H 619 41.87 -135.18 -58.08
N GLY H 620 41.97 -134.97 -56.77
CA GLY H 620 42.97 -135.66 -55.99
C GLY H 620 43.86 -134.74 -55.17
N LEU H 621 43.30 -133.64 -54.68
CA LEU H 621 44.02 -132.68 -53.85
C LEU H 621 43.16 -132.33 -52.64
N ASP H 622 43.71 -132.54 -51.45
CA ASP H 622 42.97 -132.25 -50.23
C ASP H 622 42.86 -130.75 -50.01
N VAL H 623 41.95 -130.37 -49.10
CA VAL H 623 41.72 -128.96 -48.81
C VAL H 623 42.65 -128.42 -47.73
N ALA H 624 43.27 -129.29 -46.93
CA ALA H 624 44.18 -128.83 -45.88
C ALA H 624 45.41 -128.17 -46.49
N SER H 625 46.00 -128.79 -47.52
CA SER H 625 47.15 -128.19 -48.18
C SER H 625 46.77 -126.89 -48.88
N ILE H 626 45.56 -126.83 -49.43
CA ILE H 626 45.09 -125.61 -50.10
C ILE H 626 44.98 -124.47 -49.09
N THR H 627 44.38 -124.76 -47.93
CA THR H 627 44.24 -123.74 -46.90
C THR H 627 45.60 -123.32 -46.35
N LYS H 628 46.52 -124.27 -46.19
CA LYS H 628 47.86 -123.93 -45.72
C LYS H 628 48.58 -123.03 -46.71
N THR H 629 48.46 -123.33 -48.01
CA THR H 629 49.10 -122.50 -49.02
C THR H 629 48.45 -121.12 -49.08
N VAL H 630 47.13 -121.05 -48.89
CA VAL H 630 46.45 -119.76 -48.84
C VAL H 630 46.99 -118.91 -47.69
N VAL H 631 47.11 -119.53 -46.50
CA VAL H 631 47.62 -118.81 -45.34
C VAL H 631 49.05 -118.37 -45.56
N GLU H 632 49.88 -119.25 -46.16
CA GLU H 632 51.27 -118.90 -46.41
C GLU H 632 51.39 -117.73 -47.39
N ASN H 633 50.59 -117.76 -48.46
CA ASN H 633 50.62 -116.66 -49.42
C ASN H 633 50.12 -115.36 -48.80
N THR H 634 49.09 -115.44 -47.96
CA THR H 634 48.59 -114.23 -47.30
C THR H 634 49.61 -113.66 -46.34
N ARG H 635 50.36 -114.52 -45.66
CA ARG H 635 51.39 -114.03 -44.74
C ARG H 635 52.62 -113.52 -45.48
N LYS H 636 52.90 -114.05 -46.67
CA LYS H 636 54.07 -113.64 -47.43
C LYS H 636 53.82 -112.39 -48.26
N LYS H 637 52.58 -112.13 -48.67
CA LYS H 637 52.28 -110.95 -49.47
C LYS H 637 52.39 -109.66 -48.68
N ASP H 638 52.41 -109.72 -47.35
CA ASP H 638 52.51 -108.55 -46.50
C ASP H 638 53.95 -108.40 -46.00
N ALA H 639 54.19 -107.34 -45.22
CA ALA H 639 55.52 -107.10 -44.69
C ALA H 639 55.83 -108.03 -43.52
N GLY H 640 54.82 -108.41 -42.74
CA GLY H 640 55.04 -109.29 -41.60
C GLY H 640 54.72 -108.58 -40.31
N GLU H 641 53.91 -109.24 -39.48
CA GLU H 641 53.51 -108.70 -38.17
C GLU H 641 54.32 -109.42 -37.11
N PHE H 642 55.45 -108.82 -36.74
CA PHE H 642 56.35 -109.38 -35.73
C PHE H 642 56.82 -108.25 -34.83
N ALA H 643 56.52 -108.37 -33.54
CA ALA H 643 56.93 -107.36 -32.56
C ALA H 643 57.02 -107.98 -31.17
N HIS H 644 57.79 -109.05 -31.04
CA HIS H 644 57.96 -109.76 -29.78
C HIS H 644 59.35 -109.50 -29.21
N HIS H 645 59.56 -109.96 -27.97
CA HIS H 645 60.84 -109.79 -27.31
C HIS H 645 61.80 -110.94 -27.60
N ASP H 646 61.29 -112.12 -27.97
CA ASP H 646 62.14 -113.25 -28.27
C ASP H 646 62.56 -113.32 -29.74
N PHE H 647 61.88 -112.59 -30.61
CA PHE H 647 62.18 -112.56 -32.04
C PHE H 647 62.55 -111.15 -32.45
N ALA H 648 62.77 -110.97 -33.76
CA ALA H 648 63.14 -109.66 -34.27
C ALA H 648 61.89 -108.85 -34.62
N PRO H 649 61.85 -107.58 -34.26
CA PRO H 649 60.68 -106.75 -34.58
C PRO H 649 60.57 -106.51 -36.07
N ALA H 650 59.35 -106.17 -36.49
CA ALA H 650 59.07 -105.90 -37.89
C ALA H 650 58.20 -104.66 -38.05
N LEU H 651 56.90 -104.81 -37.83
CA LEU H 651 55.94 -103.72 -37.95
C LEU H 651 55.12 -103.63 -36.68
N ASP H 652 55.10 -102.44 -36.07
CA ASP H 652 54.34 -102.23 -34.84
C ASP H 652 53.96 -100.75 -34.77
N SER H 653 52.74 -100.42 -35.23
CA SER H 653 52.28 -99.04 -35.22
C SER H 653 50.77 -98.95 -35.10
N GLY H 654 50.15 -99.92 -34.44
CA GLY H 654 48.70 -99.92 -34.27
C GLY H 654 48.01 -101.02 -35.05
N THR H 655 46.81 -100.73 -35.55
CA THR H 655 46.02 -101.67 -36.32
C THR H 655 45.75 -101.09 -37.70
N SER H 656 46.18 -101.80 -38.74
CA SER H 656 45.99 -101.34 -40.11
C SER H 656 45.19 -102.36 -40.91
N GLU H 657 45.39 -102.38 -42.22
CA GLU H 657 44.66 -103.32 -43.08
C GLU H 657 45.24 -104.72 -43.03
N GLU H 658 46.48 -104.88 -42.56
CA GLU H 658 47.08 -106.21 -42.49
C GLU H 658 46.34 -107.11 -41.51
N ASP H 659 45.97 -106.56 -40.34
CA ASP H 659 45.22 -107.34 -39.37
C ASP H 659 43.84 -107.71 -39.91
N ARG H 660 43.18 -106.77 -40.60
CA ARG H 660 41.88 -107.07 -41.18
C ARG H 660 41.99 -108.17 -42.24
N ALA H 661 43.05 -108.12 -43.06
CA ALA H 661 43.24 -109.16 -44.06
C ALA H 661 43.52 -110.51 -43.42
N LYS H 662 44.36 -110.53 -42.39
CA LYS H 662 44.66 -111.79 -41.70
C LYS H 662 43.44 -112.34 -40.98
N ILE H 663 42.52 -111.47 -40.56
CA ILE H 663 41.29 -111.94 -39.94
C ILE H 663 40.31 -112.47 -40.99
N ASP H 664 40.20 -111.77 -42.12
CA ASP H 664 39.27 -112.19 -43.16
C ASP H 664 39.75 -113.43 -43.91
N VAL H 665 41.06 -113.71 -43.90
CA VAL H 665 41.55 -114.91 -44.58
C VAL H 665 41.14 -116.18 -43.85
N ILE H 666 40.65 -116.07 -42.61
CA ILE H 666 40.18 -117.24 -41.87
C ILE H 666 38.78 -117.65 -42.28
N ASP H 667 38.14 -116.91 -43.19
CA ASP H 667 36.78 -117.23 -43.59
C ASP H 667 36.71 -118.58 -44.30
N TRP H 668 37.64 -118.84 -45.22
CA TRP H 668 37.65 -120.12 -45.91
C TRP H 668 37.94 -121.26 -44.95
N LEU H 669 38.85 -121.06 -44.00
CA LEU H 669 39.19 -122.10 -43.05
C LEU H 669 38.03 -122.40 -42.11
N VAL H 670 37.25 -121.38 -41.75
CA VAL H 670 36.10 -121.60 -40.87
C VAL H 670 34.89 -122.11 -41.64
N PHE H 671 34.85 -121.91 -42.96
CA PHE H 671 33.78 -122.46 -43.76
C PHE H 671 34.03 -123.91 -44.15
N ASP H 672 35.30 -124.29 -44.29
CA ASP H 672 35.63 -125.68 -44.58
C ASP H 672 35.28 -126.56 -43.39
N PRO H 673 34.44 -127.59 -43.57
CA PRO H 673 34.05 -128.43 -42.43
C PRO H 673 35.15 -129.35 -41.93
N ALA H 674 36.19 -129.60 -42.73
CA ALA H 674 37.28 -130.49 -42.35
C ALA H 674 38.56 -129.73 -42.01
N GLN H 675 38.46 -128.44 -41.71
CA GLN H 675 39.64 -127.62 -41.39
C GLN H 675 39.44 -126.81 -40.12
N ARG H 676 38.57 -127.26 -39.21
CA ARG H 676 38.32 -126.52 -37.99
C ARG H 676 39.55 -126.49 -37.09
N ALA H 677 40.30 -127.60 -37.05
CA ALA H 677 41.51 -127.64 -36.22
C ALA H 677 42.56 -126.66 -36.74
N GLU H 678 42.80 -126.65 -38.05
CA GLU H 678 43.76 -125.72 -38.62
C GLU H 678 43.29 -124.28 -38.46
N ALA H 679 41.98 -124.05 -38.59
CA ALA H 679 41.44 -122.71 -38.40
C ALA H 679 41.68 -122.22 -36.97
N LEU H 680 41.39 -123.07 -35.98
CA LEU H 680 41.62 -122.70 -34.59
C LEU H 680 43.11 -122.49 -34.32
N LYS H 681 43.96 -123.32 -34.91
CA LYS H 681 45.40 -123.17 -34.71
C LYS H 681 45.90 -121.84 -35.27
N GLN H 682 45.45 -121.48 -36.49
CA GLN H 682 45.86 -120.22 -37.08
C GLN H 682 45.30 -119.04 -36.30
N SER H 683 44.06 -119.15 -35.82
CA SER H 683 43.48 -118.08 -35.02
C SER H 683 44.27 -117.86 -33.73
N ASN H 684 44.65 -118.95 -33.06
CA ASN H 684 45.46 -118.81 -31.85
C ASN H 684 46.83 -118.24 -32.17
N ALA H 685 47.44 -118.68 -33.28
CA ALA H 685 48.77 -118.21 -33.64
C ALA H 685 48.78 -116.73 -33.99
N ILE H 686 47.69 -116.22 -34.57
CA ILE H 686 47.65 -114.80 -34.88
C ILE H 686 47.23 -114.00 -33.65
N MET H 687 46.37 -114.56 -32.79
CA MET H 687 45.92 -113.81 -31.62
C MET H 687 47.02 -113.69 -30.57
N ARG H 688 47.91 -114.69 -30.48
CA ARG H 688 49.03 -114.57 -29.55
C ARG H 688 49.99 -113.48 -30.01
N LYS H 689 50.24 -113.40 -31.31
CA LYS H 689 51.09 -112.34 -31.84
C LYS H 689 50.44 -110.97 -31.65
N PHE H 690 49.12 -110.89 -31.82
CA PHE H 690 48.41 -109.64 -31.59
C PHE H 690 48.51 -109.21 -30.12
N LEU H 691 48.30 -110.15 -29.21
CA LEU H 691 48.41 -109.83 -27.78
C LEU H 691 49.83 -109.45 -27.40
N ALA H 692 50.83 -110.03 -28.06
CA ALA H 692 52.22 -109.66 -27.78
C ALA H 692 52.53 -108.26 -28.32
N SER H 693 52.01 -107.94 -29.50
CA SER H 693 52.22 -106.63 -30.11
C SER H 693 51.17 -105.61 -29.68
N LYS H 694 50.38 -105.94 -28.64
CA LYS H 694 49.40 -105.02 -28.07
C LYS H 694 48.26 -104.73 -29.06
N LYS H 695 47.74 -105.78 -29.68
CA LYS H 695 46.58 -105.65 -30.56
C LYS H 695 45.45 -106.52 -30.04
N HIS H 696 44.97 -106.23 -28.83
CA HIS H 696 43.97 -107.07 -28.19
C HIS H 696 42.61 -106.98 -28.89
N GLU H 697 42.34 -105.89 -29.61
CA GLU H 697 41.04 -105.75 -30.27
C GLU H 697 40.85 -106.81 -31.35
N ALA H 698 41.86 -107.00 -32.20
CA ALA H 698 41.76 -108.01 -33.26
C ALA H 698 41.68 -109.41 -32.67
N ALA H 699 42.40 -109.66 -31.57
CA ALA H 699 42.34 -110.97 -30.93
C ALA H 699 40.94 -111.24 -30.37
N LYS H 700 40.36 -110.24 -29.68
CA LYS H 700 39.01 -110.41 -29.16
C LYS H 700 38.00 -110.60 -30.28
N GLU H 701 38.18 -109.88 -31.40
CA GLU H 701 37.26 -110.02 -32.52
C GLU H 701 37.34 -111.41 -33.13
N VAL H 702 38.56 -111.91 -33.37
CA VAL H 702 38.72 -113.23 -33.97
C VAL H 702 38.33 -114.34 -33.01
N PHE H 703 38.37 -114.08 -31.70
CA PHE H 703 37.90 -115.07 -30.75
C PHE H 703 36.39 -115.08 -30.60
N ALA H 704 35.75 -113.92 -30.74
CA ALA H 704 34.30 -113.85 -30.66
C ALA H 704 33.61 -114.26 -31.96
N LYS H 705 34.31 -114.14 -33.09
CA LYS H 705 33.71 -114.54 -34.35
C LYS H 705 33.57 -116.06 -34.45
N ILE H 706 34.52 -116.80 -33.90
CA ILE H 706 34.49 -118.26 -33.93
C ILE H 706 33.62 -118.76 -32.79
N PRO H 707 32.90 -119.87 -32.96
CA PRO H 707 32.06 -120.38 -31.88
C PRO H 707 32.90 -120.97 -30.75
N GLN H 708 32.20 -121.34 -29.67
CA GLN H 708 32.86 -121.90 -28.50
C GLN H 708 32.59 -123.40 -28.38
N ASP H 709 32.86 -124.15 -29.45
CA ASP H 709 32.66 -125.60 -29.43
C ASP H 709 33.77 -126.34 -30.15
N SER H 710 34.84 -125.67 -30.57
CA SER H 710 35.93 -126.35 -31.27
C SER H 710 36.63 -127.35 -30.35
N ILE H 711 36.79 -127.00 -29.07
CA ILE H 711 37.44 -127.91 -28.14
C ILE H 711 36.60 -129.17 -27.95
N ALA H 712 35.28 -129.00 -27.79
CA ALA H 712 34.40 -130.15 -27.64
C ALA H 712 34.39 -131.01 -28.91
N GLU H 713 34.40 -130.36 -30.08
CA GLU H 713 34.43 -131.11 -31.33
C GLU H 713 35.73 -131.91 -31.46
N ILE H 714 36.86 -131.31 -31.10
CA ILE H 714 38.13 -132.02 -31.17
C ILE H 714 38.15 -133.18 -30.19
N TYR H 715 37.63 -132.97 -28.98
CA TYR H 715 37.58 -134.05 -27.99
C TYR H 715 36.69 -135.20 -28.48
N SER H 716 35.55 -134.87 -29.07
CA SER H 716 34.66 -135.92 -29.57
C SER H 716 35.30 -136.67 -30.73
N GLN H 717 35.99 -135.96 -31.63
CA GLN H 717 36.66 -136.62 -32.74
C GLN H 717 37.81 -137.49 -32.27
N TRP H 718 38.49 -137.10 -31.19
CA TRP H 718 39.58 -137.92 -30.67
C TRP H 718 39.08 -139.10 -29.86
N GLU H 719 37.91 -138.99 -29.23
CA GLU H 719 37.36 -140.08 -28.44
C GLU H 719 36.52 -141.04 -29.26
N GLU H 720 36.04 -140.63 -30.43
CA GLU H 720 35.21 -141.51 -31.25
C GLU H 720 36.02 -142.45 -32.12
N GLN H 721 37.26 -142.10 -32.44
CA GLN H 721 38.11 -142.93 -33.28
C GLN H 721 38.73 -144.12 -32.53
N ALA H 722 38.53 -144.19 -31.21
CA ALA H 722 38.99 -145.29 -30.37
C ALA H 722 40.50 -145.42 -30.33
N MET H 723 41.23 -144.37 -30.68
CA MET H 723 42.68 -144.36 -30.53
C MET H 723 43.16 -142.92 -30.44
N ASP H 724 44.33 -142.73 -29.83
CA ASP H 724 44.92 -141.42 -29.64
C ASP H 724 46.34 -141.42 -30.17
N SER H 725 46.78 -140.25 -30.63
CA SER H 725 48.15 -140.09 -31.14
C SER H 725 49.09 -139.58 -30.06
N ALA H 726 48.98 -140.17 -28.87
CA ALA H 726 49.81 -139.82 -27.71
C ALA H 726 49.66 -138.34 -27.33
N LEU H 727 48.48 -137.78 -27.59
CA LEU H 727 48.12 -136.39 -27.28
C LEU H 727 49.03 -135.42 -28.04
N PRO H 728 48.54 -134.84 -29.14
CA PRO H 728 49.38 -133.89 -29.89
C PRO H 728 49.72 -132.67 -29.04
N ALA H 729 51.01 -132.32 -29.02
CA ALA H 729 51.46 -131.21 -28.19
C ALA H 729 50.87 -129.89 -28.66
N GLU H 730 50.88 -129.64 -29.98
CA GLU H 730 50.32 -128.40 -30.51
C GLU H 730 48.81 -128.34 -30.30
N ASP H 731 48.12 -129.48 -30.43
CA ASP H 731 46.67 -129.48 -30.20
C ASP H 731 46.35 -129.19 -28.74
N ASP H 732 47.10 -129.79 -27.80
CA ASP H 732 46.88 -129.51 -26.39
C ASP H 732 47.20 -128.06 -26.07
N ASN H 733 48.25 -127.51 -26.69
CA ASN H 733 48.58 -126.11 -26.46
C ASN H 733 47.49 -125.18 -26.99
N ALA H 734 46.93 -125.49 -28.16
CA ALA H 734 45.85 -124.69 -28.71
C ALA H 734 44.60 -124.79 -27.84
N ILE H 735 44.32 -125.98 -27.31
CA ILE H 735 43.16 -126.16 -26.43
C ILE H 735 43.34 -125.33 -25.16
N ARG H 736 44.53 -125.39 -24.56
CA ARG H 736 44.80 -124.62 -23.36
C ARG H 736 44.71 -123.13 -23.64
N GLU H 737 45.22 -122.68 -24.79
CA GLU H 737 45.16 -121.27 -25.14
C GLU H 737 43.71 -120.82 -25.32
N HIS H 738 42.89 -121.64 -25.98
CA HIS H 738 41.49 -121.28 -26.17
C HIS H 738 40.75 -121.20 -24.83
N LEU H 739 41.00 -122.18 -23.94
CA LEU H 739 40.35 -122.16 -22.64
C LEU H 739 40.79 -120.94 -21.83
N CYS H 740 42.08 -120.62 -21.86
CA CYS H 740 42.58 -119.47 -21.09
C CYS H 740 42.04 -118.16 -21.67
N ILE H 741 41.90 -118.08 -22.99
CA ILE H 741 41.36 -116.87 -23.60
C ILE H 741 39.89 -116.71 -23.26
N ARG H 742 39.14 -117.81 -23.24
CA ARG H 742 37.74 -117.75 -22.84
C ARG H 742 37.61 -117.31 -21.38
N ALA H 743 38.45 -117.86 -20.50
CA ALA H 743 38.43 -117.46 -19.10
C ALA H 743 38.80 -115.99 -18.94
N TYR H 744 39.79 -115.52 -19.71
CA TYR H 744 40.21 -114.13 -19.65
C TYR H 744 39.08 -113.20 -20.10
N LEU H 745 38.40 -113.56 -21.19
CA LEU H 745 37.30 -112.75 -21.68
C LEU H 745 36.15 -112.71 -20.69
N GLU H 746 35.80 -113.87 -20.10
CA GLU H 746 34.73 -113.90 -19.11
C GLU H 746 35.09 -113.08 -17.88
N SER H 747 36.33 -113.18 -17.43
CA SER H 747 36.77 -112.42 -16.26
C SER H 747 36.73 -110.92 -16.55
N HIS H 748 37.16 -110.51 -17.75
CA HIS H 748 37.13 -109.09 -18.09
C HIS H 748 35.69 -108.58 -18.21
N GLU H 749 34.79 -109.40 -18.76
CA GLU H 749 33.39 -109.00 -18.85
C GLU H 749 32.79 -108.83 -17.46
N ALA H 750 33.04 -109.80 -16.56
CA ALA H 750 32.53 -109.69 -15.20
C ALA H 750 33.15 -108.50 -14.48
N PHE H 751 34.42 -108.22 -14.71
CA PHE H 751 35.07 -107.08 -14.07
C PHE H 751 34.48 -105.76 -14.57
N ASN H 752 34.22 -105.65 -15.86
CA ASN H 752 33.60 -104.44 -16.39
C ASN H 752 32.19 -104.27 -15.86
N GLU H 753 31.43 -105.36 -15.75
CA GLU H 753 30.08 -105.29 -15.21
C GLU H 753 30.11 -104.83 -13.75
N TRP H 754 30.99 -105.43 -12.94
CA TRP H 754 31.09 -105.03 -11.54
C TRP H 754 31.57 -103.59 -11.41
N PHE H 755 32.48 -103.16 -12.30
CA PHE H 755 33.00 -101.80 -12.24
C PHE H 755 31.91 -100.78 -12.56
N LYS H 756 31.13 -101.03 -13.61
CA LYS H 756 30.04 -100.11 -13.90
C LYS H 756 28.96 -100.15 -12.82
N HIS H 757 28.74 -101.32 -12.22
CA HIS H 757 27.75 -101.41 -11.14
C HIS H 757 28.17 -100.60 -9.91
N ILE H 758 29.46 -100.67 -9.55
CA ILE H 758 29.93 -99.90 -8.40
C ILE H 758 30.16 -98.44 -8.74
N ASN H 759 30.30 -98.10 -10.03
CA ASN H 759 30.41 -96.70 -10.42
C ASN H 759 29.05 -96.03 -10.50
N SER H 760 28.00 -96.79 -10.79
CA SER H 760 26.65 -96.25 -10.73
C SER H 760 26.35 -95.75 -9.32
N PRO H 761 26.08 -94.46 -9.13
CA PRO H 761 25.90 -93.94 -7.78
C PRO H 761 24.62 -94.47 -7.16
N PRO H 762 24.58 -94.63 -5.84
CA PRO H 762 23.35 -95.12 -5.20
C PRO H 762 22.21 -94.11 -5.36
N GLN H 763 20.99 -94.62 -5.32
CA GLN H 763 19.82 -93.77 -5.46
C GLN H 763 19.64 -92.89 -4.23
N LYS H 764 18.81 -91.86 -4.39
CA LYS H 764 18.53 -90.92 -3.32
C LYS H 764 17.06 -90.99 -2.91
N PRO H 765 16.74 -90.72 -1.64
CA PRO H 765 15.33 -90.74 -1.22
C PRO H 765 14.48 -89.68 -1.89
N THR H 766 15.10 -88.68 -2.52
CA THR H 766 14.38 -87.62 -3.23
C THR H 766 13.40 -86.90 -2.32
N LEU H 767 13.92 -86.03 -1.44
CA LEU H 767 13.08 -85.27 -0.53
C LEU H 767 13.69 -83.89 -0.35
N VAL H 768 12.83 -82.92 -0.01
CA VAL H 768 13.25 -81.55 0.20
C VAL H 768 12.60 -81.03 1.48
N GLY H 769 13.03 -79.84 1.89
CA GLY H 769 12.49 -79.23 3.08
C GLY H 769 11.15 -78.55 2.84
N GLN H 770 10.48 -78.21 3.94
CA GLN H 770 9.16 -77.57 3.93
C GLN H 770 8.17 -78.42 3.14
N ALA H 771 7.84 -79.58 3.69
CA ALA H 771 6.94 -80.54 3.06
C ALA H 771 5.62 -80.58 3.81
N SER H 772 4.52 -80.57 3.06
CA SER H 772 3.19 -80.66 3.65
C SER H 772 2.81 -82.13 3.81
N PHE H 773 1.53 -82.41 4.06
CA PHE H 773 1.10 -83.79 4.23
C PHE H 773 1.15 -84.56 2.91
N THR H 774 0.67 -83.95 1.83
CA THR H 774 0.77 -84.58 0.52
C THR H 774 2.22 -84.72 0.10
N GLU H 775 3.05 -83.70 0.39
CA GLU H 775 4.48 -83.81 0.09
C GLU H 775 5.12 -84.90 0.94
N LYS H 776 4.67 -85.05 2.19
CA LYS H 776 5.20 -86.14 3.02
C LYS H 776 4.80 -87.50 2.48
N VAL H 777 3.58 -87.63 1.97
CA VAL H 777 3.15 -88.90 1.38
C VAL H 777 3.96 -89.20 0.12
N ALA H 778 4.20 -88.18 -0.71
CA ALA H 778 5.01 -88.37 -1.89
C ALA H 778 6.44 -88.77 -1.53
N HIS H 779 7.00 -88.13 -0.49
CA HIS H 779 8.35 -88.47 -0.05
C HIS H 779 8.40 -89.90 0.50
N GLU H 780 7.34 -90.33 1.19
CA GLU H 780 7.30 -91.70 1.69
C GLU H 780 7.24 -92.71 0.55
N HIS H 781 6.43 -92.42 -0.47
CA HIS H 781 6.38 -93.30 -1.64
C HIS H 781 7.74 -93.34 -2.35
N LYS H 782 8.39 -92.19 -2.48
CA LYS H 782 9.70 -92.15 -3.11
C LYS H 782 10.73 -92.92 -2.30
N GLU H 783 10.66 -92.82 -0.96
CA GLU H 783 11.58 -93.56 -0.11
C GLU H 783 11.34 -95.06 -0.21
N LYS H 784 10.08 -95.47 -0.32
CA LYS H 784 9.78 -96.90 -0.46
C LYS H 784 10.32 -97.43 -1.79
N LYS H 785 10.07 -96.72 -2.89
CA LYS H 785 10.58 -97.17 -4.18
C LYS H 785 12.10 -97.12 -4.21
N TYR H 786 12.71 -96.15 -3.52
CA TYR H 786 14.17 -96.08 -3.45
C TYR H 786 14.72 -97.25 -2.66
N GLU H 787 14.05 -97.65 -1.57
CA GLU H 787 14.49 -98.81 -0.81
C GLU H 787 14.38 -100.09 -1.64
N MET H 788 13.29 -100.22 -2.41
CA MET H 788 13.15 -101.38 -3.28
C MET H 788 14.26 -101.43 -4.33
N ASP H 789 14.51 -100.28 -4.99
CA ASP H 789 15.57 -100.23 -5.99
C ASP H 789 16.93 -100.47 -5.37
N PHE H 790 17.15 -100.00 -4.14
CA PHE H 790 18.43 -100.21 -3.47
C PHE H 790 18.62 -101.67 -3.12
N GLY H 791 17.56 -102.35 -2.68
CA GLY H 791 17.67 -103.77 -2.42
C GLY H 791 17.97 -104.57 -3.68
N ILE H 792 17.29 -104.23 -4.78
CA ILE H 792 17.54 -104.92 -6.05
C ILE H 792 18.97 -104.68 -6.50
N TRP H 793 19.44 -103.43 -6.39
CA TRP H 793 20.80 -103.10 -6.82
C TRP H 793 21.84 -103.78 -5.94
N LYS H 794 21.57 -103.89 -4.63
CA LYS H 794 22.49 -104.57 -3.74
C LYS H 794 22.56 -106.06 -4.05
N GLY H 795 21.42 -106.68 -4.33
CA GLY H 795 21.43 -108.08 -4.74
C GLY H 795 22.21 -108.30 -6.02
N HIS H 796 21.96 -107.45 -7.02
CA HIS H 796 22.68 -107.57 -8.29
C HIS H 796 24.17 -107.35 -8.10
N LEU H 797 24.55 -106.38 -7.26
CA LEU H 797 25.96 -106.11 -7.02
C LEU H 797 26.63 -107.26 -6.29
N ASP H 798 25.95 -107.86 -5.32
CA ASP H 798 26.51 -109.01 -4.63
C ASP H 798 26.69 -110.18 -5.59
N ALA H 799 25.70 -110.43 -6.45
CA ALA H 799 25.81 -111.51 -7.43
C ALA H 799 26.98 -111.27 -8.37
N LEU H 800 27.11 -110.04 -8.91
CA LEU H 800 28.19 -109.74 -9.83
C LEU H 800 29.55 -109.82 -9.15
N THR H 801 29.63 -109.38 -7.88
CA THR H 801 30.89 -109.46 -7.16
C THR H 801 31.30 -110.90 -6.91
N SER H 802 30.35 -111.75 -6.50
CA SER H 802 30.67 -113.16 -6.32
C SER H 802 31.11 -113.79 -7.63
N ASP H 803 30.41 -113.47 -8.73
CA ASP H 803 30.77 -114.04 -10.03
C ASP H 803 32.17 -113.63 -10.45
N VAL H 804 32.48 -112.33 -10.36
CA VAL H 804 33.79 -111.86 -10.79
C VAL H 804 34.89 -112.38 -9.86
N LYS H 805 34.60 -112.53 -8.57
CA LYS H 805 35.59 -113.08 -7.65
C LYS H 805 35.89 -114.53 -7.99
N GLU H 806 34.85 -115.33 -8.25
CA GLU H 806 35.06 -116.72 -8.64
C GLU H 806 35.83 -116.81 -9.95
N LYS H 807 35.50 -115.94 -10.91
CA LYS H 807 36.18 -115.97 -12.20
C LYS H 807 37.65 -115.63 -12.06
N ILE H 808 37.97 -114.58 -11.30
CA ILE H 808 39.36 -114.19 -11.14
C ILE H 808 40.12 -115.24 -10.34
N TYR H 809 39.48 -115.86 -9.35
CA TYR H 809 40.13 -116.92 -8.59
C TYR H 809 40.43 -118.12 -9.48
N ASN H 810 39.50 -118.47 -10.37
CA ASN H 810 39.75 -119.57 -11.29
C ASN H 810 40.86 -119.23 -12.28
N VAL H 811 40.88 -117.99 -12.75
CA VAL H 811 41.94 -117.57 -13.67
C VAL H 811 43.30 -117.64 -12.98
N LEU H 812 43.36 -117.27 -11.71
CA LEU H 812 44.62 -117.31 -10.97
C LEU H 812 45.05 -118.74 -10.70
N LEU H 813 44.13 -119.57 -10.20
CA LEU H 813 44.44 -120.96 -9.83
C LEU H 813 43.95 -121.94 -10.89
N PHE H 814 44.12 -121.61 -12.17
CA PHE H 814 43.79 -122.51 -13.25
C PHE H 814 44.63 -123.80 -13.16
N VAL H 815 44.29 -124.75 -14.03
CA VAL H 815 44.95 -126.05 -14.01
C VAL H 815 46.43 -125.89 -14.39
N ASP H 816 47.23 -126.86 -13.96
CA ASP H 816 48.67 -126.90 -14.26
C ASP H 816 49.40 -125.70 -13.66
N GLY H 817 48.92 -125.24 -12.53
CA GLY H 817 49.59 -124.16 -11.79
C GLY H 817 49.11 -122.77 -12.24
N GLY H 818 50.00 -122.02 -12.87
CA GLY H 818 49.70 -120.66 -13.27
C GLY H 818 48.79 -120.61 -14.48
N TRP H 819 48.58 -119.38 -14.95
CA TRP H 819 47.70 -119.14 -16.09
C TRP H 819 48.42 -119.47 -17.39
N MET H 820 47.79 -120.29 -18.22
CA MET H 820 48.33 -120.71 -19.50
C MET H 820 49.69 -121.37 -19.35
N VAL H 821 49.71 -122.61 -18.87
CA VAL H 821 50.92 -123.39 -18.71
C VAL H 821 50.90 -124.52 -19.73
N ASP H 822 52.00 -124.66 -20.49
CA ASP H 822 52.07 -125.68 -21.53
C ASP H 822 52.07 -127.07 -20.90
N VAL H 823 51.12 -127.90 -21.34
CA VAL H 823 51.04 -129.27 -20.83
C VAL H 823 52.22 -130.10 -21.33
N ARG H 824 52.45 -130.08 -22.65
CA ARG H 824 53.55 -130.79 -23.27
C ARG H 824 54.47 -129.80 -23.96
N GLU H 825 55.77 -130.01 -23.81
CA GLU H 825 56.75 -129.12 -24.41
C GLU H 825 56.76 -129.29 -25.93
N ASP H 826 57.00 -128.19 -26.64
CA ASP H 826 57.02 -128.20 -28.10
C ASP H 826 58.44 -128.47 -28.60
N THR H 827 59.00 -129.59 -28.15
CA THR H 827 60.34 -130.00 -28.56
C THR H 827 60.36 -130.72 -29.89
N GLU H 828 59.20 -131.12 -30.42
CA GLU H 828 59.12 -131.81 -31.70
C GLU H 828 58.34 -131.04 -32.74
N GLU H 829 57.88 -129.83 -32.44
CA GLU H 829 57.11 -129.03 -33.39
C GLU H 829 57.69 -127.63 -33.52
N ASP H 830 57.02 -126.65 -32.94
CA ASP H 830 57.44 -125.25 -33.03
C ASP H 830 57.60 -124.67 -31.63
N PRO H 831 58.82 -124.38 -31.18
CA PRO H 831 59.00 -123.75 -29.86
C PRO H 831 58.52 -122.31 -29.82
N GLU H 832 58.20 -121.70 -30.98
CA GLU H 832 57.69 -120.34 -30.99
C GLU H 832 56.35 -120.25 -30.26
N ARG H 833 55.54 -121.29 -30.35
CA ARG H 833 54.26 -121.29 -29.63
C ARG H 833 54.48 -121.23 -28.13
N SER H 834 55.39 -122.06 -27.62
CA SER H 834 55.68 -122.05 -26.18
C SER H 834 56.30 -120.73 -25.76
N HIS H 835 57.17 -120.17 -26.61
CA HIS H 835 57.77 -118.87 -26.29
C HIS H 835 56.71 -117.78 -26.21
N GLN H 836 55.78 -117.76 -27.16
CA GLN H 836 54.72 -116.77 -27.14
C GLN H 836 53.80 -116.97 -25.94
N MET H 837 53.53 -118.23 -25.58
CA MET H 837 52.71 -118.49 -24.39
C MET H 837 53.40 -117.97 -23.13
N VAL H 838 54.70 -118.23 -22.99
CA VAL H 838 55.43 -117.76 -21.82
C VAL H 838 55.45 -116.23 -21.78
N LEU H 839 55.66 -115.59 -22.93
CA LEU H 839 55.68 -114.14 -22.98
C LEU H 839 54.33 -113.55 -22.61
N LEU H 840 53.25 -114.12 -23.16
CA LEU H 840 51.92 -113.62 -22.84
C LEU H 840 51.57 -113.83 -21.37
N ARG H 841 51.99 -114.97 -20.80
CA ARG H 841 51.76 -115.19 -19.38
C ARG H 841 52.49 -114.18 -18.52
N ARG H 842 53.79 -113.98 -18.80
CA ARG H 842 54.58 -113.05 -18.00
C ARG H 842 54.16 -111.60 -18.22
N LEU H 843 53.49 -111.29 -19.32
CA LEU H 843 53.01 -109.94 -19.56
C LEU H 843 51.57 -109.70 -19.10
N CYS H 844 50.79 -110.76 -18.91
CA CYS H 844 49.39 -110.62 -18.53
C CYS H 844 49.13 -110.94 -17.06
N LEU H 845 49.98 -111.74 -16.41
CA LEU H 845 49.77 -112.01 -15.00
C LEU H 845 49.86 -110.77 -14.12
N PRO H 846 50.81 -109.85 -14.30
CA PRO H 846 50.76 -108.60 -13.53
C PRO H 846 49.52 -107.78 -13.82
N MET H 847 48.99 -107.83 -15.04
CA MET H 847 47.77 -107.09 -15.35
C MET H 847 46.58 -107.63 -14.56
N MET H 848 46.43 -108.96 -14.55
CA MET H 848 45.37 -109.57 -13.75
C MET H 848 45.58 -109.31 -12.26
N CYS H 849 46.85 -109.28 -11.83
CA CYS H 849 47.13 -108.97 -10.43
C CYS H 849 46.69 -107.56 -10.07
N PHE H 850 46.97 -106.59 -10.94
CA PHE H 850 46.55 -105.22 -10.70
C PHE H 850 45.03 -105.09 -10.74
N LEU H 851 44.38 -105.81 -11.66
CA LEU H 851 42.93 -105.79 -11.73
C LEU H 851 42.30 -106.33 -10.44
N LEU H 852 42.80 -107.47 -9.96
CA LEU H 852 42.29 -108.02 -8.71
C LEU H 852 42.61 -107.11 -7.53
N HIS H 853 43.78 -106.45 -7.55
CA HIS H 853 44.11 -105.51 -6.48
C HIS H 853 43.12 -104.37 -6.44
N THR H 854 42.77 -103.81 -7.60
CA THR H 854 41.78 -102.73 -7.64
C THR H 854 40.41 -103.24 -7.20
N VAL H 855 40.06 -104.47 -7.59
CA VAL H 855 38.78 -105.04 -7.19
C VAL H 855 38.70 -105.16 -5.68
N LEU H 856 39.76 -105.69 -5.05
CA LEU H 856 39.77 -105.84 -3.60
C LEU H 856 39.85 -104.49 -2.90
N HIS H 857 40.49 -103.50 -3.52
CA HIS H 857 40.49 -102.15 -2.96
C HIS H 857 39.08 -101.58 -2.93
N ASN H 858 38.32 -101.77 -4.01
CA ASN H 858 36.98 -101.22 -4.05
C ASN H 858 36.00 -102.03 -3.21
N THR H 859 36.28 -103.31 -2.99
CA THR H 859 35.38 -104.17 -2.21
C THR H 859 35.85 -104.37 -0.78
N LYS H 860 36.92 -103.69 -0.35
CA LYS H 860 37.44 -103.77 1.01
C LYS H 860 37.84 -105.22 1.36
N GLN H 861 38.98 -105.62 0.80
CA GLN H 861 39.52 -106.97 1.03
C GLN H 861 41.04 -106.87 1.14
N TYR H 862 41.51 -106.21 2.19
CA TYR H 862 42.95 -106.06 2.40
C TYR H 862 43.61 -107.39 2.75
N LYS H 863 42.86 -108.30 3.39
CA LYS H 863 43.39 -109.63 3.65
C LYS H 863 43.70 -110.36 2.35
N ASP H 864 42.78 -110.30 1.39
CA ASP H 864 43.04 -110.90 0.08
C ASP H 864 44.14 -110.16 -0.67
N CYS H 865 44.21 -108.83 -0.50
CA CYS H 865 45.30 -108.09 -1.12
C CYS H 865 46.66 -108.55 -0.60
N LEU H 866 46.75 -108.81 0.71
CA LEU H 866 48.00 -109.29 1.27
C LEU H 866 48.28 -110.73 0.86
N ARG H 867 47.23 -111.57 0.78
CA ARG H 867 47.42 -112.94 0.34
C ARG H 867 47.82 -113.03 -1.12
N LEU H 868 47.49 -112.01 -1.92
CA LEU H 868 47.91 -112.00 -3.33
C LEU H 868 49.43 -112.00 -3.46
N ALA H 869 50.14 -111.38 -2.51
CA ALA H 869 51.60 -111.40 -2.54
C ALA H 869 52.12 -112.83 -2.41
N ASP H 870 51.58 -113.59 -1.46
CA ASP H 870 52.00 -114.98 -1.30
C ASP H 870 51.58 -115.82 -2.49
N ILE H 871 50.40 -115.54 -3.07
CA ILE H 871 49.94 -116.27 -4.25
C ILE H 871 50.90 -116.05 -5.40
N VAL H 872 51.36 -114.81 -5.59
CA VAL H 872 52.31 -114.51 -6.66
C VAL H 872 53.66 -115.15 -6.37
N SER H 873 54.11 -115.09 -5.10
CA SER H 873 55.40 -115.67 -4.74
C SER H 873 55.40 -117.19 -4.83
N SER H 874 54.23 -117.83 -4.80
CA SER H 874 54.16 -119.28 -4.90
C SER H 874 54.72 -119.75 -6.23
N GLU H 875 55.42 -120.90 -6.21
CA GLU H 875 56.04 -121.43 -7.41
C GLU H 875 55.04 -122.02 -8.39
N ASN H 876 53.77 -122.14 -8.02
CA ASN H 876 52.77 -122.69 -8.93
C ASN H 876 52.47 -121.73 -10.07
N GLN H 877 52.59 -120.42 -9.84
CA GLN H 877 52.33 -119.43 -10.87
C GLN H 877 53.54 -119.15 -11.75
N LYS H 878 54.70 -119.72 -11.41
CA LYS H 878 55.94 -119.52 -12.17
C LYS H 878 56.29 -118.04 -12.29
N LEU H 879 56.17 -117.32 -11.18
CA LEU H 879 56.48 -115.89 -11.11
C LEU H 879 57.68 -115.69 -10.19
N TYR H 880 58.88 -115.84 -10.76
CA TYR H 880 60.13 -115.68 -10.02
C TYR H 880 60.75 -114.31 -10.25
N THR H 881 59.93 -113.27 -10.45
CA THR H 881 60.38 -111.91 -10.71
C THR H 881 61.33 -111.86 -11.89
N VAL H 882 60.87 -112.41 -13.02
CA VAL H 882 61.62 -112.43 -14.26
C VAL H 882 60.94 -111.59 -15.34
N PHE H 883 60.07 -110.67 -14.95
CA PHE H 883 59.34 -109.84 -15.90
C PHE H 883 59.74 -108.38 -15.79
N SER H 884 58.78 -107.47 -15.97
CA SER H 884 59.04 -106.04 -16.07
C SER H 884 59.27 -105.44 -14.69
N LYS H 885 60.37 -104.68 -14.58
CA LYS H 885 60.63 -103.94 -13.35
C LYS H 885 59.55 -102.89 -13.09
N THR H 886 58.97 -102.32 -14.15
CA THR H 886 57.86 -101.41 -13.98
C THR H 886 56.65 -102.13 -13.39
N GLU H 887 56.39 -103.36 -13.83
CA GLU H 887 55.31 -104.14 -13.25
C GLU H 887 55.59 -104.48 -11.80
N MET H 888 56.85 -104.79 -11.47
CA MET H 888 57.20 -105.05 -10.07
C MET H 888 56.97 -103.81 -9.22
N ARG H 889 57.36 -102.63 -9.73
CA ARG H 889 57.16 -101.40 -8.97
C ARG H 889 55.68 -101.09 -8.80
N ASN H 890 54.87 -101.34 -9.84
CA ASN H 890 53.44 -101.11 -9.74
C ASN H 890 52.80 -102.06 -8.73
N LEU H 891 53.23 -103.33 -8.72
CA LEU H 891 52.71 -104.27 -7.74
C LEU H 891 53.10 -103.87 -6.32
N LEU H 892 54.34 -103.38 -6.15
CA LEU H 892 54.77 -102.91 -4.84
C LEU H 892 53.96 -101.71 -4.39
N GLN H 893 53.67 -100.78 -5.32
CA GLN H 893 52.87 -99.61 -4.98
C GLN H 893 51.44 -100.02 -4.60
N LYS H 894 50.87 -100.99 -5.32
CA LYS H 894 49.54 -101.46 -4.98
C LYS H 894 49.52 -102.14 -3.61
N LEU H 895 50.55 -102.92 -3.31
CA LEU H 895 50.64 -103.57 -2.00
C LEU H 895 50.79 -102.53 -0.89
N ARG H 896 51.59 -101.49 -1.14
CA ARG H 896 51.75 -100.43 -0.14
C ARG H 896 50.43 -99.68 0.07
N GLU H 897 49.68 -99.42 -1.01
CA GLU H 897 48.39 -98.76 -0.87
C GLU H 897 47.41 -99.63 -0.09
N SER H 898 47.44 -100.95 -0.35
CA SER H 898 46.58 -101.86 0.41
C SER H 898 46.94 -101.87 1.88
N SER H 899 48.24 -101.91 2.19
CA SER H 899 48.68 -101.89 3.58
C SER H 899 48.29 -100.59 4.27
N LEU H 900 48.40 -99.47 3.55
CA LEU H 900 48.01 -98.18 4.13
C LEU H 900 46.50 -98.12 4.39
N MET H 901 45.70 -98.60 3.44
CA MET H 901 44.25 -98.60 3.64
C MET H 901 43.84 -99.56 4.75
N LEU H 902 44.60 -100.63 4.96
CA LEU H 902 44.30 -101.53 6.07
C LEU H 902 44.70 -100.91 7.41
N LEU H 903 45.84 -100.22 7.43
CA LEU H 903 46.31 -99.59 8.66
C LEU H 903 45.49 -98.36 9.04
N ASP H 904 44.83 -97.73 8.06
CA ASP H 904 43.98 -96.59 8.38
C ASP H 904 42.83 -96.94 9.29
N LEU H 905 42.41 -98.21 9.31
CA LEU H 905 41.34 -98.68 10.18
C LEU H 905 41.88 -99.33 11.46
N GLN H 906 43.08 -98.96 11.89
CA GLN H 906 43.71 -99.49 13.10
C GLN H 906 43.87 -101.01 13.02
N LEU H 907 44.43 -101.47 11.90
CA LEU H 907 44.68 -102.90 11.68
C LEU H 907 46.05 -103.04 11.04
N ASP H 908 46.99 -103.64 11.76
CA ASP H 908 48.34 -103.80 11.25
C ASP H 908 48.34 -104.79 10.08
N PRO H 909 49.16 -104.55 9.05
CA PRO H 909 49.21 -105.46 7.90
C PRO H 909 50.04 -106.72 8.13
N LEU H 910 50.48 -106.99 9.35
CA LEU H 910 51.27 -108.17 9.64
C LEU H 910 50.35 -109.39 9.62
N GLY H 911 50.45 -110.17 8.54
CA GLY H 911 49.61 -111.36 8.42
C GLY H 911 48.23 -111.00 7.93
N TYR H 912 47.20 -111.43 8.66
CA TYR H 912 45.82 -111.15 8.31
C TYR H 912 45.03 -110.49 9.43
N GLU H 913 45.64 -110.31 10.60
CA GLU H 913 44.96 -109.66 11.72
C GLU H 913 45.87 -108.63 12.38
N ILE H 914 45.80 -108.55 13.72
CA ILE H 914 46.62 -107.61 14.46
C ILE H 914 48.06 -108.13 14.53
N GLN H 915 49.00 -107.27 14.89
CA GLN H 915 50.39 -107.67 14.97
C GLN H 915 50.61 -108.65 16.12
N SER H 916 51.68 -109.43 16.00
CA SER H 916 52.03 -110.42 17.03
C SER H 916 52.62 -109.75 18.25
N PRO I 65 83.30 1.38 45.68
CA PRO I 65 84.24 2.49 45.90
C PRO I 65 84.87 2.98 44.60
N ALA I 66 86.18 3.17 44.60
CA ALA I 66 86.91 3.63 43.43
C ALA I 66 88.32 3.07 43.46
N ALA I 67 88.83 2.71 42.29
CA ALA I 67 90.18 2.15 42.18
C ALA I 67 90.72 2.46 40.80
N SER I 68 91.97 2.92 40.74
CA SER I 68 92.63 3.24 39.48
C SER I 68 94.09 2.84 39.60
N GLU I 69 94.46 1.72 38.97
CA GLU I 69 95.81 1.21 38.99
C GLU I 69 96.46 1.36 37.61
N THR I 70 97.79 1.19 37.59
CA THR I 70 98.58 1.29 36.37
C THR I 70 99.29 -0.04 36.17
N VAL I 71 98.94 -0.73 35.08
CA VAL I 71 99.55 -2.03 34.78
C VAL I 71 100.93 -1.82 34.18
N ASN I 72 101.81 -2.79 34.40
CA ASN I 72 103.16 -2.74 33.87
C ASN I 72 103.54 -4.06 33.22
N TYR I 73 103.04 -5.17 33.77
CA TYR I 73 103.31 -6.49 33.23
C TYR I 73 102.07 -7.38 33.33
N ASN I 74 102.12 -8.37 34.22
CA ASN I 74 101.00 -9.27 34.46
C ASN I 74 100.50 -9.02 35.88
N VAL I 75 99.41 -8.26 36.00
CA VAL I 75 98.83 -7.92 37.29
C VAL I 75 97.72 -8.92 37.60
N GLN I 76 97.88 -9.68 38.68
CA GLN I 76 96.91 -10.68 39.08
C GLN I 76 96.60 -10.52 40.56
N LEU I 77 95.62 -11.28 41.03
CA LEU I 77 95.21 -11.24 42.43
C LEU I 77 96.14 -12.11 43.26
N PHE I 78 96.77 -11.51 44.28
CA PHE I 78 97.68 -12.26 45.14
C PHE I 78 96.92 -13.26 46.01
N GLY I 79 95.68 -12.95 46.37
CA GLY I 79 94.88 -13.86 47.17
C GLY I 79 94.15 -14.89 46.34
N SER I 80 92.82 -14.86 46.36
CA SER I 80 92.02 -15.80 45.59
C SER I 80 90.70 -15.17 45.18
N SER I 81 89.93 -14.65 46.14
CA SER I 81 88.63 -14.03 45.88
C SER I 81 88.34 -13.04 47.00
N LEU I 82 88.98 -11.86 46.89
CA LEU I 82 88.83 -10.74 47.82
C LEU I 82 89.24 -11.14 49.23
N PRO I 83 90.46 -10.81 49.65
CA PRO I 83 90.91 -11.16 51.00
C PRO I 83 90.11 -10.42 52.07
N VAL I 84 90.08 -11.00 53.27
CA VAL I 84 89.36 -10.42 54.39
C VAL I 84 90.18 -9.37 55.13
N LYS I 85 91.43 -9.14 54.72
CA LYS I 85 92.27 -8.16 55.41
C LYS I 85 91.70 -6.75 55.30
N VAL I 86 91.05 -6.42 54.19
CA VAL I 86 90.44 -5.10 54.03
C VAL I 86 89.35 -4.90 55.06
N MET I 87 88.46 -5.88 55.20
CA MET I 87 87.39 -5.79 56.18
C MET I 87 87.93 -5.79 57.60
N GLU I 88 88.98 -6.56 57.85
CA GLU I 88 89.59 -6.57 59.18
C GLU I 88 90.17 -5.20 59.54
N ALA I 89 90.86 -4.57 58.58
CA ALA I 89 91.41 -3.24 58.83
C ALA I 89 90.29 -2.20 59.00
N LEU I 90 89.23 -2.32 58.21
CA LEU I 90 88.11 -1.39 58.35
C LEU I 90 87.41 -1.55 59.68
N SER I 91 87.36 -2.77 60.22
CA SER I 91 86.73 -2.98 61.52
C SER I 91 87.64 -2.56 62.67
N ASN I 92 88.94 -2.75 62.52
CA ASN I 92 89.89 -2.39 63.57
C ASN I 92 90.33 -0.93 63.51
N ALA I 93 89.90 -0.19 62.48
CA ALA I 93 90.23 1.22 62.32
C ALA I 93 91.74 1.45 62.25
N SER I 94 92.47 0.49 61.67
CA SER I 94 93.90 0.61 61.51
C SER I 94 94.28 1.32 60.22
N ALA I 95 93.61 1.00 59.13
CA ALA I 95 93.88 1.65 57.84
C ALA I 95 93.19 3.00 57.70
N ASP I 96 92.43 3.43 58.71
CA ASP I 96 91.75 4.72 58.69
C ASP I 96 92.64 5.88 59.09
N GLU I 97 93.89 5.60 59.44
CA GLU I 97 94.86 6.59 59.86
C GLU I 97 96.06 6.56 58.92
N PRO I 98 96.82 7.66 58.83
CA PRO I 98 98.03 7.65 58.01
C PRO I 98 99.02 6.58 58.44
N MET I 99 98.99 5.44 57.77
CA MET I 99 99.80 4.28 58.12
C MET I 99 101.11 4.28 57.35
N ALA I 100 102.09 3.53 57.89
CA ALA I 100 103.40 3.37 57.28
C ALA I 100 103.86 1.94 57.59
N ALA I 101 103.28 0.98 56.89
CA ALA I 101 103.55 -0.43 57.14
C ALA I 101 104.85 -0.85 56.47
N CYS I 102 105.21 -2.12 56.67
CA CYS I 102 106.42 -2.69 56.10
C CYS I 102 106.11 -4.06 55.51
N ILE I 103 106.53 -4.27 54.27
CA ILE I 103 106.33 -5.53 53.56
C ILE I 103 107.70 -6.16 53.36
N HIS I 104 108.01 -7.17 54.16
CA HIS I 104 109.30 -7.84 54.12
C HIS I 104 109.18 -9.12 53.30
N GLU I 105 110.23 -9.40 52.52
CA GLU I 105 110.27 -10.57 51.65
C GLU I 105 110.05 -11.84 52.46
N GLY I 106 109.56 -12.87 51.76
CA GLY I 106 109.06 -14.06 52.42
C GLY I 106 107.61 -13.98 52.83
N GLY I 107 107.02 -12.80 52.80
CA GLY I 107 105.61 -12.61 53.08
C GLY I 107 105.28 -11.95 54.41
N TRP I 108 106.21 -11.26 55.04
CA TRP I 108 105.96 -10.67 56.35
C TRP I 108 105.33 -9.28 56.21
N ALA I 109 104.36 -8.99 57.06
CA ALA I 109 103.68 -7.70 57.06
C ALA I 109 103.73 -7.14 58.47
N TRP I 110 104.37 -5.98 58.63
CA TRP I 110 104.53 -5.31 59.91
C TRP I 110 103.75 -4.00 59.90
N LEU I 111 103.05 -3.73 61.00
CA LEU I 111 102.29 -2.49 61.14
C LEU I 111 102.53 -1.92 62.52
N ALA I 112 103.10 -0.71 62.57
CA ALA I 112 103.39 -0.04 63.84
C ALA I 112 102.23 0.88 64.21
N CYS I 113 101.10 0.25 64.52
CA CYS I 113 99.89 0.98 64.88
C CYS I 113 100.03 1.62 66.26
N ASN I 114 100.63 2.81 66.32
CA ASN I 114 100.84 3.53 67.57
C ASN I 114 101.62 2.68 68.57
N ASP I 115 100.91 1.95 69.41
CA ASP I 115 101.52 1.09 70.42
C ASP I 115 101.10 -0.37 70.26
N ARG I 116 100.45 -0.73 69.16
CA ARG I 116 100.01 -2.10 68.91
C ARG I 116 100.69 -2.59 67.63
N LEU I 117 101.85 -3.21 67.79
CA LEU I 117 102.61 -3.73 66.66
C LEU I 117 101.96 -5.01 66.17
N ILE I 118 101.49 -4.99 64.92
CA ILE I 118 100.81 -6.12 64.31
C ILE I 118 101.75 -6.76 63.30
N ILE I 119 102.12 -8.01 63.53
CA ILE I 119 103.01 -8.76 62.65
C ILE I 119 102.25 -9.98 62.16
N TRP I 120 102.11 -10.10 60.84
CA TRP I 120 101.43 -11.27 60.28
C TRP I 120 102.17 -11.72 59.02
N LYS I 121 101.69 -12.82 58.44
CA LYS I 121 102.29 -13.42 57.27
C LYS I 121 101.21 -13.67 56.22
N ILE I 122 101.48 -13.26 54.98
CA ILE I 122 100.57 -13.45 53.87
C ILE I 122 101.31 -14.17 52.74
N SER I 123 100.55 -14.84 51.89
CA SER I 123 101.11 -15.60 50.78
C SER I 123 100.03 -15.74 49.70
N HIS I 124 100.26 -16.65 48.75
CA HIS I 124 99.31 -16.86 47.68
C HIS I 124 98.08 -17.61 48.19
N SER I 125 96.96 -17.41 47.52
CA SER I 125 95.68 -18.04 47.85
C SER I 125 95.29 -17.75 49.30
N SER I 126 94.85 -16.53 49.56
CA SER I 126 94.44 -16.12 50.91
C SER I 126 93.19 -15.25 50.80
N SER I 127 92.10 -15.70 51.41
CA SER I 127 90.85 -14.95 51.41
C SER I 127 90.20 -14.99 52.77
N ALA I 128 89.99 -16.19 53.32
CA ALA I 128 89.38 -16.34 54.63
C ALA I 128 90.19 -17.23 55.57
N LYS I 129 91.30 -17.81 55.11
CA LYS I 129 92.13 -18.67 55.94
C LYS I 129 93.29 -17.93 56.60
N LEU I 130 93.89 -16.97 55.90
CA LEU I 130 95.02 -16.19 56.42
C LEU I 130 94.47 -14.90 56.98
N MET I 131 94.11 -14.93 58.27
CA MET I 131 93.56 -13.73 58.91
C MET I 131 94.04 -13.56 60.35
N VAL I 132 95.10 -14.24 60.77
CA VAL I 132 95.61 -14.14 62.12
C VAL I 132 96.43 -12.85 62.25
N CYS I 133 96.36 -12.22 63.42
CA CYS I 133 97.09 -10.99 63.70
C CYS I 133 97.78 -11.13 65.06
N LYS I 134 99.10 -11.12 65.05
CA LYS I 134 99.90 -11.24 66.26
C LYS I 134 100.26 -9.84 66.76
N GLU I 135 99.90 -9.55 68.00
CA GLU I 135 100.17 -8.25 68.62
C GLU I 135 101.39 -8.33 69.51
N LEU I 136 102.00 -7.16 69.74
CA LEU I 136 103.18 -7.05 70.57
C LEU I 136 102.93 -6.10 71.73
N PRO I 137 103.35 -6.47 72.94
CA PRO I 137 103.13 -5.60 74.10
C PRO I 137 104.04 -4.38 74.06
N LEU I 138 103.43 -3.20 74.17
CA LEU I 138 104.18 -1.95 74.16
C LEU I 138 103.52 -0.94 75.09
N PRO I 139 104.21 -0.49 76.13
CA PRO I 139 103.62 0.48 77.06
C PRO I 139 103.53 1.87 76.43
N LEU I 140 102.74 2.71 77.07
CA LEU I 140 102.53 4.08 76.59
C LEU I 140 103.75 4.93 76.94
N SER I 141 104.38 5.51 75.92
CA SER I 141 105.55 6.35 76.13
C SER I 141 105.74 7.31 74.97
N ASP I 142 104.73 7.41 74.09
CA ASP I 142 104.75 8.29 72.93
C ASP I 142 105.96 8.01 72.04
N SER I 143 105.86 6.99 71.21
CA SER I 143 106.95 6.59 70.32
C SER I 143 106.82 7.29 68.98
N GLU I 144 107.95 7.73 68.44
CA GLU I 144 107.99 8.38 67.13
C GLU I 144 108.26 7.34 66.04
N TRP I 145 107.29 6.46 65.86
CA TRP I 145 107.41 5.38 64.89
C TRP I 145 107.30 5.92 63.47
N SER I 146 108.07 5.32 62.56
CA SER I 146 108.05 5.73 61.16
C SER I 146 108.47 4.57 60.27
N ALA I 147 109.77 4.24 60.28
CA ALA I 147 110.28 3.14 59.47
C ALA I 147 111.54 2.54 60.12
N ASP I 148 112.29 3.37 60.85
CA ASP I 148 113.51 2.92 61.50
C ASP I 148 113.26 2.23 62.84
N LEU I 149 112.08 2.44 63.44
CA LEU I 149 111.79 1.80 64.72
C LEU I 149 111.58 0.30 64.55
N VAL I 150 110.71 -0.09 63.61
CA VAL I 150 110.46 -1.49 63.33
C VAL I 150 111.30 -1.91 62.13
N ASP I 151 112.62 -1.89 62.31
CA ASP I 151 113.56 -2.21 61.25
C ASP I 151 114.13 -3.61 61.47
N ILE I 152 114.40 -4.31 60.35
CA ILE I 152 114.96 -5.64 60.43
C ILE I 152 116.41 -5.58 60.88
N CYS I 153 116.91 -6.67 61.45
CA CYS I 153 118.28 -6.76 61.95
C CYS I 153 119.26 -7.22 60.89
N ALA I 154 119.08 -6.78 59.64
CA ALA I 154 120.00 -7.15 58.57
C ALA I 154 121.21 -6.25 58.49
N GLN I 155 121.26 -5.17 59.27
CA GLN I 155 122.39 -4.25 59.26
C GLN I 155 123.49 -4.66 60.22
N THR I 156 123.28 -5.69 61.04
CA THR I 156 124.28 -6.12 61.99
C THR I 156 125.42 -6.85 61.27
N GLY I 157 126.53 -7.01 61.99
CA GLY I 157 127.70 -7.68 61.45
C GLY I 157 127.77 -9.17 61.70
N ASP I 158 126.81 -9.72 62.44
CA ASP I 158 126.81 -11.16 62.71
C ASP I 158 126.22 -11.91 61.51
N PRO I 159 126.95 -12.84 60.91
CA PRO I 159 126.40 -13.57 59.76
C PRO I 159 125.41 -14.65 60.17
N ALA I 160 125.79 -15.91 60.01
CA ALA I 160 124.97 -17.07 60.35
C ALA I 160 123.66 -16.99 59.54
N ALA I 161 122.57 -17.51 60.08
CA ALA I 161 121.29 -17.52 59.40
C ALA I 161 120.15 -17.55 60.42
N ALA I 162 120.21 -16.66 61.40
CA ALA I 162 119.19 -16.61 62.44
C ALA I 162 119.04 -15.19 62.98
N GLN I 163 120.15 -14.56 63.36
CA GLN I 163 120.13 -13.22 63.90
C GLN I 163 120.25 -12.14 62.83
N SER I 164 120.08 -12.50 61.56
CA SER I 164 120.16 -11.54 60.46
C SER I 164 118.79 -11.08 59.98
N VAL I 165 117.71 -11.69 60.46
CA VAL I 165 116.37 -11.32 60.05
C VAL I 165 115.45 -11.29 61.27
N ALA I 166 115.79 -10.44 62.24
CA ALA I 166 115.02 -10.35 63.47
C ALA I 166 113.99 -9.23 63.38
N LEU I 167 113.18 -9.11 64.43
CA LEU I 167 112.14 -8.09 64.51
C LEU I 167 112.47 -7.11 65.62
N MET I 168 112.20 -5.83 65.36
CA MET I 168 112.48 -4.76 66.32
C MET I 168 111.17 -4.21 66.88
N ALA I 169 111.17 -3.95 68.19
CA ALA I 169 110.01 -3.38 68.86
C ALA I 169 110.43 -2.69 70.15
N ALA I 170 111.39 -1.77 70.05
CA ALA I 170 111.91 -1.10 71.22
C ALA I 170 110.89 -0.11 71.78
N THR I 171 111.05 0.22 73.06
CA THR I 171 110.18 1.15 73.76
C THR I 171 110.94 2.42 74.07
N PRO I 172 110.39 3.60 73.75
CA PRO I 172 111.10 4.86 74.05
C PRO I 172 111.20 5.11 75.55
N GLU I 173 111.99 4.30 76.25
CA GLU I 173 112.18 4.45 77.68
C GLU I 173 113.61 4.25 78.15
N GLY I 174 114.39 3.34 77.55
CA GLY I 174 115.75 3.11 77.97
C GLY I 174 116.25 1.72 77.66
N SER I 175 115.32 0.77 77.55
CA SER I 175 115.67 -0.62 77.28
C SER I 175 115.66 -0.90 75.78
N SER I 176 116.10 -2.10 75.43
CA SER I 176 116.17 -2.55 74.02
C SER I 176 115.76 -4.01 73.98
N ARG I 177 114.48 -4.25 73.69
CA ARG I 177 113.95 -5.61 73.58
C ARG I 177 114.35 -6.16 72.21
N TYR I 178 115.32 -7.07 72.19
CA TYR I 178 115.83 -7.65 70.97
C TYR I 178 115.28 -9.06 70.80
N TRP I 179 114.67 -9.32 69.63
CA TRP I 179 114.13 -10.64 69.34
C TRP I 179 115.18 -11.51 68.67
N PRO I 180 115.27 -12.79 69.04
CA PRO I 180 116.29 -13.66 68.43
C PRO I 180 115.97 -14.06 67.01
N ASN I 181 114.70 -14.34 66.74
CA ASN I 181 114.28 -14.76 65.40
C ASN I 181 112.82 -14.35 65.18
N ILE I 182 112.35 -14.54 63.95
CA ILE I 182 110.98 -14.22 63.60
C ILE I 182 110.18 -15.44 63.16
N LEU I 183 110.83 -16.54 62.78
CA LEU I 183 110.08 -17.73 62.37
C LEU I 183 109.42 -18.42 63.55
N HIS I 184 109.97 -18.24 64.75
CA HIS I 184 109.41 -18.84 65.98
C HIS I 184 109.33 -17.72 67.03
N GLU I 185 108.25 -16.94 66.95
CA GLU I 185 108.07 -15.83 67.86
C GLU I 185 107.69 -16.35 69.26
N GLY I 186 107.83 -15.47 70.24
CA GLY I 186 107.53 -15.80 71.63
C GLY I 186 108.70 -15.67 72.58
N THR I 187 109.91 -15.48 72.09
CA THR I 187 111.10 -15.34 72.92
C THR I 187 111.63 -13.92 72.85
N TYR I 188 112.15 -13.42 73.97
CA TYR I 188 112.68 -12.07 74.03
C TYR I 188 114.10 -12.06 74.57
N ILE I 189 114.47 -11.02 75.31
CA ILE I 189 115.80 -10.88 75.88
C ILE I 189 115.69 -10.16 77.22
N GLU I 190 116.71 -10.30 78.05
CA GLU I 190 116.77 -9.68 79.36
C GLU I 190 117.87 -8.63 79.35
N SER I 191 117.49 -7.36 79.38
CA SER I 191 118.46 -6.27 79.35
C SER I 191 117.81 -5.03 79.96
N TYR I 192 118.26 -4.64 81.14
CA TYR I 192 117.79 -3.43 81.80
C TYR I 192 118.74 -2.27 81.55
N THR I 193 118.28 -1.07 81.84
CA THR I 193 119.04 0.15 81.61
C THR I 193 119.74 0.59 82.88
N GLU I 194 120.84 1.32 82.71
CA GLU I 194 121.60 1.87 83.82
C GLU I 194 121.75 3.37 83.75
N PHE I 195 122.19 3.90 82.61
CA PHE I 195 122.35 5.33 82.41
C PHE I 195 121.79 5.72 81.05
N GLY I 196 121.20 6.91 80.98
CA GLY I 196 120.63 7.42 79.76
C GLY I 196 119.31 8.12 80.04
N SER I 197 118.63 8.50 78.97
CA SER I 197 117.35 9.19 79.08
C SER I 197 116.22 8.30 78.59
N SER I 198 115.33 8.86 77.77
CA SER I 198 114.20 8.12 77.23
C SER I 198 113.80 8.76 75.91
N LEU I 199 112.54 8.56 75.50
CA LEU I 199 112.00 9.13 74.26
C LEU I 199 112.82 8.69 73.05
N CYS I 200 113.22 7.43 73.03
CA CYS I 200 114.01 6.90 71.92
C CYS I 200 113.19 6.91 70.64
N ALA I 201 113.83 7.33 69.54
CA ALA I 201 113.13 7.46 68.27
C ALA I 201 113.49 6.34 67.30
N PHE I 202 114.72 6.36 66.79
CA PHE I 202 115.15 5.42 65.76
C PHE I 202 116.17 4.44 66.32
N VAL I 203 115.98 3.16 66.01
CA VAL I 203 116.88 2.12 66.45
C VAL I 203 117.74 1.66 65.28
N THR I 204 118.95 1.21 65.58
CA THR I 204 119.85 0.68 64.56
C THR I 204 120.64 -0.48 65.16
N ALA I 205 121.00 -1.43 64.31
CA ALA I 205 121.71 -2.63 64.72
C ALA I 205 123.16 -2.56 64.27
N VAL I 206 124.09 -2.86 65.17
CA VAL I 206 125.51 -2.88 64.85
C VAL I 206 126.04 -4.29 65.04
N LYS I 207 127.35 -4.47 64.87
CA LYS I 207 127.94 -5.79 64.99
C LYS I 207 127.86 -6.29 66.44
N GLY I 208 127.78 -7.61 66.58
CA GLY I 208 127.69 -8.23 67.89
C GLY I 208 126.28 -8.34 68.45
N ASN I 209 125.25 -8.28 67.60
CA ASN I 209 123.86 -8.38 68.04
C ASN I 209 123.53 -7.29 69.05
N SER I 210 124.12 -6.11 68.88
CA SER I 210 123.90 -4.98 69.75
C SER I 210 123.18 -3.87 68.99
N PHE I 211 122.59 -2.94 69.73
CA PHE I 211 121.73 -1.92 69.15
C PHE I 211 122.09 -0.53 69.70
N ILE I 212 121.68 0.48 68.96
CA ILE I 212 121.82 1.88 69.34
C ILE I 212 120.47 2.56 69.13
N LEU I 213 119.99 3.23 70.16
CA LEU I 213 118.74 3.98 70.11
C LEU I 213 119.05 5.47 70.11
N SER I 214 118.56 6.19 69.11
CA SER I 214 118.80 7.62 68.96
C SER I 214 117.48 8.36 69.05
N SER I 215 117.41 9.32 69.97
CA SER I 215 116.21 10.10 70.17
C SER I 215 116.22 11.34 69.28
N GLU I 216 115.11 12.08 69.31
CA GLU I 216 115.01 13.32 68.53
C GLU I 216 115.70 14.49 69.22
N LYS I 217 116.00 14.37 70.52
CA LYS I 217 116.69 15.41 71.27
C LYS I 217 118.17 15.11 71.46
N ASN I 218 118.77 14.36 70.54
CA ASN I 218 120.19 14.01 70.57
C ASN I 218 120.53 13.24 71.85
N GLN I 219 119.99 12.02 71.92
CA GLN I 219 120.23 11.12 73.04
C GLN I 219 120.51 9.74 72.47
N LEU I 220 121.69 9.20 72.75
CA LEU I 220 122.12 7.91 72.24
C LEU I 220 122.24 6.91 73.38
N VAL I 221 121.61 5.76 73.22
CA VAL I 221 121.65 4.68 74.21
C VAL I 221 122.21 3.44 73.53
N ARG I 222 123.27 2.88 74.09
CA ARG I 222 123.95 1.72 73.54
C ARG I 222 123.53 0.46 74.26
N LEU I 223 123.54 -0.66 73.54
CA LEU I 223 123.21 -1.97 74.09
C LEU I 223 124.50 -2.77 74.23
N THR I 224 124.92 -3.00 75.48
CA THR I 224 126.12 -3.77 75.74
C THR I 224 125.75 -5.23 75.96
N PRO I 225 126.21 -6.16 75.12
CA PRO I 225 125.89 -7.57 75.32
C PRO I 225 126.90 -8.29 76.19
N ASP I 226 126.44 -8.92 77.27
CA ASP I 226 127.32 -9.66 78.16
C ASP I 226 127.29 -11.16 77.91
N ALA I 227 126.18 -11.70 77.41
CA ALA I 227 126.06 -13.12 77.12
C ALA I 227 125.04 -13.29 76.00
N SER I 228 124.43 -14.48 75.92
CA SER I 228 123.44 -14.78 74.90
C SER I 228 122.01 -14.58 75.41
N GLY I 229 121.84 -14.07 76.62
CA GLY I 229 120.52 -13.85 77.18
C GLY I 229 120.52 -12.87 78.33
N LYS I 230 121.58 -12.08 78.46
CA LYS I 230 121.69 -11.10 79.54
C LYS I 230 122.54 -9.94 79.02
N MET I 231 121.90 -8.82 78.71
CA MET I 231 122.57 -7.63 78.21
C MET I 231 122.27 -6.45 79.13
N ASN I 232 122.76 -5.27 78.73
CA ASN I 232 122.53 -4.06 79.51
C ASN I 232 122.40 -2.88 78.56
N GLN I 233 121.84 -1.79 79.08
CA GLN I 233 121.69 -0.55 78.33
C GLN I 233 122.48 0.54 79.03
N ARG I 234 123.40 1.17 78.29
CA ARG I 234 124.27 2.20 78.84
C ARG I 234 124.26 3.41 77.93
N VAL I 235 125.05 4.42 78.28
CA VAL I 235 125.16 5.65 77.50
C VAL I 235 126.18 5.45 76.38
N LEU I 236 126.29 6.45 75.51
CA LEU I 236 127.27 6.36 74.43
C LEU I 236 128.68 6.57 74.98
N PRO I 237 129.66 5.80 74.51
CA PRO I 237 131.03 6.00 74.98
C PRO I 237 131.56 7.37 74.59
N GLN I 238 132.34 7.96 75.50
CA GLN I 238 132.92 9.30 75.32
C GLN I 238 131.82 10.34 75.08
N GLY I 239 130.71 10.18 75.79
CA GLY I 239 129.59 11.11 75.68
C GLY I 239 128.77 10.86 74.42
N GLN I 240 127.63 11.55 74.36
CA GLN I 240 126.74 11.45 73.22
C GLN I 240 127.20 12.40 72.11
N GLY I 241 126.38 12.55 71.08
CA GLY I 241 126.70 13.41 69.96
C GLY I 241 125.73 14.57 69.82
N MET I 242 126.05 15.46 68.88
CA MET I 242 125.23 16.63 68.57
C MET I 242 125.07 17.55 69.77
N LEU I 243 124.23 18.58 69.63
CA LEU I 243 124.01 19.54 70.69
C LEU I 243 122.81 19.10 71.53
N SER I 244 122.14 20.05 72.20
CA SER I 244 120.97 19.79 73.02
C SER I 244 121.26 18.77 74.12
N GLY I 245 121.75 19.25 75.26
CA GLY I 245 122.03 18.34 76.36
C GLY I 245 120.77 17.69 76.90
N ILE I 246 120.88 16.41 77.24
CA ILE I 246 119.74 15.64 77.74
C ILE I 246 120.28 14.44 78.52
N GLY I 247 119.66 14.17 79.66
CA GLY I 247 120.06 13.05 80.49
C GLY I 247 121.45 13.22 81.08
N ARG I 248 122.04 12.09 81.46
CA ARG I 248 123.38 12.07 82.02
C ARG I 248 124.41 11.86 80.91
N ARG I 249 125.63 12.32 81.19
CA ARG I 249 126.73 12.19 80.24
C ARG I 249 128.01 11.92 81.00
N VAL I 250 129.07 11.60 80.25
CA VAL I 250 130.38 11.30 80.82
C VAL I 250 131.44 11.59 79.78
N SER I 251 132.68 11.78 80.24
CA SER I 251 133.84 12.06 79.39
C SER I 251 133.56 13.35 78.63
N THR I 252 133.74 13.40 77.31
CA THR I 252 133.48 14.62 76.56
C THR I 252 131.99 14.86 76.42
N LEU I 253 131.65 16.11 76.09
CA LEU I 253 130.26 16.53 75.91
C LEU I 253 130.02 16.90 74.45
N PHE I 254 128.82 16.59 73.97
CA PHE I 254 128.40 16.92 72.62
C PHE I 254 129.34 16.34 71.57
N GLY I 255 129.38 16.96 70.39
CA GLY I 255 130.23 16.49 69.32
C GLY I 255 130.19 17.40 68.10
N ILE I 256 129.07 18.07 67.90
CA ILE I 256 128.88 19.00 66.79
C ILE I 256 128.87 20.40 67.36
N LEU I 257 129.95 21.15 67.10
CA LEU I 257 130.09 22.52 67.59
C LEU I 257 129.65 23.47 66.49
N SER I 258 128.47 24.07 66.66
CA SER I 258 127.90 24.99 65.69
C SER I 258 127.26 26.16 66.43
N PRO I 259 127.31 27.37 65.85
CA PRO I 259 126.71 28.52 66.52
C PRO I 259 125.20 28.61 66.27
N ALA I 260 124.61 27.54 65.77
CA ALA I 260 123.17 27.51 65.51
C ALA I 260 122.39 27.16 66.77
N VAL I 261 121.43 26.26 66.65
CA VAL I 261 120.60 25.84 67.78
C VAL I 261 120.31 24.35 67.64
N GLU I 262 120.80 23.57 68.61
CA GLU I 262 120.58 22.12 68.65
C GLU I 262 121.07 21.42 67.38
N SER I 263 120.61 20.18 67.19
CA SER I 263 120.93 19.39 66.01
C SER I 263 119.98 18.21 65.91
N THR I 264 118.80 18.44 65.34
CA THR I 264 117.74 17.43 65.31
C THR I 264 118.21 16.20 64.54
N LEU I 265 118.25 15.06 65.21
CA LEU I 265 118.66 13.82 64.57
C LEU I 265 117.57 13.34 63.62
N CYS I 266 118.00 12.79 62.49
CA CYS I 266 117.10 12.26 61.47
C CYS I 266 117.16 10.75 61.33
N SER I 267 118.36 10.18 61.29
CA SER I 267 118.50 8.74 61.15
C SER I 267 119.89 8.33 61.60
N VAL I 268 120.04 7.03 61.91
CA VAL I 268 121.31 6.44 62.30
C VAL I 268 121.43 5.09 61.60
N LEU I 269 122.50 4.90 60.83
CA LEU I 269 122.66 3.72 60.02
C LEU I 269 124.06 3.15 60.22
N TRP I 270 124.13 1.88 60.62
CA TRP I 270 125.39 1.17 60.76
C TRP I 270 125.49 0.12 59.66
N ASP I 271 126.52 0.22 58.83
CA ASP I 271 126.71 -0.67 57.71
C ASP I 271 127.86 -1.63 57.98
N LYS I 272 127.98 -2.64 57.12
CA LYS I 272 129.03 -3.64 57.28
C LYS I 272 130.39 -3.03 56.98
N GLY I 273 131.35 -3.29 57.86
CA GLY I 273 132.69 -2.75 57.69
C GLY I 273 133.07 -1.75 58.76
N ASP I 274 132.40 -1.86 59.92
CA ASP I 274 132.63 -0.96 61.06
C ASP I 274 132.45 0.50 60.66
N CYS I 275 131.33 0.78 59.99
CA CYS I 275 130.99 2.12 59.54
C CYS I 275 129.64 2.52 60.10
N PHE I 276 129.55 3.74 60.63
CA PHE I 276 128.33 4.25 61.24
C PHE I 276 128.13 5.68 60.78
N TYR I 277 126.89 6.02 60.45
CA TYR I 277 126.53 7.35 59.96
C TYR I 277 125.33 7.88 60.72
N THR I 278 125.48 9.08 61.28
CA THR I 278 124.42 9.76 62.02
C THR I 278 123.94 10.93 61.16
N LEU I 279 122.89 10.67 60.36
CA LEU I 279 122.35 11.68 59.46
C LEU I 279 121.44 12.61 60.26
N THR I 280 121.81 13.89 60.34
CA THR I 280 121.04 14.88 61.07
C THR I 280 121.01 16.17 60.27
N ASP I 281 120.29 17.15 60.79
CA ASP I 281 120.14 18.46 60.12
C ASP I 281 121.28 19.41 60.50
N SER I 282 122.52 18.94 60.34
CA SER I 282 123.69 19.76 60.65
C SER I 282 124.90 19.29 59.85
N SER I 283 125.39 18.09 60.16
CA SER I 283 126.54 17.53 59.46
C SER I 283 126.43 16.01 59.51
N ILE I 284 127.43 15.34 58.92
CA ILE I 284 127.48 13.89 58.87
C ILE I 284 128.84 13.45 59.41
N ASN I 285 128.82 12.65 60.47
CA ASN I 285 130.04 12.15 61.09
C ASN I 285 130.11 10.62 60.94
N LYS I 286 131.31 10.11 60.70
CA LYS I 286 131.55 8.68 60.54
C LYS I 286 132.32 8.19 61.76
N TRP I 287 131.76 7.19 62.44
CA TRP I 287 132.36 6.63 63.64
C TRP I 287 132.63 5.14 63.43
N ASP I 288 133.80 4.69 63.86
CA ASP I 288 134.18 3.28 63.77
C ASP I 288 133.90 2.63 65.12
N LEU I 289 132.64 2.26 65.32
CA LEU I 289 132.22 1.68 66.59
C LEU I 289 132.73 0.25 66.71
N ASP I 290 133.35 -0.07 67.85
CA ASP I 290 133.84 -1.41 68.13
C ASP I 290 133.09 -2.03 69.30
N ASP I 291 131.80 -1.71 69.44
CA ASP I 291 130.94 -2.21 70.51
C ASP I 291 131.46 -1.86 71.89
N THR I 292 132.28 -0.83 72.01
CA THR I 292 132.82 -0.40 73.29
C THR I 292 133.29 1.04 73.24
N SER I 293 133.58 1.53 72.03
CA SER I 293 134.05 2.90 71.86
C SER I 293 133.87 3.30 70.40
N GLU I 294 133.98 4.59 70.14
CA GLU I 294 133.85 5.15 68.81
C GLU I 294 135.08 5.97 68.46
N SER I 295 135.38 6.02 67.16
CA SER I 295 136.53 6.77 66.65
C SER I 295 136.09 7.64 65.49
N GLN I 296 136.37 8.93 65.58
CA GLN I 296 135.99 9.87 64.52
C GLN I 296 136.87 9.66 63.30
N VAL I 297 136.24 9.48 62.15
CA VAL I 297 136.95 9.28 60.89
C VAL I 297 137.10 10.60 60.16
N LEU I 298 135.99 11.06 59.56
CA LEU I 298 136.00 12.31 58.81
C LEU I 298 134.60 12.90 58.84
N ASN I 299 134.52 14.21 59.05
CA ASN I 299 133.24 14.92 59.11
C ASN I 299 133.01 15.59 57.75
N TRP I 300 132.13 15.00 56.95
CA TRP I 300 131.79 15.50 55.63
C TRP I 300 130.31 15.86 55.58
N ASP I 301 129.90 16.45 54.46
CA ASP I 301 128.53 16.86 54.25
C ASP I 301 128.04 16.37 52.89
N MET I 302 126.78 15.95 52.84
CA MET I 302 126.18 15.45 51.60
C MET I 302 125.22 16.45 50.97
N SER I 303 124.63 17.35 51.76
CA SER I 303 123.70 18.32 51.22
C SER I 303 124.38 19.29 50.26
N ARG I 304 125.64 19.63 50.52
CA ARG I 304 126.37 20.55 49.65
C ARG I 304 126.59 19.98 48.25
N VAL I 305 126.48 18.65 48.10
CA VAL I 305 126.62 18.01 46.79
C VAL I 305 125.25 17.70 46.24
N LEU I 306 124.29 17.43 47.14
CA LEU I 306 122.94 17.09 46.72
C LEU I 306 122.14 18.30 46.25
N ARG I 307 122.53 19.51 46.67
CA ARG I 307 121.76 20.70 46.28
C ARG I 307 121.81 20.91 44.77
N GLU I 308 122.98 20.69 44.16
CA GLU I 308 123.10 20.86 42.72
C GLU I 308 122.24 19.84 41.97
N TYR I 309 122.25 18.58 42.42
CA TYR I 309 121.43 17.56 41.79
C TYR I 309 119.95 17.88 41.94
N ILE I 310 119.55 18.37 43.12
CA ILE I 310 118.15 18.73 43.33
C ILE I 310 117.74 19.87 42.43
N SER I 311 118.60 20.90 42.30
CA SER I 311 118.28 22.03 41.45
C SER I 311 118.25 21.62 39.97
N ASP I 312 119.06 20.64 39.58
CA ASP I 312 119.07 20.20 38.19
C ASP I 312 117.90 19.28 37.88
N ALA I 313 117.42 18.52 38.86
CA ALA I 313 116.32 17.59 38.64
C ALA I 313 114.94 18.23 38.80
N ILE I 314 114.83 19.24 39.66
CA ILE I 314 113.54 19.88 39.90
C ILE I 314 113.42 21.15 39.07
N TRP I 315 114.20 22.17 39.43
CA TRP I 315 114.15 23.44 38.73
C TRP I 315 114.88 23.36 37.39
N GLY I 316 114.78 24.43 36.62
CA GLY I 316 115.40 24.52 35.31
C GLY I 316 116.18 25.81 35.17
N SER I 317 116.27 26.28 33.93
CA SER I 317 116.99 27.51 33.64
C SER I 317 116.19 28.72 34.10
N GLU I 318 116.74 29.50 35.02
CA GLU I 318 116.08 30.68 35.55
C GLU I 318 117.13 31.79 35.68
N SER I 319 116.74 32.89 36.32
CA SER I 319 117.65 34.01 36.50
C SER I 319 118.61 33.77 37.66
N ASP I 320 118.08 33.43 38.83
CA ASP I 320 118.90 33.17 40.02
C ASP I 320 119.25 31.69 40.13
N TYR I 321 119.75 31.10 39.04
CA TYR I 321 120.11 29.69 39.05
C TYR I 321 121.25 29.41 40.01
N ASP I 322 122.25 30.30 40.05
CA ASP I 322 123.37 30.11 40.97
C ASP I 322 122.91 30.22 42.42
N ASP I 323 122.04 31.19 42.72
CA ASP I 323 121.53 31.32 44.09
C ASP I 323 120.69 30.11 44.47
N ILE I 324 119.90 29.58 43.53
CA ILE I 324 119.11 28.39 43.82
C ILE I 324 120.01 27.19 44.09
N LYS I 325 121.04 27.01 43.25
CA LYS I 325 121.97 25.89 43.45
C LYS I 325 122.73 26.02 44.76
N ALA I 326 123.02 27.26 45.18
CA ALA I 326 123.72 27.45 46.45
C ALA I 326 122.79 27.31 47.65
N GLY I 327 121.50 27.54 47.47
CA GLY I 327 120.55 27.43 48.56
C GLY I 327 119.97 26.04 48.72
N ILE I 328 118.64 25.93 48.57
CA ILE I 328 117.90 24.68 48.74
C ILE I 328 118.08 24.15 50.15
N ASN I 329 117.15 24.47 51.03
CA ASN I 329 117.16 23.93 52.38
C ASN I 329 116.66 22.48 52.35
N ILE I 330 117.45 21.58 52.88
CA ILE I 330 117.18 20.14 52.85
C ILE I 330 116.96 19.65 54.27
N ASN I 331 115.99 18.76 54.44
CA ASN I 331 115.69 18.15 55.73
C ASN I 331 115.58 16.64 55.53
N TYR I 332 116.42 15.90 56.25
CA TYR I 332 116.45 14.44 56.13
C TYR I 332 115.31 13.82 56.95
N LEU I 333 114.83 12.66 56.48
CA LEU I 333 113.75 11.97 57.15
C LEU I 333 114.07 10.48 57.30
N SER I 334 113.94 9.73 56.21
CA SER I 334 114.16 8.29 56.22
C SER I 334 115.47 7.95 55.53
N LEU I 335 116.04 6.81 55.92
CA LEU I 335 117.30 6.34 55.35
C LEU I 335 117.43 4.85 55.65
N ASN I 336 117.68 4.06 54.61
CA ASN I 336 117.81 2.61 54.76
C ASN I 336 118.92 2.11 53.84
N GLN I 337 119.27 0.84 54.00
CA GLN I 337 120.31 0.19 53.22
C GLN I 337 119.69 -0.84 52.29
N ASN I 338 120.54 -1.37 51.39
CA ASN I 338 120.14 -2.38 50.44
C ASN I 338 121.40 -2.98 49.84
N CYS I 339 121.24 -4.17 49.25
CA CYS I 339 122.37 -4.88 48.66
C CYS I 339 123.06 -4.11 47.54
N ASP I 340 122.49 -2.99 47.10
CA ASP I 340 123.08 -2.16 46.06
C ASP I 340 123.44 -0.76 46.56
N GLY I 341 123.47 -0.57 47.88
CA GLY I 341 123.85 0.72 48.43
C GLY I 341 122.93 1.25 49.50
N LEU I 342 122.61 2.54 49.44
CA LEU I 342 121.73 3.17 50.42
C LEU I 342 120.63 3.92 49.70
N VAL I 343 119.49 4.07 50.38
CA VAL I 343 118.34 4.79 49.85
C VAL I 343 117.90 5.79 50.93
N ILE I 344 117.96 7.07 50.59
CA ILE I 344 117.61 8.14 51.53
C ILE I 344 116.33 8.82 51.05
N LEU I 345 115.50 9.22 52.01
CA LEU I 345 114.25 9.93 51.73
C LEU I 345 114.29 11.24 52.50
N SER I 346 114.45 12.35 51.77
CA SER I 346 114.55 13.67 52.38
C SER I 346 113.77 14.67 51.55
N ALA I 347 113.38 15.77 52.20
CA ALA I 347 112.66 16.85 51.55
C ALA I 347 113.60 18.03 51.30
N ALA I 348 113.24 18.84 50.31
CA ALA I 348 114.05 19.99 49.94
C ALA I 348 113.14 21.10 49.42
N TRP I 349 113.44 22.33 49.82
CA TRP I 349 112.67 23.48 49.37
C TRP I 349 113.59 24.65 49.11
N HIS I 350 113.30 25.40 48.04
CA HIS I 350 114.13 26.54 47.67
C HIS I 350 113.81 27.73 48.56
N PRO I 351 114.82 28.48 49.00
CA PRO I 351 114.58 29.68 49.84
C PRO I 351 114.28 30.92 49.01
N GLY I 352 113.22 30.83 48.21
CA GLY I 352 112.83 31.94 47.35
C GLY I 352 111.73 32.79 47.95
N ASP I 353 110.60 32.87 47.26
CA ASP I 353 109.46 33.67 47.71
C ASP I 353 108.59 32.87 48.67
N ASN I 354 107.86 33.59 49.50
CA ASN I 354 106.97 32.97 50.49
C ASN I 354 105.57 32.79 49.90
N PRO I 355 104.92 31.63 50.15
CA PRO I 355 105.47 30.53 50.95
C PRO I 355 106.36 29.59 50.13
N CYS I 356 107.07 28.70 50.82
CA CYS I 356 107.95 27.74 50.16
C CYS I 356 107.21 26.45 49.88
N GLN I 357 107.54 25.82 48.75
CA GLN I 357 106.93 24.56 48.34
C GLN I 357 107.87 23.43 48.72
N ILE I 358 107.42 22.59 49.66
CA ILE I 358 108.24 21.46 50.13
C ILE I 358 108.16 20.34 49.10
N TYR I 359 109.29 20.04 48.47
CA TYR I 359 109.37 18.98 47.48
C TYR I 359 110.15 17.81 48.04
N TYR I 360 109.75 16.60 47.67
CA TYR I 360 110.37 15.37 48.16
C TYR I 360 111.40 14.89 47.15
N THR I 361 112.61 14.64 47.64
CA THR I 361 113.72 14.18 46.80
C THR I 361 114.09 12.75 47.18
N LEU I 362 114.36 11.93 46.17
CA LEU I 362 114.71 10.53 46.35
C LEU I 362 116.20 10.36 46.05
N VAL I 363 116.99 10.21 47.11
CA VAL I 363 118.44 10.05 46.97
C VAL I 363 118.74 8.55 47.05
N THR I 364 119.20 7.99 45.93
CA THR I 364 119.53 6.57 45.84
C THR I 364 121.03 6.42 45.58
N VAL I 365 121.68 5.57 46.37
CA VAL I 365 123.11 5.31 46.23
C VAL I 365 123.30 3.96 45.55
N LYS I 366 124.03 3.95 44.45
CA LYS I 366 124.30 2.74 43.69
C LYS I 366 125.65 2.16 44.09
N ASP I 367 125.66 0.89 44.47
CA ASP I 367 126.87 0.20 44.89
C ASP I 367 126.67 -1.29 44.71
N GLU I 368 127.56 -2.08 45.30
CA GLU I 368 127.47 -3.53 45.24
C GLU I 368 127.31 -4.20 46.60
N GLY I 369 127.60 -3.51 47.70
CA GLY I 369 127.46 -4.08 49.02
C GLY I 369 126.48 -3.32 49.88
N TYR I 370 126.99 -2.65 50.92
CA TYR I 370 126.14 -1.87 51.82
C TYR I 370 126.76 -0.56 52.26
N ASN I 371 127.98 -0.24 51.83
CA ASN I 371 128.63 1.00 52.23
C ASN I 371 128.18 2.14 51.33
N ILE I 372 128.86 3.29 51.43
CA ILE I 372 128.52 4.46 50.65
C ILE I 372 129.41 4.51 49.41
N SER I 373 129.06 5.37 48.46
CA SER I 373 129.84 5.53 47.24
C SER I 373 129.55 6.92 46.67
N ASP I 374 129.74 7.08 45.36
CA ASP I 374 129.50 8.36 44.69
C ASP I 374 128.38 8.34 43.67
N GLU I 375 127.93 7.15 43.24
CA GLU I 375 126.83 7.05 42.27
C GLU I 375 125.54 7.43 42.97
N ILE I 376 125.12 8.68 42.81
CA ILE I 376 123.94 9.22 43.47
C ILE I 376 122.90 9.55 42.41
N THR I 377 121.67 9.09 42.62
CA THR I 377 120.54 9.39 41.74
C THR I 377 119.50 10.17 42.52
N VAL I 378 119.06 11.30 41.97
CA VAL I 378 118.10 12.19 42.62
C VAL I 378 116.90 12.35 41.71
N GLU I 379 115.71 12.08 42.26
CA GLU I 379 114.46 12.24 41.52
C GLU I 379 113.47 13.00 42.40
N VAL I 380 112.46 13.58 41.76
CA VAL I 380 111.42 14.33 42.44
C VAL I 380 110.21 13.42 42.66
N THR I 381 109.53 13.62 43.79
CA THR I 381 108.35 12.84 44.12
C THR I 381 107.14 13.76 44.20
N GLN I 382 106.08 13.41 43.47
CA GLN I 382 104.87 14.20 43.45
C GLN I 382 104.04 13.94 44.70
N PHE I 383 102.93 14.69 44.83
CA PHE I 383 102.02 14.57 45.96
C PHE I 383 102.73 14.78 47.28
N ASN I 384 102.96 16.04 47.65
CA ASN I 384 103.65 16.38 48.89
C ASN I 384 102.67 16.93 49.90
N PRO I 385 102.38 16.21 50.99
CA PRO I 385 101.48 16.77 52.02
C PRO I 385 102.14 17.83 52.86
N VAL I 386 102.37 17.54 54.14
CA VAL I 386 103.00 18.48 55.06
C VAL I 386 104.17 17.79 55.75
N PHE I 387 105.14 18.58 56.19
CA PHE I 387 106.32 18.09 56.88
C PHE I 387 106.35 18.70 58.28
N GLN I 388 106.56 17.85 59.29
CA GLN I 388 106.58 18.31 60.67
C GLN I 388 107.39 17.34 61.52
N ALA I 389 108.04 17.89 62.54
CA ALA I 389 108.81 17.13 63.53
C ALA I 389 109.90 16.34 62.80
N ARG I 390 110.37 15.24 63.41
CA ARG I 390 111.39 14.38 62.82
C ARG I 390 110.85 12.95 62.86
N GLY I 391 109.75 12.72 62.15
CA GLY I 391 109.12 11.42 62.11
C GLY I 391 107.81 11.43 61.36
N MET I 392 107.77 12.15 60.24
CA MET I 392 106.55 12.23 59.44
C MET I 392 106.24 10.88 58.80
N GLN I 393 105.02 10.39 59.02
CA GLN I 393 104.61 9.08 58.55
C GLN I 393 103.80 9.13 57.26
N LEU I 394 103.49 10.32 56.75
CA LEU I 394 102.73 10.42 55.50
C LEU I 394 103.57 9.94 54.32
N CYS I 395 104.83 10.36 54.27
CA CYS I 395 105.76 9.94 53.22
C CYS I 395 106.87 9.13 53.88
N GLN I 396 106.72 7.80 53.84
CA GLN I 396 107.66 6.89 54.47
C GLN I 396 108.25 5.95 53.43
N LEU I 397 109.52 5.60 53.63
CA LEU I 397 110.25 4.69 52.76
C LEU I 397 110.59 3.43 53.53
N VAL I 398 110.30 2.27 52.93
CA VAL I 398 110.54 0.97 53.56
C VAL I 398 111.15 0.04 52.52
N VAL I 399 112.32 -0.49 52.83
CA VAL I 399 112.99 -1.47 51.98
C VAL I 399 112.52 -2.86 52.40
N PRO I 400 112.20 -3.76 51.46
CA PRO I 400 111.69 -5.09 51.84
C PRO I 400 112.63 -5.88 52.73
N ASN I 401 113.62 -6.55 52.15
CA ASN I 401 114.53 -7.41 52.91
C ASN I 401 115.98 -6.96 52.80
N PHE I 402 116.22 -5.69 52.48
CA PHE I 402 117.56 -5.12 52.37
C PHE I 402 118.43 -5.85 51.35
N SER I 403 117.81 -6.55 50.40
CA SER I 403 118.56 -7.30 49.40
C SER I 403 117.70 -7.56 48.17
N SER I 404 116.96 -6.54 47.71
CA SER I 404 116.11 -6.65 46.55
C SER I 404 116.71 -5.85 45.39
N GLN I 405 116.33 -6.25 44.18
CA GLN I 405 116.82 -5.58 42.97
C GLN I 405 116.05 -4.31 42.65
N ALA I 406 114.97 -4.03 43.37
CA ALA I 406 114.19 -2.82 43.13
C ALA I 406 113.44 -2.47 44.40
N CYS I 407 113.63 -1.25 44.90
CA CYS I 407 112.96 -0.82 46.12
C CYS I 407 111.65 -0.11 45.78
N TYR I 408 110.78 0.01 46.78
CA TYR I 408 109.47 0.63 46.60
C TYR I 408 109.27 1.70 47.66
N LEU I 409 109.01 2.93 47.22
CA LEU I 409 108.72 4.05 48.10
C LEU I 409 107.23 4.38 48.00
N TYR I 410 106.54 4.34 49.12
CA TYR I 410 105.09 4.56 49.17
C TYR I 410 104.81 5.93 49.76
N THR I 411 104.14 6.79 49.00
CA THR I 411 103.63 8.06 49.47
C THR I 411 102.12 8.05 49.39
N GLN I 412 101.49 8.97 50.14
CA GLN I 412 100.04 8.99 50.34
C GLN I 412 99.22 8.84 49.07
N GLU I 413 99.84 9.00 47.90
CA GLU I 413 99.09 8.87 46.65
C GLU I 413 99.92 8.27 45.51
N MET I 414 100.99 7.53 45.81
CA MET I 414 101.83 6.99 44.76
C MET I 414 102.71 5.88 45.31
N ILE I 415 103.14 5.00 44.41
CA ILE I 415 104.12 3.96 44.69
C ILE I 415 105.21 4.07 43.64
N PHE I 416 106.38 4.57 44.03
CA PHE I 416 107.50 4.76 43.13
C PHE I 416 108.48 3.60 43.25
N ALA I 417 109.09 3.24 42.12
CA ALA I 417 110.02 2.13 42.05
C ALA I 417 111.44 2.65 41.87
N CYS I 418 112.27 2.43 42.89
CA CYS I 418 113.68 2.82 42.85
C CYS I 418 114.46 1.66 42.24
N SER I 419 115.03 1.88 41.06
CA SER I 419 115.76 0.85 40.34
C SER I 419 117.21 0.82 40.85
N THR I 420 117.63 -0.34 41.36
CA THR I 420 118.99 -0.54 41.86
C THR I 420 119.75 -1.57 41.04
N GLY I 421 119.36 -1.81 39.80
CA GLY I 421 120.02 -2.78 38.96
C GLY I 421 119.05 -3.65 38.19
N THR I 422 119.56 -4.66 37.50
CA THR I 422 118.71 -5.55 36.73
C THR I 422 117.94 -6.49 37.66
N GLY I 423 116.89 -7.10 37.13
CA GLY I 423 116.05 -7.99 37.90
C GLY I 423 116.12 -9.43 37.46
N ARG I 424 116.67 -10.30 38.32
CA ARG I 424 116.78 -11.71 38.01
C ARG I 424 115.70 -12.55 38.67
N SER I 425 115.07 -12.05 39.73
CA SER I 425 114.01 -12.80 40.40
C SER I 425 112.81 -11.93 40.79
N THR I 426 112.87 -10.61 40.58
CA THR I 426 111.76 -9.73 40.91
C THR I 426 111.55 -8.75 39.76
N LEU I 427 110.30 -8.55 39.39
CA LEU I 427 109.96 -7.65 38.30
C LEU I 427 110.17 -6.21 38.73
N PRO I 428 111.06 -5.45 38.09
CA PRO I 428 111.26 -4.05 38.47
C PRO I 428 110.34 -3.09 37.74
N GLN I 429 110.50 -1.79 37.97
CA GLN I 429 109.74 -0.75 37.32
C GLN I 429 108.24 -0.91 37.55
N GLU I 430 107.74 -0.33 38.66
CA GLU I 430 106.32 -0.37 39.00
C GLU I 430 105.94 0.97 39.61
N LYS I 431 105.98 2.02 38.80
CA LYS I 431 105.61 3.37 39.22
C LYS I 431 104.12 3.56 38.98
N ILE I 432 103.35 3.63 40.06
CA ILE I 432 101.90 3.73 39.96
C ILE I 432 101.39 4.89 40.80
N PRO I 433 100.85 5.95 40.18
CA PRO I 433 100.21 7.02 40.97
C PRO I 433 98.76 6.68 41.27
N PHE I 434 98.09 7.53 42.05
CA PHE I 434 96.68 7.33 42.38
C PHE I 434 95.91 8.61 42.16
N GLU I 435 94.82 8.51 41.39
CA GLU I 435 93.95 9.66 41.15
C GLU I 435 92.50 9.41 41.51
N ALA I 436 92.11 8.19 41.86
CA ALA I 436 90.74 7.88 42.22
C ALA I 436 90.58 7.39 43.66
N GLN I 437 91.67 7.16 44.38
CA GLN I 437 91.63 6.67 45.76
C GLN I 437 92.28 7.71 46.67
N GLY I 438 91.55 8.14 47.69
CA GLY I 438 92.06 9.14 48.61
C GLY I 438 92.73 8.54 49.84
N ASP I 439 92.48 7.26 50.09
CA ASP I 439 93.09 6.58 51.22
C ASP I 439 94.58 6.39 50.98
N ASN I 440 95.39 6.75 51.97
CA ASN I 440 96.84 6.60 51.85
C ASN I 440 97.22 5.13 51.86
N ILE I 441 98.34 4.81 51.20
CA ILE I 441 98.80 3.44 51.11
C ILE I 441 99.32 2.99 52.47
N VAL I 442 98.83 1.83 52.93
CA VAL I 442 99.27 1.29 54.21
C VAL I 442 100.74 0.92 54.15
N GLY I 443 101.10 0.05 53.22
CA GLY I 443 102.48 -0.37 53.07
C GLY I 443 102.76 -0.83 51.66
N ALA I 444 104.05 -0.90 51.34
CA ALA I 444 104.50 -1.33 50.03
C ALA I 444 105.87 -1.98 50.14
N GLY I 445 106.20 -2.79 49.15
CA GLY I 445 107.49 -3.48 49.14
C GLY I 445 107.43 -4.71 48.24
N SER I 446 108.15 -5.74 48.66
CA SER I 446 108.22 -7.01 47.95
C SER I 446 107.80 -8.13 48.89
N CYS I 447 106.78 -8.89 48.49
CA CYS I 447 106.26 -9.99 49.29
C CYS I 447 106.65 -11.30 48.61
N GLU I 448 107.43 -12.13 49.32
CA GLU I 448 107.90 -13.42 48.81
C GLU I 448 108.68 -13.26 47.51
N GLY I 449 109.42 -12.16 47.37
CA GLY I 449 110.19 -11.91 46.17
C GLY I 449 109.38 -11.44 44.99
N TRP I 450 108.09 -11.17 45.16
CA TRP I 450 107.24 -10.72 44.07
C TRP I 450 106.64 -9.35 44.40
N PRO I 451 106.53 -8.46 43.42
CA PRO I 451 105.93 -7.14 43.69
C PRO I 451 104.45 -7.23 44.03
N VAL I 452 104.13 -7.24 45.32
CA VAL I 452 102.76 -7.32 45.81
C VAL I 452 102.40 -5.99 46.47
N PHE I 453 101.31 -5.40 46.04
CA PHE I 453 100.84 -4.12 46.56
C PHE I 453 99.46 -4.28 47.17
N PHE I 454 99.25 -3.61 48.31
CA PHE I 454 97.98 -3.65 49.02
C PHE I 454 97.16 -2.40 48.67
N ILE I 455 95.93 -2.62 48.20
CA ILE I 455 95.04 -1.53 47.81
C ILE I 455 93.78 -1.64 48.66
N ARG I 456 93.33 -0.51 49.20
CA ARG I 456 92.13 -0.50 50.02
C ARG I 456 90.91 -0.89 49.20
N LYS I 457 90.05 -1.73 49.79
CA LYS I 457 88.84 -2.23 49.12
C LYS I 457 89.20 -2.95 47.83
N SER I 458 90.31 -3.69 47.84
CA SER I 458 90.74 -4.43 46.67
C SER I 458 91.60 -5.62 47.09
N GLY I 459 92.42 -5.44 48.12
CA GLY I 459 93.25 -6.52 48.61
C GLY I 459 94.68 -6.46 48.13
N MET I 460 95.34 -7.62 48.07
CA MET I 460 96.72 -7.70 47.62
C MET I 460 96.76 -8.10 46.15
N LEU I 461 97.52 -7.35 45.36
CA LEU I 461 97.66 -7.62 43.93
C LEU I 461 99.13 -7.79 43.60
N THR I 462 99.46 -8.86 42.88
CA THR I 462 100.83 -9.16 42.51
C THR I 462 101.07 -8.75 41.06
N VAL I 463 102.32 -8.38 40.77
CA VAL I 463 102.73 -7.98 39.42
C VAL I 463 103.89 -8.88 39.03
N VAL I 464 103.59 -9.92 38.26
CA VAL I 464 104.59 -10.88 37.80
C VAL I 464 104.57 -10.91 36.27
N ALA I 465 105.60 -11.54 35.71
CA ALA I 465 105.72 -11.66 34.26
C ALA I 465 106.59 -12.84 33.87
N ARG I 466 107.87 -12.57 33.61
CA ARG I 466 108.79 -13.64 33.21
C ARG I 466 109.38 -14.36 34.42
N GLU I 467 109.79 -13.60 35.43
CA GLU I 467 110.39 -14.17 36.64
C GLU I 467 109.28 -14.83 37.47
N THR I 468 109.22 -16.16 37.42
CA THR I 468 108.21 -16.90 38.17
C THR I 468 108.85 -18.05 38.94
N ALA I 469 108.20 -19.21 38.94
CA ALA I 469 108.71 -20.38 39.65
C ALA I 469 108.30 -21.62 38.86
N SER I 470 109.27 -22.26 38.21
CA SER I 470 109.02 -23.45 37.41
C SER I 470 109.53 -24.68 38.16
N VAL I 471 109.63 -25.80 37.45
CA VAL I 471 110.10 -27.06 37.99
C VAL I 471 111.48 -27.34 37.45
N LEU I 472 112.42 -27.63 38.35
CA LEU I 472 113.79 -27.92 37.93
C LEU I 472 113.86 -29.30 37.27
N PRO I 473 114.80 -29.49 36.33
CA PRO I 473 114.85 -30.77 35.60
C PRO I 473 115.32 -31.94 36.45
N GLU I 474 116.60 -32.31 36.31
CA GLU I 474 117.12 -33.51 36.94
C GLU I 474 117.75 -33.23 38.29
N HIS I 475 119.08 -33.15 38.33
CA HIS I 475 119.79 -33.00 39.59
C HIS I 475 119.53 -31.65 40.26
N MET I 476 119.05 -30.66 39.51
CA MET I 476 118.77 -29.35 40.10
C MET I 476 117.66 -29.45 41.13
N GLU I 477 116.59 -30.17 40.82
CA GLU I 477 115.49 -30.34 41.77
C GLU I 477 115.94 -31.12 43.00
N GLU I 478 116.78 -32.13 42.80
CA GLU I 478 117.29 -32.90 43.94
C GLU I 478 118.16 -32.02 44.84
N SER I 479 119.03 -31.19 44.25
CA SER I 479 119.85 -30.29 45.05
C SER I 479 118.99 -29.26 45.78
N LEU I 480 117.95 -28.76 45.12
CA LEU I 480 117.06 -27.80 45.77
C LEU I 480 116.34 -28.45 46.95
N SER I 481 115.84 -29.67 46.77
CA SER I 481 115.19 -30.37 47.87
C SER I 481 116.16 -30.65 49.01
N SER I 482 117.41 -30.98 48.68
CA SER I 482 118.41 -31.26 49.72
C SER I 482 118.75 -30.01 50.51
N VAL I 483 118.89 -28.87 49.83
CA VAL I 483 119.22 -27.64 50.54
C VAL I 483 118.01 -27.01 51.22
N SER I 484 116.80 -27.42 50.84
CA SER I 484 115.60 -26.91 51.50
C SER I 484 115.10 -27.79 52.63
N LYS I 485 115.52 -29.06 52.67
CA LYS I 485 115.14 -30.00 53.71
C LYS I 485 113.63 -30.15 53.81
N SER I 486 113.05 -30.91 52.88
CA SER I 486 111.61 -31.14 52.86
C SER I 486 111.33 -32.63 52.99
N SER I 487 110.21 -32.96 53.66
CA SER I 487 109.81 -34.33 53.87
C SER I 487 108.30 -34.44 53.71
N ARG I 488 107.82 -35.68 53.57
CA ARG I 488 106.41 -35.95 53.42
C ARG I 488 106.12 -37.36 53.92
N GLN I 489 104.89 -37.81 53.73
CA GLN I 489 104.46 -39.14 54.15
C GLN I 489 103.97 -39.93 52.93
N ALA I 490 103.81 -41.23 53.14
CA ALA I 490 103.36 -42.15 52.09
C ALA I 490 102.04 -42.79 52.51
N VAL I 491 101.52 -43.64 51.63
CA VAL I 491 100.26 -44.35 51.85
C VAL I 491 100.57 -45.83 52.05
N VAL I 492 99.86 -46.44 53.00
CA VAL I 492 100.08 -47.86 53.28
C VAL I 492 99.58 -48.71 52.11
N LYS I 493 100.19 -49.88 51.97
CA LYS I 493 99.85 -50.81 50.91
C LYS I 493 99.99 -52.23 51.43
N ASP I 494 99.70 -53.20 50.55
CA ASP I 494 99.79 -54.62 50.88
C ASP I 494 98.94 -54.97 52.09
N SER I 495 97.62 -55.07 51.90
CA SER I 495 96.69 -55.36 52.98
C SER I 495 96.31 -56.83 52.95
N ARG I 496 95.31 -57.20 53.76
CA ARG I 496 94.82 -58.56 53.86
C ARG I 496 93.30 -58.54 53.88
N PRO I 497 92.66 -59.63 53.47
CA PRO I 497 91.19 -59.65 53.47
C PRO I 497 90.61 -59.45 54.85
N ASP I 498 89.41 -58.88 54.89
CA ASP I 498 88.66 -58.61 56.12
C ASP I 498 89.41 -57.65 57.05
N GLN I 499 88.81 -57.36 58.19
CA GLN I 499 89.42 -56.54 59.25
C GLN I 499 89.69 -55.11 58.80
N ILE I 500 90.44 -54.37 59.63
CA ILE I 500 90.67 -52.96 59.37
C ILE I 500 91.52 -52.74 58.13
N ALA I 501 92.34 -53.72 57.72
CA ALA I 501 93.10 -53.57 56.49
C ALA I 501 92.16 -53.48 55.29
N HIS I 502 91.23 -54.44 55.17
CA HIS I 502 90.26 -54.40 54.09
C HIS I 502 89.33 -53.20 54.23
N ASP I 503 89.02 -52.80 55.45
CA ASP I 503 88.17 -51.62 55.65
C ASP I 503 88.85 -50.37 55.10
N ASP I 504 90.13 -50.18 55.42
CA ASP I 504 90.86 -49.02 54.93
C ASP I 504 91.07 -49.09 53.43
N LYS I 505 91.29 -50.29 52.89
CA LYS I 505 91.42 -50.43 51.44
C LYS I 505 90.13 -50.06 50.73
N THR I 506 88.99 -50.50 51.26
CA THR I 506 87.69 -50.14 50.68
C THR I 506 87.45 -48.64 50.79
N LYS I 507 87.81 -48.04 51.92
CA LYS I 507 87.63 -46.60 52.07
C LYS I 507 88.50 -45.82 51.08
N HIS I 508 89.75 -46.26 50.88
CA HIS I 508 90.62 -45.59 49.93
C HIS I 508 90.13 -45.75 48.51
N LEU I 509 89.63 -46.94 48.15
CA LEU I 509 89.10 -47.14 46.81
C LEU I 509 87.85 -46.30 46.59
N LYS I 510 87.00 -46.17 47.61
CA LYS I 510 85.82 -45.32 47.50
C LYS I 510 86.21 -43.86 47.36
N ALA I 511 87.25 -43.42 48.08
CA ALA I 511 87.72 -42.05 47.93
C ALA I 511 88.28 -41.81 46.54
N ALA I 512 89.00 -42.79 45.99
CA ALA I 512 89.52 -42.66 44.63
C ALA I 512 88.38 -42.61 43.61
N PHE I 513 87.33 -43.41 43.82
CA PHE I 513 86.18 -43.37 42.93
C PHE I 513 85.47 -42.02 43.02
N LEU I 514 85.33 -41.47 44.22
CA LEU I 514 84.71 -40.16 44.38
C LEU I 514 85.55 -39.08 43.72
N ARG I 515 86.88 -39.20 43.80
CA ARG I 515 87.74 -38.23 43.11
C ARG I 515 87.61 -38.34 41.60
N TYR I 516 87.54 -39.57 41.08
CA TYR I 516 87.35 -39.75 39.65
C TYR I 516 86.00 -39.19 39.20
N CYS I 517 84.97 -39.30 40.06
CA CYS I 517 83.68 -38.71 39.73
C CYS I 517 83.75 -37.18 39.75
N ARG I 518 84.43 -36.62 40.75
CA ARG I 518 84.62 -35.17 40.85
C ARG I 518 85.73 -34.64 39.96
N LYS I 519 86.26 -35.48 39.06
CA LYS I 519 87.24 -35.08 38.06
C LYS I 519 88.59 -34.76 38.71
N ASP I 520 89.11 -35.72 39.45
CA ASP I 520 90.45 -35.67 40.03
C ASP I 520 91.24 -36.86 39.51
N ILE I 521 91.61 -36.81 38.24
CA ILE I 521 92.25 -37.96 37.60
C ILE I 521 93.62 -38.24 38.21
N LEU I 522 94.38 -37.17 38.50
CA LEU I 522 95.71 -37.36 39.08
C LEU I 522 95.62 -38.02 40.46
N GLY I 523 94.73 -37.50 41.31
CA GLY I 523 94.56 -38.09 42.63
C GLY I 523 94.04 -39.51 42.57
N ALA I 524 93.12 -39.78 41.64
CA ALA I 524 92.60 -41.14 41.50
C ALA I 524 93.68 -42.10 41.06
N GLN I 525 94.51 -41.71 40.09
CA GLN I 525 95.60 -42.57 39.65
C GLN I 525 96.62 -42.76 40.75
N SER I 526 96.92 -41.72 41.53
CA SER I 526 97.85 -41.86 42.64
C SER I 526 97.31 -42.84 43.68
N MET I 527 96.02 -42.73 44.01
CA MET I 527 95.42 -43.63 44.99
C MET I 527 95.41 -45.07 44.46
N VAL I 528 95.14 -45.25 43.17
CA VAL I 528 95.13 -46.59 42.58
C VAL I 528 96.53 -47.19 42.63
N ASP I 529 97.55 -46.40 42.29
CA ASP I 529 98.92 -46.89 42.33
C ASP I 529 99.38 -47.18 43.76
N SER I 530 98.89 -46.41 44.73
CA SER I 530 99.24 -46.69 46.12
C SER I 530 98.54 -47.93 46.65
N LEU I 531 97.31 -48.19 46.19
CA LEU I 531 96.57 -49.37 46.62
C LEU I 531 97.09 -50.62 45.94
N PHE I 532 96.85 -50.75 44.63
CA PHE I 532 97.27 -51.93 43.89
C PHE I 532 97.67 -51.51 42.49
N SER I 533 98.89 -51.85 42.10
CA SER I 533 99.40 -51.49 40.78
C SER I 533 98.63 -52.21 39.68
N ASP I 534 98.53 -51.57 38.52
CA ASP I 534 97.79 -52.15 37.40
C ASP I 534 98.56 -53.28 36.73
N SER I 535 99.87 -53.35 36.92
CA SER I 535 100.68 -54.39 36.30
C SER I 535 100.69 -55.69 37.10
N ASP I 536 99.99 -55.74 38.23
CA ASP I 536 99.92 -56.94 39.07
C ASP I 536 98.63 -57.68 38.73
N MET I 537 98.76 -58.77 37.97
CA MET I 537 97.62 -59.59 37.57
C MET I 537 97.55 -60.79 38.49
N GLU I 538 96.68 -60.70 39.51
CA GLU I 538 96.52 -61.77 40.49
C GLU I 538 95.08 -61.74 41.01
N PRO I 539 94.38 -62.87 41.01
CA PRO I 539 93.03 -62.90 41.56
C PRO I 539 93.03 -62.69 43.07
N ASP I 540 92.95 -61.43 43.50
CA ASP I 540 93.04 -61.10 44.91
C ASP I 540 91.67 -61.21 45.57
N ASP I 541 91.55 -62.15 46.51
CA ASP I 541 90.31 -62.24 47.29
C ASP I 541 90.06 -60.99 48.09
N GLU I 542 91.13 -60.32 48.56
CA GLU I 542 90.96 -59.04 49.24
C GLU I 542 90.36 -58.00 48.31
N LEU I 543 90.83 -57.96 47.05
CA LEU I 543 90.27 -57.00 46.10
C LEU I 543 88.82 -57.35 45.76
N ASP I 544 88.51 -58.64 45.65
CA ASP I 544 87.13 -59.04 45.38
C ASP I 544 86.21 -58.62 46.52
N LEU I 545 86.64 -58.86 47.76
CA LEU I 545 85.84 -58.46 48.92
C LEU I 545 85.70 -56.96 49.01
N ALA I 546 86.76 -56.22 48.66
CA ALA I 546 86.68 -54.76 48.68
C ALA I 546 85.70 -54.25 47.63
N VAL I 547 85.71 -54.83 46.43
CA VAL I 547 84.77 -54.41 45.40
C VAL I 547 83.35 -54.77 45.80
N ASN I 548 83.15 -55.94 46.41
CA ASN I 548 81.81 -56.31 46.88
C ASN I 548 81.32 -55.35 47.94
N GLN I 549 82.18 -54.97 48.89
CA GLN I 549 81.78 -54.03 49.93
C GLN I 549 81.50 -52.65 49.35
N ILE I 550 82.27 -52.24 48.34
CA ILE I 550 82.02 -50.96 47.69
C ILE I 550 80.66 -50.97 47.00
N SER I 551 80.34 -52.05 46.30
CA SER I 551 79.04 -52.16 45.65
C SER I 551 77.92 -52.17 46.67
N VAL I 552 78.11 -52.87 47.80
CA VAL I 552 77.10 -52.91 48.85
C VAL I 552 76.87 -51.52 49.42
N ASP I 553 77.95 -50.79 49.70
CA ASP I 553 77.80 -49.43 50.23
C ASP I 553 77.15 -48.50 49.21
N LEU I 554 77.44 -48.70 47.93
CA LEU I 554 76.84 -47.85 46.90
C LEU I 554 75.35 -48.13 46.76
N ILE I 555 74.94 -49.38 46.85
CA ILE I 555 73.52 -49.70 46.73
C ILE I 555 72.76 -49.46 48.03
N ASP I 556 73.46 -49.34 49.17
CA ASP I 556 72.82 -49.08 50.44
C ASP I 556 72.88 -47.61 50.86
N ASP I 557 73.67 -46.78 50.17
CA ASP I 557 73.77 -45.37 50.51
C ASP I 557 73.76 -44.50 49.27
N TYR I 558 74.65 -43.51 49.22
CA TYR I 558 74.72 -42.59 48.09
C TYR I 558 76.13 -42.01 48.05
N PRO I 559 76.66 -41.76 46.84
CA PRO I 559 78.01 -41.18 46.76
C PRO I 559 78.04 -39.71 47.13
N ALA I 560 79.23 -39.10 47.12
CA ALA I 560 79.36 -37.70 47.45
C ALA I 560 78.93 -36.82 46.28
N SER I 561 78.74 -35.53 46.58
CA SER I 561 78.31 -34.53 45.61
C SER I 561 76.99 -34.94 44.95
N ASP I 562 75.93 -34.88 45.75
CA ASP I 562 74.59 -35.24 45.31
C ASP I 562 73.58 -34.47 46.14
N PRO I 563 72.39 -34.19 45.59
CA PRO I 563 71.38 -33.44 46.35
C PRO I 563 70.79 -34.22 47.52
N ARG I 564 71.25 -35.44 47.80
CA ARG I 564 70.71 -36.22 48.91
C ARG I 564 71.16 -35.66 50.26
N TRP I 565 72.16 -34.78 50.28
CA TRP I 565 72.61 -34.20 51.54
C TRP I 565 71.56 -33.29 52.15
N ALA I 566 70.78 -32.61 51.30
CA ALA I 566 69.72 -31.73 51.82
C ALA I 566 68.67 -32.52 52.59
N GLU I 567 68.40 -33.76 52.19
CA GLU I 567 67.47 -34.61 52.93
C GLU I 567 68.14 -35.36 54.07
N SER I 568 69.43 -35.69 53.93
CA SER I 568 70.15 -36.32 55.02
C SER I 568 70.31 -35.37 56.20
N VAL I 569 70.38 -34.06 55.93
CA VAL I 569 70.38 -33.08 57.03
C VAL I 569 69.06 -33.18 57.78
N PRO I 570 69.07 -33.17 59.13
CA PRO I 570 67.81 -33.32 59.88
C PRO I 570 66.76 -32.28 59.50
N GLU I 571 65.99 -32.58 58.45
CA GLU I 571 64.92 -31.70 58.00
C GLU I 571 63.64 -32.50 57.76
N GLU I 572 63.78 -33.71 57.24
CA GLU I 572 62.66 -34.58 56.95
C GLU I 572 62.67 -35.76 57.91
N ALA I 573 61.60 -36.57 57.84
CA ALA I 573 61.48 -37.74 58.70
C ALA I 573 60.89 -38.92 57.92
N ALA I 574 59.77 -38.68 57.24
CA ALA I 574 59.13 -39.73 56.46
C ALA I 574 58.47 -39.17 55.21
N GLY I 575 58.55 -37.86 55.03
CA GLY I 575 57.95 -37.22 53.87
C GLY I 575 58.18 -35.73 53.91
N PHE I 576 58.08 -35.13 52.73
CA PHE I 576 58.28 -33.69 52.59
C PHE I 576 57.51 -33.15 51.38
N SER I 577 58.17 -32.34 50.57
CA SER I 577 57.54 -31.76 49.39
C SER I 577 57.85 -32.59 48.15
N ASN I 578 59.03 -32.40 47.57
CA ASN I 578 59.46 -33.14 46.39
C ASN I 578 60.22 -34.41 46.77
N THR I 579 59.65 -35.18 47.70
CA THR I 579 60.32 -36.39 48.18
C THR I 579 60.47 -37.41 47.06
N SER I 580 59.43 -37.59 46.24
CA SER I 580 59.49 -38.54 45.14
C SER I 580 60.54 -38.14 44.12
N LEU I 581 60.59 -36.86 43.77
CA LEU I 581 61.60 -36.40 42.81
C LEU I 581 63.01 -36.53 43.38
N ILE I 582 63.18 -36.23 44.66
CA ILE I 582 64.50 -36.36 45.28
C ILE I 582 64.94 -37.82 45.31
N LEU I 583 64.01 -38.73 45.61
CA LEU I 583 64.35 -40.15 45.64
C LEU I 583 64.68 -40.66 44.24
N LEU I 584 63.94 -40.21 43.23
CA LEU I 584 64.24 -40.61 41.86
C LEU I 584 65.61 -40.10 41.42
N HIS I 585 65.93 -38.85 41.77
CA HIS I 585 67.24 -38.30 41.44
C HIS I 585 68.34 -39.04 42.17
N GLN I 586 68.10 -39.44 43.41
CA GLN I 586 69.10 -40.20 44.17
C GLN I 586 69.32 -41.58 43.56
N LEU I 587 68.24 -42.24 43.13
CA LEU I 587 68.38 -43.53 42.47
C LEU I 587 69.13 -43.40 41.16
N GLU I 588 68.84 -42.36 40.38
CA GLU I 588 69.55 -42.14 39.13
C GLU I 588 71.03 -41.86 39.38
N ASP I 589 71.34 -41.09 40.43
CA ASP I 589 72.74 -40.81 40.77
C ASP I 589 73.45 -42.08 41.23
N LYS I 590 72.76 -42.94 41.97
CA LYS I 590 73.35 -44.21 42.39
C LYS I 590 73.63 -45.10 41.19
N MET I 591 72.70 -45.16 40.24
CA MET I 591 72.93 -45.96 39.03
C MET I 591 74.10 -45.40 38.23
N LYS I 592 74.18 -44.07 38.10
CA LYS I 592 75.28 -43.46 37.36
C LYS I 592 76.61 -43.73 38.06
N ALA I 593 76.63 -43.67 39.39
CA ALA I 593 77.86 -43.95 40.13
C ALA I 593 78.27 -45.41 39.97
N HIS I 594 77.31 -46.33 39.98
CA HIS I 594 77.63 -47.74 39.76
C HIS I 594 78.20 -47.96 38.36
N SER I 595 77.60 -47.31 37.35
CA SER I 595 78.11 -47.43 35.99
C SER I 595 79.51 -46.84 35.88
N PHE I 596 79.76 -45.71 36.54
CA PHE I 596 81.09 -45.10 36.49
C PHE I 596 82.12 -45.98 37.20
N PHE I 597 81.73 -46.61 38.31
CA PHE I 597 82.64 -47.51 39.00
C PHE I 597 82.95 -48.74 38.14
N VAL I 598 81.95 -49.27 37.45
CA VAL I 598 82.18 -50.41 36.55
C VAL I 598 83.11 -50.00 35.42
N ASP I 599 82.92 -48.81 34.86
CA ASP I 599 83.79 -48.34 33.79
C ASP I 599 85.21 -48.13 34.28
N PHE I 600 85.36 -47.59 35.50
CA PHE I 600 86.70 -47.39 36.05
C PHE I 600 87.39 -48.73 36.31
N LEU I 601 86.64 -49.73 36.78
CA LEU I 601 87.21 -51.06 36.97
C LEU I 601 87.64 -51.67 35.65
N HIS I 602 86.80 -51.53 34.61
CA HIS I 602 87.16 -52.04 33.30
C HIS I 602 88.38 -51.32 32.74
N GLN I 603 88.55 -50.04 33.05
CA GLN I 603 89.69 -49.29 32.55
C GLN I 603 90.97 -49.70 33.28
N VAL I 604 90.92 -49.82 34.60
CA VAL I 604 92.11 -50.18 35.36
C VAL I 604 92.46 -51.66 35.20
N GLY I 605 91.51 -52.48 34.77
CA GLY I 605 91.79 -53.88 34.53
C GLY I 605 91.59 -54.80 35.71
N LEU I 606 91.04 -54.31 36.82
CA LEU I 606 90.81 -55.16 37.98
C LEU I 606 89.61 -56.09 37.79
N PHE I 607 88.80 -55.87 36.76
CA PHE I 607 87.68 -56.77 36.51
C PHE I 607 88.14 -58.17 36.15
N SER I 608 89.30 -58.29 35.50
CA SER I 608 89.85 -59.60 35.20
C SER I 608 90.31 -60.31 36.48
N ARG I 609 90.84 -59.57 37.44
CA ARG I 609 91.22 -60.15 38.72
C ARG I 609 90.02 -60.43 39.60
N LEU I 610 88.89 -59.75 39.37
CA LEU I 610 87.68 -60.01 40.15
C LEU I 610 87.18 -61.43 39.92
N SER I 611 87.06 -62.20 40.99
CA SER I 611 86.60 -63.57 40.91
C SER I 611 85.38 -63.80 41.79
N THR I 612 85.61 -64.18 43.05
CA THR I 612 84.52 -64.44 43.98
C THR I 612 84.97 -64.04 45.38
N CYS I 613 84.00 -64.03 46.30
CA CYS I 613 84.28 -63.67 47.69
C CYS I 613 83.48 -64.55 48.64
N GLN I 614 83.15 -64.02 49.82
CA GLN I 614 82.39 -64.74 50.83
C GLN I 614 81.24 -63.87 51.28
N THR I 615 80.01 -64.27 50.94
CA THR I 615 78.81 -63.53 51.31
C THR I 615 77.80 -64.51 51.90
N LYS I 616 77.28 -64.18 53.09
CA LYS I 616 76.29 -65.00 53.78
C LYS I 616 76.79 -66.42 54.02
N GLY I 617 78.09 -66.57 54.27
CA GLY I 617 78.65 -67.88 54.54
C GLY I 617 78.72 -68.79 53.33
N MET I 618 78.64 -68.25 52.12
CA MET I 618 78.71 -69.04 50.90
C MET I 618 79.52 -68.27 49.86
N LEU I 619 79.88 -68.98 48.80
CA LEU I 619 80.70 -68.41 47.73
C LEU I 619 79.80 -67.91 46.61
N VAL I 620 79.79 -66.60 46.39
CA VAL I 620 79.02 -65.97 45.32
C VAL I 620 79.97 -65.15 44.47
N ALA I 621 79.84 -65.27 43.15
CA ALA I 621 80.72 -64.57 42.24
C ALA I 621 80.47 -63.06 42.28
N THR I 622 81.54 -62.30 42.04
CA THR I 622 81.42 -60.84 42.04
C THR I 622 80.56 -60.36 40.89
N ARG I 623 80.65 -61.02 39.73
CA ARG I 623 79.79 -60.66 38.60
C ARG I 623 78.33 -60.91 38.93
N LEU I 624 78.03 -62.04 39.57
CA LEU I 624 76.66 -62.33 39.97
C LEU I 624 76.17 -61.32 41.01
N LEU I 625 77.04 -60.93 41.95
CA LEU I 625 76.66 -59.94 42.94
C LEU I 625 76.35 -58.60 42.27
N LEU I 626 77.18 -58.18 41.31
CA LEU I 626 76.93 -56.93 40.61
C LEU I 626 75.64 -56.99 39.80
N SER I 627 75.38 -58.13 39.15
CA SER I 627 74.14 -58.28 38.39
C SER I 627 72.93 -58.22 39.30
N GLU I 628 73.00 -58.87 40.46
CA GLU I 628 71.89 -58.82 41.41
C GLU I 628 71.69 -57.41 41.94
N HIS I 629 72.78 -56.68 42.21
CA HIS I 629 72.65 -55.31 42.68
C HIS I 629 72.01 -54.43 41.62
N ALA I 630 72.42 -54.60 40.35
CA ALA I 630 71.83 -53.82 39.28
C ALA I 630 70.34 -54.14 39.10
N GLU I 631 69.99 -55.42 39.19
CA GLU I 631 68.58 -55.80 39.10
C GLU I 631 67.76 -55.22 40.24
N LYS I 632 68.31 -55.24 41.45
CA LYS I 632 67.60 -54.67 42.59
C LYS I 632 67.45 -53.17 42.45
N LEU I 633 68.48 -52.48 41.93
CA LEU I 633 68.38 -51.05 41.71
C LEU I 633 67.33 -50.72 40.65
N SER I 634 67.29 -51.49 39.57
CA SER I 634 66.28 -51.27 38.54
C SER I 634 64.88 -51.52 39.08
N ALA I 635 64.71 -52.58 39.88
CA ALA I 635 63.41 -52.87 40.46
C ALA I 635 62.98 -51.78 41.44
N ALA I 636 63.93 -51.23 42.21
CA ALA I 636 63.61 -50.13 43.10
C ALA I 636 63.22 -48.88 42.32
N ILE I 637 63.91 -48.62 41.20
CA ILE I 637 63.55 -47.47 40.37
C ILE I 637 62.14 -47.63 39.81
N VAL I 638 61.82 -48.83 39.34
CA VAL I 638 60.47 -49.08 38.81
C VAL I 638 59.43 -48.95 39.92
N LEU I 639 59.76 -49.44 41.12
CA LEU I 639 58.81 -49.33 42.23
C LEU I 639 58.59 -47.87 42.62
N LYS I 640 59.64 -47.05 42.59
CA LYS I 640 59.47 -45.63 42.87
C LYS I 640 58.65 -44.93 41.79
N ASN I 641 58.89 -45.29 40.53
CA ASN I 641 58.11 -44.72 39.44
C ASN I 641 56.63 -45.11 39.55
N HIS I 642 56.35 -46.32 40.04
CA HIS I 642 54.97 -46.73 40.23
C HIS I 642 54.35 -46.07 41.46
N HIS I 643 55.15 -45.84 42.51
CA HIS I 643 54.65 -45.15 43.70
C HIS I 643 54.36 -43.69 43.40
N ALA I 644 55.08 -43.10 42.44
CA ALA I 644 54.83 -41.72 42.05
C ALA I 644 53.39 -41.53 41.55
N LYS I 645 52.73 -42.60 41.11
CA LYS I 645 51.34 -42.55 40.68
C LYS I 645 50.40 -43.18 41.70
N LEU I 646 50.65 -44.42 42.09
CA LEU I 646 49.83 -45.10 43.09
C LEU I 646 50.61 -45.17 44.39
N PRO I 647 50.25 -44.37 45.40
CA PRO I 647 51.06 -44.34 46.62
C PRO I 647 50.62 -45.35 47.68
N VAL I 648 49.33 -45.65 47.74
CA VAL I 648 48.80 -46.46 48.85
C VAL I 648 49.36 -47.88 48.80
N LEU I 649 49.19 -48.55 47.66
CA LEU I 649 49.59 -49.96 47.55
C LEU I 649 51.11 -50.11 47.70
N VAL I 650 51.87 -49.24 47.03
CA VAL I 650 53.33 -49.34 47.11
C VAL I 650 53.82 -49.03 48.52
N ASN I 651 53.19 -48.05 49.18
CA ASN I 651 53.57 -47.73 50.56
C ASN I 651 53.26 -48.89 51.49
N SER I 652 52.10 -49.54 51.33
CA SER I 652 51.77 -50.69 52.15
C SER I 652 52.74 -51.84 51.91
N ALA I 653 53.10 -52.08 50.65
CA ALA I 653 54.05 -53.15 50.35
C ALA I 653 55.42 -52.86 50.93
N ILE I 654 55.86 -51.60 50.85
CA ILE I 654 57.16 -51.24 51.41
C ILE I 654 57.15 -51.38 52.92
N GLN I 655 56.05 -50.97 53.57
CA GLN I 655 55.95 -51.11 55.02
C GLN I 655 55.97 -52.57 55.43
N LEU I 656 55.24 -53.42 54.71
CA LEU I 656 55.24 -54.85 55.02
C LEU I 656 56.62 -55.46 54.83
N ALA I 657 57.31 -55.10 53.74
CA ALA I 657 58.64 -55.62 53.50
C ALA I 657 59.62 -55.16 54.58
N LEU I 658 59.51 -53.90 55.01
CA LEU I 658 60.39 -53.41 56.06
C LEU I 658 60.12 -54.11 57.39
N ASP I 659 58.84 -54.32 57.71
CA ASP I 659 58.49 -55.01 58.95
C ASP I 659 58.93 -56.47 58.92
N LYS I 660 58.95 -57.09 57.74
CA LYS I 660 59.38 -58.48 57.65
C LYS I 660 60.90 -58.58 57.68
N ARG I 661 61.61 -57.61 57.12
CA ARG I 661 63.07 -57.68 57.07
C ARG I 661 63.70 -57.20 58.37
N MET I 662 63.02 -56.34 59.11
CA MET I 662 63.55 -55.77 60.36
C MET I 662 64.90 -55.10 60.14
N CYS I 663 64.89 -53.95 59.47
CA CYS I 663 66.10 -53.21 59.17
C CYS I 663 66.18 -51.97 60.05
N THR I 664 67.41 -51.50 60.27
CA THR I 664 67.65 -50.32 61.09
C THR I 664 67.45 -49.07 60.23
N VAL I 665 66.41 -48.31 60.54
CA VAL I 665 66.08 -47.09 59.80
C VAL I 665 66.49 -45.90 60.65
N PRO I 666 67.27 -44.95 60.12
CA PRO I 666 67.67 -43.80 60.93
C PRO I 666 66.66 -42.67 60.87
N GLN I 667 67.01 -41.50 61.43
CA GLN I 667 66.15 -40.34 61.45
C GLN I 667 66.55 -39.31 60.40
N ASN I 668 67.13 -39.75 59.29
CA ASN I 668 67.54 -38.84 58.22
C ASN I 668 66.93 -39.16 56.86
N LEU I 669 66.55 -40.42 56.61
CA LEU I 669 65.95 -40.82 55.35
C LEU I 669 64.58 -41.42 55.59
N THR I 670 63.76 -41.41 54.54
CA THR I 670 62.41 -41.95 54.63
C THR I 670 62.45 -43.48 54.64
N ALA I 671 61.32 -44.07 55.04
CA ALA I 671 61.21 -45.52 55.09
C ALA I 671 61.32 -46.14 53.70
N ALA I 672 60.72 -45.50 52.70
CA ALA I 672 60.82 -46.00 51.33
C ALA I 672 62.27 -45.96 50.84
N ASP I 673 62.98 -44.87 51.15
CA ASP I 673 64.38 -44.77 50.76
C ASP I 673 65.23 -45.82 51.48
N VAL I 674 64.96 -46.04 52.76
CA VAL I 674 65.71 -47.05 53.51
C VAL I 674 65.47 -48.44 52.92
N TYR I 675 64.22 -48.73 52.55
CA TYR I 675 63.91 -50.03 51.97
C TYR I 675 64.57 -50.18 50.59
N PHE I 676 64.53 -49.12 49.78
CA PHE I 676 65.17 -49.20 48.46
C PHE I 676 66.67 -49.34 48.59
N ARG I 677 67.26 -48.79 49.65
CA ARG I 677 68.70 -48.93 49.87
C ARG I 677 69.04 -50.36 50.30
N GLU I 678 68.39 -50.84 51.36
CA GLU I 678 68.65 -52.18 51.89
C GLU I 678 67.76 -53.17 51.15
N VAL I 679 68.32 -53.83 50.14
CA VAL I 679 67.60 -54.81 49.33
C VAL I 679 68.43 -56.07 49.19
N SER I 680 67.77 -57.20 49.17
CA SER I 680 68.37 -58.50 48.91
C SER I 680 67.60 -59.30 47.87
N GLN I 681 66.29 -59.40 48.02
CA GLN I 681 65.42 -60.00 47.01
C GLN I 681 64.15 -59.16 46.93
N MET I 682 63.65 -58.96 45.71
CA MET I 682 62.50 -58.09 45.51
C MET I 682 61.34 -58.83 44.87
N GLU I 683 60.82 -59.85 45.55
CA GLU I 683 59.61 -60.54 45.14
C GLU I 683 58.48 -60.42 46.15
N ILE I 684 58.79 -59.99 47.38
CA ILE I 684 57.74 -59.81 48.38
C ILE I 684 56.79 -58.69 47.99
N ILE I 685 57.28 -57.70 47.24
CA ILE I 685 56.40 -56.64 46.76
C ILE I 685 55.35 -57.20 45.80
N PHE I 686 55.80 -58.03 44.86
CA PHE I 686 54.86 -58.66 43.93
C PHE I 686 53.93 -59.62 44.66
N GLU I 687 54.45 -60.32 45.69
CA GLU I 687 53.59 -61.21 46.47
C GLU I 687 52.50 -60.44 47.19
N CYS I 688 52.85 -59.30 47.80
CA CYS I 688 51.87 -58.48 48.49
C CYS I 688 50.87 -57.88 47.50
N LEU I 689 51.34 -57.51 46.30
CA LEU I 689 50.43 -56.99 45.29
C LEU I 689 49.43 -58.06 44.86
N VAL I 690 49.89 -59.29 44.67
CA VAL I 690 49.00 -60.38 44.30
C VAL I 690 48.01 -60.67 45.43
N ASP I 691 48.48 -60.61 46.67
CA ASP I 691 47.59 -60.83 47.81
C ASP I 691 46.52 -59.75 47.88
N LYS I 692 46.90 -58.50 47.66
CA LYS I 692 45.92 -57.41 47.66
C LYS I 692 44.93 -57.56 46.50
N GLU I 693 45.41 -57.98 45.34
CA GLU I 693 44.52 -58.21 44.21
C GLU I 693 43.52 -59.32 44.50
N GLU I 694 44.00 -60.41 45.13
CA GLU I 694 43.09 -61.50 45.49
C GLU I 694 42.08 -61.07 46.54
N ALA I 695 42.52 -60.24 47.50
CA ALA I 695 41.59 -59.73 48.50
C ALA I 695 40.53 -58.84 47.88
N ASP I 696 40.94 -57.97 46.94
CA ASP I 696 39.97 -57.12 46.26
C ASP I 696 39.02 -57.95 45.41
N LEU I 697 39.52 -59.02 44.79
CA LEU I 697 38.67 -59.91 44.01
C LEU I 697 37.64 -60.60 44.89
N GLU I 698 38.06 -61.09 46.06
CA GLU I 698 37.14 -61.74 46.97
C GLU I 698 36.14 -60.75 47.57
N SER I 699 36.54 -59.48 47.71
CA SER I 699 35.63 -58.48 48.26
C SER I 699 34.61 -58.02 47.25
N THR I 700 35.02 -57.79 46.00
CA THR I 700 34.13 -57.31 44.94
C THR I 700 33.41 -58.45 44.23
N SER I 701 32.86 -59.40 44.97
CA SER I 701 32.13 -60.53 44.39
C SER I 701 30.64 -60.23 44.22
N ILE I 702 30.23 -58.98 44.43
CA ILE I 702 28.83 -58.58 44.32
C ILE I 702 28.75 -57.41 43.35
N ASP I 703 28.24 -57.67 42.15
CA ASP I 703 28.02 -56.63 41.13
C ASP I 703 29.30 -55.90 40.77
N SER I 704 29.15 -54.71 40.19
CA SER I 704 30.27 -53.84 39.80
C SER I 704 31.16 -54.47 38.75
N VAL I 705 32.18 -53.74 38.31
CA VAL I 705 33.14 -54.22 37.32
C VAL I 705 34.56 -54.22 37.86
N GLU I 706 34.73 -53.89 39.15
CA GLU I 706 36.06 -53.90 39.75
C GLU I 706 36.66 -55.30 39.73
N TRP I 707 35.82 -56.33 39.82
CA TRP I 707 36.29 -57.72 39.78
C TRP I 707 37.22 -57.97 38.62
N ALA I 708 36.94 -57.38 37.46
CA ALA I 708 37.81 -57.49 36.30
C ALA I 708 38.74 -56.30 36.13
N ASN I 709 38.31 -55.11 36.55
CA ASN I 709 39.14 -53.91 36.36
C ASN I 709 40.43 -54.00 37.16
N ILE I 710 40.33 -54.39 38.43
CA ILE I 710 41.53 -54.48 39.27
C ILE I 710 42.47 -55.56 38.74
N VAL I 711 41.91 -56.68 38.30
CA VAL I 711 42.73 -57.77 37.75
C VAL I 711 43.47 -57.30 36.50
N VAL I 712 42.75 -56.60 35.61
CA VAL I 712 43.38 -56.11 34.39
C VAL I 712 44.48 -55.10 34.71
N ASN I 713 44.21 -54.21 35.67
CA ASN I 713 45.22 -53.20 36.04
C ASN I 713 46.46 -53.86 36.63
N VAL I 714 46.27 -54.83 37.53
CA VAL I 714 47.42 -55.51 38.13
C VAL I 714 48.20 -56.28 37.09
N ASN I 715 47.49 -56.95 36.16
CA ASN I 715 48.18 -57.69 35.11
C ASN I 715 48.98 -56.76 34.22
N THR I 716 48.42 -55.60 33.86
CA THR I 716 49.15 -54.66 33.03
C THR I 716 50.37 -54.10 33.76
N ILE I 717 50.22 -53.79 35.04
CA ILE I 717 51.34 -53.28 35.82
C ILE I 717 52.45 -54.32 35.91
N LEU I 718 52.09 -55.58 36.16
CA LEU I 718 53.08 -56.64 36.25
C LEU I 718 53.76 -56.87 34.91
N LYS I 719 53.00 -56.83 33.81
CA LYS I 719 53.60 -57.00 32.50
C LYS I 719 54.57 -55.87 32.17
N ASP I 720 54.20 -54.63 32.49
CA ASP I 720 55.10 -53.51 32.25
C ASP I 720 56.36 -53.62 33.10
N MET I 721 56.21 -54.01 34.36
CA MET I 721 57.37 -54.16 35.24
C MET I 721 58.31 -55.25 34.72
N LEU I 722 57.75 -56.39 34.32
CA LEU I 722 58.57 -57.48 33.81
C LEU I 722 59.26 -57.09 32.50
N HIS I 723 58.56 -56.37 31.63
CA HIS I 723 59.17 -55.93 30.38
C HIS I 723 60.32 -54.96 30.63
N VAL I 724 60.11 -54.00 31.55
CA VAL I 724 61.18 -53.05 31.86
C VAL I 724 62.37 -53.77 32.48
N ALA I 725 62.11 -54.73 33.37
CA ALA I 725 63.21 -55.47 33.98
C ALA I 725 63.97 -56.29 32.95
N CYS I 726 63.26 -56.95 32.04
CA CYS I 726 63.93 -57.73 31.00
C CYS I 726 64.75 -56.84 30.07
N GLN I 727 64.22 -55.66 29.73
CA GLN I 727 64.95 -54.74 28.88
C GLN I 727 66.21 -54.24 29.58
N TYR I 728 66.09 -53.87 30.86
CA TYR I 728 67.26 -53.43 31.60
C TYR I 728 68.31 -54.52 31.70
N ARG I 729 67.87 -55.76 31.94
CA ARG I 729 68.81 -56.87 32.04
C ARG I 729 69.53 -57.11 30.71
N GLN I 730 68.76 -57.19 29.62
CA GLN I 730 69.36 -57.44 28.31
C GLN I 730 70.21 -56.27 27.83
N SER I 731 70.02 -55.07 28.38
CA SER I 731 70.83 -53.93 28.01
C SER I 731 72.05 -53.74 28.89
N LYS I 732 72.03 -54.23 30.13
CA LYS I 732 73.12 -54.01 31.07
C LYS I 732 73.90 -55.27 31.41
N ASN I 733 73.54 -56.43 30.85
CA ASN I 733 74.29 -57.65 31.13
C ASN I 733 75.72 -57.54 30.63
N SER I 734 75.92 -57.23 29.36
CA SER I 734 77.25 -57.11 28.79
C SER I 734 78.07 -55.98 29.40
N LEU I 735 77.42 -55.04 30.09
CA LEU I 735 78.10 -53.93 30.74
C LEU I 735 78.50 -54.26 32.18
N TYR I 736 77.65 -54.95 32.92
CA TYR I 736 77.93 -55.26 34.31
C TYR I 736 78.68 -56.58 34.49
N LYS I 737 78.20 -57.65 33.89
CA LYS I 737 78.82 -58.96 34.03
C LYS I 737 79.65 -59.29 32.80
N ASN I 738 80.53 -60.29 32.93
CA ASN I 738 81.40 -60.72 31.85
C ASN I 738 80.87 -62.01 31.24
N GLU I 739 80.87 -62.06 29.91
CA GLU I 739 80.39 -63.24 29.20
C GLU I 739 81.45 -64.34 29.24
N SER I 740 81.04 -65.53 29.64
CA SER I 740 81.93 -66.70 29.75
C SER I 740 83.11 -66.40 30.68
N GLY I 741 82.79 -65.94 31.89
CA GLY I 741 83.80 -65.61 32.87
C GLY I 741 83.70 -66.42 34.14
N ILE I 742 83.76 -65.73 35.28
CA ILE I 742 83.67 -66.39 36.59
C ILE I 742 82.21 -66.36 37.00
N GLN I 743 81.48 -67.42 36.67
CA GLN I 743 80.08 -67.56 37.00
C GLN I 743 79.89 -68.80 37.85
N GLU I 744 79.37 -68.62 39.07
CA GLU I 744 79.16 -69.74 39.98
C GLU I 744 77.76 -70.31 39.77
N PRO I 745 77.63 -71.57 39.34
CA PRO I 745 76.28 -72.14 39.16
C PRO I 745 75.55 -72.42 40.45
N GLU I 746 76.22 -72.32 41.60
CA GLU I 746 75.56 -72.59 42.87
C GLU I 746 74.58 -71.47 43.24
N HIS I 747 75.05 -70.23 43.18
CA HIS I 747 74.23 -69.07 43.51
C HIS I 747 73.54 -68.53 42.27
N VAL I 748 72.27 -68.16 42.42
CA VAL I 748 71.47 -67.59 41.35
C VAL I 748 71.01 -66.21 41.79
N PRO I 749 71.20 -65.16 41.00
CA PRO I 749 70.75 -63.83 41.41
C PRO I 749 69.23 -63.78 41.53
N TRP I 750 68.77 -62.90 42.42
CA TRP I 750 67.34 -62.75 42.68
C TRP I 750 66.68 -61.88 41.61
N THR I 751 65.50 -61.33 41.93
CA THR I 751 64.73 -60.52 41.00
C THR I 751 64.49 -61.26 39.70
N ALA I 752 65.43 -61.14 38.75
CA ALA I 752 65.35 -61.85 37.47
C ALA I 752 66.11 -63.15 37.62
N SER I 753 65.40 -64.19 38.08
CA SER I 753 65.98 -65.51 38.31
C SER I 753 65.54 -66.47 37.21
N SER I 754 65.94 -67.73 37.34
CA SER I 754 65.58 -68.75 36.36
C SER I 754 65.46 -70.08 37.11
N GLY I 755 64.26 -70.39 37.56
CA GLY I 755 64.03 -71.63 38.30
C GLY I 755 62.83 -71.55 39.23
N THR I 756 62.92 -72.21 40.38
CA THR I 756 61.84 -72.20 41.35
C THR I 756 61.80 -70.87 42.10
N ALA I 757 60.73 -70.67 42.85
CA ALA I 757 60.51 -69.47 43.65
C ALA I 757 60.57 -68.20 42.79
N GLY I 758 60.91 -67.08 43.41
CA GLY I 758 61.00 -65.84 42.67
C GLY I 758 59.64 -65.33 42.23
N ILE I 759 59.61 -64.70 41.04
CA ILE I 759 58.38 -64.16 40.48
C ILE I 759 57.57 -65.24 39.74
N ARG I 760 58.06 -66.48 39.70
CA ARG I 760 57.35 -67.52 38.98
C ARG I 760 56.02 -67.86 39.66
N SER I 761 56.03 -67.99 40.99
CA SER I 761 54.79 -68.25 41.71
C SER I 761 53.84 -67.06 41.60
N VAL I 762 54.37 -65.84 41.58
CA VAL I 762 53.53 -64.66 41.41
C VAL I 762 52.85 -64.68 40.05
N VAL I 763 53.60 -65.03 39.00
CA VAL I 763 53.03 -65.10 37.66
C VAL I 763 52.00 -66.22 37.58
N THR I 764 52.26 -67.34 38.25
CA THR I 764 51.31 -68.44 38.26
C THR I 764 50.00 -68.02 38.93
N ARG I 765 50.10 -67.34 40.07
CA ARG I 765 48.89 -66.87 40.77
C ARG I 765 48.15 -65.84 39.94
N GLN I 766 48.88 -64.96 39.26
CA GLN I 766 48.24 -63.96 38.40
C GLN I 766 47.50 -64.62 37.25
N HIS I 767 48.11 -65.65 36.64
CA HIS I 767 47.44 -66.37 35.56
C HIS I 767 46.21 -67.11 36.07
N GLY I 768 46.31 -67.72 37.26
CA GLY I 768 45.15 -68.38 37.84
C GLY I 768 44.02 -67.43 38.17
N ILE I 769 44.36 -66.21 38.57
CA ILE I 769 43.32 -65.20 38.83
C ILE I 769 42.70 -64.73 37.54
N ILE I 770 43.52 -64.52 36.50
CA ILE I 770 43.01 -64.08 35.21
C ILE I 770 42.12 -65.14 34.58
N LEU I 771 42.41 -66.42 34.84
CA LEU I 771 41.61 -67.51 34.27
C LEU I 771 40.14 -67.43 34.66
N LYS I 772 39.81 -66.72 35.73
CA LYS I 772 38.42 -66.56 36.16
C LYS I 772 37.67 -65.46 35.42
N VAL I 773 38.26 -64.92 34.34
CA VAL I 773 37.65 -63.85 33.57
C VAL I 773 37.28 -64.31 32.16
N TYR I 774 37.97 -65.33 31.65
CA TYR I 774 37.70 -65.81 30.30
C TYR I 774 36.27 -66.33 30.09
N PRO I 775 35.67 -67.12 30.98
CA PRO I 775 34.29 -67.57 30.73
C PRO I 775 33.27 -66.44 30.71
N GLN I 776 33.60 -65.27 31.25
CA GLN I 776 32.70 -64.12 31.26
C GLN I 776 33.34 -62.99 30.45
N ALA I 777 33.50 -63.23 29.15
CA ALA I 777 34.09 -62.25 28.25
C ALA I 777 33.63 -62.55 26.84
N ASP I 778 33.91 -61.61 25.93
CA ASP I 778 33.57 -61.75 24.52
C ASP I 778 34.77 -62.25 23.73
N SER I 779 34.58 -62.41 22.42
CA SER I 779 35.66 -62.91 21.57
C SER I 779 36.81 -61.92 21.49
N GLY I 780 36.50 -60.63 21.34
CA GLY I 780 37.56 -59.64 21.29
C GLY I 780 38.33 -59.52 22.59
N LEU I 781 37.62 -59.55 23.72
CA LEU I 781 38.29 -59.50 25.01
C LEU I 781 39.14 -60.75 25.24
N ARG I 782 38.64 -61.91 24.83
CA ARG I 782 39.42 -63.14 24.96
C ARG I 782 40.68 -63.09 24.10
N THR I 783 40.56 -62.56 22.88
CA THR I 783 41.73 -62.44 22.00
C THR I 783 42.74 -61.46 22.58
N ILE I 784 42.27 -60.35 23.13
CA ILE I 784 43.18 -59.36 23.72
C ILE I 784 43.90 -59.96 24.93
N LEU I 785 43.17 -60.69 25.78
CA LEU I 785 43.79 -61.33 26.93
C LEU I 785 44.79 -62.40 26.51
N ILE I 786 44.48 -63.14 25.45
CA ILE I 786 45.39 -64.16 24.95
C ILE I 786 46.67 -63.52 24.41
N GLU I 787 46.52 -62.41 23.68
CA GLU I 787 47.70 -61.71 23.16
C GLU I 787 48.54 -61.14 24.30
N GLN I 788 47.90 -60.60 25.33
CA GLN I 788 48.64 -60.08 26.47
C GLN I 788 49.40 -61.18 27.20
N LEU I 789 48.74 -62.34 27.41
CA LEU I 789 49.40 -63.45 28.06
C LEU I 789 50.55 -63.98 27.21
N ALA I 790 50.38 -64.00 25.89
CA ALA I 790 51.45 -64.46 25.01
C ALA I 790 52.64 -63.50 25.06
N ALA I 791 52.38 -62.20 25.09
CA ALA I 791 53.47 -61.24 25.20
C ALA I 791 54.19 -61.38 26.54
N LEU I 792 53.43 -61.58 27.62
CA LEU I 792 54.05 -61.77 28.94
C LEU I 792 54.90 -63.03 28.97
N LEU I 793 54.40 -64.12 28.38
CA LEU I 793 55.17 -65.36 28.33
C LEU I 793 56.41 -65.22 27.46
N ASN I 794 56.32 -64.45 26.37
CA ASN I 794 57.50 -64.22 25.53
C ASN I 794 58.54 -63.40 26.28
N TYR I 795 58.11 -62.39 27.03
CA TYR I 795 59.04 -61.62 27.85
C TYR I 795 59.69 -62.49 28.92
N LEU I 796 58.90 -63.37 29.55
CA LEU I 796 59.44 -64.28 30.55
C LEU I 796 60.45 -65.24 29.93
N LEU I 797 60.15 -65.73 28.72
CA LEU I 797 61.08 -66.63 28.04
C LEU I 797 62.38 -65.90 27.66
N ASP I 798 62.27 -64.64 27.24
CA ASP I 798 63.47 -63.86 26.94
C ASP I 798 64.30 -63.65 28.20
N ASP I 799 63.65 -63.35 29.33
CA ASP I 799 64.38 -63.19 30.58
C ASP I 799 65.04 -64.50 31.00
N TYR I 800 64.36 -65.62 30.79
CA TYR I 800 64.94 -66.92 31.12
C TYR I 800 66.15 -67.22 30.24
N VAL I 801 66.07 -66.90 28.95
CA VAL I 801 67.19 -67.11 28.05
C VAL I 801 68.37 -66.23 28.46
N THR I 802 68.09 -64.98 28.83
CA THR I 802 69.16 -64.09 29.28
C THR I 802 69.82 -64.63 30.55
N GLN I 803 69.01 -65.10 31.50
CA GLN I 803 69.58 -65.65 32.74
C GLN I 803 70.39 -66.91 32.46
N LEU I 804 69.94 -67.74 31.53
CA LEU I 804 70.67 -68.96 31.19
C LEU I 804 71.99 -68.63 30.51
N LYS I 805 71.99 -67.63 29.62
CA LYS I 805 73.24 -67.23 28.97
C LYS I 805 74.17 -66.49 29.93
N SER I 806 73.62 -65.91 31.00
CA SER I 806 74.47 -65.26 32.00
C SER I 806 75.10 -66.27 32.95
N ILE I 807 74.32 -67.24 33.41
CA ILE I 807 74.81 -68.27 34.33
C ILE I 807 75.59 -69.30 33.52
N ASP I 808 76.90 -69.37 33.76
CA ASP I 808 77.77 -70.31 33.07
C ASP I 808 78.24 -71.40 34.05
N LYS I 809 79.16 -72.23 33.59
CA LYS I 809 79.69 -73.33 34.38
C LYS I 809 81.20 -73.17 34.57
N LEU I 810 81.69 -73.67 35.71
CA LEU I 810 83.12 -73.63 36.01
C LEU I 810 83.58 -74.96 36.58
N ALA I 811 82.90 -75.44 37.64
CA ALA I 811 83.26 -76.71 38.24
C ALA I 811 82.08 -77.40 38.94
N ASN I 812 80.83 -77.04 38.59
CA ASN I 812 79.65 -77.62 39.21
C ASN I 812 78.72 -78.12 38.10
N GLU I 813 79.15 -79.18 37.41
CA GLU I 813 78.36 -79.73 36.31
C GLU I 813 77.05 -80.33 36.82
N GLU I 814 77.11 -81.08 37.91
CA GLU I 814 75.89 -81.67 38.47
C GLU I 814 74.95 -80.59 38.98
N ARG I 815 75.50 -79.53 39.60
CA ARG I 815 74.66 -78.43 40.07
C ARG I 815 73.99 -77.72 38.91
N TYR I 816 74.73 -77.48 37.82
CA TYR I 816 74.14 -76.83 36.66
C TYR I 816 73.07 -77.73 36.02
N ASN I 817 73.29 -79.04 36.02
CA ASN I 817 72.31 -79.97 35.48
C ASN I 817 71.03 -79.95 36.32
N ILE I 818 71.17 -79.97 37.64
CA ILE I 818 70.00 -79.90 38.51
C ILE I 818 69.27 -78.56 38.33
N LEU I 819 70.04 -77.48 38.16
CA LEU I 819 69.44 -76.16 37.95
C LEU I 819 68.64 -76.12 36.65
N GLU I 820 69.20 -76.63 35.56
CA GLU I 820 68.48 -76.64 34.29
C GLU I 820 67.29 -77.58 34.34
N MET I 821 67.38 -78.68 35.09
CA MET I 821 66.26 -79.60 35.21
C MET I 821 65.10 -78.95 35.96
N GLU I 822 65.38 -78.30 37.09
CA GLU I 822 64.32 -77.63 37.82
C GLU I 822 63.79 -76.42 37.06
N TYR I 823 64.63 -75.79 36.23
CA TYR I 823 64.17 -74.68 35.41
C TYR I 823 63.22 -75.16 34.31
N ALA I 824 63.53 -76.29 33.68
CA ALA I 824 62.61 -76.88 32.71
C ALA I 824 61.33 -77.33 33.39
N GLN I 825 61.42 -77.85 34.61
CA GLN I 825 60.22 -78.24 35.35
C GLN I 825 59.36 -77.04 35.66
N LYS I 826 59.98 -75.91 36.05
CA LYS I 826 59.21 -74.71 36.29
C LYS I 826 58.59 -74.18 35.00
N ARG I 827 59.29 -74.30 33.88
CA ARG I 827 58.70 -73.94 32.60
C ARG I 827 57.47 -74.78 32.30
N SER I 828 57.57 -76.09 32.52
CA SER I 828 56.43 -76.98 32.26
C SER I 828 55.26 -76.67 33.20
N GLU I 829 55.57 -76.30 34.45
CA GLU I 829 54.51 -75.93 35.39
C GLU I 829 53.85 -74.61 35.00
N LEU I 830 54.64 -73.67 34.47
CA LEU I 830 54.08 -72.39 34.03
C LEU I 830 53.21 -72.58 32.79
N LEU I 831 53.65 -73.41 31.85
CA LEU I 831 52.88 -73.68 30.65
C LEU I 831 51.65 -74.53 30.97
N SER I 832 50.58 -73.89 31.44
CA SER I 832 49.37 -74.62 31.81
C SER I 832 48.11 -73.83 31.48
N PRO I 833 47.98 -72.55 31.86
CA PRO I 833 46.73 -71.84 31.52
C PRO I 833 46.55 -71.63 30.04
N LEU I 834 47.64 -71.38 29.30
CA LEU I 834 47.53 -71.21 27.86
C LEU I 834 47.08 -72.49 27.18
N LEU I 835 47.63 -73.63 27.60
CA LEU I 835 47.21 -74.92 27.04
C LEU I 835 45.79 -75.28 27.45
N ILE I 836 45.37 -74.85 28.64
CA ILE I 836 43.99 -75.11 29.08
C ILE I 836 43.01 -74.29 28.26
N LEU I 837 43.32 -73.01 28.03
CA LEU I 837 42.43 -72.16 27.26
C LEU I 837 42.41 -72.59 25.79
N GLY I 838 43.56 -72.57 25.13
CA GLY I 838 43.63 -72.95 23.73
C GLY I 838 44.67 -72.16 22.95
N GLN I 839 44.30 -71.71 21.75
CA GLN I 839 45.18 -70.93 20.88
C GLN I 839 46.46 -71.70 20.59
N TYR I 840 46.31 -72.75 19.79
CA TYR I 840 47.46 -73.59 19.44
C TYR I 840 48.47 -72.83 18.62
N ALA I 841 48.01 -71.94 17.73
CA ALA I 841 48.93 -71.14 16.93
C ALA I 841 49.75 -70.21 17.81
N TRP I 842 49.10 -69.54 18.77
CA TRP I 842 49.82 -68.66 19.67
C TRP I 842 50.79 -69.44 20.55
N ALA I 843 50.37 -70.61 21.03
CA ALA I 843 51.27 -71.43 21.85
C ALA I 843 52.49 -71.88 21.05
N SER I 844 52.29 -72.24 19.78
CA SER I 844 53.41 -72.64 18.95
C SER I 844 54.33 -71.46 18.65
N ASN I 845 53.76 -70.29 18.37
CA ASN I 845 54.59 -69.11 18.13
C ASN I 845 55.36 -68.69 19.37
N LEU I 846 54.82 -68.97 20.56
CA LEU I 846 55.55 -68.68 21.79
C LEU I 846 56.64 -69.71 22.05
N ALA I 847 56.35 -71.00 21.81
CA ALA I 847 57.31 -72.05 22.10
C ALA I 847 58.42 -72.14 21.05
N GLU I 848 58.23 -71.60 19.85
CA GLU I 848 59.26 -71.67 18.83
C GLU I 848 60.46 -70.81 19.14
N LYS I 849 60.40 -69.96 20.16
CA LYS I 849 61.55 -69.12 20.50
C LYS I 849 62.66 -69.92 21.16
N TYR I 850 62.32 -71.01 21.84
CA TYR I 850 63.29 -71.86 22.51
C TYR I 850 63.56 -73.11 21.69
N CYS I 851 64.53 -73.90 22.14
CA CYS I 851 64.94 -75.13 21.46
C CYS I 851 64.10 -76.28 22.01
N ASP I 852 62.96 -76.51 21.37
CA ASP I 852 62.06 -77.59 21.75
C ASP I 852 61.51 -78.25 20.50
N PHE I 853 61.20 -79.54 20.60
CA PHE I 853 60.70 -80.30 19.47
C PHE I 853 59.48 -81.14 19.80
N ASP I 854 59.47 -81.80 20.97
CA ASP I 854 58.37 -82.70 21.29
C ASP I 854 57.05 -81.94 21.49
N ILE I 855 57.11 -80.78 22.15
CA ILE I 855 55.89 -80.00 22.36
C ILE I 855 55.34 -79.51 21.04
N LEU I 856 56.21 -79.07 20.12
CA LEU I 856 55.75 -78.63 18.81
C LEU I 856 55.16 -79.79 18.01
N VAL I 857 55.80 -80.96 18.09
CA VAL I 857 55.29 -82.12 17.37
C VAL I 857 53.91 -82.50 17.88
N GLN I 858 53.73 -82.51 19.21
CA GLN I 858 52.45 -82.90 19.77
C GLN I 858 51.38 -81.85 19.49
N ILE I 859 51.74 -80.56 19.50
CA ILE I 859 50.76 -79.52 19.24
C ILE I 859 50.40 -79.44 17.76
N CYS I 860 51.27 -79.94 16.88
CA CYS I 860 50.94 -80.04 15.47
C CYS I 860 50.20 -81.33 15.13
N GLU I 861 50.37 -82.38 15.94
CA GLU I 861 49.68 -83.63 15.69
C GLU I 861 48.27 -83.63 16.26
N MET I 862 48.07 -82.98 17.42
CA MET I 862 46.76 -82.94 18.04
C MET I 862 45.81 -81.95 17.37
N THR I 863 46.26 -81.21 16.36
CA THR I 863 45.45 -80.24 15.65
C THR I 863 45.35 -80.64 14.18
N ASP I 864 44.54 -79.88 13.44
CA ASP I 864 44.31 -80.11 12.02
C ASP I 864 45.00 -79.05 11.16
N ASN I 865 46.21 -78.64 11.55
CA ASN I 865 46.98 -77.63 10.81
C ASN I 865 48.28 -78.27 10.36
N GLN I 866 48.37 -78.59 9.06
CA GLN I 866 49.57 -79.22 8.52
C GLN I 866 50.62 -78.19 8.10
N SER I 867 50.21 -76.96 7.78
CA SER I 867 51.18 -75.94 7.38
C SER I 867 52.11 -75.59 8.52
N ARG I 868 51.60 -75.59 9.76
CA ARG I 868 52.45 -75.33 10.91
C ARG I 868 53.53 -76.39 11.06
N LEU I 869 53.15 -77.67 10.95
CA LEU I 869 54.14 -78.74 11.01
C LEU I 869 55.11 -78.66 9.86
N GLN I 870 54.64 -78.29 8.67
CA GLN I 870 55.52 -78.17 7.51
C GLN I 870 56.56 -77.08 7.72
N ARG I 871 56.13 -75.92 8.21
CA ARG I 871 57.09 -74.84 8.42
C ARG I 871 58.03 -75.14 9.59
N TYR I 872 57.54 -75.82 10.63
CA TYR I 872 58.43 -76.25 11.69
C TYR I 872 59.49 -77.22 11.18
N MET I 873 59.09 -78.15 10.29
CA MET I 873 60.06 -79.08 9.71
C MET I 873 61.08 -78.35 8.86
N THR I 874 60.62 -77.43 8.01
CA THR I 874 61.55 -76.68 7.16
C THR I 874 62.44 -75.75 7.97
N LEU I 875 62.02 -75.35 9.17
CA LEU I 875 62.85 -74.47 9.99
C LEU I 875 63.86 -75.26 10.83
N PHE I 876 63.46 -76.42 11.35
CA PHE I 876 64.30 -77.21 12.24
C PHE I 876 64.74 -78.53 11.59
N ALA I 877 64.87 -78.55 10.26
CA ALA I 877 65.38 -79.73 9.58
C ALA I 877 66.83 -80.04 9.95
N GLU I 878 67.58 -79.04 10.43
CA GLU I 878 68.97 -79.27 10.82
C GLU I 878 69.08 -80.02 12.14
N GLN I 879 68.03 -80.01 12.96
CA GLN I 879 68.04 -80.69 14.25
C GLN I 879 67.37 -82.06 14.19
N ASN I 880 67.30 -82.67 13.00
CA ASN I 880 66.71 -83.99 12.79
C ASN I 880 65.25 -84.01 13.29
N PHE I 881 64.42 -83.26 12.56
CA PHE I 881 62.99 -83.18 12.86
C PHE I 881 62.24 -84.29 12.12
N SER I 882 62.43 -85.51 12.62
CA SER I 882 61.83 -86.69 12.00
C SER I 882 61.63 -87.81 13.02
N ASP I 883 62.60 -87.99 13.90
CA ASP I 883 62.51 -89.06 14.90
C ASP I 883 61.37 -88.80 15.88
N PHE I 884 61.22 -87.56 16.34
CA PHE I 884 60.11 -87.23 17.24
C PHE I 884 58.77 -87.41 16.56
N LEU I 885 58.68 -87.00 15.28
CA LEU I 885 57.44 -87.18 14.53
C LEU I 885 57.10 -88.66 14.38
N PHE I 886 58.10 -89.49 14.08
CA PHE I 886 57.85 -90.93 13.94
C PHE I 886 57.42 -91.53 15.27
N ARG I 887 58.08 -91.13 16.37
CA ARG I 887 57.72 -91.65 17.67
C ARG I 887 56.29 -91.26 18.06
N TRP I 888 55.91 -90.01 17.78
CA TRP I 888 54.56 -89.56 18.12
C TRP I 888 53.51 -90.20 17.23
N TYR I 889 53.86 -90.50 15.98
CA TYR I 889 52.93 -91.20 15.09
C TYR I 889 52.77 -92.66 15.50
N LEU I 890 53.82 -93.28 16.02
CA LEU I 890 53.72 -94.67 16.46
C LEU I 890 53.03 -94.81 17.81
N GLU I 891 53.23 -93.85 18.71
CA GLU I 891 52.64 -93.96 20.05
C GLU I 891 51.16 -93.58 20.05
N LYS I 892 50.79 -92.54 19.31
CA LYS I 892 49.41 -92.07 19.27
C LYS I 892 48.52 -92.87 18.33
N GLY I 893 49.00 -94.01 17.82
CA GLY I 893 48.20 -94.82 16.94
C GLY I 893 48.04 -94.29 15.52
N LYS I 894 48.84 -93.32 15.13
CA LYS I 894 48.78 -92.76 13.78
C LYS I 894 49.71 -93.50 12.82
N ARG I 895 49.64 -94.84 12.86
CA ARG I 895 50.47 -95.65 11.99
C ARG I 895 50.09 -95.47 10.52
N GLY I 896 48.83 -95.15 10.25
CA GLY I 896 48.43 -94.87 8.87
C GLY I 896 49.20 -93.69 8.29
N LYS I 897 49.21 -92.56 9.00
CA LYS I 897 49.99 -91.41 8.56
C LYS I 897 51.49 -91.70 8.60
N LEU I 898 51.94 -92.50 9.58
CA LEU I 898 53.34 -92.87 9.65
C LEU I 898 53.79 -93.59 8.38
N LEU I 899 52.93 -94.47 7.86
CA LEU I 899 53.26 -95.18 6.63
C LEU I 899 53.00 -94.35 5.38
N SER I 900 52.05 -93.43 5.44
CA SER I 900 51.75 -92.55 4.32
C SER I 900 52.63 -91.32 4.27
N GLN I 901 53.60 -91.20 5.17
CA GLN I 901 54.55 -90.10 5.12
C GLN I 901 55.28 -90.09 3.77
N PRO I 902 55.63 -88.90 3.26
CA PRO I 902 56.29 -88.83 1.96
C PRO I 902 57.64 -89.50 1.96
N ALA I 903 58.12 -89.82 0.76
CA ALA I 903 59.39 -90.52 0.57
C ALA I 903 60.51 -89.49 0.60
N SER I 904 61.10 -89.31 1.79
CA SER I 904 62.19 -88.36 1.96
C SER I 904 62.98 -88.67 3.23
N GLN I 905 62.40 -89.44 4.14
CA GLN I 905 63.02 -89.78 5.41
C GLN I 905 63.09 -91.29 5.58
N HIS I 906 63.53 -91.99 4.53
CA HIS I 906 63.57 -93.46 4.58
C HIS I 906 64.61 -93.95 5.58
N GLY I 907 65.78 -93.31 5.62
CA GLY I 907 66.80 -93.74 6.57
C GLY I 907 66.37 -93.56 8.01
N GLN I 908 65.78 -92.40 8.32
CA GLN I 908 65.29 -92.16 9.67
C GLN I 908 64.15 -93.11 10.03
N LEU I 909 63.25 -93.38 9.07
CA LEU I 909 62.16 -94.31 9.33
C LEU I 909 62.68 -95.71 9.61
N ALA I 910 63.69 -96.14 8.86
CA ALA I 910 64.28 -97.45 9.10
C ALA I 910 64.98 -97.51 10.45
N ALA I 911 65.76 -96.47 10.79
CA ALA I 911 66.44 -96.45 12.07
C ALA I 911 65.45 -96.41 13.23
N PHE I 912 64.26 -95.84 13.01
CA PHE I 912 63.26 -95.80 14.07
C PHE I 912 62.50 -97.13 14.17
N LEU I 913 62.18 -97.75 13.04
CA LEU I 913 61.41 -98.99 13.02
C LEU I 913 62.29 -100.23 13.09
N GLN I 914 63.59 -100.07 13.31
CA GLN I 914 64.47 -101.23 13.44
C GLN I 914 64.04 -102.17 14.57
N ALA I 915 63.30 -101.66 15.56
CA ALA I 915 62.80 -102.49 16.65
C ALA I 915 61.37 -102.97 16.43
N HIS I 916 60.65 -102.40 15.47
CA HIS I 916 59.28 -102.78 15.16
C HIS I 916 59.27 -103.39 13.76
N ASP I 917 59.40 -104.72 13.69
CA ASP I 917 59.54 -105.39 12.40
C ASP I 917 58.24 -105.38 11.62
N HIS I 918 57.08 -105.42 12.30
CA HIS I 918 55.79 -105.50 11.62
C HIS I 918 55.58 -104.33 10.66
N LEU I 919 56.17 -103.17 10.95
CA LEU I 919 56.19 -102.07 10.01
C LEU I 919 57.51 -101.91 9.29
N SER I 920 58.60 -102.44 9.86
CA SER I 920 59.91 -102.31 9.23
C SER I 920 59.98 -103.08 7.93
N TRP I 921 59.36 -104.27 7.87
CA TRP I 921 59.40 -105.04 6.62
C TRP I 921 58.68 -104.32 5.51
N LEU I 922 57.51 -103.73 5.80
CA LEU I 922 56.77 -102.99 4.79
C LEU I 922 57.51 -101.72 4.38
N HIS I 923 58.13 -101.04 5.36
CA HIS I 923 58.89 -99.83 5.03
C HIS I 923 60.08 -100.16 4.14
N GLU I 924 60.77 -101.26 4.41
CA GLU I 924 61.90 -101.67 3.58
C GLU I 924 61.43 -102.07 2.19
N LEU I 925 60.31 -102.79 2.10
CA LEU I 925 59.76 -103.14 0.80
C LEU I 925 59.42 -101.89 -0.01
N ASN I 926 58.87 -100.87 0.65
CA ASN I 926 58.55 -99.63 -0.05
C ASN I 926 59.81 -98.86 -0.44
N SER I 927 60.82 -98.87 0.43
CA SER I 927 62.08 -98.18 0.17
C SER I 927 63.06 -99.00 -0.64
N GLN I 928 62.62 -100.13 -1.19
CA GLN I 928 63.40 -101.01 -2.06
C GLN I 928 64.53 -101.73 -1.34
N GLU I 929 64.54 -101.69 0.00
CA GLU I 929 65.52 -102.45 0.78
C GLU I 929 65.07 -103.91 0.82
N PHE I 930 65.25 -104.59 -0.32
CA PHE I 930 64.74 -105.94 -0.47
C PHE I 930 65.47 -106.92 0.44
N GLU I 931 66.79 -106.76 0.60
CA GLU I 931 67.55 -107.66 1.45
C GLU I 931 67.09 -107.55 2.91
N LYS I 932 66.98 -106.31 3.40
CA LYS I 932 66.54 -106.11 4.78
C LYS I 932 65.10 -106.58 4.97
N ALA I 933 64.25 -106.35 3.98
CA ALA I 933 62.86 -106.81 4.08
C ALA I 933 62.78 -108.33 4.13
N HIS I 934 63.57 -109.01 3.30
CA HIS I 934 63.59 -110.48 3.32
C HIS I 934 64.13 -111.00 4.63
N ARG I 935 65.18 -110.37 5.16
CA ARG I 935 65.72 -110.79 6.45
C ARG I 935 64.69 -110.62 7.56
N THR I 936 63.99 -109.48 7.56
CA THR I 936 62.97 -109.23 8.58
C THR I 936 61.83 -110.22 8.47
N LEU I 937 61.38 -110.52 7.24
CA LEU I 937 60.28 -111.47 7.06
C LEU I 937 60.70 -112.87 7.47
N GLN I 938 61.95 -113.26 7.19
CA GLN I 938 62.43 -114.57 7.61
C GLN I 938 62.52 -114.64 9.13
N THR I 939 62.99 -113.58 9.77
CA THR I 939 63.05 -113.56 11.23
C THR I 939 61.65 -113.65 11.84
N LEU I 940 60.68 -112.95 11.24
CA LEU I 940 59.31 -113.02 11.74
C LEU I 940 58.73 -114.41 11.57
N ALA I 941 58.96 -115.04 10.41
CA ALA I 941 58.45 -116.39 10.18
C ALA I 941 59.12 -117.40 11.11
N ASN I 942 60.39 -117.18 11.47
CA ASN I 942 61.06 -118.09 12.38
C ASN I 942 60.61 -117.86 13.82
N MET I 943 60.29 -116.63 14.20
CA MET I 943 59.85 -116.36 15.56
C MET I 943 58.37 -116.62 15.78
N GLU I 944 57.58 -116.71 14.71
CA GLU I 944 56.15 -117.01 14.84
C GLU I 944 55.93 -118.39 15.42
N THR I 945 55.23 -118.46 16.56
CA THR I 945 54.95 -119.72 17.25
C THR I 945 53.54 -120.22 17.01
N ARG I 946 52.56 -119.32 16.93
CA ARG I 946 51.16 -119.67 16.71
C ARG I 946 50.68 -119.10 15.38
N TYR I 947 49.40 -119.34 15.09
CA TYR I 947 48.75 -118.85 13.88
C TYR I 947 49.41 -119.41 12.62
N PHE I 948 48.96 -120.58 12.17
CA PHE I 948 49.52 -121.18 10.96
C PHE I 948 49.23 -120.31 9.73
N CYS I 949 48.07 -119.67 9.69
CA CYS I 949 47.75 -118.80 8.57
C CYS I 949 48.69 -117.61 8.51
N LYS I 950 48.95 -116.97 9.66
CA LYS I 950 49.89 -115.86 9.70
C LYS I 950 51.31 -116.33 9.36
N LYS I 951 51.67 -117.54 9.81
CA LYS I 951 52.99 -118.07 9.48
C LYS I 951 53.15 -118.28 7.99
N LYS I 952 52.14 -118.86 7.34
CA LYS I 952 52.23 -119.08 5.90
C LYS I 952 52.17 -117.76 5.13
N THR I 953 51.44 -116.76 5.64
CA THR I 953 51.44 -115.45 5.01
C THR I 953 52.82 -114.81 5.08
N LEU I 954 53.46 -114.87 6.26
CA LEU I 954 54.81 -114.35 6.39
C LEU I 954 55.80 -115.11 5.53
N LEU I 955 55.60 -116.43 5.38
CA LEU I 955 56.47 -117.22 4.52
C LEU I 955 56.31 -116.81 3.06
N GLY I 956 55.08 -116.58 2.61
CA GLY I 956 54.88 -116.11 1.25
C GLY I 956 55.47 -114.73 1.02
N LEU I 957 55.34 -113.85 2.02
CA LEU I 957 55.93 -112.52 1.90
C LEU I 957 57.46 -112.61 1.84
N SER I 958 58.05 -113.49 2.64
CA SER I 958 59.49 -113.68 2.59
C SER I 958 59.93 -114.27 1.25
N LYS I 959 59.11 -115.17 0.69
CA LYS I 959 59.43 -115.72 -0.63
C LYS I 959 59.39 -114.63 -1.69
N LEU I 960 58.38 -113.75 -1.64
CA LEU I 960 58.31 -112.64 -2.59
C LEU I 960 59.49 -111.70 -2.42
N ALA I 961 59.88 -111.40 -1.18
CA ALA I 961 61.01 -110.52 -0.94
C ALA I 961 62.32 -111.14 -1.42
N ALA I 962 62.48 -112.45 -1.25
CA ALA I 962 63.69 -113.12 -1.73
C ALA I 962 63.72 -113.18 -3.25
N LEU I 963 62.56 -113.36 -3.88
CA LEU I 963 62.51 -113.36 -5.34
C LEU I 963 62.78 -111.98 -5.91
N ALA I 964 62.37 -110.93 -5.22
CA ALA I 964 62.63 -109.56 -5.65
C ALA I 964 63.94 -109.00 -5.11
N SER I 965 64.69 -109.79 -4.34
CA SER I 965 65.93 -109.31 -3.74
C SER I 965 67.02 -109.18 -4.80
N ASP I 966 68.13 -108.56 -4.40
CA ASP I 966 69.27 -108.33 -5.27
C ASP I 966 70.50 -109.14 -4.84
N PHE I 967 70.29 -110.26 -4.16
CA PHE I 967 71.39 -111.11 -3.72
C PHE I 967 71.90 -111.94 -4.90
N GLN I 968 72.82 -112.86 -4.62
CA GLN I 968 73.34 -113.73 -5.66
C GLN I 968 72.29 -114.75 -6.09
N GLU I 969 72.46 -115.27 -7.31
CA GLU I 969 71.51 -116.24 -7.83
C GLU I 969 71.50 -117.52 -7.01
N ASP I 970 72.68 -117.98 -6.57
CA ASP I 970 72.74 -119.19 -5.75
C ASP I 970 72.06 -118.98 -4.40
N VAL I 971 72.28 -117.82 -3.78
CA VAL I 971 71.65 -117.54 -2.49
C VAL I 971 70.13 -117.44 -2.65
N LEU I 972 69.68 -116.81 -3.74
CA LEU I 972 68.24 -116.70 -3.97
C LEU I 972 67.62 -118.08 -4.22
N GLN I 973 68.31 -118.95 -4.96
CA GLN I 973 67.81 -120.29 -5.19
C GLN I 973 67.78 -121.10 -3.89
N GLU I 974 68.79 -120.93 -3.03
CA GLU I 974 68.80 -121.63 -1.75
C GLU I 974 67.65 -121.15 -0.87
N LYS I 975 67.40 -119.84 -0.85
CA LYS I 975 66.29 -119.32 -0.07
C LYS I 975 64.94 -119.81 -0.61
N VAL I 976 64.81 -119.87 -1.93
CA VAL I 976 63.58 -120.37 -2.54
C VAL I 976 63.38 -121.84 -2.18
N GLU I 977 64.45 -122.63 -2.20
CA GLU I 977 64.34 -124.04 -1.83
C GLU I 977 63.98 -124.20 -0.37
N GLU I 978 64.54 -123.35 0.51
CA GLU I 978 64.19 -123.43 1.93
C GLU I 978 62.73 -123.08 2.16
N ILE I 979 62.24 -122.04 1.48
CA ILE I 979 60.83 -121.66 1.64
C ILE I 979 59.92 -122.74 1.05
N ALA I 980 60.35 -123.39 -0.04
CA ALA I 980 59.56 -124.48 -0.59
C ALA I 980 59.53 -125.67 0.36
N GLU I 981 60.64 -125.95 1.04
CA GLU I 981 60.65 -127.00 2.05
C GLU I 981 59.73 -126.66 3.22
N GLN I 982 59.73 -125.38 3.63
CA GLN I 982 58.81 -124.96 4.69
C GLN I 982 57.36 -125.11 4.25
N GLU I 983 57.06 -124.79 2.98
CA GLU I 983 55.71 -124.96 2.47
C GLU I 983 55.33 -126.43 2.42
N HIS I 984 56.26 -127.30 2.03
CA HIS I 984 55.98 -128.74 2.04
C HIS I 984 55.78 -129.25 3.46
N PHE I 985 56.48 -128.68 4.44
CA PHE I 985 56.26 -129.07 5.83
C PHE I 985 54.89 -128.62 6.31
N LEU I 986 54.47 -127.41 5.93
CA LEU I 986 53.13 -126.95 6.28
C LEU I 986 52.05 -127.70 5.53
N LEU I 987 52.39 -128.32 4.39
CA LEU I 987 51.43 -129.14 3.67
C LEU I 987 50.94 -130.33 4.49
N HIS I 988 51.72 -130.77 5.47
CA HIS I 988 51.27 -131.85 6.35
C HIS I 988 50.02 -131.44 7.12
N GLN I 989 50.00 -130.22 7.65
CA GLN I 989 48.80 -129.71 8.30
C GLN I 989 47.75 -129.28 7.28
N GLU I 990 48.19 -128.82 6.09
CA GLU I 990 47.24 -128.40 5.07
C GLU I 990 46.42 -129.57 4.54
N THR I 991 46.99 -130.78 4.56
CA THR I 991 46.31 -131.94 4.02
C THR I 991 45.47 -132.65 5.08
N LEU I 992 44.73 -131.88 5.87
CA LEU I 992 43.85 -132.49 6.87
C LEU I 992 42.43 -132.59 6.33
N PRO I 993 41.73 -133.68 6.64
CA PRO I 993 40.37 -133.85 6.11
C PRO I 993 39.39 -132.86 6.74
N LYS I 994 38.56 -132.25 5.88
CA LYS I 994 37.60 -131.27 6.36
C LYS I 994 36.60 -131.87 7.32
N LYS I 995 36.27 -133.15 7.15
CA LYS I 995 35.37 -133.82 8.09
C LYS I 995 35.98 -133.87 9.49
N LEU I 996 37.25 -134.27 9.58
CA LEU I 996 37.91 -134.29 10.88
C LEU I 996 38.07 -132.89 11.45
N LEU I 997 38.33 -131.90 10.59
CA LEU I 997 38.45 -130.53 11.06
C LEU I 997 37.14 -130.03 11.65
N GLU I 998 36.02 -130.32 10.97
CA GLU I 998 34.71 -129.91 11.49
C GLU I 998 34.35 -130.68 12.75
N GLU I 999 34.78 -131.95 12.85
CA GLU I 999 34.51 -132.71 14.07
C GLU I 999 35.30 -132.17 15.26
N LYS I 1000 36.54 -131.76 15.03
CA LYS I 1000 37.38 -131.20 16.08
C LYS I 1000 37.07 -129.72 16.35
N GLN I 1001 36.30 -129.07 15.48
CA GLN I 1001 35.87 -127.69 15.66
C GLN I 1001 37.07 -126.75 15.75
N LEU I 1002 37.65 -126.38 14.61
CA LEU I 1002 38.77 -125.46 14.57
C LEU I 1002 38.79 -124.69 13.26
N ASP I 1003 38.55 -125.40 12.15
CA ASP I 1003 38.49 -124.84 10.80
C ASP I 1003 39.83 -124.30 10.34
N LEU I 1004 40.02 -124.22 9.02
CA LEU I 1004 41.28 -123.75 8.46
C LEU I 1004 41.43 -122.25 8.68
N ASN I 1005 42.67 -121.77 8.54
CA ASN I 1005 43.02 -120.37 8.71
C ASN I 1005 42.64 -119.85 10.10
N ALA I 1006 42.72 -120.72 11.11
CA ALA I 1006 42.39 -120.35 12.48
C ALA I 1006 43.08 -121.27 13.47
N MET I 1007 44.01 -122.09 12.99
CA MET I 1007 44.72 -123.02 13.84
C MET I 1007 46.15 -122.55 14.08
N PRO I 1008 46.71 -122.79 15.27
CA PRO I 1008 48.11 -122.45 15.50
C PRO I 1008 49.05 -123.37 14.76
N VAL I 1009 50.36 -123.13 14.86
CA VAL I 1009 51.37 -123.96 14.21
C VAL I 1009 51.39 -125.32 14.89
N LEU I 1010 50.79 -126.33 14.26
CA LEU I 1010 50.72 -127.65 14.83
C LEU I 1010 52.10 -128.32 14.81
N ALA I 1011 52.43 -129.00 15.89
CA ALA I 1011 53.72 -129.67 16.01
C ALA I 1011 53.71 -130.97 15.19
N PRO I 1012 54.89 -131.44 14.78
CA PRO I 1012 54.94 -132.75 14.10
C PRO I 1012 54.46 -133.88 14.97
N PHE I 1013 54.74 -133.83 16.28
CA PHE I 1013 54.23 -134.84 17.19
C PHE I 1013 52.71 -134.79 17.26
N GLN I 1014 52.13 -133.58 17.26
CA GLN I 1014 50.68 -133.45 17.26
C GLN I 1014 50.08 -133.99 15.97
N LEU I 1015 50.73 -133.73 14.83
CA LEU I 1015 50.25 -134.28 13.56
C LEU I 1015 50.34 -135.79 13.54
N ILE I 1016 51.41 -136.36 14.11
CA ILE I 1016 51.54 -137.81 14.19
C ILE I 1016 50.44 -138.39 15.07
N GLN I 1017 50.15 -137.74 16.20
CA GLN I 1017 49.08 -138.21 17.07
C GLN I 1017 47.73 -138.12 16.37
N LEU I 1018 47.50 -137.07 15.58
CA LEU I 1018 46.25 -136.95 14.84
C LEU I 1018 46.11 -138.03 13.77
N TYR I 1019 47.22 -138.36 13.10
CA TYR I 1019 47.19 -139.43 12.11
C TYR I 1019 47.02 -140.79 12.77
N VAL I 1020 47.51 -140.94 14.00
CA VAL I 1020 47.40 -142.22 14.71
C VAL I 1020 45.99 -142.44 15.24
N CYS I 1021 45.39 -141.40 15.83
CA CYS I 1021 44.07 -141.55 16.42
C CYS I 1021 43.02 -141.87 15.35
N GLU I 1022 41.94 -142.49 15.78
CA GLU I 1022 40.89 -142.91 14.87
C GLU I 1022 40.04 -141.76 14.35
N GLU I 1023 40.25 -140.54 14.86
CA GLU I 1023 39.49 -139.40 14.37
C GLU I 1023 39.84 -139.02 12.94
N ASN I 1024 40.98 -139.48 12.43
CA ASN I 1024 41.35 -139.19 11.06
C ASN I 1024 40.50 -140.02 10.09
N LYS I 1025 40.02 -139.39 9.03
CA LYS I 1025 39.18 -140.05 8.04
C LYS I 1025 39.98 -140.65 6.89
N ARG I 1026 41.27 -140.92 7.10
CA ARG I 1026 42.12 -141.51 6.09
C ARG I 1026 42.88 -142.69 6.67
N ALA I 1027 43.16 -143.68 5.82
CA ALA I 1027 43.88 -144.88 6.24
C ALA I 1027 44.79 -145.38 5.14
N ASN I 1028 45.38 -144.47 4.37
CA ASN I 1028 46.29 -144.83 3.29
C ASN I 1028 47.73 -144.61 3.72
N GLU I 1029 48.66 -144.88 2.79
CA GLU I 1029 50.09 -144.71 3.06
C GLU I 1029 50.52 -143.25 3.04
N ASN I 1030 49.63 -142.33 2.63
CA ASN I 1030 49.99 -140.92 2.63
C ASN I 1030 50.24 -140.40 4.04
N ASP I 1031 49.43 -140.85 5.00
CA ASP I 1031 49.64 -140.44 6.38
C ASP I 1031 50.96 -140.97 6.93
N PHE I 1032 51.32 -142.21 6.59
CA PHE I 1032 52.59 -142.76 7.03
C PHE I 1032 53.76 -142.02 6.39
N MET I 1033 53.64 -141.68 5.11
CA MET I 1033 54.69 -140.90 4.46
C MET I 1033 54.83 -139.52 5.08
N LYS I 1034 53.70 -138.89 5.41
CA LYS I 1034 53.74 -137.58 6.07
C LYS I 1034 54.39 -137.67 7.44
N ALA I 1035 54.10 -138.75 8.18
CA ALA I 1035 54.73 -138.94 9.49
C ALA I 1035 56.22 -139.16 9.34
N LEU I 1036 56.63 -139.95 8.34
CA LEU I 1036 58.06 -140.19 8.12
C LEU I 1036 58.77 -138.91 7.72
N ASP I 1037 58.11 -138.04 6.96
CA ASP I 1037 58.71 -136.76 6.58
C ASP I 1037 58.79 -135.82 7.78
N LEU I 1038 57.76 -135.81 8.62
CA LEU I 1038 57.80 -134.99 9.82
C LEU I 1038 58.85 -135.48 10.81
N LEU I 1039 59.17 -136.78 10.78
CA LEU I 1039 60.25 -137.29 11.62
C LEU I 1039 61.58 -136.64 11.28
N GLU I 1040 61.83 -136.42 9.99
CA GLU I 1040 63.05 -135.72 9.58
C GLU I 1040 62.93 -134.21 9.75
N TYR I 1041 61.73 -133.67 9.55
CA TYR I 1041 61.51 -132.24 9.74
C TYR I 1041 61.67 -131.85 11.20
N ILE I 1042 62.03 -130.59 11.42
CA ILE I 1042 62.23 -130.06 12.76
C ILE I 1042 60.93 -129.43 13.25
N GLY I 1043 60.83 -129.27 14.56
CA GLY I 1043 59.65 -128.67 15.17
C GLY I 1043 59.41 -129.13 16.59
N ASP I 1044 59.25 -130.43 16.77
CA ASP I 1044 59.00 -130.99 18.10
C ASP I 1044 59.73 -132.29 18.37
N ASP I 1045 60.32 -132.95 17.36
CA ASP I 1045 61.03 -134.20 17.55
C ASP I 1045 62.52 -134.00 17.80
N SER I 1046 62.91 -132.87 18.40
CA SER I 1046 64.32 -132.61 18.67
C SER I 1046 64.80 -133.42 19.87
N GLU I 1047 64.28 -133.09 21.05
CA GLU I 1047 64.67 -133.80 22.27
C GLU I 1047 64.04 -135.17 22.38
N VAL I 1048 62.91 -135.41 21.72
CA VAL I 1048 62.24 -136.70 21.77
C VAL I 1048 62.96 -137.68 20.85
N ASP I 1049 63.20 -138.88 21.34
CA ASP I 1049 63.88 -139.89 20.55
C ASP I 1049 62.97 -140.38 19.42
N VAL I 1050 63.54 -140.49 18.22
CA VAL I 1050 62.78 -140.91 17.05
C VAL I 1050 62.54 -142.41 17.00
N GLU I 1051 63.28 -143.19 17.80
CA GLU I 1051 63.11 -144.64 17.78
C GLU I 1051 61.73 -145.04 18.30
N GLU I 1052 61.30 -144.43 19.41
CA GLU I 1052 59.98 -144.73 19.95
C GLU I 1052 58.88 -144.29 18.99
N LEU I 1053 59.08 -143.15 18.32
CA LEU I 1053 58.10 -142.69 17.35
C LEU I 1053 57.99 -143.64 16.17
N LYS I 1054 59.13 -144.13 15.67
CA LYS I 1054 59.11 -145.09 14.57
C LYS I 1054 58.46 -146.40 15.01
N LEU I 1055 58.72 -146.83 16.25
CA LEU I 1055 58.10 -148.05 16.76
C LEU I 1055 56.59 -147.89 16.85
N GLU I 1056 56.13 -146.73 17.34
CA GLU I 1056 54.69 -146.49 17.42
C GLU I 1056 54.06 -146.43 16.03
N ILE I 1057 54.75 -145.81 15.07
CA ILE I 1057 54.24 -145.74 13.71
C ILE I 1057 54.12 -147.14 13.11
N LEU I 1058 55.14 -147.99 13.33
CA LEU I 1058 55.07 -149.35 12.81
C LEU I 1058 53.97 -150.15 13.49
N CYS I 1059 53.78 -149.96 14.79
CA CYS I 1059 52.71 -150.66 15.50
C CYS I 1059 51.35 -150.23 14.97
N LYS I 1060 51.17 -148.93 14.71
CA LYS I 1060 49.90 -148.47 14.17
C LYS I 1060 49.68 -148.98 12.75
N ALA I 1061 50.76 -149.07 11.96
CA ALA I 1061 50.62 -149.62 10.62
C ALA I 1061 50.26 -151.10 10.65
N ILE I 1062 50.79 -151.83 11.62
CA ILE I 1062 50.41 -153.24 11.78
C ILE I 1062 48.96 -153.36 12.24
N LYS I 1063 48.54 -152.46 13.13
CA LYS I 1063 47.16 -152.50 13.61
C LYS I 1063 46.17 -152.17 12.50
N ARG I 1064 46.48 -151.20 11.65
CA ARG I 1064 45.60 -150.78 10.56
C ARG I 1064 45.69 -151.70 9.34
N ASP I 1065 46.30 -152.87 9.48
CA ASP I 1065 46.40 -153.78 8.35
C ASP I 1065 45.05 -154.45 8.08
N GLU I 1066 44.85 -154.83 6.83
CA GLU I 1066 43.61 -155.47 6.38
C GLU I 1066 43.75 -156.99 6.37
N TRP I 1067 44.34 -157.54 7.43
CA TRP I 1067 44.54 -158.99 7.52
C TRP I 1067 44.63 -159.43 8.98
N SER I 1068 45.15 -158.55 9.84
CA SER I 1068 45.26 -158.88 11.26
C SER I 1068 43.90 -158.95 11.94
N ALA I 1069 42.90 -158.25 11.39
CA ALA I 1069 41.57 -158.27 11.98
C ALA I 1069 40.45 -158.16 10.96
N THR I 1070 40.74 -158.04 9.67
CA THR I 1070 39.71 -157.93 8.64
C THR I 1070 39.48 -159.25 7.92
N ASP I 1071 40.52 -159.77 7.28
CA ASP I 1071 40.43 -161.03 6.55
C ASP I 1071 40.82 -162.19 7.45
N GLY I 1072 40.32 -163.38 7.10
CA GLY I 1072 40.60 -164.57 7.87
C GLY I 1072 40.72 -165.82 7.02
N LYS I 1073 41.56 -165.75 5.98
CA LYS I 1073 41.77 -166.88 5.09
C LYS I 1073 42.89 -167.76 5.63
N ASP I 1074 43.36 -168.71 4.82
CA ASP I 1074 44.42 -169.63 5.20
C ASP I 1074 45.62 -169.55 4.27
N ASP I 1075 45.65 -168.59 3.34
CA ASP I 1075 46.76 -168.45 2.41
C ASP I 1075 47.73 -167.40 2.96
N PRO I 1076 48.94 -167.78 3.38
CA PRO I 1076 49.88 -166.78 3.91
C PRO I 1076 50.71 -166.12 2.83
N ILE I 1077 50.09 -165.83 1.68
CA ILE I 1077 50.79 -165.20 0.57
C ILE I 1077 50.13 -163.86 0.25
N GLU I 1078 48.96 -163.91 -0.39
CA GLU I 1078 48.29 -162.68 -0.78
C GLU I 1078 47.63 -161.98 0.40
N ALA I 1079 47.38 -162.69 1.51
CA ALA I 1079 46.75 -162.07 2.66
C ALA I 1079 47.62 -160.97 3.25
N THR I 1080 48.94 -161.14 3.25
CA THR I 1080 49.82 -160.10 3.76
C THR I 1080 50.09 -159.03 2.70
N LYS I 1081 50.09 -159.40 1.42
CA LYS I 1081 50.31 -158.41 0.37
C LYS I 1081 49.13 -157.47 0.24
N ASP I 1082 47.92 -157.92 0.56
CA ASP I 1082 46.73 -157.09 0.49
C ASP I 1082 46.52 -156.28 1.77
N SER I 1083 47.61 -155.83 2.40
CA SER I 1083 47.51 -155.05 3.64
C SER I 1083 48.07 -153.65 3.44
N ILE I 1084 48.59 -153.05 4.51
CA ILE I 1084 49.15 -151.71 4.45
C ILE I 1084 50.64 -151.77 4.75
N PHE I 1085 51.05 -152.77 5.51
CA PHE I 1085 52.47 -152.90 5.86
C PHE I 1085 53.33 -153.19 4.65
N VAL I 1086 52.88 -154.10 3.79
CA VAL I 1086 53.65 -154.43 2.57
C VAL I 1086 53.73 -153.22 1.65
N LYS I 1087 52.62 -152.48 1.52
CA LYS I 1087 52.63 -151.29 0.68
C LYS I 1087 53.57 -150.22 1.23
N VAL I 1088 53.57 -150.03 2.54
CA VAL I 1088 54.47 -149.04 3.15
C VAL I 1088 55.93 -149.46 2.96
N LEU I 1089 56.21 -150.75 3.12
CA LEU I 1089 57.58 -151.23 2.93
C LEU I 1089 58.02 -151.06 1.47
N GLN I 1090 57.12 -151.33 0.53
CA GLN I 1090 57.46 -151.16 -0.88
C GLN I 1090 57.67 -149.69 -1.22
N ASN I 1091 56.86 -148.79 -0.64
CA ASN I 1091 57.05 -147.37 -0.87
C ASN I 1091 58.39 -146.90 -0.29
N LEU I 1092 58.75 -147.39 0.90
CA LEU I 1092 60.03 -147.02 1.49
C LEU I 1092 61.20 -147.55 0.65
N LEU I 1093 61.07 -148.77 0.13
CA LEU I 1093 62.12 -149.32 -0.71
C LEU I 1093 62.26 -148.54 -2.01
N ASN I 1094 61.14 -148.12 -2.61
CA ASN I 1094 61.20 -147.32 -3.82
C ASN I 1094 61.76 -145.93 -3.56
N LYS I 1095 61.50 -145.37 -2.38
CA LYS I 1095 62.04 -144.06 -2.04
C LYS I 1095 63.54 -144.13 -1.77
N GLY I 1096 63.99 -145.16 -1.06
CA GLY I 1096 65.39 -145.34 -0.77
C GLY I 1096 65.75 -145.29 0.71
N ILE I 1097 64.79 -145.19 1.61
CA ILE I 1097 65.08 -145.14 3.04
C ILE I 1097 65.43 -146.53 3.53
N GLU I 1098 66.41 -146.61 4.43
CA GLU I 1098 66.83 -147.89 4.97
C GLU I 1098 65.75 -148.46 5.88
N LEU I 1099 65.47 -149.75 5.71
CA LEU I 1099 64.43 -150.43 6.50
C LEU I 1099 64.97 -151.02 7.78
N LYS I 1100 66.29 -151.05 7.98
CA LYS I 1100 66.89 -151.59 9.20
C LYS I 1100 67.40 -150.53 10.15
N GLY I 1101 67.66 -149.31 9.68
CA GLY I 1101 68.15 -148.25 10.53
C GLY I 1101 67.08 -147.25 10.90
N TYR I 1102 66.20 -146.94 9.95
CA TYR I 1102 65.11 -146.01 10.16
C TYR I 1102 63.83 -146.69 10.63
N LEU I 1103 63.88 -147.98 10.93
CA LEU I 1103 62.71 -148.74 11.37
C LEU I 1103 63.16 -149.79 12.37
N PRO I 1104 62.28 -150.21 13.28
CA PRO I 1104 62.66 -151.26 14.23
C PRO I 1104 62.99 -152.56 13.52
N LYS I 1105 63.73 -153.42 14.22
CA LYS I 1105 64.20 -154.67 13.66
C LYS I 1105 63.14 -155.76 13.79
N ALA I 1106 63.37 -156.86 13.06
CA ALA I 1106 62.46 -157.99 13.12
C ALA I 1106 62.47 -158.63 14.51
N GLU I 1107 63.62 -158.66 15.16
CA GLU I 1107 63.69 -159.19 16.52
C GLU I 1107 62.86 -158.35 17.48
N THR I 1108 62.92 -157.03 17.35
CA THR I 1108 62.11 -156.16 18.19
C THR I 1108 60.62 -156.32 17.88
N LEU I 1109 60.27 -156.44 16.60
CA LEU I 1109 58.88 -156.65 16.22
C LEU I 1109 58.34 -157.97 16.76
N LEU I 1110 59.19 -159.01 16.83
CA LEU I 1110 58.77 -160.29 17.36
C LEU I 1110 58.67 -160.26 18.88
N GLN I 1111 59.59 -159.57 19.55
CA GLN I 1111 59.57 -159.48 21.01
C GLN I 1111 58.50 -158.53 21.52
N SER I 1112 57.99 -157.65 20.68
CA SER I 1112 56.90 -156.75 21.09
C SER I 1112 55.66 -157.56 21.45
N GLU I 1113 54.94 -157.07 22.46
CA GLU I 1113 53.74 -157.76 22.93
C GLU I 1113 52.52 -157.51 22.06
N GLU I 1114 52.61 -156.63 21.07
CA GLU I 1114 51.47 -156.36 20.20
C GLU I 1114 51.13 -157.53 19.29
N LEU I 1115 52.12 -158.40 19.00
CA LEU I 1115 51.85 -159.53 18.11
C LEU I 1115 50.91 -160.53 18.76
N ASN I 1116 51.09 -160.80 20.06
CA ASN I 1116 50.26 -161.78 20.74
C ASN I 1116 48.81 -161.32 20.83
N SER I 1117 48.56 -160.01 20.80
CA SER I 1117 47.22 -159.47 20.85
C SER I 1117 46.64 -159.13 19.48
N LEU I 1118 47.48 -159.06 18.44
CA LEU I 1118 47.02 -158.72 17.11
C LEU I 1118 47.10 -159.89 16.13
N LYS I 1119 47.55 -161.06 16.58
CA LYS I 1119 47.71 -162.22 15.72
C LYS I 1119 46.48 -163.11 15.77
N THR I 1120 46.33 -163.93 14.73
CA THR I 1120 45.32 -164.98 14.67
C THR I 1120 45.91 -166.37 14.46
N ASN I 1121 46.91 -166.48 13.60
CA ASN I 1121 47.64 -167.73 13.39
C ASN I 1121 49.12 -167.41 13.22
N SER I 1122 49.95 -168.45 13.27
CA SER I 1122 51.38 -168.27 13.10
C SER I 1122 51.75 -167.90 11.67
N TYR I 1123 50.85 -168.15 10.71
CA TYR I 1123 51.14 -167.82 9.31
C TYR I 1123 51.36 -166.32 9.15
N PHE I 1124 50.54 -165.51 9.81
CA PHE I 1124 50.67 -164.05 9.70
C PHE I 1124 52.04 -163.59 10.20
N GLU I 1125 52.43 -164.04 11.39
CA GLU I 1125 53.71 -163.63 11.95
C GLU I 1125 54.88 -164.12 11.09
N PHE I 1126 54.82 -165.37 10.64
CA PHE I 1126 55.92 -165.90 9.84
C PHE I 1126 56.04 -165.17 8.51
N SER I 1127 54.91 -164.90 7.85
CA SER I 1127 54.96 -164.18 6.58
C SER I 1127 55.46 -162.76 6.76
N LEU I 1128 55.02 -162.08 7.83
CA LEU I 1128 55.52 -160.72 8.07
C LEU I 1128 57.01 -160.71 8.35
N LYS I 1129 57.49 -161.66 9.17
CA LYS I 1129 58.92 -161.72 9.46
C LYS I 1129 59.73 -162.02 8.19
N ALA I 1130 59.25 -162.95 7.37
CA ALA I 1130 59.97 -163.29 6.15
C ALA I 1130 59.99 -162.11 5.18
N ASN I 1131 58.87 -161.42 5.03
CA ASN I 1131 58.82 -160.26 4.14
C ASN I 1131 59.74 -159.15 4.63
N TYR I 1132 59.75 -158.90 5.95
CA TYR I 1132 60.63 -157.87 6.49
C TYR I 1132 62.09 -158.24 6.29
N GLU I 1133 62.45 -159.50 6.51
CA GLU I 1133 63.83 -159.93 6.33
C GLU I 1133 64.25 -159.82 4.87
N CYS I 1134 63.38 -160.23 3.94
CA CYS I 1134 63.71 -160.14 2.53
C CYS I 1134 63.84 -158.69 2.08
N TYR I 1135 62.98 -157.81 2.58
CA TYR I 1135 63.07 -156.40 2.22
C TYR I 1135 64.34 -155.77 2.77
N MET I 1136 64.70 -156.10 4.02
CA MET I 1136 65.95 -155.59 4.57
C MET I 1136 67.16 -156.10 3.80
N LYS I 1137 67.11 -157.37 3.37
CA LYS I 1137 68.23 -157.93 2.62
C LYS I 1137 68.35 -157.28 1.25
N MET I 1138 67.23 -157.04 0.57
CA MET I 1138 67.27 -156.42 -0.74
C MET I 1138 67.55 -154.92 -0.68
N GLN I 1139 67.32 -154.30 0.48
CA GLN I 1139 67.64 -152.88 0.62
C GLN I 1139 69.09 -152.66 1.02
N SER I 1140 69.60 -153.49 1.93
CA SER I 1140 70.99 -153.38 2.37
C SER I 1140 71.95 -153.86 1.29
N MET J 1 -51.50 -89.55 -39.24
CA MET J 1 -50.35 -90.42 -39.08
C MET J 1 -49.05 -89.66 -39.28
N GLU J 2 -48.49 -89.76 -40.48
CA GLU J 2 -47.25 -89.08 -40.83
C GLU J 2 -47.42 -88.08 -41.95
N GLU J 3 -48.65 -87.83 -42.40
CA GLU J 3 -48.90 -86.88 -43.47
C GLU J 3 -50.32 -86.35 -43.41
N LEU J 4 -51.28 -87.22 -43.05
CA LEU J 4 -52.67 -86.83 -42.96
C LEU J 4 -52.99 -86.25 -41.60
N ASP J 5 -54.18 -86.55 -41.07
CA ASP J 5 -54.63 -86.07 -39.77
C ASP J 5 -54.83 -87.26 -38.83
N VAL J 6 -54.35 -87.11 -37.60
CA VAL J 6 -54.47 -88.17 -36.61
C VAL J 6 -55.88 -88.17 -36.04
N ASP J 7 -56.32 -89.34 -35.57
CA ASP J 7 -57.65 -89.48 -35.00
C ASP J 7 -57.62 -89.21 -33.50
N PRO J 8 -58.71 -88.64 -32.95
CA PRO J 8 -58.75 -88.37 -31.51
C PRO J 8 -58.80 -89.66 -30.71
N ALA J 9 -58.70 -89.51 -29.40
CA ALA J 9 -58.67 -90.65 -28.49
C ALA J 9 -60.07 -91.23 -28.33
N GLU J 10 -60.16 -92.31 -27.56
CA GLU J 10 -61.41 -93.00 -27.24
C GLU J 10 -62.06 -93.60 -28.49
N THR J 11 -63.13 -94.36 -28.29
CA THR J 11 -63.84 -94.99 -29.39
C THR J 11 -64.93 -94.06 -29.93
N PRO J 12 -65.29 -94.21 -31.21
CA PRO J 12 -66.33 -93.34 -31.78
C PRO J 12 -67.74 -93.69 -31.32
N ILE J 13 -67.86 -94.56 -30.32
CA ILE J 13 -69.16 -94.92 -29.75
C ILE J 13 -69.70 -93.72 -28.99
N PRO J 14 -71.02 -93.59 -28.82
CA PRO J 14 -71.55 -92.43 -28.10
C PRO J 14 -71.12 -92.36 -26.65
N GLY J 15 -71.11 -93.51 -25.95
CA GLY J 15 -70.77 -93.49 -24.53
C GLY J 15 -69.36 -92.98 -24.26
N LEU J 16 -68.39 -93.50 -25.00
CA LEU J 16 -67.00 -93.06 -24.85
C LEU J 16 -66.65 -91.91 -25.77
N GLY J 17 -67.60 -91.42 -26.56
CA GLY J 17 -67.33 -90.31 -27.46
C GLY J 17 -68.01 -89.03 -27.02
N GLN J 18 -68.85 -89.12 -25.99
CA GLN J 18 -69.51 -87.92 -25.47
C GLN J 18 -68.50 -86.95 -24.88
N GLN J 19 -67.37 -87.44 -24.37
CA GLN J 19 -66.34 -86.61 -23.78
C GLN J 19 -65.07 -86.78 -24.60
N ASN J 20 -64.60 -85.69 -25.22
CA ASN J 20 -63.40 -85.74 -26.03
C ASN J 20 -62.16 -85.63 -25.14
N ARG J 21 -61.01 -85.94 -25.71
CA ARG J 21 -59.73 -85.93 -25.00
C ARG J 21 -58.74 -85.05 -25.74
N HIS J 22 -58.28 -83.99 -25.08
CA HIS J 22 -57.25 -83.12 -25.63
C HIS J 22 -55.89 -83.69 -25.25
N ILE J 23 -55.41 -84.62 -26.08
CA ILE J 23 -54.19 -85.36 -25.76
C ILE J 23 -53.00 -84.40 -25.72
N GLY J 24 -52.23 -84.47 -24.63
CA GLY J 24 -51.06 -83.64 -24.46
C GLY J 24 -49.78 -84.41 -24.73
N PHE J 25 -48.71 -83.64 -24.94
CA PHE J 25 -47.40 -84.20 -25.28
C PHE J 25 -46.47 -84.15 -24.08
N SER J 26 -45.48 -85.05 -24.09
CA SER J 26 -44.45 -85.07 -23.07
C SER J 26 -43.16 -85.58 -23.68
N TRP J 27 -42.03 -85.06 -23.18
CA TRP J 27 -40.71 -85.41 -23.69
C TRP J 27 -39.84 -85.92 -22.55
N GLY J 28 -38.84 -86.72 -22.92
CA GLY J 28 -37.91 -87.28 -21.96
C GLY J 28 -36.56 -87.57 -22.59
N PRO J 29 -36.23 -88.86 -22.71
CA PRO J 29 -34.95 -89.23 -23.33
C PRO J 29 -35.05 -89.34 -24.84
N GLY J 30 -35.65 -88.33 -25.49
CA GLY J 30 -35.81 -88.34 -26.92
C GLY J 30 -37.05 -89.05 -27.43
N ASP J 31 -37.73 -89.83 -26.58
CA ASP J 31 -38.91 -90.56 -26.97
C ASP J 31 -40.14 -89.78 -26.51
N LEU J 32 -40.88 -89.23 -27.47
CA LEU J 32 -42.07 -88.46 -27.14
C LEU J 32 -43.20 -89.39 -26.70
N LEU J 33 -44.02 -88.91 -25.77
CA LEU J 33 -45.14 -89.66 -25.25
C LEU J 33 -46.40 -88.81 -25.29
N LEU J 34 -47.55 -89.48 -25.39
CA LEU J 34 -48.85 -88.83 -25.43
C LEU J 34 -49.64 -89.20 -24.19
N TYR J 35 -50.15 -88.20 -23.48
CA TYR J 35 -50.90 -88.40 -22.25
C TYR J 35 -52.33 -87.90 -22.42
N GLU J 36 -53.25 -88.53 -21.68
CA GLU J 36 -54.67 -88.21 -21.77
C GLU J 36 -54.97 -87.00 -20.89
N THR J 37 -55.04 -85.83 -21.50
CA THR J 37 -55.42 -84.60 -20.82
C THR J 37 -56.82 -84.19 -21.26
N LEU J 38 -57.60 -83.65 -20.33
CA LEU J 38 -58.97 -83.26 -20.59
C LEU J 38 -59.08 -81.76 -20.77
N TYR J 39 -59.96 -81.35 -21.69
CA TYR J 39 -60.24 -79.94 -21.93
C TYR J 39 -61.63 -79.81 -22.52
N GLN J 40 -62.28 -78.69 -22.22
CA GLN J 40 -63.65 -78.43 -22.65
C GLN J 40 -64.59 -79.52 -22.16
N LYS J 41 -64.54 -80.70 -22.78
CA LYS J 41 -65.32 -81.84 -22.33
C LYS J 41 -64.70 -82.45 -21.08
N GLN J 42 -65.31 -83.54 -20.61
CA GLN J 42 -64.83 -84.23 -19.43
C GLN J 42 -63.86 -85.34 -19.82
N GLY J 43 -63.48 -86.17 -18.86
CA GLY J 43 -62.56 -87.27 -19.13
C GLY J 43 -62.77 -88.39 -18.14
N ASN J 44 -62.13 -89.52 -18.44
CA ASN J 44 -62.22 -90.73 -17.61
C ASN J 44 -60.81 -91.24 -17.31
N SER J 45 -60.06 -90.49 -16.52
CA SER J 45 -58.71 -90.86 -16.12
C SER J 45 -58.70 -91.35 -14.68
N GLU J 46 -57.78 -92.27 -14.39
CA GLU J 46 -57.64 -92.86 -13.07
C GLU J 46 -56.16 -92.89 -12.69
N THR J 47 -55.88 -93.41 -11.50
CA THR J 47 -54.52 -93.52 -10.98
C THR J 47 -54.40 -94.89 -10.31
N ALA J 48 -53.95 -95.88 -11.08
CA ALA J 48 -53.80 -97.24 -10.57
C ALA J 48 -52.54 -97.90 -11.12
N ALA J 49 -52.68 -99.10 -11.66
CA ALA J 49 -51.57 -99.85 -12.21
C ALA J 49 -51.49 -99.65 -13.72
N ARG J 50 -50.27 -99.75 -14.26
CA ARG J 50 -50.01 -99.61 -15.68
C ARG J 50 -50.49 -98.27 -16.23
N CYS J 51 -50.67 -98.19 -17.55
CA CYS J 51 -51.12 -96.95 -18.17
C CYS J 51 -52.53 -97.12 -18.72
N PRO J 52 -53.37 -96.09 -18.63
CA PRO J 52 -54.73 -96.21 -19.15
C PRO J 52 -54.76 -96.17 -20.68
N PHE J 53 -55.62 -97.01 -21.25
CA PHE J 53 -55.81 -97.10 -22.70
C PHE J 53 -54.51 -97.44 -23.43
N MET J 54 -53.68 -98.29 -22.80
CA MET J 54 -52.37 -98.73 -23.29
C MET J 54 -51.66 -97.67 -24.13
N TYR J 55 -51.21 -96.59 -23.49
CA TYR J 55 -50.50 -95.50 -24.16
C TYR J 55 -49.01 -95.77 -24.09
N LEU J 56 -48.47 -96.42 -25.14
CA LEU J 56 -47.05 -96.72 -25.24
C LEU J 56 -46.53 -96.15 -26.57
N VAL J 57 -46.31 -94.83 -26.58
CA VAL J 57 -45.89 -94.16 -27.80
C VAL J 57 -44.41 -94.44 -28.04
N ARG J 58 -44.08 -94.96 -29.22
CA ARG J 58 -42.71 -95.22 -29.59
C ARG J 58 -42.62 -95.31 -31.11
N SER J 59 -41.60 -94.67 -31.67
CA SER J 59 -41.40 -94.63 -33.11
C SER J 59 -40.41 -95.71 -33.54
N ASP J 60 -40.42 -95.99 -34.85
CA ASP J 60 -39.53 -96.98 -35.47
C ASP J 60 -39.70 -98.35 -34.82
N GLU J 61 -40.95 -98.76 -34.61
CA GLU J 61 -41.23 -100.05 -34.01
C GLU J 61 -41.12 -101.20 -35.01
N ASP J 62 -41.30 -100.91 -36.30
CA ASP J 62 -41.23 -101.95 -37.31
C ASP J 62 -39.80 -102.38 -37.62
N ILE J 63 -38.81 -101.55 -37.29
CA ILE J 63 -37.42 -101.90 -37.57
C ILE J 63 -36.86 -102.87 -36.54
N TYR J 64 -37.50 -103.01 -35.38
CA TYR J 64 -37.02 -103.90 -34.33
C TYR J 64 -37.28 -105.34 -34.73
N SER J 65 -36.23 -106.08 -35.08
CA SER J 65 -36.32 -107.47 -35.48
C SER J 65 -35.02 -108.16 -35.15
N PRO J 66 -35.06 -109.44 -34.75
CA PRO J 66 -33.81 -110.12 -34.37
C PRO J 66 -32.81 -110.25 -35.53
N VAL J 67 -33.29 -110.61 -36.72
CA VAL J 67 -32.38 -110.77 -37.84
C VAL J 67 -32.01 -109.42 -38.46
N LEU J 68 -32.92 -108.44 -38.39
CA LEU J 68 -32.66 -107.14 -38.99
C LEU J 68 -31.51 -106.42 -38.30
N ARG J 69 -31.48 -106.45 -36.97
CA ARG J 69 -30.39 -105.79 -36.25
C ARG J 69 -29.06 -106.48 -36.50
N LYS J 70 -29.07 -107.81 -36.61
CA LYS J 70 -27.85 -108.54 -36.92
C LYS J 70 -27.33 -108.20 -38.32
N LEU J 71 -28.23 -108.14 -39.30
CA LEU J 71 -27.83 -107.77 -40.65
C LEU J 71 -27.31 -106.35 -40.70
N PHE J 72 -27.95 -105.44 -39.96
CA PHE J 72 -27.48 -104.06 -39.92
C PHE J 72 -26.11 -103.97 -39.27
N ASN J 73 -25.88 -104.74 -38.20
CA ASN J 73 -24.57 -104.74 -37.55
C ASN J 73 -23.49 -105.27 -38.48
N GLU J 74 -23.79 -106.34 -39.22
CA GLU J 74 -22.81 -106.87 -40.16
C GLU J 74 -22.53 -105.89 -41.29
N SER J 75 -23.59 -105.24 -41.80
CA SER J 75 -23.40 -104.26 -42.86
C SER J 75 -22.58 -103.07 -42.39
N HIS J 76 -22.82 -102.60 -41.17
CA HIS J 76 -22.05 -101.48 -40.66
C HIS J 76 -20.61 -101.88 -40.32
N SER J 77 -20.40 -103.14 -39.93
CA SER J 77 -19.04 -103.62 -39.71
C SER J 77 -18.25 -103.65 -41.01
N ILE J 78 -18.85 -104.20 -42.07
CA ILE J 78 -18.14 -104.20 -43.36
C ILE J 78 -18.02 -102.78 -43.91
N PHE J 79 -18.94 -101.89 -43.55
CA PHE J 79 -18.83 -100.48 -43.93
C PHE J 79 -17.64 -99.81 -43.25
N VAL J 80 -17.46 -100.07 -41.95
CA VAL J 80 -16.32 -99.54 -41.23
C VAL J 80 -15.03 -100.10 -41.80
N GLY J 81 -15.03 -101.40 -42.16
CA GLY J 81 -13.87 -101.97 -42.82
C GLY J 81 -13.56 -101.31 -44.14
N LEU J 82 -14.60 -100.99 -44.92
CA LEU J 82 -14.40 -100.31 -46.19
C LEU J 82 -13.84 -98.91 -45.98
N GLN J 83 -14.35 -98.18 -44.98
CA GLN J 83 -13.81 -96.85 -44.70
C GLN J 83 -12.36 -96.93 -44.22
N LYS J 84 -12.02 -98.00 -43.51
CA LYS J 84 -10.64 -98.16 -43.07
C LYS J 84 -9.72 -98.48 -44.24
N SER J 85 -10.19 -99.29 -45.19
CA SER J 85 -9.40 -99.64 -46.36
C SER J 85 -9.39 -98.55 -47.42
N ALA J 86 -10.30 -97.57 -47.34
CA ALA J 86 -10.38 -96.52 -48.35
C ALA J 86 -9.17 -95.60 -48.37
N GLU J 87 -8.27 -95.69 -47.39
CA GLU J 87 -7.08 -94.84 -47.38
C GLU J 87 -6.05 -95.25 -48.43
N GLU J 88 -6.33 -96.27 -49.24
CA GLU J 88 -5.40 -96.70 -50.26
C GLU J 88 -5.43 -95.73 -51.45
N ALA J 89 -4.63 -96.03 -52.46
CA ALA J 89 -4.54 -95.19 -53.65
C ALA J 89 -5.70 -95.50 -54.59
N SER J 90 -5.74 -94.78 -55.72
CA SER J 90 -6.79 -94.94 -56.71
C SER J 90 -6.32 -95.86 -57.82
N GLY J 91 -7.27 -96.24 -58.68
CA GLY J 91 -6.98 -97.13 -59.80
C GLY J 91 -7.94 -98.30 -59.89
N LYS J 92 -7.46 -99.41 -60.47
CA LYS J 92 -8.31 -100.59 -60.60
C LYS J 92 -8.51 -101.30 -59.27
N SER J 93 -7.62 -101.09 -58.30
CA SER J 93 -7.79 -101.72 -57.00
C SER J 93 -9.04 -101.21 -56.30
N ARG J 94 -9.33 -99.91 -56.44
CA ARG J 94 -10.55 -99.37 -55.84
C ARG J 94 -11.80 -99.97 -56.47
N LYS J 95 -11.79 -100.13 -57.80
CA LYS J 95 -12.94 -100.74 -58.46
C LYS J 95 -13.09 -102.20 -58.07
N ALA J 96 -11.97 -102.92 -57.92
CA ALA J 96 -12.04 -104.31 -57.48
C ALA J 96 -12.60 -104.42 -56.06
N GLN J 97 -12.15 -103.55 -55.16
CA GLN J 97 -12.68 -103.55 -53.80
C GLN J 97 -14.16 -103.18 -53.79
N LEU J 98 -14.57 -102.26 -54.67
CA LEU J 98 -15.99 -101.91 -54.77
C LEU J 98 -16.82 -103.10 -55.24
N VAL J 99 -16.33 -103.81 -56.26
CA VAL J 99 -17.04 -104.99 -56.73
C VAL J 99 -17.12 -106.05 -55.64
N GLN J 100 -16.04 -106.21 -54.87
CA GLN J 100 -16.02 -107.20 -53.80
C GLN J 100 -17.03 -106.86 -52.71
N VAL J 101 -17.06 -105.59 -52.28
CA VAL J 101 -18.00 -105.22 -51.22
C VAL J 101 -19.43 -105.24 -51.73
N SER J 102 -19.64 -104.97 -53.03
CA SER J 102 -20.98 -105.09 -53.59
C SER J 102 -21.43 -106.54 -53.62
N ARG J 103 -20.53 -107.46 -53.96
CA ARG J 103 -20.87 -108.89 -53.92
C ARG J 103 -21.16 -109.32 -52.49
N ASN J 104 -20.39 -108.83 -51.52
CA ASN J 104 -20.66 -109.17 -50.13
C ASN J 104 -22.00 -108.63 -49.67
N TYR J 105 -22.35 -107.41 -50.10
CA TYR J 105 -23.65 -106.84 -49.76
C TYR J 105 -24.78 -107.65 -50.38
N ARG J 106 -24.64 -108.05 -51.64
CA ARG J 106 -25.68 -108.87 -52.26
C ARG J 106 -25.77 -110.24 -51.59
N SER J 107 -24.66 -110.78 -51.11
CA SER J 107 -24.69 -112.07 -50.43
C SER J 107 -25.41 -111.96 -49.08
N VAL J 108 -25.09 -110.93 -48.31
CA VAL J 108 -25.76 -110.78 -47.02
C VAL J 108 -27.23 -110.41 -47.22
N LEU J 109 -27.56 -109.73 -48.31
CA LEU J 109 -28.96 -109.44 -48.60
C LEU J 109 -29.72 -110.70 -48.98
N ARG J 110 -29.09 -111.59 -49.75
CA ARG J 110 -29.71 -112.88 -50.06
C ARG J 110 -29.89 -113.71 -48.79
N ALA J 111 -28.91 -113.66 -47.89
CA ALA J 111 -29.05 -114.37 -46.62
C ALA J 111 -30.20 -113.80 -45.79
N CYS J 112 -30.33 -112.46 -45.77
CA CYS J 112 -31.45 -111.84 -45.06
C CYS J 112 -32.78 -112.23 -45.68
N MET J 113 -32.83 -112.31 -47.01
CA MET J 113 -34.07 -112.72 -47.68
C MET J 113 -34.41 -114.17 -47.35
N GLU J 114 -33.39 -115.03 -47.29
CA GLU J 114 -33.64 -116.43 -46.91
C GLU J 114 -34.14 -116.52 -45.47
N GLU J 115 -33.55 -115.74 -44.56
CA GLU J 115 -34.02 -115.73 -43.18
C GLU J 115 -35.45 -115.22 -43.07
N MET J 116 -35.79 -114.20 -43.87
CA MET J 116 -37.14 -113.68 -43.87
C MET J 116 -38.13 -114.70 -44.43
N HIS J 117 -37.71 -115.45 -45.45
CA HIS J 117 -38.56 -116.51 -45.98
C HIS J 117 -38.78 -117.61 -44.94
N THR J 118 -37.72 -117.96 -44.20
CA THR J 118 -37.87 -118.94 -43.13
C THR J 118 -38.83 -118.44 -42.05
N LEU J 119 -38.71 -117.17 -41.67
CA LEU J 119 -39.62 -116.60 -40.69
C LEU J 119 -41.05 -116.57 -41.21
N SER J 120 -41.23 -116.31 -42.51
CA SER J 120 -42.56 -116.32 -43.09
C SER J 120 -43.16 -117.73 -43.07
N GLU J 121 -42.36 -118.73 -43.40
CA GLU J 121 -42.83 -120.11 -43.34
C GLU J 121 -43.14 -120.53 -41.91
N SER J 122 -42.42 -119.98 -40.94
CA SER J 122 -42.69 -120.31 -39.54
C SER J 122 -43.97 -119.63 -39.05
N THR J 123 -44.18 -118.37 -39.42
CA THR J 123 -45.35 -117.63 -39.00
C THR J 123 -46.55 -117.99 -39.87
N ARG J 124 -47.67 -117.32 -39.62
CA ARG J 124 -48.91 -117.59 -40.35
C ARG J 124 -49.62 -116.30 -40.76
N GLU J 125 -49.93 -115.45 -39.77
CA GLU J 125 -50.72 -114.26 -40.06
C GLU J 125 -49.89 -113.19 -40.78
N THR J 126 -48.67 -112.95 -40.31
CA THR J 126 -47.80 -111.94 -40.90
C THR J 126 -47.12 -112.39 -42.19
N ALA J 127 -47.66 -113.42 -42.85
CA ALA J 127 -47.05 -113.93 -44.06
C ALA J 127 -47.09 -112.90 -45.18
N GLN J 128 -48.18 -112.15 -45.29
CA GLN J 128 -48.29 -111.13 -46.33
C GLN J 128 -47.26 -110.02 -46.10
N LYS J 129 -47.13 -109.55 -44.86
CA LYS J 129 -46.15 -108.51 -44.56
C LYS J 129 -44.73 -109.01 -44.78
N TYR J 130 -44.46 -110.27 -44.44
CA TYR J 130 -43.14 -110.82 -44.66
C TYR J 130 -42.83 -110.96 -46.14
N ILE J 131 -43.81 -111.35 -46.95
CA ILE J 131 -43.62 -111.44 -48.39
C ILE J 131 -43.39 -110.05 -48.98
N SER J 132 -44.11 -109.05 -48.47
CA SER J 132 -43.90 -107.68 -48.93
C SER J 132 -42.48 -107.21 -48.59
N GLN J 133 -42.01 -107.51 -47.38
CA GLN J 133 -40.66 -107.13 -47.00
C GLN J 133 -39.62 -107.86 -47.84
N ILE J 134 -39.88 -109.13 -48.17
CA ILE J 134 -38.97 -109.88 -49.02
C ILE J 134 -38.90 -109.27 -50.42
N SER J 135 -40.05 -108.88 -50.96
CA SER J 135 -40.05 -108.23 -52.27
C SER J 135 -39.35 -106.89 -52.23
N ILE J 136 -39.51 -106.14 -51.15
CA ILE J 136 -38.82 -104.86 -51.01
C ILE J 136 -37.32 -105.07 -50.95
N LEU J 137 -36.87 -106.06 -50.20
CA LEU J 137 -35.44 -106.36 -50.12
C LEU J 137 -34.90 -106.83 -51.47
N SER J 138 -35.68 -107.61 -52.20
CA SER J 138 -35.26 -108.04 -53.53
C SER J 138 -35.13 -106.87 -54.48
N ALA J 139 -36.08 -105.93 -54.44
CA ALA J 139 -36.00 -104.74 -55.27
C ALA J 139 -34.78 -103.90 -54.88
N MET J 140 -34.50 -103.80 -53.58
CA MET J 140 -33.32 -103.06 -53.13
C MET J 140 -32.04 -103.70 -53.66
N GLU J 141 -31.94 -105.04 -53.58
CA GLU J 141 -30.76 -105.73 -54.10
C GLU J 141 -30.65 -105.56 -55.61
N LEU J 142 -31.77 -105.58 -56.33
CA LEU J 142 -31.76 -105.38 -57.77
C LEU J 142 -31.24 -103.99 -58.11
N SER J 143 -31.74 -102.97 -57.40
CA SER J 143 -31.28 -101.61 -57.65
C SER J 143 -29.80 -101.46 -57.31
N TRP J 144 -29.36 -102.10 -56.22
CA TRP J 144 -27.95 -102.05 -55.84
C TRP J 144 -27.07 -102.65 -56.93
N ASN J 145 -27.45 -103.83 -57.42
CA ASN J 145 -26.65 -104.48 -58.47
C ASN J 145 -26.68 -103.68 -59.75
N LEU J 146 -27.82 -103.08 -60.09
CA LEU J 146 -27.90 -102.26 -61.30
C LEU J 146 -26.99 -101.04 -61.18
N CYS J 147 -27.01 -100.37 -60.03
CA CYS J 147 -26.12 -99.23 -59.84
C CYS J 147 -24.66 -99.65 -59.88
N GLU J 148 -24.34 -100.81 -59.31
CA GLU J 148 -22.96 -101.29 -59.31
C GLU J 148 -22.48 -101.61 -60.72
N ILE J 149 -23.34 -102.20 -61.55
CA ILE J 149 -22.94 -102.56 -62.91
C ILE J 149 -23.07 -101.41 -63.90
N LEU J 150 -23.75 -100.33 -63.53
CA LEU J 150 -23.94 -99.19 -64.43
C LEU J 150 -23.02 -98.03 -64.09
N PHE J 151 -23.12 -97.50 -62.87
CA PHE J 151 -22.38 -96.27 -62.53
C PHE J 151 -20.92 -96.54 -62.24
N ILE J 152 -20.62 -97.65 -61.56
CA ILE J 152 -19.26 -97.95 -61.13
C ILE J 152 -18.39 -98.31 -62.33
N GLU J 153 -18.75 -99.39 -63.02
CA GLU J 153 -17.95 -99.84 -64.16
C GLU J 153 -18.05 -98.87 -65.33
N SER J 154 -19.28 -98.51 -65.70
CA SER J 154 -19.53 -97.58 -66.82
C SER J 154 -18.89 -98.08 -68.11
N ALA J 155 -18.95 -99.39 -68.33
CA ALA J 155 -18.38 -99.97 -69.53
C ALA J 155 -19.24 -99.64 -70.75
N PRO J 156 -18.61 -99.40 -71.90
CA PRO J 156 -19.40 -99.09 -73.11
C PRO J 156 -20.04 -100.32 -73.73
N ALA J 157 -20.02 -100.40 -75.06
CA ALA J 157 -20.61 -101.53 -75.74
C ALA J 157 -19.74 -102.78 -75.58
N GLY J 158 -20.39 -103.94 -75.63
CA GLY J 158 -19.70 -105.21 -75.51
C GLY J 158 -20.09 -105.97 -74.26
N PRO J 159 -19.26 -105.86 -73.21
CA PRO J 159 -19.54 -106.60 -71.96
C PRO J 159 -20.74 -106.07 -71.19
N LEU J 160 -21.29 -104.92 -71.57
CA LEU J 160 -22.43 -104.37 -70.84
C LEU J 160 -23.65 -105.27 -70.98
N LEU J 161 -23.92 -105.75 -72.20
CA LEU J 161 -25.06 -106.64 -72.40
C LEU J 161 -24.87 -107.96 -71.66
N ILE J 162 -23.64 -108.48 -71.64
CA ILE J 162 -23.38 -109.73 -70.93
C ILE J 162 -23.58 -109.53 -69.43
N LEU J 163 -23.12 -108.41 -68.89
CA LEU J 163 -23.31 -108.14 -67.46
C LEU J 163 -24.79 -107.96 -67.13
N LEU J 164 -25.54 -107.29 -68.01
CA LEU J 164 -26.97 -107.12 -67.79
C LEU J 164 -27.68 -108.47 -67.81
N LEU J 165 -27.33 -109.34 -68.76
CA LEU J 165 -27.94 -110.67 -68.82
C LEU J 165 -27.59 -111.49 -67.60
N GLU J 166 -26.35 -111.38 -67.12
CA GLU J 166 -25.97 -112.11 -65.91
C GLU J 166 -26.74 -111.61 -64.70
N TRP J 167 -26.88 -110.29 -64.55
CA TRP J 167 -27.65 -109.74 -63.44
C TRP J 167 -29.11 -110.17 -63.53
N VAL J 168 -29.67 -110.21 -64.73
CA VAL J 168 -31.06 -110.62 -64.89
C VAL J 168 -31.23 -112.09 -64.52
N ARG J 169 -30.34 -112.95 -65.02
CA ARG J 169 -30.44 -114.37 -64.71
C ARG J 169 -30.11 -114.68 -63.25
N LEU J 170 -29.41 -113.78 -62.56
CA LEU J 170 -29.14 -113.97 -61.14
C LEU J 170 -30.25 -113.44 -60.25
N HIS J 171 -30.96 -112.40 -60.69
CA HIS J 171 -32.01 -111.80 -59.88
C HIS J 171 -33.42 -112.18 -60.32
N VAL J 172 -33.56 -113.06 -61.32
CA VAL J 172 -34.85 -113.47 -61.84
C VAL J 172 -35.02 -114.96 -61.58
N CYS J 173 -36.15 -115.33 -60.96
CA CYS J 173 -36.47 -116.73 -60.69
C CYS J 173 -37.71 -117.19 -61.43
N GLU J 174 -38.27 -116.36 -62.31
CA GLU J 174 -39.46 -116.77 -63.06
C GLU J 174 -39.15 -117.91 -64.02
N VAL J 175 -37.94 -117.94 -64.58
CA VAL J 175 -37.56 -119.07 -65.43
C VAL J 175 -37.50 -120.35 -64.62
N ASP J 176 -36.98 -120.27 -63.39
CA ASP J 176 -36.96 -121.45 -62.52
C ASP J 176 -38.37 -121.88 -62.15
N ASN J 177 -39.27 -120.93 -61.93
CA ASN J 177 -40.66 -121.27 -61.63
C ASN J 177 -41.32 -121.95 -62.83
N ILE J 178 -41.03 -121.47 -64.04
CA ILE J 178 -41.58 -122.09 -65.24
C ILE J 178 -41.02 -123.50 -65.40
N VAL J 179 -39.74 -123.69 -65.13
CA VAL J 179 -39.14 -125.02 -65.22
C VAL J 179 -39.77 -125.96 -64.21
N GLN J 180 -40.03 -125.47 -63.00
CA GLN J 180 -40.69 -126.30 -61.98
C GLN J 180 -42.11 -126.65 -62.40
N ASP J 181 -42.84 -125.68 -62.96
CA ASP J 181 -44.20 -125.96 -63.43
C ASP J 181 -44.19 -126.97 -64.57
N VAL J 182 -43.18 -126.93 -65.43
CA VAL J 182 -43.07 -127.92 -66.49
C VAL J 182 -42.77 -129.30 -65.92
N LEU J 183 -41.85 -129.37 -64.96
CA LEU J 183 -41.49 -130.64 -64.35
C LEU J 183 -42.64 -131.23 -63.55
N ARG J 184 -43.54 -130.37 -63.04
CA ARG J 184 -44.69 -130.87 -62.29
C ARG J 184 -45.60 -131.74 -63.15
N SER J 185 -45.62 -131.51 -64.45
CA SER J 185 -46.45 -132.29 -65.35
C SER J 185 -45.89 -133.71 -65.50
N GLU J 186 -46.73 -134.61 -66.00
CA GLU J 186 -46.31 -135.99 -66.18
C GLU J 186 -45.38 -136.14 -67.39
N LYS J 187 -45.49 -135.24 -68.36
CA LYS J 187 -44.66 -135.28 -69.57
C LYS J 187 -44.06 -133.88 -69.78
N PRO J 188 -42.84 -133.64 -69.29
CA PRO J 188 -42.24 -132.31 -69.47
C PRO J 188 -41.92 -132.02 -70.93
N THR J 189 -41.46 -133.01 -71.68
CA THR J 189 -41.11 -132.78 -73.08
C THR J 189 -42.34 -132.52 -73.93
N GLU J 190 -43.48 -133.13 -73.59
CA GLU J 190 -44.73 -132.94 -74.32
C GLU J 190 -45.56 -131.78 -73.79
N HIS J 191 -45.03 -131.01 -72.85
CA HIS J 191 -45.76 -129.88 -72.30
C HIS J 191 -45.67 -128.67 -73.22
N GLU J 192 -46.70 -127.83 -73.18
CA GLU J 192 -46.73 -126.65 -74.04
C GLU J 192 -45.77 -125.57 -73.56
N LYS J 193 -45.43 -125.59 -72.27
CA LYS J 193 -44.53 -124.60 -71.69
C LYS J 193 -43.06 -124.99 -71.79
N PHE J 194 -42.75 -126.16 -72.36
CA PHE J 194 -41.36 -126.56 -72.50
C PHE J 194 -40.61 -125.65 -73.46
N TRP J 195 -41.24 -125.29 -74.59
CA TRP J 195 -40.61 -124.37 -75.52
C TRP J 195 -40.47 -122.98 -74.91
N ASP J 196 -41.45 -122.56 -74.10
CA ASP J 196 -41.33 -121.28 -73.41
C ASP J 196 -40.17 -121.29 -72.43
N GLY J 197 -40.00 -122.38 -71.69
CA GLY J 197 -38.86 -122.48 -70.78
C GLY J 197 -37.53 -122.51 -71.52
N VAL J 198 -37.50 -123.17 -72.68
CA VAL J 198 -36.27 -123.20 -73.48
C VAL J 198 -35.93 -121.80 -73.98
N THR J 199 -36.93 -121.06 -74.46
CA THR J 199 -36.69 -119.69 -74.90
C THR J 199 -36.26 -118.80 -73.75
N GLY J 200 -36.82 -119.03 -72.56
CA GLY J 200 -36.39 -118.28 -71.39
C GLY J 200 -34.95 -118.56 -71.01
N TYR J 201 -34.55 -119.84 -71.08
CA TYR J 201 -33.17 -120.19 -70.80
C TYR J 201 -32.23 -119.57 -71.83
N VAL J 202 -32.62 -119.56 -73.10
CA VAL J 202 -31.81 -118.92 -74.13
C VAL J 202 -31.70 -117.42 -73.87
N LEU J 203 -32.79 -116.80 -73.43
CA LEU J 203 -32.76 -115.39 -73.09
C LEU J 203 -31.83 -115.12 -71.93
N GLN J 204 -31.85 -115.99 -70.91
CA GLN J 204 -30.96 -115.81 -69.76
C GLN J 204 -29.51 -115.99 -70.16
N GLY J 205 -29.23 -116.93 -71.07
CA GLY J 205 -27.89 -117.14 -71.59
C GLY J 205 -27.33 -118.52 -71.33
N ARG J 206 -27.88 -119.26 -70.38
CA ARG J 206 -27.41 -120.61 -70.07
C ARG J 206 -27.73 -121.52 -71.25
N MET J 207 -26.72 -121.82 -72.06
CA MET J 207 -26.92 -122.60 -73.28
C MET J 207 -26.68 -124.09 -73.08
N ASN J 208 -25.98 -124.49 -72.02
CA ASN J 208 -25.69 -125.90 -71.81
C ASN J 208 -26.97 -126.71 -71.58
N GLU J 209 -27.70 -126.36 -70.52
CA GLU J 209 -28.95 -127.06 -70.23
C GLU J 209 -30.00 -126.79 -71.30
N ALA J 210 -29.91 -125.65 -71.99
CA ALA J 210 -30.82 -125.39 -73.11
C ALA J 210 -30.61 -126.39 -74.24
N ARG J 211 -29.35 -126.59 -74.63
CA ARG J 211 -29.06 -127.58 -75.66
C ARG J 211 -29.36 -129.00 -75.18
N GLN J 212 -29.18 -129.26 -73.88
CA GLN J 212 -29.53 -130.57 -73.34
C GLN J 212 -31.03 -130.83 -73.46
N LEU J 213 -31.84 -129.82 -73.10
CA LEU J 213 -33.29 -129.97 -73.23
C LEU J 213 -33.71 -130.07 -74.68
N LEU J 214 -33.03 -129.36 -75.57
CA LEU J 214 -33.33 -129.47 -77.00
C LEU J 214 -33.03 -130.87 -77.53
N ALA J 215 -31.91 -131.44 -77.11
CA ALA J 215 -31.58 -132.81 -77.51
C ALA J 215 -32.57 -133.81 -76.94
N LYS J 216 -33.02 -133.58 -75.70
CA LYS J 216 -34.04 -134.45 -75.10
C LYS J 216 -35.35 -134.36 -75.87
N GLU J 217 -35.74 -133.15 -76.28
CA GLU J 217 -36.96 -133.00 -77.07
C GLU J 217 -36.81 -133.66 -78.43
N ALA J 218 -35.62 -133.57 -79.03
CA ALA J 218 -35.39 -134.24 -80.31
C ALA J 218 -35.47 -135.75 -80.17
N SER J 219 -34.93 -136.29 -79.08
CA SER J 219 -35.00 -137.73 -78.85
C SER J 219 -36.41 -138.18 -78.54
N THR J 220 -37.21 -137.33 -77.89
CA THR J 220 -38.60 -137.69 -77.56
C THR J 220 -39.49 -137.60 -78.79
N SER J 221 -39.69 -136.38 -79.30
CA SER J 221 -40.56 -136.19 -80.46
C SER J 221 -39.88 -136.72 -81.72
N ALA J 222 -40.63 -137.48 -82.52
CA ALA J 222 -40.08 -138.06 -83.74
C ALA J 222 -39.97 -137.05 -84.88
N SER J 223 -40.73 -135.96 -84.82
CA SER J 223 -40.72 -134.93 -85.86
C SER J 223 -39.97 -133.68 -85.43
N ALA J 224 -38.80 -133.85 -84.80
CA ALA J 224 -38.04 -132.70 -84.35
C ALA J 224 -36.54 -132.97 -84.26
N ARG J 225 -36.04 -134.11 -84.73
CA ARG J 225 -34.62 -134.42 -84.63
C ARG J 225 -33.80 -133.43 -85.44
N SER J 226 -34.06 -133.36 -86.76
CA SER J 226 -33.33 -132.43 -87.62
C SER J 226 -33.62 -130.98 -87.24
N MET J 227 -34.82 -130.70 -86.74
CA MET J 227 -35.14 -129.34 -86.31
C MET J 227 -34.25 -128.90 -85.16
N CYS J 228 -34.15 -129.75 -84.12
CA CYS J 228 -33.29 -129.42 -82.99
C CYS J 228 -31.82 -129.43 -83.39
N ARG J 229 -31.43 -130.28 -84.34
CA ARG J 229 -30.05 -130.25 -84.82
C ARG J 229 -29.73 -128.93 -85.50
N VAL J 230 -30.64 -128.44 -86.35
CA VAL J 230 -30.43 -127.16 -87.02
C VAL J 230 -30.43 -126.02 -85.99
N LEU J 231 -31.30 -126.12 -84.97
CA LEU J 231 -31.33 -125.09 -83.94
C LEU J 231 -30.02 -125.06 -83.15
N ASP J 232 -29.48 -126.23 -82.83
CA ASP J 232 -28.21 -126.29 -82.11
C ASP J 232 -27.06 -125.79 -82.98
N ASP J 233 -27.08 -126.09 -84.28
CA ASP J 233 -26.05 -125.59 -85.17
C ASP J 233 -26.14 -124.08 -85.33
N LEU J 234 -27.35 -123.52 -85.29
CA LEU J 234 -27.51 -122.07 -85.37
C LEU J 234 -27.10 -121.38 -84.08
N LEU J 235 -27.41 -121.98 -82.93
CA LEU J 235 -27.06 -121.38 -81.65
C LEU J 235 -25.56 -121.40 -81.39
N LYS J 236 -24.80 -122.18 -82.15
CA LYS J 236 -23.34 -122.21 -81.98
C LYS J 236 -22.69 -120.91 -82.43
N LYS J 237 -23.37 -120.10 -83.23
CA LYS J 237 -22.85 -118.82 -83.69
C LYS J 237 -23.11 -117.68 -82.71
N MET J 238 -23.47 -118.00 -81.48
CA MET J 238 -23.73 -116.96 -80.50
C MET J 238 -22.42 -116.32 -80.06
N PRO J 239 -22.38 -114.99 -79.89
CA PRO J 239 -21.15 -114.33 -79.47
C PRO J 239 -21.01 -114.27 -77.95
N MET J 240 -20.05 -115.02 -77.41
CA MET J 240 -19.81 -115.07 -75.96
C MET J 240 -18.64 -114.17 -75.57
N LEU J 241 -18.65 -112.93 -76.06
CA LEU J 241 -17.62 -111.93 -75.76
C LEU J 241 -16.24 -112.43 -76.14
N HIS J 242 -15.90 -112.35 -77.43
CA HIS J 242 -14.60 -112.78 -77.89
C HIS J 242 -13.51 -111.81 -77.43
N THR J 243 -12.30 -112.35 -77.23
CA THR J 243 -11.15 -111.57 -76.79
C THR J 243 -9.97 -111.91 -77.70
N GLY J 244 -9.92 -111.26 -78.86
CA GLY J 244 -8.83 -111.46 -79.79
C GLY J 244 -7.72 -110.44 -79.61
N GLY J 245 -7.36 -110.16 -78.37
CA GLY J 245 -6.35 -109.18 -78.06
C GLY J 245 -6.86 -108.08 -77.15
N THR J 246 -8.05 -107.56 -77.45
CA THR J 246 -8.67 -106.52 -76.65
C THR J 246 -10.17 -106.56 -76.89
N GLN J 247 -10.89 -105.63 -76.25
CA GLN J 247 -12.34 -105.54 -76.42
C GLN J 247 -12.65 -105.00 -77.81
N THR J 248 -13.14 -105.86 -78.70
CA THR J 248 -13.46 -105.50 -80.07
C THR J 248 -14.93 -105.77 -80.34
N LEU J 249 -15.63 -104.76 -80.85
CA LEU J 249 -17.04 -104.90 -81.20
C LEU J 249 -17.24 -105.42 -82.61
N THR J 250 -16.20 -105.39 -83.45
CA THR J 250 -16.33 -105.87 -84.83
C THR J 250 -16.63 -107.36 -84.85
N GLU J 251 -15.95 -108.14 -84.01
CA GLU J 251 -16.20 -109.57 -83.95
C GLU J 251 -17.61 -109.87 -83.47
N PHE J 252 -18.09 -109.12 -82.47
CA PHE J 252 -19.44 -109.31 -81.98
C PHE J 252 -20.47 -109.01 -83.07
N GLU J 253 -20.26 -107.89 -83.79
CA GLU J 253 -21.18 -107.53 -84.85
C GLU J 253 -21.17 -108.56 -85.98
N LEU J 254 -19.99 -109.06 -86.33
CA LEU J 254 -19.89 -110.07 -87.38
C LEU J 254 -20.57 -111.37 -86.95
N LYS J 255 -20.40 -111.78 -85.70
CA LYS J 255 -21.06 -112.99 -85.21
C LYS J 255 -22.57 -112.82 -85.21
N TRP J 256 -23.07 -111.66 -84.78
CA TRP J 256 -24.51 -111.41 -84.80
C TRP J 256 -25.06 -111.42 -86.22
N GLN J 257 -24.33 -110.81 -87.16
CA GLN J 257 -24.76 -110.78 -88.54
C GLN J 257 -24.77 -112.19 -89.13
N HIS J 258 -23.76 -113.01 -88.80
CA HIS J 258 -23.72 -114.38 -89.28
C HIS J 258 -24.87 -115.20 -88.71
N TRP J 259 -25.18 -115.00 -87.42
CA TRP J 259 -26.30 -115.70 -86.80
C TRP J 259 -27.61 -115.32 -87.47
N ARG J 260 -27.83 -114.02 -87.71
CA ARG J 260 -29.06 -113.58 -88.37
C ARG J 260 -29.14 -114.12 -89.79
N GLU J 261 -28.02 -114.13 -90.51
CA GLU J 261 -28.02 -114.65 -91.88
C GLU J 261 -28.32 -116.14 -91.90
N GLU J 262 -27.74 -116.89 -90.97
CA GLU J 262 -28.02 -118.33 -90.91
C GLU J 262 -29.48 -118.59 -90.56
N CYS J 263 -30.03 -117.82 -89.63
CA CYS J 263 -31.44 -117.99 -89.27
C CYS J 263 -32.35 -117.68 -90.46
N GLU J 264 -32.06 -116.59 -91.18
CA GLU J 264 -32.87 -116.24 -92.34
C GLU J 264 -32.74 -117.28 -93.45
N ARG J 265 -31.53 -117.82 -93.64
CA ARG J 265 -31.34 -118.85 -94.66
C ARG J 265 -32.10 -120.12 -94.30
N HIS J 266 -32.07 -120.53 -93.02
CA HIS J 266 -32.83 -121.70 -92.61
C HIS J 266 -34.33 -121.48 -92.77
N LEU J 267 -34.81 -120.28 -92.40
CA LEU J 267 -36.24 -119.99 -92.54
C LEU J 267 -36.68 -119.96 -94.01
N GLN J 268 -35.80 -119.48 -94.90
CA GLN J 268 -36.14 -119.45 -96.31
C GLN J 268 -36.03 -120.83 -96.96
N ASN J 269 -35.12 -121.67 -96.48
CA ASN J 269 -34.99 -123.01 -97.04
C ASN J 269 -36.12 -123.91 -96.59
N GLY J 270 -36.49 -123.86 -95.31
CA GLY J 270 -37.58 -124.66 -94.78
C GLY J 270 -37.19 -125.60 -93.66
N THR J 271 -35.90 -125.75 -93.36
CA THR J 271 -35.48 -126.60 -92.24
C THR J 271 -35.90 -126.04 -90.89
N PHE J 272 -36.28 -124.75 -90.85
CA PHE J 272 -36.73 -124.11 -89.62
C PHE J 272 -38.18 -123.63 -89.74
N SER J 273 -38.99 -124.38 -90.48
CA SER J 273 -40.39 -124.03 -90.70
C SER J 273 -41.23 -125.32 -90.66
N SER J 274 -42.50 -125.20 -91.03
CA SER J 274 -43.46 -126.31 -91.05
C SER J 274 -43.66 -126.93 -89.67
N ASN J 275 -43.43 -126.16 -88.60
CA ASN J 275 -43.67 -126.60 -87.24
C ASN J 275 -44.09 -125.39 -86.42
N VAL J 276 -45.22 -125.51 -85.70
CA VAL J 276 -45.78 -124.36 -85.02
C VAL J 276 -44.89 -123.92 -83.86
N HIS J 277 -44.37 -124.88 -83.10
CA HIS J 277 -43.55 -124.55 -81.93
C HIS J 277 -42.28 -123.82 -82.33
N MET J 278 -41.50 -124.41 -83.22
CA MET J 278 -40.27 -123.77 -83.68
C MET J 278 -40.52 -122.50 -84.47
N GLU J 279 -41.64 -122.41 -85.19
CA GLU J 279 -41.98 -121.17 -85.88
C GLU J 279 -42.24 -120.05 -84.87
N ALA J 280 -42.98 -120.34 -83.80
CA ALA J 280 -43.19 -119.33 -82.77
C ALA J 280 -41.88 -118.99 -82.06
N VAL J 281 -41.01 -119.99 -81.86
CA VAL J 281 -39.71 -119.73 -81.24
C VAL J 281 -38.89 -118.77 -82.10
N CYS J 282 -38.88 -119.01 -83.42
CA CYS J 282 -38.13 -118.14 -84.32
C CYS J 282 -38.75 -116.75 -84.39
N ARG J 283 -40.08 -116.67 -84.36
CA ARG J 283 -40.74 -115.37 -84.37
C ARG J 283 -40.43 -114.58 -83.11
N VAL J 284 -40.28 -115.27 -81.98
CA VAL J 284 -39.89 -114.59 -80.74
C VAL J 284 -38.43 -114.16 -80.81
N LEU J 285 -37.56 -115.04 -81.30
CA LEU J 285 -36.13 -114.73 -81.38
C LEU J 285 -35.82 -113.62 -82.38
N LEU J 286 -36.68 -113.42 -83.38
CA LEU J 286 -36.44 -112.38 -84.36
C LEU J 286 -36.46 -110.99 -83.72
N GLY J 287 -37.31 -110.80 -82.71
CA GLY J 287 -37.38 -109.54 -82.01
C GLY J 287 -38.65 -108.76 -82.27
N ASP J 288 -39.73 -109.15 -81.62
CA ASP J 288 -41.03 -108.49 -81.74
C ASP J 288 -41.46 -107.96 -80.38
N GLU J 289 -42.59 -107.27 -80.35
CA GLU J 289 -43.11 -106.67 -79.13
C GLU J 289 -44.45 -107.26 -78.72
N GLU J 290 -45.38 -107.44 -79.65
CA GLU J 290 -46.69 -107.97 -79.29
C GLU J 290 -46.60 -109.43 -78.86
N VAL J 291 -45.71 -110.20 -79.49
CA VAL J 291 -45.54 -111.60 -79.11
C VAL J 291 -45.02 -111.70 -77.68
N LEU J 292 -44.06 -110.85 -77.31
CA LEU J 292 -43.55 -110.87 -75.95
C LEU J 292 -44.58 -110.34 -74.95
N LEU J 293 -45.37 -109.34 -75.35
CA LEU J 293 -46.44 -108.85 -74.48
C LEU J 293 -47.49 -109.94 -74.23
N GLU J 294 -47.75 -110.78 -75.24
CA GLU J 294 -48.66 -111.90 -75.03
C GLU J 294 -48.04 -112.97 -74.15
N LYS J 295 -46.77 -113.32 -74.41
CA LYS J 295 -46.05 -114.32 -73.62
C LYS J 295 -45.33 -113.70 -72.41
N ARG J 296 -45.87 -112.60 -71.88
CA ARG J 296 -45.27 -111.93 -70.71
C ARG J 296 -45.18 -112.84 -69.49
N ASP J 297 -45.82 -114.01 -69.50
CA ASP J 297 -45.71 -114.93 -68.37
C ASP J 297 -44.29 -115.47 -68.21
N LEU J 298 -43.46 -115.39 -69.24
CA LEU J 298 -42.08 -115.86 -69.18
C LEU J 298 -41.15 -114.77 -68.64
N MET J 299 -41.22 -113.57 -69.22
CA MET J 299 -40.38 -112.47 -68.77
C MET J 299 -40.87 -111.95 -67.41
N THR J 300 -40.04 -111.12 -66.79
CA THR J 300 -40.35 -110.59 -65.46
C THR J 300 -41.05 -109.24 -65.57
N THR J 301 -40.28 -108.15 -65.68
CA THR J 301 -40.86 -106.82 -65.71
C THR J 301 -40.23 -105.98 -66.82
N TRP J 302 -40.10 -104.67 -66.58
CA TRP J 302 -39.62 -103.77 -67.62
C TRP J 302 -38.13 -103.98 -67.89
N TYR J 303 -37.34 -104.28 -66.87
CA TYR J 303 -35.93 -104.55 -67.11
C TYR J 303 -35.74 -105.84 -67.88
N HIS J 304 -36.56 -106.86 -67.59
CA HIS J 304 -36.50 -108.09 -68.37
C HIS J 304 -36.91 -107.84 -69.82
N PHE J 305 -37.95 -107.03 -70.03
CA PHE J 305 -38.35 -106.67 -71.39
C PHE J 305 -37.22 -105.94 -72.12
N LEU J 306 -36.55 -105.02 -71.42
CA LEU J 306 -35.47 -104.26 -72.04
C LEU J 306 -34.28 -105.15 -72.41
N VAL J 307 -33.89 -106.05 -71.50
CA VAL J 307 -32.76 -106.93 -71.82
C VAL J 307 -33.14 -107.92 -72.91
N SER J 308 -34.40 -108.36 -72.96
CA SER J 308 -34.83 -109.23 -74.04
C SER J 308 -34.78 -108.51 -75.38
N ARG J 309 -35.21 -107.24 -75.41
CA ARG J 309 -35.12 -106.46 -76.64
C ARG J 309 -33.67 -106.27 -77.06
N LEU J 310 -32.81 -105.91 -76.11
CA LEU J 310 -31.40 -105.69 -76.43
C LEU J 310 -30.68 -106.96 -76.85
N LEU J 311 -31.19 -108.13 -76.43
CA LEU J 311 -30.58 -109.40 -76.83
C LEU J 311 -31.10 -109.90 -78.17
N PHE J 312 -32.39 -109.69 -78.45
CA PHE J 312 -33.00 -110.22 -79.67
C PHE J 312 -33.16 -109.17 -80.76
N LYS J 313 -32.60 -107.98 -80.59
CA LYS J 313 -32.73 -106.97 -81.63
C LYS J 313 -31.39 -106.41 -82.09
N HIS J 314 -30.43 -106.23 -81.17
CA HIS J 314 -29.15 -105.65 -81.50
C HIS J 314 -28.02 -106.47 -80.92
N PRO J 315 -26.85 -106.47 -81.56
CA PRO J 315 -25.69 -107.18 -80.98
C PRO J 315 -25.22 -106.55 -79.69
N THR J 316 -25.04 -105.24 -79.71
CA THR J 316 -24.64 -104.49 -78.52
C THR J 316 -25.11 -103.06 -78.67
N VAL J 317 -25.26 -102.37 -77.54
CA VAL J 317 -25.76 -101.01 -77.51
C VAL J 317 -24.76 -100.12 -76.78
N LYS J 318 -24.85 -98.82 -77.05
CA LYS J 318 -24.01 -97.80 -76.46
C LYS J 318 -24.75 -97.10 -75.32
N PRO J 319 -24.03 -96.52 -74.37
CA PRO J 319 -24.70 -95.78 -73.29
C PRO J 319 -25.51 -94.59 -73.76
N THR J 320 -25.24 -94.08 -74.97
CA THR J 320 -26.02 -92.97 -75.49
C THR J 320 -27.41 -93.40 -75.93
N GLU J 321 -27.58 -94.67 -76.28
CA GLU J 321 -28.87 -95.20 -76.69
C GLU J 321 -29.48 -96.16 -75.68
N LEU J 322 -28.74 -96.52 -74.62
CA LEU J 322 -29.29 -97.43 -73.62
C LEU J 322 -30.48 -96.82 -72.91
N HIS J 323 -30.38 -95.53 -72.55
CA HIS J 323 -31.50 -94.87 -71.88
C HIS J 323 -32.70 -94.76 -72.81
N PHE J 324 -32.48 -94.47 -74.09
CA PHE J 324 -33.58 -94.43 -75.05
C PHE J 324 -34.26 -95.78 -75.17
N TYR J 325 -33.47 -96.86 -75.26
CA TYR J 325 -34.04 -98.19 -75.39
C TYR J 325 -34.81 -98.57 -74.12
N ALA J 326 -34.28 -98.23 -72.94
CA ALA J 326 -34.99 -98.53 -71.70
C ALA J 326 -36.28 -97.74 -71.61
N GLN J 327 -36.27 -96.47 -72.04
CA GLN J 327 -37.48 -95.66 -72.01
C GLN J 327 -38.54 -96.24 -72.95
N SER J 328 -38.13 -96.63 -74.16
CA SER J 328 -39.09 -97.23 -75.10
C SER J 328 -39.63 -98.55 -74.57
N SER J 329 -38.76 -99.34 -73.92
CA SER J 329 -39.19 -100.60 -73.33
C SER J 329 -40.24 -100.37 -72.25
N LEU J 330 -39.96 -99.45 -71.33
CA LEU J 330 -40.94 -99.14 -70.29
C LEU J 330 -42.23 -98.59 -70.89
N ASP J 331 -42.12 -97.78 -71.95
CA ASP J 331 -43.31 -97.21 -72.57
C ASP J 331 -44.21 -98.29 -73.15
N MET J 332 -43.64 -99.18 -73.97
CA MET J 332 -44.50 -100.20 -74.59
C MET J 332 -44.93 -101.24 -73.56
N PHE J 333 -44.16 -101.46 -72.50
CA PHE J 333 -44.59 -102.35 -71.44
C PHE J 333 -45.80 -101.78 -70.69
N LEU J 334 -45.78 -100.47 -70.42
CA LEU J 334 -46.93 -99.83 -69.80
C LEU J 334 -48.13 -99.79 -70.75
N ALA J 335 -47.87 -99.67 -72.06
CA ALA J 335 -48.96 -99.68 -73.03
C ALA J 335 -49.61 -101.06 -73.11
N GLY J 336 -48.81 -102.12 -73.02
CA GLY J 336 -49.34 -103.46 -73.07
C GLY J 336 -49.89 -103.95 -71.74
N ASP J 337 -50.96 -103.30 -71.27
CA ASP J 337 -51.64 -103.67 -70.03
C ASP J 337 -50.70 -103.64 -68.84
N SER J 338 -50.49 -102.47 -68.27
CA SER J 338 -49.65 -102.30 -67.09
C SER J 338 -50.03 -101.01 -66.39
N CYS J 339 -49.31 -100.69 -65.31
CA CYS J 339 -49.55 -99.50 -64.53
C CYS J 339 -48.22 -98.93 -64.05
N PRO J 340 -48.14 -97.61 -63.86
CA PRO J 340 -46.89 -97.02 -63.36
C PRO J 340 -46.57 -97.52 -61.96
N GLU J 341 -45.29 -97.38 -61.59
CA GLU J 341 -44.82 -97.90 -60.31
C GLU J 341 -43.64 -97.06 -59.84
N PRO J 342 -43.56 -96.73 -58.54
CA PRO J 342 -42.44 -95.92 -58.07
C PRO J 342 -41.09 -96.59 -58.23
N LEU J 343 -41.00 -97.90 -57.95
CA LEU J 343 -39.74 -98.61 -58.17
C LEU J 343 -39.39 -98.67 -59.65
N ASP J 344 -40.39 -98.81 -60.52
CA ASP J 344 -40.12 -98.78 -61.96
C ASP J 344 -39.59 -97.42 -62.38
N ASN J 345 -40.15 -96.34 -61.85
CA ASN J 345 -39.64 -95.01 -62.16
C ASN J 345 -38.23 -94.81 -61.63
N ILE J 346 -37.95 -95.36 -60.45
CA ILE J 346 -36.60 -95.26 -59.88
C ILE J 346 -35.60 -96.01 -60.75
N LEU J 347 -35.97 -97.19 -61.23
CA LEU J 347 -35.10 -97.95 -62.12
C LEU J 347 -34.90 -97.23 -63.45
N LEU J 348 -35.97 -96.60 -63.96
CA LEU J 348 -35.84 -95.81 -65.19
C LEU J 348 -34.89 -94.64 -65.00
N ALA J 349 -34.96 -93.97 -63.83
CA ALA J 349 -34.03 -92.89 -63.54
C ALA J 349 -32.59 -93.39 -63.44
N ALA J 350 -32.41 -94.55 -62.78
CA ALA J 350 -31.07 -95.12 -62.67
C ALA J 350 -30.51 -95.48 -64.05
N PHE J 351 -31.37 -95.95 -64.95
CA PHE J 351 -30.93 -96.21 -66.32
C PHE J 351 -30.63 -94.92 -67.06
N GLU J 352 -31.38 -93.85 -66.79
CA GLU J 352 -31.14 -92.54 -67.38
C GLU J 352 -29.98 -91.81 -66.71
N PHE J 353 -29.35 -92.43 -65.70
CA PHE J 353 -28.13 -91.91 -65.08
C PHE J 353 -28.39 -90.66 -64.26
N ASP J 354 -27.40 -89.76 -64.22
CA ASP J 354 -27.40 -88.58 -63.35
C ASP J 354 -27.46 -89.01 -61.89
N ILE J 355 -26.27 -89.23 -61.31
CA ILE J 355 -26.18 -89.78 -59.95
C ILE J 355 -26.81 -88.84 -58.94
N HIS J 356 -26.63 -87.53 -59.13
CA HIS J 356 -27.20 -86.56 -58.20
C HIS J 356 -28.71 -86.69 -58.14
N GLN J 357 -29.38 -86.74 -59.30
CA GLN J 357 -30.82 -86.80 -59.30
C GLN J 357 -31.34 -88.17 -58.87
N VAL J 358 -30.60 -89.25 -59.16
CA VAL J 358 -31.09 -90.56 -58.73
C VAL J 358 -30.96 -90.70 -57.21
N ILE J 359 -29.89 -90.16 -56.61
CA ILE J 359 -29.79 -90.22 -55.16
C ILE J 359 -30.77 -89.25 -54.52
N LYS J 360 -31.10 -88.15 -55.20
CA LYS J 360 -32.16 -87.28 -54.71
C LYS J 360 -33.50 -88.01 -54.67
N GLU J 361 -33.83 -88.72 -55.76
CA GLU J 361 -35.07 -89.50 -55.79
C GLU J 361 -35.05 -90.60 -54.74
N PHE J 362 -33.89 -91.22 -54.52
CA PHE J 362 -33.78 -92.26 -53.49
C PHE J 362 -34.06 -91.68 -52.11
N SER J 363 -33.43 -90.55 -51.78
CA SER J 363 -33.65 -89.93 -50.48
C SER J 363 -35.07 -89.42 -50.33
N ILE J 364 -35.72 -89.05 -51.45
CA ILE J 364 -37.10 -88.58 -51.37
C ILE J 364 -38.05 -89.74 -51.12
N VAL J 365 -37.92 -90.82 -51.88
CA VAL J 365 -38.83 -91.96 -51.77
C VAL J 365 -38.46 -92.80 -50.55
N SER J 366 -37.35 -93.51 -50.62
CA SER J 366 -36.96 -94.42 -49.54
C SER J 366 -36.36 -93.64 -48.38
N SER J 367 -36.73 -94.04 -47.16
CA SER J 367 -36.21 -93.43 -45.95
C SER J 367 -35.02 -94.18 -45.37
N ASN J 368 -34.47 -95.14 -46.10
CA ASN J 368 -33.33 -95.92 -45.64
C ASN J 368 -32.07 -95.08 -45.78
N TRP J 369 -31.56 -94.59 -44.65
CA TRP J 369 -30.36 -93.75 -44.70
C TRP J 369 -29.10 -94.57 -44.95
N TRP J 370 -29.09 -95.83 -44.51
CA TRP J 370 -27.90 -96.66 -44.70
C TRP J 370 -27.66 -96.95 -46.18
N PHE J 371 -28.74 -97.13 -46.96
CA PHE J 371 -28.58 -97.37 -48.39
C PHE J 371 -27.98 -96.16 -49.08
N VAL J 372 -28.46 -94.96 -48.74
CA VAL J 372 -27.91 -93.74 -49.34
C VAL J 372 -26.47 -93.54 -48.91
N ALA J 373 -26.14 -93.89 -47.65
CA ALA J 373 -24.77 -93.78 -47.19
C ALA J 373 -23.85 -94.71 -47.96
N HIS J 374 -24.29 -95.97 -48.17
CA HIS J 374 -23.50 -96.91 -48.95
C HIS J 374 -23.34 -96.44 -50.38
N LEU J 375 -24.39 -95.88 -50.97
CA LEU J 375 -24.31 -95.39 -52.34
C LEU J 375 -23.32 -94.23 -52.45
N THR J 376 -23.37 -93.30 -51.49
CA THR J 376 -22.43 -92.18 -51.50
C THR J 376 -21.00 -92.67 -51.30
N ASP J 377 -20.80 -93.67 -50.44
CA ASP J 377 -19.47 -94.22 -50.23
C ASP J 377 -18.95 -94.88 -51.50
N LEU J 378 -19.82 -95.61 -52.21
CA LEU J 378 -19.40 -96.23 -53.48
C LEU J 378 -19.08 -95.17 -54.52
N LEU J 379 -19.88 -94.10 -54.59
CA LEU J 379 -19.61 -93.02 -55.54
C LEU J 379 -18.31 -92.29 -55.21
N ASP J 380 -17.98 -92.17 -53.93
CA ASP J 380 -16.71 -91.56 -53.55
C ASP J 380 -15.53 -92.49 -53.84
N HIS J 381 -15.72 -93.80 -53.66
CA HIS J 381 -14.68 -94.76 -53.99
C HIS J 381 -14.42 -94.82 -55.48
N CYS J 382 -15.45 -94.65 -56.29
CA CYS J 382 -15.30 -94.67 -57.75
C CYS J 382 -14.60 -93.44 -58.29
N GLN J 383 -14.21 -92.49 -57.43
CA GLN J 383 -13.51 -91.27 -57.84
C GLN J 383 -14.32 -90.47 -58.84
N LEU J 384 -15.49 -90.01 -58.39
CA LEU J 384 -16.40 -89.21 -59.20
C LEU J 384 -16.71 -87.91 -58.48
N PHE J 385 -17.14 -86.92 -59.27
CA PHE J 385 -17.49 -85.60 -58.73
C PHE J 385 -18.81 -85.71 -57.96
N GLN J 386 -18.75 -85.51 -56.64
CA GLN J 386 -19.91 -85.58 -55.79
C GLN J 386 -20.25 -84.21 -55.22
N ALA J 387 -21.48 -84.09 -54.72
CA ALA J 387 -21.94 -82.84 -54.14
C ALA J 387 -21.48 -82.73 -52.70
N HIS J 388 -21.02 -81.53 -52.33
CA HIS J 388 -20.52 -81.27 -50.99
C HIS J 388 -21.59 -80.70 -50.06
N ASN J 389 -22.84 -80.64 -50.52
CA ASN J 389 -23.94 -80.10 -49.73
C ASN J 389 -25.14 -81.03 -49.81
N LEU J 390 -25.93 -81.06 -48.73
CA LEU J 390 -27.14 -81.85 -48.65
C LEU J 390 -28.37 -81.08 -49.13
N TYR J 391 -28.22 -80.25 -50.15
CA TYR J 391 -29.29 -79.41 -50.69
C TYR J 391 -29.85 -78.43 -49.65
N PHE J 392 -29.11 -78.20 -48.56
CA PHE J 392 -29.54 -77.30 -47.50
C PHE J 392 -28.36 -76.95 -46.61
N GLY J 393 -27.50 -77.93 -46.33
CA GLY J 393 -26.35 -77.71 -45.48
C GLY J 393 -25.04 -78.08 -46.15
N ALA J 394 -24.38 -79.11 -45.63
CA ALA J 394 -23.10 -79.54 -46.18
C ALA J 394 -22.85 -80.99 -45.77
N ASN J 395 -22.28 -81.76 -46.70
CA ASN J 395 -21.88 -83.15 -46.48
C ASN J 395 -23.09 -84.04 -46.19
N MET J 396 -23.46 -84.88 -47.17
CA MET J 396 -24.63 -85.74 -47.01
C MET J 396 -24.32 -86.97 -46.15
N ARG J 397 -23.09 -87.47 -46.19
CA ARG J 397 -22.76 -88.66 -45.42
C ARG J 397 -22.83 -88.40 -43.91
N GLU J 398 -22.42 -87.20 -43.48
CA GLU J 398 -22.53 -86.86 -42.06
C GLU J 398 -23.98 -86.81 -41.62
N PHE J 399 -24.85 -86.22 -42.45
CA PHE J 399 -26.27 -86.16 -42.11
C PHE J 399 -26.87 -87.56 -42.07
N LEU J 400 -26.49 -88.42 -43.00
CA LEU J 400 -27.01 -89.80 -43.01
C LEU J 400 -26.53 -90.56 -41.78
N LEU J 401 -25.27 -90.39 -41.39
CA LEU J 401 -24.76 -91.05 -40.19
C LEU J 401 -25.46 -90.54 -38.95
N LEU J 402 -25.73 -89.24 -38.89
CA LEU J 402 -26.45 -88.68 -37.74
C LEU J 402 -27.88 -89.21 -37.68
N ASP J 403 -28.55 -89.33 -38.84
CA ASP J 403 -29.89 -89.88 -38.87
C ASP J 403 -29.91 -91.33 -38.41
N TYR J 404 -28.95 -92.13 -38.87
CA TYR J 404 -28.87 -93.52 -38.43
C TYR J 404 -28.58 -93.61 -36.93
N ALA J 405 -27.71 -92.73 -36.43
CA ALA J 405 -27.40 -92.73 -35.01
C ALA J 405 -28.63 -92.39 -34.17
N SER J 406 -29.43 -91.41 -34.64
CA SER J 406 -30.66 -91.08 -33.94
C SER J 406 -31.65 -92.25 -33.98
N GLY J 407 -31.80 -92.88 -35.15
CA GLY J 407 -32.69 -94.03 -35.25
C GLY J 407 -32.25 -95.20 -34.39
N LEU J 408 -30.94 -95.37 -34.20
CA LEU J 408 -30.44 -96.45 -33.36
C LEU J 408 -30.59 -96.12 -31.88
N PHE J 409 -30.32 -94.87 -31.49
CA PHE J 409 -30.51 -94.46 -30.11
C PHE J 409 -31.97 -94.40 -29.72
N SER J 410 -32.88 -94.33 -30.69
CA SER J 410 -34.30 -94.44 -30.39
C SER J 410 -34.63 -95.78 -29.74
N HIS J 411 -33.84 -96.81 -30.01
CA HIS J 411 -34.01 -98.10 -29.37
C HIS J 411 -33.44 -98.07 -27.96
N HIS J 412 -33.58 -99.20 -27.26
CA HIS J 412 -33.11 -99.33 -25.88
C HIS J 412 -31.92 -100.29 -25.76
N SER J 413 -31.25 -100.59 -26.87
CA SER J 413 -30.11 -101.50 -26.84
C SER J 413 -29.24 -101.24 -28.06
N LEU J 414 -28.01 -101.75 -27.98
CA LEU J 414 -27.03 -101.65 -29.07
C LEU J 414 -26.72 -100.21 -29.44
N TRP J 415 -25.68 -99.64 -28.83
CA TRP J 415 -25.27 -98.27 -29.13
C TRP J 415 -23.75 -98.21 -29.31
N GLN J 416 -23.18 -99.24 -29.93
CA GLN J 416 -21.74 -99.28 -30.16
C GLN J 416 -21.33 -98.73 -31.51
N LEU J 417 -22.15 -98.93 -32.55
CA LEU J 417 -21.82 -98.40 -33.87
C LEU J 417 -21.93 -96.88 -33.90
N GLY J 418 -22.80 -96.31 -33.07
CA GLY J 418 -22.92 -94.86 -33.03
C GLY J 418 -21.65 -94.16 -32.59
N VAL J 419 -20.86 -94.81 -31.73
CA VAL J 419 -19.61 -94.22 -31.28
C VAL J 419 -18.67 -94.00 -32.46
N ASP J 420 -18.44 -95.04 -33.26
CA ASP J 420 -17.55 -94.91 -34.40
C ASP J 420 -18.17 -94.02 -35.49
N TYR J 421 -19.49 -94.05 -35.63
CA TYR J 421 -20.12 -93.20 -36.64
C TYR J 421 -20.05 -91.73 -36.26
N PHE J 422 -19.98 -91.43 -34.96
CA PHE J 422 -19.75 -90.05 -34.53
C PHE J 422 -18.28 -89.67 -34.59
N ASP J 423 -17.39 -90.63 -34.34
CA ASP J 423 -15.95 -90.35 -34.48
C ASP J 423 -15.58 -90.10 -35.93
N TYR J 424 -16.28 -90.73 -36.87
CA TYR J 424 -16.03 -90.48 -38.28
C TYR J 424 -16.38 -89.06 -38.70
N CYS J 425 -17.25 -88.38 -37.94
CA CYS J 425 -17.64 -87.02 -38.26
C CYS J 425 -16.88 -86.06 -37.36
N PRO J 426 -15.90 -85.31 -37.87
CA PRO J 426 -15.14 -84.39 -37.01
C PRO J 426 -15.79 -83.02 -36.89
N ASN J 427 -17.12 -82.98 -36.83
CA ASN J 427 -17.84 -81.72 -36.71
C ASN J 427 -18.96 -81.81 -35.68
N LEU J 428 -20.18 -82.08 -36.13
CA LEU J 428 -21.32 -82.16 -35.21
C LEU J 428 -21.35 -83.45 -34.42
N GLY J 429 -20.52 -84.44 -34.80
CA GLY J 429 -20.55 -85.71 -34.11
C GLY J 429 -20.12 -85.61 -32.65
N ARG J 430 -19.15 -84.75 -32.37
CA ARG J 430 -18.67 -84.59 -30.99
C ARG J 430 -19.79 -84.10 -30.08
N GLU J 431 -20.41 -82.98 -30.44
CA GLU J 431 -21.49 -82.44 -29.61
C GLU J 431 -22.70 -83.35 -29.61
N TYR J 432 -22.98 -84.04 -30.72
CA TYR J 432 -24.10 -84.98 -30.76
C TYR J 432 -23.89 -86.12 -29.75
N LEU J 433 -22.68 -86.69 -29.74
CA LEU J 433 -22.39 -87.76 -28.78
C LEU J 433 -22.41 -87.22 -27.35
N LYS J 434 -21.87 -86.02 -27.13
CA LYS J 434 -21.85 -85.44 -25.79
C LYS J 434 -23.26 -85.19 -25.28
N LEU J 435 -24.19 -84.84 -26.18
CA LEU J 435 -25.57 -84.62 -25.77
C LEU J 435 -26.34 -85.92 -25.60
N HIS J 436 -26.03 -86.94 -26.41
CA HIS J 436 -26.77 -88.20 -26.33
C HIS J 436 -26.33 -89.05 -25.15
N MET J 437 -25.02 -89.13 -24.89
CA MET J 437 -24.54 -89.95 -23.79
C MET J 437 -24.87 -89.33 -22.43
N GLU J 438 -25.13 -88.03 -22.39
CA GLU J 438 -25.59 -87.38 -21.17
C GLU J 438 -27.10 -87.40 -21.02
N ARG J 439 -27.83 -87.60 -22.13
CA ARG J 439 -29.28 -87.70 -22.05
C ARG J 439 -29.75 -89.12 -21.77
N ILE J 440 -29.01 -90.13 -22.23
CA ILE J 440 -29.36 -91.51 -21.95
C ILE J 440 -29.15 -91.77 -20.46
N PRO J 441 -29.91 -92.67 -19.84
CA PRO J 441 -29.74 -92.92 -18.40
C PRO J 441 -28.42 -93.61 -18.11
N LEU J 442 -27.88 -93.31 -16.92
CA LEU J 442 -26.64 -93.89 -16.43
C LEU J 442 -26.83 -94.43 -15.02
N SER J 443 -27.92 -95.18 -14.81
CA SER J 443 -28.26 -95.73 -13.51
C SER J 443 -27.76 -97.15 -13.33
N THR J 444 -28.07 -98.05 -14.25
CA THR J 444 -27.64 -99.44 -14.12
C THR J 444 -26.14 -99.56 -14.36
N GLU J 445 -25.53 -100.52 -13.64
CA GLU J 445 -24.08 -100.68 -13.70
C GLU J 445 -23.63 -101.09 -15.10
N LYS J 446 -24.44 -101.88 -15.80
CA LYS J 446 -24.07 -102.34 -17.13
C LYS J 446 -23.89 -101.17 -18.09
N LYS J 447 -24.94 -100.37 -18.28
CA LYS J 447 -24.84 -99.23 -19.19
C LYS J 447 -23.91 -98.16 -18.65
N ALA J 448 -23.76 -98.07 -17.32
CA ALA J 448 -22.80 -97.13 -16.75
C ALA J 448 -21.38 -97.47 -17.18
N LEU J 449 -20.99 -98.74 -17.02
CA LEU J 449 -19.66 -99.17 -17.46
C LEU J 449 -19.53 -99.10 -18.97
N LYS J 450 -20.61 -99.35 -19.71
CA LYS J 450 -20.56 -99.22 -21.16
C LYS J 450 -20.22 -97.79 -21.58
N ALA J 451 -20.95 -96.82 -21.02
CA ALA J 451 -20.68 -95.42 -21.34
C ALA J 451 -19.30 -94.99 -20.83
N LEU J 452 -18.86 -95.54 -19.69
CA LEU J 452 -17.52 -95.22 -19.19
C LEU J 452 -16.45 -95.69 -20.16
N ARG J 453 -16.57 -96.93 -20.64
CA ARG J 453 -15.60 -97.43 -21.61
C ARG J 453 -15.68 -96.66 -22.92
N ILE J 454 -16.88 -96.26 -23.34
CA ILE J 454 -17.04 -95.50 -24.58
C ILE J 454 -16.32 -94.17 -24.47
N CYS J 455 -16.55 -93.43 -23.37
CA CYS J 455 -15.91 -92.13 -23.22
C CYS J 455 -14.42 -92.26 -22.97
N GLU J 456 -13.98 -93.38 -22.37
CA GLU J 456 -12.55 -93.60 -22.18
C GLU J 456 -11.86 -93.87 -23.51
N GLN J 457 -12.50 -94.65 -24.38
CA GLN J 457 -11.95 -94.85 -25.72
C GLN J 457 -11.98 -93.58 -26.54
N ARG J 458 -13.01 -92.73 -26.33
CA ARG J 458 -13.06 -91.45 -27.00
C ARG J 458 -12.07 -90.44 -26.40
N GLN J 459 -11.55 -90.72 -25.22
CA GLN J 459 -10.57 -89.88 -24.54
C GLN J 459 -11.16 -88.49 -24.24
N MET J 460 -12.07 -88.49 -23.27
CA MET J 460 -12.74 -87.29 -22.80
C MET J 460 -12.53 -87.15 -21.30
N THR J 461 -13.03 -86.05 -20.76
CA THR J 461 -12.94 -85.78 -19.32
C THR J 461 -14.25 -85.30 -18.73
N GLU J 462 -14.98 -84.42 -19.42
CA GLU J 462 -16.25 -83.92 -18.88
C GLU J 462 -17.27 -85.05 -18.76
N GLN J 463 -17.37 -85.90 -19.78
CA GLN J 463 -18.30 -87.03 -19.72
C GLN J 463 -17.91 -88.00 -18.62
N VAL J 464 -16.60 -88.25 -18.46
CA VAL J 464 -16.13 -89.14 -17.40
C VAL J 464 -16.52 -88.58 -16.04
N ARG J 465 -16.29 -87.29 -15.83
CA ARG J 465 -16.63 -86.66 -14.56
C ARG J 465 -18.14 -86.70 -14.31
N SER J 466 -18.94 -86.49 -15.37
CA SER J 466 -20.39 -86.52 -15.21
C SER J 466 -20.87 -87.92 -14.84
N ILE J 467 -20.35 -88.94 -15.51
CA ILE J 467 -20.74 -90.31 -15.18
C ILE J 467 -20.30 -90.67 -13.76
N CYS J 468 -19.11 -90.23 -13.37
CA CYS J 468 -18.62 -90.52 -12.03
C CYS J 468 -19.49 -89.83 -10.98
N LYS J 469 -19.89 -88.57 -11.22
CA LYS J 469 -20.75 -87.88 -10.27
C LYS J 469 -22.13 -88.54 -10.20
N THR J 470 -22.65 -88.99 -11.34
CA THR J 470 -23.95 -89.66 -11.34
C THR J 470 -23.91 -90.95 -10.54
N MET J 471 -22.90 -91.79 -10.80
CA MET J 471 -22.80 -93.04 -10.04
C MET J 471 -22.47 -92.77 -8.58
N ALA J 472 -21.78 -91.68 -8.28
CA ALA J 472 -21.50 -91.34 -6.88
C ALA J 472 -22.76 -90.94 -6.15
N MET J 473 -23.61 -90.12 -6.77
CA MET J 473 -24.87 -89.76 -6.13
C MET J 473 -25.81 -90.97 -6.04
N GLN J 474 -25.72 -91.90 -7.00
CA GLN J 474 -26.49 -93.14 -6.90
C GLN J 474 -26.03 -93.97 -5.71
N SER J 475 -24.72 -94.10 -5.54
CA SER J 475 -24.19 -94.84 -4.38
C SER J 475 -24.53 -94.14 -3.07
N LEU J 476 -24.55 -92.81 -3.07
CA LEU J 476 -24.92 -92.08 -1.86
C LEU J 476 -26.40 -92.28 -1.52
N CYS J 477 -27.26 -92.32 -2.53
CA CYS J 477 -28.67 -92.60 -2.29
C CYS J 477 -28.88 -94.04 -1.82
N ASN J 478 -28.06 -94.96 -2.33
CA ASN J 478 -28.13 -96.36 -1.93
C ASN J 478 -27.28 -96.68 -0.70
N ARG J 479 -26.68 -95.66 -0.08
CA ARG J 479 -25.87 -95.80 1.13
C ARG J 479 -24.64 -96.67 0.88
N ARG J 480 -23.74 -96.13 0.05
CA ARG J 480 -22.47 -96.76 -0.29
C ARG J 480 -21.37 -95.70 -0.14
N LEU J 481 -20.89 -95.53 1.09
CA LEU J 481 -19.92 -94.48 1.37
C LEU J 481 -18.59 -94.75 0.67
N GLY J 482 -18.11 -95.99 0.71
CA GLY J 482 -16.85 -96.30 0.05
C GLY J 482 -16.92 -96.14 -1.45
N SER J 483 -18.01 -96.61 -2.07
CA SER J 483 -18.19 -96.44 -3.50
C SER J 483 -18.28 -94.96 -3.86
N ALA J 484 -19.00 -94.18 -3.05
CA ALA J 484 -19.11 -92.75 -3.31
C ALA J 484 -17.75 -92.06 -3.22
N LEU J 485 -16.94 -92.45 -2.23
CA LEU J 485 -15.61 -91.87 -2.10
C LEU J 485 -14.72 -92.25 -3.28
N SER J 486 -14.81 -93.51 -3.73
CA SER J 486 -14.04 -93.93 -4.89
C SER J 486 -14.44 -93.15 -6.13
N TRP J 487 -15.74 -92.99 -6.35
CA TRP J 487 -16.21 -92.22 -7.51
C TRP J 487 -15.78 -90.76 -7.41
N SER J 488 -15.79 -90.20 -6.20
CA SER J 488 -15.40 -88.80 -6.03
C SER J 488 -13.91 -88.61 -6.33
N ILE J 489 -13.06 -89.50 -5.80
CA ILE J 489 -11.64 -89.38 -6.07
C ILE J 489 -11.31 -89.73 -7.52
N ARG J 490 -12.19 -90.48 -8.20
CA ARG J 490 -12.00 -90.70 -9.63
C ARG J 490 -12.36 -89.44 -10.42
N ALA J 491 -13.47 -88.79 -10.07
CA ALA J 491 -13.89 -87.58 -10.75
C ALA J 491 -13.10 -86.34 -10.32
N LYS J 492 -12.23 -86.47 -9.32
CA LYS J 492 -11.44 -85.36 -8.80
C LYS J 492 -12.31 -84.26 -8.23
N ASP J 493 -13.50 -84.63 -7.75
CA ASP J 493 -14.43 -83.70 -7.13
C ASP J 493 -14.30 -83.77 -5.61
N ALA J 494 -14.70 -82.70 -4.94
CA ALA J 494 -14.58 -82.61 -3.49
C ALA J 494 -15.92 -82.50 -2.77
N ALA J 495 -17.03 -82.31 -3.49
CA ALA J 495 -18.32 -82.18 -2.85
C ALA J 495 -18.70 -83.46 -2.10
N PHE J 496 -18.73 -84.59 -2.81
CA PHE J 496 -19.04 -85.86 -2.16
C PHE J 496 -17.99 -86.25 -1.13
N ALA J 497 -16.73 -85.86 -1.37
CA ALA J 497 -15.67 -86.13 -0.40
C ALA J 497 -15.94 -85.42 0.91
N THR J 498 -16.28 -84.14 0.85
CA THR J 498 -16.61 -83.39 2.06
C THR J 498 -17.91 -83.89 2.69
N LEU J 499 -18.86 -84.36 1.87
CA LEU J 499 -20.08 -84.95 2.42
C LEU J 499 -19.76 -86.18 3.25
N ILE J 500 -18.94 -87.08 2.72
CA ILE J 500 -18.53 -88.27 3.46
C ILE J 500 -17.68 -87.90 4.67
N SER J 501 -16.89 -86.83 4.56
CA SER J 501 -16.10 -86.37 5.70
C SER J 501 -17.01 -85.90 6.83
N ASP J 502 -18.04 -85.12 6.51
CA ASP J 502 -18.99 -84.68 7.52
C ASP J 502 -19.78 -85.85 8.08
N ARG J 503 -20.08 -86.85 7.25
CA ARG J 503 -20.74 -88.06 7.75
C ARG J 503 -19.85 -88.76 8.78
N PHE J 504 -18.55 -88.88 8.49
CA PHE J 504 -17.64 -89.47 9.46
C PHE J 504 -17.54 -88.62 10.72
N LEU J 505 -17.57 -87.30 10.56
CA LEU J 505 -17.51 -86.42 11.72
C LEU J 505 -18.71 -86.64 12.64
N LYS J 506 -19.92 -86.67 12.07
CA LYS J 506 -21.10 -86.87 12.89
C LYS J 506 -21.17 -88.29 13.45
N GLU J 507 -20.65 -89.27 12.72
CA GLU J 507 -20.59 -90.63 13.25
C GLU J 507 -19.65 -90.71 14.45
N TYR J 508 -18.50 -90.03 14.38
CA TYR J 508 -17.59 -90.00 15.52
C TYR J 508 -18.17 -89.23 16.69
N CYS J 509 -18.92 -88.16 16.40
CA CYS J 509 -19.57 -87.41 17.48
C CYS J 509 -20.68 -88.22 18.13
N GLU J 510 -21.34 -89.10 17.38
CA GLU J 510 -22.40 -89.91 17.93
C GLU J 510 -21.84 -91.09 18.73
N ARG J 511 -21.06 -91.96 18.07
CA ARG J 511 -20.55 -93.16 18.70
C ARG J 511 -19.03 -93.21 18.81
N GLY J 512 -18.30 -92.59 17.89
CA GLY J 512 -16.86 -92.62 17.92
C GLY J 512 -16.26 -93.69 17.02
N ASN J 513 -16.39 -93.50 15.71
CA ASN J 513 -15.87 -94.45 14.73
C ASN J 513 -14.59 -93.87 14.13
N PHE J 514 -13.47 -94.56 14.36
CA PHE J 514 -12.19 -94.11 13.84
C PHE J 514 -11.34 -95.22 13.23
N THR J 515 -11.74 -96.48 13.34
CA THR J 515 -10.96 -97.57 12.77
C THR J 515 -11.07 -97.59 11.25
N ASP J 516 -10.26 -96.75 10.58
CA ASP J 516 -10.26 -96.66 9.12
C ASP J 516 -8.82 -96.84 8.64
N LEU J 517 -8.46 -98.08 8.35
CA LEU J 517 -7.14 -98.42 7.84
C LEU J 517 -7.06 -98.38 6.31
N ASP J 518 -8.09 -97.83 5.65
CA ASP J 518 -8.04 -97.73 4.20
C ASP J 518 -6.95 -96.77 3.74
N LEU J 519 -6.71 -95.70 4.50
CA LEU J 519 -5.64 -94.76 4.14
C LEU J 519 -4.28 -95.40 4.32
N ILE J 520 -4.11 -96.23 5.35
CA ILE J 520 -2.85 -96.93 5.54
C ILE J 520 -2.65 -98.03 4.51
N ASP J 521 -3.74 -98.62 4.01
CA ASP J 521 -3.63 -99.62 2.96
C ASP J 521 -3.28 -98.99 1.62
N ASN J 522 -3.95 -97.89 1.27
CA ASN J 522 -3.70 -97.22 0.00
C ASN J 522 -3.91 -95.72 0.17
N LEU J 523 -3.17 -94.94 -0.60
CA LEU J 523 -3.26 -93.49 -0.55
C LEU J 523 -3.47 -92.89 -1.93
N GLY J 524 -3.40 -91.57 -2.03
CA GLY J 524 -3.58 -90.88 -3.29
C GLY J 524 -3.78 -89.39 -3.12
N SER J 525 -4.86 -88.86 -3.68
CA SER J 525 -5.19 -87.44 -3.58
C SER J 525 -6.38 -87.17 -2.67
N ALA J 526 -6.99 -88.22 -2.10
CA ALA J 526 -8.13 -88.01 -1.21
C ALA J 526 -7.71 -87.29 0.06
N MET J 527 -6.52 -87.60 0.57
CA MET J 527 -6.03 -86.92 1.78
C MET J 527 -5.79 -85.44 1.54
N LEU J 528 -5.51 -85.02 0.30
CA LEU J 528 -5.40 -83.61 -0.03
C LEU J 528 -6.74 -82.98 -0.35
N LEU J 529 -7.68 -83.76 -0.90
CA LEU J 529 -8.99 -83.21 -1.22
C LEU J 529 -9.82 -82.98 0.03
N SER J 530 -9.70 -83.87 1.02
CA SER J 530 -10.48 -83.79 2.24
C SER J 530 -9.56 -83.61 3.45
N ASP J 531 -10.14 -83.71 4.63
CA ASP J 531 -9.40 -83.57 5.88
C ASP J 531 -9.72 -84.65 6.92
N ARG J 532 -10.83 -85.38 6.78
CA ARG J 532 -11.14 -86.44 7.74
C ARG J 532 -10.22 -87.63 7.57
N LEU J 533 -9.98 -88.05 6.32
CA LEU J 533 -9.07 -89.16 6.08
C LEU J 533 -7.65 -88.81 6.50
N THR J 534 -7.23 -87.57 6.22
CA THR J 534 -5.92 -87.13 6.67
C THR J 534 -5.82 -87.13 8.20
N PHE J 535 -6.88 -86.70 8.87
CA PHE J 535 -6.88 -86.71 10.34
C PHE J 535 -6.80 -88.14 10.87
N LEU J 536 -7.55 -89.07 10.26
CA LEU J 536 -7.50 -90.45 10.70
C LEU J 536 -6.13 -91.06 10.48
N GLY J 537 -5.51 -90.77 9.33
CA GLY J 537 -4.16 -91.26 9.08
C GLY J 537 -3.14 -90.71 10.05
N LYS J 538 -3.25 -89.40 10.35
CA LYS J 538 -2.34 -88.79 11.32
C LYS J 538 -2.54 -89.37 12.71
N TYR J 539 -3.80 -89.65 13.08
CA TYR J 539 -4.06 -90.25 14.38
C TYR J 539 -3.50 -91.66 14.48
N ARG J 540 -3.66 -92.45 13.40
CA ARG J 540 -3.10 -93.81 13.41
C ARG J 540 -1.58 -93.78 13.46
N GLU J 541 -0.96 -92.85 12.72
CA GLU J 541 0.49 -92.72 12.76
C GLU J 541 0.97 -92.30 14.15
N PHE J 542 0.24 -91.37 14.78
CA PHE J 542 0.58 -90.95 16.13
C PHE J 542 0.47 -92.11 17.12
N HIS J 543 -0.59 -92.91 16.99
CA HIS J 543 -0.75 -94.05 17.88
C HIS J 543 0.37 -95.07 17.69
N ARG J 544 0.71 -95.37 16.44
CA ARG J 544 1.78 -96.33 16.18
C ARG J 544 3.12 -95.81 16.68
N MET J 545 3.39 -94.52 16.50
CA MET J 545 4.66 -93.96 16.95
C MET J 545 4.73 -93.89 18.47
N TYR J 546 3.60 -93.63 19.13
CA TYR J 546 3.59 -93.65 20.59
C TYR J 546 3.74 -95.07 21.12
N SER J 547 3.24 -96.06 20.39
CA SER J 547 3.46 -97.45 20.78
C SER J 547 4.91 -97.86 20.61
N GLN J 548 5.55 -97.37 19.54
CA GLN J 548 6.96 -97.67 19.30
C GLN J 548 7.90 -96.76 20.06
N GLU J 549 7.37 -95.78 20.80
CA GLU J 549 8.14 -94.89 21.68
C GLU J 549 9.09 -94.00 20.91
N GLN J 550 8.71 -92.73 20.71
CA GLN J 550 9.57 -91.75 20.05
C GLN J 550 9.02 -90.36 20.38
N PHE J 551 9.51 -89.78 21.48
CA PHE J 551 8.99 -88.49 21.93
C PHE J 551 9.40 -87.36 20.99
N SER J 552 10.57 -87.45 20.38
CA SER J 552 10.98 -86.43 19.41
C SER J 552 10.05 -86.42 18.20
N GLU J 553 9.77 -87.59 17.65
CA GLU J 553 8.82 -87.68 16.55
C GLU J 553 7.41 -87.28 16.99
N ALA J 554 7.05 -87.56 18.24
CA ALA J 554 5.76 -87.12 18.76
C ALA J 554 5.65 -85.61 18.76
N ALA J 555 6.68 -84.93 19.27
CA ALA J 555 6.68 -83.47 19.28
C ALA J 555 6.68 -82.90 17.87
N SER J 556 7.43 -83.54 16.96
CA SER J 556 7.46 -83.07 15.58
C SER J 556 6.09 -83.20 14.92
N LEU J 557 5.43 -84.33 15.10
CA LEU J 557 4.11 -84.53 14.53
C LEU J 557 3.09 -83.58 15.16
N LEU J 558 3.21 -83.32 16.46
CA LEU J 558 2.32 -82.38 17.12
C LEU J 558 2.48 -80.98 16.56
N LEU J 559 3.73 -80.54 16.38
CA LEU J 559 3.98 -79.22 15.78
C LEU J 559 3.46 -79.16 14.35
N SER J 560 3.65 -80.23 13.58
CA SER J 560 3.16 -80.26 12.21
C SER J 560 1.63 -80.17 12.17
N LEU J 561 0.94 -80.90 13.06
CA LEU J 561 -0.51 -80.84 13.09
C LEU J 561 -1.00 -79.46 13.54
N MET J 562 -0.33 -78.86 14.52
CA MET J 562 -0.72 -77.54 14.98
C MET J 562 -0.50 -76.48 13.91
N THR J 563 0.52 -76.66 13.07
CA THR J 563 0.76 -75.71 11.98
C THR J 563 -0.16 -75.96 10.78
N ALA J 564 -0.63 -77.20 10.61
CA ALA J 564 -1.49 -77.51 9.49
C ALA J 564 -2.95 -77.19 9.77
N ARG J 565 -3.39 -77.34 11.03
CA ARG J 565 -4.76 -77.06 11.43
C ARG J 565 -5.76 -77.91 10.65
N ILE J 566 -5.99 -79.14 11.12
CA ILE J 566 -6.90 -80.07 10.46
C ILE J 566 -8.08 -80.34 11.37
N ALA J 567 -9.24 -80.58 10.76
CA ALA J 567 -10.51 -80.94 11.43
C ALA J 567 -11.07 -79.77 12.21
N PRO J 568 -12.40 -79.74 12.45
CA PRO J 568 -12.99 -78.62 13.19
C PRO J 568 -12.66 -78.63 14.68
N CYS J 569 -13.49 -77.96 15.48
CA CYS J 569 -13.20 -77.80 16.91
C CYS J 569 -13.38 -79.08 17.71
N SER J 570 -14.37 -79.91 17.33
CA SER J 570 -14.62 -81.14 18.07
C SER J 570 -13.42 -82.06 18.07
N PHE J 571 -12.59 -82.00 17.03
CA PHE J 571 -11.35 -82.76 16.98
C PHE J 571 -10.12 -81.93 17.31
N TRP J 572 -10.20 -80.60 17.16
CA TRP J 572 -9.14 -79.74 17.66
C TRP J 572 -8.98 -79.87 19.16
N LEU J 573 -10.08 -80.07 19.88
CA LEU J 573 -10.01 -80.30 21.32
C LEU J 573 -9.18 -81.55 21.63
N THR J 574 -9.44 -82.64 20.91
CA THR J 574 -8.70 -83.87 21.14
C THR J 574 -7.23 -83.71 20.71
N LEU J 575 -6.99 -82.98 19.63
CA LEU J 575 -5.62 -82.75 19.18
C LEU J 575 -4.84 -81.95 20.20
N LEU J 576 -5.48 -80.97 20.85
CA LEU J 576 -4.81 -80.20 21.90
C LEU J 576 -4.64 -81.02 23.17
N LEU J 577 -5.59 -81.91 23.45
CA LEU J 577 -5.47 -82.77 24.63
C LEU J 577 -4.35 -83.79 24.47
N ASP J 578 -4.15 -84.29 23.25
CA ASP J 578 -3.10 -85.28 22.98
C ASP J 578 -1.73 -84.63 23.18
N ALA J 579 -1.33 -84.52 24.44
CA ALA J 579 -0.05 -83.92 24.79
C ALA J 579 0.41 -84.41 26.16
N LEU J 580 -0.56 -84.75 27.02
CA LEU J 580 -0.21 -85.23 28.36
C LEU J 580 0.62 -86.51 28.35
N PRO J 581 0.30 -87.55 27.55
CA PRO J 581 1.18 -88.73 27.53
C PRO J 581 2.60 -88.41 27.11
N LEU J 582 2.81 -87.33 26.36
CA LEU J 582 4.16 -86.90 25.99
C LEU J 582 4.74 -85.88 26.96
N LEU J 583 4.01 -85.55 28.02
CA LEU J 583 4.46 -84.57 29.01
C LEU J 583 4.69 -85.14 30.40
N GLU J 584 3.95 -86.18 30.80
CA GLU J 584 4.14 -86.75 32.12
C GLU J 584 5.45 -87.52 32.24
N GLN J 585 6.08 -87.87 31.12
CA GLN J 585 7.32 -88.62 31.16
C GLN J 585 8.48 -87.74 31.60
N LYS J 586 9.51 -88.39 32.15
CA LYS J 586 10.70 -87.70 32.63
C LYS J 586 11.99 -88.17 31.99
N GLN J 587 12.01 -89.34 31.36
CA GLN J 587 13.21 -89.84 30.72
C GLN J 587 13.41 -89.18 29.35
N VAL J 588 14.43 -89.66 28.63
CA VAL J 588 14.79 -89.21 27.28
C VAL J 588 15.32 -87.78 27.33
N ILE J 589 16.40 -87.53 26.59
CA ILE J 589 17.03 -86.21 26.58
C ILE J 589 16.07 -85.19 25.98
N PHE J 590 15.85 -84.09 26.69
CA PHE J 590 14.99 -83.01 26.24
C PHE J 590 15.78 -81.70 26.24
N SER J 591 15.60 -80.92 25.17
CA SER J 591 16.30 -79.65 25.02
C SER J 591 15.48 -78.52 25.60
N ALA J 592 16.16 -77.57 26.24
CA ALA J 592 15.47 -76.44 26.87
C ALA J 592 14.78 -75.56 25.83
N GLU J 593 15.50 -75.20 24.77
CA GLU J 593 14.91 -74.37 23.73
C GLU J 593 13.79 -75.11 23.00
N GLN J 594 13.94 -76.42 22.81
CA GLN J 594 12.88 -77.20 22.17
C GLN J 594 11.63 -77.22 23.04
N THR J 595 11.78 -77.43 24.35
CA THR J 595 10.63 -77.41 25.24
C THR J 595 10.00 -76.03 25.29
N TYR J 596 10.82 -74.97 25.25
CA TYR J 596 10.29 -73.61 25.26
C TYR J 596 9.45 -73.34 24.02
N GLU J 597 9.99 -73.67 22.84
CA GLU J 597 9.22 -73.44 21.61
C GLU J 597 7.99 -74.34 21.55
N LEU J 598 8.07 -75.55 22.09
CA LEU J 598 6.91 -76.43 22.10
C LEU J 598 5.79 -75.87 22.97
N MET J 599 6.14 -75.42 24.19
CA MET J 599 5.12 -74.85 25.06
C MET J 599 4.59 -73.54 24.50
N ARG J 600 5.43 -72.74 23.84
CA ARG J 600 4.96 -71.52 23.20
C ARG J 600 3.96 -71.83 22.09
N CYS J 601 4.28 -72.81 21.25
CA CYS J 601 3.36 -73.20 20.18
C CYS J 601 2.06 -73.76 20.74
N LEU J 602 2.15 -74.54 21.82
CA LEU J 602 0.94 -75.09 22.43
C LEU J 602 0.05 -73.99 23.00
N GLU J 603 0.65 -73.00 23.68
CA GLU J 603 -0.13 -71.90 24.23
C GLU J 603 -0.73 -71.04 23.12
N ASP J 604 0.02 -70.79 22.04
CA ASP J 604 -0.54 -70.05 20.92
C ASP J 604 -1.69 -70.80 20.26
N ARG J 605 -1.55 -72.12 20.15
CA ARG J 605 -2.63 -72.92 19.55
C ARG J 605 -3.86 -72.92 20.43
N MET J 606 -3.69 -73.03 21.75
CA MET J 606 -4.86 -72.99 22.63
C MET J 606 -5.51 -71.62 22.65
N ALA J 607 -4.71 -70.55 22.52
CA ALA J 607 -5.29 -69.21 22.44
C ALA J 607 -6.07 -69.04 21.14
N ALA J 608 -5.52 -69.52 20.02
CA ALA J 608 -6.24 -69.45 18.75
C ALA J 608 -7.52 -70.27 18.80
N LYS J 609 -7.47 -71.43 19.47
CA LYS J 609 -8.67 -72.25 19.61
C LYS J 609 -9.74 -71.53 20.44
N LEU J 610 -9.33 -70.92 21.56
CA LEU J 610 -10.28 -70.18 22.37
C LEU J 610 -10.86 -68.98 21.62
N GLU J 611 -10.05 -68.33 20.79
CA GLU J 611 -10.56 -67.19 20.03
C GLU J 611 -11.47 -67.62 18.88
N SER J 612 -11.22 -68.79 18.30
CA SER J 612 -12.03 -69.28 17.19
C SER J 612 -13.32 -69.94 17.65
N THR J 613 -13.35 -70.47 18.87
CA THR J 613 -14.59 -71.06 19.38
C THR J 613 -15.69 -70.01 19.52
N SER J 614 -15.39 -68.94 20.27
CA SER J 614 -16.34 -67.85 20.45
C SER J 614 -15.57 -66.65 20.97
N PRO J 615 -16.02 -65.43 20.68
CA PRO J 615 -15.31 -64.23 21.14
C PRO J 615 -15.27 -64.12 22.66
N ASP J 616 -14.15 -64.52 23.26
CA ASP J 616 -13.90 -64.39 24.69
C ASP J 616 -14.85 -65.26 25.53
N GLU J 617 -15.27 -66.40 24.98
CA GLU J 617 -16.02 -67.39 25.74
C GLU J 617 -15.93 -68.73 25.03
N ILE J 618 -16.45 -69.76 25.70
CA ILE J 618 -16.44 -71.12 25.17
C ILE J 618 -17.88 -71.61 25.05
N GLN J 619 -18.05 -72.67 24.26
CA GLN J 619 -19.38 -73.24 24.04
C GLN J 619 -19.42 -74.71 24.44
N LYS J 620 -20.22 -75.50 23.71
CA LYS J 620 -20.36 -76.93 23.96
C LYS J 620 -20.83 -77.20 25.39
N GLN J 621 -20.66 -78.44 25.85
CA GLN J 621 -21.07 -78.84 27.19
C GLN J 621 -19.89 -79.19 28.09
N ASP J 622 -18.71 -79.39 27.53
CA ASP J 622 -17.51 -79.73 28.30
C ASP J 622 -16.78 -78.44 28.65
N SER J 623 -17.14 -77.88 29.80
CA SER J 623 -16.55 -76.63 30.29
C SER J 623 -15.66 -76.86 31.49
N SER J 624 -16.20 -77.36 32.61
CA SER J 624 -15.39 -77.61 33.78
C SER J 624 -14.39 -78.73 33.54
N ILE J 625 -14.80 -79.77 32.81
CA ILE J 625 -13.87 -80.85 32.48
C ILE J 625 -12.75 -80.34 31.59
N ASP J 626 -13.08 -79.48 30.62
CA ASP J 626 -12.06 -78.91 29.76
C ASP J 626 -11.10 -78.02 30.55
N ASN J 627 -11.63 -77.24 31.50
CA ASN J 627 -10.76 -76.40 32.32
C ASN J 627 -9.84 -77.25 33.19
N THR J 628 -10.36 -78.33 33.77
CA THR J 628 -9.52 -79.20 34.58
C THR J 628 -8.45 -79.89 33.74
N LYS J 629 -8.81 -80.29 32.51
CA LYS J 629 -7.83 -80.88 31.61
C LYS J 629 -6.75 -79.88 31.22
N VAL J 630 -7.14 -78.63 30.99
CA VAL J 630 -6.17 -77.59 30.67
C VAL J 630 -5.23 -77.36 31.85
N GLU J 631 -5.78 -77.33 33.06
CA GLU J 631 -4.95 -77.12 34.25
C GLU J 631 -3.96 -78.26 34.44
N MET J 632 -4.43 -79.50 34.31
CA MET J 632 -3.52 -80.64 34.49
C MET J 632 -2.50 -80.71 33.36
N LEU J 633 -2.87 -80.31 32.15
CA LEU J 633 -1.90 -80.26 31.05
C LEU J 633 -0.85 -79.20 31.30
N ARG J 634 -1.26 -78.04 31.84
CA ARG J 634 -0.29 -77.00 32.17
C ARG J 634 0.65 -77.46 33.29
N LEU J 635 0.12 -78.18 34.27
CA LEU J 635 0.97 -78.71 35.34
C LEU J 635 1.98 -79.72 34.79
N ALA J 636 1.51 -80.63 33.94
CA ALA J 636 2.41 -81.62 33.34
C ALA J 636 3.45 -80.94 32.46
N LEU J 637 3.07 -79.87 31.75
CA LEU J 637 4.01 -79.14 30.91
C LEU J 637 5.05 -78.42 31.77
N ALA J 638 4.63 -77.87 32.91
CA ALA J 638 5.59 -77.24 33.81
C ALA J 638 6.58 -78.27 34.35
N ARG J 639 6.09 -79.44 34.75
CA ARG J 639 6.99 -80.49 35.23
C ARG J 639 7.94 -80.94 34.12
N ASN J 640 7.44 -81.05 32.89
CA ASN J 640 8.28 -81.49 31.78
C ASN J 640 9.35 -80.46 31.46
N LEU J 641 9.00 -79.17 31.48
CA LEU J 641 10.01 -78.15 31.21
C LEU J 641 11.02 -78.05 32.35
N ALA J 642 10.59 -78.30 33.59
CA ALA J 642 11.55 -78.35 34.68
C ALA J 642 12.52 -79.51 34.51
N ARG J 643 12.00 -80.69 34.11
CA ARG J 643 12.87 -81.83 33.86
C ARG J 643 13.81 -81.55 32.69
N ALA J 644 13.33 -80.83 31.66
CA ALA J 644 14.18 -80.49 30.53
C ALA J 644 15.28 -79.52 30.94
N ILE J 645 14.96 -78.55 31.79
CA ILE J 645 15.98 -77.64 32.30
C ILE J 645 17.01 -78.40 33.12
N VAL J 646 16.55 -79.36 33.94
CA VAL J 646 17.47 -80.17 34.73
C VAL J 646 18.40 -80.96 33.81
N THR J 647 17.85 -81.57 32.76
CA THR J 647 18.66 -82.34 31.83
C THR J 647 19.65 -81.47 31.07
N GLU J 648 19.23 -80.26 30.68
CA GLU J 648 20.13 -79.36 29.97
C GLU J 648 21.25 -78.88 30.88
N GLY J 649 20.95 -78.68 32.17
CA GLY J 649 21.99 -78.29 33.11
C GLY J 649 22.94 -79.42 33.46
N ALA J 650 22.44 -80.66 33.43
CA ALA J 650 23.28 -81.81 33.73
C ALA J 650 24.09 -82.30 32.52
N LEU J 651 23.66 -81.97 31.30
CA LEU J 651 24.39 -82.42 30.12
C LEU J 651 25.71 -81.69 29.96
N GLN J 652 25.75 -80.42 30.35
CA GLN J 652 26.95 -79.59 30.18
C GLN J 652 27.99 -79.83 31.27
N GLU J 653 27.86 -80.89 32.06
CA GLU J 653 28.82 -81.19 33.11
C GLU J 653 30.16 -81.61 32.52
N MET K 1 9.01 -114.73 -3.87
CA MET K 1 9.53 -114.82 -2.51
C MET K 1 10.30 -113.56 -2.13
N ALA K 2 11.57 -113.50 -2.53
CA ALA K 2 12.44 -112.36 -2.22
C ALA K 2 13.12 -111.80 -3.46
N ASP K 3 12.75 -112.26 -4.65
CA ASP K 3 13.37 -111.77 -5.88
C ASP K 3 12.42 -112.02 -7.04
N LYS K 4 12.51 -111.14 -8.03
CA LYS K 4 11.70 -111.21 -9.26
C LYS K 4 10.22 -111.16 -8.87
N PHE K 5 9.37 -111.86 -9.61
CA PHE K 5 7.95 -111.88 -9.30
C PHE K 5 7.68 -112.60 -7.99
N ALA K 6 6.55 -112.28 -7.36
CA ALA K 6 6.23 -112.85 -6.06
C ALA K 6 5.77 -114.28 -6.20
N ALA K 7 6.25 -115.14 -5.30
CA ALA K 7 5.86 -116.56 -5.29
C ALA K 7 5.64 -116.97 -3.84
N LYS K 8 4.40 -117.32 -3.51
CA LYS K 8 4.03 -117.70 -2.15
C LYS K 8 3.46 -119.11 -2.15
N PHE K 9 3.71 -119.84 -1.06
CA PHE K 9 3.20 -121.19 -0.86
C PHE K 9 2.20 -121.16 0.29
N VAL K 10 0.95 -120.81 -0.04
CA VAL K 10 -0.09 -120.72 0.97
C VAL K 10 -0.54 -122.09 1.44
N SER K 11 -0.27 -123.15 0.67
CA SER K 11 -0.59 -124.52 1.03
C SER K 11 -2.09 -124.70 1.27
N HIS K 12 -2.88 -124.27 0.30
CA HIS K 12 -4.32 -124.46 0.34
C HIS K 12 -4.87 -124.42 -1.08
N LYS K 13 -6.05 -125.01 -1.26
CA LYS K 13 -6.66 -125.10 -2.58
C LYS K 13 -7.07 -123.71 -3.07
N ILE K 14 -6.53 -123.31 -4.21
CA ILE K 14 -6.85 -121.99 -4.80
C ILE K 14 -8.07 -122.20 -5.66
N SER K 15 -9.24 -122.10 -5.04
CA SER K 15 -10.51 -122.27 -5.74
C SER K 15 -10.85 -121.02 -6.55
N ARG K 16 -11.61 -120.11 -5.95
CA ARG K 16 -12.03 -118.87 -6.60
C ARG K 16 -11.22 -117.72 -6.00
N THR K 17 -10.34 -117.13 -6.81
CA THR K 17 -9.55 -115.97 -6.42
C THR K 17 -9.88 -114.83 -7.35
N ARG K 18 -10.39 -113.73 -6.79
CA ARG K 18 -10.83 -112.60 -7.61
C ARG K 18 -10.42 -111.29 -6.95
N TRP K 19 -9.96 -110.35 -7.76
CA TRP K 19 -9.51 -109.05 -7.24
C TRP K 19 -10.71 -108.16 -6.99
N ARG K 20 -10.79 -107.60 -5.78
CA ARG K 20 -11.92 -106.76 -5.42
C ARG K 20 -11.78 -105.37 -6.05
N PRO K 21 -12.90 -104.71 -6.34
CA PRO K 21 -12.83 -103.35 -6.88
C PRO K 21 -12.64 -102.30 -5.80
N VAL K 22 -12.23 -102.74 -4.60
CA VAL K 22 -11.98 -101.81 -3.51
C VAL K 22 -10.79 -100.92 -3.83
N SER K 23 -9.67 -101.54 -4.23
CA SER K 23 -8.47 -100.81 -4.63
C SER K 23 -8.43 -100.50 -6.12
N ALA K 24 -9.47 -100.88 -6.86
CA ALA K 24 -9.56 -100.63 -8.29
C ALA K 24 -10.62 -99.57 -8.56
N SER K 25 -10.65 -99.09 -9.81
CA SER K 25 -11.58 -98.06 -10.25
C SER K 25 -11.49 -96.81 -9.39
N SER K 26 -10.26 -96.45 -9.00
CA SER K 26 -10.02 -95.28 -8.17
C SER K 26 -8.57 -94.87 -8.35
N LEU K 27 -8.16 -93.85 -7.59
CA LEU K 27 -6.78 -93.39 -7.63
C LEU K 27 -5.81 -94.41 -7.06
N GLN K 28 -6.28 -95.27 -6.16
CA GLN K 28 -5.41 -96.29 -5.59
C GLN K 28 -5.13 -97.39 -6.60
N GLN K 29 -3.97 -98.06 -6.44
CA GLN K 29 -3.69 -99.14 -7.36
C GLN K 29 -4.24 -100.45 -6.82
N PRO K 30 -4.68 -101.34 -7.70
CA PRO K 30 -5.24 -102.62 -7.25
C PRO K 30 -4.18 -103.50 -6.61
N ASP K 31 -4.53 -104.08 -5.45
CA ASP K 31 -3.61 -104.96 -4.73
C ASP K 31 -4.37 -105.84 -3.75
N VAL K 32 -5.64 -105.51 -3.48
CA VAL K 32 -6.47 -106.23 -2.54
C VAL K 32 -7.37 -107.18 -3.32
N PHE K 33 -7.39 -108.45 -2.93
CA PHE K 33 -8.20 -109.46 -3.59
C PHE K 33 -8.83 -110.36 -2.54
N ALA K 34 -9.63 -111.33 -2.99
CA ALA K 34 -10.31 -112.26 -2.12
C ALA K 34 -10.16 -113.67 -2.66
N THR K 35 -10.16 -114.64 -1.75
CA THR K 35 -9.96 -116.05 -2.10
C THR K 35 -10.91 -116.91 -1.29
N GLY K 36 -11.56 -117.86 -1.96
CA GLY K 36 -12.42 -118.82 -1.28
C GLY K 36 -11.64 -120.05 -0.88
N SER K 37 -12.02 -120.62 0.26
CA SER K 37 -11.34 -121.79 0.81
C SER K 37 -12.16 -123.06 0.57
N TRP K 38 -12.34 -123.40 -0.70
CA TRP K 38 -13.06 -124.61 -1.07
C TRP K 38 -12.12 -125.81 -1.03
N ASP K 39 -12.71 -126.99 -0.79
CA ASP K 39 -11.96 -128.25 -0.69
C ASP K 39 -10.94 -128.18 0.45
N ASN K 40 -11.39 -127.73 1.60
CA ASN K 40 -10.55 -127.62 2.80
C ASN K 40 -11.40 -128.05 3.99
N GLU K 41 -10.99 -127.61 5.19
CA GLU K 41 -11.73 -127.96 6.40
C GLU K 41 -12.88 -127.00 6.63
N GLU K 42 -12.62 -125.69 6.52
CA GLU K 42 -13.63 -124.66 6.73
C GLU K 42 -13.64 -123.74 5.52
N ASN K 43 -14.79 -123.69 4.83
CA ASN K 43 -14.95 -122.84 3.65
C ASN K 43 -15.09 -121.40 4.13
N LYS K 44 -14.00 -120.64 4.06
CA LYS K 44 -13.95 -119.27 4.52
C LYS K 44 -13.42 -118.36 3.42
N VAL K 45 -14.05 -117.19 3.27
CA VAL K 45 -13.62 -116.19 2.30
C VAL K 45 -12.58 -115.29 2.97
N CYS K 46 -11.36 -115.30 2.45
CA CYS K 46 -10.26 -114.54 3.03
C CYS K 46 -9.85 -113.42 2.09
N VAL K 47 -9.86 -112.19 2.59
CA VAL K 47 -9.42 -111.03 1.83
C VAL K 47 -7.94 -110.82 2.12
N TRP K 48 -7.13 -110.83 1.07
CA TRP K 48 -5.68 -110.69 1.15
C TRP K 48 -5.24 -109.45 0.38
N ALA K 49 -3.98 -109.07 0.60
CA ALA K 49 -3.35 -107.96 -0.10
C ALA K 49 -1.97 -108.39 -0.56
N THR K 50 -1.66 -108.14 -1.82
CA THR K 50 -0.39 -108.53 -2.42
C THR K 50 0.68 -107.47 -2.16
N SER K 51 1.88 -107.73 -2.67
CA SER K 51 3.01 -106.81 -2.54
C SER K 51 3.60 -106.59 -3.92
N ASP K 52 3.39 -105.40 -4.49
CA ASP K 52 3.84 -105.06 -5.82
C ASP K 52 5.14 -104.25 -5.75
N PHE K 53 5.76 -104.07 -6.91
CA PHE K 53 6.98 -103.29 -6.99
C PHE K 53 6.67 -101.79 -6.95
N GLY K 54 7.63 -101.03 -6.44
CA GLY K 54 7.46 -99.59 -6.34
C GLY K 54 6.44 -99.22 -5.27
N ALA K 55 6.03 -97.95 -5.34
CA ALA K 55 5.05 -97.41 -4.39
C ALA K 55 4.36 -96.22 -5.05
N THR K 56 3.26 -96.49 -5.74
CA THR K 56 2.47 -95.44 -6.38
C THR K 56 1.27 -95.01 -5.55
N SER K 57 0.90 -95.79 -4.53
CA SER K 57 -0.22 -95.45 -3.66
C SER K 57 -0.11 -96.17 -2.33
N LEU K 58 1.05 -96.06 -1.69
CA LEU K 58 1.34 -96.72 -0.41
C LEU K 58 1.15 -98.23 -0.52
N ASP K 59 1.94 -98.83 -1.42
CA ASP K 59 1.89 -100.26 -1.63
C ASP K 59 2.70 -100.98 -0.54
N GLU K 60 2.60 -102.31 -0.55
CA GLU K 60 3.31 -103.11 0.43
C GLU K 60 4.80 -103.17 0.10
N GLU K 61 5.61 -103.41 1.13
CA GLU K 61 7.05 -103.45 0.97
C GLU K 61 7.54 -104.86 0.67
N TYR K 62 8.75 -105.18 1.11
CA TYR K 62 9.39 -106.49 0.89
C TYR K 62 9.49 -106.72 -0.62
N GLN K 63 9.48 -107.98 -1.05
CA GLN K 63 9.54 -108.33 -2.46
C GLN K 63 8.37 -109.19 -2.91
N GLY K 64 7.38 -109.41 -2.05
CA GLY K 64 6.23 -110.22 -2.41
C GLY K 64 5.53 -110.81 -1.20
N ASP K 65 5.02 -112.03 -1.34
CA ASP K 65 4.33 -112.77 -0.29
C ASP K 65 3.10 -112.01 0.20
N PRO K 66 1.92 -112.26 -0.38
CA PRO K 66 0.72 -111.55 0.08
C PRO K 66 0.37 -111.90 1.51
N LYS K 67 -0.36 -110.99 2.15
CA LYS K 67 -0.74 -111.15 3.55
C LYS K 67 -2.24 -111.01 3.69
N GLN K 68 -2.83 -111.82 4.57
CA GLN K 68 -4.27 -111.84 4.79
C GLN K 68 -4.68 -110.61 5.60
N LEU K 69 -5.41 -109.69 4.97
CA LEU K 69 -5.90 -108.53 5.69
C LEU K 69 -7.11 -108.87 6.55
N CYS K 70 -7.99 -109.74 6.06
CA CYS K 70 -9.18 -110.08 6.82
C CYS K 70 -9.70 -111.44 6.36
N ASP K 71 -10.70 -111.95 7.09
CA ASP K 71 -11.31 -113.22 6.75
C ASP K 71 -12.71 -113.26 7.36
N ILE K 72 -13.61 -113.99 6.71
CA ILE K 72 -14.98 -114.16 7.19
C ILE K 72 -15.26 -115.66 7.33
N LYS K 73 -16.27 -115.96 8.14
CA LYS K 73 -16.66 -117.34 8.41
C LYS K 73 -18.16 -117.51 8.15
N HIS K 74 -18.52 -118.69 7.66
CA HIS K 74 -19.92 -119.02 7.38
C HIS K 74 -20.05 -120.54 7.35
N PRO K 75 -21.18 -121.08 7.79
CA PRO K 75 -21.34 -122.54 7.80
C PRO K 75 -21.50 -123.16 6.42
N GLY K 76 -21.78 -122.36 5.39
CA GLY K 76 -21.95 -122.88 4.05
C GLY K 76 -20.63 -123.13 3.35
N ASP K 77 -20.73 -123.64 2.14
CA ASP K 77 -19.56 -123.94 1.32
C ASP K 77 -19.21 -122.72 0.45
N VAL K 78 -18.18 -122.89 -0.38
CA VAL K 78 -17.69 -121.82 -1.25
C VAL K 78 -17.54 -122.39 -2.66
N MET K 79 -18.28 -121.81 -3.61
CA MET K 79 -18.17 -122.22 -5.01
C MET K 79 -17.45 -121.15 -5.81
N ASP K 80 -18.16 -120.08 -6.16
CA ASP K 80 -17.58 -118.95 -6.87
C ASP K 80 -18.46 -117.74 -6.61
N MET K 81 -18.03 -116.59 -7.14
CA MET K 81 -18.78 -115.35 -6.95
C MET K 81 -18.44 -114.39 -8.08
N GLN K 82 -19.36 -113.46 -8.31
CA GLN K 82 -19.19 -112.40 -9.31
C GLN K 82 -19.39 -111.06 -8.63
N PHE K 83 -18.45 -110.14 -8.84
CA PHE K 83 -18.47 -108.84 -8.19
C PHE K 83 -19.55 -107.98 -8.81
N LEU K 84 -20.73 -108.00 -8.19
CA LEU K 84 -21.82 -107.13 -8.64
C LEU K 84 -21.64 -105.71 -8.13
N ASP K 85 -21.19 -105.56 -6.87
CA ASP K 85 -20.91 -104.26 -6.29
C ASP K 85 -19.61 -104.35 -5.52
N LYS K 86 -19.08 -103.18 -5.14
CA LYS K 86 -17.83 -103.15 -4.40
C LYS K 86 -18.01 -103.65 -2.97
N GLU K 87 -19.16 -103.36 -2.37
CA GLU K 87 -19.42 -103.75 -0.99
C GLU K 87 -20.24 -105.03 -0.87
N ARG K 88 -20.91 -105.46 -1.93
CA ARG K 88 -21.74 -106.66 -1.92
C ARG K 88 -21.01 -107.80 -2.60
N ILE K 89 -21.02 -108.98 -1.97
CA ILE K 89 -20.41 -110.19 -2.51
C ILE K 89 -21.32 -111.36 -2.20
N VAL K 90 -21.82 -112.02 -3.25
CA VAL K 90 -22.75 -113.13 -3.11
C VAL K 90 -22.01 -114.40 -3.53
N THR K 91 -21.90 -115.35 -2.61
CA THR K 91 -21.19 -116.60 -2.85
C THR K 91 -22.16 -117.77 -2.68
N GLY K 92 -22.17 -118.69 -3.66
CA GLY K 92 -23.02 -119.85 -3.60
C GLY K 92 -22.30 -121.04 -2.97
N SER K 93 -23.09 -122.09 -2.72
CA SER K 93 -22.57 -123.31 -2.10
C SER K 93 -23.24 -124.52 -2.74
N SER K 94 -22.59 -125.67 -2.60
CA SER K 94 -23.13 -126.92 -3.12
C SER K 94 -24.16 -127.56 -2.21
N THR K 95 -24.38 -127.00 -1.02
CA THR K 95 -25.36 -127.52 -0.07
C THR K 95 -26.56 -126.60 0.09
N GLY K 96 -26.69 -125.59 -0.76
CA GLY K 96 -27.81 -124.67 -0.68
C GLY K 96 -27.67 -123.65 0.42
N THR K 97 -26.55 -122.93 0.44
CA THR K 97 -26.28 -121.89 1.45
C THR K 97 -25.66 -120.70 0.73
N VAL K 98 -26.48 -119.72 0.38
CA VAL K 98 -26.03 -118.52 -0.31
C VAL K 98 -25.62 -117.49 0.74
N THR K 99 -24.37 -117.03 0.68
CA THR K 99 -23.83 -116.09 1.64
C THR K 99 -23.63 -114.74 0.95
N ILE K 100 -24.38 -113.73 1.40
CA ILE K 100 -24.23 -112.37 0.92
C ILE K 100 -23.52 -111.60 2.02
N PHE K 101 -22.26 -111.23 1.76
CA PHE K 101 -21.44 -110.55 2.75
C PHE K 101 -21.35 -109.06 2.44
N ARG K 102 -21.16 -108.27 3.49
CA ARG K 102 -21.06 -106.81 3.40
C ARG K 102 -19.64 -106.41 3.75
N HIS K 103 -18.91 -105.91 2.76
CA HIS K 103 -17.54 -105.43 2.97
C HIS K 103 -17.55 -103.93 3.14
N HIS K 104 -16.90 -103.46 4.22
CA HIS K 104 -16.84 -102.05 4.57
C HIS K 104 -15.54 -101.48 4.04
N GLU K 105 -15.64 -100.55 3.08
CA GLU K 105 -14.44 -99.89 2.56
C GLU K 105 -13.80 -99.00 3.62
N ASN K 106 -14.62 -98.31 4.40
CA ASN K 106 -14.13 -97.42 5.46
C ASN K 106 -13.64 -98.18 6.69
N ASN K 107 -13.66 -99.52 6.65
CA ASN K 107 -13.18 -100.32 7.76
C ASN K 107 -12.30 -101.49 7.35
N GLN K 108 -12.28 -101.88 6.07
CA GLN K 108 -11.47 -102.98 5.57
C GLN K 108 -11.74 -104.27 6.34
N THR K 109 -13.02 -104.55 6.58
CA THR K 109 -13.43 -105.75 7.29
C THR K 109 -14.65 -106.33 6.60
N LEU K 110 -14.99 -107.57 6.98
CA LEU K 110 -16.13 -108.27 6.42
C LEU K 110 -17.17 -108.53 7.50
N SER K 111 -18.44 -108.35 7.14
CA SER K 111 -19.56 -108.56 8.06
C SER K 111 -20.56 -109.50 7.41
N VAL K 112 -20.98 -110.51 8.16
CA VAL K 112 -21.96 -111.47 7.67
C VAL K 112 -23.32 -110.78 7.58
N ASN K 113 -23.78 -110.52 6.36
CA ASN K 113 -25.06 -109.83 6.17
C ASN K 113 -26.21 -110.84 6.09
N GLN K 114 -26.25 -111.63 5.02
CA GLN K 114 -27.31 -112.61 4.81
C GLN K 114 -26.73 -113.99 4.61
N ARG K 115 -27.38 -114.99 5.21
CA ARG K 115 -26.99 -116.39 5.07
C ARG K 115 -28.26 -117.19 4.76
N TRP K 116 -28.63 -117.26 3.49
CA TRP K 116 -29.87 -117.92 3.08
C TRP K 116 -29.76 -119.43 3.26
N GLU K 117 -30.14 -119.92 4.45
CA GLU K 117 -30.16 -121.36 4.67
C GLU K 117 -31.25 -122.06 3.87
N GLN K 118 -32.27 -121.33 3.45
CA GLN K 118 -33.34 -121.90 2.64
C GLN K 118 -33.35 -121.24 1.25
N ALA K 119 -32.18 -121.18 0.62
CA ALA K 119 -32.07 -120.54 -0.69
C ALA K 119 -32.70 -121.42 -1.77
N HIS K 120 -32.74 -120.87 -2.99
CA HIS K 120 -33.33 -121.55 -4.15
C HIS K 120 -34.79 -121.92 -3.89
N TYR K 121 -35.52 -121.01 -3.28
CA TYR K 121 -36.93 -121.21 -2.96
C TYR K 121 -37.80 -120.32 -3.84
N HIS K 122 -39.04 -120.76 -4.05
CA HIS K 122 -39.99 -120.01 -4.86
C HIS K 122 -41.42 -120.39 -4.52
N VAL K 123 -41.62 -121.59 -3.97
CA VAL K 123 -42.95 -122.06 -3.61
C VAL K 123 -42.91 -122.63 -2.19
N GLY K 124 -42.02 -122.12 -1.35
CA GLY K 124 -41.90 -122.58 0.01
C GLY K 124 -40.59 -122.22 0.66
N SER K 125 -40.04 -123.13 1.46
CA SER K 125 -38.78 -122.91 2.15
C SER K 125 -38.09 -124.25 2.37
N ASN K 126 -36.89 -124.19 2.93
CA ASN K 126 -36.07 -125.37 3.21
C ASN K 126 -35.81 -126.18 1.94
N MET K 127 -34.98 -125.60 1.08
CA MET K 127 -34.61 -126.21 -0.19
C MET K 127 -33.09 -126.18 -0.33
N ARG K 128 -32.51 -127.33 -0.69
CA ARG K 128 -31.07 -127.47 -0.87
C ARG K 128 -30.79 -127.89 -2.30
N ALA K 129 -30.07 -127.06 -3.04
CA ALA K 129 -29.73 -127.34 -4.43
C ALA K 129 -28.29 -126.92 -4.66
N PRO K 130 -27.45 -127.80 -5.20
CA PRO K 130 -26.05 -127.44 -5.45
C PRO K 130 -25.93 -126.40 -6.56
N CYS K 131 -24.77 -125.72 -6.56
CA CYS K 131 -24.47 -124.69 -7.54
C CYS K 131 -23.06 -124.91 -8.07
N THR K 132 -22.87 -124.52 -9.34
CA THR K 132 -21.57 -124.66 -10.00
C THR K 132 -20.99 -123.32 -10.42
N ALA K 133 -21.79 -122.44 -11.02
CA ALA K 133 -21.32 -121.13 -11.46
C ALA K 133 -22.39 -120.09 -11.20
N ILE K 134 -22.01 -119.03 -10.48
CA ILE K 134 -22.92 -117.93 -10.16
C ILE K 134 -22.35 -116.66 -10.77
N VAL K 135 -23.15 -115.97 -11.57
CA VAL K 135 -22.74 -114.75 -12.23
C VAL K 135 -23.82 -113.69 -12.05
N CYS K 136 -23.40 -112.45 -11.81
CA CYS K 136 -24.30 -111.35 -11.52
C CYS K 136 -24.25 -110.32 -12.64
N SER K 137 -25.36 -109.60 -12.80
CA SER K 137 -25.44 -108.46 -13.72
C SER K 137 -26.64 -107.64 -13.29
N SER K 138 -26.89 -106.54 -13.99
CA SER K 138 -28.02 -105.68 -13.66
C SER K 138 -29.29 -106.21 -14.33
N PRO K 139 -30.35 -106.53 -13.57
CA PRO K 139 -30.41 -106.54 -12.10
C PRO K 139 -30.63 -107.94 -11.52
N GLU K 140 -30.03 -108.96 -12.12
CA GLU K 140 -30.27 -110.34 -11.76
C GLU K 140 -28.96 -111.07 -11.52
N ILE K 141 -29.00 -112.01 -10.58
CA ILE K 141 -27.89 -112.91 -10.29
C ILE K 141 -28.36 -114.32 -10.60
N VAL K 142 -27.69 -114.97 -11.54
CA VAL K 142 -28.09 -116.29 -12.03
C VAL K 142 -27.04 -117.31 -11.63
N SER K 143 -27.49 -118.43 -11.06
CA SER K 143 -26.63 -119.52 -10.64
C SER K 143 -27.07 -120.81 -11.30
N VAL K 144 -26.12 -121.58 -11.79
CA VAL K 144 -26.39 -122.82 -12.49
C VAL K 144 -25.77 -123.98 -11.72
N GLY K 145 -26.40 -125.15 -11.84
CA GLY K 145 -25.89 -126.35 -11.20
C GLY K 145 -25.35 -127.35 -12.18
N GLU K 146 -25.49 -128.64 -11.87
CA GLU K 146 -25.01 -129.71 -12.74
C GLU K 146 -26.11 -130.33 -13.58
N ASP K 147 -27.30 -130.54 -13.00
CA ASP K 147 -28.43 -131.13 -13.71
C ASP K 147 -29.33 -130.09 -14.35
N GLY K 148 -28.78 -128.96 -14.78
CA GLY K 148 -29.56 -127.92 -15.40
C GLY K 148 -30.38 -127.06 -14.45
N ARG K 149 -30.14 -127.16 -13.15
CA ARG K 149 -30.88 -126.36 -12.18
C ARG K 149 -30.43 -124.91 -12.26
N ILE K 150 -31.39 -124.00 -12.42
CA ILE K 150 -31.13 -122.57 -12.53
C ILE K 150 -31.81 -121.85 -11.39
N ASN K 151 -31.11 -120.88 -10.80
CA ASN K 151 -31.66 -120.06 -9.73
C ASN K 151 -31.42 -118.59 -10.07
N CYS K 152 -32.43 -117.76 -9.86
CA CYS K 152 -32.36 -116.34 -10.19
C CYS K 152 -32.73 -115.51 -8.97
N PHE K 153 -31.89 -114.53 -8.66
CA PHE K 153 -32.12 -113.61 -7.55
C PHE K 153 -32.10 -112.18 -8.06
N ARG K 154 -32.85 -111.31 -7.38
CA ARG K 154 -32.91 -109.91 -7.75
C ARG K 154 -31.85 -109.11 -7.02
N ALA K 155 -31.46 -107.99 -7.61
CA ALA K 155 -30.47 -107.10 -7.00
C ALA K 155 -31.10 -106.01 -6.14
N GLU K 156 -32.40 -105.79 -6.24
CA GLU K 156 -33.09 -104.77 -5.46
C GLU K 156 -33.72 -105.33 -4.19
N SER K 157 -33.82 -106.65 -4.06
CA SER K 157 -34.41 -107.28 -2.87
C SER K 157 -33.62 -108.53 -2.53
N ARG K 158 -33.74 -108.97 -1.28
CA ARG K 158 -33.03 -110.14 -0.78
C ARG K 158 -34.00 -111.31 -0.72
N ASP K 159 -34.30 -111.87 -1.89
CA ASP K 159 -35.22 -112.99 -1.98
C ASP K 159 -34.99 -113.71 -3.31
N VAL K 160 -35.48 -114.95 -3.39
CA VAL K 160 -35.40 -115.77 -4.58
C VAL K 160 -36.79 -115.89 -5.17
N LEU K 161 -36.92 -115.61 -6.47
CA LEU K 161 -38.21 -115.63 -7.14
C LEU K 161 -38.22 -116.50 -8.39
N ARG K 162 -37.17 -117.28 -8.63
CA ARG K 162 -37.11 -118.14 -9.80
C ARG K 162 -36.16 -119.29 -9.52
N THR K 163 -36.69 -120.52 -9.52
CA THR K 163 -35.88 -121.73 -9.31
C THR K 163 -36.42 -122.80 -10.26
N ILE K 164 -35.71 -123.03 -11.36
CA ILE K 164 -36.12 -123.99 -12.38
C ILE K 164 -35.24 -125.22 -12.22
N ASP K 165 -35.85 -126.33 -11.81
CA ASP K 165 -35.15 -127.60 -11.60
C ASP K 165 -35.73 -128.62 -12.59
N ASP K 166 -35.03 -128.82 -13.70
CA ASP K 166 -35.44 -129.76 -14.74
C ASP K 166 -34.47 -130.94 -14.77
N ALA K 167 -34.59 -131.76 -15.81
CA ALA K 167 -33.75 -132.94 -16.00
C ALA K 167 -33.02 -132.80 -17.34
N ASP K 168 -31.74 -132.43 -17.28
CA ASP K 168 -30.92 -132.26 -18.46
C ASP K 168 -29.89 -133.36 -18.56
N SER K 169 -29.29 -133.49 -19.73
CA SER K 169 -28.28 -134.51 -19.99
C SER K 169 -26.88 -133.93 -19.87
N SER K 170 -25.90 -134.82 -19.78
CA SER K 170 -24.48 -134.47 -19.67
C SER K 170 -24.29 -133.62 -18.41
N THR K 171 -23.27 -132.76 -18.40
CA THR K 171 -22.98 -131.90 -17.27
C THR K 171 -22.63 -130.51 -17.77
N MET K 172 -23.20 -129.49 -17.15
CA MET K 172 -22.96 -128.10 -17.51
C MET K 172 -22.10 -127.44 -16.45
N HIS K 173 -20.97 -126.88 -16.86
CA HIS K 173 -20.04 -126.20 -15.96
C HIS K 173 -19.79 -124.80 -16.51
N GLY K 174 -20.44 -123.81 -15.91
CA GLY K 174 -20.28 -122.43 -16.33
C GLY K 174 -21.54 -121.84 -16.93
N VAL K 175 -21.61 -120.51 -16.99
CA VAL K 175 -22.77 -119.82 -17.51
C VAL K 175 -22.34 -118.42 -17.94
N THR K 176 -22.78 -118.02 -19.13
CA THR K 176 -22.51 -116.69 -19.68
C THR K 176 -23.81 -115.89 -19.70
N PHE K 177 -23.74 -114.71 -20.33
CA PHE K 177 -24.88 -113.82 -20.45
C PHE K 177 -25.20 -113.56 -21.92
N LEU K 178 -26.40 -113.03 -22.16
CA LEU K 178 -26.82 -112.63 -23.50
C LEU K 178 -27.70 -111.38 -23.40
N ARG K 179 -28.80 -111.48 -22.67
CA ARG K 179 -29.72 -110.37 -22.46
C ARG K 179 -30.51 -110.65 -21.19
N THR K 180 -31.68 -110.01 -21.06
CA THR K 180 -32.54 -110.22 -19.91
C THR K 180 -33.53 -111.36 -20.10
N THR K 181 -33.51 -112.03 -21.26
CA THR K 181 -34.44 -113.12 -21.51
C THR K 181 -33.81 -114.31 -22.22
N GLU K 182 -32.48 -114.36 -22.34
CA GLU K 182 -31.81 -115.46 -23.01
C GLU K 182 -30.64 -115.94 -22.15
N ILE K 183 -30.42 -117.25 -22.14
CA ILE K 183 -29.35 -117.86 -21.37
C ILE K 183 -28.67 -118.91 -22.24
N LEU K 184 -27.35 -118.79 -22.39
CA LEU K 184 -26.55 -119.74 -23.15
C LEU K 184 -25.73 -120.59 -22.19
N THR K 185 -25.86 -121.90 -22.31
CA THR K 185 -25.14 -122.84 -21.44
C THR K 185 -24.28 -123.75 -22.31
N VAL K 186 -23.09 -124.08 -21.81
CA VAL K 186 -22.17 -124.97 -22.52
C VAL K 186 -22.18 -126.32 -21.83
N ASN K 187 -21.92 -127.37 -22.60
CA ASN K 187 -21.88 -128.73 -22.09
C ASN K 187 -20.43 -129.20 -21.96
N SER K 188 -20.27 -130.35 -21.31
CA SER K 188 -18.96 -130.97 -21.10
C SER K 188 -18.56 -131.86 -22.27
N VAL K 189 -19.19 -131.71 -23.43
CA VAL K 189 -18.85 -132.49 -24.61
C VAL K 189 -18.59 -131.55 -25.78
N GLY K 190 -19.47 -130.57 -25.96
CA GLY K 190 -19.33 -129.62 -27.03
C GLY K 190 -20.66 -129.09 -27.55
N GLN K 191 -21.66 -129.09 -26.67
CA GLN K 191 -23.00 -128.65 -27.02
C GLN K 191 -23.30 -127.28 -26.41
N LEU K 192 -24.15 -126.51 -27.08
CA LEU K 192 -24.56 -125.20 -26.63
C LEU K 192 -26.09 -125.16 -26.58
N LYS K 193 -26.63 -124.90 -25.40
CA LYS K 193 -28.08 -124.87 -25.20
C LYS K 193 -28.53 -123.43 -24.98
N LEU K 194 -29.61 -123.05 -25.66
CA LEU K 194 -30.18 -121.71 -25.58
C LEU K 194 -31.55 -121.80 -24.92
N TRP K 195 -31.69 -121.19 -23.76
CA TRP K 195 -32.94 -121.20 -23.01
C TRP K 195 -33.48 -119.78 -22.84
N ASP K 196 -34.78 -119.69 -22.60
CA ASP K 196 -35.44 -118.42 -22.40
C ASP K 196 -35.75 -118.21 -20.92
N LEU K 197 -36.29 -117.02 -20.61
CA LEU K 197 -36.63 -116.70 -19.24
C LEU K 197 -37.88 -117.42 -18.76
N ARG K 198 -38.75 -117.86 -19.68
CA ARG K 198 -39.98 -118.56 -19.35
C ARG K 198 -39.93 -119.94 -20.01
N LYS K 199 -39.29 -120.89 -19.34
CA LYS K 199 -39.15 -122.26 -19.83
C LYS K 199 -39.76 -123.21 -18.81
N GLN K 200 -40.69 -124.05 -19.27
CA GLN K 200 -41.36 -125.01 -18.41
C GLN K 200 -41.23 -126.41 -18.99
N GLY K 201 -41.18 -127.40 -18.11
CA GLY K 201 -41.06 -128.78 -18.54
C GLY K 201 -39.65 -129.15 -18.93
N ASN K 202 -39.50 -130.40 -19.35
CA ASN K 202 -38.20 -130.93 -19.77
C ASN K 202 -37.97 -130.59 -21.24
N ASP K 203 -36.99 -131.26 -21.85
CA ASP K 203 -36.59 -131.10 -23.26
C ASP K 203 -36.07 -129.70 -23.51
N PRO K 204 -34.76 -129.55 -23.72
CA PRO K 204 -34.20 -128.21 -23.98
C PRO K 204 -34.76 -127.62 -25.26
N THR K 205 -34.73 -126.29 -25.34
CA THR K 205 -35.27 -125.56 -26.47
C THR K 205 -34.40 -125.76 -27.71
N GLN K 206 -33.29 -125.03 -27.78
CA GLN K 206 -32.39 -125.07 -28.92
C GLN K 206 -31.04 -125.62 -28.48
N ILE K 207 -30.57 -126.65 -29.17
CA ILE K 207 -29.28 -127.27 -28.91
C ILE K 207 -28.47 -127.22 -30.21
N PHE K 208 -27.24 -126.72 -30.13
CA PHE K 208 -26.38 -126.58 -31.28
C PHE K 208 -25.00 -127.15 -30.99
N SER K 209 -24.27 -127.44 -32.06
CA SER K 209 -22.91 -127.97 -31.95
C SER K 209 -22.05 -127.32 -33.03
N VAL K 210 -20.79 -127.71 -33.08
CA VAL K 210 -19.83 -127.20 -34.06
C VAL K 210 -19.27 -128.39 -34.83
N THR K 211 -19.39 -128.34 -36.16
CA THR K 211 -18.90 -129.42 -36.99
C THR K 211 -17.37 -129.36 -37.09
N GLY K 212 -16.76 -130.54 -37.17
CA GLY K 212 -15.31 -130.62 -37.27
C GLY K 212 -14.65 -131.05 -35.97
N GLU K 213 -14.29 -130.09 -35.14
CA GLU K 213 -13.65 -130.36 -33.85
C GLU K 213 -14.65 -130.12 -32.73
N ARG K 214 -14.82 -131.12 -31.87
CA ARG K 214 -15.75 -131.05 -30.73
C ARG K 214 -15.01 -131.58 -29.51
N VAL K 215 -14.45 -130.67 -28.71
CA VAL K 215 -13.72 -131.04 -27.51
C VAL K 215 -14.55 -130.64 -26.29
N PRO K 216 -14.34 -131.25 -25.13
CA PRO K 216 -15.10 -130.87 -23.94
C PRO K 216 -14.82 -129.43 -23.53
N LEU K 217 -15.89 -128.64 -23.44
CA LEU K 217 -15.78 -127.24 -23.04
C LEU K 217 -15.65 -127.15 -21.52
N HIS K 218 -14.77 -126.26 -21.06
CA HIS K 218 -14.49 -126.13 -19.63
C HIS K 218 -14.93 -124.74 -19.19
N CYS K 219 -14.03 -123.77 -19.07
CA CYS K 219 -14.39 -122.46 -18.55
C CYS K 219 -15.11 -121.63 -19.60
N VAL K 220 -16.03 -120.79 -19.14
CA VAL K 220 -16.78 -119.89 -20.01
C VAL K 220 -17.07 -118.61 -19.22
N ASP K 221 -16.92 -117.46 -19.88
CA ASP K 221 -17.13 -116.18 -19.25
C ASP K 221 -17.77 -115.22 -20.25
N ARG K 222 -18.40 -114.17 -19.72
CA ARG K 222 -19.06 -113.16 -20.53
C ARG K 222 -18.31 -111.84 -20.44
N HIS K 223 -18.54 -111.00 -21.43
CA HIS K 223 -17.92 -109.67 -21.43
C HIS K 223 -18.63 -108.77 -20.43
N PRO K 224 -17.89 -107.95 -19.68
CA PRO K 224 -18.54 -107.06 -18.70
C PRO K 224 -19.40 -105.99 -19.34
N ASN K 225 -19.15 -105.63 -20.60
CA ASN K 225 -19.97 -104.65 -21.30
C ASN K 225 -21.07 -105.33 -22.09
N GLN K 226 -20.81 -105.60 -23.37
CA GLN K 226 -21.78 -106.29 -24.21
C GLN K 226 -21.91 -107.74 -23.77
N GLN K 227 -23.11 -108.13 -23.35
CA GLN K 227 -23.31 -109.47 -22.81
C GLN K 227 -23.15 -110.55 -23.85
N HIS K 228 -23.42 -110.25 -25.12
CA HIS K 228 -23.36 -111.26 -26.17
C HIS K 228 -21.95 -111.69 -26.52
N VAL K 229 -20.92 -111.11 -25.92
CA VAL K 229 -19.54 -111.51 -26.18
C VAL K 229 -19.15 -112.56 -25.15
N VAL K 230 -18.75 -113.73 -25.63
CA VAL K 230 -18.47 -114.89 -24.79
C VAL K 230 -17.04 -115.35 -25.06
N ALA K 231 -16.30 -115.65 -24.00
CA ALA K 231 -14.96 -116.20 -24.09
C ALA K 231 -14.96 -117.57 -23.44
N THR K 232 -14.62 -118.60 -24.22
CA THR K 232 -14.67 -119.98 -23.77
C THR K 232 -13.31 -120.64 -23.95
N GLY K 233 -12.92 -121.43 -22.95
CA GLY K 233 -11.68 -122.19 -23.02
C GLY K 233 -11.84 -123.59 -22.45
N GLY K 234 -11.68 -124.61 -23.29
CA GLY K 234 -11.88 -125.97 -22.86
C GLY K 234 -10.66 -126.85 -23.02
N GLN K 235 -10.84 -128.04 -23.60
CA GLN K 235 -9.76 -128.99 -23.77
C GLN K 235 -8.78 -128.54 -24.85
N ASP K 236 -8.99 -129.00 -26.07
CA ASP K 236 -8.13 -128.64 -27.19
C ASP K 236 -8.53 -127.34 -27.88
N GLY K 237 -9.43 -126.56 -27.27
CA GLY K 237 -9.83 -125.30 -27.84
C GLY K 237 -11.01 -125.40 -28.77
N MET K 238 -12.17 -124.88 -28.34
CA MET K 238 -13.36 -124.88 -29.16
C MET K 238 -14.34 -123.81 -28.67
N LEU K 239 -14.04 -122.55 -28.94
CA LEU K 239 -14.86 -121.43 -28.52
C LEU K 239 -15.63 -120.87 -29.72
N CYS K 240 -16.80 -120.31 -29.43
CA CYS K 240 -17.66 -119.71 -30.44
C CYS K 240 -17.79 -118.22 -30.15
N ILE K 241 -16.71 -117.48 -30.38
CA ILE K 241 -16.70 -116.05 -30.15
C ILE K 241 -17.56 -115.36 -31.19
N TRP K 242 -18.51 -114.55 -30.73
CA TRP K 242 -19.42 -113.85 -31.64
C TRP K 242 -19.77 -112.50 -31.04
N ASP K 243 -19.86 -111.49 -31.90
CA ASP K 243 -20.24 -110.14 -31.49
C ASP K 243 -21.74 -109.93 -31.46
N VAL K 244 -22.53 -110.99 -31.60
CA VAL K 244 -23.99 -110.90 -31.59
C VAL K 244 -24.56 -112.05 -30.79
N ARG K 245 -25.86 -112.30 -30.96
CA ARG K 245 -26.54 -113.38 -30.25
C ARG K 245 -27.69 -113.90 -31.11
N HIS K 246 -27.42 -114.15 -32.39
CA HIS K 246 -28.41 -114.64 -33.33
C HIS K 246 -27.84 -115.84 -34.07
N GLY K 247 -28.64 -116.40 -34.98
CA GLY K 247 -28.23 -117.54 -35.76
C GLY K 247 -28.44 -118.86 -35.05
N LYS K 248 -28.62 -119.94 -35.81
CA LYS K 248 -28.82 -121.26 -35.23
C LYS K 248 -27.50 -121.82 -34.71
N MET K 249 -26.85 -122.65 -35.51
CA MET K 249 -25.58 -123.22 -35.11
C MET K 249 -24.47 -122.17 -35.18
N PRO K 250 -23.52 -122.20 -34.25
CA PRO K 250 -22.43 -121.20 -34.28
C PRO K 250 -21.53 -121.41 -35.49
N MET K 251 -21.34 -120.35 -36.26
CA MET K 251 -20.50 -120.39 -37.45
C MET K 251 -19.03 -120.09 -37.14
N SER K 252 -18.67 -119.97 -35.87
CA SER K 252 -17.30 -119.67 -35.47
C SER K 252 -16.63 -120.92 -34.91
N LEU K 253 -15.36 -121.11 -35.27
CA LEU K 253 -14.59 -122.25 -34.78
C LEU K 253 -13.15 -121.81 -34.61
N LEU K 254 -12.71 -121.66 -33.36
CA LEU K 254 -11.35 -121.25 -33.03
C LEU K 254 -10.71 -122.38 -32.23
N ASN K 255 -9.94 -123.23 -32.92
CA ASN K 255 -9.32 -124.40 -32.32
C ASN K 255 -7.82 -124.15 -32.16
N ALA K 256 -7.38 -124.04 -30.92
CA ALA K 256 -5.96 -123.86 -30.63
C ALA K 256 -5.71 -124.30 -29.19
N HIS K 257 -4.41 -124.36 -28.83
CA HIS K 257 -3.97 -124.77 -27.50
C HIS K 257 -4.45 -126.17 -27.16
N GLU K 258 -3.61 -127.18 -27.43
CA GLU K 258 -3.99 -128.56 -27.15
C GLU K 258 -4.13 -128.82 -25.66
N ALA K 259 -3.42 -128.05 -24.83
CA ALA K 259 -3.52 -128.22 -23.39
C ALA K 259 -4.85 -127.69 -22.87
N GLU K 260 -5.33 -128.29 -21.79
CA GLU K 260 -6.62 -127.91 -21.23
C GLU K 260 -6.53 -126.54 -20.56
N MET K 261 -7.46 -125.66 -20.93
CA MET K 261 -7.56 -124.33 -20.35
C MET K 261 -8.58 -124.37 -19.22
N TRP K 262 -8.15 -124.04 -18.00
CA TRP K 262 -9.02 -124.12 -16.84
C TRP K 262 -9.79 -122.83 -16.57
N GLU K 263 -9.25 -121.67 -16.93
CA GLU K 263 -9.93 -120.42 -16.69
C GLU K 263 -9.40 -119.35 -17.64
N VAL K 264 -10.30 -118.51 -18.12
CA VAL K 264 -9.96 -117.37 -18.98
C VAL K 264 -10.59 -116.13 -18.37
N HIS K 265 -9.75 -115.18 -17.96
CA HIS K 265 -10.23 -113.97 -17.30
C HIS K 265 -10.09 -112.76 -18.22
N PHE K 266 -10.87 -111.73 -17.90
CA PHE K 266 -10.91 -110.48 -18.63
C PHE K 266 -10.24 -109.37 -17.81
N HIS K 267 -9.90 -108.29 -18.49
CA HIS K 267 -9.42 -107.10 -17.80
C HIS K 267 -10.62 -106.28 -17.29
N PRO K 268 -10.80 -106.16 -15.98
CA PRO K 268 -11.98 -105.45 -15.47
C PRO K 268 -11.97 -103.96 -15.79
N SER K 269 -10.81 -103.31 -15.69
CA SER K 269 -10.75 -101.88 -15.96
C SER K 269 -11.02 -101.58 -17.43
N ASN K 270 -10.15 -102.05 -18.31
CA ASN K 270 -10.30 -101.88 -19.76
C ASN K 270 -10.63 -103.23 -20.37
N PRO K 271 -11.91 -103.55 -20.58
CA PRO K 271 -12.27 -104.87 -21.14
C PRO K 271 -11.78 -105.06 -22.56
N ASP K 272 -10.46 -105.18 -22.71
CA ASP K 272 -9.86 -105.43 -24.03
C ASP K 272 -8.66 -106.37 -23.93
N HIS K 273 -8.37 -106.93 -22.76
CA HIS K 273 -7.23 -107.81 -22.56
C HIS K 273 -7.70 -109.07 -21.87
N LEU K 274 -7.54 -110.21 -22.54
CA LEU K 274 -7.90 -111.51 -22.00
C LEU K 274 -6.63 -112.25 -21.57
N PHE K 275 -6.75 -113.00 -20.47
CA PHE K 275 -5.64 -113.79 -19.97
C PHE K 275 -6.10 -115.23 -19.81
N THR K 276 -5.38 -116.15 -20.45
CA THR K 276 -5.73 -117.56 -20.48
C THR K 276 -4.61 -118.38 -19.84
N CYS K 277 -5.00 -119.37 -19.04
CA CYS K 277 -4.07 -120.24 -18.35
C CYS K 277 -4.05 -121.62 -19.01
N SER K 278 -2.90 -122.28 -18.92
CA SER K 278 -2.72 -123.61 -19.47
C SER K 278 -2.40 -124.59 -18.35
N GLU K 279 -2.65 -125.87 -18.62
CA GLU K 279 -2.38 -126.92 -17.64
C GLU K 279 -0.91 -127.28 -17.55
N ASP K 280 -0.10 -126.86 -18.53
CA ASP K 280 1.33 -127.13 -18.53
C ASP K 280 2.15 -125.96 -18.01
N GLY K 281 1.53 -124.98 -17.39
CA GLY K 281 2.24 -123.83 -16.86
C GLY K 281 2.52 -122.78 -17.90
N SER K 282 1.47 -122.19 -18.47
CA SER K 282 1.60 -121.16 -19.48
C SER K 282 0.50 -120.12 -19.31
N LEU K 283 0.84 -118.86 -19.54
CA LEU K 283 -0.09 -117.75 -19.40
C LEU K 283 -0.06 -116.94 -20.69
N TRP K 284 -1.15 -117.00 -21.46
CA TRP K 284 -1.26 -116.29 -22.72
C TRP K 284 -2.08 -115.02 -22.54
N HIS K 285 -1.68 -113.96 -23.23
CA HIS K 285 -2.33 -112.65 -23.14
C HIS K 285 -2.82 -112.26 -24.53
N TRP K 286 -4.13 -112.18 -24.70
CA TRP K 286 -4.75 -111.79 -25.96
C TRP K 286 -5.28 -110.36 -25.85
N ASP K 287 -5.20 -109.64 -26.97
CA ASP K 287 -5.67 -108.26 -27.03
C ASP K 287 -6.87 -108.14 -27.97
N ALA K 288 -7.61 -107.05 -27.79
CA ALA K 288 -8.75 -106.72 -28.63
C ALA K 288 -9.85 -107.78 -28.54
N SER K 289 -10.82 -107.57 -27.65
CA SER K 289 -11.89 -108.52 -27.42
C SER K 289 -12.92 -108.44 -28.55
N ALA K 290 -12.49 -108.93 -29.71
CA ALA K 290 -13.34 -109.05 -30.90
C ALA K 290 -13.92 -107.71 -31.35
N ASP K 291 -14.77 -107.09 -30.51
CA ASP K 291 -15.44 -105.86 -30.90
C ASP K 291 -14.43 -104.73 -31.11
N SER K 292 -13.39 -104.67 -30.29
CA SER K 292 -12.39 -103.61 -30.40
C SER K 292 -11.52 -103.85 -31.63
N GLU K 293 -11.63 -102.98 -32.62
CA GLU K 293 -10.85 -103.08 -33.84
C GLU K 293 -9.56 -102.28 -33.65
N LYS K 294 -8.45 -102.98 -33.49
CA LYS K 294 -7.15 -102.37 -33.26
C LYS K 294 -6.08 -103.31 -33.79
N PRO K 295 -4.87 -102.79 -34.06
CA PRO K 295 -3.79 -103.68 -34.51
C PRO K 295 -3.51 -104.77 -33.48
N THR K 296 -3.51 -106.01 -33.95
CA THR K 296 -3.34 -107.16 -33.06
C THR K 296 -1.90 -107.23 -32.54
N PHE K 297 -1.77 -107.79 -31.33
CA PHE K 297 -0.46 -107.97 -30.70
C PHE K 297 0.04 -109.37 -31.05
N LEU K 298 0.64 -109.48 -32.24
CA LEU K 298 1.18 -110.71 -32.79
C LEU K 298 0.07 -111.72 -33.10
N LEU K 299 0.31 -112.59 -34.08
CA LEU K 299 -0.70 -113.55 -34.51
C LEU K 299 -0.78 -114.73 -33.53
N GLY K 300 -0.73 -115.95 -34.06
CA GLY K 300 -0.80 -117.13 -33.24
C GLY K 300 -2.21 -117.68 -33.10
N GLY K 301 -2.39 -118.95 -33.42
CA GLY K 301 -3.70 -119.58 -33.33
C GLY K 301 -4.52 -119.44 -34.58
N ARG K 302 -5.43 -120.39 -34.81
CA ARG K 302 -6.30 -120.38 -35.99
C ARG K 302 -7.43 -119.39 -35.75
N SER K 303 -7.17 -118.13 -36.09
CA SER K 303 -8.15 -117.06 -35.90
C SER K 303 -8.04 -116.08 -37.05
N THR K 304 -9.10 -115.29 -37.22
CA THR K 304 -9.13 -114.27 -38.27
C THR K 304 -8.62 -112.92 -37.80
N PHE K 305 -8.44 -112.74 -36.49
CA PHE K 305 -7.94 -111.49 -35.91
C PHE K 305 -8.83 -110.30 -36.29
N ASN K 306 -8.27 -109.10 -36.26
CA ASN K 306 -9.00 -107.89 -36.59
C ASN K 306 -8.32 -107.15 -37.73
N ILE K 307 -9.07 -106.24 -38.35
CA ILE K 307 -8.56 -105.44 -39.46
C ILE K 307 -8.29 -104.03 -38.96
N SER K 308 -7.31 -103.38 -39.56
CA SER K 308 -6.93 -102.02 -39.18
C SER K 308 -6.97 -101.15 -40.44
N ARG K 309 -6.24 -100.04 -40.41
CA ARG K 309 -6.20 -99.12 -41.54
C ARG K 309 -5.21 -99.62 -42.59
N SER K 310 -5.58 -99.45 -43.85
CA SER K 310 -4.76 -99.87 -44.98
C SER K 310 -4.60 -98.70 -45.95
N SER K 311 -3.37 -98.47 -46.40
CA SER K 311 -3.08 -97.39 -47.32
C SER K 311 -1.93 -97.81 -48.23
N ILE K 312 -1.56 -96.93 -49.16
CA ILE K 312 -0.48 -97.13 -50.11
C ILE K 312 -0.75 -98.40 -50.93
N ALA K 313 -1.48 -98.25 -52.02
CA ALA K 313 -1.81 -99.36 -52.90
C ALA K 313 -1.21 -99.16 -54.28
N PRO K 314 -0.80 -100.24 -54.95
CA PRO K 314 -0.26 -100.10 -56.31
C PRO K 314 -1.34 -99.69 -57.29
N PRO K 315 -0.96 -99.13 -58.44
CA PRO K 315 -1.97 -98.70 -59.42
C PRO K 315 -2.59 -99.85 -60.20
N ASN K 316 -2.25 -101.09 -59.81
CA ASN K 316 -2.79 -102.27 -60.47
C ASN K 316 -4.18 -102.60 -59.93
N ALA K 317 -4.43 -103.87 -59.67
CA ALA K 317 -5.72 -104.33 -59.17
C ALA K 317 -5.49 -105.28 -58.01
N ASN K 318 -6.01 -104.93 -56.84
CA ASN K 318 -5.89 -105.73 -55.64
C ASN K 318 -7.22 -106.42 -55.33
N GLN K 319 -7.36 -106.94 -54.11
CA GLN K 319 -8.57 -107.61 -53.68
C GLN K 319 -8.92 -107.15 -52.26
N SER K 320 -10.03 -107.65 -51.75
CA SER K 320 -10.50 -107.31 -50.41
C SER K 320 -11.38 -108.44 -49.90
N LEU K 321 -10.79 -109.64 -49.75
CA LEU K 321 -11.47 -110.83 -49.25
C LEU K 321 -12.69 -111.17 -50.10
N ALA K 322 -13.62 -111.92 -49.51
CA ALA K 322 -14.84 -112.31 -50.22
C ALA K 322 -15.91 -112.62 -49.18
N CYS K 323 -16.85 -113.49 -49.52
CA CYS K 323 -17.93 -113.87 -48.62
C CYS K 323 -18.12 -115.38 -48.68
N ALA K 324 -18.22 -116.01 -47.51
CA ALA K 324 -18.40 -117.46 -47.44
C ALA K 324 -19.09 -117.80 -46.13
N TRP K 325 -19.83 -118.90 -46.14
CA TRP K 325 -20.56 -119.38 -44.97
C TRP K 325 -20.22 -120.84 -44.74
N LEU K 326 -19.46 -121.13 -43.68
CA LEU K 326 -19.07 -122.49 -43.36
C LEU K 326 -18.86 -122.60 -41.86
N SER K 327 -19.17 -123.78 -41.32
CA SER K 327 -19.02 -124.05 -39.89
C SER K 327 -17.65 -124.60 -39.53
N THR K 328 -16.66 -124.44 -40.40
CA THR K 328 -15.31 -124.93 -40.16
C THR K 328 -14.30 -123.79 -40.01
N ASP K 329 -14.33 -122.81 -40.91
CA ASP K 329 -13.40 -121.70 -40.83
C ASP K 329 -13.85 -120.68 -39.79
N PRO K 330 -12.91 -120.05 -39.09
CA PRO K 330 -13.29 -119.05 -38.08
C PRO K 330 -13.87 -117.80 -38.73
N THR K 331 -14.61 -117.05 -37.92
CA THR K 331 -15.24 -115.82 -38.36
C THR K 331 -14.86 -114.60 -37.52
N LYS K 332 -14.72 -114.77 -36.22
CA LYS K 332 -14.35 -113.69 -35.31
C LYS K 332 -13.02 -113.99 -34.66
N GLY K 333 -12.08 -113.06 -34.75
CA GLY K 333 -10.77 -113.23 -34.17
C GLY K 333 -10.72 -112.81 -32.71
N GLN K 334 -9.84 -113.47 -31.95
CA GLN K 334 -9.71 -113.20 -30.53
C GLN K 334 -8.36 -113.67 -30.00
N LEU K 335 -7.95 -114.87 -30.39
CA LEU K 335 -6.72 -115.45 -29.86
C LEU K 335 -5.50 -114.76 -30.46
N GLU K 336 -4.72 -114.10 -29.60
CA GLU K 336 -3.46 -113.45 -29.98
C GLU K 336 -2.38 -114.04 -29.09
N ILE K 337 -1.72 -115.09 -29.58
CA ILE K 337 -0.77 -115.84 -28.75
C ILE K 337 0.48 -114.99 -28.53
N THR K 338 0.81 -114.76 -27.26
CA THR K 338 2.01 -114.02 -26.87
C THR K 338 2.90 -114.95 -26.05
N ASN K 339 4.11 -115.21 -26.56
CA ASN K 339 5.04 -116.12 -25.89
C ASN K 339 5.55 -115.46 -24.62
N LEU K 340 5.03 -115.88 -23.47
CA LEU K 340 5.45 -115.36 -22.17
C LEU K 340 6.18 -116.42 -21.35
N LEU K 341 5.53 -117.55 -21.09
CA LEU K 341 6.12 -118.65 -20.34
C LEU K 341 5.86 -119.95 -21.07
N PRO K 342 6.86 -120.53 -21.74
CA PRO K 342 6.63 -121.79 -22.46
C PRO K 342 6.36 -122.96 -21.54
N SER K 343 7.27 -123.24 -20.62
CA SER K 343 7.11 -124.36 -19.68
C SER K 343 7.94 -124.04 -18.44
N SER K 344 7.29 -123.44 -17.44
CA SER K 344 7.95 -123.08 -16.19
C SER K 344 7.27 -123.68 -14.96
N THR K 345 5.95 -123.81 -14.97
CA THR K 345 5.21 -124.38 -13.87
C THR K 345 4.67 -125.75 -14.24
N LEU K 346 4.62 -126.65 -13.25
CA LEU K 346 4.14 -128.01 -13.51
C LEU K 346 2.63 -128.04 -13.71
N SER K 347 1.90 -127.10 -13.11
CA SER K 347 0.45 -127.04 -13.24
C SER K 347 -0.02 -125.66 -12.85
N VAL K 348 -1.13 -125.24 -13.47
CA VAL K 348 -1.72 -123.93 -13.22
C VAL K 348 -3.23 -124.09 -13.16
N ASN K 349 -3.85 -123.57 -12.10
CA ASN K 349 -5.29 -123.67 -11.93
C ASN K 349 -6.02 -122.46 -12.51
N SER K 350 -5.97 -121.33 -11.79
CA SER K 350 -6.70 -120.14 -12.19
C SER K 350 -5.76 -118.93 -12.24
N LEU K 351 -6.22 -117.88 -12.89
CA LEU K 351 -5.45 -116.65 -13.01
C LEU K 351 -6.41 -115.47 -13.12
N ASP K 352 -5.93 -114.30 -12.72
CA ASP K 352 -6.75 -113.09 -12.75
C ASP K 352 -5.83 -111.88 -12.92
N VAL K 353 -6.14 -111.06 -13.93
CA VAL K 353 -5.34 -109.88 -14.25
C VAL K 353 -6.18 -108.64 -13.94
N LEU K 354 -5.51 -107.58 -13.48
CA LEU K 354 -6.17 -106.31 -13.20
C LEU K 354 -5.17 -105.18 -13.37
N GLY K 355 -5.55 -104.18 -14.16
CA GLY K 355 -4.68 -103.04 -14.40
C GLY K 355 -3.34 -103.43 -14.99
N GLN K 356 -2.39 -103.77 -14.12
CA GLN K 356 -1.06 -104.18 -14.57
C GLN K 356 -0.48 -105.31 -13.73
N ASN K 357 -1.29 -105.97 -12.90
CA ASN K 357 -0.81 -107.06 -12.05
C ASN K 357 -1.64 -108.31 -12.30
N LEU K 358 -0.96 -109.46 -12.35
CA LEU K 358 -1.59 -110.74 -12.62
C LEU K 358 -1.30 -111.69 -11.47
N VAL K 359 -2.36 -112.20 -10.84
CA VAL K 359 -2.24 -113.25 -9.84
C VAL K 359 -2.57 -114.57 -10.51
N CYS K 360 -1.94 -115.64 -10.02
CA CYS K 360 -2.11 -116.97 -10.62
C CYS K 360 -2.00 -118.02 -9.53
N GLY K 361 -3.10 -118.72 -9.28
CA GLY K 361 -3.11 -119.82 -8.33
C GLY K 361 -2.93 -121.14 -9.06
N THR K 362 -1.92 -121.90 -8.63
CA THR K 362 -1.58 -123.15 -9.27
C THR K 362 -2.25 -124.33 -8.55
N ASP K 363 -2.22 -125.49 -9.19
CA ASP K 363 -2.79 -126.70 -8.61
C ASP K 363 -1.92 -127.29 -7.50
N ALA K 364 -0.67 -126.86 -7.38
CA ALA K 364 0.24 -127.35 -6.35
C ALA K 364 0.18 -126.51 -5.08
N GLU K 365 -0.94 -125.83 -4.82
CA GLU K 365 -1.13 -125.00 -3.63
C GLU K 365 -0.05 -123.91 -3.55
N ALA K 366 -0.09 -123.01 -4.52
CA ALA K 366 0.85 -121.91 -4.58
C ALA K 366 0.23 -120.77 -5.38
N ILE K 367 0.75 -119.56 -5.16
CA ILE K 367 0.29 -118.36 -5.84
C ILE K 367 1.48 -117.59 -6.37
N TYR K 368 1.30 -116.98 -7.54
CA TYR K 368 2.33 -116.19 -8.20
C TYR K 368 1.74 -114.83 -8.56
N VAL K 369 2.52 -113.78 -8.33
CA VAL K 369 2.12 -112.40 -8.60
C VAL K 369 3.15 -111.79 -9.54
N THR K 370 2.71 -111.40 -10.73
CA THR K 370 3.61 -110.88 -11.76
C THR K 370 3.10 -109.53 -12.26
N ARG K 371 4.02 -108.57 -12.35
CA ARG K 371 3.71 -107.26 -12.90
C ARG K 371 3.94 -107.27 -14.41
N ARG K 372 2.91 -106.95 -15.18
CA ARG K 372 3.02 -106.99 -16.62
C ARG K 372 3.94 -105.89 -17.13
N LEU K 373 4.59 -106.16 -18.26
CA LEU K 373 5.51 -105.20 -18.88
C LEU K 373 5.18 -104.90 -20.33
N PHE K 374 4.24 -105.62 -20.95
CA PHE K 374 3.85 -105.40 -22.32
C PHE K 374 2.60 -104.51 -22.37
N SER K 375 1.92 -104.51 -23.50
CA SER K 375 0.71 -103.70 -23.66
C SER K 375 -0.25 -104.34 -24.66
N ALA L 9 -59.70 -86.12 -6.17
CA ALA L 9 -60.19 -87.34 -6.78
C ALA L 9 -59.04 -88.22 -7.26
N ASP L 10 -59.12 -88.68 -8.52
CA ASP L 10 -58.11 -89.53 -9.13
C ASP L 10 -57.88 -89.05 -10.57
N HIS L 11 -57.27 -87.87 -10.69
CA HIS L 11 -56.98 -87.27 -12.00
C HIS L 11 -58.25 -87.08 -12.82
N LYS L 12 -59.34 -86.73 -12.15
CA LYS L 12 -60.62 -86.52 -12.81
C LYS L 12 -61.04 -85.06 -12.90
N ASP L 13 -60.42 -84.18 -12.10
CA ASP L 13 -60.75 -82.77 -12.13
C ASP L 13 -60.02 -82.06 -13.26
N LEU L 14 -59.30 -80.99 -12.95
CA LEU L 14 -58.56 -80.22 -13.94
C LEU L 14 -57.09 -80.64 -13.91
N ILE L 15 -56.58 -81.14 -15.03
CA ILE L 15 -55.19 -81.54 -15.11
C ILE L 15 -54.30 -80.31 -15.05
N HIS L 16 -53.24 -80.39 -14.25
CA HIS L 16 -52.33 -79.27 -14.05
C HIS L 16 -51.01 -79.47 -14.80
N ASP L 17 -50.14 -80.36 -14.32
CA ASP L 17 -48.83 -80.52 -14.93
C ASP L 17 -48.41 -81.98 -14.87
N VAL L 18 -47.94 -82.50 -16.00
CA VAL L 18 -47.33 -83.82 -16.09
C VAL L 18 -45.91 -83.64 -16.62
N SER L 19 -44.95 -84.34 -16.01
CA SER L 19 -43.55 -84.20 -16.37
C SER L 19 -42.88 -85.56 -16.40
N PHE L 20 -41.83 -85.67 -17.21
CA PHE L 20 -41.06 -86.89 -17.37
C PHE L 20 -39.59 -86.59 -17.11
N ASP L 21 -38.83 -87.63 -16.76
CA ASP L 21 -37.40 -87.48 -16.52
C ASP L 21 -36.64 -87.51 -17.84
N PHE L 22 -35.54 -86.76 -17.88
CA PHE L 22 -34.69 -86.73 -19.07
C PHE L 22 -34.00 -88.06 -19.32
N HIS L 23 -33.84 -88.88 -18.28
CA HIS L 23 -33.22 -90.20 -18.41
C HIS L 23 -34.25 -91.30 -18.65
N GLY L 24 -35.53 -90.99 -18.62
CA GLY L 24 -36.56 -91.99 -18.81
C GLY L 24 -36.68 -92.94 -17.64
N ARG L 25 -36.76 -92.40 -16.44
CA ARG L 25 -36.83 -93.22 -15.23
C ARG L 25 -38.02 -92.87 -14.35
N ARG L 26 -38.36 -91.60 -14.22
CA ARG L 26 -39.45 -91.19 -13.34
C ARG L 26 -40.42 -90.29 -14.10
N MET L 27 -41.64 -90.25 -13.59
CA MET L 27 -42.66 -89.34 -14.10
C MET L 27 -43.49 -88.81 -12.95
N ALA L 28 -43.99 -87.59 -13.11
CA ALA L 28 -44.76 -86.91 -12.07
C ALA L 28 -46.04 -86.36 -12.68
N THR L 29 -47.13 -86.46 -11.93
CA THR L 29 -48.43 -85.95 -12.35
C THR L 29 -49.06 -85.17 -11.20
N CYS L 30 -49.65 -84.02 -11.53
CA CYS L 30 -50.33 -83.20 -10.54
C CYS L 30 -51.57 -82.58 -11.17
N SER L 31 -52.59 -82.38 -10.34
CA SER L 31 -53.85 -81.81 -10.80
C SER L 31 -54.57 -81.09 -9.68
N SER L 32 -55.89 -81.04 -9.74
CA SER L 32 -56.70 -80.41 -8.70
C SER L 32 -57.05 -81.38 -7.56
N ASP L 33 -56.40 -82.54 -7.51
CA ASP L 33 -56.64 -83.52 -6.46
C ASP L 33 -55.88 -83.22 -5.17
N GLN L 34 -55.28 -82.03 -5.06
CA GLN L 34 -54.56 -81.61 -3.88
C GLN L 34 -53.41 -82.55 -3.52
N SER L 35 -52.92 -83.30 -4.50
CA SER L 35 -51.84 -84.26 -4.26
C SER L 35 -51.17 -84.60 -5.59
N VAL L 36 -49.90 -85.00 -5.50
CA VAL L 36 -49.12 -85.38 -6.66
C VAL L 36 -48.86 -86.87 -6.63
N LYS L 37 -48.56 -87.41 -7.81
CA LYS L 37 -48.27 -88.83 -7.97
C LYS L 37 -46.96 -88.99 -8.74
N VAL L 38 -46.01 -89.71 -8.15
CA VAL L 38 -44.71 -89.95 -8.76
C VAL L 38 -44.61 -91.44 -9.07
N TRP L 39 -44.46 -91.76 -10.35
CA TRP L 39 -44.34 -93.14 -10.82
C TRP L 39 -42.92 -93.39 -11.34
N ASP L 40 -42.51 -94.65 -11.27
CA ASP L 40 -41.17 -95.07 -11.67
C ASP L 40 -41.27 -96.15 -12.74
N LYS L 41 -40.38 -96.09 -13.72
CA LYS L 41 -40.35 -97.07 -14.79
C LYS L 41 -39.66 -98.34 -14.31
N SER L 42 -40.29 -99.49 -14.57
CA SER L 42 -39.72 -100.76 -14.16
C SER L 42 -38.52 -101.12 -15.04
N GLU L 43 -37.56 -101.85 -14.45
CA GLU L 43 -36.38 -102.24 -15.18
C GLU L 43 -36.66 -103.34 -16.20
N ASN L 44 -37.75 -104.09 -16.03
CA ASN L 44 -38.11 -105.15 -16.97
C ASN L 44 -39.07 -104.69 -18.06
N GLY L 45 -39.84 -103.63 -17.81
CA GLY L 45 -40.78 -103.12 -18.79
C GLY L 45 -41.97 -102.47 -18.12
N ASN L 46 -42.56 -101.49 -18.81
CA ASN L 46 -43.75 -100.78 -18.34
C ASN L 46 -43.50 -100.04 -17.04
N TRP L 47 -44.53 -99.40 -16.50
CA TRP L 47 -44.43 -98.64 -15.27
C TRP L 47 -45.66 -98.88 -14.41
N HIS L 48 -45.61 -98.40 -13.17
CA HIS L 48 -46.70 -98.56 -12.23
C HIS L 48 -46.67 -97.40 -11.23
N CYS L 49 -47.71 -97.33 -10.41
CA CYS L 49 -47.80 -96.29 -9.40
C CYS L 49 -46.77 -96.54 -8.29
N THR L 50 -45.84 -95.60 -8.12
CA THR L 50 -44.80 -95.75 -7.11
C THR L 50 -45.18 -95.06 -5.80
N ALA L 51 -45.63 -93.81 -5.87
CA ALA L 51 -46.02 -93.08 -4.68
C ALA L 51 -47.01 -91.98 -5.05
N SER L 52 -47.78 -91.55 -4.06
CA SER L 52 -48.74 -90.47 -4.23
C SER L 52 -48.96 -89.81 -2.88
N TRP L 53 -48.77 -88.50 -2.82
CA TRP L 53 -48.85 -87.82 -1.52
C TRP L 53 -49.17 -86.35 -1.72
N LYS L 54 -49.49 -85.69 -0.61
CA LYS L 54 -49.85 -84.28 -0.61
C LYS L 54 -48.58 -83.42 -0.54
N THR L 55 -48.51 -82.41 -1.40
CA THR L 55 -47.37 -81.50 -1.42
C THR L 55 -47.71 -80.08 -0.98
N HIS L 56 -48.95 -79.63 -1.19
CA HIS L 56 -49.37 -78.29 -0.82
C HIS L 56 -50.77 -78.35 -0.23
N SER L 57 -51.17 -77.26 0.42
CA SER L 57 -52.50 -77.19 1.01
C SER L 57 -53.56 -76.96 -0.06
N GLY L 58 -53.22 -76.27 -1.13
CA GLY L 58 -54.14 -75.98 -2.22
C GLY L 58 -53.93 -76.92 -3.39
N SER L 59 -54.18 -76.39 -4.60
CA SER L 59 -54.05 -77.16 -5.82
C SER L 59 -52.64 -76.99 -6.38
N VAL L 60 -51.89 -78.08 -6.44
CA VAL L 60 -50.53 -78.04 -6.96
C VAL L 60 -50.57 -77.71 -8.45
N TRP L 61 -49.81 -76.71 -8.86
CA TRP L 61 -49.83 -76.22 -10.23
C TRP L 61 -48.72 -76.84 -11.09
N ARG L 62 -47.47 -76.56 -10.77
CA ARG L 62 -46.34 -77.00 -11.57
C ARG L 62 -45.46 -77.96 -10.78
N VAL L 63 -44.62 -78.70 -11.51
CA VAL L 63 -43.68 -79.64 -10.91
C VAL L 63 -42.53 -79.87 -11.89
N THR L 64 -41.31 -79.69 -11.42
CA THR L 64 -40.14 -79.81 -12.30
C THR L 64 -39.01 -80.50 -11.54
N TRP L 65 -38.32 -81.42 -12.21
CA TRP L 65 -37.20 -82.11 -11.60
C TRP L 65 -35.97 -81.21 -11.55
N ALA L 66 -34.84 -81.78 -11.16
CA ALA L 66 -33.58 -81.07 -11.05
C ALA L 66 -32.58 -81.62 -12.06
N HIS L 67 -31.42 -80.97 -12.12
CA HIS L 67 -30.36 -81.40 -13.02
C HIS L 67 -29.81 -82.76 -12.58
N PRO L 68 -29.28 -83.54 -13.53
CA PRO L 68 -28.73 -84.86 -13.19
C PRO L 68 -27.48 -84.81 -12.33
N GLU L 69 -26.94 -83.63 -12.05
CA GLU L 69 -25.77 -83.49 -11.19
C GLU L 69 -26.13 -83.32 -9.72
N PHE L 70 -27.38 -83.56 -9.34
CA PHE L 70 -27.80 -83.43 -7.96
C PHE L 70 -28.68 -84.62 -7.55
N GLY L 71 -29.88 -84.70 -8.10
CA GLY L 71 -30.78 -85.79 -7.78
C GLY L 71 -32.15 -85.54 -8.40
N GLN L 72 -33.16 -86.11 -7.76
CA GLN L 72 -34.55 -85.99 -8.22
C GLN L 72 -35.34 -85.07 -7.28
N VAL L 73 -34.90 -83.82 -7.23
CA VAL L 73 -35.56 -82.82 -6.39
C VAL L 73 -36.83 -82.35 -7.08
N LEU L 74 -37.94 -82.40 -6.35
CA LEU L 74 -39.25 -82.02 -6.88
C LEU L 74 -39.60 -80.62 -6.37
N ALA L 75 -39.87 -79.71 -7.29
CA ALA L 75 -40.28 -78.34 -6.97
C ALA L 75 -41.78 -78.22 -7.26
N SER L 76 -42.59 -78.40 -6.22
CA SER L 76 -44.04 -78.39 -6.36
C SER L 76 -44.56 -76.97 -6.16
N CYS L 77 -45.18 -76.41 -7.18
CA CYS L 77 -45.78 -75.09 -7.13
C CYS L 77 -47.30 -75.21 -7.03
N SER L 78 -47.91 -74.23 -6.35
CA SER L 78 -49.36 -74.24 -6.15
C SER L 78 -49.84 -72.79 -6.10
N PHE L 79 -51.14 -72.64 -5.87
CA PHE L 79 -51.77 -71.32 -5.76
C PHE L 79 -51.74 -70.77 -4.34
N ASP L 80 -51.05 -71.45 -3.43
CA ASP L 80 -50.93 -71.01 -2.04
C ASP L 80 -49.82 -69.99 -1.84
N ARG L 81 -49.39 -69.31 -2.90
CA ARG L 81 -48.33 -68.30 -2.85
C ARG L 81 -47.05 -68.88 -2.25
N THR L 82 -46.79 -70.16 -2.47
CA THR L 82 -45.62 -70.84 -1.92
C THR L 82 -45.07 -71.81 -2.96
N ALA L 83 -43.98 -72.46 -2.61
CA ALA L 83 -43.35 -73.46 -3.48
C ALA L 83 -42.58 -74.44 -2.61
N ALA L 84 -42.99 -75.70 -2.62
CA ALA L 84 -42.39 -76.72 -1.78
C ALA L 84 -41.28 -77.45 -2.51
N VAL L 85 -40.28 -77.90 -1.74
CA VAL L 85 -39.14 -78.64 -2.27
C VAL L 85 -39.12 -80.00 -1.58
N TRP L 86 -39.19 -81.06 -2.37
CA TRP L 86 -39.22 -82.42 -1.85
C TRP L 86 -38.06 -83.23 -2.41
N GLU L 87 -37.59 -84.20 -1.62
CA GLU L 87 -36.51 -85.09 -2.02
C GLU L 87 -36.85 -86.50 -1.57
N GLU L 88 -36.66 -87.47 -2.46
CA GLU L 88 -36.94 -88.86 -2.14
C GLU L 88 -35.91 -89.41 -1.17
N ILE L 89 -36.19 -89.32 0.13
CA ILE L 89 -35.26 -89.82 1.15
C ILE L 89 -35.55 -91.29 1.38
N VAL L 90 -34.50 -92.11 1.29
CA VAL L 90 -34.62 -93.54 1.50
C VAL L 90 -34.60 -93.85 2.99
N GLY L 91 -34.90 -95.09 3.35
CA GLY L 91 -34.91 -95.49 4.75
C GLY L 91 -33.86 -96.54 5.08
N GLU L 92 -34.19 -97.81 4.84
CA GLU L 92 -33.29 -98.92 5.11
C GLU L 92 -32.62 -99.42 3.83
N SER L 93 -32.25 -98.51 2.93
CA SER L 93 -31.60 -98.88 1.69
C SER L 93 -30.15 -99.28 1.93
N ASN L 94 -29.91 -100.54 2.24
CA ASN L 94 -28.58 -101.06 2.50
C ASN L 94 -28.37 -102.35 1.73
N ASP L 95 -27.21 -102.46 1.07
CA ASP L 95 -26.83 -103.65 0.30
C ASP L 95 -27.87 -103.84 -0.81
N LYS L 96 -28.31 -105.07 -1.06
CA LYS L 96 -29.29 -105.35 -2.11
C LYS L 96 -30.72 -105.19 -1.58
N LEU L 97 -31.01 -103.97 -1.12
CA LEU L 97 -32.31 -103.64 -0.57
C LEU L 97 -32.56 -102.15 -0.76
N ARG L 98 -33.79 -101.81 -1.15
CA ARG L 98 -34.20 -100.42 -1.37
C ARG L 98 -35.19 -100.03 -0.27
N GLY L 99 -34.85 -98.98 0.47
CA GLY L 99 -35.71 -98.52 1.54
C GLY L 99 -36.96 -97.82 1.01
N GLN L 100 -37.87 -97.53 1.95
CA GLN L 100 -39.10 -96.85 1.59
C GLN L 100 -38.85 -95.38 1.31
N SER L 101 -39.42 -94.89 0.21
CA SER L 101 -39.26 -93.49 -0.17
C SER L 101 -40.07 -92.61 0.77
N HIS L 102 -39.39 -91.90 1.67
CA HIS L 102 -40.04 -91.02 2.63
C HIS L 102 -39.97 -89.59 2.12
N TRP L 103 -41.12 -89.03 1.76
CA TRP L 103 -41.19 -87.66 1.26
C TRP L 103 -41.10 -86.70 2.44
N VAL L 104 -40.02 -85.92 2.51
CA VAL L 104 -39.79 -84.97 3.57
C VAL L 104 -39.49 -83.62 2.94
N LYS L 105 -40.28 -82.60 3.29
CA LYS L 105 -40.08 -81.26 2.77
C LYS L 105 -38.81 -80.66 3.39
N ARG L 106 -37.77 -80.52 2.57
CA ARG L 106 -36.50 -79.98 3.08
C ARG L 106 -36.61 -78.47 3.32
N THR L 107 -36.97 -77.72 2.29
CA THR L 107 -37.09 -76.28 2.38
C THR L 107 -38.25 -75.82 1.49
N THR L 108 -38.48 -74.51 1.46
CA THR L 108 -39.54 -73.93 0.65
C THR L 108 -39.05 -72.59 0.11
N LEU L 109 -39.66 -72.19 -1.02
CA LEU L 109 -39.32 -70.93 -1.69
C LEU L 109 -40.56 -70.05 -1.69
N VAL L 110 -40.55 -69.01 -0.86
CA VAL L 110 -41.67 -68.09 -0.77
C VAL L 110 -41.16 -66.68 -0.46
N ASP L 111 -41.60 -65.71 -1.25
CA ASP L 111 -41.20 -64.31 -1.06
C ASP L 111 -42.12 -63.38 -1.83
N SER L 112 -43.11 -63.94 -2.52
CA SER L 112 -44.05 -63.16 -3.31
C SER L 112 -45.46 -63.36 -2.76
N ARG L 113 -46.42 -62.68 -3.40
CA ARG L 113 -47.83 -62.76 -3.00
C ARG L 113 -48.71 -63.28 -4.14
N THR L 114 -48.12 -63.89 -5.15
CA THR L 114 -48.86 -64.43 -6.29
C THR L 114 -48.41 -65.87 -6.55
N SER L 115 -49.09 -66.54 -7.45
CA SER L 115 -48.78 -67.93 -7.76
C SER L 115 -47.52 -68.01 -8.61
N VAL L 116 -46.95 -69.21 -8.66
CA VAL L 116 -45.73 -69.49 -9.42
C VAL L 116 -46.14 -70.06 -10.77
N THR L 117 -45.50 -69.56 -11.83
CA THR L 117 -45.81 -69.99 -13.19
C THR L 117 -44.89 -71.12 -13.66
N ASP L 118 -43.59 -71.01 -13.37
CA ASP L 118 -42.63 -72.02 -13.80
C ASP L 118 -41.48 -72.05 -12.81
N VAL L 119 -40.67 -73.11 -12.91
CA VAL L 119 -39.51 -73.29 -12.05
C VAL L 119 -38.56 -74.25 -12.74
N LYS L 120 -37.26 -73.95 -12.62
CA LYS L 120 -36.23 -74.80 -13.21
C LYS L 120 -34.99 -74.74 -12.32
N PHE L 121 -34.03 -75.62 -12.61
CA PHE L 121 -32.79 -75.72 -11.87
C PHE L 121 -31.62 -75.27 -12.73
N ALA L 122 -30.45 -75.23 -12.11
CA ALA L 122 -29.21 -74.80 -12.73
C ALA L 122 -28.13 -75.84 -12.49
N PRO L 123 -27.14 -75.92 -13.38
CA PRO L 123 -26.05 -76.89 -13.17
C PRO L 123 -25.14 -76.52 -12.02
N LYS L 124 -23.96 -77.14 -11.96
CA LYS L 124 -23.01 -76.88 -10.89
C LYS L 124 -22.36 -75.52 -11.03
N HIS L 125 -21.12 -75.50 -11.54
CA HIS L 125 -20.35 -74.26 -11.73
C HIS L 125 -20.23 -73.49 -10.42
N MET L 126 -21.25 -72.72 -10.07
CA MET L 126 -21.27 -71.93 -8.84
C MET L 126 -22.01 -72.63 -7.71
N GLY L 127 -23.24 -73.07 -7.96
CA GLY L 127 -24.01 -73.75 -6.93
C GLY L 127 -25.34 -74.28 -7.44
N LEU L 128 -26.44 -73.71 -6.95
CA LEU L 128 -27.79 -74.12 -7.33
C LEU L 128 -28.64 -72.86 -7.46
N MET L 129 -28.67 -72.31 -8.68
CA MET L 129 -29.45 -71.10 -8.96
C MET L 129 -30.91 -71.51 -9.18
N LEU L 130 -31.73 -71.36 -8.15
CA LEU L 130 -33.13 -71.72 -8.21
C LEU L 130 -33.94 -70.50 -8.62
N ALA L 131 -34.69 -70.62 -9.72
CA ALA L 131 -35.48 -69.51 -10.25
C ALA L 131 -36.95 -69.73 -9.92
N THR L 132 -37.62 -68.63 -9.56
CA THR L 132 -39.05 -68.67 -9.25
C THR L 132 -39.70 -67.41 -9.81
N CYS L 133 -40.68 -67.58 -10.69
CA CYS L 133 -41.39 -66.47 -11.31
C CYS L 133 -42.79 -66.37 -10.72
N SER L 134 -43.26 -65.15 -10.51
CA SER L 134 -44.58 -64.90 -9.95
C SER L 134 -45.57 -64.57 -11.07
N ALA L 135 -46.82 -64.31 -10.66
CA ALA L 135 -47.89 -63.98 -11.60
C ALA L 135 -48.03 -62.48 -11.82
N ASP L 136 -46.92 -61.73 -11.76
CA ASP L 136 -46.98 -60.29 -11.99
C ASP L 136 -45.74 -59.74 -12.69
N GLY L 137 -44.94 -60.59 -13.33
CA GLY L 137 -43.75 -60.12 -14.00
C GLY L 137 -42.56 -59.90 -13.11
N VAL L 138 -42.34 -60.79 -12.13
CA VAL L 138 -41.22 -60.68 -11.21
C VAL L 138 -40.62 -62.06 -11.00
N VAL L 139 -39.34 -62.22 -11.33
CA VAL L 139 -38.63 -63.46 -11.11
C VAL L 139 -37.55 -63.23 -10.06
N ARG L 140 -37.26 -64.28 -9.30
CA ARG L 140 -36.28 -64.23 -8.22
C ARG L 140 -35.38 -65.45 -8.30
N ILE L 141 -34.08 -65.22 -8.20
CA ILE L 141 -33.06 -66.27 -8.28
C ILE L 141 -32.39 -66.37 -6.91
N TYR L 142 -32.42 -67.57 -6.35
CA TYR L 142 -31.81 -67.86 -5.06
C TYR L 142 -30.59 -68.77 -5.25
N GLU L 143 -29.61 -68.62 -4.37
CA GLU L 143 -28.39 -69.40 -4.39
C GLU L 143 -28.22 -70.12 -3.06
N ALA L 144 -27.72 -71.35 -3.12
CA ALA L 144 -27.48 -72.14 -1.91
C ALA L 144 -26.10 -71.79 -1.37
N PRO L 145 -26.00 -71.21 -0.17
CA PRO L 145 -24.67 -70.84 0.36
C PRO L 145 -23.85 -72.04 0.80
N ASP L 146 -24.47 -73.19 1.05
CA ASP L 146 -23.76 -74.38 1.48
C ASP L 146 -24.12 -75.55 0.57
N VAL L 147 -23.27 -76.57 0.60
CA VAL L 147 -23.47 -77.77 -0.22
C VAL L 147 -23.83 -78.99 0.60
N MET L 148 -23.57 -79.00 1.90
CA MET L 148 -23.88 -80.12 2.77
C MET L 148 -25.26 -80.01 3.40
N ASN L 149 -26.06 -79.03 2.99
CA ASN L 149 -27.40 -78.86 3.53
C ASN L 149 -28.28 -78.21 2.47
N LEU L 150 -29.48 -78.75 2.27
CA LEU L 150 -30.43 -78.24 1.29
C LEU L 150 -31.63 -77.58 1.96
N SER L 151 -31.45 -76.99 3.13
CA SER L 151 -32.51 -76.33 3.87
C SER L 151 -32.21 -74.85 4.08
N GLN L 152 -31.52 -74.23 3.13
CA GLN L 152 -31.16 -72.82 3.24
C GLN L 152 -30.94 -72.25 1.84
N TRP L 153 -31.12 -70.94 1.73
CA TRP L 153 -30.95 -70.26 0.46
C TRP L 153 -30.83 -68.76 0.72
N SER L 154 -30.32 -68.04 -0.28
CA SER L 154 -30.18 -66.60 -0.20
C SER L 154 -30.62 -66.00 -1.53
N LEU L 155 -31.54 -65.03 -1.47
CA LEU L 155 -32.06 -64.38 -2.68
C LEU L 155 -30.97 -63.51 -3.27
N GLN L 156 -30.35 -63.97 -4.36
CA GLN L 156 -29.23 -63.26 -4.96
C GLN L 156 -29.64 -62.37 -6.12
N HIS L 157 -30.73 -62.67 -6.82
CA HIS L 157 -31.11 -61.87 -7.97
C HIS L 157 -32.62 -61.64 -7.98
N GLU L 158 -33.02 -60.46 -8.44
CA GLU L 158 -34.42 -60.11 -8.62
C GLU L 158 -34.57 -59.35 -9.92
N ILE L 159 -35.48 -59.80 -10.78
CA ILE L 159 -35.73 -59.16 -12.08
C ILE L 159 -37.21 -58.87 -12.21
N SER L 160 -37.57 -57.60 -12.28
CA SER L 160 -38.95 -57.16 -12.43
C SER L 160 -39.12 -56.57 -13.83
N CYS L 161 -39.89 -57.27 -14.67
CA CYS L 161 -40.11 -56.83 -16.04
C CYS L 161 -41.45 -56.13 -16.18
N LYS L 162 -42.19 -56.44 -17.24
CA LYS L 162 -43.49 -55.84 -17.50
C LYS L 162 -44.54 -56.93 -17.67
N LEU L 163 -45.79 -56.56 -17.48
CA LEU L 163 -46.95 -57.46 -17.60
C LEU L 163 -46.76 -58.60 -16.59
N SER L 164 -47.08 -59.84 -16.96
CA SER L 164 -46.93 -60.99 -16.08
C SER L 164 -45.83 -61.90 -16.63
N CYS L 165 -45.67 -63.05 -15.98
CA CYS L 165 -44.67 -64.04 -16.36
C CYS L 165 -45.36 -65.27 -16.94
N SER L 166 -44.55 -66.18 -17.47
CA SER L 166 -45.06 -67.42 -18.06
C SER L 166 -44.01 -68.51 -18.02
N CYS L 167 -42.97 -68.39 -18.85
CA CYS L 167 -41.89 -69.37 -18.89
C CYS L 167 -40.56 -68.63 -18.92
N ILE L 168 -39.49 -69.37 -18.62
CA ILE L 168 -38.15 -68.83 -18.60
C ILE L 168 -37.21 -69.78 -19.32
N SER L 169 -36.23 -69.21 -20.02
CA SER L 169 -35.25 -69.97 -20.78
C SER L 169 -33.86 -69.57 -20.36
N TRP L 170 -32.97 -70.55 -20.23
CA TRP L 170 -31.59 -70.29 -19.82
C TRP L 170 -30.62 -70.77 -20.89
N ASN L 171 -29.37 -71.05 -20.48
CA ASN L 171 -28.35 -71.51 -21.41
C ASN L 171 -27.26 -72.27 -20.65
N PRO L 172 -27.14 -73.58 -20.86
CA PRO L 172 -26.09 -74.34 -20.16
C PRO L 172 -24.69 -73.93 -20.62
N SER L 173 -24.00 -73.17 -19.78
CA SER L 173 -22.67 -72.71 -20.12
C SER L 173 -21.66 -73.85 -19.99
N SER L 174 -20.68 -73.87 -20.89
CA SER L 174 -19.65 -74.89 -20.88
C SER L 174 -18.40 -74.41 -21.62
N SER L 175 -18.54 -73.33 -22.37
CA SER L 175 -17.43 -72.75 -23.13
C SER L 175 -16.75 -71.67 -22.31
N ARG L 176 -15.84 -70.93 -22.94
CA ARG L 176 -15.09 -69.87 -22.29
C ARG L 176 -15.71 -68.51 -22.64
N ALA L 177 -15.61 -67.58 -21.69
CA ALA L 177 -16.14 -66.23 -21.84
C ALA L 177 -17.64 -66.24 -22.19
N HIS L 178 -18.38 -67.14 -21.54
CA HIS L 178 -19.82 -67.26 -21.77
C HIS L 178 -20.52 -67.43 -20.43
N SER L 179 -21.64 -66.73 -20.27
CA SER L 179 -22.41 -66.77 -19.04
C SER L 179 -23.85 -67.15 -19.36
N PRO L 180 -24.50 -67.92 -18.49
CA PRO L 180 -25.91 -68.31 -18.73
C PRO L 180 -26.83 -67.09 -18.67
N MET L 181 -27.52 -66.82 -19.77
CA MET L 181 -28.47 -65.72 -19.84
C MET L 181 -29.84 -66.19 -19.37
N ILE L 182 -30.79 -65.25 -19.32
CA ILE L 182 -32.15 -65.54 -18.90
C ILE L 182 -33.10 -64.89 -19.88
N ALA L 183 -33.98 -65.69 -20.48
CA ALA L 183 -34.96 -65.21 -21.45
C ALA L 183 -36.34 -65.23 -20.78
N VAL L 184 -37.02 -64.08 -20.79
CA VAL L 184 -38.32 -63.95 -20.17
C VAL L 184 -39.34 -63.54 -21.22
N GLY L 185 -40.58 -63.98 -21.05
CA GLY L 185 -41.64 -63.67 -21.96
C GLY L 185 -42.93 -63.27 -21.26
N SER L 186 -43.41 -62.07 -21.53
CA SER L 186 -44.63 -61.56 -20.89
C SER L 186 -45.86 -62.01 -21.66
N ASP L 187 -46.98 -62.05 -20.94
CA ASP L 187 -48.25 -62.45 -21.54
C ASP L 187 -49.39 -61.88 -20.71
N ASP L 188 -50.50 -61.56 -21.38
CA ASP L 188 -51.66 -61.00 -20.69
C ASP L 188 -52.97 -61.26 -21.42
N SER L 189 -53.02 -62.25 -22.31
CA SER L 189 -54.22 -62.59 -23.08
C SER L 189 -54.73 -61.39 -23.88
N SER L 190 -53.80 -60.61 -24.42
CA SER L 190 -54.13 -59.44 -25.21
C SER L 190 -52.97 -59.08 -26.13
N PRO L 191 -53.11 -59.30 -27.43
CA PRO L 191 -52.03 -58.99 -28.39
C PRO L 191 -52.03 -57.51 -28.80
N ASN L 192 -51.82 -56.64 -27.82
CA ASN L 192 -51.79 -55.20 -28.07
C ASN L 192 -50.59 -54.51 -27.46
N ILE L 193 -49.72 -55.22 -26.74
CA ILE L 193 -48.55 -54.65 -26.11
C ILE L 193 -47.34 -54.91 -27.01
N MET L 194 -46.65 -53.84 -27.40
CA MET L 194 -45.48 -53.97 -28.25
C MET L 194 -44.29 -54.47 -27.44
N GLY L 195 -43.64 -55.52 -27.93
CA GLY L 195 -42.51 -56.11 -27.24
C GLY L 195 -42.92 -57.00 -26.09
N LYS L 196 -42.57 -58.29 -26.17
CA LYS L 196 -42.94 -59.25 -25.15
C LYS L 196 -41.80 -60.14 -24.69
N VAL L 197 -40.72 -60.27 -25.45
CA VAL L 197 -39.61 -61.16 -25.13
C VAL L 197 -38.40 -60.30 -24.76
N GLN L 198 -37.77 -60.62 -23.63
CA GLN L 198 -36.58 -59.92 -23.18
C GLN L 198 -35.50 -60.95 -22.84
N ILE L 199 -34.25 -60.53 -22.95
CA ILE L 199 -33.09 -61.36 -22.67
C ILE L 199 -32.12 -60.57 -21.80
N TYR L 200 -31.80 -61.11 -20.63
CA TYR L 200 -30.86 -60.49 -19.70
C TYR L 200 -29.60 -61.34 -19.61
N GLU L 201 -28.45 -60.67 -19.60
CA GLU L 201 -27.15 -61.32 -19.56
C GLU L 201 -26.46 -61.03 -18.24
N TYR L 202 -25.78 -62.03 -17.68
CA TYR L 202 -25.10 -61.88 -16.40
C TYR L 202 -23.74 -61.25 -16.64
N ASN L 203 -23.70 -59.93 -16.64
CA ASN L 203 -22.44 -59.21 -16.80
C ASN L 203 -21.54 -59.47 -15.61
N GLU L 204 -20.31 -59.88 -15.88
CA GLU L 204 -19.35 -60.21 -14.83
C GLU L 204 -18.58 -58.99 -14.35
N ASN L 205 -18.46 -57.95 -15.18
CA ASN L 205 -17.80 -56.73 -14.74
C ASN L 205 -18.55 -56.08 -13.58
N THR L 206 -19.86 -56.28 -13.53
CA THR L 206 -20.68 -55.85 -12.40
C THR L 206 -21.22 -57.01 -11.59
N ARG L 207 -21.00 -58.25 -12.07
CA ARG L 207 -21.48 -59.47 -11.38
C ARG L 207 -22.99 -59.41 -11.15
N LYS L 208 -23.71 -58.88 -12.13
CA LYS L 208 -25.15 -58.68 -12.01
C LYS L 208 -25.79 -58.84 -13.39
N TYR L 209 -27.11 -59.04 -13.39
CA TYR L 209 -27.84 -59.16 -14.64
C TYR L 209 -28.12 -57.79 -15.24
N ALA L 210 -28.02 -57.71 -16.56
CA ALA L 210 -28.24 -56.46 -17.27
C ALA L 210 -28.98 -56.74 -18.57
N LYS L 211 -29.67 -55.72 -19.08
CA LYS L 211 -30.44 -55.84 -20.30
C LYS L 211 -29.53 -56.12 -21.48
N ALA L 212 -30.05 -56.89 -22.44
CA ALA L 212 -29.28 -57.25 -23.62
C ALA L 212 -30.11 -57.08 -24.89
N GLU L 213 -31.17 -57.88 -25.04
CA GLU L 213 -32.02 -57.85 -26.22
C GLU L 213 -33.48 -57.76 -25.82
N THR L 214 -34.26 -57.08 -26.64
CA THR L 214 -35.70 -56.93 -26.41
C THR L 214 -36.40 -57.05 -27.76
N LEU L 215 -37.13 -58.15 -27.96
CA LEU L 215 -37.82 -58.41 -29.22
C LEU L 215 -39.00 -57.45 -29.35
N MET L 216 -38.81 -56.36 -30.08
CA MET L 216 -39.86 -55.37 -30.28
C MET L 216 -40.78 -55.72 -31.44
N SER L 217 -40.51 -56.82 -32.16
CA SER L 217 -41.36 -57.17 -33.30
C SER L 217 -42.56 -57.99 -32.87
N VAL L 218 -42.38 -58.92 -31.95
CA VAL L 218 -43.48 -59.76 -31.48
C VAL L 218 -44.32 -58.98 -30.47
N SER L 219 -45.64 -59.00 -30.69
CA SER L 219 -46.57 -58.31 -29.80
C SER L 219 -47.62 -59.22 -29.18
N ASP L 220 -47.72 -60.47 -29.60
CA ASP L 220 -48.70 -61.40 -29.07
C ASP L 220 -48.21 -61.95 -27.72
N PRO L 221 -49.13 -62.34 -26.84
CA PRO L 221 -48.73 -62.91 -25.55
C PRO L 221 -47.97 -64.22 -25.73
N VAL L 222 -46.89 -64.36 -24.97
CA VAL L 222 -46.02 -65.54 -25.04
C VAL L 222 -46.36 -66.43 -23.86
N HIS L 223 -46.92 -67.61 -24.15
CA HIS L 223 -47.26 -68.54 -23.08
C HIS L 223 -46.06 -69.38 -22.65
N ASP L 224 -45.17 -69.72 -23.58
CA ASP L 224 -43.97 -70.47 -23.26
C ASP L 224 -42.97 -70.30 -24.40
N ILE L 225 -41.70 -70.57 -24.10
CA ILE L 225 -40.62 -70.44 -25.05
C ILE L 225 -39.73 -71.67 -24.91
N ALA L 226 -39.61 -72.45 -25.99
CA ALA L 226 -38.75 -73.63 -26.01
C ALA L 226 -37.39 -73.25 -26.57
N PHE L 227 -36.34 -73.45 -25.77
CA PHE L 227 -34.99 -73.11 -26.16
C PHE L 227 -34.22 -74.38 -26.50
N ALA L 228 -33.37 -74.30 -27.54
CA ALA L 228 -32.53 -75.41 -27.93
C ALA L 228 -31.12 -75.19 -27.44
N PRO L 229 -30.68 -75.86 -26.36
CA PRO L 229 -29.32 -75.66 -25.87
C PRO L 229 -28.30 -76.28 -26.82
N ASN L 230 -27.16 -75.61 -26.96
CA ASN L 230 -26.06 -76.08 -27.79
C ASN L 230 -24.73 -75.84 -27.10
N LEU L 231 -24.71 -76.03 -25.78
CA LEU L 231 -23.50 -75.86 -24.96
C LEU L 231 -22.92 -74.45 -25.10
N GLY L 232 -23.78 -73.46 -25.31
CA GLY L 232 -23.31 -72.09 -25.45
C GLY L 232 -22.50 -71.82 -26.69
N ARG L 233 -22.59 -72.68 -27.70
CA ARG L 233 -21.84 -72.52 -28.94
C ARG L 233 -22.77 -72.65 -30.13
N SER L 234 -22.22 -72.40 -31.31
CA SER L 234 -22.94 -72.51 -32.59
C SER L 234 -24.14 -71.54 -32.54
N PHE L 235 -25.29 -71.98 -33.06
CA PHE L 235 -26.49 -71.17 -33.13
C PHE L 235 -27.46 -71.62 -32.03
N HIS L 236 -28.66 -71.02 -32.02
CA HIS L 236 -29.70 -71.39 -31.08
C HIS L 236 -31.05 -71.33 -31.75
N ILE L 237 -32.00 -72.11 -31.22
CA ILE L 237 -33.36 -72.19 -31.76
C ILE L 237 -34.33 -71.82 -30.66
N LEU L 238 -35.27 -70.92 -30.97
CA LEU L 238 -36.27 -70.47 -30.02
C LEU L 238 -37.65 -70.66 -30.64
N ALA L 239 -38.46 -71.53 -30.05
CA ALA L 239 -39.82 -71.78 -30.51
C ALA L 239 -40.79 -71.07 -29.58
N VAL L 240 -41.61 -70.18 -30.15
CA VAL L 240 -42.58 -69.39 -29.39
C VAL L 240 -43.98 -69.87 -29.76
N ALA L 241 -44.85 -69.98 -28.76
CA ALA L 241 -46.22 -70.43 -28.94
C ALA L 241 -47.15 -69.28 -28.59
N THR L 242 -47.37 -68.39 -29.56
CA THR L 242 -48.29 -67.28 -29.38
C THR L 242 -49.66 -67.63 -29.95
N LYS L 243 -49.99 -67.07 -31.12
CA LYS L 243 -51.23 -67.40 -31.80
C LYS L 243 -51.02 -68.37 -32.96
N ASP L 244 -49.81 -68.43 -33.52
CA ASP L 244 -49.50 -69.34 -34.61
C ASP L 244 -48.35 -70.27 -34.22
N VAL L 245 -47.54 -70.67 -35.19
CA VAL L 245 -46.37 -71.51 -34.96
C VAL L 245 -45.15 -70.73 -35.43
N ARG L 246 -44.35 -70.26 -34.47
CA ARG L 246 -43.20 -69.42 -34.75
C ARG L 246 -41.94 -70.07 -34.20
N ILE L 247 -40.91 -70.18 -35.05
CA ILE L 247 -39.60 -70.70 -34.66
C ILE L 247 -38.54 -69.80 -35.26
N PHE L 248 -37.68 -69.25 -34.42
CA PHE L 248 -36.61 -68.35 -34.84
C PHE L 248 -35.26 -68.99 -34.57
N THR L 249 -34.26 -68.57 -35.35
CA THR L 249 -32.89 -69.06 -35.21
C THR L 249 -32.00 -67.87 -34.86
N MET L 250 -31.43 -67.90 -33.66
CA MET L 250 -30.51 -66.86 -33.21
C MET L 250 -29.09 -67.25 -33.58
N LYS L 251 -28.41 -66.36 -34.30
CA LYS L 251 -27.06 -66.59 -34.78
C LYS L 251 -26.11 -65.57 -34.15
N PRO L 252 -25.00 -66.01 -33.57
CA PRO L 252 -24.04 -65.05 -32.99
C PRO L 252 -23.26 -64.33 -34.08
N LEU L 253 -23.16 -63.00 -33.94
CA LEU L 253 -22.44 -62.18 -34.92
C LEU L 253 -20.98 -62.02 -34.49
N ARG L 254 -20.75 -61.21 -33.47
CA ARG L 254 -19.40 -60.97 -32.96
C ARG L 254 -19.48 -60.55 -31.50
N LYS L 255 -18.37 -60.72 -30.80
CA LYS L 255 -18.27 -60.38 -29.38
C LYS L 255 -17.32 -59.20 -29.22
N GLU L 256 -17.75 -58.22 -28.42
CA GLU L 256 -16.93 -57.05 -28.17
C GLU L 256 -15.84 -57.35 -27.15
N LEU L 257 -14.83 -56.48 -27.11
CA LEU L 257 -13.71 -56.62 -26.19
C LEU L 257 -13.79 -55.66 -25.02
N SER L 258 -14.93 -55.00 -24.83
CA SER L 258 -15.11 -54.05 -23.73
C SER L 258 -16.20 -54.46 -22.76
N SER L 259 -17.31 -55.01 -23.25
CA SER L 259 -18.42 -55.44 -22.42
C SER L 259 -18.31 -56.94 -22.17
N SER L 260 -18.14 -57.34 -20.91
CA SER L 260 -18.03 -58.74 -20.52
C SER L 260 -19.37 -59.37 -20.18
N GLY L 261 -20.46 -58.91 -20.81
CA GLY L 261 -21.77 -59.45 -20.53
C GLY L 261 -22.86 -58.39 -20.49
N GLY L 262 -22.57 -57.23 -21.06
CA GLY L 262 -23.54 -56.14 -21.10
C GLY L 262 -24.45 -56.21 -22.30
N VAL L 263 -24.14 -55.40 -23.32
CA VAL L 263 -24.92 -55.39 -24.56
C VAL L 263 -24.33 -56.41 -25.52
N THR L 264 -25.20 -57.13 -26.22
CA THR L 264 -24.81 -58.16 -27.17
C THR L 264 -25.30 -57.80 -28.56
N LYS L 265 -24.67 -58.40 -29.56
CA LYS L 265 -25.00 -58.18 -30.97
C LYS L 265 -25.53 -59.50 -31.53
N PHE L 266 -26.83 -59.72 -31.36
CA PHE L 266 -27.48 -60.93 -31.84
C PHE L 266 -28.54 -60.57 -32.88
N GLU L 267 -28.73 -61.48 -33.84
CA GLU L 267 -29.72 -61.31 -34.90
C GLU L 267 -30.75 -62.41 -34.79
N ILE L 268 -32.03 -62.04 -34.79
CA ILE L 268 -33.13 -62.99 -34.68
C ILE L 268 -34.14 -62.68 -35.78
N HIS L 269 -34.37 -63.65 -36.66
CA HIS L 269 -35.32 -63.51 -37.75
C HIS L 269 -36.24 -64.72 -37.78
N THR L 270 -37.36 -64.58 -38.48
CA THR L 270 -38.34 -65.67 -38.59
C THR L 270 -37.79 -66.71 -39.57
N VAL L 271 -37.63 -67.95 -39.09
CA VAL L 271 -37.15 -69.04 -39.92
C VAL L 271 -38.16 -70.15 -40.10
N ALA L 272 -39.20 -70.20 -39.26
CA ALA L 272 -40.27 -71.19 -39.45
C ALA L 272 -41.57 -70.56 -38.99
N GLN L 273 -42.38 -70.12 -39.94
CA GLN L 273 -43.70 -69.53 -39.66
C GLN L 273 -44.76 -70.43 -40.27
N PHE L 274 -45.66 -70.94 -39.43
CA PHE L 274 -46.71 -71.85 -39.89
C PHE L 274 -47.97 -71.56 -39.10
N ASP L 275 -49.04 -71.19 -39.80
CA ASP L 275 -50.34 -70.90 -39.20
C ASP L 275 -51.31 -72.04 -39.51
N ASN L 276 -51.88 -72.63 -38.47
CA ASN L 276 -52.83 -73.72 -38.64
C ASN L 276 -53.75 -73.84 -37.43
N HIS L 277 -53.33 -73.26 -36.31
CA HIS L 277 -54.15 -73.31 -35.10
C HIS L 277 -55.35 -72.38 -35.21
N ASN L 278 -55.15 -71.18 -35.74
CA ASN L 278 -56.21 -70.18 -35.88
C ASN L 278 -56.88 -69.86 -34.54
N SER L 279 -56.10 -69.93 -33.45
CA SER L 279 -56.63 -69.64 -32.12
C SER L 279 -55.54 -69.05 -31.24
N GLN L 280 -55.22 -69.74 -30.15
CA GLN L 280 -54.20 -69.29 -29.20
C GLN L 280 -53.41 -70.50 -28.73
N VAL L 281 -52.18 -70.66 -29.26
CA VAL L 281 -51.33 -71.76 -28.83
C VAL L 281 -50.79 -71.49 -27.44
N TRP L 282 -50.81 -72.51 -26.59
CA TRP L 282 -50.39 -72.37 -25.21
C TRP L 282 -49.14 -73.17 -24.85
N ARG L 283 -48.86 -74.25 -25.58
CA ARG L 283 -47.70 -75.08 -25.27
C ARG L 283 -47.14 -75.68 -26.56
N VAL L 284 -45.82 -75.85 -26.58
CA VAL L 284 -45.12 -76.45 -27.72
C VAL L 284 -44.09 -77.43 -27.17
N SER L 285 -43.91 -78.54 -27.89
CA SER L 285 -42.97 -79.58 -27.47
C SER L 285 -41.56 -79.24 -27.96
N TRP L 286 -40.61 -80.11 -27.62
CA TRP L 286 -39.23 -79.94 -28.02
C TRP L 286 -38.54 -81.29 -27.98
N ASN L 287 -37.93 -81.69 -29.08
CA ASN L 287 -37.28 -82.99 -29.21
C ASN L 287 -35.77 -82.79 -29.12
N ILE L 288 -34.97 -83.34 -30.02
CA ILE L 288 -33.52 -83.23 -29.95
C ILE L 288 -33.09 -81.82 -30.29
N THR L 289 -32.98 -81.52 -31.57
CA THR L 289 -32.59 -80.20 -32.07
C THR L 289 -33.63 -79.64 -33.01
N GLY L 290 -34.90 -79.97 -32.76
CA GLY L 290 -35.98 -79.50 -33.60
C GLY L 290 -36.36 -80.47 -34.69
N THR L 291 -36.90 -81.63 -34.31
CA THR L 291 -37.33 -82.65 -35.26
C THR L 291 -38.83 -82.87 -35.28
N VAL L 292 -39.46 -82.96 -34.12
CA VAL L 292 -40.91 -83.14 -34.02
C VAL L 292 -41.45 -82.05 -33.11
N LEU L 293 -42.40 -81.27 -33.62
CA LEU L 293 -42.99 -80.16 -32.90
C LEU L 293 -44.48 -80.40 -32.75
N ALA L 294 -44.94 -80.52 -31.50
CA ALA L 294 -46.35 -80.68 -31.19
C ALA L 294 -46.83 -79.41 -30.49
N SER L 295 -47.82 -78.74 -31.06
CA SER L 295 -48.35 -77.49 -30.54
C SER L 295 -49.79 -77.69 -30.10
N SER L 296 -50.09 -77.27 -28.88
CA SER L 296 -51.43 -77.37 -28.33
C SER L 296 -51.83 -76.04 -27.70
N GLY L 297 -53.14 -75.79 -27.67
CA GLY L 297 -53.65 -74.55 -27.11
C GLY L 297 -54.94 -74.74 -26.33
N ASP L 298 -55.57 -73.62 -25.97
CA ASP L 298 -56.83 -73.65 -25.22
C ASP L 298 -58.06 -73.69 -26.13
N ASP L 299 -57.99 -74.47 -27.22
CA ASP L 299 -59.10 -74.58 -28.15
C ASP L 299 -59.43 -76.03 -28.51
N GLY L 300 -58.74 -77.01 -27.94
CA GLY L 300 -59.01 -78.39 -28.26
C GLY L 300 -58.45 -78.86 -29.58
N THR L 301 -57.26 -78.39 -29.95
CA THR L 301 -56.64 -78.76 -31.21
C THR L 301 -55.13 -78.92 -31.01
N VAL L 302 -54.59 -80.04 -31.48
CA VAL L 302 -53.17 -80.35 -31.39
C VAL L 302 -52.63 -80.52 -32.79
N ARG L 303 -51.58 -79.79 -33.12
CA ARG L 303 -50.96 -79.82 -34.45
C ARG L 303 -49.56 -80.42 -34.34
N LEU L 304 -49.28 -81.42 -35.15
CA LEU L 304 -47.99 -82.10 -35.17
C LEU L 304 -47.26 -81.76 -36.47
N TRP L 305 -45.96 -81.47 -36.35
CA TRP L 305 -45.12 -81.15 -37.50
C TRP L 305 -43.81 -81.90 -37.37
N LYS L 306 -43.25 -82.32 -38.50
CA LYS L 306 -41.98 -83.02 -38.53
C LYS L 306 -41.02 -82.32 -39.49
N ALA L 307 -39.74 -82.42 -39.19
CA ALA L 307 -38.69 -81.82 -40.00
C ALA L 307 -37.87 -82.94 -40.65
N ASN L 308 -37.94 -83.02 -41.98
CA ASN L 308 -37.22 -84.05 -42.71
C ASN L 308 -35.78 -83.64 -42.96
N TYR L 309 -35.31 -83.77 -44.20
CA TYR L 309 -33.96 -83.40 -44.57
C TYR L 309 -33.86 -81.95 -45.04
N MET L 310 -34.91 -81.16 -44.84
CA MET L 310 -34.88 -79.76 -45.24
C MET L 310 -34.90 -78.85 -44.01
N ASP L 311 -35.86 -77.93 -43.95
CA ASP L 311 -35.97 -77.01 -42.82
C ASP L 311 -37.41 -76.55 -42.65
N ASN L 312 -38.34 -77.21 -43.32
CA ASN L 312 -39.76 -76.86 -43.26
C ASN L 312 -40.46 -77.75 -42.23
N TRP L 313 -41.76 -77.48 -42.03
CA TRP L 313 -42.58 -78.24 -41.09
C TRP L 313 -43.93 -78.49 -41.75
N LYS L 314 -44.19 -79.74 -42.10
CA LYS L 314 -45.45 -80.13 -42.73
C LYS L 314 -46.41 -80.70 -41.70
N CYS L 315 -47.70 -80.47 -41.93
CA CYS L 315 -48.73 -80.94 -41.01
C CYS L 315 -48.88 -82.46 -41.15
N ILE L 316 -48.60 -83.19 -40.07
CA ILE L 316 -48.66 -84.64 -40.07
C ILE L 316 -49.71 -85.18 -39.11
N GLY L 317 -50.36 -84.32 -38.33
CA GLY L 317 -51.38 -84.78 -37.40
C GLY L 317 -52.21 -83.66 -36.80
N VAL L 318 -53.52 -83.75 -36.94
CA VAL L 318 -54.46 -82.78 -36.41
C VAL L 318 -55.37 -83.52 -35.44
N LEU L 319 -55.08 -83.43 -34.15
CA LEU L 319 -55.85 -84.10 -33.12
C LEU L 319 -56.90 -83.15 -32.56
N LYS L 320 -58.15 -83.62 -32.49
CA LYS L 320 -59.24 -82.81 -31.97
C LYS L 320 -59.43 -83.06 -30.49
N GLY L 321 -59.97 -82.06 -29.79
CA GLY L 321 -60.21 -82.17 -28.37
C GLY L 321 -61.25 -81.20 -27.86
N ASP L 322 -62.17 -80.79 -28.74
CA ASP L 322 -63.22 -79.86 -28.36
C ASP L 322 -64.57 -80.35 -28.86
N GLY L 323 -64.58 -81.14 -29.92
CA GLY L 323 -65.81 -81.67 -30.48
C GLY L 323 -66.04 -83.12 -30.13
N ASN L 324 -66.33 -83.95 -31.13
CA ASN L 324 -66.57 -85.36 -30.93
C ASN L 324 -65.55 -86.18 -31.71
N PRO L 325 -65.01 -87.25 -31.12
CA PRO L 325 -64.04 -88.07 -31.84
C PRO L 325 -64.71 -88.91 -32.92
N VAL L 326 -64.00 -89.06 -34.05
CA VAL L 326 -64.51 -89.83 -35.17
C VAL L 326 -63.91 -91.24 -35.23
N GLY L 327 -62.74 -91.45 -34.65
CA GLY L 327 -62.13 -92.76 -34.68
C GLY L 327 -61.12 -92.93 -33.56
N ASN L 328 -60.27 -93.94 -33.72
CA ASN L 328 -59.24 -94.23 -32.73
C ASN L 328 -58.08 -94.91 -33.45
N SER L 329 -56.99 -94.17 -33.65
CA SER L 329 -55.82 -94.70 -34.32
C SER L 329 -54.60 -93.91 -33.89
N TYR L 330 -53.44 -94.56 -33.98
CA TYR L 330 -52.15 -93.97 -33.62
C TYR L 330 -52.15 -93.46 -32.18
N GLN L 331 -52.48 -94.37 -31.26
CA GLN L 331 -52.49 -94.06 -29.84
C GLN L 331 -51.24 -94.54 -29.12
N GLY L 332 -50.43 -95.39 -29.76
CA GLY L 332 -49.21 -95.88 -29.15
C GLY L 332 -48.09 -96.06 -30.15
N PHE L 333 -47.83 -95.03 -30.94
CA PHE L 333 -46.78 -95.07 -31.95
C PHE L 333 -46.23 -93.68 -32.23
N SER M 16 105.75 -88.46 96.01
CA SER M 16 105.34 -87.09 96.28
C SER M 16 104.99 -86.36 94.99
N VAL M 17 103.83 -85.70 94.98
CA VAL M 17 103.37 -84.97 93.80
C VAL M 17 102.66 -83.71 94.29
N ASN M 18 102.74 -82.64 93.50
CA ASN M 18 102.10 -81.37 93.84
C ASN M 18 100.70 -81.30 93.23
N LEU M 19 100.65 -81.02 91.92
CA LEU M 19 99.37 -80.93 91.21
C LEU M 19 99.64 -81.28 89.74
N GLU M 20 99.60 -82.58 89.44
CA GLU M 20 99.83 -83.04 88.08
C GLU M 20 98.98 -84.29 87.83
N ARG M 21 98.20 -84.25 86.76
CA ARG M 21 97.32 -85.35 86.39
C ARG M 21 97.68 -85.86 85.00
N SER M 22 97.08 -86.99 84.64
CA SER M 22 97.32 -87.58 83.33
C SER M 22 96.59 -86.80 82.24
N TYR M 23 97.07 -86.94 81.02
CA TYR M 23 96.52 -86.23 79.88
C TYR M 23 95.97 -87.21 78.85
N MET M 24 95.27 -86.66 77.86
CA MET M 24 94.71 -87.44 76.78
C MET M 24 94.97 -86.76 75.44
N GLU M 25 95.13 -87.56 74.40
CA GLU M 25 95.41 -87.06 73.06
C GLU M 25 94.13 -86.95 72.25
N LEU M 26 94.02 -85.88 71.47
CA LEU M 26 92.86 -85.61 70.63
C LEU M 26 93.33 -85.29 69.23
N ILE M 27 92.71 -85.91 68.23
CA ILE M 27 93.06 -85.67 66.84
C ILE M 27 92.42 -84.37 66.37
N GLY M 28 93.23 -83.50 65.77
CA GLY M 28 92.74 -82.23 65.28
C GLY M 28 92.83 -82.09 63.78
N ALA M 29 93.68 -81.18 63.31
CA ALA M 29 93.90 -80.93 61.89
C ALA M 29 92.59 -80.59 61.18
N GLU M 30 91.83 -79.68 61.81
CA GLU M 30 90.54 -79.20 61.29
C GLU M 30 89.61 -80.40 61.13
N ARG M 31 88.67 -80.32 60.18
CA ARG M 31 87.75 -81.41 59.91
C ARG M 31 87.52 -81.67 58.43
N GLU M 32 87.96 -80.80 57.53
CA GLU M 32 87.76 -81.01 56.11
C GLU M 32 88.81 -81.97 55.55
N THR M 33 88.53 -82.49 54.35
CA THR M 33 89.44 -83.39 53.67
C THR M 33 90.39 -82.67 52.72
N SER M 34 90.16 -81.39 52.44
CA SER M 34 91.01 -80.61 51.56
C SER M 34 91.89 -79.71 52.43
N ARG M 35 93.16 -80.07 52.55
CA ARG M 35 94.08 -79.30 53.37
C ARG M 35 94.48 -78.01 52.66
N ARG M 36 95.22 -77.17 53.38
CA ARG M 36 95.67 -75.91 52.83
C ARG M 36 96.76 -76.14 51.78
N ASN M 37 96.75 -75.31 50.73
CA ASN M 37 97.74 -75.42 49.67
C ASN M 37 99.13 -75.10 50.19
N PHE M 38 100.12 -75.81 49.67
CA PHE M 38 101.51 -75.64 50.07
C PHE M 38 102.26 -74.86 49.00
N ARG M 39 102.68 -73.65 49.34
CA ARG M 39 103.48 -72.84 48.43
C ARG M 39 104.88 -73.45 48.31
N ASP M 40 105.23 -73.91 47.11
CA ASP M 40 106.48 -74.63 46.90
C ASP M 40 107.62 -73.66 46.57
N LEU M 41 108.79 -73.91 47.14
CA LEU M 41 109.98 -73.13 46.87
C LEU M 41 111.18 -74.07 46.86
N SER M 42 111.89 -74.09 45.74
CA SER M 42 113.05 -74.97 45.57
C SER M 42 114.33 -74.15 45.68
N LEU M 43 115.24 -74.58 46.55
CA LEU M 43 116.52 -73.92 46.76
C LEU M 43 117.62 -74.78 46.16
N ARG M 44 118.48 -74.17 45.34
CA ARG M 44 119.57 -74.86 44.65
C ARG M 44 120.89 -74.32 45.17
N PRO M 45 121.52 -74.99 46.13
CA PRO M 45 122.82 -74.53 46.63
C PRO M 45 123.96 -74.84 45.67
N ASP M 46 125.01 -75.48 46.17
CA ASP M 46 126.15 -75.84 45.34
C ASP M 46 126.85 -77.08 45.86
N VAL M 47 126.93 -77.20 47.19
CA VAL M 47 127.58 -78.34 47.83
C VAL M 47 126.52 -79.32 48.30
N SER M 48 126.90 -80.59 48.38
CA SER M 48 126.01 -81.66 48.82
C SER M 48 126.40 -82.15 50.20
N LEU M 49 125.55 -83.01 50.76
CA LEU M 49 125.79 -83.55 52.08
C LEU M 49 126.88 -84.63 52.04
N VAL M 50 127.37 -85.00 53.22
CA VAL M 50 128.40 -86.02 53.36
C VAL M 50 127.82 -87.18 54.15
N ILE M 51 127.94 -88.38 53.59
CA ILE M 51 127.42 -89.58 54.24
C ILE M 51 128.55 -90.25 55.02
N GLY M 52 128.20 -91.25 55.82
CA GLY M 52 129.18 -91.97 56.62
C GLY M 52 128.92 -91.90 58.10
N GLY M 53 127.64 -91.77 58.48
CA GLY M 53 127.26 -91.69 59.86
C GLY M 53 125.77 -91.92 60.07
N PRO M 54 125.23 -91.40 61.16
CA PRO M 54 123.81 -91.56 61.42
C PRO M 54 122.95 -90.78 60.43
N LYS M 55 121.69 -91.19 60.33
CA LYS M 55 120.76 -90.55 59.43
C LYS M 55 120.28 -89.21 59.99
N TYR M 56 119.88 -88.32 59.09
CA TYR M 56 119.41 -87.00 59.47
C TYR M 56 118.00 -86.69 58.98
N SER M 57 117.38 -87.60 58.22
CA SER M 57 116.05 -87.37 57.70
C SER M 57 115.00 -87.68 58.77
N ASP M 58 113.74 -87.40 58.44
CA ASP M 58 112.60 -87.66 59.32
C ASP M 58 112.76 -86.95 60.66
N CYS M 59 112.47 -85.65 60.68
CA CYS M 59 112.56 -84.87 61.91
C CYS M 59 111.45 -83.83 61.91
N ALA M 60 111.24 -83.22 63.08
CA ALA M 60 110.20 -82.20 63.21
C ALA M 60 110.57 -81.26 64.35
N GLY M 61 110.01 -80.05 64.27
CA GLY M 61 110.23 -79.04 65.28
C GLY M 61 109.06 -78.06 65.32
N GLY M 62 109.07 -77.21 66.35
CA GLY M 62 108.00 -76.25 66.51
C GLY M 62 108.50 -74.97 67.16
N TYR M 63 107.62 -73.98 67.20
CA TYR M 63 107.94 -72.68 67.77
C TYR M 63 106.64 -72.00 68.17
N CYS M 64 106.50 -71.71 69.46
CA CYS M 64 105.31 -71.04 69.98
C CYS M 64 105.59 -69.55 70.16
N TYR M 65 104.64 -68.72 69.77
CA TYR M 65 104.80 -67.28 69.89
C TYR M 65 104.69 -66.85 71.35
N ASN M 66 105.70 -66.10 71.83
CA ASN M 66 105.69 -65.64 73.21
C ASN M 66 104.68 -64.53 73.43
N GLU M 67 104.27 -63.82 72.37
CA GLU M 67 103.29 -62.74 72.47
C GLU M 67 101.87 -63.21 72.24
N SER M 68 101.57 -64.46 72.58
CA SER M 68 100.22 -64.99 72.39
C SER M 68 99.28 -64.50 73.49
N GLY M 69 98.00 -64.83 73.34
CA GLY M 69 97.01 -64.43 74.30
C GLY M 69 96.43 -63.06 74.02
N SER M 70 95.54 -62.64 74.91
CA SER M 70 94.86 -61.33 74.84
C SER M 70 94.10 -61.28 73.51
N LEU M 71 94.09 -60.15 72.82
CA LEU M 71 93.38 -60.04 71.54
C LEU M 71 94.07 -59.02 70.64
N LEU M 72 94.33 -57.82 71.15
CA LEU M 72 94.98 -56.76 70.40
C LEU M 72 96.43 -56.65 70.85
N SER M 73 97.27 -57.52 70.30
CA SER M 73 98.68 -57.54 70.64
C SER M 73 99.53 -57.95 69.44
N ALA M 74 99.69 -59.25 69.24
CA ALA M 74 100.48 -59.77 68.12
C ALA M 74 99.90 -61.09 67.63
N THR M 75 99.84 -62.08 68.51
CA THR M 75 99.30 -63.40 68.16
C THR M 75 98.26 -63.80 69.19
N ARG M 76 97.41 -64.76 68.79
CA ARG M 76 96.34 -65.26 69.66
C ARG M 76 96.27 -66.78 69.46
N ASN M 77 96.94 -67.51 70.34
CA ASN M 77 96.98 -68.98 70.30
C ASN M 77 97.51 -69.47 68.95
N ARG M 78 98.55 -68.82 68.44
CA ARG M 78 99.17 -69.17 67.18
C ARG M 78 100.57 -69.71 67.40
N PHE M 79 101.02 -70.59 66.50
CA PHE M 79 102.36 -71.13 66.56
C PHE M 79 102.73 -71.65 65.18
N ILE M 80 103.99 -72.04 65.03
CA ILE M 80 104.49 -72.59 63.77
C ILE M 80 105.12 -73.94 64.05
N HIS M 81 105.11 -74.80 63.04
CA HIS M 81 105.77 -76.09 63.14
C HIS M 81 106.34 -76.46 61.78
N TRP M 82 107.29 -77.40 61.78
CA TRP M 82 107.94 -77.82 60.55
C TRP M 82 108.29 -79.29 60.64
N THR M 83 108.16 -79.98 59.52
CA THR M 83 108.50 -81.40 59.40
C THR M 83 109.39 -81.58 58.18
N SER M 84 110.56 -82.17 58.38
CA SER M 84 111.55 -82.36 57.33
C SER M 84 111.77 -83.84 57.08
N TYR M 85 111.81 -84.21 55.79
CA TYR M 85 112.10 -85.56 55.36
C TYR M 85 113.06 -85.50 54.19
N ALA M 86 114.27 -86.01 54.38
CA ALA M 86 115.29 -86.06 53.33
C ALA M 86 115.55 -84.70 52.72
N ASP M 87 114.74 -84.32 51.73
CA ASP M 87 114.93 -83.08 50.99
C ASP M 87 113.75 -82.11 51.08
N THR M 88 112.58 -82.57 51.52
CA THR M 88 111.41 -81.72 51.64
C THR M 88 111.25 -81.23 53.08
N LEU M 89 110.72 -80.02 53.23
CA LEU M 89 110.47 -79.43 54.53
C LEU M 89 109.15 -78.67 54.48
N GLU M 90 108.15 -79.17 55.17
CA GLU M 90 106.83 -78.54 55.22
C GLU M 90 106.71 -77.74 56.50
N LEU M 91 106.55 -76.42 56.36
CA LEU M 91 106.38 -75.52 57.49
C LEU M 91 104.95 -74.98 57.48
N VAL M 92 104.20 -75.28 58.52
CA VAL M 92 102.80 -74.90 58.63
C VAL M 92 102.61 -74.05 59.88
N GLU M 93 101.92 -72.93 59.73
CA GLU M 93 101.54 -72.06 60.84
C GLU M 93 100.11 -72.36 61.23
N LEU M 94 99.89 -72.74 62.48
CA LEU M 94 98.58 -73.17 62.96
C LEU M 94 98.13 -72.30 64.13
N SER M 95 96.85 -71.93 64.11
CA SER M 95 96.22 -71.18 65.18
C SER M 95 95.07 -72.00 65.77
N LEU M 96 94.79 -71.78 67.04
CA LEU M 96 93.75 -72.53 67.74
C LEU M 96 92.40 -71.81 67.73
N ASP M 97 92.40 -70.51 68.02
CA ASP M 97 91.14 -69.77 68.11
C ASP M 97 90.59 -69.41 66.75
N ILE M 98 91.46 -69.24 65.74
CA ILE M 98 91.05 -68.86 64.40
C ILE M 98 91.73 -69.78 63.39
N ASN M 99 91.30 -69.68 62.14
CA ASN M 99 91.85 -70.46 61.04
C ASN M 99 92.64 -69.53 60.13
N LEU M 100 93.93 -69.82 59.97
CA LEU M 100 94.80 -68.99 59.14
C LEU M 100 94.83 -69.54 57.72
N LEU M 101 94.55 -68.68 56.75
CA LEU M 101 94.57 -69.07 55.35
C LEU M 101 95.94 -68.79 54.74
N ASN M 102 96.38 -69.68 53.85
CA ASN M 102 97.69 -69.59 53.21
C ASN M 102 98.80 -69.52 54.26
N ASN M 103 99.09 -70.66 54.90
CA ASN M 103 100.08 -70.72 55.98
C ASN M 103 100.87 -72.01 55.90
N ALA M 104 101.20 -72.44 54.68
CA ALA M 104 101.92 -73.69 54.47
C ALA M 104 102.96 -73.49 53.37
N VAL M 105 104.23 -73.59 53.73
CA VAL M 105 105.35 -73.48 52.81
C VAL M 105 106.01 -74.83 52.68
N ARG M 106 106.57 -75.11 51.50
CA ARG M 106 107.23 -76.38 51.21
C ARG M 106 108.59 -76.07 50.58
N LEU M 107 109.64 -76.17 51.37
CA LEU M 107 111.00 -75.93 50.90
C LEU M 107 111.60 -77.24 50.39
N LYS M 108 112.23 -77.18 49.22
CA LYS M 108 112.84 -78.35 48.58
C LYS M 108 114.33 -78.09 48.41
N ILE M 109 115.15 -78.80 49.18
CA ILE M 109 116.61 -78.70 49.08
C ILE M 109 117.16 -80.02 48.58
N LEU M 110 117.40 -80.10 47.26
CA LEU M 110 117.87 -81.35 46.67
C LEU M 110 119.31 -81.67 47.03
N ASN M 111 120.06 -80.69 47.55
CA ASN M 111 121.46 -80.92 47.91
C ASN M 111 121.57 -81.55 49.29
N CYS M 112 121.89 -80.74 50.29
CA CYS M 112 122.07 -81.24 51.64
C CYS M 112 120.72 -81.56 52.29
N SER M 113 120.77 -82.25 53.41
CA SER M 113 119.59 -82.64 54.17
C SER M 113 119.54 -81.89 55.49
N ILE M 114 118.31 -81.55 55.90
CA ILE M 114 118.13 -80.80 57.14
C ILE M 114 118.42 -81.71 58.34
N LEU M 115 119.27 -81.22 59.23
CA LEU M 115 119.64 -82.00 60.40
C LEU M 115 118.52 -81.94 61.44
N PRO M 116 118.32 -83.02 62.20
CA PRO M 116 117.28 -83.02 63.24
C PRO M 116 117.62 -82.07 64.39
N GLY M 117 116.90 -80.95 64.47
CA GLY M 117 117.13 -80.00 65.53
C GLY M 117 118.07 -78.86 65.18
N GLY M 118 118.15 -78.50 63.89
CA GLY M 118 119.03 -77.42 63.47
C GLY M 118 118.27 -76.25 62.87
N VAL M 119 117.04 -76.04 63.32
CA VAL M 119 116.18 -74.96 62.83
C VAL M 119 115.80 -74.11 64.03
N HIS M 120 116.37 -72.91 64.12
CA HIS M 120 116.08 -71.98 65.20
C HIS M 120 115.30 -70.78 64.66
N ILE M 121 114.48 -70.19 65.52
CA ILE M 121 113.65 -69.06 65.16
C ILE M 121 113.80 -67.99 66.23
N CYS M 122 114.24 -66.80 65.82
CA CYS M 122 114.38 -65.67 66.72
C CYS M 122 113.48 -64.52 66.24
N GLU M 123 113.15 -63.64 67.18
CA GLU M 123 112.26 -62.52 66.91
C GLU M 123 113.02 -61.21 67.09
N THR M 124 112.65 -60.20 66.30
CA THR M 124 113.20 -58.86 66.45
C THR M 124 112.10 -57.87 66.09
N GLN M 125 112.11 -56.72 66.75
CA GLN M 125 111.08 -55.69 66.56
C GLN M 125 110.99 -55.20 65.13
N ASN M 126 111.18 -56.10 64.16
CA ASN M 126 111.09 -55.80 62.74
C ASN M 126 110.69 -57.05 61.97
N ASN M 127 111.31 -58.19 62.30
CA ASN M 127 111.12 -59.41 61.51
C ASN M 127 111.45 -60.64 62.35
N ILE M 128 111.12 -61.79 61.79
CA ILE M 128 111.46 -63.10 62.37
C ILE M 128 112.60 -63.69 61.57
N ILE M 129 113.67 -64.09 62.25
CA ILE M 129 114.86 -64.64 61.63
C ILE M 129 114.86 -66.15 61.86
N VAL M 130 114.82 -66.91 60.76
CA VAL M 130 114.81 -68.37 60.82
C VAL M 130 116.17 -68.85 60.32
N LEU M 131 116.95 -69.45 61.20
CA LEU M 131 118.27 -69.98 60.88
C LEU M 131 118.19 -71.49 60.78
N ILE M 132 118.44 -72.03 59.60
CA ILE M 132 118.37 -73.47 59.36
C ILE M 132 119.75 -73.96 58.90
N LEU M 133 120.20 -75.04 59.51
CA LEU M 133 121.50 -75.63 59.21
C LEU M 133 121.30 -77.01 58.60
N THR M 134 122.24 -77.41 57.75
CA THR M 134 122.23 -78.73 57.14
C THR M 134 123.59 -79.38 57.38
N ASN M 135 123.96 -80.32 56.50
CA ASN M 135 125.24 -80.99 56.65
C ASN M 135 126.40 -80.08 56.26
N GLN M 136 126.20 -79.25 55.22
CA GLN M 136 127.28 -78.38 54.74
C GLN M 136 126.77 -77.02 54.28
N THR M 137 125.60 -76.59 54.73
CA THR M 137 125.02 -75.33 54.28
C THR M 137 124.23 -74.69 55.41
N VAL M 138 124.14 -73.36 55.36
CA VAL M 138 123.38 -72.58 56.33
C VAL M 138 122.47 -71.62 55.56
N HIS M 139 121.29 -71.37 56.11
CA HIS M 139 120.35 -70.44 55.49
C HIS M 139 119.71 -69.57 56.57
N ARG M 140 119.55 -68.28 56.25
CA ARG M 140 118.92 -67.31 57.14
C ARG M 140 117.76 -66.67 56.38
N LEU M 141 116.54 -66.98 56.80
CA LEU M 141 115.33 -66.47 56.17
C LEU M 141 114.72 -65.37 57.03
N ILE M 142 114.15 -64.36 56.37
CA ILE M 142 113.52 -63.23 57.04
C ILE M 142 112.03 -63.29 56.74
N LEU M 143 111.21 -63.32 57.80
CA LEU M 143 109.77 -63.40 57.67
C LEU M 143 109.12 -62.17 58.31
N PRO M 144 107.99 -61.71 57.76
CA PRO M 144 107.33 -60.54 58.34
C PRO M 144 106.75 -60.85 59.70
N HIS M 145 106.82 -59.87 60.60
CA HIS M 145 106.32 -60.04 61.95
C HIS M 145 104.81 -59.78 62.00
N PRO M 146 104.06 -60.53 62.81
CA PRO M 146 102.62 -60.27 62.91
C PRO M 146 102.29 -58.89 63.44
N SER M 147 103.09 -58.36 64.37
CA SER M 147 102.84 -57.02 64.87
C SER M 147 103.18 -55.97 63.83
N ARG M 148 104.23 -56.22 63.02
CA ARG M 148 104.57 -55.29 61.94
C ARG M 148 103.54 -55.32 60.83
N MET M 149 102.88 -56.47 60.62
CA MET M 149 101.82 -56.60 59.62
C MET M 149 100.47 -56.22 60.17
N TYR M 150 100.42 -55.21 61.04
CA TYR M 150 99.19 -54.70 61.67
C TYR M 150 98.55 -55.74 62.58
N ARG M 151 97.65 -55.30 63.45
CA ARG M 151 96.98 -56.19 64.40
C ARG M 151 95.68 -55.55 64.82
N SER M 152 94.56 -56.10 64.35
CA SER M 152 93.24 -55.58 64.70
C SER M 152 92.21 -56.66 64.45
N GLU M 153 91.44 -57.01 65.49
CA GLU M 153 90.40 -58.02 65.40
C GLU M 153 89.07 -57.44 65.88
N ILE M 154 88.64 -56.37 65.21
CA ILE M 154 87.39 -55.71 65.57
C ILE M 154 86.20 -56.31 64.83
N ILE M 155 86.38 -56.62 63.54
CA ILE M 155 85.29 -57.21 62.76
C ILE M 155 85.07 -58.65 63.19
N SER M 156 83.80 -59.01 63.42
CA SER M 156 83.45 -60.36 63.85
C SER M 156 83.57 -61.30 62.66
N ASP M 157 84.74 -61.92 62.52
CA ASP M 157 85.01 -62.86 61.44
C ASP M 157 85.57 -64.15 62.02
N SER M 158 85.38 -65.23 61.27
CA SER M 158 85.85 -66.56 61.67
C SER M 158 87.22 -66.90 61.08
N HIS M 159 87.39 -66.69 59.78
CA HIS M 159 88.66 -66.98 59.11
C HIS M 159 89.44 -65.69 58.86
N ILE M 160 90.76 -65.82 58.88
CA ILE M 160 91.66 -64.69 58.68
C ILE M 160 92.90 -65.17 57.95
N GLN M 161 93.63 -64.23 57.35
CA GLN M 161 94.84 -64.54 56.62
C GLN M 161 96.04 -64.56 57.56
N SER M 162 97.04 -65.35 57.20
CA SER M 162 98.26 -65.48 57.99
C SER M 162 99.32 -64.51 57.47
N ILE M 163 100.57 -64.70 57.89
CA ILE M 163 101.65 -63.84 57.43
C ILE M 163 102.18 -64.25 56.07
N PHE M 164 101.90 -65.47 55.62
CA PHE M 164 102.34 -65.94 54.31
C PHE M 164 101.31 -65.56 53.25
N THR M 165 101.79 -64.96 52.16
CA THR M 165 100.91 -64.54 51.08
C THR M 165 101.38 -65.10 49.74
N ASP M 166 102.61 -64.74 49.34
CA ASP M 166 103.17 -65.22 48.07
C ASP M 166 104.68 -65.30 48.16
N ILE M 167 105.36 -65.07 47.02
CA ILE M 167 106.82 -65.13 46.99
C ILE M 167 107.47 -63.90 47.59
N GLY M 168 106.71 -62.83 47.83
CA GLY M 168 107.28 -61.63 48.41
C GLY M 168 107.52 -61.69 49.90
N LYS M 169 106.80 -62.57 50.61
CA LYS M 169 106.98 -62.69 52.05
C LYS M 169 108.23 -63.48 52.40
N THR M 170 108.61 -64.45 51.57
CA THR M 170 109.78 -65.28 51.81
C THR M 170 110.95 -64.78 50.97
N ASN M 171 112.16 -65.01 51.48
CA ASN M 171 113.38 -64.59 50.80
C ASN M 171 114.52 -65.52 51.21
N PHE M 172 115.40 -65.81 50.24
CA PHE M 172 116.53 -66.70 50.51
C PHE M 172 117.76 -66.30 49.69
N HIS M 173 117.90 -65.03 49.35
CA HIS M 173 119.04 -64.56 48.58
C HIS M 173 120.19 -64.15 49.49
N ASP M 174 120.98 -63.17 49.05
CA ASP M 174 122.12 -62.62 49.79
C ASP M 174 123.18 -63.69 50.04
N PRO M 175 124.25 -63.70 49.25
CA PRO M 175 125.31 -64.70 49.48
C PRO M 175 125.93 -64.62 50.85
N ASN M 176 125.93 -63.43 51.48
CA ASN M 176 126.38 -63.33 52.86
C ASN M 176 125.44 -64.03 53.83
N ASN M 177 124.18 -64.23 53.45
CA ASN M 177 123.22 -64.95 54.28
C ASN M 177 123.19 -66.44 53.96
N THR M 178 123.44 -66.82 52.71
CA THR M 178 123.50 -68.22 52.34
C THR M 178 124.94 -68.66 52.09
N TYR M 179 125.81 -68.43 53.08
CA TYR M 179 127.21 -68.78 52.93
C TYR M 179 127.39 -70.30 52.85
N VAL M 180 128.50 -70.70 52.23
CA VAL M 180 128.84 -72.10 52.03
C VAL M 180 129.92 -72.49 53.04
N ILE M 181 129.75 -73.64 53.67
CA ILE M 181 130.72 -74.15 54.64
C ILE M 181 132.01 -74.49 53.92
N PRO M 182 133.15 -73.95 54.33
CA PRO M 182 134.41 -74.27 53.66
C PRO M 182 134.83 -75.70 53.90
N ALA M 183 135.79 -76.15 53.09
CA ALA M 183 136.30 -77.51 53.21
C ALA M 183 137.16 -77.68 54.46
N ILE M 184 137.77 -76.62 54.94
CA ILE M 184 138.61 -76.63 56.13
C ILE M 184 137.91 -75.83 57.22
N PRO M 185 137.57 -76.43 58.37
CA PRO M 185 137.84 -77.85 58.65
C PRO M 185 136.76 -78.78 58.13
N GLY M 186 135.56 -78.24 57.88
CA GLY M 186 134.46 -79.03 57.37
C GLY M 186 133.50 -79.47 58.47
N ARG M 187 132.90 -80.64 58.30
CA ARG M 187 131.95 -81.17 59.27
C ARG M 187 131.96 -82.68 59.19
N ALA M 188 132.16 -83.33 60.33
CA ALA M 188 132.19 -84.80 60.36
C ALA M 188 130.77 -85.34 60.25
N PRO M 189 130.53 -86.33 59.40
CA PRO M 189 129.17 -86.88 59.26
C PRO M 189 128.79 -87.89 60.34
N ASN M 190 129.66 -88.14 61.31
CA ASN M 190 129.40 -89.10 62.38
C ASN M 190 128.73 -88.48 63.59
N SER M 191 127.97 -87.40 63.40
CA SER M 191 127.29 -86.74 64.51
C SER M 191 126.13 -85.93 63.95
N THR M 192 125.12 -85.72 64.82
CA THR M 192 123.96 -84.94 64.45
C THR M 192 123.86 -83.68 65.29
N ALA M 193 124.88 -82.82 65.21
CA ALA M 193 124.95 -81.59 65.99
C ALA M 193 124.93 -80.37 65.08
N SER M 194 124.20 -79.34 65.51
CA SER M 194 124.11 -78.08 64.78
C SER M 194 123.27 -77.09 65.59
N THR M 195 123.81 -75.90 65.87
CA THR M 195 123.05 -74.89 66.58
C THR M 195 123.27 -73.54 65.92
N ALA M 196 122.33 -72.62 66.18
CA ALA M 196 122.37 -71.30 65.57
C ALA M 196 121.76 -70.30 66.54
N TRP M 197 122.35 -69.11 66.62
CA TRP M 197 121.85 -68.08 67.51
C TRP M 197 122.33 -66.71 67.02
N LEU M 198 121.98 -65.68 67.77
CA LEU M 198 122.38 -64.31 67.47
C LEU M 198 123.15 -63.75 68.65
N SER M 199 124.30 -63.15 68.38
CA SER M 199 125.13 -62.59 69.44
C SER M 199 124.49 -61.31 69.99
N SER M 200 125.09 -60.80 71.06
CA SER M 200 124.58 -59.57 71.68
C SER M 200 124.77 -58.37 70.76
N ASP M 201 125.80 -58.40 69.91
CA ASP M 201 126.04 -57.31 68.97
C ASP M 201 125.17 -57.40 67.72
N GLY M 202 124.41 -58.48 67.57
CA GLY M 202 123.54 -58.67 66.43
C GLY M 202 124.05 -59.66 65.40
N GLU M 203 125.30 -60.11 65.53
CA GLU M 203 125.85 -61.06 64.56
C GLU M 203 125.20 -62.43 64.72
N ALA M 204 125.05 -63.12 63.59
CA ALA M 204 124.46 -64.45 63.55
C ALA M 204 125.57 -65.49 63.61
N LEU M 205 125.54 -66.34 64.62
CA LEU M 205 126.59 -67.34 64.84
C LEU M 205 125.99 -68.73 64.72
N PHE M 206 126.57 -69.54 63.83
CA PHE M 206 126.14 -70.92 63.62
C PHE M 206 127.30 -71.83 64.02
N ALA M 207 127.05 -72.74 64.95
CA ALA M 207 128.06 -73.65 65.45
C ALA M 207 127.77 -75.07 64.99
N LEU M 208 128.81 -75.75 64.52
CA LEU M 208 128.73 -77.12 64.03
C LEU M 208 129.92 -77.90 64.56
N PRO M 209 129.82 -79.22 64.63
CA PRO M 209 130.99 -80.02 65.06
C PRO M 209 132.02 -80.09 63.94
N SER M 210 133.29 -79.99 64.32
CA SER M 210 134.38 -80.04 63.36
C SER M 210 134.82 -81.49 63.13
N VAL M 211 135.63 -81.67 62.07
CA VAL M 211 136.13 -83.01 61.76
C VAL M 211 137.22 -83.42 62.74
N SER M 212 138.12 -82.49 63.08
CA SER M 212 139.19 -82.81 64.01
C SER M 212 138.69 -82.97 65.44
N GLY M 213 137.51 -82.45 65.76
CA GLY M 213 136.97 -82.57 67.09
C GLY M 213 136.58 -81.24 67.71
N GLY M 214 136.99 -80.14 67.06
CA GLY M 214 136.68 -78.81 67.54
C GLY M 214 135.27 -78.38 67.19
N ILE M 215 135.08 -77.06 67.10
CA ILE M 215 133.78 -76.47 66.78
C ILE M 215 133.99 -75.45 65.68
N LEU M 216 133.26 -75.61 64.58
CA LEU M 216 133.30 -74.66 63.47
C LEU M 216 132.19 -73.63 63.67
N VAL M 217 132.56 -72.36 63.68
CA VAL M 217 131.63 -71.25 63.92
C VAL M 217 131.61 -70.36 62.69
N ILE M 218 130.45 -70.24 62.07
CA ILE M 218 130.23 -69.32 60.96
C ILE M 218 129.55 -68.08 61.50
N LYS M 219 130.18 -66.92 61.31
CA LYS M 219 129.69 -65.66 61.85
C LYS M 219 129.32 -64.72 60.71
N MET M 220 128.07 -64.27 60.70
CA MET M 220 127.53 -63.34 59.71
C MET M 220 127.21 -62.00 60.37
N PRO M 221 127.47 -60.89 59.67
CA PRO M 221 127.24 -59.56 60.25
C PRO M 221 125.78 -59.35 60.56
N PRO M 222 125.46 -58.39 61.45
CA PRO M 222 124.05 -58.16 61.80
C PRO M 222 123.23 -57.59 60.64
N ARG M 223 121.96 -57.26 60.91
CA ARG M 223 121.07 -56.73 59.89
C ARG M 223 121.39 -55.29 59.52
N ASP M 224 122.27 -54.61 60.28
CA ASP M 224 122.61 -53.23 59.97
C ASP M 224 123.47 -53.14 58.73
N MET M 225 124.63 -53.78 58.76
CA MET M 225 125.56 -53.77 57.63
C MET M 225 125.86 -55.21 57.20
N GLU M 226 126.12 -55.38 55.92
CA GLU M 226 126.43 -56.69 55.33
C GLU M 226 127.89 -56.66 54.85
N GLY M 227 128.78 -57.25 55.65
CA GLY M 227 130.18 -57.29 55.30
C GLY M 227 130.61 -58.62 54.70
N LEU M 228 131.47 -59.34 55.41
CA LEU M 228 131.98 -60.63 54.95
C LEU M 228 131.79 -61.67 56.04
N VAL M 229 131.45 -62.89 55.64
CA VAL M 229 131.25 -63.97 56.59
C VAL M 229 132.61 -64.43 57.12
N THR M 230 132.68 -64.69 58.42
CA THR M 230 133.92 -65.08 59.07
C THR M 230 133.81 -66.52 59.59
N ILE M 231 134.96 -67.18 59.68
CA ILE M 231 135.07 -68.57 60.09
C ILE M 231 135.97 -68.65 61.32
N ALA M 232 135.51 -69.37 62.34
CA ALA M 232 136.28 -69.56 63.56
C ALA M 232 136.35 -71.04 63.89
N GLU M 233 137.47 -71.45 64.47
CA GLU M 233 137.74 -72.84 64.84
C GLU M 233 138.02 -72.88 66.34
N LEU M 234 136.98 -73.12 67.13
CA LEU M 234 137.13 -73.25 68.58
C LEU M 234 137.73 -74.61 68.89
N LYS M 235 138.93 -74.61 69.45
CA LYS M 235 139.62 -75.87 69.77
C LYS M 235 139.89 -75.98 71.26
N GLN M 236 140.84 -76.84 71.64
CA GLN M 236 141.12 -77.07 73.05
C GLN M 236 141.76 -75.86 73.72
N SER M 237 142.35 -74.95 72.96
CA SER M 237 142.99 -73.76 73.53
C SER M 237 142.95 -72.64 72.49
N SER M 238 143.60 -71.53 72.82
CA SER M 238 143.62 -70.37 71.93
C SER M 238 144.68 -70.57 70.84
N VAL M 239 144.78 -69.58 69.95
CA VAL M 239 145.74 -69.68 68.85
C VAL M 239 147.17 -69.62 69.35
N MET M 240 147.42 -68.83 70.41
CA MET M 240 148.76 -68.75 70.97
C MET M 240 149.19 -70.09 71.56
N GLN M 241 148.33 -70.70 72.37
CA GLN M 241 148.66 -72.01 72.93
C GLN M 241 148.75 -73.07 71.84
N ARG M 242 147.95 -72.96 70.79
CA ARG M 242 148.04 -73.91 69.68
C ARG M 242 149.38 -73.80 68.97
N LEU M 243 149.82 -72.57 68.69
CA LEU M 243 151.12 -72.39 68.06
C LEU M 243 152.27 -72.79 68.99
N LEU M 244 152.06 -72.68 70.30
CA LEU M 244 153.10 -73.08 71.25
C LEU M 244 153.21 -74.60 71.33
N THR M 245 152.08 -75.30 71.36
CA THR M 245 152.06 -76.76 71.46
C THR M 245 151.96 -77.45 70.12
N GLY M 246 152.18 -76.73 69.01
CA GLY M 246 152.11 -77.35 67.69
C GLY M 246 153.17 -78.40 67.45
N TRP M 247 154.34 -78.23 68.07
CA TRP M 247 155.45 -79.16 67.89
C TRP M 247 155.45 -80.30 68.90
N MET M 248 154.28 -80.67 69.42
CA MET M 248 154.17 -81.76 70.37
C MET M 248 152.75 -82.30 70.33
N PRO M 249 152.56 -83.60 70.51
CA PRO M 249 151.20 -84.17 70.50
C PRO M 249 150.42 -83.74 71.72
N SER M 250 149.29 -83.07 71.50
CA SER M 250 148.43 -82.59 72.57
C SER M 250 146.98 -82.72 72.14
N SER M 251 146.18 -83.42 72.94
CA SER M 251 144.77 -83.62 72.64
C SER M 251 143.85 -82.86 73.58
N ILE M 252 144.38 -82.25 74.64
CA ILE M 252 143.57 -81.50 75.61
C ILE M 252 143.93 -80.03 75.67
N ARG M 253 145.01 -79.60 75.01
CA ARG M 253 145.41 -78.20 75.02
C ARG M 253 145.81 -77.71 73.63
N GLY M 254 145.38 -78.40 72.58
CA GLY M 254 145.70 -78.00 71.22
C GLY M 254 144.68 -78.49 70.20
N ASP M 255 145.02 -79.55 69.47
CA ASP M 255 144.13 -80.11 68.47
C ASP M 255 143.48 -81.37 69.01
N PRO M 256 142.15 -81.43 69.12
CA PRO M 256 141.51 -82.64 69.64
C PRO M 256 141.51 -83.78 68.62
N GLY M 257 140.94 -84.92 69.01
CA GLY M 257 140.89 -86.07 68.15
C GLY M 257 139.47 -86.42 67.73
N PRO M 258 139.32 -87.53 66.98
CA PRO M 258 137.98 -87.92 66.54
C PRO M 258 137.07 -88.37 67.68
N ALA M 259 137.63 -88.74 68.84
CA ALA M 259 136.80 -89.16 69.96
C ALA M 259 136.04 -88.00 70.59
N HIS M 260 136.49 -86.76 70.38
CA HIS M 260 135.84 -85.58 70.93
C HIS M 260 134.87 -84.94 69.94
N LEU M 261 134.19 -85.75 69.13
CA LEU M 261 133.24 -85.22 68.16
C LEU M 261 131.93 -84.87 68.86
N PRO M 262 131.55 -83.59 68.89
CA PRO M 262 130.32 -83.21 69.61
C PRO M 262 129.07 -83.78 68.93
N VAL M 263 128.19 -84.37 69.73
CA VAL M 263 126.94 -84.93 69.25
C VAL M 263 125.77 -83.99 69.51
N SER M 264 125.80 -83.30 70.65
CA SER M 264 124.76 -82.33 71.00
C SER M 264 125.42 -80.99 71.30
N LEU M 265 124.73 -79.90 70.93
CA LEU M 265 125.26 -78.55 71.08
C LEU M 265 124.24 -77.66 71.75
N ALA M 266 124.72 -76.78 72.63
CA ALA M 266 123.88 -75.77 73.26
C ALA M 266 124.69 -74.50 73.42
N VAL M 267 123.99 -73.36 73.47
CA VAL M 267 124.65 -72.07 73.56
C VAL M 267 124.01 -71.25 74.68
N HIS M 268 124.81 -70.37 75.28
CA HIS M 268 124.30 -69.45 76.30
C HIS M 268 125.08 -68.15 76.19
N THR M 269 124.37 -67.06 75.90
CA THR M 269 125.00 -65.74 75.78
C THR M 269 124.98 -65.02 77.13
N LEU M 270 125.94 -64.11 77.30
CA LEU M 270 126.04 -63.34 78.53
C LEU M 270 126.77 -62.05 78.24
N ASP M 271 126.10 -60.91 78.49
CA ASP M 271 126.67 -59.59 78.27
C ASP M 271 127.14 -59.43 76.84
N HIS M 272 128.34 -59.93 76.53
CA HIS M 272 128.89 -59.84 75.19
C HIS M 272 129.55 -61.13 74.71
N ASP M 273 129.77 -62.11 75.59
CA ASP M 273 130.41 -63.36 75.20
C ASP M 273 129.36 -64.47 75.14
N SER M 274 129.81 -65.65 74.69
CA SER M 274 128.93 -66.80 74.55
C SER M 274 129.68 -68.06 74.97
N TYR M 275 128.95 -68.95 75.65
CA TYR M 275 129.47 -70.24 76.08
C TYR M 275 128.78 -71.35 75.29
N LEU M 276 129.58 -72.22 74.69
CA LEU M 276 129.09 -73.33 73.88
C LEU M 276 129.33 -74.63 74.65
N PHE M 277 128.25 -75.32 74.99
CA PHE M 277 128.32 -76.60 75.68
C PHE M 277 128.14 -77.72 74.64
N ALA M 278 129.15 -78.56 74.50
CA ALA M 278 129.16 -79.63 73.52
C ALA M 278 129.23 -80.97 74.23
N LEU M 279 128.23 -81.81 74.02
CA LEU M 279 128.20 -83.17 74.54
C LEU M 279 128.63 -84.11 73.41
N CYS M 280 129.77 -84.76 73.59
CA CYS M 280 130.34 -85.64 72.58
C CYS M 280 129.94 -87.09 72.85
N GLN M 281 130.61 -88.02 72.17
CA GLN M 281 130.32 -89.44 72.34
C GLN M 281 131.06 -90.06 73.51
N ASP M 282 132.09 -89.39 74.03
CA ASP M 282 132.86 -89.89 75.16
C ASP M 282 132.30 -89.45 76.51
N HIS M 283 131.07 -88.92 76.53
CA HIS M 283 130.42 -88.47 77.76
C HIS M 283 131.27 -87.43 78.49
N LYS M 284 131.68 -86.41 77.75
CA LYS M 284 132.50 -85.31 78.27
C LYS M 284 131.89 -84.00 77.79
N LEU M 285 131.03 -83.41 78.61
CA LEU M 285 130.39 -82.14 78.29
C LEU M 285 131.43 -81.03 78.36
N ARG M 286 131.96 -80.64 77.20
CA ARG M 286 132.99 -79.62 77.13
C ARG M 286 132.36 -78.24 76.97
N MET M 287 133.08 -77.23 77.46
CA MET M 287 132.63 -75.84 77.41
C MET M 287 133.66 -75.01 76.65
N TRP M 288 133.20 -74.28 75.64
CA TRP M 288 134.04 -73.43 74.82
C TRP M 288 133.57 -71.98 74.90
N SER M 289 134.49 -71.05 74.69
CA SER M 289 134.19 -69.64 74.69
C SER M 289 134.14 -69.10 73.26
N TYR M 290 133.25 -68.13 73.04
CA TYR M 290 133.14 -67.53 71.71
C TYR M 290 134.19 -66.45 71.49
N LYS M 291 134.34 -65.53 72.44
CA LYS M 291 135.31 -64.46 72.29
C LYS M 291 136.73 -64.94 72.55
N ASP M 292 136.92 -65.76 73.59
CA ASP M 292 138.25 -66.26 73.90
C ASP M 292 138.69 -67.35 72.93
N GLN M 293 137.73 -68.04 72.31
CA GLN M 293 138.01 -69.10 71.35
C GLN M 293 138.90 -70.20 71.95
N MET M 294 138.47 -70.72 73.10
CA MET M 294 139.23 -71.75 73.78
C MET M 294 138.31 -72.53 74.71
N CYS M 295 138.78 -73.68 75.15
CA CYS M 295 138.05 -74.53 76.07
C CYS M 295 138.31 -74.10 77.51
N LEU M 296 137.25 -74.15 78.32
CA LEU M 296 137.34 -73.71 79.71
C LEU M 296 137.13 -74.92 80.61
N MET M 297 135.92 -75.16 81.10
CA MET M 297 135.65 -76.26 82.02
C MET M 297 135.27 -77.51 81.23
N VAL M 298 135.90 -78.63 81.59
CA VAL M 298 135.62 -79.93 80.99
C VAL M 298 135.20 -80.86 82.12
N ALA M 299 133.90 -80.97 82.34
CA ALA M 299 133.35 -81.79 83.42
C ALA M 299 133.02 -83.20 82.91
N ASP M 300 133.06 -84.16 83.83
CA ASP M 300 132.75 -85.55 83.53
C ASP M 300 131.31 -85.81 83.94
N MET M 301 130.47 -86.17 82.97
CA MET M 301 129.06 -86.43 83.23
C MET M 301 128.79 -87.84 83.75
N LEU M 302 129.81 -88.71 83.74
CA LEU M 302 129.62 -90.09 84.19
C LEU M 302 129.59 -90.22 85.72
N GLU M 303 129.75 -89.12 86.45
CA GLU M 303 129.72 -89.20 87.91
C GLU M 303 128.30 -89.20 88.46
N TYR M 304 127.36 -88.58 87.74
CA TYR M 304 125.97 -88.52 88.19
C TYR M 304 125.11 -89.65 87.62
N VAL M 305 125.57 -90.35 86.59
CA VAL M 305 124.81 -91.44 85.97
C VAL M 305 125.54 -92.75 86.25
N PRO M 306 124.84 -93.88 86.31
CA PRO M 306 125.52 -95.16 86.51
C PRO M 306 126.45 -95.49 85.35
N VAL M 307 127.70 -95.81 85.68
CA VAL M 307 128.69 -96.12 84.66
C VAL M 307 128.37 -97.47 84.03
N SER M 308 128.16 -97.48 82.71
CA SER M 308 127.86 -98.70 81.99
C SER M 308 128.60 -98.68 80.66
N LYS M 309 128.98 -99.87 80.19
CA LYS M 309 129.70 -100.00 78.93
C LYS M 309 128.78 -99.96 77.71
N ASP M 310 127.46 -99.90 77.91
CA ASP M 310 126.51 -99.87 76.82
C ASP M 310 126.11 -98.45 76.42
N ILE M 311 126.73 -97.43 77.02
CA ILE M 311 126.37 -96.05 76.69
C ILE M 311 127.29 -95.48 75.61
N ARG M 312 128.50 -96.02 75.45
CA ARG M 312 129.42 -95.51 74.45
C ARG M 312 128.91 -95.77 73.03
N GLN M 313 128.17 -96.86 72.82
CA GLN M 313 127.65 -97.16 71.50
C GLN M 313 126.41 -96.34 71.18
N THR M 314 125.66 -95.93 72.20
CA THR M 314 124.46 -95.13 71.99
C THR M 314 124.73 -93.63 72.02
N ALA M 315 125.87 -93.20 72.54
CA ALA M 315 126.20 -91.78 72.56
C ALA M 315 126.51 -91.22 71.17
N GLY M 316 126.51 -92.04 70.11
CA GLY M 316 126.82 -91.52 68.78
C GLY M 316 125.71 -90.66 68.20
N THR M 317 124.45 -90.95 68.55
CA THR M 317 123.33 -90.18 68.03
C THR M 317 122.15 -90.23 68.98
N GLY M 318 122.20 -91.13 69.97
CA GLY M 318 121.11 -91.25 70.93
C GLY M 318 121.13 -90.21 72.03
N HIS M 319 122.29 -89.62 72.31
CA HIS M 319 122.38 -88.61 73.35
C HIS M 319 121.73 -87.31 72.89
N LYS M 320 120.88 -86.74 73.74
CA LYS M 320 120.16 -85.52 73.42
C LYS M 320 120.41 -84.46 74.49
N LEU M 321 120.26 -83.20 74.09
CA LEU M 321 120.50 -82.08 75.01
C LEU M 321 119.66 -80.89 74.57
N ARG M 322 118.93 -80.30 75.50
CA ARG M 322 118.12 -79.12 75.23
C ARG M 322 118.36 -78.07 76.30
N LEU M 323 118.02 -76.82 75.97
CA LEU M 323 118.26 -75.69 76.86
C LEU M 323 116.97 -74.90 77.06
N ALA M 324 116.90 -74.20 78.20
CA ALA M 324 115.77 -73.33 78.48
C ALA M 324 116.25 -72.21 79.40
N TYR M 325 116.22 -70.98 78.91
CA TYR M 325 116.72 -69.82 79.65
C TYR M 325 115.52 -69.08 80.25
N SER M 326 115.25 -69.34 81.53
CA SER M 326 114.17 -68.67 82.23
C SER M 326 114.63 -67.29 82.69
N ASP M 327 113.89 -66.26 82.26
CA ASP M 327 114.23 -64.87 82.58
C ASP M 327 113.67 -64.42 83.92
N THR M 328 112.83 -65.23 84.56
CA THR M 328 112.32 -64.87 85.88
C THR M 328 113.46 -64.75 86.90
N LEU M 329 114.49 -65.58 86.76
CA LEU M 329 115.69 -65.48 87.58
C LEU M 329 116.96 -65.38 86.75
N GLU M 330 116.84 -65.27 85.42
CA GLU M 330 117.98 -65.21 84.50
C GLU M 330 118.88 -66.44 84.67
N ILE M 331 118.26 -67.62 84.62
CA ILE M 331 118.96 -68.88 84.83
C ILE M 331 118.67 -69.82 83.68
N LEU M 332 119.68 -70.53 83.21
CA LEU M 332 119.55 -71.47 82.11
C LEU M 332 119.59 -72.90 82.64
N TYR M 333 118.56 -73.68 82.30
CA TYR M 333 118.49 -75.09 82.63
C TYR M 333 118.83 -75.91 81.39
N LEU M 334 119.75 -76.85 81.55
CA LEU M 334 120.13 -77.78 80.49
C LEU M 334 119.60 -79.16 80.84
N GLY M 335 118.76 -79.71 79.97
CA GLY M 335 118.25 -81.05 80.13
C GLY M 335 118.95 -81.99 79.18
N VAL M 336 119.67 -82.96 79.76
CA VAL M 336 120.45 -83.92 79.00
C VAL M 336 119.83 -85.30 79.14
N TYR M 337 119.85 -86.07 78.06
CA TYR M 337 119.36 -87.44 78.05
C TYR M 337 120.44 -88.34 77.46
N LEU M 338 120.88 -89.31 78.24
CA LEU M 338 121.84 -90.30 77.80
C LEU M 338 121.11 -91.61 77.50
N HIS M 339 121.27 -92.11 76.28
CA HIS M 339 120.60 -93.33 75.87
C HIS M 339 121.43 -94.55 76.23
N THR M 340 120.75 -95.60 76.69
CA THR M 340 121.39 -96.87 77.04
C THR M 340 120.41 -98.01 76.80
N PRO M 341 120.80 -99.02 76.02
CA PRO M 341 119.85 -100.12 75.72
C PRO M 341 119.31 -100.82 76.96
N ARG M 342 119.94 -100.67 78.11
CA ARG M 342 119.37 -101.17 79.36
C ARG M 342 118.36 -100.18 79.93
N GLN M 343 118.75 -98.91 80.06
CA GLN M 343 117.88 -97.89 80.63
C GLN M 343 118.46 -96.49 80.39
N GLY M 344 117.65 -95.59 79.84
CA GLY M 344 118.09 -94.23 79.63
C GLY M 344 118.21 -93.45 80.92
N GLN M 345 118.84 -92.28 80.83
CA GLN M 345 119.07 -91.43 81.99
C GLN M 345 118.78 -89.97 81.62
N PHE M 346 118.12 -89.26 82.54
CA PHE M 346 117.88 -87.83 82.41
C PHE M 346 118.71 -87.09 83.46
N CYS M 347 119.13 -85.88 83.11
CA CYS M 347 119.89 -85.03 84.02
C CYS M 347 119.52 -83.57 83.77
N VAL M 348 119.50 -82.79 84.86
CA VAL M 348 119.19 -81.37 84.80
C VAL M 348 120.36 -80.61 85.41
N PHE M 349 120.87 -79.62 84.67
CA PHE M 349 122.01 -78.83 85.11
C PHE M 349 121.64 -77.35 85.04
N GLN M 350 121.72 -76.67 86.17
CA GLN M 350 121.46 -75.23 86.23
C GLN M 350 122.77 -74.46 86.06
N LEU M 351 122.70 -73.36 85.30
CA LEU M 351 123.87 -72.53 85.07
C LEU M 351 123.92 -71.42 86.11
N VAL M 352 125.07 -71.25 86.75
CA VAL M 352 125.29 -70.22 87.75
C VAL M 352 126.58 -69.46 87.40
N CYS M 353 126.57 -68.15 87.65
CA CYS M 353 127.71 -67.32 87.34
C CYS M 353 128.57 -67.09 88.58
N THR M 354 129.82 -66.71 88.35
CA THR M 354 130.76 -66.45 89.44
C THR M 354 131.18 -64.99 89.44
N GLU M 355 132.47 -64.74 89.65
CA GLU M 355 133.02 -63.39 89.67
C GLU M 355 134.13 -63.22 88.63
N SER M 356 134.07 -63.99 87.54
CA SER M 356 135.10 -63.89 86.51
C SER M 356 134.57 -64.19 85.11
N ASN M 357 133.25 -64.04 84.87
CA ASN M 357 132.64 -64.33 83.57
C ASN M 357 132.90 -65.76 83.14
N ARG M 358 132.64 -66.70 84.06
CA ARG M 358 132.83 -68.13 83.79
C ARG M 358 131.66 -68.87 84.43
N TYR M 359 130.66 -69.20 83.62
CA TYR M 359 129.49 -69.91 84.13
C TYR M 359 129.85 -71.36 84.46
N SER M 360 129.08 -71.95 85.36
CA SER M 360 129.30 -73.32 85.79
C SER M 360 127.97 -74.04 85.94
N LEU M 361 127.99 -75.35 85.70
CA LEU M 361 126.80 -76.19 85.76
C LEU M 361 126.73 -76.89 87.12
N GLU M 362 125.54 -76.91 87.71
CA GLU M 362 125.29 -77.60 88.96
C GLU M 362 124.14 -78.60 88.78
N HIS M 363 124.32 -79.79 89.31
CA HIS M 363 123.33 -80.86 89.14
C HIS M 363 122.08 -80.56 89.96
N THR M 364 120.93 -80.99 89.45
CA THR M 364 119.66 -80.83 90.13
C THR M 364 118.97 -82.16 90.43
N SER M 365 118.65 -82.93 89.38
CA SER M 365 117.97 -84.21 89.57
C SER M 365 118.45 -85.18 88.51
N SER M 366 118.42 -86.47 88.85
CA SER M 366 118.82 -87.56 87.97
C SER M 366 117.63 -88.50 87.80
N ILE M 367 116.78 -88.18 86.83
CA ILE M 367 115.58 -88.97 86.60
C ILE M 367 115.94 -90.19 85.74
N PHE M 368 115.50 -91.36 86.17
CA PHE M 368 115.75 -92.59 85.44
C PHE M 368 114.76 -92.73 84.28
N THR M 369 115.13 -93.54 83.30
CA THR M 369 114.31 -93.73 82.10
C THR M 369 114.43 -95.18 81.64
N ASN M 370 113.35 -95.67 81.02
CA ASN M 370 113.32 -97.02 80.49
C ASN M 370 114.21 -97.11 79.25
N GLN M 371 114.25 -98.29 78.63
CA GLN M 371 115.09 -98.52 77.46
C GLN M 371 114.47 -98.03 76.16
N GLU M 372 113.31 -97.36 76.23
CA GLU M 372 112.66 -96.87 75.02
C GLU M 372 113.46 -95.72 74.41
N THR M 373 113.37 -95.59 73.08
CA THR M 373 114.12 -94.56 72.38
C THR M 373 113.42 -93.23 72.52
N LEU M 374 114.13 -92.24 73.06
CA LEU M 374 113.56 -90.91 73.30
C LEU M 374 113.35 -90.21 71.97
N ILE M 375 112.09 -90.12 71.52
CA ILE M 375 111.79 -89.39 70.31
C ILE M 375 111.89 -87.89 70.56
N ASP M 376 111.39 -87.41 71.70
CA ASP M 376 111.45 -85.98 71.98
C ASP M 376 111.38 -85.75 73.49
N PHE M 377 111.80 -84.57 73.91
CA PHE M 377 111.71 -84.18 75.32
C PHE M 377 111.87 -82.67 75.42
N THR M 378 111.03 -82.05 76.26
CA THR M 378 111.09 -80.63 76.53
C THR M 378 110.87 -80.41 78.03
N PHE M 379 111.14 -79.18 78.48
CA PHE M 379 110.91 -78.82 79.87
C PHE M 379 110.44 -77.37 79.93
N THR M 380 109.16 -77.18 80.24
CA THR M 380 108.61 -75.84 80.42
C THR M 380 108.92 -75.35 81.82
N LEU M 381 109.65 -74.24 81.90
CA LEU M 381 110.07 -73.67 83.19
C LEU M 381 109.05 -72.72 83.78
N SER M 382 107.95 -72.43 83.06
CA SER M 382 106.91 -71.58 83.63
C SER M 382 106.21 -72.26 84.78
N SER M 383 106.16 -73.59 84.78
CA SER M 383 105.57 -74.33 85.89
C SER M 383 106.40 -75.56 86.28
N MET M 384 107.64 -75.67 85.79
CA MET M 384 108.52 -76.79 86.08
C MET M 384 107.86 -78.12 85.69
N ASN M 385 107.67 -78.29 84.38
CA ASN M 385 107.02 -79.47 83.82
C ASN M 385 107.92 -80.06 82.74
N ILE M 386 108.47 -81.24 83.00
CA ILE M 386 109.35 -81.93 82.05
C ILE M 386 108.50 -82.95 81.30
N TRP M 387 108.27 -82.71 80.02
CA TRP M 387 107.49 -83.61 79.17
C TRP M 387 108.44 -84.44 78.31
N ALA M 388 108.09 -85.70 78.10
CA ALA M 388 108.94 -86.60 77.34
C ALA M 388 108.06 -87.50 76.48
N LEU M 389 108.62 -87.92 75.34
CA LEU M 389 107.93 -88.76 74.37
C LEU M 389 108.93 -89.81 73.89
N TRP M 390 108.60 -91.08 74.07
CA TRP M 390 109.47 -92.18 73.71
C TRP M 390 108.72 -93.17 72.81
N LEU M 391 109.50 -93.94 72.05
CA LEU M 391 109.01 -95.07 71.27
C LEU M 391 109.57 -96.34 71.87
N ASP M 392 108.68 -97.30 72.17
CA ASP M 392 109.04 -98.54 72.82
C ASP M 392 109.03 -99.68 71.80
N ASP M 393 108.90 -100.91 72.29
CA ASP M 393 108.86 -102.07 71.41
C ASP M 393 107.55 -102.12 70.63
N ASP M 394 106.42 -102.12 71.33
CA ASP M 394 105.12 -102.12 70.69
C ASP M 394 104.78 -100.71 70.19
N ASN M 395 103.64 -100.60 69.50
CA ASN M 395 103.22 -99.32 68.93
C ASN M 395 102.68 -98.34 69.97
N GLN M 396 102.64 -98.73 71.25
CA GLN M 396 102.16 -97.85 72.31
C GLN M 396 103.21 -96.77 72.56
N THR M 397 103.19 -95.75 71.70
CA THR M 397 104.12 -94.64 71.82
C THR M 397 103.87 -93.90 73.13
N VAL M 398 104.87 -93.86 73.99
CA VAL M 398 104.70 -93.37 75.35
C VAL M 398 104.86 -91.86 75.36
N MET M 399 103.93 -91.17 76.02
CA MET M 399 103.97 -89.73 76.22
C MET M 399 103.72 -89.48 77.70
N LYS M 400 104.70 -88.93 78.40
CA LYS M 400 104.59 -88.74 79.84
C LYS M 400 105.11 -87.37 80.23
N HIS M 401 104.88 -87.00 81.49
CA HIS M 401 105.34 -85.73 82.02
C HIS M 401 105.53 -85.86 83.52
N ILE M 402 106.60 -85.25 84.02
CA ILE M 402 106.93 -85.32 85.45
C ILE M 402 107.80 -84.11 85.79
N ASN M 403 107.93 -83.83 87.07
CA ASN M 403 108.76 -82.74 87.57
C ASN M 403 110.09 -83.27 88.08
N PHE M 404 111.12 -82.43 88.01
CA PHE M 404 112.44 -82.79 88.48
C PHE M 404 112.76 -82.26 89.87
N GLU M 405 112.06 -81.22 90.33
CA GLU M 405 112.28 -80.65 91.65
C GLU M 405 111.35 -81.25 92.70
N ARG M 406 110.82 -82.45 92.45
CA ARG M 406 109.90 -83.10 93.39
C ARG M 406 110.42 -84.45 93.85
N ASN M 407 110.65 -85.38 92.93
CA ASN M 407 111.13 -86.72 93.27
C ASN M 407 112.42 -87.01 92.51
N GLN M 408 113.18 -87.98 93.01
CA GLN M 408 114.42 -88.37 92.36
C GLN M 408 114.18 -89.31 91.20
N ALA M 409 113.12 -90.11 91.25
CA ALA M 409 112.78 -91.04 90.17
C ALA M 409 111.60 -90.56 89.33
N GLY M 410 110.55 -90.03 89.96
CA GLY M 410 109.41 -89.53 89.24
C GLY M 410 108.46 -90.61 88.78
N HIS M 411 107.17 -90.47 89.12
CA HIS M 411 106.17 -91.44 88.71
C HIS M 411 105.76 -91.28 87.25
N TRP M 412 106.02 -90.11 86.66
CA TRP M 412 105.74 -89.83 85.25
C TRP M 412 104.25 -89.97 84.94
N ASN M 413 103.52 -88.86 85.00
CA ASN M 413 102.10 -88.88 84.66
C ASN M 413 101.95 -89.12 83.17
N PRO M 414 101.13 -90.10 82.77
CA PRO M 414 101.07 -90.49 81.36
C PRO M 414 100.09 -89.64 80.55
N VAL M 415 100.18 -89.80 79.23
CA VAL M 415 99.28 -89.16 78.28
C VAL M 415 98.72 -90.27 77.40
N PHE M 416 97.47 -90.66 77.66
CA PHE M 416 96.82 -91.70 76.87
C PHE M 416 96.60 -91.20 75.44
N VAL M 417 97.25 -91.85 74.49
CA VAL M 417 97.22 -91.44 73.09
C VAL M 417 95.84 -91.74 72.49
N ASN M 418 95.71 -91.54 71.19
CA ASN M 418 94.45 -91.80 70.51
C ASN M 418 94.10 -93.28 70.60
N PRO M 419 92.81 -93.62 70.69
CA PRO M 419 92.42 -95.03 70.79
C PRO M 419 92.77 -95.83 69.54
N LEU M 420 93.70 -96.77 69.68
CA LEU M 420 94.08 -97.60 68.54
C LEU M 420 92.92 -98.48 68.11
N PRO M 421 92.85 -98.83 66.82
CA PRO M 421 91.76 -99.68 66.35
C PRO M 421 91.81 -101.05 67.03
N ASP M 422 90.63 -101.61 67.28
CA ASP M 422 90.53 -102.87 67.99
C ASP M 422 91.04 -104.02 67.12
N ASP M 423 91.35 -105.14 67.78
CA ASP M 423 91.88 -106.31 67.10
C ASP M 423 90.74 -107.19 66.59
N ASP M 424 90.46 -108.27 67.31
CA ASP M 424 89.40 -109.20 66.89
C ASP M 424 88.04 -108.58 67.16
N LEU M 425 87.15 -108.67 66.17
CA LEU M 425 85.79 -108.16 66.28
C LEU M 425 84.75 -109.24 66.22
N ALA M 426 84.81 -110.13 65.23
CA ALA M 426 83.84 -111.21 65.10
C ALA M 426 84.48 -112.34 64.30
N ILE M 427 84.56 -113.53 64.90
CA ILE M 427 85.15 -114.67 64.23
C ILE M 427 84.21 -115.18 63.15
N GLY M 428 84.77 -115.54 62.00
CA GLY M 428 83.96 -116.03 60.90
C GLY M 428 83.31 -117.35 61.20
N ASP M 429 82.29 -117.68 60.40
CA ASP M 429 81.51 -118.91 60.51
C ASP M 429 80.88 -119.07 61.89
N GLU M 430 80.63 -117.95 62.59
CA GLU M 430 80.01 -117.99 63.90
C GLU M 430 79.07 -116.82 64.10
N GLN M 431 79.53 -115.62 63.72
CA GLN M 431 78.72 -114.40 63.86
C GLN M 431 78.89 -113.57 62.59
N GLU M 432 78.18 -112.44 62.55
CA GLU M 432 78.26 -111.53 61.42
C GLU M 432 79.44 -110.59 61.59
N PRO M 433 80.47 -110.70 60.74
CA PRO M 433 81.66 -109.86 60.93
C PRO M 433 81.56 -108.53 60.22
N GLN M 434 80.73 -108.44 59.17
CA GLN M 434 80.65 -107.23 58.38
C GLN M 434 80.08 -106.06 59.18
N GLU M 435 79.07 -106.33 60.01
CA GLU M 435 78.48 -105.26 60.83
C GLU M 435 79.50 -104.72 61.81
N ALA M 436 80.24 -105.61 62.49
CA ALA M 436 81.26 -105.17 63.45
C ALA M 436 82.38 -104.41 62.74
N TYR M 437 82.78 -104.88 61.56
CA TYR M 437 83.83 -104.19 60.82
C TYR M 437 83.39 -102.79 60.41
N LEU M 438 82.16 -102.66 59.92
CA LEU M 438 81.66 -101.35 59.53
C LEU M 438 81.51 -100.43 60.73
N GLU M 439 81.07 -100.97 61.87
CA GLU M 439 80.96 -100.16 63.08
C GLU M 439 82.33 -99.66 63.54
N CYS M 440 83.34 -100.55 63.52
CA CYS M 440 84.67 -100.14 63.92
C CYS M 440 85.27 -99.13 62.94
N LEU M 441 84.97 -99.27 61.65
CA LEU M 441 85.48 -98.32 60.66
C LEU M 441 84.81 -96.96 60.80
N PHE M 442 83.51 -96.94 61.12
CA PHE M 442 82.79 -95.69 61.29
C PHE M 442 83.05 -95.04 62.65
N ALA M 443 83.57 -95.80 63.62
CA ALA M 443 83.90 -95.23 64.92
C ALA M 443 85.04 -94.23 64.76
N PRO M 444 84.83 -92.96 65.10
CA PRO M 444 85.89 -91.97 64.92
C PRO M 444 87.00 -92.13 65.93
N GLY M 445 88.14 -91.51 65.62
CA GLY M 445 89.30 -91.56 66.49
C GLY M 445 90.24 -92.72 66.25
N ARG M 446 90.18 -93.37 65.10
CA ARG M 446 91.06 -94.49 64.81
C ARG M 446 91.25 -94.68 63.32
N PHE M 447 90.52 -93.91 62.50
CA PHE M 447 90.61 -94.01 61.05
C PHE M 447 90.53 -92.60 60.47
N THR M 448 90.75 -92.51 59.16
CA THR M 448 90.81 -91.22 58.49
C THR M 448 90.10 -91.29 57.14
N ILE M 449 89.57 -90.14 56.72
CA ILE M 449 88.91 -90.04 55.42
C ILE M 449 89.89 -90.31 54.30
N ALA M 450 91.15 -89.92 54.46
CA ALA M 450 92.17 -90.23 53.47
C ALA M 450 92.39 -91.74 53.37
N ALA M 451 92.41 -92.43 54.51
CA ALA M 451 92.54 -93.89 54.49
C ALA M 451 91.33 -94.54 53.81
N LEU M 452 90.13 -94.03 54.09
CA LEU M 452 88.95 -94.58 53.45
C LEU M 452 88.97 -94.35 51.94
N GLN M 453 89.44 -93.18 51.50
CA GLN M 453 89.53 -92.90 50.07
C GLN M 453 90.58 -93.78 49.39
N LYS M 454 91.71 -93.99 50.05
CA LYS M 454 92.74 -94.86 49.48
C LYS M 454 92.26 -96.31 49.42
N ALA M 455 91.51 -96.75 50.41
CA ALA M 455 90.91 -98.08 50.35
C ALA M 455 89.90 -98.16 49.20
N ILE M 456 89.11 -97.10 49.02
CA ILE M 456 88.18 -97.04 47.89
C ILE M 456 88.92 -97.21 46.57
N GLN M 457 90.02 -96.48 46.40
CA GLN M 457 90.73 -96.53 45.13
C GLN M 457 91.45 -97.85 44.92
N ILE M 458 91.96 -98.46 46.00
CA ILE M 458 92.66 -99.73 45.84
C ILE M 458 91.67 -100.87 45.62
N LEU M 459 90.43 -100.72 46.09
CA LEU M 459 89.41 -101.72 45.79
C LEU M 459 88.75 -101.49 44.44
N ARG M 460 88.78 -100.25 43.94
CA ARG M 460 88.29 -99.95 42.60
C ARG M 460 89.36 -100.10 41.53
N LYS M 461 90.61 -100.39 41.92
CA LYS M 461 91.71 -100.64 41.00
C LYS M 461 92.02 -99.38 40.17
N GLY M 462 92.83 -99.54 39.14
CA GLY M 462 93.23 -98.43 38.30
C GLY M 462 94.35 -97.61 38.91
N SER M 463 94.95 -96.78 38.07
CA SER M 463 96.04 -95.91 38.48
C SER M 463 95.58 -94.48 38.75
N GLY M 464 94.32 -94.30 39.11
CA GLY M 464 93.80 -92.97 39.40
C GLY M 464 93.81 -92.63 40.87
N ARG M 465 93.66 -91.34 41.16
CA ARG M 465 93.64 -90.83 42.52
C ARG M 465 92.22 -90.41 42.88
N VAL M 466 91.75 -90.85 44.04
CA VAL M 466 90.41 -90.55 44.52
C VAL M 466 90.58 -89.83 45.87
N LEU M 467 90.41 -88.51 45.86
CA LEU M 467 90.56 -87.70 47.06
C LEU M 467 89.54 -86.56 47.02
N ASP M 468 89.46 -85.84 48.15
CA ASP M 468 88.57 -84.69 48.29
C ASP M 468 87.12 -85.06 48.01
N LEU M 469 86.47 -85.71 48.98
CA LEU M 469 85.07 -86.10 48.85
C LEU M 469 84.38 -85.94 50.19
N SER M 470 83.06 -85.75 50.14
CA SER M 470 82.27 -85.62 51.34
C SER M 470 82.17 -86.97 52.07
N TRP M 471 81.70 -86.92 53.31
CA TRP M 471 81.63 -88.13 54.11
C TRP M 471 80.54 -89.08 53.61
N GLU M 472 79.40 -88.54 53.19
CA GLU M 472 78.32 -89.37 52.69
C GLU M 472 78.73 -90.11 51.43
N GLU M 473 79.25 -89.38 50.43
CA GLU M 473 79.74 -90.03 49.23
C GLU M 473 80.92 -90.93 49.52
N LEU M 474 81.70 -90.61 50.56
CA LEU M 474 82.83 -91.46 50.94
C LEU M 474 82.35 -92.83 51.39
N LYS M 475 81.45 -92.88 52.36
CA LYS M 475 80.92 -94.16 52.82
C LYS M 475 80.13 -94.85 51.71
N LYS M 476 79.44 -94.08 50.87
CA LYS M 476 78.77 -94.63 49.70
C LYS M 476 79.75 -95.44 48.85
N GLU M 477 80.80 -94.77 48.36
CA GLU M 477 81.79 -95.43 47.53
C GLU M 477 82.49 -96.56 48.26
N VAL M 478 82.66 -96.45 49.58
CA VAL M 478 83.22 -97.54 50.37
C VAL M 478 82.37 -98.79 50.19
N THR M 479 81.06 -98.67 50.46
CA THR M 479 80.17 -99.82 50.32
C THR M 479 80.13 -100.31 48.88
N LEU M 480 80.10 -99.37 47.92
CA LEU M 480 80.04 -99.75 46.51
C LEU M 480 81.23 -100.61 46.12
N THR M 481 82.44 -100.14 46.42
CA THR M 481 83.63 -100.89 46.01
C THR M 481 83.80 -102.17 46.83
N VAL M 482 83.35 -102.18 48.09
CA VAL M 482 83.43 -103.40 48.88
C VAL M 482 82.55 -104.47 48.27
N GLU M 483 81.30 -104.14 47.95
CA GLU M 483 80.42 -105.13 47.33
C GLU M 483 80.84 -105.44 45.89
N LYS M 484 81.50 -104.51 45.20
CA LYS M 484 82.02 -104.82 43.88
C LYS M 484 83.13 -105.86 43.95
N GLU M 485 84.03 -105.72 44.93
CA GLU M 485 85.05 -106.75 45.15
C GLU M 485 84.42 -108.07 45.57
N ILE M 486 83.37 -108.00 46.39
CA ILE M 486 82.65 -109.21 46.79
C ILE M 486 82.09 -109.93 45.57
N GLN M 487 81.48 -109.17 44.65
CA GLN M 487 80.92 -109.77 43.43
C GLN M 487 82.01 -110.33 42.54
N ASN M 488 83.11 -109.60 42.39
CA ASN M 488 84.23 -110.12 41.59
C ASN M 488 84.80 -111.40 42.18
N ALA M 489 84.78 -111.53 43.51
CA ALA M 489 85.29 -112.74 44.14
C ALA M 489 84.31 -113.90 44.03
N VAL M 490 83.02 -113.64 44.19
CA VAL M 490 82.02 -114.71 44.21
C VAL M 490 81.63 -115.08 42.78
N VAL M 491 81.46 -116.38 42.55
CA VAL M 491 81.01 -116.90 41.25
C VAL M 491 80.06 -118.07 41.50
N ASP M 492 79.63 -118.21 42.75
CA ASP M 492 78.81 -119.35 43.14
C ASP M 492 77.40 -119.22 42.57
N TYR M 493 76.70 -120.35 42.54
CA TYR M 493 75.31 -120.40 42.10
C TYR M 493 74.32 -120.63 43.24
N ASP M 494 74.73 -121.32 44.29
CA ASP M 494 73.89 -121.55 45.46
C ASP M 494 74.46 -120.74 46.62
N VAL M 495 73.68 -119.77 47.10
CA VAL M 495 74.13 -118.91 48.18
C VAL M 495 74.18 -119.70 49.47
N SER M 496 75.35 -119.75 50.10
CA SER M 496 75.55 -120.45 51.35
C SER M 496 76.03 -119.48 52.42
N GLN M 497 75.55 -119.71 53.65
CA GLN M 497 75.86 -118.80 54.75
C GLN M 497 77.36 -118.80 55.05
N GLU M 498 77.99 -119.98 55.06
CA GLU M 498 79.41 -120.06 55.38
C GLU M 498 80.25 -119.34 54.33
N GLU M 499 79.99 -119.59 53.06
CA GLU M 499 80.75 -118.94 52.00
C GLU M 499 80.52 -117.43 51.99
N PHE M 500 79.27 -117.00 52.20
CA PHE M 500 78.97 -115.57 52.25
C PHE M 500 79.72 -114.91 53.40
N ARG M 501 79.68 -115.51 54.59
CA ARG M 501 80.37 -114.94 55.74
C ARG M 501 81.87 -114.91 55.53
N GLN M 502 82.42 -115.95 54.87
CA GLN M 502 83.86 -115.98 54.62
C GLN M 502 84.26 -114.87 53.66
N ILE M 503 83.52 -114.71 52.56
CA ILE M 503 83.83 -113.64 51.61
C ILE M 503 83.73 -112.28 52.29
N ASN M 504 82.68 -112.08 53.09
CA ASN M 504 82.49 -110.80 53.77
C ASN M 504 83.63 -110.52 54.73
N ILE M 505 84.01 -111.52 55.54
CA ILE M 505 85.05 -111.29 56.55
C ILE M 505 86.40 -111.06 55.89
N GLU M 506 86.68 -111.76 54.78
CA GLU M 506 87.93 -111.53 54.07
C GLU M 506 87.99 -110.12 53.49
N ASN M 507 86.92 -109.69 52.81
CA ASN M 507 86.92 -108.37 52.20
C ASN M 507 87.00 -107.28 53.26
N TRP M 508 86.20 -107.38 54.31
CA TRP M 508 86.21 -106.36 55.34
C TRP M 508 87.48 -106.40 56.16
N CYS M 509 88.14 -107.56 56.27
CA CYS M 509 89.42 -107.61 56.94
C CYS M 509 90.51 -106.95 56.11
N LYS M 510 90.46 -107.13 54.79
CA LYS M 510 91.39 -106.40 53.92
C LYS M 510 91.19 -104.90 54.06
N PHE M 511 89.94 -104.45 54.02
CA PHE M 511 89.63 -103.03 54.19
C PHE M 511 90.14 -102.51 55.53
N TYR M 512 89.81 -103.23 56.62
CA TYR M 512 90.20 -102.81 57.96
C TYR M 512 91.71 -102.78 58.12
N THR M 513 92.41 -103.74 57.52
CA THR M 513 93.86 -103.79 57.66
C THR M 513 94.53 -102.68 56.86
N CYS M 514 94.03 -102.38 55.66
CA CYS M 514 94.55 -101.23 54.92
C CYS M 514 94.36 -99.94 55.71
N CYS M 515 93.15 -99.76 56.26
CA CYS M 515 92.87 -98.55 57.03
C CYS M 515 93.76 -98.47 58.27
N LEU M 516 93.98 -99.62 58.94
CA LEU M 516 94.82 -99.63 60.12
C LEU M 516 96.27 -99.34 59.79
N GLN M 517 96.76 -99.89 58.67
CA GLN M 517 98.13 -99.61 58.26
C GLN M 517 98.34 -98.14 57.97
N TYR M 518 97.39 -97.52 57.25
CA TYR M 518 97.54 -96.08 57.01
C TYR M 518 97.37 -95.27 58.29
N GLN M 519 96.52 -95.73 59.22
CA GLN M 519 96.38 -95.04 60.50
C GLN M 519 97.69 -95.07 61.28
N GLU M 520 98.35 -96.22 61.32
CA GLU M 520 99.63 -96.30 62.01
C GLU M 520 100.70 -95.47 61.30
N THR M 521 100.70 -95.48 59.97
CA THR M 521 101.67 -94.68 59.22
C THR M 521 101.47 -93.19 59.49
N LEU M 522 100.22 -92.76 59.65
CA LEU M 522 99.96 -91.36 59.97
C LEU M 522 100.26 -91.05 61.43
N SER M 523 100.07 -92.03 62.32
CA SER M 523 100.33 -91.84 63.73
C SER M 523 101.80 -92.03 64.11
N ARG M 524 102.66 -92.37 63.14
CA ARG M 524 104.09 -92.42 63.37
C ARG M 524 104.57 -91.10 63.98
N PRO M 525 105.09 -91.11 65.20
CA PRO M 525 105.45 -89.85 65.86
C PRO M 525 106.73 -89.24 65.29
N LEU M 526 106.83 -87.92 65.42
CA LEU M 526 108.00 -87.18 64.95
C LEU M 526 108.62 -86.33 66.05
N ALA M 527 107.85 -85.45 66.69
CA ALA M 527 108.39 -84.59 67.74
C ALA M 527 107.30 -84.18 68.72
N LEU M 528 107.47 -83.03 69.36
CA LEU M 528 106.51 -82.53 70.35
C LEU M 528 106.60 -81.02 70.41
N VAL M 529 105.47 -80.39 70.75
CA VAL M 529 105.38 -78.94 70.87
C VAL M 529 104.58 -78.61 72.13
N VAL M 530 105.17 -77.82 73.01
CA VAL M 530 104.54 -77.42 74.27
C VAL M 530 104.40 -75.91 74.28
N HIS M 531 103.21 -75.43 74.65
CA HIS M 531 102.95 -74.00 74.73
C HIS M 531 103.02 -73.55 76.18
N PRO M 532 103.87 -72.58 76.52
CA PRO M 532 103.98 -72.15 77.92
C PRO M 532 103.06 -71.01 78.32
N ASN M 533 102.20 -70.54 77.42
CA ASN M 533 101.30 -69.43 77.74
C ASN M 533 99.94 -69.95 78.18
N THR M 534 99.14 -70.43 77.24
CA THR M 534 97.80 -70.94 77.53
C THR M 534 97.80 -72.40 77.97
N ASN M 535 98.98 -72.97 78.20
CA ASN M 535 99.11 -74.33 78.71
C ASN M 535 98.46 -75.36 77.80
N MET M 536 99.17 -75.79 76.75
CA MET M 536 98.70 -76.84 75.87
C MET M 536 99.90 -77.47 75.19
N VAL M 537 99.76 -78.76 74.87
CA VAL M 537 100.82 -79.54 74.25
C VAL M 537 100.35 -80.02 72.89
N CYS M 538 101.23 -79.96 71.90
CA CYS M 538 100.94 -80.38 70.53
C CYS M 538 101.93 -81.45 70.11
N LEU M 539 101.42 -82.52 69.52
CA LEU M 539 102.23 -83.63 69.02
C LEU M 539 102.17 -83.64 67.50
N LEU M 540 103.34 -83.65 66.88
CA LEU M 540 103.45 -83.65 65.42
C LEU M 540 103.60 -85.08 64.93
N ARG M 541 102.55 -85.60 64.29
CA ARG M 541 102.62 -86.94 63.72
C ARG M 541 103.05 -86.87 62.26
N LYS M 542 102.56 -87.78 61.44
CA LYS M 542 102.90 -87.79 60.01
C LYS M 542 101.90 -86.90 59.28
N GLY M 543 102.25 -85.62 59.15
CA GLY M 543 101.40 -84.67 58.47
C GLY M 543 100.21 -84.18 59.25
N PHE M 544 100.12 -84.50 60.54
CA PHE M 544 99.01 -84.09 61.37
C PHE M 544 99.52 -83.54 62.69
N LEU M 545 98.66 -82.80 63.39
CA LEU M 545 98.99 -82.18 64.67
C LEU M 545 97.89 -82.50 65.66
N SER M 546 98.20 -83.35 66.64
CA SER M 546 97.26 -83.70 67.69
C SER M 546 97.49 -82.82 68.90
N PHE M 547 96.46 -82.69 69.73
CA PHE M 547 96.51 -81.87 70.93
C PHE M 547 96.43 -82.73 72.17
N LEU M 548 96.94 -82.19 73.29
CA LEU M 548 96.91 -82.86 74.58
C LEU M 548 96.05 -82.06 75.54
N ALA M 549 95.10 -82.73 76.18
CA ALA M 549 94.16 -82.09 77.08
C ALA M 549 94.11 -82.80 78.42
N PRO M 550 93.97 -82.06 79.51
CA PRO M 550 93.85 -82.71 80.82
C PRO M 550 92.48 -83.33 81.01
N CYS M 551 92.46 -84.54 81.54
CA CYS M 551 91.21 -85.25 81.77
C CYS M 551 90.62 -84.86 83.12
N SER M 552 89.36 -85.25 83.33
CA SER M 552 88.71 -85.01 84.61
C SER M 552 89.30 -85.92 85.68
N SER M 553 88.92 -85.65 86.94
CA SER M 553 89.45 -86.42 88.06
C SER M 553 89.02 -87.89 87.97
N VAL M 554 87.72 -88.13 87.79
CA VAL M 554 87.23 -89.49 87.75
C VAL M 554 87.74 -90.22 86.52
N GLU M 555 87.83 -89.53 85.38
CA GLU M 555 88.35 -90.15 84.17
C GLU M 555 89.82 -90.51 84.32
N HIS M 556 90.60 -89.62 84.92
CA HIS M 556 92.01 -89.93 85.16
C HIS M 556 92.17 -91.10 86.13
N LEU M 557 91.33 -91.15 87.17
CA LEU M 557 91.39 -92.26 88.10
C LEU M 557 91.04 -93.57 87.42
N TYR M 558 90.02 -93.57 86.55
CA TYR M 558 89.61 -94.79 85.88
C TYR M 558 90.62 -95.23 84.83
N LEU M 559 91.30 -94.29 84.19
CA LEU M 559 92.28 -94.62 83.16
C LEU M 559 93.68 -94.87 83.71
N VAL M 560 93.93 -94.55 84.97
CA VAL M 560 95.23 -94.76 85.59
C VAL M 560 95.17 -96.04 86.41
N PRO M 561 96.09 -96.98 86.23
CA PRO M 561 96.05 -98.25 86.96
C PRO M 561 96.53 -98.08 88.39
N GLY M 562 96.47 -99.18 89.14
CA GLY M 562 96.87 -99.14 90.54
C GLY M 562 98.36 -98.87 90.74
N GLU M 563 99.19 -99.31 89.78
CA GLU M 563 100.63 -99.08 89.89
C GLU M 563 100.95 -97.59 89.96
N HIS M 564 100.22 -96.77 89.20
CA HIS M 564 100.39 -95.33 89.26
C HIS M 564 99.53 -94.67 90.33
N LEU M 565 98.39 -95.29 90.67
CA LEU M 565 97.56 -94.76 91.75
C LEU M 565 98.27 -94.83 93.09
N LEU M 566 99.08 -95.86 93.32
CA LEU M 566 99.82 -95.97 94.56
C LEU M 566 100.88 -94.87 94.67
N THR M 567 101.44 -94.43 93.55
CA THR M 567 102.40 -93.34 93.57
C THR M 567 101.73 -91.97 93.64
N VAL M 568 100.54 -91.83 93.04
CA VAL M 568 99.81 -90.58 93.10
C VAL M 568 99.35 -90.34 94.53
N ASP M 569 99.63 -89.16 95.06
CA ASP M 569 99.27 -88.83 96.42
C ASP M 569 97.75 -88.72 96.58
N GLU M 570 97.30 -88.81 97.83
CA GLU M 570 95.89 -88.74 98.14
C GLU M 570 95.38 -87.31 98.33
N SER M 571 96.27 -86.32 98.29
CA SER M 571 95.86 -84.93 98.48
C SER M 571 95.14 -84.37 97.26
N VAL M 572 95.40 -84.92 96.07
CA VAL M 572 94.75 -84.43 94.85
C VAL M 572 93.50 -85.21 94.49
N ILE M 573 93.34 -86.43 95.02
CA ILE M 573 92.16 -87.23 94.70
C ILE M 573 90.94 -86.72 95.44
N CYS M 574 91.05 -86.57 96.76
CA CYS M 574 89.96 -86.08 97.58
C CYS M 574 90.52 -85.19 98.68
N ASP M 575 89.60 -84.59 99.45
CA ASP M 575 90.01 -83.71 100.54
C ASP M 575 90.35 -84.47 101.82
N ASP M 576 89.87 -85.69 101.97
CA ASP M 576 90.13 -86.51 103.14
C ASP M 576 90.87 -87.78 102.73
N VAL M 577 91.72 -88.27 103.63
CA VAL M 577 92.49 -89.47 103.34
C VAL M 577 91.58 -90.68 103.26
N ASP M 578 90.58 -90.77 104.14
CA ASP M 578 89.63 -91.87 104.09
C ASP M 578 88.84 -91.87 102.80
N GLY M 579 88.35 -90.70 102.39
CA GLY M 579 87.62 -90.61 101.13
C GLY M 579 88.48 -90.93 99.93
N ALA M 580 89.75 -90.49 99.96
CA ALA M 580 90.66 -90.80 98.87
C ALA M 580 90.93 -92.30 98.78
N SER M 581 91.14 -92.96 99.93
CA SER M 581 91.35 -94.40 99.92
C SER M 581 90.11 -95.15 99.45
N ASP M 582 88.93 -94.67 99.85
CA ASP M 582 87.69 -95.30 99.40
C ASP M 582 87.53 -95.15 97.88
N ILE M 583 87.85 -93.97 97.35
CA ILE M 583 87.77 -93.75 95.91
C ILE M 583 88.78 -94.62 95.18
N VAL M 584 89.97 -94.79 95.75
CA VAL M 584 90.98 -95.64 95.13
C VAL M 584 90.51 -97.09 95.10
N SER M 585 89.93 -97.57 96.20
CA SER M 585 89.42 -98.94 96.23
C SER M 585 88.25 -99.11 95.26
N LEU M 586 87.39 -98.10 95.15
CA LEU M 586 86.29 -98.16 94.20
C LEU M 586 86.81 -98.23 92.76
N ILE M 587 87.84 -97.44 92.45
CA ILE M 587 88.44 -97.47 91.12
C ILE M 587 89.10 -98.82 90.85
N GLN M 588 89.73 -99.41 91.87
CA GLN M 588 90.33 -100.73 91.70
C GLN M 588 89.27 -101.79 91.43
N CYS M 589 88.14 -101.71 92.14
CA CYS M 589 87.05 -102.65 91.89
C CYS M 589 86.47 -102.46 90.49
N LEU M 590 86.33 -101.22 90.04
CA LEU M 590 85.85 -100.97 88.69
C LEU M 590 86.82 -101.52 87.65
N HIS M 591 88.13 -101.38 87.90
CA HIS M 591 89.12 -101.92 86.98
C HIS M 591 89.06 -103.45 86.96
N MET M 592 88.84 -104.07 88.12
CA MET M 592 88.70 -105.52 88.16
C MET M 592 87.48 -105.98 87.36
N ILE M 593 86.35 -105.28 87.53
CA ILE M 593 85.15 -105.61 86.75
C ILE M 593 85.42 -105.43 85.26
N ALA M 594 86.16 -104.37 84.90
CA ALA M 594 86.43 -104.10 83.49
C ALA M 594 87.30 -105.20 82.88
N ASP M 595 88.37 -105.60 83.59
CA ASP M 595 89.23 -106.65 83.04
C ASP M 595 88.57 -108.02 83.08
N TYR M 596 87.59 -108.22 83.97
CA TYR M 596 86.82 -109.45 83.94
C TYR M 596 85.83 -109.47 82.77
N ILE M 597 85.28 -108.32 82.42
CA ILE M 597 84.38 -108.23 81.28
C ILE M 597 85.19 -108.39 79.99
N THR M 598 84.77 -109.33 79.15
CA THR M 598 85.45 -109.61 77.89
C THR M 598 84.74 -108.86 76.75
N GLU M 599 85.14 -109.18 75.52
CA GLU M 599 84.52 -108.53 74.35
C GLU M 599 83.12 -109.05 74.12
N ASP M 600 82.91 -110.35 74.28
CA ASP M 600 81.57 -110.92 74.13
C ASP M 600 80.63 -110.39 75.21
N MET M 601 81.13 -110.23 76.43
CA MET M 601 80.31 -109.66 77.50
C MET M 601 79.95 -108.22 77.19
N ALA M 602 80.89 -107.44 76.64
CA ALA M 602 80.60 -106.06 76.29
C ALA M 602 79.56 -105.99 75.16
N TYR M 603 79.68 -106.89 74.18
CA TYR M 603 78.70 -106.92 73.10
C TYR M 603 77.32 -107.29 73.62
N GLN M 604 77.25 -108.26 74.55
CA GLN M 604 75.97 -108.64 75.14
C GLN M 604 75.38 -107.50 75.95
N MET M 605 76.22 -106.77 76.68
CA MET M 605 75.72 -105.62 77.44
C MET M 605 75.20 -104.54 76.51
N GLU M 606 75.91 -104.26 75.43
CA GLU M 606 75.44 -103.26 74.47
C GLU M 606 74.12 -103.69 73.83
N SER M 607 73.99 -104.96 73.49
CA SER M 607 72.75 -105.45 72.90
C SER M 607 71.59 -105.35 73.89
N ALA M 608 71.83 -105.70 75.16
CA ALA M 608 70.78 -105.63 76.16
C ALA M 608 70.40 -104.19 76.46
N CYS M 609 71.36 -103.26 76.41
CA CYS M 609 71.03 -101.86 76.63
C CYS M 609 70.29 -101.26 75.44
N CYS M 610 70.60 -101.72 74.22
CA CYS M 610 69.90 -101.23 73.05
C CYS M 610 68.49 -101.80 72.96
N HIS M 611 68.30 -103.03 73.44
CA HIS M 611 66.97 -103.64 73.42
C HIS M 611 66.04 -102.90 74.38
N PRO M 612 64.79 -102.67 74.00
CA PRO M 612 63.86 -101.98 74.89
C PRO M 612 63.56 -102.77 76.16
N GLN M 613 64.44 -102.66 77.14
CA GLN M 613 64.28 -103.35 78.43
C GLN M 613 64.58 -102.37 79.55
N SER M 614 64.71 -102.90 80.76
CA SER M 614 65.00 -102.01 81.89
C SER M 614 66.49 -102.03 82.20
N PRO M 615 67.08 -100.88 82.51
CA PRO M 615 68.51 -100.85 82.83
C PRO M 615 68.84 -101.62 84.10
N GLU M 616 68.01 -101.50 85.13
CA GLU M 616 68.24 -102.25 86.37
C GLU M 616 68.11 -103.75 86.13
N ARG M 617 67.15 -104.15 85.29
CA ARG M 617 67.00 -105.56 84.98
C ARG M 617 68.19 -106.09 84.19
N VAL M 618 68.68 -105.30 83.23
CA VAL M 618 69.87 -105.71 82.48
C VAL M 618 71.07 -105.84 83.40
N ALA M 619 71.23 -104.88 84.32
CA ALA M 619 72.35 -104.92 85.24
C ALA M 619 72.27 -106.13 86.16
N GLU M 620 71.07 -106.44 86.66
CA GLU M 620 70.94 -107.60 87.55
C GLU M 620 71.12 -108.90 86.79
N GLN M 621 70.72 -108.97 85.52
CA GLN M 621 70.98 -110.16 84.72
C GLN M 621 72.47 -110.34 84.47
N ILE M 622 73.18 -109.25 84.17
CA ILE M 622 74.63 -109.33 83.99
C ILE M 622 75.30 -109.75 85.29
N LEU M 623 74.80 -109.25 86.42
CA LEU M 623 75.37 -109.63 87.71
C LEU M 623 75.13 -111.11 88.01
N GLU M 624 73.94 -111.62 87.69
CA GLU M 624 73.67 -113.04 87.88
C GLU M 624 74.57 -113.89 86.98
N ASP M 625 74.77 -113.45 85.74
CA ASP M 625 75.66 -114.18 84.84
C ASP M 625 77.09 -114.19 85.35
N LEU M 626 77.56 -113.05 85.87
CA LEU M 626 78.91 -112.98 86.42
C LEU M 626 79.04 -113.84 87.67
N ILE M 627 77.99 -113.90 88.49
CA ILE M 627 78.01 -114.76 89.67
C ILE M 627 78.08 -116.22 89.26
N ALA M 628 77.31 -116.61 88.23
CA ALA M 628 77.32 -117.99 87.78
C ALA M 628 78.64 -118.37 87.12
N ASN M 629 79.29 -117.42 86.45
CA ASN M 629 80.55 -117.70 85.76
C ASN M 629 81.78 -117.38 86.58
N ASP M 630 81.62 -116.90 87.82
CA ASP M 630 82.76 -116.55 88.66
C ASP M 630 83.45 -117.82 89.16
N ILE M 631 84.73 -117.97 88.82
CA ILE M 631 85.52 -119.11 89.25
C ILE M 631 86.95 -118.67 89.53
N ASP M 632 87.16 -117.35 89.63
CA ASP M 632 88.48 -116.79 89.86
C ASP M 632 88.56 -115.96 91.13
N ASN M 633 87.51 -115.98 91.97
CA ASN M 633 87.46 -115.25 93.24
C ASN M 633 87.60 -113.75 93.05
N ILE M 634 87.40 -113.24 91.83
CA ILE M 634 87.48 -111.80 91.60
C ILE M 634 86.33 -111.09 92.31
N MET M 635 85.14 -111.70 92.32
CA MET M 635 84.03 -111.13 93.07
C MET M 635 84.28 -111.20 94.57
N GLU M 636 84.96 -112.24 95.04
CA GLU M 636 85.33 -112.31 96.46
C GLU M 636 86.30 -111.20 96.82
N ASN M 637 87.28 -110.93 95.96
CA ASN M 637 88.20 -109.83 96.21
C ASN M 637 87.49 -108.47 96.17
N ILE M 638 86.52 -108.33 95.25
CA ILE M 638 85.74 -107.10 95.18
C ILE M 638 84.93 -106.90 96.46
N GLN M 639 84.32 -107.97 96.96
CA GLN M 639 83.57 -107.88 98.21
C GLN M 639 84.48 -107.57 99.39
N ASN M 640 85.68 -108.15 99.41
CA ASN M 640 86.63 -107.85 100.46
C ASN M 640 87.05 -106.38 100.44
N LYS M 641 87.27 -105.83 99.23
CA LYS M 641 87.60 -104.42 99.11
C LYS M 641 86.44 -103.55 99.55
N LEU M 642 85.21 -103.94 99.20
CA LEU M 642 84.03 -103.18 99.62
C LEU M 642 83.90 -103.19 101.14
N GLN M 643 84.19 -104.32 101.78
CA GLN M 643 84.12 -104.40 103.23
C GLN M 643 85.24 -103.58 103.87
N ASP M 644 86.42 -103.57 103.27
CA ASP M 644 87.51 -102.75 103.79
C ASP M 644 87.23 -101.26 103.62
N ILE M 645 86.44 -100.90 102.61
CA ILE M 645 86.06 -99.50 102.43
C ILE M 645 85.29 -99.03 103.65
N ARG M 646 85.70 -97.88 104.19
CA ARG M 646 85.07 -97.36 105.40
C ARG M 646 83.66 -96.88 105.13
N ASN M 647 83.51 -95.89 104.24
CA ASN M 647 82.21 -95.29 103.93
C ASN M 647 82.19 -94.88 102.46
N PRO M 648 81.43 -95.59 101.61
CA PRO M 648 81.34 -95.21 100.20
C PRO M 648 80.31 -94.14 99.91
N ILE M 649 79.56 -93.67 100.92
CA ILE M 649 78.50 -92.70 100.67
C ILE M 649 79.09 -91.39 100.18
N GLN M 650 80.10 -90.87 100.89
CA GLN M 650 80.71 -89.61 100.47
C GLN M 650 81.44 -89.75 99.14
N ALA M 651 82.00 -90.93 98.87
CA ALA M 651 82.65 -91.16 97.59
C ALA M 651 81.66 -91.12 96.44
N ILE M 652 80.51 -91.79 96.60
CA ILE M 652 79.48 -91.76 95.57
C ILE M 652 78.93 -90.34 95.43
N SER M 653 78.80 -89.61 96.54
CA SER M 653 78.32 -88.24 96.48
C SER M 653 79.29 -87.36 95.69
N PHE M 654 80.59 -87.52 95.91
CA PHE M 654 81.58 -86.75 95.18
C PHE M 654 81.59 -87.12 93.70
N LEU M 655 81.48 -88.42 93.40
CA LEU M 655 81.44 -88.84 92.00
C LEU M 655 80.21 -88.31 91.28
N LEU M 656 79.08 -88.22 91.97
CA LEU M 656 77.86 -87.68 91.35
C LEU M 656 77.91 -86.17 91.25
N GLN M 657 78.58 -85.49 92.19
CA GLN M 657 78.72 -84.05 92.12
C GLN M 657 79.67 -83.64 90.99
N ASN M 658 80.71 -84.44 90.75
CA ASN M 658 81.61 -84.21 89.63
C ASN M 658 81.07 -84.74 88.31
N MET M 659 79.75 -84.65 88.10
CA MET M 659 79.12 -85.21 86.91
C MET M 659 77.76 -84.57 86.68
N ASP M 660 77.03 -84.30 87.76
CA ASP M 660 75.69 -83.74 87.64
C ASP M 660 75.75 -82.28 87.22
N TYR M 661 75.11 -81.96 86.10
CA TYR M 661 75.06 -80.58 85.60
C TYR M 661 73.73 -80.39 84.88
N GLU M 662 72.93 -79.45 85.36
CA GLU M 662 71.62 -79.20 84.78
C GLU M 662 71.17 -77.77 85.11
N THR M 663 70.52 -77.14 84.14
CA THR M 663 69.95 -75.80 84.31
C THR M 663 68.53 -75.82 83.76
N ASN M 664 67.56 -75.65 84.64
CA ASN M 664 66.16 -75.71 84.24
C ASN M 664 65.79 -74.48 83.41
N MET M 665 64.63 -74.57 82.76
CA MET M 665 64.07 -73.49 81.94
C MET M 665 64.99 -73.14 80.77
N ASP M 666 64.59 -72.12 80.00
CA ASP M 666 65.34 -71.66 78.83
C ASP M 666 65.49 -70.14 78.87
N MET M 667 65.92 -69.62 80.02
CA MET M 667 66.10 -68.18 80.20
C MET M 667 67.52 -67.72 79.86
N GLU M 668 68.34 -68.60 79.28
CA GLU M 668 69.70 -68.22 78.94
C GLU M 668 70.11 -68.72 77.54
N GLN M 669 69.16 -69.12 76.71
CA GLN M 669 69.49 -69.61 75.38
C GLN M 669 69.75 -68.45 74.43
N SER M 670 70.67 -68.66 73.49
CA SER M 670 71.02 -67.64 72.51
C SER M 670 71.38 -68.34 71.21
N GLN M 671 70.52 -68.21 70.21
CA GLN M 671 70.73 -68.82 68.90
C GLN M 671 71.43 -67.91 67.91
N HIS M 672 71.92 -66.75 68.37
CA HIS M 672 72.60 -65.81 67.51
C HIS M 672 73.84 -65.27 68.22
N ASN M 673 74.80 -64.79 67.44
CA ASN M 673 76.04 -64.25 67.98
C ASN M 673 75.80 -62.85 68.50
N VAL M 674 75.96 -62.66 69.82
CA VAL M 674 75.80 -61.35 70.44
C VAL M 674 77.04 -60.52 70.15
N ARG M 675 76.84 -59.39 69.48
CA ARG M 675 77.95 -58.52 69.10
C ARG M 675 78.56 -57.82 70.32
N LEU M 676 79.42 -58.52 71.04
CA LEU M 676 80.09 -57.96 72.21
C LEU M 676 81.59 -58.24 72.19
N ASN M 677 82.18 -58.29 70.99
CA ASN M 677 83.60 -58.58 70.82
C ASN M 677 83.99 -59.92 71.44
N LEU M 678 83.09 -60.90 71.31
CA LEU M 678 83.32 -62.24 71.84
C LEU M 678 83.21 -63.34 70.80
N SER M 679 82.45 -63.13 69.71
CA SER M 679 82.29 -64.15 68.69
C SER M 679 83.61 -64.50 68.01
N THR M 680 84.59 -63.60 68.05
CA THR M 680 85.90 -63.90 67.48
C THR M 680 86.69 -64.88 68.34
N LEU M 681 86.27 -65.11 69.58
CA LEU M 681 86.97 -66.03 70.47
C LEU M 681 86.59 -67.47 70.09
N TYR M 682 87.59 -68.28 69.81
CA TYR M 682 87.42 -69.69 69.43
C TYR M 682 86.56 -69.75 68.16
N GLY M 683 85.76 -70.80 68.02
CA GLY M 683 84.91 -70.96 66.86
C GLY M 683 85.61 -71.43 65.61
N SER M 684 86.87 -71.85 65.71
CA SER M 684 87.63 -72.32 64.56
C SER M 684 87.39 -73.80 64.33
N VAL M 685 87.78 -74.27 63.15
CA VAL M 685 87.60 -75.68 62.81
C VAL M 685 88.46 -76.56 63.69
N THR M 686 89.70 -76.13 63.98
CA THR M 686 90.58 -76.91 64.84
C THR M 686 90.01 -77.02 66.25
N ALA M 687 89.53 -75.90 66.80
CA ALA M 687 88.95 -75.93 68.14
C ALA M 687 87.69 -76.78 68.18
N SER M 688 86.86 -76.69 67.13
CA SER M 688 85.65 -77.50 67.07
C SER M 688 85.99 -78.99 67.02
N SER M 689 86.97 -79.36 66.20
CA SER M 689 87.37 -80.76 66.13
C SER M 689 87.95 -81.25 67.45
N VAL M 690 88.74 -80.41 68.12
CA VAL M 690 89.32 -80.81 69.41
C VAL M 690 88.21 -81.00 70.44
N VAL M 691 87.25 -80.08 70.49
CA VAL M 691 86.15 -80.19 71.45
C VAL M 691 85.32 -81.43 71.16
N CYS M 692 85.06 -81.72 69.88
CA CYS M 692 84.26 -82.89 69.53
C CYS M 692 84.99 -84.17 69.89
N GLN M 693 86.30 -84.24 69.64
CA GLN M 693 87.06 -85.43 70.00
C GLN M 693 87.10 -85.61 71.52
N ALA M 694 87.25 -84.51 72.26
CA ALA M 694 87.26 -84.59 73.71
C ALA M 694 85.91 -85.07 74.24
N ILE M 695 84.81 -84.57 73.67
CA ILE M 695 83.48 -85.00 74.11
C ILE M 695 83.28 -86.47 73.78
N TYR M 696 83.73 -86.91 72.61
CA TYR M 696 83.59 -88.31 72.23
C TYR M 696 84.38 -89.21 73.17
N LYS M 697 85.61 -88.84 73.50
CA LYS M 697 86.41 -89.64 74.42
C LYS M 697 85.78 -89.67 75.81
N ILE M 698 85.29 -88.51 76.28
CA ILE M 698 84.66 -88.44 77.59
C ILE M 698 83.44 -89.35 77.64
N SER M 699 82.62 -89.32 76.59
CA SER M 699 81.42 -90.18 76.57
C SER M 699 81.80 -91.64 76.49
N ALA M 700 82.79 -91.99 75.66
CA ALA M 700 83.19 -93.39 75.54
C ALA M 700 83.76 -93.93 76.84
N THR M 701 84.45 -93.09 77.61
CA THR M 701 84.94 -93.54 78.91
C THR M 701 83.83 -93.60 79.95
N ARG M 702 82.96 -92.58 79.97
CA ARG M 702 81.92 -92.50 80.98
C ARG M 702 80.87 -93.59 80.81
N PHE M 703 80.67 -94.08 79.58
CA PHE M 703 79.74 -95.19 79.38
C PHE M 703 80.19 -96.41 80.19
N LEU M 704 81.44 -96.85 79.98
CA LEU M 704 81.96 -97.98 80.73
C LEU M 704 82.08 -97.66 82.22
N ILE M 705 82.41 -96.41 82.55
CA ILE M 705 82.51 -96.02 83.96
C ILE M 705 81.17 -96.22 84.66
N CYS M 706 80.08 -95.71 84.06
CA CYS M 706 78.76 -95.83 84.66
C CYS M 706 78.28 -97.28 84.65
N ARG M 707 78.62 -98.04 83.61
CA ARG M 707 78.27 -99.46 83.59
C ARG M 707 78.91 -100.21 84.75
N ASP M 708 80.22 -100.01 84.93
CA ASP M 708 80.91 -100.68 86.04
C ASP M 708 80.40 -100.18 87.39
N LEU M 709 80.07 -98.89 87.49
CA LEU M 709 79.55 -98.35 88.74
C LEU M 709 78.21 -98.97 89.09
N LEU M 710 77.31 -99.12 88.10
CA LEU M 710 76.02 -99.73 88.36
C LEU M 710 76.19 -101.21 88.70
N ILE M 711 77.09 -101.91 88.01
CA ILE M 711 77.33 -103.31 88.34
C ILE M 711 77.83 -103.45 89.77
N LEU M 712 78.76 -102.59 90.18
CA LEU M 712 79.31 -102.66 91.53
C LEU M 712 78.26 -102.28 92.57
N GLN M 713 77.41 -101.30 92.26
CA GLN M 713 76.34 -100.94 93.19
C GLN M 713 75.35 -102.10 93.36
N HIS M 714 75.00 -102.76 92.27
CA HIS M 714 74.11 -103.92 92.38
C HIS M 714 74.77 -105.06 93.15
N LEU M 715 76.08 -105.26 92.95
CA LEU M 715 76.78 -106.29 93.71
C LEU M 715 76.79 -105.98 95.19
N LEU M 716 77.05 -104.72 95.55
CA LEU M 716 77.04 -104.32 96.96
C LEU M 716 75.65 -104.46 97.55
N LEU M 717 74.61 -104.13 96.78
CA LEU M 717 73.25 -104.28 97.27
C LEU M 717 72.89 -105.74 97.50
N ARG M 718 73.32 -106.62 96.60
CA ARG M 718 73.05 -108.05 96.78
C ARG M 718 73.87 -108.63 97.93
N LEU M 719 75.07 -108.09 98.17
CA LEU M 719 75.88 -108.57 99.28
C LEU M 719 75.30 -108.14 100.63
N GLY M 720 74.96 -106.86 100.74
CA GLY M 720 74.39 -106.35 101.98
C GLY M 720 74.92 -104.98 102.36
N ASP M 721 74.02 -104.06 102.68
CA ASP M 721 74.38 -102.70 103.08
C ASP M 721 74.29 -102.50 104.59
N MET M 722 74.39 -103.58 105.36
CA MET M 722 74.30 -103.51 106.82
C MET M 722 75.56 -103.97 107.52
N ALA M 723 76.60 -104.35 106.78
CA ALA M 723 77.86 -104.83 107.34
C ALA M 723 78.98 -103.84 107.06
N LEU M 724 78.71 -102.55 107.21
CA LEU M 724 79.69 -101.51 106.98
C LEU M 724 79.56 -100.45 108.06
N VAL M 725 80.52 -99.54 108.10
CA VAL M 725 80.52 -98.45 109.09
C VAL M 725 79.44 -97.44 108.71
N GLY M 726 78.53 -97.18 109.63
CA GLY M 726 77.45 -96.24 109.39
C GLY M 726 76.44 -96.74 108.38
N ALA M 727 75.73 -97.81 108.71
CA ALA M 727 74.74 -98.40 107.82
C ALA M 727 73.36 -97.75 107.96
N GLY M 728 73.23 -96.69 108.75
CA GLY M 728 71.94 -96.05 108.90
C GLY M 728 71.54 -95.23 107.69
N GLN M 729 72.51 -94.66 106.98
CA GLN M 729 72.25 -93.85 105.80
C GLN M 729 72.86 -94.47 104.54
N LEU M 730 73.00 -95.79 104.51
CA LEU M 730 73.56 -96.50 103.36
C LEU M 730 72.52 -97.28 102.58
N LEU M 731 71.55 -97.90 103.26
CA LEU M 731 70.53 -98.68 102.56
C LEU M 731 69.61 -97.78 101.76
N HIS M 732 69.21 -96.64 102.34
CA HIS M 732 68.32 -95.72 101.63
C HIS M 732 69.04 -94.94 100.55
N SER M 733 70.32 -94.61 100.76
CA SER M 733 71.07 -93.84 99.78
C SER M 733 71.21 -94.61 98.47
N GLN M 734 71.57 -95.90 98.55
CA GLN M 734 71.70 -96.70 97.35
C GLN M 734 70.36 -96.87 96.65
N GLN M 735 69.29 -97.10 97.41
CA GLN M 735 67.97 -97.26 96.82
C GLN M 735 67.50 -95.98 96.14
N GLU M 736 67.91 -94.81 96.65
CA GLU M 736 67.51 -93.56 96.04
C GLU M 736 68.40 -93.18 94.87
N LEU M 737 69.65 -93.63 94.85
CA LEU M 737 70.58 -93.26 93.79
C LEU M 737 70.64 -94.28 92.65
N ILE M 738 70.09 -95.48 92.83
CA ILE M 738 70.07 -96.46 91.74
C ILE M 738 69.29 -95.97 90.53
N PRO M 739 68.07 -95.43 90.68
CA PRO M 739 67.38 -94.90 89.48
C PRO M 739 68.11 -93.73 88.85
N ARG M 740 68.68 -92.83 89.66
CA ARG M 740 69.44 -91.72 89.11
C ARG M 740 70.70 -92.22 88.39
N ALA M 741 71.36 -93.23 88.95
CA ALA M 741 72.54 -93.79 88.30
C ALA M 741 72.18 -94.44 86.98
N ALA M 742 71.06 -95.17 86.94
CA ALA M 742 70.63 -95.79 85.69
C ALA M 742 70.26 -94.74 84.65
N GLN M 743 69.59 -93.66 85.07
CA GLN M 743 69.24 -92.59 84.15
C GLN M 743 70.49 -91.92 83.59
N LEU M 744 71.48 -91.66 84.45
CA LEU M 744 72.72 -91.05 83.98
C LEU M 744 73.47 -91.98 83.04
N LEU M 745 73.48 -93.28 83.33
CA LEU M 745 74.12 -94.24 82.45
C LEU M 745 73.44 -94.28 81.09
N LEU M 746 72.11 -94.28 81.06
CA LEU M 746 71.39 -94.28 79.79
C LEU M 746 71.66 -92.99 79.02
N SER M 747 71.69 -91.85 79.71
CA SER M 747 71.95 -90.59 79.04
C SER M 747 73.35 -90.57 78.42
N TYR M 748 74.35 -91.04 79.17
CA TYR M 748 75.71 -91.05 78.64
C TYR M 748 75.87 -92.08 77.53
N TYR M 749 75.14 -93.19 77.59
CA TYR M 749 75.16 -94.15 76.49
C TYR M 749 74.56 -93.55 75.22
N MET M 750 73.46 -92.81 75.37
CA MET M 750 72.87 -92.13 74.22
C MET M 750 73.82 -91.08 73.66
N ILE M 751 74.52 -90.37 74.55
CA ILE M 751 75.49 -89.36 74.11
C ILE M 751 76.62 -90.03 73.33
N ARG M 752 77.12 -91.17 73.83
CA ARG M 752 78.18 -91.88 73.13
C ARG M 752 77.70 -92.41 71.77
N TRP M 753 76.45 -92.89 71.71
CA TRP M 753 75.90 -93.36 70.45
C TRP M 753 75.79 -92.21 69.45
N GLY M 754 75.32 -91.04 69.90
CA GLY M 754 75.25 -89.89 69.02
C GLY M 754 76.60 -89.39 68.57
N SER M 755 77.62 -89.53 69.43
CA SER M 755 78.97 -89.11 69.06
C SER M 755 79.59 -90.07 68.06
N GLN M 756 79.34 -91.37 68.23
CA GLN M 756 79.89 -92.36 67.31
C GLN M 756 79.07 -92.49 66.03
N CYS M 757 77.87 -91.94 65.99
CA CYS M 757 77.03 -92.01 64.80
C CYS M 757 77.55 -91.05 63.73
N LEU M 758 76.93 -91.13 62.56
CA LEU M 758 77.30 -90.31 61.40
C LEU M 758 76.15 -89.38 61.04
N ALA M 759 76.31 -88.68 59.92
CA ALA M 759 75.30 -87.75 59.43
C ALA M 759 75.47 -87.63 57.91
N CYS M 760 74.99 -86.53 57.35
CA CYS M 760 75.09 -86.26 55.93
C CYS M 760 75.89 -84.99 55.69
N ALA M 761 76.46 -84.88 54.50
CA ALA M 761 77.27 -83.74 54.10
C ALA M 761 76.70 -83.07 52.86
N VAL M 762 75.39 -82.89 52.83
CA VAL M 762 74.71 -82.24 51.70
C VAL M 762 75.07 -80.76 51.70
N PRO M 763 75.13 -80.11 50.54
CA PRO M 763 75.46 -78.68 50.51
C PRO M 763 74.39 -77.84 51.18
N VAL M 764 74.71 -76.56 51.37
CA VAL M 764 73.79 -75.63 52.01
C VAL M 764 72.55 -75.37 51.15
N ASP M 765 72.66 -75.59 49.84
CA ASP M 765 71.50 -75.39 48.97
C ASP M 765 70.39 -76.38 49.30
N LEU M 766 70.75 -77.64 49.58
CA LEU M 766 69.74 -78.62 49.95
C LEU M 766 69.07 -78.26 51.28
N LEU M 767 69.86 -77.78 52.25
CA LEU M 767 69.30 -77.36 53.52
C LEU M 767 68.35 -76.18 53.34
N GLU M 768 68.74 -75.21 52.50
CA GLU M 768 67.88 -74.07 52.25
C GLU M 768 66.60 -74.48 51.55
N SER M 769 66.68 -75.41 50.60
CA SER M 769 65.49 -75.90 49.93
C SER M 769 64.57 -76.63 50.89
N ASN M 770 65.14 -77.45 51.79
CA ASN M 770 64.34 -78.16 52.78
C ASN M 770 63.66 -77.18 53.73
N LEU M 771 64.40 -76.13 54.15
CA LEU M 771 63.81 -75.13 55.04
C LEU M 771 62.68 -74.37 54.33
N GLN M 772 62.87 -74.04 53.05
CA GLN M 772 61.81 -73.37 52.31
C GLN M 772 60.59 -74.27 52.14
N HIS M 773 60.81 -75.56 51.92
CA HIS M 773 59.69 -76.50 51.81
C HIS M 773 58.94 -76.61 53.13
N LEU M 774 59.67 -76.68 54.24
CA LEU M 774 59.01 -76.75 55.55
C LEU M 774 58.28 -75.45 55.88
N SER M 775 58.80 -74.31 55.41
CA SER M 775 58.10 -73.05 55.64
C SER M 775 56.84 -72.96 54.79
N VAL M 776 56.90 -73.48 53.56
CA VAL M 776 55.70 -73.52 52.72
C VAL M 776 54.65 -74.43 53.35
N LEU M 777 55.07 -75.60 53.83
CA LEU M 777 54.17 -76.49 54.57
C LEU M 777 53.86 -75.97 55.96
N GLU M 778 54.55 -74.92 56.42
CA GLU M 778 54.33 -74.31 57.72
C GLU M 778 54.52 -75.31 58.86
N LEU M 779 55.76 -75.54 59.27
CA LEU M 779 56.07 -76.41 60.38
C LEU M 779 56.71 -75.61 61.51
N SER M 780 56.28 -75.86 62.74
CA SER M 780 56.80 -75.13 63.88
C SER M 780 58.24 -75.54 64.17
N ASP M 781 58.98 -74.60 64.77
CA ASP M 781 60.39 -74.81 65.13
C ASP M 781 61.22 -75.17 63.91
N SER M 782 61.17 -74.30 62.90
CA SER M 782 61.92 -74.48 61.65
C SER M 782 62.67 -73.19 61.31
N GLN M 783 63.67 -72.88 62.13
CA GLN M 783 64.46 -71.67 61.93
C GLN M 783 65.61 -71.93 60.96
N VAL M 784 65.93 -70.90 60.18
CA VAL M 784 67.00 -70.97 59.20
C VAL M 784 68.26 -70.41 59.85
N GLU M 785 69.21 -71.29 60.16
CA GLU M 785 70.47 -70.92 60.79
C GLU M 785 71.61 -71.19 59.82
N LYS M 786 72.36 -70.15 59.48
CA LYS M 786 73.46 -70.29 58.54
C LYS M 786 74.74 -70.70 59.26
N ARG M 787 75.46 -71.64 58.66
CA ARG M 787 76.71 -72.15 59.22
C ARG M 787 77.55 -72.69 58.07
N ARG M 788 78.53 -73.54 58.41
CA ARG M 788 79.47 -74.07 57.43
C ARG M 788 79.64 -75.57 57.61
N TYR M 789 79.64 -76.29 56.50
CA TYR M 789 79.88 -77.72 56.47
C TYR M 789 81.34 -78.00 56.11
N THR M 790 81.90 -79.06 56.68
CA THR M 790 83.26 -79.47 56.40
C THR M 790 83.27 -80.50 55.29
N SER M 791 84.32 -80.46 54.45
CA SER M 791 84.42 -81.39 53.34
C SER M 791 84.79 -82.80 53.79
N GLY M 792 85.24 -82.96 55.03
CA GLY M 792 85.63 -84.27 55.52
C GLY M 792 84.53 -84.98 56.27
N ILE M 793 84.80 -85.39 57.50
CA ILE M 793 83.82 -86.11 58.30
C ILE M 793 82.79 -85.14 58.84
N GLN M 794 81.53 -85.58 58.90
CA GLN M 794 80.44 -84.75 59.40
C GLN M 794 79.47 -85.65 60.16
N THR M 795 79.40 -85.46 61.48
CA THR M 795 78.52 -86.26 62.33
C THR M 795 77.41 -85.39 62.90
N ILE M 796 76.42 -86.05 63.49
CA ILE M 796 75.29 -85.33 64.07
C ILE M 796 75.74 -84.50 65.26
N VAL M 797 76.66 -85.03 66.07
CA VAL M 797 77.17 -84.27 67.21
C VAL M 797 77.98 -83.07 66.73
N GLU M 798 78.79 -83.25 65.69
CA GLU M 798 79.55 -82.14 65.14
C GLU M 798 78.61 -81.05 64.59
N LEU M 799 77.55 -81.46 63.91
CA LEU M 799 76.59 -80.49 63.37
C LEU M 799 75.90 -79.74 64.50
N PHE M 800 75.44 -80.47 65.52
CA PHE M 800 74.78 -79.84 66.66
C PHE M 800 75.71 -78.85 67.35
N PHE M 801 76.97 -79.22 67.52
CA PHE M 801 77.94 -78.32 68.15
C PHE M 801 78.14 -77.07 67.31
N GLU M 802 78.50 -77.24 66.03
CA GLU M 802 78.75 -76.09 65.16
C GLU M 802 77.50 -75.25 64.93
N ASP M 803 76.31 -75.76 65.22
CA ASP M 803 75.09 -74.98 65.08
C ASP M 803 74.64 -74.32 66.38
N VAL M 804 74.99 -74.86 67.53
CA VAL M 804 74.52 -74.31 68.80
C VAL M 804 75.63 -73.51 69.49
N GLY M 805 76.78 -74.16 69.73
CA GLY M 805 77.84 -73.50 70.47
C GLY M 805 78.45 -72.33 69.74
N ARG M 806 78.51 -72.39 68.40
CA ARG M 806 79.08 -71.29 67.64
C ARG M 806 78.31 -70.00 67.84
N LYS M 807 77.01 -70.10 68.16
CA LYS M 807 76.20 -68.93 68.45
C LYS M 807 76.02 -68.66 69.94
N HIS M 808 76.17 -69.69 70.78
CA HIS M 808 76.05 -69.52 72.22
C HIS M 808 77.37 -69.12 72.89
N PHE M 809 78.47 -69.11 72.16
CA PHE M 809 79.74 -68.69 72.73
C PHE M 809 79.74 -67.26 73.28
N PRO M 810 79.11 -66.27 72.62
CA PRO M 810 79.06 -64.92 73.24
C PRO M 810 78.44 -64.91 74.63
N GLN M 811 77.58 -65.87 74.96
CA GLN M 811 77.04 -65.98 76.31
C GLN M 811 77.91 -66.86 77.20
N VAL M 812 78.42 -67.97 76.66
CA VAL M 812 79.28 -68.85 77.44
C VAL M 812 80.56 -68.13 77.84
N PHE M 813 81.18 -67.42 76.89
CA PHE M 813 82.40 -66.69 77.20
C PHE M 813 82.13 -65.55 78.17
N ALA M 814 80.98 -64.88 78.03
CA ALA M 814 80.62 -63.81 78.95
C ALA M 814 80.42 -64.33 80.36
N HIS M 815 79.85 -65.53 80.50
CA HIS M 815 79.68 -66.12 81.82
C HIS M 815 81.02 -66.58 82.39
N LEU M 816 81.88 -67.16 81.54
CA LEU M 816 83.18 -67.63 82.01
C LEU M 816 84.08 -66.47 82.43
N PHE M 817 83.98 -65.33 81.76
CA PHE M 817 84.80 -64.18 82.12
C PHE M 817 84.47 -63.67 83.53
N ILE M 818 83.21 -63.81 83.95
CA ILE M 818 82.84 -63.41 85.30
C ILE M 818 83.09 -64.54 86.29
N GLN M 819 82.99 -65.80 85.85
CA GLN M 819 83.23 -66.92 86.75
C GLN M 819 84.70 -67.01 87.13
N SER M 820 85.61 -66.78 86.17
CA SER M 820 87.04 -66.88 86.44
C SER M 820 87.78 -65.97 85.46
N GLY M 821 89.05 -65.73 85.76
CA GLY M 821 89.87 -64.90 84.91
C GLY M 821 89.46 -63.44 84.95
N SER M 822 89.79 -62.73 83.87
CA SER M 822 89.46 -61.32 83.74
C SER M 822 88.15 -61.14 82.99
N SER M 823 87.43 -60.08 83.34
CA SER M 823 86.14 -59.79 82.70
C SER M 823 86.30 -59.28 81.27
N GLN M 824 87.44 -58.67 80.95
CA GLN M 824 87.67 -58.15 79.61
C GLN M 824 88.03 -59.29 78.65
N VAL M 825 88.10 -58.94 77.36
CA VAL M 825 88.43 -59.93 76.34
C VAL M 825 89.92 -60.23 76.26
N HIS M 826 90.75 -59.44 76.93
CA HIS M 826 92.20 -59.67 76.94
C HIS M 826 92.61 -60.48 78.17
N ARG M 827 92.03 -61.66 78.30
CA ARG M 827 92.28 -62.56 79.40
C ARG M 827 92.97 -63.82 78.90
N SER M 828 94.01 -64.26 79.63
CA SER M 828 94.70 -65.50 79.31
C SER M 828 93.74 -66.68 79.45
N LEU M 829 93.36 -67.28 78.33
CA LEU M 829 92.39 -68.36 78.32
C LEU M 829 92.99 -69.61 78.96
N ASN M 830 92.54 -69.93 80.18
CA ASN M 830 92.97 -71.15 80.86
C ASN M 830 92.20 -72.32 80.27
N TRP M 831 92.89 -73.12 79.45
CA TRP M 831 92.23 -74.21 78.75
C TRP M 831 91.76 -75.30 79.70
N ALA M 832 92.49 -75.53 80.80
CA ALA M 832 92.11 -76.58 81.75
C ALA M 832 90.74 -76.31 82.34
N ASP M 833 90.42 -75.05 82.63
CA ASP M 833 89.10 -74.69 83.12
C ASP M 833 88.10 -74.47 81.99
N LEU M 834 88.58 -74.05 80.81
CA LEU M 834 87.68 -73.82 79.69
C LEU M 834 87.05 -75.13 79.21
N ILE M 835 87.83 -76.19 79.13
CA ILE M 835 87.29 -77.47 78.69
C ILE M 835 86.28 -78.00 79.70
N HIS M 836 86.55 -77.80 80.99
CA HIS M 836 85.61 -78.23 82.03
C HIS M 836 84.32 -77.44 81.96
N ARG M 837 84.41 -76.13 81.74
CA ARG M 837 83.20 -75.31 81.60
C ARG M 837 82.41 -75.71 80.37
N ILE M 838 83.10 -76.01 79.26
CA ILE M 838 82.41 -76.43 78.05
C ILE M 838 81.70 -77.76 78.27
N THR M 839 82.37 -78.71 78.94
CA THR M 839 81.73 -79.99 79.22
C THR M 839 80.54 -79.82 80.14
N SER M 840 80.65 -78.95 81.15
CA SER M 840 79.53 -78.71 82.06
C SER M 840 78.35 -78.10 81.32
N TYR M 841 78.62 -77.13 80.43
CA TYR M 841 77.55 -76.51 79.67
C TYR M 841 76.89 -77.51 78.72
N LEU M 842 77.68 -78.38 78.10
CA LEU M 842 77.12 -79.39 77.21
C LEU M 842 76.26 -80.37 78.00
N LEU M 843 76.70 -80.76 79.20
CA LEU M 843 75.90 -81.64 80.03
C LEU M 843 74.60 -80.96 80.46
N GLN M 844 74.67 -79.67 80.80
CA GLN M 844 73.46 -78.93 81.18
C GLN M 844 72.50 -78.83 80.01
N LEU M 845 73.02 -78.69 78.79
CA LEU M 845 72.16 -78.58 77.62
C LEU M 845 71.57 -79.93 77.21
N LEU M 846 72.30 -81.02 77.40
CA LEU M 846 71.86 -82.35 77.00
C LEU M 846 71.24 -83.14 78.15
N TRP M 847 71.06 -82.52 79.32
CA TRP M 847 70.45 -83.23 80.43
C TRP M 847 68.98 -83.53 80.13
N PRO M 848 68.48 -84.69 80.56
CA PRO M 848 67.07 -85.01 80.27
C PRO M 848 66.08 -84.16 81.05
N SER M 849 66.47 -83.65 82.21
CA SER M 849 65.59 -82.80 83.01
C SER M 849 65.35 -81.44 82.39
N ASN M 850 66.12 -81.06 81.37
CA ASN M 850 65.97 -79.79 80.70
C ASN M 850 65.29 -79.97 79.34
N PRO M 851 64.52 -78.98 78.89
CA PRO M 851 63.87 -79.10 77.58
C PRO M 851 64.83 -78.92 76.42
N ASN M 852 64.59 -77.88 75.61
CA ASN M 852 65.41 -77.57 74.45
C ASN M 852 65.50 -78.76 73.49
N PHE M 853 64.45 -78.99 72.72
CA PHE M 853 64.41 -80.11 71.77
C PHE M 853 64.96 -79.65 70.40
N GLN M 854 66.23 -79.21 70.43
CA GLN M 854 66.87 -78.69 69.22
C GLN M 854 67.37 -79.79 68.30
N PHE M 855 67.68 -80.97 68.83
CA PHE M 855 68.16 -82.06 68.00
C PHE M 855 67.09 -82.51 67.01
N ALA M 856 65.84 -82.61 67.47
CA ALA M 856 64.75 -83.00 66.57
C ALA M 856 64.54 -81.96 65.47
N GLU M 857 64.66 -80.67 65.82
CA GLU M 857 64.51 -79.63 64.80
C GLU M 857 65.67 -79.66 63.81
N CYS M 858 66.89 -79.92 64.29
CA CYS M 858 68.04 -80.02 63.39
C CYS M 858 67.94 -81.23 62.48
N LEU M 859 67.31 -82.31 62.96
CA LEU M 859 67.08 -83.46 62.09
C LEU M 859 65.95 -83.21 61.10
N MET M 860 64.92 -82.48 61.51
CA MET M 860 63.82 -82.17 60.61
C MET M 860 64.26 -81.23 59.50
N ARG M 861 65.09 -80.23 59.83
CA ARG M 861 65.59 -79.32 58.80
C ARG M 861 66.57 -80.00 57.85
N ASN M 862 67.11 -81.16 58.22
CA ASN M 862 67.96 -81.95 57.35
C ASN M 862 67.22 -83.08 56.65
N CYS M 863 65.98 -83.37 57.07
CA CYS M 863 65.15 -84.41 56.46
C CYS M 863 65.80 -85.78 56.59
N GLN M 864 66.06 -86.17 57.83
CA GLN M 864 66.65 -87.46 58.17
C GLN M 864 65.66 -88.22 59.04
N TYR M 865 64.68 -88.85 58.39
CA TYR M 865 63.68 -89.61 59.13
C TYR M 865 64.29 -90.81 59.83
N THR M 866 65.26 -91.47 59.19
CA THR M 866 65.93 -92.61 59.82
C THR M 866 66.70 -92.18 61.05
N GLN M 867 67.42 -91.06 60.96
CA GLN M 867 68.16 -90.56 62.12
C GLN M 867 67.21 -90.11 63.23
N LEU M 868 66.09 -89.49 62.87
CA LEU M 868 65.11 -89.09 63.87
C LEU M 868 64.52 -90.31 64.59
N GLN M 869 64.21 -91.37 63.84
CA GLN M 869 63.69 -92.57 64.47
C GLN M 869 64.74 -93.25 65.34
N GLU M 870 66.00 -93.26 64.89
CA GLU M 870 67.08 -93.84 65.70
C GLU M 870 67.30 -93.05 66.97
N TYR M 871 67.10 -91.73 66.93
CA TYR M 871 67.22 -90.93 68.15
C TYR M 871 66.02 -91.14 69.07
N VAL M 872 64.83 -91.29 68.49
CA VAL M 872 63.62 -91.46 69.30
C VAL M 872 63.62 -92.80 70.02
N ARG M 873 64.02 -93.87 69.32
CA ARG M 873 64.00 -95.20 69.92
C ARG M 873 64.98 -95.31 71.09
N LEU M 874 66.02 -94.47 71.10
CA LEU M 874 66.98 -94.47 72.19
C LEU M 874 66.66 -93.44 73.26
N LEU M 875 65.94 -92.36 72.92
CA LEU M 875 65.54 -91.39 73.93
C LEU M 875 64.30 -91.83 74.70
N LEU M 876 63.48 -92.69 74.10
CA LEU M 876 62.24 -93.12 74.76
C LEU M 876 62.46 -93.78 76.12
N PRO M 877 63.45 -94.66 76.33
CA PRO M 877 63.61 -95.26 77.66
C PRO M 877 63.90 -94.23 78.75
N TRP M 878 64.69 -93.21 78.46
CA TRP M 878 65.03 -92.18 79.45
C TRP M 878 64.37 -90.84 79.10
N CYS M 879 63.06 -90.87 78.89
CA CYS M 879 62.30 -89.66 78.56
C CYS M 879 61.13 -89.52 79.53
N GLN M 880 60.96 -88.31 80.07
CA GLN M 880 59.84 -88.01 80.95
C GLN M 880 59.28 -86.62 80.76
N VAL M 881 60.01 -85.68 80.15
CA VAL M 881 59.52 -84.34 79.88
C VAL M 881 59.50 -84.13 78.37
N ASN M 882 58.73 -83.13 77.95
CA ASN M 882 58.61 -82.76 76.53
C ASN M 882 58.08 -83.90 75.67
N VAL M 883 57.25 -84.76 76.27
CA VAL M 883 56.66 -85.85 75.50
C VAL M 883 55.70 -85.31 74.45
N GLY M 884 54.99 -84.22 74.78
CA GLY M 884 54.11 -83.60 73.79
C GLY M 884 54.88 -83.03 72.62
N SER M 885 56.00 -82.36 72.89
CA SER M 885 56.83 -81.83 71.81
C SER M 885 57.44 -82.96 70.99
N CYS M 886 57.83 -84.05 71.63
CA CYS M 886 58.36 -85.20 70.90
C CYS M 886 57.30 -85.80 69.99
N HIS M 887 56.06 -85.93 70.48
CA HIS M 887 54.98 -86.45 69.66
C HIS M 887 54.66 -85.51 68.50
N PHE M 888 54.71 -84.20 68.75
CA PHE M 888 54.48 -83.22 67.69
C PHE M 888 55.55 -83.33 66.61
N MET M 889 56.81 -83.46 67.02
CA MET M 889 57.89 -83.59 66.03
C MET M 889 57.78 -84.90 65.28
N LEU M 890 57.35 -85.98 65.95
CA LEU M 890 57.14 -87.24 65.27
C LEU M 890 56.01 -87.14 64.25
N ALA M 891 54.93 -86.42 64.60
CA ALA M 891 53.85 -86.20 63.66
C ALA M 891 54.33 -85.41 62.46
N GLN M 892 55.13 -84.37 62.69
CA GLN M 892 55.67 -83.59 61.58
C GLN M 892 56.55 -84.45 60.68
N CYS M 893 57.39 -85.29 61.28
CA CYS M 893 58.27 -86.15 60.50
C CYS M 893 57.45 -87.15 59.67
N TYR M 894 56.42 -87.75 60.27
CA TYR M 894 55.59 -88.71 59.54
C TYR M 894 54.81 -88.03 58.43
N LEU M 895 54.36 -86.80 58.64
CA LEU M 895 53.66 -86.07 57.60
C LEU M 895 54.59 -85.67 56.46
N VAL M 896 55.84 -85.33 56.78
CA VAL M 896 56.81 -85.02 55.73
C VAL M 896 57.17 -86.28 54.94
N ALA M 897 57.32 -87.40 55.63
CA ALA M 897 57.65 -88.66 54.97
C ALA M 897 56.49 -89.15 54.11
N GLY M 898 55.42 -89.62 54.75
CA GLY M 898 54.27 -90.11 54.01
C GLY M 898 53.29 -90.91 54.85
N GLU M 899 53.73 -91.34 56.03
CA GLU M 899 52.88 -92.11 56.93
C GLU M 899 51.76 -91.23 57.49
N GLY M 900 50.66 -91.11 56.75
CA GLY M 900 49.57 -90.26 57.20
C GLY M 900 48.89 -90.78 58.45
N HIS M 901 48.76 -92.11 58.56
CA HIS M 901 48.14 -92.69 59.74
C HIS M 901 48.96 -92.40 60.99
N LYS M 902 50.26 -92.67 60.93
CA LYS M 902 51.13 -92.39 62.06
C LYS M 902 51.18 -90.90 62.37
N ALA M 903 51.16 -90.06 61.33
CA ALA M 903 51.18 -88.62 61.54
C ALA M 903 49.93 -88.17 62.28
N LEU M 904 48.76 -88.65 61.86
CA LEU M 904 47.51 -88.27 62.53
C LEU M 904 47.46 -88.80 63.95
N ASP M 905 47.95 -90.03 64.17
CA ASP M 905 47.96 -90.59 65.51
C ASP M 905 48.86 -89.79 66.44
N CYS M 906 50.05 -89.41 65.96
CA CYS M 906 50.97 -88.62 66.78
C CYS M 906 50.41 -87.21 67.00
N PHE M 907 49.74 -86.64 66.01
CA PHE M 907 49.11 -85.34 66.19
C PHE M 907 48.03 -85.40 67.28
N SER M 908 47.21 -86.45 67.25
CA SER M 908 46.18 -86.60 68.28
C SER M 908 46.79 -86.81 69.66
N GLN M 909 47.81 -87.66 69.76
CA GLN M 909 48.44 -87.91 71.05
C GLN M 909 49.22 -86.71 71.57
N ALA M 910 49.62 -85.80 70.68
CA ALA M 910 50.28 -84.57 71.13
C ALA M 910 49.27 -83.50 71.52
N ALA M 911 48.13 -83.45 70.81
CA ALA M 911 47.09 -82.50 71.18
C ALA M 911 46.39 -82.91 72.46
N SER M 912 46.38 -84.21 72.77
CA SER M 912 45.77 -84.66 74.03
C SER M 912 46.58 -84.22 75.23
N GLU M 913 47.91 -84.10 75.09
CA GLU M 913 48.80 -83.68 76.17
C GLU M 913 49.53 -82.43 75.71
N VAL M 914 48.98 -81.26 76.03
CA VAL M 914 49.57 -79.99 75.62
C VAL M 914 49.78 -79.02 76.77
N GLU M 915 49.20 -79.25 77.94
CA GLU M 915 49.30 -78.34 79.08
C GLU M 915 50.15 -78.94 80.20
N ARG M 916 51.20 -79.66 79.84
CA ARG M 916 52.09 -80.28 80.84
C ARG M 916 53.46 -80.55 80.25
N GLU M 917 53.90 -79.71 79.31
CA GLU M 917 55.20 -79.86 78.67
C GLU M 917 55.98 -78.55 78.82
N ASP M 918 57.27 -78.69 79.13
CA ASP M 918 58.10 -77.51 79.36
C ASP M 918 58.27 -76.69 78.09
N PHE M 919 58.57 -77.37 76.96
CA PHE M 919 58.76 -76.66 75.71
C PHE M 919 57.46 -76.00 75.24
N LEU M 920 56.34 -76.70 75.37
CA LEU M 920 55.05 -76.14 74.94
C LEU M 920 54.62 -74.99 75.84
N GLU M 921 54.95 -75.05 77.13
CA GLU M 921 54.66 -73.93 78.03
C GLU M 921 55.59 -72.75 77.82
N LYS M 922 56.82 -72.99 77.36
CA LYS M 922 57.73 -71.89 77.07
C LYS M 922 57.39 -71.21 75.76
N LEU M 923 57.02 -71.98 74.74
CA LEU M 923 56.66 -71.43 73.43
C LEU M 923 55.26 -70.82 73.53
N ILE M 924 55.24 -69.55 73.92
CA ILE M 924 54.00 -68.81 74.06
C ILE M 924 53.84 -67.86 72.89
N ARG M 925 52.62 -67.35 72.70
CA ARG M 925 52.29 -66.42 71.62
C ARG M 925 52.57 -66.98 70.24
N VAL M 926 52.63 -68.31 70.12
CA VAL M 926 52.89 -68.96 68.83
C VAL M 926 51.93 -70.13 68.66
N GLU M 927 51.88 -71.01 69.67
CA GLU M 927 51.02 -72.18 69.62
C GLU M 927 50.03 -72.25 70.77
N GLU M 928 50.22 -71.47 71.83
CA GLU M 928 49.33 -71.48 72.99
C GLU M 928 49.10 -70.05 73.46
N GLY M 929 47.87 -69.78 73.88
CA GLY M 929 47.51 -68.45 74.39
C GLY M 929 47.07 -67.50 73.27
N GLU M 930 47.96 -66.58 72.91
CA GLU M 930 47.70 -65.59 71.87
C GLU M 930 46.45 -64.78 72.19
N SER M 931 45.28 -65.28 71.79
CA SER M 931 44.02 -64.57 72.00
C SER M 931 42.95 -65.42 72.67
N VAL M 932 43.07 -66.75 72.69
CA VAL M 932 42.06 -67.60 73.30
C VAL M 932 42.72 -68.63 74.20
N SER M 933 42.05 -69.76 74.42
CA SER M 933 42.61 -70.80 75.26
C SER M 933 43.79 -71.48 74.57
N PRO M 934 44.73 -72.04 75.34
CA PRO M 934 45.86 -72.73 74.70
C PRO M 934 45.44 -73.95 73.89
N ARG M 935 44.41 -74.67 74.33
CA ARG M 935 43.93 -75.81 73.57
C ARG M 935 43.42 -75.37 72.21
N LEU M 936 42.57 -74.34 72.17
CA LEU M 936 42.05 -73.83 70.91
C LEU M 936 43.17 -73.25 70.05
N GLN M 937 44.16 -72.61 70.67
CA GLN M 937 45.29 -72.05 69.90
C GLN M 937 46.09 -73.16 69.24
N TYR M 938 46.38 -74.23 69.97
CA TYR M 938 47.10 -75.36 69.38
C TYR M 938 46.26 -76.04 68.30
N TYR M 939 44.94 -76.13 68.52
CA TYR M 939 44.07 -76.72 67.50
C TYR M 939 44.09 -75.89 66.22
N ASN M 940 44.01 -74.57 66.34
CA ASN M 940 44.09 -73.72 65.16
C ASN M 940 45.46 -73.78 64.50
N ARG M 941 46.52 -73.93 65.29
CA ARG M 941 47.86 -74.06 64.72
C ARG M 941 47.97 -75.34 63.90
N VAL M 942 47.49 -76.47 64.44
CA VAL M 942 47.51 -77.71 63.68
C VAL M 942 46.60 -77.61 62.47
N LEU M 943 45.48 -76.89 62.59
CA LEU M 943 44.57 -76.71 61.46
C LEU M 943 45.25 -75.97 60.31
N ARG M 944 45.91 -74.85 60.62
CA ARG M 944 46.60 -74.11 59.57
C ARG M 944 47.80 -74.88 59.03
N LEU M 945 48.44 -75.70 59.89
CA LEU M 945 49.51 -76.56 59.41
C LEU M 945 48.99 -77.54 58.36
N LEU M 946 47.88 -78.24 58.68
CA LEU M 946 47.30 -79.17 57.72
C LEU M 946 46.78 -78.46 56.49
N GLU M 947 46.29 -77.23 56.63
CA GLU M 947 45.82 -76.48 55.48
C GLU M 947 46.96 -76.12 54.54
N ASP M 948 48.10 -75.70 55.11
CA ASP M 948 49.25 -75.37 54.26
C ASP M 948 49.91 -76.63 53.70
N VAL M 949 49.76 -77.76 54.37
CA VAL M 949 50.34 -79.00 53.86
C VAL M 949 49.50 -79.55 52.72
N GLY M 950 48.19 -79.68 52.92
CA GLY M 950 47.30 -80.23 51.92
C GLY M 950 46.32 -81.22 52.49
N LEU M 951 45.87 -82.17 51.67
CA LEU M 951 44.95 -83.24 52.05
C LEU M 951 43.63 -82.65 52.57
N PRO M 952 42.65 -82.47 51.68
CA PRO M 952 41.35 -81.93 52.14
C PRO M 952 40.66 -82.78 53.18
N GLU M 953 40.78 -84.11 53.09
CA GLU M 953 40.17 -84.98 54.09
C GLU M 953 40.80 -84.76 55.46
N LEU M 954 42.13 -84.68 55.52
CA LEU M 954 42.80 -84.41 56.79
C LEU M 954 42.47 -83.03 57.31
N VAL M 955 42.33 -82.04 56.42
CA VAL M 955 41.96 -80.70 56.85
C VAL M 955 40.56 -80.70 57.46
N ILE M 956 39.62 -81.42 56.82
CA ILE M 956 38.26 -81.50 57.35
C ILE M 956 38.26 -82.23 58.69
N GLN M 957 39.08 -83.28 58.83
CA GLN M 957 39.14 -84.00 60.09
C GLN M 957 39.68 -83.11 61.21
N LEU M 958 40.75 -82.36 60.93
CA LEU M 958 41.31 -81.47 61.93
C LEU M 958 40.34 -80.34 62.27
N ALA M 959 39.57 -79.86 61.27
CA ALA M 959 38.58 -78.83 61.55
C ALA M 959 37.47 -79.36 62.44
N THR M 960 36.98 -80.58 62.17
CA THR M 960 35.97 -81.17 63.02
C THR M 960 36.50 -81.45 64.42
N ILE M 961 37.79 -81.75 64.54
CA ILE M 961 38.38 -81.94 65.86
C ILE M 961 38.45 -80.62 66.62
N ALA M 962 38.89 -79.55 65.95
CA ALA M 962 38.99 -78.24 66.58
C ALA M 962 37.63 -77.62 66.87
N ILE M 963 36.58 -78.07 66.18
CA ILE M 963 35.24 -77.55 66.43
C ILE M 963 34.81 -77.83 67.87
N SER M 964 35.22 -78.97 68.43
CA SER M 964 34.83 -79.33 69.78
C SER M 964 35.32 -78.32 70.81
N GLU M 965 36.43 -77.63 70.50
CA GLU M 965 36.96 -76.61 71.39
C GLU M 965 36.65 -75.18 70.95
N ALA M 966 36.31 -74.98 69.67
CA ALA M 966 35.99 -73.65 69.15
C ALA M 966 34.54 -73.33 69.51
N SER M 967 34.34 -72.92 70.76
CA SER M 967 33.02 -72.57 71.26
C SER M 967 32.88 -71.11 71.66
N ASP M 968 33.98 -70.42 71.96
CA ASP M 968 33.93 -69.01 72.36
C ASP M 968 34.16 -68.07 71.19
N ASP M 969 34.28 -68.58 69.97
CA ASP M 969 34.52 -67.76 68.77
C ASP M 969 33.58 -68.24 67.68
N TRP M 970 32.40 -67.61 67.59
CA TRP M 970 31.46 -67.93 66.52
C TRP M 970 32.03 -67.63 65.15
N ARG M 971 32.84 -66.56 65.04
CA ARG M 971 33.48 -66.25 63.77
C ARG M 971 34.46 -67.35 63.37
N SER M 972 35.25 -67.86 64.31
CA SER M 972 36.17 -68.95 64.00
C SER M 972 35.41 -70.23 63.66
N GLN M 973 34.30 -70.49 64.35
CA GLN M 973 33.49 -71.66 64.02
C GLN M 973 32.92 -71.56 62.62
N ALA M 974 32.43 -70.38 62.24
CA ALA M 974 31.91 -70.19 60.90
C ALA M 974 33.01 -70.27 59.85
N ALA M 975 34.22 -69.80 60.18
CA ALA M 975 35.34 -69.95 59.25
C ALA M 975 35.70 -71.42 59.06
N LEU M 976 35.68 -72.21 60.14
CA LEU M 976 35.93 -73.64 60.01
C LEU M 976 34.84 -74.30 59.17
N ARG M 977 33.58 -73.90 59.37
CA ARG M 977 32.50 -74.44 58.57
C ARG M 977 32.67 -74.10 57.10
N THR M 978 33.07 -72.87 56.79
CA THR M 978 33.29 -72.47 55.40
C THR M 978 34.46 -73.22 54.79
N ARG M 979 35.51 -73.47 55.59
CA ARG M 979 36.64 -74.25 55.09
C ARG M 979 36.23 -75.68 54.77
N ILE M 980 35.44 -76.29 55.66
CA ILE M 980 34.94 -77.65 55.39
C ILE M 980 34.05 -77.64 54.16
N PHE M 981 33.24 -76.60 53.99
CA PHE M 981 32.35 -76.50 52.83
C PHE M 981 33.15 -76.42 51.53
N LYS M 982 34.17 -75.56 51.50
CA LYS M 982 34.97 -75.43 50.29
C LYS M 982 35.81 -76.67 50.02
N HIS M 983 36.28 -77.36 51.07
CA HIS M 983 37.04 -78.58 50.86
C HIS M 983 36.15 -79.71 50.39
N HIS M 984 34.87 -79.71 50.78
CA HIS M 984 33.93 -80.69 50.26
C HIS M 984 33.55 -80.38 48.82
N LEU M 985 33.46 -79.08 48.47
CA LEU M 985 33.15 -78.70 47.10
C LEU M 985 34.33 -78.90 46.16
N ASP M 986 35.56 -78.89 46.67
CA ASP M 986 36.72 -79.07 45.82
C ASP M 986 36.70 -80.42 45.10
N MET M 987 36.56 -81.51 45.86
CA MET M 987 36.56 -82.84 45.28
C MET M 987 35.26 -83.17 44.55
N GLY M 988 34.20 -82.41 44.77
CA GLY M 988 32.95 -82.63 44.10
C GLY M 988 31.92 -83.45 44.85
N HIS M 989 31.82 -83.28 46.17
CA HIS M 989 30.85 -84.00 46.99
C HIS M 989 29.72 -83.03 47.32
N ASN M 990 28.69 -83.01 46.45
CA ASN M 990 27.59 -82.08 46.62
C ASN M 990 26.77 -82.40 47.86
N SER M 991 26.57 -83.69 48.15
CA SER M 991 25.80 -84.07 49.33
C SER M 991 26.51 -83.65 50.60
N GLN M 992 27.81 -83.93 50.70
CA GLN M 992 28.57 -83.51 51.88
C GLN M 992 28.64 -81.99 51.98
N ALA M 993 28.75 -81.30 50.84
CA ALA M 993 28.76 -79.85 50.86
C ALA M 993 27.45 -79.28 51.39
N TYR M 994 26.31 -79.84 50.95
CA TYR M 994 25.02 -79.39 51.44
C TYR M 994 24.85 -79.71 52.93
N ASP M 995 25.34 -80.88 53.36
CA ASP M 995 25.23 -81.24 54.76
C ASP M 995 26.07 -80.32 55.63
N ALA M 996 27.24 -79.89 55.14
CA ALA M 996 28.06 -78.96 55.89
C ALA M 996 27.48 -77.55 55.87
N LEU M 997 26.83 -77.17 54.77
CA LEU M 997 26.23 -75.84 54.69
C LEU M 997 25.00 -75.73 55.57
N THR M 998 24.23 -76.82 55.71
CA THR M 998 23.02 -76.78 56.53
C THR M 998 23.31 -76.74 58.03
N GLN M 999 24.57 -76.64 58.45
CA GLN M 999 24.94 -76.61 59.86
C GLN M 999 25.85 -75.41 60.13
N ILE M 1000 25.38 -74.22 59.78
CA ILE M 1000 26.11 -72.98 60.01
C ILE M 1000 25.20 -71.99 60.72
N PRO M 1001 25.61 -71.43 61.86
CA PRO M 1001 24.72 -70.54 62.60
C PRO M 1001 24.73 -69.10 62.10
N ASP M 1002 25.88 -68.62 61.63
CA ASP M 1002 26.00 -67.24 61.20
C ASP M 1002 25.23 -67.02 59.89
N THR M 1003 24.35 -66.01 59.89
CA THR M 1003 23.54 -65.75 58.71
C THR M 1003 24.37 -65.18 57.57
N SER M 1004 25.27 -64.24 57.88
CA SER M 1004 26.13 -63.67 56.84
C SER M 1004 27.05 -64.72 56.25
N ARG M 1005 27.61 -65.58 57.09
CA ARG M 1005 28.47 -66.65 56.59
C ARG M 1005 27.68 -67.69 55.80
N GLN M 1006 26.42 -67.95 56.21
CA GLN M 1006 25.57 -68.83 55.42
C GLN M 1006 25.29 -68.23 54.04
N LEU M 1007 25.03 -66.93 53.98
CA LEU M 1007 24.82 -66.28 52.69
C LEU M 1007 26.08 -66.33 51.83
N ASP M 1008 27.24 -66.11 52.45
CA ASP M 1008 28.50 -66.19 51.69
C ASP M 1008 28.75 -67.60 51.17
N CYS M 1009 28.46 -68.61 51.99
CA CYS M 1009 28.63 -70.00 51.55
C CYS M 1009 27.66 -70.33 50.42
N LEU M 1010 26.43 -69.85 50.50
CA LEU M 1010 25.48 -70.08 49.42
C LEU M 1010 25.92 -69.39 48.14
N ARG M 1011 26.47 -68.18 48.27
CA ARG M 1011 27.00 -67.48 47.09
C ARG M 1011 28.15 -68.24 46.46
N GLN M 1012 29.08 -68.74 47.30
CA GLN M 1012 30.19 -69.51 46.78
C GLN M 1012 29.72 -70.81 46.11
N LEU M 1013 28.71 -71.45 46.70
CA LEU M 1013 28.15 -72.66 46.10
C LEU M 1013 27.53 -72.37 44.74
N VAL M 1014 26.75 -71.28 44.65
CA VAL M 1014 26.17 -70.89 43.37
C VAL M 1014 27.27 -70.60 42.35
N VAL M 1015 28.33 -69.93 42.78
CA VAL M 1015 29.42 -69.58 41.87
C VAL M 1015 30.09 -70.85 41.33
N VAL M 1016 30.45 -71.78 42.23
CA VAL M 1016 31.15 -72.98 41.78
C VAL M 1016 30.23 -73.87 40.96
N LEU M 1017 28.93 -73.89 41.26
CA LEU M 1017 28.01 -74.73 40.49
C LEU M 1017 27.81 -74.15 39.10
N CYS M 1018 27.69 -72.82 38.98
CA CYS M 1018 27.59 -72.21 37.67
C CYS M 1018 28.90 -72.30 36.89
N GLU M 1019 30.03 -72.41 37.59
CA GLU M 1019 31.29 -72.61 36.90
C GLU M 1019 31.44 -74.04 36.37
N ARG M 1020 31.09 -75.03 37.19
CA ARG M 1020 31.18 -76.43 36.79
C ARG M 1020 29.96 -76.92 36.03
N SER M 1021 28.98 -76.05 35.77
CA SER M 1021 27.78 -76.40 35.01
C SER M 1021 27.01 -77.53 35.69
N GLN M 1022 26.66 -77.30 36.96
CA GLN M 1022 25.90 -78.27 37.77
C GLN M 1022 24.74 -77.52 38.42
N LEU M 1023 23.64 -77.38 37.69
CA LEU M 1023 22.47 -76.68 38.20
C LEU M 1023 21.41 -77.62 38.75
N GLN M 1024 21.41 -78.89 38.33
CA GLN M 1024 20.42 -79.84 38.84
C GLN M 1024 20.58 -80.07 40.33
N ASP M 1025 21.80 -79.93 40.85
CA ASP M 1025 22.02 -80.08 42.29
C ASP M 1025 21.27 -79.00 43.07
N LEU M 1026 21.45 -77.74 42.67
CA LEU M 1026 20.73 -76.65 43.33
C LEU M 1026 19.24 -76.73 43.07
N VAL M 1027 18.83 -77.27 41.92
CA VAL M 1027 17.40 -77.40 41.64
C VAL M 1027 16.76 -78.43 42.56
N GLU M 1028 17.44 -79.56 42.78
CA GLU M 1028 16.87 -80.63 43.60
C GLU M 1028 17.09 -80.41 45.09
N PHE M 1029 18.04 -79.57 45.48
CA PHE M 1029 18.29 -79.34 46.90
C PHE M 1029 17.18 -78.51 47.50
N PRO M 1030 16.45 -79.01 48.51
CA PRO M 1030 15.42 -78.20 49.15
C PRO M 1030 16.02 -77.22 50.15
N TYR M 1031 15.27 -76.15 50.40
CA TYR M 1031 15.73 -75.09 51.31
C TYR M 1031 14.50 -74.57 52.06
N VAL M 1032 14.34 -75.01 53.30
CA VAL M 1032 13.29 -74.53 54.19
C VAL M 1032 13.76 -73.27 54.88
N ASN M 1033 12.85 -72.32 55.08
CA ASN M 1033 13.13 -71.04 55.73
C ASN M 1033 14.13 -70.21 54.94
N LEU M 1034 15.31 -70.79 54.65
CA LEU M 1034 16.35 -70.12 53.87
C LEU M 1034 16.02 -69.99 52.39
N HIS M 1035 14.77 -70.25 51.98
CA HIS M 1035 14.39 -70.09 50.58
C HIS M 1035 14.52 -68.65 50.13
N ASN M 1036 14.11 -67.70 50.98
CA ASN M 1036 14.23 -66.29 50.63
C ASN M 1036 15.70 -65.89 50.50
N GLU M 1037 16.56 -66.40 51.39
CA GLU M 1037 17.98 -66.09 51.31
C GLU M 1037 18.59 -66.66 50.04
N VAL M 1038 18.21 -67.88 49.67
CA VAL M 1038 18.72 -68.49 48.44
C VAL M 1038 18.25 -67.70 47.23
N VAL M 1039 16.99 -67.27 47.23
CA VAL M 1039 16.46 -66.47 46.12
C VAL M 1039 17.21 -65.15 46.01
N GLY M 1040 17.47 -64.50 47.14
CA GLY M 1040 18.21 -63.25 47.12
C GLY M 1040 19.63 -63.44 46.63
N ILE M 1041 20.27 -64.54 47.04
CA ILE M 1041 21.64 -64.81 46.59
C ILE M 1041 21.67 -65.03 45.08
N ILE M 1042 20.72 -65.81 44.55
CA ILE M 1042 20.68 -66.05 43.12
C ILE M 1042 20.38 -64.77 42.36
N GLU M 1043 19.51 -63.91 42.92
CA GLU M 1043 19.22 -62.64 42.27
C GLU M 1043 20.44 -61.73 42.26
N SER M 1044 21.19 -61.70 43.35
CA SER M 1044 22.42 -60.90 43.38
C SER M 1044 23.44 -61.44 42.38
N ARG M 1045 23.55 -62.76 42.26
CA ARG M 1045 24.46 -63.34 41.28
C ARG M 1045 24.04 -62.99 39.87
N ALA M 1046 22.72 -62.99 39.60
CA ALA M 1046 22.23 -62.65 38.27
C ALA M 1046 22.46 -61.17 37.96
N ARG M 1047 22.32 -60.31 38.96
CA ARG M 1047 22.62 -58.89 38.76
C ARG M 1047 24.12 -58.67 38.56
N ALA M 1048 24.96 -59.49 39.19
CA ALA M 1048 26.40 -59.35 39.04
C ALA M 1048 26.87 -59.81 37.67
N VAL M 1049 26.63 -61.07 37.33
CA VAL M 1049 27.09 -61.62 36.07
C VAL M 1049 26.07 -61.36 34.97
N ASP M 1050 26.34 -61.85 33.76
CA ASP M 1050 25.46 -61.66 32.63
C ASP M 1050 24.46 -62.81 32.57
N LEU M 1051 23.93 -63.10 31.38
CA LEU M 1051 22.98 -64.19 31.19
C LEU M 1051 23.51 -65.29 30.29
N MET M 1052 24.76 -65.21 29.85
CA MET M 1052 25.32 -66.25 29.00
C MET M 1052 25.64 -67.51 29.80
N THR M 1053 26.12 -67.34 31.04
CA THR M 1053 26.43 -68.46 31.92
C THR M 1053 25.13 -68.99 32.51
N HIS M 1054 24.54 -69.97 31.83
CA HIS M 1054 23.28 -70.59 32.25
C HIS M 1054 22.17 -69.55 32.37
N ASN M 1055 21.17 -69.84 33.20
CA ASN M 1055 20.03 -68.94 33.38
C ASN M 1055 19.63 -68.95 34.85
N TYR M 1056 20.07 -67.92 35.58
CA TYR M 1056 19.71 -67.81 36.99
C TYR M 1056 18.21 -67.65 37.18
N TYR M 1057 17.54 -66.96 36.25
CA TYR M 1057 16.10 -66.78 36.37
C TYR M 1057 15.36 -68.08 36.10
N GLU M 1058 15.83 -68.87 35.14
CA GLU M 1058 15.23 -70.19 34.93
C GLU M 1058 15.49 -71.11 36.11
N LEU M 1059 16.67 -70.99 36.74
CA LEU M 1059 16.94 -71.76 37.95
C LEU M 1059 15.99 -71.36 39.08
N LEU M 1060 15.74 -70.06 39.23
CA LEU M 1060 14.79 -69.58 40.23
C LEU M 1060 13.38 -70.09 39.94
N TYR M 1061 13.00 -70.11 38.66
CA TYR M 1061 11.69 -70.65 38.29
C TYR M 1061 11.59 -72.13 38.64
N ALA M 1062 12.63 -72.90 38.35
CA ALA M 1062 12.62 -74.32 38.69
C ALA M 1062 12.56 -74.53 40.20
N PHE M 1063 13.30 -73.71 40.95
CA PHE M 1063 13.27 -73.83 42.41
C PHE M 1063 11.89 -73.49 42.96
N HIS M 1064 11.25 -72.46 42.41
CA HIS M 1064 9.91 -72.11 42.85
C HIS M 1064 8.90 -73.19 42.50
N ILE M 1065 9.06 -73.81 41.33
CA ILE M 1065 8.17 -74.91 40.95
C ILE M 1065 8.37 -76.10 41.90
N TYR M 1066 9.61 -76.36 42.28
CA TYR M 1066 9.88 -77.48 43.18
C TYR M 1066 9.35 -77.20 44.59
N ARG M 1067 9.47 -75.96 45.05
CA ARG M 1067 9.03 -75.59 46.40
C ARG M 1067 7.61 -75.05 46.43
N HIS M 1068 6.86 -75.17 45.34
CA HIS M 1068 5.47 -74.74 45.27
C HIS M 1068 5.33 -73.25 45.53
N ASN M 1069 5.72 -72.43 44.54
CA ASN M 1069 5.62 -70.97 44.63
C ASN M 1069 5.23 -70.46 43.24
N TYR M 1070 3.94 -70.59 42.92
CA TYR M 1070 3.46 -70.22 41.58
C TYR M 1070 3.56 -68.71 41.36
N ARG M 1071 3.18 -67.92 42.37
CA ARG M 1071 3.25 -66.46 42.22
C ARG M 1071 4.69 -65.99 42.07
N LYS M 1072 5.60 -66.55 42.89
CA LYS M 1072 7.01 -66.18 42.78
C LYS M 1072 7.58 -66.59 41.43
N ALA M 1073 7.21 -67.77 40.95
CA ALA M 1073 7.68 -68.22 39.64
C ALA M 1073 7.16 -67.31 38.52
N GLY M 1074 5.89 -66.90 38.61
CA GLY M 1074 5.35 -66.00 37.61
C GLY M 1074 6.02 -64.63 37.63
N THR M 1075 6.29 -64.11 38.83
CA THR M 1075 6.99 -62.83 38.92
C THR M 1075 8.41 -62.93 38.38
N VAL M 1076 9.10 -64.04 38.65
CA VAL M 1076 10.44 -64.24 38.14
C VAL M 1076 10.42 -64.33 36.61
N MET M 1077 9.42 -65.03 36.07
CA MET M 1077 9.31 -65.13 34.61
C MET M 1077 9.02 -63.78 33.98
N PHE M 1078 8.15 -62.99 34.60
CA PHE M 1078 7.85 -61.66 34.07
C PHE M 1078 9.08 -60.75 34.13
N GLU M 1079 9.84 -60.84 35.21
CA GLU M 1079 11.06 -60.04 35.32
C GLU M 1079 12.09 -60.46 34.29
N TYR M 1080 12.22 -61.77 34.05
CA TYR M 1080 13.15 -62.25 33.03
C TYR M 1080 12.73 -61.78 31.65
N GLY M 1081 11.42 -61.82 31.35
CA GLY M 1081 10.95 -61.34 30.07
C GLY M 1081 11.17 -59.85 29.89
N MET M 1082 10.94 -59.07 30.94
CA MET M 1082 11.18 -57.63 30.87
C MET M 1082 12.66 -57.34 30.66
N ARG M 1083 13.53 -58.09 31.33
CA ARG M 1083 14.97 -57.89 31.16
C ARG M 1083 15.40 -58.26 29.74
N LEU M 1084 14.87 -59.36 29.20
CA LEU M 1084 15.20 -59.73 27.82
C LEU M 1084 14.71 -58.68 26.83
N GLY M 1085 13.52 -58.12 27.07
CA GLY M 1085 13.02 -57.08 26.21
C GLY M 1085 13.84 -55.81 26.27
N ARG M 1086 14.28 -55.43 27.47
CA ARG M 1086 15.14 -54.25 27.61
C ARG M 1086 16.52 -54.50 27.02
N GLU M 1087 16.98 -55.76 27.02
CA GLU M 1087 18.29 -56.06 26.44
C GLU M 1087 18.24 -56.03 24.93
N VAL M 1088 17.30 -56.77 24.33
CA VAL M 1088 17.18 -56.88 22.88
C VAL M 1088 15.72 -56.75 22.49
N ARG M 1089 15.47 -56.03 21.40
CA ARG M 1089 14.13 -55.87 20.84
C ARG M 1089 13.96 -56.66 19.53
N THR M 1090 14.79 -57.67 19.31
CA THR M 1090 14.77 -58.42 18.06
C THR M 1090 13.77 -59.58 18.16
N LEU M 1091 13.86 -60.51 17.21
CA LEU M 1091 12.92 -61.64 17.20
C LEU M 1091 13.14 -62.55 18.40
N ARG M 1092 14.39 -62.76 18.80
CA ARG M 1092 14.66 -63.58 19.98
C ARG M 1092 14.10 -62.93 21.24
N GLY M 1093 14.28 -61.61 21.39
CA GLY M 1093 13.72 -60.92 22.54
C GLY M 1093 12.20 -60.95 22.55
N LEU M 1094 11.58 -60.80 21.38
CA LEU M 1094 10.13 -60.87 21.31
C LEU M 1094 9.61 -62.26 21.65
N GLN M 1095 10.32 -63.30 21.19
CA GLN M 1095 9.93 -64.67 21.53
C GLN M 1095 10.07 -64.92 23.02
N LYS M 1096 11.15 -64.44 23.63
CA LYS M 1096 11.33 -64.60 25.07
C LYS M 1096 10.25 -63.85 25.85
N GLN M 1097 9.89 -62.66 25.38
CA GLN M 1097 8.84 -61.90 26.04
C GLN M 1097 7.49 -62.61 25.92
N VAL M 1098 7.20 -63.20 24.76
CA VAL M 1098 5.97 -63.95 24.57
C VAL M 1098 5.94 -65.16 25.50
N ASN M 1099 7.06 -65.87 25.60
CA ASN M 1099 7.13 -67.03 26.48
C ASN M 1099 6.93 -66.63 27.94
N SER M 1100 7.55 -65.52 28.35
CA SER M 1100 7.40 -65.06 29.73
C SER M 1100 5.97 -64.63 30.01
N TYR M 1101 5.33 -63.92 29.07
CA TYR M 1101 3.95 -63.51 29.26
C TYR M 1101 3.03 -64.72 29.35
N LEU M 1102 3.26 -65.73 28.51
CA LEU M 1102 2.43 -66.93 28.56
C LEU M 1102 2.62 -67.68 29.87
N ALA M 1103 3.87 -67.78 30.34
CA ALA M 1103 4.13 -68.45 31.61
C ALA M 1103 3.47 -67.70 32.77
N CYS M 1104 3.54 -66.37 32.76
CA CYS M 1104 2.90 -65.59 33.81
C CYS M 1104 1.39 -65.75 33.77
N LEU M 1105 0.80 -65.75 32.57
CA LEU M 1105 -0.65 -65.94 32.45
C LEU M 1105 -1.05 -67.32 32.95
N ASN M 1106 -0.27 -68.34 32.63
CA ASN M 1106 -0.57 -69.69 33.11
C ASN M 1106 -0.46 -69.77 34.63
N CYS M 1107 0.57 -69.14 35.21
CA CYS M 1107 0.74 -69.17 36.65
C CYS M 1107 -0.37 -68.39 37.36
N LEU M 1108 -0.88 -67.33 36.73
CA LEU M 1108 -1.97 -66.57 37.33
C LEU M 1108 -3.29 -67.30 37.21
N ARG M 1109 -3.49 -68.04 36.11
CA ARG M 1109 -4.74 -68.79 35.95
C ARG M 1109 -4.75 -70.06 36.79
N LEU M 1110 -3.58 -70.62 37.10
CA LEU M 1110 -3.51 -71.78 37.96
C LEU M 1110 -3.99 -71.50 39.37
N ILE M 1111 -3.95 -70.24 39.80
CA ILE M 1111 -4.40 -69.85 41.13
C ILE M 1111 -5.72 -69.10 40.99
N ARG M 1112 -6.36 -68.85 42.14
CA ARG M 1112 -7.64 -68.15 42.15
C ARG M 1112 -7.49 -66.74 41.57
N PRO M 1113 -8.57 -66.19 41.00
CA PRO M 1113 -8.46 -64.84 40.40
C PRO M 1113 -8.12 -63.75 41.40
N GLU M 1114 -8.19 -64.02 42.71
CA GLU M 1114 -7.82 -63.01 43.69
C GLU M 1114 -6.37 -62.59 43.58
N TYR M 1115 -5.52 -63.41 42.97
CA TYR M 1115 -4.12 -63.08 42.73
C TYR M 1115 -3.87 -62.81 41.24
N ALA M 1116 -4.91 -62.38 40.51
CA ALA M 1116 -4.77 -62.13 39.08
C ALA M 1116 -3.96 -60.86 38.78
N TRP M 1117 -3.70 -60.03 39.78
CA TRP M 1117 -2.93 -58.80 39.60
C TRP M 1117 -1.60 -58.93 40.33
N ILE M 1118 -0.52 -58.54 39.67
CA ILE M 1118 0.82 -58.63 40.23
C ILE M 1118 1.42 -57.23 40.27
N VAL M 1119 2.25 -56.99 41.29
CA VAL M 1119 2.93 -55.71 41.45
C VAL M 1119 4.17 -55.69 40.55
N GLN M 1120 4.81 -54.54 40.44
CA GLN M 1120 5.99 -54.42 39.61
C GLN M 1120 7.10 -55.33 40.16
N PRO M 1121 7.90 -55.94 39.28
CA PRO M 1121 8.95 -56.86 39.75
C PRO M 1121 10.07 -56.12 40.46
N VAL M 1122 11.00 -56.90 41.00
CA VAL M 1122 12.13 -56.34 41.73
C VAL M 1122 13.08 -55.67 40.76
N SER M 1123 13.48 -54.44 41.07
CA SER M 1123 14.39 -53.70 40.21
C SER M 1123 15.80 -54.27 40.31
N GLY M 1124 16.66 -53.82 39.40
CA GLY M 1124 18.04 -54.25 39.35
C GLY M 1124 18.54 -54.33 37.92
N ALA M 1125 19.82 -54.08 37.73
CA ALA M 1125 20.46 -54.11 36.42
C ALA M 1125 21.34 -55.36 36.30
N VAL M 1126 21.49 -55.83 35.07
CA VAL M 1126 22.29 -57.01 34.76
C VAL M 1126 23.53 -56.53 34.02
N TYR M 1127 24.63 -56.42 34.74
CA TYR M 1127 25.90 -56.00 34.14
C TYR M 1127 26.46 -57.14 33.30
N GLU M 1128 26.50 -56.94 31.98
CA GLU M 1128 26.95 -57.95 31.05
C GLU M 1128 28.44 -57.75 30.73
N ARG M 1129 29.17 -58.86 30.70
CA ARG M 1129 30.61 -58.88 30.38
C ARG M 1129 31.39 -57.97 31.31
N PRO M 1130 31.72 -58.42 32.52
CA PRO M 1130 32.51 -57.58 33.44
C PRO M 1130 33.92 -57.40 32.91
N GLY M 1131 34.29 -56.14 32.63
CA GLY M 1131 35.61 -55.84 32.12
C GLY M 1131 35.68 -54.51 31.40
N ALA M 1132 34.92 -54.39 30.30
CA ALA M 1132 34.90 -53.16 29.52
C ALA M 1132 33.63 -52.37 29.77
N SER M 1133 32.66 -52.49 28.87
CA SER M 1133 31.41 -51.77 29.03
C SER M 1133 30.44 -52.57 29.89
N PRO M 1134 29.81 -51.93 30.88
CA PRO M 1134 28.85 -52.66 31.73
C PRO M 1134 27.59 -53.08 30.99
N LYS M 1135 27.20 -52.38 29.95
CA LYS M 1135 26.00 -52.69 29.17
C LYS M 1135 26.42 -53.11 27.77
N ARG M 1136 26.14 -54.37 27.41
CA ARG M 1136 26.46 -54.92 26.10
C ARG M 1136 25.14 -55.24 25.40
N ASN M 1137 24.50 -54.22 24.86
CA ASN M 1137 23.21 -54.34 24.18
C ASN M 1137 23.42 -54.06 22.70
N TYR M 1138 23.19 -55.09 21.86
CA TYR M 1138 23.35 -54.92 20.43
C TYR M 1138 22.14 -54.20 19.80
N ASP M 1139 20.97 -54.30 20.43
CA ASP M 1139 19.76 -53.66 19.93
C ASP M 1139 18.86 -53.33 21.13
N GLY M 1140 19.28 -52.33 21.89
CA GLY M 1140 18.52 -51.92 23.06
C GLY M 1140 19.32 -50.95 23.90
N GLU M 1141 18.64 -50.44 24.92
CA GLU M 1141 19.24 -49.47 25.86
C GLU M 1141 19.03 -49.98 27.27
N SER M 1142 20.12 -50.00 28.05
CA SER M 1142 20.10 -50.43 29.45
C SER M 1142 19.60 -51.86 29.59
N SER M 1143 19.34 -52.29 30.84
CA SER M 1143 18.88 -53.65 31.10
C SER M 1143 18.17 -53.71 32.44
N ALA M 1144 17.36 -52.70 32.75
CA ALA M 1144 16.66 -52.61 34.02
C ALA M 1144 15.15 -52.68 33.78
N VAL M 1145 14.46 -53.41 34.64
CA VAL M 1145 13.00 -53.53 34.58
C VAL M 1145 12.39 -52.23 35.11
N PRO M 1146 11.14 -51.93 34.78
CA PRO M 1146 10.50 -50.73 35.34
C PRO M 1146 10.44 -50.82 36.86
N SER M 1147 10.91 -49.76 37.51
CA SER M 1147 10.98 -49.73 38.96
C SER M 1147 9.59 -49.66 39.57
N SER M 1148 9.51 -49.95 40.87
CA SER M 1148 8.26 -49.94 41.61
C SER M 1148 7.94 -48.57 42.19
N SER M 1149 8.43 -47.49 41.58
CA SER M 1149 8.12 -46.15 42.06
C SER M 1149 6.65 -45.82 41.86
N GLN M 1150 6.17 -45.97 40.62
CA GLN M 1150 4.76 -45.76 40.32
C GLN M 1150 4.00 -47.05 40.64
N ILE M 1151 3.39 -47.10 41.82
CA ILE M 1151 2.69 -48.29 42.26
C ILE M 1151 1.45 -48.48 41.38
N GLU M 1152 1.53 -49.41 40.43
CA GLU M 1152 0.41 -49.72 39.55
C GLU M 1152 0.47 -51.21 39.23
N ILE M 1153 -0.42 -51.98 39.86
CA ILE M 1153 -0.43 -53.43 39.65
C ILE M 1153 -0.89 -53.73 38.23
N LEU M 1154 -0.16 -54.59 37.53
CA LEU M 1154 -0.49 -54.95 36.17
C LEU M 1154 -1.53 -56.05 36.16
N GLU M 1155 -2.71 -55.75 35.61
CA GLU M 1155 -3.81 -56.69 35.62
C GLU M 1155 -3.63 -57.74 34.51
N LEU M 1156 -4.47 -58.78 34.57
CA LEU M 1156 -4.45 -59.80 33.53
C LEU M 1156 -4.83 -59.22 32.17
N ARG M 1157 -5.66 -58.18 32.15
CA ARG M 1157 -5.99 -57.51 30.90
C ARG M 1157 -4.75 -56.86 30.29
N ASP M 1158 -3.97 -56.15 31.10
CA ASP M 1158 -2.74 -55.54 30.60
C ASP M 1158 -1.74 -56.59 30.19
N LEU M 1159 -1.66 -57.71 30.92
CA LEU M 1159 -0.75 -58.78 30.54
C LEU M 1159 -1.15 -59.37 29.18
N GLU M 1160 -2.45 -59.62 28.97
CA GLU M 1160 -2.91 -60.15 27.70
C GLU M 1160 -2.69 -59.13 26.58
N LYS M 1161 -2.83 -57.84 26.87
CA LYS M 1161 -2.57 -56.83 25.86
C LYS M 1161 -1.10 -56.81 25.45
N GLU M 1162 -0.20 -56.89 26.44
CA GLU M 1162 1.23 -56.94 26.13
C GLU M 1162 1.57 -58.20 25.34
N TYR M 1163 0.95 -59.33 25.70
CA TYR M 1163 1.20 -60.57 24.97
C TYR M 1163 0.71 -60.47 23.53
N VAL M 1164 -0.46 -59.84 23.32
CA VAL M 1164 -0.99 -59.69 21.98
C VAL M 1164 -0.10 -58.76 21.15
N LEU M 1165 0.39 -57.68 21.77
CA LEU M 1165 1.29 -56.78 21.06
C LEU M 1165 2.60 -57.49 20.68
N ALA M 1166 3.14 -58.28 21.59
CA ALA M 1166 4.38 -59.01 21.30
C ALA M 1166 4.17 -60.05 20.20
N GLN M 1167 3.03 -60.76 20.24
CA GLN M 1167 2.76 -61.74 19.20
C GLN M 1167 2.50 -61.08 17.85
N THR M 1168 1.92 -59.88 17.85
CA THR M 1168 1.75 -59.15 16.60
C THR M 1168 3.09 -58.70 16.04
N ARG M 1169 3.99 -58.24 16.92
CA ARG M 1169 5.34 -57.90 16.48
C ARG M 1169 6.06 -59.12 15.91
N LEU M 1170 5.90 -60.28 16.55
CA LEU M 1170 6.53 -61.50 16.06
C LEU M 1170 5.94 -61.91 14.71
N THR M 1171 4.63 -61.79 14.55
CA THR M 1171 4.02 -62.13 13.26
C THR M 1171 4.48 -61.18 12.16
N LEU M 1172 4.62 -59.90 12.49
CA LEU M 1172 5.13 -58.94 11.51
C LEU M 1172 6.57 -59.27 11.13
N ALA M 1173 7.40 -59.62 12.12
CA ALA M 1173 8.78 -60.00 11.83
C ALA M 1173 8.86 -61.27 11.00
N LYS M 1174 7.92 -62.20 11.21
CA LYS M 1174 7.90 -63.42 10.42
C LYS M 1174 7.46 -63.15 8.99
N HIS M 1175 6.46 -62.28 8.81
CA HIS M 1175 6.01 -61.95 7.47
C HIS M 1175 7.04 -61.11 6.71
N ASN M 1176 7.86 -60.34 7.42
CA ASN M 1176 8.92 -59.57 6.81
C ASN M 1176 10.10 -59.45 7.77
N PRO M 1177 11.25 -60.04 7.45
CA PRO M 1177 12.39 -59.99 8.40
C PRO M 1177 12.91 -58.58 8.63
N SER M 1178 12.71 -57.65 7.70
CA SER M 1178 13.20 -56.27 7.84
C SER M 1178 12.20 -55.38 8.57
N THR M 1179 11.35 -55.94 9.43
CA THR M 1179 10.37 -55.13 10.15
C THR M 1179 10.32 -55.46 11.64
N ALA M 1180 11.24 -56.28 12.15
CA ALA M 1180 11.22 -56.63 13.58
C ALA M 1180 11.49 -55.41 14.44
N ALA M 1181 12.61 -54.73 14.17
CA ALA M 1181 12.95 -53.52 14.93
C ALA M 1181 11.96 -52.39 14.67
N ILE M 1182 11.29 -52.38 13.53
CA ILE M 1182 10.28 -51.37 13.26
C ILE M 1182 9.04 -51.62 14.12
N ALA M 1183 8.57 -52.86 14.16
CA ALA M 1183 7.44 -53.21 15.01
C ALA M 1183 7.77 -53.12 16.49
N GLY M 1184 9.06 -53.24 16.85
CA GLY M 1184 9.45 -53.08 18.24
C GLY M 1184 9.14 -51.72 18.82
N SER M 1185 8.95 -50.71 17.98
CA SER M 1185 8.61 -49.37 18.42
C SER M 1185 7.45 -48.74 17.65
N SER M 1186 6.80 -49.50 16.77
CA SER M 1186 5.69 -48.94 15.99
C SER M 1186 4.44 -48.80 16.86
N ALA M 1187 3.37 -48.34 16.23
CA ALA M 1187 2.11 -48.10 16.90
C ALA M 1187 1.06 -49.12 16.47
N ALA M 1188 -0.03 -49.17 17.24
CA ALA M 1188 -1.09 -50.15 16.94
C ALA M 1188 -1.75 -49.87 15.61
N GLU M 1189 -1.92 -48.60 15.26
CA GLU M 1189 -2.52 -48.26 13.97
C GLU M 1189 -1.64 -48.71 12.81
N GLU M 1190 -0.32 -48.50 12.94
CA GLU M 1190 0.59 -48.95 11.89
C GLU M 1190 0.63 -50.47 11.82
N MET M 1191 0.55 -51.15 12.97
CA MET M 1191 0.48 -52.61 12.97
C MET M 1191 -0.76 -53.08 12.22
N VAL M 1192 -1.90 -52.45 12.49
CA VAL M 1192 -3.15 -52.83 11.83
C VAL M 1192 -3.06 -52.58 10.33
N ALA M 1193 -2.49 -51.44 9.94
CA ALA M 1193 -2.36 -51.14 8.52
C ALA M 1193 -1.43 -52.14 7.82
N LEU M 1194 -0.34 -52.52 8.48
CA LEU M 1194 0.58 -53.50 7.89
C LEU M 1194 -0.09 -54.86 7.77
N LEU M 1195 -0.83 -55.27 8.80
CA LEU M 1195 -1.52 -56.56 8.73
C LEU M 1195 -2.58 -56.56 7.63
N VAL M 1196 -3.25 -55.43 7.44
CA VAL M 1196 -4.27 -55.33 6.39
C VAL M 1196 -3.62 -55.39 5.01
N GLN M 1197 -2.53 -54.64 4.81
CA GLN M 1197 -1.85 -54.64 3.53
C GLN M 1197 -1.14 -55.96 3.25
N ALA M 1198 -0.84 -56.75 4.28
CA ALA M 1198 -0.22 -58.05 4.06
C ALA M 1198 -1.27 -59.12 3.76
N GLY M 1199 -2.27 -59.25 4.62
CA GLY M 1199 -3.31 -60.24 4.42
C GLY M 1199 -3.65 -61.02 5.67
N LEU M 1200 -3.08 -60.62 6.80
CA LEU M 1200 -3.33 -61.27 8.09
C LEU M 1200 -4.53 -60.63 8.78
N PHE M 1201 -5.69 -60.77 8.12
CA PHE M 1201 -6.90 -60.14 8.62
C PHE M 1201 -7.35 -60.74 9.95
N ASP M 1202 -7.09 -62.03 10.18
CA ASP M 1202 -7.47 -62.64 11.45
C ASP M 1202 -6.72 -62.00 12.61
N THR M 1203 -5.39 -61.90 12.51
CA THR M 1203 -4.62 -61.26 13.55
C THR M 1203 -4.93 -59.78 13.66
N ALA M 1204 -5.23 -59.12 12.53
CA ALA M 1204 -5.61 -57.72 12.59
C ALA M 1204 -6.90 -57.53 13.38
N ILE M 1205 -7.90 -58.38 13.13
CA ILE M 1205 -9.17 -58.28 13.85
C ILE M 1205 -8.97 -58.62 15.32
N SER M 1206 -8.11 -59.60 15.62
CA SER M 1206 -7.84 -59.93 17.02
C SER M 1206 -7.19 -58.75 17.74
N LEU M 1207 -6.21 -58.11 17.10
CA LEU M 1207 -5.56 -56.95 17.70
C LEU M 1207 -6.53 -55.81 17.89
N CYS M 1208 -7.41 -55.57 16.91
CA CYS M 1208 -8.38 -54.51 17.03
C CYS M 1208 -9.38 -54.78 18.15
N GLN M 1209 -9.83 -56.04 18.28
CA GLN M 1209 -10.75 -56.39 19.35
C GLN M 1209 -10.09 -56.28 20.72
N THR M 1210 -8.80 -56.58 20.81
CA THR M 1210 -8.11 -56.46 22.09
C THR M 1210 -7.83 -55.00 22.45
N PHE M 1211 -7.55 -54.16 21.45
CA PHE M 1211 -7.24 -52.75 21.69
C PHE M 1211 -8.48 -51.87 21.78
N LYS M 1212 -9.65 -52.38 21.37
CA LYS M 1212 -10.89 -51.61 21.37
C LYS M 1212 -10.76 -50.32 20.54
N LEU M 1213 -10.15 -50.43 19.37
CA LEU M 1213 -9.94 -49.30 18.49
C LEU M 1213 -11.03 -49.30 17.41
N GLY M 1214 -10.76 -48.64 16.27
CA GLY M 1214 -11.71 -48.58 15.19
C GLY M 1214 -11.35 -49.51 14.05
N LEU M 1215 -12.33 -49.74 13.16
CA LEU M 1215 -12.17 -50.61 12.01
C LEU M 1215 -12.33 -49.88 10.69
N THR M 1216 -12.24 -48.54 10.71
CA THR M 1216 -12.41 -47.77 9.48
C THR M 1216 -11.32 -48.07 8.47
N SER M 1217 -10.07 -48.17 8.93
CA SER M 1217 -8.98 -48.49 8.02
C SER M 1217 -9.11 -49.89 7.44
N ILE M 1218 -9.54 -50.85 8.26
CA ILE M 1218 -9.73 -52.22 7.78
C ILE M 1218 -10.84 -52.26 6.75
N PHE M 1219 -11.94 -51.54 6.99
CA PHE M 1219 -13.03 -51.53 6.03
C PHE M 1219 -12.63 -50.84 4.73
N GLU M 1220 -11.84 -49.76 4.83
CA GLU M 1220 -11.35 -49.10 3.63
C GLU M 1220 -10.44 -50.02 2.83
N GLY M 1221 -9.55 -50.75 3.51
CA GLY M 1221 -8.69 -51.69 2.80
C GLY M 1221 -9.47 -52.82 2.16
N LEU M 1222 -10.50 -53.31 2.85
CA LEU M 1222 -11.33 -54.38 2.29
C LEU M 1222 -12.09 -53.88 1.06
N ALA M 1223 -12.62 -52.66 1.12
CA ALA M 1223 -13.31 -52.11 -0.04
C ALA M 1223 -12.36 -51.88 -1.20
N CYS M 1224 -11.14 -51.42 -0.92
CA CYS M 1224 -10.16 -51.23 -1.98
C CYS M 1224 -9.77 -52.56 -2.61
N LYS M 1225 -9.61 -53.61 -1.79
CA LYS M 1225 -9.30 -54.92 -2.33
C LYS M 1225 -10.45 -55.47 -3.17
N CYS M 1226 -11.69 -55.24 -2.73
CA CYS M 1226 -12.85 -55.68 -3.52
C CYS M 1226 -12.91 -54.94 -4.85
N ILE M 1227 -12.63 -53.64 -4.85
CA ILE M 1227 -12.63 -52.87 -6.08
C ILE M 1227 -11.53 -53.36 -7.02
N ARG M 1228 -10.35 -53.64 -6.47
CA ARG M 1228 -9.25 -54.14 -7.29
C ARG M 1228 -9.58 -55.50 -7.88
N LEU M 1229 -10.24 -56.37 -7.10
CA LEU M 1229 -10.63 -57.68 -7.60
C LEU M 1229 -11.72 -57.56 -8.66
N GLN M 1230 -12.61 -56.57 -8.53
CA GLN M 1230 -13.67 -56.39 -9.52
C GLN M 1230 -13.12 -55.82 -10.82
N GLN M 1231 -12.12 -54.94 -10.73
CA GLN M 1231 -11.56 -54.30 -11.91
C GLN M 1231 -10.32 -55.01 -12.46
N GLY M 1232 -9.88 -56.10 -11.83
CA GLY M 1232 -8.71 -56.83 -12.25
C GLY M 1232 -9.06 -58.02 -13.13
N GLY M 1233 -8.12 -58.95 -13.22
CA GLY M 1233 -8.29 -60.13 -14.03
C GLY M 1233 -7.94 -61.43 -13.31
N GLU M 1234 -7.73 -62.50 -14.08
CA GLU M 1234 -7.46 -63.80 -13.48
C GLU M 1234 -6.14 -63.80 -12.71
N ALA M 1235 -5.16 -63.00 -13.13
CA ALA M 1235 -3.90 -62.91 -12.39
C ALA M 1235 -4.14 -62.33 -11.01
N ALA M 1236 -4.91 -61.23 -10.94
CA ALA M 1236 -5.22 -60.64 -9.63
C ALA M 1236 -6.07 -61.58 -8.80
N GLN M 1237 -7.00 -62.32 -9.43
CA GLN M 1237 -7.82 -63.27 -8.70
C GLN M 1237 -6.95 -64.36 -8.07
N ALA M 1238 -5.99 -64.89 -8.83
CA ALA M 1238 -5.11 -65.92 -8.29
C ALA M 1238 -4.20 -65.36 -7.20
N GLU M 1239 -3.70 -64.13 -7.39
CA GLU M 1239 -2.87 -63.51 -6.37
C GLU M 1239 -3.63 -63.29 -5.08
N ALA M 1240 -4.93 -62.98 -5.17
CA ALA M 1240 -5.74 -62.83 -3.96
C ALA M 1240 -6.08 -64.17 -3.33
N TRP M 1241 -6.30 -65.19 -4.16
CA TRP M 1241 -6.59 -66.52 -3.63
C TRP M 1241 -5.38 -67.09 -2.88
N GLU M 1242 -4.17 -66.83 -3.40
CA GLU M 1242 -2.97 -67.34 -2.75
C GLU M 1242 -2.79 -66.83 -1.33
N TRP M 1243 -3.49 -65.75 -0.96
CA TRP M 1243 -3.43 -65.22 0.39
C TRP M 1243 -4.74 -65.38 1.17
N LEU M 1244 -5.86 -65.56 0.47
CA LEU M 1244 -7.16 -65.71 1.12
C LEU M 1244 -7.64 -67.16 1.15
N ALA M 1245 -6.81 -68.12 0.75
CA ALA M 1245 -7.22 -69.51 0.76
C ALA M 1245 -7.31 -70.09 2.16
N ALA M 1246 -6.79 -69.39 3.16
CA ALA M 1246 -6.83 -69.85 4.55
C ALA M 1246 -7.28 -68.69 5.44
N ASN M 1247 -8.59 -68.44 5.46
CA ASN M 1247 -9.15 -67.38 6.27
C ASN M 1247 -10.57 -67.72 6.71
N GLN M 1248 -11.36 -68.32 5.82
CA GLN M 1248 -12.74 -68.68 6.11
C GLN M 1248 -12.88 -70.19 6.12
N LEU M 1249 -14.02 -70.65 6.64
CA LEU M 1249 -14.35 -72.08 6.64
C LEU M 1249 -14.85 -72.47 5.26
N ALA M 1250 -14.10 -73.33 4.58
CA ALA M 1250 -14.42 -73.73 3.21
C ALA M 1250 -15.66 -74.63 3.21
N THR M 1251 -16.83 -73.99 3.32
CA THR M 1251 -18.09 -74.72 3.21
C THR M 1251 -18.35 -75.14 1.77
N VAL M 1252 -18.35 -74.18 0.86
CA VAL M 1252 -18.46 -74.47 -0.57
C VAL M 1252 -17.07 -74.75 -1.13
N ILE M 1253 -16.96 -75.80 -1.94
CA ILE M 1253 -15.67 -76.19 -2.49
C ILE M 1253 -15.14 -75.07 -3.36
N THR M 1254 -13.98 -74.53 -2.98
CA THR M 1254 -13.39 -73.43 -3.74
C THR M 1254 -12.81 -73.95 -5.05
N THR M 1255 -12.77 -73.06 -6.04
CA THR M 1255 -12.25 -73.40 -7.37
C THR M 1255 -11.77 -72.12 -8.04
N LYS M 1256 -10.98 -72.30 -9.09
CA LYS M 1256 -10.44 -71.19 -9.87
C LYS M 1256 -11.43 -70.69 -10.93
N GLU M 1257 -12.62 -71.29 -11.00
CA GLU M 1257 -13.65 -70.84 -11.92
C GLU M 1257 -14.32 -69.55 -11.42
N SER M 1258 -14.99 -69.63 -10.29
CA SER M 1258 -15.60 -68.44 -9.70
C SER M 1258 -14.53 -67.51 -9.15
N SER M 1259 -14.78 -66.20 -9.30
CA SER M 1259 -13.84 -65.20 -8.83
C SER M 1259 -13.88 -65.11 -7.30
N ALA M 1260 -13.15 -64.13 -6.76
CA ALA M 1260 -13.05 -63.92 -5.32
C ALA M 1260 -14.18 -63.05 -4.77
N THR M 1261 -15.16 -62.68 -5.58
CA THR M 1261 -16.25 -61.84 -5.10
C THR M 1261 -17.07 -62.57 -4.03
N ASP M 1262 -17.50 -63.80 -4.32
CA ASP M 1262 -18.26 -64.57 -3.35
C ASP M 1262 -17.40 -64.94 -2.14
N GLU M 1263 -16.09 -65.14 -2.34
CA GLU M 1263 -15.20 -65.41 -1.22
C GLU M 1263 -15.15 -64.21 -0.27
N ALA M 1264 -14.99 -63.01 -0.82
CA ALA M 1264 -14.98 -61.80 0.00
C ALA M 1264 -16.33 -61.57 0.67
N TRP M 1265 -17.42 -61.90 -0.03
CA TRP M 1265 -18.75 -61.78 0.56
C TRP M 1265 -18.90 -62.69 1.77
N ARG M 1266 -18.52 -63.96 1.62
CA ARG M 1266 -18.60 -64.89 2.75
C ARG M 1266 -17.65 -64.48 3.87
N LEU M 1267 -16.49 -63.93 3.53
CA LEU M 1267 -15.57 -63.44 4.56
C LEU M 1267 -16.19 -62.31 5.36
N MET M 1268 -16.83 -61.35 4.66
CA MET M 1268 -17.50 -60.26 5.36
C MET M 1268 -18.66 -60.75 6.20
N ILE M 1269 -19.40 -61.75 5.69
CA ILE M 1269 -20.49 -62.33 6.47
C ILE M 1269 -19.97 -62.95 7.76
N SER M 1270 -18.90 -63.75 7.65
CA SER M 1270 -18.33 -64.40 8.83
C SER M 1270 -17.77 -63.37 9.81
N TYR M 1271 -17.15 -62.31 9.29
CA TYR M 1271 -16.60 -61.28 10.17
C TYR M 1271 -17.72 -60.54 10.90
N LEU M 1272 -18.81 -60.22 10.20
CA LEU M 1272 -19.94 -59.56 10.85
C LEU M 1272 -20.58 -60.46 11.90
N ASP M 1273 -20.68 -61.77 11.60
CA ASP M 1273 -21.26 -62.70 12.57
C ASP M 1273 -20.37 -62.84 13.79
N LYS M 1274 -19.05 -62.83 13.60
CA LYS M 1274 -18.14 -62.93 14.74
C LYS M 1274 -18.12 -61.65 15.56
N TYR M 1275 -18.27 -60.49 14.91
CA TYR M 1275 -18.29 -59.22 15.61
C TYR M 1275 -19.65 -58.97 16.25
N GLU M 1276 -20.62 -58.51 15.46
CA GLU M 1276 -21.94 -58.17 15.98
C GLU M 1276 -22.97 -58.35 14.87
N SER M 1277 -24.07 -59.02 15.19
CA SER M 1277 -25.16 -59.22 14.25
C SER M 1277 -26.20 -58.11 14.30
N LYS M 1278 -26.01 -57.11 15.16
CA LYS M 1278 -26.94 -55.99 15.30
C LYS M 1278 -26.33 -54.65 14.94
N ASN M 1279 -25.04 -54.45 15.22
CA ASN M 1279 -24.39 -53.20 14.89
C ASN M 1279 -24.26 -53.05 13.38
N THR M 1280 -24.78 -51.96 12.84
CA THR M 1280 -24.77 -51.71 11.40
C THR M 1280 -23.72 -50.67 11.00
N LEU M 1281 -22.88 -50.23 11.93
CA LEU M 1281 -21.84 -49.26 11.59
C LEU M 1281 -20.83 -49.84 10.61
N TYR M 1282 -20.53 -51.13 10.71
CA TYR M 1282 -19.62 -51.77 9.77
C TYR M 1282 -20.17 -51.74 8.36
N HIS M 1283 -21.44 -52.14 8.21
CA HIS M 1283 -22.09 -52.08 6.91
C HIS M 1283 -22.17 -50.64 6.39
N HIS M 1284 -22.40 -49.69 7.30
CA HIS M 1284 -22.45 -48.29 6.91
C HIS M 1284 -21.12 -47.83 6.33
N CYS M 1285 -20.02 -48.12 7.03
CA CYS M 1285 -18.70 -47.73 6.54
C CYS M 1285 -18.37 -48.44 5.23
N ILE M 1286 -18.76 -49.71 5.12
CA ILE M 1286 -18.48 -50.47 3.90
C ILE M 1286 -19.19 -49.85 2.70
N ILE M 1287 -20.49 -49.57 2.84
CA ILE M 1287 -21.23 -49.02 1.71
C ILE M 1287 -20.80 -47.57 1.45
N ASN M 1288 -20.38 -46.84 2.48
CA ASN M 1288 -19.87 -45.48 2.26
C ASN M 1288 -18.58 -45.51 1.44
N LYS M 1289 -17.66 -46.41 1.79
CA LYS M 1289 -16.44 -46.52 1.01
C LYS M 1289 -16.71 -47.02 -0.41
N LEU M 1290 -17.69 -47.92 -0.55
CA LEU M 1290 -18.03 -48.40 -1.90
C LEU M 1290 -18.61 -47.28 -2.75
N LEU M 1291 -19.48 -46.44 -2.18
CA LEU M 1291 -20.03 -45.32 -2.92
C LEU M 1291 -18.97 -44.26 -3.21
N SER M 1292 -18.00 -44.09 -2.31
CA SER M 1292 -16.90 -43.17 -2.59
C SER M 1292 -16.02 -43.71 -3.71
N HIS M 1293 -15.87 -45.03 -3.79
CA HIS M 1293 -15.15 -45.63 -4.91
C HIS M 1293 -15.91 -45.41 -6.22
N GLY M 1294 -17.21 -45.67 -6.20
CA GLY M 1294 -18.03 -45.41 -7.38
C GLY M 1294 -18.80 -46.63 -7.87
N VAL M 1295 -19.53 -47.28 -6.97
CA VAL M 1295 -20.32 -48.45 -7.32
C VAL M 1295 -21.36 -48.67 -6.23
N PRO M 1296 -22.63 -48.90 -6.57
CA PRO M 1296 -23.63 -49.16 -5.54
C PRO M 1296 -23.36 -50.46 -4.81
N LEU M 1297 -23.99 -50.59 -3.64
CA LEU M 1297 -23.81 -51.78 -2.82
C LEU M 1297 -24.42 -53.00 -3.51
N PRO M 1298 -23.86 -54.18 -3.27
CA PRO M 1298 -24.34 -55.39 -3.96
C PRO M 1298 -25.79 -55.71 -3.64
N ASN M 1299 -26.34 -56.63 -4.44
CA ASN M 1299 -27.76 -56.95 -4.33
C ASN M 1299 -28.07 -57.66 -3.01
N TRP M 1300 -27.15 -58.47 -2.50
CA TRP M 1300 -27.42 -59.15 -1.24
C TRP M 1300 -27.30 -58.20 -0.06
N LEU M 1301 -26.38 -57.23 -0.13
CA LEU M 1301 -26.38 -56.16 0.86
C LEU M 1301 -27.70 -55.38 0.81
N ILE M 1302 -28.18 -55.11 -0.40
CA ILE M 1302 -29.45 -54.40 -0.55
C ILE M 1302 -30.58 -55.18 0.11
N ASN M 1303 -30.65 -56.48 -0.17
CA ASN M 1303 -31.72 -57.32 0.38
C ASN M 1303 -31.62 -57.39 1.90
N ARG M 1304 -30.41 -57.57 2.44
CA ARG M 1304 -30.24 -57.68 3.88
C ARG M 1304 -30.66 -56.38 4.58
N TYR M 1305 -30.14 -55.25 4.11
CA TYR M 1305 -30.50 -54.00 4.77
C TYR M 1305 -31.93 -53.56 4.48
N LYS M 1306 -32.57 -54.09 3.43
CA LYS M 1306 -33.98 -53.81 3.21
C LYS M 1306 -34.85 -54.62 4.15
N ALA M 1307 -34.49 -55.89 4.38
CA ALA M 1307 -35.19 -56.68 5.39
C ALA M 1307 -34.93 -56.14 6.80
N MET M 1308 -33.80 -55.47 7.00
CA MET M 1308 -33.52 -54.80 8.26
C MET M 1308 -34.37 -53.53 8.38
N ASP M 1309 -33.97 -52.47 7.70
CA ASP M 1309 -34.64 -51.18 7.76
C ASP M 1309 -35.00 -50.75 6.34
N ALA M 1310 -35.24 -49.45 6.16
CA ALA M 1310 -35.62 -48.90 4.86
C ALA M 1310 -35.39 -47.39 4.82
N ALA M 1311 -35.80 -46.70 5.89
CA ALA M 1311 -35.63 -45.25 5.95
C ALA M 1311 -34.17 -44.86 5.91
N GLU M 1312 -33.30 -45.66 6.54
CA GLU M 1312 -31.87 -45.40 6.46
C GLU M 1312 -31.37 -45.53 5.02
N LEU M 1313 -31.85 -46.53 4.29
CA LEU M 1313 -31.49 -46.67 2.88
C LEU M 1313 -31.95 -45.45 2.09
N LEU M 1314 -33.18 -45.00 2.32
CA LEU M 1314 -33.70 -43.84 1.60
C LEU M 1314 -32.87 -42.59 1.89
N ARG M 1315 -32.52 -42.38 3.17
CA ARG M 1315 -31.72 -41.21 3.54
C ARG M 1315 -30.33 -41.28 2.91
N LEU M 1316 -29.70 -42.46 2.95
CA LEU M 1316 -28.36 -42.59 2.38
C LEU M 1316 -28.39 -42.40 0.86
N TYR M 1317 -29.44 -42.89 0.20
CA TYR M 1317 -29.55 -42.69 -1.24
C TYR M 1317 -29.78 -41.22 -1.58
N LEU M 1318 -30.63 -40.54 -0.81
CA LEU M 1318 -30.84 -39.11 -1.04
C LEU M 1318 -29.57 -38.31 -0.78
N LYS M 1319 -28.73 -38.76 0.16
CA LYS M 1319 -27.48 -38.06 0.42
C LYS M 1319 -26.43 -38.34 -0.64
N TYR M 1320 -26.40 -39.57 -1.19
CA TYR M 1320 -25.44 -39.95 -2.22
C TYR M 1320 -25.98 -39.78 -3.62
N ASP M 1321 -27.11 -39.07 -3.78
CA ASP M 1321 -27.66 -38.69 -5.07
C ASP M 1321 -28.19 -39.87 -5.88
N LEU M 1322 -28.67 -40.92 -5.21
CA LEU M 1322 -29.31 -42.05 -5.88
C LEU M 1322 -30.83 -41.81 -5.86
N LEU M 1323 -31.25 -40.86 -6.70
CA LEU M 1323 -32.65 -40.43 -6.67
C LEU M 1323 -33.58 -41.50 -7.22
N GLU M 1324 -33.19 -42.15 -8.32
CA GLU M 1324 -34.07 -43.16 -8.92
C GLU M 1324 -34.21 -44.37 -8.00
N GLU M 1325 -33.10 -44.85 -7.44
CA GLU M 1325 -33.15 -46.00 -6.55
C GLU M 1325 -33.96 -45.69 -5.31
N ALA M 1326 -33.76 -44.49 -4.74
CA ALA M 1326 -34.52 -44.10 -3.55
C ALA M 1326 -36.01 -43.98 -3.86
N ALA M 1327 -36.34 -43.43 -5.03
CA ALA M 1327 -37.75 -43.30 -5.40
C ALA M 1327 -38.39 -44.66 -5.57
N GLU M 1328 -37.71 -45.58 -6.27
CA GLU M 1328 -38.26 -46.93 -6.45
C GLU M 1328 -38.40 -47.64 -5.11
N LEU M 1329 -37.42 -47.49 -4.23
CA LEU M 1329 -37.47 -48.15 -2.92
C LEU M 1329 -38.61 -47.60 -2.07
N VAL M 1330 -38.79 -46.28 -2.03
CA VAL M 1330 -39.86 -45.71 -1.22
C VAL M 1330 -41.22 -46.04 -1.83
N LEU M 1331 -41.30 -46.16 -3.17
CA LEU M 1331 -42.56 -46.55 -3.79
C LEU M 1331 -42.92 -47.98 -3.42
N GLU M 1332 -41.96 -48.91 -3.53
CA GLU M 1332 -42.22 -50.28 -3.11
C GLU M 1332 -42.56 -50.36 -1.62
N TYR M 1333 -41.90 -49.53 -0.80
CA TYR M 1333 -42.16 -49.54 0.64
C TYR M 1333 -43.59 -49.08 0.95
N VAL M 1334 -44.02 -47.96 0.35
CA VAL M 1334 -45.37 -47.48 0.63
C VAL M 1334 -46.41 -48.41 0.02
N ASP M 1335 -46.09 -49.07 -1.11
CA ASP M 1335 -47.03 -50.04 -1.66
C ASP M 1335 -47.18 -51.24 -0.75
N ALA M 1336 -46.07 -51.76 -0.22
CA ALA M 1336 -46.14 -52.88 0.71
C ALA M 1336 -46.86 -52.49 1.99
N LEU M 1337 -46.67 -51.25 2.45
CA LEU M 1337 -47.36 -50.80 3.65
C LEU M 1337 -48.86 -50.68 3.42
N LEU M 1338 -49.27 -50.14 2.28
CA LEU M 1338 -50.69 -50.04 1.96
C LEU M 1338 -51.31 -51.42 1.75
N GLY M 1339 -50.53 -52.38 1.25
CA GLY M 1339 -51.02 -53.73 1.09
C GLY M 1339 -50.84 -54.58 2.33
N LYS M 1340 -49.72 -55.29 2.41
CA LYS M 1340 -49.44 -56.21 3.51
C LYS M 1340 -48.02 -56.76 3.40
N GLY M 1341 -47.30 -56.34 2.37
CA GLY M 1341 -45.97 -56.85 2.09
C GLY M 1341 -44.85 -56.29 2.93
N HIS M 1342 -45.16 -55.65 4.07
CA HIS M 1342 -44.12 -55.12 4.94
C HIS M 1342 -43.42 -56.20 5.76
N GLN M 1343 -43.89 -57.44 5.70
CA GLN M 1343 -43.22 -58.52 6.43
C GLN M 1343 -41.82 -58.78 5.87
N TYR M 1344 -41.64 -58.62 4.56
CA TYR M 1344 -40.31 -58.78 3.97
C TYR M 1344 -39.43 -57.58 4.28
N PHE M 1345 -40.02 -56.39 4.43
CA PHE M 1345 -39.24 -55.21 4.77
C PHE M 1345 -38.86 -55.18 6.24
N GLY M 1346 -39.60 -55.91 7.08
CA GLY M 1346 -39.32 -56.01 8.50
C GLY M 1346 -40.33 -55.33 9.39
N ILE M 1347 -41.09 -54.36 8.86
CA ILE M 1347 -42.09 -53.67 9.66
C ILE M 1347 -43.29 -54.59 9.87
N GLN M 1348 -43.74 -54.68 11.12
CA GLN M 1348 -44.86 -55.55 11.47
C GLN M 1348 -46.19 -54.89 11.12
N ALA M 1349 -47.27 -55.31 11.77
CA ALA M 1349 -48.58 -54.75 11.52
C ALA M 1349 -48.62 -53.29 11.97
N PRO M 1350 -49.40 -52.45 11.29
CA PRO M 1350 -49.49 -51.04 11.69
C PRO M 1350 -50.16 -50.90 13.05
N LEU M 1351 -49.82 -49.81 13.74
CA LEU M 1351 -50.35 -49.58 15.08
C LEU M 1351 -51.84 -49.25 15.02
N SER M 1352 -52.59 -49.81 15.95
CA SER M 1352 -54.03 -49.58 16.01
C SER M 1352 -54.33 -48.21 16.62
N ALA M 1353 -55.55 -47.75 16.37
CA ALA M 1353 -56.03 -46.46 16.87
C ALA M 1353 -55.14 -45.31 16.43
N THR M 1354 -54.57 -45.41 15.23
CA THR M 1354 -53.68 -44.39 14.67
C THR M 1354 -54.08 -44.09 13.23
N SER M 1355 -55.36 -43.77 13.02
CA SER M 1355 -55.86 -43.47 11.68
C SER M 1355 -55.42 -42.11 11.17
N GLN M 1356 -54.86 -41.26 12.04
CA GLN M 1356 -54.41 -39.93 11.63
C GLN M 1356 -53.03 -39.98 10.99
N LEU M 1357 -52.02 -40.43 11.74
CA LEU M 1357 -50.66 -40.52 11.22
C LEU M 1357 -49.90 -41.52 12.06
N VAL M 1358 -49.39 -42.59 11.44
CA VAL M 1358 -48.61 -43.60 12.13
C VAL M 1358 -47.13 -43.21 12.05
N TRP M 1359 -46.48 -43.52 10.94
CA TRP M 1359 -45.08 -43.16 10.73
C TRP M 1359 -44.87 -43.00 9.23
N PHE M 1360 -44.93 -41.76 8.75
CA PHE M 1360 -44.76 -41.45 7.34
C PHE M 1360 -43.76 -40.32 7.20
N PRO M 1361 -42.53 -40.59 6.74
CA PRO M 1361 -41.54 -39.51 6.59
C PRO M 1361 -41.91 -38.54 5.49
N TYR M 1362 -42.44 -37.37 5.86
CA TYR M 1362 -42.83 -36.38 4.87
C TYR M 1362 -41.63 -35.70 4.23
N SER M 1363 -40.47 -35.73 4.87
CA SER M 1363 -39.28 -35.13 4.28
C SER M 1363 -38.88 -35.85 2.99
N ALA M 1364 -39.07 -37.17 2.94
CA ALA M 1364 -38.73 -37.92 1.74
C ALA M 1364 -39.62 -37.49 0.57
N ILE M 1365 -40.93 -37.39 0.79
CA ILE M 1365 -41.82 -37.00 -0.29
C ILE M 1365 -41.61 -35.53 -0.65
N ASP M 1366 -41.19 -34.70 0.31
CA ASP M 1366 -40.88 -33.31 -0.01
C ASP M 1366 -39.65 -33.22 -0.91
N HIS M 1367 -38.60 -33.97 -0.59
CA HIS M 1367 -37.42 -34.00 -1.44
C HIS M 1367 -37.74 -34.57 -2.82
N LEU M 1368 -38.62 -35.57 -2.86
CA LEU M 1368 -39.02 -36.14 -4.16
C LEU M 1368 -39.78 -35.12 -5.00
N ARG M 1369 -40.71 -34.38 -4.39
CA ARG M 1369 -41.45 -33.36 -5.11
C ARG M 1369 -40.52 -32.25 -5.59
N LEU M 1370 -39.56 -31.86 -4.75
CA LEU M 1370 -38.60 -30.83 -5.15
C LEU M 1370 -37.75 -31.30 -6.32
N ALA M 1371 -37.27 -32.55 -6.27
CA ALA M 1371 -36.48 -33.08 -7.37
C ALA M 1371 -37.30 -33.17 -8.65
N LEU M 1372 -38.57 -33.55 -8.54
CA LEU M 1372 -39.43 -33.62 -9.72
C LEU M 1372 -39.64 -32.24 -10.32
N GLY M 1373 -39.93 -31.25 -9.46
CA GLY M 1373 -40.14 -29.90 -9.96
C GLY M 1373 -38.88 -29.27 -10.54
N GLU M 1374 -37.71 -29.71 -10.06
CA GLU M 1374 -36.45 -29.17 -10.57
C GLU M 1374 -35.96 -29.88 -11.83
N ASN M 1375 -36.32 -31.15 -12.02
CA ASN M 1375 -35.85 -31.94 -13.15
C ASN M 1375 -36.97 -32.30 -14.13
N GLU M 1376 -38.12 -31.62 -14.03
CA GLU M 1376 -39.21 -31.85 -14.97
C GLU M 1376 -38.78 -31.51 -16.39
N ASN M 1377 -38.69 -32.55 -17.24
CA ASN M 1377 -38.25 -32.35 -18.62
C ASN M 1377 -38.91 -33.36 -19.55
N ASN M 1378 -38.43 -34.60 -19.53
CA ASN M 1378 -38.92 -35.63 -20.44
C ASN M 1378 -40.24 -36.19 -19.93
N GLN M 1379 -40.76 -37.20 -20.66
CA GLN M 1379 -42.02 -37.82 -20.30
C GLN M 1379 -41.91 -38.67 -19.04
N HIS M 1380 -40.69 -39.08 -18.67
CA HIS M 1380 -40.52 -39.87 -17.45
C HIS M 1380 -40.93 -39.06 -16.21
N ASN M 1381 -40.58 -37.77 -16.20
CA ASN M 1381 -40.97 -36.92 -15.07
C ASN M 1381 -42.48 -36.78 -14.97
N GLN M 1382 -43.15 -36.60 -16.12
CA GLN M 1382 -44.60 -36.50 -16.10
C GLN M 1382 -45.25 -37.80 -15.65
N ALA M 1383 -44.71 -38.94 -16.10
CA ALA M 1383 -45.25 -40.23 -15.67
C ALA M 1383 -45.07 -40.44 -14.18
N ILE M 1384 -43.90 -40.08 -13.65
CA ILE M 1384 -43.65 -40.22 -12.22
C ILE M 1384 -44.57 -39.31 -11.43
N LEU M 1385 -44.78 -38.08 -11.92
CA LEU M 1385 -45.67 -37.15 -11.23
C LEU M 1385 -47.11 -37.68 -11.23
N GLY M 1386 -47.57 -38.23 -12.36
CA GLY M 1386 -48.91 -38.78 -12.40
C GLY M 1386 -49.07 -39.98 -11.48
N LYS M 1387 -48.08 -40.87 -11.46
CA LYS M 1387 -48.14 -42.02 -10.56
C LYS M 1387 -48.15 -41.57 -9.10
N LEU M 1388 -47.33 -40.57 -8.77
CA LEU M 1388 -47.29 -40.07 -7.41
C LEU M 1388 -48.61 -39.41 -7.02
N GLN M 1389 -49.23 -38.67 -7.96
CA GLN M 1389 -50.51 -38.06 -7.67
C GLN M 1389 -51.60 -39.10 -7.45
N ARG M 1390 -51.62 -40.15 -8.28
CA ARG M 1390 -52.60 -41.21 -8.10
C ARG M 1390 -52.39 -41.93 -6.77
N LYS M 1391 -51.14 -42.24 -6.43
CA LYS M 1391 -50.86 -42.90 -5.16
C LYS M 1391 -51.24 -42.02 -3.98
N MET M 1392 -50.97 -40.72 -4.07
CA MET M 1392 -51.33 -39.81 -2.98
C MET M 1392 -52.84 -39.68 -2.84
N ASP M 1393 -53.57 -39.66 -3.96
CA ASP M 1393 -55.03 -39.61 -3.89
C ASP M 1393 -55.59 -40.88 -3.25
N GLU M 1394 -55.06 -42.04 -3.64
CA GLU M 1394 -55.52 -43.29 -3.04
C GLU M 1394 -55.20 -43.33 -1.55
N TYR M 1395 -54.01 -42.90 -1.16
CA TYR M 1395 -53.63 -42.90 0.24
C TYR M 1395 -54.49 -41.93 1.05
N PHE M 1396 -54.80 -40.77 0.48
CA PHE M 1396 -55.66 -39.81 1.17
C PHE M 1396 -57.07 -40.35 1.33
N GLN M 1397 -57.59 -41.02 0.30
CA GLN M 1397 -58.92 -41.62 0.42
C GLN M 1397 -58.94 -42.70 1.49
N LYS M 1398 -57.91 -43.57 1.51
CA LYS M 1398 -57.85 -44.62 2.51
C LYS M 1398 -57.72 -44.04 3.92
N LEU M 1399 -56.91 -42.98 4.07
CA LEU M 1399 -56.73 -42.37 5.38
C LEU M 1399 -58.01 -41.70 5.86
N LYS M 1400 -58.74 -41.04 4.94
CA LYS M 1400 -60.01 -40.44 5.31
C LYS M 1400 -61.03 -41.50 5.71
N LYS M 1401 -61.08 -42.61 4.97
CA LYS M 1401 -61.99 -43.70 5.34
C LYS M 1401 -61.65 -44.28 6.70
N ALA M 1402 -60.35 -44.47 6.97
CA ALA M 1402 -59.93 -45.01 8.26
C ALA M 1402 -60.25 -44.04 9.39
N THR M 1403 -60.04 -42.74 9.16
CA THR M 1403 -60.36 -41.75 10.18
C THR M 1403 -61.85 -41.69 10.46
N ASP M 1404 -62.68 -41.78 9.40
CA ASP M 1404 -64.12 -41.80 9.60
C ASP M 1404 -64.56 -43.05 10.37
N ASP M 1405 -63.99 -44.21 10.02
CA ASP M 1405 -64.34 -45.44 10.73
C ASP M 1405 -63.88 -45.40 12.19
N TYR M 1406 -62.76 -44.72 12.47
CA TYR M 1406 -62.29 -44.63 13.84
C TYR M 1406 -63.12 -43.63 14.66
N LYS M 1407 -63.55 -42.55 14.03
CA LYS M 1407 -64.35 -41.54 14.72
C LYS M 1407 -65.81 -41.97 14.88
N LYS M 1408 -66.30 -42.88 14.04
CA LYS M 1408 -67.67 -43.34 14.17
C LYS M 1408 -67.89 -44.17 15.44
N ILE M 1409 -66.83 -44.74 16.00
CA ILE M 1409 -66.95 -45.53 17.22
C ILE M 1409 -66.75 -44.64 18.44
N MET N 1 59.25 -73.70 25.68
CA MET N 1 58.20 -73.97 26.65
C MET N 1 57.86 -75.46 26.69
N LYS N 2 58.46 -76.18 27.64
CA LYS N 2 58.22 -77.61 27.78
C LYS N 2 56.86 -77.86 28.43
N GLN N 3 56.45 -79.12 28.42
CA GLN N 3 55.18 -79.52 29.01
C GLN N 3 55.28 -80.95 29.51
N ASP N 4 54.96 -81.16 30.78
CA ASP N 4 55.00 -82.48 31.41
C ASP N 4 53.59 -82.79 31.93
N SER N 5 52.80 -83.47 31.11
CA SER N 5 51.43 -83.82 31.46
C SER N 5 51.37 -85.23 32.04
N ALA N 6 50.60 -85.39 33.11
CA ALA N 6 50.44 -86.68 33.76
C ALA N 6 49.13 -86.68 34.52
N SER N 7 48.42 -87.81 34.45
CA SER N 7 47.13 -87.94 35.13
C SER N 7 47.06 -89.26 35.91
N ASN N 8 45.89 -89.55 36.48
CA ASN N 8 45.71 -90.78 37.25
C ASN N 8 44.21 -91.09 37.26
N ALA N 9 43.75 -91.78 36.22
CA ALA N 9 42.34 -92.13 36.10
C ALA N 9 42.12 -93.34 35.19
N THR N 10 42.53 -94.52 35.66
CA THR N 10 42.28 -95.76 34.95
C THR N 10 41.07 -96.49 35.50
N TYR N 11 41.04 -96.77 36.80
CA TYR N 11 39.84 -97.29 37.47
C TYR N 11 39.65 -96.49 38.76
N THR N 12 38.67 -95.59 38.77
CA THR N 12 38.42 -94.72 39.91
C THR N 12 37.32 -95.30 40.79
N VAL N 13 37.52 -95.20 42.10
CA VAL N 13 36.54 -95.66 43.09
C VAL N 13 36.42 -94.61 44.18
N ASP N 14 35.21 -94.15 44.45
CA ASP N 14 34.94 -93.16 45.48
C ASP N 14 34.57 -93.89 46.77
N CYS N 15 35.43 -93.81 47.76
CA CYS N 15 35.20 -94.50 49.04
C CYS N 15 34.44 -93.61 50.00
N GLU N 16 34.97 -93.43 51.21
CA GLU N 16 34.30 -92.63 52.23
C GLU N 16 35.25 -91.62 52.85
N ASP N 17 36.41 -92.09 53.30
CA ASP N 17 37.40 -91.23 53.95
C ASP N 17 38.76 -91.42 53.29
N TYR N 18 39.77 -90.73 53.83
CA TYR N 18 41.11 -90.77 53.26
C TYR N 18 41.71 -92.16 53.39
N VAL N 19 42.15 -92.71 52.26
CA VAL N 19 42.78 -94.03 52.21
C VAL N 19 44.29 -93.85 52.32
N HIS N 20 44.92 -94.65 53.19
CA HIS N 20 46.35 -94.54 53.43
C HIS N 20 47.08 -95.87 53.48
N VAL N 21 46.38 -97.00 53.42
CA VAL N 21 47.01 -98.32 53.45
C VAL N 21 46.21 -99.27 52.58
N VAL N 22 46.89 -99.94 51.66
CA VAL N 22 46.27 -100.90 50.75
C VAL N 22 47.21 -102.08 50.57
N GLU N 23 46.64 -103.27 50.50
CA GLU N 23 47.40 -104.50 50.35
C GLU N 23 46.67 -105.45 49.42
N PHE N 24 47.38 -106.48 48.97
CA PHE N 24 46.82 -107.49 48.08
C PHE N 24 47.31 -108.85 48.55
N ASN N 25 47.47 -109.78 47.61
CA ASN N 25 47.94 -111.12 47.93
C ASN N 25 49.34 -111.30 47.36
N PRO N 26 50.33 -111.66 48.18
CA PRO N 26 51.69 -111.83 47.64
C PRO N 26 51.81 -113.02 46.72
N PHE N 27 51.31 -114.19 47.13
CA PHE N 27 51.40 -115.41 46.34
C PHE N 27 50.01 -115.96 46.11
N ASP N 28 49.88 -116.76 45.05
CA ASP N 28 48.62 -117.40 44.72
C ASP N 28 48.44 -118.69 45.50
N SER N 29 47.19 -118.97 45.86
CA SER N 29 46.85 -120.18 46.61
C SER N 29 45.41 -120.58 46.35
N GLY N 30 45.04 -120.74 45.09
CA GLY N 30 43.68 -121.09 44.73
C GLY N 30 42.73 -119.90 44.79
N GLU N 31 41.95 -119.81 45.86
CA GLU N 31 41.01 -118.71 46.09
C GLU N 31 40.01 -118.69 44.94
N ALA N 32 39.48 -117.50 44.62
CA ALA N 32 38.52 -117.35 43.54
C ALA N 32 38.57 -115.92 42.99
N GLY N 33 39.08 -114.99 43.78
CA GLY N 33 39.16 -113.60 43.35
C GLY N 33 40.20 -112.86 44.15
N SER N 34 40.28 -111.56 43.90
CA SER N 34 41.23 -110.69 44.58
C SER N 34 40.58 -110.02 45.77
N LEU N 35 41.35 -109.87 46.84
CA LEU N 35 40.87 -109.26 48.07
C LEU N 35 41.36 -107.82 48.18
N LEU N 36 40.51 -106.95 48.72
CA LEU N 36 40.83 -105.54 48.91
C LEU N 36 40.56 -105.18 50.36
N ALA N 37 41.57 -104.63 51.04
CA ALA N 37 41.47 -104.25 52.45
C ALA N 37 42.13 -102.89 52.62
N TYR N 38 41.36 -101.83 52.43
CA TYR N 38 41.84 -100.47 52.60
C TYR N 38 41.42 -99.95 53.97
N GLY N 39 42.33 -99.24 54.62
CA GLY N 39 42.10 -98.70 55.95
C GLY N 39 41.83 -97.20 55.89
N GLY N 40 40.82 -96.76 56.62
CA GLY N 40 40.46 -95.36 56.68
C GLY N 40 40.65 -94.77 58.06
N ILE N 41 39.82 -93.80 58.42
CA ILE N 41 39.92 -93.16 59.72
C ILE N 41 39.60 -94.15 60.84
N SER N 42 38.54 -94.96 60.64
CA SER N 42 38.18 -95.94 61.66
C SER N 42 37.44 -97.15 61.08
N TYR N 43 37.30 -97.27 59.76
CA TYR N 43 36.59 -98.37 59.14
C TYR N 43 37.54 -99.20 58.30
N VAL N 44 37.38 -100.52 58.39
CA VAL N 44 38.14 -101.47 57.59
C VAL N 44 37.15 -102.28 56.76
N VAL N 45 37.25 -102.16 55.44
CA VAL N 45 36.31 -102.78 54.52
C VAL N 45 37.07 -103.87 53.76
N ILE N 46 36.86 -105.12 54.15
CA ILE N 46 37.39 -106.26 53.41
C ILE N 46 36.37 -106.63 52.34
N ALA N 47 36.80 -106.57 51.08
CA ALA N 47 35.91 -106.79 49.95
C ALA N 47 36.57 -107.70 48.92
N SER N 48 35.75 -108.24 48.04
CA SER N 48 36.21 -109.06 46.92
C SER N 48 36.13 -108.21 45.66
N CYS N 49 37.29 -107.74 45.18
CA CYS N 49 37.36 -106.88 44.02
C CYS N 49 37.54 -107.71 42.76
N ARG N 50 36.69 -107.47 41.76
CA ARG N 50 36.77 -108.17 40.49
C ARG N 50 36.61 -107.15 39.37
N PHE N 51 37.69 -106.89 38.64
CA PHE N 51 37.68 -105.93 37.56
C PHE N 51 37.02 -106.54 36.32
N GLN N 52 36.89 -105.74 35.27
CA GLN N 52 36.28 -106.18 34.02
C GLN N 52 37.25 -106.96 33.14
N GLU N 53 38.51 -107.09 33.54
CA GLU N 53 39.48 -107.84 32.73
C GLU N 53 39.39 -109.34 32.97
N GLU N 54 39.08 -109.76 34.20
CA GLU N 54 38.97 -111.17 34.53
C GLU N 54 37.54 -111.68 34.52
N ASP N 55 36.60 -110.92 35.08
CA ASP N 55 35.19 -111.29 35.12
C ASP N 55 34.44 -110.60 33.99
N SER N 56 33.64 -111.37 33.26
CA SER N 56 32.87 -110.85 32.15
C SER N 56 31.45 -110.45 32.53
N THR N 57 30.97 -110.86 33.71
CA THR N 57 29.63 -110.52 34.17
C THR N 57 29.57 -109.19 34.90
N VAL N 58 30.70 -108.54 35.15
CA VAL N 58 30.75 -107.27 35.85
C VAL N 58 31.42 -106.26 34.93
N GLU N 59 30.68 -105.26 34.49
CA GLU N 59 31.20 -104.23 33.60
C GLU N 59 31.78 -103.08 34.42
N GLY N 60 32.80 -102.44 33.86
CA GLY N 60 33.46 -101.34 34.54
C GLY N 60 34.27 -101.79 35.73
N ILE N 61 33.83 -101.40 36.93
CA ILE N 61 34.50 -101.80 38.17
C ILE N 61 33.49 -101.84 39.30
N GLU N 62 33.50 -102.92 40.07
CA GLU N 62 32.61 -103.09 41.21
C GLU N 62 33.33 -103.88 42.28
N PHE N 63 32.74 -103.92 43.48
CA PHE N 63 33.31 -104.64 44.59
C PHE N 63 32.21 -104.99 45.58
N LYS N 64 32.28 -106.20 46.13
CA LYS N 64 31.34 -106.68 47.12
C LYS N 64 32.04 -106.75 48.47
N THR N 65 31.57 -105.96 49.43
CA THR N 65 32.19 -105.90 50.76
C THR N 65 31.69 -107.07 51.60
N LEU N 66 32.60 -107.98 51.95
CA LEU N 66 32.23 -109.14 52.75
C LEU N 66 32.46 -108.93 54.23
N LYS N 67 33.28 -107.94 54.63
CA LYS N 67 33.54 -107.68 56.03
C LYS N 67 33.67 -106.19 56.26
N THR N 68 33.07 -105.70 57.34
CA THR N 68 33.13 -104.29 57.73
C THR N 68 33.44 -104.23 59.22
N PHE N 69 34.63 -103.76 59.57
CA PHE N 69 35.08 -103.68 60.96
C PHE N 69 35.27 -102.23 61.36
N HIS N 70 34.97 -101.95 62.63
CA HIS N 70 35.12 -100.61 63.21
C HIS N 70 36.28 -100.66 64.21
N HIS N 71 37.40 -100.08 63.83
CA HIS N 71 38.58 -100.06 64.68
C HIS N 71 38.58 -98.82 65.58
N GLY N 72 39.48 -98.82 66.55
CA GLY N 72 39.60 -97.72 67.47
C GLY N 72 40.29 -96.51 66.87
N GLU N 73 41.54 -96.69 66.45
CA GLU N 73 42.33 -95.63 65.84
C GLU N 73 42.40 -95.85 64.33
N ARG N 74 43.48 -95.42 63.71
CA ARG N 74 43.67 -95.57 62.27
C ARG N 74 44.54 -96.78 61.97
N VAL N 75 44.26 -97.41 60.82
CA VAL N 75 45.03 -98.58 60.42
C VAL N 75 46.41 -98.15 59.96
N VAL N 76 47.43 -98.85 60.43
CA VAL N 76 48.82 -98.54 60.11
C VAL N 76 49.41 -99.55 59.13
N ALA N 77 49.29 -100.84 59.43
CA ALA N 77 49.86 -101.86 58.58
C ALA N 77 48.96 -103.08 58.56
N ILE N 78 48.85 -103.71 57.38
CA ILE N 78 48.06 -104.92 57.19
C ILE N 78 48.92 -105.96 56.49
N ALA N 79 48.97 -107.17 57.06
CA ALA N 79 49.76 -108.26 56.51
C ALA N 79 48.83 -109.39 56.11
N TRP N 80 48.90 -109.79 54.85
CA TRP N 80 48.09 -110.89 54.32
C TRP N 80 48.92 -112.17 54.26
N SER N 81 48.27 -113.29 54.53
CA SER N 81 48.96 -114.57 54.50
C SER N 81 49.21 -115.01 53.06
N PRO N 82 50.32 -115.70 52.80
CA PRO N 82 50.58 -116.17 51.44
C PRO N 82 49.67 -117.31 50.99
N GLU N 83 49.06 -118.03 51.93
CA GLU N 83 48.18 -119.14 51.63
C GLU N 83 46.79 -118.84 52.16
N THR N 84 46.11 -117.89 51.53
CA THR N 84 44.76 -117.52 51.91
C THR N 84 43.73 -118.32 51.11
N ARG N 85 42.47 -118.25 51.55
CA ARG N 85 41.38 -118.96 50.90
C ARG N 85 40.23 -118.00 50.64
N CYS N 86 39.46 -118.31 49.59
CA CYS N 86 38.31 -117.49 49.23
C CYS N 86 37.10 -118.28 48.77
N ASP N 87 37.22 -119.59 48.54
CA ASP N 87 36.09 -120.40 48.10
C ASP N 87 35.93 -121.62 48.99
N ALA N 88 35.36 -122.70 48.43
CA ALA N 88 35.14 -123.96 49.13
C ALA N 88 34.30 -123.73 50.39
N LEU N 89 33.03 -123.43 50.15
CA LEU N 89 32.04 -123.19 51.21
C LEU N 89 32.49 -122.07 52.13
N LEU N 90 32.21 -120.81 51.73
CA LEU N 90 32.51 -119.58 52.47
C LEU N 90 34.02 -119.34 52.52
N PRO N 91 34.45 -118.09 52.35
CA PRO N 91 35.88 -117.80 52.36
C PRO N 91 36.48 -117.96 53.76
N LEU N 92 37.80 -118.09 53.78
CA LEU N 92 38.56 -118.23 55.02
C LEU N 92 39.62 -117.14 55.05
N LEU N 93 39.48 -116.19 55.96
CA LEU N 93 40.39 -115.05 56.06
C LEU N 93 41.39 -115.28 57.18
N ARG N 94 42.65 -114.96 56.90
CA ARG N 94 43.72 -115.10 57.89
C ARG N 94 44.75 -114.00 57.61
N PHE N 95 44.70 -112.93 58.40
CA PHE N 95 45.61 -111.81 58.20
C PHE N 95 45.96 -111.21 59.55
N ALA N 96 46.75 -110.13 59.53
CA ALA N 96 47.17 -109.45 60.73
C ALA N 96 47.10 -107.95 60.51
N THR N 97 46.78 -107.23 61.59
CA THR N 97 46.62 -105.78 61.53
C THR N 97 47.36 -105.14 62.69
N ALA N 98 48.13 -104.09 62.40
CA ALA N 98 48.84 -103.31 63.40
C ALA N 98 48.46 -101.84 63.27
N ALA N 99 48.19 -101.21 64.40
CA ALA N 99 47.78 -99.80 64.39
C ALA N 99 48.65 -98.97 65.33
N GLY N 100 48.19 -97.77 65.68
CA GLY N 100 48.93 -96.89 66.56
C GLY N 100 48.82 -97.20 68.04
N ASP N 101 48.09 -98.26 68.41
CA ASP N 101 47.93 -98.64 69.80
C ASP N 101 49.04 -99.56 70.29
N LYS N 102 50.12 -99.70 69.51
CA LYS N 102 51.26 -100.56 69.88
C LYS N 102 50.81 -101.99 70.13
N LYS N 103 49.87 -102.47 69.32
CA LYS N 103 49.35 -103.82 69.45
C LYS N 103 49.13 -104.40 68.05
N ILE N 104 49.19 -105.74 67.98
CA ILE N 104 48.99 -106.48 66.74
C ILE N 104 47.85 -107.46 66.95
N ARG N 105 46.91 -107.48 66.01
CA ARG N 105 45.74 -108.35 66.09
C ARG N 105 45.76 -109.31 64.91
N ILE N 106 45.76 -110.61 65.20
CA ILE N 106 45.75 -111.64 64.17
C ILE N 106 44.30 -112.04 63.94
N PHE N 107 43.73 -111.57 62.83
CA PHE N 107 42.34 -111.83 62.51
C PHE N 107 42.24 -113.12 61.72
N THR N 108 41.53 -114.10 62.28
CA THR N 108 41.30 -115.40 61.64
C THR N 108 39.79 -115.65 61.63
N SER N 109 39.19 -115.53 60.46
CA SER N 109 37.75 -115.74 60.28
C SER N 109 37.54 -117.00 59.46
N ASP N 110 36.92 -118.00 60.07
CA ASP N 110 36.62 -119.27 59.41
C ASP N 110 35.12 -119.30 59.10
N PHE N 111 34.80 -119.47 57.81
CA PHE N 111 33.41 -119.52 57.34
C PHE N 111 32.64 -118.26 57.71
N GLN N 112 33.33 -117.12 57.72
CA GLN N 112 32.78 -115.81 58.06
C GLN N 112 31.81 -115.83 59.23
N ASP N 113 32.06 -116.71 60.21
CA ASP N 113 31.21 -116.81 61.39
C ASP N 113 31.90 -116.45 62.68
N LYS N 114 33.23 -116.51 62.73
CA LYS N 114 33.99 -116.19 63.93
C LYS N 114 35.00 -115.10 63.61
N ASN N 115 35.49 -114.44 64.66
CA ASN N 115 36.48 -113.37 64.50
C ASN N 115 37.25 -113.25 65.82
N GLU N 116 38.35 -113.98 65.92
CA GLU N 116 39.20 -113.99 67.10
C GLU N 116 40.52 -113.30 66.81
N TYR N 117 41.16 -112.83 67.87
CA TYR N 117 42.45 -112.15 67.75
C TYR N 117 43.20 -112.28 69.06
N LYS N 118 44.52 -112.40 68.96
CA LYS N 118 45.39 -112.54 70.12
C LYS N 118 46.16 -111.24 70.35
N VAL N 119 46.28 -110.86 71.62
CA VAL N 119 46.99 -109.64 71.99
C VAL N 119 48.49 -109.87 71.88
N ILE N 120 49.08 -109.48 70.76
CA ILE N 120 50.51 -109.64 70.52
C ILE N 120 51.24 -108.41 71.05
N GLU N 121 52.34 -108.64 71.76
CA GLU N 121 53.13 -107.55 72.33
C GLU N 121 53.76 -106.73 71.20
N GLY N 122 53.44 -105.44 71.17
CA GLY N 122 53.96 -104.55 70.15
C GLY N 122 55.39 -104.14 70.39
N HIS N 123 55.81 -103.12 69.65
CA HIS N 123 57.17 -102.61 69.74
C HIS N 123 57.20 -101.40 70.68
N SER N 124 58.29 -100.64 70.65
CA SER N 124 58.43 -99.46 71.49
C SER N 124 57.51 -98.35 71.02
N GLY N 125 57.91 -97.65 69.95
CA GLY N 125 57.10 -96.57 69.41
C GLY N 125 55.92 -97.08 68.63
N TYR N 126 56.01 -97.03 67.30
CA TYR N 126 54.95 -97.49 66.41
C TYR N 126 55.44 -98.67 65.59
N ILE N 127 54.51 -99.56 65.24
CA ILE N 127 54.86 -100.73 64.45
C ILE N 127 55.19 -100.29 63.03
N ASN N 128 56.42 -100.57 62.60
CA ASN N 128 56.85 -100.15 61.27
C ASN N 128 56.21 -101.02 60.19
N ASP N 129 56.38 -102.34 60.30
CA ASP N 129 55.85 -103.26 59.30
C ASP N 129 55.69 -104.64 59.91
N LEU N 130 54.95 -105.48 59.21
CA LEU N 130 54.75 -106.86 59.63
C LEU N 130 54.28 -107.67 58.43
N VAL N 131 54.66 -108.96 58.43
CA VAL N 131 54.33 -109.89 57.34
C VAL N 131 54.13 -111.27 57.94
N PHE N 132 53.72 -112.21 57.09
CA PHE N 132 53.51 -113.60 57.49
C PHE N 132 54.72 -114.40 57.02
N CYS N 133 55.62 -114.72 57.97
CA CYS N 133 56.85 -115.43 57.65
C CYS N 133 56.64 -116.94 57.82
N SER N 134 55.87 -117.50 56.88
CA SER N 134 55.59 -118.93 56.90
C SER N 134 55.17 -119.36 55.51
N PRO N 135 55.68 -120.49 54.99
CA PRO N 135 55.23 -120.96 53.68
C PRO N 135 53.78 -121.42 53.66
N GLU N 136 53.17 -121.67 54.82
CA GLU N 136 51.79 -122.11 54.90
C GLU N 136 50.87 -121.09 55.54
N GLY N 137 51.41 -120.10 56.25
CA GLY N 137 50.58 -119.10 56.90
C GLY N 137 50.40 -119.34 58.38
N THR N 138 51.45 -119.13 59.16
CA THR N 138 51.39 -119.35 60.60
C THR N 138 52.17 -118.27 61.35
N ASP N 139 53.50 -118.36 61.32
CA ASP N 139 54.33 -117.40 62.03
C ASP N 139 54.30 -116.04 61.33
N ILE N 140 54.40 -114.98 62.13
CA ILE N 140 54.38 -113.61 61.63
C ILE N 140 55.63 -112.90 62.13
N ALA N 141 56.20 -112.07 61.27
CA ALA N 141 57.39 -111.28 61.57
C ALA N 141 56.99 -109.81 61.65
N SER N 142 57.28 -109.17 62.79
CA SER N 142 56.93 -107.78 63.00
C SER N 142 58.17 -106.98 63.39
N VAL N 143 58.34 -105.81 62.77
CA VAL N 143 59.42 -104.89 63.09
C VAL N 143 58.83 -103.51 63.32
N GLY N 144 59.45 -102.77 64.23
CA GLY N 144 58.99 -101.43 64.58
C GLY N 144 60.16 -100.56 64.96
N ASP N 145 59.89 -99.59 65.84
CA ASP N 145 60.92 -98.66 66.31
C ASP N 145 61.64 -99.19 67.55
N ASP N 146 62.07 -100.45 67.48
CA ASP N 146 62.77 -101.07 68.59
C ASP N 146 63.88 -102.02 68.15
N HIS N 147 64.26 -102.00 66.87
CA HIS N 147 65.27 -102.87 66.27
C HIS N 147 65.21 -104.29 66.80
N THR N 148 64.00 -104.83 66.93
CA THR N 148 63.80 -106.19 67.46
C THR N 148 62.72 -106.86 66.60
N CYS N 149 63.17 -107.60 65.58
CA CYS N 149 62.25 -108.37 64.76
C CYS N 149 61.64 -109.50 65.60
N ARG N 150 60.33 -109.47 65.75
CA ARG N 150 59.61 -110.44 66.57
C ARG N 150 58.93 -111.46 65.67
N ILE N 151 59.27 -112.74 65.86
CA ILE N 151 58.61 -113.85 65.19
C ILE N 151 57.65 -114.47 66.18
N TRP N 152 56.36 -114.44 65.87
CA TRP N 152 55.32 -114.92 66.76
C TRP N 152 54.43 -115.92 66.04
N ASP N 153 54.10 -117.01 66.71
CA ASP N 153 53.24 -118.02 66.13
C ASP N 153 51.77 -117.61 66.28
N LEU N 154 50.87 -118.47 65.79
CA LEU N 154 49.45 -118.18 65.87
C LEU N 154 48.87 -118.45 67.26
N ASP N 155 49.59 -119.18 68.10
CA ASP N 155 49.09 -119.47 69.44
C ASP N 155 49.15 -118.24 70.36
N GLY N 156 50.00 -117.27 70.04
CA GLY N 156 50.12 -116.09 70.85
C GLY N 156 51.26 -116.07 71.85
N LYS N 157 52.36 -116.77 71.56
CA LYS N 157 53.51 -116.83 72.44
C LYS N 157 54.75 -116.37 71.71
N GLN N 158 55.75 -115.93 72.48
CA GLN N 158 57.01 -115.47 71.92
C GLN N 158 57.77 -116.65 71.33
N ILE N 159 58.08 -116.58 70.04
CA ILE N 159 58.79 -117.65 69.34
C ILE N 159 60.24 -117.28 69.08
N ALA N 160 60.49 -116.12 68.47
CA ALA N 160 61.86 -115.75 68.16
C ALA N 160 62.03 -114.23 68.26
N MET N 161 63.23 -113.81 68.64
CA MET N 161 63.59 -112.41 68.72
C MET N 161 64.93 -112.21 68.00
N PHE N 162 64.96 -111.27 67.06
CA PHE N 162 66.17 -110.96 66.31
C PHE N 162 66.53 -109.50 66.57
N ILE N 163 67.62 -109.27 67.27
CA ILE N 163 68.06 -107.93 67.61
C ILE N 163 68.86 -107.35 66.45
N LEU N 164 68.82 -106.02 66.32
CA LEU N 164 69.56 -105.31 65.28
C LEU N 164 70.19 -104.06 65.88
N ARG N 165 70.95 -103.36 65.06
CA ARG N 165 71.57 -102.11 65.47
C ARG N 165 70.76 -100.89 65.07
N SER N 166 69.79 -101.05 64.17
CA SER N 166 68.93 -99.97 63.71
C SER N 166 67.49 -100.47 63.63
N PRO N 167 66.51 -99.61 63.90
CA PRO N 167 65.11 -100.04 63.85
C PRO N 167 64.73 -100.52 62.45
N GLY N 168 64.00 -101.64 62.42
CA GLY N 168 63.59 -102.19 61.14
C GLY N 168 62.55 -101.31 60.47
N MET N 169 62.77 -101.00 59.19
CA MET N 169 61.88 -100.14 58.43
C MET N 169 61.03 -100.89 57.42
N SER N 170 61.42 -102.08 57.00
CA SER N 170 60.67 -102.85 56.02
C SER N 170 60.95 -104.34 56.21
N VAL N 171 59.91 -105.11 56.49
CA VAL N 171 60.01 -106.55 56.63
C VAL N 171 59.12 -107.20 55.58
N ALA N 172 59.58 -108.32 55.03
CA ALA N 172 58.86 -108.99 53.96
C ALA N 172 59.22 -110.47 53.96
N TRP N 173 58.28 -111.29 53.49
CA TRP N 173 58.44 -112.73 53.41
C TRP N 173 58.43 -113.17 51.96
N HIS N 174 59.24 -114.17 51.64
CA HIS N 174 59.33 -114.68 50.28
C HIS N 174 58.02 -115.38 49.90
N PRO N 175 57.29 -114.90 48.89
CA PRO N 175 56.03 -115.56 48.54
C PRO N 175 56.21 -116.91 47.87
N GLU N 176 57.35 -117.15 47.22
CA GLU N 176 57.56 -118.44 46.57
C GLU N 176 57.81 -119.55 47.58
N GLY N 177 58.41 -119.23 48.73
CA GLY N 177 58.68 -120.22 49.74
C GLY N 177 60.12 -120.70 49.76
N ALA N 178 60.98 -119.98 50.48
CA ALA N 178 62.39 -120.34 50.56
C ALA N 178 62.96 -120.15 51.97
N PHE N 179 62.12 -119.96 52.98
CA PHE N 179 62.56 -119.77 54.37
C PHE N 179 63.49 -118.56 54.49
N LYS N 180 63.20 -117.50 53.72
CA LYS N 180 63.98 -116.28 53.73
C LYS N 180 63.09 -115.11 54.12
N LEU N 181 63.65 -114.20 54.92
CA LEU N 181 62.91 -113.05 55.43
C LEU N 181 63.73 -111.80 55.21
N MET N 182 63.21 -110.88 54.39
CA MET N 182 63.87 -109.62 54.13
C MET N 182 63.58 -108.65 55.27
N VAL N 183 64.64 -108.12 55.88
CA VAL N 183 64.53 -107.16 56.98
C VAL N 183 65.50 -106.03 56.73
N ALA N 184 64.99 -104.82 56.56
CA ALA N 184 65.79 -103.64 56.28
C ALA N 184 65.92 -102.79 57.53
N GLU N 185 67.16 -102.39 57.85
CA GLU N 185 67.45 -101.54 58.98
C GLU N 185 67.63 -100.10 58.52
N LYS N 186 67.12 -99.16 59.32
CA LYS N 186 67.11 -97.74 58.94
C LYS N 186 68.51 -97.18 58.73
N THR N 187 69.55 -97.99 58.97
CA THR N 187 70.92 -97.57 58.76
C THR N 187 71.45 -97.97 57.38
N GLY N 188 70.59 -98.44 56.48
CA GLY N 188 71.01 -98.86 55.16
C GLY N 188 71.30 -100.33 55.02
N THR N 189 71.51 -101.04 56.12
CA THR N 189 71.80 -102.47 56.07
C THR N 189 70.50 -103.26 56.02
N ILE N 190 70.48 -104.31 55.20
CA ILE N 190 69.33 -105.19 55.04
C ILE N 190 69.78 -106.61 55.31
N ARG N 191 69.35 -107.18 56.42
CA ARG N 191 69.73 -108.53 56.81
C ARG N 191 68.66 -109.53 56.39
N PHE N 192 69.07 -110.78 56.22
CA PHE N 192 68.19 -111.86 55.80
C PHE N 192 68.45 -113.07 56.70
N TYR N 193 67.40 -113.56 57.35
CA TYR N 193 67.50 -114.69 58.25
C TYR N 193 66.93 -115.95 57.61
N ASP N 194 67.27 -117.10 58.17
CA ASP N 194 66.79 -118.39 57.71
C ASP N 194 66.00 -119.04 58.84
N LEU N 195 64.75 -119.39 58.57
CA LEU N 195 63.90 -119.98 59.59
C LEU N 195 64.28 -121.41 59.92
N THR N 196 65.02 -122.09 59.03
CA THR N 196 65.42 -123.46 59.30
C THR N 196 66.55 -123.55 60.30
N THR N 197 67.45 -122.56 60.32
CA THR N 197 68.58 -122.55 61.23
C THR N 197 68.55 -121.41 62.26
N HIS N 198 67.59 -120.48 62.14
CA HIS N 198 67.47 -119.35 63.06
C HIS N 198 68.77 -118.53 63.10
N GLN N 199 69.36 -118.31 61.93
CA GLN N 199 70.60 -117.55 61.82
C GLN N 199 70.56 -116.70 60.55
N ALA N 200 71.43 -115.70 60.51
CA ALA N 200 71.52 -114.79 59.37
C ALA N 200 72.22 -115.51 58.22
N ILE N 201 71.49 -115.70 57.12
CA ILE N 201 72.08 -116.34 55.94
C ILE N 201 72.57 -115.31 54.92
N LEU N 202 72.15 -114.06 55.03
CA LEU N 202 72.56 -113.00 54.12
C LEU N 202 72.32 -111.67 54.81
N SER N 203 73.15 -110.68 54.46
CA SER N 203 73.05 -109.36 55.07
C SER N 203 73.63 -108.33 54.12
N LEU N 204 72.79 -107.40 53.68
CA LEU N 204 73.26 -106.30 52.83
C LEU N 204 73.95 -105.25 53.65
N GLU N 205 75.08 -104.76 53.15
CA GLU N 205 75.88 -103.73 53.83
C GLU N 205 76.05 -102.55 52.88
N SER N 206 75.14 -101.59 52.97
CA SER N 206 75.19 -100.38 52.13
C SER N 206 74.53 -99.25 52.92
N VAL N 207 75.34 -98.55 53.72
CA VAL N 207 74.82 -97.47 54.55
C VAL N 207 74.31 -96.34 53.66
N GLN N 208 73.06 -95.94 53.87
CA GLN N 208 72.45 -94.88 53.07
C GLN N 208 71.46 -94.14 53.94
N VAL N 209 71.62 -92.83 54.05
CA VAL N 209 70.72 -91.99 54.85
C VAL N 209 70.37 -90.74 54.06
N PRO N 210 69.09 -90.36 53.97
CA PRO N 210 67.98 -91.11 54.56
C PRO N 210 67.45 -92.20 53.63
N LEU N 211 66.46 -92.96 54.09
CA LEU N 211 65.85 -94.01 53.31
C LEU N 211 64.35 -94.03 53.56
N MET N 212 63.60 -94.45 52.54
CA MET N 212 62.14 -94.50 52.62
C MET N 212 61.61 -95.92 52.60
N SER N 213 61.96 -96.71 51.57
CA SER N 213 61.46 -98.07 51.46
C SER N 213 62.42 -98.87 50.59
N ALA N 214 62.21 -100.19 50.58
CA ALA N 214 63.02 -101.10 49.80
C ALA N 214 62.21 -102.36 49.54
N ASP N 215 62.58 -103.06 48.46
CA ASP N 215 61.87 -104.27 48.06
C ASP N 215 62.75 -105.11 47.16
N TRP N 216 62.51 -106.42 47.18
CA TRP N 216 63.24 -107.38 46.37
C TRP N 216 62.29 -108.06 45.39
N CYS N 217 62.86 -108.70 44.38
CA CYS N 217 62.06 -109.37 43.36
C CYS N 217 61.39 -110.61 43.94
N VAL N 218 60.10 -110.76 43.64
CA VAL N 218 59.34 -111.88 44.19
C VAL N 218 59.71 -113.21 43.56
N ARG N 219 60.36 -113.19 42.40
CA ARG N 219 60.76 -114.40 41.71
C ARG N 219 62.27 -114.62 41.70
N ASN N 220 63.05 -113.73 42.33
CA ASN N 220 64.49 -113.87 42.37
C ASN N 220 65.02 -113.11 43.58
N THR N 221 65.73 -113.80 44.46
CA THR N 221 66.31 -113.17 45.65
C THR N 221 67.67 -112.54 45.37
N LEU N 222 67.84 -111.89 44.22
CA LEU N 222 69.10 -111.28 43.85
C LEU N 222 68.99 -109.78 43.63
N ARG N 223 67.98 -109.31 42.91
CA ARG N 223 67.80 -107.89 42.63
C ARG N 223 67.04 -107.24 43.78
N ILE N 224 67.66 -106.25 44.42
CA ILE N 224 67.06 -105.55 45.55
C ILE N 224 67.16 -104.05 45.26
N GLY N 225 66.03 -103.35 45.40
CA GLY N 225 65.99 -101.92 45.18
C GLY N 225 65.52 -101.19 46.41
N ALA N 226 65.86 -99.91 46.45
CA ALA N 226 65.46 -99.02 47.54
C ALA N 226 65.21 -97.63 46.99
N VAL N 227 64.57 -96.79 47.80
CA VAL N 227 64.30 -95.41 47.43
C VAL N 227 64.90 -94.50 48.50
N ALA N 228 65.45 -93.37 48.07
CA ALA N 228 66.06 -92.42 48.99
C ALA N 228 65.84 -91.01 48.48
N GLY N 229 65.37 -90.13 49.37
CA GLY N 229 65.18 -88.73 49.04
C GLY N 229 64.34 -88.50 47.80
N ASN N 230 64.98 -88.52 46.63
CA ASN N 230 64.30 -88.26 45.37
C ASN N 230 64.58 -89.28 44.27
N ASP N 231 65.42 -90.28 44.52
CA ASP N 231 65.75 -91.25 43.48
C ASP N 231 65.55 -92.66 44.01
N TRP N 232 65.67 -93.63 43.10
CA TRP N 232 65.62 -95.05 43.43
C TRP N 232 66.86 -95.74 42.88
N ILE N 233 67.38 -96.68 43.66
CA ILE N 233 68.62 -97.38 43.37
C ILE N 233 68.37 -98.88 43.48
N ILE N 234 68.56 -99.59 42.37
CA ILE N 234 68.44 -101.05 42.32
C ILE N 234 69.83 -101.63 42.15
N TRP N 235 70.16 -102.61 43.00
CA TRP N 235 71.43 -103.31 42.95
C TRP N 235 71.16 -104.81 42.92
N GLU N 236 72.24 -105.59 42.86
CA GLU N 236 72.18 -107.05 42.88
C GLU N 236 72.85 -107.54 44.16
N MET N 237 72.16 -108.41 44.89
CA MET N 237 72.63 -108.94 46.16
C MET N 237 72.68 -110.46 46.12
N PRO N 238 73.77 -111.09 46.60
CA PRO N 238 74.94 -110.45 47.20
C PRO N 238 76.04 -110.13 46.19
N ARG N 239 75.65 -109.61 45.03
CA ARG N 239 76.62 -109.23 44.01
C ARG N 239 77.26 -107.90 44.37
N SER N 240 76.80 -106.81 43.75
CA SER N 240 77.34 -105.48 43.99
C SER N 240 76.25 -104.53 44.47
N SER N 241 76.58 -103.71 45.45
CA SER N 241 75.72 -102.64 45.91
C SER N 241 75.88 -101.36 45.08
N TYR N 242 76.67 -101.40 44.03
CA TYR N 242 76.81 -100.25 43.16
C TYR N 242 75.47 -99.92 42.53
N PRO N 243 75.10 -98.63 42.41
CA PRO N 243 73.81 -98.29 41.82
C PRO N 243 73.67 -98.79 40.39
N GLN N 244 73.32 -100.08 40.25
CA GLN N 244 73.14 -100.64 38.91
C GLN N 244 72.00 -99.95 38.16
N ASP N 245 70.97 -99.51 38.88
CA ASP N 245 69.89 -98.71 38.30
C ASP N 245 69.58 -97.56 39.25
N ASN N 246 70.18 -96.40 39.00
CA ASN N 246 70.02 -95.22 39.86
C ASN N 246 69.32 -94.14 39.05
N LYS N 247 68.02 -93.96 39.29
CA LYS N 247 67.28 -92.97 38.52
C LYS N 247 66.38 -92.14 39.44
N PRO N 248 66.25 -90.84 39.18
CA PRO N 248 65.33 -90.02 39.98
C PRO N 248 63.88 -90.43 39.73
N ALA N 249 63.12 -90.55 40.82
CA ALA N 249 61.72 -90.99 40.73
C ALA N 249 60.79 -89.79 40.64
N HIS N 250 60.78 -88.96 41.68
CA HIS N 250 59.85 -87.85 41.79
C HIS N 250 60.61 -86.57 42.12
N ALA N 251 59.87 -85.46 42.10
CA ALA N 251 60.43 -84.15 42.43
C ALA N 251 60.33 -83.83 43.92
N ASP N 252 59.54 -84.60 44.67
CA ASP N 252 59.36 -84.39 46.10
C ASP N 252 59.81 -85.64 46.85
N ARG N 253 59.39 -85.74 48.12
CA ARG N 253 59.76 -86.87 48.94
C ARG N 253 58.97 -88.12 48.53
N ALA N 254 59.59 -89.27 48.71
CA ALA N 254 58.97 -90.54 48.36
C ALA N 254 58.10 -91.03 49.51
N ARG N 255 57.44 -92.18 49.28
CA ARG N 255 56.57 -92.77 50.28
C ARG N 255 56.87 -94.25 50.46
N MET N 256 56.77 -95.02 49.37
CA MET N 256 56.99 -96.46 49.40
C MET N 256 57.64 -96.89 48.10
N PHE N 257 57.97 -98.18 48.03
CA PHE N 257 58.59 -98.76 46.84
C PHE N 257 58.30 -100.25 46.83
N ARG N 258 57.66 -100.73 45.78
CA ARG N 258 57.25 -102.13 45.70
C ARG N 258 57.66 -102.74 44.37
N TRP N 259 57.55 -104.05 44.28
CA TRP N 259 57.86 -104.82 43.08
C TRP N 259 56.59 -105.47 42.54
N SER N 260 56.63 -105.87 41.28
CA SER N 260 55.50 -106.52 40.65
C SER N 260 55.45 -107.99 41.07
N LYS N 261 54.30 -108.42 41.58
CA LYS N 261 54.15 -109.81 42.02
C LYS N 261 54.07 -110.77 40.84
N CYS N 262 53.64 -110.27 39.67
CA CYS N 262 53.54 -111.12 38.48
C CYS N 262 54.76 -111.01 37.58
N ASN N 263 55.32 -109.81 37.44
CA ASN N 263 56.50 -109.60 36.60
C ASN N 263 57.76 -109.96 37.39
N GLU N 264 58.92 -109.60 36.85
CA GLU N 264 60.19 -109.91 37.51
C GLU N 264 61.10 -108.70 37.55
N ASN N 265 60.98 -107.82 36.54
CA ASN N 265 61.84 -106.65 36.41
C ASN N 265 61.03 -105.36 36.37
N VAL N 266 59.89 -105.33 37.07
CA VAL N 266 59.02 -104.16 37.10
C VAL N 266 58.79 -103.77 38.55
N PHE N 267 58.97 -102.48 38.85
CA PHE N 267 58.76 -101.97 40.20
C PHE N 267 58.03 -100.64 40.14
N ALA N 268 57.61 -100.17 41.32
CA ALA N 268 56.76 -99.00 41.41
C ALA N 268 57.16 -98.17 42.63
N THR N 269 57.03 -96.85 42.48
CA THR N 269 57.34 -95.90 43.54
C THR N 269 56.23 -94.86 43.63
N THR N 270 55.96 -94.42 44.85
CA THR N 270 54.96 -93.39 45.11
C THR N 270 55.58 -92.26 45.90
N GLY N 271 55.24 -91.02 45.55
CA GLY N 271 55.74 -89.84 46.23
C GLY N 271 54.72 -89.24 47.18
N TYR N 272 55.06 -88.04 47.66
CA TYR N 272 54.21 -87.30 48.57
C TYR N 272 54.17 -85.84 48.14
N PRO N 273 53.00 -85.19 48.22
CA PRO N 273 52.90 -83.78 47.82
C PRO N 273 53.74 -82.87 48.70
N GLY N 274 54.88 -82.40 48.17
CA GLY N 274 55.74 -81.50 48.89
C GLY N 274 55.68 -80.08 48.37
N LYS N 275 55.10 -79.91 47.19
CA LYS N 275 54.98 -78.59 46.58
C LYS N 275 53.81 -78.56 45.60
N MET N 276 53.23 -79.72 45.32
CA MET N 276 52.11 -79.81 44.40
C MET N 276 51.30 -81.08 44.66
N LYS N 277 51.36 -82.04 43.73
CA LYS N 277 50.67 -83.31 43.87
C LYS N 277 51.70 -84.43 43.82
N SER N 278 51.31 -85.61 44.29
CA SER N 278 52.23 -86.73 44.36
C SER N 278 52.41 -87.34 42.98
N GLN N 279 53.45 -88.16 42.84
CA GLN N 279 53.77 -88.82 41.59
C GLN N 279 53.82 -90.33 41.80
N ILE N 280 53.17 -91.07 40.92
CA ILE N 280 53.23 -92.54 40.91
C ILE N 280 54.01 -92.95 39.67
N ALA N 281 55.14 -93.63 39.87
CA ALA N 281 56.06 -93.93 38.80
C ALA N 281 56.32 -95.43 38.74
N ILE N 282 55.97 -96.04 37.60
CA ILE N 282 56.25 -97.45 37.34
C ILE N 282 57.51 -97.50 36.48
N HIS N 283 58.52 -98.25 36.95
CA HIS N 283 59.80 -98.37 36.27
C HIS N 283 60.07 -99.81 35.90
N HIS N 284 60.88 -100.00 34.87
CA HIS N 284 61.38 -101.29 34.43
C HIS N 284 62.90 -101.32 34.58
N LEU N 285 63.43 -102.52 34.82
CA LEU N 285 64.86 -102.65 35.02
C LEU N 285 65.63 -102.28 33.76
N ALA N 286 66.79 -101.66 33.95
CA ALA N 286 67.67 -101.20 32.86
C ALA N 286 66.92 -100.24 31.93
N HIS N 287 66.64 -99.07 32.48
CA HIS N 287 65.93 -98.03 31.75
C HIS N 287 66.22 -96.66 32.37
N PRO N 288 66.82 -95.74 31.60
CA PRO N 288 67.09 -94.41 32.16
C PRO N 288 65.84 -93.62 32.49
N GLN N 289 64.72 -93.89 31.82
CA GLN N 289 63.48 -93.19 32.06
C GLN N 289 62.38 -94.16 32.49
N PRO N 290 61.48 -93.73 33.37
CA PRO N 290 60.39 -94.62 33.79
C PRO N 290 59.45 -94.95 32.64
N ILE N 291 58.94 -96.19 32.66
CA ILE N 291 58.00 -96.60 31.62
C ILE N 291 56.61 -96.02 31.85
N LEU N 292 56.26 -95.65 33.08
CA LEU N 292 54.97 -95.03 33.36
C LEU N 292 55.14 -93.98 34.44
N ILE N 293 54.46 -92.84 34.26
CA ILE N 293 54.51 -91.75 35.24
C ILE N 293 53.15 -91.07 35.26
N GLY N 294 52.59 -90.90 36.45
CA GLY N 294 51.30 -90.26 36.59
C GLY N 294 51.27 -89.34 37.79
N THR N 295 50.40 -88.34 37.71
CA THR N 295 50.23 -87.36 38.78
C THR N 295 49.00 -87.73 39.59
N ALA N 296 49.19 -88.04 40.87
CA ALA N 296 48.14 -88.45 41.78
C ALA N 296 47.93 -87.41 42.86
N PRO N 297 46.75 -87.40 43.51
CA PRO N 297 46.53 -86.46 44.62
C PRO N 297 47.54 -86.64 45.75
N VAL N 298 47.65 -87.85 46.29
CA VAL N 298 48.60 -88.12 47.37
C VAL N 298 48.92 -89.61 47.39
N GLY N 299 50.20 -89.96 47.38
CA GLY N 299 50.62 -91.34 47.38
C GLY N 299 50.80 -91.91 48.77
N SER N 300 49.95 -92.87 49.15
CA SER N 300 50.04 -93.52 50.45
C SER N 300 49.60 -94.97 50.31
N GLY N 301 50.49 -95.89 50.62
CA GLY N 301 50.20 -97.31 50.49
C GLY N 301 50.34 -97.79 49.06
N LEU N 302 51.27 -98.72 48.82
CA LEU N 302 51.52 -99.23 47.49
C LEU N 302 51.58 -100.75 47.54
N SER N 303 50.96 -101.40 46.57
CA SER N 303 50.93 -102.85 46.49
C SER N 303 50.86 -103.25 45.02
N TRP N 304 50.79 -104.56 44.77
CA TRP N 304 50.75 -105.08 43.41
C TRP N 304 49.88 -106.32 43.38
N HIS N 305 49.26 -106.58 42.23
CA HIS N 305 48.46 -107.78 42.05
C HIS N 305 49.36 -108.95 41.66
N ARG N 306 48.93 -110.16 42.06
CA ARG N 306 49.71 -111.37 41.81
C ARG N 306 49.40 -112.03 40.48
N ARG N 307 48.31 -111.62 39.82
CA ARG N 307 47.94 -112.21 38.53
C ARG N 307 48.29 -111.28 37.38
N LEU N 308 47.54 -110.18 37.25
CA LEU N 308 47.77 -109.20 36.20
C LEU N 308 48.55 -108.01 36.75
N PRO N 309 49.36 -107.34 35.92
CA PRO N 309 50.10 -106.17 36.38
C PRO N 309 49.18 -105.04 36.79
N LEU N 310 48.68 -105.08 38.03
CA LEU N 310 47.74 -104.10 38.55
C LEU N 310 48.31 -103.45 39.80
N CYS N 311 48.22 -102.13 39.87
CA CYS N 311 48.67 -101.35 41.01
C CYS N 311 47.50 -100.54 41.57
N VAL N 312 47.61 -100.17 42.84
CA VAL N 312 46.56 -99.44 43.53
C VAL N 312 47.18 -98.24 44.25
N VAL N 313 46.54 -97.08 44.12
CA VAL N 313 46.95 -95.86 44.80
C VAL N 313 45.74 -95.33 45.58
N GLY N 314 46.00 -94.74 46.74
CA GLY N 314 44.91 -94.25 47.58
C GLY N 314 45.07 -92.82 48.06
N GLY N 315 44.22 -91.93 47.57
CA GLY N 315 44.18 -90.55 48.03
C GLY N 315 42.90 -90.27 48.79
N TYR N 316 42.76 -89.01 49.21
CA TYR N 316 41.63 -88.59 50.02
C TYR N 316 40.30 -89.00 49.39
N ARG N 317 39.71 -90.07 49.91
CA ARG N 317 38.41 -90.63 49.52
C ARG N 317 38.41 -91.24 48.12
N LYS N 318 39.56 -91.37 47.47
CA LYS N 318 39.65 -91.88 46.11
C LYS N 318 40.63 -93.04 46.05
N LEU N 319 40.28 -94.05 45.25
CA LEU N 319 41.14 -95.20 45.01
C LEU N 319 41.32 -95.36 43.51
N PHE N 320 42.57 -95.35 43.06
CA PHE N 320 42.91 -95.43 41.65
C PHE N 320 43.61 -96.75 41.36
N PHE N 321 42.99 -97.59 40.55
CA PHE N 321 43.59 -98.82 40.07
C PHE N 321 44.17 -98.59 38.68
N TRP N 322 45.43 -98.97 38.51
CA TRP N 322 46.16 -98.81 37.26
C TRP N 322 46.59 -100.16 36.73
N LEU N 323 46.59 -100.29 35.40
CA LEU N 323 47.04 -101.50 34.72
C LEU N 323 48.31 -101.17 33.96
N THR N 324 49.42 -101.76 34.38
CA THR N 324 50.72 -101.51 33.78
C THR N 324 51.02 -102.60 32.74
N GLU N 325 52.23 -102.55 32.18
CA GLU N 325 52.64 -103.52 31.18
C GLU N 325 53.11 -104.81 31.84
N MET N 326 53.14 -105.88 31.06
CA MET N 326 53.57 -107.19 31.53
C MET N 326 55.09 -107.29 31.52
N THR O 238 -37.69 -27.10 4.64
CA THR O 238 -37.85 -25.77 4.05
C THR O 238 -39.20 -25.64 3.36
N LEU O 239 -39.51 -24.41 2.95
CA LEU O 239 -40.79 -24.09 2.26
C LEU O 239 -41.93 -24.46 3.21
N MET O 240 -43.04 -24.98 2.68
CA MET O 240 -44.18 -25.35 3.52
C MET O 240 -44.98 -26.42 2.80
N ILE O 241 -45.86 -27.07 3.55
CA ILE O 241 -46.71 -28.12 3.00
C ILE O 241 -47.89 -27.48 2.28
N ASP O 242 -48.28 -28.08 1.15
CA ASP O 242 -49.39 -27.56 0.37
C ASP O 242 -50.72 -27.77 1.09
N MET O 243 -51.12 -29.02 1.26
CA MET O 243 -52.38 -29.33 1.93
C MET O 243 -52.18 -29.33 3.44
N GLY O 244 -53.25 -29.67 4.17
CA GLY O 244 -53.20 -29.71 5.61
C GLY O 244 -53.33 -31.10 6.17
N LEU O 245 -52.22 -31.67 6.64
CA LEU O 245 -52.19 -33.01 7.21
C LEU O 245 -51.67 -32.95 8.64
N PHE O 246 -51.34 -34.12 9.19
CA PHE O 246 -50.80 -34.22 10.54
C PHE O 246 -49.29 -34.10 10.51
N MET O 247 -48.75 -33.17 11.29
CA MET O 247 -47.32 -32.93 11.37
C MET O 247 -46.80 -33.30 12.75
N GLY O 248 -45.63 -33.91 12.80
CA GLY O 248 -45.03 -34.31 14.06
C GLY O 248 -44.54 -33.14 14.87
N ARG O 249 -43.35 -32.63 14.56
CA ARG O 249 -42.77 -31.50 15.27
C ARG O 249 -41.73 -30.83 14.39
N SER O 250 -41.65 -29.51 14.48
CA SER O 250 -40.65 -28.76 13.74
C SER O 250 -39.41 -28.54 14.61
N PHE O 251 -39.21 -27.31 15.09
CA PHE O 251 -38.07 -26.98 15.94
C PHE O 251 -38.38 -25.72 16.71
N ARG O 252 -37.58 -25.49 17.76
CA ARG O 252 -37.74 -24.32 18.60
C ARG O 252 -36.36 -23.91 19.13
N VAL O 253 -36.34 -22.89 19.98
CA VAL O 253 -35.13 -22.40 20.57
C VAL O 253 -34.95 -23.01 21.95
N GLY O 254 -33.74 -22.90 22.49
CA GLY O 254 -33.44 -23.44 23.80
C GLY O 254 -33.82 -22.49 24.92
N TRP O 255 -33.17 -22.67 26.07
CA TRP O 255 -33.43 -21.85 27.24
C TRP O 255 -32.17 -21.76 28.08
N GLY O 256 -32.18 -20.82 29.02
CA GLY O 256 -31.06 -20.61 29.91
C GLY O 256 -31.46 -19.89 31.17
N PRO O 257 -30.53 -19.15 31.77
CA PRO O 257 -30.85 -18.39 32.99
C PRO O 257 -31.92 -17.35 32.77
N ASN O 258 -33.19 -17.75 32.90
CA ASN O 258 -34.34 -16.87 32.71
C ASN O 258 -34.32 -16.22 31.34
N TRP O 259 -33.95 -14.93 31.29
CA TRP O 259 -33.92 -14.17 30.04
C TRP O 259 -32.57 -14.36 29.36
N THR O 260 -32.36 -15.57 28.85
CA THR O 260 -31.14 -15.90 28.12
C THR O 260 -31.52 -16.95 27.08
N LEU O 261 -31.73 -16.51 25.85
CA LEU O 261 -32.14 -17.38 24.75
C LEU O 261 -30.89 -17.86 24.01
N VAL O 262 -30.63 -19.16 24.06
CA VAL O 262 -29.50 -19.76 23.36
C VAL O 262 -29.92 -20.14 21.95
N HIS O 263 -29.07 -20.87 21.24
CA HIS O 263 -29.36 -21.30 19.89
C HIS O 263 -29.78 -22.76 19.86
N ASN O 264 -30.73 -23.07 18.97
CA ASN O 264 -31.22 -24.43 18.82
C ASN O 264 -31.77 -24.65 17.41
N GLY O 265 -32.49 -23.66 16.89
CA GLY O 265 -33.05 -23.74 15.56
C GLY O 265 -32.84 -22.48 14.75
N ASP O 266 -33.92 -21.77 14.45
CA ASP O 266 -33.87 -20.53 13.70
C ASP O 266 -34.37 -19.39 14.57
N LYS O 267 -33.55 -18.34 14.71
CA LYS O 267 -33.90 -17.20 15.53
C LYS O 267 -33.16 -15.98 15.02
N LEU O 268 -33.51 -14.82 15.58
CA LEU O 268 -32.89 -13.54 15.23
C LEU O 268 -31.94 -13.15 16.35
N SER O 269 -30.67 -13.46 16.18
CA SER O 269 -29.66 -13.16 17.19
C SER O 269 -29.16 -11.73 17.05
N GLU O 270 -27.95 -11.47 17.55
CA GLU O 270 -27.39 -10.13 17.47
C GLU O 270 -26.96 -9.81 16.05
N ARG O 271 -27.26 -8.59 15.60
CA ARG O 271 -26.92 -8.15 14.26
C ARG O 271 -25.58 -7.42 14.26
N LEU O 272 -24.87 -7.54 13.14
CA LEU O 272 -23.57 -6.90 12.97
C LEU O 272 -23.44 -6.40 11.55
N ASN O 273 -22.93 -5.18 11.39
CA ASN O 273 -22.74 -4.56 10.08
C ASN O 273 -21.58 -5.24 9.37
N ALA O 274 -21.87 -6.42 8.81
CA ALA O 274 -20.82 -7.18 8.11
C ALA O 274 -21.40 -8.09 7.01
N GLU O 275 -22.57 -7.77 6.46
CA GLU O 275 -23.15 -8.60 5.43
C GLU O 275 -22.42 -8.39 4.10
N GLU O 276 -22.74 -9.25 3.14
CA GLU O 276 -22.12 -9.18 1.82
C GLU O 276 -22.71 -8.02 1.03
N ASP O 277 -21.86 -7.41 0.18
CA ASP O 277 -22.24 -6.28 -0.66
C ASP O 277 -22.76 -5.11 0.16
N ARG O 278 -21.85 -4.52 0.94
CA ARG O 278 -22.19 -3.38 1.78
C ARG O 278 -21.21 -2.24 1.57
N ASP O 279 -21.29 -1.21 2.40
CA ASP O 279 -20.42 -0.05 2.28
C ASP O 279 -19.09 -0.31 2.98
N MET O 280 -18.02 0.22 2.38
CA MET O 280 -16.66 0.11 2.91
C MET O 280 -16.26 -1.36 3.09
N ASP O 281 -16.03 -2.00 1.95
CA ASP O 281 -15.58 -3.40 1.86
C ASP O 281 -16.65 -4.28 2.53
N THR O 282 -16.28 -5.13 3.50
CA THR O 282 -17.21 -6.03 4.17
C THR O 282 -17.97 -6.91 3.20
N ILE O 283 -17.35 -8.00 2.75
CA ILE O 283 -17.97 -8.97 1.85
C ILE O 283 -17.65 -10.37 2.36
N ASP O 284 -18.33 -11.35 1.77
CA ASP O 284 -18.14 -12.75 2.13
C ASP O 284 -18.48 -13.62 0.93
N TYR O 285 -18.29 -14.94 1.10
CA TYR O 285 -18.58 -15.90 0.05
C TYR O 285 -19.06 -17.19 0.69
N GLY O 286 -20.05 -17.82 0.06
CA GLY O 286 -20.62 -19.05 0.56
C GLY O 286 -20.17 -20.25 -0.26
N PHE O 287 -20.73 -21.42 0.10
CA PHE O 287 -20.43 -22.67 -0.57
C PHE O 287 -21.15 -22.70 -1.92
N LEU O 288 -20.50 -22.11 -2.91
CA LEU O 288 -21.07 -22.02 -4.25
C LEU O 288 -20.62 -23.19 -5.14
N PRO O 289 -19.33 -23.49 -5.28
CA PRO O 289 -18.92 -24.58 -6.16
C PRO O 289 -18.99 -25.96 -5.53
N LYS O 290 -19.70 -26.13 -4.41
CA LYS O 290 -19.77 -27.45 -3.79
C LYS O 290 -20.59 -28.43 -4.63
N PRO O 291 -21.83 -28.12 -5.06
CA PRO O 291 -22.55 -29.08 -5.89
C PRO O 291 -22.28 -28.89 -7.38
N THR O 292 -21.62 -29.87 -8.00
CA THR O 292 -21.25 -29.81 -9.40
C THR O 292 -21.78 -31.04 -10.13
N SER O 293 -22.33 -30.80 -11.32
CA SER O 293 -22.87 -31.86 -12.19
C SER O 293 -23.96 -32.60 -11.43
N ALA O 294 -23.85 -33.90 -11.20
CA ALA O 294 -24.89 -34.63 -10.47
C ALA O 294 -24.89 -34.23 -9.01
N LYS O 295 -26.09 -34.04 -8.46
CA LYS O 295 -26.25 -33.62 -7.07
C LYS O 295 -27.64 -34.03 -6.61
N SER O 296 -27.93 -33.74 -5.34
CA SER O 296 -29.24 -33.98 -4.76
C SER O 296 -30.07 -32.72 -4.85
N LEU O 297 -31.18 -32.78 -5.59
CA LEU O 297 -32.03 -31.61 -5.78
C LEU O 297 -32.81 -31.30 -4.51
N THR O 298 -32.11 -30.83 -3.48
CA THR O 298 -32.73 -30.50 -2.20
C THR O 298 -31.83 -29.53 -1.46
N GLU O 299 -32.35 -28.36 -1.11
CA GLU O 299 -31.60 -27.34 -0.39
C GLU O 299 -32.00 -27.36 1.08
N SER O 300 -31.00 -27.34 1.96
CA SER O 300 -31.22 -27.36 3.39
C SER O 300 -30.04 -26.71 4.08
N PRO O 301 -30.26 -26.06 5.22
CA PRO O 301 -29.13 -25.43 5.93
C PRO O 301 -28.14 -26.48 6.43
N PHE O 302 -26.86 -26.15 6.33
CA PHE O 302 -25.77 -27.05 6.71
C PHE O 302 -25.09 -26.53 7.97
N LYS O 303 -24.64 -27.46 8.82
CA LYS O 303 -23.92 -27.16 10.05
C LYS O 303 -24.77 -26.34 11.02
N VAL O 304 -24.18 -25.96 12.15
CA VAL O 304 -24.86 -25.18 13.18
C VAL O 304 -23.85 -24.23 13.82
N HIS O 305 -24.33 -23.44 14.76
CA HIS O 305 -23.50 -22.49 15.48
C HIS O 305 -24.16 -22.16 16.82
N VAL O 306 -23.34 -21.95 17.84
CA VAL O 306 -23.81 -21.66 19.19
C VAL O 306 -23.52 -20.18 19.45
N GLU O 307 -24.54 -19.34 19.31
CA GLU O 307 -24.45 -17.92 19.57
C GLU O 307 -25.38 -17.54 20.71
N LYS O 308 -25.35 -16.25 21.08
CA LYS O 308 -26.17 -15.73 22.16
C LYS O 308 -27.00 -14.56 21.66
N LEU O 309 -28.13 -14.33 22.33
CA LEU O 309 -29.03 -13.23 22.00
C LEU O 309 -29.36 -12.49 23.28
N SER O 310 -28.87 -11.27 23.41
CA SER O 310 -29.08 -10.42 24.58
C SER O 310 -29.81 -9.15 24.17
N LEU O 311 -30.15 -8.33 25.18
CA LEU O 311 -30.84 -7.08 24.93
C LEU O 311 -30.26 -5.89 25.69
N GLU O 312 -29.29 -6.10 26.58
CA GLU O 312 -28.71 -4.97 27.30
C GLU O 312 -27.75 -4.18 26.41
N GLN O 313 -26.66 -4.83 25.98
CA GLN O 313 -25.65 -4.20 25.12
C GLN O 313 -25.07 -2.94 25.75
N LYS O 314 -24.86 -2.99 27.06
CA LYS O 314 -24.31 -1.87 27.81
C LYS O 314 -23.32 -2.36 28.85
N THR O 315 -22.17 -1.69 28.95
CA THR O 315 -21.13 -2.05 29.90
C THR O 315 -20.98 -1.04 31.02
N LYS O 316 -21.76 0.04 31.01
CA LYS O 316 -21.69 1.07 32.04
C LYS O 316 -22.83 0.98 33.05
N ASP O 317 -23.70 -0.02 32.94
CA ASP O 317 -24.82 -0.17 33.86
C ASP O 317 -24.42 -0.83 35.17
N LEU O 318 -23.16 -1.28 35.30
CA LEU O 318 -22.73 -1.94 36.53
C LEU O 318 -22.83 -0.98 37.71
N GLN O 319 -22.37 0.26 37.53
CA GLN O 319 -22.47 1.24 38.62
C GLN O 319 -23.91 1.59 38.92
N SER O 320 -24.73 1.78 37.89
CA SER O 320 -26.13 2.12 38.10
C SER O 320 -26.90 0.99 38.79
N TYR O 321 -26.43 -0.24 38.64
CA TYR O 321 -27.05 -1.38 39.31
C TYR O 321 -26.47 -1.64 40.70
N LEU O 322 -25.23 -1.22 40.95
CA LEU O 322 -24.58 -1.54 42.22
C LEU O 322 -24.73 -0.44 43.26
N LEU O 323 -24.65 0.84 42.85
CA LEU O 323 -24.69 1.93 43.82
C LEU O 323 -26.00 1.99 44.61
N PRO O 324 -27.18 1.91 43.99
CA PRO O 324 -28.40 1.85 44.83
C PRO O 324 -28.41 0.67 45.78
N LEU O 325 -27.98 -0.51 45.33
CA LEU O 325 -27.87 -1.64 46.23
C LEU O 325 -26.77 -1.43 47.27
N GLU O 326 -25.70 -0.72 46.90
CA GLU O 326 -24.64 -0.41 47.86
C GLU O 326 -25.17 0.46 48.98
N ILE O 327 -26.06 1.40 48.68
CA ILE O 327 -26.66 2.22 49.72
C ILE O 327 -27.72 1.44 50.49
N GLU O 328 -28.44 0.55 49.81
CA GLU O 328 -29.43 -0.28 50.49
C GLU O 328 -28.78 -1.24 51.48
N LEU O 329 -27.54 -1.64 51.23
CA LEU O 329 -26.86 -2.55 52.14
C LEU O 329 -26.65 -1.91 53.51
N LYS O 330 -26.57 -0.59 53.57
CA LYS O 330 -26.41 0.09 54.86
C LYS O 330 -27.70 0.07 55.66
N ASN O 331 -28.84 0.27 54.99
CA ASN O 331 -30.13 0.27 55.67
C ASN O 331 -30.70 -1.13 55.87
N SER O 332 -30.11 -2.14 55.23
CA SER O 332 -30.61 -3.50 55.39
C SER O 332 -30.31 -4.03 56.79
N THR O 333 -31.17 -4.93 57.25
CA THR O 333 -31.04 -5.56 58.56
C THR O 333 -31.25 -7.06 58.42
N VAL O 334 -30.37 -7.84 59.02
CA VAL O 334 -30.47 -9.30 58.97
C VAL O 334 -31.55 -9.77 59.92
N ASP O 335 -32.40 -10.68 59.46
CA ASP O 335 -33.49 -11.22 60.25
C ASP O 335 -33.17 -12.57 60.89
N LYS O 336 -32.43 -13.42 60.18
CA LYS O 336 -32.05 -14.75 60.66
C LYS O 336 -33.29 -15.57 61.02
N SER O 337 -34.08 -15.88 60.00
CA SER O 337 -35.31 -16.65 60.15
C SER O 337 -35.19 -17.93 59.34
N GLY O 338 -35.23 -19.06 60.03
CA GLY O 338 -35.13 -20.35 59.39
C GLY O 338 -33.70 -20.71 59.02
N PRO O 339 -33.55 -21.62 58.06
CA PRO O 339 -32.20 -22.00 57.62
C PRO O 339 -31.47 -20.85 56.93
N CYS O 340 -31.96 -20.45 55.76
CA CYS O 340 -31.36 -19.34 55.04
C CYS O 340 -31.74 -18.02 55.69
N PRO O 341 -30.84 -17.03 55.66
CA PRO O 341 -31.13 -15.73 56.27
C PRO O 341 -32.23 -15.00 55.53
N HIS O 342 -32.72 -13.94 56.16
CA HIS O 342 -33.77 -13.10 55.60
C HIS O 342 -33.39 -11.64 55.77
N PHE O 343 -33.81 -10.82 54.81
CA PHE O 343 -33.52 -9.40 54.81
C PHE O 343 -34.81 -8.61 54.66
N ARG O 344 -34.87 -7.46 55.36
CA ARG O 344 -36.02 -6.59 55.32
C ARG O 344 -35.54 -5.15 55.42
N PRO O 345 -35.93 -4.28 54.49
CA PRO O 345 -35.48 -2.89 54.55
C PRO O 345 -36.17 -2.13 55.67
N ASN O 346 -35.44 -1.18 56.24
CA ASN O 346 -35.96 -0.38 57.34
C ASN O 346 -36.83 0.75 56.80
N PRO O 347 -38.05 0.92 57.32
CA PRO O 347 -38.91 2.01 56.82
C PRO O 347 -38.45 3.38 57.27
N GLY O 348 -37.88 4.15 56.35
CA GLY O 348 -37.40 5.48 56.67
C GLY O 348 -37.06 6.24 55.42
N VAL O 349 -37.22 7.56 55.47
CA VAL O 349 -36.93 8.42 54.32
C VAL O 349 -35.45 8.78 54.22
N THR O 350 -34.64 8.40 55.22
CA THR O 350 -33.21 8.64 55.13
C THR O 350 -32.59 7.89 53.95
N ALA O 351 -33.12 6.71 53.63
CA ALA O 351 -32.63 5.97 52.47
C ALA O 351 -32.86 6.75 51.19
N ILE O 352 -34.07 7.29 51.01
CA ILE O 352 -34.37 8.07 49.81
C ILE O 352 -33.54 9.34 49.78
N HIS O 353 -33.33 9.96 50.94
CA HIS O 353 -32.48 11.14 51.01
C HIS O 353 -31.06 10.82 50.54
N ASP O 354 -30.50 9.70 51.01
CA ASP O 354 -29.17 9.30 50.59
C ASP O 354 -29.14 8.97 49.10
N TYR O 355 -30.18 8.33 48.59
CA TYR O 355 -30.25 8.04 47.16
C TYR O 355 -30.19 9.33 46.35
N ALA O 356 -31.04 10.30 46.70
CA ALA O 356 -31.07 11.56 45.97
C ALA O 356 -29.74 12.30 46.08
N GLY O 357 -29.15 12.32 47.28
CA GLY O 357 -27.88 13.00 47.45
C GLY O 357 -26.77 12.37 46.63
N TRP O 358 -26.67 11.04 46.65
CA TRP O 358 -25.64 10.37 45.87
C TRP O 358 -25.87 10.54 44.37
N VAL O 359 -27.13 10.53 43.94
CA VAL O 359 -27.42 10.72 42.52
C VAL O 359 -27.00 12.12 42.08
N ARG O 360 -27.34 13.13 42.89
CA ARG O 360 -26.97 14.50 42.55
C ARG O 360 -25.46 14.68 42.56
N ASN O 361 -24.78 14.04 43.51
CA ASN O 361 -23.32 14.14 43.57
C ASN O 361 -22.68 13.50 42.35
N PHE O 362 -23.15 12.30 41.96
CA PHE O 362 -22.60 11.64 40.78
C PHE O 362 -22.89 12.45 39.51
N SER O 363 -24.07 13.08 39.44
CA SER O 363 -24.39 13.91 38.29
C SER O 363 -23.47 15.12 38.21
N SER O 364 -23.28 15.82 39.33
CA SER O 364 -22.38 16.97 39.34
C SER O 364 -20.94 16.57 39.08
N GLU O 365 -20.57 15.34 39.43
CA GLU O 365 -19.21 14.87 39.17
C GLU O 365 -19.01 14.58 37.69
N ALA O 366 -19.89 13.76 37.11
CA ALA O 366 -19.76 13.39 35.70
C ALA O 366 -21.16 13.03 35.18
N ALA O 367 -21.93 14.04 34.79
CA ALA O 367 -23.25 13.82 34.20
C ALA O 367 -23.13 13.16 32.83
N GLU O 368 -22.77 11.88 32.82
CA GLU O 368 -22.65 11.10 31.60
C GLU O 368 -23.66 9.95 31.55
N VAL O 369 -24.61 9.93 32.48
CA VAL O 369 -25.61 8.87 32.54
C VAL O 369 -26.68 9.11 31.48
N GLU O 370 -27.87 8.57 31.70
CA GLU O 370 -28.96 8.66 30.74
C GLU O 370 -30.00 9.68 31.18
N ALA O 371 -30.82 10.10 30.21
CA ALA O 371 -31.90 11.02 30.50
C ALA O 371 -32.91 10.40 31.45
N VAL O 372 -33.14 9.09 31.32
CA VAL O 372 -34.04 8.40 32.24
C VAL O 372 -33.45 8.39 33.65
N VAL O 373 -32.11 8.23 33.75
CA VAL O 373 -31.47 8.27 35.06
C VAL O 373 -31.59 9.66 35.67
N LYS O 374 -31.42 10.71 34.86
CA LYS O 374 -31.59 12.07 35.36
C LYS O 374 -33.03 12.32 35.81
N GLN O 375 -34.00 11.78 35.06
CA GLN O 375 -35.40 11.93 35.45
C GLN O 375 -35.68 11.20 36.76
N TRP O 376 -35.09 10.01 36.94
CA TRP O 376 -35.26 9.29 38.20
C TRP O 376 -34.64 10.05 39.35
N GLY O 377 -33.48 10.68 39.12
CA GLY O 377 -32.86 11.48 40.17
C GLY O 377 -33.69 12.70 40.54
N LEU O 378 -34.27 13.37 39.54
CA LEU O 378 -35.14 14.51 39.83
C LEU O 378 -36.40 14.07 40.55
N THR O 379 -36.93 12.89 40.21
CA THR O 379 -38.07 12.35 40.94
C THR O 379 -37.71 12.02 42.38
N TRP O 380 -36.49 11.52 42.59
CA TRP O 380 -36.02 11.29 43.95
C TRP O 380 -35.94 12.59 44.75
N THR O 381 -35.42 13.64 44.12
CA THR O 381 -35.35 14.94 44.79
C THR O 381 -36.74 15.47 45.10
N LEU O 382 -37.68 15.29 44.18
CA LEU O 382 -39.05 15.74 44.42
C LEU O 382 -39.69 14.96 45.57
N CYS O 383 -39.45 13.64 45.63
CA CYS O 383 -39.98 12.84 46.72
C CYS O 383 -39.35 13.25 48.05
N GLU O 384 -38.06 13.58 48.05
CA GLU O 384 -37.42 14.05 49.27
C GLU O 384 -37.99 15.39 49.71
N SER O 385 -38.26 16.29 48.76
CA SER O 385 -38.85 17.57 49.12
C SER O 385 -40.29 17.43 49.59
N LEU O 386 -41.01 16.43 49.09
CA LEU O 386 -42.41 16.23 49.46
C LEU O 386 -42.53 15.44 50.76
N TRP O 387 -42.29 14.13 50.70
CA TRP O 387 -42.48 13.29 51.86
C TRP O 387 -41.36 13.49 52.88
N GLY O 388 -40.12 13.57 52.42
CA GLY O 388 -38.98 13.63 53.31
C GLY O 388 -38.87 14.96 54.05
N GLN O 389 -37.89 15.01 54.94
CA GLN O 389 -37.64 16.20 55.74
C GLN O 389 -36.98 17.28 54.88
N LEU O 390 -37.42 18.52 55.09
CA LEU O 390 -36.91 19.65 54.32
C LEU O 390 -35.74 20.30 55.03
N LYS O 391 -34.87 20.94 54.24
CA LYS O 391 -33.72 21.65 54.80
C LYS O 391 -34.14 22.88 55.60
N GLU O 392 -35.32 23.44 55.31
CA GLU O 392 -35.79 24.60 56.08
C GLU O 392 -36.05 24.24 57.53
N LEU O 393 -36.46 23.01 57.80
CA LEU O 393 -36.71 22.61 59.19
C LEU O 393 -35.43 22.60 60.01
N GLU O 394 -34.29 22.27 59.40
CA GLU O 394 -33.01 22.37 60.10
C GLU O 394 -32.47 23.78 60.08
N ALA O 395 -32.79 24.56 59.03
CA ALA O 395 -32.31 25.93 58.98
C ALA O 395 -32.97 26.80 60.05
N SER O 396 -34.27 26.63 60.27
CA SER O 396 -35.01 27.36 61.27
C SER O 396 -35.22 26.48 62.50
N LEU O 397 -36.00 26.99 63.46
CA LEU O 397 -36.29 26.26 64.68
C LEU O 397 -37.54 26.84 65.31
N ASP O 398 -38.28 25.97 66.01
CA ASP O 398 -39.51 26.34 66.72
C ASP O 398 -40.52 26.98 65.76
N GLU O 399 -41.08 26.12 64.90
CA GLU O 399 -42.10 26.53 63.92
C GLU O 399 -43.02 25.36 63.62
N PRO O 400 -43.92 25.03 64.55
CA PRO O 400 -44.85 23.92 64.34
C PRO O 400 -46.18 24.38 63.74
N ASN O 401 -46.10 24.97 62.55
CA ASN O 401 -47.27 25.52 61.87
C ASN O 401 -47.49 24.77 60.56
N GLU O 402 -48.71 24.25 60.38
CA GLU O 402 -49.04 23.55 59.14
C GLU O 402 -48.96 24.48 57.94
N TYR O 403 -49.38 25.74 58.12
CA TYR O 403 -49.27 26.71 57.04
C TYR O 403 -47.81 26.99 56.69
N VAL O 404 -46.95 27.05 57.70
CA VAL O 404 -45.52 27.26 57.44
C VAL O 404 -44.94 26.06 56.70
N LYS O 405 -45.32 24.85 57.10
CA LYS O 405 -44.86 23.66 56.38
C LYS O 405 -45.35 23.65 54.94
N ASN O 406 -46.60 24.08 54.72
CA ASN O 406 -47.15 24.13 53.37
C ASN O 406 -46.40 25.14 52.51
N LEU O 407 -46.12 26.33 53.07
CA LEU O 407 -45.36 27.33 52.33
C LEU O 407 -43.95 26.82 52.03
N GLU O 408 -43.34 26.12 52.99
CA GLU O 408 -41.99 25.59 52.78
C GLU O 408 -41.97 24.56 51.66
N ARG O 409 -42.92 23.63 51.66
CA ARG O 409 -42.95 22.62 50.61
C ARG O 409 -43.34 23.22 49.27
N ARG O 410 -44.17 24.27 49.26
CA ARG O 410 -44.50 24.96 48.02
C ARG O 410 -43.26 25.63 47.42
N LYS O 411 -42.48 26.33 48.26
CA LYS O 411 -41.28 26.96 47.75
C LYS O 411 -40.23 25.93 47.36
N ALA O 412 -40.22 24.76 48.03
CA ALA O 412 -39.32 23.69 47.63
C ALA O 412 -39.70 23.12 46.26
N PHE O 413 -41.00 22.94 46.01
CA PHE O 413 -41.44 22.50 44.70
C PHE O 413 -41.13 23.55 43.64
N SER O 414 -41.25 24.82 43.99
CA SER O 414 -40.90 25.88 43.04
C SER O 414 -39.41 25.87 42.73
N HIS O 415 -38.56 25.67 43.74
CA HIS O 415 -37.13 25.56 43.50
C HIS O 415 -36.79 24.34 42.66
N TRP O 416 -37.50 23.23 42.88
CA TRP O 416 -37.30 22.05 42.05
C TRP O 416 -37.67 22.32 40.60
N LEU O 417 -38.79 23.01 40.38
CA LEU O 417 -39.19 23.37 39.02
C LEU O 417 -38.16 24.28 38.37
N ALA O 418 -37.63 25.24 39.14
CA ALA O 418 -36.61 26.13 38.61
C ALA O 418 -35.34 25.38 38.26
N GLN O 419 -34.95 24.41 39.10
CA GLN O 419 -33.75 23.61 38.80
C GLN O 419 -33.97 22.74 37.57
N THR O 420 -35.18 22.24 37.37
CA THR O 420 -35.46 21.45 36.17
C THR O 420 -35.47 22.33 34.92
N ALA O 421 -35.97 23.56 35.03
CA ALA O 421 -36.05 24.45 33.89
C ALA O 421 -34.74 25.18 33.60
N GLN O 422 -33.78 25.16 34.54
CA GLN O 422 -32.50 25.83 34.30
C GLN O 422 -31.78 25.23 33.10
N GLU O 423 -31.68 23.90 33.05
CA GLU O 423 -31.01 23.26 31.91
C GLU O 423 -31.75 23.52 30.61
N ARG O 424 -33.09 23.46 30.66
CA ARG O 424 -33.88 23.71 29.46
C ARG O 424 -33.63 25.13 28.93
N ILE O 425 -33.65 26.12 29.82
CA ILE O 425 -33.47 27.49 29.37
C ILE O 425 -32.03 27.74 28.93
N GLU O 426 -31.06 27.05 29.53
CA GLU O 426 -29.67 27.26 29.14
C GLU O 426 -29.32 26.56 27.83
N GLU O 427 -30.05 25.52 27.45
CA GLU O 427 -29.89 24.98 26.11
C GLU O 427 -30.81 25.64 25.10
N GLU O 428 -31.82 26.38 25.54
CA GLU O 428 -32.71 27.09 24.63
C GLU O 428 -32.24 28.50 24.31
N VAL O 429 -31.42 29.11 25.16
CA VAL O 429 -30.94 30.46 24.87
C VAL O 429 -30.02 30.45 23.66
N SER O 430 -29.36 29.32 23.38
CA SER O 430 -28.49 29.23 22.21
C SER O 430 -29.26 29.01 20.92
N LEU O 431 -30.51 28.55 21.00
CA LEU O 431 -31.30 28.32 19.79
C LEU O 431 -32.03 29.57 19.35
N TYR O 432 -32.37 30.47 20.27
CA TYR O 432 -33.08 31.70 19.97
C TYR O 432 -32.34 32.87 20.61
N GLY O 433 -31.92 33.83 19.80
CA GLY O 433 -31.15 34.95 20.29
C GLY O 433 -31.77 36.29 19.94
N PRO O 434 -30.98 37.17 19.31
CA PRO O 434 -31.47 38.51 19.00
C PRO O 434 -32.59 38.52 17.97
N GLU O 435 -32.33 37.97 16.78
CA GLU O 435 -33.33 37.95 15.73
C GLU O 435 -34.55 37.10 16.10
N ARG O 436 -34.38 36.12 16.97
CA ARG O 436 -35.47 35.27 17.46
C ARG O 436 -36.04 35.78 18.76
N HIS O 437 -36.26 37.10 18.87
CA HIS O 437 -36.66 37.69 20.14
C HIS O 437 -38.08 37.27 20.52
N ILE O 438 -38.97 37.13 19.54
CA ILE O 438 -40.35 36.74 19.84
C ILE O 438 -40.40 35.36 20.47
N GLU O 439 -39.77 34.38 19.82
CA GLU O 439 -39.75 33.03 20.37
C GLU O 439 -38.93 32.95 21.65
N ALA O 440 -37.90 33.79 21.79
CA ALA O 440 -37.15 33.83 23.05
C ALA O 440 -38.03 34.29 24.20
N VAL O 441 -38.82 35.36 23.97
CA VAL O 441 -39.75 35.83 25.00
C VAL O 441 -40.82 34.78 25.28
N PHE O 442 -41.28 34.09 24.25
CA PHE O 442 -42.26 33.02 24.44
C PHE O 442 -41.70 31.91 25.33
N SER O 443 -40.46 31.50 25.05
CA SER O 443 -39.83 30.45 25.86
C SER O 443 -39.60 30.93 27.29
N TYR O 444 -39.20 32.19 27.46
CA TYR O 444 -39.01 32.73 28.81
C TYR O 444 -40.32 32.75 29.59
N LEU O 445 -41.41 33.12 28.92
CA LEU O 445 -42.71 33.16 29.59
C LEU O 445 -43.20 31.77 29.93
N THR O 446 -42.96 30.80 29.04
CA THR O 446 -43.38 29.43 29.32
C THR O 446 -42.54 28.79 30.42
N GLY O 447 -41.27 29.20 30.55
CA GLY O 447 -40.43 28.66 31.60
C GLY O 447 -40.66 29.29 32.95
N GLY O 448 -40.81 30.61 33.00
CA GLY O 448 -41.05 31.29 34.26
C GLY O 448 -39.77 31.79 34.92
N ARG O 449 -38.83 32.30 34.13
CA ARG O 449 -37.58 32.82 34.63
C ARG O 449 -37.68 34.33 34.85
N ILE O 450 -36.73 34.86 35.61
CA ILE O 450 -36.76 36.28 35.98
C ILE O 450 -35.39 36.91 35.73
N SER O 451 -34.34 36.31 36.29
CA SER O 451 -33.00 36.90 36.28
C SER O 451 -32.48 37.15 34.87
N ASP O 452 -32.06 36.10 34.17
CA ASP O 452 -31.47 36.26 32.84
C ASP O 452 -32.47 36.80 31.84
N ALA O 453 -33.76 36.49 32.02
CA ALA O 453 -34.78 37.03 31.14
C ALA O 453 -34.83 38.55 31.20
N CYS O 454 -34.95 39.10 32.42
CA CYS O 454 -34.94 40.55 32.59
C CYS O 454 -33.60 41.15 32.18
N ARG O 455 -32.50 40.43 32.40
CA ARG O 455 -31.20 40.94 31.98
C ARG O 455 -31.15 41.12 30.46
N LEU O 456 -31.56 40.08 29.72
CA LEU O 456 -31.57 40.19 28.26
C LEU O 456 -32.57 41.23 27.79
N ALA O 457 -33.71 41.36 28.48
CA ALA O 457 -34.70 42.36 28.10
C ALA O 457 -34.14 43.77 28.25
N GLN O 458 -33.50 44.05 29.38
CA GLN O 458 -32.93 45.38 29.59
C GLN O 458 -31.68 45.62 28.75
N LYS O 459 -31.00 44.55 28.31
CA LYS O 459 -29.87 44.73 27.42
C LYS O 459 -30.31 45.00 25.99
N SER O 460 -31.41 44.38 25.56
CA SER O 460 -31.91 44.62 24.20
C SER O 460 -32.67 45.94 24.12
N GLY O 461 -33.73 46.09 24.91
CA GLY O 461 -34.52 47.31 24.90
C GLY O 461 -35.97 47.08 25.27
N ASP O 462 -36.24 46.00 26.00
CA ASP O 462 -37.59 45.65 26.43
C ASP O 462 -37.76 46.11 27.87
N HIS O 463 -38.33 47.31 28.05
CA HIS O 463 -38.57 47.85 29.38
C HIS O 463 -39.96 47.52 29.90
N ARG O 464 -40.93 47.33 29.00
CA ARG O 464 -42.29 47.02 29.44
C ARG O 464 -42.35 45.71 30.20
N LEU O 465 -41.73 44.66 29.66
CA LEU O 465 -41.72 43.37 30.34
C LEU O 465 -40.91 43.44 31.63
N SER O 466 -39.81 44.19 31.62
CA SER O 466 -38.99 44.32 32.82
C SER O 466 -39.77 45.01 33.94
N LEU O 467 -40.61 45.99 33.59
CA LEU O 467 -41.42 46.66 34.60
C LEU O 467 -42.62 45.81 35.01
N LEU O 468 -43.16 45.00 34.10
CA LEU O 468 -44.35 44.21 34.39
C LEU O 468 -44.04 42.90 35.09
N LEU O 469 -42.79 42.45 35.10
CA LEU O 469 -42.45 41.20 35.76
C LEU O 469 -42.77 41.27 37.26
N SER O 470 -42.43 42.38 37.90
CA SER O 470 -42.69 42.52 39.33
C SER O 470 -44.19 42.58 39.61
N GLN O 471 -44.95 43.23 38.72
CA GLN O 471 -46.40 43.27 38.90
C GLN O 471 -47.05 41.92 38.66
N MET O 472 -46.44 41.10 37.80
CA MET O 472 -46.96 39.76 37.56
C MET O 472 -46.64 38.82 38.73
N VAL O 473 -45.44 38.95 39.30
CA VAL O 473 -45.08 38.17 40.48
C VAL O 473 -45.99 38.59 41.63
N GLY O 474 -47.07 37.83 41.85
CA GLY O 474 -48.05 38.17 42.85
C GLY O 474 -49.02 39.23 42.36
N SER O 475 -50.08 39.44 43.17
CA SER O 475 -51.11 40.43 42.90
C SER O 475 -51.82 40.18 41.57
N GLN O 476 -52.95 39.47 41.63
CA GLN O 476 -53.73 39.16 40.44
C GLN O 476 -54.60 40.32 39.97
N GLU O 477 -54.46 41.50 40.59
CA GLU O 477 -55.26 42.65 40.18
C GLU O 477 -54.90 43.09 38.75
N VAL O 478 -53.60 43.09 38.43
CA VAL O 478 -53.18 43.45 37.08
C VAL O 478 -53.67 42.43 36.07
N ARG O 479 -53.67 41.15 36.45
CA ARG O 479 -54.19 40.11 35.55
C ARG O 479 -55.68 40.31 35.31
N ASP O 480 -56.44 40.61 36.36
CA ASP O 480 -57.87 40.85 36.18
C ASP O 480 -58.12 42.09 35.33
N LEU O 481 -57.31 43.13 35.51
CA LEU O 481 -57.46 44.34 34.70
C LEU O 481 -57.16 44.06 33.24
N ILE O 482 -56.12 43.26 32.97
CA ILE O 482 -55.79 42.94 31.58
C ILE O 482 -56.87 42.05 30.97
N THR O 483 -57.45 41.14 31.76
CA THR O 483 -58.55 40.32 31.26
C THR O 483 -59.77 41.18 30.94
N LEU O 484 -60.07 42.17 31.79
CA LEU O 484 -61.19 43.06 31.52
C LEU O 484 -60.93 43.91 30.28
N GLN O 485 -59.68 44.35 30.09
CA GLN O 485 -59.33 45.10 28.88
C GLN O 485 -59.48 44.24 27.64
N LEU O 486 -59.09 42.97 27.72
CA LEU O 486 -59.25 42.06 26.59
C LEU O 486 -60.72 41.82 26.29
N VAL O 487 -61.54 41.70 27.33
CA VAL O 487 -62.98 41.53 27.12
C VAL O 487 -63.58 42.77 26.46
N ASP O 488 -63.15 43.96 26.91
CA ASP O 488 -63.64 45.19 26.30
C ASP O 488 -63.21 45.29 24.85
N TRP O 489 -61.99 44.87 24.54
CA TRP O 489 -61.52 44.88 23.14
C TRP O 489 -62.32 43.91 22.29
N ASN O 490 -62.58 42.71 22.81
CA ASN O 490 -63.39 41.74 22.08
C ASN O 490 -64.82 42.25 21.86
N LYS O 491 -65.35 43.01 22.82
CA LYS O 491 -66.68 43.59 22.64
C LYS O 491 -66.66 44.71 21.61
N LEU O 492 -65.61 45.54 21.63
CA LEU O 492 -65.47 46.60 20.64
C LEU O 492 -65.07 46.08 19.27
N GLN O 493 -64.73 44.79 19.15
CA GLN O 493 -64.43 44.16 17.87
C GLN O 493 -63.19 44.77 17.22
N VAL O 494 -62.07 44.75 17.96
CA VAL O 494 -60.79 45.21 17.43
C VAL O 494 -59.77 44.08 17.33
N ASP O 495 -60.08 42.89 17.84
CA ASP O 495 -59.16 41.77 17.75
C ASP O 495 -58.99 41.27 16.31
N HIS O 496 -59.92 41.59 15.41
CA HIS O 496 -59.76 41.22 14.02
C HIS O 496 -58.59 41.95 13.38
N TYR O 497 -58.28 43.16 13.86
CA TYR O 497 -57.14 43.93 13.37
C TYR O 497 -55.92 43.83 14.27
N ILE O 498 -56.11 43.61 15.57
CA ILE O 498 -55.00 43.43 16.48
C ILE O 498 -54.33 42.09 16.18
N GLN O 499 -53.01 42.12 15.99
CA GLN O 499 -52.27 40.91 15.68
C GLN O 499 -52.30 39.94 16.86
N GLU O 500 -52.04 38.66 16.55
CA GLU O 500 -52.08 37.62 17.56
C GLU O 500 -50.91 37.68 18.53
N GLU O 501 -49.90 38.50 18.26
CA GLU O 501 -48.74 38.57 19.14
C GLU O 501 -49.12 39.10 20.51
N ARG O 502 -49.77 40.26 20.55
CA ARG O 502 -50.16 40.86 21.83
C ARG O 502 -51.19 39.99 22.54
N LEU O 503 -52.13 39.41 21.79
CA LEU O 503 -53.13 38.55 22.40
C LEU O 503 -52.49 37.32 23.04
N ARG O 504 -51.53 36.70 22.35
CA ARG O 504 -50.90 35.50 22.90
C ARG O 504 -49.97 35.83 24.07
N VAL O 505 -49.28 36.97 24.04
CA VAL O 505 -48.45 37.31 25.19
C VAL O 505 -49.31 37.68 26.38
N PHE O 506 -50.47 38.31 26.15
CA PHE O 506 -51.39 38.58 27.26
C PHE O 506 -51.97 37.28 27.82
N CYS O 507 -52.26 36.31 26.94
CA CYS O 507 -52.73 35.01 27.41
C CYS O 507 -51.67 34.29 28.23
N LEU O 508 -50.42 34.33 27.78
CA LEU O 508 -49.34 33.72 28.55
C LEU O 508 -49.12 34.44 29.88
N LEU O 509 -49.31 35.76 29.89
CA LEU O 509 -49.19 36.51 31.14
C LEU O 509 -50.30 36.13 32.12
N SER O 510 -51.53 35.97 31.61
CA SER O 510 -52.64 35.61 32.47
C SER O 510 -52.52 34.18 32.98
N GLY O 511 -52.04 33.27 32.13
CA GLY O 511 -51.87 31.88 32.51
C GLY O 511 -52.67 30.90 31.68
N THR O 512 -53.66 31.35 30.91
CA THR O 512 -54.45 30.43 30.11
C THR O 512 -53.69 30.02 28.86
N PRO O 513 -53.76 28.74 28.47
CA PRO O 513 -53.09 28.31 27.24
C PRO O 513 -53.82 28.75 25.98
N VAL O 514 -55.14 28.57 25.96
CA VAL O 514 -55.97 28.92 24.82
C VAL O 514 -57.07 29.87 25.29
N TRP O 515 -57.31 30.92 24.51
CA TRP O 515 -58.35 31.90 24.77
C TRP O 515 -59.33 31.92 23.62
N ARG O 516 -60.62 31.82 23.95
CA ARG O 516 -61.69 31.81 22.96
C ARG O 516 -62.47 33.12 23.04
N SER O 517 -62.61 33.80 21.91
CA SER O 517 -63.34 35.05 21.83
C SER O 517 -64.76 34.81 21.32
N SER O 518 -65.54 35.88 21.30
CA SER O 518 -66.93 35.82 20.84
C SER O 518 -67.04 35.92 19.32
N ASP O 519 -65.93 35.96 18.59
CA ASP O 519 -65.93 36.06 17.14
C ASP O 519 -65.24 34.85 16.49
N ASN O 520 -65.35 33.69 17.14
CA ASN O 520 -64.74 32.45 16.65
C ASN O 520 -63.24 32.61 16.47
N ARG O 521 -62.59 33.20 17.49
CA ARG O 521 -61.15 33.43 17.49
C ARG O 521 -60.53 32.63 18.62
N SER O 522 -59.65 31.70 18.28
CA SER O 522 -58.97 30.85 19.25
C SER O 522 -57.49 31.19 19.23
N ILE O 523 -57.01 31.87 20.26
CA ILE O 523 -55.60 32.25 20.38
C ILE O 523 -54.93 31.29 21.33
N ASN O 524 -54.01 30.47 20.81
CA ASN O 524 -53.30 29.47 21.59
C ASN O 524 -51.84 29.86 21.73
N VAL O 525 -51.26 29.60 22.90
CA VAL O 525 -49.87 29.90 23.18
C VAL O 525 -49.02 28.64 23.20
N CYS O 526 -49.62 27.47 22.94
CA CYS O 526 -48.93 26.18 22.90
C CYS O 526 -48.23 25.91 24.24
N SER O 527 -49.04 25.47 25.21
CA SER O 527 -48.55 25.10 26.53
C SER O 527 -48.38 23.60 26.70
N GLN O 528 -48.50 22.83 25.61
CA GLN O 528 -48.36 21.38 25.65
C GLN O 528 -46.93 20.92 25.43
N LEU O 529 -45.95 21.79 25.70
CA LEU O 529 -44.54 21.43 25.51
C LEU O 529 -44.09 20.46 26.60
N ASP O 530 -43.76 21.00 27.77
CA ASP O 530 -43.30 20.20 28.89
C ASP O 530 -44.35 20.25 30.01
N TRP O 531 -44.67 19.08 30.56
CA TRP O 531 -45.68 19.03 31.63
C TRP O 531 -45.20 19.75 32.88
N LYS O 532 -43.89 19.74 33.16
CA LYS O 532 -43.37 20.47 34.31
C LYS O 532 -43.62 21.96 34.18
N ARG O 533 -43.27 22.53 33.02
CA ARG O 533 -43.51 23.96 32.79
C ARG O 533 -45.00 24.27 32.76
N THR O 534 -45.81 23.36 32.22
CA THR O 534 -47.25 23.57 32.20
C THR O 534 -47.81 23.64 33.61
N LEU O 535 -47.41 22.71 34.47
CA LEU O 535 -47.87 22.73 35.87
C LEU O 535 -47.35 23.95 36.59
N GLY O 536 -46.12 24.37 36.32
CA GLY O 536 -45.59 25.57 36.94
C GLY O 536 -46.37 26.81 36.55
N ILE O 537 -46.71 26.95 35.27
CA ILE O 537 -47.49 28.08 34.81
C ILE O 537 -48.90 28.03 35.42
N HIS O 538 -49.50 26.84 35.46
CA HIS O 538 -50.83 26.71 36.04
C HIS O 538 -50.84 27.05 37.53
N LEU O 539 -49.75 26.76 38.23
CA LEU O 539 -49.67 27.08 39.65
C LEU O 539 -49.35 28.54 39.90
N TRP O 540 -48.58 29.17 39.01
CA TRP O 540 -48.14 30.56 39.23
C TRP O 540 -49.16 31.54 38.65
N TYR O 541 -49.32 31.55 37.33
CA TYR O 541 -50.15 32.58 36.69
C TYR O 541 -51.62 32.22 36.71
N MET O 542 -51.96 30.98 36.36
CA MET O 542 -53.36 30.56 36.30
C MET O 542 -53.99 30.54 37.69
N LEU O 543 -53.70 29.50 38.46
CA LEU O 543 -54.25 29.41 39.80
C LEU O 543 -53.54 30.40 40.73
N PRO O 544 -54.25 30.93 41.72
CA PRO O 544 -53.64 31.87 42.67
C PRO O 544 -52.58 31.18 43.50
N PRO O 545 -51.60 31.94 44.02
CA PRO O 545 -50.54 31.32 44.83
C PRO O 545 -51.02 30.76 46.17
N THR O 546 -52.27 31.03 46.56
CA THR O 546 -52.82 30.52 47.81
C THR O 546 -53.44 29.13 47.65
N ALA O 547 -53.16 28.44 46.55
CA ALA O 547 -53.69 27.11 46.30
C ALA O 547 -52.60 26.07 46.54
N THR O 548 -52.98 24.98 47.20
CA THR O 548 -52.03 23.92 47.51
C THR O 548 -51.66 23.13 46.25
N VAL O 549 -50.59 22.35 46.36
CA VAL O 549 -50.15 21.53 45.24
C VAL O 549 -51.17 20.45 44.93
N ALA O 550 -51.90 19.97 45.93
CA ALA O 550 -52.95 18.98 45.68
C ALA O 550 -54.05 19.57 44.81
N GLN O 551 -54.54 20.76 45.19
CA GLN O 551 -55.54 21.42 44.36
C GLN O 551 -55.01 21.78 42.99
N ALA O 552 -53.72 22.14 42.91
CA ALA O 552 -53.12 22.46 41.61
C ALA O 552 -53.10 21.25 40.69
N LEU O 553 -52.67 20.09 41.20
CA LEU O 553 -52.65 18.89 40.38
C LEU O 553 -54.06 18.41 40.06
N HIS O 554 -55.01 18.62 40.98
CA HIS O 554 -56.40 18.27 40.68
C HIS O 554 -56.95 19.13 39.55
N MET O 555 -56.65 20.43 39.57
CA MET O 555 -57.09 21.31 38.49
C MET O 555 -56.40 20.93 37.18
N TYR O 556 -55.12 20.56 37.24
CA TYR O 556 -54.42 20.13 36.04
C TYR O 556 -55.03 18.86 35.46
N GLU O 557 -55.42 17.92 36.34
CA GLU O 557 -56.05 16.69 35.87
C GLU O 557 -57.41 16.97 35.26
N GLN O 558 -58.20 17.85 35.90
CA GLN O 558 -59.48 18.24 35.30
C GLN O 558 -59.28 18.99 33.99
N ALA O 559 -58.14 19.65 33.83
CA ALA O 559 -57.85 20.36 32.59
C ALA O 559 -57.54 19.39 31.46
N PHE O 560 -56.54 18.52 31.65
CA PHE O 560 -56.18 17.60 30.58
C PHE O 560 -57.05 16.34 30.55
N GLN O 561 -58.12 16.28 31.33
CA GLN O 561 -59.04 15.17 31.28
C GLN O 561 -60.41 15.72 30.90
N GLU O 562 -61.36 15.79 31.83
CA GLU O 562 -62.68 16.32 31.53
C GLU O 562 -63.34 16.77 32.83
N GLN O 563 -64.11 17.85 32.75
CA GLN O 563 -64.84 18.40 33.89
C GLN O 563 -66.34 18.22 33.76
N GLU O 564 -66.90 18.52 32.59
CA GLU O 564 -68.33 18.37 32.35
C GLU O 564 -68.63 17.69 31.01
N GLY O 565 -67.62 17.12 30.36
CA GLY O 565 -67.82 16.47 29.07
C GLY O 565 -67.34 17.32 27.91
N GLY O 566 -66.18 17.95 28.06
CA GLY O 566 -65.64 18.79 27.02
C GLY O 566 -64.36 18.26 26.41
N GLU O 567 -63.41 19.15 26.13
CA GLU O 567 -62.16 18.78 25.52
C GLU O 567 -60.99 19.14 26.44
N PRO O 568 -59.93 18.33 26.46
CA PRO O 568 -58.77 18.66 27.30
C PRO O 568 -58.01 19.85 26.73
N TYR O 569 -57.74 20.83 27.61
CA TYR O 569 -57.05 22.05 27.24
C TYR O 569 -55.63 22.07 27.81
N ALA O 570 -54.97 20.92 27.85
CA ALA O 570 -53.61 20.83 28.38
C ALA O 570 -52.93 19.65 27.69
N CYS O 571 -51.92 19.08 28.35
CA CYS O 571 -51.15 17.97 27.81
C CYS O 571 -51.16 16.81 28.80
N TYR O 572 -50.82 15.61 28.29
CA TYR O 572 -50.77 14.42 29.10
C TYR O 572 -49.33 14.05 29.41
N PRO O 573 -49.00 13.77 30.67
CA PRO O 573 -47.62 13.41 31.01
C PRO O 573 -47.22 12.08 30.39
N LEU O 574 -46.11 12.09 29.66
CA LEU O 574 -45.58 10.92 28.99
C LEU O 574 -44.08 10.88 29.17
N PRO O 575 -43.46 9.71 29.04
CA PRO O 575 -42.01 9.64 29.15
C PRO O 575 -41.35 10.53 28.13
N PRO O 576 -40.16 11.07 28.44
CA PRO O 576 -39.47 11.95 27.48
C PRO O 576 -39.09 11.24 26.20
N TYR O 577 -38.61 9.99 26.28
CA TYR O 577 -38.33 9.22 25.08
C TYR O 577 -39.61 8.80 24.37
N LEU O 578 -40.76 8.85 25.05
CA LEU O 578 -42.02 8.52 24.40
C LEU O 578 -42.61 9.73 23.66
N GLU O 579 -42.36 10.94 24.15
CA GLU O 579 -42.79 12.12 23.41
C GLU O 579 -42.06 12.29 22.09
N ASP O 580 -40.92 11.62 21.91
CA ASP O 580 -40.19 11.72 20.65
C ASP O 580 -40.95 11.06 19.51
N CYS O 581 -41.58 9.92 19.77
CA CYS O 581 -42.37 9.23 18.76
C CYS O 581 -43.83 9.64 18.85
N GLY O 582 -44.47 9.75 17.69
CA GLY O 582 -45.86 10.16 17.66
C GLY O 582 -46.82 9.00 17.87
N PHE O 583 -47.94 9.30 18.52
CA PHE O 583 -48.99 8.32 18.79
C PHE O 583 -50.34 8.91 18.43
N SER O 584 -51.26 8.02 18.07
CA SER O 584 -52.61 8.43 17.63
C SER O 584 -53.38 8.97 18.82
N PHE O 585 -53.31 10.29 19.03
CA PHE O 585 -54.05 10.96 20.09
C PHE O 585 -54.92 12.04 19.49
N GLY O 586 -55.98 12.40 20.24
CA GLY O 586 -56.90 13.44 19.82
C GLY O 586 -57.31 14.30 20.99
N ASP O 587 -58.25 15.21 20.71
CA ASP O 587 -58.78 16.12 21.72
C ASP O 587 -60.02 15.58 22.41
N ASP O 588 -60.12 14.26 22.56
CA ASP O 588 -61.27 13.63 23.21
C ASP O 588 -60.91 13.18 24.62
N PRO O 589 -61.84 13.24 25.57
CA PRO O 589 -61.55 12.79 26.93
C PRO O 589 -61.35 11.29 27.05
N SER O 590 -61.82 10.51 26.08
CA SER O 590 -61.65 9.06 26.10
C SER O 590 -60.31 8.61 25.53
N ALA O 591 -59.43 9.54 25.15
CA ALA O 591 -58.13 9.21 24.60
C ALA O 591 -57.01 9.30 25.63
N LYS O 592 -57.34 9.61 26.89
CA LYS O 592 -56.34 9.73 27.94
C LYS O 592 -56.25 8.49 28.82
N PHE O 593 -57.37 7.78 29.03
CA PHE O 593 -57.36 6.58 29.85
C PHE O 593 -56.79 5.36 29.13
N ILE O 594 -56.61 5.44 27.82
CA ILE O 594 -56.04 4.31 27.09
C ILE O 594 -54.55 4.18 27.37
N SER O 595 -53.83 5.29 27.36
CA SER O 595 -52.39 5.30 27.64
C SER O 595 -52.19 5.45 29.14
N LEU O 596 -52.04 4.32 29.82
CA LEU O 596 -51.85 4.32 31.27
C LEU O 596 -50.41 4.58 31.69
N GLN O 597 -49.52 4.86 30.75
CA GLN O 597 -48.12 5.13 31.06
C GLN O 597 -47.95 6.60 31.39
N ARG O 598 -48.15 6.93 32.66
CA ARG O 598 -48.01 8.29 33.16
C ARG O 598 -46.65 8.47 33.83
N ASP O 599 -46.28 9.72 34.04
CA ASP O 599 -44.97 10.03 34.62
C ASP O 599 -44.93 9.63 36.09
N VAL O 600 -43.77 9.14 36.52
CA VAL O 600 -43.60 8.74 37.92
C VAL O 600 -43.69 9.95 38.85
N CYS O 601 -43.27 11.13 38.37
CA CYS O 601 -43.40 12.32 39.18
C CYS O 601 -44.88 12.65 39.43
N VAL O 602 -45.71 12.56 38.38
CA VAL O 602 -47.14 12.82 38.55
C VAL O 602 -47.76 11.73 39.42
N HIS O 603 -47.29 10.49 39.29
CA HIS O 603 -47.77 9.41 40.15
C HIS O 603 -47.49 9.73 41.62
N LEU O 604 -46.26 10.14 41.92
CA LEU O 604 -45.89 10.47 43.30
C LEU O 604 -46.67 11.68 43.80
N LEU O 605 -46.90 12.67 42.93
CA LEU O 605 -47.69 13.83 43.32
C LEU O 605 -49.12 13.44 43.66
N LYS O 606 -49.73 12.58 42.85
CA LYS O 606 -51.08 12.12 43.13
C LYS O 606 -51.13 11.29 44.40
N LEU O 607 -50.10 10.47 44.64
CA LEU O 607 -50.06 9.67 45.86
C LEU O 607 -49.92 10.55 47.10
N TYR O 608 -49.12 11.62 47.00
CA TYR O 608 -49.00 12.55 48.12
C TYR O 608 -50.26 13.36 48.32
N SER O 609 -50.99 13.66 47.24
CA SER O 609 -52.22 14.43 47.38
C SER O 609 -53.33 13.57 48.01
N GLU O 610 -53.50 12.34 47.53
CA GLU O 610 -54.54 11.46 48.05
C GLU O 610 -53.94 10.07 48.26
N ARG O 611 -54.21 9.50 49.43
CA ARG O 611 -53.71 8.16 49.75
C ARG O 611 -54.53 7.05 49.12
N GLN O 612 -55.72 7.36 48.59
CA GLN O 612 -56.58 6.37 47.95
C GLN O 612 -56.31 6.22 46.47
N TYR O 613 -55.04 6.23 46.07
CA TYR O 613 -54.68 6.09 44.66
C TYR O 613 -54.77 4.62 44.24
N ASP O 614 -55.34 4.40 43.04
CA ASP O 614 -55.47 3.05 42.53
C ASP O 614 -54.14 2.56 41.99
N LEU O 615 -53.74 1.35 42.41
CA LEU O 615 -52.48 0.76 41.97
C LEU O 615 -52.68 0.02 40.65
N CYS O 616 -51.93 -1.07 40.45
CA CYS O 616 -52.00 -1.91 39.26
C CYS O 616 -51.54 -1.20 37.99
N GLN O 617 -50.90 -0.05 38.12
CA GLN O 617 -50.31 0.62 36.97
C GLN O 617 -49.08 1.42 37.38
N LEU O 618 -48.88 1.58 38.70
CA LEU O 618 -47.72 2.31 39.19
C LEU O 618 -46.43 1.52 39.04
N LEU O 619 -46.53 0.19 38.90
CA LEU O 619 -45.35 -0.67 38.74
C LEU O 619 -45.27 -1.08 37.27
N ASP O 620 -44.51 -0.30 36.49
CA ASP O 620 -44.31 -0.57 35.07
C ASP O 620 -43.11 0.20 34.59
N PRO O 621 -42.20 -0.41 33.83
CA PRO O 621 -41.09 0.36 33.24
C PRO O 621 -41.54 1.36 32.19
N SER O 622 -42.77 1.25 31.68
CA SER O 622 -43.28 2.17 30.68
C SER O 622 -43.65 3.53 31.26
N SER O 623 -43.63 3.69 32.59
CA SER O 623 -43.94 4.97 33.20
C SER O 623 -42.88 6.02 32.93
N ALA O 624 -41.67 5.61 32.54
CA ALA O 624 -40.60 6.55 32.26
C ALA O 624 -39.67 6.09 31.14
N THR O 625 -39.88 4.91 30.56
CA THR O 625 -39.05 4.38 29.49
C THR O 625 -39.93 3.59 28.54
N PRO O 626 -39.92 3.93 27.25
CA PRO O 626 -40.77 3.18 26.30
C PRO O 626 -40.38 1.72 26.15
N ASP O 627 -39.13 1.37 26.47
CA ASP O 627 -38.69 -0.02 26.38
C ASP O 627 -38.84 -0.70 27.75
N PRO O 628 -39.44 -1.89 27.80
CA PRO O 628 -39.61 -2.56 29.09
C PRO O 628 -38.30 -3.10 29.64
N LEU O 629 -37.45 -2.21 30.15
CA LEU O 629 -36.15 -2.58 30.69
C LEU O 629 -35.93 -1.86 32.01
N ASP O 630 -34.94 -2.35 32.77
CA ASP O 630 -34.53 -1.75 34.03
C ASP O 630 -35.66 -1.69 35.04
N TYR O 631 -35.78 -2.72 35.88
CA TYR O 631 -36.76 -2.74 36.95
C TYR O 631 -36.31 -1.98 38.19
N ARG O 632 -35.23 -1.20 38.08
CA ARG O 632 -34.76 -0.42 39.22
C ARG O 632 -35.80 0.58 39.67
N LEU O 633 -36.49 1.23 38.72
CA LEU O 633 -37.53 2.19 39.08
C LEU O 633 -38.67 1.52 39.84
N SER O 634 -39.10 0.34 39.37
CA SER O 634 -40.17 -0.38 40.06
C SER O 634 -39.74 -0.80 41.46
N TRP O 635 -38.50 -1.30 41.59
CA TRP O 635 -38.02 -1.73 42.90
C TRP O 635 -37.90 -0.55 43.85
N HIS O 636 -37.44 0.61 43.35
CA HIS O 636 -37.30 1.78 44.19
C HIS O 636 -38.66 2.34 44.59
N MET O 637 -39.64 2.32 43.68
CA MET O 637 -40.99 2.74 44.04
C MET O 637 -41.59 1.80 45.08
N TRP O 638 -41.35 0.49 44.94
CA TRP O 638 -41.86 -0.45 45.93
C TRP O 638 -41.23 -0.22 47.30
N MET O 639 -39.92 0.02 47.33
CA MET O 639 -39.27 0.26 48.62
C MET O 639 -39.69 1.60 49.21
N VAL O 640 -39.98 2.59 48.37
CA VAL O 640 -40.50 3.86 48.88
C VAL O 640 -41.89 3.68 49.48
N LEU O 641 -42.73 2.89 48.82
CA LEU O 641 -44.05 2.61 49.37
C LEU O 641 -43.96 1.85 50.69
N GLN O 642 -43.04 0.89 50.77
CA GLN O 642 -42.86 0.14 52.01
C GLN O 642 -42.35 1.04 53.14
N ALA O 643 -41.47 1.99 52.82
CA ALA O 643 -41.00 2.95 53.81
C ALA O 643 -42.10 3.88 54.26
N LEU O 644 -42.95 4.31 53.32
CA LEU O 644 -44.08 5.17 53.67
C LEU O 644 -45.22 4.40 54.33
N ASN O 645 -45.15 3.06 54.35
CA ASN O 645 -46.12 2.22 55.03
C ASN O 645 -47.50 2.33 54.41
N TYR O 646 -47.55 2.36 53.08
CA TYR O 646 -48.80 2.35 52.32
C TYR O 646 -48.85 1.14 51.40
N THR O 647 -48.30 0.03 51.86
CA THR O 647 -48.22 -1.17 51.04
C THR O 647 -49.58 -1.86 50.95
N HIS O 648 -49.95 -2.23 49.73
CA HIS O 648 -51.19 -2.97 49.50
C HIS O 648 -51.08 -4.01 48.40
N LEU O 649 -49.92 -4.18 47.78
CA LEU O 649 -49.76 -5.18 46.73
C LEU O 649 -49.74 -6.58 47.32
N SER O 650 -50.17 -7.54 46.52
CA SER O 650 -50.22 -8.93 46.97
C SER O 650 -48.80 -9.48 47.19
N GLY O 651 -48.69 -10.39 48.15
CA GLY O 651 -47.40 -11.00 48.42
C GLY O 651 -46.87 -11.79 47.24
N HIS O 652 -47.78 -12.41 46.48
CA HIS O 652 -47.37 -13.12 45.28
C HIS O 652 -46.77 -12.18 44.25
N ARG O 653 -47.40 -11.02 44.06
CA ARG O 653 -46.87 -10.01 43.13
C ARG O 653 -45.53 -9.48 43.62
N GLN O 654 -45.39 -9.26 44.93
CA GLN O 654 -44.12 -8.80 45.48
C GLN O 654 -43.02 -9.83 45.25
N GLY O 655 -43.33 -11.11 45.48
CA GLY O 655 -42.34 -12.15 45.23
C GLY O 655 -41.97 -12.25 43.77
N MET O 656 -42.94 -12.10 42.87
CA MET O 656 -42.64 -12.13 41.44
C MET O 656 -41.75 -10.97 41.04
N LEU O 657 -42.04 -9.77 41.56
CA LEU O 657 -41.19 -8.61 41.26
C LEU O 657 -39.79 -8.80 41.81
N HIS O 658 -39.67 -9.34 43.01
CA HIS O 658 -38.35 -9.59 43.59
C HIS O 658 -37.57 -10.62 42.78
N ALA O 659 -38.25 -11.67 42.33
CA ALA O 659 -37.59 -12.67 41.50
C ALA O 659 -37.14 -12.08 40.16
N SER O 660 -37.97 -11.23 39.56
CA SER O 660 -37.58 -10.59 38.31
C SER O 660 -36.37 -9.68 38.51
N TYR O 661 -36.36 -8.92 39.61
CA TYR O 661 -35.23 -8.05 39.88
C TYR O 661 -33.96 -8.85 40.15
N ALA O 662 -34.08 -9.96 40.88
CA ALA O 662 -32.92 -10.81 41.13
C ALA O 662 -32.40 -11.43 39.85
N ALA O 663 -33.30 -11.84 38.95
CA ALA O 663 -32.87 -12.38 37.66
C ALA O 663 -32.17 -11.31 36.83
N GLN O 664 -32.70 -10.09 36.81
CA GLN O 664 -32.04 -9.00 36.09
C GLN O 664 -30.66 -8.72 36.66
N LEU O 665 -30.55 -8.74 38.00
CA LEU O 665 -29.26 -8.47 38.63
C LEU O 665 -28.24 -9.57 38.31
N GLU O 666 -28.66 -10.84 38.40
CA GLU O 666 -27.76 -11.94 38.07
C GLU O 666 -27.43 -12.00 36.59
N ASN O 667 -28.26 -11.41 35.73
CA ASN O 667 -27.95 -11.35 34.31
C ASN O 667 -26.98 -10.22 34.00
N VAL O 668 -27.13 -9.07 34.66
CA VAL O 668 -26.22 -7.96 34.42
C VAL O 668 -24.90 -8.11 35.17
N GLY O 669 -24.86 -8.96 36.18
CA GLY O 669 -23.61 -9.22 36.88
C GLY O 669 -23.61 -8.81 38.34
N LEU O 670 -24.55 -9.35 39.12
CA LEU O 670 -24.64 -9.08 40.55
C LEU O 670 -24.77 -10.40 41.29
N TRP O 671 -24.00 -10.54 42.38
CA TRP O 671 -24.01 -11.77 43.16
C TRP O 671 -24.55 -11.55 44.56
N GLU O 672 -23.75 -10.94 45.43
CA GLU O 672 -24.19 -10.72 46.81
C GLU O 672 -25.36 -9.74 46.86
N TRP O 673 -25.39 -8.77 45.95
CA TRP O 673 -26.50 -7.81 45.93
C TRP O 673 -27.77 -8.46 45.40
N ALA O 674 -27.64 -9.33 44.39
CA ALA O 674 -28.80 -10.09 43.91
C ALA O 674 -29.31 -11.03 44.99
N ILE O 675 -28.41 -11.57 45.81
CA ILE O 675 -28.84 -12.42 46.92
C ILE O 675 -29.69 -11.62 47.90
N PHE O 676 -29.23 -10.41 48.26
CA PHE O 676 -30.01 -9.56 49.15
C PHE O 676 -31.33 -9.16 48.52
N VAL O 677 -31.35 -8.96 47.20
CA VAL O 677 -32.58 -8.61 46.51
C VAL O 677 -33.60 -9.75 46.59
N LEU O 678 -33.15 -10.97 46.30
CA LEU O 678 -34.06 -12.11 46.34
C LEU O 678 -34.41 -12.52 47.76
N LEU O 679 -33.63 -12.09 48.75
CA LEU O 679 -33.93 -12.36 50.16
C LEU O 679 -34.98 -11.35 50.65
N HIS O 680 -36.17 -11.46 50.08
CA HIS O 680 -37.28 -10.56 50.41
C HIS O 680 -38.59 -11.32 50.25
N ILE O 681 -38.71 -12.45 50.95
CA ILE O 681 -39.92 -13.28 50.90
C ILE O 681 -40.03 -14.04 52.21
N GLN O 682 -41.26 -14.47 52.52
CA GLN O 682 -41.52 -15.21 53.75
C GLN O 682 -41.39 -16.72 53.56
N ASP O 683 -41.52 -17.22 52.35
CA ASP O 683 -41.39 -18.65 52.10
C ASP O 683 -39.93 -19.05 52.17
N PRO O 684 -39.54 -19.97 53.06
CA PRO O 684 -38.12 -20.30 53.20
C PRO O 684 -37.64 -21.30 52.16
N HIS O 685 -38.53 -22.17 51.69
CA HIS O 685 -38.13 -23.24 50.78
C HIS O 685 -37.63 -22.69 49.45
N VAL O 686 -38.43 -21.84 48.80
CA VAL O 686 -38.04 -21.28 47.52
C VAL O 686 -36.85 -20.34 47.68
N ARG O 687 -36.76 -19.65 48.82
CA ARG O 687 -35.61 -18.78 49.07
C ARG O 687 -34.32 -19.58 49.15
N GLU O 688 -34.34 -20.69 49.90
CA GLU O 688 -33.16 -21.55 49.99
C GLU O 688 -32.85 -22.18 48.65
N ALA O 689 -33.87 -22.56 47.88
CA ALA O 689 -33.63 -23.12 46.56
C ALA O 689 -32.95 -22.10 45.63
N ALA O 690 -33.42 -20.86 45.63
CA ALA O 690 -32.82 -19.83 44.81
C ALA O 690 -31.40 -19.52 45.27
N VAL O 691 -31.17 -19.51 46.58
CA VAL O 691 -29.83 -19.27 47.10
C VAL O 691 -28.87 -20.37 46.64
N ARG O 692 -29.31 -21.63 46.75
CA ARG O 692 -28.47 -22.74 46.33
C ARG O 692 -28.22 -22.70 44.83
N GLU O 693 -29.23 -22.31 44.05
CA GLU O 693 -29.06 -22.21 42.60
C GLU O 693 -28.04 -21.12 42.25
N LEU O 694 -28.15 -19.96 42.89
CA LEU O 694 -27.19 -18.87 42.64
C LEU O 694 -25.79 -19.28 43.06
N LEU O 695 -25.67 -20.01 44.17
CA LEU O 695 -24.35 -20.45 44.62
C LEU O 695 -23.74 -21.46 43.64
N ASN O 696 -24.56 -22.41 43.16
CA ASN O 696 -24.06 -23.37 42.18
C ASN O 696 -23.71 -22.69 40.86
N ARG O 697 -24.39 -21.58 40.53
CA ARG O 697 -24.10 -20.86 39.30
C ARG O 697 -22.81 -20.06 39.41
N HIS O 698 -22.60 -19.38 40.54
CA HIS O 698 -21.46 -18.47 40.71
C HIS O 698 -20.42 -19.03 41.67
N CYS O 699 -20.33 -20.35 41.80
CA CYS O 699 -19.32 -20.99 42.62
C CYS O 699 -18.44 -21.86 41.73
N VAL O 700 -17.16 -21.55 41.68
CA VAL O 700 -16.19 -22.30 40.89
C VAL O 700 -15.21 -22.98 41.82
N VAL O 701 -14.78 -24.19 41.43
CA VAL O 701 -13.82 -24.94 42.23
C VAL O 701 -12.53 -24.16 42.42
N HIS O 702 -11.97 -23.65 41.32
CA HIS O 702 -10.77 -22.83 41.38
C HIS O 702 -11.18 -21.41 41.76
N ASP O 703 -10.92 -21.05 43.02
CA ASP O 703 -11.33 -19.74 43.53
C ASP O 703 -10.33 -18.67 43.10
N SER O 704 -10.80 -17.72 42.29
CA SER O 704 -9.96 -16.60 41.90
C SER O 704 -9.78 -15.63 43.05
N PRO O 705 -8.77 -14.76 42.99
CA PRO O 705 -8.62 -13.76 44.06
C PRO O 705 -9.83 -12.84 44.21
N GLU O 706 -10.43 -12.43 43.10
CA GLU O 706 -11.61 -11.57 43.18
C GLU O 706 -12.78 -12.32 43.81
N SER O 707 -12.97 -13.59 43.44
CA SER O 707 -14.04 -14.38 44.05
C SER O 707 -13.80 -14.60 45.53
N LEU O 708 -12.54 -14.80 45.93
CA LEU O 708 -12.22 -14.96 47.34
C LEU O 708 -12.49 -13.68 48.12
N ALA O 709 -12.12 -12.53 47.53
CA ALA O 709 -12.40 -11.25 48.18
C ALA O 709 -13.90 -11.01 48.30
N LYS O 710 -14.66 -11.38 47.27
CA LYS O 710 -16.11 -11.23 47.32
C LYS O 710 -16.72 -12.13 48.39
N GLU O 711 -16.24 -13.37 48.49
CA GLU O 711 -16.74 -14.27 49.53
C GLU O 711 -16.40 -13.76 50.92
N ASN O 712 -15.21 -13.19 51.08
CA ASN O 712 -14.83 -12.61 52.37
C ASN O 712 -15.72 -11.43 52.72
N PHE O 713 -15.99 -10.55 51.75
CA PHE O 713 -16.88 -9.42 51.99
C PHE O 713 -18.27 -9.90 52.35
N LEU O 714 -18.76 -10.97 51.69
CA LEU O 714 -20.06 -11.53 52.03
C LEU O 714 -20.08 -12.05 53.45
N ILE O 715 -19.08 -12.87 53.81
CA ILE O 715 -19.04 -13.46 55.14
C ILE O 715 -18.80 -12.41 56.22
N GLN O 716 -18.29 -11.24 55.86
CA GLN O 716 -18.08 -10.17 56.83
C GLN O 716 -19.27 -9.24 56.97
N ARG O 717 -20.05 -9.04 55.89
CA ARG O 717 -21.17 -8.12 55.92
C ARG O 717 -22.51 -8.86 56.09
N LEU O 718 -22.86 -9.73 55.14
CA LEU O 718 -24.16 -10.38 55.18
C LEU O 718 -24.27 -11.41 56.29
N CYS O 719 -23.14 -11.92 56.79
CA CYS O 719 -23.12 -12.94 57.85
C CYS O 719 -23.91 -14.18 57.46
N LEU O 720 -23.88 -14.53 56.18
CA LEU O 720 -24.58 -15.71 55.69
C LEU O 720 -23.79 -16.97 56.02
N PRO O 721 -24.45 -18.02 56.49
CA PRO O 721 -23.73 -19.26 56.84
C PRO O 721 -23.07 -19.87 55.61
N ALA O 722 -21.76 -20.09 55.71
CA ALA O 722 -20.98 -20.62 54.61
C ALA O 722 -21.23 -22.10 54.33
N GLN O 723 -22.15 -22.73 55.07
CA GLN O 723 -22.44 -24.14 54.84
C GLN O 723 -23.05 -24.37 53.46
N TRP O 724 -23.94 -23.46 53.03
CA TRP O 724 -24.53 -23.60 51.69
C TRP O 724 -23.50 -23.39 50.61
N ILE O 725 -22.58 -22.43 50.80
CA ILE O 725 -21.52 -22.20 49.82
C ILE O 725 -20.61 -23.42 49.74
N HIS O 726 -20.29 -24.02 50.89
CA HIS O 726 -19.45 -25.21 50.90
C HIS O 726 -20.15 -26.38 50.22
N LYS O 727 -21.46 -26.52 50.44
CA LYS O 727 -22.21 -27.60 49.78
C LYS O 727 -22.24 -27.38 48.26
N ALA O 728 -22.42 -26.13 47.82
CA ALA O 728 -22.40 -25.86 46.39
C ALA O 728 -21.03 -26.14 45.79
N LYS O 729 -19.97 -25.78 46.50
CA LYS O 729 -18.62 -26.07 46.02
C LYS O 729 -18.37 -27.57 45.96
N ALA O 730 -18.89 -28.32 46.94
CA ALA O 730 -18.75 -29.77 46.93
C ALA O 730 -19.50 -30.39 45.75
N VAL O 731 -20.71 -29.90 45.48
CA VAL O 731 -21.46 -30.39 44.33
C VAL O 731 -20.73 -30.10 43.03
N ARG O 732 -20.17 -28.88 42.91
CA ARG O 732 -19.43 -28.52 41.72
C ARG O 732 -18.19 -29.40 41.54
N SER O 733 -17.48 -29.67 42.64
CA SER O 733 -16.29 -30.52 42.56
C SER O 733 -16.67 -31.95 42.21
N ARG O 734 -17.77 -32.46 42.75
CA ARG O 734 -18.21 -33.80 42.42
C ARG O 734 -18.65 -33.91 40.97
N ARG O 735 -19.24 -32.85 40.42
CA ARG O 735 -19.64 -32.87 39.02
C ARG O 735 -18.44 -32.69 38.08
N ASP O 736 -17.41 -31.98 38.52
CA ASP O 736 -16.23 -31.78 37.68
C ASP O 736 -15.23 -32.91 37.86
N GLY O 737 -14.48 -32.88 38.96
CA GLY O 737 -13.47 -33.91 39.19
C GLY O 737 -12.62 -33.59 40.40
N ASP O 738 -11.39 -34.11 40.38
CA ASP O 738 -10.42 -33.90 41.45
C ASP O 738 -10.93 -34.44 42.79
N LYS O 739 -10.57 -35.67 43.12
CA LYS O 739 -11.06 -36.28 44.36
C LYS O 739 -10.52 -35.57 45.59
N HIS O 740 -9.32 -35.00 45.52
CA HIS O 740 -8.78 -34.27 46.65
C HIS O 740 -9.62 -33.03 46.95
N LYS O 741 -9.91 -32.24 45.92
CA LYS O 741 -10.77 -31.06 46.12
C LYS O 741 -12.18 -31.48 46.51
N GLU O 742 -12.67 -32.61 45.99
CA GLU O 742 -13.98 -33.10 46.39
C GLU O 742 -14.02 -33.39 47.89
N ALA O 743 -13.02 -34.11 48.39
CA ALA O 743 -12.96 -34.43 49.81
C ALA O 743 -12.78 -33.17 50.65
N LEU O 744 -11.99 -32.21 50.18
CA LEU O 744 -11.79 -30.97 50.92
C LEU O 744 -13.10 -30.19 51.04
N TYR O 745 -13.82 -30.05 49.92
CA TYR O 745 -15.10 -29.35 49.96
C TYR O 745 -16.14 -30.10 50.77
N LEU O 746 -16.09 -31.43 50.76
CA LEU O 746 -17.01 -32.21 51.58
C LEU O 746 -16.73 -32.00 53.07
N LEU O 747 -15.46 -32.01 53.45
CA LEU O 747 -15.10 -31.74 54.84
C LEU O 747 -15.47 -30.32 55.25
N LYS O 748 -15.37 -29.37 54.31
CA LYS O 748 -15.80 -28.00 54.61
C LYS O 748 -17.31 -27.93 54.78
N SER O 749 -18.06 -28.69 53.98
CA SER O 749 -19.51 -28.72 54.09
C SER O 749 -19.99 -29.55 55.28
N HIS O 750 -19.10 -30.32 55.90
CA HIS O 750 -19.38 -31.13 57.09
C HIS O 750 -20.39 -32.24 56.82
N GLN O 751 -20.58 -32.62 55.56
CA GLN O 751 -21.43 -33.76 55.23
C GLN O 751 -20.68 -35.06 55.56
N TRP O 752 -20.79 -35.50 56.81
CA TRP O 752 -19.97 -36.63 57.27
C TRP O 752 -20.34 -37.93 56.59
N ASN O 753 -21.60 -38.08 56.18
CA ASN O 753 -22.03 -39.31 55.52
C ASN O 753 -21.22 -39.58 54.26
N GLN O 754 -21.31 -38.68 53.28
CA GLN O 754 -20.56 -38.84 52.04
C GLN O 754 -19.05 -38.76 52.29
N CYS O 755 -18.62 -37.98 53.29
CA CYS O 755 -17.22 -37.92 53.64
C CYS O 755 -16.68 -39.31 53.98
N HIS O 756 -17.34 -40.00 54.90
CA HIS O 756 -16.88 -41.34 55.27
C HIS O 756 -17.11 -42.34 54.14
N LYS O 757 -18.20 -42.18 53.39
CA LYS O 757 -18.44 -43.09 52.26
C LYS O 757 -17.35 -43.01 51.22
N LEU O 758 -16.75 -41.82 51.04
CA LEU O 758 -15.63 -41.69 50.12
C LEU O 758 -14.30 -42.09 50.76
N VAL O 759 -14.13 -41.80 52.05
CA VAL O 759 -12.87 -42.08 52.72
C VAL O 759 -12.65 -43.59 52.83
N THR O 760 -13.64 -44.32 53.32
CA THR O 760 -13.55 -45.77 53.49
C THR O 760 -13.74 -46.54 52.20
N ARG O 761 -13.49 -45.91 51.04
CA ARG O 761 -13.68 -46.58 49.77
C ARG O 761 -12.59 -46.20 48.76
N HIS O 762 -12.26 -44.92 48.67
CA HIS O 762 -11.32 -44.47 47.66
C HIS O 762 -10.19 -43.65 48.26
N LEU O 763 -10.49 -42.81 49.25
CA LEU O 763 -9.49 -41.90 49.80
C LEU O 763 -8.42 -42.65 50.59
N ALA O 764 -8.84 -43.55 51.49
CA ALA O 764 -7.87 -44.25 52.33
C ALA O 764 -6.99 -45.18 51.51
N ALA O 765 -7.58 -45.90 50.55
CA ALA O 765 -6.78 -46.81 49.71
C ALA O 765 -5.76 -46.04 48.90
N ASP O 766 -6.19 -44.96 48.23
CA ASP O 766 -5.27 -44.16 47.43
C ASP O 766 -4.19 -43.54 48.32
N ALA O 767 -4.56 -43.13 49.54
CA ALA O 767 -3.58 -42.54 50.44
C ALA O 767 -2.51 -43.56 50.85
N VAL O 768 -2.94 -44.75 51.28
CA VAL O 768 -1.98 -45.76 51.69
C VAL O 768 -1.22 -46.34 50.51
N ILE O 769 -1.71 -46.14 49.28
CA ILE O 769 -0.98 -46.58 48.11
C ILE O 769 0.10 -45.57 47.73
N ASN O 770 -0.27 -44.29 47.64
CA ASN O 770 0.64 -43.24 47.24
C ASN O 770 1.40 -42.63 48.42
N GLU O 771 1.33 -43.25 49.59
CA GLU O 771 2.09 -42.81 50.77
C GLU O 771 1.68 -41.41 51.19
N ASN O 772 0.38 -41.18 51.28
CA ASN O 772 -0.17 -39.91 51.77
C ASN O 772 -0.45 -40.00 53.26
N TYR O 773 0.59 -40.34 54.01
CA TYR O 773 0.45 -40.56 55.45
C TYR O 773 0.06 -39.28 56.17
N ARG O 774 0.65 -38.15 55.78
CA ARG O 774 0.35 -36.87 56.43
C ARG O 774 -1.11 -36.49 56.23
N TYR O 775 -1.60 -36.56 54.98
CA TYR O 775 -2.99 -36.23 54.71
C TYR O 775 -3.94 -37.20 55.38
N LEU O 776 -3.59 -38.49 55.40
CA LEU O 776 -4.44 -39.47 56.07
C LEU O 776 -4.54 -39.20 57.56
N ARG O 777 -3.40 -38.90 58.20
CA ARG O 777 -3.41 -38.60 59.62
C ARG O 777 -4.19 -37.32 59.92
N GLY O 778 -4.05 -36.31 59.05
CA GLY O 778 -4.81 -35.09 59.25
C GLY O 778 -6.31 -35.31 59.14
N PHE O 779 -6.72 -36.06 58.11
CA PHE O 779 -8.14 -36.36 57.94
C PHE O 779 -8.68 -37.17 59.11
N LEU O 780 -7.89 -38.15 59.60
CA LEU O 780 -8.35 -38.96 60.71
C LEU O 780 -8.44 -38.15 61.99
N GLY O 781 -7.48 -37.26 62.23
CA GLY O 781 -7.56 -36.38 63.39
C GLY O 781 -8.70 -35.40 63.32
N GLU O 782 -9.06 -34.96 62.11
CA GLU O 782 -10.20 -34.08 61.95
C GLU O 782 -11.53 -34.81 62.11
N LEU O 783 -11.58 -36.09 61.73
CA LEU O 783 -12.82 -36.87 61.80
C LEU O 783 -12.99 -37.60 63.12
N ALA O 784 -11.95 -37.68 63.94
CA ALA O 784 -12.05 -38.38 65.22
C ALA O 784 -12.91 -37.61 66.22
N ARG O 785 -14.23 -37.62 66.02
CA ARG O 785 -15.18 -36.99 66.92
C ARG O 785 -16.38 -37.91 67.09
N PRO O 786 -17.00 -37.92 68.28
CA PRO O 786 -18.17 -38.79 68.48
C PRO O 786 -19.40 -38.37 67.69
N GLU O 787 -19.42 -37.15 67.14
CA GLU O 787 -20.56 -36.72 66.36
C GLU O 787 -20.72 -37.56 65.10
N HIS O 788 -19.60 -37.92 64.46
CA HIS O 788 -19.67 -38.77 63.28
C HIS O 788 -20.23 -40.15 63.62
N CYS O 789 -19.81 -40.71 64.76
CA CYS O 789 -20.31 -42.01 65.17
C CYS O 789 -21.79 -41.95 65.52
N LYS O 790 -22.24 -40.87 66.15
CA LYS O 790 -23.65 -40.71 66.48
C LYS O 790 -24.51 -40.38 65.27
N HIS O 791 -23.91 -39.86 64.20
CA HIS O 791 -24.65 -39.54 62.99
C HIS O 791 -24.73 -40.72 62.03
N ILE O 792 -23.58 -41.19 61.55
CA ILE O 792 -23.53 -42.26 60.56
C ILE O 792 -22.92 -43.50 61.22
N GLN O 793 -23.41 -44.66 60.82
CA GLN O 793 -22.91 -45.93 61.34
C GLN O 793 -21.64 -46.33 60.59
N ASP O 794 -21.13 -47.52 60.89
CA ASP O 794 -19.94 -48.09 60.25
C ASP O 794 -18.67 -47.30 60.57
N TRP O 795 -18.82 -46.04 60.98
CA TRP O 795 -17.65 -45.23 61.32
C TRP O 795 -16.98 -45.75 62.57
N GLU O 796 -17.76 -46.00 63.63
CA GLU O 796 -17.20 -46.55 64.87
C GLU O 796 -16.54 -47.90 64.67
N THR O 797 -16.75 -48.54 63.52
CA THR O 797 -16.11 -49.82 63.21
C THR O 797 -14.88 -49.66 62.32
N ALA O 798 -14.93 -48.78 61.32
CA ALA O 798 -13.82 -48.61 60.38
C ALA O 798 -12.83 -47.53 60.83
N GLY O 799 -13.31 -46.33 61.15
CA GLY O 799 -12.43 -45.26 61.53
C GLY O 799 -11.70 -45.52 62.83
N LYS O 800 -12.29 -46.31 63.72
CA LYS O 800 -11.60 -46.67 64.96
C LYS O 800 -10.38 -47.54 64.66
N VAL O 801 -10.54 -48.55 63.79
CA VAL O 801 -9.41 -49.37 63.41
C VAL O 801 -8.38 -48.55 62.65
N TYR O 802 -8.83 -47.62 61.81
CA TYR O 802 -7.89 -46.76 61.10
C TYR O 802 -7.11 -45.87 62.05
N LEU O 803 -7.77 -45.35 63.09
CA LEU O 803 -7.10 -44.52 64.08
C LEU O 803 -6.10 -45.34 64.89
N ASP O 804 -6.47 -46.57 65.25
CA ASP O 804 -5.51 -47.44 65.93
C ASP O 804 -4.30 -47.73 65.04
N TYR O 805 -4.55 -47.94 63.75
CA TYR O 805 -3.45 -48.18 62.81
C TYR O 805 -2.51 -46.98 62.74
N ILE O 806 -3.05 -45.78 62.55
CA ILE O 806 -2.20 -44.61 62.43
C ILE O 806 -1.52 -44.29 63.75
N SER O 807 -2.16 -44.62 64.89
CA SER O 807 -1.52 -44.42 66.18
C SER O 807 -0.33 -45.37 66.36
N VAL O 808 -0.49 -46.63 65.97
CA VAL O 808 0.62 -47.57 66.02
C VAL O 808 1.75 -47.11 65.10
N ILE O 809 1.38 -46.58 63.92
CA ILE O 809 2.37 -46.12 62.96
C ILE O 809 3.17 -44.95 63.54
N GLU O 810 2.47 -43.96 64.09
CA GLU O 810 3.16 -42.80 64.64
C GLU O 810 3.96 -43.16 65.90
N MET O 811 3.50 -44.14 66.67
CA MET O 811 4.27 -44.58 67.83
C MET O 811 5.56 -45.27 67.39
N LEU O 812 5.48 -46.13 66.37
CA LEU O 812 6.69 -46.75 65.84
C LEU O 812 7.63 -45.71 65.26
N ASN O 813 7.09 -44.70 64.59
CA ASN O 813 7.93 -43.64 64.03
C ASN O 813 8.64 -42.86 65.14
N GLN O 814 7.90 -42.52 66.20
CA GLN O 814 8.52 -41.80 67.32
C GLN O 814 9.57 -42.65 68.01
N ILE O 815 9.33 -43.97 68.12
CA ILE O 815 10.31 -44.85 68.74
C ILE O 815 11.56 -44.93 67.89
N ARG O 816 11.41 -45.05 66.57
CA ARG O 816 12.58 -45.08 65.69
C ARG O 816 13.31 -43.76 65.68
N GLN O 817 12.60 -42.64 65.87
CA GLN O 817 13.26 -41.34 65.89
C GLN O 817 14.05 -41.15 67.19
N ASP O 818 13.42 -41.40 68.33
CA ASP O 818 14.08 -41.25 69.62
C ASP O 818 14.76 -42.55 70.03
N GLU O 819 14.78 -42.82 71.34
CA GLU O 819 15.40 -44.02 71.87
C GLU O 819 14.33 -45.00 72.34
N CYS O 820 14.75 -46.25 72.55
CA CYS O 820 13.85 -47.30 73.01
C CYS O 820 13.67 -47.19 74.51
N SER O 821 12.50 -46.73 74.93
CA SER O 821 12.17 -46.55 76.34
C SER O 821 11.17 -47.62 76.78
N GLY O 822 11.20 -47.94 78.07
CA GLY O 822 10.29 -48.95 78.60
C GLY O 822 8.84 -48.53 78.49
N GLY O 823 8.53 -47.27 78.83
CA GLY O 823 7.17 -46.79 78.70
C GLY O 823 6.68 -46.78 77.26
N GLU O 824 7.56 -46.39 76.33
CA GLU O 824 7.18 -46.39 74.92
C GLU O 824 6.94 -47.82 74.43
N LEU O 825 7.78 -48.77 74.86
CA LEU O 825 7.58 -50.15 74.47
C LEU O 825 6.28 -50.71 75.04
N GLU O 826 5.97 -50.36 76.29
CA GLU O 826 4.72 -50.82 76.89
C GLU O 826 3.51 -50.22 76.17
N LYS O 827 3.59 -48.94 75.81
CA LYS O 827 2.49 -48.32 75.08
C LYS O 827 2.31 -48.95 73.70
N LEU O 828 3.43 -49.26 73.03
CA LEU O 828 3.34 -49.91 71.72
C LEU O 828 2.75 -51.30 71.85
N HIS O 829 3.13 -52.05 72.88
CA HIS O 829 2.57 -53.38 73.09
C HIS O 829 1.07 -53.30 73.39
N THR O 830 0.67 -52.31 74.19
CA THR O 830 -0.75 -52.15 74.48
C THR O 830 -1.54 -51.79 73.22
N LYS O 831 -0.98 -50.90 72.39
CA LYS O 831 -1.65 -50.55 71.14
C LYS O 831 -1.76 -51.76 70.22
N VAL O 832 -0.71 -52.59 70.17
CA VAL O 832 -0.74 -53.77 69.32
C VAL O 832 -1.78 -54.77 69.82
N MET O 833 -1.83 -55.00 71.14
CA MET O 833 -2.79 -55.94 71.68
C MET O 833 -4.22 -55.41 71.60
N SER O 834 -4.41 -54.10 71.52
CA SER O 834 -5.74 -53.56 71.33
C SER O 834 -6.16 -53.57 69.86
N LEU O 835 -5.21 -53.43 68.94
CA LEU O 835 -5.52 -53.47 67.52
C LEU O 835 -5.71 -54.89 67.03
N CYS O 836 -5.06 -55.87 67.66
CA CYS O 836 -5.18 -57.26 67.23
C CYS O 836 -6.54 -57.86 67.52
N LYS O 837 -7.43 -57.12 68.19
CA LYS O 837 -8.78 -57.62 68.49
C LYS O 837 -9.75 -57.43 67.33
N TRP O 838 -9.26 -57.10 66.14
CA TRP O 838 -10.10 -56.89 64.96
C TRP O 838 -9.49 -57.66 63.80
N VAL O 839 -10.14 -58.76 63.42
CA VAL O 839 -9.64 -59.61 62.33
C VAL O 839 -10.80 -59.96 61.40
N GLU O 840 -11.69 -59.00 61.16
CA GLU O 840 -12.84 -59.17 60.29
C GLU O 840 -12.49 -58.76 58.86
N LEU O 841 -13.47 -58.29 58.11
CA LEU O 841 -13.28 -57.90 56.71
C LEU O 841 -13.09 -56.40 56.62
N ILE O 842 -12.13 -55.99 55.79
CA ILE O 842 -11.83 -54.57 55.57
C ILE O 842 -11.61 -54.35 54.07
N GLN O 843 -12.35 -53.40 53.50
CA GLN O 843 -12.26 -53.05 52.08
C GLN O 843 -12.59 -54.30 51.26
N CYS O 844 -11.65 -54.84 50.47
CA CYS O 844 -11.88 -56.03 49.65
C CYS O 844 -13.05 -55.81 48.69
N TYR O 845 -13.11 -54.62 48.08
CA TYR O 845 -14.16 -54.30 47.13
C TYR O 845 -13.75 -54.51 45.68
N SER O 846 -12.46 -54.50 45.39
CA SER O 846 -11.96 -54.70 44.03
C SER O 846 -10.51 -55.17 44.12
N ALA O 847 -9.78 -55.06 43.02
CA ALA O 847 -8.36 -55.45 43.02
C ALA O 847 -7.55 -54.54 43.92
N LYS O 848 -7.78 -53.23 43.84
CA LYS O 848 -7.06 -52.31 44.72
C LYS O 848 -7.43 -52.53 46.17
N GLY O 849 -8.70 -52.85 46.44
CA GLY O 849 -9.11 -53.14 47.81
C GLY O 849 -8.44 -54.38 48.36
N ARG O 850 -8.37 -55.44 47.55
CA ARG O 850 -7.70 -56.67 48.00
C ARG O 850 -6.20 -56.44 48.19
N LEU O 851 -5.59 -55.64 47.32
CA LEU O 851 -4.17 -55.32 47.48
C LEU O 851 -3.94 -54.53 48.77
N ALA O 852 -4.82 -53.56 49.06
CA ALA O 852 -4.70 -52.80 50.30
C ALA O 852 -4.91 -53.69 51.51
N GLN O 853 -5.84 -54.64 51.43
CA GLN O 853 -6.05 -55.55 52.55
C GLN O 853 -4.83 -56.44 52.78
N SER O 854 -4.23 -56.94 51.70
CA SER O 854 -3.03 -57.75 51.84
C SER O 854 -1.87 -56.95 52.41
N GLU O 855 -1.73 -55.70 51.97
CA GLU O 855 -0.67 -54.84 52.51
C GLU O 855 -0.91 -54.54 53.98
N MET O 856 -2.17 -54.32 54.38
CA MET O 856 -2.47 -54.08 55.78
C MET O 856 -2.19 -55.31 56.63
N ALA O 857 -2.52 -56.50 56.11
CA ALA O 857 -2.22 -57.73 56.84
C ALA O 857 -0.71 -57.93 57.00
N LYS O 858 0.05 -57.67 55.93
CA LYS O 858 1.50 -57.79 56.01
C LYS O 858 2.08 -56.79 57.01
N ARG O 859 1.59 -55.55 57.00
CA ARG O 859 2.06 -54.55 57.95
C ARG O 859 1.68 -54.92 59.38
N VAL O 860 0.51 -55.51 59.57
CA VAL O 860 0.09 -55.95 60.90
C VAL O 860 1.02 -57.06 61.41
N ALA O 861 1.33 -58.02 60.54
CA ALA O 861 2.25 -59.09 60.93
C ALA O 861 3.64 -58.54 61.25
N ASN O 862 4.11 -57.58 60.44
CA ASN O 862 5.42 -56.99 60.69
C ASN O 862 5.45 -56.22 62.01
N ILE O 863 4.41 -55.44 62.27
CA ILE O 863 4.34 -54.70 63.53
C ILE O 863 4.27 -55.65 64.71
N LEU O 864 3.52 -56.76 64.56
CA LEU O 864 3.42 -57.73 65.64
C LEU O 864 4.77 -58.36 65.95
N ARG O 865 5.48 -58.82 64.90
CA ARG O 865 6.78 -59.43 65.14
C ARG O 865 7.79 -58.42 65.67
N VAL O 866 7.70 -57.16 65.23
CA VAL O 866 8.62 -56.14 65.72
C VAL O 866 8.37 -55.85 67.19
N VAL O 867 7.11 -55.71 67.58
CA VAL O 867 6.81 -55.44 68.99
C VAL O 867 7.13 -56.66 69.85
N LEU O 868 7.03 -57.87 69.29
CA LEU O 868 7.42 -59.06 70.04
C LEU O 868 8.93 -59.09 70.26
N SER O 869 9.71 -58.81 69.22
CA SER O 869 11.16 -58.76 69.36
C SER O 869 11.59 -57.61 70.28
N LEU O 870 10.82 -56.54 70.35
CA LEU O 870 11.14 -55.44 71.24
C LEU O 870 10.81 -55.77 72.69
N GLN O 871 9.69 -56.45 72.92
CA GLN O 871 9.35 -56.86 74.28
C GLN O 871 10.29 -57.93 74.78
N GLN O 872 10.77 -58.81 73.89
CA GLN O 872 11.75 -59.80 74.28
C GLN O 872 13.14 -59.18 74.37
N PRO O 873 13.98 -59.68 75.28
CA PRO O 873 15.34 -59.13 75.42
C PRO O 873 16.15 -59.37 74.15
N PRO O 874 16.65 -58.31 73.52
CA PRO O 874 17.45 -58.41 72.28
C PRO O 874 18.76 -59.14 72.49
N SER P 11 -27.05 -31.66 13.02
CA SER P 11 -27.06 -30.21 12.85
C SER P 11 -28.35 -29.76 12.17
N HIS P 12 -28.24 -28.70 11.35
CA HIS P 12 -29.41 -28.18 10.66
C HIS P 12 -29.86 -29.08 9.52
N GLU P 13 -29.00 -29.98 9.05
CA GLU P 13 -29.37 -30.88 7.96
C GLU P 13 -30.33 -31.98 8.40
N ASP P 14 -30.47 -32.21 9.70
CA ASP P 14 -31.38 -33.22 10.22
C ASP P 14 -32.68 -32.58 10.67
N MET P 15 -33.56 -33.39 11.26
CA MET P 15 -34.85 -32.95 11.76
C MET P 15 -34.78 -32.92 13.28
N ILE P 16 -34.16 -31.88 13.81
CA ILE P 16 -34.01 -31.72 15.26
C ILE P 16 -35.31 -31.20 15.84
N HIS P 17 -35.82 -31.88 16.87
CA HIS P 17 -37.05 -31.47 17.54
C HIS P 17 -36.75 -30.38 18.57
N ASP P 18 -36.07 -30.74 19.65
CA ASP P 18 -35.70 -29.77 20.67
C ASP P 18 -34.48 -30.30 21.41
N ALA P 19 -33.36 -29.57 21.31
CA ALA P 19 -32.14 -29.98 21.97
C ALA P 19 -32.21 -29.66 23.46
N GLN P 20 -31.24 -30.19 24.21
CA GLN P 20 -31.16 -29.97 25.64
C GLN P 20 -29.75 -29.53 26.01
N MET P 21 -29.65 -28.87 27.17
CA MET P 21 -28.39 -28.35 27.66
C MET P 21 -28.14 -28.83 29.08
N ASP P 22 -26.87 -28.92 29.45
CA ASP P 22 -26.50 -29.31 30.80
C ASP P 22 -26.88 -28.20 31.79
N TYR P 23 -26.98 -28.59 33.07
CA TYR P 23 -27.31 -27.62 34.11
C TYR P 23 -26.26 -26.53 34.21
N TYR P 24 -25.00 -26.86 33.92
CA TYR P 24 -23.93 -25.86 33.97
C TYR P 24 -23.95 -24.97 32.72
N GLY P 25 -24.13 -25.58 31.54
CA GLY P 25 -24.18 -24.82 30.31
C GLY P 25 -22.92 -24.94 29.48
N ILE P 26 -22.40 -26.17 29.35
CA ILE P 26 -21.19 -26.42 28.59
C ILE P 26 -21.39 -27.63 27.69
N ARG P 27 -22.39 -28.45 28.02
CA ARG P 27 -22.68 -29.67 27.28
C ARG P 27 -24.05 -29.52 26.60
N LEU P 28 -24.12 -29.91 25.34
CA LEU P 28 -25.36 -29.83 24.56
C LEU P 28 -25.67 -31.19 23.98
N ALA P 29 -26.95 -31.50 23.84
CA ALA P 29 -27.39 -32.79 23.32
C ALA P 29 -28.52 -32.60 22.33
N THR P 30 -28.36 -33.16 21.14
CA THR P 30 -29.35 -33.09 20.08
C THR P 30 -29.86 -34.49 19.75
N CYS P 31 -31.18 -34.65 19.74
CA CYS P 31 -31.82 -35.92 19.38
C CYS P 31 -32.16 -35.87 17.89
N SER P 32 -31.14 -36.11 17.07
CA SER P 32 -31.31 -36.05 15.63
C SER P 32 -32.11 -37.24 15.12
N SER P 33 -32.51 -37.16 13.85
CA SER P 33 -33.28 -38.21 13.20
C SER P 33 -32.42 -39.31 12.61
N ASP P 34 -31.12 -39.34 12.92
CA ASP P 34 -30.21 -40.35 12.42
C ASP P 34 -30.18 -41.59 13.31
N ARG P 35 -31.29 -41.92 13.97
CA ARG P 35 -31.40 -43.07 14.86
C ARG P 35 -30.35 -43.04 15.97
N SER P 36 -29.94 -41.84 16.39
CA SER P 36 -28.93 -41.70 17.42
C SER P 36 -29.09 -40.33 18.06
N VAL P 37 -28.33 -40.11 19.14
CA VAL P 37 -28.34 -38.86 19.88
C VAL P 37 -26.91 -38.35 19.95
N LYS P 38 -26.70 -37.11 19.49
CA LYS P 38 -25.36 -36.51 19.50
C LYS P 38 -25.20 -35.62 20.72
N ILE P 39 -23.95 -35.52 21.20
CA ILE P 39 -23.62 -34.71 22.36
C ILE P 39 -22.33 -33.95 22.06
N PHE P 40 -22.43 -32.62 22.08
CA PHE P 40 -21.32 -31.72 21.84
C PHE P 40 -20.89 -31.07 23.15
N ASP P 41 -19.65 -30.60 23.17
CA ASP P 41 -19.11 -29.82 24.27
C ASP P 41 -18.75 -28.43 23.74
N VAL P 42 -19.58 -27.44 24.05
CA VAL P 42 -19.39 -26.09 23.55
C VAL P 42 -18.41 -25.35 24.45
N LYS P 43 -17.30 -24.90 23.86
CA LYS P 43 -16.28 -24.17 24.59
C LYS P 43 -15.77 -23.02 23.73
N ASN P 44 -15.51 -21.88 24.38
CA ASN P 44 -15.02 -20.68 23.70
C ASN P 44 -15.96 -20.25 22.58
N GLY P 45 -15.69 -20.73 21.37
CA GLY P 45 -16.53 -20.39 20.22
C GLY P 45 -17.06 -21.60 19.49
N GLY P 46 -16.15 -22.38 18.89
CA GLY P 46 -16.55 -23.55 18.15
C GLY P 46 -17.02 -24.68 19.06
N GLN P 47 -17.69 -25.64 18.45
CA GLN P 47 -18.23 -26.80 19.16
C GLN P 47 -17.53 -28.06 18.68
N ILE P 48 -17.51 -29.08 19.55
CA ILE P 48 -16.87 -30.35 19.26
C ILE P 48 -17.81 -31.48 19.64
N LEU P 49 -18.09 -32.36 18.68
CA LEU P 49 -18.92 -33.53 18.92
C LEU P 49 -18.11 -34.59 19.65
N ILE P 50 -18.53 -34.95 20.86
CA ILE P 50 -17.85 -35.98 21.64
C ILE P 50 -18.64 -37.27 21.69
N ALA P 51 -19.90 -37.22 22.07
CA ALA P 51 -20.65 -38.45 22.30
C ALA P 51 -21.65 -38.70 21.17
N ASP P 52 -21.80 -39.97 20.80
CA ASP P 52 -22.75 -40.39 19.78
C ASP P 52 -23.44 -41.66 20.31
N LEU P 53 -24.52 -41.46 21.07
CA LEU P 53 -25.25 -42.57 21.67
C LEU P 53 -26.15 -43.21 20.61
N ARG P 54 -25.91 -44.49 20.34
CA ARG P 54 -26.69 -45.25 19.36
C ARG P 54 -27.47 -46.33 20.09
N GLY P 55 -28.79 -46.32 19.93
CA GLY P 55 -29.64 -47.30 20.57
C GLY P 55 -31.08 -46.85 20.70
N HIS P 56 -31.49 -45.91 19.85
CA HIS P 56 -32.84 -45.38 19.85
C HIS P 56 -33.51 -45.75 18.53
N ASP P 57 -34.52 -46.62 18.60
CA ASP P 57 -35.23 -47.06 17.41
C ASP P 57 -36.16 -45.95 16.91
N GLY P 58 -35.99 -45.57 15.65
CA GLY P 58 -36.80 -44.53 15.05
C GLY P 58 -36.39 -43.15 15.52
N PRO P 59 -37.19 -42.14 15.17
CA PRO P 59 -36.86 -40.77 15.59
C PRO P 59 -37.04 -40.60 17.09
N VAL P 60 -36.19 -39.76 17.67
CA VAL P 60 -36.19 -39.47 19.10
C VAL P 60 -36.96 -38.18 19.35
N TRP P 61 -37.90 -38.22 20.29
CA TRP P 61 -38.70 -37.04 20.60
C TRP P 61 -37.87 -36.01 21.35
N GLN P 62 -37.79 -36.13 22.68
CA GLN P 62 -37.02 -35.21 23.49
C GLN P 62 -36.55 -35.93 24.75
N VAL P 63 -35.40 -35.49 25.25
CA VAL P 63 -34.80 -36.05 26.46
C VAL P 63 -34.77 -34.98 27.53
N ALA P 64 -35.30 -35.31 28.71
CA ALA P 64 -35.35 -34.38 29.83
C ALA P 64 -34.20 -34.64 30.79
N TRP P 65 -33.72 -33.58 31.42
CA TRP P 65 -32.61 -33.66 32.36
C TRP P 65 -33.11 -34.00 33.75
N ALA P 66 -32.21 -34.51 34.58
CA ALA P 66 -32.52 -34.89 35.96
C ALA P 66 -32.04 -33.78 36.89
N HIS P 67 -31.23 -34.04 37.90
CA HIS P 67 -30.77 -33.03 38.83
C HIS P 67 -29.32 -33.30 39.21
N PRO P 68 -28.53 -32.25 39.46
CA PRO P 68 -27.13 -32.50 39.83
C PRO P 68 -26.96 -33.13 41.20
N MET P 69 -27.80 -32.76 42.17
CA MET P 69 -27.71 -33.31 43.51
C MET P 69 -28.25 -34.73 43.60
N TYR P 70 -28.99 -35.20 42.58
CA TYR P 70 -29.52 -36.56 42.57
C TYR P 70 -28.83 -37.47 41.59
N GLY P 71 -28.15 -36.94 40.58
CA GLY P 71 -27.46 -37.76 39.60
C GLY P 71 -27.86 -37.42 38.18
N ASN P 72 -26.91 -37.52 37.25
CA ASN P 72 -27.16 -37.21 35.85
C ASN P 72 -27.85 -38.41 35.20
N ILE P 73 -29.10 -38.23 34.81
CA ILE P 73 -29.89 -39.28 34.15
C ILE P 73 -30.63 -38.64 32.98
N LEU P 74 -30.41 -39.15 31.79
CA LEU P 74 -31.04 -38.65 30.56
C LEU P 74 -31.91 -39.76 29.99
N ALA P 75 -33.17 -39.82 30.43
CA ALA P 75 -34.12 -40.83 29.95
C ALA P 75 -34.60 -40.44 28.56
N SER P 76 -34.10 -41.13 27.54
CA SER P 76 -34.45 -40.82 26.16
C SER P 76 -35.71 -41.56 25.75
N CYS P 77 -36.53 -40.89 24.94
CA CYS P 77 -37.77 -41.44 24.42
C CYS P 77 -37.74 -41.36 22.89
N SER P 78 -37.87 -42.51 22.24
CA SER P 78 -37.83 -42.58 20.79
C SER P 78 -39.09 -43.30 20.29
N TYR P 79 -39.14 -43.51 18.99
CA TYR P 79 -40.28 -44.19 18.37
C TYR P 79 -40.22 -45.68 18.70
N ASP P 80 -41.03 -46.47 17.99
CA ASP P 80 -41.14 -47.92 18.16
C ASP P 80 -41.59 -48.31 19.57
N ARG P 81 -42.17 -47.35 20.31
CA ARG P 81 -42.71 -47.59 21.64
C ARG P 81 -41.66 -48.18 22.58
N LYS P 82 -40.71 -47.31 22.96
CA LYS P 82 -39.63 -47.73 23.85
C LYS P 82 -38.99 -46.49 24.46
N VAL P 83 -38.55 -46.64 25.71
CA VAL P 83 -37.82 -45.60 26.42
C VAL P 83 -36.55 -46.22 26.99
N ILE P 84 -35.46 -45.45 26.97
CA ILE P 84 -34.14 -45.95 27.37
C ILE P 84 -33.59 -45.04 28.45
N ILE P 85 -33.32 -45.61 29.62
CA ILE P 85 -32.68 -44.90 30.72
C ILE P 85 -31.20 -45.29 30.73
N TRP P 86 -30.33 -44.29 30.72
CA TRP P 86 -28.89 -44.47 30.67
C TRP P 86 -28.27 -44.14 32.01
N LYS P 87 -26.94 -44.31 32.09
CA LYS P 87 -26.19 -43.94 33.28
C LYS P 87 -24.80 -43.50 32.87
N GLU P 88 -24.27 -42.52 33.60
CA GLU P 88 -22.98 -41.92 33.29
C GLU P 88 -21.95 -42.30 34.33
N GLU P 89 -20.75 -42.66 33.87
CA GLU P 89 -19.64 -42.98 34.76
C GLU P 89 -18.35 -42.61 34.04
N ASN P 90 -17.45 -41.91 34.75
CA ASN P 90 -16.16 -41.49 34.21
C ASN P 90 -16.31 -40.69 32.91
N GLY P 91 -17.40 -39.94 32.79
CA GLY P 91 -17.66 -39.16 31.60
C GLY P 91 -18.20 -39.93 30.42
N THR P 92 -18.54 -41.20 30.59
CA THR P 92 -19.06 -42.04 29.51
C THR P 92 -20.46 -42.51 29.87
N TRP P 93 -21.37 -42.42 28.90
CA TRP P 93 -22.75 -42.83 29.08
C TRP P 93 -22.94 -44.25 28.54
N GLU P 94 -23.77 -45.03 29.23
CA GLU P 94 -24.04 -46.40 28.80
C GLU P 94 -25.45 -46.79 29.21
N LYS P 95 -26.02 -47.72 28.46
CA LYS P 95 -27.39 -48.17 28.70
C LYS P 95 -27.48 -48.90 30.04
N THR P 96 -28.63 -48.70 30.72
CA THR P 96 -28.88 -49.40 31.97
C THR P 96 -30.33 -49.82 32.17
N TYR P 97 -31.29 -49.30 31.40
CA TYR P 97 -32.67 -49.75 31.51
C TYR P 97 -33.39 -49.49 30.21
N GLU P 98 -34.28 -50.42 29.83
CA GLU P 98 -35.07 -50.29 28.62
C GLU P 98 -36.50 -50.75 28.93
N TYR P 99 -37.47 -49.90 28.59
CA TYR P 99 -38.88 -50.20 28.85
C TYR P 99 -39.66 -50.07 27.56
N THR P 100 -40.31 -51.16 27.13
CA THR P 100 -41.10 -51.19 25.92
C THR P 100 -42.37 -52.00 26.17
N GLY P 101 -43.19 -52.14 25.13
CA GLY P 101 -44.41 -52.90 25.23
C GLY P 101 -45.66 -52.06 25.12
N HIS P 102 -45.79 -51.32 24.01
CA HIS P 102 -46.93 -50.45 23.78
C HIS P 102 -47.38 -50.60 22.34
N ASP P 103 -48.68 -50.34 22.11
CA ASP P 103 -49.24 -50.41 20.77
C ASP P 103 -49.26 -49.04 20.08
N SER P 104 -49.78 -48.03 20.76
CA SER P 104 -49.79 -46.68 20.22
C SER P 104 -48.48 -45.97 20.52
N SER P 105 -48.17 -44.97 19.68
CA SER P 105 -46.92 -44.25 19.81
C SER P 105 -46.88 -43.45 21.10
N VAL P 106 -45.77 -43.57 21.83
CA VAL P 106 -45.61 -42.83 23.08
C VAL P 106 -45.23 -41.39 22.77
N ASN P 107 -45.79 -40.45 23.54
CA ASN P 107 -45.53 -39.03 23.33
C ASN P 107 -44.16 -38.65 23.87
N SER P 108 -44.14 -37.78 24.87
CA SER P 108 -42.90 -37.29 25.48
C SER P 108 -42.85 -37.69 26.95
N VAL P 109 -41.67 -37.48 27.55
CA VAL P 109 -41.44 -37.79 28.95
C VAL P 109 -40.92 -36.55 29.65
N CYS P 110 -41.10 -36.52 30.97
CA CYS P 110 -40.65 -35.40 31.78
C CYS P 110 -40.20 -35.92 33.13
N TRP P 111 -39.45 -35.09 33.84
CA TRP P 111 -38.91 -35.42 35.16
C TRP P 111 -39.59 -34.56 36.23
N ALA P 112 -39.15 -34.74 37.45
CA ALA P 112 -39.69 -34.03 38.61
C ALA P 112 -38.72 -32.97 39.08
N PRO P 113 -39.22 -31.92 39.74
CA PRO P 113 -38.32 -30.88 40.28
C PRO P 113 -37.45 -31.37 41.43
N HIS P 114 -36.97 -30.43 42.25
CA HIS P 114 -36.05 -30.74 43.33
C HIS P 114 -36.68 -31.59 44.41
N ASP P 115 -37.43 -30.96 45.32
CA ASP P 115 -38.03 -31.68 46.45
C ASP P 115 -39.15 -32.62 46.03
N PHE P 116 -39.63 -32.52 44.79
CA PHE P 116 -40.70 -33.42 44.34
C PHE P 116 -40.19 -34.84 44.16
N GLY P 117 -38.91 -35.02 43.86
CA GLY P 117 -38.35 -36.34 43.68
C GLY P 117 -37.73 -36.54 42.32
N LEU P 118 -37.66 -37.80 41.87
CA LEU P 118 -37.09 -38.13 40.57
C LEU P 118 -37.94 -39.24 39.94
N VAL P 119 -39.18 -38.91 39.61
CA VAL P 119 -40.13 -39.85 39.01
C VAL P 119 -40.29 -39.50 37.54
N LEU P 120 -40.19 -40.51 36.69
CA LEU P 120 -40.32 -40.32 35.24
C LEU P 120 -41.76 -40.61 34.82
N ALA P 121 -42.36 -39.67 34.11
CA ALA P 121 -43.73 -39.78 33.61
C ALA P 121 -43.69 -40.16 32.14
N CYS P 122 -44.15 -41.37 31.82
CA CYS P 122 -44.16 -41.86 30.45
C CYS P 122 -45.54 -41.59 29.87
N GLY P 123 -45.65 -40.52 29.07
CA GLY P 123 -46.91 -40.17 28.45
C GLY P 123 -47.24 -41.03 27.24
N SER P 124 -47.89 -42.15 27.47
CA SER P 124 -48.25 -43.07 26.40
C SER P 124 -49.68 -42.84 25.95
N SER P 125 -49.91 -42.90 24.63
CA SER P 125 -51.23 -42.73 24.05
C SER P 125 -52.00 -44.04 23.96
N ASP P 126 -51.77 -44.97 24.89
CA ASP P 126 -52.45 -46.26 24.89
C ASP P 126 -53.78 -46.23 25.61
N GLY P 127 -54.36 -45.04 25.81
CA GLY P 127 -55.56 -44.91 26.60
C GLY P 127 -55.37 -45.08 28.09
N ALA P 128 -54.11 -45.05 28.56
CA ALA P 128 -53.81 -45.21 29.97
C ALA P 128 -52.60 -44.34 30.30
N ILE P 129 -52.19 -44.38 31.57
CA ILE P 129 -51.04 -43.62 32.05
C ILE P 129 -50.03 -44.59 32.64
N SER P 130 -48.77 -44.43 32.26
CA SER P 130 -47.67 -45.25 32.75
C SER P 130 -46.69 -44.37 33.51
N ILE P 131 -46.50 -44.65 34.80
CA ILE P 131 -45.63 -43.87 35.66
C ILE P 131 -44.47 -44.75 36.11
N LEU P 132 -43.25 -44.27 35.90
CA LEU P 132 -42.02 -44.99 36.24
C LEU P 132 -41.33 -44.23 37.38
N THR P 133 -41.31 -44.83 38.56
CA THR P 133 -40.64 -44.25 39.73
C THR P 133 -39.29 -44.92 39.92
N PHE P 134 -38.26 -44.11 40.14
CA PHE P 134 -36.90 -44.60 40.35
C PHE P 134 -36.34 -43.98 41.62
N THR P 135 -35.79 -44.82 42.49
CA THR P 135 -35.23 -44.33 43.75
C THR P 135 -33.91 -43.61 43.53
N GLY P 136 -32.89 -44.34 43.08
CA GLY P 136 -31.59 -43.75 42.84
C GLY P 136 -30.61 -44.73 42.21
N ASP P 137 -30.64 -45.99 42.66
CA ASP P 137 -29.74 -47.00 42.12
C ASP P 137 -30.31 -48.40 42.28
N GLY P 138 -31.63 -48.55 42.25
CA GLY P 138 -32.27 -49.83 42.40
C GLY P 138 -33.20 -50.16 41.24
N PRO P 139 -34.33 -50.79 41.54
CA PRO P 139 -35.30 -51.15 40.50
C PRO P 139 -36.14 -49.94 40.10
N TRP P 140 -37.02 -50.17 39.14
CA TRP P 140 -37.92 -49.13 38.63
C TRP P 140 -39.36 -49.63 38.80
N GLU P 141 -40.14 -48.89 39.59
CA GLU P 141 -41.53 -49.24 39.84
C GLU P 141 -42.39 -48.67 38.72
N VAL P 142 -42.97 -49.55 37.91
CA VAL P 142 -43.78 -49.15 36.76
C VAL P 142 -45.24 -49.42 37.12
N LYS P 143 -46.01 -48.36 37.29
CA LYS P 143 -47.44 -48.46 37.59
C LYS P 143 -48.25 -48.00 36.39
N LYS P 144 -49.43 -48.60 36.22
CA LYS P 144 -50.29 -48.35 35.07
C LYS P 144 -51.69 -48.03 35.55
N ILE P 145 -52.13 -46.80 35.29
CA ILE P 145 -53.50 -46.36 35.59
C ILE P 145 -54.28 -46.44 34.28
N SER P 146 -55.15 -47.45 34.18
CA SER P 146 -55.89 -47.70 32.95
C SER P 146 -57.20 -46.92 32.93
N ASN P 147 -57.93 -47.06 31.83
CA ASN P 147 -59.23 -46.42 31.64
C ASN P 147 -59.14 -44.91 31.77
N ALA P 148 -58.61 -44.24 30.75
CA ALA P 148 -58.56 -42.78 30.73
C ALA P 148 -59.81 -42.23 30.06
N HIS P 149 -59.86 -42.31 28.73
CA HIS P 149 -61.04 -41.91 27.97
C HIS P 149 -61.07 -42.61 26.62
N THR P 150 -61.54 -41.91 25.58
CA THR P 150 -61.67 -42.54 24.27
C THR P 150 -60.32 -42.65 23.56
N ILE P 151 -59.60 -41.54 23.42
CA ILE P 151 -58.33 -41.51 22.71
C ILE P 151 -57.21 -41.37 23.73
N GLY P 152 -55.99 -41.66 23.27
CA GLY P 152 -54.83 -41.57 24.14
C GLY P 152 -54.49 -40.13 24.48
N CYS P 153 -53.64 -39.98 25.49
CA CYS P 153 -53.21 -38.67 25.95
C CYS P 153 -52.21 -38.06 24.97
N ASN P 154 -51.95 -36.77 25.14
CA ASN P 154 -51.02 -36.03 24.29
C ASN P 154 -49.86 -35.44 25.09
N ALA P 155 -50.15 -34.62 26.10
CA ALA P 155 -49.11 -33.98 26.91
C ALA P 155 -49.39 -34.23 28.38
N VAL P 156 -48.32 -34.18 29.17
CA VAL P 156 -48.40 -34.38 30.62
C VAL P 156 -47.47 -33.40 31.30
N SER P 157 -47.87 -32.95 32.49
CA SER P 157 -47.06 -32.03 33.28
C SER P 157 -47.27 -32.33 34.75
N TRP P 158 -46.35 -31.84 35.57
CA TRP P 158 -46.36 -32.08 37.02
C TRP P 158 -46.65 -30.78 37.76
N ALA P 159 -46.83 -30.92 39.08
CA ALA P 159 -47.02 -29.80 39.98
C ALA P 159 -45.72 -29.44 40.68
N PRO P 160 -45.61 -28.24 41.25
CA PRO P 160 -44.40 -27.88 42.00
C PRO P 160 -44.18 -28.80 43.19
N SER P 161 -43.02 -28.63 43.82
CA SER P 161 -42.64 -29.50 44.94
C SER P 161 -43.54 -29.27 46.15
N VAL P 162 -43.95 -28.02 46.38
CA VAL P 162 -44.79 -27.69 47.53
C VAL P 162 -46.25 -28.00 47.19
N ILE P 163 -47.15 -27.66 48.10
CA ILE P 163 -48.58 -27.91 47.92
C ILE P 163 -49.10 -27.02 46.81
N PRO P 164 -50.11 -27.46 46.05
CA PRO P 164 -50.65 -26.60 44.99
C PRO P 164 -51.38 -25.39 45.56
N GLY P 165 -51.23 -24.26 44.88
CA GLY P 165 -51.83 -23.02 45.34
C GLY P 165 -50.80 -22.07 45.89
N SER P 166 -50.70 -20.88 45.29
CA SER P 166 -49.72 -19.88 45.70
C SER P 166 -50.16 -19.27 47.03
N LEU P 167 -49.50 -19.68 48.11
CA LEU P 167 -49.82 -19.22 49.45
C LEU P 167 -48.53 -18.84 50.17
N VAL P 168 -48.52 -17.67 50.80
CA VAL P 168 -47.36 -17.19 51.53
C VAL P 168 -47.29 -17.95 52.86
N ASP P 169 -46.21 -18.72 53.05
CA ASP P 169 -46.01 -19.50 54.25
C ASP P 169 -45.05 -18.79 55.20
N GLN P 170 -44.97 -19.32 56.44
CA GLN P 170 -44.09 -18.78 57.46
C GLN P 170 -42.70 -19.39 57.36
N PRO P 171 -41.66 -18.63 57.71
CA PRO P 171 -40.30 -19.18 57.67
C PRO P 171 -40.13 -20.32 58.67
N SER P 172 -39.43 -21.37 58.23
CA SER P 172 -39.18 -22.56 59.05
C SER P 172 -40.49 -23.19 59.54
N SER P 173 -41.49 -23.19 58.66
CA SER P 173 -42.79 -23.77 59.01
C SER P 173 -43.46 -24.46 57.83
N GLN P 174 -42.77 -24.61 56.70
CA GLN P 174 -43.33 -25.26 55.52
C GLN P 174 -42.47 -26.46 55.15
N LYS P 175 -43.10 -27.62 55.02
CA LYS P 175 -42.41 -28.86 54.67
C LYS P 175 -42.99 -29.42 53.37
N PRO P 176 -42.23 -29.44 52.28
CA PRO P 176 -42.77 -29.99 51.03
C PRO P 176 -43.03 -31.49 51.10
N ASN P 177 -44.29 -31.88 51.04
CA ASN P 177 -44.66 -33.28 51.13
C ASN P 177 -44.32 -34.00 49.82
N TYR P 178 -44.39 -35.33 49.86
CA TYR P 178 -44.10 -36.18 48.71
C TYR P 178 -45.36 -36.57 47.94
N ILE P 179 -46.47 -35.86 48.14
CA ILE P 179 -47.69 -36.15 47.40
C ILE P 179 -47.52 -35.74 45.95
N LYS P 180 -48.17 -36.49 45.06
CA LYS P 180 -48.03 -36.28 43.62
C LYS P 180 -49.27 -35.59 43.06
N ARG P 181 -49.05 -34.61 42.18
CA ARG P 181 -50.12 -33.91 41.49
C ARG P 181 -49.67 -33.66 40.06
N PHE P 182 -50.50 -34.02 39.09
CA PHE P 182 -50.12 -33.87 37.69
C PHE P 182 -51.34 -33.55 36.85
N VAL P 183 -51.09 -33.17 35.61
CA VAL P 183 -52.13 -32.83 34.64
C VAL P 183 -51.82 -33.54 33.34
N SER P 184 -52.87 -34.00 32.66
CA SER P 184 -52.74 -34.70 31.39
C SER P 184 -53.76 -34.14 30.42
N GLY P 185 -53.28 -33.68 29.26
CA GLY P 185 -54.16 -33.15 28.24
C GLY P 185 -54.09 -33.92 26.93
N GLY P 186 -55.23 -34.38 26.46
CA GLY P 186 -55.30 -35.12 25.21
C GLY P 186 -56.44 -34.68 24.32
N CYS P 187 -56.83 -35.54 23.38
CA CYS P 187 -57.92 -35.23 22.45
C CYS P 187 -59.23 -35.60 23.12
N ASP P 188 -59.74 -34.69 23.95
CA ASP P 188 -61.02 -34.95 24.62
C ASP P 188 -61.82 -33.67 24.87
N ASN P 189 -61.44 -32.53 24.32
CA ASN P 189 -62.13 -31.25 24.45
C ASN P 189 -62.23 -30.78 25.90
N LEU P 190 -61.47 -31.38 26.81
CA LEU P 190 -61.51 -31.01 28.23
C LEU P 190 -60.08 -30.98 28.77
N VAL P 191 -59.97 -30.64 30.05
CA VAL P 191 -58.69 -30.59 30.74
C VAL P 191 -58.93 -30.91 32.21
N LYS P 192 -58.22 -31.92 32.72
CA LYS P 192 -58.39 -32.39 34.09
C LYS P 192 -57.07 -32.27 34.84
N ILE P 193 -57.11 -32.72 36.10
CA ILE P 193 -55.93 -32.68 36.98
C ILE P 193 -56.08 -33.79 38.02
N TRP P 194 -55.07 -34.65 38.13
CA TRP P 194 -55.09 -35.76 39.04
C TRP P 194 -54.15 -35.52 40.22
N ARG P 195 -54.54 -36.06 41.38
CA ARG P 195 -53.77 -35.92 42.60
C ARG P 195 -53.82 -37.25 43.34
N GLU P 196 -52.68 -37.66 43.89
CA GLU P 196 -52.60 -38.93 44.60
C GLU P 196 -51.83 -38.75 45.90
N GLU P 197 -52.09 -39.66 46.84
CA GLU P 197 -51.36 -39.71 48.10
C GLU P 197 -50.43 -40.91 48.11
N ASP P 198 -49.49 -40.95 47.16
CA ASP P 198 -48.56 -42.06 47.00
C ASP P 198 -49.30 -43.37 46.77
N GLY P 199 -50.34 -43.34 45.93
CA GLY P 199 -51.07 -44.53 45.59
C GLY P 199 -52.58 -44.38 45.64
N GLN P 200 -53.09 -43.23 45.19
CA GLN P 200 -54.53 -43.00 45.17
C GLN P 200 -54.88 -41.86 44.23
N TRP P 201 -54.78 -42.10 42.93
CA TRP P 201 -55.07 -41.06 41.94
C TRP P 201 -56.56 -40.73 41.94
N LYS P 202 -56.87 -39.43 42.00
CA LYS P 202 -58.26 -38.99 41.98
C LYS P 202 -58.32 -37.61 41.33
N GLU P 203 -59.51 -37.28 40.85
CA GLU P 203 -59.71 -36.00 40.18
C GLU P 203 -59.73 -34.86 41.19
N ASP P 204 -59.62 -33.63 40.67
CA ASP P 204 -59.62 -32.44 41.51
C ASP P 204 -60.70 -31.46 41.06
N GLN P 205 -60.67 -31.07 39.79
CA GLN P 205 -61.62 -30.11 39.26
C GLN P 205 -61.97 -30.50 37.82
N LYS P 206 -63.10 -29.97 37.36
CA LYS P 206 -63.58 -30.21 36.00
C LYS P 206 -63.92 -28.88 35.35
N LEU P 207 -63.62 -28.77 34.05
CA LEU P 207 -63.87 -27.56 33.30
C LEU P 207 -64.38 -27.91 31.91
N GLU P 208 -65.35 -27.14 31.42
CA GLU P 208 -65.93 -27.33 30.10
C GLU P 208 -65.96 -25.96 29.41
N ALA P 209 -64.85 -25.62 28.74
CA ALA P 209 -64.75 -24.34 28.05
C ALA P 209 -64.16 -24.51 26.66
N HIS P 210 -63.36 -25.56 26.47
CA HIS P 210 -62.74 -25.81 25.17
C HIS P 210 -63.78 -26.37 24.20
N SER P 211 -63.92 -25.71 23.05
CA SER P 211 -64.87 -26.14 22.03
C SER P 211 -64.24 -27.01 20.96
N ASP P 212 -62.92 -27.16 20.96
CA ASP P 212 -62.21 -27.96 19.98
C ASP P 212 -61.36 -29.00 20.70
N TRP P 213 -60.62 -29.79 19.93
CA TRP P 213 -59.77 -30.82 20.51
C TRP P 213 -58.55 -30.17 21.14
N VAL P 214 -58.36 -30.41 22.44
CA VAL P 214 -57.22 -29.86 23.16
C VAL P 214 -55.94 -30.51 22.64
N ARG P 215 -55.03 -29.70 22.11
CA ARG P 215 -53.79 -30.23 21.55
C ARG P 215 -52.79 -30.58 22.65
N ASP P 216 -52.40 -29.58 23.44
CA ASP P 216 -51.37 -29.80 24.46
C ASP P 216 -51.64 -28.90 25.65
N VAL P 217 -51.03 -29.27 26.79
CA VAL P 217 -51.09 -28.49 28.01
C VAL P 217 -49.70 -28.48 28.64
N ALA P 218 -49.43 -27.45 29.44
CA ALA P 218 -48.14 -27.33 30.11
C ALA P 218 -48.30 -26.56 31.40
N TRP P 219 -47.96 -27.18 32.52
CA TRP P 219 -47.94 -26.52 33.82
C TRP P 219 -46.61 -25.81 34.02
N ALA P 220 -46.64 -24.71 34.77
CA ALA P 220 -45.44 -23.92 35.02
C ALA P 220 -45.10 -23.95 36.51
N PRO P 221 -44.29 -24.90 36.97
CA PRO P 221 -43.85 -24.88 38.37
C PRO P 221 -42.78 -23.83 38.60
N SER P 222 -43.21 -22.65 39.07
CA SER P 222 -42.28 -21.53 39.23
C SER P 222 -41.29 -21.83 40.35
N ILE P 223 -40.00 -21.72 40.04
CA ILE P 223 -38.95 -21.92 41.03
C ILE P 223 -38.72 -20.61 41.78
N GLY P 224 -39.59 -20.33 42.74
CA GLY P 224 -39.51 -19.10 43.51
C GLY P 224 -40.83 -18.74 44.15
N LEU P 225 -41.93 -19.22 43.56
CA LEU P 225 -43.27 -19.00 44.08
C LEU P 225 -44.11 -20.22 43.74
N PRO P 226 -45.03 -20.63 44.62
CA PRO P 226 -45.91 -21.78 44.36
C PRO P 226 -47.11 -21.44 43.47
N THR P 227 -46.90 -20.54 42.52
CA THR P 227 -47.96 -20.12 41.61
C THR P 227 -48.21 -21.20 40.57
N SER P 228 -49.44 -21.71 40.54
CA SER P 228 -49.82 -22.77 39.60
C SER P 228 -50.54 -22.16 38.40
N THR P 229 -49.92 -22.28 37.23
CA THR P 229 -50.50 -21.76 36.00
C THR P 229 -50.28 -22.76 34.88
N ILE P 230 -51.36 -23.11 34.19
CA ILE P 230 -51.32 -24.10 33.10
C ILE P 230 -51.71 -23.40 31.81
N ALA P 231 -50.84 -23.48 30.82
CA ALA P 231 -51.10 -22.95 29.49
C ALA P 231 -51.53 -24.09 28.57
N SER P 232 -52.67 -23.91 27.91
CA SER P 232 -53.23 -24.93 27.04
C SER P 232 -53.33 -24.41 25.61
N CYS P 233 -53.31 -25.33 24.65
CA CYS P 233 -53.44 -24.99 23.25
C CYS P 233 -54.24 -26.08 22.55
N SER P 234 -55.09 -25.68 21.61
CA SER P 234 -55.96 -26.60 20.90
C SER P 234 -55.69 -26.55 19.39
N GLN P 235 -56.70 -26.90 18.60
CA GLN P 235 -56.57 -26.89 17.14
C GLN P 235 -56.88 -25.52 16.55
N ASP P 236 -57.89 -24.83 17.07
CA ASP P 236 -58.25 -23.51 16.54
C ASP P 236 -57.23 -22.47 16.96
N GLY P 237 -56.88 -22.42 18.24
CA GLY P 237 -55.91 -21.45 18.74
C GLY P 237 -56.32 -20.83 20.05
N ARG P 238 -57.22 -21.50 20.77
CA ARG P 238 -57.70 -21.00 22.06
C ARG P 238 -56.62 -21.25 23.11
N VAL P 239 -55.79 -20.23 23.35
CA VAL P 239 -54.70 -20.31 24.32
C VAL P 239 -55.23 -19.75 25.63
N TYR P 240 -55.68 -20.63 26.52
CA TYR P 240 -56.22 -20.23 27.81
C TYR P 240 -55.14 -20.41 28.88
N ILE P 241 -54.98 -19.38 29.71
CA ILE P 241 -53.98 -19.39 30.77
C ILE P 241 -54.74 -19.66 32.07
N TRP P 242 -54.78 -20.94 32.46
CA TRP P 242 -55.45 -21.35 33.70
C TRP P 242 -54.50 -21.10 34.87
N THR P 243 -54.64 -19.92 35.49
CA THR P 243 -53.78 -19.53 36.60
C THR P 243 -54.53 -19.70 37.91
N SER P 244 -53.87 -20.30 38.90
CA SER P 244 -54.45 -20.53 40.22
C SER P 244 -53.61 -19.75 41.24
N ASP P 245 -54.11 -18.58 41.65
CA ASP P 245 -53.41 -17.72 42.60
C ASP P 245 -54.37 -17.44 43.76
N ASP P 246 -54.59 -18.45 44.60
CA ASP P 246 -55.47 -18.33 45.76
C ASP P 246 -54.67 -18.67 47.00
N ALA P 247 -54.83 -19.87 47.55
CA ALA P 247 -54.09 -20.27 48.74
C ALA P 247 -53.79 -21.76 48.73
N ALA P 248 -54.81 -22.58 48.99
CA ALA P 248 -54.65 -24.03 48.99
C ALA P 248 -55.75 -24.76 48.24
N THR P 249 -56.70 -24.05 47.65
CA THR P 249 -57.78 -24.69 46.91
C THR P 249 -57.41 -24.86 45.44
N ASN P 250 -58.41 -24.86 44.56
CA ASN P 250 -58.19 -25.02 43.13
C ASN P 250 -59.18 -24.15 42.37
N CYS P 251 -58.66 -23.29 41.49
CA CYS P 251 -59.49 -22.40 40.70
C CYS P 251 -58.74 -22.02 39.44
N TRP P 252 -59.38 -22.22 38.28
CA TRP P 252 -58.79 -21.91 36.99
C TRP P 252 -59.69 -20.93 36.25
N THR P 253 -59.08 -19.88 35.69
CA THR P 253 -59.82 -18.85 34.97
C THR P 253 -59.45 -18.90 33.49
N PRO P 254 -60.40 -19.16 32.59
CA PRO P 254 -60.08 -19.19 31.16
C PRO P 254 -59.77 -17.81 30.59
N LYS P 255 -58.50 -17.50 30.44
CA LYS P 255 -58.04 -16.21 29.91
C LYS P 255 -57.44 -16.43 28.54
N LEU P 256 -58.16 -15.99 27.50
CA LEU P 256 -57.69 -16.15 26.12
C LEU P 256 -56.50 -15.23 25.89
N LEU P 257 -55.32 -15.82 25.67
CA LEU P 257 -54.12 -15.02 25.46
C LEU P 257 -54.17 -14.30 24.12
N HIS P 258 -54.24 -15.06 23.02
CA HIS P 258 -54.29 -14.48 21.68
C HIS P 258 -55.11 -15.39 20.79
N LYS P 259 -55.95 -14.78 19.95
CA LYS P 259 -56.80 -15.53 19.02
C LYS P 259 -55.94 -16.04 17.88
N PHE P 260 -55.30 -17.18 18.12
CA PHE P 260 -54.44 -17.80 17.11
C PHE P 260 -55.27 -18.52 16.06
N ASN P 261 -54.63 -18.82 14.93
CA ASN P 261 -55.26 -19.52 13.81
C ASN P 261 -54.37 -20.65 13.33
N ASP P 262 -53.71 -21.33 14.26
CA ASP P 262 -52.83 -22.45 13.92
C ASP P 262 -52.98 -23.53 14.99
N VAL P 263 -52.14 -24.55 14.91
CA VAL P 263 -52.14 -25.65 15.86
C VAL P 263 -50.80 -25.63 16.57
N VAL P 264 -50.76 -24.99 17.74
CA VAL P 264 -49.54 -24.91 18.53
C VAL P 264 -49.30 -26.25 19.21
N TRP P 265 -48.11 -26.82 19.02
CA TRP P 265 -47.77 -28.10 19.62
C TRP P 265 -46.81 -28.00 20.79
N HIS P 266 -46.09 -26.89 20.94
CA HIS P 266 -45.15 -26.74 22.05
C HIS P 266 -45.37 -25.41 22.75
N VAL P 267 -45.49 -25.45 24.07
CA VAL P 267 -45.58 -24.25 24.90
C VAL P 267 -44.60 -24.39 26.06
N SER P 268 -43.31 -24.27 25.76
CA SER P 268 -42.28 -24.53 26.75
C SER P 268 -42.17 -23.38 27.75
N TRP P 269 -41.60 -23.68 28.91
CA TRP P 269 -41.40 -22.70 29.97
C TRP P 269 -39.92 -22.56 30.26
N SER P 270 -39.53 -21.40 30.77
CA SER P 270 -38.15 -21.15 31.12
C SER P 270 -37.75 -21.98 32.35
N ILE P 271 -36.49 -21.83 32.77
CA ILE P 271 -36.01 -22.57 33.92
C ILE P 271 -36.70 -22.14 35.21
N THR P 272 -37.28 -20.94 35.24
CA THR P 272 -38.04 -20.46 36.37
C THR P 272 -39.54 -20.53 36.15
N ALA P 273 -39.98 -21.08 35.01
CA ALA P 273 -41.40 -21.22 34.68
C ALA P 273 -42.12 -19.88 34.71
N ASN P 274 -41.43 -18.84 34.26
CA ASN P 274 -42.02 -17.50 34.18
C ASN P 274 -42.12 -16.98 32.75
N ILE P 275 -41.24 -17.40 31.84
CA ILE P 275 -41.27 -17.00 30.45
C ILE P 275 -41.77 -18.17 29.62
N LEU P 276 -42.67 -17.90 28.69
CA LEU P 276 -43.30 -18.91 27.86
C LEU P 276 -42.83 -18.77 26.42
N ALA P 277 -42.35 -19.88 25.84
CA ALA P 277 -41.93 -19.94 24.45
C ALA P 277 -42.92 -20.79 23.68
N VAL P 278 -43.62 -20.18 22.74
CA VAL P 278 -44.67 -20.84 21.95
C VAL P 278 -44.09 -21.24 20.60
N SER P 279 -44.40 -22.46 20.17
CA SER P 279 -43.95 -22.97 18.88
C SER P 279 -45.05 -23.85 18.32
N GLY P 280 -45.52 -23.52 17.12
CA GLY P 280 -46.58 -24.27 16.48
C GLY P 280 -46.63 -24.07 14.98
N GLY P 281 -47.82 -23.80 14.45
CA GLY P 281 -48.00 -23.62 13.02
C GLY P 281 -48.04 -22.17 12.59
N ASP P 282 -47.29 -21.32 13.27
CA ASP P 282 -47.21 -19.90 12.94
C ASP P 282 -45.88 -19.51 12.32
N ASN P 283 -44.94 -20.43 12.20
CA ASN P 283 -43.61 -20.23 11.62
C ASN P 283 -42.80 -19.18 12.36
N LYS P 284 -43.23 -18.75 13.54
CA LYS P 284 -42.53 -17.76 14.34
C LYS P 284 -42.64 -18.12 15.81
N VAL P 285 -41.87 -17.43 16.64
CA VAL P 285 -41.88 -17.62 18.09
C VAL P 285 -41.96 -16.24 18.72
N THR P 286 -43.09 -15.94 19.35
CA THR P 286 -43.31 -14.66 20.01
C THR P 286 -43.29 -14.86 21.52
N LEU P 287 -42.33 -14.25 22.19
CA LEU P 287 -42.15 -14.40 23.64
C LEU P 287 -43.12 -13.46 24.34
N TRP P 288 -44.35 -13.94 24.55
CA TRP P 288 -45.36 -13.17 25.26
C TRP P 288 -45.09 -13.26 26.76
N LYS P 289 -44.11 -12.47 27.21
CA LYS P 289 -43.72 -12.48 28.60
C LYS P 289 -44.79 -11.84 29.48
N GLU P 290 -44.68 -12.10 30.78
CA GLU P 290 -45.58 -11.54 31.77
C GLU P 290 -44.91 -10.31 32.37
N SER P 291 -45.52 -9.15 32.18
CA SER P 291 -44.95 -7.89 32.68
C SER P 291 -45.19 -7.79 34.19
N VAL P 292 -44.98 -6.59 34.73
CA VAL P 292 -45.12 -6.35 36.16
C VAL P 292 -46.53 -5.86 36.46
N ASP P 293 -47.49 -6.23 35.62
CA ASP P 293 -48.89 -5.89 35.88
C ASP P 293 -49.86 -6.96 35.36
N GLY P 294 -49.44 -8.22 35.29
CA GLY P 294 -50.32 -9.27 34.83
C GLY P 294 -50.56 -9.22 33.34
N GLN P 295 -51.56 -10.00 32.91
CA GLN P 295 -52.00 -10.09 31.51
C GLN P 295 -50.82 -10.59 30.69
N TRP P 296 -50.53 -9.99 29.53
CA TRP P 296 -49.43 -10.45 28.68
C TRP P 296 -48.89 -9.26 27.90
N ALA P 297 -47.70 -9.46 27.33
CA ALA P 297 -47.05 -8.41 26.55
C ALA P 297 -46.03 -9.05 25.62
N CYS P 298 -46.14 -8.78 24.32
CA CYS P 298 -45.22 -9.32 23.33
C CYS P 298 -44.12 -8.31 23.08
N ILE P 299 -42.91 -8.61 23.54
CA ILE P 299 -41.76 -7.72 23.38
C ILE P 299 -40.67 -8.30 22.51
N SER P 300 -40.79 -9.55 22.07
CA SER P 300 -39.77 -10.18 21.24
C SER P 300 -40.40 -11.20 20.33
N ASP P 301 -39.95 -11.24 19.08
CA ASP P 301 -40.45 -12.19 18.09
C ASP P 301 -39.30 -12.61 17.18
N VAL P 302 -39.06 -13.92 17.11
CA VAL P 302 -37.99 -14.49 16.31
C VAL P 302 -38.56 -15.59 15.43
N ASN P 303 -37.68 -16.23 14.66
CA ASN P 303 -38.09 -17.30 13.78
C ASN P 303 -38.46 -18.55 14.58
N LYS P 304 -39.01 -19.54 13.88
CA LYS P 304 -39.43 -20.78 14.52
C LYS P 304 -38.22 -21.60 14.97
N SER Q 119 -75.07 82.57 56.34
CA SER Q 119 -75.89 83.77 56.23
C SER Q 119 -76.15 84.14 54.77
N PRO Q 120 -77.41 84.39 54.42
CA PRO Q 120 -77.73 84.77 53.04
C PRO Q 120 -77.27 86.15 52.65
N SER Q 121 -76.91 87.01 53.62
CA SER Q 121 -76.44 88.34 53.30
C SER Q 121 -75.15 88.30 52.51
N PHE Q 122 -74.19 87.46 52.95
CA PHE Q 122 -72.94 87.30 52.21
C PHE Q 122 -73.19 86.78 50.81
N THR Q 123 -74.08 85.79 50.67
CA THR Q 123 -74.36 85.20 49.36
C THR Q 123 -74.95 86.24 48.42
N GLU Q 124 -75.96 86.98 48.89
CA GLU Q 124 -76.57 87.99 48.02
C GLU Q 124 -75.60 89.13 47.72
N ASP Q 125 -74.73 89.48 48.67
CA ASP Q 125 -73.76 90.54 48.43
C ASP Q 125 -72.75 90.14 47.36
N ILE Q 126 -72.22 88.92 47.44
CA ILE Q 126 -71.27 88.49 46.43
C ILE Q 126 -71.96 88.25 45.09
N THR Q 127 -73.22 87.81 45.10
CA THR Q 127 -73.94 87.64 43.84
C THR Q 127 -74.18 88.99 43.17
N LEU Q 128 -74.46 90.03 43.94
CA LEU Q 128 -74.62 91.36 43.36
C LEU Q 128 -73.29 91.96 42.93
N SER Q 129 -72.22 91.67 43.67
CA SER Q 129 -70.91 92.24 43.34
C SER Q 129 -70.29 91.57 42.12
N ALA Q 130 -70.61 90.30 41.87
CA ALA Q 130 -70.06 89.61 40.71
C ALA Q 130 -70.59 90.19 39.40
N VAL Q 131 -71.72 90.88 39.42
CA VAL Q 131 -72.29 91.46 38.21
C VAL Q 131 -72.28 92.98 38.23
N MET Q 132 -72.22 93.63 39.39
CA MET Q 132 -72.27 95.08 39.44
C MET Q 132 -70.99 95.69 38.86
N LEU Q 133 -71.05 96.98 38.57
CA LEU Q 133 -69.91 97.70 38.02
C LEU Q 133 -69.39 98.73 39.01
N GLN Q 134 -69.05 98.28 40.21
CA GLN Q 134 -68.52 99.15 41.26
C GLN Q 134 -67.24 98.55 41.81
N GLU Q 135 -66.51 99.37 42.58
CA GLU Q 135 -65.25 98.97 43.18
C GLU Q 135 -65.38 99.12 44.70
N GLU Q 136 -65.91 98.10 45.35
CA GLU Q 136 -66.07 98.07 46.80
C GLU Q 136 -65.10 97.04 47.39
N ASP Q 137 -64.33 97.47 48.38
CA ASP Q 137 -63.33 96.62 49.02
C ASP Q 137 -63.71 96.40 50.47
N PRO Q 138 -64.40 95.31 50.79
CA PRO Q 138 -64.74 95.02 52.19
C PRO Q 138 -63.59 94.38 52.95
N GLY Q 139 -62.37 94.48 52.40
CA GLY Q 139 -61.22 93.90 53.07
C GLY Q 139 -60.91 94.55 54.40
N GLU Q 140 -61.07 95.88 54.47
CA GLU Q 140 -60.85 96.58 55.73
C GLU Q 140 -61.87 96.16 56.78
N ALA Q 141 -63.14 96.03 56.37
CA ALA Q 141 -64.16 95.57 57.31
C ALA Q 141 -63.90 94.15 57.78
N ALA Q 142 -63.46 93.28 56.86
CA ALA Q 142 -63.14 91.90 57.24
C ALA Q 142 -61.96 91.86 58.21
N THR Q 143 -60.93 92.67 57.97
CA THR Q 143 -59.78 92.70 58.86
C THR Q 143 -60.15 93.29 60.22
N MET Q 144 -61.09 94.23 60.26
CA MET Q 144 -61.52 94.80 61.54
C MET Q 144 -62.44 93.85 62.29
N SER Q 145 -63.19 93.00 61.59
CA SER Q 145 -64.11 92.08 62.23
C SER Q 145 -63.49 90.75 62.59
N MET Q 146 -62.37 90.38 61.98
CA MET Q 146 -61.73 89.10 62.31
C MET Q 146 -61.03 89.13 63.66
N TYR Q 147 -60.69 90.32 64.17
CA TYR Q 147 -60.00 90.38 65.46
C TYR Q 147 -60.91 90.05 66.63
N PRO Q 148 -62.12 90.61 66.75
CA PRO Q 148 -62.98 90.22 67.89
C PRO Q 148 -63.36 88.75 67.88
N ASP Q 149 -63.64 88.19 66.69
CA ASP Q 149 -63.96 86.77 66.62
C ASP Q 149 -62.77 85.91 67.02
N PHE Q 150 -61.56 86.30 66.61
CA PHE Q 150 -60.36 85.56 66.99
C PHE Q 150 -60.14 85.64 68.50
N LEU Q 151 -60.34 86.82 69.09
CA LEU Q 151 -60.18 86.94 70.54
C LEU Q 151 -61.23 86.14 71.29
N LYS Q 152 -62.46 86.10 70.77
CA LYS Q 152 -63.50 85.29 71.39
C LYS Q 152 -63.16 83.81 71.33
N SER Q 153 -62.68 83.35 70.17
CA SER Q 153 -62.26 81.95 70.06
C SER Q 153 -61.09 81.65 71.00
N PHE Q 154 -60.17 82.59 71.15
CA PHE Q 154 -59.03 82.39 72.04
C PHE Q 154 -59.47 82.29 73.50
N LEU Q 155 -60.36 83.18 73.93
CA LEU Q 155 -60.84 83.13 75.31
C LEU Q 155 -61.79 81.96 75.55
N GLU Q 156 -62.41 81.43 74.51
CA GLU Q 156 -63.26 80.26 74.67
C GLU Q 156 -62.45 78.97 74.75
N HIS Q 157 -61.41 78.86 73.92
CA HIS Q 157 -60.56 77.66 73.91
C HIS Q 157 -59.16 78.03 74.39
N PRO Q 158 -58.80 77.71 75.63
CA PRO Q 158 -57.45 78.06 76.12
C PRO Q 158 -56.36 77.17 75.54
N SER Q 159 -55.19 77.20 76.15
CA SER Q 159 -54.06 76.40 75.68
C SER Q 159 -54.16 74.93 76.09
N SER Q 160 -55.12 74.58 76.95
CA SER Q 160 -55.27 73.19 77.37
C SER Q 160 -55.82 72.33 76.23
N ALA Q 161 -57.02 72.66 75.76
CA ALA Q 161 -57.65 71.93 74.65
C ALA Q 161 -57.10 72.50 73.33
N VAL Q 162 -55.83 72.20 73.09
CA VAL Q 162 -55.15 72.73 71.90
C VAL Q 162 -55.77 72.16 70.62
N PHE Q 163 -56.25 70.91 70.66
CA PHE Q 163 -56.84 70.31 69.47
C PHE Q 163 -58.12 71.04 69.08
N GLU Q 164 -59.05 71.22 70.01
CA GLU Q 164 -60.28 71.93 69.70
C GLU Q 164 -60.00 73.40 69.39
N LEU Q 165 -59.00 74.00 70.04
CA LEU Q 165 -58.63 75.37 69.74
C LEU Q 165 -58.18 75.52 68.29
N ILE Q 166 -57.27 74.65 67.85
CA ILE Q 166 -56.78 74.73 66.48
C ILE Q 166 -57.88 74.33 65.50
N GLU Q 167 -58.83 73.48 65.92
CA GLU Q 167 -59.93 73.12 65.04
C GLU Q 167 -60.85 74.32 64.80
N GLN Q 168 -61.24 75.02 65.86
CA GLN Q 168 -62.06 76.22 65.71
C GLN Q 168 -61.30 77.30 64.95
N TYR Q 169 -59.99 77.40 65.19
CA TYR Q 169 -59.17 78.38 64.46
C TYR Q 169 -59.17 78.08 62.97
N GLU Q 170 -58.96 76.81 62.60
CA GLU Q 170 -58.96 76.44 61.19
C GLU Q 170 -60.33 76.66 60.57
N ALA Q 171 -61.41 76.40 61.32
CA ALA Q 171 -62.75 76.63 60.80
C ALA Q 171 -62.97 78.10 60.49
N THR Q 172 -62.70 78.97 61.46
CA THR Q 172 -62.89 80.41 61.24
C THR Q 172 -61.95 80.92 60.15
N CYS Q 173 -60.75 80.36 60.06
CA CYS Q 173 -59.79 80.82 59.06
C CYS Q 173 -60.23 80.41 57.66
N ASN Q 174 -60.71 79.18 57.49
CA ASN Q 174 -61.29 78.79 56.21
C ASN Q 174 -62.50 79.63 55.87
N THR Q 175 -63.30 80.01 56.88
CA THR Q 175 -64.44 80.88 56.64
C THR Q 175 -63.98 82.23 56.06
N GLN Q 176 -63.06 82.91 56.74
CA GLN Q 176 -62.62 84.21 56.23
C GLN Q 176 -61.82 84.07 54.93
N ILE Q 177 -61.17 82.93 54.70
CA ILE Q 177 -60.48 82.70 53.43
C ILE Q 177 -61.50 82.61 52.30
N THR Q 178 -62.61 81.88 52.52
CA THR Q 178 -63.66 81.83 51.52
C THR Q 178 -64.25 83.21 51.27
N LEU Q 179 -64.47 83.98 52.36
CA LEU Q 179 -64.98 85.34 52.20
C LEU Q 179 -64.06 86.18 51.33
N LEU Q 180 -62.76 86.18 51.64
CA LEU Q 180 -61.81 87.01 50.91
C LEU Q 180 -61.65 86.53 49.46
N LYS Q 181 -61.67 85.22 49.24
CA LYS Q 181 -61.53 84.71 47.87
C LYS Q 181 -62.77 85.03 47.05
N LYS Q 182 -63.95 85.03 47.65
CA LYS Q 182 -65.15 85.45 46.93
C LYS Q 182 -65.08 86.94 46.61
N ILE Q 183 -64.65 87.76 47.58
CA ILE Q 183 -64.51 89.19 47.34
C ILE Q 183 -63.52 89.45 46.19
N VAL Q 184 -62.44 88.66 46.13
CA VAL Q 184 -61.44 88.85 45.09
C VAL Q 184 -61.98 88.41 43.74
N LYS Q 185 -62.56 87.22 43.68
CA LYS Q 185 -63.04 86.68 42.41
C LYS Q 185 -64.30 87.37 41.90
N ARG Q 186 -64.96 88.20 42.72
CA ARG Q 186 -66.13 88.92 42.25
C ARG Q 186 -65.82 89.94 41.17
N VAL Q 187 -64.55 90.23 40.91
CA VAL Q 187 -64.15 91.18 39.88
C VAL Q 187 -62.74 90.83 39.42
N THR Q 188 -62.36 91.36 38.26
CA THR Q 188 -61.02 91.11 37.73
C THR Q 188 -59.99 91.85 38.56
N PRO Q 189 -59.03 91.16 39.19
CA PRO Q 189 -58.00 91.83 40.01
C PRO Q 189 -56.95 92.56 39.18
N GLY Q 190 -57.30 93.77 38.74
CA GLY Q 190 -56.39 94.56 37.93
C GLY Q 190 -55.89 95.80 38.65
N GLN Q 191 -56.71 96.36 39.53
CA GLN Q 191 -56.33 97.54 40.28
C GLN Q 191 -55.40 97.19 41.44
N GLN Q 192 -54.75 98.22 41.98
CA GLN Q 192 -53.80 98.00 43.07
C GLN Q 192 -54.50 97.49 44.32
N LYS Q 193 -55.72 97.97 44.58
CA LYS Q 193 -56.45 97.53 45.77
C LYS Q 193 -56.76 96.03 45.71
N PHE Q 194 -57.31 95.56 44.59
CA PHE Q 194 -57.62 94.14 44.47
C PHE Q 194 -56.36 93.30 44.33
N SER Q 195 -55.29 93.86 43.78
CA SER Q 195 -54.01 93.14 43.75
C SER Q 195 -53.49 92.91 45.16
N LYS Q 196 -53.52 93.94 45.99
CA LYS Q 196 -53.11 93.78 47.39
C LYS Q 196 -54.07 92.88 48.15
N THR Q 197 -55.35 92.87 47.76
CA THR Q 197 -56.29 91.95 48.40
C THR Q 197 -55.96 90.51 48.06
N ALA Q 198 -55.62 90.22 46.80
CA ALA Q 198 -55.21 88.87 46.42
C ALA Q 198 -53.90 88.49 47.11
N SER Q 199 -52.98 89.45 47.24
CA SER Q 199 -51.74 89.18 47.97
C SER Q 199 -52.02 88.86 49.44
N ILE Q 200 -52.95 89.58 50.06
CA ILE Q 200 -53.31 89.30 51.45
C ILE Q 200 -53.98 87.93 51.56
N LEU Q 201 -54.79 87.56 50.56
CA LEU Q 201 -55.40 86.23 50.57
C LEU Q 201 -54.35 85.13 50.47
N TRP Q 202 -53.36 85.31 49.60
CA TRP Q 202 -52.29 84.32 49.48
C TRP Q 202 -51.47 84.26 50.76
N LEU Q 203 -51.19 85.40 51.37
CA LEU Q 203 -50.46 85.42 52.64
C LEU Q 203 -51.27 84.75 53.75
N LEU Q 204 -52.60 84.88 53.70
CA LEU Q 204 -53.45 84.20 54.69
C LEU Q 204 -53.43 82.70 54.49
N GLN Q 205 -53.49 82.24 53.24
CA GLN Q 205 -53.35 80.82 52.96
C GLN Q 205 -52.00 80.29 53.49
N GLN Q 206 -50.94 81.06 53.27
CA GLN Q 206 -49.62 80.63 53.74
C GLN Q 206 -49.56 80.63 55.27
N GLU Q 207 -50.17 81.63 55.91
CA GLU Q 207 -50.21 81.66 57.36
C GLU Q 207 -50.96 80.47 57.93
N MET Q 208 -52.05 80.07 57.26
CA MET Q 208 -52.81 78.92 57.75
C MET Q 208 -52.06 77.62 57.52
N VAL Q 209 -51.33 77.50 56.41
CA VAL Q 209 -50.56 76.28 56.21
C VAL Q 209 -49.39 76.22 57.19
N THR Q 210 -48.83 77.38 57.56
CA THR Q 210 -47.77 77.40 58.58
C THR Q 210 -48.35 77.05 59.95
N TRP Q 211 -49.56 77.50 60.25
CA TRP Q 211 -50.21 77.12 61.50
C TRP Q 211 -50.48 75.62 61.54
N ARG Q 212 -50.89 75.04 60.41
CA ARG Q 212 -51.07 73.59 60.34
C ARG Q 212 -49.75 72.86 60.57
N LEU Q 213 -48.68 73.34 59.96
CA LEU Q 213 -47.36 72.73 60.19
C LEU Q 213 -46.94 72.85 61.64
N ILE Q 214 -47.22 73.99 62.26
CA ILE Q 214 -46.86 74.20 63.66
C ILE Q 214 -47.65 73.25 64.57
N ALA Q 215 -48.94 73.08 64.29
CA ALA Q 215 -49.75 72.16 65.07
C ALA Q 215 -49.26 70.72 64.90
N ALA Q 216 -48.91 70.34 63.68
CA ALA Q 216 -48.39 69.00 63.44
C ALA Q 216 -47.07 68.77 64.18
N LEU Q 217 -46.18 69.77 64.14
CA LEU Q 217 -44.91 69.65 64.85
C LEU Q 217 -45.10 69.59 66.35
N TYR Q 218 -46.07 70.35 66.87
CA TYR Q 218 -46.36 70.29 68.30
C TYR Q 218 -46.91 68.93 68.70
N ARG Q 219 -47.79 68.36 67.89
CA ARG Q 219 -48.31 67.03 68.16
C ARG Q 219 -47.19 65.99 68.12
N ASP Q 220 -46.28 66.11 67.14
CA ASP Q 220 -45.17 65.17 67.06
C ASP Q 220 -44.25 65.30 68.27
N ARG Q 221 -43.98 66.53 68.72
CA ARG Q 221 -43.13 66.72 69.88
C ARG Q 221 -43.80 66.18 71.14
N ILE Q 222 -45.11 66.36 71.27
CA ILE Q 222 -45.83 65.82 72.42
C ILE Q 222 -45.78 64.30 72.41
N GLN Q 223 -45.93 63.69 71.23
CA GLN Q 223 -45.89 62.24 71.15
C GLN Q 223 -44.49 61.69 71.40
N SER Q 224 -43.45 62.44 71.02
CA SER Q 224 -42.09 61.98 71.22
C SER Q 224 -41.56 62.25 72.62
N ALA Q 225 -42.15 63.21 73.34
CA ALA Q 225 -41.70 63.48 74.70
C ALA Q 225 -41.99 62.33 75.65
N LEU Q 226 -42.97 61.49 75.35
CA LEU Q 226 -43.30 60.34 76.18
C LEU Q 226 -42.45 59.11 75.84
N GLU Q 227 -41.64 59.18 74.78
CA GLU Q 227 -40.81 58.04 74.39
C GLU Q 227 -39.45 58.50 73.88
N GLU Q 228 -38.95 59.62 74.39
CA GLU Q 228 -37.60 60.07 74.05
C GLU Q 228 -36.55 58.99 74.32
N GLU Q 229 -36.66 58.32 75.46
CA GLU Q 229 -35.74 57.26 75.85
C GLU Q 229 -36.30 55.92 75.41
N ASN Q 230 -35.44 55.10 74.79
CA ASN Q 230 -35.86 53.79 74.32
C ASN Q 230 -34.90 52.71 74.79
N MET Q 231 -35.05 51.49 74.28
CA MET Q 231 -34.18 50.39 74.67
C MET Q 231 -34.12 49.39 73.52
N PHE Q 232 -32.91 48.94 73.20
CA PHE Q 232 -32.67 47.99 72.13
C PHE Q 232 -32.18 46.67 72.71
N GLU Q 233 -32.70 45.56 72.17
CA GLU Q 233 -32.32 44.24 72.64
C GLU Q 233 -32.53 43.19 71.55
N ILE Q 234 -33.46 43.46 70.64
CA ILE Q 234 -33.79 42.54 69.55
C ILE Q 234 -33.22 43.11 68.25
N ALA Q 235 -32.42 42.31 67.55
CA ALA Q 235 -31.83 42.72 66.29
C ALA Q 235 -31.86 41.64 65.22
N ALA Q 236 -32.45 40.48 65.49
CA ALA Q 236 -32.48 39.42 64.49
C ALA Q 236 -33.53 39.73 63.43
N PRO Q 237 -33.20 39.67 62.15
CA PRO Q 237 -34.16 39.97 61.10
C PRO Q 237 -35.10 38.80 60.85
N ASN Q 238 -36.17 39.08 60.11
CA ASN Q 238 -37.17 38.08 59.76
C ASN Q 238 -37.64 38.36 58.33
N ALA Q 239 -38.66 37.62 57.91
CA ALA Q 239 -39.20 37.81 56.58
C ALA Q 239 -40.02 39.11 56.51
N SER Q 240 -40.18 39.61 55.28
CA SER Q 240 -40.91 40.84 54.99
C SER Q 240 -40.23 42.06 55.62
N GLU Q 241 -39.70 42.94 54.77
CA GLU Q 241 -38.98 44.11 55.26
C GLU Q 241 -39.88 45.12 55.95
N LYS Q 242 -41.20 44.96 55.89
CA LYS Q 242 -42.09 45.89 56.57
C LYS Q 242 -41.91 45.81 58.09
N THR Q 243 -41.65 44.62 58.60
CA THR Q 243 -41.39 44.48 60.04
C THR Q 243 -40.10 45.20 60.43
N ILE Q 244 -39.05 45.06 59.62
CA ILE Q 244 -37.80 45.76 59.91
C ILE Q 244 -37.99 47.27 59.83
N VAL Q 245 -38.80 47.73 58.88
CA VAL Q 245 -39.08 49.16 58.76
C VAL Q 245 -39.83 49.66 59.98
N ASP Q 246 -40.84 48.91 60.43
CA ASP Q 246 -41.60 49.31 61.62
C ASP Q 246 -40.73 49.27 62.87
N LYS Q 247 -39.77 48.36 62.93
CA LYS Q 247 -38.87 48.31 64.08
C LYS Q 247 -37.89 49.47 64.07
N LEU Q 248 -37.37 49.82 62.89
CA LEU Q 248 -36.44 50.95 62.79
C LEU Q 248 -37.14 52.29 62.94
N PHE Q 249 -38.46 52.34 62.71
CA PHE Q 249 -39.20 53.58 62.89
C PHE Q 249 -39.13 54.07 64.34
N GLN Q 250 -39.11 53.16 65.30
CA GLN Q 250 -39.00 53.53 66.71
C GLN Q 250 -37.56 53.73 67.14
N ARG Q 251 -36.58 53.43 66.29
CA ARG Q 251 -35.18 53.61 66.62
C ARG Q 251 -34.67 55.02 66.34
N ASP Q 252 -35.31 55.75 65.44
CA ASP Q 252 -34.88 57.10 65.10
C ASP Q 252 -36.09 57.92 64.68
N THR Q 253 -36.19 59.14 65.20
CA THR Q 253 -37.30 60.03 64.90
C THR Q 253 -37.09 60.84 63.63
N LEU Q 254 -35.88 60.82 63.06
CA LEU Q 254 -35.62 61.59 61.85
C LEU Q 254 -36.51 61.13 60.70
N VAL Q 255 -36.50 59.83 60.41
CA VAL Q 255 -37.37 59.29 59.37
C VAL Q 255 -38.84 59.46 59.76
N ARG Q 256 -39.13 59.49 61.06
CA ARG Q 256 -40.50 59.71 61.52
C ARG Q 256 -41.01 61.07 61.08
N GLN Q 257 -40.28 62.13 61.44
CA GLN Q 257 -40.71 63.46 61.01
C GLN Q 257 -40.58 63.63 59.50
N SER Q 258 -39.68 62.88 58.85
CA SER Q 258 -39.59 62.94 57.40
C SER Q 258 -40.87 62.44 56.75
N GLN Q 259 -41.32 61.24 57.15
CA GLN Q 259 -42.57 60.71 56.58
C GLN Q 259 -43.78 61.53 57.05
N LEU Q 260 -43.69 62.16 58.22
CA LEU Q 260 -44.77 63.05 58.64
C LEU Q 260 -44.88 64.27 57.73
N VAL Q 261 -43.74 64.88 57.39
CA VAL Q 261 -43.75 66.01 56.46
C VAL Q 261 -44.20 65.55 55.08
N VAL Q 262 -43.83 64.33 54.69
CA VAL Q 262 -44.27 63.80 53.40
C VAL Q 262 -45.80 63.68 53.36
N ASP Q 263 -46.38 63.10 54.40
CA ASP Q 263 -47.83 62.99 54.47
C ASP Q 263 -48.50 64.36 54.57
N TRP Q 264 -47.86 65.31 55.24
CA TRP Q 264 -48.40 66.66 55.31
C TRP Q 264 -48.43 67.32 53.93
N LEU Q 265 -47.37 67.13 53.15
CA LEU Q 265 -47.34 67.68 51.79
C LEU Q 265 -48.38 66.98 50.91
N GLU Q 266 -48.56 65.68 51.11
CA GLU Q 266 -49.59 64.95 50.35
C GLU Q 266 -50.97 65.50 50.68
N SER Q 267 -51.24 65.77 51.96
CA SER Q 267 -52.52 66.35 52.35
C SER Q 267 -52.67 67.76 51.80
N ILE Q 268 -51.58 68.52 51.75
CA ILE Q 268 -51.62 69.85 51.15
C ILE Q 268 -52.02 69.77 49.69
N ALA Q 269 -51.41 68.84 48.95
CA ALA Q 269 -51.75 68.67 47.54
C ALA Q 269 -53.19 68.21 47.37
N LYS Q 270 -53.66 67.32 48.25
CA LYS Q 270 -55.04 66.86 48.18
C LYS Q 270 -56.02 68.00 48.41
N ASP Q 271 -55.72 68.87 49.39
CA ASP Q 271 -56.60 70.00 49.66
C ASP Q 271 -56.53 71.05 48.56
N GLU Q 272 -55.37 71.21 47.92
CA GLU Q 272 -55.23 72.19 46.84
C GLU Q 272 -55.84 71.72 45.53
N VAL Q 273 -55.97 70.40 45.34
CA VAL Q 273 -56.60 69.88 44.13
C VAL Q 273 -58.05 70.35 44.06
N GLY Q 274 -58.78 70.24 45.17
CA GLY Q 274 -60.14 70.72 45.24
C GLY Q 274 -61.15 69.81 44.57
N ASP Q 275 -62.13 70.40 43.89
CA ASP Q 275 -63.21 69.65 43.24
C ASP Q 275 -62.84 69.21 41.83
N PHE Q 276 -61.59 68.80 41.62
CA PHE Q 276 -61.18 68.34 40.30
C PHE Q 276 -61.87 67.04 39.91
N SER Q 277 -62.20 66.20 40.90
CA SER Q 277 -62.90 64.96 40.61
C SER Q 277 -64.28 65.22 40.02
N ASP Q 278 -64.94 66.29 40.47
CA ASP Q 278 -66.23 66.65 39.90
C ASP Q 278 -66.07 67.47 38.62
N ASN Q 279 -64.98 68.24 38.52
CA ASN Q 279 -64.75 69.01 37.30
C ASN Q 279 -64.41 68.11 36.12
N ILE Q 280 -63.84 66.94 36.39
CA ILE Q 280 -63.50 66.00 35.32
C ILE Q 280 -64.76 65.54 34.60
N GLU Q 281 -65.85 65.31 35.35
CA GLU Q 281 -67.08 64.79 34.77
C GLU Q 281 -67.66 65.72 33.71
N TYR Q 282 -67.25 66.99 33.67
CA TYR Q 282 -67.72 67.91 32.66
C TYR Q 282 -67.12 67.67 31.28
N TYR Q 283 -66.10 66.80 31.19
CA TYR Q 283 -65.50 66.53 29.89
C TYR Q 283 -64.87 65.14 29.81
N ALA Q 284 -65.15 64.23 30.74
CA ALA Q 284 -64.58 62.89 30.68
C ALA Q 284 -65.09 62.15 29.45
N LYS Q 285 -64.18 61.54 28.70
CA LYS Q 285 -64.51 60.83 27.48
C LYS Q 285 -64.89 59.39 27.82
N SER Q 286 -64.95 58.51 26.81
CA SER Q 286 -65.30 57.11 27.03
C SER Q 286 -64.67 56.22 25.96
N VAL Q 287 -64.70 56.67 24.71
CA VAL Q 287 -64.16 55.91 23.59
C VAL Q 287 -62.82 56.51 23.19
N TYR Q 288 -61.87 55.65 22.85
CA TYR Q 288 -60.53 56.06 22.46
C TYR Q 288 -60.11 55.32 21.20
N TRP Q 289 -59.02 55.80 20.60
CA TRP Q 289 -58.44 55.21 19.39
C TRP Q 289 -59.44 55.20 18.23
N GLU Q 290 -60.35 56.17 18.21
CA GLU Q 290 -61.37 56.22 17.16
C GLU Q 290 -60.75 56.51 15.80
N ASN Q 291 -59.88 57.52 15.73
CA ASN Q 291 -59.24 57.85 14.46
C ASN Q 291 -58.34 56.73 13.98
N THR Q 292 -57.60 56.09 14.89
CA THR Q 292 -56.75 54.97 14.50
C THR Q 292 -57.57 53.80 13.99
N LEU Q 293 -58.68 53.49 14.66
CA LEU Q 293 -59.54 52.41 14.20
C LEU Q 293 -60.15 52.72 12.84
N HIS Q 294 -60.54 53.98 12.62
CA HIS Q 294 -61.11 54.37 11.34
C HIS Q 294 -60.07 54.26 10.22
N THR Q 295 -58.84 54.71 10.49
CA THR Q 295 -57.79 54.60 9.48
C THR Q 295 -57.46 53.14 9.18
N LEU Q 296 -57.43 52.29 10.21
CA LEU Q 296 -57.18 50.87 10.00
C LEU Q 296 -58.30 50.22 9.18
N LYS Q 297 -59.55 50.59 9.47
CA LYS Q 297 -60.67 50.06 8.70
C LYS Q 297 -60.60 50.51 7.25
N GLN Q 298 -60.25 51.78 7.01
CA GLN Q 298 -60.12 52.27 5.64
C GLN Q 298 -59.00 51.56 4.90
N ARG Q 299 -57.87 51.34 5.56
CA ARG Q 299 -56.77 50.62 4.93
C ARG Q 299 -57.13 49.17 4.65
N SER Q 300 -57.90 48.54 5.53
CA SER Q 300 -58.26 47.14 5.33
C SER Q 300 -59.34 46.97 4.27
N MET Q 301 -60.22 47.96 4.09
CA MET Q 301 -61.33 47.83 3.16
C MET Q 301 -61.07 48.45 1.80
N LEU Q 302 -60.09 49.35 1.67
CA LEU Q 302 -59.83 50.00 0.40
C LEU Q 302 -58.35 50.11 0.04
N SER Q 303 -57.45 49.51 0.82
CA SER Q 303 -56.00 49.52 0.60
C SER Q 303 -55.41 50.93 0.63
N LEU Q 304 -56.20 51.93 1.00
CA LEU Q 304 -55.71 53.31 1.08
C LEU Q 304 -56.15 53.91 2.41
N GLY Q 305 -55.52 55.02 2.78
CA GLY Q 305 -55.85 55.72 4.01
C GLY Q 305 -54.82 55.56 5.10
N SER Q 306 -53.68 54.97 4.76
CA SER Q 306 -52.60 54.77 5.73
C SER Q 306 -51.25 54.92 5.03
N SER Q 307 -51.09 55.98 4.25
CA SER Q 307 -49.83 56.26 3.58
C SER Q 307 -48.85 56.93 4.54
N ARG Q 308 -48.56 56.26 5.66
CA ARG Q 308 -47.72 56.81 6.70
C ARG Q 308 -47.29 55.68 7.61
N PRO Q 309 -46.25 55.89 8.44
CA PRO Q 309 -45.87 54.86 9.42
C PRO Q 309 -47.04 54.44 10.30
N LEU Q 310 -47.79 53.45 9.83
CA LEU Q 310 -48.98 52.99 10.54
C LEU Q 310 -48.60 52.10 11.72
N VAL Q 311 -49.62 51.71 12.48
CA VAL Q 311 -49.45 50.86 13.64
C VAL Q 311 -49.98 49.47 13.32
N SER Q 312 -49.62 48.51 14.17
CA SER Q 312 -50.03 47.11 14.00
C SER Q 312 -51.24 46.77 14.86
N GLU Q 313 -51.12 46.95 16.17
CA GLU Q 313 -52.18 46.64 17.10
C GLU Q 313 -52.75 47.93 17.71
N LEU Q 314 -53.89 47.78 18.38
CA LEU Q 314 -54.57 48.89 19.03
C LEU Q 314 -54.28 48.95 20.53
N ASP Q 315 -53.06 48.59 20.93
CA ASP Q 315 -52.66 48.60 22.32
C ASP Q 315 -51.86 49.86 22.65
N PRO Q 316 -51.92 50.35 23.89
CA PRO Q 316 -51.14 51.55 24.24
C PRO Q 316 -49.64 51.33 24.20
N ASP Q 317 -49.17 50.08 24.25
CA ASP Q 317 -47.75 49.78 24.21
C ASP Q 317 -47.25 49.39 22.84
N ALA Q 318 -48.15 49.13 21.88
CA ALA Q 318 -47.72 48.72 20.55
C ALA Q 318 -46.92 49.81 19.83
N PRO Q 319 -47.35 51.08 19.78
CA PRO Q 319 -46.51 52.08 19.10
C PRO Q 319 -45.23 52.38 19.86
N ILE Q 320 -45.28 52.42 21.19
CA ILE Q 320 -44.08 52.67 21.98
C ILE Q 320 -43.09 51.50 21.89
N ARG Q 321 -43.56 50.33 21.49
CA ARG Q 321 -42.68 49.19 21.28
C ARG Q 321 -42.14 49.15 19.85
N GLN Q 322 -42.97 49.47 18.86
CA GLN Q 322 -42.54 49.49 17.47
C GLN Q 322 -41.76 50.74 17.11
N LYS Q 323 -41.70 51.74 18.00
CA LYS Q 323 -40.95 52.97 17.79
C LYS Q 323 -41.48 53.78 16.60
N LEU Q 324 -42.78 53.64 16.31
CA LEU Q 324 -43.43 54.41 15.25
C LEU Q 324 -44.73 54.97 15.77
N PRO Q 325 -44.84 56.29 15.96
CA PRO Q 325 -46.09 56.86 16.49
C PRO Q 325 -47.13 57.10 15.42
N LEU Q 326 -48.30 57.61 15.81
CA LEU Q 326 -49.39 57.85 14.88
C LEU Q 326 -50.38 58.82 15.52
N ASP Q 327 -50.88 59.75 14.71
CA ASP Q 327 -51.91 60.72 15.11
C ASP Q 327 -51.43 61.66 16.20
N ASP Q 328 -51.23 62.94 15.86
CA ASP Q 328 -50.81 63.93 16.85
C ASP Q 328 -51.95 64.27 17.80
N LEU Q 329 -53.20 64.21 17.34
CA LEU Q 329 -54.33 64.48 18.22
C LEU Q 329 -54.45 63.42 19.30
N ASP Q 330 -54.21 62.16 18.96
CA ASP Q 330 -54.22 61.10 19.95
C ASP Q 330 -53.09 61.29 20.96
N ARG Q 331 -51.92 61.73 20.49
CA ARG Q 331 -50.81 61.99 21.40
C ARG Q 331 -51.14 63.15 22.35
N GLU Q 332 -51.79 64.19 21.84
CA GLU Q 332 -52.18 65.31 22.70
C GLU Q 332 -53.22 64.88 23.72
N ASP Q 333 -54.18 64.05 23.31
CA ASP Q 333 -55.18 63.55 24.25
C ASP Q 333 -54.54 62.67 25.32
N ASP Q 334 -53.57 61.83 24.92
CA ASP Q 334 -52.86 61.02 25.90
C ASP Q 334 -52.04 61.88 26.85
N ILE Q 335 -51.46 62.98 26.34
CA ILE Q 335 -50.71 63.89 27.20
C ILE Q 335 -51.64 64.55 28.21
N ARG Q 336 -52.84 64.95 27.77
CA ARG Q 336 -53.80 65.54 28.70
C ARG Q 336 -54.25 64.52 29.75
N LEU Q 337 -54.48 63.28 29.33
CA LEU Q 337 -54.87 62.24 30.28
C LEU Q 337 -53.75 61.96 31.27
N LEU Q 338 -52.49 62.00 30.82
CA LEU Q 338 -51.37 61.83 31.73
C LEU Q 338 -51.23 63.01 32.67
N LYS Q 339 -51.54 64.22 32.20
CA LYS Q 339 -51.59 65.38 33.10
C LYS Q 339 -52.62 65.16 34.20
N TYR Q 340 -53.82 64.67 33.82
CA TYR Q 340 -54.85 64.39 34.81
C TYR Q 340 -54.40 63.33 35.79
N LEU Q 341 -53.77 62.26 35.29
CA LEU Q 341 -53.28 61.20 36.17
C LEU Q 341 -52.22 61.71 37.13
N PHE Q 342 -51.33 62.59 36.64
CA PHE Q 342 -50.31 63.15 37.51
C PHE Q 342 -50.91 64.05 38.58
N THR Q 343 -51.90 64.87 38.20
CA THR Q 343 -52.56 65.72 39.19
C THR Q 343 -53.35 64.91 40.20
N LEU Q 344 -53.85 63.73 39.81
CA LEU Q 344 -54.58 62.89 40.75
C LEU Q 344 -53.64 62.09 41.65
N ILE Q 345 -52.48 61.68 41.15
CA ILE Q 345 -51.55 60.89 41.95
C ILE Q 345 -50.75 61.78 42.90
N ARG Q 346 -50.37 62.98 42.45
CA ARG Q 346 -49.62 63.89 43.32
C ARG Q 346 -50.38 64.23 44.58
N ALA Q 347 -51.72 64.33 44.49
CA ALA Q 347 -52.54 64.60 45.66
C ALA Q 347 -52.61 63.43 46.62
N GLY Q 348 -52.09 62.26 46.25
CA GLY Q 348 -52.16 61.10 47.12
C GLY Q 348 -53.46 60.34 47.02
N MET Q 349 -54.06 60.29 45.83
CA MET Q 349 -55.33 59.63 45.61
C MET Q 349 -55.14 58.45 44.67
N THR Q 350 -55.95 57.41 44.84
CA THR Q 350 -55.89 56.23 44.01
C THR Q 350 -57.29 55.80 43.58
N ASP Q 351 -58.27 56.02 44.46
CA ASP Q 351 -59.66 55.66 44.16
C ASP Q 351 -60.17 56.43 42.94
N GLU Q 352 -60.05 57.75 42.97
CA GLU Q 352 -60.47 58.56 41.82
C GLU Q 352 -59.61 58.27 40.60
N ALA Q 353 -58.33 57.89 40.81
CA ALA Q 353 -57.47 57.53 39.70
C ALA Q 353 -58.01 56.31 38.95
N GLN Q 354 -58.28 55.22 39.68
CA GLN Q 354 -58.83 54.05 39.02
C GLN Q 354 -60.24 54.28 38.52
N ARG Q 355 -60.99 55.20 39.16
CA ARG Q 355 -62.31 55.55 38.65
C ARG Q 355 -62.21 56.19 37.28
N LEU Q 356 -61.32 57.18 37.13
CA LEU Q 356 -61.10 57.80 35.83
C LEU Q 356 -60.55 56.80 34.83
N CYS Q 357 -59.70 55.88 35.28
CA CYS Q 357 -59.17 54.85 34.39
C CYS Q 357 -60.28 53.98 33.83
N LYS Q 358 -61.17 53.51 34.70
CA LYS Q 358 -62.28 52.67 34.25
C LYS Q 358 -63.28 53.47 33.42
N ARG Q 359 -63.40 54.77 33.66
CA ARG Q 359 -64.31 55.60 32.86
C ARG Q 359 -63.76 55.80 31.45
N CYS Q 360 -62.47 56.09 31.33
CA CYS Q 360 -61.88 56.34 30.02
C CYS Q 360 -61.50 55.05 29.33
N GLY Q 361 -60.45 54.39 29.80
CA GLY Q 361 -59.98 53.17 29.18
C GLY Q 361 -58.47 53.03 29.22
N GLN Q 362 -57.81 53.92 29.95
CA GLN Q 362 -56.36 53.89 30.06
C GLN Q 362 -55.93 53.44 31.45
N ALA Q 363 -56.38 52.26 31.87
CA ALA Q 363 -56.02 51.71 33.18
C ALA Q 363 -54.65 51.06 33.19
N TRP Q 364 -53.92 51.10 32.09
CA TRP Q 364 -52.58 50.51 32.05
C TRP Q 364 -51.62 51.25 32.99
N ARG Q 365 -51.77 52.56 33.11
CA ARG Q 365 -50.92 53.33 34.01
C ARG Q 365 -51.16 52.92 35.46
N ALA Q 366 -52.44 52.77 35.83
CA ALA Q 366 -52.76 52.35 37.19
C ALA Q 366 -52.35 50.91 37.45
N ALA Q 367 -52.41 50.05 36.44
CA ALA Q 367 -51.96 48.68 36.61
C ALA Q 367 -50.44 48.60 36.73
N THR Q 368 -49.72 49.49 36.06
CA THR Q 368 -48.26 49.51 36.15
C THR Q 368 -47.78 50.11 37.45
N LEU Q 369 -48.45 51.17 37.93
CA LEU Q 369 -48.05 51.83 39.18
C LEU Q 369 -48.50 51.01 40.39
N GLU Q 370 -47.97 49.79 40.47
CA GLU Q 370 -48.30 48.88 41.57
C GLU Q 370 -47.28 47.75 41.65
N GLY Q 371 -45.99 48.09 41.57
CA GLY Q 371 -44.95 47.09 41.61
C GLY Q 371 -43.90 47.35 42.68
N TRP Q 372 -43.87 48.57 43.22
CA TRP Q 372 -42.92 48.96 44.25
C TRP Q 372 -43.46 48.78 45.65
N LYS Q 373 -44.41 47.86 45.84
CA LYS Q 373 -45.00 47.61 47.14
C LYS Q 373 -44.28 46.44 47.81
N LEU Q 374 -44.89 45.90 48.86
CA LEU Q 374 -44.30 44.78 49.60
C LEU Q 374 -45.41 44.01 50.30
N TYR Q 375 -45.21 42.71 50.44
CA TYR Q 375 -46.20 41.86 51.08
C TYR Q 375 -46.31 42.19 52.57
N HIS Q 376 -47.52 42.02 53.10
CA HIS Q 376 -47.79 42.27 54.52
C HIS Q 376 -47.91 40.92 55.22
N ASP Q 377 -46.75 40.35 55.55
CA ASP Q 377 -46.70 39.04 56.20
C ASP Q 377 -47.21 39.17 57.62
N ALA Q 378 -48.48 38.80 57.84
CA ALA Q 378 -49.08 38.86 59.16
C ALA Q 378 -50.11 37.76 59.33
N ASN Q 379 -50.37 37.00 58.26
CA ASN Q 379 -51.33 35.91 58.31
C ASN Q 379 -50.72 34.72 59.03
N ILE Q 380 -51.43 34.21 60.03
CA ILE Q 380 -50.97 33.06 60.81
C ILE Q 380 -51.92 31.89 60.78
N ASN Q 381 -53.11 32.03 60.18
CA ASN Q 381 -54.08 30.96 60.12
C ASN Q 381 -54.93 31.15 58.88
N GLY Q 382 -55.99 30.36 58.77
CA GLY Q 382 -56.89 30.44 57.62
C GLY Q 382 -58.07 31.35 57.85
N GLY Q 383 -58.42 31.58 59.13
CA GLY Q 383 -59.54 32.45 59.43
C GLY Q 383 -59.25 33.91 59.14
N THR Q 384 -57.98 34.31 59.22
CA THR Q 384 -57.59 35.69 58.95
C THR Q 384 -57.64 35.95 57.45
N GLU Q 385 -58.10 37.14 57.09
CA GLU Q 385 -58.21 37.53 55.69
C GLU Q 385 -56.83 37.55 55.04
N LEU Q 386 -56.81 37.34 53.72
CA LEU Q 386 -55.57 37.30 52.94
C LEU Q 386 -55.20 38.73 52.56
N GLN Q 387 -54.27 39.31 53.32
CA GLN Q 387 -53.78 40.65 53.05
C GLN Q 387 -52.36 40.66 52.51
N ALA Q 388 -51.69 39.52 52.48
CA ALA Q 388 -50.32 39.44 51.97
C ALA Q 388 -50.29 39.06 50.49
N VAL Q 389 -51.05 39.79 49.68
CA VAL Q 389 -51.11 39.56 48.25
C VAL Q 389 -50.65 40.76 47.43
N GLU Q 390 -50.47 41.92 48.04
CA GLU Q 390 -50.02 43.12 47.34
C GLU Q 390 -48.52 43.29 47.52
N GLY Q 391 -47.81 43.45 46.42
CA GLY Q 391 -46.37 43.64 46.42
C GLY Q 391 -45.66 42.49 45.72
N ASN Q 392 -44.32 42.57 45.77
CA ASN Q 392 -43.47 41.56 45.15
C ASN Q 392 -42.08 41.65 45.76
N PRO Q 393 -41.38 40.54 45.92
CA PRO Q 393 -40.03 40.58 46.49
C PRO Q 393 -38.96 41.10 45.53
N TYR Q 394 -39.32 41.39 44.28
CA TYR Q 394 -38.38 41.89 43.28
C TYR Q 394 -38.27 43.40 43.28
N ARG Q 395 -38.43 44.05 44.44
CA ARG Q 395 -38.31 45.50 44.50
C ARG Q 395 -36.90 45.95 44.17
N CYS Q 396 -35.89 45.11 44.43
CA CYS Q 396 -34.52 45.47 44.10
C CYS Q 396 -34.34 45.62 42.59
N VAL Q 397 -34.74 44.61 41.82
CA VAL Q 397 -34.61 44.71 40.37
C VAL Q 397 -35.58 45.75 39.81
N TRP Q 398 -36.71 45.97 40.49
CA TRP Q 398 -37.64 47.01 40.05
C TRP Q 398 -37.00 48.39 40.15
N LYS Q 399 -36.40 48.70 41.30
CA LYS Q 399 -35.74 49.99 41.46
C LYS Q 399 -34.48 50.08 40.61
N THR Q 400 -33.84 48.94 40.30
CA THR Q 400 -32.71 48.97 39.39
C THR Q 400 -33.15 49.33 37.98
N CYS Q 401 -34.26 48.75 37.51
CA CYS Q 401 -34.79 49.11 36.21
C CYS Q 401 -35.26 50.56 36.19
N CYS Q 402 -35.81 51.03 37.32
CA CYS Q 402 -36.20 52.44 37.39
C CYS Q 402 -34.98 53.36 37.35
N TRP Q 403 -33.88 52.94 37.97
CA TRP Q 403 -32.63 53.70 37.89
C TRP Q 403 -32.12 53.75 36.45
N ARG Q 404 -32.16 52.61 35.76
CA ARG Q 404 -31.76 52.60 34.35
C ARG Q 404 -32.66 53.50 33.50
N MET Q 405 -33.96 53.50 33.78
CA MET Q 405 -34.87 54.36 33.05
C MET Q 405 -34.58 55.83 33.31
N ALA Q 406 -34.32 56.20 34.57
CA ALA Q 406 -33.96 57.58 34.89
C ALA Q 406 -32.62 57.95 34.25
N GLU Q 407 -31.73 56.98 34.08
CA GLU Q 407 -30.46 57.26 33.42
C GLU Q 407 -30.67 57.55 31.93
N ASP Q 408 -31.40 56.68 31.23
CA ASP Q 408 -31.66 56.86 29.81
C ASP Q 408 -32.99 57.55 29.55
N GLU Q 409 -33.42 58.44 30.44
CA GLU Q 409 -34.69 59.14 30.28
C GLU Q 409 -34.68 60.00 29.02
N GLN Q 410 -35.67 59.77 28.15
CA GLN Q 410 -35.83 60.56 26.93
C GLN Q 410 -37.28 60.69 26.52
N PHE Q 411 -38.21 60.68 27.49
CA PHE Q 411 -39.63 60.72 27.25
C PHE Q 411 -40.19 62.08 27.68
N ASN Q 412 -41.42 62.10 28.19
CA ASN Q 412 -42.06 63.34 28.59
C ASN Q 412 -41.67 63.72 30.00
N LYS Q 413 -41.96 64.99 30.35
CA LYS Q 413 -41.56 65.51 31.65
C LYS Q 413 -42.27 64.79 32.79
N TYR Q 414 -43.53 64.42 32.60
CA TYR Q 414 -44.30 63.80 33.67
C TYR Q 414 -43.76 62.41 33.99
N GLU Q 415 -43.55 61.58 32.96
CA GLU Q 415 -42.98 60.26 33.22
C GLU Q 415 -41.53 60.37 33.71
N ARG Q 416 -40.78 61.35 33.22
CA ARG Q 416 -39.43 61.58 33.74
C ARG Q 416 -39.47 61.87 35.23
N ALA Q 417 -40.39 62.74 35.66
CA ALA Q 417 -40.48 63.09 37.07
C ALA Q 417 -40.94 61.91 37.91
N ILE Q 418 -41.89 61.12 37.40
CA ILE Q 418 -42.38 59.99 38.18
C ILE Q 418 -41.30 58.93 38.30
N TYR Q 419 -40.48 58.74 37.25
CA TYR Q 419 -39.38 57.79 37.33
C TYR Q 419 -38.29 58.30 38.27
N ALA Q 420 -38.04 59.62 38.26
CA ALA Q 420 -37.09 60.19 39.20
C ALA Q 420 -37.54 59.99 40.64
N THR Q 421 -38.82 60.21 40.91
CA THR Q 421 -39.33 60.04 42.27
C THR Q 421 -39.32 58.58 42.69
N LEU Q 422 -39.59 57.66 41.76
CA LEU Q 422 -39.56 56.24 42.09
C LEU Q 422 -38.14 55.70 42.23
N SER Q 423 -37.16 56.33 41.59
CA SER Q 423 -35.77 55.88 41.68
C SER Q 423 -35.01 56.65 42.76
N GLY Q 424 -34.62 57.88 42.45
CA GLY Q 424 -33.87 58.67 43.41
C GLY Q 424 -32.54 59.19 42.89
N ASN Q 425 -32.44 59.42 41.58
CA ASN Q 425 -31.23 59.96 40.98
C ASN Q 425 -31.27 61.48 41.10
N LEU Q 426 -30.39 62.03 41.94
CA LEU Q 426 -30.40 63.47 42.17
C LEU Q 426 -29.92 64.25 40.95
N LYS Q 427 -29.04 63.65 40.15
CA LYS Q 427 -28.49 64.35 38.99
C LYS Q 427 -29.58 64.77 38.02
N GLN Q 428 -30.56 63.88 37.78
CA GLN Q 428 -31.70 64.22 36.95
C GLN Q 428 -32.91 64.69 37.75
N LEU Q 429 -32.86 64.58 39.09
CA LEU Q 429 -33.93 65.11 39.93
C LEU Q 429 -33.79 66.62 40.12
N LEU Q 430 -32.58 67.15 40.02
CA LEU Q 430 -32.38 68.59 40.16
C LEU Q 430 -33.22 69.41 39.19
N PRO Q 431 -33.32 69.10 37.89
CA PRO Q 431 -34.26 69.82 37.03
C PRO Q 431 -35.68 69.27 37.06
N VAL Q 432 -35.89 68.10 37.67
CA VAL Q 432 -37.23 67.51 37.72
C VAL Q 432 -38.09 68.22 38.75
N CYS Q 433 -37.50 68.60 39.89
CA CYS Q 433 -38.22 69.26 40.96
C CYS Q 433 -38.82 70.58 40.49
N GLU Q 434 -40.16 70.64 40.44
CA GLU Q 434 -40.83 71.84 39.94
C GLU Q 434 -40.99 72.90 41.02
N SER Q 435 -41.41 72.50 42.22
CA SER Q 435 -41.64 73.42 43.31
C SER Q 435 -40.76 73.06 44.49
N TRP Q 436 -40.70 73.96 45.47
CA TRP Q 436 -39.90 73.72 46.67
C TRP Q 436 -40.44 72.56 47.47
N GLU Q 437 -41.76 72.39 47.51
CA GLU Q 437 -42.36 71.26 48.22
C GLU Q 437 -41.94 69.94 47.59
N ASP Q 438 -42.04 69.84 46.26
CA ASP Q 438 -41.59 68.63 45.59
C ASP Q 438 -40.09 68.41 45.77
N THR Q 439 -39.31 69.49 45.77
CA THR Q 439 -37.87 69.37 45.96
C THR Q 439 -37.53 68.79 47.33
N VAL Q 440 -38.11 69.36 48.39
CA VAL Q 440 -37.81 68.87 49.73
C VAL Q 440 -38.38 67.47 49.93
N TRP Q 441 -39.51 67.16 49.31
CA TRP Q 441 -40.07 65.81 49.42
C TRP Q 441 -39.13 64.80 48.76
N ALA Q 442 -38.64 65.10 47.56
CA ALA Q 442 -37.72 64.20 46.89
C ALA Q 442 -36.42 64.04 47.67
N HIS Q 443 -35.91 65.15 48.22
CA HIS Q 443 -34.68 65.07 49.01
C HIS Q 443 -34.86 64.20 50.24
N PHE Q 444 -35.96 64.41 50.98
CA PHE Q 444 -36.23 63.61 52.17
C PHE Q 444 -36.38 62.14 51.81
N LYS Q 445 -37.15 61.84 50.76
CA LYS Q 445 -37.34 60.45 50.36
C LYS Q 445 -36.00 59.81 49.97
N VAL Q 446 -35.19 60.53 49.20
CA VAL Q 446 -33.90 59.98 48.76
C VAL Q 446 -33.01 59.69 49.95
N MET Q 447 -32.92 60.63 50.90
CA MET Q 447 -32.01 60.44 52.02
C MET Q 447 -32.49 59.31 52.95
N VAL Q 448 -33.80 59.24 53.22
CA VAL Q 448 -34.29 58.20 54.10
C VAL Q 448 -34.17 56.83 53.43
N ASP Q 449 -34.38 56.77 52.11
CA ASP Q 449 -34.22 55.50 51.41
C ASP Q 449 -32.75 55.06 51.41
N SER Q 450 -31.83 56.00 51.17
CA SER Q 450 -30.41 55.66 51.23
C SER Q 450 -30.03 55.14 52.61
N LEU Q 451 -30.46 55.84 53.66
CA LEU Q 451 -30.12 55.41 55.02
C LEU Q 451 -30.70 54.04 55.33
N VAL Q 452 -31.97 53.82 54.97
CA VAL Q 452 -32.62 52.55 55.30
C VAL Q 452 -31.97 51.40 54.54
N GLU Q 453 -31.75 51.57 53.24
CA GLU Q 453 -31.12 50.51 52.45
C GLU Q 453 -29.70 50.24 52.91
N GLN Q 454 -28.95 51.28 53.31
CA GLN Q 454 -27.61 51.06 53.81
C GLN Q 454 -27.62 50.28 55.12
N GLU Q 455 -28.44 50.72 56.08
CA GLU Q 455 -28.51 50.04 57.37
C GLU Q 455 -29.06 48.62 57.24
N ILE Q 456 -29.84 48.34 56.20
CA ILE Q 456 -30.36 46.99 55.99
C ILE Q 456 -29.34 46.10 55.29
N ARG Q 457 -28.63 46.63 54.29
CA ARG Q 457 -27.72 45.81 53.50
C ARG Q 457 -26.40 45.58 54.23
N ALA Q 458 -25.74 46.65 54.68
CA ALA Q 458 -24.43 46.51 55.30
C ALA Q 458 -24.46 45.70 56.58
N SER Q 459 -25.63 45.51 57.18
CA SER Q 459 -25.77 44.73 58.40
C SER Q 459 -26.20 43.28 58.14
N ILE Q 460 -26.70 42.98 56.95
CA ILE Q 460 -27.16 41.63 56.64
C ILE Q 460 -26.41 41.09 55.43
N ILE Q 461 -26.70 41.62 54.25
CA ILE Q 461 -26.13 41.12 53.00
C ILE Q 461 -25.99 42.30 52.04
N SER Q 462 -24.83 42.36 51.37
CA SER Q 462 -24.57 43.42 50.39
C SER Q 462 -23.75 42.81 49.26
N PHE Q 463 -24.45 42.21 48.29
CA PHE Q 463 -23.80 41.59 47.15
C PHE Q 463 -24.36 42.13 45.84
N ASN Q 464 -25.60 42.61 45.87
CA ASN Q 464 -26.26 43.15 44.69
C ASN Q 464 -26.79 44.54 45.04
N GLU Q 465 -26.14 45.57 44.51
CA GLU Q 465 -26.55 46.94 44.76
C GLU Q 465 -27.84 47.24 44.00
N ALA Q 466 -28.95 47.35 44.72
CA ALA Q 466 -30.23 47.65 44.08
C ALA Q 466 -30.24 49.05 43.50
N ASN Q 467 -29.73 50.03 44.24
CA ASN Q 467 -29.60 51.41 43.77
C ASN Q 467 -28.13 51.69 43.54
N GLU Q 468 -27.78 52.07 42.31
CA GLU Q 468 -26.39 52.30 41.92
C GLU Q 468 -25.87 53.55 42.62
N LEU Q 469 -25.45 53.37 43.88
CA LEU Q 469 -24.87 54.43 44.68
C LEU Q 469 -23.40 54.16 44.88
N PRO Q 470 -22.50 55.04 44.42
CA PRO Q 470 -21.06 54.79 44.60
C PRO Q 470 -20.60 54.90 46.04
N ARG Q 471 -19.28 54.83 46.24
CA ARG Q 471 -18.74 54.91 47.60
C ARG Q 471 -18.96 56.26 48.23
N GLU Q 472 -18.94 57.34 47.43
CA GLU Q 472 -19.13 58.68 47.98
C GLU Q 472 -20.53 58.84 48.58
N TYR Q 473 -21.51 58.09 48.09
CA TYR Q 473 -22.85 58.10 48.66
C TYR Q 473 -23.08 56.96 49.65
N LEU Q 474 -22.28 55.90 49.60
CA LEU Q 474 -22.44 54.80 50.54
C LEU Q 474 -21.76 55.09 51.88
N GLU Q 475 -20.67 55.84 51.88
CA GLU Q 475 -19.95 56.16 53.11
C GLU Q 475 -20.21 57.61 53.52
N ALA Q 476 -21.49 57.92 53.67
CA ALA Q 476 -21.90 59.28 54.05
C ALA Q 476 -23.25 59.19 54.76
N ASN Q 477 -23.29 59.55 56.04
CA ASN Q 477 -24.51 59.52 56.82
C ASN Q 477 -25.20 60.87 56.71
N TRP Q 478 -26.31 60.91 55.99
CA TRP Q 478 -27.05 62.15 55.80
C TRP Q 478 -27.81 62.52 57.08
N THR Q 479 -27.85 63.82 57.36
CA THR Q 479 -28.54 64.32 58.55
C THR Q 479 -29.70 65.23 58.16
N LEU Q 480 -29.92 66.29 58.94
CA LEU Q 480 -30.99 67.23 58.69
C LEU Q 480 -30.52 68.59 58.19
N ASP Q 481 -29.31 69.02 58.60
CA ASP Q 481 -28.81 70.31 58.15
C ASP Q 481 -28.41 70.30 56.68
N SER Q 482 -28.10 69.13 56.12
CA SER Q 482 -27.72 69.06 54.71
C SER Q 482 -28.88 69.47 53.81
N VAL Q 483 -30.13 69.24 54.25
CA VAL Q 483 -31.28 69.65 53.47
C VAL Q 483 -31.28 71.16 53.26
N PHE Q 484 -31.20 71.91 54.37
CA PHE Q 484 -31.11 73.36 54.28
C PHE Q 484 -29.84 73.80 53.55
N GLU Q 485 -28.75 73.04 53.69
CA GLU Q 485 -27.52 73.36 52.98
C GLU Q 485 -27.73 73.36 51.48
N GLU Q 486 -28.26 72.26 50.94
CA GLU Q 486 -28.49 72.20 49.50
C GLU Q 486 -29.61 73.14 49.07
N LEU Q 487 -30.59 73.40 49.94
CA LEU Q 487 -31.65 74.34 49.60
C LEU Q 487 -31.10 75.75 49.42
N GLN Q 488 -30.18 76.16 50.29
CA GLN Q 488 -29.54 77.46 50.12
C GLN Q 488 -28.53 77.45 48.98
N ALA Q 489 -27.93 76.30 48.70
CA ALA Q 489 -26.96 76.19 47.62
C ALA Q 489 -27.60 75.99 46.25
N THR Q 490 -28.92 75.88 46.18
CA THR Q 490 -29.63 75.80 44.90
C THR Q 490 -29.20 76.90 43.96
N ASP Q 491 -28.58 76.52 42.83
CA ASP Q 491 -28.08 77.51 41.89
C ASP Q 491 -29.17 78.14 41.03
N LYS Q 492 -30.40 77.66 41.12
CA LYS Q 492 -31.48 78.23 40.33
C LYS Q 492 -31.88 79.59 40.88
N LYS Q 493 -32.11 80.54 39.97
CA LYS Q 493 -32.48 81.89 40.38
C LYS Q 493 -33.84 81.91 41.08
N ARG Q 494 -34.77 81.07 40.63
CA ARG Q 494 -36.09 81.02 41.26
C ARG Q 494 -35.98 80.57 42.71
N VAL Q 495 -35.24 79.50 42.97
CA VAL Q 495 -35.07 79.03 44.34
C VAL Q 495 -34.24 80.01 45.16
N LEU Q 496 -33.27 80.68 44.53
CA LEU Q 496 -32.48 81.66 45.25
C LEU Q 496 -33.34 82.83 45.70
N GLU Q 497 -34.28 83.26 44.85
CA GLU Q 497 -35.18 84.34 45.23
C GLU Q 497 -36.23 83.87 46.23
N GLU Q 498 -36.65 82.60 46.14
CA GLU Q 498 -37.64 82.10 47.08
C GLU Q 498 -37.04 81.86 48.47
N ASN Q 499 -35.73 81.63 48.55
CA ASN Q 499 -35.05 81.43 49.82
C ASN Q 499 -34.63 82.74 50.47
N ARG Q 500 -35.21 83.88 50.06
CA ARG Q 500 -34.84 85.16 50.63
C ARG Q 500 -36.05 86.04 50.97
N GLU Q 501 -37.27 85.51 50.87
CA GLU Q 501 -38.45 86.32 51.14
C GLU Q 501 -38.77 86.34 52.63
N HIS Q 502 -39.96 85.87 53.00
CA HIS Q 502 -40.42 85.94 54.38
C HIS Q 502 -41.03 84.62 54.82
N TYR Q 503 -42.07 84.18 54.11
CA TYR Q 503 -42.80 82.99 54.53
C TYR Q 503 -41.95 81.72 54.37
N HIS Q 504 -41.11 81.68 53.33
CA HIS Q 504 -40.24 80.53 53.15
C HIS Q 504 -39.25 80.40 54.31
N ILE Q 505 -38.63 81.51 54.70
CA ILE Q 505 -37.68 81.48 55.82
C ILE Q 505 -38.41 81.19 57.12
N ILE Q 506 -39.66 81.66 57.26
CA ILE Q 506 -40.44 81.35 58.45
C ILE Q 506 -40.69 79.85 58.54
N GLN Q 507 -41.09 79.24 57.43
CA GLN Q 507 -41.30 77.80 57.39
C GLN Q 507 -40.01 77.05 57.71
N LYS Q 508 -38.90 77.50 57.13
CA LYS Q 508 -37.62 76.84 57.39
C LYS Q 508 -37.22 76.92 58.86
N PHE Q 509 -37.41 78.09 59.48
CA PHE Q 509 -37.06 78.24 60.89
C PHE Q 509 -38.00 77.42 61.77
N VAL Q 510 -39.28 77.36 61.42
CA VAL Q 510 -40.22 76.55 62.19
C VAL Q 510 -39.85 75.07 62.10
N ILE Q 511 -39.43 74.62 60.92
CA ILE Q 511 -39.03 73.22 60.76
C ILE Q 511 -37.75 72.93 61.53
N LEU Q 512 -36.76 73.83 61.43
CA LEU Q 512 -35.47 73.59 62.07
C LEU Q 512 -35.50 73.81 63.58
N ALA Q 513 -36.49 74.52 64.10
CA ALA Q 513 -36.62 74.79 65.53
C ALA Q 513 -35.37 75.52 66.06
N ASP Q 514 -34.85 76.45 65.27
CA ASP Q 514 -33.68 77.21 65.66
C ASP Q 514 -34.07 78.36 66.60
N VAL Q 515 -33.06 79.00 67.17
CA VAL Q 515 -33.29 80.11 68.09
C VAL Q 515 -32.33 81.26 67.77
N ASP Q 516 -31.06 80.94 67.51
CA ASP Q 516 -30.07 81.97 67.24
C ASP Q 516 -30.36 82.69 65.93
N GLY Q 517 -30.43 81.93 64.83
CA GLY Q 517 -30.76 82.55 63.55
C GLY Q 517 -32.14 83.17 63.54
N LEU Q 518 -33.09 82.56 64.25
CA LEU Q 518 -34.43 83.11 64.33
C LEU Q 518 -34.43 84.48 64.99
N MET Q 519 -33.76 84.60 66.15
CA MET Q 519 -33.70 85.89 66.82
C MET Q 519 -32.88 86.90 66.03
N ASP Q 520 -31.86 86.45 65.31
CA ASP Q 520 -31.08 87.36 64.48
C ASP Q 520 -31.94 87.93 63.35
N GLU Q 521 -32.68 87.07 62.66
CA GLU Q 521 -33.56 87.53 61.60
C GLU Q 521 -34.68 88.41 62.14
N PHE Q 522 -35.18 88.12 63.34
CA PHE Q 522 -36.18 88.99 63.95
C PHE Q 522 -35.60 90.35 64.29
N SER Q 523 -34.34 90.39 64.73
CA SER Q 523 -33.69 91.66 64.99
C SER Q 523 -33.51 92.46 63.72
N GLU Q 524 -33.12 91.78 62.62
CA GLU Q 524 -33.01 92.48 61.34
C GLU Q 524 -34.37 92.99 60.87
N TRP Q 525 -35.43 92.21 61.10
CA TRP Q 525 -36.77 92.66 60.73
C TRP Q 525 -37.18 93.89 61.53
N LEU Q 526 -36.89 93.89 62.84
CA LEU Q 526 -37.23 95.04 63.68
C LEU Q 526 -36.41 96.27 63.28
N SER Q 527 -35.15 96.06 62.89
CA SER Q 527 -34.35 97.18 62.43
C SER Q 527 -34.84 97.73 61.09
N ASN Q 528 -35.35 96.85 60.22
CA ASN Q 528 -35.91 97.31 58.96
C ASN Q 528 -37.21 98.08 59.18
N GLY Q 529 -38.08 97.59 60.05
CA GLY Q 529 -39.32 98.25 60.39
C GLY Q 529 -40.54 97.45 60.01
N LYS Q 530 -41.66 98.16 59.86
CA LYS Q 530 -42.94 97.56 59.52
C LYS Q 530 -43.19 97.51 58.02
N ASN Q 531 -42.14 97.36 57.21
CA ASN Q 531 -42.26 97.30 55.76
C ASN Q 531 -42.43 95.87 55.25
N LEU Q 532 -42.94 94.96 56.09
CA LEU Q 532 -43.12 93.57 55.69
C LEU Q 532 -44.20 92.91 56.54
N LEU Q 533 -44.26 93.24 57.82
CA LEU Q 533 -45.24 92.66 58.73
C LEU Q 533 -46.51 93.51 58.76
N LEU Q 534 -47.60 92.87 59.18
CA LEU Q 534 -48.88 93.55 59.28
C LEU Q 534 -49.58 93.21 60.60
N GLY Q 535 -50.83 93.64 60.75
CA GLY Q 535 -51.54 93.36 62.00
C GLY Q 535 -51.81 91.88 62.20
N HIS Q 536 -52.30 91.20 61.15
CA HIS Q 536 -52.55 89.77 61.27
C HIS Q 536 -51.26 89.00 61.46
N LEU Q 537 -50.18 89.41 60.78
CA LEU Q 537 -48.89 88.77 60.97
C LEU Q 537 -48.39 88.91 62.41
N LEU Q 538 -48.52 90.12 62.97
CA LEU Q 538 -48.09 90.33 64.35
C LEU Q 538 -48.95 89.55 65.33
N ARG Q 539 -50.26 89.46 65.06
CA ARG Q 539 -51.13 88.67 65.93
C ARG Q 539 -50.75 87.19 65.89
N PHE Q 540 -50.50 86.66 64.69
CA PHE Q 540 -50.09 85.26 64.58
C PHE Q 540 -48.76 85.02 65.27
N MET Q 541 -47.82 85.97 65.13
CA MET Q 541 -46.53 85.82 65.79
C MET Q 541 -46.66 85.85 67.30
N THR Q 542 -47.50 86.76 67.82
CA THR Q 542 -47.71 86.82 69.27
C THR Q 542 -48.35 85.54 69.78
N HIS Q 543 -49.33 85.00 69.04
CA HIS Q 543 -49.97 83.77 69.48
C HIS Q 543 -49.01 82.59 69.43
N LEU Q 544 -48.16 82.53 68.40
CA LEU Q 544 -47.17 81.47 68.33
C LEU Q 544 -46.16 81.57 69.46
N LEU Q 545 -45.72 82.79 69.79
CA LEU Q 545 -44.80 82.97 70.90
C LEU Q 545 -45.44 82.59 72.23
N LEU Q 546 -46.72 82.93 72.41
CA LEU Q 546 -47.42 82.56 73.63
C LEU Q 546 -47.55 81.04 73.74
N PHE Q 547 -47.88 80.37 72.64
CA PHE Q 547 -47.99 78.93 72.65
C PHE Q 547 -46.64 78.28 72.95
N PHE Q 548 -45.56 78.81 72.37
CA PHE Q 548 -44.23 78.26 72.63
C PHE Q 548 -43.84 78.46 74.09
N ARG Q 549 -44.15 79.63 74.65
CA ARG Q 549 -43.83 79.87 76.06
C ARG Q 549 -44.66 78.99 76.98
N THR Q 550 -45.91 78.70 76.61
CA THR Q 550 -46.73 77.81 77.41
C THR Q 550 -46.23 76.37 77.32
N LEU Q 551 -45.72 75.97 76.15
CA LEU Q 551 -45.19 74.63 75.97
C LEU Q 551 -43.86 74.45 76.69
N GLY Q 552 -42.82 75.11 76.20
CA GLY Q 552 -41.51 74.97 76.81
C GLY Q 552 -40.55 76.02 76.29
N LEU Q 553 -39.53 76.29 77.11
CA LEU Q 553 -38.48 77.27 76.80
C LEU Q 553 -39.06 78.67 76.62
N GLN Q 554 -38.20 79.62 76.24
CA GLN Q 554 -38.60 81.00 76.06
C GLN Q 554 -37.57 81.69 75.16
N ALA Q 555 -37.70 83.00 75.01
CA ALA Q 555 -36.78 83.78 74.19
C ALA Q 555 -35.99 84.76 75.06
N LYS Q 556 -35.91 86.01 74.62
CA LYS Q 556 -35.19 87.05 75.33
C LYS Q 556 -36.17 88.13 75.79
N GLU Q 557 -35.82 88.81 76.89
CA GLU Q 557 -36.69 89.84 77.43
C GLU Q 557 -36.79 91.03 76.47
N GLU Q 558 -35.70 91.36 75.79
CA GLU Q 558 -35.72 92.50 74.87
C GLU Q 558 -36.67 92.24 73.71
N VAL Q 559 -36.52 91.10 73.03
CA VAL Q 559 -37.41 90.79 71.92
C VAL Q 559 -38.83 90.57 72.41
N SER Q 560 -39.00 90.08 73.64
CA SER Q 560 -40.34 89.88 74.19
C SER Q 560 -41.05 91.21 74.37
N VAL Q 561 -40.39 92.18 75.01
CA VAL Q 561 -41.02 93.47 75.23
C VAL Q 561 -41.18 94.22 73.91
N GLU Q 562 -40.29 93.99 72.94
CA GLU Q 562 -40.48 94.59 71.63
C GLU Q 562 -41.71 94.03 70.94
N VAL Q 563 -41.90 92.71 70.99
CA VAL Q 563 -43.10 92.08 70.43
C VAL Q 563 -44.34 92.64 71.11
N LEU Q 564 -44.31 92.76 72.44
CA LEU Q 564 -45.47 93.24 73.17
C LEU Q 564 -45.80 94.69 72.80
N LYS Q 565 -44.78 95.55 72.71
CA LYS Q 565 -45.04 96.95 72.39
C LYS Q 565 -45.52 97.11 70.95
N THR Q 566 -44.97 96.32 70.02
CA THR Q 566 -45.46 96.36 68.65
C THR Q 566 -46.90 95.88 68.56
N TYR Q 567 -47.24 94.83 69.30
CA TYR Q 567 -48.60 94.33 69.28
C TYR Q 567 -49.59 95.33 69.86
N ILE Q 568 -49.24 95.96 70.98
CA ILE Q 568 -50.17 96.93 71.57
C ILE Q 568 -50.24 98.19 70.73
N GLN Q 569 -49.15 98.55 70.03
CA GLN Q 569 -49.22 99.68 69.11
C GLN Q 569 -50.14 99.40 67.94
N ARG Q 570 -50.03 98.20 67.36
CA ARG Q 570 -50.96 97.82 66.29
C ARG Q 570 -52.40 97.77 66.80
N LEU Q 571 -52.59 97.34 68.04
CA LEU Q 571 -53.94 97.28 68.61
C LEU Q 571 -54.52 98.68 68.77
N ILE Q 572 -53.74 99.61 69.33
CA ILE Q 572 -54.23 100.98 69.50
C ILE Q 572 -54.37 101.69 68.16
N ASN Q 573 -53.64 101.24 67.13
CA ASN Q 573 -53.85 101.79 65.79
C ASN Q 573 -55.15 101.27 65.18
N GLU Q 574 -55.45 99.98 65.38
CA GLU Q 574 -56.70 99.40 64.92
C GLU Q 574 -57.88 99.77 65.80
N LYS Q 575 -57.64 100.48 66.90
CA LYS Q 575 -58.69 100.98 67.81
C LYS Q 575 -59.37 99.76 68.46
N GLN Q 576 -60.70 99.74 68.53
CA GLN Q 576 -61.46 98.69 69.20
C GLN Q 576 -61.04 98.55 70.66
N ILE Q 577 -61.70 99.31 71.54
CA ILE Q 577 -61.34 99.30 72.95
C ILE Q 577 -61.70 97.97 73.62
N GLU Q 578 -62.54 97.15 72.99
CA GLU Q 578 -62.92 95.86 73.55
C GLU Q 578 -61.85 94.79 73.33
N LEU Q 579 -60.71 95.15 72.73
CA LEU Q 579 -59.64 94.20 72.47
C LEU Q 579 -58.32 94.58 73.12
N ILE Q 580 -58.25 95.72 73.80
CA ILE Q 580 -56.99 96.18 74.38
C ILE Q 580 -56.79 95.63 75.79
N ALA Q 581 -57.85 95.58 76.59
CA ALA Q 581 -57.73 95.12 77.97
C ALA Q 581 -57.50 93.61 78.04
N PHE Q 582 -58.02 92.85 77.07
CA PHE Q 582 -57.83 91.41 77.07
C PHE Q 582 -56.44 91.01 76.61
N TYR Q 583 -55.64 91.95 76.09
CA TYR Q 583 -54.27 91.67 75.67
C TYR Q 583 -53.21 92.43 76.46
N VAL Q 584 -53.60 93.48 77.18
CA VAL Q 584 -52.63 94.20 77.99
C VAL Q 584 -52.18 93.36 79.18
N SER Q 585 -53.08 92.54 79.73
CA SER Q 585 -52.75 91.75 80.92
C SER Q 585 -51.62 90.76 80.67
N HIS Q 586 -51.36 90.38 79.41
CA HIS Q 586 -50.27 89.47 79.11
C HIS Q 586 -48.91 90.14 79.28
N LEU Q 587 -48.85 91.47 79.30
CA LEU Q 587 -47.61 92.19 79.46
C LEU Q 587 -47.20 92.22 80.92
N PRO Q 588 -45.92 92.45 81.21
CA PRO Q 588 -45.49 92.65 82.61
C PRO Q 588 -46.22 93.83 83.22
N GLN Q 589 -46.44 93.74 84.54
CA GLN Q 589 -47.29 94.72 85.23
C GLN Q 589 -46.79 96.15 85.03
N GLU Q 590 -45.47 96.36 85.13
CA GLU Q 590 -44.92 97.70 85.00
C GLU Q 590 -45.20 98.27 83.61
N LEU Q 591 -44.79 97.55 82.57
CA LEU Q 591 -45.00 98.05 81.20
C LEU Q 591 -46.48 98.09 80.85
N ALA Q 592 -47.26 97.12 81.33
CA ALA Q 592 -48.69 97.12 81.06
C ALA Q 592 -49.36 98.37 81.63
N ILE Q 593 -49.01 98.73 82.87
CA ILE Q 593 -49.58 99.93 83.48
C ILE Q 593 -49.07 101.18 82.76
N SER Q 594 -47.77 101.21 82.42
CA SER Q 594 -47.21 102.38 81.76
C SER Q 594 -47.85 102.62 80.39
N GLN Q 595 -48.25 101.55 79.70
CA GLN Q 595 -48.90 101.71 78.40
C GLN Q 595 -50.39 101.96 78.52
N TYR Q 596 -51.05 101.33 79.50
CA TYR Q 596 -52.45 101.61 79.74
C TYR Q 596 -52.66 103.05 80.19
N ALA Q 597 -51.64 103.66 80.80
CA ALA Q 597 -51.71 105.08 81.13
C ALA Q 597 -51.91 105.92 79.88
N VAL Q 598 -51.05 105.73 78.88
CA VAL Q 598 -51.19 106.48 77.62
C VAL Q 598 -52.45 106.06 76.87
N PHE Q 599 -52.88 104.81 77.04
CA PHE Q 599 -54.10 104.35 76.38
C PHE Q 599 -55.33 105.07 76.94
N LEU Q 600 -55.40 105.23 78.26
CA LEU Q 600 -56.52 105.88 78.91
C LEU Q 600 -56.41 107.39 78.94
N GLU Q 601 -55.23 107.94 78.64
CA GLU Q 601 -55.09 109.40 78.59
C GLU Q 601 -55.99 110.02 77.53
N ASN Q 602 -56.31 109.28 76.48
CA ASN Q 602 -57.16 109.75 75.39
C ASN Q 602 -58.44 108.93 75.38
N ILE Q 603 -59.32 109.19 76.35
CA ILE Q 603 -60.59 108.48 76.47
C ILE Q 603 -61.67 109.51 76.80
N THR Q 604 -62.72 109.54 75.98
CA THR Q 604 -63.84 110.44 76.17
C THR Q 604 -65.14 109.65 76.12
N ASP Q 605 -66.27 110.37 76.22
CA ASP Q 605 -67.63 109.84 76.19
C ASP Q 605 -67.91 109.00 77.43
N PRO Q 606 -68.98 109.31 78.18
CA PRO Q 606 -69.29 108.50 79.37
C PRO Q 606 -69.61 107.05 79.06
N ASP Q 607 -70.26 106.77 77.93
CA ASP Q 607 -70.57 105.40 77.56
C ASP Q 607 -69.30 104.60 77.31
N GLN Q 608 -68.39 105.15 76.51
CA GLN Q 608 -67.12 104.48 76.26
C GLN Q 608 -66.29 104.37 77.54
N ARG Q 609 -66.37 105.37 78.42
CA ARG Q 609 -65.64 105.31 79.68
C ARG Q 609 -66.13 104.16 80.55
N GLN Q 610 -67.46 104.03 80.69
CA GLN Q 610 -67.99 102.94 81.50
C GLN Q 610 -67.77 101.59 80.83
N ARG Q 611 -67.75 101.55 79.50
CA ARG Q 611 -67.45 100.29 78.81
C ARG Q 611 -66.01 99.87 79.07
N CYS Q 612 -65.06 100.81 78.98
CA CYS Q 612 -63.68 100.49 79.29
C CYS Q 612 -63.51 100.11 80.75
N LEU Q 613 -64.26 100.75 81.64
CA LEU Q 613 -64.22 100.40 83.06
C LEU Q 613 -64.68 98.97 83.28
N GLU Q 614 -65.80 98.58 82.66
CA GLU Q 614 -66.30 97.22 82.79
C GLU Q 614 -65.33 96.22 82.19
N LEU Q 615 -64.72 96.56 81.04
CA LEU Q 615 -63.75 95.66 80.43
C LEU Q 615 -62.54 95.45 81.32
N ALA Q 616 -62.03 96.54 81.92
CA ALA Q 616 -60.89 96.42 82.82
C ALA Q 616 -61.25 95.63 84.06
N LYS Q 617 -62.44 95.84 84.61
CA LYS Q 617 -62.85 95.08 85.79
C LYS Q 617 -63.04 93.61 85.48
N GLU Q 618 -63.47 93.27 84.26
CA GLU Q 618 -63.63 91.88 83.87
C GLU Q 618 -62.28 91.22 83.56
N ALA Q 619 -61.33 91.97 83.00
CA ALA Q 619 -60.04 91.42 82.68
C ALA Q 619 -59.13 91.34 83.91
N GLY Q 620 -59.40 92.13 84.94
CA GLY Q 620 -58.60 92.14 86.13
C GLY Q 620 -57.52 93.19 86.18
N LEU Q 621 -57.74 94.37 85.60
CA LEU Q 621 -56.75 95.44 85.58
C LEU Q 621 -57.13 96.52 86.57
N ASP Q 622 -56.13 97.07 87.26
CA ASP Q 622 -56.35 98.12 88.24
C ASP Q 622 -56.47 99.48 87.59
N VAL Q 623 -57.66 99.78 87.04
CA VAL Q 623 -57.86 101.03 86.33
C VAL Q 623 -57.78 102.22 87.30
N ALA Q 624 -58.12 102.00 88.56
CA ALA Q 624 -58.00 103.07 89.55
C ALA Q 624 -56.55 103.50 89.72
N SER Q 625 -55.66 102.55 89.98
CA SER Q 625 -54.24 102.90 90.07
C SER Q 625 -53.69 103.36 88.74
N ILE Q 626 -54.25 102.90 87.63
CA ILE Q 626 -53.83 103.39 86.32
C ILE Q 626 -54.12 104.89 86.19
N THR Q 627 -55.33 105.31 86.58
CA THR Q 627 -55.67 106.71 86.53
C THR Q 627 -54.86 107.52 87.53
N LYS Q 628 -54.58 106.93 88.71
CA LYS Q 628 -53.74 107.62 89.68
C LYS Q 628 -52.34 107.85 89.13
N THR Q 629 -51.76 106.85 88.47
CA THR Q 629 -50.45 107.02 87.85
C THR Q 629 -50.52 108.01 86.69
N VAL Q 630 -51.64 108.06 85.97
CA VAL Q 630 -51.81 109.05 84.92
C VAL Q 630 -51.73 110.46 85.51
N VAL Q 631 -52.46 110.70 86.60
CA VAL Q 631 -52.45 112.00 87.24
C VAL Q 631 -51.06 112.33 87.77
N GLU Q 632 -50.39 111.32 88.36
CA GLU Q 632 -49.05 111.54 88.88
C GLU Q 632 -48.07 111.90 87.77
N ASN Q 633 -48.15 111.21 86.63
CA ASN Q 633 -47.26 111.52 85.52
C ASN Q 633 -47.55 112.89 84.94
N THR Q 634 -48.82 113.28 84.85
CA THR Q 634 -49.15 114.62 84.38
C THR Q 634 -48.61 115.68 85.32
N ARG Q 635 -48.72 115.46 86.63
CA ARG Q 635 -48.18 116.42 87.59
C ARG Q 635 -46.66 116.48 87.51
N LYS Q 636 -46.00 115.33 87.31
CA LYS Q 636 -44.55 115.33 87.21
C LYS Q 636 -44.09 116.02 85.93
N LYS Q 637 -44.85 115.89 84.84
CA LYS Q 637 -44.50 116.57 83.61
C LYS Q 637 -44.75 118.07 83.72
N ASP Q 638 -45.79 118.47 84.44
CA ASP Q 638 -46.06 119.90 84.65
C ASP Q 638 -45.09 120.52 85.64
N ALA Q 639 -44.46 119.71 86.50
CA ALA Q 639 -43.48 120.17 87.48
C ALA Q 639 -44.09 121.20 88.44
N GLY Q 640 -45.38 121.09 88.71
CA GLY Q 640 -46.05 121.99 89.62
C GLY Q 640 -46.21 123.39 89.04
N GLU Q 641 -46.80 124.26 89.85
CA GLU Q 641 -47.02 125.66 89.49
C GLU Q 641 -46.58 126.53 90.66
N PHE Q 642 -45.35 127.06 90.57
CA PHE Q 642 -44.77 127.92 91.59
C PHE Q 642 -44.70 127.22 92.95
N ALA Q 643 -44.58 125.89 92.93
CA ALA Q 643 -44.49 125.06 94.14
C ALA Q 643 -45.73 125.34 95.00
N HIS Q 644 -45.60 125.36 96.32
CA HIS Q 644 -46.72 125.64 97.19
C HIS Q 644 -46.51 126.94 97.95
N HIS Q 645 -46.18 128.01 97.23
CA HIS Q 645 -45.94 129.31 97.82
C HIS Q 645 -46.48 130.39 96.89
N ASP Q 646 -47.05 131.44 97.49
CA ASP Q 646 -47.64 132.54 96.73
C ASP Q 646 -46.57 133.29 95.95
N PHE Q 647 -46.47 133.01 94.66
CA PHE Q 647 -45.49 133.66 93.77
C PHE Q 647 -46.25 134.45 92.71
N ALA Q 648 -46.10 135.77 92.73
CA ALA Q 648 -46.79 136.62 91.77
C ALA Q 648 -46.11 136.52 90.41
N PRO Q 649 -46.90 136.47 89.33
CA PRO Q 649 -46.30 136.39 87.99
C PRO Q 649 -45.60 137.70 87.62
N ALA Q 650 -44.78 137.62 86.57
CA ALA Q 650 -44.04 138.77 86.09
C ALA Q 650 -44.87 139.55 85.07
N LEU Q 651 -44.97 140.85 85.30
CA LEU Q 651 -45.72 141.76 84.41
C LEU Q 651 -47.18 141.29 84.37
N ASP Q 652 -47.83 141.44 83.22
CA ASP Q 652 -49.21 141.05 83.03
C ASP Q 652 -49.27 139.75 82.24
N SER Q 653 -49.95 138.75 82.78
CA SER Q 653 -50.08 137.46 82.12
C SER Q 653 -51.33 136.77 82.63
N GLY Q 654 -51.89 135.90 81.80
CA GLY Q 654 -53.09 135.16 82.13
C GLY Q 654 -52.80 133.90 82.92
N THR Q 655 -53.66 132.90 82.75
CA THR Q 655 -53.50 131.64 83.44
C THR Q 655 -52.41 130.79 82.78
N SER Q 656 -51.98 129.75 83.49
CA SER Q 656 -50.95 128.86 82.97
C SER Q 656 -51.53 127.90 81.93
N GLU Q 657 -50.65 127.40 81.06
CA GLU Q 657 -51.09 126.48 80.02
C GLU Q 657 -51.39 125.09 80.56
N GLU Q 658 -50.87 124.74 81.74
CA GLU Q 658 -51.12 123.44 82.34
C GLU Q 658 -52.38 123.40 83.18
N ASP Q 659 -52.97 124.57 83.51
CA ASP Q 659 -54.18 124.58 84.32
C ASP Q 659 -55.35 123.95 83.59
N ARG Q 660 -55.40 124.08 82.26
CA ARG Q 660 -56.47 123.44 81.50
C ARG Q 660 -56.41 121.92 81.64
N ALA Q 661 -55.22 121.34 81.47
CA ALA Q 661 -55.08 119.90 81.64
C ALA Q 661 -55.32 119.49 83.08
N LYS Q 662 -54.88 120.31 84.04
CA LYS Q 662 -55.10 119.98 85.44
C LYS Q 662 -56.58 119.96 85.80
N ILE Q 663 -57.37 120.86 85.22
CA ILE Q 663 -58.80 120.89 85.49
C ILE Q 663 -59.58 119.91 84.62
N ASP Q 664 -59.00 119.45 83.52
CA ASP Q 664 -59.66 118.45 82.68
C ASP Q 664 -59.39 117.02 83.13
N VAL Q 665 -58.27 116.79 83.83
CA VAL Q 665 -57.96 115.44 84.30
C VAL Q 665 -58.85 115.04 85.48
N ILE Q 666 -59.59 115.98 86.06
CA ILE Q 666 -60.43 115.65 87.20
C ILE Q 666 -61.67 114.87 86.79
N ASP Q 667 -62.07 114.93 85.52
CA ASP Q 667 -63.25 114.21 85.07
C ASP Q 667 -63.08 112.71 85.24
N TRP Q 668 -62.03 112.14 84.64
CA TRP Q 668 -61.78 110.72 84.77
C TRP Q 668 -61.40 110.32 86.19
N LEU Q 669 -60.90 111.25 86.99
CA LEU Q 669 -60.59 110.95 88.39
C LEU Q 669 -61.85 110.80 89.23
N VAL Q 670 -62.82 111.72 89.04
CA VAL Q 670 -64.07 111.66 89.78
C VAL Q 670 -65.06 110.66 89.18
N PHE Q 671 -64.81 110.19 87.96
CA PHE Q 671 -65.69 109.20 87.34
C PHE Q 671 -65.70 107.88 88.10
N ASP Q 672 -64.66 107.60 88.89
CA ASP Q 672 -64.58 106.37 89.67
C ASP Q 672 -64.62 106.69 91.15
N PRO Q 673 -65.80 106.69 91.78
CA PRO Q 673 -65.89 107.00 93.22
C PRO Q 673 -65.52 105.80 94.10
N ALA Q 674 -64.22 105.61 94.31
CA ALA Q 674 -63.73 104.50 95.13
C ALA Q 674 -62.51 104.93 95.93
N GLN Q 675 -61.64 105.74 95.32
CA GLN Q 675 -60.43 106.23 95.97
C GLN Q 675 -60.64 107.67 96.38
N ARG Q 676 -61.57 107.88 97.33
CA ARG Q 676 -61.88 109.22 97.78
C ARG Q 676 -60.70 109.87 98.49
N ALA Q 677 -59.91 109.10 99.22
CA ALA Q 677 -58.74 109.65 99.92
C ALA Q 677 -57.74 110.24 98.94
N GLU Q 678 -57.32 109.45 97.95
CA GLU Q 678 -56.39 109.95 96.95
C GLU Q 678 -57.01 111.05 96.11
N ALA Q 679 -58.32 110.97 95.85
CA ALA Q 679 -58.99 112.02 95.09
C ALA Q 679 -58.91 113.36 95.82
N LEU Q 680 -59.22 113.36 97.13
CA LEU Q 680 -59.14 114.60 97.89
C LEU Q 680 -57.70 115.05 98.08
N LYS Q 681 -56.75 114.12 98.14
CA LYS Q 681 -55.35 114.50 98.22
C LYS Q 681 -54.92 115.24 96.97
N GLN Q 682 -55.25 114.70 95.80
CA GLN Q 682 -54.93 115.37 94.55
C GLN Q 682 -55.69 116.68 94.39
N SER Q 683 -56.92 116.74 94.92
CA SER Q 683 -57.67 117.99 94.89
C SER Q 683 -57.00 119.07 95.73
N ASN Q 684 -56.54 118.71 96.92
CA ASN Q 684 -55.80 119.66 97.76
C ASN Q 684 -54.50 120.07 97.10
N ALA Q 685 -53.83 119.13 96.43
CA ALA Q 685 -52.58 119.46 95.72
C ALA Q 685 -52.83 120.48 94.62
N ILE Q 686 -53.84 120.23 93.77
CA ILE Q 686 -54.11 121.17 92.69
C ILE Q 686 -54.67 122.47 93.24
N MET Q 687 -55.33 122.44 94.40
CA MET Q 687 -55.79 123.69 95.01
C MET Q 687 -54.61 124.53 95.50
N ARG Q 688 -53.61 123.88 96.12
CA ARG Q 688 -52.41 124.60 96.50
C ARG Q 688 -51.69 125.15 95.27
N LYS Q 689 -51.64 124.36 94.19
CA LYS Q 689 -51.02 124.84 92.96
C LYS Q 689 -51.75 126.06 92.40
N PHE Q 690 -53.09 126.04 92.44
CA PHE Q 690 -53.86 127.18 91.94
C PHE Q 690 -53.68 128.39 92.83
N LEU Q 691 -53.61 128.19 94.15
CA LEU Q 691 -53.36 129.31 95.05
C LEU Q 691 -51.97 129.89 94.85
N ALA Q 692 -51.00 129.06 94.47
CA ALA Q 692 -49.66 129.56 94.20
C ALA Q 692 -49.60 130.30 92.87
N SER Q 693 -50.32 129.80 91.86
CA SER Q 693 -50.31 130.41 90.54
C SER Q 693 -51.46 131.38 90.31
N LYS Q 694 -52.14 131.81 91.39
CA LYS Q 694 -53.23 132.78 91.31
C LYS Q 694 -54.38 132.27 90.45
N LYS Q 695 -55.27 131.47 91.05
CA LYS Q 695 -56.43 130.94 90.35
C LYS Q 695 -57.58 130.74 91.35
N HIS Q 696 -57.91 131.81 92.07
CA HIS Q 696 -58.95 131.71 93.10
C HIS Q 696 -60.32 131.44 92.48
N GLU Q 697 -60.58 131.94 91.28
CA GLU Q 697 -61.87 131.68 90.63
C GLU Q 697 -62.04 130.19 90.35
N ALA Q 698 -61.03 129.58 89.72
CA ALA Q 698 -61.10 128.15 89.44
C ALA Q 698 -61.12 127.34 90.74
N ALA Q 699 -60.40 127.81 91.77
CA ALA Q 699 -60.45 127.14 93.06
C ALA Q 699 -61.87 127.15 93.62
N LYS Q 700 -62.55 128.30 93.54
CA LYS Q 700 -63.92 128.39 94.04
C LYS Q 700 -64.86 127.52 93.22
N GLU Q 701 -64.69 127.48 91.89
CA GLU Q 701 -65.55 126.63 91.08
C GLU Q 701 -65.35 125.15 91.43
N VAL Q 702 -64.10 124.73 91.61
CA VAL Q 702 -63.85 123.34 91.96
C VAL Q 702 -64.41 123.01 93.35
N PHE Q 703 -64.28 123.96 94.29
CA PHE Q 703 -64.82 123.74 95.63
C PHE Q 703 -66.34 123.65 95.62
N ALA Q 704 -66.98 124.45 94.77
CA ALA Q 704 -68.44 124.37 94.65
C ALA Q 704 -68.87 123.09 93.94
N LYS Q 705 -68.05 122.59 93.02
CA LYS Q 705 -68.39 121.35 92.33
C LYS Q 705 -68.24 120.15 93.24
N ILE Q 706 -67.17 120.10 94.04
CA ILE Q 706 -66.93 118.98 94.94
C ILE Q 706 -67.77 119.16 96.19
N PRO Q 707 -68.18 118.08 96.86
CA PRO Q 707 -68.97 118.22 98.09
C PRO Q 707 -68.10 118.68 99.25
N GLN Q 708 -68.75 118.89 100.40
CA GLN Q 708 -68.06 119.32 101.60
C GLN Q 708 -67.76 118.19 102.57
N ASP Q 709 -68.50 117.08 102.50
CA ASP Q 709 -68.28 115.92 103.35
C ASP Q 709 -67.23 114.97 102.79
N SER Q 710 -66.20 115.51 102.13
CA SER Q 710 -65.17 114.66 101.54
C SER Q 710 -64.39 113.92 102.62
N ILE Q 711 -63.91 114.65 103.64
CA ILE Q 711 -63.20 114.00 104.73
C ILE Q 711 -64.12 113.08 105.52
N ALA Q 712 -65.41 113.42 105.58
CA ALA Q 712 -66.39 112.55 106.23
C ALA Q 712 -66.46 111.20 105.54
N GLU Q 713 -66.65 111.20 104.21
CA GLU Q 713 -66.66 109.96 103.46
C GLU Q 713 -65.31 109.26 103.53
N ILE Q 714 -64.21 110.02 103.62
CA ILE Q 714 -62.89 109.41 103.71
C ILE Q 714 -62.78 108.59 104.98
N TYR Q 715 -63.07 109.18 106.14
CA TYR Q 715 -62.94 108.42 107.37
C TYR Q 715 -64.02 107.36 107.50
N SER Q 716 -65.18 107.55 106.86
CA SER Q 716 -66.20 106.52 106.84
C SER Q 716 -65.70 105.28 106.10
N GLN Q 717 -65.11 105.48 104.92
CA GLN Q 717 -64.54 104.36 104.18
C GLN Q 717 -63.37 103.74 104.95
N TRP Q 718 -62.58 104.57 105.62
CA TRP Q 718 -61.44 104.04 106.38
C TRP Q 718 -61.89 103.16 107.53
N GLU Q 719 -62.97 103.55 108.22
CA GLU Q 719 -63.47 102.74 109.32
C GLU Q 719 -64.33 101.58 108.85
N GLU Q 720 -64.84 101.62 107.61
CA GLU Q 720 -65.62 100.52 107.09
C GLU Q 720 -64.73 99.44 106.46
N GLN Q 721 -63.55 99.82 105.97
CA GLN Q 721 -62.65 98.84 105.36
C GLN Q 721 -62.01 97.91 106.38
N ALA Q 722 -62.19 98.17 107.68
CA ALA Q 722 -61.67 97.33 108.76
C ALA Q 722 -60.15 97.20 108.64
N MET Q 723 -59.48 98.35 108.76
CA MET Q 723 -58.03 98.40 108.70
C MET Q 723 -57.51 99.63 109.42
N ASP Q 724 -57.61 99.66 110.75
CA ASP Q 724 -57.16 100.78 111.55
C ASP Q 724 -55.76 100.55 112.15
N SER Q 725 -55.15 99.41 111.88
CA SER Q 725 -53.82 99.14 112.42
C SER Q 725 -52.76 99.96 111.70
N ALA Q 726 -52.88 100.12 110.39
CA ALA Q 726 -51.94 100.89 109.60
C ALA Q 726 -52.56 102.24 109.22
N LEU Q 727 -52.85 103.04 110.25
CA LEU Q 727 -53.45 104.35 110.05
C LEU Q 727 -52.34 105.40 110.00
N PRO Q 728 -52.10 106.03 108.86
CA PRO Q 728 -51.07 107.09 108.81
C PRO Q 728 -51.62 108.44 109.26
N ALA Q 729 -51.05 109.52 108.72
CA ALA Q 729 -51.50 110.87 109.02
C ALA Q 729 -52.09 111.57 107.80
N GLU Q 730 -52.27 110.85 106.69
CA GLU Q 730 -52.82 111.47 105.48
C GLU Q 730 -54.26 111.94 105.69
N ASP Q 731 -55.04 111.19 106.47
CA ASP Q 731 -56.42 111.59 106.73
C ASP Q 731 -56.46 112.91 107.49
N ASP Q 732 -55.64 113.04 108.55
CA ASP Q 732 -55.61 114.28 109.31
C ASP Q 732 -55.05 115.43 108.47
N ASN Q 733 -54.07 115.14 107.62
CA ASN Q 733 -53.53 116.18 106.74
C ASN Q 733 -54.58 116.68 105.78
N ALA Q 734 -55.35 115.77 105.18
CA ALA Q 734 -56.44 116.18 104.29
C ALA Q 734 -57.51 116.95 105.04
N ILE Q 735 -57.82 116.54 106.27
CA ILE Q 735 -58.81 117.26 107.08
C ILE Q 735 -58.35 118.69 107.31
N ARG Q 736 -57.10 118.86 107.73
CA ARG Q 736 -56.57 120.21 107.99
C ARG Q 736 -56.54 121.04 106.71
N GLU Q 737 -56.12 120.43 105.60
CA GLU Q 737 -56.06 121.16 104.33
C GLU Q 737 -57.44 121.63 103.90
N HIS Q 738 -58.43 120.74 103.99
CA HIS Q 738 -59.79 121.11 103.59
C HIS Q 738 -60.36 122.17 104.51
N LEU Q 739 -60.08 122.08 105.81
CA LEU Q 739 -60.58 123.08 106.75
C LEU Q 739 -59.96 124.44 106.46
N CYS Q 740 -58.65 124.48 106.22
CA CYS Q 740 -58.00 125.75 105.91
C CYS Q 740 -58.48 126.33 104.60
N ILE Q 741 -58.70 125.48 103.59
CA ILE Q 741 -59.20 125.96 102.30
C ILE Q 741 -60.61 126.53 102.45
N ARG Q 742 -61.46 125.84 103.21
CA ARG Q 742 -62.82 126.34 103.44
C ARG Q 742 -62.79 127.65 104.20
N ALA Q 743 -61.92 127.78 105.19
CA ALA Q 743 -61.81 129.03 105.95
C ALA Q 743 -61.35 130.18 105.05
N TYR Q 744 -60.34 129.92 104.21
CA TYR Q 744 -59.85 130.97 103.32
C TYR Q 744 -60.92 131.38 102.31
N LEU Q 745 -61.65 130.41 101.77
CA LEU Q 745 -62.70 130.73 100.80
C LEU Q 745 -63.84 131.49 101.46
N GLU Q 746 -64.19 131.13 102.69
CA GLU Q 746 -65.24 131.87 103.40
C GLU Q 746 -64.79 133.29 103.70
N SER Q 747 -63.52 133.47 104.09
CA SER Q 747 -63.01 134.81 104.33
C SER Q 747 -63.03 135.64 103.05
N HIS Q 748 -62.63 135.04 101.92
CA HIS Q 748 -62.64 135.78 100.65
C HIS Q 748 -64.06 136.15 100.23
N GLU Q 749 -65.01 135.23 100.39
CA GLU Q 749 -66.39 135.53 100.01
C GLU Q 749 -66.98 136.59 100.91
N ALA Q 750 -66.66 136.55 102.22
CA ALA Q 750 -67.13 137.60 103.11
C ALA Q 750 -66.52 138.95 102.74
N PHE Q 751 -65.25 138.96 102.36
CA PHE Q 751 -64.59 140.21 101.98
C PHE Q 751 -65.23 140.80 100.72
N ASN Q 752 -65.45 139.98 99.69
CA ASN Q 752 -66.02 140.52 98.47
C ASN Q 752 -67.49 140.90 98.66
N GLU Q 753 -68.23 140.17 99.49
CA GLU Q 753 -69.60 140.59 99.80
C GLU Q 753 -69.62 141.91 100.55
N TRP Q 754 -68.70 142.10 101.50
CA TRP Q 754 -68.62 143.37 102.20
C TRP Q 754 -68.27 144.51 101.27
N PHE Q 755 -67.35 144.27 100.32
CA PHE Q 755 -67.00 145.32 99.38
C PHE Q 755 -68.17 145.64 98.45
N LYS Q 756 -68.92 144.63 98.02
CA LYS Q 756 -70.08 144.88 97.18
C LYS Q 756 -71.16 145.64 97.94
N HIS Q 757 -71.32 145.35 99.24
CA HIS Q 757 -72.27 146.10 100.04
C HIS Q 757 -71.81 147.53 100.27
N ILE Q 758 -70.50 147.75 100.36
CA ILE Q 758 -69.97 149.11 100.49
C ILE Q 758 -70.19 149.89 99.19
N ASN Q 759 -69.97 149.23 98.05
CA ASN Q 759 -70.24 149.87 96.77
C ASN Q 759 -71.72 150.21 96.62
N SER Q 760 -72.59 149.29 97.01
CA SER Q 760 -74.01 149.57 97.08
C SER Q 760 -74.27 150.60 98.18
N PRO Q 761 -75.44 151.23 98.17
CA PRO Q 761 -75.80 152.16 99.26
C PRO Q 761 -75.65 151.47 100.61
N PRO Q 762 -75.05 152.16 101.59
CA PRO Q 762 -74.76 151.50 102.88
C PRO Q 762 -75.99 151.36 103.76
N GLN Q 763 -77.16 151.15 103.15
CA GLN Q 763 -78.42 150.96 103.87
C GLN Q 763 -78.69 152.11 104.83
N LYS Q 764 -78.39 153.33 104.39
CA LYS Q 764 -78.61 154.53 105.17
C LYS Q 764 -79.59 155.46 104.47
N PRO Q 765 -80.41 156.20 105.23
CA PRO Q 765 -81.35 157.14 104.60
C PRO Q 765 -80.65 158.27 103.85
N THR Q 766 -80.27 158.02 102.60
CA THR Q 766 -79.59 159.01 101.80
C THR Q 766 -80.61 159.92 101.13
N LEU Q 767 -80.42 161.24 101.28
CA LEU Q 767 -81.33 162.20 100.69
C LEU Q 767 -81.11 162.28 99.18
N VAL Q 768 -82.12 161.90 98.41
CA VAL Q 768 -82.06 161.92 96.95
C VAL Q 768 -83.14 162.81 96.35
N GLY Q 769 -83.81 163.62 97.17
CA GLY Q 769 -84.84 164.50 96.68
C GLY Q 769 -86.24 164.04 97.04
N GLN Q 770 -86.80 164.60 98.11
CA GLN Q 770 -88.13 164.26 98.59
C GLN Q 770 -89.00 165.51 98.54
N ALA Q 771 -90.09 165.45 97.75
CA ALA Q 771 -90.97 166.61 97.67
C ALA Q 771 -92.40 166.25 97.32
N SER Q 772 -92.84 165.01 97.53
CA SER Q 772 -94.20 164.61 97.20
C SER Q 772 -94.59 163.43 98.08
N PHE Q 773 -95.89 163.11 98.08
CA PHE Q 773 -96.40 162.00 98.88
C PHE Q 773 -95.85 160.67 98.36
N THR Q 774 -95.92 160.46 97.05
CA THR Q 774 -95.38 159.23 96.46
C THR Q 774 -93.87 159.15 96.68
N GLU Q 775 -93.18 160.30 96.61
CA GLU Q 775 -91.74 160.32 96.83
C GLU Q 775 -91.41 159.91 98.27
N LYS Q 776 -92.14 160.45 99.25
CA LYS Q 776 -91.88 160.08 100.63
C LYS Q 776 -92.27 158.63 100.92
N VAL Q 777 -93.30 158.12 100.24
CA VAL Q 777 -93.68 156.73 100.41
C VAL Q 777 -92.59 155.81 99.86
N ALA Q 778 -92.06 156.14 98.67
CA ALA Q 778 -90.96 155.36 98.12
C ALA Q 778 -89.72 155.46 99.00
N HIS Q 779 -89.48 156.62 99.59
CA HIS Q 779 -88.34 156.78 100.47
C HIS Q 779 -88.50 155.93 101.73
N GLU Q 780 -89.70 155.89 102.31
CA GLU Q 780 -89.93 155.06 103.48
C GLU Q 780 -89.79 153.58 103.15
N HIS Q 781 -90.29 153.16 101.98
CA HIS Q 781 -90.15 151.77 101.57
C HIS Q 781 -88.68 151.41 101.36
N LYS Q 782 -87.92 152.32 100.74
CA LYS Q 782 -86.49 152.08 100.55
C LYS Q 782 -85.76 152.01 101.88
N GLU Q 783 -86.16 152.85 102.84
CA GLU Q 783 -85.53 152.82 104.16
C GLU Q 783 -85.83 151.51 104.88
N LYS Q 784 -87.07 151.01 104.77
CA LYS Q 784 -87.42 149.75 105.39
C LYS Q 784 -86.65 148.59 104.76
N LYS Q 785 -86.57 148.57 103.43
CA LYS Q 785 -85.81 147.53 102.74
C LYS Q 785 -84.33 147.61 103.12
N TYR Q 786 -83.80 148.82 103.24
CA TYR Q 786 -82.40 149.00 103.62
C TYR Q 786 -82.16 148.50 105.04
N GLU Q 787 -83.09 148.77 105.95
CA GLU Q 787 -82.95 148.28 107.32
C GLU Q 787 -82.99 146.76 107.37
N MET Q 788 -83.88 146.15 106.60
CA MET Q 788 -83.96 144.68 106.58
C MET Q 788 -82.68 144.08 106.00
N ASP Q 789 -82.20 144.64 104.89
CA ASP Q 789 -80.97 144.13 104.27
C ASP Q 789 -79.78 144.32 105.20
N PHE Q 790 -79.73 145.46 105.91
CA PHE Q 790 -78.64 145.70 106.84
C PHE Q 790 -78.69 144.72 108.00
N GLY Q 791 -79.89 144.43 108.51
CA GLY Q 791 -80.00 143.43 109.57
C GLY Q 791 -79.52 142.06 109.14
N ILE Q 792 -79.96 141.61 107.96
CA ILE Q 792 -79.54 140.30 107.46
C ILE Q 792 -78.03 140.28 107.23
N TRP Q 793 -77.49 141.36 106.66
CA TRP Q 793 -76.06 141.43 106.39
C TRP Q 793 -75.26 141.37 107.68
N LYS Q 794 -75.64 142.18 108.68
CA LYS Q 794 -74.92 142.18 109.94
C LYS Q 794 -75.00 140.81 110.61
N GLY Q 795 -76.19 140.18 110.58
CA GLY Q 795 -76.32 138.87 111.19
C GLY Q 795 -75.40 137.84 110.57
N HIS Q 796 -75.49 137.67 109.24
CA HIS Q 796 -74.72 136.60 108.61
C HIS Q 796 -73.22 136.91 108.64
N LEU Q 797 -72.85 138.19 108.50
CA LEU Q 797 -71.44 138.55 108.56
C LEU Q 797 -70.88 138.35 109.96
N ASP Q 798 -71.67 138.66 110.99
CA ASP Q 798 -71.21 138.42 112.36
C ASP Q 798 -71.04 136.94 112.62
N ALA Q 799 -71.97 136.12 112.13
CA ALA Q 799 -71.82 134.67 112.30
C ALA Q 799 -70.56 134.15 111.62
N LEU Q 800 -70.39 134.50 110.35
CA LEU Q 800 -69.22 134.02 109.61
C LEU Q 800 -67.92 134.53 110.22
N THR Q 801 -67.91 135.79 110.67
CA THR Q 801 -66.69 136.36 111.23
C THR Q 801 -66.38 135.79 112.61
N SER Q 802 -67.42 135.47 113.39
CA SER Q 802 -67.17 134.78 114.66
C SER Q 802 -66.59 133.40 114.43
N ASP Q 803 -67.10 132.68 113.41
CA ASP Q 803 -66.50 131.39 113.07
C ASP Q 803 -65.04 131.55 112.66
N VAL Q 804 -64.76 132.53 111.80
CA VAL Q 804 -63.40 132.73 111.32
C VAL Q 804 -62.47 133.11 112.49
N LYS Q 805 -62.96 133.93 113.42
CA LYS Q 805 -62.14 134.34 114.55
C LYS Q 805 -61.91 133.16 115.50
N GLU Q 806 -62.92 132.33 115.72
CA GLU Q 806 -62.73 131.14 116.54
C GLU Q 806 -61.73 130.19 115.92
N LYS Q 807 -61.70 130.10 114.59
CA LYS Q 807 -60.69 129.27 113.93
C LYS Q 807 -59.32 129.93 113.93
N ILE Q 808 -59.26 131.26 113.96
CA ILE Q 808 -57.99 131.97 113.90
C ILE Q 808 -57.30 131.95 115.27
N TYR Q 809 -58.08 132.02 116.34
CA TYR Q 809 -57.52 132.13 117.69
C TYR Q 809 -56.58 130.99 118.04
N ASN Q 810 -56.68 129.85 117.35
CA ASN Q 810 -55.78 128.73 117.57
C ASN Q 810 -54.52 128.80 116.71
N VAL Q 811 -54.33 129.87 115.95
CA VAL Q 811 -53.18 130.02 115.08
C VAL Q 811 -52.35 131.21 115.52
N LEU Q 812 -52.97 132.13 116.26
CA LEU Q 812 -52.27 133.34 116.69
C LEU Q 812 -51.17 133.03 117.71
N LEU Q 813 -51.36 132.00 118.54
CA LEU Q 813 -50.37 131.66 119.54
C LEU Q 813 -49.12 131.01 118.96
N PHE Q 814 -49.16 130.58 117.70
CA PHE Q 814 -48.01 129.96 117.10
C PHE Q 814 -47.00 131.02 116.61
N VAL Q 815 -45.78 130.55 116.34
CA VAL Q 815 -44.72 131.43 115.88
C VAL Q 815 -44.74 131.51 114.36
N ASP Q 816 -44.67 130.36 113.70
CA ASP Q 816 -44.68 130.31 112.25
C ASP Q 816 -46.08 130.59 111.69
N GLY Q 817 -46.89 129.56 111.59
CA GLY Q 817 -48.26 129.70 111.08
C GLY Q 817 -49.14 128.58 111.58
N GLY Q 818 -49.93 128.02 110.68
CA GLY Q 818 -50.83 126.94 111.04
C GLY Q 818 -51.86 126.64 109.97
N TRP Q 819 -51.45 126.63 108.70
CA TRP Q 819 -52.33 126.36 107.59
C TRP Q 819 -51.68 125.30 106.70
N MET Q 820 -52.45 124.25 106.39
CA MET Q 820 -51.96 123.12 105.60
C MET Q 820 -50.71 122.51 106.23
N VAL Q 821 -50.84 122.12 107.49
CA VAL Q 821 -49.72 121.62 108.27
C VAL Q 821 -49.73 120.10 108.22
N ASP Q 822 -48.80 119.49 108.95
CA ASP Q 822 -48.70 118.04 109.07
C ASP Q 822 -48.70 117.63 110.54
N VAL Q 823 -49.09 116.38 110.78
CA VAL Q 823 -49.19 115.86 112.13
C VAL Q 823 -47.89 115.18 112.52
N ARG Q 824 -47.63 114.01 111.94
CA ARG Q 824 -46.41 113.28 112.19
C ARG Q 824 -45.84 112.84 110.84
N GLU Q 825 -44.95 111.87 110.87
CA GLU Q 825 -44.31 111.36 109.66
C GLU Q 825 -45.27 110.46 108.90
N ASP Q 826 -44.77 109.83 107.83
CA ASP Q 826 -45.55 108.93 106.97
C ASP Q 826 -46.77 109.66 106.40
N THR Q 827 -46.49 110.50 105.40
CA THR Q 827 -47.51 111.28 104.72
C THR Q 827 -47.19 111.35 103.23
N GLU Q 828 -48.14 111.87 102.47
CA GLU Q 828 -47.97 111.99 101.03
C GLU Q 828 -47.07 113.18 100.66
N GLU Q 829 -47.09 114.23 101.47
CA GLU Q 829 -46.31 115.43 101.17
C GLU Q 829 -44.82 115.16 101.34
N ASP Q 830 -44.02 115.88 100.57
CA ASP Q 830 -42.58 115.78 100.57
C ASP Q 830 -41.97 116.83 101.50
N PRO Q 831 -40.72 116.63 101.94
CA PRO Q 831 -40.08 117.66 102.77
C PRO Q 831 -40.01 119.02 102.10
N GLU Q 832 -39.75 119.06 100.79
CA GLU Q 832 -39.77 120.33 100.07
C GLU Q 832 -41.18 120.90 100.04
N ARG Q 833 -42.18 120.05 99.78
CA ARG Q 833 -43.57 120.51 99.82
C ARG Q 833 -43.95 120.94 101.23
N SER Q 834 -43.42 120.27 102.25
CA SER Q 834 -43.69 120.67 103.63
C SER Q 834 -43.11 122.05 103.92
N HIS Q 835 -41.89 122.31 103.47
CA HIS Q 835 -41.29 123.62 103.68
C HIS Q 835 -42.04 124.70 102.90
N GLN Q 836 -42.51 124.36 101.70
CA GLN Q 836 -43.30 125.33 100.92
C GLN Q 836 -44.61 125.65 101.62
N MET Q 837 -45.28 124.63 102.18
CA MET Q 837 -46.52 124.87 102.90
C MET Q 837 -46.26 125.66 104.18
N VAL Q 838 -45.12 125.43 104.83
CA VAL Q 838 -44.77 126.20 106.02
C VAL Q 838 -44.56 127.66 105.67
N LEU Q 839 -43.85 127.93 104.57
CA LEU Q 839 -43.66 129.30 104.11
C LEU Q 839 -44.99 129.94 103.75
N LEU Q 840 -45.87 129.20 103.08
CA LEU Q 840 -47.17 129.75 102.70
C LEU Q 840 -48.01 130.08 103.93
N ARG Q 841 -48.04 129.20 104.92
CA ARG Q 841 -48.82 129.47 106.13
C ARG Q 841 -48.22 130.61 106.93
N ARG Q 842 -46.88 130.73 106.95
CA ARG Q 842 -46.26 131.86 107.64
C ARG Q 842 -46.55 133.17 106.94
N LEU Q 843 -46.65 133.16 105.62
CA LEU Q 843 -47.01 134.37 104.87
C LEU Q 843 -48.49 134.69 104.99
N CYS Q 844 -49.33 133.68 105.18
CA CYS Q 844 -50.77 133.88 105.20
C CYS Q 844 -51.34 134.16 106.58
N LEU Q 845 -50.67 133.73 107.65
CA LEU Q 845 -51.20 133.95 108.99
C LEU Q 845 -51.42 135.43 109.31
N PRO Q 846 -50.45 136.33 109.12
CA PRO Q 846 -50.76 137.75 109.33
C PRO Q 846 -51.77 138.27 108.32
N MET Q 847 -51.70 137.79 107.07
CA MET Q 847 -52.68 138.20 106.06
C MET Q 847 -54.08 137.73 106.46
N MET Q 848 -54.20 136.48 106.92
CA MET Q 848 -55.51 135.99 107.32
C MET Q 848 -56.04 136.72 108.54
N CYS Q 849 -55.17 137.01 109.51
CA CYS Q 849 -55.62 137.75 110.69
C CYS Q 849 -56.07 139.16 110.31
N PHE Q 850 -55.32 139.82 109.43
CA PHE Q 850 -55.69 141.18 109.02
C PHE Q 850 -56.97 141.17 108.20
N LEU Q 851 -57.18 140.13 107.38
CA LEU Q 851 -58.43 140.03 106.64
C LEU Q 851 -59.62 139.77 107.57
N LEU Q 852 -59.41 138.94 108.60
CA LEU Q 852 -60.45 138.73 109.60
C LEU Q 852 -60.80 140.04 110.31
N HIS Q 853 -59.78 140.81 110.68
CA HIS Q 853 -60.02 142.09 111.34
C HIS Q 853 -60.71 143.08 110.41
N THR Q 854 -60.39 143.03 109.11
CA THR Q 854 -61.03 143.92 108.15
C THR Q 854 -62.50 143.55 107.97
N VAL Q 855 -62.80 142.25 107.91
CA VAL Q 855 -64.19 141.82 107.82
C VAL Q 855 -64.95 142.20 109.08
N LEU Q 856 -64.29 142.09 110.25
CA LEU Q 856 -64.90 142.47 111.52
C LEU Q 856 -64.69 143.96 111.74
N HIS Q 857 -65.55 144.76 111.11
CA HIS Q 857 -65.47 146.21 111.22
C HIS Q 857 -66.84 146.85 111.08
N ASN Q 858 -67.46 146.68 109.91
CA ASN Q 858 -68.79 147.23 109.68
C ASN Q 858 -69.90 146.41 110.32
N THR Q 859 -69.57 145.36 111.05
CA THR Q 859 -70.57 144.53 111.72
C THR Q 859 -71.20 145.21 112.93
N LYS Q 860 -70.78 146.44 113.26
CA LYS Q 860 -71.29 147.21 114.38
C LYS Q 860 -71.08 146.50 115.72
N GLN Q 861 -70.17 145.54 115.77
CA GLN Q 861 -69.85 144.81 116.99
C GLN Q 861 -68.34 144.89 117.20
N TYR Q 862 -67.88 145.92 117.90
CA TYR Q 862 -66.46 146.15 118.14
C TYR Q 862 -65.98 145.57 119.45
N LYS Q 863 -66.82 144.79 120.15
CA LYS Q 863 -66.38 144.12 121.37
C LYS Q 863 -65.21 143.19 121.11
N ASP Q 864 -65.21 142.50 119.97
CA ASP Q 864 -64.11 141.63 119.57
C ASP Q 864 -63.20 142.29 118.54
N CYS Q 865 -63.24 143.62 118.41
CA CYS Q 865 -62.37 144.35 117.52
C CYS Q 865 -61.57 145.44 118.21
N LEU Q 866 -61.94 145.82 119.43
CA LEU Q 866 -61.21 146.86 120.15
C LEU Q 866 -59.75 146.50 120.37
N ARG Q 867 -59.37 145.23 120.19
CA ARG Q 867 -57.99 144.81 120.35
C ARG Q 867 -57.15 145.04 119.09
N LEU Q 868 -57.70 145.73 118.09
CA LEU Q 868 -56.94 145.98 116.87
C LEU Q 868 -55.82 146.98 117.09
N ALA Q 869 -55.99 147.90 118.04
CA ALA Q 869 -54.95 148.89 118.34
C ALA Q 869 -53.70 148.27 118.93
N ASP Q 870 -53.77 147.03 119.42
CA ASP Q 870 -52.62 146.35 120.00
C ASP Q 870 -52.27 145.03 119.32
N ILE Q 871 -53.15 144.48 118.48
CA ILE Q 871 -52.82 143.23 117.79
C ILE Q 871 -51.80 143.41 116.67
N VAL Q 872 -51.51 144.66 116.29
CA VAL Q 872 -50.53 144.90 115.24
C VAL Q 872 -49.12 144.56 115.73
N SER Q 873 -48.75 145.08 116.89
CA SER Q 873 -47.44 144.82 117.49
C SER Q 873 -47.57 143.84 118.65
N SER Q 874 -48.12 142.67 118.34
CA SER Q 874 -48.33 141.63 119.34
C SER Q 874 -47.23 140.58 119.28
N GLU Q 875 -47.57 139.38 118.79
CA GLU Q 875 -46.62 138.29 118.70
C GLU Q 875 -45.97 138.31 117.32
N ASN Q 876 -44.71 138.75 117.27
CA ASN Q 876 -43.98 138.82 116.01
C ASN Q 876 -42.48 138.73 116.25
N GLN Q 877 -41.99 137.53 116.58
CA GLN Q 877 -40.56 137.37 116.83
C GLN Q 877 -39.74 137.41 115.55
N LYS Q 878 -40.30 136.95 114.44
CA LYS Q 878 -39.61 136.94 113.16
C LYS Q 878 -39.76 138.30 112.49
N LEU Q 879 -38.66 138.81 111.94
CA LEU Q 879 -38.67 140.11 111.30
C LEU Q 879 -39.42 140.05 109.97
N TYR Q 880 -40.00 141.19 109.59
CA TYR Q 880 -40.78 141.29 108.35
C TYR Q 880 -39.83 141.22 107.17
N THR Q 881 -39.51 140.00 106.73
CA THR Q 881 -38.63 139.80 105.59
C THR Q 881 -39.35 139.03 104.49
N VAL Q 882 -39.62 137.75 104.74
CA VAL Q 882 -40.33 136.92 103.77
C VAL Q 882 -41.84 136.97 103.95
N PHE Q 883 -42.36 137.99 104.64
CA PHE Q 883 -43.79 138.12 104.86
C PHE Q 883 -44.51 138.81 103.70
N SER Q 884 -43.83 139.05 102.58
CA SER Q 884 -44.37 139.81 101.46
C SER Q 884 -44.81 141.20 101.92
N LYS Q 885 -43.90 142.17 101.82
CA LYS Q 885 -44.19 143.52 102.31
C LYS Q 885 -45.38 144.14 101.60
N THR Q 886 -45.57 143.83 100.31
CA THR Q 886 -46.65 144.43 99.56
C THR Q 886 -48.01 144.08 100.15
N GLU Q 887 -48.29 142.78 100.32
CA GLU Q 887 -49.60 142.36 100.78
C GLU Q 887 -49.86 142.81 102.22
N MET Q 888 -48.86 142.69 103.09
CA MET Q 888 -49.07 143.09 104.48
C MET Q 888 -49.26 144.60 104.60
N ARG Q 889 -48.52 145.39 103.82
CA ARG Q 889 -48.71 146.83 103.85
C ARG Q 889 -50.08 147.21 103.31
N ASN Q 890 -50.51 146.57 102.21
CA ASN Q 890 -51.83 146.87 101.66
C ASN Q 890 -52.93 146.51 102.66
N LEU Q 891 -52.81 145.38 103.35
CA LEU Q 891 -53.86 144.99 104.28
C LEU Q 891 -53.84 145.83 105.55
N LEU Q 892 -52.65 146.27 105.99
CA LEU Q 892 -52.60 147.22 107.11
C LEU Q 892 -53.22 148.55 106.72
N GLN Q 893 -53.00 149.00 105.48
CA GLN Q 893 -53.66 150.20 105.00
C GLN Q 893 -55.18 150.00 104.96
N LYS Q 894 -55.63 148.82 104.54
CA LYS Q 894 -57.06 148.51 104.56
C LYS Q 894 -57.61 148.59 105.99
N LEU Q 895 -56.88 148.04 106.95
CA LEU Q 895 -57.29 148.13 108.35
C LEU Q 895 -57.37 149.58 108.82
N ARG Q 896 -56.40 150.39 108.42
CA ARG Q 896 -56.41 151.81 108.79
C ARG Q 896 -57.61 152.53 108.19
N GLU Q 897 -57.94 152.21 106.93
CA GLU Q 897 -59.10 152.82 106.30
C GLU Q 897 -60.39 152.40 106.98
N SER Q 898 -60.50 151.12 107.36
CA SER Q 898 -61.68 150.66 108.07
C SER Q 898 -61.80 151.32 109.44
N SER Q 899 -60.65 151.52 110.12
CA SER Q 899 -60.67 152.20 111.40
C SER Q 899 -61.09 153.66 111.24
N LEU Q 900 -60.65 154.31 110.17
CA LEU Q 900 -61.07 155.68 109.91
C LEU Q 900 -62.57 155.75 109.60
N MET Q 901 -63.08 154.77 108.86
CA MET Q 901 -64.52 154.72 108.58
C MET Q 901 -65.31 154.53 109.86
N LEU Q 902 -64.83 153.66 110.76
CA LEU Q 902 -65.52 153.47 112.03
C LEU Q 902 -65.44 154.71 112.91
N LEU Q 903 -64.30 155.43 112.87
CA LEU Q 903 -64.19 156.68 113.62
C LEU Q 903 -65.18 157.72 113.07
N ASP Q 904 -65.35 157.76 111.75
CA ASP Q 904 -66.37 158.63 111.17
C ASP Q 904 -67.76 158.21 111.60
N LEU Q 905 -68.01 156.90 111.67
CA LEU Q 905 -69.26 156.35 112.17
C LEU Q 905 -69.28 156.24 113.70
N GLN Q 906 -68.41 156.98 114.38
CA GLN Q 906 -68.38 157.11 115.83
C GLN Q 906 -67.80 155.86 116.49
N LEU Q 907 -66.48 155.83 116.63
CA LEU Q 907 -65.77 154.75 117.32
C LEU Q 907 -64.33 155.20 117.55
N ASP Q 908 -63.69 154.57 118.53
CA ASP Q 908 -62.31 154.90 118.87
C ASP Q 908 -61.36 154.49 117.75
N SER R 59 80.78 -126.16 50.06
CA SER R 59 80.98 -124.87 50.72
C SER R 59 82.43 -124.42 50.60
N ARG R 60 82.71 -123.62 49.58
CA ARG R 60 84.05 -123.09 49.33
C ARG R 60 84.21 -121.73 49.99
N VAL R 61 85.46 -121.39 50.32
CA VAL R 61 85.77 -120.15 51.00
C VAL R 61 85.95 -119.03 49.98
N TYR R 62 86.56 -117.93 50.41
CA TYR R 62 86.83 -116.81 49.52
C TYR R 62 87.76 -117.23 48.39
N LEU R 63 87.59 -116.60 47.24
CA LEU R 63 88.41 -116.91 46.06
C LEU R 63 88.73 -115.62 45.32
N HIS R 64 89.63 -115.73 44.34
CA HIS R 64 90.10 -114.64 43.48
C HIS R 64 89.23 -114.54 42.23
N PRO R 65 89.02 -113.32 41.74
CA PRO R 65 88.21 -113.17 40.50
C PRO R 65 88.79 -113.94 39.33
N ALA R 66 90.11 -113.87 39.11
CA ALA R 66 90.71 -114.61 38.00
C ALA R 66 90.79 -116.10 38.31
N ALA R 67 90.92 -116.47 39.58
CA ALA R 67 90.98 -117.87 39.99
C ALA R 67 89.61 -118.42 40.38
N SER R 68 88.58 -118.10 39.61
CA SER R 68 87.24 -118.58 39.92
C SER R 68 87.06 -120.05 39.60
N GLU R 69 87.81 -120.58 38.64
CA GLU R 69 87.70 -121.99 38.26
C GLU R 69 88.61 -122.90 39.07
N THR R 70 89.50 -122.34 39.89
CA THR R 70 90.40 -123.13 40.72
C THR R 70 89.71 -123.48 42.02
N VAL R 71 89.55 -124.78 42.28
CA VAL R 71 88.90 -125.26 43.50
C VAL R 71 89.81 -126.14 44.35
N ASN R 72 90.93 -126.61 43.81
CA ASN R 72 91.83 -127.45 44.60
C ASN R 72 92.55 -126.65 45.67
N TYR R 73 93.15 -125.52 45.28
CA TYR R 73 93.85 -124.64 46.20
C TYR R 73 93.05 -123.35 46.37
N ASN R 74 92.70 -123.02 47.60
CA ASN R 74 91.86 -121.87 47.91
C ASN R 74 92.73 -120.71 48.36
N VAL R 75 92.47 -119.53 47.79
CA VAL R 75 93.18 -118.31 48.15
C VAL R 75 92.40 -117.59 49.25
N GLN R 76 93.08 -117.26 50.34
CA GLN R 76 92.46 -116.61 51.47
C GLN R 76 93.34 -115.48 51.97
N LEU R 77 92.72 -114.39 52.44
CA LEU R 77 93.47 -113.29 53.00
C LEU R 77 94.13 -113.72 54.30
N PHE R 78 95.40 -113.32 54.46
CA PHE R 78 96.18 -113.71 55.63
C PHE R 78 95.92 -112.77 56.81
N GLY R 79 94.71 -112.23 56.90
CA GLY R 79 94.36 -111.35 57.99
C GLY R 79 95.09 -110.03 58.00
N SER R 80 95.78 -109.69 56.92
CA SER R 80 96.51 -108.44 56.84
C SER R 80 96.69 -108.05 55.39
N SER R 81 96.80 -106.74 55.15
CA SER R 81 96.94 -106.23 53.79
C SER R 81 98.20 -105.38 53.66
N LEU R 82 98.16 -104.38 52.78
CA LEU R 82 99.31 -103.53 52.52
C LEU R 82 98.97 -102.06 52.76
N PRO R 83 99.92 -101.26 53.22
CA PRO R 83 99.65 -99.84 53.46
C PRO R 83 99.48 -99.09 52.15
N VAL R 84 99.00 -97.85 52.27
CA VAL R 84 98.73 -97.02 51.10
C VAL R 84 99.99 -96.40 50.52
N LYS R 85 101.11 -96.42 51.25
CA LYS R 85 102.37 -95.95 50.68
C LYS R 85 102.82 -96.84 49.53
N VAL R 86 102.55 -98.14 49.61
CA VAL R 86 102.84 -99.04 48.50
C VAL R 86 102.02 -98.64 47.28
N MET R 87 100.73 -98.34 47.48
CA MET R 87 99.88 -97.93 46.37
C MET R 87 100.35 -96.62 45.76
N GLU R 88 100.77 -95.67 46.60
CA GLU R 88 101.28 -94.40 46.10
C GLU R 88 102.56 -94.59 45.30
N ALA R 89 103.47 -95.43 45.81
CA ALA R 89 104.71 -95.71 45.08
C ALA R 89 104.43 -96.41 43.76
N LEU R 90 103.44 -97.30 43.74
CA LEU R 90 103.10 -97.98 42.49
C LEU R 90 102.45 -97.03 41.50
N SER R 91 101.62 -96.11 41.97
CA SER R 91 101.04 -95.10 41.08
C SER R 91 102.11 -94.16 40.54
N ASN R 92 103.14 -93.87 41.34
CA ASN R 92 104.23 -93.04 40.85
C ASN R 92 105.09 -93.79 39.83
N ALA R 93 105.34 -95.08 40.09
CA ALA R 93 106.13 -95.90 39.18
C ALA R 93 105.67 -97.35 39.37
N SER R 94 104.84 -97.83 38.45
CA SER R 94 104.27 -99.17 38.53
C SER R 94 105.38 -100.23 38.57
N ALA R 95 104.95 -101.48 38.81
CA ALA R 95 105.85 -102.61 38.97
C ALA R 95 106.64 -102.95 37.71
N ASP R 96 106.38 -102.28 36.59
CA ASP R 96 107.16 -102.52 35.38
C ASP R 96 108.61 -102.09 35.50
N GLU R 97 108.96 -101.37 36.56
CA GLU R 97 110.32 -100.95 36.86
C GLU R 97 110.92 -101.85 37.95
N PRO R 98 112.25 -101.99 38.00
CA PRO R 98 112.86 -102.91 38.98
C PRO R 98 112.63 -102.49 40.43
N MET R 99 111.45 -102.81 40.95
CA MET R 99 111.13 -102.64 42.37
C MET R 99 111.09 -104.01 43.02
N ALA R 100 111.75 -104.15 44.16
CA ALA R 100 111.96 -105.45 44.79
C ALA R 100 111.14 -105.58 46.06
N ALA R 101 110.35 -106.64 46.14
CA ALA R 101 109.56 -106.95 47.32
C ALA R 101 110.07 -108.24 47.96
N CYS R 102 110.06 -108.28 49.29
CA CYS R 102 110.54 -109.45 50.03
C CYS R 102 109.62 -109.71 51.21
N ILE R 103 109.57 -110.97 51.64
CA ILE R 103 108.76 -111.40 52.77
C ILE R 103 109.68 -112.04 53.80
N HIS R 104 109.20 -112.11 55.04
CA HIS R 104 109.94 -112.72 56.15
C HIS R 104 108.97 -113.55 56.97
N GLU R 105 109.26 -114.85 57.08
CA GLU R 105 108.37 -115.79 57.75
C GLU R 105 108.11 -115.43 59.21
N GLY R 106 108.97 -114.60 59.81
CA GLY R 106 108.67 -114.06 61.12
C GLY R 106 107.38 -113.26 61.17
N GLY R 107 106.82 -112.91 60.02
CA GLY R 107 105.54 -112.23 59.95
C GLY R 107 105.63 -110.83 59.38
N TRP R 108 106.57 -110.59 58.47
CA TRP R 108 106.77 -109.23 57.97
C TRP R 108 106.95 -109.26 56.46
N ALA R 109 106.92 -108.07 55.86
CA ALA R 109 107.19 -107.92 54.44
C ALA R 109 107.66 -106.49 54.19
N TRP R 110 108.42 -106.30 53.13
CA TRP R 110 108.91 -104.98 52.79
C TRP R 110 109.10 -104.86 51.29
N LEU R 111 109.22 -103.61 50.83
CA LEU R 111 109.37 -103.31 49.42
C LEU R 111 110.29 -102.11 49.25
N ALA R 112 111.26 -102.23 48.35
CA ALA R 112 112.16 -101.14 47.99
C ALA R 112 111.91 -100.75 46.55
N CYS R 113 111.69 -99.45 46.32
CA CYS R 113 111.40 -98.93 45.00
C CYS R 113 111.98 -97.52 44.90
N ASN R 114 112.51 -97.19 43.72
CA ASN R 114 113.13 -95.90 43.46
C ASN R 114 114.25 -95.62 44.46
N ASP R 115 113.90 -95.09 45.62
CA ASP R 115 114.89 -94.80 46.66
C ASP R 115 114.23 -94.74 48.04
N ARG R 116 113.21 -95.56 48.24
CA ARG R 116 112.49 -95.60 49.52
C ARG R 116 112.12 -97.03 49.85
N LEU R 117 112.12 -97.35 51.14
CA LEU R 117 111.76 -98.67 51.64
C LEU R 117 110.53 -98.58 52.52
N ILE R 118 109.60 -99.51 52.34
CA ILE R 118 108.35 -99.52 53.09
C ILE R 118 108.13 -100.92 53.65
N ILE R 119 107.90 -101.01 54.96
CA ILE R 119 107.74 -102.27 55.66
C ILE R 119 106.31 -102.35 56.20
N TRP R 120 105.86 -103.58 56.44
CA TRP R 120 104.54 -103.81 57.00
C TRP R 120 104.46 -105.23 57.56
N LYS R 121 103.77 -105.35 58.70
CA LYS R 121 103.59 -106.63 59.36
C LYS R 121 102.36 -107.35 58.83
N ILE R 122 102.43 -108.67 58.79
CA ILE R 122 101.35 -109.53 58.32
C ILE R 122 101.27 -110.75 59.22
N SER R 123 100.07 -111.12 59.63
CA SER R 123 99.89 -112.27 60.50
C SER R 123 98.46 -112.78 60.36
N HIS R 124 98.31 -114.10 60.36
CA HIS R 124 96.99 -114.71 60.23
C HIS R 124 96.12 -114.36 61.44
N SER R 125 94.95 -113.80 61.18
CA SER R 125 94.03 -113.39 62.24
C SER R 125 92.61 -113.81 61.86
N SER R 126 91.87 -114.30 62.86
CA SER R 126 90.48 -114.70 62.63
C SER R 126 89.57 -113.51 62.42
N SER R 127 89.95 -112.33 62.91
CA SER R 127 89.15 -111.13 62.74
C SER R 127 90.02 -109.88 62.83
N ALA R 128 91.10 -109.86 62.05
CA ALA R 128 92.05 -108.76 61.98
C ALA R 128 92.78 -108.54 63.31
N LYS R 129 93.86 -107.79 63.28
CA LYS R 129 94.65 -107.52 64.48
C LYS R 129 95.23 -106.12 64.47
N LEU R 130 96.52 -105.99 64.75
CA LEU R 130 97.20 -104.70 64.80
C LEU R 130 98.61 -104.87 64.24
N MET R 131 98.93 -104.13 63.18
CA MET R 131 100.24 -104.17 62.56
C MET R 131 100.86 -102.78 62.55
N VAL R 132 102.16 -102.73 62.34
CA VAL R 132 102.93 -101.49 62.34
C VAL R 132 103.50 -101.26 60.95
N CYS R 133 103.44 -100.01 60.50
CA CYS R 133 103.99 -99.61 59.20
C CYS R 133 104.92 -98.43 59.40
N LYS R 134 106.12 -98.52 58.82
CA LYS R 134 107.12 -97.47 58.94
C LYS R 134 107.65 -97.11 57.55
N GLU R 135 108.07 -95.86 57.41
CA GLU R 135 108.65 -95.36 56.16
C GLU R 135 110.15 -95.21 56.37
N LEU R 136 110.88 -96.30 56.13
CA LEU R 136 112.33 -96.29 56.31
C LEU R 136 113.00 -95.72 55.07
N PRO R 137 113.69 -94.59 55.16
CA PRO R 137 114.36 -94.03 53.99
C PRO R 137 115.58 -94.85 53.61
N LEU R 138 115.70 -95.15 52.32
CA LEU R 138 116.84 -95.92 51.84
C LEU R 138 118.11 -95.06 51.84
N PRO R 139 119.26 -95.67 52.11
CA PRO R 139 120.51 -94.90 52.11
C PRO R 139 120.84 -94.36 50.72
N LEU R 140 121.68 -93.34 50.70
CA LEU R 140 122.10 -92.71 49.46
C LEU R 140 123.31 -93.43 48.88
N SER R 141 123.76 -92.96 47.70
CA SER R 141 124.90 -93.54 47.00
C SER R 141 124.70 -95.02 46.72
N ASP R 142 123.54 -95.35 46.16
CA ASP R 142 123.18 -96.71 45.81
C ASP R 142 123.14 -96.85 44.29
N SER R 143 123.83 -97.87 43.76
CA SER R 143 123.82 -98.10 42.32
C SER R 143 122.46 -98.62 41.85
N GLU R 144 121.75 -99.36 42.70
CA GLU R 144 120.43 -99.87 42.37
C GLU R 144 119.65 -100.08 43.66
N TRP R 145 118.33 -99.93 43.55
CA TRP R 145 117.42 -100.10 44.68
C TRP R 145 116.86 -101.51 44.68
N SER R 146 116.92 -102.17 45.84
CA SER R 146 116.43 -103.53 45.97
C SER R 146 116.20 -103.83 47.44
N ALA R 147 115.17 -104.62 47.73
CA ALA R 147 114.85 -105.01 49.10
C ALA R 147 115.78 -106.09 49.63
N ASP R 148 116.68 -106.63 48.80
CA ASP R 148 117.62 -107.64 49.24
C ASP R 148 118.73 -107.07 50.12
N LEU R 149 118.76 -105.76 50.34
CA LEU R 149 119.77 -105.13 51.17
C LEU R 149 119.29 -104.88 52.60
N VAL R 150 118.01 -105.12 52.89
CA VAL R 150 117.46 -104.93 54.23
C VAL R 150 116.76 -106.21 54.64
N ASP R 151 117.14 -106.75 55.79
CA ASP R 151 116.54 -107.97 56.32
C ASP R 151 116.36 -107.85 57.82
N ILE R 152 115.31 -108.48 58.34
CA ILE R 152 114.99 -108.46 59.75
C ILE R 152 115.12 -109.87 60.31
N CYS R 153 115.27 -109.95 61.63
CA CYS R 153 115.45 -111.23 62.30
C CYS R 153 114.30 -111.52 63.27
N ALA R 154 113.07 -111.53 62.74
CA ALA R 154 111.90 -111.78 63.58
C ALA R 154 111.85 -113.26 63.97
N GLN R 155 111.80 -113.52 65.27
CA GLN R 155 111.76 -114.88 65.80
C GLN R 155 110.45 -115.16 66.55
N THR R 156 109.35 -114.58 66.09
CA THR R 156 108.05 -114.75 66.73
C THR R 156 107.00 -115.09 65.67
N GLY R 157 105.90 -115.65 66.14
CA GLY R 157 104.79 -116.00 65.27
C GLY R 157 103.47 -115.41 65.72
N ASP R 158 103.51 -114.67 66.82
CA ASP R 158 102.31 -114.04 67.35
C ASP R 158 101.86 -112.90 66.43
N PRO R 159 100.58 -112.53 66.49
CA PRO R 159 100.11 -111.39 65.67
C PRO R 159 100.84 -110.09 65.96
N ALA R 160 101.37 -109.92 67.17
CA ALA R 160 102.18 -108.75 67.50
C ALA R 160 103.67 -109.05 67.34
N ALA R 161 104.04 -109.62 66.20
CA ALA R 161 105.41 -110.01 65.95
C ALA R 161 106.31 -108.79 65.78
N ALA R 162 106.70 -108.17 66.90
CA ALA R 162 107.58 -107.01 66.86
C ALA R 162 108.48 -106.93 68.08
N GLN R 163 108.76 -108.06 68.74
CA GLN R 163 109.59 -108.04 69.93
C GLN R 163 111.07 -108.05 69.59
N SER R 164 111.50 -108.98 68.71
CA SER R 164 112.90 -109.11 68.32
C SER R 164 113.01 -108.86 66.81
N VAL R 165 112.95 -107.59 66.42
CA VAL R 165 113.07 -107.17 65.03
C VAL R 165 114.16 -106.11 64.95
N ALA R 166 115.07 -106.27 63.99
CA ALA R 166 116.16 -105.34 63.77
C ALA R 166 116.25 -105.01 62.29
N LEU R 167 117.11 -104.04 61.96
CA LEU R 167 117.31 -103.61 60.59
C LEU R 167 118.80 -103.47 60.30
N MET R 168 119.20 -103.85 59.07
CA MET R 168 120.59 -103.74 58.63
C MET R 168 120.58 -103.23 57.20
N ALA R 169 120.81 -101.93 57.03
CA ALA R 169 120.88 -101.32 55.71
C ALA R 169 122.33 -101.30 55.23
N ALA R 170 122.54 -101.77 53.99
CA ALA R 170 123.87 -101.85 53.41
C ALA R 170 123.87 -101.13 52.07
N THR R 171 124.69 -100.08 51.97
CA THR R 171 124.84 -99.34 50.72
C THR R 171 126.02 -99.86 49.92
N PRO R 172 125.93 -99.84 48.59
CA PRO R 172 127.07 -100.31 47.77
C PRO R 172 128.32 -99.45 47.95
N GLU R 173 128.95 -99.54 49.12
CA GLU R 173 130.17 -98.79 49.40
C GLU R 173 130.99 -99.49 50.47
N GLY R 174 130.53 -99.44 51.71
CA GLY R 174 131.24 -100.08 52.81
C GLY R 174 130.76 -99.64 54.18
N SER R 175 129.67 -98.87 54.20
CA SER R 175 129.09 -98.36 55.44
C SER R 175 127.75 -99.05 55.66
N SER R 176 127.58 -99.65 56.84
CA SER R 176 126.35 -100.35 57.20
C SER R 176 125.66 -99.62 58.35
N ARG R 177 124.34 -99.54 58.28
CA ARG R 177 123.52 -98.89 59.29
C ARG R 177 122.71 -99.95 60.01
N TYR R 178 122.94 -100.11 61.30
CA TYR R 178 122.23 -101.07 62.14
C TYR R 178 121.22 -100.35 63.00
N TRP R 179 119.97 -100.81 62.95
CA TRP R 179 118.87 -100.26 63.74
C TRP R 179 118.38 -101.35 64.69
N PRO R 180 118.36 -101.10 66.00
CA PRO R 180 117.91 -102.16 66.94
C PRO R 180 116.46 -102.54 66.73
N ASN R 181 115.64 -101.68 66.14
CA ASN R 181 114.24 -101.98 65.88
C ASN R 181 113.72 -101.00 64.85
N ILE R 182 112.64 -101.41 64.16
CA ILE R 182 112.02 -100.54 63.17
C ILE R 182 111.23 -99.42 63.83
N LEU R 183 110.92 -99.55 65.12
CA LEU R 183 110.15 -98.55 65.86
C LEU R 183 110.98 -97.91 66.96
N HIS R 184 112.26 -97.64 66.67
CA HIS R 184 113.17 -97.02 67.63
C HIS R 184 114.05 -96.01 66.88
N GLU R 185 113.41 -95.06 66.21
CA GLU R 185 114.13 -94.07 65.42
C GLU R 185 114.86 -93.10 66.35
N GLY R 186 116.18 -93.02 66.19
CA GLY R 186 116.99 -92.15 67.01
C GLY R 186 118.27 -92.81 67.48
N THR R 187 118.38 -94.12 67.27
CA THR R 187 119.55 -94.90 67.68
C THR R 187 120.00 -95.74 66.48
N TYR R 188 121.08 -95.32 65.83
CA TYR R 188 121.62 -96.03 64.68
C TYR R 188 123.11 -96.28 64.91
N ILE R 189 123.59 -97.43 64.45
CA ILE R 189 124.99 -97.80 64.58
C ILE R 189 125.60 -97.80 63.18
N GLU R 190 126.64 -96.99 62.98
CA GLU R 190 127.33 -96.89 61.70
C GLU R 190 128.60 -97.72 61.78
N SER R 191 128.62 -98.83 61.04
CA SER R 191 129.77 -99.73 61.02
C SER R 191 130.46 -99.66 59.65
N TYR R 192 131.76 -99.94 59.66
CA TYR R 192 132.56 -99.94 58.44
C TYR R 192 132.98 -101.38 58.15
N THR R 193 132.46 -101.93 57.05
CA THR R 193 132.77 -103.30 56.67
C THR R 193 134.13 -103.34 55.97
N GLU R 194 134.49 -104.52 55.45
CA GLU R 194 135.77 -104.71 54.76
C GLU R 194 135.69 -104.37 53.28
N PHE R 195 134.80 -103.46 52.89
CA PHE R 195 134.63 -103.05 51.51
C PHE R 195 135.01 -101.58 51.37
N GLY R 196 136.05 -101.30 50.59
CA GLY R 196 136.48 -99.95 50.36
C GLY R 196 135.54 -99.18 49.45
N SER R 197 135.18 -99.81 48.31
CA SER R 197 134.26 -99.16 47.38
C SER R 197 133.49 -100.17 46.54
N SER R 198 133.36 -101.41 46.98
CA SER R 198 132.64 -102.44 46.23
C SER R 198 131.14 -102.20 46.32
N LEU R 199 130.38 -102.98 45.55
CA LEU R 199 128.94 -102.88 45.49
C LEU R 199 128.31 -104.09 46.17
N CYS R 200 127.41 -103.84 47.12
CA CYS R 200 126.73 -104.93 47.80
C CYS R 200 125.68 -105.55 46.88
N ALA R 201 125.10 -106.66 47.35
CA ALA R 201 124.09 -107.36 46.56
C ALA R 201 122.95 -107.87 47.41
N PHE R 202 123.23 -108.77 48.35
CA PHE R 202 122.19 -109.42 49.13
C PHE R 202 122.47 -109.26 50.62
N VAL R 203 121.39 -109.34 51.41
CA VAL R 203 121.48 -109.31 52.87
C VAL R 203 120.53 -110.37 53.41
N THR R 204 121.09 -111.35 54.11
CA THR R 204 120.32 -112.44 54.70
C THR R 204 120.35 -112.31 56.22
N ALA R 205 119.34 -112.88 56.87
CA ALA R 205 119.23 -112.83 58.33
C ALA R 205 119.32 -114.24 58.88
N VAL R 206 120.29 -114.47 59.77
CA VAL R 206 120.49 -115.77 60.39
C VAL R 206 120.29 -115.63 61.90
N LYS R 207 120.00 -116.78 62.53
CA LYS R 207 119.64 -116.82 63.94
C LYS R 207 120.72 -116.19 64.81
N GLY R 208 120.33 -115.83 66.03
CA GLY R 208 121.17 -114.99 66.86
C GLY R 208 121.11 -113.52 66.49
N ASN R 209 120.11 -113.13 65.69
CA ASN R 209 119.95 -111.75 65.21
C ASN R 209 121.20 -111.30 64.45
N SER R 210 121.75 -112.19 63.63
CA SER R 210 122.96 -111.89 62.87
C SER R 210 122.60 -111.63 61.41
N PHE R 211 123.43 -110.84 60.74
CA PHE R 211 123.21 -110.51 59.34
C PHE R 211 124.37 -111.03 58.50
N ILE R 212 124.08 -111.34 57.24
CA ILE R 212 125.06 -111.82 56.28
C ILE R 212 124.97 -110.94 55.04
N LEU R 213 126.01 -110.15 54.79
CA LEU R 213 126.07 -109.27 53.62
C LEU R 213 126.86 -109.96 52.52
N SER R 214 126.37 -109.85 51.28
CA SER R 214 127.00 -110.44 50.12
C SER R 214 127.13 -109.38 49.04
N SER R 215 128.33 -109.20 48.51
CA SER R 215 128.59 -108.23 47.47
C SER R 215 128.31 -108.86 46.10
N GLU R 216 128.72 -108.16 45.03
CA GLU R 216 128.50 -108.67 43.69
C GLU R 216 129.43 -109.85 43.37
N LYS R 217 130.54 -109.99 44.09
CA LYS R 217 131.48 -111.09 43.87
C LYS R 217 131.33 -112.18 44.93
N ASN R 218 130.20 -112.20 45.64
CA ASN R 218 129.91 -113.19 46.68
C ASN R 218 130.99 -113.17 47.77
N GLN R 219 130.91 -112.13 48.60
CA GLN R 219 131.81 -111.95 49.74
C GLN R 219 130.97 -111.95 51.01
N LEU R 220 130.91 -113.10 51.68
CA LEU R 220 130.09 -113.26 52.87
C LEU R 220 130.73 -112.54 54.04
N VAL R 221 130.04 -111.51 54.55
CA VAL R 221 130.47 -110.78 55.73
C VAL R 221 129.37 -110.88 56.77
N ARG R 222 129.66 -111.58 57.88
CA ARG R 222 128.72 -111.73 58.97
C ARG R 222 128.86 -110.57 59.94
N LEU R 223 127.74 -109.90 60.22
CA LEU R 223 127.67 -108.82 61.20
C LEU R 223 126.85 -109.30 62.39
N THR R 224 127.43 -109.15 63.58
CA THR R 224 126.81 -109.60 64.81
C THR R 224 126.68 -108.44 65.78
N PRO R 225 125.50 -108.19 66.33
CA PRO R 225 125.35 -107.12 67.33
C PRO R 225 125.72 -107.60 68.72
N ASP R 226 126.29 -106.69 69.50
CA ASP R 226 126.69 -106.97 70.87
C ASP R 226 125.64 -106.44 71.85
N ALA R 227 125.86 -106.73 73.14
CA ALA R 227 124.95 -106.26 74.16
C ALA R 227 125.04 -104.76 74.40
N SER R 228 126.14 -104.13 73.97
CA SER R 228 126.30 -102.69 74.14
C SER R 228 125.83 -101.89 72.94
N GLY R 229 125.88 -102.49 71.75
CA GLY R 229 125.46 -101.80 70.54
C GLY R 229 126.51 -101.87 69.45
N LYS R 230 127.65 -102.48 69.75
CA LYS R 230 128.72 -102.62 68.77
C LYS R 230 128.39 -103.69 67.74
N MET R 231 129.03 -103.60 66.58
CA MET R 231 128.84 -104.54 65.48
C MET R 231 130.17 -105.22 65.19
N ASN R 232 130.20 -106.54 65.31
CA ASN R 232 131.39 -107.33 65.02
C ASN R 232 131.29 -107.90 63.61
N GLN R 233 132.36 -107.77 62.85
CA GLN R 233 132.42 -108.21 61.46
C GLN R 233 133.32 -109.44 61.34
N ARG R 234 132.89 -110.41 60.54
CA ARG R 234 133.69 -111.60 60.28
C ARG R 234 133.53 -112.02 58.83
N VAL R 235 134.65 -112.14 58.12
CA VAL R 235 134.62 -112.57 56.72
C VAL R 235 134.61 -114.09 56.67
N LEU R 236 133.62 -114.65 55.97
CA LEU R 236 133.52 -116.10 55.86
C LEU R 236 134.51 -116.63 54.84
N PRO R 237 135.02 -117.85 55.04
CA PRO R 237 135.90 -118.46 54.03
C PRO R 237 135.17 -118.68 52.72
N GLN R 238 135.75 -118.20 51.64
CA GLN R 238 135.11 -118.24 50.32
C GLN R 238 135.34 -119.60 49.65
N GLY R 239 134.93 -120.66 50.34
CA GLY R 239 135.00 -122.00 49.80
C GLY R 239 136.39 -122.60 49.79
N GLN R 240 136.49 -123.89 50.10
CA GLN R 240 137.75 -124.60 50.07
C GLN R 240 137.93 -125.47 48.83
N GLY R 241 136.84 -125.91 48.20
CA GLY R 241 136.93 -126.70 46.98
C GLY R 241 137.52 -128.08 47.23
N MET R 242 137.62 -128.83 46.13
CA MET R 242 138.20 -130.16 46.15
C MET R 242 139.18 -130.42 45.02
N LEU R 243 139.31 -129.51 44.06
CA LEU R 243 140.24 -129.68 42.94
C LEU R 243 141.07 -128.45 42.63
N SER R 244 140.72 -127.26 43.13
CA SER R 244 141.48 -126.05 42.85
C SER R 244 142.65 -125.91 43.82
N GLY R 245 143.06 -124.67 44.08
CA GLY R 245 144.17 -124.42 44.96
C GLY R 245 143.77 -124.26 46.41
N ILE R 246 144.44 -123.35 47.13
CA ILE R 246 144.13 -123.12 48.53
C ILE R 246 142.85 -122.30 48.65
N GLY R 247 141.92 -122.78 49.48
CA GLY R 247 140.67 -122.09 49.68
C GLY R 247 140.39 -121.77 51.13
N ARG R 248 141.26 -122.24 52.03
CA ARG R 248 141.07 -121.99 53.45
C ARG R 248 141.41 -120.55 53.83
N ARG R 249 142.18 -119.85 53.00
CA ARG R 249 142.54 -118.47 53.29
C ARG R 249 141.36 -117.54 53.02
N VAL R 250 141.48 -116.31 53.50
CA VAL R 250 140.44 -115.31 53.32
C VAL R 250 140.51 -114.73 51.92
N SER R 251 139.34 -114.43 51.35
CA SER R 251 139.23 -113.85 50.01
C SER R 251 138.32 -112.63 50.11
N THR R 252 138.89 -111.51 50.52
CA THR R 252 138.16 -110.26 50.68
C THR R 252 138.57 -109.26 49.61
N LEU R 253 137.57 -108.59 49.04
CA LEU R 253 137.83 -107.57 48.03
C LEU R 253 138.59 -106.40 48.63
N PHE R 254 139.23 -105.62 47.75
CA PHE R 254 140.05 -104.48 48.14
C PHE R 254 141.16 -104.90 49.10
N GLY R 255 141.78 -106.03 48.81
CA GLY R 255 142.86 -106.54 49.65
C GLY R 255 143.71 -107.58 48.95
N ILE R 256 143.65 -108.81 49.44
CA ILE R 256 144.40 -109.92 48.87
C ILE R 256 143.44 -110.87 48.16
N LEU R 257 144.01 -111.76 47.36
CA LEU R 257 143.25 -112.74 46.60
C LEU R 257 143.67 -114.15 46.99
N SER R 258 142.82 -115.12 46.67
CA SER R 258 143.06 -116.52 46.96
C SER R 258 142.55 -117.38 45.81
N PRO R 259 143.31 -118.38 45.38
CA PRO R 259 142.86 -119.24 44.28
C PRO R 259 141.72 -120.16 44.69
N ALA R 260 140.50 -119.63 44.71
CA ALA R 260 139.32 -120.41 45.08
C ALA R 260 138.15 -119.98 44.20
N VAL R 261 137.00 -120.61 44.42
CA VAL R 261 135.81 -120.27 43.65
C VAL R 261 135.24 -118.94 44.14
N GLU R 262 134.96 -118.06 43.20
CA GLU R 262 134.42 -116.74 43.52
C GLU R 262 133.41 -116.32 42.46
N SER R 263 132.40 -117.17 42.22
CA SER R 263 131.37 -116.88 41.25
C SER R 263 130.34 -115.92 41.84
N THR R 264 129.46 -115.43 40.97
CA THR R 264 128.43 -114.49 41.41
C THR R 264 127.33 -115.24 42.15
N LEU R 265 126.96 -114.73 43.33
CA LEU R 265 125.91 -115.35 44.11
C LEU R 265 124.56 -115.20 43.43
N CYS R 266 123.77 -116.27 43.44
CA CYS R 266 122.47 -116.29 42.78
C CYS R 266 121.30 -116.42 43.75
N SER R 267 121.44 -117.21 44.81
CA SER R 267 120.34 -117.41 45.74
C SER R 267 120.87 -117.80 47.11
N VAL R 268 120.08 -117.50 48.13
CA VAL R 268 120.40 -117.85 49.50
C VAL R 268 119.16 -118.43 50.16
N LEU R 269 119.37 -119.44 51.01
CA LEU R 269 118.28 -120.13 51.68
C LEU R 269 118.70 -120.42 53.12
N TRP R 270 118.02 -119.79 54.07
CA TRP R 270 118.30 -120.00 55.49
C TRP R 270 117.40 -121.12 55.99
N ASP R 271 117.97 -122.31 56.12
CA ASP R 271 117.21 -123.47 56.59
C ASP R 271 117.05 -123.41 58.11
N LYS R 272 115.88 -123.83 58.58
CA LYS R 272 115.61 -123.83 60.02
C LYS R 272 116.36 -124.92 60.76
N GLY R 273 116.98 -125.86 60.04
CA GLY R 273 117.73 -126.92 60.69
C GLY R 273 119.19 -126.57 60.89
N ASP R 274 119.46 -125.31 61.26
CA ASP R 274 120.82 -124.82 61.50
C ASP R 274 121.70 -125.01 60.27
N CYS R 275 121.17 -124.63 59.11
CA CYS R 275 121.89 -124.74 57.86
C CYS R 275 121.61 -123.52 56.99
N PHE R 276 122.59 -123.15 56.17
CA PHE R 276 122.46 -122.01 55.28
C PHE R 276 123.05 -122.38 53.93
N TYR R 277 122.21 -122.42 52.89
CA TYR R 277 122.63 -122.79 51.55
C TYR R 277 122.83 -121.55 50.69
N THR R 278 123.91 -121.54 49.93
CA THR R 278 124.23 -120.45 49.01
C THR R 278 124.47 -121.04 47.63
N LEU R 279 123.70 -120.59 46.65
CA LEU R 279 123.78 -121.05 45.27
C LEU R 279 124.36 -119.95 44.39
N THR R 280 125.47 -120.25 43.75
CA THR R 280 126.11 -119.30 42.83
C THR R 280 125.88 -119.73 41.39
N ASP R 281 126.95 -119.77 40.60
CA ASP R 281 126.87 -120.19 39.21
C ASP R 281 127.93 -121.24 38.90
N SER R 282 128.41 -121.95 39.93
CA SER R 282 129.45 -122.95 39.74
C SER R 282 129.39 -124.03 40.81
N SER R 283 128.92 -123.67 42.01
CA SER R 283 128.90 -124.61 43.12
C SER R 283 127.84 -124.16 44.13
N ILE R 284 127.52 -125.08 45.04
CA ILE R 284 126.60 -124.81 46.14
C ILE R 284 127.36 -124.98 47.45
N ASN R 285 127.24 -123.98 48.33
CA ASN R 285 127.98 -123.97 49.59
C ASN R 285 127.01 -123.99 50.75
N LYS R 286 127.18 -124.96 51.65
CA LYS R 286 126.33 -125.13 52.82
C LYS R 286 127.14 -124.82 54.07
N TRP R 287 126.65 -123.87 54.86
CA TRP R 287 127.28 -123.42 56.10
C TRP R 287 126.41 -123.79 57.29
N ASP R 288 127.05 -123.88 58.45
CA ASP R 288 126.38 -124.02 59.74
C ASP R 288 126.81 -122.85 60.61
N LEU R 289 125.82 -122.03 61.02
CA LEU R 289 126.07 -120.83 61.80
C LEU R 289 125.24 -120.92 63.08
N ASP R 290 125.91 -121.14 64.21
CA ASP R 290 125.23 -121.21 65.50
C ASP R 290 124.91 -119.81 65.99
N ASP R 291 125.58 -119.38 67.07
CA ASP R 291 125.42 -118.04 67.62
C ASP R 291 126.61 -117.15 67.35
N THR R 292 127.82 -117.65 67.56
CA THR R 292 129.04 -116.89 67.30
C THR R 292 130.11 -117.76 66.63
N SER R 293 129.68 -118.79 65.91
CA SER R 293 130.60 -119.69 65.24
C SER R 293 130.05 -120.06 63.87
N GLU R 294 130.94 -120.17 62.89
CA GLU R 294 130.58 -120.53 61.52
C GLU R 294 131.45 -121.68 61.05
N SER R 295 130.86 -122.59 60.29
CA SER R 295 131.61 -123.73 59.75
C SER R 295 131.05 -124.10 58.39
N GLN R 296 131.89 -124.05 57.37
CA GLN R 296 131.49 -124.46 56.02
C GLN R 296 131.44 -125.98 55.98
N VAL R 297 130.23 -126.54 56.05
CA VAL R 297 130.09 -127.98 56.16
C VAL R 297 130.16 -128.63 54.78
N LEU R 298 129.58 -128.00 53.77
CA LEU R 298 129.52 -128.61 52.44
C LEU R 298 129.93 -127.61 51.37
N ASN R 299 130.58 -128.13 50.33
CA ASN R 299 130.97 -127.32 49.17
C ASN R 299 130.94 -128.23 47.95
N TRP R 300 129.76 -128.33 47.33
CA TRP R 300 129.52 -129.24 46.22
C TRP R 300 129.69 -128.48 44.90
N ASP R 301 130.70 -128.87 44.13
CA ASP R 301 130.94 -128.26 42.83
C ASP R 301 129.97 -128.82 41.80
N MET R 302 129.17 -127.95 41.20
CA MET R 302 128.17 -128.35 40.21
C MET R 302 128.25 -127.42 39.00
N SER R 303 129.45 -127.22 38.48
CA SER R 303 129.66 -126.35 37.32
C SER R 303 129.58 -127.09 36.00
N ARG R 304 129.79 -128.40 36.00
CA ARG R 304 129.75 -129.19 34.77
C ARG R 304 128.82 -130.40 34.87
N VAL R 305 128.76 -131.06 36.02
CA VAL R 305 127.94 -132.25 36.16
C VAL R 305 126.47 -131.90 35.98
N LEU R 306 125.97 -130.94 36.76
CA LEU R 306 124.59 -130.51 36.60
C LEU R 306 124.33 -129.89 35.24
N ARG R 307 125.35 -129.25 34.66
CA ARG R 307 125.21 -128.68 33.33
C ARG R 307 124.91 -129.75 32.29
N GLU R 308 125.74 -130.80 32.25
CA GLU R 308 125.50 -131.88 31.29
C GLU R 308 124.24 -132.67 31.64
N TYR R 309 123.88 -132.72 32.93
CA TYR R 309 122.63 -133.38 33.30
C TYR R 309 121.43 -132.65 32.73
N ILE R 310 121.40 -131.32 32.89
CA ILE R 310 120.31 -130.52 32.34
C ILE R 310 120.32 -130.59 30.82
N SER R 311 121.51 -130.62 30.22
CA SER R 311 121.60 -130.71 28.77
C SER R 311 121.02 -132.02 28.25
N ASP R 312 121.35 -133.13 28.90
CA ASP R 312 120.81 -134.42 28.49
C ASP R 312 119.32 -134.52 28.81
N ALA R 313 118.85 -133.81 29.84
CA ALA R 313 117.42 -133.85 30.16
C ALA R 313 116.61 -133.08 29.13
N ILE R 314 117.12 -131.92 28.68
CA ILE R 314 116.41 -131.10 27.70
C ILE R 314 116.69 -131.63 26.30
N TRP R 315 117.88 -131.33 25.77
CA TRP R 315 118.25 -131.74 24.42
C TRP R 315 119.05 -133.04 24.48
N GLY R 316 118.33 -134.13 24.76
CA GLY R 316 118.95 -135.44 24.84
C GLY R 316 118.55 -136.35 23.70
N SER R 317 118.31 -135.79 22.52
CA SER R 317 117.92 -136.56 21.36
C SER R 317 118.70 -136.21 20.10
N GLU R 318 119.57 -135.21 20.14
CA GLU R 318 120.35 -134.81 18.98
C GLU R 318 121.66 -135.59 18.92
N SER R 319 122.26 -135.61 17.72
CA SER R 319 123.52 -136.31 17.52
C SER R 319 124.73 -135.42 17.71
N ASP R 320 124.63 -134.14 17.38
CA ASP R 320 125.74 -133.19 17.53
C ASP R 320 125.74 -132.54 18.90
N TYR R 321 125.70 -133.36 19.96
CA TYR R 321 125.67 -132.84 21.32
C TYR R 321 126.97 -132.14 21.66
N ASP R 322 128.10 -132.66 21.17
CA ASP R 322 129.40 -132.06 21.47
C ASP R 322 129.51 -130.64 20.91
N ASP R 323 128.83 -130.37 19.79
CA ASP R 323 128.82 -129.03 19.21
C ASP R 323 127.65 -128.19 19.69
N ILE R 324 126.60 -128.81 20.24
CA ILE R 324 125.45 -128.05 20.73
C ILE R 324 125.71 -127.55 22.15
N LYS R 325 126.37 -128.36 22.98
CA LYS R 325 126.60 -127.97 24.37
C LYS R 325 127.40 -126.68 24.47
N ALA R 326 128.37 -126.48 23.57
CA ALA R 326 129.17 -125.27 23.58
C ALA R 326 128.35 -124.08 23.10
N GLY R 327 127.46 -123.58 23.95
CA GLY R 327 126.61 -122.45 23.60
C GLY R 327 125.53 -122.16 24.60
N ILE R 328 124.93 -123.20 25.17
CA ILE R 328 123.87 -123.02 26.15
C ILE R 328 124.45 -122.55 27.46
N ASN R 329 123.91 -121.47 27.99
CA ASN R 329 124.35 -120.87 29.25
C ASN R 329 123.27 -121.12 30.31
N ILE R 330 123.39 -122.24 31.00
CA ILE R 330 122.43 -122.58 32.05
C ILE R 330 122.72 -121.75 33.28
N ASN R 331 121.67 -121.18 33.89
CA ASN R 331 121.80 -120.34 35.06
C ASN R 331 120.84 -120.83 36.13
N TYR R 332 121.37 -121.23 37.28
CA TYR R 332 120.54 -121.67 38.39
C TYR R 332 119.97 -120.45 39.10
N LEU R 333 118.68 -120.20 38.94
CA LEU R 333 118.07 -118.99 39.44
C LEU R 333 117.46 -119.16 40.83
N SER R 334 116.84 -120.30 41.11
CA SER R 334 116.12 -120.49 42.36
C SER R 334 116.65 -121.70 43.12
N LEU R 335 116.53 -121.65 44.44
CA LEU R 335 116.93 -122.75 45.30
C LEU R 335 115.96 -122.82 46.47
N ASN R 336 115.35 -123.99 46.69
CA ASN R 336 114.37 -124.17 47.74
C ASN R 336 114.58 -125.51 48.42
N GLN R 337 113.91 -125.70 49.54
CA GLN R 337 114.01 -126.93 50.33
C GLN R 337 112.62 -127.50 50.54
N ASN R 338 112.47 -128.79 50.26
CA ASN R 338 111.20 -129.48 50.46
C ASN R 338 111.42 -130.85 51.10
N CYS R 339 110.35 -131.63 51.24
CA CYS R 339 110.46 -132.94 51.89
C CYS R 339 111.40 -133.87 51.13
N ASP R 340 111.55 -133.68 49.82
CA ASP R 340 112.45 -134.51 49.04
C ASP R 340 113.90 -134.05 49.15
N GLY R 341 114.17 -132.90 49.77
CA GLY R 341 115.53 -132.43 49.90
C GLY R 341 115.72 -131.00 49.41
N LEU R 342 116.68 -130.81 48.50
CA LEU R 342 116.97 -129.50 47.93
C LEU R 342 116.64 -129.50 46.45
N VAL R 343 115.88 -128.48 46.03
CA VAL R 343 115.45 -128.35 44.64
C VAL R 343 116.05 -127.07 44.08
N ILE R 344 116.79 -127.21 42.98
CA ILE R 344 117.43 -126.10 42.30
C ILE R 344 116.71 -125.88 40.97
N LEU R 345 116.09 -124.72 40.80
CA LEU R 345 115.44 -124.35 39.55
C LEU R 345 116.41 -123.54 38.70
N SER R 346 116.65 -124.00 37.47
CA SER R 346 117.58 -123.36 36.57
C SER R 346 116.91 -123.10 35.22
N ALA R 347 117.42 -122.09 34.52
CA ALA R 347 116.92 -121.71 33.21
C ALA R 347 118.02 -121.91 32.17
N ALA R 348 117.67 -122.50 31.04
CA ALA R 348 118.61 -122.75 29.95
C ALA R 348 118.06 -122.19 28.65
N TRP R 349 118.96 -121.81 27.76
CA TRP R 349 118.58 -121.25 26.47
C TRP R 349 119.77 -121.35 25.52
N HIS R 350 119.47 -121.41 24.23
CA HIS R 350 120.49 -121.49 23.19
C HIS R 350 120.42 -120.24 22.31
N PRO R 351 121.47 -119.42 22.26
CA PRO R 351 121.41 -118.22 21.40
C PRO R 351 121.46 -118.53 19.92
N GLY R 352 121.98 -119.69 19.53
CA GLY R 352 122.06 -120.05 18.13
C GLY R 352 120.83 -120.70 17.54
N ASP R 353 119.77 -120.85 18.32
CA ASP R 353 118.53 -121.46 17.87
C ASP R 353 117.39 -120.47 18.12
N ASN R 354 116.85 -119.90 17.03
CA ASN R 354 115.76 -118.94 17.15
C ASN R 354 114.42 -119.67 17.07
N PRO R 355 113.45 -119.28 17.92
CA PRO R 355 113.58 -118.21 18.92
C PRO R 355 114.21 -118.70 20.21
N CYS R 356 114.62 -117.76 21.06
CA CYS R 356 115.24 -118.09 22.35
C CYS R 356 114.17 -118.57 23.32
N GLN R 357 114.08 -119.89 23.48
CA GLN R 357 113.11 -120.50 24.39
C GLN R 357 113.79 -120.81 25.71
N ILE R 358 113.24 -120.27 26.80
CA ILE R 358 113.80 -120.46 28.13
C ILE R 358 113.22 -121.74 28.71
N TYR R 359 114.03 -122.77 28.81
CA TYR R 359 113.60 -124.05 29.38
C TYR R 359 113.96 -124.10 30.85
N TYR R 360 112.99 -124.47 31.67
CA TYR R 360 113.16 -124.55 33.12
C TYR R 360 113.40 -126.00 33.54
N THR R 361 114.37 -126.20 34.42
CA THR R 361 114.75 -127.53 34.88
C THR R 361 114.89 -127.52 36.40
N LEU R 362 114.27 -128.50 37.05
CA LEU R 362 114.37 -128.69 38.49
C LEU R 362 115.30 -129.85 38.78
N VAL R 363 116.38 -129.58 39.49
CA VAL R 363 117.33 -130.60 39.92
C VAL R 363 117.10 -130.84 41.41
N THR R 364 116.63 -132.04 41.75
CA THR R 364 116.33 -132.41 43.12
C THR R 364 117.42 -133.34 43.65
N VAL R 365 117.90 -133.05 44.86
CA VAL R 365 118.89 -133.86 45.55
C VAL R 365 118.34 -134.20 46.94
N LYS R 366 118.66 -135.40 47.41
CA LYS R 366 118.17 -135.86 48.71
C LYS R 366 118.96 -135.20 49.82
N ASP R 367 118.27 -134.45 50.68
CA ASP R 367 118.88 -133.76 51.81
C ASP R 367 118.25 -134.28 53.10
N GLU R 368 119.07 -134.81 53.99
CA GLU R 368 118.60 -135.33 55.27
C GLU R 368 118.70 -134.31 56.39
N GLY R 369 118.42 -133.04 56.09
CA GLY R 369 118.47 -131.99 57.07
C GLY R 369 119.81 -131.28 57.17
N TYR R 370 120.87 -131.87 56.63
CA TYR R 370 122.20 -131.25 56.67
C TYR R 370 122.88 -131.34 55.32
N ASN R 371 123.70 -132.38 55.13
CA ASN R 371 124.42 -132.58 53.88
C ASN R 371 123.54 -133.32 52.87
N ILE R 372 123.60 -132.90 51.61
CA ILE R 372 122.81 -133.53 50.57
C ILE R 372 123.46 -134.84 50.15
N SER R 373 122.63 -135.72 49.57
CA SER R 373 123.11 -137.02 49.12
C SER R 373 123.76 -136.89 47.74
N ASP R 374 124.15 -138.03 47.16
CA ASP R 374 124.79 -138.05 45.86
C ASP R 374 123.80 -138.25 44.71
N GLU R 375 122.52 -138.50 45.02
CA GLU R 375 121.52 -138.68 43.98
C GLU R 375 121.11 -137.34 43.38
N ILE R 376 120.75 -137.38 42.10
CA ILE R 376 120.36 -136.18 41.36
C ILE R 376 119.23 -136.56 40.42
N THR R 377 118.11 -135.84 40.48
CA THR R 377 116.97 -136.06 39.60
C THR R 377 116.65 -134.76 38.88
N VAL R 378 116.86 -134.73 37.57
CA VAL R 378 116.64 -133.54 36.75
C VAL R 378 115.35 -133.73 35.97
N GLU R 379 114.39 -132.82 36.18
CA GLU R 379 113.10 -132.86 35.50
C GLU R 379 112.87 -131.54 34.81
N VAL R 380 112.62 -131.58 33.50
CA VAL R 380 112.34 -130.38 32.72
C VAL R 380 110.85 -130.08 32.79
N THR R 381 110.51 -128.81 32.99
CA THR R 381 109.12 -128.39 33.11
C THR R 381 108.94 -127.04 32.45
N GLN R 382 107.80 -126.86 31.79
CA GLN R 382 107.45 -125.61 31.13
C GLN R 382 106.17 -125.05 31.74
N PHE R 383 105.91 -123.77 31.47
CA PHE R 383 104.73 -123.11 32.01
C PHE R 383 104.34 -121.97 31.05
N ASN R 384 103.53 -122.31 30.05
CA ASN R 384 102.97 -121.40 29.05
C ASN R 384 104.05 -120.83 28.13
N PRO R 385 103.73 -120.60 26.85
CA PRO R 385 104.73 -120.02 25.95
C PRO R 385 105.03 -118.56 26.23
N VAL R 386 104.05 -117.80 26.73
CA VAL R 386 104.28 -116.40 27.05
C VAL R 386 105.12 -116.28 28.31
N PHE R 387 105.82 -115.14 28.42
CA PHE R 387 106.71 -114.89 29.55
C PHE R 387 106.53 -113.44 29.99
N GLN R 388 105.83 -113.24 31.10
CA GLN R 388 105.66 -111.91 31.66
C GLN R 388 106.94 -111.49 32.41
N ALA R 389 107.30 -110.22 32.27
CA ALA R 389 108.53 -109.72 32.86
C ALA R 389 108.35 -108.27 33.30
N ARG R 390 108.90 -107.94 34.46
CA ARG R 390 108.92 -106.58 34.97
C ARG R 390 110.19 -105.83 34.61
N GLY R 391 110.79 -106.17 33.47
CA GLY R 391 112.08 -105.61 33.08
C GLY R 391 113.07 -106.70 32.74
N MET R 392 113.08 -107.76 33.54
CA MET R 392 113.89 -108.94 33.29
C MET R 392 113.02 -110.18 33.43
N GLN R 393 113.40 -111.24 32.71
CA GLN R 393 112.64 -112.49 32.73
C GLN R 393 112.61 -113.08 34.14
N LEU R 394 111.47 -112.93 34.82
CA LEU R 394 111.31 -113.37 36.20
C LEU R 394 110.24 -114.45 36.26
N CYS R 395 110.59 -115.58 36.88
CA CYS R 395 109.65 -116.69 37.10
C CYS R 395 110.20 -117.50 38.27
N GLN R 396 109.89 -117.05 39.48
CA GLN R 396 110.52 -117.59 40.68
C GLN R 396 109.70 -118.74 41.26
N LEU R 397 110.42 -119.69 41.87
CA LEU R 397 109.81 -120.84 42.52
C LEU R 397 109.87 -120.66 44.03
N VAL R 398 108.73 -120.86 44.68
CA VAL R 398 108.61 -120.71 46.13
C VAL R 398 108.07 -122.00 46.73
N VAL R 399 108.47 -122.28 47.97
CA VAL R 399 108.04 -123.45 48.71
C VAL R 399 107.72 -123.02 50.14
N PRO R 400 106.55 -123.38 50.68
CA PRO R 400 106.23 -122.97 52.06
C PRO R 400 107.09 -123.67 53.10
N ASN R 401 106.57 -124.74 53.69
CA ASN R 401 107.32 -125.46 54.71
C ASN R 401 108.40 -126.32 54.05
N PHE R 402 109.40 -126.70 54.87
CA PHE R 402 110.50 -127.53 54.41
C PHE R 402 110.15 -129.01 54.36
N SER R 403 108.91 -129.38 54.64
CA SER R 403 108.47 -130.76 54.60
C SER R 403 107.26 -130.98 53.69
N SER R 404 106.91 -129.99 52.88
CA SER R 404 105.77 -130.08 51.98
C SER R 404 106.25 -130.16 50.53
N GLN R 405 105.51 -130.89 49.72
CA GLN R 405 105.84 -131.08 48.31
C GLN R 405 105.22 -130.02 47.42
N ALA R 406 104.51 -129.04 47.99
CA ALA R 406 103.87 -128.00 47.20
C ALA R 406 104.91 -126.96 46.78
N CYS R 407 105.02 -126.73 45.47
CA CYS R 407 105.94 -125.75 44.92
C CYS R 407 105.17 -124.86 43.94
N TYR R 408 105.36 -123.55 44.07
CA TYR R 408 104.61 -122.57 43.30
C TYR R 408 105.58 -121.78 42.43
N LEU R 409 105.44 -121.92 41.12
CA LEU R 409 106.21 -121.15 40.14
C LEU R 409 105.36 -119.97 39.70
N TYR R 410 105.79 -118.75 40.05
CA TYR R 410 105.03 -117.55 39.76
C TYR R 410 105.84 -116.62 38.87
N THR R 411 105.14 -115.97 37.94
CA THR R 411 105.76 -114.99 37.06
C THR R 411 105.15 -113.63 37.40
N GLN R 412 104.19 -113.15 36.61
CA GLN R 412 103.55 -111.86 36.90
C GLN R 412 102.06 -111.87 36.63
N GLU R 413 101.46 -113.02 36.32
CA GLU R 413 100.03 -113.06 35.99
C GLU R 413 99.41 -114.41 36.31
N MET R 414 100.24 -115.45 36.40
CA MET R 414 99.74 -116.80 36.67
C MET R 414 100.73 -117.54 37.55
N ILE R 415 100.21 -118.50 38.32
CA ILE R 415 101.02 -119.32 39.21
C ILE R 415 100.75 -120.79 38.89
N PHE R 416 101.82 -121.58 38.79
CA PHE R 416 101.73 -123.02 38.57
C PHE R 416 102.08 -123.71 39.89
N ALA R 417 101.11 -124.41 40.47
CA ALA R 417 101.28 -125.10 41.73
C ALA R 417 101.38 -126.60 41.47
N CYS R 418 102.53 -127.19 41.85
CA CYS R 418 102.75 -128.61 41.62
C CYS R 418 103.81 -129.15 42.55
N SER R 419 104.62 -130.09 42.06
CA SER R 419 105.69 -130.67 42.86
C SER R 419 106.99 -130.73 42.06
N THR R 420 107.64 -131.90 42.06
CA THR R 420 108.88 -132.08 41.32
C THR R 420 108.84 -133.26 40.36
N GLY R 421 107.80 -134.10 40.41
CA GLY R 421 107.71 -135.25 39.53
C GLY R 421 108.61 -136.41 39.88
N THR R 422 109.29 -136.35 41.03
CA THR R 422 110.19 -137.45 41.40
C THR R 422 110.38 -137.57 42.92
N GLY R 423 109.52 -136.94 43.72
CA GLY R 423 109.64 -136.99 45.16
C GLY R 423 108.88 -138.17 45.77
N ARG R 424 108.90 -138.21 47.10
CA ARG R 424 108.20 -139.27 47.82
C ARG R 424 106.68 -139.11 47.73
N SER R 425 106.21 -137.87 47.61
CA SER R 425 104.78 -137.59 47.51
C SER R 425 104.52 -136.76 46.27
N THR R 426 103.27 -136.73 45.85
CA THR R 426 102.85 -135.98 44.67
C THR R 426 101.63 -135.12 45.00
N LEU R 427 101.37 -134.15 44.13
CA LEU R 427 100.24 -133.25 44.29
C LEU R 427 99.69 -132.91 42.91
N PRO R 428 98.38 -132.73 42.79
CA PRO R 428 97.80 -132.39 41.47
C PRO R 428 98.25 -131.02 41.01
N GLN R 429 98.61 -130.92 39.73
CA GLN R 429 99.05 -129.66 39.16
C GLN R 429 97.86 -128.73 38.96
N GLU R 430 98.02 -127.48 39.38
CA GLU R 430 96.95 -126.48 39.28
C GLU R 430 97.53 -125.18 38.74
N LYS R 431 96.66 -124.38 38.12
CA LYS R 431 97.03 -123.09 37.55
C LYS R 431 96.13 -122.02 38.16
N ILE R 432 96.71 -121.15 38.97
CA ILE R 432 95.99 -120.06 39.61
C ILE R 432 96.21 -118.80 38.77
N PRO R 433 95.19 -118.28 38.09
CA PRO R 433 95.36 -117.08 37.28
C PRO R 433 95.20 -115.82 38.12
N PHE R 434 95.79 -114.73 37.61
CA PHE R 434 95.68 -113.42 38.24
C PHE R 434 95.51 -112.32 37.19
N GLU R 435 94.83 -112.62 36.09
CA GLU R 435 94.65 -111.67 35.00
C GLU R 435 93.60 -110.63 35.41
N ALA R 436 94.09 -109.48 35.85
CA ALA R 436 93.20 -108.38 36.24
C ALA R 436 93.97 -107.08 36.14
N GLN R 437 93.22 -105.98 36.08
CA GLN R 437 93.81 -104.65 35.96
C GLN R 437 94.47 -104.27 37.28
N GLY R 438 95.79 -104.41 37.34
CA GLY R 438 96.55 -104.07 38.53
C GLY R 438 96.90 -105.24 39.42
N ASP R 439 96.35 -106.42 39.17
CA ASP R 439 96.62 -107.60 40.00
C ASP R 439 97.88 -108.33 39.49
N ASN R 440 99.00 -107.61 39.54
CA ASN R 440 100.28 -108.15 39.13
C ASN R 440 101.00 -108.73 40.34
N ILE R 441 101.47 -109.97 40.22
CA ILE R 441 102.17 -110.63 41.32
C ILE R 441 103.47 -109.90 41.60
N VAL R 442 103.63 -109.43 42.83
CA VAL R 442 104.82 -108.70 43.23
C VAL R 442 105.83 -109.60 43.93
N GLY R 443 105.37 -110.43 44.87
CA GLY R 443 106.30 -111.31 45.56
C GLY R 443 105.58 -112.51 46.13
N ALA R 444 106.38 -113.41 46.72
CA ALA R 444 105.84 -114.62 47.34
C ALA R 444 106.70 -114.99 48.54
N GLY R 445 106.20 -115.92 49.34
CA GLY R 445 106.96 -116.38 50.49
C GLY R 445 106.11 -117.27 51.38
N SER R 446 106.60 -117.50 52.58
CA SER R 446 105.92 -118.31 53.58
C SER R 446 105.69 -117.48 54.84
N CYS R 447 104.60 -117.78 55.54
CA CYS R 447 104.25 -117.06 56.76
C CYS R 447 103.37 -117.97 57.61
N GLU R 448 103.82 -118.25 58.84
CA GLU R 448 103.10 -119.10 59.78
C GLU R 448 102.81 -120.48 59.18
N GLY R 449 103.76 -120.99 58.41
CA GLY R 449 103.60 -122.28 57.77
C GLY R 449 102.57 -122.30 56.66
N TRP R 450 102.39 -121.19 55.94
CA TRP R 450 101.42 -121.11 54.86
C TRP R 450 102.06 -120.37 53.70
N PRO R 451 101.89 -120.87 52.46
CA PRO R 451 102.45 -120.20 51.29
C PRO R 451 101.61 -119.00 50.87
N VAL R 452 102.14 -117.81 51.08
CA VAL R 452 101.44 -116.56 50.81
C VAL R 452 102.11 -115.86 49.63
N PHE R 453 101.33 -115.01 48.96
CA PHE R 453 101.82 -114.17 47.87
C PHE R 453 101.35 -112.74 48.10
N PHE R 454 102.25 -111.80 47.83
CA PHE R 454 101.95 -110.37 47.91
C PHE R 454 101.70 -109.86 46.49
N ILE R 455 100.44 -109.53 46.21
CA ILE R 455 100.02 -108.99 44.92
C ILE R 455 99.74 -107.51 45.08
N ARG R 456 99.95 -106.78 43.98
CA ARG R 456 99.85 -105.32 43.97
C ARG R 456 98.50 -104.83 44.48
N LYS R 457 97.44 -105.07 43.70
CA LYS R 457 96.09 -104.63 44.06
C LYS R 457 95.28 -105.75 44.68
N SER R 458 95.90 -106.56 45.55
CA SER R 458 95.21 -107.64 46.22
C SER R 458 95.73 -107.83 47.63
N GLY R 459 97.02 -107.56 47.84
CA GLY R 459 97.60 -107.68 49.17
C GLY R 459 98.17 -109.06 49.43
N MET R 460 98.02 -109.55 50.65
CA MET R 460 98.55 -110.85 51.05
C MET R 460 97.46 -111.92 50.86
N LEU R 461 97.75 -112.91 50.03
CA LEU R 461 96.82 -114.01 49.78
C LEU R 461 97.57 -115.32 49.89
N THR R 462 97.18 -116.16 50.83
CA THR R 462 97.80 -117.46 51.04
C THR R 462 96.95 -118.56 50.42
N VAL R 463 97.62 -119.59 49.92
CA VAL R 463 96.95 -120.73 49.29
C VAL R 463 96.89 -121.88 50.28
N VAL R 464 95.69 -122.43 50.48
CA VAL R 464 95.45 -123.55 51.37
C VAL R 464 94.95 -124.73 50.55
N ALA R 465 95.44 -125.92 50.87
CA ALA R 465 95.08 -127.15 50.17
C ALA R 465 93.91 -127.81 50.91
N ARG R 466 92.71 -127.60 50.39
CA ARG R 466 91.51 -128.20 50.97
C ARG R 466 90.45 -128.30 49.89
N GLU R 467 89.39 -129.06 50.20
CA GLU R 467 88.28 -129.30 49.27
C GLU R 467 88.78 -129.89 47.96
N THR R 468 89.73 -130.82 48.05
CA THR R 468 90.31 -131.49 46.90
C THR R 468 89.95 -132.97 46.91
N ALA R 469 89.55 -133.47 45.75
CA ALA R 469 89.18 -134.88 45.62
C ALA R 469 90.39 -135.77 45.90
N SER R 470 90.17 -136.78 46.74
CA SER R 470 91.24 -137.71 47.10
C SER R 470 91.29 -138.88 46.13
N VAL R 471 92.26 -139.77 46.36
CA VAL R 471 92.45 -140.95 45.53
C VAL R 471 92.18 -142.18 46.39
N LEU R 472 91.33 -143.07 45.87
CA LEU R 472 90.98 -144.28 46.59
C LEU R 472 91.91 -145.42 46.18
N PRO R 473 92.58 -146.09 47.11
CA PRO R 473 93.48 -147.20 46.75
C PRO R 473 92.77 -148.49 46.41
N GLU R 474 91.45 -148.56 46.57
CA GLU R 474 90.72 -149.78 46.26
C GLU R 474 90.61 -150.03 44.76
N HIS R 475 90.74 -148.98 43.94
CA HIS R 475 90.64 -149.16 42.50
C HIS R 475 91.79 -150.01 41.97
N MET R 476 93.00 -149.80 42.50
CA MET R 476 94.14 -150.61 42.07
C MET R 476 93.95 -152.08 42.43
N GLU R 477 93.44 -152.34 43.64
CA GLU R 477 93.18 -153.73 44.04
C GLU R 477 92.09 -154.35 43.18
N GLU R 478 91.03 -153.59 42.87
CA GLU R 478 89.98 -154.11 42.01
C GLU R 478 90.51 -154.43 40.62
N SER R 479 91.37 -153.55 40.07
CA SER R 479 91.95 -153.81 38.77
C SER R 479 92.85 -155.03 38.79
N LEU R 480 93.66 -155.18 39.84
CA LEU R 480 94.53 -156.34 39.94
C LEU R 480 93.74 -157.63 40.11
N SER R 481 92.58 -157.57 40.76
CA SER R 481 91.75 -158.75 40.92
C SER R 481 90.99 -159.08 39.64
N SER R 482 90.61 -158.08 38.86
CA SER R 482 89.88 -158.30 37.63
C SER R 482 90.77 -158.64 36.45
N VAL R 483 92.06 -158.30 36.52
CA VAL R 483 92.98 -158.62 35.42
C VAL R 483 93.23 -160.11 35.28
N SER R 484 92.85 -160.91 36.27
CA SER R 484 93.05 -162.35 36.21
C SER R 484 92.03 -162.99 35.26
N LYS R 485 92.03 -164.32 35.20
CA LYS R 485 91.13 -165.09 34.33
C LYS R 485 91.28 -164.66 32.87
N SER R 486 92.41 -165.08 32.30
CA SER R 486 92.76 -164.78 30.92
C SER R 486 92.67 -166.04 30.07
N SER R 487 92.08 -165.91 28.88
CA SER R 487 91.55 -164.64 28.40
C SER R 487 90.18 -164.83 27.77
N ARG R 488 90.14 -164.77 26.44
CA ARG R 488 88.90 -164.93 25.69
C ARG R 488 89.16 -165.79 24.46
N GLN R 489 88.09 -166.39 23.95
CA GLN R 489 88.17 -167.26 22.77
C GLN R 489 86.97 -166.98 21.87
N ALA R 490 87.07 -167.46 20.63
CA ALA R 490 86.02 -167.29 19.64
C ALA R 490 85.31 -168.63 19.43
N VAL R 491 83.98 -168.58 19.42
CA VAL R 491 83.15 -169.77 19.24
C VAL R 491 82.48 -169.68 17.88
N VAL R 492 82.80 -170.61 17.00
CA VAL R 492 82.23 -170.66 15.65
C VAL R 492 81.25 -171.82 15.60
N LYS R 493 79.98 -171.51 15.34
CA LYS R 493 78.94 -172.53 15.27
C LYS R 493 77.80 -171.97 14.42
N ASP R 494 76.68 -172.69 14.40
CA ASP R 494 75.50 -172.29 13.64
C ASP R 494 74.32 -172.08 14.58
N SER R 495 73.33 -171.34 14.10
CA SER R 495 72.15 -171.04 14.89
C SER R 495 71.16 -172.20 14.82
N ARG R 496 70.61 -172.56 15.97
CA ARG R 496 69.64 -173.65 16.09
C ARG R 496 68.42 -173.17 16.84
N PRO R 497 67.25 -173.74 16.56
CA PRO R 497 66.02 -173.32 17.26
C PRO R 497 65.92 -173.89 18.67
N ASP R 498 66.99 -174.53 19.14
CA ASP R 498 67.07 -175.09 20.49
C ASP R 498 65.95 -176.10 20.73
N GLN R 499 66.15 -177.34 20.26
CA GLN R 499 65.16 -178.39 20.47
C GLN R 499 65.78 -179.56 21.23
N ILE R 500 65.56 -180.78 20.73
CA ILE R 500 66.16 -181.96 21.34
C ILE R 500 67.67 -181.94 21.14
N ALA R 501 68.40 -182.55 22.07
CA ALA R 501 69.86 -182.57 21.98
C ALA R 501 70.32 -183.34 20.75
N HIS R 502 69.78 -184.55 20.54
CA HIS R 502 70.17 -185.33 19.37
C HIS R 502 69.74 -184.64 18.08
N ASP R 503 68.58 -184.00 18.09
CA ASP R 503 68.14 -183.25 16.91
C ASP R 503 69.09 -182.11 16.59
N ASP R 504 69.54 -181.39 17.62
CA ASP R 504 70.48 -180.30 17.40
C ASP R 504 71.83 -180.81 16.92
N LYS R 505 72.26 -181.96 17.45
CA LYS R 505 73.52 -182.54 16.98
C LYS R 505 73.44 -182.93 15.52
N THR R 506 72.35 -183.59 15.13
CA THR R 506 72.17 -183.98 13.73
C THR R 506 72.05 -182.74 12.84
N LYS R 507 71.41 -181.68 13.34
CA LYS R 507 71.28 -180.45 12.56
C LYS R 507 72.65 -179.80 12.35
N HIS R 508 73.48 -179.77 13.40
CA HIS R 508 74.83 -179.24 13.24
C HIS R 508 75.65 -180.09 12.28
N LEU R 509 75.45 -181.41 12.32
CA LEU R 509 76.17 -182.29 11.41
C LEU R 509 75.79 -182.02 9.95
N LYS R 510 74.49 -181.93 9.67
CA LYS R 510 74.07 -181.67 8.29
C LYS R 510 74.41 -180.25 7.86
N ALA R 511 74.49 -179.30 8.81
CA ALA R 511 74.93 -177.96 8.47
C ALA R 511 76.41 -177.95 8.10
N ALA R 512 77.23 -178.70 8.83
CA ALA R 512 78.64 -178.83 8.47
C ALA R 512 78.79 -179.51 7.12
N PHE R 513 77.95 -180.50 6.83
CA PHE R 513 77.98 -181.15 5.51
C PHE R 513 77.60 -180.17 4.41
N LEU R 514 76.58 -179.34 4.64
CA LEU R 514 76.19 -178.35 3.65
C LEU R 514 77.30 -177.32 3.45
N ARG R 515 78.01 -176.95 4.51
CA ARG R 515 79.15 -176.05 4.37
C ARG R 515 80.27 -176.69 3.56
N TYR R 516 80.56 -177.97 3.82
CA TYR R 516 81.57 -178.66 3.03
C TYR R 516 81.16 -178.75 1.57
N CYS R 517 79.86 -178.89 1.30
CA CYS R 517 79.39 -178.92 -0.08
C CYS R 517 79.54 -177.54 -0.73
N ARG R 518 79.19 -176.48 0.00
CA ARG R 518 79.34 -175.11 -0.47
C ARG R 518 80.78 -174.61 -0.40
N LYS R 519 81.72 -175.49 -0.04
CA LYS R 519 83.16 -175.19 -0.04
C LYS R 519 83.54 -174.20 1.06
N ASP R 520 82.78 -174.20 2.16
CA ASP R 520 83.15 -173.45 3.36
C ASP R 520 83.96 -174.36 4.28
N ILE R 521 85.14 -174.74 3.80
CA ILE R 521 85.93 -175.75 4.49
C ILE R 521 86.43 -175.23 5.83
N LEU R 522 86.92 -173.98 5.86
CA LEU R 522 87.46 -173.44 7.10
C LEU R 522 86.36 -173.28 8.15
N GLY R 523 85.19 -172.78 7.73
CA GLY R 523 84.09 -172.64 8.68
C GLY R 523 83.58 -173.98 9.17
N ALA R 524 83.50 -174.96 8.29
CA ALA R 524 83.07 -176.30 8.70
C ALA R 524 84.05 -176.91 9.69
N GLN R 525 85.36 -176.76 9.41
CA GLN R 525 86.36 -177.30 10.34
C GLN R 525 86.30 -176.58 11.69
N SER R 526 86.09 -175.27 11.67
CA SER R 526 86.00 -174.52 12.92
C SER R 526 84.79 -174.97 13.73
N MET R 527 83.63 -175.11 13.08
CA MET R 527 82.44 -175.53 13.80
C MET R 527 82.56 -176.98 14.28
N VAL R 528 83.26 -177.83 13.53
CA VAL R 528 83.47 -179.21 13.97
C VAL R 528 84.37 -179.24 15.20
N ASP R 529 85.47 -178.49 15.17
CA ASP R 529 86.37 -178.44 16.31
C ASP R 529 85.70 -177.79 17.52
N SER R 530 84.73 -176.90 17.30
CA SER R 530 84.05 -176.26 18.41
C SER R 530 82.99 -177.16 19.02
N LEU R 531 82.28 -177.94 18.19
CA LEU R 531 81.21 -178.80 18.69
C LEU R 531 81.73 -180.21 18.99
N PHE R 532 82.03 -180.98 17.95
CA PHE R 532 82.48 -182.36 18.13
C PHE R 532 84.00 -182.45 18.10
N SER R 533 84.54 -183.25 17.18
CA SER R 533 85.97 -183.40 17.04
C SER R 533 86.35 -183.79 15.62
N ASP R 534 85.75 -184.86 15.11
CA ASP R 534 86.00 -185.33 13.75
C ASP R 534 84.69 -185.78 13.13
N SER R 535 84.51 -185.45 11.84
CA SER R 535 83.29 -185.82 11.13
C SER R 535 83.61 -186.48 9.80
N ASP R 536 84.34 -185.77 8.94
CA ASP R 536 84.70 -186.30 7.63
C ASP R 536 85.79 -187.36 7.77
N MET R 537 85.54 -188.55 7.21
CA MET R 537 86.49 -189.64 7.29
C MET R 537 86.93 -190.07 5.89
N GLU R 538 87.19 -191.37 5.72
CA GLU R 538 87.62 -191.93 4.44
C GLU R 538 86.45 -192.55 3.70
N PRO R 539 86.46 -192.52 2.37
CA PRO R 539 85.35 -193.09 1.59
C PRO R 539 85.24 -194.59 1.81
N ASP R 540 84.10 -195.01 2.35
CA ASP R 540 83.83 -196.42 2.61
C ASP R 540 82.32 -196.59 2.72
N ASP R 541 81.90 -197.83 3.05
CA ASP R 541 80.48 -198.10 3.19
C ASP R 541 79.89 -197.38 4.41
N GLU R 542 80.64 -197.33 5.51
CA GLU R 542 80.17 -196.60 6.68
C GLU R 542 80.03 -195.12 6.39
N LEU R 543 81.01 -194.54 5.69
CA LEU R 543 80.94 -193.13 5.32
C LEU R 543 79.78 -192.87 4.37
N ASP R 544 79.51 -193.81 3.46
CA ASP R 544 78.38 -193.66 2.54
C ASP R 544 77.06 -193.69 3.30
N LEU R 545 76.91 -194.62 4.24
CA LEU R 545 75.69 -194.67 5.04
C LEU R 545 75.53 -193.41 5.88
N ALA R 546 76.63 -192.91 6.45
CA ALA R 546 76.58 -191.69 7.25
C ALA R 546 76.17 -190.50 6.40
N VAL R 547 76.74 -190.37 5.20
CA VAL R 547 76.38 -189.25 4.35
C VAL R 547 74.95 -189.38 3.84
N ASN R 548 74.46 -190.62 3.68
CA ASN R 548 73.07 -190.81 3.30
C ASN R 548 72.13 -190.36 4.41
N GLN R 549 72.44 -190.75 5.65
CA GLN R 549 71.64 -190.29 6.79
C GLN R 549 71.69 -188.78 6.92
N ILE R 550 72.86 -188.19 6.68
CA ILE R 550 73.00 -186.74 6.78
C ILE R 550 72.18 -186.04 5.70
N SER R 551 72.20 -186.58 4.48
CA SER R 551 71.41 -185.98 3.41
C SER R 551 69.91 -186.14 3.68
N VAL R 552 69.51 -187.26 4.27
CA VAL R 552 68.10 -187.45 4.64
C VAL R 552 67.70 -186.41 5.68
N ASP R 553 68.53 -186.23 6.71
CA ASP R 553 68.22 -185.22 7.73
C ASP R 553 68.19 -183.82 7.14
N LEU R 554 69.06 -183.55 6.16
CA LEU R 554 69.10 -182.22 5.56
C LEU R 554 67.87 -181.95 4.71
N ILE R 555 67.45 -182.92 3.90
CA ILE R 555 66.24 -182.74 3.10
C ILE R 555 64.98 -182.80 3.97
N ASP R 556 65.08 -183.34 5.19
CA ASP R 556 63.93 -183.31 6.09
C ASP R 556 63.86 -181.98 6.85
N ASP R 557 65.00 -181.35 7.13
CA ASP R 557 65.06 -180.10 7.85
C ASP R 557 65.50 -178.98 6.90
N TYR R 558 66.10 -177.93 7.47
CA TYR R 558 66.59 -176.78 6.70
C TYR R 558 67.79 -176.20 7.44
N PRO R 559 68.88 -175.90 6.74
CA PRO R 559 70.07 -175.38 7.41
C PRO R 559 69.83 -173.97 7.95
N ALA R 560 70.80 -173.48 8.72
CA ALA R 560 70.70 -172.17 9.33
C ALA R 560 72.10 -171.67 9.66
N SER R 561 72.16 -170.41 10.10
CA SER R 561 73.42 -169.79 10.51
C SER R 561 73.13 -168.63 11.46
N ASP R 562 72.07 -167.88 11.20
CA ASP R 562 71.62 -166.79 12.06
C ASP R 562 70.18 -167.04 12.45
N PRO R 563 69.61 -166.29 13.40
CA PRO R 563 68.18 -166.47 13.70
C PRO R 563 67.27 -166.30 12.50
N ARG R 564 67.66 -165.47 11.52
CA ARG R 564 66.83 -165.30 10.33
C ARG R 564 66.69 -166.61 9.56
N TRP R 565 67.78 -167.37 9.42
CA TRP R 565 67.70 -168.66 8.75
C TRP R 565 67.18 -169.75 9.68
N ALA R 566 67.31 -169.56 11.00
CA ALA R 566 66.84 -170.56 11.95
C ALA R 566 65.33 -170.50 12.14
N GLU R 567 64.71 -169.36 11.89
CA GLU R 567 63.26 -169.26 12.01
C GLU R 567 62.52 -170.11 10.98
N SER R 568 63.21 -170.60 9.95
CA SER R 568 62.61 -171.45 8.93
C SER R 568 62.71 -172.94 9.25
N VAL R 569 63.35 -173.30 10.35
CA VAL R 569 63.46 -174.71 10.73
C VAL R 569 62.07 -175.24 11.12
N PRO R 570 61.66 -176.40 10.63
CA PRO R 570 60.34 -176.93 10.99
C PRO R 570 60.16 -177.12 12.49
N GLU R 571 59.52 -176.15 13.14
CA GLU R 571 59.28 -176.21 14.58
C GLU R 571 57.85 -176.62 14.86
N GLU R 572 57.28 -176.10 15.94
CA GLU R 572 55.89 -176.39 16.32
C GLU R 572 55.03 -175.15 16.43
N ALA R 573 55.56 -174.05 16.96
CA ALA R 573 54.81 -172.81 17.11
C ALA R 573 55.74 -171.62 17.08
N ALA R 574 56.77 -171.66 16.23
CA ALA R 574 57.71 -170.56 16.14
C ALA R 574 58.25 -170.34 14.74
N GLY R 575 57.69 -170.96 13.71
CA GLY R 575 58.17 -170.78 12.36
C GLY R 575 57.58 -171.81 11.43
N PHE R 576 58.09 -171.81 10.20
CA PHE R 576 57.65 -172.73 9.15
C PHE R 576 56.15 -172.64 8.92
N SER R 577 55.73 -171.67 8.10
CA SER R 577 54.31 -171.44 7.83
C SER R 577 54.09 -171.19 6.35
N ASN R 578 54.81 -171.93 5.50
CA ASN R 578 54.67 -171.87 4.05
C ASN R 578 54.93 -170.47 3.51
N THR R 579 56.19 -170.16 3.18
CA THR R 579 56.58 -168.87 2.65
C THR R 579 57.41 -169.08 1.39
N SER R 580 57.05 -168.38 0.31
CA SER R 580 57.77 -168.48 -0.96
C SER R 580 58.93 -167.50 -1.05
N LEU R 581 59.70 -167.34 0.03
CA LEU R 581 60.83 -166.42 0.03
C LEU R 581 62.03 -167.03 0.73
N ILE R 582 62.01 -167.04 2.06
CA ILE R 582 63.13 -167.59 2.82
C ILE R 582 63.25 -169.10 2.59
N LEU R 583 62.11 -169.80 2.54
CA LEU R 583 62.13 -171.23 2.26
C LEU R 583 62.65 -171.50 0.86
N LEU R 584 62.24 -170.68 -0.12
CA LEU R 584 62.74 -170.84 -1.47
C LEU R 584 64.24 -170.61 -1.56
N HIS R 585 64.75 -169.60 -0.84
CA HIS R 585 66.18 -169.34 -0.84
C HIS R 585 66.95 -170.47 -0.18
N GLN R 586 66.43 -171.01 0.94
CA GLN R 586 67.08 -172.14 1.58
C GLN R 586 67.09 -173.37 0.66
N LEU R 587 65.98 -173.62 -0.03
CA LEU R 587 65.91 -174.74 -0.95
C LEU R 587 66.89 -174.59 -2.11
N GLU R 588 66.98 -173.38 -2.68
CA GLU R 588 67.91 -173.16 -3.77
C GLU R 588 69.36 -173.25 -3.30
N ASP R 589 69.64 -172.84 -2.05
CA ASP R 589 70.99 -173.00 -1.52
C ASP R 589 71.34 -174.47 -1.33
N LYS R 590 70.39 -175.25 -0.80
CA LYS R 590 70.62 -176.69 -0.67
C LYS R 590 70.84 -177.34 -2.03
N MET R 591 70.07 -176.92 -3.04
CA MET R 591 70.23 -177.47 -4.38
C MET R 591 71.58 -177.11 -4.98
N LYS R 592 72.02 -175.86 -4.77
CA LYS R 592 73.34 -175.46 -5.26
C LYS R 592 74.44 -176.26 -4.57
N ALA R 593 74.31 -176.48 -3.26
CA ALA R 593 75.32 -177.26 -2.54
C ALA R 593 75.36 -178.70 -3.05
N HIS R 594 74.19 -179.31 -3.24
CA HIS R 594 74.14 -180.68 -3.74
C HIS R 594 74.72 -180.77 -5.15
N SER R 595 74.40 -179.80 -6.01
CA SER R 595 74.93 -179.81 -7.36
C SER R 595 76.44 -179.64 -7.37
N PHE R 596 76.96 -178.76 -6.52
CA PHE R 596 78.41 -178.57 -6.45
C PHE R 596 79.09 -179.84 -5.94
N PHE R 597 78.52 -180.49 -4.93
CA PHE R 597 79.11 -181.73 -4.42
C PHE R 597 79.09 -182.82 -5.48
N VAL R 598 77.98 -182.95 -6.21
CA VAL R 598 77.88 -183.96 -7.26
C VAL R 598 78.89 -183.69 -8.37
N ASP R 599 79.00 -182.42 -8.78
CA ASP R 599 79.95 -182.06 -9.84
C ASP R 599 81.38 -182.34 -9.40
N PHE R 600 81.71 -182.03 -8.14
CA PHE R 600 83.06 -182.29 -7.65
C PHE R 600 83.36 -183.79 -7.62
N LEU R 601 82.44 -184.58 -7.04
CA LEU R 601 82.66 -186.01 -6.92
C LEU R 601 82.59 -186.72 -8.28
N HIS R 602 82.02 -186.08 -9.29
CA HIS R 602 82.03 -186.65 -10.64
C HIS R 602 83.22 -186.19 -11.47
N GLN R 603 83.79 -185.03 -11.15
CA GLN R 603 84.95 -184.53 -11.88
C GLN R 603 86.27 -184.98 -11.28
N VAL R 604 86.28 -185.43 -10.03
CA VAL R 604 87.53 -185.96 -9.46
C VAL R 604 87.97 -187.22 -10.19
N GLY R 605 87.01 -187.97 -10.74
CA GLY R 605 87.36 -189.17 -11.50
C GLY R 605 87.87 -190.32 -10.66
N LEU R 606 87.43 -190.42 -9.41
CA LEU R 606 87.85 -191.49 -8.51
C LEU R 606 86.61 -192.03 -7.79
N PHE R 607 86.03 -193.09 -8.31
CA PHE R 607 84.86 -193.72 -7.71
C PHE R 607 85.15 -195.10 -7.12
N SER R 608 86.34 -195.66 -7.35
CA SER R 608 86.67 -196.96 -6.79
C SER R 608 86.83 -196.92 -5.28
N ARG R 609 87.13 -195.74 -4.72
CA ARG R 609 87.26 -195.62 -3.27
C ARG R 609 85.91 -195.65 -2.55
N LEU R 610 84.83 -195.29 -3.24
CA LEU R 610 83.50 -195.29 -2.64
C LEU R 610 82.82 -196.63 -2.88
N SER R 611 81.91 -196.97 -1.98
CA SER R 611 81.14 -198.20 -2.04
C SER R 611 79.68 -197.89 -2.35
N THR R 612 78.80 -198.87 -2.13
CA THR R 612 77.37 -198.73 -2.37
C THR R 612 76.62 -198.93 -1.06
N CYS R 613 75.94 -197.90 -0.60
CA CYS R 613 75.19 -197.96 0.64
C CYS R 613 73.86 -198.69 0.42
N GLN R 614 73.12 -198.88 1.50
CA GLN R 614 71.83 -199.57 1.47
C GLN R 614 70.70 -198.56 1.49
N THR R 615 69.61 -198.88 0.78
CA THR R 615 68.44 -198.00 0.73
C THR R 615 67.21 -198.88 0.59
N LYS R 616 66.40 -198.93 1.66
CA LYS R 616 65.18 -199.73 1.70
C LYS R 616 65.46 -201.20 1.40
N GLY R 617 66.54 -201.73 2.00
CA GLY R 617 66.92 -203.11 1.79
C GLY R 617 67.64 -203.40 0.50
N MET R 618 67.88 -202.39 -0.33
CA MET R 618 68.57 -202.56 -1.61
C MET R 618 69.83 -201.72 -1.64
N LEU R 619 70.84 -202.23 -2.33
CA LEU R 619 72.14 -201.56 -2.42
C LEU R 619 72.11 -200.56 -3.56
N VAL R 620 72.43 -199.30 -3.25
CA VAL R 620 72.48 -198.24 -4.24
C VAL R 620 73.74 -197.42 -4.01
N ALA R 621 74.15 -196.69 -5.06
CA ALA R 621 75.34 -195.87 -4.98
C ALA R 621 75.04 -194.53 -4.34
N THR R 622 76.07 -193.94 -3.72
CA THR R 622 75.91 -192.63 -3.09
C THR R 622 75.60 -191.55 -4.12
N ARG R 623 76.14 -191.68 -5.34
CA ARG R 623 75.82 -190.72 -6.38
C ARG R 623 74.35 -190.81 -6.78
N LEU R 624 73.82 -192.03 -6.92
CA LEU R 624 72.41 -192.20 -7.23
C LEU R 624 71.53 -191.69 -6.09
N LEU R 625 71.97 -191.89 -4.84
CA LEU R 625 71.21 -191.39 -3.70
C LEU R 625 71.18 -189.87 -3.68
N LEU R 626 72.32 -189.22 -3.95
CA LEU R 626 72.36 -187.77 -4.02
C LEU R 626 71.53 -187.26 -5.17
N SER R 627 71.53 -187.98 -6.30
CA SER R 627 70.70 -187.58 -7.43
C SER R 627 69.21 -187.68 -7.09
N GLU R 628 68.82 -188.72 -6.37
CA GLU R 628 67.43 -188.85 -5.94
C GLU R 628 67.05 -187.75 -4.96
N HIS R 629 67.96 -187.41 -4.04
CA HIS R 629 67.68 -186.33 -3.10
C HIS R 629 67.53 -184.99 -3.83
N ALA R 630 68.39 -184.74 -4.82
CA ALA R 630 68.28 -183.50 -5.58
C ALA R 630 67.02 -183.49 -6.44
N GLU R 631 66.59 -184.64 -6.94
CA GLU R 631 65.33 -184.71 -7.68
C GLU R 631 64.14 -184.42 -6.76
N LYS R 632 64.18 -184.94 -5.53
CA LYS R 632 63.13 -184.60 -4.57
C LYS R 632 63.15 -183.11 -4.25
N LEU R 633 64.34 -182.52 -4.13
CA LEU R 633 64.43 -181.09 -3.88
C LEU R 633 63.87 -180.28 -5.04
N SER R 634 64.15 -180.71 -6.28
CA SER R 634 63.62 -180.02 -7.44
C SER R 634 62.10 -180.15 -7.52
N ALA R 635 61.57 -181.33 -7.16
CA ALA R 635 60.13 -181.48 -7.08
C ALA R 635 59.53 -180.55 -6.03
N ALA R 636 60.19 -180.42 -4.88
CA ALA R 636 59.70 -179.53 -3.84
C ALA R 636 59.72 -178.08 -4.30
N ILE R 637 60.78 -177.67 -5.03
CA ILE R 637 60.87 -176.28 -5.44
C ILE R 637 59.89 -175.97 -6.57
N VAL R 638 59.61 -176.95 -7.44
CA VAL R 638 58.61 -176.69 -8.48
C VAL R 638 57.21 -176.72 -7.88
N LEU R 639 57.00 -177.50 -6.82
CA LEU R 639 55.73 -177.43 -6.10
C LEU R 639 55.58 -176.09 -5.40
N LYS R 640 56.67 -175.54 -4.86
CA LYS R 640 56.62 -174.21 -4.28
C LYS R 640 56.32 -173.14 -5.33
N ASN R 641 56.88 -173.31 -6.53
CA ASN R 641 56.57 -172.39 -7.63
C ASN R 641 55.10 -172.48 -8.02
N HIS R 642 54.57 -173.70 -8.09
CA HIS R 642 53.15 -173.88 -8.38
C HIS R 642 52.27 -173.29 -7.29
N HIS R 643 52.73 -173.34 -6.03
CA HIS R 643 51.99 -172.72 -4.94
C HIS R 643 52.01 -171.20 -5.08
N ALA R 644 53.17 -170.63 -5.39
CA ALA R 644 53.26 -169.19 -5.61
C ALA R 644 52.39 -168.75 -6.77
N LYS R 645 52.26 -169.59 -7.80
CA LYS R 645 51.36 -169.31 -8.91
C LYS R 645 49.90 -169.38 -8.46
N LEU R 646 49.41 -170.60 -8.23
CA LEU R 646 48.06 -170.82 -7.72
C LEU R 646 48.15 -171.61 -6.43
N PRO R 647 47.89 -170.99 -5.27
CA PRO R 647 48.10 -171.70 -3.99
C PRO R 647 46.91 -172.55 -3.57
N VAL R 648 45.70 -172.11 -3.93
CA VAL R 648 44.49 -172.74 -3.39
C VAL R 648 44.37 -174.19 -3.86
N LEU R 649 44.58 -174.44 -5.16
CA LEU R 649 44.38 -175.78 -5.70
C LEU R 649 45.36 -176.77 -5.11
N VAL R 650 46.66 -176.45 -5.15
CA VAL R 650 47.67 -177.36 -4.64
C VAL R 650 47.53 -177.52 -3.13
N ASN R 651 47.17 -176.44 -2.42
CA ASN R 651 46.98 -176.53 -0.97
C ASN R 651 45.84 -177.48 -0.63
N SER R 652 44.70 -177.35 -1.34
CA SER R 652 43.58 -178.24 -1.10
C SER R 652 43.93 -179.68 -1.46
N ALA R 653 44.70 -179.87 -2.53
CA ALA R 653 45.09 -181.23 -2.93
C ALA R 653 45.95 -181.88 -1.86
N ILE R 654 46.96 -181.14 -1.35
CA ILE R 654 47.83 -181.70 -0.34
C ILE R 654 47.07 -181.92 0.97
N GLN R 655 46.12 -181.03 1.29
CA GLN R 655 45.32 -181.21 2.49
C GLN R 655 44.45 -182.46 2.39
N LEU R 656 43.84 -182.69 1.22
CA LEU R 656 43.04 -183.89 1.03
C LEU R 656 43.91 -185.14 1.10
N ALA R 657 45.12 -185.08 0.52
CA ALA R 657 46.03 -186.22 0.59
C ALA R 657 46.41 -186.53 2.05
N LEU R 658 46.70 -185.49 2.83
CA LEU R 658 47.05 -185.70 4.23
C LEU R 658 45.86 -186.24 5.03
N ASP R 659 44.65 -185.73 4.75
CA ASP R 659 43.46 -186.24 5.44
C ASP R 659 43.19 -187.68 5.08
N LYS R 660 43.51 -188.09 3.85
CA LYS R 660 43.31 -189.48 3.45
C LYS R 660 44.37 -190.38 4.09
N ARG R 661 45.62 -189.92 4.15
CA ARG R 661 46.70 -190.69 4.76
C ARG R 661 46.78 -190.51 6.27
N MET R 662 45.79 -189.84 6.86
CA MET R 662 45.70 -189.65 8.31
C MET R 662 46.87 -188.81 8.84
N CYS R 663 46.83 -187.52 8.46
CA CYS R 663 47.82 -186.52 8.89
C CYS R 663 47.06 -185.21 9.10
N THR R 664 46.37 -185.12 10.24
CA THR R 664 45.57 -183.94 10.54
C THR R 664 46.48 -182.75 10.83
N VAL R 665 46.22 -181.65 10.13
CA VAL R 665 46.98 -180.42 10.29
C VAL R 665 46.02 -179.34 10.78
N PRO R 666 46.24 -178.75 11.96
CA PRO R 666 45.33 -177.72 12.45
C PRO R 666 45.55 -176.37 11.79
N GLN R 667 45.15 -175.29 12.47
CA GLN R 667 45.31 -173.94 11.97
C GLN R 667 46.63 -173.31 12.39
N ASN R 668 47.63 -174.12 12.74
CA ASN R 668 48.95 -173.62 13.12
C ASN R 668 50.03 -173.92 12.10
N LEU R 669 49.90 -175.01 11.35
CA LEU R 669 50.84 -175.39 10.32
C LEU R 669 50.11 -175.54 8.99
N THR R 670 50.86 -175.84 7.93
CA THR R 670 50.31 -176.01 6.60
C THR R 670 50.64 -177.40 6.07
N ALA R 671 49.73 -177.94 5.26
CA ALA R 671 49.94 -179.25 4.65
C ALA R 671 51.16 -179.25 3.74
N ALA R 672 51.42 -178.14 3.05
CA ALA R 672 52.60 -178.06 2.21
C ALA R 672 53.87 -178.16 3.04
N ASP R 673 53.90 -177.49 4.21
CA ASP R 673 55.07 -177.58 5.07
C ASP R 673 55.20 -178.97 5.68
N VAL R 674 54.08 -179.62 5.99
CA VAL R 674 54.13 -180.99 6.49
C VAL R 674 54.72 -181.92 5.42
N TYR R 675 54.31 -181.72 4.16
CA TYR R 675 54.86 -182.53 3.08
C TYR R 675 56.34 -182.25 2.86
N PHE R 676 56.75 -180.98 2.99
CA PHE R 676 58.17 -180.64 2.86
C PHE R 676 58.98 -181.26 3.99
N ARG R 677 58.42 -181.36 5.19
CA ARG R 677 59.11 -182.01 6.30
C ARG R 677 59.20 -183.51 6.08
N GLU R 678 58.12 -184.14 5.61
CA GLU R 678 58.09 -185.57 5.34
C GLU R 678 58.27 -185.87 3.85
N VAL R 679 59.15 -185.12 3.18
CA VAL R 679 59.42 -185.31 1.76
C VAL R 679 59.92 -186.71 1.43
N SER R 680 60.40 -187.46 2.42
CA SER R 680 60.87 -188.83 2.20
C SER R 680 59.74 -189.81 1.86
N GLN R 681 58.49 -189.34 1.71
CA GLN R 681 57.39 -190.23 1.38
C GLN R 681 56.75 -189.85 0.05
N MET R 682 57.58 -189.69 -0.98
CA MET R 682 57.04 -189.37 -2.30
C MET R 682 56.22 -190.53 -2.86
N GLU R 683 56.63 -191.76 -2.58
CA GLU R 683 55.87 -192.93 -3.02
C GLU R 683 54.51 -192.98 -2.33
N ILE R 684 54.42 -192.51 -1.08
CA ILE R 684 53.14 -192.47 -0.39
C ILE R 684 52.29 -191.32 -0.90
N ILE R 685 52.92 -190.18 -1.22
CA ILE R 685 52.19 -189.05 -1.77
C ILE R 685 51.60 -189.41 -3.14
N PHE R 686 52.32 -190.21 -3.92
CA PHE R 686 51.79 -190.64 -5.21
C PHE R 686 50.53 -191.47 -5.03
N GLU R 687 50.55 -192.42 -4.09
CA GLU R 687 49.35 -193.22 -3.83
C GLU R 687 48.23 -192.37 -3.26
N CYS R 688 48.56 -191.34 -2.46
CA CYS R 688 47.54 -190.44 -1.94
C CYS R 688 46.86 -189.68 -3.08
N LEU R 689 47.65 -189.17 -4.03
CA LEU R 689 47.07 -188.49 -5.18
C LEU R 689 46.25 -189.44 -6.03
N VAL R 690 46.70 -190.69 -6.16
CA VAL R 690 45.93 -191.69 -6.91
C VAL R 690 44.58 -191.92 -6.25
N ASP R 691 44.57 -192.06 -4.92
CA ASP R 691 43.32 -192.27 -4.19
C ASP R 691 42.43 -191.04 -4.29
N LYS R 692 43.02 -189.84 -4.26
CA LYS R 692 42.23 -188.62 -4.41
C LYS R 692 41.56 -188.57 -5.77
N GLU R 693 42.30 -188.89 -6.83
CA GLU R 693 41.72 -188.90 -8.16
C GLU R 693 40.63 -189.97 -8.30
N GLU R 694 40.86 -191.14 -7.67
CA GLU R 694 39.85 -192.19 -7.69
C GLU R 694 38.57 -191.75 -7.00
N ALA R 695 38.70 -191.09 -5.84
CA ALA R 695 37.54 -190.57 -5.14
C ALA R 695 36.83 -189.50 -5.97
N ASP R 696 37.61 -188.64 -6.63
CA ASP R 696 37.01 -187.59 -7.45
C ASP R 696 36.25 -188.17 -8.63
N LEU R 697 36.75 -189.26 -9.21
CA LEU R 697 36.04 -189.85 -10.35
C LEU R 697 34.84 -190.68 -9.90
N GLU R 698 34.90 -191.29 -8.72
CA GLU R 698 33.78 -192.10 -8.25
C GLU R 698 32.67 -191.26 -7.63
N SER R 699 32.97 -190.06 -7.13
CA SER R 699 31.95 -189.19 -6.56
C SER R 699 31.26 -188.33 -7.60
N THR R 700 31.60 -188.48 -8.89
CA THR R 700 30.99 -187.69 -9.93
C THR R 700 30.34 -188.58 -10.99
N SER R 701 30.16 -188.04 -12.20
CA SER R 701 29.55 -188.82 -13.28
C SER R 701 30.23 -188.57 -14.62
N ILE R 702 31.49 -188.15 -14.62
CA ILE R 702 32.31 -187.82 -15.79
C ILE R 702 31.48 -187.23 -16.93
N ASP R 703 30.59 -186.29 -16.59
CA ASP R 703 29.74 -185.64 -17.57
C ASP R 703 29.81 -184.12 -17.54
N SER R 704 30.72 -183.54 -16.75
CA SER R 704 30.82 -182.09 -16.65
C SER R 704 32.16 -181.61 -17.20
N VAL R 705 32.54 -180.37 -16.84
CA VAL R 705 33.78 -179.78 -17.34
C VAL R 705 34.72 -179.49 -16.17
N GLU R 706 34.15 -179.24 -14.98
CA GLU R 706 34.97 -178.90 -13.83
C GLU R 706 35.83 -180.08 -13.38
N TRP R 707 35.26 -181.28 -13.36
CA TRP R 707 36.04 -182.45 -12.98
C TRP R 707 37.13 -182.74 -14.00
N ALA R 708 36.82 -182.56 -15.29
CA ALA R 708 37.83 -182.73 -16.32
C ALA R 708 38.96 -181.72 -16.15
N ASN R 709 38.63 -180.46 -15.84
CA ASN R 709 39.65 -179.46 -15.62
C ASN R 709 40.50 -179.78 -14.40
N ILE R 710 39.87 -180.30 -13.34
CA ILE R 710 40.61 -180.66 -12.14
C ILE R 710 41.58 -181.81 -12.42
N VAL R 711 41.11 -182.84 -13.12
CA VAL R 711 42.00 -183.97 -13.43
C VAL R 711 43.08 -183.53 -14.41
N VAL R 712 42.78 -182.57 -15.30
CA VAL R 712 43.80 -182.06 -16.20
C VAL R 712 44.86 -181.29 -15.44
N ASN R 713 44.45 -180.50 -14.44
CA ASN R 713 45.41 -179.79 -13.61
C ASN R 713 46.29 -180.75 -12.81
N VAL R 714 45.68 -181.82 -12.29
CA VAL R 714 46.47 -182.81 -11.55
C VAL R 714 47.47 -183.50 -12.48
N ASN R 715 47.02 -183.86 -13.68
CA ASN R 715 47.92 -184.48 -14.65
C ASN R 715 49.02 -183.53 -15.07
N THR R 716 48.72 -182.22 -15.16
CA THR R 716 49.76 -181.25 -15.50
C THR R 716 50.76 -181.08 -14.37
N ILE R 717 50.30 -181.15 -13.12
CA ILE R 717 51.23 -181.11 -11.99
C ILE R 717 52.16 -182.31 -12.03
N LEU R 718 51.60 -183.51 -12.25
CA LEU R 718 52.44 -184.70 -12.37
C LEU R 718 53.38 -184.60 -13.56
N LYS R 719 52.91 -183.99 -14.65
CA LYS R 719 53.74 -183.78 -15.82
C LYS R 719 54.92 -182.87 -15.50
N ASP R 720 54.68 -181.80 -14.74
CA ASP R 720 55.78 -180.91 -14.35
C ASP R 720 56.76 -181.62 -13.44
N MET R 721 56.25 -182.43 -12.50
CA MET R 721 57.14 -183.22 -11.65
C MET R 721 58.05 -184.13 -12.48
N LEU R 722 57.45 -184.93 -13.36
CA LEU R 722 58.23 -185.85 -14.18
C LEU R 722 59.17 -185.09 -15.11
N HIS R 723 58.75 -183.93 -15.59
CA HIS R 723 59.58 -183.16 -16.52
C HIS R 723 60.82 -182.62 -15.81
N VAL R 724 60.65 -182.03 -14.63
CA VAL R 724 61.83 -181.52 -13.92
C VAL R 724 62.72 -182.67 -13.47
N ALA R 725 62.13 -183.81 -13.10
CA ALA R 725 62.95 -184.96 -12.72
C ALA R 725 63.79 -185.45 -13.89
N CYS R 726 63.15 -185.64 -15.06
CA CYS R 726 63.88 -186.10 -16.24
C CYS R 726 64.90 -185.07 -16.70
N GLN R 727 64.60 -183.77 -16.55
CA GLN R 727 65.55 -182.74 -16.93
C GLN R 727 66.79 -182.79 -16.06
N TYR R 728 66.61 -182.88 -14.74
CA TYR R 728 67.76 -182.98 -13.86
C TYR R 728 68.56 -184.25 -14.12
N ARG R 729 67.86 -185.36 -14.39
CA ARG R 729 68.56 -186.62 -14.65
C ARG R 729 69.35 -186.56 -15.95
N GLN R 730 68.78 -185.95 -16.99
CA GLN R 730 69.51 -185.81 -18.25
C GLN R 730 70.67 -184.84 -18.11
N SER R 731 70.54 -183.83 -17.26
CA SER R 731 71.65 -182.91 -17.04
C SER R 731 72.77 -183.57 -16.25
N LYS R 732 72.43 -184.47 -15.33
CA LYS R 732 73.45 -185.17 -14.55
C LYS R 732 74.02 -186.39 -15.26
N ASN R 733 73.34 -186.89 -16.29
CA ASN R 733 73.85 -188.03 -17.03
C ASN R 733 75.15 -187.73 -17.77
N SER R 734 75.45 -186.46 -18.03
CA SER R 734 76.70 -186.10 -18.68
C SER R 734 77.92 -186.34 -17.81
N LEU R 735 77.72 -186.57 -16.51
CA LEU R 735 78.83 -186.82 -15.59
C LEU R 735 78.77 -188.21 -14.96
N TYR R 736 77.77 -189.02 -15.30
CA TYR R 736 77.69 -190.37 -14.73
C TYR R 736 78.74 -191.29 -15.32
N LYS R 737 79.01 -191.16 -16.61
CA LYS R 737 80.01 -192.00 -17.26
C LYS R 737 81.43 -191.59 -16.93
N ASN R 738 81.64 -190.43 -16.29
CA ASN R 738 82.99 -190.00 -15.93
C ASN R 738 83.54 -190.77 -14.75
N GLU R 739 82.69 -191.44 -13.97
CA GLU R 739 83.15 -192.20 -12.82
C GLU R 739 83.79 -193.50 -13.27
N SER R 740 84.88 -193.87 -12.59
CA SER R 740 85.61 -195.10 -12.88
C SER R 740 85.29 -196.22 -11.90
N GLY R 741 84.05 -196.28 -11.42
CA GLY R 741 83.62 -197.28 -10.49
C GLY R 741 82.64 -198.26 -11.09
N ILE R 742 81.86 -198.89 -10.21
CA ILE R 742 80.86 -199.88 -10.61
C ILE R 742 79.54 -199.51 -9.95
N GLN R 743 78.51 -199.29 -10.76
CA GLN R 743 77.17 -198.97 -10.28
C GLN R 743 76.37 -200.26 -10.15
N GLU R 744 76.01 -200.61 -8.93
CA GLU R 744 75.25 -201.83 -8.68
C GLU R 744 73.78 -201.61 -9.02
N PRO R 745 73.21 -202.36 -9.97
CA PRO R 745 71.81 -202.17 -10.31
C PRO R 745 70.86 -202.94 -9.41
N GLU R 746 71.22 -203.09 -8.13
CA GLU R 746 70.41 -203.80 -7.17
C GLU R 746 69.32 -202.94 -6.55
N HIS R 747 69.20 -201.68 -6.96
CA HIS R 747 68.19 -200.79 -6.43
C HIS R 747 67.58 -199.99 -7.56
N VAL R 748 66.28 -199.74 -7.47
CA VAL R 748 65.54 -198.96 -8.46
C VAL R 748 65.18 -197.62 -7.83
N PRO R 749 65.49 -196.50 -8.49
CA PRO R 749 65.14 -195.19 -7.92
C PRO R 749 63.64 -194.99 -7.85
N TRP R 750 63.24 -193.99 -7.07
CA TRP R 750 61.82 -193.68 -6.91
C TRP R 750 61.20 -193.12 -8.18
N THR R 751 62.00 -192.56 -9.08
CA THR R 751 61.47 -192.03 -10.33
C THR R 751 61.27 -193.10 -11.39
N ALA R 752 61.98 -194.23 -11.29
CA ALA R 752 61.88 -195.30 -12.26
C ALA R 752 61.43 -196.61 -11.63
N SER R 753 60.84 -196.55 -10.44
CA SER R 753 60.38 -197.76 -9.75
C SER R 753 59.15 -198.30 -10.45
N SER R 754 59.25 -199.52 -10.98
CA SER R 754 58.12 -200.15 -11.66
C SER R 754 57.07 -200.61 -10.65
N GLY R 755 55.83 -200.69 -11.12
CA GLY R 755 54.73 -201.10 -10.26
C GLY R 755 54.31 -200.03 -9.27
N THR R 756 53.95 -200.45 -8.07
CA THR R 756 53.52 -199.49 -7.05
C THR R 756 54.73 -198.75 -6.48
N ALA R 757 54.43 -197.76 -5.64
CA ALA R 757 55.44 -196.92 -4.99
C ALA R 757 56.35 -196.24 -6.03
N GLY R 758 55.75 -195.35 -6.80
CA GLY R 758 56.48 -194.63 -7.82
C GLY R 758 55.54 -193.85 -8.72
N ILE R 759 56.07 -193.41 -9.86
CA ILE R 759 55.30 -192.64 -10.83
C ILE R 759 54.73 -193.51 -11.96
N ARG R 760 55.25 -194.72 -12.15
CA ARG R 760 54.80 -195.55 -13.26
C ARG R 760 53.34 -195.98 -13.07
N SER R 761 52.98 -196.37 -11.84
CA SER R 761 51.59 -196.76 -11.58
C SER R 761 50.66 -195.57 -11.74
N VAL R 762 51.09 -194.37 -11.31
CA VAL R 762 50.28 -193.18 -11.46
C VAL R 762 50.08 -192.86 -12.93
N VAL R 763 51.13 -193.01 -13.74
CA VAL R 763 51.00 -192.73 -15.17
C VAL R 763 50.09 -193.76 -15.83
N THR R 764 50.19 -195.03 -15.44
CA THR R 764 49.31 -196.06 -15.99
C THR R 764 47.85 -195.77 -15.63
N ARG R 765 47.60 -195.38 -14.39
CA ARG R 765 46.24 -195.06 -13.99
C ARG R 765 45.72 -193.80 -14.70
N GLN R 766 46.59 -192.84 -14.95
CA GLN R 766 46.20 -191.66 -15.73
C GLN R 766 45.83 -192.06 -17.16
N HIS R 767 46.63 -192.94 -17.77
CA HIS R 767 46.28 -193.45 -19.08
C HIS R 767 44.93 -194.15 -19.06
N GLY R 768 44.68 -194.94 -18.02
CA GLY R 768 43.40 -195.65 -17.93
C GLY R 768 42.22 -194.70 -17.79
N ILE R 769 42.33 -193.71 -16.92
CA ILE R 769 41.22 -192.78 -16.72
C ILE R 769 41.03 -191.90 -17.95
N ILE R 770 42.11 -191.60 -18.68
CA ILE R 770 41.96 -190.82 -19.90
C ILE R 770 41.29 -191.65 -20.99
N LEU R 771 41.63 -192.93 -21.09
CA LEU R 771 40.93 -193.81 -22.01
C LEU R 771 39.46 -193.95 -21.64
N LYS R 772 39.15 -193.93 -20.34
CA LYS R 772 37.76 -194.03 -19.91
C LYS R 772 36.99 -192.76 -20.22
N VAL R 773 37.63 -191.60 -20.08
CA VAL R 773 36.97 -190.31 -20.32
C VAL R 773 36.99 -189.90 -21.79
N TYR R 774 37.74 -190.60 -22.63
CA TYR R 774 37.80 -190.28 -24.06
C TYR R 774 36.43 -190.18 -24.74
N PRO R 775 35.49 -191.10 -24.54
CA PRO R 775 34.18 -190.95 -25.20
C PRO R 775 33.35 -189.79 -24.68
N GLN R 776 33.81 -189.07 -23.66
CA GLN R 776 33.04 -187.95 -23.12
C GLN R 776 33.82 -186.64 -23.26
N ALA R 777 34.25 -186.33 -24.48
CA ALA R 777 34.99 -185.10 -24.74
C ALA R 777 34.88 -184.76 -26.22
N ASP R 778 35.30 -183.55 -26.56
CA ASP R 778 35.28 -183.07 -27.94
C ASP R 778 36.65 -183.27 -28.58
N SER R 779 36.74 -182.89 -29.86
CA SER R 779 37.95 -183.16 -30.62
C SER R 779 39.16 -182.41 -30.08
N GLY R 780 38.97 -181.14 -29.70
CA GLY R 780 40.08 -180.35 -29.20
C GLY R 780 40.65 -180.91 -27.91
N LEU R 781 39.77 -181.20 -26.94
CA LEU R 781 40.22 -181.76 -25.67
C LEU R 781 40.83 -183.15 -25.87
N ARG R 782 40.25 -183.95 -26.78
CA ARG R 782 40.82 -185.26 -27.06
C ARG R 782 42.23 -185.14 -27.62
N THR R 783 42.44 -184.24 -28.57
CA THR R 783 43.77 -184.04 -29.14
C THR R 783 44.76 -183.53 -28.11
N ILE R 784 44.32 -182.60 -27.26
CA ILE R 784 45.20 -182.07 -26.22
C ILE R 784 45.60 -183.17 -25.25
N LEU R 785 44.64 -183.99 -24.83
CA LEU R 785 44.93 -185.09 -23.92
C LEU R 785 45.87 -186.10 -24.56
N ILE R 786 45.65 -186.42 -25.84
CA ILE R 786 46.51 -187.39 -26.53
C ILE R 786 47.93 -186.84 -26.64
N GLU R 787 48.07 -185.56 -26.97
CA GLU R 787 49.39 -184.97 -27.10
C GLU R 787 50.12 -184.94 -25.76
N GLN R 788 49.42 -184.54 -24.69
CA GLN R 788 50.06 -184.50 -23.38
C GLN R 788 50.40 -185.90 -22.88
N LEU R 789 49.58 -186.90 -23.22
CA LEU R 789 49.88 -188.27 -22.81
C LEU R 789 51.08 -188.81 -23.58
N ALA R 790 51.18 -188.49 -24.88
CA ALA R 790 52.34 -188.91 -25.65
C ALA R 790 53.61 -188.25 -25.12
N ALA R 791 53.53 -186.97 -24.76
CA ALA R 791 54.70 -186.29 -24.20
C ALA R 791 55.10 -186.87 -22.85
N LEU R 792 54.11 -187.19 -22.00
CA LEU R 792 54.41 -187.81 -20.71
C LEU R 792 55.04 -189.18 -20.90
N LEU R 793 54.54 -189.97 -21.86
CA LEU R 793 55.12 -191.27 -22.12
C LEU R 793 56.54 -191.14 -22.67
N ASN R 794 56.79 -190.13 -23.50
CA ASN R 794 58.14 -189.90 -24.01
C ASN R 794 59.09 -189.53 -22.88
N TYR R 795 58.64 -188.68 -21.95
CA TYR R 795 59.49 -188.32 -20.82
C TYR R 795 59.74 -189.52 -19.92
N LEU R 796 58.73 -190.37 -19.72
CA LEU R 796 58.93 -191.58 -18.92
C LEU R 796 59.90 -192.54 -19.59
N LEU R 797 59.80 -192.68 -20.92
CA LEU R 797 60.75 -193.54 -21.64
C LEU R 797 62.16 -192.99 -21.56
N ASP R 798 62.32 -191.67 -21.65
CA ASP R 798 63.63 -191.06 -21.49
C ASP R 798 64.19 -191.31 -20.09
N ASP R 799 63.34 -191.16 -19.07
CA ASP R 799 63.76 -191.45 -17.71
C ASP R 799 64.20 -192.90 -17.56
N TYR R 800 63.44 -193.83 -18.14
CA TYR R 800 63.78 -195.25 -18.01
C TYR R 800 65.09 -195.57 -18.73
N VAL R 801 65.28 -195.05 -19.94
CA VAL R 801 66.52 -195.35 -20.66
C VAL R 801 67.71 -194.68 -19.98
N THR R 802 67.50 -193.51 -19.35
CA THR R 802 68.59 -192.89 -18.60
C THR R 802 68.95 -193.72 -17.38
N GLN R 803 67.95 -194.22 -16.65
CA GLN R 803 68.22 -195.07 -15.50
C GLN R 803 68.91 -196.36 -15.92
N LEU R 804 68.57 -196.87 -17.11
CA LEU R 804 69.21 -198.10 -17.59
C LEU R 804 70.65 -197.84 -18.03
N LYS R 805 70.91 -196.69 -18.66
CA LYS R 805 72.26 -196.37 -19.11
C LYS R 805 73.17 -195.96 -17.95
N SER R 806 72.61 -195.44 -16.87
CA SER R 806 73.41 -195.04 -15.72
C SER R 806 73.69 -196.23 -14.81
N ILE R 807 74.14 -197.34 -15.38
CA ILE R 807 74.44 -198.55 -14.62
C ILE R 807 75.72 -199.16 -15.20
N ASP R 808 76.71 -199.37 -14.35
CA ASP R 808 77.98 -200.00 -14.74
C ASP R 808 77.95 -201.44 -14.24
N LYS R 809 77.64 -202.37 -15.14
CA LYS R 809 77.53 -203.77 -14.80
C LYS R 809 78.81 -204.52 -15.15
N LEU R 810 79.08 -205.59 -14.41
CA LEU R 810 80.24 -206.45 -14.66
C LEU R 810 79.99 -207.92 -14.43
N ALA R 811 78.96 -208.31 -13.67
CA ALA R 811 78.67 -209.72 -13.42
C ALA R 811 77.20 -209.90 -13.05
N ASN R 812 76.44 -208.82 -13.11
CA ASN R 812 75.02 -208.85 -12.76
C ASN R 812 74.13 -209.08 -13.99
N GLU R 813 74.39 -210.19 -14.68
CA GLU R 813 73.62 -210.52 -15.88
C GLU R 813 72.17 -210.81 -15.53
N GLU R 814 71.94 -211.52 -14.43
CA GLU R 814 70.57 -211.80 -14.01
C GLU R 814 69.82 -210.52 -13.64
N ARG R 815 70.50 -209.61 -12.94
CA ARG R 815 69.87 -208.33 -12.59
C ARG R 815 69.58 -207.52 -13.83
N TYR R 816 70.49 -207.51 -14.80
CA TYR R 816 70.25 -206.78 -16.04
C TYR R 816 69.08 -207.39 -16.82
N ASN R 817 68.97 -208.72 -16.83
CA ASN R 817 67.86 -209.37 -17.52
C ASN R 817 66.54 -209.06 -16.84
N ILE R 818 66.52 -209.05 -15.50
CA ILE R 818 65.29 -208.72 -14.77
C ILE R 818 64.90 -207.27 -15.04
N LEU R 819 65.89 -206.37 -15.07
CA LEU R 819 65.61 -204.97 -15.36
C LEU R 819 65.05 -204.80 -16.77
N GLU R 820 65.62 -205.52 -17.74
CA GLU R 820 65.13 -205.43 -19.11
C GLU R 820 63.72 -206.00 -19.23
N MET R 821 63.44 -207.08 -18.50
CA MET R 821 62.10 -207.64 -18.52
C MET R 821 61.08 -206.67 -17.94
N GLU R 822 61.42 -206.05 -16.81
CA GLU R 822 60.51 -205.06 -16.22
C GLU R 822 60.34 -203.86 -17.14
N TYR R 823 61.41 -203.45 -17.81
CA TYR R 823 61.33 -202.34 -18.75
C TYR R 823 60.39 -202.65 -19.90
N ALA R 824 60.52 -203.86 -20.47
CA ALA R 824 59.64 -204.26 -21.57
C ALA R 824 58.19 -204.38 -21.10
N GLN R 825 57.98 -204.91 -19.89
CA GLN R 825 56.63 -205.04 -19.37
C GLN R 825 55.98 -203.67 -19.18
N LYS R 826 56.72 -202.72 -18.60
CA LYS R 826 56.18 -201.38 -18.42
C LYS R 826 55.96 -200.68 -19.77
N ARG R 827 56.85 -200.90 -20.73
CA ARG R 827 56.68 -200.34 -22.06
C ARG R 827 55.39 -200.83 -22.70
N SER R 828 55.13 -202.15 -22.62
CA SER R 828 53.91 -202.69 -23.17
C SER R 828 52.68 -202.18 -22.44
N GLU R 829 52.73 -202.13 -21.11
CA GLU R 829 51.58 -201.70 -20.33
C GLU R 829 51.27 -200.22 -20.54
N LEU R 830 52.27 -199.43 -20.90
CA LEU R 830 52.04 -198.01 -21.16
C LEU R 830 51.71 -197.74 -22.63
N LEU R 831 52.16 -198.59 -23.55
CA LEU R 831 51.87 -198.41 -24.96
C LEU R 831 50.53 -199.01 -25.37
N SER R 832 49.98 -199.94 -24.58
CA SER R 832 48.64 -200.45 -24.89
C SER R 832 47.58 -199.37 -24.88
N PRO R 833 47.48 -198.50 -23.87
CA PRO R 833 46.48 -197.42 -23.95
C PRO R 833 46.78 -196.41 -25.04
N LEU R 834 48.06 -196.16 -25.34
CA LEU R 834 48.40 -195.24 -26.40
C LEU R 834 48.03 -195.81 -27.77
N LEU R 835 48.17 -197.13 -27.94
CA LEU R 835 47.76 -197.74 -29.20
C LEU R 835 46.24 -197.85 -29.29
N ILE R 836 45.56 -198.01 -28.16
CA ILE R 836 44.10 -198.03 -28.17
C ILE R 836 43.53 -196.65 -28.48
N LEU R 837 44.22 -195.59 -28.03
CA LEU R 837 43.75 -194.22 -28.23
C LEU R 837 43.89 -193.80 -29.69
N GLY R 838 44.87 -192.96 -30.00
CA GLY R 838 45.05 -192.49 -31.35
C GLY R 838 46.40 -191.83 -31.52
N GLN R 839 46.58 -191.22 -32.70
CA GLN R 839 47.83 -190.55 -33.07
C GLN R 839 49.01 -191.50 -32.96
N TYR R 840 49.20 -192.34 -33.99
CA TYR R 840 50.25 -193.33 -33.99
C TYR R 840 51.63 -192.76 -34.34
N ALA R 841 51.69 -191.47 -34.71
CA ALA R 841 52.98 -190.88 -35.07
C ALA R 841 53.93 -190.84 -33.87
N TRP R 842 53.43 -190.40 -32.71
CA TRP R 842 54.26 -190.36 -31.52
C TRP R 842 54.66 -191.76 -31.08
N ALA R 843 53.75 -192.73 -31.22
CA ALA R 843 54.08 -194.11 -30.87
C ALA R 843 55.18 -194.66 -31.78
N SER R 844 55.08 -194.40 -33.08
CA SER R 844 56.12 -194.86 -34.00
C SER R 844 57.44 -194.17 -33.72
N ASN R 845 57.42 -192.88 -33.38
CA ASN R 845 58.65 -192.18 -33.04
C ASN R 845 59.29 -192.76 -31.79
N LEU R 846 58.48 -193.02 -30.76
CA LEU R 846 59.02 -193.62 -29.54
C LEU R 846 59.52 -195.03 -29.77
N ALA R 847 58.90 -195.78 -30.69
CA ALA R 847 59.38 -197.11 -31.00
C ALA R 847 60.71 -197.05 -31.75
N GLU R 848 60.83 -196.14 -32.72
CA GLU R 848 62.08 -196.01 -33.46
C GLU R 848 63.20 -195.41 -32.62
N LYS R 849 62.86 -194.67 -31.55
CA LYS R 849 63.90 -194.12 -30.69
C LYS R 849 64.70 -195.22 -30.01
N TYR R 850 64.08 -196.35 -29.69
CA TYR R 850 64.75 -197.46 -29.04
C TYR R 850 64.90 -198.68 -29.93
N CYS R 851 64.39 -198.62 -31.17
CA CYS R 851 64.50 -199.72 -32.13
C CYS R 851 63.83 -200.99 -31.58
N ASP R 852 62.52 -200.90 -31.38
CA ASP R 852 61.73 -202.02 -30.87
C ASP R 852 61.16 -202.77 -32.08
N PHE R 853 61.78 -203.92 -32.40
CA PHE R 853 61.36 -204.67 -33.58
C PHE R 853 59.93 -205.19 -33.43
N ASP R 854 59.61 -205.74 -32.26
CA ASP R 854 58.26 -206.28 -32.04
C ASP R 854 57.21 -205.18 -32.10
N ILE R 855 57.49 -204.03 -31.47
CA ILE R 855 56.54 -202.93 -31.48
C ILE R 855 56.36 -202.39 -32.90
N LEU R 856 57.45 -202.29 -33.66
CA LEU R 856 57.35 -201.82 -35.03
C LEU R 856 56.54 -202.79 -35.89
N VAL R 857 56.77 -204.09 -35.72
CA VAL R 857 56.00 -205.08 -36.48
C VAL R 857 54.53 -205.00 -36.11
N GLN R 858 54.23 -204.83 -34.82
CA GLN R 858 52.84 -204.76 -34.38
C GLN R 858 52.14 -203.53 -34.95
N ILE R 859 52.80 -202.36 -34.90
CA ILE R 859 52.15 -201.15 -35.40
C ILE R 859 52.03 -201.21 -36.92
N CYS R 860 53.00 -201.82 -37.61
CA CYS R 860 52.87 -201.97 -39.06
C CYS R 860 51.72 -202.90 -39.41
N GLU R 861 51.54 -203.99 -38.66
CA GLU R 861 50.44 -204.90 -38.92
C GLU R 861 49.10 -204.25 -38.62
N MET R 862 49.03 -203.42 -37.57
CA MET R 862 47.77 -202.78 -37.23
C MET R 862 47.46 -201.57 -38.11
N THR R 863 48.47 -201.00 -38.79
CA THR R 863 48.23 -199.88 -39.69
C THR R 863 48.10 -200.29 -41.15
N ASP R 864 48.55 -201.50 -41.49
CA ASP R 864 48.47 -202.02 -42.86
C ASP R 864 49.20 -201.11 -43.85
N ASN R 865 50.51 -201.00 -43.65
CA ASN R 865 51.35 -200.17 -44.51
C ASN R 865 52.71 -200.84 -44.66
N GLN R 866 53.39 -200.51 -45.75
CA GLN R 866 54.71 -201.06 -46.03
C GLN R 866 55.78 -200.01 -46.33
N SER R 867 55.40 -198.79 -46.73
CA SER R 867 56.40 -197.77 -47.00
C SER R 867 57.14 -197.36 -45.73
N ARG R 868 56.41 -197.20 -44.62
CA ARG R 868 57.06 -196.86 -43.35
C ARG R 868 57.95 -198.00 -42.88
N LEU R 869 57.53 -199.25 -43.09
CA LEU R 869 58.36 -200.38 -42.72
C LEU R 869 59.64 -200.42 -43.55
N GLN R 870 59.54 -200.16 -44.85
CA GLN R 870 60.74 -200.12 -45.69
C GLN R 870 61.66 -198.99 -45.28
N ARG R 871 61.09 -197.83 -44.92
CA ARG R 871 61.90 -196.71 -44.46
C ARG R 871 62.62 -197.06 -43.16
N TYR R 872 61.92 -197.70 -42.22
CA TYR R 872 62.54 -198.09 -40.97
C TYR R 872 63.63 -199.14 -41.20
N MET R 873 63.41 -200.05 -42.16
CA MET R 873 64.45 -201.03 -42.48
C MET R 873 65.68 -200.35 -43.08
N THR R 874 65.47 -199.41 -44.00
CA THR R 874 66.60 -198.69 -44.58
C THR R 874 67.33 -197.85 -43.53
N LEU R 875 66.60 -197.38 -42.51
CA LEU R 875 67.24 -196.58 -41.46
C LEU R 875 68.03 -197.44 -40.49
N PHE R 876 67.47 -198.57 -40.06
CA PHE R 876 68.10 -199.44 -39.07
C PHE R 876 68.45 -200.81 -39.64
N ALA R 877 69.03 -200.81 -40.85
CA ALA R 877 69.47 -202.07 -41.44
C ALA R 877 70.59 -202.73 -40.63
N GLU R 878 71.30 -201.96 -39.81
CA GLU R 878 72.36 -202.52 -38.97
C GLU R 878 71.83 -203.15 -37.69
N GLN R 879 70.51 -203.31 -37.56
CA GLN R 879 69.90 -203.91 -36.38
C GLN R 879 69.25 -205.25 -36.68
N ASN R 880 69.51 -205.83 -37.85
CA ASN R 880 69.00 -207.14 -38.24
C ASN R 880 67.47 -207.17 -38.22
N PHE R 881 66.83 -206.73 -39.31
CA PHE R 881 65.39 -206.76 -39.44
C PHE R 881 64.89 -207.68 -40.54
N SER R 882 65.74 -208.09 -41.48
CA SER R 882 65.31 -208.99 -42.54
C SER R 882 64.93 -210.35 -41.98
N ASP R 883 65.72 -210.87 -41.03
CA ASP R 883 65.38 -212.15 -40.41
C ASP R 883 64.10 -212.04 -39.61
N PHE R 884 63.87 -210.89 -38.95
CA PHE R 884 62.63 -210.70 -38.21
C PHE R 884 61.43 -210.68 -39.16
N LEU R 885 61.54 -209.98 -40.28
CA LEU R 885 60.45 -209.96 -41.25
C LEU R 885 60.21 -211.36 -41.84
N PHE R 886 61.28 -212.11 -42.07
CA PHE R 886 61.14 -213.45 -42.61
C PHE R 886 60.43 -214.37 -41.62
N ARG R 887 60.83 -214.32 -40.35
CA ARG R 887 60.17 -215.15 -39.34
C ARG R 887 58.74 -214.72 -39.11
N TRP R 888 58.44 -213.42 -39.24
CA TRP R 888 57.06 -212.97 -39.12
C TRP R 888 56.21 -213.48 -40.28
N TYR R 889 56.73 -213.40 -41.51
CA TYR R 889 56.01 -213.93 -42.66
C TYR R 889 55.84 -215.44 -42.56
N LEU R 890 56.80 -216.13 -41.93
CA LEU R 890 56.67 -217.58 -41.76
C LEU R 890 55.62 -217.92 -40.71
N GLU R 891 55.59 -217.18 -39.59
CA GLU R 891 54.63 -217.45 -38.54
C GLU R 891 53.22 -216.98 -38.91
N LYS R 892 53.09 -216.05 -39.86
CA LYS R 892 51.78 -215.63 -40.32
C LYS R 892 51.08 -216.76 -41.06
N GLY R 893 51.48 -217.01 -42.30
CA GLY R 893 50.90 -218.11 -43.06
C GLY R 893 49.53 -217.76 -43.57
N LYS R 894 48.57 -218.67 -43.33
CA LYS R 894 47.18 -218.52 -43.75
C LYS R 894 47.06 -218.43 -45.28
N ARG R 895 45.85 -218.15 -45.76
CA ARG R 895 45.61 -218.12 -47.20
C ARG R 895 46.42 -217.03 -47.89
N GLY R 896 46.66 -215.91 -47.21
CA GLY R 896 47.44 -214.83 -47.76
C GLY R 896 48.84 -215.28 -48.17
N LYS R 897 49.60 -215.82 -47.22
CA LYS R 897 50.93 -216.32 -47.55
C LYS R 897 50.90 -217.58 -48.37
N LEU R 898 49.83 -218.37 -48.30
CA LEU R 898 49.72 -219.55 -49.15
C LEU R 898 49.56 -219.16 -50.62
N LEU R 899 48.91 -218.04 -50.89
CA LEU R 899 48.72 -217.57 -52.27
C LEU R 899 49.83 -216.65 -52.75
N SER R 900 50.48 -215.92 -51.84
CA SER R 900 51.53 -214.99 -52.22
C SER R 900 52.85 -215.74 -52.32
N GLN R 901 53.43 -215.78 -53.53
CA GLN R 901 54.71 -216.44 -53.76
C GLN R 901 55.32 -215.95 -55.07
N PRO R 902 56.59 -215.58 -55.08
CA PRO R 902 57.21 -215.10 -56.33
C PRO R 902 57.35 -216.22 -57.34
N ALA R 903 57.55 -215.80 -58.60
CA ALA R 903 57.69 -216.75 -59.70
C ALA R 903 59.07 -217.36 -59.78
N SER R 904 60.03 -216.90 -58.97
CA SER R 904 61.38 -217.47 -59.00
C SER R 904 61.39 -218.87 -58.41
N GLN R 905 60.78 -219.03 -57.23
CA GLN R 905 60.69 -220.34 -56.57
C GLN R 905 59.30 -220.90 -56.79
N HIS R 906 59.10 -221.52 -57.95
CA HIS R 906 57.80 -222.09 -58.30
C HIS R 906 57.48 -223.33 -57.49
N GLY R 907 58.49 -224.01 -56.93
CA GLY R 907 58.23 -225.21 -56.17
C GLY R 907 57.42 -224.94 -54.91
N GLN R 908 57.80 -223.90 -54.17
CA GLN R 908 57.05 -223.54 -52.96
C GLN R 908 55.63 -223.11 -53.31
N LEU R 909 55.46 -222.36 -54.41
CA LEU R 909 54.13 -221.95 -54.83
C LEU R 909 53.26 -223.16 -55.18
N ALA R 910 53.84 -224.12 -55.91
CA ALA R 910 53.09 -225.32 -56.28
C ALA R 910 52.75 -226.16 -55.06
N ALA R 911 53.66 -226.24 -54.09
CA ALA R 911 53.40 -227.00 -52.88
C ALA R 911 52.35 -226.32 -52.00
N PHE R 912 52.29 -224.99 -52.03
CA PHE R 912 51.32 -224.28 -51.22
C PHE R 912 49.94 -224.23 -51.89
N LEU R 913 49.89 -224.26 -53.22
CA LEU R 913 48.63 -224.23 -53.94
C LEU R 913 48.02 -225.64 -54.01
N GLN R 914 47.65 -226.14 -52.83
CA GLN R 914 47.01 -227.45 -52.72
C GLN R 914 45.50 -227.38 -52.70
N ALA R 915 44.93 -226.21 -52.43
CA ALA R 915 43.49 -226.02 -52.41
C ALA R 915 42.98 -225.05 -53.47
N HIS R 916 43.84 -224.18 -54.01
CA HIS R 916 43.44 -223.22 -55.03
C HIS R 916 43.95 -223.72 -56.38
N ASP R 917 43.26 -224.73 -56.92
CA ASP R 917 43.63 -225.32 -58.19
C ASP R 917 43.18 -224.49 -59.40
N HIS R 918 42.48 -223.38 -59.17
CA HIS R 918 42.02 -222.54 -60.27
C HIS R 918 43.12 -221.64 -60.82
N LEU R 919 44.18 -221.39 -60.05
CA LEU R 919 45.28 -220.55 -60.48
C LEU R 919 46.58 -221.31 -60.68
N SER R 920 46.57 -222.63 -60.49
CA SER R 920 47.80 -223.41 -60.67
C SER R 920 48.28 -223.36 -62.11
N TRP R 921 47.37 -223.59 -63.06
CA TRP R 921 47.74 -223.53 -64.47
C TRP R 921 48.10 -222.11 -64.89
N LEU R 922 47.44 -221.10 -64.31
CA LEU R 922 47.80 -219.72 -64.60
C LEU R 922 49.23 -219.42 -64.16
N HIS R 923 49.60 -219.86 -62.95
CA HIS R 923 50.95 -219.65 -62.47
C HIS R 923 51.96 -220.44 -63.30
N GLU R 924 51.60 -221.66 -63.70
CA GLU R 924 52.50 -222.46 -64.53
C GLU R 924 52.74 -221.80 -65.89
N LEU R 925 51.70 -221.18 -66.46
CA LEU R 925 51.87 -220.49 -67.73
C LEU R 925 52.62 -219.18 -67.57
N ASN R 926 52.46 -218.51 -66.42
CA ASN R 926 53.17 -217.26 -66.18
C ASN R 926 54.65 -217.50 -65.92
N SER R 927 54.99 -218.62 -65.28
CA SER R 927 56.39 -218.95 -65.02
C SER R 927 57.11 -219.21 -66.34
N GLN R 928 58.07 -218.36 -66.67
CA GLN R 928 58.79 -218.48 -67.93
C GLN R 928 60.28 -218.67 -67.71
N GLU R 929 61.09 -217.68 -68.11
CA GLU R 929 62.54 -217.73 -68.00
C GLU R 929 63.11 -218.92 -68.76
N PHE R 930 64.37 -219.26 -68.51
CA PHE R 930 65.01 -220.37 -69.21
C PHE R 930 66.03 -221.08 -68.32
N GLU R 931 67.28 -220.62 -68.32
CA GLU R 931 68.33 -221.31 -67.59
C GLU R 931 68.11 -221.23 -66.08
N LYS R 932 67.80 -220.03 -65.58
CA LYS R 932 67.58 -219.87 -64.15
C LYS R 932 66.38 -220.68 -63.67
N ALA R 933 65.28 -220.63 -64.43
CA ALA R 933 64.11 -221.42 -64.07
C ALA R 933 64.41 -222.91 -64.09
N HIS R 934 65.14 -223.36 -65.12
CA HIS R 934 65.50 -224.77 -65.21
C HIS R 934 66.34 -225.19 -64.00
N ARG R 935 67.34 -224.39 -63.63
CA ARG R 935 68.18 -224.73 -62.50
C ARG R 935 67.39 -224.75 -61.20
N THR R 936 66.52 -223.75 -61.00
CA THR R 936 65.73 -223.71 -59.77
C THR R 936 64.78 -224.90 -59.68
N LEU R 937 64.13 -225.25 -60.78
CA LEU R 937 63.21 -226.38 -60.77
C LEU R 937 63.95 -227.70 -60.57
N GLN R 938 65.15 -227.82 -61.16
CA GLN R 938 65.94 -229.03 -60.94
C GLN R 938 66.35 -229.16 -59.48
N THR R 939 66.80 -228.06 -58.87
CA THR R 939 67.17 -228.10 -57.45
C THR R 939 65.96 -228.42 -56.58
N LEU R 940 64.80 -227.86 -56.91
CA LEU R 940 63.60 -228.13 -56.13
C LEU R 940 63.17 -229.59 -56.25
N ALA R 941 63.24 -230.15 -57.47
CA ALA R 941 62.88 -231.56 -57.64
C ALA R 941 63.89 -232.48 -56.99
N ASN R 942 65.16 -232.06 -56.90
CA ASN R 942 66.16 -232.89 -56.24
C ASN R 942 66.06 -232.82 -54.72
N MET R 943 65.64 -231.68 -54.18
CA MET R 943 65.55 -231.51 -52.73
C MET R 943 64.17 -231.77 -52.17
N GLU R 944 63.16 -231.98 -53.01
CA GLU R 944 61.79 -232.19 -52.56
C GLU R 944 61.36 -233.62 -52.83
N THR R 945 60.48 -234.12 -51.95
CA THR R 945 59.95 -235.48 -52.08
C THR R 945 58.66 -235.62 -51.28
N ARG R 946 57.91 -234.53 -51.15
CA ARG R 946 56.68 -234.52 -50.35
C ARG R 946 55.41 -234.64 -51.19
N TYR R 947 55.42 -234.18 -52.43
CA TYR R 947 54.25 -234.23 -53.30
C TYR R 947 54.69 -234.78 -54.66
N PHE R 948 54.18 -235.96 -55.01
CA PHE R 948 54.59 -236.60 -56.25
C PHE R 948 54.07 -235.86 -57.47
N CYS R 949 52.83 -235.37 -57.41
CA CYS R 949 52.28 -234.63 -58.54
C CYS R 949 53.04 -233.34 -58.78
N LYS R 950 53.31 -232.59 -57.71
CA LYS R 950 54.08 -231.36 -57.86
C LYS R 950 55.50 -231.66 -58.32
N LYS R 951 56.09 -232.76 -57.85
CA LYS R 951 57.43 -233.13 -58.27
C LYS R 951 57.48 -233.44 -59.76
N LYS R 952 56.52 -234.21 -60.25
CA LYS R 952 56.51 -234.55 -61.68
C LYS R 952 56.18 -233.33 -62.53
N THR R 953 55.34 -232.41 -62.03
CA THR R 953 55.07 -231.18 -62.76
C THR R 953 56.33 -230.32 -62.86
N LEU R 954 57.06 -230.18 -61.75
CA LEU R 954 58.31 -229.44 -61.79
C LEU R 954 59.33 -230.10 -62.69
N LEU R 955 59.37 -231.44 -62.70
CA LEU R 955 60.29 -232.15 -63.58
C LEU R 955 59.95 -231.91 -65.05
N GLY R 956 58.66 -231.96 -65.40
CA GLY R 956 58.27 -231.68 -66.78
C GLY R 956 58.58 -230.25 -67.19
N LEU R 957 58.31 -229.30 -66.30
CA LEU R 957 58.62 -227.91 -66.61
C LEU R 957 60.11 -227.68 -66.76
N SER R 958 60.92 -228.35 -65.93
CA SER R 958 62.37 -228.23 -66.04
C SER R 958 62.87 -228.86 -67.33
N LYS R 959 62.28 -229.98 -67.74
CA LYS R 959 62.64 -230.59 -69.01
C LYS R 959 62.31 -229.66 -70.17
N LEU R 960 61.13 -229.03 -70.14
CA LEU R 960 60.76 -228.08 -71.19
C LEU R 960 61.72 -226.89 -71.21
N ALA R 961 62.08 -226.38 -70.03
CA ALA R 961 63.00 -225.24 -69.97
C ALA R 961 64.38 -225.61 -70.49
N ALA R 962 64.85 -226.82 -70.17
CA ALA R 962 66.16 -227.25 -70.65
C ALA R 962 66.13 -227.50 -72.16
N LEU R 963 65.01 -227.98 -72.69
CA LEU R 963 64.91 -228.17 -74.14
C LEU R 963 64.80 -226.84 -74.87
N ALA R 964 64.20 -225.84 -74.25
CA ALA R 964 64.06 -224.52 -74.87
C ALA R 964 65.28 -223.63 -74.68
N SER R 965 66.13 -223.93 -73.70
CA SER R 965 67.30 -223.11 -73.43
C SER R 965 68.43 -223.43 -74.41
N ASP R 966 69.47 -222.60 -74.38
CA ASP R 966 70.63 -222.74 -75.26
C ASP R 966 71.88 -222.23 -74.54
N PHE R 967 72.26 -222.93 -73.46
CA PHE R 967 73.45 -222.58 -72.69
C PHE R 967 74.15 -223.86 -72.28
N GLN R 968 75.39 -224.03 -72.73
CA GLN R 968 76.19 -225.23 -72.46
C GLN R 968 75.50 -226.48 -72.98
N GLU R 969 75.90 -226.94 -74.17
CA GLU R 969 75.21 -228.06 -74.81
C GLU R 969 75.40 -229.35 -74.03
N ASP R 970 76.62 -229.62 -73.56
CA ASP R 970 76.88 -230.86 -72.83
C ASP R 970 76.12 -230.89 -71.52
N VAL R 971 76.17 -229.79 -70.76
CA VAL R 971 75.45 -229.74 -69.48
C VAL R 971 73.95 -229.82 -69.72
N LEU R 972 73.46 -229.20 -70.79
CA LEU R 972 72.04 -229.27 -71.11
C LEU R 972 71.62 -230.70 -71.44
N GLN R 973 72.43 -231.41 -72.21
CA GLN R 973 72.10 -232.79 -72.55
C GLN R 973 72.15 -233.69 -71.31
N GLU R 974 73.13 -233.47 -70.44
CA GLU R 974 73.20 -234.25 -69.21
C GLU R 974 71.99 -234.01 -68.32
N LYS R 975 71.60 -232.73 -68.18
CA LYS R 975 70.42 -232.42 -67.38
C LYS R 975 69.15 -232.98 -68.02
N VAL R 976 69.09 -232.98 -69.35
CA VAL R 976 67.92 -233.53 -70.03
C VAL R 976 67.83 -235.03 -69.80
N GLU R 977 68.96 -235.74 -69.87
CA GLU R 977 68.95 -237.17 -69.61
C GLU R 977 68.58 -237.46 -68.15
N GLU R 978 69.09 -236.66 -67.21
CA GLU R 978 68.74 -236.86 -65.81
C GLU R 978 67.26 -236.63 -65.56
N ILE R 979 66.71 -235.55 -66.12
CA ILE R 979 65.29 -235.27 -65.94
C ILE R 979 64.45 -236.34 -66.64
N ALA R 980 64.92 -236.89 -67.75
CA ALA R 980 64.18 -237.95 -68.43
C ALA R 980 64.14 -239.22 -67.59
N GLU R 981 65.27 -239.61 -67.01
CA GLU R 981 65.28 -240.80 -66.16
C GLU R 981 64.46 -240.57 -64.89
N GLN R 982 64.47 -239.35 -64.35
CA GLN R 982 63.65 -239.05 -63.18
C GLN R 982 62.17 -239.09 -63.54
N GLU R 983 61.80 -238.59 -64.72
CA GLU R 983 60.42 -238.65 -65.17
C GLU R 983 59.98 -240.08 -65.42
N HIS R 984 60.88 -240.93 -65.91
CA HIS R 984 60.54 -242.35 -66.07
C HIS R 984 60.32 -243.00 -64.71
N PHE R 985 61.21 -242.73 -63.75
CA PHE R 985 61.06 -243.28 -62.41
C PHE R 985 59.75 -242.80 -61.77
N LEU R 986 59.35 -241.56 -62.05
CA LEU R 986 58.10 -241.04 -61.50
C LEU R 986 56.88 -241.58 -62.23
N LEU R 987 57.00 -241.84 -63.53
CA LEU R 987 55.89 -242.46 -64.27
C LEU R 987 55.69 -243.90 -63.82
N HIS R 988 56.76 -244.56 -63.37
CA HIS R 988 56.62 -245.89 -62.78
C HIS R 988 55.62 -245.89 -61.63
N GLN R 989 55.52 -244.80 -60.89
CA GLN R 989 54.54 -244.65 -59.83
C GLN R 989 53.23 -244.06 -60.34
N GLU R 990 53.32 -243.13 -61.29
CA GLU R 990 52.13 -242.50 -61.87
C GLU R 990 51.19 -243.55 -62.47
N THR R 991 51.74 -244.52 -63.20
CA THR R 991 50.93 -245.60 -63.75
C THR R 991 50.46 -246.50 -62.61
N LEU R 992 49.50 -246.01 -61.82
CA LEU R 992 48.95 -246.64 -60.63
C LEU R 992 47.46 -246.90 -60.79
N PRO R 993 46.97 -248.03 -60.28
CA PRO R 993 45.54 -248.33 -60.37
C PRO R 993 44.70 -247.31 -59.62
N LYS R 994 43.87 -246.57 -60.38
CA LYS R 994 42.97 -245.60 -59.76
C LYS R 994 41.97 -246.28 -58.84
N LYS R 995 41.55 -247.50 -59.18
CA LYS R 995 40.64 -248.23 -58.30
C LYS R 995 41.30 -248.54 -56.97
N LEU R 996 42.57 -248.97 -56.99
CA LEU R 996 43.29 -249.22 -55.75
C LEU R 996 43.50 -247.93 -54.97
N LEU R 997 43.76 -246.83 -55.67
CA LEU R 997 43.91 -245.54 -54.99
C LEU R 997 42.63 -245.13 -54.29
N GLU R 998 41.49 -245.28 -54.97
CA GLU R 998 40.21 -244.94 -54.36
C GLU R 998 39.87 -245.88 -53.22
N GLU R 999 40.27 -247.15 -53.31
CA GLU R 999 40.00 -248.09 -52.23
C GLU R 999 40.84 -247.78 -51.00
N LYS R 1000 42.11 -247.42 -51.20
CA LYS R 1000 42.98 -247.07 -50.08
C LYS R 1000 42.76 -245.66 -49.58
N GLN R 1001 42.00 -244.84 -50.30
CA GLN R 1001 41.61 -243.49 -49.86
C GLN R 1001 42.84 -242.61 -49.68
N LEU R 1002 43.37 -242.16 -50.82
CA LEU R 1002 44.51 -241.25 -50.86
C LEU R 1002 44.37 -240.36 -52.09
N ASP R 1003 45.31 -239.43 -52.25
CA ASP R 1003 45.30 -238.53 -53.38
C ASP R 1003 45.67 -239.28 -54.66
N LEU R 1004 44.92 -239.02 -55.73
CA LEU R 1004 45.15 -239.69 -57.00
C LEU R 1004 46.42 -239.15 -57.64
N ASN R 1005 47.49 -239.95 -57.62
CA ASN R 1005 48.78 -239.58 -58.21
C ASN R 1005 49.33 -238.28 -57.62
N ALA R 1006 49.12 -238.10 -56.32
CA ALA R 1006 49.64 -236.94 -55.62
C ALA R 1006 50.15 -237.24 -54.22
N MET R 1007 50.02 -238.49 -53.74
CA MET R 1007 50.53 -238.85 -52.44
C MET R 1007 52.06 -238.87 -52.45
N PRO R 1008 52.69 -238.69 -51.29
CA PRO R 1008 54.15 -238.63 -51.24
C PRO R 1008 54.79 -239.91 -51.76
N VAL R 1009 55.99 -239.76 -52.31
CA VAL R 1009 56.71 -240.89 -52.90
C VAL R 1009 57.08 -241.88 -51.80
N LEU R 1010 56.97 -243.17 -52.12
CA LEU R 1010 57.25 -244.22 -51.15
C LEU R 1010 58.61 -244.86 -51.41
N ALA R 1011 58.60 -246.05 -51.99
CA ALA R 1011 59.82 -246.81 -52.24
C ALA R 1011 59.56 -247.79 -53.38
N PRO R 1012 60.61 -248.28 -54.04
CA PRO R 1012 60.39 -249.26 -55.11
C PRO R 1012 59.74 -250.55 -54.64
N PHE R 1013 60.17 -251.09 -53.50
CA PHE R 1013 59.58 -252.32 -52.99
C PHE R 1013 58.14 -252.08 -52.54
N GLN R 1014 57.86 -250.92 -51.97
CA GLN R 1014 56.48 -250.60 -51.59
C GLN R 1014 55.60 -250.47 -52.82
N LEU R 1015 56.12 -249.87 -53.90
CA LEU R 1015 55.37 -249.79 -55.15
C LEU R 1015 55.11 -251.17 -55.74
N ILE R 1016 56.12 -252.05 -55.67
CA ILE R 1016 55.95 -253.41 -56.16
C ILE R 1016 54.88 -254.14 -55.35
N GLN R 1017 54.88 -253.95 -54.03
CA GLN R 1017 53.87 -254.58 -53.18
C GLN R 1017 52.48 -254.05 -53.49
N LEU R 1018 52.36 -252.73 -53.69
CA LEU R 1018 51.07 -252.15 -54.03
C LEU R 1018 50.59 -252.62 -55.41
N TYR R 1019 51.53 -252.89 -56.33
CA TYR R 1019 51.15 -253.39 -57.65
C TYR R 1019 50.68 -254.84 -57.56
N VAL R 1020 51.41 -255.69 -56.84
CA VAL R 1020 51.03 -257.09 -56.71
C VAL R 1020 49.85 -257.31 -55.78
N CYS R 1021 49.48 -256.31 -54.99
CA CYS R 1021 48.31 -256.43 -54.11
C CYS R 1021 47.03 -256.44 -54.94
N GLU R 1022 46.57 -257.63 -55.32
CA GLU R 1022 45.38 -257.78 -56.16
C GLU R 1022 44.14 -257.51 -55.32
N GLU R 1023 43.51 -256.36 -55.55
CA GLU R 1023 42.28 -256.00 -54.84
C GLU R 1023 41.47 -255.00 -55.68
N ASN R 1024 42.08 -254.47 -56.73
CA ASN R 1024 41.45 -253.51 -57.62
C ASN R 1024 41.17 -254.17 -58.97
N LYS R 1025 40.67 -253.37 -59.91
CA LYS R 1025 40.35 -253.83 -61.26
C LYS R 1025 41.09 -253.02 -62.32
N ARG R 1026 42.28 -252.50 -61.97
CA ARG R 1026 43.05 -251.67 -62.89
C ARG R 1026 44.49 -252.15 -63.04
N ALA R 1027 44.87 -253.24 -62.38
CA ALA R 1027 46.21 -253.79 -62.55
C ALA R 1027 46.36 -254.38 -63.95
N ASN R 1028 47.25 -253.80 -64.74
CA ASN R 1028 47.39 -254.15 -66.14
C ASN R 1028 48.86 -254.37 -66.50
N GLU R 1029 49.08 -254.72 -67.77
CA GLU R 1029 50.43 -254.94 -68.27
C GLU R 1029 51.28 -253.68 -68.16
N ASN R 1030 50.65 -252.51 -68.23
CA ASN R 1030 51.40 -251.27 -68.03
C ASN R 1030 51.97 -251.20 -66.62
N ASP R 1031 51.15 -251.50 -65.61
CA ASP R 1031 51.63 -251.52 -64.23
C ASP R 1031 52.69 -252.60 -64.04
N PHE R 1032 52.51 -253.76 -64.69
CA PHE R 1032 53.48 -254.83 -64.56
C PHE R 1032 54.83 -254.43 -65.15
N MET R 1033 54.82 -253.78 -66.31
CA MET R 1033 56.08 -253.33 -66.91
C MET R 1033 56.69 -252.18 -66.12
N LYS R 1034 55.87 -251.35 -65.48
CA LYS R 1034 56.41 -250.32 -64.61
C LYS R 1034 57.11 -250.93 -63.40
N ALA R 1035 56.52 -251.99 -62.83
CA ALA R 1035 57.17 -252.70 -61.73
C ALA R 1035 58.46 -253.37 -62.20
N LEU R 1036 58.45 -253.93 -63.41
CA LEU R 1036 59.65 -254.54 -63.95
C LEU R 1036 60.75 -253.50 -64.16
N ASP R 1037 60.38 -252.30 -64.58
CA ASP R 1037 61.37 -251.23 -64.75
C ASP R 1037 61.88 -250.75 -63.40
N LEU R 1038 61.01 -250.68 -62.39
CA LEU R 1038 61.46 -250.34 -61.04
C LEU R 1038 62.41 -251.40 -60.50
N LEU R 1039 62.23 -252.66 -60.90
CA LEU R 1039 63.18 -253.71 -60.53
C LEU R 1039 64.57 -253.41 -61.08
N GLU R 1040 64.66 -252.72 -62.21
CA GLU R 1040 65.95 -252.35 -62.76
C GLU R 1040 66.58 -251.19 -61.99
N TYR R 1041 65.77 -250.21 -61.58
CA TYR R 1041 66.29 -249.12 -60.76
C TYR R 1041 66.70 -249.62 -59.37
N ILE R 1042 66.08 -250.71 -58.91
CA ILE R 1042 66.51 -251.33 -57.65
C ILE R 1042 67.97 -251.77 -57.77
N GLY R 1043 68.75 -251.44 -56.75
CA GLY R 1043 70.17 -251.78 -56.78
C GLY R 1043 70.41 -253.26 -56.86
N ASP R 1044 71.49 -253.63 -57.56
CA ASP R 1044 71.86 -255.02 -57.78
C ASP R 1044 72.69 -255.61 -56.64
N ASP R 1045 72.73 -254.95 -55.48
CA ASP R 1045 73.47 -255.45 -54.34
C ASP R 1045 72.69 -256.48 -53.53
N SER R 1046 71.58 -256.98 -54.06
CA SER R 1046 70.77 -258.01 -53.39
C SER R 1046 70.29 -257.55 -52.02
N GLU R 1047 69.93 -256.26 -51.92
CA GLU R 1047 69.41 -255.73 -50.67
C GLU R 1047 67.93 -256.06 -50.47
N VAL R 1048 67.20 -256.32 -51.55
CA VAL R 1048 65.82 -256.79 -51.51
C VAL R 1048 65.72 -258.03 -52.38
N ASP R 1049 64.95 -259.02 -51.93
CA ASP R 1049 64.82 -260.27 -52.66
C ASP R 1049 64.20 -260.04 -54.03
N VAL R 1050 65.02 -259.63 -55.00
CA VAL R 1050 64.54 -259.36 -56.34
C VAL R 1050 64.02 -260.63 -56.99
N GLU R 1051 64.56 -261.79 -56.61
CA GLU R 1051 64.06 -263.05 -57.14
C GLU R 1051 62.59 -263.25 -56.76
N GLU R 1052 62.28 -263.14 -55.47
CA GLU R 1052 60.89 -263.27 -55.03
C GLU R 1052 60.03 -262.15 -55.57
N LEU R 1053 60.58 -260.95 -55.73
CA LEU R 1053 59.82 -259.84 -56.31
C LEU R 1053 59.38 -260.17 -57.73
N LYS R 1054 60.32 -260.59 -58.58
CA LYS R 1054 59.98 -260.98 -59.94
C LYS R 1054 59.04 -262.17 -59.96
N LEU R 1055 59.24 -263.12 -59.05
CA LEU R 1055 58.36 -264.29 -58.98
C LEU R 1055 56.92 -263.88 -58.72
N GLU R 1056 56.70 -263.07 -57.67
CA GLU R 1056 55.34 -262.66 -57.35
C GLU R 1056 54.76 -261.74 -58.42
N ILE R 1057 55.58 -260.91 -59.06
CA ILE R 1057 55.08 -260.03 -60.11
C ILE R 1057 54.59 -260.86 -61.30
N LEU R 1058 55.39 -261.82 -61.75
CA LEU R 1058 54.98 -262.66 -62.87
C LEU R 1058 53.81 -263.56 -62.49
N CYS R 1059 53.73 -263.99 -61.22
CA CYS R 1059 52.59 -264.78 -60.79
C CYS R 1059 51.31 -263.97 -60.82
N LYS R 1060 51.36 -262.71 -60.34
CA LYS R 1060 50.19 -261.85 -60.41
C LYS R 1060 49.82 -261.51 -61.85
N ALA R 1061 50.83 -261.42 -62.73
CA ALA R 1061 50.54 -261.17 -64.14
C ALA R 1061 49.87 -262.37 -64.78
N ILE R 1062 50.30 -263.58 -64.42
CA ILE R 1062 49.68 -264.78 -64.96
C ILE R 1062 48.26 -264.94 -64.43
N LYS R 1063 48.05 -264.61 -63.15
CA LYS R 1063 46.72 -264.76 -62.54
C LYS R 1063 45.68 -263.85 -63.17
N ARG R 1064 46.11 -262.80 -63.87
CA ARG R 1064 45.16 -261.90 -64.51
C ARG R 1064 44.48 -262.56 -65.71
N ASP R 1065 45.27 -263.15 -66.61
CA ASP R 1065 44.77 -263.81 -67.80
C ASP R 1065 45.26 -265.24 -67.82
N GLU R 1066 44.34 -266.19 -67.71
CA GLU R 1066 44.68 -267.61 -67.71
C GLU R 1066 43.65 -268.37 -68.52
N TRP R 1067 44.01 -269.59 -68.91
CA TRP R 1067 43.12 -270.45 -69.68
C TRP R 1067 43.49 -271.90 -69.42
N SER R 1068 42.48 -272.76 -69.44
CA SER R 1068 42.67 -274.19 -69.21
C SER R 1068 41.76 -274.98 -70.14
N ALA R 1069 42.31 -276.01 -70.78
CA ALA R 1069 41.55 -276.85 -71.69
C ALA R 1069 42.09 -278.26 -71.70
N THR R 1070 41.99 -278.93 -72.86
CA THR R 1070 42.48 -280.30 -73.00
C THR R 1070 43.46 -280.49 -74.15
N ASP R 1071 43.56 -279.54 -75.08
CA ASP R 1071 44.48 -279.64 -76.20
C ASP R 1071 45.05 -278.27 -76.51
N GLY R 1072 46.05 -278.24 -77.41
CA GLY R 1072 46.68 -277.01 -77.80
C GLY R 1072 45.99 -276.36 -78.98
N LYS R 1073 46.38 -275.11 -79.25
CA LYS R 1073 45.84 -274.31 -80.34
C LYS R 1073 46.98 -273.77 -81.18
N ASP R 1074 47.04 -274.20 -82.43
CA ASP R 1074 48.07 -273.77 -83.40
C ASP R 1074 49.44 -274.16 -82.83
N ASP R 1075 50.45 -273.32 -82.96
CA ASP R 1075 51.77 -273.65 -82.44
C ASP R 1075 51.77 -273.51 -80.91
N PRO R 1076 52.61 -274.30 -80.22
CA PRO R 1076 52.66 -274.19 -78.75
C PRO R 1076 53.24 -272.87 -78.27
N ILE R 1077 54.00 -272.15 -79.10
CA ILE R 1077 54.54 -270.87 -78.70
C ILE R 1077 53.47 -269.78 -78.76
N GLU R 1078 52.63 -269.82 -79.79
CA GLU R 1078 51.57 -268.83 -79.96
C GLU R 1078 50.24 -269.28 -79.38
N ALA R 1079 50.18 -270.45 -78.74
CA ALA R 1079 48.93 -270.91 -78.16
C ALA R 1079 48.49 -270.03 -76.99
N THR R 1080 49.43 -269.49 -76.23
CA THR R 1080 49.13 -268.63 -75.09
C THR R 1080 49.15 -267.15 -75.45
N LYS R 1081 49.00 -266.81 -76.72
CA LYS R 1081 49.06 -265.43 -77.16
C LYS R 1081 47.89 -264.64 -76.60
N ASP R 1082 47.97 -263.31 -76.75
CA ASP R 1082 46.96 -262.38 -76.25
C ASP R 1082 46.77 -262.54 -74.74
N SER R 1083 47.89 -262.66 -74.02
CA SER R 1083 47.89 -262.84 -72.57
C SER R 1083 48.76 -261.78 -71.93
N ILE R 1084 48.46 -261.48 -70.67
CA ILE R 1084 49.21 -260.46 -69.93
C ILE R 1084 50.66 -260.91 -69.74
N PHE R 1085 50.87 -262.18 -69.40
CA PHE R 1085 52.22 -262.68 -69.22
C PHE R 1085 53.00 -262.68 -70.52
N VAL R 1086 52.35 -263.02 -71.63
CA VAL R 1086 53.02 -263.01 -72.93
C VAL R 1086 53.38 -261.58 -73.32
N LYS R 1087 52.48 -260.62 -73.07
CA LYS R 1087 52.79 -259.23 -73.36
C LYS R 1087 53.94 -258.73 -72.48
N VAL R 1088 53.97 -259.15 -71.22
CA VAL R 1088 55.06 -258.76 -70.33
C VAL R 1088 56.39 -259.32 -70.83
N LEU R 1089 56.39 -260.59 -71.25
CA LEU R 1089 57.61 -261.19 -71.77
C LEU R 1089 58.06 -260.52 -73.06
N GLN R 1090 57.11 -260.15 -73.92
CA GLN R 1090 57.46 -259.46 -75.16
C GLN R 1090 58.05 -258.09 -74.88
N ASN R 1091 57.48 -257.35 -73.92
CA ASN R 1091 58.02 -256.05 -73.56
C ASN R 1091 59.41 -256.19 -72.95
N LEU R 1092 59.62 -257.22 -72.13
CA LEU R 1092 60.95 -257.44 -71.54
C LEU R 1092 61.97 -257.80 -72.61
N LEU R 1093 61.57 -258.60 -73.60
CA LEU R 1093 62.47 -258.95 -74.69
C LEU R 1093 62.80 -257.72 -75.54
N ASN R 1094 61.80 -256.86 -75.79
CA ASN R 1094 62.05 -255.64 -76.54
C ASN R 1094 62.95 -254.68 -75.78
N LYS R 1095 62.82 -254.65 -74.44
CA LYS R 1095 63.71 -253.81 -73.65
C LYS R 1095 65.13 -254.33 -73.66
N GLY R 1096 65.32 -255.63 -73.43
CA GLY R 1096 66.63 -256.23 -73.48
C GLY R 1096 67.17 -256.63 -72.13
N ILE R 1097 66.38 -257.36 -71.36
CA ILE R 1097 66.79 -257.84 -70.04
C ILE R 1097 67.12 -259.32 -70.14
N GLU R 1098 68.19 -259.73 -69.48
CA GLU R 1098 68.63 -261.12 -69.51
C GLU R 1098 67.60 -262.01 -68.83
N LEU R 1099 66.99 -262.91 -69.59
CA LEU R 1099 66.00 -263.83 -69.02
C LEU R 1099 66.64 -264.92 -68.19
N LYS R 1100 67.95 -265.15 -68.34
CA LYS R 1100 68.65 -266.16 -67.57
C LYS R 1100 69.67 -265.59 -66.60
N GLY R 1101 70.01 -264.31 -66.71
CA GLY R 1101 70.97 -263.70 -65.81
C GLY R 1101 70.34 -262.79 -64.78
N TYR R 1102 69.17 -262.24 -65.13
CA TYR R 1102 68.43 -261.35 -64.24
C TYR R 1102 67.02 -261.83 -63.94
N LEU R 1103 66.32 -262.38 -64.94
CA LEU R 1103 64.97 -262.86 -64.73
C LEU R 1103 64.98 -264.29 -64.22
N PRO R 1104 64.00 -264.68 -63.40
CA PRO R 1104 63.97 -266.06 -62.87
C PRO R 1104 63.63 -267.08 -63.93
N LYS R 1105 63.64 -268.36 -63.55
CA LYS R 1105 63.35 -269.45 -64.48
C LYS R 1105 61.86 -269.76 -64.51
N ALA R 1106 61.38 -270.16 -65.69
CA ALA R 1106 59.97 -270.51 -65.84
C ALA R 1106 59.57 -271.67 -64.95
N GLU R 1107 60.49 -272.62 -64.72
CA GLU R 1107 60.19 -273.73 -63.82
C GLU R 1107 59.92 -273.23 -62.41
N THR R 1108 60.76 -272.33 -61.91
CA THR R 1108 60.54 -271.76 -60.57
C THR R 1108 59.27 -270.91 -60.55
N LEU R 1109 58.99 -270.18 -61.63
CA LEU R 1109 57.78 -269.37 -61.68
C LEU R 1109 56.54 -270.24 -61.62
N LEU R 1110 56.58 -271.41 -62.26
CA LEU R 1110 55.43 -272.32 -62.21
C LEU R 1110 55.34 -273.04 -60.88
N GLN R 1111 56.49 -273.34 -60.26
CA GLN R 1111 56.48 -274.01 -58.97
C GLN R 1111 56.08 -273.08 -57.83
N SER R 1112 56.25 -271.77 -57.99
CA SER R 1112 55.85 -270.82 -56.97
C SER R 1112 54.33 -270.80 -56.82
N GLU R 1113 53.86 -270.06 -55.81
CA GLU R 1113 52.44 -269.96 -55.50
C GLU R 1113 51.92 -268.57 -55.90
N GLU R 1114 50.82 -268.16 -55.28
CA GLU R 1114 50.19 -266.86 -55.53
C GLU R 1114 49.76 -266.71 -56.99
N LEU R 1115 49.35 -267.81 -57.62
CA LEU R 1115 48.89 -267.77 -59.00
C LEU R 1115 48.03 -268.99 -59.31
N ASN R 1116 47.98 -269.94 -58.38
CA ASN R 1116 47.21 -271.18 -58.57
C ASN R 1116 45.72 -270.84 -58.55
N SER R 1117 45.11 -270.80 -59.73
CA SER R 1117 43.68 -270.51 -59.84
C SER R 1117 43.01 -271.51 -60.78
N LEU R 1118 43.53 -271.63 -62.00
CA LEU R 1118 42.99 -272.57 -62.98
C LEU R 1118 44.06 -273.53 -63.48
N LYS R 1119 45.11 -273.75 -62.70
CA LYS R 1119 46.19 -274.66 -63.08
C LYS R 1119 45.70 -276.10 -62.91
N THR R 1120 45.17 -276.66 -64.00
CA THR R 1120 44.67 -278.03 -63.98
C THR R 1120 45.10 -278.86 -65.18
N ASN R 1121 45.81 -278.28 -66.15
CA ASN R 1121 46.27 -278.99 -67.33
C ASN R 1121 47.76 -278.74 -67.54
N SER R 1122 48.46 -279.79 -67.96
CA SER R 1122 49.90 -279.69 -68.20
C SER R 1122 50.23 -278.94 -69.49
N TYR R 1123 49.29 -278.90 -70.44
CA TYR R 1123 49.55 -278.21 -71.70
C TYR R 1123 49.76 -276.72 -71.50
N PHE R 1124 49.11 -276.14 -70.49
CA PHE R 1124 49.31 -274.71 -70.20
C PHE R 1124 50.75 -274.41 -69.85
N GLU R 1125 51.30 -275.13 -68.87
CA GLU R 1125 52.68 -274.90 -68.48
C GLU R 1125 53.65 -275.36 -69.57
N PHE R 1126 53.26 -276.35 -70.38
CA PHE R 1126 54.10 -276.76 -71.50
C PHE R 1126 54.24 -275.62 -72.51
N SER R 1127 53.11 -275.01 -72.88
CA SER R 1127 53.16 -273.88 -73.81
C SER R 1127 53.87 -272.69 -73.19
N LEU R 1128 53.72 -272.49 -71.88
CA LEU R 1128 54.42 -271.39 -71.21
C LEU R 1128 55.94 -271.60 -71.28
N LYS R 1129 56.40 -272.82 -71.00
CA LYS R 1129 57.83 -273.11 -71.08
C LYS R 1129 58.33 -273.01 -72.52
N ALA R 1130 57.52 -273.43 -73.48
CA ALA R 1130 57.92 -273.31 -74.88
C ALA R 1130 58.07 -271.85 -75.29
N ASN R 1131 57.12 -271.00 -74.88
CA ASN R 1131 57.23 -269.57 -75.19
C ASN R 1131 58.42 -268.94 -74.48
N TYR R 1132 58.69 -269.36 -73.24
CA TYR R 1132 59.86 -268.84 -72.53
C TYR R 1132 61.15 -269.23 -73.22
N GLU R 1133 61.25 -270.48 -73.67
CA GLU R 1133 62.45 -270.93 -74.38
C GLU R 1133 62.60 -270.21 -75.72
N CYS R 1134 61.49 -269.98 -76.42
CA CYS R 1134 61.55 -269.24 -77.68
C CYS R 1134 62.02 -267.80 -77.46
N TYR R 1135 61.51 -267.15 -76.42
CA TYR R 1135 61.94 -265.79 -76.11
C TYR R 1135 63.41 -265.76 -75.70
N MET R 1136 63.85 -266.76 -74.94
CA MET R 1136 65.26 -266.82 -74.55
C MET R 1136 66.16 -267.00 -75.78
N LYS R 1137 65.74 -267.86 -76.72
CA LYS R 1137 66.52 -268.06 -77.93
C LYS R 1137 66.52 -266.81 -78.81
N MET R 1138 65.40 -266.07 -78.83
CA MET R 1138 65.36 -264.84 -79.61
C MET R 1138 66.22 -263.75 -78.98
N GLN R 1139 66.29 -263.72 -77.65
CA GLN R 1139 67.11 -262.72 -76.98
C GLN R 1139 68.58 -263.05 -77.08
N SER R 1140 68.99 -264.18 -76.49
CA SER R 1140 70.39 -264.58 -76.52
C SER R 1140 70.58 -265.87 -77.31
N MET S 1 77.12 72.13 -29.70
CA MET S 1 77.51 71.06 -28.79
C MET S 1 76.69 71.13 -27.50
N ALA S 2 76.47 69.97 -26.89
CA ALA S 2 75.71 69.88 -25.64
C ALA S 2 76.60 69.99 -24.41
N ALA S 3 77.90 70.19 -24.57
CA ALA S 3 78.81 70.31 -23.45
C ALA S 3 78.93 71.73 -22.91
N GLN S 4 78.52 72.73 -23.69
CA GLN S 4 78.59 74.13 -23.29
C GLN S 4 77.27 74.65 -22.76
N LEU S 5 76.35 73.76 -22.39
CA LEU S 5 75.04 74.16 -21.87
C LEU S 5 74.80 73.42 -20.57
N ALA S 6 73.54 73.41 -20.12
CA ALA S 6 73.12 72.74 -18.89
C ALA S 6 73.93 73.24 -17.70
N LEU S 7 73.63 74.45 -17.24
CA LEU S 7 74.35 75.06 -16.12
C LEU S 7 73.33 75.50 -15.06
N ASN S 8 73.48 74.97 -13.86
CA ASN S 8 72.62 75.31 -12.71
C ASN S 8 71.18 74.95 -13.07
N SER S 9 70.20 75.73 -12.64
CA SER S 9 68.80 75.47 -12.93
C SER S 9 68.23 76.35 -14.04
N GLU S 10 68.79 77.54 -14.25
CA GLU S 10 68.30 78.44 -15.30
C GLU S 10 69.46 79.36 -15.68
N ALA S 11 70.08 79.07 -16.83
CA ALA S 11 71.19 79.88 -17.31
C ALA S 11 71.22 79.92 -18.83
N SER S 12 70.47 79.03 -19.46
CA SER S 12 70.39 78.99 -20.92
C SER S 12 68.91 78.96 -21.32
N LEU S 13 68.66 78.58 -22.58
CA LEU S 13 67.30 78.52 -23.11
C LEU S 13 66.92 77.14 -23.61
N TRP S 14 67.73 76.11 -23.33
CA TRP S 14 67.42 74.76 -23.78
C TRP S 14 67.99 73.72 -22.83
N GLY S 15 69.25 73.87 -22.44
CA GLY S 15 69.93 72.91 -21.61
C GLY S 15 69.26 72.68 -20.27
N PRO S 16 69.30 73.68 -19.39
CA PRO S 16 68.66 73.52 -18.08
C PRO S 16 67.16 73.31 -18.16
N TYR S 17 66.50 73.89 -19.16
CA TYR S 17 65.05 73.68 -19.31
C TYR S 17 64.74 72.21 -19.58
N ARG S 18 65.44 71.61 -20.56
CA ARG S 18 65.24 70.19 -20.84
C ARG S 18 65.69 69.32 -19.69
N GLU S 19 66.72 69.73 -18.95
CA GLU S 19 67.16 68.97 -17.79
C GLU S 19 66.06 68.93 -16.73
N ILE S 20 65.47 70.09 -16.42
CA ILE S 20 64.38 70.15 -15.45
C ILE S 20 63.18 69.36 -15.96
N TRP S 21 62.90 69.43 -17.26
CA TRP S 21 61.79 68.69 -17.83
C TRP S 21 61.99 67.18 -17.64
N GLN S 22 63.17 66.67 -17.99
CA GLN S 22 63.44 65.25 -17.82
C GLN S 22 63.42 64.85 -16.35
N THR S 23 63.91 65.73 -15.47
CA THR S 23 63.92 65.42 -14.05
C THR S 23 62.51 65.29 -13.50
N VAL S 24 61.64 66.27 -13.79
CA VAL S 24 60.28 66.20 -13.29
C VAL S 24 59.51 65.07 -13.95
N LEU S 25 59.84 64.73 -15.21
CA LEU S 25 59.19 63.59 -15.85
C LEU S 25 59.55 62.29 -15.15
N SER S 26 60.84 62.07 -14.90
CA SER S 26 61.27 60.87 -14.20
C SER S 26 60.80 60.84 -12.75
N ALA S 27 60.53 62.00 -12.15
CA ALA S 27 60.08 62.04 -10.77
C ALA S 27 58.59 61.84 -10.63
N LEU S 28 57.80 62.26 -11.62
CA LEU S 28 56.34 62.18 -11.55
C LEU S 28 55.77 60.97 -12.30
N ILE S 29 56.15 60.79 -13.57
CA ILE S 29 55.58 59.71 -14.36
C ILE S 29 56.10 58.36 -13.88
N LYS S 30 57.42 58.25 -13.68
CA LYS S 30 58.02 57.00 -13.25
C LYS S 30 58.09 56.86 -11.74
N ARG S 31 58.02 57.97 -11.00
CA ARG S 31 58.09 57.97 -9.54
C ARG S 31 59.36 57.29 -9.04
N GLN S 32 60.50 57.87 -9.45
CA GLN S 32 61.80 57.33 -9.10
C GLN S 32 62.65 58.45 -8.50
N PRO S 33 63.34 58.21 -7.38
CA PRO S 33 64.21 59.24 -6.80
C PRO S 33 65.54 59.40 -7.51
N GLU S 34 65.78 58.66 -8.60
CA GLU S 34 67.04 58.79 -9.32
C GLU S 34 67.18 60.18 -9.95
N ALA S 35 66.07 60.77 -10.41
CA ALA S 35 66.13 62.11 -10.96
C ALA S 35 66.53 63.13 -9.90
N VAL S 36 65.96 63.02 -8.70
CA VAL S 36 66.32 63.94 -7.61
C VAL S 36 67.76 63.71 -7.19
N HIS S 37 68.22 62.46 -7.19
CA HIS S 37 69.61 62.18 -6.85
C HIS S 37 70.56 62.79 -7.88
N SER S 38 70.23 62.67 -9.16
CA SER S 38 71.06 63.27 -10.20
C SER S 38 71.05 64.79 -10.10
N LEU S 39 69.90 65.38 -9.76
CA LEU S 39 69.83 66.82 -9.58
C LEU S 39 70.69 67.28 -8.40
N ASP S 40 70.67 66.52 -7.30
CA ASP S 40 71.50 66.84 -6.16
C ASP S 40 72.98 66.70 -6.49
N ILE S 41 73.34 65.68 -7.28
CA ILE S 41 74.72 65.52 -7.69
C ILE S 41 75.16 66.68 -8.58
N VAL S 42 74.30 67.11 -9.50
CA VAL S 42 74.62 68.25 -10.35
C VAL S 42 74.77 69.51 -9.53
N LEU S 43 73.93 69.69 -8.51
CA LEU S 43 74.04 70.85 -7.63
C LEU S 43 75.35 70.83 -6.85
N LYS S 44 75.72 69.66 -6.31
CA LYS S 44 76.98 69.56 -5.58
C LYS S 44 78.18 69.77 -6.50
N LYS S 45 78.06 69.40 -7.77
CA LYS S 45 79.15 69.63 -8.71
C LYS S 45 79.27 71.11 -9.07
N TYR S 46 78.13 71.77 -9.29
CA TYR S 46 78.10 73.19 -9.65
C TYR S 46 77.90 74.09 -8.43
N LYS S 47 78.28 73.62 -7.24
CA LYS S 47 78.19 74.45 -6.04
C LYS S 47 78.84 75.82 -6.18
N PRO S 48 80.03 75.99 -6.77
CA PRO S 48 80.53 77.36 -6.99
C PRO S 48 79.63 78.18 -7.90
N ASP S 49 79.11 77.57 -8.97
CA ASP S 49 78.14 78.26 -9.80
C ASP S 49 76.86 78.54 -9.03
N PHE S 50 76.42 77.59 -8.19
CA PHE S 50 75.26 77.83 -7.35
C PHE S 50 75.56 78.88 -6.27
N ILE S 51 76.82 79.00 -5.86
CA ILE S 51 77.19 80.07 -4.95
C ILE S 51 77.10 81.42 -5.65
N SER S 52 77.58 81.50 -6.89
CA SER S 52 77.42 82.70 -7.70
C SER S 52 75.99 82.91 -8.19
N LEU S 53 75.10 81.95 -7.92
CA LEU S 53 73.67 82.05 -8.23
C LEU S 53 73.41 82.03 -9.74
N PHE S 54 72.14 81.94 -10.11
CA PHE S 54 71.74 81.86 -11.51
C PHE S 54 70.51 82.72 -11.74
N LYS S 55 70.50 83.42 -12.89
CA LYS S 55 69.38 84.26 -13.26
C LYS S 55 69.23 84.31 -14.77
N ASN S 56 68.64 85.38 -15.29
CA ASN S 56 68.53 85.54 -16.73
C ASN S 56 69.90 85.83 -17.33
N PRO S 57 70.22 85.28 -18.49
CA PRO S 57 71.53 85.52 -19.11
C PRO S 57 71.71 86.99 -19.44
N PRO S 58 72.70 87.65 -18.84
CA PRO S 58 72.90 89.08 -19.10
C PRO S 58 73.72 89.33 -20.35
N LYS S 59 74.41 90.47 -20.38
CA LYS S 59 75.25 90.86 -21.51
C LYS S 59 76.71 90.84 -21.04
N SER S 60 77.28 89.64 -20.98
CA SER S 60 78.65 89.48 -20.52
C SER S 60 79.64 89.98 -21.57
N ALA S 61 80.69 90.65 -21.10
CA ALA S 61 81.70 91.16 -22.02
C ALA S 61 82.45 90.03 -22.72
N GLN S 62 82.76 88.96 -21.99
CA GLN S 62 83.44 87.82 -22.60
C GLN S 62 82.57 87.16 -23.66
N GLN S 63 81.27 87.00 -23.37
CA GLN S 63 80.36 86.42 -24.35
C GLN S 63 80.22 87.32 -25.57
N HIS S 64 80.14 88.64 -25.36
CA HIS S 64 80.06 89.56 -26.48
C HIS S 64 81.31 89.49 -27.34
N GLU S 65 82.49 89.42 -26.72
CA GLU S 65 83.73 89.32 -27.48
C GLU S 65 83.79 88.00 -28.25
N ARG S 66 83.37 86.90 -27.62
CA ARG S 66 83.37 85.62 -28.30
C ARG S 66 82.42 85.62 -29.49
N VAL S 67 81.27 86.27 -29.35
CA VAL S 67 80.31 86.32 -30.45
C VAL S 67 80.84 87.20 -31.58
N GLN S 68 81.46 88.33 -31.23
CA GLN S 68 81.99 89.22 -32.26
C GLN S 68 83.23 88.64 -32.94
N LYS S 69 83.93 87.71 -32.28
CA LYS S 69 85.09 87.06 -32.87
C LYS S 69 84.78 85.65 -33.37
N ALA S 70 83.50 85.24 -33.34
CA ALA S 70 83.13 83.92 -33.82
C ALA S 70 83.33 83.76 -35.32
N SER S 71 83.64 84.83 -36.05
CA SER S 71 83.92 84.70 -37.48
C SER S 71 85.18 83.88 -37.73
N THR S 72 86.11 83.86 -36.76
CA THR S 72 87.32 83.06 -36.87
C THR S 72 87.23 81.75 -36.11
N GLU S 73 86.57 81.74 -34.95
CA GLU S 73 86.40 80.51 -34.17
C GLU S 73 85.10 79.81 -34.55
N GLY S 74 83.98 80.26 -33.98
CA GLY S 74 82.70 79.68 -34.29
C GLY S 74 81.98 79.12 -33.08
N ILE S 75 80.68 78.88 -33.22
CA ILE S 75 79.86 78.33 -32.15
C ILE S 75 79.26 77.02 -32.66
N PRO S 76 79.43 75.90 -31.95
CA PRO S 76 78.89 74.63 -32.41
C PRO S 76 77.38 74.55 -32.19
N ILE S 77 76.80 73.44 -32.62
CA ILE S 77 75.37 73.19 -32.51
C ILE S 77 75.15 71.68 -32.43
N LYS S 78 73.94 71.28 -32.06
CA LYS S 78 73.60 69.87 -31.96
C LYS S 78 73.68 69.21 -33.34
N GLY S 79 74.42 68.11 -33.41
CA GLY S 79 74.63 67.37 -34.65
C GLY S 79 76.08 67.34 -35.10
N THR S 80 76.82 68.44 -34.87
CA THR S 80 78.22 68.54 -35.24
C THR S 80 79.02 68.89 -33.99
N GLN S 81 80.03 68.08 -33.69
CA GLN S 81 80.87 68.27 -32.50
C GLN S 81 82.05 69.19 -32.78
N ARG S 82 81.82 70.28 -33.53
CA ARG S 82 82.89 71.22 -33.85
C ARG S 82 82.27 72.57 -34.15
N THR S 83 83.06 73.62 -33.98
CA THR S 83 82.59 74.97 -34.23
C THR S 83 82.43 75.21 -35.74
N ARG S 84 81.47 76.07 -36.07
CA ARG S 84 81.17 76.41 -37.45
C ARG S 84 81.10 77.93 -37.60
N ILE S 85 81.57 78.42 -38.74
CA ILE S 85 81.57 79.86 -38.99
C ILE S 85 80.15 80.31 -39.31
N LEU S 86 79.68 81.34 -38.58
CA LEU S 86 78.34 81.86 -38.79
C LEU S 86 78.35 82.90 -39.90
N GLU S 87 77.16 83.41 -40.23
CA GLU S 87 76.99 84.42 -41.26
C GLU S 87 76.69 85.77 -40.63
N GLU S 88 76.87 86.83 -41.42
CA GLU S 88 76.64 88.18 -40.92
C GLU S 88 75.16 88.41 -40.60
N GLN S 89 74.26 87.88 -41.44
CA GLN S 89 72.83 88.02 -41.17
C GLN S 89 72.44 87.31 -39.89
N LEU S 90 72.93 86.08 -39.69
CA LEU S 90 72.64 85.35 -38.47
C LEU S 90 73.20 86.06 -37.25
N ILE S 91 74.42 86.62 -37.37
CA ILE S 91 75.03 87.34 -36.26
C ILE S 91 74.20 88.57 -35.90
N LYS S 92 73.77 89.33 -36.91
CA LYS S 92 72.97 90.52 -36.64
C LYS S 92 71.61 90.16 -36.04
N GLU S 93 71.00 89.08 -36.53
CA GLU S 93 69.71 88.66 -35.99
C GLU S 93 69.84 88.22 -34.53
N ALA S 94 70.88 87.44 -34.23
CA ALA S 94 71.10 87.02 -32.85
C ALA S 94 71.39 88.22 -31.95
N PHE S 95 72.16 89.19 -32.45
CA PHE S 95 72.48 90.37 -31.66
C PHE S 95 71.23 91.18 -31.35
N ILE S 96 70.39 91.41 -32.35
CA ILE S 96 69.19 92.20 -32.12
C ILE S 96 68.20 91.44 -31.24
N LEU S 97 68.13 90.11 -31.38
CA LEU S 97 67.25 89.33 -30.51
C LEU S 97 67.72 89.38 -29.06
N SER S 98 69.03 89.29 -28.84
CA SER S 98 69.56 89.39 -27.49
C SER S 98 69.33 90.78 -26.91
N ASP S 99 69.52 91.82 -27.72
CA ASP S 99 69.31 93.18 -27.24
C ASP S 99 67.84 93.45 -26.95
N LEU S 100 66.93 92.78 -27.65
CA LEU S 100 65.51 92.98 -27.43
C LEU S 100 64.93 92.12 -26.31
N TYR S 101 65.50 90.96 -26.04
CA TYR S 101 64.97 90.04 -25.04
C TYR S 101 65.81 89.95 -23.78
N ASN S 102 66.91 90.70 -23.70
CA ASN S 102 67.79 90.70 -22.52
C ASN S 102 68.26 89.28 -22.18
N ILE S 103 68.60 88.51 -23.21
CA ILE S 103 69.04 87.13 -23.03
C ILE S 103 70.51 87.02 -23.37
N GLY S 104 71.00 85.78 -23.51
CA GLY S 104 72.40 85.55 -23.82
C GLY S 104 72.64 85.47 -25.32
N GLU S 105 73.79 85.98 -25.75
CA GLU S 105 74.13 85.99 -27.16
C GLU S 105 74.40 84.59 -27.68
N ILE S 106 75.09 83.76 -26.91
CA ILE S 106 75.34 82.38 -27.32
C ILE S 106 74.04 81.60 -27.37
N ALA S 107 73.15 81.83 -26.41
CA ALA S 107 71.85 81.16 -26.43
C ALA S 107 71.03 81.60 -27.63
N ALA S 108 71.08 82.89 -27.98
CA ALA S 108 70.37 83.38 -29.16
C ALA S 108 70.94 82.77 -30.43
N VAL S 109 72.27 82.64 -30.52
CA VAL S 109 72.89 82.03 -31.68
C VAL S 109 72.46 80.56 -31.80
N GLU S 110 72.45 79.84 -30.69
CA GLU S 110 72.03 78.44 -30.71
C GLU S 110 70.56 78.31 -31.11
N LEU S 111 69.71 79.20 -30.60
CA LEU S 111 68.29 79.17 -30.97
C LEU S 111 68.10 79.48 -32.45
N LEU S 112 68.88 80.43 -32.98
CA LEU S 112 68.78 80.75 -34.40
C LEU S 112 69.25 79.58 -35.26
N LEU S 113 70.30 78.88 -34.81
CA LEU S 113 70.75 77.70 -35.54
C LEU S 113 69.72 76.59 -35.50
N ILE S 114 69.08 76.39 -34.35
CA ILE S 114 68.02 75.39 -34.24
C ILE S 114 66.85 75.75 -35.16
N GLY S 115 66.52 77.03 -35.23
CA GLY S 115 65.45 77.47 -36.13
C GLY S 115 65.81 77.27 -37.58
N GLU S 116 67.06 77.56 -37.95
CA GLU S 116 67.51 77.32 -39.33
C GLU S 116 67.46 75.84 -39.67
N GLN S 117 67.78 74.98 -38.69
CA GLN S 117 67.72 73.54 -38.93
C GLN S 117 66.28 73.05 -39.04
N GLN S 118 65.37 73.64 -38.26
CA GLN S 118 63.97 73.23 -38.26
C GLN S 118 63.14 73.94 -39.32
N GLN S 119 63.74 74.86 -40.09
CA GLN S 119 63.10 75.55 -41.20
C GLN S 119 62.26 74.64 -42.10
N PRO S 120 62.69 73.41 -42.41
CA PRO S 120 61.80 72.49 -43.13
C PRO S 120 60.46 72.26 -42.45
N THR S 121 60.35 72.54 -41.14
CA THR S 121 59.09 72.39 -40.43
C THR S 121 58.43 73.72 -40.09
N PHE S 122 59.07 74.85 -40.38
CA PHE S 122 58.52 76.18 -40.10
C PHE S 122 58.74 77.13 -41.27
N HIS S 123 58.74 76.60 -42.50
CA HIS S 123 58.91 77.42 -43.68
C HIS S 123 57.78 78.45 -43.79
N GLY S 124 58.05 79.51 -44.57
CA GLY S 124 57.11 80.59 -44.77
C GLY S 124 57.37 81.81 -43.92
N LEU S 125 58.29 81.73 -42.96
CA LEU S 125 58.59 82.86 -42.10
C LEU S 125 60.05 83.28 -42.24
N THR S 126 60.71 83.58 -41.13
CA THR S 126 62.12 83.93 -41.13
C THR S 126 62.79 83.31 -39.92
N ARG S 127 64.13 83.35 -39.92
CA ARG S 127 64.89 82.72 -38.84
C ARG S 127 64.60 83.38 -37.50
N GLY S 128 64.52 84.71 -37.48
CA GLY S 128 64.18 85.41 -36.24
C GLY S 128 62.80 85.06 -35.73
N LEU S 129 61.83 84.93 -36.63
CA LEU S 129 60.49 84.55 -36.22
C LEU S 129 60.45 83.14 -35.67
N VAL S 130 61.19 82.21 -36.31
CA VAL S 130 61.23 80.84 -35.80
C VAL S 130 61.93 80.79 -34.45
N ALA S 131 62.96 81.61 -34.26
CA ALA S 131 63.64 81.67 -32.97
C ALA S 131 62.72 82.22 -31.88
N ILE S 132 61.95 83.25 -32.20
CA ILE S 132 61.00 83.80 -31.23
C ILE S 132 59.92 82.77 -30.91
N LEU S 133 59.47 82.02 -31.91
CA LEU S 133 58.47 80.98 -31.66
C LEU S 133 59.04 79.87 -30.78
N LEU S 134 60.29 79.49 -31.00
CA LEU S 134 60.91 78.47 -30.16
C LEU S 134 61.10 78.97 -28.73
N TYR S 135 61.45 80.25 -28.57
CA TYR S 135 61.57 80.83 -27.23
C TYR S 135 60.22 80.82 -26.52
N TRP S 136 59.15 81.22 -27.23
CA TRP S 136 57.82 81.19 -26.64
C TRP S 136 57.41 79.77 -26.28
N ASP S 137 57.73 78.80 -27.13
CA ASP S 137 57.39 77.41 -26.86
C ASP S 137 58.12 76.89 -25.63
N GLY S 138 59.41 77.22 -25.49
CA GLY S 138 60.14 76.82 -24.31
C GLY S 138 59.62 77.48 -23.04
N LYS S 139 59.25 78.76 -23.14
CA LYS S 139 58.66 79.45 -21.99
C LYS S 139 57.35 78.79 -21.58
N SER S 140 56.49 78.48 -22.55
CA SER S 140 55.22 77.83 -22.24
C SER S 140 55.44 76.43 -21.67
N CYS S 141 56.44 75.71 -22.18
CA CYS S 141 56.72 74.37 -21.67
C CYS S 141 57.20 74.43 -20.22
N MET S 142 58.11 75.35 -19.90
CA MET S 142 58.56 75.46 -18.52
C MET S 142 57.45 75.97 -17.60
N ALA S 143 56.56 76.82 -18.11
CA ALA S 143 55.42 77.26 -17.30
C ALA S 143 54.47 76.11 -17.02
N GLU S 144 54.21 75.27 -18.03
CA GLU S 144 53.36 74.11 -17.81
C GLU S 144 54.01 73.11 -16.86
N SER S 145 55.33 72.97 -16.94
CA SER S 145 56.03 72.08 -16.01
C SER S 145 55.93 72.59 -14.58
N LEU S 146 56.11 73.90 -14.38
CA LEU S 146 55.94 74.48 -13.05
C LEU S 146 54.51 74.33 -12.55
N LEU S 147 53.54 74.52 -13.44
CA LEU S 147 52.14 74.37 -13.05
C LEU S 147 51.84 72.94 -12.64
N HIS S 148 52.38 71.96 -13.37
CA HIS S 148 52.16 70.56 -13.01
C HIS S 148 52.84 70.21 -11.69
N LEU S 149 54.06 70.72 -11.47
CA LEU S 149 54.74 70.47 -10.21
C LEU S 149 54.00 71.11 -9.04
N ILE S 150 53.35 72.25 -9.27
CA ILE S 150 52.57 72.88 -8.20
C ILE S 150 51.29 72.11 -7.95
N GLN S 151 50.63 71.65 -9.03
CA GLN S 151 49.37 70.94 -8.88
C GLN S 151 49.57 69.59 -8.20
N ALA S 152 50.69 68.92 -8.48
CA ALA S 152 50.96 67.62 -7.88
C ALA S 152 51.12 67.74 -6.37
N ARG S 153 50.00 67.90 -5.66
CA ARG S 153 50.02 68.06 -4.21
C ARG S 153 48.70 67.52 -3.66
N LYS S 154 48.46 67.80 -2.37
CA LYS S 154 47.23 67.41 -1.70
C LYS S 154 46.60 68.65 -1.06
N GLY S 155 45.41 68.48 -0.50
CA GLY S 155 44.73 69.58 0.16
C GLY S 155 43.25 69.65 -0.15
N LYS S 156 42.73 70.86 -0.31
CA LYS S 156 41.32 71.07 -0.58
C LYS S 156 41.00 70.81 -2.05
N THR S 157 40.74 71.88 -2.80
CA THR S 157 40.42 71.75 -4.21
C THR S 157 41.66 71.37 -5.03
N PHE S 158 41.39 70.79 -6.20
CA PHE S 158 42.45 70.35 -7.12
C PHE S 158 43.42 69.40 -6.44
N THR S 159 43.01 68.15 -6.25
CA THR S 159 43.83 67.14 -5.62
C THR S 159 44.03 65.96 -6.58
N LEU S 160 45.17 65.29 -6.42
CA LEU S 160 45.50 64.13 -7.24
C LEU S 160 46.13 63.07 -6.36
N ASP S 161 45.53 61.88 -6.34
CA ASP S 161 46.03 60.76 -5.53
C ASP S 161 47.34 60.27 -6.12
N HIS S 162 48.45 60.63 -5.47
CA HIS S 162 49.78 60.22 -5.94
C HIS S 162 50.42 59.24 -4.95
N SER S 163 51.45 59.70 -4.25
CA SER S 163 52.17 58.85 -3.30
C SER S 163 52.89 59.75 -2.30
N PRO S 164 53.17 59.26 -1.10
CA PRO S 164 53.89 60.10 -0.12
C PRO S 164 55.28 60.47 -0.58
N GLU S 165 55.99 59.59 -1.29
CA GLU S 165 57.30 59.95 -1.81
C GLU S 165 57.21 61.06 -2.85
N VAL S 166 56.19 61.00 -3.71
CA VAL S 166 55.99 62.07 -4.70
C VAL S 166 55.64 63.38 -4.00
N VAL S 167 54.82 63.31 -2.95
CA VAL S 167 54.48 64.52 -2.20
C VAL S 167 55.72 65.11 -1.54
N SER S 168 56.59 64.25 -0.99
CA SER S 168 57.81 64.74 -0.36
C SER S 168 58.75 65.36 -1.39
N MET S 169 58.85 64.75 -2.58
CA MET S 169 59.69 65.33 -3.63
C MET S 169 59.15 66.68 -4.08
N VAL S 170 57.83 66.80 -4.21
CA VAL S 170 57.22 68.07 -4.61
C VAL S 170 57.46 69.13 -3.53
N THR S 171 57.37 68.74 -2.26
CA THR S 171 57.64 69.69 -1.18
C THR S 171 59.10 70.12 -1.18
N ARG S 172 60.01 69.18 -1.46
CA ARG S 172 61.43 69.54 -1.53
C ARG S 172 61.70 70.50 -2.68
N PHE S 173 61.07 70.25 -3.83
CA PHE S 173 61.23 71.17 -4.97
C PHE S 173 60.64 72.54 -4.65
N THR S 174 59.50 72.58 -3.96
CA THR S 174 58.90 73.85 -3.57
C THR S 174 59.80 74.61 -2.60
N ASP S 175 60.44 73.89 -1.67
CA ASP S 175 61.36 74.54 -0.74
C ASP S 175 62.60 75.06 -1.47
N ASP S 176 63.13 74.29 -2.41
CA ASP S 176 64.28 74.72 -3.19
C ASP S 176 63.96 75.89 -4.10
N LEU S 177 62.69 76.04 -4.49
CA LEU S 177 62.30 77.20 -5.27
C LEU S 177 62.04 78.42 -4.39
N MET S 178 61.52 78.18 -3.18
CA MET S 178 61.20 79.28 -2.28
C MET S 178 62.46 79.87 -1.63
N GLU S 179 63.50 79.05 -1.45
CA GLU S 179 64.74 79.57 -0.89
C GLU S 179 65.40 80.59 -1.80
N GLN S 180 65.02 80.63 -3.08
CA GLN S 180 65.48 81.65 -4.01
C GLN S 180 64.43 82.71 -4.29
N GLY S 181 63.18 82.31 -4.52
CA GLY S 181 62.12 83.26 -4.77
C GLY S 181 61.16 82.82 -5.86
N LEU S 182 60.13 82.07 -5.49
CA LEU S 182 59.14 81.63 -6.47
C LEU S 182 58.31 82.81 -6.95
N THR S 183 57.79 83.61 -6.01
CA THR S 183 57.02 84.79 -6.40
C THR S 183 57.89 85.81 -7.12
N ASN S 184 59.15 85.93 -6.70
CA ASN S 184 60.07 86.83 -7.40
C ASN S 184 60.32 86.35 -8.82
N LYS S 185 60.48 85.05 -9.02
CA LYS S 185 60.66 84.50 -10.37
C LYS S 185 59.42 84.72 -11.21
N ILE S 186 58.23 84.56 -10.61
CA ILE S 186 56.99 84.80 -11.35
C ILE S 186 56.88 86.25 -11.77
N LEU S 187 57.22 87.17 -10.86
CA LEU S 187 57.18 88.60 -11.20
C LEU S 187 58.19 88.93 -12.29
N THR S 188 59.38 88.32 -12.23
CA THR S 188 60.38 88.56 -13.27
C THR S 188 59.92 88.04 -14.62
N LEU S 189 59.31 86.86 -14.64
CA LEU S 189 58.80 86.31 -15.89
C LEU S 189 57.68 87.17 -16.44
N ILE S 190 56.82 87.69 -15.57
CA ILE S 190 55.73 88.56 -16.02
C ILE S 190 56.27 89.86 -16.59
N SER S 191 57.28 90.45 -15.93
CA SER S 191 57.86 91.69 -16.43
C SER S 191 58.64 91.47 -17.72
N GLN S 192 59.21 90.28 -17.91
CA GLN S 192 59.96 89.99 -19.13
C GLN S 192 59.03 89.72 -20.30
N ILE S 193 58.14 88.73 -20.16
CA ILE S 193 57.22 88.36 -21.23
C ILE S 193 55.86 88.99 -20.97
N ASP S 194 55.70 90.24 -21.37
CA ASP S 194 54.43 90.95 -21.24
C ASP S 194 53.69 90.92 -22.57
N VAL S 195 52.36 91.00 -22.50
CA VAL S 195 51.53 90.92 -23.70
C VAL S 195 51.85 92.08 -24.63
N ASN S 196 51.73 93.31 -24.13
CA ASN S 196 52.00 94.48 -24.96
C ASN S 196 53.46 94.56 -25.38
N ASN S 197 54.39 94.13 -24.50
CA ASN S 197 55.80 94.15 -24.85
C ASN S 197 56.08 93.21 -26.03
N GLU S 198 55.57 91.99 -25.96
CA GLU S 198 55.77 91.05 -27.06
C GLU S 198 55.04 91.50 -28.32
N PHE S 199 53.87 92.13 -28.17
CA PHE S 199 53.17 92.65 -29.35
C PHE S 199 53.98 93.73 -30.04
N ASP S 200 54.58 94.64 -29.26
CA ASP S 200 55.41 95.69 -29.85
C ASP S 200 56.68 95.11 -30.47
N LYS S 201 57.29 94.12 -29.80
CA LYS S 201 58.49 93.50 -30.35
C LYS S 201 58.18 92.73 -31.64
N LEU S 202 56.97 92.21 -31.78
CA LEU S 202 56.59 91.54 -33.02
C LEU S 202 56.23 92.54 -34.11
N LYS S 203 55.60 93.66 -33.74
CA LYS S 203 55.25 94.67 -34.74
C LYS S 203 56.48 95.40 -35.26
N LYS S 204 57.51 95.57 -34.42
CA LYS S 204 58.73 96.22 -34.86
C LYS S 204 59.60 95.32 -35.74
N GLU S 205 59.29 94.02 -35.80
CA GLU S 205 60.05 93.09 -36.63
C GLU S 205 59.16 92.33 -37.61
N ARG S 206 57.91 92.78 -37.80
CA ARG S 206 56.96 92.20 -38.75
C ARG S 206 56.51 90.81 -38.31
N GLY S 207 55.23 90.66 -38.04
CA GLY S 207 54.69 89.41 -37.56
C GLY S 207 54.72 88.32 -38.63
N LEU S 208 54.38 87.11 -38.19
CA LEU S 208 54.37 85.94 -39.06
C LEU S 208 52.95 85.63 -39.51
N GLY S 209 52.85 85.00 -40.67
CA GLY S 209 51.55 84.61 -41.19
C GLY S 209 50.72 85.83 -41.55
N ASN S 210 49.46 85.83 -41.12
CA ASN S 210 48.54 86.92 -41.41
C ASN S 210 47.77 87.33 -40.15
N LYS S 211 46.55 87.81 -40.34
CA LYS S 211 45.73 88.22 -39.18
C LYS S 211 45.40 87.02 -38.31
N LYS S 212 45.10 85.87 -38.93
CA LYS S 212 44.81 84.67 -38.14
C LYS S 212 46.03 84.23 -37.33
N HIS S 213 47.22 84.29 -37.94
CA HIS S 213 48.43 83.91 -37.21
C HIS S 213 48.73 84.89 -36.08
N ARG S 214 48.49 86.18 -36.32
CA ARG S 214 48.69 87.16 -35.26
C ARG S 214 47.73 86.94 -34.10
N LYS S 215 46.47 86.64 -34.41
CA LYS S 215 45.49 86.35 -33.38
C LYS S 215 45.86 85.07 -32.62
N GLU S 216 46.39 84.07 -33.33
CA GLU S 216 46.81 82.85 -32.66
C GLU S 216 48.00 83.10 -31.74
N VAL S 217 48.94 83.96 -32.16
CA VAL S 217 50.07 84.30 -31.31
C VAL S 217 49.59 85.06 -30.08
N SER S 218 48.65 85.99 -30.25
CA SER S 218 48.10 86.71 -29.11
C SER S 218 47.38 85.77 -28.15
N ASP S 219 46.64 84.81 -28.70
CA ASP S 219 45.94 83.83 -27.84
C ASP S 219 46.94 82.94 -27.11
N LEU S 220 48.05 82.59 -27.77
CA LEU S 220 49.08 81.80 -27.10
C LEU S 220 49.73 82.57 -25.97
N ILE S 221 49.99 83.87 -26.18
CA ILE S 221 50.56 84.70 -25.12
C ILE S 221 49.57 84.82 -23.96
N LYS S 222 48.29 84.99 -24.28
CA LYS S 222 47.27 85.07 -23.24
C LYS S 222 47.17 83.77 -22.45
N GLU S 223 47.28 82.63 -23.15
CA GLU S 223 47.24 81.34 -22.47
C GLU S 223 48.47 81.14 -21.60
N CYS S 224 49.63 81.62 -22.05
CA CYS S 224 50.83 81.54 -21.22
C CYS S 224 50.69 82.38 -19.97
N GLN S 225 50.14 83.59 -20.10
CA GLN S 225 49.90 84.42 -18.91
C GLN S 225 48.88 83.77 -17.99
N GLN S 226 47.83 83.14 -18.56
CA GLN S 226 46.83 82.47 -17.75
C GLN S 226 47.42 81.29 -17.01
N SER S 227 48.35 80.56 -17.64
CA SER S 227 49.01 79.46 -16.96
C SER S 227 49.94 79.96 -15.87
N LEU S 228 50.64 81.07 -16.11
CA LEU S 228 51.49 81.66 -15.09
C LEU S 228 50.66 82.10 -13.88
N ALA S 229 49.45 82.59 -14.13
CA ALA S 229 48.57 82.97 -13.01
C ALA S 229 47.99 81.74 -12.32
N HIS S 230 47.62 80.72 -13.10
CA HIS S 230 47.08 79.49 -12.52
C HIS S 230 48.11 78.73 -11.70
N SER S 231 49.41 78.92 -11.98
CA SER S 231 50.43 78.35 -11.11
C SER S 231 50.28 78.86 -9.67
N LEU S 232 50.25 80.18 -9.50
CA LEU S 232 50.04 80.75 -8.18
C LEU S 232 48.65 80.42 -7.64
N TYR S 233 47.65 80.33 -8.52
CA TYR S 233 46.31 79.96 -8.08
C TYR S 233 46.30 78.58 -7.44
N SER S 234 46.89 77.59 -8.11
CA SER S 234 46.98 76.24 -7.54
C SER S 234 47.88 76.20 -6.32
N TRP S 235 48.94 77.01 -6.30
CA TRP S 235 49.79 77.07 -5.11
C TRP S 235 49.01 77.56 -3.90
N SER S 236 48.16 78.57 -4.08
CA SER S 236 47.31 79.03 -2.99
C SER S 236 46.21 78.00 -2.68
N CYS S 237 45.77 77.25 -3.67
CA CYS S 237 44.77 76.21 -3.45
C CYS S 237 45.31 75.11 -2.55
N GLN S 238 46.55 74.68 -2.79
CA GLN S 238 47.12 73.59 -1.99
C GLN S 238 47.40 74.04 -0.57
N THR S 239 47.91 75.27 -0.39
CA THR S 239 48.24 75.79 0.92
C THR S 239 48.24 77.31 0.84
N PRO S 240 47.82 78.00 1.92
CA PRO S 240 47.85 79.47 1.90
C PRO S 240 49.26 79.99 1.71
N LEU S 241 49.37 81.10 0.99
CA LEU S 241 50.67 81.70 0.70
C LEU S 241 51.26 82.34 1.96
N ASN S 242 52.53 82.70 1.86
CA ASN S 242 53.24 83.30 2.98
C ASN S 242 52.92 84.79 3.08
N ARG S 243 53.33 85.38 4.20
CA ARG S 243 53.08 86.81 4.42
C ARG S 243 53.84 87.66 3.40
N GLU S 244 55.08 87.29 3.11
CA GLU S 244 55.84 88.03 2.11
C GLU S 244 55.20 87.92 0.73
N ASP S 245 54.76 86.72 0.37
CA ASP S 245 54.08 86.54 -0.92
C ASP S 245 52.81 87.37 -1.00
N THR S 246 52.01 87.37 0.07
CA THR S 246 50.78 88.14 0.06
C THR S 246 51.05 89.63 -0.04
N LEU S 247 52.05 90.13 0.70
CA LEU S 247 52.32 91.56 0.67
C LEU S 247 52.90 91.99 -0.67
N LEU S 248 53.74 91.16 -1.29
CA LEU S 248 54.25 91.51 -2.61
C LEU S 248 53.16 91.43 -3.68
N LEU S 249 52.23 90.47 -3.55
CA LEU S 249 51.10 90.42 -4.47
C LEU S 249 50.22 91.65 -4.33
N ILE S 250 50.00 92.10 -3.09
CA ILE S 250 49.21 93.31 -2.86
C ILE S 250 49.92 94.52 -3.45
N GLY S 251 51.23 94.61 -3.24
CA GLY S 251 51.98 95.73 -3.81
C GLY S 251 51.99 95.73 -5.33
N TYR S 252 51.98 94.55 -5.94
CA TYR S 252 51.92 94.47 -7.40
C TYR S 252 50.53 94.83 -7.92
N LEU S 253 49.48 94.38 -7.22
CA LEU S 253 48.12 94.68 -7.62
C LEU S 253 47.71 96.11 -7.29
N GLU S 254 48.51 96.83 -6.48
CA GLU S 254 48.22 98.24 -6.20
C GLU S 254 48.08 99.06 -7.47
N LYS S 255 48.82 98.71 -8.53
CA LYS S 255 48.80 99.46 -9.78
C LYS S 255 47.47 99.21 -10.49
N VAL S 256 46.45 99.97 -10.08
CA VAL S 256 45.13 99.90 -10.69
C VAL S 256 44.40 101.21 -10.43
N THR S 257 43.82 101.79 -11.48
CA THR S 257 43.10 103.06 -11.36
C THR S 257 41.75 103.08 -12.05
N VAL S 258 41.47 102.20 -13.01
CA VAL S 258 40.20 102.19 -13.70
C VAL S 258 39.37 101.03 -13.17
N GLU S 259 38.06 101.11 -13.40
CA GLU S 259 37.12 100.07 -12.98
C GLU S 259 36.92 99.00 -14.03
N GLY S 260 37.78 98.94 -15.04
CA GLY S 260 37.65 97.94 -16.09
C GLY S 260 37.20 98.52 -17.41
N ASP S 261 38.06 98.42 -18.43
CA ASP S 261 37.74 98.95 -19.76
C ASP S 261 36.84 97.95 -20.50
N GLY S 262 35.59 97.89 -20.04
CA GLY S 262 34.59 96.98 -20.58
C GLY S 262 34.59 95.60 -19.96
N SER S 263 35.76 95.12 -19.58
CA SER S 263 35.87 93.80 -18.97
C SER S 263 37.17 93.74 -18.16
N LEU S 264 37.10 93.03 -17.03
CA LEU S 264 38.26 92.89 -16.17
C LEU S 264 39.27 91.94 -16.80
N ASP S 265 40.54 92.15 -16.49
CA ASP S 265 41.61 91.33 -17.03
C ASP S 265 41.54 89.91 -16.45
N LYS S 266 41.79 88.92 -17.30
CA LYS S 266 41.75 87.54 -16.86
C LYS S 266 42.84 87.24 -15.85
N VAL S 267 44.05 87.78 -16.07
CA VAL S 267 45.13 87.58 -15.13
C VAL S 267 44.82 88.23 -13.79
N ASN S 268 44.23 89.43 -13.83
CA ASN S 268 43.86 90.10 -12.59
C ASN S 268 42.78 89.32 -11.84
N LEU S 269 41.80 88.79 -12.56
CA LEU S 269 40.76 87.99 -11.91
C LEU S 269 41.34 86.72 -11.31
N THR S 270 42.28 86.07 -12.02
CA THR S 270 42.91 84.87 -11.48
C THR S 270 43.73 85.19 -10.23
N LEU S 271 44.44 86.32 -10.23
CA LEU S 271 45.21 86.71 -9.05
C LEU S 271 44.29 87.04 -7.89
N LEU S 272 43.16 87.69 -8.15
CA LEU S 272 42.19 87.98 -7.09
C LEU S 272 41.61 86.68 -6.53
N MET S 273 41.32 85.71 -7.39
CA MET S 273 40.81 84.43 -6.93
C MET S 273 41.85 83.70 -6.09
N SER S 274 43.12 83.76 -6.50
CA SER S 274 44.19 83.14 -5.72
C SER S 274 44.33 83.80 -4.36
N LEU S 275 44.24 85.13 -4.30
CA LEU S 275 44.31 85.83 -3.03
C LEU S 275 43.12 85.48 -2.14
N LEU S 276 41.94 85.34 -2.74
CA LEU S 276 40.75 84.96 -1.97
C LEU S 276 40.90 83.56 -1.38
N TYR S 277 41.39 82.62 -2.18
CA TYR S 277 41.60 81.27 -1.65
C TYR S 277 42.71 81.23 -0.62
N CYS S 278 43.71 82.09 -0.75
CA CYS S 278 44.77 82.15 0.26
C CYS S 278 44.26 82.72 1.57
N LEU S 279 43.38 83.73 1.50
CA LEU S 279 42.82 84.32 2.70
C LEU S 279 41.78 83.40 3.34
N ASP S 280 41.10 82.59 2.54
CA ASP S 280 40.10 81.67 3.06
C ASP S 280 40.78 80.48 3.72
N VAL S 281 40.27 80.08 4.90
CA VAL S 281 40.83 78.96 5.63
C VAL S 281 39.79 77.89 5.96
N GLY S 282 38.50 78.23 6.01
CA GLY S 282 37.46 77.27 6.32
C GLY S 282 36.98 77.39 7.75
N PHE S 283 35.90 76.66 8.04
CA PHE S 283 35.33 76.68 9.38
C PHE S 283 34.59 75.40 9.74
N LEU S 284 34.79 74.32 8.98
CA LEU S 284 34.11 73.06 9.28
C LEU S 284 34.70 72.42 10.53
N GLU S 285 33.83 71.92 11.41
CA GLU S 285 34.24 71.27 12.63
C GLU S 285 34.41 69.77 12.38
N GLN S 286 34.45 68.97 13.45
CA GLN S 286 34.60 67.53 13.36
C GLN S 286 33.43 66.84 14.06
N GLY S 287 33.31 65.55 13.80
CA GLY S 287 32.24 64.76 14.40
C GLY S 287 32.75 63.59 15.22
N THR S 288 33.74 63.84 16.07
CA THR S 288 34.32 62.81 16.91
C THR S 288 34.71 63.42 18.25
N ASP S 289 35.02 62.56 19.22
CA ASP S 289 35.40 63.02 20.54
C ASP S 289 36.82 63.58 20.54
N ASP S 290 37.75 62.90 19.87
CA ASP S 290 39.15 63.32 19.82
C ASP S 290 39.32 64.38 18.72
N ARG S 291 38.83 65.58 19.04
CA ARG S 291 38.94 66.72 18.14
C ARG S 291 39.52 67.97 18.78
N GLU S 292 39.45 68.10 20.11
CA GLU S 292 40.03 69.26 20.77
C GLU S 292 41.55 69.25 20.68
N GLU S 293 42.15 68.06 20.79
CA GLU S 293 43.60 67.95 20.68
C GLU S 293 44.11 68.31 19.29
N LEU S 294 43.26 68.20 18.27
CA LEU S 294 43.64 68.59 16.91
C LEU S 294 43.28 70.04 16.61
N MET S 295 42.22 70.57 17.22
CA MET S 295 41.83 71.95 17.00
C MET S 295 42.62 72.93 17.84
N LYS S 296 43.27 72.46 18.92
CA LYS S 296 44.05 73.35 19.76
C LYS S 296 45.34 73.81 19.08
N GLN S 297 45.79 73.10 18.04
CA GLN S 297 47.00 73.46 17.32
C GLN S 297 46.64 74.20 16.04
N ALA S 298 46.02 75.36 16.23
CA ALA S 298 45.59 76.17 15.10
C ALA S 298 46.78 76.88 14.46
N SER S 299 46.54 77.43 13.27
CA SER S 299 47.55 78.14 12.51
C SER S 299 46.99 79.49 12.09
N MET S 300 47.83 80.28 11.39
CA MET S 300 47.46 81.59 10.88
C MET S 300 47.04 82.54 12.00
N PHE S 301 45.95 82.23 12.69
CA PHE S 301 45.47 83.08 13.77
C PHE S 301 46.44 83.14 14.94
N MET S 302 47.33 82.15 15.07
CA MET S 302 48.29 82.16 16.16
C MET S 302 49.34 83.25 15.98
N ASP S 303 49.59 83.66 14.73
CA ASP S 303 50.55 84.72 14.44
C ASP S 303 49.88 86.06 14.70
N ARG S 304 50.10 86.60 15.90
CA ARG S 304 49.48 87.87 16.27
C ARG S 304 50.19 89.06 15.64
N GLN S 305 51.39 88.87 15.09
CA GLN S 305 52.11 89.98 14.48
C GLN S 305 51.66 90.23 13.05
N TYR S 306 51.35 89.16 12.31
CA TYR S 306 50.91 89.32 10.92
C TYR S 306 49.57 90.04 10.84
N ILE S 307 48.61 89.63 11.68
CA ILE S 307 47.29 90.26 11.68
C ILE S 307 47.41 91.71 12.11
N ALA S 308 48.25 91.98 13.11
CA ALA S 308 48.44 93.36 13.56
C ALA S 308 49.06 94.23 12.47
N ALA S 309 50.05 93.69 11.76
CA ALA S 309 50.67 94.44 10.67
C ALA S 309 49.68 94.69 9.53
N ILE S 310 48.84 93.68 9.22
CA ILE S 310 47.84 93.87 8.17
C ILE S 310 46.83 94.94 8.58
N HIS S 311 46.40 94.91 9.84
CA HIS S 311 45.45 95.92 10.32
C HIS S 311 46.07 97.30 10.30
N ASN S 312 47.34 97.42 10.68
CA ASN S 312 48.01 98.72 10.67
C ASN S 312 48.15 99.24 9.24
N ARG S 313 48.49 98.36 8.30
CA ARG S 313 48.62 98.78 6.90
C ARG S 313 47.26 99.20 6.34
N LEU S 314 46.20 98.48 6.67
CA LEU S 314 44.88 98.83 6.18
C LEU S 314 44.37 100.13 6.82
N GLN S 315 44.77 100.40 8.06
CA GLN S 315 44.40 101.68 8.67
C GLN S 315 45.19 102.82 8.06
N ASN S 316 46.46 102.61 7.75
CA ASN S 316 47.27 103.62 7.08
C ASN S 316 46.83 103.85 5.64
N THR S 317 46.15 102.87 5.04
CA THR S 317 45.58 102.96 3.69
C THR S 317 46.66 103.15 2.64
N GLN S 318 47.02 102.07 1.95
CA GLN S 318 47.98 102.15 0.87
C GLN S 318 47.44 103.02 -0.26
N PRO S 319 48.31 103.68 -1.03
CA PRO S 319 47.85 104.54 -2.12
C PRO S 319 47.07 103.79 -3.18
N TRP S 320 45.79 103.52 -2.92
CA TRP S 320 44.93 102.84 -3.88
C TRP S 320 44.43 103.84 -4.90
N LYS S 321 44.90 103.71 -6.15
CA LYS S 321 44.45 104.60 -7.21
C LYS S 321 43.06 104.23 -7.72
N SER S 322 42.50 103.11 -7.28
CA SER S 322 41.17 102.69 -7.68
C SER S 322 40.21 102.78 -6.50
N PRO S 323 39.28 103.74 -6.48
CA PRO S 323 38.35 103.83 -5.34
C PRO S 323 37.47 102.60 -5.19
N GLY S 324 37.00 102.03 -6.31
CA GLY S 324 36.20 100.83 -6.23
C GLY S 324 36.96 99.64 -5.66
N MET S 325 38.22 99.46 -6.10
CA MET S 325 39.03 98.38 -5.56
C MET S 325 39.34 98.60 -4.09
N GLN S 326 39.60 99.85 -3.70
CA GLN S 326 39.85 100.14 -2.29
C GLN S 326 38.62 99.83 -1.44
N ALA S 327 37.44 100.23 -1.92
CA ALA S 327 36.21 99.94 -1.20
C ALA S 327 35.96 98.44 -1.12
N THR S 328 36.27 97.70 -2.19
CA THR S 328 36.10 96.26 -2.17
C THR S 328 37.04 95.60 -1.16
N VAL S 329 38.29 96.06 -1.11
CA VAL S 329 39.25 95.51 -0.14
C VAL S 329 38.79 95.80 1.28
N ARG S 330 38.34 97.04 1.53
CA ARG S 330 37.86 97.40 2.86
C ARG S 330 36.65 96.58 3.27
N LEU S 331 35.71 96.38 2.34
CA LEU S 331 34.52 95.58 2.63
C LEU S 331 34.88 94.12 2.90
N ALA S 332 35.81 93.57 2.12
CA ALA S 332 36.23 92.19 2.35
C ALA S 332 36.91 92.04 3.70
N TRP S 333 37.76 93.00 4.07
CA TRP S 333 38.42 92.92 5.37
C TRP S 333 37.42 93.06 6.50
N ALA S 334 36.44 93.95 6.35
CA ALA S 334 35.41 94.09 7.38
C ALA S 334 34.58 92.82 7.52
N LEU S 335 34.25 92.19 6.39
CA LEU S 335 33.50 90.93 6.44
C LEU S 335 34.30 89.84 7.11
N ALA S 336 35.60 89.75 6.79
CA ALA S 336 36.45 88.75 7.43
C ALA S 336 36.54 88.99 8.93
N LEU S 337 36.71 90.25 9.34
CA LEU S 337 36.78 90.55 10.77
C LEU S 337 35.49 90.22 11.47
N ARG S 338 34.35 90.56 10.87
CA ARG S 338 33.06 90.25 11.48
C ARG S 338 32.82 88.75 11.58
N GLY S 339 33.23 88.01 10.54
CA GLY S 339 33.08 86.56 10.60
C GLY S 339 33.95 85.93 11.66
N ILE S 340 35.19 86.41 11.80
CA ILE S 340 36.07 85.89 12.85
C ILE S 340 35.54 86.25 14.23
N SER S 341 34.93 87.43 14.36
CA SER S 341 34.40 87.84 15.66
C SER S 341 33.14 87.05 16.02
N GLN S 342 32.32 86.71 15.03
CA GLN S 342 31.08 86.00 15.30
C GLN S 342 31.26 84.48 15.34
N PHE S 343 32.37 83.97 14.82
CA PHE S 343 32.63 82.53 14.81
C PHE S 343 33.80 82.18 15.72
N SER S 344 34.99 82.67 15.42
CA SER S 344 36.18 82.36 16.21
C SER S 344 36.25 83.30 17.42
N GLU S 345 37.36 83.24 18.15
CA GLU S 345 37.52 84.08 19.33
C GLU S 345 38.98 84.39 19.66
N VAL S 346 39.95 83.96 18.85
CA VAL S 346 41.35 84.19 19.13
C VAL S 346 41.80 85.50 18.48
N LEU S 347 41.06 86.57 18.73
CA LEU S 347 41.37 87.87 18.16
C LEU S 347 41.61 88.86 19.29
N GLU S 348 42.00 90.08 18.93
CA GLU S 348 42.28 91.14 19.88
C GLU S 348 41.49 92.41 19.65
N PHE S 349 41.22 92.77 18.39
CA PHE S 349 40.48 93.99 18.07
C PHE S 349 39.65 93.76 16.82
N SER S 350 38.40 94.21 16.86
CA SER S 350 37.50 94.08 15.73
C SER S 350 36.32 95.04 15.85
N GLU S 351 36.59 96.34 15.73
CA GLU S 351 35.56 97.36 15.86
C GLU S 351 35.55 98.34 14.69
N ALA S 352 36.36 98.11 13.67
CA ALA S 352 36.43 98.99 12.50
C ALA S 352 35.49 98.55 11.38
N ASP S 353 34.62 97.57 11.63
CA ASP S 353 33.75 97.06 10.58
C ASP S 353 32.75 98.13 10.14
N GLU S 354 32.20 98.90 11.08
CA GLU S 354 31.25 99.94 10.70
C GLU S 354 31.89 101.05 9.88
N PRO S 355 33.03 101.65 10.29
CA PRO S 355 33.66 102.64 9.40
C PRO S 355 34.16 102.04 8.10
N MET S 356 34.59 100.77 8.09
CA MET S 356 35.00 100.15 6.84
C MET S 356 33.82 100.03 5.88
N ALA S 357 32.66 99.59 6.38
CA ALA S 357 31.47 99.52 5.54
C ALA S 357 31.01 100.90 5.10
N GLU S 358 31.16 101.91 5.95
CA GLU S 358 30.81 103.27 5.56
C GLU S 358 31.71 103.75 4.42
N ILE S 359 33.02 103.52 4.52
CA ILE S 359 33.93 103.89 3.45
C ILE S 359 33.61 103.11 2.18
N ALA S 360 33.22 101.85 2.32
CA ALA S 360 32.89 101.04 1.14
C ALA S 360 31.66 101.59 0.43
N ILE S 361 30.59 101.87 1.19
CA ILE S 361 29.38 102.38 0.57
C ILE S 361 29.56 103.82 0.10
N GLY S 362 30.54 104.54 0.61
CA GLY S 362 30.85 105.87 0.10
C GLY S 362 31.62 105.82 -1.21
N GLY S 363 32.56 104.87 -1.31
CA GLY S 363 33.34 104.69 -2.52
C GLY S 363 32.72 103.80 -3.57
N ASN S 364 31.54 103.24 -3.30
CA ASN S 364 30.81 102.42 -4.25
C ASN S 364 31.59 101.17 -4.65
N VAL S 365 31.41 100.10 -3.89
CA VAL S 365 32.08 98.84 -4.19
C VAL S 365 31.28 97.99 -5.17
N PHE S 366 29.95 98.00 -5.04
CA PHE S 366 29.11 97.17 -5.89
C PHE S 366 29.16 97.61 -7.35
N LEU S 367 29.36 98.90 -7.60
CA LEU S 367 29.53 99.37 -8.97
C LEU S 367 30.79 98.77 -9.60
N PHE S 368 31.90 98.79 -8.85
CA PHE S 368 33.13 98.18 -9.36
C PHE S 368 32.96 96.69 -9.53
N LEU S 369 32.23 96.03 -8.63
CA LEU S 369 31.99 94.60 -8.76
C LEU S 369 31.20 94.29 -10.03
N THR S 370 30.15 95.08 -10.31
CA THR S 370 29.37 94.88 -11.52
C THR S 370 30.17 95.20 -12.77
N GLU S 371 31.10 96.15 -12.68
CA GLU S 371 31.91 96.50 -13.84
C GLU S 371 33.02 95.48 -14.10
N ALA S 372 33.49 94.79 -13.07
CA ALA S 372 34.61 93.86 -13.20
C ALA S 372 34.16 92.41 -13.37
N VAL S 373 33.41 91.88 -12.40
CA VAL S 373 33.06 90.47 -12.41
C VAL S 373 32.12 90.15 -13.57
N VAL S 374 31.13 91.01 -13.82
CA VAL S 374 30.17 90.75 -14.88
C VAL S 374 30.83 90.92 -16.25
N GLY S 375 31.71 91.91 -16.39
CA GLY S 375 32.37 92.12 -17.67
C GLY S 375 33.37 91.04 -18.01
N SER S 376 34.11 90.55 -17.01
CA SER S 376 35.11 89.52 -17.25
C SER S 376 34.43 88.17 -17.50
N GLU S 377 35.11 87.33 -18.28
CA GLU S 377 34.60 86.01 -18.62
C GLU S 377 35.49 84.89 -18.07
N SER S 378 36.51 85.22 -17.27
CA SER S 378 37.38 84.20 -16.70
C SER S 378 36.72 83.40 -15.60
N PHE S 379 35.59 83.86 -15.06
CA PHE S 379 34.90 83.12 -14.02
C PHE S 379 34.17 81.89 -14.56
N CYS S 380 33.99 81.79 -15.88
CA CYS S 380 33.34 80.62 -16.45
C CYS S 380 34.24 79.39 -16.35
N THR S 381 35.53 79.56 -16.62
CA THR S 381 36.46 78.45 -16.50
C THR S 381 36.68 78.09 -15.04
N ASP S 382 36.69 76.79 -14.75
CA ASP S 382 36.84 76.23 -13.41
C ASP S 382 35.66 76.62 -12.53
N GLU S 383 34.88 75.62 -12.09
CA GLU S 383 33.69 75.87 -11.28
C GLU S 383 34.02 76.39 -9.89
N PHE S 384 35.30 76.46 -9.51
CA PHE S 384 35.66 76.97 -8.20
C PHE S 384 35.40 78.47 -8.10
N PHE S 385 35.50 79.19 -9.21
CA PHE S 385 35.24 80.63 -9.20
C PHE S 385 33.79 80.91 -8.82
N ILE S 386 32.86 80.15 -9.41
CA ILE S 386 31.44 80.34 -9.10
C ILE S 386 31.17 80.02 -7.63
N ARG S 387 31.79 78.94 -7.13
CA ARG S 387 31.62 78.58 -5.73
C ARG S 387 32.14 79.67 -4.80
N ARG S 388 33.31 80.24 -5.14
CA ARG S 388 33.89 81.28 -4.30
C ARG S 388 33.03 82.54 -4.31
N ILE S 389 32.58 82.98 -5.49
CA ILE S 389 31.77 84.19 -5.54
C ILE S 389 30.42 83.97 -4.87
N HIS S 390 29.87 82.75 -4.97
CA HIS S 390 28.61 82.46 -4.29
C HIS S 390 28.79 82.46 -2.78
N LYS S 391 29.89 81.90 -2.29
CA LYS S 391 30.16 81.94 -0.86
C LYS S 391 30.36 83.37 -0.37
N LEU S 392 31.02 84.20 -1.17
CA LEU S 392 31.21 85.60 -0.80
C LEU S 392 29.87 86.34 -0.75
N VAL S 393 29.02 86.13 -1.75
CA VAL S 393 27.71 86.77 -1.76
C VAL S 393 26.85 86.26 -0.60
N THR S 394 27.02 85.00 -0.21
CA THR S 394 26.27 84.47 0.92
C THR S 394 26.76 85.08 2.24
N ASP S 395 28.08 85.23 2.40
CA ASP S 395 28.63 85.71 3.65
C ASP S 395 28.61 87.22 3.79
N PHE S 396 28.37 87.95 2.70
CA PHE S 396 28.37 89.41 2.77
C PHE S 396 27.25 89.95 3.68
N PRO S 397 25.97 89.67 3.44
CA PRO S 397 24.93 90.31 4.26
C PRO S 397 24.64 89.58 5.56
N THR S 398 25.12 88.36 5.74
CA THR S 398 24.83 87.57 6.93
C THR S 398 25.86 87.80 8.03
N LEU S 399 26.38 89.02 8.16
CA LEU S 399 27.35 89.34 9.20
C LEU S 399 27.07 90.65 9.92
N MET S 400 26.53 91.67 9.26
CA MET S 400 26.24 92.97 9.87
C MET S 400 24.74 93.22 9.78
N PRO S 401 23.95 92.66 10.70
CA PRO S 401 22.50 92.90 10.66
C PRO S 401 22.13 94.35 10.90
N MET S 402 22.87 95.06 11.74
CA MET S 402 22.59 96.49 11.96
C MET S 402 22.80 97.27 10.67
N LYS S 403 23.90 97.01 9.95
CA LYS S 403 24.15 97.70 8.69
C LYS S 403 23.11 97.31 7.64
N VAL S 404 22.68 96.04 7.64
CA VAL S 404 21.65 95.62 6.69
C VAL S 404 20.35 96.36 6.95
N LYS S 405 19.96 96.46 8.22
CA LYS S 405 18.74 97.18 8.57
C LYS S 405 18.86 98.67 8.26
N GLN S 406 20.05 99.25 8.47
CA GLN S 406 20.25 100.66 8.14
C GLN S 406 20.13 100.89 6.64
N LEU S 407 20.71 100.00 5.82
CA LEU S 407 20.59 100.12 4.38
C LEU S 407 19.15 99.95 3.92
N ARG S 408 18.42 99.01 4.54
CA ARG S 408 17.02 98.81 4.19
C ARG S 408 16.20 100.05 4.54
N ASN S 409 16.45 100.64 5.72
CA ASN S 409 15.72 101.85 6.10
C ASN S 409 16.06 103.02 5.18
N ARG S 410 17.33 103.13 4.77
CA ARG S 410 17.70 104.18 3.83
C ARG S 410 17.03 104.00 2.48
N ALA S 411 16.96 102.77 1.99
CA ALA S 411 16.27 102.51 0.73
C ALA S 411 14.78 102.82 0.84
N GLU S 412 14.17 102.46 1.97
CA GLU S 412 12.76 102.76 2.17
C GLU S 412 12.52 104.26 2.22
N GLU S 413 13.40 105.00 2.90
CA GLU S 413 13.26 106.45 2.96
C GLU S 413 13.44 107.07 1.58
N ASP S 414 14.38 106.57 0.79
CA ASP S 414 14.58 107.08 -0.56
C ASP S 414 13.35 106.80 -1.43
N ALA S 415 12.77 105.61 -1.31
CA ALA S 415 11.57 105.28 -2.07
C ALA S 415 10.40 106.18 -1.66
N ARG S 416 10.24 106.41 -0.36
CA ARG S 416 9.17 107.28 0.11
C ARG S 416 9.36 108.72 -0.37
N LEU S 417 10.61 109.20 -0.36
CA LEU S 417 10.89 110.55 -0.84
C LEU S 417 10.61 110.66 -2.34
N ILE S 418 10.99 109.65 -3.11
CA ILE S 418 10.73 109.67 -4.55
C ILE S 418 9.22 109.64 -4.81
N GLN S 419 8.48 108.84 -4.03
CA GLN S 419 7.03 108.80 -4.20
C GLN S 419 6.39 110.14 -3.86
N MET S 420 6.83 110.77 -2.77
CA MET S 420 6.28 112.06 -2.39
C MET S 420 6.62 113.13 -3.44
N SER S 421 7.83 113.07 -4.00
CA SER S 421 8.20 114.02 -5.03
C SER S 421 7.37 113.82 -6.30
N MET S 422 7.15 112.58 -6.70
CA MET S 422 6.32 112.31 -7.86
C MET S 422 4.86 112.70 -7.62
N GLN S 423 4.40 112.63 -6.37
CA GLN S 423 3.03 113.02 -6.07
C GLN S 423 2.88 114.54 -6.03
N MET S 424 3.89 115.25 -5.53
CA MET S 424 3.79 116.71 -5.45
C MET S 424 4.11 117.38 -6.77
N GLY S 425 4.88 116.73 -7.64
CA GLY S 425 5.15 117.26 -8.96
C GLY S 425 6.48 117.98 -9.09
N ASN S 426 7.58 117.27 -8.86
CA ASN S 426 8.92 117.82 -9.04
C ASN S 426 9.89 116.64 -9.18
N GLU S 427 11.19 116.94 -9.12
CA GLU S 427 12.23 115.94 -9.25
C GLU S 427 13.18 116.06 -8.06
N PRO S 428 13.39 114.98 -7.31
CA PRO S 428 14.30 115.05 -6.15
C PRO S 428 15.74 114.82 -6.58
N PRO S 429 16.62 115.81 -6.39
CA PRO S 429 18.02 115.63 -6.77
C PRO S 429 18.86 115.05 -5.66
N ALA S 430 18.40 113.93 -5.07
CA ALA S 430 19.11 113.30 -3.98
C ALA S 430 18.87 111.79 -4.02
N SER S 431 19.90 111.03 -3.66
CA SER S 431 19.83 109.57 -3.61
C SER S 431 20.35 109.10 -2.26
N LEU S 432 19.62 108.17 -1.65
CA LEU S 432 19.96 107.65 -0.32
C LEU S 432 20.50 106.23 -0.46
N ARG S 433 21.66 106.13 -1.11
CA ARG S 433 22.40 104.87 -1.25
C ARG S 433 21.61 103.80 -2.00
N ARG S 434 21.85 103.68 -3.30
CA ARG S 434 21.26 102.61 -4.10
C ARG S 434 22.03 101.30 -4.01
N ASP S 435 22.55 100.98 -2.82
CA ASP S 435 23.39 99.80 -2.67
C ASP S 435 22.60 98.52 -2.89
N LEU S 436 21.36 98.46 -2.39
CA LEU S 436 20.53 97.27 -2.58
C LEU S 436 20.24 97.04 -4.05
N GLU S 437 19.86 98.11 -4.77
CA GLU S 437 19.59 97.98 -6.19
C GLU S 437 20.84 97.56 -6.96
N HIS S 438 21.99 98.14 -6.60
CA HIS S 438 23.24 97.77 -7.25
C HIS S 438 23.57 96.31 -7.02
N LEU S 439 23.39 95.83 -5.78
CA LEU S 439 23.66 94.43 -5.48
C LEU S 439 22.72 93.50 -6.25
N LEU S 440 21.43 93.84 -6.30
CA LEU S 440 20.48 93.00 -7.02
C LEU S 440 20.80 92.96 -8.50
N LEU S 441 21.15 94.11 -9.10
CA LEU S 441 21.51 94.13 -10.51
C LEU S 441 22.79 93.34 -10.76
N LEU S 442 23.77 93.44 -9.86
CA LEU S 442 25.00 92.69 -10.02
C LEU S 442 24.74 91.19 -9.97
N ILE S 443 23.92 90.74 -9.02
CA ILE S 443 23.62 89.31 -8.93
C ILE S 443 22.84 88.85 -10.15
N GLY S 444 21.88 89.66 -10.62
CA GLY S 444 21.11 89.28 -11.79
C GLY S 444 21.95 89.21 -13.05
N GLU S 445 22.96 90.08 -13.16
CA GLU S 445 23.84 90.05 -14.33
C GLU S 445 24.93 88.98 -14.21
N LEU S 446 25.28 88.57 -12.99
CA LEU S 446 26.30 87.55 -12.80
C LEU S 446 25.72 86.14 -12.91
N TYR S 447 24.79 85.78 -12.02
CA TYR S 447 24.21 84.44 -12.00
C TYR S 447 23.21 84.32 -13.15
N ARG S 448 23.76 84.09 -14.34
CA ARG S 448 22.95 83.93 -15.55
C ARG S 448 23.68 83.11 -16.59
N LYS S 449 24.98 83.32 -16.73
CA LYS S 449 25.80 82.62 -17.71
C LYS S 449 26.82 81.75 -16.98
N ASP S 450 26.32 80.64 -16.41
CA ASP S 450 27.16 79.70 -15.70
C ASP S 450 27.07 78.32 -16.33
N PRO S 451 28.18 77.58 -16.39
CA PRO S 451 28.12 76.24 -17.00
C PRO S 451 27.28 75.26 -16.19
N PHE S 452 27.44 75.25 -14.87
CA PHE S 452 26.68 74.35 -14.00
C PHE S 452 26.13 75.13 -12.81
N HIS S 453 24.99 74.66 -12.30
CA HIS S 453 24.32 75.26 -11.17
C HIS S 453 24.50 74.33 -9.97
N LEU S 454 25.26 74.78 -8.98
CA LEU S 454 25.57 73.96 -7.80
C LEU S 454 24.74 74.36 -6.59
N GLU S 455 23.42 74.40 -6.78
CA GLU S 455 22.46 74.70 -5.70
C GLU S 455 22.75 76.05 -5.06
N LEU S 456 22.94 77.06 -5.90
CA LEU S 456 23.23 78.41 -5.41
C LEU S 456 22.06 78.96 -4.62
N ALA S 457 20.86 78.90 -5.20
CA ALA S 457 19.67 79.39 -4.49
C ALA S 457 19.35 78.53 -3.28
N LEU S 458 19.67 77.23 -3.34
CA LEU S 458 19.45 76.37 -2.18
C LEU S 458 20.35 76.77 -1.02
N GLU S 459 21.63 77.04 -1.30
CA GLU S 459 22.53 77.51 -0.24
C GLU S 459 22.20 78.92 0.20
N TYR S 460 21.59 79.72 -0.68
CA TYR S 460 21.14 81.06 -0.32
C TYR S 460 19.99 80.98 0.67
N TRP S 461 18.82 80.55 0.21
CA TRP S 461 17.63 80.44 1.03
C TRP S 461 17.14 78.99 0.99
N CYS S 462 17.01 78.39 2.17
CA CYS S 462 16.54 77.01 2.24
C CYS S 462 15.02 76.97 2.06
N PRO S 463 14.51 76.07 1.21
CA PRO S 463 13.05 76.01 1.03
C PRO S 463 12.32 75.39 2.21
N THR S 464 12.99 74.54 2.98
CA THR S 464 12.37 73.88 4.13
C THR S 464 12.57 74.65 5.42
N GLU S 465 13.04 75.90 5.35
CA GLU S 465 13.25 76.80 6.49
C GLU S 465 14.35 76.26 7.41
N PRO S 466 14.87 77.08 8.33
CA PRO S 466 15.83 76.54 9.30
C PRO S 466 15.29 75.38 10.11
N LEU S 467 13.98 75.33 10.35
CA LEU S 467 13.35 74.19 11.02
C LEU S 467 13.01 73.17 9.95
N GLN S 468 13.85 72.14 9.83
CA GLN S 468 13.66 71.14 8.78
C GLN S 468 12.39 70.34 9.02
N SER S 469 11.52 70.31 8.02
CA SER S 469 10.29 69.52 8.12
C SER S 469 10.57 68.04 7.92
N THR S 470 11.35 67.69 6.90
CA THR S 470 11.74 66.31 6.69
C THR S 470 12.67 65.85 7.79
N SER S 471 12.44 64.63 8.30
CA SER S 471 13.18 64.06 9.43
C SER S 471 12.94 64.86 10.69
N LEU S 472 12.22 64.28 11.65
CA LEU S 472 11.87 65.00 12.86
C LEU S 472 13.12 65.32 13.68
N MET S 473 13.20 66.58 14.13
CA MET S 473 14.33 67.03 14.93
C MET S 473 13.88 67.34 16.35
N GLY S 474 14.51 68.34 16.97
CA GLY S 474 14.14 68.74 18.31
C GLY S 474 13.48 70.10 18.37
N SER S 475 14.01 70.99 19.22
CA SER S 475 13.46 72.34 19.33
C SER S 475 14.55 73.37 19.61
N PHE S 476 15.76 73.12 19.16
CA PHE S 476 16.89 74.02 19.37
C PHE S 476 17.42 74.52 18.03
N LEU S 477 17.97 75.72 18.04
CA LEU S 477 18.51 76.34 16.83
C LEU S 477 19.51 77.40 17.23
N GLY S 478 20.75 77.27 16.77
CA GLY S 478 21.78 78.24 17.09
C GLY S 478 23.19 77.73 16.84
N VAL S 479 23.31 76.60 16.14
CA VAL S 479 24.58 76.00 15.82
C VAL S 479 24.66 75.78 14.31
N ALA S 480 25.77 75.19 13.87
CA ALA S 480 26.01 74.94 12.46
C ALA S 480 26.18 73.44 12.22
N HIS S 481 26.60 73.09 11.00
CA HIS S 481 26.84 71.70 10.60
C HIS S 481 25.59 70.85 10.79
N GLN S 482 25.33 70.41 12.03
CA GLN S 482 24.15 69.60 12.30
C GLN S 482 22.87 70.40 12.10
N ARG S 483 22.90 71.69 12.40
CA ARG S 483 21.77 72.59 12.22
C ARG S 483 22.13 73.67 11.20
N PRO S 484 21.13 74.33 10.61
CA PRO S 484 21.42 75.48 9.74
C PRO S 484 22.19 76.54 10.49
N PRO S 485 23.32 77.01 9.94
CA PRO S 485 24.16 77.95 10.67
C PRO S 485 23.47 79.29 10.89
N GLN S 486 24.09 80.10 11.76
CA GLN S 486 23.55 81.43 12.03
C GLN S 486 23.54 82.30 10.78
N ARG S 487 24.52 82.13 9.90
CA ARG S 487 24.52 82.87 8.64
C ARG S 487 23.34 82.49 7.77
N GLN S 488 23.04 81.18 7.68
CA GLN S 488 21.88 80.73 6.91
C GLN S 488 20.59 81.23 7.52
N VAL S 489 20.50 81.24 8.86
CA VAL S 489 19.30 81.73 9.52
C VAL S 489 19.10 83.22 9.25
N LEU S 490 20.19 83.99 9.31
CA LEU S 490 20.10 85.41 9.03
C LEU S 490 19.72 85.67 7.57
N LEU S 491 20.26 84.87 6.64
CA LEU S 491 19.90 85.02 5.24
C LEU S 491 18.43 84.69 5.00
N SER S 492 17.92 83.64 5.65
CA SER S 492 16.51 83.31 5.52
C SER S 492 15.63 84.41 6.11
N LYS S 493 16.04 84.98 7.24
CA LYS S 493 15.27 86.07 7.83
C LYS S 493 15.26 87.30 6.93
N PHE S 494 16.42 87.62 6.32
CA PHE S 494 16.47 88.76 5.41
C PHE S 494 15.63 88.51 4.16
N VAL S 495 15.63 87.28 3.66
CA VAL S 495 14.80 86.95 2.49
C VAL S 495 13.32 87.09 2.85
N ARG S 496 12.94 86.62 4.04
CA ARG S 496 11.55 86.75 4.47
C ARG S 496 11.16 88.21 4.62
N GLN S 497 12.05 89.03 5.17
CA GLN S 497 11.76 90.45 5.32
C GLN S 497 11.63 91.14 3.97
N MET S 498 12.51 90.81 3.02
CA MET S 498 12.43 91.40 1.69
C MET S 498 11.18 90.94 0.95
N SER S 499 10.73 89.71 1.19
CA SER S 499 9.50 89.24 0.56
C SER S 499 8.26 89.84 1.22
N ASP S 500 8.34 90.17 2.50
CA ASP S 500 7.19 90.79 3.18
C ASP S 500 7.11 92.29 2.92
N LEU S 501 8.24 92.93 2.62
CA LEU S 501 8.25 94.37 2.32
C LEU S 501 9.13 94.60 1.10
N LEU S 502 8.51 95.06 0.02
CA LEU S 502 9.21 95.34 -1.24
C LEU S 502 9.08 96.81 -1.57
N PRO S 503 10.17 97.57 -1.62
CA PRO S 503 10.08 98.99 -1.97
C PRO S 503 9.79 99.18 -3.45
N ALA S 504 9.20 100.34 -3.76
CA ALA S 504 8.88 100.66 -5.14
C ALA S 504 10.15 100.85 -5.98
N THR S 505 11.23 101.34 -5.37
CA THR S 505 12.48 101.50 -6.10
C THR S 505 13.21 100.19 -6.29
N LEU S 506 13.01 99.23 -5.39
CA LEU S 506 13.61 97.91 -5.49
C LEU S 506 12.69 96.87 -6.09
N TYR S 507 11.52 97.29 -6.60
CA TYR S 507 10.61 96.36 -7.24
C TYR S 507 11.26 95.65 -8.42
N LEU S 508 11.69 96.42 -9.42
CA LEU S 508 12.33 95.85 -10.61
C LEU S 508 13.67 95.19 -10.28
N PRO S 509 14.53 95.78 -9.44
CA PRO S 509 15.74 95.06 -9.03
C PRO S 509 15.45 93.72 -8.37
N TYR S 510 14.39 93.63 -7.57
CA TYR S 510 14.04 92.33 -6.97
C TYR S 510 13.61 91.33 -8.02
N LEU S 511 12.87 91.78 -9.04
CA LEU S 511 12.48 90.88 -10.12
C LEU S 511 13.70 90.42 -10.91
N LYS S 512 14.67 91.31 -11.14
CA LYS S 512 15.90 90.91 -11.82
C LYS S 512 16.69 89.91 -10.98
N MET S 513 16.75 90.13 -9.66
CA MET S 513 17.42 89.19 -8.78
C MET S 513 16.75 87.82 -8.81
N LEU S 514 15.42 87.80 -8.82
CA LEU S 514 14.70 86.53 -8.89
C LEU S 514 14.93 85.84 -10.23
N ARG S 515 14.94 86.60 -11.32
CA ARG S 515 15.22 86.02 -12.63
C ARG S 515 16.62 85.44 -12.69
N GLY S 516 17.59 86.11 -12.05
CA GLY S 516 18.94 85.58 -12.02
C GLY S 516 19.05 84.34 -11.16
N LEU S 517 18.38 84.32 -10.00
CA LEU S 517 18.41 83.16 -9.12
C LEU S 517 17.65 81.97 -9.69
N ALA S 518 16.69 82.20 -10.59
CA ALA S 518 15.93 81.11 -11.18
C ALA S 518 16.76 80.21 -12.09
N SER S 519 18.03 80.54 -12.32
CA SER S 519 18.89 79.71 -13.17
C SER S 519 19.11 78.36 -12.49
N GLY S 520 18.60 77.30 -13.11
CA GLY S 520 18.70 75.97 -12.56
C GLY S 520 17.34 75.41 -12.20
N PRO S 521 17.17 74.09 -12.36
CA PRO S 521 15.85 73.49 -12.07
C PRO S 521 15.47 73.57 -10.61
N GLN S 522 16.35 73.11 -9.71
CA GLN S 522 16.06 73.16 -8.29
C GLN S 522 15.94 74.60 -7.80
N CYS S 523 16.79 75.49 -8.34
CA CYS S 523 16.72 76.90 -7.94
C CYS S 523 15.39 77.52 -8.35
N ALA S 524 14.94 77.24 -9.57
CA ALA S 524 13.66 77.78 -10.02
C ALA S 524 12.50 77.19 -9.23
N HIS S 525 12.58 75.89 -8.89
CA HIS S 525 11.53 75.27 -8.08
C HIS S 525 11.48 75.90 -6.69
N TYR S 526 12.64 76.16 -6.09
CA TYR S 526 12.67 76.79 -4.78
C TYR S 526 12.14 78.22 -4.83
N CYS S 527 12.47 78.96 -5.90
CA CYS S 527 11.94 80.31 -6.07
C CYS S 527 10.42 80.28 -6.24
N PHE S 528 9.91 79.29 -6.99
CA PHE S 528 8.47 79.16 -7.16
C PHE S 528 7.79 78.84 -5.84
N SER S 529 8.38 77.93 -5.05
CA SER S 529 7.82 77.63 -3.74
C SER S 529 7.85 78.84 -2.83
N LEU S 530 8.91 79.64 -2.91
CA LEU S 530 9.01 80.84 -2.09
C LEU S 530 7.93 81.86 -2.46
N LEU S 531 7.77 82.12 -3.77
CA LEU S 531 6.75 83.09 -4.19
C LEU S 531 5.34 82.56 -3.96
N LYS S 532 5.15 81.23 -3.90
CA LYS S 532 3.85 80.69 -3.56
C LYS S 532 3.56 80.81 -2.07
N ALA S 533 4.58 80.59 -1.23
CA ALA S 533 4.38 80.72 0.22
C ALA S 533 4.24 82.18 0.63
N ASN S 534 4.83 83.10 -0.14
CA ASN S 534 4.72 84.53 0.14
C ASN S 534 3.26 84.96 -0.05
N GLY S 535 2.48 84.81 1.02
CA GLY S 535 1.08 85.17 0.98
C GLY S 535 0.75 86.43 1.75
N GLY S 536 0.62 87.55 1.03
CA GLY S 536 0.31 88.82 1.65
C GLY S 536 -0.77 89.56 0.87
N SER S 537 -1.12 90.73 1.41
CA SER S 537 -2.16 91.57 0.78
C SER S 537 -1.86 93.02 1.20
N SER S 538 -1.04 93.69 0.39
CA SER S 538 -0.67 95.07 0.65
C SER S 538 -0.30 95.75 -0.67
N ALA S 539 -0.36 97.08 -0.66
CA ALA S 539 -0.01 97.85 -1.84
C ALA S 539 1.49 97.77 -2.12
N GLU S 540 2.31 97.63 -1.09
CA GLU S 540 3.75 97.50 -1.25
C GLU S 540 4.19 96.08 -1.56
N ASN S 541 3.25 95.14 -1.67
CA ASN S 541 3.58 93.75 -1.95
C ASN S 541 2.79 93.14 -3.10
N LEU S 542 1.76 93.82 -3.61
CA LEU S 542 0.93 93.29 -4.69
C LEU S 542 1.14 94.13 -5.94
N GLN S 543 1.71 93.51 -6.97
CA GLN S 543 1.86 94.09 -8.31
C GLN S 543 2.71 95.36 -8.22
N ALA S 544 2.20 96.54 -8.55
CA ALA S 544 3.01 97.74 -8.59
C ALA S 544 3.36 98.20 -7.18
N ALA S 545 4.14 99.28 -7.11
CA ALA S 545 4.62 99.85 -5.85
C ALA S 545 5.39 98.81 -5.04
N GLY S 546 6.12 97.94 -5.74
CA GLY S 546 6.85 96.88 -5.08
C GLY S 546 6.00 95.64 -4.87
N GLY S 547 6.59 94.47 -5.04
CA GLY S 547 5.89 93.22 -4.85
C GLY S 547 6.38 92.18 -5.83
N SER S 548 5.60 91.10 -5.93
CA SER S 548 5.93 89.99 -6.81
C SER S 548 4.66 89.15 -7.00
N PRO S 549 4.57 88.39 -8.10
CA PRO S 549 3.41 87.51 -8.29
C PRO S 549 3.29 86.48 -7.17
N VAL S 550 2.39 86.74 -6.22
CA VAL S 550 2.27 85.85 -5.06
C VAL S 550 1.56 84.55 -5.40
N SER S 551 0.80 84.51 -6.49
CA SER S 551 0.08 83.30 -6.85
C SER S 551 -0.34 83.38 -8.31
N TRP S 552 -0.58 82.20 -8.89
CA TRP S 552 -1.07 82.15 -10.27
C TRP S 552 -2.45 82.80 -10.39
N ASP S 553 -3.26 82.73 -9.34
CA ASP S 553 -4.56 83.42 -9.36
C ASP S 553 -4.38 84.92 -9.44
N HIS S 554 -3.45 85.48 -8.65
CA HIS S 554 -3.18 86.91 -8.72
C HIS S 554 -2.58 87.29 -10.07
N PHE S 555 -1.73 86.43 -10.62
CA PHE S 555 -1.16 86.69 -11.94
C PHE S 555 -2.24 86.73 -13.01
N PHE S 556 -3.18 85.78 -12.97
CA PHE S 556 -4.28 85.78 -13.92
C PHE S 556 -5.20 86.98 -13.72
N HIS S 557 -5.39 87.40 -12.46
CA HIS S 557 -6.21 88.59 -12.21
C HIS S 557 -5.55 89.84 -12.80
N SER S 558 -4.24 89.97 -12.62
CA SER S 558 -3.53 91.10 -13.21
C SER S 558 -3.58 91.04 -14.74
N LEU S 559 -3.47 89.84 -15.30
CA LEU S 559 -3.53 89.68 -16.75
C LEU S 559 -4.91 90.08 -17.28
N MET S 560 -5.97 89.67 -16.60
CA MET S 560 -7.31 90.03 -17.04
C MET S 560 -7.59 91.51 -16.83
N LEU S 561 -6.98 92.13 -15.80
CA LEU S 561 -7.12 93.58 -15.64
C LEU S 561 -6.43 94.32 -16.77
N TYR S 562 -5.23 93.88 -17.14
CA TYR S 562 -4.54 94.50 -18.28
C TYR S 562 -5.31 94.28 -19.58
N HIS S 563 -5.93 93.11 -19.73
CA HIS S 563 -6.75 92.84 -20.90
C HIS S 563 -7.96 93.76 -20.95
N GLU S 564 -8.61 93.98 -19.81
CA GLU S 564 -9.74 94.90 -19.76
C GLU S 564 -9.31 96.33 -20.06
N HIS S 565 -8.14 96.72 -19.57
CA HIS S 565 -7.61 98.05 -19.88
C HIS S 565 -7.34 98.20 -21.38
N LEU S 566 -6.77 97.16 -21.99
CA LEU S 566 -6.52 97.21 -23.44
C LEU S 566 -7.82 97.25 -24.21
N ARG S 567 -8.84 96.51 -23.75
CA ARG S 567 -10.14 96.55 -24.41
C ARG S 567 -10.79 97.92 -24.30
N ARG S 568 -10.65 98.57 -23.14
CA ARG S 568 -11.19 99.91 -22.98
C ARG S 568 -10.43 100.93 -23.83
N ASP S 569 -9.12 100.73 -24.00
CA ASP S 569 -8.34 101.63 -24.84
C ASP S 569 -8.71 101.45 -26.32
N LEU S 570 -8.91 100.21 -26.74
CA LEU S 570 -9.27 99.92 -28.13
C LEU S 570 -10.74 100.22 -28.37
N PRO S 571 -11.12 100.51 -29.62
CA PRO S 571 -12.54 100.76 -29.90
C PRO S 571 -13.44 99.57 -29.64
N ASN S 572 -12.93 98.35 -29.79
CA ASN S 572 -13.71 97.15 -29.54
C ASN S 572 -13.59 96.74 -28.07
N THR S 573 -14.68 96.22 -27.53
CA THR S 573 -14.76 95.80 -26.14
C THR S 573 -15.03 94.30 -26.07
N ASP S 574 -14.18 93.58 -25.35
CA ASP S 574 -14.31 92.13 -25.16
C ASP S 574 -14.30 91.40 -26.51
N ASN S 575 -13.40 91.81 -27.40
CA ASN S 575 -13.28 91.20 -28.71
C ASN S 575 -11.80 91.19 -29.11
N ILE S 576 -11.33 90.03 -29.58
CA ILE S 576 -9.94 89.89 -29.99
C ILE S 576 -9.74 90.55 -31.35
N HIS S 577 -8.48 90.71 -31.76
CA HIS S 577 -8.15 91.32 -33.03
C HIS S 577 -7.12 90.45 -33.73
N GLN S 578 -6.48 91.01 -34.75
CA GLN S 578 -5.44 90.32 -35.52
C GLN S 578 -4.09 90.98 -35.26
N ARG S 579 -3.05 90.35 -35.80
CA ARG S 579 -1.68 90.84 -35.63
C ARG S 579 -1.53 92.13 -36.41
N HIS S 580 -1.78 93.25 -35.75
CA HIS S 580 -1.72 94.59 -36.33
C HIS S 580 -0.67 95.40 -35.60
N PRO S 581 -0.27 96.55 -36.16
CA PRO S 581 0.65 97.44 -35.44
C PRO S 581 0.13 97.79 -34.07
N PRO S 582 1.02 97.99 -33.09
CA PRO S 582 0.56 98.19 -31.71
C PRO S 582 -0.22 99.49 -31.53
N LEU S 583 -1.19 99.43 -30.63
CA LEU S 583 -2.01 100.59 -30.27
C LEU S 583 -2.27 100.57 -28.76
N ARG S 584 -1.24 100.23 -28.00
CA ARG S 584 -1.36 100.08 -26.54
C ARG S 584 -1.40 101.46 -25.88
N GLY S 585 -2.29 101.59 -24.89
CA GLY S 585 -2.42 102.84 -24.16
C GLY S 585 -2.19 102.68 -22.67
N ILE S 586 -1.63 101.54 -22.26
CA ILE S 586 -1.35 101.31 -20.85
C ILE S 586 -0.16 102.15 -20.41
N THR S 587 -0.12 102.49 -19.13
CA THR S 587 0.94 103.32 -18.60
C THR S 587 2.28 102.60 -18.66
N GLN S 588 3.36 103.39 -18.64
CA GLN S 588 4.70 102.83 -18.77
C GLN S 588 5.05 101.96 -17.57
N ARG S 589 4.69 102.39 -16.36
CA ARG S 589 5.00 101.61 -15.17
C ARG S 589 4.27 100.27 -15.19
N GLU S 590 2.98 100.28 -15.55
CA GLU S 590 2.22 99.04 -15.62
C GLU S 590 2.75 98.13 -16.71
N LEU S 591 3.12 98.70 -17.86
CA LEU S 591 3.69 97.88 -18.94
C LEU S 591 5.01 97.25 -18.51
N ASP S 592 5.87 98.02 -17.84
CA ASP S 592 7.15 97.47 -17.38
C ASP S 592 6.92 96.37 -16.36
N GLY S 593 6.02 96.58 -15.41
CA GLY S 593 5.72 95.54 -14.44
C GLY S 593 5.18 94.28 -15.09
N LEU S 594 4.28 94.44 -16.07
CA LEU S 594 3.69 93.28 -16.74
C LEU S 594 4.75 92.50 -17.51
N ILE S 595 5.59 93.20 -18.28
CA ILE S 595 6.60 92.50 -19.06
C ILE S 595 7.64 91.85 -18.14
N ALA S 596 7.97 92.50 -17.02
CA ALA S 596 8.92 91.90 -16.09
C ALA S 596 8.35 90.65 -15.44
N CYS S 597 7.09 90.69 -15.02
CA CYS S 597 6.46 89.50 -14.44
C CYS S 597 6.36 88.38 -15.47
N LEU S 598 6.05 88.73 -16.72
CA LEU S 598 5.94 87.72 -17.76
C LEU S 598 7.29 87.06 -18.03
N GLN S 599 8.35 87.87 -18.12
CA GLN S 599 9.68 87.32 -18.34
C GLN S 599 10.12 86.46 -17.16
N LEU S 600 9.80 86.89 -15.94
CA LEU S 600 10.16 86.11 -14.76
C LEU S 600 9.46 84.77 -14.75
N THR S 601 8.15 84.76 -15.04
CA THR S 601 7.40 83.50 -15.07
C THR S 601 7.91 82.59 -16.19
N CYS S 602 8.24 83.18 -17.35
CA CYS S 602 8.74 82.38 -18.46
C CYS S 602 10.07 81.72 -18.10
N THR S 603 11.00 82.50 -17.53
CA THR S 603 12.28 81.95 -17.12
C THR S 603 12.10 80.88 -16.06
N ILE S 604 11.18 81.12 -15.11
CA ILE S 604 10.96 80.16 -14.03
C ILE S 604 10.46 78.83 -14.58
N ILE S 605 9.48 78.88 -15.48
CA ILE S 605 8.91 77.63 -16.00
C ILE S 605 9.90 76.95 -16.93
N ASP S 606 10.68 77.73 -17.70
CA ASP S 606 11.66 77.13 -18.59
C ASP S 606 12.80 76.46 -17.82
N TRP S 607 13.14 76.99 -16.64
CA TRP S 607 14.15 76.34 -15.82
C TRP S 607 13.59 75.17 -15.03
N SER S 608 12.34 75.26 -14.60
CA SER S 608 11.67 74.19 -13.85
C SER S 608 10.39 73.82 -14.58
N GLU S 609 10.54 73.12 -15.71
CA GLU S 609 9.45 72.55 -16.51
C GLU S 609 8.33 71.93 -15.70
N SER S 610 8.60 71.57 -14.43
CA SER S 610 7.55 71.04 -13.58
C SER S 610 6.41 72.04 -13.43
N ALA S 611 6.71 73.35 -13.43
CA ALA S 611 5.66 74.35 -13.38
C ALA S 611 4.80 74.32 -14.65
N ARG S 612 5.40 74.00 -15.80
CA ARG S 612 4.63 73.91 -17.04
C ARG S 612 3.56 72.84 -16.92
N LEU S 613 3.94 71.63 -16.51
CA LEU S 613 2.97 70.55 -16.37
C LEU S 613 2.03 70.76 -15.19
N ALA S 614 2.46 71.53 -14.17
CA ALA S 614 1.56 71.83 -13.07
C ALA S 614 0.49 72.82 -13.46
N LEU S 615 0.81 73.77 -14.34
CA LEU S 615 -0.16 74.77 -14.79
C LEU S 615 -0.94 74.34 -16.03
N CYS S 616 -0.47 73.31 -16.74
CA CYS S 616 -1.18 72.87 -17.94
C CYS S 616 -2.53 72.25 -17.60
N GLU S 617 -2.59 71.43 -16.55
CA GLU S 617 -3.82 70.78 -16.14
C GLU S 617 -4.75 71.83 -15.53
N HIS S 618 -5.42 72.58 -16.40
CA HIS S 618 -6.35 73.63 -16.01
C HIS S 618 -7.41 73.75 -17.10
N ALA S 619 -8.27 72.75 -17.20
CA ALA S 619 -9.32 72.76 -18.21
C ALA S 619 -10.47 73.70 -17.84
N GLN S 620 -10.68 73.94 -16.54
CA GLN S 620 -11.73 74.84 -16.10
C GLN S 620 -11.28 76.29 -16.07
N TRP S 621 -10.02 76.55 -15.72
CA TRP S 621 -9.50 77.91 -15.69
C TRP S 621 -9.27 78.43 -17.11
N MET S 622 -8.64 77.63 -17.96
CA MET S 622 -8.37 77.93 -19.37
C MET S 622 -7.58 79.23 -19.50
N PRO S 623 -6.27 79.21 -19.25
CA PRO S 623 -5.45 80.41 -19.48
C PRO S 623 -4.93 80.48 -20.91
N VAL S 624 -5.01 79.35 -21.62
CA VAL S 624 -4.49 79.30 -22.98
C VAL S 624 -5.32 80.17 -23.91
N VAL S 625 -6.64 80.14 -23.75
CA VAL S 625 -7.50 80.99 -24.59
C VAL S 625 -7.21 82.45 -24.33
N VAL S 626 -7.04 82.83 -23.06
CA VAL S 626 -6.76 84.22 -22.71
C VAL S 626 -5.42 84.66 -23.28
N ILE S 627 -4.40 83.81 -23.17
CA ILE S 627 -3.08 84.22 -23.65
C ILE S 627 -3.04 84.28 -25.17
N LEU S 628 -3.77 83.38 -25.86
CA LEU S 628 -3.80 83.45 -27.31
C LEU S 628 -4.59 84.67 -27.78
N GLY S 629 -5.66 85.03 -27.05
CA GLY S 629 -6.36 86.26 -27.38
C GLY S 629 -5.49 87.49 -27.16
N LEU S 630 -4.72 87.51 -26.08
CA LEU S 630 -3.82 88.63 -25.84
C LEU S 630 -2.73 88.70 -26.91
N LEU S 631 -2.26 87.55 -27.38
CA LEU S 631 -1.27 87.54 -28.46
C LEU S 631 -1.87 88.02 -29.77
N GLN S 632 -3.12 87.63 -30.05
CA GLN S 632 -3.78 88.08 -31.27
C GLN S 632 -4.10 89.56 -31.23
N CYS S 633 -4.36 90.10 -30.05
CA CYS S 633 -4.67 91.52 -29.93
C CYS S 633 -3.44 92.37 -30.26
N SER S 634 -3.69 93.65 -30.49
CA SER S 634 -2.62 94.58 -30.84
C SER S 634 -1.74 94.86 -29.62
N ILE S 635 -0.56 94.27 -29.60
CA ILE S 635 0.38 94.43 -28.49
C ILE S 635 1.76 94.73 -29.05
N PRO S 636 2.65 95.37 -28.29
CA PRO S 636 3.98 95.70 -28.80
C PRO S 636 4.76 94.46 -29.18
N PRO S 637 5.84 94.59 -29.95
CA PRO S 637 6.59 93.40 -30.39
C PRO S 637 7.25 92.65 -29.25
N LEU S 638 7.71 93.34 -28.20
CA LEU S 638 8.31 92.63 -27.07
C LEU S 638 7.26 91.80 -26.33
N LEU S 639 6.05 92.34 -26.20
CA LEU S 639 4.96 91.56 -25.60
C LEU S 639 4.58 90.39 -26.50
N LYS S 640 4.61 90.60 -27.82
CA LYS S 640 4.35 89.50 -28.75
C LYS S 640 5.36 88.38 -28.57
N ALA S 641 6.65 88.74 -28.46
CA ALA S 641 7.69 87.73 -28.28
C ALA S 641 7.55 87.04 -26.94
N GLU S 642 7.21 87.78 -25.88
CA GLU S 642 7.02 87.18 -24.57
C GLU S 642 5.86 86.18 -24.57
N LEU S 643 4.74 86.57 -25.19
CA LEU S 643 3.59 85.67 -25.24
C LEU S 643 3.86 84.46 -26.12
N LEU S 644 4.61 84.64 -27.21
CA LEU S 644 4.98 83.50 -28.05
C LEU S 644 5.88 82.54 -27.29
N LYS S 645 6.84 83.06 -26.52
CA LYS S 645 7.71 82.20 -25.72
C LYS S 645 6.92 81.48 -24.64
N THR S 646 5.97 82.17 -24.01
CA THR S 646 5.14 81.54 -22.99
C THR S 646 4.27 80.44 -23.59
N LEU S 647 3.77 80.65 -24.80
CA LEU S 647 2.95 79.62 -25.45
C LEU S 647 3.81 78.44 -25.87
N ALA S 648 5.02 78.69 -26.37
CA ALA S 648 5.92 77.61 -26.75
C ALA S 648 6.44 76.83 -25.54
N ALA S 649 6.47 77.46 -24.37
CA ALA S 649 6.86 76.74 -23.16
C ALA S 649 5.89 75.61 -22.83
N PHE S 650 4.60 75.83 -23.11
CA PHE S 650 3.59 74.81 -22.87
C PHE S 650 3.38 73.97 -24.13
N GLY S 651 3.00 72.72 -23.94
CA GLY S 651 2.74 71.82 -25.05
C GLY S 651 3.22 70.41 -24.81
N LYS S 652 3.17 69.95 -23.54
CA LYS S 652 3.59 68.61 -23.21
C LYS S 652 2.46 67.60 -23.30
N SER S 653 1.22 68.02 -23.07
CA SER S 653 0.08 67.13 -23.14
C SER S 653 -0.35 66.96 -24.60
N PRO S 654 -0.77 65.75 -25.00
CA PRO S 654 -1.18 65.56 -26.41
C PRO S 654 -2.40 66.38 -26.80
N GLU S 655 -3.46 66.35 -25.98
CA GLU S 655 -4.65 67.13 -26.31
C GLU S 655 -4.37 68.63 -26.25
N ILE S 656 -3.50 69.07 -25.33
CA ILE S 656 -3.14 70.48 -25.26
C ILE S 656 -2.38 70.91 -26.50
N ALA S 657 -1.44 70.06 -26.95
CA ALA S 657 -0.71 70.37 -28.18
C ALA S 657 -1.63 70.39 -29.39
N ALA S 658 -2.59 69.47 -29.43
CA ALA S 658 -3.55 69.44 -30.54
C ALA S 658 -4.41 70.70 -30.54
N SER S 659 -4.87 71.13 -29.35
CA SER S 659 -5.67 72.35 -29.27
C SER S 659 -4.85 73.57 -29.67
N LEU S 660 -3.58 73.61 -29.26
CA LEU S 660 -2.72 74.72 -29.65
C LEU S 660 -2.49 74.75 -31.16
N TRP S 661 -2.30 73.58 -31.78
CA TRP S 661 -2.13 73.52 -33.23
C TRP S 661 -3.41 73.96 -33.94
N GLN S 662 -4.57 73.54 -33.44
CA GLN S 662 -5.82 73.95 -34.04
C GLN S 662 -6.02 75.46 -33.91
N SER S 663 -5.69 76.03 -32.76
CA SER S 663 -5.81 77.47 -32.58
C SER S 663 -4.86 78.23 -33.49
N LEU S 664 -3.62 77.74 -33.64
CA LEU S 664 -2.67 78.39 -34.53
C LEU S 664 -3.11 78.30 -35.98
N GLU S 665 -3.75 77.20 -36.37
CA GLU S 665 -4.25 77.08 -37.74
C GLU S 665 -5.49 77.93 -37.97
N TYR S 666 -6.31 78.13 -36.94
CA TYR S 666 -7.53 78.91 -37.10
C TYR S 666 -7.28 80.41 -37.01
N THR S 667 -6.23 80.83 -36.30
CA THR S 667 -5.94 82.25 -36.16
C THR S 667 -5.35 82.87 -37.44
N GLN S 668 -5.06 82.05 -38.45
CA GLN S 668 -4.52 82.50 -39.73
C GLN S 668 -3.20 83.26 -39.57
N ILE S 669 -2.45 82.99 -38.51
CA ILE S 669 -1.16 83.63 -38.32
C ILE S 669 -0.08 82.87 -39.08
N LEU S 670 -0.04 81.54 -38.92
CA LEU S 670 0.90 80.73 -39.66
C LEU S 670 0.45 80.60 -41.11
N GLN S 671 1.34 80.92 -42.04
CA GLN S 671 1.01 80.92 -43.46
C GLN S 671 0.86 79.52 -44.06
N THR S 672 0.86 78.46 -43.24
CA THR S 672 0.64 77.13 -43.79
C THR S 672 -0.80 76.94 -44.24
N VAL S 673 -1.75 77.51 -43.50
CA VAL S 673 -3.17 77.42 -43.83
C VAL S 673 -3.59 78.75 -44.45
N ARG S 674 -3.90 78.73 -45.74
CA ARG S 674 -4.34 79.91 -46.47
C ARG S 674 -5.70 79.60 -47.11
N ALA S 675 -6.73 79.51 -46.26
CA ALA S 675 -8.07 79.23 -46.74
C ALA S 675 -8.68 80.45 -47.42
N THR S 676 -9.66 80.19 -48.28
CA THR S 676 -10.34 81.26 -49.00
C THR S 676 -11.47 81.83 -48.15
N GLY S 677 -11.70 83.13 -48.28
CA GLY S 677 -12.73 83.82 -47.53
C GLY S 677 -12.31 84.35 -46.18
N LEU S 678 -11.18 83.91 -45.64
CA LEU S 678 -10.70 84.37 -44.35
C LEU S 678 -9.77 85.56 -44.53
N ARG S 679 -9.38 86.14 -43.40
CA ARG S 679 -8.49 87.31 -43.40
C ARG S 679 -7.07 86.88 -43.72
N GLN S 680 -6.48 87.49 -44.74
CA GLN S 680 -5.13 87.21 -45.17
C GLN S 680 -4.27 88.46 -45.04
N GLY S 681 -2.96 88.28 -45.20
CA GLY S 681 -2.01 89.37 -45.10
C GLY S 681 -1.59 89.74 -43.71
N VAL S 682 -2.20 89.15 -42.68
CA VAL S 682 -1.84 89.45 -41.29
C VAL S 682 -0.75 88.50 -40.84
N GLY S 683 -0.56 88.40 -39.52
CA GLY S 683 0.47 87.53 -38.97
C GLY S 683 1.85 88.16 -38.96
N ILE S 684 2.88 87.37 -39.25
CA ILE S 684 4.24 87.88 -39.27
C ILE S 684 4.58 88.64 -40.55
N GLU S 685 3.75 88.52 -41.58
CA GLU S 685 4.04 89.17 -42.85
C GLU S 685 4.05 90.69 -42.70
N VAL S 686 2.99 91.25 -42.12
CA VAL S 686 2.91 92.70 -41.95
C VAL S 686 3.98 93.19 -40.99
N GLU S 687 4.27 92.40 -39.95
CA GLU S 687 5.30 92.79 -38.99
C GLU S 687 6.67 92.85 -39.64
N LEU S 688 6.97 91.89 -40.53
CA LEU S 688 8.26 91.87 -41.20
C LEU S 688 8.34 92.89 -42.32
N ASN S 689 7.21 93.24 -42.94
CA ASN S 689 7.21 94.19 -44.05
C ASN S 689 7.04 95.64 -43.60
N GLU S 690 6.66 95.89 -42.35
CA GLU S 690 6.45 97.26 -41.91
C GLU S 690 7.25 97.57 -40.65
N ILE S 691 6.95 96.89 -39.54
CA ILE S 691 7.58 97.21 -38.27
C ILE S 691 9.03 96.75 -38.27
N GLU S 692 9.26 95.47 -38.59
CA GLU S 692 10.62 94.94 -38.56
C GLU S 692 11.49 95.53 -39.66
N SER S 693 10.91 95.80 -40.83
CA SER S 693 11.67 96.38 -41.92
C SER S 693 12.17 97.78 -41.58
N ARG S 694 11.41 98.52 -40.76
CA ARG S 694 11.82 99.85 -40.35
C ARG S 694 12.63 99.86 -39.06
N CYS S 695 12.54 98.80 -38.25
CA CYS S 695 13.28 98.72 -37.01
C CYS S 695 14.63 98.02 -37.16
N GLU S 696 14.84 97.30 -38.27
CA GLU S 696 16.10 96.58 -38.52
C GLU S 696 16.39 95.58 -37.40
N GLU S 697 15.37 94.82 -37.03
CA GLU S 697 15.49 93.81 -35.99
C GLU S 697 14.36 92.80 -36.16
N TYR S 698 14.70 91.53 -36.24
CA TYR S 698 13.73 90.46 -36.49
C TYR S 698 13.85 89.39 -35.40
N PRO S 699 13.32 89.65 -34.21
CA PRO S 699 13.27 88.59 -33.19
C PRO S 699 11.97 87.81 -33.25
N LEU S 700 10.91 88.45 -33.72
CA LEU S 700 9.60 87.80 -33.81
C LEU S 700 9.62 86.67 -34.83
N THR S 701 10.39 86.81 -35.91
CA THR S 701 10.48 85.72 -36.89
C THR S 701 11.11 84.48 -36.27
N ARG S 702 12.21 84.66 -35.54
CA ARG S 702 12.86 83.53 -34.87
C ARG S 702 11.95 82.94 -33.79
N ALA S 703 11.23 83.80 -33.06
CA ALA S 703 10.31 83.29 -32.04
C ALA S 703 9.21 82.46 -32.65
N PHE S 704 8.62 82.93 -33.76
CA PHE S 704 7.57 82.18 -34.43
C PHE S 704 8.10 80.88 -35.01
N CYS S 705 9.32 80.90 -35.55
CA CYS S 705 9.92 79.68 -36.07
C CYS S 705 10.13 78.65 -34.97
N GLN S 706 10.65 79.09 -33.82
CA GLN S 706 10.84 78.18 -32.69
C GLN S 706 9.51 77.64 -32.18
N LEU S 707 8.49 78.50 -32.13
CA LEU S 707 7.16 78.05 -31.69
C LEU S 707 6.60 77.00 -32.64
N ILE S 708 6.73 77.24 -33.95
CA ILE S 708 6.21 76.28 -34.93
C ILE S 708 6.98 74.96 -34.84
N SER S 709 8.30 75.04 -34.64
CA SER S 709 9.10 73.82 -34.52
C SER S 709 8.70 73.03 -33.28
N THR S 710 8.51 73.72 -32.15
CA THR S 710 8.10 73.03 -30.93
C THR S 710 6.70 72.42 -31.08
N LEU S 711 5.79 73.13 -31.74
CA LEU S 711 4.44 72.60 -31.95
C LEU S 711 4.47 71.38 -32.86
N VAL S 712 5.34 71.40 -33.88
CA VAL S 712 5.46 70.24 -34.76
C VAL S 712 6.06 69.06 -34.01
N GLU S 713 7.08 69.31 -33.18
CA GLU S 713 7.68 68.23 -32.40
C GLU S 713 6.69 67.66 -31.38
N SER S 714 5.80 68.49 -30.84
CA SER S 714 4.80 68.03 -29.89
C SER S 714 3.70 67.25 -30.59
N SER S 715 2.91 67.93 -31.41
CA SER S 715 1.80 67.31 -32.14
C SER S 715 2.14 67.24 -33.62
N PHE S 716 1.72 66.14 -34.25
CA PHE S 716 1.99 65.96 -35.67
C PHE S 716 1.10 66.89 -36.50
N PRO S 717 1.60 67.39 -37.63
CA PRO S 717 0.78 68.28 -38.46
C PRO S 717 -0.38 67.53 -39.10
N THR S 718 -1.55 68.18 -39.11
CA THR S 718 -2.76 67.61 -39.67
C THR S 718 -3.19 68.33 -40.95
N ASN S 719 -2.23 68.89 -41.68
CA ASN S 719 -2.50 69.62 -42.92
C ASN S 719 -1.59 69.05 -44.00
N LEU S 720 -2.15 68.22 -44.89
CA LEU S 720 -1.37 67.63 -45.97
C LEU S 720 -2.24 67.34 -47.20
N GLY S 721 -3.34 68.06 -47.36
CA GLY S 721 -4.23 67.85 -48.48
C GLY S 721 -5.68 67.70 -48.09
N ALA S 722 -5.93 67.47 -46.80
CA ALA S 722 -7.27 67.30 -46.30
C ALA S 722 -7.82 68.63 -45.76
N GLY S 723 -9.14 68.73 -45.72
CA GLY S 723 -9.78 69.93 -45.24
C GLY S 723 -9.75 71.06 -46.27
N LEU S 724 -10.19 72.23 -45.81
CA LEU S 724 -10.23 73.44 -46.63
C LEU S 724 -9.00 74.33 -46.43
N ARG S 725 -7.84 73.71 -46.18
CA ARG S 725 -6.62 74.46 -45.93
C ARG S 725 -5.74 74.48 -47.19
N ALA S 726 -4.61 75.18 -47.10
CA ALA S 726 -3.69 75.25 -48.21
C ALA S 726 -2.96 73.93 -48.40
N PRO S 727 -2.49 73.64 -49.62
CA PRO S 727 -1.80 72.36 -49.86
C PRO S 727 -0.55 72.17 -49.02
N GLY S 728 -0.72 71.75 -47.77
CA GLY S 728 0.41 71.41 -46.93
C GLY S 728 1.24 72.61 -46.49
N PHE S 729 2.48 72.30 -46.11
CA PHE S 729 3.42 73.31 -45.63
C PHE S 729 4.12 74.05 -46.76
N GLU S 730 3.69 73.85 -48.01
CA GLU S 730 4.34 74.51 -49.14
C GLU S 730 4.22 76.03 -49.12
N PRO S 731 3.08 76.64 -48.78
CA PRO S 731 3.05 78.11 -48.71
C PRO S 731 4.02 78.68 -47.70
N TYR S 732 4.06 78.14 -46.49
CA TYR S 732 5.00 78.63 -45.48
C TYR S 732 6.44 78.34 -45.88
N LEU S 733 6.69 77.21 -46.54
CA LEU S 733 8.04 76.93 -47.01
C LEU S 733 8.50 77.95 -48.04
N GLN S 734 7.62 78.27 -48.99
CA GLN S 734 7.96 79.28 -49.99
C GLN S 734 8.12 80.65 -49.36
N PHE S 735 7.31 80.96 -48.35
CA PHE S 735 7.43 82.25 -47.66
C PHE S 735 8.76 82.36 -46.93
N LEU S 736 9.19 81.26 -46.29
CA LEU S 736 10.48 81.28 -45.59
C LEU S 736 11.66 81.25 -46.54
N ARG S 737 11.46 80.69 -47.74
CA ARG S 737 12.56 80.59 -48.70
C ARG S 737 12.76 81.88 -49.47
N ASP S 738 11.67 82.55 -49.86
CA ASP S 738 11.75 83.74 -50.69
C ASP S 738 11.61 85.03 -49.90
N THR S 739 10.52 85.18 -49.15
CA THR S 739 10.26 86.40 -48.40
C THR S 739 11.16 86.57 -47.19
N VAL S 740 11.83 85.50 -46.74
CA VAL S 740 12.68 85.57 -45.57
C VAL S 740 14.13 85.31 -45.96
N PHE S 741 14.41 84.10 -46.45
CA PHE S 741 15.77 83.72 -46.76
C PHE S 741 16.34 84.52 -47.93
N LEU S 742 15.49 84.90 -48.89
CA LEU S 742 15.91 85.70 -50.03
C LEU S 742 15.55 87.17 -49.88
N ARG S 743 15.47 87.66 -48.64
CA ARG S 743 15.13 89.06 -48.39
C ARG S 743 15.95 89.60 -47.22
N TYR S 744 16.31 88.73 -46.28
CA TYR S 744 17.12 89.19 -45.15
C TYR S 744 18.54 89.53 -45.57
N ARG S 745 19.05 88.87 -46.62
CA ARG S 745 20.38 89.20 -47.11
C ARG S 745 20.39 90.55 -47.82
N THR S 746 19.25 90.97 -48.37
CA THR S 746 19.18 92.27 -49.03
C THR S 746 18.84 93.39 -48.04
N ARG S 747 18.05 93.09 -47.01
CA ARG S 747 17.70 94.09 -46.02
C ARG S 747 18.85 94.30 -45.04
N ALA S 748 18.83 95.44 -44.37
CA ALA S 748 19.86 95.81 -43.40
C ALA S 748 19.39 95.51 -41.99
N TYR S 749 20.35 95.52 -41.07
CA TYR S 749 20.09 95.25 -39.66
C TYR S 749 20.81 96.29 -38.80
N ARG S 750 20.61 96.20 -37.49
CA ARG S 750 21.32 97.07 -36.56
C ARG S 750 22.72 96.57 -36.25
N ARG S 751 22.90 95.25 -36.17
CA ARG S 751 24.21 94.65 -35.96
C ARG S 751 24.35 93.43 -36.87
N ALA S 752 25.57 92.89 -36.91
CA ALA S 752 25.84 91.75 -37.79
C ALA S 752 25.36 90.43 -37.21
N ALA S 753 25.00 90.39 -35.93
CA ALA S 753 24.58 89.15 -35.32
C ALA S 753 23.16 88.75 -35.67
N GLU S 754 22.36 89.69 -36.21
CA GLU S 754 20.98 89.38 -36.52
C GLU S 754 20.87 88.38 -37.66
N LYS S 755 21.68 88.55 -38.71
CA LYS S 755 21.65 87.59 -39.82
C LYS S 755 22.12 86.22 -39.36
N TRP S 756 23.13 86.17 -38.47
CA TRP S 756 23.59 84.89 -37.95
C TRP S 756 22.52 84.22 -37.11
N GLU S 757 21.80 85.00 -36.30
CA GLU S 757 20.73 84.43 -35.48
C GLU S 757 19.59 83.90 -36.34
N VAL S 758 19.19 84.65 -37.37
CA VAL S 758 18.10 84.19 -38.22
C VAL S 758 18.54 82.98 -39.04
N ALA S 759 19.81 82.91 -39.43
CA ALA S 759 20.30 81.74 -40.13
C ALA S 759 20.33 80.52 -39.21
N GLU S 760 20.73 80.72 -37.95
CA GLU S 760 20.68 79.63 -36.98
C GLU S 760 19.25 79.12 -36.81
N ALA S 761 18.29 80.04 -36.69
CA ALA S 761 16.89 79.64 -36.51
C ALA S 761 16.39 78.88 -37.73
N VAL S 762 16.70 79.38 -38.93
CA VAL S 762 16.23 78.72 -40.15
C VAL S 762 16.83 77.33 -40.27
N LEU S 763 18.15 77.21 -40.03
CA LEU S 763 18.80 75.91 -40.13
C LEU S 763 18.27 74.94 -39.08
N ASP S 764 18.00 75.43 -37.87
CA ASP S 764 17.50 74.56 -36.82
C ASP S 764 16.10 74.05 -37.14
N VAL S 765 15.21 74.95 -37.59
CA VAL S 765 13.86 74.50 -37.91
C VAL S 765 13.86 73.59 -39.14
N PHE S 766 14.77 73.83 -40.10
CA PHE S 766 14.86 72.95 -41.25
C PHE S 766 15.36 71.56 -40.85
N TYR S 767 16.37 71.51 -39.99
CA TYR S 767 16.87 70.22 -39.51
C TYR S 767 15.80 69.47 -38.73
N LYS S 768 15.06 70.17 -37.89
CA LYS S 768 14.00 69.52 -37.12
C LYS S 768 12.88 69.03 -38.03
N LEU S 769 12.51 69.81 -39.05
CA LEU S 769 11.49 69.36 -39.99
C LEU S 769 11.97 68.15 -40.79
N LEU S 770 13.23 68.14 -41.20
CA LEU S 770 13.76 66.99 -41.93
C LEU S 770 13.85 65.75 -41.05
N LYS S 771 14.11 65.94 -39.75
CA LYS S 771 14.13 64.80 -38.85
C LYS S 771 12.72 64.28 -38.56
N ASP S 772 11.73 65.17 -38.54
CA ASP S 772 10.36 64.76 -38.26
C ASP S 772 9.71 64.12 -39.47
N TYR S 773 10.01 64.60 -40.68
CA TYR S 773 9.40 64.08 -41.89
C TYR S 773 10.28 63.03 -42.53
N GLU S 774 9.66 61.93 -42.97
CA GLU S 774 10.35 60.85 -43.63
C GLU S 774 9.71 60.56 -44.98
N PRO S 775 10.50 60.25 -46.00
CA PRO S 775 9.93 59.98 -47.33
C PRO S 775 9.17 58.65 -47.33
N GLN S 776 7.94 58.68 -47.86
CA GLN S 776 7.09 57.52 -47.93
C GLN S 776 6.43 57.46 -49.31
N PRO S 777 6.24 56.27 -49.87
CA PRO S 777 5.60 56.17 -51.19
C PRO S 777 4.11 56.44 -51.17
N GLU S 778 3.47 56.37 -50.00
CA GLU S 778 2.04 56.62 -49.93
C GLU S 778 1.70 58.10 -50.07
N ASP S 779 2.66 58.99 -49.84
CA ASP S 779 2.42 60.43 -49.96
C ASP S 779 2.71 60.96 -51.35
N PHE S 780 3.25 60.15 -52.25
CA PHE S 780 3.55 60.58 -53.61
C PHE S 780 2.40 60.36 -54.57
N VAL S 781 1.42 59.54 -54.22
CA VAL S 781 0.28 59.26 -55.08
C VAL S 781 -0.82 60.25 -54.78
N ASP S 782 -1.75 60.41 -55.73
CA ASP S 782 -2.88 61.33 -55.59
C ASP S 782 -4.07 60.54 -55.04
N GLN S 783 -4.28 60.62 -53.73
CA GLN S 783 -5.38 59.93 -53.09
C GLN S 783 -6.66 60.75 -53.19
N TYR S 784 -7.77 60.07 -53.49
CA TYR S 784 -9.06 60.72 -53.63
C TYR S 784 -9.80 60.71 -52.30
N VAL S 785 -10.23 61.88 -51.85
CA VAL S 785 -10.96 62.03 -50.59
C VAL S 785 -12.15 62.95 -50.83
N GLU S 786 -13.26 62.66 -50.16
CA GLU S 786 -14.48 63.46 -50.28
C GLU S 786 -14.41 64.60 -49.28
N LEU S 787 -14.26 65.82 -49.77
CA LEU S 787 -14.18 67.02 -48.94
C LEU S 787 -15.32 67.95 -49.33
N GLN S 788 -16.35 68.00 -48.49
CA GLN S 788 -17.54 68.84 -48.72
C GLN S 788 -18.18 68.53 -50.07
N GLY S 789 -18.31 67.25 -50.38
CA GLY S 789 -18.91 66.82 -51.61
C GLY S 789 -18.02 66.90 -52.84
N GLU S 790 -16.75 67.28 -52.68
CA GLU S 790 -15.81 67.41 -53.77
C GLU S 790 -14.69 66.40 -53.59
N GLU S 791 -14.41 65.63 -54.65
CA GLU S 791 -13.36 64.62 -54.62
C GLU S 791 -12.05 65.28 -54.99
N ARG S 792 -11.33 65.77 -53.99
CA ARG S 792 -10.05 66.43 -54.20
C ARG S 792 -8.91 65.42 -54.10
N VAL S 793 -7.86 65.68 -54.87
CA VAL S 793 -6.69 64.80 -54.90
C VAL S 793 -5.76 65.18 -53.75
N ALA S 794 -4.80 64.31 -53.45
CA ALA S 794 -3.83 64.54 -52.39
C ALA S 794 -2.64 65.30 -52.96
N PHE S 795 -2.35 66.47 -52.38
CA PHE S 795 -1.25 67.29 -52.85
C PHE S 795 0.09 66.67 -52.45
N LYS S 796 1.14 67.10 -53.15
CA LYS S 796 2.47 66.59 -52.88
C LYS S 796 2.99 67.14 -51.55
N PRO S 797 3.76 66.35 -50.81
CA PRO S 797 4.31 66.85 -49.55
C PRO S 797 5.36 67.91 -49.80
N PRO S 798 5.56 68.83 -48.84
CA PRO S 798 6.54 69.91 -49.08
C PRO S 798 7.97 69.42 -49.08
N GLY S 799 8.30 68.45 -48.23
CA GLY S 799 9.67 67.95 -48.19
C GLY S 799 10.09 67.27 -49.47
N PHE S 800 9.16 66.62 -50.17
CA PHE S 800 9.47 66.00 -51.45
C PHE S 800 9.94 67.05 -52.46
N SER S 801 9.15 68.12 -52.63
CA SER S 801 9.55 69.18 -53.55
C SER S 801 10.82 69.89 -53.06
N LEU S 802 11.00 70.02 -51.74
CA LEU S 802 12.20 70.66 -51.22
C LEU S 802 13.45 69.87 -51.59
N MET S 803 13.45 68.56 -51.34
CA MET S 803 14.63 67.75 -51.67
C MET S 803 14.79 67.60 -53.17
N HIS S 804 13.70 67.63 -53.93
CA HIS S 804 13.82 67.59 -55.39
C HIS S 804 14.51 68.84 -55.91
N HIS S 805 14.09 70.01 -55.43
CA HIS S 805 14.75 71.26 -55.83
C HIS S 805 16.19 71.31 -55.33
N LEU S 806 16.47 70.72 -54.16
CA LEU S 806 17.84 70.68 -53.67
C LEU S 806 18.72 69.80 -54.55
N LEU S 807 18.20 68.65 -54.98
CA LEU S 807 18.97 67.78 -55.87
C LEU S 807 19.15 68.42 -57.25
N ASN S 808 18.16 69.19 -57.72
CA ASN S 808 18.28 69.86 -59.00
C ASN S 808 19.12 71.13 -58.87
N GLU S 809 18.48 72.23 -58.49
CA GLU S 809 19.17 73.51 -58.35
C GLU S 809 18.34 74.38 -57.43
N SER S 810 18.89 74.74 -56.27
CA SER S 810 18.14 75.44 -55.22
C SER S 810 18.86 76.72 -54.82
N PRO S 811 18.20 77.88 -54.85
CA PRO S 811 18.83 79.09 -54.31
C PRO S 811 19.11 78.98 -52.82
N MET S 812 18.35 78.15 -52.09
CA MET S 812 18.64 77.91 -50.69
C MET S 812 20.01 77.26 -50.53
N LEU S 813 20.30 76.23 -51.33
CA LEU S 813 21.62 75.60 -51.28
C LEU S 813 22.69 76.54 -51.81
N GLU S 814 22.35 77.40 -52.78
CA GLU S 814 23.32 78.39 -53.24
C GLU S 814 23.72 79.35 -52.12
N LEU S 815 22.74 79.86 -51.38
CA LEU S 815 23.04 80.73 -50.26
C LEU S 815 23.74 79.99 -49.13
N CYS S 816 23.43 78.70 -48.95
CA CYS S 816 24.14 77.91 -47.96
C CYS S 816 25.62 77.79 -48.31
N LEU S 817 25.92 77.50 -49.58
CA LEU S 817 27.31 77.46 -50.01
C LEU S 817 27.97 78.82 -49.92
N SER S 818 27.21 79.90 -50.18
CA SER S 818 27.77 81.25 -50.06
C SER S 818 28.17 81.56 -48.62
N LEU S 819 27.28 81.24 -47.67
CA LEU S 819 27.61 81.48 -46.26
C LEU S 819 28.71 80.54 -45.78
N MET S 820 28.81 79.34 -46.38
CA MET S 820 29.93 78.46 -46.06
C MET S 820 31.25 79.06 -46.53
N GLU S 821 31.27 79.61 -47.74
CA GLU S 821 32.47 80.30 -48.22
C GLU S 821 32.80 81.50 -47.33
N GLU S 822 31.78 82.23 -46.89
CA GLU S 822 32.00 83.36 -45.99
C GLU S 822 32.61 82.91 -44.67
N GLY S 823 32.10 81.81 -44.11
CA GLY S 823 32.66 81.29 -42.87
C GLY S 823 34.09 80.78 -43.05
N VAL S 824 34.38 80.18 -44.20
CA VAL S 824 35.74 79.73 -44.47
C VAL S 824 36.69 80.92 -44.58
N THR S 825 36.25 81.98 -45.25
CA THR S 825 37.09 83.19 -45.34
C THR S 825 37.28 83.82 -43.96
N GLN S 826 36.25 83.80 -43.13
CA GLN S 826 36.38 84.34 -41.77
C GLN S 826 37.34 83.50 -40.94
N LEU S 827 37.31 82.18 -41.09
CA LEU S 827 38.25 81.33 -40.37
C LEU S 827 39.67 81.53 -40.89
N ASP S 828 39.83 81.81 -42.17
CA ASP S 828 41.16 82.09 -42.71
C ASP S 828 41.68 83.43 -42.21
N THR S 829 40.80 84.42 -42.10
CA THR S 829 41.18 85.73 -41.56
C THR S 829 40.53 85.94 -40.20
N TYR S 830 40.73 84.97 -39.29
CA TYR S 830 40.14 85.02 -37.96
C TYR S 830 40.40 86.35 -37.27
N ALA S 831 39.33 86.94 -36.73
CA ALA S 831 39.39 88.22 -36.04
C ALA S 831 38.22 88.29 -35.08
N PRO S 832 38.32 89.11 -34.02
CA PRO S 832 37.19 89.22 -33.07
C PRO S 832 35.90 89.68 -33.74
N PHE S 833 35.18 88.73 -34.34
CA PHE S 833 33.91 89.02 -35.00
C PHE S 833 32.75 88.60 -34.11
N PRO S 834 31.76 89.46 -33.91
CA PRO S 834 30.60 89.10 -33.05
C PRO S 834 29.60 88.21 -33.77
N GLY S 835 29.97 86.94 -33.94
CA GLY S 835 29.10 85.99 -34.60
C GLY S 835 29.77 84.68 -34.97
N LYS S 836 31.00 84.49 -34.51
CA LYS S 836 31.72 83.25 -34.83
C LYS S 836 31.11 82.06 -34.09
N LYS S 837 30.78 82.24 -32.81
CA LYS S 837 30.13 81.17 -32.06
C LYS S 837 28.77 80.82 -32.63
N HIS S 838 28.10 81.79 -33.26
CA HIS S 838 26.82 81.52 -33.92
C HIS S 838 27.03 80.77 -35.23
N LEU S 839 27.98 81.24 -36.05
CA LEU S 839 28.27 80.59 -37.32
C LEU S 839 28.76 79.16 -37.13
N GLU S 840 29.42 78.88 -36.01
CA GLU S 840 29.87 77.52 -35.73
C GLU S 840 28.69 76.56 -35.71
N LYS S 841 27.72 76.79 -34.83
CA LYS S 841 26.58 75.90 -34.74
C LYS S 841 25.68 76.01 -35.97
N ALA S 842 25.68 77.17 -36.65
CA ALA S 842 24.92 77.28 -37.89
C ALA S 842 25.45 76.33 -38.95
N VAL S 843 26.76 76.36 -39.20
CA VAL S 843 27.36 75.46 -40.17
C VAL S 843 27.32 74.01 -39.67
N ALA S 844 27.28 73.79 -38.36
CA ALA S 844 27.11 72.44 -37.85
C ALA S 844 25.74 71.88 -38.21
N TYR S 845 24.69 72.69 -38.00
CA TYR S 845 23.35 72.27 -38.39
C TYR S 845 23.26 72.10 -39.90
N CYS S 846 23.94 72.96 -40.66
CA CYS S 846 23.95 72.82 -42.12
C CYS S 846 24.62 71.51 -42.53
N PHE S 847 25.73 71.15 -41.90
CA PHE S 847 26.40 69.89 -42.20
C PHE S 847 25.53 68.70 -41.82
N MET S 848 24.82 68.79 -40.69
CA MET S 848 23.92 67.70 -40.30
C MET S 848 22.79 67.54 -41.32
N LEU S 849 22.23 68.66 -41.78
CA LEU S 849 21.17 68.60 -42.79
C LEU S 849 21.70 68.01 -44.09
N LEU S 850 22.92 68.40 -44.49
CA LEU S 850 23.49 67.86 -45.72
C LEU S 850 23.75 66.36 -45.59
N ASN S 851 24.21 65.91 -44.41
CA ASN S 851 24.42 64.49 -44.20
C ASN S 851 23.11 63.72 -44.24
N LEU S 852 22.05 64.27 -43.62
CA LEU S 852 20.75 63.61 -43.69
C LEU S 852 20.24 63.54 -45.13
N THR S 853 20.44 64.61 -45.89
CA THR S 853 20.00 64.60 -47.29
C THR S 853 20.78 63.57 -48.11
N LEU S 854 22.10 63.49 -47.89
CA LEU S 854 22.90 62.51 -48.61
C LEU S 854 22.54 61.08 -48.20
N GLN S 855 22.10 60.88 -46.95
CA GLN S 855 21.69 59.56 -46.52
C GLN S 855 20.33 59.18 -47.08
N LYS S 856 19.42 60.14 -47.19
CA LYS S 856 18.07 59.88 -47.70
C LYS S 856 17.98 59.98 -49.22
N GLU S 857 19.06 60.38 -49.89
CA GLU S 857 19.03 60.45 -51.35
C GLU S 857 18.77 59.09 -51.98
N ASN S 858 19.33 58.03 -51.40
CA ASN S 858 19.10 56.69 -51.94
C ASN S 858 17.64 56.28 -51.81
N ARG S 859 17.05 56.51 -50.65
CA ARG S 859 15.63 56.19 -50.46
C ARG S 859 14.76 57.04 -51.38
N PHE S 860 15.12 58.30 -51.58
CA PHE S 860 14.36 59.16 -52.48
C PHE S 860 14.42 58.64 -53.91
N MET S 861 15.62 58.25 -54.36
CA MET S 861 15.75 57.71 -55.72
C MET S 861 14.97 56.40 -55.87
N ASP S 862 15.01 55.54 -54.84
CA ASP S 862 14.26 54.30 -54.90
C ASP S 862 12.75 54.57 -54.99
N LEU S 863 12.26 55.51 -54.18
CA LEU S 863 10.84 55.84 -54.20
C LEU S 863 10.43 56.46 -55.54
N LEU S 864 11.31 57.29 -56.12
CA LEU S 864 11.01 57.89 -57.41
C LEU S 864 10.98 56.84 -58.51
N ARG S 865 11.89 55.86 -58.46
CA ARG S 865 11.89 54.80 -59.45
C ARG S 865 10.71 53.85 -59.26
N GLU S 866 10.22 53.71 -58.03
CA GLU S 866 9.08 52.83 -57.77
C GLU S 866 7.77 53.47 -58.19
N SER S 867 7.56 54.74 -57.82
CA SER S 867 6.32 55.43 -58.12
C SER S 867 6.30 55.88 -59.58
N HIS S 868 5.18 56.48 -59.99
CA HIS S 868 5.00 56.96 -61.35
C HIS S 868 4.70 58.45 -61.41
N LEU S 869 3.65 58.91 -60.72
CA LEU S 869 3.27 60.32 -60.71
C LEU S 869 4.27 61.09 -59.84
N SER S 870 5.42 61.40 -60.42
CA SER S 870 6.48 62.12 -59.72
C SER S 870 7.37 62.78 -60.77
N MET S 871 8.46 63.40 -60.28
CA MET S 871 9.41 64.09 -61.14
C MET S 871 10.79 63.47 -60.93
N ILE S 872 11.44 63.10 -62.03
CA ILE S 872 12.77 62.51 -61.95
C ILE S 872 13.78 63.60 -61.61
N VAL S 873 14.60 63.35 -60.59
CA VAL S 873 15.58 64.32 -60.13
C VAL S 873 16.89 64.13 -60.89
N THR S 874 17.95 64.79 -60.42
CA THR S 874 19.26 64.73 -61.04
C THR S 874 20.30 64.58 -59.93
N PRO S 875 21.30 63.70 -60.12
CA PRO S 875 22.35 63.57 -59.10
C PRO S 875 23.05 64.89 -58.78
N LEU S 876 22.98 65.30 -57.51
CA LEU S 876 23.54 66.58 -57.12
C LEU S 876 25.06 66.61 -57.17
N GLU S 877 25.72 65.45 -57.09
CA GLU S 877 27.18 65.41 -57.09
C GLU S 877 27.74 65.96 -58.40
N GLN S 878 27.21 65.48 -59.54
CA GLN S 878 27.70 65.94 -60.82
C GLN S 878 27.36 67.42 -61.05
N LEU S 879 26.17 67.85 -60.63
CA LEU S 879 25.78 69.24 -60.82
C LEU S 879 26.62 70.17 -59.97
N LEU S 880 27.07 69.72 -58.80
CA LEU S 880 27.94 70.55 -57.96
C LEU S 880 29.38 70.51 -58.43
N GLN S 881 29.83 69.39 -59.01
CA GLN S 881 31.20 69.29 -59.50
C GLN S 881 31.40 69.97 -60.85
N GLY S 882 30.33 70.12 -61.64
CA GLY S 882 30.44 70.77 -62.94
C GLY S 882 30.61 72.28 -62.84
N ILE S 883 29.54 73.01 -63.14
CA ILE S 883 29.56 74.47 -63.13
C ILE S 883 28.44 74.94 -62.21
N ASN S 884 28.79 75.75 -61.21
CA ASN S 884 27.80 76.29 -60.28
C ASN S 884 27.35 77.67 -60.72
N PRO S 885 26.05 77.95 -60.67
CA PRO S 885 25.54 79.27 -61.10
C PRO S 885 25.71 80.34 -60.03
N ARG S 886 26.97 80.66 -59.73
CA ARG S 886 27.27 81.69 -58.74
C ARG S 886 28.67 82.27 -58.98
N SER S 887 29.50 81.55 -59.73
CA SER S 887 30.85 82.00 -60.02
C SER S 887 31.41 81.30 -61.25
N LYS S 888 30.62 80.37 -61.82
CA LYS S 888 31.02 79.59 -63.00
C LYS S 888 32.32 78.84 -62.75
N LYS S 889 32.50 78.33 -61.53
CA LYS S 889 33.68 77.59 -61.15
C LYS S 889 33.29 76.42 -60.28
N ALA S 890 34.26 75.56 -59.97
CA ALA S 890 34.05 74.38 -59.15
C ALA S 890 35.16 74.22 -58.10
N ASP S 891 35.69 75.35 -57.61
CA ASP S 891 36.75 75.34 -56.62
C ASP S 891 36.23 75.33 -55.19
N ASN S 892 34.99 74.86 -54.98
CA ASN S 892 34.43 74.80 -53.63
C ASN S 892 34.93 73.61 -52.84
N VAL S 893 35.42 72.56 -53.51
CA VAL S 893 35.95 71.40 -52.79
C VAL S 893 37.18 71.77 -51.98
N VAL S 894 38.00 72.69 -52.49
CA VAL S 894 39.18 73.11 -51.75
C VAL S 894 38.78 73.84 -50.47
N ASN S 895 37.82 74.75 -50.57
CA ASN S 895 37.36 75.47 -49.39
C ASN S 895 36.64 74.56 -48.42
N ILE S 896 36.01 73.49 -48.93
CA ILE S 896 35.37 72.52 -48.04
C ILE S 896 36.42 71.73 -47.30
N ALA S 897 37.46 71.27 -48.00
CA ALA S 897 38.55 70.54 -47.36
C ALA S 897 39.36 71.41 -46.42
N ARG S 898 39.31 72.74 -46.60
CA ARG S 898 39.98 73.64 -45.66
C ARG S 898 39.43 73.49 -44.25
N TYR S 899 38.17 73.04 -44.11
CA TYR S 899 37.61 72.77 -42.80
C TYR S 899 38.39 71.68 -42.08
N LEU S 900 38.64 70.56 -42.76
CA LEU S 900 39.46 69.51 -42.19
C LEU S 900 40.92 69.93 -42.06
N CYS S 901 41.38 70.81 -42.96
CA CYS S 901 42.75 71.31 -42.87
C CYS S 901 42.96 72.09 -41.57
N HIS S 902 41.98 72.90 -41.19
CA HIS S 902 42.04 73.64 -39.92
C HIS S 902 41.56 72.73 -38.79
N GLY S 903 42.42 71.78 -38.44
CA GLY S 903 42.12 70.80 -37.43
C GLY S 903 42.27 71.34 -36.01
N ASN S 904 42.46 70.41 -35.08
CA ASN S 904 42.65 70.71 -33.67
C ASN S 904 41.49 71.50 -33.09
N SER S 905 41.42 72.80 -33.39
CA SER S 905 40.36 73.63 -32.84
C SER S 905 39.01 73.30 -33.47
N ASN S 906 38.97 73.21 -34.79
CA ASN S 906 37.72 72.93 -35.52
C ASN S 906 37.52 71.43 -35.71
N ALA S 907 37.66 70.67 -34.62
CA ALA S 907 37.56 69.21 -34.70
C ALA S 907 36.15 68.77 -35.06
N GLU S 908 35.13 69.42 -34.50
CA GLU S 908 33.75 69.05 -34.79
C GLU S 908 33.43 69.30 -36.25
N LEU S 909 33.81 70.46 -36.78
CA LEU S 909 33.55 70.76 -38.18
C LEU S 909 34.35 69.84 -39.10
N ALA S 910 35.58 69.50 -38.71
CA ALA S 910 36.37 68.56 -39.50
C ALA S 910 35.71 67.19 -39.55
N PHE S 911 35.22 66.71 -38.41
CA PHE S 911 34.54 65.42 -38.37
C PHE S 911 33.25 65.45 -39.20
N GLU S 912 32.51 66.57 -39.13
CA GLU S 912 31.29 66.68 -39.92
C GLU S 912 31.59 66.68 -41.41
N SER S 913 32.63 67.41 -41.83
CA SER S 913 33.01 67.42 -43.25
C SER S 913 33.49 66.04 -43.68
N ALA S 914 34.22 65.34 -42.82
CA ALA S 914 34.68 64.00 -43.16
C ALA S 914 33.52 63.04 -43.32
N LYS S 915 32.54 63.10 -42.42
CA LYS S 915 31.37 62.22 -42.55
C LYS S 915 30.54 62.59 -43.76
N ILE S 916 30.48 63.88 -44.12
CA ILE S 916 29.76 64.28 -45.32
C ILE S 916 30.44 63.73 -46.56
N LEU S 917 31.77 63.82 -46.61
CA LEU S 917 32.51 63.26 -47.74
C LEU S 917 32.35 61.75 -47.82
N CYS S 918 32.35 61.08 -46.66
CA CYS S 918 32.18 59.62 -46.65
C CYS S 918 30.78 59.23 -47.13
N SER S 919 29.77 60.02 -46.76
CA SER S 919 28.41 59.72 -47.20
C SER S 919 28.21 60.04 -48.68
N ILE S 920 28.92 61.04 -49.19
CA ILE S 920 28.76 61.42 -50.60
C ILE S 920 29.62 60.56 -51.52
N SER S 921 30.66 59.91 -51.01
CA SER S 921 31.48 59.05 -51.84
C SER S 921 30.85 57.70 -52.12
N CYS S 922 29.78 57.34 -51.42
CA CYS S 922 29.09 56.06 -51.61
C CYS S 922 27.92 56.17 -52.59
N ASN S 923 27.83 57.27 -53.35
CA ASN S 923 26.75 57.46 -54.30
C ASN S 923 27.34 57.31 -55.70
N SER S 924 27.63 58.39 -56.41
CA SER S 924 28.18 58.33 -57.75
C SER S 924 29.71 58.44 -57.67
N LYS S 925 30.33 58.88 -58.77
CA LYS S 925 31.78 59.04 -58.85
C LYS S 925 32.09 60.47 -59.24
N ILE S 926 32.90 61.15 -58.42
CA ILE S 926 33.30 62.53 -58.67
C ILE S 926 34.79 62.67 -58.45
N GLN S 927 35.50 61.54 -58.44
CA GLN S 927 36.94 61.56 -58.20
C GLN S 927 37.68 62.30 -59.31
N GLU S 928 37.22 62.13 -60.56
CA GLU S 928 37.86 62.84 -61.68
C GLU S 928 37.72 64.35 -61.52
N LYS S 929 36.53 64.82 -61.17
CA LYS S 929 36.33 66.25 -60.97
C LYS S 929 37.11 66.75 -59.76
N ILE S 930 37.21 65.94 -58.71
CA ILE S 930 37.99 66.32 -57.53
C ILE S 930 39.46 66.49 -57.90
N VAL S 931 39.99 65.55 -58.69
CA VAL S 931 41.38 65.65 -59.13
C VAL S 931 41.59 66.85 -60.03
N GLY S 932 40.63 67.11 -60.93
CA GLY S 932 40.75 68.26 -61.80
C GLY S 932 40.71 69.59 -61.05
N ASP S 933 39.91 69.65 -59.98
CA ASP S 933 39.86 70.86 -59.17
C ASP S 933 41.09 71.00 -58.29
N PHE S 934 41.66 69.88 -57.83
CA PHE S 934 42.87 69.95 -57.01
C PHE S 934 44.10 70.30 -57.84
N THR S 935 44.13 69.90 -59.11
CA THR S 935 45.25 70.20 -60.00
C THR S 935 45.15 71.59 -60.61
N GLN S 936 44.80 72.60 -59.83
CA GLN S 936 44.70 73.96 -60.32
C GLN S 936 45.83 74.86 -59.87
N ASP S 937 46.42 74.58 -58.70
CA ASP S 937 47.54 75.38 -58.20
C ASP S 937 48.40 74.52 -57.30
N GLN S 938 49.69 74.83 -57.26
CA GLN S 938 50.63 74.05 -56.45
C GLN S 938 50.66 74.55 -55.01
N ASN S 939 50.55 75.86 -54.81
CA ASN S 939 50.56 76.40 -53.46
C ASN S 939 49.27 76.06 -52.71
N VAL S 940 48.15 76.04 -53.42
CA VAL S 940 46.87 75.69 -52.79
C VAL S 940 46.89 74.23 -52.34
N SER S 941 47.35 73.34 -53.21
CA SER S 941 47.48 71.94 -52.82
C SER S 941 48.50 71.75 -51.71
N GLN S 942 49.56 72.56 -51.70
CA GLN S 942 50.55 72.49 -50.63
C GLN S 942 49.92 72.85 -49.30
N LYS S 943 49.16 73.95 -49.27
CA LYS S 943 48.48 74.34 -48.03
C LYS S 943 47.46 73.29 -47.61
N LEU S 944 46.77 72.69 -48.59
CA LEU S 944 45.77 71.66 -48.28
C LEU S 944 46.43 70.45 -47.63
N MET S 945 47.54 69.95 -48.22
CA MET S 945 48.20 68.80 -47.64
C MET S 945 48.87 69.13 -46.31
N VAL S 946 49.34 70.37 -46.14
CA VAL S 946 49.90 70.78 -44.85
C VAL S 946 48.83 70.76 -43.78
N GLY S 947 47.65 71.29 -44.08
CA GLY S 947 46.55 71.25 -43.13
C GLY S 947 46.10 69.84 -42.84
N PHE S 948 46.06 68.99 -43.87
CA PHE S 948 45.68 67.59 -43.66
C PHE S 948 46.66 66.88 -42.74
N VAL S 949 47.96 67.11 -42.93
CA VAL S 949 48.96 66.50 -42.08
C VAL S 949 48.86 67.03 -40.65
N SER S 950 48.65 68.34 -40.51
CA SER S 950 48.53 68.94 -39.18
C SER S 950 47.29 68.45 -38.45
N CYS S 951 46.24 68.09 -39.19
CA CYS S 951 45.04 67.56 -38.56
C CYS S 951 45.15 66.07 -38.28
N LEU S 952 45.92 65.33 -39.08
CA LEU S 952 46.02 63.89 -38.91
C LEU S 952 47.07 63.50 -37.87
N ASP S 953 48.13 64.28 -37.73
CA ASP S 953 49.20 63.93 -36.79
C ASP S 953 48.90 64.34 -35.36
N SER S 954 47.69 64.84 -35.09
CA SER S 954 47.30 65.25 -33.74
C SER S 954 47.05 63.99 -32.90
N GLU S 955 48.13 63.43 -32.39
CA GLU S 955 48.05 62.23 -31.56
C GLU S 955 47.96 62.53 -30.08
N GLU S 956 48.51 63.67 -29.64
CA GLU S 956 48.49 64.10 -28.24
C GLU S 956 49.12 63.03 -27.34
N ALA S 957 50.44 62.91 -27.47
CA ALA S 957 51.23 61.95 -26.69
C ALA S 957 52.63 62.53 -26.51
N GLU S 958 52.81 63.29 -25.43
CA GLU S 958 54.09 63.90 -25.11
C GLU S 958 54.51 63.59 -23.67
N GLU S 959 54.07 62.44 -23.16
CA GLU S 959 54.38 61.99 -21.80
C GLU S 959 53.92 62.99 -20.73
N LEU S 960 52.93 63.82 -21.05
CA LEU S 960 52.42 64.80 -20.10
C LEU S 960 50.93 65.04 -20.32
N LEU S 961 50.53 65.21 -21.58
CA LEU S 961 49.14 65.45 -21.93
C LEU S 961 48.32 64.17 -22.00
N ASP S 962 48.91 63.02 -21.70
CA ASP S 962 48.18 61.75 -21.74
C ASP S 962 48.87 60.72 -20.84
N SER S 963 48.93 61.01 -19.55
CA SER S 963 49.58 60.10 -18.60
C SER S 963 48.80 60.03 -17.29
N GLU S 964 49.45 60.38 -16.19
CA GLU S 964 48.83 60.33 -14.87
C GLU S 964 48.18 61.64 -14.45
N LYS S 965 48.16 62.64 -15.33
CA LYS S 965 47.57 63.94 -15.03
C LYS S 965 46.18 64.05 -15.66
N GLU S 966 45.54 65.20 -15.49
CA GLU S 966 44.23 65.42 -16.06
C GLU S 966 44.33 65.56 -17.58
N ALA S 967 43.45 64.86 -18.29
CA ALA S 967 43.47 64.89 -19.75
C ALA S 967 42.12 64.52 -20.33
N GLU S 968 41.04 64.90 -19.65
CA GLU S 968 39.70 64.60 -20.15
C GLU S 968 39.44 65.29 -21.49
N ASP S 969 39.75 66.59 -21.56
CA ASP S 969 39.65 67.29 -22.84
C ASP S 969 40.60 66.69 -23.87
N GLN S 970 41.79 66.25 -23.43
CA GLN S 970 42.72 65.60 -24.34
C GLN S 970 42.16 64.28 -24.84
N VAL S 971 41.49 63.52 -23.97
CA VAL S 971 40.86 62.27 -24.40
C VAL S 971 39.75 62.54 -25.40
N LYS S 972 38.94 63.58 -25.16
CA LYS S 972 37.89 63.92 -26.11
C LYS S 972 38.46 64.35 -27.45
N GLN S 973 39.54 65.13 -27.43
CA GLN S 973 40.18 65.54 -28.67
C GLN S 973 40.76 64.35 -29.42
N THR S 974 41.39 63.42 -28.69
CA THR S 974 41.91 62.21 -29.32
C THR S 974 40.79 61.39 -29.93
N ASN S 975 39.66 61.28 -29.25
CA ASN S 975 38.54 60.50 -29.77
C ASN S 975 37.95 61.13 -31.02
N ILE S 976 37.76 62.46 -31.02
CA ILE S 976 37.19 63.11 -32.20
C ILE S 976 38.17 63.07 -33.36
N ARG S 977 39.47 63.18 -33.07
CA ARG S 977 40.46 63.05 -34.14
C ARG S 977 40.48 61.63 -34.70
N TYR S 978 40.33 60.63 -33.83
CA TYR S 978 40.30 59.25 -34.29
C TYR S 978 39.08 58.98 -35.17
N MET S 979 37.92 59.50 -34.78
CA MET S 979 36.73 59.30 -35.60
C MET S 979 36.81 60.06 -36.91
N THR S 980 37.42 61.26 -36.90
CA THR S 980 37.62 61.97 -38.15
C THR S 980 38.58 61.22 -39.07
N LYS S 981 39.63 60.64 -38.50
CA LYS S 981 40.56 59.84 -39.32
C LYS S 981 39.88 58.59 -39.85
N ILE S 982 39.00 57.98 -39.07
CA ILE S 982 38.25 56.82 -39.54
C ILE S 982 37.36 57.21 -40.71
N HIS S 983 36.68 58.36 -40.60
CA HIS S 983 35.82 58.81 -41.70
C HIS S 983 36.64 59.13 -42.94
N ILE S 984 37.81 59.74 -42.77
CA ILE S 984 38.66 60.05 -43.92
C ILE S 984 39.17 58.76 -44.56
N LEU S 985 39.52 57.77 -43.76
CA LEU S 985 39.97 56.49 -44.30
C LEU S 985 38.85 55.81 -45.07
N ASN S 986 37.62 55.84 -44.55
CA ASN S 986 36.49 55.27 -45.27
C ASN S 986 36.24 56.01 -46.58
N LEU S 987 36.39 57.34 -46.56
CA LEU S 987 36.22 58.12 -47.78
C LEU S 987 37.25 57.75 -48.84
N LEU S 988 38.52 57.64 -48.42
CA LEU S 988 39.56 57.29 -49.40
C LEU S 988 39.42 55.84 -49.85
N ILE S 989 38.89 54.96 -49.00
CA ILE S 989 38.62 53.59 -49.43
C ILE S 989 37.54 53.57 -50.51
N THR S 990 36.45 54.31 -50.28
CA THR S 990 35.40 54.39 -51.27
C THR S 990 35.89 55.04 -52.57
N SER S 991 36.83 55.98 -52.46
CA SER S 991 37.41 56.58 -53.65
C SER S 991 38.29 55.60 -54.41
N LEU S 992 39.09 54.81 -53.69
CA LEU S 992 39.93 53.81 -54.33
C LEU S 992 39.10 52.68 -54.93
N GLU S 993 37.90 52.44 -54.41
CA GLU S 993 37.04 51.39 -54.95
C GLU S 993 36.57 51.69 -56.36
N MET S 994 36.69 52.93 -56.83
CA MET S 994 36.29 53.29 -58.19
C MET S 994 37.44 53.06 -59.16
N LYS S 995 37.72 54.07 -60.00
CA LYS S 995 38.79 54.00 -60.98
C LYS S 995 39.73 55.18 -60.81
N ALA S 996 40.60 55.38 -61.79
CA ALA S 996 41.60 56.43 -61.83
C ALA S 996 41.15 57.57 -62.74
N PRO S 997 41.46 58.83 -62.40
CA PRO S 997 42.20 59.22 -61.19
C PRO S 997 41.30 59.41 -59.97
N ASN S 998 41.90 59.50 -58.80
CA ASN S 998 41.16 59.71 -57.56
C ASN S 998 42.02 60.49 -56.58
N LEU S 999 41.37 61.20 -55.67
CA LEU S 999 42.09 62.01 -54.69
C LEU S 999 42.95 61.14 -53.78
N ALA S 1000 42.55 59.89 -53.55
CA ALA S 1000 43.33 58.98 -52.72
C ALA S 1000 44.72 58.75 -53.32
N MET S 1001 44.76 58.27 -54.57
CA MET S 1001 46.05 58.09 -55.24
C MET S 1001 46.75 59.43 -55.46
N PHE S 1002 45.98 60.51 -55.63
CA PHE S 1002 46.58 61.82 -55.83
C PHE S 1002 47.41 62.25 -54.62
N LEU S 1003 46.84 62.13 -53.42
CA LEU S 1003 47.58 62.51 -52.22
C LEU S 1003 48.52 61.42 -51.72
N LEU S 1004 48.37 60.19 -52.22
CA LEU S 1004 49.32 59.14 -51.85
C LEU S 1004 50.58 59.19 -52.70
N GLY S 1005 50.47 59.57 -53.97
CA GLY S 1005 51.63 59.67 -54.84
C GLY S 1005 51.87 58.43 -55.66
N TYR S 1006 50.79 57.78 -56.10
CA TYR S 1006 50.88 56.57 -56.91
C TYR S 1006 49.79 56.60 -57.99
N GLU S 1007 49.66 57.73 -58.66
CA GLU S 1007 48.65 57.88 -59.70
C GLU S 1007 49.03 57.09 -60.95
N LEU S 1008 48.05 56.86 -61.80
CA LEU S 1008 48.26 56.12 -63.05
C LEU S 1008 48.61 57.02 -64.22
N LYS S 1009 48.14 58.27 -64.22
CA LYS S 1009 48.49 59.19 -65.29
C LYS S 1009 49.96 59.60 -65.23
N LYS S 1010 50.55 59.58 -64.04
CA LYS S 1010 51.95 59.90 -63.84
C LYS S 1010 52.75 58.62 -63.58
N PRO S 1011 54.05 58.62 -63.90
CA PRO S 1011 54.87 57.43 -63.63
C PRO S 1011 54.91 57.12 -62.14
N VAL S 1012 54.55 55.88 -61.79
CA VAL S 1012 54.51 55.48 -60.40
C VAL S 1012 55.90 55.45 -59.79
N SER S 1013 56.88 54.94 -60.53
CA SER S 1013 58.26 54.88 -60.03
C SER S 1013 58.85 56.27 -59.84
N THR S 1014 58.41 57.24 -60.64
CA THR S 1014 58.90 58.60 -60.49
C THR S 1014 58.18 59.34 -59.37
N THR S 1015 56.89 59.07 -59.17
CA THR S 1015 56.14 59.72 -58.11
C THR S 1015 56.46 59.15 -56.74
N ASN S 1016 56.88 57.89 -56.67
CA ASN S 1016 57.24 57.28 -55.40
C ASN S 1016 58.56 57.86 -54.92
N LEU S 1017 58.49 58.69 -53.86
CA LEU S 1017 59.70 59.30 -53.33
C LEU S 1017 60.56 58.27 -52.60
N GLN S 1018 61.87 58.49 -52.64
CA GLN S 1018 62.83 57.60 -52.01
C GLN S 1018 63.32 58.12 -50.66
N ASP S 1019 62.74 59.21 -50.16
CA ASP S 1019 63.15 59.79 -48.90
C ASP S 1019 61.91 60.29 -48.16
N SER S 1020 61.96 60.18 -46.83
CA SER S 1020 60.88 60.61 -45.95
C SER S 1020 61.34 61.84 -45.15
N GLY S 1021 60.67 62.09 -44.04
CA GLY S 1021 61.04 63.23 -43.22
C GLY S 1021 60.61 64.54 -43.85
N VAL S 1022 61.44 65.57 -43.68
CA VAL S 1022 61.19 66.89 -44.23
C VAL S 1022 62.48 67.43 -44.83
N LEU S 1023 62.34 68.18 -45.93
CA LEU S 1023 63.47 68.80 -46.61
C LEU S 1023 63.37 70.31 -46.65
N GLY S 1024 62.19 70.86 -46.91
CA GLY S 1024 61.99 72.29 -46.93
C GLY S 1024 60.53 72.65 -46.72
N CYS S 1025 59.69 71.64 -46.67
CA CYS S 1025 58.26 71.78 -46.46
C CYS S 1025 57.79 70.67 -45.54
N PRO S 1026 56.64 70.84 -44.88
CA PRO S 1026 56.12 69.75 -44.05
C PRO S 1026 55.89 68.48 -44.84
N ARG S 1027 55.99 67.34 -44.15
CA ARG S 1027 55.89 66.05 -44.79
C ARG S 1027 54.49 65.82 -45.35
N THR S 1028 54.37 64.81 -46.21
CA THR S 1028 53.10 64.47 -46.83
C THR S 1028 52.28 63.58 -45.91
N CYS S 1029 51.06 63.28 -46.34
CA CYS S 1029 50.18 62.40 -45.56
C CYS S 1029 50.74 60.98 -45.50
N LEU S 1030 51.37 60.51 -46.57
CA LEU S 1030 51.99 59.20 -46.54
C LEU S 1030 53.13 59.15 -45.52
N HIS S 1031 53.96 60.19 -45.49
CA HIS S 1031 55.04 60.24 -44.51
C HIS S 1031 54.49 60.36 -43.09
N SER S 1032 53.39 61.08 -42.92
CA SER S 1032 52.76 61.18 -41.60
C SER S 1032 52.23 59.83 -41.14
N ILE S 1033 51.58 59.08 -42.04
CA ILE S 1033 51.10 57.76 -41.69
C ILE S 1033 52.27 56.82 -41.37
N LEU S 1034 53.36 56.95 -42.14
CA LEU S 1034 54.55 56.13 -41.87
C LEU S 1034 55.12 56.43 -40.49
N ASP S 1035 55.22 57.71 -40.14
CA ASP S 1035 55.75 58.09 -38.82
C ASP S 1035 54.81 57.61 -37.71
N ILE S 1036 53.50 57.69 -37.94
CA ILE S 1036 52.54 57.25 -36.94
C ILE S 1036 52.65 55.75 -36.71
N LEU S 1037 52.83 54.98 -37.79
CA LEU S 1037 53.03 53.55 -37.65
C LEU S 1037 54.40 53.21 -37.08
N ARG S 1038 55.37 54.12 -37.22
CA ARG S 1038 56.72 53.85 -36.74
C ARG S 1038 56.87 54.13 -35.24
N LYS S 1039 56.22 55.18 -34.74
CA LYS S 1039 56.33 55.55 -33.32
C LYS S 1039 55.72 54.44 -32.47
N GLY S 1040 56.53 53.43 -32.19
CA GLY S 1040 56.09 52.30 -31.40
C GLY S 1040 56.59 50.97 -31.93
N THR S 1041 57.81 50.95 -32.47
CA THR S 1041 58.41 49.75 -33.03
C THR S 1041 59.38 49.10 -32.04
N ASP S 1042 58.92 48.89 -30.82
CA ASP S 1042 59.75 48.27 -29.78
C ASP S 1042 59.16 46.97 -29.24
N VAL S 1043 57.83 46.85 -29.15
CA VAL S 1043 57.19 45.64 -28.65
C VAL S 1043 56.30 45.06 -29.74
N ARG S 1044 55.61 43.98 -29.42
CA ARG S 1044 54.72 43.32 -30.37
C ARG S 1044 53.25 43.68 -30.15
N ALA S 1045 52.95 44.59 -29.23
CA ALA S 1045 51.56 44.97 -28.99
C ALA S 1045 51.01 45.81 -30.13
N GLY S 1046 51.83 46.66 -30.72
CA GLY S 1046 51.42 47.51 -31.81
C GLY S 1046 51.86 48.94 -31.62
N PRO S 1047 51.79 49.75 -32.69
CA PRO S 1047 52.20 51.16 -32.59
C PRO S 1047 51.20 52.00 -31.82
N VAL S 1048 51.24 53.32 -32.04
CA VAL S 1048 50.36 54.23 -31.33
C VAL S 1048 48.90 54.00 -31.73
N ALA S 1049 48.67 53.54 -32.96
CA ALA S 1049 47.30 53.25 -33.39
C ALA S 1049 46.70 52.12 -32.57
N VAL S 1050 47.44 51.02 -32.41
CA VAL S 1050 46.93 49.91 -31.60
C VAL S 1050 46.90 50.30 -30.12
N TRP S 1051 47.82 51.15 -29.68
CA TRP S 1051 47.81 51.59 -28.30
C TRP S 1051 46.59 52.46 -27.99
N ASP S 1052 46.12 53.23 -28.96
CA ASP S 1052 44.95 54.10 -28.77
C ASP S 1052 43.66 53.33 -29.03
N THR S 1053 43.39 52.99 -30.29
CA THR S 1053 42.14 52.32 -30.65
C THR S 1053 42.43 51.32 -31.78
N PRO S 1054 42.07 50.05 -31.59
CA PRO S 1054 42.37 49.06 -32.63
C PRO S 1054 41.60 49.28 -33.93
N HIS S 1055 40.48 50.02 -33.90
CA HIS S 1055 39.73 50.26 -35.13
C HIS S 1055 40.53 51.11 -36.11
N LEU S 1056 41.26 52.10 -35.59
CA LEU S 1056 42.09 52.94 -36.46
C LEU S 1056 43.18 52.12 -37.13
N ALA S 1057 43.86 51.25 -36.37
CA ALA S 1057 44.89 50.40 -36.95
C ALA S 1057 44.29 49.42 -37.95
N GLU S 1058 43.09 48.90 -37.66
CA GLU S 1058 42.45 47.98 -38.59
C GLU S 1058 42.11 48.68 -39.91
N LEU S 1059 41.59 49.90 -39.83
CA LEU S 1059 41.28 50.64 -41.05
C LEU S 1059 42.54 51.03 -41.82
N CYS S 1060 43.61 51.35 -41.09
CA CYS S 1060 44.87 51.66 -41.76
C CYS S 1060 45.43 50.43 -42.48
N TYR S 1061 45.34 49.26 -41.85
CA TYR S 1061 45.79 48.04 -42.48
C TYR S 1061 44.89 47.67 -43.67
N GLN S 1062 43.60 47.95 -43.57
CA GLN S 1062 42.71 47.73 -44.73
C GLN S 1062 43.10 48.65 -45.88
N VAL S 1063 43.45 49.90 -45.59
CA VAL S 1063 43.89 50.82 -46.63
C VAL S 1063 45.19 50.31 -47.26
N ILE S 1064 46.11 49.82 -46.43
CA ILE S 1064 47.37 49.29 -46.94
C ILE S 1064 47.12 48.09 -47.85
N TYR S 1065 46.19 47.21 -47.44
CA TYR S 1065 45.88 46.04 -48.26
C TYR S 1065 45.22 46.45 -49.57
N GLN S 1066 44.32 47.43 -49.53
CA GLN S 1066 43.68 47.90 -50.75
C GLN S 1066 44.70 48.55 -51.70
N LEU S 1067 45.70 49.23 -51.15
CA LEU S 1067 46.72 49.84 -51.98
C LEU S 1067 47.65 48.78 -52.57
N CYS S 1068 47.94 47.73 -51.80
CA CYS S 1068 48.82 46.67 -52.27
C CYS S 1068 48.14 45.70 -53.22
N ALA S 1069 46.80 45.64 -53.20
CA ALA S 1069 46.09 44.76 -54.12
C ALA S 1069 46.31 45.15 -55.57
N CYS S 1070 46.48 46.45 -55.83
CA CYS S 1070 46.75 46.90 -57.19
C CYS S 1070 48.19 46.56 -57.57
N ALA S 1071 48.35 45.76 -58.63
CA ALA S 1071 49.67 45.32 -59.03
C ALA S 1071 50.51 46.46 -59.61
N ASP S 1072 49.89 47.54 -60.08
CA ASP S 1072 50.63 48.64 -60.65
C ASP S 1072 51.12 49.64 -59.60
N THR S 1073 50.58 49.59 -58.39
CA THR S 1073 50.98 50.49 -57.32
C THR S 1073 51.57 49.79 -56.11
N SER S 1074 51.74 48.47 -56.17
CA SER S 1074 52.28 47.73 -55.04
C SER S 1074 53.78 47.55 -55.10
N GLY S 1075 54.34 47.37 -56.31
CA GLY S 1075 55.76 47.18 -56.49
C GLY S 1075 56.61 48.29 -55.93
N PRO S 1076 56.41 49.52 -56.42
CA PRO S 1076 57.18 50.65 -55.89
C PRO S 1076 56.99 50.85 -54.39
N THR S 1077 55.74 50.74 -53.89
CA THR S 1077 55.50 50.90 -52.46
C THR S 1077 56.23 49.82 -51.66
N MET S 1078 56.15 48.56 -52.12
CA MET S 1078 56.79 47.48 -51.40
C MET S 1078 58.31 47.65 -51.38
N ARG S 1079 58.91 48.00 -52.52
CA ARG S 1079 60.35 48.16 -52.56
C ARG S 1079 60.80 49.38 -51.76
N TYR S 1080 59.98 50.43 -51.71
CA TYR S 1080 60.34 51.61 -50.91
C TYR S 1080 60.24 51.30 -49.41
N LEU S 1081 59.25 50.49 -49.02
CA LEU S 1081 59.13 50.12 -47.62
C LEU S 1081 60.16 49.07 -47.21
N ARG S 1082 60.68 48.31 -48.17
CA ARG S 1082 61.62 47.24 -47.85
C ARG S 1082 63.09 47.71 -47.88
N THR S 1083 63.45 48.55 -48.85
CA THR S 1083 64.84 48.94 -49.05
C THR S 1083 65.12 50.34 -48.53
N SER S 1084 64.45 51.37 -49.07
CA SER S 1084 64.78 52.74 -48.73
C SER S 1084 64.21 53.18 -47.39
N GLN S 1085 63.56 52.29 -46.65
CA GLN S 1085 62.99 52.67 -45.35
C GLN S 1085 63.31 51.64 -44.28
N ASP S 1086 63.38 50.37 -44.67
CA ASP S 1086 63.60 49.24 -43.75
C ASP S 1086 62.53 49.19 -42.65
N PHE S 1087 61.35 49.75 -42.92
CA PHE S 1087 60.26 49.75 -41.96
C PHE S 1087 59.33 48.55 -42.12
N LEU S 1088 59.31 47.92 -43.30
CA LEU S 1088 58.46 46.76 -43.50
C LEU S 1088 58.89 45.60 -42.60
N PHE S 1089 60.19 45.45 -42.38
CA PHE S 1089 60.68 44.39 -41.50
C PHE S 1089 60.17 44.58 -40.08
N SER S 1090 60.27 45.81 -39.56
CA SER S 1090 59.77 46.10 -38.23
C SER S 1090 58.26 45.97 -38.14
N GLN S 1091 57.55 46.29 -39.23
CA GLN S 1091 56.10 46.14 -39.24
C GLN S 1091 55.71 44.67 -39.21
N LEU S 1092 56.46 43.82 -39.92
CA LEU S 1092 56.15 42.39 -39.95
C LEU S 1092 56.57 41.69 -38.66
N GLN S 1093 57.65 42.15 -38.01
CA GLN S 1093 58.10 41.57 -36.75
C GLN S 1093 57.20 42.03 -35.60
N HIS S 1094 55.95 41.58 -35.63
CA HIS S 1094 54.97 41.93 -34.61
C HIS S 1094 54.02 40.78 -34.28
N LEU S 1095 54.15 39.62 -34.93
CA LEU S 1095 53.27 38.50 -34.66
C LEU S 1095 53.89 37.57 -33.63
N PRO S 1096 53.14 37.14 -32.60
CA PRO S 1096 51.75 37.53 -32.38
C PRO S 1096 51.63 38.85 -31.61
N PHE S 1097 50.41 39.38 -31.54
CA PHE S 1097 50.18 40.63 -30.82
C PHE S 1097 50.28 40.40 -29.31
N SER S 1098 50.99 41.29 -28.63
CA SER S 1098 51.14 41.17 -27.19
C SER S 1098 49.84 41.51 -26.46
N VAL S 1099 49.38 42.76 -26.60
CA VAL S 1099 48.13 43.16 -25.97
C VAL S 1099 46.95 42.59 -26.75
N GLU S 1100 45.83 42.39 -26.05
CA GLU S 1100 44.62 41.83 -26.63
C GLU S 1100 43.59 42.93 -26.78
N GLU S 1101 43.20 43.22 -28.02
CA GLU S 1101 42.20 44.23 -28.29
C GLU S 1101 40.89 43.58 -28.73
N SER S 1102 40.17 44.22 -29.64
CA SER S 1102 38.94 43.64 -30.17
C SER S 1102 39.27 42.44 -31.05
N GLU S 1103 38.36 41.46 -31.05
CA GLU S 1103 38.62 40.21 -31.76
C GLU S 1103 38.73 40.42 -33.27
N ILE S 1104 37.75 41.12 -33.86
CA ILE S 1104 37.75 41.31 -35.30
C ILE S 1104 38.96 42.14 -35.74
N SER S 1105 39.24 43.22 -35.01
CA SER S 1105 40.37 44.07 -35.38
C SER S 1105 41.69 43.33 -35.25
N ALA S 1106 41.87 42.58 -34.16
CA ALA S 1106 43.12 41.83 -33.98
C ALA S 1106 43.28 40.76 -35.05
N MET S 1107 42.21 40.03 -35.38
CA MET S 1107 42.30 39.00 -36.39
C MET S 1107 42.62 39.60 -37.76
N ASN S 1108 41.96 40.70 -38.11
CA ASN S 1108 42.23 41.34 -39.40
C ASN S 1108 43.64 41.89 -39.46
N GLN S 1109 44.12 42.48 -38.37
CA GLN S 1109 45.48 43.00 -38.34
C GLN S 1109 46.50 41.88 -38.50
N MET S 1110 46.31 40.75 -37.79
CA MET S 1110 47.22 39.62 -37.93
C MET S 1110 47.18 39.05 -39.35
N SER S 1111 45.98 38.98 -39.94
CA SER S 1111 45.85 38.44 -41.29
C SER S 1111 46.58 39.32 -42.30
N TRP S 1112 46.38 40.64 -42.22
CA TRP S 1112 47.06 41.53 -43.14
C TRP S 1112 48.56 41.57 -42.90
N LEU S 1113 49.00 41.41 -41.64
CA LEU S 1113 50.42 41.38 -41.35
C LEU S 1113 51.07 40.15 -41.95
N MET S 1114 50.45 38.97 -41.79
CA MET S 1114 51.04 37.77 -42.39
C MET S 1114 50.92 37.79 -43.91
N LYS S 1115 49.90 38.46 -44.46
CA LYS S 1115 49.82 38.63 -45.90
C LYS S 1115 50.96 39.47 -46.43
N THR S 1116 51.24 40.60 -45.77
CA THR S 1116 52.39 41.42 -46.14
C THR S 1116 53.70 40.66 -45.94
N ALA S 1117 53.76 39.78 -44.94
CA ALA S 1117 54.96 38.98 -44.74
C ALA S 1117 55.16 38.00 -45.89
N THR S 1118 54.09 37.35 -46.34
CA THR S 1118 54.20 36.46 -47.49
C THR S 1118 54.57 37.23 -48.75
N ILE S 1119 54.04 38.45 -48.91
CA ILE S 1119 54.38 39.28 -50.06
C ILE S 1119 55.86 39.64 -50.03
N GLU S 1120 56.38 40.02 -48.84
CA GLU S 1120 57.79 40.35 -48.72
C GLU S 1120 58.67 39.12 -48.99
N LEU S 1121 58.24 37.94 -48.52
CA LEU S 1121 58.99 36.73 -48.79
C LEU S 1121 59.04 36.44 -50.29
N ARG S 1122 57.91 36.59 -50.98
CA ARG S 1122 57.89 36.38 -52.42
C ARG S 1122 58.77 37.38 -53.14
N ILE S 1123 58.76 38.64 -52.70
CA ILE S 1123 59.59 39.66 -53.34
C ILE S 1123 61.07 39.36 -53.13
N THR S 1124 61.44 38.92 -51.93
CA THR S 1124 62.84 38.59 -51.65
C THR S 1124 63.27 37.34 -52.39
N SER S 1125 62.33 36.42 -52.66
CA SER S 1125 62.67 35.24 -53.46
C SER S 1125 62.77 35.57 -54.94
N LEU S 1126 62.04 36.59 -55.40
CA LEU S 1126 62.04 36.95 -56.81
C LEU S 1126 63.18 37.89 -57.19
N ASN S 1127 63.56 38.82 -56.32
CA ASN S 1127 64.57 39.81 -56.67
C ASN S 1127 66.00 39.30 -56.54
N ARG S 1128 66.21 37.98 -56.61
CA ARG S 1128 67.54 37.37 -56.54
C ARG S 1128 68.26 37.76 -55.25
N GLN S 1129 67.70 37.30 -54.12
CA GLN S 1129 68.27 37.53 -52.79
C GLN S 1129 68.17 36.22 -52.02
N ARG S 1130 69.09 35.31 -52.30
CA ARG S 1130 69.05 33.99 -51.68
C ARG S 1130 69.34 34.08 -50.19
N SER S 1131 70.31 34.89 -49.79
CA SER S 1131 70.63 35.02 -48.37
C SER S 1131 69.47 35.64 -47.59
N HIS S 1132 68.86 36.69 -48.15
CA HIS S 1132 67.72 37.32 -47.48
C HIS S 1132 66.53 36.37 -47.42
N THR S 1133 66.31 35.59 -48.48
CA THR S 1133 65.22 34.62 -48.46
C THR S 1133 65.44 33.55 -47.40
N GLN S 1134 66.68 33.04 -47.30
CA GLN S 1134 66.99 32.04 -46.29
C GLN S 1134 66.84 32.61 -44.88
N ARG S 1135 67.28 33.85 -44.68
CA ARG S 1135 67.14 34.48 -43.37
C ARG S 1135 65.68 34.67 -43.00
N LEU S 1136 64.85 35.10 -43.95
CA LEU S 1136 63.43 35.27 -43.68
C LEU S 1136 62.76 33.93 -43.39
N LEU S 1137 63.12 32.89 -44.15
CA LEU S 1137 62.54 31.57 -43.90
C LEU S 1137 62.94 31.06 -42.54
N HIS S 1138 64.20 31.26 -42.14
CA HIS S 1138 64.64 30.83 -40.82
C HIS S 1138 63.92 31.60 -39.71
N LEU S 1139 63.75 32.91 -39.89
CA LEU S 1139 63.05 33.70 -38.89
C LEU S 1139 61.57 33.33 -38.80
N LEU S 1140 60.98 32.88 -39.92
CA LEU S 1140 59.57 32.49 -39.90
C LEU S 1140 59.37 31.08 -39.34
N LEU S 1141 60.32 30.17 -39.56
CA LEU S 1141 60.20 28.80 -39.09
C LEU S 1141 60.86 28.56 -37.75
N ASP S 1142 61.52 29.56 -37.17
CA ASP S 1142 62.17 29.40 -35.89
C ASP S 1142 61.14 29.40 -34.76
N ASP S 1143 61.61 29.09 -33.55
CA ASP S 1143 60.78 29.06 -32.36
C ASP S 1143 61.15 30.14 -31.36
N MET S 1144 61.92 31.15 -31.80
CA MET S 1144 62.35 32.24 -30.94
C MET S 1144 61.34 33.38 -30.97
N PRO S 1145 61.20 34.12 -29.86
CA PRO S 1145 60.28 35.25 -29.85
C PRO S 1145 60.72 36.34 -30.81
N THR S 1146 59.79 36.78 -31.65
CA THR S 1146 60.09 37.81 -32.64
C THR S 1146 60.23 39.18 -31.98
N ARG S 1147 60.93 40.08 -32.68
CA ARG S 1147 61.16 41.43 -32.18
C ARG S 1147 61.43 42.32 -33.36
N PRO S 1148 60.97 43.58 -33.35
CA PRO S 1148 61.24 44.48 -34.48
C PRO S 1148 62.73 44.72 -34.71
N TYR S 1149 63.26 44.18 -35.81
CA TYR S 1149 64.66 44.33 -36.14
C TYR S 1149 64.86 45.40 -37.22
N SER S 1150 65.81 45.17 -38.12
CA SER S 1150 66.08 46.12 -39.19
C SER S 1150 66.69 45.35 -40.36
N ALA S 1151 65.89 45.13 -41.40
CA ALA S 1151 66.31 44.40 -42.60
C ALA S 1151 66.83 43.00 -42.25
N ASP S 1152 67.70 42.46 -43.09
CA ASP S 1152 68.27 41.14 -42.88
C ASP S 1152 69.79 41.21 -42.96
N GLY S 1153 70.45 40.25 -42.33
CA GLY S 1153 71.90 40.20 -42.33
C GLY S 1153 72.46 39.36 -43.47
N GLU S 1154 73.71 39.64 -43.80
CA GLU S 1154 74.39 38.92 -44.87
C GLU S 1154 74.83 37.54 -44.39
N GLY S 1155 74.48 36.51 -45.14
CA GLY S 1155 74.83 35.15 -44.78
C GLY S 1155 73.64 34.31 -44.37
N GLY S 1156 73.22 33.40 -45.25
CA GLY S 1156 72.09 32.54 -44.97
C GLY S 1156 72.50 31.26 -44.27
N MET S 1157 71.58 30.74 -43.46
CA MET S 1157 71.80 29.52 -42.70
C MET S 1157 70.97 28.38 -43.29
N GLU S 1158 71.27 27.17 -42.83
CA GLU S 1158 70.58 25.97 -43.29
C GLU S 1158 69.78 25.27 -42.19
N ASP S 1159 70.22 25.36 -40.94
CA ASP S 1159 69.52 24.74 -39.82
C ASP S 1159 69.28 25.78 -38.73
N GLU S 1160 68.35 25.45 -37.84
CA GLU S 1160 67.99 26.33 -36.73
C GLU S 1160 68.99 26.29 -35.58
N SER S 1161 70.02 25.43 -35.66
CA SER S 1161 71.00 25.33 -34.60
C SER S 1161 71.99 26.50 -34.59
N ARG S 1162 72.02 27.31 -35.64
CA ARG S 1162 72.93 28.44 -35.73
C ARG S 1162 72.22 29.74 -36.06
N SER S 1163 70.89 29.77 -35.98
CA SER S 1163 70.15 30.98 -36.31
C SER S 1163 70.14 31.93 -35.11
N LEU S 1164 70.13 33.24 -35.42
CA LEU S 1164 70.10 34.30 -34.43
C LEU S 1164 71.28 34.19 -33.46
N SER S 1165 71.09 34.66 -32.23
CA SER S 1165 72.14 34.60 -31.22
C SER S 1165 71.57 34.11 -29.89
N GLY S 1166 70.27 34.35 -29.66
CA GLY S 1166 69.65 33.91 -28.43
C GLY S 1166 69.59 32.40 -28.30
N PHE S 1167 69.35 31.69 -29.41
CA PHE S 1167 69.33 30.24 -29.37
C PHE S 1167 70.72 29.68 -29.11
N LEU S 1168 71.75 30.32 -29.65
CA LEU S 1168 73.12 29.88 -29.40
C LEU S 1168 73.54 30.20 -27.96
N HIS S 1169 73.01 31.27 -27.39
CA HIS S 1169 73.32 31.63 -26.01
C HIS S 1169 72.54 30.73 -25.04
N PHE S 1170 71.25 31.01 -24.86
CA PHE S 1170 70.42 30.23 -23.94
C PHE S 1170 68.97 30.52 -24.28
N ASP S 1171 68.35 29.63 -25.05
CA ASP S 1171 66.94 29.79 -25.40
C ASP S 1171 66.24 28.47 -25.71
N THR S 1172 66.82 27.32 -25.38
CA THR S 1172 66.17 26.04 -25.66
C THR S 1172 65.03 25.76 -24.69
N THR S 1173 65.07 26.33 -23.50
CA THR S 1173 64.03 26.13 -22.49
C THR S 1173 63.17 27.35 -22.26
N SER S 1174 63.75 28.55 -22.27
CA SER S 1174 63.00 29.79 -22.06
C SER S 1174 62.40 30.26 -23.38
N LYS S 1175 61.43 29.48 -23.86
CA LYS S 1175 60.74 29.76 -25.11
C LYS S 1175 59.39 29.07 -25.08
N VAL S 1176 58.64 29.23 -26.17
CA VAL S 1176 57.33 28.61 -26.30
C VAL S 1176 57.45 27.34 -27.13
N ARG S 1177 56.31 26.69 -27.41
CA ARG S 1177 56.33 25.46 -28.18
C ARG S 1177 56.49 25.73 -29.67
N ARG S 1178 55.67 26.63 -30.21
CA ARG S 1178 55.72 26.94 -31.64
C ARG S 1178 55.10 28.31 -31.85
N LYS S 1179 55.57 29.01 -32.89
CA LYS S 1179 55.02 30.32 -33.21
C LYS S 1179 53.57 30.22 -33.68
N ILE S 1180 53.26 29.18 -34.46
CA ILE S 1180 51.88 28.98 -34.91
C ILE S 1180 50.97 28.70 -33.73
N LEU S 1181 51.43 27.87 -32.79
CA LEU S 1181 50.63 27.59 -31.60
C LEU S 1181 50.46 28.84 -30.74
N ARG S 1182 51.51 29.66 -30.63
CA ARG S 1182 51.40 30.90 -29.86
C ARG S 1182 50.41 31.86 -30.51
N ILE S 1183 50.42 31.95 -31.84
CA ILE S 1183 49.48 32.81 -32.54
C ILE S 1183 48.05 32.30 -32.35
N LEU S 1184 47.85 30.98 -32.46
CA LEU S 1184 46.52 30.43 -32.26
C LEU S 1184 46.03 30.61 -30.83
N ASP S 1185 46.94 30.60 -29.86
CA ASP S 1185 46.54 30.84 -28.47
C ASP S 1185 46.22 32.32 -28.24
N SER S 1186 47.01 33.22 -28.84
CA SER S 1186 46.74 34.64 -28.71
C SER S 1186 45.47 35.05 -29.44
N ILE S 1187 45.04 34.27 -30.44
CA ILE S 1187 43.76 34.53 -31.08
C ILE S 1187 42.66 34.44 -30.04
N GLN S 1188 41.92 35.52 -29.87
CA GLN S 1188 40.90 35.59 -28.82
C GLN S 1188 39.70 34.72 -29.20
N PHE S 1189 39.16 34.03 -28.19
CA PHE S 1189 37.99 33.17 -28.36
C PHE S 1189 36.85 33.79 -27.56
N SER S 1190 35.89 34.37 -28.26
CA SER S 1190 34.72 35.00 -27.65
C SER S 1190 33.46 34.26 -28.10
N ASN S 1191 33.35 33.00 -27.68
CA ASN S 1191 32.22 32.15 -28.02
C ASN S 1191 31.39 31.93 -26.75
N GLU S 1192 30.27 32.63 -26.66
CA GLU S 1192 29.38 32.52 -25.50
C GLU S 1192 28.23 31.57 -25.84
N ILE S 1193 28.06 30.55 -25.03
CA ILE S 1193 27.02 29.54 -25.25
C ILE S 1193 25.65 30.15 -24.98
N PRO S 1194 24.75 30.16 -25.96
CA PRO S 1194 23.42 30.74 -25.72
C PRO S 1194 22.54 29.85 -24.85
N GLU S 1195 21.30 30.28 -24.62
CA GLU S 1195 20.34 29.54 -23.83
C GLU S 1195 19.25 28.95 -24.71
N PRO S 1196 18.63 27.83 -24.29
CA PRO S 1196 17.57 27.22 -25.11
C PRO S 1196 16.31 28.07 -25.19
N LEU S 1197 15.29 27.54 -25.86
CA LEU S 1197 14.05 28.28 -26.04
C LEU S 1197 13.29 28.39 -24.72
N GLN S 1198 12.79 29.59 -24.44
CA GLN S 1198 12.01 29.83 -23.22
C GLN S 1198 10.64 30.37 -23.57
N LEU S 1199 10.01 31.07 -22.62
CA LEU S 1199 8.70 31.67 -22.80
C LEU S 1199 7.65 30.64 -23.16
N ASP S 1200 7.01 30.04 -22.16
CA ASP S 1200 5.97 29.05 -22.39
C ASP S 1200 4.64 29.66 -22.84
N PHE S 1201 4.52 30.99 -22.83
CA PHE S 1201 3.28 31.63 -23.26
C PHE S 1201 3.13 31.58 -24.77
N PHE S 1202 4.04 32.26 -25.50
CA PHE S 1202 3.98 32.29 -26.95
C PHE S 1202 4.83 31.15 -27.53
N ASP S 1203 5.42 31.38 -28.70
CA ASP S 1203 6.23 30.38 -29.39
C ASP S 1203 7.56 31.01 -29.78
N ARG S 1204 8.65 30.45 -29.27
CA ARG S 1204 9.98 30.95 -29.64
C ARG S 1204 10.22 30.84 -31.13
N SER S 1205 9.70 29.78 -31.77
CA SER S 1205 9.80 29.67 -33.22
C SER S 1205 9.06 30.81 -33.91
N GLN S 1206 7.89 31.19 -33.37
CA GLN S 1206 7.14 32.30 -33.95
C GLN S 1206 7.90 33.61 -33.79
N ILE S 1207 8.51 33.83 -32.62
CA ILE S 1207 9.30 35.03 -32.40
C ILE S 1207 10.49 35.07 -33.37
N GLU S 1208 11.15 33.92 -33.56
CA GLU S 1208 12.28 33.86 -34.49
C GLU S 1208 11.83 34.14 -35.92
N GLN S 1209 10.67 33.60 -36.32
CA GLN S 1209 10.16 33.85 -37.65
C GLN S 1209 9.81 35.32 -37.85
N VAL S 1210 9.21 35.95 -36.83
CA VAL S 1210 8.89 37.37 -36.92
C VAL S 1210 10.16 38.20 -37.02
N ILE S 1211 11.18 37.83 -36.26
CA ILE S 1211 12.45 38.57 -36.32
C ILE S 1211 13.09 38.42 -37.69
N ALA S 1212 13.06 37.21 -38.26
CA ALA S 1212 13.65 36.98 -39.57
C ALA S 1212 12.86 37.71 -40.66
N ASN S 1213 11.54 37.83 -40.50
CA ASN S 1213 10.75 38.55 -41.50
C ASN S 1213 10.95 40.05 -41.38
N CYS S 1214 11.15 40.56 -40.16
CA CYS S 1214 11.37 42.00 -39.98
C CYS S 1214 12.78 42.40 -40.40
N GLU S 1215 13.79 41.91 -39.70
CA GLU S 1215 15.17 42.24 -40.00
C GLU S 1215 15.75 41.22 -40.98
N HIS S 1216 16.49 41.73 -41.96
CA HIS S 1216 17.13 40.90 -42.97
C HIS S 1216 18.59 40.64 -42.59
N LYS S 1217 19.40 40.22 -43.56
CA LYS S 1217 20.80 39.92 -43.34
C LYS S 1217 21.65 40.99 -44.00
N ASN S 1218 22.51 41.64 -43.21
CA ASN S 1218 23.37 42.69 -43.73
C ASN S 1218 24.81 42.19 -43.83
N ARG S 1219 25.51 42.13 -42.69
CA ARG S 1219 26.88 41.66 -42.65
C ARG S 1219 27.10 40.54 -41.65
N ARG S 1220 26.08 40.10 -40.94
CA ARG S 1220 26.19 39.03 -39.95
C ARG S 1220 25.22 37.91 -40.30
N GLY S 1221 25.49 36.72 -39.76
CA GLY S 1221 24.63 35.58 -40.01
C GLY S 1221 23.28 35.69 -39.36
N GLN S 1222 23.21 36.35 -38.20
CA GLN S 1222 21.95 36.52 -37.49
C GLN S 1222 21.16 37.66 -38.13
N THR S 1223 19.88 37.41 -38.42
CA THR S 1223 19.02 38.41 -39.03
C THR S 1223 18.70 39.52 -38.04
N VAL S 1224 19.54 40.55 -38.03
CA VAL S 1224 19.35 41.68 -37.11
C VAL S 1224 19.92 42.95 -37.76
N CYS S 1225 19.27 44.08 -37.52
CA CYS S 1225 19.72 45.37 -38.06
C CYS S 1225 19.88 46.38 -36.93
N ASN S 1226 18.79 46.96 -36.44
CA ASN S 1226 18.82 47.91 -35.34
C ASN S 1226 18.30 47.23 -34.08
N VAL S 1227 19.18 47.08 -33.09
CA VAL S 1227 18.81 46.39 -31.86
C VAL S 1227 17.72 47.16 -31.11
N LYS S 1228 17.87 48.48 -31.01
CA LYS S 1228 16.87 49.29 -30.31
C LYS S 1228 15.53 49.26 -31.02
N LEU S 1229 15.53 49.34 -32.36
CA LEU S 1229 14.28 49.28 -33.11
C LEU S 1229 13.61 47.92 -32.96
N LEU S 1230 14.40 46.84 -33.00
CA LEU S 1230 13.83 45.51 -32.82
C LEU S 1230 13.25 45.34 -31.42
N HIS S 1231 13.95 45.88 -30.41
CA HIS S 1231 13.44 45.81 -29.04
C HIS S 1231 12.14 46.59 -28.89
N ARG S 1232 12.07 47.78 -29.49
CA ARG S 1232 10.85 48.56 -29.41
C ARG S 1232 9.70 47.87 -30.14
N VAL S 1233 9.99 47.25 -31.30
CA VAL S 1233 8.95 46.54 -32.04
C VAL S 1233 8.44 45.35 -31.23
N LEU S 1234 9.35 44.60 -30.59
CA LEU S 1234 8.93 43.46 -29.79
C LEU S 1234 8.13 43.92 -28.56
N VAL S 1235 8.52 45.04 -27.96
CA VAL S 1235 7.78 45.56 -26.80
C VAL S 1235 6.38 45.97 -27.23
N ALA S 1236 6.25 46.66 -28.37
CA ALA S 1236 4.94 47.04 -28.86
C ALA S 1236 4.10 45.82 -29.18
N GLU S 1237 4.71 44.77 -29.74
CA GLU S 1237 3.98 43.56 -30.08
C GLU S 1237 3.48 42.85 -28.84
N VAL S 1238 4.31 42.74 -27.81
CA VAL S 1238 3.89 42.06 -26.59
C VAL S 1238 2.97 42.92 -25.74
N ASN S 1239 2.93 44.24 -25.99
CA ASN S 1239 2.02 45.12 -25.25
C ASN S 1239 0.67 45.25 -25.93
N ALA S 1240 0.60 45.08 -27.25
CA ALA S 1240 -0.67 45.18 -27.96
C ALA S 1240 -1.56 43.97 -27.76
N LEU S 1241 -1.15 43.00 -26.95
CA LEU S 1241 -1.97 41.82 -26.68
C LEU S 1241 -3.07 42.06 -25.66
N GLN S 1242 -3.17 43.28 -25.14
CA GLN S 1242 -4.19 43.67 -24.14
C GLN S 1242 -4.03 42.77 -22.91
N GLY S 1243 -5.13 42.46 -22.24
CA GLY S 1243 -5.08 41.62 -21.06
C GLY S 1243 -5.75 42.26 -19.85
N MET S 1244 -6.84 41.64 -19.37
CA MET S 1244 -7.57 42.16 -18.22
C MET S 1244 -6.92 41.74 -16.91
N ALA S 1245 -6.84 40.44 -16.67
CA ALA S 1245 -6.25 39.91 -15.45
C ALA S 1245 -4.76 39.62 -15.59
N ALA S 1246 -4.16 39.97 -16.73
CA ALA S 1246 -2.74 39.75 -16.97
C ALA S 1246 -1.88 40.95 -16.62
N ILE S 1247 -2.29 41.71 -15.59
CA ILE S 1247 -1.51 42.89 -15.20
C ILE S 1247 -0.24 42.47 -14.47
N GLY S 1248 -0.31 41.40 -13.68
CA GLY S 1248 0.85 40.91 -12.97
C GLY S 1248 1.91 40.27 -13.84
N GLN S 1249 1.59 39.99 -15.11
CA GLN S 1249 2.53 39.38 -16.04
C GLN S 1249 3.45 40.41 -16.71
N ARG S 1250 3.34 41.68 -16.36
CA ARG S 1250 4.21 42.68 -16.97
C ARG S 1250 5.67 42.50 -16.57
N PRO S 1251 6.02 42.28 -15.30
CA PRO S 1251 7.44 41.99 -15.00
C PRO S 1251 7.94 40.72 -15.67
N LEU S 1252 7.09 39.69 -15.79
CA LEU S 1252 7.50 38.48 -16.47
C LEU S 1252 7.78 38.74 -17.95
N LEU S 1253 6.91 39.51 -18.60
CA LEU S 1253 7.13 39.85 -20.00
C LEU S 1253 8.40 40.70 -20.16
N MET S 1254 8.64 41.61 -19.22
CA MET S 1254 9.85 42.43 -19.29
C MET S 1254 11.11 41.57 -19.13
N GLU S 1255 11.09 40.64 -18.18
CA GLU S 1255 12.25 39.76 -18.00
C GLU S 1255 12.43 38.83 -19.19
N GLU S 1256 11.34 38.41 -19.84
CA GLU S 1256 11.46 37.59 -21.04
C GLU S 1256 12.06 38.38 -22.19
N ILE S 1257 11.63 39.64 -22.36
CA ILE S 1257 12.22 40.50 -23.39
C ILE S 1257 13.71 40.71 -23.11
N ASN S 1258 14.06 40.91 -21.84
CA ASN S 1258 15.47 41.08 -21.48
C ASN S 1258 16.27 39.81 -21.75
N THR S 1259 15.66 38.65 -21.52
CA THR S 1259 16.34 37.38 -21.80
C THR S 1259 16.57 37.20 -23.30
N ILE S 1260 15.56 37.53 -24.11
CA ILE S 1260 15.73 37.44 -25.56
C ILE S 1260 16.79 38.43 -26.04
N LEU S 1261 16.82 39.63 -25.45
CA LEU S 1261 17.84 40.61 -25.82
C LEU S 1261 19.23 40.11 -25.47
N GLN S 1262 19.39 39.51 -24.28
CA GLN S 1262 20.68 38.97 -23.89
C GLN S 1262 21.09 37.81 -24.79
N TYR S 1263 20.11 36.99 -25.21
CA TYR S 1263 20.41 35.90 -26.13
C TYR S 1263 20.89 36.42 -27.48
N VAL S 1264 20.23 37.47 -27.99
CA VAL S 1264 20.67 38.07 -29.26
C VAL S 1264 22.05 38.69 -29.11
N VAL S 1265 22.32 39.31 -27.96
CA VAL S 1265 23.64 39.90 -27.71
C VAL S 1265 24.71 38.82 -27.69
N GLU S 1266 24.44 37.70 -27.03
CA GLU S 1266 25.39 36.61 -26.99
C GLU S 1266 25.61 36.01 -28.37
N ARG S 1267 24.54 35.89 -29.16
CA ARG S 1267 24.66 35.39 -30.52
C ARG S 1267 25.56 36.30 -31.35
N ASN S 1268 25.34 37.61 -31.26
CA ASN S 1268 26.17 38.55 -32.01
C ASN S 1268 27.62 38.51 -31.54
N LYS S 1269 27.83 38.39 -30.22
CA LYS S 1269 29.18 38.36 -29.68
C LYS S 1269 29.94 37.11 -30.10
N LEU S 1270 29.24 35.97 -30.22
CA LEU S 1270 29.91 34.78 -30.70
C LEU S 1270 30.10 34.78 -32.21
N LEU S 1271 29.17 35.39 -32.96
CA LEU S 1271 29.30 35.44 -34.40
C LEU S 1271 30.43 36.37 -34.83
N GLN S 1272 30.58 37.51 -34.15
CA GLN S 1272 31.64 38.44 -34.50
C GLN S 1272 33.02 37.86 -34.25
N CYS S 1273 33.11 36.89 -33.33
CA CYS S 1273 34.39 36.21 -33.10
C CYS S 1273 34.58 35.05 -34.07
N LEU S 1274 33.52 34.29 -34.34
CA LEU S 1274 33.63 33.15 -35.24
C LEU S 1274 33.97 33.60 -36.66
N HIS S 1275 33.35 34.70 -37.12
CA HIS S 1275 33.64 35.20 -38.46
C HIS S 1275 35.10 35.64 -38.58
N ALA S 1276 35.61 36.37 -37.57
CA ALA S 1276 36.99 36.81 -37.61
C ALA S 1276 37.96 35.63 -37.56
N LYS S 1277 37.65 34.63 -36.73
CA LYS S 1277 38.51 33.45 -36.65
C LYS S 1277 38.53 32.69 -37.98
N ARG S 1278 37.36 32.52 -38.60
CA ARG S 1278 37.30 31.83 -39.89
C ARG S 1278 38.04 32.62 -40.97
N HIS S 1279 37.92 33.95 -40.96
CA HIS S 1279 38.62 34.77 -41.94
C HIS S 1279 40.12 34.65 -41.77
N ALA S 1280 40.60 34.73 -40.52
CA ALA S 1280 42.03 34.60 -40.28
C ALA S 1280 42.54 33.23 -40.68
N LEU S 1281 41.78 32.18 -40.37
CA LEU S 1281 42.20 30.83 -40.73
C LEU S 1281 42.24 30.66 -42.24
N GLU S 1282 41.23 31.16 -42.95
CA GLU S 1282 41.24 31.05 -44.41
C GLU S 1282 42.38 31.84 -45.02
N SER S 1283 42.69 33.01 -44.46
CA SER S 1283 43.82 33.80 -44.95
C SER S 1283 45.13 33.05 -44.75
N TRP S 1284 45.33 32.47 -43.56
CA TRP S 1284 46.55 31.73 -43.30
C TRP S 1284 46.67 30.52 -44.22
N ARG S 1285 45.55 29.83 -44.47
CA ARG S 1285 45.59 28.66 -45.35
C ARG S 1285 45.89 29.06 -46.79
N GLN S 1286 45.28 30.14 -47.27
CA GLN S 1286 45.60 30.62 -48.62
C GLN S 1286 47.06 31.03 -48.72
N LEU S 1287 47.59 31.65 -47.66
CA LEU S 1287 48.99 32.08 -47.68
C LEU S 1287 49.94 30.89 -47.73
N VAL S 1288 49.69 29.88 -46.88
CA VAL S 1288 50.58 28.72 -46.89
C VAL S 1288 50.43 27.93 -48.20
N GLU S 1289 49.24 27.95 -48.80
CA GLU S 1289 49.08 27.30 -50.10
C GLU S 1289 49.86 28.03 -51.18
N ILE S 1290 49.80 29.37 -51.18
CA ILE S 1290 50.58 30.15 -52.14
C ILE S 1290 52.07 29.93 -51.93
N ILE S 1291 52.49 29.81 -50.67
CA ILE S 1291 53.90 29.56 -50.37
C ILE S 1291 54.32 28.19 -50.90
N LEU S 1292 53.50 27.17 -50.69
CA LEU S 1292 53.83 25.83 -51.16
C LEU S 1292 53.81 25.73 -52.68
N THR S 1293 52.96 26.52 -53.34
CA THR S 1293 52.83 26.46 -54.79
C THR S 1293 53.77 27.41 -55.52
N ALA S 1294 54.41 28.35 -54.81
CA ALA S 1294 55.28 29.33 -55.47
C ALA S 1294 56.64 29.42 -54.79
N CYS S 1295 56.65 29.67 -53.49
CA CYS S 1295 57.90 29.81 -52.77
C CYS S 1295 58.65 28.48 -52.72
N PRO S 1296 59.97 28.51 -52.84
CA PRO S 1296 60.73 27.25 -52.81
C PRO S 1296 60.78 26.66 -51.40
N GLN S 1297 61.22 25.40 -51.35
CA GLN S 1297 61.31 24.70 -50.08
C GLN S 1297 62.41 23.65 -50.04
N ASP S 1298 63.26 23.54 -51.07
CA ASP S 1298 64.33 22.55 -51.11
C ASP S 1298 65.69 23.15 -50.75
N LEU S 1299 65.70 24.19 -49.93
CA LEU S 1299 66.95 24.82 -49.51
C LEU S 1299 67.50 24.22 -48.23
N ILE S 1300 66.65 24.04 -47.22
CA ILE S 1300 67.04 23.45 -45.96
C ILE S 1300 67.27 21.95 -46.16
N PRO S 1301 68.09 21.29 -45.34
CA PRO S 1301 68.28 19.85 -45.49
C PRO S 1301 66.97 19.08 -45.32
N THR S 1302 66.94 17.89 -45.92
CA THR S 1302 65.72 17.08 -45.89
C THR S 1302 65.37 16.64 -44.48
N GLU S 1303 66.38 16.26 -43.68
CA GLU S 1303 66.13 15.81 -42.32
C GLU S 1303 65.53 16.93 -41.47
N HIS S 1304 66.14 18.12 -41.53
CA HIS S 1304 65.63 19.25 -40.76
C HIS S 1304 64.26 19.68 -41.26
N ARG S 1305 64.04 19.62 -42.58
CA ARG S 1305 62.73 19.97 -43.13
C ARG S 1305 61.65 19.02 -42.63
N GLN S 1306 61.92 17.71 -42.65
CA GLN S 1306 60.96 16.75 -42.15
C GLN S 1306 60.74 16.90 -40.65
N LEU S 1307 61.80 17.24 -39.91
CA LEU S 1307 61.65 17.45 -38.47
C LEU S 1307 60.74 18.65 -38.20
N ILE S 1308 60.95 19.75 -38.90
CA ILE S 1308 60.11 20.93 -38.72
C ILE S 1308 58.67 20.63 -39.14
N ILE S 1309 58.50 19.85 -40.21
CA ILE S 1309 57.17 19.51 -40.69
C ILE S 1309 56.43 18.69 -39.65
N ARG S 1310 57.08 17.66 -39.11
CA ARG S 1310 56.44 16.83 -38.09
C ARG S 1310 56.18 17.62 -36.81
N ASP S 1311 57.07 18.57 -36.48
CA ASP S 1311 56.86 19.38 -35.28
C ASP S 1311 55.63 20.26 -35.44
N LEU S 1312 55.51 20.96 -36.57
CA LEU S 1312 54.34 21.80 -36.78
C LEU S 1312 53.07 20.97 -36.92
N LEU S 1313 53.18 19.76 -37.47
CA LEU S 1313 52.02 18.88 -37.56
C LEU S 1313 51.54 18.47 -36.17
N GLN S 1314 52.47 18.06 -35.30
CA GLN S 1314 52.11 17.72 -33.93
C GLN S 1314 51.52 18.92 -33.20
N ASP S 1315 52.09 20.11 -33.43
CA ASP S 1315 51.58 21.31 -32.76
C ASP S 1315 50.16 21.63 -33.19
N LEU S 1316 49.89 21.60 -34.50
CA LEU S 1316 48.53 21.87 -34.97
C LEU S 1316 47.56 20.79 -34.54
N HIS S 1317 48.01 19.54 -34.47
CA HIS S 1317 47.14 18.47 -34.00
C HIS S 1317 46.77 18.66 -32.52
N VAL S 1318 47.76 19.04 -31.71
CA VAL S 1318 47.48 19.31 -30.29
C VAL S 1318 46.55 20.51 -30.15
N LYS S 1319 46.73 21.53 -30.99
CA LYS S 1319 45.88 22.71 -30.91
C LYS S 1319 44.44 22.39 -31.31
N ILE S 1320 44.26 21.60 -32.38
CA ILE S 1320 42.91 21.26 -32.82
C ILE S 1320 42.25 20.28 -31.85
N LEU S 1321 43.04 19.44 -31.19
CA LEU S 1321 42.48 18.49 -30.23
C LEU S 1321 41.75 19.19 -29.09
N ASP S 1322 42.24 20.36 -28.68
CA ASP S 1322 41.56 21.14 -27.66
C ASP S 1322 40.31 21.84 -28.19
N ASP S 1323 40.21 22.02 -29.51
CA ASP S 1323 39.06 22.63 -30.17
C ASP S 1323 38.86 24.08 -29.76
N ASP S 1324 37.89 24.75 -30.37
CA ASP S 1324 37.60 26.15 -30.06
C ASP S 1324 36.11 26.48 -30.03
N ALA S 1325 35.29 25.91 -30.90
CA ALA S 1325 33.86 26.19 -30.92
C ALA S 1325 33.12 24.96 -31.46
N ALA S 1326 33.15 23.88 -30.67
CA ALA S 1326 32.49 22.61 -30.98
C ALA S 1326 33.04 22.10 -32.30
N GLN S 1327 32.22 21.84 -33.31
CA GLN S 1327 32.71 21.33 -34.59
C GLN S 1327 32.39 22.29 -35.72
N GLU S 1328 32.92 23.51 -35.65
CA GLU S 1328 32.69 24.53 -36.67
C GLU S 1328 33.92 24.76 -37.56
N LEU S 1329 35.10 24.84 -36.96
CA LEU S 1329 36.34 25.05 -37.70
C LEU S 1329 36.97 23.75 -38.16
N MET S 1330 36.29 22.62 -37.98
CA MET S 1330 36.81 21.32 -38.37
C MET S 1330 36.80 21.11 -39.88
N PRO S 1331 35.71 21.44 -40.59
CA PRO S 1331 35.77 21.32 -42.06
C PRO S 1331 36.82 22.22 -42.68
N ILE S 1332 37.03 23.42 -42.11
CA ILE S 1332 38.01 24.34 -42.66
C ILE S 1332 39.42 23.74 -42.56
N VAL S 1333 39.78 23.25 -41.37
CA VAL S 1333 41.11 22.68 -41.19
C VAL S 1333 41.25 21.37 -41.97
N ALA S 1334 40.14 20.62 -42.15
CA ALA S 1334 40.21 19.40 -42.95
C ALA S 1334 40.52 19.73 -44.40
N GLY S 1335 39.79 20.67 -44.99
CA GLY S 1335 40.10 21.12 -46.34
C GLY S 1335 41.48 21.73 -46.45
N ALA S 1336 41.94 22.41 -45.41
CA ALA S 1336 43.28 22.97 -45.40
C ALA S 1336 44.34 21.87 -45.47
N VAL S 1337 44.19 20.83 -44.65
CA VAL S 1337 45.13 19.72 -44.66
C VAL S 1337 45.09 19.00 -46.02
N PHE S 1338 43.89 18.85 -46.58
CA PHE S 1338 43.76 18.20 -47.88
C PHE S 1338 44.50 18.99 -48.96
N THR S 1339 44.27 20.31 -49.00
CA THR S 1339 44.92 21.14 -50.00
C THR S 1339 46.43 21.20 -49.79
N LEU S 1340 46.87 21.20 -48.52
CA LEU S 1340 48.31 21.19 -48.24
C LEU S 1340 48.96 19.90 -48.73
N THR S 1341 48.31 18.76 -48.48
CA THR S 1341 48.85 17.49 -48.96
C THR S 1341 48.85 17.43 -50.49
N ALA S 1342 47.80 17.95 -51.13
CA ALA S 1342 47.77 17.97 -52.58
C ALA S 1342 48.88 18.84 -53.15
N HIS S 1343 49.10 20.01 -52.56
CA HIS S 1343 50.15 20.90 -53.04
C HIS S 1343 51.54 20.30 -52.80
N LEU S 1344 51.71 19.60 -51.67
CA LEU S 1344 52.99 18.95 -51.41
C LEU S 1344 53.25 17.83 -52.42
N SER S 1345 52.21 17.04 -52.74
CA SER S 1345 52.37 15.99 -53.73
C SER S 1345 52.68 16.58 -55.10
N GLN S 1346 52.03 17.68 -55.46
CA GLN S 1346 52.30 18.33 -56.74
C GLN S 1346 53.72 18.86 -56.79
N SER S 1347 54.19 19.48 -55.71
CA SER S 1347 55.55 20.00 -55.67
C SER S 1347 56.57 18.86 -55.75
N VAL S 1348 56.29 17.74 -55.11
CA VAL S 1348 57.19 16.59 -55.18
C VAL S 1348 57.23 16.04 -56.60
N ARG S 1349 56.06 15.90 -57.23
CA ARG S 1349 56.03 15.40 -58.61
C ARG S 1349 56.72 16.36 -59.57
N THR S 1350 56.70 17.66 -59.27
CA THR S 1350 57.38 18.63 -60.13
C THR S 1350 58.89 18.61 -59.91
N GLU S 1351 59.33 18.48 -58.66
CA GLU S 1351 60.76 18.48 -58.34
C GLU S 1351 61.40 17.11 -58.52
N LEU S 1352 60.62 16.08 -58.84
CA LEU S 1352 61.20 14.76 -59.11
C LEU S 1352 62.23 14.79 -60.24
N LYS S 1353 62.16 15.79 -61.13
CA LYS S 1353 63.13 15.87 -62.23
C LYS S 1353 64.54 16.12 -61.71
N GLN S 1354 64.68 16.77 -60.55
CA GLN S 1354 65.99 17.03 -59.97
C GLN S 1354 66.17 16.23 -58.69
N PRO S 1355 67.40 15.80 -58.40
CA PRO S 1355 67.63 15.02 -57.17
C PRO S 1355 67.55 15.88 -55.93
N MET S 1356 67.05 15.28 -54.85
CA MET S 1356 66.93 15.97 -53.57
C MET S 1356 67.55 15.15 -52.46
N THR S 1357 67.53 13.83 -52.59
CA THR S 1357 68.10 12.94 -51.58
C THR S 1357 69.61 12.86 -51.76
N ALA S 1358 70.34 13.16 -50.70
CA ALA S 1358 71.80 13.12 -50.76
C ALA S 1358 72.29 11.68 -50.80
N SER S 1359 73.46 11.48 -51.41
CA SER S 1359 74.06 10.16 -51.52
C SER S 1359 75.57 10.32 -51.65
N GLY S 1360 76.32 9.64 -50.79
CA GLY S 1360 77.76 9.72 -50.81
C GLY S 1360 78.40 8.78 -51.82
N LEU S 1361 79.57 8.26 -51.48
CA LEU S 1361 80.30 7.35 -52.36
C LEU S 1361 79.60 5.99 -52.34
N GLY S 1362 78.60 5.85 -53.20
CA GLY S 1362 77.84 4.62 -53.29
C GLY S 1362 76.33 4.85 -53.32
N GLN S 1363 75.56 3.85 -52.90
CA GLN S 1363 74.11 3.96 -52.88
C GLN S 1363 73.59 4.04 -51.46
N SER S 1364 74.26 4.84 -50.62
CA SER S 1364 73.86 5.01 -49.23
C SER S 1364 72.88 6.17 -49.11
N GLN S 1365 71.66 5.88 -48.67
CA GLN S 1365 70.63 6.89 -48.53
C GLN S 1365 70.61 7.42 -47.09
N TYR S 1366 70.59 8.73 -46.95
CA TYR S 1366 70.57 9.38 -45.64
C TYR S 1366 69.17 9.70 -45.16
N VAL S 1367 68.13 9.37 -45.93
CA VAL S 1367 66.76 9.65 -45.52
C VAL S 1367 66.12 8.48 -44.79
N GLN S 1368 66.67 7.26 -44.93
CA GLN S 1368 66.13 6.08 -44.27
C GLN S 1368 67.13 5.49 -43.28
N MET S 1369 68.04 6.29 -42.76
CA MET S 1369 69.04 5.81 -41.82
C MET S 1369 68.50 5.66 -40.40
N LEU S 1370 67.27 6.11 -40.14
CA LEU S 1370 66.68 6.01 -38.81
C LEU S 1370 66.22 4.60 -38.48
N ASP S 1371 66.12 3.71 -39.47
CA ASP S 1371 65.68 2.34 -39.25
C ASP S 1371 66.78 1.31 -39.50
N GLY S 1372 67.95 1.75 -39.96
CA GLY S 1372 69.04 0.83 -40.24
C GLY S 1372 69.15 0.44 -41.70
N SER S 1373 68.15 -0.30 -42.18
CA SER S 1373 68.12 -0.74 -43.57
C SER S 1373 67.17 0.13 -44.39
N PHE S 1374 67.27 0.00 -45.71
CA PHE S 1374 66.44 0.74 -46.64
C PHE S 1374 65.27 -0.11 -47.11
N ALA S 1375 64.36 0.53 -47.84
CA ALA S 1375 63.18 -0.15 -48.36
C ALA S 1375 62.77 0.43 -49.70
N ALA S 1376 62.94 1.74 -49.87
CA ALA S 1376 62.57 2.40 -51.11
C ALA S 1376 63.60 2.10 -52.20
N PRO S 1377 63.19 1.51 -53.33
CA PRO S 1377 64.15 1.23 -54.40
C PRO S 1377 64.60 2.50 -55.09
N PRO S 1378 65.71 2.47 -55.82
CA PRO S 1378 66.15 3.67 -56.55
C PRO S 1378 65.13 4.09 -57.58
N GLY S 1379 64.73 5.36 -57.52
CA GLY S 1379 63.73 5.93 -58.40
C GLY S 1379 62.50 6.43 -57.66
N THR S 1380 62.18 5.81 -56.52
CA THR S 1380 61.04 6.22 -55.71
C THR S 1380 61.45 6.82 -54.36
N GLU S 1381 62.73 6.79 -54.02
CA GLU S 1381 63.17 7.34 -52.74
C GLU S 1381 63.04 8.87 -52.72
N ASN S 1382 63.14 9.51 -53.88
CA ASN S 1382 62.97 10.97 -53.92
C ASN S 1382 61.57 11.38 -53.50
N ILE S 1383 60.58 10.52 -53.71
CA ILE S 1383 59.21 10.79 -53.27
C ILE S 1383 58.97 10.23 -51.87
N SER S 1384 59.55 9.07 -51.56
CA SER S 1384 59.37 8.45 -50.26
C SER S 1384 60.18 9.11 -49.16
N ALA S 1385 61.02 10.10 -49.49
CA ALA S 1385 61.80 10.77 -48.46
C ALA S 1385 60.93 11.56 -47.51
N GLY S 1386 59.74 11.98 -47.95
CA GLY S 1386 58.83 12.72 -47.09
C GLY S 1386 58.12 11.87 -46.06
N PHE S 1387 58.26 10.55 -46.12
CA PHE S 1387 57.63 9.64 -45.18
C PHE S 1387 58.61 8.74 -44.44
N ALA S 1388 59.75 8.43 -45.03
CA ALA S 1388 60.75 7.57 -44.40
C ALA S 1388 61.75 8.34 -43.54
N SER S 1389 61.66 9.66 -43.50
CA SER S 1389 62.55 10.48 -42.69
C SER S 1389 61.94 10.91 -41.36
N ILE S 1390 60.74 10.44 -41.04
CA ILE S 1390 60.07 10.80 -39.80
C ILE S 1390 60.36 9.72 -38.77
N GLY S 1391 60.51 10.13 -37.51
CA GLY S 1391 60.77 9.20 -36.44
C GLY S 1391 59.61 8.26 -36.19
N ASP S 1392 59.88 7.21 -35.41
CA ASP S 1392 58.86 6.21 -35.12
C ASP S 1392 57.80 6.75 -34.18
N SER S 1393 58.23 7.44 -33.11
CA SER S 1393 57.26 7.95 -32.13
C SER S 1393 56.39 9.04 -32.73
N SER S 1394 56.98 9.97 -33.49
CA SER S 1394 56.20 11.05 -34.10
C SER S 1394 55.22 10.50 -35.12
N LEU S 1395 55.66 9.56 -35.96
CA LEU S 1395 54.75 8.97 -36.93
C LEU S 1395 53.63 8.20 -36.25
N HIS S 1396 53.95 7.46 -35.18
CA HIS S 1396 52.91 6.74 -34.46
C HIS S 1396 51.90 7.70 -33.84
N MET S 1397 52.37 8.81 -33.26
CA MET S 1397 51.44 9.74 -32.62
C MET S 1397 50.60 10.47 -33.65
N ILE S 1398 51.16 10.79 -34.82
CA ILE S 1398 50.37 11.48 -35.83
C ILE S 1398 49.37 10.51 -36.46
N LEU S 1399 49.73 9.22 -36.57
CA LEU S 1399 48.77 8.24 -37.06
C LEU S 1399 47.65 8.02 -36.05
N ARG S 1400 47.97 8.03 -34.75
CA ARG S 1400 46.94 7.94 -33.73
C ARG S 1400 46.01 9.16 -33.77
N ASN S 1401 46.59 10.34 -33.99
CA ASN S 1401 45.77 11.54 -34.11
C ASN S 1401 44.84 11.47 -35.32
N LEU S 1402 45.37 11.02 -36.46
CA LEU S 1402 44.52 10.87 -37.65
C LEU S 1402 43.42 9.84 -37.41
N LEU S 1403 43.76 8.73 -36.72
CA LEU S 1403 42.77 7.70 -36.45
C LEU S 1403 41.66 8.21 -35.54
N GLU S 1404 42.02 8.95 -34.48
CA GLU S 1404 40.99 9.46 -33.59
C GLU S 1404 40.16 10.55 -34.26
N PHE S 1405 40.78 11.35 -35.16
CA PHE S 1405 40.00 12.33 -35.91
C PHE S 1405 39.01 11.65 -36.85
N ILE S 1406 39.44 10.57 -37.50
CA ILE S 1406 38.54 9.82 -38.37
C ILE S 1406 37.42 9.18 -37.56
N LEU S 1407 37.74 8.65 -36.38
CA LEU S 1407 36.70 8.07 -35.53
C LEU S 1407 35.72 9.13 -35.03
N LYS S 1408 36.20 10.36 -34.83
CA LYS S 1408 35.30 11.42 -34.37
C LYS S 1408 34.42 11.93 -35.49
N THR S 1409 34.96 12.03 -36.72
CA THR S 1409 34.19 12.57 -37.83
C THR S 1409 33.81 11.49 -38.83
N GLY S 1410 33.61 10.27 -38.35
CA GLY S 1410 33.17 9.16 -39.19
C GLY S 1410 31.66 9.19 -39.38
N GLY S 1411 31.25 9.01 -40.64
CA GLY S 1411 29.83 8.99 -40.97
C GLY S 1411 29.29 10.34 -41.40
N GLY S 1412 29.00 11.20 -40.42
CA GLY S 1412 28.46 12.50 -40.74
C GLY S 1412 29.50 13.42 -41.36
N PHE S 1413 29.00 14.53 -41.91
CA PHE S 1413 29.82 15.54 -42.57
C PHE S 1413 30.61 14.94 -43.73
N GLN S 1414 30.05 15.00 -44.94
CA GLN S 1414 30.69 14.40 -46.10
C GLN S 1414 31.99 15.11 -46.46
N ARG S 1415 32.00 16.44 -46.38
CA ARG S 1415 33.19 17.20 -46.78
C ARG S 1415 34.37 16.89 -45.89
N VAL S 1416 34.16 16.83 -44.58
CA VAL S 1416 35.26 16.59 -43.65
C VAL S 1416 35.85 15.20 -43.86
N ARG S 1417 35.00 14.18 -44.00
CA ARG S 1417 35.49 12.83 -44.20
C ARG S 1417 36.17 12.68 -45.56
N ALA S 1418 35.67 13.39 -46.59
CA ALA S 1418 36.34 13.35 -47.88
C ALA S 1418 37.72 14.00 -47.82
N HIS S 1419 37.82 15.13 -47.11
CA HIS S 1419 39.12 15.79 -46.97
C HIS S 1419 40.09 14.91 -46.18
N LEU S 1420 39.60 14.25 -45.12
CA LEU S 1420 40.46 13.36 -44.35
C LEU S 1420 40.92 12.17 -45.18
N TYR S 1421 40.01 11.61 -45.98
CA TYR S 1421 40.39 10.49 -46.85
C TYR S 1421 41.41 10.92 -47.90
N GLY S 1422 41.25 12.12 -48.45
CA GLY S 1422 42.22 12.62 -49.41
C GLY S 1422 43.58 12.86 -48.76
N SER S 1423 43.59 13.41 -47.55
CA SER S 1423 44.85 13.62 -46.84
C SER S 1423 45.54 12.29 -46.56
N LEU S 1424 44.79 11.28 -46.12
CA LEU S 1424 45.37 9.97 -45.87
C LEU S 1424 45.88 9.34 -47.15
N LEU S 1425 45.14 9.50 -48.25
CA LEU S 1425 45.58 8.97 -49.54
C LEU S 1425 46.88 9.62 -49.98
N TYR S 1426 47.00 10.94 -49.81
CA TYR S 1426 48.23 11.62 -50.19
C TYR S 1426 49.40 11.21 -49.30
N TYR S 1427 49.16 11.09 -47.99
CA TYR S 1427 50.22 10.66 -47.08
C TYR S 1427 50.67 9.24 -47.39
N LEU S 1428 49.76 8.38 -47.86
CA LEU S 1428 50.16 7.03 -48.26
C LEU S 1428 50.90 7.03 -49.58
N GLN S 1429 50.39 7.77 -50.57
CA GLN S 1429 51.02 7.83 -51.88
C GLN S 1429 52.40 8.49 -51.83
N ILE S 1430 52.68 9.28 -50.78
CA ILE S 1430 54.02 9.84 -50.61
C ILE S 1430 55.06 8.72 -50.61
N ALA S 1431 54.72 7.58 -50.00
CA ALA S 1431 55.61 6.43 -49.92
C ALA S 1431 54.97 5.19 -50.53
N GLN S 1432 54.21 5.36 -51.61
CA GLN S 1432 53.56 4.24 -52.28
C GLN S 1432 53.37 4.58 -53.75
N ARG S 1433 53.28 3.54 -54.57
CA ARG S 1433 53.09 3.67 -56.00
C ARG S 1433 51.92 2.81 -56.45
N PRO S 1434 51.17 3.26 -57.45
CA PRO S 1434 50.04 2.45 -57.95
C PRO S 1434 50.52 1.28 -58.79
N ASP S 1435 49.71 0.23 -58.79
CA ASP S 1435 50.04 -0.97 -59.53
C ASP S 1435 49.93 -0.74 -61.04
N GLU S 1436 50.66 -1.57 -61.79
CA GLU S 1436 50.67 -1.51 -63.24
C GLU S 1436 49.94 -2.70 -63.84
N PRO S 1437 49.34 -2.55 -65.02
CA PRO S 1437 48.65 -3.68 -65.64
C PRO S 1437 49.62 -4.78 -66.04
N ASP S 1438 49.30 -6.01 -65.64
CA ASP S 1438 50.15 -7.15 -65.94
C ASP S 1438 49.92 -7.63 -67.36
N THR S 1439 50.85 -8.44 -67.85
CA THR S 1439 50.76 -8.99 -69.20
C THR S 1439 51.16 -10.47 -69.20
N LEU S 1440 52.17 -10.81 -68.40
CA LEU S 1440 52.64 -12.19 -68.31
C LEU S 1440 53.15 -12.49 -66.91
N GLU S 1441 53.95 -11.58 -66.36
CA GLU S 1441 54.52 -11.73 -65.02
C GLU S 1441 53.63 -11.04 -63.99
N SER S 1442 53.67 -11.55 -62.76
CA SER S 1442 52.88 -11.02 -61.67
C SER S 1442 53.71 -10.51 -60.50
N ALA S 1443 55.01 -10.81 -60.46
CA ALA S 1443 55.86 -10.36 -59.36
C ALA S 1443 57.24 -9.91 -59.84
N HIS S 1444 57.39 -9.62 -61.13
CA HIS S 1444 58.68 -9.19 -61.68
C HIS S 1444 58.71 -7.70 -61.99
N LYS S 1445 57.64 -6.95 -61.69
CA LYS S 1445 57.63 -5.53 -61.97
C LYS S 1445 56.82 -4.72 -60.96
N SER S 1446 56.42 -5.30 -59.83
CA SER S 1446 55.63 -4.60 -58.81
C SER S 1446 56.27 -4.86 -57.44
N MET S 1447 57.42 -4.22 -57.21
CA MET S 1447 58.14 -4.37 -55.93
C MET S 1447 57.62 -3.35 -54.92
N TRP S 1448 57.93 -2.07 -55.15
CA TRP S 1448 57.48 -1.02 -54.24
C TRP S 1448 55.99 -0.71 -54.39
N GLU S 1449 55.35 -1.17 -55.47
CA GLU S 1449 53.93 -0.90 -55.65
C GLU S 1449 53.08 -1.69 -54.65
N ARG S 1450 53.45 -2.93 -54.38
CA ARG S 1450 52.73 -3.78 -53.42
C ARG S 1450 53.73 -4.18 -52.34
N LEU S 1451 53.70 -3.46 -51.22
CA LEU S 1451 54.59 -3.72 -50.08
C LEU S 1451 53.79 -4.46 -49.01
N THR S 1452 53.81 -5.78 -49.09
CA THR S 1452 53.10 -6.64 -48.15
C THR S 1452 54.03 -7.32 -47.15
N ALA S 1453 55.33 -7.02 -47.19
CA ALA S 1453 56.28 -7.63 -46.28
C ALA S 1453 56.67 -6.67 -45.17
N PRO S 1454 56.86 -7.16 -43.95
CA PRO S 1454 57.24 -6.27 -42.84
C PRO S 1454 58.67 -5.76 -42.99
N GLU S 1455 58.84 -4.71 -43.79
CA GLU S 1455 60.14 -4.10 -44.02
C GLU S 1455 60.35 -2.96 -43.04
N ASP S 1456 61.21 -3.20 -42.04
CA ASP S 1456 61.65 -2.19 -41.09
C ASP S 1456 60.52 -1.66 -40.20
N VAL S 1457 60.83 -0.66 -39.38
CA VAL S 1457 59.88 -0.17 -38.38
C VAL S 1457 58.69 0.50 -39.04
N PHE S 1458 58.86 1.05 -40.25
CA PHE S 1458 57.74 1.68 -40.93
C PHE S 1458 56.65 0.65 -41.24
N SER S 1459 57.02 -0.45 -41.89
CA SER S 1459 56.05 -1.50 -42.17
C SER S 1459 55.60 -2.19 -40.90
N LYS S 1460 56.46 -2.24 -39.88
CA LYS S 1460 56.04 -2.80 -38.59
C LYS S 1460 54.90 -1.99 -38.00
N LEU S 1461 55.04 -0.66 -38.00
CA LEU S 1461 53.98 0.20 -37.50
C LEU S 1461 52.75 0.15 -38.39
N GLN S 1462 52.94 -0.03 -39.70
CA GLN S 1462 51.80 -0.18 -40.60
C GLN S 1462 51.01 -1.45 -40.27
N ARG S 1463 51.71 -2.56 -40.03
CA ARG S 1463 51.04 -3.79 -39.63
C ARG S 1463 50.39 -3.65 -38.26
N ASP S 1464 51.01 -2.88 -37.35
CA ASP S 1464 50.39 -2.63 -36.06
C ASP S 1464 49.09 -1.85 -36.21
N ASN S 1465 49.08 -0.85 -37.10
CA ASN S 1465 47.85 -0.10 -37.36
C ASN S 1465 46.80 -0.98 -38.01
N LEU S 1466 47.23 -1.90 -38.89
CA LEU S 1466 46.28 -2.84 -39.48
C LEU S 1466 45.67 -3.75 -38.42
N SER S 1467 46.49 -4.21 -37.47
CA SER S 1467 45.97 -5.03 -36.38
C SER S 1467 45.03 -4.22 -35.49
N ILE S 1468 45.33 -2.94 -35.29
CA ILE S 1468 44.43 -2.10 -34.51
C ILE S 1468 43.09 -1.93 -35.22
N PHE S 1469 43.11 -1.76 -36.54
CA PHE S 1469 41.87 -1.66 -37.29
C PHE S 1469 41.09 -2.98 -37.23
N GLU S 1470 41.80 -4.11 -37.28
CA GLU S 1470 41.14 -5.40 -37.17
C GLU S 1470 40.50 -5.58 -35.80
N SER S 1471 41.18 -5.11 -34.74
CA SER S 1471 40.61 -5.16 -33.41
C SER S 1471 39.40 -4.24 -33.29
N TYR S 1472 39.44 -3.09 -33.98
CA TYR S 1472 38.26 -2.23 -34.07
C TYR S 1472 37.09 -2.99 -34.69
N GLY S 1473 37.34 -3.65 -35.81
CA GLY S 1473 36.38 -4.60 -36.36
C GLY S 1473 35.63 -4.04 -37.55
N THR S 1474 34.30 -4.14 -37.51
CA THR S 1474 33.46 -3.86 -38.68
C THR S 1474 33.10 -2.39 -38.81
N ALA S 1475 33.43 -1.54 -37.84
CA ALA S 1475 33.05 -0.13 -37.92
C ALA S 1475 33.78 0.57 -39.07
N LEU S 1476 35.10 0.45 -39.11
CA LEU S 1476 35.88 1.11 -40.16
C LEU S 1476 35.54 0.53 -41.53
N MET S 1477 35.42 -0.80 -41.63
CA MET S 1477 35.07 -1.42 -42.90
C MET S 1477 33.70 -0.94 -43.37
N GLU S 1478 32.72 -0.87 -42.47
CA GLU S 1478 31.39 -0.44 -42.85
C GLU S 1478 31.38 1.01 -43.31
N VAL S 1479 32.08 1.89 -42.59
CA VAL S 1479 32.05 3.31 -42.96
C VAL S 1479 32.79 3.54 -44.27
N VAL S 1480 33.90 2.83 -44.50
CA VAL S 1480 34.59 3.03 -45.76
C VAL S 1480 33.81 2.43 -46.92
N CYS S 1481 33.10 1.32 -46.69
CA CYS S 1481 32.24 0.76 -47.74
C CYS S 1481 31.10 1.71 -48.07
N ARG S 1482 30.49 2.32 -47.04
CA ARG S 1482 29.43 3.28 -47.29
C ARG S 1482 29.96 4.50 -48.05
N ASP S 1483 31.14 4.99 -47.68
CA ASP S 1483 31.71 6.15 -48.37
C ASP S 1483 32.11 5.82 -49.79
N ALA S 1484 32.51 4.58 -50.05
CA ALA S 1484 32.89 4.19 -51.42
C ALA S 1484 31.66 3.92 -52.29
N CYS S 1485 30.57 3.44 -51.70
CA CYS S 1485 29.37 3.14 -52.46
C CYS S 1485 28.51 4.39 -52.67
N ASP S 1486 28.00 4.97 -51.58
CA ASP S 1486 27.13 6.14 -51.66
C ASP S 1486 27.97 7.40 -51.43
N GLY S 1487 27.91 8.33 -52.38
CA GLY S 1487 28.67 9.54 -52.28
C GLY S 1487 28.84 10.17 -53.65
N HIS S 1488 29.45 11.36 -53.63
CA HIS S 1488 29.68 12.09 -54.87
C HIS S 1488 30.93 11.54 -55.57
N ASP S 1489 31.26 12.15 -56.72
CA ASP S 1489 32.32 11.61 -57.57
C ASP S 1489 33.67 11.68 -56.88
N ILE S 1490 34.04 12.86 -56.37
CA ILE S 1490 35.35 13.03 -55.75
C ILE S 1490 35.45 12.19 -54.48
N GLY S 1491 34.37 12.14 -53.69
CA GLY S 1491 34.39 11.35 -52.48
C GLY S 1491 34.56 9.87 -52.76
N ARG S 1492 33.81 9.36 -53.75
CA ARG S 1492 33.94 7.95 -54.11
C ARG S 1492 35.33 7.65 -54.67
N MET S 1493 35.89 8.57 -55.45
CA MET S 1493 37.23 8.37 -55.99
C MET S 1493 38.26 8.31 -54.87
N LEU S 1494 38.17 9.23 -53.91
CA LEU S 1494 39.10 9.23 -52.79
C LEU S 1494 38.95 7.98 -51.94
N ALA S 1495 37.71 7.53 -51.72
CA ALA S 1495 37.49 6.33 -50.93
C ALA S 1495 38.08 5.10 -51.63
N LEU S 1496 37.85 4.98 -52.94
CA LEU S 1496 38.39 3.85 -53.68
C LEU S 1496 39.92 3.90 -53.70
N ALA S 1497 40.50 5.09 -53.84
CA ALA S 1497 41.95 5.20 -53.85
C ALA S 1497 42.55 4.83 -52.50
N LEU S 1498 41.91 5.26 -51.41
CA LEU S 1498 42.37 4.87 -50.08
C LEU S 1498 42.25 3.37 -49.87
N LEU S 1499 41.16 2.78 -50.35
CA LEU S 1499 40.99 1.33 -50.26
C LEU S 1499 42.09 0.60 -51.01
N ASP S 1500 42.42 1.07 -52.21
CA ASP S 1500 43.50 0.45 -52.98
C ASP S 1500 44.85 0.60 -52.27
N ARG S 1501 45.11 1.79 -51.70
CA ARG S 1501 46.38 2.03 -51.04
C ARG S 1501 46.51 1.22 -49.76
N ILE S 1502 45.40 0.93 -49.09
CA ILE S 1502 45.46 0.10 -47.88
C ILE S 1502 45.49 -1.38 -48.24
N VAL S 1503 44.94 -1.76 -49.40
CA VAL S 1503 44.99 -3.15 -49.83
C VAL S 1503 46.39 -3.50 -50.31
N SER S 1504 47.07 -2.56 -50.97
CA SER S 1504 48.43 -2.81 -51.45
C SER S 1504 49.40 -3.08 -50.31
N VAL S 1505 49.06 -2.73 -49.08
CA VAL S 1505 49.91 -2.98 -47.92
C VAL S 1505 49.31 -3.97 -46.95
N ASP S 1506 48.01 -4.26 -47.04
CA ASP S 1506 47.39 -5.22 -46.13
C ASP S 1506 47.62 -6.64 -46.63
N ARG S 1507 47.15 -7.62 -45.84
CA ARG S 1507 47.32 -9.02 -46.18
C ARG S 1507 46.29 -9.89 -45.46
N GLN S 1508 45.09 -9.34 -45.28
CA GLN S 1508 44.03 -10.05 -44.57
C GLN S 1508 42.77 -10.27 -45.39
N GLN S 1509 42.52 -9.43 -46.40
CA GLN S 1509 41.32 -9.52 -47.25
C GLN S 1509 40.03 -9.40 -46.47
N GLN S 1510 40.10 -8.88 -45.24
CA GLN S 1510 38.90 -8.73 -44.43
C GLN S 1510 37.95 -7.70 -45.02
N TRP S 1511 38.48 -6.68 -45.72
CA TRP S 1511 37.62 -5.72 -46.38
C TRP S 1511 36.75 -6.39 -47.44
N LEU S 1512 37.36 -7.18 -48.31
CA LEU S 1512 36.59 -7.91 -49.32
C LEU S 1512 35.68 -8.95 -48.70
N LEU S 1513 36.12 -9.57 -47.60
CA LEU S 1513 35.26 -10.53 -46.90
C LEU S 1513 33.99 -9.86 -46.40
N TYR S 1514 34.13 -8.71 -45.73
CA TYR S 1514 32.96 -7.98 -45.25
C TYR S 1514 32.12 -7.45 -46.40
N LEU S 1515 32.75 -7.06 -47.51
CA LEU S 1515 31.99 -6.63 -48.68
C LEU S 1515 31.10 -7.77 -49.19
N SER S 1516 31.68 -8.96 -49.37
CA SER S 1516 30.90 -10.10 -49.84
C SER S 1516 29.87 -10.54 -48.83
N ASN S 1517 30.13 -10.34 -47.54
CA ASN S 1517 29.17 -10.73 -46.51
C ASN S 1517 27.96 -9.79 -46.50
N SER S 1518 28.22 -8.48 -46.54
CA SER S 1518 27.14 -7.51 -46.50
C SER S 1518 26.41 -7.40 -47.82
N GLY S 1519 27.04 -7.80 -48.92
CA GLY S 1519 26.39 -7.74 -50.22
C GLY S 1519 26.66 -6.48 -51.01
N TYR S 1520 27.66 -5.69 -50.64
CA TYR S 1520 27.98 -4.47 -51.38
C TYR S 1520 28.60 -4.76 -52.74
N LEU S 1521 28.95 -6.01 -53.02
CA LEU S 1521 29.47 -6.36 -54.34
C LEU S 1521 28.43 -6.15 -55.43
N LYS S 1522 27.14 -6.32 -55.08
CA LYS S 1522 26.07 -6.07 -56.05
C LYS S 1522 26.06 -4.62 -56.49
N VAL S 1523 26.40 -3.69 -55.59
CA VAL S 1523 26.46 -2.29 -55.98
C VAL S 1523 27.59 -2.06 -56.99
N LEU S 1524 28.75 -2.66 -56.75
CA LEU S 1524 29.86 -2.53 -57.69
C LEU S 1524 29.54 -3.21 -59.02
N VAL S 1525 28.72 -4.26 -59.00
CA VAL S 1525 28.34 -4.92 -60.24
C VAL S 1525 27.36 -4.05 -61.03
N ASP S 1526 26.37 -3.49 -60.34
CA ASP S 1526 25.40 -2.61 -61.01
C ASP S 1526 26.02 -1.28 -61.43
N SER S 1527 27.16 -0.91 -60.85
CA SER S 1527 27.84 0.31 -61.24
C SER S 1527 28.36 0.27 -62.67
N LEU S 1528 28.32 -0.89 -63.33
CA LEU S 1528 28.74 -0.95 -64.73
C LEU S 1528 27.82 -0.14 -65.63
N ALA S 1529 26.56 0.02 -65.24
CA ALA S 1529 25.62 0.81 -66.04
C ALA S 1529 26.09 2.26 -66.15
N GLU S 1530 26.58 2.83 -65.06
CA GLU S 1530 27.10 4.19 -65.11
C GLU S 1530 28.55 4.24 -65.58
N ASP S 1531 29.31 3.16 -65.36
CA ASP S 1531 30.68 3.10 -65.88
C ASP S 1531 30.69 3.11 -67.40
N ASP S 1532 29.69 2.50 -68.03
CA ASP S 1532 29.59 2.53 -69.48
C ASP S 1532 29.43 3.96 -69.99
N VAL S 1533 28.54 4.73 -69.35
CA VAL S 1533 28.35 6.13 -69.74
C VAL S 1533 29.60 6.94 -69.44
N VAL S 1534 30.29 6.63 -68.34
CA VAL S 1534 31.52 7.33 -68.01
C VAL S 1534 32.57 7.11 -69.10
N LEU S 1535 32.72 5.86 -69.54
CA LEU S 1535 33.68 5.57 -70.61
C LEU S 1535 33.25 6.21 -71.93
N ARG S 1536 31.95 6.21 -72.22
CA ARG S 1536 31.47 6.82 -73.46
C ARG S 1536 31.67 8.32 -73.47
N ASN S 1537 31.61 8.96 -72.30
CA ASN S 1537 31.88 10.39 -72.21
C ASN S 1537 33.37 10.70 -72.12
N LEU S 1538 34.18 9.72 -71.70
CA LEU S 1538 35.61 9.94 -71.57
C LEU S 1538 36.40 9.62 -72.84
N LEU S 1539 35.85 8.80 -73.74
CA LEU S 1539 36.57 8.52 -74.98
C LEU S 1539 36.69 9.73 -75.89
N THR S 1540 35.90 10.79 -75.64
CA THR S 1540 35.99 12.03 -76.39
C THR S 1540 36.69 13.10 -75.56
N PRO S 1541 37.54 13.92 -76.18
CA PRO S 1541 38.26 14.95 -75.41
C PRO S 1541 37.33 16.02 -74.84
N GLN S 1542 37.17 16.03 -73.52
CA GLN S 1542 36.31 17.00 -72.85
C GLN S 1542 36.92 17.50 -71.54
N PRO S 1543 37.29 16.64 -70.60
CA PRO S 1543 37.81 17.13 -69.33
C PRO S 1543 39.31 17.36 -69.38
N PRO S 1544 39.77 18.59 -69.12
CA PRO S 1544 41.21 18.85 -69.13
C PRO S 1544 41.84 18.66 -67.76
N LEU S 1545 42.93 19.39 -67.50
CA LEU S 1545 43.64 19.36 -66.22
C LEU S 1545 44.10 17.95 -65.87
N LEU S 1546 44.35 17.71 -64.59
CA LEU S 1546 44.82 16.42 -64.10
C LEU S 1546 43.79 15.70 -63.24
N LYS S 1547 42.63 16.31 -63.00
CA LYS S 1547 41.61 15.64 -62.19
C LYS S 1547 41.08 14.39 -62.87
N ALA S 1548 40.83 14.46 -64.18
CA ALA S 1548 40.38 13.28 -64.92
C ALA S 1548 41.45 12.20 -64.94
N LEU S 1549 42.72 12.60 -65.06
CA LEU S 1549 43.80 11.62 -65.02
C LEU S 1549 43.89 10.93 -63.66
N TYR S 1550 43.74 11.70 -62.58
CA TYR S 1550 43.75 11.11 -61.25
C TYR S 1550 42.57 10.18 -61.04
N ILE S 1551 41.39 10.57 -61.56
CA ILE S 1551 40.21 9.72 -61.44
C ILE S 1551 40.41 8.42 -62.19
N TYR S 1552 40.98 8.49 -63.40
CA TYR S 1552 41.25 7.28 -64.17
C TYR S 1552 42.29 6.41 -63.48
N GLU S 1553 43.30 7.02 -62.87
CA GLU S 1553 44.30 6.24 -62.15
C GLU S 1553 43.68 5.53 -60.96
N SER S 1554 42.82 6.22 -60.21
CA SER S 1554 42.15 5.59 -59.08
C SER S 1554 41.24 4.45 -59.54
N LYS S 1555 40.55 4.65 -60.66
CA LYS S 1555 39.66 3.62 -61.18
C LYS S 1555 40.43 2.38 -61.62
N MET S 1556 41.53 2.58 -62.35
CA MET S 1556 42.33 1.43 -62.78
C MET S 1556 43.01 0.76 -61.60
N ALA S 1557 43.38 1.52 -60.56
CA ALA S 1557 43.94 0.91 -59.36
C ALA S 1557 42.90 0.06 -58.64
N PHE S 1558 41.67 0.55 -58.55
CA PHE S 1558 40.60 -0.24 -57.95
C PHE S 1558 40.33 -1.50 -58.75
N LEU S 1559 40.30 -1.39 -60.08
CA LEU S 1559 40.11 -2.57 -60.91
C LEU S 1559 41.24 -3.58 -60.71
N THR S 1560 42.48 -3.10 -60.62
CA THR S 1560 43.60 -4.00 -60.41
C THR S 1560 43.53 -4.68 -59.05
N ARG S 1561 43.16 -3.93 -58.00
CA ARG S 1561 43.05 -4.52 -56.67
C ARG S 1561 41.92 -5.53 -56.61
N VAL S 1562 40.83 -5.29 -57.34
CA VAL S 1562 39.72 -6.24 -57.33
C VAL S 1562 40.10 -7.50 -58.12
N ALA S 1563 40.83 -7.34 -59.23
CA ALA S 1563 41.14 -8.46 -60.09
C ALA S 1563 42.30 -9.31 -59.56
N LYS S 1564 43.22 -8.71 -58.80
CA LYS S 1564 44.38 -9.45 -58.32
C LYS S 1564 44.07 -10.36 -57.13
N SER S 1565 42.94 -10.16 -56.48
CA SER S 1565 42.58 -10.99 -55.33
C SER S 1565 41.96 -12.30 -55.79
N SER S 1566 42.28 -13.38 -55.08
CA SER S 1566 41.71 -14.68 -55.41
C SER S 1566 40.20 -14.70 -55.16
N GLN S 1567 39.78 -14.32 -53.95
CA GLN S 1567 38.36 -14.22 -53.66
C GLN S 1567 37.69 -13.15 -54.51
N GLY S 1568 38.42 -12.07 -54.80
CA GLY S 1568 37.87 -11.05 -55.69
C GLY S 1568 37.62 -11.57 -57.09
N ALA S 1569 38.57 -12.33 -57.64
CA ALA S 1569 38.39 -12.93 -58.96
C ALA S 1569 37.26 -13.96 -58.93
N ILE S 1570 37.14 -14.71 -57.84
CA ILE S 1570 36.05 -15.67 -57.72
C ILE S 1570 34.70 -14.96 -57.74
N GLU S 1571 34.60 -13.86 -57.00
CA GLU S 1571 33.35 -13.10 -56.97
C GLU S 1571 33.06 -12.49 -58.34
N LEU S 1572 34.10 -12.01 -59.03
CA LEU S 1572 33.90 -11.45 -60.36
C LEU S 1572 33.39 -12.50 -61.34
N LEU S 1573 33.99 -13.70 -61.30
CA LEU S 1573 33.55 -14.78 -62.20
C LEU S 1573 32.16 -15.26 -61.83
N ARG S 1574 31.79 -15.20 -60.55
CA ARG S 1574 30.45 -15.62 -60.16
C ARG S 1574 29.41 -14.59 -60.56
N SER S 1575 29.75 -13.30 -60.50
CA SER S 1575 28.81 -12.26 -60.89
C SER S 1575 28.65 -12.17 -62.40
N GLY S 1576 29.75 -12.31 -63.14
CA GLY S 1576 29.69 -12.23 -64.59
C GLY S 1576 29.99 -10.85 -65.12
N VAL S 1577 31.09 -10.25 -64.67
CA VAL S 1577 31.47 -8.92 -65.14
C VAL S 1577 31.97 -8.98 -66.58
N ILE S 1578 32.67 -10.06 -66.93
CA ILE S 1578 33.16 -10.20 -68.30
C ILE S 1578 32.00 -10.34 -69.28
N VAL S 1579 30.92 -11.00 -68.87
CA VAL S 1579 29.74 -11.13 -69.72
C VAL S 1579 29.14 -9.76 -69.98
N ARG S 1580 29.03 -8.93 -68.95
CA ARG S 1580 28.48 -7.58 -69.11
C ARG S 1580 29.40 -6.72 -69.99
N LEU S 1581 30.73 -6.86 -69.81
CA LEU S 1581 31.66 -6.09 -70.63
C LEU S 1581 31.58 -6.51 -72.09
N ALA S 1582 31.35 -7.80 -72.35
CA ALA S 1582 31.20 -8.26 -73.73
C ALA S 1582 29.87 -7.83 -74.32
N GLN S 1583 28.81 -7.80 -73.51
CA GLN S 1583 27.50 -7.37 -74.00
C GLN S 1583 27.47 -5.87 -74.26
N CYS S 1584 28.23 -5.09 -73.51
CA CYS S 1584 28.28 -3.65 -73.73
C CYS S 1584 28.95 -3.34 -75.06
N GLN S 1585 28.31 -2.50 -75.87
CA GLN S 1585 28.80 -2.14 -77.18
C GLN S 1585 29.75 -0.95 -77.16
N VAL S 1586 30.41 -0.69 -76.04
CA VAL S 1586 31.35 0.42 -75.96
C VAL S 1586 32.68 0.05 -76.61
N TYR S 1587 33.11 -1.20 -76.47
CA TYR S 1587 34.35 -1.68 -77.05
C TYR S 1587 34.18 -2.18 -78.48
N ASP S 1588 33.09 -1.79 -79.15
CA ASP S 1588 32.84 -2.22 -80.52
C ASP S 1588 32.63 -1.06 -81.50
N MET S 1589 32.50 0.17 -81.01
CA MET S 1589 32.27 1.32 -81.87
C MET S 1589 33.29 2.41 -81.55
N ARG S 1590 34.01 2.85 -82.57
CA ARG S 1590 34.95 3.94 -82.41
C ARG S 1590 34.20 5.27 -82.26
N PRO S 1591 34.87 6.32 -81.74
CA PRO S 1591 34.24 7.64 -81.68
C PRO S 1591 33.68 8.09 -83.02
N GLU S 1592 32.36 8.00 -83.17
CA GLU S 1592 31.72 8.33 -84.44
C GLU S 1592 31.75 9.83 -84.69
N THR S 1593 31.50 10.20 -85.94
CA THR S 1593 31.47 11.62 -86.31
C THR S 1593 30.13 12.25 -85.98
N ASP S 1594 29.03 11.55 -86.29
CA ASP S 1594 27.70 12.06 -85.99
C ASP S 1594 27.42 11.95 -84.51
N PRO S 1595 27.14 13.06 -83.81
CA PRO S 1595 26.88 12.97 -82.36
C PRO S 1595 25.55 12.30 -82.05
N HIS S 1596 25.61 11.02 -81.69
CA HIS S 1596 24.42 10.25 -81.35
C HIS S 1596 24.64 9.53 -80.03
N GLY S 1597 23.72 9.71 -79.09
CA GLY S 1597 23.82 9.08 -77.80
C GLY S 1597 24.73 9.85 -76.85
N VAL S 1598 25.62 9.13 -76.16
CA VAL S 1598 26.54 9.75 -75.22
C VAL S 1598 27.98 9.42 -75.64
N PHE S 1599 28.17 9.18 -76.93
CA PHE S 1599 29.51 8.87 -77.44
C PHE S 1599 30.31 10.14 -77.69
N GLY S 1600 29.84 10.97 -78.61
CA GLY S 1600 30.52 12.21 -78.95
C GLY S 1600 31.07 12.21 -80.35
N MET S 1601 31.96 13.16 -80.61
CA MET S 1601 32.60 13.31 -81.91
C MET S 1601 34.05 13.71 -81.70
N ARG S 1602 34.78 13.88 -82.81
CA ARG S 1602 36.18 14.25 -82.77
C ARG S 1602 36.29 15.74 -82.44
N GLU S 1603 36.88 16.05 -81.29
CA GLU S 1603 37.06 17.43 -80.84
C GLU S 1603 38.55 17.75 -80.77
N THR S 1604 38.85 19.00 -80.45
CA THR S 1604 40.24 19.43 -80.34
C THR S 1604 40.80 19.08 -78.96
N PRO S 1605 42.01 18.56 -78.90
CA PRO S 1605 42.60 18.19 -77.61
C PRO S 1605 43.12 19.42 -76.86
N VAL S 1606 42.84 19.46 -75.55
CA VAL S 1606 43.31 20.53 -74.69
C VAL S 1606 44.51 20.05 -73.92
N PHE S 1607 44.28 19.19 -72.91
CA PHE S 1607 45.35 18.59 -72.14
C PHE S 1607 45.52 17.10 -72.40
N ILE S 1608 44.42 16.39 -72.60
CA ILE S 1608 44.46 14.96 -72.93
C ILE S 1608 44.90 14.82 -74.39
N PRO S 1609 45.47 13.68 -74.79
CA PRO S 1609 45.97 13.56 -76.18
C PRO S 1609 44.85 13.45 -77.22
N ALA S 1610 45.18 12.88 -78.38
CA ALA S 1610 44.26 12.80 -79.49
C ALA S 1610 43.09 11.87 -79.16
N PRO S 1611 41.97 12.01 -79.87
CA PRO S 1611 40.86 11.06 -79.66
C PRO S 1611 41.23 9.62 -79.93
N VAL S 1612 42.22 9.37 -80.80
CA VAL S 1612 42.69 8.00 -81.02
C VAL S 1612 43.30 7.44 -79.74
N GLU S 1613 44.19 8.22 -79.11
CA GLU S 1613 44.77 7.80 -77.84
C GLU S 1613 43.72 7.71 -76.74
N ARG S 1614 42.69 8.55 -76.80
CA ARG S 1614 41.61 8.48 -75.83
C ARG S 1614 40.86 7.16 -75.96
N TYR S 1615 40.52 6.78 -77.20
CA TYR S 1615 39.87 5.50 -77.43
C TYR S 1615 40.77 4.34 -77.00
N ARG S 1616 42.07 4.47 -77.23
CA ARG S 1616 43.01 3.42 -76.83
C ARG S 1616 43.03 3.25 -75.31
N GLN S 1617 43.13 4.37 -74.59
CA GLN S 1617 43.15 4.30 -73.13
C GLN S 1617 41.78 3.96 -72.54
N ILE S 1618 40.71 4.10 -73.32
CA ILE S 1618 39.40 3.64 -72.88
C ILE S 1618 39.25 2.14 -73.06
N LEU S 1619 39.79 1.61 -74.17
CA LEU S 1619 39.76 0.16 -74.39
C LEU S 1619 40.80 -0.58 -73.55
N LEU S 1620 41.81 0.12 -73.05
CA LEU S 1620 42.87 -0.54 -72.28
C LEU S 1620 42.39 -1.22 -71.00
N PRO S 1621 41.58 -0.60 -70.13
CA PRO S 1621 41.26 -1.27 -68.86
C PRO S 1621 40.52 -2.58 -69.02
N ALA S 1622 39.75 -2.75 -70.09
CA ALA S 1622 39.08 -4.04 -70.31
C ALA S 1622 40.10 -5.16 -70.49
N LEU S 1623 41.04 -4.99 -71.42
CA LEU S 1623 42.09 -5.98 -71.60
C LEU S 1623 42.96 -6.11 -70.36
N GLN S 1624 43.16 -5.01 -69.63
CA GLN S 1624 43.97 -5.06 -68.42
C GLN S 1624 43.33 -5.96 -67.37
N ILE S 1625 42.04 -5.76 -67.09
CA ILE S 1625 41.37 -6.58 -66.09
C ILE S 1625 41.19 -8.00 -66.59
N CYS S 1626 41.06 -8.20 -67.91
CA CYS S 1626 40.99 -9.55 -68.44
C CYS S 1626 42.28 -10.31 -68.20
N GLN S 1627 43.43 -9.70 -68.53
CA GLN S 1627 44.71 -10.33 -68.25
C GLN S 1627 44.93 -10.53 -66.77
N LEU S 1628 44.47 -9.58 -65.95
CA LEU S 1628 44.65 -9.69 -64.50
C LEU S 1628 43.88 -10.87 -63.93
N ILE S 1629 42.61 -11.03 -64.33
CA ILE S 1629 41.85 -12.16 -63.82
C ILE S 1629 42.36 -13.48 -64.41
N LEU S 1630 42.85 -13.45 -65.65
CA LEU S 1630 43.41 -14.68 -66.23
C LEU S 1630 44.67 -15.11 -65.49
N THR S 1631 45.48 -14.15 -65.04
CA THR S 1631 46.67 -14.48 -64.28
C THR S 1631 46.35 -14.86 -62.84
N SER S 1632 45.28 -14.29 -62.27
CA SER S 1632 44.92 -14.57 -60.89
C SER S 1632 44.18 -15.89 -60.74
N SER S 1633 43.48 -16.34 -61.78
CA SER S 1633 42.74 -17.59 -61.70
C SER S 1633 43.68 -18.77 -61.61
N THR S 1634 44.04 -19.17 -60.38
CA THR S 1634 44.90 -20.33 -60.20
C THR S 1634 44.12 -21.64 -60.20
N ALA S 1635 42.86 -21.61 -59.77
CA ALA S 1635 42.00 -22.78 -59.76
C ALA S 1635 40.85 -22.70 -60.75
N GLN S 1636 40.32 -21.50 -61.02
CA GLN S 1636 39.24 -21.31 -61.98
C GLN S 1636 39.77 -21.09 -63.38
N HIS S 1637 40.73 -21.91 -63.82
CA HIS S 1637 41.36 -21.73 -65.12
C HIS S 1637 40.34 -21.90 -66.24
N LEU S 1638 39.55 -22.97 -66.19
CA LEU S 1638 38.59 -23.23 -67.26
C LEU S 1638 37.49 -22.16 -67.28
N GLN S 1639 37.04 -21.71 -66.11
CA GLN S 1639 36.01 -20.68 -66.06
C GLN S 1639 36.52 -19.37 -66.63
N ALA S 1640 37.72 -18.95 -66.22
CA ALA S 1640 38.30 -17.72 -66.76
C ALA S 1640 38.52 -17.84 -68.26
N ALA S 1641 39.01 -18.99 -68.72
CA ALA S 1641 39.24 -19.19 -70.14
C ALA S 1641 37.93 -19.08 -70.92
N GLY S 1642 36.87 -19.72 -70.43
CA GLY S 1642 35.59 -19.62 -71.12
C GLY S 1642 35.04 -18.21 -71.14
N GLN S 1643 35.15 -17.51 -70.02
CA GLN S 1643 34.63 -16.14 -69.95
C GLN S 1643 35.38 -15.22 -70.92
N VAL S 1644 36.71 -15.26 -70.89
CA VAL S 1644 37.47 -14.37 -71.76
C VAL S 1644 37.35 -14.81 -73.22
N LEU S 1645 37.11 -16.10 -73.47
CA LEU S 1645 36.89 -16.55 -74.84
C LEU S 1645 35.55 -16.05 -75.37
N GLN S 1646 34.51 -16.05 -74.53
CA GLN S 1646 33.25 -15.45 -74.92
C GLN S 1646 33.42 -13.95 -75.17
N PHE S 1647 34.23 -13.28 -74.35
CA PHE S 1647 34.52 -11.87 -74.58
C PHE S 1647 35.21 -11.66 -75.92
N LEU S 1648 36.19 -12.50 -76.24
CA LEU S 1648 36.89 -12.38 -77.52
C LEU S 1648 35.97 -12.65 -78.70
N VAL S 1649 35.06 -13.62 -78.55
CA VAL S 1649 34.12 -13.91 -79.62
C VAL S 1649 33.16 -12.74 -79.81
N ALA S 1650 32.75 -12.11 -78.72
CA ALA S 1650 31.85 -10.96 -78.83
C ALA S 1650 32.54 -9.76 -79.46
N HIS S 1651 33.82 -9.55 -79.15
CA HIS S 1651 34.58 -8.41 -79.66
C HIS S 1651 35.61 -8.85 -80.71
N SER S 1652 35.27 -9.87 -81.50
CA SER S 1652 36.21 -10.40 -82.48
C SER S 1652 36.44 -9.44 -83.65
N ASP S 1653 35.65 -8.38 -83.77
CA ASP S 1653 35.83 -7.45 -84.89
C ASP S 1653 37.01 -6.52 -84.64
N THR S 1654 36.92 -5.70 -83.58
CA THR S 1654 37.97 -4.73 -83.30
C THR S 1654 39.28 -5.43 -82.93
N ILE S 1655 39.19 -6.57 -82.23
CA ILE S 1655 40.40 -7.29 -81.84
C ILE S 1655 41.16 -7.78 -83.07
N GLN S 1656 40.44 -8.39 -84.02
CA GLN S 1656 41.08 -8.85 -85.23
C GLN S 1656 41.57 -7.68 -86.08
N ALA S 1657 40.81 -6.59 -86.12
CA ALA S 1657 41.25 -5.42 -86.87
C ALA S 1657 42.54 -4.81 -86.30
N ILE S 1658 42.70 -4.86 -84.99
CA ILE S 1658 43.93 -4.38 -84.38
C ILE S 1658 45.07 -5.36 -84.59
N LEU S 1659 44.78 -6.66 -84.51
CA LEU S 1659 45.83 -7.67 -84.69
C LEU S 1659 46.34 -7.69 -86.12
N ARG S 1660 45.50 -7.39 -87.11
CA ARG S 1660 45.91 -7.41 -88.50
C ARG S 1660 46.58 -6.11 -88.94
N SER S 1661 46.83 -5.18 -88.02
CA SER S 1661 47.46 -3.91 -88.37
C SER S 1661 48.47 -3.56 -87.28
N GLN S 1662 49.75 -3.58 -87.62
CA GLN S 1662 50.83 -3.25 -86.69
C GLN S 1662 51.45 -1.92 -87.09
N GLU S 1663 51.85 -1.14 -86.08
CA GLU S 1663 52.46 0.17 -86.30
C GLU S 1663 53.79 0.22 -85.57
N GLY S 1664 54.44 1.37 -85.65
CA GLY S 1664 55.72 1.57 -85.00
C GLY S 1664 55.62 2.40 -83.73
N SER S 1665 54.42 2.47 -83.15
CA SER S 1665 54.17 3.23 -81.94
C SER S 1665 54.25 2.30 -80.73
N LEU S 1666 54.06 2.89 -79.55
CA LEU S 1666 54.11 2.13 -78.30
C LEU S 1666 52.73 1.63 -77.88
N GLY S 1667 51.70 2.45 -78.06
CA GLY S 1667 50.36 2.02 -77.68
C GLY S 1667 49.86 0.85 -78.50
N SER S 1668 50.16 0.84 -79.81
CA SER S 1668 49.77 -0.27 -80.65
C SER S 1668 50.46 -1.56 -80.22
N LEU S 1669 51.75 -1.48 -79.90
CA LEU S 1669 52.48 -2.67 -79.44
C LEU S 1669 51.95 -3.15 -78.10
N GLN S 1670 51.60 -2.22 -77.20
CA GLN S 1670 51.02 -2.62 -75.93
C GLN S 1670 49.68 -3.30 -76.11
N GLU S 1671 48.85 -2.77 -77.01
CA GLU S 1671 47.55 -3.39 -77.27
C GLU S 1671 47.73 -4.77 -77.89
N LEU S 1672 48.69 -4.92 -78.81
CA LEU S 1672 48.96 -6.23 -79.40
C LEU S 1672 49.44 -7.23 -78.35
N ALA S 1673 50.32 -6.78 -77.45
CA ALA S 1673 50.79 -7.66 -76.39
C ALA S 1673 49.65 -8.08 -75.47
N LEU S 1674 48.77 -7.13 -75.11
CA LEU S 1674 47.63 -7.47 -74.26
C LEU S 1674 46.70 -8.46 -74.95
N LEU S 1675 46.42 -8.24 -76.24
CA LEU S 1675 45.54 -9.15 -76.97
C LEU S 1675 46.15 -10.54 -77.09
N THR S 1676 47.46 -10.62 -77.35
CA THR S 1676 48.11 -11.92 -77.47
C THR S 1676 48.12 -12.64 -76.13
N GLY S 1677 48.41 -11.92 -75.04
CA GLY S 1677 48.35 -12.55 -73.72
C GLY S 1677 46.96 -12.98 -73.33
N ILE S 1678 45.94 -12.26 -73.80
CA ILE S 1678 44.56 -12.66 -73.55
C ILE S 1678 44.23 -13.94 -74.30
N ILE S 1679 44.59 -13.99 -75.59
CA ILE S 1679 44.29 -15.17 -76.41
C ILE S 1679 45.08 -16.38 -75.91
N SER S 1680 46.27 -16.16 -75.35
CA SER S 1680 47.08 -17.28 -74.88
C SER S 1680 46.41 -18.00 -73.71
N LYS S 1681 45.84 -17.25 -72.77
CA LYS S 1681 45.22 -17.83 -71.59
C LYS S 1681 43.71 -17.96 -71.71
N ALA S 1682 43.13 -17.59 -72.84
CA ALA S 1682 41.69 -17.65 -73.04
C ALA S 1682 41.31 -18.66 -74.12
N ALA S 1683 41.76 -18.45 -75.35
CA ALA S 1683 41.37 -19.32 -76.46
C ALA S 1683 41.98 -20.71 -76.27
N LEU S 1684 41.13 -21.73 -76.25
CA LEU S 1684 41.55 -23.11 -76.10
C LEU S 1684 40.57 -24.00 -76.84
N PRO S 1685 41.06 -25.00 -77.59
CA PRO S 1685 40.13 -25.88 -78.32
C PRO S 1685 39.32 -26.79 -77.42
N GLY S 1686 39.73 -26.99 -76.17
CA GLY S 1686 39.00 -27.83 -75.25
C GLY S 1686 37.94 -27.15 -74.43
N VAL S 1687 37.91 -25.82 -74.43
CA VAL S 1687 36.91 -25.09 -73.66
C VAL S 1687 35.52 -25.33 -74.23
N LEU S 1688 35.39 -25.25 -75.56
CA LEU S 1688 34.09 -25.48 -76.19
C LEU S 1688 33.62 -26.92 -76.02
N ASN S 1689 34.56 -27.86 -75.85
CA ASN S 1689 34.17 -29.25 -75.65
C ASN S 1689 33.80 -29.53 -74.20
N GLU S 1690 34.47 -28.87 -73.26
CA GLU S 1690 34.16 -29.07 -71.85
C GLU S 1690 32.90 -28.31 -71.45
N LEU S 1691 32.95 -26.98 -71.53
CA LEU S 1691 31.81 -26.16 -71.16
C LEU S 1691 30.74 -26.22 -72.24
N ASP S 1692 29.48 -26.14 -71.81
CA ASP S 1692 28.33 -26.20 -72.71
C ASP S 1692 28.01 -24.79 -73.18
N ILE S 1693 28.80 -24.32 -74.15
CA ILE S 1693 28.62 -22.98 -74.73
C ILE S 1693 27.63 -23.16 -75.89
N GLY S 1694 26.35 -23.29 -75.53
CA GLY S 1694 25.31 -23.47 -76.51
C GLY S 1694 25.21 -24.90 -76.99
N LEU S 1695 24.12 -25.18 -77.71
CA LEU S 1695 23.85 -26.51 -78.26
C LEU S 1695 23.37 -26.33 -79.71
N ASN S 1696 24.27 -25.86 -80.57
CA ASN S 1696 23.94 -25.63 -81.97
C ASN S 1696 25.20 -25.75 -82.81
N ASP S 1697 25.11 -26.57 -83.87
CA ASP S 1697 26.27 -26.78 -84.74
C ASP S 1697 26.70 -25.50 -85.44
N GLY S 1698 25.74 -24.63 -85.77
CA GLY S 1698 26.10 -23.36 -86.39
C GLY S 1698 26.96 -22.50 -85.48
N SER S 1699 26.53 -22.34 -84.22
CA SER S 1699 27.32 -21.57 -83.27
C SER S 1699 28.65 -22.24 -82.96
N MET S 1700 28.67 -23.58 -82.93
CA MET S 1700 29.94 -24.29 -82.70
C MET S 1700 30.92 -24.01 -83.84
N MET S 1701 30.44 -24.08 -85.08
CA MET S 1701 31.30 -23.78 -86.22
C MET S 1701 31.73 -22.33 -86.23
N GLU S 1702 30.85 -21.42 -85.81
CA GLU S 1702 31.23 -20.01 -85.73
C GLU S 1702 32.33 -19.79 -84.71
N LEU S 1703 32.21 -20.43 -83.53
CA LEU S 1703 33.25 -20.32 -82.52
C LEU S 1703 34.56 -20.91 -83.01
N GLN S 1704 34.50 -22.06 -83.71
CA GLN S 1704 35.70 -22.66 -84.25
C GLN S 1704 36.35 -21.75 -85.29
N GLY S 1705 35.55 -21.13 -86.16
CA GLY S 1705 36.10 -20.21 -87.13
C GLY S 1705 36.72 -18.97 -86.49
N HIS S 1706 36.09 -18.47 -85.43
CA HIS S 1706 36.66 -17.33 -84.72
C HIS S 1706 37.99 -17.68 -84.06
N ILE S 1707 38.06 -18.88 -83.46
CA ILE S 1707 39.31 -19.32 -82.84
C ILE S 1707 40.39 -19.49 -83.90
N GLY S 1708 40.03 -20.06 -85.06
CA GLY S 1708 41.01 -20.21 -86.12
C GLY S 1708 41.48 -18.87 -86.67
N ARG S 1709 40.58 -17.91 -86.80
CA ARG S 1709 40.96 -16.58 -87.26
C ARG S 1709 41.88 -15.90 -86.25
N PHE S 1710 41.60 -16.06 -84.96
CA PHE S 1710 42.48 -15.51 -83.93
C PHE S 1710 43.87 -16.16 -84.01
N GLN S 1711 43.92 -17.47 -84.20
CA GLN S 1711 45.20 -18.16 -84.34
C GLN S 1711 45.97 -17.65 -85.54
N ARG S 1712 45.28 -17.50 -86.68
CA ARG S 1712 45.94 -17.03 -87.89
C ARG S 1712 46.45 -15.61 -87.73
N GLN S 1713 45.66 -14.74 -87.08
CA GLN S 1713 46.09 -13.36 -86.86
C GLN S 1713 47.30 -13.31 -85.93
N CYS S 1714 47.29 -14.11 -84.87
CA CYS S 1714 48.43 -14.14 -83.96
C CYS S 1714 49.69 -14.64 -84.66
N LEU S 1715 49.55 -15.69 -85.47
CA LEU S 1715 50.71 -16.22 -86.19
C LEU S 1715 51.24 -15.22 -87.21
N ALA S 1716 50.33 -14.51 -87.89
CA ALA S 1716 50.76 -13.50 -88.85
C ALA S 1716 51.48 -12.34 -88.16
N LEU S 1717 50.95 -11.90 -87.01
CA LEU S 1717 51.61 -10.84 -86.25
C LEU S 1717 52.99 -11.28 -85.79
N LEU S 1718 53.10 -12.53 -85.33
CA LEU S 1718 54.39 -13.05 -84.89
C LEU S 1718 55.39 -13.09 -86.05
N ASN S 1719 54.95 -13.59 -87.21
CA ASN S 1719 55.84 -13.67 -88.36
C ASN S 1719 56.21 -12.29 -88.89
N ARG S 1720 55.34 -11.29 -88.69
CA ARG S 1720 55.63 -9.95 -89.18
C ARG S 1720 56.56 -9.20 -88.24
N PHE S 1721 56.39 -9.36 -86.92
CA PHE S 1721 57.20 -8.65 -85.95
C PHE S 1721 58.38 -9.46 -85.44
N GLY S 1722 58.61 -10.65 -86.00
CA GLY S 1722 59.76 -11.44 -85.61
C GLY S 1722 60.82 -11.51 -86.67
N GLY S 1723 61.77 -10.58 -86.65
CA GLY S 1723 62.83 -10.56 -87.64
C GLY S 1723 63.84 -9.48 -87.32
N SER S 1724 64.93 -9.49 -88.08
CA SER S 1724 65.97 -8.49 -87.89
C SER S 1724 65.56 -7.12 -88.43
N ASP S 1725 64.64 -7.10 -89.40
CA ASP S 1725 64.19 -5.82 -89.95
C ASP S 1725 63.46 -4.99 -88.91
N ARG S 1726 62.63 -5.62 -88.09
CA ARG S 1726 61.92 -4.89 -87.04
C ARG S 1726 62.89 -4.34 -86.01
N LEU S 1727 63.91 -5.12 -85.64
CA LEU S 1727 64.91 -4.63 -84.69
C LEU S 1727 65.70 -3.46 -85.29
N ARG S 1728 66.05 -3.56 -86.57
CA ARG S 1728 66.77 -2.46 -87.22
C ARG S 1728 65.92 -1.21 -87.28
N GLN S 1729 64.62 -1.35 -87.57
CA GLN S 1729 63.73 -0.20 -87.60
C GLN S 1729 63.59 0.43 -86.22
N LEU S 1730 63.46 -0.41 -85.17
CA LEU S 1730 63.38 0.11 -83.82
C LEU S 1730 64.65 0.84 -83.43
N SER S 1731 65.81 0.30 -83.81
CA SER S 1731 67.08 0.97 -83.51
C SER S 1731 67.19 2.29 -84.24
N LEU S 1732 66.83 2.32 -85.52
CA LEU S 1732 66.89 3.56 -86.30
C LEU S 1732 65.88 4.59 -85.83
N GLN S 1733 64.80 4.16 -85.18
CA GLN S 1733 63.82 5.09 -84.65
C GLN S 1733 64.16 5.56 -83.23
N ASP S 1734 64.93 4.76 -82.48
CA ASP S 1734 65.24 5.10 -81.10
C ASP S 1734 66.62 5.72 -80.93
N ASP S 1735 67.51 5.63 -81.93
CA ASP S 1735 68.84 6.20 -81.81
C ASP S 1735 68.89 7.70 -82.12
N SER S 1736 67.75 8.39 -82.10
CA SER S 1736 67.75 9.82 -82.34
C SER S 1736 68.42 10.58 -81.20
N SER S 1737 68.35 10.05 -79.99
CA SER S 1737 68.97 10.68 -78.83
C SER S 1737 69.23 9.60 -77.79
N ARG S 1738 70.49 9.19 -77.64
CA ARG S 1738 70.85 8.16 -76.68
C ARG S 1738 70.82 8.64 -75.24
N LEU S 1739 70.52 9.92 -75.00
CA LEU S 1739 70.46 10.43 -73.64
C LEU S 1739 69.20 9.98 -72.92
N ASP S 1740 68.03 10.22 -73.53
CA ASP S 1740 66.76 9.84 -72.94
C ASP S 1740 65.99 8.81 -73.77
N GLY S 1741 66.39 8.55 -75.01
CA GLY S 1741 65.72 7.57 -75.84
C GLY S 1741 66.00 6.12 -75.46
N VAL S 1742 66.93 5.89 -74.53
CA VAL S 1742 67.22 4.52 -74.11
C VAL S 1742 66.02 3.91 -73.41
N SER S 1743 65.28 4.73 -72.65
CA SER S 1743 64.08 4.23 -71.98
C SER S 1743 63.02 3.81 -72.99
N LYS S 1744 62.80 4.63 -74.02
CA LYS S 1744 61.82 4.28 -75.05
C LYS S 1744 62.26 3.04 -75.83
N LYS S 1745 63.57 2.92 -76.10
CA LYS S 1745 64.07 1.74 -76.80
C LYS S 1745 63.85 0.49 -75.96
N ASP S 1746 64.15 0.56 -74.66
CA ASP S 1746 63.93 -0.59 -73.78
C ASP S 1746 62.46 -0.93 -73.69
N ASP S 1747 61.59 0.09 -73.66
CA ASP S 1747 60.16 -0.16 -73.60
C ASP S 1747 59.66 -0.86 -74.87
N MET S 1748 60.11 -0.41 -76.04
CA MET S 1748 59.72 -1.05 -77.28
C MET S 1748 60.24 -2.48 -77.36
N GLU S 1749 61.49 -2.70 -76.91
CA GLU S 1749 62.04 -4.05 -76.90
C GLU S 1749 61.26 -4.95 -75.96
N LEU S 1750 60.88 -4.45 -74.79
CA LEU S 1750 60.10 -5.24 -73.85
C LEU S 1750 58.71 -5.54 -74.41
N ALA S 1751 58.13 -4.59 -75.13
CA ALA S 1751 56.82 -4.84 -75.75
C ALA S 1751 56.92 -5.92 -76.82
N MET S 1752 57.96 -5.87 -77.65
CA MET S 1752 58.15 -6.91 -78.66
C MET S 1752 58.38 -8.27 -78.02
N GLN S 1753 59.21 -8.31 -76.97
CA GLN S 1753 59.46 -9.57 -76.29
C GLN S 1753 58.20 -10.11 -75.64
N GLN S 1754 57.36 -9.23 -75.10
CA GLN S 1754 56.10 -9.66 -74.51
C GLN S 1754 55.15 -10.20 -75.57
N ILE S 1755 55.10 -9.56 -76.73
CA ILE S 1755 54.28 -10.06 -77.83
C ILE S 1755 54.73 -11.47 -78.23
N CYS S 1756 56.04 -11.64 -78.42
CA CYS S 1756 56.55 -12.95 -78.81
C CYS S 1756 56.29 -13.99 -77.73
N SER S 1757 56.48 -13.63 -76.47
CA SER S 1757 56.25 -14.57 -75.37
C SER S 1757 54.79 -14.96 -75.27
N ASN S 1758 53.88 -14.01 -75.49
CA ASN S 1758 52.45 -14.33 -75.43
C ASN S 1758 52.04 -15.22 -76.60
N VAL S 1759 52.57 -14.96 -77.79
CA VAL S 1759 52.25 -15.81 -78.94
C VAL S 1759 52.75 -17.23 -78.71
N MET S 1760 54.00 -17.36 -78.24
CA MET S 1760 54.54 -18.69 -77.99
C MET S 1760 53.86 -19.37 -76.80
N GLU S 1761 53.33 -18.59 -75.85
CA GLU S 1761 52.55 -19.18 -74.76
C GLU S 1761 51.21 -19.70 -75.26
N TYR S 1762 50.59 -18.98 -76.20
CA TYR S 1762 49.38 -19.49 -76.84
C TYR S 1762 49.68 -20.79 -77.57
N CYS S 1763 50.79 -20.84 -78.31
CA CYS S 1763 51.16 -22.07 -79.01
C CYS S 1763 51.44 -23.20 -78.01
N GLN S 1764 52.11 -22.90 -76.91
CA GLN S 1764 52.42 -23.91 -75.90
C GLN S 1764 51.14 -24.43 -75.24
N ALA S 1765 50.16 -23.56 -75.01
CA ALA S 1765 48.90 -24.01 -74.44
C ALA S 1765 48.13 -24.87 -75.45
N LEU S 1766 48.14 -24.47 -76.73
CA LEU S 1766 47.50 -25.28 -77.75
C LEU S 1766 48.14 -26.66 -77.85
N MET S 1767 49.45 -26.75 -77.65
CA MET S 1767 50.11 -28.06 -77.64
C MET S 1767 49.86 -28.82 -76.34
N ILE S 1768 49.71 -28.11 -75.23
CA ILE S 1768 49.42 -28.74 -73.94
C ILE S 1768 48.02 -29.34 -73.95
N GLN S 1769 47.11 -28.78 -74.75
CA GLN S 1769 45.79 -29.37 -74.90
C GLN S 1769 45.86 -30.84 -75.31
N ASN S 1770 46.95 -31.27 -75.91
CA ASN S 1770 47.22 -32.67 -76.23
C ASN S 1770 48.55 -33.13 -75.63
N SER S 1771 48.77 -32.79 -74.36
CA SER S 1771 50.03 -33.10 -73.69
C SER S 1771 50.01 -34.44 -72.95
N PRO S 1772 48.97 -34.74 -72.13
CA PRO S 1772 48.98 -36.01 -71.40
C PRO S 1772 48.81 -37.24 -72.29
N SER S 1773 49.49 -37.25 -73.44
CA SER S 1773 49.45 -38.37 -74.36
C SER S 1773 50.56 -38.23 -75.40
N PHE S 1774 51.60 -39.08 -75.29
CA PHE S 1774 52.71 -39.02 -76.23
C PHE S 1774 52.28 -39.39 -77.64
N GLN S 1775 51.22 -40.18 -77.80
CA GLN S 1775 50.71 -40.49 -79.12
C GLN S 1775 49.90 -39.35 -79.69
N GLN S 1776 49.06 -38.71 -78.87
CA GLN S 1776 48.27 -37.58 -79.32
C GLN S 1776 49.07 -36.31 -79.49
N THR S 1777 50.30 -36.26 -78.97
CA THR S 1777 51.16 -35.10 -79.18
C THR S 1777 51.45 -34.93 -80.66
N VAL S 1778 50.99 -33.82 -81.23
CA VAL S 1778 51.09 -33.57 -82.65
C VAL S 1778 51.78 -32.22 -82.88
N CYS S 1779 52.29 -32.04 -84.10
CA CYS S 1779 52.93 -30.79 -84.47
C CYS S 1779 51.90 -29.70 -84.73
N LEU S 1780 52.38 -28.46 -84.76
CA LEU S 1780 51.54 -27.31 -85.03
C LEU S 1780 52.03 -26.50 -86.22
N PHE S 1781 53.07 -26.95 -86.91
CA PHE S 1781 53.63 -26.22 -88.04
C PHE S 1781 54.03 -27.20 -89.13
N THR S 1782 53.90 -26.76 -90.38
CA THR S 1782 54.31 -27.56 -91.51
C THR S 1782 55.83 -27.58 -91.63
N PRO S 1783 56.40 -28.57 -92.33
CA PRO S 1783 57.86 -28.58 -92.54
C PRO S 1783 58.35 -27.45 -93.45
N SER S 1784 59.53 -27.65 -94.03
CA SER S 1784 60.19 -26.68 -94.91
C SER S 1784 60.57 -25.40 -94.17
N LEU S 1785 61.43 -24.58 -94.79
CA LEU S 1785 61.91 -23.35 -94.18
C LEU S 1785 61.58 -22.13 -95.02
N LYS S 1786 60.49 -22.20 -95.80
CA LYS S 1786 60.05 -21.04 -96.57
C LYS S 1786 59.64 -19.90 -95.64
N GLU S 1787 59.03 -20.23 -94.51
CA GLU S 1787 58.70 -19.20 -93.52
C GLU S 1787 59.96 -18.59 -92.92
N SER S 1788 60.99 -19.41 -92.71
CA SER S 1788 62.26 -18.88 -92.22
C SER S 1788 62.88 -17.93 -93.24
N ALA S 1789 62.83 -18.28 -94.52
CA ALA S 1789 63.35 -17.39 -95.56
C ALA S 1789 62.55 -16.09 -95.62
N SER S 1790 61.23 -16.18 -95.50
CA SER S 1790 60.40 -14.98 -95.52
C SER S 1790 60.68 -14.09 -94.32
N ARG S 1791 60.90 -14.69 -93.14
CA ARG S 1791 61.22 -13.90 -91.96
C ARG S 1791 62.61 -13.27 -92.06
N ASP S 1792 63.56 -13.97 -92.67
CA ASP S 1792 64.89 -13.41 -92.85
C ASP S 1792 64.88 -12.29 -93.87
N GLY S 1793 64.05 -12.39 -94.90
CA GLY S 1793 63.93 -11.35 -95.90
C GLY S 1793 63.04 -10.21 -95.42
N THR S 1794 62.41 -9.54 -96.39
CA THR S 1794 61.54 -8.42 -96.10
C THR S 1794 60.11 -8.93 -95.88
N ARG S 1795 59.54 -8.59 -94.73
CA ARG S 1795 58.19 -9.01 -94.38
C ARG S 1795 57.21 -7.87 -94.67
N GLN S 1796 55.98 -8.03 -94.19
CA GLN S 1796 54.93 -7.03 -94.38
C GLN S 1796 54.81 -6.14 -93.14
N ASP S 1797 54.39 -4.90 -93.37
CA ASP S 1797 54.23 -3.93 -92.30
C ASP S 1797 52.94 -3.15 -92.53
N SER S 1798 52.66 -2.22 -91.63
CA SER S 1798 51.46 -1.37 -91.67
C SER S 1798 50.22 -2.27 -91.63
N GLN S 1799 49.14 -1.87 -92.29
CA GLN S 1799 47.90 -2.64 -92.31
C GLN S 1799 47.98 -3.69 -93.41
N VAL S 1800 47.97 -4.96 -93.02
CA VAL S 1800 48.05 -6.07 -93.95
C VAL S 1800 46.73 -6.84 -93.90
N SER S 1801 46.20 -7.19 -95.07
CA SER S 1801 44.96 -7.94 -95.18
C SER S 1801 45.32 -9.41 -95.36
N ILE S 1802 45.28 -10.16 -94.25
CA ILE S 1802 45.65 -11.58 -94.29
C ILE S 1802 44.52 -12.36 -94.96
N LEU S 1803 44.85 -13.04 -96.05
CA LEU S 1803 43.88 -13.84 -96.76
C LEU S 1803 43.62 -15.14 -96.02
N PRO S 1804 42.39 -15.69 -96.12
CA PRO S 1804 42.09 -16.95 -95.44
C PRO S 1804 42.91 -18.11 -95.97
N SER S 1805 43.93 -18.51 -95.22
CA SER S 1805 44.81 -19.61 -95.59
C SER S 1805 44.75 -20.70 -94.54
N TRP S 1806 44.82 -21.95 -94.97
CA TRP S 1806 44.76 -23.11 -94.09
C TRP S 1806 46.00 -24.00 -94.22
N ARG S 1807 47.09 -23.48 -94.78
CA ARG S 1807 48.30 -24.26 -94.96
C ARG S 1807 49.17 -24.30 -93.70
N LEU S 1808 48.90 -23.44 -92.72
CA LEU S 1808 49.60 -23.36 -91.44
C LEU S 1808 51.04 -22.87 -91.61
N PRO S 1809 51.60 -22.18 -90.60
CA PRO S 1809 53.00 -21.74 -90.71
C PRO S 1809 53.98 -22.90 -90.69
N SER S 1810 55.27 -22.59 -90.80
CA SER S 1810 56.31 -23.59 -90.86
C SER S 1810 57.16 -23.57 -89.58
N LEU S 1811 57.97 -24.62 -89.43
CA LEU S 1811 58.93 -24.65 -88.32
C LEU S 1811 60.01 -23.60 -88.48
N GLY S 1812 60.19 -23.06 -89.69
CA GLY S 1812 61.10 -21.95 -89.88
C GLY S 1812 60.74 -20.73 -89.06
N VAL S 1813 59.45 -20.56 -88.78
CA VAL S 1813 59.01 -19.47 -87.91
C VAL S 1813 59.63 -19.63 -86.52
N VAL S 1814 59.51 -20.82 -85.94
CA VAL S 1814 60.08 -21.07 -84.63
C VAL S 1814 61.60 -21.00 -84.67
N ILE S 1815 62.21 -21.45 -85.78
CA ILE S 1815 63.66 -21.40 -85.90
C ILE S 1815 64.14 -19.96 -85.89
N HIS S 1816 63.50 -19.10 -86.70
CA HIS S 1816 63.88 -17.69 -86.74
C HIS S 1816 63.59 -16.99 -85.42
N LEU S 1817 62.50 -17.37 -84.75
CA LEU S 1817 62.21 -16.80 -83.44
C LEU S 1817 63.29 -17.16 -82.44
N LEU S 1818 63.74 -18.41 -82.44
CA LEU S 1818 64.81 -18.83 -81.53
C LEU S 1818 66.11 -18.11 -81.85
N LYS S 1819 66.41 -17.93 -83.15
CA LYS S 1819 67.63 -17.23 -83.53
C LYS S 1819 67.60 -15.77 -83.08
N GLN S 1820 66.47 -15.10 -83.31
CA GLN S 1820 66.33 -13.71 -82.90
C GLN S 1820 66.38 -13.57 -81.38
N SER S 1821 65.79 -14.54 -80.66
CA SER S 1821 65.83 -14.50 -79.21
C SER S 1821 67.25 -14.70 -78.70
N ALA S 1822 68.01 -15.59 -79.33
CA ALA S 1822 69.41 -15.78 -78.94
C ALA S 1822 70.23 -14.52 -79.20
N ASN S 1823 70.01 -13.88 -80.35
CA ASN S 1823 70.72 -12.65 -80.65
C ASN S 1823 70.37 -11.55 -79.65
N ASN S 1824 69.09 -11.41 -79.32
CA ASN S 1824 68.67 -10.40 -78.34
C ASN S 1824 69.23 -10.72 -76.97
N PHE S 1825 69.29 -12.00 -76.59
CA PHE S 1825 69.87 -12.38 -75.31
C PHE S 1825 71.35 -12.03 -75.26
N PHE S 1826 72.08 -12.29 -76.35
CA PHE S 1826 73.50 -11.94 -76.40
C PHE S 1826 73.69 -10.44 -76.29
N THR S 1827 72.88 -9.66 -77.01
CA THR S 1827 73.00 -8.20 -76.96
C THR S 1827 72.69 -7.68 -75.56
N TYR S 1828 71.63 -8.19 -74.93
CA TYR S 1828 71.27 -7.75 -73.59
C TYR S 1828 72.32 -8.15 -72.57
N TYR S 1829 72.93 -9.33 -72.74
CA TYR S 1829 74.01 -9.74 -71.84
C TYR S 1829 75.23 -8.83 -72.00
N ASP S 1830 75.57 -8.47 -73.23
CA ASP S 1830 76.67 -7.54 -73.44
C ASP S 1830 76.38 -6.18 -72.81
N ILE S 1831 75.16 -5.68 -72.97
CA ILE S 1831 74.81 -4.39 -72.39
C ILE S 1831 74.84 -4.46 -70.87
N HIS S 1832 74.36 -5.57 -70.30
CA HIS S 1832 74.39 -5.72 -68.85
C HIS S 1832 75.81 -5.82 -68.32
N ARG S 1833 76.69 -6.51 -69.06
CA ARG S 1833 78.09 -6.57 -68.65
C ARG S 1833 78.74 -5.20 -68.70
N GLN S 1834 78.45 -4.43 -69.75
CA GLN S 1834 78.98 -3.07 -69.84
C GLN S 1834 78.46 -2.20 -68.70
N SER S 1835 77.18 -2.35 -68.35
CA SER S 1835 76.62 -1.56 -67.26
C SER S 1835 77.23 -1.95 -65.93
N VAL S 1836 77.47 -3.25 -65.71
CA VAL S 1836 78.09 -3.70 -64.48
C VAL S 1836 79.52 -3.18 -64.38
N GLY S 1837 80.25 -3.21 -65.50
CA GLY S 1837 81.60 -2.66 -65.50
C GLY S 1837 81.62 -1.17 -65.22
N LYS S 1838 80.66 -0.43 -65.79
CA LYS S 1838 80.58 1.00 -65.53
C LYS S 1838 80.23 1.28 -64.07
N LEU S 1839 79.34 0.48 -63.50
CA LEU S 1839 78.98 0.66 -62.09
C LEU S 1839 80.15 0.32 -61.17
N GLN S 1840 80.98 -0.65 -61.56
CA GLN S 1840 82.12 -1.02 -60.74
C GLN S 1840 83.24 0.00 -60.87
N ASN S 1841 83.40 0.61 -62.04
CA ASN S 1841 84.45 1.58 -62.28
C ASN S 1841 83.94 3.03 -62.20
N VAL S 1842 82.76 3.24 -61.63
CA VAL S 1842 82.21 4.59 -61.51
C VAL S 1842 83.09 5.48 -60.63
N GLU S 1843 83.90 4.88 -59.75
CA GLU S 1843 84.84 5.65 -58.95
C GLU S 1843 86.09 6.05 -59.73
N GLN S 1844 86.26 5.55 -60.96
CA GLN S 1844 87.40 5.92 -61.79
C GLN S 1844 87.01 6.22 -63.23
N LEU S 1845 85.72 6.41 -63.51
CA LEU S 1845 85.30 6.71 -64.87
C LEU S 1845 85.74 8.11 -65.28
N PRO S 1846 85.99 8.34 -66.56
CA PRO S 1846 86.39 9.67 -66.99
C PRO S 1846 85.28 10.67 -66.78
N PRO S 1847 85.62 11.95 -66.59
CA PRO S 1847 84.58 12.97 -66.37
C PRO S 1847 83.60 13.10 -67.53
N ASP S 1848 84.05 12.87 -68.76
CA ASP S 1848 83.15 12.93 -69.91
C ASP S 1848 82.04 11.88 -69.78
N GLU S 1849 82.43 10.63 -69.53
CA GLU S 1849 81.42 9.58 -69.36
C GLU S 1849 80.58 9.79 -68.11
N ILE S 1850 81.18 10.36 -67.05
CA ILE S 1850 80.41 10.63 -65.84
C ILE S 1850 79.30 11.65 -66.13
N LYS S 1851 79.66 12.74 -66.81
CA LYS S 1851 78.66 13.74 -67.17
C LYS S 1851 77.64 13.18 -68.17
N GLU S 1852 78.07 12.30 -69.07
CA GLU S 1852 77.14 11.68 -70.01
C GLU S 1852 76.11 10.84 -69.27
N LEU S 1853 76.56 10.04 -68.30
CA LEU S 1853 75.63 9.24 -67.50
C LEU S 1853 74.71 10.12 -66.67
N CYS S 1854 75.25 11.21 -66.11
CA CYS S 1854 74.43 12.13 -65.33
C CYS S 1854 73.33 12.75 -66.20
N GLN S 1855 73.69 13.19 -67.41
CA GLN S 1855 72.70 13.77 -68.30
C GLN S 1855 71.70 12.73 -68.80
N SER S 1856 72.14 11.49 -68.99
CA SER S 1856 71.20 10.43 -69.34
C SER S 1856 70.22 10.16 -68.21
N GLU S 1857 70.68 10.27 -66.96
CA GLU S 1857 69.78 10.15 -65.82
C GLU S 1857 68.78 11.30 -65.81
N MET S 1858 69.27 12.54 -65.85
CA MET S 1858 68.41 13.71 -65.93
C MET S 1858 69.24 14.89 -66.44
N PRO S 1859 68.63 15.81 -67.18
CA PRO S 1859 69.38 16.96 -67.69
C PRO S 1859 69.71 18.01 -66.64
N VAL S 1860 69.04 17.98 -65.48
CA VAL S 1860 69.25 18.95 -64.42
C VAL S 1860 70.28 18.35 -63.46
N GLY S 1861 71.54 18.72 -63.65
CA GLY S 1861 72.61 18.21 -62.80
C GLY S 1861 73.67 17.47 -63.56
N ALA S 1862 74.82 18.11 -63.78
CA ALA S 1862 75.92 17.49 -64.50
C ALA S 1862 77.26 18.04 -64.02
N ASP S 1863 77.57 19.28 -64.40
CA ASP S 1863 78.82 19.92 -64.02
C ASP S 1863 78.59 21.09 -63.09
N LYS S 1864 77.57 21.00 -62.22
CA LYS S 1864 77.26 22.06 -61.27
C LYS S 1864 76.95 21.55 -59.87
N ILE S 1865 76.84 20.24 -59.67
CA ILE S 1865 76.55 19.68 -58.37
C ILE S 1865 77.83 19.11 -57.77
N SER S 1866 77.68 18.19 -56.81
CA SER S 1866 78.83 17.61 -56.12
C SER S 1866 79.20 16.27 -56.77
N THR S 1867 80.45 15.86 -56.51
CA THR S 1867 80.93 14.59 -57.04
C THR S 1867 80.15 13.41 -56.46
N THR S 1868 79.81 13.48 -55.17
CA THR S 1868 79.02 12.42 -54.56
C THR S 1868 77.63 12.34 -55.18
N GLN S 1869 77.01 13.50 -55.43
CA GLN S 1869 75.70 13.51 -56.07
C GLN S 1869 75.77 12.96 -57.49
N LYS S 1870 76.82 13.32 -58.23
CA LYS S 1870 76.99 12.79 -59.58
C LYS S 1870 77.17 11.28 -59.55
N TYR S 1871 77.98 10.77 -58.61
CA TYR S 1871 78.16 9.34 -58.49
C TYR S 1871 76.86 8.64 -58.14
N GLY S 1872 76.07 9.23 -57.23
CA GLY S 1872 74.80 8.64 -56.88
C GLY S 1872 73.81 8.61 -58.04
N LEU S 1873 73.75 9.69 -58.81
CA LEU S 1873 72.87 9.71 -59.97
C LEU S 1873 73.31 8.70 -61.03
N ALA S 1874 74.62 8.60 -61.27
CA ALA S 1874 75.12 7.61 -62.21
C ALA S 1874 74.82 6.19 -61.75
N ARG S 1875 74.96 5.93 -60.44
CA ARG S 1875 74.66 4.61 -59.90
C ARG S 1875 73.17 4.29 -60.02
N ARG S 1876 72.32 5.29 -59.80
CA ARG S 1876 70.88 5.07 -59.94
C ARG S 1876 70.51 4.78 -61.40
N ARG S 1877 71.09 5.52 -62.34
CA ARG S 1877 70.84 5.27 -63.75
C ARG S 1877 71.33 3.88 -64.15
N LEU S 1878 72.51 3.49 -63.68
CA LEU S 1878 73.04 2.17 -64.00
C LEU S 1878 72.20 1.07 -63.38
N VAL S 1879 71.66 1.29 -62.18
CA VAL S 1879 70.80 0.30 -61.55
C VAL S 1879 69.50 0.15 -62.33
N LYS S 1880 68.92 1.26 -62.78
CA LYS S 1880 67.71 1.19 -63.59
C LYS S 1880 67.97 0.45 -64.90
N LEU S 1881 69.08 0.77 -65.56
CA LEU S 1881 69.42 0.09 -66.81
C LEU S 1881 69.67 -1.40 -66.58
N ILE S 1882 70.31 -1.74 -65.45
CA ILE S 1882 70.57 -3.15 -65.14
C ILE S 1882 69.28 -3.89 -64.87
N ASN S 1883 68.33 -3.25 -64.18
CA ASN S 1883 67.04 -3.89 -63.95
C ASN S 1883 66.27 -4.11 -65.24
N SER S 1884 66.28 -3.10 -66.13
CA SER S 1884 65.61 -3.25 -67.41
C SER S 1884 66.25 -4.37 -68.24
N ARG S 1885 67.58 -4.40 -68.28
CA ARG S 1885 68.26 -5.45 -69.04
C ARG S 1885 68.04 -6.82 -68.42
N ALA S 1886 67.92 -6.89 -67.10
CA ALA S 1886 67.65 -8.18 -66.45
C ALA S 1886 66.25 -8.67 -66.76
N LYS S 1887 65.27 -7.77 -66.77
CA LYS S 1887 63.92 -8.16 -67.18
C LYS S 1887 63.90 -8.63 -68.63
N LEU S 1888 64.61 -7.91 -69.51
CA LEU S 1888 64.66 -8.31 -70.91
C LEU S 1888 65.37 -9.65 -71.06
N LEU S 1889 66.41 -9.90 -70.26
CA LEU S 1889 67.12 -11.17 -70.33
C LEU S 1889 66.25 -12.31 -69.82
N SER S 1890 65.45 -12.07 -68.77
CA SER S 1890 64.52 -13.08 -68.29
C SER S 1890 63.48 -13.41 -69.36
N LEU S 1891 62.94 -12.38 -70.02
CA LEU S 1891 61.99 -12.62 -71.10
C LEU S 1891 62.62 -13.41 -72.23
N CYS S 1892 63.85 -13.05 -72.62
CA CYS S 1892 64.53 -13.75 -73.70
C CYS S 1892 64.84 -15.20 -73.31
N SER S 1893 65.19 -15.43 -72.05
CA SER S 1893 65.46 -16.80 -71.60
C SER S 1893 64.19 -17.63 -71.61
N TYR S 1894 63.07 -17.07 -71.16
CA TYR S 1894 61.80 -17.79 -71.25
C TYR S 1894 61.44 -18.08 -72.70
N ILE S 1895 61.68 -17.12 -73.59
CA ILE S 1895 61.38 -17.33 -75.01
C ILE S 1895 62.24 -18.46 -75.58
N ILE S 1896 63.54 -18.46 -75.23
CA ILE S 1896 64.45 -19.49 -75.74
C ILE S 1896 64.04 -20.86 -75.20
N GLU S 1897 63.67 -20.93 -73.92
CA GLU S 1897 63.25 -22.20 -73.34
C GLU S 1897 61.99 -22.73 -74.02
N THR S 1898 61.00 -21.86 -74.23
CA THR S 1898 59.77 -22.28 -74.89
C THR S 1898 60.04 -22.73 -76.33
N CYS S 1899 60.89 -21.98 -77.05
CA CYS S 1899 61.21 -22.36 -78.42
C CYS S 1899 61.93 -23.70 -78.47
N LEU S 1900 62.87 -23.93 -77.54
CA LEU S 1900 63.59 -25.19 -77.51
C LEU S 1900 62.66 -26.35 -77.19
N TYR S 1901 61.75 -26.15 -76.24
CA TYR S 1901 60.78 -27.21 -75.90
C TYR S 1901 59.89 -27.53 -77.09
N ILE S 1902 59.40 -26.48 -77.77
CA ILE S 1902 58.53 -26.69 -78.93
C ILE S 1902 59.27 -27.42 -80.04
N LEU S 1903 60.52 -27.01 -80.31
CA LEU S 1903 61.29 -27.66 -81.36
C LEU S 1903 61.60 -29.11 -81.01
N TRP S 1904 61.90 -29.38 -79.74
CA TRP S 1904 62.18 -30.75 -79.31
C TRP S 1904 60.95 -31.63 -79.48
N ARG S 1905 59.79 -31.14 -79.04
CA ARG S 1905 58.56 -31.91 -79.20
C ARG S 1905 58.23 -32.13 -80.66
N HIS S 1906 58.43 -31.11 -81.50
CA HIS S 1906 58.16 -31.24 -82.93
C HIS S 1906 59.06 -32.29 -83.57
N LEU S 1907 60.36 -32.24 -83.26
CA LEU S 1907 61.29 -33.22 -83.83
C LEU S 1907 60.99 -34.62 -83.33
N GLU S 1908 60.61 -34.75 -82.05
CA GLU S 1908 60.26 -36.06 -81.52
C GLU S 1908 59.04 -36.64 -82.23
N TYR S 1909 58.00 -35.83 -82.40
CA TYR S 1909 56.82 -36.31 -83.13
C TYR S 1909 57.13 -36.59 -84.59
N TYR S 1910 58.07 -35.85 -85.18
CA TYR S 1910 58.40 -36.06 -86.58
C TYR S 1910 59.18 -37.35 -86.79
N LEU S 1911 60.14 -37.64 -85.91
CA LEU S 1911 60.99 -38.81 -86.07
C LEU S 1911 60.57 -39.98 -85.19
N LEU S 1912 59.38 -39.92 -84.60
CA LEU S 1912 58.89 -41.04 -83.81
C LEU S 1912 57.43 -41.40 -84.03
N HIS S 1913 56.56 -40.44 -84.38
CA HIS S 1913 55.15 -40.72 -84.57
C HIS S 1913 54.55 -40.16 -85.86
N CYS S 1914 55.33 -39.42 -86.66
CA CYS S 1914 54.80 -38.85 -87.88
C CYS S 1914 54.64 -39.92 -88.95
N THR S 1915 53.46 -39.95 -89.59
CA THR S 1915 53.16 -40.91 -90.65
C THR S 1915 52.47 -40.15 -91.78
N THR S 1916 53.20 -39.88 -92.86
CA THR S 1916 52.65 -39.14 -93.98
C THR S 1916 51.73 -40.02 -94.81
N SER S 1917 51.09 -39.42 -95.81
CA SER S 1917 50.19 -40.18 -96.68
C SER S 1917 50.96 -41.10 -97.62
N ASP S 1918 52.15 -40.68 -98.05
CA ASP S 1918 52.96 -41.49 -98.94
C ASP S 1918 53.65 -42.61 -98.15
N SER S 1919 54.34 -43.48 -98.90
CA SER S 1919 55.04 -44.60 -98.29
C SER S 1919 56.40 -44.15 -97.77
N GLN S 1920 56.80 -44.69 -96.62
CA GLN S 1920 58.07 -44.37 -96.00
C GLN S 1920 58.54 -45.56 -95.19
N ASP S 1921 59.72 -45.43 -94.58
CA ASP S 1921 60.26 -46.51 -93.77
C ASP S 1921 59.45 -46.65 -92.49
N PRO S 1922 59.19 -47.88 -92.04
CA PRO S 1922 58.40 -48.07 -90.81
C PRO S 1922 59.15 -47.72 -89.54
N VAL S 1923 60.47 -47.53 -89.61
CA VAL S 1923 61.24 -47.19 -88.41
C VAL S 1923 61.06 -45.75 -87.97
N PHE S 1924 60.47 -44.90 -88.83
CA PHE S 1924 60.24 -43.50 -88.50
C PHE S 1924 58.76 -43.17 -88.35
N SER S 1925 57.87 -44.14 -88.53
CA SER S 1925 56.44 -43.92 -88.41
C SER S 1925 55.85 -44.92 -87.42
N ASN S 1926 54.67 -44.60 -86.92
CA ASN S 1926 53.98 -45.45 -85.96
C ASN S 1926 52.49 -45.16 -86.01
N MET S 1927 51.69 -46.21 -85.85
CA MET S 1927 50.25 -46.05 -85.88
C MET S 1927 49.76 -45.38 -84.60
N THR S 1928 48.48 -44.96 -84.62
CA THR S 1928 47.85 -44.27 -83.50
C THR S 1928 48.65 -43.05 -83.09
N PHE S 1929 48.55 -41.97 -83.86
CA PHE S 1929 49.30 -40.75 -83.60
C PHE S 1929 48.40 -39.54 -83.82
N GLY S 1930 48.79 -38.43 -83.23
CA GLY S 1930 48.05 -37.19 -83.35
C GLY S 1930 46.79 -37.18 -82.51
N ASN S 1931 46.21 -36.00 -82.39
CA ASN S 1931 44.99 -35.84 -81.62
C ASN S 1931 43.81 -36.47 -82.35
N ARG S 1932 42.87 -37.01 -81.57
CA ARG S 1932 41.67 -37.68 -82.06
C ARG S 1932 42.01 -38.88 -82.95
N ARG S 1933 43.20 -39.44 -82.78
CA ARG S 1933 43.64 -40.64 -83.49
C ARG S 1933 43.58 -40.46 -85.01
N PHE S 1934 44.67 -39.96 -85.59
CA PHE S 1934 44.78 -39.80 -87.04
C PHE S 1934 45.63 -40.90 -87.63
N GLN S 1935 45.52 -41.07 -88.95
CA GLN S 1935 46.26 -42.08 -89.68
C GLN S 1935 47.21 -41.51 -90.73
N ASP S 1936 46.82 -40.41 -91.38
CA ASP S 1936 47.67 -39.80 -92.39
C ASP S 1936 47.67 -38.28 -92.26
N THR S 1937 46.89 -37.60 -93.09
CA THR S 1937 46.79 -36.15 -93.07
C THR S 1937 45.35 -35.73 -92.84
N PHE S 1938 45.16 -34.43 -92.63
CA PHE S 1938 43.84 -33.85 -92.38
C PHE S 1938 43.31 -33.20 -93.65
N ASN S 1939 41.99 -33.27 -93.82
CA ASN S 1939 41.36 -32.68 -94.98
C ASN S 1939 41.35 -31.16 -94.88
N THR S 1940 41.24 -30.51 -96.05
CA THR S 1940 41.24 -29.07 -96.10
C THR S 1940 39.87 -28.51 -95.73
N ASP S 1941 39.79 -27.18 -95.63
CA ASP S 1941 38.56 -26.50 -95.27
C ASP S 1941 38.64 -25.07 -95.79
N PRO S 1942 37.51 -24.46 -96.15
CA PRO S 1942 37.57 -23.07 -96.65
C PRO S 1942 37.97 -22.08 -95.58
N ASN S 1943 37.70 -22.37 -94.31
CA ASN S 1943 38.07 -21.50 -93.21
C ASN S 1943 38.91 -22.28 -92.21
N MET S 1944 39.93 -21.62 -91.66
CA MET S 1944 40.81 -22.27 -90.71
C MET S 1944 40.08 -22.52 -89.39
N ASP S 1945 40.49 -23.57 -88.70
CA ASP S 1945 39.88 -24.01 -87.46
C ASP S 1945 40.97 -24.55 -86.54
N PRO S 1946 40.73 -24.57 -85.23
CA PRO S 1946 41.73 -25.16 -84.31
C PRO S 1946 41.93 -26.65 -84.53
N ARG S 1947 41.01 -27.33 -85.21
CA ARG S 1947 41.20 -28.73 -85.53
C ARG S 1947 42.33 -28.95 -86.54
N ASN S 1948 42.67 -27.93 -87.33
CA ASN S 1948 43.78 -28.05 -88.26
C ASN S 1948 45.12 -28.17 -87.54
N LEU S 1949 45.23 -27.59 -86.35
CA LEU S 1949 46.46 -27.72 -85.57
C LEU S 1949 46.64 -29.13 -85.03
N ARG S 1950 45.56 -29.91 -84.93
CA ARG S 1950 45.66 -31.29 -84.46
C ARG S 1950 46.26 -32.23 -85.51
N GLN S 1951 46.37 -31.78 -86.76
CA GLN S 1951 46.96 -32.62 -87.81
C GLN S 1951 47.40 -31.67 -88.94
N ASN S 1952 48.64 -31.18 -88.85
CA ASN S 1952 49.15 -30.26 -89.84
C ASN S 1952 49.43 -30.98 -91.16
N LYS S 1953 49.49 -30.20 -92.23
CA LYS S 1953 49.77 -30.73 -93.56
C LYS S 1953 51.23 -31.18 -93.65
N VAL S 1954 51.50 -32.44 -93.33
CA VAL S 1954 52.84 -32.97 -93.34
C VAL S 1954 53.06 -33.77 -94.62
N SER S 1955 54.33 -33.95 -94.98
CA SER S 1955 54.69 -34.70 -96.18
C SER S 1955 56.10 -35.24 -95.99
N GLN S 1956 56.35 -36.40 -96.61
CA GLN S 1956 57.67 -37.04 -96.47
C GLN S 1956 58.76 -36.20 -97.13
N GLN S 1957 58.50 -35.70 -98.33
CA GLN S 1957 59.49 -34.87 -99.01
C GLN S 1957 59.73 -33.57 -98.25
N ASP S 1958 58.67 -32.98 -97.69
CA ASP S 1958 58.83 -31.75 -96.91
C ASP S 1958 59.64 -32.00 -95.65
N VAL S 1959 59.38 -33.12 -94.97
CA VAL S 1959 60.15 -33.46 -93.77
C VAL S 1959 61.61 -33.69 -94.13
N ASP S 1960 61.87 -34.38 -95.24
CA ASP S 1960 63.24 -34.63 -95.66
C ASP S 1960 63.96 -33.33 -95.99
N THR S 1961 63.29 -32.42 -96.70
CA THR S 1961 63.91 -31.14 -97.03
C THR S 1961 64.18 -30.31 -95.78
N LEU S 1962 63.24 -30.33 -94.82
CA LEU S 1962 63.46 -29.60 -93.58
C LEU S 1962 64.63 -30.18 -92.80
N LEU S 1963 64.75 -31.51 -92.75
CA LEU S 1963 65.86 -32.13 -92.05
C LEU S 1963 67.19 -31.81 -92.73
N ARG S 1964 67.21 -31.82 -94.07
CA ARG S 1964 68.43 -31.49 -94.78
C ARG S 1964 68.82 -30.03 -94.55
N GLU S 1965 67.85 -29.12 -94.57
CA GLU S 1965 68.14 -27.71 -94.33
C GLU S 1965 68.64 -27.49 -92.91
N GLY S 1966 68.05 -28.18 -91.93
CA GLY S 1966 68.52 -28.06 -90.56
C GLY S 1966 69.92 -28.60 -90.38
N ALA S 1967 70.22 -29.73 -91.01
CA ALA S 1967 71.57 -30.29 -90.93
C ALA S 1967 72.59 -29.40 -91.61
N ASN S 1968 72.20 -28.73 -92.70
CA ASN S 1968 73.12 -27.82 -93.38
C ASN S 1968 73.29 -26.51 -92.61
N SER S 1969 72.28 -26.08 -91.86
CA SER S 1969 72.37 -24.83 -91.12
C SER S 1969 73.09 -25.02 -89.80
N PHE S 1970 72.54 -25.85 -88.91
CA PHE S 1970 73.14 -26.05 -87.60
C PHE S 1970 74.44 -26.83 -87.73
N GLY S 1971 75.53 -26.27 -87.19
CA GLY S 1971 76.82 -26.92 -87.26
C GLY S 1971 77.56 -26.91 -85.94
N GLU S 1972 78.64 -26.14 -85.87
CA GLU S 1972 79.46 -26.03 -84.67
C GLU S 1972 79.55 -24.62 -84.11
N SER S 1973 79.76 -23.62 -84.96
CA SER S 1973 79.86 -22.24 -84.49
C SER S 1973 78.52 -21.77 -83.93
N LEU S 1974 77.43 -22.03 -84.66
CA LEU S 1974 76.11 -21.64 -84.17
C LEU S 1974 75.75 -22.39 -82.90
N GLN S 1975 76.14 -23.68 -82.81
CA GLN S 1975 75.87 -24.45 -81.60
C GLN S 1975 76.61 -23.87 -80.40
N LYS S 1976 77.90 -23.52 -80.59
CA LYS S 1976 78.67 -22.93 -79.50
C LYS S 1976 78.11 -21.57 -79.10
N ARG S 1977 77.66 -20.78 -80.08
CA ARG S 1977 77.08 -19.48 -79.78
C ARG S 1977 75.79 -19.64 -78.97
N LEU S 1978 74.93 -20.58 -79.38
CA LEU S 1978 73.69 -20.82 -78.64
C LEU S 1978 73.98 -21.33 -77.24
N LEU S 1979 75.00 -22.19 -77.09
CA LEU S 1979 75.36 -22.70 -75.77
C LEU S 1979 75.85 -21.57 -74.88
N ASP S 1980 76.73 -20.71 -75.40
CA ASP S 1980 77.24 -19.59 -74.61
C ASP S 1980 76.14 -18.59 -74.28
N ILE S 1981 75.13 -18.46 -75.15
CA ILE S 1981 74.02 -17.56 -74.87
C ILE S 1981 73.13 -18.13 -73.77
N GLU S 1982 72.80 -19.42 -73.87
CA GLU S 1982 71.89 -20.04 -72.92
C GLU S 1982 72.55 -20.37 -71.58
N SER S 1983 73.88 -20.38 -71.51
CA SER S 1983 74.56 -20.67 -70.26
C SER S 1983 74.68 -19.44 -69.34
N LEU S 1984 73.95 -18.37 -69.63
CA LEU S 1984 73.98 -17.16 -68.81
C LEU S 1984 72.57 -16.75 -68.41
N TYR S 1985 71.83 -17.69 -67.84
CA TYR S 1985 70.45 -17.44 -67.45
C TYR S 1985 70.42 -16.74 -66.09
N CYS S 1986 69.21 -16.40 -65.65
CA CYS S 1986 69.02 -15.73 -64.36
C CYS S 1986 67.72 -16.16 -63.72
N LYS S 1987 66.60 -15.56 -64.15
CA LYS S 1987 65.28 -15.90 -63.64
C LYS S 1987 64.33 -16.11 -64.81
N VAL S 1988 63.28 -16.91 -64.56
CA VAL S 1988 62.28 -17.22 -65.58
C VAL S 1988 60.91 -17.28 -64.92
N ARG S 1989 59.88 -17.18 -65.76
CA ARG S 1989 58.49 -17.26 -65.30
C ARG S 1989 57.93 -18.63 -65.66
N SER S 1990 57.46 -19.36 -64.65
CA SER S 1990 56.91 -20.71 -64.81
C SER S 1990 57.94 -21.64 -65.43
N ARG S 1991 57.48 -22.81 -65.90
CA ARG S 1991 58.33 -23.81 -66.52
C ARG S 1991 59.48 -24.22 -65.58
N HIS S 1992 60.64 -24.54 -66.15
CA HIS S 1992 61.80 -24.90 -65.36
C HIS S 1992 63.08 -24.37 -66.00
N SER S 1993 64.14 -25.17 -65.98
CA SER S 1993 65.43 -24.75 -66.54
C SER S 1993 66.17 -25.93 -67.13
N PHE S 1994 65.54 -26.64 -68.06
CA PHE S 1994 66.18 -27.72 -68.81
C PHE S 1994 66.35 -27.30 -70.25
N ILE S 1995 67.59 -27.32 -70.73
CA ILE S 1995 67.89 -26.82 -72.07
C ILE S 1995 68.92 -27.70 -72.76
N GLN S 1996 69.87 -28.23 -71.98
CA GLN S 1996 70.99 -28.96 -72.58
C GLN S 1996 70.53 -30.28 -73.19
N ALA S 1997 69.68 -31.02 -72.48
CA ALA S 1997 69.18 -32.29 -73.01
C ALA S 1997 68.29 -32.05 -74.23
N LEU S 1998 67.46 -31.01 -74.19
CA LEU S 1998 66.62 -30.69 -75.34
C LEU S 1998 67.47 -30.32 -76.55
N VAL S 1999 68.54 -29.54 -76.34
CA VAL S 1999 69.40 -29.15 -77.44
C VAL S 1999 70.12 -30.37 -78.01
N ARG S 2000 70.61 -31.25 -77.15
CA ARG S 2000 71.29 -32.46 -77.61
C ARG S 2000 70.35 -33.34 -78.42
N ARG S 2001 69.13 -33.53 -77.93
CA ARG S 2001 68.16 -34.36 -78.66
C ARG S 2001 67.74 -33.71 -79.97
N ILE S 2002 67.62 -32.38 -80.00
CA ILE S 2002 67.28 -31.69 -81.23
C ILE S 2002 68.39 -31.87 -82.27
N ARG S 2003 69.64 -31.71 -81.83
CA ARG S 2003 70.76 -31.91 -82.76
C ARG S 2003 70.83 -33.34 -83.25
N GLY S 2004 70.55 -34.31 -82.37
CA GLY S 2004 70.57 -35.70 -82.79
C GLY S 2004 69.49 -36.00 -83.80
N LEU S 2005 68.26 -35.52 -83.55
CA LEU S 2005 67.16 -35.76 -84.48
C LEU S 2005 67.35 -35.00 -85.78
N LEU S 2006 68.08 -33.89 -85.76
CA LEU S 2006 68.37 -33.17 -86.99
C LEU S 2006 69.47 -33.87 -87.80
N ARG S 2007 70.46 -34.46 -87.12
CA ARG S 2007 71.49 -35.21 -87.82
C ARG S 2007 70.95 -36.52 -88.37
N VAL S 2008 70.00 -37.13 -87.68
CA VAL S 2008 69.38 -38.37 -88.16
C VAL S 2008 68.39 -38.01 -89.26
N SER S 2009 68.60 -38.57 -90.45
CA SER S 2009 67.75 -38.29 -91.59
C SER S 2009 66.51 -39.19 -91.56
N ARG S 2010 65.65 -39.02 -92.57
CA ARG S 2010 64.43 -39.81 -92.67
C ARG S 2010 64.09 -40.01 -94.14
N VAL S 2011 63.82 -41.25 -94.52
CA VAL S 2011 63.48 -41.57 -95.90
C VAL S 2011 62.02 -42.01 -95.99
N MET T 1 69.92 -30.73 -51.77
CA MET T 1 70.94 -31.55 -51.11
C MET T 1 71.03 -31.23 -49.62
N ALA T 2 70.96 -32.27 -48.79
CA ALA T 2 71.02 -32.10 -47.36
C ALA T 2 71.61 -33.37 -46.74
N ALA T 3 71.93 -33.28 -45.45
CA ALA T 3 72.51 -34.41 -44.73
C ALA T 3 71.47 -35.43 -44.31
N GLN T 4 70.19 -35.06 -44.30
CA GLN T 4 69.10 -35.94 -43.92
C GLN T 4 68.29 -36.28 -45.16
N LEU T 5 68.53 -37.48 -45.72
CA LEU T 5 67.83 -37.93 -46.92
C LEU T 5 67.29 -39.35 -46.83
N ALA T 6 67.77 -40.17 -45.90
CA ALA T 6 67.30 -41.54 -45.75
C ALA T 6 66.57 -41.77 -44.43
N LEU T 7 66.30 -40.71 -43.67
CA LEU T 7 65.60 -40.83 -42.41
C LEU T 7 64.50 -39.77 -42.36
N ASN T 8 63.99 -39.51 -41.16
CA ASN T 8 62.93 -38.53 -40.93
C ASN T 8 61.69 -38.85 -41.76
N SER T 9 61.21 -40.08 -41.61
CA SER T 9 60.03 -40.51 -42.34
C SER T 9 58.74 -40.08 -41.65
N GLU T 10 58.64 -40.34 -40.34
CA GLU T 10 57.46 -39.97 -39.56
C GLU T 10 57.91 -39.70 -38.13
N ALA T 11 58.35 -38.46 -37.90
CA ALA T 11 58.82 -38.03 -36.59
C ALA T 11 57.80 -37.17 -35.85
N SER T 12 56.53 -37.32 -36.16
CA SER T 12 55.48 -36.54 -35.52
C SER T 12 55.22 -37.05 -34.11
N LEU T 13 54.80 -36.15 -33.24
CA LEU T 13 54.47 -36.48 -31.85
C LEU T 13 52.99 -36.81 -31.69
N TRP T 14 52.50 -37.71 -32.55
CA TRP T 14 51.09 -38.10 -32.51
C TRP T 14 50.92 -39.56 -32.90
N GLY T 15 51.65 -40.00 -33.92
CA GLY T 15 51.57 -41.36 -34.40
C GLY T 15 51.98 -42.39 -33.36
N PRO T 16 53.25 -42.37 -32.96
CA PRO T 16 53.69 -43.30 -31.90
C PRO T 16 52.91 -43.14 -30.61
N TYR T 17 52.57 -41.89 -30.24
CA TYR T 17 51.82 -41.68 -29.00
C TYR T 17 50.43 -42.31 -29.08
N ARG T 18 49.73 -42.10 -30.20
CA ARG T 18 48.40 -42.68 -30.34
C ARG T 18 48.45 -44.19 -30.46
N GLU T 19 49.50 -44.75 -31.07
CA GLU T 19 49.58 -46.21 -31.16
C GLU T 19 49.91 -46.81 -29.80
N ILE T 20 50.73 -46.14 -29.00
CA ILE T 20 51.00 -46.61 -27.65
C ILE T 20 49.74 -46.53 -26.80
N TRP T 21 48.95 -45.46 -26.97
CA TRP T 21 47.69 -45.35 -26.24
C TRP T 21 46.72 -46.45 -26.64
N GLN T 22 46.63 -46.75 -27.94
CA GLN T 22 45.76 -47.82 -28.39
C GLN T 22 46.22 -49.17 -27.87
N THR T 23 47.54 -49.40 -27.83
CA THR T 23 48.04 -50.65 -27.29
C THR T 23 47.73 -50.77 -25.80
N VAL T 24 47.90 -49.69 -25.04
CA VAL T 24 47.59 -49.71 -23.62
C VAL T 24 46.10 -49.97 -23.41
N LEU T 25 45.25 -49.36 -24.24
CA LEU T 25 43.81 -49.59 -24.13
C LEU T 25 43.48 -51.05 -24.41
N SER T 26 44.03 -51.61 -25.49
CA SER T 26 43.74 -53.00 -25.84
C SER T 26 44.31 -53.98 -24.82
N ALA T 27 45.36 -53.58 -24.10
CA ALA T 27 45.97 -54.45 -23.11
C ALA T 27 45.28 -54.40 -21.76
N LEU T 28 44.80 -53.23 -21.34
CA LEU T 28 44.21 -53.06 -20.01
C LEU T 28 42.71 -52.75 -20.07
N ILE T 29 42.06 -53.04 -21.19
CA ILE T 29 40.61 -52.84 -21.31
C ILE T 29 39.98 -54.09 -21.90
N LYS T 30 40.48 -54.52 -23.06
CA LYS T 30 39.96 -55.69 -23.74
C LYS T 30 40.65 -56.98 -23.31
N ARG T 31 41.69 -56.88 -22.48
CA ARG T 31 42.45 -58.04 -22.00
C ARG T 31 42.99 -58.87 -23.16
N GLN T 32 44.06 -58.41 -23.80
CA GLN T 32 44.65 -59.09 -24.94
C GLN T 32 46.12 -59.38 -24.63
N PRO T 33 46.54 -60.64 -24.62
CA PRO T 33 47.96 -60.93 -24.36
C PRO T 33 48.89 -60.35 -25.42
N GLU T 34 48.42 -60.23 -26.66
CA GLU T 34 49.23 -59.62 -27.71
C GLU T 34 49.54 -58.17 -27.36
N ALA T 35 48.50 -57.38 -27.03
CA ALA T 35 48.72 -56.00 -26.64
C ALA T 35 49.53 -55.91 -25.34
N VAL T 36 49.35 -56.86 -24.43
CA VAL T 36 50.10 -56.85 -23.18
C VAL T 36 51.59 -57.00 -23.46
N HIS T 37 51.96 -58.01 -24.25
CA HIS T 37 53.37 -58.21 -24.55
C HIS T 37 53.92 -57.10 -25.44
N SER T 38 53.07 -56.50 -26.28
CA SER T 38 53.52 -55.35 -27.07
C SER T 38 53.87 -54.18 -26.17
N LEU T 39 53.01 -53.86 -25.20
CA LEU T 39 53.31 -52.81 -24.25
C LEU T 39 54.54 -53.15 -23.42
N ASP T 40 54.71 -54.43 -23.07
CA ASP T 40 55.87 -54.85 -22.29
C ASP T 40 57.17 -54.61 -23.06
N ILE T 41 57.22 -55.04 -24.32
CA ILE T 41 58.43 -54.85 -25.10
C ILE T 41 58.64 -53.38 -25.43
N VAL T 42 57.56 -52.61 -25.57
CA VAL T 42 57.70 -51.18 -25.80
C VAL T 42 58.33 -50.50 -24.58
N LEU T 43 57.87 -50.85 -23.38
CA LEU T 43 58.48 -50.31 -22.17
C LEU T 43 59.93 -50.76 -22.03
N LYS T 44 60.21 -52.01 -22.39
CA LYS T 44 61.58 -52.52 -22.29
C LYS T 44 62.52 -51.78 -23.24
N LYS T 45 62.04 -51.45 -24.44
CA LYS T 45 62.86 -50.73 -25.40
C LYS T 45 62.91 -49.22 -25.12
N TYR T 46 61.93 -48.69 -24.39
CA TYR T 46 61.93 -47.27 -24.04
C TYR T 46 62.61 -46.98 -22.71
N LYS T 47 62.89 -48.00 -21.91
CA LYS T 47 63.64 -47.81 -20.66
C LYS T 47 64.94 -47.04 -20.84
N PRO T 48 65.79 -47.34 -21.84
CA PRO T 48 66.98 -46.49 -22.03
C PRO T 48 66.65 -45.07 -22.46
N ASP T 49 65.49 -44.83 -23.06
CA ASP T 49 65.12 -43.49 -23.46
C ASP T 49 64.62 -42.65 -22.28
N PHE T 50 64.10 -43.31 -21.23
CA PHE T 50 63.63 -42.58 -20.06
C PHE T 50 64.78 -41.99 -19.24
N ILE T 51 66.00 -42.50 -19.43
CA ILE T 51 67.14 -41.96 -18.68
C ILE T 51 67.55 -40.60 -19.23
N SER T 52 67.22 -40.32 -20.49
CA SER T 52 67.56 -39.05 -21.13
C SER T 52 66.62 -37.92 -20.73
N LEU T 53 65.77 -38.12 -19.72
CA LEU T 53 64.84 -37.12 -19.20
C LEU T 53 63.73 -36.78 -20.19
N PHE T 54 62.50 -36.67 -19.69
CA PHE T 54 61.34 -36.32 -20.50
C PHE T 54 61.14 -37.28 -21.65
N LYS T 55 60.52 -36.81 -22.73
CA LYS T 55 60.27 -37.64 -23.90
C LYS T 55 60.27 -36.79 -25.17
N ASN T 56 59.64 -35.62 -25.11
CA ASN T 56 59.60 -34.74 -26.26
C ASN T 56 60.95 -34.08 -26.46
N PRO T 57 61.40 -33.92 -27.70
CA PRO T 57 62.70 -33.26 -27.95
C PRO T 57 62.62 -31.79 -27.61
N PRO T 58 63.50 -31.31 -26.74
CA PRO T 58 63.46 -29.90 -26.35
C PRO T 58 63.93 -29.00 -27.48
N LYS T 59 63.76 -27.69 -27.27
CA LYS T 59 64.16 -26.71 -28.26
C LYS T 59 65.69 -26.61 -28.30
N SER T 60 66.25 -26.71 -29.50
CA SER T 60 67.69 -26.69 -29.71
C SER T 60 68.04 -25.57 -30.68
N ALA T 61 69.01 -24.74 -30.31
CA ALA T 61 69.46 -23.67 -31.20
C ALA T 61 70.09 -24.22 -32.47
N GLN T 62 70.80 -25.35 -32.37
CA GLN T 62 71.37 -25.97 -33.56
C GLN T 62 70.28 -26.44 -34.51
N GLN T 63 69.24 -27.06 -33.98
CA GLN T 63 68.12 -27.49 -34.83
C GLN T 63 67.39 -26.29 -35.43
N HIS T 64 67.25 -25.22 -34.65
CA HIS T 64 66.62 -24.01 -35.17
C HIS T 64 67.42 -23.42 -36.33
N GLU T 65 68.74 -23.35 -36.17
CA GLU T 65 69.59 -22.83 -37.25
C GLU T 65 69.56 -23.75 -38.46
N ARG T 66 69.51 -25.06 -38.24
CA ARG T 66 69.43 -26.00 -39.35
C ARG T 66 68.13 -25.82 -40.12
N VAL T 67 67.02 -25.68 -39.41
CA VAL T 67 65.73 -25.47 -40.08
C VAL T 67 65.71 -24.14 -40.82
N GLN T 68 66.34 -23.12 -40.23
CA GLN T 68 66.41 -21.82 -40.90
C GLN T 68 67.24 -21.88 -42.17
N LYS T 69 68.37 -22.60 -42.14
CA LYS T 69 69.22 -22.73 -43.31
C LYS T 69 68.66 -23.71 -44.34
N ALA T 70 67.72 -24.56 -43.94
CA ALA T 70 67.13 -25.53 -44.86
C ALA T 70 66.27 -24.88 -45.95
N SER T 71 66.16 -23.56 -45.98
CA SER T 71 65.41 -22.90 -47.05
C SER T 71 66.04 -23.13 -48.42
N THR T 72 67.34 -23.40 -48.48
CA THR T 72 68.03 -23.70 -49.73
C THR T 72 68.62 -25.10 -49.74
N GLU T 73 68.38 -25.90 -48.69
CA GLU T 73 68.91 -27.26 -48.62
C GLU T 73 67.75 -28.22 -48.82
N GLY T 74 67.29 -28.92 -47.79
CA GLY T 74 66.20 -29.85 -47.94
C GLY T 74 65.75 -30.49 -46.64
N ILE T 75 64.46 -30.77 -46.52
CA ILE T 75 63.90 -31.39 -45.32
C ILE T 75 62.94 -32.49 -45.74
N PRO T 76 63.10 -33.71 -45.25
CA PRO T 76 62.19 -34.79 -45.63
C PRO T 76 60.79 -34.59 -45.06
N ILE T 77 59.81 -35.18 -45.74
CA ILE T 77 58.42 -35.08 -45.31
C ILE T 77 57.88 -36.47 -44.99
N LYS T 78 56.56 -36.60 -44.88
CA LYS T 78 55.95 -37.87 -44.58
C LYS T 78 55.97 -38.79 -45.80
N GLY T 79 55.99 -40.09 -45.54
CA GLY T 79 56.00 -41.08 -46.61
C GLY T 79 57.42 -41.37 -47.05
N THR T 80 57.69 -41.20 -48.34
CA THR T 80 59.02 -41.45 -48.87
C THR T 80 59.96 -40.32 -48.48
N GLN T 81 61.11 -40.68 -47.91
CA GLN T 81 62.09 -39.70 -47.46
C GLN T 81 62.84 -39.15 -48.68
N ARG T 82 62.77 -37.84 -48.86
CA ARG T 82 63.46 -37.19 -49.98
C ARG T 82 63.66 -35.72 -49.63
N THR T 83 64.71 -35.14 -50.21
CA THR T 83 65.04 -33.75 -49.96
C THR T 83 64.15 -32.83 -50.79
N ARG T 84 63.66 -31.77 -50.15
CA ARG T 84 62.81 -30.80 -50.82
C ARG T 84 62.81 -29.50 -50.02
N ILE T 85 62.55 -28.40 -50.71
CA ILE T 85 62.54 -27.09 -50.06
C ILE T 85 61.26 -26.94 -49.25
N LEU T 86 61.42 -26.57 -47.97
CA LEU T 86 60.27 -26.37 -47.09
C LEU T 86 59.67 -24.99 -47.29
N GLU T 87 58.37 -24.89 -47.01
CA GLU T 87 57.66 -23.62 -47.18
C GLU T 87 58.00 -22.65 -46.06
N GLU T 88 58.01 -21.36 -46.40
CA GLU T 88 58.31 -20.33 -45.42
C GLU T 88 57.24 -20.26 -44.34
N GLN T 89 55.97 -20.44 -44.72
CA GLN T 89 54.90 -20.43 -43.74
C GLN T 89 55.04 -21.60 -42.77
N LEU T 90 55.36 -22.79 -43.28
CA LEU T 90 55.56 -23.94 -42.41
C LEU T 90 56.77 -23.74 -41.51
N ILE T 91 57.84 -23.12 -42.03
CA ILE T 91 59.01 -22.85 -41.22
C ILE T 91 58.68 -21.88 -40.09
N LYS T 92 57.93 -20.82 -40.40
CA LYS T 92 57.54 -19.86 -39.37
C LYS T 92 56.63 -20.50 -38.33
N GLU T 93 55.70 -21.35 -38.77
CA GLU T 93 54.81 -22.02 -37.83
C GLU T 93 55.59 -22.97 -36.92
N ALA T 94 56.56 -23.70 -37.48
CA ALA T 94 57.38 -24.58 -36.66
C ALA T 94 58.23 -23.79 -35.68
N PHE T 95 58.73 -22.62 -36.10
CA PHE T 95 59.49 -21.77 -35.18
C PHE T 95 58.61 -21.27 -34.05
N ILE T 96 57.38 -20.87 -34.37
CA ILE T 96 56.46 -20.41 -33.33
C ILE T 96 56.13 -21.54 -32.36
N LEU T 97 55.93 -22.75 -32.89
CA LEU T 97 55.64 -23.89 -32.03
C LEU T 97 56.83 -24.23 -31.13
N SER T 98 58.04 -24.17 -31.67
CA SER T 98 59.22 -24.46 -30.87
C SER T 98 59.48 -23.37 -29.84
N ASP T 99 59.08 -22.13 -30.12
CA ASP T 99 59.23 -21.06 -29.14
C ASP T 99 58.16 -21.11 -28.06
N LEU T 100 56.97 -21.63 -28.40
CA LEU T 100 55.87 -21.71 -27.43
C LEU T 100 55.95 -23.00 -26.61
N TYR T 101 55.65 -24.14 -27.26
CA TYR T 101 55.58 -25.41 -26.56
C TYR T 101 56.95 -26.02 -26.28
N ASN T 102 58.02 -25.45 -26.84
CA ASN T 102 59.39 -25.95 -26.64
C ASN T 102 59.50 -27.41 -27.07
N ILE T 103 59.12 -27.68 -28.32
CA ILE T 103 59.17 -29.02 -28.87
C ILE T 103 60.22 -29.09 -29.98
N GLY T 104 60.41 -30.27 -30.55
CA GLY T 104 61.39 -30.42 -31.61
C GLY T 104 60.93 -29.80 -32.92
N GLU T 105 61.89 -29.29 -33.68
CA GLU T 105 61.56 -28.63 -34.94
C GLU T 105 61.04 -29.63 -35.97
N ILE T 106 61.68 -30.79 -36.08
CA ILE T 106 61.23 -31.80 -37.03
C ILE T 106 59.86 -32.34 -36.63
N ALA T 107 59.64 -32.53 -35.32
CA ALA T 107 58.33 -32.99 -34.85
C ALA T 107 57.25 -31.94 -35.14
N ALA T 108 57.56 -30.67 -34.94
CA ALA T 108 56.60 -29.61 -35.25
C ALA T 108 56.31 -29.55 -36.74
N VAL T 109 57.33 -29.74 -37.57
CA VAL T 109 57.12 -29.73 -39.02
C VAL T 109 56.23 -30.90 -39.44
N GLU T 110 56.48 -32.09 -38.87
CA GLU T 110 55.64 -33.24 -39.19
C GLU T 110 54.20 -33.04 -38.71
N LEU T 111 54.03 -32.45 -37.53
CA LEU T 111 52.68 -32.19 -37.04
C LEU T 111 51.96 -31.17 -37.91
N LEU T 112 52.67 -30.15 -38.39
CA LEU T 112 52.06 -29.17 -39.28
C LEU T 112 51.70 -29.80 -40.61
N LEU T 113 52.53 -30.72 -41.11
CA LEU T 113 52.21 -31.42 -42.34
C LEU T 113 50.97 -32.29 -42.17
N ILE T 114 50.88 -33.02 -41.05
CA ILE T 114 49.69 -33.84 -40.80
C ILE T 114 48.45 -32.96 -40.66
N GLY T 115 48.60 -31.79 -40.03
CA GLY T 115 47.47 -30.87 -39.92
C GLY T 115 47.03 -30.32 -41.25
N GLU T 116 47.98 -29.97 -42.12
CA GLU T 116 47.64 -29.50 -43.46
C GLU T 116 46.98 -30.61 -44.28
N GLN T 117 47.38 -31.86 -44.05
CA GLN T 117 46.76 -32.97 -44.77
C GLN T 117 45.34 -33.23 -44.26
N GLN T 118 45.11 -33.10 -42.97
CA GLN T 118 43.82 -33.38 -42.36
C GLN T 118 42.88 -32.17 -42.35
N GLN T 119 43.36 -31.00 -42.78
CA GLN T 119 42.50 -29.82 -42.83
C GLN T 119 41.23 -30.02 -43.65
N PRO T 120 41.27 -30.61 -44.85
CA PRO T 120 40.00 -30.81 -45.59
C PRO T 120 39.01 -31.70 -44.86
N THR T 121 39.45 -32.56 -43.94
CA THR T 121 38.52 -33.40 -43.20
C THR T 121 37.64 -32.55 -42.27
N PHE T 122 38.26 -31.67 -41.49
CA PHE T 122 37.52 -30.79 -40.60
C PHE T 122 36.96 -29.61 -41.38
N HIS T 123 36.27 -28.71 -40.66
CA HIS T 123 35.67 -27.53 -41.27
C HIS T 123 35.80 -26.35 -40.32
N GLY T 124 36.09 -25.19 -40.87
CA GLY T 124 36.22 -23.99 -40.07
C GLY T 124 37.45 -23.93 -39.21
N LEU T 125 38.56 -24.52 -39.64
CA LEU T 125 39.79 -24.54 -38.89
C LEU T 125 40.96 -24.25 -39.82
N THR T 126 42.12 -24.03 -39.23
CA THR T 126 43.35 -23.77 -39.97
C THR T 126 44.34 -24.92 -39.76
N ARG T 127 45.36 -24.96 -40.62
CA ARG T 127 46.36 -26.02 -40.52
C ARG T 127 47.10 -25.95 -39.20
N GLY T 128 47.48 -24.75 -38.76
CA GLY T 128 48.14 -24.60 -37.48
C GLY T 128 47.25 -25.00 -36.32
N LEU T 129 45.97 -24.65 -36.40
CA LEU T 129 45.03 -25.04 -35.34
C LEU T 129 44.88 -26.57 -35.28
N VAL T 130 44.80 -27.22 -36.44
CA VAL T 130 44.68 -28.68 -36.47
C VAL T 130 45.96 -29.32 -35.93
N ALA T 131 47.12 -28.74 -36.25
CA ALA T 131 48.37 -29.28 -35.73
C ALA T 131 48.44 -29.13 -34.21
N ILE T 132 48.00 -27.98 -33.70
CA ILE T 132 47.99 -27.77 -32.24
C ILE T 132 47.02 -28.74 -31.57
N LEU T 133 45.86 -28.97 -32.20
CA LEU T 133 44.91 -29.93 -31.65
C LEU T 133 45.48 -31.34 -31.64
N LEU T 134 46.20 -31.71 -32.70
CA LEU T 134 46.80 -33.04 -32.76
C LEU T 134 47.89 -33.19 -31.71
N TYR T 135 48.70 -32.14 -31.50
CA TYR T 135 49.72 -32.19 -30.46
C TYR T 135 49.10 -32.31 -29.08
N TRP T 136 48.01 -31.57 -28.83
CA TRP T 136 47.33 -31.68 -27.54
C TRP T 136 46.71 -33.06 -27.35
N ASP T 137 46.16 -33.64 -28.43
CA ASP T 137 45.61 -34.98 -28.34
C ASP T 137 46.70 -36.01 -28.05
N GLY T 138 47.86 -35.87 -28.68
CA GLY T 138 48.97 -36.77 -28.39
C GLY T 138 49.46 -36.64 -26.97
N LYS T 139 49.56 -35.41 -26.46
CA LYS T 139 49.96 -35.21 -25.08
C LYS T 139 48.94 -35.81 -24.10
N SER T 140 47.65 -35.63 -24.40
CA SER T 140 46.62 -36.23 -23.55
C SER T 140 46.67 -37.75 -23.59
N CYS T 141 46.94 -38.32 -24.77
CA CYS T 141 47.05 -39.76 -24.87
C CYS T 141 48.24 -40.29 -24.09
N MET T 142 49.38 -39.59 -24.15
CA MET T 142 50.54 -39.99 -23.38
C MET T 142 50.26 -39.89 -21.88
N ALA T 143 49.61 -38.81 -21.44
CA ALA T 143 49.30 -38.65 -20.03
C ALA T 143 48.33 -39.74 -19.56
N GLU T 144 47.33 -40.07 -20.37
CA GLU T 144 46.39 -41.12 -20.00
C GLU T 144 47.06 -42.48 -19.96
N SER T 145 47.99 -42.73 -20.89
CA SER T 145 48.74 -43.98 -20.87
C SER T 145 49.56 -44.10 -19.60
N LEU T 146 50.27 -43.03 -19.23
CA LEU T 146 51.05 -43.05 -18.00
C LEU T 146 50.16 -43.23 -16.78
N LEU T 147 49.00 -42.57 -16.75
CA LEU T 147 48.10 -42.70 -15.63
C LEU T 147 47.56 -44.13 -15.50
N HIS T 148 47.18 -44.74 -16.63
CA HIS T 148 46.69 -46.10 -16.60
C HIS T 148 47.79 -47.07 -16.20
N LEU T 149 49.03 -46.83 -16.63
CA LEU T 149 50.13 -47.68 -16.23
C LEU T 149 50.38 -47.59 -14.73
N ILE T 150 50.32 -46.39 -14.17
CA ILE T 150 50.54 -46.23 -12.74
C ILE T 150 49.38 -46.86 -11.96
N GLN T 151 48.16 -46.74 -12.48
CA GLN T 151 46.99 -47.30 -11.82
C GLN T 151 46.85 -48.80 -12.02
N ALA T 152 47.65 -49.40 -12.90
CA ALA T 152 47.56 -50.84 -13.15
C ALA T 152 47.93 -51.67 -11.92
N ARG T 153 48.67 -51.09 -10.97
CA ARG T 153 49.07 -51.82 -9.78
C ARG T 153 47.94 -51.80 -8.75
N LYS T 154 48.17 -52.50 -7.63
CA LYS T 154 47.20 -52.60 -6.55
C LYS T 154 47.83 -52.08 -5.25
N GLY T 155 47.04 -51.34 -4.49
CA GLY T 155 47.49 -50.78 -3.22
C GLY T 155 46.35 -50.60 -2.27
N LYS T 156 46.41 -49.52 -1.49
CA LYS T 156 45.32 -49.25 -0.54
C LYS T 156 44.06 -48.78 -1.25
N THR T 157 44.20 -48.19 -2.43
CA THR T 157 43.07 -47.72 -3.23
C THR T 157 43.27 -48.14 -4.67
N PHE T 158 42.19 -48.01 -5.46
CA PHE T 158 42.19 -48.36 -6.88
C PHE T 158 42.59 -49.82 -7.09
N THR T 159 41.92 -50.71 -6.37
CA THR T 159 42.19 -52.15 -6.45
C THR T 159 41.65 -52.68 -7.76
N LEU T 160 42.54 -52.84 -8.75
CA LEU T 160 42.17 -53.34 -10.07
C LEU T 160 43.10 -54.51 -10.42
N ASP T 161 42.51 -55.66 -10.71
CA ASP T 161 43.30 -56.84 -11.06
C ASP T 161 43.86 -56.69 -12.47
N HIS T 162 45.08 -57.17 -12.66
CA HIS T 162 45.74 -57.09 -13.97
C HIS T 162 46.61 -58.32 -14.22
N SER T 163 47.91 -58.09 -14.44
CA SER T 163 48.84 -59.17 -14.75
C SER T 163 50.12 -59.00 -13.95
N PRO T 164 50.75 -60.11 -13.55
CA PRO T 164 52.02 -59.99 -12.82
C PRO T 164 53.14 -59.40 -13.65
N GLU T 165 53.23 -59.76 -14.92
CA GLU T 165 54.24 -59.15 -15.80
C GLU T 165 53.98 -57.67 -15.98
N VAL T 166 52.71 -57.28 -16.07
CA VAL T 166 52.35 -55.87 -16.19
C VAL T 166 52.76 -55.12 -14.91
N VAL T 167 52.50 -55.73 -13.75
CA VAL T 167 52.89 -55.09 -12.49
C VAL T 167 54.41 -54.95 -12.40
N SER T 168 55.14 -55.97 -12.85
CA SER T 168 56.59 -55.91 -12.83
C SER T 168 57.11 -54.81 -13.75
N MET T 169 56.53 -54.70 -14.96
CA MET T 169 56.94 -53.65 -15.88
C MET T 169 56.63 -52.27 -15.32
N VAL T 170 55.49 -52.13 -14.63
CA VAL T 170 55.13 -50.85 -14.03
C VAL T 170 56.10 -50.50 -12.91
N THR T 171 56.48 -51.49 -12.10
CA THR T 171 57.46 -51.22 -11.04
C THR T 171 58.80 -50.83 -11.62
N ARG T 172 59.23 -51.49 -12.70
CA ARG T 172 60.48 -51.12 -13.36
C ARG T 172 60.41 -49.70 -13.92
N PHE T 173 59.27 -49.34 -14.51
CA PHE T 173 59.10 -47.99 -15.05
C PHE T 173 59.13 -46.95 -13.93
N THR T 174 58.50 -47.25 -12.79
CA THR T 174 58.54 -46.31 -11.67
C THR T 174 59.96 -46.17 -11.11
N ASP T 175 60.70 -47.29 -11.05
CA ASP T 175 62.09 -47.20 -10.61
C ASP T 175 62.93 -46.35 -11.56
N ASP T 176 62.74 -46.54 -12.87
CA ASP T 176 63.45 -45.71 -13.84
C ASP T 176 63.04 -44.25 -13.73
N LEU T 177 61.79 -43.98 -13.38
CA LEU T 177 61.34 -42.61 -13.20
C LEU T 177 61.99 -41.98 -11.97
N MET T 178 62.04 -42.71 -10.85
CA MET T 178 62.69 -42.20 -9.65
C MET T 178 64.20 -42.05 -9.85
N GLU T 179 64.78 -42.82 -10.76
CA GLU T 179 66.21 -42.70 -11.04
C GLU T 179 66.57 -41.33 -11.60
N GLN T 180 65.60 -40.59 -12.13
CA GLN T 180 65.84 -39.26 -12.68
C GLN T 180 65.05 -38.15 -12.00
N GLY T 181 63.95 -38.47 -11.31
CA GLY T 181 63.14 -37.45 -10.68
C GLY T 181 61.78 -37.30 -11.31
N LEU T 182 60.79 -38.05 -10.81
CA LEU T 182 59.45 -37.98 -11.37
C LEU T 182 58.71 -36.72 -10.92
N THR T 183 58.78 -36.40 -9.62
CA THR T 183 58.11 -35.22 -9.11
C THR T 183 58.71 -33.95 -9.72
N ASN T 184 60.04 -33.92 -9.88
CA ASN T 184 60.67 -32.77 -10.50
C ASN T 184 60.22 -32.59 -11.95
N LYS T 185 60.11 -33.70 -12.69
CA LYS T 185 59.64 -33.62 -14.07
C LYS T 185 58.20 -33.15 -14.13
N ILE T 186 57.35 -33.63 -13.22
CA ILE T 186 55.96 -33.22 -13.19
C ILE T 186 55.86 -31.72 -12.89
N LEU T 187 56.65 -31.25 -11.93
CA LEU T 187 56.63 -29.82 -11.59
C LEU T 187 57.13 -28.98 -12.77
N THR T 188 58.17 -29.45 -13.45
CA THR T 188 58.68 -28.72 -14.61
C THR T 188 57.65 -28.66 -15.72
N LEU T 189 56.92 -29.78 -15.95
CA LEU T 189 55.88 -29.78 -16.97
C LEU T 189 54.74 -28.82 -16.60
N ILE T 190 54.35 -28.82 -15.32
CA ILE T 190 53.29 -27.91 -14.88
C ILE T 190 53.73 -26.46 -15.02
N SER T 191 55.02 -26.20 -14.79
CA SER T 191 55.53 -24.84 -14.92
C SER T 191 55.61 -24.40 -16.37
N GLN T 192 55.99 -25.31 -17.27
CA GLN T 192 56.14 -24.94 -18.68
C GLN T 192 54.82 -24.93 -19.45
N ILE T 193 53.79 -25.61 -18.94
CA ILE T 193 52.46 -25.58 -19.54
C ILE T 193 51.45 -25.37 -18.42
N ASP T 194 50.72 -24.25 -18.47
CA ASP T 194 49.69 -23.94 -17.49
C ASP T 194 48.39 -23.63 -18.21
N VAL T 195 47.28 -23.90 -17.53
CA VAL T 195 45.96 -23.78 -18.14
C VAL T 195 45.69 -22.33 -18.54
N ASN T 196 45.75 -21.41 -17.58
CA ASN T 196 45.46 -20.02 -17.86
C ASN T 196 46.51 -19.40 -18.79
N ASN T 197 47.76 -19.85 -18.69
CA ASN T 197 48.80 -19.34 -19.58
C ASN T 197 48.51 -19.70 -21.03
N GLU T 198 48.20 -20.97 -21.29
CA GLU T 198 47.87 -21.39 -22.64
C GLU T 198 46.57 -20.74 -23.12
N PHE T 199 45.62 -20.54 -22.22
CA PHE T 199 44.37 -19.89 -22.59
C PHE T 199 44.62 -18.45 -23.03
N ASP T 200 45.41 -17.71 -22.27
CA ASP T 200 45.73 -16.34 -22.63
C ASP T 200 46.54 -16.28 -23.92
N LYS T 201 47.47 -17.22 -24.10
CA LYS T 201 48.26 -17.24 -25.32
C LYS T 201 47.38 -17.48 -26.54
N LEU T 202 46.47 -18.45 -26.45
CA LEU T 202 45.57 -18.72 -27.57
C LEU T 202 44.60 -17.57 -27.81
N LYS T 203 44.17 -16.89 -26.73
CA LYS T 203 43.29 -15.74 -26.90
C LYS T 203 44.00 -14.58 -27.59
N LYS T 204 45.27 -14.36 -27.25
CA LYS T 204 46.03 -13.31 -27.91
C LYS T 204 46.46 -13.70 -29.32
N GLU T 205 46.54 -14.99 -29.62
CA GLU T 205 46.83 -15.45 -30.97
C GLU T 205 45.59 -15.61 -31.84
N ARG T 206 44.39 -15.51 -31.24
CA ARG T 206 43.13 -15.57 -31.97
C ARG T 206 42.95 -16.90 -32.69
N GLY T 207 42.00 -16.97 -33.61
CA GLY T 207 41.71 -18.19 -34.32
C GLY T 207 40.87 -19.16 -33.50
N LEU T 208 41.41 -20.35 -33.23
CA LEU T 208 40.76 -21.37 -32.41
C LEU T 208 39.42 -21.81 -32.98
N GLY T 209 39.25 -21.65 -34.29
CA GLY T 209 38.01 -22.05 -34.95
C GLY T 209 36.79 -21.32 -34.43
N ASN T 210 36.01 -21.98 -33.58
CA ASN T 210 34.80 -21.39 -33.03
C ASN T 210 34.72 -21.60 -31.52
N LYS T 211 33.56 -21.28 -30.93
CA LYS T 211 33.39 -21.46 -29.49
C LYS T 211 33.46 -22.92 -29.10
N LYS T 212 32.94 -23.81 -29.95
CA LYS T 212 33.01 -25.23 -29.68
C LYS T 212 34.47 -25.71 -29.65
N HIS T 213 35.28 -25.26 -30.61
CA HIS T 213 36.69 -25.64 -30.62
C HIS T 213 37.44 -25.04 -29.44
N ARG T 214 37.07 -23.81 -29.04
CA ARG T 214 37.70 -23.21 -27.87
C ARG T 214 37.39 -24.02 -26.61
N LYS T 215 36.12 -24.41 -26.44
CA LYS T 215 35.74 -25.21 -25.28
C LYS T 215 36.42 -26.58 -25.32
N GLU T 216 36.56 -27.17 -26.52
CA GLU T 216 37.24 -28.46 -26.64
C GLU T 216 38.71 -28.34 -26.26
N VAL T 217 39.38 -27.28 -26.69
CA VAL T 217 40.79 -27.09 -26.34
C VAL T 217 40.93 -26.86 -24.84
N SER T 218 40.02 -26.06 -24.25
CA SER T 218 40.07 -25.83 -22.82
C SER T 218 39.88 -27.13 -22.04
N ASP T 219 38.91 -27.96 -22.45
CA ASP T 219 38.68 -29.24 -21.80
C ASP T 219 39.87 -30.18 -22.00
N LEU T 220 40.52 -30.13 -23.16
CA LEU T 220 41.69 -30.97 -23.38
C LEU T 220 42.85 -30.56 -22.47
N ILE T 221 43.07 -29.25 -22.32
CA ILE T 221 44.13 -28.79 -21.41
C ILE T 221 43.80 -29.16 -19.98
N LYS T 222 42.53 -29.02 -19.58
CA LYS T 222 42.12 -29.37 -18.24
C LYS T 222 42.32 -30.86 -17.97
N GLU T 223 41.98 -31.71 -18.96
CA GLU T 223 42.17 -33.14 -18.80
C GLU T 223 43.64 -33.51 -18.78
N CYS T 224 44.46 -32.79 -19.55
CA CYS T 224 45.90 -33.03 -19.50
C CYS T 224 46.46 -32.73 -18.12
N GLN T 225 46.09 -31.59 -17.55
CA GLN T 225 46.56 -31.25 -16.21
C GLN T 225 46.02 -32.22 -15.17
N GLN T 226 44.76 -32.65 -15.33
CA GLN T 226 44.18 -33.59 -14.38
C GLN T 226 44.87 -34.94 -14.44
N SER T 227 45.26 -35.38 -15.64
CA SER T 227 45.99 -36.64 -15.75
C SER T 227 47.40 -36.51 -15.19
N LEU T 228 48.04 -35.35 -15.42
CA LEU T 228 49.36 -35.12 -14.85
C LEU T 228 49.32 -35.15 -13.33
N ALA T 229 48.23 -34.65 -12.74
CA ALA T 229 48.08 -34.72 -11.29
C ALA T 229 47.71 -36.12 -10.82
N HIS T 230 46.84 -36.81 -11.57
CA HIS T 230 46.40 -38.15 -11.19
C HIS T 230 47.54 -39.15 -11.28
N SER T 231 48.53 -38.91 -12.12
CA SER T 231 49.71 -39.77 -12.15
C SER T 231 50.38 -39.81 -10.78
N LEU T 232 50.74 -38.65 -10.25
CA LEU T 232 51.33 -38.58 -8.92
C LEU T 232 50.34 -39.03 -7.84
N TYR T 233 49.05 -38.76 -8.03
CA TYR T 233 48.06 -39.21 -7.06
C TYR T 233 48.06 -40.74 -6.93
N SER T 234 48.02 -41.43 -8.07
CA SER T 234 48.04 -42.89 -8.05
C SER T 234 49.39 -43.43 -7.57
N TRP T 235 50.49 -42.75 -7.92
CA TRP T 235 51.79 -43.18 -7.43
C TRP T 235 51.88 -43.09 -5.91
N SER T 236 51.27 -42.05 -5.34
CA SER T 236 51.24 -41.93 -3.88
C SER T 236 50.25 -42.92 -3.27
N CYS T 237 49.18 -43.25 -3.99
CA CYS T 237 48.22 -44.23 -3.49
C CYS T 237 48.83 -45.62 -3.46
N GLN T 238 49.71 -45.93 -4.41
CA GLN T 238 50.41 -47.22 -4.38
C GLN T 238 51.34 -47.31 -3.17
N THR T 239 52.08 -46.23 -2.90
CA THR T 239 52.97 -46.15 -1.76
C THR T 239 53.23 -44.69 -1.48
N PRO T 240 53.37 -44.28 -0.21
CA PRO T 240 53.57 -42.86 0.10
C PRO T 240 54.78 -42.28 -0.61
N LEU T 241 54.74 -40.96 -0.83
CA LEU T 241 55.78 -40.28 -1.58
C LEU T 241 57.08 -40.26 -0.78
N ASN T 242 58.14 -39.79 -1.43
CA ASN T 242 59.44 -39.67 -0.80
C ASN T 242 59.53 -38.37 0.00
N ARG T 243 60.55 -38.30 0.85
CA ARG T 243 60.73 -37.13 1.70
C ARG T 243 61.01 -35.88 0.87
N GLU T 244 61.97 -35.96 -0.05
CA GLU T 244 62.30 -34.82 -0.90
C GLU T 244 61.13 -34.45 -1.81
N ASP T 245 60.40 -35.45 -2.31
CA ASP T 245 59.25 -35.18 -3.15
C ASP T 245 58.17 -34.43 -2.39
N THR T 246 57.86 -34.89 -1.17
CA THR T 246 56.86 -34.20 -0.35
C THR T 246 57.32 -32.79 0.01
N LEU T 247 58.62 -32.62 0.31
CA LEU T 247 59.15 -31.31 0.64
C LEU T 247 58.98 -30.36 -0.55
N LEU T 248 59.38 -30.80 -1.74
CA LEU T 248 59.23 -29.96 -2.93
C LEU T 248 57.78 -29.65 -3.22
N LEU T 249 56.90 -30.63 -3.03
CA LEU T 249 55.47 -30.41 -3.30
C LEU T 249 54.88 -29.37 -2.35
N ILE T 250 55.16 -29.51 -1.05
CA ILE T 250 54.60 -28.56 -0.09
C ILE T 250 55.31 -27.21 -0.15
N GLY T 251 56.50 -27.15 -0.75
CA GLY T 251 57.17 -25.88 -0.92
C GLY T 251 56.71 -25.14 -2.17
N TYR T 252 56.29 -25.88 -3.19
CA TYR T 252 55.84 -25.27 -4.43
C TYR T 252 54.33 -25.06 -4.47
N LEU T 253 53.56 -25.72 -3.60
CA LEU T 253 52.12 -25.50 -3.57
C LEU T 253 51.74 -24.17 -2.96
N GLU T 254 52.65 -23.49 -2.27
CA GLU T 254 52.36 -22.19 -1.67
C GLU T 254 52.44 -21.05 -2.68
N LYS T 255 52.93 -21.29 -3.88
CA LYS T 255 53.04 -20.25 -4.90
C LYS T 255 51.79 -20.12 -5.76
N VAL T 256 50.89 -21.11 -5.73
CA VAL T 256 49.68 -21.05 -6.53
C VAL T 256 48.64 -20.19 -5.81
N THR T 257 47.74 -19.60 -6.60
CA THR T 257 46.74 -18.68 -6.07
C THR T 257 45.32 -19.25 -6.08
N VAL T 258 45.09 -20.39 -6.71
CA VAL T 258 43.76 -20.99 -6.75
C VAL T 258 43.63 -22.03 -5.64
N GLU T 259 44.54 -21.97 -4.66
CA GLU T 259 44.48 -22.91 -3.54
C GLU T 259 43.51 -22.42 -2.46
N GLY T 260 43.49 -21.13 -2.20
CA GLY T 260 42.60 -20.57 -1.20
C GLY T 260 41.56 -19.64 -1.79
N ASP T 261 41.99 -18.73 -2.66
CA ASP T 261 41.08 -17.79 -3.29
C ASP T 261 40.21 -18.52 -4.32
N GLY T 262 38.91 -18.53 -4.08
CA GLY T 262 37.98 -19.20 -4.98
C GLY T 262 37.76 -20.65 -4.61
N SER T 263 37.14 -21.37 -5.54
CA SER T 263 36.84 -22.77 -5.34
C SER T 263 38.08 -23.63 -5.58
N LEU T 264 38.09 -24.80 -4.95
CA LEU T 264 39.22 -25.71 -5.10
C LEU T 264 39.19 -26.36 -6.48
N ASP T 265 40.26 -26.17 -7.24
CA ASP T 265 40.36 -26.81 -8.55
C ASP T 265 40.57 -28.32 -8.40
N LYS T 266 40.26 -29.05 -9.47
CA LYS T 266 40.39 -30.50 -9.43
C LYS T 266 41.84 -30.93 -9.26
N VAL T 267 42.77 -30.24 -9.94
CA VAL T 267 44.19 -30.59 -9.82
C VAL T 267 44.68 -30.33 -8.40
N ASN T 268 44.31 -29.19 -7.82
CA ASN T 268 44.74 -28.88 -6.46
C ASN T 268 44.13 -29.85 -5.45
N LEU T 269 42.86 -30.20 -5.63
CA LEU T 269 42.23 -31.17 -4.73
C LEU T 269 42.90 -32.54 -4.84
N THR T 270 43.24 -32.97 -6.06
CA THR T 270 43.91 -34.25 -6.23
C THR T 270 45.30 -34.23 -5.61
N LEU T 271 46.02 -33.12 -5.75
CA LEU T 271 47.35 -33.03 -5.13
C LEU T 271 47.24 -33.04 -3.61
N LEU T 272 46.25 -32.33 -3.05
CA LEU T 272 46.08 -32.34 -1.60
C LEU T 272 45.71 -33.72 -1.10
N MET T 273 44.84 -34.43 -1.82
CA MET T 273 44.46 -35.78 -1.41
C MET T 273 45.64 -36.74 -1.52
N SER T 274 46.48 -36.56 -2.54
CA SER T 274 47.68 -37.39 -2.65
C SER T 274 48.64 -37.13 -1.50
N LEU T 275 48.86 -35.86 -1.16
CA LEU T 275 49.73 -35.54 -0.03
C LEU T 275 49.16 -36.10 1.27
N LEU T 276 47.84 -36.04 1.44
CA LEU T 276 47.23 -36.58 2.65
C LEU T 276 47.36 -38.10 2.71
N TYR T 277 47.15 -38.79 1.59
CA TYR T 277 47.33 -40.23 1.56
C TYR T 277 48.78 -40.62 1.82
N CYS T 278 49.72 -39.79 1.39
CA CYS T 278 51.13 -40.08 1.67
C CYS T 278 51.47 -39.86 3.14
N LEU T 279 50.96 -38.78 3.72
CA LEU T 279 51.27 -38.42 5.11
C LEU T 279 50.32 -39.06 6.11
N ASP T 280 49.44 -39.95 5.67
CA ASP T 280 48.53 -40.64 6.58
C ASP T 280 49.31 -41.51 7.56
N VAL T 281 48.75 -41.68 8.76
CA VAL T 281 49.38 -42.47 9.81
C VAL T 281 48.31 -43.29 10.52
N GLY T 282 47.05 -42.96 10.30
CA GLY T 282 45.96 -43.66 10.92
C GLY T 282 45.30 -42.88 12.05
N PHE T 283 44.57 -43.61 12.88
CA PHE T 283 43.86 -43.03 14.00
C PHE T 283 43.64 -44.10 15.05
N LEU T 284 43.20 -43.67 16.24
CA LEU T 284 43.00 -44.57 17.37
C LEU T 284 41.64 -45.25 17.29
N GLU T 285 41.09 -45.62 18.45
CA GLU T 285 39.80 -46.29 18.57
C GLU T 285 39.86 -47.58 17.74
N GLN T 286 38.89 -47.86 16.86
CA GLN T 286 38.90 -49.06 16.04
C GLN T 286 39.56 -48.74 14.71
N GLY T 287 40.89 -48.62 14.73
CA GLY T 287 41.66 -48.30 13.56
C GLY T 287 42.04 -49.53 12.75
N THR T 288 42.80 -49.28 11.68
CA THR T 288 43.26 -50.34 10.81
C THR T 288 44.54 -50.97 11.35
N ASP T 289 45.03 -52.00 10.65
CA ASP T 289 46.24 -52.70 11.03
C ASP T 289 47.45 -52.28 10.21
N ASP T 290 47.32 -51.28 9.36
CA ASP T 290 48.42 -50.79 8.54
C ASP T 290 49.20 -49.66 9.19
N ARG T 291 49.11 -49.53 10.52
CA ARG T 291 49.81 -48.46 11.20
C ARG T 291 51.33 -48.61 11.08
N GLU T 292 51.83 -49.85 11.22
CA GLU T 292 53.26 -50.09 11.09
C GLU T 292 53.74 -49.78 9.67
N GLU T 293 52.99 -50.19 8.66
CA GLU T 293 53.36 -49.88 7.28
C GLU T 293 53.35 -48.39 7.02
N LEU T 294 52.34 -47.69 7.55
CA LEU T 294 52.28 -46.23 7.36
C LEU T 294 53.45 -45.54 8.05
N MET T 295 53.81 -46.00 9.26
CA MET T 295 54.95 -45.40 9.96
C MET T 295 56.26 -45.70 9.24
N LYS T 296 56.38 -46.88 8.64
CA LYS T 296 57.61 -47.22 7.93
C LYS T 296 57.73 -46.48 6.61
N GLN T 297 56.60 -46.21 5.94
CA GLN T 297 56.61 -45.54 4.65
C GLN T 297 56.44 -44.02 4.77
N ALA T 298 56.24 -43.50 5.97
CA ALA T 298 56.09 -42.06 6.14
C ALA T 298 57.42 -41.35 5.88
N SER T 299 57.32 -40.06 5.56
CA SER T 299 58.48 -39.24 5.26
C SER T 299 59.10 -38.60 6.51
N MET T 300 58.41 -38.66 7.65
CA MET T 300 58.92 -38.09 8.89
C MET T 300 59.78 -39.05 9.68
N PHE T 301 60.31 -40.10 9.03
CA PHE T 301 61.15 -41.08 9.69
C PHE T 301 62.47 -41.34 8.99
N MET T 302 62.59 -41.03 7.69
CA MET T 302 63.83 -41.28 6.99
C MET T 302 64.92 -40.30 7.38
N ASP T 303 64.55 -39.10 7.82
CA ASP T 303 65.52 -38.08 8.21
C ASP T 303 65.04 -37.39 9.47
N ARG T 304 65.97 -36.69 10.13
CA ARG T 304 65.69 -35.98 11.37
C ARG T 304 65.45 -34.49 11.14
N GLN T 305 66.26 -33.85 10.31
CA GLN T 305 66.15 -32.42 10.06
C GLN T 305 65.01 -32.05 9.14
N TYR T 306 64.30 -33.03 8.58
CA TYR T 306 63.20 -32.74 7.66
C TYR T 306 62.06 -32.03 8.38
N ILE T 307 61.62 -32.57 9.52
CA ILE T 307 60.53 -31.96 10.27
C ILE T 307 60.93 -30.58 10.77
N ALA T 308 62.19 -30.44 11.21
CA ALA T 308 62.66 -29.14 11.69
C ALA T 308 62.67 -28.11 10.56
N ALA T 309 63.14 -28.51 9.38
CA ALA T 309 63.14 -27.59 8.25
C ALA T 309 61.72 -27.22 7.82
N ILE T 310 60.81 -28.19 7.86
CA ILE T 310 59.41 -27.90 7.51
C ILE T 310 58.81 -26.92 8.50
N HIS T 311 59.06 -27.13 9.80
CA HIS T 311 58.53 -26.21 10.81
C HIS T 311 59.14 -24.83 10.66
N ASN T 312 60.43 -24.75 10.34
CA ASN T 312 61.07 -23.45 10.14
C ASN T 312 60.49 -22.73 8.94
N ARG T 313 60.28 -23.44 7.83
CA ARG T 313 59.69 -22.82 6.65
C ARG T 313 58.25 -22.40 6.89
N LEU T 314 57.51 -23.15 7.72
CA LEU T 314 56.14 -22.77 8.02
C LEU T 314 56.09 -21.56 8.93
N GLN T 315 57.04 -21.44 9.87
CA GLN T 315 57.06 -20.32 10.78
C GLN T 315 57.63 -19.05 10.15
N ASN T 316 58.49 -19.20 9.14
CA ASN T 316 59.09 -18.05 8.48
C ASN T 316 58.07 -17.38 7.57
N THR T 317 58.47 -16.26 6.96
CA THR T 317 57.61 -15.50 6.07
C THR T 317 57.51 -16.23 4.72
N GLN T 318 56.29 -16.63 4.36
CA GLN T 318 56.02 -17.32 3.12
C GLN T 318 54.89 -16.62 2.38
N PRO T 319 54.89 -16.65 1.04
CA PRO T 319 53.80 -16.01 0.29
C PRO T 319 52.46 -16.67 0.53
N TRP T 320 51.88 -16.44 1.70
CA TRP T 320 50.56 -16.99 2.05
C TRP T 320 49.50 -16.13 1.40
N LYS T 321 49.04 -16.54 0.22
CA LYS T 321 48.04 -15.78 -0.51
C LYS T 321 46.63 -15.96 0.06
N SER T 322 46.45 -16.82 1.06
CA SER T 322 45.13 -17.05 1.61
C SER T 322 45.22 -17.53 3.06
N PRO T 323 44.61 -16.82 4.00
CA PRO T 323 44.55 -17.33 5.38
C PRO T 323 43.82 -18.66 5.48
N GLY T 324 42.86 -18.91 4.59
CA GLY T 324 42.21 -20.21 4.58
C GLY T 324 43.18 -21.34 4.30
N MET T 325 43.98 -21.21 3.24
CA MET T 325 44.97 -22.24 2.94
C MET T 325 46.07 -22.29 3.99
N GLN T 326 46.40 -21.16 4.60
CA GLN T 326 47.38 -21.16 5.69
C GLN T 326 46.88 -21.99 6.87
N ALA T 327 45.63 -21.75 7.30
CA ALA T 327 45.06 -22.52 8.39
C ALA T 327 44.86 -23.98 8.00
N THR T 328 44.57 -24.25 6.71
CA THR T 328 44.47 -25.63 6.26
C THR T 328 45.80 -26.37 6.42
N VAL T 329 46.89 -25.74 5.97
CA VAL T 329 48.21 -26.35 6.12
C VAL T 329 48.56 -26.51 7.60
N ARG T 330 48.23 -25.51 8.41
CA ARG T 330 48.52 -25.60 9.84
C ARG T 330 47.78 -26.75 10.49
N LEU T 331 46.49 -26.90 10.18
CA LEU T 331 45.70 -27.98 10.75
C LEU T 331 46.18 -29.34 10.27
N ALA T 332 46.57 -29.44 9.00
CA ALA T 332 47.09 -30.70 8.48
C ALA T 332 48.38 -31.09 9.18
N TRP T 333 49.29 -30.12 9.36
CA TRP T 333 50.54 -30.41 10.05
C TRP T 333 50.30 -30.77 11.51
N ALA T 334 49.37 -30.08 12.17
CA ALA T 334 49.06 -30.39 13.56
C ALA T 334 48.48 -31.79 13.70
N LEU T 335 47.57 -32.16 12.79
CA LEU T 335 46.98 -33.50 12.83
C LEU T 335 48.04 -34.57 12.56
N ALA T 336 48.93 -34.33 11.60
CA ALA T 336 50.00 -35.29 11.34
C ALA T 336 50.92 -35.45 12.54
N LEU T 337 51.28 -34.34 13.19
CA LEU T 337 52.15 -34.42 14.35
C LEU T 337 51.45 -35.13 15.51
N ARG T 338 50.16 -34.86 15.72
CA ARG T 338 49.43 -35.52 16.79
C ARG T 338 49.28 -37.02 16.52
N GLY T 339 49.12 -37.39 15.26
CA GLY T 339 49.02 -38.81 14.92
C GLY T 339 50.35 -39.53 14.99
N ILE T 340 51.45 -38.84 14.73
CA ILE T 340 52.77 -39.47 14.77
C ILE T 340 53.40 -39.44 16.16
N SER T 341 52.95 -38.56 17.05
CA SER T 341 53.54 -38.50 18.39
C SER T 341 53.12 -39.70 19.24
N GLN T 342 51.93 -40.26 18.99
CA GLN T 342 51.47 -41.41 19.74
C GLN T 342 52.22 -42.68 19.37
N PHE T 343 52.88 -42.71 18.22
CA PHE T 343 53.66 -43.86 17.79
C PHE T 343 55.16 -43.55 17.68
N SER T 344 55.57 -42.33 18.01
CA SER T 344 56.97 -41.92 18.02
C SER T 344 57.58 -41.96 16.62
N GLU T 345 58.82 -41.48 16.51
CA GLU T 345 59.51 -41.43 15.22
C GLU T 345 61.01 -41.32 15.50
N VAL T 346 61.76 -40.82 14.51
CA VAL T 346 63.20 -40.66 14.68
C VAL T 346 63.53 -39.37 15.43
N LEU T 347 62.58 -38.44 15.53
CA LEU T 347 62.81 -37.18 16.25
C LEU T 347 61.46 -36.70 16.77
N GLU T 348 61.28 -36.76 18.09
CA GLU T 348 60.03 -36.34 18.69
C GLU T 348 59.87 -34.83 18.62
N PHE T 349 58.75 -34.38 18.04
CA PHE T 349 58.47 -32.95 17.92
C PHE T 349 56.96 -32.78 17.81
N SER T 350 56.32 -32.46 18.95
CA SER T 350 54.88 -32.28 19.02
C SER T 350 54.58 -31.31 20.17
N GLU T 351 54.98 -30.05 19.99
CA GLU T 351 54.77 -29.02 21.00
C GLU T 351 54.04 -27.80 20.44
N ALA T 352 53.44 -27.91 19.25
CA ALA T 352 52.72 -26.79 18.66
C ALA T 352 51.41 -27.21 18.01
N ASP T 353 50.96 -28.45 18.20
CA ASP T 353 49.71 -28.89 17.59
C ASP T 353 48.51 -28.13 18.13
N GLU T 354 48.44 -27.97 19.45
CA GLU T 354 47.33 -27.25 20.07
C GLU T 354 47.35 -25.76 19.71
N PRO T 355 48.51 -25.08 19.75
CA PRO T 355 48.53 -23.69 19.26
C PRO T 355 48.16 -23.56 17.80
N MET T 356 48.59 -24.51 16.95
CA MET T 356 48.21 -24.46 15.55
C MET T 356 46.72 -24.63 15.36
N ALA T 357 46.11 -25.56 16.10
CA ALA T 357 44.67 -25.76 16.03
C ALA T 357 43.92 -24.53 16.53
N GLU T 358 44.44 -23.89 17.59
CA GLU T 358 43.81 -22.67 18.09
C GLU T 358 43.89 -21.55 17.06
N ILE T 359 45.05 -21.39 16.41
CA ILE T 359 45.18 -20.36 15.38
C ILE T 359 44.24 -20.66 14.22
N ALA T 360 44.10 -21.93 13.86
CA ALA T 360 43.22 -22.29 12.75
C ALA T 360 41.76 -21.99 13.08
N ILE T 361 41.30 -22.40 14.26
CA ILE T 361 39.91 -22.14 14.64
C ILE T 361 39.66 -20.67 14.92
N GLY T 362 40.70 -19.89 15.19
CA GLY T 362 40.55 -18.46 15.32
C GLY T 362 40.44 -17.78 13.97
N GLY T 363 41.24 -18.23 13.01
CA GLY T 363 41.17 -17.71 11.65
C GLY T 363 40.03 -18.24 10.82
N ASN T 364 39.31 -19.24 11.33
CA ASN T 364 38.12 -19.79 10.68
C ASN T 364 38.46 -20.41 9.33
N VAL T 365 38.76 -21.71 9.33
CA VAL T 365 39.08 -22.43 8.11
C VAL T 365 37.96 -23.37 7.67
N PHE T 366 37.11 -23.82 8.59
CA PHE T 366 36.05 -24.76 8.24
C PHE T 366 35.05 -24.13 7.29
N LEU T 367 34.65 -22.88 7.55
CA LEU T 367 33.77 -22.18 6.63
C LEU T 367 34.42 -22.01 5.26
N PHE T 368 35.72 -21.71 5.25
CA PHE T 368 36.43 -21.51 3.98
C PHE T 368 36.41 -22.79 3.15
N LEU T 369 36.76 -23.92 3.77
CA LEU T 369 36.80 -25.18 3.02
C LEU T 369 35.39 -25.62 2.63
N THR T 370 34.40 -25.37 3.48
CA THR T 370 33.03 -25.72 3.14
C THR T 370 32.54 -24.93 1.94
N GLU T 371 32.87 -23.63 1.89
CA GLU T 371 32.47 -22.82 0.74
C GLU T 371 33.24 -23.24 -0.51
N ALA T 372 34.53 -23.54 -0.37
CA ALA T 372 35.34 -23.90 -1.53
C ALA T 372 34.91 -25.23 -2.12
N VAL T 373 34.51 -26.19 -1.29
CA VAL T 373 34.03 -27.48 -1.79
C VAL T 373 32.67 -27.33 -2.45
N VAL T 374 31.81 -26.49 -1.87
CA VAL T 374 30.47 -26.31 -2.43
C VAL T 374 30.53 -25.59 -3.78
N GLY T 375 31.39 -24.57 -3.88
CA GLY T 375 31.48 -23.81 -5.12
C GLY T 375 32.03 -24.57 -6.29
N SER T 376 32.66 -25.72 -6.05
CA SER T 376 33.25 -26.54 -7.09
C SER T 376 32.50 -27.87 -7.21
N GLU T 377 32.62 -28.48 -8.39
CA GLU T 377 31.99 -29.76 -8.68
C GLU T 377 33.02 -30.87 -8.89
N SER T 378 34.24 -30.68 -8.40
CA SER T 378 35.28 -31.69 -8.59
C SER T 378 35.15 -32.84 -7.60
N PHE T 379 34.62 -32.58 -6.41
CA PHE T 379 34.47 -33.61 -5.39
C PHE T 379 33.26 -34.51 -5.63
N CYS T 380 32.42 -34.20 -6.62
CA CYS T 380 31.24 -35.02 -6.88
C CYS T 380 31.63 -36.39 -7.43
N THR T 381 32.56 -36.43 -8.38
CA THR T 381 33.00 -37.68 -8.96
C THR T 381 34.04 -38.35 -8.05
N ASP T 382 34.44 -39.56 -8.45
CA ASP T 382 35.45 -40.35 -7.75
C ASP T 382 35.01 -40.72 -6.33
N GLU T 383 34.61 -41.97 -6.12
CA GLU T 383 34.21 -42.44 -4.80
C GLU T 383 35.35 -42.39 -3.81
N PHE T 384 36.61 -42.44 -4.28
CA PHE T 384 37.74 -42.38 -3.38
C PHE T 384 37.84 -41.05 -2.67
N PHE T 385 37.41 -39.96 -3.32
CA PHE T 385 37.39 -38.66 -2.64
C PHE T 385 36.41 -38.67 -1.47
N ILE T 386 35.23 -39.24 -1.69
CA ILE T 386 34.23 -39.33 -0.62
C ILE T 386 34.75 -40.23 0.50
N ARG T 387 35.41 -41.34 0.14
CA ARG T 387 35.97 -42.22 1.16
C ARG T 387 37.03 -41.49 1.98
N ARG T 388 37.88 -40.70 1.33
CA ARG T 388 38.93 -39.99 2.04
C ARG T 388 38.37 -38.90 2.96
N ILE T 389 37.36 -38.16 2.48
CA ILE T 389 36.80 -37.12 3.34
C ILE T 389 36.02 -37.74 4.49
N HIS T 390 35.40 -38.91 4.27
CA HIS T 390 34.74 -39.61 5.38
C HIS T 390 35.77 -40.09 6.39
N LYS T 391 36.91 -40.61 5.92
CA LYS T 391 37.98 -41.01 6.83
C LYS T 391 38.49 -39.81 7.63
N LEU T 392 38.63 -38.66 6.97
CA LEU T 392 39.05 -37.45 7.69
C LEU T 392 38.04 -37.07 8.77
N VAL T 393 36.75 -37.09 8.42
CA VAL T 393 35.72 -36.70 9.38
C VAL T 393 35.68 -37.67 10.55
N THR T 394 35.91 -38.96 10.30
CA THR T 394 35.89 -39.95 11.37
C THR T 394 37.15 -39.90 12.22
N ASP T 395 38.28 -39.49 11.64
CA ASP T 395 39.55 -39.45 12.37
C ASP T 395 39.78 -38.14 13.09
N PHE T 396 39.06 -37.08 12.74
CA PHE T 396 39.23 -35.80 13.44
C PHE T 396 38.93 -35.90 14.93
N PRO T 397 37.76 -36.39 15.38
CA PRO T 397 37.52 -36.43 16.82
C PRO T 397 38.31 -37.51 17.54
N THR T 398 38.73 -38.56 16.86
CA THR T 398 39.56 -39.58 17.51
C THR T 398 40.94 -39.03 17.84
N LEU T 399 41.46 -38.11 17.03
CA LEU T 399 42.73 -37.47 17.33
C LEU T 399 42.59 -36.20 18.16
N MET T 400 41.39 -35.61 18.18
CA MET T 400 41.12 -34.44 19.01
C MET T 400 40.18 -34.86 20.14
N PRO T 401 40.70 -35.27 21.30
CA PRO T 401 39.83 -35.73 22.38
C PRO T 401 39.21 -34.61 23.18
N MET T 402 40.02 -33.92 23.99
CA MET T 402 39.49 -32.82 24.80
C MET T 402 39.12 -31.60 23.98
N LYS T 403 39.57 -31.53 22.72
CA LYS T 403 39.23 -30.40 21.88
C LYS T 403 37.73 -30.35 21.59
N VAL T 404 37.11 -31.52 21.42
CA VAL T 404 35.67 -31.57 21.16
C VAL T 404 34.90 -31.05 22.38
N LYS T 405 35.30 -31.48 23.58
CA LYS T 405 34.64 -31.00 24.79
C LYS T 405 34.86 -29.51 24.99
N GLN T 406 36.06 -29.01 24.70
CA GLN T 406 36.33 -27.59 24.81
C GLN T 406 35.49 -26.78 23.84
N LEU T 407 35.36 -27.26 22.60
CA LEU T 407 34.53 -26.58 21.62
C LEU T 407 33.06 -26.60 22.03
N ARG T 408 32.59 -27.72 22.59
CA ARG T 408 31.22 -27.80 23.04
C ARG T 408 30.96 -26.82 24.19
N ASN T 409 31.89 -26.74 25.14
CA ASN T 409 31.74 -25.80 26.25
C ASN T 409 31.76 -24.35 25.75
N ARG T 410 32.64 -24.05 24.80
CA ARG T 410 32.70 -22.70 24.26
C ARG T 410 31.43 -22.35 23.51
N ALA T 411 30.88 -23.30 22.75
CA ALA T 411 29.64 -23.06 22.03
C ALA T 411 28.47 -22.87 23.00
N GLU T 412 28.44 -23.64 24.09
CA GLU T 412 27.39 -23.46 25.09
C GLU T 412 27.50 -22.09 25.76
N GLU T 413 28.73 -21.67 26.07
CA GLU T 413 28.92 -20.35 26.68
C GLU T 413 28.51 -19.24 25.72
N ASP T 414 28.85 -19.38 24.44
CA ASP T 414 28.45 -18.37 23.45
C ASP T 414 26.94 -18.32 23.29
N ALA T 415 26.28 -19.49 23.31
CA ALA T 415 24.83 -19.52 23.21
C ALA T 415 24.18 -18.87 24.42
N ARG T 416 24.71 -19.14 25.62
CA ARG T 416 24.17 -18.51 26.82
C ARG T 416 24.38 -17.00 26.79
N LEU T 417 25.53 -16.55 26.29
CA LEU T 417 25.78 -15.12 26.17
C LEU T 417 24.83 -14.47 25.18
N ILE T 418 24.59 -15.12 24.04
CA ILE T 418 23.66 -14.59 23.05
C ILE T 418 22.25 -14.53 23.63
N GLN T 419 21.86 -15.57 24.38
CA GLN T 419 20.53 -15.58 24.99
C GLN T 419 20.36 -14.45 26.00
N MET T 420 21.35 -14.28 26.89
CA MET T 420 21.25 -13.21 27.87
C MET T 420 21.30 -11.84 27.23
N SER T 421 22.05 -11.69 26.13
CA SER T 421 22.10 -10.40 25.44
C SER T 421 20.77 -10.08 24.78
N MET T 422 20.18 -11.06 24.09
CA MET T 422 18.88 -10.82 23.46
C MET T 422 17.76 -10.70 24.50
N GLN T 423 17.98 -11.19 25.72
CA GLN T 423 16.99 -11.01 26.77
C GLN T 423 17.09 -9.64 27.42
N MET T 424 18.32 -9.15 27.64
CA MET T 424 18.51 -7.85 28.25
C MET T 424 18.39 -6.69 27.26
N GLY T 425 18.42 -6.97 25.95
CA GLY T 425 18.20 -5.96 24.94
C GLY T 425 19.42 -5.68 24.07
N ASN T 426 20.61 -6.10 24.49
CA ASN T 426 21.82 -5.84 23.73
C ASN T 426 21.87 -6.73 22.48
N GLU T 427 22.77 -6.38 21.57
CA GLU T 427 22.92 -7.15 20.35
C GLU T 427 23.62 -8.47 20.64
N PRO T 428 23.22 -9.55 19.97
CA PRO T 428 23.86 -10.85 20.21
C PRO T 428 25.30 -10.84 19.72
N PRO T 429 26.24 -11.26 20.55
CA PRO T 429 27.65 -11.28 20.13
C PRO T 429 27.91 -12.39 19.13
N ALA T 430 28.67 -12.06 18.08
CA ALA T 430 29.02 -13.00 17.02
C ALA T 430 30.41 -13.54 17.32
N SER T 431 30.47 -14.64 18.07
CA SER T 431 31.74 -15.26 18.42
C SER T 431 32.18 -16.24 17.34
N LEU T 432 33.48 -16.55 17.35
CA LEU T 432 34.07 -17.46 16.38
C LEU T 432 34.13 -18.91 16.91
N ARG T 433 33.13 -19.33 17.67
CA ARG T 433 33.09 -20.67 18.24
C ARG T 433 32.09 -21.57 17.52
N ARG T 434 31.80 -21.29 16.25
CA ARG T 434 30.87 -22.09 15.47
C ARG T 434 31.57 -23.13 14.59
N ASP T 435 32.78 -23.56 14.99
CA ASP T 435 33.51 -24.53 14.19
C ASP T 435 32.77 -25.87 14.11
N LEU T 436 32.09 -26.25 15.18
CA LEU T 436 31.30 -27.48 15.15
C LEU T 436 30.18 -27.38 14.12
N GLU T 437 29.47 -26.25 14.11
CA GLU T 437 28.39 -26.07 13.14
C GLU T 437 28.93 -25.97 11.73
N HIS T 438 30.14 -25.43 11.54
CA HIS T 438 30.72 -25.38 10.21
C HIS T 438 31.10 -26.77 9.71
N LEU T 439 31.71 -27.58 10.59
CA LEU T 439 32.02 -28.95 10.22
C LEU T 439 30.75 -29.75 9.93
N LEU T 440 29.70 -29.50 10.70
CA LEU T 440 28.42 -30.18 10.45
C LEU T 440 27.82 -29.75 9.12
N LEU T 441 27.91 -28.46 8.79
CA LEU T 441 27.44 -27.98 7.49
C LEU T 441 28.22 -28.64 6.36
N LEU T 442 29.54 -28.76 6.53
CA LEU T 442 30.35 -29.42 5.52
C LEU T 442 29.93 -30.88 5.34
N ILE T 443 29.80 -31.62 6.44
CA ILE T 443 29.46 -33.03 6.34
C ILE T 443 28.02 -33.25 5.89
N GLY T 444 27.16 -32.24 6.04
CA GLY T 444 25.80 -32.35 5.55
C GLY T 444 25.68 -32.02 4.09
N GLU T 445 26.47 -31.06 3.61
CA GLU T 445 26.45 -30.71 2.20
C GLU T 445 27.22 -31.72 1.36
N LEU T 446 28.20 -32.41 1.94
CA LEU T 446 28.95 -33.42 1.20
C LEU T 446 28.01 -34.53 0.70
N TYR T 447 27.23 -35.11 1.61
CA TYR T 447 26.32 -36.19 1.23
C TYR T 447 25.19 -35.68 0.34
N ARG T 448 24.81 -34.41 0.48
CA ARG T 448 23.74 -33.86 -0.35
C ARG T 448 24.20 -33.60 -1.78
N LYS T 449 25.46 -33.21 -1.96
CA LYS T 449 25.97 -32.93 -3.29
C LYS T 449 26.63 -34.13 -3.95
N ASP T 450 26.96 -35.17 -3.18
CA ASP T 450 27.55 -36.37 -3.76
C ASP T 450 26.50 -37.15 -4.55
N PRO T 451 26.69 -37.35 -5.86
CA PRO T 451 25.68 -38.08 -6.64
C PRO T 451 25.68 -39.58 -6.38
N PHE T 452 26.72 -40.12 -5.75
CA PHE T 452 26.77 -41.55 -5.47
C PHE T 452 25.80 -41.90 -4.34
N HIS T 453 25.59 -43.20 -4.18
CA HIS T 453 24.66 -43.73 -3.17
C HIS T 453 25.39 -44.81 -2.37
N LEU T 454 26.31 -44.39 -1.50
CA LEU T 454 27.03 -45.30 -0.62
C LEU T 454 26.50 -45.31 0.80
N GLU T 455 25.58 -44.40 1.14
CA GLU T 455 24.98 -44.31 2.47
C GLU T 455 26.04 -44.14 3.55
N LEU T 456 26.58 -42.93 3.68
CA LEU T 456 27.55 -42.65 4.73
C LEU T 456 26.91 -42.62 6.12
N ALA T 457 25.59 -42.39 6.19
CA ALA T 457 24.91 -42.38 7.49
C ALA T 457 24.95 -43.76 8.15
N LEU T 458 24.95 -44.82 7.35
CA LEU T 458 25.00 -46.17 7.91
C LEU T 458 26.29 -46.40 8.68
N GLU T 459 27.40 -45.86 8.19
CA GLU T 459 28.67 -45.95 8.91
C GLU T 459 28.84 -44.88 9.96
N TYR T 460 28.15 -43.75 9.82
CA TYR T 460 28.26 -42.68 10.82
C TYR T 460 27.47 -43.00 12.08
N TRP T 461 26.27 -43.54 11.94
CA TRP T 461 25.43 -43.83 13.09
C TRP T 461 25.87 -45.13 13.77
N CYS T 462 25.34 -45.36 14.97
CA CYS T 462 25.64 -46.53 15.77
C CYS T 462 24.68 -47.67 15.43
N PRO T 463 25.19 -48.90 15.29
CA PRO T 463 24.31 -50.03 15.00
C PRO T 463 23.37 -50.41 16.13
N THR T 464 23.53 -49.80 17.31
CA THR T 464 22.65 -50.11 18.44
C THR T 464 21.25 -49.55 18.28
N GLU T 465 21.02 -48.70 17.27
CA GLU T 465 19.70 -48.15 17.05
C GLU T 465 18.75 -49.24 16.53
N PRO T 466 17.46 -49.17 16.87
CA PRO T 466 16.52 -50.22 16.44
C PRO T 466 16.35 -50.28 14.93
N LEU T 467 17.19 -51.08 14.27
CA LEU T 467 17.08 -51.30 12.83
C LEU T 467 17.86 -52.54 12.44
N GLN T 468 17.25 -53.72 12.60
CA GLN T 468 17.89 -54.99 12.28
C GLN T 468 16.95 -55.82 11.42
N SER T 469 17.52 -56.80 10.72
CA SER T 469 16.77 -57.72 9.88
C SER T 469 16.97 -59.14 10.38
N THR T 470 16.36 -59.43 11.52
CA THR T 470 16.49 -60.73 12.16
C THR T 470 15.30 -61.62 11.80
N SER T 471 15.52 -62.93 11.91
CA SER T 471 14.48 -63.91 11.61
C SER T 471 14.80 -65.25 12.26
N LEU T 472 15.88 -65.30 13.03
CA LEU T 472 16.34 -66.52 13.70
C LEU T 472 16.35 -66.31 15.20
N MET T 473 16.77 -67.34 15.92
CA MET T 473 16.84 -67.32 17.38
C MET T 473 18.31 -67.21 17.79
N GLY T 474 18.70 -66.04 18.27
CA GLY T 474 20.08 -65.84 18.70
C GLY T 474 21.09 -65.81 17.58
N SER T 475 20.67 -65.49 16.36
CA SER T 475 21.58 -65.43 15.23
C SER T 475 20.97 -64.52 14.17
N PHE T 476 21.81 -64.12 13.21
CA PHE T 476 21.42 -63.26 12.10
C PHE T 476 20.84 -61.93 12.62
N LEU T 477 21.74 -61.11 13.16
CA LEU T 477 21.39 -59.81 13.72
C LEU T 477 20.34 -59.94 14.81
N GLY T 478 20.46 -60.98 15.62
CA GLY T 478 19.52 -61.22 16.70
C GLY T 478 20.17 -61.74 17.96
N VAL T 479 21.47 -62.01 17.89
CA VAL T 479 22.22 -62.51 19.05
C VAL T 479 22.41 -61.38 20.04
N ALA T 480 22.30 -61.70 21.32
CA ALA T 480 22.45 -60.71 22.38
C ALA T 480 23.86 -60.76 22.96
N HIS T 481 24.09 -59.95 24.00
CA HIS T 481 25.39 -59.88 24.69
C HIS T 481 26.51 -59.51 23.72
N GLN T 482 26.23 -58.60 22.80
CA GLN T 482 27.19 -58.13 21.82
C GLN T 482 27.61 -56.71 22.14
N ARG T 483 28.72 -56.28 21.55
CA ARG T 483 29.27 -54.95 21.77
C ARG T 483 29.40 -54.23 20.43
N PRO T 484 28.78 -53.07 20.25
CA PRO T 484 28.95 -52.31 19.02
C PRO T 484 30.36 -51.78 18.90
N PRO T 485 30.78 -51.29 17.73
CA PRO T 485 32.11 -50.70 17.60
C PRO T 485 32.30 -49.53 18.55
N GLN T 486 33.55 -49.35 18.97
CA GLN T 486 33.85 -48.32 19.97
C GLN T 486 33.62 -46.92 19.41
N ARG T 487 33.97 -46.70 18.13
CA ARG T 487 33.74 -45.39 17.52
C ARG T 487 32.25 -45.07 17.45
N GLN T 488 31.44 -46.04 17.03
CA GLN T 488 30.01 -45.82 16.97
C GLN T 488 29.40 -45.63 18.35
N VAL T 489 29.92 -46.35 19.36
CA VAL T 489 29.43 -46.18 20.72
C VAL T 489 29.75 -44.77 21.22
N LEU T 490 30.96 -44.30 20.95
CA LEU T 490 31.33 -42.94 21.36
C LEU T 490 30.50 -41.89 20.63
N LEU T 491 30.22 -42.12 19.34
CA LEU T 491 29.38 -41.18 18.61
C LEU T 491 27.96 -41.15 19.15
N SER T 492 27.40 -42.32 19.49
CA SER T 492 26.06 -42.36 20.07
C SER T 492 26.04 -41.69 21.44
N LYS T 493 27.10 -41.87 22.24
CA LYS T 493 27.17 -41.21 23.53
C LYS T 493 27.25 -39.70 23.37
N PHE T 494 28.03 -39.22 22.40
CA PHE T 494 28.11 -37.79 22.15
C PHE T 494 26.78 -37.24 21.68
N VAL T 495 26.06 -38.00 20.85
CA VAL T 495 24.74 -37.56 20.39
C VAL T 495 23.78 -37.47 21.56
N ARG T 496 23.77 -38.49 22.43
CA ARG T 496 22.89 -38.46 23.59
C ARG T 496 23.24 -37.33 24.55
N GLN T 497 24.53 -36.98 24.66
CA GLN T 497 24.93 -35.89 25.53
C GLN T 497 24.54 -34.54 24.93
N MET T 498 24.68 -34.38 23.62
CA MET T 498 24.31 -33.14 22.96
C MET T 498 22.80 -32.97 22.85
N SER T 499 22.04 -34.06 22.94
CA SER T 499 20.58 -33.95 22.90
C SER T 499 20.05 -33.15 24.09
N ASP T 500 20.73 -33.21 25.22
CA ASP T 500 20.35 -32.45 26.41
C ASP T 500 21.14 -31.15 26.47
N LEU T 501 20.47 -30.08 26.89
CA LEU T 501 21.05 -28.74 26.97
C LEU T 501 21.61 -28.30 25.61
N LEU T 502 20.69 -28.19 24.67
CA LEU T 502 21.05 -27.82 23.31
C LEU T 502 21.39 -26.34 23.23
N PRO T 503 22.48 -25.95 22.58
CA PRO T 503 22.80 -24.52 22.46
C PRO T 503 21.79 -23.82 21.55
N ALA T 504 21.53 -22.55 21.88
CA ALA T 504 20.57 -21.76 21.11
C ALA T 504 21.12 -21.34 19.74
N THR T 505 22.44 -21.35 19.58
CA THR T 505 23.04 -20.96 18.31
C THR T 505 23.12 -22.11 17.31
N LEU T 506 22.78 -23.33 17.72
CA LEU T 506 22.82 -24.49 16.83
C LEU T 506 21.44 -25.14 16.70
N TYR T 507 20.38 -24.35 16.89
CA TYR T 507 19.03 -24.89 16.80
C TYR T 507 18.64 -25.26 15.37
N LEU T 508 19.29 -24.67 14.38
CA LEU T 508 18.97 -24.91 12.97
C LEU T 508 19.97 -25.85 12.29
N PRO T 509 21.28 -25.76 12.59
CA PRO T 509 22.21 -26.74 11.99
C PRO T 509 21.88 -28.19 12.33
N TYR T 510 21.34 -28.47 13.52
CA TYR T 510 21.01 -29.85 13.86
C TYR T 510 19.92 -30.39 12.92
N LEU T 511 18.87 -29.60 12.69
CA LEU T 511 17.82 -30.03 11.78
C LEU T 511 18.33 -30.08 10.34
N LYS T 512 19.22 -29.16 9.97
CA LYS T 512 19.79 -29.19 8.62
C LYS T 512 20.56 -30.48 8.38
N MET T 513 21.41 -30.87 9.34
CA MET T 513 22.19 -32.08 9.21
C MET T 513 21.32 -33.33 9.32
N LEU T 514 20.24 -33.28 10.09
CA LEU T 514 19.29 -34.37 10.10
C LEU T 514 18.67 -34.56 8.72
N ARG T 515 18.26 -33.45 8.07
CA ARG T 515 17.75 -33.53 6.71
C ARG T 515 18.81 -34.08 5.76
N GLY T 516 20.05 -33.63 5.90
CA GLY T 516 21.11 -34.10 5.02
C GLY T 516 21.41 -35.58 5.17
N LEU T 517 21.31 -36.10 6.40
CA LEU T 517 21.58 -37.50 6.66
C LEU T 517 20.37 -38.40 6.41
N ALA T 518 19.16 -37.83 6.34
CA ALA T 518 17.98 -38.64 6.09
C ALA T 518 17.90 -39.16 4.66
N SER T 519 18.87 -38.85 3.79
CA SER T 519 18.83 -39.33 2.43
C SER T 519 19.19 -40.81 2.38
N GLY T 520 18.33 -41.60 1.73
CA GLY T 520 18.52 -43.03 1.64
C GLY T 520 17.51 -43.78 2.49
N PRO T 521 17.17 -45.00 2.08
CA PRO T 521 16.14 -45.77 2.81
C PRO T 521 16.58 -46.15 4.22
N GLN T 522 17.73 -46.85 4.33
CA GLN T 522 18.21 -47.25 5.64
C GLN T 522 18.61 -46.06 6.49
N CYS T 523 19.14 -45.01 5.88
CA CYS T 523 19.47 -43.80 6.63
C CYS T 523 18.22 -43.13 7.19
N ALA T 524 17.16 -43.06 6.38
CA ALA T 524 15.91 -42.50 6.87
C ALA T 524 15.30 -43.37 7.96
N HIS T 525 15.45 -44.69 7.85
CA HIS T 525 14.97 -45.58 8.90
C HIS T 525 15.73 -45.36 10.20
N TYR T 526 17.06 -45.19 10.11
CA TYR T 526 17.85 -44.89 11.30
C TYR T 526 17.46 -43.56 11.91
N CYS T 527 17.21 -42.56 11.06
CA CYS T 527 16.79 -41.25 11.57
C CYS T 527 15.42 -41.34 12.25
N PHE T 528 14.51 -42.12 11.69
CA PHE T 528 13.20 -42.30 12.31
C PHE T 528 13.33 -43.03 13.64
N SER T 529 14.23 -44.03 13.71
CA SER T 529 14.47 -44.72 14.97
C SER T 529 15.03 -43.77 16.03
N LEU T 530 15.97 -42.91 15.62
CA LEU T 530 16.52 -41.92 16.55
C LEU T 530 15.44 -40.94 17.02
N LEU T 531 14.57 -40.51 16.10
CA LEU T 531 13.49 -39.61 16.47
C LEU T 531 12.51 -40.27 17.44
N LYS T 532 12.20 -41.56 17.21
CA LYS T 532 11.31 -42.28 18.11
C LYS T 532 11.95 -42.47 19.47
N ALA T 533 13.26 -42.72 19.52
CA ALA T 533 13.94 -42.85 20.80
C ALA T 533 14.02 -41.52 21.53
N ASN T 534 14.13 -40.41 20.80
CA ASN T 534 14.19 -39.10 21.44
C ASN T 534 12.82 -38.66 21.93
N GLY T 535 11.76 -38.97 21.20
CA GLY T 535 10.43 -38.56 21.59
C GLY T 535 9.92 -39.33 22.80
N GLY T 536 8.86 -38.79 23.39
CA GLY T 536 8.24 -39.35 24.56
C GLY T 536 8.13 -38.34 25.68
N SER T 537 7.85 -38.85 26.88
CA SER T 537 7.73 -38.01 28.05
C SER T 537 9.10 -37.54 28.53
N SER T 538 9.59 -36.44 27.98
CA SER T 538 10.88 -35.88 28.33
C SER T 538 10.71 -34.41 28.72
N ALA T 539 11.80 -33.83 29.20
CA ALA T 539 11.82 -32.44 29.62
C ALA T 539 12.83 -31.59 28.87
N GLU T 540 14.00 -32.13 28.55
CA GLU T 540 15.04 -31.41 27.83
C GLU T 540 14.96 -31.63 26.32
N ASN T 541 13.80 -32.00 25.80
CA ASN T 541 13.62 -32.23 24.38
C ASN T 541 12.41 -31.49 23.82
N LEU T 542 11.88 -30.51 24.57
CA LEU T 542 10.73 -29.74 24.14
C LEU T 542 10.99 -28.24 24.12
N GLN T 543 12.22 -27.81 24.36
CA GLN T 543 12.59 -26.40 24.38
C GLN T 543 13.41 -26.06 23.14
N ALA T 544 13.78 -24.79 23.03
CA ALA T 544 14.58 -24.30 21.90
C ALA T 544 15.96 -23.85 22.34
N ALA T 545 16.06 -22.94 23.30
CA ALA T 545 17.35 -22.46 23.77
C ALA T 545 18.05 -23.45 24.69
N GLY T 546 17.35 -24.50 25.13
CA GLY T 546 17.96 -25.50 26.00
C GLY T 546 17.43 -26.90 25.75
N GLY T 547 16.63 -27.05 24.70
CA GLY T 547 16.07 -28.34 24.37
C GLY T 547 16.31 -28.68 22.91
N SER T 548 16.15 -29.97 22.60
CA SER T 548 16.35 -30.45 21.24
C SER T 548 15.05 -30.38 20.45
N PRO T 549 15.11 -29.92 19.19
CA PRO T 549 13.89 -29.85 18.38
C PRO T 549 13.44 -31.19 17.81
N VAL T 550 14.31 -32.19 17.81
CA VAL T 550 13.97 -33.51 17.26
C VAL T 550 13.12 -34.27 18.28
N SER T 551 11.80 -34.16 18.14
CA SER T 551 10.86 -34.82 19.04
C SER T 551 9.45 -34.66 18.48
N TRP T 552 8.67 -35.74 18.54
CA TRP T 552 7.28 -35.67 18.10
C TRP T 552 6.49 -34.67 18.92
N ASP T 553 6.62 -34.74 20.24
CA ASP T 553 5.89 -33.81 21.10
C ASP T 553 6.36 -32.37 20.89
N HIS T 554 7.66 -32.18 20.63
CA HIS T 554 8.16 -30.85 20.35
C HIS T 554 7.56 -30.28 19.07
N PHE T 555 7.56 -31.08 18.00
CA PHE T 555 6.96 -30.63 16.74
C PHE T 555 5.47 -30.36 16.91
N PHE T 556 4.79 -31.18 17.70
CA PHE T 556 3.35 -30.99 17.91
C PHE T 556 3.07 -29.71 18.69
N HIS T 557 3.86 -29.44 19.73
CA HIS T 557 3.65 -28.21 20.49
C HIS T 557 4.00 -26.98 19.67
N SER T 558 5.00 -27.11 18.78
CA SER T 558 5.32 -26.01 17.87
C SER T 558 4.17 -25.74 16.91
N LEU T 559 3.61 -26.80 16.33
CA LEU T 559 2.46 -26.62 15.44
C LEU T 559 1.28 -26.03 16.18
N MET T 560 1.07 -26.45 17.43
CA MET T 560 -0.02 -25.88 18.23
C MET T 560 0.21 -24.40 18.51
N LEU T 561 1.45 -24.02 18.79
CA LEU T 561 1.76 -22.61 19.03
C LEU T 561 1.55 -21.78 17.76
N TYR T 562 1.92 -22.34 16.60
CA TYR T 562 1.71 -21.61 15.35
C TYR T 562 0.22 -21.48 15.04
N HIS T 563 -0.56 -22.53 15.32
CA HIS T 563 -2.01 -22.44 15.14
C HIS T 563 -2.62 -21.41 16.08
N GLU T 564 -2.11 -21.34 17.32
CA GLU T 564 -2.60 -20.33 18.26
C GLU T 564 -2.24 -18.93 17.80
N HIS T 565 -1.05 -18.76 17.20
CA HIS T 565 -0.68 -17.46 16.65
C HIS T 565 -1.60 -17.08 15.49
N LEU T 566 -1.90 -18.04 14.61
CA LEU T 566 -2.81 -17.77 13.51
C LEU T 566 -4.20 -17.42 14.00
N ARG T 567 -4.67 -18.09 15.06
CA ARG T 567 -5.98 -17.77 15.62
C ARG T 567 -5.99 -16.42 16.31
N ARG T 568 -4.87 -16.03 16.94
CA ARG T 568 -4.77 -14.70 17.51
C ARG T 568 -4.78 -13.63 16.43
N ASP T 569 -4.15 -13.92 15.29
CA ASP T 569 -4.27 -13.04 14.14
C ASP T 569 -5.71 -12.92 13.68
N LEU T 570 -6.39 -14.06 13.51
CA LEU T 570 -7.80 -14.10 13.21
C LEU T 570 -8.35 -15.48 13.57
N PRO T 571 -9.38 -15.56 14.42
CA PRO T 571 -9.89 -16.88 14.84
C PRO T 571 -10.83 -17.50 13.82
N ASN T 572 -10.45 -17.45 12.55
CA ASN T 572 -11.25 -18.04 11.48
C ASN T 572 -10.34 -18.39 10.31
N THR T 573 -10.84 -19.26 9.45
CA THR T 573 -10.08 -19.66 8.26
C THR T 573 -10.02 -18.51 7.26
N ASP T 574 -8.94 -18.50 6.47
CA ASP T 574 -8.69 -17.47 5.48
C ASP T 574 -8.68 -16.08 6.10
N ASN T 575 -7.53 -15.67 6.64
CA ASN T 575 -7.43 -14.38 7.29
C ASN T 575 -7.53 -13.24 6.28
N ILE T 576 -8.14 -12.14 6.70
CA ILE T 576 -8.30 -10.96 5.87
C ILE T 576 -7.47 -9.78 6.34
N HIS T 577 -6.99 -9.79 7.59
CA HIS T 577 -6.20 -8.69 8.10
C HIS T 577 -5.35 -9.20 9.26
N GLN T 578 -4.10 -8.75 9.32
CA GLN T 578 -3.18 -9.14 10.38
C GLN T 578 -3.06 -8.00 11.38
N ARG T 579 -3.41 -8.27 12.64
CA ARG T 579 -3.35 -7.23 13.67
C ARG T 579 -1.90 -6.96 14.07
N HIS T 580 -1.12 -8.01 14.32
CA HIS T 580 0.27 -7.89 14.71
C HIS T 580 1.10 -8.92 13.96
N PRO T 581 2.32 -8.57 13.57
CA PRO T 581 3.17 -9.54 12.87
C PRO T 581 3.71 -10.58 13.83
N PRO T 582 3.43 -11.86 13.58
CA PRO T 582 3.93 -12.92 14.46
C PRO T 582 5.42 -13.12 14.27
N LEU T 583 6.00 -13.94 15.16
CA LEU T 583 7.42 -14.24 15.07
C LEU T 583 7.72 -15.08 13.83
N ARG T 584 6.88 -16.09 13.56
CA ARG T 584 7.06 -16.91 12.36
C ARG T 584 6.74 -16.10 11.12
N GLY T 585 7.75 -15.45 10.56
CA GLY T 585 7.58 -14.58 9.41
C GLY T 585 8.49 -13.37 9.50
N ILE T 586 8.78 -12.94 10.71
CA ILE T 586 9.72 -11.85 10.94
C ILE T 586 11.04 -12.31 11.54
N THR T 587 11.10 -13.50 12.13
CA THR T 587 12.32 -14.04 12.69
C THR T 587 12.89 -15.08 11.72
N GLN T 588 14.13 -14.87 11.29
CA GLN T 588 14.75 -15.78 10.34
C GLN T 588 15.06 -17.14 10.98
N ARG T 589 15.25 -17.17 12.31
CA ARG T 589 15.53 -18.43 12.98
C ARG T 589 14.33 -19.38 12.88
N GLU T 590 13.13 -18.88 13.14
CA GLU T 590 11.94 -19.70 13.04
C GLU T 590 11.71 -20.16 11.61
N LEU T 591 11.95 -19.28 10.64
CA LEU T 591 11.82 -19.65 9.24
C LEU T 591 12.76 -20.79 8.89
N ASP T 592 14.04 -20.65 9.24
CA ASP T 592 15.01 -21.70 8.95
C ASP T 592 14.64 -23.00 9.65
N GLY T 593 14.19 -22.92 10.90
CA GLY T 593 13.80 -24.12 11.63
C GLY T 593 12.63 -24.85 10.99
N LEU T 594 11.59 -24.10 10.61
CA LEU T 594 10.44 -24.72 9.97
C LEU T 594 10.79 -25.33 8.63
N ILE T 595 11.57 -24.60 7.81
CA ILE T 595 11.97 -25.15 6.51
C ILE T 595 12.79 -26.41 6.70
N ALA T 596 13.73 -26.40 7.65
CA ALA T 596 14.58 -27.56 7.88
C ALA T 596 13.77 -28.76 8.35
N CYS T 597 12.85 -28.54 9.30
CA CYS T 597 12.05 -29.65 9.82
C CYS T 597 11.12 -30.20 8.76
N LEU T 598 10.51 -29.32 7.95
CA LEU T 598 9.62 -29.80 6.90
C LEU T 598 10.37 -30.56 5.83
N GLN T 599 11.56 -30.08 5.45
CA GLN T 599 12.35 -30.80 4.45
C GLN T 599 12.84 -32.14 5.01
N LEU T 600 13.19 -32.19 6.29
CA LEU T 600 13.60 -33.45 6.90
C LEU T 600 12.45 -34.45 6.92
N THR T 601 11.24 -34.01 7.29
CA THR T 601 10.09 -34.89 7.27
C THR T 601 9.77 -35.36 5.87
N CYS T 602 9.91 -34.47 4.88
CA CYS T 602 9.66 -34.85 3.49
C CYS T 602 10.66 -35.90 3.02
N THR T 603 11.93 -35.71 3.34
CA THR T 603 12.95 -36.70 2.98
C THR T 603 12.68 -38.03 3.67
N ILE T 604 12.26 -37.99 4.94
CA ILE T 604 11.98 -39.21 5.67
C ILE T 604 10.83 -39.98 5.02
N ILE T 605 9.73 -39.28 4.74
CA ILE T 605 8.57 -39.95 4.15
C ILE T 605 8.80 -40.32 2.69
N ASP T 606 9.80 -39.72 2.03
CA ASP T 606 10.10 -40.09 0.66
C ASP T 606 11.02 -41.30 0.60
N TRP T 607 11.96 -41.42 1.55
CA TRP T 607 12.88 -42.54 1.56
C TRP T 607 12.39 -43.72 2.41
N SER T 608 11.30 -43.56 3.14
CA SER T 608 10.77 -44.65 3.96
C SER T 608 9.24 -44.57 3.98
N GLU T 609 8.62 -45.72 4.14
CA GLU T 609 7.17 -45.83 4.20
C GLU T 609 6.65 -46.15 5.60
N SER T 610 7.37 -46.98 6.36
CA SER T 610 6.93 -47.30 7.71
C SER T 610 6.95 -46.06 8.61
N ALA T 611 8.00 -45.24 8.49
CA ALA T 611 8.05 -44.02 9.27
C ALA T 611 6.93 -43.06 8.88
N ARG T 612 6.64 -42.96 7.59
CA ARG T 612 5.54 -42.12 7.13
C ARG T 612 4.22 -42.58 7.71
N LEU T 613 3.96 -43.90 7.66
CA LEU T 613 2.73 -44.42 8.22
C LEU T 613 2.66 -44.18 9.73
N ALA T 614 3.79 -44.34 10.43
CA ALA T 614 3.81 -44.14 11.87
C ALA T 614 3.52 -42.68 12.24
N LEU T 615 4.10 -41.73 11.50
CA LEU T 615 3.87 -40.33 11.81
C LEU T 615 2.53 -39.82 11.27
N CYS T 616 1.90 -40.54 10.35
CA CYS T 616 0.60 -40.14 9.85
C CYS T 616 -0.55 -40.74 10.65
N GLU T 617 -0.34 -41.91 11.27
CA GLU T 617 -1.36 -42.55 12.10
C GLU T 617 -1.12 -42.31 13.58
N HIS T 618 -0.85 -41.06 13.97
CA HIS T 618 -0.61 -40.72 15.36
C HIS T 618 -1.93 -40.57 16.09
N ALA T 619 -2.05 -41.21 17.25
CA ALA T 619 -3.27 -41.16 18.05
C ALA T 619 -3.30 -39.97 19.01
N GLN T 620 -2.17 -39.32 19.26
CA GLN T 620 -2.16 -38.19 20.17
C GLN T 620 -2.80 -36.96 19.52
N TRP T 621 -2.36 -36.61 18.31
CA TRP T 621 -2.91 -35.47 17.58
C TRP T 621 -2.95 -35.82 16.09
N MET T 622 -3.91 -35.20 15.38
CA MET T 622 -4.06 -35.44 13.97
C MET T 622 -3.47 -34.27 13.19
N PRO T 623 -2.29 -34.41 12.59
CA PRO T 623 -1.70 -33.30 11.82
C PRO T 623 -2.30 -33.11 10.44
N VAL T 624 -3.07 -34.08 9.94
CA VAL T 624 -3.65 -33.96 8.61
C VAL T 624 -4.63 -32.79 8.56
N VAL T 625 -5.49 -32.69 9.58
CA VAL T 625 -6.46 -31.59 9.63
C VAL T 625 -5.75 -30.26 9.80
N VAL T 626 -4.66 -30.24 10.56
CA VAL T 626 -3.91 -29.00 10.76
C VAL T 626 -3.29 -28.53 9.45
N ILE T 627 -2.69 -29.46 8.70
CA ILE T 627 -2.09 -29.12 7.41
C ILE T 627 -3.17 -28.68 6.43
N LEU T 628 -4.33 -29.33 6.47
CA LEU T 628 -5.43 -28.94 5.58
C LEU T 628 -5.90 -27.52 5.91
N GLY T 629 -6.04 -27.20 7.18
CA GLY T 629 -6.43 -25.85 7.56
C GLY T 629 -5.39 -24.81 7.19
N LEU T 630 -4.11 -25.16 7.35
CA LEU T 630 -3.05 -24.25 6.95
C LEU T 630 -3.03 -24.02 5.44
N LEU T 631 -3.34 -25.05 4.66
CA LEU T 631 -3.41 -24.88 3.21
C LEU T 631 -4.63 -24.07 2.81
N GLN T 632 -5.75 -24.24 3.54
CA GLN T 632 -6.93 -23.43 3.27
C GLN T 632 -6.66 -21.96 3.59
N CYS T 633 -5.97 -21.69 4.69
CA CYS T 633 -5.66 -20.32 5.09
C CYS T 633 -4.48 -19.79 4.28
N SER T 634 -4.09 -18.55 4.56
CA SER T 634 -2.99 -17.90 3.86
C SER T 634 -1.68 -18.18 4.57
N ILE T 635 -0.70 -18.70 3.82
CA ILE T 635 0.62 -19.02 4.36
C ILE T 635 1.65 -18.65 3.29
N PRO T 636 2.90 -18.35 3.65
CA PRO T 636 3.90 -17.96 2.65
C PRO T 636 4.03 -19.00 1.55
N PRO T 637 4.48 -18.59 0.36
CA PRO T 637 4.56 -19.54 -0.76
C PRO T 637 5.58 -20.65 -0.55
N LEU T 638 6.68 -20.38 0.16
CA LEU T 638 7.64 -21.44 0.47
C LEU T 638 6.98 -22.52 1.32
N LEU T 639 6.28 -22.11 2.38
CA LEU T 639 5.57 -23.08 3.22
C LEU T 639 4.47 -23.79 2.43
N LYS T 640 3.82 -23.07 1.52
CA LYS T 640 2.79 -23.71 0.70
C LYS T 640 3.37 -24.81 -0.16
N ALA T 641 4.48 -24.53 -0.85
CA ALA T 641 5.11 -25.55 -1.69
C ALA T 641 5.65 -26.69 -0.85
N GLU T 642 6.18 -26.39 0.34
CA GLU T 642 6.68 -27.44 1.21
C GLU T 642 5.56 -28.36 1.66
N LEU T 643 4.42 -27.79 2.06
CA LEU T 643 3.27 -28.61 2.45
C LEU T 643 2.73 -29.40 1.26
N LEU T 644 2.76 -28.82 0.06
CA LEU T 644 2.27 -29.53 -1.12
C LEU T 644 3.13 -30.75 -1.42
N LYS T 645 4.46 -30.57 -1.42
CA LYS T 645 5.32 -31.73 -1.69
C LYS T 645 5.29 -32.73 -0.55
N THR T 646 5.08 -32.28 0.69
CA THR T 646 4.92 -33.20 1.80
C THR T 646 3.65 -34.03 1.64
N LEU T 647 2.55 -33.40 1.24
CA LEU T 647 1.31 -34.14 0.99
C LEU T 647 1.45 -35.08 -0.19
N ALA T 648 2.22 -34.69 -1.22
CA ALA T 648 2.47 -35.59 -2.34
C ALA T 648 3.24 -36.83 -1.90
N ALA T 649 4.32 -36.62 -1.13
CA ALA T 649 5.09 -37.75 -0.61
C ALA T 649 4.25 -38.61 0.33
N PHE T 650 3.30 -38.00 1.04
CA PHE T 650 2.35 -38.78 1.85
C PHE T 650 1.46 -39.63 0.96
N GLY T 651 0.87 -39.04 -0.06
CA GLY T 651 -0.02 -39.73 -0.97
C GLY T 651 0.71 -40.58 -2.00
N LYS T 652 2.02 -40.74 -1.82
CA LYS T 652 2.75 -41.71 -2.64
C LYS T 652 2.15 -43.11 -2.54
N SER T 653 1.52 -43.44 -1.41
CA SER T 653 0.81 -44.69 -1.24
C SER T 653 -0.59 -44.60 -1.85
N PRO T 654 -1.16 -45.73 -2.27
CA PRO T 654 -2.48 -45.70 -2.93
C PRO T 654 -3.61 -45.25 -2.03
N GLU T 655 -3.68 -45.81 -0.81
CA GLU T 655 -4.77 -45.44 0.09
C GLU T 655 -4.65 -43.99 0.55
N ILE T 656 -3.43 -43.55 0.87
CA ILE T 656 -3.23 -42.16 1.26
C ILE T 656 -3.52 -41.23 0.09
N ALA T 657 -3.22 -41.68 -1.13
CA ALA T 657 -3.54 -40.87 -2.31
C ALA T 657 -5.04 -40.74 -2.49
N ALA T 658 -5.78 -41.84 -2.32
CA ALA T 658 -7.23 -41.76 -2.41
C ALA T 658 -7.82 -40.86 -1.35
N SER T 659 -7.31 -40.96 -0.11
CA SER T 659 -7.81 -40.10 0.96
C SER T 659 -7.51 -38.63 0.68
N LEU T 660 -6.30 -38.34 0.19
CA LEU T 660 -5.94 -36.96 -0.11
C LEU T 660 -6.75 -36.42 -1.28
N TRP T 661 -7.04 -37.26 -2.27
CA TRP T 661 -7.85 -36.83 -3.39
C TRP T 661 -9.28 -36.53 -2.95
N GLN T 662 -9.84 -37.37 -2.07
CA GLN T 662 -11.17 -37.11 -1.54
C GLN T 662 -11.19 -35.81 -0.73
N SER T 663 -10.18 -35.61 0.11
CA SER T 663 -10.11 -34.37 0.90
C SER T 663 -9.97 -33.14 0.01
N LEU T 664 -9.17 -33.25 -1.06
CA LEU T 664 -9.01 -32.15 -1.99
C LEU T 664 -10.31 -31.84 -2.72
N GLU T 665 -11.02 -32.88 -3.15
CA GLU T 665 -12.29 -32.66 -3.84
C GLU T 665 -13.35 -32.11 -2.89
N TYR T 666 -13.25 -32.41 -1.59
CA TYR T 666 -14.22 -31.89 -0.64
C TYR T 666 -13.90 -30.47 -0.20
N THR T 667 -12.62 -30.09 -0.16
CA THR T 667 -12.23 -28.77 0.30
C THR T 667 -12.11 -27.75 -0.83
N GLN T 668 -11.89 -28.19 -2.06
CA GLN T 668 -11.81 -27.31 -3.23
C GLN T 668 -10.74 -26.24 -3.10
N ILE T 669 -9.49 -26.61 -3.41
CA ILE T 669 -8.43 -25.60 -3.50
C ILE T 669 -8.62 -24.74 -4.75
N LEU T 670 -8.74 -25.39 -5.91
CA LEU T 670 -9.03 -24.72 -7.17
C LEU T 670 -10.54 -24.69 -7.39
N GLN T 671 -11.05 -23.54 -7.81
CA GLN T 671 -12.48 -23.35 -8.01
C GLN T 671 -12.95 -24.20 -9.19
N THR T 672 -13.25 -25.46 -8.89
CA THR T 672 -13.75 -26.39 -9.91
C THR T 672 -15.20 -26.06 -10.23
N VAL T 673 -15.44 -25.62 -11.47
CA VAL T 673 -16.76 -25.19 -11.91
C VAL T 673 -17.24 -26.18 -12.97
N ARG T 674 -18.32 -26.90 -12.67
CA ARG T 674 -18.94 -27.80 -13.63
C ARG T 674 -20.41 -27.43 -13.82
N ALA T 675 -21.05 -26.96 -12.76
CA ALA T 675 -22.42 -26.50 -12.78
C ALA T 675 -22.61 -25.13 -12.14
N THR T 676 -21.90 -24.86 -11.05
CA THR T 676 -21.98 -23.57 -10.38
C THR T 676 -20.68 -23.34 -9.62
N GLY T 677 -20.42 -22.07 -9.32
CA GLY T 677 -19.22 -21.69 -8.60
C GLY T 677 -18.50 -20.51 -9.21
N LEU T 678 -17.90 -19.68 -8.37
CA LEU T 678 -17.19 -18.49 -8.85
C LEU T 678 -15.92 -18.91 -9.59
N ARG T 679 -15.81 -18.50 -10.84
CA ARG T 679 -14.63 -18.81 -11.65
C ARG T 679 -13.50 -17.84 -11.30
N GLN T 680 -12.28 -18.38 -11.19
CA GLN T 680 -11.09 -17.60 -10.84
C GLN T 680 -11.27 -16.87 -9.51
N GLY T 681 -11.84 -17.57 -8.53
CA GLY T 681 -12.07 -17.00 -7.22
C GLY T 681 -10.80 -16.98 -6.38
N VAL T 682 -11.00 -16.68 -5.10
CA VAL T 682 -9.87 -16.60 -4.16
C VAL T 682 -9.33 -18.00 -3.91
N GLY T 683 -8.02 -18.15 -4.01
CA GLY T 683 -7.39 -19.45 -3.78
C GLY T 683 -6.01 -19.57 -4.38
N ILE T 684 -5.72 -20.72 -5.00
CA ILE T 684 -4.40 -20.95 -5.56
C ILE T 684 -4.11 -20.00 -6.71
N GLU T 685 -5.13 -19.71 -7.52
CA GLU T 685 -4.96 -18.79 -8.64
C GLU T 685 -4.62 -17.39 -8.15
N VAL T 686 -5.38 -16.90 -7.16
CA VAL T 686 -5.11 -15.58 -6.60
C VAL T 686 -3.73 -15.54 -5.95
N GLU T 687 -3.35 -16.62 -5.27
CA GLU T 687 -2.03 -16.66 -4.63
C GLU T 687 -0.92 -16.58 -5.67
N LEU T 688 -1.00 -17.40 -6.72
CA LEU T 688 0.05 -17.41 -7.74
C LEU T 688 0.02 -16.14 -8.59
N ASN T 689 -1.09 -15.41 -8.63
CA ASN T 689 -1.11 -14.14 -9.33
C ASN T 689 -0.65 -12.98 -8.45
N GLU T 690 -0.72 -13.13 -7.13
CA GLU T 690 -0.31 -12.06 -6.22
C GLU T 690 1.10 -12.27 -5.69
N ILE T 691 1.26 -13.24 -4.79
CA ILE T 691 2.53 -13.34 -4.07
C ILE T 691 3.62 -13.94 -4.96
N GLU T 692 3.26 -14.88 -5.83
CA GLU T 692 4.24 -15.43 -6.77
C GLU T 692 4.72 -14.35 -7.74
N SER T 693 3.81 -13.52 -8.24
CA SER T 693 4.22 -12.44 -9.13
C SER T 693 5.01 -11.37 -8.39
N ARG T 694 4.72 -11.16 -7.11
CA ARG T 694 5.49 -10.19 -6.34
C ARG T 694 6.90 -10.68 -6.06
N CYS T 695 7.06 -11.97 -5.78
CA CYS T 695 8.37 -12.54 -5.49
C CYS T 695 9.13 -12.98 -6.73
N GLU T 696 8.50 -12.94 -7.91
CA GLU T 696 9.13 -13.31 -9.17
C GLU T 696 9.61 -14.76 -9.18
N GLU T 697 9.07 -15.59 -8.30
CA GLU T 697 9.38 -17.02 -8.23
C GLU T 697 8.09 -17.80 -8.20
N TYR T 698 8.03 -18.88 -8.99
CA TYR T 698 6.82 -19.70 -9.12
C TYR T 698 7.15 -21.14 -8.77
N PRO T 699 7.27 -21.48 -7.47
CA PRO T 699 7.43 -22.88 -7.08
C PRO T 699 6.10 -23.55 -6.82
N LEU T 700 5.08 -22.74 -6.52
CA LEU T 700 3.75 -23.28 -6.20
C LEU T 700 3.14 -23.97 -7.41
N THR T 701 3.37 -23.43 -8.61
CA THR T 701 2.85 -24.06 -9.82
C THR T 701 3.44 -25.46 -10.01
N ARG T 702 4.76 -25.57 -9.89
CA ARG T 702 5.40 -26.87 -10.03
C ARG T 702 4.96 -27.83 -8.92
N ALA T 703 4.80 -27.31 -7.70
CA ALA T 703 4.36 -28.16 -6.59
C ALA T 703 2.96 -28.70 -6.85
N PHE T 704 2.03 -27.84 -7.27
CA PHE T 704 0.67 -28.29 -7.56
C PHE T 704 0.66 -29.27 -8.73
N CYS T 705 1.49 -29.01 -9.75
CA CYS T 705 1.53 -29.89 -10.91
C CYS T 705 2.02 -31.29 -10.52
N GLN T 706 3.13 -31.37 -9.79
CA GLN T 706 3.63 -32.66 -9.38
C GLN T 706 2.70 -33.35 -8.39
N LEU T 707 2.01 -32.58 -7.55
CA LEU T 707 1.06 -33.17 -6.61
C LEU T 707 -0.11 -33.82 -7.36
N ILE T 708 -0.71 -33.09 -8.30
CA ILE T 708 -1.84 -33.66 -9.02
C ILE T 708 -1.38 -34.81 -9.92
N SER T 709 -0.15 -34.73 -10.45
CA SER T 709 0.37 -35.84 -11.26
C SER T 709 0.52 -37.10 -10.43
N THR T 710 1.13 -36.98 -9.25
CA THR T 710 1.29 -38.14 -8.37
C THR T 710 -0.07 -38.68 -7.93
N LEU T 711 -1.02 -37.78 -7.64
CA LEU T 711 -2.34 -38.21 -7.21
C LEU T 711 -3.07 -38.98 -8.31
N VAL T 712 -2.99 -38.48 -9.54
CA VAL T 712 -3.63 -39.19 -10.66
C VAL T 712 -2.93 -40.51 -10.93
N GLU T 713 -1.60 -40.55 -10.79
CA GLU T 713 -0.86 -41.78 -11.03
C GLU T 713 -1.20 -42.84 -10.00
N SER T 714 -1.38 -42.43 -8.74
CA SER T 714 -1.63 -43.40 -7.67
C SER T 714 -3.11 -43.76 -7.52
N SER T 715 -4.02 -42.89 -7.95
CA SER T 715 -5.45 -43.18 -7.83
C SER T 715 -6.19 -42.36 -8.89
N PHE T 716 -6.87 -43.05 -9.79
CA PHE T 716 -7.62 -42.37 -10.84
C PHE T 716 -8.90 -41.78 -10.26
N PRO T 717 -9.32 -40.59 -10.72
CA PRO T 717 -10.55 -40.00 -10.18
C PRO T 717 -11.79 -40.74 -10.63
N THR T 718 -12.12 -41.83 -9.93
CA THR T 718 -13.30 -42.61 -10.27
C THR T 718 -14.60 -41.97 -9.78
N ASN T 719 -14.54 -41.14 -8.74
CA ASN T 719 -15.73 -40.49 -8.22
C ASN T 719 -15.27 -39.16 -7.58
N LEU T 720 -15.56 -38.06 -8.25
CA LEU T 720 -15.17 -36.75 -7.73
C LEU T 720 -16.09 -36.34 -6.59
N GLY T 721 -15.50 -35.76 -5.55
CA GLY T 721 -16.25 -35.34 -4.39
C GLY T 721 -16.66 -36.49 -3.50
N ALA T 722 -17.36 -36.13 -2.43
CA ALA T 722 -17.84 -37.13 -1.47
C ALA T 722 -19.05 -37.87 -2.02
N GLY T 723 -20.24 -37.30 -1.81
CA GLY T 723 -21.46 -37.91 -2.30
C GLY T 723 -22.44 -36.89 -2.87
N LEU T 724 -21.96 -35.68 -3.12
CA LEU T 724 -22.79 -34.61 -3.67
C LEU T 724 -22.16 -34.01 -4.92
N ARG T 725 -21.39 -34.81 -5.66
CA ARG T 725 -20.73 -34.34 -6.87
C ARG T 725 -20.78 -35.46 -7.91
N ALA T 726 -19.98 -35.31 -8.96
CA ALA T 726 -19.93 -36.27 -10.06
C ALA T 726 -18.54 -36.24 -10.65
N PRO T 727 -18.05 -37.37 -11.19
CA PRO T 727 -16.71 -37.37 -11.79
C PRO T 727 -16.65 -36.47 -13.01
N GLY T 728 -15.58 -35.65 -13.07
CA GLY T 728 -15.40 -34.74 -14.18
C GLY T 728 -14.14 -33.91 -14.06
N PHE T 729 -13.19 -34.13 -14.98
CA PHE T 729 -11.94 -33.39 -15.02
C PHE T 729 -12.01 -32.16 -15.92
N GLU T 730 -13.22 -31.70 -16.24
CA GLU T 730 -13.37 -30.56 -17.14
C GLU T 730 -12.81 -29.27 -16.56
N PRO T 731 -13.08 -28.88 -15.31
CA PRO T 731 -12.48 -27.63 -14.80
C PRO T 731 -10.96 -27.67 -14.71
N TYR T 732 -10.39 -28.79 -14.27
CA TYR T 732 -8.94 -28.91 -14.21
C TYR T 732 -8.34 -28.89 -15.61
N LEU T 733 -8.99 -29.52 -16.58
CA LEU T 733 -8.49 -29.48 -17.95
C LEU T 733 -8.55 -28.07 -18.52
N GLN T 734 -9.64 -27.34 -18.23
CA GLN T 734 -9.74 -25.96 -18.70
C GLN T 734 -8.67 -25.08 -18.05
N PHE T 735 -8.41 -25.30 -16.76
CA PHE T 735 -7.36 -24.54 -16.08
C PHE T 735 -6.00 -24.83 -16.69
N LEU T 736 -5.70 -26.10 -16.93
CA LEU T 736 -4.40 -26.46 -17.51
C LEU T 736 -4.27 -25.99 -18.95
N ARG T 737 -5.39 -25.83 -19.67
CA ARG T 737 -5.34 -25.34 -21.03
C ARG T 737 -5.29 -23.82 -21.11
N ASP T 738 -5.81 -23.12 -20.11
CA ASP T 738 -5.81 -21.67 -20.12
C ASP T 738 -4.54 -21.10 -19.47
N THR T 739 -4.31 -21.44 -18.20
CA THR T 739 -3.17 -20.88 -17.49
C THR T 739 -1.86 -21.51 -17.95
N VAL T 740 -1.77 -22.84 -17.85
CA VAL T 740 -0.57 -23.54 -18.28
C VAL T 740 -0.45 -23.51 -19.80
N PHE T 741 0.79 -23.54 -20.28
CA PHE T 741 1.14 -23.49 -21.70
C PHE T 741 0.78 -22.16 -22.37
N LEU T 742 0.52 -21.12 -21.58
CA LEU T 742 0.23 -19.80 -22.14
C LEU T 742 1.05 -18.74 -21.43
N ARG T 743 1.13 -18.82 -20.09
CA ARG T 743 1.89 -17.88 -19.27
C ARG T 743 2.76 -18.69 -18.31
N TYR T 744 3.87 -19.21 -18.82
CA TYR T 744 4.78 -20.00 -18.01
C TYR T 744 6.25 -19.81 -18.36
N ARG T 745 6.58 -18.92 -19.29
CA ARG T 745 7.96 -18.70 -19.69
C ARG T 745 8.23 -17.22 -19.92
N THR T 746 7.23 -16.50 -20.44
CA THR T 746 7.36 -15.07 -20.72
C THR T 746 6.70 -14.24 -19.63
N ARG T 747 7.14 -14.44 -18.38
CA ARG T 747 6.64 -13.70 -17.24
C ARG T 747 7.80 -13.09 -16.47
N ALA T 748 7.47 -12.45 -15.34
CA ALA T 748 8.47 -11.79 -14.51
C ALA T 748 9.33 -12.85 -13.83
N TYR T 749 10.54 -13.04 -14.35
CA TYR T 749 11.49 -14.01 -13.80
C TYR T 749 12.85 -13.37 -13.65
N ARG T 750 13.52 -13.66 -12.54
CA ARG T 750 14.85 -13.15 -12.27
C ARG T 750 15.94 -14.21 -12.45
N ARG T 751 15.56 -15.44 -12.79
CA ARG T 751 16.53 -16.51 -13.01
C ARG T 751 16.14 -17.28 -14.26
N ALA T 752 17.15 -17.66 -15.05
CA ALA T 752 16.90 -18.38 -16.30
C ALA T 752 16.49 -19.82 -16.06
N ALA T 753 16.82 -20.39 -14.89
CA ALA T 753 16.48 -21.78 -14.62
C ALA T 753 15.01 -21.97 -14.25
N GLU T 754 14.33 -20.91 -13.84
CA GLU T 754 12.92 -21.04 -13.44
C GLU T 754 12.05 -21.48 -14.62
N LYS T 755 12.21 -20.83 -15.77
CA LYS T 755 11.42 -21.20 -16.94
C LYS T 755 11.74 -22.61 -17.39
N TRP T 756 13.02 -22.99 -17.37
CA TRP T 756 13.40 -24.34 -17.77
C TRP T 756 12.78 -25.39 -16.86
N GLU T 757 12.84 -25.16 -15.54
CA GLU T 757 12.26 -26.11 -14.61
C GLU T 757 10.75 -26.19 -14.76
N VAL T 758 10.09 -25.05 -14.96
CA VAL T 758 8.64 -25.04 -15.13
C VAL T 758 8.26 -25.82 -16.38
N ALA T 759 8.95 -25.56 -17.49
CA ALA T 759 8.64 -26.27 -18.73
C ALA T 759 8.90 -27.76 -18.60
N GLU T 760 10.01 -28.14 -17.95
CA GLU T 760 10.32 -29.55 -17.79
C GLU T 760 9.25 -30.25 -16.94
N ALA T 761 8.85 -29.62 -15.83
CA ALA T 761 7.84 -30.22 -14.97
C ALA T 761 6.50 -30.34 -15.69
N VAL T 762 6.11 -29.29 -16.42
CA VAL T 762 4.83 -29.32 -17.12
C VAL T 762 4.84 -30.42 -18.20
N LEU T 763 5.93 -30.50 -18.96
CA LEU T 763 6.01 -31.52 -20.01
C LEU T 763 6.03 -32.92 -19.41
N ASP T 764 6.73 -33.12 -18.30
CA ASP T 764 6.75 -34.44 -17.67
C ASP T 764 5.37 -34.82 -17.16
N VAL T 765 4.66 -33.87 -16.53
CA VAL T 765 3.32 -34.17 -16.03
C VAL T 765 2.38 -34.50 -17.18
N PHE T 766 2.45 -33.73 -18.26
CA PHE T 766 1.58 -33.99 -19.41
C PHE T 766 1.89 -35.35 -20.05
N TYR T 767 3.18 -35.68 -20.16
CA TYR T 767 3.56 -36.97 -20.73
C TYR T 767 3.08 -38.12 -19.86
N LYS T 768 3.24 -37.99 -18.54
CA LYS T 768 2.76 -39.04 -17.64
C LYS T 768 1.25 -39.19 -17.72
N LEU T 769 0.52 -38.07 -17.81
CA LEU T 769 -0.93 -38.13 -17.91
C LEU T 769 -1.36 -38.81 -19.21
N LEU T 770 -0.74 -38.43 -20.33
CA LEU T 770 -1.12 -39.02 -21.61
C LEU T 770 -0.68 -40.47 -21.73
N LYS T 771 0.35 -40.87 -20.99
CA LYS T 771 0.76 -42.27 -20.99
C LYS T 771 -0.15 -43.12 -20.11
N ASP T 772 -0.63 -42.54 -19.00
CA ASP T 772 -1.54 -43.27 -18.13
C ASP T 772 -2.93 -43.37 -18.74
N TYR T 773 -3.34 -42.36 -19.50
CA TYR T 773 -4.65 -42.41 -20.15
C TYR T 773 -4.61 -43.30 -21.38
N GLU T 774 -5.73 -43.99 -21.63
CA GLU T 774 -5.85 -44.86 -22.79
C GLU T 774 -7.26 -44.74 -23.37
N PRO T 775 -7.39 -44.34 -24.64
CA PRO T 775 -8.73 -44.19 -25.23
C PRO T 775 -9.38 -45.55 -25.45
N GLN T 776 -10.64 -45.67 -25.00
CA GLN T 776 -11.40 -46.90 -25.12
C GLN T 776 -12.39 -46.79 -26.29
N PRO T 777 -12.72 -47.92 -26.93
CA PRO T 777 -13.68 -47.88 -28.03
C PRO T 777 -15.08 -47.47 -27.61
N GLU T 778 -15.39 -47.51 -26.31
CA GLU T 778 -16.70 -47.11 -25.82
C GLU T 778 -16.86 -45.59 -25.71
N ASP T 779 -15.82 -44.83 -25.99
CA ASP T 779 -15.86 -43.38 -25.92
C ASP T 779 -16.34 -42.74 -27.22
N PHE T 780 -16.75 -43.55 -28.21
CA PHE T 780 -17.21 -43.03 -29.48
C PHE T 780 -18.73 -42.91 -29.57
N VAL T 781 -19.46 -43.51 -28.64
CA VAL T 781 -20.92 -43.45 -28.65
C VAL T 781 -21.36 -42.08 -28.14
N ASP T 782 -22.63 -41.75 -28.37
CA ASP T 782 -23.19 -40.46 -27.94
C ASP T 782 -23.37 -40.49 -26.43
N GLN T 783 -22.44 -39.88 -25.71
CA GLN T 783 -22.49 -39.83 -24.24
C GLN T 783 -23.42 -38.71 -23.80
N TYR T 784 -24.72 -38.94 -23.99
CA TYR T 784 -25.77 -38.00 -23.63
C TYR T 784 -26.52 -38.52 -22.42
N VAL T 785 -26.55 -37.73 -21.35
CA VAL T 785 -27.23 -38.14 -20.13
C VAL T 785 -28.74 -38.03 -20.34
N GLU T 786 -29.44 -39.12 -20.03
CA GLU T 786 -30.89 -39.18 -20.16
C GLU T 786 -31.47 -40.00 -19.01
N LEU T 787 -31.28 -39.51 -17.79
CA LEU T 787 -31.75 -40.18 -16.58
C LEU T 787 -32.73 -39.25 -15.87
N GLN T 788 -34.03 -39.56 -16.01
CA GLN T 788 -35.09 -38.77 -15.39
C GLN T 788 -35.04 -37.31 -15.83
N GLY T 789 -34.83 -37.09 -17.12
CA GLY T 789 -34.79 -35.75 -17.66
C GLY T 789 -33.52 -34.98 -17.37
N GLU T 790 -32.40 -35.66 -17.14
CA GLU T 790 -31.12 -35.00 -16.87
C GLU T 790 -30.42 -34.70 -18.19
N GLU T 791 -31.06 -33.84 -18.98
CA GLU T 791 -30.55 -33.44 -20.29
C GLU T 791 -29.36 -32.51 -20.08
N ARG T 792 -28.16 -33.03 -20.25
CA ARG T 792 -26.92 -32.28 -20.09
C ARG T 792 -26.18 -32.23 -21.42
N VAL T 793 -25.05 -31.53 -21.43
CA VAL T 793 -24.23 -31.41 -22.64
C VAL T 793 -23.42 -32.68 -22.82
N ALA T 794 -22.74 -32.79 -23.97
CA ALA T 794 -21.92 -33.97 -24.26
C ALA T 794 -20.69 -34.00 -23.37
N PHE T 795 -20.79 -34.70 -22.23
CA PHE T 795 -19.68 -34.80 -21.29
C PHE T 795 -18.60 -35.71 -21.87
N LYS T 796 -17.75 -35.11 -22.70
CA LYS T 796 -16.66 -35.85 -23.32
C LYS T 796 -15.54 -36.13 -22.31
N PRO T 797 -14.83 -37.25 -22.47
CA PRO T 797 -13.75 -37.54 -21.53
C PRO T 797 -12.63 -36.52 -21.66
N PRO T 798 -11.91 -36.24 -20.56
CA PRO T 798 -10.83 -35.25 -20.65
C PRO T 798 -9.68 -35.70 -21.54
N GLY T 799 -9.30 -36.98 -21.46
CA GLY T 799 -8.24 -37.47 -22.33
C GLY T 799 -8.64 -37.45 -23.80
N PHE T 800 -9.89 -37.80 -24.10
CA PHE T 800 -10.37 -37.74 -25.48
C PHE T 800 -10.41 -36.30 -25.98
N SER T 801 -10.83 -35.37 -25.12
CA SER T 801 -10.84 -33.96 -25.51
C SER T 801 -9.43 -33.45 -25.77
N LEU T 802 -8.47 -33.85 -24.93
CA LEU T 802 -7.09 -33.44 -25.14
C LEU T 802 -6.53 -34.04 -26.43
N MET T 803 -6.87 -35.29 -26.72
CA MET T 803 -6.42 -35.91 -27.96
C MET T 803 -7.01 -35.21 -29.17
N HIS T 804 -8.30 -34.86 -29.12
CA HIS T 804 -8.92 -34.15 -30.23
C HIS T 804 -8.32 -32.77 -30.41
N HIS T 805 -8.00 -32.08 -29.30
CA HIS T 805 -7.38 -30.77 -29.39
C HIS T 805 -5.98 -30.87 -29.99
N LEU T 806 -5.21 -31.89 -29.60
CA LEU T 806 -3.88 -32.07 -30.16
C LEU T 806 -3.95 -32.48 -31.63
N LEU T 807 -5.01 -33.18 -32.02
CA LEU T 807 -5.16 -33.57 -33.42
C LEU T 807 -5.53 -32.38 -34.30
N ASN T 808 -6.44 -31.53 -33.82
CA ASN T 808 -6.81 -30.34 -34.59
C ASN T 808 -5.80 -29.22 -34.38
N GLU T 809 -6.20 -27.99 -34.67
CA GLU T 809 -5.31 -26.84 -34.52
C GLU T 809 -5.12 -26.53 -33.04
N SER T 810 -3.87 -26.60 -32.58
CA SER T 810 -3.52 -26.35 -31.19
C SER T 810 -2.18 -25.64 -31.12
N PRO T 811 -1.99 -24.77 -30.12
CA PRO T 811 -0.69 -24.10 -29.98
C PRO T 811 0.42 -24.98 -29.42
N MET T 812 0.15 -26.27 -29.20
CA MET T 812 1.19 -27.16 -28.68
C MET T 812 2.32 -27.33 -29.68
N LEU T 813 2.00 -27.34 -30.98
CA LEU T 813 3.05 -27.44 -31.99
C LEU T 813 3.94 -26.21 -31.98
N GLU T 814 3.34 -25.02 -31.89
CA GLU T 814 4.14 -23.80 -31.82
C GLU T 814 4.96 -23.74 -30.54
N LEU T 815 4.40 -24.23 -29.43
CA LEU T 815 5.16 -24.26 -28.18
C LEU T 815 6.35 -25.21 -28.28
N CYS T 816 6.15 -26.37 -28.90
CA CYS T 816 7.26 -27.31 -29.10
C CYS T 816 8.32 -26.73 -30.03
N LEU T 817 7.89 -26.02 -31.08
CA LEU T 817 8.86 -25.39 -31.98
C LEU T 817 9.66 -24.31 -31.26
N SER T 818 9.00 -23.51 -30.42
CA SER T 818 9.71 -22.50 -29.65
C SER T 818 10.66 -23.13 -28.66
N LEU T 819 10.27 -24.24 -28.03
CA LEU T 819 11.16 -24.93 -27.10
C LEU T 819 12.38 -25.49 -27.83
N MET T 820 12.17 -26.04 -29.03
CA MET T 820 13.29 -26.55 -29.81
C MET T 820 14.22 -25.42 -30.23
N GLU T 821 13.66 -24.27 -30.62
CA GLU T 821 14.49 -23.14 -30.98
C GLU T 821 15.30 -22.64 -29.79
N GLU T 822 14.67 -22.59 -28.61
CA GLU T 822 15.39 -22.18 -27.41
C GLU T 822 16.50 -23.17 -27.06
N GLY T 823 16.22 -24.46 -27.21
CA GLY T 823 17.25 -25.46 -26.97
C GLY T 823 18.41 -25.35 -27.93
N VAL T 824 18.12 -25.04 -29.20
CA VAL T 824 19.19 -24.88 -30.18
C VAL T 824 20.02 -23.63 -29.85
N THR T 825 19.36 -22.53 -29.49
CA THR T 825 20.08 -21.31 -29.14
C THR T 825 20.84 -21.45 -27.84
N GLN T 826 20.46 -22.39 -26.98
CA GLN T 826 21.23 -22.67 -25.77
C GLN T 826 22.40 -23.62 -26.04
N LEU T 827 22.22 -24.56 -26.97
CA LEU T 827 23.27 -25.55 -27.24
C LEU T 827 24.37 -24.98 -28.12
N ASP T 828 24.02 -24.12 -29.09
CA ASP T 828 25.04 -23.58 -29.98
C ASP T 828 25.92 -22.53 -29.31
N THR T 829 25.60 -22.14 -28.08
CA THR T 829 26.41 -21.17 -27.36
C THR T 829 27.51 -21.83 -26.53
N TYR T 830 27.29 -23.09 -26.12
CA TYR T 830 28.27 -23.85 -25.34
C TYR T 830 28.62 -23.14 -24.04
N ALA T 831 27.78 -23.30 -23.02
CA ALA T 831 28.00 -22.69 -21.73
C ALA T 831 27.57 -23.68 -20.65
N PRO T 832 28.34 -23.80 -19.56
CA PRO T 832 27.97 -24.73 -18.49
C PRO T 832 26.69 -24.30 -17.78
N PHE T 833 25.56 -24.87 -18.19
CA PHE T 833 24.27 -24.55 -17.60
C PHE T 833 23.62 -25.81 -17.04
N PRO T 834 22.96 -25.72 -15.89
CA PRO T 834 22.30 -26.89 -15.30
C PRO T 834 20.97 -27.27 -15.95
N GLY T 835 20.60 -26.63 -17.05
CA GLY T 835 19.37 -26.92 -17.74
C GLY T 835 19.47 -27.82 -18.95
N LYS T 836 20.67 -28.29 -19.28
CA LYS T 836 20.83 -29.16 -20.45
C LYS T 836 20.13 -30.50 -20.23
N LYS T 837 20.26 -31.07 -19.02
CA LYS T 837 19.57 -32.33 -18.73
C LYS T 837 18.06 -32.15 -18.76
N HIS T 838 17.57 -31.02 -18.23
CA HIS T 838 16.13 -30.76 -18.28
C HIS T 838 15.64 -30.60 -19.71
N LEU T 839 16.41 -29.91 -20.55
CA LEU T 839 16.03 -29.77 -21.96
C LEU T 839 16.02 -31.12 -22.66
N GLU T 840 17.02 -31.96 -22.39
CA GLU T 840 17.06 -33.28 -23.00
C GLU T 840 15.87 -34.13 -22.57
N LYS T 841 15.55 -34.11 -21.27
CA LYS T 841 14.39 -34.85 -20.79
C LYS T 841 13.10 -34.32 -21.41
N ALA T 842 13.00 -33.00 -21.58
CA ALA T 842 11.79 -32.41 -22.14
C ALA T 842 11.62 -32.82 -23.60
N VAL T 843 12.70 -32.75 -24.39
CA VAL T 843 12.56 -33.12 -25.80
C VAL T 843 12.36 -34.62 -25.96
N ALA T 844 12.93 -35.44 -25.07
CA ALA T 844 12.68 -36.87 -25.11
C ALA T 844 11.23 -37.17 -24.78
N TYR T 845 10.67 -36.49 -23.77
CA TYR T 845 9.25 -36.67 -23.45
C TYR T 845 8.36 -36.20 -24.59
N CYS T 846 8.75 -35.13 -25.29
CA CYS T 846 7.98 -34.65 -26.43
C CYS T 846 8.00 -35.68 -27.57
N PHE T 847 9.17 -36.26 -27.84
CA PHE T 847 9.25 -37.29 -28.88
C PHE T 847 8.44 -38.52 -28.50
N MET T 848 8.50 -38.92 -27.22
CA MET T 848 7.70 -40.06 -26.77
C MET T 848 6.20 -39.77 -26.89
N LEU T 849 5.80 -38.53 -26.58
CA LEU T 849 4.40 -38.15 -26.71
C LEU T 849 3.96 -38.16 -28.16
N LEU T 850 4.82 -37.69 -29.06
CA LEU T 850 4.49 -37.73 -30.49
C LEU T 850 4.33 -39.18 -30.96
N ASN T 851 5.25 -40.06 -30.55
CA ASN T 851 5.16 -41.46 -30.93
C ASN T 851 3.88 -42.10 -30.38
N LEU T 852 3.54 -41.80 -29.13
CA LEU T 852 2.33 -42.37 -28.53
C LEU T 852 1.08 -41.86 -29.22
N THR T 853 1.03 -40.56 -29.55
CA THR T 853 -0.13 -40.02 -30.24
C THR T 853 -0.26 -40.62 -31.63
N LEU T 854 0.85 -40.83 -32.32
CA LEU T 854 0.79 -41.46 -33.64
C LEU T 854 0.31 -42.90 -33.55
N GLN T 855 0.83 -43.66 -32.58
CA GLN T 855 0.40 -45.04 -32.40
C GLN T 855 -1.07 -45.12 -32.00
N LYS T 856 -1.56 -44.13 -31.25
CA LYS T 856 -2.98 -44.13 -30.88
C LYS T 856 -3.86 -43.74 -32.06
N GLU T 857 -3.42 -42.78 -32.87
CA GLU T 857 -4.18 -42.39 -34.05
C GLU T 857 -4.22 -43.51 -35.08
N ASN T 858 -3.17 -44.34 -35.14
CA ASN T 858 -3.15 -45.44 -36.08
C ASN T 858 -4.34 -46.38 -35.91
N ARG T 859 -4.82 -46.54 -34.68
CA ARG T 859 -6.01 -47.35 -34.41
C ARG T 859 -7.26 -46.51 -34.21
N PHE T 860 -7.12 -45.22 -33.91
CA PHE T 860 -8.29 -44.35 -33.76
C PHE T 860 -8.89 -43.99 -35.11
N MET T 861 -8.08 -43.95 -36.16
CA MET T 861 -8.59 -43.61 -37.49
C MET T 861 -9.55 -44.66 -38.03
N ASP T 862 -9.54 -45.87 -37.47
CA ASP T 862 -10.45 -46.92 -37.93
C ASP T 862 -11.80 -46.86 -37.24
N LEU T 863 -11.84 -46.37 -36.00
CA LEU T 863 -13.08 -46.27 -35.24
C LEU T 863 -13.82 -44.96 -35.45
N LEU T 864 -13.22 -44.00 -36.16
CA LEU T 864 -13.87 -42.72 -36.41
C LEU T 864 -14.81 -42.76 -37.60
N ARG T 865 -14.56 -43.64 -38.58
CA ARG T 865 -15.41 -43.71 -39.75
C ARG T 865 -16.79 -44.28 -39.44
N GLU T 866 -16.93 -45.03 -38.34
CA GLU T 866 -18.20 -45.60 -37.95
C GLU T 866 -18.90 -44.82 -36.84
N SER T 867 -18.21 -43.89 -36.19
CA SER T 867 -18.82 -43.11 -35.12
C SER T 867 -19.59 -41.94 -35.69
N HIS T 868 -20.71 -41.61 -35.04
CA HIS T 868 -21.55 -40.51 -35.49
C HIS T 868 -20.94 -39.18 -35.08
N LEU T 869 -21.06 -38.19 -35.96
CA LEU T 869 -20.53 -36.84 -35.75
C LEU T 869 -19.04 -36.88 -35.44
N SER T 870 -18.23 -37.09 -36.48
CA SER T 870 -16.79 -37.15 -36.31
C SER T 870 -16.22 -35.75 -36.10
N MET T 871 -14.99 -35.70 -35.61
CA MET T 871 -14.28 -34.46 -35.36
C MET T 871 -13.37 -34.12 -36.52
N ILE T 872 -12.58 -33.06 -36.37
CA ILE T 872 -11.64 -32.60 -37.39
C ILE T 872 -10.27 -33.10 -36.98
N VAL T 873 -9.79 -34.15 -37.66
CA VAL T 873 -8.49 -34.75 -37.37
C VAL T 873 -7.55 -34.46 -38.53
N THR T 874 -6.35 -33.96 -38.21
CA THR T 874 -5.36 -33.64 -39.22
C THR T 874 -4.14 -34.54 -39.06
N PRO T 875 -3.59 -35.05 -40.16
CA PRO T 875 -2.41 -35.91 -40.06
C PRO T 875 -1.18 -35.14 -39.60
N LEU T 876 -0.17 -35.89 -39.17
CA LEU T 876 1.06 -35.27 -38.68
C LEU T 876 1.88 -34.64 -39.80
N GLU T 877 1.71 -35.10 -41.04
CA GLU T 877 2.48 -34.53 -42.15
C GLU T 877 2.10 -33.07 -42.38
N GLN T 878 0.81 -32.76 -42.33
CA GLN T 878 0.38 -31.37 -42.50
C GLN T 878 0.86 -30.49 -41.36
N LEU T 879 0.83 -31.01 -40.13
CA LEU T 879 1.30 -30.24 -38.99
C LEU T 879 2.81 -30.01 -39.06
N LEU T 880 3.56 -30.96 -39.63
CA LEU T 880 5.00 -30.79 -39.76
C LEU T 880 5.38 -29.89 -40.92
N GLN T 881 4.57 -29.89 -41.98
CA GLN T 881 4.85 -29.07 -43.16
C GLN T 881 4.08 -27.75 -43.17
N GLY T 882 3.38 -27.43 -42.07
CA GLY T 882 2.66 -26.17 -42.01
C GLY T 882 3.59 -24.97 -42.06
N ILE T 883 3.01 -23.84 -42.46
CA ILE T 883 3.75 -22.59 -42.61
C ILE T 883 3.80 -21.89 -41.26
N ASN T 884 4.98 -21.41 -40.88
CA ASN T 884 5.18 -20.70 -39.64
C ASN T 884 5.62 -19.27 -39.92
N PRO T 885 5.15 -18.30 -39.12
CA PRO T 885 5.52 -16.89 -39.33
C PRO T 885 6.94 -16.57 -38.86
N ARG T 886 7.92 -17.25 -39.46
CA ARG T 886 9.31 -17.04 -39.11
C ARG T 886 10.19 -17.18 -40.35
N SER T 887 9.92 -18.20 -41.17
CA SER T 887 10.69 -18.43 -42.40
C SER T 887 9.87 -19.13 -43.45
N LYS T 888 8.54 -18.97 -43.41
CA LYS T 888 7.61 -19.59 -44.37
C LYS T 888 7.71 -21.12 -44.38
N LYS T 889 8.22 -21.71 -43.29
CA LYS T 889 8.35 -23.15 -43.19
C LYS T 889 8.55 -23.50 -41.72
N ALA T 890 8.73 -24.79 -41.45
CA ALA T 890 8.95 -25.30 -40.10
C ALA T 890 10.44 -25.48 -39.85
N ASP T 891 10.87 -25.08 -38.66
CA ASP T 891 12.28 -25.17 -38.27
C ASP T 891 12.62 -26.50 -37.62
N ASN T 892 11.77 -27.52 -37.78
CA ASN T 892 12.06 -28.82 -37.20
C ASN T 892 13.28 -29.46 -37.84
N VAL T 893 13.40 -29.36 -39.17
CA VAL T 893 14.56 -29.90 -39.85
C VAL T 893 15.82 -29.13 -39.46
N VAL T 894 15.70 -27.82 -39.24
CA VAL T 894 16.83 -27.01 -38.82
C VAL T 894 17.29 -27.43 -37.42
N ASN T 895 16.34 -27.67 -36.52
CA ASN T 895 16.70 -28.12 -35.18
C ASN T 895 17.33 -29.51 -35.22
N ILE T 896 16.81 -30.40 -36.07
CA ILE T 896 17.39 -31.73 -36.20
C ILE T 896 18.81 -31.65 -36.72
N ALA T 897 19.05 -30.75 -37.69
CA ALA T 897 20.40 -30.59 -38.23
C ALA T 897 21.35 -30.01 -37.19
N ARG T 898 20.89 -29.03 -36.42
CA ARG T 898 21.74 -28.45 -35.38
C ARG T 898 22.01 -29.43 -34.25
N TYR T 899 21.09 -30.37 -34.02
CA TYR T 899 21.35 -31.41 -33.02
C TYR T 899 22.52 -32.29 -33.43
N LEU T 900 22.64 -32.60 -34.72
CA LEU T 900 23.77 -33.39 -35.18
C LEU T 900 25.08 -32.61 -35.10
N CYS T 901 25.02 -31.29 -35.22
CA CYS T 901 26.23 -30.49 -35.06
C CYS T 901 26.65 -30.41 -33.59
N HIS T 902 25.69 -30.21 -32.69
CA HIS T 902 25.95 -30.14 -31.26
C HIS T 902 25.89 -31.50 -30.58
N GLY T 903 25.94 -32.58 -31.35
CA GLY T 903 25.85 -33.94 -30.82
C GLY T 903 26.90 -34.29 -29.79
N ASN T 904 26.68 -33.87 -28.55
CA ASN T 904 27.51 -34.29 -27.42
C ASN T 904 26.85 -35.36 -26.56
N SER T 905 25.52 -35.35 -26.46
CA SER T 905 24.83 -36.40 -25.72
C SER T 905 23.39 -36.61 -26.20
N ASN T 906 23.08 -36.32 -27.47
CA ASN T 906 21.73 -36.41 -28.00
C ASN T 906 21.51 -37.69 -28.82
N ALA T 907 22.16 -38.79 -28.43
CA ALA T 907 22.00 -40.04 -29.18
C ALA T 907 20.57 -40.57 -29.06
N GLU T 908 20.01 -40.55 -27.85
CA GLU T 908 18.64 -41.00 -27.67
C GLU T 908 17.65 -40.10 -28.40
N LEU T 909 17.92 -38.78 -28.41
CA LEU T 909 17.04 -37.87 -29.13
C LEU T 909 17.09 -38.11 -30.63
N ALA T 910 18.29 -38.35 -31.17
CA ALA T 910 18.40 -38.68 -32.59
C ALA T 910 17.71 -39.99 -32.92
N PHE T 911 17.82 -40.97 -32.01
CA PHE T 911 17.14 -42.25 -32.21
C PHE T 911 15.63 -42.07 -32.21
N GLU T 912 15.10 -41.25 -31.29
CA GLU T 912 13.67 -41.00 -31.27
C GLU T 912 13.22 -40.24 -32.52
N SER T 913 14.03 -39.30 -32.99
CA SER T 913 13.68 -38.58 -34.21
C SER T 913 13.68 -39.52 -35.42
N ALA T 914 14.65 -40.43 -35.49
CA ALA T 914 14.66 -41.41 -36.57
C ALA T 914 13.46 -42.34 -36.49
N LYS T 915 13.07 -42.74 -35.28
CA LYS T 915 11.88 -43.57 -35.12
C LYS T 915 10.63 -42.84 -35.59
N ILE T 916 10.51 -41.56 -35.23
CA ILE T 916 9.35 -40.76 -35.66
C ILE T 916 9.33 -40.64 -37.17
N LEU T 917 10.49 -40.37 -37.78
CA LEU T 917 10.54 -40.24 -39.23
C LEU T 917 10.19 -41.55 -39.93
N CYS T 918 10.65 -42.68 -39.38
CA CYS T 918 10.35 -43.97 -39.98
C CYS T 918 8.87 -44.31 -39.83
N SER T 919 8.27 -43.95 -38.69
CA SER T 919 6.85 -44.20 -38.50
C SER T 919 5.99 -43.28 -39.37
N ILE T 920 6.50 -42.08 -39.68
CA ILE T 920 5.75 -41.16 -40.54
C ILE T 920 5.84 -41.59 -41.99
N SER T 921 7.04 -41.90 -42.46
CA SER T 921 7.24 -42.30 -43.86
C SER T 921 6.64 -43.67 -44.12
N CYS T 922 5.32 -43.73 -44.29
CA CYS T 922 4.63 -44.98 -44.57
C CYS T 922 3.54 -44.84 -45.63
N ASN T 923 3.26 -43.63 -46.10
CA ASN T 923 2.23 -43.42 -47.12
C ASN T 923 2.86 -43.36 -48.50
N SER T 924 2.48 -42.35 -49.29
CA SER T 924 3.02 -42.20 -50.64
C SER T 924 2.87 -40.75 -51.07
N LYS T 925 3.80 -40.30 -51.90
CA LYS T 925 3.80 -38.93 -52.44
C LYS T 925 3.90 -37.88 -51.33
N ILE T 926 4.76 -38.16 -50.34
CA ILE T 926 5.01 -37.21 -49.27
C ILE T 926 6.46 -36.77 -49.19
N GLN T 927 7.40 -37.49 -49.83
CA GLN T 927 8.81 -37.17 -49.71
C GLN T 927 9.22 -35.91 -50.47
N GLU T 928 8.33 -35.35 -51.30
CA GLU T 928 8.68 -34.15 -52.05
C GLU T 928 8.94 -32.97 -51.12
N LYS T 929 8.17 -32.86 -50.05
CA LYS T 929 8.34 -31.75 -49.11
C LYS T 929 9.71 -31.81 -48.43
N ILE T 930 10.10 -32.99 -47.95
CA ILE T 930 11.39 -33.12 -47.29
C ILE T 930 12.53 -33.02 -48.30
N VAL T 931 12.31 -33.46 -49.55
CA VAL T 931 13.32 -33.29 -50.57
C VAL T 931 13.57 -31.80 -50.84
N GLY T 932 12.50 -31.01 -50.88
CA GLY T 932 12.66 -29.58 -51.06
C GLY T 932 13.28 -28.90 -49.86
N ASP T 933 12.91 -29.35 -48.65
CA ASP T 933 13.45 -28.76 -47.43
C ASP T 933 14.89 -29.18 -47.17
N PHE T 934 15.38 -30.22 -47.85
CA PHE T 934 16.77 -30.61 -47.69
C PHE T 934 17.70 -29.68 -48.45
N THR T 935 17.24 -29.10 -49.56
CA THR T 935 18.08 -28.25 -50.40
C THR T 935 17.42 -26.89 -50.67
N GLN T 936 16.55 -26.42 -49.78
CA GLN T 936 15.93 -25.12 -49.96
C GLN T 936 16.93 -23.97 -49.87
N ASP T 937 18.10 -24.21 -49.27
CA ASP T 937 19.09 -23.15 -49.10
C ASP T 937 20.49 -23.76 -49.13
N GLN T 938 21.39 -23.09 -49.85
CA GLN T 938 22.77 -23.57 -49.94
C GLN T 938 23.47 -23.50 -48.59
N ASN T 939 23.21 -22.46 -47.81
CA ASN T 939 23.79 -22.37 -46.48
C ASN T 939 23.28 -23.48 -45.57
N VAL T 940 21.98 -23.79 -45.66
CA VAL T 940 21.42 -24.88 -44.87
C VAL T 940 22.03 -26.21 -45.29
N SER T 941 22.22 -26.40 -46.59
CA SER T 941 22.84 -27.64 -47.08
C SER T 941 24.28 -27.76 -46.60
N GLN T 942 25.01 -26.64 -46.60
CA GLN T 942 26.40 -26.67 -46.13
C GLN T 942 26.46 -26.97 -44.63
N LYS T 943 25.54 -26.37 -43.84
CA LYS T 943 25.51 -26.66 -42.42
C LYS T 943 25.14 -28.12 -42.16
N LEU T 944 24.22 -28.68 -42.96
CA LEU T 944 23.87 -30.08 -42.82
C LEU T 944 25.05 -30.99 -43.16
N MET T 945 25.82 -30.62 -44.19
CA MET T 945 27.00 -31.40 -44.54
C MET T 945 28.06 -31.33 -43.44
N VAL T 946 28.23 -30.15 -42.85
CA VAL T 946 29.19 -30.00 -41.75
C VAL T 946 28.74 -30.85 -40.55
N GLY T 947 27.44 -30.85 -40.26
CA GLY T 947 26.94 -31.69 -39.18
C GLY T 947 27.11 -33.17 -39.47
N PHE T 948 26.90 -33.58 -40.72
CA PHE T 948 27.12 -34.97 -41.09
C PHE T 948 28.59 -35.36 -40.93
N VAL T 949 29.50 -34.47 -41.33
CA VAL T 949 30.92 -34.74 -41.16
C VAL T 949 31.27 -34.86 -39.67
N SER T 950 30.75 -33.96 -38.85
CA SER T 950 31.03 -34.00 -37.42
C SER T 950 30.46 -35.25 -36.76
N CYS T 951 29.30 -35.73 -37.24
CA CYS T 951 28.72 -36.93 -36.67
C CYS T 951 29.40 -38.19 -37.15
N LEU T 952 29.91 -38.20 -38.38
CA LEU T 952 30.61 -39.36 -38.92
C LEU T 952 32.09 -39.39 -38.56
N ASP T 953 32.62 -38.31 -37.96
CA ASP T 953 34.01 -38.31 -37.52
C ASP T 953 34.26 -39.38 -36.47
N SER T 954 33.37 -39.47 -35.48
CA SER T 954 33.50 -40.47 -34.42
C SER T 954 32.14 -40.65 -33.76
N GLU T 955 31.60 -41.86 -33.82
CA GLU T 955 30.30 -42.15 -33.23
C GLU T 955 30.33 -43.49 -32.48
N GLU T 956 31.21 -44.39 -32.91
CA GLU T 956 31.35 -45.72 -32.29
C GLU T 956 32.83 -46.11 -32.32
N ALA T 957 33.59 -45.57 -31.37
CA ALA T 957 35.01 -45.85 -31.30
C ALA T 957 35.28 -47.10 -30.46
N GLU T 958 36.34 -47.82 -30.81
CA GLU T 958 36.72 -49.01 -30.08
C GLU T 958 37.41 -48.64 -28.77
N GLU T 959 37.50 -49.63 -27.87
CA GLU T 959 38.15 -49.50 -26.58
C GLU T 959 37.48 -48.42 -25.72
N LEU T 960 37.51 -47.17 -26.17
CA LEU T 960 36.90 -46.09 -25.40
C LEU T 960 35.39 -46.28 -25.28
N LEU T 961 34.69 -46.27 -26.42
CA LEU T 961 33.25 -46.47 -26.41
C LEU T 961 32.87 -47.94 -26.49
N ASP T 962 33.71 -48.77 -27.10
CA ASP T 962 33.46 -50.21 -27.21
C ASP T 962 34.35 -50.94 -26.20
N SER T 963 33.92 -50.92 -24.94
CA SER T 963 34.66 -51.53 -23.85
C SER T 963 33.86 -52.68 -23.26
N GLU T 964 34.49 -53.41 -22.34
CA GLU T 964 33.85 -54.53 -21.66
C GLU T 964 34.12 -54.58 -20.16
N LYS T 965 35.05 -53.78 -19.64
CA LYS T 965 35.36 -53.76 -18.23
C LYS T 965 34.99 -52.45 -17.55
N GLU T 966 34.52 -51.46 -18.32
CA GLU T 966 34.15 -50.17 -17.74
C GLU T 966 32.67 -50.17 -17.33
N ALA T 967 32.00 -49.03 -17.49
CA ALA T 967 30.61 -48.91 -17.13
C ALA T 967 29.71 -49.30 -18.31
N GLU T 968 28.40 -49.37 -18.02
CA GLU T 968 27.42 -49.73 -19.04
C GLU T 968 26.92 -48.53 -19.84
N ASP T 969 27.36 -47.32 -19.49
CA ASP T 969 26.92 -46.14 -20.24
C ASP T 969 27.42 -46.16 -21.67
N GLN T 970 28.68 -46.56 -21.87
CA GLN T 970 29.22 -46.65 -23.22
C GLN T 970 28.50 -47.72 -24.03
N VAL T 971 28.18 -48.85 -23.40
CA VAL T 971 27.47 -49.92 -24.10
C VAL T 971 26.07 -49.44 -24.49
N LYS T 972 25.40 -48.72 -23.59
CA LYS T 972 24.08 -48.20 -23.91
C LYS T 972 24.14 -47.17 -25.04
N GLN T 973 25.17 -46.32 -25.04
CA GLN T 973 25.32 -45.35 -26.11
C GLN T 973 25.58 -46.04 -27.45
N THR T 974 26.42 -47.08 -27.44
CA THR T 974 26.68 -47.82 -28.68
C THR T 974 25.42 -48.52 -29.18
N ASN T 975 24.63 -49.09 -28.26
CA ASN T 975 23.38 -49.73 -28.66
C ASN T 975 22.39 -48.72 -29.24
N ILE T 976 22.33 -47.53 -28.64
CA ILE T 976 21.44 -46.49 -29.15
C ILE T 976 21.88 -46.05 -30.54
N ARG T 977 23.20 -45.90 -30.74
CA ARG T 977 23.72 -45.53 -32.05
C ARG T 977 23.43 -46.63 -33.09
N TYR T 978 23.55 -47.89 -32.68
CA TYR T 978 23.25 -48.99 -33.58
C TYR T 978 21.78 -49.03 -33.97
N MET T 979 20.89 -48.78 -33.00
CA MET T 979 19.47 -48.72 -33.31
C MET T 979 19.15 -47.53 -34.21
N THR T 980 19.82 -46.41 -33.99
CA THR T 980 19.63 -45.25 -34.87
C THR T 980 20.09 -45.55 -36.29
N LYS T 981 21.20 -46.28 -36.43
CA LYS T 981 21.65 -46.68 -37.76
C LYS T 981 20.67 -47.64 -38.40
N ILE T 982 20.11 -48.57 -37.62
CA ILE T 982 19.09 -49.47 -38.14
C ILE T 982 17.90 -48.68 -38.67
N HIS T 983 17.41 -47.72 -37.90
CA HIS T 983 16.26 -46.94 -38.33
C HIS T 983 16.60 -46.06 -39.53
N ILE T 984 17.83 -45.55 -39.61
CA ILE T 984 18.24 -44.77 -40.78
C ILE T 984 18.24 -45.64 -42.03
N LEU T 985 18.78 -46.86 -41.93
CA LEU T 985 18.78 -47.77 -43.07
C LEU T 985 17.36 -48.18 -43.45
N ASN T 986 16.49 -48.33 -42.46
CA ASN T 986 15.09 -48.65 -42.73
C ASN T 986 14.41 -47.51 -43.49
N LEU T 987 14.65 -46.27 -43.06
CA LEU T 987 14.11 -45.12 -43.78
C LEU T 987 14.67 -45.06 -45.20
N LEU T 988 15.96 -45.36 -45.36
CA LEU T 988 16.58 -45.34 -46.67
C LEU T 988 15.93 -46.35 -47.62
N ILE T 989 15.76 -47.60 -47.14
CA ILE T 989 15.18 -48.62 -48.00
C ILE T 989 13.70 -48.34 -48.25
N THR T 990 13.00 -47.75 -47.27
CA THR T 990 11.59 -47.42 -47.48
C THR T 990 11.44 -46.31 -48.51
N SER T 991 12.36 -45.35 -48.52
CA SER T 991 12.31 -44.29 -49.53
C SER T 991 12.77 -44.80 -50.89
N LEU T 992 13.67 -45.79 -50.93
CA LEU T 992 14.13 -46.34 -52.20
C LEU T 992 13.13 -47.31 -52.82
N GLU T 993 12.28 -47.92 -52.00
CA GLU T 993 11.29 -48.86 -52.52
C GLU T 993 10.26 -48.16 -53.42
N MET T 994 9.99 -46.89 -53.15
CA MET T 994 9.01 -46.15 -53.94
C MET T 994 9.68 -45.52 -55.15
N LYS T 995 8.88 -44.87 -55.99
CA LYS T 995 9.38 -44.26 -57.21
C LYS T 995 10.07 -42.92 -56.90
N ALA T 996 10.63 -42.33 -57.95
CA ALA T 996 11.34 -41.06 -57.80
C ALA T 996 10.36 -39.95 -57.44
N PRO T 997 10.79 -38.96 -56.63
CA PRO T 997 12.13 -38.87 -56.03
C PRO T 997 12.31 -39.77 -54.80
N ASN T 998 13.56 -39.95 -54.38
CA ASN T 998 13.89 -40.79 -53.24
C ASN T 998 14.81 -40.03 -52.30
N LEU T 999 14.69 -40.33 -51.01
CA LEU T 999 15.56 -39.72 -50.00
C LEU T 999 16.90 -40.43 -49.86
N ALA T 1000 17.09 -41.56 -50.54
CA ALA T 1000 18.35 -42.29 -50.42
C ALA T 1000 19.52 -41.46 -50.93
N MET T 1001 19.37 -40.85 -52.11
CA MET T 1001 20.45 -40.03 -52.66
C MET T 1001 20.70 -38.81 -51.80
N PHE T 1002 19.64 -38.19 -51.28
CA PHE T 1002 19.81 -37.00 -50.45
C PHE T 1002 20.49 -37.33 -49.13
N LEU T 1003 20.25 -38.53 -48.59
CA LEU T 1003 20.89 -38.91 -47.33
C LEU T 1003 22.30 -39.43 -47.55
N LEU T 1004 22.59 -39.99 -48.73
CA LEU T 1004 23.93 -40.48 -49.02
C LEU T 1004 24.87 -39.40 -49.52
N GLY T 1005 24.35 -38.32 -50.10
CA GLY T 1005 25.16 -37.25 -50.61
C GLY T 1005 25.51 -37.33 -52.08
N TYR T 1006 25.08 -38.39 -52.77
CA TYR T 1006 25.37 -38.57 -54.19
C TYR T 1006 24.06 -38.82 -54.92
N GLU T 1007 23.65 -37.87 -55.75
CA GLU T 1007 22.41 -37.99 -56.50
C GLU T 1007 22.63 -38.83 -57.76
N LEU T 1008 21.59 -38.94 -58.58
CA LEU T 1008 21.64 -39.71 -59.81
C LEU T 1008 21.50 -38.86 -61.06
N LYS T 1009 21.18 -37.56 -60.91
CA LYS T 1009 21.05 -36.70 -62.09
C LYS T 1009 22.41 -36.37 -62.70
N LYS T 1010 23.46 -36.31 -61.88
CA LYS T 1010 24.79 -36.03 -62.38
C LYS T 1010 25.35 -37.27 -63.09
N PRO T 1011 26.29 -37.07 -64.01
CA PRO T 1011 26.88 -38.22 -64.73
C PRO T 1011 27.64 -39.15 -63.79
N VAL T 1012 28.11 -40.26 -64.35
CA VAL T 1012 28.81 -41.27 -63.57
C VAL T 1012 30.17 -40.73 -63.11
N SER T 1013 30.81 -39.92 -63.93
CA SER T 1013 32.13 -39.38 -63.58
C SER T 1013 32.07 -38.40 -62.42
N THR T 1014 30.90 -37.81 -62.15
CA THR T 1014 30.76 -36.86 -61.05
C THR T 1014 29.85 -37.36 -59.94
N THR T 1015 29.24 -38.53 -60.09
CA THR T 1015 28.38 -39.08 -59.03
C THR T 1015 29.21 -39.43 -57.79
N ASN T 1016 30.13 -40.37 -57.93
CA ASN T 1016 31.00 -40.78 -56.84
C ASN T 1016 32.26 -39.92 -56.88
N LEU T 1017 32.44 -39.07 -55.86
CA LEU T 1017 33.60 -38.19 -55.81
C LEU T 1017 34.87 -39.01 -55.57
N GLN T 1018 35.91 -38.71 -56.34
CA GLN T 1018 37.17 -39.44 -56.21
C GLN T 1018 37.88 -39.15 -54.90
N ASP T 1019 37.49 -38.09 -54.19
CA ASP T 1019 38.10 -37.75 -52.91
C ASP T 1019 37.56 -38.57 -51.75
N SER T 1020 36.63 -39.48 -52.00
CA SER T 1020 36.04 -40.31 -50.95
C SER T 1020 36.87 -41.57 -50.80
N GLY T 1021 37.75 -41.59 -49.82
CA GLY T 1021 38.58 -42.74 -49.57
C GLY T 1021 40.07 -42.44 -49.57
N VAL T 1022 40.43 -41.22 -49.17
CA VAL T 1022 41.83 -40.81 -49.12
C VAL T 1022 42.33 -40.58 -47.71
N LEU T 1023 41.45 -40.60 -46.70
CA LEU T 1023 41.81 -40.35 -45.31
C LEU T 1023 42.47 -38.97 -45.15
N GLY T 1024 41.68 -37.95 -45.47
CA GLY T 1024 42.13 -36.58 -45.42
C GLY T 1024 41.18 -35.64 -46.14
N CYS T 1025 39.97 -36.13 -46.37
CA CYS T 1025 38.93 -35.39 -47.09
C CYS T 1025 37.69 -35.30 -46.22
N PRO T 1026 36.69 -34.47 -46.60
CA PRO T 1026 35.43 -34.45 -45.82
C PRO T 1026 34.81 -35.82 -45.64
N ARG T 1027 34.60 -36.21 -44.39
CA ARG T 1027 34.10 -37.55 -44.09
C ARG T 1027 32.64 -37.69 -44.51
N THR T 1028 32.35 -38.74 -45.27
CA THR T 1028 30.99 -39.02 -45.73
C THR T 1028 30.71 -40.50 -45.48
N CYS T 1029 29.65 -41.01 -46.13
CA CYS T 1029 29.31 -42.42 -45.98
C CYS T 1029 30.42 -43.32 -46.54
N LEU T 1030 30.98 -42.95 -47.69
CA LEU T 1030 32.08 -43.72 -48.26
C LEU T 1030 33.31 -43.65 -47.38
N HIS T 1031 33.59 -42.50 -46.77
CA HIS T 1031 34.71 -42.39 -45.85
C HIS T 1031 34.51 -43.28 -44.63
N SER T 1032 33.29 -43.30 -44.08
CA SER T 1032 33.02 -44.17 -42.93
C SER T 1032 33.13 -45.64 -43.31
N ILE T 1033 32.65 -46.01 -44.49
CA ILE T 1033 32.75 -47.39 -44.95
C ILE T 1033 34.22 -47.79 -45.11
N LEU T 1034 35.03 -46.90 -45.68
CA LEU T 1034 36.45 -47.18 -45.82
C LEU T 1034 37.12 -47.32 -44.45
N ASP T 1035 36.78 -46.44 -43.51
CA ASP T 1035 37.39 -46.51 -42.19
C ASP T 1035 37.00 -47.77 -41.43
N ILE T 1036 35.77 -48.27 -41.63
CA ILE T 1036 35.33 -49.46 -40.92
C ILE T 1036 35.66 -50.76 -41.65
N LEU T 1037 36.02 -50.70 -42.93
CA LEU T 1037 36.34 -51.90 -43.68
C LEU T 1037 37.81 -52.01 -44.09
N ARG T 1038 38.64 -51.01 -43.79
CA ARG T 1038 40.05 -51.06 -44.14
C ARG T 1038 40.93 -51.58 -43.03
N LYS T 1039 40.58 -51.31 -41.77
CA LYS T 1039 41.39 -51.80 -40.66
C LYS T 1039 41.15 -53.29 -40.44
N GLY T 1040 42.24 -54.02 -40.23
CA GLY T 1040 42.16 -55.45 -40.01
C GLY T 1040 42.86 -56.26 -41.08
N THR T 1041 42.39 -57.48 -41.31
CA THR T 1041 42.96 -58.38 -42.32
C THR T 1041 41.87 -58.69 -43.34
N ASP T 1042 42.01 -58.14 -44.54
CA ASP T 1042 41.03 -58.35 -45.60
C ASP T 1042 41.24 -59.69 -46.29
N VAL T 1043 41.18 -60.78 -45.51
CA VAL T 1043 41.38 -62.13 -46.05
C VAL T 1043 40.38 -63.08 -45.40
N ARG T 1044 40.85 -64.25 -45.00
CA ARG T 1044 39.98 -65.24 -44.38
C ARG T 1044 39.50 -64.76 -43.01
N ALA T 1045 38.33 -65.25 -42.60
CA ALA T 1045 37.72 -64.96 -41.30
C ALA T 1045 37.40 -63.48 -41.14
N GLY T 1046 37.34 -62.72 -42.24
CA GLY T 1046 36.99 -61.33 -42.20
C GLY T 1046 38.03 -60.46 -41.53
N PRO T 1047 37.83 -59.14 -41.55
CA PRO T 1047 38.78 -58.24 -40.90
C PRO T 1047 38.49 -58.04 -39.42
N VAL T 1048 38.43 -56.78 -38.97
CA VAL T 1048 38.14 -56.49 -37.58
C VAL T 1048 36.66 -56.23 -37.33
N ALA T 1049 35.87 -56.01 -38.38
CA ALA T 1049 34.44 -55.77 -38.18
C ALA T 1049 33.74 -57.01 -37.65
N VAL T 1050 34.12 -58.19 -38.13
CA VAL T 1050 33.51 -59.43 -37.64
C VAL T 1050 33.93 -59.71 -36.21
N TRP T 1051 35.15 -59.31 -35.83
CA TRP T 1051 35.60 -59.49 -34.45
C TRP T 1051 34.87 -58.53 -33.52
N ASP T 1052 34.65 -57.29 -33.97
CA ASP T 1052 33.91 -56.32 -33.16
C ASP T 1052 32.43 -56.69 -33.09
N THR T 1053 31.70 -56.44 -34.17
CA THR T 1053 30.28 -56.74 -34.22
C THR T 1053 29.89 -57.22 -35.62
N PRO T 1054 29.37 -58.43 -35.76
CA PRO T 1054 28.96 -58.90 -37.10
C PRO T 1054 27.77 -58.14 -37.66
N HIS T 1055 27.02 -57.42 -36.82
CA HIS T 1055 25.90 -56.63 -37.31
C HIS T 1055 26.37 -55.50 -38.23
N LEU T 1056 27.59 -54.99 -38.00
CA LEU T 1056 28.14 -53.99 -38.89
C LEU T 1056 28.34 -54.55 -40.29
N ALA T 1057 28.94 -55.74 -40.39
CA ALA T 1057 29.09 -56.37 -41.69
C ALA T 1057 27.74 -56.73 -42.30
N GLU T 1058 26.78 -57.11 -41.46
CA GLU T 1058 25.44 -57.42 -41.95
C GLU T 1058 24.80 -56.20 -42.60
N LEU T 1059 24.83 -55.06 -41.92
CA LEU T 1059 24.24 -53.84 -42.47
C LEU T 1059 25.02 -53.34 -43.68
N CYS T 1060 26.34 -53.55 -43.69
CA CYS T 1060 27.13 -53.17 -44.87
C CYS T 1060 26.73 -53.99 -46.08
N TYR T 1061 26.58 -55.31 -45.90
CA TYR T 1061 26.15 -56.17 -47.00
C TYR T 1061 24.74 -55.81 -47.44
N GLN T 1062 23.86 -55.46 -46.49
CA GLN T 1062 22.51 -55.05 -46.84
C GLN T 1062 22.51 -53.77 -47.66
N VAL T 1063 23.34 -52.80 -47.28
CA VAL T 1063 23.44 -51.56 -48.03
C VAL T 1063 23.99 -51.81 -49.43
N ILE T 1064 25.00 -52.68 -49.54
CA ILE T 1064 25.58 -52.99 -50.84
C ILE T 1064 24.54 -53.67 -51.73
N TYR T 1065 23.75 -54.58 -51.16
CA TYR T 1065 22.72 -55.26 -51.93
C TYR T 1065 21.63 -54.29 -52.36
N GLN T 1066 21.23 -53.37 -51.48
CA GLN T 1066 20.21 -52.39 -51.84
C GLN T 1066 20.72 -51.44 -52.92
N LEU T 1067 22.01 -51.11 -52.90
CA LEU T 1067 22.57 -50.24 -53.93
C LEU T 1067 22.75 -50.97 -55.25
N CYS T 1068 23.02 -52.28 -55.21
CA CYS T 1068 23.22 -53.06 -56.44
C CYS T 1068 21.92 -53.56 -57.04
N ALA T 1069 20.82 -53.59 -56.27
CA ALA T 1069 19.55 -54.04 -56.83
C ALA T 1069 19.04 -53.09 -57.91
N CYS T 1070 19.34 -51.80 -57.80
CA CYS T 1070 18.91 -50.83 -58.80
C CYS T 1070 19.77 -50.93 -60.04
N ALA T 1071 19.14 -50.63 -61.19
CA ALA T 1071 19.87 -50.70 -62.46
C ALA T 1071 20.75 -49.47 -62.67
N ASP T 1072 20.27 -48.29 -62.31
CA ASP T 1072 21.01 -47.05 -62.47
C ASP T 1072 21.92 -46.74 -61.29
N THR T 1073 22.11 -47.68 -60.37
CA THR T 1073 22.95 -47.48 -59.20
C THR T 1073 23.99 -48.56 -59.00
N SER T 1074 23.77 -49.76 -59.54
CA SER T 1074 24.74 -50.84 -59.38
C SER T 1074 26.03 -50.56 -60.15
N GLY T 1075 25.94 -49.84 -61.26
CA GLY T 1075 27.09 -49.55 -62.08
C GLY T 1075 28.13 -48.68 -61.40
N PRO T 1076 27.79 -47.42 -61.15
CA PRO T 1076 28.76 -46.50 -60.53
C PRO T 1076 29.26 -46.94 -59.17
N THR T 1077 28.43 -47.62 -58.39
CA THR T 1077 28.85 -48.08 -57.06
C THR T 1077 30.04 -49.03 -57.16
N MET T 1078 29.87 -50.15 -57.87
CA MET T 1078 30.97 -51.09 -58.03
C MET T 1078 32.10 -50.51 -58.86
N ARG T 1079 31.79 -49.58 -59.77
CA ARG T 1079 32.85 -48.91 -60.53
C ARG T 1079 33.79 -48.16 -59.59
N TYR T 1080 33.23 -47.37 -58.68
CA TYR T 1080 34.05 -46.65 -57.72
C TYR T 1080 34.73 -47.61 -56.76
N LEU T 1081 34.02 -48.67 -56.34
CA LEU T 1081 34.62 -49.64 -55.42
C LEU T 1081 35.82 -50.34 -56.05
N ARG T 1082 35.81 -50.53 -57.36
CA ARG T 1082 36.94 -51.17 -58.04
C ARG T 1082 38.04 -50.17 -58.37
N THR T 1083 37.68 -48.94 -58.71
CA THR T 1083 38.70 -47.94 -59.04
C THR T 1083 39.39 -47.37 -57.81
N SER T 1084 38.80 -47.52 -56.62
CA SER T 1084 39.44 -47.07 -55.40
C SER T 1084 40.63 -47.94 -55.04
N GLN T 1085 40.41 -48.93 -54.17
CA GLN T 1085 41.47 -49.85 -53.76
C GLN T 1085 41.03 -51.30 -53.89
N ASP T 1086 40.18 -51.59 -54.89
CA ASP T 1086 39.65 -52.93 -55.14
C ASP T 1086 38.94 -53.47 -53.89
N PHE T 1087 37.81 -52.83 -53.59
CA PHE T 1087 37.05 -53.20 -52.40
C PHE T 1087 36.23 -54.47 -52.61
N LEU T 1088 35.86 -54.77 -53.86
CA LEU T 1088 35.05 -55.96 -54.13
C LEU T 1088 35.83 -57.23 -53.79
N PHE T 1089 37.11 -57.27 -54.15
CA PHE T 1089 37.92 -58.45 -53.85
C PHE T 1089 38.07 -58.64 -52.34
N SER T 1090 38.33 -57.55 -51.61
CA SER T 1090 38.47 -57.65 -50.16
C SER T 1090 37.16 -58.02 -49.49
N GLN T 1091 36.04 -57.60 -50.05
CA GLN T 1091 34.74 -57.96 -49.48
C GLN T 1091 34.40 -59.42 -49.77
N LEU T 1092 34.74 -59.91 -50.95
CA LEU T 1092 34.45 -61.29 -51.31
C LEU T 1092 35.42 -62.28 -50.66
N GLN T 1093 36.62 -61.84 -50.29
CA GLN T 1093 37.58 -62.73 -49.65
C GLN T 1093 37.21 -63.06 -48.20
N HIS T 1094 36.15 -62.45 -47.67
CA HIS T 1094 35.78 -62.70 -46.29
C HIS T 1094 35.23 -64.11 -46.07
N LEU T 1095 34.79 -64.78 -47.14
CA LEU T 1095 34.28 -66.13 -46.99
C LEU T 1095 35.43 -67.11 -46.77
N PRO T 1096 35.29 -68.06 -45.83
CA PRO T 1096 34.12 -68.20 -44.98
C PRO T 1096 34.24 -67.42 -43.66
N PHE T 1097 33.13 -67.26 -42.96
CA PHE T 1097 33.11 -66.54 -41.69
C PHE T 1097 33.45 -67.48 -40.54
N SER T 1098 34.33 -67.00 -39.66
CA SER T 1098 34.76 -67.78 -38.50
C SER T 1098 34.61 -67.07 -37.17
N VAL T 1099 34.76 -65.74 -37.12
CA VAL T 1099 34.61 -64.99 -35.86
C VAL T 1099 33.17 -64.55 -35.73
N GLU T 1100 32.31 -65.46 -35.26
CA GLU T 1100 30.89 -65.17 -35.10
C GLU T 1100 30.44 -65.64 -33.72
N GLU T 1101 29.24 -65.18 -33.33
CA GLU T 1101 28.66 -65.57 -32.06
C GLU T 1101 27.56 -66.61 -32.20
N SER T 1102 27.07 -66.85 -33.41
CA SER T 1102 26.00 -67.83 -33.62
C SER T 1102 26.03 -68.31 -35.06
N GLU T 1103 25.74 -69.59 -35.24
CA GLU T 1103 25.68 -70.16 -36.59
C GLU T 1103 24.60 -69.49 -37.43
N ILE T 1104 23.53 -69.01 -36.79
CA ILE T 1104 22.48 -68.31 -37.52
C ILE T 1104 23.04 -67.07 -38.20
N SER T 1105 23.70 -66.20 -37.41
CA SER T 1105 24.31 -65.00 -37.97
C SER T 1105 25.42 -65.35 -38.94
N ALA T 1106 26.17 -66.42 -38.69
CA ALA T 1106 27.23 -66.82 -39.59
C ALA T 1106 26.68 -67.16 -40.98
N MET T 1107 25.68 -68.04 -41.02
CA MET T 1107 25.11 -68.41 -42.31
C MET T 1107 24.34 -67.26 -42.94
N ASN T 1108 23.78 -66.36 -42.13
CA ASN T 1108 23.13 -65.17 -42.69
C ASN T 1108 24.14 -64.28 -43.40
N GLN T 1109 25.28 -64.02 -42.76
CA GLN T 1109 26.34 -63.24 -43.39
C GLN T 1109 26.85 -63.93 -44.64
N MET T 1110 27.02 -65.26 -44.58
CA MET T 1110 27.48 -66.00 -45.76
C MET T 1110 26.48 -65.86 -46.90
N SER T 1111 25.19 -65.99 -46.60
CA SER T 1111 24.17 -65.87 -47.65
C SER T 1111 24.13 -64.47 -48.24
N TRP T 1112 24.24 -63.43 -47.40
CA TRP T 1112 24.23 -62.07 -47.91
C TRP T 1112 25.45 -61.80 -48.79
N LEU T 1113 26.63 -62.28 -48.37
CA LEU T 1113 27.83 -62.06 -49.17
C LEU T 1113 27.75 -62.83 -50.48
N MET T 1114 27.23 -64.06 -50.45
CA MET T 1114 27.05 -64.81 -51.68
C MET T 1114 26.05 -64.12 -52.60
N LYS T 1115 24.99 -63.54 -52.04
CA LYS T 1115 24.00 -62.85 -52.84
C LYS T 1115 24.59 -61.63 -53.54
N THR T 1116 25.34 -60.82 -52.79
CA THR T 1116 25.94 -59.63 -53.41
C THR T 1116 27.03 -60.02 -54.40
N ALA T 1117 27.77 -61.10 -54.14
CA ALA T 1117 28.76 -61.56 -55.11
C ALA T 1117 28.11 -62.04 -56.39
N THR T 1118 26.98 -62.76 -56.27
CA THR T 1118 26.27 -63.23 -57.45
C THR T 1118 25.67 -62.05 -58.23
N ILE T 1119 25.18 -61.04 -57.53
CA ILE T 1119 24.62 -59.89 -58.24
C ILE T 1119 25.74 -59.10 -58.93
N GLU T 1120 26.93 -59.04 -58.32
CA GLU T 1120 28.06 -58.40 -58.99
C GLU T 1120 28.49 -59.19 -60.21
N LEU T 1121 28.52 -60.52 -60.11
CA LEU T 1121 28.85 -61.35 -61.25
C LEU T 1121 27.84 -61.17 -62.37
N ARG T 1122 26.55 -61.08 -62.03
CA ARG T 1122 25.52 -60.88 -63.03
C ARG T 1122 25.67 -59.52 -63.71
N ILE T 1123 25.95 -58.47 -62.94
CA ILE T 1123 26.14 -57.15 -63.53
C ILE T 1123 27.35 -57.12 -64.45
N THR T 1124 28.44 -57.79 -64.03
CA THR T 1124 29.63 -57.83 -64.87
C THR T 1124 29.38 -58.61 -66.15
N SER T 1125 28.63 -59.72 -66.07
CA SER T 1125 28.30 -60.48 -67.26
C SER T 1125 27.38 -59.70 -68.20
N LEU T 1126 26.49 -58.88 -67.64
CA LEU T 1126 25.62 -58.06 -68.47
C LEU T 1126 26.41 -56.93 -69.14
N ASN T 1127 27.39 -56.36 -68.43
CA ASN T 1127 28.22 -55.30 -68.97
C ASN T 1127 29.39 -55.83 -69.80
N ARG T 1128 29.56 -57.15 -69.89
CA ARG T 1128 30.62 -57.77 -70.68
C ARG T 1128 32.00 -57.36 -70.16
N GLN T 1129 32.33 -57.85 -68.98
CA GLN T 1129 33.61 -57.61 -68.32
C GLN T 1129 34.32 -58.95 -68.19
N ARG T 1130 35.18 -59.25 -69.16
CA ARG T 1130 35.84 -60.55 -69.20
C ARG T 1130 36.76 -60.75 -68.02
N SER T 1131 37.62 -59.76 -67.73
CA SER T 1131 38.55 -59.89 -66.61
C SER T 1131 37.82 -59.96 -65.28
N HIS T 1132 36.76 -59.17 -65.11
CA HIS T 1132 36.01 -59.20 -63.86
C HIS T 1132 35.31 -60.54 -63.68
N THR T 1133 34.71 -61.08 -64.75
CA THR T 1133 34.06 -62.39 -64.65
C THR T 1133 35.09 -63.49 -64.37
N GLN T 1134 36.27 -63.39 -64.97
CA GLN T 1134 37.33 -64.37 -64.70
C GLN T 1134 37.77 -64.31 -63.25
N ARG T 1135 37.96 -63.10 -62.71
CA ARG T 1135 38.34 -62.96 -61.31
C ARG T 1135 37.27 -63.50 -60.38
N LEU T 1136 35.99 -63.22 -60.69
CA LEU T 1136 34.90 -63.71 -59.86
C LEU T 1136 34.84 -65.23 -59.89
N LEU T 1137 34.97 -65.83 -61.06
CA LEU T 1137 34.94 -67.29 -61.15
C LEU T 1137 36.14 -67.92 -60.45
N HIS T 1138 37.30 -67.27 -60.54
CA HIS T 1138 38.49 -67.77 -59.82
C HIS T 1138 38.28 -67.74 -58.32
N LEU T 1139 37.77 -66.61 -57.81
CA LEU T 1139 37.53 -66.51 -56.37
C LEU T 1139 36.41 -67.43 -55.91
N LEU T 1140 35.48 -67.78 -56.80
CA LEU T 1140 34.40 -68.68 -56.42
C LEU T 1140 34.86 -70.13 -56.41
N LEU T 1141 35.66 -70.54 -57.40
CA LEU T 1141 36.11 -71.92 -57.52
C LEU T 1141 37.48 -72.16 -56.88
N ASP T 1142 38.03 -71.17 -56.18
CA ASP T 1142 39.31 -71.36 -55.52
C ASP T 1142 39.17 -72.32 -54.35
N ASP T 1143 40.08 -73.29 -54.28
CA ASP T 1143 40.05 -74.28 -53.20
C ASP T 1143 41.06 -73.93 -52.12
N MET T 1144 42.34 -73.97 -52.46
CA MET T 1144 43.38 -73.64 -51.49
C MET T 1144 43.37 -72.14 -51.20
N PRO T 1145 43.65 -71.73 -49.95
CA PRO T 1145 43.69 -70.30 -49.63
C PRO T 1145 44.81 -69.58 -50.38
N THR T 1146 44.44 -68.73 -51.33
CA THR T 1146 45.41 -68.01 -52.13
C THR T 1146 45.88 -66.75 -51.39
N ARG T 1147 46.78 -66.00 -52.02
CA ARG T 1147 47.32 -64.77 -51.46
C ARG T 1147 46.78 -63.55 -52.23
N PRO T 1148 46.60 -62.43 -51.55
CA PRO T 1148 46.10 -61.23 -52.24
C PRO T 1148 47.15 -60.70 -53.22
N TYR T 1149 46.72 -60.46 -54.45
CA TYR T 1149 47.58 -59.95 -55.51
C TYR T 1149 47.00 -58.64 -56.04
N SER T 1150 47.60 -58.13 -57.12
CA SER T 1150 47.13 -56.88 -57.70
C SER T 1150 47.37 -56.79 -59.20
N ALA T 1151 47.82 -57.86 -59.86
CA ALA T 1151 48.06 -57.84 -61.29
C ALA T 1151 46.73 -57.90 -62.04
N ASP T 1152 46.44 -56.86 -62.81
CA ASP T 1152 45.20 -56.78 -63.59
C ASP T 1152 45.55 -56.60 -65.06
N GLY T 1153 45.05 -57.52 -65.89
CA GLY T 1153 45.29 -57.45 -67.32
C GLY T 1153 44.30 -56.55 -68.03
N GLU T 1154 43.16 -56.30 -67.39
CA GLU T 1154 42.13 -55.45 -67.97
C GLU T 1154 41.32 -54.77 -66.88
N GLY T 1155 40.92 -55.54 -65.86
CA GLY T 1155 40.15 -55.00 -64.75
C GLY T 1155 40.10 -55.93 -63.56
N GLY T 1156 40.87 -57.02 -63.61
CA GLY T 1156 40.88 -57.95 -62.50
C GLY T 1156 41.79 -59.12 -62.80
N MET T 1157 41.60 -60.19 -62.04
CA MET T 1157 42.43 -61.39 -62.22
C MET T 1157 42.03 -62.12 -63.50
N GLU T 1158 43.03 -62.68 -64.18
CA GLU T 1158 42.79 -63.42 -65.41
C GLU T 1158 43.61 -64.70 -65.55
N ASP T 1159 44.74 -64.84 -64.86
CA ASP T 1159 45.57 -66.02 -64.94
C ASP T 1159 45.38 -66.89 -63.69
N GLU T 1160 46.12 -67.99 -63.64
CA GLU T 1160 46.05 -68.92 -62.53
C GLU T 1160 47.17 -68.72 -61.52
N SER T 1161 48.08 -67.78 -61.77
CA SER T 1161 49.19 -67.52 -60.85
C SER T 1161 48.92 -66.37 -59.89
N ARG T 1162 48.02 -65.45 -60.22
CA ARG T 1162 47.69 -64.33 -59.36
C ARG T 1162 46.41 -64.53 -58.56
N SER T 1163 45.49 -65.37 -59.03
CA SER T 1163 44.24 -65.65 -58.34
C SER T 1163 44.20 -67.04 -57.73
N LEU T 1164 44.74 -68.05 -58.42
CA LEU T 1164 44.79 -69.42 -57.91
C LEU T 1164 46.19 -69.81 -57.47
N SER T 1165 46.88 -68.92 -56.74
CA SER T 1165 48.24 -69.20 -56.29
C SER T 1165 48.29 -70.18 -55.13
N GLY T 1166 47.14 -70.52 -54.53
CA GLY T 1166 47.16 -71.45 -53.42
C GLY T 1166 47.62 -72.84 -53.82
N PHE T 1167 47.25 -73.27 -55.04
CA PHE T 1167 47.69 -74.57 -55.53
C PHE T 1167 49.20 -74.62 -55.67
N LEU T 1168 49.79 -73.59 -56.28
CA LEU T 1168 51.24 -73.56 -56.43
C LEU T 1168 51.95 -73.35 -55.10
N HIS T 1169 51.29 -72.73 -54.14
CA HIS T 1169 51.90 -72.51 -52.83
C HIS T 1169 51.89 -73.78 -51.99
N PHE T 1170 50.83 -74.58 -52.09
CA PHE T 1170 50.72 -75.81 -51.32
C PHE T 1170 51.26 -77.03 -52.06
N ASP T 1171 51.63 -76.88 -53.34
CA ASP T 1171 52.19 -77.96 -54.15
C ASP T 1171 51.25 -79.16 -54.28
N THR T 1172 49.96 -78.95 -54.05
CA THR T 1172 48.96 -80.01 -54.14
C THR T 1172 47.59 -79.38 -54.28
N THR T 1173 46.60 -80.23 -54.54
CA THR T 1173 45.22 -79.79 -54.69
C THR T 1173 44.28 -80.94 -54.36
N SER T 1174 43.17 -80.63 -53.70
CA SER T 1174 42.20 -81.65 -53.32
C SER T 1174 40.81 -81.03 -53.16
N LYS T 1175 40.10 -81.41 -52.09
CA LYS T 1175 38.76 -80.92 -51.80
C LYS T 1175 38.62 -80.59 -50.33
N VAL T 1176 39.64 -79.93 -49.76
CA VAL T 1176 39.66 -79.59 -48.35
C VAL T 1176 40.10 -78.14 -48.21
N ARG T 1177 39.69 -77.51 -47.10
CA ARG T 1177 40.06 -76.14 -46.78
C ARG T 1177 39.58 -75.17 -47.85
N ARG T 1178 38.39 -75.42 -48.40
CA ARG T 1178 37.78 -74.56 -49.41
C ARG T 1178 36.70 -73.70 -48.78
N LYS T 1179 36.43 -72.57 -49.41
CA LYS T 1179 35.45 -71.62 -48.88
C LYS T 1179 34.05 -72.22 -48.91
N ILE T 1180 33.63 -72.73 -50.07
CA ILE T 1180 32.28 -73.30 -50.19
C ILE T 1180 32.16 -74.55 -49.34
N LEU T 1181 33.22 -75.35 -49.26
CA LEU T 1181 33.18 -76.55 -48.42
C LEU T 1181 33.03 -76.18 -46.95
N ARG T 1182 33.76 -75.16 -46.49
CA ARG T 1182 33.64 -74.73 -45.10
C ARG T 1182 32.26 -74.13 -44.83
N ILE T 1183 31.70 -73.42 -45.82
CA ILE T 1183 30.35 -72.88 -45.66
C ILE T 1183 29.34 -74.00 -45.51
N LEU T 1184 29.46 -75.04 -46.36
CA LEU T 1184 28.54 -76.17 -46.29
C LEU T 1184 28.71 -76.95 -44.99
N ASP T 1185 29.94 -77.03 -44.47
CA ASP T 1185 30.16 -77.72 -43.21
C ASP T 1185 29.66 -76.89 -42.02
N SER T 1186 29.66 -75.57 -42.16
CA SER T 1186 29.19 -74.71 -41.07
C SER T 1186 27.68 -74.62 -41.02
N ILE T 1187 27.02 -74.59 -42.18
CA ILE T 1187 25.56 -74.54 -42.20
C ILE T 1187 24.99 -75.87 -41.68
N GLN T 1188 23.83 -75.79 -41.04
CA GLN T 1188 23.23 -76.96 -40.41
C GLN T 1188 22.64 -77.89 -41.45
N PHE T 1189 22.68 -79.19 -41.13
CA PHE T 1189 22.11 -80.22 -42.01
C PHE T 1189 20.76 -80.72 -41.53
N SER T 1190 20.52 -80.75 -40.23
CA SER T 1190 19.26 -81.24 -39.71
C SER T 1190 18.12 -80.28 -40.05
N ASN T 1191 16.90 -80.83 -40.13
CA ASN T 1191 15.73 -80.05 -40.45
C ASN T 1191 15.12 -79.47 -39.18
N GLU T 1192 14.78 -78.18 -39.21
CA GLU T 1192 14.21 -77.49 -38.07
C GLU T 1192 12.72 -77.29 -38.35
N ILE T 1193 11.91 -78.21 -37.86
CA ILE T 1193 10.46 -78.16 -38.04
C ILE T 1193 9.86 -77.35 -36.89
N PRO T 1194 9.21 -76.21 -37.16
CA PRO T 1194 8.64 -75.42 -36.07
C PRO T 1194 7.22 -75.86 -35.72
N GLU T 1195 6.99 -76.19 -34.45
CA GLU T 1195 5.69 -76.61 -33.98
C GLU T 1195 5.05 -75.53 -33.13
N PRO T 1196 3.79 -75.17 -33.40
CA PRO T 1196 3.14 -74.12 -32.61
C PRO T 1196 2.93 -74.53 -31.15
N LEU T 1197 2.02 -75.46 -30.92
CA LEU T 1197 1.69 -75.92 -29.58
C LEU T 1197 1.65 -77.44 -29.57
N GLN T 1198 2.25 -78.03 -28.53
CA GLN T 1198 2.28 -79.49 -28.37
C GLN T 1198 2.15 -79.82 -26.90
N LEU T 1199 1.09 -80.53 -26.55
CA LEU T 1199 0.83 -80.92 -25.17
C LEU T 1199 0.87 -82.43 -25.04
N ASP T 1200 1.10 -82.90 -23.81
CA ASP T 1200 1.17 -84.34 -23.57
C ASP T 1200 0.81 -84.72 -22.13
N PHE T 1201 0.02 -83.90 -21.44
CA PHE T 1201 -0.37 -84.18 -20.06
C PHE T 1201 -1.82 -84.63 -19.91
N PHE T 1202 -2.64 -84.43 -20.94
CA PHE T 1202 -4.05 -84.82 -20.87
C PHE T 1202 -4.39 -85.81 -21.97
N ASP T 1203 -5.66 -85.85 -22.38
CA ASP T 1203 -6.08 -86.76 -23.43
C ASP T 1203 -5.63 -86.24 -24.80
N ARG T 1204 -5.27 -87.18 -25.67
CA ARG T 1204 -4.79 -86.79 -27.00
C ARG T 1204 -5.89 -86.15 -27.83
N SER T 1205 -7.15 -86.51 -27.59
CA SER T 1205 -8.25 -85.88 -28.31
C SER T 1205 -8.36 -84.40 -27.93
N GLN T 1206 -8.34 -84.11 -26.63
CA GLN T 1206 -8.37 -82.71 -26.18
C GLN T 1206 -7.13 -81.97 -26.63
N ILE T 1207 -5.97 -82.63 -26.65
CA ILE T 1207 -4.75 -81.98 -27.11
C ILE T 1207 -4.87 -81.58 -28.58
N GLU T 1208 -5.36 -82.49 -29.42
CA GLU T 1208 -5.54 -82.19 -30.83
C GLU T 1208 -6.60 -81.11 -31.03
N GLN T 1209 -7.65 -81.12 -30.21
CA GLN T 1209 -8.67 -80.08 -30.32
C GLN T 1209 -8.10 -78.71 -29.97
N VAL T 1210 -7.30 -78.63 -28.90
CA VAL T 1210 -6.69 -77.36 -28.53
C VAL T 1210 -5.71 -76.90 -29.61
N ILE T 1211 -4.96 -77.85 -30.19
CA ILE T 1211 -4.02 -77.50 -31.25
C ILE T 1211 -4.75 -76.94 -32.46
N ALA T 1212 -5.86 -77.58 -32.85
CA ALA T 1212 -6.62 -77.10 -33.99
C ALA T 1212 -7.30 -75.77 -33.70
N ASN T 1213 -7.70 -75.53 -32.45
CA ASN T 1213 -8.31 -74.25 -32.10
C ASN T 1213 -7.28 -73.13 -32.10
N CYS T 1214 -6.06 -73.41 -31.65
CA CYS T 1214 -5.00 -72.41 -31.61
C CYS T 1214 -4.20 -72.46 -32.91
N GLU T 1215 -4.82 -71.92 -33.96
CA GLU T 1215 -4.21 -71.88 -35.29
C GLU T 1215 -4.57 -70.54 -35.93
N HIS T 1216 -3.64 -69.60 -35.89
CA HIS T 1216 -3.85 -68.29 -36.49
C HIS T 1216 -2.49 -67.67 -36.79
N LYS T 1217 -2.46 -66.81 -37.81
CA LYS T 1217 -1.22 -66.16 -38.20
C LYS T 1217 -0.84 -65.07 -37.19
N ASN T 1218 0.44 -64.72 -37.19
CA ASN T 1218 0.95 -63.70 -36.29
C ASN T 1218 2.02 -62.86 -36.98
N ARG T 1219 3.16 -62.66 -36.31
CA ARG T 1219 4.25 -61.87 -36.84
C ARG T 1219 5.46 -62.71 -37.25
N ARG T 1220 5.59 -63.93 -36.74
CA ARG T 1220 6.73 -64.77 -37.10
C ARG T 1220 6.58 -65.38 -38.48
N GLY T 1221 5.35 -65.59 -38.94
CA GLY T 1221 5.10 -66.16 -40.25
C GLY T 1221 4.39 -67.50 -40.23
N GLN T 1222 4.37 -68.18 -39.08
CA GLN T 1222 3.72 -69.48 -38.94
C GLN T 1222 2.39 -69.32 -38.21
N THR T 1223 1.78 -70.45 -37.85
CA THR T 1223 0.51 -70.47 -37.14
C THR T 1223 0.69 -70.46 -35.63
N VAL T 1224 1.66 -69.71 -35.13
CA VAL T 1224 1.93 -69.62 -33.70
C VAL T 1224 1.25 -68.38 -33.15
N CYS T 1225 1.07 -68.35 -31.82
CA CYS T 1225 0.44 -67.25 -31.15
C CYS T 1225 1.46 -66.48 -30.31
N ASN T 1226 0.99 -65.41 -29.66
CA ASN T 1226 1.86 -64.63 -28.80
C ASN T 1226 2.22 -65.41 -27.55
N VAL T 1227 3.40 -65.09 -26.99
CA VAL T 1227 3.91 -65.84 -25.84
C VAL T 1227 2.97 -65.75 -24.66
N LYS T 1228 2.30 -64.62 -24.48
CA LYS T 1228 1.33 -64.48 -23.39
C LYS T 1228 -0.08 -64.84 -23.83
N LEU T 1229 -0.43 -64.60 -25.10
CA LEU T 1229 -1.78 -64.89 -25.56
C LEU T 1229 -2.04 -66.40 -25.59
N LEU T 1230 -1.04 -67.20 -25.97
CA LEU T 1230 -1.24 -68.64 -25.96
C LEU T 1230 -1.45 -69.17 -24.55
N HIS T 1231 -0.71 -68.63 -23.57
CA HIS T 1231 -0.89 -69.06 -22.20
C HIS T 1231 -2.24 -68.60 -21.64
N ARG T 1232 -2.69 -67.41 -22.04
CA ARG T 1232 -4.02 -66.96 -21.63
C ARG T 1232 -5.10 -67.85 -22.22
N VAL T 1233 -4.95 -68.24 -23.48
CA VAL T 1233 -5.92 -69.13 -24.11
C VAL T 1233 -5.92 -70.49 -23.43
N LEU T 1234 -4.74 -71.01 -23.09
CA LEU T 1234 -4.67 -72.29 -22.40
C LEU T 1234 -5.32 -72.20 -21.02
N VAL T 1235 -5.09 -71.09 -20.30
CA VAL T 1235 -5.71 -70.91 -18.99
C VAL T 1235 -7.22 -70.85 -19.12
N ALA T 1236 -7.73 -70.11 -20.10
CA ALA T 1236 -9.18 -70.04 -20.31
C ALA T 1236 -9.75 -71.40 -20.67
N GLU T 1237 -9.02 -72.19 -21.47
CA GLU T 1237 -9.51 -73.50 -21.87
C GLU T 1237 -9.54 -74.46 -20.69
N VAL T 1238 -8.50 -74.46 -19.85
CA VAL T 1238 -8.49 -75.35 -18.70
C VAL T 1238 -9.42 -74.86 -17.60
N ASN T 1239 -9.84 -73.59 -17.64
CA ASN T 1239 -10.79 -73.08 -16.68
C ASN T 1239 -12.24 -73.32 -17.08
N ALA T 1240 -12.54 -73.24 -18.38
CA ALA T 1240 -13.90 -73.45 -18.86
C ALA T 1240 -14.34 -74.90 -18.85
N LEU T 1241 -13.43 -75.84 -18.55
CA LEU T 1241 -13.75 -77.26 -18.52
C LEU T 1241 -13.35 -77.82 -17.15
N GLN T 1242 -14.14 -77.48 -16.13
CA GLN T 1242 -13.88 -77.95 -14.78
C GLN T 1242 -15.16 -78.47 -14.13
N GLY T 1243 -15.27 -78.35 -12.81
CA GLY T 1243 -16.44 -78.81 -12.09
C GLY T 1243 -16.71 -78.02 -10.83
N MET T 1244 -15.98 -78.32 -9.76
CA MET T 1244 -16.18 -77.63 -8.49
C MET T 1244 -14.90 -77.67 -7.65
N ALA T 1245 -14.11 -78.74 -7.79
CA ALA T 1245 -12.88 -78.91 -7.04
C ALA T 1245 -11.69 -78.51 -7.90
N ALA T 1246 -10.83 -77.64 -7.37
CA ALA T 1246 -9.65 -77.19 -8.08
C ALA T 1246 -8.60 -76.66 -7.12
N ILE T 1247 -8.02 -77.55 -6.32
CA ILE T 1247 -6.99 -77.20 -5.35
C ILE T 1247 -5.70 -77.90 -5.75
N GLY T 1248 -4.57 -77.21 -5.54
CA GLY T 1248 -3.28 -77.76 -5.89
C GLY T 1248 -3.01 -77.88 -7.37
N GLN T 1249 -3.77 -77.19 -8.21
CA GLN T 1249 -3.59 -77.26 -9.65
C GLN T 1249 -2.90 -76.03 -10.24
N ARG T 1250 -2.88 -74.91 -9.51
CA ARG T 1250 -2.26 -73.68 -9.99
C ARG T 1250 -0.75 -73.82 -10.17
N PRO T 1251 -0.01 -74.42 -9.23
CA PRO T 1251 1.43 -74.62 -9.48
C PRO T 1251 1.71 -75.53 -10.67
N LEU T 1252 0.91 -76.60 -10.83
CA LEU T 1252 1.07 -77.47 -11.98
C LEU T 1252 0.79 -76.73 -13.28
N LEU T 1253 -0.25 -75.89 -13.29
CA LEU T 1253 -0.56 -75.10 -14.48
C LEU T 1253 0.55 -74.11 -14.79
N MET T 1254 1.12 -73.50 -13.75
CA MET T 1254 2.23 -72.56 -13.97
C MET T 1254 3.46 -73.27 -14.52
N GLU T 1255 3.76 -74.47 -14.00
CA GLU T 1255 4.89 -75.23 -14.51
C GLU T 1255 4.66 -75.65 -15.95
N GLU T 1256 3.42 -76.06 -16.28
CA GLU T 1256 3.11 -76.41 -17.66
C GLU T 1256 3.23 -75.20 -18.58
N ILE T 1257 2.80 -74.03 -18.11
CA ILE T 1257 2.92 -72.81 -18.91
C ILE T 1257 4.38 -72.46 -19.14
N ASN T 1258 5.21 -72.61 -18.12
CA ASN T 1258 6.63 -72.33 -18.28
C ASN T 1258 7.29 -73.31 -19.26
N THR T 1259 6.94 -74.60 -19.17
CA THR T 1259 7.48 -75.57 -20.10
C THR T 1259 7.04 -75.30 -21.53
N ILE T 1260 5.78 -74.90 -21.71
CA ILE T 1260 5.28 -74.58 -23.05
C ILE T 1260 5.97 -73.32 -23.57
N LEU T 1261 6.26 -72.37 -22.69
CA LEU T 1261 6.98 -71.16 -23.11
C LEU T 1261 8.40 -71.50 -23.56
N GLN T 1262 9.09 -72.35 -22.81
CA GLN T 1262 10.42 -72.79 -23.23
C GLN T 1262 10.35 -73.55 -24.54
N TYR T 1263 9.32 -74.37 -24.72
CA TYR T 1263 9.17 -75.15 -25.95
C TYR T 1263 8.95 -74.23 -27.15
N VAL T 1264 8.08 -73.22 -27.01
CA VAL T 1264 7.82 -72.33 -28.13
C VAL T 1264 9.00 -71.40 -28.38
N VAL T 1265 9.80 -71.11 -27.35
CA VAL T 1265 11.02 -70.34 -27.56
C VAL T 1265 12.02 -71.15 -28.38
N GLU T 1266 12.20 -72.42 -28.02
CA GLU T 1266 13.08 -73.29 -28.80
C GLU T 1266 12.56 -73.45 -30.23
N ARG T 1267 11.24 -73.55 -30.40
CA ARG T 1267 10.68 -73.68 -31.73
C ARG T 1267 10.83 -72.39 -32.54
N ASN T 1268 10.78 -71.24 -31.89
CA ASN T 1268 11.03 -69.98 -32.60
C ASN T 1268 12.49 -69.88 -33.02
N LYS T 1269 13.41 -70.34 -32.17
CA LYS T 1269 14.81 -70.39 -32.56
C LYS T 1269 15.01 -71.32 -33.75
N LEU T 1270 14.36 -72.49 -33.72
CA LEU T 1270 14.43 -73.40 -34.86
C LEU T 1270 13.81 -72.78 -36.11
N LEU T 1271 12.77 -71.96 -35.94
CA LEU T 1271 12.16 -71.29 -37.08
C LEU T 1271 13.11 -70.26 -37.68
N GLN T 1272 13.83 -69.51 -36.84
CA GLN T 1272 14.84 -68.61 -37.36
C GLN T 1272 15.95 -69.37 -38.08
N CYS T 1273 16.36 -70.51 -37.53
CA CYS T 1273 17.37 -71.34 -38.19
C CYS T 1273 16.87 -71.81 -39.56
N LEU T 1274 15.61 -72.25 -39.63
CA LEU T 1274 15.05 -72.72 -40.89
C LEU T 1274 14.93 -71.58 -41.89
N HIS T 1275 14.58 -70.38 -41.44
CA HIS T 1275 14.49 -69.23 -42.33
C HIS T 1275 15.86 -68.87 -42.87
N ALA T 1276 16.90 -68.91 -42.02
CA ALA T 1276 18.25 -68.64 -42.50
C ALA T 1276 18.71 -69.70 -43.50
N LYS T 1277 18.36 -70.96 -43.24
CA LYS T 1277 18.70 -72.03 -44.17
C LYS T 1277 17.99 -71.85 -45.51
N ARG T 1278 16.73 -71.42 -45.46
CA ARG T 1278 15.98 -71.17 -46.70
C ARG T 1278 16.57 -69.99 -47.46
N HIS T 1279 17.03 -68.96 -46.75
CA HIS T 1279 17.68 -67.84 -47.42
C HIS T 1279 18.99 -68.28 -48.06
N ALA T 1280 19.77 -69.11 -47.37
CA ALA T 1280 21.00 -69.64 -47.96
C ALA T 1280 20.70 -70.50 -49.19
N LEU T 1281 19.63 -71.29 -49.14
CA LEU T 1281 19.28 -72.13 -50.27
C LEU T 1281 18.80 -71.29 -51.45
N GLU T 1282 18.08 -70.20 -51.17
CA GLU T 1282 17.67 -69.29 -52.24
C GLU T 1282 18.88 -68.59 -52.85
N SER T 1283 19.87 -68.24 -52.03
CA SER T 1283 21.11 -67.68 -52.55
C SER T 1283 21.83 -68.67 -53.44
N TRP T 1284 21.87 -69.94 -53.02
CA TRP T 1284 22.48 -70.98 -53.85
C TRP T 1284 21.73 -71.15 -55.17
N ARG T 1285 20.40 -71.07 -55.12
CA ARG T 1285 19.60 -71.17 -56.34
C ARG T 1285 19.88 -70.00 -57.28
N GLN T 1286 19.98 -68.79 -56.74
CA GLN T 1286 20.33 -67.64 -57.56
C GLN T 1286 21.73 -67.80 -58.16
N LEU T 1287 22.66 -68.33 -57.38
CA LEU T 1287 24.02 -68.55 -57.87
C LEU T 1287 24.03 -69.54 -59.04
N VAL T 1288 23.33 -70.66 -58.88
CA VAL T 1288 23.34 -71.65 -59.95
C VAL T 1288 22.56 -71.16 -61.16
N GLU T 1289 21.53 -70.33 -60.95
CA GLU T 1289 20.81 -69.75 -62.08
C GLU T 1289 21.69 -68.77 -62.85
N ILE T 1290 22.51 -67.99 -62.14
CA ILE T 1290 23.44 -67.08 -62.80
C ILE T 1290 24.51 -67.88 -63.54
N ILE T 1291 24.96 -68.98 -62.96
CA ILE T 1291 25.95 -69.82 -63.63
C ILE T 1291 25.36 -70.43 -64.89
N LEU T 1292 24.08 -70.80 -64.85
CA LEU T 1292 23.42 -71.43 -65.99
C LEU T 1292 23.14 -70.41 -67.10
N THR T 1293 22.23 -69.47 -66.84
CA THR T 1293 21.76 -68.57 -67.89
C THR T 1293 22.15 -67.12 -67.63
N ALA T 1294 23.44 -66.85 -67.50
CA ALA T 1294 23.94 -65.49 -67.34
C ALA T 1294 25.44 -65.42 -67.61
N CYS T 1295 26.17 -66.48 -67.25
CA CYS T 1295 27.62 -66.50 -67.40
C CYS T 1295 28.05 -67.81 -68.05
N PRO T 1296 29.06 -67.78 -68.90
CA PRO T 1296 29.57 -69.01 -69.51
C PRO T 1296 30.52 -69.75 -68.58
N GLN T 1297 30.88 -70.96 -68.98
CA GLN T 1297 31.77 -71.82 -68.19
C GLN T 1297 32.87 -72.35 -69.12
N ASP T 1298 33.75 -71.45 -69.55
CA ASP T 1298 34.86 -71.83 -70.43
C ASP T 1298 35.99 -70.80 -70.36
N LEU T 1299 36.67 -70.74 -69.22
CA LEU T 1299 37.78 -69.80 -69.06
C LEU T 1299 39.00 -70.52 -68.48
N ILE T 1300 38.86 -71.10 -67.30
CA ILE T 1300 39.94 -71.85 -66.66
C ILE T 1300 40.13 -73.16 -67.42
N PRO T 1301 41.28 -73.82 -67.29
CA PRO T 1301 41.51 -75.07 -68.05
C PRO T 1301 40.45 -76.13 -67.77
N THR T 1302 40.24 -76.99 -68.77
CA THR T 1302 39.20 -78.01 -68.67
C THR T 1302 39.51 -79.03 -67.59
N GLU T 1303 40.78 -79.34 -67.36
CA GLU T 1303 41.14 -80.28 -66.30
C GLU T 1303 40.73 -79.75 -64.94
N HIS T 1304 41.08 -78.50 -64.65
CA HIS T 1304 40.68 -77.89 -63.38
C HIS T 1304 39.17 -77.75 -63.31
N ARG T 1305 38.53 -77.43 -64.43
CA ARG T 1305 37.06 -77.37 -64.46
C ARG T 1305 36.45 -78.69 -64.02
N GLN T 1306 36.88 -79.79 -64.63
CA GLN T 1306 36.32 -81.10 -64.29
C GLN T 1306 36.67 -81.50 -62.86
N LEU T 1307 37.87 -81.15 -62.40
CA LEU T 1307 38.25 -81.47 -61.02
C LEU T 1307 37.35 -80.75 -60.02
N ILE T 1308 37.15 -79.45 -60.23
CA ILE T 1308 36.29 -78.68 -59.33
C ILE T 1308 34.85 -79.18 -59.40
N ILE T 1309 34.39 -79.53 -60.61
CA ILE T 1309 33.02 -80.03 -60.76
C ILE T 1309 32.84 -81.34 -60.01
N ARG T 1310 33.80 -82.26 -60.15
CA ARG T 1310 33.70 -83.54 -59.45
C ARG T 1310 33.79 -83.36 -57.94
N ASP T 1311 34.64 -82.45 -57.48
CA ASP T 1311 34.75 -82.21 -56.03
C ASP T 1311 33.45 -81.65 -55.49
N LEU T 1312 32.86 -80.67 -56.19
CA LEU T 1312 31.59 -80.11 -55.75
C LEU T 1312 30.48 -81.16 -55.79
N LEU T 1313 30.50 -82.03 -56.80
CA LEU T 1313 29.49 -83.09 -56.89
C LEU T 1313 29.60 -84.05 -55.71
N GLN T 1314 30.83 -84.47 -55.38
CA GLN T 1314 31.01 -85.34 -54.24
C GLN T 1314 30.59 -84.66 -52.94
N ASP T 1315 30.89 -83.37 -52.81
CA ASP T 1315 30.51 -82.64 -51.60
C ASP T 1315 28.99 -82.57 -51.46
N LEU T 1316 28.30 -82.19 -52.52
CA LEU T 1316 26.84 -82.09 -52.45
C LEU T 1316 26.20 -83.47 -52.29
N HIS T 1317 26.84 -84.52 -52.81
CA HIS T 1317 26.30 -85.87 -52.59
C HIS T 1317 26.45 -86.29 -51.14
N VAL T 1318 27.59 -85.98 -50.53
CA VAL T 1318 27.75 -86.23 -49.10
C VAL T 1318 26.72 -85.43 -48.30
N LYS T 1319 26.44 -84.20 -48.75
CA LYS T 1319 25.46 -83.37 -48.05
C LYS T 1319 24.06 -83.97 -48.13
N ILE T 1320 23.64 -84.37 -49.33
CA ILE T 1320 22.31 -84.95 -49.49
C ILE T 1320 22.22 -86.33 -48.85
N LEU T 1321 23.36 -87.02 -48.67
CA LEU T 1321 23.35 -88.25 -47.89
C LEU T 1321 23.17 -87.97 -46.40
N ASP T 1322 23.81 -86.90 -45.91
CA ASP T 1322 23.61 -86.45 -44.55
C ASP T 1322 22.28 -85.70 -44.36
N ASP T 1323 21.50 -85.55 -45.43
CA ASP T 1323 20.17 -84.96 -45.41
C ASP T 1323 20.21 -83.46 -45.20
N ASP T 1324 19.27 -82.74 -45.82
CA ASP T 1324 19.21 -81.29 -45.72
C ASP T 1324 17.77 -80.80 -45.87
N ALA T 1325 16.95 -81.55 -46.59
CA ALA T 1325 15.56 -81.20 -46.83
C ALA T 1325 14.63 -82.04 -45.99
N ALA T 1326 13.39 -81.58 -45.85
CA ALA T 1326 12.39 -82.28 -45.05
C ALA T 1326 11.13 -82.54 -45.87
N GLN T 1327 10.32 -81.51 -46.06
CA GLN T 1327 9.07 -81.64 -46.82
C GLN T 1327 8.87 -80.44 -47.74
N GLU T 1328 9.15 -79.25 -47.23
CA GLU T 1328 9.01 -78.02 -48.01
C GLU T 1328 10.26 -77.66 -48.81
N LEU T 1329 11.44 -78.10 -48.37
CA LEU T 1329 12.69 -77.82 -49.06
C LEU T 1329 13.00 -78.85 -50.13
N MET T 1330 12.19 -79.91 -50.26
CA MET T 1330 12.45 -80.93 -51.28
C MET T 1330 12.38 -80.38 -52.70
N PRO T 1331 11.38 -79.61 -53.11
CA PRO T 1331 11.41 -79.06 -54.47
C PRO T 1331 12.59 -78.15 -54.71
N ILE T 1332 13.00 -77.37 -53.71
CA ILE T 1332 14.12 -76.45 -53.89
C ILE T 1332 15.42 -77.22 -54.06
N VAL T 1333 15.65 -78.24 -53.22
CA VAL T 1333 16.87 -79.01 -53.36
C VAL T 1333 16.86 -79.83 -54.63
N ALA T 1334 15.67 -80.25 -55.10
CA ALA T 1334 15.60 -80.98 -56.36
C ALA T 1334 15.92 -80.05 -57.54
N GLY T 1335 15.42 -78.82 -57.51
CA GLY T 1335 15.79 -77.85 -58.52
C GLY T 1335 17.28 -77.53 -58.50
N ALA T 1336 17.86 -77.45 -57.29
CA ALA T 1336 19.29 -77.24 -57.18
C ALA T 1336 20.07 -78.41 -57.78
N VAL T 1337 19.60 -79.64 -57.54
CA VAL T 1337 20.24 -80.82 -58.13
C VAL T 1337 20.14 -80.77 -59.64
N PHE T 1338 18.98 -80.37 -60.17
CA PHE T 1338 18.82 -80.24 -61.62
C PHE T 1338 19.77 -79.20 -62.18
N THR T 1339 19.92 -78.06 -61.50
CA THR T 1339 20.79 -77.01 -62.00
C THR T 1339 22.26 -77.44 -61.97
N LEU T 1340 22.69 -78.12 -60.90
CA LEU T 1340 24.08 -78.56 -60.85
C LEU T 1340 24.34 -79.68 -61.86
N THR T 1341 23.33 -80.52 -62.13
CA THR T 1341 23.49 -81.52 -63.18
C THR T 1341 23.61 -80.86 -64.55
N ALA T 1342 22.84 -79.81 -64.79
CA ALA T 1342 22.99 -79.05 -66.04
C ALA T 1342 24.36 -78.39 -66.13
N HIS T 1343 24.87 -77.90 -65.00
CA HIS T 1343 26.22 -77.33 -64.99
C HIS T 1343 27.26 -78.38 -65.33
N LEU T 1344 27.13 -79.58 -64.74
CA LEU T 1344 28.07 -80.66 -65.06
C LEU T 1344 27.97 -81.06 -66.53
N SER T 1345 26.76 -81.08 -67.08
CA SER T 1345 26.59 -81.40 -68.49
C SER T 1345 27.25 -80.35 -69.38
N GLN T 1346 27.07 -79.07 -69.06
CA GLN T 1346 27.71 -78.02 -69.83
C GLN T 1346 29.22 -78.10 -69.73
N SER T 1347 29.74 -78.41 -68.55
CA SER T 1347 31.18 -78.55 -68.39
C SER T 1347 31.72 -79.72 -69.21
N VAL T 1348 31.01 -80.85 -69.20
CA VAL T 1348 31.44 -82.01 -69.99
C VAL T 1348 31.40 -81.68 -71.48
N ARG T 1349 30.37 -80.94 -71.92
CA ARG T 1349 30.26 -80.59 -73.33
C ARG T 1349 31.36 -79.62 -73.74
N THR T 1350 31.72 -78.68 -72.87
CA THR T 1350 32.78 -77.72 -73.18
C THR T 1350 34.18 -78.30 -73.04
N GLU T 1351 34.33 -79.39 -72.29
CA GLU T 1351 35.63 -80.02 -72.15
C GLU T 1351 36.13 -80.59 -73.48
N LEU T 1352 35.22 -80.96 -74.38
CA LEU T 1352 35.62 -81.57 -75.65
C LEU T 1352 36.14 -80.52 -76.62
N LYS T 1353 35.56 -79.32 -76.61
CA LYS T 1353 35.94 -78.29 -77.56
C LYS T 1353 37.28 -77.66 -77.18
N GLN T 1354 37.88 -76.97 -78.14
CA GLN T 1354 39.16 -76.31 -77.99
C GLN T 1354 39.07 -74.92 -78.58
N PRO T 1355 39.92 -74.00 -78.13
CA PRO T 1355 39.90 -72.63 -78.69
C PRO T 1355 40.26 -72.59 -80.16
N MET T 1356 41.56 -72.56 -80.47
CA MET T 1356 42.05 -72.48 -81.84
C MET T 1356 42.64 -73.80 -82.32
N THR T 1357 42.35 -74.90 -81.64
CA THR T 1357 42.85 -76.24 -81.99
C THR T 1357 44.38 -76.24 -82.06
N ALA T 1358 44.99 -76.17 -80.88
CA ALA T 1358 46.43 -76.16 -80.75
C ALA T 1358 46.95 -77.21 -79.76
N SER T 1359 46.30 -77.35 -78.61
CA SER T 1359 46.70 -78.33 -77.61
C SER T 1359 46.00 -79.68 -77.78
N GLY T 1360 45.14 -79.82 -78.78
CA GLY T 1360 44.45 -81.07 -79.00
C GLY T 1360 45.11 -81.95 -80.04
N LEU T 1361 46.43 -82.09 -79.95
CA LEU T 1361 47.21 -82.90 -80.87
C LEU T 1361 47.84 -84.09 -80.14
N GLY T 1362 48.48 -84.95 -80.90
CA GLY T 1362 49.12 -86.12 -80.35
C GLY T 1362 48.13 -87.23 -80.03
N GLN T 1363 48.66 -88.28 -79.39
CA GLN T 1363 47.87 -89.43 -79.00
C GLN T 1363 48.23 -89.82 -77.56
N SER T 1364 47.47 -90.77 -77.03
CA SER T 1364 47.67 -91.30 -75.68
C SER T 1364 47.60 -90.20 -74.64
N GLN T 1365 46.39 -89.89 -74.17
CA GLN T 1365 46.21 -88.88 -73.15
C GLN T 1365 46.74 -89.36 -71.81
N TYR T 1366 47.44 -88.47 -71.09
CA TYR T 1366 48.05 -88.79 -69.81
C TYR T 1366 47.25 -88.25 -68.63
N VAL T 1367 46.04 -87.77 -68.86
CA VAL T 1367 45.21 -87.23 -67.78
C VAL T 1367 44.03 -88.16 -67.55
N GLN T 1368 44.17 -89.08 -66.59
CA GLN T 1368 43.12 -90.03 -66.27
C GLN T 1368 43.10 -90.26 -64.76
N MET T 1369 42.04 -90.94 -64.30
CA MET T 1369 41.87 -91.26 -62.89
C MET T 1369 41.65 -92.74 -62.66
N LEU T 1370 40.71 -93.36 -63.39
CA LEU T 1370 40.46 -94.79 -63.26
C LEU T 1370 40.35 -95.43 -64.64
N ASP T 1371 39.87 -94.68 -65.62
CA ASP T 1371 39.74 -95.20 -66.97
C ASP T 1371 41.10 -95.23 -67.67
N GLY T 1372 41.23 -96.13 -68.62
CA GLY T 1372 42.48 -96.26 -69.36
C GLY T 1372 42.73 -95.08 -70.28
N SER T 1373 43.97 -95.00 -70.76
CA SER T 1373 44.35 -93.92 -71.65
C SER T 1373 43.73 -94.11 -73.03
N PHE T 1374 43.34 -92.99 -73.65
CA PHE T 1374 42.72 -93.00 -74.97
C PHE T 1374 43.60 -92.23 -75.95
N ALA T 1375 43.61 -92.71 -77.19
CA ALA T 1375 44.35 -92.09 -78.27
C ALA T 1375 43.41 -91.74 -79.42
N ALA T 1376 43.74 -90.67 -80.13
CA ALA T 1376 42.91 -90.18 -81.22
C ALA T 1376 43.77 -89.35 -82.16
N PRO T 1377 43.47 -89.35 -83.45
CA PRO T 1377 44.23 -88.52 -84.40
C PRO T 1377 44.00 -87.05 -84.14
N PRO T 1378 44.83 -86.16 -84.72
CA PRO T 1378 44.61 -84.73 -84.53
C PRO T 1378 43.24 -84.31 -85.03
N GLY T 1379 42.47 -83.67 -84.14
CA GLY T 1379 41.09 -83.29 -84.41
C GLY T 1379 40.10 -83.92 -83.45
N THR T 1380 40.40 -85.12 -82.97
CA THR T 1380 39.56 -85.81 -81.98
C THR T 1380 40.32 -86.09 -80.69
N GLU T 1381 41.59 -85.68 -80.59
CA GLU T 1381 42.35 -85.90 -79.37
C GLU T 1381 41.76 -85.11 -78.20
N ASN T 1382 41.28 -83.90 -78.45
CA ASN T 1382 40.64 -83.12 -77.40
C ASN T 1382 39.36 -83.78 -76.92
N ILE T 1383 38.56 -84.31 -77.85
CA ILE T 1383 37.35 -85.02 -77.48
C ILE T 1383 37.67 -86.26 -76.65
N SER T 1384 38.70 -87.00 -77.07
CA SER T 1384 39.09 -88.20 -76.32
C SER T 1384 39.59 -87.84 -74.93
N ALA T 1385 40.34 -86.74 -74.80
CA ALA T 1385 40.82 -86.31 -73.49
C ALA T 1385 39.67 -85.87 -72.61
N GLY T 1386 38.69 -85.15 -73.17
CA GLY T 1386 37.53 -84.76 -72.39
C GLY T 1386 36.66 -85.93 -71.99
N PHE T 1387 36.66 -86.99 -72.79
CA PHE T 1387 35.87 -88.17 -72.46
C PHE T 1387 36.56 -89.04 -71.42
N ALA T 1388 37.89 -89.18 -71.52
CA ALA T 1388 38.64 -90.01 -70.58
C ALA T 1388 38.92 -89.31 -69.26
N SER T 1389 38.68 -87.99 -69.17
CA SER T 1389 38.92 -87.27 -67.92
C SER T 1389 37.85 -87.60 -66.88
N ILE T 1390 36.73 -88.20 -67.30
CA ILE T 1390 35.67 -88.53 -66.37
C ILE T 1390 35.99 -89.85 -65.67
N GLY T 1391 35.77 -89.87 -64.35
CA GLY T 1391 36.08 -91.04 -63.55
C GLY T 1391 34.95 -92.05 -63.55
N ASP T 1392 35.31 -93.32 -63.80
CA ASP T 1392 34.31 -94.38 -63.80
C ASP T 1392 33.69 -94.56 -62.42
N SER T 1393 34.53 -94.73 -61.39
CA SER T 1393 34.02 -94.83 -60.03
C SER T 1393 33.34 -93.55 -59.59
N SER T 1394 33.81 -92.40 -60.11
CA SER T 1394 33.16 -91.13 -59.80
C SER T 1394 31.72 -91.12 -60.29
N LEU T 1395 31.50 -91.46 -61.56
CA LEU T 1395 30.14 -91.53 -62.09
C LEU T 1395 29.33 -92.60 -61.38
N HIS T 1396 29.97 -93.72 -61.03
CA HIS T 1396 29.26 -94.79 -60.32
C HIS T 1396 28.72 -94.29 -58.99
N MET T 1397 29.59 -93.71 -58.15
CA MET T 1397 29.14 -93.22 -56.85
C MET T 1397 28.18 -92.04 -57.00
N ILE T 1398 28.33 -91.22 -58.04
CA ILE T 1398 27.41 -90.12 -58.27
C ILE T 1398 26.00 -90.66 -58.52
N LEU T 1399 25.89 -91.63 -59.43
CA LEU T 1399 24.58 -92.21 -59.71
C LEU T 1399 24.02 -92.96 -58.52
N ARG T 1400 24.89 -93.62 -57.74
CA ARG T 1400 24.41 -94.33 -56.55
C ARG T 1400 23.86 -93.36 -55.52
N ASN T 1401 24.55 -92.25 -55.28
CA ASN T 1401 24.05 -91.25 -54.34
C ASN T 1401 22.76 -90.61 -54.85
N LEU T 1402 22.67 -90.38 -56.16
CA LEU T 1402 21.44 -89.83 -56.72
C LEU T 1402 20.27 -90.78 -56.52
N LEU T 1403 20.46 -92.06 -56.81
CA LEU T 1403 19.40 -93.04 -56.63
C LEU T 1403 19.02 -93.18 -55.16
N GLU T 1404 20.02 -93.11 -54.27
CA GLU T 1404 19.74 -93.20 -52.85
C GLU T 1404 18.92 -91.99 -52.37
N PHE T 1405 19.29 -90.79 -52.81
CA PHE T 1405 18.52 -89.60 -52.44
C PHE T 1405 17.12 -89.64 -53.04
N ILE T 1406 16.96 -90.27 -54.20
CA ILE T 1406 15.63 -90.38 -54.81
C ILE T 1406 14.77 -91.35 -54.01
N LEU T 1407 15.35 -92.51 -53.65
CA LEU T 1407 14.59 -93.55 -52.96
C LEU T 1407 14.41 -93.29 -51.47
N LYS T 1408 15.16 -92.36 -50.88
CA LYS T 1408 15.04 -92.07 -49.46
C LYS T 1408 13.66 -91.50 -49.13
N THR T 1409 13.39 -90.28 -49.59
CA THR T 1409 12.12 -89.64 -49.29
C THR T 1409 10.98 -90.33 -50.02
N GLY T 1410 9.78 -90.19 -49.46
CA GLY T 1410 8.59 -90.76 -50.06
C GLY T 1410 7.50 -89.74 -50.28
N GLY T 1411 7.72 -88.52 -49.78
CA GLY T 1411 6.78 -87.44 -49.92
C GLY T 1411 7.03 -86.50 -51.08
N GLY T 1412 8.04 -86.77 -51.91
CA GLY T 1412 8.32 -85.93 -53.06
C GLY T 1412 7.18 -86.01 -54.06
N PHE T 1413 6.49 -84.88 -54.27
CA PHE T 1413 5.33 -84.87 -55.15
C PHE T 1413 5.71 -84.59 -56.60
N GLN T 1414 4.83 -83.88 -57.31
CA GLN T 1414 5.00 -83.71 -58.75
C GLN T 1414 6.26 -82.92 -59.08
N ARG T 1415 6.44 -81.76 -58.44
CA ARG T 1415 7.61 -80.92 -58.75
C ARG T 1415 8.91 -81.63 -58.38
N VAL T 1416 8.93 -82.29 -57.22
CA VAL T 1416 10.15 -82.97 -56.77
C VAL T 1416 10.50 -84.10 -57.73
N ARG T 1417 9.51 -84.93 -58.08
CA ARG T 1417 9.79 -86.04 -58.99
C ARG T 1417 10.16 -85.55 -60.38
N ALA T 1418 9.57 -84.43 -60.83
CA ALA T 1418 9.91 -83.89 -62.14
C ALA T 1418 11.33 -83.36 -62.17
N HIS T 1419 11.75 -82.66 -61.10
CA HIS T 1419 13.13 -82.18 -61.05
C HIS T 1419 14.12 -83.32 -60.95
N LEU T 1420 13.79 -84.35 -60.17
CA LEU T 1420 14.68 -85.51 -60.07
C LEU T 1420 14.79 -86.23 -61.40
N TYR T 1421 13.67 -86.38 -62.13
CA TYR T 1421 13.73 -87.04 -63.43
C TYR T 1421 14.44 -86.18 -64.46
N GLY T 1422 14.37 -84.85 -64.33
CA GLY T 1422 15.15 -83.99 -65.20
C GLY T 1422 16.65 -84.11 -64.92
N SER T 1423 17.01 -84.22 -63.64
CA SER T 1423 18.41 -84.46 -63.31
C SER T 1423 18.89 -85.79 -63.87
N LEU T 1424 18.06 -86.83 -63.76
CA LEU T 1424 18.44 -88.13 -64.31
C LEU T 1424 18.53 -88.07 -65.83
N LEU T 1425 17.66 -87.28 -66.47
CA LEU T 1425 17.74 -87.11 -67.92
C LEU T 1425 19.02 -86.39 -68.33
N TYR T 1426 19.43 -85.38 -67.55
CA TYR T 1426 20.70 -84.72 -67.84
C TYR T 1426 21.87 -85.68 -67.63
N TYR T 1427 21.81 -86.52 -66.60
CA TYR T 1427 22.86 -87.52 -66.41
C TYR T 1427 22.93 -88.49 -67.56
N LEU T 1428 21.77 -88.93 -68.06
CA LEU T 1428 21.75 -89.85 -69.21
C LEU T 1428 22.20 -89.14 -70.48
N GLN T 1429 21.96 -87.85 -70.60
CA GLN T 1429 22.49 -87.09 -71.74
C GLN T 1429 24.00 -87.02 -71.67
N ILE T 1430 24.56 -86.82 -70.47
CA ILE T 1430 26.01 -86.85 -70.30
C ILE T 1430 26.56 -88.22 -70.67
N ALA T 1431 25.90 -89.28 -70.21
CA ALA T 1431 26.34 -90.65 -70.49
C ALA T 1431 26.14 -91.01 -71.95
N GLN T 1432 24.93 -91.46 -72.31
CA GLN T 1432 24.63 -91.86 -73.68
C GLN T 1432 24.21 -90.65 -74.51
N ARG T 1433 23.26 -90.86 -75.42
CA ARG T 1433 22.74 -89.81 -76.29
C ARG T 1433 21.24 -89.99 -76.44
N PRO T 1434 20.51 -88.89 -76.65
CA PRO T 1434 19.06 -89.01 -76.89
C PRO T 1434 18.78 -89.49 -78.30
N ASP T 1435 17.53 -89.89 -78.52
CA ASP T 1435 17.06 -90.39 -79.80
C ASP T 1435 15.84 -89.59 -80.25
N GLU T 1436 15.28 -89.99 -81.39
CA GLU T 1436 14.13 -89.34 -81.98
C GLU T 1436 13.24 -90.40 -82.61
N PRO T 1437 11.92 -90.17 -82.63
CA PRO T 1437 11.01 -91.15 -83.24
C PRO T 1437 11.20 -91.24 -84.74
N ASP T 1438 10.91 -92.42 -85.28
CA ASP T 1438 11.05 -92.67 -86.71
C ASP T 1438 10.14 -93.85 -87.08
N THR T 1439 10.43 -94.49 -88.21
CA THR T 1439 9.65 -95.64 -88.65
C THR T 1439 10.57 -96.80 -89.01
N LEU T 1440 11.81 -96.50 -89.38
CA LEU T 1440 12.77 -97.53 -89.75
C LEU T 1440 14.16 -97.18 -89.24
N GLU T 1441 14.90 -96.40 -90.03
CA GLU T 1441 16.27 -95.97 -89.67
C GLU T 1441 16.34 -94.45 -89.91
N SER T 1442 15.79 -93.68 -88.98
CA SER T 1442 15.80 -92.22 -89.09
C SER T 1442 15.73 -91.60 -87.70
N ALA T 1443 16.46 -92.17 -86.75
CA ALA T 1443 16.49 -91.68 -85.38
C ALA T 1443 17.75 -90.85 -85.13
N HIS T 1444 17.68 -90.02 -84.11
CA HIS T 1444 18.82 -89.18 -83.71
C HIS T 1444 19.87 -90.05 -83.06
N LYS T 1445 20.91 -90.39 -83.83
CA LYS T 1445 22.00 -91.23 -83.35
C LYS T 1445 23.29 -90.43 -83.32
N SER T 1446 23.95 -90.41 -82.17
CA SER T 1446 25.21 -89.70 -81.99
C SER T 1446 26.28 -90.67 -81.53
N MET T 1447 27.48 -90.53 -82.10
CA MET T 1447 28.58 -91.40 -81.76
C MET T 1447 29.22 -90.95 -80.45
N TRP T 1448 30.30 -91.64 -80.05
CA TRP T 1448 31.03 -91.36 -78.82
C TRP T 1448 30.11 -91.44 -77.60
N GLU T 1449 29.22 -90.47 -77.45
CA GLU T 1449 28.26 -90.49 -76.35
C GLU T 1449 27.28 -91.65 -76.54
N ARG T 1450 27.72 -92.86 -76.23
CA ARG T 1450 26.90 -94.06 -76.44
C ARG T 1450 27.17 -95.01 -75.28
N LEU T 1451 26.97 -96.31 -75.53
CA LEU T 1451 27.23 -97.33 -74.52
C LEU T 1451 27.90 -98.56 -75.12
N THR T 1452 28.51 -98.43 -76.30
CA THR T 1452 29.15 -99.55 -76.98
C THR T 1452 30.64 -99.58 -76.64
N ALA T 1453 31.35 -100.57 -77.17
CA ALA T 1453 32.78 -100.78 -77.01
C ALA T 1453 33.13 -101.05 -75.55
N PRO T 1454 33.34 -102.31 -75.17
CA PRO T 1454 33.68 -102.61 -73.78
C PRO T 1454 35.08 -102.19 -73.39
N GLU T 1455 35.96 -101.92 -74.36
CA GLU T 1455 37.32 -101.50 -74.05
C GLU T 1455 37.37 -100.08 -73.48
N ASP T 1456 36.32 -99.28 -73.69
CA ASP T 1456 36.28 -97.92 -73.18
C ASP T 1456 35.75 -97.89 -71.76
N VAL T 1457 34.77 -97.03 -71.49
CA VAL T 1457 34.19 -96.91 -70.16
C VAL T 1457 32.68 -96.81 -70.18
N PHE T 1458 32.06 -96.44 -71.31
CA PHE T 1458 30.61 -96.32 -71.37
C PHE T 1458 29.92 -97.67 -71.18
N SER T 1459 30.46 -98.72 -71.82
CA SER T 1459 29.89 -100.04 -71.66
C SER T 1459 30.02 -100.54 -70.22
N LYS T 1460 31.17 -100.28 -69.59
CA LYS T 1460 31.35 -100.68 -68.20
C LYS T 1460 30.39 -99.94 -67.29
N LEU T 1461 30.20 -98.64 -67.51
CA LEU T 1461 29.27 -97.87 -66.70
C LEU T 1461 27.84 -98.36 -66.89
N GLN T 1462 27.45 -98.67 -68.13
CA GLN T 1462 26.11 -99.19 -68.38
C GLN T 1462 25.90 -100.55 -67.73
N ARG T 1463 26.92 -101.41 -67.79
CA ARG T 1463 26.81 -102.72 -67.14
C ARG T 1463 26.69 -102.59 -65.64
N ASP T 1464 27.46 -101.67 -65.04
CA ASP T 1464 27.38 -101.45 -63.61
C ASP T 1464 25.99 -100.91 -63.22
N ASN T 1465 25.47 -99.98 -64.02
CA ASN T 1465 24.14 -99.44 -63.74
C ASN T 1465 23.07 -100.52 -63.85
N LEU T 1466 23.16 -101.38 -64.86
CA LEU T 1466 22.18 -102.45 -65.02
C LEU T 1466 22.29 -103.45 -63.88
N SER T 1467 23.51 -103.76 -63.44
CA SER T 1467 23.67 -104.67 -62.31
C SER T 1467 23.10 -104.07 -61.03
N ILE T 1468 23.31 -102.78 -60.81
CA ILE T 1468 22.76 -102.13 -59.63
C ILE T 1468 21.23 -102.11 -59.69
N PHE T 1469 20.68 -101.88 -60.89
CA PHE T 1469 19.22 -101.90 -61.04
C PHE T 1469 18.66 -103.29 -60.77
N GLU T 1470 19.33 -104.33 -61.26
CA GLU T 1470 18.87 -105.70 -61.01
C GLU T 1470 18.99 -106.07 -59.54
N SER T 1471 20.03 -105.56 -58.86
CA SER T 1471 20.18 -105.81 -57.43
C SER T 1471 19.10 -105.08 -56.64
N TYR T 1472 18.72 -103.88 -57.08
CA TYR T 1472 17.62 -103.16 -56.45
C TYR T 1472 16.31 -103.92 -56.62
N GLY T 1473 16.05 -104.39 -57.84
CA GLY T 1473 14.89 -105.24 -58.08
C GLY T 1473 13.73 -104.44 -58.66
N THR T 1474 12.55 -104.62 -58.07
CA THR T 1474 11.33 -104.02 -58.59
C THR T 1474 10.86 -102.81 -57.80
N ALA T 1475 11.57 -102.43 -56.74
CA ALA T 1475 11.15 -101.28 -55.94
C ALA T 1475 11.22 -99.99 -56.75
N LEU T 1476 12.41 -99.65 -57.26
CA LEU T 1476 12.57 -98.45 -58.07
C LEU T 1476 11.77 -98.54 -59.36
N MET T 1477 11.64 -99.75 -59.94
CA MET T 1477 10.84 -99.92 -61.13
C MET T 1477 9.38 -99.54 -60.88
N GLU T 1478 8.80 -100.07 -59.80
CA GLU T 1478 7.42 -99.75 -59.46
C GLU T 1478 7.26 -98.28 -59.10
N VAL T 1479 8.27 -97.69 -58.44
CA VAL T 1479 8.21 -96.28 -58.10
C VAL T 1479 8.16 -95.43 -59.37
N VAL T 1480 9.04 -95.73 -60.32
CA VAL T 1480 9.07 -94.98 -61.58
C VAL T 1480 7.78 -95.18 -62.35
N CYS T 1481 7.25 -96.41 -62.35
CA CYS T 1481 6.01 -96.68 -63.07
C CYS T 1481 4.85 -95.91 -62.45
N ARG T 1482 4.77 -95.86 -61.12
CA ARG T 1482 3.71 -95.11 -60.47
C ARG T 1482 3.85 -93.61 -60.75
N ASP T 1483 5.08 -93.09 -60.68
CA ASP T 1483 5.28 -91.67 -60.95
C ASP T 1483 4.97 -91.32 -62.41
N ALA T 1484 5.15 -92.27 -63.33
CA ALA T 1484 4.84 -92.02 -64.73
C ALA T 1484 3.36 -92.12 -65.02
N CYS T 1485 2.67 -93.07 -64.38
CA CYS T 1485 1.24 -93.27 -64.63
C CYS T 1485 0.40 -92.23 -63.90
N ASP T 1486 0.53 -92.16 -62.58
CA ASP T 1486 -0.23 -91.21 -61.77
C ASP T 1486 0.53 -89.90 -61.64
N GLY T 1487 0.87 -89.32 -62.79
CA GLY T 1487 1.59 -88.07 -62.82
C GLY T 1487 0.76 -86.91 -63.34
N HIS T 1488 1.42 -85.93 -63.96
CA HIS T 1488 0.73 -84.77 -64.49
C HIS T 1488 1.18 -84.57 -65.93
N ASP T 1489 2.06 -83.61 -66.21
CA ASP T 1489 2.51 -83.34 -67.58
C ASP T 1489 4.02 -83.41 -67.68
N ILE T 1490 4.75 -82.46 -67.09
CA ILE T 1490 6.21 -82.44 -67.22
C ILE T 1490 6.83 -83.64 -66.53
N GLY T 1491 6.35 -83.97 -65.33
CA GLY T 1491 6.88 -85.13 -64.62
C GLY T 1491 6.61 -86.43 -65.35
N ARG T 1492 5.39 -86.58 -65.88
CA ARG T 1492 5.06 -87.79 -66.64
C ARG T 1492 5.91 -87.88 -67.89
N MET T 1493 6.11 -86.76 -68.59
CA MET T 1493 6.93 -86.77 -69.80
C MET T 1493 8.38 -87.13 -69.47
N LEU T 1494 8.92 -86.59 -68.39
CA LEU T 1494 10.30 -86.89 -68.02
C LEU T 1494 10.45 -88.35 -67.60
N ALA T 1495 9.47 -88.89 -66.86
CA ALA T 1495 9.52 -90.29 -66.47
C ALA T 1495 9.42 -91.20 -67.69
N LEU T 1496 8.57 -90.84 -68.66
CA LEU T 1496 8.46 -91.64 -69.87
C LEU T 1496 9.74 -91.58 -70.70
N ALA T 1497 10.40 -90.42 -70.73
CA ALA T 1497 11.67 -90.31 -71.43
C ALA T 1497 12.75 -91.14 -70.73
N LEU T 1498 12.75 -91.14 -69.40
CA LEU T 1498 13.69 -92.00 -68.67
C LEU T 1498 13.44 -93.47 -68.95
N LEU T 1499 12.16 -93.87 -69.01
CA LEU T 1499 11.84 -95.25 -69.35
C LEU T 1499 12.29 -95.59 -70.76
N ASP T 1500 12.10 -94.65 -71.70
CA ASP T 1500 12.57 -94.86 -73.06
C ASP T 1500 14.08 -95.06 -73.10
N ARG T 1501 14.81 -94.22 -72.36
CA ARG T 1501 16.27 -94.34 -72.36
C ARG T 1501 16.73 -95.64 -71.73
N ILE T 1502 16.08 -96.06 -70.63
CA ILE T 1502 16.50 -97.29 -69.97
C ILE T 1502 16.14 -98.51 -70.82
N VAL T 1503 15.05 -98.43 -71.59
CA VAL T 1503 14.71 -99.52 -72.50
C VAL T 1503 15.71 -99.56 -73.65
N SER T 1504 16.14 -98.39 -74.14
CA SER T 1504 17.13 -98.35 -75.21
C SER T 1504 18.45 -98.93 -74.75
N VAL T 1505 18.88 -98.62 -73.52
CA VAL T 1505 20.13 -99.14 -73.00
C VAL T 1505 19.99 -100.52 -72.37
N ASP T 1506 18.78 -101.08 -72.34
CA ASP T 1506 18.60 -102.42 -71.82
C ASP T 1506 19.30 -103.46 -72.71
N ARG T 1507 19.46 -104.66 -72.16
CA ARG T 1507 20.12 -105.74 -72.89
C ARG T 1507 19.51 -107.12 -72.67
N GLN T 1508 18.79 -107.36 -71.57
CA GLN T 1508 18.22 -108.67 -71.30
C GLN T 1508 16.70 -108.73 -71.44
N GLN T 1509 16.03 -107.58 -71.57
CA GLN T 1509 14.58 -107.47 -71.73
C GLN T 1509 13.81 -108.02 -70.54
N GLN T 1510 14.48 -108.35 -69.43
CA GLN T 1510 13.76 -108.82 -68.25
C GLN T 1510 12.91 -107.72 -67.65
N TRP T 1511 13.32 -106.46 -67.80
CA TRP T 1511 12.48 -105.35 -67.35
C TRP T 1511 11.18 -105.30 -68.13
N LEU T 1512 11.25 -105.45 -69.45
CA LEU T 1512 10.03 -105.46 -70.25
C LEU T 1512 9.18 -106.69 -69.94
N LEU T 1513 9.82 -107.84 -69.69
CA LEU T 1513 9.08 -109.04 -69.32
C LEU T 1513 8.32 -108.83 -68.00
N TYR T 1514 8.98 -108.21 -67.02
CA TYR T 1514 8.31 -107.93 -65.75
C TYR T 1514 7.18 -106.91 -65.94
N LEU T 1515 7.40 -105.91 -66.80
CA LEU T 1515 6.34 -104.93 -67.05
C LEU T 1515 5.13 -105.58 -67.71
N SER T 1516 5.36 -106.55 -68.60
CA SER T 1516 4.26 -107.25 -69.24
C SER T 1516 3.58 -108.23 -68.29
N ASN T 1517 4.33 -108.82 -67.36
CA ASN T 1517 3.76 -109.80 -66.45
C ASN T 1517 3.05 -109.17 -65.26
N SER T 1518 3.41 -107.95 -64.88
CA SER T 1518 2.80 -107.28 -63.73
C SER T 1518 1.40 -106.77 -64.01
N GLY T 1519 0.87 -106.98 -65.22
CA GLY T 1519 -0.46 -106.51 -65.53
C GLY T 1519 -0.57 -105.05 -65.89
N TYR T 1520 0.50 -104.46 -66.43
CA TYR T 1520 0.49 -103.06 -66.82
C TYR T 1520 -0.12 -102.83 -68.21
N LEU T 1521 -0.70 -103.88 -68.81
CA LEU T 1521 -1.30 -103.72 -70.13
C LEU T 1521 -2.52 -102.82 -70.10
N LYS T 1522 -3.36 -102.96 -69.07
CA LYS T 1522 -4.52 -102.08 -68.93
C LYS T 1522 -4.09 -100.65 -68.69
N VAL T 1523 -3.02 -100.45 -67.92
CA VAL T 1523 -2.53 -99.09 -67.67
C VAL T 1523 -1.96 -98.49 -68.95
N LEU T 1524 -1.29 -99.31 -69.78
CA LEU T 1524 -0.80 -98.82 -71.06
C LEU T 1524 -1.95 -98.47 -71.99
N VAL T 1525 -3.03 -99.26 -71.95
CA VAL T 1525 -4.21 -98.94 -72.76
C VAL T 1525 -4.83 -97.63 -72.29
N ASP T 1526 -4.89 -97.42 -70.98
CA ASP T 1526 -5.42 -96.17 -70.46
C ASP T 1526 -4.54 -94.99 -70.85
N SER T 1527 -3.22 -95.18 -70.85
CA SER T 1527 -2.31 -94.13 -71.29
C SER T 1527 -2.49 -93.82 -72.77
N LEU T 1528 -2.70 -94.85 -73.59
CA LEU T 1528 -2.97 -94.63 -75.00
C LEU T 1528 -4.28 -93.89 -75.21
N ALA T 1529 -5.30 -94.21 -74.39
CA ALA T 1529 -6.57 -93.49 -74.48
C ALA T 1529 -6.39 -92.03 -74.07
N GLU T 1530 -5.58 -91.76 -73.05
CA GLU T 1530 -5.31 -90.39 -72.67
C GLU T 1530 -4.56 -89.64 -73.77
N ASP T 1531 -3.63 -90.32 -74.43
CA ASP T 1531 -2.92 -89.71 -75.56
C ASP T 1531 -3.88 -89.41 -76.71
N ASP T 1532 -4.84 -90.31 -76.95
CA ASP T 1532 -5.85 -90.06 -77.99
C ASP T 1532 -6.73 -88.87 -77.61
N VAL T 1533 -7.07 -88.74 -76.33
CA VAL T 1533 -7.85 -87.59 -75.88
C VAL T 1533 -7.06 -86.30 -76.07
N VAL T 1534 -5.76 -86.34 -75.77
CA VAL T 1534 -4.91 -85.17 -75.98
C VAL T 1534 -4.83 -84.82 -77.45
N LEU T 1535 -4.74 -85.84 -78.32
CA LEU T 1535 -4.72 -85.59 -79.76
C LEU T 1535 -6.03 -84.98 -80.24
N ARG T 1536 -7.15 -85.44 -79.70
CA ARG T 1536 -8.44 -84.86 -80.04
C ARG T 1536 -8.52 -83.40 -79.58
N ASN T 1537 -8.02 -83.12 -78.38
CA ASN T 1537 -8.02 -81.74 -77.89
C ASN T 1537 -7.13 -80.85 -78.74
N LEU T 1538 -6.02 -81.39 -79.24
CA LEU T 1538 -5.14 -80.61 -80.10
C LEU T 1538 -5.78 -80.39 -81.47
N LEU T 1539 -6.51 -81.39 -81.98
CA LEU T 1539 -7.19 -81.23 -83.27
C LEU T 1539 -8.32 -80.22 -83.17
N THR T 1540 -9.03 -80.19 -82.03
CA THR T 1540 -10.05 -79.18 -81.82
C THR T 1540 -9.41 -77.80 -81.73
N PRO T 1541 -10.16 -76.74 -82.03
CA PRO T 1541 -9.61 -75.39 -81.96
C PRO T 1541 -9.12 -75.04 -80.56
N GLN T 1542 -8.29 -73.99 -80.50
CA GLN T 1542 -7.67 -73.51 -79.27
C GLN T 1542 -6.82 -74.61 -78.64
N PRO T 1543 -5.59 -74.79 -79.09
CA PRO T 1543 -4.73 -75.84 -78.52
C PRO T 1543 -4.24 -75.44 -77.14
N PRO T 1544 -3.83 -76.41 -76.32
CA PRO T 1544 -3.35 -76.09 -74.96
C PRO T 1544 -1.96 -75.45 -74.97
N LEU T 1545 -1.14 -75.80 -73.99
CA LEU T 1545 0.20 -75.25 -73.87
C LEU T 1545 1.13 -75.88 -74.91
N LEU T 1546 2.31 -75.28 -75.04
CA LEU T 1546 3.30 -75.77 -76.01
C LEU T 1546 4.00 -77.03 -75.52
N LYS T 1547 3.88 -77.36 -74.23
CA LYS T 1547 4.50 -78.58 -73.72
C LYS T 1547 3.81 -79.84 -74.20
N ALA T 1548 2.56 -79.74 -74.64
CA ALA T 1548 1.85 -80.91 -75.14
C ALA T 1548 2.52 -81.47 -76.40
N LEU T 1549 3.10 -80.58 -77.22
CA LEU T 1549 3.81 -81.05 -78.41
C LEU T 1549 4.99 -81.93 -78.03
N TYR T 1550 5.82 -81.46 -77.08
CA TYR T 1550 6.95 -82.26 -76.63
C TYR T 1550 6.49 -83.53 -75.92
N ILE T 1551 5.37 -83.46 -75.19
CA ILE T 1551 4.85 -84.66 -74.53
C ILE T 1551 4.46 -85.71 -75.57
N TYR T 1552 3.75 -85.29 -76.61
CA TYR T 1552 3.37 -86.23 -77.66
C TYR T 1552 4.59 -86.73 -78.43
N GLU T 1553 5.60 -85.88 -78.62
CA GLU T 1553 6.83 -86.32 -79.26
C GLU T 1553 7.52 -87.42 -78.46
N SER T 1554 7.63 -87.21 -77.14
CA SER T 1554 8.23 -88.23 -76.29
C SER T 1554 7.38 -89.51 -76.28
N LYS T 1555 6.06 -89.36 -76.31
CA LYS T 1555 5.18 -90.53 -76.31
C LYS T 1555 5.36 -91.35 -77.59
N MET T 1556 5.39 -90.68 -78.75
CA MET T 1556 5.58 -91.41 -80.00
C MET T 1556 6.99 -91.97 -80.11
N ALA T 1557 7.97 -91.31 -79.49
CA ALA T 1557 9.32 -91.87 -79.45
C ALA T 1557 9.36 -93.16 -78.62
N PHE T 1558 8.69 -93.15 -77.47
CA PHE T 1558 8.60 -94.36 -76.65
C PHE T 1558 7.84 -95.46 -77.39
N LEU T 1559 6.80 -95.09 -78.13
CA LEU T 1559 6.08 -96.07 -78.92
C LEU T 1559 6.96 -96.69 -80.00
N THR T 1560 7.72 -95.86 -80.70
CA THR T 1560 8.67 -96.36 -81.70
C THR T 1560 9.70 -97.28 -81.05
N ARG T 1561 10.17 -96.92 -79.86
CA ARG T 1561 11.16 -97.74 -79.17
C ARG T 1561 10.58 -99.11 -78.81
N VAL T 1562 9.38 -99.13 -78.23
CA VAL T 1562 8.79 -100.40 -77.82
C VAL T 1562 8.30 -101.20 -79.02
N ALA T 1563 8.12 -100.57 -80.18
CA ALA T 1563 7.76 -101.30 -81.39
C ALA T 1563 8.96 -101.81 -82.16
N LYS T 1564 10.13 -101.19 -81.98
CA LYS T 1564 11.33 -101.65 -82.68
C LYS T 1564 11.72 -103.06 -82.25
N SER T 1565 11.63 -103.34 -80.95
CA SER T 1565 12.01 -104.65 -80.44
C SER T 1565 10.99 -105.72 -80.86
N SER T 1566 11.46 -106.96 -80.94
CA SER T 1566 10.58 -108.06 -81.33
C SER T 1566 9.62 -108.43 -80.21
N GLN T 1567 10.14 -108.52 -78.97
CA GLN T 1567 9.28 -108.82 -77.83
C GLN T 1567 8.26 -107.72 -77.60
N GLY T 1568 8.70 -106.46 -77.74
CA GLY T 1568 7.77 -105.35 -77.61
C GLY T 1568 6.70 -105.35 -78.69
N ALA T 1569 7.09 -105.72 -79.92
CA ALA T 1569 6.11 -105.81 -81.00
C ALA T 1569 5.11 -106.93 -80.74
N ILE T 1570 5.59 -108.07 -80.23
CA ILE T 1570 4.68 -109.17 -79.89
C ILE T 1570 3.72 -108.75 -78.79
N GLU T 1571 4.23 -108.04 -77.78
CA GLU T 1571 3.37 -107.56 -76.70
C GLU T 1571 2.32 -106.58 -77.22
N LEU T 1572 2.73 -105.67 -78.11
CA LEU T 1572 1.78 -104.71 -78.68
C LEU T 1572 0.73 -105.42 -79.54
N LEU T 1573 1.13 -106.44 -80.28
CA LEU T 1573 0.16 -107.17 -81.11
C LEU T 1573 -0.80 -107.97 -80.24
N ARG T 1574 -0.31 -108.51 -79.11
CA ARG T 1574 -1.20 -109.24 -78.21
C ARG T 1574 -2.13 -108.29 -77.46
N SER T 1575 -1.69 -107.06 -77.20
CA SER T 1575 -2.54 -106.08 -76.54
C SER T 1575 -3.60 -105.52 -77.48
N GLY T 1576 -3.23 -105.30 -78.75
CA GLY T 1576 -4.16 -104.77 -79.72
C GLY T 1576 -4.01 -103.28 -79.94
N VAL T 1577 -2.92 -102.88 -80.58
CA VAL T 1577 -2.68 -101.47 -80.85
C VAL T 1577 -3.39 -101.04 -82.13
N ILE T 1578 -3.46 -101.92 -83.12
CA ILE T 1578 -4.16 -101.58 -84.37
C ILE T 1578 -5.65 -101.48 -84.13
N VAL T 1579 -6.21 -102.38 -83.32
CA VAL T 1579 -7.64 -102.31 -83.00
C VAL T 1579 -7.94 -101.03 -82.24
N ARG T 1580 -7.05 -100.64 -81.32
CA ARG T 1580 -7.24 -99.40 -80.58
C ARG T 1580 -7.18 -98.19 -81.50
N LEU T 1581 -6.21 -98.17 -82.43
CA LEU T 1581 -6.11 -97.06 -83.37
C LEU T 1581 -7.31 -97.00 -84.30
N ALA T 1582 -7.90 -98.15 -84.64
CA ALA T 1582 -9.08 -98.16 -85.49
C ALA T 1582 -10.31 -97.69 -84.71
N GLN T 1583 -10.42 -98.07 -83.45
CA GLN T 1583 -11.56 -97.66 -82.61
C GLN T 1583 -11.38 -96.28 -82.02
N CYS T 1584 -10.24 -95.63 -82.22
CA CYS T 1584 -10.03 -94.29 -81.71
C CYS T 1584 -11.02 -93.31 -82.34
N GLN T 1585 -11.36 -92.27 -81.57
CA GLN T 1585 -12.32 -91.26 -82.03
C GLN T 1585 -11.68 -90.15 -82.84
N VAL T 1586 -10.36 -90.02 -82.81
CA VAL T 1586 -9.68 -88.96 -83.54
C VAL T 1586 -9.60 -89.25 -85.05
N TYR T 1587 -9.88 -90.48 -85.45
CA TYR T 1587 -9.84 -90.86 -86.86
C TYR T 1587 -11.24 -91.02 -87.46
N ASP T 1588 -12.28 -90.60 -86.76
CA ASP T 1588 -13.64 -90.70 -87.27
C ASP T 1588 -14.04 -89.42 -88.01
N MET T 1589 -13.98 -88.28 -87.33
CA MET T 1589 -14.31 -86.99 -87.95
C MET T 1589 -13.10 -86.51 -88.74
N ARG T 1590 -13.00 -86.98 -89.98
CA ARG T 1590 -11.88 -86.64 -90.85
C ARG T 1590 -12.36 -85.81 -92.03
N PRO T 1591 -11.57 -84.82 -92.47
CA PRO T 1591 -11.98 -84.01 -93.62
C PRO T 1591 -11.49 -84.58 -94.94
N GLU T 1592 -11.19 -85.88 -94.96
CA GLU T 1592 -10.67 -86.56 -96.14
C GLU T 1592 -11.58 -87.74 -96.46
N THR T 1593 -12.22 -87.68 -97.63
CA THR T 1593 -13.12 -88.75 -98.06
C THR T 1593 -13.19 -88.74 -99.58
N ASP T 1594 -12.66 -89.81 -100.20
CA ASP T 1594 -12.67 -89.92 -101.66
C ASP T 1594 -12.47 -91.38 -102.06
N PRO T 1595 -13.53 -92.06 -102.52
CA PRO T 1595 -13.40 -93.48 -102.92
C PRO T 1595 -13.02 -93.64 -104.38
N HIS T 1596 -11.77 -93.28 -104.69
CA HIS T 1596 -11.18 -93.43 -106.02
C HIS T 1596 -11.89 -92.59 -107.08
N GLY T 1597 -13.22 -92.66 -107.13
CA GLY T 1597 -13.97 -91.92 -108.11
C GLY T 1597 -13.84 -90.42 -107.93
N VAL T 1598 -14.31 -89.69 -108.95
CA VAL T 1598 -14.19 -88.24 -108.94
C VAL T 1598 -15.13 -87.60 -107.92
N PHE T 1599 -16.21 -88.28 -107.54
CA PHE T 1599 -17.15 -87.76 -106.56
C PHE T 1599 -16.66 -88.02 -105.15
N GLY T 1600 -16.84 -87.05 -104.27
CA GLY T 1600 -16.43 -87.19 -102.89
C GLY T 1600 -15.92 -85.91 -102.27
N MET T 1601 -16.53 -85.50 -101.15
CA MET T 1601 -16.11 -84.30 -100.44
C MET T 1601 -16.49 -84.46 -98.97
N ARG T 1602 -16.12 -83.47 -98.17
CA ARG T 1602 -16.40 -83.49 -96.74
C ARG T 1602 -16.58 -82.06 -96.24
N GLU T 1603 -17.60 -81.86 -95.41
CA GLU T 1603 -17.91 -80.56 -94.83
C GLU T 1603 -17.66 -80.64 -93.33
N THR T 1604 -16.44 -80.29 -92.91
CA THR T 1604 -16.06 -80.30 -91.50
C THR T 1604 -16.20 -78.91 -90.89
N PRO T 1605 -16.51 -78.83 -89.60
CA PRO T 1605 -16.65 -77.52 -88.95
C PRO T 1605 -15.33 -76.76 -88.89
N VAL T 1606 -15.37 -75.54 -88.36
CA VAL T 1606 -14.18 -74.70 -88.28
C VAL T 1606 -13.24 -75.30 -87.24
N PHE T 1607 -12.03 -75.66 -87.67
CA PHE T 1607 -11.03 -76.22 -86.78
C PHE T 1607 -9.73 -75.44 -86.84
N ILE T 1608 -8.61 -76.08 -86.50
CA ILE T 1608 -7.30 -75.46 -86.56
C ILE T 1608 -6.89 -75.33 -88.02
N PRO T 1609 -6.01 -74.38 -88.37
CA PRO T 1609 -5.63 -74.22 -89.78
C PRO T 1609 -4.97 -75.46 -90.35
N ALA T 1610 -5.02 -75.58 -91.68
CA ALA T 1610 -4.51 -76.72 -92.43
C ALA T 1610 -5.15 -78.00 -91.92
N PRO T 1611 -6.42 -78.25 -92.23
CA PRO T 1611 -7.09 -79.44 -91.67
C PRO T 1611 -6.50 -80.75 -92.16
N VAL T 1612 -6.34 -80.91 -93.48
CA VAL T 1612 -5.81 -82.16 -94.01
C VAL T 1612 -4.35 -82.36 -93.59
N GLU T 1613 -3.59 -81.26 -93.54
CA GLU T 1613 -2.19 -81.36 -93.13
C GLU T 1613 -2.07 -81.78 -91.67
N ARG T 1614 -2.90 -81.19 -90.79
CA ARG T 1614 -2.87 -81.57 -89.39
C ARG T 1614 -3.35 -83.00 -89.19
N TYR T 1615 -4.35 -83.43 -89.97
CA TYR T 1615 -4.81 -84.80 -89.87
C TYR T 1615 -3.72 -85.78 -90.30
N ARG T 1616 -3.00 -85.46 -91.39
CA ARG T 1616 -1.90 -86.30 -91.81
C ARG T 1616 -0.77 -86.33 -90.79
N GLN T 1617 -0.49 -85.18 -90.15
CA GLN T 1617 0.53 -85.14 -89.13
C GLN T 1617 0.13 -85.95 -87.90
N ILE T 1618 -1.16 -85.98 -87.56
CA ILE T 1618 -1.63 -86.77 -86.44
C ILE T 1618 -1.59 -88.27 -86.79
N LEU T 1619 -1.90 -88.59 -88.05
CA LEU T 1619 -1.87 -89.99 -88.49
C LEU T 1619 -0.45 -90.51 -88.69
N LEU T 1620 0.52 -89.63 -88.86
CA LEU T 1620 1.91 -90.06 -89.11
C LEU T 1620 2.46 -91.00 -88.05
N PRO T 1621 2.35 -90.72 -86.74
CA PRO T 1621 2.89 -91.69 -85.77
C PRO T 1621 2.19 -93.03 -85.80
N ALA T 1622 0.88 -93.05 -86.04
CA ALA T 1622 0.15 -94.32 -86.12
C ALA T 1622 0.65 -95.15 -87.30
N LEU T 1623 0.77 -94.54 -88.47
CA LEU T 1623 1.30 -95.25 -89.63
C LEU T 1623 2.74 -95.69 -89.40
N GLN T 1624 3.52 -94.86 -88.70
CA GLN T 1624 4.92 -95.21 -88.42
C GLN T 1624 4.98 -96.46 -87.55
N ILE T 1625 4.24 -96.49 -86.44
CA ILE T 1625 4.29 -97.64 -85.55
C ILE T 1625 3.67 -98.87 -86.23
N CYS T 1626 2.68 -98.66 -87.10
CA CYS T 1626 2.10 -99.79 -87.83
C CYS T 1626 3.13 -100.42 -88.77
N GLN T 1627 3.83 -99.59 -89.54
CA GLN T 1627 4.87 -100.12 -90.42
C GLN T 1627 5.98 -100.77 -89.60
N LEU T 1628 6.31 -100.20 -88.44
CA LEU T 1628 7.36 -100.76 -87.60
C LEU T 1628 6.99 -102.15 -87.09
N ILE T 1629 5.77 -102.30 -86.59
CA ILE T 1629 5.36 -103.61 -86.07
C ILE T 1629 5.16 -104.60 -87.22
N LEU T 1630 4.76 -104.11 -88.41
CA LEU T 1630 4.65 -105.02 -89.55
C LEU T 1630 6.02 -105.50 -90.02
N THR T 1631 7.05 -104.66 -89.88
CA THR T 1631 8.39 -105.06 -90.27
C THR T 1631 9.07 -105.93 -89.22
N SER T 1632 8.77 -105.70 -87.94
CA SER T 1632 9.41 -106.42 -86.84
C SER T 1632 8.53 -107.50 -86.25
N SER T 1633 7.42 -107.86 -86.92
CA SER T 1633 6.56 -108.92 -86.42
C SER T 1633 7.27 -110.27 -86.49
N THR T 1634 6.91 -111.15 -85.57
CA THR T 1634 7.53 -112.48 -85.50
C THR T 1634 6.60 -113.54 -86.09
N ALA T 1635 5.78 -114.15 -85.24
CA ALA T 1635 4.86 -115.19 -85.69
C ALA T 1635 3.45 -114.69 -85.95
N GLN T 1636 3.07 -113.55 -85.36
CA GLN T 1636 1.74 -112.97 -85.56
C GLN T 1636 1.71 -112.00 -86.73
N HIS T 1637 2.65 -112.11 -87.67
CA HIS T 1637 2.66 -111.21 -88.82
C HIS T 1637 1.43 -111.38 -89.69
N LEU T 1638 0.91 -112.60 -89.80
CA LEU T 1638 -0.27 -112.84 -90.61
C LEU T 1638 -1.47 -112.06 -90.08
N GLN T 1639 -1.80 -112.27 -88.80
CA GLN T 1639 -2.92 -111.54 -88.21
C GLN T 1639 -2.64 -110.05 -88.12
N ALA T 1640 -1.38 -109.66 -87.97
CA ALA T 1640 -1.04 -108.24 -87.95
C ALA T 1640 -1.39 -107.58 -89.28
N ALA T 1641 -0.90 -108.15 -90.38
CA ALA T 1641 -1.25 -107.65 -91.71
C ALA T 1641 -2.75 -107.73 -91.95
N GLY T 1642 -3.41 -108.76 -91.41
CA GLY T 1642 -4.85 -108.87 -91.57
C GLY T 1642 -5.59 -107.70 -90.94
N GLN T 1643 -5.29 -107.40 -89.68
CA GLN T 1643 -5.98 -106.27 -89.04
C GLN T 1643 -5.55 -104.94 -89.63
N VAL T 1644 -4.30 -104.84 -90.13
CA VAL T 1644 -3.87 -103.60 -90.77
C VAL T 1644 -4.66 -103.37 -92.05
N LEU T 1645 -4.84 -104.42 -92.85
CA LEU T 1645 -5.63 -104.30 -94.08
C LEU T 1645 -7.09 -104.04 -93.75
N GLN T 1646 -7.61 -104.62 -92.66
CA GLN T 1646 -8.98 -104.35 -92.26
C GLN T 1646 -9.16 -102.89 -91.88
N PHE T 1647 -8.22 -102.32 -91.12
CA PHE T 1647 -8.29 -100.92 -90.77
C PHE T 1647 -8.16 -100.03 -92.00
N LEU T 1648 -7.27 -100.40 -92.93
CA LEU T 1648 -7.11 -99.62 -94.15
C LEU T 1648 -8.38 -99.64 -94.99
N VAL T 1649 -9.06 -100.78 -95.04
CA VAL T 1649 -10.31 -100.87 -95.79
C VAL T 1649 -11.41 -100.07 -95.10
N ALA T 1650 -11.45 -100.12 -93.77
CA ALA T 1650 -12.45 -99.34 -93.04
C ALA T 1650 -12.24 -97.85 -93.20
N HIS T 1651 -10.99 -97.41 -93.29
CA HIS T 1651 -10.66 -95.99 -93.48
C HIS T 1651 -10.12 -95.71 -94.88
N SER T 1652 -10.59 -96.45 -95.88
CA SER T 1652 -10.13 -96.27 -97.25
C SER T 1652 -10.47 -94.90 -97.82
N ASP T 1653 -11.42 -94.18 -97.20
CA ASP T 1653 -11.76 -92.85 -97.68
C ASP T 1653 -10.60 -91.89 -97.50
N THR T 1654 -10.16 -91.70 -96.25
CA THR T 1654 -9.05 -90.78 -95.99
C THR T 1654 -7.74 -91.29 -96.60
N ILE T 1655 -7.55 -92.61 -96.64
CA ILE T 1655 -6.33 -93.16 -97.22
C ILE T 1655 -6.24 -92.82 -98.70
N GLN T 1656 -7.32 -93.10 -99.45
CA GLN T 1656 -7.34 -92.76 -100.87
C GLN T 1656 -7.29 -91.25 -101.09
N ALA T 1657 -7.91 -90.47 -100.21
CA ALA T 1657 -7.84 -89.02 -100.34
C ALA T 1657 -6.41 -88.52 -100.19
N ILE T 1658 -5.68 -89.06 -99.20
CA ILE T 1658 -4.28 -88.67 -99.02
C ILE T 1658 -3.44 -89.15 -100.21
N LEU T 1659 -3.72 -90.34 -100.72
CA LEU T 1659 -2.97 -90.85 -101.87
C LEU T 1659 -3.22 -89.99 -103.12
N ARG T 1660 -4.42 -89.44 -103.27
CA ARG T 1660 -4.75 -88.64 -104.44
C ARG T 1660 -4.35 -87.18 -104.29
N SER T 1661 -4.25 -86.67 -103.07
CA SER T 1661 -3.88 -85.27 -102.83
C SER T 1661 -2.39 -85.22 -102.50
N GLN T 1662 -1.61 -84.63 -103.40
CA GLN T 1662 -0.18 -84.48 -103.22
C GLN T 1662 0.23 -83.05 -103.52
N GLU T 1663 1.24 -82.57 -102.81
CA GLU T 1663 1.74 -81.22 -102.98
C GLU T 1663 3.26 -81.28 -103.06
N GLY T 1664 3.90 -80.11 -103.09
CA GLY T 1664 5.35 -80.03 -103.16
C GLY T 1664 5.98 -79.71 -101.82
N SER T 1665 5.32 -80.10 -100.74
CA SER T 1665 5.83 -79.86 -99.39
C SER T 1665 6.81 -80.97 -99.01
N LEU T 1666 7.17 -81.02 -97.72
CA LEU T 1666 8.13 -82.00 -97.23
C LEU T 1666 7.46 -83.21 -96.60
N GLY T 1667 6.51 -83.00 -95.69
CA GLY T 1667 5.85 -84.11 -95.02
C GLY T 1667 4.90 -84.89 -95.90
N SER T 1668 4.39 -84.28 -96.96
CA SER T 1668 3.44 -84.97 -97.83
C SER T 1668 4.10 -86.14 -98.55
N LEU T 1669 5.33 -85.95 -99.03
CA LEU T 1669 6.04 -87.04 -99.71
C LEU T 1669 6.35 -88.17 -98.73
N GLN T 1670 6.74 -87.84 -97.51
CA GLN T 1670 7.00 -88.87 -96.51
C GLN T 1670 5.74 -89.65 -96.16
N GLU T 1671 4.61 -88.93 -96.03
CA GLU T 1671 3.35 -89.61 -95.75
C GLU T 1671 2.93 -90.52 -96.90
N LEU T 1672 3.09 -90.05 -98.13
CA LEU T 1672 2.77 -90.89 -99.29
C LEU T 1672 3.67 -92.12 -99.35
N ALA T 1673 4.96 -91.95 -99.05
CA ALA T 1673 5.88 -93.08 -99.05
C ALA T 1673 5.49 -94.09 -97.97
N LEU T 1674 5.16 -93.61 -96.77
CA LEU T 1674 4.76 -94.52 -95.70
C LEU T 1674 3.47 -95.26 -96.05
N LEU T 1675 2.50 -94.55 -96.65
CA LEU T 1675 1.26 -95.20 -97.04
C LEU T 1675 1.50 -96.25 -98.12
N THR T 1676 2.34 -95.93 -99.11
CA THR T 1676 2.65 -96.90 -100.16
C THR T 1676 3.37 -98.12 -99.57
N GLY T 1677 4.28 -97.90 -98.63
CA GLY T 1677 4.97 -99.02 -98.00
C GLY T 1677 4.03 -99.90 -97.19
N ILE T 1678 3.11 -99.29 -96.45
CA ILE T 1678 2.15 -100.06 -95.67
C ILE T 1678 1.23 -100.85 -96.60
N ILE T 1679 0.83 -100.25 -97.71
CA ILE T 1679 -0.02 -100.96 -98.67
C ILE T 1679 0.74 -102.13 -99.29
N SER T 1680 2.02 -101.92 -99.62
CA SER T 1680 2.80 -102.98 -100.24
C SER T 1680 3.12 -104.10 -99.24
N LYS T 1681 3.15 -103.78 -97.95
CA LYS T 1681 3.50 -104.77 -96.94
C LYS T 1681 2.29 -105.50 -96.36
N ALA T 1682 1.09 -104.91 -96.41
CA ALA T 1682 -0.07 -105.54 -95.80
C ALA T 1682 -1.30 -105.45 -96.70
N ALA T 1683 -1.11 -105.44 -98.02
CA ALA T 1683 -2.23 -105.42 -98.95
C ALA T 1683 -1.79 -105.90 -100.32
N LEU T 1684 -1.75 -107.21 -100.53
CA LEU T 1684 -1.29 -107.80 -101.78
C LEU T 1684 -2.23 -108.93 -102.20
N PRO T 1685 -2.41 -109.11 -103.51
CA PRO T 1685 -3.19 -110.28 -103.97
C PRO T 1685 -2.55 -111.60 -103.57
N GLY T 1686 -1.22 -111.67 -103.59
CA GLY T 1686 -0.56 -112.88 -103.11
C GLY T 1686 -0.79 -113.11 -101.63
N VAL T 1687 -0.80 -112.03 -100.84
CA VAL T 1687 -1.10 -112.15 -99.41
C VAL T 1687 -2.53 -112.65 -99.21
N LEU T 1688 -3.47 -112.12 -100.00
CA LEU T 1688 -4.86 -112.56 -99.89
C LEU T 1688 -5.01 -114.03 -100.28
N ASN T 1689 -4.26 -114.47 -101.30
CA ASN T 1689 -4.34 -115.87 -101.71
C ASN T 1689 -3.65 -116.78 -100.71
N GLU T 1690 -2.64 -116.29 -100.00
CA GLU T 1690 -1.94 -117.10 -99.02
C GLU T 1690 -2.73 -117.23 -97.72
N LEU T 1691 -3.00 -116.11 -97.06
CA LEU T 1691 -3.68 -116.12 -95.77
C LEU T 1691 -5.05 -115.44 -95.90
N ASP T 1692 -5.90 -115.72 -94.91
CA ASP T 1692 -7.25 -115.19 -94.81
C ASP T 1692 -8.16 -115.59 -95.98
N ILE T 1693 -7.77 -116.60 -96.75
CA ILE T 1693 -8.56 -117.01 -97.90
C ILE T 1693 -9.82 -117.77 -97.50
N GLY T 1694 -9.92 -118.20 -96.26
CA GLY T 1694 -11.09 -118.93 -95.81
C GLY T 1694 -11.91 -118.18 -94.78
N LEU T 1695 -12.07 -116.85 -94.97
CA LEU T 1695 -12.81 -116.00 -94.05
C LEU T 1695 -13.64 -115.02 -94.89
N ASN T 1696 -14.77 -115.49 -95.40
CA ASN T 1696 -15.70 -114.69 -96.19
C ASN T 1696 -15.05 -114.14 -97.45
N ASP T 1697 -15.25 -114.82 -98.59
CA ASP T 1697 -14.67 -114.37 -99.85
C ASP T 1697 -15.26 -113.04 -100.31
N GLY T 1698 -16.49 -112.72 -99.91
CA GLY T 1698 -17.04 -111.41 -100.23
C GLY T 1698 -16.29 -110.29 -99.54
N SER T 1699 -16.01 -110.46 -98.25
CA SER T 1699 -15.09 -109.57 -97.57
C SER T 1699 -13.74 -109.57 -98.26
N MET T 1700 -13.27 -110.75 -98.67
CA MET T 1700 -12.03 -110.83 -99.44
C MET T 1700 -12.19 -110.19 -100.82
N MET T 1701 -13.40 -110.23 -101.38
CA MET T 1701 -13.65 -109.54 -102.65
C MET T 1701 -13.46 -108.04 -102.50
N GLU T 1702 -14.06 -107.46 -101.46
CA GLU T 1702 -13.83 -106.03 -101.19
C GLU T 1702 -12.36 -105.76 -100.85
N LEU T 1703 -11.70 -106.71 -100.20
CA LEU T 1703 -10.28 -106.57 -99.90
C LEU T 1703 -9.47 -106.43 -101.19
N GLN T 1704 -9.67 -107.35 -102.14
CA GLN T 1704 -8.90 -107.27 -103.38
C GLN T 1704 -9.33 -106.07 -104.23
N GLY T 1705 -10.59 -105.63 -104.10
CA GLY T 1705 -10.99 -104.42 -104.80
C GLY T 1705 -10.25 -103.19 -104.30
N HIS T 1706 -10.20 -103.03 -102.97
CA HIS T 1706 -9.44 -101.93 -102.39
C HIS T 1706 -7.95 -102.08 -102.67
N ILE T 1707 -7.46 -103.32 -102.76
CA ILE T 1707 -6.05 -103.54 -103.09
C ILE T 1707 -5.77 -103.08 -104.52
N GLY T 1708 -6.67 -103.39 -105.45
CA GLY T 1708 -6.51 -102.92 -106.82
C GLY T 1708 -6.59 -101.40 -106.91
N ARG T 1709 -7.48 -100.79 -106.14
CA ARG T 1709 -7.54 -99.33 -106.12
C ARG T 1709 -6.25 -98.73 -105.59
N PHE T 1710 -5.70 -99.31 -104.51
CA PHE T 1710 -4.44 -98.83 -103.95
C PHE T 1710 -3.30 -99.05 -104.94
N GLN T 1711 -3.33 -100.14 -105.69
CA GLN T 1711 -2.30 -100.39 -106.70
C GLN T 1711 -2.38 -99.38 -107.84
N ARG T 1712 -3.60 -99.03 -108.25
CA ARG T 1712 -3.76 -97.98 -109.26
C ARG T 1712 -3.23 -96.64 -108.75
N GLN T 1713 -3.54 -96.32 -107.49
CA GLN T 1713 -3.02 -95.08 -106.91
C GLN T 1713 -1.50 -95.09 -106.83
N CYS T 1714 -0.92 -96.23 -106.47
CA CYS T 1714 0.54 -96.33 -106.40
C CYS T 1714 1.18 -96.21 -107.77
N LEU T 1715 0.55 -96.80 -108.79
CA LEU T 1715 1.06 -96.67 -110.14
C LEU T 1715 0.98 -95.22 -110.61
N ALA T 1716 -0.11 -94.52 -110.28
CA ALA T 1716 -0.22 -93.11 -110.61
C ALA T 1716 0.87 -92.29 -109.92
N LEU T 1717 1.10 -92.56 -108.64
CA LEU T 1717 2.14 -91.83 -107.90
C LEU T 1717 3.52 -92.12 -108.48
N LEU T 1718 3.77 -93.36 -108.89
CA LEU T 1718 5.05 -93.69 -109.50
C LEU T 1718 5.23 -92.99 -110.83
N ASN T 1719 4.18 -92.96 -111.66
CA ASN T 1719 4.26 -92.26 -112.93
C ASN T 1719 4.43 -90.75 -112.73
N ARG T 1720 3.92 -90.22 -111.62
CA ARG T 1720 4.05 -88.79 -111.36
C ARG T 1720 5.44 -88.43 -110.82
N PHE T 1721 6.00 -89.27 -109.95
CA PHE T 1721 7.27 -88.98 -109.30
C PHE T 1721 8.44 -89.73 -109.92
N GLY T 1722 8.25 -90.33 -111.10
CA GLY T 1722 9.31 -91.04 -111.76
C GLY T 1722 10.23 -90.21 -112.64
N GLY T 1723 10.03 -88.89 -112.68
CA GLY T 1723 10.87 -88.03 -113.49
C GLY T 1723 12.00 -87.43 -112.68
N SER T 1724 13.17 -87.29 -113.33
CA SER T 1724 14.32 -86.71 -112.66
C SER T 1724 14.13 -85.21 -112.45
N ASP T 1725 13.42 -84.54 -113.35
CA ASP T 1725 13.17 -83.11 -113.19
C ASP T 1725 12.18 -82.82 -112.08
N ARG T 1726 11.40 -83.82 -111.65
CA ARG T 1726 10.45 -83.61 -110.56
C ARG T 1726 11.16 -83.27 -109.25
N LEU T 1727 12.37 -83.78 -109.07
CA LEU T 1727 13.14 -83.47 -107.86
C LEU T 1727 13.40 -81.97 -107.76
N ARG T 1728 13.99 -81.39 -108.81
CA ARG T 1728 14.25 -79.95 -108.80
C ARG T 1728 12.99 -79.12 -108.95
N GLN T 1729 11.90 -79.71 -109.46
CA GLN T 1729 10.63 -78.98 -109.51
C GLN T 1729 10.02 -78.86 -108.12
N LEU T 1730 10.13 -79.91 -107.30
CA LEU T 1730 9.58 -79.89 -105.95
C LEU T 1730 10.53 -79.26 -104.94
N SER T 1731 11.83 -79.18 -105.25
CA SER T 1731 12.77 -78.56 -104.32
C SER T 1731 12.47 -77.06 -104.17
N LEU T 1732 12.08 -76.40 -105.26
CA LEU T 1732 11.77 -74.98 -105.21
C LEU T 1732 10.49 -74.68 -104.43
N GLN T 1733 9.64 -75.68 -104.19
CA GLN T 1733 8.41 -75.47 -103.45
C GLN T 1733 8.60 -75.54 -101.95
N ASP T 1734 9.64 -76.24 -101.49
CA ASP T 1734 9.91 -76.38 -100.06
C ASP T 1734 11.26 -75.79 -99.66
N ASP T 1735 11.99 -75.17 -100.58
CA ASP T 1735 13.25 -74.52 -100.24
C ASP T 1735 13.01 -73.28 -99.41
N SER T 1736 13.11 -73.41 -98.07
CA SER T 1736 12.92 -72.26 -97.21
C SER T 1736 14.09 -71.29 -97.27
N SER T 1737 15.31 -71.81 -97.44
CA SER T 1737 16.49 -70.97 -97.54
C SER T 1737 17.50 -71.63 -98.47
N ARG T 1738 18.32 -70.81 -99.12
CA ARG T 1738 19.34 -71.34 -100.02
C ARG T 1738 20.42 -72.13 -99.29
N LEU T 1739 20.62 -71.86 -98.00
CA LEU T 1739 21.59 -72.63 -97.23
C LEU T 1739 21.05 -74.02 -96.88
N ASP T 1740 19.78 -74.10 -96.49
CA ASP T 1740 19.15 -75.37 -96.18
C ASP T 1740 18.59 -76.07 -97.40
N GLY T 1741 18.75 -75.49 -98.59
CA GLY T 1741 18.30 -76.16 -99.80
C GLY T 1741 18.97 -77.49 -100.04
N VAL T 1742 20.22 -77.64 -99.61
CA VAL T 1742 20.92 -78.92 -99.75
C VAL T 1742 20.20 -80.00 -98.95
N SER T 1743 19.92 -79.72 -97.68
CA SER T 1743 19.18 -80.68 -96.85
C SER T 1743 17.76 -80.89 -97.37
N LYS T 1744 17.14 -79.85 -97.93
CA LYS T 1744 15.80 -80.00 -98.49
C LYS T 1744 15.79 -80.97 -99.66
N LYS T 1745 16.72 -80.78 -100.61
CA LYS T 1745 16.81 -81.69 -101.75
C LYS T 1745 17.26 -83.09 -101.32
N ASP T 1746 18.05 -83.19 -100.26
CA ASP T 1746 18.42 -84.50 -99.73
C ASP T 1746 17.19 -85.22 -99.18
N ASP T 1747 16.35 -84.51 -98.43
CA ASP T 1747 15.12 -85.12 -97.93
C ASP T 1747 14.19 -85.49 -99.08
N MET T 1748 14.13 -84.65 -100.11
CA MET T 1748 13.27 -84.95 -101.26
C MET T 1748 13.73 -86.21 -101.97
N GLU T 1749 15.04 -86.32 -102.25
CA GLU T 1749 15.54 -87.52 -102.91
C GLU T 1749 15.43 -88.74 -102.01
N LEU T 1750 15.53 -88.56 -100.69
CA LEU T 1750 15.32 -89.68 -99.78
C LEU T 1750 13.88 -90.17 -99.81
N ALA T 1751 12.93 -89.24 -99.86
CA ALA T 1751 11.52 -89.63 -99.97
C ALA T 1751 11.25 -90.33 -101.30
N MET T 1752 11.84 -89.83 -102.39
CA MET T 1752 11.68 -90.48 -103.68
C MET T 1752 12.27 -91.89 -103.68
N GLN T 1753 13.46 -92.05 -103.07
CA GLN T 1753 14.06 -93.37 -102.98
C GLN T 1753 13.25 -94.29 -102.08
N GLN T 1754 12.60 -93.75 -101.05
CA GLN T 1754 11.74 -94.58 -100.22
C GLN T 1754 10.50 -95.04 -100.98
N ILE T 1755 9.92 -94.15 -101.80
CA ILE T 1755 8.80 -94.53 -102.64
C ILE T 1755 9.23 -95.65 -103.60
N CYS T 1756 10.38 -95.48 -104.24
CA CYS T 1756 10.88 -96.50 -105.15
C CYS T 1756 11.19 -97.80 -104.42
N SER T 1757 11.64 -97.71 -103.16
CA SER T 1757 11.91 -98.91 -102.37
C SER T 1757 10.63 -99.64 -102.05
N ASN T 1758 9.57 -98.91 -101.70
CA ASN T 1758 8.28 -99.55 -101.48
C ASN T 1758 7.76 -100.21 -102.77
N VAL T 1759 7.97 -99.54 -103.91
CA VAL T 1759 7.54 -100.10 -105.19
C VAL T 1759 8.29 -101.41 -105.47
N MET T 1760 9.61 -101.40 -105.31
CA MET T 1760 10.38 -102.60 -105.59
C MET T 1760 10.09 -103.70 -104.58
N GLU T 1761 9.75 -103.33 -103.34
CA GLU T 1761 9.36 -104.34 -102.36
C GLU T 1761 8.04 -105.00 -102.75
N TYR T 1762 7.07 -104.19 -103.22
CA TYR T 1762 5.84 -104.77 -103.73
C TYR T 1762 6.10 -105.68 -104.92
N CYS T 1763 7.04 -105.30 -105.80
CA CYS T 1763 7.34 -106.11 -106.96
C CYS T 1763 8.05 -107.41 -106.59
N GLN T 1764 8.95 -107.36 -105.61
CA GLN T 1764 9.73 -108.53 -105.20
C GLN T 1764 8.98 -109.43 -104.23
N ALA T 1765 7.86 -108.96 -103.66
CA ALA T 1765 7.09 -109.78 -102.74
C ALA T 1765 6.56 -111.05 -103.40
N LEU T 1766 6.45 -111.06 -104.72
CA LEU T 1766 6.00 -112.25 -105.44
C LEU T 1766 7.14 -113.16 -105.87
N MET T 1767 8.35 -112.61 -106.03
CA MET T 1767 9.49 -113.41 -106.43
C MET T 1767 10.21 -114.05 -105.25
N ILE T 1768 10.01 -113.54 -104.03
CA ILE T 1768 10.64 -114.14 -102.86
C ILE T 1768 10.07 -115.52 -102.60
N GLN T 1769 8.75 -115.68 -102.75
CA GLN T 1769 8.14 -116.99 -102.57
C GLN T 1769 8.60 -117.98 -103.64
N ASN T 1770 8.86 -117.50 -104.85
CA ASN T 1770 9.34 -118.35 -105.94
C ASN T 1770 10.86 -118.54 -105.81
N SER T 1771 11.24 -119.27 -104.77
CA SER T 1771 12.65 -119.53 -104.49
C SER T 1771 13.11 -120.86 -105.10
N PRO T 1772 12.39 -121.98 -104.92
CA PRO T 1772 12.85 -123.23 -105.54
C PRO T 1772 12.76 -123.22 -107.05
N SER T 1773 11.94 -122.35 -107.65
CA SER T 1773 11.79 -122.28 -109.09
C SER T 1773 11.81 -120.83 -109.53
N PHE T 1774 12.64 -120.53 -110.54
CA PHE T 1774 12.74 -119.17 -111.06
C PHE T 1774 12.42 -119.15 -112.55
N GLN T 1775 11.37 -119.86 -112.95
CA GLN T 1775 10.94 -119.93 -114.35
C GLN T 1775 9.51 -119.41 -114.50
N GLN T 1776 9.16 -118.37 -113.76
CA GLN T 1776 7.84 -117.78 -113.79
C GLN T 1776 7.92 -116.32 -114.22
N THR T 1777 6.88 -115.87 -114.92
CA THR T 1777 6.81 -114.51 -115.43
C THR T 1777 5.65 -113.78 -114.77
N VAL T 1778 5.89 -112.51 -114.42
CA VAL T 1778 4.88 -111.65 -113.81
C VAL T 1778 4.90 -110.34 -114.61
N CYS T 1779 3.98 -110.21 -115.56
CA CYS T 1779 3.93 -109.02 -116.40
C CYS T 1779 2.50 -108.82 -116.90
N LEU T 1780 2.18 -107.56 -117.19
CA LEU T 1780 0.85 -107.20 -117.69
C LEU T 1780 0.91 -105.82 -118.36
N PHE T 1781 1.89 -105.61 -119.23
CA PHE T 1781 2.11 -104.33 -119.87
C PHE T 1781 1.72 -104.42 -121.36
N THR T 1782 2.14 -103.42 -122.13
CA THR T 1782 1.84 -103.33 -123.55
C THR T 1782 3.13 -103.13 -124.34
N PRO T 1783 3.20 -103.69 -125.55
CA PRO T 1783 4.41 -103.53 -126.38
C PRO T 1783 4.49 -102.17 -127.08
N SER T 1784 4.88 -101.16 -126.31
CA SER T 1784 5.03 -99.80 -126.84
C SER T 1784 5.96 -99.04 -125.92
N LEU T 1785 7.14 -98.67 -126.42
CA LEU T 1785 8.13 -97.94 -125.64
C LEU T 1785 7.96 -96.44 -125.71
N LYS T 1786 6.78 -95.96 -126.12
CA LYS T 1786 6.51 -94.53 -126.13
C LYS T 1786 6.29 -93.96 -124.73
N GLU T 1787 6.06 -94.82 -123.73
CA GLU T 1787 5.89 -94.34 -122.37
C GLU T 1787 7.16 -93.70 -121.84
N SER T 1788 8.33 -94.16 -122.29
CA SER T 1788 9.59 -93.54 -121.87
C SER T 1788 9.65 -92.09 -122.32
N ALA T 1789 9.36 -91.84 -123.61
CA ALA T 1789 9.35 -90.47 -124.10
C ALA T 1789 8.23 -89.65 -123.50
N SER T 1790 7.10 -90.28 -123.18
CA SER T 1790 6.00 -89.55 -122.56
C SER T 1790 6.34 -89.13 -121.13
N ARG T 1791 7.11 -89.95 -120.41
CA ARG T 1791 7.50 -89.63 -119.04
C ARG T 1791 8.75 -88.77 -118.95
N ASP T 1792 9.60 -88.77 -119.99
CA ASP T 1792 10.79 -87.93 -119.97
C ASP T 1792 10.48 -86.45 -120.09
N GLY T 1793 9.24 -86.08 -120.40
CA GLY T 1793 8.88 -84.68 -120.53
C GLY T 1793 8.77 -83.97 -119.20
N THR T 1794 7.54 -83.66 -118.78
CA THR T 1794 7.31 -82.97 -117.53
C THR T 1794 5.93 -83.36 -117.00
N ARG T 1795 5.88 -83.91 -115.80
CA ARG T 1795 4.64 -84.32 -115.16
C ARG T 1795 4.16 -83.22 -114.22
N GLN T 1796 3.10 -83.51 -113.46
CA GLN T 1796 2.53 -82.57 -112.51
C GLN T 1796 2.41 -83.26 -111.16
N ASP T 1797 3.15 -82.76 -110.17
CA ASP T 1797 3.13 -83.32 -108.83
C ASP T 1797 2.13 -82.62 -107.91
N SER T 1798 1.25 -81.79 -108.46
CA SER T 1798 0.24 -81.09 -107.67
C SER T 1798 -1.18 -81.53 -107.96
N GLN T 1799 -1.48 -81.94 -109.19
CA GLN T 1799 -2.82 -82.39 -109.55
C GLN T 1799 -2.87 -83.91 -109.63
N VAL T 1800 -3.58 -84.44 -110.62
CA VAL T 1800 -3.71 -85.88 -110.82
C VAL T 1800 -3.29 -86.19 -112.25
N SER T 1801 -2.14 -86.85 -112.40
CA SER T 1801 -1.61 -87.25 -113.69
C SER T 1801 -1.64 -88.77 -113.75
N ILE T 1802 -2.71 -89.32 -114.30
CA ILE T 1802 -2.92 -90.76 -114.38
C ILE T 1802 -2.74 -91.21 -115.82
N LEU T 1803 -2.05 -92.35 -116.00
CA LEU T 1803 -1.91 -92.93 -117.32
C LEU T 1803 -3.22 -93.57 -117.76
N PRO T 1804 -3.42 -93.75 -119.07
CA PRO T 1804 -4.63 -94.42 -119.55
C PRO T 1804 -4.81 -95.81 -118.95
N SER T 1805 -5.72 -95.92 -117.98
CA SER T 1805 -5.94 -97.20 -117.31
C SER T 1805 -6.61 -98.23 -118.22
N TRP T 1806 -7.20 -97.79 -119.33
CA TRP T 1806 -7.83 -98.70 -120.28
C TRP T 1806 -6.81 -99.45 -121.14
N ARG T 1807 -5.51 -99.20 -120.96
CA ARG T 1807 -4.49 -99.90 -121.72
C ARG T 1807 -3.29 -100.34 -120.88
N LEU T 1808 -3.20 -99.94 -119.61
CA LEU T 1808 -2.14 -100.30 -118.67
C LEU T 1808 -0.80 -99.67 -119.07
N PRO T 1809 0.11 -99.46 -118.12
CA PRO T 1809 1.43 -98.93 -118.47
C PRO T 1809 2.22 -99.91 -119.31
N SER T 1810 3.38 -99.46 -119.76
CA SER T 1810 4.23 -100.28 -120.63
C SER T 1810 5.67 -100.31 -120.12
N LEU T 1811 6.56 -100.92 -120.90
CA LEU T 1811 7.97 -101.01 -120.54
C LEU T 1811 8.71 -99.69 -120.66
N GLY T 1812 8.10 -98.69 -121.30
CA GLY T 1812 8.76 -97.39 -121.39
C GLY T 1812 8.95 -96.74 -120.04
N VAL T 1813 7.97 -96.88 -119.15
CA VAL T 1813 8.11 -96.34 -117.80
C VAL T 1813 9.25 -97.02 -117.07
N VAL T 1814 9.37 -98.34 -117.22
CA VAL T 1814 10.45 -99.07 -116.56
C VAL T 1814 11.81 -98.65 -117.13
N ILE T 1815 11.89 -98.46 -118.45
CA ILE T 1815 13.15 -98.03 -119.05
C ILE T 1815 13.53 -96.64 -118.58
N HIS T 1816 12.56 -95.72 -118.51
CA HIS T 1816 12.82 -94.38 -118.00
C HIS T 1816 13.28 -94.42 -116.55
N LEU T 1817 12.62 -95.24 -115.73
CA LEU T 1817 13.01 -95.35 -114.33
C LEU T 1817 14.42 -95.91 -114.19
N LEU T 1818 14.76 -96.91 -115.00
CA LEU T 1818 16.11 -97.48 -114.94
C LEU T 1818 17.16 -96.48 -115.36
N LYS T 1819 16.89 -95.71 -116.43
CA LYS T 1819 17.85 -94.71 -116.88
C LYS T 1819 18.03 -93.61 -115.85
N GLN T 1820 16.93 -93.14 -115.26
CA GLN T 1820 17.03 -92.11 -114.24
C GLN T 1820 17.74 -92.63 -113.00
N SER T 1821 17.52 -93.89 -112.64
CA SER T 1821 18.20 -94.46 -111.49
C SER T 1821 19.69 -94.60 -111.75
N ALA T 1822 20.08 -94.97 -112.97
CA ALA T 1822 21.50 -95.05 -113.29
C ALA T 1822 22.16 -93.67 -113.28
N ASN T 1823 21.47 -92.66 -113.82
CA ASN T 1823 22.02 -91.31 -113.79
C ASN T 1823 22.16 -90.80 -112.36
N ASN T 1824 21.14 -91.04 -111.52
CA ASN T 1824 21.22 -90.64 -110.12
C ASN T 1824 22.31 -91.43 -109.39
N PHE T 1825 22.53 -92.69 -109.76
CA PHE T 1825 23.60 -93.47 -109.14
C PHE T 1825 24.96 -92.88 -109.47
N PHE T 1826 25.18 -92.53 -110.73
CA PHE T 1826 26.45 -91.89 -111.10
C PHE T 1826 26.62 -90.55 -110.37
N THR T 1827 25.55 -89.75 -110.31
CA THR T 1827 25.64 -88.47 -109.64
C THR T 1827 25.96 -88.64 -108.15
N TYR T 1828 25.29 -89.58 -107.49
CA TYR T 1828 25.53 -89.81 -106.07
C TYR T 1828 26.92 -90.39 -105.83
N TYR T 1829 27.42 -91.22 -106.74
CA TYR T 1829 28.78 -91.74 -106.60
C TYR T 1829 29.80 -90.61 -106.72
N ASP T 1830 29.60 -89.70 -107.68
CA ASP T 1830 30.51 -88.56 -107.81
C ASP T 1830 30.45 -87.67 -106.57
N ILE T 1831 29.24 -87.41 -106.06
CA ILE T 1831 29.11 -86.57 -104.88
C ILE T 1831 29.74 -87.25 -103.67
N HIS T 1832 29.61 -88.57 -103.56
CA HIS T 1832 30.21 -89.29 -102.44
C HIS T 1832 31.72 -89.28 -102.53
N ARG T 1833 32.28 -89.40 -103.73
CA ARG T 1833 33.72 -89.30 -103.90
C ARG T 1833 34.21 -87.91 -103.52
N GLN T 1834 33.49 -86.87 -103.94
CA GLN T 1834 33.88 -85.51 -103.58
C GLN T 1834 33.81 -85.31 -102.07
N SER T 1835 32.77 -85.86 -101.42
CA SER T 1835 32.64 -85.71 -99.98
C SER T 1835 33.73 -86.48 -99.24
N VAL T 1836 34.11 -87.65 -99.76
CA VAL T 1836 35.21 -88.40 -99.15
C VAL T 1836 36.52 -87.63 -99.28
N GLY T 1837 36.76 -87.03 -100.44
CA GLY T 1837 37.94 -86.20 -100.60
C GLY T 1837 37.94 -85.01 -99.67
N LYS T 1838 36.78 -84.37 -99.50
CA LYS T 1838 36.68 -83.23 -98.61
C LYS T 1838 36.90 -83.64 -97.15
N LEU T 1839 36.39 -84.81 -96.75
CA LEU T 1839 36.60 -85.29 -95.40
C LEU T 1839 38.05 -85.71 -95.16
N GLN T 1840 38.73 -86.17 -96.21
CA GLN T 1840 40.14 -86.51 -96.07
C GLN T 1840 41.01 -85.27 -96.01
N ASN T 1841 40.64 -84.20 -96.72
CA ASN T 1841 41.39 -82.96 -96.73
C ASN T 1841 40.85 -81.92 -95.77
N VAL T 1842 39.92 -82.31 -94.88
CA VAL T 1842 39.35 -81.35 -93.94
C VAL T 1842 40.35 -80.95 -92.85
N GLU T 1843 41.42 -81.72 -92.67
CA GLU T 1843 42.42 -81.39 -91.65
C GLU T 1843 43.21 -80.13 -91.97
N GLN T 1844 43.16 -79.66 -93.21
CA GLN T 1844 43.88 -78.44 -93.61
C GLN T 1844 42.95 -77.48 -94.35
N LEU T 1845 41.66 -77.47 -94.00
CA LEU T 1845 40.72 -76.58 -94.67
C LEU T 1845 40.82 -75.17 -94.08
N PRO T 1846 40.67 -74.14 -94.92
CA PRO T 1846 40.77 -72.76 -94.43
C PRO T 1846 39.63 -72.42 -93.50
N PRO T 1847 39.81 -71.43 -92.62
CA PRO T 1847 38.70 -71.02 -91.74
C PRO T 1847 37.51 -70.49 -92.51
N ASP T 1848 37.72 -69.73 -93.59
CA ASP T 1848 36.61 -69.28 -94.40
C ASP T 1848 35.87 -70.46 -95.03
N GLU T 1849 36.61 -71.49 -95.44
CA GLU T 1849 35.98 -72.66 -96.04
C GLU T 1849 35.16 -73.43 -95.01
N ILE T 1850 35.68 -73.61 -93.80
CA ILE T 1850 34.91 -74.33 -92.79
C ILE T 1850 33.72 -73.49 -92.33
N LYS T 1851 33.84 -72.17 -92.34
CA LYS T 1851 32.69 -71.33 -92.01
C LYS T 1851 31.61 -71.42 -93.07
N GLU T 1852 32.00 -71.44 -94.35
CA GLU T 1852 31.04 -71.63 -95.42
C GLU T 1852 30.38 -73.00 -95.33
N LEU T 1853 31.15 -74.02 -94.94
CA LEU T 1853 30.58 -75.35 -94.76
C LEU T 1853 29.57 -75.38 -93.62
N CYS T 1854 29.89 -74.72 -92.50
CA CYS T 1854 28.95 -74.66 -91.39
C CYS T 1854 27.69 -73.88 -91.77
N GLN T 1855 27.84 -72.82 -92.58
CA GLN T 1855 26.69 -72.05 -93.01
C GLN T 1855 25.81 -72.86 -93.97
N SER T 1856 26.43 -73.67 -94.83
CA SER T 1856 25.66 -74.55 -95.70
C SER T 1856 24.99 -75.66 -94.92
N GLU T 1857 25.60 -76.11 -93.83
CA GLU T 1857 24.97 -77.13 -93.00
C GLU T 1857 23.77 -76.56 -92.26
N MET T 1858 23.97 -75.48 -91.52
CA MET T 1858 22.88 -74.84 -90.78
C MET T 1858 22.80 -73.36 -91.14
N PRO T 1859 21.60 -72.83 -91.37
CA PRO T 1859 21.47 -71.41 -91.72
C PRO T 1859 21.71 -70.46 -90.57
N VAL T 1860 21.90 -70.95 -89.34
CA VAL T 1860 22.15 -70.09 -88.21
C VAL T 1860 23.54 -69.48 -88.31
N GLY T 1861 23.68 -68.23 -87.90
CA GLY T 1861 24.96 -67.55 -87.94
C GLY T 1861 26.00 -68.17 -87.04
N ALA T 1862 26.68 -69.20 -87.55
CA ALA T 1862 27.70 -69.91 -86.78
C ALA T 1862 29.09 -69.38 -87.13
N ASP T 1863 29.29 -68.09 -86.88
CA ASP T 1863 30.55 -67.42 -87.15
C ASP T 1863 31.32 -67.04 -85.90
N LYS T 1864 30.63 -66.87 -84.77
CA LYS T 1864 31.28 -66.50 -83.52
C LYS T 1864 31.78 -67.69 -82.72
N ILE T 1865 31.60 -68.91 -83.24
CA ILE T 1865 32.05 -70.11 -82.54
C ILE T 1865 33.55 -70.27 -82.73
N SER T 1866 34.13 -71.31 -82.12
CA SER T 1866 35.56 -71.52 -82.19
C SER T 1866 35.93 -72.31 -83.45
N THR T 1867 37.23 -72.32 -83.75
CA THR T 1867 37.72 -73.05 -84.91
C THR T 1867 37.50 -74.55 -84.73
N THR T 1868 37.69 -75.06 -83.51
CA THR T 1868 37.42 -76.47 -83.25
C THR T 1868 35.95 -76.80 -83.42
N GLN T 1869 35.07 -75.90 -82.97
CA GLN T 1869 33.64 -76.11 -83.16
C GLN T 1869 33.27 -76.12 -84.63
N LYS T 1870 33.85 -75.21 -85.42
CA LYS T 1870 33.60 -75.18 -86.86
C LYS T 1870 34.10 -76.45 -87.52
N TYR T 1871 35.28 -76.92 -87.13
CA TYR T 1871 35.82 -78.16 -87.70
C TYR T 1871 34.94 -79.35 -87.34
N GLY T 1872 34.47 -79.42 -86.10
CA GLY T 1872 33.58 -80.51 -85.71
C GLY T 1872 32.26 -80.49 -86.45
N LEU T 1873 31.68 -79.29 -86.63
CA LEU T 1873 30.44 -79.19 -87.37
C LEU T 1873 30.63 -79.57 -88.83
N ALA T 1874 31.73 -79.15 -89.44
CA ALA T 1874 32.01 -79.52 -90.82
C ALA T 1874 32.21 -81.02 -90.96
N ARG T 1875 32.90 -81.64 -90.00
CA ARG T 1875 33.11 -83.08 -90.04
C ARG T 1875 31.79 -83.83 -89.87
N ARG T 1876 30.92 -83.34 -88.97
CA ARG T 1876 29.62 -83.97 -88.80
C ARG T 1876 28.77 -83.85 -90.06
N ARG T 1877 28.80 -82.67 -90.71
CA ARG T 1877 28.06 -82.50 -91.95
C ARG T 1877 28.60 -83.41 -93.05
N LEU T 1878 29.92 -83.54 -93.15
CA LEU T 1878 30.50 -84.41 -94.16
C LEU T 1878 30.17 -85.87 -93.90
N VAL T 1879 30.17 -86.29 -92.63
CA VAL T 1879 29.83 -87.67 -92.29
C VAL T 1879 28.37 -87.95 -92.61
N LYS T 1880 27.49 -87.01 -92.28
CA LYS T 1880 26.07 -87.17 -92.60
C LYS T 1880 25.86 -87.26 -94.11
N LEU T 1881 26.54 -86.39 -94.87
CA LEU T 1881 26.39 -86.43 -96.32
C LEU T 1881 26.92 -87.73 -96.91
N ILE T 1882 28.04 -88.23 -96.36
CA ILE T 1882 28.60 -89.49 -96.85
C ILE T 1882 27.66 -90.65 -96.56
N ASN T 1883 27.09 -90.68 -95.35
CA ASN T 1883 26.15 -91.75 -95.02
C ASN T 1883 24.90 -91.68 -95.88
N SER T 1884 24.38 -90.47 -96.12
CA SER T 1884 23.21 -90.32 -96.96
C SER T 1884 23.50 -90.76 -98.40
N ARG T 1885 24.67 -90.40 -98.92
CA ARG T 1885 25.02 -90.79 -100.27
C ARG T 1885 25.23 -92.29 -100.38
N ALA T 1886 25.81 -92.92 -99.36
CA ALA T 1886 25.98 -94.36 -99.38
C ALA T 1886 24.62 -95.07 -99.34
N LYS T 1887 23.70 -94.59 -98.49
CA LYS T 1887 22.36 -95.16 -98.47
C LYS T 1887 21.66 -94.98 -99.81
N LEU T 1888 21.81 -93.81 -100.43
CA LEU T 1888 21.21 -93.57 -101.73
C LEU T 1888 21.77 -94.50 -102.80
N LEU T 1889 23.09 -94.71 -102.78
CA LEU T 1889 23.71 -95.61 -103.75
C LEU T 1889 23.25 -97.04 -103.55
N SER T 1890 23.16 -97.49 -102.30
CA SER T 1890 22.69 -98.85 -102.02
C SER T 1890 21.25 -99.03 -102.48
N LEU T 1891 20.38 -98.06 -102.16
CA LEU T 1891 19.00 -98.13 -102.59
C LEU T 1891 18.87 -98.11 -104.10
N CYS T 1892 19.69 -97.30 -104.77
CA CYS T 1892 19.66 -97.24 -106.23
C CYS T 1892 20.10 -98.57 -106.84
N SER T 1893 21.15 -99.18 -106.29
CA SER T 1893 21.60 -100.48 -106.80
C SER T 1893 20.52 -101.54 -106.60
N TYR T 1894 19.87 -101.54 -105.43
CA TYR T 1894 18.84 -102.53 -105.17
C TYR T 1894 17.64 -102.34 -106.09
N ILE T 1895 17.24 -101.08 -106.31
CA ILE T 1895 16.12 -100.79 -107.21
C ILE T 1895 16.49 -101.14 -108.64
N ILE T 1896 17.76 -100.96 -109.02
CA ILE T 1896 18.18 -101.33 -110.37
C ILE T 1896 18.16 -102.84 -110.55
N GLU T 1897 18.57 -103.58 -109.52
CA GLU T 1897 18.48 -105.04 -109.59
C GLU T 1897 17.02 -105.49 -109.69
N THR T 1898 16.13 -104.82 -108.95
CA THR T 1898 14.71 -105.17 -109.05
C THR T 1898 14.15 -104.82 -110.43
N CYS T 1899 14.60 -103.72 -111.01
CA CYS T 1899 14.17 -103.35 -112.36
C CYS T 1899 14.69 -104.35 -113.38
N LEU T 1900 15.89 -104.90 -113.15
CA LEU T 1900 16.40 -105.96 -114.02
C LEU T 1900 15.54 -107.21 -113.90
N TYR T 1901 15.17 -107.58 -112.67
CA TYR T 1901 14.22 -108.67 -112.47
C TYR T 1901 12.92 -108.42 -113.24
N ILE T 1902 12.38 -107.21 -113.14
CA ILE T 1902 11.11 -106.88 -113.80
C ILE T 1902 11.26 -106.97 -115.31
N LEU T 1903 12.35 -106.43 -115.86
CA LEU T 1903 12.56 -106.48 -117.31
C LEU T 1903 12.73 -107.92 -117.79
N TRP T 1904 13.46 -108.74 -117.03
CA TRP T 1904 13.64 -110.13 -117.42
C TRP T 1904 12.33 -110.89 -117.39
N ARG T 1905 11.53 -110.70 -116.34
CA ARG T 1905 10.25 -111.40 -116.27
C ARG T 1905 9.28 -110.90 -117.34
N HIS T 1906 9.34 -109.62 -117.69
CA HIS T 1906 8.49 -109.10 -118.76
C HIS T 1906 8.90 -109.66 -120.11
N LEU T 1907 10.21 -109.78 -120.36
CA LEU T 1907 10.68 -110.38 -121.60
C LEU T 1907 10.31 -111.85 -121.67
N GLU T 1908 10.42 -112.57 -120.56
CA GLU T 1908 10.01 -113.98 -120.54
C GLU T 1908 8.50 -114.12 -120.78
N TYR T 1909 7.71 -113.20 -120.23
CA TYR T 1909 6.27 -113.19 -120.49
C TYR T 1909 6.00 -112.96 -121.98
N TYR T 1910 6.64 -111.95 -122.57
CA TYR T 1910 6.44 -111.67 -123.98
C TYR T 1910 6.88 -112.83 -124.85
N LEU T 1911 7.90 -113.59 -124.41
CA LEU T 1911 8.40 -114.71 -125.20
C LEU T 1911 7.47 -115.92 -125.11
N LEU T 1912 7.18 -116.37 -123.90
CA LEU T 1912 6.42 -117.60 -123.71
C LEU T 1912 5.09 -117.35 -123.01
N HIS T 1913 4.35 -116.33 -123.45
CA HIS T 1913 3.02 -116.08 -122.90
C HIS T 1913 2.12 -115.43 -123.94
N CYS T 1914 2.50 -114.25 -124.43
CA CYS T 1914 1.71 -113.54 -125.41
C CYS T 1914 2.59 -112.55 -126.15
N THR T 1915 2.42 -112.49 -127.47
CA THR T 1915 3.14 -111.54 -128.31
C THR T 1915 2.23 -111.02 -129.41
N THR T 1916 1.71 -111.92 -130.23
CA THR T 1916 0.74 -111.59 -131.26
C THR T 1916 -0.54 -112.39 -131.03
N SER T 1917 -1.67 -111.69 -131.06
CA SER T 1917 -2.97 -112.30 -130.78
C SER T 1917 -3.71 -112.72 -132.03
N ASP T 1918 -3.20 -112.39 -133.22
CA ASP T 1918 -3.84 -112.77 -134.46
C ASP T 1918 -3.53 -114.19 -134.91
N SER T 1919 -2.72 -114.93 -134.13
CA SER T 1919 -2.35 -116.29 -134.47
C SER T 1919 -2.28 -117.13 -133.19
N GLN T 1920 -2.86 -118.32 -133.23
CA GLN T 1920 -2.87 -119.22 -132.08
C GLN T 1920 -1.66 -120.16 -132.16
N ASP T 1921 -0.49 -119.58 -131.88
CA ASP T 1921 0.74 -120.35 -131.93
C ASP T 1921 0.97 -121.11 -130.62
N PRO T 1922 1.55 -122.31 -130.69
CA PRO T 1922 1.80 -123.08 -129.46
C PRO T 1922 2.84 -122.46 -128.55
N VAL T 1923 3.63 -121.49 -129.03
CA VAL T 1923 4.62 -120.85 -128.18
C VAL T 1923 3.97 -120.00 -127.11
N PHE T 1924 2.79 -119.47 -127.38
CA PHE T 1924 2.06 -118.62 -126.43
C PHE T 1924 1.17 -119.47 -125.52
N SER T 1925 1.78 -120.44 -124.84
CA SER T 1925 1.06 -121.34 -123.95
C SER T 1925 1.32 -120.96 -122.49
N ASN T 1926 0.42 -121.44 -121.61
CA ASN T 1926 0.50 -121.25 -120.17
C ASN T 1926 0.29 -119.80 -119.77
N MET T 1927 -0.24 -119.58 -118.56
CA MET T 1927 -0.47 -118.22 -118.06
C MET T 1927 -0.28 -118.13 -116.55
N THR T 1928 0.43 -119.08 -115.95
CA THR T 1928 0.63 -119.08 -114.51
C THR T 1928 1.65 -118.01 -114.11
N PHE T 1929 1.29 -117.19 -113.13
CA PHE T 1929 2.15 -116.12 -112.64
C PHE T 1929 2.64 -116.49 -111.25
N GLY T 1930 3.90 -116.89 -111.16
CA GLY T 1930 4.50 -117.27 -109.89
C GLY T 1930 4.49 -118.77 -109.69
N ASN T 1931 5.15 -119.19 -108.60
CA ASN T 1931 5.22 -120.61 -108.27
C ASN T 1931 3.87 -121.16 -107.81
N ARG T 1932 2.99 -120.32 -107.30
CA ARG T 1932 1.67 -120.76 -106.86
C ARG T 1932 0.76 -120.96 -108.06
N ARG T 1933 -0.46 -121.44 -107.78
CA ARG T 1933 -1.44 -121.72 -108.83
C ARG T 1933 -2.23 -120.45 -109.11
N PHE T 1934 -1.69 -119.60 -109.99
CA PHE T 1934 -2.35 -118.37 -110.41
C PHE T 1934 -2.77 -118.49 -111.86
N GLN T 1935 -3.89 -117.84 -112.19
CA GLN T 1935 -4.46 -117.90 -113.53
C GLN T 1935 -4.63 -116.49 -114.09
N ASP T 1936 -4.95 -116.43 -115.38
CA ASP T 1936 -5.17 -115.16 -116.05
C ASP T 1936 -6.28 -115.34 -117.08
N THR T 1937 -6.92 -114.23 -117.44
CA THR T 1937 -8.03 -114.26 -118.39
C THR T 1937 -7.49 -114.23 -119.80
N PHE T 1938 -7.99 -115.16 -120.63
CA PHE T 1938 -7.65 -115.25 -122.05
C PHE T 1938 -6.16 -115.43 -122.27
N ASN T 1939 -5.71 -115.22 -123.51
CA ASN T 1939 -4.30 -115.33 -123.86
C ASN T 1939 -4.04 -114.62 -125.19
N THR T 1940 -4.75 -115.04 -126.23
CA THR T 1940 -4.63 -114.44 -127.55
C THR T 1940 -6.01 -114.32 -128.17
N ASP T 1941 -6.36 -113.11 -128.60
CA ASP T 1941 -7.67 -112.85 -129.18
C ASP T 1941 -7.50 -112.31 -130.59
N PRO T 1942 -7.95 -113.03 -131.63
CA PRO T 1942 -7.78 -112.52 -133.00
C PRO T 1942 -8.60 -111.27 -133.28
N ASN T 1943 -9.71 -111.06 -132.55
CA ASN T 1943 -10.55 -109.89 -132.74
C ASN T 1943 -10.22 -108.84 -131.68
N MET T 1944 -10.89 -107.70 -131.80
CA MET T 1944 -10.69 -106.60 -130.85
C MET T 1944 -11.36 -106.94 -129.53
N ASP T 1945 -10.59 -106.99 -128.46
CA ASP T 1945 -11.08 -107.33 -127.13
C ASP T 1945 -10.36 -106.48 -126.09
N PRO T 1946 -11.02 -106.16 -124.99
CA PRO T 1946 -10.34 -105.38 -123.94
C PRO T 1946 -9.20 -106.11 -123.27
N ARG T 1947 -9.17 -107.45 -123.34
CA ARG T 1947 -8.05 -108.19 -122.79
C ARG T 1947 -6.77 -107.96 -123.58
N ASN T 1948 -6.90 -107.64 -124.87
CA ASN T 1948 -5.71 -107.33 -125.68
C ASN T 1948 -5.04 -106.05 -125.20
N LEU T 1949 -5.81 -105.12 -124.63
CA LEU T 1949 -5.23 -103.90 -124.08
C LEU T 1949 -4.45 -104.18 -122.81
N ARG T 1950 -4.85 -105.21 -122.06
CA ARG T 1950 -4.10 -105.58 -120.86
C ARG T 1950 -2.88 -106.41 -121.19
N GLN T 1951 -2.99 -107.31 -122.15
CA GLN T 1951 -1.87 -108.14 -122.57
C GLN T 1951 -1.17 -107.47 -123.76
N ASN T 1952 -0.40 -108.23 -124.53
CA ASN T 1952 0.30 -107.68 -125.68
C ASN T 1952 -0.69 -107.30 -126.78
N LYS T 1953 -0.20 -106.52 -127.74
CA LYS T 1953 -1.03 -106.07 -128.84
C LYS T 1953 -1.29 -107.21 -129.82
N VAL T 1954 -2.15 -106.95 -130.81
CA VAL T 1954 -2.52 -107.94 -131.80
C VAL T 1954 -1.65 -107.87 -133.05
N SER T 1955 -0.56 -107.12 -133.00
CA SER T 1955 0.32 -106.95 -134.15
C SER T 1955 1.76 -107.22 -133.74
N GLN T 1956 2.49 -107.95 -134.58
CA GLN T 1956 3.90 -108.23 -134.33
C GLN T 1956 4.79 -107.02 -134.58
N GLN T 1957 4.33 -106.07 -135.40
CA GLN T 1957 5.13 -104.89 -135.69
C GLN T 1957 5.36 -104.05 -134.44
N ASP T 1958 4.36 -103.99 -133.56
CA ASP T 1958 4.52 -103.24 -132.31
C ASP T 1958 5.60 -103.86 -131.43
N VAL T 1959 5.58 -105.18 -131.27
CA VAL T 1959 6.60 -105.85 -130.48
C VAL T 1959 7.98 -105.69 -131.12
N ASP T 1960 8.03 -105.74 -132.45
CA ASP T 1960 9.31 -105.56 -133.15
C ASP T 1960 9.86 -104.16 -132.93
N THR T 1961 9.00 -103.14 -133.01
CA THR T 1961 9.44 -101.77 -132.76
C THR T 1961 9.88 -101.59 -131.31
N LEU T 1962 9.16 -102.22 -130.37
CA LEU T 1962 9.56 -102.15 -128.97
C LEU T 1962 10.93 -102.78 -128.77
N LEU T 1963 11.17 -103.95 -129.36
CA LEU T 1963 12.47 -104.61 -129.22
C LEU T 1963 13.58 -103.78 -129.86
N ARG T 1964 13.30 -103.17 -131.02
CA ARG T 1964 14.31 -102.35 -131.68
C ARG T 1964 14.64 -101.12 -130.83
N GLU T 1965 13.62 -100.46 -130.28
CA GLU T 1965 13.87 -99.30 -129.43
C GLU T 1965 14.63 -99.69 -128.16
N GLY T 1966 14.31 -100.85 -127.60
CA GLY T 1966 15.04 -101.31 -126.43
C GLY T 1966 16.50 -101.61 -126.74
N ALA T 1967 16.76 -102.26 -127.88
CA ALA T 1967 18.13 -102.53 -128.28
C ALA T 1967 18.89 -101.24 -128.59
N ASN T 1968 18.21 -100.23 -129.13
CA ASN T 1968 18.86 -98.96 -129.39
C ASN T 1968 19.17 -98.21 -128.10
N SER T 1969 18.26 -98.29 -127.11
CA SER T 1969 18.50 -97.63 -125.84
C SER T 1969 19.57 -98.34 -125.03
N PHE T 1970 19.69 -99.67 -125.17
CA PHE T 1970 20.71 -100.45 -124.47
C PHE T 1970 22.05 -100.28 -125.17
N GLY T 1971 22.61 -99.08 -125.06
CA GLY T 1971 23.87 -98.75 -125.67
C GLY T 1971 25.05 -99.11 -124.79
N GLU T 1972 26.21 -98.59 -125.18
CA GLU T 1972 27.43 -98.85 -124.41
C GLU T 1972 27.42 -98.12 -123.08
N SER T 1973 26.81 -96.93 -123.01
CA SER T 1973 26.77 -96.18 -121.78
C SER T 1973 25.96 -96.92 -120.71
N LEU T 1974 24.76 -97.39 -121.06
CA LEU T 1974 23.95 -98.13 -120.10
C LEU T 1974 24.60 -99.44 -119.72
N GLN T 1975 25.28 -100.10 -120.66
CA GLN T 1975 25.97 -101.34 -120.36
C GLN T 1975 27.09 -101.10 -119.35
N LYS T 1976 27.88 -100.05 -119.56
CA LYS T 1976 28.95 -99.71 -118.61
C LYS T 1976 28.38 -99.33 -117.26
N ARG T 1977 27.25 -98.62 -117.26
CA ARG T 1977 26.59 -98.25 -116.00
C ARG T 1977 26.17 -99.50 -115.23
N LEU T 1978 25.52 -100.45 -115.91
CA LEU T 1978 25.08 -101.67 -115.25
C LEU T 1978 26.27 -102.50 -114.78
N LEU T 1979 27.37 -102.50 -115.56
CA LEU T 1979 28.56 -103.23 -115.15
C LEU T 1979 29.16 -102.63 -113.89
N ASP T 1980 29.28 -101.30 -113.84
CA ASP T 1980 29.80 -100.65 -112.64
C ASP T 1980 28.88 -100.89 -111.44
N ILE T 1981 27.57 -100.90 -111.66
CA ILE T 1981 26.63 -101.13 -110.57
C ILE T 1981 26.77 -102.54 -110.03
N GLU T 1982 26.84 -103.54 -110.92
CA GLU T 1982 26.99 -104.91 -110.48
C GLU T 1982 28.38 -105.19 -109.90
N SER T 1983 29.38 -104.37 -110.23
CA SER T 1983 30.69 -104.54 -109.63
C SER T 1983 30.79 -103.89 -108.26
N LEU T 1984 30.10 -102.76 -108.06
CA LEU T 1984 30.12 -102.07 -106.77
C LEU T 1984 29.09 -102.60 -105.80
N TYR T 1985 28.09 -103.35 -106.26
CA TYR T 1985 27.05 -103.90 -105.39
C TYR T 1985 26.70 -105.31 -105.85
N CYS T 1986 26.50 -106.21 -104.88
CA CYS T 1986 26.19 -107.62 -105.15
C CYS T 1986 25.12 -108.06 -104.15
N LYS T 1987 23.88 -107.66 -104.39
CA LYS T 1987 22.72 -108.04 -103.58
C LYS T 1987 22.87 -107.61 -102.13
N VAL T 1988 21.99 -108.10 -101.26
CA VAL T 1988 22.04 -107.79 -99.84
C VAL T 1988 21.24 -108.83 -99.08
N ARG T 1989 20.41 -109.59 -99.79
CA ARG T 1989 19.58 -110.62 -99.20
C ARG T 1989 20.01 -112.00 -99.69
N SER T 1990 19.17 -113.00 -99.46
CA SER T 1990 19.47 -114.38 -99.82
C SER T 1990 18.52 -114.79 -100.95
N ARG T 1991 19.05 -114.82 -102.18
CA ARG T 1991 18.25 -115.24 -103.32
C ARG T 1991 19.10 -115.80 -104.47
N HIS T 1992 20.35 -116.18 -104.19
CA HIS T 1992 21.30 -116.71 -105.18
C HIS T 1992 21.72 -115.63 -106.18
N SER T 1993 23.02 -115.50 -106.40
CA SER T 1993 23.56 -114.47 -107.29
C SER T 1993 23.16 -114.78 -108.73
N PHE T 1994 22.29 -113.94 -109.29
CA PHE T 1994 21.82 -114.11 -110.67
C PHE T 1994 21.99 -112.83 -111.49
N ILE T 1995 22.92 -111.95 -111.10
CA ILE T 1995 23.03 -110.65 -111.76
C ILE T 1995 23.48 -110.82 -113.20
N GLN T 1996 24.57 -111.55 -113.42
CA GLN T 1996 25.08 -111.74 -114.78
C GLN T 1996 24.10 -112.53 -115.63
N ALA T 1997 23.43 -113.52 -115.03
CA ALA T 1997 22.43 -114.29 -115.76
C ALA T 1997 21.29 -113.39 -116.22
N LEU T 1998 20.78 -112.55 -115.32
CA LEU T 1998 19.72 -111.62 -115.68
C LEU T 1998 20.18 -110.65 -116.76
N VAL T 1999 21.41 -110.15 -116.66
CA VAL T 1999 21.92 -109.20 -117.65
C VAL T 1999 21.98 -109.84 -119.02
N ARG T 2000 22.59 -111.03 -119.10
CA ARG T 2000 22.73 -111.69 -120.40
C ARG T 2000 21.37 -112.12 -120.96
N ARG T 2001 20.44 -112.54 -120.10
CA ARG T 2001 19.12 -112.93 -120.59
C ARG T 2001 18.36 -111.72 -121.11
N ILE T 2002 18.45 -110.58 -120.41
CA ILE T 2002 17.79 -109.36 -120.88
C ILE T 2002 18.39 -108.92 -122.21
N ARG T 2003 19.72 -108.97 -122.32
CA ARG T 2003 20.37 -108.59 -123.58
C ARG T 2003 19.92 -109.49 -124.72
N GLY T 2004 19.89 -110.80 -124.48
CA GLY T 2004 19.47 -111.72 -125.53
C GLY T 2004 18.03 -111.53 -125.94
N LEU T 2005 17.14 -111.38 -124.96
CA LEU T 2005 15.72 -111.20 -125.26
C LEU T 2005 15.43 -109.84 -125.88
N LEU T 2006 16.30 -108.85 -125.67
CA LEU T 2006 16.11 -107.56 -126.31
C LEU T 2006 16.68 -107.53 -127.73
N ARG T 2007 17.76 -108.27 -127.98
CA ARG T 2007 18.34 -108.32 -129.31
C ARG T 2007 17.72 -109.39 -130.20
N VAL T 2008 16.92 -110.30 -129.65
CA VAL T 2008 16.24 -111.30 -130.44
C VAL T 2008 14.84 -110.81 -130.79
N SER T 2009 14.23 -111.44 -131.80
CA SER T 2009 12.87 -111.13 -132.21
C SER T 2009 11.93 -112.26 -131.80
N ARG T 2010 10.65 -111.93 -131.75
CA ARG T 2010 9.61 -112.88 -131.36
C ARG T 2010 8.97 -113.51 -132.59
N VAL T 2011 8.59 -114.77 -132.45
CA VAL T 2011 7.97 -115.51 -133.55
C VAL T 2011 6.49 -115.75 -133.24
N ILE U 167 -56.13 105.62 36.32
CA ILE U 167 -57.33 106.01 37.05
C ILE U 167 -58.05 107.13 36.32
N SER U 168 -57.64 108.37 36.57
CA SER U 168 -58.24 109.53 35.94
C SER U 168 -57.19 110.64 35.88
N GLU U 169 -57.58 111.76 35.27
CA GLU U 169 -56.70 112.92 35.13
C GLU U 169 -57.02 113.89 36.26
N SER U 170 -56.42 113.65 37.42
CA SER U 170 -56.63 114.50 38.58
C SER U 170 -55.89 115.82 38.40
N GLY U 171 -56.27 116.80 39.21
CA GLY U 171 -55.65 118.11 39.16
C GLY U 171 -54.25 118.14 39.73
N ALA U 172 -53.27 118.43 38.89
CA ALA U 172 -51.89 118.47 39.34
C ALA U 172 -51.65 119.72 40.18
N PRO U 173 -50.80 119.63 41.21
CA PRO U 173 -50.50 120.80 42.05
C PRO U 173 -49.81 121.91 41.27
N GLY U 174 -50.58 122.91 40.87
CA GLY U 174 -50.00 124.01 40.10
C GLY U 174 -49.71 123.60 38.67
N ARG U 175 -48.73 124.28 38.07
CA ARG U 175 -48.34 123.97 36.71
C ARG U 175 -47.55 122.68 36.66
N SER U 176 -47.94 121.78 35.75
CA SER U 176 -47.27 120.50 35.59
C SER U 176 -47.49 119.93 34.20
N SER U 177 -48.09 118.74 34.12
CA SER U 177 -48.35 118.09 32.84
C SER U 177 -49.66 117.33 32.95
N LEU U 178 -50.63 117.69 32.12
CA LEU U 178 -51.94 117.05 32.09
C LEU U 178 -52.14 116.39 30.72
N ASP U 179 -53.36 115.91 30.49
CA ASP U 179 -53.71 115.24 29.24
C ASP U 179 -54.17 116.27 28.21
N ASN U 180 -53.80 116.02 26.95
CA ASN U 180 -54.16 116.94 25.88
C ASN U 180 -55.67 116.99 25.68
N VAL U 181 -56.35 115.86 25.87
CA VAL U 181 -57.81 115.82 25.71
C VAL U 181 -58.47 116.72 26.75
N GLU U 182 -58.10 116.54 28.02
CA GLU U 182 -58.68 117.38 29.07
C GLU U 182 -58.30 118.84 28.90
N MET U 183 -57.07 119.11 28.42
CA MET U 183 -56.66 120.48 28.18
C MET U 183 -57.50 121.14 27.10
N ALA U 184 -57.71 120.44 25.98
CA ALA U 184 -58.52 121.00 24.91
C ALA U 184 -59.98 121.17 25.35
N TYR U 185 -60.48 120.24 26.16
CA TYR U 185 -61.86 120.36 26.64
C TYR U 185 -62.00 121.56 27.58
N ALA U 186 -61.01 121.77 28.45
CA ALA U 186 -61.05 122.94 29.33
C ALA U 186 -60.94 124.23 28.54
N ARG U 187 -60.12 124.24 27.49
CA ARG U 187 -60.01 125.44 26.65
C ARG U 187 -61.32 125.73 25.94
N GLN U 188 -61.99 124.68 25.43
CA GLN U 188 -63.27 124.88 24.77
C GLN U 188 -64.34 125.34 25.76
N MET U 189 -64.31 124.83 26.99
CA MET U 189 -65.22 125.31 28.01
C MET U 189 -64.93 126.77 28.36
N TYR U 190 -63.66 127.16 28.36
CA TYR U 190 -63.31 128.56 28.60
C TYR U 190 -63.85 129.45 27.49
N MET U 191 -63.71 129.02 26.24
CA MET U 191 -64.29 129.78 25.12
C MET U 191 -65.81 129.86 25.23
N TYR U 192 -66.45 128.78 25.66
CA TYR U 192 -67.90 128.79 25.84
C TYR U 192 -68.31 129.78 26.92
N ASN U 193 -67.58 129.79 28.04
CA ASN U 193 -67.88 130.75 29.10
C ASN U 193 -67.63 132.18 28.65
N GLU U 194 -66.59 132.39 27.84
CA GLU U 194 -66.34 133.73 27.30
C GLU U 194 -67.48 134.17 26.39
N LYS U 195 -67.98 133.27 25.54
CA LYS U 195 -69.11 133.61 24.68
C LYS U 195 -70.36 133.87 25.50
N VAL U 196 -70.56 133.12 26.59
CA VAL U 196 -71.71 133.36 27.46
C VAL U 196 -71.62 134.74 28.10
N VAL U 197 -70.43 135.11 28.57
CA VAL U 197 -70.25 136.43 29.17
C VAL U 197 -70.46 137.52 28.13
N SER U 198 -70.01 137.27 26.89
CA SER U 198 -70.21 138.26 25.82
C SER U 198 -71.69 138.46 25.53
N GLY U 199 -72.44 137.36 25.43
CA GLY U 199 -73.88 137.40 25.23
C GLY U 199 -74.35 136.81 23.93
N HIS U 200 -73.46 136.60 22.95
CA HIS U 200 -73.86 136.02 21.68
C HIS U 200 -74.26 134.56 21.87
N LEU U 201 -75.23 134.11 21.06
CA LEU U 201 -75.71 132.75 21.16
C LEU U 201 -74.63 131.75 20.74
N GLN U 202 -74.34 130.79 21.62
CA GLN U 202 -73.34 129.77 21.35
C GLN U 202 -73.92 128.68 20.46
N PRO U 203 -73.09 128.07 19.60
CA PRO U 203 -73.57 126.94 18.80
C PRO U 203 -73.84 125.71 19.65
N SER U 204 -72.86 124.84 19.80
CA SER U 204 -73.00 123.65 20.63
C SER U 204 -71.61 123.14 20.98
N LEU U 205 -71.42 122.80 22.27
CA LEU U 205 -70.12 122.28 22.71
C LEU U 205 -69.85 120.88 22.17
N VAL U 206 -70.89 120.16 21.76
CA VAL U 206 -70.69 118.80 21.23
C VAL U 206 -69.88 118.85 19.94
N ASP U 207 -70.19 119.79 19.06
CA ASP U 207 -69.45 119.92 17.81
C ASP U 207 -68.01 120.35 18.07
N LEU U 208 -67.80 121.23 19.05
CA LEU U 208 -66.44 121.63 19.40
C LEU U 208 -65.63 120.45 19.94
N CYS U 209 -66.24 119.64 20.81
CA CYS U 209 -65.56 118.45 21.32
C CYS U 209 -65.27 117.46 20.19
N THR U 210 -66.20 117.34 19.24
CA THR U 210 -65.99 116.43 18.11
C THR U 210 -64.82 116.90 17.25
N GLU U 211 -64.77 118.20 16.94
CA GLU U 211 -63.67 118.71 16.14
C GLU U 211 -62.35 118.63 16.89
N ALA U 212 -62.37 118.78 18.22
CA ALA U 212 -61.15 118.63 18.99
C ALA U 212 -60.65 117.19 18.96
N ALA U 213 -61.58 116.23 19.11
CA ALA U 213 -61.19 114.82 19.03
C ALA U 213 -60.70 114.45 17.64
N GLU U 214 -61.26 115.06 16.59
CA GLU U 214 -60.79 114.79 15.24
C GLU U 214 -59.42 115.41 15.00
N ARG U 215 -59.16 116.58 15.60
CA ARG U 215 -57.86 117.22 15.45
C ARG U 215 -56.78 116.45 16.22
N LEU U 216 -57.12 115.93 17.39
CA LEU U 216 -56.16 115.20 18.20
C LEU U 216 -55.76 113.90 17.51
N ASP U 217 -54.61 113.36 17.94
CA ASP U 217 -54.08 112.13 17.34
C ASP U 217 -54.90 110.91 17.70
N ASP U 218 -55.68 110.95 18.77
CA ASP U 218 -56.48 109.81 19.17
C ASP U 218 -57.59 109.56 18.16
N LYS U 219 -57.77 108.30 17.77
CA LYS U 219 -58.76 107.92 16.77
C LYS U 219 -59.90 107.10 17.34
N ASN U 220 -59.63 106.19 18.27
CA ASN U 220 -60.70 105.34 18.80
C ASN U 220 -61.71 106.15 19.59
N VAL U 221 -61.24 106.94 20.57
CA VAL U 221 -62.17 107.77 21.34
C VAL U 221 -62.78 108.85 20.47
N SER U 222 -62.06 109.30 19.44
CA SER U 222 -62.62 110.27 18.51
C SER U 222 -63.82 109.70 17.77
N ASP U 223 -63.68 108.48 17.25
CA ASP U 223 -64.80 107.83 16.57
C ASP U 223 -65.92 107.51 17.54
N LEU U 224 -65.58 107.17 18.78
CA LEU U 224 -66.61 106.91 19.80
C LEU U 224 -67.43 108.17 20.06
N TRP U 225 -66.76 109.31 20.21
CA TRP U 225 -67.48 110.56 20.44
C TRP U 225 -68.25 110.98 19.19
N VAL U 226 -67.72 110.69 18.00
CA VAL U 226 -68.47 110.97 16.77
C VAL U 226 -69.76 110.16 16.75
N MET U 227 -69.69 108.88 17.12
CA MET U 227 -70.90 108.06 17.20
C MET U 227 -71.87 108.58 18.24
N VAL U 228 -71.36 108.99 19.40
CA VAL U 228 -72.23 109.52 20.45
C VAL U 228 -72.92 110.80 19.97
N LYS U 229 -72.18 111.67 19.27
CA LYS U 229 -72.78 112.90 18.77
C LYS U 229 -73.83 112.62 17.70
N GLN U 230 -73.53 111.70 16.78
CA GLN U 230 -74.50 111.38 15.74
C GLN U 230 -75.73 110.70 16.31
N MET U 231 -75.60 109.97 17.41
CA MET U 231 -76.75 109.37 18.06
C MET U 231 -77.55 110.37 18.86
N THR U 232 -76.88 111.37 19.48
CA THR U 232 -77.60 112.36 20.28
C THR U 232 -78.20 113.46 19.41
N ASP U 233 -77.74 113.60 18.17
CA ASP U 233 -78.25 114.64 17.28
C ASP U 233 -79.58 114.23 16.64
N VAL U 234 -80.30 113.31 17.27
CA VAL U 234 -81.61 112.87 16.77
C VAL U 234 -82.64 113.92 17.17
N PRO U 235 -83.69 114.12 16.37
CA PRO U 235 -84.71 115.12 16.73
C PRO U 235 -85.57 114.66 17.91
N LEU U 236 -85.02 114.73 19.11
CA LEU U 236 -85.74 114.35 20.33
C LEU U 236 -85.84 115.55 21.26
N ILE U 237 -86.91 115.58 22.04
CA ILE U 237 -87.14 116.66 22.99
C ILE U 237 -86.22 116.48 24.19
N PRO U 238 -85.50 117.52 24.62
CA PRO U 238 -84.62 117.39 25.78
C PRO U 238 -85.43 117.25 27.06
N ALA U 239 -85.24 116.14 27.77
CA ALA U 239 -85.96 115.88 29.01
C ALA U 239 -85.29 116.66 30.14
N SER U 240 -85.74 116.41 31.38
CA SER U 240 -85.21 117.07 32.55
C SER U 240 -84.35 116.17 33.42
N ASP U 241 -84.76 114.93 33.64
CA ASP U 241 -84.00 114.00 34.46
C ASP U 241 -84.22 112.58 33.95
N THR U 242 -83.42 111.65 34.46
CA THR U 242 -83.55 110.25 34.08
C THR U 242 -84.89 109.68 34.53
N LEU U 243 -85.41 110.13 35.67
CA LEU U 243 -86.71 109.69 36.12
C LEU U 243 -87.80 110.10 35.13
N LYS U 244 -87.78 111.35 34.68
CA LYS U 244 -88.76 111.80 33.70
C LYS U 244 -88.57 111.07 32.37
N SER U 245 -87.32 110.81 31.99
CA SER U 245 -87.05 110.12 30.73
C SER U 245 -87.61 108.69 30.76
N ARG U 246 -87.42 107.99 31.88
CA ARG U 246 -87.93 106.63 31.99
C ARG U 246 -89.43 106.59 32.26
N CYS U 247 -90.02 107.68 32.76
CA CYS U 247 -91.46 107.72 32.95
C CYS U 247 -92.19 108.02 31.64
N SER U 248 -91.60 108.87 30.79
CA SER U 248 -92.20 109.15 29.49
C SER U 248 -92.09 107.94 28.58
N GLY U 249 -93.18 107.62 27.88
CA GLY U 249 -93.21 106.45 27.04
C GLY U 249 -92.93 106.71 25.58
N GLN U 250 -93.35 107.89 25.08
CA GLN U 250 -93.14 108.21 23.67
C GLN U 250 -91.66 108.41 23.38
N MET U 251 -90.95 109.14 24.25
CA MET U 251 -89.53 109.35 24.03
C MET U 251 -88.75 108.06 24.10
N GLN U 252 -89.21 107.09 24.89
CA GLN U 252 -88.52 105.81 24.99
C GLN U 252 -88.56 105.06 23.66
N MET U 253 -89.75 104.90 23.08
CA MET U 253 -89.86 104.20 21.80
C MET U 253 -89.22 105.01 20.68
N ALA U 254 -89.25 106.35 20.76
CA ALA U 254 -88.55 107.16 19.78
C ALA U 254 -87.05 106.93 19.84
N PHE U 255 -86.48 106.89 21.04
CA PHE U 255 -85.06 106.61 21.20
C PHE U 255 -84.72 105.19 20.76
N VAL U 256 -85.63 104.25 20.97
CA VAL U 256 -85.39 102.88 20.52
C VAL U 256 -85.35 102.82 18.99
N ARG U 257 -86.30 103.50 18.32
CA ARG U 257 -86.29 103.54 16.87
C ARG U 257 -85.04 104.22 16.34
N GLN U 258 -84.63 105.33 16.97
CA GLN U 258 -83.40 106.00 16.55
C GLN U 258 -82.18 105.12 16.77
N ALA U 259 -82.15 104.35 17.86
CA ALA U 259 -81.04 103.45 18.10
C ALA U 259 -80.99 102.33 17.06
N LEU U 260 -82.16 101.82 16.66
CA LEU U 260 -82.19 100.81 15.61
C LEU U 260 -81.70 101.38 14.29
N ASN U 261 -82.14 102.59 13.95
CA ASN U 261 -81.68 103.23 12.71
C ASN U 261 -80.17 103.46 12.75
N TYR U 262 -79.64 103.91 13.89
CA TYR U 262 -78.21 104.15 13.98
C TYR U 262 -77.42 102.84 14.00
N LEU U 263 -78.01 101.76 14.51
CA LEU U 263 -77.35 100.46 14.42
C LEU U 263 -77.27 99.99 12.97
N GLU U 264 -78.35 100.20 12.20
CA GLU U 264 -78.30 99.90 10.77
C GLU U 264 -77.25 100.75 10.07
N GLN U 265 -77.17 102.03 10.40
CA GLN U 265 -76.17 102.90 9.80
C GLN U 265 -74.76 102.47 10.18
N SER U 266 -74.58 102.01 11.42
CA SER U 266 -73.26 101.55 11.86
C SER U 266 -72.86 100.26 11.17
N TYR U 267 -73.83 99.36 10.93
CA TYR U 267 -73.52 98.17 10.15
C TYR U 267 -73.16 98.53 8.71
N LYS U 268 -73.86 99.52 8.14
CA LYS U 268 -73.50 99.98 6.80
C LYS U 268 -72.09 100.57 6.78
N ASN U 269 -71.73 101.33 7.81
CA ASN U 269 -70.38 101.90 7.89
C ASN U 269 -69.33 100.81 8.06
N TYR U 270 -69.65 99.77 8.83
CA TYR U 270 -68.72 98.66 8.99
C TYR U 270 -68.54 97.90 7.68
N THR U 271 -69.62 97.73 6.92
CA THR U 271 -69.51 97.13 5.59
C THR U 271 -68.65 97.98 4.67
N LEU U 272 -68.83 99.30 4.74
CA LEU U 272 -67.99 100.20 3.94
C LEU U 272 -66.52 100.09 4.33
N ILE U 273 -66.25 99.99 5.64
CA ILE U 273 -64.87 99.87 6.10
C ILE U 273 -64.26 98.54 5.64
N SER U 274 -65.04 97.47 5.70
CA SER U 274 -64.56 96.17 5.21
C SER U 274 -64.28 96.24 3.71
N VAL U 275 -65.12 96.96 2.96
CA VAL U 275 -64.90 97.12 1.53
C VAL U 275 -63.61 97.89 1.28
N PHE U 276 -63.40 98.98 2.02
CA PHE U 276 -62.18 99.76 1.86
C PHE U 276 -60.95 98.95 2.23
N ALA U 277 -61.07 98.05 3.19
CA ALA U 277 -59.95 97.19 3.55
C ALA U 277 -59.68 96.13 2.49
N ASN U 278 -60.75 95.59 1.89
CA ASN U 278 -60.61 94.58 0.85
C ASN U 278 -60.24 95.17 -0.50
N LEU U 279 -60.29 96.49 -0.65
CA LEU U 279 -59.87 97.19 -1.87
C LEU U 279 -60.80 96.77 -3.03
N GLN U 280 -60.28 96.81 -4.26
CA GLN U 280 -61.07 96.53 -5.45
C GLN U 280 -60.69 95.24 -6.15
N GLN U 281 -59.40 94.96 -6.31
CA GLN U 281 -58.94 93.77 -7.01
C GLN U 281 -58.64 92.66 -6.01
N ALA U 282 -59.71 92.16 -5.38
CA ALA U 282 -59.60 91.09 -4.41
C ALA U 282 -60.93 90.35 -4.27
N GLN U 283 -61.18 89.38 -5.16
CA GLN U 283 -62.41 88.59 -5.16
C GLN U 283 -63.64 89.50 -5.26
N LEU U 284 -63.71 90.23 -6.38
CA LEU U 284 -64.79 91.18 -6.64
C LEU U 284 -64.90 92.21 -5.52
N GLY U 285 -64.08 93.26 -5.59
CA GLY U 285 -64.06 94.28 -4.57
C GLY U 285 -65.31 95.15 -4.61
N GLY U 286 -65.27 96.19 -3.78
CA GLY U 286 -66.41 97.08 -3.67
C GLY U 286 -66.61 97.92 -4.91
N VAL U 287 -67.88 98.07 -5.30
CA VAL U 287 -68.26 98.86 -6.47
C VAL U 287 -69.16 99.99 -5.99
N PRO U 288 -68.99 101.21 -6.49
CA PRO U 288 -69.86 102.32 -6.06
C PRO U 288 -71.33 101.98 -6.27
N GLY U 289 -72.15 102.45 -5.35
CA GLY U 289 -73.57 102.13 -5.32
C GLY U 289 -73.88 101.19 -4.16
N THR U 290 -75.07 101.38 -3.58
CA THR U 290 -75.43 100.61 -2.39
C THR U 290 -75.62 99.14 -2.71
N TYR U 291 -76.37 98.84 -3.77
CA TYR U 291 -76.59 97.45 -4.15
C TYR U 291 -75.29 96.77 -4.55
N ASN U 292 -74.44 97.48 -5.30
CA ASN U 292 -73.17 96.90 -5.70
C ASN U 292 -72.26 96.67 -4.50
N LEU U 293 -72.29 97.58 -3.53
CA LEU U 293 -71.48 97.39 -2.32
C LEU U 293 -71.99 96.19 -1.51
N VAL U 294 -73.31 96.03 -1.41
CA VAL U 294 -73.86 94.87 -0.71
C VAL U 294 -73.48 93.58 -1.41
N ARG U 295 -73.56 93.58 -2.75
CA ARG U 295 -73.17 92.39 -3.51
C ARG U 295 -71.68 92.08 -3.33
N SER U 296 -70.84 93.11 -3.30
CA SER U 296 -69.41 92.89 -3.09
C SER U 296 -69.14 92.35 -1.69
N PHE U 297 -69.84 92.87 -0.69
CA PHE U 297 -69.67 92.35 0.67
C PHE U 297 -70.12 90.89 0.75
N LEU U 298 -71.22 90.55 0.06
CA LEU U 298 -71.68 89.17 0.05
C LEU U 298 -70.67 88.25 -0.63
N ASN U 299 -70.09 88.71 -1.75
CA ASN U 299 -69.09 87.91 -2.45
C ASN U 299 -67.81 87.77 -1.63
N ILE U 300 -67.49 88.78 -0.82
CA ILE U 300 -66.31 88.69 0.04
C ILE U 300 -66.56 87.70 1.18
N ARG U 301 -67.74 87.77 1.80
CA ARG U 301 -68.07 86.90 2.91
C ARG U 301 -68.24 85.45 2.44
N LEU U 302 -69.29 85.18 1.67
CA LEU U 302 -69.58 83.84 1.19
C LEU U 302 -70.01 83.90 -0.26
N PRO U 303 -69.08 83.72 -1.20
CA PRO U 303 -69.44 83.75 -2.62
C PRO U 303 -70.00 82.43 -3.11
N THR U 304 -69.66 81.34 -2.43
CA THR U 304 -70.14 80.03 -2.81
C THR U 304 -71.63 79.89 -2.49
N PRO U 305 -72.36 79.13 -3.30
CA PRO U 305 -73.80 78.93 -3.03
C PRO U 305 -74.01 78.15 -1.73
N ILE U 306 -74.69 78.78 -0.79
CA ILE U 306 -74.95 78.14 0.50
C ILE U 306 -75.99 77.05 0.33
N PRO U 307 -75.83 75.88 0.95
CA PRO U 307 -76.86 74.84 0.83
C PRO U 307 -78.21 75.32 1.35
N GLY U 308 -79.27 74.85 0.72
CA GLY U 308 -80.61 75.28 1.01
C GLY U 308 -81.15 76.36 0.11
N LEU U 309 -80.85 76.31 -1.18
CA LEU U 309 -81.28 77.35 -2.11
C LEU U 309 -82.67 77.06 -2.66
N GLN U 310 -83.47 78.10 -2.82
CA GLN U 310 -84.80 78.01 -3.39
C GLN U 310 -84.91 78.95 -4.59
N ASP U 311 -85.67 78.52 -5.59
CA ASP U 311 -85.91 79.28 -6.82
C ASP U 311 -84.55 79.51 -7.50
N GLY U 312 -84.30 80.70 -8.05
CA GLY U 312 -83.09 80.99 -8.76
C GLY U 312 -82.16 81.90 -7.97
N GLU U 313 -81.20 82.48 -8.68
CA GLU U 313 -80.20 83.36 -8.08
C GLU U 313 -80.00 84.58 -8.97
N ILE U 314 -79.43 85.61 -8.39
CA ILE U 314 -79.09 86.84 -9.10
C ILE U 314 -77.59 86.79 -9.42
N GLU U 315 -77.27 86.57 -10.68
CA GLU U 315 -75.88 86.48 -11.15
C GLU U 315 -75.08 85.43 -10.38
N GLY U 316 -75.73 84.33 -10.01
CA GLY U 316 -75.06 83.27 -9.27
C GLY U 316 -74.76 83.60 -7.83
N TYR U 317 -75.50 84.53 -7.23
CA TYR U 317 -75.29 84.92 -5.85
C TYR U 317 -76.49 84.53 -4.99
N PRO U 318 -76.27 84.18 -3.72
CA PRO U 318 -77.40 83.77 -2.86
C PRO U 318 -78.39 84.91 -2.62
N VAL U 319 -79.61 84.74 -3.13
CA VAL U 319 -80.62 85.78 -2.99
C VAL U 319 -81.02 85.97 -1.54
N TRP U 320 -81.10 84.87 -0.78
CA TRP U 320 -81.48 84.95 0.63
C TRP U 320 -80.42 85.70 1.43
N ALA U 321 -79.15 85.37 1.20
CA ALA U 321 -78.07 86.07 1.89
C ALA U 321 -78.01 87.53 1.47
N LEU U 322 -78.29 87.82 0.19
CA LEU U 322 -78.32 89.21 -0.25
C LEU U 322 -79.43 89.99 0.44
N ILE U 323 -80.61 89.39 0.56
CA ILE U 323 -81.72 90.05 1.23
C ILE U 323 -81.41 90.25 2.71
N TYR U 324 -80.79 89.26 3.35
CA TYR U 324 -80.43 89.41 4.75
C TYR U 324 -79.40 90.51 4.94
N TYR U 325 -78.42 90.61 4.05
CA TYR U 325 -77.42 91.66 4.15
C TYR U 325 -78.04 93.03 3.91
N CYS U 326 -78.98 93.13 2.96
CA CYS U 326 -79.67 94.39 2.74
C CYS U 326 -80.48 94.80 3.95
N MET U 327 -81.15 93.82 4.60
CA MET U 327 -81.91 94.12 5.81
C MET U 327 -81.00 94.59 6.93
N ARG U 328 -79.85 93.92 7.12
CA ARG U 328 -78.94 94.29 8.18
C ARG U 328 -78.27 95.64 7.92
N CYS U 329 -78.07 96.00 6.65
CA CYS U 329 -77.48 97.29 6.34
C CYS U 329 -78.49 98.42 6.37
N GLY U 330 -79.76 98.13 6.11
CA GLY U 330 -80.78 99.15 6.11
C GLY U 330 -80.97 99.88 4.80
N ASP U 331 -80.39 99.38 3.71
CA ASP U 331 -80.51 100.02 2.40
C ASP U 331 -81.81 99.55 1.75
N LEU U 332 -82.90 100.28 2.04
CA LEU U 332 -84.20 99.92 1.50
C LEU U 332 -84.26 100.11 -0.01
N MET U 333 -83.56 101.12 -0.53
CA MET U 333 -83.51 101.31 -1.98
C MET U 333 -82.75 100.17 -2.66
N ALA U 334 -81.66 99.71 -2.04
CA ALA U 334 -80.94 98.55 -2.57
C ALA U 334 -81.79 97.29 -2.49
N ALA U 335 -82.59 97.15 -1.43
CA ALA U 335 -83.50 96.02 -1.33
C ALA U 335 -84.55 96.07 -2.43
N GLN U 336 -85.08 97.27 -2.72
CA GLN U 336 -86.03 97.42 -3.81
C GLN U 336 -85.39 97.07 -5.15
N GLN U 337 -84.14 97.49 -5.36
CA GLN U 337 -83.45 97.15 -6.58
C GLN U 337 -83.25 95.64 -6.71
N VAL U 338 -82.90 94.98 -5.60
CA VAL U 338 -82.72 93.53 -5.61
C VAL U 338 -84.04 92.83 -5.92
N VAL U 339 -85.14 93.31 -5.34
CA VAL U 339 -86.45 92.72 -5.59
C VAL U 339 -86.84 92.90 -7.06
N ASN U 340 -86.57 94.09 -7.62
CA ASN U 340 -86.90 94.33 -9.02
C ASN U 340 -86.04 93.48 -9.95
N ARG U 341 -84.78 93.23 -9.57
CA ARG U 341 -83.93 92.39 -10.40
C ARG U 341 -84.33 90.93 -10.32
N ALA U 342 -84.77 90.48 -9.15
CA ALA U 342 -85.20 89.08 -8.97
C ALA U 342 -86.63 88.92 -9.44
N GLN U 343 -86.78 88.85 -10.76
CA GLN U 343 -88.11 88.69 -11.37
C GLN U 343 -88.54 87.23 -11.33
N HIS U 344 -87.83 86.37 -12.06
CA HIS U 344 -88.13 84.94 -12.10
C HIS U 344 -87.22 84.12 -11.19
N GLN U 345 -86.36 84.77 -10.42
CA GLN U 345 -85.45 84.07 -9.51
C GLN U 345 -86.04 83.88 -8.12
N LEU U 346 -87.32 84.22 -7.92
CA LEU U 346 -87.97 84.07 -6.63
C LEU U 346 -89.39 83.57 -6.88
N GLY U 347 -90.13 83.34 -5.80
CA GLY U 347 -91.50 82.87 -5.86
C GLY U 347 -92.49 83.98 -6.13
N ASP U 348 -93.63 83.92 -5.43
CA ASP U 348 -94.69 84.89 -5.55
C ASP U 348 -94.73 85.85 -4.35
N PHE U 349 -93.59 86.07 -3.70
CA PHE U 349 -93.50 86.96 -2.54
C PHE U 349 -92.76 88.25 -2.87
N LYS U 350 -92.53 88.54 -4.15
CA LYS U 350 -91.88 89.79 -4.53
C LYS U 350 -92.74 91.00 -4.16
N ASN U 351 -94.05 90.89 -4.38
CA ASN U 351 -94.95 91.97 -4.00
C ASN U 351 -94.97 92.18 -2.49
N CYS U 352 -94.95 91.08 -1.73
CA CYS U 352 -94.90 91.19 -0.27
C CYS U 352 -93.60 91.85 0.17
N PHE U 353 -92.49 91.49 -0.45
CA PHE U 353 -91.21 92.12 -0.13
C PHE U 353 -91.25 93.61 -0.45
N GLN U 354 -91.80 93.97 -1.60
CA GLN U 354 -91.89 95.38 -1.98
C GLN U 354 -92.76 96.15 -1.00
N GLU U 355 -93.88 95.58 -0.58
CA GLU U 355 -94.74 96.25 0.39
C GLU U 355 -94.06 96.39 1.75
N TYR U 356 -93.36 95.34 2.19
CA TYR U 356 -92.65 95.40 3.47
C TYR U 356 -91.54 96.44 3.42
N ILE U 357 -90.91 96.63 2.28
CA ILE U 357 -89.86 97.65 2.17
C ILE U 357 -90.47 99.05 2.11
N HIS U 358 -91.55 99.22 1.36
CA HIS U 358 -92.15 100.54 1.19
C HIS U 358 -92.94 101.00 2.40
N ASN U 359 -93.36 100.09 3.28
CA ASN U 359 -94.10 100.46 4.48
C ASN U 359 -93.13 100.59 5.65
N LYS U 360 -92.98 101.81 6.16
CA LYS U 360 -92.11 102.01 7.32
C LYS U 360 -92.72 101.41 8.57
N ASP U 361 -94.05 101.44 8.69
CA ASP U 361 -94.74 100.83 9.82
C ASP U 361 -95.03 99.35 9.61
N ARG U 362 -94.45 98.75 8.57
CA ARG U 362 -94.63 97.33 8.25
C ARG U 362 -96.10 96.98 8.08
N ARG U 363 -96.67 97.35 6.94
CA ARG U 363 -98.07 97.08 6.63
C ARG U 363 -98.11 96.27 5.34
N LEU U 364 -98.22 94.94 5.48
CA LEU U 364 -98.26 94.03 4.34
C LEU U 364 -99.39 93.02 4.52
N SER U 365 -100.56 93.53 4.92
CA SER U 365 -101.80 92.79 5.13
C SER U 365 -101.69 91.83 6.31
N PRO U 366 -102.59 91.93 7.29
CA PRO U 366 -102.54 91.00 8.43
C PRO U 366 -102.78 89.56 8.03
N THR U 367 -103.67 89.32 7.07
CA THR U 367 -103.91 87.95 6.61
C THR U 367 -102.66 87.38 5.95
N THR U 368 -101.99 88.17 5.11
CA THR U 368 -100.76 87.70 4.48
C THR U 368 -99.66 87.47 5.52
N GLU U 369 -99.60 88.33 6.54
CA GLU U 369 -98.61 88.14 7.60
C GLU U 369 -98.88 86.85 8.37
N ASN U 370 -100.15 86.58 8.68
CA ASN U 370 -100.49 85.35 9.38
C ASN U 370 -100.19 84.12 8.52
N LYS U 371 -100.46 84.21 7.21
CA LYS U 371 -100.16 83.09 6.33
C LYS U 371 -98.65 82.84 6.26
N LEU U 372 -97.85 83.91 6.18
CA LEU U 372 -96.40 83.75 6.16
C LEU U 372 -95.90 83.17 7.48
N ARG U 373 -96.47 83.61 8.60
CA ARG U 373 -96.08 83.05 9.90
C ARG U 373 -96.42 81.57 9.99
N LEU U 374 -97.60 81.18 9.50
CA LEU U 374 -97.97 79.77 9.50
C LEU U 374 -97.06 78.96 8.61
N HIS U 375 -96.71 79.49 7.43
CA HIS U 375 -95.80 78.78 6.54
C HIS U 375 -94.42 78.61 7.17
N TYR U 376 -93.94 79.64 7.87
CA TYR U 376 -92.65 79.55 8.54
C TYR U 376 -92.69 78.54 9.68
N ARG U 377 -93.79 78.51 10.44
CA ARG U 377 -93.91 77.57 11.55
C ARG U 377 -94.08 76.13 11.06
N ARG U 378 -94.63 75.96 9.86
CA ARG U 378 -94.86 74.62 9.33
C ARG U 378 -93.64 74.07 8.60
N ALA U 379 -93.18 74.76 7.55
CA ALA U 379 -92.10 74.27 6.70
C ALA U 379 -90.74 74.85 7.07
N VAL U 380 -90.62 76.18 7.04
CA VAL U 380 -89.33 76.83 7.26
C VAL U 380 -88.93 76.74 8.72
N ARG U 381 -88.50 75.56 9.16
CA ARG U 381 -88.06 75.36 10.52
C ARG U 381 -86.83 74.48 10.64
N ALA U 382 -86.29 73.96 9.53
CA ALA U 382 -85.10 73.11 9.63
C ALA U 382 -84.22 73.16 8.39
N SER U 383 -84.28 74.22 7.59
CA SER U 383 -83.47 74.29 6.38
C SER U 383 -82.01 74.57 6.73
N THR U 384 -81.13 74.32 5.76
CA THR U 384 -79.70 74.54 5.91
C THR U 384 -79.30 75.96 5.53
N ASP U 385 -80.27 76.86 5.36
CA ASP U 385 -79.98 78.24 4.99
C ASP U 385 -80.31 79.16 6.16
N PRO U 386 -79.33 79.51 7.01
CA PRO U 386 -79.63 80.41 8.14
C PRO U 386 -80.10 81.78 7.70
N TYR U 387 -79.53 82.31 6.61
CA TYR U 387 -79.96 83.62 6.12
C TYR U 387 -81.42 83.59 5.67
N LYS U 388 -81.80 82.55 4.91
CA LYS U 388 -83.19 82.43 4.47
C LYS U 388 -84.12 82.23 5.66
N ARG U 389 -83.70 81.43 6.64
CA ARG U 389 -84.52 81.22 7.82
C ARG U 389 -84.74 82.53 8.57
N ALA U 390 -83.68 83.31 8.76
CA ALA U 390 -83.80 84.58 9.47
C ALA U 390 -84.66 85.57 8.68
N VAL U 391 -84.52 85.59 7.36
CA VAL U 391 -85.32 86.48 6.54
C VAL U 391 -86.81 86.13 6.65
N TYR U 392 -87.12 84.84 6.55
CA TYR U 392 -88.52 84.41 6.66
C TYR U 392 -89.06 84.67 8.05
N CYS U 393 -88.24 84.51 9.09
CA CYS U 393 -88.69 84.79 10.45
C CYS U 393 -88.98 86.28 10.63
N ILE U 394 -88.10 87.14 10.11
CA ILE U 394 -88.32 88.58 10.19
C ILE U 394 -89.58 88.98 9.44
N ILE U 395 -89.82 88.36 8.29
CA ILE U 395 -90.99 88.70 7.49
C ILE U 395 -92.28 88.24 8.18
N GLY U 396 -92.28 87.01 8.69
CA GLY U 396 -93.48 86.46 9.32
C GLY U 396 -93.75 86.93 10.73
N ARG U 397 -92.76 87.54 11.40
CA ARG U 397 -92.91 88.05 12.76
C ARG U 397 -93.30 86.91 13.72
N CYS U 398 -92.31 86.05 13.96
CA CYS U 398 -92.49 84.87 14.80
C CYS U 398 -91.54 84.93 15.98
N ASP U 399 -92.02 84.47 17.14
CA ASP U 399 -91.23 84.42 18.38
C ASP U 399 -90.69 85.80 18.75
N VAL U 400 -89.61 85.82 19.53
CA VAL U 400 -88.99 87.07 19.96
C VAL U 400 -87.51 87.03 19.64
N SER U 401 -86.94 85.84 19.54
CA SER U 401 -85.53 85.67 19.24
C SER U 401 -85.33 84.37 18.46
N ASP U 402 -84.68 84.47 17.30
CA ASP U 402 -84.42 83.32 16.45
C ASP U 402 -82.92 83.31 16.12
N ASN U 403 -82.20 82.37 16.71
CA ASN U 403 -80.75 82.25 16.53
C ASN U 403 -80.44 81.08 15.62
N HIS U 404 -79.47 81.27 14.72
CA HIS U 404 -79.05 80.21 13.81
C HIS U 404 -77.53 80.02 13.88
N SER U 405 -76.78 81.08 13.54
CA SER U 405 -75.32 81.00 13.58
C SER U 405 -74.68 82.37 13.81
N GLU U 406 -75.35 83.24 14.57
CA GLU U 406 -74.83 84.58 14.85
C GLU U 406 -74.07 84.66 16.16
N VAL U 407 -74.13 83.64 17.01
CA VAL U 407 -73.42 83.64 18.27
C VAL U 407 -71.95 83.30 18.03
N ALA U 408 -71.18 84.30 17.59
CA ALA U 408 -69.76 84.12 17.32
C ALA U 408 -69.03 85.45 17.36
N ASP U 409 -69.01 86.09 18.53
CA ASP U 409 -68.38 87.38 18.75
C ASP U 409 -68.95 88.47 17.84
N LYS U 410 -70.20 88.28 17.37
CA LYS U 410 -70.87 89.25 16.50
C LYS U 410 -72.33 89.37 16.98
N THR U 411 -72.50 89.99 18.14
CA THR U 411 -73.83 90.16 18.72
C THR U 411 -74.63 91.28 18.09
N GLU U 412 -74.04 92.03 17.15
CA GLU U 412 -74.76 93.13 16.52
C GLU U 412 -75.94 92.62 15.71
N ASP U 413 -75.73 91.56 14.92
CA ASP U 413 -76.82 90.99 14.14
C ASP U 413 -77.90 90.41 15.04
N TYR U 414 -77.51 89.77 16.14
CA TYR U 414 -78.50 89.23 17.07
C TYR U 414 -79.33 90.33 17.71
N LEU U 415 -78.68 91.42 18.12
CA LEU U 415 -79.41 92.54 18.71
C LEU U 415 -80.34 93.19 17.69
N TRP U 416 -79.87 93.30 16.43
CA TRP U 416 -80.73 93.87 15.39
C TRP U 416 -81.95 92.99 15.14
N LEU U 417 -81.74 91.67 15.08
CA LEU U 417 -82.87 90.76 14.88
C LEU U 417 -83.85 90.83 16.06
N LYS U 418 -83.32 90.92 17.28
CA LYS U 418 -84.19 91.02 18.44
C LYS U 418 -85.00 92.32 18.43
N LEU U 419 -84.35 93.44 18.07
CA LEU U 419 -85.05 94.71 18.01
C LEU U 419 -86.06 94.75 16.87
N SER U 420 -85.81 94.01 15.79
CA SER U 420 -86.75 93.96 14.68
C SER U 420 -87.92 93.05 14.97
N GLN U 421 -87.72 91.99 15.75
CA GLN U 421 -88.78 91.06 16.09
C GLN U 421 -89.56 91.46 17.34
N VAL U 422 -89.03 92.40 18.14
CA VAL U 422 -89.68 92.84 19.37
C VAL U 422 -90.01 94.32 19.23
N CYS U 423 -91.29 94.66 19.44
CA CYS U 423 -91.76 96.03 19.40
C CYS U 423 -92.58 96.32 20.66
N PHE U 424 -92.40 97.53 21.20
CA PHE U 424 -93.13 97.90 22.41
C PHE U 424 -94.59 98.17 22.12
N GLU U 425 -94.88 98.88 21.03
CA GLU U 425 -96.24 99.19 20.64
C GLU U 425 -96.79 98.11 19.71
N ASP U 426 -98.10 97.87 19.81
CA ASP U 426 -98.75 96.85 19.00
C ASP U 426 -98.98 97.38 17.59
N GLU U 427 -98.32 96.77 16.62
CA GLU U 427 -98.46 97.16 15.22
C GLU U 427 -99.19 96.08 14.43
N ALA U 428 -98.80 95.89 13.17
CA ALA U 428 -99.41 94.86 12.34
C ALA U 428 -98.93 93.48 12.76
N ASN U 429 -99.86 92.53 12.86
CA ASN U 429 -99.57 91.16 13.27
C ASN U 429 -98.91 91.13 14.65
N SER U 430 -99.46 91.91 15.57
CA SER U 430 -98.97 92.00 16.94
C SER U 430 -99.80 91.10 17.84
N SER U 431 -99.14 90.26 18.61
CA SER U 431 -99.83 89.31 19.49
C SER U 431 -98.85 88.88 20.57
N PRO U 432 -99.35 88.31 21.68
CA PRO U 432 -98.45 87.75 22.70
C PRO U 432 -97.45 86.75 22.14
N GLN U 433 -96.38 86.50 22.90
CA GLN U 433 -95.30 85.61 22.47
C GLN U 433 -94.65 86.09 21.17
N ASP U 434 -94.63 87.41 20.96
CA ASP U 434 -94.02 88.00 19.78
C ASP U 434 -93.42 89.35 20.11
N ARG U 435 -93.49 89.74 21.38
CA ARG U 435 -92.94 91.01 21.84
C ARG U 435 -92.42 90.85 23.25
N LEU U 436 -91.46 91.70 23.61
CA LEU U 436 -90.83 91.68 24.93
C LEU U 436 -90.75 93.10 25.46
N THR U 437 -90.11 93.25 26.61
CA THR U 437 -89.95 94.54 27.27
C THR U 437 -88.48 94.94 27.30
N LEU U 438 -88.25 96.24 27.52
CA LEU U 438 -86.91 96.80 27.61
C LEU U 438 -86.12 96.25 28.81
N PRO U 439 -86.74 96.09 29.99
CA PRO U 439 -86.00 95.45 31.09
C PRO U 439 -85.53 94.04 30.76
N GLN U 440 -86.23 93.31 29.90
CA GLN U 440 -85.79 91.98 29.50
C GLN U 440 -84.44 92.05 28.78
N PHE U 441 -84.34 92.92 27.77
CA PHE U 441 -83.08 93.10 27.08
C PHE U 441 -82.01 93.67 27.99
N GLN U 442 -82.40 94.54 28.93
CA GLN U 442 -81.44 95.09 29.88
C GLN U 442 -80.82 93.99 30.73
N LYS U 443 -81.65 93.10 31.27
CA LYS U 443 -81.15 92.00 32.06
C LYS U 443 -80.33 91.03 31.21
N GLN U 444 -80.74 90.82 29.96
CA GLN U 444 -80.00 89.92 29.08
C GLN U 444 -78.61 90.46 28.78
N LEU U 445 -78.49 91.77 28.60
CA LEU U 445 -77.18 92.37 28.34
C LEU U 445 -76.37 92.59 29.60
N PHE U 446 -77.02 92.64 30.77
CA PHE U 446 -76.31 92.84 32.02
C PHE U 446 -75.81 91.55 32.64
N GLU U 447 -76.53 90.44 32.46
CA GLU U 447 -76.15 89.16 33.06
C GLU U 447 -75.47 88.23 32.05
N ASP U 448 -76.18 87.85 31.00
CA ASP U 448 -75.62 86.90 30.03
C ASP U 448 -74.54 87.56 29.17
N TYR U 449 -74.70 88.84 28.83
CA TYR U 449 -73.76 89.56 28.00
C TYR U 449 -72.98 90.61 28.79
N GLY U 450 -72.80 90.38 30.09
CA GLY U 450 -72.09 91.31 30.94
C GLY U 450 -70.59 91.11 30.86
N GLU U 451 -69.88 91.80 31.76
CA GLU U 451 -68.43 91.70 31.80
C GLU U 451 -68.00 90.35 32.37
N SER U 452 -66.91 89.81 31.83
CA SER U 452 -66.38 88.52 32.25
C SER U 452 -67.41 87.41 32.12
N HIS U 453 -68.18 87.45 31.04
CA HIS U 453 -69.21 86.44 30.79
C HIS U 453 -69.16 85.97 29.34
N PHE U 454 -69.30 86.91 28.40
CA PHE U 454 -69.27 86.60 26.98
C PHE U 454 -67.97 87.03 26.32
N ALA U 455 -66.90 87.22 27.11
CA ALA U 455 -65.59 87.64 26.62
C ALA U 455 -65.70 88.96 25.86
N VAL U 456 -66.17 89.99 26.57
CA VAL U 456 -66.33 91.32 26.00
C VAL U 456 -65.44 92.35 26.69
N ASN U 457 -64.58 91.94 27.63
CA ASN U 457 -63.71 92.88 28.30
C ASN U 457 -62.56 93.35 27.42
N GLN U 458 -62.20 92.58 26.40
CA GLN U 458 -61.12 92.98 25.50
C GLN U 458 -61.56 94.08 24.53
N GLN U 459 -62.85 94.25 24.32
CA GLN U 459 -63.40 95.30 23.46
C GLN U 459 -64.50 96.02 24.21
N PRO U 460 -64.13 96.94 25.11
CA PRO U 460 -65.16 97.66 25.88
C PRO U 460 -65.96 98.65 25.04
N TYR U 461 -65.48 99.03 23.85
CA TYR U 461 -66.21 99.98 23.02
C TYR U 461 -67.53 99.39 22.55
N LEU U 462 -67.53 98.11 22.14
CA LEU U 462 -68.77 97.49 21.72
C LEU U 462 -69.77 97.38 22.86
N TYR U 463 -69.28 97.06 24.06
CA TYR U 463 -70.16 96.99 25.22
C TYR U 463 -70.75 98.35 25.55
N PHE U 464 -69.93 99.40 25.52
CA PHE U 464 -70.45 100.75 25.75
C PHE U 464 -71.47 101.14 24.68
N GLN U 465 -71.21 100.78 23.44
CA GLN U 465 -72.13 101.12 22.35
C GLN U 465 -73.47 100.43 22.54
N VAL U 466 -73.46 99.13 22.84
CA VAL U 466 -74.72 98.41 23.00
C VAL U 466 -75.45 98.87 24.26
N LEU U 467 -74.71 99.26 25.30
CA LEU U 467 -75.35 99.78 26.51
C LEU U 467 -76.01 101.12 26.23
N PHE U 468 -75.37 101.98 25.43
CA PHE U 468 -75.99 103.25 25.08
C PHE U 468 -77.15 103.07 24.12
N LEU U 469 -77.12 102.01 23.30
CA LEU U 469 -78.21 101.77 22.36
C LEU U 469 -79.43 101.18 23.05
N THR U 470 -79.22 100.29 24.03
CA THR U 470 -80.32 99.66 24.75
C THR U 470 -80.85 100.51 25.89
N ALA U 471 -80.64 101.83 25.84
CA ALA U 471 -81.14 102.76 26.84
C ALA U 471 -80.65 102.40 28.25
N GLN U 472 -79.33 102.32 28.40
CA GLN U 472 -78.70 102.04 29.70
C GLN U 472 -77.59 103.07 29.91
N PHE U 473 -78.01 104.33 30.12
CA PHE U 473 -77.04 105.41 30.28
C PHE U 473 -76.24 105.26 31.56
N GLU U 474 -76.91 104.94 32.67
CA GLU U 474 -76.20 104.76 33.93
C GLU U 474 -75.24 103.57 33.87
N ALA U 475 -75.68 102.47 33.24
CA ALA U 475 -74.80 101.31 33.09
C ALA U 475 -73.59 101.64 32.23
N ALA U 476 -73.80 102.38 31.14
CA ALA U 476 -72.68 102.76 30.29
C ALA U 476 -71.72 103.69 31.02
N ILE U 477 -72.25 104.61 31.82
CA ILE U 477 -71.39 105.52 32.58
C ILE U 477 -70.57 104.74 33.61
N ALA U 478 -71.21 103.79 34.30
CA ALA U 478 -70.49 102.97 35.27
C ALA U 478 -69.41 102.12 34.58
N PHE U 479 -69.72 101.57 33.41
CA PHE U 479 -68.75 100.76 32.69
C PHE U 479 -67.56 101.61 32.23
N LEU U 480 -67.83 102.82 31.72
CA LEU U 480 -66.74 103.70 31.33
C LEU U 480 -65.92 104.16 32.52
N PHE U 481 -66.55 104.30 33.69
CA PHE U 481 -65.81 104.70 34.88
C PHE U 481 -64.95 103.56 35.42
N ARG U 482 -65.41 102.30 35.24
CA ARG U 482 -64.64 101.17 35.75
C ARG U 482 -63.37 100.92 34.96
N LEU U 483 -63.27 101.41 33.73
CA LEU U 483 -62.08 101.21 32.93
C LEU U 483 -60.93 102.08 33.44
N GLU U 484 -59.73 101.80 32.93
CA GLU U 484 -58.55 102.56 33.27
C GLU U 484 -58.33 103.66 32.25
N ARG U 485 -57.92 104.84 32.73
CA ARG U 485 -57.72 106.02 31.90
C ARG U 485 -58.97 106.39 31.11
N THR U 486 -60.14 106.13 31.69
CA THR U 486 -61.41 106.43 31.05
C THR U 486 -62.37 107.20 31.94
N ARG U 487 -62.07 107.34 33.23
CA ARG U 487 -62.94 108.12 34.11
C ARG U 487 -63.03 109.57 33.67
N CYS U 488 -61.96 110.10 33.06
CA CYS U 488 -62.01 111.45 32.52
C CYS U 488 -63.06 111.57 31.42
N HIS U 489 -63.06 110.64 30.47
CA HIS U 489 -64.08 110.64 29.43
C HIS U 489 -65.47 110.38 30.00
N ALA U 490 -65.56 109.59 31.08
CA ALA U 490 -66.85 109.36 31.72
C ALA U 490 -67.40 110.66 32.30
N VAL U 491 -66.56 111.41 33.02
CA VAL U 491 -66.98 112.69 33.57
C VAL U 491 -67.30 113.68 32.44
N HIS U 492 -66.57 113.59 31.33
CA HIS U 492 -66.84 114.49 30.20
C HIS U 492 -68.19 114.22 29.58
N VAL U 493 -68.52 112.94 29.33
CA VAL U 493 -69.83 112.63 28.77
C VAL U 493 -70.93 112.90 29.79
N ALA U 494 -70.61 112.79 31.09
CA ALA U 494 -71.59 113.12 32.12
C ALA U 494 -71.92 114.61 32.10
N LEU U 495 -70.91 115.47 32.03
CA LEU U 495 -71.18 116.90 31.95
C LEU U 495 -71.81 117.28 30.62
N ALA U 496 -71.51 116.54 29.55
CA ALA U 496 -72.19 116.78 28.28
C ALA U 496 -73.68 116.46 28.40
N LEU U 497 -74.02 115.33 29.02
CA LEU U 497 -75.42 115.01 29.25
C LEU U 497 -76.08 116.02 30.18
N PHE U 498 -75.34 116.54 31.16
CA PHE U 498 -75.89 117.56 32.04
C PHE U 498 -76.18 118.85 31.28
N GLU U 499 -75.30 119.23 30.36
CA GLU U 499 -75.58 120.38 29.50
C GLU U 499 -76.78 120.12 28.61
N LEU U 500 -76.91 118.90 28.12
CA LEU U 500 -78.09 118.49 27.36
C LEU U 500 -79.30 118.20 28.24
N LYS U 501 -79.17 118.44 29.55
CA LYS U 501 -80.26 118.27 30.52
C LYS U 501 -80.67 116.81 30.65
N LEU U 502 -79.84 116.03 31.34
CA LEU U 502 -80.12 114.63 31.63
C LEU U 502 -79.56 114.31 33.02
N LEU U 503 -79.46 113.02 33.33
CA LEU U 503 -78.91 112.52 34.59
C LEU U 503 -79.71 113.02 35.78
N LEU U 504 -80.58 112.15 36.32
CA LEU U 504 -81.41 112.53 37.46
C LEU U 504 -80.57 112.76 38.70
N LYS U 505 -80.86 113.85 39.40
CA LYS U 505 -80.14 114.16 40.63
C LYS U 505 -80.54 113.22 41.75
N SER U 506 -79.59 112.94 42.64
CA SER U 506 -79.83 112.06 43.77
C SER U 506 -78.88 112.42 44.90
N THR U 507 -79.40 112.45 46.12
CA THR U 507 -78.60 112.79 47.28
C THR U 507 -77.74 111.61 47.71
N GLY U 508 -76.88 111.84 48.69
CA GLY U 508 -75.98 110.80 49.19
C GLY U 508 -74.54 111.17 48.97
N GLN U 509 -73.74 111.03 50.03
CA GLN U 509 -72.33 111.35 49.97
C GLN U 509 -71.42 110.19 50.37
N SER U 510 -71.96 109.09 50.89
CA SER U 510 -71.17 107.95 51.29
C SER U 510 -71.58 106.65 50.62
N ALA U 511 -72.70 106.62 49.90
CA ALA U 511 -73.15 105.43 49.22
C ALA U 511 -72.46 105.29 47.86
N GLN U 512 -72.84 104.27 47.12
CA GLN U 512 -72.26 104.02 45.80
C GLN U 512 -72.87 104.97 44.77
N LEU U 513 -72.30 104.94 43.56
CA LEU U 513 -72.78 105.79 42.48
C LEU U 513 -74.07 105.26 41.86
N LEU U 514 -74.21 103.94 41.76
CA LEU U 514 -75.39 103.31 41.16
C LEU U 514 -76.37 102.95 42.27
N SER U 515 -77.40 103.77 42.42
CA SER U 515 -78.46 103.55 43.39
C SER U 515 -79.80 103.44 42.68
N GLN U 516 -80.72 102.69 43.30
CA GLN U 516 -82.02 102.46 42.72
C GLN U 516 -83.07 102.40 43.82
N GLU U 517 -84.33 102.38 43.41
CA GLU U 517 -85.48 102.31 44.29
C GLU U 517 -86.32 101.09 43.92
N PRO U 518 -87.17 100.60 44.84
CA PRO U 518 -88.03 99.46 44.51
C PRO U 518 -88.98 99.81 43.37
N GLY U 519 -88.87 99.06 42.29
CA GLY U 519 -89.63 99.32 41.08
C GLY U 519 -88.83 99.82 39.91
N GLU U 520 -87.50 99.84 40.00
CA GLU U 520 -86.62 100.32 38.95
C GLU U 520 -85.91 99.15 38.28
N PRO U 521 -85.81 99.14 36.95
CA PRO U 521 -85.12 98.06 36.27
C PRO U 521 -83.61 98.28 36.25
N GLN U 522 -82.89 97.19 35.96
CA GLN U 522 -81.44 97.26 35.88
C GLN U 522 -81.01 98.02 34.64
N GLY U 523 -79.94 98.81 34.76
CA GLY U 523 -79.48 99.62 33.66
C GLY U 523 -79.86 101.08 33.80
N VAL U 524 -81.14 101.34 34.07
CA VAL U 524 -81.63 102.69 34.28
C VAL U 524 -81.77 102.92 35.78
N ARG U 525 -80.69 103.36 36.43
CA ARG U 525 -80.68 103.59 37.86
C ARG U 525 -80.64 105.08 38.16
N ARG U 526 -80.67 105.41 39.45
CA ARG U 526 -80.62 106.80 39.90
C ARG U 526 -79.18 107.18 40.17
N LEU U 527 -78.60 107.99 39.28
CA LEU U 527 -77.21 108.40 39.43
C LEU U 527 -77.07 109.37 40.59
N ASN U 528 -76.18 109.05 41.53
CA ASN U 528 -75.93 109.88 42.70
C ASN U 528 -75.02 111.02 42.29
N PHE U 529 -75.61 112.12 41.85
CA PHE U 529 -74.82 113.28 41.44
C PHE U 529 -74.08 113.90 42.63
N ILE U 530 -74.68 113.88 43.81
CA ILE U 530 -74.01 114.42 44.99
C ILE U 530 -72.76 113.61 45.31
N ARG U 531 -72.89 112.28 45.30
CA ARG U 531 -71.73 111.43 45.56
C ARG U 531 -70.68 111.58 44.46
N LEU U 532 -71.13 111.73 43.21
CA LEU U 532 -70.19 111.93 42.11
C LEU U 532 -69.38 113.21 42.29
N LEU U 533 -70.06 114.31 42.62
CA LEU U 533 -69.36 115.57 42.86
C LEU U 533 -68.45 115.46 44.08
N MET U 534 -68.89 114.73 45.12
CA MET U 534 -68.06 114.57 46.31
C MET U 534 -66.77 113.84 45.99
N LEU U 535 -66.86 112.71 45.26
CA LEU U 535 -65.66 111.97 44.91
C LEU U 535 -64.79 112.76 43.94
N TYR U 536 -65.41 113.51 43.04
CA TYR U 536 -64.64 114.33 42.10
C TYR U 536 -63.84 115.41 42.83
N THR U 537 -64.44 116.02 43.85
CA THR U 537 -63.75 117.04 44.63
C THR U 537 -62.72 116.42 45.58
N ARG U 538 -62.96 115.19 46.04
CA ARG U 538 -62.02 114.57 46.96
C ARG U 538 -60.79 114.01 46.24
N LYS U 539 -60.94 113.55 45.00
CA LYS U 539 -59.83 113.00 44.24
C LYS U 539 -58.97 114.09 43.59
N PHE U 540 -59.17 115.36 43.94
CA PHE U 540 -58.48 116.47 43.31
C PHE U 540 -57.53 117.15 44.30
N GLU U 541 -56.49 117.75 43.77
CA GLU U 541 -55.52 118.53 44.50
C GLU U 541 -55.62 120.00 44.10
N PRO U 542 -54.93 120.90 44.83
CA PRO U 542 -54.86 122.30 44.38
C PRO U 542 -54.46 122.43 42.92
N THR U 543 -55.46 122.42 42.04
CA THR U 543 -55.24 122.37 40.60
C THR U 543 -55.12 123.77 40.01
N ASP U 544 -55.06 123.83 38.69
CA ASP U 544 -54.93 125.10 37.99
C ASP U 544 -56.23 125.90 38.09
N PRO U 545 -56.16 127.23 38.02
CA PRO U 545 -57.39 128.02 38.11
C PRO U 545 -58.31 127.88 36.91
N ARG U 546 -57.78 127.53 35.73
CA ARG U 546 -58.61 127.39 34.55
C ARG U 546 -59.60 126.24 34.71
N GLU U 547 -59.09 125.04 35.02
CA GLU U 547 -59.98 123.92 35.26
C GLU U 547 -60.86 124.15 36.48
N ALA U 548 -60.36 124.89 37.46
CA ALA U 548 -61.19 125.23 38.63
C ALA U 548 -62.41 126.03 38.21
N LEU U 549 -62.22 127.06 37.37
CA LEU U 549 -63.35 127.83 36.89
C LEU U 549 -64.24 127.01 35.96
N GLN U 550 -63.64 126.11 35.18
CA GLN U 550 -64.44 125.25 34.30
C GLN U 550 -65.36 124.34 35.11
N TYR U 551 -64.87 123.86 36.26
CA TYR U 551 -65.71 123.04 37.14
C TYR U 551 -66.72 123.89 37.91
N PHE U 552 -66.35 125.12 38.26
CA PHE U 552 -67.29 126.01 38.95
C PHE U 552 -68.44 126.41 38.03
N TYR U 553 -68.18 126.51 36.73
CA TYR U 553 -69.24 126.83 35.78
C TYR U 553 -70.34 125.77 35.79
N PHE U 554 -69.97 124.51 36.05
CA PHE U 554 -70.95 123.44 36.18
C PHE U 554 -71.51 123.32 37.59
N LEU U 555 -70.70 123.63 38.60
CA LEU U 555 -71.17 123.55 39.99
C LEU U 555 -72.18 124.62 40.30
N ARG U 556 -72.08 125.79 39.65
CA ARG U 556 -73.01 126.88 39.92
C ARG U 556 -74.40 126.64 39.36
N ASN U 557 -74.57 125.63 38.50
CA ASN U 557 -75.89 125.33 37.95
C ASN U 557 -76.83 124.74 38.98
N GLU U 558 -76.30 124.15 40.04
CA GLU U 558 -77.13 123.57 41.09
C GLU U 558 -77.62 124.65 42.04
N LYS U 559 -78.90 124.56 42.42
CA LYS U 559 -79.51 125.54 43.31
C LYS U 559 -79.12 125.22 44.76
N ASP U 560 -79.78 125.88 45.70
CA ASP U 560 -79.49 125.66 47.11
C ASP U 560 -80.00 124.30 47.57
N ASN U 561 -79.23 123.64 48.43
CA ASN U 561 -79.58 122.32 48.95
C ASN U 561 -79.20 122.28 50.42
N GLN U 562 -80.20 122.41 51.30
CA GLN U 562 -80.02 122.37 52.75
C GLN U 562 -79.01 123.41 53.21
N GLY U 563 -79.34 124.68 52.98
CA GLY U 563 -78.49 125.77 53.37
C GLY U 563 -77.30 125.98 52.46
N GLU U 564 -77.01 127.25 52.14
CA GLU U 564 -75.91 127.62 51.26
C GLU U 564 -76.01 126.90 49.91
N SER U 565 -74.88 126.40 49.41
CA SER U 565 -74.87 125.68 48.14
C SER U 565 -73.61 124.83 48.07
N MET U 566 -73.71 123.73 47.32
CA MET U 566 -72.55 122.86 47.14
C MET U 566 -71.43 123.58 46.41
N PHE U 567 -71.79 124.42 45.44
CA PHE U 567 -70.77 125.20 44.72
C PHE U 567 -70.06 126.16 45.66
N LEU U 568 -70.81 126.84 46.53
CA LEU U 568 -70.21 127.75 47.48
C LEU U 568 -69.31 127.01 48.47
N ARG U 569 -69.77 125.86 48.96
CA ARG U 569 -68.94 125.07 49.87
C ARG U 569 -67.66 124.61 49.19
N CYS U 570 -67.76 124.18 47.93
CA CYS U 570 -66.58 123.71 47.21
C CYS U 570 -65.58 124.85 46.97
N VAL U 571 -66.06 126.01 46.55
CA VAL U 571 -65.14 127.12 46.32
C VAL U 571 -64.54 127.61 47.63
N SER U 572 -65.30 127.56 48.73
CA SER U 572 -64.75 127.95 50.02
C SER U 572 -63.66 126.99 50.45
N GLU U 573 -63.91 125.68 50.33
CA GLU U 573 -62.88 124.69 50.66
C GLU U 573 -61.64 124.89 49.81
N LEU U 574 -61.83 125.14 48.51
CA LEU U 574 -60.69 125.30 47.61
C LEU U 574 -59.88 126.54 47.97
N VAL U 575 -60.54 127.66 48.28
CA VAL U 575 -59.78 128.86 48.58
C VAL U 575 -59.10 128.76 49.94
N ILE U 576 -59.73 128.10 50.92
CA ILE U 576 -59.07 127.95 52.21
C ILE U 576 -57.97 126.88 52.17
N GLU U 577 -57.99 125.99 51.17
CA GLU U 577 -56.89 125.06 50.99
C GLU U 577 -55.76 125.62 50.15
N SER U 578 -56.04 126.58 49.26
CA SER U 578 -55.02 127.16 48.40
C SER U 578 -54.34 128.36 49.06
N ARG U 579 -55.13 129.31 49.58
CA ARG U 579 -54.61 130.52 50.20
C ARG U 579 -53.77 131.32 49.21
N GLU U 580 -54.45 131.77 48.14
CA GLU U 580 -53.78 132.55 47.10
C GLU U 580 -54.85 133.35 46.35
N PHE U 581 -54.61 134.67 46.21
CA PHE U 581 -55.61 135.50 45.53
C PHE U 581 -55.00 136.73 44.87
N ASP U 582 -53.68 136.80 44.68
CA ASP U 582 -53.07 137.99 44.08
C ASP U 582 -53.36 138.11 42.59
N MET U 583 -53.80 137.04 41.93
CA MET U 583 -54.09 137.09 40.50
C MET U 583 -55.48 136.53 40.22
N LEU U 584 -55.99 135.69 41.13
CA LEU U 584 -57.31 135.10 40.93
C LEU U 584 -58.42 136.04 41.41
N LEU U 585 -58.20 136.74 42.53
CA LEU U 585 -59.18 137.67 43.06
C LEU U 585 -58.75 139.13 42.92
N GLY U 586 -57.46 139.43 42.98
CA GLY U 586 -56.99 140.79 42.84
C GLY U 586 -55.69 141.06 43.55
N LYS U 587 -54.81 141.83 42.90
CA LYS U 587 -53.53 142.19 43.50
C LYS U 587 -53.70 143.32 44.50
N LEU U 588 -52.71 143.46 45.39
CA LEU U 588 -52.74 144.49 46.43
C LEU U 588 -51.36 145.13 46.52
N GLU U 589 -51.31 146.44 46.38
CA GLU U 589 -50.04 147.15 46.59
C GLU U 589 -49.74 147.28 48.08
N LYS U 590 -50.70 147.79 48.85
CA LYS U 590 -50.56 147.86 50.30
C LYS U 590 -51.94 147.96 50.95
N ASP U 591 -52.90 148.56 50.24
CA ASP U 591 -54.27 148.66 50.73
C ASP U 591 -55.21 149.02 49.58
N GLY U 592 -54.88 148.57 48.37
CA GLY U 592 -55.66 148.91 47.20
C GLY U 592 -57.00 148.18 47.16
N SER U 593 -57.74 148.48 46.09
CA SER U 593 -59.06 147.88 45.90
C SER U 593 -58.95 146.52 45.22
N ARG U 594 -60.05 146.05 44.65
CA ARG U 594 -60.08 144.76 43.98
C ARG U 594 -59.80 144.93 42.49
N LYS U 595 -59.37 143.83 41.87
CA LYS U 595 -59.06 143.80 40.45
C LYS U 595 -59.88 142.73 39.75
N PRO U 596 -60.27 142.96 38.49
CA PRO U 596 -61.03 141.94 37.75
C PRO U 596 -60.24 140.66 37.54
N GLY U 597 -60.37 139.72 38.47
CA GLY U 597 -59.66 138.47 38.39
C GLY U 597 -60.28 137.51 37.38
N ALA U 598 -59.76 136.28 37.39
CA ALA U 598 -60.24 135.27 36.45
C ALA U 598 -61.69 134.92 36.71
N ILE U 599 -62.04 134.67 37.98
CA ILE U 599 -63.43 134.36 38.32
C ILE U 599 -64.30 135.61 38.22
N ASP U 600 -63.72 136.79 38.45
CA ASP U 600 -64.48 138.02 38.36
C ASP U 600 -64.85 138.37 36.92
N LYS U 601 -64.02 137.96 35.96
CA LYS U 601 -64.30 138.22 34.55
C LYS U 601 -65.39 137.32 33.99
N PHE U 602 -65.96 136.41 34.80
CA PHE U 602 -67.00 135.51 34.31
C PHE U 602 -68.22 135.56 35.20
N THR U 603 -68.03 135.75 36.50
CA THR U 603 -69.13 135.79 37.46
C THR U 603 -69.12 137.13 38.20
N ARG U 604 -70.31 137.57 38.59
CA ARG U 604 -70.49 138.79 39.35
C ARG U 604 -70.60 138.46 40.84
N ASP U 605 -71.12 139.39 41.64
CA ASP U 605 -71.25 139.23 43.08
C ASP U 605 -69.91 138.92 43.74
N THR U 606 -68.82 139.42 43.15
CA THR U 606 -67.48 139.10 43.65
C THR U 606 -67.25 139.68 45.04
N LYS U 607 -67.78 140.88 45.31
CA LYS U 607 -67.62 141.47 46.63
C LYS U 607 -68.28 140.62 47.71
N THR U 608 -69.52 140.20 47.47
CA THR U 608 -70.21 139.36 48.44
C THR U 608 -69.55 138.00 48.57
N ILE U 609 -69.05 137.45 47.46
CA ILE U 609 -68.36 136.16 47.51
C ILE U 609 -67.10 136.26 48.38
N ILE U 610 -66.32 137.33 48.18
CA ILE U 610 -65.10 137.51 48.96
C ILE U 610 -65.44 137.76 50.42
N ASN U 611 -66.51 138.50 50.69
CA ASN U 611 -66.92 138.74 52.07
C ASN U 611 -67.32 137.43 52.76
N LYS U 612 -68.09 136.59 52.07
CA LYS U 612 -68.48 135.31 52.65
C LYS U 612 -67.27 134.41 52.86
N VAL U 613 -66.33 134.42 51.92
CA VAL U 613 -65.12 133.60 52.06
C VAL U 613 -64.30 134.06 53.26
N ALA U 614 -64.16 135.38 53.43
CA ALA U 614 -63.40 135.90 54.56
C ALA U 614 -64.11 135.60 55.88
N SER U 615 -65.44 135.66 55.88
CA SER U 615 -66.19 135.32 57.09
C SER U 615 -66.01 133.85 57.45
N VAL U 616 -66.03 132.97 56.44
CA VAL U 616 -65.81 131.55 56.69
C VAL U 616 -64.40 131.31 57.22
N ALA U 617 -63.42 132.03 56.65
CA ALA U 617 -62.04 131.88 57.11
C ALA U 617 -61.89 132.37 58.55
N GLU U 618 -62.56 133.46 58.90
CA GLU U 618 -62.50 133.97 60.27
C GLU U 618 -63.17 133.01 61.24
N ASN U 619 -64.30 132.41 60.83
CA ASN U 619 -64.96 131.43 61.69
C ASN U 619 -64.14 130.17 61.85
N LYS U 620 -63.37 129.80 60.83
CA LYS U 620 -62.50 128.63 60.92
C LYS U 620 -61.31 128.91 61.83
N GLY U 621 -60.52 129.94 61.50
CA GLY U 621 -59.37 130.29 62.32
C GLY U 621 -58.25 130.93 61.54
N LEU U 622 -58.60 131.84 60.63
CA LEU U 622 -57.62 132.56 59.82
C LEU U 622 -57.68 134.04 60.15
N PHE U 623 -56.51 134.68 60.20
CA PHE U 623 -56.41 136.08 60.60
C PHE U 623 -55.78 136.95 59.53
N GLU U 624 -54.51 136.70 59.16
CA GLU U 624 -53.82 137.58 58.24
C GLU U 624 -54.42 137.49 56.83
N GLU U 625 -54.71 136.27 56.36
CA GLU U 625 -55.28 136.11 55.03
C GLU U 625 -56.69 136.70 54.97
N ALA U 626 -57.47 136.53 56.04
CA ALA U 626 -58.80 137.12 56.06
C ALA U 626 -58.73 138.65 56.08
N ALA U 627 -57.77 139.20 56.82
CA ALA U 627 -57.58 140.65 56.83
C ALA U 627 -57.19 141.16 55.45
N LYS U 628 -56.28 140.45 54.77
CA LYS U 628 -55.89 140.86 53.43
C LYS U 628 -57.06 140.76 52.46
N LEU U 629 -57.89 139.73 52.60
CA LEU U 629 -59.05 139.57 51.72
C LEU U 629 -60.06 140.69 51.95
N TYR U 630 -60.30 141.06 53.21
CA TYR U 630 -61.22 142.16 53.48
C TYR U 630 -60.66 143.50 53.03
N ASP U 631 -59.33 143.67 53.12
CA ASP U 631 -58.71 144.88 52.62
C ASP U 631 -58.82 144.97 51.10
N LEU U 632 -58.73 143.81 50.42
CA LEU U 632 -58.93 143.80 48.97
C LEU U 632 -60.38 144.10 48.62
N ALA U 633 -61.32 143.56 49.37
CA ALA U 633 -62.74 143.79 49.14
C ALA U 633 -63.20 145.16 49.64
N LYS U 634 -62.32 145.91 50.32
CA LYS U 634 -62.64 147.25 50.82
C LYS U 634 -63.80 147.22 51.80
N ASN U 635 -63.51 146.83 53.05
CA ASN U 635 -64.51 146.79 54.11
C ASN U 635 -63.86 147.23 55.41
N PRO U 636 -63.81 148.54 55.67
CA PRO U 636 -63.15 149.02 56.90
C PRO U 636 -63.84 148.57 58.17
N ASP U 637 -65.17 148.47 58.17
CA ASP U 637 -65.89 148.01 59.35
C ASP U 637 -65.43 146.61 59.73
N LYS U 638 -65.48 145.67 58.79
CA LYS U 638 -65.05 144.30 59.06
C LYS U 638 -63.57 144.22 59.36
N VAL U 639 -62.76 145.05 58.70
CA VAL U 639 -61.31 145.04 58.96
C VAL U 639 -61.03 145.42 60.42
N LEU U 640 -61.62 146.52 60.88
CA LEU U 640 -61.43 146.93 62.26
C LEU U 640 -62.05 145.94 63.23
N GLU U 641 -63.17 145.33 62.87
CA GLU U 641 -63.79 144.33 63.74
C GLU U 641 -62.87 143.14 63.94
N LEU U 642 -62.33 142.59 62.85
CA LEU U 642 -61.42 141.46 62.98
C LEU U 642 -60.13 141.86 63.68
N THR U 643 -59.64 143.08 63.45
CA THR U 643 -58.45 143.54 64.14
C THR U 643 -58.66 143.58 65.64
N ASN U 644 -59.77 144.16 66.10
CA ASN U 644 -60.08 144.18 67.52
C ASN U 644 -60.27 142.77 68.07
N LYS U 645 -60.95 141.91 67.30
CA LYS U 645 -61.20 140.55 67.76
C LYS U 645 -59.92 139.75 67.89
N LEU U 646 -58.91 140.04 67.07
CA LEU U 646 -57.64 139.33 67.16
C LEU U 646 -56.69 139.95 68.17
N LEU U 647 -56.83 141.24 68.47
CA LEU U 647 -55.96 141.87 69.46
C LEU U 647 -56.53 141.82 70.87
N SER U 648 -57.82 141.49 71.03
CA SER U 648 -58.39 141.43 72.38
C SER U 648 -57.79 140.31 73.23
N PRO U 649 -57.73 139.05 72.76
CA PRO U 649 -57.19 137.99 73.64
C PRO U 649 -55.70 138.14 73.93
N VAL U 650 -54.93 138.77 73.03
CA VAL U 650 -53.50 138.96 73.28
C VAL U 650 -53.23 140.07 74.29
N VAL U 651 -54.19 140.96 74.51
CA VAL U 651 -54.01 142.01 75.50
C VAL U 651 -53.90 141.42 76.91
N SER U 652 -54.65 140.34 77.16
CA SER U 652 -54.63 139.72 78.49
C SER U 652 -53.26 139.16 78.83
N GLN U 653 -52.56 138.58 77.86
CA GLN U 653 -51.24 138.03 78.10
C GLN U 653 -50.19 139.13 77.95
N ILE U 654 -48.91 138.74 77.96
CA ILE U 654 -47.84 139.72 77.86
C ILE U 654 -47.75 140.26 76.43
N SER U 655 -47.12 141.43 76.29
CA SER U 655 -46.96 142.07 75.00
C SER U 655 -45.49 142.30 74.64
N ALA U 656 -44.56 141.69 75.38
CA ALA U 656 -43.16 141.86 75.08
C ALA U 656 -42.77 141.06 73.84
N PRO U 657 -41.80 141.56 73.06
CA PRO U 657 -41.36 140.82 71.86
C PRO U 657 -40.75 139.47 72.20
N GLN U 658 -41.58 138.43 72.27
CA GLN U 658 -41.13 137.09 72.61
C GLN U 658 -41.47 136.04 71.56
N SER U 659 -42.43 136.31 70.68
CA SER U 659 -42.82 135.34 69.66
C SER U 659 -43.11 136.09 68.36
N ASN U 660 -44.18 135.72 67.68
CA ASN U 660 -44.58 136.36 66.44
C ASN U 660 -45.96 137.01 66.51
N ARG U 661 -46.72 136.75 67.57
CA ARG U 661 -48.05 137.34 67.69
C ARG U 661 -47.97 138.86 67.81
N GLU U 662 -46.95 139.36 68.51
CA GLU U 662 -46.80 140.81 68.65
C GLU U 662 -46.46 141.45 67.31
N ARG U 663 -45.58 140.82 66.52
CA ARG U 663 -45.27 141.35 65.19
C ARG U 663 -46.49 141.29 64.27
N LEU U 664 -47.28 140.22 64.38
CA LEU U 664 -48.49 140.10 63.57
C LEU U 664 -49.49 141.19 63.93
N LYS U 665 -49.71 141.43 65.23
CA LYS U 665 -50.63 142.49 65.62
C LYS U 665 -50.10 143.87 65.25
N ASN U 666 -48.77 144.04 65.28
CA ASN U 666 -48.20 145.34 64.90
C ASN U 666 -48.40 145.61 63.41
N MET U 667 -48.12 144.61 62.57
CA MET U 667 -48.33 144.81 61.13
C MET U 667 -49.81 144.93 60.80
N ALA U 668 -50.69 144.24 61.52
CA ALA U 668 -52.12 144.41 61.30
C ALA U 668 -52.58 145.81 61.69
N LEU U 669 -52.09 146.33 62.82
CA LEU U 669 -52.43 147.68 63.22
C LEU U 669 -51.91 148.70 62.22
N ALA U 670 -50.71 148.47 61.68
CA ALA U 670 -50.16 149.39 60.68
C ALA U 670 -51.01 149.36 59.40
N ILE U 671 -51.40 148.17 58.95
CA ILE U 671 -52.24 148.07 57.76
C ILE U 671 -53.58 148.75 58.00
N ALA U 672 -54.17 148.55 59.18
CA ALA U 672 -55.46 149.17 59.47
C ALA U 672 -55.34 150.69 59.53
N GLU U 673 -54.28 151.21 60.14
CA GLU U 673 -54.13 152.65 60.25
C GLU U 673 -53.84 153.29 58.90
N ARG U 674 -53.07 152.61 58.04
CA ARG U 674 -52.83 153.16 56.72
C ARG U 674 -54.07 153.09 55.85
N TYR U 675 -54.90 152.04 56.02
CA TYR U 675 -56.16 151.98 55.29
C TYR U 675 -57.12 153.08 55.76
N LYS U 676 -57.13 153.36 57.07
CA LYS U 676 -57.95 154.44 57.58
C LYS U 676 -57.45 155.80 57.12
N SER U 677 -56.14 155.97 56.98
CA SER U 677 -55.60 157.23 56.50
C SER U 677 -55.89 157.44 55.03
N GLN U 678 -55.76 156.40 54.22
CA GLN U 678 -56.02 156.47 52.78
C GLN U 678 -57.41 155.88 52.53
N GLY U 679 -58.43 156.72 52.68
CA GLY U 679 -59.80 156.33 52.44
C GLY U 679 -60.68 156.57 53.65
N VAL U 680 -61.95 156.27 53.48
CA VAL U 680 -62.94 156.43 54.54
C VAL U 680 -62.78 155.28 55.54
N SER U 681 -62.71 155.63 56.82
CA SER U 681 -62.52 154.64 57.87
C SER U 681 -63.84 153.94 58.20
N ALA U 682 -64.02 153.56 59.47
CA ALA U 682 -65.19 152.85 59.92
C ALA U 682 -66.16 153.82 60.60
N GLU U 683 -67.07 153.30 61.42
CA GLU U 683 -68.04 154.13 62.10
C GLU U 683 -67.37 154.92 63.23
N LYS U 684 -68.16 155.81 63.84
CA LYS U 684 -67.63 156.65 64.91
C LYS U 684 -67.23 155.82 66.13
N SER U 685 -68.11 154.92 66.57
CA SER U 685 -67.79 154.07 67.72
C SER U 685 -66.64 153.13 67.40
N ILE U 686 -66.58 152.64 66.15
CA ILE U 686 -65.50 151.74 65.77
C ILE U 686 -64.15 152.47 65.79
N ASN U 687 -64.12 153.71 65.28
CA ASN U 687 -62.89 154.47 65.30
C ASN U 687 -62.50 154.84 66.72
N SER U 688 -63.48 155.14 67.58
CA SER U 688 -63.18 155.44 68.97
C SER U 688 -62.58 154.23 69.67
N THR U 689 -63.15 153.04 69.44
CA THR U 689 -62.60 151.82 70.01
C THR U 689 -61.21 151.53 69.46
N PHE U 690 -60.98 151.82 68.17
CA PHE U 690 -59.67 151.60 67.58
C PHE U 690 -58.62 152.49 68.23
N TYR U 691 -58.95 153.77 68.41
CA TYR U 691 -58.02 154.69 69.07
C TYR U 691 -57.78 154.29 70.52
N LEU U 692 -58.84 153.85 71.21
CA LEU U 692 -58.71 153.38 72.58
C LEU U 692 -57.76 152.20 72.66
N LEU U 693 -57.94 151.21 71.78
CA LEU U 693 -57.08 150.03 71.80
C LEU U 693 -55.64 150.38 71.42
N LEU U 694 -55.46 151.34 70.49
CA LEU U 694 -54.12 151.78 70.15
C LEU U 694 -53.42 152.40 71.35
N ASP U 695 -54.10 153.33 72.04
CA ASP U 695 -53.51 153.94 73.23
C ASP U 695 -53.25 152.90 74.31
N LEU U 696 -54.14 151.92 74.45
CA LEU U 696 -53.97 150.91 75.49
C LEU U 696 -52.77 150.02 75.21
N ILE U 697 -52.61 149.57 73.96
CA ILE U 697 -51.44 148.74 73.64
C ILE U 697 -50.16 149.56 73.69
N THR U 698 -50.24 150.86 73.38
CA THR U 698 -49.06 151.71 73.52
C THR U 698 -48.63 151.81 74.97
N PHE U 699 -49.58 152.07 75.87
CA PHE U 699 -49.27 152.10 77.30
C PHE U 699 -48.78 150.74 77.79
N PHE U 700 -49.34 149.66 77.24
CA PHE U 700 -48.93 148.32 77.64
C PHE U 700 -47.48 148.05 77.28
N ASP U 701 -47.09 148.37 76.05
CA ASP U 701 -45.70 148.14 75.66
C ASP U 701 -44.76 149.10 76.38
N GLU U 702 -45.21 150.34 76.65
CA GLU U 702 -44.37 151.26 77.42
C GLU U 702 -44.14 150.77 78.84
N TYR U 703 -45.15 150.12 79.44
CA TYR U 703 -44.98 149.56 80.77
C TYR U 703 -44.13 148.29 80.74
N HIS U 704 -44.27 147.49 79.68
CA HIS U 704 -43.52 146.24 79.59
C HIS U 704 -42.05 146.50 79.29
N ALA U 705 -41.73 147.61 78.61
CA ALA U 705 -40.35 147.93 78.29
C ALA U 705 -39.52 148.28 79.52
N GLY U 706 -40.15 148.50 80.68
CA GLY U 706 -39.44 148.84 81.89
C GLY U 706 -39.52 150.29 82.31
N HIS U 707 -40.26 151.12 81.58
CA HIS U 707 -40.39 152.53 81.90
C HIS U 707 -41.66 152.77 82.72
N ILE U 708 -41.58 153.71 83.66
CA ILE U 708 -42.69 154.05 84.53
C ILE U 708 -43.19 155.47 84.28
N ASP U 709 -42.27 156.43 84.13
CA ASP U 709 -42.68 157.82 83.92
C ASP U 709 -43.38 157.99 82.57
N LEU U 710 -42.91 157.28 81.54
CA LEU U 710 -43.56 157.35 80.23
C LEU U 710 -44.99 156.82 80.30
N SER U 711 -45.17 155.66 80.95
CA SER U 711 -46.51 155.11 81.13
C SER U 711 -47.39 156.06 81.92
N PHE U 712 -46.84 156.68 82.97
CA PHE U 712 -47.61 157.62 83.77
C PHE U 712 -48.07 158.81 82.94
N ASP U 713 -47.16 159.39 82.16
CA ASP U 713 -47.54 160.59 81.41
C ASP U 713 -48.48 160.26 80.26
N VAL U 714 -48.35 159.08 79.64
CA VAL U 714 -49.30 158.74 78.57
C VAL U 714 -50.67 158.42 79.16
N ILE U 715 -50.71 157.78 80.33
CA ILE U 715 -52.00 157.50 80.95
C ILE U 715 -52.63 158.77 81.52
N GLU U 716 -51.83 159.80 81.79
CA GLU U 716 -52.39 161.07 82.20
C GLU U 716 -52.86 161.90 81.00
N ARG U 717 -52.17 161.81 79.87
CA ARG U 717 -52.56 162.53 78.67
C ARG U 717 -53.69 161.85 77.92
N LEU U 718 -53.96 160.57 78.21
CA LEU U 718 -55.09 159.89 77.57
C LEU U 718 -56.41 160.61 77.86
N LYS U 719 -56.53 161.22 79.04
CA LYS U 719 -57.72 161.99 79.42
C LYS U 719 -58.98 161.13 79.37
N LEU U 720 -58.86 159.89 79.85
CA LEU U 720 -59.99 158.98 79.88
C LEU U 720 -60.09 158.15 81.16
N VAL U 721 -59.08 158.16 82.01
CA VAL U 721 -59.14 157.48 83.30
C VAL U 721 -59.80 158.40 84.32
N PRO U 722 -60.39 157.88 85.39
CA PRO U 722 -60.99 158.76 86.41
C PRO U 722 -59.97 159.71 87.04
N LEU U 723 -60.09 161.00 86.73
CA LEU U 723 -59.15 161.98 87.27
C LEU U 723 -59.55 162.43 88.66
N SER U 724 -60.73 163.05 88.79
CA SER U 724 -61.20 163.57 90.07
C SER U 724 -62.68 163.24 90.21
N GLN U 725 -63.27 163.67 91.33
CA GLN U 725 -64.66 163.37 91.61
C GLN U 725 -65.59 164.03 90.60
N ASP U 726 -65.27 165.25 90.18
CA ASP U 726 -66.06 165.91 89.14
C ASP U 726 -65.91 165.24 87.79
N SER U 727 -64.85 164.45 87.59
CA SER U 727 -64.65 163.72 86.35
C SER U 727 -65.24 162.32 86.39
N VAL U 728 -65.49 161.77 87.58
CA VAL U 728 -66.11 160.46 87.68
C VAL U 728 -67.48 160.45 87.03
N GLU U 729 -68.21 161.56 87.11
CA GLU U 729 -69.54 161.63 86.52
C GLU U 729 -69.47 161.47 85.00
N GLU U 730 -68.61 162.25 84.34
CA GLU U 730 -68.49 162.13 82.89
C GLU U 730 -67.86 160.81 82.49
N ARG U 731 -66.98 160.25 83.34
CA ARG U 731 -66.41 158.93 83.04
C ARG U 731 -67.51 157.87 83.03
N VAL U 732 -68.40 157.90 84.02
CA VAL U 732 -69.51 156.95 84.06
C VAL U 732 -70.46 157.20 82.89
N ALA U 733 -70.69 158.47 82.55
CA ALA U 733 -71.56 158.78 81.42
C ALA U 733 -71.01 158.24 80.11
N ALA U 734 -69.68 158.30 79.93
CA ALA U 734 -69.05 157.76 78.74
C ALA U 734 -68.92 156.24 78.77
N PHE U 735 -68.89 155.65 79.97
CA PHE U 735 -68.79 154.20 80.08
C PHE U 735 -70.02 153.50 79.51
N ARG U 736 -71.18 154.16 79.55
CA ARG U 736 -72.41 153.57 79.03
C ARG U 736 -72.40 153.43 77.52
N ASN U 737 -71.49 154.09 76.82
CA ASN U 737 -71.40 154.02 75.36
C ASN U 737 -70.16 153.26 74.90
N PHE U 738 -69.70 152.28 75.70
CA PHE U 738 -68.54 151.50 75.34
C PHE U 738 -68.94 150.23 74.60
N SER U 739 -68.15 149.17 74.75
CA SER U 739 -68.40 147.91 74.08
C SER U 739 -67.97 146.76 74.98
N ASP U 740 -68.21 145.53 74.51
CA ASP U 740 -67.85 144.35 75.29
C ASP U 740 -66.35 144.26 75.50
N GLU U 741 -65.56 144.52 74.46
CA GLU U 741 -64.11 144.48 74.62
C GLU U 741 -63.62 145.61 75.50
N ILE U 742 -64.24 146.79 75.39
CA ILE U 742 -63.84 147.93 76.22
C ILE U 742 -64.18 147.69 77.68
N ARG U 743 -65.21 146.89 77.95
CA ARG U 743 -65.54 146.52 79.32
C ARG U 743 -64.72 145.33 79.83
N HIS U 744 -64.23 144.48 78.92
CA HIS U 744 -63.47 143.31 79.34
C HIS U 744 -62.01 143.64 79.59
N ASN U 745 -61.39 144.48 78.74
CA ASN U 745 -59.98 144.81 78.93
C ASN U 745 -59.75 145.75 80.11
N LEU U 746 -60.81 146.24 80.75
CA LEU U 746 -60.65 147.09 81.92
C LEU U 746 -59.93 146.39 83.05
N SER U 747 -60.08 145.06 83.14
CA SER U 747 -59.37 144.31 84.17
C SER U 747 -57.86 144.45 84.01
N GLU U 748 -57.35 144.15 82.80
CA GLU U 748 -55.92 144.28 82.55
C GLU U 748 -55.47 145.73 82.62
N ILE U 749 -56.33 146.66 82.21
CA ILE U 749 -55.97 148.08 82.29
C ILE U 749 -55.77 148.50 83.75
N LEU U 750 -56.70 148.13 84.62
CA LEU U 750 -56.58 148.44 86.03
C LEU U 750 -55.41 147.71 86.67
N LEU U 751 -55.13 146.49 86.21
CA LEU U 751 -53.98 145.76 86.75
C LEU U 751 -52.67 146.47 86.41
N ALA U 752 -52.50 146.88 85.16
CA ALA U 752 -51.30 147.62 84.78
C ALA U 752 -51.22 148.96 85.50
N THR U 753 -52.36 149.64 85.66
CA THR U 753 -52.37 150.92 86.35
C THR U 753 -51.95 150.77 87.81
N MET U 754 -52.49 149.74 88.49
CA MET U 754 -52.12 149.51 89.87
C MET U 754 -50.67 149.07 90.01
N ASN U 755 -50.15 148.32 89.03
CA ASN U 755 -48.74 147.95 89.07
C ASN U 755 -47.86 149.18 88.94
N ILE U 756 -48.18 150.07 88.00
CA ILE U 756 -47.40 151.29 87.83
C ILE U 756 -47.49 152.16 89.08
N LEU U 757 -48.70 152.27 89.66
CA LEU U 757 -48.87 153.09 90.85
C LEU U 757 -48.12 152.52 92.04
N PHE U 758 -48.11 151.20 92.19
CA PHE U 758 -47.39 150.58 93.29
C PHE U 758 -45.88 150.73 93.10
N THR U 759 -45.39 150.63 91.86
CA THR U 759 -43.98 150.86 91.60
C THR U 759 -43.60 152.30 91.94
N GLN U 760 -44.44 153.26 91.55
CA GLN U 760 -44.16 154.66 91.86
C GLN U 760 -44.18 154.91 93.37
N TYR U 761 -45.14 154.29 94.08
CA TYR U 761 -45.21 154.46 95.53
C TYR U 761 -44.00 153.83 96.22
N LYS U 762 -43.55 152.67 95.72
CA LYS U 762 -42.36 152.04 96.31
C LYS U 762 -41.13 152.89 96.07
N ARG U 763 -40.99 153.47 94.87
CA ARG U 763 -39.87 154.36 94.62
C ARG U 763 -39.93 155.60 95.50
N LEU U 764 -41.13 156.14 95.69
CA LEU U 764 -41.27 157.32 96.55
C LEU U 764 -40.94 157.00 98.00
N LYS U 765 -41.32 155.81 98.47
CA LYS U 765 -40.99 155.41 99.83
C LYS U 765 -39.50 155.13 100.00
N GLY U 766 -38.86 154.56 98.97
CA GLY U 766 -37.43 154.35 99.04
C GLY U 766 -36.65 155.65 99.02
N SER U 767 -37.13 156.63 98.27
CA SER U 767 -36.51 157.94 98.26
C SER U 767 -36.78 158.67 99.57
N GLY U 768 -35.75 159.30 100.12
CA GLY U 768 -35.85 160.00 101.38
C GLY U 768 -36.75 161.21 101.30
N PRO U 769 -37.45 161.51 102.40
CA PRO U 769 -38.33 162.68 102.42
C PRO U 769 -37.55 163.99 102.35
N THR U 770 -36.53 164.11 103.19
CA THR U 770 -35.69 165.30 103.22
C THR U 770 -34.36 165.12 102.50
N THR U 771 -33.82 163.90 102.47
CA THR U 771 -32.57 163.59 101.81
C THR U 771 -32.84 162.79 100.54
N LEU U 772 -31.76 162.52 99.80
CA LEU U 772 -31.83 161.74 98.56
C LEU U 772 -32.78 162.38 97.56
N GLY U 773 -32.80 163.71 97.51
CA GLY U 773 -33.67 164.42 96.60
C GLY U 773 -35.13 164.35 97.02
N ARG U 774 -35.98 164.86 96.13
CA ARG U 774 -37.44 164.89 96.29
C ARG U 774 -37.82 165.68 97.54
N PRO U 775 -38.07 166.98 97.42
CA PRO U 775 -38.41 167.78 98.59
C PRO U 775 -39.75 167.37 99.19
N GLN U 776 -39.95 167.77 100.44
CA GLN U 776 -41.17 167.41 101.17
C GLN U 776 -42.41 167.97 100.49
N ARG U 777 -42.31 169.16 99.90
CA ARG U 777 -43.45 169.73 99.18
C ARG U 777 -43.81 168.89 97.96
N VAL U 778 -42.79 168.41 97.23
CA VAL U 778 -43.05 167.54 96.09
C VAL U 778 -43.66 166.22 96.54
N GLN U 779 -43.17 165.68 97.67
CA GLN U 779 -43.74 164.45 98.20
C GLN U 779 -45.21 164.65 98.58
N GLU U 780 -45.52 165.79 99.21
CA GLU U 780 -46.90 166.06 99.59
C GLU U 780 -47.80 166.25 98.36
N ASP U 781 -47.29 166.91 97.32
CA ASP U 781 -48.06 167.07 96.11
C ASP U 781 -48.33 165.73 95.42
N LYS U 782 -47.31 164.86 95.39
CA LYS U 782 -47.51 163.53 94.82
C LYS U 782 -48.51 162.72 95.64
N ASP U 783 -48.44 162.82 96.97
CA ASP U 783 -49.39 162.12 97.82
C ASP U 783 -50.80 162.63 97.59
N SER U 784 -50.96 163.95 97.41
CA SER U 784 -52.28 164.50 97.19
C SER U 784 -52.84 164.08 95.83
N VAL U 785 -52.01 164.07 94.79
CA VAL U 785 -52.50 163.66 93.48
C VAL U 785 -52.82 162.16 93.50
N LEU U 786 -52.09 161.37 94.29
CA LEU U 786 -52.42 159.96 94.43
C LEU U 786 -53.73 159.78 95.17
N ARG U 787 -53.96 160.58 96.21
CA ARG U 787 -55.26 160.58 96.90
C ARG U 787 -56.39 160.87 95.93
N SER U 788 -56.23 161.89 95.10
CA SER U 788 -57.27 162.26 94.14
C SER U 788 -57.52 161.15 93.14
N GLN U 789 -56.43 160.58 92.58
CA GLN U 789 -56.59 159.51 91.61
C GLN U 789 -57.27 158.29 92.22
N ALA U 790 -56.88 157.93 93.45
CA ALA U 790 -57.50 156.78 94.10
C ALA U 790 -58.97 157.03 94.39
N ARG U 791 -59.31 158.24 94.88
CA ARG U 791 -60.70 158.55 95.16
C ARG U 791 -61.53 158.49 93.88
N ALA U 792 -61.02 159.06 92.79
CA ALA U 792 -61.75 159.01 91.53
C ALA U 792 -61.94 157.58 91.05
N LEU U 793 -60.88 156.77 91.12
CA LEU U 793 -60.96 155.39 90.65
C LEU U 793 -61.93 154.57 91.49
N ILE U 794 -61.92 154.77 92.82
CA ILE U 794 -62.81 153.99 93.68
C ILE U 794 -64.25 154.43 93.51
N THR U 795 -64.48 155.73 93.31
CA THR U 795 -65.84 156.20 93.04
C THR U 795 -66.35 155.63 91.72
N PHE U 796 -65.50 155.63 90.69
CA PHE U 796 -65.87 155.01 89.42
C PHE U 796 -66.23 153.54 89.62
N ALA U 797 -65.32 152.75 90.20
CA ALA U 797 -65.54 151.33 90.36
C ALA U 797 -66.71 151.02 91.29
N GLY U 798 -67.09 151.96 92.16
CA GLY U 798 -68.22 151.74 93.03
C GLY U 798 -69.55 152.12 92.44
N MET U 799 -69.58 153.12 91.56
CA MET U 799 -70.84 153.59 91.00
C MET U 799 -71.04 153.18 89.54
N ILE U 800 -70.15 152.36 88.98
CA ILE U 800 -70.41 151.76 87.67
C ILE U 800 -71.32 150.55 87.87
N PRO U 801 -72.26 150.29 86.95
CA PRO U 801 -73.12 149.11 87.04
C PRO U 801 -72.47 147.84 86.48
N TYR U 802 -71.31 147.49 87.02
CA TYR U 802 -70.57 146.33 86.57
C TYR U 802 -69.62 145.85 87.66
N ARG U 803 -69.70 144.56 87.97
CA ARG U 803 -68.81 143.93 88.95
C ARG U 803 -68.09 142.77 88.29
N MET U 804 -66.88 142.47 88.78
CA MET U 804 -66.09 141.40 88.18
C MET U 804 -65.83 140.28 89.17
N SER U 805 -64.66 140.29 89.81
CA SER U 805 -64.24 139.20 90.68
C SER U 805 -63.69 139.72 91.99
N GLY U 806 -63.64 138.83 92.97
CA GLY U 806 -63.18 139.20 94.29
C GLY U 806 -61.72 139.61 94.32
N ASP U 807 -60.88 138.92 93.55
CA ASP U 807 -59.46 139.27 93.51
C ASP U 807 -59.24 140.64 92.89
N THR U 808 -59.91 140.92 91.76
CA THR U 808 -59.78 142.23 91.13
C THR U 808 -60.31 143.32 92.03
N ASN U 809 -61.43 143.06 92.72
CA ASN U 809 -61.98 144.05 93.64
C ASN U 809 -61.03 144.31 94.80
N ALA U 810 -60.44 143.25 95.36
CA ALA U 810 -59.51 143.41 96.46
C ALA U 810 -58.28 144.20 96.03
N ARG U 811 -57.75 143.92 94.84
CA ARG U 811 -56.62 144.68 94.35
C ARG U 811 -56.98 146.14 94.08
N LEU U 812 -58.21 146.39 93.60
CA LEU U 812 -58.67 147.75 93.40
C LEU U 812 -58.69 148.52 94.70
N VAL U 813 -59.28 147.94 95.75
CA VAL U 813 -59.31 148.61 97.04
C VAL U 813 -57.90 148.73 97.62
N GLN U 814 -57.04 147.75 97.34
CA GLN U 814 -55.66 147.82 97.82
C GLN U 814 -54.93 149.03 97.24
N MET U 815 -55.04 149.22 95.92
CA MET U 815 -54.41 150.41 95.32
C MET U 815 -55.09 151.68 95.79
N GLU U 816 -56.42 151.64 96.00
CA GLU U 816 -57.15 152.81 96.49
C GLU U 816 -56.60 153.28 97.83
N VAL U 817 -56.40 152.34 98.76
CA VAL U 817 -55.90 152.73 100.08
C VAL U 817 -54.40 152.95 100.07
N LEU U 818 -53.65 152.33 99.15
CA LEU U 818 -52.24 152.62 99.01
C LEU U 818 -52.03 154.07 98.61
N MET U 819 -52.79 154.54 97.61
CA MET U 819 -52.74 155.95 97.24
C MET U 819 -53.52 156.84 98.18
N ASN U 820 -54.33 156.27 99.07
CA ASN U 820 -55.05 157.03 100.08
C ASN U 820 -54.17 157.27 101.30
N MET V 1 -29.36 39.80 71.37
CA MET V 1 -30.43 38.96 71.85
C MET V 1 -29.97 38.10 73.04
N ARG V 2 -30.27 38.58 74.25
CA ARG V 2 -29.86 37.86 75.46
C ARG V 2 -30.61 36.56 75.60
N ARG V 3 -31.95 36.61 75.54
CA ARG V 3 -32.75 35.41 75.66
C ARG V 3 -32.67 34.58 74.39
N SER V 4 -32.95 33.27 74.54
CA SER V 4 -32.92 32.32 73.43
C SER V 4 -31.55 32.30 72.75
N LYS V 5 -30.49 32.30 73.57
CA LYS V 5 -29.14 32.29 73.01
C LYS V 5 -28.84 30.99 72.29
N ALA V 6 -29.40 29.87 72.76
CA ALA V 6 -29.21 28.60 72.07
C ALA V 6 -29.81 28.65 70.67
N GLU V 7 -31.04 29.17 70.56
CA GLU V 7 -31.67 29.31 69.25
C GLU V 7 -30.93 30.32 68.38
N ILE V 8 -30.39 31.38 68.97
CA ILE V 8 -29.61 32.35 68.20
C ILE V 8 -28.37 31.70 67.62
N GLN V 9 -27.65 30.92 68.43
CA GLN V 9 -26.47 30.23 67.95
C GLN V 9 -26.82 29.18 66.91
N ARG V 10 -27.96 28.51 67.07
CA ARG V 10 -28.40 27.54 66.07
C ARG V 10 -28.68 28.22 64.74
N TYR V 11 -29.37 29.37 64.78
CA TYR V 11 -29.63 30.11 63.54
C TYR V 11 -28.32 30.60 62.92
N VAL V 12 -27.37 31.05 63.74
CA VAL V 12 -26.09 31.50 63.22
C VAL V 12 -25.36 30.36 62.52
N GLU V 13 -25.35 29.17 63.13
CA GLU V 13 -24.70 28.02 62.52
C GLU V 13 -25.40 27.60 61.24
N ASN V 14 -26.73 27.62 61.24
CA ASN V 14 -27.47 27.25 60.03
C ASN V 14 -27.24 28.24 58.90
N ALA V 15 -27.07 29.52 59.23
CA ALA V 15 -26.78 30.51 58.19
C ALA V 15 -25.35 30.38 57.69
N GLN V 16 -24.41 30.07 58.59
CA GLN V 16 -23.02 29.93 58.18
C GLN V 16 -22.79 28.65 57.38
N ASN V 17 -23.63 27.63 57.59
CA ASN V 17 -23.48 26.39 56.84
C ASN V 17 -23.81 26.56 55.36
N SER V 18 -24.53 27.61 54.99
CA SER V 18 -24.89 27.87 53.61
C SER V 18 -24.41 29.21 53.09
N ALA V 19 -23.81 30.05 53.94
CA ALA V 19 -23.32 31.35 53.51
C ALA V 19 -22.05 31.21 52.69
N SER V 20 -21.76 32.24 51.89
CA SER V 20 -20.57 32.29 51.07
C SER V 20 -20.21 33.76 50.85
N SER V 21 -19.26 34.00 49.93
CA SER V 21 -18.76 35.31 49.54
C SER V 21 -18.00 35.99 50.67
N PRO V 22 -16.84 36.60 50.37
CA PRO V 22 -16.07 37.24 51.46
C PRO V 22 -16.79 38.41 52.10
N ARG V 23 -17.35 39.32 51.30
CA ARG V 23 -18.05 40.47 51.86
C ARG V 23 -19.30 40.05 52.61
N GLU V 24 -20.03 39.05 52.09
CA GLU V 24 -21.22 38.56 52.77
C GLU V 24 -20.85 37.91 54.10
N LYS V 25 -19.79 37.12 54.13
CA LYS V 25 -19.33 36.54 55.39
C LYS V 25 -18.89 37.62 56.36
N SER V 26 -18.27 38.68 55.86
CA SER V 26 -17.83 39.77 56.72
C SER V 26 -19.00 40.49 57.35
N MET V 27 -20.03 40.82 56.56
CA MET V 27 -21.18 41.50 57.14
C MET V 27 -21.99 40.56 58.04
N LYS V 28 -22.00 39.26 57.76
CA LYS V 28 -22.64 38.32 58.66
C LYS V 28 -21.89 38.25 59.99
N GLY V 29 -20.56 38.27 59.95
CA GLY V 29 -19.80 38.32 61.19
C GLY V 29 -20.02 39.61 61.95
N PHE V 30 -20.19 40.72 61.23
CA PHE V 30 -20.52 41.99 61.88
C PHE V 30 -21.88 41.92 62.57
N LEU V 31 -22.86 41.30 61.90
CA LEU V 31 -24.17 41.13 62.52
C LEU V 31 -24.08 40.24 63.75
N PHE V 32 -23.27 39.17 63.68
CA PHE V 32 -23.08 38.31 64.84
C PHE V 32 -22.41 39.06 65.98
N ALA V 33 -21.48 39.96 65.65
CA ALA V 33 -20.83 40.77 66.68
C ALA V 33 -21.83 41.73 67.32
N ARG V 34 -22.72 42.32 66.51
CA ARG V 34 -23.77 43.17 67.07
C ARG V 34 -24.70 42.38 68.00
N LEU V 35 -25.05 41.17 67.59
CA LEU V 35 -25.89 40.32 68.43
C LEU V 35 -25.18 39.96 69.73
N TYR V 36 -23.88 39.70 69.66
CA TYR V 36 -23.12 39.39 70.87
C TYR V 36 -23.01 40.60 71.78
N TYR V 37 -22.84 41.80 71.20
CA TYR V 37 -22.81 43.02 72.01
C TYR V 37 -24.16 43.25 72.68
N GLU V 38 -25.25 42.92 71.98
CA GLU V 38 -26.57 43.04 72.59
C GLU V 38 -26.76 42.03 73.72
N ALA V 39 -26.28 40.80 73.53
CA ALA V 39 -26.39 39.74 74.51
C ALA V 39 -25.24 39.74 75.51
N LYS V 40 -24.42 40.80 75.54
CA LYS V 40 -23.32 40.96 76.49
C LYS V 40 -22.25 39.88 76.26
N GLU V 41 -21.48 40.10 75.18
CA GLU V 41 -20.33 39.28 74.82
C GLU V 41 -19.31 40.19 74.14
N TYR V 42 -18.65 41.01 74.96
CA TYR V 42 -17.74 42.04 74.44
C TYR V 42 -16.55 41.42 73.73
N GLU V 43 -16.00 40.33 74.26
CA GLU V 43 -14.82 39.71 73.66
C GLU V 43 -15.12 39.19 72.27
N LEU V 44 -16.18 38.39 72.13
CA LEU V 44 -16.55 37.85 70.83
C LEU V 44 -16.97 38.95 69.87
N ALA V 45 -17.68 39.97 70.38
CA ALA V 45 -18.08 41.09 69.53
C ALA V 45 -16.86 41.81 68.97
N LYS V 46 -15.88 42.10 69.83
CA LYS V 46 -14.66 42.77 69.37
C LYS V 46 -13.89 41.90 68.40
N ARG V 47 -13.82 40.60 68.66
CA ARG V 47 -13.10 39.70 67.76
C ARG V 47 -13.75 39.68 66.38
N SER V 48 -15.08 39.57 66.32
CA SER V 48 -15.75 39.53 65.04
C SER V 48 -15.65 40.88 64.32
N VAL V 49 -15.74 41.99 65.06
CA VAL V 49 -15.61 43.30 64.43
C VAL V 49 -14.21 43.50 63.87
N SER V 50 -13.19 43.02 64.59
CA SER V 50 -11.82 43.12 64.08
C SER V 50 -11.62 42.24 62.86
N SER V 51 -12.23 41.05 62.85
CA SER V 51 -12.13 40.17 61.69
C SER V 51 -12.82 40.80 60.47
N TYR V 52 -13.93 41.49 60.70
CA TYR V 52 -14.60 42.17 59.59
C TYR V 52 -13.81 43.39 59.13
N ILE V 53 -13.15 44.08 60.05
CA ILE V 53 -12.40 45.28 59.71
C ILE V 53 -11.15 44.92 58.91
N SER V 54 -10.48 43.83 59.30
CA SER V 54 -9.28 43.40 58.58
C SER V 54 -9.58 43.09 57.12
N VAL V 55 -10.81 42.70 56.81
CA VAL V 55 -11.23 42.46 55.41
C VAL V 55 -11.74 43.80 54.89
N GLN V 56 -10.79 44.67 54.52
CA GLN V 56 -11.08 46.00 53.99
C GLN V 56 -11.86 46.85 54.99
N GLU V 57 -11.13 47.58 55.84
CA GLU V 57 -11.74 48.57 56.72
C GLU V 57 -12.68 49.49 55.95
N ARG V 58 -13.91 49.62 56.43
CA ARG V 58 -14.90 50.49 55.82
C ARG V 58 -16.02 50.71 56.82
N ASP V 59 -17.09 51.39 56.38
CA ASP V 59 -18.31 51.65 57.13
C ASP V 59 -18.05 52.54 58.35
N PRO V 60 -18.51 53.79 58.32
CA PRO V 60 -18.36 54.65 59.51
C PRO V 60 -19.13 54.13 60.72
N LYS V 61 -20.28 53.49 60.50
CA LYS V 61 -21.01 52.89 61.62
C LYS V 61 -20.20 51.79 62.27
N ALA V 62 -19.60 50.91 61.46
CA ALA V 62 -18.75 49.86 62.01
C ALA V 62 -17.52 50.44 62.69
N HIS V 63 -16.98 51.53 62.15
CA HIS V 63 -15.80 52.16 62.75
C HIS V 63 -16.14 52.73 64.13
N ARG V 64 -17.26 53.44 64.24
CA ARG V 64 -17.64 54.00 65.54
C ARG V 64 -18.06 52.90 66.52
N PHE V 65 -18.63 51.80 66.01
CA PHE V 65 -18.93 50.68 66.89
C PHE V 65 -17.66 50.04 67.44
N LEU V 66 -16.64 49.88 66.58
CA LEU V 66 -15.36 49.35 67.04
C LEU V 66 -14.71 50.31 68.03
N GLY V 67 -14.83 51.62 67.80
CA GLY V 67 -14.30 52.58 68.76
C GLY V 67 -14.98 52.50 70.10
N GLN V 68 -16.31 52.38 70.10
CA GLN V 68 -17.05 52.23 71.35
C GLN V 68 -16.66 50.94 72.07
N LEU V 69 -16.48 49.85 71.32
CA LEU V 69 -16.07 48.59 71.93
C LEU V 69 -14.67 48.70 72.53
N PHE V 70 -13.76 49.37 71.83
CA PHE V 70 -12.41 49.55 72.37
C PHE V 70 -12.42 50.44 73.61
N GLU V 71 -13.27 51.47 73.63
CA GLU V 71 -13.38 52.33 74.80
C GLU V 71 -13.97 51.58 75.98
N ILE V 72 -14.92 50.67 75.71
CA ILE V 72 -15.49 49.86 76.77
C ILE V 72 -14.46 48.88 77.32
N GLU V 73 -13.70 48.24 76.44
CA GLU V 73 -12.67 47.30 76.87
C GLU V 73 -11.54 48.01 77.61
N GLY V 74 -10.70 48.73 76.88
CA GLY V 74 -9.59 49.44 77.50
C GLY V 74 -8.41 49.69 76.60
N ASN V 75 -8.67 50.16 75.38
CA ASN V 75 -7.63 50.52 74.41
C ASN V 75 -7.91 51.95 73.95
N VAL V 76 -7.32 52.91 74.66
CA VAL V 76 -7.60 54.32 74.38
C VAL V 76 -7.08 54.70 73.00
N GLU V 77 -5.89 54.20 72.63
CA GLU V 77 -5.31 54.56 71.34
C GLU V 77 -6.18 54.06 70.19
N LYS V 78 -6.53 52.78 70.20
CA LYS V 78 -7.38 52.23 69.15
C LYS V 78 -8.75 52.89 69.16
N ALA V 79 -9.27 53.21 70.35
CA ALA V 79 -10.58 53.84 70.44
C ALA V 79 -10.57 55.22 69.78
N VAL V 80 -9.58 56.05 70.11
CA VAL V 80 -9.52 57.38 69.52
C VAL V 80 -9.19 57.30 68.03
N GLY V 81 -8.43 56.28 67.61
CA GLY V 81 -8.18 56.11 66.19
C GLY V 81 -9.43 55.78 65.41
N CYS V 82 -10.23 54.83 65.92
CA CYS V 82 -11.49 54.49 65.28
C CYS V 82 -12.46 55.66 65.30
N TYR V 83 -12.48 56.43 66.40
CA TYR V 83 -13.34 57.60 66.48
C TYR V 83 -12.93 58.64 65.44
N LYS V 84 -11.63 58.88 65.28
CA LYS V 84 -11.17 59.83 64.27
C LYS V 84 -11.49 59.35 62.86
N ARG V 85 -11.34 58.05 62.61
CA ARG V 85 -11.69 57.53 61.29
C ARG V 85 -13.18 57.68 61.00
N SER V 86 -14.02 57.39 62.00
CA SER V 86 -15.46 57.55 61.81
C SER V 86 -15.85 59.01 61.61
N LEU V 87 -15.20 59.92 62.34
CA LEU V 87 -15.50 61.34 62.18
C LEU V 87 -15.04 61.86 60.83
N GLU V 88 -13.92 61.36 60.32
CA GLU V 88 -13.46 61.77 59.00
C GLU V 88 -14.31 61.19 57.89
N LEU V 89 -14.84 59.98 58.09
CA LEU V 89 -15.70 59.38 57.08
C LEU V 89 -17.10 59.98 57.09
N ASN V 90 -17.58 60.45 58.26
CA ASN V 90 -18.90 61.06 58.34
C ASN V 90 -18.81 62.56 58.04
N PRO V 91 -19.86 63.13 57.44
CA PRO V 91 -19.82 64.56 57.10
C PRO V 91 -19.93 65.46 58.32
N THR V 92 -18.82 65.58 59.07
CA THR V 92 -18.72 66.46 60.22
C THR V 92 -19.79 66.16 61.27
N GLN V 93 -19.50 65.24 62.18
CA GLN V 93 -20.42 64.91 63.26
C GLN V 93 -20.12 65.77 64.49
N LYS V 94 -20.93 65.57 65.53
CA LYS V 94 -20.81 66.31 66.78
C LYS V 94 -20.48 65.41 67.96
N ASP V 95 -21.18 64.28 68.10
CA ASP V 95 -20.90 63.38 69.21
C ASP V 95 -19.51 62.78 69.11
N LEU V 96 -19.09 62.37 67.92
CA LEU V 96 -17.75 61.83 67.74
C LEU V 96 -16.69 62.89 68.03
N THR V 97 -16.92 64.13 67.61
CA THR V 97 -15.98 65.20 67.89
C THR V 97 -15.88 65.46 69.39
N LEU V 98 -17.02 65.46 70.09
CA LEU V 98 -17.00 65.67 71.54
C LEU V 98 -16.28 64.53 72.25
N ARG V 99 -16.50 63.29 71.80
CA ARG V 99 -15.82 62.15 72.40
C ARG V 99 -14.32 62.23 72.18
N ILE V 100 -13.90 62.59 70.96
CA ILE V 100 -12.47 62.73 70.67
C ILE V 100 -11.86 63.83 71.52
N ALA V 101 -12.56 64.96 71.65
CA ALA V 101 -12.03 66.06 72.45
C ALA V 101 -11.88 65.67 73.92
N GLU V 102 -12.90 65.01 74.47
CA GLU V 102 -12.82 64.60 75.88
C GLU V 102 -11.76 63.53 76.09
N LEU V 103 -11.57 62.63 75.12
CA LEU V 103 -10.54 61.61 75.26
C LEU V 103 -9.14 62.24 75.21
N ILE V 104 -8.93 63.20 74.31
CA ILE V 104 -7.64 63.87 74.23
C ILE V 104 -7.40 64.68 75.50
N CYS V 105 -8.44 65.31 76.04
CA CYS V 105 -8.27 66.10 77.26
C CYS V 105 -7.97 65.20 78.46
N THR V 106 -8.57 64.01 78.51
CA THR V 106 -8.25 63.07 79.58
C THR V 106 -6.84 62.52 79.43
N LEU V 107 -6.40 62.30 78.18
CA LEU V 107 -5.03 61.87 77.93
C LEU V 107 -4.02 62.99 78.12
N ASN V 108 -4.48 64.23 78.25
CA ASN V 108 -3.62 65.39 78.51
C ASN V 108 -2.65 65.63 77.37
N ILE V 109 -3.08 66.36 76.34
CA ILE V 109 -2.26 66.72 75.20
C ILE V 109 -2.37 68.22 75.00
N LYS V 110 -1.23 68.91 75.02
CA LYS V 110 -1.18 70.36 74.85
C LYS V 110 -0.52 70.68 73.51
N ASP V 111 -1.24 70.43 72.43
CA ASP V 111 -0.74 70.64 71.08
C ASP V 111 -1.80 71.34 70.24
N GLY V 112 -1.39 71.72 69.02
CA GLY V 112 -2.31 72.38 68.11
C GLY V 112 -3.48 71.50 67.71
N ARG V 113 -3.26 70.19 67.59
CA ARG V 113 -4.35 69.27 67.29
C ARG V 113 -5.41 69.32 68.38
N ALA V 114 -4.98 69.20 69.65
CA ALA V 114 -5.91 69.24 70.76
C ALA V 114 -6.61 70.60 70.85
N GLU V 115 -5.86 71.68 70.62
CA GLU V 115 -6.45 73.01 70.66
C GLU V 115 -7.54 73.17 69.61
N TYR V 116 -7.25 72.75 68.38
CA TYR V 116 -8.22 72.87 67.30
C TYR V 116 -9.43 71.98 67.55
N TRP V 117 -9.21 70.77 68.07
CA TRP V 117 -10.34 69.88 68.33
C TRP V 117 -11.22 70.41 69.44
N VAL V 118 -10.63 70.97 70.50
CA VAL V 118 -11.42 71.54 71.58
C VAL V 118 -12.18 72.77 71.10
N GLU V 119 -11.54 73.58 70.24
CA GLU V 119 -12.23 74.74 69.69
C GLU V 119 -13.42 74.32 68.83
N ARG V 120 -13.24 73.29 68.00
CA ARG V 120 -14.33 72.79 67.18
C ARG V 120 -15.45 72.22 68.03
N ALA V 121 -15.11 71.49 69.09
CA ALA V 121 -16.13 70.94 69.97
C ALA V 121 -16.91 72.05 70.68
N SER V 122 -16.21 73.11 71.11
CA SER V 122 -16.89 74.22 71.77
C SER V 122 -17.75 75.00 70.79
N LYS V 123 -17.33 75.10 69.53
CA LYS V 123 -18.16 75.77 68.53
C LYS V 123 -19.38 74.94 68.17
N LEU V 124 -19.25 73.61 68.20
CA LEU V 124 -20.39 72.75 67.89
C LEU V 124 -21.38 72.71 69.04
N PHE V 125 -20.90 72.65 70.28
CA PHE V 125 -21.77 72.60 71.44
C PHE V 125 -21.65 73.90 72.24
N PRO V 126 -22.65 74.78 72.20
CA PRO V 126 -22.55 76.03 72.97
C PRO V 126 -22.62 75.76 74.46
N GLY V 127 -21.71 76.38 75.21
CA GLY V 127 -21.66 76.18 76.65
C GLY V 127 -21.13 74.82 77.04
N SER V 128 -22.03 73.97 77.56
CA SER V 128 -21.76 72.59 77.97
C SER V 128 -20.83 72.55 79.19
N PRO V 129 -21.25 71.90 80.27
CA PRO V 129 -20.37 71.82 81.46
C PRO V 129 -19.09 71.05 81.19
N GLU V 130 -19.16 69.96 80.43
CA GLU V 130 -17.95 69.20 80.11
C GLU V 130 -17.00 70.03 79.25
N ILE V 131 -17.53 70.75 78.27
CA ILE V 131 -16.70 71.62 77.43
C ILE V 131 -16.06 72.71 78.27
N TYR V 132 -16.82 73.29 79.20
CA TYR V 132 -16.27 74.33 80.08
C TYR V 132 -15.17 73.76 80.96
N ARG V 133 -15.36 72.54 81.48
CA ARG V 133 -14.34 71.92 82.31
C ARG V 133 -13.07 71.63 81.51
N LEU V 134 -13.23 71.15 80.27
CA LEU V 134 -12.06 70.89 79.44
C LEU V 134 -11.32 72.19 79.12
N LYS V 135 -12.06 73.26 78.83
CA LYS V 135 -11.44 74.55 78.58
C LYS V 135 -10.70 75.07 79.81
N GLU V 136 -11.31 74.90 80.99
CA GLU V 136 -10.64 75.31 82.23
C GLU V 136 -9.36 74.53 82.45
N GLN V 137 -9.39 73.21 82.20
CA GLN V 137 -8.19 72.40 82.35
C GLN V 137 -7.11 72.83 81.38
N LEU V 138 -7.48 73.09 80.13
CA LEU V 138 -6.49 73.52 79.14
C LEU V 138 -5.90 74.88 79.48
N LEU V 139 -6.71 75.78 80.01
CA LEU V 139 -6.20 77.11 80.36
C LEU V 139 -5.39 77.08 81.64
N SER V 140 -5.66 76.13 82.53
CA SER V 140 -4.88 76.02 83.76
C SER V 140 -3.58 75.26 83.55
N SER V 141 -3.52 74.37 82.56
CA SER V 141 -2.29 73.63 82.28
C SER V 141 -1.33 74.47 81.44
N GLN V 142 -1.03 75.69 81.89
CA GLN V 142 -0.10 76.55 81.17
C GLN V 142 0.82 77.27 82.14
N GLY V 143 0.57 78.56 82.38
CA GLY V 143 1.40 79.35 83.28
C GLY V 143 0.74 80.62 83.75
N GLU V 144 1.48 81.73 83.72
CA GLU V 144 0.92 83.01 84.15
C GLU V 144 -0.14 83.50 83.17
N ALA V 145 0.20 83.55 81.88
CA ALA V 145 -0.80 83.88 80.87
C ALA V 145 -1.93 82.87 80.85
N GLY V 146 -1.62 81.60 81.13
CA GLY V 146 -2.67 80.60 81.24
C GLY V 146 -3.62 80.88 82.38
N TRP V 147 -3.08 81.27 83.55
CA TRP V 147 -3.93 81.64 84.67
C TRP V 147 -4.75 82.87 84.34
N ASN V 148 -4.17 83.84 83.63
CA ASN V 148 -4.90 85.05 83.27
C ASN V 148 -6.07 84.73 82.34
N GLN V 149 -5.81 83.92 81.30
CA GLN V 149 -6.89 83.56 80.39
C GLN V 149 -7.92 82.66 81.05
N LEU V 150 -7.51 81.84 82.02
CA LEU V 150 -8.47 81.04 82.77
C LEU V 150 -9.38 81.93 83.62
N PHE V 151 -8.80 82.94 84.27
CA PHE V 151 -9.61 83.88 85.03
C PHE V 151 -10.55 84.65 84.12
N ASP V 152 -10.08 85.03 82.93
CA ASP V 152 -10.94 85.72 81.98
C ASP V 152 -12.10 84.84 81.53
N LEU V 153 -11.82 83.57 81.25
CA LEU V 153 -12.88 82.64 80.85
C LEU V 153 -13.88 82.42 81.98
N ILE V 154 -13.38 82.34 83.22
CA ILE V 154 -14.26 82.17 84.38
C ILE V 154 -15.17 83.39 84.53
N GLN V 155 -14.60 84.59 84.37
CA GLN V 155 -15.41 85.80 84.46
C GLN V 155 -16.45 85.86 83.34
N ALA V 156 -16.07 85.44 82.13
CA ALA V 156 -17.01 85.43 81.02
C ALA V 156 -18.15 84.44 81.28
N GLU V 157 -17.82 83.26 81.79
CA GLU V 157 -18.84 82.27 82.10
C GLU V 157 -19.77 82.75 83.21
N LEU V 158 -19.20 83.43 84.22
CA LEU V 158 -20.03 83.97 85.30
C LEU V 158 -20.95 85.07 84.80
N PHE V 159 -20.46 85.91 83.88
CA PHE V 159 -21.31 86.96 83.31
C PHE V 159 -22.38 86.36 82.41
N ALA V 160 -22.08 85.26 81.73
CA ALA V 160 -23.08 84.62 80.87
C ALA V 160 -24.15 83.92 81.69
N ARG V 161 -23.75 83.24 82.77
CA ARG V 161 -24.70 82.56 83.64
C ARG V 161 -24.31 82.75 85.10
N PRO V 162 -25.09 83.51 85.88
CA PRO V 162 -24.72 83.73 87.28
C PRO V 162 -24.96 82.51 88.15
N ASN V 163 -26.03 81.75 87.92
CA ASN V 163 -26.34 80.57 88.71
C ASN V 163 -25.46 79.41 88.23
N ASP V 164 -24.22 79.40 88.70
CA ASP V 164 -23.23 78.40 88.32
C ASP V 164 -22.38 78.07 89.54
N VAL V 165 -22.74 77.00 90.23
CA VAL V 165 -22.00 76.61 91.45
C VAL V 165 -20.57 76.20 91.10
N TYR V 166 -20.39 75.49 90.00
CA TYR V 166 -19.05 75.07 89.60
C TYR V 166 -18.18 76.27 89.24
N VAL V 167 -18.75 77.24 88.51
CA VAL V 167 -17.99 78.44 88.16
C VAL V 167 -17.65 79.25 89.40
N ASN V 168 -18.60 79.33 90.35
CA ASN V 168 -18.32 80.04 91.60
C ASN V 168 -17.20 79.36 92.39
N LEU V 169 -17.23 78.03 92.46
CA LEU V 169 -16.18 77.30 93.16
C LEU V 169 -14.82 77.47 92.49
N LYS V 170 -14.81 77.44 91.15
CA LYS V 170 -13.55 77.64 90.43
C LYS V 170 -13.00 79.05 90.65
N LEU V 171 -13.88 80.05 90.65
CA LEU V 171 -13.44 81.42 90.91
C LEU V 171 -12.91 81.57 92.34
N VAL V 172 -13.58 80.93 93.30
CA VAL V 172 -13.11 80.98 94.69
C VAL V 172 -11.75 80.33 94.82
N ASP V 173 -11.56 79.18 94.16
CA ASP V 173 -10.27 78.50 94.20
C ASP V 173 -9.18 79.34 93.56
N LEU V 174 -9.49 79.99 92.43
CA LEU V 174 -8.50 80.83 91.76
C LEU V 174 -8.15 82.03 92.64
N PHE V 175 -9.13 82.61 93.32
CA PHE V 175 -8.85 83.73 94.22
C PHE V 175 -8.00 83.29 95.40
N LEU V 176 -8.29 82.11 95.96
CA LEU V 176 -7.49 81.60 97.06
C LEU V 176 -6.06 81.28 96.62
N SER V 177 -5.89 80.85 95.37
CA SER V 177 -4.55 80.56 94.86
C SER V 177 -3.77 81.85 94.59
N ASN V 178 -4.44 82.86 94.05
CA ASN V 178 -3.80 84.14 93.75
C ASN V 178 -3.84 85.12 94.92
N GLN V 179 -4.26 84.66 96.10
CA GLN V 179 -4.28 85.48 97.31
C GLN V 179 -5.22 86.68 97.16
N ARG V 180 -6.32 86.50 96.44
CA ARG V 180 -7.32 87.55 96.27
C ARG V 180 -8.46 87.35 97.27
N LEU V 181 -8.10 87.46 98.55
CA LEU V 181 -9.09 87.25 99.62
C LEU V 181 -10.17 88.32 99.60
N GLU V 182 -9.79 89.57 99.28
CA GLU V 182 -10.78 90.64 99.21
C GLU V 182 -11.77 90.39 98.08
N GLU V 183 -11.27 89.96 96.91
CA GLU V 183 -12.16 89.66 95.79
C GLU V 183 -13.04 88.47 96.12
N ALA V 184 -12.50 87.46 96.81
CA ALA V 184 -13.31 86.31 97.19
C ALA V 184 -14.42 86.72 98.15
N VAL V 185 -14.10 87.57 99.12
CA VAL V 185 -15.11 88.04 100.08
C VAL V 185 -16.17 88.87 99.35
N LEU V 186 -15.75 89.71 98.41
CA LEU V 186 -16.71 90.52 97.66
C LEU V 186 -17.62 89.65 96.80
N HIS V 187 -17.08 88.58 96.23
CA HIS V 187 -17.91 87.67 95.44
C HIS V 187 -18.84 86.85 96.33
N CYS V 188 -18.41 86.56 97.57
CA CYS V 188 -19.24 85.77 98.48
C CYS V 188 -20.36 86.58 99.10
N LEU V 189 -20.13 87.86 99.37
CA LEU V 189 -21.15 88.70 100.01
C LEU V 189 -22.24 89.16 99.05
N LYS V 190 -22.26 88.64 97.82
CA LYS V 190 -23.29 89.03 96.87
C LYS V 190 -24.66 88.52 97.33
N PRO V 191 -25.72 89.31 97.15
CA PRO V 191 -27.05 88.88 97.60
C PRO V 191 -27.73 87.88 96.67
N GLU V 192 -27.07 87.44 95.60
CA GLU V 192 -27.65 86.49 94.66
C GLU V 192 -27.37 85.04 95.02
N ARG V 193 -26.67 84.80 96.13
CA ARG V 193 -26.35 83.44 96.54
C ARG V 193 -27.50 82.75 97.29
N ARG V 194 -28.67 83.39 97.37
CA ARG V 194 -29.79 82.77 98.07
C ARG V 194 -30.27 81.52 97.36
N ALA V 195 -30.10 81.45 96.04
CA ALA V 195 -30.45 80.26 95.27
C ALA V 195 -29.28 79.31 95.08
N LEU V 196 -28.07 79.73 95.42
CA LEU V 196 -26.89 78.87 95.26
C LEU V 196 -26.43 78.24 96.57
N ARG V 197 -26.85 78.78 97.71
CA ARG V 197 -26.48 78.23 99.00
C ARG V 197 -27.26 76.97 99.37
N THR V 198 -27.95 76.35 98.41
CA THR V 198 -28.67 75.11 98.67
C THR V 198 -27.76 73.89 98.74
N ASP V 199 -26.52 74.00 98.29
CA ASP V 199 -25.56 72.92 98.32
C ASP V 199 -24.62 73.07 99.50
N ILE V 200 -24.13 71.94 100.00
CA ILE V 200 -23.26 71.95 101.17
C ILE V 200 -21.84 72.36 100.79
N GLU V 201 -21.38 72.00 99.58
CA GLU V 201 -20.02 72.28 99.18
C GLU V 201 -19.77 73.78 99.05
N TRP V 202 -20.71 74.50 98.42
CA TRP V 202 -20.54 75.94 98.26
C TRP V 202 -20.53 76.66 99.60
N CYS V 203 -21.42 76.26 100.51
CA CYS V 203 -21.46 76.88 101.82
C CYS V 203 -20.21 76.58 102.62
N SER V 204 -19.69 75.36 102.51
CA SER V 204 -18.45 75.01 103.21
C SER V 204 -17.27 75.80 102.64
N CYS V 205 -17.23 75.98 101.32
CA CYS V 205 -16.17 76.78 100.71
C CYS V 205 -16.27 78.23 101.16
N VAL V 206 -17.49 78.77 101.25
CA VAL V 206 -17.67 80.14 101.73
C VAL V 206 -17.21 80.26 103.17
N VAL V 207 -17.54 79.28 104.00
CA VAL V 207 -17.11 79.30 105.40
C VAL V 207 -15.58 79.26 105.49
N ARG V 208 -14.95 78.41 104.69
CA ARG V 208 -13.49 78.33 104.71
C ARG V 208 -12.85 79.63 104.24
N VAL V 209 -13.42 80.25 103.20
CA VAL V 209 -12.89 81.52 102.70
C VAL V 209 -13.02 82.60 103.76
N PHE V 210 -14.16 82.67 104.44
CA PHE V 210 -14.35 83.67 105.48
C PHE V 210 -13.41 83.44 106.65
N LYS V 211 -13.20 82.16 107.03
CA LYS V 211 -12.27 81.86 108.11
C LYS V 211 -10.84 82.24 107.73
N GLU V 212 -10.44 81.98 106.49
CA GLU V 212 -9.11 82.37 106.04
C GLU V 212 -8.95 83.89 106.03
N TYR V 213 -9.99 84.60 105.59
CA TYR V 213 -9.93 86.06 105.59
C TYR V 213 -9.83 86.60 107.01
N LEU V 214 -10.58 86.02 107.94
CA LEU V 214 -10.50 86.46 109.33
C LEU V 214 -9.13 86.18 109.92
N ALA V 215 -8.57 85.01 109.64
CA ALA V 215 -7.24 84.68 110.15
C ALA V 215 -6.16 85.55 109.53
N SER V 216 -6.38 86.02 108.29
CA SER V 216 -5.40 86.89 107.66
C SER V 216 -5.52 88.33 108.16
N LYS V 217 -6.73 88.80 108.44
CA LYS V 217 -6.95 90.16 108.90
C LYS V 217 -6.92 90.28 110.42
N GLN V 218 -6.70 89.19 111.15
CA GLN V 218 -6.59 89.18 112.61
C GLN V 218 -7.91 89.66 113.18
N GLY V 219 -7.95 90.74 113.96
CA GLY V 219 -9.17 91.21 114.56
C GLY V 219 -9.98 92.10 113.64
N GLN V 220 -10.95 92.78 114.23
CA GLN V 220 -11.83 93.67 113.49
C GLN V 220 -11.26 95.08 113.45
N LYS V 221 -11.91 95.94 112.66
CA LYS V 221 -11.47 97.32 112.53
C LYS V 221 -12.61 98.22 112.07
N ASN V 222 -13.45 97.71 111.17
CA ASN V 222 -14.57 98.48 110.63
C ASN V 222 -15.80 97.59 110.58
N THR V 223 -16.87 98.11 109.97
CA THR V 223 -18.11 97.34 109.85
C THR V 223 -18.00 96.23 108.82
N ASN V 224 -16.98 96.27 107.96
CA ASN V 224 -16.77 95.19 107.01
C ASN V 224 -16.49 93.87 107.71
N MET V 225 -15.70 93.92 108.78
CA MET V 225 -15.42 92.71 109.54
C MET V 225 -16.68 92.17 110.22
N ARG V 226 -17.53 93.06 110.73
CA ARG V 226 -18.78 92.62 111.33
C ARG V 226 -19.70 91.98 110.31
N MET V 227 -19.80 92.59 109.12
CA MET V 227 -20.62 92.01 108.05
C MET V 227 -20.06 90.66 107.62
N ILE V 228 -18.73 90.53 107.55
CA ILE V 228 -18.12 89.26 107.17
C ILE V 228 -18.40 88.19 108.22
N THR V 229 -18.33 88.55 109.50
CA THR V 229 -18.62 87.59 110.55
C THR V 229 -20.09 87.18 110.52
N LYS V 230 -20.99 88.12 110.23
CA LYS V 230 -22.40 87.78 110.13
C LYS V 230 -22.66 86.83 108.97
N GLU V 231 -22.04 87.11 107.81
CA GLU V 231 -22.20 86.22 106.66
C GLU V 231 -21.60 84.84 106.93
N LEU V 232 -20.48 84.80 107.67
CA LEU V 232 -19.88 83.53 108.02
C LEU V 232 -20.78 82.74 108.97
N LEU V 233 -21.40 83.43 109.92
CA LEU V 233 -22.35 82.76 110.82
C LEU V 233 -23.55 82.21 110.05
N LEU V 234 -24.06 82.98 109.09
CA LEU V 234 -25.17 82.50 108.27
C LEU V 234 -24.76 81.28 107.45
N ALA V 235 -23.57 81.33 106.84
CA ALA V 235 -23.10 80.20 106.04
C ALA V 235 -22.86 78.97 106.91
N GLN V 236 -22.37 79.16 108.13
CA GLN V 236 -22.17 78.03 109.03
C GLN V 236 -23.49 77.43 109.48
N CYS V 237 -24.49 78.28 109.75
CA CYS V 237 -25.82 77.76 110.07
C CYS V 237 -26.40 76.97 108.91
N ASP V 238 -26.21 77.46 107.69
CA ASP V 238 -26.66 76.72 106.51
C ASP V 238 -25.91 75.39 106.38
N VAL V 239 -24.61 75.39 106.69
CA VAL V 239 -23.82 74.17 106.62
C VAL V 239 -24.36 73.14 107.62
N VAL V 240 -24.64 73.58 108.84
CA VAL V 240 -25.14 72.66 109.86
C VAL V 240 -26.53 72.15 109.47
N PHE V 241 -27.37 73.02 108.91
CA PHE V 241 -28.69 72.59 108.48
C PHE V 241 -28.60 71.55 107.37
N LEU V 242 -27.69 71.76 106.41
CA LEU V 242 -27.56 70.80 105.31
C LEU V 242 -26.96 69.49 105.80
N THR V 243 -26.02 69.54 106.74
CA THR V 243 -25.47 68.31 107.29
C THR V 243 -26.51 67.55 108.11
N LEU V 244 -27.42 68.26 108.78
CA LEU V 244 -28.50 67.58 109.48
C LEU V 244 -29.51 66.98 108.49
N SER V 245 -29.76 67.68 107.37
CA SER V 245 -30.62 67.12 106.34
C SER V 245 -30.02 65.86 105.72
N LYS V 246 -28.69 65.86 105.53
CA LYS V 246 -28.00 64.68 105.03
C LYS V 246 -27.94 63.61 106.12
N LYS V 247 -27.39 62.45 105.76
CA LYS V 247 -27.28 61.30 106.66
C LYS V 247 -25.80 61.07 106.96
N ASP V 248 -25.28 61.81 107.94
CA ASP V 248 -23.88 61.66 108.35
C ASP V 248 -23.75 62.24 109.76
N VAL V 249 -23.72 61.36 110.77
CA VAL V 249 -23.64 61.81 112.16
C VAL V 249 -22.29 62.47 112.43
N GLN V 250 -21.22 61.94 111.83
CA GLN V 250 -19.90 62.54 112.03
C GLN V 250 -19.83 63.94 111.42
N LYS V 251 -20.35 64.09 110.21
CA LYS V 251 -20.38 65.42 109.58
C LYS V 251 -21.27 66.38 110.35
N SER V 252 -22.38 65.88 110.90
CA SER V 252 -23.26 66.73 111.69
C SER V 252 -22.57 67.20 112.95
N LYS V 253 -21.85 66.30 113.63
CA LYS V 253 -21.12 66.69 114.84
C LYS V 253 -20.00 67.66 114.52
N GLU V 254 -19.31 67.46 113.40
CA GLU V 254 -18.25 68.39 113.00
C GLU V 254 -18.83 69.77 112.71
N ALA V 255 -19.97 69.82 112.01
CA ALA V 255 -20.60 71.11 111.73
C ALA V 255 -21.09 71.77 113.01
N LEU V 256 -21.59 70.98 113.96
CA LEU V 256 -22.02 71.54 115.24
C LEU V 256 -20.85 72.12 116.01
N GLU V 257 -19.72 71.43 116.04
CA GLU V 257 -18.53 71.96 116.69
C GLU V 257 -18.02 73.21 116.00
N ARG V 258 -18.08 73.24 114.67
CA ARG V 258 -17.68 74.42 113.91
C ARG V 258 -18.55 75.61 114.26
N PHE V 259 -19.87 75.41 114.29
CA PHE V 259 -20.79 76.47 114.68
C PHE V 259 -20.55 76.91 116.11
N ASP V 260 -20.19 75.97 117.00
CA ASP V 260 -19.92 76.33 118.39
C ASP V 260 -18.71 77.23 118.50
N GLN V 261 -17.61 76.87 117.83
CA GLN V 261 -16.42 77.71 117.91
C GLN V 261 -16.63 79.04 117.20
N ALA V 262 -17.46 79.05 116.14
CA ALA V 262 -17.77 80.31 115.48
C ALA V 262 -18.58 81.22 116.39
N LEU V 263 -19.56 80.66 117.10
CA LEU V 263 -20.33 81.45 118.06
C LEU V 263 -19.45 81.96 119.19
N LEU V 264 -18.49 81.14 119.64
CA LEU V 264 -17.57 81.59 120.68
C LEU V 264 -16.71 82.75 120.19
N SER V 265 -16.16 82.63 118.99
CA SER V 265 -15.34 83.70 118.43
C SER V 265 -16.15 84.97 118.18
N VAL V 266 -17.43 84.82 117.85
CA VAL V 266 -18.28 85.99 117.62
C VAL V 266 -18.63 86.67 118.94
N LYS V 267 -18.92 85.87 119.98
CA LYS V 267 -19.21 86.45 121.29
C LYS V 267 -17.98 87.11 121.89
N GLN V 268 -16.79 86.59 121.58
CA GLN V 268 -15.56 87.21 122.08
C GLN V 268 -15.41 88.64 121.58
N SER V 269 -15.87 88.92 120.36
CA SER V 269 -15.86 90.28 119.84
C SER V 269 -17.09 91.07 120.23
N VAL V 270 -18.22 90.40 120.45
CA VAL V 270 -19.43 91.08 120.88
C VAL V 270 -19.23 91.67 122.28
N SER V 271 -18.59 90.91 123.17
CA SER V 271 -18.33 91.40 124.52
C SER V 271 -17.32 92.53 124.56
N GLY V 272 -16.68 92.85 123.44
CA GLY V 272 -15.71 93.92 123.34
C GLY V 272 -16.37 95.19 122.88
N THR V 273 -16.36 95.46 121.57
CA THR V 273 -16.95 96.66 120.99
C THR V 273 -18.00 96.26 119.96
N ASP V 274 -18.44 97.25 119.18
CA ASP V 274 -19.44 97.06 118.13
C ASP V 274 -20.73 96.46 118.69
N ALA V 275 -21.59 97.30 119.26
CA ALA V 275 -22.85 96.87 119.86
C ALA V 275 -23.98 97.39 118.99
N SER V 276 -24.39 96.58 118.01
CA SER V 276 -25.49 96.95 117.12
C SER V 276 -26.30 95.72 116.74
N ASP V 277 -26.36 95.41 115.43
CA ASP V 277 -27.05 94.22 114.97
C ASP V 277 -26.26 92.95 115.24
N LEU V 278 -25.00 93.06 115.66
CA LEU V 278 -24.19 91.87 115.90
C LEU V 278 -24.73 91.07 117.08
N SER V 279 -25.25 91.76 118.10
CA SER V 279 -25.84 91.06 119.25
C SER V 279 -27.08 90.27 118.84
N VAL V 280 -27.95 90.89 118.03
CA VAL V 280 -29.14 90.19 117.55
C VAL V 280 -28.74 89.01 116.68
N THR V 281 -27.74 89.18 115.81
CA THR V 281 -27.27 88.09 114.99
C THR V 281 -26.73 86.95 115.84
N PHE V 282 -25.97 87.27 116.88
CA PHE V 282 -25.45 86.24 117.78
C PHE V 282 -26.58 85.53 118.50
N TYR V 283 -27.64 86.27 118.88
CA TYR V 283 -28.77 85.64 119.55
C TYR V 283 -29.48 84.66 118.62
N GLU V 284 -29.75 85.08 117.39
CA GLU V 284 -30.41 84.18 116.43
C GLU V 284 -29.52 82.98 116.11
N MET V 285 -28.21 83.19 116.03
CA MET V 285 -27.31 82.08 115.73
C MET V 285 -27.22 81.10 116.91
N ARG V 286 -27.28 81.61 118.14
CA ARG V 286 -27.30 80.72 119.30
C ARG V 286 -28.61 79.92 119.34
N GLY V 287 -29.73 80.57 119.01
CA GLY V 287 -30.98 79.83 118.91
C GLY V 287 -30.93 78.74 117.85
N HIS V 288 -30.38 79.08 116.67
CA HIS V 288 -30.24 78.08 115.62
C HIS V 288 -29.29 76.97 116.02
N TYR V 289 -28.25 77.29 116.79
CA TYR V 289 -27.33 76.26 117.26
C TYR V 289 -28.01 75.32 118.25
N TYR V 290 -28.84 75.87 119.14
CA TYR V 290 -29.62 75.02 120.03
C TYR V 290 -30.57 74.12 119.25
N MET V 291 -31.24 74.69 118.24
CA MET V 291 -32.12 73.89 117.39
C MET V 291 -31.36 72.78 116.69
N HIS V 292 -30.17 73.08 116.18
CA HIS V 292 -29.37 72.08 115.48
C HIS V 292 -28.87 71.01 116.43
N ALA V 293 -28.53 71.39 117.67
CA ALA V 293 -28.13 70.40 118.66
C ALA V 293 -29.28 69.46 119.00
N GLY V 294 -30.49 70.01 119.17
CA GLY V 294 -31.65 69.15 119.38
C GLY V 294 -31.93 68.25 118.21
N THR V 295 -31.78 68.77 116.99
CA THR V 295 -31.99 67.95 115.79
C THR V 295 -30.96 66.83 115.70
N LEU V 296 -29.71 67.12 116.06
CA LEU V 296 -28.68 66.08 116.04
C LEU V 296 -28.93 65.04 117.11
N LEU V 297 -29.42 65.47 118.28
CA LEU V 297 -29.78 64.51 119.33
C LEU V 297 -30.90 63.59 118.85
N LEU V 298 -31.93 64.16 118.22
CA LEU V 298 -33.01 63.33 117.69
C LEU V 298 -32.51 62.40 116.59
N LYS V 299 -31.59 62.88 115.76
CA LYS V 299 -31.05 62.04 114.68
C LYS V 299 -30.26 60.88 115.24
N MET V 300 -29.43 61.12 116.26
CA MET V 300 -28.67 60.01 116.84
C MET V 300 -29.58 59.07 117.64
N ALA V 301 -30.67 59.59 118.22
CA ALA V 301 -31.64 58.71 118.87
C ALA V 301 -32.33 57.82 117.84
N GLN V 302 -32.64 58.36 116.67
CA GLN V 302 -33.21 57.53 115.61
C GLN V 302 -32.21 56.52 115.08
N SER V 303 -30.95 56.92 114.95
CA SER V 303 -29.89 56.01 114.53
C SER V 303 -29.48 55.05 115.63
N CYS V 304 -30.05 55.18 116.83
CA CYS V 304 -29.87 54.23 117.93
C CYS V 304 -28.44 54.24 118.47
N GLU V 305 -28.07 55.33 119.13
CA GLU V 305 -26.82 55.43 119.88
C GLU V 305 -27.04 55.59 121.37
N VAL V 306 -27.97 56.46 121.77
CA VAL V 306 -28.39 56.61 123.15
C VAL V 306 -29.91 56.46 123.20
N GLN V 307 -30.41 55.76 124.21
CA GLN V 307 -31.84 55.49 124.31
C GLN V 307 -32.63 56.79 124.44
N TRP V 308 -33.89 56.73 124.01
CA TRP V 308 -34.75 57.92 124.05
C TRP V 308 -35.09 58.33 125.48
N LYS V 309 -35.05 57.41 126.44
CA LYS V 309 -35.37 57.75 127.82
C LYS V 309 -34.36 58.70 128.43
N ALA V 310 -33.16 58.82 127.84
CA ALA V 310 -32.15 59.76 128.31
C ALA V 310 -31.94 60.93 127.36
N LEU V 311 -32.71 60.99 126.27
CA LEU V 311 -32.60 62.07 125.29
C LEU V 311 -33.87 62.87 125.11
N ILE V 312 -35.02 62.39 125.61
CA ILE V 312 -36.26 63.14 125.50
C ILE V 312 -36.28 64.39 126.36
N GLU V 313 -35.33 64.53 127.27
CA GLU V 313 -35.27 65.69 128.15
C GLU V 313 -34.20 66.69 127.71
N PRO V 314 -32.98 66.25 127.33
CA PRO V 314 -32.01 67.23 126.80
C PRO V 314 -32.49 67.93 125.54
N ALA V 315 -33.11 67.18 124.62
CA ALA V 315 -33.64 67.82 123.41
C ALA V 315 -34.76 68.80 123.74
N ALA V 316 -35.62 68.44 124.70
CA ALA V 316 -36.69 69.35 125.11
C ALA V 316 -36.10 70.62 125.73
N LEU V 317 -35.05 70.48 126.53
CA LEU V 317 -34.40 71.65 127.12
C LEU V 317 -33.76 72.51 126.04
N CYS V 318 -33.13 71.90 125.05
CA CYS V 318 -32.55 72.66 123.95
C CYS V 318 -33.61 73.43 123.18
N TYR V 319 -34.75 72.78 122.89
CA TYR V 319 -35.83 73.46 122.19
C TYR V 319 -36.41 74.59 123.03
N LEU V 320 -36.54 74.37 124.34
CA LEU V 320 -37.05 75.41 125.22
C LEU V 320 -36.11 76.60 125.27
N LEU V 321 -34.80 76.35 125.31
CA LEU V 321 -33.83 77.44 125.30
C LEU V 321 -33.87 78.20 123.99
N ALA V 322 -33.96 77.48 122.86
CA ALA V 322 -34.04 78.14 121.57
C ALA V 322 -35.33 78.96 121.43
N TYR V 323 -36.41 78.53 122.08
CA TYR V 323 -37.66 79.28 122.03
C TYR V 323 -37.62 80.50 122.96
N GLN V 324 -36.98 80.37 124.11
CA GLN V 324 -36.93 81.44 125.10
C GLN V 324 -35.67 82.29 125.01
N VAL V 325 -34.89 82.14 123.94
CA VAL V 325 -33.73 83.00 123.69
C VAL V 325 -34.21 84.44 123.65
N PRO V 326 -33.40 85.42 124.08
CA PRO V 326 -33.82 86.83 124.01
C PRO V 326 -34.33 87.21 122.64
N LYS V 327 -35.43 87.96 122.62
CA LYS V 327 -36.07 88.35 121.38
C LYS V 327 -35.22 89.37 120.64
N PRO V 328 -35.34 89.44 119.30
CA PRO V 328 -34.58 90.43 118.54
C PRO V 328 -35.04 91.84 118.85
N LYS V 329 -34.08 92.75 118.95
CA LYS V 329 -34.34 94.15 119.24
C LYS V 329 -34.24 94.98 117.96
N SER V 330 -34.83 96.17 118.02
CA SER V 330 -34.83 97.08 116.87
C SER V 330 -33.50 97.82 116.82
N LYS V 331 -32.71 97.55 115.78
CA LYS V 331 -31.40 98.17 115.57
C LYS V 331 -31.35 98.75 114.17
N PRO V 332 -31.92 99.94 113.95
CA PRO V 332 -31.90 100.56 112.63
C PRO V 332 -30.63 101.33 112.31
N VAL V 333 -29.57 101.16 113.08
CA VAL V 333 -28.32 101.89 112.86
C VAL V 333 -27.59 101.27 111.67
N LYS V 334 -26.62 102.01 111.12
CA LYS V 334 -25.79 101.60 109.99
C LYS V 334 -26.60 101.32 108.72
N GLY V 335 -27.87 101.69 108.70
CA GLY V 335 -28.71 101.46 107.53
C GLY V 335 -28.87 100.00 107.18
N ASP V 336 -29.50 99.23 108.06
CA ASP V 336 -29.71 97.80 107.88
C ASP V 336 -31.14 97.41 108.23
N ASP V 337 -32.11 98.09 107.60
CA ASP V 337 -33.51 97.76 107.84
C ASP V 337 -33.85 96.38 107.29
N ASN V 338 -33.37 96.07 106.07
CA ASN V 338 -33.59 94.74 105.51
C ASN V 338 -32.90 93.67 106.35
N GLY V 339 -31.71 93.98 106.87
CA GLY V 339 -31.03 93.03 107.74
C GLY V 339 -31.78 92.78 109.03
N GLN V 340 -32.33 93.85 109.63
CA GLN V 340 -33.13 93.69 110.84
C GLN V 340 -34.39 92.88 110.56
N GLY V 341 -35.03 93.12 109.42
CA GLY V 341 -36.20 92.34 109.05
C GLY V 341 -35.87 90.87 108.85
N PHE V 342 -34.74 90.59 108.18
CA PHE V 342 -34.33 89.20 107.99
C PHE V 342 -34.01 88.53 109.31
N LEU V 343 -33.37 89.26 110.23
CA LEU V 343 -33.07 88.69 111.54
C LEU V 343 -34.35 88.41 112.32
N GLU V 344 -35.33 89.31 112.25
CA GLU V 344 -36.60 89.08 112.92
C GLU V 344 -37.32 87.87 112.33
N GLU V 345 -37.29 87.73 111.00
CA GLU V 345 -37.91 86.58 110.36
C GLU V 345 -37.23 85.28 110.76
N LEU V 346 -35.89 85.29 110.83
CA LEU V 346 -35.16 84.10 111.25
C LEU V 346 -35.48 83.76 112.71
N ALA V 347 -35.58 84.78 113.57
CA ALA V 347 -35.94 84.53 114.97
C ALA V 347 -37.34 83.94 115.08
N PHE V 348 -38.29 84.46 114.30
CA PHE V 348 -39.64 83.92 114.32
C PHE V 348 -39.66 82.48 113.82
N ASP V 349 -38.89 82.18 112.78
CA ASP V 349 -38.81 80.82 112.27
C ASP V 349 -38.22 79.87 113.30
N ARG V 350 -37.17 80.31 113.99
CA ARG V 350 -36.55 79.49 115.03
C ARG V 350 -37.52 79.25 116.18
N GLN V 351 -38.27 80.30 116.57
CA GLN V 351 -39.27 80.14 117.62
C GLN V 351 -40.33 79.15 117.23
N SER V 352 -40.83 79.24 115.99
CA SER V 352 -41.85 78.32 115.51
C SER V 352 -41.33 76.88 115.49
N LYS V 353 -40.10 76.69 114.99
CA LYS V 353 -39.53 75.34 114.94
C LYS V 353 -39.35 74.77 116.34
N SER V 354 -38.85 75.59 117.27
CA SER V 354 -38.67 75.11 118.64
C SER V 354 -40.00 74.75 119.27
N GLY V 355 -41.04 75.58 119.07
CA GLY V 355 -42.34 75.26 119.61
C GLY V 355 -42.92 73.98 119.03
N HIS V 356 -42.78 73.80 117.72
CA HIS V 356 -43.30 72.59 117.08
C HIS V 356 -42.57 71.35 117.59
N LEU V 357 -41.24 71.43 117.71
CA LEU V 357 -40.49 70.27 118.19
C LEU V 357 -40.80 69.98 119.65
N LEU V 358 -40.99 71.01 120.47
CA LEU V 358 -41.37 70.79 121.86
C LEU V 358 -42.76 70.16 121.97
N LEU V 359 -43.69 70.60 121.12
CA LEU V 359 -45.03 70.00 121.12
C LEU V 359 -44.98 68.55 120.68
N THR V 360 -44.15 68.22 119.69
CA THR V 360 -44.00 66.83 119.28
C THR V 360 -43.35 65.98 120.36
N LEU V 361 -42.37 66.55 121.08
CA LEU V 361 -41.75 65.81 122.18
C LEU V 361 -42.74 65.59 123.32
N SER V 362 -43.61 66.56 123.57
CA SER V 362 -44.63 66.41 124.61
C SER V 362 -45.82 65.57 124.15
N HIS V 363 -45.93 65.30 122.85
CA HIS V 363 -47.00 64.46 122.27
C HIS V 363 -48.34 65.16 122.55
N GLY V 364 -49.41 64.40 122.82
CA GLY V 364 -50.71 65.02 123.06
C GLY V 364 -50.77 65.80 124.36
N LYS V 365 -50.02 65.37 125.37
CA LYS V 365 -50.02 66.05 126.65
C LYS V 365 -49.20 67.34 126.56
N GLN V 366 -49.50 68.27 127.46
CA GLN V 366 -48.81 69.55 127.51
C GLN V 366 -48.08 69.79 128.83
N ASN V 367 -48.12 68.84 129.76
CA ASN V 367 -47.43 68.99 131.04
C ASN V 367 -45.93 68.74 130.92
N PHE V 368 -45.48 68.11 129.84
CA PHE V 368 -44.05 67.85 129.67
C PHE V 368 -43.25 69.14 129.54
N ILE V 369 -43.83 70.16 128.90
CA ILE V 369 -43.13 71.44 128.78
C ILE V 369 -42.92 72.06 130.16
N SER V 370 -43.96 72.07 130.99
CA SER V 370 -43.82 72.62 132.33
C SER V 370 -42.87 71.78 133.18
N GLU V 371 -42.87 70.46 132.98
CA GLU V 371 -41.95 69.60 133.72
C GLU V 371 -40.50 69.91 133.34
N ILE V 372 -40.23 70.08 132.06
CA ILE V 372 -38.88 70.42 131.61
C ILE V 372 -38.49 71.80 132.12
N ILE V 373 -39.44 72.73 132.15
CA ILE V 373 -39.15 74.08 132.63
C ILE V 373 -38.79 74.05 134.12
N GLU V 374 -39.55 73.31 134.92
CA GLU V 374 -39.37 73.32 136.36
C GLU V 374 -38.30 72.35 136.85
N THR V 375 -37.86 71.40 136.03
CA THR V 375 -36.91 70.39 136.46
C THR V 375 -35.62 70.43 135.63
N PHE V 376 -35.66 70.03 134.36
CA PHE V 376 -34.44 69.89 133.58
C PHE V 376 -33.80 71.21 133.20
N ALA V 377 -34.50 72.33 133.37
CA ALA V 377 -33.96 73.65 133.03
C ALA V 377 -33.14 74.16 134.20
N ASN V 378 -31.90 73.69 134.28
CA ASN V 378 -30.99 74.07 135.35
C ASN V 378 -29.56 73.77 134.93
N GLN V 379 -28.62 74.02 135.85
CA GLN V 379 -27.21 73.76 135.56
C GLN V 379 -26.95 72.27 135.37
N CYS V 380 -27.70 71.41 136.06
CA CYS V 380 -27.57 69.97 135.85
C CYS V 380 -27.96 69.59 134.43
N GLY V 381 -29.07 70.14 133.94
CA GLY V 381 -29.46 69.89 132.56
C GLY V 381 -28.47 70.45 131.56
N GLN V 382 -27.91 71.63 131.86
CA GLN V 382 -26.89 72.20 130.98
C GLN V 382 -25.66 71.31 130.91
N SER V 383 -25.21 70.78 132.06
CA SER V 383 -24.05 69.90 132.08
C SER V 383 -24.36 68.59 131.36
N ILE V 384 -25.58 68.07 131.52
CA ILE V 384 -25.97 66.85 130.81
C ILE V 384 -25.95 67.08 129.30
N LEU V 385 -26.47 68.22 128.85
CA LEU V 385 -26.43 68.55 127.43
C LEU V 385 -25.00 68.68 126.92
N LEU V 386 -24.13 69.34 127.71
CA LEU V 386 -22.74 69.48 127.30
C LEU V 386 -22.05 68.13 127.19
N LYS V 387 -22.30 67.24 128.15
CA LYS V 387 -21.70 65.91 128.11
C LYS V 387 -22.23 65.08 126.95
N PHE V 388 -23.51 65.24 126.63
CA PHE V 388 -24.07 64.48 125.51
C PHE V 388 -23.62 65.03 124.17
N LEU V 389 -23.29 66.32 124.11
CA LEU V 389 -22.89 66.94 122.84
C LEU V 389 -21.37 66.84 122.64
N PHE V 390 -20.60 67.59 123.43
CA PHE V 390 -19.17 67.68 123.25
C PHE V 390 -18.36 66.86 124.24
N GLU V 391 -19.03 66.22 125.22
CA GLU V 391 -18.40 65.39 126.24
C GLU V 391 -17.41 66.28 126.99
N ASP V 392 -16.09 65.99 126.96
CA ASP V 392 -15.10 66.79 127.65
C ASP V 392 -14.07 67.37 126.67
N ASN V 393 -14.48 67.57 125.41
CA ASN V 393 -13.56 68.11 124.41
C ASN V 393 -13.34 69.60 124.61
N LEU V 394 -14.42 70.35 124.75
CA LEU V 394 -14.35 71.80 124.93
C LEU V 394 -14.48 72.16 126.40
N SER V 395 -14.34 73.44 126.70
CA SER V 395 -14.41 73.96 128.05
C SER V 395 -15.73 74.67 128.29
N MET V 396 -15.97 75.01 129.57
CA MET V 396 -17.21 75.70 129.92
C MET V 396 -17.26 77.10 129.31
N GLN V 397 -16.14 77.83 129.36
CA GLN V 397 -16.09 79.16 128.77
C GLN V 397 -16.08 79.11 127.25
N ASP V 398 -15.70 77.98 126.65
CA ASP V 398 -15.68 77.87 125.20
C ASP V 398 -17.05 77.47 124.66
N SER V 399 -17.77 76.60 125.37
CA SER V 399 -19.08 76.16 124.94
C SER V 399 -20.16 77.06 125.52
N PHE V 400 -21.42 76.68 125.31
CA PHE V 400 -22.55 77.45 125.82
C PHE V 400 -23.46 76.65 126.75
N MET V 401 -23.23 75.35 126.92
CA MET V 401 -24.04 74.52 127.80
C MET V 401 -23.40 74.52 129.18
N GLY V 402 -23.74 75.53 129.98
CA GLY V 402 -23.19 75.65 131.32
C GLY V 402 -22.77 77.06 131.65
N SER V 403 -22.12 77.73 130.71
CA SER V 403 -21.66 79.10 130.87
C SER V 403 -22.11 79.93 129.67
N ASP V 404 -21.98 81.26 129.82
CA ASP V 404 -22.35 82.23 128.79
C ASP V 404 -23.84 82.18 128.48
N ASP V 405 -24.58 83.19 128.96
CA ASP V 405 -26.02 83.30 128.72
C ASP V 405 -26.77 82.09 129.27
N ILE V 406 -26.97 82.05 130.58
CA ILE V 406 -27.70 80.97 131.24
C ILE V 406 -28.86 81.58 132.02
N SER V 407 -29.87 80.75 132.26
CA SER V 407 -31.06 81.13 133.03
C SER V 407 -31.80 82.29 132.37
N TYR V 408 -32.68 81.97 131.41
CA TYR V 408 -33.46 83.01 130.75
C TYR V 408 -34.79 82.49 130.21
N VAL V 409 -35.33 81.41 130.77
CA VAL V 409 -36.56 80.81 130.28
C VAL V 409 -37.74 81.39 131.04
N GLU V 410 -38.73 81.88 130.32
CA GLU V 410 -39.95 82.42 130.92
C GLU V 410 -40.96 81.31 131.11
N ASN V 411 -41.72 81.39 132.21
CA ASN V 411 -42.73 80.39 132.52
C ASN V 411 -43.93 80.52 131.60
N ARG V 412 -43.87 79.91 130.42
CA ARG V 412 -44.96 79.96 129.47
C ARG V 412 -44.89 78.75 128.55
N VAL V 413 -46.04 78.32 128.06
CA VAL V 413 -46.16 77.17 127.17
C VAL V 413 -46.49 77.68 125.77
N PRO V 414 -45.75 77.27 124.74
CA PRO V 414 -46.07 77.73 123.38
C PRO V 414 -47.44 77.26 122.91
N ASP V 415 -48.40 78.17 122.83
CA ASP V 415 -49.74 77.82 122.41
C ASP V 415 -49.83 77.68 120.90
N LEU V 416 -50.93 77.09 120.44
CA LEU V 416 -51.14 76.90 119.00
C LEU V 416 -51.28 78.24 118.29
N SER V 417 -51.92 79.22 118.94
CA SER V 417 -52.06 80.54 118.33
C SER V 417 -50.70 81.22 118.19
N GLU V 418 -49.85 81.11 119.22
CA GLU V 418 -48.51 81.66 119.13
C GLU V 418 -47.70 80.94 118.05
N LEU V 419 -47.87 79.62 117.93
CA LEU V 419 -47.18 78.89 116.88
C LEU V 419 -47.62 79.35 115.49
N SER V 420 -48.93 79.60 115.32
CA SER V 420 -49.42 80.08 114.03
C SER V 420 -48.91 81.48 113.74
N GLN V 421 -48.89 82.35 114.74
CA GLN V 421 -48.37 83.71 114.55
C GLN V 421 -46.89 83.69 114.23
N HIS V 422 -46.14 82.74 114.77
CA HIS V 422 -44.73 82.61 114.44
C HIS V 422 -44.54 82.06 113.03
N ASP V 423 -45.36 81.07 112.65
CA ASP V 423 -45.27 80.52 111.30
C ASP V 423 -45.64 81.55 110.24
N ASN V 424 -46.53 82.49 110.59
CA ASN V 424 -46.91 83.53 109.64
C ASN V 424 -45.71 84.33 109.16
N GLY V 425 -44.71 84.51 110.02
CA GLY V 425 -43.48 85.18 109.63
C GLY V 425 -42.40 84.20 109.22
N SER V 426 -42.51 82.96 109.68
CA SER V 426 -41.54 81.94 109.32
C SER V 426 -41.65 81.55 107.85
N LEU V 427 -42.86 81.56 107.29
CA LEU V 427 -43.08 81.19 105.89
C LEU V 427 -42.65 82.27 104.91
N ARG V 428 -41.46 82.84 105.10
CA ARG V 428 -40.93 83.86 104.20
C ARG V 428 -39.46 83.65 103.84
N ILE V 429 -38.74 82.78 104.54
CA ILE V 429 -37.34 82.52 104.26
C ILE V 429 -37.23 81.63 103.04
N HIS V 430 -37.44 80.33 103.23
CA HIS V 430 -37.38 79.34 102.16
C HIS V 430 -38.74 78.71 101.93
N ASN V 431 -39.80 79.49 102.13
CA ASN V 431 -41.19 79.06 101.94
C ASN V 431 -41.47 77.89 102.89
N GLY V 432 -42.36 76.98 102.50
CA GLY V 432 -42.70 75.83 103.30
C GLY V 432 -42.52 74.53 102.52
N ASP V 433 -42.78 73.43 103.20
CA ASP V 433 -42.65 72.10 102.61
C ASP V 433 -43.84 71.24 103.04
N LEU V 434 -44.03 70.14 102.31
CA LEU V 434 -45.10 69.21 102.66
C LEU V 434 -44.86 68.56 104.01
N GLN V 435 -43.59 68.36 104.38
CA GLN V 435 -43.30 67.83 105.71
C GLN V 435 -43.79 68.77 106.81
N HIS V 436 -43.48 70.05 106.68
CA HIS V 436 -43.95 71.03 107.66
C HIS V 436 -45.47 71.19 107.62
N LEU V 437 -46.06 71.07 106.43
CA LEU V 437 -47.52 71.14 106.33
C LEU V 437 -48.18 70.00 107.08
N THR V 438 -47.67 68.77 106.88
CA THR V 438 -48.19 67.62 107.60
C THR V 438 -47.93 67.74 109.10
N TRP V 439 -46.77 68.31 109.46
CA TRP V 439 -46.47 68.58 110.87
C TRP V 439 -47.53 69.46 111.50
N LEU V 440 -47.82 70.61 110.88
CA LEU V 440 -48.82 71.52 111.41
C LEU V 440 -50.21 70.89 111.42
N GLY V 441 -50.55 70.15 110.36
CA GLY V 441 -51.85 69.49 110.32
C GLY V 441 -52.03 68.49 111.44
N LEU V 442 -51.02 67.65 111.68
CA LEU V 442 -51.10 66.68 112.76
C LEU V 442 -51.15 67.37 114.12
N GLN V 443 -50.37 68.44 114.29
CA GLN V 443 -50.37 69.16 115.56
C GLN V 443 -51.75 69.78 115.83
N TRP V 444 -52.41 70.27 114.79
CA TRP V 444 -53.74 70.86 114.98
C TRP V 444 -54.84 69.82 115.05
N HIS V 445 -54.61 68.62 114.52
CA HIS V 445 -55.62 67.57 114.53
C HIS V 445 -55.60 66.71 115.79
N PHE V 446 -54.43 66.54 116.42
CA PHE V 446 -54.36 65.73 117.63
C PHE V 446 -54.94 66.42 118.86
N LEU V 447 -55.61 67.57 118.69
CA LEU V 447 -56.24 68.27 119.79
C LEU V 447 -57.73 68.52 119.54
N SER V 448 -58.34 67.70 118.67
CA SER V 448 -59.77 67.81 118.36
C SER V 448 -60.12 69.20 117.83
N THR V 449 -59.25 69.75 117.00
CA THR V 449 -59.46 71.06 116.40
C THR V 449 -59.08 71.01 114.92
N LEU V 450 -59.31 72.12 114.23
CA LEU V 450 -58.98 72.23 112.82
C LEU V 450 -57.78 73.16 112.63
N PRO V 451 -56.98 72.94 111.60
CA PRO V 451 -55.85 73.84 111.34
C PRO V 451 -56.32 75.09 110.62
N PRO V 452 -56.05 76.27 111.19
CA PRO V 452 -56.37 77.53 110.50
C PRO V 452 -55.28 77.92 109.50
N LEU V 453 -55.04 77.03 108.54
CA LEU V 453 -53.96 77.19 107.57
C LEU V 453 -54.30 78.18 106.47
N ARG V 454 -55.40 78.91 106.58
CA ARG V 454 -55.74 79.91 105.56
C ARG V 454 -54.69 81.01 105.50
N LYS V 455 -54.26 81.51 106.67
CA LYS V 455 -53.23 82.54 106.70
C LYS V 455 -51.90 82.00 106.17
N TRP V 456 -51.56 80.76 106.52
CA TRP V 456 -50.32 80.17 106.03
C TRP V 456 -50.34 80.03 104.51
N LEU V 457 -51.48 79.62 103.95
CA LEU V 457 -51.61 79.49 102.51
C LEU V 457 -51.54 80.84 101.83
N LYS V 458 -52.21 81.86 102.39
CA LYS V 458 -52.13 83.20 101.82
C LYS V 458 -50.73 83.78 101.93
N GLN V 459 -49.95 83.34 102.91
CA GLN V 459 -48.58 83.82 103.05
C GLN V 459 -47.64 83.15 102.07
N ILE V 460 -47.76 81.82 101.89
CA ILE V 460 -46.84 81.12 101.01
C ILE V 460 -47.19 81.36 99.54
N PHE V 461 -48.48 81.29 99.20
CA PHE V 461 -48.96 81.53 97.84
C PHE V 461 -50.05 82.60 97.89
N PRO V 462 -49.72 83.88 97.71
CA PRO V 462 -50.73 84.92 97.80
C PRO V 462 -51.69 84.93 96.61
N ARG V 463 -52.60 83.97 96.56
CA ARG V 463 -53.58 83.90 95.48
C ARG V 463 -54.76 83.07 95.94
N VAL V 464 -55.92 83.36 95.36
CA VAL V 464 -57.18 82.66 95.62
C VAL V 464 -57.47 82.67 97.13
N PRO V 465 -57.96 83.77 97.68
CA PRO V 465 -58.33 83.78 99.10
C PRO V 465 -59.70 83.15 99.33
N GLN V 466 -59.87 82.63 100.55
CA GLN V 466 -61.11 82.02 101.01
C GLN V 466 -61.42 80.71 100.29
N GLU V 467 -61.95 79.73 101.02
CA GLU V 467 -62.30 78.46 100.42
C GLU V 467 -63.47 78.63 99.46
N THR V 468 -63.28 78.21 98.21
CA THR V 468 -64.29 78.33 97.18
C THR V 468 -65.04 77.01 97.01
N SER V 469 -66.22 77.11 96.40
CA SER V 469 -67.08 75.95 96.14
C SER V 469 -67.17 75.77 94.62
N ARG V 470 -66.43 74.80 94.11
CA ARG V 470 -66.40 74.51 92.68
C ARG V 470 -66.96 73.11 92.43
N LEU V 471 -67.21 72.82 91.15
CA LEU V 471 -67.70 71.50 90.74
C LEU V 471 -66.61 70.60 90.21
N GLU V 472 -65.53 71.14 89.69
CA GLU V 472 -64.41 70.36 89.20
C GLU V 472 -63.12 71.14 89.40
N SER V 473 -62.00 70.41 89.43
CA SER V 473 -60.68 70.99 89.64
C SER V 473 -59.76 70.52 88.53
N ASN V 474 -59.34 71.46 87.66
CA ASN V 474 -58.43 71.12 86.57
C ASN V 474 -57.42 72.23 86.32
N ILE V 475 -57.22 73.14 87.27
CA ILE V 475 -56.28 74.25 87.13
C ILE V 475 -55.05 73.91 87.98
N PRO V 476 -53.93 73.53 87.37
CA PRO V 476 -52.75 73.20 88.18
C PRO V 476 -52.08 74.42 88.80
N GLU V 477 -52.16 75.58 88.15
CA GLU V 477 -51.54 76.79 88.67
C GLU V 477 -52.27 77.30 89.91
N SER V 478 -53.43 77.93 89.70
CA SER V 478 -54.22 78.46 90.81
C SER V 478 -54.88 77.31 91.55
N ILE V 479 -54.32 76.93 92.69
CA ILE V 479 -54.84 75.83 93.50
C ILE V 479 -55.86 76.38 94.48
N CYS V 480 -56.92 75.62 94.73
CA CYS V 480 -57.98 76.07 95.61
C CYS V 480 -57.65 75.75 97.07
N LEU V 481 -58.12 76.63 97.97
CA LEU V 481 -57.88 76.43 99.39
C LEU V 481 -58.57 75.17 99.90
N LEU V 482 -59.78 74.89 99.42
CA LEU V 482 -60.50 73.70 99.84
C LEU V 482 -59.78 72.43 99.37
N ASP V 483 -59.30 72.42 98.12
CA ASP V 483 -58.55 71.27 97.63
C ASP V 483 -57.24 71.10 98.39
N LEU V 484 -56.58 72.21 98.73
CA LEU V 484 -55.36 72.12 99.51
C LEU V 484 -55.64 71.57 100.91
N GLU V 485 -56.76 71.96 101.51
CA GLU V 485 -57.12 71.44 102.82
C GLU V 485 -57.43 69.95 102.76
N VAL V 486 -58.13 69.52 101.70
CA VAL V 486 -58.42 68.09 101.54
C VAL V 486 -57.13 67.30 101.35
N PHE V 487 -56.21 67.83 100.54
CA PHE V 487 -54.92 67.18 100.34
C PHE V 487 -54.13 67.11 101.64
N LEU V 488 -54.18 68.17 102.45
CA LEU V 488 -53.49 68.16 103.74
C LEU V 488 -54.10 67.14 104.68
N LEU V 489 -55.43 67.01 104.69
CA LEU V 489 -56.09 66.00 105.49
C LEU V 489 -55.65 64.60 105.07
N ALA V 490 -55.61 64.35 103.76
CA ALA V 490 -55.21 63.03 103.26
C ALA V 490 -53.76 62.73 103.64
N VAL V 491 -52.87 63.71 103.48
CA VAL V 491 -51.46 63.49 103.81
C VAL V 491 -51.29 63.29 105.31
N VAL V 492 -52.06 64.01 106.14
CA VAL V 492 -51.98 63.82 107.58
C VAL V 492 -52.45 62.42 107.97
N GLN V 493 -53.53 61.94 107.36
CA GLN V 493 -53.99 60.58 107.64
C GLN V 493 -52.95 59.55 107.21
N THR V 494 -52.33 59.75 106.04
CA THR V 494 -51.31 58.83 105.57
C THR V 494 -50.10 58.83 106.50
N SER V 495 -49.69 60.01 106.98
CA SER V 495 -48.55 60.09 107.90
C SER V 495 -48.88 59.44 109.23
N TYR V 496 -50.12 59.60 109.71
CA TYR V 496 -50.52 58.96 110.95
C TYR V 496 -50.50 57.43 110.80
N LEU V 497 -50.99 56.93 109.67
CA LEU V 497 -50.94 55.49 109.42
C LEU V 497 -49.50 54.99 109.35
N GLN V 498 -48.62 55.75 108.69
CA GLN V 498 -47.23 55.35 108.59
C GLN V 498 -46.56 55.34 109.95
N LEU V 499 -46.86 56.34 110.79
CA LEU V 499 -46.30 56.38 112.14
C LEU V 499 -46.81 55.22 112.98
N GLN V 500 -48.10 54.89 112.87
CA GLN V 500 -48.65 53.76 113.61
C GLN V 500 -48.04 52.45 113.14
N ASP V 501 -47.71 52.34 111.85
CA ASP V 501 -47.09 51.12 111.34
C ASP V 501 -45.62 51.02 111.71
N ASN V 502 -44.92 52.15 111.80
CA ASN V 502 -43.50 52.14 112.10
C ASN V 502 -43.20 52.16 113.59
N ASN V 503 -44.18 52.50 114.44
CA ASN V 503 -43.94 52.55 115.88
C ASN V 503 -43.70 51.16 116.46
N THR V 504 -44.02 50.10 115.74
CA THR V 504 -43.80 48.74 116.24
C THR V 504 -42.37 48.27 116.03
N THR V 505 -41.50 49.10 115.46
CA THR V 505 -40.11 48.72 115.21
C THR V 505 -39.12 49.51 116.05
N ALA V 506 -39.56 50.55 116.74
CA ALA V 506 -38.67 51.38 117.56
C ALA V 506 -39.36 51.62 118.90
N ASP V 507 -38.89 52.62 119.63
CA ASP V 507 -39.44 52.94 120.94
C ASP V 507 -40.59 53.94 120.79
N PRO V 508 -41.63 53.84 121.63
CA PRO V 508 -42.75 54.79 121.53
C PRO V 508 -42.43 56.18 122.04
N ASN V 509 -41.23 56.42 122.57
CA ASN V 509 -40.86 57.74 123.07
C ASN V 509 -40.50 58.70 121.96
N ARG V 510 -40.49 58.26 120.70
CA ARG V 510 -40.16 59.14 119.60
C ARG V 510 -41.31 60.14 119.37
N PRO V 511 -41.00 61.33 118.84
CA PRO V 511 -42.05 62.32 118.60
C PRO V 511 -43.04 61.84 117.55
N ARG V 512 -44.22 62.46 117.57
CA ARG V 512 -45.26 62.10 116.61
C ARG V 512 -44.89 62.50 115.19
N CYS V 513 -44.14 63.60 115.04
CA CYS V 513 -43.70 64.08 113.73
C CYS V 513 -42.19 64.22 113.76
N LEU V 514 -41.52 63.43 112.93
CA LEU V 514 -40.07 63.50 112.86
C LEU V 514 -39.63 64.82 112.21
N PRO V 515 -38.45 65.33 112.55
CA PRO V 515 -38.00 66.60 111.99
C PRO V 515 -37.86 66.53 110.48
N LEU V 516 -37.97 67.70 109.85
CA LEU V 516 -37.88 67.77 108.39
C LEU V 516 -36.49 67.43 107.87
N PRO V 517 -35.38 67.99 108.41
CA PRO V 517 -34.07 67.67 107.84
C PRO V 517 -33.71 66.20 107.92
N ILE V 518 -33.72 65.62 109.12
CA ILE V 518 -33.30 64.24 109.30
C ILE V 518 -34.31 63.24 108.78
N CYS V 519 -35.48 63.69 108.34
CA CYS V 519 -36.49 62.78 107.81
C CYS V 519 -37.37 63.55 106.83
N LYS V 520 -37.21 63.29 105.53
CA LYS V 520 -37.99 63.94 104.50
C LYS V 520 -39.03 63.03 103.87
N GLN V 521 -39.00 61.73 104.17
CA GLN V 521 -39.93 60.76 103.59
C GLN V 521 -40.72 60.11 104.71
N LEU V 522 -41.95 60.60 104.93
CA LEU V 522 -42.84 60.03 105.92
C LEU V 522 -44.21 59.68 105.36
N PHE V 523 -44.37 59.65 104.04
CA PHE V 523 -45.65 59.37 103.42
C PHE V 523 -45.48 58.68 102.08
N THR V 524 -46.31 59.02 101.10
CA THR V 524 -46.33 58.36 99.80
C THR V 524 -45.49 59.14 98.80
N ASP V 525 -44.71 58.40 98.00
CA ASP V 525 -43.85 59.04 97.00
C ASP V 525 -44.67 59.72 95.92
N ARG V 526 -45.87 59.24 95.64
CA ARG V 526 -46.73 59.89 94.65
C ARG V 526 -47.07 61.32 95.08
N GLN V 527 -47.61 61.47 96.28
CA GLN V 527 -47.91 62.80 96.79
C GLN V 527 -46.66 63.62 97.03
N ARG V 528 -45.54 62.97 97.36
CA ARG V 528 -44.27 63.67 97.49
C ARG V 528 -43.88 64.34 96.17
N SER V 529 -43.90 63.57 95.08
CA SER V 529 -43.57 64.12 93.77
C SER V 529 -44.60 65.15 93.33
N TRP V 530 -45.87 64.95 93.69
CA TRP V 530 -46.90 65.94 93.35
C TRP V 530 -46.61 67.27 94.03
N TRP V 531 -46.30 67.24 95.32
CA TRP V 531 -45.98 68.48 96.04
C TRP V 531 -44.70 69.10 95.51
N ASP V 532 -43.72 68.28 95.15
CA ASP V 532 -42.48 68.80 94.58
C ASP V 532 -42.74 69.54 93.27
N ALA V 533 -43.55 68.94 92.40
CA ALA V 533 -43.89 69.58 91.13
C ALA V 533 -44.69 70.86 91.36
N VAL V 534 -45.61 70.84 92.34
CA VAL V 534 -46.40 72.03 92.64
C VAL V 534 -45.48 73.16 93.12
N TYR V 535 -44.57 72.86 94.04
CA TYR V 535 -43.67 73.88 94.55
C TYR V 535 -42.74 74.39 93.45
N SER V 536 -42.29 73.51 92.57
CA SER V 536 -41.44 73.94 91.46
C SER V 536 -42.19 74.87 90.52
N LEU V 537 -43.41 74.49 90.14
CA LEU V 537 -44.20 75.34 89.25
C LEU V 537 -44.57 76.66 89.91
N ILE V 538 -44.67 76.69 91.23
CA ILE V 538 -45.03 77.92 91.92
C ILE V 538 -43.83 78.86 92.03
N THR V 539 -42.70 78.34 92.53
CA THR V 539 -41.53 79.16 92.78
C THR V 539 -40.54 79.18 91.62
N LYS V 540 -40.96 78.72 90.43
CA LYS V 540 -40.12 78.75 89.24
C LYS V 540 -38.82 77.98 89.43
N LYS V 541 -38.86 76.91 90.24
CA LYS V 541 -37.67 76.10 90.50
C LYS V 541 -37.42 75.08 89.40
N ALA V 542 -38.43 74.73 88.62
CA ALA V 542 -38.26 73.77 87.55
C ALA V 542 -37.49 74.37 86.39
N LEU V 543 -36.84 73.50 85.61
CA LEU V 543 -36.08 73.95 84.47
C LEU V 543 -37.00 74.42 83.35
N PRO V 544 -36.59 75.43 82.58
CA PRO V 544 -37.43 75.91 81.47
C PRO V 544 -37.65 74.84 80.41
N GLY V 545 -38.75 74.10 80.53
CA GLY V 545 -39.06 73.04 79.59
C GLY V 545 -39.87 71.92 80.21
N THR V 546 -39.78 71.77 81.53
CA THR V 546 -40.51 70.74 82.27
C THR V 546 -41.61 71.44 83.06
N SER V 547 -42.81 71.49 82.48
CA SER V 547 -43.95 72.13 83.12
C SER V 547 -45.25 71.49 82.68
N ALA V 548 -45.34 71.11 81.40
CA ALA V 548 -46.57 70.52 80.89
C ALA V 548 -46.84 69.16 81.54
N LYS V 549 -45.80 68.35 81.74
CA LYS V 549 -45.98 67.06 82.39
C LYS V 549 -46.43 67.23 83.83
N LEU V 550 -45.84 68.19 84.55
CA LEU V 550 -46.25 68.44 85.93
C LEU V 550 -47.70 68.93 85.99
N ARG V 551 -48.08 69.81 85.06
CA ARG V 551 -49.46 70.30 85.03
C ARG V 551 -50.44 69.17 84.74
N SER V 552 -50.08 68.28 83.80
CA SER V 552 -50.95 67.15 83.50
C SER V 552 -51.06 66.21 84.69
N VAL V 553 -49.96 65.99 85.40
CA VAL V 553 -49.99 65.13 86.59
C VAL V 553 -50.88 65.74 87.66
N ILE V 554 -50.76 67.05 87.88
CA ILE V 554 -51.58 67.72 88.88
C ILE V 554 -53.05 67.65 88.49
N GLN V 555 -53.35 67.84 87.21
CA GLN V 555 -54.74 67.79 86.75
C GLN V 555 -55.32 66.39 86.90
N HIS V 556 -54.52 65.36 86.61
CA HIS V 556 -55.01 63.99 86.73
C HIS V 556 -55.14 63.57 88.20
N ASP V 557 -54.35 64.18 89.09
CA ASP V 557 -54.43 63.82 90.50
C ASP V 557 -55.56 64.56 91.21
N LEU V 558 -55.81 65.82 90.84
CA LEU V 558 -56.85 66.59 91.53
C LEU V 558 -58.24 66.09 91.17
N THR V 559 -58.45 65.71 89.90
CA THR V 559 -59.76 65.21 89.48
C THR V 559 -60.12 63.90 90.16
N THR V 560 -59.15 63.17 90.69
CA THR V 560 -59.40 61.96 91.45
C THR V 560 -59.43 62.20 92.95
N LEU V 561 -58.68 63.20 93.43
CA LEU V 561 -58.69 63.51 94.86
C LEU V 561 -59.96 64.24 95.27
N ARG V 562 -60.53 65.05 94.38
CA ARG V 562 -61.75 65.79 94.69
C ARG V 562 -63.01 64.96 94.48
N ALA V 563 -62.89 63.75 93.92
CA ALA V 563 -63.99 62.82 93.68
C ALA V 563 -64.99 63.36 92.66
N GLN V 564 -65.79 62.47 92.09
CA GLN V 564 -66.80 62.86 91.11
C GLN V 564 -68.14 62.21 91.42
N GLU V 565 -68.94 61.94 90.38
CA GLU V 565 -70.23 61.30 90.59
C GLU V 565 -70.09 59.78 90.60
N LYS V 566 -69.42 59.22 89.59
CA LYS V 566 -69.21 57.78 89.49
C LYS V 566 -67.84 57.53 88.89
N HIS V 567 -66.91 57.05 89.71
CA HIS V 567 -65.55 56.77 89.25
C HIS V 567 -65.08 55.41 89.75
N GLY V 568 -65.46 55.06 90.97
CA GLY V 568 -65.07 53.78 91.54
C GLY V 568 -64.52 53.89 92.94
N LEU V 569 -64.84 54.99 93.62
CA LEU V 569 -64.37 55.21 94.98
C LEU V 569 -65.32 54.53 95.97
N GLN V 570 -65.18 54.84 97.25
CA GLN V 570 -66.00 54.19 98.26
C GLN V 570 -66.91 55.18 98.96
N PRO V 571 -68.14 54.79 99.27
CA PRO V 571 -69.05 55.70 99.98
C PRO V 571 -68.54 56.08 101.36
N ALA V 572 -67.87 55.17 102.06
CA ALA V 572 -67.29 55.52 103.36
C ALA V 572 -66.21 56.58 103.20
N VAL V 573 -65.36 56.45 102.18
CA VAL V 573 -64.32 57.45 101.94
C VAL V 573 -64.94 58.79 101.58
N LEU V 574 -65.99 58.78 100.76
CA LEU V 574 -66.65 60.04 100.41
C LEU V 574 -67.30 60.68 101.63
N VAL V 575 -67.89 59.86 102.51
CA VAL V 575 -68.49 60.40 103.72
C VAL V 575 -67.44 60.98 104.64
N ASN V 576 -66.29 60.32 104.77
CA ASN V 576 -65.20 60.85 105.57
C ASN V 576 -64.68 62.16 105.01
N TRP V 577 -64.55 62.24 103.67
CA TRP V 577 -64.13 63.49 103.05
C TRP V 577 -65.13 64.61 103.28
N ALA V 578 -66.42 64.30 103.18
CA ALA V 578 -67.44 65.31 103.43
C ALA V 578 -67.43 65.77 104.88
N ARG V 579 -67.21 64.83 105.82
CA ARG V 579 -67.14 65.20 107.23
C ARG V 579 -65.94 66.09 107.51
N GLY V 580 -64.79 65.76 106.93
CA GLY V 580 -63.62 66.61 107.08
C GLY V 580 -63.84 67.99 106.48
N LEU V 581 -64.50 68.05 105.32
CA LEU V 581 -64.80 69.33 104.69
C LEU V 581 -65.72 70.16 105.57
N HIS V 582 -66.75 69.53 106.14
CA HIS V 582 -67.66 70.25 107.04
C HIS V 582 -66.94 70.74 108.28
N LYS V 583 -66.05 69.91 108.84
CA LYS V 583 -65.29 70.31 110.02
C LYS V 583 -64.38 71.49 109.71
N THR V 584 -63.76 71.50 108.54
CA THR V 584 -62.89 72.60 108.15
C THR V 584 -63.65 73.85 107.74
N GLY V 585 -64.90 73.72 107.33
CA GLY V 585 -65.66 74.86 106.87
C GLY V 585 -66.55 75.54 107.89
N TYR V 586 -67.15 74.75 108.79
CA TYR V 586 -68.11 75.31 109.73
C TYR V 586 -67.50 76.25 110.75
N SER V 587 -66.17 76.35 110.81
CA SER V 587 -65.54 77.28 111.75
C SER V 587 -65.71 78.72 111.30
N LEU V 588 -65.67 78.97 109.99
CA LEU V 588 -65.89 80.30 109.43
C LEU V 588 -67.38 80.51 109.19
N ASN V 589 -67.95 81.48 109.88
CA ASN V 589 -69.39 81.75 109.82
C ASN V 589 -69.62 83.04 109.05
N SER V 590 -70.32 82.95 107.92
CA SER V 590 -70.67 84.10 107.11
C SER V 590 -71.84 83.71 106.21
N PHE V 591 -72.46 84.72 105.59
CA PHE V 591 -73.60 84.47 104.72
C PHE V 591 -73.17 83.77 103.43
N TYR V 592 -72.29 84.41 102.67
CA TYR V 592 -71.82 83.80 101.42
C TYR V 592 -71.03 82.53 101.69
N ASP V 593 -70.28 82.49 102.80
CA ASP V 593 -69.54 81.28 103.15
C ASP V 593 -70.49 80.11 103.41
N GLN V 594 -71.54 80.35 104.20
CA GLN V 594 -72.51 79.29 104.47
C GLN V 594 -73.25 78.89 103.20
N LYS V 595 -73.54 79.85 102.32
CA LYS V 595 -74.20 79.53 101.06
C LYS V 595 -73.33 78.63 100.20
N GLU V 596 -72.04 78.97 100.08
CA GLU V 596 -71.12 78.14 99.30
C GLU V 596 -70.95 76.77 99.92
N TYR V 597 -70.91 76.68 101.26
CA TYR V 597 -70.76 75.39 101.91
C TYR V 597 -72.01 74.53 101.71
N MET V 598 -73.19 75.15 101.76
CA MET V 598 -74.42 74.40 101.49
C MET V 598 -74.48 73.93 100.04
N GLY V 599 -74.01 74.77 99.11
CA GLY V 599 -73.94 74.33 97.73
C GLY V 599 -72.99 73.16 97.53
N ARG V 600 -71.83 73.22 98.19
CA ARG V 600 -70.88 72.12 98.11
C ARG V 600 -71.46 70.84 98.72
N CYS V 601 -72.18 70.97 99.83
CA CYS V 601 -72.81 69.81 100.43
C CYS V 601 -73.89 69.22 99.52
N VAL V 602 -74.67 70.08 98.86
CA VAL V 602 -75.68 69.60 97.93
C VAL V 602 -75.03 68.89 96.75
N HIS V 603 -73.92 69.43 96.25
CA HIS V 603 -73.21 68.77 95.15
C HIS V 603 -72.65 67.42 95.58
N TYR V 604 -72.11 67.36 96.80
CA TYR V 604 -71.59 66.08 97.31
C TYR V 604 -72.70 65.05 97.48
N TRP V 605 -73.86 65.48 97.97
CA TRP V 605 -74.98 64.56 98.12
C TRP V 605 -75.50 64.09 96.76
N LYS V 606 -75.53 64.99 95.78
CA LYS V 606 -75.96 64.61 94.44
C LYS V 606 -74.97 63.64 93.79
N LYS V 607 -73.67 63.79 94.09
CA LYS V 607 -72.68 62.87 93.56
C LYS V 607 -72.72 61.53 94.29
N LEU V 608 -73.09 61.52 95.56
CA LEU V 608 -73.16 60.28 96.33
C LEU V 608 -74.46 59.53 96.12
N LEU V 609 -75.50 60.21 95.63
CA LEU V 609 -76.78 59.54 95.40
C LEU V 609 -76.67 58.33 94.46
N PRO V 610 -75.96 58.38 93.33
CA PRO V 610 -75.81 57.16 92.53
C PRO V 610 -75.07 56.05 93.26
N LEU V 611 -74.19 56.38 94.20
CA LEU V 611 -73.48 55.39 94.99
C LEU V 611 -74.25 54.95 96.23
N LEU V 612 -75.18 55.78 96.71
CA LEU V 612 -75.97 55.40 97.88
C LEU V 612 -77.07 54.40 97.53
N ASP V 613 -77.52 54.38 96.28
CA ASP V 613 -78.56 53.43 95.88
C ASP V 613 -78.05 52.01 95.81
N LEU V 614 -76.75 51.81 95.59
CA LEU V 614 -76.21 50.46 95.54
C LEU V 614 -76.16 49.81 96.92
N VAL V 615 -76.06 50.62 97.98
CA VAL V 615 -76.03 50.08 99.34
C VAL V 615 -77.39 49.53 99.75
N LYS V 616 -78.48 50.08 99.23
CA LYS V 616 -79.81 49.61 99.59
C LYS V 616 -80.02 48.14 99.24
N GLN V 617 -79.45 47.69 98.11
CA GLN V 617 -79.56 46.30 97.69
C GLN V 617 -78.34 45.48 98.08
N LYS V 618 -77.50 46.00 98.98
CA LYS V 618 -76.30 45.30 99.46
C LYS V 618 -75.39 44.93 98.30
N LYS V 619 -74.67 45.90 97.76
CA LYS V 619 -73.74 45.68 96.66
C LYS V 619 -72.32 45.93 97.12
N SER V 620 -71.39 45.12 96.63
CA SER V 620 -69.98 45.26 97.00
C SER V 620 -69.36 46.41 96.24
N ILE V 621 -68.71 47.32 96.97
CA ILE V 621 -68.06 48.48 96.38
C ILE V 621 -66.59 48.16 96.12
N PRO V 622 -66.08 48.38 94.91
CA PRO V 622 -64.67 48.09 94.63
C PRO V 622 -63.75 49.05 95.37
N GLU V 623 -62.46 48.74 95.30
CA GLU V 623 -61.46 49.56 95.96
C GLU V 623 -61.30 50.89 95.24
N PRO V 624 -61.00 51.97 95.97
CA PRO V 624 -60.83 53.28 95.35
C PRO V 624 -59.54 53.36 94.55
N VAL V 625 -59.38 54.48 93.84
CA VAL V 625 -58.19 54.68 93.02
C VAL V 625 -57.02 55.10 93.88
N ASP V 626 -57.20 56.11 94.72
CA ASP V 626 -56.13 56.60 95.58
C ASP V 626 -55.87 55.62 96.71
N PRO V 627 -54.66 55.06 96.83
CA PRO V 627 -54.38 54.12 97.91
C PRO V 627 -53.91 54.81 99.18
N LEU V 628 -54.51 55.96 99.49
CA LEU V 628 -54.13 56.71 100.68
C LEU V 628 -54.79 56.19 101.95
N PHE V 629 -55.71 55.23 101.85
CA PHE V 629 -56.39 54.67 102.99
C PHE V 629 -56.32 53.15 102.94
N LYS V 630 -56.37 52.53 104.12
CA LYS V 630 -56.30 51.09 104.25
C LYS V 630 -57.68 50.52 104.57
N HIS V 631 -57.91 49.27 104.16
CA HIS V 631 -59.17 48.58 104.39
C HIS V 631 -59.11 47.64 105.59
N PHE V 632 -58.30 47.98 106.59
CA PHE V 632 -58.20 47.15 107.79
C PHE V 632 -59.40 47.35 108.70
N HIS V 633 -59.47 48.50 109.37
CA HIS V 633 -60.58 48.80 110.26
C HIS V 633 -61.11 50.22 110.14
N ASN V 634 -60.43 51.12 109.43
CA ASN V 634 -60.93 52.48 109.30
C ASN V 634 -61.93 52.61 108.17
N LYS V 635 -61.69 51.92 107.05
CA LYS V 635 -62.58 51.95 105.90
C LYS V 635 -63.31 50.62 105.79
N ASP V 636 -64.64 50.69 105.69
CA ASP V 636 -65.46 49.49 105.58
C ASP V 636 -66.67 49.82 104.72
N ILE V 637 -67.62 48.88 104.65
CA ILE V 637 -68.83 49.03 103.86
C ILE V 637 -69.97 49.38 104.80
N LYS V 638 -70.72 50.42 104.46
CA LYS V 638 -71.84 50.84 105.28
C LYS V 638 -72.96 49.80 105.24
N VAL V 639 -73.55 49.54 106.41
CA VAL V 639 -74.63 48.55 106.51
C VAL V 639 -75.95 49.27 106.75
N SER V 640 -76.15 49.78 107.96
CA SER V 640 -77.38 50.47 108.32
C SER V 640 -77.23 51.99 108.28
N GLU V 641 -76.07 52.51 107.89
CA GLU V 641 -75.86 53.95 107.82
C GLU V 641 -76.36 54.56 106.53
N VAL V 642 -76.82 53.74 105.57
CA VAL V 642 -77.33 54.28 104.30
C VAL V 642 -78.60 55.09 104.55
N LYS V 643 -79.45 54.63 105.46
CA LYS V 643 -80.66 55.37 105.79
C LYS V 643 -80.33 56.70 106.43
N ASP V 644 -79.35 56.73 107.34
CA ASP V 644 -78.94 57.98 107.96
C ASP V 644 -78.34 58.94 106.93
N LEU V 645 -77.55 58.41 105.99
CA LEU V 645 -76.99 59.26 104.94
C LEU V 645 -78.07 59.83 104.04
N GLU V 646 -79.08 59.01 103.70
CA GLU V 646 -80.19 59.51 102.90
C GLU V 646 -80.99 60.56 103.65
N ASP V 647 -81.18 60.38 104.96
CA ASP V 647 -81.87 61.38 105.75
C ASP V 647 -81.08 62.69 105.81
N GLU V 648 -79.76 62.59 105.94
CA GLU V 648 -78.92 63.78 105.95
C GLU V 648 -78.97 64.50 104.60
N ALA V 649 -78.98 63.73 103.51
CA ALA V 649 -79.09 64.33 102.18
C ALA V 649 -80.44 65.02 102.01
N CYS V 650 -81.51 64.40 102.50
CA CYS V 650 -82.82 65.03 102.43
C CYS V 650 -82.89 66.31 103.25
N ILE V 651 -82.24 66.30 104.43
CA ILE V 651 -82.20 67.49 105.27
C ILE V 651 -81.42 68.60 104.59
N ALA V 652 -80.31 68.25 103.94
CA ALA V 652 -79.53 69.25 103.21
C ALA V 652 -80.33 69.83 102.05
N PHE V 653 -81.05 68.98 101.32
CA PHE V 653 -81.88 69.46 100.22
C PHE V 653 -83.00 70.36 100.73
N ALA V 654 -83.59 70.01 101.88
CA ALA V 654 -84.64 70.84 102.46
C ALA V 654 -84.09 72.20 102.88
N THR V 655 -82.90 72.23 103.48
CA THR V 655 -82.31 73.50 103.87
C THR V 655 -81.97 74.35 102.65
N LEU V 656 -81.48 73.71 101.58
CA LEU V 656 -81.19 74.44 100.36
C LEU V 656 -82.46 75.01 99.74
N ASP V 657 -83.54 74.24 99.75
CA ASP V 657 -84.81 74.72 99.22
C ASP V 657 -85.38 75.87 100.06
N LEU V 658 -85.20 75.79 101.39
CA LEU V 658 -85.67 76.87 102.25
C LEU V 658 -84.85 78.13 102.05
N VAL V 659 -83.54 77.98 101.79
CA VAL V 659 -82.70 79.14 101.51
C VAL V 659 -83.08 79.76 100.18
N ASP V 660 -83.33 78.92 99.17
CA ASP V 660 -83.72 79.42 97.84
C ASP V 660 -85.10 80.07 97.89
N GLY V 661 -86.15 79.26 97.98
CA GLY V 661 -87.50 79.79 98.02
C GLY V 661 -88.57 78.73 97.92
N LYS V 662 -88.20 77.47 98.09
CA LYS V 662 -89.14 76.35 98.04
C LYS V 662 -89.58 75.98 99.45
N THR V 663 -90.37 76.87 100.05
CA THR V 663 -90.83 76.66 101.41
C THR V 663 -91.75 75.45 101.53
N GLU V 664 -92.55 75.18 100.50
CA GLU V 664 -93.45 74.03 100.54
C GLU V 664 -92.65 72.73 100.60
N ASP V 665 -91.69 72.56 99.69
CA ASP V 665 -90.86 71.37 99.70
C ASP V 665 -90.02 71.29 100.98
N ALA V 666 -89.59 72.45 101.48
CA ALA V 666 -88.80 72.46 102.71
C ALA V 666 -89.61 71.93 103.88
N ILE V 667 -90.82 72.45 104.07
CA ILE V 667 -91.65 72.00 105.19
C ILE V 667 -92.12 70.56 104.98
N ILE V 668 -92.29 70.13 103.72
CA ILE V 668 -92.66 68.75 103.45
C ILE V 668 -91.53 67.81 103.88
N ALA V 669 -90.30 68.12 103.48
CA ALA V 669 -89.16 67.29 103.89
C ALA V 669 -88.92 67.37 105.39
N PHE V 670 -89.23 68.51 106.01
CA PHE V 670 -89.08 68.61 107.45
C PHE V 670 -90.09 67.74 108.18
N GLU V 671 -91.34 67.75 107.74
CA GLU V 671 -92.34 66.86 108.32
C GLU V 671 -92.03 65.41 108.04
N SER V 672 -91.36 65.12 106.92
CA SER V 672 -90.95 63.75 106.61
C SER V 672 -89.84 63.30 107.55
N VAL V 673 -88.66 63.88 107.42
CA VAL V 673 -87.50 63.54 108.24
C VAL V 673 -87.04 64.77 108.99
N LYS V 674 -86.48 64.55 110.18
CA LYS V 674 -85.96 65.62 111.02
C LYS V 674 -84.57 65.25 111.51
N ASN V 675 -83.69 66.25 111.60
CA ASN V 675 -82.33 66.05 112.06
C ASN V 675 -81.87 67.31 112.79
N VAL V 676 -80.59 67.36 113.13
CA VAL V 676 -80.02 68.52 113.82
C VAL V 676 -79.25 69.44 112.89
N VAL V 677 -78.88 68.98 111.69
CA VAL V 677 -78.16 69.84 110.74
C VAL V 677 -79.05 70.99 110.31
N ALA V 678 -80.34 70.72 110.09
CA ALA V 678 -81.28 71.76 109.70
C ALA V 678 -81.41 72.80 110.81
N TYR V 679 -81.51 72.35 112.06
CA TYR V 679 -81.61 73.29 113.18
C TYR V 679 -80.34 74.13 113.31
N TRP V 680 -79.17 73.50 113.12
CA TRP V 680 -77.92 74.24 113.20
C TRP V 680 -77.83 75.28 112.10
N ASN V 681 -78.22 74.92 110.87
CA ASN V 681 -78.20 75.88 109.77
C ASN V 681 -79.17 77.02 110.00
N LEU V 682 -80.36 76.70 110.53
CA LEU V 682 -81.33 77.74 110.82
C LEU V 682 -80.83 78.70 111.90
N ALA V 683 -80.19 78.15 112.94
CA ALA V 683 -79.63 79.01 113.98
C ALA V 683 -78.50 79.87 113.43
N LEU V 684 -77.66 79.32 112.55
CA LEU V 684 -76.59 80.11 111.96
C LEU V 684 -77.14 81.23 111.10
N ILE V 685 -78.17 80.93 110.29
CA ILE V 685 -78.77 81.96 109.45
C ILE V 685 -79.43 83.04 110.31
N TYR V 686 -80.09 82.63 111.40
CA TYR V 686 -80.71 83.59 112.29
C TYR V 686 -79.68 84.50 112.95
N GLN V 687 -78.57 83.93 113.40
CA GLN V 687 -77.52 84.74 114.01
C GLN V 687 -76.89 85.68 112.98
N ARG V 688 -76.70 85.21 111.75
CA ARG V 688 -76.13 86.06 110.71
C ARG V 688 -77.05 87.24 110.39
N LYS V 689 -78.34 86.97 110.24
CA LYS V 689 -79.27 88.06 109.95
C LYS V 689 -79.43 89.00 111.14
N ALA V 690 -79.33 88.48 112.37
CA ALA V 690 -79.38 89.34 113.54
C ALA V 690 -78.17 90.25 113.60
N GLU V 691 -76.98 89.73 113.28
CA GLU V 691 -75.79 90.57 113.23
C GLU V 691 -75.88 91.60 112.12
N GLU V 692 -76.39 91.21 110.95
CA GLU V 692 -76.56 92.16 109.86
C GLU V 692 -77.56 93.26 110.21
N ILE V 693 -78.58 92.93 110.99
CA ILE V 693 -79.54 93.95 111.43
C ILE V 693 -78.90 94.86 112.47
N GLU V 694 -78.20 94.28 113.45
CA GLU V 694 -77.55 95.07 114.49
C GLU V 694 -76.45 95.96 113.94
N ASN V 695 -75.88 95.61 112.78
CA ASN V 695 -74.84 96.45 112.18
C ASN V 695 -75.31 97.87 111.89
N ASP V 696 -76.62 98.08 111.77
CA ASP V 696 -77.19 99.40 111.50
C ASP V 696 -77.90 99.92 112.74
N CYS V 697 -78.33 101.17 112.67
CA CYS V 697 -79.05 101.80 113.76
C CYS V 697 -80.42 101.17 113.92
N LEU V 698 -80.79 100.85 115.16
CA LEU V 698 -82.04 100.14 115.43
C LEU V 698 -82.89 100.92 116.43
N PRO V 699 -84.10 101.32 116.08
CA PRO V 699 -85.00 101.93 117.07
C PRO V 699 -85.61 100.89 118.00
N ALA V 700 -86.77 101.21 118.58
CA ALA V 700 -87.39 100.30 119.54
C ALA V 700 -87.87 99.02 118.88
N GLU V 701 -88.57 99.14 117.74
CA GLU V 701 -89.10 97.96 117.07
C GLU V 701 -87.98 97.08 116.53
N GLU V 702 -86.96 97.69 115.93
CA GLU V 702 -85.85 96.90 115.41
C GLU V 702 -85.05 96.26 116.53
N GLN V 703 -84.90 96.95 117.66
CA GLN V 703 -84.22 96.35 118.80
C GLN V 703 -85.02 95.17 119.36
N GLU V 704 -86.35 95.30 119.42
CA GLU V 704 -87.15 94.19 119.92
C GLU V 704 -87.14 93.00 118.94
N GLU V 705 -87.07 93.27 117.64
CA GLU V 705 -86.98 92.16 116.69
C GLU V 705 -85.61 91.51 116.74
N PHE V 706 -84.55 92.29 117.00
CA PHE V 706 -83.22 91.71 117.21
C PHE V 706 -83.20 90.84 118.46
N GLN V 707 -83.85 91.30 119.53
CA GLN V 707 -83.94 90.51 120.75
C GLN V 707 -84.74 89.24 120.52
N GLU V 708 -85.80 89.31 119.70
CA GLU V 708 -86.59 88.13 119.40
C GLU V 708 -85.77 87.12 118.59
N CYS V 709 -85.00 87.60 117.62
CA CYS V 709 -84.13 86.70 116.86
C CYS V 709 -83.07 86.06 117.76
N LEU V 710 -82.51 86.85 118.67
CA LEU V 710 -81.52 86.29 119.61
C LEU V 710 -82.17 85.26 120.52
N LEU V 711 -83.41 85.50 120.95
CA LEU V 711 -84.12 84.53 121.78
C LEU V 711 -84.41 83.25 121.01
N LYS V 712 -84.76 83.36 119.73
CA LYS V 712 -84.97 82.17 118.92
C LYS V 712 -83.69 81.38 118.74
N CYS V 713 -82.58 82.07 118.48
CA CYS V 713 -81.30 81.37 118.36
C CYS V 713 -80.90 80.71 119.68
N LYS V 714 -81.15 81.40 120.81
CA LYS V 714 -80.84 80.82 122.10
C LYS V 714 -81.71 79.60 122.39
N GLY V 715 -82.97 79.64 121.98
CA GLY V 715 -83.82 78.47 122.15
C GLY V 715 -83.38 77.30 121.30
N PHE V 716 -82.94 77.57 120.06
CA PHE V 716 -82.40 76.50 119.23
C PHE V 716 -81.15 75.90 119.85
N LEU V 717 -80.25 76.76 120.34
CA LEU V 717 -79.04 76.25 120.99
C LEU V 717 -79.36 75.50 122.27
N LYS V 718 -80.39 75.91 123.00
CA LYS V 718 -80.78 75.20 124.21
C LYS V 718 -81.36 73.83 123.88
N MET V 719 -82.14 73.74 122.80
CA MET V 719 -82.63 72.44 122.35
C MET V 719 -81.47 71.54 121.94
N ILE V 720 -80.48 72.10 121.24
CA ILE V 720 -79.31 71.32 120.85
C ILE V 720 -78.56 70.83 122.08
N CYS V 721 -78.39 71.71 123.08
CA CYS V 721 -77.68 71.32 124.29
C CYS V 721 -78.45 70.25 125.07
N ASP V 722 -79.78 70.35 125.09
CA ASP V 722 -80.59 69.33 125.77
C ASP V 722 -80.49 68.00 125.05
N GLU V 723 -80.50 68.01 123.72
CA GLU V 723 -80.32 66.77 122.97
C GLU V 723 -78.93 66.18 123.18
N TYR V 724 -77.91 67.03 123.37
CA TYR V 724 -76.57 66.54 123.61
C TYR V 724 -76.44 65.97 125.03
N SER V 725 -77.13 66.59 126.00
CA SER V 725 -77.05 66.12 127.37
C SER V 725 -77.91 64.88 127.61
N ALA V 726 -78.96 64.69 126.82
CA ALA V 726 -79.79 63.50 126.97
C ALA V 726 -79.05 62.23 126.60
N TYR V 727 -78.14 62.31 125.61
CA TYR V 727 -77.34 61.18 125.20
C TYR V 727 -76.03 61.72 124.63
N PRO V 728 -74.88 61.22 125.09
CA PRO V 728 -73.58 61.74 124.60
C PRO V 728 -73.22 61.19 123.23
N SER V 729 -73.90 61.69 122.21
CA SER V 729 -73.65 61.27 120.84
C SER V 729 -73.73 62.40 119.82
N ILE V 730 -74.08 63.61 120.24
CA ILE V 730 -74.16 64.73 119.30
C ILE V 730 -72.77 65.13 118.81
N ALA V 731 -71.79 65.12 119.71
CA ALA V 731 -70.42 65.47 119.32
C ALA V 731 -69.85 64.49 118.32
N THR V 732 -70.31 63.23 118.36
CA THR V 732 -69.85 62.22 117.41
C THR V 732 -70.69 62.20 116.14
N SER V 733 -71.95 62.63 116.21
CA SER V 733 -72.82 62.65 115.04
C SER V 733 -72.52 63.86 114.16
N LEU V 734 -72.55 65.06 114.74
CA LEU V 734 -72.27 66.27 113.99
C LEU V 734 -70.78 66.33 113.63
N PRO V 735 -70.44 66.91 112.48
CA PRO V 735 -69.02 67.00 112.11
C PRO V 735 -68.21 67.92 113.01
N VAL V 736 -68.85 68.84 113.73
CA VAL V 736 -68.16 69.74 114.64
C VAL V 736 -68.35 69.23 116.07
N PRO V 737 -67.34 69.34 116.93
CA PRO V 737 -67.49 68.87 118.31
C PRO V 737 -68.41 69.75 119.13
N VAL V 738 -68.58 69.42 120.43
CA VAL V 738 -69.43 70.21 121.29
C VAL V 738 -68.79 71.54 121.65
N GLU V 739 -67.48 71.70 121.42
CA GLU V 739 -66.83 72.97 121.71
C GLU V 739 -67.35 74.07 120.80
N THR V 740 -67.65 73.74 119.54
CA THR V 740 -68.21 74.74 118.63
C THR V 740 -69.59 75.20 119.10
N VAL V 741 -70.43 74.26 119.56
CA VAL V 741 -71.74 74.62 120.06
C VAL V 741 -71.62 75.45 121.34
N PHE V 742 -70.65 75.11 122.20
CA PHE V 742 -70.45 75.90 123.42
C PHE V 742 -69.99 77.32 123.08
N GLU V 743 -69.10 77.46 122.11
CA GLU V 743 -68.65 78.78 121.71
C GLU V 743 -69.79 79.58 121.07
N MET V 744 -70.65 78.90 120.30
CA MET V 744 -71.81 79.58 119.72
C MET V 744 -72.76 80.07 120.81
N LEU V 745 -73.00 79.23 121.82
CA LEU V 745 -73.86 79.63 122.93
C LEU V 745 -73.25 80.80 123.70
N ASP V 746 -71.94 80.77 123.90
CA ASP V 746 -71.27 81.87 124.58
C ASP V 746 -71.38 83.17 123.79
N SER V 747 -71.21 83.09 122.47
CA SER V 747 -71.35 84.27 121.63
C SER V 747 -72.77 84.81 121.66
N VAL V 748 -73.76 83.92 121.66
CA VAL V 748 -75.15 84.35 121.72
C VAL V 748 -75.44 85.03 123.07
N LYS V 749 -74.94 84.45 124.16
CA LYS V 749 -75.14 85.05 125.47
C LYS V 749 -74.43 86.38 125.60
N GLN V 750 -73.28 86.54 124.94
CA GLN V 750 -72.57 87.81 124.99
C GLN V 750 -73.28 88.87 124.15
N SER V 751 -73.82 88.48 122.99
CA SER V 751 -74.55 89.42 122.15
C SER V 751 -75.90 89.78 122.73
N LEU V 752 -76.47 88.93 123.59
CA LEU V 752 -77.74 89.25 124.23
C LEU V 752 -77.61 90.47 125.15
N GLY V 753 -76.43 90.70 125.70
CA GLY V 753 -76.21 91.84 126.57
C GLY V 753 -75.68 91.46 127.93
N GLU V 754 -75.87 92.34 128.92
CA GLU V 754 -75.41 92.07 130.28
C GLU V 754 -76.49 92.42 131.30
N ALA V 755 -77.04 93.62 131.19
CA ALA V 755 -78.10 94.06 132.09
C ALA V 755 -78.93 95.17 131.46
N MET V 756 -79.40 94.94 130.23
CA MET V 756 -80.17 95.95 129.50
C MET V 756 -81.03 95.30 128.43
N ASP V 757 -81.15 93.98 128.48
CA ASP V 757 -81.94 93.27 127.47
C ASP V 757 -83.42 93.57 127.64
N ASP V 758 -84.09 93.92 126.55
CA ASP V 758 -85.51 94.22 126.58
C ASP V 758 -86.37 92.97 126.71
N HIS V 759 -85.82 91.79 126.45
CA HIS V 759 -86.57 90.53 126.56
C HIS V 759 -85.83 89.61 127.52
N SER V 760 -86.51 89.22 128.59
CA SER V 760 -85.90 88.35 129.58
C SER V 760 -85.83 86.91 129.05
N PRO V 761 -84.71 86.22 129.27
CA PRO V 761 -84.62 84.83 128.81
C PRO V 761 -85.52 83.91 129.60
N ALA V 762 -85.77 82.73 129.02
CA ALA V 762 -86.62 81.72 129.64
C ALA V 762 -85.94 80.36 129.68
N PHE V 763 -84.60 80.36 129.73
CA PHE V 763 -83.83 79.13 129.77
C PHE V 763 -82.71 79.28 130.78
N MET V 764 -81.98 78.19 131.01
CA MET V 764 -80.86 78.16 131.94
C MET V 764 -79.60 77.77 131.20
N GLU V 765 -78.51 78.49 131.46
CA GLU V 765 -77.24 78.23 130.79
C GLU V 765 -76.66 76.92 131.30
N ASN V 766 -76.57 75.93 130.42
CA ASN V 766 -76.04 74.62 130.76
C ASN V 766 -74.66 74.45 130.13
N HIS V 767 -73.67 74.12 130.95
CA HIS V 767 -72.28 73.92 130.50
C HIS V 767 -71.75 75.16 129.79
N SER V 768 -72.10 76.34 130.31
CA SER V 768 -71.65 77.60 129.74
C SER V 768 -71.69 78.66 130.82
N VAL V 769 -71.17 79.84 130.48
CA VAL V 769 -71.15 80.96 131.42
C VAL V 769 -72.39 81.81 131.22
N LEU V 770 -72.69 82.66 132.20
CA LEU V 770 -73.85 83.54 132.19
C LEU V 770 -73.36 84.96 132.00
N THR V 771 -73.63 85.54 130.82
CA THR V 771 -73.24 86.91 130.51
C THR V 771 -74.37 87.90 130.75
N THR V 772 -75.57 87.62 130.26
CA THR V 772 -76.70 88.51 130.43
C THR V 772 -77.49 88.12 131.68
N MET W 1 -54.49 38.11 4.63
CA MET W 1 -53.05 38.00 4.84
C MET W 1 -52.46 39.32 5.33
N ARG W 2 -51.49 39.24 6.23
CA ARG W 2 -50.84 40.42 6.78
C ARG W 2 -49.41 40.62 6.31
N ARG W 3 -48.66 39.54 6.08
CA ARG W 3 -47.28 39.61 5.64
C ARG W 3 -47.19 39.39 4.13
N SER W 4 -46.11 39.91 3.55
CA SER W 4 -45.89 39.79 2.11
C SER W 4 -45.33 38.42 1.78
N LYS W 5 -45.77 37.87 0.64
CA LYS W 5 -45.33 36.55 0.22
C LYS W 5 -43.84 36.52 -0.07
N ALA W 6 -43.34 37.50 -0.82
CA ALA W 6 -41.92 37.56 -1.12
C ALA W 6 -41.09 37.79 0.14
N GLU W 7 -41.59 38.63 1.04
CA GLU W 7 -40.87 38.91 2.28
C GLU W 7 -40.77 37.65 3.14
N ILE W 8 -41.87 36.93 3.29
CA ILE W 8 -41.84 35.72 4.11
C ILE W 8 -41.04 34.62 3.43
N GLN W 9 -41.00 34.60 2.10
CA GLN W 9 -40.16 33.65 1.39
C GLN W 9 -38.69 33.93 1.63
N ARG W 10 -38.30 35.21 1.55
CA ARG W 10 -36.93 35.58 1.86
C ARG W 10 -36.59 35.26 3.30
N TYR W 11 -37.53 35.47 4.22
CA TYR W 11 -37.30 35.18 5.62
C TYR W 11 -37.06 33.69 5.84
N VAL W 12 -37.92 32.84 5.28
CA VAL W 12 -37.75 31.40 5.46
C VAL W 12 -36.51 30.90 4.76
N GLU W 13 -36.13 31.52 3.63
CA GLU W 13 -34.90 31.12 2.95
C GLU W 13 -33.68 31.47 3.79
N ASN W 14 -33.67 32.67 4.38
CA ASN W 14 -32.56 33.05 5.25
C ASN W 14 -32.51 32.15 6.49
N ALA W 15 -33.67 31.77 7.03
CA ALA W 15 -33.70 30.90 8.18
C ALA W 15 -33.18 29.50 7.83
N GLN W 16 -33.50 29.00 6.64
CA GLN W 16 -33.01 27.69 6.24
C GLN W 16 -31.54 27.72 5.87
N ASN W 17 -31.04 28.86 5.38
CA ASN W 17 -29.63 28.95 5.00
C ASN W 17 -28.74 29.18 6.21
N SER W 18 -29.23 29.92 7.22
CA SER W 18 -28.41 30.19 8.40
C SER W 18 -28.21 28.95 9.25
N ALA W 19 -29.22 28.07 9.33
CA ALA W 19 -29.11 26.85 10.13
C ALA W 19 -30.05 25.81 9.53
N SER W 20 -29.55 25.07 8.54
CA SER W 20 -30.31 24.02 7.90
C SER W 20 -30.38 22.79 8.81
N SER W 21 -31.37 22.75 9.69
CA SER W 21 -31.51 21.66 10.65
C SER W 21 -32.75 20.83 10.34
N PRO W 22 -32.59 19.58 9.89
CA PRO W 22 -33.78 18.74 9.66
C PRO W 22 -34.58 18.48 10.93
N ARG W 23 -33.91 18.43 12.09
CA ARG W 23 -34.64 18.25 13.34
C ARG W 23 -35.56 19.43 13.62
N GLU W 24 -35.05 20.65 13.46
CA GLU W 24 -35.89 21.82 13.65
C GLU W 24 -36.95 21.93 12.58
N LYS W 25 -36.67 21.49 11.36
CA LYS W 25 -37.67 21.47 10.31
C LYS W 25 -38.82 20.54 10.68
N SER W 26 -38.49 19.35 11.20
CA SER W 26 -39.54 18.41 11.59
C SER W 26 -40.30 18.91 12.81
N MET W 27 -39.61 19.58 13.74
CA MET W 27 -40.28 20.07 14.95
C MET W 27 -41.12 21.31 14.71
N LYS W 28 -40.84 22.08 13.64
CA LYS W 28 -41.64 23.25 13.29
C LYS W 28 -42.28 23.11 11.93
N GLY W 29 -42.53 21.87 11.49
CA GLY W 29 -43.17 21.65 10.21
C GLY W 29 -44.54 22.28 10.09
N PHE W 30 -45.29 22.34 11.20
CA PHE W 30 -46.61 22.95 11.16
C PHE W 30 -46.53 24.44 10.86
N LEU W 31 -45.68 25.16 11.60
CA LEU W 31 -45.47 26.58 11.30
C LEU W 31 -44.84 26.76 9.93
N PHE W 32 -43.93 25.86 9.55
CA PHE W 32 -43.35 25.92 8.22
C PHE W 32 -44.40 25.66 7.15
N ALA W 33 -45.32 24.73 7.40
CA ALA W 33 -46.40 24.48 6.46
C ALA W 33 -47.29 25.70 6.33
N ARG W 34 -47.59 26.37 7.44
CA ARG W 34 -48.39 27.60 7.37
C ARG W 34 -47.69 28.69 6.58
N LEU W 35 -46.37 28.86 6.81
CA LEU W 35 -45.63 29.87 6.08
C LEU W 35 -45.57 29.55 4.59
N TYR W 36 -45.40 28.28 4.24
CA TYR W 36 -45.37 27.90 2.83
C TYR W 36 -46.74 28.06 2.17
N TYR W 37 -47.82 27.78 2.91
CA TYR W 37 -49.15 28.01 2.35
C TYR W 37 -49.43 29.49 2.17
N GLU W 38 -48.89 30.33 3.06
CA GLU W 38 -49.06 31.77 2.91
C GLU W 38 -48.24 32.29 1.73
N ALA W 39 -47.05 31.72 1.51
CA ALA W 39 -46.18 32.13 0.42
C ALA W 39 -46.40 31.33 -0.85
N LYS W 40 -47.46 30.52 -0.90
CA LYS W 40 -47.83 29.75 -2.09
C LYS W 40 -46.77 28.72 -2.45
N GLU W 41 -46.57 27.73 -1.55
CA GLU W 41 -45.70 26.58 -1.81
C GLU W 41 -46.42 25.35 -1.26
N TYR W 42 -47.32 24.79 -2.09
CA TYR W 42 -48.17 23.68 -1.63
C TYR W 42 -47.35 22.44 -1.35
N GLU W 43 -46.41 22.09 -2.24
CA GLU W 43 -45.60 20.89 -2.04
C GLU W 43 -44.72 21.02 -0.82
N LEU W 44 -44.09 22.19 -0.63
CA LEU W 44 -43.25 22.39 0.55
C LEU W 44 -44.07 22.35 1.84
N ALA W 45 -45.27 22.96 1.82
CA ALA W 45 -46.13 22.90 2.99
C ALA W 45 -46.56 21.48 3.30
N LYS W 46 -46.87 20.69 2.26
CA LYS W 46 -47.25 19.30 2.46
C LYS W 46 -46.10 18.50 3.05
N ARG W 47 -44.88 18.70 2.53
CA ARG W 47 -43.72 18.00 3.08
C ARG W 47 -43.48 18.39 4.53
N SER W 48 -43.59 19.68 4.84
CA SER W 48 -43.38 20.12 6.22
C SER W 48 -44.42 19.55 7.17
N VAL W 49 -45.70 19.57 6.76
CA VAL W 49 -46.73 19.05 7.65
C VAL W 49 -46.63 17.53 7.76
N SER W 50 -46.15 16.85 6.71
CA SER W 50 -45.94 15.40 6.81
C SER W 50 -44.80 15.08 7.76
N SER W 51 -43.71 15.84 7.71
CA SER W 51 -42.63 15.65 8.66
C SER W 51 -43.10 15.94 10.09
N TYR W 52 -43.92 16.96 10.26
CA TYR W 52 -44.44 17.30 11.58
C TYR W 52 -45.33 16.18 12.12
N ILE W 53 -46.19 15.62 11.26
CA ILE W 53 -47.06 14.52 11.68
C ILE W 53 -46.22 13.28 12.01
N SER W 54 -45.17 13.03 11.23
CA SER W 54 -44.34 11.85 11.48
C SER W 54 -43.56 11.99 12.78
N VAL W 55 -43.10 13.21 13.09
CA VAL W 55 -42.34 13.40 14.33
C VAL W 55 -43.27 13.51 15.54
N GLN W 56 -44.53 13.89 15.32
CA GLN W 56 -45.51 14.01 16.40
C GLN W 56 -46.89 13.78 15.80
N GLU W 57 -47.52 12.67 16.18
CA GLU W 57 -48.85 12.31 15.67
C GLU W 57 -49.98 12.93 16.47
N ARG W 58 -49.76 14.11 17.06
CA ARG W 58 -50.78 14.80 17.83
C ARG W 58 -51.26 16.04 17.09
N ASP W 59 -52.25 16.73 17.68
CA ASP W 59 -52.83 17.96 17.16
C ASP W 59 -53.46 17.74 15.80
N PRO W 60 -54.79 17.57 15.73
CA PRO W 60 -55.44 17.38 14.42
C PRO W 60 -55.39 18.60 13.53
N LYS W 61 -54.86 19.73 14.00
CA LYS W 61 -54.73 20.91 13.15
C LYS W 61 -53.76 20.64 11.99
N ALA W 62 -52.73 19.82 12.22
CA ALA W 62 -51.82 19.48 11.13
C ALA W 62 -52.53 18.67 10.05
N HIS W 63 -53.35 17.69 10.44
CA HIS W 63 -54.12 16.93 9.47
C HIS W 63 -55.13 17.81 8.75
N ARG W 64 -55.74 18.77 9.47
CA ARG W 64 -56.67 19.70 8.84
C ARG W 64 -55.97 20.55 7.80
N PHE W 65 -54.77 21.05 8.12
CA PHE W 65 -54.02 21.85 7.16
C PHE W 65 -53.58 21.02 5.96
N LEU W 66 -53.20 19.76 6.20
CA LEU W 66 -52.83 18.89 5.09
C LEU W 66 -54.03 18.64 4.17
N GLY W 67 -55.20 18.40 4.76
CA GLY W 67 -56.39 18.23 3.94
C GLY W 67 -56.75 19.48 3.17
N GLN W 68 -56.59 20.65 3.80
CA GLN W 68 -56.86 21.90 3.10
C GLN W 68 -55.91 22.10 1.93
N LEU W 69 -54.62 21.79 2.13
CA LEU W 69 -53.66 21.91 1.05
C LEU W 69 -53.97 20.93 -0.08
N PHE W 70 -54.36 19.70 0.26
CA PHE W 70 -54.72 18.72 -0.76
C PHE W 70 -55.95 19.16 -1.54
N GLU W 71 -56.92 19.77 -0.84
CA GLU W 71 -58.13 20.25 -1.52
C GLU W 71 -57.80 21.42 -2.43
N ILE W 72 -56.91 22.32 -2.00
CA ILE W 72 -56.52 23.45 -2.83
C ILE W 72 -55.78 22.96 -4.06
N GLU W 73 -54.92 21.94 -3.90
CA GLU W 73 -54.18 21.38 -5.02
C GLU W 73 -55.10 20.66 -5.99
N GLY W 74 -55.63 19.51 -5.58
CA GLY W 74 -56.53 18.76 -6.44
C GLY W 74 -56.82 17.35 -5.95
N ASN W 75 -55.95 16.80 -5.10
CA ASN W 75 -56.12 15.45 -4.58
C ASN W 75 -57.28 15.44 -3.59
N VAL W 76 -58.50 15.38 -4.13
CA VAL W 76 -59.69 15.43 -3.30
C VAL W 76 -59.80 14.19 -2.44
N GLU W 77 -59.31 13.04 -2.92
CA GLU W 77 -59.36 11.81 -2.14
C GLU W 77 -58.56 11.96 -0.85
N LYS W 78 -57.28 12.30 -0.97
CA LYS W 78 -56.44 12.48 0.21
C LYS W 78 -56.93 13.67 1.05
N ALA W 79 -57.49 14.69 0.41
CA ALA W 79 -58.03 15.82 1.15
C ALA W 79 -59.16 15.38 2.08
N VAL W 80 -60.15 14.67 1.53
CA VAL W 80 -61.27 14.23 2.36
C VAL W 80 -60.82 13.17 3.36
N GLY W 81 -59.79 12.40 3.02
CA GLY W 81 -59.28 11.43 3.99
C GLY W 81 -58.66 12.10 5.20
N CYS W 82 -57.79 13.09 4.95
CA CYS W 82 -57.20 13.83 6.07
C CYS W 82 -58.26 14.60 6.84
N TYR W 83 -59.28 15.13 6.14
CA TYR W 83 -60.34 15.85 6.82
C TYR W 83 -61.13 14.92 7.74
N LYS W 84 -61.46 13.72 7.26
CA LYS W 84 -62.18 12.76 8.10
C LYS W 84 -61.32 12.31 9.27
N ARG W 85 -60.02 12.12 9.04
CA ARG W 85 -59.13 11.74 10.14
C ARG W 85 -59.08 12.84 11.20
N SER W 86 -58.97 14.09 10.78
CA SER W 86 -58.94 15.19 11.73
C SER W 86 -60.26 15.32 12.48
N LEU W 87 -61.39 15.16 11.78
CA LEU W 87 -62.69 15.27 12.44
C LEU W 87 -62.94 14.10 13.39
N GLU W 88 -62.34 12.93 13.12
CA GLU W 88 -62.46 11.82 14.04
C GLU W 88 -61.54 11.98 15.24
N LEU W 89 -60.38 12.60 15.05
CA LEU W 89 -59.48 12.85 16.18
C LEU W 89 -60.02 13.95 17.09
N ASN W 90 -60.67 14.96 16.51
CA ASN W 90 -61.25 16.05 17.26
C ASN W 90 -62.68 15.72 17.67
N PRO W 91 -63.20 16.35 18.73
CA PRO W 91 -64.60 16.13 19.10
C PRO W 91 -65.56 16.62 18.03
N THR W 92 -65.49 17.91 17.71
CA THR W 92 -66.35 18.50 16.68
C THR W 92 -65.72 19.79 16.21
N GLN W 93 -66.06 20.18 14.97
CA GLN W 93 -65.55 21.40 14.38
C GLN W 93 -66.46 21.81 13.24
N LYS W 94 -67.04 23.01 13.33
CA LYS W 94 -67.97 23.47 12.30
C LYS W 94 -67.25 23.63 10.96
N ASP W 95 -66.04 24.20 10.97
CA ASP W 95 -65.30 24.37 9.73
C ASP W 95 -64.94 23.03 9.11
N LEU W 96 -64.53 22.06 9.94
CA LEU W 96 -64.20 20.74 9.42
C LEU W 96 -65.42 20.06 8.82
N THR W 97 -66.58 20.18 9.49
CA THR W 97 -67.81 19.59 8.96
C THR W 97 -68.19 20.22 7.64
N LEU W 98 -68.11 21.56 7.55
CA LEU W 98 -68.44 22.25 6.31
C LEU W 98 -67.49 21.83 5.18
N ARG W 99 -66.19 21.71 5.49
CA ARG W 99 -65.23 21.32 4.46
C ARG W 99 -65.48 19.89 3.99
N ILE W 100 -65.75 18.97 4.91
CA ILE W 100 -66.04 17.59 4.52
C ILE W 100 -67.30 17.53 3.68
N ALA W 101 -68.33 18.29 4.08
CA ALA W 101 -69.59 18.28 3.33
C ALA W 101 -69.38 18.83 1.92
N GLU W 102 -68.65 19.93 1.78
CA GLU W 102 -68.43 20.50 0.45
C GLU W 102 -67.55 19.59 -0.40
N LEU W 103 -66.58 18.90 0.21
CA LEU W 103 -65.77 17.96 -0.54
C LEU W 103 -66.59 16.78 -1.04
N ILE W 104 -67.47 16.25 -0.19
CA ILE W 104 -68.32 15.15 -0.60
C ILE W 104 -69.30 15.60 -1.69
N CYS W 105 -69.81 16.83 -1.58
CA CYS W 105 -70.73 17.34 -2.59
C CYS W 105 -70.02 17.54 -3.93
N THR W 106 -68.77 17.99 -3.90
CA THR W 106 -68.02 18.15 -5.14
C THR W 106 -67.62 16.80 -5.74
N LEU W 107 -67.39 15.79 -4.89
CA LEU W 107 -67.01 14.48 -5.37
C LEU W 107 -68.21 13.65 -5.83
N ASN W 108 -69.42 14.03 -5.41
CA ASN W 108 -70.66 13.32 -5.78
C ASN W 108 -70.65 11.88 -5.31
N ILE W 109 -69.99 11.60 -4.20
CA ILE W 109 -69.94 10.27 -3.59
C ILE W 109 -70.54 10.41 -2.21
N LYS W 110 -71.86 10.27 -2.11
CA LYS W 110 -72.55 10.47 -0.84
C LYS W 110 -72.33 9.26 0.08
N ASP W 111 -71.94 9.54 1.32
CA ASP W 111 -71.70 8.51 2.32
C ASP W 111 -72.40 8.89 3.61
N GLY W 112 -72.34 7.98 4.59
CA GLY W 112 -72.96 8.24 5.87
C GLY W 112 -72.13 9.11 6.78
N ARG W 113 -70.81 9.11 6.61
CA ARG W 113 -69.95 9.95 7.45
C ARG W 113 -70.23 11.43 7.20
N ALA W 114 -70.43 11.82 5.94
CA ALA W 114 -70.76 13.20 5.63
C ALA W 114 -72.08 13.62 6.26
N GLU W 115 -73.09 12.74 6.20
CA GLU W 115 -74.36 13.05 6.83
C GLU W 115 -74.22 13.16 8.35
N TYR W 116 -73.38 12.31 8.94
CA TYR W 116 -73.14 12.41 10.39
C TYR W 116 -72.47 13.72 10.76
N TRP W 117 -71.47 14.13 9.97
CA TRP W 117 -70.81 15.42 10.25
C TRP W 117 -71.76 16.58 10.06
N VAL W 118 -72.64 16.50 9.05
CA VAL W 118 -73.62 17.56 8.84
C VAL W 118 -74.61 17.62 10.01
N GLU W 119 -75.04 16.46 10.51
CA GLU W 119 -75.93 16.44 11.66
C GLU W 119 -75.25 17.01 12.90
N ARG W 120 -73.96 16.70 13.08
CA ARG W 120 -73.23 17.27 14.21
C ARG W 120 -73.10 18.79 14.08
N ALA W 121 -72.82 19.28 12.87
CA ALA W 121 -72.74 20.72 12.66
C ALA W 121 -74.09 21.40 12.88
N SER W 122 -75.18 20.73 12.52
CA SER W 122 -76.50 21.28 12.76
C SER W 122 -76.83 21.30 14.25
N LYS W 123 -76.43 20.26 14.98
CA LYS W 123 -76.63 20.25 16.43
C LYS W 123 -75.80 21.33 17.11
N LEU W 124 -74.61 21.62 16.57
CA LEU W 124 -73.79 22.71 17.08
C LEU W 124 -74.45 24.05 16.79
N PHE W 125 -74.47 24.45 15.52
CA PHE W 125 -75.09 25.70 15.10
C PHE W 125 -75.86 25.45 13.80
N PRO W 126 -77.18 25.36 13.85
CA PRO W 126 -77.98 25.06 12.65
C PRO W 126 -78.26 26.26 11.76
N GLY W 127 -77.64 27.41 12.02
CA GLY W 127 -77.87 28.59 11.21
C GLY W 127 -77.13 28.54 9.89
N SER W 128 -77.31 29.62 9.11
CA SER W 128 -76.68 29.86 7.81
C SER W 128 -77.22 28.89 6.75
N PRO W 129 -77.46 29.37 5.53
CA PRO W 129 -77.95 28.48 4.47
C PRO W 129 -76.92 27.49 3.95
N GLU W 130 -75.69 27.53 4.46
CA GLU W 130 -74.66 26.60 4.01
C GLU W 130 -75.02 25.16 4.34
N ILE W 131 -75.51 24.93 5.57
CA ILE W 131 -75.91 23.58 5.95
C ILE W 131 -77.05 23.08 5.07
N TYR W 132 -78.02 23.95 4.79
CA TYR W 132 -79.15 23.56 3.97
C TYR W 132 -78.71 23.22 2.55
N ARG W 133 -77.86 24.07 1.95
CA ARG W 133 -77.43 23.80 0.59
C ARG W 133 -76.55 22.56 0.51
N LEU W 134 -75.75 22.30 1.55
CA LEU W 134 -74.95 21.08 1.58
C LEU W 134 -75.83 19.84 1.69
N LYS W 135 -76.85 19.89 2.55
CA LYS W 135 -77.78 18.78 2.65
C LYS W 135 -78.53 18.56 1.33
N GLU W 136 -78.88 19.65 0.64
CA GLU W 136 -79.57 19.54 -0.63
C GLU W 136 -78.68 18.90 -1.68
N GLN W 137 -77.42 19.36 -1.78
CA GLN W 137 -76.50 18.76 -2.74
C GLN W 137 -76.14 17.33 -2.38
N LEU W 138 -76.25 16.96 -1.10
CA LEU W 138 -75.98 15.58 -0.70
C LEU W 138 -77.15 14.66 -1.02
N LEU W 139 -78.38 15.14 -0.83
CA LEU W 139 -79.56 14.31 -1.02
C LEU W 139 -80.17 14.42 -2.41
N SER W 140 -79.62 15.28 -3.27
CA SER W 140 -80.11 15.36 -4.65
C SER W 140 -79.79 14.10 -5.47
N SER W 141 -78.93 13.22 -4.96
CA SER W 141 -78.60 12.00 -5.69
C SER W 141 -79.74 10.99 -5.66
N GLN W 142 -80.72 11.17 -4.78
CA GLN W 142 -81.86 10.27 -4.68
C GLN W 142 -83.09 10.79 -5.39
N GLY W 143 -83.45 12.05 -5.18
CA GLY W 143 -84.61 12.62 -5.82
C GLY W 143 -85.74 12.92 -4.85
N GLU W 144 -86.88 12.25 -5.05
CA GLU W 144 -88.02 12.47 -4.16
C GLU W 144 -87.73 11.96 -2.76
N ALA W 145 -87.12 10.78 -2.64
CA ALA W 145 -86.74 10.26 -1.34
C ALA W 145 -85.69 11.14 -0.67
N GLY W 146 -84.76 11.67 -1.47
CA GLY W 146 -83.77 12.59 -0.92
C GLY W 146 -84.39 13.87 -0.39
N TRP W 147 -85.35 14.43 -1.13
CA TRP W 147 -86.03 15.63 -0.66
C TRP W 147 -86.86 15.34 0.58
N ASN W 148 -87.50 14.17 0.64
CA ASN W 148 -88.26 13.81 1.82
C ASN W 148 -87.35 13.67 3.04
N GLN W 149 -86.19 13.03 2.87
CA GLN W 149 -85.24 12.91 3.96
C GLN W 149 -84.70 14.28 4.39
N LEU W 150 -84.49 15.17 3.42
CA LEU W 150 -84.05 16.52 3.74
C LEU W 150 -85.09 17.25 4.57
N PHE W 151 -86.36 17.15 4.17
CA PHE W 151 -87.43 17.80 4.93
C PHE W 151 -87.55 17.21 6.33
N ASP W 152 -87.41 15.89 6.44
CA ASP W 152 -87.48 15.24 7.75
C ASP W 152 -86.33 15.69 8.65
N LEU W 153 -85.13 15.80 8.09
CA LEU W 153 -83.98 16.27 8.88
C LEU W 153 -84.16 17.72 9.29
N ILE W 154 -84.71 18.55 8.41
CA ILE W 154 -84.97 19.95 8.75
C ILE W 154 -85.98 20.03 9.89
N GLN W 155 -87.05 19.24 9.81
CA GLN W 155 -88.05 19.25 10.87
C GLN W 155 -87.46 18.75 12.19
N ALA W 156 -86.62 17.73 12.13
CA ALA W 156 -86.00 17.21 13.34
C ALA W 156 -85.07 18.24 13.97
N GLU W 157 -84.29 18.94 13.15
CA GLU W 157 -83.40 19.98 13.68
C GLU W 157 -84.19 21.15 14.26
N LEU W 158 -85.31 21.50 13.62
CA LEU W 158 -86.15 22.58 14.14
C LEU W 158 -86.79 22.19 15.46
N PHE W 159 -87.21 20.93 15.59
CA PHE W 159 -87.79 20.47 16.85
C PHE W 159 -86.73 20.37 17.94
N ALA W 160 -85.49 20.05 17.57
CA ALA W 160 -84.41 19.97 18.55
C ALA W 160 -84.03 21.35 19.05
N ARG W 161 -83.85 22.31 18.13
CA ARG W 161 -83.51 23.68 18.52
C ARG W 161 -84.16 24.67 17.57
N PRO W 162 -84.94 25.62 18.08
CA PRO W 162 -85.58 26.60 17.19
C PRO W 162 -84.60 27.63 16.64
N ASN W 163 -83.78 27.24 15.66
CA ASN W 163 -82.83 28.16 15.08
C ASN W 163 -82.62 27.92 13.59
N ASP W 164 -83.61 27.39 12.88
CA ASP W 164 -83.50 27.10 11.44
C ASP W 164 -84.29 28.09 10.61
N VAL W 165 -84.20 29.39 10.92
CA VAL W 165 -84.95 30.40 10.17
C VAL W 165 -84.43 30.49 8.75
N TYR W 166 -83.10 30.60 8.59
CA TYR W 166 -82.53 30.64 7.25
C TYR W 166 -82.74 29.34 6.50
N VAL W 167 -82.71 28.20 7.20
CA VAL W 167 -82.96 26.93 6.55
C VAL W 167 -84.38 26.87 6.03
N ASN W 168 -85.36 27.32 6.82
CA ASN W 168 -86.74 27.34 6.36
C ASN W 168 -86.93 28.33 5.21
N LEU W 169 -86.24 29.47 5.26
CA LEU W 169 -86.31 30.43 4.16
C LEU W 169 -85.79 29.81 2.87
N LYS W 170 -84.65 29.13 2.94
CA LYS W 170 -84.09 28.50 1.75
C LYS W 170 -84.96 27.34 1.26
N LEU W 171 -85.60 26.62 2.18
CA LEU W 171 -86.52 25.56 1.78
C LEU W 171 -87.74 26.13 1.06
N VAL W 172 -88.25 27.27 1.55
CA VAL W 172 -89.37 27.92 0.89
C VAL W 172 -88.95 28.44 -0.48
N ASP W 173 -87.73 28.95 -0.59
CA ASP W 173 -87.23 29.40 -1.89
C ASP W 173 -87.10 28.24 -2.86
N LEU W 174 -86.62 27.09 -2.38
CA LEU W 174 -86.52 25.91 -3.23
C LEU W 174 -87.90 25.42 -3.66
N PHE W 175 -88.88 25.50 -2.76
CA PHE W 175 -90.25 25.14 -3.12
C PHE W 175 -90.80 26.07 -4.20
N LEU W 176 -90.53 27.37 -4.06
CA LEU W 176 -90.97 28.33 -5.07
C LEU W 176 -90.30 28.05 -6.42
N SER W 177 -89.02 27.68 -6.39
CA SER W 177 -88.32 27.36 -7.63
C SER W 177 -88.86 26.10 -8.28
N ASN W 178 -89.17 25.09 -7.47
CA ASN W 178 -89.73 23.83 -7.96
C ASN W 178 -91.24 23.88 -8.12
N GLN W 179 -91.85 25.05 -7.96
CA GLN W 179 -93.29 25.26 -8.16
C GLN W 179 -94.11 24.46 -7.14
N ARG W 180 -93.93 24.84 -5.88
CA ARG W 180 -94.70 24.24 -4.79
C ARG W 180 -95.33 25.34 -3.95
N LEU W 181 -96.24 26.12 -4.55
CA LEU W 181 -96.85 27.24 -3.86
C LEU W 181 -97.73 26.78 -2.71
N GLU W 182 -98.47 25.69 -2.90
CA GLU W 182 -99.31 25.17 -1.82
C GLU W 182 -98.47 24.70 -0.64
N GLU W 183 -97.37 24.00 -0.92
CA GLU W 183 -96.49 23.54 0.15
C GLU W 183 -95.84 24.73 0.86
N ALA W 184 -95.44 25.76 0.10
CA ALA W 184 -94.85 26.94 0.72
C ALA W 184 -95.86 27.65 1.62
N VAL W 185 -97.11 27.76 1.18
CA VAL W 185 -98.14 28.40 1.99
C VAL W 185 -98.42 27.58 3.24
N LEU W 186 -98.48 26.25 3.11
CA LEU W 186 -98.71 25.40 4.28
C LEU W 186 -97.55 25.48 5.26
N HIS W 187 -96.32 25.62 4.77
CA HIS W 187 -95.17 25.75 5.67
C HIS W 187 -95.14 27.12 6.34
N CYS W 188 -95.55 28.17 5.62
CA CYS W 188 -95.56 29.51 6.19
C CYS W 188 -96.69 29.70 7.19
N LEU W 189 -97.82 29.00 7.00
CA LEU W 189 -98.96 29.11 7.90
C LEU W 189 -98.85 28.21 9.12
N LYS W 190 -97.64 27.76 9.47
CA LYS W 190 -97.46 26.91 10.64
C LYS W 190 -97.53 27.73 11.92
N PRO W 191 -98.09 27.15 12.99
CA PRO W 191 -98.17 27.90 14.26
C PRO W 191 -96.81 28.21 14.87
N GLU W 192 -95.78 27.44 14.55
CA GLU W 192 -94.45 27.69 15.10
C GLU W 192 -93.71 28.82 14.38
N ARG W 193 -94.26 29.34 13.29
CA ARG W 193 -93.62 30.42 12.56
C ARG W 193 -93.91 31.80 13.16
N ARG W 194 -94.75 31.88 14.18
CA ARG W 194 -95.04 33.17 14.79
C ARG W 194 -93.87 33.68 15.60
N ALA W 195 -93.17 32.78 16.31
CA ALA W 195 -92.01 33.19 17.10
C ALA W 195 -90.79 33.46 16.23
N LEU W 196 -90.76 32.95 15.01
CA LEU W 196 -89.65 33.18 14.08
C LEU W 196 -89.88 34.37 13.16
N ARG W 197 -90.81 35.25 13.50
CA ARG W 197 -91.07 36.43 12.67
C ARG W 197 -90.23 37.61 13.12
N THR W 198 -88.97 37.36 13.45
CA THR W 198 -88.05 38.41 13.90
C THR W 198 -86.89 38.59 12.93
N ASP W 199 -86.97 38.00 11.74
CA ASP W 199 -85.93 38.10 10.73
C ASP W 199 -86.46 38.86 9.52
N ILE W 200 -85.71 39.88 9.08
CA ILE W 200 -86.14 40.69 7.95
C ILE W 200 -86.25 39.85 6.70
N GLU W 201 -85.25 38.99 6.45
CA GLU W 201 -85.27 38.16 5.26
C GLU W 201 -86.43 37.17 5.28
N TRP W 202 -86.66 36.55 6.45
CA TRP W 202 -87.76 35.60 6.56
C TRP W 202 -89.11 36.27 6.35
N CYS W 203 -89.31 37.44 6.95
CA CYS W 203 -90.58 38.15 6.78
C CYS W 203 -90.77 38.61 5.34
N SER W 204 -89.69 39.05 4.68
CA SER W 204 -89.78 39.44 3.29
C SER W 204 -90.11 38.24 2.40
N CYS W 205 -89.52 37.07 2.70
CA CYS W 205 -89.84 35.87 1.94
C CYS W 205 -91.30 35.47 2.15
N VAL W 206 -91.81 35.60 3.37
CA VAL W 206 -93.21 35.30 3.65
C VAL W 206 -94.12 36.26 2.88
N VAL W 207 -93.75 37.54 2.85
CA VAL W 207 -94.54 38.53 2.12
C VAL W 207 -94.54 38.21 0.63
N ARG W 208 -93.38 37.83 0.08
CA ARG W 208 -93.31 37.47 -1.34
C ARG W 208 -94.13 36.23 -1.64
N VAL W 209 -94.10 35.25 -0.75
CA VAL W 209 -94.89 34.03 -0.94
C VAL W 209 -96.37 34.35 -0.92
N PHE W 210 -96.81 35.20 0.01
CA PHE W 210 -98.22 35.58 0.07
C PHE W 210 -98.63 36.38 -1.17
N LYS W 211 -97.74 37.24 -1.67
CA LYS W 211 -98.03 37.98 -2.89
C LYS W 211 -98.16 37.05 -4.09
N GLU W 212 -97.27 36.06 -4.19
CA GLU W 212 -97.36 35.08 -5.27
C GLU W 212 -98.64 34.26 -5.17
N TYR W 213 -99.03 33.89 -3.94
CA TYR W 213 -100.27 33.15 -3.76
C TYR W 213 -101.48 33.98 -4.16
N LEU W 214 -101.47 35.27 -3.81
CA LEU W 214 -102.57 36.16 -4.20
C LEU W 214 -102.62 36.33 -5.71
N ALA W 215 -101.46 36.44 -6.35
CA ALA W 215 -101.43 36.61 -7.81
C ALA W 215 -101.85 35.33 -8.53
N SER W 216 -101.55 34.17 -7.96
CA SER W 216 -101.93 32.91 -8.60
C SER W 216 -103.40 32.58 -8.35
N LYS W 217 -103.77 32.35 -7.10
CA LYS W 217 -105.14 31.99 -6.73
C LYS W 217 -105.89 33.26 -6.37
N GLN W 218 -106.63 33.81 -7.34
CA GLN W 218 -107.42 35.00 -7.13
C GLN W 218 -108.91 34.77 -7.35
N GLY W 219 -109.31 33.58 -7.78
CA GLY W 219 -110.72 33.30 -8.00
C GLY W 219 -111.55 33.26 -6.73
N GLN W 220 -110.93 33.06 -5.58
CA GLN W 220 -111.61 33.02 -4.30
C GLN W 220 -111.12 34.14 -3.40
N LYS W 221 -111.97 34.55 -2.46
CA LYS W 221 -111.63 35.63 -1.54
C LYS W 221 -112.49 35.45 -0.29
N ASN W 222 -111.95 34.77 0.72
CA ASN W 222 -112.69 34.49 1.94
C ASN W 222 -111.84 34.72 3.17
N THR W 223 -112.14 33.99 4.26
CA THR W 223 -111.40 34.16 5.50
C THR W 223 -109.94 33.74 5.34
N ASN W 224 -109.67 32.72 4.52
CA ASN W 224 -108.29 32.31 4.30
C ASN W 224 -107.48 33.42 3.63
N MET W 225 -108.03 34.03 2.58
CA MET W 225 -107.34 35.12 1.90
C MET W 225 -107.21 36.33 2.82
N ARG W 226 -108.23 36.59 3.64
CA ARG W 226 -108.15 37.70 4.58
C ARG W 226 -107.03 37.49 5.58
N MET W 227 -106.91 36.27 6.12
CA MET W 227 -105.84 35.96 7.06
C MET W 227 -104.47 36.04 6.37
N ILE W 228 -104.40 35.61 5.11
CA ILE W 228 -103.13 35.67 4.38
C ILE W 228 -102.71 37.13 4.20
N THR W 229 -103.65 38.00 3.81
CA THR W 229 -103.32 39.41 3.64
C THR W 229 -102.95 40.06 4.97
N LYS W 230 -103.65 39.70 6.05
CA LYS W 230 -103.33 40.25 7.35
C LYS W 230 -101.92 39.84 7.80
N GLU W 231 -101.57 38.57 7.59
CA GLU W 231 -100.23 38.12 7.96
C GLU W 231 -99.17 38.77 7.08
N LEU W 232 -99.47 38.97 5.79
CA LEU W 232 -98.52 39.67 4.92
C LEU W 232 -98.27 41.09 5.40
N LEU W 233 -99.35 41.80 5.75
CA LEU W 233 -99.17 43.18 6.20
C LEU W 233 -98.50 43.25 7.57
N LEU W 234 -98.76 42.27 8.43
CA LEU W 234 -98.07 42.22 9.72
C LEU W 234 -96.57 41.96 9.52
N ALA W 235 -96.22 41.07 8.60
CA ALA W 235 -94.81 40.84 8.30
C ALA W 235 -94.16 42.07 7.69
N GLN W 236 -94.90 42.81 6.86
CA GLN W 236 -94.37 44.05 6.31
C GLN W 236 -94.12 45.07 7.41
N CYS W 237 -95.05 45.20 8.36
CA CYS W 237 -94.86 46.11 9.48
C CYS W 237 -93.67 45.68 10.34
N ASP W 238 -93.49 44.37 10.52
CA ASP W 238 -92.33 43.88 11.26
C ASP W 238 -91.03 44.19 10.53
N VAL W 239 -91.04 44.08 9.20
CA VAL W 239 -89.87 44.44 8.41
C VAL W 239 -89.55 45.92 8.59
N VAL W 240 -90.59 46.77 8.57
CA VAL W 240 -90.40 48.21 8.76
C VAL W 240 -89.78 48.47 10.14
N PHE W 241 -90.34 47.84 11.18
CA PHE W 241 -89.85 48.06 12.53
C PHE W 241 -88.41 47.59 12.68
N LEU W 242 -88.07 46.44 12.09
CA LEU W 242 -86.70 45.93 12.20
C LEU W 242 -85.72 46.80 11.43
N THR W 243 -86.11 47.27 10.25
CA THR W 243 -85.23 48.15 9.48
C THR W 243 -85.05 49.49 10.18
N LEU W 244 -86.05 49.94 10.93
CA LEU W 244 -85.89 51.18 11.69
C LEU W 244 -85.01 50.96 12.92
N SER W 245 -85.15 49.80 13.57
CA SER W 245 -84.29 49.49 14.71
C SER W 245 -82.85 49.27 14.29
N LYS W 246 -82.62 48.84 13.05
CA LYS W 246 -81.27 48.66 12.55
C LYS W 246 -80.57 50.01 12.39
N LYS W 247 -79.29 49.95 12.06
CA LYS W 247 -78.45 51.14 11.93
C LYS W 247 -78.44 51.70 10.51
N ASP W 248 -79.27 51.19 9.61
CA ASP W 248 -79.33 51.66 8.24
C ASP W 248 -80.54 52.57 8.04
N VAL W 249 -80.48 53.38 6.98
CA VAL W 249 -81.52 54.36 6.70
C VAL W 249 -82.19 54.05 5.36
N GLN W 250 -81.41 53.54 4.41
CA GLN W 250 -81.94 53.28 3.08
C GLN W 250 -83.00 52.18 3.10
N LYS W 251 -82.70 51.05 3.75
CA LYS W 251 -83.67 49.97 3.84
C LYS W 251 -84.88 50.38 4.68
N SER W 252 -84.66 51.22 5.70
CA SER W 252 -85.78 51.71 6.49
C SER W 252 -86.71 52.58 5.66
N LYS W 253 -86.14 53.46 4.84
CA LYS W 253 -86.96 54.30 3.96
C LYS W 253 -87.69 53.46 2.92
N GLU W 254 -87.02 52.45 2.36
CA GLU W 254 -87.68 51.58 1.40
C GLU W 254 -88.84 50.82 2.03
N ALA W 255 -88.64 50.30 3.24
CA ALA W 255 -89.70 49.59 3.94
C ALA W 255 -90.85 50.52 4.28
N LEU W 256 -90.54 51.77 4.67
CA LEU W 256 -91.60 52.73 4.96
C LEU W 256 -92.39 53.06 3.70
N GLU W 257 -91.72 53.20 2.56
CA GLU W 257 -92.43 53.45 1.31
C GLU W 257 -93.32 52.27 0.93
N ARG W 258 -92.81 51.05 1.10
CA ARG W 258 -93.62 49.87 0.81
C ARG W 258 -94.83 49.79 1.73
N PHE W 259 -94.64 50.09 3.01
CA PHE W 259 -95.75 50.06 3.96
C PHE W 259 -96.78 51.14 3.63
N ASP W 260 -96.32 52.32 3.21
CA ASP W 260 -97.24 53.39 2.83
C ASP W 260 -98.04 53.00 1.59
N GLN W 261 -97.39 52.38 0.60
CA GLN W 261 -98.11 51.93 -0.58
C GLN W 261 -99.13 50.85 -0.22
N ALA W 262 -98.75 49.91 0.65
CA ALA W 262 -99.67 48.87 1.06
C ALA W 262 -100.87 49.45 1.83
N LEU W 263 -100.62 50.43 2.69
CA LEU W 263 -101.71 51.06 3.44
C LEU W 263 -102.62 51.84 2.50
N LEU W 264 -102.06 52.50 1.48
CA LEU W 264 -102.87 53.19 0.50
C LEU W 264 -103.76 52.22 -0.27
N SER W 265 -103.19 51.08 -0.68
CA SER W 265 -103.98 50.07 -1.38
C SER W 265 -105.08 49.51 -0.49
N VAL W 266 -104.76 49.28 0.79
CA VAL W 266 -105.76 48.76 1.72
C VAL W 266 -106.89 49.77 1.92
N LYS W 267 -106.54 51.05 2.04
CA LYS W 267 -107.56 52.09 2.20
C LYS W 267 -108.42 52.19 0.95
N GLN W 268 -107.82 52.09 -0.24
CA GLN W 268 -108.59 52.15 -1.47
C GLN W 268 -109.51 50.94 -1.61
N SER W 269 -109.08 49.77 -1.14
CA SER W 269 -109.93 48.59 -1.22
C SER W 269 -111.02 48.59 -0.15
N VAL W 270 -110.77 49.25 0.98
CA VAL W 270 -111.75 49.27 2.06
C VAL W 270 -112.80 50.35 1.84
N SER W 271 -112.42 51.49 1.26
CA SER W 271 -113.32 52.61 1.03
C SER W 271 -114.57 52.18 0.26
N GLY W 272 -115.57 51.70 0.98
CA GLY W 272 -116.80 51.25 0.37
C GLY W 272 -117.74 50.61 1.37
N THR W 273 -117.99 51.30 2.49
CA THR W 273 -118.86 50.83 3.56
C THR W 273 -118.40 49.47 4.10
N ASP W 274 -117.43 49.48 5.01
CA ASP W 274 -116.91 48.27 5.62
C ASP W 274 -116.89 48.46 7.13
N ALA W 275 -117.56 47.57 7.86
CA ALA W 275 -117.66 47.62 9.31
C ALA W 275 -117.34 46.23 9.87
N SER W 276 -116.05 45.94 10.00
CA SER W 276 -115.59 44.67 10.54
C SER W 276 -114.26 44.91 11.24
N ASP W 277 -113.48 43.84 11.44
CA ASP W 277 -112.16 43.96 12.05
C ASP W 277 -111.14 44.62 11.12
N LEU W 278 -111.47 44.75 9.83
CA LEU W 278 -110.53 45.37 8.89
C LEU W 278 -110.28 46.83 9.25
N SER W 279 -111.33 47.55 9.67
CA SER W 279 -111.15 48.94 10.04
C SER W 279 -110.28 49.08 11.28
N VAL W 280 -110.47 48.21 12.27
CA VAL W 280 -109.66 48.26 13.48
C VAL W 280 -108.21 47.92 13.15
N THR W 281 -107.99 46.92 12.29
CA THR W 281 -106.63 46.57 11.89
C THR W 281 -105.98 47.72 11.14
N PHE W 282 -106.74 48.41 10.27
CA PHE W 282 -106.19 49.54 9.54
C PHE W 282 -105.83 50.68 10.48
N TYR W 283 -106.67 50.92 11.50
CA TYR W 283 -106.35 51.96 12.47
C TYR W 283 -105.11 51.62 13.28
N GLU W 284 -104.98 50.36 13.70
CA GLU W 284 -103.79 49.94 14.43
C GLU W 284 -102.54 50.08 13.57
N MET W 285 -102.63 49.71 12.29
CA MET W 285 -101.48 49.82 11.41
C MET W 285 -101.15 51.27 11.09
N ARG W 286 -102.17 52.14 11.03
CA ARG W 286 -101.90 53.57 10.87
C ARG W 286 -101.19 54.13 12.08
N GLY W 287 -101.60 53.72 13.29
CA GLY W 287 -100.88 54.15 14.48
C GLY W 287 -99.45 53.63 14.51
N HIS W 288 -99.24 52.38 14.09
CA HIS W 288 -97.90 51.84 14.02
C HIS W 288 -97.05 52.60 13.00
N TYR W 289 -97.63 52.96 11.86
CA TYR W 289 -96.90 53.74 10.86
C TYR W 289 -96.57 55.14 11.37
N TYR W 290 -97.48 55.73 12.15
CA TYR W 290 -97.19 57.03 12.74
C TYR W 290 -96.04 56.94 13.73
N MET W 291 -96.05 55.90 14.58
CA MET W 291 -94.93 55.69 15.50
C MET W 291 -93.63 55.46 14.75
N HIS W 292 -93.68 54.72 13.64
CA HIS W 292 -92.49 54.47 12.84
C HIS W 292 -91.96 55.76 12.22
N ALA W 293 -92.86 56.60 11.72
CA ALA W 293 -92.43 57.88 11.16
C ALA W 293 -91.83 58.79 12.22
N GLY W 294 -92.42 58.79 13.43
CA GLY W 294 -91.84 59.56 14.51
C GLY W 294 -90.47 59.07 14.91
N THR W 295 -90.29 57.75 14.96
CA THR W 295 -88.98 57.18 15.28
C THR W 295 -87.96 57.53 14.20
N LEU W 296 -88.37 57.48 12.92
CA LEU W 296 -87.47 57.85 11.84
C LEU W 296 -87.08 59.32 11.91
N LEU W 297 -88.05 60.19 12.24
CA LEU W 297 -87.74 61.61 12.38
C LEU W 297 -86.78 61.85 13.54
N LEU W 298 -86.99 61.17 14.67
CA LEU W 298 -86.08 61.31 15.80
C LEU W 298 -84.69 60.82 15.45
N LYS W 299 -84.60 59.71 14.71
CA LYS W 299 -83.29 59.18 14.33
C LYS W 299 -82.57 60.11 13.37
N MET W 300 -83.29 60.66 12.38
CA MET W 300 -82.67 61.58 11.45
C MET W 300 -82.34 62.93 12.10
N ALA W 301 -83.01 63.27 13.20
CA ALA W 301 -82.67 64.50 13.91
C ALA W 301 -81.45 64.30 14.82
N GLN W 302 -81.36 63.15 15.47
CA GLN W 302 -80.24 62.85 16.36
C GLN W 302 -79.05 62.30 15.55
N SER W 303 -78.54 63.14 14.65
CA SER W 303 -77.42 62.76 13.81
C SER W 303 -76.48 63.93 13.52
N CYS W 304 -76.60 65.03 14.28
CA CYS W 304 -75.77 66.23 14.10
C CYS W 304 -75.90 66.77 12.68
N GLU W 305 -77.14 67.00 12.25
CA GLU W 305 -77.40 67.53 10.93
C GLU W 305 -78.42 68.66 11.00
N VAL W 306 -79.69 68.32 11.19
CA VAL W 306 -80.75 69.31 11.29
C VAL W 306 -80.88 69.78 12.72
N GLN W 307 -81.84 70.66 12.99
CA GLN W 307 -82.05 71.19 14.33
C GLN W 307 -82.82 70.16 15.15
N TRP W 308 -82.15 69.56 16.13
CA TRP W 308 -82.81 68.55 16.96
C TRP W 308 -83.87 69.18 17.85
N LYS W 309 -83.68 70.44 18.26
CA LYS W 309 -84.67 71.11 19.09
C LYS W 309 -85.90 71.51 18.29
N ALA W 310 -85.77 71.70 16.98
CA ALA W 310 -86.89 72.07 16.12
C ALA W 310 -87.56 70.86 15.47
N LEU W 311 -86.87 69.72 15.40
CA LEU W 311 -87.44 68.51 14.82
C LEU W 311 -88.36 67.77 15.77
N ILE W 312 -88.66 68.33 16.94
CA ILE W 312 -89.55 67.65 17.88
C ILE W 312 -91.00 67.76 17.46
N GLU W 313 -91.35 68.79 16.69
CA GLU W 313 -92.74 69.00 16.32
C GLU W 313 -93.33 67.85 15.50
N PRO W 314 -92.71 67.40 14.40
CA PRO W 314 -93.32 66.27 13.67
C PRO W 314 -93.29 64.97 14.47
N ALA W 315 -92.23 64.73 15.23
CA ALA W 315 -92.17 63.54 16.07
C ALA W 315 -93.26 63.58 17.14
N ALA W 316 -93.45 64.74 17.77
CA ALA W 316 -94.50 64.87 18.77
C ALA W 316 -95.88 64.69 18.15
N LEU W 317 -96.09 65.21 16.94
CA LEU W 317 -97.37 65.03 16.27
C LEU W 317 -97.62 63.56 15.96
N CYS W 318 -96.59 62.85 15.47
CA CYS W 318 -96.75 61.43 15.16
C CYS W 318 -97.01 60.63 16.44
N TYR W 319 -96.33 60.96 17.53
CA TYR W 319 -96.56 60.25 18.79
C TYR W 319 -97.96 60.51 19.32
N LEU W 320 -98.43 61.76 19.22
CA LEU W 320 -99.79 62.06 19.66
C LEU W 320 -100.82 61.34 18.81
N LEU W 321 -100.58 61.23 17.50
CA LEU W 321 -101.49 60.47 16.64
C LEU W 321 -101.51 58.99 17.01
N ALA W 322 -100.32 58.41 17.22
CA ALA W 322 -100.26 57.00 17.61
C ALA W 322 -100.90 56.76 18.97
N TYR W 323 -100.87 57.76 19.85
CA TYR W 323 -101.50 57.61 21.15
C TYR W 323 -103.01 57.74 21.05
N GLN W 324 -103.51 58.70 20.26
CA GLN W 324 -104.94 58.88 20.12
C GLN W 324 -105.58 57.76 19.30
N VAL W 325 -104.78 57.04 18.49
CA VAL W 325 -105.27 55.84 17.82
C VAL W 325 -105.65 54.83 18.90
N PRO W 326 -106.91 54.40 18.97
CA PRO W 326 -107.33 53.52 20.08
C PRO W 326 -106.83 52.09 19.93
N LYS W 327 -107.25 51.22 20.84
CA LYS W 327 -106.88 49.82 20.85
C LYS W 327 -108.08 48.95 20.46
N PRO W 328 -107.83 47.76 19.89
CA PRO W 328 -108.95 46.87 19.55
C PRO W 328 -109.74 46.43 20.77
N LYS W 329 -110.98 46.88 20.88
CA LYS W 329 -111.85 46.54 22.01
C LYS W 329 -112.26 45.08 21.88
N SER W 330 -111.57 44.20 22.60
CA SER W 330 -111.84 42.76 22.60
C SER W 330 -111.69 42.26 21.17
N LYS W 331 -112.64 41.50 20.64
CA LYS W 331 -112.55 40.99 19.26
C LYS W 331 -113.73 41.53 18.45
N PRO W 332 -113.49 42.34 17.43
CA PRO W 332 -114.59 42.84 16.60
C PRO W 332 -115.27 41.72 15.81
N VAL W 333 -114.48 40.95 15.07
CA VAL W 333 -114.97 39.82 14.30
C VAL W 333 -114.16 38.59 14.70
N LYS W 334 -114.85 37.55 15.14
CA LYS W 334 -114.17 36.34 15.58
C LYS W 334 -113.53 35.61 14.40
N GLY W 335 -112.37 35.02 14.64
CA GLY W 335 -111.65 34.30 13.60
C GLY W 335 -110.17 34.60 13.57
N ASP W 336 -109.82 35.88 13.69
CA ASP W 336 -108.42 36.33 13.67
C ASP W 336 -107.90 36.64 15.06
N ASP W 337 -108.28 35.84 16.06
CA ASP W 337 -107.86 36.11 17.43
C ASP W 337 -106.35 35.89 17.61
N ASN W 338 -105.80 34.93 16.89
CA ASN W 338 -104.36 34.68 16.97
C ASN W 338 -103.56 35.89 16.52
N GLY W 339 -104.08 36.64 15.55
CA GLY W 339 -103.45 37.88 15.13
C GLY W 339 -103.93 39.06 15.93
N GLN W 340 -105.16 38.97 16.45
CA GLN W 340 -105.71 40.05 17.25
C GLN W 340 -104.92 40.24 18.55
N GLY W 341 -104.46 39.14 19.14
CA GLY W 341 -103.66 39.26 20.35
C GLY W 341 -102.35 40.00 20.11
N PHE W 342 -101.64 39.63 19.03
CA PHE W 342 -100.40 40.31 18.69
C PHE W 342 -100.67 41.78 18.34
N LEU W 343 -101.79 42.04 17.65
CA LEU W 343 -102.13 43.42 17.32
C LEU W 343 -102.39 44.25 18.57
N GLU W 344 -103.10 43.67 19.54
CA GLU W 344 -103.36 44.38 20.79
C GLU W 344 -102.07 44.61 21.58
N GLU W 345 -101.17 43.62 21.58
CA GLU W 345 -99.90 43.79 22.28
C GLU W 345 -99.07 44.90 21.62
N LEU W 346 -99.01 44.90 20.28
CA LEU W 346 -98.26 45.94 19.58
C LEU W 346 -98.89 47.31 19.80
N ALA W 347 -100.23 47.38 19.85
CA ALA W 347 -100.89 48.65 20.11
C ALA W 347 -100.60 49.15 21.52
N PHE W 348 -100.59 48.26 22.51
CA PHE W 348 -100.25 48.65 23.87
C PHE W 348 -98.82 49.17 23.95
N ASP W 349 -97.88 48.45 23.31
CA ASP W 349 -96.49 48.90 23.31
C ASP W 349 -96.34 50.25 22.63
N ARG W 350 -97.01 50.44 21.50
CA ARG W 350 -96.92 51.71 20.78
C ARG W 350 -97.50 52.85 21.61
N GLN W 351 -98.65 52.61 22.26
CA GLN W 351 -99.25 53.64 23.09
C GLN W 351 -98.35 54.00 24.26
N SER W 352 -97.76 53.00 24.92
CA SER W 352 -96.87 53.28 26.04
C SER W 352 -95.65 54.08 25.58
N LYS W 353 -95.04 53.67 24.46
CA LYS W 353 -93.86 54.36 23.96
C LYS W 353 -94.19 55.80 23.56
N SER W 354 -95.33 55.99 22.88
CA SER W 354 -95.72 57.34 22.47
C SER W 354 -96.01 58.23 23.67
N GLY W 355 -96.70 57.70 24.67
CA GLY W 355 -96.95 58.48 25.87
C GLY W 355 -95.68 58.87 26.60
N HIS W 356 -94.76 57.91 26.74
CA HIS W 356 -93.48 58.22 27.40
C HIS W 356 -92.70 59.27 26.62
N LEU W 357 -92.63 59.12 25.30
CA LEU W 357 -91.89 60.08 24.49
C LEU W 357 -92.52 61.46 24.56
N LEU W 358 -93.85 61.53 24.53
CA LEU W 358 -94.53 62.82 24.60
C LEU W 358 -94.29 63.48 25.96
N LEU W 359 -94.43 62.72 27.04
CA LEU W 359 -94.25 63.30 28.37
C LEU W 359 -92.79 63.65 28.65
N THR W 360 -91.84 63.02 27.96
CA THR W 360 -90.44 63.39 28.14
C THR W 360 -89.97 64.49 27.19
N LEU W 361 -90.68 64.72 26.08
CA LEU W 361 -90.30 65.75 25.14
C LEU W 361 -91.11 67.05 25.30
N SER W 362 -92.24 67.00 26.00
CA SER W 362 -93.02 68.22 26.20
C SER W 362 -92.38 69.17 27.20
N HIS W 363 -91.39 68.71 27.98
CA HIS W 363 -90.71 69.54 28.97
C HIS W 363 -91.70 70.11 29.99
N GLY W 364 -92.70 69.32 30.34
CA GLY W 364 -93.69 69.72 31.32
C GLY W 364 -94.72 70.71 30.82
N LYS W 365 -94.82 70.93 29.51
CA LYS W 365 -95.79 71.84 28.93
C LYS W 365 -97.02 71.07 28.49
N GLN W 366 -98.19 71.54 28.93
CA GLN W 366 -99.45 70.89 28.58
C GLN W 366 -100.06 71.46 27.30
N ASN W 367 -99.81 72.73 27.00
CA ASN W 367 -100.33 73.35 25.79
C ASN W 367 -99.53 73.00 24.54
N PHE W 368 -98.45 72.23 24.68
CA PHE W 368 -97.63 71.88 23.52
C PHE W 368 -98.40 71.01 22.54
N ILE W 369 -99.16 70.03 23.05
CA ILE W 369 -99.92 69.16 22.16
C ILE W 369 -101.01 69.96 21.46
N SER W 370 -101.65 70.89 22.16
CA SER W 370 -102.68 71.72 21.54
C SER W 370 -102.08 72.61 20.45
N GLU W 371 -100.91 73.21 20.73
CA GLU W 371 -100.25 74.03 19.72
C GLU W 371 -99.84 73.19 18.51
N ILE W 372 -99.39 71.96 18.74
CA ILE W 372 -99.01 71.08 17.63
C ILE W 372 -100.23 70.75 16.79
N ILE W 373 -101.36 70.43 17.44
CA ILE W 373 -102.58 70.13 16.71
C ILE W 373 -103.04 71.34 15.91
N GLU W 374 -102.90 72.53 16.48
CA GLU W 374 -103.36 73.74 15.80
C GLU W 374 -102.46 74.09 14.61
N THR W 375 -101.15 73.89 14.75
CA THR W 375 -100.21 74.29 13.72
C THR W 375 -99.87 73.18 12.73
N PHE W 376 -100.40 71.96 12.92
CA PHE W 376 -100.11 70.83 12.03
C PHE W 376 -101.41 70.04 11.85
N ALA W 377 -102.29 70.53 11.00
CA ALA W 377 -103.55 69.85 10.71
C ALA W 377 -104.14 70.35 9.38
N ASN W 378 -103.38 70.21 8.30
CA ASN W 378 -103.84 70.65 6.99
C ASN W 378 -103.13 69.84 5.92
N GLN W 379 -103.64 69.93 4.70
CA GLN W 379 -103.04 69.21 3.58
C GLN W 379 -101.64 69.71 3.27
N CYS W 380 -101.39 71.02 3.46
CA CYS W 380 -100.06 71.56 3.23
C CYS W 380 -99.05 70.94 4.21
N GLY W 381 -99.39 70.93 5.49
CA GLY W 381 -98.51 70.32 6.47
C GLY W 381 -98.35 68.83 6.26
N GLN W 382 -99.42 68.16 5.83
CA GLN W 382 -99.34 66.74 5.53
C GLN W 382 -98.35 66.47 4.40
N SER W 383 -98.46 67.24 3.32
CA SER W 383 -97.52 67.08 2.21
C SER W 383 -96.10 67.43 2.62
N ILE W 384 -95.94 68.44 3.48
CA ILE W 384 -94.61 68.83 3.94
C ILE W 384 -93.97 67.70 4.73
N LEU W 385 -94.72 67.12 5.68
CA LEU W 385 -94.16 66.03 6.47
C LEU W 385 -93.92 64.78 5.62
N LEU W 386 -94.79 64.52 4.63
CA LEU W 386 -94.58 63.38 3.76
C LEU W 386 -93.31 63.54 2.93
N LYS W 387 -93.07 64.74 2.40
CA LYS W 387 -91.87 64.98 1.62
C LYS W 387 -90.63 64.98 2.49
N PHE W 388 -90.75 65.40 3.75
CA PHE W 388 -89.61 65.35 4.66
C PHE W 388 -89.30 63.93 5.11
N LEU W 389 -90.32 63.07 5.16
CA LEU W 389 -90.11 61.68 5.58
C LEU W 389 -89.58 60.83 4.43
N PHE W 390 -90.28 60.82 3.30
CA PHE W 390 -89.92 59.98 2.17
C PHE W 390 -88.91 60.63 1.24
N GLU W 391 -88.33 61.77 1.64
CA GLU W 391 -87.33 62.48 0.86
C GLU W 391 -87.87 62.85 -0.53
N ASP W 392 -88.87 63.73 -0.51
CA ASP W 392 -89.52 64.23 -1.72
C ASP W 392 -90.10 63.10 -2.57
N ASN W 393 -90.83 62.20 -1.90
CA ASN W 393 -91.46 61.07 -2.56
C ASN W 393 -92.81 60.80 -1.91
N LEU W 394 -93.64 60.04 -2.63
CA LEU W 394 -94.96 59.64 -2.17
C LEU W 394 -95.84 60.87 -1.85
N SER W 395 -96.55 61.36 -2.86
CA SER W 395 -97.38 62.55 -2.69
C SER W 395 -98.74 62.20 -2.11
N MET W 396 -99.75 63.05 -2.37
CA MET W 396 -101.08 62.82 -1.82
C MET W 396 -101.72 61.60 -2.44
N GLN W 397 -101.51 61.36 -3.74
CA GLN W 397 -102.07 60.20 -4.41
C GLN W 397 -101.43 58.90 -3.96
N ASP W 398 -100.19 58.96 -3.44
CA ASP W 398 -99.50 57.77 -2.96
C ASP W 398 -99.71 57.55 -1.47
N SER W 399 -100.01 58.60 -0.71
CA SER W 399 -100.27 58.46 0.72
C SER W 399 -101.75 58.21 0.96
N PHE W 400 -102.03 57.45 2.03
CA PHE W 400 -103.42 57.12 2.35
C PHE W 400 -104.14 58.31 2.96
N MET W 401 -103.42 59.19 3.65
CA MET W 401 -104.03 60.36 4.26
C MET W 401 -104.14 61.56 3.31
N GLY W 402 -103.39 61.54 2.21
CA GLY W 402 -103.46 62.65 1.27
C GLY W 402 -104.75 62.67 0.46
N SER W 403 -105.37 61.50 0.27
CA SER W 403 -106.60 61.42 -0.50
C SER W 403 -107.80 61.93 0.28
N ASP W 404 -107.74 61.95 1.61
CA ASP W 404 -108.83 62.43 2.44
C ASP W 404 -108.66 63.93 2.71
N ASP W 405 -109.44 64.46 3.65
CA ASP W 405 -109.39 65.86 4.02
C ASP W 405 -109.18 65.98 5.52
N ILE W 406 -108.32 66.93 5.91
CA ILE W 406 -108.02 67.18 7.31
C ILE W 406 -108.85 68.38 7.78
N SER W 407 -109.56 68.21 8.89
CA SER W 407 -110.41 69.25 9.45
C SER W 407 -110.17 69.39 10.95
N TYR W 408 -108.90 69.38 11.35
CA TYR W 408 -108.49 69.51 12.75
C TYR W 408 -109.14 68.42 13.62
N VAL W 409 -108.61 67.21 13.47
CA VAL W 409 -109.11 66.06 14.21
C VAL W 409 -108.55 66.11 15.62
N GLU W 410 -109.43 65.89 16.60
CA GLU W 410 -109.02 65.90 17.99
C GLU W 410 -108.20 64.67 18.33
N ASN W 411 -107.35 64.80 19.33
CA ASN W 411 -106.47 63.71 19.78
C ASN W 411 -106.74 63.40 21.25
N ARG W 412 -105.91 62.53 21.82
CA ARG W 412 -106.05 62.10 23.21
C ARG W 412 -104.89 62.65 24.03
N VAL W 413 -105.18 62.98 25.29
CA VAL W 413 -104.18 63.51 26.20
C VAL W 413 -103.54 62.34 26.96
N PRO W 414 -102.21 62.25 27.00
CA PRO W 414 -101.57 61.16 27.73
C PRO W 414 -101.81 61.29 29.23
N ASP W 415 -102.35 60.23 29.83
CA ASP W 415 -102.67 60.20 31.25
C ASP W 415 -101.88 59.12 31.94
N LEU W 416 -101.50 59.38 33.20
CA LEU W 416 -100.72 58.40 33.96
C LEU W 416 -101.55 57.16 34.28
N SER W 417 -102.86 57.32 34.48
CA SER W 417 -103.71 56.17 34.77
C SER W 417 -103.74 55.19 33.61
N GLU W 418 -103.67 55.70 32.38
CA GLU W 418 -103.60 54.82 31.22
C GLU W 418 -102.18 54.35 30.94
N LEU W 419 -101.18 55.19 31.21
CA LEU W 419 -99.80 54.78 31.00
C LEU W 419 -99.39 53.66 31.94
N SER W 420 -99.93 53.63 33.15
CA SER W 420 -99.63 52.55 34.08
C SER W 420 -100.14 51.22 33.52
N GLN W 421 -101.37 51.20 33.01
CA GLN W 421 -101.90 49.98 32.42
C GLN W 421 -101.14 49.59 31.15
N HIS W 422 -100.74 50.59 30.36
CA HIS W 422 -99.94 50.30 29.17
C HIS W 422 -98.61 49.65 29.54
N ASP W 423 -97.95 50.16 30.57
CA ASP W 423 -96.69 49.57 31.01
C ASP W 423 -96.90 48.18 31.59
N ASN W 424 -97.99 47.98 32.34
CA ASN W 424 -98.28 46.67 32.90
C ASN W 424 -98.54 45.65 31.80
N GLY W 425 -99.18 46.08 30.71
CA GLY W 425 -99.40 45.19 29.59
C GLY W 425 -98.16 44.94 28.77
N SER W 426 -97.27 45.94 28.67
CA SER W 426 -96.04 45.79 27.91
C SER W 426 -94.98 44.99 28.65
N LEU W 427 -95.06 44.92 29.98
CA LEU W 427 -94.08 44.13 30.73
C LEU W 427 -94.18 42.65 30.40
N ARG W 428 -95.38 42.17 30.07
CA ARG W 428 -95.53 40.76 29.70
C ARG W 428 -94.73 40.41 28.45
N ILE W 429 -94.61 41.36 27.51
CA ILE W 429 -93.80 41.13 26.33
C ILE W 429 -92.33 41.44 26.61
N HIS W 430 -92.06 42.44 27.46
CA HIS W 430 -90.70 42.81 27.81
C HIS W 430 -90.05 41.85 28.81
N ASN W 431 -90.77 40.82 29.25
CA ASN W 431 -90.22 39.80 30.14
C ASN W 431 -88.96 39.19 29.54
N GLY W 432 -87.81 39.48 30.14
CA GLY W 432 -86.53 39.00 29.64
C GLY W 432 -85.73 40.02 28.87
N ASP W 433 -86.22 41.25 28.75
CA ASP W 433 -85.54 42.32 28.02
C ASP W 433 -84.98 43.30 29.05
N LEU W 434 -83.72 43.10 29.43
CA LEU W 434 -83.09 44.00 30.39
C LEU W 434 -82.98 45.41 29.84
N GLN W 435 -82.72 45.54 28.54
CA GLN W 435 -82.64 46.87 27.92
C GLN W 435 -83.98 47.58 27.98
N HIS W 436 -85.07 46.86 27.68
CA HIS W 436 -86.40 47.47 27.76
C HIS W 436 -86.75 47.83 29.20
N LEU W 437 -86.39 46.97 30.16
CA LEU W 437 -86.66 47.29 31.57
C LEU W 437 -85.90 48.53 32.00
N THR W 438 -84.62 48.64 31.62
CA THR W 438 -83.84 49.82 31.97
C THR W 438 -84.40 51.07 31.30
N TRP W 439 -84.84 50.95 30.05
CA TRP W 439 -85.42 52.09 29.35
C TRP W 439 -86.71 52.56 30.04
N LEU W 440 -87.58 51.62 30.41
CA LEU W 440 -88.80 51.98 31.12
C LEU W 440 -88.49 52.61 32.47
N GLY W 441 -87.51 52.07 33.19
CA GLY W 441 -87.12 52.66 34.46
C GLY W 441 -86.60 54.07 34.31
N LEU W 442 -85.78 54.31 33.28
CA LEU W 442 -85.26 55.65 33.05
C LEU W 442 -86.38 56.61 32.65
N GLN W 443 -87.32 56.16 31.82
CA GLN W 443 -88.45 57.00 31.45
C GLN W 443 -89.28 57.39 32.66
N TRP W 444 -89.57 56.43 33.53
CA TRP W 444 -90.38 56.72 34.72
C TRP W 444 -89.61 57.58 35.71
N HIS W 445 -88.29 57.40 35.81
CA HIS W 445 -87.50 58.26 36.69
C HIS W 445 -87.46 59.69 36.18
N PHE W 446 -87.39 59.87 34.86
CA PHE W 446 -87.45 61.21 34.30
C PHE W 446 -88.83 61.83 34.46
N LEU W 447 -89.89 61.01 34.39
CA LEU W 447 -91.24 61.49 34.61
C LEU W 447 -91.58 61.66 36.09
N SER W 448 -90.70 61.22 36.99
CA SER W 448 -90.87 61.40 38.44
C SER W 448 -92.11 60.66 38.95
N THR W 449 -92.45 59.54 38.33
CA THR W 449 -93.57 58.70 38.76
C THR W 449 -93.10 57.25 38.69
N LEU W 450 -92.67 56.72 39.84
CA LEU W 450 -92.13 55.37 39.90
C LEU W 450 -93.24 54.39 40.25
N PRO W 451 -93.63 53.50 39.35
CA PRO W 451 -94.65 52.49 39.70
C PRO W 451 -94.10 51.49 40.70
N PRO W 452 -94.98 50.75 41.37
CA PRO W 452 -94.50 49.75 42.34
C PRO W 452 -93.66 48.67 41.66
N LEU W 453 -92.43 48.52 42.13
CA LEU W 453 -91.53 47.53 41.55
C LEU W 453 -92.00 46.11 41.86
N ARG W 454 -92.71 45.92 42.96
CA ARG W 454 -93.30 44.61 43.25
C ARG W 454 -94.32 44.23 42.18
N LYS W 455 -95.23 45.15 41.85
CA LYS W 455 -96.18 44.91 40.77
C LYS W 455 -95.47 44.77 39.43
N TRP W 456 -94.38 45.51 39.23
CA TRP W 456 -93.58 45.37 38.02
C TRP W 456 -93.08 43.93 37.87
N LEU W 457 -92.45 43.40 38.93
CA LEU W 457 -91.93 42.04 38.87
C LEU W 457 -93.05 41.02 38.76
N LYS W 458 -94.19 41.29 39.40
CA LYS W 458 -95.32 40.35 39.30
C LYS W 458 -95.87 40.30 37.88
N GLN W 459 -95.91 41.45 37.19
CA GLN W 459 -96.36 41.47 35.80
C GLN W 459 -95.31 40.90 34.86
N ILE W 460 -94.03 41.04 35.19
CA ILE W 460 -92.97 40.49 34.34
C ILE W 460 -92.96 38.97 34.42
N PHE W 461 -92.81 38.43 35.63
CA PHE W 461 -92.79 36.99 35.83
C PHE W 461 -94.12 36.53 36.39
N PRO W 462 -94.89 35.73 35.66
CA PRO W 462 -96.21 35.30 36.18
C PRO W 462 -96.11 34.30 37.32
N ARG W 463 -94.98 33.65 37.51
CA ARG W 463 -94.80 32.66 38.56
C ARG W 463 -94.01 33.25 39.72
N VAL W 464 -94.03 32.54 40.84
CA VAL W 464 -93.33 32.95 42.05
C VAL W 464 -91.89 32.52 41.97
N PRO W 465 -90.92 33.39 42.24
CA PRO W 465 -89.51 32.98 42.20
C PRO W 465 -89.21 31.92 43.25
N GLN W 466 -88.16 31.16 43.00
CA GLN W 466 -87.78 30.07 43.90
C GLN W 466 -87.16 30.64 45.17
N GLU W 467 -87.81 30.38 46.31
CA GLU W 467 -87.34 30.82 47.62
C GLU W 467 -87.18 32.35 47.65
N THR W 468 -88.31 33.04 47.50
CA THR W 468 -88.31 34.49 47.51
C THR W 468 -88.39 35.01 48.94
N SER W 469 -88.32 36.33 49.08
CA SER W 469 -88.38 37.02 50.37
C SER W 469 -87.29 36.50 51.32
N ARG W 470 -86.06 36.88 50.99
CA ARG W 470 -84.88 36.51 51.77
C ARG W 470 -84.15 37.77 52.21
N LEU W 471 -83.96 37.91 53.52
CA LEU W 471 -83.27 39.09 54.06
C LEU W 471 -81.76 38.96 53.87
N GLU W 472 -81.15 37.99 54.54
CA GLU W 472 -79.71 37.76 54.46
C GLU W 472 -79.48 36.28 54.19
N SER W 473 -78.84 35.98 53.06
CA SER W 473 -78.54 34.60 52.67
C SER W 473 -77.18 34.54 52.01
N ASN W 474 -76.65 33.33 51.91
CA ASN W 474 -75.34 33.11 51.30
C ASN W 474 -75.38 32.02 50.22
N ILE W 475 -76.56 31.58 49.81
CA ILE W 475 -76.71 30.54 48.78
C ILE W 475 -77.08 31.22 47.47
N PRO W 476 -76.34 30.98 46.38
CA PRO W 476 -76.69 31.62 45.10
C PRO W 476 -77.98 31.11 44.50
N GLU W 477 -78.44 29.92 44.87
CA GLU W 477 -79.68 29.36 44.34
C GLU W 477 -80.91 29.83 45.10
N SER W 478 -80.92 31.09 45.55
CA SER W 478 -82.05 31.62 46.29
C SER W 478 -82.12 33.13 46.15
N ILE W 479 -82.56 33.61 44.98
CA ILE W 479 -82.73 35.04 44.75
C ILE W 479 -84.00 35.52 45.43
N CYS W 480 -84.27 36.82 45.39
CA CYS W 480 -85.44 37.38 46.02
C CYS W 480 -85.85 38.66 45.31
N LEU W 481 -87.13 39.00 45.45
CA LEU W 481 -87.66 40.22 44.85
C LEU W 481 -86.98 41.45 45.39
N LEU W 482 -86.54 41.41 46.66
CA LEU W 482 -85.79 42.54 47.23
C LEU W 482 -84.51 42.78 46.45
N ASP W 483 -83.71 41.73 46.24
CA ASP W 483 -82.47 41.87 45.49
C ASP W 483 -82.75 42.23 44.03
N LEU W 484 -83.84 41.71 43.47
CA LEU W 484 -84.19 42.07 42.09
C LEU W 484 -84.48 43.56 41.97
N GLU W 485 -85.28 44.10 42.90
CA GLU W 485 -85.58 45.53 42.88
C GLU W 485 -84.33 46.35 43.14
N VAL W 486 -83.45 45.88 44.02
CA VAL W 486 -82.21 46.61 44.30
C VAL W 486 -81.34 46.67 43.05
N PHE W 487 -81.21 45.55 42.34
CA PHE W 487 -80.41 45.53 41.12
C PHE W 487 -81.04 46.39 40.03
N LEU W 488 -82.38 46.40 39.94
CA LEU W 488 -83.05 47.24 38.96
C LEU W 488 -82.80 48.72 39.25
N LEU W 489 -82.94 49.12 40.51
CA LEU W 489 -82.67 50.51 40.88
C LEU W 489 -81.21 50.86 40.63
N ALA W 490 -80.29 49.93 40.90
CA ALA W 490 -78.87 50.20 40.69
C ALA W 490 -78.57 50.40 39.21
N VAL W 491 -79.10 49.53 38.34
CA VAL W 491 -78.82 49.67 36.92
C VAL W 491 -79.50 50.90 36.35
N VAL W 492 -80.68 51.26 36.85
CA VAL W 492 -81.33 52.50 36.40
C VAL W 492 -80.51 53.71 36.81
N GLN W 493 -80.01 53.73 38.05
CA GLN W 493 -79.20 54.85 38.51
C GLN W 493 -77.89 54.94 37.74
N THR W 494 -77.25 53.82 37.45
CA THR W 494 -75.99 53.86 36.71
C THR W 494 -76.22 54.26 35.24
N SER W 495 -77.36 53.89 34.67
CA SER W 495 -77.67 54.34 33.31
C SER W 495 -77.94 55.85 33.29
N TYR W 496 -78.67 56.35 34.29
CA TYR W 496 -78.88 57.80 34.38
C TYR W 496 -77.57 58.53 34.59
N LEU W 497 -76.66 57.96 35.39
CA LEU W 497 -75.36 58.58 35.60
C LEU W 497 -74.55 58.62 34.32
N GLN W 498 -74.53 57.51 33.56
CA GLN W 498 -73.81 57.49 32.30
C GLN W 498 -74.40 58.49 31.31
N LEU W 499 -75.72 58.59 31.25
CA LEU W 499 -76.35 59.53 30.34
C LEU W 499 -76.05 60.98 30.73
N GLN W 500 -76.07 61.28 32.03
CA GLN W 500 -75.74 62.62 32.48
C GLN W 500 -74.28 62.96 32.18
N ASP W 501 -73.38 61.99 32.37
CA ASP W 501 -71.97 62.22 32.05
C ASP W 501 -71.77 62.47 30.56
N ASN W 502 -72.46 61.69 29.73
CA ASN W 502 -72.35 61.89 28.28
C ASN W 502 -72.91 63.24 27.87
N ASN W 503 -74.03 63.66 28.49
CA ASN W 503 -74.61 64.95 28.15
C ASN W 503 -73.72 66.11 28.60
N THR W 504 -73.07 65.97 29.76
CA THR W 504 -72.16 67.01 30.21
C THR W 504 -70.88 67.04 29.38
N THR W 505 -70.46 65.89 28.85
CA THR W 505 -69.27 65.86 28.01
C THR W 505 -69.55 66.46 26.64
N ALA W 506 -70.68 66.09 26.03
CA ALA W 506 -71.02 66.60 24.70
C ALA W 506 -71.50 68.04 24.78
N ASP W 507 -72.81 68.24 24.82
CA ASP W 507 -73.41 69.56 24.88
C ASP W 507 -74.65 69.51 25.74
N PRO W 508 -74.98 70.59 26.46
CA PRO W 508 -76.17 70.59 27.30
C PRO W 508 -77.48 70.70 26.53
N ASN W 509 -77.44 70.77 25.20
CA ASN W 509 -78.64 70.85 24.38
C ASN W 509 -79.22 69.50 24.01
N ARG W 510 -78.78 68.43 24.69
CA ARG W 510 -79.30 67.11 24.39
C ARG W 510 -80.73 66.97 24.92
N PRO W 511 -81.54 66.13 24.28
CA PRO W 511 -82.92 65.92 24.75
C PRO W 511 -82.95 65.26 26.12
N ARG W 512 -84.15 65.22 26.70
CA ARG W 512 -84.31 64.65 28.04
C ARG W 512 -84.11 63.15 28.02
N CYS W 513 -84.71 62.46 27.05
CA CYS W 513 -84.60 61.01 26.95
C CYS W 513 -84.42 60.61 25.50
N LEU W 514 -83.81 59.44 25.30
CA LEU W 514 -83.56 58.90 23.98
C LEU W 514 -84.18 57.52 23.85
N PRO W 515 -84.63 57.14 22.65
CA PRO W 515 -85.27 55.83 22.47
C PRO W 515 -84.27 54.69 22.67
N LEU W 516 -84.83 53.48 22.74
CA LEU W 516 -83.99 52.30 22.94
C LEU W 516 -83.09 52.01 21.74
N PRO W 517 -83.57 52.05 20.49
CA PRO W 517 -82.65 51.84 19.36
C PRO W 517 -81.56 52.90 19.26
N ILE W 518 -81.79 54.09 19.82
CA ILE W 518 -80.74 55.11 19.82
C ILE W 518 -79.76 54.88 20.96
N CYS W 519 -80.27 54.46 22.13
CA CYS W 519 -79.40 54.18 23.27
C CYS W 519 -78.65 52.86 23.12
N LYS W 520 -79.02 52.02 22.17
CA LYS W 520 -78.39 50.71 21.93
C LYS W 520 -78.56 49.88 23.20
N GLN W 521 -77.52 49.26 23.73
CA GLN W 521 -77.63 48.47 24.95
C GLN W 521 -77.41 49.34 26.18
N LEU W 522 -78.24 49.12 27.20
CA LEU W 522 -78.16 49.87 28.45
C LEU W 522 -77.66 48.98 29.59
N PHE W 523 -76.73 48.08 29.28
CA PHE W 523 -76.19 47.16 30.27
C PHE W 523 -74.80 46.75 29.83
N THR W 524 -74.20 45.83 30.59
CA THR W 524 -72.88 45.28 30.31
C THR W 524 -72.99 43.77 30.10
N ASP W 525 -71.86 43.16 29.76
CA ASP W 525 -71.83 41.72 29.54
C ASP W 525 -72.12 40.95 30.83
N ARG W 526 -71.49 41.37 31.93
CA ARG W 526 -71.74 40.72 33.21
C ARG W 526 -73.18 40.92 33.66
N GLN W 527 -73.73 42.12 33.42
CA GLN W 527 -75.12 42.38 33.79
C GLN W 527 -76.07 41.50 32.97
N ARG W 528 -75.81 41.36 31.67
CA ARG W 528 -76.66 40.50 30.84
C ARG W 528 -76.53 39.04 31.26
N SER W 529 -75.32 38.60 31.62
CA SER W 529 -75.15 37.22 32.08
C SER W 529 -75.90 36.99 33.39
N TRP W 530 -75.84 37.94 34.32
CA TRP W 530 -76.57 37.80 35.57
C TRP W 530 -78.07 37.82 35.34
N TRP W 531 -78.54 38.65 34.40
CA TRP W 531 -79.96 38.67 34.09
C TRP W 531 -80.42 37.35 33.48
N ASP W 532 -79.61 36.77 32.60
CA ASP W 532 -79.94 35.46 32.02
C ASP W 532 -79.94 34.38 33.10
N ALA W 533 -78.99 34.44 34.03
CA ALA W 533 -78.96 33.46 35.12
C ALA W 533 -80.19 33.60 36.02
N VAL W 534 -80.60 34.83 36.29
CA VAL W 534 -81.80 35.05 37.10
C VAL W 534 -83.04 34.54 36.37
N TYR W 535 -83.12 34.79 35.05
CA TYR W 535 -84.24 34.27 34.27
C TYR W 535 -84.27 32.76 34.28
N SER W 536 -83.10 32.11 34.21
CA SER W 536 -83.04 30.66 34.28
C SER W 536 -83.49 30.16 35.66
N LEU W 537 -82.99 30.78 36.72
CA LEU W 537 -83.39 30.38 38.07
C LEU W 537 -84.89 30.56 38.28
N ILE W 538 -85.49 31.56 37.63
CA ILE W 538 -86.93 31.73 37.71
C ILE W 538 -87.64 30.64 36.91
N THR W 539 -87.11 30.32 35.73
CA THR W 539 -87.66 29.24 34.91
C THR W 539 -87.09 27.90 35.34
N LYS W 540 -86.68 27.80 36.61
CA LYS W 540 -86.29 26.55 37.26
C LYS W 540 -84.89 26.11 36.86
N LYS W 541 -83.90 26.43 37.70
CA LYS W 541 -82.52 25.97 37.57
C LYS W 541 -81.86 26.48 36.29
N ALA W 542 -80.58 26.18 36.13
CA ALA W 542 -79.81 26.60 34.96
C ALA W 542 -79.59 25.42 34.02
N LEU W 543 -79.14 25.75 32.82
CA LEU W 543 -78.88 24.73 31.81
C LEU W 543 -77.62 23.93 32.18
N PRO W 544 -77.60 22.64 31.87
CA PRO W 544 -76.40 21.84 32.18
C PRO W 544 -75.20 22.30 31.38
N GLY W 545 -74.08 22.50 32.07
CA GLY W 545 -72.87 22.97 31.44
C GLY W 545 -72.30 24.21 32.09
N THR W 546 -72.92 25.37 31.81
CA THR W 546 -72.51 26.63 32.40
C THR W 546 -73.23 26.95 33.70
N SER W 547 -73.84 25.94 34.33
CA SER W 547 -74.56 26.18 35.58
C SER W 547 -73.62 26.61 36.70
N ALA W 548 -72.41 26.03 36.73
CA ALA W 548 -71.44 26.41 37.75
C ALA W 548 -71.02 27.87 37.58
N LYS W 549 -70.74 28.28 36.34
CA LYS W 549 -70.37 29.67 36.10
C LYS W 549 -71.51 30.62 36.41
N LEU W 550 -72.75 30.21 36.07
CA LEU W 550 -73.91 31.05 36.38
C LEU W 550 -74.07 31.22 37.89
N ARG W 551 -73.93 30.13 38.64
CA ARG W 551 -74.03 30.21 40.10
C ARG W 551 -72.90 31.06 40.69
N SER W 552 -71.70 30.95 40.13
CA SER W 552 -70.59 31.76 40.61
C SER W 552 -70.84 33.24 40.36
N VAL W 553 -71.35 33.59 39.18
CA VAL W 553 -71.68 34.98 38.88
C VAL W 553 -72.78 35.48 39.79
N ILE W 554 -73.80 34.65 40.03
CA ILE W 554 -74.90 35.04 40.92
C ILE W 554 -74.37 35.32 42.32
N GLN W 555 -73.49 34.44 42.82
CA GLN W 555 -72.94 34.64 44.17
C GLN W 555 -72.06 35.88 44.22
N HIS W 556 -71.25 36.11 43.18
CA HIS W 556 -70.38 37.29 43.17
C HIS W 556 -71.19 38.58 43.13
N ASP W 557 -72.34 38.56 42.43
CA ASP W 557 -73.18 39.74 42.40
C ASP W 557 -73.96 39.92 43.71
N LEU W 558 -74.40 38.81 44.31
CA LEU W 558 -75.13 38.90 45.57
C LEU W 558 -74.24 39.34 46.71
N THR W 559 -72.95 39.02 46.65
CA THR W 559 -72.02 39.45 47.70
C THR W 559 -71.98 40.98 47.80
N THR W 560 -72.21 41.67 46.69
CA THR W 560 -72.27 43.14 46.69
C THR W 560 -73.69 43.67 46.79
N LEU W 561 -74.69 42.90 46.34
CA LEU W 561 -76.06 43.36 46.42
C LEU W 561 -76.57 43.32 47.87
N ARG W 562 -76.33 42.20 48.56
CA ARG W 562 -76.77 42.06 49.95
C ARG W 562 -75.80 42.69 50.95
N ALA W 563 -74.80 43.42 50.47
CA ALA W 563 -73.80 44.07 51.33
C ALA W 563 -73.10 43.05 52.23
N GLN W 564 -72.72 41.91 51.66
CA GLN W 564 -72.04 40.88 52.42
C GLN W 564 -70.58 41.27 52.68
N GLU W 565 -69.75 41.24 51.65
CA GLU W 565 -68.35 41.61 51.75
C GLU W 565 -68.18 43.06 51.30
N LYS W 566 -67.64 43.89 52.18
CA LYS W 566 -67.44 45.31 51.88
C LYS W 566 -66.23 45.46 50.97
N HIS W 567 -66.46 45.74 49.69
CA HIS W 567 -65.39 45.92 48.72
C HIS W 567 -65.18 47.37 48.32
N GLY W 568 -66.08 48.28 48.70
CA GLY W 568 -65.95 49.68 48.36
C GLY W 568 -67.07 50.18 47.48
N LEU W 569 -67.95 51.00 48.05
CA LEU W 569 -69.08 51.55 47.31
C LEU W 569 -69.37 52.96 47.82
N GLN W 570 -69.94 53.78 46.94
CA GLN W 570 -70.28 55.14 47.33
C GLN W 570 -71.53 55.13 48.21
N PRO W 571 -71.61 56.03 49.19
CA PRO W 571 -72.81 56.06 50.04
C PRO W 571 -74.02 56.68 49.38
N ALA W 572 -73.82 57.52 48.34
CA ALA W 572 -74.95 58.22 47.72
C ALA W 572 -75.88 57.25 47.00
N VAL W 573 -75.31 56.29 46.27
CA VAL W 573 -76.15 55.33 45.55
C VAL W 573 -76.91 54.45 46.52
N LEU W 574 -76.28 54.07 47.64
CA LEU W 574 -76.97 53.27 48.64
C LEU W 574 -78.08 54.07 49.32
N VAL W 575 -77.85 55.36 49.56
CA VAL W 575 -78.89 56.21 50.13
C VAL W 575 -80.05 56.33 49.15
N ASN W 576 -79.75 56.45 47.85
CA ASN W 576 -80.81 56.53 46.85
C ASN W 576 -81.61 55.23 46.79
N TRP W 577 -80.92 54.07 46.89
CA TRP W 577 -81.62 52.80 46.91
C TRP W 577 -82.51 52.67 48.14
N ALA W 578 -82.01 53.14 49.30
CA ALA W 578 -82.81 53.09 50.52
C ALA W 578 -84.04 53.99 50.40
N ARG W 579 -83.88 55.18 49.80
CA ARG W 579 -85.01 56.07 49.61
C ARG W 579 -86.03 55.47 48.65
N GLY W 580 -85.55 54.82 47.58
CA GLY W 580 -86.47 54.16 46.67
C GLY W 580 -87.23 53.02 47.33
N LEU W 581 -86.54 52.25 48.17
CA LEU W 581 -87.21 51.18 48.91
C LEU W 581 -88.24 51.74 49.88
N HIS W 582 -87.91 52.84 50.56
CA HIS W 582 -88.86 53.48 51.46
C HIS W 582 -90.09 53.96 50.70
N LYS W 583 -89.88 54.56 49.52
CA LYS W 583 -91.01 55.03 48.72
C LYS W 583 -91.86 53.86 48.24
N THR W 584 -91.23 52.76 47.83
CA THR W 584 -91.98 51.59 47.39
C THR W 584 -92.78 50.99 48.56
N GLY W 585 -92.22 51.03 49.76
CA GLY W 585 -92.95 50.53 50.92
C GLY W 585 -94.10 51.43 51.31
N TYR W 586 -93.91 52.75 51.19
CA TYR W 586 -94.99 53.68 51.51
C TYR W 586 -96.11 53.63 50.48
N SER W 587 -95.78 53.32 49.22
CA SER W 587 -96.79 53.25 48.18
C SER W 587 -97.72 52.05 48.36
N LEU W 588 -97.27 51.01 49.06
CA LEU W 588 -98.06 49.81 49.29
C LEU W 588 -98.57 49.81 50.73
N ASN W 589 -99.40 48.81 51.05
CA ASN W 589 -99.99 48.68 52.37
C ASN W 589 -99.77 47.31 53.00
N SER W 590 -99.02 46.42 52.34
CA SER W 590 -98.77 45.10 52.91
C SER W 590 -97.82 45.21 54.10
N PHE W 591 -98.09 44.42 55.14
CA PHE W 591 -97.27 44.47 56.34
C PHE W 591 -95.95 43.73 56.13
N TYR W 592 -95.98 42.57 55.49
CA TYR W 592 -94.77 41.79 55.30
C TYR W 592 -93.81 42.49 54.34
N ASP W 593 -94.33 43.05 53.24
CA ASP W 593 -93.47 43.76 52.30
C ASP W 593 -92.86 45.01 52.94
N GLN W 594 -93.66 45.74 53.72
CA GLN W 594 -93.13 46.91 54.40
C GLN W 594 -92.07 46.53 55.42
N LYS W 595 -92.29 45.43 56.15
CA LYS W 595 -91.30 44.97 57.11
C LYS W 595 -90.00 44.56 56.42
N GLU W 596 -90.11 43.88 55.28
CA GLU W 596 -88.91 43.49 54.54
C GLU W 596 -88.17 44.71 54.00
N TYR W 597 -88.91 45.69 53.49
CA TYR W 597 -88.27 46.92 53.01
C TYR W 597 -87.56 47.66 54.13
N MET W 598 -88.21 47.77 55.29
CA MET W 598 -87.60 48.44 56.42
C MET W 598 -86.36 47.70 56.90
N GLY W 599 -86.42 46.36 56.92
CA GLY W 599 -85.26 45.58 57.32
C GLY W 599 -84.10 45.74 56.37
N ARG W 600 -84.37 45.76 55.06
CA ARG W 600 -83.32 45.96 54.09
C ARG W 600 -82.71 47.36 54.22
N CYS W 601 -83.56 48.37 54.44
CA CYS W 601 -83.05 49.73 54.61
C CYS W 601 -82.20 49.83 55.87
N VAL W 602 -82.61 49.18 56.95
CA VAL W 602 -81.84 49.23 58.19
C VAL W 602 -80.51 48.49 58.03
N HIS W 603 -80.51 47.38 57.29
CA HIS W 603 -79.27 46.67 57.01
C HIS W 603 -78.33 47.54 56.19
N TYR W 604 -78.85 48.23 55.18
CA TYR W 604 -78.02 49.12 54.37
C TYR W 604 -77.47 50.27 55.21
N TRP W 605 -78.28 50.81 56.11
CA TRP W 605 -77.81 51.90 56.97
C TRP W 605 -76.73 51.41 57.93
N LYS W 606 -76.90 50.22 58.51
CA LYS W 606 -75.90 49.68 59.41
C LYS W 606 -74.62 49.28 58.68
N LYS W 607 -74.71 48.97 57.39
CA LYS W 607 -73.52 48.72 56.60
C LYS W 607 -72.83 50.00 56.17
N LEU W 608 -73.60 51.08 56.00
CA LEU W 608 -73.02 52.37 55.66
C LEU W 608 -72.45 53.10 56.87
N LEU W 609 -72.92 52.78 58.07
CA LEU W 609 -72.43 53.45 59.28
C LEU W 609 -70.91 53.39 59.45
N PRO W 610 -70.22 52.26 59.24
CA PRO W 610 -68.75 52.29 59.33
C PRO W 610 -68.10 53.12 58.24
N LEU W 611 -68.82 53.45 57.16
CA LEU W 611 -68.27 54.28 56.10
C LEU W 611 -68.51 55.76 56.33
N LEU W 612 -69.47 56.13 57.18
CA LEU W 612 -69.73 57.53 57.45
C LEU W 612 -68.64 58.16 58.31
N ASP W 613 -67.99 57.35 59.16
CA ASP W 613 -66.92 57.87 60.01
C ASP W 613 -65.67 58.21 59.21
N LEU W 614 -65.47 57.60 58.05
CA LEU W 614 -64.30 57.92 57.23
C LEU W 614 -64.43 59.28 56.56
N VAL W 615 -65.67 59.74 56.31
CA VAL W 615 -65.86 61.04 55.70
C VAL W 615 -65.61 62.15 56.70
N LYS W 616 -65.96 61.93 57.98
CA LYS W 616 -65.73 62.95 58.99
C LYS W 616 -64.25 63.09 59.33
N GLN W 617 -63.48 62.03 59.15
CA GLN W 617 -62.04 62.05 59.43
C GLN W 617 -61.21 62.51 58.24
N LYS W 618 -61.87 62.96 57.16
CA LYS W 618 -61.21 63.44 55.95
C LYS W 618 -60.28 62.37 55.37
N LYS W 619 -60.92 61.33 54.84
CA LYS W 619 -60.20 60.21 54.25
C LYS W 619 -60.50 60.10 52.76
N SER W 620 -60.40 58.89 52.21
CA SER W 620 -60.66 58.65 50.80
C SER W 620 -62.04 58.05 50.60
N ILE W 621 -62.64 58.36 49.46
CA ILE W 621 -63.97 57.86 49.12
C ILE W 621 -63.83 56.56 48.34
N PRO W 622 -64.46 55.47 48.78
CA PRO W 622 -64.32 54.20 48.05
C PRO W 622 -65.07 54.24 46.73
N GLU W 623 -64.71 53.29 45.86
CA GLU W 623 -65.29 53.17 44.53
C GLU W 623 -65.53 51.70 44.22
N PRO W 624 -66.54 51.40 43.40
CA PRO W 624 -66.80 50.00 43.02
C PRO W 624 -65.70 49.47 42.11
N VAL W 625 -64.96 48.48 42.60
CA VAL W 625 -63.87 47.89 41.82
C VAL W 625 -64.37 46.84 40.84
N ASP W 626 -65.65 46.42 40.94
CA ASP W 626 -66.20 45.43 40.04
C ASP W 626 -66.63 46.07 38.73
N PRO W 627 -66.53 45.35 37.60
CA PRO W 627 -66.94 45.91 36.31
C PRO W 627 -68.44 45.94 36.13
N LEU W 628 -69.18 45.48 37.14
CA LEU W 628 -70.63 45.46 37.05
C LEU W 628 -71.22 46.86 37.12
N PHE W 629 -70.92 47.59 38.18
CA PHE W 629 -71.42 48.95 38.37
C PHE W 629 -70.54 49.95 37.62
N LYS W 630 -71.14 51.09 37.29
CA LYS W 630 -70.46 52.16 36.57
C LYS W 630 -70.69 53.52 37.23
N HIS W 631 -70.96 53.52 38.54
CA HIS W 631 -71.18 54.77 39.25
C HIS W 631 -69.86 55.51 39.44
N PHE W 632 -69.92 56.84 39.38
CA PHE W 632 -68.72 57.66 39.48
C PHE W 632 -68.88 58.79 40.49
N HIS W 633 -68.47 59.98 40.11
CA HIS W 633 -68.47 61.13 41.02
C HIS W 633 -69.74 61.95 40.93
N ASN W 634 -70.70 61.58 40.08
CA ASN W 634 -71.94 62.33 39.97
C ASN W 634 -72.80 62.18 41.23
N LYS W 635 -72.69 61.03 41.90
CA LYS W 635 -73.42 60.77 43.14
C LYS W 635 -72.39 60.67 44.26
N ASP W 636 -72.04 61.81 44.84
CA ASP W 636 -71.06 61.89 45.90
C ASP W 636 -71.70 62.42 47.18
N ILE W 637 -70.98 62.28 48.29
CA ILE W 637 -71.42 62.74 49.60
C ILE W 637 -70.30 63.57 50.21
N LYS W 638 -70.61 64.82 50.55
CA LYS W 638 -69.62 65.71 51.13
C LYS W 638 -69.47 65.45 52.62
N VAL W 639 -68.62 66.24 53.27
CA VAL W 639 -68.39 66.08 54.71
C VAL W 639 -69.57 66.63 55.51
N SER W 640 -70.25 67.66 55.00
CA SER W 640 -71.38 68.25 55.70
C SER W 640 -72.65 67.43 55.57
N GLU W 641 -72.65 66.37 54.77
CA GLU W 641 -73.83 65.53 54.59
C GLU W 641 -73.85 64.33 55.54
N VAL W 642 -72.82 64.16 56.37
CA VAL W 642 -72.80 63.04 57.32
C VAL W 642 -73.92 63.19 58.33
N LYS W 643 -74.19 64.42 58.80
CA LYS W 643 -75.28 64.64 59.74
C LYS W 643 -76.62 64.33 59.10
N ASP W 644 -76.81 64.72 57.84
CA ASP W 644 -78.06 64.41 57.14
C ASP W 644 -78.21 62.91 56.94
N LEU W 645 -77.12 62.20 56.64
CA LEU W 645 -77.20 60.76 56.47
C LEU W 645 -77.52 60.07 57.80
N GLU W 646 -76.95 60.55 58.90
CA GLU W 646 -77.27 59.99 60.21
C GLU W 646 -78.73 60.27 60.58
N ASP W 647 -79.23 61.46 60.26
CA ASP W 647 -80.63 61.75 60.51
C ASP W 647 -81.54 60.86 59.68
N GLU W 648 -81.18 60.60 58.42
CA GLU W 648 -81.97 59.70 57.59
C GLU W 648 -81.93 58.28 58.13
N ALA W 649 -80.78 57.84 58.64
CA ALA W 649 -80.69 56.51 59.24
C ALA W 649 -81.56 56.41 60.48
N CYS W 650 -81.58 57.46 61.30
CA CYS W 650 -82.43 57.46 62.50
C CYS W 650 -83.90 57.45 62.10
N ILE W 651 -84.26 58.19 61.05
CA ILE W 651 -85.64 58.18 60.57
C ILE W 651 -86.01 56.79 60.06
N ALA W 652 -85.08 56.12 59.38
CA ALA W 652 -85.34 54.76 58.91
C ALA W 652 -85.53 53.80 60.08
N PHE W 653 -84.71 53.95 61.13
CA PHE W 653 -84.87 53.10 62.32
C PHE W 653 -86.22 53.34 62.97
N ALA W 654 -86.64 54.61 63.07
CA ALA W 654 -87.94 54.91 63.67
C ALA W 654 -89.08 54.37 62.83
N THR W 655 -88.96 54.42 61.50
CA THR W 655 -89.99 53.85 60.65
C THR W 655 -90.04 52.33 60.78
N LEU W 656 -88.86 51.69 60.91
CA LEU W 656 -88.83 50.26 61.20
C LEU W 656 -89.56 49.95 62.49
N ASP W 657 -89.30 50.74 63.53
CA ASP W 657 -89.98 50.53 64.81
C ASP W 657 -91.50 50.69 64.67
N LEU W 658 -91.93 51.72 63.95
CA LEU W 658 -93.36 51.96 63.77
C LEU W 658 -94.02 50.84 62.98
N VAL W 659 -93.34 50.32 61.95
CA VAL W 659 -93.89 49.22 61.17
C VAL W 659 -93.93 47.93 61.99
N ASP W 660 -92.93 47.72 62.84
CA ASP W 660 -92.91 46.53 63.68
C ASP W 660 -94.03 46.57 64.72
N GLY W 661 -94.18 47.69 65.43
CA GLY W 661 -95.27 47.81 66.37
C GLY W 661 -94.95 48.62 67.60
N LYS W 662 -93.66 48.74 67.93
CA LYS W 662 -93.21 49.53 69.07
C LYS W 662 -93.47 51.01 68.77
N THR W 663 -94.74 51.40 68.93
CA THR W 663 -95.12 52.79 68.66
C THR W 663 -94.47 53.75 69.63
N GLU W 664 -94.32 53.35 70.90
CA GLU W 664 -93.65 54.21 71.87
C GLU W 664 -92.18 54.39 71.52
N ASP W 665 -91.52 53.32 71.08
CA ASP W 665 -90.13 53.43 70.67
C ASP W 665 -89.99 54.32 69.43
N ALA W 666 -90.89 54.18 68.46
CA ALA W 666 -90.86 55.04 67.29
C ALA W 666 -91.09 56.50 67.68
N ILE W 667 -91.99 56.75 68.63
CA ILE W 667 -92.30 58.11 69.05
C ILE W 667 -91.09 58.73 69.75
N ILE W 668 -90.45 57.98 70.64
CA ILE W 668 -89.30 58.54 71.34
C ILE W 668 -88.13 58.72 70.38
N ALA W 669 -88.00 57.85 69.37
CA ALA W 669 -86.95 58.04 68.37
C ALA W 669 -87.19 59.30 67.55
N PHE W 670 -88.43 59.52 67.11
CA PHE W 670 -88.75 60.74 66.38
C PHE W 670 -88.58 61.97 67.25
N GLU W 671 -88.85 61.85 68.55
CA GLU W 671 -88.65 62.99 69.45
C GLU W 671 -87.16 63.30 69.63
N SER W 672 -86.33 62.25 69.73
CA SER W 672 -84.89 62.47 69.82
C SER W 672 -84.33 63.04 68.53
N VAL W 673 -84.90 62.67 67.39
CA VAL W 673 -84.48 63.24 66.10
C VAL W 673 -84.95 64.69 66.03
N LYS W 674 -84.01 65.59 65.76
CA LYS W 674 -84.30 67.03 65.71
C LYS W 674 -84.50 67.48 64.26
N ASN W 675 -85.48 66.88 63.60
CA ASN W 675 -85.81 67.20 62.23
C ASN W 675 -87.29 67.53 62.12
N VAL W 676 -87.64 68.29 61.08
CA VAL W 676 -89.04 68.62 60.84
C VAL W 676 -89.79 67.39 60.33
N VAL W 677 -89.10 66.51 59.59
CA VAL W 677 -89.71 65.25 59.17
C VAL W 677 -90.07 64.40 60.38
N ALA W 678 -89.29 64.51 61.46
CA ALA W 678 -89.62 63.77 62.67
C ALA W 678 -90.92 64.25 63.29
N TYR W 679 -91.13 65.57 63.35
CA TYR W 679 -92.38 66.10 63.86
C TYR W 679 -93.54 65.76 62.93
N TRP W 680 -93.30 65.77 61.62
CA TRP W 680 -94.34 65.37 60.67
C TRP W 680 -94.75 63.92 60.88
N ASN W 681 -93.77 63.03 61.08
CA ASN W 681 -94.08 61.63 61.34
C ASN W 681 -94.76 61.45 62.69
N LEU W 682 -94.40 62.26 63.69
CA LEU W 682 -95.10 62.20 64.97
C LEU W 682 -96.56 62.59 64.82
N ALA W 683 -96.82 63.66 64.07
CA ALA W 683 -98.21 64.06 63.82
C ALA W 683 -98.96 62.98 63.03
N LEU W 684 -98.29 62.34 62.07
CA LEU W 684 -98.92 61.26 61.32
C LEU W 684 -99.26 60.08 62.23
N ILE W 685 -98.35 59.73 63.14
CA ILE W 685 -98.60 58.63 64.07
C ILE W 685 -99.75 58.97 65.01
N TYR W 686 -99.81 60.22 65.48
CA TYR W 686 -100.90 60.63 66.35
C TYR W 686 -102.23 60.57 65.61
N GLN W 687 -102.26 61.01 64.34
CA GLN W 687 -103.49 60.94 63.56
C GLN W 687 -103.89 59.50 63.30
N ARG W 688 -102.92 58.62 63.05
CA ARG W 688 -103.22 57.21 62.84
C ARG W 688 -103.79 56.58 64.11
N LYS W 689 -103.23 56.92 65.27
CA LYS W 689 -103.77 56.41 66.53
C LYS W 689 -105.18 56.93 66.78
N ALA W 690 -105.42 58.20 66.48
CA ALA W 690 -106.76 58.75 66.63
C ALA W 690 -107.76 58.06 65.71
N GLU W 691 -107.34 57.77 64.48
CA GLU W 691 -108.23 57.07 63.55
C GLU W 691 -108.49 55.65 64.00
N GLU W 692 -107.47 54.97 64.53
CA GLU W 692 -107.66 53.62 65.04
C GLU W 692 -108.58 53.61 66.26
N ILE W 693 -108.52 54.64 67.09
CA ILE W 693 -109.42 54.73 68.23
C ILE W 693 -110.84 55.01 67.77
N GLU W 694 -111.01 55.91 66.79
CA GLU W 694 -112.34 56.25 66.30
C GLU W 694 -112.97 55.11 65.50
N ASN W 695 -112.15 54.22 64.92
CA ASN W 695 -112.70 53.11 64.14
C ASN W 695 -113.52 52.16 65.00
N ASP W 696 -113.19 52.05 66.29
CA ASP W 696 -113.94 51.18 67.19
C ASP W 696 -115.22 51.85 67.66
N CYS W 697 -115.79 51.36 68.76
CA CYS W 697 -117.01 51.96 69.30
C CYS W 697 -116.71 53.33 69.89
N LEU W 698 -117.69 54.23 69.74
CA LEU W 698 -117.58 55.61 70.21
C LEU W 698 -118.73 55.88 71.18
N PRO W 699 -118.61 55.44 72.44
CA PRO W 699 -119.67 55.71 73.40
C PRO W 699 -119.51 57.09 74.05
N ALA W 700 -119.34 57.10 75.37
CA ALA W 700 -119.14 58.34 76.12
C ALA W 700 -117.87 58.29 76.96
N GLU W 701 -116.96 57.38 76.66
CA GLU W 701 -115.70 57.23 77.40
C GLU W 701 -114.47 57.45 76.55
N GLU W 702 -114.46 56.94 75.31
CA GLU W 702 -113.32 57.14 74.42
C GLU W 702 -113.26 58.55 73.85
N GLN W 703 -114.27 59.39 74.10
CA GLN W 703 -114.25 60.76 73.60
C GLN W 703 -113.11 61.55 74.22
N GLU W 704 -112.82 61.31 75.50
CA GLU W 704 -111.72 62.01 76.16
C GLU W 704 -110.38 61.61 75.55
N GLU W 705 -110.19 60.31 75.26
CA GLU W 705 -108.97 59.86 74.61
C GLU W 705 -108.84 60.44 73.21
N PHE W 706 -109.94 60.47 72.46
CA PHE W 706 -109.91 61.07 71.12
C PHE W 706 -109.56 62.55 71.20
N GLN W 707 -110.12 63.26 72.17
CA GLN W 707 -109.85 64.69 72.29
C GLN W 707 -108.40 64.95 72.70
N GLU W 708 -107.85 64.14 73.61
CA GLU W 708 -106.47 64.34 74.01
C GLU W 708 -105.50 63.98 72.88
N CYS W 709 -105.84 62.97 72.08
CA CYS W 709 -105.01 62.67 70.91
C CYS W 709 -105.08 63.78 69.88
N LEU W 710 -106.28 64.34 69.68
CA LEU W 710 -106.41 65.48 68.76
C LEU W 710 -105.62 66.68 69.25
N LEU W 711 -105.61 66.92 70.56
CA LEU W 711 -104.81 68.02 71.10
C LEU W 711 -103.32 67.76 70.94
N LYS W 712 -102.89 66.52 71.17
CA LYS W 712 -101.49 66.18 71.00
C LYS W 712 -101.02 66.37 69.57
N CYS W 713 -101.88 65.99 68.61
CA CYS W 713 -101.51 66.19 67.20
C CYS W 713 -101.61 67.66 66.80
N LYS W 714 -102.57 68.40 67.34
CA LYS W 714 -102.71 69.81 67.02
C LYS W 714 -101.55 70.62 67.57
N GLY W 715 -100.96 70.21 68.70
CA GLY W 715 -99.76 70.88 69.18
C GLY W 715 -98.62 70.80 68.19
N PHE W 716 -98.37 69.60 67.66
CA PHE W 716 -97.31 69.44 66.67
C PHE W 716 -97.65 70.16 65.37
N LEU W 717 -98.92 70.15 64.98
CA LEU W 717 -99.33 70.88 63.78
C LEU W 717 -99.09 72.38 63.95
N LYS W 718 -99.40 72.92 65.13
CA LYS W 718 -99.20 74.34 65.37
C LYS W 718 -97.72 74.68 65.44
N MET W 719 -96.90 73.80 66.02
CA MET W 719 -95.46 74.06 66.04
C MET W 719 -94.86 73.99 64.64
N ILE W 720 -95.38 73.10 63.78
CA ILE W 720 -94.91 73.05 62.40
C ILE W 720 -95.33 74.31 61.64
N CYS W 721 -96.56 74.77 61.87
CA CYS W 721 -97.00 76.00 61.23
C CYS W 721 -96.17 77.20 61.69
N ASP W 722 -95.81 77.22 62.98
CA ASP W 722 -94.97 78.31 63.49
C ASP W 722 -93.58 78.26 62.88
N GLU W 723 -93.01 77.05 62.75
CA GLU W 723 -91.70 76.93 62.10
C GLU W 723 -91.77 77.37 60.65
N TYR W 724 -92.86 77.03 59.95
CA TYR W 724 -93.01 77.44 58.55
C TYR W 724 -93.17 78.95 58.44
N SER W 725 -93.90 79.56 59.37
CA SER W 725 -94.05 81.02 59.33
C SER W 725 -92.75 81.73 59.69
N ALA W 726 -91.93 81.13 60.55
CA ALA W 726 -90.65 81.73 60.89
C ALA W 726 -89.65 81.60 59.75
N TYR W 727 -89.60 80.43 59.10
CA TYR W 727 -88.70 80.21 57.98
C TYR W 727 -89.49 79.51 56.87
N PRO W 728 -89.54 80.10 55.67
CA PRO W 728 -90.31 79.47 54.57
C PRO W 728 -89.70 78.20 54.03
N SER W 729 -88.47 77.85 54.41
CA SER W 729 -87.84 76.64 53.93
C SER W 729 -88.41 75.38 54.56
N ILE W 730 -89.25 75.52 55.59
CA ILE W 730 -89.84 74.35 56.24
C ILE W 730 -90.76 73.61 55.28
N ALA W 731 -91.57 74.35 54.53
CA ALA W 731 -92.47 73.71 53.57
C ALA W 731 -91.71 73.05 52.43
N THR W 732 -90.56 73.61 52.05
CA THR W 732 -89.75 72.99 51.00
C THR W 732 -89.04 71.75 51.51
N SER W 733 -88.59 71.76 52.77
CA SER W 733 -87.94 70.59 53.34
C SER W 733 -88.94 69.47 53.61
N LEU W 734 -90.18 69.82 53.94
CA LEU W 734 -91.20 68.81 54.17
C LEU W 734 -91.68 68.23 52.84
N PRO W 735 -91.87 66.91 52.75
CA PRO W 735 -92.34 66.30 51.50
C PRO W 735 -93.79 66.62 51.15
N VAL W 736 -94.46 67.43 51.94
CA VAL W 736 -95.87 67.77 51.70
C VAL W 736 -96.08 69.25 51.99
N PRO W 737 -96.78 69.98 51.11
CA PRO W 737 -96.99 71.41 51.34
C PRO W 737 -97.84 71.70 52.58
N VAL W 738 -98.08 72.98 52.86
CA VAL W 738 -98.81 73.39 54.06
C VAL W 738 -100.30 73.24 53.83
N GLU W 739 -100.70 72.94 52.60
CA GLU W 739 -102.12 72.77 52.29
C GLU W 739 -102.71 71.59 53.06
N THR W 740 -102.05 70.44 53.01
CA THR W 740 -102.53 69.28 53.76
C THR W 740 -102.44 69.51 55.27
N VAL W 741 -101.44 70.26 55.73
CA VAL W 741 -101.33 70.57 57.15
C VAL W 741 -102.53 71.40 57.60
N PHE W 742 -102.88 72.42 56.81
CA PHE W 742 -104.05 73.23 57.15
C PHE W 742 -105.34 72.44 57.07
N GLU W 743 -105.43 71.53 56.08
CA GLU W 743 -106.62 70.68 55.98
C GLU W 743 -106.76 69.78 57.20
N MET W 744 -105.67 69.18 57.65
CA MET W 744 -105.71 68.33 58.83
C MET W 744 -106.02 69.14 60.09
N LEU W 745 -105.49 70.36 60.17
CA LEU W 745 -105.80 71.23 61.30
C LEU W 745 -107.29 71.57 61.34
N ASP W 746 -107.86 71.89 60.18
CA ASP W 746 -109.29 72.18 60.12
C ASP W 746 -110.12 70.96 60.47
N SER W 747 -109.71 69.78 59.99
CA SER W 747 -110.43 68.56 60.34
C SER W 747 -110.37 68.28 61.83
N VAL W 748 -109.21 68.52 62.45
CA VAL W 748 -109.09 68.29 63.88
C VAL W 748 -109.94 69.29 64.67
N LYS W 749 -109.91 70.56 64.28
CA LYS W 749 -110.70 71.57 64.97
C LYS W 749 -112.20 71.37 64.74
N GLN W 750 -112.58 70.70 63.66
CA GLN W 750 -114.00 70.40 63.45
C GLN W 750 -114.43 69.16 64.23
N SER W 751 -113.55 68.15 64.32
CA SER W 751 -113.88 66.95 65.07
C SER W 751 -113.78 67.15 66.57
N LEU W 752 -113.05 68.16 67.04
CA LEU W 752 -112.96 68.41 68.47
C LEU W 752 -114.31 68.85 69.05
N GLY W 753 -115.16 69.46 68.24
CA GLY W 753 -116.47 69.89 68.69
C GLY W 753 -117.55 68.83 68.71
N GLU W 754 -117.20 67.59 68.37
CA GLU W 754 -118.19 66.52 68.38
C GLU W 754 -118.46 66.02 69.79
N ALA W 755 -119.66 65.50 69.99
CA ALA W 755 -120.07 64.99 71.29
C ALA W 755 -121.03 63.82 71.06
N MET W 756 -120.50 62.60 71.13
CA MET W 756 -121.30 61.41 70.92
C MET W 756 -122.16 61.10 72.15
N MET X 1 -71.42 89.43 117.54
CA MET X 1 -70.16 88.77 117.21
C MET X 1 -70.39 87.29 116.91
N ARG X 2 -69.31 86.59 116.59
CA ARG X 2 -69.37 85.16 116.28
C ARG X 2 -68.17 84.47 116.93
N ARG X 3 -68.45 83.50 117.79
CA ARG X 3 -67.42 82.73 118.48
C ARG X 3 -67.48 81.29 118.00
N SER X 4 -66.47 80.88 117.25
CA SER X 4 -66.32 79.50 116.81
C SER X 4 -64.87 79.10 117.02
N LYS X 5 -64.47 77.97 116.43
CA LYS X 5 -63.10 77.49 116.56
C LYS X 5 -62.12 78.49 115.95
N ALA X 6 -62.16 78.65 114.63
CA ALA X 6 -61.25 79.58 113.96
C ALA X 6 -61.52 81.01 114.38
N GLU X 7 -62.77 81.34 114.73
CA GLU X 7 -63.09 82.68 115.18
C GLU X 7 -62.35 83.03 116.47
N ILE X 8 -62.47 82.17 117.48
CA ILE X 8 -61.77 82.42 118.73
C ILE X 8 -60.26 82.28 118.55
N GLN X 9 -59.83 81.46 117.58
CA GLN X 9 -58.40 81.37 117.29
C GLN X 9 -57.86 82.70 116.80
N ARG X 10 -58.52 83.29 115.80
CA ARG X 10 -58.12 84.60 115.31
C ARG X 10 -58.26 85.67 116.39
N TYR X 11 -59.28 85.54 117.25
CA TYR X 11 -59.47 86.52 118.33
C TYR X 11 -58.29 86.51 119.29
N VAL X 12 -57.91 85.33 119.77
CA VAL X 12 -56.79 85.24 120.71
C VAL X 12 -55.48 85.55 120.01
N GLU X 13 -55.38 85.29 118.70
CA GLU X 13 -54.18 85.68 117.96
C GLU X 13 -54.04 87.19 117.92
N ASN X 14 -55.13 87.90 117.61
CA ASN X 14 -55.09 89.36 117.62
C ASN X 14 -54.83 89.91 119.03
N ALA X 15 -55.38 89.25 120.04
CA ALA X 15 -55.16 89.68 121.41
C ALA X 15 -53.70 89.54 121.80
N GLN X 16 -53.06 88.43 121.40
CA GLN X 16 -51.64 88.24 121.68
C GLN X 16 -50.77 89.19 120.86
N ASN X 17 -51.20 89.53 119.64
CA ASN X 17 -50.43 90.45 118.83
C ASN X 17 -50.50 91.86 119.38
N SER X 18 -51.67 92.27 119.88
CA SER X 18 -51.83 93.60 120.46
C SER X 18 -51.39 93.67 121.92
N ALA X 19 -50.87 92.59 122.47
CA ALA X 19 -50.41 92.57 123.86
C ALA X 19 -48.97 93.02 124.02
N SER X 20 -48.31 93.44 122.93
CA SER X 20 -46.92 93.89 123.04
C SER X 20 -46.81 95.25 123.71
N SER X 21 -47.84 96.08 123.57
CA SER X 21 -47.86 97.42 124.17
C SER X 21 -49.30 97.86 124.32
N PRO X 22 -49.61 98.63 125.37
CA PRO X 22 -50.98 99.11 125.54
C PRO X 22 -51.44 100.05 124.43
N ARG X 23 -50.52 100.69 123.72
CA ARG X 23 -50.91 101.58 122.63
C ARG X 23 -51.56 100.82 121.49
N GLU X 24 -51.17 99.55 121.28
CA GLU X 24 -51.81 98.74 120.24
C GLU X 24 -53.29 98.54 120.55
N LYS X 25 -53.62 98.19 121.79
CA LYS X 25 -55.02 98.06 122.17
C LYS X 25 -55.73 99.41 122.15
N SER X 26 -55.02 100.47 122.56
CA SER X 26 -55.62 101.80 122.55
C SER X 26 -56.00 102.25 121.14
N MET X 27 -55.20 101.84 120.14
CA MET X 27 -55.50 102.21 118.76
C MET X 27 -56.44 101.22 118.08
N LYS X 28 -56.51 99.97 118.55
CA LYS X 28 -57.48 99.01 118.05
C LYS X 28 -58.81 99.09 118.77
N GLY X 29 -58.93 99.98 119.76
CA GLY X 29 -60.20 100.20 120.41
C GLY X 29 -61.35 100.51 119.46
N PHE X 30 -61.03 101.06 118.28
CA PHE X 30 -62.07 101.31 117.29
C PHE X 30 -62.72 100.01 116.83
N LEU X 31 -61.90 99.07 116.35
CA LEU X 31 -62.43 97.76 115.96
C LEU X 31 -63.00 97.01 117.15
N PHE X 32 -62.44 97.24 118.35
CA PHE X 32 -62.99 96.63 119.55
C PHE X 32 -64.42 97.09 119.79
N ALA X 33 -64.67 98.40 119.73
CA ALA X 33 -66.01 98.93 119.90
C ALA X 33 -66.92 98.52 118.74
N ARG X 34 -66.36 98.35 117.54
CA ARG X 34 -67.17 97.87 116.43
C ARG X 34 -67.68 96.46 116.70
N LEU X 35 -66.79 95.55 117.10
CA LEU X 35 -67.20 94.20 117.45
C LEU X 35 -68.16 94.21 118.64
N TYR X 36 -67.94 95.11 119.60
CA TYR X 36 -68.86 95.26 120.72
C TYR X 36 -70.26 95.59 120.22
N TYR X 37 -70.40 96.72 119.53
CA TYR X 37 -71.69 97.13 118.98
C TYR X 37 -72.33 96.04 118.12
N GLU X 38 -71.50 95.24 117.43
CA GLU X 38 -72.04 94.08 116.74
C GLU X 38 -72.64 93.08 117.72
N ALA X 39 -71.98 92.88 118.86
CA ALA X 39 -72.48 92.00 119.92
C ALA X 39 -73.11 92.78 121.07
N LYS X 40 -73.88 93.83 120.74
CA LYS X 40 -74.49 94.72 121.72
C LYS X 40 -73.43 95.39 122.58
N GLU X 41 -73.36 95.00 123.85
CA GLU X 41 -72.32 95.47 124.79
C GLU X 41 -72.12 96.98 124.70
N TYR X 42 -73.17 97.71 125.07
CA TYR X 42 -73.15 99.17 124.94
C TYR X 42 -72.11 99.79 125.86
N GLU X 43 -71.98 99.29 127.09
CA GLU X 43 -71.02 99.84 128.03
C GLU X 43 -69.59 99.63 127.54
N LEU X 44 -69.27 98.41 127.07
CA LEU X 44 -67.93 98.14 126.56
C LEU X 44 -67.64 98.95 125.30
N ALA X 45 -68.64 99.10 124.42
CA ALA X 45 -68.45 99.92 123.23
C ALA X 45 -68.19 101.37 123.59
N LYS X 46 -68.93 101.89 124.57
CA LYS X 46 -68.71 103.27 125.00
C LYS X 46 -67.33 103.44 125.62
N ARG X 47 -66.89 102.47 126.43
CA ARG X 47 -65.56 102.55 127.02
C ARG X 47 -64.48 102.53 125.95
N SER X 48 -64.62 101.64 124.96
CA SER X 48 -63.62 101.55 123.90
C SER X 48 -63.60 102.83 123.05
N VAL X 49 -64.77 103.38 122.74
CA VAL X 49 -64.79 104.60 121.93
C VAL X 49 -64.29 105.79 122.73
N SER X 50 -64.48 105.80 124.04
CA SER X 50 -63.92 106.87 124.87
C SER X 50 -62.40 106.76 124.93
N SER X 51 -61.88 105.53 125.02
CA SER X 51 -60.43 105.35 124.96
C SER X 51 -59.88 105.81 123.60
N TYR X 52 -60.59 105.48 122.52
CA TYR X 52 -60.14 105.91 121.20
C TYR X 52 -60.18 107.43 121.07
N ILE X 53 -61.18 108.08 121.68
CA ILE X 53 -61.26 109.53 121.64
C ILE X 53 -60.10 110.14 122.44
N SER X 54 -59.84 109.60 123.63
CA SER X 54 -58.72 110.09 124.43
C SER X 54 -57.39 109.89 123.72
N VAL X 55 -57.29 108.85 122.88
CA VAL X 55 -56.07 108.63 122.11
C VAL X 55 -55.95 109.65 120.98
N GLN X 56 -56.99 109.74 120.14
CA GLN X 56 -57.00 110.63 118.98
C GLN X 56 -58.28 111.46 119.01
N GLU X 57 -58.26 112.55 119.78
CA GLU X 57 -59.40 113.48 119.81
C GLU X 57 -59.74 114.01 118.44
N ARG X 58 -58.77 114.09 117.53
CA ARG X 58 -58.99 114.61 116.19
C ARG X 58 -59.59 113.57 115.25
N ASP X 59 -60.44 112.68 115.76
CA ASP X 59 -61.10 111.66 114.94
C ASP X 59 -62.61 111.80 115.10
N PRO X 60 -63.29 112.44 114.16
CA PRO X 60 -64.75 112.63 114.30
C PRO X 60 -65.55 111.34 114.16
N LYS X 61 -64.96 110.27 113.60
CA LYS X 61 -65.70 109.03 113.45
C LYS X 61 -66.04 108.42 114.80
N ALA X 62 -65.11 108.48 115.76
CA ALA X 62 -65.38 107.97 117.09
C ALA X 62 -66.48 108.77 117.78
N HIS X 63 -66.45 110.10 117.64
CA HIS X 63 -67.49 110.93 118.24
C HIS X 63 -68.86 110.65 117.61
N ARG X 64 -68.89 110.45 116.29
CA ARG X 64 -70.15 110.13 115.63
C ARG X 64 -70.68 108.77 116.08
N PHE X 65 -69.79 107.79 116.23
CA PHE X 65 -70.21 106.48 116.70
C PHE X 65 -70.72 106.54 118.13
N LEU X 66 -70.07 107.34 118.98
CA LEU X 66 -70.54 107.49 120.35
C LEU X 66 -71.90 108.19 120.39
N GLY X 67 -72.10 109.20 119.53
CA GLY X 67 -73.40 109.84 119.47
C GLY X 67 -74.49 108.92 118.99
N GLN X 68 -74.18 108.08 117.99
CA GLN X 68 -75.15 107.10 117.51
C GLN X 68 -75.49 106.08 118.60
N LEU X 69 -74.47 105.63 119.35
CA LEU X 69 -74.72 104.70 120.45
C LEU X 69 -75.58 105.34 121.53
N PHE X 70 -75.31 106.61 121.84
CA PHE X 70 -76.12 107.30 122.84
C PHE X 70 -77.56 107.48 122.38
N GLU X 71 -77.76 107.77 121.09
CA GLU X 71 -79.10 107.91 120.55
C GLU X 71 -79.84 106.58 120.54
N ILE X 72 -79.12 105.49 120.29
CA ILE X 72 -79.74 104.17 120.32
C ILE X 72 -80.12 103.79 121.74
N GLU X 73 -79.24 104.09 122.71
CA GLU X 73 -79.52 103.79 124.11
C GLU X 73 -80.69 104.62 124.62
N GLY X 74 -80.50 105.92 124.73
CA GLY X 74 -81.55 106.79 125.22
C GLY X 74 -81.04 108.12 125.75
N ASN X 75 -79.73 108.27 125.82
CA ASN X 75 -79.11 109.51 126.31
C ASN X 75 -79.11 110.53 125.17
N VAL X 76 -80.26 111.20 125.01
CA VAL X 76 -80.40 112.17 123.94
C VAL X 76 -79.48 113.37 124.17
N GLU X 77 -79.32 113.78 125.44
CA GLU X 77 -78.44 114.90 125.74
C GLU X 77 -76.98 114.55 125.43
N LYS X 78 -76.55 113.33 125.77
CA LYS X 78 -75.19 112.92 125.47
C LYS X 78 -74.98 112.79 123.96
N ALA X 79 -75.99 112.30 123.24
CA ALA X 79 -75.88 112.22 121.79
C ALA X 79 -75.77 113.61 121.17
N VAL X 80 -76.56 114.57 121.68
CA VAL X 80 -76.49 115.94 121.20
C VAL X 80 -75.11 116.53 121.48
N GLY X 81 -74.57 116.26 122.67
CA GLY X 81 -73.23 116.75 122.98
C GLY X 81 -72.16 116.17 122.08
N CYS X 82 -72.25 114.86 121.80
CA CYS X 82 -71.28 114.24 120.91
C CYS X 82 -71.40 114.78 119.48
N TYR X 83 -72.62 114.98 119.01
CA TYR X 83 -72.79 115.54 117.67
C TYR X 83 -72.29 116.97 117.59
N LYS X 84 -72.50 117.76 118.66
CA LYS X 84 -71.98 119.11 118.69
C LYS X 84 -70.45 119.11 118.71
N ARG X 85 -69.84 118.19 119.44
CA ARG X 85 -68.38 118.07 119.42
C ARG X 85 -67.89 117.71 118.04
N SER X 86 -68.56 116.78 117.36
CA SER X 86 -68.17 116.42 116.00
C SER X 86 -68.30 117.60 115.04
N LEU X 87 -69.38 118.37 115.18
CA LEU X 87 -69.58 119.53 114.31
C LEU X 87 -68.53 120.60 114.58
N GLU X 88 -68.18 120.83 115.84
CA GLU X 88 -67.12 121.77 116.17
C GLU X 88 -65.77 121.28 115.66
N LEU X 89 -65.56 119.97 115.62
CA LEU X 89 -64.35 119.42 115.01
C LEU X 89 -64.31 119.72 113.52
N ASN X 90 -65.35 119.34 112.79
CA ASN X 90 -65.45 119.61 111.37
C ASN X 90 -66.88 119.40 110.92
N PRO X 91 -67.39 120.20 109.97
CA PRO X 91 -68.73 119.98 109.45
C PRO X 91 -68.82 118.67 108.67
N THR X 92 -69.06 117.57 109.38
CA THR X 92 -69.08 116.26 108.74
C THR X 92 -70.38 115.98 107.98
N GLN X 93 -71.43 116.76 108.22
CA GLN X 93 -72.70 116.54 107.54
C GLN X 93 -73.50 117.83 107.56
N LYS X 94 -74.14 118.14 106.44
CA LYS X 94 -74.98 119.33 106.38
C LYS X 94 -76.24 119.16 107.22
N ASP X 95 -76.80 117.95 107.25
CA ASP X 95 -77.99 117.68 108.05
C ASP X 95 -77.66 117.44 109.52
N LEU X 96 -76.38 117.41 109.89
CA LEU X 96 -76.02 117.21 111.28
C LEU X 96 -76.50 118.35 112.16
N THR X 97 -76.36 119.59 111.68
CA THR X 97 -76.84 120.74 112.44
C THR X 97 -78.36 120.71 112.57
N LEU X 98 -79.05 120.33 111.51
CA LEU X 98 -80.50 120.21 111.58
C LEU X 98 -80.94 119.16 112.59
N ARG X 99 -80.25 118.01 112.59
CA ARG X 99 -80.58 116.95 113.56
C ARG X 99 -80.29 117.41 114.98
N ILE X 100 -79.17 118.12 115.19
CA ILE X 100 -78.85 118.64 116.51
C ILE X 100 -79.92 119.60 116.98
N ALA X 101 -80.35 120.51 116.10
CA ALA X 101 -81.38 121.47 116.46
C ALA X 101 -82.70 120.77 116.78
N GLU X 102 -83.08 119.78 115.97
CA GLU X 102 -84.33 119.07 116.22
C GLU X 102 -84.28 118.32 117.55
N LEU X 103 -83.15 117.68 117.84
CA LEU X 103 -83.04 116.93 119.10
C LEU X 103 -83.03 117.87 120.30
N ILE X 104 -82.35 119.01 120.19
CA ILE X 104 -82.32 119.94 121.31
C ILE X 104 -83.69 120.59 121.50
N CYS X 105 -84.47 120.72 120.42
CA CYS X 105 -85.82 121.26 120.57
C CYS X 105 -86.75 120.22 121.17
N THR X 106 -86.55 118.94 120.84
CA THR X 106 -87.31 117.88 121.50
C THR X 106 -86.96 117.81 122.98
N LEU X 107 -85.69 118.04 123.32
CA LEU X 107 -85.26 118.10 124.71
C LEU X 107 -85.62 119.42 125.38
N ASN X 108 -86.12 120.40 124.61
CA ASN X 108 -86.60 121.67 125.13
C ASN X 108 -85.47 122.48 125.77
N ILE X 109 -84.61 123.06 124.93
CA ILE X 109 -83.53 123.94 125.38
C ILE X 109 -83.65 125.26 124.62
N LYS X 110 -83.43 126.38 125.32
CA LYS X 110 -83.57 127.69 124.71
C LYS X 110 -82.64 128.72 125.34
N ASP X 111 -81.45 128.30 125.78
CA ASP X 111 -80.52 129.19 126.47
C ASP X 111 -79.15 129.12 125.77
N GLY X 112 -78.92 130.04 124.86
CA GLY X 112 -77.61 130.19 124.25
C GLY X 112 -77.28 129.19 123.15
N ARG X 113 -76.86 127.99 123.53
CA ARG X 113 -76.36 127.03 122.56
C ARG X 113 -77.46 126.57 121.61
N ALA X 114 -78.68 126.36 122.13
CA ALA X 114 -79.77 125.89 121.28
C ALA X 114 -80.12 126.92 120.21
N GLU X 115 -80.28 128.18 120.62
CA GLU X 115 -80.60 129.23 119.65
C GLU X 115 -79.43 129.45 118.68
N TYR X 116 -78.20 129.32 119.17
CA TYR X 116 -77.04 129.47 118.30
C TYR X 116 -77.01 128.41 117.22
N TRP X 117 -77.25 127.15 117.60
CA TRP X 117 -77.26 126.07 116.62
C TRP X 117 -78.45 126.19 115.68
N VAL X 118 -79.60 126.66 116.18
CA VAL X 118 -80.76 126.87 115.30
C VAL X 118 -80.45 127.93 114.26
N GLU X 119 -79.83 129.04 114.68
CA GLU X 119 -79.46 130.09 113.74
C GLU X 119 -78.42 129.59 112.75
N ARG X 120 -77.46 128.78 113.21
CA ARG X 120 -76.45 128.23 112.31
C ARG X 120 -77.08 127.32 111.27
N ALA X 121 -78.03 126.48 111.69
CA ALA X 121 -78.71 125.61 110.73
C ALA X 121 -79.54 126.42 109.74
N SER X 122 -80.22 127.46 110.22
CA SER X 122 -81.02 128.29 109.33
C SER X 122 -80.15 129.05 108.34
N LYS X 123 -78.95 129.45 108.74
CA LYS X 123 -78.04 130.15 107.83
C LYS X 123 -77.37 129.19 106.84
N LEU X 124 -77.09 127.96 107.27
CA LEU X 124 -76.43 127.00 106.39
C LEU X 124 -77.43 126.42 105.38
N PHE X 125 -78.47 125.76 105.87
CA PHE X 125 -79.40 125.17 104.91
C PHE X 125 -80.61 126.09 104.72
N PRO X 126 -81.10 126.24 103.48
CA PRO X 126 -82.21 127.17 103.25
C PRO X 126 -83.54 126.68 103.80
N GLY X 127 -84.63 127.32 103.40
CA GLY X 127 -85.96 126.97 103.86
C GLY X 127 -86.33 125.53 103.58
N SER X 128 -86.58 124.76 104.63
CA SER X 128 -86.89 123.35 104.52
C SER X 128 -87.90 122.94 105.58
N PRO X 129 -88.61 121.82 105.35
CA PRO X 129 -89.54 121.35 106.39
C PRO X 129 -88.87 121.06 107.72
N GLU X 130 -87.67 120.47 107.70
CA GLU X 130 -86.98 120.19 108.95
C GLU X 130 -86.56 121.48 109.66
N ILE X 131 -86.09 122.47 108.90
CA ILE X 131 -85.72 123.75 109.48
C ILE X 131 -86.94 124.41 110.12
N TYR X 132 -88.07 124.41 109.40
CA TYR X 132 -89.28 125.00 109.94
C TYR X 132 -89.75 124.25 111.18
N ARG X 133 -89.62 122.92 111.19
CA ARG X 133 -90.05 122.13 112.34
C ARG X 133 -89.20 122.43 113.56
N LEU X 134 -87.88 122.50 113.39
CA LEU X 134 -87.02 122.79 114.53
C LEU X 134 -87.23 124.21 115.03
N LYS X 135 -87.45 125.17 114.11
CA LYS X 135 -87.72 126.54 114.54
C LYS X 135 -89.04 126.63 115.30
N GLU X 136 -90.06 125.90 114.84
CA GLU X 136 -91.34 125.90 115.54
C GLU X 136 -91.22 125.25 116.92
N GLN X 137 -90.49 124.14 117.01
CA GLN X 137 -90.32 123.49 118.31
C GLN X 137 -89.48 124.33 119.25
N LEU X 138 -88.58 125.16 118.72
CA LEU X 138 -87.82 126.06 119.57
C LEU X 138 -88.68 127.22 120.06
N LEU X 139 -89.51 127.79 119.17
CA LEU X 139 -90.32 128.93 119.53
C LEU X 139 -91.53 128.55 120.39
N SER X 140 -91.96 127.29 120.35
CA SER X 140 -93.10 126.86 121.15
C SER X 140 -92.74 126.62 122.61
N SER X 141 -91.46 126.66 122.96
CA SER X 141 -91.03 126.43 124.33
C SER X 141 -90.90 127.71 125.14
N GLN X 142 -91.29 128.86 124.58
CA GLN X 142 -91.19 130.13 125.27
C GLN X 142 -92.53 130.66 125.76
N GLY X 143 -93.64 130.08 125.32
CA GLY X 143 -94.95 130.54 125.75
C GLY X 143 -95.63 131.44 124.72
N GLU X 144 -96.39 132.43 125.20
CA GLU X 144 -97.07 133.34 124.29
C GLU X 144 -96.08 134.25 123.58
N ALA X 145 -95.02 134.67 124.28
CA ALA X 145 -93.99 135.48 123.65
C ALA X 145 -93.31 134.72 122.51
N GLY X 146 -93.14 133.41 122.68
CA GLY X 146 -92.64 132.59 121.59
C GLY X 146 -93.72 132.20 120.59
N TRP X 147 -94.97 132.14 121.04
CA TRP X 147 -96.06 131.81 120.13
C TRP X 147 -96.27 132.92 119.11
N ASN X 148 -96.09 134.19 119.52
CA ASN X 148 -96.20 135.29 118.57
C ASN X 148 -95.10 135.21 117.51
N GLN X 149 -93.87 134.89 117.92
CA GLN X 149 -92.78 134.73 116.97
C GLN X 149 -93.03 133.55 116.04
N LEU X 150 -93.60 132.45 116.57
CA LEU X 150 -93.94 131.31 115.73
C LEU X 150 -95.02 131.67 114.71
N PHE X 151 -96.00 132.46 115.12
CA PHE X 151 -97.04 132.90 114.20
C PHE X 151 -96.46 133.79 113.10
N ASP X 152 -95.57 134.71 113.49
CA ASP X 152 -94.93 135.56 112.48
C ASP X 152 -94.09 134.72 111.52
N LEU X 153 -93.39 133.72 112.04
CA LEU X 153 -92.55 132.88 111.19
C LEU X 153 -93.38 132.05 110.23
N ILE X 154 -94.50 131.48 110.70
CA ILE X 154 -95.32 130.67 109.81
C ILE X 154 -96.03 131.57 108.79
N GLN X 155 -96.37 132.80 109.17
CA GLN X 155 -96.93 133.74 108.20
C GLN X 155 -95.92 134.08 107.12
N ALA X 156 -94.66 134.33 107.51
CA ALA X 156 -93.62 134.60 106.53
C ALA X 156 -93.38 133.39 105.62
N GLU X 157 -93.41 132.19 106.20
CA GLU X 157 -93.21 130.98 105.41
C GLU X 157 -94.36 130.77 104.42
N LEU X 158 -95.59 131.07 104.84
CA LEU X 158 -96.72 130.94 103.93
C LEU X 158 -96.69 132.01 102.84
N PHE X 159 -96.21 133.20 103.17
CA PHE X 159 -96.06 134.24 102.14
C PHE X 159 -94.95 133.88 101.15
N ALA X 160 -93.91 133.21 101.62
CA ALA X 160 -92.82 132.78 100.76
C ALA X 160 -93.26 131.63 99.86
N ARG X 161 -93.52 130.47 100.46
CA ARG X 161 -93.95 129.28 99.72
C ARG X 161 -95.38 128.93 100.13
N PRO X 162 -96.39 129.41 99.41
CA PRO X 162 -97.77 129.09 99.81
C PRO X 162 -98.18 127.67 99.48
N ASN X 163 -97.54 127.03 98.51
CA ASN X 163 -97.87 125.66 98.11
C ASN X 163 -96.93 124.70 98.83
N ASP X 164 -97.33 124.34 100.05
CA ASP X 164 -96.55 123.41 100.88
C ASP X 164 -97.53 122.64 101.77
N VAL X 165 -97.65 121.33 101.52
CA VAL X 165 -98.59 120.51 102.28
C VAL X 165 -98.20 120.45 103.74
N TYR X 166 -96.90 120.32 104.02
CA TYR X 166 -96.45 120.27 105.41
C TYR X 166 -96.71 121.58 106.13
N VAL X 167 -96.44 122.71 105.45
CA VAL X 167 -96.69 124.01 106.06
C VAL X 167 -98.17 124.20 106.32
N ASN X 168 -99.02 123.79 105.38
CA ASN X 168 -100.46 123.91 105.56
C ASN X 168 -100.94 123.04 106.73
N LEU X 169 -100.41 121.82 106.84
CA LEU X 169 -100.81 120.94 107.93
C LEU X 169 -100.36 121.50 109.28
N LYS X 170 -99.14 122.06 109.34
CA LYS X 170 -98.67 122.65 110.59
C LYS X 170 -99.48 123.88 110.96
N LEU X 171 -99.90 124.68 109.97
CA LEU X 171 -100.74 125.83 110.24
C LEU X 171 -102.11 125.40 110.74
N VAL X 172 -102.66 124.34 110.16
CA VAL X 172 -103.94 123.81 110.63
C VAL X 172 -103.82 123.30 112.06
N ASP X 173 -102.71 122.63 112.37
CA ASP X 173 -102.49 122.16 113.73
C ASP X 173 -102.35 123.31 114.71
N LEU X 174 -101.65 124.37 114.31
CA LEU X 174 -101.52 125.54 115.18
C LEU X 174 -102.87 126.22 115.39
N PHE X 175 -103.69 126.30 114.35
CA PHE X 175 -105.03 126.86 114.50
C PHE X 175 -105.88 126.02 115.45
N LEU X 176 -105.81 124.70 115.31
CA LEU X 176 -106.56 123.81 116.21
C LEU X 176 -106.07 123.93 117.65
N SER X 177 -104.77 124.15 117.84
CA SER X 177 -104.24 124.33 119.19
C SER X 177 -104.69 125.67 119.78
N ASN X 178 -104.69 126.73 118.97
CA ASN X 178 -105.15 128.03 119.43
C ASN X 178 -106.66 128.18 119.40
N GLN X 179 -107.39 127.13 119.03
CA GLN X 179 -108.85 127.13 119.01
C GLN X 179 -109.38 128.14 117.99
N ARG X 180 -108.70 128.24 116.86
CA ARG X 180 -109.14 129.12 115.76
C ARG X 180 -109.71 128.27 114.63
N LEU X 181 -110.90 127.71 114.91
CA LEU X 181 -111.55 126.85 113.93
C LEU X 181 -111.94 127.63 112.68
N GLU X 182 -112.41 128.87 112.85
CA GLU X 182 -112.76 129.70 111.69
C GLU X 182 -111.53 130.02 110.86
N GLU X 183 -110.40 130.31 111.52
CA GLU X 183 -109.17 130.58 110.78
C GLU X 183 -108.69 129.34 110.03
N ALA X 184 -108.79 128.17 110.66
CA ALA X 184 -108.41 126.93 109.99
C ALA X 184 -109.31 126.65 108.80
N VAL X 185 -110.62 126.90 108.95
CA VAL X 185 -111.55 126.70 107.85
C VAL X 185 -111.23 127.64 106.70
N LEU X 186 -110.92 128.90 107.01
CA LEU X 186 -110.57 129.87 105.97
C LEU X 186 -109.27 129.46 105.27
N HIS X 187 -108.28 128.99 106.02
CA HIS X 187 -107.02 128.55 105.42
C HIS X 187 -107.23 127.34 104.52
N CYS X 188 -108.14 126.44 104.91
CA CYS X 188 -108.44 125.29 104.07
C CYS X 188 -109.23 125.68 102.84
N LEU X 189 -110.08 126.70 102.95
CA LEU X 189 -110.89 127.17 101.83
C LEU X 189 -110.18 128.23 100.98
N LYS X 190 -108.94 128.56 101.31
CA LYS X 190 -108.18 129.50 100.50
C LYS X 190 -108.09 129.00 99.05
N PRO X 191 -108.11 129.91 98.08
CA PRO X 191 -108.09 129.48 96.67
C PRO X 191 -106.79 128.83 96.24
N GLU X 192 -105.70 129.04 96.99
CA GLU X 192 -104.41 128.43 96.65
C GLU X 192 -104.31 126.98 97.09
N ARG X 193 -105.35 126.42 97.72
CA ARG X 193 -105.35 125.04 98.16
C ARG X 193 -106.11 124.12 97.21
N ARG X 194 -106.69 124.66 96.14
CA ARG X 194 -107.42 123.82 95.20
C ARG X 194 -106.49 122.91 94.42
N ALA X 195 -105.28 123.38 94.10
CA ALA X 195 -104.31 122.55 93.42
C ALA X 195 -103.68 121.49 94.32
N LEU X 196 -103.70 121.71 95.63
CA LEU X 196 -103.15 120.75 96.57
C LEU X 196 -104.17 119.78 97.11
N ARG X 197 -105.46 120.12 97.05
CA ARG X 197 -106.52 119.21 97.50
C ARG X 197 -106.60 117.99 96.61
N THR X 198 -105.62 117.09 96.70
CA THR X 198 -105.59 115.87 95.91
C THR X 198 -105.09 114.65 96.66
N ASP X 199 -104.17 114.80 97.60
CA ASP X 199 -103.67 113.64 98.35
C ASP X 199 -104.75 113.09 99.27
N ILE X 200 -104.71 111.77 99.48
CA ILE X 200 -105.72 111.11 100.29
C ILE X 200 -105.64 111.59 101.74
N GLU X 201 -104.41 111.70 102.27
CA GLU X 201 -104.24 112.13 103.66
C GLU X 201 -104.72 113.56 103.85
N TRP X 202 -104.35 114.46 102.93
CA TRP X 202 -104.78 115.84 103.04
C TRP X 202 -106.29 115.97 102.91
N CYS X 203 -106.89 115.21 102.00
CA CYS X 203 -108.34 115.25 101.84
C CYS X 203 -109.05 114.71 103.08
N SER X 204 -108.52 113.65 103.68
CA SER X 204 -109.11 113.12 104.90
C SER X 204 -108.97 114.11 106.05
N CYS X 205 -107.83 114.80 106.13
CA CYS X 205 -107.67 115.82 107.17
C CYS X 205 -108.64 116.97 106.97
N VAL X 206 -108.85 117.39 105.73
CA VAL X 206 -109.81 118.45 105.45
C VAL X 206 -111.22 118.01 105.81
N VAL X 207 -111.55 116.76 105.49
CA VAL X 207 -112.88 116.22 105.83
C VAL X 207 -113.08 116.20 107.34
N ARG X 208 -112.06 115.76 108.08
CA ARG X 208 -112.17 115.73 109.54
C ARG X 208 -112.29 117.13 110.12
N VAL X 209 -111.53 118.08 109.58
CA VAL X 209 -111.62 119.46 110.07
C VAL X 209 -113.01 120.03 109.81
N PHE X 210 -113.56 119.78 108.62
CA PHE X 210 -114.89 120.28 108.30
C PHE X 210 -115.95 119.64 109.18
N LYS X 211 -115.82 118.33 109.44
CA LYS X 211 -116.78 117.65 110.30
C LYS X 211 -116.70 118.19 111.73
N GLU X 212 -115.49 118.44 112.24
CA GLU X 212 -115.35 119.00 113.57
C GLU X 212 -115.94 120.41 113.64
N TYR X 213 -115.71 121.22 112.61
CA TYR X 213 -116.27 122.57 112.58
C TYR X 213 -117.79 122.53 112.54
N LEU X 214 -118.36 121.60 111.77
CA LEU X 214 -119.82 121.49 111.71
C LEU X 214 -120.38 121.01 113.05
N ALA X 215 -119.72 120.04 113.69
CA ALA X 215 -120.19 119.57 114.99
C ALA X 215 -120.06 120.64 116.07
N SER X 216 -119.10 121.55 115.91
CA SER X 216 -118.93 122.61 116.90
C SER X 216 -119.88 123.78 116.67
N LYS X 217 -120.19 124.10 115.41
CA LYS X 217 -121.05 125.23 115.08
C LYS X 217 -122.38 124.80 114.47
N GLN X 218 -122.88 123.63 114.86
CA GLN X 218 -124.17 123.17 114.37
C GLN X 218 -125.28 124.11 114.84
N GLY X 219 -126.28 124.27 114.01
CA GLY X 219 -127.40 125.14 114.31
C GLY X 219 -127.39 126.49 113.61
N GLN X 220 -126.59 126.66 112.56
CA GLN X 220 -126.50 127.90 111.83
C GLN X 220 -126.69 127.64 110.34
N LYS X 221 -127.45 128.52 109.68
CA LYS X 221 -127.73 128.42 108.26
C LYS X 221 -127.19 129.67 107.57
N ASN X 222 -125.99 129.58 107.02
CA ASN X 222 -125.36 130.71 106.35
C ASN X 222 -124.74 130.24 105.04
N THR X 223 -124.44 131.22 104.18
CA THR X 223 -123.80 130.90 102.90
C THR X 223 -122.42 130.29 103.11
N ASN X 224 -121.70 130.77 104.12
CA ASN X 224 -120.39 130.18 104.43
C ASN X 224 -120.54 128.72 104.87
N MET X 225 -121.57 128.44 105.68
CA MET X 225 -121.81 127.05 106.09
C MET X 225 -122.20 126.19 104.91
N ARG X 226 -123.01 126.73 103.98
CA ARG X 226 -123.37 125.97 102.79
C ARG X 226 -122.15 125.67 101.93
N MET X 227 -121.25 126.65 101.79
CA MET X 227 -120.03 126.42 101.02
C MET X 227 -119.13 125.40 101.70
N ILE X 228 -119.05 125.45 103.03
CA ILE X 228 -118.26 124.46 103.77
C ILE X 228 -118.83 123.07 103.56
N THR X 229 -120.16 122.95 103.61
CA THR X 229 -120.79 121.65 103.39
C THR X 229 -120.55 121.15 101.97
N LYS X 230 -120.62 122.04 100.99
CA LYS X 230 -120.38 121.64 99.60
C LYS X 230 -118.94 121.17 99.41
N GLU X 231 -117.98 121.89 100.00
CA GLU X 231 -116.58 121.49 99.87
C GLU X 231 -116.32 120.17 100.60
N LEU X 232 -116.97 119.97 101.76
CA LEU X 232 -116.83 118.70 102.47
C LEU X 232 -117.41 117.55 101.65
N LEU X 233 -118.55 117.77 101.00
CA LEU X 233 -119.12 116.74 100.14
C LEU X 233 -118.23 116.45 98.94
N LEU X 234 -117.60 117.49 98.39
CA LEU X 234 -116.68 117.29 97.27
C LEU X 234 -115.47 116.46 97.70
N ALA X 235 -114.90 116.79 98.87
CA ALA X 235 -113.77 116.02 99.38
C ALA X 235 -114.18 114.58 99.71
N GLN X 236 -115.40 114.38 100.21
CA GLN X 236 -115.88 113.03 100.48
C GLN X 236 -116.03 112.24 99.19
N CYS X 237 -116.56 112.88 98.14
CA CYS X 237 -116.64 112.21 96.84
C CYS X 237 -115.25 111.87 96.31
N ASP X 238 -114.29 112.76 96.52
CA ASP X 238 -112.93 112.51 96.06
C ASP X 238 -112.31 111.31 96.79
N VAL X 239 -112.46 111.27 98.12
CA VAL X 239 -111.88 110.15 98.85
C VAL X 239 -112.63 108.86 98.56
N VAL X 240 -113.93 108.93 98.27
CA VAL X 240 -114.67 107.74 97.88
C VAL X 240 -114.16 107.22 96.54
N PHE X 241 -113.94 108.12 95.58
CA PHE X 241 -113.33 107.74 94.31
C PHE X 241 -111.97 107.08 94.52
N LEU X 242 -111.13 107.69 95.36
CA LEU X 242 -109.79 107.17 95.57
C LEU X 242 -109.80 105.81 96.27
N THR X 243 -110.78 105.58 97.16
CA THR X 243 -110.84 104.31 97.89
C THR X 243 -111.52 103.22 97.09
N LEU X 244 -112.44 103.58 96.19
CA LEU X 244 -113.14 102.59 95.38
C LEU X 244 -112.51 102.34 94.03
N SER X 245 -111.48 103.11 93.66
CA SER X 245 -110.74 102.81 92.44
C SER X 245 -110.08 101.44 92.48
N LYS X 246 -109.78 100.93 93.67
CA LYS X 246 -109.21 99.61 93.82
C LYS X 246 -110.32 98.58 94.00
N LYS X 247 -109.98 97.39 94.44
CA LYS X 247 -110.93 96.29 94.66
C LYS X 247 -110.78 95.82 96.10
N ASP X 248 -111.34 96.59 97.04
CA ASP X 248 -111.26 96.28 98.46
C ASP X 248 -112.64 96.48 99.08
N VAL X 249 -113.27 95.38 99.51
CA VAL X 249 -114.58 95.46 100.14
C VAL X 249 -114.47 96.19 101.48
N GLN X 250 -113.36 95.99 102.20
CA GLN X 250 -113.16 96.69 103.46
C GLN X 250 -113.05 98.19 103.24
N LYS X 251 -112.29 98.60 102.21
CA LYS X 251 -112.18 100.02 101.91
C LYS X 251 -113.51 100.59 101.44
N SER X 252 -114.30 99.79 100.71
CA SER X 252 -115.62 100.25 100.29
C SER X 252 -116.53 100.47 101.49
N LYS X 253 -116.52 99.53 102.45
CA LYS X 253 -117.33 99.69 103.64
C LYS X 253 -116.86 100.88 104.48
N GLU X 254 -115.54 101.10 104.55
CA GLU X 254 -115.02 102.25 105.28
C GLU X 254 -115.46 103.55 104.64
N ALA X 255 -115.41 103.63 103.30
CA ALA X 255 -115.86 104.82 102.60
C ALA X 255 -117.36 105.05 102.80
N LEU X 256 -118.14 103.96 102.80
CA LEU X 256 -119.58 104.10 103.04
C LEU X 256 -119.85 104.61 104.44
N GLU X 257 -119.12 104.09 105.44
CA GLU X 257 -119.31 104.56 106.82
C GLU X 257 -118.88 106.02 106.95
N ARG X 258 -117.80 106.42 106.26
CA ARG X 258 -117.37 107.81 106.31
C ARG X 258 -118.40 108.73 105.67
N PHE X 259 -118.99 108.30 104.54
CA PHE X 259 -120.02 109.11 103.91
C PHE X 259 -121.26 109.21 104.80
N ASP X 260 -121.62 108.11 105.47
CA ASP X 260 -122.76 108.15 106.38
C ASP X 260 -122.50 109.10 107.55
N GLN X 261 -121.28 109.06 108.10
CA GLN X 261 -120.94 109.96 109.19
C GLN X 261 -120.95 111.42 108.73
N ALA X 262 -120.46 111.67 107.51
CA ALA X 262 -120.49 113.03 106.97
C ALA X 262 -121.91 113.52 106.78
N LEU X 263 -122.79 112.65 106.28
CA LEU X 263 -124.19 113.02 106.10
C LEU X 263 -124.85 113.29 107.45
N LEU X 264 -124.53 112.47 108.46
CA LEU X 264 -125.10 112.68 109.79
C LEU X 264 -124.61 114.00 110.39
N SER X 265 -123.34 114.34 110.18
CA SER X 265 -122.82 115.61 110.68
C SER X 265 -123.40 116.80 109.93
N VAL X 266 -123.70 116.63 108.64
CA VAL X 266 -124.29 117.71 107.86
C VAL X 266 -125.74 117.93 108.28
N LYS X 267 -126.48 116.84 108.54
CA LYS X 267 -127.87 116.97 108.93
C LYS X 267 -128.03 117.61 110.30
N GLN X 268 -126.96 117.66 111.10
CA GLN X 268 -127.03 118.29 112.42
C GLN X 268 -126.79 119.80 112.37
N SER X 269 -126.16 120.30 111.30
CA SER X 269 -125.87 121.71 111.17
C SER X 269 -126.73 122.32 110.06
N VAL X 270 -126.55 121.91 108.82
CA VAL X 270 -127.33 122.45 107.71
C VAL X 270 -128.65 121.68 107.62
N SER X 271 -129.75 122.42 107.56
CA SER X 271 -131.09 121.82 107.49
C SER X 271 -131.24 121.12 106.14
N GLY X 272 -131.03 119.81 106.12
CA GLY X 272 -131.17 119.05 104.90
C GLY X 272 -129.98 119.24 103.97
N THR X 273 -130.12 118.66 102.78
CA THR X 273 -129.10 118.73 101.74
C THR X 273 -129.71 119.13 100.40
N ASP X 274 -130.82 119.86 100.43
CA ASP X 274 -131.50 120.30 99.22
C ASP X 274 -131.90 121.76 99.37
N ALA X 275 -131.34 122.62 98.53
CA ALA X 275 -131.64 124.04 98.57
C ALA X 275 -131.38 124.69 97.22
N SER X 276 -130.73 125.85 97.23
CA SER X 276 -130.40 126.53 95.97
C SER X 276 -129.32 125.76 95.21
N ASP X 277 -128.15 125.61 95.82
CA ASP X 277 -127.06 124.84 95.24
C ASP X 277 -126.91 123.46 95.86
N LEU X 278 -127.55 123.20 96.99
CA LEU X 278 -127.43 121.89 97.64
C LEU X 278 -128.07 120.80 96.79
N SER X 279 -129.17 121.12 96.11
CA SER X 279 -129.80 120.13 95.23
C SER X 279 -128.90 119.78 94.06
N VAL X 280 -128.26 120.78 93.45
CA VAL X 280 -127.33 120.52 92.36
C VAL X 280 -126.13 119.73 92.85
N THR X 281 -125.67 120.04 94.08
CA THR X 281 -124.55 119.29 94.64
C THR X 281 -124.91 117.83 94.87
N PHE X 282 -126.12 117.58 95.39
CA PHE X 282 -126.56 116.20 95.60
C PHE X 282 -126.73 115.46 94.28
N TYR X 283 -127.26 116.14 93.26
CA TYR X 283 -127.39 115.52 91.95
C TYR X 283 -126.03 115.18 91.37
N GLU X 284 -125.05 116.07 91.54
CA GLU X 284 -123.70 115.78 91.05
C GLU X 284 -123.07 114.62 91.82
N MET X 285 -123.29 114.57 93.13
CA MET X 285 -122.79 113.44 93.92
C MET X 285 -123.39 112.12 93.44
N ARG X 286 -124.71 112.11 93.21
CA ARG X 286 -125.36 110.90 92.73
C ARG X 286 -124.83 110.50 91.35
N GLY X 287 -124.66 111.47 90.45
CA GLY X 287 -124.12 111.16 89.14
C GLY X 287 -122.71 110.61 89.19
N HIS X 288 -121.86 111.20 90.03
CA HIS X 288 -120.50 110.71 90.18
C HIS X 288 -120.48 109.31 90.78
N TYR X 289 -121.33 109.05 91.77
CA TYR X 289 -121.40 107.71 92.35
C TYR X 289 -121.86 106.69 91.32
N TYR X 290 -122.86 107.05 90.51
CA TYR X 290 -123.33 106.13 89.47
C TYR X 290 -122.24 105.87 88.43
N MET X 291 -121.54 106.92 88.01
CA MET X 291 -120.47 106.75 87.02
C MET X 291 -119.35 105.87 87.57
N HIS X 292 -118.98 106.07 88.84
CA HIS X 292 -117.91 105.27 89.41
C HIS X 292 -118.35 103.83 89.64
N ALA X 293 -119.63 103.61 89.97
CA ALA X 293 -120.13 102.25 90.09
C ALA X 293 -120.11 101.54 88.74
N GLY X 294 -120.52 102.24 87.68
CA GLY X 294 -120.43 101.66 86.36
C GLY X 294 -119.01 101.35 85.94
N THR X 295 -118.08 102.25 86.26
CA THR X 295 -116.67 102.03 85.94
C THR X 295 -116.12 100.82 86.71
N LEU X 296 -116.50 100.68 87.98
CA LEU X 296 -116.05 99.54 88.76
C LEU X 296 -116.64 98.24 88.23
N LEU X 297 -117.90 98.27 87.80
CA LEU X 297 -118.50 97.08 87.20
C LEU X 297 -117.79 96.70 85.92
N LEU X 298 -117.48 97.69 85.07
CA LEU X 298 -116.75 97.40 83.84
C LEU X 298 -115.37 96.84 84.14
N LYS X 299 -114.69 97.38 85.17
CA LYS X 299 -113.37 96.89 85.52
C LYS X 299 -113.42 95.45 86.03
N MET X 300 -114.40 95.15 86.90
CA MET X 300 -114.52 93.79 87.42
C MET X 300 -115.00 92.81 86.36
N ALA X 301 -115.68 93.28 85.32
CA ALA X 301 -116.03 92.40 84.21
C ALA X 301 -114.85 92.19 83.27
N GLN X 302 -113.99 93.20 83.11
CA GLN X 302 -112.82 93.04 82.25
C GLN X 302 -111.74 92.19 82.92
N SER X 303 -111.62 92.28 84.25
CA SER X 303 -110.59 91.54 84.98
C SER X 303 -110.81 90.02 85.00
N CYS X 304 -111.71 89.47 84.19
CA CYS X 304 -111.95 88.04 84.10
C CYS X 304 -112.34 87.45 85.46
N GLU X 305 -113.60 87.61 85.83
CA GLU X 305 -114.09 87.07 87.11
C GLU X 305 -115.13 85.99 86.86
N VAL X 306 -116.17 85.96 87.70
CA VAL X 306 -117.23 84.96 87.57
C VAL X 306 -118.46 85.50 86.85
N GLN X 307 -118.57 86.82 86.69
CA GLN X 307 -119.72 87.43 86.02
C GLN X 307 -119.21 88.56 85.13
N TRP X 308 -119.33 88.40 83.81
CA TRP X 308 -118.88 89.43 82.90
C TRP X 308 -119.75 89.55 81.65
N LYS X 309 -120.76 88.71 81.47
CA LYS X 309 -121.64 88.78 80.31
C LYS X 309 -123.03 89.33 80.62
N ALA X 310 -123.54 89.08 81.83
CA ALA X 310 -124.86 89.57 82.22
C ALA X 310 -124.81 90.88 82.99
N LEU X 311 -123.63 91.34 83.39
CA LEU X 311 -123.50 92.59 84.12
C LEU X 311 -123.41 93.81 83.22
N ILE X 312 -123.54 93.64 81.89
CA ILE X 312 -123.47 94.76 80.97
C ILE X 312 -124.77 95.55 80.91
N GLU X 313 -125.88 94.96 81.37
CA GLU X 313 -127.17 95.64 81.37
C GLU X 313 -127.34 96.55 82.57
N PRO X 314 -127.05 96.09 83.80
CA PRO X 314 -127.14 97.03 84.95
C PRO X 314 -126.18 98.20 84.83
N ALA X 315 -124.97 97.97 84.33
CA ALA X 315 -124.04 99.07 84.14
C ALA X 315 -124.55 100.04 83.09
N ALA X 316 -125.18 99.53 82.03
CA ALA X 316 -125.75 100.41 81.01
C ALA X 316 -126.89 101.24 81.57
N LEU X 317 -127.77 100.62 82.36
CA LEU X 317 -128.86 101.38 82.98
C LEU X 317 -128.32 102.42 83.95
N CYS X 318 -127.27 102.08 84.69
CA CYS X 318 -126.67 103.03 85.62
C CYS X 318 -126.06 104.21 84.88
N TYR X 319 -125.37 103.95 83.76
CA TYR X 319 -124.82 105.03 82.96
C TYR X 319 -125.92 105.90 82.35
N LEU X 320 -127.02 105.27 81.93
CA LEU X 320 -128.14 106.04 81.38
C LEU X 320 -128.75 106.94 82.46
N LEU X 321 -128.89 106.43 83.68
CA LEU X 321 -129.43 107.25 84.76
C LEU X 321 -128.46 108.38 85.12
N ALA X 322 -127.16 108.10 85.10
CA ALA X 322 -126.18 109.14 85.37
C ALA X 322 -126.17 110.21 84.29
N TYR X 323 -126.47 109.84 83.05
CA TYR X 323 -126.60 110.84 81.99
C TYR X 323 -127.91 111.61 82.12
N GLN X 324 -128.97 110.96 82.59
CA GLN X 324 -130.26 111.62 82.71
C GLN X 324 -130.26 112.63 83.86
N VAL X 325 -129.64 112.29 84.98
CA VAL X 325 -129.58 113.20 86.13
C VAL X 325 -128.70 114.39 85.75
N PRO X 326 -128.94 115.58 86.30
CA PRO X 326 -128.15 116.75 85.92
C PRO X 326 -126.70 116.62 86.38
N LYS X 327 -125.82 117.30 85.65
CA LYS X 327 -124.39 117.31 85.93
C LYS X 327 -123.91 118.73 86.16
N PRO X 328 -122.85 118.93 86.95
CA PRO X 328 -122.38 120.29 87.22
C PRO X 328 -121.80 120.98 85.99
N LYS X 329 -122.65 121.72 85.28
CA LYS X 329 -122.23 122.47 84.11
C LYS X 329 -122.35 123.97 84.28
N SER X 330 -123.33 124.44 85.06
CA SER X 330 -123.49 125.88 85.28
C SER X 330 -124.24 126.04 86.61
N LYS X 331 -123.51 126.41 87.66
CA LYS X 331 -124.12 126.57 88.96
C LYS X 331 -124.99 127.82 88.98
N PRO X 332 -126.13 127.79 89.68
CA PRO X 332 -126.99 128.99 89.73
C PRO X 332 -126.34 130.15 90.47
N VAL X 333 -125.73 129.88 91.63
CA VAL X 333 -125.07 130.91 92.42
C VAL X 333 -123.57 130.74 92.20
N LYS X 334 -122.99 131.63 91.41
CA LYS X 334 -121.56 131.58 91.11
C LYS X 334 -120.79 132.25 92.25
N GLY X 335 -120.25 131.44 93.15
CA GLY X 335 -119.49 131.94 94.27
C GLY X 335 -118.33 131.05 94.66
N ASP X 336 -118.54 129.74 94.54
CA ASP X 336 -117.52 128.75 94.85
C ASP X 336 -116.79 128.27 93.60
N ASP X 337 -116.34 129.23 92.77
CA ASP X 337 -115.72 128.88 91.50
C ASP X 337 -114.40 128.16 91.69
N ASN X 338 -113.71 128.41 92.81
CA ASN X 338 -112.41 127.77 93.05
C ASN X 338 -112.54 126.25 93.05
N GLY X 339 -113.61 125.73 93.64
CA GLY X 339 -113.86 124.30 93.62
C GLY X 339 -114.74 123.90 92.45
N GLN X 340 -115.54 124.84 91.96
CA GLN X 340 -116.45 124.55 90.85
C GLN X 340 -115.66 124.23 89.59
N GLY X 341 -114.53 124.88 89.38
CA GLY X 341 -113.71 124.57 88.21
C GLY X 341 -113.21 123.14 88.21
N PHE X 342 -112.64 122.71 89.34
CA PHE X 342 -112.16 121.34 89.44
C PHE X 342 -113.31 120.34 89.37
N LEU X 343 -114.47 120.70 89.95
CA LEU X 343 -115.62 119.81 89.88
C LEU X 343 -116.10 119.64 88.44
N GLU X 344 -116.17 120.74 87.69
CA GLU X 344 -116.57 120.65 86.29
C GLU X 344 -115.56 119.88 85.46
N GLU X 345 -114.26 120.06 85.75
CA GLU X 345 -113.24 119.30 85.04
C GLU X 345 -113.37 117.81 85.30
N LEU X 346 -113.54 117.42 86.56
CA LEU X 346 -113.71 116.01 86.90
C LEU X 346 -114.98 115.44 86.30
N ALA X 347 -116.05 116.24 86.28
CA ALA X 347 -117.31 115.79 85.69
C ALA X 347 -117.15 115.56 84.19
N PHE X 348 -116.49 116.48 83.49
CA PHE X 348 -116.25 116.29 82.06
C PHE X 348 -115.39 115.06 81.80
N ASP X 349 -114.34 114.86 82.61
CA ASP X 349 -113.48 113.71 82.44
C ASP X 349 -114.26 112.41 82.63
N ARG X 350 -115.02 112.30 83.71
CA ARG X 350 -115.77 111.08 83.98
C ARG X 350 -116.86 110.87 82.94
N GLN X 351 -117.49 111.93 82.45
CA GLN X 351 -118.52 111.80 81.42
C GLN X 351 -117.92 111.28 80.12
N SER X 352 -116.78 111.85 79.70
CA SER X 352 -116.12 111.37 78.49
C SER X 352 -115.69 109.92 78.64
N LYS X 353 -115.13 109.57 79.81
CA LYS X 353 -114.68 108.19 80.03
C LYS X 353 -115.84 107.21 79.97
N SER X 354 -116.95 107.55 80.67
CA SER X 354 -118.10 106.66 80.68
C SER X 354 -118.72 106.54 79.29
N GLY X 355 -118.80 107.65 78.55
CA GLY X 355 -119.35 107.58 77.21
C GLY X 355 -118.52 106.73 76.29
N HIS X 356 -117.19 106.92 76.33
CA HIS X 356 -116.30 106.12 75.49
C HIS X 356 -116.39 104.64 75.85
N LEU X 357 -116.42 104.33 77.15
CA LEU X 357 -116.50 102.93 77.57
C LEU X 357 -117.82 102.30 77.14
N LEU X 358 -118.93 103.02 77.32
CA LEU X 358 -120.23 102.48 76.92
C LEU X 358 -120.30 102.28 75.41
N LEU X 359 -119.77 103.22 74.64
CA LEU X 359 -119.80 103.09 73.18
C LEU X 359 -118.92 101.95 72.71
N THR X 360 -117.76 101.76 73.36
CA THR X 360 -116.89 100.65 73.00
C THR X 360 -117.52 99.31 73.38
N LEU X 361 -118.26 99.27 74.49
CA LEU X 361 -118.92 98.03 74.88
C LEU X 361 -120.10 97.72 73.97
N SER X 362 -120.81 98.75 73.49
CA SER X 362 -121.94 98.55 72.61
C SER X 362 -121.55 98.39 71.15
N HIS X 363 -120.29 98.70 70.80
CA HIS X 363 -119.79 98.56 69.44
C HIS X 363 -120.60 99.42 68.46
N GLY X 364 -120.32 100.72 68.43
CA GLY X 364 -121.04 101.63 67.56
C GLY X 364 -122.13 102.40 68.27
N LYS X 365 -123.34 101.86 68.25
CA LYS X 365 -124.49 102.47 68.92
C LYS X 365 -124.97 101.58 70.05
N GLN X 366 -125.67 102.20 71.00
CA GLN X 366 -126.20 101.48 72.15
C GLN X 366 -127.31 100.52 71.74
N ASN X 367 -126.95 99.32 71.29
CA ASN X 367 -127.91 98.32 70.87
C ASN X 367 -128.43 97.47 72.02
N PHE X 368 -128.04 97.79 73.27
CA PHE X 368 -128.50 97.03 74.42
C PHE X 368 -129.94 97.35 74.80
N ILE X 369 -130.51 98.44 74.27
CA ILE X 369 -131.87 98.80 74.62
C ILE X 369 -132.87 97.77 74.08
N SER X 370 -132.59 97.18 72.92
CA SER X 370 -133.47 96.15 72.38
C SER X 370 -133.52 94.94 73.29
N GLU X 371 -132.35 94.47 73.74
CA GLU X 371 -132.30 93.35 74.67
C GLU X 371 -132.95 93.71 76.00
N ILE X 372 -132.77 94.95 76.46
CA ILE X 372 -133.39 95.39 77.70
C ILE X 372 -134.90 95.32 77.60
N ILE X 373 -135.46 95.81 76.49
CA ILE X 373 -136.91 95.79 76.29
C ILE X 373 -137.40 94.36 76.15
N GLU X 374 -136.65 93.52 75.45
CA GLU X 374 -137.07 92.13 75.28
C GLU X 374 -137.01 91.35 76.58
N THR X 375 -136.12 91.74 77.51
CA THR X 375 -136.01 91.03 78.78
C THR X 375 -137.02 91.54 79.80
N PHE X 376 -137.30 92.84 79.79
CA PHE X 376 -138.22 93.43 80.77
C PHE X 376 -139.62 93.46 80.17
N ALA X 377 -140.54 92.72 80.80
CA ALA X 377 -141.92 92.66 80.30
C ALA X 377 -142.90 92.31 81.41
N ASN X 378 -142.88 91.06 81.85
CA ASN X 378 -143.83 90.57 82.84
C ASN X 378 -143.30 90.84 84.25
N GLN X 379 -143.78 90.10 85.24
CA GLN X 379 -143.34 90.31 86.62
C GLN X 379 -141.87 89.95 86.79
N CYS X 380 -141.43 88.87 86.15
CA CYS X 380 -140.01 88.50 86.21
C CYS X 380 -139.15 89.57 85.55
N GLY X 381 -139.61 90.13 84.43
CA GLY X 381 -138.88 91.20 83.79
C GLY X 381 -138.80 92.45 84.66
N GLN X 382 -139.90 92.79 85.33
CA GLN X 382 -139.89 93.94 86.23
C GLN X 382 -138.96 93.70 87.41
N SER X 383 -138.93 92.48 87.94
CA SER X 383 -138.03 92.17 89.05
C SER X 383 -136.57 92.25 88.61
N ILE X 384 -136.26 91.75 87.41
CA ILE X 384 -134.90 91.84 86.89
C ILE X 384 -134.51 93.30 86.66
N LEU X 385 -135.46 94.11 86.17
CA LEU X 385 -135.18 95.53 85.98
C LEU X 385 -134.91 96.23 87.31
N LEU X 386 -135.69 95.91 88.33
CA LEU X 386 -135.47 96.50 89.65
C LEU X 386 -134.12 96.07 90.22
N LYS X 387 -133.76 94.79 90.06
CA LYS X 387 -132.49 94.32 90.58
C LYS X 387 -131.31 94.93 89.81
N PHE X 388 -131.50 95.22 88.52
CA PHE X 388 -130.45 95.87 87.75
C PHE X 388 -130.33 97.34 88.12
N LEU X 389 -131.45 97.99 88.44
CA LEU X 389 -131.40 99.37 88.89
C LEU X 389 -130.75 99.49 90.26
N PHE X 390 -131.01 98.52 91.13
CA PHE X 390 -130.40 98.49 92.46
C PHE X 390 -129.04 97.81 92.49
N GLU X 391 -128.57 97.32 91.34
CA GLU X 391 -127.26 96.67 91.21
C GLU X 391 -127.15 95.44 92.10
N ASP X 392 -125.94 94.93 92.27
CA ASP X 392 -125.69 93.73 93.05
C ASP X 392 -124.88 94.07 94.31
N ASN X 393 -125.22 93.42 95.41
CA ASN X 393 -124.53 93.63 96.68
C ASN X 393 -124.58 92.31 97.46
N LEU X 394 -123.61 91.43 97.16
CA LEU X 394 -123.54 90.14 97.83
C LEU X 394 -122.34 90.09 98.77
N SER X 395 -121.40 89.18 98.51
CA SER X 395 -120.21 89.03 99.34
C SER X 395 -118.98 89.69 98.74
N MET X 396 -118.85 89.69 97.41
CA MET X 396 -117.71 90.30 96.75
C MET X 396 -118.07 91.51 95.90
N GLN X 397 -119.36 91.81 95.75
CA GLN X 397 -119.78 92.95 94.95
C GLN X 397 -119.60 94.24 95.74
N ASP X 398 -118.96 95.23 95.11
CA ASP X 398 -118.70 96.53 95.73
C ASP X 398 -119.58 97.55 95.02
N SER X 399 -120.80 97.72 95.53
CA SER X 399 -121.75 98.67 94.96
C SER X 399 -122.70 99.16 96.03
N PHE X 400 -122.14 99.65 97.15
CA PHE X 400 -122.98 100.14 98.24
C PHE X 400 -123.64 101.47 97.86
N MET X 401 -122.88 102.36 97.23
CA MET X 401 -123.41 103.65 96.80
C MET X 401 -124.03 103.60 95.42
N GLY X 402 -123.88 102.48 94.70
CA GLY X 402 -124.45 102.34 93.37
C GLY X 402 -125.94 102.09 93.33
N SER X 403 -126.60 102.00 94.48
CA SER X 403 -128.04 101.79 94.53
C SER X 403 -128.76 103.05 94.09
N ASP X 404 -129.47 102.97 92.96
CA ASP X 404 -130.17 104.13 92.43
C ASP X 404 -131.38 104.47 93.30
N ASP X 405 -131.68 105.76 93.39
CA ASP X 405 -132.82 106.23 94.17
C ASP X 405 -134.11 106.10 93.39
N ILE X 406 -135.14 106.84 93.78
CA ILE X 406 -136.42 106.79 93.09
C ILE X 406 -136.31 107.55 91.78
N SER X 407 -136.24 106.81 90.67
CA SER X 407 -136.11 107.39 89.33
C SER X 407 -136.35 106.27 88.33
N TYR X 408 -136.27 106.63 87.04
CA TYR X 408 -136.44 105.66 85.97
C TYR X 408 -135.38 105.91 84.90
N VAL X 409 -134.95 104.85 84.25
CA VAL X 409 -133.92 104.91 83.23
C VAL X 409 -134.56 105.24 81.89
N GLU X 410 -134.08 106.31 81.25
CA GLU X 410 -134.57 106.73 79.94
C GLU X 410 -133.56 106.36 78.86
N ASN X 411 -134.08 105.93 77.71
CA ASN X 411 -133.21 105.53 76.60
C ASN X 411 -132.56 106.75 75.97
N ARG X 412 -131.23 106.79 75.97
CA ARG X 412 -130.50 107.89 75.38
C ARG X 412 -129.13 107.39 74.94
N VAL X 413 -128.49 108.17 74.08
CA VAL X 413 -127.17 107.84 73.54
C VAL X 413 -126.26 109.06 73.65
N PRO X 414 -124.97 108.88 73.87
CA PRO X 414 -124.06 110.04 73.94
C PRO X 414 -123.87 110.67 72.57
N ASP X 415 -123.31 111.88 72.58
CA ASP X 415 -123.09 112.66 71.38
C ASP X 415 -121.59 112.78 71.10
N LEU X 416 -121.24 112.65 69.81
CA LEU X 416 -119.84 112.79 69.41
C LEU X 416 -119.35 114.21 69.66
N SER X 417 -120.20 115.21 69.41
CA SER X 417 -119.82 116.60 69.68
C SER X 417 -119.61 116.82 71.17
N GLU X 418 -120.47 116.23 72.01
CA GLU X 418 -120.29 116.35 73.45
C GLU X 418 -119.00 115.67 73.91
N LEU X 419 -118.69 114.50 73.33
CA LEU X 419 -117.45 113.83 73.69
C LEU X 419 -116.23 114.65 73.27
N SER X 420 -116.29 115.25 72.07
CA SER X 420 -115.19 116.10 71.62
C SER X 420 -115.03 117.32 72.51
N GLN X 421 -116.14 117.93 72.93
CA GLN X 421 -116.06 119.07 73.83
C GLN X 421 -115.48 118.67 75.19
N HIS X 422 -115.88 117.50 75.70
CA HIS X 422 -115.32 117.03 76.96
C HIS X 422 -113.82 116.76 76.84
N ASP X 423 -113.40 116.18 75.71
CA ASP X 423 -111.97 115.95 75.49
C ASP X 423 -111.20 117.26 75.40
N ASN X 424 -111.76 118.25 74.70
CA ASN X 424 -111.10 119.55 74.59
C ASN X 424 -111.00 120.24 75.94
N GLY X 425 -112.04 120.11 76.77
CA GLY X 425 -111.98 120.68 78.11
C GLY X 425 -111.00 119.95 79.02
N SER X 426 -110.88 118.64 78.84
CA SER X 426 -109.93 117.88 79.66
C SER X 426 -108.48 118.15 79.26
N LEU X 427 -108.24 118.37 77.96
CA LEU X 427 -106.87 118.64 77.51
C LEU X 427 -106.34 119.95 78.07
N ARG X 428 -107.24 120.90 78.36
CA ARG X 428 -106.81 122.18 78.91
C ARG X 428 -106.11 122.01 80.25
N ILE X 429 -106.66 121.15 81.11
CA ILE X 429 -106.03 120.88 82.40
C ILE X 429 -105.00 119.77 82.32
N HIS X 430 -105.05 118.93 81.28
CA HIS X 430 -104.03 117.90 81.10
C HIS X 430 -102.73 118.45 80.53
N ASN X 431 -102.78 119.61 79.86
CA ASN X 431 -101.59 120.25 79.29
C ASN X 431 -100.89 119.33 78.29
N GLY X 432 -101.69 118.66 77.45
CA GLY X 432 -101.14 117.75 76.46
C GLY X 432 -100.65 116.44 77.04
N ASP X 433 -101.52 115.77 77.80
CA ASP X 433 -101.16 114.48 78.39
C ASP X 433 -101.09 113.42 77.30
N LEU X 434 -99.90 112.84 77.11
CA LEU X 434 -99.72 111.85 76.06
C LEU X 434 -100.54 110.60 76.35
N GLN X 435 -100.63 110.19 77.62
CA GLN X 435 -101.43 109.01 77.97
C GLN X 435 -102.91 109.26 77.70
N HIS X 436 -103.40 110.45 78.05
CA HIS X 436 -104.80 110.79 77.77
C HIS X 436 -105.08 110.83 76.28
N LEU X 437 -104.18 111.43 75.50
CA LEU X 437 -104.35 111.46 74.06
C LEU X 437 -104.32 110.06 73.47
N THR X 438 -103.46 109.19 73.99
CA THR X 438 -103.39 107.81 73.52
C THR X 438 -104.68 107.06 73.83
N TRP X 439 -105.21 107.23 75.04
CA TRP X 439 -106.47 106.58 75.38
C TRP X 439 -107.61 107.09 74.52
N LEU X 440 -107.65 108.40 74.27
CA LEU X 440 -108.68 108.96 73.41
C LEU X 440 -108.59 108.42 71.98
N GLY X 441 -107.36 108.34 71.45
CA GLY X 441 -107.18 107.79 70.12
C GLY X 441 -107.55 106.32 70.03
N LEU X 442 -107.24 105.56 71.08
CA LEU X 442 -107.63 104.15 71.11
C LEU X 442 -109.15 104.01 71.12
N GLN X 443 -109.83 104.82 71.93
CA GLN X 443 -111.28 104.75 71.98
C GLN X 443 -111.89 105.15 70.63
N TRP X 444 -111.33 106.18 69.99
CA TRP X 444 -111.86 106.62 68.70
C TRP X 444 -111.62 105.57 67.62
N HIS X 445 -110.47 104.90 67.66
CA HIS X 445 -110.20 103.83 66.69
C HIS X 445 -111.10 102.62 66.94
N PHE X 446 -111.42 102.34 68.20
CA PHE X 446 -112.36 101.26 68.50
C PHE X 446 -113.76 101.61 68.03
N LEU X 447 -114.14 102.89 68.13
CA LEU X 447 -115.44 103.35 67.66
C LEU X 447 -115.48 103.58 66.15
N SER X 448 -114.33 103.53 65.47
CA SER X 448 -114.24 103.71 64.02
C SER X 448 -114.75 105.10 63.63
N THR X 449 -114.11 106.12 64.20
CA THR X 449 -114.44 107.51 63.92
C THR X 449 -113.15 108.33 63.90
N LEU X 450 -113.09 109.31 63.02
CA LEU X 450 -111.90 110.15 62.88
C LEU X 450 -111.72 111.00 64.13
N PRO X 451 -110.61 110.89 64.84
CA PRO X 451 -110.39 111.70 66.04
C PRO X 451 -110.09 113.14 65.67
N PRO X 452 -110.63 114.11 66.40
CA PRO X 452 -110.35 115.53 66.12
C PRO X 452 -108.97 115.95 66.58
N LEU X 453 -107.95 115.50 65.83
CA LEU X 453 -106.57 115.81 66.20
C LEU X 453 -106.28 117.30 66.06
N ARG X 454 -106.89 117.96 65.07
CA ARG X 454 -106.70 119.40 64.91
C ARG X 454 -107.20 120.16 66.12
N LYS X 455 -108.42 119.86 66.56
CA LYS X 455 -108.97 120.53 67.75
C LYS X 455 -108.19 120.16 69.00
N TRP X 456 -107.73 118.92 69.10
CA TRP X 456 -106.94 118.50 70.25
C TRP X 456 -105.65 119.31 70.34
N LEU X 457 -104.93 119.44 69.22
CA LEU X 457 -103.69 120.21 69.22
C LEU X 457 -103.94 121.70 69.42
N LYS X 458 -105.04 122.22 68.89
CA LYS X 458 -105.36 123.63 69.08
C LYS X 458 -105.68 123.92 70.55
N GLN X 459 -106.33 122.98 71.23
CA GLN X 459 -106.61 123.15 72.65
C GLN X 459 -105.37 122.92 73.51
N ILE X 460 -104.46 122.07 73.07
CA ILE X 460 -103.23 121.83 73.82
C ILE X 460 -102.30 123.03 73.73
N PHE X 461 -102.00 123.47 72.52
CA PHE X 461 -101.12 124.61 72.32
C PHE X 461 -101.96 125.84 71.99
N PRO X 462 -101.98 126.87 72.84
CA PRO X 462 -102.79 128.06 72.54
C PRO X 462 -102.25 128.91 71.41
N ARG X 463 -101.03 128.65 70.94
CA ARG X 463 -100.45 129.42 69.85
C ARG X 463 -101.04 129.07 68.48
N VAL X 464 -101.82 127.99 68.40
CA VAL X 464 -102.44 127.52 67.15
C VAL X 464 -101.36 127.27 66.11
N PRO X 465 -100.70 126.12 66.12
CA PRO X 465 -99.66 125.84 65.12
C PRO X 465 -100.28 125.68 63.74
N GLN X 466 -99.73 126.42 62.77
CA GLN X 466 -100.22 126.38 61.41
C GLN X 466 -99.70 125.13 60.70
N GLU X 467 -100.29 124.85 59.53
CA GLU X 467 -99.93 123.69 58.73
C GLU X 467 -98.96 124.13 57.64
N THR X 468 -97.74 123.60 57.68
CA THR X 468 -96.72 123.91 56.70
C THR X 468 -96.03 122.62 56.26
N SER X 469 -95.38 122.69 55.09
CA SER X 469 -94.65 121.56 54.51
C SER X 469 -93.25 122.06 54.16
N ARG X 470 -92.40 122.18 55.18
CA ARG X 470 -91.04 122.67 54.99
C ARG X 470 -90.10 121.53 54.64
N LEU X 471 -89.15 121.81 53.76
CA LEU X 471 -88.15 120.84 53.35
C LEU X 471 -86.71 121.32 53.51
N GLU X 472 -86.50 122.62 53.69
CA GLU X 472 -85.17 123.18 53.88
C GLU X 472 -85.19 124.13 55.08
N SER X 473 -84.00 124.36 55.64
CA SER X 473 -83.81 125.24 56.78
C SER X 473 -84.68 124.81 57.96
N ASN X 474 -84.19 123.86 58.75
CA ASN X 474 -84.94 123.36 59.89
C ASN X 474 -85.03 124.42 60.97
N ILE X 475 -86.25 124.78 61.36
CA ILE X 475 -86.51 125.78 62.38
C ILE X 475 -87.32 125.13 63.50
N PRO X 476 -86.85 125.14 64.74
CA PRO X 476 -87.63 124.52 65.82
C PRO X 476 -88.81 125.38 66.26
N GLU X 477 -88.70 126.69 66.06
CA GLU X 477 -89.79 127.59 66.45
C GLU X 477 -90.98 127.47 65.50
N SER X 478 -90.73 127.23 64.21
CA SER X 478 -91.80 127.08 63.22
C SER X 478 -92.30 125.64 63.23
N ILE X 479 -93.04 125.32 64.30
CA ILE X 479 -93.59 123.98 64.45
C ILE X 479 -94.74 123.79 63.46
N CYS X 480 -94.88 122.57 62.96
CA CYS X 480 -95.94 122.23 62.01
C CYS X 480 -96.91 121.24 62.65
N LEU X 481 -98.20 121.44 62.37
CA LEU X 481 -99.22 120.54 62.90
C LEU X 481 -99.15 119.15 62.26
N LEU X 482 -98.58 119.04 61.07
CA LEU X 482 -98.51 117.75 60.40
C LEU X 482 -97.64 116.76 61.17
N ASP X 483 -96.50 117.23 61.68
CA ASP X 483 -95.62 116.34 62.44
C ASP X 483 -96.28 115.89 63.75
N LEU X 484 -96.99 116.79 64.42
CA LEU X 484 -97.68 116.42 65.65
C LEU X 484 -98.79 115.42 65.37
N GLU X 485 -99.55 115.63 64.29
CA GLU X 485 -100.60 114.68 63.93
C GLU X 485 -100.00 113.33 63.57
N VAL X 486 -98.88 113.33 62.87
CA VAL X 486 -98.22 112.08 62.50
C VAL X 486 -97.76 111.32 63.74
N PHE X 487 -97.14 112.04 64.69
CA PHE X 487 -96.69 111.40 65.92
C PHE X 487 -97.87 110.85 66.72
N LEU X 488 -98.94 111.61 66.82
CA LEU X 488 -100.11 111.14 67.56
C LEU X 488 -100.72 109.91 66.91
N LEU X 489 -100.84 109.92 65.57
CA LEU X 489 -101.38 108.76 64.88
C LEU X 489 -100.49 107.53 65.04
N ALA X 490 -99.16 107.73 65.01
CA ALA X 490 -98.25 106.62 65.20
C ALA X 490 -98.38 106.03 66.60
N VAL X 491 -98.44 106.89 67.62
CA VAL X 491 -98.59 106.40 68.99
C VAL X 491 -99.91 105.66 69.14
N VAL X 492 -100.99 106.20 68.57
CA VAL X 492 -102.29 105.56 68.67
C VAL X 492 -102.28 104.20 67.98
N GLN X 493 -101.67 104.11 66.80
CA GLN X 493 -101.63 102.84 66.08
C GLN X 493 -100.78 101.82 66.82
N THR X 494 -99.65 102.24 67.39
CA THR X 494 -98.82 101.30 68.15
C THR X 494 -99.55 100.80 69.39
N SER X 495 -100.25 101.70 70.09
CA SER X 495 -101.00 101.28 71.27
C SER X 495 -102.15 100.36 70.89
N TYR X 496 -102.80 100.62 69.75
CA TYR X 496 -103.87 99.73 69.30
C TYR X 496 -103.34 98.35 68.94
N LEU X 497 -102.19 98.29 68.28
CA LEU X 497 -101.58 96.99 67.97
C LEU X 497 -101.19 96.26 69.25
N GLN X 498 -100.64 96.98 70.23
CA GLN X 498 -100.28 96.35 71.49
C GLN X 498 -101.52 95.82 72.21
N LEU X 499 -102.61 96.58 72.22
CA LEU X 499 -103.83 96.13 72.87
C LEU X 499 -104.42 94.93 72.15
N GLN X 500 -104.39 94.92 70.81
CA GLN X 500 -104.90 93.78 70.06
C GLN X 500 -104.06 92.54 70.28
N ASP X 501 -102.74 92.71 70.45
CA ASP X 501 -101.88 91.55 70.73
C ASP X 501 -102.04 91.06 72.16
N ASN X 502 -102.34 91.95 73.10
CA ASN X 502 -102.49 91.56 74.49
C ASN X 502 -103.88 90.99 74.79
N ASN X 503 -104.90 91.37 74.02
CA ASN X 503 -106.24 90.86 74.26
C ASN X 503 -106.46 89.50 73.59
N THR X 504 -105.56 88.56 73.87
CA THR X 504 -105.70 87.21 73.31
C THR X 504 -106.66 86.35 74.14
N THR X 505 -106.66 86.53 75.45
CA THR X 505 -107.54 85.79 76.35
C THR X 505 -108.73 86.60 76.82
N ALA X 506 -108.98 87.75 76.19
CA ALA X 506 -110.10 88.61 76.57
C ALA X 506 -111.37 88.20 75.84
N ASP X 507 -112.52 88.41 76.50
CA ASP X 507 -113.81 88.08 75.93
C ASP X 507 -114.41 89.28 75.22
N PRO X 508 -115.18 89.03 74.15
CA PRO X 508 -115.80 90.16 73.43
C PRO X 508 -116.85 90.90 74.25
N ASN X 509 -117.43 90.27 75.27
CA ASN X 509 -118.42 90.93 76.11
C ASN X 509 -117.79 91.92 77.10
N ARG X 510 -116.46 91.95 77.19
CA ARG X 510 -115.71 92.84 78.07
C ARG X 510 -115.27 94.09 77.31
N PRO X 511 -115.09 95.22 78.00
CA PRO X 511 -114.62 96.44 77.32
C PRO X 511 -113.24 96.23 76.71
N ARG X 512 -113.14 96.49 75.40
CA ARG X 512 -111.87 96.30 74.70
C ARG X 512 -110.82 97.31 75.15
N CYS X 513 -111.20 98.57 75.26
CA CYS X 513 -110.28 99.62 75.69
C CYS X 513 -110.33 99.77 77.20
N LEU X 514 -109.16 99.84 77.83
CA LEU X 514 -109.10 99.97 79.27
C LEU X 514 -109.45 101.40 79.69
N PRO X 515 -110.06 101.57 80.86
CA PRO X 515 -110.39 102.92 81.34
C PRO X 515 -109.14 103.76 81.58
N LEU X 516 -109.37 105.06 81.75
CA LEU X 516 -108.26 106.00 81.91
C LEU X 516 -107.40 105.73 83.14
N PRO X 517 -107.95 105.52 84.35
CA PRO X 517 -107.07 105.36 85.52
C PRO X 517 -106.19 104.12 85.48
N ILE X 518 -106.50 103.13 84.64
CA ILE X 518 -105.69 101.92 84.55
C ILE X 518 -104.92 101.81 83.25
N CYS X 519 -105.18 102.68 82.27
CA CYS X 519 -104.48 102.69 80.99
C CYS X 519 -103.60 103.94 80.95
N LYS X 520 -102.39 103.83 81.46
CA LYS X 520 -101.45 104.94 81.51
C LYS X 520 -100.11 104.48 80.97
N GLN X 521 -99.58 105.23 79.99
CA GLN X 521 -98.27 104.97 79.40
C GLN X 521 -98.18 103.57 78.82
N LEU X 522 -98.64 103.41 77.57
CA LEU X 522 -98.55 102.14 76.86
C LEU X 522 -97.39 102.12 75.88
N PHE X 523 -96.30 102.84 76.18
CA PHE X 523 -95.16 102.90 75.28
C PHE X 523 -93.87 103.16 76.06
N THR X 524 -93.04 104.07 75.56
CA THR X 524 -91.77 104.41 76.18
C THR X 524 -91.80 105.84 76.68
N ASP X 525 -91.17 106.06 77.84
CA ASP X 525 -91.12 107.39 78.44
C ASP X 525 -90.38 108.41 77.58
N ARG X 526 -89.61 107.98 76.59
CA ARG X 526 -88.92 108.92 75.71
C ARG X 526 -89.92 109.76 74.92
N GLN X 527 -90.99 109.13 74.42
CA GLN X 527 -92.00 109.87 73.69
C GLN X 527 -92.70 110.88 74.58
N ARG X 528 -93.00 110.50 75.83
CA ARG X 528 -93.62 111.42 76.76
C ARG X 528 -92.70 112.59 77.07
N SER X 529 -91.41 112.33 77.26
CA SER X 529 -90.46 113.39 77.52
C SER X 529 -90.35 114.34 76.33
N TRP X 530 -90.33 113.79 75.12
CA TRP X 530 -90.25 114.62 73.93
C TRP X 530 -91.50 115.49 73.78
N TRP X 531 -92.68 114.90 74.03
CA TRP X 531 -93.92 115.67 73.95
C TRP X 531 -93.96 116.77 75.00
N ASP X 532 -93.49 116.47 76.22
CA ASP X 532 -93.45 117.49 77.26
C ASP X 532 -92.49 118.61 76.91
N ALA X 533 -91.33 118.27 76.34
CA ALA X 533 -90.37 119.29 75.93
C ALA X 533 -90.94 120.16 74.81
N VAL X 534 -91.64 119.54 73.86
CA VAL X 534 -92.25 120.30 72.77
C VAL X 534 -93.31 121.25 73.32
N TYR X 535 -94.16 120.75 74.23
CA TYR X 535 -95.20 121.59 74.81
C TYR X 535 -94.60 122.74 75.60
N SER X 536 -93.52 122.48 76.34
CA SER X 536 -92.88 123.54 77.12
C SER X 536 -92.26 124.59 76.19
N LEU X 537 -91.57 124.15 75.13
CA LEU X 537 -90.98 125.10 74.20
C LEU X 537 -92.04 125.90 73.45
N ILE X 538 -93.21 125.32 73.25
CA ILE X 538 -94.29 126.04 72.57
C ILE X 538 -94.93 127.06 73.49
N THR X 539 -95.27 126.65 74.71
CA THR X 539 -95.94 127.51 75.67
C THR X 539 -94.99 128.38 76.48
N LYS X 540 -93.69 128.36 76.16
CA LYS X 540 -92.69 129.18 76.84
C LYS X 540 -92.64 128.87 78.34
N LYS X 541 -92.75 127.59 78.68
CA LYS X 541 -92.72 127.14 80.07
C LYS X 541 -91.45 126.38 80.40
N ALA X 542 -90.33 126.76 79.82
CA ALA X 542 -89.05 126.11 80.04
C ALA X 542 -88.12 127.08 80.77
N LEU X 543 -86.83 127.14 80.46
CA LEU X 543 -85.90 128.04 81.14
C LEU X 543 -85.12 128.82 80.08
N PRO X 544 -84.97 130.13 80.23
CA PRO X 544 -84.22 130.91 79.24
C PRO X 544 -82.75 130.53 79.17
N GLY X 545 -82.19 129.94 80.23
CA GLY X 545 -80.79 129.56 80.18
C GLY X 545 -80.55 128.36 79.28
N THR X 546 -81.39 127.34 79.41
CA THR X 546 -81.30 126.13 78.60
C THR X 546 -82.20 126.17 77.37
N SER X 547 -82.78 127.34 77.06
CA SER X 547 -83.63 127.46 75.88
C SER X 547 -82.88 127.15 74.61
N ALA X 548 -81.59 127.50 74.53
CA ALA X 548 -80.82 127.25 73.33
C ALA X 548 -80.69 125.75 73.07
N LYS X 549 -80.24 124.99 74.08
CA LYS X 549 -80.10 123.55 73.90
C LYS X 549 -81.45 122.88 73.74
N LEU X 550 -82.51 123.40 74.37
CA LEU X 550 -83.84 122.84 74.18
C LEU X 550 -84.30 123.01 72.74
N ARG X 551 -84.10 124.20 72.17
CA ARG X 551 -84.46 124.43 70.78
C ARG X 551 -83.62 123.58 69.84
N SER X 552 -82.34 123.40 70.16
CA SER X 552 -81.48 122.55 69.33
C SER X 552 -81.97 121.11 69.33
N VAL X 553 -82.30 120.59 70.52
CA VAL X 553 -82.79 119.21 70.61
C VAL X 553 -84.13 119.06 69.90
N ILE X 554 -85.00 120.07 70.02
CA ILE X 554 -86.30 120.01 69.36
C ILE X 554 -86.13 120.04 67.84
N GLN X 555 -85.22 120.87 67.35
CA GLN X 555 -84.96 120.92 65.91
C GLN X 555 -84.38 119.61 65.41
N HIS X 556 -83.46 119.01 66.16
CA HIS X 556 -82.89 117.72 65.76
C HIS X 556 -83.96 116.64 65.73
N ASP X 557 -84.83 116.61 66.74
CA ASP X 557 -85.90 115.61 66.76
C ASP X 557 -86.90 115.84 65.63
N LEU X 558 -87.21 117.10 65.32
CA LEU X 558 -88.13 117.38 64.21
C LEU X 558 -87.51 116.97 62.88
N THR X 559 -86.21 117.20 62.71
CA THR X 559 -85.55 116.77 61.48
C THR X 559 -85.54 115.25 61.36
N THR X 560 -85.27 114.55 62.48
CA THR X 560 -85.28 113.10 62.46
C THR X 560 -86.67 112.56 62.17
N LEU X 561 -87.70 113.24 62.65
CA LEU X 561 -89.07 112.78 62.40
C LEU X 561 -89.48 113.05 60.96
N ARG X 562 -89.13 114.21 60.41
CA ARG X 562 -89.47 114.53 59.03
C ARG X 562 -88.66 113.70 58.04
N ALA X 563 -87.48 113.22 58.44
CA ALA X 563 -86.65 112.33 57.63
C ALA X 563 -86.28 112.99 56.29
N GLN X 564 -85.48 114.05 56.41
CA GLN X 564 -84.97 114.77 55.25
C GLN X 564 -83.47 114.99 55.27
N GLU X 565 -82.80 114.82 56.40
CA GLU X 565 -81.36 114.97 56.48
C GLU X 565 -80.75 113.85 57.33
N LYS X 566 -81.41 113.54 58.45
CA LYS X 566 -80.99 112.47 59.35
C LYS X 566 -82.12 111.45 59.47
N HIS X 567 -81.78 110.18 59.30
CA HIS X 567 -82.76 109.10 59.37
C HIS X 567 -82.32 108.09 60.43
N GLY X 568 -83.30 107.32 60.91
CA GLY X 568 -83.04 106.31 61.92
C GLY X 568 -84.29 105.87 62.64
N LEU X 569 -85.40 105.77 61.90
CA LEU X 569 -86.68 105.37 62.48
C LEU X 569 -86.89 103.87 62.33
N GLN X 570 -88.09 103.48 61.90
CA GLN X 570 -88.44 102.07 61.74
C GLN X 570 -89.42 101.93 60.60
N PRO X 571 -89.35 100.82 59.85
CA PRO X 571 -90.33 100.62 58.77
C PRO X 571 -91.75 100.51 59.26
N ALA X 572 -91.96 99.89 60.43
CA ALA X 572 -93.31 99.78 60.98
C ALA X 572 -93.87 101.15 61.33
N VAL X 573 -93.07 101.99 62.00
CA VAL X 573 -93.57 103.30 62.37
C VAL X 573 -93.73 104.19 61.14
N LEU X 574 -92.92 103.98 60.10
CA LEU X 574 -93.10 104.74 58.87
C LEU X 574 -94.38 104.33 58.15
N VAL X 575 -94.68 103.03 58.13
CA VAL X 575 -95.93 102.56 57.55
C VAL X 575 -97.11 103.11 58.34
N ASN X 576 -96.98 103.17 59.67
CA ASN X 576 -98.02 103.77 60.50
C ASN X 576 -98.20 105.25 60.19
N TRP X 577 -97.09 105.97 59.98
CA TRP X 577 -97.17 107.36 59.57
C TRP X 577 -97.92 107.51 58.27
N ALA X 578 -97.58 106.69 57.27
CA ALA X 578 -98.25 106.78 55.97
C ALA X 578 -99.73 106.46 56.09
N ARG X 579 -100.08 105.43 56.86
CA ARG X 579 -101.49 105.07 57.02
C ARG X 579 -102.27 106.17 57.72
N GLY X 580 -101.70 106.76 58.78
CA GLY X 580 -102.37 107.85 59.46
C GLY X 580 -102.53 109.07 58.58
N LEU X 581 -101.51 109.39 57.78
CA LEU X 581 -101.61 110.52 56.86
C LEU X 581 -102.69 110.28 55.82
N HIS X 582 -102.75 109.06 55.27
CA HIS X 582 -103.80 108.75 54.30
C HIS X 582 -105.19 108.83 54.93
N LYS X 583 -105.33 108.31 56.15
CA LYS X 583 -106.64 108.33 56.81
C LYS X 583 -107.07 109.75 57.16
N THR X 584 -106.11 110.63 57.47
CA THR X 584 -106.45 112.02 57.78
C THR X 584 -106.64 112.87 56.53
N GLY X 585 -106.07 112.45 55.40
CA GLY X 585 -106.19 113.23 54.18
C GLY X 585 -107.37 112.85 53.31
N TYR X 586 -107.48 111.57 52.96
CA TYR X 586 -108.53 111.13 52.05
C TYR X 586 -109.92 111.11 52.68
N SER X 587 -110.02 111.35 53.98
CA SER X 587 -111.32 111.39 54.64
C SER X 587 -112.04 112.72 54.45
N LEU X 588 -111.32 113.77 54.07
CA LEU X 588 -111.89 115.09 53.85
C LEU X 588 -111.79 115.47 52.37
N ASN X 589 -112.35 116.63 52.04
CA ASN X 589 -112.36 117.16 50.68
C ASN X 589 -111.73 118.55 50.73
N SER X 590 -110.42 118.61 50.55
CA SER X 590 -109.70 119.88 50.58
C SER X 590 -108.82 120.01 49.34
N PHE X 591 -107.86 120.94 49.38
CA PHE X 591 -106.96 121.16 48.25
C PHE X 591 -105.52 121.28 48.73
N TYR X 592 -105.20 122.40 49.39
CA TYR X 592 -103.84 122.60 49.88
C TYR X 592 -103.51 121.67 51.04
N ASP X 593 -104.50 121.34 51.87
CA ASP X 593 -104.28 120.36 52.94
C ASP X 593 -103.93 119.00 52.36
N GLN X 594 -104.65 118.58 51.32
CA GLN X 594 -104.33 117.30 50.67
C GLN X 594 -102.96 117.35 50.01
N LYS X 595 -102.60 118.50 49.45
CA LYS X 595 -101.28 118.64 48.83
C LYS X 595 -100.18 118.51 49.87
N GLU X 596 -100.35 119.15 51.03
CA GLU X 596 -99.35 119.04 52.10
C GLU X 596 -99.30 117.61 52.65
N TYR X 597 -100.46 116.95 52.75
CA TYR X 597 -100.47 115.56 53.21
C TYR X 597 -99.73 114.66 52.24
N MET X 598 -99.95 114.84 50.93
CA MET X 598 -99.23 114.04 49.95
C MET X 598 -97.75 114.36 49.93
N GLY X 599 -97.37 115.63 50.17
CA GLY X 599 -95.97 115.96 50.28
C GLY X 599 -95.30 115.29 51.45
N ARG X 600 -95.95 115.29 52.62
CA ARG X 600 -95.42 114.56 53.76
C ARG X 600 -95.34 113.07 53.48
N CYS X 601 -96.35 112.53 52.78
CA CYS X 601 -96.35 111.11 52.44
C CYS X 601 -95.16 110.75 51.56
N VAL X 602 -94.90 111.55 50.53
CA VAL X 602 -93.79 111.24 49.63
C VAL X 602 -92.45 111.49 50.32
N HIS X 603 -92.38 112.48 51.23
CA HIS X 603 -91.16 112.69 51.98
C HIS X 603 -90.86 111.54 52.92
N TYR X 604 -91.90 110.89 53.45
CA TYR X 604 -91.69 109.70 54.27
C TYR X 604 -91.35 108.49 53.40
N TRP X 605 -91.98 108.38 52.22
CA TRP X 605 -91.77 107.21 51.37
C TRP X 605 -90.37 107.21 50.76
N LYS X 606 -89.83 108.39 50.44
CA LYS X 606 -88.51 108.46 49.82
C LYS X 606 -87.42 107.89 50.73
N LYS X 607 -87.68 107.81 52.04
CA LYS X 607 -86.75 107.17 52.96
C LYS X 607 -87.26 105.83 53.50
N LEU X 608 -88.56 105.56 53.40
CA LEU X 608 -89.07 104.24 53.77
C LEU X 608 -88.75 103.18 52.72
N LEU X 609 -88.67 103.57 51.45
CA LEU X 609 -88.36 102.61 50.40
C LEU X 609 -87.01 101.93 50.60
N PRO X 610 -85.92 102.62 50.94
CA PRO X 610 -84.67 101.90 51.26
C PRO X 610 -84.81 100.98 52.46
N LEU X 611 -85.64 101.35 53.44
CA LEU X 611 -85.86 100.47 54.58
C LEU X 611 -86.72 99.27 54.19
N LEU X 612 -87.69 99.48 53.30
CA LEU X 612 -88.51 98.38 52.83
C LEU X 612 -87.73 97.44 51.92
N ASP X 613 -86.66 97.91 51.28
CA ASP X 613 -85.84 97.05 50.45
C ASP X 613 -85.08 96.01 51.25
N LEU X 614 -84.94 96.21 52.56
CA LEU X 614 -84.21 95.27 53.41
C LEU X 614 -85.11 94.23 54.05
N VAL X 615 -86.39 94.55 54.26
CA VAL X 615 -87.32 93.60 54.89
C VAL X 615 -87.89 92.60 53.90
N LYS X 616 -87.60 92.74 52.62
CA LYS X 616 -88.10 91.80 51.61
C LYS X 616 -87.24 90.57 51.45
N GLN X 617 -85.99 90.61 51.90
CA GLN X 617 -85.08 89.48 51.80
C GLN X 617 -85.00 88.68 53.10
N LYS X 618 -85.88 88.97 54.06
CA LYS X 618 -85.89 88.28 55.36
C LYS X 618 -84.55 88.45 56.08
N LYS X 619 -84.16 89.69 56.28
CA LYS X 619 -82.90 90.03 56.95
C LYS X 619 -83.20 90.57 58.35
N SER X 620 -82.33 91.44 58.84
CA SER X 620 -82.49 92.03 60.17
C SER X 620 -83.32 93.31 60.07
N ILE X 621 -84.18 93.51 61.05
CA ILE X 621 -85.03 94.71 61.08
C ILE X 621 -84.18 95.91 61.51
N PRO X 622 -84.16 96.99 60.72
CA PRO X 622 -83.35 98.16 61.10
C PRO X 622 -83.91 98.88 62.32
N GLU X 623 -83.57 98.40 63.50
CA GLU X 623 -84.06 99.03 64.73
C GLU X 623 -83.02 100.02 65.26
N PRO X 624 -83.46 101.18 65.73
CA PRO X 624 -82.51 102.17 66.26
C PRO X 624 -81.97 101.75 67.61
N VAL X 625 -80.95 102.48 68.06
CA VAL X 625 -80.32 102.19 69.34
C VAL X 625 -81.17 102.64 70.52
N ASP X 626 -82.10 103.57 70.31
CA ASP X 626 -82.96 104.06 71.39
C ASP X 626 -84.35 103.46 71.21
N PRO X 627 -84.82 102.63 72.16
CA PRO X 627 -86.16 102.04 72.02
C PRO X 627 -87.27 103.08 72.12
N LEU X 628 -87.94 103.37 71.01
CA LEU X 628 -89.02 104.34 71.00
C LEU X 628 -90.36 103.72 71.38
N PHE X 629 -90.54 102.42 71.13
CA PHE X 629 -91.77 101.72 71.47
C PHE X 629 -91.42 100.32 71.96
N LYS X 630 -92.46 99.53 72.24
CA LYS X 630 -92.25 98.16 72.70
C LYS X 630 -91.82 97.28 71.53
N HIS X 631 -90.59 96.77 71.60
CA HIS X 631 -90.04 95.93 70.53
C HIS X 631 -90.48 94.50 70.76
N PHE X 632 -91.74 94.22 70.37
CA PHE X 632 -92.30 92.89 70.50
C PHE X 632 -93.41 92.67 69.47
N HIS X 633 -93.80 93.74 68.77
CA HIS X 633 -94.84 93.65 67.76
C HIS X 633 -94.53 94.39 66.47
N ASN X 634 -93.51 95.24 66.44
CA ASN X 634 -93.15 95.99 65.24
C ASN X 634 -92.04 95.29 64.46
N LYS X 635 -92.25 94.02 64.13
CA LYS X 635 -91.29 93.22 63.39
C LYS X 635 -91.80 93.06 61.96
N ASP X 636 -91.18 93.78 61.02
CA ASP X 636 -91.57 93.74 59.62
C ASP X 636 -90.63 92.77 58.89
N ILE X 637 -91.14 91.59 58.56
CA ILE X 637 -90.35 90.57 57.87
C ILE X 637 -91.27 89.72 57.01
N LYS X 638 -92.57 89.87 57.22
CA LYS X 638 -93.57 89.10 56.47
C LYS X 638 -93.89 89.82 55.16
N VAL X 639 -93.75 89.11 54.05
CA VAL X 639 -94.03 89.66 52.73
C VAL X 639 -95.52 89.47 52.49
N SER X 640 -96.32 90.46 52.92
CA SER X 640 -97.76 90.41 52.77
C SER X 640 -98.31 91.67 52.12
N GLU X 641 -98.13 92.84 52.75
CA GLU X 641 -98.62 94.10 52.22
C GLU X 641 -97.52 94.91 51.53
N VAL X 642 -96.43 94.25 51.13
CA VAL X 642 -95.35 94.98 50.44
C VAL X 642 -95.84 95.52 49.11
N LYS X 643 -96.72 94.78 48.42
CA LYS X 643 -97.28 95.28 47.17
C LYS X 643 -98.11 96.54 47.41
N ASP X 644 -98.91 96.56 48.47
CA ASP X 644 -99.69 97.75 48.79
C ASP X 644 -98.79 98.92 49.18
N LEU X 645 -97.69 98.63 49.89
CA LEU X 645 -96.76 99.69 50.25
C LEU X 645 -96.09 100.28 49.01
N GLU X 646 -95.67 99.42 48.08
CA GLU X 646 -95.09 99.91 46.83
C GLU X 646 -96.11 100.70 46.02
N ASP X 647 -97.37 100.26 46.02
CA ASP X 647 -98.41 101.00 45.32
C ASP X 647 -98.61 102.38 45.94
N GLU X 648 -98.61 102.46 47.28
CA GLU X 648 -98.77 103.74 47.94
C GLU X 648 -97.58 104.65 47.67
N ALA X 649 -96.38 104.09 47.62
CA ALA X 649 -95.19 104.88 47.29
C ALA X 649 -95.29 105.43 45.87
N CYS X 650 -95.75 104.60 44.93
CA CYS X 650 -95.92 105.06 43.55
C CYS X 650 -97.01 106.13 43.48
N ILE X 651 -98.06 105.99 44.29
CA ILE X 651 -99.11 107.01 44.34
C ILE X 651 -98.54 108.34 44.83
N ALA X 652 -97.72 108.29 45.88
CA ALA X 652 -97.10 109.51 46.38
C ALA X 652 -96.18 110.13 45.34
N PHE X 653 -95.41 109.30 44.63
CA PHE X 653 -94.53 109.81 43.59
C PHE X 653 -95.32 110.49 42.48
N ALA X 654 -96.41 109.84 42.03
CA ALA X 654 -97.22 110.42 40.97
C ALA X 654 -97.91 111.70 41.41
N THR X 655 -98.33 111.76 42.68
CA THR X 655 -98.95 112.98 43.19
C THR X 655 -97.94 114.12 43.26
N LEU X 656 -96.71 113.81 43.70
CA LEU X 656 -95.66 114.83 43.72
C LEU X 656 -95.35 115.31 42.31
N ASP X 657 -95.33 114.39 41.34
CA ASP X 657 -95.08 114.77 39.96
C ASP X 657 -96.20 115.66 39.43
N LEU X 658 -97.46 115.32 39.73
CA LEU X 658 -98.58 116.13 39.27
C LEU X 658 -98.57 117.50 39.92
N VAL X 659 -98.13 117.58 41.18
CA VAL X 659 -98.00 118.88 41.84
C VAL X 659 -96.89 119.70 41.18
N ASP X 660 -95.77 119.06 40.85
CA ASP X 660 -94.66 119.72 40.18
C ASP X 660 -94.92 119.97 38.70
N GLY X 661 -96.10 119.60 38.19
CA GLY X 661 -96.44 119.87 36.81
C GLY X 661 -96.16 118.73 35.84
N LYS X 662 -96.16 117.48 36.32
CA LYS X 662 -95.90 116.32 35.46
C LYS X 662 -97.15 115.44 35.45
N THR X 663 -98.18 115.90 34.74
CA THR X 663 -99.43 115.16 34.67
C THR X 663 -99.30 113.91 33.82
N GLU X 664 -98.49 113.95 32.76
CA GLU X 664 -98.34 112.79 31.90
C GLU X 664 -97.70 111.62 32.64
N ASP X 665 -96.57 111.87 33.30
CA ASP X 665 -95.92 110.81 34.07
C ASP X 665 -96.80 110.34 35.23
N ALA X 666 -97.54 111.27 35.83
CA ALA X 666 -98.44 110.90 36.93
C ALA X 666 -99.52 109.94 36.46
N ILE X 667 -100.20 110.27 35.35
CA ILE X 667 -101.25 109.39 34.86
C ILE X 667 -100.66 108.09 34.32
N ILE X 668 -99.44 108.12 33.80
CA ILE X 668 -98.81 106.89 33.33
C ILE X 668 -98.54 105.96 34.51
N ALA X 669 -97.98 106.49 35.60
CA ALA X 669 -97.74 105.67 36.78
C ALA X 669 -99.05 105.19 37.39
N PHE X 670 -100.08 106.02 37.35
CA PHE X 670 -101.38 105.63 37.91
C PHE X 670 -101.99 104.49 37.10
N GLU X 671 -101.90 104.55 35.78
CA GLU X 671 -102.41 103.46 34.95
C GLU X 671 -101.55 102.21 35.06
N SER X 672 -100.26 102.38 35.36
CA SER X 672 -99.39 101.22 35.51
C SER X 672 -99.66 100.49 36.82
N VAL X 673 -99.81 101.22 37.92
CA VAL X 673 -100.07 100.61 39.22
C VAL X 673 -101.52 100.19 39.31
N LYS X 674 -101.86 99.43 40.36
CA LYS X 674 -103.22 98.92 40.57
C LYS X 674 -103.54 99.06 42.07
N ASN X 675 -103.99 100.24 42.46
CA ASN X 675 -104.34 100.52 43.85
C ASN X 675 -105.58 101.41 43.89
N VAL X 676 -106.46 101.16 44.87
CA VAL X 676 -107.70 101.92 44.97
C VAL X 676 -107.42 103.36 45.39
N VAL X 677 -106.37 103.59 46.16
CA VAL X 677 -106.04 104.94 46.61
C VAL X 677 -105.68 105.82 45.43
N ALA X 678 -104.97 105.27 44.45
CA ALA X 678 -104.61 106.03 43.25
C ALA X 678 -105.85 106.53 42.53
N TYR X 679 -106.80 105.62 42.28
CA TYR X 679 -108.01 106.00 41.55
C TYR X 679 -108.90 106.91 42.38
N TRP X 680 -108.90 106.76 43.71
CA TRP X 680 -109.66 107.67 44.56
C TRP X 680 -109.10 109.09 44.49
N ASN X 681 -107.77 109.22 44.58
CA ASN X 681 -107.15 110.54 44.45
C ASN X 681 -107.38 111.11 43.07
N LEU X 682 -107.34 110.26 42.04
CA LEU X 682 -107.61 110.73 40.68
C LEU X 682 -109.03 111.24 40.54
N ALA X 683 -110.00 110.53 41.12
CA ALA X 683 -111.39 110.98 41.07
C ALA X 683 -111.58 112.28 41.82
N LEU X 684 -110.93 112.43 42.98
CA LEU X 684 -111.02 113.68 43.73
C LEU X 684 -110.43 114.83 42.94
N ILE X 685 -109.26 114.63 42.31
CA ILE X 685 -108.63 115.68 41.53
C ILE X 685 -109.51 116.04 40.33
N TYR X 686 -110.10 115.04 39.68
CA TYR X 686 -110.96 115.30 38.54
C TYR X 686 -112.20 116.06 38.94
N GLN X 687 -112.79 115.73 40.09
CA GLN X 687 -113.97 116.46 40.57
C GLN X 687 -113.61 117.90 40.91
N ARG X 688 -112.46 118.11 41.56
CA ARG X 688 -112.03 119.47 41.86
C ARG X 688 -111.79 120.29 40.59
N LYS X 689 -111.16 119.67 39.59
CA LYS X 689 -110.92 120.38 38.33
C LYS X 689 -112.23 120.67 37.61
N ALA X 690 -113.19 119.74 37.65
CA ALA X 690 -114.47 119.97 37.01
C ALA X 690 -115.22 121.10 37.71
N GLU X 691 -115.15 121.17 39.04
CA GLU X 691 -115.79 122.25 39.76
C GLU X 691 -115.13 123.59 39.43
N GLU X 692 -113.80 123.63 39.39
CA GLU X 692 -113.10 124.86 39.06
C GLU X 692 -113.37 125.30 37.62
N ILE X 693 -113.60 124.35 36.72
CA ILE X 693 -113.93 124.71 35.34
C ILE X 693 -115.36 125.22 35.23
N GLU X 694 -116.30 124.54 35.89
CA GLU X 694 -117.70 124.98 35.88
C GLU X 694 -117.89 126.32 36.59
N ASN X 695 -116.99 126.68 37.50
CA ASN X 695 -117.06 127.98 38.15
C ASN X 695 -116.86 129.12 37.16
N ASP X 696 -116.25 128.85 36.00
CA ASP X 696 -116.02 129.83 34.95
C ASP X 696 -116.88 129.47 33.73
N CYS X 697 -116.42 129.84 32.54
CA CYS X 697 -117.13 129.52 31.31
C CYS X 697 -116.90 128.06 30.92
N LEU X 698 -117.65 127.61 29.92
CA LEU X 698 -117.58 126.24 29.44
C LEU X 698 -117.45 126.23 27.92
N PRO X 699 -116.24 126.46 27.40
CA PRO X 699 -116.03 126.35 25.95
C PRO X 699 -116.10 124.91 25.47
N ALA X 700 -115.94 124.69 24.16
CA ALA X 700 -116.04 123.34 23.62
C ALA X 700 -114.88 122.46 24.09
N GLU X 701 -113.66 123.00 24.08
CA GLU X 701 -112.52 122.22 24.55
C GLU X 701 -112.63 121.89 26.03
N GLU X 702 -113.07 122.85 26.84
CA GLU X 702 -113.25 122.59 28.27
C GLU X 702 -114.35 121.57 28.51
N GLN X 703 -115.43 121.63 27.71
CA GLN X 703 -116.50 120.65 27.85
C GLN X 703 -116.01 119.25 27.48
N GLU X 704 -115.23 119.14 26.41
CA GLU X 704 -114.67 117.84 26.03
C GLU X 704 -113.73 117.31 27.10
N GLU X 705 -112.88 118.18 27.67
CA GLU X 705 -111.99 117.75 28.73
C GLU X 705 -112.77 117.32 29.97
N PHE X 706 -113.86 118.03 30.28
CA PHE X 706 -114.69 117.66 31.43
C PHE X 706 -115.37 116.31 31.21
N GLN X 707 -115.86 116.06 29.98
CA GLN X 707 -116.47 114.77 29.69
C GLN X 707 -115.44 113.65 29.78
N GLU X 708 -114.22 113.88 29.26
CA GLU X 708 -113.17 112.88 29.35
C GLU X 708 -112.79 112.61 30.81
N CYS X 709 -112.72 113.66 31.62
CA CYS X 709 -112.39 113.49 33.03
C CYS X 709 -113.50 112.73 33.76
N LEU X 710 -114.75 112.99 33.42
CA LEU X 710 -115.85 112.27 34.04
C LEU X 710 -115.84 110.79 33.65
N LEU X 711 -115.54 110.51 32.38
CA LEU X 711 -115.43 109.11 31.95
C LEU X 711 -114.27 108.41 32.66
N LYS X 712 -113.13 109.09 32.80
CA LYS X 712 -112.00 108.51 33.50
C LYS X 712 -112.33 108.27 34.97
N CYS X 713 -113.05 109.20 35.59
CA CYS X 713 -113.45 109.02 36.99
C CYS X 713 -114.42 107.86 37.15
N LYS X 714 -115.35 107.70 36.19
CA LYS X 714 -116.26 106.57 36.24
C LYS X 714 -115.50 105.25 36.11
N GLY X 715 -114.55 105.17 35.18
CA GLY X 715 -113.75 103.98 35.05
C GLY X 715 -112.90 103.71 36.29
N PHE X 716 -112.39 104.77 36.91
CA PHE X 716 -111.60 104.61 38.12
C PHE X 716 -112.45 104.08 39.27
N LEU X 717 -113.67 104.59 39.41
CA LEU X 717 -114.57 104.08 40.44
C LEU X 717 -114.96 102.63 40.17
N LYS X 718 -115.15 102.29 38.89
CA LYS X 718 -115.47 100.91 38.54
C LYS X 718 -114.34 99.96 38.91
N MET X 719 -113.10 100.33 38.57
CA MET X 719 -111.97 99.46 38.92
C MET X 719 -111.71 99.47 40.42
N ILE X 720 -112.07 100.56 41.11
CA ILE X 720 -111.98 100.58 42.57
C ILE X 720 -112.95 99.56 43.16
N CYS X 721 -114.18 99.54 42.66
CA CYS X 721 -115.16 98.55 43.12
C CYS X 721 -114.70 97.13 42.80
N ASP X 722 -114.09 96.94 41.64
CA ASP X 722 -113.59 95.62 41.26
C ASP X 722 -112.48 95.17 42.21
N GLU X 723 -111.53 96.06 42.51
CA GLU X 723 -110.45 95.72 43.43
C GLU X 723 -110.97 95.48 44.84
N TYR X 724 -112.01 96.21 45.25
CA TYR X 724 -112.59 95.99 46.57
C TYR X 724 -113.30 94.65 46.65
N SER X 725 -114.00 94.26 45.58
CA SER X 725 -114.66 92.97 45.56
C SER X 725 -113.68 91.82 45.39
N ALA X 726 -112.48 92.09 44.86
CA ALA X 726 -111.46 91.06 44.70
C ALA X 726 -111.05 90.45 46.04
N TYR X 727 -110.09 91.08 46.73
CA TYR X 727 -109.62 90.56 48.00
C TYR X 727 -110.02 91.48 49.15
N PRO X 728 -110.26 90.93 50.34
CA PRO X 728 -110.71 91.76 51.46
C PRO X 728 -109.64 92.70 52.02
N SER X 729 -108.42 92.67 51.50
CA SER X 729 -107.38 93.58 51.99
C SER X 729 -107.68 95.03 51.65
N ILE X 730 -108.52 95.28 50.63
CA ILE X 730 -108.89 96.64 50.29
C ILE X 730 -109.74 97.26 51.38
N ALA X 731 -110.59 96.46 52.03
CA ALA X 731 -111.43 96.98 53.11
C ALA X 731 -110.59 97.46 54.28
N THR X 732 -109.37 96.94 54.43
CA THR X 732 -108.48 97.36 55.50
C THR X 732 -107.54 98.48 55.05
N SER X 733 -107.08 98.44 53.80
CA SER X 733 -106.16 99.44 53.28
C SER X 733 -106.86 100.67 52.73
N LEU X 734 -108.19 100.71 52.75
CA LEU X 734 -108.93 101.86 52.24
C LEU X 734 -109.40 102.73 53.39
N PRO X 735 -108.96 103.99 53.48
CA PRO X 735 -109.47 104.88 54.53
C PRO X 735 -110.86 105.43 54.26
N VAL X 736 -111.45 105.12 53.11
CA VAL X 736 -112.78 105.60 52.74
C VAL X 736 -113.66 104.37 52.53
N PRO X 737 -114.85 104.31 53.14
CA PRO X 737 -115.72 103.16 52.94
C PRO X 737 -116.23 103.07 51.51
N VAL X 738 -116.70 101.87 51.16
CA VAL X 738 -117.18 101.62 49.80
C VAL X 738 -118.54 102.25 49.55
N GLU X 739 -119.29 102.57 50.60
CA GLU X 739 -120.61 103.18 50.41
C GLU X 739 -120.49 104.56 49.80
N THR X 740 -119.57 105.39 50.30
CA THR X 740 -119.37 106.71 49.73
C THR X 740 -118.84 106.62 48.30
N VAL X 741 -117.98 105.63 48.03
CA VAL X 741 -117.47 105.44 46.68
C VAL X 741 -118.60 105.10 45.71
N PHE X 742 -119.49 104.19 46.13
CA PHE X 742 -120.62 103.83 45.28
C PHE X 742 -121.58 104.99 45.09
N GLU X 743 -121.80 105.78 46.14
CA GLU X 743 -122.65 106.96 46.00
C GLU X 743 -122.06 107.97 45.04
N MET X 744 -120.75 108.20 45.12
CA MET X 744 -120.10 109.12 44.20
C MET X 744 -120.14 108.59 42.77
N LEU X 745 -119.99 107.27 42.60
CA LEU X 745 -120.10 106.69 41.26
C LEU X 745 -121.49 106.86 40.69
N ASP X 746 -122.52 106.63 41.51
CA ASP X 746 -123.89 106.82 41.04
C ASP X 746 -124.16 108.28 40.69
N SER X 747 -123.62 109.21 41.50
CA SER X 747 -123.80 110.63 41.20
C SER X 747 -123.09 111.00 39.89
N VAL X 748 -121.89 110.49 39.67
CA VAL X 748 -121.17 110.76 38.43
C VAL X 748 -121.92 110.19 37.23
N LYS X 749 -122.47 108.98 37.38
CA LYS X 749 -123.24 108.39 36.29
C LYS X 749 -124.50 109.19 35.99
N GLN X 750 -125.18 109.67 37.03
CA GLN X 750 -126.38 110.47 36.83
C GLN X 750 -126.05 111.81 36.19
N SER X 751 -124.91 112.40 36.55
CA SER X 751 -124.49 113.65 35.93
C SER X 751 -124.08 113.44 34.47
N LEU X 752 -123.49 112.29 34.15
CA LEU X 752 -123.14 112.00 32.77
C LEU X 752 -124.37 111.74 31.92
N GLY X 753 -125.35 111.02 32.47
CA GLY X 753 -126.58 110.72 31.77
C GLY X 753 -126.77 109.26 31.41
N GLU X 754 -125.82 108.38 31.71
CA GLU X 754 -125.95 106.97 31.39
C GLU X 754 -126.79 106.25 32.45
N ALA X 755 -127.33 105.10 32.06
CA ALA X 755 -128.16 104.32 32.97
C ALA X 755 -128.12 102.82 32.70
N MET X 756 -127.34 102.35 31.73
CA MET X 756 -127.28 100.93 31.43
C MET X 756 -126.38 100.22 32.45
N ASP X 757 -126.41 98.89 32.40
CA ASP X 757 -125.62 98.05 33.29
C ASP X 757 -124.34 97.53 32.63
N ASP X 758 -123.96 98.08 31.47
CA ASP X 758 -122.75 97.63 30.80
C ASP X 758 -121.51 98.22 31.45
N HIS X 759 -121.65 99.35 32.14
CA HIS X 759 -120.51 100.00 32.81
C HIS X 759 -121.05 100.75 34.01
N SER X 760 -120.67 100.30 35.21
CA SER X 760 -121.12 100.87 36.48
C SER X 760 -122.64 100.84 36.56
N PRO X 761 -123.22 99.75 37.06
CA PRO X 761 -124.69 99.66 37.12
C PRO X 761 -125.32 100.59 38.14
N ALA X 762 -126.62 100.42 38.39
CA ALA X 762 -127.36 101.31 39.28
C ALA X 762 -127.40 100.78 40.72
N PHE X 763 -127.98 99.60 40.91
CA PHE X 763 -128.16 99.04 42.24
C PHE X 763 -127.10 98.00 42.60
N MET X 764 -126.01 97.94 41.86
CA MET X 764 -124.86 97.12 42.23
C MET X 764 -123.59 97.78 41.72
N GLU X 765 -122.48 97.43 42.36
CA GLU X 765 -121.19 98.03 42.01
C GLU X 765 -120.52 97.28 40.86
N ASN X 766 -120.27 95.98 41.06
CA ASN X 766 -119.62 95.17 40.05
C ASN X 766 -120.63 94.70 39.00
N HIS X 767 -120.18 93.80 38.13
CA HIS X 767 -121.05 93.25 37.10
C HIS X 767 -121.54 91.85 37.49
N MET Y 1 -57.39 135.81 -1.48
CA MET Y 1 -56.04 135.31 -1.75
C MET Y 1 -55.33 136.15 -2.79
N ARG Y 2 -54.55 137.13 -2.34
CA ARG Y 2 -53.81 138.00 -3.24
C ARG Y 2 -52.63 137.23 -3.82
N ARG Y 3 -52.77 136.79 -5.07
CA ARG Y 3 -51.74 136.02 -5.74
C ARG Y 3 -51.48 136.62 -7.12
N SER Y 4 -50.20 136.70 -7.49
CA SER Y 4 -49.78 137.23 -8.77
C SER Y 4 -48.59 136.40 -9.26
N LYS Y 5 -48.00 136.81 -10.38
CA LYS Y 5 -46.86 136.09 -10.93
C LYS Y 5 -45.66 136.15 -9.99
N ALA Y 6 -45.26 137.35 -9.59
CA ALA Y 6 -44.15 137.48 -8.67
C ALA Y 6 -44.47 136.88 -7.30
N GLU Y 7 -45.74 136.92 -6.90
CA GLU Y 7 -46.14 136.31 -5.63
C GLU Y 7 -45.96 134.80 -5.67
N ILE Y 8 -46.39 134.15 -6.76
CA ILE Y 8 -46.17 132.71 -6.89
C ILE Y 8 -44.69 132.40 -7.02
N GLN Y 9 -43.93 133.27 -7.68
CA GLN Y 9 -42.49 133.06 -7.81
C GLN Y 9 -41.80 133.06 -6.45
N ARG Y 10 -42.12 134.06 -5.61
CA ARG Y 10 -41.52 134.13 -4.29
C ARG Y 10 -42.05 133.03 -3.38
N TYR Y 11 -43.30 132.59 -3.57
CA TYR Y 11 -43.79 131.43 -2.85
C TYR Y 11 -42.97 130.19 -3.19
N VAL Y 12 -42.70 129.99 -4.48
CA VAL Y 12 -41.90 128.85 -4.91
C VAL Y 12 -40.49 128.95 -4.35
N GLU Y 13 -39.90 130.14 -4.35
CA GLU Y 13 -38.54 130.29 -3.83
C GLU Y 13 -38.49 130.05 -2.32
N ASN Y 14 -39.54 130.48 -1.60
CA ASN Y 14 -39.57 130.24 -0.16
C ASN Y 14 -39.80 128.75 0.15
N ALA Y 15 -40.57 128.06 -0.69
CA ALA Y 15 -40.74 126.63 -0.50
C ALA Y 15 -39.47 125.86 -0.85
N GLN Y 16 -38.71 126.34 -1.83
CA GLN Y 16 -37.43 125.74 -2.15
C GLN Y 16 -36.43 125.94 -1.03
N ASN Y 17 -36.44 127.13 -0.41
CA ASN Y 17 -35.58 127.39 0.74
C ASN Y 17 -35.97 126.56 1.96
N SER Y 18 -37.20 126.05 1.99
CA SER Y 18 -37.69 125.22 3.09
C SER Y 18 -37.47 123.74 2.86
N ALA Y 19 -36.61 123.37 1.91
CA ALA Y 19 -36.33 121.98 1.61
C ALA Y 19 -34.88 121.84 1.17
N SER Y 20 -34.11 121.02 1.88
CA SER Y 20 -32.71 120.78 1.57
C SER Y 20 -32.48 119.34 1.13
N SER Y 21 -33.46 118.76 0.46
CA SER Y 21 -33.37 117.38 -0.03
C SER Y 21 -34.18 117.23 -1.30
N PRO Y 22 -33.67 116.50 -2.29
CA PRO Y 22 -34.44 116.31 -3.53
C PRO Y 22 -35.71 115.51 -3.30
N ARG Y 23 -35.66 114.47 -2.47
CA ARG Y 23 -36.88 113.72 -2.18
C ARG Y 23 -37.86 114.56 -1.36
N GLU Y 24 -37.37 115.43 -0.49
CA GLU Y 24 -38.26 116.33 0.23
C GLU Y 24 -38.94 117.30 -0.72
N LYS Y 25 -38.19 117.82 -1.70
CA LYS Y 25 -38.79 118.69 -2.72
C LYS Y 25 -39.82 117.94 -3.54
N SER Y 26 -39.55 116.67 -3.86
CA SER Y 26 -40.52 115.86 -4.60
C SER Y 26 -41.77 115.61 -3.77
N MET Y 27 -41.60 115.35 -2.47
CA MET Y 27 -42.75 115.14 -1.59
C MET Y 27 -43.59 116.40 -1.48
N LYS Y 28 -42.93 117.57 -1.43
CA LYS Y 28 -43.64 118.85 -1.40
C LYS Y 28 -44.17 119.26 -2.78
N GLY Y 29 -44.21 118.32 -3.74
CA GLY Y 29 -44.69 118.63 -5.07
C GLY Y 29 -46.19 118.76 -5.19
N PHE Y 30 -46.95 118.27 -4.19
CA PHE Y 30 -48.40 118.42 -4.23
C PHE Y 30 -48.81 119.88 -4.10
N LEU Y 31 -47.97 120.71 -3.48
CA LEU Y 31 -48.20 122.15 -3.45
C LEU Y 31 -47.54 122.85 -4.63
N PHE Y 32 -46.41 122.33 -5.11
CA PHE Y 32 -45.77 122.91 -6.28
C PHE Y 32 -46.64 122.78 -7.52
N ALA Y 33 -47.40 121.69 -7.61
CA ALA Y 33 -48.33 121.53 -8.72
C ALA Y 33 -49.40 122.62 -8.69
N ARG Y 34 -49.94 122.92 -7.51
CA ARG Y 34 -50.94 123.98 -7.38
C ARG Y 34 -50.32 125.33 -7.69
N LEU Y 35 -49.09 125.58 -7.23
CA LEU Y 35 -48.43 126.84 -7.52
C LEU Y 35 -48.22 127.02 -9.02
N TYR Y 36 -47.76 125.98 -9.71
CA TYR Y 36 -47.56 126.07 -11.15
C TYR Y 36 -48.89 126.19 -11.90
N TYR Y 37 -49.94 125.55 -11.40
CA TYR Y 37 -51.26 125.70 -12.01
C TYR Y 37 -51.77 127.13 -11.87
N GLU Y 38 -51.50 127.77 -10.72
CA GLU Y 38 -51.90 129.15 -10.55
C GLU Y 38 -51.04 130.09 -11.39
N ALA Y 39 -49.77 129.76 -11.57
CA ALA Y 39 -48.87 130.54 -12.41
C ALA Y 39 -48.93 130.17 -13.88
N LYS Y 40 -49.86 129.28 -14.25
CA LYS Y 40 -50.06 128.87 -15.64
C LYS Y 40 -48.83 128.13 -16.18
N GLU Y 41 -48.55 126.97 -15.55
CA GLU Y 41 -47.44 126.09 -15.94
C GLU Y 41 -47.95 124.65 -15.84
N TYR Y 42 -48.71 124.23 -16.85
CA TYR Y 42 -49.33 122.91 -16.83
C TYR Y 42 -48.28 121.80 -16.91
N GLU Y 43 -47.26 121.99 -17.76
CA GLU Y 43 -46.21 120.99 -17.89
C GLU Y 43 -45.41 120.86 -16.60
N LEU Y 44 -45.10 122.00 -15.96
CA LEU Y 44 -44.36 121.95 -14.70
C LEU Y 44 -45.21 121.33 -13.60
N ALA Y 45 -46.52 121.61 -13.59
CA ALA Y 45 -47.39 120.99 -12.61
C ALA Y 45 -47.47 119.48 -12.80
N LYS Y 46 -47.55 119.02 -14.06
CA LYS Y 46 -47.57 117.60 -14.32
C LYS Y 46 -46.24 116.95 -13.93
N ARG Y 47 -45.12 117.64 -14.17
CA ARG Y 47 -43.82 117.12 -13.75
C ARG Y 47 -43.74 117.00 -12.23
N SER Y 48 -44.26 118.01 -11.52
CA SER Y 48 -44.25 117.95 -10.06
C SER Y 48 -45.15 116.82 -9.56
N VAL Y 49 -46.29 116.61 -10.21
CA VAL Y 49 -47.19 115.51 -9.84
C VAL Y 49 -46.49 114.17 -10.05
N SER Y 50 -45.79 114.03 -11.17
CA SER Y 50 -45.06 112.78 -11.44
C SER Y 50 -43.94 112.57 -10.42
N SER Y 51 -43.26 113.65 -10.04
CA SER Y 51 -42.18 113.54 -9.05
C SER Y 51 -42.74 113.15 -7.68
N TYR Y 52 -43.90 113.70 -7.32
CA TYR Y 52 -44.53 113.33 -6.05
C TYR Y 52 -45.04 111.89 -6.09
N ILE Y 53 -45.48 111.43 -7.26
CA ILE Y 53 -45.92 110.04 -7.39
C ILE Y 53 -44.73 109.09 -7.27
N SER Y 54 -43.60 109.45 -7.87
CA SER Y 54 -42.41 108.61 -7.83
C SER Y 54 -41.90 108.36 -6.42
N VAL Y 55 -42.32 109.16 -5.43
CA VAL Y 55 -41.90 108.97 -4.05
C VAL Y 55 -43.03 108.56 -3.12
N GLN Y 56 -44.29 108.64 -3.58
CA GLN Y 56 -45.42 108.26 -2.74
C GLN Y 56 -46.61 107.86 -3.61
N GLU Y 57 -46.40 106.90 -4.51
CA GLU Y 57 -47.45 106.46 -5.42
C GLU Y 57 -48.54 105.72 -4.68
N ARG Y 58 -49.66 105.49 -5.39
CA ARG Y 58 -50.82 104.76 -4.89
C ARG Y 58 -51.35 105.38 -3.59
N ASP Y 59 -51.95 106.56 -3.75
CA ASP Y 59 -52.57 107.30 -2.67
C ASP Y 59 -53.80 108.01 -3.20
N PRO Y 60 -54.92 107.95 -2.48
CA PRO Y 60 -56.16 108.58 -2.99
C PRO Y 60 -56.08 110.08 -3.09
N LYS Y 61 -55.38 110.75 -2.18
CA LYS Y 61 -55.35 112.22 -2.17
C LYS Y 61 -54.66 112.76 -3.41
N ALA Y 62 -53.50 112.20 -3.76
CA ALA Y 62 -52.78 112.67 -4.94
C ALA Y 62 -53.57 112.41 -6.22
N HIS Y 63 -54.21 111.24 -6.30
CA HIS Y 63 -55.01 110.94 -7.48
C HIS Y 63 -56.22 111.87 -7.60
N ARG Y 64 -56.86 112.18 -6.47
CA ARG Y 64 -57.98 113.11 -6.49
C ARG Y 64 -57.52 114.50 -6.90
N PHE Y 65 -56.36 114.94 -6.40
CA PHE Y 65 -55.83 116.24 -6.80
C PHE Y 65 -55.52 116.29 -8.28
N LEU Y 66 -54.91 115.23 -8.81
CA LEU Y 66 -54.61 115.18 -10.23
C LEU Y 66 -55.87 115.17 -11.07
N GLY Y 67 -56.89 114.43 -10.64
CA GLY Y 67 -58.16 114.42 -11.36
C GLY Y 67 -58.85 115.76 -11.35
N GLN Y 68 -58.81 116.45 -10.20
CA GLN Y 68 -59.40 117.79 -10.13
C GLN Y 68 -58.64 118.77 -11.03
N LEU Y 69 -57.31 118.67 -11.05
CA LEU Y 69 -56.53 119.54 -11.93
C LEU Y 69 -56.86 119.27 -13.39
N PHE Y 70 -56.98 118.00 -13.78
CA PHE Y 70 -57.32 117.66 -15.16
C PHE Y 70 -58.72 118.13 -15.51
N GLU Y 71 -59.65 118.06 -14.56
CA GLU Y 71 -61.01 118.52 -14.81
C GLU Y 71 -61.06 120.03 -14.98
N ILE Y 72 -60.31 120.77 -14.16
CA ILE Y 72 -60.27 122.22 -14.30
C ILE Y 72 -59.58 122.61 -15.60
N GLU Y 73 -58.57 121.84 -16.02
CA GLU Y 73 -57.89 122.13 -17.28
C GLU Y 73 -58.80 121.90 -18.47
N GLY Y 74 -59.31 120.67 -18.62
CA GLY Y 74 -60.19 120.34 -19.72
C GLY Y 74 -60.01 118.92 -20.22
N ASN Y 75 -58.94 118.26 -19.76
CA ASN Y 75 -58.65 116.87 -20.14
C ASN Y 75 -59.66 115.96 -19.44
N VAL Y 76 -60.83 115.84 -20.06
CA VAL Y 76 -61.90 115.02 -19.48
C VAL Y 76 -61.49 113.55 -19.44
N GLU Y 77 -60.84 113.07 -20.51
CA GLU Y 77 -60.41 111.68 -20.55
C GLU Y 77 -59.34 111.40 -19.49
N LYS Y 78 -58.39 112.31 -19.33
CA LYS Y 78 -57.36 112.13 -18.32
C LYS Y 78 -57.95 112.17 -16.92
N ALA Y 79 -58.92 113.06 -16.69
CA ALA Y 79 -59.57 113.13 -15.39
C ALA Y 79 -60.34 111.85 -15.10
N VAL Y 80 -61.05 111.32 -16.10
CA VAL Y 80 -61.79 110.07 -15.92
C VAL Y 80 -60.84 108.92 -15.63
N GLY Y 81 -59.71 108.88 -16.34
CA GLY Y 81 -58.73 107.83 -16.09
C GLY Y 81 -58.14 107.91 -14.69
N CYS Y 82 -57.81 109.14 -14.24
CA CYS Y 82 -57.28 109.30 -12.90
C CYS Y 82 -58.30 108.92 -11.83
N TYR Y 83 -59.56 109.28 -12.04
CA TYR Y 83 -60.59 108.91 -11.08
C TYR Y 83 -60.82 107.40 -11.06
N LYS Y 84 -60.75 106.76 -12.23
CA LYS Y 84 -60.87 105.30 -12.28
C LYS Y 84 -59.71 104.63 -11.58
N ARG Y 85 -58.50 105.16 -11.76
CA ARG Y 85 -57.34 104.61 -11.04
C ARG Y 85 -57.51 104.77 -9.54
N SER Y 86 -57.99 105.94 -9.10
CA SER Y 86 -58.20 106.15 -7.67
C SER Y 86 -59.29 105.23 -7.13
N LEU Y 87 -60.31 104.95 -7.93
CA LEU Y 87 -61.38 104.05 -7.49
C LEU Y 87 -60.88 102.61 -7.37
N GLU Y 88 -60.15 102.14 -8.37
CA GLU Y 88 -59.60 100.78 -8.30
C GLU Y 88 -58.51 100.67 -7.24
N LEU Y 89 -57.90 101.79 -6.85
CA LEU Y 89 -56.94 101.77 -5.75
C LEU Y 89 -57.64 101.65 -4.41
N ASN Y 90 -58.53 102.59 -4.10
CA ASN Y 90 -59.30 102.60 -2.87
C ASN Y 90 -60.55 103.44 -3.03
N PRO Y 91 -61.72 102.83 -3.22
CA PRO Y 91 -62.95 103.59 -3.46
C PRO Y 91 -63.58 104.10 -2.16
N THR Y 92 -62.80 104.87 -1.39
CA THR Y 92 -63.27 105.42 -0.13
C THR Y 92 -64.09 106.69 -0.32
N GLN Y 93 -63.70 107.53 -1.27
CA GLN Y 93 -64.40 108.79 -1.54
C GLN Y 93 -65.27 108.64 -2.78
N LYS Y 94 -66.56 108.88 -2.63
CA LYS Y 94 -67.50 108.84 -3.75
C LYS Y 94 -67.44 110.08 -4.62
N ASP Y 95 -66.61 111.07 -4.25
CA ASP Y 95 -66.47 112.25 -5.08
C ASP Y 95 -65.87 111.92 -6.43
N LEU Y 96 -65.02 110.89 -6.50
CA LEU Y 96 -64.48 110.46 -7.78
C LEU Y 96 -65.58 109.98 -8.71
N THR Y 97 -66.48 109.12 -8.20
CA THR Y 97 -67.61 108.65 -9.00
C THR Y 97 -68.55 109.80 -9.36
N LEU Y 98 -68.75 110.74 -8.43
CA LEU Y 98 -69.60 111.89 -8.70
C LEU Y 98 -69.05 112.72 -9.85
N ARG Y 99 -67.74 112.99 -9.83
CA ARG Y 99 -67.12 113.77 -10.90
C ARG Y 99 -67.09 112.99 -12.21
N ILE Y 100 -66.93 111.66 -12.14
CA ILE Y 100 -67.00 110.84 -13.35
C ILE Y 100 -68.37 110.96 -13.99
N ALA Y 101 -69.43 110.87 -13.17
CA ALA Y 101 -70.79 111.00 -13.69
C ALA Y 101 -71.03 112.40 -14.24
N GLU Y 102 -70.50 113.42 -13.57
CA GLU Y 102 -70.64 114.79 -14.07
C GLU Y 102 -69.99 114.95 -15.43
N LEU Y 103 -68.77 114.43 -15.58
CA LEU Y 103 -68.08 114.52 -16.86
C LEU Y 103 -68.81 113.74 -17.94
N ILE Y 104 -69.34 112.57 -17.60
CA ILE Y 104 -70.08 111.76 -18.58
C ILE Y 104 -71.34 112.50 -19.01
N CYS Y 105 -72.04 113.14 -18.08
CA CYS Y 105 -73.25 113.86 -18.42
C CYS Y 105 -72.93 115.09 -19.26
N THR Y 106 -71.83 115.77 -18.98
CA THR Y 106 -71.46 116.94 -19.77
C THR Y 106 -70.99 116.54 -21.17
N LEU Y 107 -70.37 115.36 -21.30
CA LEU Y 107 -69.95 114.89 -22.62
C LEU Y 107 -71.07 114.23 -23.41
N ASN Y 108 -72.16 113.85 -22.74
CA ASN Y 108 -73.31 113.22 -23.38
C ASN Y 108 -72.91 111.96 -24.13
N ILE Y 109 -72.72 110.86 -23.39
CA ILE Y 109 -72.34 109.57 -23.95
C ILE Y 109 -73.51 108.62 -23.80
N LYS Y 110 -73.95 108.03 -24.92
CA LYS Y 110 -75.07 107.09 -24.95
C LYS Y 110 -74.48 105.68 -24.95
N ASP Y 111 -74.36 105.10 -23.76
CA ASP Y 111 -73.78 103.77 -23.63
C ASP Y 111 -74.30 103.12 -22.35
N GLY Y 112 -74.33 101.78 -22.36
CA GLY Y 112 -74.76 101.05 -21.18
C GLY Y 112 -73.84 101.26 -20.00
N ARG Y 113 -72.54 101.37 -20.25
CA ARG Y 113 -71.59 101.65 -19.18
C ARG Y 113 -71.84 103.02 -18.58
N ALA Y 114 -72.11 104.02 -19.42
CA ALA Y 114 -72.42 105.35 -18.91
C ALA Y 114 -73.72 105.35 -18.11
N GLU Y 115 -74.72 104.61 -18.58
CA GLU Y 115 -75.98 104.51 -17.84
C GLU Y 115 -75.77 103.85 -16.49
N TYR Y 116 -74.94 102.79 -16.44
CA TYR Y 116 -74.66 102.12 -15.18
C TYR Y 116 -73.91 103.03 -14.22
N TRP Y 117 -72.94 103.80 -14.74
CA TRP Y 117 -72.20 104.73 -13.90
C TRP Y 117 -73.12 105.82 -13.36
N VAL Y 118 -74.03 106.32 -14.19
CA VAL Y 118 -74.98 107.34 -13.74
C VAL Y 118 -75.90 106.77 -12.67
N GLU Y 119 -76.36 105.53 -12.85
CA GLU Y 119 -77.21 104.91 -11.85
C GLU Y 119 -76.47 104.71 -10.54
N ARG Y 120 -75.20 104.31 -10.62
CA ARG Y 120 -74.40 104.14 -9.40
C ARG Y 120 -74.19 105.47 -8.68
N ALA Y 121 -73.91 106.53 -9.44
CA ALA Y 121 -73.73 107.84 -8.82
C ALA Y 121 -75.04 108.35 -8.21
N SER Y 122 -76.17 108.03 -8.83
CA SER Y 122 -77.46 108.42 -8.28
C SER Y 122 -77.76 107.65 -7.01
N LYS Y 123 -77.42 106.36 -6.98
CA LYS Y 123 -77.59 105.58 -5.76
C LYS Y 123 -76.68 106.08 -4.64
N LEU Y 124 -75.50 106.57 -5.01
CA LEU Y 124 -74.59 107.13 -4.01
C LEU Y 124 -75.13 108.44 -3.46
N PHE Y 125 -75.24 109.45 -4.31
CA PHE Y 125 -75.75 110.75 -3.90
C PHE Y 125 -77.15 110.96 -4.47
N PRO Y 126 -78.21 110.85 -3.65
CA PRO Y 126 -79.56 111.07 -4.19
C PRO Y 126 -79.94 112.54 -4.32
N GLY Y 127 -79.20 113.45 -3.69
CA GLY Y 127 -79.49 114.86 -3.75
C GLY Y 127 -78.70 115.58 -4.83
N SER Y 128 -78.34 116.83 -4.52
CA SER Y 128 -77.58 117.73 -5.40
C SER Y 128 -78.35 118.02 -6.68
N PRO Y 129 -78.97 119.20 -6.78
CA PRO Y 129 -79.75 119.52 -7.98
C PRO Y 129 -78.94 119.52 -9.26
N GLU Y 130 -77.65 119.87 -9.19
CA GLU Y 130 -76.82 119.87 -10.39
C GLU Y 130 -76.69 118.46 -10.96
N ILE Y 131 -76.26 117.50 -10.14
CA ILE Y 131 -76.14 116.13 -10.62
C ILE Y 131 -77.50 115.55 -10.94
N TYR Y 132 -78.56 116.01 -10.26
CA TYR Y 132 -79.90 115.53 -10.60
C TYR Y 132 -80.29 115.94 -12.01
N ARG Y 133 -80.09 117.22 -12.34
CA ARG Y 133 -80.37 117.69 -13.69
C ARG Y 133 -79.49 117.00 -14.71
N LEU Y 134 -78.22 116.76 -14.36
CA LEU Y 134 -77.30 116.08 -15.28
C LEU Y 134 -77.79 114.67 -15.60
N LYS Y 135 -78.09 113.89 -14.56
CA LYS Y 135 -78.55 112.52 -14.78
C LYS Y 135 -79.92 112.50 -15.45
N GLU Y 136 -80.78 113.50 -15.18
CA GLU Y 136 -82.07 113.56 -15.84
C GLU Y 136 -81.91 113.80 -17.33
N GLN Y 137 -81.05 114.76 -17.71
CA GLN Y 137 -80.79 115.01 -19.12
C GLN Y 137 -80.16 113.78 -19.78
N LEU Y 138 -79.26 113.10 -19.09
CA LEU Y 138 -78.62 111.92 -19.66
C LEU Y 138 -79.64 110.82 -19.91
N LEU Y 139 -80.47 110.50 -18.90
CA LEU Y 139 -81.45 109.43 -19.05
C LEU Y 139 -82.60 109.83 -19.97
N SER Y 140 -82.81 111.12 -20.21
CA SER Y 140 -83.78 111.53 -21.21
C SER Y 140 -83.22 111.41 -22.62
N SER Y 141 -81.93 111.72 -22.80
CA SER Y 141 -81.30 111.50 -24.09
C SER Y 141 -81.13 110.01 -24.40
N GLN Y 142 -81.04 109.18 -23.36
CA GLN Y 142 -80.94 107.74 -23.55
C GLN Y 142 -82.20 107.18 -24.17
N GLY Y 143 -83.19 106.82 -23.34
CA GLY Y 143 -84.43 106.26 -23.84
C GLY Y 143 -85.32 105.73 -22.74
N GLU Y 144 -85.99 104.60 -22.99
CA GLU Y 144 -86.87 104.02 -22.00
C GLU Y 144 -86.12 103.20 -20.96
N ALA Y 145 -85.02 102.55 -21.36
CA ALA Y 145 -84.22 101.79 -20.41
C ALA Y 145 -83.65 102.67 -19.32
N GLY Y 146 -83.23 103.90 -19.68
CA GLY Y 146 -82.79 104.84 -18.68
C GLY Y 146 -83.93 105.51 -17.93
N TRP Y 147 -85.07 105.70 -18.60
CA TRP Y 147 -86.22 106.29 -17.93
C TRP Y 147 -86.76 105.37 -16.84
N ASN Y 148 -86.68 104.05 -17.03
CA ASN Y 148 -87.11 103.13 -15.99
C ASN Y 148 -86.26 103.28 -14.73
N GLN Y 149 -84.94 103.36 -14.91
CA GLN Y 149 -84.04 103.56 -13.77
C GLN Y 149 -84.27 104.92 -13.13
N LEU Y 150 -84.55 105.95 -13.95
CA LEU Y 150 -84.84 107.27 -13.39
C LEU Y 150 -86.11 107.25 -12.56
N PHE Y 151 -87.15 106.56 -13.04
CA PHE Y 151 -88.39 106.45 -12.29
C PHE Y 151 -88.18 105.67 -10.99
N ASP Y 152 -87.39 104.60 -11.05
CA ASP Y 152 -87.09 103.85 -9.83
C ASP Y 152 -86.35 104.70 -8.81
N LEU Y 153 -85.36 105.47 -9.28
CA LEU Y 153 -84.62 106.34 -8.37
C LEU Y 153 -85.51 107.42 -7.78
N ILE Y 154 -86.41 107.98 -8.60
CA ILE Y 154 -87.32 109.00 -8.11
C ILE Y 154 -88.27 108.42 -7.06
N GLN Y 155 -88.76 107.21 -7.29
CA GLN Y 155 -89.64 106.57 -6.31
C GLN Y 155 -88.89 106.27 -5.01
N ALA Y 156 -87.64 105.80 -5.12
CA ALA Y 156 -86.85 105.55 -3.92
C ALA Y 156 -86.59 106.83 -3.14
N GLU Y 157 -86.28 107.92 -3.85
CA GLU Y 157 -86.05 109.20 -3.18
C GLU Y 157 -87.32 109.71 -2.51
N LEU Y 158 -88.46 109.56 -3.18
CA LEU Y 158 -89.73 110.01 -2.62
C LEU Y 158 -90.10 109.19 -1.38
N PHE Y 159 -89.83 107.88 -1.41
CA PHE Y 159 -90.08 107.05 -0.24
C PHE Y 159 -89.13 107.41 0.90
N ALA Y 160 -87.89 107.76 0.59
CA ALA Y 160 -86.94 108.12 1.64
C ALA Y 160 -87.29 109.46 2.29
N ARG Y 161 -87.68 110.45 1.47
CA ARG Y 161 -88.00 111.77 1.98
C ARG Y 161 -88.87 112.47 0.95
N PRO Y 162 -89.59 113.52 1.34
CA PRO Y 162 -90.36 114.30 0.36
C PRO Y 162 -89.46 114.87 -0.73
N ASN Y 163 -89.89 114.70 -1.99
CA ASN Y 163 -89.10 115.14 -3.12
C ASN Y 163 -89.07 116.66 -3.21
N ASP Y 164 -88.35 117.16 -4.21
CA ASP Y 164 -88.19 118.59 -4.42
C ASP Y 164 -89.16 119.08 -5.51
N VAL Y 165 -89.40 120.40 -5.49
CA VAL Y 165 -90.29 121.00 -6.47
C VAL Y 165 -89.75 120.82 -7.88
N TYR Y 166 -88.45 121.10 -8.07
CA TYR Y 166 -87.85 120.93 -9.38
C TYR Y 166 -87.80 119.46 -9.78
N VAL Y 167 -87.59 118.56 -8.83
CA VAL Y 167 -87.59 117.13 -9.13
C VAL Y 167 -88.97 116.70 -9.64
N ASN Y 168 -90.02 117.12 -8.95
CA ASN Y 168 -91.38 116.77 -9.39
C ASN Y 168 -91.70 117.40 -10.73
N LEU Y 169 -91.24 118.64 -10.96
CA LEU Y 169 -91.47 119.31 -12.24
C LEU Y 169 -90.79 118.55 -13.38
N LYS Y 170 -89.54 118.13 -13.16
CA LYS Y 170 -88.83 117.37 -14.19
C LYS Y 170 -89.47 116.02 -14.44
N LEU Y 171 -89.97 115.37 -13.38
CA LEU Y 171 -90.65 114.08 -13.54
C LEU Y 171 -91.93 114.25 -14.36
N VAL Y 172 -92.72 115.29 -14.06
CA VAL Y 172 -93.95 115.52 -14.82
C VAL Y 172 -93.64 115.91 -16.26
N ASP Y 173 -92.54 116.66 -16.48
CA ASP Y 173 -92.14 116.99 -17.84
C ASP Y 173 -91.74 115.75 -18.62
N LEU Y 174 -90.99 114.84 -17.99
CA LEU Y 174 -90.63 113.59 -18.64
C LEU Y 174 -91.86 112.72 -18.91
N PHE Y 175 -92.86 112.78 -18.01
CA PHE Y 175 -94.10 112.06 -18.26
C PHE Y 175 -94.83 112.63 -19.48
N LEU Y 176 -94.94 113.96 -19.54
CA LEU Y 176 -95.64 114.59 -20.67
C LEU Y 176 -94.88 114.39 -21.98
N SER Y 177 -93.55 114.26 -21.92
CA SER Y 177 -92.77 114.05 -23.14
C SER Y 177 -93.14 112.74 -23.81
N ASN Y 178 -93.36 111.68 -23.03
CA ASN Y 178 -93.76 110.38 -23.55
C ASN Y 178 -95.27 110.17 -23.52
N GLN Y 179 -96.03 111.17 -23.07
CA GLN Y 179 -97.49 111.14 -23.07
C GLN Y 179 -98.01 110.02 -22.17
N ARG Y 180 -98.03 110.34 -20.87
CA ARG Y 180 -98.54 109.43 -19.84
C ARG Y 180 -99.39 110.26 -18.87
N LEU Y 181 -100.52 110.76 -19.36
CA LEU Y 181 -101.38 111.61 -18.54
C LEU Y 181 -101.98 110.83 -17.39
N GLU Y 182 -102.32 109.56 -17.60
CA GLU Y 182 -102.86 108.74 -16.52
C GLU Y 182 -101.85 108.57 -15.40
N GLU Y 183 -100.59 108.26 -15.76
CA GLU Y 183 -99.56 108.10 -14.75
C GLU Y 183 -99.26 109.42 -14.05
N ALA Y 184 -99.27 110.53 -14.80
CA ALA Y 184 -99.04 111.83 -14.19
C ALA Y 184 -100.13 112.17 -13.19
N VAL Y 185 -101.38 111.89 -13.53
CA VAL Y 185 -102.49 112.16 -12.61
C VAL Y 185 -102.39 111.25 -11.38
N LEU Y 186 -102.06 109.97 -11.60
CA LEU Y 186 -101.92 109.06 -10.46
C LEU Y 186 -100.78 109.46 -9.55
N HIS Y 187 -99.72 110.05 -10.08
CA HIS Y 187 -98.62 110.50 -9.25
C HIS Y 187 -98.93 111.82 -8.56
N CYS Y 188 -99.69 112.71 -9.20
CA CYS Y 188 -99.99 113.99 -8.60
C CYS Y 188 -101.19 113.95 -7.64
N LEU Y 189 -101.98 112.88 -7.68
CA LEU Y 189 -103.15 112.80 -6.80
C LEU Y 189 -102.79 112.51 -5.34
N LYS Y 190 -101.52 112.33 -5.02
CA LYS Y 190 -101.15 112.05 -3.63
C LYS Y 190 -101.26 113.34 -2.80
N PRO Y 191 -101.71 113.23 -1.55
CA PRO Y 191 -101.86 114.44 -0.71
C PRO Y 191 -100.55 115.03 -0.23
N GLU Y 192 -99.41 114.45 -0.58
CA GLU Y 192 -98.11 114.96 -0.16
C GLU Y 192 -97.65 116.17 -0.96
N ARG Y 193 -98.46 116.66 -1.89
CA ARG Y 193 -98.11 117.80 -2.72
C ARG Y 193 -98.75 119.10 -2.26
N ARG Y 194 -99.58 119.06 -1.21
CA ARG Y 194 -100.19 120.28 -0.71
C ARG Y 194 -99.17 121.25 -0.13
N ALA Y 195 -98.03 120.74 0.35
CA ALA Y 195 -96.96 121.60 0.84
C ALA Y 195 -95.92 121.91 -0.23
N LEU Y 196 -95.88 121.14 -1.31
CA LEU Y 196 -94.93 121.37 -2.39
C LEU Y 196 -95.54 122.18 -3.54
N ARG Y 197 -96.84 122.43 -3.53
CA ARG Y 197 -97.46 123.26 -4.55
C ARG Y 197 -97.18 124.74 -4.34
N THR Y 198 -95.95 125.06 -3.94
CA THR Y 198 -95.52 126.44 -3.75
C THR Y 198 -94.59 126.92 -4.85
N ASP Y 199 -94.45 126.16 -5.93
CA ASP Y 199 -93.61 126.52 -7.06
C ASP Y 199 -94.49 126.92 -8.23
N ILE Y 200 -94.22 128.11 -8.79
CA ILE Y 200 -95.03 128.63 -9.88
C ILE Y 200 -94.90 127.74 -11.11
N GLU Y 201 -93.67 127.35 -11.45
CA GLU Y 201 -93.46 126.50 -12.62
C GLU Y 201 -94.09 125.12 -12.44
N TRP Y 202 -93.95 124.54 -11.24
CA TRP Y 202 -94.55 123.24 -10.96
C TRP Y 202 -96.07 123.30 -11.06
N CYS Y 203 -96.67 124.35 -10.49
CA CYS Y 203 -98.12 124.49 -10.56
C CYS Y 203 -98.60 124.72 -11.99
N SER Y 204 -97.84 125.50 -12.77
CA SER Y 204 -98.22 125.72 -14.17
C SER Y 204 -98.11 124.43 -14.97
N CYS Y 205 -97.08 123.63 -14.72
CA CYS Y 205 -96.97 122.35 -15.40
C CYS Y 205 -98.09 121.41 -15.00
N VAL Y 206 -98.48 121.42 -13.73
CA VAL Y 206 -99.61 120.60 -13.28
C VAL Y 206 -100.90 121.05 -13.97
N VAL Y 207 -101.09 122.37 -14.09
CA VAL Y 207 -102.29 122.88 -14.76
C VAL Y 207 -102.29 122.46 -16.22
N ARG Y 208 -101.14 122.54 -16.89
CA ARG Y 208 -101.07 122.15 -18.30
C ARG Y 208 -101.34 120.66 -18.46
N VAL Y 209 -100.81 119.83 -17.56
CA VAL Y 209 -101.03 118.39 -17.65
C VAL Y 209 -102.50 118.06 -17.40
N PHE Y 210 -103.13 118.75 -16.45
CA PHE Y 210 -104.54 118.53 -16.19
C PHE Y 210 -105.40 118.94 -17.39
N LYS Y 211 -105.05 120.06 -18.02
CA LYS Y 211 -105.78 120.48 -19.21
C LYS Y 211 -105.61 119.49 -20.36
N GLU Y 212 -104.39 118.97 -20.53
CA GLU Y 212 -104.17 117.96 -21.56
C GLU Y 212 -104.95 116.69 -21.28
N TYR Y 213 -105.00 116.26 -20.01
CA TYR Y 213 -105.75 115.07 -19.64
C TYR Y 213 -107.24 115.28 -19.87
N LEU Y 214 -107.75 116.48 -19.56
CA LEU Y 214 -109.16 116.77 -19.81
C LEU Y 214 -109.47 116.77 -21.31
N ALA Y 215 -108.59 117.36 -22.11
CA ALA Y 215 -108.79 117.37 -23.56
C ALA Y 215 -108.71 115.97 -24.14
N SER Y 216 -107.90 115.09 -23.56
CA SER Y 216 -107.80 113.72 -24.04
C SER Y 216 -108.99 112.87 -23.61
N LYS Y 217 -109.52 113.12 -22.41
CA LYS Y 217 -110.65 112.36 -21.89
C LYS Y 217 -111.98 113.03 -22.15
N GLN Y 218 -112.02 114.08 -22.98
CA GLN Y 218 -113.27 114.74 -23.35
C GLN Y 218 -114.26 113.74 -23.95
N GLY Y 219 -115.03 113.09 -23.09
CA GLY Y 219 -116.01 112.11 -23.53
C GLY Y 219 -116.58 111.30 -22.40
N GLN Y 220 -115.97 111.40 -21.21
CA GLN Y 220 -116.41 110.69 -20.02
C GLN Y 220 -116.76 111.69 -18.93
N LYS Y 221 -117.81 111.40 -18.18
CA LYS Y 221 -118.30 112.26 -17.11
C LYS Y 221 -118.17 111.51 -15.79
N ASN Y 222 -117.19 111.88 -14.98
CA ASN Y 222 -116.96 111.28 -13.68
C ASN Y 222 -116.49 112.36 -12.70
N THR Y 223 -116.36 111.98 -11.43
CA THR Y 223 -115.86 112.90 -10.42
C THR Y 223 -114.37 113.17 -10.55
N ASN Y 224 -113.64 112.36 -11.33
CA ASN Y 224 -112.22 112.58 -11.51
C ASN Y 224 -111.96 113.91 -12.21
N MET Y 225 -112.72 114.22 -13.25
CA MET Y 225 -112.55 115.50 -13.94
C MET Y 225 -112.89 116.66 -13.02
N ARG Y 226 -113.94 116.50 -12.20
CA ARG Y 226 -114.32 117.58 -11.28
C ARG Y 226 -113.23 117.83 -10.25
N MET Y 227 -112.69 116.77 -9.65
CA MET Y 227 -111.64 116.97 -8.65
C MET Y 227 -110.35 117.46 -9.30
N ILE Y 228 -110.09 117.09 -10.56
CA ILE Y 228 -108.92 117.60 -11.25
C ILE Y 228 -109.07 119.09 -11.52
N THR Y 229 -110.26 119.53 -11.92
CA THR Y 229 -110.50 120.96 -12.11
C THR Y 229 -110.39 121.70 -10.78
N LYS Y 230 -110.88 121.10 -9.70
CA LYS Y 230 -110.75 121.72 -8.38
C LYS Y 230 -109.29 121.88 -7.98
N GLU Y 231 -108.48 120.85 -8.22
CA GLU Y 231 -107.06 120.95 -7.91
C GLU Y 231 -106.37 121.98 -8.81
N LEU Y 232 -106.80 122.09 -10.06
CA LEU Y 232 -106.25 123.11 -10.96
C LEU Y 232 -106.56 124.51 -10.42
N LEU Y 233 -107.80 124.75 -10.00
CA LEU Y 233 -108.17 126.04 -9.46
C LEU Y 233 -107.44 126.33 -8.15
N LEU Y 234 -107.22 125.30 -7.33
CA LEU Y 234 -106.46 125.48 -6.10
C LEU Y 234 -105.01 125.85 -6.40
N ALA Y 235 -104.42 125.21 -7.41
CA ALA Y 235 -103.05 125.55 -7.80
C ALA Y 235 -102.98 126.97 -8.35
N GLN Y 236 -104.00 127.38 -9.11
CA GLN Y 236 -104.02 128.75 -9.61
C GLN Y 236 -104.13 129.76 -8.47
N CYS Y 237 -104.97 129.46 -7.48
CA CYS Y 237 -105.08 130.34 -6.32
C CYS Y 237 -103.77 130.40 -5.55
N ASP Y 238 -103.08 129.26 -5.43
CA ASP Y 238 -101.78 129.25 -4.75
C ASP Y 238 -100.75 130.07 -5.52
N VAL Y 239 -100.79 130.01 -6.85
CA VAL Y 239 -99.89 130.82 -7.67
C VAL Y 239 -100.16 132.30 -7.46
N VAL Y 240 -101.44 132.67 -7.43
CA VAL Y 240 -101.79 134.08 -7.22
C VAL Y 240 -101.34 134.53 -5.83
N PHE Y 241 -101.51 133.67 -4.83
CA PHE Y 241 -101.06 134.01 -3.47
C PHE Y 241 -99.55 134.18 -3.41
N LEU Y 242 -98.82 133.30 -4.10
CA LEU Y 242 -97.36 133.42 -4.12
C LEU Y 242 -96.92 134.70 -4.82
N THR Y 243 -97.58 135.05 -5.93
CA THR Y 243 -97.24 136.28 -6.63
C THR Y 243 -97.56 137.51 -5.78
N LEU Y 244 -98.64 137.45 -5.00
CA LEU Y 244 -98.98 138.57 -4.13
C LEU Y 244 -97.99 138.68 -2.97
N SER Y 245 -97.52 137.54 -2.45
CA SER Y 245 -96.55 137.56 -1.37
C SER Y 245 -95.17 137.99 -1.85
N LYS Y 246 -94.84 137.72 -3.11
CA LYS Y 246 -93.55 138.12 -3.65
C LYS Y 246 -93.47 139.63 -3.78
N LYS Y 247 -92.25 140.12 -4.00
CA LYS Y 247 -91.98 141.56 -4.14
C LYS Y 247 -92.10 142.04 -5.57
N ASP Y 248 -93.12 141.60 -6.29
CA ASP Y 248 -93.33 141.99 -7.68
C ASP Y 248 -94.78 142.43 -7.87
N VAL Y 249 -94.98 143.37 -8.80
CA VAL Y 249 -96.30 143.88 -9.12
C VAL Y 249 -96.80 143.36 -10.46
N GLN Y 250 -95.92 143.27 -11.45
CA GLN Y 250 -96.32 142.76 -12.76
C GLN Y 250 -96.73 141.29 -12.68
N LYS Y 251 -95.97 140.48 -11.92
CA LYS Y 251 -96.34 139.08 -11.75
C LYS Y 251 -97.66 138.94 -11.01
N SER Y 252 -97.89 139.78 -10.00
CA SER Y 252 -99.16 139.74 -9.28
C SER Y 252 -100.32 140.12 -10.19
N LYS Y 253 -100.14 141.13 -11.03
CA LYS Y 253 -101.19 141.52 -11.96
C LYS Y 253 -101.46 140.43 -12.99
N GLU Y 254 -100.40 139.78 -13.48
CA GLU Y 254 -100.59 138.68 -14.43
C GLU Y 254 -101.32 137.51 -13.78
N ALA Y 255 -100.98 137.21 -12.53
CA ALA Y 255 -101.68 136.12 -11.82
C ALA Y 255 -103.14 136.48 -11.56
N LEU Y 256 -103.41 137.75 -11.26
CA LEU Y 256 -104.80 138.18 -11.07
C LEU Y 256 -105.58 138.07 -12.38
N GLU Y 257 -104.97 138.45 -13.49
CA GLU Y 257 -105.63 138.31 -14.79
C GLU Y 257 -105.89 136.85 -15.12
N ARG Y 258 -104.92 135.98 -14.82
CA ARG Y 258 -105.11 134.54 -15.07
C ARG Y 258 -106.23 133.99 -14.20
N PHE Y 259 -106.31 134.42 -12.95
CA PHE Y 259 -107.38 133.96 -12.06
C PHE Y 259 -108.73 134.46 -12.55
N ASP Y 260 -108.80 135.70 -13.04
CA ASP Y 260 -110.04 136.23 -13.59
C ASP Y 260 -110.47 135.45 -14.82
N GLN Y 261 -109.52 135.11 -15.70
CA GLN Y 261 -109.83 134.32 -16.88
C GLN Y 261 -110.31 132.92 -16.49
N ALA Y 262 -109.67 132.31 -15.48
CA ALA Y 262 -110.10 130.99 -15.02
C ALA Y 262 -111.50 131.04 -14.43
N LEU Y 263 -111.81 132.11 -13.70
CA LEU Y 263 -113.15 132.28 -13.15
C LEU Y 263 -114.18 132.45 -14.26
N LEU Y 264 -113.84 133.26 -15.28
CA LEU Y 264 -114.76 133.44 -16.40
C LEU Y 264 -114.98 132.13 -17.15
N SER Y 265 -113.95 131.30 -17.25
CA SER Y 265 -114.10 130.02 -17.93
C SER Y 265 -114.91 129.03 -17.09
N VAL Y 266 -114.73 129.06 -15.77
CA VAL Y 266 -115.44 128.13 -14.89
C VAL Y 266 -116.86 128.59 -14.56
N LYS Y 267 -117.21 129.82 -14.92
CA LYS Y 267 -118.59 130.29 -14.72
C LYS Y 267 -119.60 129.36 -15.37
N GLN Y 268 -119.24 128.76 -16.51
CA GLN Y 268 -120.15 127.86 -17.20
C GLN Y 268 -120.27 126.50 -16.53
N SER Y 269 -119.37 126.17 -15.60
CA SER Y 269 -119.45 124.88 -14.92
C SER Y 269 -120.68 124.77 -14.03
N VAL Y 270 -121.14 125.90 -13.48
CA VAL Y 270 -122.33 125.89 -12.65
C VAL Y 270 -123.55 125.50 -13.47
N SER Y 271 -123.64 125.98 -14.71
CA SER Y 271 -124.74 125.64 -15.59
C SER Y 271 -124.50 124.34 -16.34
N GLY Y 272 -123.28 123.80 -16.31
CA GLY Y 272 -122.99 122.55 -16.99
C GLY Y 272 -123.59 121.34 -16.32
N THR Y 273 -122.74 120.48 -15.77
CA THR Y 273 -123.16 119.25 -15.12
C THR Y 273 -122.57 119.17 -13.71
N ASP Y 274 -123.27 118.45 -12.83
CA ASP Y 274 -122.86 118.26 -11.44
C ASP Y 274 -122.65 119.59 -10.74
N ALA Y 275 -123.75 120.34 -10.61
CA ALA Y 275 -123.71 121.67 -10.01
C ALA Y 275 -123.69 121.65 -8.50
N SER Y 276 -123.90 120.49 -7.86
CA SER Y 276 -123.96 120.38 -6.41
C SER Y 276 -122.72 120.95 -5.75
N ASP Y 277 -121.59 120.23 -5.82
CA ASP Y 277 -120.35 120.76 -5.28
C ASP Y 277 -119.79 121.90 -6.10
N LEU Y 278 -120.19 122.01 -7.37
CA LEU Y 278 -119.66 123.08 -8.22
C LEU Y 278 -120.15 124.45 -7.78
N SER Y 279 -121.33 124.52 -7.15
CA SER Y 279 -121.79 125.79 -6.60
C SER Y 279 -120.88 126.27 -5.49
N VAL Y 280 -120.55 125.38 -4.55
CA VAL Y 280 -119.64 125.73 -3.48
C VAL Y 280 -118.25 126.04 -4.03
N THR Y 281 -117.84 125.32 -5.09
CA THR Y 281 -116.56 125.60 -5.71
C THR Y 281 -116.54 127.00 -6.32
N PHE Y 282 -117.60 127.38 -7.01
CA PHE Y 282 -117.68 128.72 -7.59
C PHE Y 282 -117.72 129.79 -6.51
N TYR Y 283 -118.41 129.51 -5.40
CA TYR Y 283 -118.40 130.46 -4.28
C TYR Y 283 -116.99 130.62 -3.72
N GLU Y 284 -116.26 129.51 -3.59
CA GLU Y 284 -114.88 129.60 -3.10
C GLU Y 284 -113.99 130.36 -4.08
N MET Y 285 -114.20 130.16 -5.38
CA MET Y 285 -113.44 130.91 -6.37
C MET Y 285 -113.73 132.40 -6.28
N ARG Y 286 -115.01 132.76 -6.11
CA ARG Y 286 -115.37 134.17 -5.96
C ARG Y 286 -114.74 134.78 -4.72
N GLY Y 287 -114.78 134.04 -3.60
CA GLY Y 287 -114.16 134.54 -2.39
C GLY Y 287 -112.66 134.70 -2.51
N HIS Y 288 -112.00 133.74 -3.17
CA HIS Y 288 -110.55 133.85 -3.37
C HIS Y 288 -110.20 135.01 -4.30
N TYR Y 289 -111.02 135.24 -5.33
CA TYR Y 289 -110.78 136.37 -6.22
C TYR Y 289 -110.96 137.69 -5.47
N TYR Y 290 -111.98 137.78 -4.61
CA TYR Y 290 -112.17 138.98 -3.81
C TYR Y 290 -110.99 139.19 -2.86
N MET Y 291 -110.49 138.10 -2.25
CA MET Y 291 -109.35 138.21 -1.36
C MET Y 291 -108.11 138.70 -2.11
N HIS Y 292 -107.86 138.15 -3.30
CA HIS Y 292 -106.71 138.57 -4.08
C HIS Y 292 -106.84 140.02 -4.53
N ALA Y 293 -108.05 140.44 -4.91
CA ALA Y 293 -108.26 141.83 -5.29
C ALA Y 293 -108.01 142.77 -4.13
N GLY Y 294 -108.50 142.41 -2.94
CA GLY Y 294 -108.24 143.23 -1.76
C GLY Y 294 -106.77 143.27 -1.40
N THR Y 295 -106.07 142.14 -1.54
CA THR Y 295 -104.65 142.11 -1.26
C THR Y 295 -103.87 143.01 -2.22
N LEU Y 296 -104.20 142.93 -3.51
CA LEU Y 296 -103.53 143.79 -4.49
C LEU Y 296 -103.85 145.26 -4.25
N LEU Y 297 -105.09 145.55 -3.84
CA LEU Y 297 -105.47 146.93 -3.55
C LEU Y 297 -104.70 147.46 -2.34
N LEU Y 298 -104.56 146.65 -1.30
CA LEU Y 298 -103.78 147.08 -0.14
C LEU Y 298 -102.30 147.21 -0.47
N LYS Y 299 -101.79 146.36 -1.36
CA LYS Y 299 -100.39 146.49 -1.78
C LYS Y 299 -100.18 147.80 -2.54
N MET Y 300 -101.13 148.15 -3.42
CA MET Y 300 -101.04 149.42 -4.13
C MET Y 300 -101.18 150.60 -3.17
N ALA Y 301 -102.03 150.46 -2.15
CA ALA Y 301 -102.15 151.51 -1.14
C ALA Y 301 -100.85 151.70 -0.36
N GLN Y 302 -100.19 150.60 -0.01
CA GLN Y 302 -98.89 150.70 0.65
C GLN Y 302 -97.85 151.30 -0.26
N SER Y 303 -97.91 150.99 -1.56
CA SER Y 303 -97.02 151.59 -2.54
C SER Y 303 -97.44 153.01 -2.93
N CYS Y 304 -98.55 153.51 -2.36
CA CYS Y 304 -99.01 154.87 -2.55
C CYS Y 304 -99.50 155.10 -3.98
N GLU Y 305 -100.82 155.15 -4.16
CA GLU Y 305 -101.41 155.42 -5.47
C GLU Y 305 -102.35 156.61 -5.40
N VAL Y 306 -103.47 156.46 -4.70
CA VAL Y 306 -104.47 157.53 -4.60
C VAL Y 306 -104.89 157.74 -3.16
N GLN Y 307 -106.18 157.95 -2.94
CA GLN Y 307 -106.69 158.26 -1.62
C GLN Y 307 -106.77 157.00 -0.77
N TRP Y 308 -106.34 157.11 0.49
CA TRP Y 308 -106.37 155.97 1.40
C TRP Y 308 -107.79 155.48 1.64
N LYS Y 309 -108.73 156.41 1.83
CA LYS Y 309 -110.12 156.02 2.03
C LYS Y 309 -110.72 155.45 0.75
N ALA Y 310 -110.40 156.06 -0.39
CA ALA Y 310 -110.89 155.56 -1.68
C ALA Y 310 -110.27 154.24 -2.08
N LEU Y 311 -109.21 153.80 -1.39
CA LEU Y 311 -108.67 152.45 -1.57
C LEU Y 311 -109.13 151.48 -0.49
N ILE Y 312 -109.50 151.99 0.68
CA ILE Y 312 -110.00 151.13 1.75
C ILE Y 312 -111.44 150.72 1.47
N GLU Y 313 -112.26 151.64 0.99
CA GLU Y 313 -113.67 151.34 0.75
C GLU Y 313 -113.88 150.18 -0.22
N PRO Y 314 -113.21 150.12 -1.38
CA PRO Y 314 -113.39 148.94 -2.24
C PRO Y 314 -112.85 147.67 -1.61
N ALA Y 315 -111.74 147.76 -0.89
CA ALA Y 315 -111.21 146.59 -0.19
C ALA Y 315 -112.18 146.11 0.89
N ALA Y 316 -112.78 147.05 1.62
CA ALA Y 316 -113.76 146.67 2.63
C ALA Y 316 -115.00 146.04 1.99
N LEU Y 317 -115.42 146.56 0.83
CA LEU Y 317 -116.55 145.97 0.13
C LEU Y 317 -116.22 144.56 -0.37
N CYS Y 318 -115.00 144.35 -0.86
CA CYS Y 318 -114.60 143.02 -1.28
C CYS Y 318 -114.55 142.05 -0.10
N TYR Y 319 -114.06 142.52 1.05
CA TYR Y 319 -114.07 141.67 2.25
C TYR Y 319 -115.49 141.34 2.67
N LEU Y 320 -116.39 142.30 2.61
CA LEU Y 320 -117.78 142.05 2.97
C LEU Y 320 -118.42 141.06 2.00
N LEU Y 321 -118.10 141.16 0.70
CA LEU Y 321 -118.64 140.22 -0.26
C LEU Y 321 -118.10 138.81 -0.01
N ALA Y 322 -116.80 138.70 0.29
CA ALA Y 322 -116.24 137.40 0.62
C ALA Y 322 -116.86 136.81 1.88
N TYR Y 323 -117.20 137.66 2.85
CA TYR Y 323 -117.86 137.18 4.06
C TYR Y 323 -119.29 136.75 3.77
N GLN Y 324 -120.00 137.49 2.93
CA GLN Y 324 -121.37 137.15 2.56
C GLN Y 324 -121.44 135.99 1.58
N VAL Y 325 -120.31 135.57 1.02
CA VAL Y 325 -120.30 134.37 0.17
C VAL Y 325 -120.83 133.19 0.97
N PRO Y 326 -121.71 132.36 0.43
CA PRO Y 326 -122.28 131.25 1.21
C PRO Y 326 -121.20 130.29 1.70
N LYS Y 327 -121.29 129.95 2.99
CA LYS Y 327 -120.32 129.05 3.58
C LYS Y 327 -120.52 127.63 3.05
N PRO Y 328 -119.45 126.84 2.99
CA PRO Y 328 -119.57 125.45 2.50
C PRO Y 328 -120.45 124.63 3.43
N LYS Y 329 -121.56 124.13 2.87
CA LYS Y 329 -122.50 123.31 3.62
C LYS Y 329 -122.27 121.82 3.35
N SER Y 330 -123.34 121.03 3.41
CA SER Y 330 -123.22 119.60 3.15
C SER Y 330 -123.00 119.35 1.66
N LYS Y 331 -122.50 118.15 1.35
CA LYS Y 331 -122.23 117.74 -0.01
C LYS Y 331 -123.24 116.70 -0.45
N PRO Y 332 -124.06 116.97 -1.47
CA PRO Y 332 -125.03 115.95 -1.91
C PRO Y 332 -124.35 114.74 -2.54
N VAL Y 333 -123.29 114.95 -3.31
CA VAL Y 333 -122.56 113.86 -3.95
C VAL Y 333 -121.16 113.78 -3.33
N LYS Y 334 -120.55 112.61 -3.46
CA LYS Y 334 -119.23 112.35 -2.92
C LYS Y 334 -118.24 112.12 -4.08
N GLY Y 335 -117.01 111.75 -3.72
CA GLY Y 335 -115.97 111.50 -4.68
C GLY Y 335 -114.97 112.63 -4.87
N ASP Y 336 -115.28 113.82 -4.34
CA ASP Y 336 -114.41 114.98 -4.47
C ASP Y 336 -114.02 115.53 -3.10
N ASP Y 337 -113.99 114.67 -2.07
CA ASP Y 337 -113.65 115.13 -0.73
C ASP Y 337 -112.20 115.58 -0.63
N ASN Y 338 -111.29 114.93 -1.38
CA ASN Y 338 -109.90 115.34 -1.38
C ASN Y 338 -109.73 116.76 -1.92
N GLY Y 339 -110.50 117.10 -2.95
CA GLY Y 339 -110.50 118.44 -3.50
C GLY Y 339 -111.44 119.41 -2.82
N GLN Y 340 -112.22 118.96 -1.84
CA GLN Y 340 -113.15 119.81 -1.12
C GLN Y 340 -112.69 120.17 0.29
N GLY Y 341 -111.89 119.31 0.93
CA GLY Y 341 -111.43 119.62 2.28
C GLY Y 341 -110.54 120.85 2.31
N PHE Y 342 -109.55 120.91 1.41
CA PHE Y 342 -108.68 122.07 1.35
C PHE Y 342 -109.45 123.32 0.92
N LEU Y 343 -110.44 123.15 0.04
CA LEU Y 343 -111.27 124.29 -0.36
C LEU Y 343 -112.06 124.84 0.82
N GLU Y 344 -112.63 123.95 1.64
CA GLU Y 344 -113.36 124.39 2.82
C GLU Y 344 -112.44 125.05 3.84
N GLU Y 345 -111.22 124.52 4.00
CA GLU Y 345 -110.26 125.13 4.91
C GLU Y 345 -109.88 126.54 4.44
N LEU Y 346 -109.62 126.70 3.14
CA LEU Y 346 -109.30 128.01 2.59
C LEU Y 346 -110.48 128.95 2.72
N ALA Y 347 -111.70 128.45 2.54
CA ALA Y 347 -112.88 129.28 2.69
C ALA Y 347 -113.05 129.76 4.13
N PHE Y 348 -112.81 128.88 5.10
CA PHE Y 348 -112.88 129.28 6.51
C PHE Y 348 -111.81 130.31 6.84
N ASP Y 349 -110.58 130.11 6.31
CA ASP Y 349 -109.52 131.08 6.53
C ASP Y 349 -109.88 132.43 5.93
N ARG Y 350 -110.45 132.43 4.72
CA ARG Y 350 -110.86 133.68 4.09
C ARG Y 350 -111.96 134.36 4.88
N GLN Y 351 -112.92 133.59 5.41
CA GLN Y 351 -113.98 134.17 6.23
C GLN Y 351 -113.40 134.82 7.47
N SER Y 352 -112.49 134.12 8.16
CA SER Y 352 -111.88 134.67 9.36
C SER Y 352 -111.09 135.94 9.05
N LYS Y 353 -110.31 135.92 7.98
CA LYS Y 353 -109.51 137.09 7.62
C LYS Y 353 -110.39 138.27 7.24
N SER Y 354 -111.46 138.01 6.48
CA SER Y 354 -112.35 139.10 6.09
C SER Y 354 -113.07 139.68 7.31
N GLY Y 355 -113.53 138.83 8.22
CA GLY Y 355 -114.16 139.33 9.43
C GLY Y 355 -113.22 140.17 10.28
N HIS Y 356 -111.99 139.68 10.46
CA HIS Y 356 -111.02 140.44 11.25
C HIS Y 356 -110.68 141.76 10.59
N LEU Y 357 -110.51 141.77 9.27
CA LEU Y 357 -110.17 143.01 8.57
C LEU Y 357 -111.33 144.00 8.64
N LEU Y 358 -112.57 143.52 8.48
CA LEU Y 358 -113.71 144.41 8.58
C LEU Y 358 -113.85 144.99 9.98
N LEU Y 359 -113.61 144.16 11.00
CA LEU Y 359 -113.68 144.66 12.37
C LEU Y 359 -112.60 145.70 12.64
N THR Y 360 -111.37 145.45 12.17
CA THR Y 360 -110.29 146.42 12.38
C THR Y 360 -110.52 147.70 11.60
N LEU Y 361 -111.17 147.61 10.43
CA LEU Y 361 -111.46 148.82 9.66
C LEU Y 361 -112.62 149.61 10.25
N SER Y 362 -113.61 148.93 10.86
CA SER Y 362 -114.72 149.62 11.47
C SER Y 362 -114.40 150.12 12.88
N HIS Y 363 -113.34 149.60 13.50
CA HIS Y 363 -112.93 150.03 14.84
C HIS Y 363 -114.05 149.84 15.85
N GLY Y 364 -114.80 150.91 16.12
CA GLY Y 364 -115.91 150.85 17.05
C GLY Y 364 -117.22 151.31 16.44
N LYS Y 365 -117.13 152.07 15.35
CA LYS Y 365 -118.31 152.57 14.66
C LYS Y 365 -118.77 151.54 13.64
N GLN Y 366 -120.03 151.11 13.76
CA GLN Y 366 -120.59 150.11 12.85
C GLN Y 366 -121.31 150.73 11.66
N ASN Y 367 -121.45 152.06 11.62
CA ASN Y 367 -122.12 152.72 10.51
C ASN Y 367 -121.23 152.83 9.27
N PHE Y 368 -119.92 152.68 9.42
CA PHE Y 368 -119.03 152.74 8.26
C PHE Y 368 -119.28 151.60 7.29
N ILE Y 369 -119.68 150.44 7.80
CA ILE Y 369 -120.01 149.30 6.94
C ILE Y 369 -121.20 149.65 6.06
N SER Y 370 -122.26 150.19 6.67
CA SER Y 370 -123.44 150.58 5.90
C SER Y 370 -123.12 151.71 4.93
N GLU Y 371 -122.23 152.64 5.33
CA GLU Y 371 -121.84 153.71 4.44
C GLU Y 371 -121.12 153.18 3.21
N ILE Y 372 -120.17 152.25 3.41
CA ILE Y 372 -119.46 151.65 2.30
C ILE Y 372 -120.42 150.87 1.41
N ILE Y 373 -121.38 150.17 2.01
CA ILE Y 373 -122.36 149.42 1.25
C ILE Y 373 -123.18 150.34 0.37
N GLU Y 374 -123.65 151.46 0.94
CA GLU Y 374 -124.47 152.39 0.17
C GLU Y 374 -123.66 153.20 -0.84
N THR Y 375 -122.34 153.29 -0.65
CA THR Y 375 -121.52 154.11 -1.54
C THR Y 375 -120.87 153.31 -2.66
N PHE Y 376 -119.97 152.39 -2.31
CA PHE Y 376 -119.08 151.78 -3.28
C PHE Y 376 -119.59 150.46 -3.85
N ALA Y 377 -120.84 150.08 -3.57
CA ALA Y 377 -121.40 148.84 -4.09
C ALA Y 377 -122.20 149.06 -5.37
N ASN Y 378 -121.94 150.14 -6.09
CA ASN Y 378 -122.65 150.45 -7.32
C ASN Y 378 -121.78 150.10 -8.53
N GLN Y 379 -122.37 150.25 -9.72
CA GLN Y 379 -121.63 149.97 -10.95
C GLN Y 379 -120.46 150.94 -11.11
N CYS Y 380 -120.65 152.20 -10.73
CA CYS Y 380 -119.56 153.17 -10.78
C CYS Y 380 -118.43 152.76 -9.83
N GLY Y 381 -118.78 152.27 -8.64
CA GLY Y 381 -117.76 151.81 -7.71
C GLY Y 381 -117.02 150.59 -8.24
N GLN Y 382 -117.74 149.67 -8.86
CA GLN Y 382 -117.10 148.50 -9.45
C GLN Y 382 -116.15 148.90 -10.59
N SER Y 383 -116.58 149.86 -11.42
CA SER Y 383 -115.72 150.33 -12.50
C SER Y 383 -114.49 151.03 -11.95
N ILE Y 384 -114.64 151.82 -10.88
CA ILE Y 384 -113.49 152.48 -10.27
C ILE Y 384 -112.53 151.45 -9.70
N LEU Y 385 -113.06 150.42 -9.04
CA LEU Y 385 -112.21 149.36 -8.50
C LEU Y 385 -111.46 148.63 -9.61
N LEU Y 386 -112.15 148.34 -10.72
CA LEU Y 386 -111.50 147.66 -11.83
C LEU Y 386 -110.41 148.53 -12.45
N LYS Y 387 -110.68 149.83 -12.60
CA LYS Y 387 -109.68 150.73 -13.17
C LYS Y 387 -108.50 150.93 -12.23
N PHE Y 388 -108.72 150.80 -10.92
CA PHE Y 388 -107.61 150.90 -9.98
C PHE Y 388 -106.80 149.61 -9.95
N LEU Y 389 -107.45 148.47 -10.13
CA LEU Y 389 -106.76 147.18 -10.09
C LEU Y 389 -106.02 146.92 -11.41
N PHE Y 390 -106.77 146.70 -12.48
CA PHE Y 390 -106.20 146.30 -13.76
C PHE Y 390 -105.78 147.48 -14.63
N GLU Y 391 -105.77 148.69 -14.08
CA GLU Y 391 -105.38 149.89 -14.82
C GLU Y 391 -106.25 150.08 -16.06
N ASP Y 392 -107.55 149.82 -15.92
CA ASP Y 392 -108.53 149.93 -17.00
C ASP Y 392 -108.14 149.05 -18.19
N ASN Y 393 -108.24 147.75 -17.97
CA ASN Y 393 -107.90 146.75 -18.97
C ASN Y 393 -108.92 145.61 -18.89
N LEU Y 394 -108.73 144.60 -19.74
CA LEU Y 394 -109.60 143.41 -19.82
C LEU Y 394 -111.02 143.90 -20.14
N SER Y 395 -112.05 143.28 -19.56
CA SER Y 395 -113.43 143.69 -19.80
C SER Y 395 -114.19 143.59 -18.49
N MET Y 396 -115.45 144.05 -18.53
CA MET Y 396 -116.28 144.02 -17.33
C MET Y 396 -116.88 142.64 -17.09
N GLN Y 397 -117.19 141.90 -18.14
CA GLN Y 397 -117.82 140.58 -18.04
C GLN Y 397 -116.82 139.48 -17.70
N ASP Y 398 -115.67 139.81 -17.11
CA ASP Y 398 -114.69 138.80 -16.75
C ASP Y 398 -114.90 138.26 -15.32
N SER Y 399 -115.64 138.98 -14.49
CA SER Y 399 -115.91 138.58 -13.12
C SER Y 399 -117.40 138.54 -12.87
N PHE Y 400 -117.78 137.95 -11.73
CA PHE Y 400 -119.19 137.86 -11.37
C PHE Y 400 -119.78 139.23 -11.07
N MET Y 401 -118.99 140.14 -10.50
CA MET Y 401 -119.48 141.48 -10.20
C MET Y 401 -119.84 142.23 -11.47
N GLY Y 402 -119.19 141.92 -12.59
CA GLY Y 402 -119.51 142.54 -13.86
C GLY Y 402 -120.57 141.76 -14.62
N SER Y 403 -120.64 140.45 -14.38
CA SER Y 403 -121.64 139.64 -15.05
C SER Y 403 -123.04 139.91 -14.49
N ASP Y 404 -123.14 140.09 -13.18
CA ASP Y 404 -124.41 140.40 -12.52
C ASP Y 404 -124.34 141.81 -11.95
N ASP Y 405 -125.29 142.65 -12.35
CA ASP Y 405 -125.30 144.04 -11.91
C ASP Y 405 -125.61 144.13 -10.42
N ILE Y 406 -124.58 144.08 -9.58
CA ILE Y 406 -124.76 144.18 -8.14
C ILE Y 406 -124.80 145.65 -7.75
N SER Y 407 -125.93 146.09 -7.19
CA SER Y 407 -126.13 147.47 -6.79
C SER Y 407 -126.23 147.66 -5.29
N TYR Y 408 -126.88 146.74 -4.58
CA TYR Y 408 -127.04 146.85 -3.14
C TYR Y 408 -126.80 145.49 -2.50
N VAL Y 409 -126.00 145.48 -1.43
CA VAL Y 409 -125.68 144.27 -0.69
C VAL Y 409 -126.32 144.36 0.69
N GLU Y 410 -126.80 143.23 1.19
CA GLU Y 410 -127.43 143.20 2.50
C GLU Y 410 -126.41 143.45 3.60
N ASN Y 411 -126.81 144.21 4.61
CA ASN Y 411 -125.93 144.52 5.71
C ASN Y 411 -125.76 143.31 6.63
N ARG Y 412 -124.53 143.11 7.10
CA ARG Y 412 -124.23 141.98 7.98
C ARG Y 412 -123.00 142.31 8.80
N VAL Y 413 -123.08 142.08 10.11
CA VAL Y 413 -121.98 142.32 11.04
C VAL Y 413 -121.45 140.97 11.51
N PRO Y 414 -120.15 140.72 11.42
CA PRO Y 414 -119.63 139.41 11.86
C PRO Y 414 -119.77 139.25 13.37
N ASP Y 415 -120.21 138.06 13.78
CA ASP Y 415 -120.40 137.74 15.19
C ASP Y 415 -119.10 137.23 15.79
N LEU Y 416 -118.97 137.42 17.10
CA LEU Y 416 -117.75 137.00 17.80
C LEU Y 416 -117.59 135.49 17.77
N SER Y 417 -118.66 134.75 18.03
CA SER Y 417 -118.58 133.29 18.01
C SER Y 417 -118.27 132.77 16.62
N GLU Y 418 -118.89 133.36 15.60
CA GLU Y 418 -118.62 132.93 14.22
C GLU Y 418 -117.17 133.23 13.84
N LEU Y 419 -116.66 134.40 14.24
CA LEU Y 419 -115.28 134.73 13.94
C LEU Y 419 -114.32 133.80 14.67
N SER Y 420 -114.63 133.45 15.92
CA SER Y 420 -113.78 132.51 16.66
C SER Y 420 -113.79 131.13 16.01
N GLN Y 421 -114.96 130.67 15.57
CA GLN Y 421 -115.04 129.38 14.91
C GLN Y 421 -114.27 129.38 13.59
N HIS Y 422 -114.37 130.48 12.83
CA HIS Y 422 -113.63 130.58 11.58
C HIS Y 422 -112.13 130.61 11.83
N ASP Y 423 -111.69 131.32 12.86
CA ASP Y 423 -110.27 131.37 13.19
C ASP Y 423 -109.77 130.00 13.64
N ASN Y 424 -110.57 129.26 14.40
CA ASN Y 424 -110.19 127.92 14.82
C ASN Y 424 -110.08 127.00 13.61
N GLY Y 425 -111.06 127.06 12.70
CA GLY Y 425 -110.99 126.25 11.49
C GLY Y 425 -109.82 126.60 10.60
N SER Y 426 -109.44 127.88 10.58
CA SER Y 426 -108.27 128.28 9.80
C SER Y 426 -106.98 127.78 10.44
N LEU Y 427 -106.86 127.90 11.76
CA LEU Y 427 -105.66 127.45 12.45
C LEU Y 427 -105.53 125.93 12.41
N ARG Y 428 -106.66 125.21 12.33
CA ARG Y 428 -106.60 123.76 12.25
C ARG Y 428 -105.84 123.28 11.01
N ILE Y 429 -105.88 124.05 9.93
CA ILE Y 429 -105.14 123.72 8.72
C ILE Y 429 -103.85 124.53 8.59
N HIS Y 430 -103.73 125.65 9.29
CA HIS Y 430 -102.52 126.45 9.22
C HIS Y 430 -101.44 125.96 10.18
N ASN Y 431 -101.80 125.14 11.17
CA ASN Y 431 -100.86 124.56 12.13
C ASN Y 431 -100.15 125.63 12.95
N GLY Y 432 -100.65 126.85 12.97
CA GLY Y 432 -100.08 127.91 13.76
C GLY Y 432 -98.86 128.56 13.15
N ASP Y 433 -98.72 129.88 13.36
CA ASP Y 433 -97.57 130.62 12.87
C ASP Y 433 -97.36 131.83 13.76
N LEU Y 434 -96.09 132.21 13.94
CA LEU Y 434 -95.77 133.33 14.81
C LEU Y 434 -96.32 134.64 14.25
N GLN Y 435 -96.14 134.86 12.95
CA GLN Y 435 -96.63 136.09 12.34
C GLN Y 435 -98.15 136.16 12.39
N HIS Y 436 -98.82 135.03 12.12
CA HIS Y 436 -100.28 135.01 12.17
C HIS Y 436 -100.79 135.26 13.58
N LEU Y 437 -100.14 134.66 14.59
CA LEU Y 437 -100.54 134.88 15.97
C LEU Y 437 -100.31 136.33 16.39
N THR Y 438 -99.19 136.92 15.95
CA THR Y 438 -98.93 138.33 16.27
C THR Y 438 -99.97 139.23 15.60
N TRP Y 439 -100.33 138.94 14.35
CA TRP Y 439 -101.35 139.73 13.67
C TRP Y 439 -102.70 139.62 14.37
N LEU Y 440 -103.07 138.40 14.80
CA LEU Y 440 -104.32 138.21 15.52
C LEU Y 440 -104.31 138.96 16.84
N GLY Y 441 -103.20 138.90 17.57
CA GLY Y 441 -103.10 139.62 18.82
C GLY Y 441 -103.19 141.12 18.64
N LEU Y 442 -102.54 141.64 17.59
CA LEU Y 442 -102.61 143.07 17.31
C LEU Y 442 -104.03 143.48 16.95
N GLN Y 443 -104.73 142.66 16.14
CA GLN Y 443 -106.10 142.96 15.79
C GLN Y 443 -107.00 142.97 17.02
N TRP Y 444 -106.82 142.00 17.91
CA TRP Y 444 -107.65 141.93 19.11
C TRP Y 444 -107.34 143.09 20.06
N HIS Y 445 -106.07 143.50 20.13
CA HIS Y 445 -105.71 144.64 20.97
C HIS Y 445 -106.28 145.93 20.40
N PHE Y 446 -106.32 146.05 19.08
CA PHE Y 446 -106.95 147.23 18.47
C PHE Y 446 -108.47 147.22 18.67
N LEU Y 447 -109.08 146.03 18.63
CA LEU Y 447 -110.51 145.92 18.88
C LEU Y 447 -110.88 145.99 20.35
N SER Y 448 -109.89 145.94 21.25
CA SER Y 448 -110.11 146.04 22.70
C SER Y 448 -110.98 144.89 23.20
N THR Y 449 -110.50 143.68 22.95
CA THR Y 449 -111.18 142.46 23.40
C THR Y 449 -110.14 141.41 23.71
N LEU Y 450 -110.38 140.63 24.75
CA LEU Y 450 -109.45 139.59 25.17
C LEU Y 450 -109.38 138.49 24.11
N PRO Y 451 -108.23 138.25 23.51
CA PRO Y 451 -108.13 137.23 22.46
C PRO Y 451 -108.13 135.83 23.06
N PRO Y 452 -108.90 134.90 22.47
CA PRO Y 452 -108.91 133.51 22.97
C PRO Y 452 -107.70 132.73 22.48
N LEU Y 453 -106.53 133.07 23.04
CA LEU Y 453 -105.29 132.42 22.63
C LEU Y 453 -105.16 131.01 23.18
N ARG Y 454 -105.90 130.67 24.24
CA ARG Y 454 -105.78 129.34 24.85
C ARG Y 454 -106.22 128.25 23.88
N LYS Y 455 -107.39 128.43 23.26
CA LYS Y 455 -107.87 127.43 22.30
C LYS Y 455 -106.97 127.35 21.08
N TRP Y 456 -106.48 128.49 20.61
CA TRP Y 456 -105.57 128.49 19.47
C TRP Y 456 -104.30 127.72 19.78
N LEU Y 457 -103.73 127.93 20.97
CA LEU Y 457 -102.51 127.22 21.34
C LEU Y 457 -102.78 125.74 21.54
N LYS Y 458 -103.93 125.40 22.12
CA LYS Y 458 -104.27 123.98 22.29
C LYS Y 458 -104.49 123.30 20.95
N GLN Y 459 -104.90 124.06 19.93
CA GLN Y 459 -105.14 123.46 18.61
C GLN Y 459 -103.85 123.36 17.80
N ILE Y 460 -102.97 124.36 17.90
CA ILE Y 460 -101.77 124.40 17.06
C ILE Y 460 -100.53 123.92 17.81
N PHE Y 461 -100.69 123.43 19.04
CA PHE Y 461 -99.57 122.97 19.83
C PHE Y 461 -100.03 121.77 20.66
N PRO Y 462 -99.10 120.89 21.06
CA PRO Y 462 -99.47 119.78 21.93
C PRO Y 462 -100.00 120.28 23.27
N ARG Y 463 -101.03 119.60 23.77
CA ARG Y 463 -101.67 120.00 25.02
C ARG Y 463 -100.75 119.72 26.19
N VAL Y 464 -100.45 120.76 26.97
CA VAL Y 464 -99.60 120.63 28.15
C VAL Y 464 -100.36 121.16 29.37
N PRO Y 465 -100.10 120.63 30.56
CA PRO Y 465 -100.82 121.12 31.75
C PRO Y 465 -100.40 122.54 32.10
N GLN Y 466 -101.36 123.30 32.63
CA GLN Y 466 -101.15 124.68 33.02
C GLN Y 466 -101.00 124.85 34.53
N GLU Y 467 -100.38 123.87 35.19
CA GLU Y 467 -100.18 123.92 36.64
C GLU Y 467 -98.81 124.53 36.93
N THR Y 468 -98.28 124.28 38.12
CA THR Y 468 -96.98 124.83 38.50
C THR Y 468 -95.87 124.07 37.78
N SER Y 469 -95.12 124.77 36.94
CA SER Y 469 -94.03 124.17 36.18
C SER Y 469 -92.80 125.07 36.29
N ARG Y 470 -91.70 124.59 35.72
CA ARG Y 470 -90.45 125.33 35.73
C ARG Y 470 -90.45 126.38 34.63
N LEU Y 471 -89.31 127.08 34.49
CA LEU Y 471 -89.18 128.12 33.47
C LEU Y 471 -87.75 128.25 32.94
N GLU Y 472 -86.86 127.33 33.30
CA GLU Y 472 -85.47 127.38 32.85
C GLU Y 472 -85.11 126.14 32.04
N SER Y 473 -86.09 125.57 31.33
CA SER Y 473 -85.87 124.38 30.52
C SER Y 473 -86.66 124.51 29.22
N ASN Y 474 -86.07 123.99 28.14
CA ASN Y 474 -86.70 124.03 26.83
C ASN Y 474 -87.64 122.85 26.59
N ILE Y 475 -87.90 122.05 27.62
CA ILE Y 475 -88.83 120.92 27.47
C ILE Y 475 -90.25 121.46 27.29
N PRO Y 476 -91.07 120.84 26.45
CA PRO Y 476 -92.47 121.32 26.31
C PRO Y 476 -93.25 121.32 27.61
N GLU Y 477 -92.83 120.53 28.61
CA GLU Y 477 -93.51 120.57 29.90
C GLU Y 477 -93.27 121.90 30.60
N SER Y 478 -92.09 122.48 30.44
CA SER Y 478 -91.80 123.80 31.00
C SER Y 478 -92.33 124.91 30.10
N ILE Y 479 -92.14 124.79 28.78
CA ILE Y 479 -92.67 125.75 27.83
C ILE Y 479 -94.18 125.59 27.79
N CYS Y 480 -94.89 126.32 28.66
CA CYS Y 480 -96.31 126.16 28.82
C CYS Y 480 -97.09 127.10 27.90
N LEU Y 481 -98.38 126.81 27.75
CA LEU Y 481 -99.25 127.67 26.95
C LEU Y 481 -99.38 129.06 27.55
N LEU Y 482 -99.34 129.16 28.88
CA LEU Y 482 -99.39 130.47 29.51
C LEU Y 482 -98.15 131.30 29.21
N ASP Y 483 -96.97 130.68 29.25
CA ASP Y 483 -95.75 131.38 28.88
C ASP Y 483 -95.75 131.75 27.41
N LEU Y 484 -96.27 130.88 26.55
CA LEU Y 484 -96.37 131.21 25.14
C LEU Y 484 -97.31 132.37 24.90
N GLU Y 485 -98.43 132.42 25.63
CA GLU Y 485 -99.35 133.54 25.52
C GLU Y 485 -98.72 134.84 26.02
N VAL Y 486 -97.93 134.75 27.10
CA VAL Y 486 -97.23 135.93 27.60
C VAL Y 486 -96.24 136.44 26.55
N PHE Y 487 -95.50 135.53 25.93
CA PHE Y 487 -94.55 135.93 24.89
C PHE Y 487 -95.27 136.55 23.69
N LEU Y 488 -96.41 135.97 23.31
CA LEU Y 488 -97.17 136.52 22.19
C LEU Y 488 -97.71 137.92 22.52
N LEU Y 489 -98.20 138.11 23.75
CA LEU Y 489 -98.68 139.42 24.16
C LEU Y 489 -97.54 140.43 24.18
N ALA Y 490 -96.35 140.00 24.61
CA ALA Y 490 -95.19 140.90 24.59
C ALA Y 490 -94.82 141.29 23.16
N VAL Y 491 -94.84 140.32 22.24
CA VAL Y 491 -94.54 140.61 20.84
C VAL Y 491 -95.58 141.58 20.27
N VAL Y 492 -96.85 141.37 20.62
CA VAL Y 492 -97.90 142.25 20.12
C VAL Y 492 -97.73 143.66 20.68
N GLN Y 493 -97.40 143.78 21.96
CA GLN Y 493 -97.19 145.10 22.56
C GLN Y 493 -95.98 145.80 21.97
N THR Y 494 -94.94 145.05 21.61
CA THR Y 494 -93.77 145.66 20.99
C THR Y 494 -94.08 146.11 19.55
N SER Y 495 -94.86 145.31 18.82
CA SER Y 495 -95.23 145.66 17.46
C SER Y 495 -96.28 146.75 17.39
N TYR Y 496 -97.02 146.99 18.49
CA TYR Y 496 -98.03 148.04 18.50
C TYR Y 496 -97.43 149.43 18.32
N LEU Y 497 -96.13 149.59 18.58
CA LEU Y 497 -95.50 150.89 18.40
C LEU Y 497 -95.53 151.32 16.94
N GLN Y 498 -95.26 150.39 16.02
CA GLN Y 498 -95.29 150.71 14.60
C GLN Y 498 -96.70 151.03 14.13
N LEU Y 499 -97.72 150.36 14.71
CA LEU Y 499 -99.10 150.67 14.34
C LEU Y 499 -99.54 152.02 14.91
N GLN Y 500 -99.02 152.39 16.09
CA GLN Y 500 -99.37 153.68 16.66
C GLN Y 500 -98.69 154.83 15.92
N ASP Y 501 -97.41 154.65 15.57
CA ASP Y 501 -96.68 155.67 14.84
C ASP Y 501 -96.88 155.44 13.34
N ASN Y 502 -96.10 156.15 12.52
CA ASN Y 502 -96.13 156.03 11.06
C ASN Y 502 -97.52 156.33 10.50
N ASN Y 503 -98.49 155.47 10.82
CA ASN Y 503 -99.84 155.64 10.30
C ASN Y 503 -100.44 156.97 10.71
N THR Y 504 -100.47 157.24 12.02
CA THR Y 504 -101.05 158.49 12.51
C THR Y 504 -100.23 159.70 12.09
N THR Y 505 -98.91 159.55 11.97
CA THR Y 505 -98.08 160.65 11.50
C THR Y 505 -98.35 160.97 10.03
N ALA Y 506 -98.72 159.97 9.23
CA ALA Y 506 -99.05 160.21 7.83
C ALA Y 506 -100.45 160.79 7.68
N ASP Y 507 -101.45 160.14 8.27
CA ASP Y 507 -102.83 160.59 8.14
C ASP Y 507 -103.65 160.02 9.28
N PRO Y 508 -104.71 160.70 9.71
CA PRO Y 508 -105.55 160.14 10.78
C PRO Y 508 -106.26 158.86 10.39
N ASN Y 509 -106.39 158.56 9.11
CA ASN Y 509 -106.99 157.34 8.62
C ASN Y 509 -105.95 156.53 7.87
N ARG Y 510 -105.78 155.26 8.25
CA ARG Y 510 -104.78 154.40 7.65
C ARG Y 510 -105.21 152.96 7.84
N PRO Y 511 -105.08 152.10 6.82
CA PRO Y 511 -105.48 150.69 6.99
C PRO Y 511 -104.60 149.96 8.00
N ARG Y 512 -105.12 149.75 9.21
CA ARG Y 512 -104.38 149.07 10.25
C ARG Y 512 -104.41 147.56 10.04
N CYS Y 513 -103.42 146.89 10.64
CA CYS Y 513 -103.30 145.43 10.60
C CYS Y 513 -103.21 144.92 9.17
N LEU Y 514 -101.98 144.85 8.65
CA LEU Y 514 -101.79 144.37 7.28
C LEU Y 514 -102.05 142.86 7.21
N PRO Y 515 -102.57 142.38 6.08
CA PRO Y 515 -102.87 140.94 5.96
C PRO Y 515 -101.63 140.06 5.96
N LEU Y 516 -101.83 138.74 5.83
CA LEU Y 516 -100.71 137.82 5.88
C LEU Y 516 -99.83 137.88 4.63
N PRO Y 517 -100.37 137.83 3.40
CA PRO Y 517 -99.50 137.84 2.23
C PRO Y 517 -98.65 139.11 2.10
N ILE Y 518 -99.05 140.22 2.72
CA ILE Y 518 -98.28 141.45 2.67
C ILE Y 518 -97.89 141.86 4.07
N CYS Y 519 -97.27 140.95 4.82
CA CYS Y 519 -96.82 141.20 6.18
C CYS Y 519 -95.31 141.05 6.26
N LYS Y 520 -94.64 142.03 6.84
CA LYS Y 520 -93.19 142.02 6.99
C LYS Y 520 -92.83 141.70 8.44
N GLN Y 521 -91.52 141.68 8.71
CA GLN Y 521 -91.03 141.38 10.05
C GLN Y 521 -91.28 142.55 10.98
N LEU Y 522 -92.46 142.62 11.58
CA LEU Y 522 -92.79 143.70 12.50
C LEU Y 522 -92.07 143.54 13.84
N PHE Y 523 -91.84 142.30 14.28
CA PHE Y 523 -91.15 142.06 15.53
C PHE Y 523 -89.63 142.15 15.34
N THR Y 524 -88.91 141.08 15.67
CA THR Y 524 -87.47 141.04 15.53
C THR Y 524 -87.05 139.71 14.95
N ASP Y 525 -85.97 139.74 14.16
CA ASP Y 525 -85.46 138.51 13.55
C ASP Y 525 -84.97 137.53 14.61
N ARG Y 526 -84.40 138.03 15.71
CA ARG Y 526 -83.95 137.15 16.78
C ARG Y 526 -85.13 136.42 17.41
N GLN Y 527 -86.22 137.13 17.70
CA GLN Y 527 -87.39 136.48 18.26
C GLN Y 527 -88.03 135.52 17.26
N ARG Y 528 -88.01 135.88 15.97
CA ARG Y 528 -88.53 134.99 14.95
C ARG Y 528 -87.75 133.68 14.90
N SER Y 529 -86.42 133.79 14.93
CA SER Y 529 -85.58 132.59 14.91
C SER Y 529 -85.76 131.76 16.18
N TRP Y 530 -85.92 132.44 17.33
CA TRP Y 530 -86.14 131.71 18.57
C TRP Y 530 -87.47 130.95 18.54
N TRP Y 531 -88.53 131.59 18.05
CA TRP Y 531 -89.82 130.92 17.95
C TRP Y 531 -89.77 129.77 16.96
N ASP Y 532 -89.06 129.95 15.84
CA ASP Y 532 -88.92 128.87 14.87
C ASP Y 532 -88.17 127.68 15.46
N ALA Y 533 -87.10 127.95 16.22
CA ALA Y 533 -86.36 126.88 16.87
C ALA Y 533 -87.20 126.17 17.92
N VAL Y 534 -87.99 126.93 18.68
CA VAL Y 534 -88.87 126.33 19.68
C VAL Y 534 -89.90 125.43 19.01
N TYR Y 535 -90.49 125.90 17.91
CA TYR Y 535 -91.47 125.10 17.19
C TYR Y 535 -90.84 123.84 16.61
N SER Y 536 -89.62 123.96 16.08
CA SER Y 536 -88.93 122.78 15.55
C SER Y 536 -88.63 121.78 16.65
N LEU Y 537 -88.20 122.25 17.81
CA LEU Y 537 -87.91 121.36 18.92
C LEU Y 537 -89.16 120.70 19.47
N ILE Y 538 -90.29 121.41 19.47
CA ILE Y 538 -91.53 120.83 19.97
C ILE Y 538 -92.21 119.93 18.95
N THR Y 539 -91.87 120.07 17.66
CA THR Y 539 -92.43 119.20 16.63
C THR Y 539 -91.52 118.04 16.27
N LYS Y 540 -90.26 118.07 16.70
CA LYS Y 540 -89.29 116.99 16.44
C LYS Y 540 -89.13 116.75 14.94
N LYS Y 541 -88.62 117.79 14.26
CA LYS Y 541 -88.39 117.70 12.82
C LYS Y 541 -87.13 118.44 12.38
N ALA Y 542 -86.24 118.79 13.30
CA ALA Y 542 -85.04 119.52 12.93
C ALA Y 542 -84.05 118.61 12.20
N LEU Y 543 -83.07 119.24 11.55
CA LEU Y 543 -82.06 118.50 10.82
C LEU Y 543 -81.09 117.83 11.79
N PRO Y 544 -80.72 116.57 11.56
CA PRO Y 544 -79.75 115.91 12.45
C PRO Y 544 -78.39 116.58 12.43
N GLY Y 545 -77.99 117.17 13.54
CA GLY Y 545 -76.74 117.88 13.61
C GLY Y 545 -76.92 119.33 14.03
N THR Y 546 -78.08 119.90 13.73
CA THR Y 546 -78.41 121.26 14.09
C THR Y 546 -79.36 121.35 15.28
N SER Y 547 -79.99 120.24 15.66
CA SER Y 547 -80.91 120.25 16.79
C SER Y 547 -80.18 120.59 18.09
N ALA Y 548 -78.92 120.15 18.22
CA ALA Y 548 -78.15 120.49 19.41
C ALA Y 548 -77.91 122.00 19.49
N LYS Y 549 -77.49 122.61 18.39
CA LYS Y 549 -77.30 124.06 18.37
C LYS Y 549 -78.60 124.79 18.64
N LEU Y 550 -79.72 124.29 18.09
CA LEU Y 550 -81.00 124.94 18.29
C LEU Y 550 -81.43 124.89 19.76
N ARG Y 551 -81.31 123.72 20.39
CA ARG Y 551 -81.70 123.60 21.79
C ARG Y 551 -80.75 124.38 22.69
N SER Y 552 -79.46 124.46 22.34
CA SER Y 552 -78.54 125.29 23.12
C SER Y 552 -78.91 126.77 23.02
N VAL Y 553 -79.25 127.23 21.81
CA VAL Y 553 -79.66 128.62 21.64
C VAL Y 553 -80.94 128.89 22.42
N ILE Y 554 -81.87 127.95 22.41
CA ILE Y 554 -83.13 128.13 23.14
C ILE Y 554 -82.87 128.20 24.63
N GLN Y 555 -82.03 127.30 25.15
CA GLN Y 555 -81.69 127.33 26.57
C GLN Y 555 -80.96 128.60 26.94
N HIS Y 556 -80.17 129.16 26.02
CA HIS Y 556 -79.45 130.39 26.32
C HIS Y 556 -80.38 131.59 26.33
N ASP Y 557 -81.34 131.64 25.41
CA ASP Y 557 -82.23 132.78 25.34
C ASP Y 557 -83.38 132.71 26.33
N LEU Y 558 -83.69 131.52 26.86
CA LEU Y 558 -84.78 131.42 27.82
C LEU Y 558 -84.43 132.13 29.13
N THR Y 559 -83.19 132.02 29.59
CA THR Y 559 -82.79 132.68 30.82
C THR Y 559 -82.81 134.20 30.67
N THR Y 560 -82.62 134.71 29.45
CA THR Y 560 -82.68 136.14 29.23
C THR Y 560 -84.11 136.63 29.02
N LEU Y 561 -84.96 135.81 28.41
CA LEU Y 561 -86.34 136.22 28.19
C LEU Y 561 -87.17 136.15 29.47
N ARG Y 562 -87.11 135.01 30.18
CA ARG Y 562 -87.87 134.84 31.41
C ARG Y 562 -87.14 135.38 32.64
N ALA Y 563 -86.03 136.08 32.45
CA ALA Y 563 -85.25 136.66 33.54
C ALA Y 563 -84.84 135.61 34.57
N GLN Y 564 -83.82 134.83 34.26
CA GLN Y 564 -83.32 133.80 35.15
C GLN Y 564 -81.85 133.96 35.52
N GLU Y 565 -81.02 134.52 34.63
CA GLU Y 565 -79.61 134.72 34.92
C GLU Y 565 -79.36 136.22 34.87
N LYS Y 566 -78.31 136.67 34.19
CA LYS Y 566 -77.99 138.09 34.08
C LYS Y 566 -78.58 138.62 32.78
N HIS Y 567 -79.48 139.60 32.90
CA HIS Y 567 -80.14 140.18 31.74
C HIS Y 567 -80.17 141.70 31.83
N GLY Y 568 -81.15 142.32 31.19
CA GLY Y 568 -81.28 143.77 31.22
C GLY Y 568 -82.54 144.25 30.51
N LEU Y 569 -83.66 143.59 30.76
CA LEU Y 569 -84.91 143.95 30.12
C LEU Y 569 -85.46 145.23 30.73
N GLN Y 570 -86.53 145.75 30.10
CA GLN Y 570 -87.18 146.98 30.53
C GLN Y 570 -88.17 146.70 31.65
N PRO Y 571 -88.40 147.68 32.53
CA PRO Y 571 -89.37 147.47 33.61
C PRO Y 571 -90.82 147.54 33.15
N ALA Y 572 -91.09 148.25 32.05
CA ALA Y 572 -92.47 148.42 31.60
C ALA Y 572 -93.07 147.10 31.15
N VAL Y 573 -92.32 146.31 30.38
CA VAL Y 573 -92.85 145.01 29.92
C VAL Y 573 -93.05 144.06 31.09
N LEU Y 574 -92.15 144.10 32.07
CA LEU Y 574 -92.32 143.26 33.25
C LEU Y 574 -93.56 143.66 34.05
N VAL Y 575 -93.78 144.95 34.22
CA VAL Y 575 -94.97 145.42 34.93
C VAL Y 575 -96.23 145.03 34.17
N ASN Y 576 -96.20 145.14 32.85
CA ASN Y 576 -97.36 144.76 32.04
C ASN Y 576 -97.65 143.27 32.16
N TRP Y 577 -96.60 142.43 32.12
CA TRP Y 577 -96.79 140.99 32.26
C TRP Y 577 -97.36 140.66 33.64
N ALA Y 578 -96.83 141.29 34.69
CA ALA Y 578 -97.33 141.04 36.03
C ALA Y 578 -98.79 141.45 36.17
N ARG Y 579 -99.15 142.61 35.63
CA ARG Y 579 -100.53 143.07 35.71
C ARG Y 579 -101.46 142.15 34.93
N GLY Y 580 -101.04 141.71 33.75
CA GLY Y 580 -101.87 140.79 32.98
C GLY Y 580 -102.05 139.45 33.68
N LEU Y 581 -100.98 138.93 34.27
CA LEU Y 581 -101.08 137.67 35.01
C LEU Y 581 -102.00 137.81 36.21
N HIS Y 582 -101.89 138.92 36.95
CA HIS Y 582 -102.77 139.14 38.09
C HIS Y 582 -104.22 139.26 37.66
N LYS Y 583 -104.47 139.97 36.55
CA LYS Y 583 -105.84 140.12 36.05
C LYS Y 583 -106.41 138.77 35.62
N THR Y 584 -105.61 137.97 34.92
CA THR Y 584 -106.09 136.65 34.50
C THR Y 584 -106.35 135.75 35.70
N GLY Y 585 -105.50 135.81 36.72
CA GLY Y 585 -105.71 135.00 37.91
C GLY Y 585 -106.94 135.44 38.69
N TYR Y 586 -107.21 136.74 38.72
CA TYR Y 586 -108.41 137.23 39.40
C TYR Y 586 -109.67 136.92 38.61
N SER Y 587 -109.56 136.86 37.28
CA SER Y 587 -110.73 136.56 36.46
C SER Y 587 -111.07 135.07 36.50
N LEU Y 588 -110.08 134.21 36.30
CA LEU Y 588 -110.32 132.78 36.30
C LEU Y 588 -110.45 132.25 37.71
N ASN Y 589 -111.32 131.25 37.88
CA ASN Y 589 -111.56 130.61 39.16
C ASN Y 589 -110.82 129.29 39.32
N SER Y 590 -110.04 128.89 38.32
CA SER Y 590 -109.28 127.64 38.42
C SER Y 590 -108.17 127.80 39.45
N PHE Y 591 -108.13 126.88 40.43
CA PHE Y 591 -107.18 126.99 41.52
C PHE Y 591 -105.74 126.85 41.02
N TYR Y 592 -105.47 125.81 40.23
CA TYR Y 592 -104.10 125.60 39.75
C TYR Y 592 -103.66 126.71 38.80
N ASP Y 593 -104.56 127.17 37.93
CA ASP Y 593 -104.22 128.25 37.02
C ASP Y 593 -103.94 129.54 37.78
N GLN Y 594 -104.76 129.85 38.78
CA GLN Y 594 -104.53 131.05 39.58
C GLN Y 594 -103.23 130.95 40.36
N LYS Y 595 -102.92 129.76 40.90
CA LYS Y 595 -101.67 129.59 41.63
C LYS Y 595 -100.47 129.75 40.72
N GLU Y 596 -100.54 129.21 39.50
CA GLU Y 596 -99.43 129.36 38.56
C GLU Y 596 -99.26 130.81 38.14
N TYR Y 597 -100.37 131.51 37.88
CA TYR Y 597 -100.28 132.93 37.52
C TYR Y 597 -99.71 133.74 38.66
N MET Y 598 -100.09 133.43 39.90
CA MET Y 598 -99.57 134.16 41.05
C MET Y 598 -98.08 133.87 41.25
N GLY Y 599 -97.66 132.63 41.03
CA GLY Y 599 -96.24 132.33 41.10
C GLY Y 599 -95.44 133.05 40.03
N ARG Y 600 -95.98 133.12 38.82
CA ARG Y 600 -95.31 133.86 37.75
C ARG Y 600 -95.22 135.35 38.09
N CYS Y 601 -96.29 135.91 38.67
CA CYS Y 601 -96.26 137.31 39.06
C CYS Y 601 -95.25 137.56 40.17
N VAL Y 602 -95.15 136.63 41.13
CA VAL Y 602 -94.18 136.76 42.21
C VAL Y 602 -92.76 136.71 41.66
N HIS Y 603 -92.52 135.78 40.72
CA HIS Y 603 -91.19 135.71 40.11
C HIS Y 603 -90.88 136.98 39.32
N TYR Y 604 -91.87 137.54 38.64
CA TYR Y 604 -91.65 138.78 37.89
C TYR Y 604 -91.36 139.94 38.84
N TRP Y 605 -92.06 140.02 39.97
CA TRP Y 605 -91.76 141.06 40.95
C TRP Y 605 -90.36 140.89 41.53
N LYS Y 606 -89.97 139.65 41.80
CA LYS Y 606 -88.64 139.39 42.35
C LYS Y 606 -87.55 139.76 41.34
N LYS Y 607 -87.79 139.51 40.05
CA LYS Y 607 -86.83 139.89 39.03
C LYS Y 607 -86.85 141.38 38.73
N LEU Y 608 -87.96 142.07 39.02
CA LEU Y 608 -88.03 143.51 38.80
C LEU Y 608 -87.44 144.29 39.97
N LEU Y 609 -87.43 143.71 41.16
CA LEU Y 609 -86.87 144.37 42.34
C LEU Y 609 -85.45 144.91 42.11
N PRO Y 610 -84.51 144.17 41.52
CA PRO Y 610 -83.21 144.78 41.23
C PRO Y 610 -83.29 145.93 40.23
N LEU Y 611 -84.18 145.84 39.26
CA LEU Y 611 -84.37 146.96 38.33
C LEU Y 611 -84.90 148.19 39.06
N LEU Y 612 -85.82 147.98 40.01
CA LEU Y 612 -86.31 149.12 40.79
C LEU Y 612 -85.22 149.70 41.67
N ASP Y 613 -84.37 148.85 42.25
CA ASP Y 613 -83.26 149.35 43.05
C ASP Y 613 -82.26 150.13 42.21
N LEU Y 614 -82.03 149.69 40.97
CA LEU Y 614 -81.13 150.42 40.08
C LEU Y 614 -81.74 151.73 39.63
N VAL Y 615 -83.06 151.76 39.42
CA VAL Y 615 -83.74 153.00 39.06
C VAL Y 615 -83.69 153.99 40.21
N LYS Y 616 -83.82 153.50 41.45
CA LYS Y 616 -83.77 154.37 42.62
C LYS Y 616 -82.43 155.07 42.78
N GLN Y 617 -81.37 154.53 42.18
CA GLN Y 617 -80.05 155.13 42.25
C GLN Y 617 -79.80 156.15 41.15
N LYS Y 618 -80.88 156.70 40.56
CA LYS Y 618 -80.78 157.70 39.50
C LYS Y 618 -79.97 157.18 38.31
N LYS Y 619 -80.25 155.94 37.90
CA LYS Y 619 -79.58 155.31 36.77
C LYS Y 619 -80.63 154.69 35.86
N SER Y 620 -80.53 154.98 34.57
CA SER Y 620 -81.48 154.45 33.61
C SER Y 620 -81.18 152.99 33.31
N ILE Y 621 -82.19 152.29 32.81
CA ILE Y 621 -82.05 150.88 32.48
C ILE Y 621 -81.26 150.75 31.18
N PRO Y 622 -80.19 149.96 31.13
CA PRO Y 622 -79.42 149.81 29.90
C PRO Y 622 -80.20 149.03 28.85
N GLU Y 623 -79.65 149.04 27.63
CA GLU Y 623 -80.30 148.33 26.53
C GLU Y 623 -80.14 146.83 26.71
N PRO Y 624 -81.19 146.05 26.47
CA PRO Y 624 -81.10 144.60 26.64
C PRO Y 624 -80.25 143.97 25.55
N VAL Y 625 -79.58 142.88 25.91
CA VAL Y 625 -78.77 142.15 24.94
C VAL Y 625 -79.68 141.42 23.95
N ASP Y 626 -79.27 141.41 22.68
CA ASP Y 626 -80.00 140.83 21.55
C ASP Y 626 -81.30 141.59 21.31
N PRO Y 627 -81.48 142.17 20.13
CA PRO Y 627 -82.70 142.94 19.86
C PRO Y 627 -83.96 142.10 19.92
N LEU Y 628 -84.77 142.30 20.96
CA LEU Y 628 -86.02 141.57 21.10
C LEU Y 628 -87.19 142.43 21.55
N PHE Y 629 -86.96 143.62 22.09
CA PHE Y 629 -88.02 144.51 22.54
C PHE Y 629 -87.87 145.87 21.88
N LYS Y 630 -89.01 146.44 21.46
CA LYS Y 630 -88.98 147.75 20.82
C LYS Y 630 -88.78 148.88 21.82
N HIS Y 631 -89.02 148.63 23.10
CA HIS Y 631 -88.83 149.65 24.13
C HIS Y 631 -87.39 149.63 24.62
N PHE Y 632 -86.79 150.81 24.74
CA PHE Y 632 -85.42 150.93 25.20
C PHE Y 632 -85.34 151.75 26.48
N HIS Y 633 -84.24 152.49 26.66
CA HIS Y 633 -84.07 153.30 27.87
C HIS Y 633 -84.99 154.51 27.89
N ASN Y 634 -85.56 154.89 26.74
CA ASN Y 634 -86.46 156.04 26.70
C ASN Y 634 -87.80 155.75 27.35
N LYS Y 635 -88.19 154.47 27.46
CA LYS Y 635 -89.45 154.08 28.06
C LYS Y 635 -89.30 153.64 29.52
N ASP Y 636 -88.31 154.19 30.23
CA ASP Y 636 -88.08 153.83 31.62
C ASP Y 636 -89.13 154.48 32.51
N ILE Y 637 -89.31 153.89 33.70
CA ILE Y 637 -90.27 154.39 34.67
C ILE Y 637 -89.61 155.47 35.52
N LYS Y 638 -90.42 156.22 36.25
CA LYS Y 638 -89.93 157.30 37.11
C LYS Y 638 -89.97 156.85 38.57
N VAL Y 639 -89.65 157.79 39.46
CA VAL Y 639 -89.65 157.49 40.89
C VAL Y 639 -91.02 157.67 41.53
N SER Y 640 -91.99 158.23 40.80
CA SER Y 640 -93.32 158.41 41.36
C SER Y 640 -94.14 157.13 41.33
N GLU Y 641 -93.87 156.23 40.38
CA GLU Y 641 -94.59 154.97 40.27
C GLU Y 641 -94.06 153.90 41.22
N VAL Y 642 -93.05 154.21 42.03
CA VAL Y 642 -92.52 153.24 42.97
C VAL Y 642 -93.58 152.85 44.00
N LYS Y 643 -94.29 153.84 44.53
CA LYS Y 643 -95.35 153.55 45.50
C LYS Y 643 -96.48 152.76 44.87
N ASP Y 644 -96.82 153.06 43.61
CA ASP Y 644 -97.86 152.31 42.93
C ASP Y 644 -97.44 150.86 42.71
N LEU Y 645 -96.19 150.63 42.32
CA LEU Y 645 -95.71 149.27 42.14
C LEU Y 645 -95.66 148.53 43.47
N GLU Y 646 -95.30 149.22 44.55
CA GLU Y 646 -95.29 148.59 45.87
C GLU Y 646 -96.70 148.21 46.31
N ASP Y 647 -97.68 149.09 46.06
CA ASP Y 647 -99.07 148.76 46.40
C ASP Y 647 -99.57 147.60 45.54
N GLU Y 648 -99.18 147.55 44.28
CA GLU Y 648 -99.56 146.43 43.42
C GLU Y 648 -98.97 145.12 43.93
N ALA Y 649 -97.70 145.15 44.32
CA ALA Y 649 -97.07 143.94 44.87
C ALA Y 649 -97.74 143.53 46.18
N CYS Y 650 -98.14 144.50 47.00
CA CYS Y 650 -98.81 144.19 48.25
C CYS Y 650 -100.17 143.54 48.01
N ILE Y 651 -100.94 144.09 47.07
CA ILE Y 651 -102.24 143.50 46.77
C ILE Y 651 -102.07 142.14 46.10
N ALA Y 652 -100.98 141.94 45.36
CA ALA Y 652 -100.71 140.64 44.76
C ALA Y 652 -100.38 139.61 45.83
N PHE Y 653 -99.56 139.98 46.81
CA PHE Y 653 -99.29 139.07 47.92
C PHE Y 653 -100.54 138.79 48.74
N ALA Y 654 -101.42 139.79 48.88
CA ALA Y 654 -102.68 139.57 49.58
C ALA Y 654 -103.56 138.57 48.84
N THR Y 655 -103.66 138.72 47.51
CA THR Y 655 -104.41 137.76 46.72
C THR Y 655 -103.78 136.37 46.79
N LEU Y 656 -102.46 136.31 46.85
CA LEU Y 656 -101.77 135.03 47.00
C LEU Y 656 -102.15 134.36 48.30
N ASP Y 657 -102.11 135.12 49.41
CA ASP Y 657 -102.49 134.56 50.70
C ASP Y 657 -103.96 134.13 50.71
N LEU Y 658 -104.82 134.91 50.04
CA LEU Y 658 -106.24 134.56 49.99
C LEU Y 658 -106.45 133.26 49.22
N VAL Y 659 -105.81 133.12 48.06
CA VAL Y 659 -105.97 131.89 47.28
C VAL Y 659 -105.25 130.72 47.93
N ASP Y 660 -104.29 130.97 48.82
CA ASP Y 660 -103.62 129.88 49.52
C ASP Y 660 -104.46 129.36 50.68
N GLY Y 661 -104.86 130.25 51.59
CA GLY Y 661 -105.68 129.83 52.71
C GLY Y 661 -105.55 130.72 53.93
N LYS Y 662 -104.52 131.55 53.97
CA LYS Y 662 -104.30 132.47 55.09
C LYS Y 662 -105.41 133.51 55.08
N THR Y 663 -106.55 133.13 55.67
CA THR Y 663 -107.74 133.99 55.64
C THR Y 663 -107.52 135.27 56.43
N GLU Y 664 -107.04 135.14 57.67
CA GLU Y 664 -106.84 136.33 58.50
C GLU Y 664 -105.75 137.22 57.93
N ASP Y 665 -104.68 136.62 57.40
CA ASP Y 665 -103.61 137.41 56.79
C ASP Y 665 -104.11 138.17 55.57
N ALA Y 666 -104.89 137.49 54.70
CA ALA Y 666 -105.45 138.18 53.55
C ALA Y 666 -106.40 139.28 53.96
N ILE Y 667 -107.18 139.05 55.02
CA ILE Y 667 -108.13 140.06 55.49
C ILE Y 667 -107.40 141.29 56.00
N ILE Y 668 -106.37 141.09 56.83
CA ILE Y 668 -105.66 142.24 57.37
C ILE Y 668 -104.86 142.95 56.27
N ALA Y 669 -104.38 142.21 55.27
CA ALA Y 669 -103.68 142.85 54.17
C ALA Y 669 -104.63 143.69 53.32
N PHE Y 670 -105.83 143.16 53.01
CA PHE Y 670 -106.80 143.93 52.27
C PHE Y 670 -107.32 145.12 53.07
N GLU Y 671 -107.32 145.02 54.40
CA GLU Y 671 -107.72 146.15 55.23
C GLU Y 671 -106.64 147.23 55.25
N SER Y 672 -105.37 146.82 55.30
CA SER Y 672 -104.28 147.78 55.27
C SER Y 672 -104.16 148.46 53.91
N VAL Y 673 -104.44 147.73 52.83
CA VAL Y 673 -104.40 148.31 51.49
C VAL Y 673 -105.69 149.09 51.26
N LYS Y 674 -105.54 150.36 50.88
CA LYS Y 674 -106.70 151.24 50.71
C LYS Y 674 -107.22 151.17 49.28
N ASN Y 675 -107.36 149.97 48.74
CA ASN Y 675 -107.81 149.79 47.37
C ASN Y 675 -109.28 149.36 47.33
N VAL Y 676 -110.00 149.89 46.34
CA VAL Y 676 -111.38 149.45 46.12
C VAL Y 676 -111.41 147.99 45.73
N VAL Y 677 -110.37 147.50 45.06
CA VAL Y 677 -110.26 146.07 44.77
C VAL Y 677 -110.14 145.28 46.06
N ALA Y 678 -109.37 145.79 47.02
CA ALA Y 678 -109.25 145.13 48.32
C ALA Y 678 -110.58 145.14 49.06
N TYR Y 679 -111.31 146.25 49.00
CA TYR Y 679 -112.62 146.31 49.64
C TYR Y 679 -113.59 145.31 49.01
N TRP Y 680 -113.58 145.20 47.69
CA TRP Y 680 -114.43 144.24 47.01
C TRP Y 680 -114.02 142.80 47.34
N ASN Y 681 -112.72 142.55 47.49
CA ASN Y 681 -112.28 141.22 47.88
C ASN Y 681 -112.75 140.88 49.29
N LEU Y 682 -112.69 141.84 50.21
CA LEU Y 682 -113.20 141.61 51.55
C LEU Y 682 -114.71 141.36 51.53
N ALA Y 683 -115.44 142.11 50.70
CA ALA Y 683 -116.87 141.90 50.59
C ALA Y 683 -117.18 140.52 50.03
N LEU Y 684 -116.41 140.07 49.04
CA LEU Y 684 -116.61 138.73 48.49
C LEU Y 684 -116.26 137.65 49.51
N ILE Y 685 -115.25 137.89 50.33
CA ILE Y 685 -114.90 136.94 51.38
C ILE Y 685 -116.04 136.82 52.39
N TYR Y 686 -116.59 137.96 52.80
CA TYR Y 686 -117.73 137.94 53.72
C TYR Y 686 -118.94 137.25 53.10
N GLN Y 687 -119.18 137.50 51.81
CA GLN Y 687 -120.32 136.88 51.14
C GLN Y 687 -120.16 135.38 51.04
N ARG Y 688 -118.97 134.90 50.68
CA ARG Y 688 -118.75 133.46 50.58
C ARG Y 688 -118.78 132.81 51.97
N LYS Y 689 -118.34 133.52 53.01
CA LYS Y 689 -118.45 132.98 54.36
C LYS Y 689 -119.92 132.84 54.77
N ALA Y 690 -120.72 133.87 54.49
CA ALA Y 690 -122.16 133.78 54.78
C ALA Y 690 -122.81 132.66 53.99
N GLU Y 691 -122.39 132.46 52.74
CA GLU Y 691 -122.96 131.40 51.91
C GLU Y 691 -122.60 130.02 52.44
N GLU Y 692 -121.33 129.82 52.81
CA GLU Y 692 -120.91 128.53 53.36
C GLU Y 692 -121.50 128.28 54.75
N ILE Y 693 -121.89 129.34 55.46
CA ILE Y 693 -122.57 129.15 56.74
C ILE Y 693 -124.03 128.78 56.50
N GLU Y 694 -124.70 129.45 55.56
CA GLU Y 694 -126.10 129.15 55.27
C GLU Y 694 -126.28 127.81 54.59
N ASN Y 695 -125.24 127.30 53.90
CA ASN Y 695 -125.37 126.03 53.21
C ASN Y 695 -125.69 124.88 54.17
N ASP Y 696 -125.22 124.96 55.41
CA ASP Y 696 -125.49 123.94 56.41
C ASP Y 696 -126.78 124.28 57.18
N CYS Y 697 -127.16 123.38 58.06
CA CYS Y 697 -128.36 123.58 58.87
C CYS Y 697 -128.12 124.68 59.90
N LEU Y 698 -129.16 125.46 60.19
CA LEU Y 698 -129.08 126.58 61.10
C LEU Y 698 -129.99 126.34 62.30
N PRO Y 699 -129.49 125.72 63.37
CA PRO Y 699 -130.34 125.49 64.56
C PRO Y 699 -130.59 126.77 65.35
N ALA Y 700 -129.52 127.35 65.91
CA ALA Y 700 -129.64 128.57 66.71
C ALA Y 700 -128.34 129.36 66.67
N GLU Y 701 -127.24 128.73 67.13
CA GLU Y 701 -125.94 129.40 67.10
C GLU Y 701 -125.49 129.67 65.68
N GLU Y 702 -125.68 128.70 64.78
CA GLU Y 702 -125.35 128.92 63.38
C GLU Y 702 -126.25 129.98 62.76
N GLN Y 703 -127.53 130.04 63.18
CA GLN Y 703 -128.41 131.09 62.68
C GLN Y 703 -127.94 132.47 63.13
N GLU Y 704 -127.51 132.59 64.39
CA GLU Y 704 -127.00 133.87 64.87
C GLU Y 704 -125.70 134.26 64.15
N GLU Y 705 -124.83 133.27 63.90
CA GLU Y 705 -123.61 133.54 63.15
C GLU Y 705 -123.92 134.00 61.73
N PHE Y 706 -124.90 133.36 61.09
CA PHE Y 706 -125.31 133.78 59.75
C PHE Y 706 -125.90 135.18 59.77
N GLN Y 707 -126.67 135.51 60.80
CA GLN Y 707 -127.23 136.86 60.91
C GLN Y 707 -126.13 137.90 61.09
N GLU Y 708 -125.12 137.59 61.91
CA GLU Y 708 -124.01 138.51 62.07
C GLU Y 708 -123.23 138.69 60.78
N CYS Y 709 -123.00 137.58 60.05
CA CYS Y 709 -122.30 137.67 58.77
C CYS Y 709 -123.13 138.47 57.77
N LEU Y 710 -124.45 138.31 57.79
CA LEU Y 710 -125.31 139.08 56.90
C LEU Y 710 -125.27 140.56 57.23
N LEU Y 711 -125.25 140.90 58.52
CA LEU Y 711 -125.14 142.31 58.91
C LEU Y 711 -123.80 142.90 58.46
N LYS Y 712 -122.71 142.14 58.64
CA LYS Y 712 -121.40 142.62 58.20
C LYS Y 712 -121.37 142.81 56.69
N CYS Y 713 -121.92 141.86 55.94
CA CYS Y 713 -121.95 141.97 54.48
C CYS Y 713 -122.84 143.14 54.04
N LYS Y 714 -123.93 143.38 54.75
CA LYS Y 714 -124.79 144.52 54.43
C LYS Y 714 -124.07 145.84 54.67
N GLY Y 715 -123.33 145.94 55.78
CA GLY Y 715 -122.56 147.14 56.01
C GLY Y 715 -121.48 147.36 54.97
N PHE Y 716 -120.79 146.27 54.59
CA PHE Y 716 -119.75 146.38 53.57
C PHE Y 716 -120.34 146.79 52.22
N LEU Y 717 -121.49 146.21 51.86
CA LEU Y 717 -122.13 146.58 50.61
C LEU Y 717 -122.66 148.02 50.64
N LYS Y 718 -123.12 148.49 51.80
CA LYS Y 718 -123.52 149.88 51.92
C LYS Y 718 -122.34 150.81 51.73
N MET Y 719 -121.19 150.48 52.34
CA MET Y 719 -120.00 151.31 52.13
C MET Y 719 -119.52 151.25 50.68
N ILE Y 720 -119.67 150.10 50.03
CA ILE Y 720 -119.28 149.99 48.62
C ILE Y 720 -120.20 150.83 47.74
N CYS Y 721 -121.51 150.81 48.02
CA CYS Y 721 -122.44 151.64 47.27
C CYS Y 721 -122.17 153.12 47.51
N ASP Y 722 -121.80 153.49 48.73
CA ASP Y 722 -121.44 154.88 49.02
C ASP Y 722 -120.20 155.29 48.24
N GLU Y 723 -119.19 154.43 48.20
CA GLU Y 723 -117.98 154.74 47.43
C GLU Y 723 -118.30 154.84 45.94
N TYR Y 724 -119.20 153.99 45.45
CA TYR Y 724 -119.57 154.03 44.03
C TYR Y 724 -120.34 155.31 43.70
N SER Y 725 -121.21 155.75 44.61
CA SER Y 725 -121.92 157.00 44.41
C SER Y 725 -120.98 158.19 44.49
N ALA Y 726 -119.93 158.09 45.32
CA ALA Y 726 -118.93 159.15 45.38
C ALA Y 726 -118.13 159.22 44.08
N TYR Y 727 -117.66 158.08 43.59
CA TYR Y 727 -116.95 158.02 42.33
C TYR Y 727 -117.45 156.84 41.50
N PRO Y 728 -117.95 157.08 40.27
CA PRO Y 728 -118.49 155.97 39.47
C PRO Y 728 -117.41 155.16 38.78
N SER Y 729 -116.24 155.04 39.39
CA SER Y 729 -115.14 154.26 38.83
C SER Y 729 -115.15 152.81 39.29
N ILE Y 730 -116.13 152.41 40.11
CA ILE Y 730 -116.16 151.05 40.62
C ILE Y 730 -116.43 150.06 39.49
N ALA Y 731 -117.37 150.38 38.61
CA ALA Y 731 -117.69 149.49 37.50
C ALA Y 731 -116.56 149.40 36.50
N THR Y 732 -115.73 150.44 36.41
CA THR Y 732 -114.58 150.39 35.51
C THR Y 732 -113.39 149.69 36.13
N SER Y 733 -113.24 149.76 37.45
CA SER Y 733 -112.14 149.08 38.13
C SER Y 733 -112.41 147.60 38.37
N LEU Y 734 -113.68 147.21 38.52
CA LEU Y 734 -113.98 145.80 38.75
C LEU Y 734 -114.66 145.19 37.52
N PRO Y 735 -114.37 143.93 37.21
CA PRO Y 735 -115.01 143.30 36.04
C PRO Y 735 -116.49 143.01 36.23
N VAL Y 736 -117.01 143.14 37.44
CA VAL Y 736 -118.42 142.89 37.73
C VAL Y 736 -119.17 144.22 37.71
N PRO Y 737 -120.31 144.33 37.03
CA PRO Y 737 -121.05 145.60 37.02
C PRO Y 737 -121.80 145.85 38.32
N VAL Y 738 -122.44 147.01 38.42
CA VAL Y 738 -123.19 147.35 39.63
C VAL Y 738 -124.51 146.60 39.74
N GLU Y 739 -124.97 145.97 38.66
CA GLU Y 739 -126.22 145.23 38.71
C GLU Y 739 -126.13 144.05 39.69
N THR Y 740 -125.04 143.27 39.59
CA THR Y 740 -124.84 142.16 40.52
C THR Y 740 -124.64 142.66 41.94
N VAL Y 741 -123.99 143.80 42.13
CA VAL Y 741 -123.82 144.37 43.46
C VAL Y 741 -125.17 144.71 44.07
N PHE Y 742 -126.03 145.38 43.29
CA PHE Y 742 -127.36 145.72 43.78
C PHE Y 742 -128.19 144.47 44.05
N GLU Y 743 -128.04 143.45 43.21
CA GLU Y 743 -128.78 142.20 43.40
C GLU Y 743 -128.36 141.52 44.69
N MET Y 744 -127.05 141.42 44.94
CA MET Y 744 -126.59 140.78 46.17
C MET Y 744 -126.93 141.62 47.40
N LEU Y 745 -126.95 142.95 47.26
CA LEU Y 745 -127.37 143.79 48.37
C LEU Y 745 -128.84 143.57 48.70
N ASP Y 746 -129.70 143.51 47.69
CA ASP Y 746 -131.11 143.22 47.92
C ASP Y 746 -131.30 141.84 48.52
N SER Y 747 -130.51 140.87 48.07
CA SER Y 747 -130.61 139.52 48.62
C SER Y 747 -130.20 139.49 50.10
N VAL Y 748 -129.13 140.19 50.44
CA VAL Y 748 -128.69 140.25 51.84
C VAL Y 748 -129.75 140.96 52.69
N LYS Y 749 -130.35 142.03 52.15
CA LYS Y 749 -131.39 142.73 52.90
C LYS Y 749 -132.61 141.84 53.12
N GLN Y 750 -133.01 141.08 52.10
CA GLN Y 750 -134.16 140.19 52.24
C GLN Y 750 -133.86 139.06 53.21
N SER Y 751 -132.62 138.56 53.21
CA SER Y 751 -132.26 137.51 54.15
C SER Y 751 -132.19 138.03 55.58
N LEU Y 752 -131.79 139.29 55.75
CA LEU Y 752 -131.76 139.88 57.09
C LEU Y 752 -133.16 140.16 57.60
N GLY Y 753 -134.04 140.70 56.75
CA GLY Y 753 -135.40 140.98 57.15
C GLY Y 753 -135.92 142.29 56.60
N GLU Y 754 -137.19 142.58 56.86
CA GLU Y 754 -137.83 143.81 56.40
C GLU Y 754 -137.72 144.94 57.42
N ALA Y 755 -136.61 145.02 58.14
CA ALA Y 755 -136.41 146.07 59.13
C ALA Y 755 -135.48 147.18 58.66
N MET Y 756 -134.88 147.04 57.47
CA MET Y 756 -133.99 148.05 56.94
C MET Y 756 -134.23 148.19 55.44
N ASP Y 757 -133.77 149.31 54.89
CA ASP Y 757 -133.91 149.62 53.48
C ASP Y 757 -132.53 149.60 52.80
N ASP Y 758 -132.42 150.25 51.66
CA ASP Y 758 -131.16 150.32 50.93
C ASP Y 758 -130.19 151.27 51.61
N HIS Y 759 -128.89 151.02 51.40
CA HIS Y 759 -127.82 151.83 51.98
C HIS Y 759 -127.93 151.89 53.50
N SER Y 760 -128.18 150.72 54.12
CA SER Y 760 -128.31 150.63 55.56
C SER Y 760 -127.18 149.78 56.15
N PRO Y 761 -126.61 150.20 57.29
CA PRO Y 761 -125.52 149.47 57.94
C PRO Y 761 -125.95 148.06 58.40
N MET Z 1 -30.52 160.11 47.39
CA MET Z 1 -29.14 160.40 47.04
C MET Z 1 -28.19 160.00 48.17
N ARG Z 2 -28.66 160.16 49.40
CA ARG Z 2 -27.88 159.83 50.59
C ARG Z 2 -28.43 158.54 51.18
N ARG Z 3 -27.67 157.45 51.06
CA ARG Z 3 -28.09 156.16 51.58
C ARG Z 3 -26.92 155.44 52.26
N SER Z 4 -26.68 154.20 51.87
CA SER Z 4 -25.60 153.38 52.43
C SER Z 4 -24.45 153.27 51.44
N LYS Z 5 -23.26 153.02 51.99
CA LYS Z 5 -22.07 152.90 51.15
C LYS Z 5 -22.18 151.70 50.20
N ALA Z 6 -22.77 150.59 50.67
CA ALA Z 6 -22.94 149.43 49.81
C ALA Z 6 -23.88 149.74 48.65
N GLU Z 7 -24.99 150.41 48.92
CA GLU Z 7 -25.92 150.78 47.85
C GLU Z 7 -25.28 151.77 46.88
N ILE Z 8 -24.48 152.71 47.41
CA ILE Z 8 -23.80 153.67 46.53
C ILE Z 8 -22.82 152.94 45.61
N GLN Z 9 -22.04 152.01 46.17
CA GLN Z 9 -21.09 151.26 45.35
C GLN Z 9 -21.81 150.39 44.33
N ARG Z 10 -22.94 149.79 44.71
CA ARG Z 10 -23.69 148.99 43.76
C ARG Z 10 -24.24 149.83 42.62
N TYR Z 11 -24.78 151.01 42.93
CA TYR Z 11 -25.26 151.91 41.88
C TYR Z 11 -24.11 152.36 40.98
N VAL Z 12 -22.95 152.63 41.57
CA VAL Z 12 -21.80 153.07 40.79
C VAL Z 12 -21.33 151.98 39.84
N GLU Z 13 -21.23 150.74 40.34
CA GLU Z 13 -20.78 149.65 39.48
C GLU Z 13 -21.83 149.32 38.42
N ASN Z 14 -23.12 149.47 38.74
CA ASN Z 14 -24.16 149.25 37.74
C ASN Z 14 -24.08 150.30 36.63
N ALA Z 15 -23.88 151.57 37.00
CA ALA Z 15 -23.75 152.62 36.00
C ALA Z 15 -22.49 152.42 35.16
N GLN Z 16 -21.40 151.93 35.79
CA GLN Z 16 -20.17 151.69 35.05
C GLN Z 16 -20.34 150.53 34.07
N ASN Z 17 -21.06 149.47 34.48
CA ASN Z 17 -21.32 148.37 33.58
C ASN Z 17 -22.26 148.77 32.45
N SER Z 18 -23.21 149.67 32.73
CA SER Z 18 -24.10 150.14 31.68
C SER Z 18 -23.38 151.05 30.69
N ALA Z 19 -22.43 151.86 31.18
CA ALA Z 19 -21.66 152.72 30.28
C ALA Z 19 -20.71 151.88 29.45
N SER Z 20 -20.78 152.04 28.12
CA SER Z 20 -19.96 151.26 27.20
C SER Z 20 -18.90 152.10 26.50
N SER Z 21 -18.48 153.21 27.12
CA SER Z 21 -17.45 154.05 26.51
C SER Z 21 -16.78 154.88 27.59
N PRO Z 22 -15.46 155.08 27.52
CA PRO Z 22 -14.80 155.93 28.51
C PRO Z 22 -15.30 157.36 28.51
N ARG Z 23 -15.74 157.87 27.35
CA ARG Z 23 -16.30 159.22 27.31
C ARG Z 23 -17.57 159.32 28.14
N GLU Z 24 -18.49 158.37 27.98
CA GLU Z 24 -19.70 158.35 28.78
C GLU Z 24 -19.39 158.08 30.25
N LYS Z 25 -18.37 157.26 30.54
CA LYS Z 25 -17.97 157.04 31.92
C LYS Z 25 -17.50 158.33 32.57
N SER Z 26 -16.62 159.07 31.89
CA SER Z 26 -16.14 160.34 32.42
C SER Z 26 -17.26 161.38 32.49
N MET Z 27 -18.26 161.29 31.60
CA MET Z 27 -19.40 162.20 31.67
C MET Z 27 -20.23 161.93 32.92
N LYS Z 28 -20.55 160.66 33.17
CA LYS Z 28 -21.25 160.28 34.39
C LYS Z 28 -20.37 160.40 35.63
N GLY Z 29 -19.07 160.65 35.45
CA GLY Z 29 -18.19 160.87 36.59
C GLY Z 29 -18.65 161.96 37.53
N PHE Z 30 -19.46 162.90 37.05
CA PHE Z 30 -20.00 163.94 37.92
C PHE Z 30 -20.91 163.32 38.98
N LEU Z 31 -21.93 162.57 38.55
CA LEU Z 31 -22.79 161.88 39.51
C LEU Z 31 -22.02 160.82 40.29
N PHE Z 32 -20.99 160.24 39.66
CA PHE Z 32 -20.14 159.28 40.38
C PHE Z 32 -19.48 159.92 41.59
N ALA Z 33 -18.84 161.09 41.37
CA ALA Z 33 -18.20 161.80 42.47
C ALA Z 33 -19.23 162.33 43.47
N ARG Z 34 -20.43 162.69 43.00
CA ARG Z 34 -21.48 163.11 43.93
C ARG Z 34 -21.85 161.98 44.88
N LEU Z 35 -22.09 160.78 44.33
CA LEU Z 35 -22.42 159.63 45.17
C LEU Z 35 -21.24 159.25 46.06
N TYR Z 36 -20.02 159.40 45.55
CA TYR Z 36 -18.83 159.14 46.37
C TYR Z 36 -18.78 160.09 47.56
N TYR Z 37 -19.12 161.36 47.35
CA TYR Z 37 -19.12 162.32 48.44
C TYR Z 37 -20.23 162.02 49.43
N GLU Z 38 -21.40 161.60 48.94
CA GLU Z 38 -22.48 161.23 49.86
C GLU Z 38 -22.15 159.98 50.66
N ALA Z 39 -21.36 159.06 50.09
CA ALA Z 39 -20.97 157.83 50.77
C ALA Z 39 -19.61 157.94 51.46
N LYS Z 40 -19.01 159.13 51.45
CA LYS Z 40 -17.72 159.39 52.11
C LYS Z 40 -16.60 158.55 51.48
N GLU Z 41 -16.29 158.90 50.22
CA GLU Z 41 -15.18 158.30 49.46
C GLU Z 41 -14.47 159.46 48.74
N TYR Z 42 -13.62 160.16 49.50
CA TYR Z 42 -13.04 161.41 49.01
C TYR Z 42 -12.08 161.18 47.85
N GLU Z 43 -11.25 160.13 47.93
CA GLU Z 43 -10.29 159.88 46.86
C GLU Z 43 -10.99 159.50 45.56
N LEU Z 44 -12.01 158.65 45.64
CA LEU Z 44 -12.74 158.28 44.44
C LEU Z 44 -13.51 159.46 43.86
N ALA Z 45 -14.12 160.28 44.73
CA ALA Z 45 -14.78 161.49 44.24
C ALA Z 45 -13.79 162.43 43.56
N LYS Z 46 -12.59 162.55 44.13
CA LYS Z 46 -11.57 163.41 43.56
C LYS Z 46 -11.14 162.93 42.18
N ARG Z 47 -10.86 161.62 42.06
CA ARG Z 47 -10.43 161.11 40.77
C ARG Z 47 -11.55 161.19 39.73
N SER Z 48 -12.79 160.99 40.15
CA SER Z 48 -13.91 161.09 39.22
C SER Z 48 -14.09 162.51 38.72
N VAL Z 49 -14.07 163.49 39.63
CA VAL Z 49 -14.23 164.88 39.20
C VAL Z 49 -13.03 165.34 38.41
N SER Z 50 -11.84 164.80 38.69
CA SER Z 50 -10.65 165.15 37.91
C SER Z 50 -10.76 164.62 36.49
N SER Z 51 -11.22 163.38 36.32
CA SER Z 51 -11.45 162.85 34.98
C SER Z 51 -12.51 163.65 34.25
N TYR Z 52 -13.58 164.04 34.96
CA TYR Z 52 -14.64 164.82 34.33
C TYR Z 52 -14.12 166.18 33.86
N ILE Z 53 -13.29 166.83 34.69
CA ILE Z 53 -12.72 168.12 34.31
C ILE Z 53 -11.75 167.95 33.14
N SER Z 54 -10.98 166.87 33.14
CA SER Z 54 -10.02 166.64 32.06
C SER Z 54 -10.73 166.39 30.72
N VAL Z 55 -11.86 165.67 30.76
CA VAL Z 55 -12.58 165.42 29.52
C VAL Z 55 -13.50 166.58 29.14
N GLN Z 56 -13.80 167.47 30.07
CA GLN Z 56 -14.65 168.62 29.77
C GLN Z 56 -14.33 169.73 30.76
N GLU Z 57 -13.80 170.84 30.26
CA GLU Z 57 -13.43 171.97 31.12
C GLU Z 57 -14.56 173.01 31.19
N ARG Z 58 -15.77 172.54 31.45
CA ARG Z 58 -16.94 173.39 31.56
C ARG Z 58 -17.61 173.17 32.91
N ASP Z 59 -18.68 173.95 33.16
CA ASP Z 59 -19.50 173.89 34.37
C ASP Z 59 -18.68 174.24 35.61
N PRO Z 60 -18.84 175.44 36.16
CA PRO Z 60 -18.09 175.80 37.37
C PRO Z 60 -18.51 175.02 38.59
N LYS Z 61 -19.66 174.35 38.57
CA LYS Z 61 -20.06 173.53 39.71
C LYS Z 61 -19.11 172.37 39.91
N ALA Z 62 -18.63 171.77 38.81
CA ALA Z 62 -17.66 170.68 38.93
C ALA Z 62 -16.35 171.18 39.52
N HIS Z 63 -15.90 172.36 39.12
CA HIS Z 63 -14.67 172.91 39.69
C HIS Z 63 -14.85 173.23 41.17
N ARG Z 64 -16.02 173.75 41.55
CA ARG Z 64 -16.28 174.02 42.96
C ARG Z 64 -16.31 172.74 43.77
N PHE Z 65 -16.91 171.68 43.23
CA PHE Z 65 -16.94 170.39 43.93
C PHE Z 65 -15.53 169.82 44.06
N LEU Z 66 -14.72 169.94 43.00
CA LEU Z 66 -13.33 169.47 43.08
C LEU Z 66 -12.55 170.24 44.13
N GLY Z 67 -12.75 171.56 44.20
CA GLY Z 67 -12.07 172.35 45.21
C GLY Z 67 -12.52 171.99 46.61
N GLN Z 68 -13.81 171.72 46.80
CA GLN Z 68 -14.30 171.30 48.11
C GLN Z 68 -13.73 169.95 48.51
N LEU Z 69 -13.65 169.02 47.56
CA LEU Z 69 -13.06 167.71 47.85
C LEU Z 69 -11.58 167.84 48.18
N PHE Z 70 -10.87 168.72 47.47
CA PHE Z 70 -9.45 168.93 47.78
C PHE Z 70 -9.27 169.57 49.14
N GLU Z 71 -10.17 170.48 49.52
CA GLU Z 71 -10.11 171.08 50.85
C GLU Z 71 -10.38 170.03 51.93
N ILE Z 72 -11.32 169.12 51.68
CA ILE Z 72 -11.60 168.06 52.63
C ILE Z 72 -10.41 167.12 52.76
N GLU Z 73 -9.78 166.77 51.64
CA GLU Z 73 -8.63 165.88 51.64
C GLU Z 73 -7.38 166.58 52.15
N GLY Z 74 -6.69 167.31 51.28
CA GLY Z 74 -5.47 167.99 51.66
C GLY Z 74 -4.59 168.35 50.49
N ASN Z 75 -5.18 168.91 49.43
CA ASN Z 75 -4.45 169.35 48.25
C ASN Z 75 -4.77 170.82 48.02
N VAL Z 76 -4.24 171.68 48.90
CA VAL Z 76 -4.56 173.10 48.85
C VAL Z 76 -3.96 173.74 47.59
N GLU Z 77 -2.72 173.37 47.24
CA GLU Z 77 -2.09 173.95 46.07
C GLU Z 77 -2.80 173.52 44.80
N LYS Z 78 -3.17 172.24 44.70
CA LYS Z 78 -3.89 171.76 43.53
C LYS Z 78 -5.26 172.43 43.43
N ALA Z 79 -5.94 172.60 44.55
CA ALA Z 79 -7.23 173.28 44.54
C ALA Z 79 -7.09 174.73 44.09
N VAL Z 80 -6.06 175.42 44.57
CA VAL Z 80 -5.82 176.80 44.18
C VAL Z 80 -5.54 176.89 42.69
N GLY Z 81 -4.71 175.98 42.17
CA GLY Z 81 -4.43 175.98 40.74
C GLY Z 81 -5.66 175.70 39.90
N CYS Z 82 -6.49 174.75 40.33
CA CYS Z 82 -7.71 174.44 39.60
C CYS Z 82 -8.68 175.62 39.63
N TYR Z 83 -8.81 176.28 40.78
CA TYR Z 83 -9.68 177.45 40.86
C TYR Z 83 -9.15 178.58 39.97
N LYS Z 84 -7.83 178.76 39.94
CA LYS Z 84 -7.26 179.81 39.11
C LYS Z 84 -7.49 179.55 37.63
N ARG Z 85 -7.27 178.30 37.18
CA ARG Z 85 -7.50 177.99 35.77
C ARG Z 85 -8.99 178.05 35.42
N SER Z 86 -9.87 177.69 36.36
CA SER Z 86 -11.30 177.81 36.11
C SER Z 86 -11.71 179.28 35.99
N LEU Z 87 -11.14 180.14 36.83
CA LEU Z 87 -11.44 181.57 36.73
C LEU Z 87 -10.90 182.15 35.43
N GLU Z 88 -9.73 181.69 35.00
CA GLU Z 88 -9.17 182.15 33.73
C GLU Z 88 -10.01 181.66 32.55
N LEU Z 89 -10.59 180.47 32.65
CA LEU Z 89 -11.43 179.97 31.58
C LEU Z 89 -12.76 180.71 31.53
N ASN Z 90 -13.41 180.88 32.67
CA ASN Z 90 -14.70 181.57 32.75
C ASN Z 90 -14.65 182.57 33.89
N PRO Z 91 -14.50 183.87 33.60
CA PRO Z 91 -14.42 184.86 34.68
C PRO Z 91 -15.79 185.40 35.08
N THR Z 92 -16.79 184.53 35.12
CA THR Z 92 -18.16 184.89 35.49
C THR Z 92 -18.60 184.17 36.76
N GLN Z 93 -17.70 184.11 37.74
CA GLN Z 93 -17.98 183.45 39.01
C GLN Z 93 -17.61 184.38 40.17
N LYS Z 94 -18.47 184.41 41.19
CA LYS Z 94 -18.25 185.24 42.36
C LYS Z 94 -17.86 184.45 43.60
N ASP Z 95 -18.38 183.22 43.75
CA ASP Z 95 -18.03 182.39 44.89
C ASP Z 95 -16.68 181.71 44.75
N LEU Z 96 -16.04 181.82 43.58
CA LEU Z 96 -14.74 181.19 43.39
C LEU Z 96 -13.68 181.87 44.26
N THR Z 97 -13.76 183.20 44.40
CA THR Z 97 -12.82 183.89 45.29
C THR Z 97 -13.02 183.48 46.73
N LEU Z 98 -14.28 183.31 47.15
CA LEU Z 98 -14.54 182.86 48.52
C LEU Z 98 -14.04 181.43 48.72
N ARG Z 99 -14.16 180.58 47.71
CA ARG Z 99 -13.64 179.22 47.82
C ARG Z 99 -12.12 179.23 47.91
N ILE Z 100 -11.46 180.09 47.13
CA ILE Z 100 -10.01 180.21 47.22
C ILE Z 100 -9.60 180.70 48.60
N ALA Z 101 -10.34 181.67 49.15
CA ALA Z 101 -10.04 182.16 50.49
C ALA Z 101 -10.23 181.07 51.54
N GLU Z 102 -11.27 180.26 51.40
CA GLU Z 102 -11.48 179.15 52.32
C GLU Z 102 -10.36 178.12 52.22
N LEU Z 103 -9.92 177.82 51.00
CA LEU Z 103 -8.79 176.90 50.83
C LEU Z 103 -7.53 177.44 51.48
N ILE Z 104 -7.27 178.73 51.31
CA ILE Z 104 -6.06 179.32 51.89
C ILE Z 104 -6.16 179.36 53.42
N CYS Z 105 -7.36 179.61 53.95
CA CYS Z 105 -7.55 179.59 55.39
C CYS Z 105 -7.36 178.19 55.96
N THR Z 106 -7.82 177.17 55.23
CA THR Z 106 -7.57 175.79 55.65
C THR Z 106 -6.09 175.47 55.60
N LEU Z 107 -5.38 175.97 54.58
CA LEU Z 107 -3.93 175.84 54.52
C LEU Z 107 -3.24 176.59 55.65
N ASN Z 108 -3.90 177.61 56.21
CA ASN Z 108 -3.36 178.42 57.30
C ASN Z 108 -2.13 179.23 56.88
N ILE Z 109 -2.08 179.62 55.61
CA ILE Z 109 -1.03 180.47 55.08
C ILE Z 109 -1.73 181.59 54.30
N LYS Z 110 -2.03 182.69 54.98
CA LYS Z 110 -2.77 183.78 54.35
C LYS Z 110 -1.92 184.47 53.28
N ASP Z 111 -2.59 184.96 52.24
CA ASP Z 111 -1.92 185.56 51.10
C ASP Z 111 -2.56 186.90 50.76
N GLY Z 112 -1.72 187.82 50.25
CA GLY Z 112 -2.23 189.11 49.82
C GLY Z 112 -3.19 189.02 48.66
N ARG Z 113 -2.99 188.03 47.78
CA ARG Z 113 -3.94 187.82 46.69
C ARG Z 113 -5.31 187.42 47.23
N ALA Z 114 -5.33 186.54 48.22
CA ALA Z 114 -6.61 186.17 48.84
C ALA Z 114 -7.23 187.35 49.56
N GLU Z 115 -6.41 188.16 50.23
CA GLU Z 115 -6.93 189.36 50.88
C GLU Z 115 -7.58 190.30 49.87
N TYR Z 116 -6.93 190.50 48.72
CA TYR Z 116 -7.49 191.37 47.69
C TYR Z 116 -8.76 190.77 47.10
N TRP Z 117 -8.80 189.45 46.92
CA TRP Z 117 -10.01 188.80 46.41
C TRP Z 117 -11.17 188.99 47.37
N VAL Z 118 -10.92 188.81 48.68
CA VAL Z 118 -11.99 188.99 49.65
C VAL Z 118 -12.40 190.46 49.74
N GLU Z 119 -11.45 191.38 49.57
CA GLU Z 119 -11.80 192.80 49.55
C GLU Z 119 -12.69 193.13 48.37
N ARG Z 120 -12.38 192.56 47.19
CA ARG Z 120 -13.23 192.77 46.02
C ARG Z 120 -14.62 192.16 46.24
N ALA Z 121 -14.68 190.98 46.85
CA ALA Z 121 -15.97 190.34 47.12
C ALA Z 121 -16.79 191.16 48.10
N SER Z 122 -16.13 191.78 49.10
CA SER Z 122 -16.83 192.62 50.06
C SER Z 122 -17.27 193.94 49.45
N LYS Z 123 -16.50 194.46 48.48
CA LYS Z 123 -16.94 195.65 47.77
C LYS Z 123 -18.10 195.35 46.84
N LEU Z 124 -18.16 194.13 46.29
CA LEU Z 124 -19.27 193.75 45.42
C LEU Z 124 -20.53 193.47 46.24
N PHE Z 125 -20.51 192.39 47.03
CA PHE Z 125 -21.67 192.03 47.83
C PHE Z 125 -21.82 192.99 49.01
N PRO Z 126 -23.06 193.23 49.45
CA PRO Z 126 -23.27 194.14 50.59
C PRO Z 126 -22.79 193.58 51.92
N GLY Z 127 -22.52 192.28 52.01
CA GLY Z 127 -22.06 191.66 53.24
C GLY Z 127 -22.55 190.23 53.32
N SER Z 128 -21.74 189.39 53.96
CA SER Z 128 -22.07 187.97 54.09
C SER Z 128 -21.31 187.38 55.27
N PRO Z 129 -21.93 186.49 56.05
CA PRO Z 129 -21.18 185.84 57.14
C PRO Z 129 -20.00 185.03 56.66
N GLU Z 130 -20.09 184.44 55.47
CA GLU Z 130 -18.96 183.69 54.93
C GLU Z 130 -17.77 184.59 54.70
N ILE Z 131 -17.98 185.72 54.02
CA ILE Z 131 -16.88 186.65 53.78
C ILE Z 131 -16.41 187.29 55.08
N TYR Z 132 -17.31 187.44 56.06
CA TYR Z 132 -16.90 187.97 57.36
C TYR Z 132 -15.94 187.00 58.05
N ARG Z 133 -16.30 185.72 58.09
CA ARG Z 133 -15.41 184.72 58.70
C ARG Z 133 -14.11 184.61 57.92
N LEU Z 134 -14.16 184.73 56.59
CA LEU Z 134 -12.95 184.67 55.78
C LEU Z 134 -12.02 185.83 56.12
N LYS Z 135 -12.56 187.05 56.19
CA LYS Z 135 -11.74 188.20 56.54
C LYS Z 135 -11.19 188.07 57.96
N GLU Z 136 -11.99 187.54 58.89
CA GLU Z 136 -11.51 187.34 60.25
C GLU Z 136 -10.33 186.38 60.28
N GLN Z 137 -10.47 185.23 59.61
CA GLN Z 137 -9.38 184.25 59.59
C GLN Z 137 -8.16 184.79 58.86
N LEU Z 138 -8.36 185.65 57.86
CA LEU Z 138 -7.22 186.18 57.11
C LEU Z 138 -6.46 187.22 57.94
N LEU Z 139 -7.17 188.20 58.50
CA LEU Z 139 -6.54 189.29 59.23
C LEU Z 139 -6.37 188.99 60.72
N SER Z 140 -6.62 187.75 61.15
CA SER Z 140 -6.37 187.39 62.54
C SER Z 140 -4.89 187.24 62.86
N SER Z 141 -4.02 187.32 61.87
CA SER Z 141 -2.57 187.19 62.09
C SER Z 141 -1.82 188.22 61.25
N GLN Z 142 -2.29 189.46 61.26
CA GLN Z 142 -1.65 190.53 60.50
C GLN Z 142 -1.24 191.68 61.43
N GLY Z 143 -2.10 192.67 61.56
CA GLY Z 143 -1.81 193.81 62.41
C GLY Z 143 -2.92 194.85 62.31
N GLU Z 144 -2.52 196.12 62.46
CA GLU Z 144 -3.48 197.21 62.38
C GLU Z 144 -3.98 197.43 60.97
N ALA Z 145 -3.14 197.15 59.96
CA ALA Z 145 -3.57 197.29 58.58
C ALA Z 145 -4.73 196.36 58.27
N GLY Z 146 -4.72 195.15 58.85
CA GLY Z 146 -5.85 194.26 58.69
C GLY Z 146 -6.99 194.58 59.64
N TRP Z 147 -6.69 195.12 60.81
CA TRP Z 147 -7.74 195.49 61.75
C TRP Z 147 -8.61 196.61 61.19
N ASN Z 148 -8.01 197.56 60.47
CA ASN Z 148 -8.78 198.63 59.85
C ASN Z 148 -9.74 198.08 58.80
N GLN Z 149 -9.26 197.15 57.97
CA GLN Z 149 -10.12 196.54 56.96
C GLN Z 149 -11.22 195.72 57.60
N LEU Z 150 -10.91 195.02 58.69
CA LEU Z 150 -11.94 194.25 59.39
C LEU Z 150 -13.00 195.16 59.98
N PHE Z 151 -12.58 196.29 60.56
CA PHE Z 151 -13.55 197.24 61.10
C PHE Z 151 -14.40 197.84 60.01
N ASP Z 152 -13.80 198.15 58.85
CA ASP Z 152 -14.57 198.68 57.73
C ASP Z 152 -15.58 197.65 57.23
N LEU Z 153 -15.18 196.38 57.15
CA LEU Z 153 -16.12 195.34 56.73
C LEU Z 153 -17.25 195.17 57.73
N ILE Z 154 -16.94 195.24 59.03
CA ILE Z 154 -17.97 195.12 60.05
C ILE Z 154 -18.95 196.29 59.95
N GLN Z 155 -18.44 197.50 59.73
CA GLN Z 155 -19.31 198.66 59.58
C GLN Z 155 -20.19 198.53 58.34
N ALA Z 156 -19.62 198.04 57.23
CA ALA Z 156 -20.41 197.85 56.01
C ALA Z 156 -21.50 196.80 56.22
N GLU Z 157 -21.17 195.71 56.90
CA GLU Z 157 -22.16 194.66 57.15
C GLU Z 157 -23.25 195.15 58.10
N LEU Z 158 -22.89 195.98 59.08
CA LEU Z 158 -23.90 196.54 59.99
C LEU Z 158 -24.80 197.53 59.27
N PHE Z 159 -24.24 198.30 58.33
CA PHE Z 159 -25.06 199.22 57.55
C PHE Z 159 -25.97 198.46 56.58
N ALA Z 160 -25.50 197.32 56.06
CA ALA Z 160 -26.31 196.52 55.15
C ALA Z 160 -27.42 195.79 55.90
N ARG Z 161 -27.06 194.82 56.72
CA ARG Z 161 -28.04 194.05 57.48
C ARG Z 161 -27.92 194.40 58.96
N PRO Z 162 -28.88 195.13 59.53
CA PRO Z 162 -28.78 195.51 60.96
C PRO Z 162 -28.92 194.32 61.91
N ASN Z 163 -29.50 193.20 61.46
CA ASN Z 163 -29.70 192.04 62.31
C ASN Z 163 -28.42 191.20 62.33
N ASP Z 164 -27.41 191.72 63.04
CA ASP Z 164 -26.10 191.08 63.17
C ASP Z 164 -25.70 191.14 64.65
N VAL Z 165 -26.34 190.29 65.46
CA VAL Z 165 -26.09 190.31 66.90
C VAL Z 165 -24.67 189.87 67.21
N TYR Z 166 -24.23 188.77 66.61
CA TYR Z 166 -22.88 188.27 66.88
C TYR Z 166 -21.82 189.21 66.31
N VAL Z 167 -22.10 189.82 65.16
CA VAL Z 167 -21.16 190.78 64.59
C VAL Z 167 -21.03 192.01 65.49
N ASN Z 168 -22.16 192.49 66.02
CA ASN Z 168 -22.12 193.63 66.93
C ASN Z 168 -21.39 193.27 68.22
N LEU Z 169 -21.59 192.05 68.71
CA LEU Z 169 -20.90 191.62 69.92
C LEU Z 169 -19.39 191.54 69.69
N LYS Z 170 -18.98 190.99 68.54
CA LYS Z 170 -17.56 190.93 68.22
C LYS Z 170 -16.96 192.33 68.07
N LEU Z 171 -17.71 193.25 67.46
CA LEU Z 171 -17.23 194.61 67.32
C LEU Z 171 -17.08 195.29 68.68
N VAL Z 172 -18.03 195.09 69.58
CA VAL Z 172 -17.94 195.68 70.92
C VAL Z 172 -16.77 195.08 71.69
N ASP Z 173 -16.55 193.78 71.54
CA ASP Z 173 -15.42 193.14 72.20
C ASP Z 173 -14.09 193.68 71.67
N LEU Z 174 -14.00 193.86 70.34
CA LEU Z 174 -12.78 194.41 69.76
C LEU Z 174 -12.55 195.85 70.21
N PHE Z 175 -13.63 196.63 70.32
CA PHE Z 175 -13.50 198.00 70.81
C PHE Z 175 -13.04 198.04 72.25
N LEU Z 176 -13.60 197.16 73.10
CA LEU Z 176 -13.18 197.10 74.49
C LEU Z 176 -11.73 196.62 74.62
N SER Z 177 -11.28 195.76 73.71
CA SER Z 177 -9.91 195.30 73.76
C SER Z 177 -8.94 196.38 73.30
N ASN Z 178 -9.32 197.15 72.27
CA ASN Z 178 -8.48 198.21 71.73
C ASN Z 178 -8.67 199.54 72.46
N GLN Z 179 -9.52 199.58 73.50
CA GLN Z 179 -9.76 200.77 74.31
C GLN Z 179 -10.34 201.90 73.46
N ARG Z 180 -11.60 201.69 73.07
CA ARG Z 180 -12.37 202.65 72.28
C ARG Z 180 -13.82 202.54 72.72
N LEU Z 181 -14.22 203.41 73.66
CA LEU Z 181 -15.56 203.36 74.23
C LEU Z 181 -16.54 204.28 73.50
N GLU Z 182 -16.05 205.34 72.87
CA GLU Z 182 -16.94 206.27 72.19
C GLU Z 182 -17.65 205.60 71.01
N GLU Z 183 -16.92 204.82 70.22
CA GLU Z 183 -17.54 204.14 69.10
C GLU Z 183 -18.52 203.07 69.58
N ALA Z 184 -18.20 202.38 70.66
CA ALA Z 184 -19.12 201.38 71.21
C ALA Z 184 -20.40 202.03 71.70
N VAL Z 185 -20.28 203.19 72.36
CA VAL Z 185 -21.47 203.91 72.83
C VAL Z 185 -22.29 204.40 71.65
N LEU Z 186 -21.63 204.91 70.61
CA LEU Z 186 -22.36 205.37 69.43
C LEU Z 186 -23.07 204.23 68.73
N HIS Z 187 -22.46 203.03 68.73
CA HIS Z 187 -23.12 201.88 68.12
C HIS Z 187 -24.29 201.38 68.95
N CYS Z 188 -24.14 201.42 70.28
CA CYS Z 188 -25.22 200.97 71.16
C CYS Z 188 -26.37 201.97 71.23
N LEU Z 189 -26.11 203.24 70.91
CA LEU Z 189 -27.15 204.26 70.92
C LEU Z 189 -28.14 204.12 69.76
N LYS Z 190 -27.84 203.26 68.79
CA LYS Z 190 -28.72 203.11 67.63
C LYS Z 190 -30.10 202.61 68.06
N PRO Z 191 -31.16 202.99 67.33
CA PRO Z 191 -32.50 202.55 67.72
C PRO Z 191 -32.74 201.07 67.48
N GLU Z 192 -32.04 200.45 66.53
CA GLU Z 192 -32.24 199.04 66.24
C GLU Z 192 -31.66 198.13 67.31
N ARG Z 193 -30.89 198.67 68.26
CA ARG Z 193 -30.38 197.84 69.35
C ARG Z 193 -31.50 197.31 70.23
N ARG Z 194 -32.60 198.06 70.33
CA ARG Z 194 -33.74 197.58 71.11
C ARG Z 194 -34.30 196.29 70.53
N ALA Z 195 -34.40 196.20 69.21
CA ALA Z 195 -34.85 194.96 68.58
C ALA Z 195 -33.76 193.91 68.58
N LEU Z 196 -32.49 194.33 68.53
CA LEU Z 196 -31.38 193.38 68.57
C LEU Z 196 -31.23 192.72 69.94
N ARG Z 197 -31.73 193.35 71.00
CA ARG Z 197 -31.68 192.78 72.34
C ARG Z 197 -32.26 191.37 72.37
N THR Z 198 -31.43 190.36 72.12
CA THR Z 198 -31.89 188.98 72.12
C THR Z 198 -30.97 188.01 72.85
N ASP Z 199 -29.69 188.32 73.04
CA ASP Z 199 -28.75 187.43 73.72
C ASP Z 199 -28.43 188.00 75.09
N ILE Z 200 -28.45 187.13 76.11
CA ILE Z 200 -28.18 187.60 77.47
C ILE Z 200 -26.75 188.09 77.61
N GLU Z 201 -25.81 187.42 76.95
CA GLU Z 201 -24.41 187.86 77.04
C GLU Z 201 -24.21 189.20 76.33
N TRP Z 202 -24.87 189.39 75.18
CA TRP Z 202 -24.79 190.67 74.49
C TRP Z 202 -25.40 191.79 75.32
N CYS Z 203 -26.55 191.51 75.96
CA CYS Z 203 -27.18 192.52 76.81
C CYS Z 203 -26.32 192.85 78.02
N SER Z 204 -25.66 191.83 78.60
CA SER Z 204 -24.78 192.09 79.74
C SER Z 204 -23.56 192.90 79.32
N CYS Z 205 -23.01 192.62 78.13
CA CYS Z 205 -21.89 193.42 77.65
C CYS Z 205 -22.31 194.86 77.39
N VAL Z 206 -23.51 195.06 76.83
CA VAL Z 206 -24.01 196.41 76.62
C VAL Z 206 -24.21 197.11 77.96
N VAL Z 207 -24.70 196.39 78.97
CA VAL Z 207 -24.89 196.97 80.29
C VAL Z 207 -23.55 197.39 80.89
N ARG Z 208 -22.53 196.54 80.76
CA ARG Z 208 -21.21 196.87 81.28
C ARG Z 208 -20.62 198.07 80.56
N VAL Z 209 -20.79 198.13 79.24
CA VAL Z 209 -20.28 199.27 78.47
C VAL Z 209 -20.96 200.56 78.91
N PHE Z 210 -22.29 200.51 79.10
CA PHE Z 210 -23.02 201.70 79.52
C PHE Z 210 -22.62 202.13 80.92
N LYS Z 211 -22.40 201.17 81.82
CA LYS Z 211 -21.96 201.51 83.17
C LYS Z 211 -20.57 202.13 83.16
N GLU Z 212 -19.68 201.60 82.32
CA GLU Z 212 -18.34 202.19 82.20
C GLU Z 212 -18.41 203.60 81.65
N TYR Z 213 -19.26 203.82 80.64
CA TYR Z 213 -19.40 205.16 80.08
C TYR Z 213 -19.98 206.13 81.09
N LEU Z 214 -20.94 205.67 81.89
CA LEU Z 214 -21.51 206.53 82.93
C LEU Z 214 -20.49 206.86 84.00
N ALA Z 215 -19.69 205.87 84.43
CA ALA Z 215 -18.66 206.14 85.42
C ALA Z 215 -17.56 207.04 84.87
N SER Z 216 -17.34 207.02 83.55
CA SER Z 216 -16.31 207.87 82.96
C SER Z 216 -16.81 209.30 82.75
N LYS Z 217 -18.08 209.47 82.36
CA LYS Z 217 -18.63 210.78 82.06
C LYS Z 217 -19.63 211.26 83.12
N GLN Z 218 -19.49 210.76 84.36
CA GLN Z 218 -20.35 211.21 85.45
C GLN Z 218 -20.16 212.70 85.73
N GLY Z 219 -21.11 213.51 85.28
CA GLY Z 219 -21.04 214.94 85.49
C GLY Z 219 -21.82 215.74 84.47
N GLN Z 220 -22.38 215.06 83.48
CA GLN Z 220 -23.16 215.68 82.42
C GLN Z 220 -24.55 215.07 82.37
N LYS Z 221 -25.55 215.90 82.09
CA LYS Z 221 -26.94 215.48 82.00
C LYS Z 221 -27.55 216.11 80.75
N ASN Z 222 -27.63 215.32 79.67
CA ASN Z 222 -28.18 215.78 78.40
C ASN Z 222 -29.10 214.70 77.84
N THR Z 223 -29.69 214.98 76.67
CA THR Z 223 -30.57 214.02 76.03
C THR Z 223 -29.82 212.74 75.65
N ASN Z 224 -28.54 212.86 75.29
CA ASN Z 224 -27.74 211.66 75.03
C ASN Z 224 -27.61 210.82 76.29
N MET Z 225 -27.41 211.46 77.44
CA MET Z 225 -27.33 210.73 78.70
C MET Z 225 -28.67 210.07 79.04
N ARG Z 226 -29.77 210.77 78.78
CA ARG Z 226 -31.09 210.19 79.01
C ARG Z 226 -31.30 208.95 78.14
N MET Z 227 -30.92 209.04 76.86
CA MET Z 227 -31.08 207.90 75.96
C MET Z 227 -30.17 206.74 76.38
N ILE Z 228 -28.95 207.04 76.83
CA ILE Z 228 -28.04 206.00 77.28
C ILE Z 228 -28.59 205.31 78.51
N THR Z 229 -29.13 206.08 79.46
CA THR Z 229 -29.72 205.49 80.66
C THR Z 229 -30.93 204.64 80.30
N LYS Z 230 -31.77 205.12 79.37
CA LYS Z 230 -32.93 204.34 78.96
C LYS Z 230 -32.52 203.03 78.29
N GLU Z 231 -31.49 203.07 77.45
CA GLU Z 231 -31.02 201.84 76.80
C GLU Z 231 -30.40 200.89 77.82
N LEU Z 232 -29.67 201.41 78.79
CA LEU Z 232 -29.14 200.57 79.85
C LEU Z 232 -30.25 199.88 80.63
N LEU Z 233 -31.29 200.64 80.99
CA LEU Z 233 -32.40 200.07 81.74
C LEU Z 233 -33.15 199.04 80.90
N LEU Z 234 -33.30 199.29 79.60
CA LEU Z 234 -33.97 198.33 78.73
C LEU Z 234 -33.15 197.05 78.60
N ALA Z 235 -31.82 197.16 78.51
CA ALA Z 235 -30.98 195.98 78.45
C ALA Z 235 -31.04 195.19 79.75
N GLN Z 236 -31.06 195.89 80.90
CA GLN Z 236 -31.21 195.19 82.17
C GLN Z 236 -32.55 194.48 82.26
N CYS Z 237 -33.61 195.14 81.81
CA CYS Z 237 -34.93 194.52 81.82
C CYS Z 237 -34.98 193.30 80.90
N ASP Z 238 -34.30 193.37 79.76
CA ASP Z 238 -34.23 192.22 78.87
C ASP Z 238 -33.46 191.07 79.50
N VAL Z 239 -32.38 191.39 80.23
CA VAL Z 239 -31.63 190.36 80.94
C VAL Z 239 -32.53 189.68 81.97
N VAL Z 240 -33.28 190.48 82.74
CA VAL Z 240 -34.16 189.91 83.76
C VAL Z 240 -35.25 189.06 83.10
N PHE Z 241 -35.77 189.52 81.96
CA PHE Z 241 -36.81 188.76 81.27
C PHE Z 241 -36.27 187.44 80.76
N LEU Z 242 -35.04 187.43 80.23
CA LEU Z 242 -34.45 186.18 79.76
C LEU Z 242 -34.19 185.23 80.93
N THR Z 243 -33.73 185.76 82.07
CA THR Z 243 -33.50 184.90 83.23
C THR Z 243 -34.82 184.33 83.75
N LEU Z 244 -35.90 185.10 83.69
CA LEU Z 244 -37.19 184.59 84.12
C LEU Z 244 -37.76 183.58 83.12
N SER Z 245 -37.46 183.76 81.83
CA SER Z 245 -37.94 182.82 80.82
C SER Z 245 -37.22 181.48 80.92
N LYS Z 246 -35.90 181.51 81.10
CA LYS Z 246 -35.16 180.26 81.26
C LYS Z 246 -35.38 179.68 82.66
N LYS Z 247 -35.19 178.37 82.78
CA LYS Z 247 -35.52 177.65 84.01
C LYS Z 247 -34.38 177.76 85.00
N ASP Z 248 -34.52 178.66 85.97
CA ASP Z 248 -33.58 178.82 87.07
C ASP Z 248 -34.23 179.70 88.12
N VAL Z 249 -33.50 179.92 89.21
CA VAL Z 249 -33.99 180.74 90.32
C VAL Z 249 -32.91 181.69 90.78
N GLN Z 250 -31.68 181.19 90.94
CA GLN Z 250 -30.58 182.03 91.41
C GLN Z 250 -30.24 183.11 90.39
N LYS Z 251 -30.24 182.76 89.10
CA LYS Z 251 -29.96 183.75 88.06
C LYS Z 251 -31.03 184.82 88.01
N SER Z 252 -32.30 184.43 88.15
CA SER Z 252 -33.38 185.41 88.16
C SER Z 252 -33.29 186.31 89.39
N LYS Z 253 -32.92 185.74 90.54
CA LYS Z 253 -32.75 186.56 91.75
C LYS Z 253 -31.60 187.54 91.59
N GLU Z 254 -30.50 187.11 91.00
CA GLU Z 254 -29.37 188.01 90.77
C GLU Z 254 -29.74 189.11 89.78
N ALA Z 255 -30.51 188.76 88.74
CA ALA Z 255 -30.95 189.77 87.77
C ALA Z 255 -31.88 190.79 88.43
N LEU Z 256 -32.79 190.33 89.28
CA LEU Z 256 -33.68 191.25 89.98
C LEU Z 256 -32.89 192.13 90.95
N GLU Z 257 -31.86 191.58 91.60
CA GLU Z 257 -31.03 192.38 92.48
C GLU Z 257 -30.27 193.45 91.70
N ARG Z 258 -29.74 193.09 90.53
CA ARG Z 258 -29.05 194.07 89.70
C ARG Z 258 -30.00 195.15 89.20
N PHE Z 259 -31.23 194.76 88.85
CA PHE Z 259 -32.22 195.75 88.42
C PHE Z 259 -32.58 196.70 89.55
N ASP Z 260 -32.75 196.17 90.76
CA ASP Z 260 -33.07 197.01 91.92
C ASP Z 260 -31.90 197.94 92.24
N GLN Z 261 -30.66 197.46 92.11
CA GLN Z 261 -29.51 198.31 92.32
C GLN Z 261 -29.44 199.43 91.30
N ALA Z 262 -29.70 199.11 90.03
CA ALA Z 262 -29.70 200.14 88.99
C ALA Z 262 -30.80 201.17 89.24
N LEU Z 263 -31.97 200.71 89.69
CA LEU Z 263 -33.06 201.64 89.97
C LEU Z 263 -32.72 202.53 91.18
N LEU Z 264 -32.09 201.96 92.20
CA LEU Z 264 -31.68 202.76 93.35
C LEU Z 264 -30.62 203.78 92.94
N SER Z 265 -29.73 203.40 92.02
CA SER Z 265 -28.71 204.34 91.55
C SER Z 265 -29.33 205.46 90.73
N VAL Z 266 -30.31 205.13 89.88
CA VAL Z 266 -30.95 206.16 89.05
C VAL Z 266 -31.93 207.01 89.86
N LYS Z 267 -32.37 206.54 91.03
CA LYS Z 267 -33.25 207.35 91.86
C LYS Z 267 -32.57 208.61 92.37
N GLN Z 268 -31.25 208.65 92.40
CA GLN Z 268 -30.55 209.86 92.80
C GLN Z 268 -30.77 210.98 91.78
N SER Z 269 -30.75 210.65 90.49
CA SER Z 269 -31.04 211.63 89.45
C SER Z 269 -32.54 211.80 89.23
N VAL Z 270 -33.35 210.82 89.62
CA VAL Z 270 -34.79 210.94 89.50
C VAL Z 270 -35.30 212.10 90.34
N SER Z 271 -34.83 212.21 91.58
CA SER Z 271 -35.27 213.26 92.48
C SER Z 271 -34.66 214.62 92.14
N GLY Z 272 -33.76 214.70 91.16
CA GLY Z 272 -33.15 215.95 90.79
C GLY Z 272 -34.03 216.80 89.90
N THR Z 273 -33.41 217.51 88.95
CA THR Z 273 -34.14 218.36 88.02
C THR Z 273 -34.61 217.61 86.78
N ASP Z 274 -34.63 216.28 86.82
CA ASP Z 274 -35.05 215.45 85.69
C ASP Z 274 -36.50 215.05 85.91
N ALA Z 275 -37.39 215.56 85.07
CA ALA Z 275 -38.82 215.27 85.16
C ALA Z 275 -39.42 215.17 83.76
N SER Z 276 -38.86 214.27 82.95
CA SER Z 276 -39.34 214.07 81.58
C SER Z 276 -39.15 212.62 81.15
N ASP Z 277 -38.31 212.41 80.14
CA ASP Z 277 -38.04 211.05 79.67
C ASP Z 277 -37.38 210.20 80.75
N LEU Z 278 -36.55 210.82 81.59
CA LEU Z 278 -35.91 210.07 82.67
C LEU Z 278 -36.95 209.55 83.66
N SER Z 279 -37.89 210.40 84.08
CA SER Z 279 -38.95 209.94 84.97
C SER Z 279 -39.87 208.94 84.29
N VAL Z 280 -40.11 209.11 82.99
CA VAL Z 280 -40.94 208.16 82.25
C VAL Z 280 -40.29 206.77 82.27
N THR Z 281 -39.01 206.70 81.92
CA THR Z 281 -38.33 205.41 81.93
C THR Z 281 -38.15 204.88 83.35
N PHE Z 282 -38.10 205.76 84.35
CA PHE Z 282 -38.02 205.30 85.73
C PHE Z 282 -39.31 204.62 86.15
N TYR Z 283 -40.45 205.21 85.82
CA TYR Z 283 -41.73 204.56 86.12
C TYR Z 283 -41.87 203.27 85.32
N GLU Z 284 -41.42 203.28 84.06
CA GLU Z 284 -41.47 202.07 83.26
C GLU Z 284 -40.66 200.94 83.89
N MET Z 285 -39.44 201.25 84.34
CA MET Z 285 -38.60 200.24 84.96
C MET Z 285 -39.11 199.83 86.33
N ARG Z 286 -39.81 200.73 87.03
CA ARG Z 286 -40.45 200.35 88.29
C ARG Z 286 -41.55 199.33 88.06
N GLY Z 287 -42.42 199.58 87.07
CA GLY Z 287 -43.43 198.59 86.72
C GLY Z 287 -42.82 197.28 86.24
N HIS Z 288 -41.75 197.37 85.46
CA HIS Z 288 -41.06 196.17 84.98
C HIS Z 288 -40.45 195.39 86.14
N TYR Z 289 -39.90 196.10 87.13
CA TYR Z 289 -39.34 195.43 88.30
C TYR Z 289 -40.43 194.76 89.12
N TYR Z 290 -41.61 195.40 89.22
CA TYR Z 290 -42.72 194.77 89.92
C TYR Z 290 -43.16 193.48 89.22
N MET Z 291 -43.34 193.55 87.90
CA MET Z 291 -43.75 192.36 87.16
C MET Z 291 -42.67 191.28 87.18
N HIS Z 292 -41.39 191.68 87.21
CA HIS Z 292 -40.31 190.70 87.27
C HIS Z 292 -40.20 190.07 88.64
N ALA Z 293 -40.48 190.82 89.70
CA ALA Z 293 -40.55 190.23 91.03
C ALA Z 293 -41.71 189.25 91.14
N GLY Z 294 -42.85 189.57 90.54
CA GLY Z 294 -43.94 188.62 90.47
C GLY Z 294 -43.57 187.35 89.72
N THR Z 295 -42.91 187.51 88.56
CA THR Z 295 -42.46 186.36 87.80
C THR Z 295 -41.43 185.53 88.56
N LEU Z 296 -40.55 186.20 89.32
CA LEU Z 296 -39.57 185.46 90.12
C LEU Z 296 -40.22 184.70 91.25
N LEU Z 297 -41.24 185.29 91.89
CA LEU Z 297 -41.99 184.56 92.90
C LEU Z 297 -42.68 183.35 92.28
N LEU Z 298 -43.26 183.51 91.08
CA LEU Z 298 -43.89 182.38 90.42
C LEU Z 298 -42.87 181.29 90.07
N LYS Z 299 -41.68 181.70 89.62
CA LYS Z 299 -40.64 180.72 89.27
C LYS Z 299 -40.14 180.00 90.52
N MET Z 300 -40.04 180.70 91.64
CA MET Z 300 -39.65 180.05 92.89
C MET Z 300 -40.72 179.08 93.36
N ALA Z 301 -41.99 179.45 93.23
CA ALA Z 301 -43.08 178.53 93.56
C ALA Z 301 -43.03 177.30 92.66
N GLN Z 302 -42.67 177.48 91.38
CA GLN Z 302 -42.53 176.35 90.49
C GLN Z 302 -41.37 175.46 90.90
N SER Z 303 -40.23 176.06 91.26
CA SER Z 303 -39.08 175.33 91.77
C SER Z 303 -39.29 174.80 93.19
N CYS Z 304 -40.46 175.06 93.77
CA CYS Z 304 -40.90 174.48 95.04
C CYS Z 304 -40.13 175.05 96.23
N GLU Z 305 -40.67 176.14 96.79
CA GLU Z 305 -40.15 176.71 98.03
C GLU Z 305 -41.32 177.26 98.84
N VAL Z 306 -42.14 178.09 98.22
CA VAL Z 306 -43.38 178.59 98.80
C VAL Z 306 -44.51 178.27 97.84
N GLN Z 307 -45.64 177.84 98.38
CA GLN Z 307 -46.75 177.39 97.56
C GLN Z 307 -47.46 178.56 96.88
N TRP Z 308 -48.29 178.23 95.88
CA TRP Z 308 -49.08 179.25 95.21
C TRP Z 308 -50.05 179.91 96.18
N LYS Z 309 -50.65 179.13 97.08
CA LYS Z 309 -51.62 179.67 98.02
C LYS Z 309 -51.02 180.73 98.93
N ALA Z 310 -49.69 180.74 99.09
CA ALA Z 310 -49.02 181.75 99.89
C ALA Z 310 -48.26 182.78 99.05
N LEU Z 311 -48.03 182.51 97.77
CA LEU Z 311 -47.31 183.43 96.91
C LEU Z 311 -48.19 184.20 95.94
N ILE Z 312 -49.50 183.90 95.89
CA ILE Z 312 -50.38 184.65 95.00
C ILE Z 312 -50.60 186.05 95.52
N GLU Z 313 -50.80 186.20 96.84
CA GLU Z 313 -51.05 187.51 97.42
C GLU Z 313 -49.88 188.48 97.20
N PRO Z 314 -48.61 188.09 97.41
CA PRO Z 314 -47.53 189.01 97.04
C PRO Z 314 -47.49 189.30 95.54
N ALA Z 315 -47.73 188.30 94.70
CA ALA Z 315 -47.77 188.52 93.27
C ALA Z 315 -48.94 189.44 92.89
N ALA Z 316 -50.09 189.26 93.54
CA ALA Z 316 -51.23 190.14 93.28
C ALA Z 316 -50.92 191.57 93.70
N LEU Z 317 -50.26 191.74 94.83
CA LEU Z 317 -49.88 193.09 95.28
C LEU Z 317 -48.87 193.72 94.32
N CYS Z 318 -47.92 192.93 93.82
CA CYS Z 318 -46.96 193.45 92.85
C CYS Z 318 -47.65 193.85 91.56
N TYR Z 319 -48.61 193.05 91.10
CA TYR Z 319 -49.35 193.40 89.89
C TYR Z 319 -50.18 194.67 90.11
N LEU Z 320 -50.79 194.80 91.28
CA LEU Z 320 -51.56 196.01 91.60
C LEU Z 320 -50.66 197.24 91.62
N LEU Z 321 -49.45 197.11 92.19
CA LEU Z 321 -48.51 198.22 92.19
C LEU Z 321 -48.05 198.58 90.79
N ALA Z 322 -47.79 197.56 89.95
CA ALA Z 322 -47.37 197.82 88.58
C ALA Z 322 -48.49 198.50 87.80
N TYR Z 323 -49.74 198.15 88.08
CA TYR Z 323 -50.86 198.82 87.42
C TYR Z 323 -51.02 200.25 87.93
N GLN Z 324 -50.81 200.47 89.23
CA GLN Z 324 -50.91 201.80 89.81
C GLN Z 324 -49.71 202.68 89.52
N VAL Z 325 -48.67 202.13 88.90
CA VAL Z 325 -47.52 202.95 88.48
C VAL Z 325 -48.03 204.07 87.58
N PRO Z 326 -47.62 205.32 87.79
CA PRO Z 326 -48.16 206.43 87.00
C PRO Z 326 -47.82 206.30 85.53
N LYS Z 327 -48.70 206.86 84.69
CA LYS Z 327 -48.51 206.80 83.25
C LYS Z 327 -47.35 207.71 82.83
N PRO Z 328 -46.73 207.42 81.69
CA PRO Z 328 -45.64 208.29 81.21
C PRO Z 328 -46.13 209.70 80.94
N LYS Z 329 -45.50 210.67 81.61
CA LYS Z 329 -45.86 212.06 81.47
C LYS Z 329 -45.25 212.64 80.20
N SER Z 330 -45.57 213.90 79.91
CA SER Z 330 -45.06 214.59 78.74
C SER Z 330 -43.73 215.26 79.05
N LYS Z 331 -42.99 215.56 77.99
CA LYS Z 331 -41.68 216.20 78.10
C LYS Z 331 -41.73 217.60 77.51
N PRO Z 332 -41.24 218.62 78.23
CA PRO Z 332 -41.27 219.97 77.66
C PRO Z 332 -40.26 220.17 76.55
N VAL Z 333 -39.14 219.45 76.57
CA VAL Z 333 -38.11 219.55 75.54
C VAL Z 333 -38.05 218.22 74.82
N LYS Z 334 -38.55 218.19 73.58
CA LYS Z 334 -38.56 216.97 72.80
C LYS Z 334 -37.15 216.65 72.29
N GLY Z 335 -36.95 215.39 71.93
CA GLY Z 335 -35.67 214.93 71.43
C GLY Z 335 -35.55 213.42 71.39
N ASP Z 336 -36.27 212.74 72.29
CA ASP Z 336 -36.23 211.29 72.34
C ASP Z 336 -37.62 210.71 72.15
N ASP Z 337 -38.31 211.13 71.08
CA ASP Z 337 -39.66 210.64 70.83
C ASP Z 337 -39.66 209.17 70.43
N ASN Z 338 -38.62 208.71 69.74
CA ASN Z 338 -38.56 207.31 69.33
C ASN Z 338 -38.49 206.39 70.54
N GLY Z 339 -37.93 206.86 71.65
CA GLY Z 339 -37.90 206.09 72.87
C GLY Z 339 -39.12 206.32 73.73
N GLN Z 340 -39.64 207.56 73.70
CA GLN Z 340 -40.82 207.89 74.49
C GLN Z 340 -42.03 207.10 74.02
N GLY Z 341 -42.20 206.95 72.70
CA GLY Z 341 -43.30 206.16 72.19
C GLY Z 341 -43.21 204.69 72.59
N PHE Z 342 -42.00 204.12 72.51
CA PHE Z 342 -41.80 202.74 72.93
C PHE Z 342 -42.10 202.57 74.42
N LEU Z 343 -41.65 203.53 75.24
CA LEU Z 343 -41.94 203.47 76.67
C LEU Z 343 -43.42 203.58 76.94
N GLU Z 344 -44.12 204.44 76.20
CA GLU Z 344 -45.57 204.58 76.38
C GLU Z 344 -46.31 203.31 75.99
N GLU Z 345 -45.90 202.67 74.90
CA GLU Z 345 -46.53 201.42 74.49
C GLU Z 345 -46.24 200.30 75.48
N LEU Z 346 -45.01 200.26 76.02
CA LEU Z 346 -44.69 199.28 77.04
C LEU Z 346 -45.53 199.50 78.29
N ALA Z 347 -45.73 200.77 78.68
CA ALA Z 347 -46.61 201.07 79.81
C ALA Z 347 -48.04 200.64 79.53
N PHE Z 348 -48.51 200.85 78.30
CA PHE Z 348 -49.86 200.40 77.94
C PHE Z 348 -49.99 198.89 78.10
N ASP Z 349 -49.04 198.14 77.54
CA ASP Z 349 -49.10 196.68 77.64
C ASP Z 349 -49.01 196.22 79.09
N ARG Z 350 -48.13 196.82 79.87
CA ARG Z 350 -47.97 196.43 81.27
C ARG Z 350 -49.24 196.71 82.06
N GLN Z 351 -49.83 197.89 81.87
CA GLN Z 351 -51.09 198.20 82.55
C GLN Z 351 -52.19 197.24 82.15
N SER Z 352 -52.29 196.93 80.85
CA SER Z 352 -53.31 196.01 80.39
C SER Z 352 -53.16 194.65 81.06
N LYS Z 353 -51.97 194.06 81.00
CA LYS Z 353 -51.78 192.72 81.55
C LYS Z 353 -51.94 192.71 83.06
N SER Z 354 -51.45 193.74 83.75
CA SER Z 354 -51.57 193.79 85.19
C SER Z 354 -53.03 193.93 85.61
N GLY Z 355 -53.78 194.80 84.95
CA GLY Z 355 -55.19 194.93 85.28
C GLY Z 355 -55.97 193.68 84.99
N HIS Z 356 -55.69 193.02 83.87
CA HIS Z 356 -56.40 191.78 83.53
C HIS Z 356 -56.09 190.69 84.56
N LEU Z 357 -54.82 190.54 84.93
CA LEU Z 357 -54.46 189.53 85.92
C LEU Z 357 -55.07 189.82 87.27
N LEU Z 358 -55.06 191.09 87.69
CA LEU Z 358 -55.64 191.45 88.98
C LEU Z 358 -57.14 191.21 89.00
N LEU Z 359 -57.83 191.56 87.90
CA LEU Z 359 -59.26 191.31 87.83
C LEU Z 359 -59.57 189.82 87.86
N THR Z 360 -58.82 189.02 87.10
CA THR Z 360 -59.06 187.58 87.08
C THR Z 360 -58.75 186.94 88.43
N LEU Z 361 -57.81 187.51 89.19
CA LEU Z 361 -57.43 186.93 90.48
C LEU Z 361 -58.30 187.40 91.63
N SER Z 362 -58.90 188.59 91.53
CA SER Z 362 -59.68 189.15 92.63
C SER Z 362 -61.18 189.07 92.44
N HIS Z 363 -61.68 189.01 91.20
CA HIS Z 363 -63.10 188.98 90.92
C HIS Z 363 -63.83 190.19 91.50
N GLY Z 364 -63.15 191.33 91.58
CA GLY Z 364 -63.75 192.54 92.09
C GLY Z 364 -63.22 192.97 93.44
N LYS Z 365 -62.30 193.94 93.44
CA LYS Z 365 -61.74 194.47 94.67
C LYS Z 365 -61.17 195.85 94.40
N GLN Z 366 -61.11 196.67 95.44
CA GLN Z 366 -60.61 198.03 95.33
C GLN Z 366 -60.25 198.62 96.69
N ASN Z 367 -60.78 198.03 97.75
CA ASN Z 367 -60.56 198.54 99.10
C ASN Z 367 -59.29 197.99 99.75
N PHE Z 368 -58.53 197.15 99.02
CA PHE Z 368 -57.32 196.57 99.60
C PHE Z 368 -56.27 197.65 99.88
N ILE Z 369 -56.08 198.58 98.93
CA ILE Z 369 -55.09 199.64 99.12
C ILE Z 369 -55.50 200.54 100.29
N SER Z 370 -56.79 200.87 100.38
CA SER Z 370 -57.24 201.71 101.48
C SER Z 370 -57.06 201.01 102.82
N GLU Z 371 -57.37 199.71 102.88
CA GLU Z 371 -57.19 198.96 104.11
C GLU Z 371 -55.73 198.89 104.51
N ILE Z 372 -54.84 198.66 103.53
CA ILE Z 372 -53.40 198.61 103.83
C ILE Z 372 -52.91 199.96 104.33
N ILE Z 373 -53.37 201.05 103.72
CA ILE Z 373 -52.96 202.38 104.14
C ILE Z 373 -53.45 202.66 105.55
N GLU Z 374 -54.70 202.27 105.85
CA GLU Z 374 -55.25 202.55 107.18
C GLU Z 374 -54.63 201.67 108.26
N THR Z 375 -54.15 200.48 107.89
CA THR Z 375 -53.58 199.55 108.88
C THR Z 375 -52.08 199.73 108.99
N PHE Z 376 -51.33 199.29 107.98
CA PHE Z 376 -49.88 199.26 108.04
C PHE Z 376 -49.22 200.47 107.38
N ALA Z 377 -49.99 201.33 106.71
CA ALA Z 377 -49.46 202.52 106.05
C ALA Z 377 -48.38 202.17 105.02
N ASN Z 378 -48.56 201.02 104.36
CA ASN Z 378 -47.72 200.57 103.25
C ASN Z 378 -46.29 200.23 103.67
N GLN Z 379 -45.85 200.73 104.83
CA GLN Z 379 -44.48 200.47 105.28
C GLN Z 379 -44.28 198.99 105.59
N CYS Z 380 -45.16 198.42 106.41
CA CYS Z 380 -45.05 197.00 106.73
C CYS Z 380 -45.28 196.13 105.49
N GLY Z 381 -46.15 196.57 104.59
CA GLY Z 381 -46.34 195.83 103.35
C GLY Z 381 -45.09 195.78 102.50
N GLN Z 382 -44.42 196.93 102.35
CA GLN Z 382 -43.17 196.96 101.60
C GLN Z 382 -42.08 196.15 102.31
N SER Z 383 -42.06 196.18 103.64
CA SER Z 383 -41.10 195.37 104.37
C SER Z 383 -41.32 193.88 104.16
N ILE Z 384 -42.59 193.45 104.19
CA ILE Z 384 -42.91 192.05 103.95
C ILE Z 384 -42.56 191.66 102.52
N LEU Z 385 -42.83 192.55 101.56
CA LEU Z 385 -42.47 192.28 100.17
C LEU Z 385 -40.96 192.11 100.01
N LEU Z 386 -40.18 192.99 100.64
CA LEU Z 386 -38.73 192.87 100.57
C LEU Z 386 -38.24 191.59 101.22
N LYS Z 387 -38.82 191.24 102.37
CA LYS Z 387 -38.43 190.02 103.05
C LYS Z 387 -38.78 188.77 102.25
N PHE Z 388 -39.89 188.82 101.50
CA PHE Z 388 -40.26 187.67 100.66
C PHE Z 388 -39.45 187.62 99.37
N LEU Z 389 -38.98 188.76 98.88
CA LEU Z 389 -38.22 188.80 97.63
C LEU Z 389 -36.74 188.53 97.88
N PHE Z 390 -36.05 189.49 98.53
CA PHE Z 390 -34.61 189.42 98.70
C PHE Z 390 -34.20 188.83 100.06
N GLU Z 391 -35.13 188.18 100.76
CA GLU Z 391 -34.88 187.55 102.05
C GLU Z 391 -34.37 188.62 103.01
N ASP Z 392 -33.18 188.47 103.59
CA ASP Z 392 -32.64 189.47 104.51
C ASP Z 392 -31.28 190.00 104.05
N ASN Z 393 -30.96 189.83 102.77
CA ASN Z 393 -29.70 190.30 102.23
C ASN Z 393 -29.70 191.82 102.08
N LEU Z 394 -30.56 192.34 101.20
CA LEU Z 394 -30.66 193.77 100.99
C LEU Z 394 -31.45 194.43 102.11
N SER Z 395 -30.97 195.58 102.56
CA SER Z 395 -31.62 196.31 103.64
C SER Z 395 -32.78 197.14 103.10
N MET Z 396 -33.40 197.91 103.99
CA MET Z 396 -34.52 198.75 103.58
C MET Z 396 -34.08 199.99 102.82
N GLN Z 397 -32.87 200.48 103.09
CA GLN Z 397 -32.35 201.66 102.41
C GLN Z 397 -31.50 201.34 101.19
N ASP Z 398 -31.12 200.07 101.00
CA ASP Z 398 -30.31 199.66 99.87
C ASP Z 398 -31.16 199.27 98.66
N SER Z 399 -32.40 199.71 98.59
CA SER Z 399 -33.28 199.40 97.48
C SER Z 399 -34.27 200.54 97.30
N PHE Z 400 -34.65 200.78 96.03
CA PHE Z 400 -35.60 201.85 95.73
C PHE Z 400 -37.01 201.51 96.19
N MET Z 401 -37.34 200.23 96.34
CA MET Z 401 -38.68 199.83 96.77
C MET Z 401 -38.86 199.96 98.27
N GLY Z 402 -37.78 199.98 99.05
CA GLY Z 402 -37.91 200.13 100.49
C GLY Z 402 -38.24 201.54 100.92
N SER Z 403 -37.72 202.54 100.21
CA SER Z 403 -38.02 203.92 100.56
C SER Z 403 -39.38 204.37 99.99
N ASP Z 404 -39.80 203.79 98.88
CA ASP Z 404 -41.08 204.13 98.28
C ASP Z 404 -42.19 203.24 98.84
N ASP Z 405 -43.42 203.76 98.79
CA ASP Z 405 -44.57 203.04 99.30
C ASP Z 405 -45.68 202.97 98.25
N ILE Z 406 -46.86 202.48 98.65
CA ILE Z 406 -47.98 202.41 97.72
C ILE Z 406 -48.53 203.80 97.43
N SER Z 407 -48.44 204.71 98.39
CA SER Z 407 -48.90 206.08 98.18
C SER Z 407 -48.00 206.88 97.26
N TYR Z 408 -46.81 206.38 96.94
CA TYR Z 408 -45.92 207.10 96.03
C TYR Z 408 -46.44 207.09 94.59
N VAL Z 409 -47.15 206.04 94.20
CA VAL Z 409 -47.71 205.93 92.86
C VAL Z 409 -49.18 206.33 92.91
N GLU Z 410 -49.89 206.10 91.80
CA GLU Z 410 -51.31 206.44 91.72
C GLU Z 410 -52.14 205.41 92.49
N ASN Z 411 -53.45 205.65 92.53
CA ASN Z 411 -54.39 204.77 93.21
C ASN Z 411 -55.58 204.42 92.32
N ARG Z 412 -55.34 204.25 91.02
CA ARG Z 412 -56.41 203.94 90.09
C ARG Z 412 -56.78 202.46 90.18
N VAL Z 413 -58.04 202.16 89.86
CA VAL Z 413 -58.56 200.81 89.90
C VAL Z 413 -58.75 200.31 88.47
N PRO Z 414 -58.56 199.02 88.20
CA PRO Z 414 -58.76 198.50 86.84
C PRO Z 414 -60.23 198.54 86.45
N ASP Z 415 -60.53 199.31 85.40
CA ASP Z 415 -61.89 199.44 84.89
C ASP Z 415 -61.95 198.86 83.48
N LEU Z 416 -63.18 198.59 83.02
CA LEU Z 416 -63.36 198.00 81.70
C LEU Z 416 -62.93 198.96 80.59
N SER Z 417 -63.25 200.25 80.74
CA SER Z 417 -62.86 201.23 79.72
C SER Z 417 -61.34 201.39 79.67
N GLU Z 418 -60.69 201.44 80.84
CA GLU Z 418 -59.23 201.53 80.87
C GLU Z 418 -58.59 200.28 80.28
N LEU Z 419 -59.15 199.11 80.57
CA LEU Z 419 -58.62 197.87 80.01
C LEU Z 419 -58.76 197.85 78.50
N SER Z 420 -59.91 198.30 77.99
CA SER Z 420 -60.11 198.35 76.54
C SER Z 420 -59.16 199.34 75.89
N GLN Z 421 -58.94 200.50 76.52
CA GLN Z 421 -58.00 201.48 75.97
C GLN Z 421 -56.58 200.93 75.95
N HIS Z 422 -56.17 200.25 77.02
CA HIS Z 422 -54.83 199.67 77.05
C HIS Z 422 -54.69 198.56 76.02
N ASP Z 423 -55.75 197.77 75.82
CA ASP Z 423 -55.71 196.72 74.81
C ASP Z 423 -55.60 197.31 73.40
N ASN Z 424 -56.33 198.40 73.15
CA ASN Z 424 -56.22 199.06 71.84
C ASN Z 424 -54.83 199.65 71.64
N GLY Z 425 -54.25 200.25 72.69
CA GLY Z 425 -52.90 200.76 72.58
C GLY Z 425 -51.87 199.67 72.35
N SER Z 426 -52.09 198.49 72.95
CA SER Z 426 -51.19 197.37 72.69
C SER Z 426 -51.35 196.85 71.26
N LEU Z 427 -52.59 196.78 70.78
CA LEU Z 427 -52.85 196.27 69.43
C LEU Z 427 -52.30 197.21 68.37
N ARG Z 428 -52.34 198.52 68.61
CA ARG Z 428 -51.86 199.48 67.62
C ARG Z 428 -50.37 199.31 67.34
N ILE Z 429 -49.62 198.67 68.23
CA ILE Z 429 -48.22 198.37 67.99
C ILE Z 429 -47.99 196.88 67.71
N HIS Z 430 -48.88 196.00 68.16
CA HIS Z 430 -48.75 194.57 67.85
C HIS Z 430 -49.15 194.25 66.43
N ASN Z 431 -49.97 195.10 65.80
CA ASN Z 431 -50.38 194.94 64.40
C ASN Z 431 -51.12 193.63 64.14
N GLY Z 432 -51.70 193.04 65.17
CA GLY Z 432 -52.47 191.82 65.01
C GLY Z 432 -51.69 190.54 65.23
N ASP Z 433 -51.95 189.88 66.37
CA ASP Z 433 -51.37 188.58 66.66
C ASP Z 433 -52.39 187.77 67.44
N LEU Z 434 -52.47 186.48 67.11
CA LEU Z 434 -53.51 185.63 67.69
C LEU Z 434 -53.25 185.29 69.15
N GLN Z 435 -52.00 185.40 69.62
CA GLN Z 435 -51.68 185.01 70.99
C GLN Z 435 -52.40 185.90 72.00
N HIS Z 436 -52.16 187.22 71.92
CA HIS Z 436 -52.81 188.14 72.86
C HIS Z 436 -54.31 188.20 72.64
N LEU Z 437 -54.77 187.94 71.41
CA LEU Z 437 -56.21 187.89 71.17
C LEU Z 437 -56.85 186.71 71.90
N THR Z 438 -56.24 185.53 71.83
CA THR Z 438 -56.73 184.39 72.57
C THR Z 438 -56.64 184.63 74.07
N TRP Z 439 -55.58 185.30 74.52
CA TRP Z 439 -55.45 185.62 75.94
C TRP Z 439 -56.59 186.54 76.40
N LEU Z 440 -56.90 187.57 75.61
CA LEU Z 440 -57.99 188.47 75.96
C LEU Z 440 -59.34 187.75 75.90
N GLY Z 441 -59.51 186.84 74.95
CA GLY Z 441 -60.74 186.05 74.91
C GLY Z 441 -60.90 185.18 76.13
N LEU Z 442 -59.81 184.55 76.58
CA LEU Z 442 -59.87 183.75 77.80
C LEU Z 442 -60.17 184.62 79.01
N GLN Z 443 -59.57 185.82 79.07
CA GLN Z 443 -59.86 186.72 80.18
C GLN Z 443 -61.32 187.13 80.19
N TRP Z 444 -61.88 187.42 79.01
CA TRP Z 444 -63.29 187.80 78.94
C TRP Z 444 -64.20 186.63 79.31
N HIS Z 445 -63.85 185.42 78.90
CA HIS Z 445 -64.64 184.25 79.26
C HIS Z 445 -64.58 183.99 80.77
N PHE Z 446 -63.42 184.25 81.38
CA PHE Z 446 -63.32 184.11 82.83
C PHE Z 446 -64.13 185.19 83.55
N LEU Z 447 -64.13 186.41 83.00
CA LEU Z 447 -64.95 187.48 83.56
C LEU Z 447 -66.42 187.34 83.23
N SER Z 448 -66.79 186.37 82.39
CA SER Z 448 -68.18 186.07 82.07
C SER Z 448 -68.84 187.23 81.33
N THR Z 449 -68.28 187.55 80.16
CA THR Z 449 -68.80 188.59 79.29
C THR Z 449 -68.22 188.40 77.90
N LEU Z 450 -68.99 188.81 76.90
CA LEU Z 450 -68.59 188.58 75.51
C LEU Z 450 -67.42 189.49 75.14
N PRO Z 451 -66.38 188.97 74.49
CA PRO Z 451 -65.24 189.80 74.11
C PRO Z 451 -65.56 190.62 72.87
N PRO Z 452 -65.18 191.89 72.84
CA PRO Z 452 -65.41 192.74 71.65
C PRO Z 452 -64.37 192.51 70.56
N LEU Z 453 -64.46 191.34 69.92
CA LEU Z 453 -63.52 191.01 68.85
C LEU Z 453 -63.80 191.77 67.57
N ARG Z 454 -65.03 192.27 67.39
CA ARG Z 454 -65.37 192.97 66.16
C ARG Z 454 -64.54 194.24 65.98
N LYS Z 455 -64.55 195.10 67.00
CA LYS Z 455 -63.77 196.34 66.91
C LYS Z 455 -62.28 196.07 66.84
N TRP Z 456 -61.83 195.02 67.54
CA TRP Z 456 -60.41 194.66 67.50
C TRP Z 456 -59.98 194.27 66.09
N LEU Z 457 -60.75 193.39 65.44
CA LEU Z 457 -60.43 193.02 64.07
C LEU Z 457 -60.58 194.18 63.11
N LYS Z 458 -61.54 195.08 63.38
CA LYS Z 458 -61.72 196.25 62.51
C LYS Z 458 -60.52 197.18 62.58
N GLN Z 459 -59.98 197.40 63.78
CA GLN Z 459 -58.80 198.25 63.90
C GLN Z 459 -57.51 197.53 63.51
N ILE Z 460 -57.51 196.19 63.51
CA ILE Z 460 -56.35 195.46 63.01
C ILE Z 460 -56.28 195.53 61.50
N PHE Z 461 -57.38 195.16 60.82
CA PHE Z 461 -57.42 195.13 59.37
C PHE Z 461 -58.00 196.44 58.85
N PRO Z 462 -57.20 197.31 58.23
CA PRO Z 462 -57.72 198.59 57.74
C PRO Z 462 -58.44 198.48 56.39
N ARG Z 463 -58.63 197.27 55.87
CA ARG Z 463 -59.30 197.09 54.58
C ARG Z 463 -60.67 196.46 54.68
N VAL Z 464 -61.00 195.79 55.78
CA VAL Z 464 -62.29 195.15 55.95
C VAL Z 464 -63.00 195.77 57.15
N PRO Z 465 -63.76 196.86 56.96
CA PRO Z 465 -64.50 197.47 58.07
C PRO Z 465 -65.93 196.90 58.19
N GLN Z 466 -66.01 195.58 58.35
CA GLN Z 466 -67.29 194.87 58.43
C GLN Z 466 -68.15 195.11 57.21
N GLU Z 467 -67.52 195.26 56.05
CA GLU Z 467 -68.23 195.50 54.78
C GLU Z 467 -67.53 194.70 53.70
N THR Z 468 -68.16 193.62 53.25
CA THR Z 468 -67.61 192.77 52.20
C THR Z 468 -68.69 192.43 51.19
N SER Z 469 -68.25 191.98 50.01
CA SER Z 469 -69.17 191.60 48.94
C SER Z 469 -69.17 190.12 48.65
N ARG Z 470 -68.03 189.44 48.73
CA ARG Z 470 -67.94 188.01 48.48
C ARG Z 470 -68.28 187.24 49.76
N LEU Z 471 -69.28 186.37 49.67
CA LEU Z 471 -69.73 185.58 50.81
C LEU Z 471 -69.55 184.09 50.59
N GLU Z 472 -70.05 183.55 49.48
CA GLU Z 472 -69.94 182.13 49.20
C GLU Z 472 -68.61 181.85 48.48
N SER Z 473 -68.46 180.64 47.95
CA SER Z 473 -67.29 180.18 47.22
C SER Z 473 -66.05 180.10 48.12
N ASN Z 474 -65.46 178.90 48.20
CA ASN Z 474 -64.26 178.69 49.01
C ASN Z 474 -63.07 179.29 48.26
N ILE Z 475 -62.93 180.61 48.39
CA ILE Z 475 -61.85 181.34 47.74
C ILE Z 475 -61.18 182.25 48.77
N PRO Z 476 -59.88 182.50 48.65
CA PRO Z 476 -59.22 183.39 49.62
C PRO Z 476 -59.67 184.84 49.54
N GLU Z 477 -60.30 185.25 48.43
CA GLU Z 477 -60.77 186.61 48.31
C GLU Z 477 -62.02 186.88 49.15
N SER Z 478 -62.76 185.84 49.53
CA SER Z 478 -63.95 185.97 50.35
C SER Z 478 -63.65 185.88 51.84
N ILE Z 479 -62.45 186.28 52.27
CA ILE Z 479 -62.06 186.22 53.67
C ILE Z 479 -62.45 187.53 54.34
N CYS Z 480 -63.24 187.43 55.41
CA CYS Z 480 -63.65 188.58 56.20
C CYS Z 480 -63.19 188.38 57.65
N LEU Z 481 -63.74 189.21 58.54
CA LEU Z 481 -63.39 189.10 59.95
C LEU Z 481 -64.06 187.92 60.64
N LEU Z 482 -65.09 187.34 60.02
CA LEU Z 482 -65.81 186.24 60.66
C LEU Z 482 -64.97 184.98 60.75
N ASP Z 483 -64.18 184.69 59.71
CA ASP Z 483 -63.31 183.52 59.76
C ASP Z 483 -62.23 183.69 60.83
N LEU Z 484 -61.67 184.90 60.95
CA LEU Z 484 -60.68 185.16 61.99
C LEU Z 484 -61.30 185.06 63.38
N GLU Z 485 -62.53 185.55 63.54
CA GLU Z 485 -63.22 185.41 64.82
C GLU Z 485 -63.48 183.95 65.15
N VAL Z 486 -63.83 183.15 64.14
CA VAL Z 486 -64.06 181.72 64.36
C VAL Z 486 -62.76 181.03 64.79
N PHE Z 487 -61.65 181.37 64.13
CA PHE Z 487 -60.36 180.80 64.50
C PHE Z 487 -59.97 181.20 65.92
N LEU Z 488 -60.18 182.47 66.28
CA LEU Z 488 -59.86 182.93 67.62
C LEU Z 488 -60.73 182.21 68.66
N LEU Z 489 -62.02 182.03 68.37
CA LEU Z 489 -62.89 181.30 69.27
C LEU Z 489 -62.45 179.84 69.41
N ALA Z 490 -61.99 179.24 68.32
CA ALA Z 490 -61.49 177.86 68.38
C ALA Z 490 -60.27 177.77 69.28
N VAL Z 491 -59.31 178.68 69.11
CA VAL Z 491 -58.11 178.66 69.94
C VAL Z 491 -58.47 178.93 71.40
N VAL Z 492 -59.43 179.83 71.64
CA VAL Z 492 -59.86 180.13 73.00
C VAL Z 492 -60.50 178.90 73.64
N GLN Z 493 -61.36 178.20 72.89
CA GLN Z 493 -61.99 177.00 73.42
C GLN Z 493 -60.97 175.91 73.69
N THR Z 494 -59.97 175.76 72.81
CA THR Z 494 -58.93 174.76 73.04
C THR Z 494 -58.13 175.09 74.30
N SER Z 495 -57.76 176.35 74.48
CA SER Z 495 -57.02 176.74 75.67
C SER Z 495 -57.86 176.56 76.93
N TYR Z 496 -59.16 176.86 76.85
CA TYR Z 496 -60.04 176.68 78.00
C TYR Z 496 -60.18 175.22 78.36
N LEU Z 497 -60.31 174.34 77.35
CA LEU Z 497 -60.39 172.92 77.62
C LEU Z 497 -59.09 172.40 78.23
N GLN Z 498 -57.95 172.87 77.72
CA GLN Z 498 -56.67 172.46 78.29
C GLN Z 498 -56.55 172.91 79.74
N LEU Z 499 -56.94 174.15 80.04
CA LEU Z 499 -56.88 174.64 81.42
C LEU Z 499 -57.82 173.87 82.33
N GLN Z 500 -59.02 173.54 81.84
CA GLN Z 500 -59.96 172.78 82.65
C GLN Z 500 -59.44 171.37 82.92
N ASP Z 501 -58.80 170.75 81.92
CA ASP Z 501 -58.24 169.41 82.13
C ASP Z 501 -57.03 169.46 83.06
N ASN Z 502 -56.27 170.55 83.04
CA ASN Z 502 -55.11 170.66 83.92
C ASN Z 502 -55.52 171.00 85.35
N ASN Z 503 -56.63 171.72 85.54
CA ASN Z 503 -57.05 172.12 86.88
C ASN Z 503 -57.76 170.98 87.61
N THR Z 504 -58.30 170.01 86.89
CA THR Z 504 -59.01 168.90 87.52
C THR Z 504 -58.03 167.92 88.17
N THR Z 505 -57.38 168.35 89.25
CA THR Z 505 -56.42 167.52 89.96
C THR Z 505 -56.22 168.10 91.35
N ALA Z 506 -55.64 167.29 92.23
CA ALA Z 506 -55.35 167.73 93.60
C ALA Z 506 -54.04 168.51 93.71
N ASP Z 507 -53.32 168.71 92.60
CA ASP Z 507 -52.11 169.50 92.63
C ASP Z 507 -52.46 170.94 92.99
N PRO Z 508 -51.53 171.67 93.63
CA PRO Z 508 -51.79 173.07 93.97
C PRO Z 508 -52.08 173.89 92.73
N ASN Z 509 -53.27 174.48 92.68
CA ASN Z 509 -53.73 175.18 91.50
C ASN Z 509 -52.92 176.45 91.25
N ARG Z 510 -52.72 176.77 89.99
CA ARG Z 510 -52.04 177.97 89.54
C ARG Z 510 -53.07 179.03 89.14
N PRO Z 511 -52.67 180.31 89.11
CA PRO Z 511 -53.60 181.34 88.65
C PRO Z 511 -53.93 181.18 87.17
N ARG Z 512 -55.06 181.75 86.78
CA ARG Z 512 -55.53 181.65 85.41
C ARG Z 512 -54.62 182.44 84.48
N CYS Z 513 -54.26 181.82 83.35
CA CYS Z 513 -53.40 182.43 82.33
C CYS Z 513 -52.04 182.80 82.90
N LEU Z 514 -51.07 181.90 82.77
CA LEU Z 514 -49.73 182.16 83.25
C LEU Z 514 -49.08 183.29 82.45
N PRO Z 515 -48.18 184.05 83.06
CA PRO Z 515 -47.52 185.15 82.34
C PRO Z 515 -46.68 184.63 81.18
N LEU Z 516 -46.20 185.57 80.37
CA LEU Z 516 -45.44 185.23 79.17
C LEU Z 516 -44.15 184.45 79.47
N PRO Z 517 -43.32 184.82 80.46
CA PRO Z 517 -42.09 184.05 80.70
C PRO Z 517 -42.32 182.61 81.12
N ILE Z 518 -43.54 182.24 81.49
CA ILE Z 518 -43.82 180.86 81.91
C ILE Z 518 -45.08 180.36 81.21
N CYS Z 519 -45.16 180.59 79.90
CA CYS Z 519 -46.30 180.10 79.11
C CYS Z 519 -45.85 180.05 77.66
N LYS Z 520 -45.58 178.84 77.16
CA LYS Z 520 -45.15 178.67 75.79
C LYS Z 520 -46.34 178.82 74.84
N GLN Z 521 -46.03 178.87 73.55
CA GLN Z 521 -47.07 179.02 72.54
C GLN Z 521 -47.87 177.75 72.38
N LEU Z 522 -49.18 177.90 72.27
CA LEU Z 522 -50.09 176.76 72.11
C LEU Z 522 -50.52 176.52 70.67
N PHE Z 523 -50.32 177.50 69.78
CA PHE Z 523 -50.69 177.35 68.38
C PHE Z 523 -49.63 176.53 67.64
N THR Z 524 -49.82 176.37 66.34
CA THR Z 524 -48.91 175.60 65.50
C THR Z 524 -48.26 176.52 64.47
N ASP Z 525 -47.13 176.06 63.94
CA ASP Z 525 -46.43 176.84 62.92
C ASP Z 525 -47.27 176.97 61.66
N ARG Z 526 -48.03 175.93 61.31
CA ARG Z 526 -48.91 176.01 60.15
C ARG Z 526 -50.00 177.06 60.35
N GLN Z 527 -50.61 177.09 61.53
CA GLN Z 527 -51.62 178.09 61.81
C GLN Z 527 -51.04 179.49 61.82
N ARG Z 528 -49.82 179.65 62.37
CA ARG Z 528 -49.18 180.95 62.36
C ARG Z 528 -48.88 181.43 60.94
N SER Z 529 -48.39 180.52 60.10
CA SER Z 529 -48.11 180.88 58.71
C SER Z 529 -49.40 181.22 57.96
N TRP Z 530 -50.47 180.48 58.21
CA TRP Z 530 -51.74 180.77 57.58
C TRP Z 530 -52.27 182.14 58.02
N TRP Z 531 -52.16 182.46 59.30
CA TRP Z 531 -52.59 183.77 59.79
C TRP Z 531 -51.76 184.89 59.17
N ASP Z 532 -50.45 184.69 59.08
CA ASP Z 532 -49.59 185.71 58.48
C ASP Z 532 -49.92 185.91 57.00
N ALA Z 533 -50.15 184.82 56.28
CA ALA Z 533 -50.50 184.93 54.87
C ALA Z 533 -51.85 185.62 54.68
N VAL Z 534 -52.82 185.30 55.53
CA VAL Z 534 -54.13 185.95 55.45
C VAL Z 534 -53.99 187.45 55.72
N TYR Z 535 -53.20 187.81 56.73
CA TYR Z 535 -52.98 189.22 57.03
C TYR Z 535 -52.31 189.94 55.87
N SER Z 536 -51.29 189.32 55.27
CA SER Z 536 -50.58 189.94 54.16
C SER Z 536 -51.47 190.06 52.93
N LEU Z 537 -52.37 189.10 52.71
CA LEU Z 537 -53.26 189.16 51.55
C LEU Z 537 -54.39 190.17 51.76
N ILE Z 538 -54.84 190.36 53.00
CA ILE Z 538 -55.92 191.31 53.24
C ILE Z 538 -55.41 192.74 53.28
N THR Z 539 -54.26 192.96 53.92
CA THR Z 539 -53.70 194.31 54.03
C THR Z 539 -53.01 194.78 52.75
N LYS Z 540 -53.13 194.03 51.65
CA LYS Z 540 -52.54 194.39 50.37
C LYS Z 540 -51.03 194.57 50.49
N LYS Z 541 -50.39 193.65 51.21
CA LYS Z 541 -48.94 193.67 51.41
C LYS Z 541 -48.24 192.52 50.69
N ALA Z 542 -48.89 191.94 49.69
CA ALA Z 542 -48.30 190.84 48.93
C ALA Z 542 -47.35 191.37 47.86
N LEU Z 543 -46.61 190.44 47.25
CA LEU Z 543 -45.65 190.77 46.21
C LEU Z 543 -46.15 190.32 44.84
N PRO Z 544 -45.89 191.08 43.79
CA PRO Z 544 -46.35 190.67 42.44
C PRO Z 544 -45.62 189.42 41.95
N GLY Z 545 -46.17 188.25 42.25
CA GLY Z 545 -45.58 187.00 41.84
C GLY Z 545 -45.83 185.88 42.82
N THR Z 546 -45.85 186.21 44.11
CA THR Z 546 -46.10 185.24 45.17
C THR Z 546 -47.55 185.25 45.62
N SER Z 547 -48.42 185.99 44.93
CA SER Z 547 -49.82 186.06 45.32
C SER Z 547 -50.51 184.71 45.18
N ALA Z 548 -50.21 183.98 44.09
CA ALA Z 548 -50.81 182.66 43.91
C ALA Z 548 -50.35 181.68 44.98
N LYS Z 549 -49.06 181.72 45.32
CA LYS Z 549 -48.55 180.85 46.38
C LYS Z 549 -49.17 181.20 47.72
N LEU Z 550 -49.33 182.49 48.01
CA LEU Z 550 -49.97 182.90 49.26
C LEU Z 550 -51.42 182.44 49.31
N ARG Z 551 -52.14 182.58 48.19
CA ARG Z 551 -53.53 182.14 48.15
C ARG Z 551 -53.63 180.63 48.33
N SER Z 552 -52.71 179.87 47.73
CA SER Z 552 -52.72 178.42 47.91
C SER Z 552 -52.43 178.03 49.34
N VAL Z 553 -51.44 178.69 49.97
CA VAL Z 553 -51.12 178.40 51.36
C VAL Z 553 -52.30 178.75 52.26
N ILE Z 554 -53.01 179.84 51.95
CA ILE Z 554 -54.19 180.21 52.73
C ILE Z 554 -55.28 179.16 52.57
N GLN Z 555 -55.56 178.74 51.33
CA GLN Z 555 -56.62 177.79 51.08
C GLN Z 555 -56.30 176.42 51.68
N HIS Z 556 -55.02 176.07 51.80
CA HIS Z 556 -54.64 174.78 52.38
C HIS Z 556 -55.19 174.61 53.79
N ASP Z 557 -55.28 175.70 54.55
CA ASP Z 557 -55.89 175.66 55.88
C ASP Z 557 -57.31 176.18 55.90
N LEU Z 558 -57.72 176.94 54.89
CA LEU Z 558 -59.09 177.43 54.83
C LEU Z 558 -60.06 176.34 54.41
N THR Z 559 -59.57 175.30 53.72
CA THR Z 559 -60.44 174.20 53.34
C THR Z 559 -60.99 173.46 54.56
N THR Z 560 -60.31 173.57 55.70
CA THR Z 560 -60.78 172.97 56.93
C THR Z 560 -61.66 173.91 57.75
N LEU Z 561 -61.29 175.20 57.79
CA LEU Z 561 -62.06 176.16 58.57
C LEU Z 561 -63.38 176.52 57.91
N ARG Z 562 -63.53 176.24 56.62
CA ARG Z 562 -64.76 176.53 55.89
C ARG Z 562 -65.81 175.43 56.01
N ALA Z 563 -65.68 174.56 57.02
CA ALA Z 563 -66.63 173.47 57.27
C ALA Z 563 -66.74 172.55 56.05
N GLN Z 564 -65.67 171.79 55.82
CA GLN Z 564 -65.59 170.86 54.71
C GLN Z 564 -65.02 169.54 55.20
N GLU Z 565 -65.14 168.50 54.37
CA GLU Z 565 -64.66 167.17 54.72
C GLU Z 565 -63.17 167.19 55.06
N LYS Z 566 -62.74 166.13 55.74
CA LYS Z 566 -61.37 166.02 56.26
C LYS Z 566 -61.06 167.20 57.17
N HIS Z 567 -61.60 167.17 58.38
CA HIS Z 567 -61.48 168.28 59.32
C HIS Z 567 -60.26 168.10 60.22
N GLY Z 568 -60.03 169.10 61.06
CA GLY Z 568 -59.02 169.05 62.10
C GLY Z 568 -59.61 169.42 63.44
N LEU Z 569 -60.80 170.02 63.42
CA LEU Z 569 -61.50 170.38 64.65
C LEU Z 569 -62.55 169.32 64.97
N GLN Z 570 -63.72 169.75 65.46
CA GLN Z 570 -64.77 168.84 65.84
C GLN Z 570 -66.09 169.23 65.19
N PRO Z 571 -66.91 168.24 64.80
CA PRO Z 571 -68.23 168.57 64.24
C PRO Z 571 -69.13 169.31 65.21
N ALA Z 572 -69.04 168.99 66.51
CA ALA Z 572 -69.81 169.75 67.50
C ALA Z 572 -69.35 171.19 67.57
N VAL Z 573 -68.04 171.43 67.45
CA VAL Z 573 -67.53 172.79 67.46
C VAL Z 573 -67.98 173.54 66.22
N LEU Z 574 -68.03 172.85 65.06
CA LEU Z 574 -68.53 173.49 63.86
C LEU Z 574 -70.02 173.82 63.99
N VAL Z 575 -70.78 172.92 64.60
CA VAL Z 575 -72.21 173.19 64.82
C VAL Z 575 -72.38 174.38 65.76
N ASN Z 576 -71.56 174.47 66.80
CA ASN Z 576 -71.60 175.61 67.70
C ASN Z 576 -71.25 176.91 66.96
N TRP Z 577 -70.26 176.85 66.07
CA TRP Z 577 -69.92 178.01 65.26
C TRP Z 577 -71.11 178.46 64.42
N ALA Z 578 -71.75 177.51 63.74
CA ALA Z 578 -72.90 177.85 62.89
C ALA Z 578 -74.04 178.41 63.71
N ARG Z 579 -74.31 177.82 64.88
CA ARG Z 579 -75.39 178.31 65.73
C ARG Z 579 -75.10 179.72 66.24
N GLY Z 580 -73.86 179.98 66.66
CA GLY Z 580 -73.51 181.32 67.11
C GLY Z 580 -73.60 182.34 65.99
N LEU Z 581 -73.16 181.97 64.78
CA LEU Z 581 -73.27 182.87 63.64
C LEU Z 581 -74.74 183.18 63.32
N HIS Z 582 -75.59 182.15 63.33
CA HIS Z 582 -77.01 182.37 63.06
C HIS Z 582 -77.65 183.24 64.13
N LYS Z 583 -77.28 183.03 65.41
CA LYS Z 583 -77.83 183.84 66.48
C LYS Z 583 -77.39 185.29 66.36
N THR Z 584 -76.11 185.52 66.06
CA THR Z 584 -75.62 186.88 65.90
C THR Z 584 -76.24 187.56 64.69
N GLY Z 585 -76.55 186.80 63.64
CA GLY Z 585 -77.20 187.39 62.47
C GLY Z 585 -78.69 187.58 62.60
N TYR Z 586 -79.33 186.87 63.53
CA TYR Z 586 -80.77 186.97 63.71
C TYR Z 586 -81.18 187.86 64.88
N SER Z 587 -80.31 188.08 65.86
CA SER Z 587 -80.66 188.88 67.02
C SER Z 587 -80.40 190.36 66.84
N LEU Z 588 -79.57 190.75 65.89
CA LEU Z 588 -79.25 192.16 65.66
C LEU Z 588 -80.37 192.81 64.86
N ASN Z 589 -80.14 194.06 64.43
CA ASN Z 589 -81.14 194.76 63.64
C ASN Z 589 -80.53 195.70 62.59
N SER Z 590 -79.27 195.49 62.22
CA SER Z 590 -78.60 196.34 61.24
C SER Z 590 -78.97 195.91 59.82
N PHE Z 591 -77.99 195.84 58.94
CA PHE Z 591 -78.23 195.44 57.56
C PHE Z 591 -77.01 194.74 56.96
N TYR Z 592 -75.92 195.49 56.77
CA TYR Z 592 -74.73 194.93 56.14
C TYR Z 592 -74.07 193.87 57.02
N ASP Z 593 -73.95 194.15 58.32
CA ASP Z 593 -73.32 193.20 59.23
C ASP Z 593 -74.14 191.92 59.32
N GLN Z 594 -75.46 192.06 59.47
CA GLN Z 594 -76.33 190.89 59.53
C GLN Z 594 -76.28 190.09 58.23
N LYS Z 595 -76.24 190.80 57.09
CA LYS Z 595 -76.17 190.12 55.80
C LYS Z 595 -74.87 189.33 55.66
N GLU Z 596 -73.75 189.94 56.07
CA GLU Z 596 -72.47 189.24 56.01
C GLU Z 596 -72.46 188.03 56.95
N TYR Z 597 -73.01 188.18 58.15
CA TYR Z 597 -73.06 187.08 59.10
C TYR Z 597 -73.87 185.92 58.54
N MET Z 598 -75.08 186.20 58.02
CA MET Z 598 -75.91 185.13 57.51
C MET Z 598 -75.35 184.55 56.22
N GLY Z 599 -74.63 185.34 55.42
CA GLY Z 599 -73.99 184.78 54.25
C GLY Z 599 -72.87 183.82 54.60
N ARG Z 600 -72.06 184.19 55.59
CA ARG Z 600 -71.02 183.27 56.06
C ARG Z 600 -71.64 182.01 56.66
N CYS Z 601 -72.75 182.16 57.40
CA CYS Z 601 -73.42 180.99 57.95
C CYS Z 601 -73.98 180.09 56.86
N VAL Z 602 -74.54 180.71 55.81
CA VAL Z 602 -75.08 179.93 54.69
C VAL Z 602 -73.97 179.19 53.97
N HIS Z 603 -72.83 179.85 53.77
CA HIS Z 603 -71.69 179.19 53.14
C HIS Z 603 -71.20 178.02 53.98
N TYR Z 604 -71.09 178.23 55.30
CA TYR Z 604 -70.67 177.15 56.18
C TYR Z 604 -71.64 175.98 56.13
N TRP Z 605 -72.94 176.27 56.12
CA TRP Z 605 -73.94 175.20 56.09
C TRP Z 605 -73.89 174.43 54.77
N LYS Z 606 -73.82 175.15 53.65
CA LYS Z 606 -73.80 174.50 52.35
C LYS Z 606 -72.49 173.75 52.10
N LYS Z 607 -71.41 174.11 52.81
CA LYS Z 607 -70.18 173.33 52.69
C LYS Z 607 -70.16 172.16 53.67
N LEU Z 608 -70.89 172.26 54.78
CA LEU Z 608 -70.95 171.20 55.76
C LEU Z 608 -72.00 170.14 55.44
N LEU Z 609 -72.94 170.45 54.55
CA LEU Z 609 -73.95 169.48 54.15
C LEU Z 609 -73.40 168.09 53.84
N PRO Z 610 -72.29 167.92 53.11
CA PRO Z 610 -71.75 166.56 52.94
C PRO Z 610 -71.34 165.90 54.24
N LEU Z 611 -70.76 166.66 55.18
CA LEU Z 611 -70.41 166.10 56.47
C LEU Z 611 -71.66 165.73 57.26
N LEU Z 612 -72.73 166.53 57.13
CA LEU Z 612 -73.99 166.17 57.78
C LEU Z 612 -74.55 164.88 57.21
N ASP Z 613 -74.48 164.71 55.88
CA ASP Z 613 -74.94 163.48 55.27
C ASP Z 613 -74.09 162.29 55.72
N LEU Z 614 -72.78 162.50 55.86
CA LEU Z 614 -71.91 161.43 56.34
C LEU Z 614 -72.23 161.04 57.78
N VAL Z 615 -72.50 162.03 58.63
CA VAL Z 615 -72.88 161.73 60.01
C VAL Z 615 -74.22 161.01 60.06
N LYS Z 616 -75.15 161.40 59.18
CA LYS Z 616 -76.43 160.70 59.11
C LYS Z 616 -76.25 159.25 58.70
N GLN Z 617 -75.41 159.01 57.69
CA GLN Z 617 -75.12 157.65 57.26
C GLN Z 617 -74.21 156.90 58.22
N LYS Z 618 -73.66 157.58 59.22
CA LYS Z 618 -72.79 156.96 60.23
C LYS Z 618 -71.57 156.35 59.58
N LYS Z 619 -70.57 157.18 59.24
CA LYS Z 619 -69.36 156.69 58.59
C LYS Z 619 -68.12 157.19 59.33
N SER Z 620 -67.14 157.68 58.57
CA SER Z 620 -65.88 158.12 59.16
C SER Z 620 -66.04 159.45 59.88
N ILE Z 621 -65.16 159.70 60.84
CA ILE Z 621 -65.15 160.94 61.61
C ILE Z 621 -63.88 161.72 61.25
N PRO Z 622 -63.81 163.03 61.51
CA PRO Z 622 -62.58 163.77 61.23
C PRO Z 622 -61.37 163.19 61.95
N GLU Z 623 -60.62 162.35 61.25
CA GLU Z 623 -59.43 161.74 61.83
C GLU Z 623 -58.32 162.78 61.97
N PRO Z 624 -57.44 162.63 62.97
CA PRO Z 624 -56.35 163.59 63.13
C PRO Z 624 -55.31 163.48 62.03
N VAL Z 625 -55.65 163.94 60.82
CA VAL Z 625 -54.72 163.93 59.70
C VAL Z 625 -54.03 165.28 59.50
N ASP Z 626 -54.64 166.38 59.95
CA ASP Z 626 -54.06 167.70 59.85
C ASP Z 626 -53.55 168.17 61.21
N PRO Z 627 -52.44 168.93 61.23
CA PRO Z 627 -51.90 169.40 62.51
C PRO Z 627 -52.76 170.46 63.17
N LEU Z 628 -53.96 170.09 63.61
CA LEU Z 628 -54.89 171.00 64.27
C LEU Z 628 -55.36 170.38 65.58
N PHE Z 629 -54.40 170.05 66.45
CA PHE Z 629 -54.65 169.47 67.76
C PHE Z 629 -55.44 168.16 67.64
N LYS Z 630 -56.05 167.74 68.74
CA LYS Z 630 -56.81 166.50 68.77
C LYS Z 630 -57.76 166.52 69.96
N HIS Z 631 -59.01 166.11 69.74
CA HIS Z 631 -59.99 166.06 70.81
C HIS Z 631 -60.53 164.64 70.99
N PHE Z 632 -61.66 164.50 71.65
CA PHE Z 632 -62.25 163.19 71.90
C PHE Z 632 -63.74 163.25 71.54
N HIS Z 633 -64.49 162.23 71.96
CA HIS Z 633 -65.91 162.14 71.67
C HIS Z 633 -66.77 162.99 72.60
N ASN Z 634 -66.18 163.58 73.65
CA ASN Z 634 -66.96 164.42 74.55
C ASN Z 634 -67.42 165.70 73.86
N LYS Z 635 -66.71 166.15 72.83
CA LYS Z 635 -67.09 167.34 72.10
C LYS Z 635 -67.38 167.00 70.64
N ASP Z 636 -68.19 165.95 70.42
CA ASP Z 636 -68.55 165.51 69.08
C ASP Z 636 -70.06 165.54 68.92
N ILE Z 637 -70.50 165.66 67.67
CA ILE Z 637 -71.93 165.70 67.38
C ILE Z 637 -72.51 164.29 67.43
N LYS Z 638 -73.82 164.21 67.58
CA LYS Z 638 -74.52 162.94 67.66
C LYS Z 638 -75.14 162.59 66.30
N VAL Z 639 -75.81 161.45 66.25
CA VAL Z 639 -76.44 160.97 65.02
C VAL Z 639 -77.92 161.30 64.96
N SER Z 640 -78.53 161.75 66.06
CA SER Z 640 -79.94 162.07 66.10
C SER Z 640 -80.22 163.57 65.92
N GLU Z 641 -79.30 164.29 65.25
CA GLU Z 641 -79.46 165.71 65.04
C GLU Z 641 -79.12 166.13 63.61
N VAL Z 642 -78.94 165.18 62.70
CA VAL Z 642 -78.61 165.54 61.32
C VAL Z 642 -79.77 166.24 60.65
N LYS Z 643 -81.00 165.76 60.89
CA LYS Z 643 -82.18 166.43 60.33
C LYS Z 643 -82.32 167.83 60.91
N ASP Z 644 -82.03 167.99 62.21
CA ASP Z 644 -82.10 169.31 62.82
C ASP Z 644 -81.06 170.25 62.22
N LEU Z 645 -79.86 169.73 61.92
CA LEU Z 645 -78.83 170.56 61.32
C LEU Z 645 -79.20 170.96 59.89
N GLU Z 646 -79.76 170.03 59.11
CA GLU Z 646 -80.24 170.39 57.77
C GLU Z 646 -81.35 171.43 57.84
N ASP Z 647 -82.26 171.28 58.81
CA ASP Z 647 -83.33 172.26 58.97
C ASP Z 647 -82.77 173.61 59.41
N GLU Z 648 -81.73 173.63 60.23
CA GLU Z 648 -81.10 174.89 60.61
C GLU Z 648 -80.42 175.54 59.41
N ALA Z 649 -79.82 174.74 58.54
CA ALA Z 649 -79.28 175.28 57.29
C ALA Z 649 -80.37 175.90 56.44
N CYS Z 650 -81.51 175.22 56.33
CA CYS Z 650 -82.65 175.78 55.59
C CYS Z 650 -83.15 177.06 56.26
N ILE Z 651 -83.12 177.11 57.59
CA ILE Z 651 -83.52 178.31 58.31
C ILE Z 651 -82.58 179.47 58.00
N ALA Z 652 -81.28 179.19 57.94
CA ALA Z 652 -80.32 180.22 57.57
C ALA Z 652 -80.55 180.70 56.14
N PHE Z 653 -80.85 179.78 55.23
CA PHE Z 653 -81.19 180.17 53.86
C PHE Z 653 -82.40 181.09 53.83
N ALA Z 654 -83.44 180.73 54.59
CA ALA Z 654 -84.66 181.53 54.61
C ALA Z 654 -84.42 182.90 55.24
N THR Z 655 -83.57 182.97 56.26
CA THR Z 655 -83.25 184.25 56.87
C THR Z 655 -82.46 185.14 55.92
N LEU Z 656 -81.53 184.55 55.17
CA LEU Z 656 -80.81 185.30 54.15
C LEU Z 656 -81.77 185.83 53.09
N ASP Z 657 -82.71 184.99 52.65
CA ASP Z 657 -83.70 185.44 51.67
C ASP Z 657 -84.59 186.54 52.23
N LEU Z 658 -84.91 186.46 53.53
CA LEU Z 658 -85.73 187.51 54.15
C LEU Z 658 -84.99 188.84 54.19
N VAL Z 659 -83.73 188.82 54.64
CA VAL Z 659 -82.97 190.06 54.72
C VAL Z 659 -82.65 190.60 53.33
N ASP Z 660 -82.56 189.74 52.31
CA ASP Z 660 -82.33 190.22 50.96
C ASP Z 660 -83.49 191.08 50.46
N GLY Z 661 -84.71 190.76 50.88
CA GLY Z 661 -85.87 191.56 50.50
C GLY Z 661 -87.04 190.75 49.99
N LYS Z 662 -87.13 189.49 50.41
CA LYS Z 662 -88.22 188.59 50.01
C LYS Z 662 -88.88 188.07 51.28
N THR Z 663 -89.68 188.93 51.91
CA THR Z 663 -90.33 188.55 53.17
C THR Z 663 -91.33 187.43 52.96
N GLU Z 664 -92.19 187.55 51.95
CA GLU Z 664 -93.20 186.52 51.70
C GLU Z 664 -92.57 185.21 51.27
N ASP Z 665 -91.54 185.27 50.42
CA ASP Z 665 -90.86 184.06 49.99
C ASP Z 665 -90.17 183.38 51.17
N ALA Z 666 -89.55 184.17 52.05
CA ALA Z 666 -88.91 183.59 53.23
C ALA Z 666 -89.94 182.98 54.18
N ILE Z 667 -91.10 183.62 54.31
CA ILE Z 667 -92.16 183.05 55.16
C ILE Z 667 -92.65 181.73 54.57
N ILE Z 668 -92.80 181.67 53.25
CA ILE Z 668 -93.23 180.43 52.60
C ILE Z 668 -92.18 179.34 52.81
N ALA Z 669 -90.89 179.70 52.68
CA ALA Z 669 -89.83 178.71 52.89
C ALA Z 669 -89.80 178.22 54.33
N PHE Z 670 -90.00 179.14 55.28
CA PHE Z 670 -90.03 178.75 56.69
C PHE Z 670 -91.22 177.83 56.98
N GLU Z 671 -92.37 178.11 56.37
CA GLU Z 671 -93.54 177.25 56.56
C GLU Z 671 -93.33 175.88 55.93
N SER Z 672 -92.61 175.83 54.80
CA SER Z 672 -92.34 174.55 54.16
C SER Z 672 -91.34 173.74 54.97
N VAL Z 673 -90.35 174.39 55.57
CA VAL Z 673 -89.36 173.70 56.38
C VAL Z 673 -89.98 173.31 57.71
N LYS Z 674 -89.83 172.03 58.07
CA LYS Z 674 -90.41 171.49 59.30
C LYS Z 674 -89.32 171.40 60.37
N ASN Z 675 -89.37 172.30 61.35
CA ASN Z 675 -88.39 172.30 62.43
C ASN Z 675 -88.92 173.17 63.56
N VAL Z 676 -88.55 172.81 64.79
CA VAL Z 676 -88.95 173.60 65.95
C VAL Z 676 -88.31 174.98 65.89
N VAL Z 677 -87.05 175.06 65.45
CA VAL Z 677 -86.40 176.36 65.29
C VAL Z 677 -87.07 177.16 64.18
N ALA Z 678 -87.50 176.49 63.12
CA ALA Z 678 -88.19 177.17 62.04
C ALA Z 678 -89.52 177.74 62.52
N TYR Z 679 -90.27 176.97 63.31
CA TYR Z 679 -91.53 177.48 63.84
C TYR Z 679 -91.32 178.59 64.85
N TRP Z 680 -90.23 178.53 65.63
CA TRP Z 680 -89.92 179.61 66.55
C TRP Z 680 -89.59 180.90 65.80
N ASN Z 681 -88.79 180.78 64.73
CA ASN Z 681 -88.49 181.95 63.91
C ASN Z 681 -89.75 182.49 63.24
N LEU Z 682 -90.64 181.59 62.82
CA LEU Z 682 -91.92 182.03 62.24
C LEU Z 682 -92.75 182.79 63.26
N ALA Z 683 -92.80 182.30 64.50
CA ALA Z 683 -93.54 182.99 65.55
C ALA Z 683 -92.93 184.35 65.85
N LEU Z 684 -91.60 184.44 65.86
CA LEU Z 684 -90.94 185.72 66.10
C LEU Z 684 -91.23 186.70 64.98
N ILE Z 685 -91.18 186.23 63.73
CA ILE Z 685 -91.48 187.10 62.59
C ILE Z 685 -92.93 187.55 62.63
N TYR Z 686 -93.84 186.66 63.01
CA TYR Z 686 -95.25 187.02 63.09
C TYR Z 686 -95.48 188.05 64.20
N GLN Z 687 -94.78 187.90 65.33
CA GLN Z 687 -94.91 188.87 66.41
C GLN Z 687 -94.37 190.24 65.99
N ARG Z 688 -93.23 190.24 65.28
CA ARG Z 688 -92.68 191.51 64.78
C ARG Z 688 -93.63 192.17 63.79
N LYS Z 689 -94.23 191.37 62.89
CA LYS Z 689 -95.17 191.93 61.93
C LYS Z 689 -96.42 192.45 62.62
N ALA Z 690 -96.89 191.76 63.66
CA ALA Z 690 -98.04 192.24 64.42
C ALA Z 690 -97.73 193.56 65.12
N GLU Z 691 -96.53 193.67 65.70
CA GLU Z 691 -96.12 194.92 66.33
C GLU Z 691 -96.05 196.05 65.31
N GLU Z 692 -95.49 195.76 64.13
CA GLU Z 692 -95.42 196.79 63.09
C GLU Z 692 -96.81 197.21 62.62
N ILE Z 693 -97.73 196.26 62.50
CA ILE Z 693 -99.09 196.58 62.07
C ILE Z 693 -99.80 197.41 63.13
N GLU Z 694 -99.61 197.06 64.41
CA GLU Z 694 -100.22 197.84 65.49
C GLU Z 694 -99.63 199.25 65.56
N ASN Z 695 -98.34 199.40 65.24
CA ASN Z 695 -97.73 200.72 65.22
C ASN Z 695 -98.25 201.54 64.04
N ASP Z 696 -98.45 200.90 62.90
CA ASP Z 696 -98.96 201.59 61.71
C ASP Z 696 -100.48 201.46 61.67
N CYS Z 697 -101.07 201.58 60.49
CA CYS Z 697 -102.52 201.47 60.35
C CYS Z 697 -102.95 200.01 60.40
N LEU Z 698 -104.26 199.78 60.38
CA LEU Z 698 -104.83 198.44 60.44
C LEU Z 698 -106.03 198.34 59.50
N PRO Z 699 -105.78 198.18 58.20
CA PRO Z 699 -106.88 197.94 57.26
C PRO Z 699 -107.48 196.55 57.43
N ALA Z 700 -108.53 196.25 56.67
CA ALA Z 700 -109.19 194.95 56.80
C ALA Z 700 -108.29 193.82 56.32
N GLU Z 701 -107.61 194.01 55.20
CA GLU Z 701 -106.71 192.98 54.68
C GLU Z 701 -105.55 192.74 55.63
N GLU Z 702 -104.97 193.81 56.17
CA GLU Z 702 -103.86 193.65 57.10
C GLU Z 702 -104.33 193.00 58.40
N GLN Z 703 -105.54 193.32 58.85
CA GLN Z 703 -106.08 192.68 60.05
C GLN Z 703 -106.29 191.19 59.82
N GLU Z 704 -106.83 190.82 58.65
CA GLU Z 704 -107.01 189.40 58.34
C GLU Z 704 -105.67 188.69 58.25
N GLU Z 705 -104.67 189.34 57.65
CA GLU Z 705 -103.34 188.74 57.56
C GLU Z 705 -102.72 188.55 58.94
N PHE Z 706 -102.91 189.53 59.83
CA PHE Z 706 -102.38 189.42 61.18
C PHE Z 706 -103.08 188.30 61.96
N GLN Z 707 -104.40 188.18 61.79
CA GLN Z 707 -105.13 187.09 62.44
C GLN Z 707 -104.65 185.73 61.93
N GLU Z 708 -104.46 185.61 60.61
CA GLU Z 708 -103.96 184.36 60.04
C GLU Z 708 -102.56 184.05 60.54
N CYS Z 709 -101.71 185.07 60.66
CA CYS Z 709 -100.35 184.85 61.16
C CYS Z 709 -100.36 184.41 62.62
N LEU Z 710 -101.25 185.00 63.43
CA LEU Z 710 -101.34 184.59 64.83
C LEU Z 710 -101.86 183.16 64.94
N LEU Z 711 -102.85 182.79 64.13
CA LEU Z 711 -103.34 181.42 64.14
C LEU Z 711 -102.26 180.44 63.70
N LYS Z 712 -101.48 180.81 62.68
CA LYS Z 712 -100.40 179.95 62.23
C LYS Z 712 -99.31 179.81 63.30
N CYS Z 713 -99.01 180.90 64.02
CA CYS Z 713 -98.03 180.82 65.09
C CYS Z 713 -98.52 179.94 66.23
N LYS Z 714 -99.81 180.04 66.57
CA LYS Z 714 -100.37 179.18 67.60
C LYS Z 714 -100.32 177.71 67.17
N GLY Z 715 -100.66 177.42 65.92
CA GLY Z 715 -100.57 176.06 65.43
C GLY Z 715 -99.14 175.54 65.42
N PHE Z 716 -98.19 176.41 65.08
CA PHE Z 716 -96.79 176.01 65.07
C PHE Z 716 -96.29 175.71 66.49
N LEU Z 717 -96.71 176.51 67.46
CA LEU Z 717 -96.34 176.22 68.85
C LEU Z 717 -96.98 174.91 69.33
N LYS Z 718 -98.23 174.68 68.95
CA LYS Z 718 -98.90 173.43 69.32
C LYS Z 718 -98.19 172.23 68.71
N MET Z 719 -97.81 172.32 67.44
CA MET Z 719 -97.11 171.20 66.81
C MET Z 719 -95.69 171.05 67.35
N ILE Z 720 -95.07 172.15 67.80
CA ILE Z 720 -93.78 172.05 68.49
C ILE Z 720 -93.92 171.25 69.77
N CYS Z 721 -94.96 171.58 70.56
CA CYS Z 721 -95.20 170.83 71.79
C CYS Z 721 -95.49 169.37 71.50
N ASP Z 722 -96.28 169.09 70.46
CA ASP Z 722 -96.59 167.72 70.10
C ASP Z 722 -95.34 166.95 69.68
N GLU Z 723 -94.48 167.58 68.88
CA GLU Z 723 -93.25 166.91 68.44
C GLU Z 723 -92.30 166.68 69.61
N TYR Z 724 -92.23 167.64 70.54
CA TYR Z 724 -91.37 167.47 71.70
C TYR Z 724 -91.90 166.36 72.62
N SER Z 725 -93.22 166.22 72.71
CA SER Z 725 -93.80 165.14 73.52
C SER Z 725 -93.67 163.79 72.85
N ALA Z 726 -93.68 163.75 71.51
CA ALA Z 726 -93.60 162.48 70.78
C ALA Z 726 -92.15 162.07 70.54
N TYR Z 727 -91.49 162.75 69.60
CA TYR Z 727 -90.13 162.38 69.21
C TYR Z 727 -89.14 162.88 70.25
N PRO Z 728 -88.38 161.99 70.91
CA PRO Z 728 -87.41 162.46 71.90
C PRO Z 728 -86.11 162.97 71.30
N SER Z 729 -85.83 162.66 70.03
CA SER Z 729 -84.57 163.11 69.43
C SER Z 729 -84.55 164.61 69.15
N ILE Z 730 -85.72 165.24 69.05
CA ILE Z 730 -85.76 166.68 68.80
C ILE Z 730 -85.38 167.48 70.02
N ALA Z 731 -85.50 166.90 71.22
CA ALA Z 731 -85.15 167.61 72.44
C ALA Z 731 -83.64 167.82 72.59
N THR Z 732 -82.82 167.07 71.84
CA THR Z 732 -81.38 167.22 71.91
C THR Z 732 -80.88 168.49 71.23
N SER Z 733 -81.71 169.13 70.41
CA SER Z 733 -81.33 170.36 69.71
C SER Z 733 -82.53 171.31 69.78
N LEU Z 734 -82.61 172.09 70.85
CA LEU Z 734 -83.68 173.03 71.08
C LEU Z 734 -83.14 174.44 71.15
N PRO Z 735 -83.69 175.39 70.39
CA PRO Z 735 -83.21 176.77 70.48
C PRO Z 735 -83.56 177.44 71.79
N VAL Z 736 -84.78 177.97 71.88
CA VAL Z 736 -85.27 178.61 73.10
C VAL Z 736 -85.74 177.52 74.06
N PRO Z 737 -85.61 177.71 75.37
CA PRO Z 737 -86.01 176.66 76.32
C PRO Z 737 -87.51 176.44 76.32
N VAL Z 738 -87.91 175.38 77.02
CA VAL Z 738 -89.32 175.03 77.10
C VAL Z 738 -90.10 176.10 77.86
N GLU Z 739 -89.49 176.70 78.88
CA GLU Z 739 -90.15 177.78 79.61
C GLU Z 739 -90.37 178.99 78.70
N THR Z 740 -89.38 179.32 77.87
CA THR Z 740 -89.53 180.42 76.93
C THR Z 740 -90.61 180.11 75.89
N VAL Z 741 -90.66 178.86 75.41
CA VAL Z 741 -91.70 178.47 74.47
C VAL Z 741 -93.07 178.61 75.10
N PHE Z 742 -93.21 178.17 76.36
CA PHE Z 742 -94.50 178.24 77.03
C PHE Z 742 -94.92 179.69 77.27
N GLU Z 743 -93.98 180.54 77.69
CA GLU Z 743 -94.34 181.94 77.92
C GLU Z 743 -94.66 182.66 76.62
N MET Z 744 -93.99 182.30 75.52
CA MET Z 744 -94.32 182.89 74.23
C MET Z 744 -95.71 182.45 73.76
N LEU Z 745 -96.04 181.16 73.96
CA LEU Z 745 -97.37 180.69 73.61
C LEU Z 745 -98.43 181.38 74.45
N ASP Z 746 -98.16 181.58 75.74
CA ASP Z 746 -99.12 182.26 76.61
C ASP Z 746 -99.30 183.71 76.19
N SER Z 747 -98.21 184.40 75.84
CA SER Z 747 -98.32 185.77 75.37
C SER Z 747 -99.09 185.86 74.07
N VAL Z 748 -98.85 184.93 73.15
CA VAL Z 748 -99.58 184.92 71.88
C VAL Z 748 -101.07 184.67 72.12
N LYS Z 749 -101.40 183.73 73.00
CA LYS Z 749 -102.79 183.46 73.29
C LYS Z 749 -103.47 184.66 73.96
N GLN Z 750 -102.76 185.35 74.84
CA GLN Z 750 -103.33 186.52 75.49
C GLN Z 750 -103.51 187.68 74.52
N SER Z 751 -102.60 187.83 73.56
CA SER Z 751 -102.74 188.88 72.56
C SER Z 751 -103.85 188.55 71.56
N LEU Z 752 -104.07 187.28 71.27
CA LEU Z 752 -105.12 186.88 70.35
C LEU Z 752 -106.49 186.94 71.02
N GLY Z 753 -106.72 186.06 71.99
CA GLY Z 753 -108.00 186.01 72.67
C GLY Z 753 -108.46 184.61 72.95
N GLU Z 754 -109.57 184.46 73.67
CA GLU Z 754 -110.11 183.15 74.00
C GLU Z 754 -110.99 182.66 72.85
N ALA Z 755 -111.77 181.60 73.11
CA ALA Z 755 -112.69 181.01 72.14
C ALA Z 755 -111.97 180.56 70.87
N MET Z 756 -111.47 181.52 70.09
CA MET Z 756 -110.81 181.19 68.83
C MET Z 756 -109.49 180.45 69.04
N ASP Z 757 -108.92 180.53 70.24
CA ASP Z 757 -107.65 179.86 70.50
C ASP Z 757 -107.87 178.35 70.67
N ASP Z 758 -106.76 177.61 70.75
CA ASP Z 758 -106.82 176.17 70.91
C ASP Z 758 -105.98 175.72 72.11
N GLU AA 694 -15.05 27.14 -163.92
CA GLU AA 694 -14.81 27.19 -162.48
C GLU AA 694 -15.39 28.46 -161.88
N ASN AA 695 -15.69 28.42 -160.58
CA ASN AA 695 -16.25 29.56 -159.87
C ASN AA 695 -15.14 30.42 -159.29
N GLN AA 696 -15.37 31.73 -159.28
CA GLN AA 696 -14.36 32.65 -158.74
C GLN AA 696 -14.48 32.81 -157.24
N ALA AA 697 -15.67 32.65 -156.68
CA ALA AA 697 -15.90 32.78 -155.24
C ALA AA 697 -16.05 31.40 -154.59
N LYS AA 698 -14.98 30.61 -154.69
CA LYS AA 698 -14.97 29.27 -154.12
C LYS AA 698 -14.56 29.25 -152.66
N VAL AA 699 -14.16 30.39 -152.09
CA VAL AA 699 -13.76 30.43 -150.69
C VAL AA 699 -14.98 30.52 -149.78
N THR AA 700 -15.83 31.52 -150.01
CA THR AA 700 -17.04 31.65 -149.21
C THR AA 700 -18.01 30.50 -149.46
N LYS AA 701 -18.02 29.95 -150.68
CA LYS AA 701 -18.86 28.79 -150.95
C LYS AA 701 -18.40 27.58 -150.14
N GLU AA 702 -17.09 27.35 -150.09
CA GLU AA 702 -16.57 26.24 -149.29
C GLU AA 702 -16.80 26.49 -147.81
N SER AA 703 -16.71 27.75 -147.37
CA SER AA 703 -16.99 28.06 -145.97
C SER AA 703 -18.43 27.77 -145.61
N ASP AA 704 -19.38 28.17 -146.48
CA ASP AA 704 -20.78 27.88 -146.23
C ASP AA 704 -21.04 26.38 -146.28
N SER AA 705 -20.39 25.66 -147.19
CA SER AA 705 -20.55 24.22 -147.26
C SER AA 705 -20.05 23.54 -145.99
N ILE AA 706 -18.93 24.03 -145.44
CA ILE AA 706 -18.41 23.47 -144.20
C ILE AA 706 -19.34 23.79 -143.03
N LEU AA 707 -19.87 25.02 -142.99
CA LEU AA 707 -20.79 25.39 -141.92
C LEU AA 707 -22.07 24.56 -141.97
N ASN AA 708 -22.52 24.21 -143.18
CA ASN AA 708 -23.69 23.35 -143.30
C ASN AA 708 -23.36 21.91 -142.96
N GLY AA 709 -22.18 21.43 -143.36
CA GLY AA 709 -21.79 20.06 -143.07
C GLY AA 709 -21.57 19.81 -141.60
N ILE AA 710 -21.19 20.86 -140.85
CA ILE AA 710 -21.07 20.71 -139.39
C ILE AA 710 -22.41 20.30 -138.79
N ARG AA 711 -23.47 21.07 -139.08
CA ARG AA 711 -24.79 20.72 -138.58
C ARG AA 711 -25.30 19.42 -139.19
N GLU AA 712 -24.93 19.12 -140.43
CA GLU AA 712 -25.33 17.86 -141.05
C GLU AA 712 -24.76 16.68 -140.28
N GLU AA 713 -23.47 16.74 -139.95
CA GLU AA 713 -22.84 15.67 -139.17
C GLU AA 713 -23.39 15.61 -137.76
N ILE AA 714 -23.72 16.76 -137.18
CA ILE AA 714 -24.33 16.77 -135.84
C ILE AA 714 -25.67 16.03 -135.87
N ALA AA 715 -26.51 16.35 -136.87
CA ALA AA 715 -27.81 15.68 -136.99
C ALA AA 715 -27.64 14.20 -137.31
N HIS AA 716 -26.62 13.85 -138.09
CA HIS AA 716 -26.36 12.45 -138.40
C HIS AA 716 -25.97 11.67 -137.16
N PHE AA 717 -25.11 12.25 -136.31
CA PHE AA 717 -24.72 11.59 -135.07
C PHE AA 717 -25.91 11.49 -134.11
N GLN AA 718 -26.77 12.52 -134.10
CA GLN AA 718 -27.96 12.46 -133.27
C GLN AA 718 -28.90 11.35 -133.73
N LYS AA 719 -29.08 11.20 -135.04
CA LYS AA 719 -29.91 10.12 -135.57
C LYS AA 719 -29.30 8.76 -135.28
N GLU AA 720 -27.96 8.66 -135.36
CA GLU AA 720 -27.30 7.40 -135.03
C GLU AA 720 -27.49 7.04 -133.56
N LEU AA 721 -27.39 8.03 -132.67
CA LEU AA 721 -27.63 7.78 -131.26
C LEU AA 721 -29.07 7.39 -131.00
N ASP AA 722 -30.02 8.01 -131.70
CA ASP AA 722 -31.42 7.64 -131.55
C ASP AA 722 -31.66 6.21 -132.02
N ASP AA 723 -31.04 5.82 -133.14
CA ASP AA 723 -31.17 4.45 -133.63
C ASP AA 723 -30.54 3.46 -132.66
N LEU AA 724 -29.40 3.83 -132.07
CA LEU AA 724 -28.77 2.96 -131.07
C LEU AA 724 -29.66 2.79 -129.84
N LYS AA 725 -30.28 3.88 -129.38
CA LYS AA 725 -31.20 3.78 -128.26
C LYS AA 725 -32.42 2.92 -128.59
N ALA AA 726 -32.93 3.06 -129.82
CA ALA AA 726 -34.08 2.25 -130.23
C ALA AA 726 -33.71 0.78 -130.30
N ARG AA 727 -32.49 0.47 -130.77
CA ARG AA 727 -32.04 -0.92 -130.81
C ARG AA 727 -31.82 -1.48 -129.42
N THR AA 728 -31.31 -0.65 -128.50
CA THR AA 728 -31.12 -1.09 -127.13
C THR AA 728 -32.46 -1.32 -126.42
N SER AA 729 -33.46 -0.53 -126.75
CA SER AA 729 -34.78 -0.69 -126.15
C SER AA 729 -35.43 -2.02 -126.54
N ARG AA 730 -35.01 -2.63 -127.66
CA ARG AA 730 -35.56 -3.92 -128.05
C ARG AA 730 -35.10 -5.03 -127.12
N ALA AA 731 -33.86 -4.95 -126.64
CA ALA AA 731 -33.31 -5.96 -125.74
C ALA AA 731 -33.90 -5.75 -124.35
N CYS AA 732 -34.65 -6.74 -123.87
CA CYS AA 732 -35.26 -6.65 -122.55
C CYS AA 732 -34.21 -6.79 -121.46
N PHE AA 733 -34.48 -6.17 -120.31
CA PHE AA 733 -33.55 -6.24 -119.19
C PHE AA 733 -33.53 -7.65 -118.59
N GLN AA 734 -34.69 -8.31 -118.55
CA GLN AA 734 -34.78 -9.66 -118.00
C GLN AA 734 -36.03 -10.32 -118.57
N VAL AA 735 -35.95 -11.64 -118.70
CA VAL AA 735 -37.05 -12.44 -119.22
C VAL AA 735 -37.87 -12.94 -118.04
N GLY AA 736 -39.09 -12.43 -117.90
CA GLY AA 736 -39.94 -12.82 -116.79
C GLY AA 736 -39.63 -12.05 -115.52
N SER AA 737 -40.27 -12.48 -114.43
CA SER AA 737 -40.10 -11.88 -113.13
C SER AA 737 -39.62 -12.93 -112.13
N GLU AA 738 -39.24 -12.45 -110.94
CA GLU AA 738 -38.77 -13.36 -109.90
C GLU AA 738 -39.89 -14.21 -109.32
N GLU AA 739 -41.14 -13.77 -109.42
CA GLU AA 739 -42.25 -14.55 -108.91
C GLU AA 739 -42.39 -15.87 -109.66
N GLU AA 740 -42.21 -15.83 -110.98
CA GLU AA 740 -42.29 -17.06 -111.76
C GLU AA 740 -41.18 -18.03 -111.38
N LYS AA 741 -39.96 -17.52 -111.18
CA LYS AA 741 -38.86 -18.39 -110.78
C LYS AA 741 -39.10 -18.98 -109.39
N ARG AA 742 -39.64 -18.17 -108.47
CA ARG AA 742 -39.95 -18.68 -107.14
C ARG AA 742 -41.03 -19.76 -107.20
N GLN AA 743 -42.05 -19.55 -108.04
CA GLN AA 743 -43.10 -20.56 -108.18
C GLN AA 743 -42.53 -21.86 -108.77
N LEU AA 744 -41.66 -21.74 -109.78
CA LEU AA 744 -41.06 -22.92 -110.38
C LEU AA 744 -40.20 -23.67 -109.36
N ARG AA 745 -39.42 -22.94 -108.57
CA ARG AA 745 -38.57 -23.59 -107.57
C ARG AA 745 -39.40 -24.27 -106.50
N THR AA 746 -40.47 -23.62 -106.04
CA THR AA 746 -41.34 -24.24 -105.03
C THR AA 746 -42.03 -25.47 -105.58
N GLU AA 747 -42.49 -25.42 -106.83
CA GLU AA 747 -43.11 -26.59 -107.44
C GLU AA 747 -42.10 -27.73 -107.59
N SER AA 748 -40.87 -27.42 -107.97
CA SER AA 748 -39.85 -28.45 -108.11
C SER AA 748 -39.53 -29.09 -106.76
N ASP AA 749 -39.41 -28.27 -105.71
CA ASP AA 749 -39.14 -28.80 -104.38
C ASP AA 749 -40.29 -29.68 -103.89
N GLY AA 750 -41.53 -29.23 -104.11
CA GLY AA 750 -42.67 -30.04 -103.72
C GLY AA 750 -42.75 -31.36 -104.46
N LEU AA 751 -42.46 -31.32 -105.77
CA LEU AA 751 -42.45 -32.55 -106.55
C LEU AA 751 -41.35 -33.49 -106.09
N HIS AA 752 -40.18 -32.95 -105.76
CA HIS AA 752 -39.08 -33.78 -105.26
C HIS AA 752 -39.47 -34.44 -103.94
N SER AA 753 -40.05 -33.67 -103.01
CA SER AA 753 -40.46 -34.25 -101.73
C SER AA 753 -41.54 -35.30 -101.93
N PHE AA 754 -42.50 -35.03 -102.80
CA PHE AA 754 -43.57 -35.98 -103.05
C PHE AA 754 -43.03 -37.27 -103.67
N PHE AA 755 -42.11 -37.15 -104.62
CA PHE AA 755 -41.55 -38.34 -105.25
C PHE AA 755 -40.70 -39.13 -104.27
N LEU AA 756 -39.97 -38.44 -103.38
CA LEU AA 756 -39.18 -39.14 -102.37
C LEU AA 756 -40.07 -39.91 -101.40
N GLU AA 757 -41.14 -39.26 -100.91
CA GLU AA 757 -42.03 -39.96 -99.99
C GLU AA 757 -42.79 -41.07 -100.69
N ILE AA 758 -43.10 -40.92 -101.98
CA ILE AA 758 -43.77 -41.98 -102.72
C ILE AA 758 -42.83 -43.16 -102.92
N LYS AA 759 -41.55 -42.89 -103.18
CA LYS AA 759 -40.57 -43.97 -103.32
C LYS AA 759 -40.40 -44.72 -102.00
N GLU AA 760 -40.34 -43.98 -100.89
CA GLU AA 760 -40.25 -44.64 -99.58
C GLU AA 760 -41.49 -45.48 -99.30
N THR AA 761 -42.68 -44.95 -99.62
CA THR AA 761 -43.91 -45.69 -99.41
C THR AA 761 -43.95 -46.95 -100.26
N THR AA 762 -43.48 -46.86 -101.52
CA THR AA 762 -43.47 -48.03 -102.38
C THR AA 762 -42.45 -49.06 -101.92
N GLU AA 763 -41.32 -48.62 -101.37
CA GLU AA 763 -40.35 -49.56 -100.82
C GLU AA 763 -40.95 -50.30 -99.61
N SER AA 764 -41.59 -49.56 -98.71
CA SER AA 764 -42.25 -50.20 -97.58
C SER AA 764 -43.34 -51.15 -98.06
N LEU AA 765 -44.07 -50.77 -99.11
CA LEU AA 765 -45.14 -51.61 -99.63
C LEU AA 765 -44.60 -52.88 -100.25
N ARG AA 766 -43.48 -52.80 -100.98
CA ARG AA 766 -42.90 -54.00 -101.57
C ARG AA 766 -42.30 -54.90 -100.50
N GLY AA 767 -41.74 -54.33 -99.43
CA GLY AA 767 -41.33 -55.15 -98.30
C GLY AA 767 -42.51 -55.86 -97.66
N GLU AA 768 -43.63 -55.15 -97.48
CA GLU AA 768 -44.82 -55.79 -96.91
C GLU AA 768 -45.37 -56.87 -97.84
N PHE AA 769 -45.27 -56.65 -99.16
CA PHE AA 769 -45.72 -57.66 -100.11
C PHE AA 769 -44.84 -58.90 -100.04
N SER AA 770 -43.53 -58.71 -99.90
CA SER AA 770 -42.63 -59.85 -99.73
C SER AA 770 -42.94 -60.61 -98.45
N ALA AA 771 -43.22 -59.88 -97.36
CA ALA AA 771 -43.59 -60.54 -96.11
C ALA AA 771 -44.90 -61.30 -96.26
N MET AA 772 -45.87 -60.73 -96.96
CA MET AA 772 -47.15 -61.40 -97.16
C MET AA 772 -46.99 -62.65 -98.01
N LYS AA 773 -46.12 -62.59 -99.02
CA LYS AA 773 -45.87 -63.77 -99.85
C LYS AA 773 -45.16 -64.86 -99.05
N ILE AA 774 -44.23 -64.46 -98.18
CA ILE AA 774 -43.57 -65.42 -97.30
C ILE AA 774 -44.59 -66.08 -96.39
N LYS AA 775 -45.50 -65.29 -95.82
CA LYS AA 775 -46.52 -65.84 -94.94
C LYS AA 775 -47.47 -66.76 -95.70
N ASN AA 776 -47.78 -66.43 -96.95
CA ASN AA 776 -48.64 -67.29 -97.77
C ASN AA 776 -47.96 -68.62 -98.06
N LEU AA 777 -46.66 -68.59 -98.38
CA LEU AA 777 -45.92 -69.83 -98.60
C LEU AA 777 -45.86 -70.65 -97.31
N GLU AA 778 -45.68 -69.98 -96.17
CA GLU AA 778 -45.68 -70.68 -94.89
C GLU AA 778 -47.02 -71.36 -94.63
N GLY AA 779 -48.13 -70.66 -94.92
CA GLY AA 779 -49.44 -71.25 -94.76
C GLY AA 779 -49.68 -72.41 -95.69
N PHE AA 780 -49.17 -72.31 -96.93
CA PHE AA 780 -49.29 -73.41 -97.88
C PHE AA 780 -48.54 -74.64 -97.36
N ALA AA 781 -47.30 -74.45 -96.88
CA ALA AA 781 -46.55 -75.56 -96.31
C ALA AA 781 -47.25 -76.12 -95.09
N SER AA 782 -47.85 -75.27 -94.28
CA SER AA 782 -48.55 -75.73 -93.08
C SER AA 782 -49.76 -76.58 -93.42
N ILE AA 783 -50.58 -76.14 -94.39
CA ILE AA 783 -51.74 -76.93 -94.75
C ILE AA 783 -51.32 -78.21 -95.47
N GLU AA 784 -50.22 -78.18 -96.21
CA GLU AA 784 -49.71 -79.40 -96.82
C GLU AA 784 -49.29 -80.41 -95.77
N ASP AA 785 -48.57 -79.96 -94.75
CA ASP AA 785 -48.17 -80.85 -93.66
C ASP AA 785 -49.39 -81.34 -92.88
N VAL AA 786 -50.40 -80.49 -92.73
CA VAL AA 786 -51.62 -80.89 -92.03
C VAL AA 786 -52.33 -81.99 -92.80
N GLN AA 787 -52.46 -81.83 -94.12
CA GLN AA 787 -53.08 -82.87 -94.93
C GLN AA 787 -52.26 -84.15 -94.90
N GLN AA 788 -50.93 -84.03 -94.92
CA GLN AA 788 -50.07 -85.22 -94.89
C GLN AA 788 -50.25 -85.98 -93.58
N ARG AA 789 -50.24 -85.28 -92.44
CA ARG AA 789 -50.39 -85.96 -91.16
C ARG AA 789 -51.80 -86.50 -90.98
N ASN AA 790 -52.82 -85.81 -91.53
CA ASN AA 790 -54.18 -86.33 -91.44
C ASN AA 790 -54.34 -87.59 -92.27
N LYS AA 791 -53.64 -87.67 -93.42
CA LYS AA 791 -53.69 -88.89 -94.22
C LYS AA 791 -52.87 -90.01 -93.58
N LEU AA 792 -51.78 -89.67 -92.88
CA LEU AA 792 -50.95 -90.67 -92.23
C LEU AA 792 -51.56 -91.19 -90.93
N LYS AA 793 -52.41 -90.41 -90.27
CA LYS AA 793 -53.02 -90.87 -89.03
C LYS AA 793 -53.88 -92.10 -89.24
N GLN AA 794 -54.49 -92.24 -90.42
CA GLN AA 794 -55.35 -93.38 -90.72
C GLN AA 794 -54.57 -94.58 -91.24
N ASP AA 795 -53.26 -94.64 -91.01
CA ASP AA 795 -52.44 -95.75 -91.46
C ASP AA 795 -51.88 -96.53 -90.27
N PRO AA 796 -51.86 -97.86 -90.34
CA PRO AA 796 -51.32 -98.64 -89.21
C PRO AA 796 -49.82 -98.55 -89.09
N LYS AA 797 -49.09 -98.29 -90.18
CA LYS AA 797 -47.64 -98.19 -90.13
C LYS AA 797 -47.16 -96.89 -89.50
N TYR AA 798 -48.05 -95.90 -89.33
CA TYR AA 798 -47.64 -94.64 -88.72
C TYR AA 798 -47.24 -94.83 -87.26
N LEU AA 799 -47.85 -95.80 -86.57
CA LEU AA 799 -47.47 -96.08 -85.20
C LEU AA 799 -46.01 -96.52 -85.11
N GLN AA 800 -45.63 -97.52 -85.91
CA GLN AA 800 -44.24 -97.97 -85.91
C GLN AA 800 -43.30 -96.90 -86.46
N LEU AA 801 -43.76 -96.09 -87.40
CA LEU AA 801 -42.93 -95.00 -87.92
C LEU AA 801 -42.61 -94.00 -86.82
N LEU AA 802 -43.62 -93.61 -86.04
CA LEU AA 802 -43.38 -92.68 -84.94
C LEU AA 802 -42.55 -93.33 -83.84
N TYR AA 803 -42.73 -94.63 -83.61
CA TYR AA 803 -41.94 -95.32 -82.59
C TYR AA 803 -40.48 -95.41 -82.99
N LYS AA 804 -40.19 -95.53 -84.28
CA LYS AA 804 -38.82 -95.63 -84.75
C LYS AA 804 -38.17 -94.28 -84.98
N LYS AA 805 -38.95 -93.23 -85.26
CA LYS AA 805 -38.38 -91.91 -85.49
C LYS AA 805 -37.90 -91.31 -84.18
N PRO AA 806 -36.63 -90.91 -84.07
CA PRO AA 806 -36.14 -90.31 -82.82
C PRO AA 806 -36.42 -88.83 -82.70
N LEU AA 807 -36.96 -88.18 -83.73
CA LEU AA 807 -37.23 -86.76 -83.70
C LEU AA 807 -38.55 -86.48 -84.40
N ASP AA 808 -39.05 -85.25 -84.23
CA ASP AA 808 -40.30 -84.81 -84.84
C ASP AA 808 -40.28 -83.29 -84.95
N PRO AA 809 -40.66 -82.73 -86.11
CA PRO AA 809 -40.58 -81.26 -86.25
C PRO AA 809 -41.55 -80.52 -85.35
N LYS AA 810 -42.76 -81.05 -85.16
CA LYS AA 810 -43.74 -80.37 -84.31
C LYS AA 810 -43.25 -80.28 -82.88
N SER AA 811 -42.87 -81.41 -82.29
CA SER AA 811 -42.34 -81.40 -80.93
C SER AA 811 -41.06 -80.60 -80.84
N GLU AA 812 -40.23 -80.63 -81.90
CA GLU AA 812 -39.00 -79.86 -81.90
C GLU AA 812 -39.26 -78.37 -81.78
N THR AA 813 -40.13 -77.83 -82.66
CA THR AA 813 -40.42 -76.41 -82.59
C THR AA 813 -41.21 -76.04 -81.34
N GLN AA 814 -42.02 -76.96 -80.81
CA GLN AA 814 -42.73 -76.69 -79.58
C GLN AA 814 -41.77 -76.53 -78.42
N MET AA 815 -40.85 -77.49 -78.24
CA MET AA 815 -39.86 -77.39 -77.18
C MET AA 815 -38.92 -76.20 -77.42
N GLN AA 816 -38.68 -75.85 -78.68
CA GLN AA 816 -37.86 -74.68 -78.98
C GLN AA 816 -38.51 -73.40 -78.47
N GLU AA 817 -39.78 -73.20 -78.83
CA GLU AA 817 -40.51 -72.02 -78.35
C GLU AA 817 -40.61 -72.03 -76.83
N ILE AA 818 -40.84 -73.21 -76.24
CA ILE AA 818 -40.96 -73.30 -74.78
C ILE AA 818 -39.66 -72.89 -74.10
N ARG AA 819 -38.53 -73.41 -74.59
CA ARG AA 819 -37.25 -73.07 -74.01
C ARG AA 819 -36.91 -71.61 -74.21
N ARG AA 820 -37.26 -71.05 -75.38
CA ARG AA 820 -37.01 -69.64 -75.62
C ARG AA 820 -37.79 -68.76 -74.65
N LEU AA 821 -39.09 -69.05 -74.49
CA LEU AA 821 -39.90 -68.29 -73.53
C LEU AA 821 -39.38 -68.45 -72.11
N ASN AA 822 -38.96 -69.66 -71.75
CA ASN AA 822 -38.45 -69.90 -70.40
C ASN AA 822 -37.18 -69.11 -70.14
N GLN AA 823 -36.23 -69.13 -71.09
CA GLN AA 823 -34.99 -68.38 -70.90
C GLN AA 823 -35.24 -66.89 -70.88
N TYR AA 824 -36.14 -66.40 -71.74
CA TYR AA 824 -36.47 -64.98 -71.73
C TYR AA 824 -37.05 -64.56 -70.38
N VAL AA 825 -38.02 -65.33 -69.89
CA VAL AA 825 -38.62 -65.02 -68.59
C VAL AA 825 -37.58 -65.08 -67.48
N LYS AA 826 -36.69 -66.07 -67.53
CA LYS AA 826 -35.69 -66.23 -66.48
C LYS AA 826 -34.75 -65.03 -66.44
N ASN AA 827 -34.18 -64.66 -67.58
CA ASN AA 827 -33.25 -63.52 -67.59
C ASN AA 827 -33.96 -62.22 -67.26
N ALA AA 828 -35.20 -62.06 -67.73
CA ALA AA 828 -35.95 -60.84 -67.43
C ALA AA 828 -36.21 -60.70 -65.95
N VAL AA 829 -36.69 -61.78 -65.30
CA VAL AA 829 -36.98 -61.70 -63.87
C VAL AA 829 -35.71 -61.58 -63.05
N GLN AA 830 -34.60 -62.18 -63.53
CA GLN AA 830 -33.33 -62.04 -62.82
C GLN AA 830 -32.85 -60.59 -62.85
N ASP AA 831 -32.87 -59.97 -64.03
CA ASP AA 831 -32.47 -58.57 -64.11
C ASP AA 831 -33.43 -57.66 -63.35
N VAL AA 832 -34.72 -57.98 -63.34
CA VAL AA 832 -35.68 -57.18 -62.59
C VAL AA 832 -35.39 -57.27 -61.09
N ASN AA 833 -35.12 -58.48 -60.59
CA ASN AA 833 -34.79 -58.63 -59.18
C ASN AA 833 -33.50 -57.91 -58.82
N ASP AA 834 -32.50 -57.98 -59.72
CA ASP AA 834 -31.24 -57.27 -59.47
C ASP AA 834 -31.45 -55.76 -59.43
N VAL AA 835 -32.25 -55.23 -60.37
CA VAL AA 835 -32.51 -53.79 -60.39
C VAL AA 835 -33.29 -53.38 -59.14
N LEU AA 836 -34.25 -54.21 -58.71
CA LEU AA 836 -35.01 -53.89 -57.51
C LEU AA 836 -34.12 -53.89 -56.28
N ASP AA 837 -33.22 -54.87 -56.16
CA ASP AA 837 -32.31 -54.90 -55.02
C ASP AA 837 -31.38 -53.70 -55.03
N LEU AA 838 -30.87 -53.32 -56.21
CA LEU AA 838 -30.00 -52.15 -56.29
C LEU AA 838 -30.75 -50.88 -55.92
N GLU AA 839 -32.01 -50.76 -56.37
CA GLU AA 839 -32.80 -49.59 -56.03
C GLU AA 839 -33.09 -49.53 -54.54
N TRP AA 840 -33.40 -50.68 -53.92
CA TRP AA 840 -33.64 -50.70 -52.49
C TRP AA 840 -32.38 -50.33 -51.71
N ASP AA 841 -31.22 -50.82 -52.15
CA ASP AA 841 -29.97 -50.47 -51.48
C ASP AA 841 -29.67 -48.99 -51.63
N GLN AA 842 -29.91 -48.43 -52.81
CA GLN AA 842 -29.68 -47.00 -53.02
C GLN AA 842 -30.63 -46.16 -52.17
N TYR AA 843 -31.89 -46.59 -52.05
CA TYR AA 843 -32.85 -45.87 -51.21
C TYR AA 843 -32.44 -45.93 -49.74
N LEU AA 844 -32.01 -47.10 -49.28
CA LEU AA 844 -31.54 -47.22 -47.90
C LEU AA 844 -30.33 -46.34 -47.65
N GLU AA 845 -29.40 -46.30 -48.60
CA GLU AA 845 -28.22 -45.45 -48.44
C GLU AA 845 -28.61 -43.97 -48.41
N GLU AA 846 -29.51 -43.54 -49.30
CA GLU AA 846 -29.94 -42.15 -49.32
C GLU AA 846 -30.77 -41.79 -48.10
N LYS AA 847 -31.42 -42.76 -47.46
CA LYS AA 847 -32.17 -42.47 -46.24
C LYS AA 847 -31.28 -42.46 -45.00
N GLN AA 848 -30.21 -43.26 -45.00
CA GLN AA 848 -29.31 -43.33 -43.84
C GLN AA 848 -28.21 -42.28 -43.95
N LYS AA 849 -27.28 -42.47 -44.90
CA LYS AA 849 -26.13 -41.59 -45.04
C LYS AA 849 -26.47 -40.28 -45.75
N LYS AA 850 -27.66 -40.17 -46.34
CA LYS AA 850 -28.12 -38.98 -47.06
C LYS AA 850 -27.19 -38.61 -48.21
N LYS AA 851 -26.45 -39.58 -48.76
CA LYS AA 851 -25.55 -39.34 -49.87
C LYS AA 851 -25.21 -40.67 -50.52
N GLY AA 852 -24.64 -40.59 -51.71
CA GLY AA 852 -24.26 -41.77 -52.45
C GLY AA 852 -24.00 -41.46 -53.89
N ILE AA 853 -23.32 -42.40 -54.57
CA ILE AA 853 -22.98 -42.28 -55.97
C ILE AA 853 -23.42 -43.54 -56.69
N ILE AA 854 -23.32 -43.50 -58.01
CA ILE AA 854 -23.70 -44.62 -58.88
C ILE AA 854 -22.49 -45.01 -59.71
N ILE AA 855 -22.18 -46.30 -59.74
CA ILE AA 855 -21.03 -46.79 -60.51
C ILE AA 855 -21.36 -46.71 -62.00
N PRO AA 856 -20.42 -46.33 -62.85
CA PRO AA 856 -20.70 -46.25 -64.29
C PRO AA 856 -20.84 -47.63 -64.91
N GLU AA 857 -21.34 -47.64 -66.14
CA GLU AA 857 -21.54 -48.87 -66.90
C GLU AA 857 -20.79 -48.85 -68.23
N ARG AA 858 -19.77 -47.99 -68.35
CA ARG AA 858 -19.02 -47.91 -69.60
C ARG AA 858 -18.26 -49.21 -69.88
N GLU AA 859 -17.66 -49.81 -68.84
CA GLU AA 859 -16.96 -51.07 -69.03
C GLU AA 859 -17.91 -52.18 -69.44
N THR AA 860 -19.10 -52.23 -68.84
CA THR AA 860 -20.09 -53.24 -69.21
C THR AA 860 -20.56 -53.03 -70.64
N LEU AA 861 -20.78 -51.78 -71.04
CA LEU AA 861 -21.18 -51.50 -72.42
C LEU AA 861 -20.11 -51.90 -73.41
N PHE AA 862 -18.84 -51.61 -73.09
CA PHE AA 862 -17.74 -51.99 -73.97
C PHE AA 862 -17.62 -53.51 -74.05
N ASN AA 863 -17.80 -54.21 -72.94
CA ASN AA 863 -17.74 -55.66 -72.96
C ASN AA 863 -18.88 -56.24 -73.79
N SER AA 864 -20.08 -55.67 -73.68
CA SER AA 864 -21.20 -56.14 -74.49
C SER AA 864 -20.96 -55.89 -75.96
N LEU AA 865 -20.39 -54.73 -76.30
CA LEU AA 865 -20.08 -54.44 -77.70
C LEU AA 865 -19.04 -55.41 -78.24
N ALA AA 866 -17.99 -55.69 -77.46
CA ALA AA 866 -16.98 -56.64 -77.89
C ALA AA 866 -17.55 -58.03 -78.06
N ASN AA 867 -18.44 -58.45 -77.15
CA ASN AA 867 -19.07 -59.75 -77.27
C ASN AA 867 -19.95 -59.83 -78.52
N HIS AA 868 -20.72 -58.78 -78.79
CA HIS AA 868 -21.53 -58.76 -80.00
C HIS AA 868 -20.67 -58.82 -81.26
N GLN AA 869 -19.57 -58.07 -81.28
CA GLN AA 869 -18.67 -58.11 -82.43
C GLN AA 869 -18.07 -59.49 -82.61
N GLU AA 870 -17.66 -60.13 -81.52
CA GLU AA 870 -17.08 -61.47 -81.63
C GLU AA 870 -18.11 -62.48 -82.12
N ILE AA 871 -19.35 -62.38 -81.63
CA ILE AA 871 -20.39 -63.32 -82.05
C ILE AA 871 -20.73 -63.12 -83.52
N ILE AA 872 -20.76 -61.86 -83.97
CA ILE AA 872 -21.05 -61.62 -85.39
C ILE AA 872 -19.89 -62.06 -86.27
N ASN AA 873 -18.65 -61.94 -85.78
CA ASN AA 873 -17.51 -62.40 -86.56
C ASN AA 873 -17.43 -63.91 -86.59
N GLN AA 874 -18.01 -64.58 -85.59
CA GLN AA 874 -18.09 -66.04 -85.63
C GLN AA 874 -19.29 -66.51 -86.46
N GLN AA 875 -20.34 -65.69 -86.56
CA GLN AA 875 -21.51 -66.06 -87.34
C GLN AA 875 -21.31 -65.80 -88.84
N ARG AA 876 -20.45 -64.85 -89.19
CA ARG AA 876 -20.19 -64.59 -90.61
C ARG AA 876 -19.73 -65.82 -91.37
N PRO AA 877 -18.78 -66.63 -90.88
CA PRO AA 877 -18.46 -67.87 -91.61
C PRO AA 877 -19.62 -68.84 -91.67
N LYS AA 878 -20.48 -68.86 -90.66
CA LYS AA 878 -21.68 -69.70 -90.72
C LYS AA 878 -22.60 -69.24 -91.84
N LEU AA 879 -22.78 -67.93 -91.98
CA LEU AA 879 -23.59 -67.41 -93.08
C LEU AA 879 -22.97 -67.74 -94.43
N GLU AA 880 -21.64 -67.63 -94.53
CA GLU AA 880 -20.97 -67.97 -95.78
C GLU AA 880 -21.15 -69.44 -96.13
N GLN AA 881 -21.03 -70.33 -95.13
CA GLN AA 881 -21.22 -71.75 -95.38
C GLN AA 881 -22.66 -72.06 -95.76
N LEU AA 882 -23.63 -71.38 -95.12
CA LEU AA 882 -25.02 -71.60 -95.47
C LEU AA 882 -25.31 -71.15 -96.90
N VAL AA 883 -24.76 -70.00 -97.30
CA VAL AA 883 -24.95 -69.52 -98.66
C VAL AA 883 -24.31 -70.48 -99.66
N GLU AA 884 -23.11 -70.96 -99.35
CA GLU AA 884 -22.43 -71.91 -100.24
C GLU AA 884 -23.23 -73.20 -100.38
N ASN AA 885 -23.78 -73.71 -99.26
CA ASN AA 885 -24.57 -74.93 -99.32
C ASN AA 885 -25.85 -74.72 -100.11
N LEU AA 886 -26.52 -73.57 -99.93
CA LEU AA 886 -27.73 -73.28 -100.68
C LEU AA 886 -27.44 -73.15 -102.17
N GLN AA 887 -26.28 -72.59 -102.53
CA GLN AA 887 -25.94 -72.45 -103.94
C GLN AA 887 -25.48 -73.76 -104.56
N LYS AA 888 -24.91 -74.67 -103.76
CA LYS AA 888 -24.39 -75.92 -104.28
C LYS AA 888 -25.41 -77.05 -104.26
N LEU AA 889 -26.48 -76.93 -103.46
CA LEU AA 889 -27.50 -77.96 -103.40
C LEU AA 889 -28.50 -77.89 -104.55
N ARG AA 890 -28.13 -77.27 -105.68
CA ARG AA 890 -28.99 -77.14 -106.85
C ARG AA 890 -30.33 -76.49 -106.52
N LEU AA 891 -30.31 -75.54 -105.57
CA LEU AA 891 -31.52 -74.84 -105.18
C LEU AA 891 -31.59 -73.42 -105.75
N TYR AA 892 -30.62 -73.02 -106.56
CA TYR AA 892 -30.62 -71.70 -107.17
C TYR AA 892 -31.44 -71.64 -108.45
N ASN AA 893 -32.12 -72.73 -108.83
CA ASN AA 893 -32.94 -72.70 -110.03
C ASN AA 893 -34.10 -71.73 -109.89
N GLN AA 894 -34.68 -71.65 -108.69
CA GLN AA 894 -35.76 -70.70 -108.46
C GLN AA 894 -35.27 -69.26 -108.56
N ILE AA 895 -34.09 -68.97 -108.01
CA ILE AA 895 -33.54 -67.62 -108.11
C ILE AA 895 -33.17 -67.30 -109.55
N SER AA 896 -32.75 -68.30 -110.32
CA SER AA 896 -32.44 -68.06 -111.73
C SER AA 896 -33.71 -67.79 -112.53
N GLN AA 897 -34.78 -68.54 -112.25
CA GLN AA 897 -36.07 -68.33 -112.92
C GLN AA 897 -36.85 -67.16 -112.36
N TRP AA 898 -36.34 -66.50 -111.31
CA TRP AA 898 -36.95 -65.31 -110.72
C TRP AA 898 -38.32 -65.64 -110.11
N ASN AA 899 -38.25 -66.38 -109.00
CA ASN AA 899 -39.43 -66.74 -108.21
C ASN AA 899 -40.45 -67.49 -109.05
N VAL AA 900 -40.06 -68.67 -109.52
CA VAL AA 900 -40.93 -69.55 -110.29
C VAL AA 900 -40.86 -70.95 -109.71
N PRO AA 901 -41.95 -71.46 -109.14
CA PRO AA 901 -41.91 -72.81 -108.55
C PRO AA 901 -41.90 -73.93 -109.59
N ASP AA 902 -42.27 -73.65 -110.83
CA ASP AA 902 -42.30 -74.66 -111.88
C ASP AA 902 -40.99 -74.71 -112.65
N MET BA 1 -25.01 11.72 -112.20
CA MET BA 1 -26.18 12.01 -111.36
C MET BA 1 -26.18 13.47 -110.92
N ALA BA 2 -27.37 13.99 -110.63
CA ALA BA 2 -27.49 15.38 -110.21
C ALA BA 2 -27.03 15.59 -108.77
N ALA BA 3 -27.24 14.60 -107.90
CA ALA BA 3 -26.81 14.73 -106.51
C ALA BA 3 -25.29 14.80 -106.40
N GLY BA 4 -24.57 14.10 -107.28
CA GLY BA 4 -23.14 14.13 -107.31
C GLY BA 4 -22.54 15.21 -108.18
N GLU BA 5 -23.36 16.05 -108.80
CA GLU BA 5 -22.88 17.12 -109.66
C GLU BA 5 -23.33 18.51 -109.24
N HIS BA 6 -24.34 18.63 -108.37
CA HIS BA 6 -24.80 19.94 -107.93
C HIS BA 6 -23.70 20.67 -107.17
N TRP BA 7 -23.05 19.98 -106.24
CA TRP BA 7 -21.97 20.61 -105.48
C TRP BA 7 -20.78 20.95 -106.38
N GLN BA 8 -20.50 20.11 -107.39
CA GLN BA 8 -19.43 20.42 -108.32
C GLN BA 8 -19.75 21.67 -109.13
N SER BA 9 -20.99 21.79 -109.62
CA SER BA 9 -21.39 22.97 -110.36
C SER BA 9 -21.35 24.21 -109.49
N ALA BA 10 -21.73 24.08 -108.21
CA ALA BA 10 -21.68 25.21 -107.29
C ALA BA 10 -20.23 25.64 -107.05
N LEU BA 11 -19.33 24.68 -106.84
CA LEU BA 11 -17.92 25.02 -106.65
C LEU BA 11 -17.33 25.63 -107.91
N SER BA 12 -17.82 25.24 -109.09
CA SER BA 12 -17.32 25.82 -110.33
C SER BA 12 -17.82 27.24 -110.53
N GLU BA 13 -19.08 27.50 -110.20
CA GLU BA 13 -19.68 28.82 -110.38
C GLU BA 13 -19.62 29.68 -109.12
N HIS BA 14 -18.81 29.29 -108.13
CA HIS BA 14 -18.64 30.09 -106.93
C HIS BA 14 -18.17 31.50 -107.28
N ALA BA 15 -18.63 32.48 -106.49
CA ALA BA 15 -18.35 33.88 -106.79
C ALA BA 15 -16.91 34.25 -106.45
N LEU BA 16 -16.38 33.72 -105.34
CA LEU BA 16 -15.02 34.08 -104.93
C LEU BA 16 -13.99 33.55 -105.92
N PHE BA 17 -14.18 32.33 -106.42
CA PHE BA 17 -13.24 31.78 -107.40
C PHE BA 17 -13.28 32.58 -108.69
N SER BA 18 -14.47 32.96 -109.14
CA SER BA 18 -14.59 33.77 -110.36
C SER BA 18 -13.95 35.14 -110.16
N SER BA 19 -14.12 35.73 -108.97
CA SER BA 19 -13.50 37.02 -108.69
C SER BA 19 -11.99 36.92 -108.68
N LEU BA 20 -11.45 35.86 -108.08
CA LEU BA 20 -9.99 35.66 -108.09
C LEU BA 20 -9.48 35.43 -109.51
N LYS BA 21 -10.23 34.68 -110.31
CA LYS BA 21 -9.83 34.46 -111.70
C LYS BA 21 -9.82 35.77 -112.48
N GLU BA 22 -10.85 36.59 -112.30
CA GLU BA 22 -10.90 37.88 -112.99
C GLU BA 22 -9.77 38.79 -112.53
N ARG BA 23 -9.44 38.76 -111.23
CA ARG BA 23 -8.34 39.58 -110.73
C ARG BA 23 -7.02 39.13 -111.32
N LEU BA 24 -6.79 37.82 -111.40
CA LEU BA 24 -5.54 37.33 -111.99
C LEU BA 24 -5.48 37.68 -113.48
N ARG BA 25 -6.60 37.56 -114.18
CA ARG BA 25 -6.61 37.91 -115.60
C ARG BA 25 -6.33 39.39 -115.81
N ASP BA 26 -6.89 40.25 -114.96
CA ASP BA 26 -6.63 41.68 -115.06
C ASP BA 26 -5.18 42.00 -114.74
N VAL BA 27 -4.60 41.32 -113.75
CA VAL BA 27 -3.20 41.53 -113.40
C VAL BA 27 -2.30 41.13 -114.56
N GLU BA 28 -2.63 40.02 -115.23
CA GLU BA 28 -1.82 39.58 -116.36
C GLU BA 28 -2.01 40.49 -117.58
N GLU BA 29 -3.22 41.03 -117.77
CA GLU BA 29 -3.49 41.85 -118.95
C GLU BA 29 -2.96 43.27 -118.80
N LEU BA 30 -2.90 43.80 -117.57
CA LEU BA 30 -2.24 45.08 -117.39
C LEU BA 30 -0.73 44.97 -117.56
N ARG BA 31 -0.17 43.77 -117.39
CA ARG BA 31 1.22 43.51 -117.69
C ARG BA 31 1.37 43.23 -119.18
N GLU BA 32 1.29 41.95 -119.56
CA GLU BA 32 1.44 41.56 -120.96
C GLU BA 32 0.73 40.23 -121.18
N GLU BA 33 0.31 40.01 -122.43
CA GLU BA 33 -0.23 38.72 -122.82
C GLU BA 33 0.87 37.68 -123.04
N GLY BA 34 2.12 38.12 -123.19
CA GLY BA 34 3.22 37.18 -123.31
C GLY BA 34 3.38 36.31 -122.07
N GLU BA 35 3.09 36.85 -120.89
CA GLU BA 35 3.11 36.04 -119.68
C GLU BA 35 2.04 34.96 -119.72
N ARG BA 36 0.84 35.32 -120.20
CA ARG BA 36 -0.22 34.32 -120.33
C ARG BA 36 0.15 33.25 -121.35
N ARG BA 37 0.84 33.64 -122.43
CA ARG BA 37 1.24 32.67 -123.43
C ARG BA 37 2.36 31.76 -122.94
N ALA BA 38 3.27 32.30 -122.12
CA ALA BA 38 4.39 31.51 -121.61
C ALA BA 38 4.01 30.68 -120.40
N SER BA 39 2.90 31.01 -119.71
CA SER BA 39 2.46 30.19 -118.58
C SER BA 39 2.10 28.77 -118.99
N LYS BA 40 1.75 28.56 -120.26
CA LYS BA 40 1.45 27.22 -120.74
C LYS BA 40 2.74 26.46 -121.04
N ASP BA 41 2.63 25.14 -121.08
CA ASP BA 41 3.75 24.23 -121.34
C ASP BA 41 4.88 24.45 -120.32
N LYS BA 42 4.59 24.03 -119.09
CA LYS BA 42 5.53 24.17 -117.99
C LYS BA 42 5.30 23.02 -117.02
N GLN BA 43 6.05 23.04 -115.91
CA GLN BA 43 5.92 22.00 -114.90
C GLN BA 43 4.61 22.15 -114.15
N LEU BA 44 3.94 21.02 -113.91
CA LEU BA 44 2.66 21.04 -113.21
C LEU BA 44 2.88 21.29 -111.72
N ARG BA 45 2.12 22.24 -111.16
CA ARG BA 45 2.21 22.59 -109.76
C ARG BA 45 1.11 21.89 -108.97
N ASN BA 46 1.10 22.14 -107.66
CA ASN BA 46 0.10 21.56 -106.76
C ASN BA 46 -0.36 22.64 -105.80
N LEU BA 47 -1.56 23.16 -106.02
CA LEU BA 47 -2.13 24.23 -105.20
C LEU BA 47 -3.51 23.83 -104.69
N LEU BA 48 -3.68 22.57 -104.32
CA LEU BA 48 -4.95 22.07 -103.82
C LEU BA 48 -4.70 21.19 -102.60
N CYS BA 49 -5.49 21.40 -101.55
CA CYS BA 49 -5.37 20.63 -100.32
C CYS BA 49 -6.75 20.49 -99.69
N VAL BA 50 -6.97 19.35 -99.03
CA VAL BA 50 -8.21 19.07 -98.35
C VAL BA 50 -7.92 18.72 -96.89
N LEU BA 51 -8.93 18.90 -96.05
CA LEU BA 51 -8.78 18.62 -94.62
C LEU BA 51 -10.17 18.43 -94.03
N ASP BA 52 -10.42 17.25 -93.47
CA ASP BA 52 -11.69 16.91 -92.83
C ASP BA 52 -12.86 17.11 -93.79
N GLY BA 53 -12.66 16.75 -95.04
CA GLY BA 53 -13.70 16.91 -96.04
C GLY BA 53 -13.94 18.32 -96.50
N ASP BA 54 -13.13 19.28 -96.07
CA ASP BA 54 -13.27 20.68 -96.44
C ASP BA 54 -12.13 21.06 -97.36
N LEU BA 55 -12.45 21.53 -98.56
CA LEU BA 55 -11.45 21.90 -99.53
C LEU BA 55 -10.82 23.24 -99.15
N LEU BA 56 -9.53 23.39 -99.44
CA LEU BA 56 -8.77 24.58 -99.11
C LEU BA 56 -8.13 25.16 -100.36
N VAL BA 57 -8.23 26.48 -100.53
CA VAL BA 57 -7.64 27.19 -101.66
C VAL BA 57 -6.68 28.22 -101.11
N TRP BA 58 -5.44 28.20 -101.59
CA TRP BA 58 -4.41 29.13 -101.14
C TRP BA 58 -4.52 30.42 -101.95
N ASP BA 59 -4.88 31.52 -101.27
CA ASP BA 59 -5.02 32.83 -101.91
C ASP BA 59 -3.89 33.72 -101.41
N ALA BA 60 -2.90 33.95 -102.28
CA ALA BA 60 -1.77 34.81 -101.94
C ALA BA 60 -2.08 36.29 -102.12
N GLU BA 61 -3.08 36.63 -102.93
CA GLU BA 61 -3.44 38.02 -103.11
C GLU BA 61 -3.98 38.62 -101.82
N GLU BA 62 -4.57 37.80 -100.96
CA GLU BA 62 -5.07 38.25 -99.67
C GLU BA 62 -4.34 37.60 -98.51
N CYS BA 63 -3.35 36.74 -98.77
CA CYS BA 63 -2.58 36.05 -97.74
C CYS BA 63 -3.51 35.26 -96.80
N ALA BA 64 -4.43 34.52 -97.40
CA ALA BA 64 -5.44 33.81 -96.62
C ALA BA 64 -5.91 32.57 -97.35
N PHE BA 65 -5.98 31.45 -96.63
CA PHE BA 65 -6.58 30.25 -97.15
C PHE BA 65 -8.10 30.33 -97.04
N HIS BA 66 -8.78 29.94 -98.11
CA HIS BA 66 -10.24 29.91 -98.16
C HIS BA 66 -10.71 28.47 -98.04
N THR BA 67 -11.61 28.22 -97.09
CA THR BA 67 -12.13 26.89 -96.81
C THR BA 67 -13.56 26.79 -97.31
N VAL BA 68 -13.85 25.71 -98.05
CA VAL BA 68 -15.18 25.43 -98.58
C VAL BA 68 -15.61 24.07 -98.07
N THR BA 69 -16.85 24.00 -97.59
CA THR BA 69 -17.39 22.77 -97.01
C THR BA 69 -18.05 21.95 -98.12
N LEU BA 70 -17.28 21.02 -98.70
CA LEU BA 70 -17.83 20.16 -99.74
C LEU BA 70 -18.91 19.23 -99.19
N ARG BA 71 -18.77 18.80 -97.93
CA ARG BA 71 -19.79 17.96 -97.32
C ARG BA 71 -21.11 18.70 -97.16
N SER BA 72 -21.05 20.02 -96.91
CA SER BA 72 -22.27 20.82 -96.83
C SER BA 72 -22.80 21.17 -98.21
N LEU BA 73 -21.92 21.33 -99.20
CA LEU BA 73 -22.39 21.61 -100.56
C LEU BA 73 -23.09 20.40 -101.17
N SER BA 74 -22.60 19.19 -100.84
CA SER BA 74 -23.16 17.97 -101.39
C SER BA 74 -24.58 17.69 -100.91
N VAL BA 75 -25.11 18.48 -99.98
CA VAL BA 75 -26.49 18.35 -99.55
C VAL BA 75 -27.36 19.18 -100.48
N GLU BA 76 -27.15 19.00 -101.79
CA GLU BA 76 -27.89 19.69 -102.85
C GLU BA 76 -27.80 21.21 -102.66
N SER BA 77 -26.58 21.72 -102.84
CA SER BA 77 -26.30 23.15 -102.81
C SER BA 77 -25.84 23.59 -104.18
N THR BA 78 -26.58 24.53 -104.78
CA THR BA 78 -26.27 25.06 -106.10
C THR BA 78 -26.04 26.56 -106.01
N GLY BA 79 -25.58 27.13 -107.11
CA GLY BA 79 -25.30 28.56 -107.14
C GLY BA 79 -24.07 28.89 -106.33
N SER BA 80 -24.21 29.83 -105.40
CA SER BA 80 -23.10 30.21 -104.54
C SER BA 80 -22.86 29.15 -103.47
N SER BA 81 -21.66 29.19 -102.89
CA SER BA 81 -21.28 28.23 -101.85
C SER BA 81 -22.03 28.52 -100.56
N SER BA 82 -23.18 27.87 -100.36
CA SER BA 82 -23.99 28.05 -99.16
C SER BA 82 -23.46 27.13 -98.06
N SER BA 83 -22.29 27.48 -97.56
CA SER BA 83 -21.63 26.70 -96.52
C SER BA 83 -20.87 27.68 -95.62
N GLY BA 84 -19.83 27.18 -94.95
CA GLY BA 84 -19.03 28.01 -94.07
C GLY BA 84 -17.75 28.50 -94.71
N GLU BA 85 -17.76 29.74 -95.18
CA GLU BA 85 -16.59 30.34 -95.83
C GLU BA 85 -15.61 30.77 -94.76
N GLN BA 86 -14.63 29.91 -94.47
CA GLN BA 86 -13.62 30.19 -93.45
C GLN BA 86 -12.41 30.84 -94.11
N LYS BA 87 -11.90 31.90 -93.49
CA LYS BA 87 -10.75 32.65 -93.99
C LYS BA 87 -9.63 32.54 -92.97
N LEU BA 88 -8.63 31.71 -93.28
CA LEU BA 88 -7.46 31.54 -92.42
C LEU BA 88 -6.38 32.49 -92.91
N LEU BA 89 -6.26 33.64 -92.27
CA LEU BA 89 -5.29 34.65 -92.67
C LEU BA 89 -3.93 34.34 -92.04
N CYS BA 90 -2.89 34.33 -92.87
CA CYS BA 90 -1.56 34.03 -92.38
C CYS BA 90 -1.03 35.17 -91.51
N THR BA 91 -0.32 34.82 -90.44
CA THR BA 91 0.27 35.83 -89.58
C THR BA 91 1.45 36.52 -90.26
N ASN BA 92 2.41 35.73 -90.76
CA ASN BA 92 3.58 36.30 -91.41
C ASN BA 92 3.33 36.47 -92.91
N PRO BA 93 3.75 37.60 -93.48
CA PRO BA 93 3.56 37.83 -94.91
C PRO BA 93 4.53 36.99 -95.73
N PRO BA 94 4.16 36.62 -96.95
CA PRO BA 94 5.06 35.82 -97.79
C PRO BA 94 6.26 36.62 -98.27
N LEU BA 95 7.45 36.31 -97.75
CA LEU BA 95 8.67 36.99 -98.14
C LEU BA 95 9.41 36.26 -99.25
N PHE BA 96 8.75 35.32 -99.94
CA PHE BA 96 9.37 34.57 -101.02
C PHE BA 96 8.31 34.24 -102.07
N ASP BA 97 8.72 33.49 -103.09
CA ASP BA 97 7.83 33.11 -104.19
C ASP BA 97 7.22 31.76 -103.86
N VAL BA 98 5.91 31.75 -103.59
CA VAL BA 98 5.20 30.51 -103.29
C VAL BA 98 4.98 29.75 -104.58
N ASN BA 99 5.43 28.49 -104.62
CA ASN BA 99 5.30 27.64 -105.79
C ASN BA 99 4.25 26.55 -105.62
N GLU BA 100 4.38 25.74 -104.57
CA GLU BA 100 3.45 24.64 -104.32
C GLU BA 100 3.05 24.63 -102.85
N VAL BA 101 1.99 23.89 -102.55
CA VAL BA 101 1.50 23.73 -101.19
C VAL BA 101 1.49 22.25 -100.84
N LEU BA 102 1.67 21.96 -99.56
CA LEU BA 102 1.64 20.59 -99.07
C LEU BA 102 1.05 20.58 -97.67
N LEU BA 103 0.53 19.42 -97.26
CA LEU BA 103 -0.09 19.24 -95.96
C LEU BA 103 0.61 18.13 -95.20
N SER BA 104 0.75 18.31 -93.89
CA SER BA 104 1.36 17.29 -93.06
C SER BA 104 0.45 16.07 -92.97
N PRO BA 105 1.02 14.87 -92.90
CA PRO BA 105 0.19 13.66 -92.74
C PRO BA 105 -0.60 13.65 -91.45
N THR BA 106 -0.12 14.31 -90.40
CA THR BA 106 -0.87 14.44 -89.16
C THR BA 106 -2.00 15.46 -89.26
N GLN BA 107 -1.99 16.29 -90.31
CA GLN BA 107 -3.03 17.29 -90.58
C GLN BA 107 -3.08 18.33 -89.45
N HIS BA 108 -2.10 19.23 -89.50
CA HIS BA 108 -2.01 20.33 -88.54
C HIS BA 108 -1.08 21.41 -89.06
N HIS BA 109 -0.22 21.05 -90.02
CA HIS BA 109 0.72 21.99 -90.63
C HIS BA 109 0.52 22.00 -92.14
N VAL BA 110 0.62 23.20 -92.73
CA VAL BA 110 0.57 23.37 -94.18
C VAL BA 110 1.81 24.14 -94.61
N ALA BA 111 2.58 23.55 -95.50
CA ALA BA 111 3.86 24.11 -95.93
C ALA BA 111 3.73 24.66 -97.34
N LEU BA 112 4.00 25.97 -97.48
CA LEU BA 112 4.17 26.61 -98.78
C LEU BA 112 5.64 26.48 -99.15
N VAL BA 113 5.93 25.74 -100.22
CA VAL BA 113 7.29 25.44 -100.64
C VAL BA 113 7.55 26.13 -101.98
N GLY BA 114 8.65 26.86 -102.06
CA GLY BA 114 9.01 27.54 -103.29
C GLY BA 114 10.49 27.39 -103.63
N SER BA 115 11.18 28.51 -103.77
CA SER BA 115 12.61 28.51 -104.09
C SER BA 115 13.44 29.31 -103.10
N LYS BA 116 12.83 30.06 -102.19
CA LYS BA 116 13.54 30.89 -101.21
C LYS BA 116 13.02 30.60 -99.81
N GLY BA 117 13.01 29.32 -99.43
CA GLY BA 117 12.57 28.91 -98.11
C GLY BA 117 11.17 28.33 -98.10
N VAL BA 118 10.79 27.84 -96.93
CA VAL BA 118 9.48 27.22 -96.73
C VAL BA 118 8.71 28.06 -95.72
N MET BA 119 7.38 28.07 -95.86
CA MET BA 119 6.50 28.80 -94.95
C MET BA 119 5.52 27.81 -94.33
N VAL BA 120 5.68 27.53 -93.04
CA VAL BA 120 4.87 26.55 -92.34
C VAL BA 120 3.78 27.27 -91.57
N LEU BA 121 2.52 26.98 -91.88
CA LEU BA 121 1.37 27.60 -91.23
C LEU BA 121 0.65 26.57 -90.39
N GLU BA 122 0.24 26.99 -89.18
CA GLU BA 122 -0.49 26.12 -88.27
C GLU BA 122 -1.98 26.16 -88.58
N ILE BA 123 -2.65 25.04 -88.36
CA ILE BA 123 -4.09 24.90 -88.57
C ILE BA 123 -4.74 24.66 -87.22
N PRO BA 124 -5.67 25.51 -86.78
CA PRO BA 124 -6.32 25.28 -85.48
C PRO BA 124 -7.32 24.16 -85.55
N LYS BA 125 -7.45 23.44 -84.44
CA LYS BA 125 -8.39 22.33 -84.34
C LYS BA 125 -9.81 22.84 -84.15
N ARG BA 126 -10.76 22.10 -84.71
CA ARG BA 126 -12.16 22.47 -84.61
C ARG BA 126 -12.75 22.02 -83.28
N TRP BA 127 -13.72 22.80 -82.79
CA TRP BA 127 -14.38 22.50 -81.53
C TRP BA 127 -15.68 23.29 -81.46
N GLY BA 128 -16.53 22.89 -80.52
CA GLY BA 128 -17.81 23.55 -80.33
C GLY BA 128 -18.94 22.93 -81.13
N LYS BA 129 -19.95 23.73 -81.47
CA LYS BA 129 -21.09 23.21 -82.21
C LYS BA 129 -20.82 23.23 -83.72
N LYS BA 130 -20.33 24.35 -84.24
CA LYS BA 130 -20.05 24.47 -85.66
C LYS BA 130 -18.81 23.66 -86.03
N SER BA 131 -18.83 23.11 -87.24
CA SER BA 131 -17.72 22.31 -87.75
C SER BA 131 -16.51 23.16 -88.16
N GLU BA 132 -16.62 24.48 -88.08
CA GLU BA 132 -15.52 25.35 -88.46
C GLU BA 132 -14.45 25.36 -87.36
N PHE BA 133 -13.37 26.11 -87.60
CA PHE BA 133 -12.27 26.19 -86.67
C PHE BA 133 -12.47 27.31 -85.66
N GLU BA 134 -11.89 27.14 -84.47
CA GLU BA 134 -11.95 28.12 -83.40
C GLU BA 134 -13.40 28.43 -83.00
N GLY BA 135 -14.19 27.37 -82.84
CA GLY BA 135 -15.57 27.52 -82.43
C GLY BA 135 -16.46 28.22 -83.44
N GLY BA 136 -16.31 27.90 -84.72
CA GLY BA 136 -17.13 28.50 -85.74
C GLY BA 136 -16.77 29.93 -86.10
N GLU BA 137 -15.47 30.25 -86.09
CA GLU BA 137 -15.02 31.59 -86.43
C GLU BA 137 -14.70 31.68 -87.91
N LYS BA 138 -15.15 32.77 -88.54
CA LYS BA 138 -14.90 32.97 -89.96
C LYS BA 138 -13.45 33.36 -90.22
N THR BA 139 -13.05 34.56 -89.81
CA THR BA 139 -11.68 35.03 -89.99
C THR BA 139 -10.83 34.57 -88.80
N VAL BA 140 -9.86 33.72 -89.07
CA VAL BA 140 -8.98 33.17 -88.04
C VAL BA 140 -7.53 33.49 -88.44
N ASN BA 141 -6.79 34.07 -87.51
CA ASN BA 141 -5.38 34.39 -87.74
C ASN BA 141 -4.54 33.16 -87.39
N CYS BA 142 -3.98 32.52 -88.40
CA CYS BA 142 -3.19 31.32 -88.23
C CYS BA 142 -1.70 31.66 -88.23
N ARG BA 143 -0.98 31.13 -87.24
CA ARG BA 143 0.44 31.44 -87.09
C ARG BA 143 1.25 30.85 -88.24
N THR BA 144 2.35 31.53 -88.56
CA THR BA 144 3.22 31.15 -89.66
C THR BA 144 4.67 31.31 -89.23
N ILE BA 145 5.51 30.38 -89.69
CA ILE BA 145 6.93 30.39 -89.36
C ILE BA 145 7.76 30.13 -90.61
N PRO BA 146 8.90 30.81 -90.78
CA PRO BA 146 9.77 30.54 -91.93
C PRO BA 146 10.84 29.51 -91.62
N ILE BA 147 11.11 28.67 -92.62
CA ILE BA 147 12.14 27.64 -92.52
C ILE BA 147 13.14 27.89 -93.64
N ALA BA 148 14.37 28.25 -93.26
CA ALA BA 148 15.47 28.52 -94.19
C ALA BA 148 15.13 29.62 -95.19
N GLU BA 149 14.17 30.49 -94.86
CA GLU BA 149 13.76 31.54 -95.79
C GLU BA 149 14.88 32.53 -96.04
N ARG BA 150 15.43 33.12 -94.97
CA ARG BA 150 16.49 34.09 -95.12
C ARG BA 150 17.75 33.44 -95.69
N ILE BA 151 18.02 32.20 -95.32
CA ILE BA 151 19.20 31.50 -95.82
C ILE BA 151 19.10 31.30 -97.33
N PHE BA 152 17.94 30.82 -97.79
CA PHE BA 152 17.76 30.59 -99.23
C PHE BA 152 17.66 31.91 -99.99
N THR BA 153 17.22 32.98 -99.33
CA THR BA 153 17.19 34.29 -100.00
C THR BA 153 18.60 34.85 -100.15
N SER BA 154 19.46 34.64 -99.15
CA SER BA 154 20.84 35.12 -99.24
C SER BA 154 21.66 34.26 -100.19
N SER BA 155 21.40 32.96 -100.26
CA SER BA 155 22.12 32.07 -101.15
C SER BA 155 21.37 32.00 -102.47
N THR BA 156 21.85 32.77 -103.46
CA THR BA 156 21.21 32.76 -104.77
C THR BA 156 21.49 31.48 -105.54
N SER BA 157 22.68 30.91 -105.35
CA SER BA 157 23.01 29.67 -106.07
C SER BA 157 22.23 28.48 -105.51
N LEU BA 158 22.04 28.44 -104.19
CA LEU BA 158 21.30 27.35 -103.54
C LEU BA 158 19.81 27.57 -103.78
N LEU BA 159 19.23 26.77 -104.67
CA LEU BA 159 17.82 26.85 -105.01
C LEU BA 159 17.11 25.61 -104.49
N LEU BA 160 16.02 25.82 -103.76
CA LEU BA 160 15.25 24.70 -103.22
C LEU BA 160 14.45 24.04 -104.32
N LYS BA 161 14.37 22.70 -104.27
CA LYS BA 161 13.65 21.93 -105.28
C LYS BA 161 12.39 21.29 -104.71
N GLN BA 162 12.52 20.41 -103.72
CA GLN BA 162 11.37 19.71 -103.17
C GLN BA 162 11.52 19.56 -101.67
N ALA BA 163 10.38 19.40 -101.00
CA ALA BA 163 10.33 19.19 -99.55
C ALA BA 163 9.25 18.15 -99.27
N ILE BA 164 9.66 16.92 -99.00
CA ILE BA 164 8.74 15.82 -98.77
C ILE BA 164 8.54 15.64 -97.28
N TRP BA 165 7.45 14.96 -96.92
CA TRP BA 165 7.11 14.69 -95.53
C TRP BA 165 7.45 13.26 -95.16
N TYR BA 166 7.61 13.02 -93.87
CA TYR BA 166 7.78 11.66 -93.37
C TYR BA 166 6.46 10.92 -93.44
N PRO BA 167 6.36 9.84 -94.22
CA PRO BA 167 5.08 9.13 -94.37
C PRO BA 167 4.69 8.41 -93.09
N SER BA 168 3.61 8.86 -92.46
CA SER BA 168 3.09 8.25 -91.25
C SER BA 168 1.65 8.74 -91.04
N GLU BA 169 1.12 8.51 -89.85
CA GLU BA 169 -0.22 8.94 -89.49
C GLU BA 169 -0.27 9.81 -88.25
N THR BA 170 0.55 9.51 -87.24
CA THR BA 170 0.53 10.33 -86.02
C THR BA 170 1.86 10.34 -85.29
N GLN BA 171 2.97 10.00 -85.94
CA GLN BA 171 4.28 9.99 -85.28
C GLN BA 171 4.96 11.34 -85.38
N GLU BA 172 6.18 11.37 -85.90
CA GLU BA 172 6.95 12.60 -86.06
C GLU BA 172 7.13 12.90 -87.53
N PRO BA 173 6.23 13.66 -88.16
CA PRO BA 173 6.35 13.97 -89.60
C PRO BA 173 7.36 15.07 -89.91
N HIS BA 174 8.63 14.65 -90.02
CA HIS BA 174 9.69 15.60 -90.35
C HIS BA 174 9.66 15.93 -91.84
N LEU BA 175 10.42 16.95 -92.22
CA LEU BA 175 10.48 17.45 -93.59
C LEU BA 175 11.86 17.19 -94.16
N ILE BA 176 11.92 16.38 -95.21
CA ILE BA 176 13.16 16.08 -95.91
C ILE BA 176 13.25 17.02 -97.11
N LEU BA 177 14.29 17.85 -97.14
CA LEU BA 177 14.47 18.86 -98.18
C LEU BA 177 15.52 18.37 -99.17
N LEU BA 178 15.13 18.30 -100.45
CA LEU BA 178 16.03 17.94 -101.53
C LEU BA 178 16.21 19.16 -102.43
N THR BA 179 17.44 19.65 -102.50
CA THR BA 179 17.73 20.86 -103.28
C THR BA 179 18.72 20.56 -104.41
N SER BA 180 19.57 21.53 -104.73
CA SER BA 180 20.53 21.37 -105.82
C SER BA 180 21.88 20.85 -105.35
N ASP BA 181 22.28 21.15 -104.11
CA ASP BA 181 23.56 20.69 -103.58
C ASP BA 181 23.52 19.25 -103.09
N ASN BA 182 22.34 18.63 -103.05
CA ASN BA 182 22.17 17.24 -102.61
C ASN BA 182 22.72 17.03 -101.20
N ILE BA 183 22.01 17.60 -100.24
CA ILE BA 183 22.34 17.50 -98.82
C ILE BA 183 21.09 17.03 -98.09
N LEU BA 184 21.19 15.89 -97.41
CA LEU BA 184 20.04 15.34 -96.69
C LEU BA 184 19.73 16.25 -95.50
N ARG BA 185 18.68 17.06 -95.64
CA ARG BA 185 18.29 18.03 -94.62
C ARG BA 185 16.94 17.63 -94.06
N LEU BA 186 16.93 17.09 -92.85
CA LEU BA 186 15.70 16.73 -92.15
C LEU BA 186 15.41 17.81 -91.10
N TYR BA 187 14.31 18.52 -91.30
CA TYR BA 187 13.87 19.58 -90.40
C TYR BA 187 12.64 19.13 -89.63
N ASN BA 188 12.44 19.75 -88.46
CA ASN BA 188 11.27 19.51 -87.64
C ASN BA 188 10.23 20.59 -87.88
N LEU BA 189 9.02 20.35 -87.36
CA LEU BA 189 7.90 21.27 -87.52
C LEU BA 189 7.82 22.29 -86.40
N GLN BA 190 8.92 22.54 -85.68
CA GLN BA 190 8.93 23.51 -84.59
C GLN BA 190 10.16 24.41 -84.57
N ASP BA 191 11.26 24.04 -85.22
CA ASP BA 191 12.45 24.86 -85.22
C ASP BA 191 12.45 25.81 -86.42
N LEU BA 192 13.26 26.87 -86.31
CA LEU BA 192 13.35 27.86 -87.37
C LEU BA 192 14.51 27.55 -88.31
N PHE BA 193 15.61 28.28 -88.19
CA PHE BA 193 16.79 28.08 -89.02
C PHE BA 193 17.77 27.10 -88.40
N THR BA 194 17.26 25.95 -87.96
CA THR BA 194 18.09 24.92 -87.34
C THR BA 194 17.60 23.54 -87.78
N PRO BA 195 18.37 22.84 -88.61
CA PRO BA 195 17.94 21.49 -89.05
C PRO BA 195 18.22 20.46 -87.97
N VAL BA 196 17.26 19.55 -87.76
CA VAL BA 196 17.45 18.50 -86.77
C VAL BA 196 18.34 17.39 -87.29
N LYS BA 197 18.59 17.34 -88.60
CA LYS BA 197 19.51 16.37 -89.17
C LYS BA 197 20.11 16.92 -90.45
N VAL BA 198 21.44 16.92 -90.53
CA VAL BA 198 22.16 17.38 -91.72
C VAL BA 198 23.18 16.31 -92.10
N ILE BA 199 23.04 15.77 -93.31
CA ILE BA 199 23.92 14.72 -93.82
C ILE BA 199 24.48 15.18 -95.15
N SER BA 200 25.81 15.11 -95.29
CA SER BA 200 26.50 15.47 -96.53
C SER BA 200 26.83 14.20 -97.30
N LEU BA 201 26.52 14.20 -98.59
CA LEU BA 201 26.77 13.05 -99.45
C LEU BA 201 28.28 12.90 -99.67
N SER BA 202 28.86 11.84 -99.11
CA SER BA 202 30.29 11.59 -99.24
C SER BA 202 30.59 10.23 -99.86
N SER BA 203 29.60 9.59 -100.47
CA SER BA 203 29.82 8.29 -101.09
C SER BA 203 30.56 8.44 -102.41
N ALA BA 204 31.12 7.32 -102.89
CA ALA BA 204 31.88 7.31 -104.12
C ALA BA 204 31.01 7.38 -105.37
N GLU BA 205 29.69 7.18 -105.23
CA GLU BA 205 28.79 7.24 -106.37
C GLU BA 205 28.43 8.65 -106.79
N GLU BA 206 28.82 9.66 -106.01
CA GLU BA 206 28.51 11.05 -106.34
C GLU BA 206 29.65 12.03 -106.07
N GLU BA 207 30.65 11.66 -105.26
CA GLU BA 207 31.75 12.59 -104.99
C GLU BA 207 32.64 12.76 -106.22
N THR BA 208 32.72 11.74 -107.08
CA THR BA 208 33.51 11.83 -108.30
C THR BA 208 32.82 12.63 -109.40
N THR BA 209 31.53 12.93 -109.24
CA THR BA 209 30.78 13.70 -110.22
C THR BA 209 30.20 14.98 -109.66
N LEU BA 210 30.45 15.28 -108.37
CA LEU BA 210 30.00 16.48 -107.68
C LEU BA 210 28.50 16.46 -107.45
N PRO BA 211 28.03 16.83 -106.25
CA PRO BA 211 26.59 16.81 -105.99
C PRO BA 211 25.88 18.08 -106.43
N HIS BA 212 26.38 18.72 -107.49
CA HIS BA 212 25.77 19.94 -108.00
C HIS BA 212 24.63 19.60 -108.96
N ASN BA 213 23.96 20.64 -109.42
CA ASN BA 213 22.84 20.50 -110.35
C ASN BA 213 23.27 20.89 -111.76
N GLY BA 214 22.59 20.30 -112.75
CA GLY BA 214 22.89 20.57 -114.14
C GLY BA 214 22.91 19.33 -114.99
N ARG BA 215 22.00 19.26 -115.97
CA ARG BA 215 21.91 18.09 -116.84
C ARG BA 215 23.09 18.06 -117.78
N SER BA 216 24.02 17.12 -117.54
CA SER BA 216 25.20 16.98 -118.38
C SER BA 216 25.72 15.55 -118.21
N TYR BA 217 27.02 15.35 -118.46
CA TYR BA 217 27.61 14.02 -118.30
C TYR BA 217 27.59 13.58 -116.84
N LYS BA 218 27.85 14.51 -115.92
CA LYS BA 218 27.81 14.17 -114.50
C LYS BA 218 26.40 13.78 -114.08
N ALA BA 219 25.39 14.47 -114.59
CA ALA BA 219 24.01 14.13 -114.26
C ALA BA 219 23.61 12.79 -114.88
N SER BA 220 24.13 12.49 -116.07
CA SER BA 220 23.85 11.21 -116.70
C SER BA 220 24.51 10.06 -115.94
N LEU BA 221 25.71 10.31 -115.40
CA LEU BA 221 26.40 9.28 -114.61
C LEU BA 221 25.79 9.13 -113.22
N GLY BA 222 25.22 10.20 -112.67
CA GLY BA 222 24.62 10.14 -111.35
C GLY BA 222 25.00 11.32 -110.47
N GLU BA 223 24.03 12.19 -110.18
CA GLU BA 223 24.29 13.36 -109.35
C GLU BA 223 23.23 13.52 -108.27
N THR BA 224 22.29 14.44 -108.48
CA THR BA 224 21.27 14.73 -107.49
C THR BA 224 20.01 13.92 -107.77
N ALA BA 225 19.08 13.97 -106.82
CA ALA BA 225 17.81 13.28 -106.93
C ALA BA 225 16.76 14.20 -107.55
N VAL BA 226 15.67 13.58 -108.04
CA VAL BA 226 14.59 14.32 -108.67
C VAL BA 226 13.29 14.07 -107.93
N ALA BA 227 12.90 12.80 -107.82
CA ALA BA 227 11.63 12.43 -107.20
C ALA BA 227 11.88 11.56 -105.98
N CYS BA 228 10.84 11.38 -105.18
CA CYS BA 228 10.91 10.55 -103.98
C CYS BA 228 9.52 10.04 -103.64
N ASP BA 229 9.42 8.76 -103.25
CA ASP BA 229 8.14 8.19 -102.90
C ASP BA 229 8.33 7.02 -101.96
N PHE BA 230 7.44 6.91 -100.97
CA PHE BA 230 7.49 5.81 -100.02
C PHE BA 230 6.77 4.58 -100.57
N GLY BA 231 7.12 3.43 -100.02
CA GLY BA 231 6.54 2.17 -100.44
C GLY BA 231 5.79 1.48 -99.33
N PRO BA 232 5.35 0.25 -99.58
CA PRO BA 232 4.61 -0.49 -98.55
C PRO BA 232 5.52 -0.97 -97.43
N LEU BA 233 4.92 -1.18 -96.27
CA LEU BA 233 5.68 -1.63 -95.11
C LEU BA 233 6.03 -3.10 -95.24
N ALA BA 234 7.29 -3.42 -94.96
CA ALA BA 234 7.77 -4.79 -95.04
C ALA BA 234 8.94 -4.95 -94.07
N VAL BA 235 9.58 -6.11 -94.11
CA VAL BA 235 10.72 -6.39 -93.24
C VAL BA 235 11.95 -5.72 -93.82
N LEU BA 236 12.53 -4.78 -93.06
CA LEU BA 236 13.69 -4.05 -93.50
C LEU BA 236 14.82 -4.19 -92.47
N PRO BA 237 16.07 -4.26 -92.92
CA PRO BA 237 17.20 -4.38 -92.00
C PRO BA 237 17.61 -3.08 -91.32
N LYS BA 238 16.83 -2.02 -91.47
CA LYS BA 238 17.10 -0.70 -90.85
C LYS BA 238 18.46 -0.22 -91.36
N GLY BA 239 19.37 0.21 -90.48
CA GLY BA 239 20.65 0.71 -90.87
C GLY BA 239 20.72 2.19 -91.14
N PHE BA 240 19.61 2.80 -91.56
CA PHE BA 240 19.56 4.24 -91.83
C PHE BA 240 18.47 4.98 -91.08
N GLY BA 241 17.46 4.29 -90.56
CA GLY BA 241 16.41 4.96 -89.82
C GLY BA 241 16.69 5.06 -88.33
N GLN BA 242 17.37 4.05 -87.79
CA GLN BA 242 17.72 4.03 -86.37
C GLN BA 242 19.15 3.52 -86.25
N HIS BA 243 19.56 3.23 -85.01
CA HIS BA 243 20.90 2.75 -84.76
C HIS BA 243 20.98 1.23 -84.92
N SER BA 244 22.21 0.72 -84.91
CA SER BA 244 22.49 -0.71 -85.04
C SER BA 244 21.89 -1.28 -86.32
N LYS BA 245 21.65 -2.59 -86.34
CA LYS BA 245 21.08 -3.28 -87.50
C LYS BA 245 20.12 -4.34 -87.00
N GLU BA 246 18.82 -4.06 -87.11
CA GLU BA 246 17.77 -4.98 -86.68
C GLU BA 246 16.75 -5.15 -87.79
N ASP BA 247 16.11 -6.32 -87.81
CA ASP BA 247 15.10 -6.64 -88.81
C ASP BA 247 13.72 -6.37 -88.22
N THR BA 248 13.12 -5.24 -88.61
CA THR BA 248 11.80 -4.87 -88.13
C THR BA 248 11.04 -4.18 -89.26
N VAL BA 249 9.79 -3.82 -88.98
CA VAL BA 249 8.95 -3.16 -89.97
C VAL BA 249 9.23 -1.66 -89.94
N ALA BA 250 9.58 -1.10 -91.09
CA ALA BA 250 9.87 0.32 -91.20
C ALA BA 250 9.14 0.95 -92.38
N TYR BA 251 9.73 1.97 -92.98
CA TYR BA 251 9.13 2.67 -94.12
C TYR BA 251 10.20 2.83 -95.21
N PRO BA 252 10.16 2.02 -96.26
CA PRO BA 252 11.13 2.17 -97.35
C PRO BA 252 10.76 3.33 -98.26
N LEU BA 253 11.79 4.02 -98.75
CA LEU BA 253 11.61 5.17 -99.62
C LEU BA 253 12.52 5.04 -100.84
N TYR BA 254 11.93 5.15 -102.02
CA TYR BA 254 12.68 5.12 -103.28
C TYR BA 254 12.84 6.55 -103.78
N ILE BA 255 14.08 6.96 -104.01
CA ILE BA 255 14.39 8.29 -104.54
C ILE BA 255 14.94 8.12 -105.96
N LEU BA 256 14.29 8.78 -106.92
CA LEU BA 256 14.68 8.69 -108.32
C LEU BA 256 15.56 9.89 -108.67
N TYR BA 257 16.73 9.60 -109.23
CA TYR BA 257 17.70 10.64 -109.59
C TYR BA 257 17.35 11.25 -110.94
N GLU BA 258 18.36 11.81 -111.62
CA GLU BA 258 18.13 12.45 -112.91
C GLU BA 258 18.13 11.43 -114.05
N THR BA 259 19.08 10.49 -114.03
CA THR BA 259 19.16 9.50 -115.11
C THR BA 259 18.01 8.51 -115.02
N GLY BA 260 17.77 7.95 -113.84
CA GLY BA 260 16.71 6.98 -113.65
C GLY BA 260 17.01 6.01 -112.54
N GLU BA 261 18.09 6.25 -111.81
CA GLU BA 261 18.46 5.37 -110.70
C GLU BA 261 17.56 5.61 -109.51
N THR BA 262 17.01 4.53 -108.97
CA THR BA 262 16.10 4.59 -107.82
C THR BA 262 16.84 4.02 -106.61
N TYR BA 263 17.34 4.91 -105.76
CA TYR BA 263 18.02 4.50 -104.53
C TYR BA 263 16.98 4.20 -103.45
N LEU BA 264 17.21 3.10 -102.73
CA LEU BA 264 16.32 2.66 -101.66
C LEU BA 264 16.90 3.06 -100.31
N MET BA 265 16.06 3.64 -99.45
CA MET BA 265 16.47 4.06 -98.12
C MET BA 265 15.48 3.54 -97.10
N TYR BA 266 16.00 3.18 -95.92
CA TYR BA 266 15.20 2.67 -94.82
C TYR BA 266 15.10 3.76 -93.77
N ILE BA 267 14.01 4.53 -93.80
CA ILE BA 267 13.78 5.64 -92.90
C ILE BA 267 12.66 5.26 -91.95
N ASP BA 268 12.92 5.38 -90.64
CA ASP BA 268 11.94 5.07 -89.61
C ASP BA 268 12.11 6.05 -88.46
N LEU BA 269 11.11 6.89 -88.23
CA LEU BA 269 11.13 7.91 -87.18
C LEU BA 269 12.32 8.85 -87.45
N GLN BA 270 12.89 9.40 -86.39
CA GLN BA 270 14.04 10.28 -86.55
C GLN BA 270 15.25 9.50 -87.03
N LYS BA 271 15.86 9.96 -88.13
CA LYS BA 271 16.99 9.26 -88.71
C LYS BA 271 18.19 9.31 -87.78
N SER BA 272 18.85 8.18 -87.60
CA SER BA 272 20.03 8.06 -86.73
C SER BA 272 21.09 7.28 -87.50
N ASN BA 273 22.01 8.01 -88.13
CA ASN BA 273 23.09 7.42 -88.91
C ASN BA 273 24.39 7.46 -88.13
N ILE BA 274 25.29 6.52 -88.45
CA ILE BA 274 26.58 6.46 -87.78
C ILE BA 274 27.64 7.34 -88.45
N THR BA 275 27.39 7.78 -89.67
CA THR BA 275 28.33 8.63 -90.40
C THR BA 275 27.56 9.41 -91.45
N VAL BA 276 28.28 10.13 -92.31
CA VAL BA 276 27.68 10.91 -93.38
C VAL BA 276 27.89 10.21 -94.70
N GLY BA 277 26.97 10.43 -95.64
CA GLY BA 277 27.07 9.79 -96.93
C GLY BA 277 26.74 8.32 -96.87
N LYS BA 278 27.42 7.54 -97.72
CA LYS BA 278 27.24 6.10 -97.80
C LYS BA 278 25.78 5.73 -98.08
N LEU BA 279 25.34 5.92 -99.32
CA LEU BA 279 23.97 5.61 -99.72
C LEU BA 279 23.95 4.28 -100.47
N LEU BA 280 22.89 3.51 -100.25
CA LEU BA 280 22.74 2.22 -100.89
C LEU BA 280 22.27 2.39 -102.34
N GLY BA 281 22.28 1.29 -103.07
CA GLY BA 281 21.87 1.29 -104.46
C GLY BA 281 23.03 1.57 -105.40
N PRO BA 282 22.77 1.53 -106.71
CA PRO BA 282 21.45 1.23 -107.28
C PRO BA 282 21.21 -0.26 -107.47
N LEU BA 283 19.95 -0.64 -107.60
CA LEU BA 283 19.62 -2.04 -107.81
C LEU BA 283 19.92 -2.45 -109.25
N PRO BA 284 20.25 -3.72 -109.49
CA PRO BA 284 20.53 -4.17 -110.86
C PRO BA 284 19.29 -4.03 -111.75
N MET BA 285 19.55 -3.82 -113.04
CA MET BA 285 18.50 -3.64 -114.03
C MET BA 285 18.45 -4.85 -114.95
N TYR BA 286 17.26 -5.38 -115.17
CA TYR BA 286 17.06 -6.52 -116.04
C TYR BA 286 15.93 -6.21 -117.02
N PRO BA 287 16.17 -6.32 -118.34
CA PRO BA 287 17.46 -6.71 -118.92
C PRO BA 287 18.46 -5.57 -118.98
N ALA BA 288 19.72 -5.88 -119.22
CA ALA BA 288 20.77 -4.87 -119.30
C ALA BA 288 20.85 -4.31 -120.72
N ALA BA 289 21.91 -3.56 -121.01
CA ALA BA 289 22.14 -2.94 -122.30
C ALA BA 289 20.97 -2.05 -122.71
N GLU BA 290 20.88 -0.92 -122.03
CA GLU BA 290 19.82 0.06 -122.27
C GLU BA 290 20.35 1.45 -121.92
N ASP BA 291 19.49 2.45 -122.11
CA ASP BA 291 19.84 3.83 -121.82
C ASP BA 291 19.48 4.26 -120.42
N ASN BA 292 19.26 3.30 -119.50
CA ASN BA 292 18.91 3.58 -118.12
C ASN BA 292 17.64 4.42 -118.03
N TYR BA 293 16.57 3.90 -118.65
CA TYR BA 293 15.26 4.56 -118.68
C TYR BA 293 15.36 5.96 -119.29
N GLY BA 294 16.17 6.09 -120.34
CA GLY BA 294 16.33 7.37 -120.99
C GLY BA 294 17.17 8.33 -120.15
N TYR BA 295 16.95 9.62 -120.41
CA TYR BA 295 17.67 10.67 -119.70
C TYR BA 295 16.75 11.84 -119.35
N ASP BA 296 15.49 11.54 -118.98
CA ASP BA 296 14.54 12.60 -118.65
C ASP BA 296 13.51 12.13 -117.62
N ALA BA 297 13.88 11.18 -116.77
CA ALA BA 297 12.96 10.71 -115.74
C ALA BA 297 12.70 11.81 -114.72
N CYS BA 298 11.43 11.95 -114.34
CA CYS BA 298 11.04 13.03 -113.44
C CYS BA 298 10.17 12.57 -112.28
N ALA BA 299 9.22 11.66 -112.53
CA ALA BA 299 8.28 11.23 -111.50
C ALA BA 299 8.49 9.75 -111.19
N LEU BA 300 8.36 9.41 -109.90
CA LEU BA 300 8.47 8.04 -109.44
C LEU BA 300 7.33 7.77 -108.47
N LEU BA 301 6.43 6.86 -108.85
CA LEU BA 301 5.28 6.51 -108.03
C LEU BA 301 5.42 5.07 -107.57
N CYS BA 302 5.51 4.86 -106.26
CA CYS BA 302 5.63 3.53 -105.67
C CYS BA 302 4.25 3.05 -105.22
N LEU BA 303 3.80 1.94 -105.78
CA LEU BA 303 2.49 1.41 -105.43
C LEU BA 303 2.60 0.44 -104.26
N PRO BA 304 1.70 0.55 -103.28
CA PRO BA 304 1.73 -0.36 -102.12
C PRO BA 304 1.17 -1.75 -102.43
N CYS BA 305 1.96 -2.53 -103.16
CA CYS BA 305 1.58 -3.87 -103.57
C CYS BA 305 2.70 -4.85 -103.19
N VAL BA 306 2.51 -6.11 -103.56
CA VAL BA 306 3.49 -7.15 -103.31
C VAL BA 306 3.79 -7.85 -104.64
N PRO BA 307 5.03 -7.78 -105.17
CA PRO BA 307 6.15 -7.06 -104.56
C PRO BA 307 6.12 -5.56 -104.85
N ASN BA 308 7.27 -4.90 -104.70
CA ASN BA 308 7.34 -3.46 -104.88
C ASN BA 308 7.18 -3.11 -106.36
N ILE BA 309 6.16 -2.30 -106.67
CA ILE BA 309 5.88 -1.85 -108.03
C ILE BA 309 6.19 -0.37 -108.11
N ILE BA 310 6.88 0.04 -109.17
CA ILE BA 310 7.30 1.42 -109.36
C ILE BA 310 6.94 1.84 -110.78
N VAL BA 311 6.34 3.03 -110.90
CA VAL BA 311 6.05 3.65 -112.20
C VAL BA 311 6.97 4.86 -112.33
N ILE BA 312 7.85 4.82 -113.32
CA ILE BA 312 8.80 5.89 -113.57
C ILE BA 312 8.33 6.65 -114.80
N ALA BA 313 7.84 7.87 -114.59
CA ALA BA 313 7.36 8.73 -115.66
C ALA BA 313 8.44 9.73 -116.03
N THR BA 314 8.79 9.76 -117.32
CA THR BA 314 9.81 10.67 -117.82
C THR BA 314 9.16 12.00 -118.19
N GLU BA 315 9.86 12.81 -118.98
CA GLU BA 315 9.36 14.11 -119.42
C GLU BA 315 8.83 14.08 -120.85
N SER BA 316 8.70 12.90 -121.45
CA SER BA 316 8.19 12.76 -122.81
C SER BA 316 6.98 11.84 -122.90
N GLY BA 317 6.41 11.44 -121.76
CA GLY BA 317 5.26 10.56 -121.74
C GLY BA 317 5.58 9.09 -121.63
N LEU BA 318 6.81 8.72 -121.27
CA LEU BA 318 7.20 7.33 -121.14
C LEU BA 318 7.09 6.90 -119.69
N LEU BA 319 6.30 5.85 -119.43
CA LEU BA 319 6.09 5.32 -118.09
C LEU BA 319 6.66 3.91 -118.04
N TYR BA 320 7.83 3.77 -117.43
CA TYR BA 320 8.44 2.46 -117.24
C TYR BA 320 7.86 1.78 -116.01
N HIS BA 321 7.60 0.48 -116.12
CA HIS BA 321 7.01 -0.31 -115.05
C HIS BA 321 8.09 -1.21 -114.45
N CYS BA 322 8.67 -0.77 -113.34
CA CYS BA 322 9.73 -1.53 -112.67
C CYS BA 322 9.12 -2.34 -111.53
N VAL BA 323 9.69 -3.54 -111.32
CA VAL BA 323 9.26 -4.43 -110.25
C VAL BA 323 10.50 -4.86 -109.48
N VAL BA 324 10.39 -4.88 -108.15
CA VAL BA 324 11.49 -5.33 -107.28
C VAL BA 324 11.30 -6.83 -107.06
N LEU BA 325 12.12 -7.62 -107.73
CA LEU BA 325 12.04 -9.07 -107.64
C LEU BA 325 13.42 -9.65 -107.33
N GLU BA 326 13.41 -10.83 -106.73
CA GLU BA 326 14.63 -11.58 -106.40
C GLU BA 326 14.59 -12.88 -107.21
N GLY BA 327 14.91 -12.78 -108.49
CA GLY BA 327 14.87 -13.94 -109.35
C GLY BA 327 15.96 -14.95 -109.03
N GLU BA 328 15.72 -16.18 -109.48
CA GLU BA 328 16.66 -17.29 -109.26
C GLU BA 328 17.50 -17.43 -110.51
N GLU BA 329 18.64 -16.73 -110.53
CA GLU BA 329 19.58 -16.75 -111.66
C GLU BA 329 18.89 -16.33 -112.96
N ASP BA 330 18.03 -15.33 -112.87
CA ASP BA 330 17.32 -14.84 -114.04
C ASP BA 330 17.11 -13.32 -113.94
N ASP BA 331 16.39 -12.88 -112.91
CA ASP BA 331 16.13 -11.46 -112.69
C ASP BA 331 17.15 -10.85 -111.74
N GLU BA 332 18.44 -11.12 -112.00
CA GLU BA 332 19.51 -10.59 -111.17
C GLU BA 332 20.69 -10.08 -111.98
N GLN BA 333 20.49 -9.80 -113.27
CA GLN BA 333 21.57 -9.32 -114.11
C GLN BA 333 21.88 -7.86 -113.79
N THR BA 334 23.17 -7.54 -113.65
CA THR BA 334 23.58 -6.19 -113.32
C THR BA 334 23.74 -5.35 -114.58
N SER BA 335 23.44 -4.06 -114.45
CA SER BA 335 23.57 -3.12 -115.56
C SER BA 335 24.25 -1.82 -115.21
N ASN BA 336 24.50 -1.52 -113.93
CA ASN BA 336 25.16 -0.29 -113.54
C ASN BA 336 26.09 -0.53 -112.36
N LYS BA 337 26.32 0.51 -111.55
CA LYS BA 337 27.18 0.38 -110.38
C LYS BA 337 26.42 -0.27 -109.24
N SER BA 338 27.11 -0.47 -108.12
CA SER BA 338 26.51 -1.10 -106.96
C SER BA 338 27.21 -0.58 -105.70
N TRP BA 339 26.57 -0.84 -104.56
CA TRP BA 339 27.13 -0.40 -103.28
C TRP BA 339 26.78 -1.31 -102.11
N ASN BA 340 25.86 -2.26 -102.28
CA ASN BA 340 25.47 -3.17 -101.20
C ASN BA 340 26.45 -4.32 -101.12
N SER BA 341 26.01 -5.44 -100.55
CA SER BA 341 26.84 -6.63 -100.41
C SER BA 341 26.35 -7.73 -101.37
N SER BA 342 27.17 -8.77 -101.49
CA SER BA 342 26.86 -9.89 -102.35
C SER BA 342 26.10 -10.96 -101.57
N CYS BA 343 25.04 -11.49 -102.18
CA CYS BA 343 24.22 -12.51 -101.55
C CYS BA 343 23.56 -13.35 -102.64
N ASP BA 344 22.76 -14.33 -102.21
CA ASP BA 344 22.07 -15.19 -103.16
C ASP BA 344 20.84 -14.50 -103.76
N LEU BA 345 19.91 -14.10 -102.90
CA LEU BA 345 18.69 -13.41 -103.35
C LEU BA 345 18.97 -11.93 -103.40
N ILE BA 346 19.32 -11.43 -104.59
CA ILE BA 346 19.65 -10.03 -104.79
C ILE BA 346 18.44 -9.36 -105.46
N PRO BA 347 17.81 -8.37 -104.83
CA PRO BA 347 16.66 -7.70 -105.47
C PRO BA 347 17.13 -6.83 -106.63
N SER BA 348 16.35 -6.86 -107.71
CA SER BA 348 16.67 -6.10 -108.90
C SER BA 348 15.43 -5.36 -109.38
N LEU BA 349 15.66 -4.33 -110.20
CA LEU BA 349 14.58 -3.52 -110.77
C LEU BA 349 14.29 -4.03 -112.17
N TYR BA 350 13.48 -5.08 -112.25
CA TYR BA 350 13.14 -5.66 -113.55
C TYR BA 350 12.08 -4.81 -114.23
N VAL BA 351 12.37 -4.37 -115.45
CA VAL BA 351 11.44 -3.55 -116.22
C VAL BA 351 10.54 -4.45 -117.04
N PHE BA 352 9.22 -4.26 -116.90
CA PHE BA 352 8.27 -5.07 -117.64
C PHE BA 352 7.95 -4.44 -118.99
N GLU BA 353 7.63 -3.15 -119.00
CA GLU BA 353 7.29 -2.45 -120.24
C GLU BA 353 7.46 -0.95 -120.01
N CYS BA 354 7.29 -0.20 -121.11
CA CYS BA 354 7.37 1.26 -121.11
C CYS BA 354 6.16 1.78 -121.88
N VAL BA 355 5.10 2.14 -121.15
CA VAL BA 355 3.88 2.62 -121.78
C VAL BA 355 4.10 4.03 -122.33
N GLU BA 356 3.59 4.28 -123.52
CA GLU BA 356 3.67 5.59 -124.16
C GLU BA 356 2.32 6.28 -124.05
N LEU BA 357 2.32 7.50 -123.51
CA LEU BA 357 1.08 8.24 -123.32
C LEU BA 357 0.51 8.67 -124.66
N GLU BA 358 -0.73 8.29 -124.93
CA GLU BA 358 -1.41 8.63 -126.17
C GLU BA 358 -2.05 10.01 -126.00
N LEU BA 359 -1.37 11.04 -126.48
CA LEU BA 359 -1.85 12.41 -126.38
C LEU BA 359 -2.85 12.77 -127.45
N ALA BA 360 -3.03 11.94 -128.47
CA ALA BA 360 -3.97 12.22 -129.55
C ALA BA 360 -4.88 11.03 -129.81
N LEU BA 361 -5.70 11.12 -130.84
CA LEU BA 361 -6.63 10.05 -131.21
C LEU BA 361 -6.11 9.30 -132.43
N LYS BA 362 -6.38 8.00 -132.46
CA LYS BA 362 -5.94 7.15 -133.56
C LYS BA 362 -6.94 7.24 -134.73
N PHE BA 363 -6.58 6.57 -135.82
CA PHE BA 363 -7.39 6.53 -137.03
C PHE BA 363 -7.69 7.93 -137.55
N ALA BA 364 -6.73 8.52 -138.27
CA ALA BA 364 -6.91 9.86 -138.81
C ALA BA 364 -7.88 9.83 -139.98
N THR BA 365 -8.51 10.98 -140.22
CA THR BA 365 -9.48 11.12 -141.30
C THR BA 365 -9.12 12.30 -142.20
N GLU BA 366 -9.73 13.46 -141.94
CA GLU BA 366 -9.50 14.66 -142.71
C GLU BA 366 -8.84 15.70 -141.81
N GLU BA 367 -7.65 16.15 -142.21
CA GLU BA 367 -6.90 17.15 -141.44
C GLU BA 367 -6.21 18.09 -142.41
N GLU BA 368 -6.58 19.36 -142.37
CA GLU BA 368 -5.99 20.39 -143.22
C GLU BA 368 -5.25 21.45 -142.42
N GLU BA 369 -5.90 22.04 -141.41
CA GLU BA 369 -5.27 23.05 -140.57
C GLU BA 369 -5.12 22.62 -139.12
N SER BA 370 -5.94 21.68 -138.65
CA SER BA 370 -5.86 21.20 -137.27
C SER BA 370 -4.80 20.11 -137.20
N LEU BA 371 -3.55 20.53 -137.06
CA LEU BA 371 -2.44 19.58 -136.99
C LEU BA 371 -2.30 19.01 -135.58
N GLU BA 372 -1.69 17.83 -135.50
CA GLU BA 372 -1.45 17.17 -134.22
C GLU BA 372 -0.09 17.62 -133.69
N LEU BA 373 -0.11 18.53 -132.73
CA LEU BA 373 1.10 19.07 -132.13
C LEU BA 373 1.23 18.55 -130.70
N ASP BA 374 2.31 17.83 -130.44
CA ASP BA 374 2.59 17.28 -129.11
C ASP BA 374 3.54 18.19 -128.36
N PHE BA 375 3.45 18.14 -127.03
CA PHE BA 375 4.27 18.96 -126.15
C PHE BA 375 5.01 18.08 -125.15
N ALA BA 376 6.21 18.51 -124.79
CA ALA BA 376 7.06 17.78 -123.85
C ALA BA 376 7.07 18.51 -122.51
N CYS BA 377 6.58 17.82 -121.47
CA CYS BA 377 6.53 18.38 -120.13
C CYS BA 377 6.56 17.23 -119.14
N PRO BA 378 7.04 17.46 -117.91
CA PRO BA 378 7.09 16.38 -116.92
C PRO BA 378 5.70 15.85 -116.59
N ILE BA 379 5.64 14.55 -116.34
CA ILE BA 379 4.40 13.86 -116.02
C ILE BA 379 4.29 13.74 -114.50
N LYS BA 380 3.06 13.76 -113.99
CA LYS BA 380 2.77 13.58 -112.59
C LYS BA 380 1.82 12.40 -112.41
N LEU BA 381 2.23 11.44 -111.58
CA LEU BA 381 1.44 10.23 -111.35
C LEU BA 381 0.72 10.31 -110.01
N HIS BA 382 -0.51 9.82 -109.98
CA HIS BA 382 -1.30 9.78 -108.75
C HIS BA 382 -2.02 8.43 -108.70
N ARG BA 383 -1.66 7.60 -107.73
CA ARG BA 383 -2.26 6.28 -107.61
C ARG BA 383 -3.72 6.38 -107.20
N ASP BA 384 -4.44 5.26 -107.31
CA ASP BA 384 -5.83 5.21 -106.90
C ASP BA 384 -5.99 4.33 -105.67
N PRO BA 385 -6.66 4.82 -104.63
CA PRO BA 385 -6.84 3.97 -103.43
C PRO BA 385 -7.80 2.80 -103.66
N ILE BA 386 -8.71 2.92 -104.63
CA ILE BA 386 -9.67 1.85 -104.87
C ILE BA 386 -9.05 0.69 -105.64
N CYS BA 387 -7.92 0.90 -106.29
CA CYS BA 387 -7.26 -0.16 -107.06
C CYS BA 387 -5.75 -0.03 -106.93
N PRO BA 388 -5.07 -1.04 -106.38
CA PRO BA 388 -3.61 -0.94 -106.21
C PRO BA 388 -2.84 -0.94 -107.53
N SER BA 389 -3.48 -1.31 -108.64
CA SER BA 389 -2.81 -1.32 -109.93
C SER BA 389 -3.50 -0.34 -110.89
N ARG BA 390 -3.67 0.90 -110.46
CA ARG BA 390 -4.35 1.90 -111.27
C ARG BA 390 -3.91 3.29 -110.82
N TYR BA 391 -3.63 4.16 -111.78
CA TYR BA 391 -3.21 5.51 -111.46
C TYR BA 391 -3.61 6.45 -112.59
N HIS BA 392 -3.42 7.74 -112.34
CA HIS BA 392 -3.72 8.80 -113.30
C HIS BA 392 -2.44 9.60 -113.57
N CYS BA 393 -2.22 9.89 -114.85
CA CYS BA 393 -1.05 10.65 -115.29
C CYS BA 393 -1.50 12.00 -115.82
N THR BA 394 -0.93 13.06 -115.28
CA THR BA 394 -1.26 14.43 -115.66
C THR BA 394 -0.17 14.98 -116.58
N HIS BA 395 -0.61 15.69 -117.63
CA HIS BA 395 0.29 16.30 -118.59
C HIS BA 395 -0.38 17.54 -119.15
N VAL BA 396 0.40 18.36 -119.86
CA VAL BA 396 -0.13 19.59 -120.45
C VAL BA 396 -1.33 19.32 -121.35
N ALA BA 397 -1.49 18.08 -121.83
CA ALA BA 397 -2.66 17.75 -122.65
C ALA BA 397 -3.89 17.49 -121.81
N GLY BA 398 -3.74 16.81 -120.68
CA GLY BA 398 -4.89 16.49 -119.84
C GLY BA 398 -4.52 15.45 -118.79
N VAL BA 399 -5.44 14.51 -118.59
CA VAL BA 399 -5.29 13.44 -117.60
C VAL BA 399 -5.62 12.12 -118.28
N HIS BA 400 -4.71 11.17 -118.18
CA HIS BA 400 -4.91 9.80 -118.65
C HIS BA 400 -5.05 8.88 -117.45
N SER BA 401 -5.72 7.75 -117.67
CA SER BA 401 -5.88 6.72 -116.65
C SER BA 401 -5.19 5.45 -117.12
N VAL BA 402 -4.20 4.99 -116.36
CA VAL BA 402 -3.40 3.83 -116.73
C VAL BA 402 -3.52 2.79 -115.63
N GLY BA 403 -3.91 1.58 -116.03
CA GLY BA 403 -3.98 0.44 -115.12
C GLY BA 403 -3.01 -0.63 -115.54
N LEU BA 404 -2.39 -1.29 -114.55
CA LEU BA 404 -1.41 -2.32 -114.84
C LEU BA 404 -2.07 -3.56 -115.40
N THR BA 405 -1.60 -3.99 -116.58
CA THR BA 405 -2.11 -5.21 -117.20
C THR BA 405 -1.40 -6.46 -116.72
N TRP BA 406 -0.11 -6.35 -116.36
CA TRP BA 406 0.65 -7.48 -115.85
C TRP BA 406 0.32 -7.78 -114.39
N PHE BA 407 -0.60 -7.05 -113.77
CA PHE BA 407 -1.02 -7.39 -112.41
C PHE BA 407 -1.67 -8.77 -112.37
N ASN BA 408 -2.29 -9.19 -113.46
CA ASN BA 408 -2.87 -10.54 -113.52
C ASN BA 408 -1.78 -11.59 -113.47
N LYS BA 409 -0.70 -11.41 -114.25
CA LYS BA 409 0.42 -12.34 -114.20
C LYS BA 409 1.11 -12.31 -112.84
N LEU BA 410 1.16 -11.13 -112.22
CA LEU BA 410 1.73 -11.03 -110.88
C LEU BA 410 0.90 -11.80 -109.85
N GLU BA 411 -0.43 -11.70 -109.96
CA GLU BA 411 -1.30 -12.46 -109.06
C GLU BA 411 -1.17 -13.95 -109.32
N LYS BA 412 -1.03 -14.36 -110.58
CA LYS BA 412 -0.81 -15.77 -110.89
C LYS BA 412 0.51 -16.25 -110.30
N PHE BA 413 1.55 -15.43 -110.37
CA PHE BA 413 2.82 -15.75 -109.75
C PHE BA 413 2.67 -15.92 -108.24
N LEU BA 414 1.98 -14.98 -107.58
CA LEU BA 414 1.79 -15.05 -106.14
C LEU BA 414 0.97 -16.27 -105.74
N SER BA 415 0.02 -16.68 -106.59
CA SER BA 415 -0.80 -17.85 -106.27
C SER BA 415 -0.05 -19.15 -106.51
N SER BA 416 0.80 -19.20 -107.54
CA SER BA 416 1.53 -20.42 -107.84
C SER BA 416 2.73 -20.60 -106.90
N GLY BA 417 3.32 -19.52 -106.42
CA GLY BA 417 4.45 -19.60 -105.52
C GLY BA 417 5.58 -18.69 -105.96
N GLU BA 418 6.45 -18.35 -105.02
CA GLU BA 418 7.58 -17.48 -105.29
C GLU BA 418 8.86 -18.24 -105.59
N GLU BA 419 8.78 -19.54 -105.83
CA GLU BA 419 9.93 -20.38 -106.13
C GLU BA 419 9.62 -21.33 -107.28
N ASP BA 420 9.01 -20.80 -108.34
CA ASP BA 420 8.64 -21.57 -109.51
C ASP BA 420 9.30 -20.98 -110.76
N LYS BA 421 9.98 -21.83 -111.52
CA LYS BA 421 10.65 -21.34 -112.73
C LYS BA 421 9.65 -20.89 -113.78
N ASP BA 422 8.52 -21.59 -113.91
CA ASP BA 422 7.50 -21.18 -114.87
C ASP BA 422 6.91 -19.82 -114.50
N SER BA 423 6.62 -19.61 -113.21
CA SER BA 423 6.10 -18.32 -112.79
C SER BA 423 7.15 -17.22 -112.94
N LEU BA 424 8.41 -17.54 -112.68
CA LEU BA 424 9.48 -16.57 -112.88
C LEU BA 424 9.59 -16.16 -114.34
N GLN BA 425 9.47 -17.13 -115.25
CA GLN BA 425 9.51 -16.81 -116.68
C GLN BA 425 8.29 -16.00 -117.09
N GLU BA 426 7.11 -16.34 -116.55
CA GLU BA 426 5.91 -15.57 -116.85
C GLU BA 426 6.03 -14.12 -116.37
N LEU BA 427 6.69 -13.92 -115.23
CA LEU BA 427 6.93 -12.56 -114.75
C LEU BA 427 7.96 -11.85 -115.62
N ALA BA 428 9.00 -12.57 -116.05
CA ALA BA 428 10.03 -11.99 -116.91
C ALA BA 428 9.51 -11.70 -118.32
N ALA BA 429 8.36 -12.25 -118.69
CA ALA BA 429 7.78 -11.96 -119.99
C ALA BA 429 7.41 -10.48 -120.09
N GLU BA 430 7.09 -10.05 -121.31
CA GLU BA 430 6.73 -8.67 -121.58
C GLU BA 430 5.43 -8.61 -122.37
N GLN BA 431 4.70 -7.51 -122.18
CA GLN BA 431 3.44 -7.28 -122.88
C GLN BA 431 3.17 -5.78 -122.89
N LYS BA 432 2.03 -5.41 -123.46
CA LYS BA 432 1.62 -4.02 -123.56
C LYS BA 432 0.35 -3.79 -122.75
N CYS BA 433 0.11 -2.51 -122.43
CA CYS BA 433 -1.06 -2.10 -121.67
C CYS BA 433 -2.05 -1.38 -122.58
N LEU BA 434 -2.83 -0.47 -122.01
CA LEU BA 434 -3.83 0.28 -122.76
C LEU BA 434 -3.97 1.67 -122.14
N VAL BA 435 -3.77 2.71 -122.94
CA VAL BA 435 -3.86 4.08 -122.48
C VAL BA 435 -5.30 4.55 -122.65
N GLU BA 436 -5.83 5.23 -121.63
CA GLU BA 436 -7.20 5.73 -121.63
C GLU BA 436 -7.17 7.20 -121.25
N HIS BA 437 -7.18 8.08 -122.24
CA HIS BA 437 -7.24 9.52 -122.01
C HIS BA 437 -8.62 9.87 -121.47
N ILE BA 438 -8.69 10.20 -120.18
CA ILE BA 438 -9.99 10.47 -119.57
C ILE BA 438 -10.35 11.95 -119.57
N LEU BA 439 -9.39 12.85 -119.75
CA LEU BA 439 -9.72 14.27 -119.86
C LEU BA 439 -8.68 14.97 -120.72
N CYS BA 440 -9.14 15.86 -121.60
CA CYS BA 440 -8.27 16.66 -122.45
C CYS BA 440 -8.58 18.13 -122.19
N THR BA 441 -7.67 18.83 -121.52
CA THR BA 441 -7.89 20.21 -121.15
C THR BA 441 -7.76 21.17 -122.32
N LYS BA 442 -7.23 20.73 -123.46
CA LYS BA 442 -7.11 21.64 -124.58
C LYS BA 442 -8.24 21.41 -125.57
N PRO BA 443 -8.78 22.48 -126.17
CA PRO BA 443 -9.87 22.30 -127.15
C PRO BA 443 -9.42 21.67 -128.45
N LEU BA 444 -8.14 21.75 -128.78
CA LEU BA 444 -7.63 21.18 -130.03
C LEU BA 444 -6.13 20.93 -129.87
N ARG BA 445 -5.64 19.95 -130.64
CA ARG BA 445 -4.21 19.64 -130.58
C ARG BA 445 -3.35 20.77 -131.13
N CYS BA 446 -3.89 21.55 -132.08
CA CYS BA 446 -3.14 22.67 -132.64
C CYS BA 446 -3.15 23.88 -131.71
N ARG BA 447 -4.18 24.03 -130.90
CA ARG BA 447 -4.26 25.16 -129.99
C ARG BA 447 -3.29 24.96 -128.82
N LEU BA 448 -3.03 26.05 -128.11
CA LEU BA 448 -2.13 26.00 -126.98
C LEU BA 448 -2.76 25.22 -125.82
N PRO BA 449 -1.98 24.40 -125.12
CA PRO BA 449 -2.55 23.61 -124.02
C PRO BA 449 -2.74 24.43 -122.75
N SER BA 450 -2.85 23.74 -121.62
CA SER BA 450 -3.04 24.41 -120.33
C SER BA 450 -2.54 23.51 -119.21
N PRO BA 451 -1.53 23.96 -118.45
CA PRO BA 451 -1.03 23.14 -117.34
C PRO BA 451 -2.04 23.09 -116.20
N ILE BA 452 -1.70 22.27 -115.20
CA ILE BA 452 -2.54 22.07 -114.02
C ILE BA 452 -1.76 22.56 -112.81
N GLN BA 453 -2.18 23.69 -112.26
CA GLN BA 453 -1.54 24.24 -111.06
C GLN BA 453 -1.94 23.49 -109.79
N GLY BA 454 -2.85 22.52 -109.89
CA GLY BA 454 -3.29 21.75 -108.75
C GLY BA 454 -4.35 20.74 -109.11
N PHE BA 455 -4.17 19.50 -108.68
CA PHE BA 455 -5.08 18.42 -109.04
C PHE BA 455 -5.34 17.55 -107.82
N TRP BA 456 -6.60 17.21 -107.58
CA TRP BA 456 -6.98 16.39 -106.44
C TRP BA 456 -8.11 15.45 -106.85
N ILE BA 457 -8.29 14.40 -106.06
CA ILE BA 457 -9.32 13.39 -106.31
C ILE BA 457 -10.02 13.11 -104.98
N ILE BA 458 -11.35 13.22 -104.98
CA ILE BA 458 -12.16 12.90 -103.81
C ILE BA 458 -12.95 11.64 -104.13
N SER BA 459 -12.70 10.59 -103.35
CA SER BA 459 -13.35 9.29 -103.54
C SER BA 459 -14.20 9.00 -102.31
N ASP BA 460 -15.52 9.15 -102.45
CA ASP BA 460 -16.46 8.89 -101.37
C ASP BA 460 -17.34 7.70 -101.73
N LEU BA 461 -17.74 6.95 -100.69
CA LEU BA 461 -18.58 5.77 -100.90
C LEU BA 461 -20.00 6.15 -101.30
N PHE BA 462 -20.44 7.36 -100.98
CA PHE BA 462 -21.79 7.82 -101.33
C PHE BA 462 -21.78 8.90 -102.39
N LEU BA 463 -20.61 9.23 -102.95
CA LEU BA 463 -20.50 10.25 -103.98
C LEU BA 463 -19.66 9.84 -105.18
N GLY BA 464 -19.02 8.67 -105.15
CA GLY BA 464 -18.19 8.25 -106.26
C GLY BA 464 -16.84 8.94 -106.27
N THR BA 465 -16.27 9.09 -107.47
CA THR BA 465 -14.98 9.71 -107.65
C THR BA 465 -15.16 11.04 -108.38
N SER BA 466 -14.59 12.10 -107.81
CA SER BA 466 -14.67 13.44 -108.39
C SER BA 466 -13.26 14.02 -108.46
N MET BA 467 -12.81 14.36 -109.66
CA MET BA 467 -11.49 14.94 -109.86
C MET BA 467 -11.62 16.45 -110.02
N ILE BA 468 -10.81 17.19 -109.25
CA ILE BA 468 -10.83 18.65 -109.25
C ILE BA 468 -9.48 19.15 -109.73
N CYS BA 469 -9.50 20.20 -110.56
CA CYS BA 469 -8.29 20.73 -111.15
C CYS BA 469 -8.37 22.25 -111.24
N ILE BA 470 -7.21 22.89 -111.08
CA ILE BA 470 -7.08 24.33 -111.25
C ILE BA 470 -5.98 24.58 -112.27
N THR BA 471 -6.33 25.25 -113.37
CA THR BA 471 -5.40 25.54 -114.44
C THR BA 471 -4.77 26.92 -114.21
N CYS BA 472 -4.26 27.53 -115.28
CA CYS BA 472 -3.66 28.86 -115.16
C CYS BA 472 -4.68 29.95 -114.90
N ASP BA 473 -5.95 29.70 -115.20
CA ASP BA 473 -7.01 30.68 -114.95
C ASP BA 473 -7.44 30.74 -113.50
N PHE BA 474 -6.91 29.86 -112.65
CA PHE BA 474 -7.23 29.81 -111.21
C PHE BA 474 -8.73 29.62 -111.00
N GLU BA 475 -9.25 28.53 -111.56
CA GLU BA 475 -10.66 28.18 -111.44
C GLU BA 475 -10.78 26.69 -111.16
N CYS BA 476 -11.47 26.35 -110.07
CA CYS BA 476 -11.62 24.96 -109.66
C CYS BA 476 -12.70 24.31 -110.52
N ILE BA 477 -12.28 23.40 -111.40
CA ILE BA 477 -13.19 22.65 -112.25
C ILE BA 477 -13.26 21.22 -111.72
N VAL BA 478 -14.48 20.75 -111.45
CA VAL BA 478 -14.72 19.42 -110.91
C VAL BA 478 -15.42 18.58 -111.97
N ARG BA 479 -15.05 17.30 -112.04
CA ARG BA 479 -15.63 16.38 -113.00
C ARG BA 479 -15.81 15.02 -112.34
N PRO BA 480 -16.99 14.40 -112.46
CA PRO BA 480 -17.20 13.08 -111.86
C PRO BA 480 -16.85 11.96 -112.82
N LEU BA 481 -16.15 10.96 -112.30
CA LEU BA 481 -15.73 9.79 -113.06
C LEU BA 481 -16.37 8.54 -112.45
N LEU BA 482 -16.02 7.39 -113.01
CA LEU BA 482 -16.52 6.13 -112.49
C LEU BA 482 -15.90 5.81 -111.13
N THR BA 483 -16.53 4.89 -110.41
CA THR BA 483 -16.02 4.48 -109.11
C THR BA 483 -14.69 3.76 -109.25
N THR BA 484 -14.60 2.83 -110.20
CA THR BA 484 -13.37 2.10 -110.45
C THR BA 484 -13.43 1.48 -111.84
N ILE BA 485 -12.36 1.67 -112.61
CA ILE BA 485 -12.23 1.09 -113.93
C ILE BA 485 -11.25 -0.07 -113.85
N ARG BA 486 -11.35 -0.99 -114.81
CA ARG BA 486 -10.55 -2.18 -114.79
C ARG BA 486 -9.75 -2.33 -116.07
N PRO BA 487 -8.53 -2.85 -116.00
CA PRO BA 487 -7.76 -3.15 -117.21
C PRO BA 487 -8.31 -4.36 -117.92
N PRO BA 488 -7.64 -4.87 -118.97
CA PRO BA 488 -8.01 -6.19 -119.53
C PRO BA 488 -8.23 -7.23 -118.45
N SER BA 489 -9.18 -8.15 -118.68
CA SER BA 489 -9.67 -9.05 -117.64
C SER BA 489 -9.39 -10.51 -118.02
N PRO BA 490 -8.19 -11.01 -117.71
CA PRO BA 490 -7.97 -12.46 -117.71
C PRO BA 490 -8.53 -13.06 -116.43
N PRO BA 491 -8.31 -14.35 -116.17
CA PRO BA 491 -8.61 -14.89 -114.83
C PRO BA 491 -8.03 -14.04 -113.71
N LEU BA 492 -8.76 -13.00 -113.32
CA LEU BA 492 -8.28 -12.02 -112.35
C LEU BA 492 -9.24 -11.97 -111.15
N LEU BA 493 -8.81 -11.22 -110.13
CA LEU BA 493 -9.64 -11.00 -108.95
C LEU BA 493 -10.66 -9.91 -109.26
N CYS BA 494 -11.91 -10.31 -109.51
CA CYS BA 494 -12.98 -9.37 -109.82
C CYS BA 494 -14.15 -9.67 -108.90
N SER BA 495 -14.57 -8.66 -108.13
CA SER BA 495 -15.67 -8.78 -107.19
C SER BA 495 -16.70 -7.68 -107.43
N GLN BA 496 -17.00 -7.40 -108.69
CA GLN BA 496 -17.97 -6.38 -109.06
C GLN BA 496 -19.10 -6.93 -109.91
N SER BA 497 -18.78 -7.66 -110.98
CA SER BA 497 -19.79 -8.22 -111.86
C SER BA 497 -19.56 -9.68 -112.22
N ASP BA 498 -18.37 -10.22 -112.02
CA ASP BA 498 -18.09 -11.62 -112.34
C ASP BA 498 -18.43 -12.52 -111.17
N LYS BA 499 -18.76 -13.77 -111.48
CA LYS BA 499 -19.13 -14.76 -110.50
C LYS BA 499 -18.07 -15.85 -110.41
N SER BA 500 -18.19 -16.68 -109.39
CA SER BA 500 -17.25 -17.78 -109.17
C SER BA 500 -17.96 -19.13 -109.26
N SER BA 501 -19.24 -19.16 -108.90
CA SER BA 501 -20.02 -20.39 -108.95
C SER BA 501 -21.49 -20.08 -109.17
N THR BA 502 -22.20 -19.70 -108.10
CA THR BA 502 -23.60 -19.36 -108.17
C THR BA 502 -23.90 -17.89 -107.89
N GLU BA 503 -23.02 -17.17 -107.20
CA GLU BA 503 -23.22 -15.77 -106.89
C GLU BA 503 -21.91 -15.02 -107.14
N ILE BA 504 -21.93 -13.71 -106.87
CA ILE BA 504 -20.75 -12.89 -107.06
C ILE BA 504 -19.78 -13.19 -105.92
N LEU BA 505 -18.56 -13.60 -106.27
CA LEU BA 505 -17.53 -13.93 -105.29
C LEU BA 505 -16.18 -13.47 -105.82
N PRO BA 506 -15.31 -12.94 -104.96
CA PRO BA 506 -13.98 -12.52 -105.41
C PRO BA 506 -13.09 -13.69 -105.76
N HIS BA 507 -13.25 -14.23 -106.97
CA HIS BA 507 -12.46 -15.37 -107.42
C HIS BA 507 -11.16 -14.92 -108.03
N VAL BA 508 -10.10 -15.70 -107.80
CA VAL BA 508 -8.79 -15.40 -108.38
C VAL BA 508 -8.52 -16.19 -109.65
N LEU BA 509 -9.22 -17.31 -109.87
CA LEU BA 509 -9.06 -18.13 -111.06
C LEU BA 509 -10.40 -18.25 -111.78
N ALA BA 510 -10.36 -18.17 -113.11
CA ALA BA 510 -11.56 -18.23 -113.93
C ALA BA 510 -12.06 -19.67 -113.96
N ASP BA 511 -13.03 -19.98 -113.11
CA ASP BA 511 -13.66 -21.30 -113.07
C ASP BA 511 -15.07 -21.30 -113.64
N VAL BA 512 -15.86 -20.26 -113.37
CA VAL BA 512 -17.20 -20.12 -113.90
C VAL BA 512 -17.34 -18.72 -114.49
N LYS BA 513 -17.77 -18.64 -115.75
CA LYS BA 513 -17.93 -17.35 -116.40
C LYS BA 513 -19.02 -16.54 -115.71
N GLY BA 514 -18.72 -15.26 -115.47
CA GLY BA 514 -19.69 -14.36 -114.88
C GLY BA 514 -20.75 -13.96 -115.90
N PRO BA 515 -20.76 -12.69 -116.30
CA PRO BA 515 -21.67 -12.26 -117.35
C PRO BA 515 -21.11 -12.55 -118.73
N PHE BA 516 -20.57 -11.53 -119.38
CA PHE BA 516 -19.87 -11.65 -120.66
C PHE BA 516 -18.67 -10.72 -120.70
N GLU BA 517 -17.97 -10.62 -119.56
CA GLU BA 517 -16.87 -9.66 -119.47
C GLU BA 517 -15.70 -10.05 -120.38
N GLU BA 518 -15.42 -11.34 -120.49
CA GLU BA 518 -14.31 -11.77 -121.35
C GLU BA 518 -14.60 -11.48 -122.81
N HIS BA 519 -15.82 -11.77 -123.28
CA HIS BA 519 -16.17 -11.45 -124.65
C HIS BA 519 -16.22 -9.95 -124.88
N ILE BA 520 -16.69 -9.18 -123.90
CA ILE BA 520 -16.71 -7.73 -124.02
C ILE BA 520 -15.30 -7.18 -124.15
N ARG BA 521 -14.37 -7.70 -123.37
CA ARG BA 521 -12.98 -7.26 -123.47
C ARG BA 521 -12.36 -7.67 -124.80
N GLY BA 522 -12.64 -8.89 -125.25
CA GLY BA 522 -12.12 -9.32 -126.54
C GLY BA 522 -12.66 -8.49 -127.69
N ILE BA 523 -13.89 -7.99 -127.58
CA ILE BA 523 -14.44 -7.12 -128.60
C ILE BA 523 -13.84 -5.73 -128.50
N LEU BA 524 -13.67 -5.21 -127.28
CA LEU BA 524 -13.11 -3.88 -127.06
C LEU BA 524 -11.59 -3.83 -127.18
N ARG BA 525 -10.94 -4.96 -127.47
CA ARG BA 525 -9.49 -4.99 -127.63
C ARG BA 525 -9.03 -3.99 -128.68
N ARG BA 526 -8.61 -2.80 -128.25
CA ARG BA 526 -8.19 -1.75 -129.16
C ARG BA 526 -6.90 -1.11 -128.69
N ASN BA 527 -6.49 -0.03 -129.36
CA ASN BA 527 -5.28 0.70 -128.97
C ASN BA 527 -5.49 2.22 -129.01
N SER BA 528 -6.73 2.68 -129.05
CA SER BA 528 -7.06 4.10 -129.09
C SER BA 528 -7.76 4.50 -127.79
N ALA BA 529 -8.35 5.69 -127.80
CA ALA BA 529 -9.05 6.20 -126.63
C ALA BA 529 -10.11 7.20 -127.08
N ASN BA 530 -11.00 7.55 -126.14
CA ASN BA 530 -12.07 8.51 -126.37
C ASN BA 530 -11.95 9.62 -125.34
N PRO BA 531 -11.09 10.62 -125.59
CA PRO BA 531 -10.89 11.67 -124.60
C PRO BA 531 -12.07 12.64 -124.55
N LEU BA 532 -12.43 13.04 -123.33
CA LEU BA 532 -13.48 14.03 -123.12
C LEU BA 532 -12.83 15.41 -123.05
N LEU BA 533 -13.25 16.31 -123.93
CA LEU BA 533 -12.65 17.64 -123.99
C LEU BA 533 -13.24 18.56 -122.92
N LEU BA 534 -12.41 19.48 -122.45
CA LEU BA 534 -12.82 20.45 -121.44
C LEU BA 534 -12.29 21.83 -121.82
N ASN BA 535 -13.11 22.85 -121.62
CA ASN BA 535 -12.73 24.22 -121.94
C ASN BA 535 -11.94 24.80 -120.77
N SER BA 536 -10.62 24.93 -120.95
CA SER BA 536 -9.80 25.49 -119.88
C SER BA 536 -8.49 26.09 -120.38
N SER BA 537 -8.35 26.36 -121.67
CA SER BA 537 -7.12 26.93 -122.23
C SER BA 537 -7.39 28.35 -122.72
N SER BA 538 -6.30 29.09 -122.93
CA SER BA 538 -6.37 30.47 -123.41
C SER BA 538 -6.08 30.46 -124.91
N LYS BA 539 -7.13 30.57 -125.70
CA LYS BA 539 -6.97 30.58 -127.15
C LYS BA 539 -6.43 31.92 -127.63
N ASP BA 540 -5.96 31.93 -128.88
CA ASP BA 540 -5.39 33.14 -129.47
C ASP BA 540 -6.44 33.96 -130.23
N SER BA 541 -7.33 33.30 -130.96
CA SER BA 541 -8.35 33.99 -131.74
C SER BA 541 -9.58 33.09 -131.82
N SER BA 542 -10.44 33.35 -132.79
CA SER BA 542 -11.65 32.57 -132.96
C SER BA 542 -11.33 31.20 -133.56
N PRO BA 543 -12.10 30.17 -133.19
CA PRO BA 543 -11.85 28.83 -133.74
C PRO BA 543 -12.17 28.77 -135.22
N PRO BA 544 -11.30 28.19 -136.03
CA PRO BA 544 -11.56 28.09 -137.46
C PRO BA 544 -12.68 27.09 -137.75
N PRO BA 545 -13.59 27.42 -138.66
CA PRO BA 545 -14.66 26.47 -139.00
C PRO BA 545 -14.15 25.19 -139.61
N GLU BA 546 -13.11 25.28 -140.46
CA GLU BA 546 -12.53 24.08 -141.04
C GLU BA 546 -11.93 23.18 -139.96
N GLU BA 547 -11.20 23.77 -139.01
CA GLU BA 547 -10.62 22.99 -137.93
C GLU BA 547 -11.69 22.38 -137.06
N CYS BA 548 -12.77 23.12 -136.79
CA CYS BA 548 -13.87 22.58 -136.00
C CYS BA 548 -14.54 21.41 -136.70
N LEU BA 549 -14.78 21.53 -138.01
CA LEU BA 549 -15.39 20.44 -138.76
C LEU BA 549 -14.46 19.23 -138.80
N GLN BA 550 -13.16 19.45 -138.96
CA GLN BA 550 -12.22 18.33 -138.97
C GLN BA 550 -12.19 17.63 -137.62
N LEU BA 551 -12.18 18.38 -136.53
CA LEU BA 551 -12.19 17.77 -135.19
C LEU BA 551 -13.49 17.00 -134.96
N LEU BA 552 -14.62 17.57 -135.37
CA LEU BA 552 -15.90 16.88 -135.20
C LEU BA 552 -15.95 15.59 -136.01
N SER BA 553 -15.45 15.63 -137.25
CA SER BA 553 -15.45 14.43 -138.08
C SER BA 553 -14.53 13.37 -137.50
N ARG BA 554 -13.35 13.77 -137.01
CA ARG BA 554 -12.44 12.81 -136.40
C ARG BA 554 -13.05 12.18 -135.16
N ALA BA 555 -13.70 12.99 -134.32
CA ALA BA 555 -14.32 12.47 -133.11
C ALA BA 555 -15.46 11.51 -133.45
N THR BA 556 -16.29 11.86 -134.43
CA THR BA 556 -17.39 10.99 -134.82
C THR BA 556 -16.88 9.68 -135.40
N GLN BA 557 -15.82 9.73 -136.22
CA GLN BA 557 -15.25 8.52 -136.78
C GLN BA 557 -14.66 7.64 -135.69
N VAL BA 558 -13.93 8.23 -134.75
CA VAL BA 558 -13.35 7.45 -133.65
C VAL BA 558 -14.45 6.80 -132.82
N PHE BA 559 -15.53 7.55 -132.54
CA PHE BA 559 -16.63 6.99 -131.78
C PHE BA 559 -17.29 5.83 -132.52
N ARG BA 560 -17.63 6.04 -133.79
CA ARG BA 560 -18.28 4.99 -134.58
C ARG BA 560 -17.39 3.77 -134.78
N GLU BA 561 -16.06 3.94 -134.72
CA GLU BA 561 -15.16 2.81 -134.91
C GLU BA 561 -14.79 2.12 -133.60
N GLU BA 562 -14.91 2.79 -132.46
CA GLU BA 562 -14.47 2.22 -131.19
C GLU BA 562 -15.59 1.89 -130.22
N TYR BA 563 -16.81 2.35 -130.46
CA TYR BA 563 -17.89 2.05 -129.52
C TYR BA 563 -19.15 1.54 -130.20
N LEU BA 564 -19.46 2.02 -131.42
CA LEU BA 564 -20.72 1.66 -132.06
C LEU BA 564 -20.78 0.17 -132.39
N LEU BA 565 -19.73 -0.34 -133.04
CA LEU BA 565 -19.72 -1.76 -133.41
C LEU BA 565 -19.69 -2.64 -132.17
N LYS BA 566 -18.96 -2.22 -131.13
CA LYS BA 566 -18.91 -3.00 -129.90
C LYS BA 566 -20.27 -3.05 -129.21
N GLN BA 567 -20.98 -1.92 -129.16
CA GLN BA 567 -22.31 -1.90 -128.55
C GLN BA 567 -23.30 -2.72 -129.38
N ASP BA 568 -23.15 -2.68 -130.72
CA ASP BA 568 -24.01 -3.51 -131.56
C ASP BA 568 -23.77 -4.99 -131.31
N LEU BA 569 -22.49 -5.39 -131.20
CA LEU BA 569 -22.18 -6.78 -130.91
C LEU BA 569 -22.70 -7.19 -129.55
N ALA BA 570 -22.59 -6.31 -128.56
CA ALA BA 570 -23.11 -6.61 -127.23
C ALA BA 570 -24.62 -6.77 -127.25
N ASN BA 571 -25.32 -5.89 -127.98
CA ASN BA 571 -26.77 -6.00 -128.09
C ASN BA 571 -27.17 -7.29 -128.80
N GLU BA 572 -26.42 -7.68 -129.83
CA GLU BA 572 -26.72 -8.93 -130.52
C GLU BA 572 -26.49 -10.13 -129.60
N GLU BA 573 -25.40 -10.11 -128.82
CA GLU BA 573 -25.14 -11.20 -127.89
C GLU BA 573 -26.20 -11.27 -126.80
N ILE BA 574 -26.73 -10.12 -126.37
CA ILE BA 574 -27.79 -10.13 -125.37
C ILE BA 574 -29.10 -10.66 -125.97
N GLN BA 575 -29.42 -10.23 -127.19
CA GLN BA 575 -30.62 -10.72 -127.87
C GLN BA 575 -30.51 -12.19 -128.26
N ARG BA 576 -29.29 -12.74 -128.29
CA ARG BA 576 -29.13 -14.15 -128.62
C ARG BA 576 -29.83 -15.05 -127.61
N ARG BA 577 -29.88 -14.63 -126.34
CA ARG BA 577 -30.50 -15.45 -125.30
C ARG BA 577 -31.80 -14.81 -124.82
N VAL BA 578 -32.79 -14.70 -125.72
CA VAL BA 578 -34.09 -14.15 -125.37
C VAL BA 578 -35.17 -15.11 -125.85
N LYS BA 579 -35.20 -15.38 -127.16
CA LYS BA 579 -36.14 -16.35 -127.70
C LYS BA 579 -35.89 -17.74 -127.14
N LEU BA 580 -34.60 -18.10 -126.97
CA LEU BA 580 -34.27 -19.38 -126.35
C LEU BA 580 -34.76 -19.42 -124.90
N LEU BA 581 -34.64 -18.30 -124.19
CA LEU BA 581 -35.12 -18.23 -122.81
C LEU BA 581 -36.64 -18.41 -122.76
N ILE BA 582 -37.36 -17.76 -123.66
CA ILE BA 582 -38.82 -17.89 -123.68
C ILE BA 582 -39.23 -19.32 -124.03
N ALA BA 583 -38.53 -19.94 -125.00
CA ALA BA 583 -38.83 -21.32 -125.35
C ALA BA 583 -38.56 -22.26 -124.20
N GLN BA 584 -37.45 -22.06 -123.49
CA GLN BA 584 -37.14 -22.91 -122.34
C GLN BA 584 -38.17 -22.72 -121.23
N LYS BA 585 -38.62 -21.48 -121.01
CA LYS BA 585 -39.64 -21.23 -120.00
C LYS BA 585 -40.96 -21.91 -120.36
N GLU BA 586 -41.36 -21.83 -121.63
CA GLU BA 586 -42.59 -22.50 -122.05
C GLU BA 586 -42.47 -24.02 -121.93
N LYS BA 587 -41.31 -24.57 -122.30
CA LYS BA 587 -41.11 -26.00 -122.16
C LYS BA 587 -41.15 -26.44 -120.70
N GLN BA 588 -40.54 -25.64 -119.82
CA GLN BA 588 -40.57 -25.97 -118.40
C GLN BA 588 -41.98 -25.86 -117.83
N LEU BA 589 -42.76 -24.89 -118.30
CA LEU BA 589 -44.15 -24.78 -117.84
C LEU BA 589 -44.97 -25.98 -118.30
N GLU BA 590 -44.80 -26.40 -119.55
CA GLU BA 590 -45.51 -27.58 -120.04
C GLU BA 590 -45.08 -28.83 -119.26
N ASP BA 591 -43.79 -28.96 -118.98
CA ASP BA 591 -43.31 -30.10 -118.21
C ASP BA 591 -43.87 -30.10 -116.80
N LEU BA 592 -43.98 -28.92 -116.19
CA LEU BA 592 -44.53 -28.83 -114.84
C LEU BA 592 -46.01 -29.14 -114.83
N ARG BA 593 -46.75 -28.74 -115.88
CA ARG BA 593 -48.16 -29.11 -115.97
C ARG BA 593 -48.32 -30.62 -116.13
N TYR BA 594 -47.49 -31.23 -116.99
CA TYR BA 594 -47.52 -32.68 -117.15
C TYR BA 594 -47.18 -33.38 -115.83
N CYS BA 595 -46.21 -32.84 -115.09
CA CYS BA 595 -45.85 -33.43 -113.80
C CYS BA 595 -46.97 -33.27 -112.78
N ARG BA 596 -47.69 -32.14 -112.83
CA ARG BA 596 -48.81 -31.95 -111.93
C ARG BA 596 -49.94 -32.93 -112.23
N GLU BA 597 -50.18 -33.20 -113.51
CA GLU BA 597 -51.19 -34.21 -113.86
C GLU BA 597 -50.73 -35.61 -113.45
N GLU BA 598 -49.46 -35.94 -113.70
CA GLU BA 598 -48.94 -37.23 -113.29
C GLU BA 598 -48.94 -37.38 -111.77
N ARG BA 599 -48.88 -36.27 -111.03
CA ARG BA 599 -48.96 -36.33 -109.58
C ARG BA 599 -50.31 -36.86 -109.12
N LYS BA 600 -51.40 -36.33 -109.68
CA LYS BA 600 -52.71 -36.84 -109.33
C LYS BA 600 -52.92 -38.26 -109.87
N SER BA 601 -52.34 -38.58 -111.02
CA SER BA 601 -52.43 -39.95 -111.53
C SER BA 601 -51.75 -40.93 -110.58
N LEU BA 602 -50.55 -40.58 -110.11
CA LEU BA 602 -49.83 -41.43 -109.17
C LEU BA 602 -50.53 -41.48 -107.82
N THR BA 603 -51.18 -40.40 -107.41
CA THR BA 603 -51.95 -40.43 -106.16
C THR BA 603 -53.14 -41.38 -106.28
N GLU BA 604 -53.82 -41.36 -107.43
CA GLU BA 604 -54.93 -42.29 -107.65
C GLU BA 604 -54.44 -43.74 -107.63
N THR BA 605 -53.38 -44.03 -108.39
CA THR BA 605 -52.85 -45.39 -108.39
C THR BA 605 -52.29 -45.77 -107.03
N ALA BA 606 -51.87 -44.79 -106.23
CA ALA BA 606 -51.34 -45.08 -104.91
C ALA BA 606 -52.45 -45.45 -103.93
N GLU BA 607 -53.57 -44.74 -103.98
CA GLU BA 607 -54.69 -45.15 -103.13
C GLU BA 607 -55.27 -46.49 -103.60
N ARG BA 608 -55.22 -46.76 -104.91
CA ARG BA 608 -55.64 -48.07 -105.40
C ARG BA 608 -54.73 -49.18 -104.85
N LEU BA 609 -53.41 -48.98 -104.95
CA LEU BA 609 -52.47 -49.94 -104.39
C LEU BA 609 -52.63 -50.07 -102.88
N ALA BA 610 -52.97 -48.98 -102.19
CA ALA BA 610 -53.14 -49.05 -100.75
C ALA BA 610 -54.38 -49.87 -100.38
N GLU BA 611 -55.48 -49.67 -101.09
CA GLU BA 611 -56.68 -50.47 -100.81
C GLU BA 611 -56.46 -51.94 -101.16
N LYS BA 612 -55.71 -52.21 -102.24
CA LYS BA 612 -55.39 -53.59 -102.57
C LYS BA 612 -54.48 -54.23 -101.52
N PHE BA 613 -53.54 -53.45 -100.98
CA PHE BA 613 -52.67 -53.96 -99.93
C PHE BA 613 -53.45 -54.20 -98.65
N GLU BA 614 -54.42 -53.34 -98.35
CA GLU BA 614 -55.26 -53.58 -97.17
C GLU BA 614 -56.10 -54.83 -97.34
N GLU BA 615 -56.64 -55.06 -98.55
CA GLU BA 615 -57.37 -56.29 -98.80
C GLU BA 615 -56.48 -57.52 -98.65
N ALA BA 616 -55.26 -57.46 -99.20
CA ALA BA 616 -54.34 -58.57 -99.07
C ALA BA 616 -53.96 -58.81 -97.61
N LYS BA 617 -53.79 -57.72 -96.84
CA LYS BA 617 -53.43 -57.86 -95.44
C LYS BA 617 -54.56 -58.49 -94.64
N GLU BA 618 -55.80 -58.07 -94.88
CA GLU BA 618 -56.92 -58.68 -94.15
C GLU BA 618 -57.12 -60.13 -94.58
N LYS BA 619 -56.87 -60.47 -95.85
CA LYS BA 619 -56.96 -61.86 -96.27
C LYS BA 619 -55.90 -62.71 -95.60
N GLN BA 620 -54.66 -62.21 -95.53
CA GLN BA 620 -53.59 -62.94 -94.86
C GLN BA 620 -53.86 -63.06 -93.37
N GLU BA 621 -54.45 -62.03 -92.75
CA GLU BA 621 -54.78 -62.12 -91.33
C GLU BA 621 -55.86 -63.16 -91.08
N ASP BA 622 -56.87 -63.23 -91.95
CA ASP BA 622 -57.88 -64.27 -91.82
C ASP BA 622 -57.26 -65.66 -92.01
N LEU BA 623 -56.34 -65.79 -92.97
CA LEU BA 623 -55.68 -67.08 -93.19
C LEU BA 623 -54.84 -67.48 -92.00
N ILE BA 624 -54.13 -66.52 -91.39
CA ILE BA 624 -53.31 -66.81 -90.23
C ILE BA 624 -54.18 -67.20 -89.03
N ASN BA 625 -55.32 -66.53 -88.87
CA ASN BA 625 -56.23 -66.90 -87.80
C ASN BA 625 -56.79 -68.30 -88.01
N ARG BA 626 -57.13 -68.64 -89.26
CA ARG BA 626 -57.63 -69.98 -89.54
C ARG BA 626 -56.55 -71.03 -89.26
N LEU BA 627 -55.30 -70.74 -89.66
CA LEU BA 627 -54.21 -71.67 -89.40
C LEU BA 627 -53.98 -71.85 -87.90
N LYS BA 628 -54.07 -70.76 -87.14
CA LYS BA 628 -53.91 -70.86 -85.69
C LYS BA 628 -55.03 -71.67 -85.06
N ARG BA 629 -56.27 -71.44 -85.50
CA ARG BA 629 -57.38 -72.23 -84.98
C ARG BA 629 -57.25 -73.70 -85.36
N ILE BA 630 -56.66 -73.99 -86.52
CA ILE BA 630 -56.48 -75.38 -86.93
C ILE BA 630 -55.40 -76.05 -86.09
N LEU BA 631 -54.24 -75.39 -85.93
CA LEU BA 631 -53.14 -75.99 -85.19
C LEU BA 631 -53.39 -76.02 -83.69
N ARG BA 632 -54.31 -75.19 -83.18
CA ARG BA 632 -54.61 -75.22 -81.75
C ARG BA 632 -55.44 -76.44 -81.38
N SER BA 633 -56.19 -76.98 -82.34
CA SER BA 633 -57.01 -78.16 -82.09
C SER BA 633 -56.26 -79.46 -82.37
N PHE BA 634 -55.07 -79.40 -82.93
CA PHE BA 634 -54.29 -80.60 -83.22
C PHE BA 634 -53.65 -81.21 -81.98
N HIS BA 635 -53.65 -80.49 -80.86
CA HIS BA 635 -53.05 -80.99 -79.62
C HIS BA 635 -53.96 -81.95 -78.87
N THR BA 636 -54.96 -82.52 -79.53
CA THR BA 636 -55.84 -83.52 -78.94
C THR BA 636 -55.80 -84.83 -79.71
N GLN BA 637 -54.88 -84.98 -80.64
CA GLN BA 637 -54.78 -86.18 -81.47
C GLN BA 637 -53.40 -86.83 -81.32
N LEU BA 638 -52.87 -87.35 -82.42
CA LEU BA 638 -51.55 -88.00 -82.48
C LEU BA 638 -51.48 -89.14 -81.48
N PRO BA 639 -51.94 -90.34 -81.85
CA PRO BA 639 -51.90 -91.47 -80.90
C PRO BA 639 -50.50 -92.09 -80.83
N VAL BA 640 -50.23 -92.69 -79.67
CA VAL BA 640 -49.01 -93.43 -79.38
C VAL BA 640 -47.81 -92.49 -79.31
N LEU BA 641 -47.03 -92.59 -78.23
CA LEU BA 641 -45.86 -91.74 -78.04
C LEU BA 641 -44.76 -92.14 -79.02
N SER BA 642 -43.67 -91.38 -79.00
CA SER BA 642 -42.53 -91.60 -79.87
C SER BA 642 -41.27 -91.75 -79.02
N GLU BA 643 -40.12 -91.80 -79.69
CA GLU BA 643 -38.85 -91.92 -78.98
C GLU BA 643 -38.49 -90.63 -78.25
N SER BA 644 -38.84 -89.49 -78.83
CA SER BA 644 -38.54 -88.20 -78.22
C SER BA 644 -39.70 -87.63 -77.41
N GLU BA 645 -40.82 -88.35 -77.32
CA GLU BA 645 -41.97 -87.83 -76.60
C GLU BA 645 -41.76 -87.88 -75.09
N ARG BA 646 -41.01 -88.87 -74.59
CA ARG BA 646 -40.74 -88.93 -73.16
C ARG BA 646 -39.78 -87.84 -72.73
N ASP BA 647 -38.78 -87.55 -73.56
CA ASP BA 647 -37.91 -86.40 -73.30
C ASP BA 647 -38.70 -85.10 -73.30
N MET BA 648 -39.64 -84.97 -74.25
CA MET BA 648 -40.50 -83.79 -74.26
C MET BA 648 -41.35 -83.71 -73.00
N LYS BA 649 -41.84 -84.85 -72.51
CA LYS BA 649 -42.65 -84.86 -71.30
C LYS BA 649 -41.83 -84.44 -70.08
N LYS BA 650 -40.62 -84.97 -69.94
CA LYS BA 650 -39.79 -84.61 -68.79
C LYS BA 650 -39.34 -83.15 -68.88
N GLU BA 651 -39.04 -82.67 -70.09
CA GLU BA 651 -38.70 -81.26 -70.24
C GLU BA 651 -39.89 -80.37 -69.93
N LEU BA 652 -41.10 -80.81 -70.28
CA LEU BA 652 -42.29 -80.03 -69.97
C LEU BA 652 -42.57 -80.02 -68.47
N GLN BA 653 -42.29 -81.13 -67.78
CA GLN BA 653 -42.44 -81.16 -66.33
C GLN BA 653 -41.43 -80.23 -65.66
N ALA BA 654 -40.19 -80.24 -66.13
CA ALA BA 654 -39.18 -79.33 -65.60
C ALA BA 654 -39.57 -77.88 -65.86
N THR BA 655 -40.06 -77.58 -67.07
CA THR BA 655 -40.52 -76.23 -67.37
C THR BA 655 -41.72 -75.84 -66.53
N ASN BA 656 -42.60 -76.79 -66.20
CA ASN BA 656 -43.77 -76.49 -65.39
C ASN BA 656 -43.36 -76.14 -63.96
N GLN BA 657 -42.45 -76.92 -63.38
CA GLN BA 657 -42.02 -76.60 -62.02
C GLN BA 657 -41.22 -75.29 -61.99
N GLN BA 658 -40.38 -75.06 -63.01
CA GLN BA 658 -39.67 -73.80 -63.10
C GLN BA 658 -40.63 -72.62 -63.27
N LEU BA 659 -41.70 -72.83 -64.04
CA LEU BA 659 -42.69 -71.77 -64.25
C LEU BA 659 -43.45 -71.48 -62.96
N GLN BA 660 -43.76 -72.52 -62.18
CA GLN BA 660 -44.40 -72.30 -60.89
C GLN BA 660 -43.50 -71.52 -59.96
N GLN BA 661 -42.20 -71.88 -59.91
CA GLN BA 661 -41.27 -71.16 -59.07
C GLN BA 661 -41.15 -69.70 -59.51
N LEU BA 662 -41.03 -69.46 -60.81
CA LEU BA 662 -40.92 -68.10 -61.32
C LEU BA 662 -42.20 -67.32 -61.11
N GLY BA 663 -43.37 -67.99 -61.15
CA GLY BA 663 -44.61 -67.30 -60.87
C GLY BA 663 -44.73 -66.89 -59.43
N ASN BA 664 -44.30 -67.75 -58.50
CA ASN BA 664 -44.25 -67.36 -57.09
C ASN BA 664 -43.29 -66.20 -56.88
N SER BA 665 -42.13 -66.24 -57.54
CA SER BA 665 -41.17 -65.15 -57.43
C SER BA 665 -41.75 -63.85 -57.98
N ILE BA 666 -42.46 -63.91 -59.10
CA ILE BA 666 -43.08 -62.72 -59.67
C ILE BA 666 -44.18 -62.20 -58.75
N ASN BA 667 -44.95 -63.11 -58.14
CA ASN BA 667 -46.01 -62.70 -57.24
C ASN BA 667 -45.47 -61.97 -56.01
N GLN BA 668 -44.35 -62.46 -55.45
CA GLN BA 668 -43.78 -61.77 -54.30
C GLN BA 668 -43.06 -60.48 -54.72
N VAL BA 669 -42.42 -60.47 -55.90
CA VAL BA 669 -41.73 -59.26 -56.36
C VAL BA 669 -42.73 -58.16 -56.67
N ASN BA 670 -43.91 -58.51 -57.16
CA ASN BA 670 -44.94 -57.49 -57.42
C ASN BA 670 -45.37 -56.81 -56.14
N ARG BA 671 -45.58 -57.59 -55.07
CA ARG BA 671 -45.94 -56.98 -53.79
C ARG BA 671 -44.79 -56.16 -53.23
N LYS BA 672 -43.56 -56.65 -53.36
CA LYS BA 672 -42.41 -55.88 -52.90
C LYS BA 672 -42.31 -54.53 -53.62
N MET BA 673 -42.53 -54.54 -54.94
CA MET BA 673 -42.47 -53.30 -55.70
C MET BA 673 -43.62 -52.37 -55.35
N SER BA 674 -44.82 -52.92 -55.16
CA SER BA 674 -45.96 -52.09 -54.78
C SER BA 674 -45.76 -51.49 -53.40
N TYR BA 675 -45.00 -52.15 -52.54
CA TYR BA 675 -44.73 -51.59 -51.21
C TYR BA 675 -43.58 -50.59 -51.24
N GLN BA 676 -42.60 -50.78 -52.12
CA GLN BA 676 -41.42 -49.93 -52.14
C GLN BA 676 -41.50 -48.78 -53.12
N GLU BA 677 -42.53 -48.74 -53.98
CA GLU BA 677 -42.63 -47.66 -54.95
C GLU BA 677 -42.87 -46.31 -54.28
N LYS BA 678 -43.70 -46.29 -53.24
CA LYS BA 678 -43.94 -45.04 -52.51
C LYS BA 678 -42.66 -44.54 -51.85
N GLN BA 679 -41.88 -45.45 -51.25
CA GLN BA 679 -40.62 -45.06 -50.64
C GLN BA 679 -39.63 -44.56 -51.68
N MET BA 680 -39.57 -45.22 -52.84
CA MET BA 680 -38.66 -44.79 -53.89
C MET BA 680 -39.05 -43.42 -54.44
N GLU BA 681 -40.36 -43.15 -54.54
CA GLU BA 681 -40.81 -41.84 -55.02
C GLU BA 681 -40.58 -40.76 -53.97
N LYS BA 682 -40.69 -41.11 -52.68
CA LYS BA 682 -40.45 -40.12 -51.64
C LYS BA 682 -38.96 -39.82 -51.47
N GLY BA 683 -38.10 -40.80 -51.71
CA GLY BA 683 -36.67 -40.59 -51.60
C GLY BA 683 -36.07 -39.88 -52.80
N LYS BA 684 -35.03 -40.47 -53.38
CA LYS BA 684 -34.36 -39.90 -54.55
C LYS BA 684 -34.21 -40.96 -55.62
N SER BA 685 -34.02 -40.50 -56.85
CA SER BA 685 -33.86 -41.38 -58.01
C SER BA 685 -32.44 -41.29 -58.53
N PRO BA 686 -31.76 -42.41 -58.74
CA PRO BA 686 -30.39 -42.38 -59.25
C PRO BA 686 -30.37 -42.06 -60.73
N ARG BA 687 -29.15 -41.89 -61.25
CA ARG BA 687 -28.92 -41.59 -62.65
C ARG BA 687 -28.41 -42.82 -63.40
N LYS BA 688 -28.64 -42.84 -64.71
CA LYS BA 688 -28.21 -43.93 -65.56
C LYS BA 688 -27.45 -43.47 -66.80
N SER BA 689 -27.17 -42.18 -66.93
CA SER BA 689 -26.44 -41.66 -68.09
C SER BA 689 -24.95 -41.93 -67.88
N SER BA 690 -24.44 -42.95 -68.56
CA SER BA 690 -23.04 -43.30 -68.47
C SER BA 690 -22.22 -42.50 -69.49
N LEU BA 691 -20.89 -42.50 -69.29
CA LEU BA 691 -19.94 -41.81 -70.15
C LEU BA 691 -20.27 -40.31 -70.23
N THR BA 692 -19.90 -39.61 -69.16
CA THR BA 692 -20.16 -38.18 -69.07
C THR BA 692 -19.07 -37.36 -69.76
N LEU BA 693 -17.85 -37.90 -69.85
CA LEU BA 693 -16.78 -37.17 -70.51
C LEU BA 693 -16.91 -37.19 -72.02
N SER BA 694 -17.55 -38.23 -72.57
CA SER BA 694 -17.76 -38.37 -74.01
C SER BA 694 -19.26 -38.29 -74.28
N ASP BA 695 -19.69 -37.21 -74.93
CA ASP BA 695 -21.11 -37.01 -75.22
C ASP BA 695 -21.56 -37.79 -76.44
N TYR BA 696 -20.63 -38.39 -77.21
CA TYR BA 696 -21.00 -39.15 -78.40
C TYR BA 696 -20.99 -40.64 -78.18
N GLN BA 697 -20.34 -41.13 -77.12
CA GLN BA 697 -20.28 -42.57 -76.87
C GLN BA 697 -21.66 -43.13 -76.56
N LYS BA 698 -22.51 -42.37 -75.87
CA LYS BA 698 -23.84 -42.85 -75.54
C LYS BA 698 -24.68 -43.07 -76.81
N LYS BA 699 -24.70 -42.08 -77.70
CA LYS BA 699 -25.45 -42.23 -78.95
C LYS BA 699 -24.81 -43.27 -79.86
N ASN BA 700 -23.48 -43.42 -79.80
CA ASN BA 700 -22.83 -44.47 -80.57
C ASN BA 700 -23.26 -45.86 -80.10
N ILE BA 701 -23.32 -46.06 -78.78
CA ILE BA 701 -23.76 -47.34 -78.24
C ILE BA 701 -25.23 -47.58 -78.56
N LYS BA 702 -26.05 -46.53 -78.50
CA LYS BA 702 -27.47 -46.68 -78.84
C LYS BA 702 -27.63 -47.08 -80.31
N ALA BA 703 -26.91 -46.42 -81.21
CA ALA BA 703 -26.96 -46.79 -82.62
C ALA BA 703 -26.42 -48.19 -82.86
N VAL BA 704 -25.40 -48.60 -82.09
CA VAL BA 704 -24.86 -49.95 -82.23
C VAL BA 704 -25.91 -50.99 -81.81
N LEU BA 705 -26.63 -50.72 -80.71
CA LEU BA 705 -27.67 -51.64 -80.29
C LEU BA 705 -28.82 -51.70 -81.29
N LYS BA 706 -29.20 -50.55 -81.84
CA LYS BA 706 -30.26 -50.53 -82.86
C LYS BA 706 -29.83 -51.29 -84.11
N GLU BA 707 -28.57 -51.13 -84.53
CA GLU BA 707 -28.08 -51.85 -85.70
C GLU BA 707 -27.95 -53.34 -85.42
N HIS BA 708 -27.65 -53.72 -84.17
CA HIS BA 708 -27.62 -55.12 -83.81
C HIS BA 708 -29.01 -55.73 -83.86
N GLY BA 709 -30.02 -55.01 -83.37
CA GLY BA 709 -31.39 -55.48 -83.51
C GLY BA 709 -31.81 -55.60 -84.97
N GLU BA 710 -31.40 -54.64 -85.79
CA GLU BA 710 -31.69 -54.72 -87.22
C GLU BA 710 -31.00 -55.93 -87.84
N HIS BA 711 -29.78 -56.23 -87.41
CA HIS BA 711 -29.08 -57.42 -87.90
C HIS BA 711 -29.80 -58.69 -87.47
N ILE BA 712 -30.34 -58.70 -86.24
CA ILE BA 712 -31.10 -59.86 -85.78
C ILE BA 712 -32.33 -60.07 -86.65
N GLN BA 713 -33.06 -58.99 -86.92
CA GLN BA 713 -34.24 -59.08 -87.78
C GLN BA 713 -33.88 -59.53 -89.18
N GLU BA 714 -32.79 -58.99 -89.74
CA GLU BA 714 -32.36 -59.38 -91.07
C GLU BA 714 -31.91 -60.84 -91.12
N MET BA 715 -31.28 -61.33 -90.05
CA MET BA 715 -30.87 -62.73 -90.02
C MET BA 715 -32.08 -63.65 -89.90
N VAL BA 716 -33.10 -63.24 -89.15
CA VAL BA 716 -34.34 -64.01 -89.10
C VAL BA 716 -34.98 -64.06 -90.47
N LYS BA 717 -35.04 -62.92 -91.17
CA LYS BA 717 -35.60 -62.91 -92.51
C LYS BA 717 -34.78 -63.75 -93.48
N GLN BA 718 -33.46 -63.75 -93.32
CA GLN BA 718 -32.61 -64.55 -94.19
C GLN BA 718 -32.80 -66.04 -93.93
N ILE BA 719 -32.96 -66.43 -92.67
CA ILE BA 719 -33.24 -67.83 -92.35
C ILE BA 719 -34.58 -68.25 -92.94
N ASN BA 720 -35.58 -67.36 -92.85
CA ASN BA 720 -36.89 -67.65 -93.44
C ASN BA 720 -36.78 -67.83 -94.95
N ASN BA 721 -36.03 -66.94 -95.62
CA ASN BA 721 -35.85 -67.05 -97.05
C ASN BA 721 -35.09 -68.32 -97.42
N ILE BA 722 -34.12 -68.71 -96.60
CA ILE BA 722 -33.33 -69.91 -96.86
C ILE BA 722 -34.21 -71.15 -96.77
N ARG BA 723 -35.01 -71.26 -95.71
CA ARG BA 723 -35.88 -72.43 -95.60
C ARG BA 723 -36.98 -72.41 -96.65
N ASN BA 724 -37.43 -71.22 -97.08
CA ASN BA 724 -38.39 -71.15 -98.17
C ASN BA 724 -37.80 -71.66 -99.48
N HIS BA 725 -36.57 -71.23 -99.79
CA HIS BA 725 -35.91 -71.71 -100.99
C HIS BA 725 -35.59 -73.19 -100.91
N VAL BA 726 -35.33 -73.71 -99.71
CA VAL BA 726 -35.10 -75.14 -99.55
C VAL BA 726 -36.40 -75.91 -99.80
N ASN BA 727 -37.51 -75.43 -99.27
CA ASN BA 727 -38.80 -76.08 -99.50
C ASN BA 727 -39.24 -75.94 -100.96
N PHE BA 728 -38.73 -74.93 -101.66
CA PHE BA 728 -39.05 -74.74 -103.07
C PHE BA 728 -38.50 -75.89 -103.92
N ALA CA 350 -23.70 29.61 -138.18
CA ALA CA 350 -24.84 30.52 -138.21
C ALA CA 350 -25.02 31.21 -136.86
N THR CA 351 -24.88 30.44 -135.78
CA THR CA 351 -25.02 30.98 -134.44
C THR CA 351 -23.65 31.26 -133.81
N ALA CA 352 -23.56 31.17 -132.49
CA ALA CA 352 -22.30 31.40 -131.79
C ALA CA 352 -21.38 30.22 -132.02
N MET CA 353 -20.44 30.37 -132.95
CA MET CA 353 -19.50 29.30 -133.30
C MET CA 353 -18.31 29.38 -132.35
N THR CA 354 -18.18 28.37 -131.49
CA THR CA 354 -17.09 28.30 -130.52
C THR CA 354 -16.85 26.84 -130.16
N TYR CA 355 -15.94 26.62 -129.21
CA TYR CA 355 -15.59 25.28 -128.76
C TYR CA 355 -16.48 24.77 -127.65
N ALA CA 356 -17.28 25.64 -127.02
CA ALA CA 356 -18.08 25.23 -125.87
C ALA CA 356 -19.14 24.21 -126.26
N GLN CA 357 -19.88 24.48 -127.35
CA GLN CA 357 -20.92 23.54 -127.79
C GLN CA 357 -20.31 22.22 -128.23
N LEU CA 358 -19.16 22.26 -128.92
CA LEU CA 358 -18.52 21.03 -129.33
C LEU CA 358 -18.06 20.20 -128.14
N GLU CA 359 -17.47 20.87 -127.13
CA GLU CA 359 -17.05 20.15 -125.92
C GLU CA 359 -18.23 19.55 -125.19
N ASN CA 360 -19.33 20.31 -125.08
CA ASN CA 360 -20.52 19.79 -124.41
C ASN CA 360 -21.10 18.60 -125.15
N LEU CA 361 -21.14 18.67 -126.48
CA LEU CA 361 -21.66 17.56 -127.28
C LEU CA 361 -20.78 16.32 -127.13
N ILE CA 362 -19.45 16.51 -127.16
CA ILE CA 362 -18.55 15.37 -127.02
C ILE CA 362 -18.69 14.74 -125.64
N ASN CA 363 -18.81 15.58 -124.60
CA ASN CA 363 -18.97 15.04 -123.25
C ASN CA 363 -20.28 14.29 -123.11
N LYS CA 364 -21.36 14.83 -123.65
CA LYS CA 364 -22.66 14.14 -123.56
C LYS CA 364 -22.65 12.85 -124.37
N TRP CA 365 -21.94 12.82 -125.50
CA TRP CA 365 -21.85 11.58 -126.27
C TRP CA 365 -21.05 10.53 -125.53
N SER CA 366 -19.94 10.93 -124.91
CA SER CA 366 -19.16 9.98 -124.11
C SER CA 366 -19.97 9.46 -122.93
N LEU CA 367 -20.73 10.34 -122.27
CA LEU CA 367 -21.56 9.90 -121.15
C LEU CA 367 -22.65 8.94 -121.61
N GLU CA 368 -23.28 9.23 -122.75
CA GLU CA 368 -24.30 8.32 -123.27
C GLU CA 368 -23.70 6.97 -123.64
N LEU CA 369 -22.51 6.97 -124.24
CA LEU CA 369 -21.86 5.71 -124.59
C LEU CA 369 -21.50 4.90 -123.34
N GLU CA 370 -21.00 5.57 -122.30
CA GLU CA 370 -20.67 4.88 -121.07
C GLU CA 370 -21.92 4.31 -120.41
N ASP CA 371 -23.02 5.08 -120.41
CA ASP CA 371 -24.27 4.58 -119.85
C ASP CA 371 -24.80 3.39 -120.64
N GLN CA 372 -24.68 3.44 -121.96
CA GLN CA 372 -25.12 2.32 -122.79
C GLN CA 372 -24.27 1.09 -122.53
N GLU CA 373 -22.95 1.25 -122.36
CA GLU CA 373 -22.09 0.11 -122.04
C GLU CA 373 -22.44 -0.48 -120.69
N LYS CA 374 -22.70 0.37 -119.69
CA LYS CA 374 -23.09 -0.13 -118.37
C LYS CA 374 -24.42 -0.87 -118.43
N HIS CA 375 -25.38 -0.34 -119.18
CA HIS CA 375 -26.67 -1.01 -119.32
C HIS CA 375 -26.52 -2.34 -120.04
N PHE CA 376 -25.65 -2.40 -121.06
CA PHE CA 376 -25.41 -3.65 -121.76
C PHE CA 376 -24.77 -4.68 -120.84
N LEU CA 377 -23.83 -4.24 -119.99
CA LEU CA 377 -23.20 -5.16 -119.05
C LEU CA 377 -24.21 -5.68 -118.04
N GLN CA 378 -25.08 -4.80 -117.53
CA GLN CA 378 -26.10 -5.24 -116.58
C GLN CA 378 -27.08 -6.21 -117.24
N GLN CA 379 -27.47 -5.93 -118.48
CA GLN CA 379 -28.38 -6.82 -119.19
C GLN CA 379 -27.73 -8.18 -119.44
N ALA CA 380 -26.44 -8.19 -119.78
CA ALA CA 380 -25.74 -9.45 -119.98
C ALA CA 380 -25.64 -10.24 -118.68
N THR CA 381 -25.39 -9.56 -117.56
CA THR CA 381 -25.34 -10.25 -116.28
C THR CA 381 -26.71 -10.84 -115.93
N GLN CA 382 -27.78 -10.08 -116.13
CA GLN CA 382 -29.11 -10.59 -115.85
C GLN CA 382 -29.46 -11.76 -116.76
N VAL CA 383 -29.05 -11.69 -118.03
CA VAL CA 383 -29.32 -12.77 -118.97
C VAL CA 383 -28.57 -14.03 -118.56
N ASN CA 384 -27.31 -13.88 -118.12
CA ASN CA 384 -26.55 -15.05 -117.68
C ASN CA 384 -27.14 -15.65 -116.42
N ALA CA 385 -27.60 -14.82 -115.48
CA ALA CA 385 -28.24 -15.34 -114.28
C ALA CA 385 -29.52 -16.08 -114.62
N TRP CA 386 -30.32 -15.53 -115.53
CA TRP CA 386 -31.56 -16.20 -115.95
C TRP CA 386 -31.24 -17.51 -116.66
N ASP CA 387 -30.16 -17.54 -117.44
CA ASP CA 387 -29.76 -18.77 -118.11
C ASP CA 387 -29.33 -19.83 -117.10
N ARG CA 388 -28.60 -19.43 -116.06
CA ARG CA 388 -28.22 -20.37 -115.01
C ARG CA 388 -29.45 -20.92 -114.31
N THR CA 389 -30.40 -20.05 -113.96
CA THR CA 389 -31.61 -20.50 -113.28
C THR CA 389 -32.42 -21.43 -114.17
N LEU CA 390 -32.50 -21.13 -115.47
CA LEU CA 390 -33.25 -21.99 -116.38
C LEU CA 390 -32.58 -23.33 -116.56
N MET CA 391 -31.24 -23.35 -116.61
CA MET CA 391 -30.52 -24.62 -116.70
C MET CA 391 -30.74 -25.47 -115.45
N GLN CA 392 -30.69 -24.84 -114.27
CA GLN CA 392 -30.95 -25.58 -113.04
C GLN CA 392 -32.37 -26.12 -113.00
N ASN CA 393 -33.34 -25.31 -113.42
CA ASN CA 393 -34.73 -25.75 -113.45
C ASN CA 393 -34.93 -26.89 -114.44
N GLY CA 394 -34.26 -26.83 -115.59
CA GLY CA 394 -34.38 -27.90 -116.56
C GLY CA 394 -33.75 -29.20 -116.07
N GLU CA 395 -32.61 -29.10 -115.40
CA GLU CA 395 -32.01 -30.30 -114.81
C GLU CA 395 -32.91 -30.89 -113.74
N ARG CA 396 -33.50 -30.04 -112.90
CA ARG CA 396 -34.41 -30.53 -111.88
C ARG CA 396 -35.64 -31.18 -112.50
N ILE CA 397 -36.16 -30.60 -113.59
CA ILE CA 397 -37.33 -31.15 -114.25
C ILE CA 397 -37.01 -32.51 -114.89
N THR CA 398 -35.83 -32.63 -115.50
CA THR CA 398 -35.43 -33.91 -116.07
C THR CA 398 -35.27 -34.97 -114.98
N THR CA 399 -34.67 -34.60 -113.85
CA THR CA 399 -34.54 -35.53 -112.73
C THR CA 399 -35.91 -35.95 -112.21
N LEU CA 400 -36.84 -34.99 -112.09
CA LEU CA 400 -38.18 -35.31 -111.63
C LEU CA 400 -38.90 -36.23 -112.60
N HIS CA 401 -38.71 -36.01 -113.90
CA HIS CA 401 -39.35 -36.86 -114.90
C HIS CA 401 -38.81 -38.28 -114.83
N ARG CA 402 -37.49 -38.42 -114.74
CA ARG CA 402 -36.91 -39.76 -114.60
C ARG CA 402 -37.40 -40.44 -113.32
N GLU CA 403 -37.47 -39.69 -112.21
CA GLU CA 403 -37.92 -40.26 -110.95
C GLU CA 403 -39.37 -40.72 -111.04
N MET CA 404 -40.25 -39.90 -111.62
CA MET CA 404 -41.64 -40.28 -111.71
C MET CA 404 -41.86 -41.44 -112.69
N GLU CA 405 -41.05 -41.51 -113.75
CA GLU CA 405 -41.15 -42.65 -114.66
C GLU CA 405 -40.74 -43.94 -113.96
N LYS CA 406 -39.62 -43.90 -113.22
CA LYS CA 406 -39.21 -45.08 -112.47
C LYS CA 406 -40.25 -45.45 -111.41
N VAL CA 407 -40.85 -44.45 -110.77
CA VAL CA 407 -41.86 -44.71 -109.75
C VAL CA 407 -43.10 -45.35 -110.38
N LYS CA 408 -43.52 -44.87 -111.54
CA LYS CA 408 -44.68 -45.46 -112.21
C LYS CA 408 -44.40 -46.89 -112.65
N LEU CA 409 -43.20 -47.15 -113.17
CA LEU CA 409 -42.85 -48.52 -113.54
C LEU CA 409 -42.84 -49.44 -112.32
N ASP CA 410 -42.22 -49.00 -111.23
CA ASP CA 410 -42.19 -49.81 -110.02
C ASP CA 410 -43.59 -50.02 -109.46
N GLN CA 411 -44.45 -49.01 -109.55
CA GLN CA 411 -45.81 -49.15 -109.04
C GLN CA 411 -46.64 -50.10 -109.88
N LYS CA 412 -46.44 -50.09 -111.20
CA LYS CA 412 -47.13 -51.06 -112.05
C LYS CA 412 -46.65 -52.47 -111.75
N ARG CA 413 -45.33 -52.65 -111.58
CA ARG CA 413 -44.82 -53.97 -111.23
C ARG CA 413 -45.36 -54.43 -109.88
N LEU CA 414 -45.46 -53.52 -108.91
CA LEU CA 414 -45.98 -53.86 -107.59
C LEU CA 414 -47.47 -54.19 -107.66
N ASP CA 415 -48.21 -53.49 -108.53
CA ASP CA 415 -49.63 -53.80 -108.71
C ASP CA 415 -49.81 -55.19 -109.30
N GLN CA 416 -48.99 -55.55 -110.29
CA GLN CA 416 -49.06 -56.89 -110.86
C GLN CA 416 -48.70 -57.95 -109.82
N GLU CA 417 -47.65 -57.69 -109.03
CA GLU CA 417 -47.25 -58.64 -108.00
C GLU CA 417 -48.34 -58.79 -106.94
N LEU CA 418 -48.99 -57.69 -106.56
CA LEU CA 418 -50.04 -57.76 -105.56
C LEU CA 418 -51.28 -58.46 -106.11
N ASP CA 419 -51.58 -58.28 -107.41
CA ASP CA 419 -52.68 -59.03 -108.01
C ASP CA 419 -52.39 -60.53 -108.00
N PHE CA 420 -51.16 -60.91 -108.34
CA PHE CA 420 -50.79 -62.33 -108.28
C PHE CA 420 -50.86 -62.86 -106.84
N ILE CA 421 -50.42 -62.06 -105.87
CA ILE CA 421 -50.45 -62.48 -104.47
C ILE CA 421 -51.90 -62.63 -104.01
N LEU CA 422 -52.78 -61.73 -104.43
CA LEU CA 422 -54.19 -61.83 -104.04
C LEU CA 422 -54.84 -63.05 -104.67
N SER CA 423 -54.49 -63.36 -105.93
CA SER CA 423 -55.01 -64.57 -106.55
C SER CA 423 -54.53 -65.82 -105.81
N GLN CA 424 -53.25 -65.85 -105.43
CA GLN CA 424 -52.73 -66.99 -104.67
C GLN CA 424 -53.41 -67.11 -103.31
N GLN CA 425 -53.67 -65.98 -102.66
CA GLN CA 425 -54.33 -66.00 -101.36
C GLN CA 425 -55.78 -66.47 -101.49
N LYS CA 426 -56.47 -66.06 -102.56
CA LYS CA 426 -57.82 -66.53 -102.78
C LYS CA 426 -57.84 -68.03 -103.04
N GLU CA 427 -56.86 -68.52 -103.81
CA GLU CA 427 -56.76 -69.96 -104.04
C GLU CA 427 -56.50 -70.71 -102.74
N LEU CA 428 -55.61 -70.18 -101.91
CA LEU CA 428 -55.32 -70.81 -100.62
C LEU CA 428 -56.55 -70.82 -99.72
N GLU CA 429 -57.31 -69.74 -99.72
CA GLU CA 429 -58.54 -69.69 -98.91
C GLU CA 429 -59.57 -70.68 -99.42
N ASP CA 430 -59.74 -70.78 -100.74
CA ASP CA 430 -60.68 -71.74 -101.30
C ASP CA 430 -60.25 -73.17 -101.04
N LEU CA 431 -58.94 -73.43 -100.96
CA LEU CA 431 -58.47 -74.77 -100.64
C LEU CA 431 -58.57 -75.07 -99.15
N LEU CA 432 -58.48 -74.06 -98.30
CA LEU CA 432 -58.53 -74.26 -96.85
C LEU CA 432 -59.95 -74.27 -96.30
N THR CA 433 -60.92 -73.71 -97.03
CA THR CA 433 -62.29 -73.72 -96.55
C THR CA 433 -62.86 -75.13 -96.31
N PRO CA 434 -62.64 -76.12 -97.18
CA PRO CA 434 -63.14 -77.47 -96.86
C PRO CA 434 -62.33 -78.20 -95.79
N LEU CA 435 -61.13 -77.70 -95.45
CA LEU CA 435 -60.30 -78.36 -94.46
C LEU CA 435 -60.59 -77.89 -93.04
N GLU CA 436 -61.31 -76.78 -92.89
CA GLU CA 436 -61.62 -76.28 -91.55
C GLU CA 436 -62.62 -77.17 -90.83
N GLU CA 437 -63.47 -77.89 -91.57
CA GLU CA 437 -64.45 -78.77 -90.97
C GLU CA 437 -63.94 -80.19 -90.78
N SER CA 438 -62.89 -80.59 -91.49
CA SER CA 438 -62.36 -81.94 -91.33
C SER CA 438 -61.55 -82.08 -90.05
N VAL CA 439 -60.85 -81.02 -89.64
CA VAL CA 439 -60.06 -81.08 -88.41
C VAL CA 439 -60.96 -81.02 -87.18
N LYS CA 440 -62.09 -80.33 -87.29
CA LYS CA 440 -63.01 -80.24 -86.15
C LYS CA 440 -63.64 -81.59 -85.84
N GLU CA 441 -63.89 -82.39 -86.87
CA GLU CA 441 -64.48 -83.71 -86.65
C GLU CA 441 -63.44 -84.71 -86.14
N GLN CA 442 -62.19 -84.57 -86.54
CA GLN CA 442 -61.14 -85.47 -86.09
C GLN CA 442 -60.66 -85.16 -84.68
N SER CA 443 -60.94 -83.96 -84.17
CA SER CA 443 -60.51 -83.62 -82.82
C SER CA 443 -61.34 -84.34 -81.76
N GLY CA 444 -62.57 -84.72 -82.10
CA GLY CA 444 -63.42 -85.41 -81.14
C GLY CA 444 -63.05 -86.86 -80.92
N THR CA 445 -62.27 -87.45 -81.84
CA THR CA 445 -61.86 -88.84 -81.71
C THR CA 445 -60.79 -88.99 -80.65
N ILE CA 446 -61.20 -89.27 -79.41
CA ILE CA 446 -60.27 -89.42 -78.29
C ILE CA 446 -59.95 -90.90 -78.13
N TYR CA 447 -58.68 -91.25 -78.25
CA TYR CA 447 -58.23 -92.62 -78.10
C TYR CA 447 -57.98 -92.95 -76.64
N LEU CA 448 -58.29 -94.18 -76.25
CA LEU CA 448 -58.14 -94.65 -74.88
C LEU CA 448 -57.01 -95.68 -74.84
N GLN CA 449 -55.84 -95.24 -74.38
CA GLN CA 449 -54.68 -96.12 -74.28
C GLN CA 449 -53.70 -95.51 -73.29
N HIS CA 450 -52.74 -96.33 -72.87
CA HIS CA 450 -51.72 -95.85 -71.93
C HIS CA 450 -50.78 -94.84 -72.55
N ALA CA 451 -50.62 -94.87 -73.88
CA ALA CA 451 -49.77 -93.92 -74.58
C ALA CA 451 -50.54 -92.79 -75.24
N ASP CA 452 -51.74 -93.07 -75.73
CA ASP CA 452 -52.55 -92.03 -76.37
C ASP CA 452 -53.00 -91.00 -75.34
N GLU CA 453 -53.55 -91.45 -74.21
CA GLU CA 453 -53.94 -90.53 -73.15
C GLU CA 453 -52.72 -89.80 -72.58
N GLU CA 454 -51.58 -90.48 -72.53
CA GLU CA 454 -50.36 -89.83 -72.05
C GLU CA 454 -49.96 -88.70 -72.98
N ARG CA 455 -49.99 -88.92 -74.29
CA ARG CA 455 -49.65 -87.86 -75.24
C ARG CA 455 -50.67 -86.73 -75.20
N GLU CA 456 -51.95 -87.07 -75.01
CA GLU CA 456 -52.96 -86.03 -74.91
C GLU CA 456 -52.74 -85.16 -73.67
N LYS CA 457 -52.45 -85.78 -72.53
CA LYS CA 457 -52.18 -85.04 -71.32
C LYS CA 457 -50.90 -84.20 -71.46
N THR CA 458 -49.90 -84.74 -72.15
CA THR CA 458 -48.67 -83.98 -72.39
C THR CA 458 -48.94 -82.75 -73.24
N TYR CA 459 -49.76 -82.89 -74.29
CA TYR CA 459 -50.07 -81.75 -75.15
C TYR CA 459 -50.91 -80.72 -74.39
N LYS CA 460 -51.86 -81.18 -73.56
CA LYS CA 460 -52.64 -80.25 -72.76
C LYS CA 460 -51.76 -79.49 -71.76
N LEU CA 461 -50.83 -80.19 -71.13
CA LEU CA 461 -49.91 -79.54 -70.20
C LEU CA 461 -49.01 -78.55 -70.93
N ALA CA 462 -48.59 -78.88 -72.15
CA ALA CA 462 -47.79 -77.95 -72.94
C ALA CA 462 -48.57 -76.70 -73.29
N GLU CA 463 -49.84 -76.87 -73.67
CA GLU CA 463 -50.68 -75.72 -73.97
C GLU CA 463 -50.89 -74.84 -72.75
N ASN CA 464 -51.15 -75.46 -71.59
CA ASN CA 464 -51.32 -74.69 -70.37
C ASN CA 464 -50.04 -73.96 -69.99
N ILE CA 465 -48.89 -74.63 -70.16
CA ILE CA 465 -47.61 -74.00 -69.85
C ILE CA 465 -47.37 -72.80 -70.77
N ASP CA 466 -47.68 -72.96 -72.06
CA ASP CA 466 -47.49 -71.84 -72.99
C ASP CA 466 -48.41 -70.67 -72.64
N ALA CA 467 -49.66 -70.96 -72.28
CA ALA CA 467 -50.58 -69.88 -71.91
C ALA CA 467 -50.11 -69.15 -70.66
N GLN CA 468 -49.72 -69.91 -69.63
CA GLN CA 468 -49.24 -69.29 -68.40
C GLN CA 468 -47.95 -68.50 -68.65
N LEU CA 469 -47.08 -69.01 -69.51
CA LEU CA 469 -45.84 -68.31 -69.82
C LEU CA 469 -46.12 -67.01 -70.56
N LYS CA 470 -47.06 -67.02 -71.51
CA LYS CA 470 -47.42 -65.78 -72.19
C LYS CA 470 -48.03 -64.77 -71.22
N ARG CA 471 -48.90 -65.23 -70.33
CA ARG CA 471 -49.53 -64.32 -69.37
C ARG CA 471 -48.50 -63.70 -68.44
N MET CA 472 -47.62 -64.53 -67.86
CA MET CA 472 -46.61 -64.00 -66.97
C MET CA 472 -45.54 -63.20 -67.71
N ALA CA 473 -45.35 -63.44 -69.01
CA ALA CA 473 -44.44 -62.61 -69.78
C ALA CA 473 -45.04 -61.22 -70.01
N GLN CA 474 -46.35 -61.16 -70.28
CA GLN CA 474 -47.01 -59.86 -70.35
C GLN CA 474 -46.94 -59.15 -68.99
N ASP CA 475 -47.09 -59.91 -67.91
CA ASP CA 475 -46.95 -59.33 -66.57
C ASP CA 475 -45.56 -58.77 -66.35
N LEU CA 476 -44.52 -59.52 -66.75
CA LEU CA 476 -43.15 -59.02 -66.62
C LEU CA 476 -42.92 -57.80 -67.51
N LYS CA 477 -43.55 -57.77 -68.69
CA LYS CA 477 -43.39 -56.62 -69.58
C LYS CA 477 -44.01 -55.37 -68.97
N GLU CA 478 -45.22 -55.48 -68.40
CA GLU CA 478 -45.80 -54.32 -67.75
C GLU CA 478 -45.05 -53.93 -66.48
N VAL CA 479 -44.48 -54.92 -65.78
CA VAL CA 479 -43.64 -54.62 -64.62
C VAL CA 479 -42.41 -53.82 -65.05
N ILE CA 480 -41.80 -54.20 -66.16
CA ILE CA 480 -40.62 -53.49 -66.65
C ILE CA 480 -41.00 -52.09 -67.10
N GLU CA 481 -42.14 -51.95 -67.79
CA GLU CA 481 -42.58 -50.64 -68.25
C GLU CA 481 -42.97 -49.73 -67.09
N HIS CA 482 -43.36 -50.31 -65.94
CA HIS CA 482 -43.62 -49.49 -64.76
C HIS CA 482 -42.34 -49.15 -64.02
N LEU CA 483 -41.38 -50.07 -64.00
CA LEU CA 483 -40.11 -49.84 -63.33
C LEU CA 483 -39.15 -48.98 -64.15
N ASN CA 484 -39.46 -48.72 -65.42
CA ASN CA 484 -38.60 -47.88 -66.24
C ASN CA 484 -38.52 -46.46 -65.71
N THR CA 485 -39.56 -46.00 -65.01
CA THR CA 485 -39.56 -44.66 -64.43
C THR CA 485 -38.82 -44.61 -63.09
N SER CA 486 -38.40 -45.76 -62.55
CA SER CA 486 -37.69 -45.76 -61.28
C SER CA 486 -36.21 -45.44 -61.47
N ALA CA 487 -35.61 -45.90 -62.57
CA ALA CA 487 -34.20 -45.64 -62.82
C ALA CA 487 -33.94 -44.21 -63.29
N GLY CA 488 -34.98 -43.48 -63.69
CA GLY CA 488 -34.82 -42.12 -64.14
C GLY CA 488 -34.21 -42.03 -65.52
N PRO CA 489 -33.76 -40.84 -65.90
CA PRO CA 489 -33.14 -40.68 -67.23
C PRO CA 489 -31.82 -41.41 -67.33
N GLY CA 490 -31.45 -41.74 -68.56
CA GLY CA 490 -30.21 -42.44 -68.82
C GLY CA 490 -29.94 -42.65 -70.30
N ASP CA 491 -29.23 -43.72 -70.64
CA ASP CA 491 -28.94 -44.00 -72.04
C ASP CA 491 -30.18 -44.48 -72.78
N ALA CA 492 -30.97 -45.35 -72.15
CA ALA CA 492 -32.20 -45.86 -72.76
C ALA CA 492 -33.17 -46.33 -71.69
N SER CA 493 -33.20 -45.63 -70.55
CA SER CA 493 -34.06 -45.98 -69.42
C SER CA 493 -33.82 -47.41 -68.97
N ASN CA 494 -32.78 -47.62 -68.16
CA ASN CA 494 -32.37 -48.94 -67.68
C ASN CA 494 -32.13 -49.88 -68.87
N PRO CA 495 -31.01 -49.71 -69.58
CA PRO CA 495 -30.77 -50.53 -70.77
C PRO CA 495 -30.23 -51.92 -70.48
N LEU CA 496 -30.06 -52.29 -69.20
CA LEU CA 496 -29.52 -53.61 -68.89
C LEU CA 496 -30.50 -54.71 -69.31
N GLN CA 497 -31.80 -54.49 -69.12
CA GLN CA 497 -32.79 -55.47 -69.55
C GLN CA 497 -32.75 -55.69 -71.05
N GLN CA 498 -32.69 -54.60 -71.81
CA GLN CA 498 -32.62 -54.72 -73.26
C GLN CA 498 -31.32 -55.38 -73.70
N ILE CA 499 -30.21 -55.09 -73.01
CA ILE CA 499 -28.93 -55.70 -73.35
C ILE CA 499 -28.99 -57.20 -73.12
N CYS CA 500 -29.51 -57.63 -71.97
CA CYS CA 500 -29.63 -59.05 -71.69
C CYS CA 500 -30.57 -59.72 -72.68
N LYS CA 501 -31.67 -59.05 -73.05
CA LYS CA 501 -32.62 -59.63 -73.99
C LYS CA 501 -31.99 -59.83 -75.36
N ILE CA 502 -31.29 -58.82 -75.87
CA ILE CA 502 -30.67 -58.95 -77.18
C ILE CA 502 -29.51 -59.93 -77.14
N LEU CA 503 -28.82 -60.04 -76.01
CA LEU CA 503 -27.75 -61.04 -75.89
C LEU CA 503 -28.31 -62.45 -75.95
N ASN CA 504 -29.39 -62.71 -75.21
CA ASN CA 504 -30.02 -64.02 -75.25
C ASN CA 504 -30.58 -64.30 -76.65
N ALA CA 505 -31.17 -63.29 -77.29
CA ALA CA 505 -31.71 -63.48 -78.63
C ALA CA 505 -30.61 -63.81 -79.63
N HIS CA 506 -29.46 -63.13 -79.53
CA HIS CA 506 -28.36 -63.42 -80.44
C HIS CA 506 -27.76 -64.80 -80.16
N MET CA 507 -27.71 -65.20 -78.90
CA MET CA 507 -27.24 -66.55 -78.58
C MET CA 507 -28.16 -67.61 -79.18
N ASP CA 508 -29.47 -67.41 -79.04
CA ASP CA 508 -30.42 -68.37 -79.60
C ASP CA 508 -30.37 -68.38 -81.13
N SER CA 509 -30.16 -67.20 -81.73
CA SER CA 509 -30.03 -67.14 -83.19
C SER CA 509 -28.77 -67.86 -83.65
N LEU CA 510 -27.67 -67.71 -82.92
CA LEU CA 510 -26.45 -68.44 -83.26
C LEU CA 510 -26.64 -69.94 -83.12
N GLN CA 511 -27.35 -70.37 -82.08
CA GLN CA 511 -27.63 -71.79 -81.92
C GLN CA 511 -28.48 -72.33 -83.06
N TRP CA 512 -29.50 -71.57 -83.47
CA TRP CA 512 -30.35 -71.99 -84.58
C TRP CA 512 -29.56 -72.03 -85.89
N ILE CA 513 -28.68 -71.05 -86.10
CA ILE CA 513 -27.86 -71.03 -87.31
C ILE CA 513 -26.92 -72.23 -87.32
N ASP CA 514 -26.34 -72.57 -86.18
CA ASP CA 514 -25.46 -73.73 -86.10
C ASP CA 514 -26.24 -75.02 -86.38
N GLN CA 515 -27.45 -75.13 -85.83
CA GLN CA 515 -28.26 -76.32 -86.08
C GLN CA 515 -28.63 -76.45 -87.56
N ASN CA 516 -29.02 -75.33 -88.18
CA ASN CA 516 -29.37 -75.36 -89.60
C ASN CA 516 -28.17 -75.70 -90.46
N SER CA 517 -26.99 -75.15 -90.11
CA SER CA 517 -25.78 -75.47 -90.86
C SER CA 517 -25.40 -76.93 -90.70
N ALA CA 518 -25.57 -77.49 -89.50
CA ALA CA 518 -25.29 -78.91 -89.30
C ALA CA 518 -26.25 -79.78 -90.09
N LEU CA 519 -27.52 -79.40 -90.14
CA LEU CA 519 -28.49 -80.16 -90.92
C LEU CA 519 -28.17 -80.10 -92.41
N LEU CA 520 -27.81 -78.91 -92.90
CA LEU CA 520 -27.45 -78.77 -94.31
C LEU CA 520 -26.19 -79.55 -94.64
N GLN CA 521 -25.21 -79.55 -93.74
CA GLN CA 521 -23.99 -80.31 -93.97
C GLN CA 521 -24.28 -81.80 -93.96
N ARG CA 522 -25.17 -82.26 -93.09
CA ARG CA 522 -25.54 -83.68 -93.08
C ARG CA 522 -26.25 -84.07 -94.37
N LYS CA 523 -27.14 -83.21 -94.86
CA LYS CA 523 -27.81 -83.50 -96.13
C LYS CA 523 -26.82 -83.54 -97.28
N VAL CA 524 -25.89 -82.59 -97.31
CA VAL CA 524 -24.88 -82.56 -98.37
C VAL CA 524 -24.00 -83.80 -98.29
N GLU CA 525 -23.65 -84.23 -97.07
CA GLU CA 525 -22.83 -85.43 -96.91
C GLU CA 525 -23.58 -86.68 -97.35
N GLN CA 526 -24.89 -86.74 -97.09
CA GLN CA 526 -25.68 -87.88 -97.54
C GLN CA 526 -25.76 -87.92 -99.06
N VAL CA 527 -25.99 -86.75 -99.69
CA VAL CA 527 -26.03 -86.70 -101.15
C VAL CA 527 -24.68 -87.10 -101.73
N THR CA 528 -23.59 -86.63 -101.13
CA THR CA 528 -22.26 -86.96 -101.62
C THR CA 528 -21.96 -88.44 -101.44
N LYS CA 529 -22.44 -89.04 -100.34
CA LYS CA 529 -22.23 -90.47 -100.14
C LYS CA 529 -23.03 -91.29 -101.14
N GLU CA 530 -24.25 -90.85 -101.48
CA GLU CA 530 -25.01 -91.52 -102.52
C GLU CA 530 -24.30 -91.43 -103.86
N CYS CA 531 -23.78 -90.24 -104.19
CA CYS CA 531 -23.04 -90.08 -105.45
C CYS CA 531 -21.78 -90.93 -105.45
N GLU CA 532 -21.11 -91.04 -104.30
CA GLU CA 532 -19.91 -91.88 -104.22
C GLU CA 532 -20.24 -93.35 -104.39
N SER CA 533 -21.36 -93.80 -103.82
CA SER CA 533 -21.78 -95.19 -104.01
C SER CA 533 -22.12 -95.45 -105.47
N ARG CA 534 -22.81 -94.52 -106.12
CA ARG CA 534 -23.12 -94.68 -107.53
C ARG CA 534 -21.85 -94.74 -108.38
N ARG CA 535 -20.89 -93.86 -108.09
CA ARG CA 535 -19.63 -93.86 -108.84
C ARG CA 535 -18.84 -95.13 -108.59
N LYS CA 536 -18.88 -95.66 -107.36
CA LYS CA 536 -18.19 -96.90 -107.07
C LYS CA 536 -18.82 -98.08 -107.80
N GLU CA 537 -20.16 -98.10 -107.86
CA GLU CA 537 -20.83 -99.16 -108.61
C GLU CA 537 -20.50 -99.07 -110.09
N GLN CA 538 -20.47 -97.85 -110.64
CA GLN CA 538 -20.12 -97.68 -112.04
C GLN CA 538 -18.68 -98.11 -112.31
N GLU CA 539 -17.76 -97.79 -111.41
CA GLU CA 539 -16.37 -98.19 -111.58
C GLU CA 539 -16.22 -99.70 -111.47
N ARG CA 540 -16.97 -100.33 -110.57
CA ARG CA 540 -16.93 -101.79 -110.45
C ARG CA 540 -17.47 -102.44 -111.72
N GLY CA 541 -18.56 -101.91 -112.27
CA GLY CA 541 -19.06 -102.44 -113.53
C GLY CA 541 -18.09 -102.26 -114.67
N PHE CA 542 -17.42 -101.11 -114.73
CA PHE CA 542 -16.43 -100.88 -115.76
C PHE CA 542 -15.25 -101.83 -115.63
N SER CA 543 -14.80 -102.07 -114.38
CA SER CA 543 -13.69 -103.00 -114.17
C SER CA 543 -14.09 -104.43 -114.53
N ILE CA 544 -15.35 -104.81 -114.24
CA ILE CA 544 -15.81 -106.14 -114.61
C ILE CA 544 -15.88 -106.27 -116.12
N ALA CA 545 -16.36 -105.24 -116.82
CA ALA CA 545 -16.41 -105.29 -118.28
C ALA CA 545 -15.01 -105.28 -118.89
N PHE CA 546 -14.05 -104.65 -118.23
CA PHE CA 546 -12.67 -104.62 -118.74
C PHE CA 546 -11.97 -105.95 -118.52
N ASP CA 547 -12.16 -106.57 -117.36
CA ASP CA 547 -11.53 -107.85 -117.06
C ASP CA 547 -12.17 -108.97 -117.86
N MET DA 1 -29.67 -52.72 -153.24
CA MET DA 1 -30.90 -53.46 -153.55
C MET DA 1 -32.10 -52.53 -153.49
N ALA DA 2 -33.30 -53.12 -153.58
CA ALA DA 2 -34.53 -52.33 -153.54
C ALA DA 2 -34.68 -51.61 -152.20
N ALA DA 3 -34.51 -52.35 -151.10
CA ALA DA 3 -34.59 -51.72 -149.78
C ALA DA 3 -33.40 -50.80 -149.53
N GLY DA 4 -32.24 -51.11 -150.12
CA GLY DA 4 -31.08 -50.26 -149.96
C GLY DA 4 -31.15 -48.97 -150.75
N GLU DA 5 -32.02 -48.90 -151.76
CA GLU DA 5 -32.20 -47.69 -152.54
C GLU DA 5 -33.46 -46.92 -152.19
N HIS DA 6 -34.48 -47.59 -151.62
CA HIS DA 6 -35.71 -46.89 -151.26
C HIS DA 6 -35.47 -45.87 -150.17
N TRP DA 7 -34.69 -46.22 -149.13
CA TRP DA 7 -34.40 -45.28 -148.07
C TRP DA 7 -33.55 -44.12 -148.57
N GLN DA 8 -32.63 -44.38 -149.50
CA GLN DA 8 -31.85 -43.30 -150.10
C GLN DA 8 -32.73 -42.34 -150.89
N SER DA 9 -33.64 -42.88 -151.70
CA SER DA 9 -34.56 -42.04 -152.45
C SER DA 9 -35.46 -41.23 -151.51
N ALA DA 10 -35.90 -41.84 -150.41
CA ALA DA 10 -36.73 -41.13 -149.45
C ALA DA 10 -35.95 -40.00 -148.78
N LEU DA 11 -34.70 -40.27 -148.38
CA LEU DA 11 -33.88 -39.23 -147.77
C LEU DA 11 -33.57 -38.12 -148.75
N SER DA 12 -33.47 -38.44 -150.04
CA SER DA 12 -33.20 -37.41 -151.04
C SER DA 12 -34.44 -36.59 -151.39
N GLU DA 13 -35.63 -37.20 -151.32
CA GLU DA 13 -36.86 -36.53 -151.71
C GLU DA 13 -37.65 -35.97 -150.52
N HIS DA 14 -37.17 -36.17 -149.30
CA HIS DA 14 -37.85 -35.62 -148.13
C HIS DA 14 -37.90 -34.09 -148.21
N ALA DA 15 -38.95 -33.52 -147.63
CA ALA DA 15 -39.16 -32.08 -147.65
C ALA DA 15 -38.36 -31.34 -146.59
N LEU DA 16 -37.68 -32.07 -145.68
CA LEU DA 16 -36.87 -31.40 -144.66
C LEU DA 16 -35.71 -30.63 -145.30
N PHE DA 17 -35.04 -31.24 -146.27
CA PHE DA 17 -33.94 -30.55 -146.94
C PHE DA 17 -34.44 -29.38 -147.78
N SER DA 18 -35.62 -29.51 -148.38
CA SER DA 18 -36.20 -28.39 -149.11
C SER DA 18 -36.53 -27.23 -148.19
N SER DA 19 -37.08 -27.53 -147.01
CA SER DA 19 -37.36 -26.48 -146.04
C SER DA 19 -36.06 -25.84 -145.53
N LEU DA 20 -35.02 -26.65 -145.35
CA LEU DA 20 -33.73 -26.10 -144.94
C LEU DA 20 -33.15 -25.19 -146.01
N LYS DA 21 -33.28 -25.58 -147.28
CA LYS DA 21 -32.80 -24.73 -148.37
C LYS DA 21 -33.61 -23.43 -148.45
N GLU DA 22 -34.92 -23.51 -148.23
CA GLU DA 22 -35.75 -22.30 -148.21
C GLU DA 22 -35.35 -21.37 -147.08
N ARG DA 23 -35.08 -21.94 -145.89
CA ARG DA 23 -34.64 -21.12 -144.77
C ARG DA 23 -33.28 -20.49 -145.04
N LEU DA 24 -32.37 -21.24 -145.68
CA LEU DA 24 -31.07 -20.69 -146.04
C LEU DA 24 -31.22 -19.54 -147.03
N ARG DA 25 -32.10 -19.70 -148.02
CA ARG DA 25 -32.33 -18.62 -148.99
C ARG DA 25 -32.93 -17.40 -148.31
N ASP DA 26 -33.87 -17.62 -147.38
CA ASP DA 26 -34.45 -16.49 -146.65
C ASP DA 26 -33.40 -15.77 -145.80
N VAL DA 27 -32.51 -16.54 -145.16
CA VAL DA 27 -31.45 -15.92 -144.36
C VAL DA 27 -30.50 -15.14 -145.26
N GLU DA 28 -30.16 -15.69 -146.43
CA GLU DA 28 -29.27 -14.98 -147.35
C GLU DA 28 -29.93 -13.70 -147.87
N GLU DA 29 -31.24 -13.73 -148.10
CA GLU DA 29 -31.94 -12.54 -148.56
C GLU DA 29 -32.04 -11.49 -147.45
N LEU DA 30 -32.20 -11.93 -146.20
CA LEU DA 30 -32.31 -10.99 -145.10
C LEU DA 30 -30.95 -10.39 -144.74
N ARG DA 31 -29.87 -11.14 -144.95
CA ARG DA 31 -28.53 -10.65 -144.63
C ARG DA 31 -28.04 -9.75 -145.77
N GLU DA 32 -26.74 -9.44 -145.75
CA GLU DA 32 -26.14 -8.59 -146.76
C GLU DA 32 -25.68 -9.43 -147.94
N GLU DA 33 -24.76 -8.92 -148.75
CA GLU DA 33 -24.25 -9.64 -149.91
C GLU DA 33 -22.94 -10.35 -149.66
N GLY DA 34 -22.13 -9.86 -148.72
CA GLY DA 34 -20.86 -10.52 -148.43
C GLY DA 34 -21.01 -11.82 -147.66
N GLU DA 35 -22.10 -11.94 -146.89
CA GLU DA 35 -22.32 -13.17 -146.13
C GLU DA 35 -22.54 -14.37 -147.04
N ARG DA 36 -23.26 -14.15 -148.15
CA ARG DA 36 -23.48 -15.24 -149.10
C ARG DA 36 -22.16 -15.70 -149.72
N ARG DA 37 -21.31 -14.75 -150.11
CA ARG DA 37 -20.01 -15.10 -150.68
C ARG DA 37 -19.13 -15.80 -149.66
N ALA DA 38 -19.19 -15.37 -148.39
CA ALA DA 38 -18.42 -16.02 -147.35
C ALA DA 38 -18.89 -17.45 -147.13
N SER DA 39 -20.20 -17.66 -147.11
CA SER DA 39 -20.74 -19.01 -146.93
C SER DA 39 -20.45 -19.90 -148.13
N LYS DA 40 -20.36 -19.31 -149.33
CA LYS DA 40 -20.09 -20.10 -150.53
C LYS DA 40 -18.60 -20.36 -150.74
N ASP DA 41 -17.73 -19.56 -150.13
CA ASP DA 41 -16.28 -19.74 -150.27
C ASP DA 41 -15.61 -20.16 -148.97
N LYS DA 42 -16.38 -20.52 -147.94
CA LYS DA 42 -15.79 -20.96 -146.68
C LYS DA 42 -15.14 -22.34 -146.85
N GLN DA 43 -14.50 -22.79 -145.78
CA GLN DA 43 -13.77 -24.06 -145.80
C GLN DA 43 -14.75 -25.23 -145.67
N LEU DA 44 -14.20 -26.44 -145.61
CA LEU DA 44 -15.00 -27.64 -145.50
C LEU DA 44 -15.43 -27.87 -144.04
N ARG DA 45 -16.59 -28.50 -143.88
CA ARG DA 45 -17.14 -28.79 -142.56
C ARG DA 45 -17.81 -30.15 -142.59
N ASN DA 46 -18.26 -30.59 -141.42
CA ASN DA 46 -18.96 -31.86 -141.28
C ASN DA 46 -19.94 -31.73 -140.12
N LEU DA 47 -21.23 -31.66 -140.44
CA LEU DA 47 -22.29 -31.44 -139.46
C LEU DA 47 -23.28 -32.60 -139.45
N LEU DA 48 -22.78 -33.82 -139.62
CA LEU DA 48 -23.60 -35.02 -139.65
C LEU DA 48 -23.14 -35.98 -138.56
N CYS DA 49 -24.11 -36.60 -137.87
CA CYS DA 49 -23.81 -37.58 -136.85
C CYS DA 49 -24.80 -38.73 -136.96
N VAL DA 50 -24.42 -39.87 -136.38
CA VAL DA 50 -25.24 -41.07 -136.39
C VAL DA 50 -25.44 -41.52 -134.95
N LEU DA 51 -26.70 -41.65 -134.54
CA LEU DA 51 -27.06 -42.07 -133.18
C LEU DA 51 -28.12 -43.15 -133.28
N ASP DA 52 -27.74 -44.39 -132.99
CA ASP DA 52 -28.65 -45.53 -133.01
C ASP DA 52 -29.35 -45.67 -134.37
N GLY DA 53 -28.60 -45.41 -135.44
CA GLY DA 53 -29.12 -45.46 -136.78
C GLY DA 53 -29.78 -44.18 -137.27
N ASP DA 54 -30.15 -43.28 -136.35
CA ASP DA 54 -30.78 -42.03 -136.75
C ASP DA 54 -29.72 -41.02 -137.17
N LEU DA 55 -30.05 -40.22 -138.19
CA LEU DA 55 -29.14 -39.22 -138.73
C LEU DA 55 -29.44 -37.88 -138.09
N LEU DA 56 -28.44 -37.27 -137.47
CA LEU DA 56 -28.55 -35.96 -136.84
C LEU DA 56 -27.80 -34.94 -137.67
N VAL DA 57 -28.51 -33.96 -138.20
CA VAL DA 57 -27.93 -32.89 -139.00
C VAL DA 57 -27.89 -31.63 -138.16
N TRP DA 58 -26.74 -30.96 -138.14
CA TRP DA 58 -26.55 -29.74 -137.34
C TRP DA 58 -26.75 -28.54 -138.25
N ASP DA 59 -27.85 -27.81 -138.03
CA ASP DA 59 -28.14 -26.59 -138.76
C ASP DA 59 -27.54 -25.43 -137.98
N ALA DA 60 -26.51 -24.80 -138.55
CA ALA DA 60 -25.80 -23.72 -137.87
C ALA DA 60 -26.47 -22.36 -138.05
N GLU DA 61 -27.30 -22.20 -139.08
CA GLU DA 61 -27.98 -20.93 -139.27
C GLU DA 61 -28.98 -20.65 -138.16
N GLU DA 62 -29.58 -21.70 -137.59
CA GLU DA 62 -30.50 -21.56 -136.48
C GLU DA 62 -30.00 -22.24 -135.21
N CYS DA 63 -28.81 -22.84 -135.24
CA CYS DA 63 -28.23 -23.55 -134.10
C CYS DA 63 -29.20 -24.61 -133.56
N ALA DA 64 -29.46 -25.60 -134.41
CA ALA DA 64 -30.44 -26.63 -134.11
C ALA DA 64 -29.94 -27.98 -134.60
N PHE DA 65 -30.61 -29.03 -134.13
CA PHE DA 65 -30.35 -30.40 -134.54
C PHE DA 65 -31.62 -30.99 -135.14
N HIS DA 66 -31.49 -31.62 -136.30
CA HIS DA 66 -32.61 -32.26 -136.98
C HIS DA 66 -32.37 -33.76 -137.03
N THR DA 67 -33.35 -34.53 -136.54
CA THR DA 67 -33.24 -35.98 -136.48
C THR DA 67 -34.08 -36.61 -137.57
N VAL DA 68 -33.46 -37.50 -138.35
CA VAL DA 68 -34.13 -38.25 -139.40
C VAL DA 68 -33.98 -39.74 -139.11
N THR DA 69 -35.06 -40.49 -139.33
CA THR DA 69 -35.08 -41.92 -139.06
C THR DA 69 -34.89 -42.67 -140.38
N LEU DA 70 -33.67 -43.14 -140.62
CA LEU DA 70 -33.38 -43.86 -141.85
C LEU DA 70 -34.10 -45.20 -141.91
N ARG DA 71 -34.38 -45.80 -140.74
CA ARG DA 71 -35.10 -47.07 -140.73
C ARG DA 71 -36.56 -46.88 -141.10
N SER DA 72 -37.15 -45.75 -140.68
CA SER DA 72 -38.55 -45.47 -141.02
C SER DA 72 -38.70 -44.77 -142.35
N LEU DA 73 -37.61 -44.28 -142.95
CA LEU DA 73 -37.71 -43.63 -144.25
C LEU DA 73 -38.11 -44.62 -145.35
N SER DA 74 -37.86 -45.91 -145.14
CA SER DA 74 -38.18 -46.92 -146.13
C SER DA 74 -39.68 -47.23 -146.21
N VAL DA 75 -40.52 -46.52 -145.46
CA VAL DA 75 -41.96 -46.73 -145.47
C VAL DA 75 -42.60 -45.66 -146.35
N GLU DA 76 -43.33 -46.10 -147.38
CA GLU DA 76 -43.93 -45.26 -148.42
C GLU DA 76 -43.06 -44.08 -148.85
N SER DA 77 -41.74 -44.26 -148.78
CA SER DA 77 -40.75 -43.31 -149.31
C SER DA 77 -40.93 -41.90 -148.76
N THR DA 78 -41.44 -41.75 -147.53
CA THR DA 78 -41.60 -40.43 -146.93
C THR DA 78 -41.64 -40.52 -145.42
N GLY DA 79 -41.41 -41.72 -144.88
CA GLY DA 79 -41.42 -41.92 -143.45
C GLY DA 79 -42.78 -42.35 -142.93
N SER DA 80 -42.78 -42.83 -141.69
CA SER DA 80 -44.01 -43.29 -141.04
C SER DA 80 -43.90 -43.06 -139.54
N SER DA 81 -43.47 -41.86 -139.14
CA SER DA 81 -43.32 -41.51 -137.73
C SER DA 81 -43.80 -40.08 -137.55
N SER DA 82 -44.88 -39.91 -136.78
CA SER DA 82 -45.40 -38.57 -136.53
C SER DA 82 -44.51 -37.78 -135.59
N SER DA 83 -43.77 -38.46 -134.72
CA SER DA 83 -42.87 -37.82 -133.78
C SER DA 83 -41.42 -38.22 -133.99
N GLY DA 84 -41.09 -38.86 -135.12
CA GLY DA 84 -39.71 -39.26 -135.35
C GLY DA 84 -38.80 -38.09 -135.69
N GLU DA 85 -39.28 -37.17 -136.52
CA GLU DA 85 -38.50 -36.00 -136.88
C GLU DA 85 -38.43 -35.04 -135.70
N GLN DA 86 -37.27 -34.97 -135.04
CA GLN DA 86 -37.07 -34.14 -133.87
C GLN DA 86 -36.24 -32.92 -134.24
N LYS DA 87 -36.69 -31.75 -133.75
CA LYS DA 87 -36.00 -30.49 -133.96
C LYS DA 87 -35.58 -29.94 -132.60
N LEU DA 88 -34.28 -29.63 -132.45
CA LEU DA 88 -33.73 -29.18 -131.18
C LEU DA 88 -33.53 -27.68 -131.23
N LEU DA 89 -34.61 -26.94 -130.94
CA LEU DA 89 -34.60 -25.49 -130.82
C LEU DA 89 -34.11 -24.81 -132.09
N CYS DA 90 -35.02 -24.56 -133.02
CA CYS DA 90 -34.69 -23.89 -134.29
C CYS DA 90 -34.93 -22.39 -134.20
N THR DA 91 -34.39 -21.75 -133.16
CA THR DA 91 -34.58 -20.32 -132.97
C THR DA 91 -33.43 -19.72 -132.16
N ASN DA 92 -32.20 -20.15 -132.44
CA ASN DA 92 -31.03 -19.66 -131.72
C ASN DA 92 -30.06 -19.03 -132.69
N PRO DA 93 -29.87 -17.70 -132.67
CA PRO DA 93 -28.90 -17.09 -133.57
C PRO DA 93 -27.48 -17.47 -133.17
N PRO DA 94 -26.54 -17.47 -134.12
CA PRO DA 94 -25.17 -17.88 -133.79
C PRO DA 94 -24.47 -16.82 -132.96
N LEU DA 95 -23.78 -17.27 -131.91
CA LEU DA 95 -23.01 -16.39 -131.04
C LEU DA 95 -21.54 -16.75 -131.07
N PHE DA 96 -21.15 -17.89 -130.49
CA PHE DA 96 -19.76 -18.30 -130.49
C PHE DA 96 -19.36 -18.87 -131.84
N ASP DA 97 -18.07 -19.15 -132.00
CA ASP DA 97 -17.55 -19.68 -133.25
C ASP DA 97 -18.04 -21.11 -133.45
N VAL DA 98 -18.73 -21.35 -134.55
CA VAL DA 98 -19.26 -22.68 -134.89
C VAL DA 98 -18.45 -23.20 -136.07
N ASN DA 99 -17.71 -24.29 -135.86
CA ASN DA 99 -16.86 -24.86 -136.89
C ASN DA 99 -17.28 -26.30 -137.21
N GLU DA 100 -17.04 -27.24 -136.31
CA GLU DA 100 -17.33 -28.65 -136.57
C GLU DA 100 -18.13 -29.24 -135.42
N VAL DA 101 -18.59 -30.47 -135.62
CA VAL DA 101 -19.35 -31.20 -134.61
C VAL DA 101 -18.66 -32.54 -134.36
N LEU DA 102 -18.81 -33.05 -133.14
CA LEU DA 102 -18.27 -34.34 -132.75
C LEU DA 102 -19.25 -35.04 -131.84
N LEU DA 103 -19.16 -36.37 -131.80
CA LEU DA 103 -20.03 -37.20 -130.98
C LEU DA 103 -19.18 -38.00 -130.00
N SER DA 104 -19.67 -38.14 -128.77
CA SER DA 104 -18.96 -38.92 -127.78
C SER DA 104 -18.95 -40.40 -128.15
N PRO DA 105 -17.88 -41.12 -127.82
CA PRO DA 105 -17.86 -42.57 -128.12
C PRO DA 105 -18.91 -43.36 -127.37
N THR DA 106 -19.40 -42.87 -126.24
CA THR DA 106 -20.47 -43.52 -125.50
C THR DA 106 -21.85 -43.19 -126.03
N GLN DA 107 -21.94 -42.33 -127.05
CA GLN DA 107 -23.21 -41.93 -127.65
C GLN DA 107 -24.14 -41.32 -126.60
N HIS DA 108 -23.79 -40.12 -126.17
CA HIS DA 108 -24.56 -39.42 -125.14
C HIS DA 108 -24.34 -37.91 -125.21
N HIS DA 109 -23.21 -37.48 -125.77
CA HIS DA 109 -22.85 -36.08 -125.81
C HIS DA 109 -22.50 -35.66 -127.23
N VAL DA 110 -22.94 -34.45 -127.60
CA VAL DA 110 -22.61 -33.84 -128.88
C VAL DA 110 -21.86 -32.54 -128.59
N ALA DA 111 -20.66 -32.41 -129.17
CA ALA DA 111 -19.77 -31.30 -128.89
C ALA DA 111 -19.62 -30.46 -130.15
N LEU DA 112 -20.05 -29.20 -130.08
CA LEU DA 112 -19.85 -28.23 -131.17
C LEU DA 112 -18.54 -27.50 -130.89
N VAL DA 113 -17.54 -27.74 -131.72
CA VAL DA 113 -16.20 -27.19 -131.54
C VAL DA 113 -16.02 -26.03 -132.51
N GLY DA 114 -15.49 -24.92 -132.02
CA GLY DA 114 -15.17 -23.79 -132.88
C GLY DA 114 -13.98 -23.03 -132.35
N SER DA 115 -13.41 -22.18 -133.21
CA SER DA 115 -12.22 -21.42 -132.85
C SER DA 115 -12.50 -20.43 -131.72
N LYS DA 116 -13.01 -20.94 -130.59
CA LYS DA 116 -13.31 -20.12 -129.43
C LYS DA 116 -13.63 -21.01 -128.23
N GLY DA 117 -14.04 -22.25 -128.49
CA GLY DA 117 -14.36 -23.17 -127.43
C GLY DA 117 -15.30 -24.26 -127.92
N VAL DA 118 -15.79 -25.04 -126.97
CA VAL DA 118 -16.68 -26.15 -127.24
C VAL DA 118 -18.02 -25.90 -126.54
N MET DA 119 -19.08 -26.42 -127.12
CA MET DA 119 -20.40 -26.41 -126.51
C MET DA 119 -20.91 -27.84 -126.47
N VAL DA 120 -21.08 -28.39 -125.26
CA VAL DA 120 -21.49 -29.78 -125.09
C VAL DA 120 -22.98 -29.82 -124.81
N LEU DA 121 -23.65 -30.79 -125.44
CA LEU DA 121 -25.10 -30.98 -125.28
C LEU DA 121 -25.37 -32.45 -125.01
N GLU DA 122 -26.21 -32.73 -124.02
CA GLU DA 122 -26.55 -34.09 -123.64
C GLU DA 122 -27.76 -34.56 -124.44
N ILE DA 123 -27.56 -35.57 -125.28
CA ILE DA 123 -28.64 -36.16 -126.07
C ILE DA 123 -28.78 -37.62 -125.69
N PRO DA 124 -29.90 -38.04 -125.11
CA PRO DA 124 -30.06 -39.43 -124.70
C PRO DA 124 -30.14 -40.37 -125.90
N LYS DA 125 -30.11 -41.66 -125.60
CA LYS DA 125 -30.20 -42.68 -126.63
C LYS DA 125 -31.59 -42.69 -127.26
N ARG DA 126 -31.66 -43.23 -128.47
CA ARG DA 126 -32.91 -43.30 -129.23
C ARG DA 126 -33.24 -44.77 -129.45
N TRP DA 127 -34.25 -45.28 -128.75
CA TRP DA 127 -34.66 -46.67 -128.87
C TRP DA 127 -36.12 -46.79 -128.46
N GLY DA 128 -36.86 -47.61 -129.17
CA GLY DA 128 -38.27 -47.83 -128.89
C GLY DA 128 -39.16 -46.73 -129.42
N LYS DA 129 -40.42 -47.08 -129.61
CA LYS DA 129 -41.46 -46.17 -130.11
C LYS DA 129 -41.01 -45.67 -131.49
N LYS DA 130 -41.19 -44.39 -131.80
CA LYS DA 130 -40.78 -43.82 -133.08
C LYS DA 130 -39.35 -43.27 -133.02
N SER DA 131 -38.43 -44.11 -132.55
CA SER DA 131 -37.01 -43.75 -132.41
C SER DA 131 -36.84 -42.51 -131.53
N GLU DA 132 -37.61 -42.45 -130.45
CA GLU DA 132 -37.56 -41.34 -129.51
C GLU DA 132 -36.60 -41.67 -128.36
N PHE DA 133 -36.44 -40.71 -127.46
CA PHE DA 133 -35.54 -40.86 -126.32
C PHE DA 133 -36.19 -41.76 -125.27
N GLU DA 134 -35.54 -42.88 -124.96
CA GLU DA 134 -35.99 -43.81 -123.93
C GLU DA 134 -37.41 -44.31 -124.20
N GLY DA 135 -37.78 -44.44 -125.46
CA GLY DA 135 -39.11 -44.91 -125.81
C GLY DA 135 -40.21 -43.88 -125.63
N GLY DA 136 -39.97 -42.64 -126.04
CA GLY DA 136 -40.98 -41.61 -125.95
C GLY DA 136 -40.77 -40.65 -124.80
N GLU DA 137 -39.85 -39.70 -124.98
CA GLU DA 137 -39.57 -38.70 -123.96
C GLU DA 137 -39.04 -37.44 -124.65
N LYS DA 138 -39.69 -36.31 -124.38
CA LYS DA 138 -39.27 -35.03 -124.94
C LYS DA 138 -39.00 -33.99 -123.85
N THR DA 139 -38.86 -34.40 -122.60
CA THR DA 139 -38.62 -33.50 -121.49
C THR DA 139 -37.23 -33.69 -120.88
N VAL DA 140 -36.29 -34.20 -121.66
CA VAL DA 140 -34.93 -34.43 -121.20
C VAL DA 140 -34.16 -33.10 -121.17
N ASN DA 141 -32.99 -33.11 -120.56
CA ASN DA 141 -32.17 -31.91 -120.48
C ASN DA 141 -31.55 -31.61 -121.85
N CYS DA 142 -31.93 -30.48 -122.44
CA CYS DA 142 -31.45 -30.06 -123.75
C CYS DA 142 -30.91 -28.63 -123.63
N ARG DA 143 -29.78 -28.49 -122.93
CA ARG DA 143 -29.12 -27.21 -122.74
C ARG DA 143 -27.62 -27.37 -122.99
N THR DA 144 -27.04 -26.36 -123.63
CA THR DA 144 -25.62 -26.39 -123.98
C THR DA 144 -24.78 -25.87 -122.83
N ILE DA 145 -23.61 -26.47 -122.65
CA ILE DA 145 -22.67 -26.09 -121.61
C ILE DA 145 -21.36 -25.67 -122.27
N PRO DA 146 -20.78 -24.54 -121.90
CA PRO DA 146 -19.51 -24.13 -122.52
C PRO DA 146 -18.33 -24.89 -121.93
N ILE DA 147 -17.28 -25.00 -122.75
CA ILE DA 147 -16.06 -25.72 -122.38
C ILE DA 147 -14.88 -25.00 -123.01
N ALA DA 148 -13.88 -24.68 -122.18
CA ALA DA 148 -12.63 -24.05 -122.64
C ALA DA 148 -12.91 -22.74 -123.37
N GLU DA 149 -13.68 -21.86 -122.73
CA GLU DA 149 -13.98 -20.55 -123.30
C GLU DA 149 -13.06 -19.47 -122.76
N ARG DA 150 -12.66 -19.57 -121.49
CA ARG DA 150 -11.80 -18.55 -120.90
C ARG DA 150 -10.42 -18.54 -121.52
N ILE DA 151 -9.88 -19.73 -121.83
CA ILE DA 151 -8.53 -19.83 -122.38
C ILE DA 151 -8.44 -19.09 -123.72
N PHE DA 152 -9.53 -19.07 -124.49
CA PHE DA 152 -9.53 -18.43 -125.80
C PHE DA 152 -10.14 -17.02 -125.78
N THR DA 153 -10.86 -16.65 -124.72
CA THR DA 153 -11.40 -15.30 -124.62
C THR DA 153 -10.52 -14.35 -123.81
N SER DA 154 -9.58 -14.87 -123.02
CA SER DA 154 -8.69 -13.99 -122.26
C SER DA 154 -7.51 -13.52 -123.09
N SER DA 155 -7.09 -14.30 -124.09
CA SER DA 155 -5.99 -13.95 -124.97
C SER DA 155 -6.41 -14.18 -126.41
N THR DA 156 -6.56 -13.10 -127.17
CA THR DA 156 -6.97 -13.20 -128.57
C THR DA 156 -5.84 -13.64 -129.49
N SER DA 157 -4.61 -13.75 -128.98
CA SER DA 157 -3.50 -14.16 -129.83
C SER DA 157 -3.56 -15.66 -130.13
N LEU DA 158 -3.91 -16.47 -129.13
CA LEU DA 158 -4.00 -17.91 -129.30
C LEU DA 158 -5.46 -18.33 -129.44
N LEU DA 159 -5.70 -19.30 -130.31
CA LEU DA 159 -7.04 -19.82 -130.56
C LEU DA 159 -6.99 -21.35 -130.48
N LEU DA 160 -8.12 -21.98 -130.80
CA LEU DA 160 -8.24 -23.43 -130.80
C LEU DA 160 -7.81 -23.98 -132.16
N LYS DA 161 -7.00 -25.04 -132.14
CA LYS DA 161 -6.49 -25.65 -133.37
C LYS DA 161 -7.22 -26.95 -133.70
N GLN DA 162 -7.19 -27.92 -132.79
CA GLN DA 162 -7.82 -29.21 -133.04
C GLN DA 162 -8.54 -29.68 -131.78
N ALA DA 163 -9.57 -30.50 -131.98
CA ALA DA 163 -10.33 -31.05 -130.87
C ALA DA 163 -10.85 -32.43 -131.26
N ILE DA 164 -10.72 -33.39 -130.35
CA ILE DA 164 -11.14 -34.77 -130.57
C ILE DA 164 -11.63 -35.35 -129.26
N TRP DA 165 -12.19 -36.56 -129.34
CA TRP DA 165 -12.67 -37.29 -128.18
C TRP DA 165 -11.69 -38.39 -127.80
N TYR DA 166 -11.83 -38.89 -126.57
CA TYR DA 166 -11.01 -39.99 -126.11
C TYR DA 166 -11.69 -41.31 -126.45
N PRO DA 167 -11.06 -42.20 -127.23
CA PRO DA 167 -11.71 -43.46 -127.59
C PRO DA 167 -11.80 -44.42 -126.42
N SER DA 168 -12.80 -44.22 -125.55
CA SER DA 168 -13.01 -45.10 -124.41
C SER DA 168 -14.45 -44.97 -123.96
N GLU DA 169 -15.11 -46.11 -123.77
CA GLU DA 169 -16.50 -46.14 -123.33
C GLU DA 169 -16.69 -46.71 -121.93
N THR DA 170 -15.65 -47.30 -121.35
CA THR DA 170 -15.75 -47.86 -120.00
C THR DA 170 -15.59 -46.82 -118.90
N GLN DA 171 -15.25 -45.58 -119.25
CA GLN DA 171 -15.07 -44.52 -118.27
C GLN DA 171 -15.72 -43.26 -118.83
N GLU DA 172 -15.39 -42.11 -118.24
CA GLU DA 172 -15.95 -40.85 -118.70
C GLU DA 172 -15.26 -40.42 -119.99
N PRO DA 173 -16.00 -40.16 -121.07
CA PRO DA 173 -15.36 -39.73 -122.32
C PRO DA 173 -14.81 -38.32 -122.17
N HIS DA 174 -13.51 -38.18 -122.39
CA HIS DA 174 -12.82 -36.91 -122.25
C HIS DA 174 -12.64 -36.25 -123.61
N LEU DA 175 -12.39 -34.94 -123.58
CA LEU DA 175 -12.20 -34.13 -124.77
C LEU DA 175 -10.76 -33.62 -124.79
N ILE DA 176 -10.03 -33.96 -125.85
CA ILE DA 176 -8.63 -33.55 -126.01
C ILE DA 176 -8.58 -32.40 -126.99
N LEU DA 177 -8.07 -31.25 -126.54
CA LEU DA 177 -7.97 -30.06 -127.36
C LEU DA 177 -6.50 -29.69 -127.53
N LEU DA 178 -6.03 -29.67 -128.77
CA LEU DA 178 -4.69 -29.21 -129.10
C LEU DA 178 -4.76 -27.74 -129.51
N THR DA 179 -4.07 -26.89 -128.76
CA THR DA 179 -4.13 -25.45 -128.98
C THR DA 179 -2.99 -25.03 -129.92
N SER DA 180 -2.79 -23.73 -130.08
CA SER DA 180 -1.77 -23.21 -130.97
C SER DA 180 -0.37 -23.29 -130.37
N ASP DA 181 -0.23 -23.15 -129.05
CA ASP DA 181 1.06 -23.22 -128.39
C ASP DA 181 1.51 -24.65 -128.12
N ASN DA 182 1.02 -25.62 -128.90
CA ASN DA 182 1.39 -27.03 -128.75
C ASN DA 182 1.08 -27.53 -127.34
N ILE DA 183 -0.13 -27.23 -126.88
CA ILE DA 183 -0.59 -27.62 -125.55
C ILE DA 183 -1.83 -28.51 -125.72
N LEU DA 184 -1.84 -29.64 -125.03
CA LEU DA 184 -2.94 -30.59 -125.07
C LEU DA 184 -3.72 -30.48 -123.75
N ARG DA 185 -4.98 -30.09 -123.84
CA ARG DA 185 -5.86 -29.98 -122.69
C ARG DA 185 -6.90 -31.09 -122.74
N LEU DA 186 -6.86 -31.98 -121.76
CA LEU DA 186 -7.84 -33.05 -121.62
C LEU DA 186 -8.87 -32.61 -120.58
N TYR DA 187 -10.10 -32.37 -121.03
CA TYR DA 187 -11.18 -31.89 -120.18
C TYR DA 187 -12.25 -32.97 -120.03
N ASN DA 188 -12.99 -32.87 -118.94
CA ASN DA 188 -14.09 -33.77 -118.63
C ASN DA 188 -15.42 -33.12 -118.96
N LEU DA 189 -16.46 -33.95 -119.00
CA LEU DA 189 -17.80 -33.47 -119.33
C LEU DA 189 -18.58 -32.97 -118.12
N GLN DA 190 -18.04 -33.13 -116.92
CA GLN DA 190 -18.71 -32.68 -115.70
C GLN DA 190 -18.08 -31.43 -115.10
N ASP DA 191 -16.92 -31.01 -115.59
CA ASP DA 191 -16.24 -29.82 -115.09
C ASP DA 191 -16.52 -28.63 -115.99
N LEU DA 192 -16.46 -27.44 -115.40
CA LEU DA 192 -16.70 -26.20 -116.15
C LEU DA 192 -15.48 -25.82 -116.96
N PHE DA 193 -14.48 -25.23 -116.31
CA PHE DA 193 -13.25 -24.81 -116.99
C PHE DA 193 -11.99 -25.30 -116.30
N THR DA 194 -12.12 -26.17 -115.30
CA THR DA 194 -10.95 -26.71 -114.61
C THR DA 194 -10.25 -27.72 -115.50
N PRO DA 195 -8.98 -27.51 -115.87
CA PRO DA 195 -8.29 -28.46 -116.75
C PRO DA 195 -8.00 -29.76 -116.00
N VAL DA 196 -8.56 -30.87 -116.52
CA VAL DA 196 -8.33 -32.16 -115.89
C VAL DA 196 -6.90 -32.63 -116.14
N LYS DA 197 -6.42 -32.48 -117.37
CA LYS DA 197 -5.05 -32.87 -117.70
C LYS DA 197 -4.44 -31.83 -118.63
N VAL DA 198 -3.19 -31.47 -118.39
CA VAL DA 198 -2.45 -30.51 -119.20
C VAL DA 198 -1.14 -31.14 -119.64
N ILE DA 199 -0.88 -31.15 -120.94
CA ILE DA 199 0.33 -31.72 -121.50
C ILE DA 199 1.02 -30.64 -122.33
N SER DA 200 2.29 -30.39 -122.03
CA SER DA 200 3.10 -29.40 -122.74
C SER DA 200 4.20 -30.12 -123.51
N LEU DA 201 4.18 -29.99 -124.83
CA LEU DA 201 5.18 -30.66 -125.66
C LEU DA 201 6.55 -30.01 -125.46
N SER DA 202 7.59 -30.83 -125.42
CA SER DA 202 8.94 -30.36 -125.22
C SER DA 202 9.90 -31.19 -126.06
N SER DA 203 10.79 -30.52 -126.78
CA SER DA 203 11.78 -31.20 -127.62
C SER DA 203 12.97 -30.30 -127.87
N ALA DA 204 12.87 -29.43 -128.88
CA ALA DA 204 13.94 -28.50 -129.21
C ALA DA 204 13.38 -27.23 -129.82
N GLU DA 205 12.15 -27.31 -130.32
CA GLU DA 205 11.49 -26.16 -130.93
C GLU DA 205 10.15 -25.82 -130.28
N GLU DA 206 9.79 -26.49 -129.18
CA GLU DA 206 8.52 -26.24 -128.51
C GLU DA 206 8.75 -25.42 -127.24
N GLU DA 207 7.88 -25.59 -126.25
CA GLU DA 207 7.99 -24.86 -125.01
C GLU DA 207 7.33 -25.65 -123.88
N THR DA 208 7.99 -25.66 -122.73
CA THR DA 208 7.47 -26.32 -121.53
C THR DA 208 7.59 -25.45 -120.29
N THR DA 209 8.66 -24.65 -120.19
CA THR DA 209 8.84 -23.72 -119.09
C THR DA 209 9.07 -22.29 -119.57
N LEU DA 210 8.95 -22.06 -120.88
CA LEU DA 210 9.15 -20.72 -121.44
C LEU DA 210 8.02 -19.80 -121.02
N PRO DA 211 8.23 -18.49 -121.05
CA PRO DA 211 7.18 -17.54 -120.70
C PRO DA 211 5.95 -17.71 -121.59
N HIS DA 212 4.80 -17.31 -121.05
CA HIS DA 212 3.52 -17.42 -121.74
C HIS DA 212 2.85 -16.06 -121.80
N ASN DA 213 1.97 -15.89 -122.79
CA ASN DA 213 1.19 -14.67 -122.98
C ASN DA 213 2.10 -13.45 -123.11
N GLY DA 214 2.61 -13.20 -124.30
CA GLY DA 214 3.46 -12.05 -124.53
C GLY DA 214 4.83 -12.42 -125.08
N ARG DA 215 5.88 -11.83 -124.51
CA ARG DA 215 7.24 -12.10 -124.96
C ARG DA 215 7.64 -13.52 -124.55
N SER DA 216 7.89 -14.37 -125.54
CA SER DA 216 8.27 -15.75 -125.30
C SER DA 216 9.36 -16.16 -126.27
N TYR DA 217 10.11 -17.19 -125.90
CA TYR DA 217 11.18 -17.73 -126.74
C TYR DA 217 10.67 -18.73 -127.77
N LYS DA 218 9.36 -18.95 -127.85
CA LYS DA 218 8.82 -19.89 -128.83
C LYS DA 218 8.89 -19.33 -130.24
N ALA DA 219 8.71 -18.02 -130.40
CA ALA DA 219 8.76 -17.41 -131.72
C ALA DA 219 10.15 -17.47 -132.35
N SER DA 220 11.20 -17.67 -131.55
CA SER DA 220 12.54 -17.80 -132.09
C SER DA 220 12.73 -19.09 -132.87
N LEU DA 221 11.86 -20.08 -132.65
CA LEU DA 221 11.93 -21.35 -133.37
C LEU DA 221 10.71 -21.62 -134.24
N GLY DA 222 9.55 -21.09 -133.89
CA GLY DA 222 8.36 -21.32 -134.71
C GLY DA 222 7.83 -22.73 -134.54
N GLU DA 223 7.56 -23.39 -135.67
CA GLU DA 223 7.05 -24.75 -135.70
C GLU DA 223 5.75 -24.88 -134.92
N THR DA 224 4.63 -24.56 -135.58
CA THR DA 224 3.32 -24.62 -134.96
C THR DA 224 2.58 -25.88 -135.43
N ALA DA 225 1.81 -26.47 -134.52
CA ALA DA 225 1.04 -27.65 -134.86
C ALA DA 225 -0.07 -27.32 -135.85
N VAL DA 226 -0.56 -28.36 -136.54
CA VAL DA 226 -1.60 -28.18 -137.54
C VAL DA 226 -2.71 -29.19 -137.30
N ALA DA 227 -2.37 -30.47 -137.27
CA ALA DA 227 -3.36 -31.53 -137.10
C ALA DA 227 -2.81 -32.62 -136.20
N CYS DA 228 -3.72 -33.37 -135.60
CA CYS DA 228 -3.38 -34.49 -134.74
C CYS DA 228 -4.41 -35.59 -134.91
N ASP DA 229 -3.93 -36.83 -135.00
CA ASP DA 229 -4.80 -37.99 -135.19
C ASP DA 229 -4.37 -39.10 -134.24
N PHE DA 230 -5.26 -40.08 -134.07
CA PHE DA 230 -5.02 -41.22 -133.20
C PHE DA 230 -4.83 -42.47 -134.04
N GLY DA 231 -3.97 -43.38 -133.56
CA GLY DA 231 -3.69 -44.60 -134.25
C GLY DA 231 -4.21 -45.82 -133.51
N PRO DA 232 -4.06 -47.00 -134.10
CA PRO DA 232 -4.54 -48.22 -133.46
C PRO DA 232 -3.64 -48.63 -132.31
N LEU DA 233 -4.16 -49.53 -131.47
CA LEU DA 233 -3.44 -50.01 -130.30
C LEU DA 233 -2.20 -50.79 -130.72
N ALA DA 234 -1.03 -50.23 -130.44
CA ALA DA 234 0.26 -50.83 -130.76
C ALA DA 234 1.04 -51.07 -129.46
N VAL DA 235 2.34 -50.82 -129.48
CA VAL DA 235 3.21 -51.00 -128.33
C VAL DA 235 4.00 -49.72 -128.11
N LEU DA 236 4.38 -49.46 -126.85
CA LEU DA 236 5.15 -48.28 -126.54
C LEU DA 236 6.60 -48.64 -126.26
N PRO DA 237 7.53 -47.70 -126.48
CA PRO DA 237 8.94 -47.97 -126.18
C PRO DA 237 9.16 -48.19 -124.68
N LYS DA 238 10.17 -49.01 -124.38
CA LYS DA 238 10.45 -49.32 -122.99
C LYS DA 238 11.07 -48.14 -122.25
N GLY DA 239 11.70 -47.22 -122.97
CA GLY DA 239 12.31 -46.05 -122.39
C GLY DA 239 11.46 -44.80 -122.41
N PHE DA 240 10.23 -44.87 -122.88
CA PHE DA 240 9.33 -43.73 -122.96
C PHE DA 240 7.97 -44.14 -122.41
N GLY DA 241 7.52 -43.42 -121.38
CA GLY DA 241 6.24 -43.69 -120.76
C GLY DA 241 6.26 -44.72 -119.65
N GLN DA 242 7.30 -45.54 -119.58
CA GLN DA 242 7.41 -46.56 -118.55
C GLN DA 242 8.88 -46.78 -118.22
N HIS DA 243 9.12 -47.54 -117.15
CA HIS DA 243 10.47 -47.84 -116.69
C HIS DA 243 10.82 -49.32 -116.71
N SER DA 244 9.83 -50.20 -116.76
CA SER DA 244 10.07 -51.64 -116.78
C SER DA 244 10.22 -52.14 -118.22
N LYS DA 245 10.39 -53.44 -118.38
CA LYS DA 245 10.54 -54.08 -119.68
C LYS DA 245 9.30 -54.87 -120.07
N GLU DA 246 8.12 -54.35 -119.78
CA GLU DA 246 6.86 -55.02 -120.09
C GLU DA 246 6.17 -54.32 -121.26
N ASP DA 247 5.17 -55.00 -121.82
CA ASP DA 247 4.40 -54.49 -122.94
C ASP DA 247 3.06 -53.95 -122.45
N THR DA 248 2.63 -52.84 -123.04
CA THR DA 248 1.37 -52.21 -122.65
C THR DA 248 0.77 -51.53 -123.88
N VAL DA 249 -0.50 -51.81 -124.16
CA VAL DA 249 -1.17 -51.19 -125.29
C VAL DA 249 -1.47 -49.73 -124.99
N ALA DA 250 -1.32 -48.88 -126.01
CA ALA DA 250 -1.55 -47.46 -125.85
C ALA DA 250 -2.03 -46.89 -127.18
N TYR DA 251 -2.61 -45.69 -127.11
CA TYR DA 251 -3.11 -45.01 -128.30
C TYR DA 251 -2.07 -44.03 -128.80
N PRO DA 252 -1.44 -44.27 -129.94
CA PRO DA 252 -0.43 -43.32 -130.44
C PRO DA 252 -1.08 -42.08 -131.01
N LEU DA 253 -0.46 -40.93 -130.75
CA LEU DA 253 -0.95 -39.63 -131.23
C LEU DA 253 0.02 -39.10 -132.26
N TYR DA 254 -0.38 -39.13 -133.53
CA TYR DA 254 0.45 -38.64 -134.62
C TYR DA 254 0.11 -37.18 -134.89
N ILE DA 255 1.10 -36.30 -134.74
CA ILE DA 255 0.92 -34.86 -134.94
C ILE DA 255 1.61 -34.48 -136.25
N LEU DA 256 0.85 -33.86 -137.15
CA LEU DA 256 1.36 -33.41 -138.44
C LEU DA 256 1.32 -31.89 -138.49
N TYR DA 257 2.44 -31.29 -138.90
CA TYR DA 257 2.54 -29.84 -138.97
C TYR DA 257 2.14 -29.34 -140.36
N GLU DA 258 2.68 -28.20 -140.77
CA GLU DA 258 2.37 -27.62 -142.06
C GLU DA 258 3.33 -28.08 -143.15
N THR DA 259 4.62 -28.20 -142.83
CA THR DA 259 5.60 -28.63 -143.81
C THR DA 259 5.45 -30.12 -144.13
N GLY DA 260 5.33 -30.95 -143.09
CA GLY DA 260 5.17 -32.37 -143.28
C GLY DA 260 5.90 -33.20 -142.25
N GLU DA 261 6.39 -32.55 -141.19
CA GLU DA 261 7.11 -33.23 -140.12
C GLU DA 261 6.11 -33.92 -139.21
N THR DA 262 6.09 -35.24 -139.24
CA THR DA 262 5.18 -36.03 -138.42
C THR DA 262 5.85 -36.40 -137.11
N TYR DA 263 5.18 -36.11 -136.00
CA TYR DA 263 5.70 -36.40 -134.67
C TYR DA 263 4.93 -37.56 -134.05
N LEU DA 264 5.53 -38.16 -133.03
CA LEU DA 264 4.99 -39.33 -132.35
C LEU DA 264 4.70 -38.99 -130.90
N MET DA 265 3.51 -39.36 -130.44
CA MET DA 265 3.10 -39.17 -129.05
C MET DA 265 2.28 -40.36 -128.59
N TYR DA 266 2.43 -40.70 -127.31
CA TYR DA 266 1.73 -41.83 -126.70
C TYR DA 266 0.83 -41.29 -125.60
N ILE DA 267 -0.46 -41.20 -125.88
CA ILE DA 267 -1.45 -40.69 -124.93
C ILE DA 267 -2.40 -41.84 -124.59
N ASP DA 268 -2.48 -42.18 -123.30
CA ASP DA 268 -3.37 -43.25 -122.85
C ASP DA 268 -3.70 -43.03 -121.39
N LEU DA 269 -4.99 -43.08 -121.06
CA LEU DA 269 -5.45 -42.89 -119.69
C LEU DA 269 -5.59 -44.19 -118.93
N GLN DA 270 -5.44 -45.34 -119.59
CA GLN DA 270 -5.55 -46.62 -118.91
C GLN DA 270 -4.36 -46.89 -118.00
N LYS DA 271 -3.21 -46.27 -118.27
CA LYS DA 271 -2.02 -46.45 -117.46
C LYS DA 271 -1.32 -45.10 -117.29
N SER DA 272 -0.81 -44.86 -116.09
CA SER DA 272 -0.12 -43.60 -115.80
C SER DA 272 1.22 -43.57 -116.52
N ASN DA 273 1.31 -42.76 -117.57
CA ASN DA 273 2.54 -42.64 -118.35
C ASN DA 273 3.57 -41.84 -117.57
N ILE DA 274 4.77 -42.41 -117.42
CA ILE DA 274 5.85 -41.75 -116.70
C ILE DA 274 6.41 -40.62 -117.55
N THR DA 275 7.10 -40.97 -118.62
CA THR DA 275 7.70 -39.98 -119.53
C THR DA 275 6.70 -39.71 -120.65
N VAL DA 276 5.91 -38.65 -120.51
CA VAL DA 276 4.91 -38.28 -121.50
C VAL DA 276 5.03 -36.78 -121.79
N GLY DA 277 5.77 -36.07 -120.94
CA GLY DA 277 5.95 -34.63 -121.13
C GLY DA 277 6.93 -34.25 -122.21
N LYS DA 278 7.76 -35.20 -122.65
CA LYS DA 278 8.75 -34.93 -123.68
C LYS DA 278 8.17 -35.32 -125.04
N LEU DA 279 8.07 -34.36 -125.95
CA LEU DA 279 7.54 -34.62 -127.29
C LEU DA 279 8.58 -35.37 -128.12
N LEU DA 280 8.16 -36.48 -128.70
CA LEU DA 280 9.03 -37.31 -129.54
C LEU DA 280 8.84 -36.95 -131.00
N GLY DA 281 9.95 -36.88 -131.73
CA GLY DA 281 9.92 -36.56 -133.13
C GLY DA 281 11.08 -35.67 -133.54
N PRO DA 282 11.21 -35.40 -134.85
CA PRO DA 282 10.33 -35.93 -135.89
C PRO DA 282 10.72 -37.34 -136.34
N LEU DA 283 9.81 -38.01 -137.05
CA LEU DA 283 10.10 -39.35 -137.52
C LEU DA 283 11.09 -39.32 -138.68
N PRO DA 284 12.10 -40.19 -138.68
CA PRO DA 284 13.09 -40.17 -139.75
C PRO DA 284 12.49 -40.61 -141.09
N MET DA 285 13.21 -40.30 -142.16
CA MET DA 285 12.79 -40.63 -143.51
C MET DA 285 13.47 -41.91 -143.97
N TYR DA 286 12.83 -42.61 -144.91
CA TYR DA 286 13.37 -43.85 -145.44
C TYR DA 286 12.76 -44.12 -146.82
N PRO DA 287 13.60 -44.30 -147.86
CA PRO DA 287 15.06 -44.21 -147.76
C PRO DA 287 15.58 -42.79 -147.90
N ALA DA 288 14.70 -41.86 -148.30
CA ALA DA 288 15.08 -40.46 -148.47
C ALA DA 288 13.83 -39.61 -148.23
N ALA DA 289 13.94 -38.32 -148.54
CA ALA DA 289 12.83 -37.38 -148.36
C ALA DA 289 12.87 -36.38 -149.51
N GLU DA 290 11.77 -36.29 -150.26
CA GLU DA 290 11.69 -35.34 -151.37
C GLU DA 290 11.53 -33.91 -150.87
N ASP DA 291 10.55 -33.68 -150.01
CA ASP DA 291 10.28 -32.35 -149.45
C ASP DA 291 9.59 -32.52 -148.09
N ASN DA 292 10.28 -33.18 -147.16
CA ASN DA 292 9.78 -33.45 -145.82
C ASN DA 292 8.45 -34.22 -145.85
N TYR DA 293 8.29 -35.07 -146.86
CA TYR DA 293 7.09 -35.90 -147.04
C TYR DA 293 5.83 -35.01 -147.10
N GLY DA 294 5.67 -34.37 -148.25
CA GLY DA 294 4.52 -33.51 -148.47
C GLY DA 294 4.89 -32.08 -148.82
N TYR DA 295 4.33 -31.56 -149.91
CA TYR DA 295 4.62 -30.18 -150.31
C TYR DA 295 4.02 -29.19 -149.31
N ASP DA 296 2.74 -29.38 -148.96
CA ASP DA 296 2.04 -28.54 -148.00
C ASP DA 296 1.02 -29.42 -147.27
N ALA DA 297 1.53 -30.31 -146.42
CA ALA DA 297 0.67 -31.25 -145.72
C ALA DA 297 -0.30 -30.52 -144.79
N CYS DA 298 -1.49 -31.10 -144.61
CA CYS DA 298 -2.51 -30.49 -143.78
C CYS DA 298 -3.39 -31.54 -143.11
N ALA DA 299 -3.45 -32.74 -143.68
CA ALA DA 299 -4.28 -33.80 -143.13
C ALA DA 299 -3.47 -35.07 -142.96
N LEU DA 300 -3.71 -35.76 -141.85
CA LEU DA 300 -3.07 -37.03 -141.55
C LEU DA 300 -4.14 -38.05 -141.19
N LEU DA 301 -4.05 -39.24 -141.77
CA LEU DA 301 -4.99 -40.32 -141.49
C LEU DA 301 -4.21 -41.60 -141.24
N CYS DA 302 -4.30 -42.15 -140.04
CA CYS DA 302 -3.65 -43.39 -139.66
C CYS DA 302 -4.66 -44.53 -139.75
N LEU DA 303 -4.39 -45.51 -140.62
CA LEU DA 303 -5.32 -46.61 -140.79
C LEU DA 303 -5.11 -47.65 -139.69
N PRO DA 304 -6.18 -48.24 -139.16
CA PRO DA 304 -6.03 -49.24 -138.09
C PRO DA 304 -5.54 -50.60 -138.58
N CYS DA 305 -5.21 -50.75 -139.86
CA CYS DA 305 -4.75 -52.02 -140.37
C CYS DA 305 -3.29 -52.28 -139.96
N VAL DA 306 -2.84 -53.49 -140.22
CA VAL DA 306 -1.48 -53.92 -139.90
C VAL DA 306 -0.78 -54.28 -141.22
N PRO DA 307 0.37 -53.65 -141.54
CA PRO DA 307 1.03 -52.62 -140.73
C PRO DA 307 0.35 -51.26 -140.81
N ASN DA 308 0.86 -50.28 -140.08
CA ASN DA 308 0.25 -48.96 -140.03
C ASN DA 308 0.49 -48.22 -141.34
N ILE DA 309 -0.56 -47.61 -141.88
CA ILE DA 309 -0.50 -46.85 -143.12
C ILE DA 309 -0.93 -45.43 -142.81
N ILE DA 310 -0.06 -44.47 -143.10
CA ILE DA 310 -0.34 -43.05 -142.88
C ILE DA 310 -0.59 -42.41 -144.24
N VAL DA 311 -1.79 -41.85 -144.40
CA VAL DA 311 -2.15 -41.08 -145.58
C VAL DA 311 -1.96 -39.61 -145.24
N ILE DA 312 -1.04 -38.96 -145.95
CA ILE DA 312 -0.74 -37.55 -145.76
C ILE DA 312 -1.38 -36.80 -146.92
N ALA DA 313 -2.42 -36.02 -146.63
CA ALA DA 313 -3.13 -35.23 -147.62
C ALA DA 313 -2.63 -33.79 -147.54
N THR DA 314 -2.07 -33.30 -148.64
CA THR DA 314 -1.54 -31.95 -148.70
C THR DA 314 -2.58 -30.99 -149.26
N GLU DA 315 -2.28 -29.69 -149.17
CA GLU DA 315 -3.20 -28.68 -149.68
C GLU DA 315 -3.19 -28.62 -151.19
N SER DA 316 -2.07 -28.97 -151.83
CA SER DA 316 -2.00 -28.93 -153.29
C SER DA 316 -2.76 -30.08 -153.94
N GLY DA 317 -3.07 -31.14 -153.18
CA GLY DA 317 -3.79 -32.27 -153.73
C GLY DA 317 -2.92 -33.49 -153.93
N LEU DA 318 -2.11 -33.81 -152.93
CA LEU DA 318 -1.22 -34.95 -152.97
C LEU DA 318 -1.48 -35.85 -151.76
N LEU DA 319 -1.61 -37.15 -152.02
CA LEU DA 319 -1.85 -38.15 -150.97
C LEU DA 319 -0.63 -39.06 -150.91
N TYR DA 320 0.22 -38.86 -149.90
CA TYR DA 320 1.39 -39.70 -149.69
C TYR DA 320 1.01 -40.88 -148.81
N HIS DA 321 1.40 -42.07 -149.24
CA HIS DA 321 1.08 -43.31 -148.51
C HIS DA 321 2.36 -43.84 -147.88
N CYS DA 322 2.51 -43.64 -146.57
CA CYS DA 322 3.71 -44.03 -145.84
C CYS DA 322 3.41 -45.24 -144.98
N VAL DA 323 4.14 -46.33 -145.20
CA VAL DA 323 4.05 -47.50 -144.34
C VAL DA 323 4.98 -47.31 -143.15
N VAL DA 324 4.49 -47.67 -141.96
CA VAL DA 324 5.24 -47.52 -140.73
C VAL DA 324 6.07 -48.77 -140.51
N LEU DA 325 7.40 -48.60 -140.45
CA LEU DA 325 8.32 -49.70 -140.23
C LEU DA 325 9.16 -49.43 -138.98
N GLU DA 326 9.81 -50.47 -138.48
CA GLU DA 326 10.63 -50.34 -137.30
C GLU DA 326 11.90 -49.53 -137.61
N GLY DA 327 12.51 -49.02 -136.54
CA GLY DA 327 13.71 -48.22 -136.71
C GLY DA 327 14.90 -49.07 -137.11
N GLU DA 328 15.67 -48.55 -138.06
CA GLU DA 328 16.85 -49.27 -138.55
C GLU DA 328 17.98 -49.16 -137.54
N GLU DA 329 18.69 -50.28 -137.34
CA GLU DA 329 19.80 -50.34 -136.41
C GLU DA 329 21.15 -50.10 -137.07
N ASP DA 330 21.20 -49.99 -138.40
CA ASP DA 330 22.47 -49.75 -139.08
C ASP DA 330 22.93 -48.31 -138.92
N ASP DA 331 21.98 -47.36 -138.95
CA ASP DA 331 22.29 -45.95 -138.82
C ASP DA 331 21.64 -45.41 -137.55
N GLU DA 332 22.31 -44.46 -136.90
CA GLU DA 332 21.79 -43.86 -135.68
C GLU DA 332 20.65 -42.91 -135.99
N GLN DA 333 19.43 -43.46 -136.12
CA GLN DA 333 18.25 -42.65 -136.42
C GLN DA 333 17.26 -42.59 -135.27
N THR DA 334 17.17 -43.64 -134.45
CA THR DA 334 16.23 -43.63 -133.33
C THR DA 334 16.78 -42.88 -132.12
N SER DA 335 18.10 -42.88 -131.93
CA SER DA 335 18.71 -42.19 -130.80
C SER DA 335 18.93 -40.71 -131.08
N ASN DA 336 19.01 -40.30 -132.34
CA ASN DA 336 19.22 -38.89 -132.66
C ASN DA 336 17.94 -38.10 -132.59
N LYS DA 337 16.80 -38.69 -132.94
CA LYS DA 337 15.53 -37.98 -132.90
C LYS DA 337 14.88 -38.03 -131.53
N SER DA 338 15.31 -38.93 -130.65
CA SER DA 338 14.73 -39.02 -129.32
C SER DA 338 15.39 -38.00 -128.40
N TRP DA 339 14.55 -37.22 -127.71
CA TRP DA 339 15.02 -36.19 -126.78
C TRP DA 339 15.01 -36.67 -125.34
N ASN DA 340 15.47 -37.89 -125.09
CA ASN DA 340 15.50 -38.45 -123.74
C ASN DA 340 16.86 -39.13 -123.54
N SER DA 341 17.07 -39.63 -122.33
CA SER DA 341 18.33 -40.29 -122.01
C SER DA 341 18.39 -41.70 -122.58
N SER DA 342 17.24 -42.36 -122.74
CA SER DA 342 17.17 -43.71 -123.27
C SER DA 342 16.86 -43.68 -124.76
N CYS DA 343 17.30 -44.73 -125.46
CA CYS DA 343 17.08 -44.85 -126.90
C CYS DA 343 15.64 -45.27 -127.14
N ASP DA 344 14.77 -44.30 -127.43
CA ASP DA 344 13.37 -44.58 -127.67
C ASP DA 344 13.17 -45.16 -129.07
N LEU DA 345 12.16 -46.00 -129.20
CA LEU DA 345 11.84 -46.64 -130.47
C LEU DA 345 11.11 -45.63 -131.35
N ILE DA 346 11.82 -45.09 -132.33
CA ILE DA 346 11.26 -44.10 -133.25
C ILE DA 346 11.02 -44.80 -134.59
N PRO DA 347 9.77 -45.13 -134.94
CA PRO DA 347 9.52 -45.80 -136.22
C PRO DA 347 9.77 -44.87 -137.40
N SER DA 348 9.96 -45.49 -138.57
CA SER DA 348 10.20 -44.77 -139.81
C SER DA 348 9.00 -44.89 -140.73
N LEU DA 349 8.89 -43.93 -141.65
CA LEU DA 349 7.79 -43.88 -142.61
C LEU DA 349 8.37 -44.06 -144.01
N TYR DA 350 8.14 -45.22 -144.61
CA TYR DA 350 8.59 -45.49 -145.97
C TYR DA 350 7.47 -45.14 -146.94
N VAL DA 351 7.73 -44.15 -147.79
CA VAL DA 351 6.71 -43.68 -148.74
C VAL DA 351 6.66 -44.65 -149.92
N PHE DA 352 5.48 -45.18 -150.19
CA PHE DA 352 5.28 -46.11 -151.30
C PHE DA 352 4.72 -45.44 -152.54
N GLU DA 353 3.83 -44.47 -152.39
CA GLU DA 353 3.24 -43.80 -153.53
C GLU DA 353 2.76 -42.42 -153.13
N CYS DA 354 2.57 -41.56 -154.13
CA CYS DA 354 2.06 -40.20 -153.97
C CYS DA 354 0.98 -40.01 -155.01
N VAL DA 355 -0.27 -40.30 -154.62
CA VAL DA 355 -1.39 -40.17 -155.54
C VAL DA 355 -1.74 -38.71 -155.75
N GLU DA 356 -2.11 -38.36 -156.97
CA GLU DA 356 -2.51 -37.01 -157.33
C GLU DA 356 -4.01 -37.01 -157.60
N LEU DA 357 -4.79 -36.39 -156.72
CA LEU DA 357 -6.23 -36.35 -156.88
C LEU DA 357 -6.62 -35.43 -158.03
N GLU DA 358 -7.87 -35.58 -158.47
CA GLU DA 358 -8.43 -34.79 -159.56
C GLU DA 358 -9.20 -33.62 -158.95
N LEU DA 359 -8.53 -32.47 -158.84
CA LEU DA 359 -9.14 -31.27 -158.27
C LEU DA 359 -9.57 -30.32 -159.39
N ALA DA 360 -10.63 -29.56 -159.11
CA ALA DA 360 -11.18 -28.55 -160.01
C ALA DA 360 -11.78 -29.14 -161.28
N LEU DA 361 -11.35 -30.35 -161.66
CA LEU DA 361 -11.84 -31.04 -162.85
C LEU DA 361 -11.64 -30.21 -164.10
N LYS DA 362 -10.46 -30.32 -164.71
CA LYS DA 362 -10.15 -29.58 -165.93
C LYS DA 362 -10.74 -30.32 -167.13
N PHE DA 363 -10.31 -29.93 -168.33
CA PHE DA 363 -10.80 -30.52 -169.56
C PHE DA 363 -10.07 -31.84 -169.83
N ALA DA 364 -10.35 -32.45 -170.98
CA ALA DA 364 -9.71 -33.71 -171.34
C ALA DA 364 -8.26 -33.48 -171.75
N THR DA 365 -7.35 -33.51 -170.78
CA THR DA 365 -5.93 -33.32 -171.07
C THR DA 365 -5.04 -34.24 -170.26
N GLU DA 366 -5.61 -35.20 -169.51
CA GLU DA 366 -4.81 -36.12 -168.71
C GLU DA 366 -4.71 -37.48 -169.39
N GLU DA 367 -4.59 -38.54 -168.60
CA GLU DA 367 -4.49 -39.89 -169.13
C GLU DA 367 -5.69 -40.72 -168.72
N GLU DA 368 -5.56 -42.04 -168.75
CA GLU DA 368 -6.63 -42.95 -168.36
C GLU DA 368 -6.21 -43.93 -167.26
N GLU DA 369 -4.97 -43.86 -166.78
CA GLU DA 369 -4.50 -44.71 -165.70
C GLU DA 369 -4.04 -43.91 -164.49
N SER DA 370 -4.24 -42.59 -164.49
CA SER DA 370 -3.86 -41.74 -163.38
C SER DA 370 -4.73 -40.50 -163.39
N LEU DA 371 -4.52 -39.64 -162.40
CA LEU DA 371 -5.27 -38.39 -162.28
C LEU DA 371 -4.32 -37.24 -162.00
N GLU DA 372 -4.72 -36.04 -162.44
CA GLU DA 372 -3.93 -34.84 -162.27
C GLU DA 372 -4.72 -33.80 -161.50
N LEU DA 373 -4.01 -32.95 -160.77
CA LEU DA 373 -4.62 -31.90 -159.96
C LEU DA 373 -4.60 -30.58 -160.73
N ASP DA 374 -5.01 -29.50 -160.06
CA ASP DA 374 -5.05 -28.19 -160.68
C ASP DA 374 -4.87 -27.09 -159.64
N PHE DA 375 -5.90 -26.86 -158.83
CA PHE DA 375 -5.87 -25.83 -157.80
C PHE DA 375 -5.62 -26.46 -156.43
N ALA DA 376 -5.08 -25.64 -155.53
CA ALA DA 376 -4.78 -26.07 -154.17
C ALA DA 376 -6.00 -25.86 -153.28
N CYS DA 377 -6.48 -26.95 -152.66
CA CYS DA 377 -7.65 -26.90 -151.80
C CYS DA 377 -7.44 -27.83 -150.61
N PRO DA 378 -7.93 -27.45 -149.43
CA PRO DA 378 -7.77 -28.32 -148.26
C PRO DA 378 -8.60 -29.59 -148.40
N ILE DA 379 -7.99 -30.72 -148.07
CA ILE DA 379 -8.61 -32.03 -148.21
C ILE DA 379 -8.69 -32.67 -146.82
N LYS DA 380 -9.85 -33.21 -146.49
CA LYS DA 380 -10.08 -33.90 -145.23
C LYS DA 380 -10.25 -35.39 -145.49
N LEU DA 381 -9.52 -36.21 -144.74
CA LEU DA 381 -9.53 -37.66 -144.89
C LEU DA 381 -10.46 -38.29 -143.87
N HIS DA 382 -11.13 -39.37 -144.28
CA HIS DA 382 -12.07 -40.08 -143.43
C HIS DA 382 -11.89 -41.58 -143.63
N ARG DA 383 -11.88 -42.33 -142.52
CA ARG DA 383 -11.69 -43.77 -142.56
C ARG DA 383 -13.01 -44.44 -142.90
N ASP DA 384 -13.02 -45.19 -144.00
CA ASP DA 384 -14.22 -45.91 -144.41
C ASP DA 384 -14.48 -47.08 -143.47
N PRO DA 385 -15.64 -47.13 -142.81
CA PRO DA 385 -15.92 -48.27 -141.91
C PRO DA 385 -16.08 -49.60 -142.62
N ILE DA 386 -16.18 -49.61 -143.96
CA ILE DA 386 -16.31 -50.88 -144.68
C ILE DA 386 -14.98 -51.63 -144.68
N CYS DA 387 -13.86 -50.91 -144.79
CA CYS DA 387 -12.55 -51.52 -144.81
C CYS DA 387 -11.54 -50.50 -144.31
N PRO DA 388 -10.65 -50.88 -143.39
CA PRO DA 388 -9.67 -49.91 -142.88
C PRO DA 388 -8.68 -49.44 -143.93
N SER DA 389 -8.41 -50.25 -144.97
CA SER DA 389 -7.50 -49.82 -146.02
C SER DA 389 -8.16 -48.77 -146.92
N ARG DA 390 -9.45 -48.94 -147.20
CA ARG DA 390 -10.17 -47.97 -148.02
C ARG DA 390 -10.51 -46.74 -147.20
N TYR DA 391 -10.46 -45.58 -147.85
CA TYR DA 391 -10.77 -44.32 -147.17
C TYR DA 391 -11.34 -43.33 -148.18
N HIS DA 392 -11.79 -42.19 -147.67
CA HIS DA 392 -12.38 -41.15 -148.49
C HIS DA 392 -11.67 -39.83 -148.25
N CYS DA 393 -11.67 -38.98 -149.28
CA CYS DA 393 -11.06 -37.66 -149.24
C CYS DA 393 -12.06 -36.64 -149.74
N THR DA 394 -12.46 -35.71 -148.89
CA THR DA 394 -13.45 -34.71 -149.22
C THR DA 394 -12.80 -33.33 -149.32
N HIS DA 395 -13.22 -32.54 -150.30
CA HIS DA 395 -12.72 -31.19 -150.47
C HIS DA 395 -13.73 -30.41 -151.30
N VAL DA 396 -13.52 -29.09 -151.36
CA VAL DA 396 -14.40 -28.22 -152.14
C VAL DA 396 -14.35 -28.57 -153.62
N ALA DA 397 -13.32 -29.30 -154.06
CA ALA DA 397 -13.27 -29.74 -155.45
C ALA DA 397 -14.10 -30.99 -155.68
N GLY DA 398 -14.29 -31.81 -154.65
CA GLY DA 398 -15.09 -33.00 -154.81
C GLY DA 398 -14.74 -34.05 -153.78
N VAL DA 399 -15.25 -35.26 -154.01
CA VAL DA 399 -15.07 -36.40 -153.11
C VAL DA 399 -14.39 -37.51 -153.88
N HIS DA 400 -13.38 -38.12 -153.27
CA HIS DA 400 -12.66 -39.24 -153.86
C HIS DA 400 -12.66 -40.41 -152.89
N SER DA 401 -12.63 -41.62 -153.43
CA SER DA 401 -12.54 -42.84 -152.64
C SER DA 401 -11.30 -43.60 -153.08
N VAL DA 402 -10.41 -43.88 -152.12
CA VAL DA 402 -9.12 -44.50 -152.41
C VAL DA 402 -9.05 -45.81 -151.64
N GLY DA 403 -8.92 -46.92 -152.37
CA GLY DA 403 -8.72 -48.23 -151.80
C GLY DA 403 -7.35 -48.75 -152.16
N LEU DA 404 -6.59 -49.13 -151.14
CA LEU DA 404 -5.21 -49.59 -151.31
C LEU DA 404 -5.21 -51.00 -151.90
N THR DA 405 -4.93 -51.09 -153.20
CA THR DA 405 -4.84 -52.39 -153.84
C THR DA 405 -3.46 -53.04 -153.62
N TRP DA 406 -2.42 -52.22 -153.43
CA TRP DA 406 -1.09 -52.74 -153.18
C TRP DA 406 -0.90 -53.20 -151.74
N PHE DA 407 -1.80 -52.83 -150.84
CA PHE DA 407 -1.65 -53.23 -149.44
C PHE DA 407 -1.78 -54.73 -149.27
N ASN DA 408 -2.73 -55.36 -149.97
CA ASN DA 408 -2.88 -56.81 -149.90
C ASN DA 408 -1.65 -57.52 -150.45
N LYS DA 409 -1.11 -57.02 -151.55
CA LYS DA 409 0.09 -57.62 -152.13
C LYS DA 409 1.28 -57.48 -151.19
N LEU DA 410 1.43 -56.31 -150.55
CA LEU DA 410 2.51 -56.11 -149.60
C LEU DA 410 2.36 -57.04 -148.40
N GLU DA 411 1.13 -57.20 -147.90
CA GLU DA 411 0.90 -58.11 -146.78
C GLU DA 411 1.21 -59.55 -147.16
N LYS DA 412 0.82 -59.96 -148.38
CA LYS DA 412 1.12 -61.32 -148.82
C LYS DA 412 2.62 -61.53 -148.98
N PHE DA 413 3.33 -60.52 -149.48
CA PHE DA 413 4.78 -60.64 -149.63
C PHE DA 413 5.47 -60.68 -148.28
N LEU DA 414 4.96 -59.94 -147.30
CA LEU DA 414 5.55 -59.97 -145.96
C LEU DA 414 5.24 -61.27 -145.24
N SER DA 415 4.07 -61.87 -145.50
CA SER DA 415 3.72 -63.13 -144.87
C SER DA 415 4.48 -64.29 -145.50
N SER DA 416 4.26 -64.54 -146.79
CA SER DA 416 4.92 -65.63 -147.49
C SER DA 416 5.46 -65.17 -148.84
N GLY DA 417 4.57 -64.69 -149.70
CA GLY DA 417 4.96 -64.22 -151.01
C GLY DA 417 3.79 -63.85 -151.89
N GLU DA 418 4.06 -63.14 -152.99
CA GLU DA 418 3.02 -62.73 -153.91
C GLU DA 418 2.66 -63.87 -154.85
N GLU DA 419 1.36 -64.10 -155.03
CA GLU DA 419 0.85 -65.16 -155.88
C GLU DA 419 -0.13 -64.57 -156.90
N ASP DA 420 -0.67 -65.44 -157.75
CA ASP DA 420 -1.65 -65.09 -158.77
C ASP DA 420 -1.06 -64.16 -159.82
N LYS DA 421 -0.93 -64.66 -161.05
CA LYS DA 421 -0.41 -63.83 -162.14
C LYS DA 421 -1.32 -62.64 -162.44
N ASP DA 422 -2.64 -62.83 -162.30
CA ASP DA 422 -3.57 -61.72 -162.51
C ASP DA 422 -3.37 -60.63 -161.47
N SER DA 423 -3.22 -61.01 -160.19
CA SER DA 423 -2.97 -60.02 -159.16
C SER DA 423 -1.61 -59.34 -159.36
N LEU DA 424 -0.61 -60.11 -159.80
CA LEU DA 424 0.70 -59.51 -160.07
C LEU DA 424 0.60 -58.48 -161.20
N GLN DA 425 -0.14 -58.80 -162.25
CA GLN DA 425 -0.33 -57.84 -163.34
C GLN DA 425 -1.10 -56.61 -162.88
N GLU DA 426 -2.13 -56.81 -162.06
CA GLU DA 426 -2.89 -55.69 -161.52
C GLU DA 426 -2.00 -54.78 -160.68
N LEU DA 427 -1.09 -55.37 -159.90
CA LEU DA 427 -0.21 -54.57 -159.06
C LEU DA 427 0.85 -53.85 -159.88
N ALA DA 428 1.39 -54.52 -160.90
CA ALA DA 428 2.46 -53.93 -161.70
C ALA DA 428 1.91 -52.91 -162.71
N ALA DA 429 1.20 -53.40 -163.72
CA ALA DA 429 0.73 -52.54 -164.80
C ALA DA 429 -0.62 -51.92 -164.43
N GLU DA 430 -1.24 -51.26 -165.40
CA GLU DA 430 -2.55 -50.63 -165.24
C GLU DA 430 -2.54 -49.59 -164.12
N GLN DA 431 -2.80 -50.03 -162.89
CA GLN DA 431 -2.91 -49.13 -161.75
C GLN DA 431 -2.11 -49.68 -160.57
N LYS DA 432 -2.11 -48.91 -159.49
CA LYS DA 432 -1.50 -49.32 -158.22
C LYS DA 432 -2.50 -49.33 -157.08
N CYS DA 433 -3.27 -48.25 -156.92
CA CYS DA 433 -4.34 -48.17 -155.94
C CYS DA 433 -5.61 -47.68 -156.64
N LEU DA 434 -6.76 -48.17 -156.18
CA LEU DA 434 -8.02 -47.88 -156.85
C LEU DA 434 -8.57 -46.55 -156.33
N VAL DA 435 -8.47 -45.51 -157.14
CA VAL DA 435 -8.95 -44.18 -156.81
C VAL DA 435 -10.11 -43.84 -157.73
N GLU DA 436 -11.24 -43.45 -157.14
CA GLU DA 436 -12.45 -43.12 -157.90
C GLU DA 436 -12.99 -41.77 -157.44
N HIS DA 437 -13.18 -40.86 -158.38
CA HIS DA 437 -13.75 -39.55 -158.11
C HIS DA 437 -15.27 -39.65 -158.19
N ILE DA 438 -15.94 -39.58 -157.04
CA ILE DA 438 -17.38 -39.73 -157.00
C ILE DA 438 -18.04 -38.39 -157.28
N LEU DA 439 -18.36 -37.65 -156.23
CA LEU DA 439 -18.99 -36.34 -156.38
C LEU DA 439 -17.95 -35.29 -156.70
N CYS DA 440 -18.36 -34.31 -157.52
CA CYS DA 440 -17.50 -33.21 -157.93
C CYS DA 440 -18.27 -31.90 -157.74
N THR DA 441 -18.03 -31.23 -156.62
CA THR DA 441 -18.71 -29.96 -156.34
C THR DA 441 -18.18 -28.82 -157.19
N LYS DA 442 -16.94 -28.91 -157.66
CA LYS DA 442 -16.34 -27.87 -158.49
C LYS DA 442 -16.25 -28.35 -159.93
N PRO DA 443 -17.14 -27.91 -160.82
CA PRO DA 443 -17.08 -28.41 -162.21
C PRO DA 443 -15.85 -27.91 -162.95
N LEU DA 444 -15.50 -26.63 -162.80
CA LEU DA 444 -14.35 -26.06 -163.48
C LEU DA 444 -13.72 -25.00 -162.61
N ARG DA 445 -12.63 -24.41 -163.11
CA ARG DA 445 -11.94 -23.37 -162.36
C ARG DA 445 -12.77 -22.09 -162.31
N CYS DA 446 -13.50 -21.79 -163.38
CA CYS DA 446 -14.34 -20.59 -163.40
C CYS DA 446 -15.47 -20.67 -162.39
N ARG DA 447 -15.92 -21.87 -162.06
CA ARG DA 447 -16.98 -22.05 -161.08
C ARG DA 447 -16.42 -21.94 -159.67
N LEU DA 448 -17.16 -21.28 -158.80
CA LEU DA 448 -16.72 -21.11 -157.41
C LEU DA 448 -16.84 -22.44 -156.67
N PRO DA 449 -15.82 -22.85 -155.92
CA PRO DA 449 -15.90 -24.13 -155.20
C PRO DA 449 -16.88 -24.04 -154.04
N SER DA 450 -17.88 -24.91 -154.05
CA SER DA 450 -18.89 -24.94 -153.01
C SER DA 450 -18.47 -25.90 -151.89
N PRO DA 451 -18.52 -25.47 -150.64
CA PRO DA 451 -18.11 -26.36 -149.54
C PRO DA 451 -19.20 -27.36 -149.18
N ILE DA 452 -18.75 -28.54 -148.77
CA ILE DA 452 -19.65 -29.61 -148.36
C ILE DA 452 -19.87 -29.51 -146.86
N GLN DA 453 -21.13 -29.37 -146.44
CA GLN DA 453 -21.45 -29.23 -145.03
C GLN DA 453 -21.37 -30.53 -144.25
N GLY DA 454 -21.25 -31.67 -144.94
CA GLY DA 454 -21.13 -32.94 -144.26
C GLY DA 454 -21.05 -34.12 -145.19
N PHE DA 455 -20.28 -35.14 -144.81
CA PHE DA 455 -20.13 -36.35 -145.63
C PHE DA 455 -20.03 -37.55 -144.70
N TRP DA 456 -20.89 -38.54 -144.92
CA TRP DA 456 -20.92 -39.73 -144.08
C TRP DA 456 -21.06 -40.98 -144.94
N ILE DA 457 -20.65 -42.10 -144.38
CA ILE DA 457 -20.74 -43.40 -145.02
C ILE DA 457 -21.59 -44.29 -144.13
N ILE DA 458 -22.79 -44.63 -144.59
CA ILE DA 458 -23.71 -45.49 -143.85
C ILE DA 458 -23.51 -46.92 -144.33
N SER DA 459 -23.12 -47.80 -143.41
CA SER DA 459 -22.88 -49.22 -143.72
C SER DA 459 -23.70 -50.06 -142.76
N ASP DA 460 -24.78 -50.65 -143.26
CA ASP DA 460 -25.65 -51.49 -142.45
C ASP DA 460 -26.08 -52.70 -143.27
N LEU DA 461 -26.61 -53.70 -142.56
CA LEU DA 461 -27.07 -54.92 -143.23
C LEU DA 461 -28.43 -54.71 -143.89
N PHE DA 462 -29.33 -54.01 -143.22
CA PHE DA 462 -30.66 -53.74 -143.76
C PHE DA 462 -30.71 -52.47 -144.61
N LEU DA 463 -29.63 -51.69 -144.64
CA LEU DA 463 -29.58 -50.46 -145.43
C LEU DA 463 -28.54 -50.50 -146.55
N GLY DA 464 -27.56 -51.39 -146.49
CA GLY DA 464 -26.55 -51.48 -147.52
C GLY DA 464 -25.37 -50.56 -147.27
N THR DA 465 -24.71 -50.14 -148.34
CA THR DA 465 -23.56 -49.25 -148.27
C THR DA 465 -23.87 -48.00 -149.07
N SER DA 466 -24.02 -46.87 -148.38
CA SER DA 466 -24.37 -45.62 -149.02
C SER DA 466 -23.43 -44.51 -148.56
N MET DA 467 -23.28 -43.50 -149.40
CA MET DA 467 -22.52 -42.30 -149.10
C MET DA 467 -23.46 -41.11 -149.17
N ILE DA 468 -23.60 -40.39 -148.06
CA ILE DA 468 -24.50 -39.26 -147.95
C ILE DA 468 -23.68 -37.98 -147.88
N CYS DA 469 -24.09 -36.97 -148.64
CA CYS DA 469 -23.39 -35.68 -148.68
C CYS DA 469 -24.40 -34.55 -148.58
N ILE DA 470 -24.08 -33.58 -147.74
CA ILE DA 470 -24.88 -32.36 -147.58
C ILE DA 470 -23.97 -31.19 -147.89
N THR DA 471 -24.26 -30.47 -148.96
CA THR DA 471 -23.44 -29.35 -149.40
C THR DA 471 -23.91 -28.07 -148.73
N CYS DA 472 -23.43 -26.93 -149.21
CA CYS DA 472 -23.82 -25.64 -148.63
C CYS DA 472 -25.27 -25.30 -148.89
N ASP DA 473 -25.87 -25.85 -149.95
CA ASP DA 473 -27.27 -25.60 -150.28
C ASP DA 473 -28.22 -26.46 -149.45
N PHE DA 474 -27.71 -27.20 -148.46
CA PHE DA 474 -28.52 -28.06 -147.60
C PHE DA 474 -29.29 -29.09 -148.42
N GLU DA 475 -28.65 -29.60 -149.48
CA GLU DA 475 -29.24 -30.62 -150.34
C GLU DA 475 -28.58 -31.96 -150.07
N CYS DA 476 -29.41 -33.00 -149.94
CA CYS DA 476 -28.93 -34.34 -149.64
C CYS DA 476 -28.67 -35.10 -150.93
N ILE DA 477 -27.46 -35.63 -151.07
CA ILE DA 477 -27.07 -36.43 -152.22
C ILE DA 477 -26.57 -37.77 -151.69
N VAL DA 478 -27.29 -38.84 -152.01
CA VAL DA 478 -26.96 -40.18 -151.55
C VAL DA 478 -26.58 -41.04 -152.74
N ARG DA 479 -25.48 -41.77 -152.61
CA ARG DA 479 -25.00 -42.63 -153.68
C ARG DA 479 -24.71 -44.03 -153.15
N PRO DA 480 -24.98 -45.06 -153.95
CA PRO DA 480 -24.65 -46.43 -153.53
C PRO DA 480 -23.15 -46.70 -153.62
N LEU DA 481 -22.71 -47.72 -152.90
CA LEU DA 481 -21.31 -48.14 -152.88
C LEU DA 481 -21.28 -49.65 -153.10
N LEU DA 482 -21.23 -50.07 -154.36
CA LEU DA 482 -21.18 -51.48 -154.68
C LEU DA 482 -19.80 -52.06 -154.38
N THR DA 483 -19.76 -53.38 -154.24
CA THR DA 483 -18.52 -54.08 -153.93
C THR DA 483 -17.66 -54.36 -155.17
N THR DA 484 -18.07 -53.87 -156.34
CA THR DA 484 -17.33 -54.09 -157.56
C THR DA 484 -16.36 -52.96 -157.89
N ILE DA 485 -16.59 -51.76 -157.37
CA ILE DA 485 -15.70 -50.63 -157.58
C ILE DA 485 -14.60 -50.57 -156.53
N ARG DA 486 -14.32 -51.68 -155.86
CA ARG DA 486 -13.30 -51.77 -154.84
C ARG DA 486 -12.50 -53.04 -155.05
N PRO DA 487 -11.21 -53.04 -154.67
CA PRO DA 487 -10.41 -54.25 -154.86
C PRO DA 487 -10.87 -55.35 -153.93
N PRO DA 488 -10.70 -56.62 -154.33
CA PRO DA 488 -11.11 -57.73 -153.46
C PRO DA 488 -10.25 -57.82 -152.22
N SER DA 489 -10.90 -58.05 -151.09
CA SER DA 489 -10.22 -58.12 -149.79
C SER DA 489 -10.55 -59.45 -149.13
N PRO DA 490 -9.56 -60.27 -148.79
CA PRO DA 490 -9.83 -61.54 -148.13
C PRO DA 490 -10.32 -61.32 -146.71
N PRO DA 491 -11.05 -62.28 -146.13
CA PRO DA 491 -11.52 -62.12 -144.75
C PRO DA 491 -10.39 -62.13 -143.74
N LEU DA 492 -10.09 -60.97 -143.15
CA LEU DA 492 -9.02 -60.86 -142.17
C LEU DA 492 -9.42 -59.82 -141.13
N LEU DA 493 -8.56 -59.67 -140.12
CA LEU DA 493 -8.82 -58.68 -139.08
C LEU DA 493 -8.52 -57.27 -139.56
N CYS DA 494 -7.37 -57.09 -140.22
CA CYS DA 494 -6.98 -55.80 -140.77
C CYS DA 494 -7.55 -55.55 -142.17
N SER DA 495 -8.46 -56.41 -142.63
CA SER DA 495 -9.06 -56.24 -143.96
C SER DA 495 -10.40 -56.98 -143.95
N GLN DA 496 -11.49 -56.21 -143.90
CA GLN DA 496 -12.81 -56.79 -143.84
C GLN DA 496 -13.18 -57.42 -145.19
N SER DA 497 -14.25 -58.21 -145.17
CA SER DA 497 -14.70 -58.91 -146.38
C SER DA 497 -15.49 -57.98 -147.27
N ASP DA 498 -15.32 -58.15 -148.58
CA ASP DA 498 -16.05 -57.35 -149.57
C ASP DA 498 -16.71 -58.26 -150.60
N LYS DA 499 -15.93 -59.18 -151.17
CA LYS DA 499 -16.45 -60.12 -152.16
C LYS DA 499 -15.56 -61.35 -152.18
N SER DA 500 -16.16 -62.49 -152.53
CA SER DA 500 -15.43 -63.75 -152.58
C SER DA 500 -14.63 -63.83 -153.88
N SER DA 501 -13.36 -64.22 -153.76
CA SER DA 501 -12.48 -64.35 -154.92
C SER DA 501 -11.56 -65.53 -154.71
N THR DA 502 -11.41 -66.37 -155.74
CA THR DA 502 -10.57 -67.54 -155.69
C THR DA 502 -9.38 -67.38 -156.63
N GLU DA 503 -8.20 -67.79 -156.16
CA GLU DA 503 -6.97 -67.70 -156.94
C GLU DA 503 -6.32 -69.07 -157.02
N ILE DA 504 -5.22 -69.12 -157.78
CA ILE DA 504 -4.43 -70.35 -157.98
C ILE DA 504 -5.31 -71.44 -158.57
N LEU DA 505 -5.40 -71.50 -159.89
CA LEU DA 505 -6.20 -72.50 -160.58
C LEU DA 505 -5.29 -73.46 -161.31
N PRO DA 506 -5.41 -74.77 -161.11
CA PRO DA 506 -4.52 -75.71 -161.78
C PRO DA 506 -4.87 -75.87 -163.26
N HIS DA 507 -3.84 -76.14 -164.07
CA HIS DA 507 -3.99 -76.30 -165.51
C HIS DA 507 -3.28 -77.60 -165.91
N VAL DA 508 -3.95 -78.73 -165.68
CA VAL DA 508 -3.41 -80.03 -166.05
C VAL DA 508 -4.35 -80.84 -166.92
N LEU DA 509 -5.65 -80.55 -166.92
CA LEU DA 509 -6.61 -81.29 -167.73
C LEU DA 509 -7.52 -80.39 -168.55
N ALA DA 510 -7.42 -79.08 -168.37
CA ALA DA 510 -8.24 -78.12 -169.12
C ALA DA 510 -7.33 -77.20 -169.91
N ASP DA 511 -7.84 -76.03 -170.27
CA ASP DA 511 -7.09 -75.04 -171.03
C ASP DA 511 -7.63 -73.65 -170.72
N VAL DA 512 -7.32 -73.14 -169.53
CA VAL DA 512 -7.75 -71.82 -169.10
C VAL DA 512 -6.52 -71.00 -168.75
N LYS DA 513 -6.73 -69.70 -168.57
CA LYS DA 513 -5.65 -68.75 -168.25
C LYS DA 513 -5.84 -68.29 -166.81
N GLY DA 514 -5.37 -69.10 -165.87
CA GLY DA 514 -5.47 -68.78 -164.47
C GLY DA 514 -6.89 -68.75 -163.96
N PRO DA 515 -7.10 -68.14 -162.79
CA PRO DA 515 -8.47 -68.01 -162.27
C PRO DA 515 -9.28 -67.05 -163.12
N PHE DA 516 -10.48 -67.50 -163.52
CA PHE DA 516 -11.30 -66.70 -164.42
C PHE DA 516 -11.79 -65.42 -163.75
N GLU DA 517 -12.13 -65.48 -162.46
CA GLU DA 517 -12.56 -64.28 -161.76
C GLU DA 517 -11.47 -63.23 -161.71
N GLU DA 518 -10.26 -63.63 -161.34
CA GLU DA 518 -9.13 -62.70 -161.29
C GLU DA 518 -8.76 -62.20 -162.67
N HIS DA 519 -8.88 -63.06 -163.69
CA HIS DA 519 -8.60 -62.61 -165.06
C HIS DA 519 -9.60 -61.55 -165.51
N ILE DA 520 -10.89 -61.77 -165.22
CA ILE DA 520 -11.91 -60.77 -165.57
C ILE DA 520 -11.67 -59.49 -164.80
N ARG DA 521 -11.27 -59.59 -163.53
CA ARG DA 521 -10.99 -58.40 -162.74
C ARG DA 521 -9.81 -57.62 -163.32
N GLY DA 522 -8.74 -58.31 -163.70
CA GLY DA 522 -7.60 -57.64 -164.31
C GLY DA 522 -7.92 -57.04 -165.65
N ILE DA 523 -8.81 -57.67 -166.41
CA ILE DA 523 -9.24 -57.10 -167.70
C ILE DA 523 -10.04 -55.83 -167.47
N LEU DA 524 -10.96 -55.86 -166.51
CA LEU DA 524 -11.82 -54.72 -166.21
C LEU DA 524 -11.15 -53.69 -165.29
N ARG DA 525 -9.89 -53.90 -164.93
CA ARG DA 525 -9.19 -52.94 -164.08
C ARG DA 525 -9.11 -51.58 -164.76
N ARG DA 526 -9.09 -50.53 -163.93
CA ARG DA 526 -9.05 -49.16 -164.42
C ARG DA 526 -8.48 -48.28 -163.31
N ASN DA 527 -8.38 -46.98 -163.60
CA ASN DA 527 -7.84 -46.03 -162.64
C ASN DA 527 -8.36 -44.62 -162.91
N SER DA 528 -9.26 -44.49 -163.89
CA SER DA 528 -9.83 -43.19 -164.24
C SER DA 528 -11.34 -43.34 -164.44
N ALA DA 529 -12.09 -42.34 -163.97
CA ALA DA 529 -13.54 -42.35 -164.10
C ALA DA 529 -14.04 -40.92 -164.05
N ASN DA 530 -15.13 -40.67 -164.76
CA ASN DA 530 -15.71 -39.33 -164.79
C ASN DA 530 -16.54 -39.11 -163.53
N PRO DA 531 -16.31 -38.03 -162.79
CA PRO DA 531 -17.08 -37.78 -161.57
C PRO DA 531 -18.47 -37.27 -161.88
N LEU DA 532 -19.29 -37.20 -160.82
CA LEU DA 532 -20.66 -36.74 -160.94
C LEU DA 532 -20.69 -35.21 -160.88
N LEU DA 533 -21.17 -34.58 -161.94
CA LEU DA 533 -21.27 -33.13 -162.01
C LEU DA 533 -22.45 -32.68 -161.16
N LEU DA 534 -22.16 -32.16 -159.96
CA LEU DA 534 -23.22 -31.73 -159.06
C LEU DA 534 -23.82 -30.41 -159.54
N ASN DA 535 -25.15 -30.35 -159.57
CA ASN DA 535 -25.88 -29.17 -160.01
C ASN DA 535 -26.33 -28.39 -158.79
N SER DA 536 -25.90 -27.14 -158.69
CA SER DA 536 -26.27 -26.30 -157.55
C SER DA 536 -27.73 -25.87 -157.66
N SER DA 537 -28.38 -25.75 -156.50
CA SER DA 537 -29.78 -25.34 -156.48
C SER DA 537 -29.94 -23.86 -156.79
N SER DA 538 -28.96 -23.04 -156.41
CA SER DA 538 -29.01 -21.61 -156.68
C SER DA 538 -28.65 -21.25 -158.10
N LYS DA 539 -28.10 -22.20 -158.87
CA LYS DA 539 -27.72 -21.98 -160.26
C LYS DA 539 -26.74 -20.82 -160.39
N ASP DA 540 -25.45 -21.08 -160.11
CA ASP DA 540 -24.45 -20.03 -160.21
C ASP DA 540 -24.17 -19.68 -161.66
N SER DA 541 -24.09 -20.68 -162.54
CA SER DA 541 -23.83 -20.45 -163.95
C SER DA 541 -24.38 -21.62 -164.75
N SER DA 542 -24.94 -21.32 -165.93
CA SER DA 542 -25.48 -22.36 -166.77
C SER DA 542 -24.35 -23.12 -167.48
N PRO DA 543 -24.50 -24.43 -167.65
CA PRO DA 543 -23.45 -25.21 -168.32
C PRO DA 543 -23.40 -24.88 -169.80
N PRO DA 544 -22.26 -24.41 -170.30
CA PRO DA 544 -22.16 -24.06 -171.71
C PRO DA 544 -22.08 -25.29 -172.59
N PRO DA 545 -22.56 -25.20 -173.83
CA PRO DA 545 -22.55 -26.37 -174.72
C PRO DA 545 -21.16 -26.88 -175.04
N GLU DA 546 -20.17 -25.99 -175.17
CA GLU DA 546 -18.81 -26.44 -175.46
C GLU DA 546 -18.25 -27.27 -174.32
N GLU DA 547 -18.40 -26.78 -173.08
CA GLU DA 547 -17.91 -27.53 -171.93
C GLU DA 547 -18.69 -28.83 -171.74
N CYS DA 548 -20.00 -28.81 -172.01
CA CYS DA 548 -20.79 -30.03 -171.93
C CYS DA 548 -20.30 -31.07 -172.92
N LEU DA 549 -20.06 -30.65 -174.17
CA LEU DA 549 -19.55 -31.56 -175.18
C LEU DA 549 -18.18 -32.11 -174.80
N GLN DA 550 -17.30 -31.23 -174.29
CA GLN DA 550 -15.97 -31.68 -173.89
C GLN DA 550 -16.05 -32.70 -172.76
N LEU DA 551 -16.87 -32.43 -171.75
CA LEU DA 551 -17.00 -33.36 -170.62
C LEU DA 551 -17.59 -34.69 -171.07
N LEU DA 552 -18.63 -34.65 -171.92
CA LEU DA 552 -19.23 -35.91 -172.36
C LEU DA 552 -18.29 -36.70 -173.25
N SER DA 553 -17.49 -36.00 -174.08
CA SER DA 553 -16.52 -36.71 -174.91
C SER DA 553 -15.43 -37.35 -174.05
N ARG DA 554 -14.96 -36.64 -173.02
CA ARG DA 554 -13.97 -37.22 -172.12
C ARG DA 554 -14.54 -38.43 -171.40
N ALA DA 555 -15.78 -38.33 -170.91
CA ALA DA 555 -16.40 -39.45 -170.23
C ALA DA 555 -16.59 -40.65 -171.16
N THR DA 556 -16.99 -40.38 -172.40
CA THR DA 556 -17.17 -41.47 -173.36
C THR DA 556 -15.85 -42.14 -173.69
N GLN DA 557 -14.79 -41.35 -173.88
CA GLN DA 557 -13.47 -41.93 -174.14
C GLN DA 557 -13.00 -42.77 -172.97
N VAL DA 558 -13.20 -42.28 -171.74
CA VAL DA 558 -12.78 -43.03 -170.56
C VAL DA 558 -13.55 -44.34 -170.46
N PHE DA 559 -14.88 -44.28 -170.61
CA PHE DA 559 -15.70 -45.48 -170.50
C PHE DA 559 -15.48 -46.44 -171.66
N ARG DA 560 -14.97 -45.96 -172.79
CA ARG DA 560 -14.70 -46.83 -173.93
C ARG DA 560 -13.32 -47.48 -173.85
N GLU DA 561 -12.33 -46.76 -173.32
CA GLU DA 561 -10.98 -47.31 -173.21
C GLU DA 561 -10.71 -47.95 -171.85
N GLU DA 562 -11.68 -47.92 -170.93
CA GLU DA 562 -11.51 -48.54 -169.63
C GLU DA 562 -12.65 -49.44 -169.20
N TYR DA 563 -13.76 -49.47 -169.95
CA TYR DA 563 -14.90 -50.29 -169.56
C TYR DA 563 -15.50 -51.01 -170.76
N LEU DA 564 -15.77 -50.27 -171.83
CA LEU DA 564 -16.47 -50.85 -172.98
C LEU DA 564 -15.59 -51.84 -173.73
N LEU DA 565 -14.34 -51.45 -174.01
CA LEU DA 565 -13.44 -52.34 -174.74
C LEU DA 565 -12.99 -53.53 -173.90
N LYS DA 566 -13.21 -53.49 -172.59
CA LYS DA 566 -12.83 -54.59 -171.71
C LYS DA 566 -13.97 -55.58 -171.48
N GLN DA 567 -15.23 -55.14 -171.60
CA GLN DA 567 -16.35 -56.05 -171.42
C GLN DA 567 -16.68 -56.82 -172.70
N ASP DA 568 -16.35 -56.26 -173.87
CA ASP DA 568 -16.60 -56.97 -175.11
C ASP DA 568 -15.65 -58.15 -175.29
N LEU DA 569 -14.42 -58.03 -174.78
CA LEU DA 569 -13.46 -59.12 -174.87
C LEU DA 569 -13.69 -60.19 -173.82
N ALA DA 570 -14.38 -59.86 -172.72
CA ALA DA 570 -14.61 -60.84 -171.68
C ALA DA 570 -15.66 -61.87 -172.11
N ASN DA 571 -16.70 -61.42 -172.81
CA ASN DA 571 -17.74 -62.35 -173.26
C ASN DA 571 -17.21 -63.30 -174.33
N GLU DA 572 -16.28 -62.84 -175.17
CA GLU DA 572 -15.71 -63.72 -176.20
C GLU DA 572 -14.91 -64.85 -175.56
N GLU DA 573 -14.19 -64.55 -174.47
CA GLU DA 573 -13.46 -65.60 -173.77
C GLU DA 573 -14.40 -66.65 -173.20
N ILE DA 574 -15.52 -66.21 -172.63
CA ILE DA 574 -16.51 -67.16 -172.10
C ILE DA 574 -17.11 -67.99 -173.22
N GLN DA 575 -17.42 -67.36 -174.35
CA GLN DA 575 -17.98 -68.09 -175.48
C GLN DA 575 -16.98 -69.10 -176.05
N ARG DA 576 -15.69 -68.78 -176.02
CA ARG DA 576 -14.69 -69.71 -176.50
C ARG DA 576 -14.42 -70.84 -175.50
N ARG DA 577 -14.55 -70.56 -174.21
CA ARG DA 577 -14.32 -71.58 -173.18
C ARG DA 577 -15.50 -72.51 -172.99
N VAL DA 578 -16.72 -72.06 -173.32
CA VAL DA 578 -17.89 -72.92 -173.16
C VAL DA 578 -17.77 -74.15 -174.04
N LYS DA 579 -17.34 -73.98 -175.29
CA LYS DA 579 -17.21 -75.12 -176.20
C LYS DA 579 -16.13 -76.09 -175.71
N LEU DA 580 -15.01 -75.56 -175.22
CA LEU DA 580 -13.95 -76.42 -174.71
C LEU DA 580 -14.42 -77.21 -173.48
N LEU DA 581 -15.15 -76.55 -172.57
CA LEU DA 581 -15.66 -77.24 -171.40
C LEU DA 581 -16.71 -78.28 -171.78
N ILE DA 582 -17.52 -78.00 -172.80
CA ILE DA 582 -18.51 -78.96 -173.26
C ILE DA 582 -17.81 -80.18 -173.86
N ALA DA 583 -16.76 -79.96 -174.66
CA ALA DA 583 -16.01 -81.08 -175.21
C ALA DA 583 -15.34 -81.90 -174.12
N GLN DA 584 -14.79 -81.23 -173.10
CA GLN DA 584 -14.18 -81.95 -171.99
C GLN DA 584 -15.21 -82.78 -171.22
N LYS DA 585 -16.39 -82.21 -170.98
CA LYS DA 585 -17.45 -82.95 -170.30
C LYS DA 585 -17.90 -84.14 -171.14
N GLU DA 586 -17.97 -83.97 -172.46
CA GLU DA 586 -18.38 -85.07 -173.33
C GLU DA 586 -17.35 -86.19 -173.32
N LYS DA 587 -16.06 -85.86 -173.40
CA LYS DA 587 -15.04 -86.90 -173.34
C LYS DA 587 -14.99 -87.56 -171.97
N GLN DA 588 -15.26 -86.82 -170.90
CA GLN DA 588 -15.31 -87.42 -169.57
C GLN DA 588 -16.51 -88.36 -169.45
N LEU DA 589 -17.64 -87.99 -170.03
CA LEU DA 589 -18.81 -88.88 -170.02
C LEU DA 589 -18.55 -90.13 -170.85
N GLU DA 590 -17.83 -89.99 -171.97
CA GLU DA 590 -17.49 -91.16 -172.77
C GLU DA 590 -16.55 -92.09 -172.01
N ASP DA 591 -15.54 -91.52 -171.33
CA ASP DA 591 -14.66 -92.34 -170.51
C ASP DA 591 -15.42 -93.01 -169.37
N LEU DA 592 -16.40 -92.30 -168.79
CA LEU DA 592 -17.17 -92.89 -167.69
C LEU DA 592 -18.06 -94.02 -168.20
N ARG DA 593 -18.60 -93.89 -169.41
CA ARG DA 593 -19.38 -94.98 -169.98
C ARG DA 593 -18.49 -96.19 -170.30
N TYR DA 594 -17.29 -95.93 -170.83
CA TYR DA 594 -16.34 -97.01 -171.05
C TYR DA 594 -15.99 -97.70 -169.74
N CYS DA 595 -15.88 -96.93 -168.65
CA CYS DA 595 -15.59 -97.53 -167.36
C CYS DA 595 -16.78 -98.31 -166.81
N ARG DA 596 -18.00 -97.83 -167.07
CA ARG DA 596 -19.19 -98.54 -166.63
C ARG DA 596 -19.38 -99.85 -167.40
N GLU DA 597 -18.84 -99.91 -168.62
CA GLU DA 597 -18.84 -101.18 -169.34
C GLU DA 597 -17.71 -102.10 -168.85
N GLU DA 598 -16.52 -101.52 -168.61
CA GLU DA 598 -15.41 -102.31 -168.12
C GLU DA 598 -15.69 -102.89 -166.73
N ARG DA 599 -16.48 -102.19 -165.91
CA ARG DA 599 -16.80 -102.71 -164.59
C ARG DA 599 -17.71 -103.93 -164.69
N LYS DA 600 -18.62 -103.94 -165.66
CA LYS DA 600 -19.46 -105.12 -165.88
C LYS DA 600 -18.63 -106.27 -166.42
N SER DA 601 -17.72 -105.99 -167.35
CA SER DA 601 -16.82 -107.03 -167.85
C SER DA 601 -16.00 -107.63 -166.71
N LEU DA 602 -15.46 -106.77 -165.85
CA LEU DA 602 -14.67 -107.23 -164.72
C LEU DA 602 -15.52 -107.99 -163.72
N THR DA 603 -16.79 -107.61 -163.53
CA THR DA 603 -17.66 -108.35 -162.63
C THR DA 603 -17.96 -109.74 -163.18
N GLU DA 604 -18.17 -109.85 -164.50
CA GLU DA 604 -18.37 -111.16 -165.10
C GLU DA 604 -17.13 -112.04 -164.97
N THR DA 605 -15.95 -111.46 -165.24
CA THR DA 605 -14.72 -112.23 -165.10
C THR DA 605 -14.48 -112.61 -163.64
N ALA DA 606 -14.87 -111.75 -162.71
CA ALA DA 606 -14.70 -112.06 -161.29
C ALA DA 606 -15.66 -113.15 -160.84
N GLU DA 607 -16.87 -113.17 -161.39
CA GLU DA 607 -17.79 -114.27 -161.09
C GLU DA 607 -17.26 -115.59 -161.62
N ARG DA 608 -16.73 -115.58 -162.85
CA ARG DA 608 -16.13 -116.79 -163.39
C ARG DA 608 -14.93 -117.24 -162.56
N LEU DA 609 -14.10 -116.29 -162.13
CA LEU DA 609 -12.94 -116.62 -161.31
C LEU DA 609 -13.37 -117.14 -159.94
N ALA DA 610 -14.47 -116.63 -159.40
CA ALA DA 610 -14.97 -117.12 -158.12
C ALA DA 610 -15.50 -118.53 -158.25
N GLU DA 611 -16.19 -118.84 -159.35
CA GLU DA 611 -16.62 -120.20 -159.60
C GLU DA 611 -15.43 -121.15 -159.72
N LYS DA 612 -14.40 -120.72 -160.47
CA LYS DA 612 -13.19 -121.55 -160.60
C LYS DA 612 -12.50 -121.74 -159.26
N PHE DA 613 -12.48 -120.69 -158.42
CA PHE DA 613 -11.85 -120.79 -157.11
C PHE DA 613 -12.63 -121.71 -156.20
N GLU DA 614 -13.97 -121.69 -156.28
CA GLU DA 614 -14.77 -122.62 -155.50
C GLU DA 614 -14.52 -124.06 -155.92
N GLU DA 615 -14.42 -124.29 -157.25
CA GLU DA 615 -14.10 -125.64 -157.72
C GLU DA 615 -12.72 -126.08 -157.25
N ALA DA 616 -11.74 -125.18 -157.31
CA ALA DA 616 -10.39 -125.53 -156.86
C ALA DA 616 -10.36 -125.79 -155.36
N LYS DA 617 -11.14 -125.04 -154.59
CA LYS DA 617 -11.19 -125.27 -153.14
C LYS DA 617 -11.86 -126.60 -152.83
N GLU DA 618 -12.91 -126.95 -153.57
CA GLU DA 618 -13.54 -128.25 -153.38
C GLU DA 618 -12.56 -129.38 -153.71
N LYS DA 619 -11.79 -129.23 -154.79
CA LYS DA 619 -10.80 -130.24 -155.14
C LYS DA 619 -9.71 -130.33 -154.08
N GLN DA 620 -9.29 -129.19 -153.55
CA GLN DA 620 -8.26 -129.18 -152.50
C GLN DA 620 -8.78 -129.86 -151.24
N GLU DA 621 -10.03 -129.62 -150.86
CA GLU DA 621 -10.61 -130.28 -149.70
C GLU DA 621 -10.72 -131.78 -149.92
N ASP DA 622 -11.13 -132.19 -151.12
CA ASP DA 622 -11.24 -133.62 -151.42
C ASP DA 622 -9.86 -134.29 -151.39
N LEU DA 623 -8.81 -133.58 -151.82
CA LEU DA 623 -7.47 -134.14 -151.77
C LEU DA 623 -6.91 -134.17 -150.36
N ILE DA 624 -7.26 -133.18 -149.54
CA ILE DA 624 -6.76 -133.13 -148.17
C ILE DA 624 -7.45 -134.20 -147.32
N ASN DA 625 -8.73 -134.46 -147.59
CA ASN DA 625 -9.46 -135.48 -146.84
C ASN DA 625 -8.87 -136.88 -147.02
N ARG DA 626 -8.04 -137.08 -148.04
CA ARG DA 626 -7.38 -138.36 -148.26
C ARG DA 626 -5.92 -138.37 -147.81
N LEU DA 627 -5.26 -137.22 -147.78
CA LEU DA 627 -3.85 -137.17 -147.40
C LEU DA 627 -3.68 -137.33 -145.90
N LYS DA 628 -4.64 -136.86 -145.10
CA LYS DA 628 -4.53 -136.93 -143.66
C LYS DA 628 -4.55 -138.36 -143.14
N ARG DA 629 -5.15 -139.29 -143.89
CA ARG DA 629 -5.22 -140.69 -143.48
C ARG DA 629 -4.08 -141.53 -144.03
N ILE DA 630 -3.24 -140.97 -144.89
CA ILE DA 630 -2.13 -141.71 -145.49
C ILE DA 630 -0.83 -141.48 -144.73
N LEU DA 631 -0.53 -140.23 -144.38
CA LEU DA 631 0.70 -139.92 -143.68
C LEU DA 631 0.70 -140.45 -142.24
N ARG DA 632 -0.48 -140.72 -141.67
CA ARG DA 632 -0.53 -141.24 -140.31
C ARG DA 632 -0.12 -142.72 -140.27
N SER DA 633 -0.53 -143.50 -141.28
CA SER DA 633 -0.17 -144.90 -141.32
C SER DA 633 1.25 -145.14 -141.82
N PHE DA 634 1.85 -144.16 -142.49
CA PHE DA 634 3.21 -144.33 -142.99
C PHE DA 634 4.25 -144.21 -141.88
N HIS DA 635 3.99 -143.37 -140.87
CA HIS DA 635 4.92 -143.20 -139.77
C HIS DA 635 4.89 -144.36 -138.78
N THR DA 636 3.88 -145.22 -138.84
CA THR DA 636 3.80 -146.34 -137.92
C THR DA 636 4.76 -147.46 -138.29
N GLN DA 637 5.01 -147.65 -139.59
CA GLN DA 637 5.93 -148.69 -140.06
C GLN DA 637 7.38 -148.24 -140.06
N LEU DA 638 7.65 -146.98 -139.75
CA LEU DA 638 9.02 -146.50 -139.71
C LEU DA 638 9.75 -147.05 -138.48
N PRO DA 639 11.03 -147.39 -138.61
CA PRO DA 639 11.77 -147.95 -137.47
C PRO DA 639 12.23 -146.93 -136.45
N VAL DA 640 11.97 -145.64 -136.65
CA VAL DA 640 12.35 -144.59 -135.72
C VAL DA 640 11.10 -144.14 -134.99
N LEU DA 641 11.14 -144.19 -133.66
CA LEU DA 641 10.01 -143.77 -132.83
C LEU DA 641 10.50 -143.11 -131.55
N SER DA 642 11.59 -143.63 -130.99
CA SER DA 642 12.18 -143.12 -129.75
C SER DA 642 11.14 -143.23 -128.63
N GLU DA 643 11.16 -142.30 -127.68
CA GLU DA 643 10.22 -142.29 -126.56
C GLU DA 643 9.13 -141.25 -126.71
N SER DA 644 9.15 -140.47 -127.78
CA SER DA 644 8.14 -139.43 -128.00
C SER DA 644 6.84 -139.98 -128.56
N GLU DA 645 6.79 -141.26 -128.93
CA GLU DA 645 5.60 -141.87 -129.49
C GLU DA 645 4.93 -142.86 -128.55
N ARG DA 646 5.71 -143.55 -127.70
CA ARG DA 646 5.12 -144.51 -126.78
C ARG DA 646 4.36 -143.81 -125.66
N ASP DA 647 4.95 -142.78 -125.06
CA ASP DA 647 4.30 -142.03 -123.98
C ASP DA 647 3.36 -140.99 -124.59
N MET DA 648 2.19 -141.46 -124.98
CA MET DA 648 1.19 -140.59 -125.58
C MET DA 648 -0.21 -140.93 -125.08
N LYS DA 649 -0.43 -142.18 -124.68
CA LYS DA 649 -1.76 -142.59 -124.23
C LYS DA 649 -2.12 -141.94 -122.90
N LYS DA 650 -1.18 -141.91 -121.96
CA LYS DA 650 -1.44 -141.27 -120.67
C LYS DA 650 -1.66 -139.78 -120.84
N GLU DA 651 -0.87 -139.13 -121.69
CA GLU DA 651 -1.04 -137.70 -121.94
C GLU DA 651 -2.39 -137.42 -122.59
N LEU DA 652 -2.81 -138.28 -123.52
CA LEU DA 652 -4.08 -138.07 -124.19
C LEU DA 652 -5.26 -138.28 -123.23
N GLN DA 653 -5.16 -139.27 -122.35
CA GLN DA 653 -6.20 -139.46 -121.34
C GLN DA 653 -6.25 -138.29 -120.37
N ALA DA 654 -5.08 -137.78 -119.98
CA ALA DA 654 -5.04 -136.60 -119.10
C ALA DA 654 -5.67 -135.39 -119.79
N THR DA 655 -5.39 -135.20 -121.07
CA THR DA 655 -6.01 -134.09 -121.80
C THR DA 655 -7.51 -134.28 -121.95
N ASN DA 656 -7.97 -135.54 -122.09
CA ASN DA 656 -9.40 -135.80 -122.16
C ASN DA 656 -10.08 -135.44 -120.84
N GLN DA 657 -9.50 -135.88 -119.72
CA GLN DA 657 -10.06 -135.53 -118.41
C GLN DA 657 -10.03 -134.02 -118.19
N GLN DA 658 -8.96 -133.36 -118.63
CA GLN DA 658 -8.87 -131.91 -118.50
C GLN DA 658 -9.94 -131.22 -119.33
N LEU DA 659 -10.18 -131.70 -120.55
CA LEU DA 659 -11.22 -131.10 -121.39
C LEU DA 659 -12.60 -131.31 -120.78
N GLN DA 660 -12.85 -132.48 -120.19
CA GLN DA 660 -14.14 -132.73 -119.55
C GLN DA 660 -14.35 -131.80 -118.36
N GLN DA 661 -13.34 -131.69 -117.48
CA GLN DA 661 -13.47 -130.81 -116.33
C GLN DA 661 -13.55 -129.34 -116.75
N LEU DA 662 -12.91 -128.98 -117.86
CA LEU DA 662 -12.97 -127.60 -118.33
C LEU DA 662 -14.34 -127.29 -118.93
N GLY DA 663 -14.95 -128.27 -119.60
CA GLY DA 663 -16.32 -128.09 -120.07
C GLY DA 663 -17.30 -127.96 -118.91
N ASN DA 664 -17.10 -128.76 -117.86
CA ASN DA 664 -17.93 -128.60 -116.66
C ASN DA 664 -17.76 -127.23 -116.04
N SER DA 665 -16.51 -126.75 -115.94
CA SER DA 665 -16.26 -125.42 -115.41
C SER DA 665 -16.85 -124.33 -116.30
N ILE DA 666 -16.87 -124.55 -117.61
CA ILE DA 666 -17.45 -123.57 -118.53
C ILE DA 666 -18.97 -123.51 -118.34
N ASN DA 667 -19.60 -124.67 -118.17
CA ASN DA 667 -21.03 -124.68 -117.88
C ASN DA 667 -21.34 -123.99 -116.57
N GLN DA 668 -20.52 -124.24 -115.54
CA GLN DA 668 -20.72 -123.56 -114.26
C GLN DA 668 -20.53 -122.06 -114.40
N VAL DA 669 -19.55 -121.63 -115.19
CA VAL DA 669 -19.30 -120.21 -115.40
C VAL DA 669 -20.47 -119.57 -116.12
N ASN DA 670 -21.03 -120.27 -117.12
CA ASN DA 670 -22.19 -119.74 -117.84
C ASN DA 670 -23.39 -119.61 -116.91
N ARG DA 671 -23.59 -120.59 -116.02
CA ARG DA 671 -24.68 -120.50 -115.05
C ARG DA 671 -24.47 -119.33 -114.10
N LYS DA 672 -23.25 -119.16 -113.61
CA LYS DA 672 -22.96 -118.05 -112.70
C LYS DA 672 -23.15 -116.71 -113.39
N MET DA 673 -22.79 -116.62 -114.67
CA MET DA 673 -22.99 -115.38 -115.41
C MET DA 673 -24.48 -115.10 -115.62
N SER DA 674 -25.25 -116.14 -115.97
CA SER DA 674 -26.69 -115.96 -116.13
C SER DA 674 -27.35 -115.55 -114.82
N TYR DA 675 -26.82 -116.00 -113.69
CA TYR DA 675 -27.36 -115.59 -112.40
C TYR DA 675 -26.97 -114.16 -112.06
N GLN DA 676 -25.70 -113.80 -112.29
CA GLN DA 676 -25.20 -112.48 -111.93
C GLN DA 676 -25.61 -111.40 -112.93
N GLU DA 677 -26.21 -111.76 -114.06
CA GLU DA 677 -26.67 -110.76 -115.02
C GLU DA 677 -27.72 -109.84 -114.41
N LYS DA 678 -28.45 -110.29 -113.40
CA LYS DA 678 -29.46 -109.47 -112.74
C LYS DA 678 -28.95 -108.80 -111.46
N GLN DA 679 -27.96 -109.40 -110.79
CA GLN DA 679 -27.46 -108.82 -109.55
C GLN DA 679 -26.62 -107.57 -109.82
N MET DA 680 -25.93 -107.52 -110.95
CA MET DA 680 -25.09 -106.37 -111.27
C MET DA 680 -25.92 -105.14 -111.65
N GLU DA 681 -27.16 -105.33 -112.08
CA GLU DA 681 -28.00 -104.21 -112.48
C GLU DA 681 -28.64 -103.50 -111.29
N LYS DA 682 -28.65 -104.11 -110.12
CA LYS DA 682 -29.24 -103.51 -108.93
C LYS DA 682 -28.24 -102.79 -108.04
N GLY DA 683 -26.94 -103.02 -108.25
CA GLY DA 683 -25.92 -102.38 -107.44
C GLY DA 683 -25.68 -103.06 -106.11
N GLU EA 694 -23.32 -14.50 -189.51
CA GLU EA 694 -24.46 -13.59 -189.54
C GLU EA 694 -24.42 -12.64 -188.34
N ASN EA 695 -25.07 -13.05 -187.24
CA ASN EA 695 -25.11 -12.24 -186.03
C ASN EA 695 -25.20 -13.13 -184.79
N GLN EA 696 -26.20 -12.88 -183.95
CA GLN EA 696 -26.38 -13.68 -182.74
C GLN EA 696 -26.92 -15.08 -183.04
N ALA EA 697 -27.42 -15.33 -184.25
CA ALA EA 697 -27.94 -16.64 -184.58
C ALA EA 697 -26.84 -17.68 -184.75
N LYS EA 698 -25.59 -17.25 -184.93
CA LYS EA 698 -24.50 -18.20 -185.08
C LYS EA 698 -24.27 -18.99 -183.79
N VAL EA 699 -24.35 -18.32 -182.63
CA VAL EA 699 -24.18 -19.03 -181.37
C VAL EA 699 -25.32 -20.02 -181.15
N THR EA 700 -26.55 -19.63 -181.52
CA THR EA 700 -27.68 -20.54 -181.39
C THR EA 700 -27.53 -21.74 -182.30
N LYS EA 701 -27.07 -21.54 -183.53
CA LYS EA 701 -26.85 -22.65 -184.44
C LYS EA 701 -25.75 -23.57 -183.93
N GLU EA 702 -24.67 -23.00 -183.38
CA GLU EA 702 -23.60 -23.82 -182.81
C GLU EA 702 -24.10 -24.64 -181.63
N SER EA 703 -24.91 -24.02 -180.76
CA SER EA 703 -25.47 -24.75 -179.62
C SER EA 703 -26.40 -25.86 -180.09
N ASP EA 704 -27.20 -25.60 -181.11
CA ASP EA 704 -28.09 -26.64 -181.64
C ASP EA 704 -27.30 -27.80 -182.24
N SER EA 705 -26.22 -27.48 -182.96
CA SER EA 705 -25.38 -28.54 -183.53
C SER EA 705 -24.70 -29.34 -182.42
N ILE EA 706 -24.25 -28.67 -181.36
CA ILE EA 706 -23.63 -29.37 -180.24
C ILE EA 706 -24.64 -30.29 -179.56
N LEU EA 707 -25.87 -29.80 -179.37
CA LEU EA 707 -26.90 -30.63 -178.76
C LEU EA 707 -27.25 -31.82 -179.64
N ASN EA 708 -27.29 -31.62 -180.96
CA ASN EA 708 -27.57 -32.72 -181.87
C ASN EA 708 -26.45 -33.77 -181.81
N GLY EA 709 -25.19 -33.33 -181.77
CA GLY EA 709 -24.10 -34.27 -181.63
C GLY EA 709 -24.13 -35.01 -180.31
N ILE EA 710 -24.51 -34.32 -179.23
CA ILE EA 710 -24.63 -34.96 -177.92
C ILE EA 710 -25.72 -36.02 -177.96
N ARG EA 711 -26.86 -35.70 -178.56
CA ARG EA 711 -27.95 -36.68 -178.65
C ARG EA 711 -27.54 -37.86 -179.52
N GLU EA 712 -26.81 -37.62 -180.61
CA GLU EA 712 -26.35 -38.71 -181.45
C GLU EA 712 -25.38 -39.62 -180.70
N GLU EA 713 -24.45 -39.03 -179.94
CA GLU EA 713 -23.51 -39.83 -179.16
C GLU EA 713 -24.25 -40.63 -178.09
N ILE EA 714 -25.25 -40.03 -177.45
CA ILE EA 714 -26.02 -40.73 -176.44
C ILE EA 714 -26.77 -41.90 -177.05
N ALA EA 715 -27.37 -41.70 -178.23
CA ALA EA 715 -28.07 -42.77 -178.91
C ALA EA 715 -27.13 -43.88 -179.31
N HIS EA 716 -25.94 -43.54 -179.80
CA HIS EA 716 -24.96 -44.55 -180.17
C HIS EA 716 -24.51 -45.36 -178.97
N PHE EA 717 -24.26 -44.67 -177.84
CA PHE EA 717 -23.87 -45.38 -176.62
C PHE EA 717 -24.98 -46.29 -176.12
N GLN EA 718 -26.23 -45.83 -176.20
CA GLN EA 718 -27.35 -46.65 -175.78
C GLN EA 718 -27.50 -47.88 -176.69
N LYS EA 719 -27.30 -47.70 -177.99
CA LYS EA 719 -27.36 -48.84 -178.91
C LYS EA 719 -26.24 -49.84 -178.62
N GLU EA 720 -25.04 -49.34 -178.34
CA GLU EA 720 -23.93 -50.23 -178.01
C GLU EA 720 -24.21 -50.99 -176.72
N LEU EA 721 -24.76 -50.31 -175.71
CA LEU EA 721 -25.09 -50.98 -174.46
C LEU EA 721 -26.18 -52.03 -174.67
N ASP EA 722 -27.18 -51.71 -175.49
CA ASP EA 722 -28.24 -52.68 -175.76
C ASP EA 722 -27.69 -53.90 -176.50
N ASP EA 723 -26.78 -53.68 -177.46
CA ASP EA 723 -26.18 -54.80 -178.17
C ASP EA 723 -25.34 -55.65 -177.23
N LEU EA 724 -24.58 -55.02 -176.34
CA LEU EA 724 -23.78 -55.77 -175.38
C LEU EA 724 -24.66 -56.58 -174.43
N LYS EA 725 -25.76 -55.99 -173.97
CA LYS EA 725 -26.68 -56.71 -173.10
C LYS EA 725 -27.33 -57.88 -173.81
N ALA EA 726 -27.70 -57.70 -175.09
CA ALA EA 726 -28.28 -58.78 -175.86
C ALA EA 726 -27.28 -59.91 -176.06
N ARG EA 727 -26.01 -59.56 -176.34
CA ARG EA 727 -24.99 -60.58 -176.50
C ARG EA 727 -24.75 -61.34 -175.19
N THR EA 728 -24.73 -60.61 -174.07
CA THR EA 728 -24.54 -61.25 -172.78
C THR EA 728 -25.71 -62.18 -172.43
N SER EA 729 -26.94 -61.77 -172.78
CA SER EA 729 -28.09 -62.63 -172.51
C SER EA 729 -28.12 -63.84 -173.43
N ARG EA 730 -27.65 -63.69 -174.67
CA ARG EA 730 -27.61 -64.82 -175.59
C ARG EA 730 -26.49 -65.79 -175.26
N ALA EA 731 -25.39 -65.31 -174.68
CA ALA EA 731 -24.30 -66.18 -174.30
C ALA EA 731 -24.72 -67.11 -173.17
N CYS EA 732 -24.16 -68.32 -173.17
CA CYS EA 732 -24.49 -69.30 -172.16
C CYS EA 732 -23.87 -68.92 -170.81
N PHE EA 733 -24.68 -68.98 -169.76
CA PHE EA 733 -24.19 -68.65 -168.43
C PHE EA 733 -23.41 -69.80 -167.81
N GLN EA 734 -24.00 -71.00 -167.80
CA GLN EA 734 -23.35 -72.18 -167.24
C GLN EA 734 -22.58 -72.92 -168.32
N VAL EA 735 -22.49 -74.25 -168.17
CA VAL EA 735 -21.78 -75.08 -169.14
C VAL EA 735 -22.72 -76.15 -169.68
N GLY EA 736 -23.27 -76.97 -168.78
CA GLY EA 736 -24.18 -78.01 -169.18
C GLY EA 736 -25.49 -78.00 -168.41
N SER EA 737 -25.51 -78.66 -167.25
CA SER EA 737 -26.70 -78.71 -166.42
C SER EA 737 -26.28 -78.80 -164.97
N GLU EA 738 -27.24 -78.51 -164.08
CA GLU EA 738 -26.98 -78.55 -162.65
C GLU EA 738 -27.09 -79.95 -162.07
N GLU EA 739 -27.50 -80.94 -162.86
CA GLU EA 739 -27.64 -82.31 -162.39
C GLU EA 739 -26.48 -83.21 -162.82
N GLU EA 740 -25.98 -83.03 -164.05
CA GLU EA 740 -24.88 -83.86 -164.51
C GLU EA 740 -23.60 -83.61 -163.74
N LYS EA 741 -23.40 -82.37 -163.26
CA LYS EA 741 -22.21 -82.05 -162.48
C LYS EA 741 -22.09 -82.91 -161.23
N ARG EA 742 -23.23 -83.24 -160.61
CA ARG EA 742 -23.24 -84.13 -159.46
C ARG EA 742 -23.38 -85.59 -159.87
N GLN EA 743 -24.04 -85.87 -161.00
CA GLN EA 743 -24.18 -87.24 -161.45
C GLN EA 743 -22.83 -87.85 -161.80
N LEU EA 744 -21.97 -87.09 -162.48
CA LEU EA 744 -20.64 -87.60 -162.82
C LEU EA 744 -19.82 -87.87 -161.57
N ARG EA 745 -19.90 -86.97 -160.57
CA ARG EA 745 -19.16 -87.18 -159.34
C ARG EA 745 -19.66 -88.40 -158.58
N THR EA 746 -20.98 -88.59 -158.52
CA THR EA 746 -21.52 -89.77 -157.84
C THR EA 746 -21.14 -91.05 -158.57
N GLU EA 747 -21.14 -91.02 -159.91
CA GLU EA 747 -20.74 -92.20 -160.67
C GLU EA 747 -19.27 -92.52 -160.44
N SER EA 748 -18.41 -91.49 -160.41
CA SER EA 748 -16.99 -91.72 -160.15
C SER EA 748 -16.76 -92.26 -158.75
N ASP EA 749 -17.50 -91.74 -157.76
CA ASP EA 749 -17.37 -92.24 -156.40
C ASP EA 749 -17.83 -93.69 -156.30
N GLY EA 750 -18.94 -94.03 -156.96
CA GLY EA 750 -19.39 -95.42 -156.97
C GLY EA 750 -18.41 -96.35 -157.65
N LEU EA 751 -17.81 -95.88 -158.75
CA LEU EA 751 -16.80 -96.69 -159.43
C LEU EA 751 -15.58 -96.90 -158.56
N HIS EA 752 -15.15 -95.85 -157.85
CA HIS EA 752 -14.00 -95.99 -156.96
C HIS EA 752 -14.30 -96.94 -155.81
N SER EA 753 -15.51 -96.87 -155.25
CA SER EA 753 -15.88 -97.78 -154.18
C SER EA 753 -15.93 -99.23 -154.68
N PHE EA 754 -16.50 -99.43 -155.88
CA PHE EA 754 -16.54 -100.78 -156.44
C PHE EA 754 -15.14 -101.31 -156.72
N PHE EA 755 -14.23 -100.44 -157.17
CA PHE EA 755 -12.87 -100.88 -157.43
C PHE EA 755 -12.13 -101.20 -156.14
N LEU EA 756 -12.38 -100.43 -155.08
CA LEU EA 756 -11.78 -100.75 -153.78
C LEU EA 756 -12.31 -102.08 -153.25
N GLU EA 757 -13.62 -102.33 -153.40
CA GLU EA 757 -14.18 -103.60 -152.98
C GLU EA 757 -13.60 -104.76 -153.79
N ILE EA 758 -13.43 -104.56 -155.10
CA ILE EA 758 -12.88 -105.62 -155.93
C ILE EA 758 -11.40 -105.83 -155.62
N LYS EA 759 -10.70 -104.79 -155.19
CA LYS EA 759 -9.30 -104.96 -154.79
C LYS EA 759 -9.18 -105.71 -153.48
N GLU EA 760 -10.09 -105.44 -152.54
CA GLU EA 760 -10.11 -106.22 -151.30
C GLU EA 760 -10.44 -107.69 -151.59
N THR EA 761 -11.42 -107.93 -152.46
CA THR EA 761 -11.74 -109.30 -152.85
C THR EA 761 -10.56 -109.96 -153.56
N THR EA 762 -9.82 -109.19 -154.35
CA THR EA 762 -8.63 -109.71 -155.01
C THR EA 762 -7.57 -110.12 -154.00
N GLU EA 763 -7.33 -109.26 -153.00
CA GLU EA 763 -6.36 -109.60 -151.96
C GLU EA 763 -6.78 -110.86 -151.22
N SER EA 764 -8.07 -110.97 -150.89
CA SER EA 764 -8.54 -112.17 -150.20
C SER EA 764 -8.38 -113.42 -151.06
N LEU EA 765 -8.72 -113.32 -152.35
CA LEU EA 765 -8.62 -114.47 -153.24
C LEU EA 765 -7.16 -114.87 -153.45
N ARG EA 766 -6.24 -113.90 -153.52
CA ARG EA 766 -4.83 -114.23 -153.70
C ARG EA 766 -4.26 -114.86 -152.44
N GLY EA 767 -4.68 -114.39 -151.27
CA GLY EA 767 -4.30 -115.06 -150.03
C GLY EA 767 -4.81 -116.49 -149.97
N GLU EA 768 -6.06 -116.70 -150.41
CA GLU EA 768 -6.62 -118.05 -150.42
C GLU EA 768 -5.87 -118.94 -151.41
N PHE EA 769 -5.49 -118.39 -152.56
CA PHE EA 769 -4.73 -119.16 -153.55
C PHE EA 769 -3.35 -119.52 -153.02
N SER EA 770 -2.71 -118.59 -152.30
CA SER EA 770 -1.42 -118.91 -151.68
C SER EA 770 -1.56 -119.98 -150.63
N ALA EA 771 -2.63 -119.91 -149.83
CA ALA EA 771 -2.88 -120.96 -148.83
C ALA EA 771 -3.13 -122.31 -149.50
N MET EA 772 -3.84 -122.31 -150.63
CA MET EA 772 -4.07 -123.55 -151.36
C MET EA 772 -2.78 -124.11 -151.92
N LYS EA 773 -1.92 -123.26 -152.45
CA LYS EA 773 -0.62 -123.71 -152.94
C LYS EA 773 0.22 -124.29 -151.82
N ILE EA 774 0.18 -123.67 -150.64
CA ILE EA 774 0.92 -124.19 -149.50
C ILE EA 774 0.37 -125.55 -149.08
N LYS EA 775 -0.96 -125.68 -149.02
CA LYS EA 775 -1.58 -126.93 -148.64
C LYS EA 775 -1.39 -128.04 -149.67
N ASN EA 776 -1.14 -127.69 -150.93
CA ASN EA 776 -0.82 -128.68 -151.94
C ASN EA 776 0.66 -129.04 -151.99
N LEU EA 777 1.54 -128.14 -151.60
CA LEU EA 777 2.97 -128.39 -151.66
C LEU EA 777 3.56 -128.90 -150.35
N GLU EA 778 2.83 -128.79 -149.23
CA GLU EA 778 3.39 -129.25 -147.96
C GLU EA 778 3.57 -130.76 -147.94
N GLY EA 779 2.72 -131.51 -148.65
CA GLY EA 779 2.91 -132.95 -148.72
C GLY EA 779 4.19 -133.33 -149.43
N PHE EA 780 4.45 -132.70 -150.58
CA PHE EA 780 5.69 -132.95 -151.30
C PHE EA 780 6.90 -132.49 -150.47
N ALA EA 781 6.76 -131.38 -149.76
CA ALA EA 781 7.86 -130.91 -148.92
C ALA EA 781 8.17 -131.91 -147.81
N SER EA 782 7.13 -132.43 -147.16
CA SER EA 782 7.34 -133.41 -146.09
C SER EA 782 7.92 -134.71 -146.64
N ILE EA 783 7.48 -135.13 -147.82
CA ILE EA 783 8.02 -136.34 -148.44
C ILE EA 783 9.51 -136.15 -148.75
N GLU EA 784 9.86 -134.99 -149.31
CA GLU EA 784 11.26 -134.72 -149.62
C GLU EA 784 12.11 -134.65 -148.35
N ASP EA 785 11.55 -134.06 -147.29
CA ASP EA 785 12.28 -133.98 -146.03
C ASP EA 785 12.51 -135.37 -145.43
N VAL EA 786 11.48 -136.23 -145.49
CA VAL EA 786 11.63 -137.58 -144.97
C VAL EA 786 12.65 -138.36 -145.79
N GLN EA 787 12.63 -138.19 -147.11
CA GLN EA 787 13.61 -138.87 -147.95
C GLN EA 787 15.03 -138.39 -147.66
N GLN EA 788 15.20 -137.07 -147.49
CA GLN EA 788 16.52 -136.53 -147.17
C GLN EA 788 17.01 -137.02 -145.82
N ARG EA 789 16.12 -137.11 -144.84
CA ARG EA 789 16.50 -137.62 -143.53
C ARG EA 789 16.90 -139.08 -143.60
N ASN EA 790 16.13 -139.89 -144.34
CA ASN EA 790 16.47 -141.30 -144.48
C ASN EA 790 17.78 -141.50 -145.24
N LYS EA 791 18.10 -140.57 -146.15
CA LYS EA 791 19.35 -140.68 -146.90
C LYS EA 791 20.53 -140.24 -146.07
N LEU EA 792 20.36 -139.19 -145.26
CA LEU EA 792 21.46 -138.64 -144.47
C LEU EA 792 21.62 -139.31 -143.11
N LYS EA 793 20.71 -140.21 -142.73
CA LYS EA 793 20.89 -140.96 -141.49
C LYS EA 793 22.18 -141.76 -141.49
N GLN EA 794 22.55 -142.30 -142.66
CA GLN EA 794 23.80 -143.05 -142.78
C GLN EA 794 25.01 -142.15 -142.98
N ASP EA 795 24.81 -140.85 -143.14
CA ASP EA 795 25.91 -139.93 -143.34
C ASP EA 795 26.30 -139.25 -142.02
N PRO EA 796 27.60 -139.11 -141.75
CA PRO EA 796 28.03 -138.48 -140.49
C PRO EA 796 27.98 -136.96 -140.50
N LYS EA 797 27.49 -136.33 -141.57
CA LYS EA 797 27.41 -134.89 -141.67
C LYS EA 797 25.99 -134.38 -141.51
N TYR EA 798 25.18 -135.04 -140.68
CA TYR EA 798 23.79 -134.63 -140.47
C TYR EA 798 23.27 -135.17 -139.15
N LEU EA 799 24.17 -135.61 -138.27
CA LEU EA 799 23.74 -136.19 -137.01
C LEU EA 799 23.09 -135.15 -136.11
N GLN EA 800 23.69 -133.96 -136.01
CA GLN EA 800 23.13 -132.92 -135.15
C GLN EA 800 21.76 -132.48 -135.66
N LEU EA 801 21.63 -132.29 -136.97
CA LEU EA 801 20.35 -131.87 -137.53
C LEU EA 801 19.30 -132.97 -137.37
N LEU EA 802 19.70 -134.23 -137.52
CA LEU EA 802 18.76 -135.34 -137.33
C LEU EA 802 18.30 -135.43 -135.88
N TYR EA 803 19.21 -135.16 -134.93
CA TYR EA 803 18.82 -135.18 -133.52
C TYR EA 803 17.94 -134.00 -133.18
N LYS EA 804 18.16 -132.85 -133.81
CA LYS EA 804 17.34 -131.68 -133.55
C LYS EA 804 15.96 -131.80 -134.19
N LYS EA 805 15.86 -132.50 -135.30
CA LYS EA 805 14.58 -132.67 -135.96
C LYS EA 805 13.67 -133.56 -135.12
N PRO EA 806 12.38 -133.24 -135.03
CA PRO EA 806 11.47 -134.06 -134.23
C PRO EA 806 11.27 -135.44 -134.85
N LEU EA 807 11.02 -136.42 -133.99
CA LEU EA 807 10.76 -137.77 -134.46
C LEU EA 807 9.40 -137.85 -135.16
N ASP EA 808 8.34 -137.41 -134.50
CA ASP EA 808 7.01 -137.36 -135.08
C ASP EA 808 6.56 -135.90 -135.15
N PRO EA 809 6.78 -135.22 -136.28
CA PRO EA 809 6.45 -133.78 -136.33
C PRO EA 809 4.96 -133.50 -136.21
N LYS EA 810 4.13 -134.26 -136.92
CA LYS EA 810 2.68 -134.04 -136.84
C LYS EA 810 2.16 -134.29 -135.44
N SER EA 811 2.59 -135.39 -134.82
CA SER EA 811 2.13 -135.70 -133.47
C SER EA 811 2.62 -134.65 -132.46
N GLU EA 812 3.87 -134.19 -132.61
CA GLU EA 812 4.38 -133.18 -131.69
C GLU EA 812 3.65 -131.85 -131.86
N THR EA 813 3.36 -131.45 -133.10
CA THR EA 813 2.61 -130.22 -133.32
C THR EA 813 1.20 -130.33 -132.76
N GLN EA 814 0.55 -131.48 -132.95
CA GLN EA 814 -0.79 -131.68 -132.40
C GLN EA 814 -0.77 -131.62 -130.88
N MET EA 815 0.23 -132.26 -130.25
CA MET EA 815 0.34 -132.22 -128.80
C MET EA 815 0.59 -130.81 -128.30
N GLN EA 816 1.45 -130.05 -128.98
CA GLN EA 816 1.73 -128.67 -128.57
C GLN EA 816 0.49 -127.81 -128.68
N GLU EA 817 -0.24 -127.94 -129.80
CA GLU EA 817 -1.47 -127.16 -129.97
C GLU EA 817 -2.51 -127.52 -128.92
N ILE EA 818 -2.67 -128.82 -128.65
CA ILE EA 818 -3.65 -129.25 -127.66
C ILE EA 818 -3.28 -128.73 -126.28
N ARG EA 819 -2.00 -128.81 -125.92
CA ARG EA 819 -1.56 -128.33 -124.61
C ARG EA 819 -1.75 -126.82 -124.48
N ARG EA 820 -1.42 -126.07 -125.54
CA ARG EA 820 -1.59 -124.63 -125.50
C ARG EA 820 -3.06 -124.25 -125.35
N LEU EA 821 -3.94 -124.87 -126.15
CA LEU EA 821 -5.36 -124.57 -126.06
C LEU EA 821 -5.91 -124.95 -124.69
N ASN EA 822 -5.50 -126.11 -124.16
CA ASN EA 822 -5.99 -126.55 -122.85
C ASN EA 822 -5.53 -125.59 -121.75
N GLN EA 823 -4.27 -125.19 -121.77
CA GLN EA 823 -3.77 -124.26 -120.76
C GLN EA 823 -4.49 -122.92 -120.84
N TYR EA 824 -4.68 -122.40 -122.06
CA TYR EA 824 -5.38 -121.13 -122.22
C TYR EA 824 -6.81 -121.21 -121.70
N VAL EA 825 -7.54 -122.25 -122.11
CA VAL EA 825 -8.93 -122.41 -121.67
C VAL EA 825 -9.00 -122.57 -120.15
N LYS EA 826 -8.07 -123.35 -119.58
CA LYS EA 826 -8.08 -123.59 -118.15
C LYS EA 826 -7.83 -122.29 -117.38
N ASN EA 827 -6.80 -121.54 -117.78
CA ASN EA 827 -6.50 -120.28 -117.10
C ASN EA 827 -7.68 -119.32 -117.21
N ALA EA 828 -8.24 -119.17 -118.41
CA ALA EA 828 -9.35 -118.24 -118.60
C ALA EA 828 -10.55 -118.62 -117.75
N VAL EA 829 -10.97 -119.89 -117.84
CA VAL EA 829 -12.16 -120.31 -117.11
C VAL EA 829 -11.93 -120.28 -115.61
N GLN EA 830 -10.70 -120.53 -115.16
CA GLN EA 830 -10.43 -120.50 -113.72
C GLN EA 830 -10.46 -119.07 -113.20
N ASP EA 831 -9.86 -118.12 -113.92
CA ASP EA 831 -9.94 -116.73 -113.51
C ASP EA 831 -11.38 -116.24 -113.50
N VAL EA 832 -12.14 -116.60 -114.53
CA VAL EA 832 -13.54 -116.15 -114.61
C VAL EA 832 -14.36 -116.76 -113.49
N ASN EA 833 -14.13 -118.04 -113.17
CA ASN EA 833 -14.87 -118.68 -112.10
C ASN EA 833 -14.50 -118.09 -110.74
N ASP EA 834 -13.23 -117.76 -110.55
CA ASP EA 834 -12.83 -117.11 -109.30
C ASP EA 834 -13.49 -115.75 -109.15
N VAL EA 835 -13.50 -114.94 -110.22
CA VAL EA 835 -14.15 -113.64 -110.16
C VAL EA 835 -15.64 -113.78 -109.90
N LEU EA 836 -16.27 -114.77 -110.55
CA LEU EA 836 -17.70 -114.98 -110.36
C LEU EA 836 -18.02 -115.42 -108.94
N ASP EA 837 -17.20 -116.30 -108.36
CA ASP EA 837 -17.44 -116.73 -106.99
C ASP EA 837 -17.21 -115.59 -106.01
N LEU EA 838 -16.21 -114.74 -106.26
CA LEU EA 838 -15.99 -113.59 -105.41
C LEU EA 838 -17.18 -112.63 -105.46
N GLU EA 839 -17.70 -112.36 -106.67
CA GLU EA 839 -18.86 -111.50 -106.80
C GLU EA 839 -20.09 -112.13 -106.15
N TRP EA 840 -20.24 -113.44 -106.27
CA TRP EA 840 -21.34 -114.14 -105.63
C TRP EA 840 -21.30 -113.97 -104.12
N ASP EA 841 -20.14 -114.21 -103.52
CA ASP EA 841 -20.02 -114.07 -102.07
C ASP EA 841 -20.19 -112.63 -101.63
N GLN EA 842 -19.70 -111.68 -102.43
CA GLN EA 842 -19.88 -110.27 -102.11
C GLN EA 842 -21.35 -109.89 -102.09
N TYR EA 843 -22.09 -110.28 -103.13
CA TYR EA 843 -23.52 -109.97 -103.19
C TYR EA 843 -24.29 -110.70 -102.09
N LEU EA 844 -23.88 -111.93 -101.75
CA LEU EA 844 -24.54 -112.64 -100.66
C LEU EA 844 -24.33 -111.95 -99.33
N GLU EA 845 -23.09 -111.51 -99.05
CA GLU EA 845 -22.83 -110.80 -97.81
C GLU EA 845 -23.48 -109.43 -97.78
N GLU EA 846 -23.70 -108.83 -98.95
CA GLU EA 846 -24.37 -107.53 -99.00
C GLU EA 846 -25.87 -107.67 -98.81
N LYS EA 847 -26.47 -108.75 -99.31
CA LYS EA 847 -27.91 -108.94 -99.19
C LYS EA 847 -28.31 -109.61 -97.88
N GLN EA 848 -27.40 -110.32 -97.23
CA GLN EA 848 -27.72 -111.00 -95.97
C GLN EA 848 -26.54 -110.94 -95.00
N ALA FA 350 -33.24 -29.97 -179.35
CA ALA FA 350 -33.44 -31.20 -178.60
C ALA FA 350 -33.51 -30.91 -177.10
N THR FA 351 -33.23 -31.93 -176.29
CA THR FA 351 -33.26 -31.79 -174.84
C THR FA 351 -32.02 -31.05 -174.37
N ALA FA 352 -32.22 -30.02 -173.54
CA ALA FA 352 -31.11 -29.23 -173.02
C ALA FA 352 -30.41 -30.03 -171.92
N MET FA 353 -29.20 -30.50 -172.20
CA MET FA 353 -28.43 -31.26 -171.23
C MET FA 353 -27.87 -30.33 -170.16
N THR FA 354 -28.04 -30.71 -168.90
CA THR FA 354 -27.58 -29.94 -167.76
C THR FA 354 -26.68 -30.81 -166.88
N TYR FA 355 -26.17 -30.19 -165.82
CA TYR FA 355 -25.28 -30.92 -164.90
C TYR FA 355 -26.01 -32.06 -164.22
N ALA FA 356 -27.25 -31.84 -163.79
CA ALA FA 356 -28.01 -32.90 -163.14
C ALA FA 356 -28.30 -34.05 -164.09
N GLN FA 357 -28.66 -33.73 -165.35
CA GLN FA 357 -28.91 -34.79 -166.32
C GLN FA 357 -27.64 -35.57 -166.63
N LEU FA 358 -26.50 -34.89 -166.77
CA LEU FA 358 -25.24 -35.58 -167.01
C LEU FA 358 -24.87 -36.47 -165.83
N GLU FA 359 -25.07 -35.98 -164.60
CA GLU FA 359 -24.77 -36.79 -163.43
C GLU FA 359 -25.67 -38.02 -163.36
N ASN FA 360 -26.96 -37.85 -163.66
CA ASN FA 360 -27.87 -38.99 -163.66
C ASN FA 360 -27.50 -40.01 -164.72
N LEU FA 361 -27.11 -39.54 -165.91
CA LEU FA 361 -26.71 -40.46 -166.97
C LEU FA 361 -25.44 -41.21 -166.59
N ILE FA 362 -24.46 -40.51 -166.00
CA ILE FA 362 -23.23 -41.17 -165.58
C ILE FA 362 -23.51 -42.19 -164.49
N ASN FA 363 -24.41 -41.85 -163.56
CA ASN FA 363 -24.75 -42.79 -162.49
C ASN FA 363 -25.45 -44.02 -163.03
N LYS FA 364 -26.36 -43.83 -163.99
CA LYS FA 364 -27.04 -44.97 -164.60
C LYS FA 364 -26.05 -45.86 -165.36
N TRP FA 365 -25.13 -45.25 -166.10
CA TRP FA 365 -24.13 -46.01 -166.83
C TRP FA 365 -23.23 -46.78 -165.87
N SER FA 366 -22.84 -46.16 -164.75
CA SER FA 366 -22.01 -46.83 -163.76
C SER FA 366 -22.76 -47.99 -163.11
N LEU FA 367 -24.05 -47.81 -162.83
CA LEU FA 367 -24.84 -48.90 -162.26
C LEU FA 367 -24.95 -50.07 -163.24
N GLU FA 368 -25.16 -49.76 -164.52
CA GLU FA 368 -25.21 -50.83 -165.53
C GLU FA 368 -23.86 -51.53 -165.64
N LEU FA 369 -22.77 -50.77 -165.56
CA LEU FA 369 -21.44 -51.38 -165.61
C LEU FA 369 -21.22 -52.30 -164.43
N GLU FA 370 -21.64 -51.88 -163.23
CA GLU FA 370 -21.47 -52.71 -162.05
C GLU FA 370 -22.34 -53.97 -162.12
N ASP FA 371 -23.54 -53.84 -162.68
CA ASP FA 371 -24.39 -55.02 -162.87
C ASP FA 371 -23.75 -56.00 -163.85
N GLN FA 372 -23.19 -55.49 -164.95
CA GLN FA 372 -22.50 -56.35 -165.90
C GLN FA 372 -21.28 -57.00 -165.27
N GLU FA 373 -20.56 -56.26 -164.42
CA GLU FA 373 -19.41 -56.83 -163.73
C GLU FA 373 -19.82 -57.93 -162.77
N LYS FA 374 -20.93 -57.74 -162.05
CA LYS FA 374 -21.42 -58.78 -161.15
C LYS FA 374 -21.85 -60.02 -161.92
N HIS FA 375 -22.51 -59.82 -163.06
CA HIS FA 375 -22.90 -60.96 -163.89
C HIS FA 375 -21.67 -61.71 -164.40
N PHE FA 376 -20.65 -60.97 -164.84
CA PHE FA 376 -19.42 -61.60 -165.30
C PHE FA 376 -18.72 -62.35 -164.18
N LEU FA 377 -18.75 -61.79 -162.95
CA LEU FA 377 -18.15 -62.46 -161.82
C LEU FA 377 -18.89 -63.75 -161.48
N GLN FA 378 -20.22 -63.73 -161.54
CA GLN FA 378 -20.99 -64.95 -161.32
C GLN FA 378 -20.69 -66.01 -162.38
N GLN FA 379 -20.60 -65.58 -163.64
CA GLN FA 379 -20.25 -66.51 -164.71
C GLN FA 379 -18.85 -67.09 -164.51
N ALA FA 380 -17.91 -66.26 -164.07
CA ALA FA 380 -16.55 -66.74 -163.81
C ALA FA 380 -16.52 -67.72 -162.65
N THR FA 381 -17.33 -67.47 -161.62
CA THR FA 381 -17.41 -68.41 -160.50
C THR FA 381 -17.98 -69.75 -160.94
N GLN FA 382 -19.03 -69.70 -161.78
CA GLN FA 382 -19.59 -70.94 -162.31
C GLN FA 382 -18.57 -71.69 -163.17
N VAL FA 383 -17.80 -70.95 -163.98
CA VAL FA 383 -16.78 -71.58 -164.81
C VAL FA 383 -15.70 -72.21 -163.94
N ASN FA 384 -15.31 -71.54 -162.86
CA ASN FA 384 -14.31 -72.08 -161.96
C ASN FA 384 -14.82 -73.33 -161.26
N ALA FA 385 -16.09 -73.35 -160.87
CA ALA FA 385 -16.66 -74.54 -160.26
C ALA FA 385 -16.68 -75.70 -161.25
N TRP FA 386 -17.06 -75.43 -162.49
CA TRP FA 386 -17.05 -76.48 -163.51
C TRP FA 386 -15.64 -76.99 -163.76
N ASP FA 387 -14.65 -76.09 -163.76
CA ASP FA 387 -13.26 -76.49 -163.95
C ASP FA 387 -12.77 -77.36 -162.80
N ARG FA 388 -13.14 -77.00 -161.57
CA ARG FA 388 -12.78 -77.82 -160.42
C ARG FA 388 -13.40 -79.20 -160.50
N THR FA 389 -14.68 -79.27 -160.91
CA THR FA 389 -15.34 -80.56 -161.05
C THR FA 389 -14.65 -81.40 -162.13
N LEU FA 390 -14.30 -80.78 -163.26
CA LEU FA 390 -13.61 -81.52 -164.32
C LEU FA 390 -12.23 -81.99 -163.87
N MET FA 391 -11.52 -81.16 -163.11
CA MET FA 391 -10.21 -81.56 -162.60
C MET FA 391 -10.33 -82.73 -161.64
N GLN FA 392 -11.34 -82.71 -160.76
CA GLN FA 392 -11.55 -83.84 -159.85
C GLN FA 392 -11.88 -85.10 -160.62
N ASN FA 393 -12.75 -85.00 -161.63
CA ASN FA 393 -13.11 -86.16 -162.43
C ASN FA 393 -11.90 -86.73 -163.16
N GLY FA 394 -11.06 -85.85 -163.71
CA GLY FA 394 -9.86 -86.33 -164.40
C GLY FA 394 -8.86 -86.97 -163.45
N GLU FA 395 -8.69 -86.38 -162.26
CA GLU FA 395 -7.79 -86.96 -161.27
C GLU FA 395 -8.30 -88.31 -160.79
N ARG FA 396 -9.61 -88.50 -160.73
CA ARG FA 396 -10.15 -89.80 -160.36
C ARG FA 396 -9.98 -90.82 -161.49
N ILE FA 397 -10.20 -90.38 -162.73
CA ILE FA 397 -10.09 -91.29 -163.87
C ILE FA 397 -8.64 -91.74 -164.08
N THR FA 398 -7.68 -90.84 -163.82
CA THR FA 398 -6.28 -91.21 -163.97
C THR FA 398 -5.89 -92.34 -163.01
N THR FA 399 -6.54 -92.42 -161.86
CA THR FA 399 -6.28 -93.52 -160.94
C THR FA 399 -7.12 -94.74 -161.27
N LEU FA 400 -8.34 -94.54 -161.76
CA LEU FA 400 -9.19 -95.66 -162.16
C LEU FA 400 -8.58 -96.44 -163.32
N HIS FA 401 -7.88 -95.75 -164.22
CA HIS FA 401 -7.24 -96.44 -165.34
C HIS FA 401 -6.15 -97.38 -164.84
N ARG FA 402 -5.29 -96.89 -163.94
CA ARG FA 402 -4.25 -97.75 -163.37
C ARG FA 402 -4.84 -98.87 -162.54
N GLU FA 403 -5.97 -98.61 -161.86
CA GLU FA 403 -6.64 -99.66 -161.12
C GLU FA 403 -7.13 -100.77 -162.06
N MET FA 404 -7.73 -100.38 -163.17
CA MET FA 404 -8.17 -101.37 -164.16
C MET FA 404 -6.99 -102.15 -164.73
N GLU FA 405 -5.89 -101.46 -165.01
CA GLU FA 405 -4.70 -102.13 -165.55
C GLU FA 405 -4.16 -103.16 -164.57
N LYS FA 406 -3.99 -102.76 -163.31
CA LYS FA 406 -3.47 -103.70 -162.32
C LYS FA 406 -4.46 -104.83 -162.04
N VAL FA 407 -5.76 -104.55 -162.14
CA VAL FA 407 -6.77 -105.60 -161.95
C VAL FA 407 -6.67 -106.63 -163.07
N LYS FA 408 -6.51 -106.18 -164.31
CA LYS FA 408 -6.36 -107.11 -165.43
C LYS FA 408 -5.06 -107.91 -165.30
N LEU FA 409 -3.98 -107.26 -164.88
CA LEU FA 409 -2.72 -107.96 -164.68
C LEU FA 409 -2.86 -109.05 -163.61
N ASP FA 410 -3.48 -108.71 -162.48
CA ASP FA 410 -3.68 -109.68 -161.42
C ASP FA 410 -4.65 -110.78 -161.84
N GLN FA 411 -5.60 -110.48 -162.72
CA GLN FA 411 -6.50 -111.50 -163.23
C GLN FA 411 -5.75 -112.51 -164.10
N LYS FA 412 -4.88 -112.02 -164.98
CA LYS FA 412 -4.05 -112.93 -165.75
C LYS FA 412 -3.13 -113.74 -164.84
N ARG FA 413 -2.60 -113.10 -163.80
CA ARG FA 413 -1.75 -113.80 -162.84
C ARG FA 413 -2.51 -114.92 -162.15
N LEU FA 414 -3.75 -114.66 -161.72
CA LEU FA 414 -4.54 -115.71 -161.10
C LEU FA 414 -4.95 -116.79 -162.10
N ASP FA 415 -5.13 -116.44 -163.37
CA ASP FA 415 -5.39 -117.46 -164.38
C ASP FA 415 -4.21 -118.42 -164.48
N GLN FA 416 -3.00 -117.88 -164.59
CA GLN FA 416 -1.81 -118.73 -164.64
C GLN FA 416 -1.65 -119.54 -163.35
N GLU FA 417 -1.92 -118.91 -162.20
CA GLU FA 417 -1.78 -119.60 -160.93
C GLU FA 417 -2.80 -120.72 -160.78
N LEU FA 418 -4.02 -120.51 -161.29
CA LEU FA 418 -5.03 -121.56 -161.23
C LEU FA 418 -4.69 -122.70 -162.17
N ASP FA 419 -4.12 -122.40 -163.34
CA ASP FA 419 -3.63 -123.46 -164.22
C ASP FA 419 -2.56 -124.29 -163.53
N PHE FA 420 -1.60 -123.61 -162.89
CA PHE FA 420 -0.53 -124.32 -162.18
C PHE FA 420 -1.08 -125.12 -161.00
N ILE FA 421 -2.08 -124.58 -160.32
CA ILE FA 421 -2.66 -125.27 -159.17
C ILE FA 421 -3.42 -126.50 -159.61
N LEU FA 422 -4.13 -126.41 -160.74
CA LEU FA 422 -4.80 -127.60 -161.28
C LEU FA 422 -3.80 -128.65 -161.71
N SER FA 423 -2.69 -128.22 -162.33
CA SER FA 423 -1.64 -129.17 -162.70
C SER FA 423 -1.07 -129.86 -161.46
N GLN FA 424 -0.80 -129.11 -160.40
CA GLN FA 424 -0.27 -129.70 -159.18
C GLN FA 424 -1.29 -130.62 -158.52
N GLN FA 425 -2.57 -130.26 -158.56
CA GLN FA 425 -3.60 -131.10 -157.99
C GLN FA 425 -3.71 -132.43 -158.74
N LYS FA 426 -3.59 -132.38 -160.07
CA LYS FA 426 -3.58 -133.61 -160.85
C LYS FA 426 -2.35 -134.46 -160.54
N GLU FA 427 -1.18 -133.82 -160.46
CA GLU FA 427 0.05 -134.53 -160.15
C GLU FA 427 0.07 -135.09 -158.74
N LEU FA 428 -0.75 -134.56 -157.85
CA LEU FA 428 -0.89 -135.13 -156.51
C LEU FA 428 -1.95 -136.22 -156.47
N GLU FA 429 -3.05 -136.06 -157.22
CA GLU FA 429 -4.13 -137.03 -157.18
C GLU FA 429 -3.74 -138.33 -157.88
N ASP FA 430 -3.07 -138.23 -159.04
CA ASP FA 430 -2.67 -139.45 -159.75
C ASP FA 430 -1.63 -140.26 -158.98
N LEU FA 431 -1.03 -139.69 -157.93
CA LEU FA 431 -0.10 -140.41 -157.07
C LEU FA 431 -0.73 -140.84 -155.74
N LEU FA 432 -1.68 -140.07 -155.21
CA LEU FA 432 -2.35 -140.44 -153.98
C LEU FA 432 -3.57 -141.31 -154.18
N THR FA 433 -3.96 -141.58 -155.43
CA THR FA 433 -5.12 -142.44 -155.67
C THR FA 433 -4.88 -143.87 -155.22
N PRO FA 434 -3.78 -144.54 -155.59
CA PRO FA 434 -3.59 -145.92 -155.13
C PRO FA 434 -3.31 -146.04 -153.63
N LEU FA 435 -2.86 -144.97 -152.98
CA LEU FA 435 -2.56 -145.01 -151.57
C LEU FA 435 -3.79 -144.84 -150.69
N GLU FA 436 -4.97 -144.58 -151.28
CA GLU FA 436 -6.18 -144.40 -150.48
C GLU FA 436 -6.90 -145.72 -150.25
N GLU FA 437 -6.83 -146.65 -151.21
CA GLU FA 437 -7.51 -147.92 -151.05
C GLU FA 437 -6.91 -148.76 -149.92
N SER FA 438 -5.60 -148.65 -149.69
CA SER FA 438 -4.97 -149.41 -148.63
C SER FA 438 -5.35 -148.90 -147.26
N VAL FA 439 -5.70 -147.61 -147.15
CA VAL FA 439 -6.08 -147.05 -145.85
C VAL FA 439 -7.51 -147.45 -145.50
N LYS FA 440 -8.40 -147.51 -146.49
CA LYS FA 440 -9.78 -147.88 -146.23
C LYS FA 440 -9.89 -149.33 -145.77
N GLU FA 441 -9.06 -150.21 -146.32
CA GLU FA 441 -9.08 -151.62 -145.93
C GLU FA 441 -8.52 -151.84 -144.53
N GLN FA 442 -7.69 -150.92 -144.04
CA GLN FA 442 -7.11 -151.05 -142.70
C GLN FA 442 -8.04 -150.53 -141.61
N SER FA 443 -8.99 -149.66 -141.94
CA SER FA 443 -9.91 -149.11 -140.96
C SER FA 443 -11.22 -149.88 -140.89
N GLY FA 444 -11.59 -150.60 -141.93
CA GLY FA 444 -12.83 -151.35 -141.94
C GLY FA 444 -12.63 -152.83 -141.65
N THR FA 445 -11.76 -153.14 -140.69
CA THR FA 445 -11.46 -154.50 -140.30
C THR FA 445 -11.81 -154.71 -138.83
N ILE FA 446 -11.83 -155.98 -138.43
CA ILE FA 446 -12.13 -156.37 -137.06
C ILE FA 446 -10.84 -156.83 -136.42
N TYR FA 447 -10.31 -156.02 -135.50
CA TYR FA 447 -9.07 -156.34 -134.82
C TYR FA 447 -9.31 -157.41 -133.75
N LEU FA 448 -8.35 -158.34 -133.64
CA LEU FA 448 -8.44 -159.40 -132.64
C LEU FA 448 -7.70 -159.08 -131.36
N GLN FA 449 -6.69 -158.22 -131.42
CA GLN FA 449 -5.92 -157.83 -130.25
C GLN FA 449 -6.43 -156.51 -129.71
N HIS FA 450 -6.43 -156.37 -128.38
CA HIS FA 450 -6.91 -155.15 -127.75
C HIS FA 450 -5.93 -153.99 -127.87
N ALA FA 451 -4.72 -154.22 -128.41
CA ALA FA 451 -3.76 -153.13 -128.53
C ALA FA 451 -4.13 -152.19 -129.67
N ASP FA 452 -4.41 -152.74 -130.85
CA ASP FA 452 -4.78 -151.91 -131.99
C ASP FA 452 -6.12 -151.22 -131.74
N GLU FA 453 -7.06 -151.92 -131.10
CA GLU FA 453 -8.34 -151.30 -130.76
C GLU FA 453 -8.14 -150.13 -129.80
N GLU FA 454 -7.28 -150.31 -128.79
CA GLU FA 454 -7.01 -149.23 -127.85
C GLU FA 454 -6.32 -148.06 -128.54
N ARG FA 455 -5.41 -148.35 -129.48
CA ARG FA 455 -4.74 -147.27 -130.20
C ARG FA 455 -5.72 -146.48 -131.07
N GLU FA 456 -6.62 -147.18 -131.77
CA GLU FA 456 -7.62 -146.51 -132.58
C GLU FA 456 -8.58 -145.69 -131.71
N LYS FA 457 -8.96 -146.24 -130.55
CA LYS FA 457 -9.82 -145.50 -129.64
C LYS FA 457 -9.13 -144.26 -129.11
N THR FA 458 -7.84 -144.36 -128.82
CA THR FA 458 -7.09 -143.20 -128.34
C THR FA 458 -6.94 -142.14 -129.43
N TYR FA 459 -6.74 -142.56 -130.68
CA TYR FA 459 -6.67 -141.61 -131.77
C TYR FA 459 -8.00 -140.89 -131.97
N LYS FA 460 -9.11 -141.64 -131.95
CA LYS FA 460 -10.42 -141.02 -132.06
C LYS FA 460 -10.69 -140.09 -130.89
N LEU FA 461 -10.23 -140.47 -129.69
CA LEU FA 461 -10.41 -139.63 -128.53
C LEU FA 461 -9.63 -138.32 -128.66
N ALA FA 462 -8.41 -138.39 -129.21
CA ALA FA 462 -7.63 -137.18 -129.42
C ALA FA 462 -8.28 -136.28 -130.47
N GLU FA 463 -8.81 -136.88 -131.54
CA GLU FA 463 -9.52 -136.09 -132.54
C GLU FA 463 -10.73 -135.39 -131.93
N ASN FA 464 -11.49 -136.13 -131.11
CA ASN FA 464 -12.64 -135.52 -130.44
C ASN FA 464 -12.20 -134.44 -129.46
N ILE FA 465 -11.06 -134.65 -128.80
CA ILE FA 465 -10.52 -133.65 -127.87
C ILE FA 465 -10.25 -132.35 -128.61
N ASP FA 466 -9.58 -132.44 -129.77
CA ASP FA 466 -9.30 -131.24 -130.55
C ASP FA 466 -10.58 -130.58 -131.03
N ALA FA 467 -11.50 -131.38 -131.58
CA ALA FA 467 -12.74 -130.82 -132.13
C ALA FA 467 -13.60 -130.18 -131.05
N GLN FA 468 -13.51 -130.68 -129.81
CA GLN FA 468 -14.29 -130.10 -128.72
C GLN FA 468 -13.59 -128.89 -128.13
N LEU FA 469 -12.25 -128.93 -128.06
CA LEU FA 469 -11.51 -127.79 -127.52
C LEU FA 469 -11.65 -126.57 -128.42
N LYS FA 470 -11.70 -126.78 -129.73
CA LYS FA 470 -11.91 -125.64 -130.64
C LYS FA 470 -13.23 -124.94 -130.35
N ARG FA 471 -14.33 -125.70 -130.30
CA ARG FA 471 -15.63 -125.09 -130.07
C ARG FA 471 -15.76 -124.56 -128.65
N MET FA 472 -15.09 -125.17 -127.67
CA MET FA 472 -15.14 -124.66 -126.31
C MET FA 472 -14.40 -123.33 -126.20
N ALA FA 473 -13.26 -123.21 -126.87
CA ALA FA 473 -12.55 -121.92 -126.89
C ALA FA 473 -13.38 -120.86 -127.60
N GLN FA 474 -14.04 -121.23 -128.70
CA GLN FA 474 -14.91 -120.28 -129.38
C GLN FA 474 -16.06 -119.83 -128.48
N ASP FA 475 -16.66 -120.78 -127.74
CA ASP FA 475 -17.77 -120.44 -126.86
C ASP FA 475 -17.29 -119.56 -125.71
N LEU FA 476 -16.12 -119.83 -125.15
CA LEU FA 476 -15.58 -118.97 -124.10
C LEU FA 476 -15.31 -117.57 -124.63
N LYS FA 477 -14.76 -117.46 -125.83
CA LYS FA 477 -14.52 -116.14 -126.42
C LYS FA 477 -15.84 -115.39 -126.61
N GLU FA 478 -16.86 -116.06 -127.13
CA GLU FA 478 -18.15 -115.41 -127.33
C GLU FA 478 -18.77 -114.99 -126.00
N VAL FA 479 -18.66 -115.84 -124.97
CA VAL FA 479 -19.25 -115.54 -123.68
C VAL FA 479 -18.54 -114.35 -123.03
N ILE FA 480 -17.21 -114.31 -123.12
CA ILE FA 480 -16.47 -113.20 -122.54
C ILE FA 480 -16.76 -111.91 -123.29
N GLU FA 481 -16.90 -111.99 -124.62
CA GLU FA 481 -17.27 -110.80 -125.39
C GLU FA 481 -18.65 -110.29 -125.00
N HIS FA 482 -19.60 -111.21 -124.82
CA HIS FA 482 -20.94 -110.80 -124.41
C HIS FA 482 -20.92 -110.18 -123.01
N LEU FA 483 -20.15 -110.76 -122.10
CA LEU FA 483 -20.05 -110.19 -120.75
C LEU FA 483 -19.43 -108.80 -120.78
N ASN FA 484 -18.40 -108.61 -121.60
CA ASN FA 484 -17.75 -107.31 -121.69
C ASN FA 484 -18.66 -106.28 -122.34
N THR FA 485 -19.46 -106.68 -123.32
CA THR FA 485 -20.36 -105.74 -123.97
C THR FA 485 -21.64 -105.50 -123.17
N SER FA 486 -21.95 -106.36 -122.20
CA SER FA 486 -23.12 -106.15 -121.36
C SER FA 486 -22.79 -105.38 -120.08
N ALA FA 487 -21.70 -105.72 -119.41
CA ALA FA 487 -21.30 -105.04 -118.19
C ALA FA 487 -20.76 -103.64 -118.49
#